data_6V8I
#
_entry.id   6V8I
#
_cell.length_a   1.00
_cell.length_b   1.00
_cell.length_c   1.00
_cell.angle_alpha   90.00
_cell.angle_beta   90.00
_cell.angle_gamma   90.00
#
_symmetry.space_group_name_H-M   'P 1'
#
loop_
_entity.id
_entity.type
_entity.pdbx_description
1 polymer 'Distal Tail Protein, gp58'
2 polymer 'Tail-Associated Lysin, gp59'
3 polymer 'Tape Measure Protein, gp57'
4 polymer 'Fiber Lower, gp62'
5 polymer 'Fiber Upper, gp68'
6 polymer 'Major Tail Protein, gp53'
7 polymer 'Receptor Binding Protein, gp61'
8 non-polymer 'FE (III) ION'
#
loop_
_entity_poly.entity_id
_entity_poly.type
_entity_poly.pdbx_seq_one_letter_code
_entity_poly.pdbx_strand_id
1 'polypeptide(L)'
;MDIELTKKDGTVIKLSEYGFIVNDIVIDSMQINTKYQDKENMNGRILMGSNYISRDIVVPCFCKVKNRSDIAYMRDMLYS
LTTDIEPMYLREIRRKEELNYRFTQPTSDDYVKLDKNNFPDYEYSRHDQQIYVNGKQYKVIFNGVINPKQKGNKVSFELK
FETTELPYGESIGTSLELEENKKVGLWSFDFNIDWHAGGDKRKYTFENLSKGTVYYHGSAPNDQFNMYKKITIILGEDTE
SFVWNLTHAEIMKIEGIKLKAGDRIVYDSFRVYKNGVEISTETNISQPKFKYGANKFEFNQTVQKVQFDLKFYYK
;
AC,AD,CC,CD,BC,BD
2 'polypeptide(L)'
;MTITIKPPKGNGAPVPVETTLVKKVNADGVLTFDILENKYTYEVINAIGKRWIVSHVEGENDKKEYVITVIDRKSEGDRQ
LVECTAREIPIDKLMIDRIYVNVTGSFTVERYFNIVFQGTGMLFEVEGKVKSSKFENGGEGDTRLEMFKKGLEHFGLEYK
ITYDKKKDRYKFVLTPFANQKASYFISDEVNANAIKLEEDASDFATFIRGYGNYSGEETFEHAGLVMEARSALAEIYGDI
HAEPFKDGKVTDQETMDKELQSRLKKSLKQSLSLDFLVLRESYPEADPQPGDIVQIKSTKLGLNDLVRIVQVKTIRGINN
VIVKQDVTLGEFNREQRYMKKVNTAANYVSGLNDVNLSNPSKAAENLKSKVASIAKSTLDLMSRTDLIEDKQQKVSSKTV
TTSDGTIVHDFIDKSNIKDVKTIGTIGDSVARGSHAKTNFTEMLGKKLKAKTTNLARGGATMATVPIGKEAVENSIYRQA
EQIRGDLIILQGTDDDWLHGYWAGVPIGTDKTDTKTFYGAFCSAIEVIRKNNPASKILVMTATRQCPMSGTMIRRKDTDK
NKLGLTLEDYVNAQILACSELDVPVYDAYHTDYFKPYNPAFRKSSMPDGLHPNERGHEVIMYELIKNYYQFYG
;
AE,CE,BE
3 'polypeptide(L)'
;MTEYKIKATIEASVAKFKRQIDSAVKSVQRFKRVADQTKDVELNANDKKLQKTIKVAKKSLDAFSNKNVKAKLDASIQDL
QQKILESNFELDKLNSKEASPEVKLQKQKLTKDIAEAENKLSELEKKRVNIDVNADNSKFNRVLKVSKASLEALNRSKAK
AILDVDNSVANSKIKRTKEELKSIPNKTRSRLDVDTRLSIPTIYAFKKSLDALPNKKTTKVDVDTNGLKKVYAYIIKAND
NFQRQMGNLANMFRVFGTVGSNMVGGLLTSSFSILIPVIASVVPVVFALLNAIKVLTGGVLALGGAVAIAGAGFVAFGAM
AISAIKMLNDGTLQASSATNEYKKALDGVKSAWTDIIKQNQSAIFTTLANGLNTVKTAMQSLQPFFSGISRGMEEASQSV
LKWAENSSVASRFFNMMNTTGVSVFNKLLSAAGGFGDGLVNVFTQLAPLFQWSADWLDRLGQSFSNWANSAAGENSITRF
IEYTKTNLPIIGNIFKNVFAGINNLMNAFSGSSTGIFQSLEQMTAKFREWSEQVGQSQGFKDFVSYIQTNGPLIMQLIGN
IARGLVAFATAMAPIASAVLRVAVAITGWIANLFEAHPATAQLVGVIITLVGAFRFLIAPILAVMDFLGPLAARLVALVT
KFGWAKTGTLVLSKAMTSLKGPIKLVTAIFQLLFGKIGLIRNAITGLVTVFGILGGPITIVIGVIAALIAIFVLLWNKNE
GFRNFIINAWNAIKTFMVNVWNVLKAVASVVWNAILTAITTAVSNVYNFIMIVWNQIVAYLQGLWNGIIAIATTVWNLLV
TIITTVFTTIMTIVMTIWTAIWTFLSTIWNTIITIATTIWNLLVTVITTVFTTIMTIAMTIWNAIWTFLQTLWNTIVTVA
TKVWNAITTAISTALQAAWSFISNIWNTIWSFLSGILTTIWNKVVSIFTQVVSTISDKMSQAWNFIVTKGMQWVSTITST
LINFVNRVIQGFVNVVNKVSQGMTNAVNKIKSFIGDFVSAGADMIRGLIRGIGQMAGQLVDAAKNVAKKALDAAKSALGI
HSPSREFMDVGMYSMLGFVKGIDNHSSKVIRNVSNVADKVVDAFQPTLNAPDISSITGNLSNLGGNINAQVQHTHSIETS
PNMKTVKVEFDVNNDALTSIVNGRNAKRNSEYYL
;
CF,BF,AF
4 'polypeptide(L)'
;MVVDNFSKDDNLIELQTTSQYNPVIDTNISFYESDRGTGVLNFAVTKNNRPLSISSEHVKTFIVLKTDDYNVDRGAYISD
ELTIVDAINGRLQYVIPNEFLKHSGKVHAQAFFTQNGSDNVVVERQFSFNIENDLVSGFDGITKLVYIKSIQDTIEAVGK
DFNQLKQNMADTQTLIAKVNDSATKGIQQIEIKQNEAIQAITATQTSATQAVTAEFDKIVEKEQAIFERVNEVEQQINGA
DLVKGNSTTNWQKSKLTDDYGKAIESYEQSIDSVLSAVNTSRIIHITSATDAPSFKDIGTVDTPKEDGVDDGSDIPVAPN
TLGKSGVLVVYVVDDSTARATWYPDDSNDEYTKYKISGTWYPFYKKNDGDLTKQFVEETSNNALNQAKQYVDDKFGTTSW
QQHKMTEANGQSIQVNLNNAQGDLGYLTAGNYYATRVPDLPGSVESYEGYLSVFVKDDTNKLFNFTPYNSKKIYTRSITN
GRLEQQWTVPNEHKSTVLFDGGANGVGTTINLTEPYTNYSILLVSGTYPGGVIEGFGLTALPNAIQLSKANVVDSDGNGG
GIYECLLSKTSSTTLRIDNDVYFDLGKTSGSGANANKVTITKIMGWK
;
BJ,BK,BL,DJ,DK,DL,AJ,AK,AL,FJ,FK,FL,CJ,CK,CL,EJ,EK,EL
5 'polypeptide(L)'
;MYKIKDVETRIKNDGVDLGDIGCRFYTEDENTASIRIGINDKQGRIDLKAHGLTPRLHLFMEDGSIFKNEPLIIDDVVKG
FITYKIPKKVIKHAGYVRCKLFLEKEEEKIHVANFSFNIVDSGIESAVAKEIDVKLVDDAITRILKDNATDLLSKDFKEK
IDKDVISYIEKNESRFKGAKGDKGEPGQPGAKGEAGKKGEQGAPGKNGTVVSINPDTKMWQIDGKDTDIKAEPELLDKIN
IANVEGLEDKLQEVEKIKDTTLNDSKTYTDTKIAELVDSAPESMNTLRELAEAIQNNSISESVLQQIGSKVSTEDFEEFK
QTLNDLYAPKNHNHDERYVLSSQAFTKQQADSLYQLKSASQPTVKIWTGTENEYNYIYQKDPNTLYLIKG
;
BN,BM,DN,DM,AN,AM,FN,FM,CN,CM,EN,EM
6 'polypeptide(L)'
;MANMKNSNDRIILFRKAGEKVDATKMLFLTEYGLSHEADTDTEDTMDGSYNTGGSVESTMSGTAKMFYGDDFADEIEDAV
VDRVLYEAWEVESRIPGKNGDSAKFKAKYFQGFHNKFELKAEANGIDEYEYEYGVNGRFQRGFATLPEAVTKKLKATGYR
FHDTTKEDALTSEDLTAIPQPKVDSSTVTPGEV
;
EB,EA,BB,BA,DB,DA,AB,AA,FB,FA,CB,CA
7 'polypeptide(L)'
;MDNKLITDLSRVFDYRYVDENEYNFKLISDMLTDFNFSLEYHRNKEVFAHNGEQIKYEHLNVTSSVSDFLTYLNGRFSNM
VLGHNGDGINEVKDARVDNTGYDHKTLQDRLYHDYSTLDAFTKKVEKAVDENYKEYRATEYRFEPKEQEPEFITDLSPYT
NAVMQSFWVDPRTKIIYMTQARPGNHYMLSRLKPNGQFIDRLLVKNGGHGTHNAYRYIGNELWIYSAVLDANENNKFVRF
QYRTGEITYGNEMQDVMPNIFNDRYTSAIYNPIENLMIFRREYKASERQLKNSLNFVEVRSADDIDKGIDKVLYQMDIPM
EYTSDTQPMQGITYDAGILYWYTGDSKPANPNYLQGFDIKTKELLFKRRIDIGGVNNNFKGDFQEAEGLDMYYDLETGRK
ALLIGVTIGPGNNRHHSIYSIGQRGVNQFLKNIAPQVSMTDSGGRVKPLPIQNPAYLSDITEVGHYYIYTQDTQNALDFP
LPKAFRDAGWFFDVLPGHYNGALRQVLTRNSTGRNMLKFERVIDIFNKKNNGAWNFCPQNAGYWEHIPKSITKLSDLKIV
GLDFYITTEESNRFTDFPKDFKGIAGWILEVKSNTPGNTTQVLRRNNFPSAHQFLVRNFGTGGVGKWSLFEGKVVE
;
BH,BG,BI,DH,DG,DI,AH,AG,AI,FH,FG,FI,CH,CG,CI,EH,EG,EI
#
loop_
_chem_comp.id
_chem_comp.type
_chem_comp.name
_chem_comp.formula
FE non-polymer 'FE (III) ION' 'Fe 3'
#
# COMPACT_ATOMS: atom_id res chain seq x y z
N ASP A 2 -12.60 -36.63 -4.40
CA ASP A 2 -13.03 -35.65 -3.39
C ASP A 2 -14.33 -36.09 -2.69
N ILE A 3 -14.37 -37.33 -2.21
CA ILE A 3 -15.49 -37.77 -1.38
C ILE A 3 -15.00 -38.44 -0.10
N GLU A 4 -13.82 -39.04 -0.12
CA GLU A 4 -13.24 -39.68 1.06
C GLU A 4 -14.13 -40.82 1.58
N LEU A 5 -14.21 -41.87 0.76
CA LEU A 5 -14.99 -43.04 1.14
C LEU A 5 -14.37 -43.74 2.34
N THR A 6 -15.24 -44.24 3.23
CA THR A 6 -14.81 -45.00 4.40
C THR A 6 -15.63 -46.28 4.52
N LYS A 7 -14.96 -47.42 4.46
CA LYS A 7 -15.56 -48.72 4.69
C LYS A 7 -15.21 -49.12 6.12
N LYS A 8 -16.20 -49.10 7.00
CA LYS A 8 -16.01 -49.53 8.37
C LYS A 8 -16.47 -50.97 8.55
N ASP A 9 -16.10 -51.53 9.70
CA ASP A 9 -16.44 -52.90 9.98
C ASP A 9 -17.94 -52.99 10.20
N GLY A 10 -18.66 -53.23 9.11
CA GLY A 10 -20.11 -53.29 9.11
C GLY A 10 -20.82 -52.26 8.26
N THR A 11 -20.14 -51.35 7.56
CA THR A 11 -20.87 -50.39 6.76
C THR A 11 -19.95 -49.68 5.78
N VAL A 12 -20.57 -48.89 4.91
CA VAL A 12 -19.89 -48.08 3.91
C VAL A 12 -20.46 -46.67 4.00
N ILE A 13 -19.59 -45.67 3.92
CA ILE A 13 -19.97 -44.28 4.06
C ILE A 13 -19.18 -43.47 3.05
N LYS A 14 -19.80 -42.38 2.59
CA LYS A 14 -19.10 -41.40 1.78
C LYS A 14 -19.63 -40.02 2.15
N LEU A 15 -18.74 -39.06 2.25
CA LEU A 15 -19.08 -37.79 2.89
C LEU A 15 -20.04 -36.98 2.02
N SER A 16 -19.74 -36.82 0.73
CA SER A 16 -20.55 -35.96 -0.12
C SER A 16 -21.98 -36.45 -0.24
N GLU A 17 -22.22 -37.74 0.02
CA GLU A 17 -23.59 -38.20 0.20
C GLU A 17 -24.25 -37.51 1.39
N TYR A 18 -23.46 -37.17 2.40
CA TYR A 18 -23.96 -36.61 3.65
C TYR A 18 -23.83 -35.08 3.67
N GLY A 19 -23.94 -34.45 2.51
CA GLY A 19 -23.84 -33.01 2.43
C GLY A 19 -22.48 -32.45 2.73
N PHE A 20 -21.45 -33.29 2.73
CA PHE A 20 -20.10 -32.91 3.12
C PHE A 20 -19.21 -32.88 1.90
N ILE A 21 -19.13 -31.71 1.27
CA ILE A 21 -18.09 -31.47 0.31
C ILE A 21 -16.73 -31.53 1.01
N VAL A 22 -15.69 -31.72 0.20
CA VAL A 22 -14.31 -31.68 0.65
C VAL A 22 -13.51 -30.81 -0.29
N ASN A 23 -12.51 -30.12 0.24
CA ASN A 23 -11.65 -29.29 -0.58
C ASN A 23 -10.65 -30.13 -1.36
N ASP A 24 -10.04 -31.10 -0.70
CA ASP A 24 -9.02 -31.93 -1.33
C ASP A 24 -8.67 -33.04 -0.37
N ILE A 25 -7.79 -33.92 -0.83
CA ILE A 25 -7.16 -34.93 0.01
C ILE A 25 -5.68 -34.92 -0.32
N VAL A 26 -4.86 -34.87 0.72
CA VAL A 26 -3.41 -34.90 0.59
C VAL A 26 -2.91 -36.05 1.44
N ILE A 27 -2.10 -36.91 0.85
CA ILE A 27 -1.62 -38.11 1.51
C ILE A 27 -0.10 -38.00 1.59
N ASP A 28 0.38 -37.88 2.81
CA ASP A 28 1.81 -37.89 3.04
C ASP A 28 2.38 -39.24 2.63
N SER A 29 3.69 -39.28 2.48
CA SER A 29 4.40 -40.54 2.32
C SER A 29 4.53 -41.18 3.69
N MET A 30 5.35 -42.21 3.77
CA MET A 30 5.51 -42.97 4.99
C MET A 30 6.71 -42.45 5.77
N GLN A 31 6.49 -42.18 7.05
CA GLN A 31 7.55 -41.68 7.90
C GLN A 31 8.61 -42.75 8.07
N ILE A 32 9.76 -42.54 7.44
CA ILE A 32 10.87 -43.48 7.56
C ILE A 32 11.56 -43.22 8.90
N ASN A 33 11.39 -44.13 9.83
CA ASN A 33 12.20 -44.15 11.02
C ASN A 33 13.51 -44.85 10.71
N THR A 34 14.61 -44.12 10.87
CA THR A 34 15.93 -44.68 10.71
C THR A 34 16.44 -45.21 12.05
N LYS A 35 17.46 -46.05 11.95
CA LYS A 35 18.16 -46.57 13.11
C LYS A 35 19.63 -46.54 12.69
N TYR A 36 20.28 -45.42 12.95
CA TYR A 36 21.70 -45.28 12.71
C TYR A 36 22.46 -45.46 14.01
N GLN A 37 23.75 -45.77 13.85
CA GLN A 37 24.69 -45.81 14.96
C GLN A 37 25.96 -45.12 14.51
N ASP A 38 26.37 -44.13 15.27
CA ASP A 38 27.59 -43.38 14.99
C ASP A 38 28.77 -44.01 15.71
N LYS A 39 29.74 -44.47 14.93
CA LYS A 39 31.03 -44.84 15.45
C LYS A 39 31.71 -43.61 16.02
N GLU A 40 32.57 -43.84 17.01
CA GLU A 40 33.01 -42.77 17.89
C GLU A 40 33.86 -41.73 17.16
N ASN A 41 34.88 -42.17 16.40
CA ASN A 41 35.80 -41.25 15.73
C ASN A 41 35.90 -41.51 14.23
N MET A 42 34.82 -41.96 13.61
CA MET A 42 34.81 -42.32 12.21
C MET A 42 33.79 -41.49 11.45
N ASN A 43 34.27 -40.85 10.38
CA ASN A 43 33.45 -39.96 9.59
C ASN A 43 32.43 -40.73 8.77
N GLY A 44 31.43 -41.26 9.46
CA GLY A 44 30.41 -42.08 8.86
C GLY A 44 29.73 -42.85 9.95
N ARG A 45 28.45 -43.12 9.78
CA ARG A 45 27.63 -43.76 10.79
C ARG A 45 26.97 -44.98 10.20
N ILE A 46 26.96 -46.06 10.97
CA ILE A 46 26.46 -47.32 10.46
C ILE A 46 24.95 -47.28 10.44
N LEU A 47 24.37 -47.89 9.41
CA LEU A 47 22.94 -48.11 9.33
C LEU A 47 22.63 -49.41 10.05
N MET A 48 22.01 -49.31 11.22
CA MET A 48 21.46 -50.51 11.83
C MET A 48 20.19 -50.92 11.10
N GLY A 49 19.34 -49.95 10.77
CA GLY A 49 18.13 -50.26 10.04
C GLY A 49 17.46 -49.01 9.52
N SER A 50 16.43 -49.23 8.72
CA SER A 50 15.57 -48.16 8.23
C SER A 50 14.23 -48.77 7.90
N ASN A 51 13.14 -48.07 8.23
CA ASN A 51 11.87 -48.75 8.30
C ASN A 51 10.71 -47.78 8.17
N TYR A 52 9.73 -48.15 7.33
CA TYR A 52 8.52 -47.35 7.20
C TYR A 52 7.69 -47.48 8.46
N ILE A 53 6.96 -46.40 8.79
CA ILE A 53 6.14 -46.37 10.01
C ILE A 53 4.69 -46.01 9.74
N SER A 54 4.45 -44.79 9.24
CA SER A 54 3.09 -44.26 9.24
C SER A 54 2.87 -43.32 8.07
N ARG A 55 1.66 -43.38 7.51
CA ARG A 55 1.25 -42.63 6.32
C ARG A 55 0.10 -41.71 6.77
N ASP A 56 0.47 -40.53 7.25
CA ASP A 56 -0.50 -39.60 7.79
C ASP A 56 -1.26 -38.92 6.66
N ILE A 57 -2.57 -39.11 6.64
CA ILE A 57 -3.46 -38.46 5.70
C ILE A 57 -4.00 -37.19 6.30
N VAL A 58 -4.31 -36.22 5.45
CA VAL A 58 -4.99 -35.00 5.86
C VAL A 58 -6.10 -34.73 4.85
N VAL A 59 -7.26 -34.33 5.36
CA VAL A 59 -8.42 -34.05 4.54
C VAL A 59 -9.17 -32.88 5.16
N PRO A 60 -9.09 -31.69 4.61
CA PRO A 60 -10.00 -30.62 5.06
C PRO A 60 -11.32 -30.64 4.34
N CYS A 61 -12.40 -30.71 5.11
CA CYS A 61 -13.75 -30.75 4.55
C CYS A 61 -14.59 -29.68 5.21
N PHE A 62 -15.37 -28.98 4.41
CA PHE A 62 -16.31 -28.00 4.91
C PHE A 62 -17.72 -28.42 4.55
N CYS A 63 -18.67 -27.65 5.05
CA CYS A 63 -20.06 -27.96 4.83
C CYS A 63 -20.89 -26.70 4.92
N LYS A 64 -21.88 -26.64 4.05
CA LYS A 64 -22.91 -25.61 4.02
C LYS A 64 -24.23 -26.26 4.36
N VAL A 65 -25.09 -25.49 5.01
CA VAL A 65 -26.44 -25.90 5.33
C VAL A 65 -27.37 -24.71 5.10
N LYS A 66 -28.66 -24.95 5.28
CA LYS A 66 -29.66 -23.93 4.99
C LYS A 66 -29.86 -22.95 6.13
N ASN A 67 -29.49 -23.31 7.35
CA ASN A 67 -29.72 -22.45 8.49
C ASN A 67 -28.64 -22.68 9.55
N ARG A 68 -28.48 -21.68 10.41
CA ARG A 68 -27.34 -21.64 11.32
C ARG A 68 -27.42 -22.73 12.37
N SER A 69 -28.63 -23.03 12.84
CA SER A 69 -28.81 -24.06 13.84
C SER A 69 -28.25 -25.38 13.36
N ASP A 70 -28.62 -25.74 12.14
CA ASP A 70 -28.35 -27.06 11.60
C ASP A 70 -26.88 -27.41 11.61
N ILE A 71 -26.02 -26.38 11.60
CA ILE A 71 -24.57 -26.53 11.71
C ILE A 71 -24.24 -27.55 12.78
N ALA A 72 -24.82 -27.34 13.96
CA ALA A 72 -24.55 -28.20 15.10
C ALA A 72 -24.80 -29.65 14.75
N TYR A 73 -26.02 -29.94 14.27
CA TYR A 73 -26.38 -31.29 13.86
C TYR A 73 -25.37 -31.84 12.90
N MET A 74 -25.10 -31.07 11.85
CA MET A 74 -24.19 -31.52 10.80
C MET A 74 -22.84 -31.86 11.39
N ARG A 75 -22.33 -30.99 12.26
CA ARG A 75 -21.02 -31.22 12.86
C ARG A 75 -21.04 -32.51 13.64
N ASP A 76 -22.07 -32.71 14.46
CA ASP A 76 -22.13 -33.92 15.26
C ASP A 76 -22.15 -35.13 14.36
N MET A 77 -22.88 -35.04 13.26
CA MET A 77 -22.94 -36.15 12.31
C MET A 77 -21.54 -36.49 11.86
N LEU A 78 -20.77 -35.46 11.50
CA LEU A 78 -19.40 -35.65 11.06
C LEU A 78 -18.61 -36.45 12.07
N TYR A 79 -18.66 -36.01 13.33
CA TYR A 79 -17.90 -36.72 14.36
C TYR A 79 -18.40 -38.15 14.47
N SER A 80 -19.72 -38.30 14.61
CA SER A 80 -20.28 -39.62 14.76
C SER A 80 -20.04 -40.49 13.54
N LEU A 81 -19.73 -39.86 12.41
CA LEU A 81 -19.55 -40.57 11.17
C LEU A 81 -18.09 -40.91 10.90
N THR A 82 -17.14 -40.19 11.50
CA THR A 82 -15.74 -40.31 11.09
C THR A 82 -14.81 -40.67 12.23
N THR A 83 -14.93 -40.01 13.36
CA THR A 83 -13.93 -40.16 14.41
C THR A 83 -14.11 -41.53 15.04
N ASP A 84 -13.45 -42.53 14.48
CA ASP A 84 -13.62 -43.91 14.87
C ASP A 84 -12.26 -44.54 15.10
N ILE A 85 -11.96 -44.84 16.36
CA ILE A 85 -10.82 -45.66 16.70
C ILE A 85 -10.87 -47.00 15.99
N GLU A 86 -12.07 -47.49 15.71
CA GLU A 86 -12.31 -48.67 14.89
C GLU A 86 -11.49 -48.54 13.62
N PRO A 87 -10.48 -49.37 13.40
CA PRO A 87 -9.71 -49.29 12.16
C PRO A 87 -10.62 -49.40 10.94
N MET A 88 -10.66 -48.33 10.18
CA MET A 88 -11.49 -48.26 8.99
C MET A 88 -10.62 -48.42 7.75
N TYR A 89 -11.28 -48.62 6.62
CA TYR A 89 -10.61 -48.70 5.32
C TYR A 89 -11.02 -47.49 4.52
N LEU A 90 -10.08 -46.58 4.34
CA LEU A 90 -10.30 -45.39 3.56
C LEU A 90 -10.04 -45.69 2.09
N ARG A 91 -10.88 -45.12 1.23
CA ARG A 91 -10.66 -45.14 -0.20
C ARG A 91 -10.75 -43.71 -0.72
N GLU A 92 -9.76 -43.32 -1.49
CA GLU A 92 -9.70 -41.99 -2.06
C GLU A 92 -10.51 -41.92 -3.34
N ILE A 93 -11.02 -40.73 -3.63
CA ILE A 93 -11.78 -40.48 -4.83
C ILE A 93 -11.28 -39.18 -5.43
N ARG A 94 -11.26 -39.13 -6.75
CA ARG A 94 -10.93 -37.94 -7.49
C ARG A 94 -12.01 -37.72 -8.54
N ARG A 95 -11.91 -36.57 -9.20
CA ARG A 95 -12.65 -36.31 -10.42
C ARG A 95 -11.73 -36.46 -11.62
N LYS A 96 -12.35 -36.63 -12.77
CA LYS A 96 -11.63 -36.74 -14.03
C LYS A 96 -11.50 -35.40 -14.73
N GLU A 97 -12.11 -34.34 -14.21
CA GLU A 97 -12.20 -33.08 -14.90
C GLU A 97 -12.71 -32.05 -13.92
N GLU A 98 -12.26 -30.81 -14.11
CA GLU A 98 -12.83 -29.67 -13.39
C GLU A 98 -14.09 -29.26 -14.14
N LEU A 99 -15.24 -29.75 -13.68
CA LEU A 99 -16.46 -29.58 -14.45
C LEU A 99 -17.00 -28.18 -14.30
N ASN A 100 -17.57 -27.68 -15.39
CA ASN A 100 -18.24 -26.39 -15.44
C ASN A 100 -19.70 -26.62 -15.77
N TYR A 101 -20.48 -25.56 -15.60
CA TYR A 101 -21.81 -25.53 -16.16
C TYR A 101 -21.73 -25.48 -17.67
N ARG A 102 -22.65 -26.19 -18.32
CA ARG A 102 -22.65 -26.25 -19.77
C ARG A 102 -23.55 -25.18 -20.34
N PHE A 103 -23.43 -25.00 -21.65
CA PHE A 103 -24.29 -24.05 -22.35
C PHE A 103 -25.75 -24.45 -22.23
N THR A 104 -26.61 -23.44 -22.15
CA THR A 104 -28.05 -23.66 -22.07
C THR A 104 -28.72 -22.60 -22.94
N GLN A 105 -30.02 -22.40 -22.73
CA GLN A 105 -30.80 -21.46 -23.53
C GLN A 105 -31.70 -20.64 -22.62
N PRO A 106 -31.58 -19.29 -22.59
CA PRO A 106 -32.44 -18.50 -21.71
C PRO A 106 -33.77 -18.14 -22.36
N THR A 107 -34.58 -19.16 -22.62
CA THR A 107 -35.86 -19.02 -23.28
C THR A 107 -36.98 -19.60 -22.42
N SER A 108 -36.93 -19.30 -21.12
CA SER A 108 -37.90 -19.81 -20.16
C SER A 108 -37.91 -21.34 -20.16
N ASP A 109 -36.74 -21.91 -20.40
CA ASP A 109 -36.60 -23.34 -20.58
C ASP A 109 -35.11 -23.64 -20.46
N ASP A 110 -34.81 -24.93 -20.28
CA ASP A 110 -33.43 -25.38 -20.11
C ASP A 110 -32.77 -24.69 -18.92
N TYR A 111 -33.56 -24.38 -17.90
CA TYR A 111 -33.07 -23.79 -16.67
C TYR A 111 -32.07 -24.72 -15.99
N VAL A 112 -31.42 -24.20 -14.97
CA VAL A 112 -30.35 -24.88 -14.28
C VAL A 112 -30.91 -25.60 -13.06
N LYS A 113 -30.20 -26.64 -12.66
CA LYS A 113 -30.58 -27.44 -11.50
C LYS A 113 -29.79 -26.97 -10.28
N LEU A 114 -30.27 -27.38 -9.11
CA LEU A 114 -29.58 -27.11 -7.86
C LEU A 114 -29.61 -28.35 -6.99
N ASP A 115 -28.47 -28.63 -6.36
CA ASP A 115 -28.36 -29.80 -5.52
C ASP A 115 -29.21 -29.64 -4.27
N LYS A 116 -29.27 -30.71 -3.48
CA LYS A 116 -29.89 -30.64 -2.15
C LYS A 116 -29.28 -29.50 -1.35
N ASN A 117 -27.96 -29.37 -1.41
CA ASN A 117 -27.30 -28.15 -0.97
C ASN A 117 -27.40 -27.11 -2.06
N ASN A 118 -27.47 -25.85 -1.65
CA ASN A 118 -27.66 -24.77 -2.61
C ASN A 118 -26.38 -24.56 -3.38
N PHE A 119 -26.20 -25.39 -4.41
CA PHE A 119 -25.08 -25.27 -5.32
C PHE A 119 -25.55 -25.57 -6.73
N PRO A 120 -24.81 -25.16 -7.75
CA PRO A 120 -25.19 -25.48 -9.12
C PRO A 120 -24.72 -26.84 -9.56
N ASP A 121 -25.66 -27.69 -9.96
CA ASP A 121 -25.33 -29.03 -10.42
C ASP A 121 -24.68 -28.94 -11.79
N TYR A 122 -23.36 -28.99 -11.83
CA TYR A 122 -22.65 -29.14 -13.09
C TYR A 122 -22.70 -30.58 -13.61
N GLU A 123 -23.11 -31.54 -12.78
CA GLU A 123 -23.12 -32.94 -13.17
C GLU A 123 -24.43 -33.24 -13.88
N TYR A 124 -24.45 -32.94 -15.17
CA TYR A 124 -25.66 -33.13 -15.96
C TYR A 124 -25.86 -34.59 -16.31
N SER A 125 -24.83 -35.25 -16.83
CA SER A 125 -24.93 -36.61 -17.30
C SER A 125 -24.46 -37.60 -16.25
N ARG A 126 -24.77 -38.88 -16.51
CA ARG A 126 -24.35 -39.95 -15.62
C ARG A 126 -22.84 -40.00 -15.49
N HIS A 127 -22.13 -39.69 -16.56
CA HIS A 127 -20.69 -39.85 -16.58
C HIS A 127 -19.95 -38.64 -16.04
N ASP A 128 -20.62 -37.80 -15.26
CA ASP A 128 -20.01 -36.62 -14.68
C ASP A 128 -19.43 -36.88 -13.29
N GLN A 129 -20.12 -37.66 -12.46
CA GLN A 129 -19.78 -37.74 -11.06
C GLN A 129 -18.47 -38.49 -10.88
N GLN A 130 -18.01 -38.56 -9.63
CA GLN A 130 -16.64 -38.93 -9.34
C GLN A 130 -16.46 -40.44 -9.36
N ILE A 131 -15.23 -40.86 -9.15
CA ILE A 131 -14.81 -42.24 -9.37
C ILE A 131 -13.83 -42.66 -8.29
N TYR A 132 -13.83 -43.94 -7.97
CA TYR A 132 -12.76 -44.50 -7.17
C TYR A 132 -11.50 -44.46 -8.02
N VAL A 133 -10.66 -43.46 -7.77
CA VAL A 133 -9.50 -43.20 -8.61
C VAL A 133 -8.54 -44.39 -8.66
N ASN A 134 -8.55 -45.24 -7.64
CA ASN A 134 -7.62 -46.35 -7.62
C ASN A 134 -8.20 -47.50 -6.83
N GLY A 135 -7.75 -48.70 -7.18
CA GLY A 135 -8.25 -49.92 -6.58
C GLY A 135 -7.45 -50.29 -5.36
N LYS A 136 -7.39 -49.40 -4.39
CA LYS A 136 -6.69 -49.67 -3.14
C LYS A 136 -7.40 -48.92 -2.03
N GLN A 137 -6.97 -49.22 -0.80
CA GLN A 137 -7.54 -48.63 0.38
C GLN A 137 -6.40 -48.32 1.34
N TYR A 138 -6.77 -47.93 2.56
CA TYR A 138 -5.79 -47.62 3.59
C TYR A 138 -6.41 -47.91 4.95
N LYS A 139 -5.68 -48.63 5.80
CA LYS A 139 -6.19 -48.90 7.14
C LYS A 139 -5.88 -47.72 8.04
N VAL A 140 -6.94 -47.06 8.52
CA VAL A 140 -6.87 -45.67 8.94
C VAL A 140 -7.66 -45.44 10.22
N ILE A 141 -7.16 -44.46 11.00
CA ILE A 141 -7.75 -43.99 12.25
C ILE A 141 -7.65 -42.46 12.27
N PHE A 142 -8.54 -41.85 13.03
CA PHE A 142 -8.70 -40.39 13.09
C PHE A 142 -7.85 -39.78 14.21
N ASN A 143 -7.47 -38.51 14.04
CA ASN A 143 -6.84 -37.69 15.06
C ASN A 143 -7.53 -36.32 15.11
N GLY A 144 -7.33 -35.61 16.23
CA GLY A 144 -8.10 -34.44 16.63
C GLY A 144 -8.42 -33.38 15.60
N VAL A 145 -9.63 -32.81 15.69
CA VAL A 145 -10.12 -31.79 14.76
C VAL A 145 -10.68 -30.62 15.54
N ILE A 146 -10.54 -29.43 14.96
CA ILE A 146 -11.25 -28.24 15.39
C ILE A 146 -12.12 -27.78 14.23
N ASN A 147 -13.18 -27.04 14.56
CA ASN A 147 -14.20 -26.64 13.59
C ASN A 147 -14.37 -25.13 13.56
N PRO A 148 -13.51 -24.40 12.85
CA PRO A 148 -13.76 -22.97 12.67
C PRO A 148 -14.96 -22.74 11.79
N LYS A 149 -15.87 -21.90 12.26
CA LYS A 149 -17.06 -21.52 11.51
C LYS A 149 -16.79 -20.19 10.83
N GLN A 150 -16.43 -20.23 9.56
CA GLN A 150 -16.58 -19.04 8.75
C GLN A 150 -18.06 -18.71 8.62
N LYS A 151 -18.30 -17.56 8.04
CA LYS A 151 -19.61 -16.94 8.01
C LYS A 151 -20.73 -17.83 7.51
N GLY A 152 -21.94 -17.46 7.90
CA GLY A 152 -23.12 -18.01 7.29
C GLY A 152 -23.32 -19.40 7.78
N ASN A 153 -23.55 -20.30 6.83
CA ASN A 153 -23.71 -21.71 7.12
C ASN A 153 -22.49 -22.52 6.71
N LYS A 154 -21.42 -21.88 6.28
CA LYS A 154 -20.19 -22.56 5.90
C LYS A 154 -19.32 -22.75 7.11
N VAL A 155 -18.91 -23.99 7.36
CA VAL A 155 -17.95 -24.27 8.41
C VAL A 155 -16.93 -25.26 7.88
N SER A 156 -15.68 -25.07 8.26
CA SER A 156 -14.58 -25.92 7.85
C SER A 156 -14.18 -26.87 8.96
N PHE A 157 -13.54 -27.95 8.54
CA PHE A 157 -12.98 -28.95 9.42
C PHE A 157 -11.69 -29.42 8.79
N GLU A 158 -10.78 -29.92 9.63
CA GLU A 158 -9.47 -30.38 9.19
C GLU A 158 -9.22 -31.77 9.76
N LEU A 159 -9.68 -32.79 9.05
CA LEU A 159 -9.44 -34.16 9.45
C LEU A 159 -7.97 -34.52 9.29
N LYS A 160 -7.43 -35.23 10.27
CA LYS A 160 -6.04 -35.69 10.26
C LYS A 160 -6.07 -37.18 10.52
N PHE A 161 -6.09 -37.94 9.46
CA PHE A 161 -6.11 -39.38 9.56
C PHE A 161 -4.69 -39.92 9.59
N GLU A 162 -4.58 -41.20 9.94
CA GLU A 162 -3.29 -41.80 10.20
C GLU A 162 -3.39 -43.30 9.97
N THR A 163 -2.32 -43.89 9.48
CA THR A 163 -2.33 -45.32 9.22
C THR A 163 -2.36 -46.10 10.52
N THR A 164 -2.94 -47.28 10.45
CA THR A 164 -3.24 -48.10 11.62
C THR A 164 -2.14 -49.12 11.90
N GLU A 165 -1.97 -50.09 11.01
CA GLU A 165 -1.09 -51.22 11.24
C GLU A 165 0.20 -51.11 10.45
N LEU A 166 0.08 -50.94 9.14
CA LEU A 166 1.19 -51.00 8.23
C LEU A 166 1.12 -49.81 7.29
N PRO A 167 2.19 -49.03 7.16
CA PRO A 167 2.14 -47.85 6.29
C PRO A 167 2.24 -48.23 4.82
N TYR A 168 1.12 -48.72 4.27
CA TYR A 168 1.10 -49.14 2.88
C TYR A 168 -0.28 -48.97 2.27
N GLY A 169 -0.28 -48.92 0.96
CA GLY A 169 -1.50 -48.83 0.17
C GLY A 169 -2.04 -50.19 -0.17
N GLU A 170 -2.67 -50.82 0.81
CA GLU A 170 -3.31 -52.11 0.62
C GLU A 170 -4.23 -52.09 -0.59
N SER A 171 -3.97 -53.01 -1.51
CA SER A 171 -4.80 -53.16 -2.68
C SER A 171 -6.04 -53.98 -2.31
N ILE A 172 -7.18 -53.48 -2.70
CA ILE A 172 -8.42 -54.16 -2.39
C ILE A 172 -8.58 -55.31 -3.37
N GLY A 173 -9.25 -56.36 -2.91
CA GLY A 173 -9.42 -57.54 -3.73
C GLY A 173 -8.15 -58.37 -3.74
N THR A 174 -8.31 -59.68 -3.80
CA THR A 174 -7.17 -60.57 -3.73
C THR A 174 -6.50 -60.60 -5.10
N SER A 175 -5.60 -61.56 -5.27
CA SER A 175 -5.03 -61.86 -6.55
C SER A 175 -5.81 -62.94 -7.30
N LEU A 176 -6.76 -63.59 -6.65
CA LEU A 176 -7.59 -64.57 -7.35
C LEU A 176 -8.72 -63.90 -8.13
N GLU A 177 -9.24 -62.78 -7.63
CA GLU A 177 -10.16 -62.00 -8.44
C GLU A 177 -9.48 -61.51 -9.70
N LEU A 178 -8.16 -61.33 -9.63
CA LEU A 178 -7.39 -61.14 -10.86
C LEU A 178 -7.41 -62.41 -11.69
N GLU A 179 -7.30 -63.57 -11.04
CA GLU A 179 -7.32 -64.83 -11.76
C GLU A 179 -8.68 -65.04 -12.42
N GLU A 180 -9.73 -65.16 -11.61
CA GLU A 180 -11.08 -65.29 -12.12
C GLU A 180 -11.66 -63.90 -12.25
N ASN A 181 -11.92 -63.48 -13.48
CA ASN A 181 -12.40 -62.13 -13.76
C ASN A 181 -13.89 -62.04 -13.46
N LYS A 182 -14.22 -62.26 -12.19
CA LYS A 182 -15.59 -62.26 -11.71
C LYS A 182 -15.98 -60.89 -11.15
N LYS A 183 -15.24 -60.43 -10.16
CA LYS A 183 -15.52 -59.14 -9.57
C LYS A 183 -14.96 -58.04 -10.46
N VAL A 184 -15.75 -56.99 -10.60
CA VAL A 184 -15.48 -55.92 -11.54
C VAL A 184 -15.32 -54.64 -10.75
N GLY A 185 -14.49 -53.75 -11.24
CA GLY A 185 -13.92 -52.71 -10.43
C GLY A 185 -12.60 -53.17 -9.87
N LEU A 186 -12.17 -52.47 -8.82
CA LEU A 186 -11.05 -52.87 -7.97
C LEU A 186 -9.77 -53.21 -8.73
N TRP A 187 -9.62 -52.69 -9.95
CA TRP A 187 -8.41 -52.91 -10.73
C TRP A 187 -8.14 -51.65 -11.54
N SER A 188 -7.28 -50.80 -11.02
CA SER A 188 -6.93 -49.54 -11.66
C SER A 188 -5.63 -49.67 -12.43
N PHE A 189 -5.44 -48.75 -13.36
CA PHE A 189 -4.28 -48.79 -14.23
C PHE A 189 -3.00 -48.42 -13.52
N ASP A 190 -3.07 -47.96 -12.28
CA ASP A 190 -1.84 -47.79 -11.48
C ASP A 190 -1.07 -49.09 -11.42
N PHE A 191 -1.78 -50.21 -11.45
CA PHE A 191 -1.17 -51.51 -11.47
C PHE A 191 -1.01 -51.87 -12.94
N ASN A 192 0.22 -52.06 -13.37
CA ASN A 192 0.50 -52.39 -14.76
C ASN A 192 0.17 -53.86 -14.97
N ILE A 193 -1.07 -54.11 -15.38
CA ILE A 193 -1.64 -55.45 -15.46
C ILE A 193 -1.97 -55.75 -16.91
N ASP A 194 -1.47 -56.88 -17.39
CA ASP A 194 -1.78 -57.30 -18.74
C ASP A 194 -3.23 -57.75 -18.84
N TRP A 195 -3.82 -57.54 -20.02
CA TRP A 195 -5.17 -58.01 -20.26
C TRP A 195 -5.25 -59.51 -20.45
N HIS A 196 -4.12 -60.17 -20.73
CA HIS A 196 -4.16 -61.59 -21.13
C HIS A 196 -4.49 -62.43 -19.91
N ALA A 197 -5.76 -62.38 -19.52
CA ALA A 197 -6.23 -63.22 -18.44
C ALA A 197 -6.07 -64.67 -18.80
N GLY A 198 -5.48 -65.45 -17.90
CA GLY A 198 -5.01 -66.76 -18.20
C GLY A 198 -3.58 -66.80 -18.71
N GLY A 199 -3.07 -65.67 -19.18
CA GLY A 199 -1.69 -65.59 -19.59
C GLY A 199 -0.77 -65.42 -18.40
N ASP A 200 0.51 -65.29 -18.70
CA ASP A 200 1.48 -65.06 -17.65
C ASP A 200 1.21 -63.72 -16.97
N LYS A 201 1.78 -63.57 -15.79
CA LYS A 201 1.69 -62.37 -14.95
C LYS A 201 0.27 -61.99 -14.58
N ARG A 202 -0.69 -62.89 -14.78
CA ARG A 202 -2.00 -62.83 -14.15
C ARG A 202 -2.30 -64.05 -13.32
N LYS A 203 -1.60 -65.15 -13.57
CA LYS A 203 -1.98 -66.43 -13.04
C LYS A 203 -1.24 -66.72 -11.76
N TYR A 204 -1.98 -67.17 -10.75
CA TYR A 204 -1.45 -67.65 -9.50
C TYR A 204 -2.07 -68.98 -9.16
N THR A 205 -2.17 -69.84 -10.17
CA THR A 205 -2.81 -71.15 -10.05
C THR A 205 -2.13 -72.07 -11.06
N PHE A 206 -1.11 -72.78 -10.61
CA PHE A 206 -0.29 -73.63 -11.45
C PHE A 206 -0.50 -75.08 -11.07
N GLU A 207 -0.10 -75.97 -11.96
CA GLU A 207 -0.37 -77.40 -11.83
C GLU A 207 0.83 -78.18 -12.35
N ASN A 208 1.26 -79.17 -11.57
CA ASN A 208 2.23 -80.17 -12.03
C ASN A 208 3.53 -79.52 -12.49
N LEU A 209 4.22 -78.90 -11.52
CA LEU A 209 5.43 -78.15 -11.83
C LEU A 209 6.42 -78.24 -10.67
N SER A 210 7.68 -78.40 -11.01
CA SER A 210 8.76 -78.31 -10.03
C SER A 210 9.12 -76.86 -9.75
N LYS A 211 8.96 -76.00 -10.75
CA LYS A 211 9.40 -74.62 -10.67
C LYS A 211 8.51 -73.77 -11.56
N GLY A 212 8.27 -72.54 -11.13
CA GLY A 212 7.36 -71.68 -11.85
C GLY A 212 7.66 -70.23 -11.56
N THR A 213 6.87 -69.36 -12.20
CA THR A 213 7.15 -67.94 -12.25
C THR A 213 5.96 -67.17 -11.72
N VAL A 214 6.23 -66.08 -11.04
CA VAL A 214 5.21 -65.23 -10.44
C VAL A 214 5.60 -63.78 -10.66
N TYR A 215 4.63 -62.96 -11.04
CA TYR A 215 4.80 -61.52 -11.17
C TYR A 215 4.00 -60.84 -10.07
N TYR A 216 4.70 -60.38 -9.05
CA TYR A 216 4.07 -59.59 -7.99
C TYR A 216 4.03 -58.15 -8.46
N HIS A 217 2.83 -57.71 -8.84
CA HIS A 217 2.65 -56.37 -9.39
C HIS A 217 2.86 -55.27 -8.38
N GLY A 218 2.94 -55.60 -7.09
CA GLY A 218 3.11 -54.58 -6.09
C GLY A 218 4.51 -54.07 -5.89
N SER A 219 4.67 -52.75 -6.00
CA SER A 219 5.98 -52.14 -5.80
C SER A 219 6.50 -52.41 -4.41
N ALA A 220 5.66 -52.27 -3.40
CA ALA A 220 6.12 -52.57 -2.06
C ALA A 220 6.24 -54.07 -1.88
N PRO A 221 7.14 -54.52 -1.02
CA PRO A 221 7.37 -55.95 -0.88
C PRO A 221 6.46 -56.56 0.17
N ASN A 222 5.91 -57.72 -0.17
CA ASN A 222 5.07 -58.47 0.75
C ASN A 222 5.93 -59.47 1.52
N ASP A 223 6.80 -58.90 2.37
CA ASP A 223 7.48 -59.67 3.38
C ASP A 223 6.76 -59.64 4.72
N GLN A 224 5.97 -58.61 4.99
CA GLN A 224 5.35 -58.52 6.31
C GLN A 224 4.21 -59.52 6.39
N PHE A 225 4.17 -60.22 7.51
CA PHE A 225 3.16 -61.23 7.74
C PHE A 225 1.75 -60.65 7.87
N ASN A 226 1.61 -59.44 8.42
CA ASN A 226 0.30 -58.83 8.57
C ASN A 226 -0.45 -58.75 7.24
N MET A 227 0.27 -58.67 6.14
CA MET A 227 -0.35 -58.74 4.83
C MET A 227 -0.96 -60.12 4.62
N TYR A 228 -1.98 -60.17 3.78
CA TYR A 228 -2.77 -61.38 3.57
C TYR A 228 -2.15 -62.27 2.50
N LYS A 229 -0.86 -62.56 2.65
CA LYS A 229 -0.22 -63.54 1.77
C LYS A 229 -0.61 -64.92 2.24
N LYS A 230 -1.24 -65.70 1.36
CA LYS A 230 -1.79 -66.98 1.75
C LYS A 230 -1.67 -67.94 0.58
N ILE A 231 -0.97 -69.05 0.83
CA ILE A 231 -0.67 -70.05 -0.16
C ILE A 231 -1.40 -71.32 0.20
N THR A 232 -1.71 -72.12 -0.82
CA THR A 232 -2.26 -73.45 -0.57
C THR A 232 -1.84 -74.35 -1.71
N ILE A 233 -1.32 -75.52 -1.35
CA ILE A 233 -0.65 -76.40 -2.30
C ILE A 233 -1.12 -77.83 -2.08
N ILE A 234 -1.52 -78.48 -3.17
CA ILE A 234 -1.70 -79.93 -3.20
C ILE A 234 -0.37 -80.52 -3.65
N LEU A 235 0.23 -81.30 -2.76
CA LEU A 235 1.65 -81.59 -2.83
C LEU A 235 2.02 -82.51 -3.97
N GLY A 236 1.06 -83.20 -4.57
CA GLY A 236 1.37 -84.00 -5.75
C GLY A 236 2.05 -85.33 -5.55
N GLU A 237 3.10 -85.36 -4.73
CA GLU A 237 3.93 -86.55 -4.58
C GLU A 237 4.25 -86.74 -3.11
N ASP A 238 4.12 -87.99 -2.65
CA ASP A 238 4.47 -88.34 -1.28
C ASP A 238 5.93 -88.03 -1.00
N THR A 239 6.24 -87.77 0.25
CA THR A 239 7.61 -87.51 0.67
C THR A 239 7.67 -87.56 2.19
N GLU A 240 8.90 -87.57 2.69
CA GLU A 240 9.17 -87.46 4.12
C GLU A 240 9.60 -86.05 4.51
N SER A 241 10.32 -85.36 3.63
CA SER A 241 10.71 -83.98 3.79
C SER A 241 10.24 -83.19 2.58
N PHE A 242 10.17 -81.86 2.74
CA PHE A 242 9.62 -81.03 1.68
C PHE A 242 10.25 -79.65 1.73
N VAL A 243 11.14 -79.37 0.80
CA VAL A 243 11.82 -78.08 0.72
C VAL A 243 11.24 -77.34 -0.47
N TRP A 244 11.09 -76.03 -0.33
CA TRP A 244 10.90 -75.17 -1.49
C TRP A 244 11.61 -73.86 -1.27
N ASN A 245 12.29 -73.42 -2.33
CA ASN A 245 13.09 -72.23 -2.37
C ASN A 245 12.33 -71.13 -3.09
N LEU A 246 12.82 -69.91 -2.93
CA LEU A 246 12.16 -68.76 -3.54
C LEU A 246 13.14 -67.60 -3.54
N THR A 247 13.02 -66.75 -4.56
CA THR A 247 13.91 -65.62 -4.74
C THR A 247 13.24 -64.33 -4.28
N HIS A 248 14.07 -63.39 -3.84
CA HIS A 248 13.64 -62.24 -3.04
C HIS A 248 13.03 -62.70 -1.73
N ALA A 249 13.51 -63.84 -1.22
CA ALA A 249 13.04 -64.39 0.04
C ALA A 249 14.06 -65.43 0.49
N GLU A 250 13.68 -66.22 1.49
CA GLU A 250 14.54 -67.22 2.09
C GLU A 250 14.12 -68.61 1.63
N ILE A 251 14.96 -69.58 1.94
CA ILE A 251 14.64 -70.98 1.73
C ILE A 251 13.63 -71.45 2.78
N MET A 252 12.82 -72.43 2.41
CA MET A 252 11.85 -73.02 3.33
C MET A 252 11.97 -74.52 3.32
N LYS A 253 12.00 -75.11 4.50
CA LYS A 253 11.97 -76.55 4.67
C LYS A 253 10.75 -76.93 5.48
N ILE A 254 10.33 -78.18 5.30
CA ILE A 254 9.42 -78.86 6.22
C ILE A 254 10.03 -80.24 6.40
N GLU A 255 10.81 -80.40 7.46
CA GLU A 255 11.46 -81.66 7.79
C GLU A 255 10.89 -82.18 9.11
N GLY A 256 11.03 -83.48 9.31
CA GLY A 256 10.70 -84.10 10.57
C GLY A 256 9.28 -84.59 10.68
N ILE A 257 8.42 -84.22 9.74
CA ILE A 257 7.05 -84.71 9.68
C ILE A 257 6.86 -85.36 8.32
N LYS A 258 6.21 -86.52 8.31
CA LYS A 258 5.94 -87.23 7.07
C LYS A 258 4.59 -86.82 6.52
N LEU A 259 4.53 -86.69 5.21
CA LEU A 259 3.37 -86.19 4.49
C LEU A 259 2.86 -87.27 3.54
N LYS A 260 1.85 -86.91 2.76
CA LYS A 260 1.39 -87.73 1.64
C LYS A 260 1.07 -86.84 0.46
N ALA A 261 0.94 -87.46 -0.71
CA ALA A 261 0.78 -86.71 -1.95
C ALA A 261 -0.50 -85.88 -1.94
N GLY A 262 -1.65 -86.55 -1.88
CA GLY A 262 -2.93 -85.88 -1.96
C GLY A 262 -3.22 -84.96 -0.80
N ASP A 263 -2.45 -85.05 0.29
CA ASP A 263 -2.62 -84.11 1.38
C ASP A 263 -2.21 -82.71 0.94
N ARG A 264 -2.94 -81.72 1.45
CA ARG A 264 -2.73 -80.33 1.09
C ARG A 264 -2.19 -79.56 2.27
N ILE A 265 -1.37 -78.57 1.97
CA ILE A 265 -0.81 -77.67 2.95
C ILE A 265 -1.40 -76.30 2.70
N VAL A 266 -1.95 -75.68 3.75
CA VAL A 266 -2.29 -74.26 3.70
C VAL A 266 -1.15 -73.53 4.38
N TYR A 267 -0.40 -72.79 3.60
CA TYR A 267 0.77 -72.08 4.08
C TYR A 267 0.35 -70.62 4.23
N ASP A 268 -0.13 -70.28 5.41
CA ASP A 268 -0.40 -68.89 5.73
C ASP A 268 0.89 -68.23 6.18
N SER A 269 0.81 -66.91 6.33
CA SER A 269 1.95 -66.14 6.79
C SER A 269 2.43 -66.67 8.13
N PHE A 270 3.73 -66.94 8.22
CA PHE A 270 4.42 -67.57 9.35
C PHE A 270 3.59 -68.68 9.99
N ARG A 271 2.89 -69.46 9.19
CA ARG A 271 1.97 -70.44 9.76
C ARG A 271 1.67 -71.51 8.74
N VAL A 272 1.50 -72.73 9.23
CA VAL A 272 1.41 -73.91 8.39
C VAL A 272 0.29 -74.79 8.92
N TYR A 273 -0.81 -74.87 8.18
CA TYR A 273 -1.81 -75.91 8.39
C TYR A 273 -1.39 -77.12 7.59
N LYS A 274 -1.08 -78.21 8.30
CA LYS A 274 -0.71 -79.45 7.64
C LYS A 274 -1.84 -79.98 6.78
N ASN A 275 -3.07 -79.94 7.30
CA ASN A 275 -4.24 -80.36 6.55
C ASN A 275 -5.42 -79.46 6.85
N GLY A 276 -5.16 -78.17 6.97
CA GLY A 276 -6.19 -77.18 7.15
C GLY A 276 -6.45 -76.81 8.60
N VAL A 277 -6.19 -77.75 9.51
CA VAL A 277 -6.28 -77.50 10.94
C VAL A 277 -5.14 -78.25 11.61
N GLU A 278 -5.01 -78.05 12.93
CA GLU A 278 -3.98 -78.70 13.73
C GLU A 278 -2.59 -78.35 13.15
N ILE A 279 -2.25 -77.08 13.35
CA ILE A 279 -1.12 -76.49 12.66
C ILE A 279 0.15 -77.17 13.11
N SER A 280 0.95 -77.62 12.15
CA SER A 280 2.24 -78.23 12.39
C SER A 280 3.27 -77.25 11.83
N THR A 281 3.67 -76.30 12.66
CA THR A 281 4.48 -75.16 12.25
C THR A 281 5.81 -75.13 12.99
N GLU A 282 6.29 -76.29 13.42
CA GLU A 282 7.58 -76.34 14.08
C GLU A 282 8.75 -76.35 13.10
N THR A 283 8.49 -76.68 11.84
CA THR A 283 9.54 -77.01 10.89
C THR A 283 9.99 -75.76 10.15
N ASN A 284 11.17 -75.24 10.51
CA ASN A 284 11.82 -74.17 9.76
C ASN A 284 10.91 -72.95 9.65
N ILE A 285 10.76 -72.26 10.76
CA ILE A 285 9.87 -71.12 10.77
C ILE A 285 10.53 -70.02 9.92
N SER A 286 10.06 -69.91 8.68
CA SER A 286 10.55 -68.96 7.71
C SER A 286 9.36 -68.56 6.85
N GLN A 287 9.21 -67.28 6.64
CA GLN A 287 8.07 -66.77 5.90
C GLN A 287 8.52 -66.23 4.54
N PRO A 288 7.74 -66.43 3.49
CA PRO A 288 8.18 -66.05 2.15
C PRO A 288 7.86 -64.59 1.89
N LYS A 289 8.55 -64.06 0.89
CA LYS A 289 8.58 -62.61 0.68
C LYS A 289 8.54 -62.34 -0.81
N PHE A 290 7.47 -61.70 -1.24
CA PHE A 290 7.31 -61.26 -2.63
C PHE A 290 7.66 -59.79 -2.70
N LYS A 291 8.66 -59.45 -3.53
CA LYS A 291 9.15 -58.09 -3.57
C LYS A 291 8.48 -57.27 -4.67
N TYR A 292 8.68 -57.66 -5.92
CA TYR A 292 8.03 -57.03 -7.07
C TYR A 292 8.41 -57.76 -8.33
N GLY A 293 7.49 -57.82 -9.29
CA GLY A 293 7.82 -58.46 -10.55
C GLY A 293 8.11 -59.94 -10.35
N ALA A 294 9.11 -60.41 -11.08
CA ALA A 294 9.41 -61.83 -11.10
C ALA A 294 9.80 -62.33 -9.72
N ASN A 295 9.00 -63.24 -9.19
CA ASN A 295 9.31 -63.96 -7.96
C ASN A 295 9.24 -65.44 -8.31
N LYS A 296 10.38 -65.96 -8.74
CA LYS A 296 10.49 -67.34 -9.17
C LYS A 296 10.59 -68.27 -7.98
N PHE A 297 9.77 -69.31 -7.98
CA PHE A 297 9.82 -70.34 -6.96
C PHE A 297 10.35 -71.63 -7.55
N GLU A 298 10.87 -72.49 -6.68
CA GLU A 298 11.40 -73.80 -7.08
C GLU A 298 11.04 -74.80 -6.00
N PHE A 299 10.09 -75.67 -6.31
CA PHE A 299 9.76 -76.80 -5.45
C PHE A 299 10.78 -77.89 -5.73
N ASN A 300 10.51 -79.12 -5.25
CA ASN A 300 11.44 -80.22 -5.45
C ASN A 300 10.81 -81.53 -5.94
N GLN A 301 9.48 -81.68 -5.95
CA GLN A 301 8.89 -82.93 -6.41
C GLN A 301 7.59 -82.75 -7.20
N THR A 302 7.46 -81.65 -7.93
CA THR A 302 6.39 -81.49 -8.92
C THR A 302 5.01 -81.58 -8.26
N VAL A 303 4.70 -80.56 -7.46
CA VAL A 303 3.38 -80.48 -6.83
C VAL A 303 2.30 -80.52 -7.91
N GLN A 304 1.23 -81.25 -7.62
CA GLN A 304 0.15 -81.34 -8.58
C GLN A 304 -0.67 -80.08 -8.61
N LYS A 305 -0.64 -79.30 -7.53
CA LYS A 305 -1.28 -78.00 -7.57
C LYS A 305 -0.59 -77.05 -6.61
N VAL A 306 -0.44 -75.82 -7.06
CA VAL A 306 -0.13 -74.68 -6.22
C VAL A 306 -1.09 -73.59 -6.60
N GLN A 307 -1.59 -72.87 -5.62
CA GLN A 307 -2.26 -71.62 -5.92
C GLN A 307 -2.23 -70.78 -4.67
N PHE A 308 -2.09 -69.48 -4.87
CA PHE A 308 -1.94 -68.61 -3.72
C PHE A 308 -2.49 -67.23 -4.00
N ASP A 309 -3.34 -66.78 -3.09
CA ASP A 309 -3.88 -65.44 -3.13
C ASP A 309 -3.08 -64.57 -2.19
N LEU A 310 -3.00 -63.31 -2.56
CA LEU A 310 -2.25 -62.35 -1.77
C LEU A 310 -2.83 -60.98 -2.06
N LYS A 311 -2.28 -60.00 -1.38
CA LYS A 311 -2.70 -58.62 -1.51
C LYS A 311 -1.50 -57.78 -1.89
N PHE A 312 -1.72 -56.84 -2.80
CA PHE A 312 -0.67 -56.00 -3.32
C PHE A 312 -0.59 -54.75 -2.47
N TYR A 313 0.62 -54.36 -2.13
CA TYR A 313 0.86 -53.25 -1.23
C TYR A 313 1.82 -52.28 -1.89
N TYR A 314 1.67 -51.00 -1.55
CA TYR A 314 2.25 -49.94 -2.35
C TYR A 314 2.81 -48.85 -1.46
N LYS A 315 3.80 -48.15 -2.01
CA LYS A 315 4.53 -47.13 -1.30
C LYS A 315 4.77 -45.95 -2.23
N ASP B 2 -25.72 -19.82 21.33
CA ASP B 2 -24.79 -18.79 21.82
C ASP B 2 -25.20 -18.27 23.20
N ILE B 3 -25.43 -19.17 24.16
CA ILE B 3 -25.65 -18.77 25.54
C ILE B 3 -24.77 -19.58 26.50
N GLU B 4 -24.41 -20.81 26.13
CA GLU B 4 -23.54 -21.64 26.95
C GLU B 4 -24.17 -21.93 28.32
N LEU B 5 -25.26 -22.69 28.28
CA LEU B 5 -25.94 -23.06 29.52
C LEU B 5 -25.06 -23.97 30.36
N THR B 6 -25.13 -23.79 31.68
CA THR B 6 -24.40 -24.63 32.63
C THR B 6 -25.34 -25.06 33.75
N LYS B 7 -25.52 -26.36 33.89
CA LYS B 7 -26.26 -26.96 34.99
C LYS B 7 -25.23 -27.47 35.99
N LYS B 8 -25.14 -26.81 37.13
CA LYS B 8 -24.25 -27.23 38.19
C LYS B 8 -25.01 -28.03 39.24
N ASP B 9 -24.24 -28.68 40.11
CA ASP B 9 -24.84 -29.49 41.14
C ASP B 9 -25.54 -28.58 42.13
N GLY B 10 -26.82 -28.31 41.86
CA GLY B 10 -27.63 -27.43 42.68
C GLY B 10 -28.15 -26.19 41.97
N THR B 11 -27.88 -25.95 40.69
CA THR B 11 -28.41 -24.75 40.07
C THR B 11 -28.29 -24.83 38.55
N VAL B 12 -28.90 -23.84 37.90
CA VAL B 12 -28.88 -23.67 36.45
C VAL B 12 -28.49 -22.23 36.17
N ILE B 13 -27.63 -22.04 35.17
CA ILE B 13 -27.11 -20.72 34.81
C ILE B 13 -27.04 -20.64 33.31
N LYS B 14 -27.22 -19.43 32.80
CA LYS B 14 -26.97 -19.14 31.39
C LYS B 14 -26.39 -17.74 31.29
N LEU B 15 -25.39 -17.59 30.43
CA LEU B 15 -24.56 -16.38 30.46
C LEU B 15 -25.34 -15.16 29.99
N SER B 16 -26.02 -15.26 28.85
CA SER B 16 -26.68 -14.09 28.28
C SER B 16 -27.77 -13.54 29.19
N GLU B 17 -28.28 -14.36 30.11
CA GLU B 17 -29.10 -13.82 31.19
C GLU B 17 -28.30 -12.84 32.03
N TYR B 18 -27.01 -13.09 32.18
CA TYR B 18 -26.13 -12.32 33.05
C TYR B 18 -25.37 -11.24 32.29
N GLY B 19 -25.97 -10.70 31.22
CA GLY B 19 -25.32 -9.67 30.45
C GLY B 19 -24.12 -10.13 29.66
N PHE B 20 -23.95 -11.43 29.51
CA PHE B 20 -22.77 -12.01 28.88
C PHE B 20 -23.15 -12.59 27.53
N ILE B 21 -23.02 -11.76 26.51
CA ILE B 21 -23.03 -12.26 25.16
C ILE B 21 -21.83 -13.17 24.95
N VAL B 22 -21.92 -14.00 23.91
CA VAL B 22 -20.83 -14.87 23.48
C VAL B 22 -20.69 -14.74 21.97
N ASN B 23 -19.45 -14.86 21.49
CA ASN B 23 -19.20 -14.79 20.06
C ASN B 23 -19.60 -16.09 19.38
N ASP B 24 -19.23 -17.21 19.96
CA ASP B 24 -19.49 -18.51 19.38
C ASP B 24 -19.12 -19.58 20.38
N ILE B 25 -19.36 -20.83 20.00
CA ILE B 25 -18.88 -21.99 20.72
C ILE B 25 -18.29 -22.94 19.70
N VAL B 26 -17.09 -23.42 19.97
CA VAL B 26 -16.43 -24.39 19.12
C VAL B 26 -16.04 -25.58 19.99
N ILE B 27 -16.42 -26.76 19.55
CA ILE B 27 -16.23 -27.97 20.31
C ILE B 27 -15.31 -28.87 19.51
N ASP B 28 -14.11 -29.09 20.04
CA ASP B 28 -13.18 -30.01 19.45
C ASP B 28 -13.77 -31.41 19.50
N SER B 29 -13.18 -32.29 18.71
CA SER B 29 -13.47 -33.71 18.80
C SER B 29 -12.72 -34.27 19.99
N MET B 30 -12.69 -35.59 20.10
CA MET B 30 -12.07 -36.25 21.23
C MET B 30 -10.63 -36.62 20.89
N GLN B 31 -9.71 -36.24 21.77
CA GLN B 31 -8.31 -36.55 21.58
C GLN B 31 -8.10 -38.05 21.63
N ILE B 32 -7.83 -38.64 20.47
CA ILE B 32 -7.56 -40.07 20.40
C ILE B 32 -6.12 -40.30 20.85
N ASN B 33 -5.96 -40.87 22.03
CA ASN B 33 -4.67 -41.40 22.44
C ASN B 33 -4.51 -42.78 21.85
N THR B 34 -3.47 -42.94 21.03
CA THR B 34 -3.12 -44.22 20.48
C THR B 34 -2.13 -44.93 21.38
N LYS B 35 -2.00 -46.23 21.18
CA LYS B 35 -1.04 -47.07 21.87
C LYS B 35 -0.53 -48.00 20.77
N TYR B 36 0.51 -47.56 20.08
CA TYR B 36 1.17 -48.38 19.07
C TYR B 36 2.42 -49.00 19.66
N GLN B 37 2.87 -50.07 19.01
CA GLN B 37 4.15 -50.69 19.32
C GLN B 37 4.82 -51.00 17.99
N ASP B 38 6.04 -50.51 17.84
CA ASP B 38 6.83 -50.72 16.65
C ASP B 38 7.70 -51.96 16.80
N LYS B 39 7.45 -52.95 15.96
CA LYS B 39 8.36 -54.06 15.81
C LYS B 39 9.69 -53.56 15.26
N GLU B 40 10.76 -54.28 15.60
CA GLU B 40 12.11 -53.73 15.48
C GLU B 40 12.50 -53.50 14.03
N ASN B 41 12.32 -54.51 13.16
CA ASN B 41 12.75 -54.42 11.78
C ASN B 41 11.63 -54.70 10.78
N MET B 42 10.40 -54.35 11.14
CA MET B 42 9.23 -54.65 10.32
C MET B 42 8.51 -53.37 9.94
N ASN B 43 8.30 -53.20 8.64
CA ASN B 43 7.69 -52.00 8.10
C ASN B 43 6.21 -51.95 8.44
N GLY B 44 5.92 -51.70 9.70
CA GLY B 44 4.58 -51.67 10.21
C GLY B 44 4.63 -51.80 11.71
N ARG B 45 3.70 -51.16 12.40
CA ARG B 45 3.70 -51.11 13.85
C ARG B 45 2.37 -51.61 14.37
N ILE B 46 2.42 -52.42 15.41
CA ILE B 46 1.22 -53.06 15.91
C ILE B 46 0.41 -52.05 16.69
N LEU B 47 -0.90 -52.16 16.55
CA LEU B 47 -1.83 -51.40 17.37
C LEU B 47 -2.08 -52.17 18.65
N MET B 48 -1.53 -51.68 19.76
CA MET B 48 -1.93 -52.22 21.05
C MET B 48 -3.33 -51.72 21.41
N GLY B 49 -3.59 -50.45 21.17
CA GLY B 49 -4.90 -49.90 21.45
C GLY B 49 -5.08 -48.53 20.85
N SER B 50 -6.30 -48.03 20.96
CA SER B 50 -6.62 -46.67 20.57
C SER B 50 -7.87 -46.27 21.34
N ASN B 51 -7.91 -45.04 21.81
CA ASN B 51 -8.85 -44.73 22.87
C ASN B 51 -9.14 -43.24 22.93
N TYR B 52 -10.42 -42.89 23.05
CA TYR B 52 -10.82 -41.50 23.23
C TYR B 52 -10.43 -41.03 24.63
N ILE B 53 -10.12 -39.74 24.74
CA ILE B 53 -9.67 -39.18 26.01
C ILE B 53 -10.48 -37.95 26.43
N SER B 54 -10.44 -36.88 25.64
CA SER B 54 -10.94 -35.60 26.11
C SER B 54 -11.46 -34.75 24.96
N ARG B 55 -12.53 -34.03 25.25
CA ARG B 55 -13.27 -33.20 24.29
C ARG B 55 -13.16 -31.76 24.77
N ASP B 56 -12.09 -31.09 24.36
CA ASP B 56 -11.82 -29.74 24.83
C ASP B 56 -12.73 -28.75 24.12
N ILE B 57 -13.53 -28.05 24.90
CA ILE B 57 -14.40 -26.99 24.40
C ILE B 57 -13.69 -25.65 24.52
N VAL B 58 -14.03 -24.73 23.64
CA VAL B 58 -13.57 -23.36 23.70
C VAL B 58 -14.77 -22.45 23.47
N VAL B 59 -14.85 -21.39 24.26
CA VAL B 59 -15.94 -20.43 24.16
C VAL B 59 -15.38 -19.04 24.45
N PRO B 60 -15.20 -18.19 23.47
CA PRO B 60 -14.88 -16.79 23.76
C PRO B 60 -16.13 -15.97 23.98
N CYS B 61 -16.20 -15.29 25.13
CA CYS B 61 -17.34 -14.47 25.49
C CYS B 61 -16.85 -13.10 25.88
N PHE B 62 -17.54 -12.07 25.42
CA PHE B 62 -17.24 -10.71 25.81
C PHE B 62 -18.45 -10.12 26.51
N CYS B 63 -18.26 -8.90 27.00
CA CYS B 63 -19.32 -8.24 27.74
C CYS B 63 -19.14 -6.75 27.66
N LYS B 64 -20.27 -6.07 27.54
CA LYS B 64 -20.38 -4.63 27.58
C LYS B 64 -21.14 -4.25 28.84
N VAL B 65 -20.81 -3.10 29.39
CA VAL B 65 -21.49 -2.52 30.53
C VAL B 65 -21.63 -1.03 30.30
N LYS B 66 -22.30 -0.36 31.24
CA LYS B 66 -22.60 1.05 31.09
C LYS B 66 -21.46 1.94 31.53
N ASN B 67 -20.54 1.45 32.36
CA ASN B 67 -19.47 2.27 32.88
C ASN B 67 -18.25 1.42 33.16
N ARG B 68 -17.10 2.09 33.21
CA ARG B 68 -15.82 1.39 33.21
C ARG B 68 -15.60 0.63 34.51
N SER B 69 -16.06 1.19 35.62
CA SER B 69 -15.88 0.54 36.91
C SER B 69 -16.53 -0.83 36.89
N ASP B 70 -17.76 -0.90 36.41
CA ASP B 70 -18.59 -2.08 36.49
C ASP B 70 -17.94 -3.30 35.88
N ILE B 71 -17.02 -3.08 34.93
CA ILE B 71 -16.22 -4.13 34.31
C ILE B 71 -15.74 -5.10 35.36
N ALA B 72 -15.12 -4.55 36.40
CA ALA B 72 -14.55 -5.36 37.46
C ALA B 72 -15.59 -6.30 38.03
N TYR B 73 -16.71 -5.74 38.48
CA TYR B 73 -17.80 -6.54 39.02
C TYR B 73 -18.18 -7.64 38.06
N MET B 74 -18.43 -7.23 36.82
CA MET B 74 -18.90 -8.18 35.81
C MET B 74 -17.90 -9.30 35.66
N ARG B 75 -16.61 -8.97 35.58
CA ARG B 75 -15.58 -9.97 35.42
C ARG B 75 -15.61 -10.94 36.59
N ASP B 76 -15.68 -10.41 37.80
CA ASP B 76 -15.69 -11.27 38.97
C ASP B 76 -16.87 -12.21 38.91
N MET B 77 -18.02 -11.68 38.49
CA MET B 77 -19.21 -12.49 38.38
C MET B 77 -18.94 -13.68 37.47
N LEU B 78 -18.30 -13.39 36.33
CA LEU B 78 -17.96 -14.43 35.37
C LEU B 78 -17.17 -15.53 36.03
N TYR B 79 -16.10 -15.15 36.74
CA TYR B 79 -15.29 -16.16 37.39
C TYR B 79 -16.12 -16.92 38.40
N SER B 80 -16.80 -16.19 39.28
CA SER B 80 -17.58 -16.83 40.31
C SER B 80 -18.70 -17.66 39.73
N LEU B 81 -19.06 -17.40 38.48
CA LEU B 81 -20.17 -18.08 37.85
C LEU B 81 -19.72 -19.29 37.04
N THR B 82 -18.46 -19.34 36.60
CA THR B 82 -18.05 -20.34 35.63
C THR B 82 -16.89 -21.21 36.11
N THR B 83 -15.85 -20.61 36.65
CA THR B 83 -14.63 -21.35 36.93
C THR B 83 -14.90 -22.26 38.10
N ASP B 84 -15.38 -23.47 37.82
CA ASP B 84 -15.82 -24.41 38.84
C ASP B 84 -15.20 -25.76 38.57
N ILE B 85 -14.27 -26.17 39.43
CA ILE B 85 -13.79 -27.54 39.45
C ILE B 85 -14.92 -28.53 39.61
N GLU B 86 -15.98 -28.13 40.28
CA GLU B 86 -17.22 -28.88 40.39
C GLU B 86 -17.63 -29.33 38.99
N PRO B 87 -17.60 -30.63 38.69
CA PRO B 87 -18.05 -31.07 37.37
C PRO B 87 -19.44 -30.59 37.05
N MET B 88 -19.53 -29.75 36.03
CA MET B 88 -20.80 -29.19 35.61
C MET B 88 -21.28 -29.89 34.34
N TYR B 89 -22.52 -29.64 34.00
CA TYR B 89 -23.12 -30.16 32.78
C TYR B 89 -23.37 -28.97 31.86
N LEU B 90 -22.59 -28.90 30.80
CA LEU B 90 -22.73 -27.86 29.81
C LEU B 90 -23.77 -28.27 28.78
N ARG B 91 -24.58 -27.31 28.36
CA ARG B 91 -25.48 -27.49 27.24
C ARG B 91 -25.27 -26.35 26.27
N GLU B 92 -25.10 -26.71 25.00
CA GLU B 92 -24.87 -25.75 23.95
C GLU B 92 -26.19 -25.19 23.45
N ILE B 93 -26.14 -23.96 22.96
CA ILE B 93 -27.30 -23.29 22.40
C ILE B 93 -26.88 -22.64 21.10
N ARG B 94 -27.79 -22.63 20.14
CA ARG B 94 -27.61 -21.94 18.88
C ARG B 94 -28.83 -21.10 18.62
N ARG B 95 -28.74 -20.30 17.57
CA ARG B 95 -29.89 -19.64 16.99
C ARG B 95 -30.30 -20.36 15.72
N LYS B 96 -31.54 -20.12 15.33
CA LYS B 96 -32.09 -20.68 14.11
C LYS B 96 -31.93 -19.76 12.91
N GLU B 97 -31.41 -18.56 13.12
CA GLU B 97 -31.39 -17.54 12.08
C GLU B 97 -30.50 -16.41 12.55
N GLU B 98 -29.84 -15.75 11.60
CA GLU B 98 -29.12 -14.51 11.88
C GLU B 98 -30.16 -13.40 11.83
N LEU B 99 -30.68 -13.01 12.99
CA LEU B 99 -31.81 -12.10 13.03
C LEU B 99 -31.37 -10.68 12.77
N ASN B 100 -32.22 -9.95 12.07
CA ASN B 100 -32.06 -8.55 11.79
C ASN B 100 -33.18 -7.77 12.45
N TYR B 101 -33.01 -6.46 12.47
CA TYR B 101 -34.11 -5.58 12.80
C TYR B 101 -35.13 -5.62 11.66
N ARG B 102 -36.40 -5.57 12.02
CA ARG B 102 -37.46 -5.64 11.04
C ARG B 102 -37.88 -4.25 10.61
N PHE B 103 -38.67 -4.21 9.54
CA PHE B 103 -39.20 -2.94 9.07
C PHE B 103 -40.08 -2.30 10.13
N THR B 104 -40.04 -0.97 10.16
CA THR B 104 -40.86 -0.20 11.10
C THR B 104 -41.37 1.02 10.35
N GLN B 105 -41.83 2.02 11.09
CA GLN B 105 -42.40 3.23 10.50
C GLN B 105 -41.87 4.45 11.24
N PRO B 106 -41.19 5.40 10.56
CA PRO B 106 -40.68 6.58 11.27
C PRO B 106 -41.70 7.70 11.35
N THR B 107 -42.78 7.45 12.09
CA THR B 107 -43.89 8.37 12.25
C THR B 107 -44.12 8.67 13.71
N SER B 108 -43.05 8.89 14.45
CA SER B 108 -43.11 9.14 15.89
C SER B 108 -43.80 7.99 16.61
N ASP B 109 -43.60 6.79 16.09
CA ASP B 109 -44.28 5.61 16.57
C ASP B 109 -43.53 4.42 16.00
N ASP B 110 -43.82 3.24 16.56
CA ASP B 110 -43.15 2.01 16.17
C ASP B 110 -41.64 2.13 16.32
N TYR B 111 -41.20 2.90 17.31
CA TYR B 111 -39.80 3.04 17.64
C TYR B 111 -39.19 1.69 18.01
N VAL B 112 -37.87 1.69 18.14
CA VAL B 112 -37.11 0.48 18.37
C VAL B 112 -36.87 0.31 19.86
N LYS B 113 -36.67 -0.93 20.27
CA LYS B 113 -36.39 -1.27 21.65
C LYS B 113 -34.90 -1.42 21.86
N LEU B 114 -34.51 -1.40 23.13
CA LEU B 114 -33.13 -1.62 23.51
C LEU B 114 -33.08 -2.53 24.73
N ASP B 115 -32.14 -3.47 24.69
CA ASP B 115 -31.99 -4.43 25.77
C ASP B 115 -31.51 -3.72 27.04
N LYS B 116 -31.45 -4.50 28.12
CA LYS B 116 -30.81 -4.02 29.34
C LYS B 116 -29.39 -3.55 29.05
N ASN B 117 -28.66 -4.29 28.24
CA ASN B 117 -27.45 -3.78 27.63
C ASN B 117 -27.82 -2.94 26.42
N ASN B 118 -27.00 -1.93 26.15
CA ASN B 118 -27.29 -0.99 25.08
C ASN B 118 -27.06 -1.69 23.75
N PHE B 119 -28.07 -2.44 23.31
CA PHE B 119 -28.06 -3.09 22.02
C PHE B 119 -29.45 -3.03 21.43
N PRO B 120 -29.59 -3.23 20.12
CA PRO B 120 -30.92 -3.23 19.51
C PRO B 120 -31.59 -4.59 19.59
N ASP B 121 -32.75 -4.64 20.21
CA ASP B 121 -33.50 -5.87 20.35
C ASP B 121 -34.09 -6.25 19.00
N TYR B 122 -33.42 -7.14 18.28
CA TYR B 122 -34.00 -7.73 17.09
C TYR B 122 -35.04 -8.80 17.42
N GLU B 123 -35.10 -9.25 18.68
CA GLU B 123 -36.01 -10.33 19.06
C GLU B 123 -37.35 -9.71 19.42
N TYR B 124 -38.15 -9.48 18.38
CA TYR B 124 -39.46 -8.86 18.55
C TYR B 124 -40.46 -9.85 19.11
N SER B 125 -40.56 -11.02 18.50
CA SER B 125 -41.57 -12.01 18.86
C SER B 125 -41.01 -13.05 19.81
N ARG B 126 -41.93 -13.81 20.40
CA ARG B 126 -41.56 -14.90 21.30
C ARG B 126 -40.67 -15.90 20.62
N HIS B 127 -40.90 -16.16 19.33
CA HIS B 127 -40.21 -17.22 18.61
C HIS B 127 -38.89 -16.77 18.03
N ASP B 128 -38.32 -15.68 18.55
CA ASP B 128 -37.04 -15.16 18.08
C ASP B 128 -35.86 -15.72 18.87
N GLN B 129 -36.00 -15.85 20.18
CA GLN B 129 -34.85 -16.11 21.01
C GLN B 129 -34.35 -17.53 20.80
N GLN B 130 -33.24 -17.86 21.47
CA GLN B 130 -32.45 -19.02 21.11
C GLN B 130 -33.05 -20.28 21.71
N ILE B 131 -32.41 -21.41 21.39
CA ILE B 131 -32.96 -22.74 21.67
C ILE B 131 -31.85 -23.67 22.10
N TYR B 132 -32.21 -24.64 22.92
CA TYR B 132 -31.30 -25.75 23.18
C TYR B 132 -31.20 -26.54 21.88
N VAL B 133 -30.12 -26.33 21.15
CA VAL B 133 -29.97 -26.90 19.80
C VAL B 133 -30.02 -28.41 19.82
N ASN B 134 -29.68 -29.05 20.94
CA ASN B 134 -29.65 -30.49 20.98
C ASN B 134 -29.93 -30.99 22.39
N GLY B 135 -30.48 -32.20 22.46
CA GLY B 135 -30.85 -32.78 23.72
C GLY B 135 -29.73 -33.58 24.33
N LYS B 136 -28.60 -32.92 24.56
CA LYS B 136 -27.46 -33.55 25.19
C LYS B 136 -26.72 -32.51 26.00
N GLN B 137 -25.75 -33.00 26.77
CA GLN B 137 -24.95 -32.16 27.63
C GLN B 137 -23.51 -32.64 27.55
N TYR B 138 -22.66 -32.10 28.41
CA TYR B 138 -21.26 -32.48 28.47
C TYR B 138 -20.77 -32.28 29.89
N LYS B 139 -20.08 -33.28 30.44
CA LYS B 139 -19.53 -33.14 31.78
C LYS B 139 -18.19 -32.43 31.70
N VAL B 140 -18.13 -31.23 32.29
CA VAL B 140 -17.17 -30.21 31.88
C VAL B 140 -16.57 -29.51 33.10
N ILE B 141 -15.31 -29.08 32.92
CA ILE B 141 -14.53 -28.32 33.90
C ILE B 141 -13.79 -27.22 33.14
N PHE B 142 -13.45 -26.15 33.86
CA PHE B 142 -12.84 -24.95 33.30
C PHE B 142 -11.31 -25.01 33.36
N ASN B 143 -10.67 -24.29 32.43
CA ASN B 143 -9.23 -24.06 32.43
C ASN B 143 -8.95 -22.58 32.19
N GLY B 144 -7.73 -22.15 32.53
CA GLY B 144 -7.34 -20.75 32.68
C GLY B 144 -7.76 -19.75 31.62
N VAL B 145 -8.11 -18.53 32.05
CA VAL B 145 -8.58 -17.45 31.19
C VAL B 145 -7.80 -16.18 31.49
N ILE B 146 -7.61 -15.38 30.46
CA ILE B 146 -7.15 -14.01 30.57
C ILE B 146 -8.25 -13.11 30.01
N ASN B 147 -8.26 -11.86 30.45
CA ASN B 147 -9.31 -10.91 30.12
C ASN B 147 -8.74 -9.64 29.50
N PRO B 148 -8.46 -9.67 28.20
CA PRO B 148 -8.08 -8.42 27.53
C PRO B 148 -9.27 -7.47 27.44
N LYS B 149 -9.05 -6.24 27.87
CA LYS B 149 -10.06 -5.19 27.80
C LYS B 149 -9.79 -4.36 26.55
N GLN B 150 -10.53 -4.64 25.49
CA GLN B 150 -10.65 -3.66 24.44
C GLN B 150 -11.40 -2.45 24.98
N LYS B 151 -11.42 -1.43 24.16
CA LYS B 151 -11.87 -0.10 24.55
C LYS B 151 -13.25 -0.07 25.22
N GLY B 152 -13.45 1.01 25.96
CA GLY B 152 -14.77 1.35 26.43
C GLY B 152 -15.15 0.42 27.52
N ASN B 153 -16.35 -0.13 27.41
CA ASN B 153 -16.86 -1.08 28.36
C ASN B 153 -16.87 -2.51 27.80
N LYS B 154 -16.30 -2.72 26.63
CA LYS B 154 -16.21 -4.02 26.01
C LYS B 154 -14.96 -4.73 26.50
N VAL B 155 -15.12 -5.93 27.03
CA VAL B 155 -13.98 -6.75 27.39
C VAL B 155 -14.24 -8.17 26.94
N SER B 156 -13.20 -8.83 26.45
CA SER B 156 -13.29 -10.20 25.96
C SER B 156 -12.71 -11.17 26.98
N PHE B 157 -13.13 -12.41 26.86
CA PHE B 157 -12.66 -13.53 27.64
C PHE B 157 -12.61 -14.73 26.73
N GLU B 158 -11.75 -15.68 27.07
CA GLU B 158 -11.56 -16.88 26.28
C GLU B 158 -11.64 -18.10 27.19
N LEU B 159 -12.85 -18.59 27.42
CA LEU B 159 -13.04 -19.78 28.22
C LEU B 159 -12.53 -21.01 27.48
N LYS B 160 -11.86 -21.88 28.22
CA LYS B 160 -11.32 -23.13 27.67
C LYS B 160 -11.81 -24.24 28.58
N PHE B 161 -12.92 -24.83 28.21
CA PHE B 161 -13.50 -25.91 28.96
C PHE B 161 -12.95 -27.25 28.48
N GLU B 162 -13.21 -28.29 29.26
CA GLU B 162 -12.60 -29.58 29.05
C GLU B 162 -13.48 -30.65 29.65
N THR B 163 -13.52 -31.81 29.00
CA THR B 163 -14.35 -32.88 29.49
C THR B 163 -13.80 -33.43 30.79
N THR B 164 -14.69 -33.96 31.61
CA THR B 164 -14.37 -34.38 32.97
C THR B 164 -14.03 -35.86 33.07
N GLU B 165 -15.01 -36.73 32.80
CA GLU B 165 -14.88 -38.16 33.02
C GLU B 165 -14.69 -38.91 31.73
N LEU B 166 -15.63 -38.72 30.80
CA LEU B 166 -15.69 -39.51 29.59
C LEU B 166 -15.86 -38.56 28.40
N PRO B 167 -15.02 -38.67 27.37
CA PRO B 167 -15.16 -37.76 26.24
C PRO B 167 -16.32 -38.13 25.33
N TYR B 168 -17.52 -37.79 25.76
CA TYR B 168 -18.72 -38.12 25.00
C TYR B 168 -19.81 -37.10 25.24
N GLY B 169 -20.74 -37.08 24.29
CA GLY B 169 -21.91 -36.24 24.35
C GLY B 169 -23.06 -36.92 25.03
N GLU B 170 -22.98 -36.98 26.36
CA GLU B 170 -24.04 -37.55 27.16
C GLU B 170 -25.40 -36.96 26.80
N SER B 171 -26.32 -37.83 26.45
CA SER B 171 -27.67 -37.43 26.14
C SER B 171 -28.44 -37.24 27.44
N ILE B 172 -29.11 -36.12 27.55
CA ILE B 172 -29.87 -35.84 28.75
C ILE B 172 -31.17 -36.63 28.69
N GLY B 173 -31.67 -36.99 29.86
CA GLY B 173 -32.87 -37.79 29.94
C GLY B 173 -32.57 -39.23 29.64
N THR B 174 -33.28 -40.13 30.30
CA THR B 174 -33.01 -41.55 30.15
C THR B 174 -33.63 -42.03 28.85
N SER B 175 -33.70 -43.35 28.70
CA SER B 175 -34.45 -43.96 27.64
C SER B 175 -35.88 -44.29 28.02
N LEU B 176 -36.23 -44.17 29.30
CA LEU B 176 -37.61 -44.37 29.71
C LEU B 176 -38.47 -43.15 29.45
N GLU B 177 -37.90 -41.95 29.57
CA GLU B 177 -38.61 -40.77 29.12
C GLU B 177 -38.92 -40.86 27.63
N LEU B 178 -38.09 -41.57 26.89
CA LEU B 178 -38.46 -41.96 25.54
C LEU B 178 -39.64 -42.92 25.56
N GLU B 179 -39.63 -43.86 26.48
CA GLU B 179 -40.71 -44.82 26.60
C GLU B 179 -42.01 -44.11 26.95
N GLU B 180 -42.05 -43.51 28.14
CA GLU B 180 -43.22 -42.74 28.57
C GLU B 180 -42.99 -41.30 28.13
N ASN B 181 -43.83 -40.83 27.20
CA ASN B 181 -43.68 -39.50 26.64
C ASN B 181 -44.24 -38.46 27.60
N LYS B 182 -43.60 -38.39 28.77
CA LYS B 182 -44.01 -37.49 29.84
C LYS B 182 -43.21 -36.20 29.81
N LYS B 183 -41.90 -36.31 29.88
CA LYS B 183 -41.05 -35.14 29.83
C LYS B 183 -40.90 -34.68 28.40
N VAL B 184 -40.94 -33.37 28.23
CA VAL B 184 -40.99 -32.73 26.92
C VAL B 184 -39.77 -31.86 26.79
N GLY B 185 -39.27 -31.72 25.57
CA GLY B 185 -37.92 -31.28 25.36
C GLY B 185 -37.01 -32.49 25.26
N LEU B 186 -35.72 -32.23 25.45
CA LEU B 186 -34.68 -33.24 25.64
C LEU B 186 -34.69 -34.33 24.57
N TRP B 187 -35.23 -34.06 23.39
CA TRP B 187 -35.23 -35.03 22.30
C TRP B 187 -35.11 -34.26 20.99
N SER B 188 -33.89 -34.16 20.50
CA SER B 188 -33.60 -33.44 19.28
C SER B 188 -33.50 -34.39 18.11
N PHE B 189 -33.64 -33.83 16.92
CA PHE B 189 -33.65 -34.63 15.70
C PHE B 189 -32.28 -35.16 15.34
N ASP B 190 -31.22 -34.74 16.03
CA ASP B 190 -29.93 -35.39 15.85
C ASP B 190 -30.04 -36.89 16.10
N PHE B 191 -30.95 -37.27 16.98
CA PHE B 191 -31.23 -38.67 17.25
C PHE B 191 -32.34 -39.07 16.30
N ASN B 192 -32.06 -40.02 15.43
CA ASN B 192 -33.06 -40.46 14.46
C ASN B 192 -34.03 -41.38 15.18
N ILE B 193 -35.11 -40.77 15.68
CA ILE B 193 -36.08 -41.42 16.55
C ILE B 193 -37.42 -41.46 15.85
N ASP B 194 -37.99 -42.65 15.77
CA ASP B 194 -39.31 -42.79 15.19
C ASP B 194 -40.37 -42.18 16.10
N TRP B 195 -41.43 -41.66 15.50
CA TRP B 195 -42.55 -41.15 16.28
C TRP B 195 -43.40 -42.25 16.87
N HIS B 196 -43.29 -43.48 16.40
CA HIS B 196 -44.22 -44.55 16.79
C HIS B 196 -43.91 -44.95 18.23
N ALA B 197 -44.30 -44.08 19.16
CA ALA B 197 -44.15 -44.40 20.57
C ALA B 197 -44.98 -45.62 20.90
N GLY B 198 -44.36 -46.57 21.58
CA GLY B 198 -44.91 -47.88 21.75
C GLY B 198 -44.52 -48.84 20.63
N GLY B 199 -44.06 -48.33 19.50
CA GLY B 199 -43.57 -49.17 18.44
C GLY B 199 -42.16 -49.61 18.70
N ASP B 200 -41.61 -50.35 17.75
CA ASP B 200 -40.24 -50.79 17.86
C ASP B 200 -39.30 -49.59 17.84
N LYS B 201 -38.08 -49.82 18.30
CA LYS B 201 -37.00 -48.84 18.38
C LYS B 201 -37.34 -47.62 19.23
N ARG B 202 -38.40 -47.69 20.02
CA ARG B 202 -38.64 -46.79 21.12
C ARG B 202 -38.76 -47.50 22.44
N LYS B 203 -39.05 -48.80 22.41
CA LYS B 203 -39.46 -49.52 23.60
C LYS B 203 -38.26 -50.20 24.24
N TYR B 204 -38.15 -50.05 25.54
CA TYR B 204 -37.18 -50.74 26.37
C TYR B 204 -37.89 -51.34 27.56
N THR B 205 -39.03 -51.94 27.31
CA THR B 205 -39.88 -52.52 28.35
C THR B 205 -40.64 -53.68 27.71
N PHE B 206 -40.08 -54.88 27.82
CA PHE B 206 -40.62 -56.07 27.20
C PHE B 206 -41.11 -57.03 28.26
N GLU B 207 -41.94 -57.99 27.83
CA GLU B 207 -42.62 -58.89 28.73
C GLU B 207 -42.70 -60.27 28.10
N ASN B 208 -42.35 -61.30 28.88
CA ASN B 208 -42.60 -62.69 28.50
C ASN B 208 -41.91 -63.05 27.18
N LEU B 209 -40.59 -62.99 27.20
CA LEU B 209 -39.81 -63.23 25.99
C LEU B 209 -38.51 -63.91 26.32
N SER B 210 -38.13 -64.86 25.47
CA SER B 210 -36.82 -65.47 25.54
C SER B 210 -35.76 -64.62 24.86
N LYS B 211 -36.17 -63.86 23.84
CA LYS B 211 -35.25 -63.09 23.02
C LYS B 211 -36.00 -61.89 22.48
N GLY B 212 -35.28 -60.79 22.32
CA GLY B 212 -35.90 -59.55 21.89
C GLY B 212 -34.88 -58.63 21.27
N THR B 213 -35.37 -57.48 20.83
CA THR B 213 -34.62 -56.58 19.97
C THR B 213 -34.54 -55.21 20.62
N VAL B 214 -33.41 -54.55 20.44
CA VAL B 214 -33.16 -53.23 21.01
C VAL B 214 -32.47 -52.39 19.96
N TYR B 215 -32.90 -51.13 19.83
CA TYR B 215 -32.25 -50.16 18.97
C TYR B 215 -31.60 -49.10 19.86
N TYR B 216 -30.28 -49.18 19.98
CA TYR B 216 -29.52 -48.17 20.69
C TYR B 216 -29.24 -47.05 19.71
N HIS B 217 -29.96 -45.94 19.86
CA HIS B 217 -29.85 -44.80 18.95
C HIS B 217 -28.52 -44.09 19.04
N GLY B 218 -27.70 -44.38 20.04
CA GLY B 218 -26.45 -43.69 20.19
C GLY B 218 -25.32 -44.21 19.33
N SER B 219 -24.71 -43.31 18.56
CA SER B 219 -23.60 -43.69 17.71
C SER B 219 -22.44 -44.22 18.54
N ALA B 220 -22.11 -43.55 19.62
CA ALA B 220 -21.04 -44.05 20.45
C ALA B 220 -21.53 -45.27 21.23
N PRO B 221 -20.62 -46.20 21.56
CA PRO B 221 -21.04 -47.43 22.21
C PRO B 221 -21.07 -47.28 23.72
N ASN B 222 -22.13 -47.82 24.32
CA ASN B 222 -22.26 -47.83 25.77
C ASN B 222 -21.68 -49.13 26.32
N ASP B 223 -20.36 -49.24 26.18
CA ASP B 223 -19.60 -50.26 26.89
C ASP B 223 -19.04 -49.75 28.20
N GLN B 224 -18.81 -48.45 28.33
CA GLN B 224 -18.18 -47.96 29.54
C GLN B 224 -19.18 -47.98 30.68
N PHE B 225 -18.72 -48.46 31.82
CA PHE B 225 -19.55 -48.57 33.01
C PHE B 225 -19.97 -47.22 33.56
N ASN B 226 -19.10 -46.21 33.46
CA ASN B 226 -19.44 -44.88 33.98
C ASN B 226 -20.75 -44.35 33.41
N MET B 227 -21.10 -44.78 32.21
CA MET B 227 -22.40 -44.45 31.66
C MET B 227 -23.50 -45.10 32.48
N TYR B 228 -24.68 -44.49 32.45
CA TYR B 228 -25.80 -44.90 33.30
C TYR B 228 -26.62 -46.00 32.64
N LYS B 229 -25.95 -47.07 32.19
CA LYS B 229 -26.67 -48.23 31.69
C LYS B 229 -27.16 -49.01 32.88
N LYS B 230 -28.47 -49.22 32.97
CA LYS B 230 -29.06 -49.83 34.14
C LYS B 230 -30.26 -50.66 33.70
N ILE B 231 -30.20 -51.95 34.02
CA ILE B 231 -31.19 -52.93 33.63
C ILE B 231 -31.91 -53.40 34.88
N THR B 232 -33.15 -53.84 34.72
CA THR B 232 -33.86 -54.49 35.80
C THR B 232 -34.85 -55.46 35.20
N ILE B 233 -34.85 -56.69 35.71
CA ILE B 233 -35.54 -57.80 35.12
C ILE B 233 -36.29 -58.59 36.18
N ILE B 234 -37.56 -58.84 35.94
CA ILE B 234 -38.33 -59.82 36.70
C ILE B 234 -38.20 -61.14 35.96
N LEU B 235 -37.58 -62.11 36.62
CA LEU B 235 -36.99 -63.25 35.95
C LEU B 235 -38.02 -64.22 35.38
N GLY B 236 -39.27 -64.12 35.79
CA GLY B 236 -40.30 -64.96 35.17
C GLY B 236 -40.38 -66.40 35.57
N GLU B 237 -39.25 -67.10 35.60
CA GLU B 237 -39.23 -68.53 35.83
C GLU B 237 -38.09 -68.87 36.77
N ASP B 238 -38.40 -69.72 37.76
CA ASP B 238 -37.39 -70.19 38.69
C ASP B 238 -36.27 -70.91 37.97
N THR B 239 -35.09 -70.88 38.56
CA THR B 239 -33.93 -71.57 38.00
C THR B 239 -32.84 -71.63 39.05
N GLU B 240 -31.81 -72.42 38.76
CA GLU B 240 -30.61 -72.50 39.56
C GLU B 240 -29.46 -71.70 38.95
N SER B 241 -29.39 -71.65 37.62
CA SER B 241 -28.44 -70.85 36.88
C SER B 241 -29.20 -69.96 35.91
N PHE B 242 -28.54 -68.91 35.43
CA PHE B 242 -29.22 -67.93 34.59
C PHE B 242 -28.22 -67.28 33.64
N VAL B 243 -28.27 -67.66 32.37
CA VAL B 243 -27.40 -67.13 31.35
C VAL B 243 -28.23 -66.20 30.47
N TRP B 244 -27.62 -65.11 30.04
CA TRP B 244 -28.16 -64.35 28.93
C TRP B 244 -27.03 -63.80 28.08
N ASN B 245 -27.23 -63.93 26.78
CA ASN B 245 -26.29 -63.55 25.75
C ASN B 245 -26.72 -62.22 25.13
N LEU B 246 -25.80 -61.61 24.41
CA LEU B 246 -26.07 -60.33 23.80
C LEU B 246 -25.02 -60.07 22.74
N THR B 247 -25.43 -59.37 21.69
CA THR B 247 -24.57 -59.08 20.55
C THR B 247 -24.03 -57.66 20.63
N HIS B 248 -22.85 -57.47 20.04
CA HIS B 248 -22.01 -56.31 20.30
C HIS B 248 -21.59 -56.25 21.76
N ALA B 249 -21.49 -57.41 22.39
CA ALA B 249 -21.09 -57.51 23.78
C ALA B 249 -20.68 -58.95 24.04
N GLU B 250 -20.53 -59.29 25.32
CA GLU B 250 -20.09 -60.60 25.75
C GLU B 250 -21.27 -61.39 26.31
N ILE B 251 -21.01 -62.67 26.54
CA ILE B 251 -21.97 -63.54 27.22
C ILE B 251 -21.97 -63.22 28.72
N MET B 252 -23.12 -63.44 29.36
CA MET B 252 -23.25 -63.24 30.79
C MET B 252 -23.87 -64.47 31.43
N LYS B 253 -23.28 -64.93 32.52
CA LYS B 253 -23.82 -66.00 33.33
C LYS B 253 -24.08 -65.49 34.73
N ILE B 254 -24.99 -66.16 35.41
CA ILE B 254 -25.14 -66.08 36.86
C ILE B 254 -25.29 -67.52 37.31
N GLU B 255 -24.18 -68.14 37.72
CA GLU B 255 -24.15 -69.51 38.19
C GLU B 255 -23.76 -69.52 39.66
N GLY B 256 -24.12 -70.59 40.34
CA GLY B 256 -23.68 -70.83 41.70
C GLY B 256 -24.59 -70.28 42.76
N ILE B 257 -25.56 -69.45 42.39
CA ILE B 257 -26.57 -68.95 43.30
C ILE B 257 -27.93 -69.33 42.76
N LYS B 258 -28.81 -69.80 43.64
CA LYS B 258 -30.15 -70.19 43.25
C LYS B 258 -31.09 -68.99 43.39
N LEU B 259 -32.00 -68.87 42.45
CA LEU B 259 -32.91 -67.75 42.33
C LEU B 259 -34.35 -68.26 42.43
N LYS B 260 -35.30 -67.35 42.25
CA LYS B 260 -36.71 -67.69 42.11
C LYS B 260 -37.32 -66.82 41.03
N ALA B 261 -38.51 -67.23 40.57
CA ALA B 261 -39.14 -66.57 39.43
C ALA B 261 -39.45 -65.12 39.73
N GLY B 262 -40.33 -64.88 40.71
CA GLY B 262 -40.77 -63.53 41.02
C GLY B 262 -39.69 -62.63 41.55
N ASP B 263 -38.55 -63.17 41.95
CA ASP B 263 -37.44 -62.34 42.37
C ASP B 263 -36.91 -61.55 41.18
N ARG B 264 -36.50 -60.31 41.46
CA ARG B 264 -36.02 -59.40 40.45
C ARG B 264 -34.54 -59.14 40.63
N ILE B 265 -33.87 -58.93 39.51
CA ILE B 265 -32.46 -58.58 39.48
C ILE B 265 -32.35 -57.16 38.97
N VAL B 266 -31.62 -56.32 39.70
CA VAL B 266 -31.20 -55.02 39.19
C VAL B 266 -29.78 -55.20 38.72
N TYR B 267 -29.60 -55.13 37.43
CA TYR B 267 -28.30 -55.33 36.80
C TYR B 267 -27.77 -53.95 36.44
N ASP B 268 -27.04 -53.37 37.37
CA ASP B 268 -26.34 -52.14 37.09
C ASP B 268 -25.02 -52.45 36.41
N SER B 269 -24.37 -51.40 35.93
CA SER B 269 -23.08 -51.54 35.29
C SER B 269 -22.10 -52.24 36.23
N PHE B 270 -21.46 -53.29 35.71
CA PHE B 270 -20.56 -54.20 36.44
C PHE B 270 -21.05 -54.50 37.85
N ARG B 271 -22.36 -54.64 38.03
CA ARG B 271 -22.87 -54.79 39.37
C ARG B 271 -24.25 -55.41 39.34
N VAL B 272 -24.53 -56.22 40.34
CA VAL B 272 -25.71 -57.08 40.35
C VAL B 272 -26.34 -57.02 41.73
N TYR B 273 -27.50 -56.37 41.83
CA TYR B 273 -28.34 -56.51 43.00
C TYR B 273 -29.23 -57.73 42.78
N LYS B 274 -29.05 -58.74 43.64
CA LYS B 274 -29.88 -59.94 43.55
C LYS B 274 -31.33 -59.62 43.81
N ASN B 275 -31.61 -58.78 44.80
CA ASN B 275 -32.97 -58.36 45.10
C ASN B 275 -32.99 -56.91 45.51
N GLY B 276 -32.18 -56.08 44.86
CA GLY B 276 -32.17 -54.66 45.08
C GLY B 276 -31.12 -54.19 46.06
N VAL B 277 -30.74 -55.05 47.00
CA VAL B 277 -29.67 -54.79 47.94
C VAL B 277 -28.90 -56.09 48.15
N GLU B 278 -27.82 -56.00 48.91
CA GLU B 278 -26.97 -57.16 49.22
C GLU B 278 -26.48 -57.79 47.91
N ILE B 279 -25.59 -57.05 47.28
CA ILE B 279 -25.20 -57.34 45.91
C ILE B 279 -24.49 -58.67 45.86
N SER B 280 -24.95 -59.55 44.98
CA SER B 280 -24.33 -60.85 44.73
C SER B 280 -23.75 -60.79 43.33
N THR B 281 -22.51 -60.30 43.26
CA THR B 281 -21.87 -59.97 42.00
C THR B 281 -20.60 -60.79 41.79
N GLU B 282 -20.55 -61.98 42.38
CA GLU B 282 -19.39 -62.85 42.18
C GLU B 282 -19.47 -63.63 40.88
N THR B 283 -20.65 -63.73 40.28
CA THR B 283 -20.91 -64.68 39.20
C THR B 283 -20.64 -64.03 37.86
N ASN B 284 -19.50 -64.39 37.24
CA ASN B 284 -19.21 -64.02 35.86
C ASN B 284 -19.24 -62.49 35.70
N ILE B 285 -18.22 -61.86 36.24
CA ILE B 285 -18.19 -60.40 36.18
C ILE B 285 -17.94 -60.02 34.72
N SER B 286 -19.02 -59.65 34.05
CA SER B 286 -19.04 -59.24 32.65
C SER B 286 -20.10 -58.19 32.50
N GLN B 287 -19.76 -57.11 31.84
CA GLN B 287 -20.68 -56.01 31.69
C GLN B 287 -21.16 -55.91 30.24
N PRO B 288 -22.41 -55.56 30.00
CA PRO B 288 -22.96 -55.59 28.65
C PRO B 288 -22.68 -54.28 27.94
N LYS B 289 -22.76 -54.33 26.63
CA LYS B 289 -22.26 -53.26 25.78
C LYS B 289 -23.22 -53.04 24.64
N PHE B 290 -23.82 -51.87 24.60
CA PHE B 290 -24.69 -51.45 23.51
C PHE B 290 -23.90 -50.56 22.57
N LYS B 291 -23.80 -50.95 21.30
CA LYS B 291 -22.95 -50.25 20.36
C LYS B 291 -23.73 -49.20 19.58
N TYR B 292 -24.68 -49.65 18.77
CA TYR B 292 -25.57 -48.77 18.01
C TYR B 292 -26.60 -49.60 17.27
N GLY B 293 -27.80 -49.06 17.12
CA GLY B 293 -28.80 -49.77 16.36
C GLY B 293 -29.16 -51.07 17.03
N ALA B 294 -29.35 -52.11 16.21
CA ALA B 294 -29.85 -53.37 16.70
C ALA B 294 -28.87 -53.98 17.69
N ASN B 295 -29.33 -54.16 18.92
CA ASN B 295 -28.62 -54.88 19.96
C ASN B 295 -29.56 -55.98 20.44
N LYS B 296 -29.48 -57.11 19.78
CA LYS B 296 -30.35 -58.24 20.06
C LYS B 296 -29.87 -59.00 21.29
N PHE B 297 -30.77 -59.25 22.22
CA PHE B 297 -30.48 -60.05 23.39
C PHE B 297 -31.19 -61.40 23.29
N GLU B 298 -30.67 -62.36 24.04
CA GLU B 298 -31.26 -63.70 24.09
C GLU B 298 -31.13 -64.22 25.51
N PHE B 299 -32.25 -64.28 26.21
CA PHE B 299 -32.33 -64.91 27.51
C PHE B 299 -32.46 -66.41 27.30
N ASN B 300 -32.82 -67.16 28.34
CA ASN B 300 -32.95 -68.61 28.23
C ASN B 300 -34.22 -69.19 28.82
N GLN B 301 -35.02 -68.45 29.62
CA GLN B 301 -36.22 -69.02 30.19
C GLN B 301 -37.40 -68.06 30.24
N THR B 302 -37.51 -67.14 29.27
CA THR B 302 -38.73 -66.35 29.08
C THR B 302 -39.04 -65.51 30.33
N VAL B 303 -38.19 -64.52 30.57
CA VAL B 303 -38.41 -63.60 31.68
C VAL B 303 -39.77 -62.94 31.53
N GLN B 304 -40.48 -62.80 32.64
CA GLN B 304 -41.79 -62.18 32.59
C GLN B 304 -41.69 -60.69 32.42
N LYS B 305 -40.56 -60.09 32.80
CA LYS B 305 -40.35 -58.69 32.49
C LYS B 305 -38.87 -58.40 32.36
N VAL B 306 -38.56 -57.57 31.38
CA VAL B 306 -37.28 -56.90 31.27
C VAL B 306 -37.59 -55.44 31.01
N GLN B 307 -36.83 -54.56 31.62
CA GLN B 307 -36.86 -53.17 31.17
C GLN B 307 -35.57 -52.54 31.64
N PHE B 308 -35.06 -51.64 30.82
CA PHE B 308 -33.78 -51.06 31.14
C PHE B 308 -33.66 -49.66 30.59
N ASP B 309 -33.27 -48.76 31.47
CA ASP B 309 -32.99 -47.39 31.10
C ASP B 309 -31.50 -47.23 30.92
N LEU B 310 -31.14 -46.32 30.03
CA LEU B 310 -29.75 -46.07 29.73
C LEU B 310 -29.66 -44.66 29.19
N LYS B 311 -28.43 -44.25 28.93
CA LYS B 311 -28.15 -42.93 28.40
C LYS B 311 -27.39 -43.07 27.10
N PHE B 312 -27.72 -42.24 26.15
CA PHE B 312 -27.15 -42.28 24.82
C PHE B 312 -25.95 -41.36 24.78
N TYR B 313 -24.88 -41.85 24.19
CA TYR B 313 -23.60 -41.15 24.18
C TYR B 313 -23.12 -41.05 22.74
N TYR B 314 -22.39 -39.98 22.46
CA TYR B 314 -22.17 -39.55 21.09
C TYR B 314 -20.75 -39.08 20.90
N LYS B 315 -20.29 -39.19 19.66
CA LYS B 315 -18.93 -38.88 19.28
C LYS B 315 -18.93 -38.15 17.96
N THR C 2 -13.84 -57.18 37.55
CA THR C 2 -12.63 -57.62 36.88
C THR C 2 -11.84 -58.55 37.79
N ILE C 3 -11.47 -58.05 38.96
CA ILE C 3 -10.65 -58.76 39.93
C ILE C 3 -11.51 -58.97 41.16
N THR C 4 -11.87 -60.21 41.44
CA THR C 4 -12.76 -60.52 42.55
C THR C 4 -11.92 -60.74 43.78
N ILE C 5 -12.07 -59.87 44.77
CA ILE C 5 -11.36 -59.97 46.03
C ILE C 5 -12.38 -60.12 47.15
N LYS C 6 -12.04 -60.96 48.12
CA LYS C 6 -12.92 -61.33 49.20
C LYS C 6 -12.12 -61.31 50.49
N PRO C 7 -12.75 -60.99 51.63
CA PRO C 7 -12.03 -61.14 52.89
C PRO C 7 -11.70 -62.60 53.12
N PRO C 8 -10.90 -62.90 54.15
CA PRO C 8 -10.67 -64.30 54.50
C PRO C 8 -11.91 -65.03 55.01
N LYS C 9 -13.04 -64.35 55.17
CA LYS C 9 -14.30 -64.97 55.60
C LYS C 9 -15.43 -64.46 54.72
N GLY C 10 -15.75 -65.21 53.66
CA GLY C 10 -17.05 -65.08 53.03
C GLY C 10 -17.14 -64.54 51.61
N ASN C 11 -17.71 -63.35 51.47
CA ASN C 11 -18.24 -62.89 50.21
C ASN C 11 -17.21 -62.14 49.38
N GLY C 12 -17.49 -62.04 48.08
CA GLY C 12 -16.60 -61.43 47.13
C GLY C 12 -17.05 -60.03 46.73
N ALA C 13 -16.14 -59.33 46.07
CA ALA C 13 -16.39 -58.01 45.55
C ALA C 13 -15.43 -57.73 44.41
N PRO C 14 -15.88 -57.34 43.23
CA PRO C 14 -14.95 -57.09 42.13
C PRO C 14 -14.45 -55.65 42.11
N VAL C 15 -13.27 -55.49 41.53
CA VAL C 15 -12.73 -54.15 41.26
C VAL C 15 -12.02 -54.16 39.91
N PRO C 16 -12.07 -53.04 39.17
CA PRO C 16 -11.22 -52.92 37.99
C PRO C 16 -9.90 -52.28 38.33
N VAL C 17 -8.80 -52.88 37.90
CA VAL C 17 -7.49 -52.33 38.16
C VAL C 17 -6.46 -53.00 37.27
N GLU C 18 -5.45 -52.25 36.86
CA GLU C 18 -4.39 -52.82 36.05
C GLU C 18 -3.51 -53.70 36.93
N THR C 19 -3.25 -54.91 36.46
CA THR C 19 -2.50 -55.92 37.17
C THR C 19 -1.16 -56.16 36.49
N THR C 20 -0.20 -56.61 37.29
CA THR C 20 1.13 -56.99 36.82
C THR C 20 1.44 -58.31 37.51
N LEU C 21 1.32 -59.41 36.79
CA LEU C 21 1.62 -60.73 37.30
C LEU C 21 3.00 -61.17 36.83
N VAL C 22 3.61 -62.04 37.61
CA VAL C 22 4.91 -62.62 37.30
C VAL C 22 4.89 -64.06 37.76
N LYS C 23 5.35 -64.95 36.89
CA LYS C 23 5.35 -66.38 37.14
C LYS C 23 6.69 -66.96 36.70
N LYS C 24 7.31 -67.71 37.58
CA LYS C 24 8.49 -68.49 37.28
C LYS C 24 8.13 -69.96 37.38
N VAL C 25 9.10 -70.81 37.03
CA VAL C 25 8.83 -72.25 36.96
C VAL C 25 8.56 -72.79 38.35
N ASN C 26 9.59 -72.74 39.20
CA ASN C 26 9.54 -73.24 40.56
C ASN C 26 9.44 -72.12 41.57
N ALA C 27 10.04 -70.97 41.29
CA ALA C 27 9.99 -69.88 42.24
C ALA C 27 8.58 -69.38 42.40
N ASP C 28 8.37 -68.74 43.55
CA ASP C 28 7.10 -68.12 43.88
C ASP C 28 6.66 -67.15 42.78
N GLY C 29 5.41 -67.27 42.37
CA GLY C 29 4.79 -66.23 41.58
C GLY C 29 4.37 -65.07 42.45
N VAL C 30 4.17 -63.93 41.81
CA VAL C 30 3.79 -62.73 42.54
C VAL C 30 3.04 -61.82 41.59
N LEU C 31 2.11 -61.04 42.14
CA LEU C 31 1.49 -59.98 41.37
C LEU C 31 1.49 -58.69 42.16
N THR C 32 1.13 -57.65 41.43
CA THR C 32 1.15 -56.28 41.93
C THR C 32 0.05 -55.51 41.23
N PHE C 33 -0.55 -54.56 41.93
CA PHE C 33 -1.49 -53.68 41.24
C PHE C 33 -1.76 -52.43 42.07
N ASP C 34 -2.46 -51.49 41.44
CA ASP C 34 -2.63 -50.13 41.96
C ASP C 34 -4.10 -49.71 41.82
N ILE C 35 -4.90 -50.00 42.84
CA ILE C 35 -6.25 -49.48 42.90
C ILE C 35 -6.18 -47.99 43.21
N LEU C 36 -7.25 -47.28 42.87
CA LEU C 36 -7.42 -45.89 43.23
C LEU C 36 -8.82 -45.63 43.73
N GLU C 37 -8.96 -44.63 44.58
CA GLU C 37 -10.26 -44.23 45.09
C GLU C 37 -11.14 -43.78 43.93
N ASN C 38 -12.43 -44.01 44.07
CA ASN C 38 -13.41 -43.63 43.07
C ASN C 38 -14.77 -43.57 43.73
N LYS C 39 -15.76 -43.11 42.98
CA LYS C 39 -17.13 -43.29 43.41
C LYS C 39 -17.44 -44.76 43.59
N TYR C 40 -16.95 -45.57 42.66
CA TYR C 40 -16.90 -47.00 42.83
C TYR C 40 -15.71 -47.34 43.72
N THR C 41 -15.62 -48.60 44.12
CA THR C 41 -14.45 -49.13 44.82
C THR C 41 -14.30 -48.57 46.24
N TYR C 42 -15.11 -47.59 46.64
CA TYR C 42 -14.92 -46.90 47.92
C TYR C 42 -15.13 -47.85 49.07
N GLU C 43 -16.21 -48.62 49.03
CA GLU C 43 -16.53 -49.56 50.10
C GLU C 43 -15.41 -50.56 50.31
N VAL C 44 -14.70 -50.91 49.24
CA VAL C 44 -13.60 -51.85 49.33
C VAL C 44 -12.34 -51.17 49.84
N ILE C 45 -11.88 -50.16 49.09
CA ILE C 45 -10.54 -49.60 49.27
C ILE C 45 -10.36 -49.06 50.68
N ASN C 46 -11.41 -48.49 51.25
CA ASN C 46 -11.36 -48.01 52.63
C ASN C 46 -11.52 -49.14 53.64
N ALA C 47 -11.65 -50.39 53.18
CA ALA C 47 -11.95 -51.51 54.05
C ALA C 47 -11.15 -52.76 53.70
N ILE C 48 -10.00 -52.62 53.04
CA ILE C 48 -9.12 -53.76 52.84
C ILE C 48 -8.17 -53.87 54.02
N GLY C 49 -8.10 -55.06 54.59
CA GLY C 49 -7.03 -55.43 55.47
C GLY C 49 -6.21 -56.47 54.76
N LYS C 50 -4.95 -56.60 55.13
CA LYS C 50 -4.06 -57.54 54.47
C LYS C 50 -4.57 -58.97 54.62
N ARG C 51 -3.96 -59.85 53.84
CA ARG C 51 -4.46 -61.20 53.61
C ARG C 51 -5.90 -61.18 53.10
N TRP C 52 -6.24 -60.15 52.34
CA TRP C 52 -7.42 -60.21 51.51
C TRP C 52 -7.13 -61.14 50.34
N ILE C 53 -8.13 -61.89 49.93
CA ILE C 53 -7.97 -63.01 49.03
C ILE C 53 -8.43 -62.57 47.65
N VAL C 54 -7.49 -62.49 46.73
CA VAL C 54 -7.73 -62.01 45.37
C VAL C 54 -7.84 -63.21 44.45
N SER C 55 -8.64 -63.08 43.40
CA SER C 55 -8.88 -64.19 42.49
C SER C 55 -9.63 -63.68 41.26
N HIS C 56 -9.92 -64.63 40.37
CA HIS C 56 -10.59 -64.38 39.10
C HIS C 56 -9.78 -63.41 38.24
N VAL C 57 -8.46 -63.55 38.31
CA VAL C 57 -7.59 -62.94 37.32
C VAL C 57 -7.77 -63.69 36.01
N GLU C 58 -7.55 -63.00 34.91
CA GLU C 58 -7.77 -63.53 33.57
C GLU C 58 -9.24 -63.85 33.31
N GLY C 59 -10.14 -63.19 34.03
CA GLY C 59 -11.55 -63.25 33.74
C GLY C 59 -12.27 -64.35 34.46
N GLU C 60 -13.23 -64.96 33.78
CA GLU C 60 -13.98 -66.11 34.29
C GLU C 60 -13.24 -67.41 34.02
N ASN C 61 -11.97 -67.43 34.40
CA ASN C 61 -11.05 -68.55 34.20
C ASN C 61 -9.77 -68.14 34.91
N ASP C 62 -8.87 -69.12 35.08
CA ASP C 62 -7.66 -68.92 35.85
C ASP C 62 -8.02 -68.44 37.26
N LYS C 63 -8.78 -69.27 37.96
CA LYS C 63 -9.23 -68.95 39.32
C LYS C 63 -8.13 -69.30 40.32
N LYS C 64 -6.96 -68.73 40.08
CA LYS C 64 -5.81 -68.96 40.93
C LYS C 64 -5.82 -67.89 42.00
N GLU C 65 -6.15 -68.32 43.20
CA GLU C 65 -6.47 -67.45 44.31
C GLU C 65 -5.17 -67.06 45.00
N TYR C 66 -4.89 -65.76 45.05
CA TYR C 66 -3.70 -65.22 45.70
C TYR C 66 -4.10 -64.40 46.92
N VAL C 67 -3.10 -63.95 47.66
CA VAL C 67 -3.30 -63.25 48.93
C VAL C 67 -2.37 -62.07 48.99
N ILE C 68 -2.85 -60.98 49.53
CA ILE C 68 -2.08 -59.75 49.65
C ILE C 68 -1.34 -59.75 50.96
N THR C 69 -0.13 -59.20 50.94
CA THR C 69 0.74 -59.16 52.11
C THR C 69 1.31 -57.76 52.33
N VAL C 70 1.52 -57.02 51.25
CA VAL C 70 1.98 -55.64 51.29
C VAL C 70 0.79 -54.74 50.98
N ILE C 71 0.73 -53.58 51.64
CA ILE C 71 -0.31 -52.60 51.38
C ILE C 71 0.30 -51.22 51.51
N ASP C 72 0.41 -50.52 50.40
CA ASP C 72 0.73 -49.10 50.35
C ASP C 72 -0.55 -48.32 50.19
N ARG C 73 -0.57 -47.10 50.74
CA ARG C 73 -1.71 -46.20 50.57
C ARG C 73 -1.17 -44.79 50.42
N LYS C 74 -1.30 -44.25 49.22
CA LYS C 74 -0.84 -42.91 48.90
C LYS C 74 -2.03 -41.98 48.72
N SER C 75 -1.77 -40.69 48.84
CA SER C 75 -2.77 -39.65 48.67
C SER C 75 -2.48 -38.87 47.39
N GLU C 76 -3.38 -38.96 46.42
CA GLU C 76 -3.27 -38.25 45.15
C GLU C 76 -4.49 -37.36 45.00
N GLY C 77 -4.26 -36.05 44.91
CA GLY C 77 -5.33 -35.08 44.84
C GLY C 77 -6.31 -35.23 45.99
N ASP C 78 -7.61 -35.18 45.65
CA ASP C 78 -8.67 -35.45 46.60
C ASP C 78 -9.07 -36.93 46.63
N ARG C 79 -8.13 -37.81 46.30
CA ARG C 79 -8.36 -39.24 46.22
C ARG C 79 -7.12 -39.94 46.74
N GLN C 80 -7.14 -41.26 46.75
CA GLN C 80 -6.04 -42.04 47.30
C GLN C 80 -5.82 -43.31 46.50
N LEU C 81 -4.55 -43.64 46.33
CA LEU C 81 -4.11 -44.86 45.67
C LEU C 81 -3.81 -45.93 46.69
N VAL C 82 -3.87 -47.17 46.21
CA VAL C 82 -3.46 -48.35 46.96
C VAL C 82 -2.63 -49.18 46.00
N GLU C 83 -1.32 -49.03 46.08
CA GLU C 83 -0.43 -50.04 45.53
C GLU C 83 -0.43 -51.24 46.46
N CYS C 84 -0.23 -52.42 45.88
CA CYS C 84 -0.25 -53.62 46.71
C CYS C 84 0.36 -54.78 45.94
N THR C 85 0.75 -55.79 46.71
CA THR C 85 1.46 -56.96 46.25
C THR C 85 0.68 -58.19 46.70
N ALA C 86 0.94 -59.34 46.06
CA ALA C 86 0.26 -60.55 46.48
C ALA C 86 1.00 -61.78 45.97
N ARG C 87 0.72 -62.90 46.64
CA ARG C 87 1.44 -64.16 46.47
C ARG C 87 0.45 -65.31 46.40
N GLU C 88 0.92 -66.43 45.86
CA GLU C 88 0.07 -67.60 45.69
C GLU C 88 -0.33 -68.21 47.03
N ILE C 89 -1.53 -68.80 47.05
CA ILE C 89 -1.92 -69.60 48.20
C ILE C 89 -1.19 -70.94 48.13
N PRO C 90 -0.96 -71.61 46.93
CA PRO C 90 -0.17 -72.84 46.99
C PRO C 90 1.28 -72.66 47.40
N ILE C 91 1.71 -71.41 47.64
CA ILE C 91 3.01 -71.11 48.22
C ILE C 91 2.86 -70.46 49.59
N ASP C 92 1.94 -69.52 49.74
CA ASP C 92 1.77 -68.89 51.03
C ASP C 92 1.28 -69.89 52.06
N LYS C 93 0.28 -70.70 51.68
CA LYS C 93 -0.23 -71.76 52.52
C LYS C 93 0.86 -72.70 52.98
N LEU C 94 1.96 -72.77 52.23
CA LEU C 94 3.15 -73.46 52.68
C LEU C 94 3.96 -72.62 53.65
N MET C 95 4.08 -71.32 53.38
CA MET C 95 4.74 -70.42 54.32
C MET C 95 3.97 -70.26 55.61
N ILE C 96 2.71 -70.69 55.64
CA ILE C 96 1.94 -70.72 56.89
C ILE C 96 2.67 -71.56 57.91
N ASP C 97 2.81 -72.85 57.62
CA ASP C 97 3.09 -73.84 58.62
C ASP C 97 4.57 -74.23 58.62
N ARG C 98 5.04 -74.59 59.80
CA ARG C 98 6.40 -75.05 60.02
C ARG C 98 6.36 -76.52 60.41
N ILE C 99 7.56 -77.07 60.62
CA ILE C 99 7.72 -78.39 61.18
C ILE C 99 8.76 -78.29 62.27
N TYR C 100 8.46 -78.84 63.43
CA TYR C 100 9.35 -78.81 64.58
C TYR C 100 10.08 -80.12 64.80
N VAL C 101 9.47 -81.24 64.46
CA VAL C 101 10.19 -82.51 64.50
C VAL C 101 11.33 -82.44 63.50
N ASN C 102 12.55 -82.64 63.99
CA ASN C 102 13.72 -82.49 63.15
C ASN C 102 13.84 -83.72 62.26
N VAL C 103 13.48 -83.57 60.99
CA VAL C 103 13.73 -84.63 60.03
C VAL C 103 15.23 -84.87 59.95
N THR C 104 15.60 -86.14 59.94
CA THR C 104 17.01 -86.52 60.00
C THR C 104 17.13 -87.95 59.51
N GLY C 105 18.21 -88.22 58.79
CA GLY C 105 18.50 -89.56 58.32
C GLY C 105 18.07 -89.76 56.89
N SER C 106 18.09 -91.03 56.49
CA SER C 106 17.64 -91.39 55.15
C SER C 106 16.16 -91.06 55.00
N PHE C 107 15.76 -90.81 53.76
CA PHE C 107 14.39 -90.39 53.50
C PHE C 107 14.06 -90.68 52.06
N THR C 108 13.05 -91.51 51.82
CA THR C 108 12.51 -91.65 50.49
C THR C 108 11.61 -90.47 50.18
N VAL C 109 11.47 -90.19 48.89
CA VAL C 109 10.91 -88.90 48.47
C VAL C 109 9.45 -88.80 48.85
N GLU C 110 8.69 -89.87 48.69
CA GLU C 110 7.26 -89.81 48.97
C GLU C 110 7.02 -89.57 50.45
N ARG C 111 7.79 -90.24 51.30
CA ARG C 111 7.68 -90.03 52.73
C ARG C 111 7.96 -88.59 53.09
N TYR C 112 9.02 -88.03 52.50
CA TYR C 112 9.43 -86.67 52.86
C TYR C 112 8.39 -85.66 52.43
N PHE C 113 7.98 -85.71 51.17
CA PHE C 113 6.98 -84.79 50.66
C PHE C 113 5.56 -85.20 51.04
N ASN C 114 5.39 -86.19 51.90
CA ASN C 114 4.12 -86.44 52.55
C ASN C 114 4.08 -85.95 53.98
N ILE C 115 5.20 -86.01 54.69
CA ILE C 115 5.21 -85.50 56.06
C ILE C 115 5.09 -83.98 56.05
N VAL C 116 5.57 -83.34 54.98
CA VAL C 116 5.50 -81.89 54.90
C VAL C 116 4.13 -81.42 54.42
N PHE C 117 3.36 -82.27 53.75
CA PHE C 117 1.98 -81.98 53.39
C PHE C 117 1.03 -82.60 54.42
N GLN C 118 1.25 -82.23 55.67
CA GLN C 118 0.45 -82.72 56.79
C GLN C 118 -0.38 -81.56 57.32
N GLY C 119 -1.68 -81.61 57.06
CA GLY C 119 -2.59 -80.56 57.46
C GLY C 119 -2.77 -79.46 56.45
N THR C 120 -1.91 -79.36 55.44
CA THR C 120 -2.08 -78.34 54.42
C THR C 120 -3.20 -78.68 53.45
N GLY C 121 -3.45 -79.97 53.24
CA GLY C 121 -4.49 -80.40 52.35
C GLY C 121 -4.06 -80.55 50.91
N MET C 122 -3.00 -79.86 50.50
CA MET C 122 -2.54 -79.98 49.13
C MET C 122 -1.92 -81.36 48.91
N LEU C 123 -1.66 -81.65 47.64
CA LEU C 123 -1.23 -82.97 47.21
C LEU C 123 0.02 -82.86 46.35
N PHE C 124 0.86 -83.87 46.46
CA PHE C 124 2.08 -83.98 45.68
C PHE C 124 2.11 -85.30 44.94
N GLU C 125 2.82 -85.31 43.81
CA GLU C 125 3.10 -86.57 43.17
C GLU C 125 4.32 -86.43 42.28
N VAL C 126 5.10 -87.50 42.25
CA VAL C 126 6.25 -87.62 41.37
C VAL C 126 5.83 -88.43 40.17
N GLU C 127 6.43 -88.10 39.02
CA GLU C 127 6.09 -88.77 37.77
C GLU C 127 7.04 -89.93 37.50
N GLY C 128 8.32 -89.64 37.37
CA GLY C 128 9.31 -90.67 37.14
C GLY C 128 9.86 -91.22 38.43
N LYS C 129 10.50 -92.38 38.32
CA LYS C 129 11.21 -92.92 39.46
C LYS C 129 12.37 -92.01 39.82
N VAL C 130 12.53 -91.76 41.12
CA VAL C 130 13.57 -90.88 41.64
C VAL C 130 14.23 -91.56 42.82
N LYS C 131 15.54 -91.38 42.95
CA LYS C 131 16.29 -92.00 44.02
C LYS C 131 15.96 -91.33 45.34
N SER C 132 16.65 -91.76 46.39
CA SER C 132 16.49 -91.23 47.73
C SER C 132 17.85 -90.93 48.33
N SER C 133 17.87 -89.99 49.25
CA SER C 133 19.08 -89.58 49.94
C SER C 133 18.74 -89.36 51.40
N LYS C 134 19.67 -88.73 52.13
CA LYS C 134 19.53 -88.52 53.56
C LYS C 134 19.70 -87.05 53.88
N PHE C 135 18.82 -86.54 54.72
CA PHE C 135 18.83 -85.14 55.12
C PHE C 135 19.41 -85.04 56.53
N GLU C 136 20.40 -84.16 56.68
CA GLU C 136 21.23 -84.15 57.88
C GLU C 136 20.49 -83.58 59.08
N ASN C 137 19.95 -82.37 58.96
CA ASN C 137 19.20 -81.75 60.05
C ASN C 137 17.91 -81.18 59.52
N GLY C 138 16.83 -81.50 60.20
CA GLY C 138 15.55 -80.91 59.87
C GLY C 138 15.48 -79.47 60.30
N GLY C 139 14.59 -78.75 59.64
CA GLY C 139 14.33 -77.37 59.97
C GLY C 139 13.25 -77.23 61.03
N GLU C 140 13.61 -77.52 62.28
CA GLU C 140 12.63 -77.46 63.35
C GLU C 140 11.99 -76.07 63.46
N GLY C 141 12.74 -75.02 63.17
CA GLY C 141 12.23 -73.68 63.27
C GLY C 141 11.97 -73.06 61.91
N ASP C 142 11.65 -73.91 60.93
CA ASP C 142 11.60 -73.50 59.54
C ASP C 142 10.25 -73.80 58.90
N THR C 143 10.02 -73.12 57.78
CA THR C 143 8.80 -73.28 57.01
C THR C 143 8.74 -74.66 56.40
N ARG C 144 7.55 -75.04 55.97
CA ARG C 144 7.42 -76.15 55.05
C ARG C 144 7.98 -75.79 53.68
N LEU C 145 8.03 -74.49 53.37
CA LEU C 145 8.44 -74.06 52.04
C LEU C 145 9.92 -74.31 51.81
N GLU C 146 10.76 -73.91 52.75
CA GLU C 146 12.18 -74.02 52.49
C GLU C 146 12.67 -75.45 52.61
N MET C 147 11.98 -76.27 53.41
CA MET C 147 12.25 -77.69 53.37
C MET C 147 11.80 -78.28 52.06
N PHE C 148 10.73 -77.74 51.49
CA PHE C 148 10.35 -78.11 50.14
C PHE C 148 11.44 -77.73 49.16
N LYS C 149 12.08 -76.58 49.40
CA LYS C 149 13.19 -76.13 48.56
C LYS C 149 14.33 -77.13 48.61
N LYS C 150 14.70 -77.51 49.83
CA LYS C 150 15.79 -78.46 50.01
C LYS C 150 15.46 -79.80 49.38
N GLY C 151 14.21 -80.24 49.54
CA GLY C 151 13.79 -81.49 48.94
C GLY C 151 13.89 -81.46 47.44
N LEU C 152 13.44 -80.36 46.83
CA LEU C 152 13.60 -80.21 45.40
C LEU C 152 15.06 -80.19 45.00
N GLU C 153 15.90 -79.62 45.85
CA GLU C 153 17.32 -79.53 45.53
C GLU C 153 17.97 -80.90 45.55
N HIS C 154 17.46 -81.80 46.39
CA HIS C 154 18.02 -83.15 46.49
C HIS C 154 17.42 -84.10 45.48
N PHE C 155 16.09 -84.19 45.41
CA PHE C 155 15.41 -85.23 44.64
C PHE C 155 14.72 -84.69 43.40
N GLY C 156 13.74 -83.80 43.56
CA GLY C 156 12.93 -83.33 42.46
C GLY C 156 13.40 -81.98 42.01
N LEU C 157 14.19 -81.96 40.96
CA LEU C 157 14.92 -80.74 40.63
C LEU C 157 14.03 -79.63 40.13
N GLU C 158 12.79 -79.92 39.75
CA GLU C 158 11.83 -78.89 39.37
C GLU C 158 10.45 -79.34 39.79
N TYR C 159 9.49 -78.42 39.67
CA TYR C 159 8.11 -78.79 39.92
C TYR C 159 7.18 -77.90 39.10
N LYS C 160 5.89 -78.16 39.27
CA LYS C 160 4.84 -77.37 38.67
C LYS C 160 3.56 -77.64 39.43
N ILE C 161 2.91 -76.58 39.86
CA ILE C 161 1.65 -76.69 40.57
C ILE C 161 0.51 -76.58 39.57
N THR C 162 -0.66 -77.05 39.99
CA THR C 162 -1.86 -76.84 39.21
C THR C 162 -3.07 -76.86 40.10
N TYR C 163 -3.99 -75.92 39.88
CA TYR C 163 -5.31 -75.98 40.48
C TYR C 163 -6.08 -77.04 39.73
N ASP C 164 -6.12 -78.24 40.28
CA ASP C 164 -6.96 -79.27 39.73
C ASP C 164 -8.42 -78.82 39.78
N LYS C 165 -9.27 -79.56 39.06
CA LYS C 165 -10.70 -79.27 39.01
C LYS C 165 -11.31 -79.13 40.39
N LYS C 166 -10.79 -79.88 41.36
CA LYS C 166 -11.41 -80.00 42.66
C LYS C 166 -11.13 -78.75 43.49
N LYS C 167 -11.99 -78.54 44.47
CA LYS C 167 -11.91 -77.38 45.32
C LYS C 167 -10.92 -77.62 46.46
N ASP C 168 -10.11 -76.62 46.75
CA ASP C 168 -9.08 -76.70 47.78
C ASP C 168 -8.13 -77.86 47.50
N ARG C 169 -7.61 -77.89 46.27
CA ARG C 169 -6.61 -78.87 45.90
C ARG C 169 -5.64 -78.25 44.93
N TYR C 170 -4.38 -78.64 45.06
CA TYR C 170 -3.30 -78.06 44.27
C TYR C 170 -2.26 -79.15 44.06
N LYS C 171 -2.31 -79.78 42.90
CA LYS C 171 -1.40 -80.88 42.63
C LYS C 171 -0.03 -80.35 42.31
N PHE C 172 0.97 -80.85 43.03
CA PHE C 172 2.37 -80.53 42.79
C PHE C 172 2.97 -81.67 41.99
N VAL C 173 3.01 -81.49 40.67
CA VAL C 173 3.72 -82.40 39.79
C VAL C 173 5.20 -82.10 39.98
N LEU C 174 5.89 -82.93 40.75
CA LEU C 174 7.33 -82.80 40.84
C LEU C 174 7.98 -83.54 39.70
N THR C 175 9.01 -82.94 39.10
CA THR C 175 9.62 -83.51 37.93
C THR C 175 10.98 -82.86 37.76
N PRO C 176 11.97 -83.58 37.23
CA PRO C 176 13.19 -82.90 36.77
C PRO C 176 12.95 -82.23 35.43
N PHE C 177 13.27 -80.94 35.34
CA PHE C 177 13.20 -80.21 34.08
C PHE C 177 11.76 -80.14 33.58
N ALA C 178 10.92 -79.50 34.38
CA ALA C 178 9.49 -79.45 34.09
C ALA C 178 9.22 -78.77 32.77
N ASN C 179 8.44 -79.43 31.91
CA ASN C 179 8.18 -78.91 30.58
C ASN C 179 6.88 -79.48 30.06
N GLN C 180 6.23 -78.70 29.19
CA GLN C 180 5.18 -79.20 28.33
C GLN C 180 5.36 -78.57 26.96
N LYS C 181 5.01 -79.34 25.93
CA LYS C 181 5.06 -78.81 24.58
C LYS C 181 4.05 -77.67 24.43
N ALA C 182 4.40 -76.71 23.58
CA ALA C 182 3.53 -75.59 23.27
C ALA C 182 3.45 -75.44 21.76
N SER C 183 2.23 -75.30 21.24
CA SER C 183 2.05 -75.23 19.79
C SER C 183 2.60 -73.92 19.25
N TYR C 184 2.53 -72.84 20.02
CA TYR C 184 2.96 -71.56 19.52
C TYR C 184 4.48 -71.53 19.39
N PHE C 185 4.99 -70.37 18.99
CA PHE C 185 6.39 -70.19 18.69
C PHE C 185 6.67 -68.70 18.64
N ILE C 186 7.87 -68.35 18.21
CA ILE C 186 8.36 -66.98 18.18
C ILE C 186 9.21 -66.82 16.93
N SER C 187 9.44 -65.57 16.55
CA SER C 187 10.60 -65.22 15.74
C SER C 187 10.81 -63.72 15.87
N ASP C 188 12.01 -63.27 15.50
CA ASP C 188 12.34 -61.85 15.51
C ASP C 188 11.31 -61.03 14.73
N GLU C 189 10.81 -61.59 13.64
CA GLU C 189 9.92 -60.82 12.78
C GLU C 189 8.53 -60.71 13.37
N VAL C 190 8.06 -61.77 14.05
CA VAL C 190 6.63 -61.97 14.27
C VAL C 190 6.23 -61.68 15.71
N ASN C 191 7.06 -62.04 16.68
CA ASN C 191 6.68 -61.88 18.07
C ASN C 191 7.79 -61.40 18.99
N ALA C 192 9.02 -61.25 18.50
CA ALA C 192 10.17 -60.95 19.34
C ALA C 192 10.74 -59.60 18.96
N ASN C 193 10.33 -58.57 19.70
CA ASN C 193 10.80 -57.22 19.42
C ASN C 193 12.29 -57.10 19.64
N ALA C 194 12.72 -57.29 20.89
CA ALA C 194 14.09 -57.04 21.32
C ALA C 194 14.66 -58.30 21.92
N ILE C 195 15.56 -58.94 21.20
CA ILE C 195 16.20 -60.17 21.66
C ILE C 195 17.55 -59.79 22.24
N LYS C 196 17.64 -59.84 23.55
CA LYS C 196 18.92 -59.76 24.26
C LYS C 196 19.35 -61.19 24.54
N LEU C 197 20.30 -61.67 23.77
CA LEU C 197 20.97 -62.92 24.07
C LEU C 197 22.22 -62.59 24.88
N GLU C 198 22.29 -63.15 26.08
CA GLU C 198 23.43 -62.99 26.98
C GLU C 198 24.02 -64.36 27.22
N GLU C 199 25.33 -64.49 27.01
CA GLU C 199 26.06 -65.72 27.27
C GLU C 199 27.09 -65.42 28.34
N ASP C 200 26.74 -65.75 29.58
CA ASP C 200 27.62 -65.51 30.72
C ASP C 200 28.41 -66.77 31.00
N ALA C 201 29.73 -66.61 31.09
CA ALA C 201 30.61 -67.70 31.47
C ALA C 201 31.80 -67.08 32.21
N SER C 202 31.66 -66.98 33.52
CA SER C 202 32.74 -66.57 34.41
C SER C 202 33.03 -67.60 35.49
N ASP C 203 32.23 -68.66 35.58
CA ASP C 203 32.34 -69.67 36.61
C ASP C 203 32.21 -71.04 35.98
N PHE C 204 32.81 -71.23 34.82
CA PHE C 204 32.49 -72.32 33.91
C PHE C 204 33.61 -73.35 33.90
N ALA C 205 33.39 -74.40 33.12
CA ALA C 205 34.07 -75.66 33.35
C ALA C 205 34.16 -76.48 32.08
N THR C 206 35.25 -77.24 31.97
CA THR C 206 35.41 -78.25 30.93
C THR C 206 35.58 -79.63 31.53
N PHE C 207 36.54 -79.79 32.44
CA PHE C 207 36.63 -80.96 33.29
C PHE C 207 36.48 -80.53 34.74
N ILE C 208 36.39 -81.52 35.60
CA ILE C 208 35.97 -81.28 36.97
C ILE C 208 36.25 -82.54 37.77
N ARG C 209 36.57 -82.37 39.06
CA ARG C 209 36.85 -83.47 39.98
C ARG C 209 35.70 -83.64 40.95
N GLY C 210 35.58 -84.85 41.51
CA GLY C 210 34.54 -85.09 42.50
C GLY C 210 34.83 -86.16 43.53
N TYR C 211 34.56 -85.84 44.80
CA TYR C 211 34.80 -86.71 45.94
C TYR C 211 33.56 -86.76 46.82
N GLY C 212 32.96 -87.95 46.97
CA GLY C 212 31.68 -88.04 47.64
C GLY C 212 31.28 -89.26 48.45
N ASN C 213 32.22 -90.11 48.90
CA ASN C 213 31.86 -91.24 49.76
C ASN C 213 32.75 -91.35 51.00
N TYR C 214 33.81 -90.56 51.10
CA TYR C 214 34.58 -90.49 52.34
C TYR C 214 33.66 -90.13 53.51
N SER C 215 34.00 -90.66 54.67
CA SER C 215 33.15 -90.50 55.83
C SER C 215 33.16 -89.05 56.32
N GLY C 216 32.27 -88.77 57.26
CA GLY C 216 32.07 -87.40 57.73
C GLY C 216 33.28 -86.81 58.44
N GLU C 217 34.22 -87.64 58.88
CA GLU C 217 35.29 -87.21 59.77
C GLU C 217 36.65 -87.16 59.08
N GLU C 218 36.69 -87.26 57.76
CA GLU C 218 37.95 -87.37 57.02
C GLU C 218 38.28 -86.09 56.27
N THR C 219 37.38 -85.67 55.39
CA THR C 219 37.36 -84.37 54.72
C THR C 219 38.39 -84.18 53.61
N PHE C 220 39.49 -84.94 53.58
CA PHE C 220 40.28 -84.91 52.36
C PHE C 220 41.07 -86.17 52.02
N GLU C 221 41.25 -87.09 52.95
CA GLU C 221 41.98 -88.30 52.57
C GLU C 221 41.09 -88.99 51.55
N HIS C 222 41.40 -88.76 50.29
CA HIS C 222 40.39 -88.81 49.23
C HIS C 222 40.11 -90.27 48.89
N ALA C 223 39.48 -90.95 49.83
CA ALA C 223 38.73 -92.14 49.51
C ALA C 223 37.37 -91.71 49.01
N GLY C 224 36.67 -92.65 48.42
CA GLY C 224 35.32 -92.36 48.00
C GLY C 224 35.17 -91.88 46.58
N LEU C 225 35.62 -92.72 45.65
CA LEU C 225 35.32 -92.55 44.24
C LEU C 225 35.97 -91.29 43.71
N VAL C 226 37.30 -91.21 43.83
CA VAL C 226 38.02 -90.15 43.17
C VAL C 226 37.83 -90.29 41.68
N MET C 227 37.45 -89.21 41.03
CA MET C 227 37.34 -89.22 39.59
C MET C 227 37.25 -87.80 39.09
N GLU C 228 37.61 -87.62 37.83
CA GLU C 228 37.40 -86.38 37.13
C GLU C 228 36.76 -86.67 35.78
N ALA C 229 35.71 -85.93 35.47
CA ALA C 229 35.00 -86.06 34.21
C ALA C 229 35.15 -84.78 33.43
N ARG C 230 34.63 -84.80 32.20
CA ARG C 230 34.66 -83.63 31.35
C ARG C 230 33.60 -83.78 30.27
N SER C 231 33.21 -82.63 29.71
CA SER C 231 32.19 -82.59 28.69
C SER C 231 32.84 -82.70 27.31
N ALA C 232 32.00 -82.64 26.27
CA ALA C 232 32.48 -82.85 24.90
C ALA C 232 33.21 -81.62 24.38
N LEU C 233 32.76 -80.43 24.75
CA LEU C 233 33.37 -79.18 24.31
C LEU C 233 34.75 -78.96 24.90
N ALA C 234 35.15 -79.75 25.89
CA ALA C 234 36.40 -79.52 26.59
C ALA C 234 37.58 -79.52 25.62
N GLU C 235 37.56 -80.44 24.67
CA GLU C 235 38.76 -80.80 23.92
C GLU C 235 39.29 -79.65 23.07
N ILE C 236 38.48 -78.63 22.82
CA ILE C 236 38.88 -77.48 22.04
C ILE C 236 39.18 -76.30 22.96
N TYR C 237 38.45 -76.19 24.07
CA TYR C 237 38.74 -75.14 25.04
C TYR C 237 39.92 -75.55 25.91
N GLY C 238 39.88 -76.75 26.45
CA GLY C 238 41.01 -77.34 27.14
C GLY C 238 40.85 -77.45 28.64
N ASP C 239 41.99 -77.39 29.32
CA ASP C 239 42.09 -77.59 30.76
C ASP C 239 41.52 -76.37 31.48
N ILE C 240 40.30 -76.50 32.01
CA ILE C 240 39.82 -75.67 33.10
C ILE C 240 39.08 -76.59 34.06
N HIS C 241 38.78 -76.06 35.25
CA HIS C 241 37.89 -76.81 36.11
C HIS C 241 37.32 -75.94 37.20
N ALA C 242 36.12 -76.31 37.61
CA ALA C 242 35.33 -75.57 38.58
C ALA C 242 35.68 -76.03 39.99
N GLU C 243 34.85 -75.64 40.95
CA GLU C 243 35.04 -76.09 42.31
C GLU C 243 34.68 -77.57 42.37
N PRO C 244 35.58 -78.46 42.78
CA PRO C 244 35.28 -79.88 42.71
C PRO C 244 34.19 -80.27 43.68
N PHE C 245 33.56 -81.42 43.37
CA PHE C 245 32.48 -81.95 44.20
C PHE C 245 33.10 -82.52 45.46
N LYS C 246 33.50 -81.61 46.35
CA LYS C 246 34.18 -82.02 47.58
C LYS C 246 33.19 -82.62 48.56
N ASP C 247 32.09 -81.94 48.79
CA ASP C 247 31.09 -82.37 49.76
C ASP C 247 30.30 -83.53 49.18
N GLY C 248 30.29 -84.67 49.88
CA GLY C 248 29.50 -85.79 49.45
C GLY C 248 29.64 -87.02 50.32
N LYS C 249 28.51 -87.65 50.63
CA LYS C 249 28.44 -88.92 51.34
C LYS C 249 27.79 -89.99 50.48
N VAL C 250 27.90 -89.85 49.17
CA VAL C 250 27.20 -90.70 48.22
C VAL C 250 28.09 -91.87 47.85
N THR C 251 27.53 -93.08 47.90
CA THR C 251 28.33 -94.28 47.70
C THR C 251 28.62 -94.50 46.21
N ASP C 252 27.58 -94.70 45.42
CA ASP C 252 27.75 -95.25 44.09
C ASP C 252 28.45 -94.26 43.17
N GLN C 253 28.83 -94.76 42.00
CA GLN C 253 29.50 -93.99 40.96
C GLN C 253 28.53 -93.49 39.90
N GLU C 254 27.39 -94.14 39.74
CA GLU C 254 26.37 -93.67 38.82
C GLU C 254 25.96 -92.24 39.16
N THR C 255 25.80 -91.95 40.44
CA THR C 255 25.52 -90.59 40.87
C THR C 255 26.66 -89.65 40.52
N MET C 256 27.89 -90.06 40.85
CA MET C 256 29.04 -89.18 40.79
C MET C 256 29.35 -88.67 39.40
N ASP C 257 28.77 -89.26 38.35
CA ASP C 257 28.90 -88.71 37.01
C ASP C 257 27.72 -87.80 36.67
N LYS C 258 26.51 -88.17 37.08
CA LYS C 258 25.34 -87.34 36.78
C LYS C 258 25.45 -85.99 37.44
N GLU C 259 25.65 -85.98 38.76
CA GLU C 259 25.78 -84.72 39.48
C GLU C 259 26.96 -83.90 38.97
N LEU C 260 28.02 -84.58 38.57
CA LEU C 260 29.22 -83.89 38.12
C LEU C 260 28.99 -83.19 36.78
N GLN C 261 28.44 -83.92 35.81
CA GLN C 261 28.13 -83.29 34.53
C GLN C 261 27.05 -82.22 34.70
N SER C 262 26.20 -82.35 35.70
CA SER C 262 25.23 -81.29 35.97
C SER C 262 25.92 -80.05 36.49
N ARG C 263 26.92 -80.24 37.35
CA ARG C 263 27.74 -79.11 37.78
C ARG C 263 28.42 -78.45 36.60
N LEU C 264 28.80 -79.24 35.59
CA LEU C 264 29.43 -78.68 34.41
C LEU C 264 28.43 -77.86 33.60
N LYS C 265 27.41 -78.52 33.07
CA LYS C 265 26.55 -77.93 32.05
C LYS C 265 25.66 -76.83 32.59
N LYS C 266 25.60 -76.65 33.91
CA LYS C 266 24.84 -75.55 34.47
C LYS C 266 25.54 -74.22 34.37
N SER C 267 26.81 -74.20 33.95
CA SER C 267 27.67 -73.05 34.16
C SER C 267 27.94 -72.24 32.90
N LEU C 268 27.98 -72.87 31.73
CA LEU C 268 28.09 -72.13 30.48
C LEU C 268 26.70 -71.55 30.20
N LYS C 269 26.42 -70.42 30.85
CA LYS C 269 25.06 -69.93 30.99
C LYS C 269 24.60 -69.09 29.81
N GLN C 270 23.33 -69.24 29.46
CA GLN C 270 22.72 -68.48 28.37
C GLN C 270 21.36 -67.98 28.84
N SER C 271 21.24 -66.67 29.01
CA SER C 271 19.99 -66.02 29.39
C SER C 271 19.50 -65.16 28.24
N LEU C 272 18.29 -65.44 27.77
CA LEU C 272 17.69 -64.72 26.66
C LEU C 272 16.50 -63.96 27.21
N SER C 273 16.77 -62.73 27.64
CA SER C 273 15.76 -61.88 28.24
C SER C 273 15.08 -61.03 27.16
N LEU C 274 14.52 -61.71 26.18
CA LEU C 274 13.83 -61.03 25.11
C LEU C 274 12.59 -60.33 25.63
N ASP C 275 11.91 -59.65 24.72
CA ASP C 275 10.60 -59.05 24.98
C ASP C 275 9.58 -59.64 24.03
N PHE C 276 8.37 -59.76 24.54
CA PHE C 276 7.26 -60.33 23.81
C PHE C 276 6.19 -59.26 23.71
N LEU C 277 5.47 -59.28 22.61
CA LEU C 277 4.42 -58.32 22.35
C LEU C 277 3.23 -59.10 21.80
N VAL C 278 2.10 -58.97 22.46
CA VAL C 278 0.97 -59.85 22.18
C VAL C 278 0.22 -59.32 20.98
N LEU C 279 -0.12 -60.22 20.07
CA LEU C 279 -1.03 -59.95 18.98
C LEU C 279 -2.38 -60.56 19.31
N ARG C 280 -3.41 -59.73 19.37
CA ARG C 280 -4.74 -60.17 19.75
C ARG C 280 -5.58 -60.53 18.53
N GLU C 281 -5.68 -59.61 17.58
CA GLU C 281 -6.44 -59.87 16.37
C GLU C 281 -5.87 -61.05 15.58
N SER C 282 -4.57 -61.25 15.66
CA SER C 282 -3.88 -62.33 14.99
C SER C 282 -3.00 -63.04 16.01
N TYR C 283 -2.73 -64.31 15.75
CA TYR C 283 -1.86 -65.12 16.60
C TYR C 283 -2.30 -65.12 18.07
N PRO C 284 -3.59 -65.32 18.36
CA PRO C 284 -4.03 -65.25 19.76
C PRO C 284 -3.61 -66.45 20.58
N GLU C 285 -3.24 -67.56 19.94
CA GLU C 285 -2.99 -68.81 20.66
C GLU C 285 -1.55 -68.89 21.16
N ALA C 286 -1.11 -67.85 21.85
CA ALA C 286 0.26 -67.74 22.33
C ALA C 286 0.28 -67.17 23.73
N ASP C 287 -0.66 -67.57 24.57
CA ASP C 287 -0.63 -67.14 25.94
C ASP C 287 0.60 -67.75 26.60
N PRO C 288 1.66 -66.99 26.90
CA PRO C 288 2.87 -67.62 27.38
C PRO C 288 2.69 -68.10 28.81
N GLN C 289 3.18 -69.30 29.07
CA GLN C 289 3.12 -69.90 30.39
C GLN C 289 4.48 -70.47 30.74
N PRO C 290 4.92 -70.33 31.98
CA PRO C 290 6.28 -70.74 32.32
C PRO C 290 6.41 -72.25 32.35
N GLY C 291 7.62 -72.72 32.08
CA GLY C 291 7.88 -74.13 32.07
C GLY C 291 7.27 -74.83 30.88
N ASP C 292 7.32 -74.19 29.72
CA ASP C 292 6.87 -74.77 28.46
C ASP C 292 8.02 -74.75 27.47
N ILE C 293 7.91 -75.60 26.47
CA ILE C 293 8.83 -75.59 25.36
C ILE C 293 8.39 -74.51 24.38
N VAL C 294 9.35 -73.95 23.65
CA VAL C 294 9.06 -72.97 22.62
C VAL C 294 10.17 -73.01 21.60
N GLN C 295 9.82 -72.72 20.36
CA GLN C 295 10.76 -72.71 19.25
C GLN C 295 10.92 -71.28 18.77
N ILE C 296 12.00 -70.64 19.21
CA ILE C 296 12.33 -69.31 18.74
C ILE C 296 13.20 -69.45 17.51
N LYS C 297 13.29 -68.35 16.75
CA LYS C 297 14.17 -68.31 15.59
C LYS C 297 14.38 -66.85 15.26
N SER C 298 15.60 -66.37 15.44
CA SER C 298 15.97 -65.03 15.01
C SER C 298 16.90 -65.16 13.82
N THR C 299 16.43 -64.69 12.67
CA THR C 299 17.32 -64.50 11.55
C THR C 299 18.41 -63.51 11.92
N LYS C 300 19.46 -63.48 11.09
CA LYS C 300 20.63 -62.59 11.26
C LYS C 300 21.21 -62.64 12.68
N LEU C 301 21.03 -63.76 13.37
CA LEU C 301 21.55 -63.94 14.71
C LEU C 301 22.30 -65.27 14.82
N GLY C 302 21.91 -66.24 14.01
CA GLY C 302 22.47 -67.57 14.11
C GLY C 302 21.71 -68.36 15.14
N LEU C 303 20.40 -68.45 14.97
CA LEU C 303 19.54 -69.01 16.00
C LEU C 303 18.28 -69.59 15.38
N ASN C 304 18.09 -70.90 15.58
CA ASN C 304 16.84 -71.55 15.28
C ASN C 304 16.45 -72.60 16.31
N ASP C 305 17.23 -72.75 17.39
CA ASP C 305 16.94 -73.83 18.33
C ASP C 305 15.70 -73.52 19.14
N LEU C 306 15.29 -74.52 19.90
CA LEU C 306 14.16 -74.43 20.81
C LEU C 306 14.66 -74.43 22.24
N VAL C 307 13.90 -73.76 23.08
CA VAL C 307 14.28 -73.46 24.45
C VAL C 307 13.04 -73.64 25.31
N ARG C 308 13.17 -73.32 26.60
CA ARG C 308 12.06 -73.35 27.52
C ARG C 308 11.93 -72.00 28.23
N ILE C 309 10.70 -71.62 28.54
CA ILE C 309 10.47 -70.44 29.34
C ILE C 309 10.86 -70.75 30.77
N VAL C 310 11.44 -69.75 31.42
CA VAL C 310 11.75 -69.82 32.84
C VAL C 310 11.16 -68.66 33.61
N GLN C 311 10.88 -67.52 32.97
CA GLN C 311 10.20 -66.41 33.61
C GLN C 311 9.22 -65.79 32.63
N VAL C 312 8.08 -65.35 33.16
CA VAL C 312 7.09 -64.63 32.38
C VAL C 312 6.49 -63.53 33.26
N LYS C 313 6.07 -62.46 32.60
CA LYS C 313 5.69 -61.22 33.26
C LYS C 313 4.56 -60.63 32.44
N THR C 314 3.34 -60.79 32.94
CA THR C 314 2.12 -60.37 32.28
C THR C 314 1.66 -59.06 32.89
N ILE C 315 0.94 -58.28 32.09
CA ILE C 315 0.14 -57.19 32.61
C ILE C 315 -1.22 -57.24 31.97
N ARG C 316 -2.22 -56.74 32.69
CA ARG C 316 -3.61 -56.83 32.26
C ARG C 316 -4.36 -55.62 32.79
N GLY C 317 -4.71 -54.70 31.91
CA GLY C 317 -5.36 -53.50 32.37
C GLY C 317 -6.77 -53.72 32.89
N ILE C 318 -7.72 -53.95 31.98
CA ILE C 318 -9.12 -54.12 32.34
C ILE C 318 -9.76 -55.03 31.32
N ASN C 319 -10.75 -55.79 31.77
CA ASN C 319 -11.35 -56.90 31.02
C ASN C 319 -10.34 -58.02 30.80
N ASN C 320 -9.25 -58.01 31.57
CA ASN C 320 -8.22 -59.02 31.49
C ASN C 320 -7.65 -59.12 30.07
N VAL C 321 -7.56 -57.99 29.39
CA VAL C 321 -6.88 -57.90 28.10
C VAL C 321 -5.42 -57.60 28.38
N ILE C 322 -4.54 -58.30 27.71
CA ILE C 322 -3.12 -58.13 27.89
C ILE C 322 -2.66 -56.91 27.09
N VAL C 323 -1.66 -56.22 27.62
CA VAL C 323 -1.02 -55.12 26.94
C VAL C 323 0.36 -55.52 26.40
N LYS C 324 1.23 -56.02 27.28
CA LYS C 324 2.52 -56.56 26.84
C LYS C 324 2.91 -57.71 27.74
N GLN C 325 3.91 -58.44 27.28
CA GLN C 325 4.51 -59.53 28.03
C GLN C 325 6.01 -59.31 28.05
N ASP C 326 6.65 -59.78 29.11
CA ASP C 326 8.09 -59.94 29.13
C ASP C 326 8.38 -61.37 29.55
N VAL C 327 9.50 -61.91 29.07
CA VAL C 327 9.84 -63.29 29.34
C VAL C 327 11.35 -63.42 29.39
N THR C 328 11.81 -64.46 30.06
CA THR C 328 13.20 -64.87 30.03
C THR C 328 13.26 -66.38 29.90
N LEU C 329 14.29 -66.82 29.20
CA LEU C 329 14.43 -68.19 28.72
C LEU C 329 15.66 -68.83 29.36
N GLY C 330 15.67 -70.16 29.37
CA GLY C 330 16.80 -70.88 29.92
C GLY C 330 16.98 -70.57 31.40
N GLU C 331 18.12 -69.98 31.73
CA GLU C 331 18.29 -69.41 33.06
C GLU C 331 17.58 -68.08 33.13
N PHE C 332 17.10 -67.74 34.33
CA PHE C 332 16.12 -66.66 34.42
C PHE C 332 16.74 -65.32 34.09
N ASN C 333 17.98 -65.08 34.51
CA ASN C 333 18.74 -63.88 34.15
C ASN C 333 20.16 -64.08 34.65
N ARG C 334 21.04 -63.16 34.23
CA ARG C 334 22.22 -62.85 35.02
C ARG C 334 21.85 -61.89 36.14
N GLU C 335 21.06 -60.88 35.78
CA GLU C 335 20.58 -59.86 36.69
C GLU C 335 19.99 -60.46 37.96
N GLN C 336 18.90 -61.21 37.82
CA GLN C 336 18.17 -61.69 38.97
C GLN C 336 19.01 -62.63 39.82
N ARG C 337 19.98 -63.30 39.21
CA ARG C 337 20.87 -64.14 40.00
C ARG C 337 21.69 -63.27 40.95
N TYR C 338 22.21 -62.15 40.44
CA TYR C 338 22.94 -61.23 41.30
C TYR C 338 22.03 -60.71 42.40
N MET C 339 20.81 -60.32 42.04
CA MET C 339 19.95 -59.68 43.02
C MET C 339 19.54 -60.65 44.11
N LYS C 340 19.27 -61.90 43.74
CA LYS C 340 18.95 -62.90 44.73
C LYS C 340 20.16 -63.17 45.62
N LYS C 341 21.36 -63.16 45.04
CA LYS C 341 22.56 -63.32 45.84
C LYS C 341 22.66 -62.22 46.89
N VAL C 342 22.43 -60.98 46.48
CA VAL C 342 22.52 -59.85 47.39
C VAL C 342 21.48 -59.98 48.49
N ASN C 343 20.23 -60.24 48.11
CA ASN C 343 19.18 -60.27 49.11
C ASN C 343 19.35 -61.44 50.06
N THR C 344 19.87 -62.58 49.58
CA THR C 344 20.17 -63.69 50.46
C THR C 344 21.25 -63.32 51.45
N ALA C 345 22.29 -62.61 51.00
CA ALA C 345 23.30 -62.13 51.92
C ALA C 345 22.69 -61.22 52.97
N ALA C 346 21.85 -60.29 52.52
CA ALA C 346 21.36 -59.27 53.42
C ALA C 346 20.30 -59.78 54.38
N ASN C 347 19.66 -60.90 54.07
CA ASN C 347 18.66 -61.47 54.96
C ASN C 347 19.21 -62.59 55.82
N TYR C 348 20.14 -63.40 55.30
CA TYR C 348 20.86 -64.33 56.16
C TYR C 348 21.59 -63.57 57.25
N VAL C 349 22.29 -62.50 56.87
CA VAL C 349 22.73 -61.52 57.85
C VAL C 349 21.51 -60.75 58.30
N SER C 350 21.53 -60.30 59.55
CA SER C 350 20.44 -59.67 60.28
C SER C 350 19.41 -60.70 60.74
N GLY C 351 19.50 -61.95 60.33
CA GLY C 351 18.79 -63.05 60.96
C GLY C 351 19.66 -63.64 62.04
N LEU C 352 20.97 -63.50 61.89
CA LEU C 352 21.91 -63.92 62.90
C LEU C 352 21.87 -62.97 64.09
N ASN C 353 22.64 -63.34 65.12
CA ASN C 353 22.81 -62.52 66.31
C ASN C 353 24.25 -62.38 66.74
N ASP C 354 25.16 -63.21 66.22
CA ASP C 354 26.57 -63.14 66.57
C ASP C 354 27.27 -61.95 65.92
N VAL C 355 26.64 -61.31 64.93
CA VAL C 355 27.32 -60.29 64.15
C VAL C 355 27.60 -59.08 65.03
N ASN C 356 28.84 -58.59 64.98
CA ASN C 356 29.23 -57.34 65.60
C ASN C 356 30.14 -56.62 64.63
N LEU C 357 29.64 -55.55 64.03
CA LEU C 357 30.34 -54.88 62.94
C LEU C 357 31.68 -54.33 63.39
N SER C 358 31.80 -53.96 64.65
CA SER C 358 33.06 -53.46 65.18
C SER C 358 33.91 -54.66 65.58
N ASN C 359 34.94 -54.95 64.78
CA ASN C 359 35.76 -56.13 64.96
C ASN C 359 34.91 -57.40 64.97
N PRO C 360 34.40 -57.82 63.83
CA PRO C 360 33.80 -59.15 63.77
C PRO C 360 34.87 -60.21 63.89
N SER C 361 34.47 -61.48 63.78
CA SER C 361 35.32 -62.65 63.86
C SER C 361 35.68 -62.99 65.30
N LYS C 362 35.35 -62.15 66.28
CA LYS C 362 35.45 -62.60 67.67
C LYS C 362 34.52 -63.76 67.90
N ALA C 363 33.33 -63.71 67.31
CA ALA C 363 32.34 -64.76 67.50
C ALA C 363 32.76 -66.05 66.82
N ALA C 364 33.45 -65.94 65.68
CA ALA C 364 33.95 -67.10 64.97
C ALA C 364 35.29 -67.58 65.52
N GLU C 365 36.17 -66.66 65.90
CA GLU C 365 37.48 -67.06 66.38
C GLU C 365 37.40 -67.63 67.78
N ASN C 366 36.54 -67.06 68.63
CA ASN C 366 36.26 -67.67 69.93
C ASN C 366 35.86 -69.12 69.76
N LEU C 367 34.94 -69.36 68.82
CA LEU C 367 34.45 -70.69 68.56
C LEU C 367 35.56 -71.61 68.08
N LYS C 368 36.32 -71.15 67.07
CA LYS C 368 37.36 -71.99 66.47
C LYS C 368 38.46 -72.31 67.48
N SER C 369 38.86 -71.33 68.28
CA SER C 369 39.90 -71.57 69.26
C SER C 369 39.40 -72.49 70.36
N LYS C 370 38.14 -72.34 70.76
CA LYS C 370 37.53 -73.30 71.65
C LYS C 370 37.59 -74.71 71.08
N VAL C 371 37.36 -74.84 69.77
CA VAL C 371 37.35 -76.15 69.12
C VAL C 371 38.74 -76.76 69.17
N ALA C 372 39.75 -75.99 68.80
CA ALA C 372 41.11 -76.51 68.84
C ALA C 372 41.55 -76.81 70.26
N SER C 373 41.07 -76.03 71.23
CA SER C 373 41.43 -76.28 72.62
C SER C 373 40.83 -77.58 73.13
N ILE C 374 39.56 -77.82 72.83
CA ILE C 374 38.96 -79.09 73.22
C ILE C 374 39.63 -80.24 72.48
N ALA C 375 40.09 -80.01 71.25
CA ALA C 375 40.83 -81.07 70.57
C ALA C 375 42.15 -81.36 71.26
N LYS C 376 42.81 -80.32 71.77
CA LYS C 376 44.04 -80.53 72.53
C LYS C 376 43.77 -81.31 73.81
N SER C 377 42.69 -80.94 74.52
CA SER C 377 42.31 -81.68 75.72
C SER C 377 41.97 -83.12 75.38
N THR C 378 41.34 -83.34 74.24
CA THR C 378 41.01 -84.70 73.81
C THR C 378 42.28 -85.48 73.49
N LEU C 379 43.28 -84.81 72.92
CA LEU C 379 44.56 -85.47 72.70
C LEU C 379 45.18 -85.90 74.02
N ASP C 380 45.14 -85.01 75.01
CA ASP C 380 45.63 -85.35 76.33
C ASP C 380 44.88 -86.56 76.90
N LEU C 381 43.55 -86.56 76.75
CA LEU C 381 42.76 -87.68 77.24
C LEU C 381 43.13 -88.97 76.51
N MET C 382 43.38 -88.87 75.21
CA MET C 382 43.73 -90.06 74.43
C MET C 382 45.03 -90.65 74.93
N SER C 383 46.04 -89.81 75.13
CA SER C 383 47.32 -90.28 75.65
C SER C 383 47.14 -90.88 77.04
N ARG C 384 46.39 -90.19 77.90
CA ARG C 384 46.23 -90.63 79.28
C ARG C 384 45.42 -91.91 79.38
N THR C 385 44.52 -92.16 78.44
CA THR C 385 43.74 -93.39 78.44
C THR C 385 44.54 -94.55 77.84
N ASP C 386 45.26 -94.28 76.75
CA ASP C 386 46.13 -95.30 76.19
C ASP C 386 47.22 -95.70 77.16
N LEU C 387 47.59 -94.80 78.07
CA LEU C 387 48.46 -95.18 79.18
C LEU C 387 47.85 -96.33 79.96
N ILE C 388 46.58 -96.22 80.30
CA ILE C 388 45.88 -97.25 81.07
C ILE C 388 45.19 -98.20 80.09
N ASP D 1135 10.75 -47.18 38.14
CA ASP D 1135 10.29 -48.48 37.68
C ASP D 1135 11.14 -48.94 36.51
N ALA D 1136 11.30 -48.05 35.53
CA ALA D 1136 12.17 -48.34 34.41
C ALA D 1136 13.63 -48.42 34.82
N LEU D 1137 13.99 -47.81 35.95
CA LEU D 1137 15.38 -47.48 36.23
C LEU D 1137 16.15 -48.59 36.93
N THR D 1138 15.49 -49.43 37.72
CA THR D 1138 16.22 -50.42 38.51
C THR D 1138 17.07 -51.33 37.63
N SER D 1139 16.59 -51.59 36.41
CA SER D 1139 17.22 -52.60 35.58
C SER D 1139 18.57 -52.15 35.07
N ILE D 1140 18.71 -50.87 34.71
CA ILE D 1140 19.99 -50.42 34.15
C ILE D 1140 21.08 -50.50 35.20
N VAL D 1141 20.79 -50.06 36.42
CA VAL D 1141 21.79 -50.10 37.47
C VAL D 1141 22.14 -51.53 37.82
N ASN D 1142 21.12 -52.39 37.96
CA ASN D 1142 21.44 -53.77 38.30
C ASN D 1142 22.22 -54.46 37.19
N GLY D 1143 21.95 -54.08 35.94
CA GLY D 1143 22.69 -54.65 34.82
C GLY D 1143 24.15 -54.25 34.84
N ARG D 1144 24.41 -52.96 35.07
CA ARG D 1144 25.80 -52.54 35.19
C ARG D 1144 26.46 -53.20 36.38
N ASN D 1145 25.70 -53.44 37.43
CA ASN D 1145 26.25 -54.10 38.61
C ASN D 1145 26.70 -55.51 38.25
N ALA D 1146 25.85 -56.26 37.56
CA ALA D 1146 26.23 -57.61 37.14
C ALA D 1146 27.42 -57.58 36.18
N LYS D 1147 27.52 -56.55 35.35
CA LYS D 1147 28.73 -56.40 34.55
C LYS D 1147 29.94 -56.27 35.47
N ARG D 1148 29.84 -55.42 36.49
CA ARG D 1148 30.96 -55.21 37.40
C ARG D 1148 31.35 -56.47 38.15
N ASN D 1149 30.41 -57.41 38.30
CA ASN D 1149 30.72 -58.69 38.94
C ASN D 1149 31.74 -59.51 38.15
N SER D 1150 31.98 -59.17 36.89
CA SER D 1150 33.06 -59.76 36.13
C SER D 1150 34.35 -59.00 36.43
N GLU D 1151 35.35 -59.71 36.92
CA GLU D 1151 36.68 -59.17 37.19
C GLU D 1151 36.62 -58.04 38.20
N TYR D 1152 36.29 -58.45 39.41
CA TYR D 1152 36.37 -57.62 40.61
C TYR D 1152 37.28 -58.21 41.66
N TYR D 1153 37.81 -59.42 41.45
CA TYR D 1153 38.46 -60.18 42.51
C TYR D 1153 39.81 -60.69 42.04
N LEU D 1154 40.79 -60.58 42.92
CA LEU D 1154 42.01 -61.33 42.73
C LEU D 1154 41.72 -62.77 43.10
N ASP E 2 37.97 -8.34 2.91
CA ASP E 2 36.93 -9.13 2.21
C ASP E 2 37.55 -10.16 1.26
N ILE E 3 38.50 -10.96 1.76
CA ILE E 3 39.01 -12.10 0.99
C ILE E 3 38.99 -13.38 1.82
N GLU E 4 39.10 -13.27 3.14
CA GLU E 4 39.07 -14.44 4.02
C GLU E 4 40.21 -15.41 3.72
N LEU E 5 41.43 -14.95 4.00
CA LEU E 5 42.60 -15.78 3.79
C LEU E 5 42.60 -16.97 4.73
N THR E 6 43.05 -18.12 4.23
CA THR E 6 43.17 -19.34 5.03
C THR E 6 44.55 -19.96 4.81
N LYS E 7 45.33 -20.07 5.87
CA LYS E 7 46.60 -20.77 5.86
C LYS E 7 46.36 -22.15 6.47
N LYS E 8 46.41 -23.17 5.63
CA LYS E 8 46.26 -24.54 6.09
C LYS E 8 47.62 -25.19 6.28
N ASP E 9 47.60 -26.35 6.94
CA ASP E 9 48.83 -27.06 7.20
C ASP E 9 49.37 -27.59 5.89
N GLY E 10 50.20 -26.78 5.24
CA GLY E 10 50.77 -27.10 3.95
C GLY E 10 50.39 -26.18 2.81
N THR E 11 49.59 -25.13 3.00
CA THR E 11 49.27 -24.27 1.87
C THR E 11 48.65 -22.97 2.34
N VAL E 12 48.46 -22.06 1.38
CA VAL E 12 47.84 -20.76 1.59
C VAL E 12 46.78 -20.59 0.51
N ILE E 13 45.62 -20.05 0.90
CA ILE E 13 44.49 -19.90 0.00
C ILE E 13 43.84 -18.57 0.30
N LYS E 14 43.25 -17.96 -0.73
CA LYS E 14 42.41 -16.80 -0.56
C LYS E 14 41.28 -16.88 -1.57
N LEU E 15 40.08 -16.53 -1.13
CA LEU E 15 38.89 -16.86 -1.90
C LEU E 15 38.80 -16.03 -3.18
N SER E 16 38.98 -14.71 -3.07
CA SER E 16 38.80 -13.85 -4.24
C SER E 16 39.78 -14.16 -5.36
N GLU E 17 40.90 -14.81 -5.03
CA GLU E 17 41.73 -15.38 -6.07
C GLU E 17 40.97 -16.45 -6.85
N TYR E 18 40.07 -17.15 -6.18
CA TYR E 18 39.33 -18.27 -6.76
C TYR E 18 37.96 -17.85 -7.25
N GLY E 19 37.82 -16.62 -7.71
CA GLY E 19 36.55 -16.14 -8.21
C GLY E 19 35.48 -15.98 -7.16
N PHE E 20 35.85 -16.00 -5.89
CA PHE E 20 34.91 -15.98 -4.77
C PHE E 20 34.97 -14.63 -4.08
N ILE E 21 34.13 -13.72 -4.53
CA ILE E 21 33.86 -12.52 -3.77
C ILE E 21 33.20 -12.91 -2.45
N VAL E 22 33.26 -12.00 -1.50
CA VAL E 22 32.58 -12.12 -0.22
C VAL E 22 31.85 -10.83 0.08
N ASN E 23 30.71 -10.95 0.77
CA ASN E 23 29.95 -9.76 1.14
C ASN E 23 30.59 -9.06 2.32
N ASP E 24 31.00 -9.80 3.32
CA ASP E 24 31.57 -9.22 4.54
C ASP E 24 32.12 -10.35 5.39
N ILE E 25 32.72 -9.97 6.50
CA ILE E 25 33.09 -10.90 7.56
C ILE E 25 32.66 -10.29 8.87
N VAL E 26 31.99 -11.07 9.70
CA VAL E 26 31.56 -10.66 11.01
C VAL E 26 32.09 -11.67 12.00
N ILE E 27 32.76 -11.18 13.03
CA ILE E 27 33.42 -12.01 14.02
C ILE E 27 32.75 -11.75 15.35
N ASP E 28 32.06 -12.76 15.86
CA ASP E 28 31.50 -12.68 17.19
C ASP E 28 32.61 -12.54 18.21
N SER E 29 32.22 -12.14 19.41
CA SER E 29 33.13 -12.18 20.55
C SER E 29 33.20 -13.61 21.04
N MET E 30 33.78 -13.79 22.21
CA MET E 30 33.99 -15.11 22.78
C MET E 30 32.85 -15.46 23.71
N GLN E 31 32.26 -16.63 23.52
CA GLN E 31 31.17 -17.08 24.37
C GLN E 31 31.68 -17.30 25.78
N ILE E 32 31.29 -16.42 26.68
CA ILE E 32 31.67 -16.55 28.08
C ILE E 32 30.77 -17.59 28.71
N ASN E 33 31.32 -18.75 29.01
CA ASN E 33 30.65 -19.71 29.87
C ASN E 33 30.90 -19.33 31.31
N THR E 34 29.82 -19.06 32.03
CA THR E 34 29.89 -18.78 33.45
C THR E 34 29.73 -20.08 34.24
N LYS E 35 30.12 -20.01 35.50
CA LYS E 35 29.95 -21.09 36.45
C LYS E 35 29.54 -20.38 37.74
N TYR E 36 28.25 -20.19 37.90
CA TYR E 36 27.70 -19.62 39.12
C TYR E 36 27.16 -20.73 40.01
N GLN E 37 27.03 -20.40 41.28
CA GLN E 37 26.36 -21.26 42.25
C GLN E 37 25.46 -20.38 43.09
N ASP E 38 24.19 -20.75 43.14
CA ASP E 38 23.19 -20.03 43.91
C ASP E 38 23.09 -20.63 45.31
N LYS E 39 23.41 -19.82 46.30
CA LYS E 39 23.10 -20.14 47.68
C LYS E 39 21.59 -20.20 47.85
N GLU E 40 21.17 -21.01 48.82
CA GLU E 40 19.78 -21.46 48.86
C GLU E 40 18.81 -20.32 49.15
N ASN E 41 19.08 -19.51 50.19
CA ASN E 41 18.17 -18.45 50.60
C ASN E 41 18.85 -17.09 50.67
N MET E 42 19.83 -16.84 49.81
CA MET E 42 20.61 -15.62 49.83
C MET E 42 20.50 -14.89 48.51
N ASN E 43 20.13 -13.62 48.59
CA ASN E 43 19.90 -12.81 47.40
C ASN E 43 21.20 -12.46 46.73
N GLY E 44 21.80 -13.45 46.09
CA GLY E 44 23.08 -13.32 45.43
C GLY E 44 23.64 -14.70 45.22
N ARG E 45 24.38 -14.88 44.14
CA ARG E 45 24.89 -16.17 43.75
C ARG E 45 26.39 -16.09 43.58
N ILE E 46 27.09 -17.10 44.07
CA ILE E 46 28.53 -17.06 44.08
C ILE E 46 29.05 -17.35 42.69
N LEU E 47 30.12 -16.67 42.32
CA LEU E 47 30.85 -16.95 41.10
C LEU E 47 31.86 -18.04 41.40
N MET E 48 31.61 -19.24 40.89
CA MET E 48 32.66 -20.26 40.92
C MET E 48 33.70 -19.94 39.87
N GLY E 49 33.27 -19.54 38.69
CA GLY E 49 34.22 -19.19 37.64
C GLY E 49 33.53 -18.51 36.48
N SER E 50 34.35 -18.04 35.56
CA SER E 50 33.87 -17.47 34.31
C SER E 50 35.00 -17.60 33.31
N ASN E 51 34.66 -17.94 32.07
CA ASN E 51 35.69 -18.46 31.18
C ASN E 51 35.30 -18.31 29.73
N TYR E 52 36.24 -17.83 28.91
CA TYR E 52 36.01 -17.75 27.47
C TYR E 52 36.01 -19.14 26.87
N ILE E 53 35.23 -19.31 25.80
CA ILE E 53 35.09 -20.62 25.15
C ILE E 53 35.36 -20.58 23.66
N SER E 54 34.57 -19.82 22.90
CA SER E 54 34.58 -19.96 21.46
C SER E 54 34.21 -18.65 20.77
N ARG E 55 34.87 -18.39 19.65
CA ARG E 55 34.76 -17.16 18.86
C ARG E 55 34.22 -17.57 17.49
N ASP E 56 32.91 -17.63 17.39
CA ASP E 56 32.25 -18.10 16.17
C ASP E 56 32.30 -17.00 15.11
N ILE E 57 32.94 -17.31 14.00
CA ILE E 57 33.00 -16.43 12.85
C ILE E 57 31.87 -16.77 11.90
N VAL E 58 31.42 -15.77 11.14
CA VAL E 58 30.46 -15.96 10.07
C VAL E 58 30.95 -15.18 8.86
N VAL E 59 30.84 -15.79 7.69
CA VAL E 59 31.28 -15.18 6.44
C VAL E 59 30.32 -15.61 5.34
N PRO E 60 29.43 -14.76 4.88
CA PRO E 60 28.67 -15.09 3.68
C PRO E 60 29.40 -14.69 2.41
N CYS E 61 29.59 -15.65 1.52
CA CYS E 61 30.29 -15.43 0.26
C CYS E 61 29.43 -15.93 -0.88
N PHE E 62 29.37 -15.15 -1.94
CA PHE E 62 28.68 -15.55 -3.14
C PHE E 62 29.66 -15.62 -4.30
N CYS E 63 29.15 -16.08 -5.43
CA CYS E 63 30.00 -16.25 -6.58
C CYS E 63 29.17 -16.17 -7.86
N LYS E 64 29.76 -15.54 -8.85
CA LYS E 64 29.22 -15.44 -10.20
C LYS E 64 30.15 -16.22 -11.11
N VAL E 65 29.57 -16.80 -12.15
CA VAL E 65 30.31 -17.48 -13.19
C VAL E 65 29.67 -17.14 -14.53
N LYS E 66 30.28 -17.65 -15.60
CA LYS E 66 29.84 -17.30 -16.94
C LYS E 66 28.68 -18.16 -17.42
N ASN E 67 28.46 -19.33 -16.83
CA ASN E 67 27.41 -20.21 -17.29
C ASN E 67 26.89 -21.05 -16.13
N ARG E 68 25.67 -21.55 -16.31
CA ARG E 68 24.93 -22.16 -15.20
C ARG E 68 25.56 -23.46 -14.75
N SER E 69 26.09 -24.23 -15.69
CA SER E 69 26.72 -25.48 -15.35
C SER E 69 27.85 -25.28 -14.36
N ASP E 70 28.70 -24.30 -14.65
CA ASP E 70 29.94 -24.09 -13.92
C ASP E 70 29.71 -23.88 -12.44
N ILE E 71 28.51 -23.43 -12.07
CA ILE E 71 28.09 -23.26 -10.68
C ILE E 71 28.51 -24.47 -9.88
N ALA E 72 28.15 -25.65 -10.39
CA ALA E 72 28.43 -26.90 -9.69
C ALA E 72 29.90 -27.01 -9.37
N TYR E 73 30.74 -26.90 -10.40
CA TYR E 73 32.19 -26.96 -10.23
C TYR E 73 32.62 -25.98 -9.17
N MET E 74 32.20 -24.73 -9.31
CA MET E 74 32.62 -23.68 -8.41
C MET E 74 32.24 -24.05 -6.98
N ARG E 75 31.01 -24.51 -6.79
CA ARG E 75 30.55 -24.88 -5.46
C ARG E 75 31.43 -25.95 -4.88
N ASP E 76 31.70 -26.99 -5.67
CA ASP E 76 32.52 -28.08 -5.18
C ASP E 76 33.87 -27.57 -4.77
N MET E 77 34.43 -26.66 -5.58
CA MET E 77 35.72 -26.08 -5.27
C MET E 77 35.68 -25.46 -3.89
N LEU E 78 34.61 -24.69 -3.64
CA LEU E 78 34.44 -24.03 -2.35
C LEU E 78 34.52 -25.04 -1.23
N TYR E 79 33.74 -26.12 -1.33
CA TYR E 79 33.75 -27.11 -0.28
C TYR E 79 35.15 -27.70 -0.14
N SER E 80 35.71 -28.15 -1.26
CA SER E 80 37.01 -28.77 -1.23
C SER E 80 38.08 -27.81 -0.77
N LEU E 81 37.80 -26.51 -0.84
CA LEU E 81 38.76 -25.49 -0.49
C LEU E 81 38.63 -25.04 0.94
N THR E 82 37.46 -25.20 1.58
CA THR E 82 37.20 -24.56 2.86
C THR E 82 36.82 -25.53 3.95
N THR E 83 35.90 -26.45 3.68
CA THR E 83 35.33 -27.27 4.73
C THR E 83 36.39 -28.26 5.18
N ASP E 84 37.21 -27.86 6.14
CA ASP E 84 38.36 -28.64 6.56
C ASP E 84 38.35 -28.74 8.09
N ILE E 85 38.08 -29.94 8.59
CA ILE E 85 38.29 -30.24 10.00
C ILE E 85 39.71 -29.95 10.42
N GLU E 86 40.66 -30.07 9.51
CA GLU E 86 42.04 -29.67 9.68
C GLU E 86 42.06 -28.27 10.27
N PRO E 87 42.50 -28.08 11.51
CA PRO E 87 42.57 -26.72 12.06
C PRO E 87 43.38 -25.80 11.19
N MET E 88 42.71 -24.80 10.64
CA MET E 88 43.35 -23.83 9.76
C MET E 88 43.57 -22.53 10.51
N TYR E 89 44.36 -21.66 9.89
CA TYR E 89 44.62 -20.33 10.42
C TYR E 89 43.97 -19.33 9.49
N LEU E 90 42.90 -18.71 9.97
CA LEU E 90 42.19 -17.71 9.22
C LEU E 90 42.85 -16.36 9.45
N ARG E 91 42.93 -15.57 8.38
CA ARG E 91 43.33 -14.18 8.47
C ARG E 91 42.30 -13.33 7.76
N GLU E 92 41.85 -12.29 8.45
CA GLU E 92 40.86 -11.38 7.92
C GLU E 92 41.50 -10.34 7.04
N ILE E 93 40.74 -9.85 6.07
CA ILE E 93 41.19 -8.81 5.17
C ILE E 93 40.07 -7.79 5.05
N ARG E 94 40.46 -6.53 4.93
CA ARG E 94 39.54 -5.44 4.69
C ARG E 94 40.07 -4.62 3.53
N ARG E 95 39.26 -3.67 3.10
CA ARG E 95 39.70 -2.61 2.21
C ARG E 95 39.88 -1.34 3.00
N LYS E 96 40.63 -0.43 2.41
CA LYS E 96 40.89 0.88 3.00
C LYS E 96 39.91 1.93 2.52
N GLU E 97 39.03 1.59 1.58
CA GLU E 97 38.18 2.57 0.93
C GLU E 97 37.13 1.82 0.14
N GLU E 98 35.96 2.42 0.02
CA GLU E 98 34.92 1.93 -0.88
C GLU E 98 35.26 2.49 -2.26
N LEU E 99 35.94 1.69 -3.07
CA LEU E 99 36.49 2.19 -4.32
C LEU E 99 35.40 2.32 -5.37
N ASN E 100 35.52 3.36 -6.18
CA ASN E 100 34.66 3.62 -7.31
C ASN E 100 35.49 3.56 -8.58
N TYR E 101 34.77 3.53 -9.70
CA TYR E 101 35.40 3.78 -10.98
C TYR E 101 35.83 5.23 -11.06
N ARG E 102 36.99 5.46 -11.66
CA ARG E 102 37.53 6.81 -11.76
C ARG E 102 37.11 7.45 -13.07
N PHE E 103 37.33 8.75 -13.15
CA PHE E 103 37.04 9.49 -14.36
C PHE E 103 37.86 8.95 -15.53
N THR E 104 37.27 8.98 -16.71
CA THR E 104 37.93 8.54 -17.92
C THR E 104 37.54 9.51 -19.04
N GLN E 105 37.75 9.10 -20.28
CA GLN E 105 37.47 9.94 -21.44
C GLN E 105 36.77 9.11 -22.51
N PRO E 106 35.55 9.48 -22.95
CA PRO E 106 34.87 8.68 -23.97
C PRO E 106 35.24 9.11 -25.39
N THR E 107 36.50 8.91 -25.73
CA THR E 107 37.06 9.31 -27.02
C THR E 107 37.67 8.11 -27.72
N SER E 108 36.97 6.98 -27.69
CA SER E 108 37.44 5.74 -28.28
C SER E 108 38.78 5.32 -27.68
N ASP E 109 38.95 5.64 -26.40
CA ASP E 109 40.21 5.45 -25.71
C ASP E 109 39.91 5.56 -24.23
N ASP E 110 40.87 5.11 -23.42
CA ASP E 110 40.71 5.11 -21.97
C ASP E 110 39.48 4.32 -21.55
N TYR E 111 39.16 3.28 -22.30
CA TYR E 111 38.07 2.38 -21.99
C TYR E 111 38.30 1.71 -20.64
N VAL E 112 37.26 1.01 -20.17
CA VAL E 112 37.26 0.41 -18.86
C VAL E 112 37.69 -1.04 -18.97
N LYS E 113 38.22 -1.56 -17.88
CA LYS E 113 38.66 -2.94 -17.79
C LYS E 113 37.57 -3.79 -17.16
N LEU E 114 37.72 -5.10 -17.32
CA LEU E 114 36.82 -6.06 -16.70
C LEU E 114 37.64 -7.22 -16.16
N ASP E 115 37.27 -7.65 -14.95
CA ASP E 115 37.97 -8.74 -14.30
C ASP E 115 37.72 -10.05 -15.04
N LYS E 116 38.42 -11.09 -14.59
CA LYS E 116 38.13 -12.45 -15.06
C LYS E 116 36.67 -12.77 -14.90
N ASN E 117 36.10 -12.40 -13.76
CA ASN E 117 34.65 -12.35 -13.62
C ASN E 117 34.14 -11.06 -14.22
N ASN E 118 32.92 -11.13 -14.76
CA ASN E 118 32.36 -9.98 -15.45
C ASN E 118 31.98 -8.92 -14.41
N PHE E 119 32.97 -8.14 -14.02
CA PHE E 119 32.78 -7.02 -13.13
C PHE E 119 33.67 -5.87 -13.56
N PRO E 120 33.38 -4.65 -13.13
CA PRO E 120 34.25 -3.53 -13.47
C PRO E 120 35.42 -3.38 -12.52
N ASP E 121 36.63 -3.43 -13.07
CA ASP E 121 37.84 -3.29 -12.28
C ASP E 121 37.98 -1.84 -11.84
N TYR E 122 37.56 -1.54 -10.62
CA TYR E 122 37.86 -0.25 -10.02
C TYR E 122 39.30 -0.16 -9.54
N GLU E 123 40.01 -1.29 -9.45
CA GLU E 123 41.37 -1.30 -8.92
C GLU E 123 42.34 -0.98 -10.06
N TYR E 124 42.50 0.31 -10.31
CA TYR E 124 43.36 0.75 -11.40
C TYR E 124 44.83 0.64 -11.03
N SER E 125 45.20 1.16 -9.87
CA SER E 125 46.58 1.23 -9.44
C SER E 125 46.94 0.07 -8.54
N ARG E 126 48.24 -0.10 -8.32
CA ARG E 126 48.75 -1.13 -7.44
C ARG E 126 48.21 -0.97 -6.03
N HIS E 127 48.03 0.27 -5.60
CA HIS E 127 47.68 0.56 -4.22
C HIS E 127 46.17 0.53 -3.99
N ASP E 128 45.42 -0.12 -4.87
CA ASP E 128 43.98 -0.23 -4.74
C ASP E 128 43.54 -1.48 -3.98
N GLN E 129 44.21 -2.61 -4.23
CA GLN E 129 43.69 -3.88 -3.76
C GLN E 129 43.82 -3.98 -2.25
N GLN E 130 43.30 -5.07 -1.70
CA GLN E 130 43.04 -5.16 -0.28
C GLN E 130 44.31 -5.51 0.49
N ILE E 131 44.17 -5.56 1.81
CA ILE E 131 45.30 -5.64 2.72
C ILE E 131 44.97 -6.57 3.88
N TYR E 132 45.99 -7.21 4.42
CA TYR E 132 45.83 -7.89 5.69
C TYR E 132 45.62 -6.82 6.75
N VAL E 133 44.36 -6.62 7.14
CA VAL E 133 44.00 -5.51 8.02
C VAL E 133 44.71 -5.59 9.36
N ASN E 134 45.13 -6.77 9.79
CA ASN E 134 45.75 -6.90 11.08
C ASN E 134 46.72 -8.07 11.09
N GLY E 135 47.72 -7.97 11.95
CA GLY E 135 48.76 -8.97 12.03
C GLY E 135 48.41 -10.04 13.03
N LYS E 136 47.29 -10.71 12.80
CA LYS E 136 46.86 -11.81 13.65
C LYS E 136 46.09 -12.81 12.80
N GLN E 137 45.81 -13.95 13.41
CA GLN E 137 45.09 -15.02 12.76
C GLN E 137 44.09 -15.60 13.76
N TYR E 138 43.49 -16.71 13.38
CA TYR E 138 42.53 -17.40 14.23
C TYR E 138 42.55 -18.88 13.90
N LYS E 139 42.65 -19.73 14.92
CA LYS E 139 42.63 -21.16 14.69
C LYS E 139 41.19 -21.64 14.56
N VAL E 140 40.83 -22.12 13.38
CA VAL E 140 39.45 -22.13 12.92
C VAL E 140 39.10 -23.43 12.23
N ILE E 141 37.81 -23.80 12.35
CA ILE E 141 37.20 -24.97 11.73
C ILE E 141 35.82 -24.56 11.20
N PHE E 142 35.35 -25.30 10.20
CA PHE E 142 34.12 -24.99 9.49
C PHE E 142 32.91 -25.70 10.11
N ASN E 143 31.72 -25.12 9.93
CA ASN E 143 30.44 -25.74 10.25
C ASN E 143 29.48 -25.56 9.08
N GLY E 144 28.41 -26.37 9.08
CA GLY E 144 27.53 -26.59 7.94
C GLY E 144 27.05 -25.41 7.13
N VAL E 145 26.96 -25.58 5.81
CA VAL E 145 26.55 -24.54 4.87
C VAL E 145 25.47 -25.08 3.95
N ILE E 146 24.57 -24.18 3.55
CA ILE E 146 23.63 -24.42 2.46
C ILE E 146 23.94 -23.38 1.38
N ASN E 147 23.55 -23.70 0.15
CA ASN E 147 23.88 -22.90 -1.02
C ASN E 147 22.62 -22.51 -1.79
N PRO E 148 21.91 -21.46 -1.37
CA PRO E 148 20.81 -20.96 -2.17
C PRO E 148 21.34 -20.32 -3.45
N LYS E 149 20.76 -20.73 -4.57
CA LYS E 149 21.11 -20.16 -5.87
C LYS E 149 20.06 -19.12 -6.22
N GLN E 150 20.40 -17.86 -6.00
CA GLN E 150 19.67 -16.81 -6.67
C GLN E 150 19.95 -16.89 -8.16
N LYS E 151 19.22 -16.09 -8.90
CA LYS E 151 19.16 -16.18 -10.35
C LYS E 151 20.50 -16.18 -11.05
N GLY E 152 20.47 -16.69 -12.26
CA GLY E 152 21.57 -16.52 -13.17
C GLY E 152 22.70 -17.39 -12.75
N ASN E 153 23.89 -16.79 -12.68
CA ASN E 153 25.08 -17.47 -12.23
C ASN E 153 25.50 -17.05 -10.83
N LYS E 154 24.69 -16.25 -10.16
CA LYS E 154 24.98 -15.82 -8.80
C LYS E 154 24.43 -16.83 -7.82
N VAL E 155 25.29 -17.31 -6.92
CA VAL E 155 24.84 -18.18 -5.84
C VAL E 155 25.53 -17.74 -4.57
N SER E 156 24.78 -17.78 -3.47
CA SER E 156 25.28 -17.39 -2.16
C SER E 156 25.60 -18.61 -1.32
N PHE E 157 26.45 -18.37 -0.33
CA PHE E 157 26.84 -19.35 0.66
C PHE E 157 27.00 -18.62 1.97
N GLU E 158 26.83 -19.36 3.07
CA GLU E 158 26.92 -18.79 4.41
C GLU E 158 27.85 -19.65 5.25
N LEU E 159 29.14 -19.35 5.18
CA LEU E 159 30.12 -20.05 5.99
C LEU E 159 29.97 -19.69 7.45
N LYS E 160 30.08 -20.69 8.32
CA LYS E 160 29.98 -20.51 9.77
C LYS E 160 31.21 -21.17 10.36
N PHE E 161 32.24 -20.37 10.57
CA PHE E 161 33.48 -20.86 11.13
C PHE E 161 33.43 -20.74 12.65
N GLU E 162 34.39 -21.38 13.29
CA GLU E 162 34.38 -21.53 14.73
C GLU E 162 35.80 -21.75 15.22
N THR E 163 36.10 -21.20 16.40
CA THR E 163 37.43 -21.35 16.95
C THR E 163 37.69 -22.79 17.34
N THR E 164 38.97 -23.17 17.28
CA THR E 164 39.39 -24.55 17.44
C THR E 164 39.81 -24.87 18.87
N GLU E 165 40.88 -24.25 19.34
CA GLU E 165 41.49 -24.59 20.62
C GLU E 165 41.19 -23.54 21.68
N LEU E 166 41.53 -22.29 21.38
CA LEU E 166 41.48 -21.22 22.35
C LEU E 166 40.77 -20.03 21.73
N PRO E 167 39.75 -19.47 22.38
CA PRO E 167 39.03 -18.35 21.78
C PRO E 167 39.81 -17.05 21.89
N TYR E 168 40.81 -16.89 21.03
CA TYR E 168 41.64 -15.71 21.06
C TYR E 168 42.18 -15.38 19.68
N GLY E 169 42.58 -14.13 19.54
CA GLY E 169 43.19 -13.62 18.33
C GLY E 169 44.68 -13.78 18.36
N GLU E 170 45.13 -15.00 18.12
CA GLU E 170 46.56 -15.30 18.04
C GLU E 170 47.26 -14.35 17.09
N SER E 171 48.27 -13.68 17.61
CA SER E 171 49.09 -12.79 16.82
C SER E 171 50.12 -13.61 16.06
N ILE E 172 50.22 -13.36 14.78
CA ILE E 172 51.16 -14.08 13.95
C ILE E 172 52.55 -13.51 14.19
N GLY E 173 53.54 -14.37 14.04
CA GLY E 173 54.91 -13.95 14.29
C GLY E 173 55.19 -13.90 15.77
N THR E 174 56.40 -14.23 16.15
CA THR E 174 56.76 -14.29 17.55
C THR E 174 57.00 -12.88 18.06
N SER E 175 57.58 -12.79 19.25
CA SER E 175 58.06 -11.54 19.78
C SER E 175 59.52 -11.29 19.44
N LEU E 176 60.22 -12.27 18.90
CA LEU E 176 61.60 -12.05 18.47
C LEU E 176 61.66 -11.38 17.11
N GLU E 177 60.71 -11.66 16.22
CA GLU E 177 60.62 -10.88 15.00
C GLU E 177 60.36 -9.41 15.32
N LEU E 178 59.71 -9.15 16.46
CA LEU E 178 59.69 -7.79 16.97
C LEU E 178 61.08 -7.36 17.38
N GLU E 179 61.84 -8.25 18.02
CA GLU E 179 63.18 -7.92 18.44
C GLU E 179 64.07 -7.65 17.24
N GLU E 180 64.27 -8.65 16.39
CA GLU E 180 65.05 -8.49 15.17
C GLU E 180 64.07 -8.11 14.07
N ASN E 181 64.20 -6.90 13.57
CA ASN E 181 63.29 -6.38 12.55
C ASN E 181 63.64 -6.95 11.18
N LYS E 182 63.52 -8.27 11.09
CA LYS E 182 63.86 -9.00 9.87
C LYS E 182 62.62 -9.23 9.02
N LYS E 183 61.63 -9.89 9.59
CA LYS E 183 60.40 -10.15 8.88
C LYS E 183 59.54 -8.90 8.86
N VAL E 184 58.94 -8.65 7.70
CA VAL E 184 58.22 -7.43 7.43
C VAL E 184 56.78 -7.80 7.13
N GLY E 185 55.87 -6.91 7.49
CA GLY E 185 54.49 -7.28 7.66
C GLY E 185 54.23 -7.66 9.10
N LEU E 186 53.13 -8.37 9.30
CA LEU E 186 52.80 -9.05 10.55
C LEU E 186 52.89 -8.15 11.79
N TRP E 187 52.79 -6.83 11.61
CA TRP E 187 52.81 -5.90 12.74
C TRP E 187 51.87 -4.74 12.41
N SER E 188 50.65 -4.83 12.89
CA SER E 188 49.64 -3.82 12.64
C SER E 188 49.55 -2.86 13.81
N PHE E 189 48.98 -1.70 13.54
CA PHE E 189 48.89 -0.64 14.54
C PHE E 189 47.87 -0.95 15.62
N ASP E 190 47.08 -2.01 15.47
CA ASP E 190 46.24 -2.46 16.59
C ASP E 190 47.08 -2.70 17.83
N PHE E 191 48.32 -3.13 17.62
CA PHE E 191 49.26 -3.32 18.71
C PHE E 191 49.99 -2.01 18.87
N ASN E 192 49.86 -1.40 20.03
CA ASN E 192 50.52 -0.13 20.29
C ASN E 192 51.98 -0.39 20.57
N ILE E 193 52.77 -0.34 19.50
CA ILE E 193 54.17 -0.74 19.52
C ILE E 193 55.03 0.48 19.22
N ASP E 194 56.00 0.73 20.09
CA ASP E 194 56.93 1.83 19.86
C ASP E 194 57.87 1.50 18.71
N TRP E 195 58.27 2.53 17.98
CA TRP E 195 59.25 2.35 16.92
C TRP E 195 60.66 2.12 17.44
N HIS E 196 60.93 2.43 18.70
CA HIS E 196 62.30 2.42 19.21
C HIS E 196 62.76 0.98 19.35
N ALA E 197 63.04 0.36 18.21
CA ALA E 197 63.58 -0.99 18.21
C ALA E 197 64.93 -0.99 18.91
N GLY E 198 65.09 -1.93 19.84
CA GLY E 198 66.17 -1.90 20.77
C GLY E 198 65.87 -1.14 22.03
N GLY E 199 64.85 -0.28 22.01
CA GLY E 199 64.42 0.41 23.21
C GLY E 199 63.56 -0.47 24.07
N ASP E 200 63.08 0.11 25.17
CA ASP E 200 62.19 -0.61 26.05
C ASP E 200 60.89 -0.94 25.33
N LYS E 201 60.17 -1.90 25.88
CA LYS E 201 58.88 -2.38 25.39
C LYS E 201 58.93 -2.93 23.96
N ARG E 202 60.12 -3.18 23.44
CA ARG E 202 60.32 -4.02 22.29
C ARG E 202 61.23 -5.19 22.57
N LYS E 203 62.02 -5.11 23.63
CA LYS E 203 63.12 -6.03 23.84
C LYS E 203 62.67 -7.17 24.74
N TYR E 204 63.00 -8.39 24.33
CA TYR E 204 62.81 -9.58 25.12
C TYR E 204 64.09 -10.39 25.12
N THR E 205 65.21 -9.69 25.29
CA THR E 205 66.54 -10.29 25.24
C THR E 205 67.44 -9.45 26.15
N PHE E 206 67.54 -9.86 27.40
CA PHE E 206 68.28 -9.12 28.42
C PHE E 206 69.50 -9.92 28.84
N GLU E 207 70.43 -9.22 29.50
CA GLU E 207 71.73 -9.79 29.84
C GLU E 207 72.15 -9.27 31.20
N ASN E 208 72.61 -10.18 32.06
CA ASN E 208 73.29 -9.81 33.31
C ASN E 208 72.41 -8.94 34.18
N LEU E 209 71.30 -9.53 34.65
CA LEU E 209 70.32 -8.79 35.42
C LEU E 209 69.67 -9.69 36.45
N SER E 210 69.47 -9.15 37.65
CA SER E 210 68.69 -9.83 38.67
C SER E 210 67.20 -9.62 38.45
N LYS E 211 66.82 -8.49 37.87
CA LYS E 211 65.44 -8.10 37.72
C LYS E 211 65.31 -7.22 36.48
N GLY E 212 64.18 -7.35 35.80
CA GLY E 212 63.99 -6.62 34.57
C GLY E 212 62.52 -6.45 34.28
N THR E 213 62.25 -5.77 33.16
CA THR E 213 60.92 -5.29 32.83
C THR E 213 60.50 -5.83 31.48
N VAL E 214 59.21 -6.12 31.36
CA VAL E 214 58.64 -6.66 30.14
C VAL E 214 57.31 -5.97 29.89
N TYR E 215 57.06 -5.61 28.64
CA TYR E 215 55.78 -5.06 28.21
C TYR E 215 55.12 -6.07 27.30
N TYR E 216 54.13 -6.76 27.83
CA TYR E 216 53.31 -7.68 27.04
C TYR E 216 52.22 -6.86 26.38
N HIS E 217 52.38 -6.63 25.08
CA HIS E 217 51.46 -5.79 24.32
C HIS E 217 50.08 -6.41 24.15
N GLY E 218 49.93 -7.69 24.48
CA GLY E 218 48.64 -8.33 24.30
C GLY E 218 47.63 -8.07 25.40
N SER E 219 46.45 -7.59 24.99
CA SER E 219 45.39 -7.34 25.95
C SER E 219 44.99 -8.61 26.67
N ALA E 220 44.83 -9.70 25.93
CA ALA E 220 44.48 -10.94 26.59
C ALA E 220 45.70 -11.50 27.31
N PRO E 221 45.49 -12.23 28.39
CA PRO E 221 46.61 -12.70 29.19
C PRO E 221 47.13 -14.04 28.70
N ASN E 222 48.45 -14.14 28.64
CA ASN E 222 49.10 -15.39 28.25
C ASN E 222 49.41 -16.21 29.50
N ASP E 223 48.32 -16.66 30.14
CA ASP E 223 48.42 -17.69 31.16
C ASP E 223 48.21 -19.08 30.60
N GLN E 224 47.50 -19.24 29.49
CA GLN E 224 47.21 -20.58 29.01
C GLN E 224 48.46 -21.15 28.38
N PHE E 225 48.73 -22.40 28.72
CA PHE E 225 49.88 -23.11 28.22
C PHE E 225 49.84 -23.36 26.72
N ASN E 226 48.65 -23.58 26.16
CA ASN E 226 48.53 -23.83 24.72
C ASN E 226 49.16 -22.72 23.90
N MET E 227 49.20 -21.51 24.42
CA MET E 227 49.91 -20.43 23.77
C MET E 227 51.41 -20.73 23.76
N TYR E 228 52.09 -20.16 22.77
CA TYR E 228 53.50 -20.45 22.52
C TYR E 228 54.41 -19.56 23.35
N LYS E 229 54.16 -19.51 24.65
CA LYS E 229 55.08 -18.81 25.56
C LYS E 229 56.26 -19.72 25.80
N LYS E 230 57.46 -19.23 25.47
CA LYS E 230 58.65 -20.05 25.51
C LYS E 230 59.83 -19.20 25.91
N ILE E 231 60.46 -19.57 27.02
CA ILE E 231 61.56 -18.84 27.61
C ILE E 231 62.82 -19.68 27.48
N THR E 232 63.97 -19.01 27.43
CA THR E 232 65.23 -19.71 27.50
C THR E 232 66.26 -18.79 28.14
N ILE E 233 66.97 -19.34 29.12
CA ILE E 233 67.82 -18.54 30.00
C ILE E 233 69.17 -19.23 30.17
N ILE E 234 70.23 -18.47 29.98
CA ILE E 234 71.57 -18.87 30.39
C ILE E 234 71.76 -18.33 31.79
N LEU E 235 71.93 -19.25 32.73
CA LEU E 235 71.71 -18.97 34.14
C LEU E 235 72.76 -18.06 34.75
N GLY E 236 73.90 -17.88 34.10
CA GLY E 236 74.88 -16.92 34.61
C GLY E 236 75.73 -17.33 35.78
N GLU E 237 75.13 -17.89 36.82
CA GLU E 237 75.82 -18.18 38.06
C GLU E 237 75.39 -19.54 38.56
N ASP E 238 76.37 -20.34 38.99
CA ASP E 238 76.10 -21.65 39.56
C ASP E 238 75.22 -21.52 40.80
N THR E 239 74.46 -22.57 41.08
CA THR E 239 73.62 -22.61 42.25
C THR E 239 73.14 -24.03 42.47
N GLU E 240 72.55 -24.26 43.63
CA GLU E 240 71.88 -25.51 43.96
C GLU E 240 70.36 -25.41 43.82
N SER E 241 69.80 -24.24 44.13
CA SER E 241 68.39 -23.95 43.93
C SER E 241 68.27 -22.69 43.08
N PHE E 242 67.09 -22.50 42.50
CA PHE E 242 66.90 -21.40 41.57
C PHE E 242 65.45 -20.95 41.59
N VAL E 243 65.20 -19.80 42.21
CA VAL E 243 63.86 -19.24 42.30
C VAL E 243 63.81 -18.04 41.37
N TRP E 244 62.67 -17.85 40.72
CA TRP E 244 62.37 -16.57 40.10
C TRP E 244 60.89 -16.27 40.23
N ASN E 245 60.62 -15.02 40.58
CA ASN E 245 59.31 -14.49 40.83
C ASN E 245 58.85 -13.68 39.64
N LEU E 246 57.56 -13.39 39.60
CA LEU E 246 56.99 -12.65 38.49
C LEU E 246 55.62 -12.13 38.92
N THR E 247 55.26 -10.98 38.37
CA THR E 247 54.01 -10.32 38.71
C THR E 247 52.97 -10.54 37.62
N HIS E 248 51.71 -10.52 38.04
CA HIS E 248 50.60 -11.06 37.25
C HIS E 248 50.78 -12.54 37.00
N ALA E 249 51.43 -13.23 37.94
CA ALA E 249 51.67 -14.66 37.84
C ALA E 249 52.06 -15.15 39.23
N GLU E 250 52.56 -16.38 39.29
CA GLU E 250 52.94 -17.03 40.52
C GLU E 250 54.45 -17.07 40.66
N ILE E 251 54.90 -17.45 41.84
CA ILE E 251 56.31 -17.69 42.09
C ILE E 251 56.73 -19.01 41.46
N MET E 252 58.00 -19.10 41.08
CA MET E 252 58.56 -20.32 40.51
C MET E 252 59.84 -20.69 41.23
N LYS E 253 59.95 -21.95 41.59
CA LYS E 253 61.17 -22.51 42.17
C LYS E 253 61.67 -23.63 41.27
N ILE E 254 62.97 -23.88 41.38
CA ILE E 254 63.58 -25.12 40.90
C ILE E 254 64.52 -25.53 42.03
N GLU E 255 64.02 -26.41 42.90
CA GLU E 255 64.79 -26.93 44.02
C GLU E 255 65.01 -28.42 43.83
N GLY E 256 66.04 -28.93 44.50
CA GLY E 256 66.27 -30.35 44.56
C GLY E 256 67.17 -30.89 43.47
N ILE E 257 67.47 -30.08 42.46
CA ILE E 257 68.41 -30.44 41.40
C ILE E 257 69.49 -29.37 41.37
N LYS E 258 70.73 -29.81 41.25
CA LYS E 258 71.86 -28.90 41.18
C LYS E 258 72.16 -28.56 39.73
N LEU E 259 72.51 -27.30 39.52
CA LEU E 259 72.71 -26.73 38.19
C LEU E 259 74.15 -26.23 38.08
N LYS E 260 74.46 -25.60 36.95
CA LYS E 260 75.71 -24.88 36.76
C LYS E 260 75.43 -23.59 36.01
N ALA E 261 76.41 -22.68 36.03
CA ALA E 261 76.21 -21.35 35.48
C ALA E 261 75.94 -21.40 33.99
N GLY E 262 76.91 -21.88 33.22
CA GLY E 262 76.80 -21.89 31.77
C GLY E 262 75.72 -22.79 31.24
N ASP E 263 75.17 -23.68 32.07
CA ASP E 263 74.04 -24.49 31.63
C ASP E 263 72.83 -23.62 31.40
N ARG E 264 72.05 -23.97 30.38
CA ARG E 264 70.88 -23.22 29.98
C ARG E 264 69.62 -24.02 30.26
N ILE E 265 68.56 -23.29 30.59
CA ILE E 265 67.25 -23.85 30.82
C ILE E 265 66.35 -23.37 29.71
N VAL E 266 65.66 -24.30 29.06
CA VAL E 266 64.55 -23.95 28.16
C VAL E 266 63.29 -24.16 28.97
N TYR E 267 62.62 -23.07 29.28
CA TYR E 267 61.43 -23.08 30.10
C TYR E 267 60.25 -22.91 29.15
N ASP E 268 59.74 -24.04 28.68
CA ASP E 268 58.52 -24.02 27.89
C ASP E 268 57.33 -24.00 28.84
N SER E 269 56.16 -23.79 28.25
CA SER E 269 54.92 -23.79 29.01
C SER E 269 54.78 -25.10 29.78
N PHE E 270 54.53 -24.97 31.09
CA PHE E 270 54.46 -26.06 32.06
C PHE E 270 55.51 -27.14 31.82
N ARG E 271 56.70 -26.74 31.42
CA ARG E 271 57.70 -27.73 31.03
C ARG E 271 59.09 -27.13 31.09
N VAL E 272 60.04 -27.96 31.47
CA VAL E 272 61.39 -27.50 31.79
C VAL E 272 62.37 -28.46 31.17
N TYR E 273 63.08 -28.02 30.14
CA TYR E 273 64.27 -28.70 29.67
C TYR E 273 65.46 -28.18 30.48
N LYS E 274 66.07 -29.09 31.25
CA LYS E 274 67.24 -28.72 32.03
C LYS E 274 68.39 -28.29 31.14
N ASN E 275 68.61 -29.02 30.06
CA ASN E 275 69.65 -28.68 29.09
C ASN E 275 69.18 -28.96 27.68
N GLY E 276 67.91 -28.67 27.41
CA GLY E 276 67.35 -28.79 26.08
C GLY E 276 66.65 -30.11 25.83
N VAL E 277 67.07 -31.17 26.51
CA VAL E 277 66.42 -32.47 26.45
C VAL E 277 66.45 -33.06 27.86
N GLU E 278 65.80 -34.22 28.01
CA GLU E 278 65.73 -34.92 29.28
C GLU E 278 65.13 -34.00 30.35
N ILE E 279 63.83 -33.77 30.17
CA ILE E 279 63.14 -32.73 30.90
C ILE E 279 63.13 -33.07 32.37
N SER E 280 63.56 -32.12 33.19
CA SER E 280 63.55 -32.25 34.64
C SER E 280 62.52 -31.24 35.14
N THR E 281 61.26 -31.68 35.19
CA THR E 281 60.12 -30.82 35.43
C THR E 281 59.37 -31.23 36.69
N GLU E 282 60.07 -31.85 37.64
CA GLU E 282 59.44 -32.22 38.89
C GLU E 282 59.36 -31.06 39.87
N THR E 283 60.15 -30.01 39.66
CA THR E 283 60.38 -28.98 40.67
C THR E 283 59.36 -27.86 40.51
N ASN E 284 58.38 -27.81 41.40
CA ASN E 284 57.46 -26.68 41.51
C ASN E 284 56.76 -26.43 40.18
N ILE E 285 55.84 -27.33 39.86
CA ILE E 285 55.15 -27.22 38.59
C ILE E 285 54.24 -25.99 38.66
N SER E 286 54.72 -24.90 38.09
CA SER E 286 54.03 -23.62 38.07
C SER E 286 54.38 -22.95 36.75
N GLN E 287 53.39 -22.44 36.07
CA GLN E 287 53.59 -21.84 34.77
C GLN E 287 53.41 -20.33 34.85
N PRO E 288 54.20 -19.56 34.13
CA PRO E 288 54.16 -18.11 34.25
C PRO E 288 53.09 -17.52 33.36
N LYS E 289 52.70 -16.30 33.69
CA LYS E 289 51.50 -15.71 33.11
C LYS E 289 51.77 -14.24 32.83
N PHE E 290 51.72 -13.88 31.57
CA PHE E 290 51.85 -12.50 31.13
C PHE E 290 50.46 -11.96 30.85
N LYS E 291 50.09 -10.89 31.54
CA LYS E 291 48.73 -10.36 31.45
C LYS E 291 48.62 -9.26 30.41
N TYR E 292 49.30 -8.15 30.64
CA TYR E 292 49.35 -7.04 29.69
C TYR E 292 50.28 -5.96 30.22
N GLY E 293 50.98 -5.27 29.33
CA GLY E 293 51.84 -4.19 29.77
C GLY E 293 52.95 -4.71 30.65
N ALA E 294 53.25 -3.95 31.70
CA ALA E 294 54.39 -4.24 32.54
C ALA E 294 54.23 -5.60 33.21
N ASN E 295 55.14 -6.51 32.90
CA ASN E 295 55.26 -7.79 33.57
C ASN E 295 56.69 -7.88 34.08
N LYS E 296 56.88 -7.38 35.29
CA LYS E 296 58.19 -7.32 35.91
C LYS E 296 58.58 -8.67 36.47
N PHE E 297 59.78 -9.12 36.14
CA PHE E 297 60.33 -10.35 36.69
C PHE E 297 61.46 -10.03 37.65
N GLU E 298 61.74 -10.97 38.54
CA GLU E 298 62.83 -10.84 39.51
C GLU E 298 63.48 -12.20 39.68
N PHE E 299 64.68 -12.34 39.14
CA PHE E 299 65.50 -13.51 39.37
C PHE E 299 66.20 -13.34 40.72
N ASN E 300 67.20 -14.17 41.01
CA ASN E 300 67.90 -14.09 42.29
C ASN E 300 69.42 -14.11 42.19
N GLN E 301 70.03 -14.43 41.04
CA GLN E 301 71.49 -14.45 40.97
C GLN E 301 72.04 -13.93 39.65
N THR E 302 71.37 -12.97 39.02
CA THR E 302 71.95 -12.22 37.89
C THR E 302 72.30 -13.16 36.73
N VAL E 303 71.25 -13.70 36.11
CA VAL E 303 71.45 -14.54 34.93
C VAL E 303 72.21 -13.77 33.87
N GLN E 304 73.14 -14.46 33.21
CA GLN E 304 73.92 -13.80 32.18
C GLN E 304 73.12 -13.61 30.92
N LYS E 305 72.07 -14.41 30.72
CA LYS E 305 71.17 -14.15 29.61
C LYS E 305 69.78 -14.65 29.95
N VAL E 306 68.80 -13.87 29.55
CA VAL E 306 67.42 -14.28 29.45
C VAL E 306 66.94 -13.84 28.09
N GLN E 307 66.15 -14.67 27.43
CA GLN E 307 65.41 -14.18 26.29
C GLN E 307 64.24 -15.12 26.10
N PHE E 308 63.12 -14.57 25.67
CA PHE E 308 61.93 -15.38 25.56
C PHE E 308 61.02 -14.86 24.48
N ASP E 309 60.63 -15.76 23.61
CA ASP E 309 59.66 -15.48 22.57
C ASP E 309 58.29 -15.96 23.03
N LEU E 310 57.29 -15.26 22.56
CA LEU E 310 55.92 -15.59 22.92
C LEU E 310 55.02 -15.07 21.83
N LYS E 311 53.75 -15.33 21.98
CA LYS E 311 52.73 -14.92 21.03
C LYS E 311 51.70 -14.10 21.76
N PHE E 312 51.26 -13.04 21.09
CA PHE E 312 50.31 -12.10 21.68
C PHE E 312 48.91 -12.54 21.31
N TYR E 313 48.03 -12.50 22.29
CA TYR E 313 46.67 -13.00 22.15
C TYR E 313 45.71 -11.92 22.57
N TYR E 314 44.53 -11.93 21.95
CA TYR E 314 43.66 -10.76 21.98
C TYR E 314 42.21 -11.19 22.13
N LYS E 315 41.43 -10.28 22.70
CA LYS E 315 40.05 -10.52 23.01
C LYS E 315 39.23 -9.28 22.67
N ASP F 2 19.47 -30.75 -13.59
CA ASP F 2 18.06 -30.73 -13.13
C ASP F 2 17.30 -31.98 -13.60
N ILE F 3 17.86 -33.17 -13.36
CA ILE F 3 17.13 -34.41 -13.60
C ILE F 3 17.21 -35.35 -12.39
N GLU F 4 18.28 -35.25 -11.60
CA GLU F 4 18.43 -36.07 -10.41
C GLU F 4 18.46 -37.56 -10.75
N LEU F 5 19.52 -37.96 -11.43
CA LEU F 5 19.68 -39.36 -11.80
C LEU F 5 19.89 -40.23 -10.56
N THR F 6 19.31 -41.43 -10.58
CA THR F 6 19.48 -42.40 -9.50
C THR F 6 19.83 -43.75 -10.09
N LYS F 7 20.98 -44.28 -9.71
CA LYS F 7 21.41 -45.63 -10.05
C LYS F 7 21.16 -46.49 -8.82
N LYS F 8 20.17 -47.37 -8.91
CA LYS F 8 19.87 -48.29 -7.84
C LYS F 8 20.49 -49.65 -8.13
N ASP F 9 20.51 -50.49 -7.09
CA ASP F 9 21.10 -51.80 -7.22
C ASP F 9 20.22 -52.63 -8.14
N GLY F 10 20.53 -52.57 -9.43
CA GLY F 10 19.79 -53.27 -10.46
C GLY F 10 19.11 -52.38 -11.49
N THR F 11 19.23 -51.05 -11.45
CA THR F 11 18.57 -50.25 -12.48
C THR F 11 19.10 -48.83 -12.47
N VAL F 12 18.66 -48.07 -13.46
CA VAL F 12 18.99 -46.65 -13.63
C VAL F 12 17.68 -45.92 -13.89
N ILE F 13 17.53 -44.75 -13.27
CA ILE F 13 16.32 -43.96 -13.36
C ILE F 13 16.71 -42.50 -13.46
N LYS F 14 15.88 -41.73 -14.14
CA LYS F 14 16.01 -40.28 -14.17
C LYS F 14 14.61 -39.69 -14.20
N LEU F 15 14.40 -38.63 -13.43
CA LEU F 15 13.04 -38.17 -13.16
C LEU F 15 12.40 -37.56 -14.39
N SER F 16 13.10 -36.65 -15.07
CA SER F 16 12.51 -35.94 -16.20
C SER F 16 12.12 -36.88 -17.33
N GLU F 17 12.71 -38.06 -17.39
CA GLU F 17 12.18 -39.09 -18.26
C GLU F 17 10.77 -39.47 -17.86
N TYR F 18 10.46 -39.40 -16.56
CA TYR F 18 9.19 -39.84 -16.01
C TYR F 18 8.23 -38.66 -15.81
N GLY F 19 8.32 -37.65 -16.67
CA GLY F 19 7.44 -36.50 -16.56
C GLY F 19 7.68 -35.64 -15.35
N PHE F 20 8.81 -35.81 -14.67
CA PHE F 20 9.10 -35.14 -13.42
C PHE F 20 10.18 -34.10 -13.64
N ILE F 21 9.75 -32.89 -13.95
CA ILE F 21 10.64 -31.75 -13.88
C ILE F 21 11.07 -31.55 -12.43
N VAL F 22 12.17 -30.82 -12.26
CA VAL F 22 12.68 -30.42 -10.97
C VAL F 22 13.01 -28.94 -11.01
N ASN F 23 12.83 -28.27 -9.87
CA ASN F 23 13.15 -26.85 -9.80
C ASN F 23 14.65 -26.64 -9.68
N ASP F 24 15.31 -27.42 -8.85
CA ASP F 24 16.74 -27.26 -8.62
C ASP F 24 17.21 -28.42 -7.76
N ILE F 25 18.52 -28.46 -7.51
CA ILE F 25 19.12 -29.34 -6.54
C ILE F 25 20.08 -28.51 -5.71
N VAL F 26 19.98 -28.65 -4.40
CA VAL F 26 20.87 -27.97 -3.47
C VAL F 26 21.49 -29.04 -2.58
N ILE F 27 22.80 -29.01 -2.47
CA ILE F 27 23.54 -30.02 -1.75
C ILE F 27 24.26 -29.32 -0.60
N ASP F 28 23.85 -29.63 0.61
CA ASP F 28 24.52 -29.12 1.78
C ASP F 28 25.94 -29.66 1.82
N SER F 29 26.76 -29.04 2.63
CA SER F 29 28.07 -29.58 2.95
C SER F 29 27.91 -30.69 3.97
N MET F 30 29.01 -31.14 4.54
CA MET F 30 29.00 -32.25 5.46
C MET F 30 28.92 -31.74 6.89
N GLN F 31 27.97 -32.28 7.65
CA GLN F 31 27.80 -31.88 9.03
C GLN F 31 29.01 -32.30 9.83
N ILE F 32 29.82 -31.31 10.23
CA ILE F 32 31.00 -31.58 11.04
C ILE F 32 30.53 -31.76 12.48
N ASN F 33 30.60 -32.99 12.95
CA ASN F 33 30.46 -33.24 14.38
C ASN F 33 31.80 -33.03 15.04
N THR F 34 31.84 -32.09 15.97
CA THR F 34 33.03 -31.84 16.77
C THR F 34 32.99 -32.69 18.03
N LYS F 35 34.15 -32.81 18.64
CA LYS F 35 34.32 -33.48 19.93
C LYS F 35 35.30 -32.60 20.67
N TYR F 36 34.79 -31.62 21.38
CA TYR F 36 35.59 -30.76 22.23
C TYR F 36 35.49 -31.21 23.68
N GLN F 37 36.49 -30.81 24.46
CA GLN F 37 36.47 -30.99 25.89
C GLN F 37 36.93 -29.69 26.52
N ASP F 38 36.12 -29.17 27.42
CA ASP F 38 36.42 -27.93 28.13
C ASP F 38 37.14 -28.24 29.43
N LYS F 39 38.37 -27.76 29.53
CA LYS F 39 39.07 -27.73 30.80
C LYS F 39 38.33 -26.80 31.76
N GLU F 40 38.47 -27.10 33.05
CA GLU F 40 37.56 -26.57 34.05
C GLU F 40 37.68 -25.05 34.18
N ASN F 41 38.91 -24.55 34.36
CA ASN F 41 39.15 -23.12 34.61
C ASN F 41 40.12 -22.50 33.61
N MET F 42 40.13 -22.99 32.37
CA MET F 42 41.07 -22.54 31.37
C MET F 42 40.33 -21.99 30.16
N ASN F 43 40.70 -20.77 29.79
CA ASN F 43 40.04 -20.07 28.70
C ASN F 43 40.41 -20.67 27.36
N GLY F 44 39.87 -21.85 27.11
CA GLY F 44 40.16 -22.60 25.91
C GLY F 44 39.76 -24.03 26.14
N ARG F 45 39.32 -24.70 25.10
CA ARG F 45 38.79 -26.05 25.19
C ARG F 45 39.54 -26.94 24.23
N ILE F 46 39.88 -28.14 24.70
CA ILE F 46 40.70 -29.02 23.90
C ILE F 46 39.86 -29.65 22.82
N LEU F 47 40.46 -29.83 21.66
CA LEU F 47 39.86 -30.59 20.56
C LEU F 47 40.20 -32.05 20.77
N MET F 48 39.22 -32.84 21.16
CA MET F 48 39.40 -34.29 21.12
C MET F 48 39.35 -34.78 19.68
N GLY F 49 38.40 -34.26 18.91
CA GLY F 49 38.31 -34.66 17.52
C GLY F 49 37.36 -33.76 16.75
N SER F 50 37.33 -33.97 15.44
CA SER F 50 36.38 -33.31 14.56
C SER F 50 36.22 -34.18 13.34
N ASN F 51 35.00 -34.31 12.84
CA ASN F 51 34.72 -35.42 11.95
C ASN F 51 33.50 -35.14 11.08
N TYR F 52 33.61 -35.41 9.79
CA TYR F 52 32.49 -35.29 8.89
C TYR F 52 31.48 -36.39 9.17
N ILE F 53 30.19 -36.09 8.94
CA ILE F 53 29.13 -37.05 9.23
C ILE F 53 28.21 -37.28 8.03
N SER F 54 27.52 -36.24 7.58
CA SER F 54 26.41 -36.43 6.65
C SER F 54 26.24 -35.24 5.73
N ARG F 55 25.89 -35.53 4.47
CA ARG F 55 25.76 -34.55 3.39
C ARG F 55 24.30 -34.60 2.95
N ASP F 56 23.46 -33.82 3.62
CA ASP F 56 22.02 -33.83 3.36
C ASP F 56 21.72 -33.09 2.08
N ILE F 57 21.14 -33.80 1.13
CA ILE F 57 20.69 -33.22 -0.14
C ILE F 57 19.23 -32.83 -0.01
N VAL F 58 18.84 -31.82 -0.77
CA VAL F 58 17.43 -31.42 -0.90
C VAL F 58 17.16 -31.20 -2.37
N VAL F 59 15.99 -31.67 -2.81
CA VAL F 59 15.57 -31.55 -4.20
C VAL F 59 14.06 -31.34 -4.23
N PRO F 60 13.58 -30.15 -4.49
CA PRO F 60 12.15 -29.98 -4.74
C PRO F 60 11.80 -30.21 -6.19
N CYS F 61 10.86 -31.13 -6.43
CA CYS F 61 10.42 -31.48 -7.77
C CYS F 61 8.92 -31.39 -7.84
N PHE F 62 8.42 -30.81 -8.93
CA PHE F 62 7.00 -30.76 -9.17
C PHE F 62 6.68 -31.49 -10.44
N CYS F 63 5.39 -31.59 -10.72
CA CYS F 63 4.94 -32.33 -11.89
C CYS F 63 3.60 -31.81 -12.33
N LYS F 64 3.44 -31.76 -13.65
CA LYS F 64 2.21 -31.43 -14.33
C LYS F 64 1.74 -32.67 -15.07
N VAL F 65 0.43 -32.80 -15.18
CA VAL F 65 -0.19 -33.87 -15.94
C VAL F 65 -1.39 -33.28 -16.69
N LYS F 66 -2.03 -34.11 -17.49
CA LYS F 66 -3.11 -33.65 -18.35
C LYS F 66 -4.45 -33.60 -17.64
N ASN F 67 -4.61 -34.32 -16.53
CA ASN F 67 -5.89 -34.37 -15.83
C ASN F 67 -5.67 -34.61 -14.35
N ARG F 68 -6.68 -34.24 -13.57
CA ARG F 68 -6.53 -34.17 -12.12
C ARG F 68 -6.37 -35.55 -11.51
N SER F 69 -7.06 -36.53 -12.05
CA SER F 69 -6.97 -37.89 -11.52
C SER F 69 -5.54 -38.38 -11.56
N ASP F 70 -4.88 -38.18 -12.71
CA ASP F 70 -3.58 -38.75 -12.97
C ASP F 70 -2.54 -38.37 -11.94
N ILE F 71 -2.76 -37.23 -11.28
CA ILE F 71 -1.91 -36.77 -10.18
C ILE F 71 -1.58 -37.92 -9.26
N ALA F 72 -2.63 -38.62 -8.82
CA ALA F 72 -2.47 -39.71 -7.88
C ALA F 72 -1.46 -40.72 -8.40
N TYR F 73 -1.70 -41.23 -9.62
CA TYR F 73 -0.80 -42.18 -10.24
C TYR F 73 0.61 -41.64 -10.23
N MET F 74 0.77 -40.42 -10.73
CA MET F 74 2.09 -39.82 -10.84
C MET F 74 2.77 -39.77 -9.50
N ARG F 75 2.04 -39.35 -8.47
CA ARG F 75 2.60 -39.25 -7.13
C ARG F 75 3.08 -40.61 -6.68
N ASP F 76 2.24 -41.63 -6.85
CA ASP F 76 2.61 -42.96 -6.41
C ASP F 76 3.86 -43.41 -7.11
N MET F 77 3.95 -43.09 -8.41
CA MET F 77 5.13 -43.46 -9.18
C MET F 77 6.36 -42.86 -8.53
N LEU F 78 6.27 -41.59 -8.16
CA LEU F 78 7.36 -40.89 -7.52
C LEU F 78 7.83 -41.66 -6.29
N TYR F 79 6.88 -42.00 -5.41
CA TYR F 79 7.26 -42.71 -4.21
C TYR F 79 7.89 -44.03 -4.57
N SER F 80 7.21 -44.81 -5.42
CA SER F 80 7.71 -46.11 -5.79
C SER F 80 9.02 -46.02 -6.52
N LEU F 81 9.33 -44.84 -7.06
CA LEU F 81 10.53 -44.66 -7.84
C LEU F 81 11.69 -44.14 -7.02
N THR F 82 11.43 -43.47 -5.88
CA THR F 82 12.48 -42.75 -5.18
C THR F 82 12.67 -43.19 -3.75
N THR F 83 11.59 -43.33 -2.99
CA THR F 83 11.72 -43.54 -1.56
C THR F 83 12.23 -44.94 -1.32
N ASP F 84 13.55 -45.10 -1.32
CA ASP F 84 14.18 -46.41 -1.25
C ASP F 84 15.23 -46.38 -0.16
N ILE F 85 14.98 -47.11 0.93
CA ILE F 85 16.00 -47.39 1.92
C ILE F 85 17.21 -48.05 1.31
N GLU F 86 17.03 -48.79 0.22
CA GLU F 86 18.09 -49.36 -0.59
C GLU F 86 19.08 -48.24 -0.88
N PRO F 87 20.31 -48.31 -0.37
CA PRO F 87 21.29 -47.27 -0.70
C PRO F 87 21.48 -47.14 -2.20
N MET F 88 21.11 -45.96 -2.70
CA MET F 88 21.21 -45.68 -4.12
C MET F 88 22.40 -44.78 -4.39
N TYR F 89 22.74 -44.64 -5.66
CA TYR F 89 23.80 -43.76 -6.09
C TYR F 89 23.17 -42.63 -6.87
N LEU F 90 23.17 -41.44 -6.29
CA LEU F 90 22.64 -40.27 -6.92
C LEU F 90 23.70 -39.63 -7.78
N ARG F 91 23.30 -39.14 -8.94
CA ARG F 91 24.14 -38.32 -9.79
C ARG F 91 23.40 -37.05 -10.13
N GLU F 92 24.07 -35.92 -9.94
CA GLU F 92 23.48 -34.63 -10.22
C GLU F 92 23.63 -34.29 -11.69
N ILE F 93 22.69 -33.48 -12.17
CA ILE F 93 22.70 -33.01 -13.55
C ILE F 93 22.41 -31.53 -13.54
N ARG F 94 23.04 -30.81 -14.45
CA ARG F 94 22.80 -29.40 -14.66
C ARG F 94 22.58 -29.18 -16.14
N ARG F 95 22.20 -27.95 -16.47
CA ARG F 95 22.22 -27.47 -17.84
C ARG F 95 23.41 -26.55 -18.03
N LYS F 96 23.77 -26.38 -19.28
CA LYS F 96 24.86 -25.50 -19.67
C LYS F 96 24.39 -24.09 -20.00
N GLU F 97 23.08 -23.86 -19.99
CA GLU F 97 22.52 -22.60 -20.46
C GLU F 97 21.06 -22.55 -20.07
N GLU F 98 20.58 -21.35 -19.81
CA GLU F 98 19.14 -21.12 -19.64
C GLU F 98 18.55 -20.99 -21.04
N LEU F 99 18.02 -22.09 -21.57
CA LEU F 99 17.61 -22.12 -22.96
C LEU F 99 16.30 -21.39 -23.16
N ASN F 100 16.19 -20.72 -24.29
CA ASN F 100 15.00 -20.04 -24.73
C ASN F 100 14.50 -20.68 -26.01
N TYR F 101 13.28 -20.32 -26.38
CA TYR F 101 12.80 -20.61 -27.71
C TYR F 101 13.57 -19.77 -28.71
N ARG F 102 13.86 -20.35 -29.86
CA ARG F 102 14.63 -19.67 -30.89
C ARG F 102 13.70 -18.99 -31.87
N PHE F 103 14.29 -18.13 -32.69
CA PHE F 103 13.54 -17.45 -33.73
C PHE F 103 12.94 -18.46 -34.70
N THR F 104 11.75 -18.13 -35.19
CA THR F 104 11.06 -18.96 -36.17
C THR F 104 10.42 -18.04 -37.19
N GLN F 105 9.47 -18.55 -37.95
CA GLN F 105 8.81 -17.80 -39.01
C GLN F 105 7.30 -18.05 -38.96
N PRO F 106 6.47 -17.02 -38.79
CA PRO F 106 5.01 -17.26 -38.73
C PRO F 106 4.37 -17.25 -40.10
N THR F 107 4.74 -18.23 -40.92
CA THR F 107 4.27 -18.35 -42.29
C THR F 107 3.62 -19.70 -42.50
N SER F 108 2.78 -20.12 -41.55
CA SER F 108 2.12 -21.43 -41.59
C SER F 108 3.13 -22.55 -41.69
N ASP F 109 4.28 -22.34 -41.06
CA ASP F 109 5.41 -23.25 -41.17
C ASP F 109 6.37 -22.88 -40.06
N ASP F 110 7.30 -23.78 -39.80
CA ASP F 110 8.28 -23.61 -38.72
C ASP F 110 7.59 -23.41 -37.37
N TYR F 111 6.43 -24.04 -37.22
CA TYR F 111 5.70 -24.03 -35.96
C TYR F 111 6.55 -24.61 -34.82
N VAL F 112 6.03 -24.46 -33.62
CA VAL F 112 6.75 -24.85 -32.41
C VAL F 112 6.32 -26.24 -32.00
N LYS F 113 7.20 -26.92 -31.28
CA LYS F 113 6.95 -28.25 -30.77
C LYS F 113 6.46 -28.18 -29.34
N LEU F 114 5.89 -29.29 -28.88
CA LEU F 114 5.47 -29.43 -27.51
C LEU F 114 5.84 -30.80 -26.99
N ASP F 115 6.34 -30.83 -25.75
CA ASP F 115 6.77 -32.07 -25.15
C ASP F 115 5.57 -32.96 -24.87
N LYS F 116 5.87 -34.19 -24.42
CA LYS F 116 4.82 -35.07 -23.92
C LYS F 116 3.99 -34.38 -22.85
N ASN F 117 4.66 -33.67 -21.96
CA ASN F 117 3.98 -32.71 -21.11
C ASN F 117 3.77 -31.42 -21.89
N ASN F 118 2.69 -30.73 -21.57
CA ASN F 118 2.32 -29.52 -22.31
C ASN F 118 3.29 -28.42 -21.92
N PHE F 119 4.45 -28.41 -22.57
CA PHE F 119 5.44 -27.38 -22.42
C PHE F 119 6.08 -27.09 -23.75
N PRO F 120 6.72 -25.94 -23.92
CA PRO F 120 7.40 -25.64 -25.18
C PRO F 120 8.80 -26.22 -25.23
N ASP F 121 9.05 -27.05 -26.23
CA ASP F 121 10.36 -27.67 -26.40
C ASP F 121 11.34 -26.62 -26.90
N TYR F 122 12.12 -26.05 -25.97
CA TYR F 122 13.24 -25.21 -26.37
C TYR F 122 14.42 -26.03 -26.87
N GLU F 123 14.43 -27.34 -26.63
CA GLU F 123 15.57 -28.18 -26.99
C GLU F 123 15.40 -28.62 -28.44
N TYR F 124 15.83 -27.75 -29.34
CA TYR F 124 15.69 -28.02 -30.77
C TYR F 124 16.73 -29.02 -31.24
N SER F 125 17.99 -28.77 -30.92
CA SER F 125 19.10 -29.58 -31.40
C SER F 125 19.49 -30.65 -30.39
N ARG F 126 20.30 -31.59 -30.87
CA ARG F 126 20.81 -32.66 -30.02
C ARG F 126 21.60 -32.11 -28.85
N HIS F 127 22.32 -31.01 -29.07
CA HIS F 127 23.24 -30.49 -28.08
C HIS F 127 22.57 -29.54 -27.11
N ASP F 128 21.24 -29.61 -26.98
CA ASP F 128 20.50 -28.77 -26.07
C ASP F 128 20.30 -29.41 -24.70
N GLN F 129 20.03 -30.71 -24.67
CA GLN F 129 19.57 -31.34 -23.43
C GLN F 129 20.71 -31.41 -22.41
N GLN F 130 20.38 -31.90 -21.22
CA GLN F 130 21.23 -31.71 -20.07
C GLN F 130 22.36 -32.74 -20.05
N ILE F 131 23.22 -32.61 -19.05
CA ILE F 131 24.48 -33.34 -18.99
C ILE F 131 24.76 -33.77 -17.57
N TYR F 132 25.47 -34.88 -17.43
CA TYR F 132 26.04 -35.22 -16.13
C TYR F 132 27.11 -34.20 -15.84
N VAL F 133 26.78 -33.23 -15.00
CA VAL F 133 27.67 -32.10 -14.76
C VAL F 133 29.01 -32.52 -14.17
N ASN F 134 29.07 -33.68 -13.52
CA ASN F 134 30.31 -34.10 -12.90
C ASN F 134 30.38 -35.62 -12.84
N GLY F 135 31.61 -36.13 -12.84
CA GLY F 135 31.84 -37.55 -12.85
C GLY F 135 31.94 -38.10 -11.44
N LYS F 136 30.88 -37.91 -10.67
CA LYS F 136 30.83 -38.43 -9.32
C LYS F 136 29.38 -38.75 -8.99
N GLN F 137 29.20 -39.41 -7.85
CA GLN F 137 27.90 -39.83 -7.38
C GLN F 137 27.85 -39.59 -5.89
N TYR F 138 26.79 -40.08 -5.26
CA TYR F 138 26.60 -39.95 -3.83
C TYR F 138 25.78 -41.12 -3.33
N LYS F 139 26.22 -41.78 -2.27
CA LYS F 139 25.47 -42.88 -1.70
C LYS F 139 24.39 -42.33 -0.77
N VAL F 140 23.13 -42.55 -1.14
CA VAL F 140 22.04 -41.71 -0.72
C VAL F 140 20.80 -42.53 -0.36
N ILE F 141 20.03 -41.99 0.60
CA ILE F 141 18.78 -42.54 1.08
C ILE F 141 17.79 -41.38 1.26
N PHE F 142 16.51 -41.70 1.20
CA PHE F 142 15.41 -40.73 1.22
C PHE F 142 14.91 -40.48 2.64
N ASN F 143 14.36 -39.27 2.86
CA ASN F 143 13.64 -38.92 4.08
C ASN F 143 12.32 -38.24 3.71
N GLY F 144 11.40 -38.19 4.69
CA GLY F 144 10.00 -37.86 4.49
C GLY F 144 9.62 -36.69 3.61
N VAL F 145 8.53 -36.85 2.83
CA VAL F 145 8.04 -35.84 1.90
C VAL F 145 6.55 -35.62 2.12
N ILE F 146 6.12 -34.39 1.89
CA ILE F 146 4.71 -34.03 1.76
C ILE F 146 4.52 -33.49 0.35
N ASN F 147 3.28 -33.57 -0.13
CA ASN F 147 2.93 -33.22 -1.50
C ASN F 147 1.83 -32.18 -1.55
N PRO F 148 2.17 -30.90 -1.39
CA PRO F 148 1.16 -29.86 -1.60
C PRO F 148 0.79 -29.77 -3.07
N LYS F 149 -0.52 -29.79 -3.32
CA LYS F 149 -1.04 -29.65 -4.67
C LYS F 149 -1.45 -28.20 -4.88
N GLN F 150 -0.60 -27.43 -5.52
CA GLN F 150 -1.07 -26.21 -6.13
C GLN F 150 -2.04 -26.54 -7.24
N LYS F 151 -2.66 -25.50 -7.76
CA LYS F 151 -3.78 -25.61 -8.67
C LYS F 151 -3.54 -26.50 -9.86
N GLY F 152 -4.66 -26.95 -10.43
CA GLY F 152 -4.63 -27.58 -11.72
C GLY F 152 -4.05 -28.94 -11.60
N ASN F 153 -3.10 -29.23 -12.50
CA ASN F 153 -2.38 -30.48 -12.49
C ASN F 153 -0.97 -30.34 -11.97
N LYS F 154 -0.60 -29.17 -11.47
CA LYS F 154 0.72 -28.94 -10.91
C LYS F 154 0.72 -29.32 -9.44
N VAL F 155 1.66 -30.18 -9.05
CA VAL F 155 1.85 -30.50 -7.64
C VAL F 155 3.34 -30.51 -7.36
N SER F 156 3.70 -30.02 -6.19
CA SER F 156 5.09 -29.94 -5.77
C SER F 156 5.39 -31.04 -4.76
N PHE F 157 6.67 -31.34 -4.65
CA PHE F 157 7.22 -32.28 -3.70
C PHE F 157 8.56 -31.75 -3.25
N GLU F 158 8.97 -32.14 -2.05
CA GLU F 158 10.22 -31.68 -1.46
C GLU F 158 11.01 -32.89 -0.96
N LEU F 159 11.79 -33.47 -1.85
CA LEU F 159 12.64 -34.60 -1.48
C LEU F 159 13.77 -34.12 -0.58
N LYS F 160 14.06 -34.92 0.44
CA LYS F 160 15.13 -34.63 1.40
C LYS F 160 15.99 -35.88 1.47
N PHE F 161 17.02 -35.91 0.67
CA PHE F 161 17.92 -37.04 0.64
C PHE F 161 19.05 -36.84 1.64
N GLU F 162 19.79 -37.90 1.88
CA GLU F 162 20.78 -37.92 2.95
C GLU F 162 21.83 -38.95 2.62
N THR F 163 23.07 -38.67 3.00
CA THR F 163 24.15 -39.59 2.72
C THR F 163 24.00 -40.84 3.57
N THR F 164 24.51 -41.95 3.02
CA THR F 164 24.32 -43.27 3.59
C THR F 164 25.46 -43.69 4.51
N GLU F 165 26.65 -43.87 3.95
CA GLU F 165 27.78 -44.45 4.67
C GLU F 165 28.81 -43.38 5.03
N LEU F 166 29.28 -42.65 4.02
CA LEU F 166 30.40 -41.74 4.18
C LEU F 166 30.02 -40.40 3.55
N PRO F 167 30.14 -39.29 4.26
CA PRO F 167 29.77 -38.01 3.67
C PRO F 167 30.81 -37.49 2.70
N TYR F 168 30.80 -38.06 1.49
CA TYR F 168 31.76 -37.68 0.48
C TYR F 168 31.19 -37.85 -0.92
N GLY F 169 31.80 -37.15 -1.85
CA GLY F 169 31.47 -37.21 -3.24
C GLY F 169 32.25 -38.28 -3.96
N GLU F 170 31.84 -39.53 -3.76
CA GLU F 170 32.45 -40.65 -4.42
C GLU F 170 32.54 -40.43 -5.92
N SER F 171 33.75 -40.54 -6.44
CA SER F 171 33.98 -40.42 -7.86
C SER F 171 33.66 -41.75 -8.53
N ILE F 172 32.89 -41.68 -9.58
CA ILE F 172 32.51 -42.89 -10.30
C ILE F 172 33.69 -43.32 -11.16
N GLY F 173 33.79 -44.62 -11.38
CA GLY F 173 34.89 -45.15 -12.13
C GLY F 173 36.15 -45.20 -11.31
N THR F 174 36.97 -46.20 -11.54
CA THR F 174 38.17 -46.40 -10.74
C THR F 174 39.23 -45.44 -11.22
N SER F 175 40.45 -45.66 -10.75
CA SER F 175 41.62 -44.97 -11.28
C SER F 175 42.28 -45.73 -12.41
N LEU F 176 41.87 -46.96 -12.68
CA LEU F 176 42.42 -47.69 -13.81
C LEU F 176 41.73 -47.30 -15.12
N GLU F 177 40.45 -46.97 -15.07
CA GLU F 177 39.82 -46.38 -16.24
C GLU F 177 40.49 -45.07 -16.61
N LEU F 178 41.07 -44.38 -15.62
CA LEU F 178 41.97 -43.30 -15.92
C LEU F 178 43.23 -43.81 -16.61
N GLU F 179 43.75 -44.94 -16.13
CA GLU F 179 44.94 -45.53 -16.73
C GLU F 179 44.66 -45.94 -18.17
N GLU F 180 43.76 -46.90 -18.36
CA GLU F 180 43.37 -47.33 -19.68
C GLU F 180 42.17 -46.50 -20.10
N ASN F 181 42.37 -45.67 -21.12
CA ASN F 181 41.33 -44.75 -21.58
C ASN F 181 40.30 -45.49 -22.42
N LYS F 182 39.63 -46.43 -21.77
CA LYS F 182 38.64 -47.29 -22.41
C LYS F 182 37.23 -46.74 -22.21
N LYS F 183 36.83 -46.57 -20.96
CA LYS F 183 35.53 -46.03 -20.67
C LYS F 183 35.55 -44.54 -20.84
N VAL F 184 34.47 -44.02 -21.42
CA VAL F 184 34.37 -42.64 -21.83
C VAL F 184 33.20 -42.02 -21.08
N GLY F 185 33.31 -40.74 -20.79
CA GLY F 185 32.51 -40.15 -19.75
C GLY F 185 33.27 -40.18 -18.44
N LEU F 186 32.52 -40.02 -17.36
CA LEU F 186 32.98 -40.26 -15.99
C LEU F 186 34.29 -39.55 -15.63
N TRP F 187 34.63 -38.48 -16.36
CA TRP F 187 35.83 -37.71 -16.06
C TRP F 187 35.54 -36.25 -16.36
N SER F 188 35.18 -35.51 -15.33
CA SER F 188 34.85 -34.10 -15.46
C SER F 188 36.03 -33.24 -15.08
N PHE F 189 35.98 -32.00 -15.53
CA PHE F 189 37.09 -31.08 -15.33
C PHE F 189 37.20 -30.60 -13.89
N ASP F 190 36.22 -30.91 -13.04
CA ASP F 190 36.38 -30.66 -11.61
C ASP F 190 37.65 -31.31 -11.09
N PHE F 191 38.02 -32.43 -11.70
CA PHE F 191 39.25 -33.12 -11.35
C PHE F 191 40.31 -32.56 -12.29
N ASN F 192 41.33 -31.94 -11.72
CA ASN F 192 42.38 -31.35 -12.53
C ASN F 192 43.30 -32.48 -13.00
N ILE F 193 42.99 -33.00 -14.18
CA ILE F 193 43.61 -34.20 -14.72
C ILE F 193 44.36 -33.83 -15.99
N ASP F 194 45.63 -34.20 -16.04
CA ASP F 194 46.41 -33.96 -17.25
C ASP F 194 45.96 -34.88 -18.36
N TRP F 195 46.09 -34.39 -19.59
CA TRP F 195 45.78 -35.21 -20.75
C TRP F 195 46.85 -36.25 -21.04
N HIS F 196 48.04 -36.11 -20.47
CA HIS F 196 49.17 -36.96 -20.86
C HIS F 196 48.95 -38.36 -20.29
N ALA F 197 48.02 -39.07 -20.92
CA ALA F 197 47.77 -40.45 -20.55
C ALA F 197 49.04 -41.27 -20.78
N GLY F 198 49.42 -42.03 -19.78
CA GLY F 198 50.71 -42.66 -19.73
C GLY F 198 51.78 -41.79 -19.09
N GLY F 199 51.54 -40.50 -18.97
CA GLY F 199 52.44 -39.62 -18.27
C GLY F 199 52.25 -39.69 -16.77
N ASP F 200 53.00 -38.88 -16.07
CA ASP F 200 52.86 -38.82 -14.62
C ASP F 200 51.49 -38.28 -14.27
N LYS F 201 51.10 -38.53 -13.02
CA LYS F 201 49.83 -38.11 -12.42
C LYS F 201 48.61 -38.66 -13.15
N ARG F 202 48.78 -39.63 -14.03
CA ARG F 202 47.71 -40.48 -14.51
C ARG F 202 47.96 -41.93 -14.22
N LYS F 203 49.20 -42.32 -13.95
CA LYS F 203 49.59 -43.71 -13.94
C LYS F 203 49.54 -44.25 -12.52
N TYR F 204 48.94 -45.41 -12.38
CA TYR F 204 48.93 -46.17 -11.15
C TYR F 204 49.31 -47.60 -11.44
N THR F 205 50.34 -47.77 -12.27
CA THR F 205 50.80 -49.08 -12.72
C THR F 205 52.29 -48.94 -13.00
N PHE F 206 53.11 -49.26 -11.99
CA PHE F 206 54.55 -49.10 -12.06
C PHE F 206 55.22 -50.46 -12.03
N GLU F 207 56.48 -50.47 -12.43
CA GLU F 207 57.23 -51.72 -12.62
C GLU F 207 58.67 -51.51 -12.18
N ASN F 208 59.19 -52.44 -11.38
CA ASN F 208 60.60 -52.52 -11.08
C ASN F 208 61.11 -51.23 -10.43
N LEU F 209 60.59 -50.95 -9.23
CA LEU F 209 60.91 -49.72 -8.53
C LEU F 209 60.94 -49.95 -7.04
N SER F 210 61.92 -49.33 -6.39
CA SER F 210 61.95 -49.29 -4.93
C SER F 210 61.05 -48.20 -4.38
N LYS F 211 60.87 -47.13 -5.15
CA LYS F 211 60.15 -45.96 -4.69
C LYS F 211 59.54 -45.27 -5.89
N GLY F 212 58.37 -44.68 -5.70
CA GLY F 212 57.65 -44.07 -6.80
C GLY F 212 56.69 -43.03 -6.29
N THR F 213 56.00 -42.40 -7.24
CA THR F 213 55.22 -41.21 -7.00
C THR F 213 53.79 -41.43 -7.42
N VAL F 214 52.86 -40.85 -6.67
CA VAL F 214 51.44 -40.97 -6.93
C VAL F 214 50.80 -39.62 -6.72
N TYR F 215 49.90 -39.25 -7.64
CA TYR F 215 49.10 -38.04 -7.51
C TYR F 215 47.66 -38.45 -7.27
N TYR F 216 47.22 -38.32 -6.03
CA TYR F 216 45.82 -38.56 -5.68
C TYR F 216 45.05 -37.27 -5.95
N HIS F 217 44.30 -37.27 -7.05
CA HIS F 217 43.57 -36.09 -7.49
C HIS F 217 42.44 -35.70 -6.55
N GLY F 218 42.07 -36.56 -5.61
CA GLY F 218 40.98 -36.25 -4.73
C GLY F 218 41.31 -35.35 -3.56
N SER F 219 40.56 -34.25 -3.44
CA SER F 219 40.77 -33.32 -2.35
C SER F 219 40.55 -34.00 -1.00
N ALA F 220 39.49 -34.78 -0.88
CA ALA F 220 39.27 -35.48 0.36
C ALA F 220 40.26 -36.63 0.48
N PRO F 221 40.62 -37.01 1.70
CA PRO F 221 41.65 -38.03 1.87
C PRO F 221 41.03 -39.43 1.92
N ASN F 222 41.68 -40.35 1.22
CA ASN F 222 41.26 -41.75 1.23
C ASN F 222 42.01 -42.49 2.32
N ASP F 223 41.69 -42.11 3.56
CA ASP F 223 42.07 -42.90 4.72
C ASP F 223 40.99 -43.88 5.14
N GLN F 224 39.73 -43.60 4.84
CA GLN F 224 38.68 -44.48 5.32
C GLN F 224 38.68 -45.77 4.51
N PHE F 225 38.57 -46.88 5.23
CA PHE F 225 38.57 -48.18 4.61
C PHE F 225 37.35 -48.44 3.73
N ASN F 226 36.19 -47.89 4.10
CA ASN F 226 34.98 -48.09 3.30
C ASN F 226 35.17 -47.69 1.85
N MET F 227 36.07 -46.75 1.59
CA MET F 227 36.42 -46.40 0.23
C MET F 227 37.12 -47.58 -0.44
N TYR F 228 37.01 -47.64 -1.76
CA TYR F 228 37.49 -48.77 -2.53
C TYR F 228 38.96 -48.62 -2.90
N LYS F 229 39.79 -48.34 -1.90
CA LYS F 229 41.24 -48.33 -2.13
C LYS F 229 41.71 -49.77 -2.15
N LYS F 230 42.33 -50.17 -3.26
CA LYS F 230 42.70 -51.57 -3.45
C LYS F 230 43.99 -51.63 -4.25
N ILE F 231 44.99 -52.26 -3.64
CA ILE F 231 46.32 -52.36 -4.19
C ILE F 231 46.59 -53.81 -4.54
N THR F 232 47.47 -54.02 -5.51
CA THR F 232 47.92 -55.37 -5.80
C THR F 232 49.33 -55.27 -6.37
N ILE F 233 50.23 -56.09 -5.83
CA ILE F 233 51.65 -55.96 -6.06
C ILE F 233 52.25 -57.34 -6.33
N ILE F 234 53.01 -57.44 -7.41
CA ILE F 234 53.89 -58.57 -7.64
C ILE F 234 55.23 -58.19 -7.06
N LEU F 235 55.65 -58.96 -6.06
CA LEU F 235 56.66 -58.52 -5.12
C LEU F 235 58.05 -58.45 -5.71
N GLY F 236 58.29 -59.08 -6.86
CA GLY F 236 59.58 -58.93 -7.52
C GLY F 236 60.74 -59.72 -6.96
N GLU F 237 60.94 -59.69 -5.65
CA GLU F 237 62.12 -60.29 -5.03
C GLU F 237 61.69 -61.04 -3.78
N ASP F 238 62.22 -62.25 -3.62
CA ASP F 238 61.96 -63.05 -2.44
C ASP F 238 62.43 -62.33 -1.19
N THR F 239 61.79 -62.64 -0.08
CA THR F 239 62.16 -62.05 1.21
C THR F 239 61.48 -62.84 2.31
N GLU F 240 61.90 -62.56 3.54
CA GLU F 240 61.28 -63.08 4.74
C GLU F 240 60.37 -62.05 5.40
N SER F 241 60.75 -60.78 5.34
CA SER F 241 59.95 -59.66 5.82
C SER F 241 59.76 -58.68 4.68
N PHE F 242 58.77 -57.81 4.82
CA PHE F 242 58.43 -56.89 3.74
C PHE F 242 57.81 -55.63 4.31
N VAL F 243 58.58 -54.55 4.30
CA VAL F 243 58.14 -53.26 4.80
C VAL F 243 57.92 -52.35 3.60
N TRP F 244 56.88 -51.52 3.68
CA TRP F 244 56.77 -50.39 2.78
C TRP F 244 56.17 -49.20 3.51
N ASN F 245 56.79 -48.06 3.28
CA ASN F 245 56.45 -46.79 3.90
C ASN F 245 55.65 -45.95 2.92
N LEU F 246 55.02 -44.91 3.44
CA LEU F 246 54.19 -44.04 2.62
C LEU F 246 53.96 -42.75 3.39
N THR F 247 53.82 -41.66 2.64
CA THR F 247 53.64 -40.34 3.22
C THR F 247 52.18 -39.92 3.15
N HIS F 248 51.79 -39.07 4.09
CA HIS F 248 50.39 -38.82 4.42
C HIS F 248 49.70 -40.11 4.89
N ALA F 249 50.48 -40.99 5.51
CA ALA F 249 49.96 -42.25 6.03
C ALA F 249 50.99 -42.79 7.01
N GLU F 250 50.82 -44.05 7.39
CA GLU F 250 51.67 -44.72 8.35
C GLU F 250 52.59 -45.70 7.65
N ILE F 251 53.55 -46.21 8.41
CA ILE F 251 54.43 -47.28 7.95
C ILE F 251 53.66 -48.60 7.95
N MET F 252 54.04 -49.50 7.04
CA MET F 252 53.45 -50.83 6.97
C MET F 252 54.54 -51.87 6.95
N LYS F 253 54.36 -52.90 7.77
CA LYS F 253 55.22 -54.07 7.78
C LYS F 253 54.40 -55.31 7.45
N ILE F 254 55.10 -56.31 6.95
CA ILE F 254 54.60 -57.68 6.91
C ILE F 254 55.78 -58.53 7.39
N GLU F 255 55.79 -58.84 8.68
CA GLU F 255 56.82 -59.66 9.30
C GLU F 255 56.20 -60.97 9.79
N GLY F 256 57.05 -61.97 9.94
CA GLY F 256 56.65 -63.21 10.55
C GLY F 256 56.14 -64.25 9.59
N ILE F 257 55.89 -63.88 8.34
CA ILE F 257 55.50 -64.82 7.31
C ILE F 257 56.51 -64.69 6.17
N LYS F 258 56.93 -65.83 5.64
CA LYS F 258 57.88 -65.84 4.54
C LYS F 258 57.13 -65.84 3.21
N LEU F 259 57.66 -65.11 2.25
CA LEU F 259 57.05 -64.88 0.96
C LEU F 259 57.97 -65.42 -0.14
N LYS F 260 57.56 -65.21 -1.39
CA LYS F 260 58.41 -65.45 -2.54
C LYS F 260 58.22 -64.32 -3.55
N ALA F 261 59.15 -64.25 -4.50
CA ALA F 261 59.18 -63.13 -5.43
C ALA F 261 57.92 -63.09 -6.29
N GLY F 262 57.71 -64.12 -7.10
CA GLY F 262 56.58 -64.14 -8.02
C GLY F 262 55.23 -64.17 -7.35
N ASP F 263 55.17 -64.46 -6.05
CA ASP F 263 53.91 -64.40 -5.34
C ASP F 263 53.42 -62.96 -5.29
N ARG F 264 52.10 -62.82 -5.38
CA ARG F 264 51.46 -61.51 -5.40
C ARG F 264 50.64 -61.30 -4.14
N ILE F 265 50.59 -60.05 -3.70
CA ILE F 265 49.80 -59.64 -2.56
C ILE F 265 48.68 -58.76 -3.09
N VAL F 266 47.45 -59.07 -2.70
CA VAL F 266 46.34 -58.15 -2.88
C VAL F 266 46.13 -57.47 -1.55
N TYR F 267 46.43 -56.19 -1.52
CA TYR F 267 46.35 -55.39 -0.31
C TYR F 267 45.08 -54.58 -0.42
N ASP F 268 43.99 -55.13 0.09
CA ASP F 268 42.76 -54.40 0.20
C ASP F 268 42.80 -53.57 1.48
N SER F 269 41.80 -52.70 1.61
CA SER F 269 41.67 -51.87 2.79
C SER F 269 41.63 -52.74 4.03
N PHE F 270 42.48 -52.40 5.01
CA PHE F 270 42.72 -53.15 6.24
C PHE F 270 42.69 -54.66 6.05
N ARG F 271 43.22 -55.13 4.93
CA ARG F 271 43.09 -56.55 4.63
C ARG F 271 44.15 -56.96 3.63
N VAL F 272 44.63 -58.18 3.78
CA VAL F 272 45.80 -58.66 3.05
C VAL F 272 45.50 -60.07 2.57
N TYR F 273 45.33 -60.24 1.27
CA TYR F 273 45.37 -61.56 0.65
C TYR F 273 46.82 -61.86 0.31
N LYS F 274 47.35 -62.90 0.95
CA LYS F 274 48.72 -63.31 0.68
C LYS F 274 48.88 -63.76 -0.76
N ASN F 275 47.92 -64.53 -1.26
CA ASN F 275 47.94 -64.98 -2.64
C ASN F 275 46.54 -64.98 -3.22
N GLY F 276 45.75 -63.98 -2.87
CA GLY F 276 44.42 -63.79 -3.42
C GLY F 276 43.32 -64.37 -2.56
N VAL F 277 43.63 -65.42 -1.79
CA VAL F 277 42.70 -66.01 -0.84
C VAL F 277 43.49 -66.39 0.40
N GLU F 278 42.78 -66.86 1.42
CA GLU F 278 43.39 -67.28 2.69
C GLU F 278 44.20 -66.13 3.28
N ILE F 279 43.44 -65.14 3.74
CA ILE F 279 44.01 -63.85 4.09
C ILE F 279 44.94 -64.03 5.28
N SER F 280 46.15 -63.52 5.13
CA SER F 280 47.16 -63.52 6.18
C SER F 280 47.35 -62.07 6.58
N THR F 281 46.51 -61.61 7.51
CA THR F 281 46.40 -60.20 7.86
C THR F 281 46.74 -59.97 9.33
N GLU F 282 47.57 -60.83 9.90
CA GLU F 282 47.98 -60.64 11.29
C GLU F 282 49.12 -59.64 11.42
N THR F 283 49.82 -59.34 10.34
CA THR F 283 51.10 -58.64 10.39
C THR F 283 50.88 -57.14 10.27
N ASN F 284 51.00 -56.42 11.38
CA ASN F 284 51.01 -54.96 11.38
C ASN F 284 49.75 -54.41 10.73
N ILE F 285 48.65 -54.53 11.45
CA ILE F 285 47.40 -54.08 10.89
C ILE F 285 47.44 -52.56 10.84
N SER F 286 47.72 -52.04 9.65
CA SER F 286 47.84 -50.62 9.36
C SER F 286 47.34 -50.42 7.95
N GLN F 287 46.50 -49.43 7.76
CA GLN F 287 45.91 -49.18 6.47
C GLN F 287 46.47 -47.89 5.87
N PRO F 288 46.70 -47.85 4.57
CA PRO F 288 47.35 -46.69 3.97
C PRO F 288 46.33 -45.62 3.64
N LYS F 289 46.85 -44.41 3.46
CA LYS F 289 46.01 -43.23 3.42
C LYS F 289 46.54 -42.29 2.36
N PHE F 290 45.74 -42.05 1.33
CA PHE F 290 46.04 -41.10 0.29
C PHE F 290 45.29 -39.81 0.57
N LYS F 291 46.01 -38.71 0.71
CA LYS F 291 45.40 -37.46 1.11
C LYS F 291 45.03 -36.59 -0.08
N TYR F 292 46.02 -36.14 -0.84
CA TYR F 292 45.81 -35.39 -2.06
C TYR F 292 47.15 -35.12 -2.73
N GLY F 293 47.16 -35.08 -4.06
CA GLY F 293 48.39 -34.78 -4.75
C GLY F 293 49.44 -35.83 -4.49
N ALA F 294 50.67 -35.37 -4.32
CA ALA F 294 51.81 -36.27 -4.21
C ALA F 294 51.66 -37.17 -2.99
N ASN F 295 51.57 -38.47 -3.25
CA ASN F 295 51.61 -39.50 -2.21
C ASN F 295 52.74 -40.43 -2.59
N LYS F 296 53.93 -40.11 -2.11
CA LYS F 296 55.13 -40.85 -2.42
C LYS F 296 55.21 -42.11 -1.58
N PHE F 297 55.45 -43.24 -2.22
CA PHE F 297 55.66 -44.50 -1.53
C PHE F 297 57.12 -44.91 -1.64
N GLU F 298 57.54 -45.77 -0.73
CA GLU F 298 58.91 -46.30 -0.71
C GLU F 298 58.85 -47.75 -0.26
N PHE F 299 59.07 -48.65 -1.21
CA PHE F 299 59.22 -50.06 -0.91
C PHE F 299 60.65 -50.29 -0.46
N ASN F 300 61.09 -51.56 -0.38
CA ASN F 300 62.44 -51.86 0.07
C ASN F 300 63.21 -52.84 -0.79
N GLN F 301 62.58 -53.55 -1.75
CA GLN F 301 63.33 -54.50 -2.57
C GLN F 301 62.88 -54.52 -4.03
N THR F 302 62.44 -53.39 -4.58
CA THR F 302 62.24 -53.25 -6.02
C THR F 302 61.21 -54.26 -6.55
N VAL F 303 59.96 -54.05 -6.15
CA VAL F 303 58.87 -54.89 -6.63
C VAL F 303 58.83 -54.85 -8.15
N GLN F 304 58.59 -56.01 -8.75
CA GLN F 304 58.54 -56.06 -10.20
C GLN F 304 57.25 -55.48 -10.72
N LYS F 305 56.21 -55.44 -9.90
CA LYS F 305 55.00 -54.74 -10.31
C LYS F 305 54.27 -54.22 -9.08
N VAL F 306 53.76 -53.01 -9.22
CA VAL F 306 52.74 -52.46 -8.33
C VAL F 306 51.67 -51.89 -9.23
N GLN F 307 50.42 -52.07 -8.84
CA GLN F 307 49.36 -51.28 -9.46
C GLN F 307 48.20 -51.29 -8.50
N PHE F 308 47.49 -50.17 -8.47
CA PHE F 308 46.43 -50.04 -7.51
C PHE F 308 45.35 -49.13 -8.01
N ASP F 309 44.13 -49.63 -7.94
CA ASP F 309 42.95 -48.86 -8.27
C ASP F 309 42.34 -48.33 -6.99
N LEU F 310 41.71 -47.19 -7.11
CA LEU F 310 41.09 -46.55 -5.97
C LEU F 310 40.01 -45.64 -6.50
N LYS F 311 39.30 -45.02 -5.58
CA LYS F 311 38.21 -44.13 -5.88
C LYS F 311 38.49 -42.78 -5.24
N PHE F 312 38.20 -41.73 -5.98
CA PHE F 312 38.46 -40.37 -5.55
C PHE F 312 37.25 -39.84 -4.83
N TYR F 313 37.48 -39.19 -3.69
CA TYR F 313 36.43 -38.72 -2.83
C TYR F 313 36.64 -37.25 -2.55
N TYR F 314 35.53 -36.55 -2.34
CA TYR F 314 35.53 -35.10 -2.42
C TYR F 314 34.67 -34.50 -1.34
N LYS F 315 35.02 -33.27 -0.98
CA LYS F 315 34.38 -32.55 0.10
C LYS F 315 34.18 -31.10 -0.31
N THR G 2 42.57 -53.59 13.68
CA THR G 2 42.75 -52.82 14.90
C THR G 2 42.99 -53.76 16.08
N ILE G 3 42.03 -54.65 16.31
CA ILE G 3 42.04 -55.58 17.43
C ILE G 3 42.12 -56.97 16.84
N THR G 4 43.25 -57.65 17.03
CA THR G 4 43.48 -58.96 16.43
C THR G 4 42.96 -60.00 17.40
N ILE G 5 41.92 -60.73 17.00
CA ILE G 5 41.34 -61.80 17.80
C ILE G 5 41.47 -63.09 17.03
N LYS G 6 41.76 -64.17 17.75
CA LYS G 6 42.03 -65.47 17.19
C LYS G 6 41.31 -66.51 18.02
N PRO G 7 40.88 -67.62 17.43
CA PRO G 7 40.34 -68.69 18.25
C PRO G 7 41.42 -69.24 19.16
N PRO G 8 41.07 -70.13 20.09
CA PRO G 8 42.10 -70.78 20.90
C PRO G 8 43.01 -71.71 20.11
N LYS G 9 42.77 -71.92 18.81
CA LYS G 9 43.61 -72.75 17.96
C LYS G 9 43.85 -72.02 16.64
N GLY G 10 44.97 -71.30 16.56
CA GLY G 10 45.53 -70.94 15.27
C GLY G 10 45.55 -69.48 14.86
N ASN G 11 44.77 -69.14 13.84
CA ASN G 11 44.97 -67.94 13.06
C ASN G 11 44.22 -66.74 13.63
N GLY G 12 44.66 -65.55 13.22
CA GLY G 12 44.11 -64.31 13.70
C GLY G 12 43.19 -63.65 12.69
N ALA G 13 42.47 -62.65 13.18
CA ALA G 13 41.56 -61.87 12.37
C ALA G 13 41.37 -60.51 13.04
N PRO G 14 41.58 -59.39 12.38
CA PRO G 14 41.39 -58.10 13.02
C PRO G 14 39.95 -57.59 12.89
N VAL G 15 39.58 -56.75 13.86
CA VAL G 15 38.31 -56.02 13.79
C VAL G 15 38.52 -54.61 14.32
N PRO G 16 37.80 -53.62 13.76
CA PRO G 16 37.77 -52.30 14.38
C PRO G 16 36.63 -52.18 15.36
N VAL G 17 36.90 -51.71 16.56
CA VAL G 17 35.87 -51.54 17.56
C VAL G 17 36.38 -50.67 18.69
N GLU G 18 35.50 -49.87 19.27
CA GLU G 18 35.89 -49.04 20.40
C GLU G 18 36.06 -49.91 21.63
N THR G 19 37.19 -49.73 22.32
CA THR G 19 37.57 -50.52 23.46
C THR G 19 37.52 -49.68 24.72
N THR G 20 37.31 -50.35 25.85
CA THR G 20 37.33 -49.73 27.17
C THR G 20 38.14 -50.67 28.05
N LEU G 21 39.39 -50.31 28.32
CA LEU G 21 40.27 -51.08 29.18
C LEU G 21 40.30 -50.48 30.57
N VAL G 22 40.61 -51.31 31.55
CA VAL G 22 40.74 -50.91 32.93
C VAL G 22 41.87 -51.74 33.54
N LYS G 23 42.76 -51.06 34.23
CA LYS G 23 43.93 -51.67 34.84
C LYS G 23 44.11 -51.14 36.25
N LYS G 24 44.25 -52.05 37.19
CA LYS G 24 44.61 -51.73 38.56
C LYS G 24 46.00 -52.29 38.83
N VAL G 25 46.52 -51.99 40.02
CA VAL G 25 47.89 -52.37 40.35
C VAL G 25 48.00 -53.87 40.46
N ASN G 26 47.31 -54.44 41.44
CA ASN G 26 47.31 -55.87 41.71
C ASN G 26 46.04 -56.54 41.25
N ALA G 27 44.91 -55.84 41.31
CA ALA G 27 43.67 -56.45 40.92
C ALA G 27 43.67 -56.77 39.44
N ASP G 28 42.81 -57.72 39.09
CA ASP G 28 42.61 -58.12 37.71
C ASP G 28 42.28 -56.92 36.83
N GLY G 29 42.97 -56.82 35.70
CA GLY G 29 42.54 -55.93 34.65
C GLY G 29 41.40 -56.52 33.87
N VAL G 30 40.67 -55.66 33.17
CA VAL G 30 39.51 -56.10 32.40
C VAL G 30 39.30 -55.12 31.27
N LEU G 31 38.77 -55.62 30.16
CA LEU G 31 38.32 -54.74 29.10
C LEU G 31 36.93 -55.12 28.65
N THR G 32 36.38 -54.25 27.84
CA THR G 32 35.02 -54.34 27.35
C THR G 32 34.97 -53.70 25.98
N PHE G 33 34.11 -54.23 25.11
CA PHE G 33 33.90 -53.55 23.83
C PHE G 33 32.63 -54.04 23.16
N ASP G 34 32.26 -53.35 22.09
CA ASP G 34 30.97 -53.50 21.43
C ASP G 34 31.17 -53.56 19.92
N ILE G 35 31.38 -54.77 19.39
CA ILE G 35 31.38 -54.96 17.95
C ILE G 35 29.95 -54.84 17.44
N LEU G 36 29.82 -54.56 16.15
CA LEU G 36 28.54 -54.53 15.48
C LEU G 36 28.66 -55.24 14.13
N GLU G 37 27.54 -55.79 13.68
CA GLU G 37 27.50 -56.44 12.38
C GLU G 37 27.79 -55.41 11.29
N ASN G 38 28.40 -55.88 10.21
CA ASN G 38 28.75 -55.04 9.09
C ASN G 38 28.97 -55.92 7.89
N LYS G 39 29.16 -55.29 6.73
CA LYS G 39 29.66 -56.04 5.59
C LYS G 39 31.00 -56.66 5.92
N TYR G 40 31.85 -55.90 6.61
CA TYR G 40 33.02 -56.45 7.24
C TYR G 40 32.61 -57.12 8.54
N THR G 41 33.54 -57.83 9.16
CA THR G 41 33.36 -58.38 10.51
C THR G 41 32.34 -59.53 10.54
N TYR G 42 31.65 -59.81 9.44
CA TYR G 42 30.56 -60.79 9.44
C TYR G 42 31.08 -62.18 9.74
N GLU G 43 32.15 -62.57 9.06
CA GLU G 43 32.73 -63.89 9.24
C GLU G 43 33.14 -64.13 10.69
N VAL G 44 33.54 -63.07 11.38
CA VAL G 44 33.95 -63.18 12.76
C VAL G 44 32.73 -63.21 13.68
N ILE G 45 31.94 -62.13 13.63
CA ILE G 45 30.91 -61.88 14.64
C ILE G 45 29.91 -63.02 14.71
N ASN G 46 29.59 -63.62 13.57
CA ASN G 46 28.71 -64.78 13.55
C ASN G 46 29.42 -66.06 13.95
N ALA G 47 30.71 -65.99 14.28
CA ALA G 47 31.50 -67.18 14.54
C ALA G 47 32.43 -67.01 15.74
N ILE G 48 32.12 -66.13 16.67
CA ILE G 48 32.87 -66.05 17.92
C ILE G 48 32.24 -66.99 18.94
N GLY G 49 33.06 -67.84 19.52
CA GLY G 49 32.71 -68.54 20.73
C GLY G 49 33.58 -67.99 21.83
N LYS G 50 33.12 -68.10 23.06
CA LYS G 50 33.84 -67.56 24.19
C LYS G 50 35.23 -68.19 24.32
N ARG G 51 36.03 -67.56 25.17
CA ARG G 51 37.47 -67.81 25.24
C ARG G 51 38.13 -67.63 23.87
N TRP G 52 37.60 -66.71 23.08
CA TRP G 52 38.35 -66.19 21.96
C TRP G 52 39.44 -65.28 22.49
N ILE G 53 40.58 -65.31 21.84
CA ILE G 53 41.80 -64.72 22.37
C ILE G 53 42.03 -63.41 21.65
N VAL G 54 41.93 -62.32 22.40
CA VAL G 54 42.05 -60.96 21.87
C VAL G 54 43.45 -60.44 22.17
N SER G 55 43.96 -59.59 21.29
CA SER G 55 45.31 -59.08 21.45
C SER G 55 45.54 -57.95 20.45
N HIS G 56 46.76 -57.43 20.50
CA HIS G 56 47.20 -56.30 19.67
C HIS G 56 46.35 -55.07 19.95
N VAL G 57 45.98 -54.89 21.21
CA VAL G 57 45.46 -53.62 21.68
C VAL G 57 46.61 -52.63 21.70
N GLU G 58 46.29 -51.36 21.52
CA GLU G 58 47.28 -50.28 21.43
C GLU G 58 48.16 -50.43 20.20
N GLY G 59 47.67 -51.13 19.17
CA GLY G 59 48.32 -51.16 17.88
C GLY G 59 49.31 -52.29 17.73
N GLU G 60 50.41 -52.00 17.05
CA GLU G 60 51.51 -52.95 16.87
C GLU G 60 52.47 -52.89 18.04
N ASN G 61 51.92 -52.99 19.24
CA ASN G 61 52.63 -52.91 20.52
C ASN G 61 51.59 -53.21 21.58
N ASP G 62 52.06 -53.44 22.80
CA ASP G 62 51.20 -53.87 23.89
C ASP G 62 50.44 -55.13 23.49
N LYS G 63 51.22 -56.17 23.19
CA LYS G 63 50.65 -57.45 22.78
C LYS G 63 50.24 -58.27 24.00
N LYS G 64 49.40 -57.64 24.82
CA LYS G 64 48.91 -58.26 26.04
C LYS G 64 47.62 -58.99 25.68
N GLU G 65 47.73 -60.29 25.66
CA GLU G 65 46.71 -61.16 25.12
C GLU G 65 45.67 -61.44 26.20
N TYR G 66 44.42 -61.09 25.94
CA TYR G 66 43.31 -61.30 26.87
C TYR G 66 42.35 -62.32 26.26
N VAL G 67 41.34 -62.68 27.06
CA VAL G 67 40.38 -63.72 26.71
C VAL G 67 39.00 -63.27 27.09
N ILE G 68 38.05 -63.58 26.26
CA ILE G 68 36.66 -63.20 26.48
C ILE G 68 35.96 -64.28 27.27
N THR G 69 35.06 -63.86 28.14
CA THR G 69 34.33 -64.77 29.01
C THR G 69 32.83 -64.48 28.99
N VAL G 70 32.46 -63.22 28.79
CA VAL G 70 31.07 -62.80 28.66
C VAL G 70 30.81 -62.50 27.19
N ILE G 71 29.61 -62.82 26.73
CA ILE G 71 29.20 -62.54 25.35
C ILE G 71 27.73 -62.16 25.36
N ASP G 72 27.45 -60.90 25.09
CA ASP G 72 26.12 -60.41 24.81
C ASP G 72 25.94 -60.33 23.30
N ARG G 73 24.70 -60.50 22.85
CA ARG G 73 24.37 -60.35 21.43
C ARG G 73 23.00 -59.70 21.34
N LYS G 74 22.96 -58.45 20.91
CA LYS G 74 21.73 -57.71 20.76
C LYS G 74 21.40 -57.53 19.28
N SER G 75 20.14 -57.24 19.01
CA SER G 75 19.64 -57.01 17.66
C SER G 75 19.27 -55.54 17.50
N GLU G 76 19.99 -54.85 16.63
CA GLU G 76 19.75 -53.43 16.34
C GLU G 76 19.46 -53.30 14.86
N GLY G 77 18.26 -52.82 14.53
CA GLY G 77 17.82 -52.72 13.15
C GLY G 77 17.92 -54.04 12.42
N ASP G 78 18.45 -53.98 11.19
CA ASP G 78 18.76 -55.17 10.41
C ASP G 78 20.18 -55.67 10.65
N ARG G 79 20.72 -55.40 11.84
CA ARG G 79 22.08 -55.76 12.19
C ARG G 79 22.07 -56.18 13.65
N GLN G 80 23.25 -56.55 14.16
CA GLN G 80 23.34 -57.05 15.53
C GLN G 80 24.64 -56.60 16.17
N LEU G 81 24.54 -56.26 17.44
CA LEU G 81 25.66 -55.87 18.28
C LEU G 81 26.16 -57.05 19.08
N VAL G 82 27.43 -56.96 19.48
CA VAL G 82 28.07 -57.89 20.39
C VAL G 82 28.81 -57.04 21.40
N GLU G 83 28.19 -56.80 22.54
CA GLU G 83 28.93 -56.37 23.70
C GLU G 83 29.68 -57.56 24.27
N CYS G 84 30.83 -57.31 24.88
CA CYS G 84 31.61 -58.41 25.42
C CYS G 84 32.66 -57.87 26.38
N THR G 85 33.15 -58.78 27.20
CA THR G 85 34.08 -58.52 28.29
C THR G 85 35.29 -59.43 28.11
N ALA G 86 36.39 -59.09 28.76
CA ALA G 86 37.57 -59.95 28.66
C ALA G 86 38.55 -59.65 29.78
N ARG G 87 39.41 -60.63 30.04
CA ARG G 87 40.31 -60.67 31.18
C ARG G 87 41.69 -61.12 30.74
N GLU G 88 42.68 -60.82 31.57
CA GLU G 88 44.06 -61.15 31.26
C GLU G 88 44.29 -62.65 31.25
N ILE G 89 45.22 -63.08 30.41
CA ILE G 89 45.69 -64.46 30.47
C ILE G 89 46.63 -64.59 31.67
N PRO G 90 47.52 -63.61 32.04
CA PRO G 90 48.30 -63.83 33.25
C PRO G 90 47.49 -63.86 34.55
N ILE G 91 46.17 -63.66 34.45
CA ILE G 91 45.26 -63.86 35.56
C ILE G 91 44.29 -65.01 35.28
N ASP G 92 43.75 -65.08 34.08
CA ASP G 92 42.82 -66.16 33.78
C ASP G 92 43.54 -67.50 33.83
N LYS G 93 44.73 -67.57 33.21
CA LYS G 93 45.56 -68.76 33.24
C LYS G 93 45.84 -69.21 34.66
N LEU G 94 45.75 -68.30 35.62
CA LEU G 94 45.80 -68.66 37.03
C LEU G 94 44.44 -69.17 37.51
N MET G 95 43.36 -68.54 37.07
CA MET G 95 42.02 -69.05 37.40
C MET G 95 41.73 -70.38 36.73
N ILE G 96 42.55 -70.79 35.76
CA ILE G 96 42.44 -72.12 35.19
C ILE G 96 42.57 -73.16 36.28
N ASP G 97 43.75 -73.21 36.89
CA ASP G 97 44.18 -74.36 37.64
C ASP G 97 44.01 -74.15 39.13
N ARG G 98 43.76 -75.25 39.82
CA ARG G 98 43.61 -75.31 41.25
C ARG G 98 44.78 -76.08 41.86
N ILE G 99 44.76 -76.17 43.18
CA ILE G 99 45.68 -77.03 43.91
C ILE G 99 44.86 -77.80 44.92
N TYR G 100 45.07 -79.11 44.96
CA TYR G 100 44.35 -80.00 45.85
C TYR G 100 45.15 -80.40 47.07
N VAL G 101 46.47 -80.50 46.94
CA VAL G 101 47.31 -80.74 48.10
C VAL G 101 47.18 -79.55 49.03
N ASN G 102 46.76 -79.81 50.26
CA ASN G 102 46.48 -78.73 51.20
C ASN G 102 47.81 -78.20 51.73
N VAL G 103 48.22 -77.04 51.23
CA VAL G 103 49.37 -76.37 51.80
C VAL G 103 49.09 -76.05 53.26
N THR G 104 50.06 -76.31 54.11
CA THR G 104 49.88 -76.17 55.54
C THR G 104 51.24 -76.07 56.19
N GLY G 105 51.33 -75.24 57.23
CA GLY G 105 52.55 -75.10 57.98
C GLY G 105 53.36 -73.89 57.56
N SER G 106 54.59 -73.85 58.05
CA SER G 106 55.51 -72.79 57.67
C SER G 106 55.79 -72.87 56.17
N PHE G 107 56.13 -71.72 55.59
CA PHE G 107 56.33 -71.65 54.16
C PHE G 107 57.17 -70.44 53.85
N THR G 108 58.34 -70.65 53.25
CA THR G 108 59.10 -69.54 52.70
C THR G 108 58.49 -69.13 51.37
N VAL G 109 58.71 -67.87 51.02
CA VAL G 109 57.92 -67.24 49.96
C VAL G 109 58.22 -67.88 48.61
N GLU G 110 59.49 -68.17 48.33
CA GLU G 110 59.85 -68.72 47.03
C GLU G 110 59.24 -70.10 46.85
N ARG G 111 59.27 -70.91 47.90
CA ARG G 111 58.66 -72.23 47.83
C ARG G 111 57.17 -72.12 47.54
N TYR G 112 56.50 -71.19 48.23
CA TYR G 112 55.06 -71.08 48.09
C TYR G 112 54.69 -70.61 46.69
N PHE G 113 55.28 -69.53 46.24
CA PHE G 113 55.00 -69.01 44.91
C PHE G 113 55.74 -69.77 43.81
N ASN G 114 56.38 -70.89 44.13
CA ASN G 114 56.85 -71.82 43.13
C ASN G 114 55.96 -73.05 43.01
N ILE G 115 55.37 -73.50 44.13
CA ILE G 115 54.47 -74.64 44.05
C ILE G 115 53.19 -74.25 43.33
N VAL G 116 52.80 -72.98 43.41
CA VAL G 116 51.59 -72.52 42.76
C VAL G 116 51.83 -72.23 41.28
N PHE G 117 53.07 -71.99 40.86
CA PHE G 117 53.44 -71.86 39.45
C PHE G 117 53.97 -73.19 38.92
N GLN G 118 53.15 -74.24 39.08
CA GLN G 118 53.50 -75.57 38.66
C GLN G 118 52.60 -75.95 37.47
N GLY G 119 53.19 -75.97 36.28
CA GLY G 119 52.46 -76.26 35.07
C GLY G 119 51.90 -75.05 34.36
N THR G 120 51.84 -73.90 35.03
CA THR G 120 51.34 -72.70 34.38
C THR G 120 52.35 -72.11 33.41
N GLY G 121 53.64 -72.31 33.68
CA GLY G 121 54.69 -71.81 32.83
C GLY G 121 55.14 -70.40 33.16
N MET G 122 54.29 -69.61 33.81
CA MET G 122 54.68 -68.26 34.16
C MET G 122 55.74 -68.29 35.26
N LEU G 123 56.33 -67.13 35.50
CA LEU G 123 57.46 -66.99 36.40
C LEU G 123 57.21 -65.89 37.41
N PHE G 124 57.75 -66.08 38.60
CA PHE G 124 57.67 -65.13 39.69
C PHE G 124 59.06 -64.78 40.18
N GLU G 125 59.19 -63.59 40.73
CA GLU G 125 60.41 -63.26 41.45
C GLU G 125 60.15 -62.13 42.42
N VAL G 126 60.81 -62.22 43.56
CA VAL G 126 60.79 -61.19 44.58
C VAL G 126 62.05 -60.36 44.43
N GLU G 127 61.93 -59.08 44.73
CA GLU G 127 63.05 -58.15 44.58
C GLU G 127 63.82 -58.01 45.90
N GLY G 128 63.15 -57.53 46.93
CA GLY G 128 63.77 -57.39 48.22
C GLY G 128 63.64 -58.64 49.06
N LYS G 129 64.45 -58.72 50.11
CA LYS G 129 64.30 -59.79 51.07
C LYS G 129 62.96 -59.64 51.79
N VAL G 130 62.27 -60.76 51.94
CA VAL G 130 60.96 -60.79 52.59
C VAL G 130 60.94 -61.95 53.56
N LYS G 131 60.27 -61.75 54.70
CA LYS G 131 60.19 -62.77 55.73
C LYS G 131 59.28 -63.91 55.26
N SER G 132 59.07 -64.86 56.15
CA SER G 132 58.23 -66.01 55.91
C SER G 132 57.28 -66.21 57.09
N SER G 133 56.14 -66.83 56.80
CA SER G 133 55.12 -67.10 57.81
C SER G 133 54.57 -68.49 57.53
N LYS G 134 53.45 -68.81 58.18
CA LYS G 134 52.84 -70.13 58.11
C LYS G 134 51.39 -69.99 57.69
N PHE G 135 50.98 -70.84 56.75
CA PHE G 135 49.62 -70.84 56.22
C PHE G 135 48.87 -72.01 56.84
N GLU G 136 47.69 -71.71 57.40
CA GLU G 136 47.00 -72.66 58.25
C GLU G 136 46.37 -73.80 57.45
N ASN G 137 45.54 -73.47 56.47
CA ASN G 137 44.90 -74.48 55.63
C ASN G 137 45.04 -74.10 54.17
N GLY G 138 45.49 -75.05 53.37
CA GLY G 138 45.53 -74.85 51.95
C GLY G 138 44.15 -74.88 51.34
N GLY G 139 44.05 -74.25 50.18
CA GLY G 139 42.83 -74.24 49.41
C GLY G 139 42.75 -75.41 48.48
N GLU G 140 42.46 -76.60 49.02
CA GLU G 140 42.40 -77.79 48.19
C GLU G 140 41.38 -77.65 47.07
N GLY G 141 40.30 -76.94 47.31
CA GLY G 141 39.26 -76.78 46.31
C GLY G 141 39.27 -75.39 45.70
N ASP G 142 40.44 -74.76 45.66
CA ASP G 142 40.56 -73.36 45.32
C ASP G 142 41.51 -73.12 44.17
N THR G 143 41.37 -71.93 43.59
CA THR G 143 42.20 -71.51 42.48
C THR G 143 43.63 -71.31 42.93
N ARG G 144 44.53 -71.26 41.95
CA ARG G 144 45.84 -70.72 42.21
C ARG G 144 45.77 -69.23 42.45
N LEU G 145 44.73 -68.57 41.95
CA LEU G 145 44.65 -67.12 42.03
C LEU G 145 44.41 -66.66 43.46
N GLU G 146 43.45 -67.26 44.14
CA GLU G 146 43.12 -66.75 45.47
C GLU G 146 44.17 -67.15 46.49
N MET G 147 44.86 -68.26 46.26
CA MET G 147 46.02 -68.55 47.08
C MET G 147 47.14 -67.57 46.79
N PHE G 148 47.24 -67.11 45.55
CA PHE G 148 48.14 -66.02 45.24
C PHE G 148 47.73 -64.76 46.00
N LYS G 149 46.42 -64.55 46.14
CA LYS G 149 45.92 -63.41 46.89
C LYS G 149 46.36 -63.49 48.34
N LYS G 150 46.17 -64.66 48.94
CA LYS G 150 46.54 -64.86 50.33
C LYS G 150 48.04 -64.70 50.51
N GLY G 151 48.82 -65.23 49.56
CA GLY G 151 50.26 -65.09 49.63
C GLY G 151 50.70 -63.65 49.58
N LEU G 152 50.09 -62.87 48.68
CA LEU G 152 50.38 -61.45 48.64
C LEU G 152 49.97 -60.77 49.93
N GLU G 153 48.89 -61.23 50.54
CA GLU G 153 48.41 -60.62 51.77
C GLU G 153 49.37 -60.88 52.91
N HIS G 154 50.06 -62.01 52.88
CA HIS G 154 51.01 -62.35 53.94
C HIS G 154 52.39 -61.78 53.70
N PHE G 155 52.96 -62.02 52.51
CA PHE G 155 54.37 -61.71 52.24
C PHE G 155 54.55 -60.54 51.29
N GLY G 156 54.07 -60.66 50.06
CA GLY G 156 54.31 -59.67 49.03
C GLY G 156 53.10 -58.79 48.87
N LEU G 157 53.16 -57.62 49.50
CA LEU G 157 51.95 -56.83 49.65
C LEU G 157 51.45 -56.24 48.34
N GLU G 158 52.28 -56.23 47.29
CA GLU G 158 51.84 -55.80 45.98
C GLU G 158 52.58 -56.60 44.93
N TYR G 159 52.16 -56.44 43.67
CA TYR G 159 52.89 -57.06 42.59
C TYR G 159 52.71 -56.25 41.31
N LYS G 160 53.34 -56.75 40.26
CA LYS G 160 53.22 -56.19 38.93
C LYS G 160 53.66 -57.24 37.94
N ILE G 161 52.83 -57.49 36.96
CA ILE G 161 53.14 -58.45 35.91
C ILE G 161 53.78 -57.72 34.75
N THR G 162 54.47 -58.48 33.91
CA THR G 162 54.97 -57.94 32.66
C THR G 162 55.11 -59.05 31.64
N TYR G 163 54.69 -58.76 30.42
CA TYR G 163 55.01 -59.63 29.28
C TYR G 163 56.47 -59.37 28.94
N ASP G 164 57.35 -60.21 29.44
CA ASP G 164 58.74 -60.15 29.03
C ASP G 164 58.84 -60.38 27.53
N LYS G 165 60.03 -60.08 26.99
CA LYS G 165 60.30 -60.25 25.56
C LYS G 165 59.93 -61.64 25.08
N LYS G 166 60.08 -62.64 25.93
CA LYS G 166 59.98 -64.03 25.53
C LYS G 166 58.53 -64.41 25.35
N LYS G 167 58.32 -65.46 24.57
CA LYS G 167 56.99 -65.93 24.25
C LYS G 167 56.49 -66.86 25.34
N ASP G 168 55.22 -66.69 25.71
CA ASP G 168 54.59 -67.47 26.76
C ASP G 168 55.36 -67.32 28.08
N ARG G 169 55.60 -66.06 28.45
CA ARG G 169 56.22 -65.77 29.72
C ARG G 169 55.66 -64.48 30.28
N TYR G 170 55.50 -64.45 31.59
CA TYR G 170 54.87 -63.33 32.27
C TYR G 170 55.52 -63.21 33.64
N LYS G 171 56.48 -62.30 33.76
CA LYS G 171 57.21 -62.16 35.00
C LYS G 171 56.36 -61.42 36.01
N PHE G 172 56.21 -62.02 37.19
CA PHE G 172 55.50 -61.42 38.31
C PHE G 172 56.56 -60.85 39.24
N VAL G 173 56.82 -59.55 39.10
CA VAL G 173 57.65 -58.83 40.04
C VAL G 173 56.80 -58.62 41.28
N LEU G 174 57.02 -59.42 42.31
CA LEU G 174 56.37 -59.16 43.58
C LEU G 174 57.16 -58.16 44.38
N THR G 175 56.46 -57.22 45.01
CA THR G 175 57.14 -56.14 45.71
C THR G 175 56.14 -55.53 46.66
N PRO G 176 56.60 -55.02 47.81
CA PRO G 176 55.71 -54.15 48.60
C PRO G 176 55.66 -52.76 47.99
N PHE G 177 54.44 -52.26 47.76
CA PHE G 177 54.24 -50.89 47.30
C PHE G 177 54.87 -50.70 45.91
N ALA G 178 54.34 -51.46 44.96
CA ALA G 178 54.89 -51.47 43.61
C ALA G 178 54.83 -50.10 42.97
N ASN G 179 55.96 -49.64 42.46
CA ASN G 179 56.05 -48.30 41.89
C ASN G 179 57.18 -48.23 40.89
N GLN G 180 57.01 -47.34 39.92
CA GLN G 180 58.10 -46.88 39.08
C GLN G 180 57.94 -45.39 38.88
N LYS G 181 59.07 -44.70 38.78
CA LYS G 181 59.04 -43.28 38.49
C LYS G 181 58.44 -43.04 37.11
N ALA G 182 57.77 -41.91 36.96
CA ALA G 182 57.20 -41.49 35.69
C ALA G 182 57.60 -40.06 35.43
N SER G 183 58.08 -39.78 34.22
CA SER G 183 58.54 -38.44 33.90
C SER G 183 57.40 -37.46 33.82
N TYR G 184 56.22 -37.91 33.39
CA TYR G 184 55.10 -37.00 33.22
C TYR G 184 54.59 -36.55 34.58
N PHE G 185 53.53 -35.77 34.54
CA PHE G 185 52.97 -35.14 35.73
C PHE G 185 51.58 -34.64 35.37
N ILE G 186 51.00 -33.88 36.29
CA ILE G 186 49.63 -33.39 36.18
C ILE G 186 49.60 -31.99 36.78
N SER G 187 48.55 -31.25 36.46
CA SER G 187 48.09 -30.15 37.30
C SER G 187 46.66 -29.83 36.90
N ASP G 188 45.97 -29.10 37.78
CA ASP G 188 44.60 -28.66 37.51
C ASP G 188 44.51 -27.92 36.18
N GLU G 189 45.53 -27.15 35.85
CA GLU G 189 45.46 -26.33 34.66
C GLU G 189 45.68 -27.15 33.39
N VAL G 190 46.54 -28.16 33.44
CA VAL G 190 47.15 -28.72 32.25
C VAL G 190 46.57 -30.08 31.89
N ASN G 191 46.26 -30.92 32.87
CA ASN G 191 45.79 -32.26 32.59
C ASN G 191 44.69 -32.77 33.49
N ALA G 192 44.27 -32.01 34.50
CA ALA G 192 43.33 -32.48 35.50
C ALA G 192 42.06 -31.64 35.44
N ASN G 193 41.07 -32.14 34.72
CA ASN G 193 39.81 -31.42 34.58
C ASN G 193 39.10 -31.29 35.91
N ALA G 194 38.71 -32.41 36.49
CA ALA G 194 37.86 -32.46 37.67
C ALA G 194 38.56 -33.26 38.75
N ILE G 195 39.04 -32.57 39.76
CA ILE G 195 39.74 -33.19 40.88
C ILE G 195 38.73 -33.35 42.01
N LYS G 196 38.31 -34.58 42.23
CA LYS G 196 37.56 -34.96 43.42
C LYS G 196 38.56 -35.52 44.41
N LEU G 197 38.90 -34.73 45.41
CA LEU G 197 39.65 -35.20 46.55
C LEU G 197 38.66 -35.63 47.61
N GLU G 198 38.72 -36.89 48.01
CA GLU G 198 37.88 -37.45 49.06
C GLU G 198 38.78 -37.92 50.18
N GLU G 199 38.50 -37.49 51.39
CA GLU G 199 39.24 -37.91 52.58
C GLU G 199 38.26 -38.63 53.49
N ASP G 200 38.26 -39.95 53.41
CA ASP G 200 37.37 -40.77 54.22
C ASP G 200 38.09 -41.22 55.47
N ALA G 201 37.46 -40.98 56.62
CA ALA G 201 37.98 -41.44 57.89
C ALA G 201 36.77 -41.73 58.79
N SER G 202 36.29 -42.97 58.73
CA SER G 202 35.26 -43.47 59.62
C SER G 202 35.69 -44.70 60.40
N ASP G 203 36.88 -45.23 60.11
CA ASP G 203 37.38 -46.44 60.71
C ASP G 203 38.85 -46.25 61.08
N PHE G 204 39.16 -45.09 61.61
CA PHE G 204 40.54 -44.59 61.68
C PHE G 204 41.04 -44.62 63.11
N ALA G 205 42.30 -44.22 63.27
CA ALA G 205 43.08 -44.64 64.42
C ALA G 205 44.19 -43.64 64.72
N THR G 206 44.50 -43.52 66.00
CA THR G 206 45.67 -42.78 66.47
C THR G 206 46.61 -43.68 67.23
N PHE G 207 46.11 -44.37 68.26
CA PHE G 207 46.83 -45.47 68.88
C PHE G 207 46.02 -46.75 68.70
N ILE G 208 46.64 -47.84 69.09
CA ILE G 208 46.14 -49.16 68.72
C ILE G 208 46.88 -50.19 69.56
N ARG G 209 46.19 -51.29 69.89
CA ARG G 209 46.75 -52.39 70.67
C ARG G 209 46.98 -53.59 69.77
N GLY G 210 47.89 -54.47 70.20
CA GLY G 210 48.16 -55.68 69.44
C GLY G 210 48.65 -56.88 70.22
N TYR G 211 48.04 -58.04 69.95
CA TYR G 211 48.35 -59.30 70.62
C TYR G 211 48.54 -60.39 69.58
N GLY G 212 49.74 -60.98 69.54
CA GLY G 212 50.06 -61.91 68.46
C GLY G 212 51.00 -63.08 68.65
N ASN G 213 51.26 -63.53 69.89
CA ASN G 213 52.09 -64.72 70.10
C ASN G 213 51.47 -65.73 71.06
N TYR G 214 50.36 -65.40 71.72
CA TYR G 214 49.63 -66.38 72.49
C TYR G 214 49.25 -67.57 71.62
N SER G 215 49.20 -68.74 72.24
CA SER G 215 48.99 -69.97 71.50
C SER G 215 47.55 -70.03 70.97
N GLY G 216 47.32 -71.02 70.11
CA GLY G 216 46.04 -71.13 69.43
C GLY G 216 44.86 -71.39 70.35
N GLU G 217 45.10 -71.83 71.58
CA GLU G 217 44.05 -72.33 72.46
C GLU G 217 43.75 -71.39 73.62
N GLU G 218 44.26 -70.16 73.59
CA GLU G 218 44.15 -69.24 74.70
C GLU G 218 43.16 -68.12 74.43
N THR G 219 43.40 -67.36 73.37
CA THR G 219 42.49 -66.39 72.77
C THR G 219 42.32 -65.08 73.54
N PHE G 220 42.61 -65.03 74.83
CA PHE G 220 42.71 -63.71 75.44
C PHE G 220 43.63 -63.57 76.64
N GLU G 221 44.07 -64.65 77.26
CA GLU G 221 45.00 -64.46 78.38
C GLU G 221 46.25 -63.89 77.74
N HIS G 222 46.35 -62.57 77.83
CA HIS G 222 47.11 -61.80 76.85
C HIS G 222 48.61 -61.92 77.14
N ALA G 223 49.10 -63.13 76.92
CA ALA G 223 50.51 -63.30 76.70
C ALA G 223 50.79 -63.00 75.25
N GLY G 224 52.06 -62.83 74.93
CA GLY G 224 52.42 -62.66 73.55
C GLY G 224 52.53 -61.21 73.10
N LEU G 225 53.41 -60.48 73.76
CA LEU G 225 53.82 -59.17 73.29
C LEU G 225 52.68 -58.18 73.35
N VAL G 226 52.09 -58.01 74.52
CA VAL G 226 51.11 -56.95 74.71
C VAL G 226 51.81 -55.62 74.46
N MET G 227 51.21 -54.80 73.61
CA MET G 227 51.72 -53.47 73.40
C MET G 227 50.67 -52.64 72.71
N GLU G 228 50.81 -51.33 72.85
CA GLU G 228 50.04 -50.38 72.09
C GLU G 228 50.96 -49.33 71.51
N ALA G 229 50.79 -49.06 70.23
CA ALA G 229 51.56 -48.05 69.53
C ALA G 229 50.64 -46.93 69.08
N ARG G 230 51.26 -45.90 68.51
CA ARG G 230 50.50 -44.77 68.00
C ARG G 230 51.36 -44.03 66.99
N SER G 231 50.69 -43.27 66.13
CA SER G 231 51.35 -42.50 65.10
C SER G 231 51.67 -41.11 65.61
N ALA G 232 52.26 -40.29 64.73
CA ALA G 232 52.72 -38.96 65.13
C ALA G 232 51.56 -37.98 65.26
N LEU G 233 50.55 -38.11 64.39
CA LEU G 233 49.40 -37.23 64.41
C LEU G 233 48.51 -37.44 65.63
N ALA G 234 48.73 -38.50 66.40
CA ALA G 234 47.86 -38.83 67.52
C ALA G 234 47.75 -37.68 68.50
N GLU G 235 48.89 -37.03 68.77
CA GLU G 235 49.02 -36.18 69.94
C GLU G 235 48.10 -34.96 69.89
N ILE G 236 47.57 -34.62 68.71
CA ILE G 236 46.68 -33.48 68.56
C ILE G 236 45.25 -33.97 68.44
N TYR G 237 45.05 -35.14 67.81
CA TYR G 237 43.70 -35.71 67.75
C TYR G 237 43.34 -36.39 69.06
N GLY G 238 44.24 -37.24 69.55
CA GLY G 238 44.13 -37.80 70.87
C GLY G 238 43.79 -39.28 70.91
N ASP G 239 43.10 -39.67 71.98
CA ASP G 239 42.76 -41.05 72.28
C ASP G 239 41.68 -41.51 71.33
N ILE G 240 42.04 -42.30 70.32
CA ILE G 240 41.13 -43.21 69.63
C ILE G 240 41.87 -44.51 69.41
N HIS G 241 41.13 -45.55 69.03
CA HIS G 241 41.82 -46.74 68.60
C HIS G 241 40.90 -47.65 67.82
N ALA G 242 41.52 -48.39 66.90
CA ALA G 242 40.83 -49.26 65.98
C ALA G 242 40.65 -50.64 66.60
N GLU G 243 40.28 -51.61 65.78
CA GLU G 243 40.17 -52.98 66.24
C GLU G 243 41.57 -53.50 66.52
N PRO G 244 41.88 -53.94 67.74
CA PRO G 244 43.27 -54.32 68.03
C PRO G 244 43.68 -55.57 67.27
N PHE G 245 44.99 -55.72 67.14
CA PHE G 245 45.58 -56.87 66.43
C PHE G 245 45.44 -58.07 67.34
N LYS G 246 44.21 -58.58 67.42
CA LYS G 246 43.92 -59.71 68.30
C LYS G 246 44.48 -60.99 67.73
N ASP G 247 44.19 -61.26 66.47
CA ASP G 247 44.61 -62.49 65.82
C ASP G 247 46.10 -62.43 65.51
N GLY G 248 46.85 -63.39 66.03
CA GLY G 248 48.26 -63.45 65.73
C GLY G 248 49.00 -64.58 66.42
N LYS G 249 49.86 -65.27 65.67
CA LYS G 249 50.75 -66.30 66.18
C LYS G 249 52.20 -65.92 65.94
N VAL G 250 52.48 -64.62 65.88
CA VAL G 250 53.79 -64.10 65.50
C VAL G 250 54.61 -63.88 66.75
N THR G 251 55.85 -64.37 66.73
CA THR G 251 56.69 -64.33 67.93
C THR G 251 57.26 -62.94 68.15
N ASP G 252 58.08 -62.47 67.21
CA ASP G 252 58.94 -61.32 67.47
C ASP G 252 58.11 -60.05 67.63
N GLN G 253 58.81 -59.01 68.08
CA GLN G 253 58.24 -57.69 68.29
C GLN G 253 58.48 -56.74 67.12
N GLU G 254 59.52 -57.01 66.33
CA GLU G 254 59.77 -56.24 65.12
C GLU G 254 58.57 -56.25 64.21
N THR G 255 57.93 -57.41 64.06
CA THR G 255 56.70 -57.52 63.28
C THR G 255 55.60 -56.69 63.92
N MET G 256 55.40 -56.85 65.23
CA MET G 256 54.24 -56.32 65.93
C MET G 256 54.14 -54.81 65.88
N ASP G 257 55.21 -54.11 65.50
CA ASP G 257 55.14 -52.67 65.28
C ASP G 257 54.87 -52.35 63.81
N LYS G 258 55.48 -53.08 62.89
CA LYS G 258 55.28 -52.82 61.47
C LYS G 258 53.83 -53.06 61.08
N GLU G 259 53.32 -54.26 61.37
CA GLU G 259 51.94 -54.57 61.04
C GLU G 259 50.98 -53.62 61.74
N LEU G 260 51.32 -53.20 62.95
CA LEU G 260 50.44 -52.35 63.72
C LEU G 260 50.35 -50.95 63.11
N GLN G 261 51.49 -50.34 62.83
CA GLN G 261 51.48 -49.04 62.18
C GLN G 261 50.87 -49.13 60.78
N SER G 262 50.96 -50.29 60.14
CA SER G 262 50.30 -50.46 58.86
C SER G 262 48.79 -50.47 59.03
N ARG G 263 48.31 -51.12 60.09
CA ARG G 263 46.89 -51.05 60.41
C ARG G 263 46.46 -49.61 60.67
N LEU G 264 47.34 -48.81 61.25
CA LEU G 264 47.02 -47.41 61.49
C LEU G 264 46.93 -46.63 60.19
N LYS G 265 48.05 -46.53 59.48
CA LYS G 265 48.17 -45.59 58.37
C LYS G 265 47.35 -45.99 57.15
N LYS G 266 46.77 -47.19 57.15
CA LYS G 266 45.90 -47.59 56.05
C LYS G 266 44.52 -46.98 56.15
N SER G 267 44.19 -46.32 57.27
CA SER G 267 42.81 -46.02 57.60
C SER G 267 42.41 -44.57 57.42
N LEU G 268 43.34 -43.63 57.61
CA LEU G 268 43.07 -42.23 57.29
C LEU G 268 43.15 -42.10 55.77
N LYS G 269 42.05 -42.46 55.12
CA LYS G 269 42.05 -42.76 53.69
C LYS G 269 41.86 -41.51 52.84
N GLN G 270 42.57 -41.48 51.70
CA GLN G 270 42.48 -40.38 50.75
C GLN G 270 42.38 -40.98 49.35
N SER G 271 41.21 -40.80 48.72
CA SER G 271 40.95 -41.25 47.36
C SER G 271 40.77 -40.03 46.47
N LEU G 272 41.59 -39.92 45.44
CA LEU G 272 41.55 -38.81 44.50
C LEU G 272 41.11 -39.37 43.16
N SER G 273 39.80 -39.39 42.94
CA SER G 273 39.22 -39.94 41.73
C SER G 273 39.08 -38.83 40.68
N LEU G 274 40.20 -38.20 40.36
CA LEU G 274 40.21 -37.15 39.37
C LEU G 274 39.86 -37.72 38.00
N ASP G 275 39.81 -36.82 37.02
CA ASP G 275 39.65 -37.18 35.62
C ASP G 275 40.84 -36.65 34.85
N PHE G 276 41.21 -37.42 33.84
CA PHE G 276 42.35 -37.13 32.98
C PHE G 276 41.83 -36.97 31.57
N LEU G 277 42.47 -36.08 30.83
CA LEU G 277 42.08 -35.79 29.46
C LEU G 277 43.37 -35.74 28.65
N VAL G 278 43.44 -36.56 27.62
CA VAL G 278 44.70 -36.76 26.92
C VAL G 278 44.90 -35.65 25.92
N LEU G 279 46.11 -35.10 25.90
CA LEU G 279 46.55 -34.20 24.86
C LEU G 279 47.47 -34.96 23.91
N ARG G 280 47.08 -35.01 22.63
CA ARG G 280 47.82 -35.75 21.63
C ARG G 280 48.83 -34.89 20.91
N GLU G 281 48.37 -33.75 20.37
CA GLU G 281 49.27 -32.84 19.67
C GLU G 281 50.35 -32.31 20.60
N SER G 282 50.04 -32.16 21.88
CA SER G 282 50.97 -31.68 22.88
C SER G 282 50.94 -32.65 24.05
N TYR G 283 52.04 -32.69 24.79
CA TYR G 283 52.15 -33.53 25.98
C TYR G 283 51.83 -35.00 25.71
N PRO G 284 52.37 -35.60 24.64
CA PRO G 284 52.00 -36.98 24.34
C PRO G 284 52.63 -37.99 25.28
N GLU G 285 53.68 -37.61 26.00
CA GLU G 285 54.45 -38.57 26.79
C GLU G 285 53.85 -38.77 28.18
N ALA G 286 52.55 -39.04 28.22
CA ALA G 286 51.81 -39.19 29.46
C ALA G 286 50.83 -40.34 29.38
N ASP G 287 51.25 -41.43 28.76
CA ASP G 287 50.41 -42.60 28.72
C ASP G 287 50.29 -43.13 30.14
N PRO G 288 49.16 -42.98 30.83
CA PRO G 288 49.11 -43.35 32.24
C PRO G 288 49.12 -44.86 32.39
N GLN G 289 49.92 -45.33 33.34
CA GLN G 289 50.03 -46.74 33.63
C GLN G 289 49.92 -46.95 35.14
N PRO G 290 49.24 -47.98 35.59
CA PRO G 290 49.00 -48.12 37.03
C PRO G 290 50.27 -48.54 37.75
N GLY G 291 50.34 -48.15 39.02
CA GLY G 291 51.49 -48.48 39.82
C GLY G 291 52.70 -47.67 39.46
N ASP G 292 52.51 -46.40 39.13
CA ASP G 292 53.59 -45.46 38.85
C ASP G 292 53.49 -44.29 39.80
N ILE G 293 54.59 -43.61 39.96
CA ILE G 293 54.62 -42.35 40.70
C ILE G 293 54.16 -41.23 39.78
N VAL G 294 53.57 -40.21 40.36
CA VAL G 294 53.16 -39.03 39.61
C VAL G 294 53.13 -37.85 40.56
N GLN G 295 53.41 -36.68 40.01
CA GLN G 295 53.44 -35.44 40.77
C GLN G 295 52.28 -34.57 40.31
N ILE G 296 51.20 -34.59 41.06
CA ILE G 296 50.06 -33.71 40.79
C ILE G 296 50.29 -32.41 41.53
N LYS G 297 49.55 -31.38 41.11
CA LYS G 297 49.59 -30.10 41.79
C LYS G 297 48.33 -29.35 41.37
N SER G 298 47.42 -29.14 42.30
CA SER G 298 46.26 -28.29 42.06
C SER G 298 46.44 -27.02 42.85
N THR G 299 46.58 -25.91 42.14
CA THR G 299 46.46 -24.62 42.77
C THR G 299 45.08 -24.47 43.40
N LYS G 300 44.95 -23.47 44.28
CA LYS G 300 43.71 -23.14 45.00
C LYS G 300 43.08 -24.37 45.67
N LEU G 301 43.90 -25.35 46.02
CA LEU G 301 43.43 -26.56 46.68
C LEU G 301 44.28 -26.87 47.90
N GLY G 302 45.54 -26.44 47.88
CA GLY G 302 46.47 -26.78 48.93
C GLY G 302 47.08 -28.12 48.64
N LEU G 303 47.69 -28.25 47.46
CA LEU G 303 48.15 -29.56 46.99
C LEU G 303 49.30 -29.40 46.03
N ASN G 304 50.45 -29.97 46.41
CA ASN G 304 51.57 -30.13 45.49
C ASN G 304 52.28 -31.46 45.66
N ASP G 305 51.80 -32.35 46.51
CA ASP G 305 52.52 -33.58 46.77
C ASP G 305 52.42 -34.52 45.59
N LEU G 306 53.19 -35.60 45.69
CA LEU G 306 53.22 -36.65 44.70
C LEU G 306 52.57 -37.90 45.28
N VAL G 307 51.97 -38.67 44.39
CA VAL G 307 51.13 -39.79 44.73
C VAL G 307 51.44 -40.91 43.74
N ARG G 308 50.69 -42.01 43.85
CA ARG G 308 50.80 -43.12 42.92
C ARG G 308 49.44 -43.44 42.33
N ILE G 309 49.45 -43.89 41.08
CA ILE G 309 48.23 -44.37 40.46
C ILE G 309 47.89 -45.72 41.07
N VAL G 310 46.59 -45.94 41.25
CA VAL G 310 46.08 -47.23 41.68
C VAL G 310 45.02 -47.77 40.74
N GLN G 311 44.34 -46.92 39.98
CA GLN G 311 43.40 -47.36 38.96
C GLN G 311 43.53 -46.47 37.73
N VAL G 312 43.37 -47.09 36.56
CA VAL G 312 43.35 -46.37 35.30
C VAL G 312 42.32 -47.02 34.39
N LYS G 313 41.74 -46.21 33.52
CA LYS G 313 40.58 -46.57 32.73
C LYS G 313 40.74 -45.88 31.39
N THR G 314 41.14 -46.64 30.39
CA THR G 314 41.42 -46.17 29.05
C THR G 314 40.24 -46.49 28.15
N ILE G 315 40.07 -45.67 27.12
CA ILE G 315 39.23 -46.03 26.00
C ILE G 315 39.98 -45.73 24.72
N ARG G 316 39.65 -46.48 23.67
CA ARG G 316 40.37 -46.37 22.41
C ARG G 316 39.40 -46.71 21.29
N GLY G 317 39.01 -45.71 20.51
CA GLY G 317 38.04 -45.96 19.47
C GLY G 317 38.57 -46.79 18.34
N ILE G 318 39.41 -46.20 17.47
CA ILE G 318 39.92 -46.88 16.29
C ILE G 318 41.30 -46.29 16.00
N ASN G 319 42.17 -47.14 15.43
CA ASN G 319 43.59 -46.85 15.28
C ASN G 319 44.29 -46.73 16.62
N ASN G 320 43.64 -47.23 17.68
CA ASN G 320 44.18 -47.20 19.02
C ASN G 320 44.53 -45.78 19.45
N VAL G 321 43.73 -44.82 19.02
CA VAL G 321 43.84 -43.45 19.50
C VAL G 321 42.96 -43.32 20.73
N ILE G 322 43.49 -42.69 21.75
CA ILE G 322 42.77 -42.52 23.00
C ILE G 322 41.81 -41.35 22.84
N VAL G 323 40.68 -41.45 23.53
CA VAL G 323 39.71 -40.37 23.62
C VAL G 323 39.74 -39.70 24.98
N LYS G 324 39.59 -40.47 26.06
CA LYS G 324 39.74 -39.94 27.41
C LYS G 324 40.31 -41.02 28.30
N GLN G 325 40.75 -40.58 29.47
CA GLN G 325 41.23 -41.44 30.53
C GLN G 325 40.50 -41.09 31.81
N ASP G 326 40.34 -42.09 32.67
CA ASP G 326 39.96 -41.84 34.05
C ASP G 326 40.97 -42.56 34.93
N VAL G 327 41.20 -42.02 36.12
CA VAL G 327 42.20 -42.58 37.01
C VAL G 327 41.75 -42.35 38.45
N THR G 328 42.29 -43.17 39.34
CA THR G 328 42.16 -42.95 40.77
C THR G 328 43.50 -43.23 41.42
N LEU G 329 43.75 -42.47 42.48
CA LEU G 329 45.06 -42.36 43.11
C LEU G 329 44.97 -42.87 44.54
N GLY G 330 46.12 -43.24 45.09
CA GLY G 330 46.16 -43.72 46.46
C GLY G 330 45.35 -44.99 46.62
N GLU G 331 44.32 -44.91 47.45
CA GLU G 331 43.33 -45.96 47.50
C GLU G 331 42.39 -45.82 46.32
N PHE G 332 41.87 -46.96 45.85
CA PHE G 332 41.24 -46.96 44.53
C PHE G 332 39.95 -46.15 44.53
N ASN G 333 39.17 -46.23 45.59
CA ASN G 333 37.97 -45.41 45.77
C ASN G 333 37.47 -45.63 47.18
N ARG G 334 36.50 -44.81 47.58
CA ARG G 334 35.54 -45.22 48.60
C ARG G 334 34.47 -46.09 47.97
N GLU G 335 33.99 -45.65 46.82
CA GLU G 335 32.95 -46.33 46.05
C GLU G 335 33.28 -47.81 45.86
N GLN G 336 34.37 -48.11 45.16
CA GLN G 336 34.66 -49.47 44.79
C GLN G 336 34.91 -50.35 46.00
N ARG G 337 35.36 -49.75 47.10
CA ARG G 337 35.50 -50.53 48.32
C ARG G 337 34.15 -51.03 48.80
N TYR G 338 33.15 -50.13 48.78
CA TYR G 338 31.80 -50.55 49.14
C TYR G 338 31.31 -51.64 48.20
N MET G 339 31.52 -51.44 46.90
CA MET G 339 30.94 -52.37 45.94
C MET G 339 31.59 -53.73 46.06
N LYS G 340 32.89 -53.78 46.28
CA LYS G 340 33.55 -55.05 46.49
C LYS G 340 33.07 -55.71 47.76
N LYS G 341 32.82 -54.91 48.80
CA LYS G 341 32.27 -55.46 50.03
C LYS G 341 30.93 -56.13 49.77
N VAL G 342 30.06 -55.45 49.02
CA VAL G 342 28.74 -55.98 48.73
C VAL G 342 28.86 -57.27 47.93
N ASN G 343 29.65 -57.25 46.87
CA ASN G 343 29.73 -58.42 46.00
C ASN G 343 30.38 -59.59 46.72
N THR G 344 31.34 -59.33 47.61
CA THR G 344 31.92 -60.39 48.40
C THR G 344 30.88 -61.00 49.32
N ALA G 345 30.05 -60.17 49.94
CA ALA G 345 28.97 -60.70 50.75
C ALA G 345 28.04 -61.56 49.92
N ALA G 346 27.67 -61.07 48.74
CA ALA G 346 26.65 -61.74 47.97
C ALA G 346 27.16 -63.00 47.29
N ASN G 347 28.48 -63.14 47.12
CA ASN G 347 29.04 -64.35 46.52
C ASN G 347 29.54 -65.34 47.54
N TYR G 348 30.09 -64.88 48.67
CA TYR G 348 30.36 -65.78 49.79
C TYR G 348 29.07 -66.45 50.23
N VAL G 349 28.01 -65.66 50.42
CA VAL G 349 26.69 -66.22 50.50
C VAL G 349 26.29 -66.69 49.11
N SER G 350 25.48 -67.75 49.06
CA SER G 350 25.08 -68.49 47.88
C SER G 350 26.19 -69.42 47.39
N GLY G 351 27.39 -69.34 47.95
CA GLY G 351 28.39 -70.38 47.80
C GLY G 351 28.25 -71.38 48.91
N LEU G 352 27.70 -70.92 50.04
CA LEU G 352 27.41 -71.79 51.16
C LEU G 352 26.20 -72.66 50.85
N ASN G 353 25.90 -73.57 51.78
CA ASN G 353 24.74 -74.44 51.70
C ASN G 353 23.96 -74.50 53.00
N ASP G 354 24.54 -74.04 54.12
CA ASP G 354 23.86 -74.06 55.40
C ASP G 354 22.79 -72.98 55.50
N VAL G 355 22.77 -72.01 54.59
CA VAL G 355 21.89 -70.87 54.74
C VAL G 355 20.45 -71.30 54.57
N ASN G 356 19.60 -70.87 55.50
CA ASN G 356 18.15 -71.04 55.40
C ASN G 356 17.52 -69.74 55.86
N LEU G 357 16.97 -68.99 54.92
CA LEU G 357 16.49 -67.64 55.20
C LEU G 357 15.38 -67.63 56.23
N SER G 358 14.60 -68.69 56.31
CA SER G 358 13.55 -68.80 57.30
C SER G 358 14.16 -69.32 58.59
N ASN G 359 14.31 -68.43 59.57
CA ASN G 359 15.00 -68.74 60.82
C ASN G 359 16.39 -69.27 60.56
N PRO G 360 17.32 -68.42 60.16
CA PRO G 360 18.72 -68.84 60.15
C PRO G 360 19.23 -69.02 61.56
N SER G 361 20.52 -69.33 61.70
CA SER G 361 21.21 -69.57 62.95
C SER G 361 20.91 -70.93 63.54
N LYS G 362 19.96 -71.69 62.99
CA LYS G 362 19.86 -73.10 63.38
C LYS G 362 21.15 -73.83 63.01
N ALA G 363 21.72 -73.50 61.85
CA ALA G 363 22.92 -74.17 61.40
C ALA G 363 24.12 -73.79 62.23
N ALA G 364 24.15 -72.55 62.72
CA ALA G 364 25.23 -72.09 63.59
C ALA G 364 24.98 -72.46 65.04
N GLU G 365 23.74 -72.38 65.51
CA GLU G 365 23.47 -72.66 66.91
C GLU G 365 23.54 -74.16 67.19
N ASN G 366 23.07 -74.98 66.25
CA ASN G 366 23.27 -76.42 66.36
C ASN G 366 24.74 -76.74 66.55
N LEU G 367 25.57 -76.11 65.73
CA LEU G 367 27.02 -76.32 65.79
C LEU G 367 27.57 -75.88 67.14
N LYS G 368 27.23 -74.66 67.56
CA LYS G 368 27.79 -74.11 68.79
C LYS G 368 27.35 -74.91 70.01
N SER G 369 26.08 -75.31 70.06
CA SER G 369 25.61 -76.09 71.18
C SER G 369 26.23 -77.47 71.19
N LYS G 370 26.41 -78.06 70.02
CA LYS G 370 27.17 -79.30 69.92
C LYS G 370 28.57 -79.12 70.51
N VAL G 371 29.21 -77.98 70.22
CA VAL G 371 30.56 -77.72 70.69
C VAL G 371 30.59 -77.64 72.21
N ALA G 372 29.67 -76.88 72.78
CA ALA G 372 29.65 -76.77 74.23
C ALA G 372 29.27 -78.09 74.88
N SER G 373 28.45 -78.90 74.21
CA SER G 373 28.08 -80.19 74.77
C SER G 373 29.26 -81.14 74.79
N ILE G 374 30.02 -81.19 73.70
CA ILE G 374 31.21 -82.03 73.69
C ILE G 374 32.23 -81.51 74.70
N ALA G 375 32.27 -80.19 74.93
CA ALA G 375 33.15 -79.68 75.97
C ALA G 375 32.71 -80.13 77.35
N LYS G 376 31.40 -80.20 77.57
CA LYS G 376 30.89 -80.71 78.84
C LYS G 376 31.25 -82.19 79.02
N SER G 377 31.08 -82.97 77.95
CA SER G 377 31.46 -84.37 78.01
C SER G 377 32.95 -84.53 78.24
N THR G 378 33.76 -83.64 77.66
CA THR G 378 35.19 -83.67 77.88
C THR G 378 35.54 -83.31 79.31
N LEU G 379 34.79 -82.39 79.91
CA LEU G 379 34.98 -82.09 81.33
C LEU G 379 34.70 -83.31 82.18
N ASP G 380 33.61 -84.02 81.86
CA ASP G 380 33.30 -85.26 82.56
C ASP G 380 34.42 -86.27 82.41
N LEU G 381 34.95 -86.40 81.20
CA LEU G 381 36.06 -87.32 80.97
C LEU G 381 37.29 -86.91 81.76
N MET G 382 37.55 -85.61 81.83
CA MET G 382 38.71 -85.13 82.57
C MET G 382 38.60 -85.49 84.03
N SER G 383 37.44 -85.23 84.63
CA SER G 383 37.23 -85.59 86.03
C SER G 383 37.36 -87.09 86.23
N ARG G 384 36.74 -87.87 85.35
CA ARG G 384 36.73 -89.32 85.50
C ARG G 384 38.11 -89.93 85.28
N THR G 385 38.95 -89.30 84.48
CA THR G 385 40.30 -89.80 84.27
C THR G 385 41.22 -89.38 85.41
N ASP G 386 41.10 -88.13 85.86
CA ASP G 386 41.87 -87.69 87.02
C ASP G 386 41.51 -88.49 88.25
N LEU G 387 40.29 -89.03 88.31
CA LEU G 387 39.95 -89.98 89.34
C LEU G 387 40.91 -91.15 89.33
N ILE G 388 41.16 -91.72 88.15
CA ILE G 388 42.06 -92.85 88.00
C ILE G 388 43.46 -92.34 87.66
N ASP H 1135 24.37 -46.41 32.13
CA ASP H 1135 25.81 -46.62 32.17
C ASP H 1135 26.46 -45.53 33.00
N ALA H 1136 26.09 -44.29 32.70
CA ALA H 1136 26.56 -43.16 33.49
C ALA H 1136 26.00 -43.18 34.90
N LEU H 1137 24.86 -43.85 35.10
CA LEU H 1137 24.04 -43.62 36.28
C LEU H 1137 24.43 -44.45 37.48
N THR H 1138 24.98 -45.64 37.30
CA THR H 1138 25.24 -46.52 38.44
C THR H 1138 26.13 -45.84 39.47
N SER H 1139 27.03 -44.99 39.02
CA SER H 1139 28.06 -44.46 39.89
C SER H 1139 27.49 -43.49 40.91
N ILE H 1140 26.54 -42.65 40.50
CA ILE H 1140 26.01 -41.66 41.42
C ILE H 1140 25.26 -42.33 42.56
N VAL H 1141 24.44 -43.33 42.25
CA VAL H 1141 23.70 -44.01 43.29
C VAL H 1141 24.65 -44.77 44.21
N ASN H 1142 25.62 -45.47 43.64
CA ASN H 1142 26.52 -46.21 44.50
C ASN H 1142 27.36 -45.27 45.36
N GLY H 1143 27.68 -44.07 44.84
CA GLY H 1143 28.43 -43.11 45.62
C GLY H 1143 27.63 -42.60 46.80
N ARG H 1144 26.37 -42.24 46.55
CA ARG H 1144 25.53 -41.83 47.67
C ARG H 1144 25.34 -42.96 48.65
N ASN H 1145 25.31 -44.20 48.16
CA ASN H 1145 25.18 -45.34 49.06
C ASN H 1145 26.39 -45.42 49.99
N ALA H 1146 27.59 -45.31 49.43
CA ALA H 1146 28.78 -45.35 50.26
C ALA H 1146 28.83 -44.17 51.23
N LYS H 1147 28.29 -43.02 50.84
CA LYS H 1147 28.14 -41.94 51.80
C LYS H 1147 27.26 -42.38 52.95
N ARG H 1148 26.12 -43.00 52.64
CA ARG H 1148 25.18 -43.42 53.67
C ARG H 1148 25.80 -44.47 54.60
N ASN H 1149 26.81 -45.20 54.13
CA ASN H 1149 27.50 -46.16 54.98
C ASN H 1149 28.23 -45.50 56.14
N SER H 1150 28.43 -44.19 56.10
CA SER H 1150 28.92 -43.46 57.25
C SER H 1150 27.75 -43.09 58.15
N GLU H 1151 27.82 -43.53 59.40
CA GLU H 1151 26.84 -43.21 60.43
C GLU H 1151 25.45 -43.71 60.03
N TYR H 1152 25.37 -45.03 60.03
CA TYR H 1152 24.11 -45.76 59.89
C TYR H 1152 23.85 -46.67 61.07
N TYR H 1153 24.80 -46.80 62.00
CA TYR H 1153 24.77 -47.85 63.01
C TYR H 1153 24.99 -47.28 64.39
N LEU H 1154 24.21 -47.76 65.35
CA LEU H 1154 24.53 -47.56 66.74
C LEU H 1154 25.68 -48.49 67.07
N ASP I 2 -7.17 2.93 38.22
CA ASP I 2 -5.88 3.16 37.53
C ASP I 2 -4.88 3.89 38.42
N ILE I 3 -4.68 3.41 39.65
CA ILE I 3 -3.61 3.93 40.50
C ILE I 3 -2.76 2.81 41.08
N GLU I 4 -3.33 1.62 41.25
CA GLU I 4 -2.59 0.46 41.76
C GLU I 4 -2.04 0.73 43.17
N LEU I 5 -2.97 0.84 44.11
CA LEU I 5 -2.59 1.06 45.51
C LEU I 5 -1.87 -0.15 46.06
N THR I 6 -0.85 0.11 46.89
CA THR I 6 -0.10 -0.94 47.57
C THR I 6 0.03 -0.61 49.05
N LYS I 7 -0.49 -1.48 49.90
CA LYS I 7 -0.34 -1.40 51.34
C LYS I 7 0.75 -2.39 51.73
N LYS I 8 1.91 -1.87 52.12
CA LYS I 8 3.01 -2.71 52.57
C LYS I 8 3.04 -2.76 54.08
N ASP I 9 3.83 -3.71 54.59
CA ASP I 9 3.93 -3.88 56.02
C ASP I 9 4.63 -2.68 56.62
N GLY I 10 3.85 -1.68 56.99
CA GLY I 10 4.35 -0.43 57.52
C GLY I 10 4.05 0.80 56.71
N THR I 11 3.36 0.74 55.57
CA THR I 11 3.09 1.97 54.84
C THR I 11 2.02 1.74 53.79
N VAL I 12 1.61 2.85 53.17
CA VAL I 12 0.62 2.87 52.09
C VAL I 12 1.21 3.72 50.96
N ILE I 13 1.02 3.26 49.73
CA ILE I 13 1.58 3.91 48.57
C ILE I 13 0.55 3.84 47.45
N LYS I 14 0.57 4.86 46.59
CA LYS I 14 -0.21 4.84 45.37
C LYS I 14 0.60 5.53 44.29
N LEU I 15 0.58 4.96 43.09
CA LEU I 15 1.54 5.35 42.07
C LEU I 15 1.27 6.76 41.54
N SER I 16 0.02 7.05 41.19
CA SER I 16 -0.29 8.34 40.57
C SER I 16 0.00 9.51 41.50
N GLU I 17 0.06 9.27 42.81
CA GLU I 17 0.61 10.27 43.71
C GLU I 17 2.07 10.55 43.37
N TYR I 18 2.79 9.54 42.89
CA TYR I 18 4.22 9.63 42.63
C TYR I 18 4.51 9.92 41.15
N GLY I 19 3.62 10.65 40.50
CA GLY I 19 3.82 10.99 39.11
C GLY I 19 3.72 9.82 38.15
N PHE I 20 3.18 8.70 38.61
CA PHE I 20 3.13 7.46 37.84
C PHE I 20 1.71 7.18 37.41
N ILE I 21 1.35 7.68 36.24
CA ILE I 21 0.16 7.23 35.58
C ILE I 21 0.30 5.74 35.24
N VAL I 22 -0.84 5.10 35.02
CA VAL I 22 -0.91 3.72 34.56
C VAL I 22 -1.88 3.65 33.40
N ASN I 23 -1.61 2.73 32.46
CA ASN I 23 -2.49 2.54 31.33
C ASN I 23 -3.72 1.75 31.72
N ASP I 24 -3.55 0.69 32.48
CA ASP I 24 -4.66 -0.17 32.88
C ASP I 24 -4.14 -1.16 33.90
N ILE I 25 -5.06 -1.98 34.40
CA ILE I 25 -4.73 -3.15 35.20
C ILE I 25 -5.54 -4.31 34.67
N VAL I 26 -4.88 -5.43 34.45
CA VAL I 26 -5.52 -6.65 34.00
C VAL I 26 -5.16 -7.74 34.98
N ILE I 27 -6.17 -8.45 35.47
CA ILE I 27 -5.98 -9.45 36.50
C ILE I 27 -6.42 -10.78 35.90
N ASP I 28 -5.47 -11.67 35.74
CA ASP I 28 -5.77 -13.01 35.29
C ASP I 28 -6.62 -13.71 36.34
N SER I 29 -7.24 -14.81 35.93
CA SER I 29 -7.89 -15.70 36.87
C SER I 29 -6.83 -16.54 37.55
N MET I 30 -7.26 -17.56 38.26
CA MET I 30 -6.36 -18.41 39.02
C MET I 30 -5.98 -19.62 38.20
N GLN I 31 -4.68 -19.88 38.13
CA GLN I 31 -4.17 -21.02 37.39
C GLN I 31 -4.61 -22.30 38.07
N ILE I 32 -5.55 -22.99 37.43
CA ILE I 32 -6.03 -24.26 37.96
C ILE I 32 -5.01 -25.33 37.60
N ASN I 33 -4.29 -25.81 38.60
CA ASN I 33 -3.49 -27.00 38.45
C ASN I 33 -4.39 -28.21 38.65
N THR I 34 -4.48 -29.04 37.62
CA THR I 34 -5.21 -30.28 37.70
C THR I 34 -4.29 -31.40 38.14
N LYS I 35 -4.90 -32.49 38.58
CA LYS I 35 -4.22 -33.71 38.94
C LYS I 35 -5.11 -34.81 38.40
N TYR I 36 -4.86 -35.19 37.15
CA TYR I 36 -5.56 -36.30 36.53
C TYR I 36 -4.70 -37.54 36.56
N GLN I 37 -5.36 -38.68 36.42
CA GLN I 37 -4.68 -39.95 36.24
C GLN I 37 -5.42 -40.70 35.14
N ASP I 38 -4.66 -41.11 34.13
CA ASP I 38 -5.18 -41.85 33.00
C ASP I 38 -5.08 -43.35 33.26
N LYS I 39 -6.24 -44.00 33.32
CA LYS I 39 -6.30 -45.44 33.28
C LYS I 39 -5.77 -45.94 31.95
N GLU I 40 -5.23 -47.15 31.97
CA GLU I 40 -4.35 -47.60 30.89
C GLU I 40 -5.10 -47.77 29.58
N ASN I 41 -6.25 -48.47 29.59
CA ASN I 41 -6.99 -48.76 28.36
C ASN I 41 -8.44 -48.32 28.44
N MET I 42 -8.72 -47.23 29.17
CA MET I 42 -10.08 -46.77 29.38
C MET I 42 -10.24 -45.35 28.88
N ASN I 43 -11.24 -45.16 28.03
CA ASN I 43 -11.48 -43.88 27.39
C ASN I 43 -12.03 -42.87 28.39
N GLY I 44 -11.16 -42.42 29.27
CA GLY I 44 -11.51 -41.50 30.32
C GLY I 44 -10.44 -41.55 31.37
N ARG I 45 -10.19 -40.43 32.02
CA ARG I 45 -9.11 -40.30 32.98
C ARG I 45 -9.66 -39.81 34.30
N ILE I 46 -9.19 -40.40 35.39
CA ILE I 46 -9.74 -40.10 36.69
C ILE I 46 -9.21 -38.76 37.15
N LEU I 47 -10.08 -38.00 37.82
CA LEU I 47 -9.68 -36.78 38.49
C LEU I 47 -9.18 -37.14 39.88
N MET I 48 -7.88 -37.05 40.09
CA MET I 48 -7.37 -37.13 41.45
C MET I 48 -7.67 -35.84 42.19
N GLY I 49 -7.48 -34.71 41.53
CA GLY I 49 -7.77 -33.44 42.16
C GLY I 49 -7.74 -32.30 41.16
N SER I 50 -8.15 -31.14 41.64
CA SER I 50 -8.06 -29.90 40.87
C SER I 50 -8.02 -28.77 41.86
N ASN I 51 -7.19 -27.75 41.59
CA ASN I 51 -6.82 -26.86 42.65
C ASN I 51 -6.33 -25.52 42.11
N TYR I 52 -6.81 -24.43 42.70
CA TYR I 52 -6.33 -23.10 42.34
C TYR I 52 -4.91 -22.92 42.84
N ILE I 53 -4.13 -22.12 42.11
CA ILE I 53 -2.73 -21.90 42.45
C ILE I 53 -2.38 -20.42 42.56
N SER I 54 -2.49 -19.67 41.46
CA SER I 54 -1.91 -18.35 41.40
C SER I 54 -2.69 -17.43 40.48
N ARG I 55 -2.78 -16.16 40.89
CA ARG I 55 -3.56 -15.12 40.22
C ARG I 55 -2.56 -14.05 39.77
N ASP I 56 -2.01 -14.25 38.59
CA ASP I 56 -0.96 -13.36 38.08
C ASP I 56 -1.59 -12.06 37.59
N ILE I 57 -1.18 -10.96 38.20
CA ILE I 57 -1.60 -9.63 37.80
C ILE I 57 -0.58 -9.06 36.83
N VAL I 58 -1.04 -8.18 35.94
CA VAL I 58 -0.18 -7.41 35.06
C VAL I 58 -0.65 -5.98 35.09
N VAL I 59 0.32 -5.06 35.13
CA VAL I 59 0.03 -3.63 35.18
C VAL I 59 1.11 -2.91 34.38
N PRO I 60 0.84 -2.43 33.19
CA PRO I 60 1.78 -1.54 32.53
C PRO I 60 1.60 -0.10 32.92
N CYS I 61 2.66 0.52 33.40
CA CYS I 61 2.63 1.91 33.84
C CYS I 61 3.75 2.67 33.16
N PHE I 62 3.44 3.86 32.70
CA PHE I 62 4.44 4.75 32.13
C PHE I 62 4.53 6.01 32.95
N CYS I 63 5.48 6.85 32.58
CA CYS I 63 5.72 8.07 33.32
C CYS I 63 6.35 9.11 32.42
N LYS I 64 5.92 10.34 32.61
CA LYS I 64 6.46 11.52 31.97
C LYS I 64 7.12 12.37 33.05
N VAL I 65 8.18 13.06 32.66
CA VAL I 65 8.86 14.01 33.52
C VAL I 65 9.22 15.23 32.69
N LYS I 66 9.81 16.23 33.35
CA LYS I 66 10.11 17.49 32.70
C LYS I 66 11.42 17.48 31.95
N ASN I 67 12.33 16.55 32.27
CA ASN I 67 13.63 16.53 31.63
C ASN I 67 14.16 15.11 31.59
N ARG I 68 15.10 14.88 30.66
CA ARG I 68 15.53 13.53 30.33
C ARG I 68 16.29 12.88 31.47
N SER I 69 17.07 13.67 32.20
CA SER I 69 17.84 13.14 33.30
C SER I 69 16.93 12.49 34.32
N ASP I 70 15.87 13.21 34.68
CA ASP I 70 15.00 12.84 35.78
C ASP I 70 14.42 11.45 35.62
N ILE I 71 14.32 10.98 34.38
CA ILE I 71 13.87 9.63 34.05
C ILE I 71 14.52 8.64 35.00
N ALA I 72 15.84 8.73 35.09
CA ALA I 72 16.61 7.79 35.91
C ALA I 72 16.08 7.77 37.33
N TYR I 73 16.02 8.94 37.96
CA TYR I 73 15.50 9.06 39.31
C TYR I 73 14.14 8.42 39.40
N MET I 74 13.25 8.81 38.51
CA MET I 74 11.88 8.33 38.54
C MET I 74 11.86 6.80 38.46
N ARG I 75 12.65 6.25 37.55
CA ARG I 75 12.69 4.80 37.39
C ARG I 75 13.13 4.15 38.68
N ASP I 76 14.20 4.67 39.27
CA ASP I 76 14.71 4.08 40.50
C ASP I 76 13.64 4.13 41.56
N MET I 77 12.91 5.23 41.63
CA MET I 77 11.85 5.38 42.61
C MET I 77 10.85 4.24 42.44
N LEU I 78 10.48 3.99 41.18
CA LEU I 78 9.54 2.91 40.86
C LEU I 78 10.03 1.60 41.44
N TYR I 79 11.28 1.25 41.16
CA TYR I 79 11.80 -0.01 41.66
C TYR I 79 11.78 -0.01 43.18
N SER I 80 12.34 1.05 43.77
CA SER I 80 12.41 1.12 45.22
C SER I 80 11.03 1.17 45.84
N LEU I 81 10.02 1.52 45.05
CA LEU I 81 8.68 1.67 45.55
C LEU I 81 7.85 0.41 45.37
N THR I 82 8.20 -0.46 44.43
CA THR I 82 7.31 -1.55 44.04
C THR I 82 7.94 -2.92 44.18
N THR I 83 9.16 -3.10 43.69
CA THR I 83 9.72 -4.43 43.59
C THR I 83 10.07 -4.90 44.99
N ASP I 84 9.11 -5.52 45.67
CA ASP I 84 9.25 -5.90 47.06
C ASP I 84 8.84 -7.35 47.23
N ILE I 85 9.82 -8.20 47.51
CA ILE I 85 9.54 -9.57 47.95
C ILE I 85 8.64 -9.59 49.16
N GLU I 86 8.71 -8.56 50.00
CA GLU I 86 7.81 -8.34 51.11
C GLU I 86 6.38 -8.51 50.60
N PRO I 87 5.65 -9.53 51.04
CA PRO I 87 4.26 -9.67 50.60
C PRO I 87 3.46 -8.43 50.89
N MET I 88 3.00 -7.79 49.83
CA MET I 88 2.22 -6.57 49.94
C MET I 88 0.75 -6.87 49.70
N TYR I 89 -0.09 -5.89 50.01
CA TYR I 89 -1.52 -5.98 49.75
C TYR I 89 -1.85 -4.97 48.67
N LEU I 90 -2.18 -5.47 47.50
CA LEU I 90 -2.56 -4.65 46.38
C LEU I 90 -4.04 -4.37 46.45
N ARG I 91 -4.41 -3.13 46.12
CA ARG I 91 -5.80 -2.76 45.94
C ARG I 91 -5.94 -2.07 44.58
N GLU I 92 -6.91 -2.54 43.82
CA GLU I 92 -7.18 -2.00 42.49
C GLU I 92 -8.03 -0.75 42.59
N ILE I 93 -7.87 0.13 41.62
CA ILE I 93 -8.65 1.35 41.53
C ILE I 93 -9.10 1.50 40.09
N ARG I 94 -10.30 2.04 39.92
CA ARG I 94 -10.85 2.36 38.63
C ARG I 94 -11.37 3.79 38.68
N ARG I 95 -11.77 4.28 37.52
CA ARG I 95 -12.56 5.49 37.41
C ARG I 95 -14.00 5.13 37.14
N LYS I 96 -14.88 6.09 37.41
CA LYS I 96 -16.29 5.93 37.17
C LYS I 96 -16.71 6.46 35.80
N GLU I 97 -15.79 7.08 35.06
CA GLU I 97 -16.13 7.77 33.83
C GLU I 97 -14.84 8.09 33.11
N GLU I 98 -14.91 8.12 31.79
CA GLU I 98 -13.82 8.63 30.97
C GLU I 98 -13.97 10.14 30.93
N LEU I 99 -13.25 10.83 31.81
CA LEU I 99 -13.47 12.26 31.99
C LEU I 99 -12.85 13.05 30.86
N ASN I 100 -13.55 14.12 30.48
CA ASN I 100 -13.09 15.07 29.49
C ASN I 100 -12.91 16.42 30.16
N TYR I 101 -12.26 17.31 29.42
CA TYR I 101 -12.28 18.72 29.79
C TYR I 101 -13.68 19.27 29.59
N ARG I 102 -14.09 20.14 30.50
CA ARG I 102 -15.43 20.71 30.44
C ARG I 102 -15.41 22.02 29.68
N PHE I 103 -16.60 22.49 29.36
CA PHE I 103 -16.75 23.78 28.69
C PHE I 103 -16.18 24.90 29.55
N THR I 104 -15.60 25.89 28.90
CA THR I 104 -15.06 27.06 29.58
C THR I 104 -15.39 28.28 28.73
N GLN I 105 -14.70 29.39 28.99
CA GLN I 105 -14.96 30.64 28.29
C GLN I 105 -13.63 31.28 27.89
N PRO I 106 -13.38 31.53 26.59
CA PRO I 106 -12.10 32.14 26.21
C PRO I 106 -12.15 33.67 26.25
N THR I 107 -12.31 34.20 27.45
CA THR I 107 -12.43 35.63 27.69
C THR I 107 -11.36 36.10 28.66
N SER I 108 -10.14 35.62 28.48
CA SER I 108 -9.02 35.94 29.37
C SER I 108 -9.33 35.54 30.80
N ASP I 109 -10.09 34.46 30.94
CA ASP I 109 -10.60 34.02 32.22
C ASP I 109 -11.08 32.60 32.03
N ASP I 110 -11.30 31.90 33.15
CA ASP I 110 -11.72 30.51 33.14
C ASP I 110 -10.72 29.65 32.38
N TYR I 111 -9.44 30.01 32.43
CA TYR I 111 -8.38 29.25 31.83
C TYR I 111 -8.31 27.84 32.43
N VAL I 112 -7.50 27.00 31.81
CA VAL I 112 -7.41 25.60 32.16
C VAL I 112 -6.25 25.40 33.12
N LYS I 113 -6.34 24.35 33.91
CA LYS I 113 -5.33 23.98 34.87
C LYS I 113 -4.39 22.94 34.28
N LEU I 114 -3.25 22.77 34.93
CA LEU I 114 -2.29 21.74 34.56
C LEU I 114 -1.75 21.09 35.81
N ASP I 115 -1.64 19.76 35.76
CA ASP I 115 -1.15 19.00 36.89
C ASP I 115 0.32 19.29 37.13
N LYS I 116 0.84 18.73 38.21
CA LYS I 116 2.28 18.76 38.47
C LYS I 116 3.04 18.21 37.27
N ASN I 117 2.54 17.11 36.70
CA ASN I 117 2.96 16.69 35.38
C ASN I 117 2.22 17.50 34.34
N ASN I 118 2.88 17.73 33.21
CA ASN I 118 2.31 18.58 32.17
C ASN I 118 1.18 17.82 31.49
N PHE I 119 0.01 17.86 32.12
CA PHE I 119 -1.20 17.28 31.56
C PHE I 119 -2.37 18.18 31.88
N PRO I 120 -3.48 18.05 31.16
CA PRO I 120 -4.66 18.86 31.47
C PRO I 120 -5.51 18.25 32.56
N ASP I 121 -5.72 19.00 33.63
CA ASP I 121 -6.54 18.54 34.75
C ASP I 121 -8.00 18.55 34.32
N TYR I 122 -8.51 17.39 33.92
CA TYR I 122 -9.94 17.24 33.73
C TYR I 122 -10.70 17.10 35.05
N GLU I 123 -10.00 16.87 36.16
CA GLU I 123 -10.64 16.65 37.45
C GLU I 123 -10.88 18.02 38.10
N TYR I 124 -11.99 18.63 37.71
CA TYR I 124 -12.32 19.96 38.23
C TYR I 124 -12.87 19.88 39.64
N SER I 125 -13.85 19.01 39.87
CA SER I 125 -14.53 18.92 41.14
C SER I 125 -13.94 17.82 42.01
N ARG I 126 -14.32 17.85 43.28
CA ARG I 126 -13.89 16.84 44.23
C ARG I 126 -14.32 15.45 43.80
N HIS I 127 -15.48 15.34 43.17
CA HIS I 127 -16.05 14.04 42.85
C HIS I 127 -15.57 13.51 41.52
N ASP I 128 -14.45 14.01 41.02
CA ASP I 128 -13.88 13.56 39.76
C ASP I 128 -12.89 12.42 39.93
N GLN I 129 -12.04 12.49 40.97
CA GLN I 129 -10.91 11.59 41.05
C GLN I 129 -11.36 10.17 41.34
N GLN I 130 -10.40 9.26 41.36
CA GLN I 130 -10.70 7.84 41.28
C GLN I 130 -11.10 7.29 42.64
N ILE I 131 -11.44 6.01 42.65
CA ILE I 131 -12.07 5.36 43.79
C ILE I 131 -11.52 3.95 43.95
N TYR I 132 -11.50 3.48 45.19
CA TYR I 132 -11.27 2.07 45.43
C TYR I 132 -12.48 1.32 44.90
N VAL I 133 -12.34 0.74 43.71
CA VAL I 133 -13.47 0.15 43.01
C VAL I 133 -14.10 -0.99 43.80
N ASN I 134 -13.35 -1.63 44.69
CA ASN I 134 -13.88 -2.75 45.43
C ASN I 134 -13.20 -2.87 46.78
N GLY I 135 -13.93 -3.44 47.73
CA GLY I 135 -13.46 -3.57 49.09
C GLY I 135 -12.72 -4.87 49.29
N LYS I 136 -11.66 -5.06 48.50
CA LYS I 136 -10.83 -6.25 48.64
C LYS I 136 -9.40 -5.89 48.26
N GLN I 137 -8.51 -6.83 48.52
CA GLN I 137 -7.10 -6.65 48.25
C GLN I 137 -6.56 -7.95 47.66
N TYR I 138 -5.25 -8.02 47.52
CA TYR I 138 -4.59 -9.21 47.00
C TYR I 138 -3.20 -9.29 47.59
N LYS I 139 -2.82 -10.46 48.10
CA LYS I 139 -1.49 -10.64 48.64
C LYS I 139 -0.52 -10.95 47.50
N VAL I 140 0.43 -10.03 47.28
CA VAL I 140 1.07 -9.89 45.98
C VAL I 140 2.56 -9.66 46.13
N ILE I 141 3.30 -10.15 45.11
CA ILE I 141 4.75 -10.00 44.98
C ILE I 141 5.06 -9.68 43.51
N PHE I 142 6.19 -9.05 43.29
CA PHE I 142 6.61 -8.55 41.98
C PHE I 142 7.45 -9.57 41.22
N ASN I 143 7.43 -9.49 39.88
CA ASN I 143 8.31 -10.23 38.99
C ASN I 143 8.88 -9.28 37.94
N GLY I 144 9.97 -9.72 37.30
CA GLY I 144 10.85 -8.89 36.49
C GLY I 144 10.26 -7.91 35.50
N VAL I 145 10.88 -6.73 35.38
CA VAL I 145 10.42 -5.66 34.50
C VAL I 145 11.58 -5.16 33.65
N ILE I 146 11.24 -4.73 32.43
CA ILE I 146 12.14 -3.96 31.59
C ILE I 146 11.49 -2.61 31.35
N ASN I 147 12.31 -1.62 31.03
CA ASN I 147 11.88 -0.23 30.89
C ASN I 147 12.24 0.34 29.52
N PRO I 148 11.42 0.07 28.50
CA PRO I 148 11.65 0.74 27.22
C PRO I 148 11.32 2.22 27.33
N LYS I 149 12.25 3.04 26.88
CA LYS I 149 12.06 4.49 26.85
C LYS I 149 11.64 4.88 25.44
N GLN I 150 10.33 5.07 25.26
CA GLN I 150 9.89 5.85 24.13
C GLN I 150 10.37 7.29 24.29
N LYS I 151 10.17 8.04 23.23
CA LYS I 151 10.74 9.37 23.08
C LYS I 151 10.49 10.30 24.24
N GLY I 152 11.36 11.30 24.32
CA GLY I 152 11.11 12.43 25.18
C GLY I 152 11.33 12.03 26.60
N ASN I 153 10.37 12.38 27.44
CA ASN I 153 10.40 12.03 28.84
C ASN I 153 9.42 10.91 29.17
N LYS I 154 8.78 10.32 28.17
CA LYS I 154 7.86 9.22 28.37
C LYS I 154 8.61 7.91 28.37
N VAL I 155 8.42 7.11 29.42
CA VAL I 155 8.98 5.77 29.46
C VAL I 155 7.94 4.83 30.01
N SER I 156 7.88 3.64 29.45
CA SER I 156 6.93 2.61 29.85
C SER I 156 7.60 1.56 30.71
N PHE I 157 6.77 0.88 31.48
CA PHE I 157 7.17 -0.24 32.31
C PHE I 157 6.04 -1.25 32.28
N GLU I 158 6.37 -2.51 32.52
CA GLU I 158 5.41 -3.60 32.48
C GLU I 158 5.55 -4.43 33.75
N LEU I 159 4.86 -4.01 34.80
CA LEU I 159 4.86 -4.75 36.04
C LEU I 159 4.10 -6.07 35.89
N LYS I 160 4.66 -7.12 36.47
CA LYS I 160 4.06 -8.45 36.43
C LYS I 160 4.00 -8.94 37.87
N PHE I 161 2.88 -8.70 38.50
CA PHE I 161 2.68 -9.11 39.87
C PHE I 161 2.10 -10.52 39.91
N GLU I 162 2.09 -11.09 41.11
CA GLU I 162 1.76 -12.49 41.27
C GLU I 162 1.28 -12.72 42.69
N THR I 163 0.31 -13.61 42.85
CA THR I 163 -0.21 -13.89 44.17
C THR I 163 0.83 -14.59 45.03
N THR I 164 0.72 -14.36 46.34
CA THR I 164 1.72 -14.80 47.30
C THR I 164 1.38 -16.15 47.92
N GLU I 165 0.30 -16.20 48.70
CA GLU I 165 -0.04 -17.37 49.50
C GLU I 165 -1.19 -18.15 48.89
N LEU I 166 -2.31 -17.46 48.66
CA LEU I 166 -3.55 -18.08 48.28
C LEU I 166 -4.13 -17.33 47.09
N PRO I 167 -4.46 -18.00 46.00
CA PRO I 167 -5.00 -17.29 44.84
C PRO I 167 -6.46 -16.89 45.03
N TYR I 168 -6.66 -15.82 45.81
CA TYR I 168 -8.00 -15.36 46.09
C TYR I 168 -8.03 -13.86 46.33
N GLY I 169 -9.22 -13.31 46.18
CA GLY I 169 -9.48 -11.91 46.43
C GLY I 169 -9.88 -11.66 47.86
N GLU I 170 -8.89 -11.68 48.74
CA GLU I 170 -9.12 -11.38 50.15
C GLU I 170 -9.88 -10.09 50.33
N SER I 171 -11.00 -10.19 51.02
CA SER I 171 -11.81 -9.03 51.34
C SER I 171 -11.20 -8.32 52.54
N ILE I 172 -11.04 -7.03 52.42
CA ILE I 172 -10.47 -6.25 53.50
C ILE I 172 -11.54 -6.03 54.55
N GLY I 173 -11.10 -5.91 55.79
CA GLY I 173 -12.03 -5.75 56.89
C GLY I 173 -12.66 -7.08 57.25
N THR I 174 -12.93 -7.27 58.53
CA THR I 174 -13.47 -8.53 58.99
C THR I 174 -14.96 -8.58 58.69
N SER I 175 -15.62 -9.55 59.28
CA SER I 175 -17.07 -9.61 59.27
C SER I 175 -17.70 -8.92 60.47
N LEU I 176 -16.90 -8.52 61.46
CA LEU I 176 -17.45 -7.78 62.58
C LEU I 176 -17.61 -6.31 62.25
N GLU I 177 -16.74 -5.75 61.42
CA GLU I 177 -16.98 -4.41 60.92
C GLU I 177 -18.27 -4.37 60.12
N LEU I 178 -18.65 -5.50 59.52
CA LEU I 178 -20.00 -5.62 58.99
C LEU I 178 -21.01 -5.61 60.12
N GLU I 179 -20.71 -6.29 61.22
CA GLU I 179 -21.61 -6.31 62.36
C GLU I 179 -21.77 -4.93 62.94
N GLU I 180 -20.70 -4.36 63.47
CA GLU I 180 -20.70 -3.01 64.00
C GLU I 180 -20.32 -2.07 62.87
N ASN I 181 -21.27 -1.24 62.46
CA ASN I 181 -21.06 -0.34 61.31
C ASN I 181 -20.24 0.87 61.75
N LYS I 182 -19.01 0.59 62.17
CA LYS I 182 -18.09 1.60 62.67
C LYS I 182 -17.17 2.07 61.56
N LYS I 183 -16.43 1.15 60.96
CA LYS I 183 -15.53 1.50 59.90
C LYS I 183 -16.31 1.68 58.61
N VAL I 184 -15.93 2.70 57.85
CA VAL I 184 -16.66 3.14 56.68
C VAL I 184 -15.72 3.02 55.49
N GLY I 185 -16.29 2.73 54.34
CA GLY I 185 -15.53 2.19 53.25
C GLY I 185 -15.59 0.68 53.29
N LEU I 186 -14.63 0.07 52.58
CA LEU I 186 -14.34 -1.36 52.66
C LEU I 186 -15.56 -2.26 52.50
N TRP I 187 -16.62 -1.77 51.85
CA TRP I 187 -17.81 -2.57 51.59
C TRP I 187 -18.38 -2.13 50.26
N SER I 188 -18.03 -2.88 49.21
CA SER I 188 -18.48 -2.57 47.86
C SER I 188 -19.66 -3.44 47.49
N PHE I 189 -20.39 -2.99 46.48
CA PHE I 189 -21.60 -3.66 46.06
C PHE I 189 -21.34 -4.97 45.35
N ASP I 190 -20.08 -5.29 45.04
CA ASP I 190 -19.76 -6.63 44.56
C ASP I 190 -20.25 -7.68 45.53
N PHE I 191 -20.26 -7.35 46.81
CA PHE I 191 -20.76 -8.22 47.83
C PHE I 191 -22.24 -7.87 47.99
N ASN I 192 -23.10 -8.82 47.73
CA ASN I 192 -24.53 -8.59 47.83
C ASN I 192 -24.92 -8.62 49.30
N ILE I 193 -24.91 -7.44 49.91
CA ILE I 193 -25.05 -7.27 51.34
C ILE I 193 -26.32 -6.48 51.61
N ASP I 194 -27.17 -7.02 52.47
CA ASP I 194 -28.38 -6.32 52.85
C ASP I 194 -28.04 -5.13 53.74
N TRP I 195 -28.86 -4.09 53.63
CA TRP I 195 -28.70 -2.93 54.51
C TRP I 195 -29.17 -3.20 55.92
N HIS I 196 -29.95 -4.24 56.16
CA HIS I 196 -30.59 -4.43 57.45
C HIS I 196 -29.55 -4.86 58.46
N ALA I 197 -28.74 -3.90 58.87
CA ALA I 197 -27.75 -4.14 59.91
C ALA I 197 -28.45 -4.53 61.19
N GLY I 198 -27.99 -5.61 61.80
CA GLY I 198 -28.71 -6.26 62.86
C GLY I 198 -29.69 -7.31 62.38
N GLY I 199 -30.06 -7.27 61.11
CA GLY I 199 -30.91 -8.29 60.53
C GLY I 199 -30.11 -9.52 60.18
N ASP I 200 -30.82 -10.50 59.61
CA ASP I 200 -30.15 -11.70 59.16
C ASP I 200 -29.17 -11.38 58.05
N LYS I 201 -28.26 -12.31 57.82
CA LYS I 201 -27.22 -12.26 56.80
C LYS I 201 -26.28 -11.05 56.95
N ARG I 202 -26.32 -10.37 58.09
CA ARG I 202 -25.28 -9.47 58.52
C ARG I 202 -24.67 -9.87 59.84
N LYS I 203 -25.37 -10.68 60.62
CA LYS I 203 -25.02 -10.89 62.00
C LYS I 203 -24.17 -12.15 62.13
N TYR I 204 -23.08 -12.02 62.89
CA TYR I 204 -22.23 -13.12 63.27
C TYR I 204 -21.98 -13.07 64.75
N THR I 205 -23.04 -12.81 65.51
CA THR I 205 -22.98 -12.65 66.96
C THR I 205 -24.33 -13.09 67.51
N PHE I 206 -24.42 -14.35 67.89
CA PHE I 206 -25.66 -14.96 68.34
C PHE I 206 -25.54 -15.31 69.82
N GLU I 207 -26.69 -15.55 70.44
CA GLU I 207 -26.77 -15.75 71.88
C GLU I 207 -27.83 -16.80 72.17
N ASN I 208 -27.48 -17.76 73.03
CA ASN I 208 -28.45 -18.69 73.62
C ASN I 208 -29.19 -19.47 72.53
N LEU I 209 -28.43 -20.29 71.80
CA LEU I 209 -28.98 -21.03 70.68
C LEU I 209 -28.30 -22.38 70.53
N SER I 210 -29.10 -23.39 70.25
CA SER I 210 -28.56 -24.70 69.89
C SER I 210 -28.15 -24.75 68.43
N LYS I 211 -28.81 -23.97 67.58
CA LYS I 211 -28.60 -24.02 66.15
C LYS I 211 -28.92 -22.65 65.57
N GLY I 212 -28.19 -22.28 64.54
CA GLY I 212 -28.34 -20.96 63.96
C GLY I 212 -27.88 -20.95 62.52
N THR I 213 -28.01 -19.77 61.90
CA THR I 213 -27.86 -19.61 60.48
C THR I 213 -26.79 -18.57 60.20
N VAL I 214 -26.03 -18.80 59.12
CA VAL I 214 -24.95 -17.92 58.72
C VAL I 214 -24.99 -17.78 57.21
N TYR I 215 -24.82 -16.55 56.74
CA TYR I 215 -24.70 -16.26 55.31
C TYR I 215 -23.27 -15.82 55.03
N TYR I 216 -22.49 -16.72 54.44
CA TYR I 216 -21.14 -16.39 54.01
C TYR I 216 -21.25 -15.77 52.63
N HIS I 217 -21.09 -14.45 52.57
CA HIS I 217 -21.25 -13.71 51.33
C HIS I 217 -20.16 -14.00 50.30
N GLY I 218 -19.09 -14.69 50.70
CA GLY I 218 -18.02 -14.96 49.78
C GLY I 218 -18.24 -16.13 48.85
N SER I 219 -18.11 -15.87 47.55
CA SER I 219 -18.27 -16.93 46.56
C SER I 219 -17.25 -18.03 46.77
N ALA I 220 -16.00 -17.67 46.99
CA ALA I 220 -15.00 -18.68 47.23
C ALA I 220 -15.19 -19.26 48.63
N PRO I 221 -14.83 -20.52 48.83
CA PRO I 221 -15.08 -21.16 50.11
C PRO I 221 -13.93 -20.95 51.08
N ASN I 222 -14.28 -20.64 52.32
CA ASN I 222 -13.30 -20.48 53.38
C ASN I 222 -13.11 -21.81 54.09
N ASP I 223 -12.53 -22.75 53.35
CA ASP I 223 -12.00 -23.98 53.93
C ASP I 223 -10.53 -23.88 54.26
N GLN I 224 -9.78 -23.02 53.57
CA GLN I 224 -8.35 -22.98 53.82
C GLN I 224 -8.07 -22.28 55.14
N PHE I 225 -7.18 -22.89 55.90
CA PHE I 225 -6.82 -22.36 57.21
C PHE I 225 -6.09 -21.03 57.13
N ASN I 226 -5.29 -20.82 56.09
CA ASN I 226 -4.56 -19.55 55.96
C ASN I 226 -5.48 -18.34 56.02
N MET I 227 -6.72 -18.51 55.61
CA MET I 227 -7.70 -17.46 55.76
C MET I 227 -7.97 -17.22 57.24
N TYR I 228 -8.39 -16.00 57.55
CA TYR I 228 -8.55 -15.54 58.93
C TYR I 228 -9.93 -15.89 59.47
N LYS I 229 -10.31 -17.15 59.35
CA LYS I 229 -11.55 -17.63 59.97
C LYS I 229 -11.26 -17.85 61.45
N LYS I 230 -12.01 -17.16 62.30
CA LYS I 230 -11.72 -17.17 63.73
C LYS I 230 -13.02 -17.07 64.49
N ILE I 231 -13.27 -18.08 65.32
CA ILE I 231 -14.50 -18.22 66.07
C ILE I 231 -14.18 -18.06 67.55
N THR I 232 -15.15 -17.59 68.31
CA THR I 232 -15.01 -17.58 69.76
C THR I 232 -16.39 -17.72 70.37
N ILE I 233 -16.49 -18.64 71.34
CA ILE I 233 -17.77 -19.07 71.86
C ILE I 233 -17.70 -19.15 73.37
N ILE I 234 -18.69 -18.53 74.02
CA ILE I 234 -18.96 -18.75 75.44
C ILE I 234 -19.96 -19.88 75.52
N LEU I 235 -19.53 -20.98 76.12
CA LEU I 235 -20.15 -22.27 75.93
C LEU I 235 -21.52 -22.39 76.58
N GLY I 236 -21.87 -21.49 77.49
CA GLY I 236 -23.23 -21.50 78.04
C GLY I 236 -23.55 -22.54 79.08
N GLU I 237 -23.20 -23.80 78.84
CA GLU I 237 -23.59 -24.90 79.69
C GLU I 237 -22.41 -25.83 79.90
N ASP I 238 -22.20 -26.23 81.15
CA ASP I 238 -21.15 -27.18 81.48
C ASP I 238 -21.36 -28.49 80.74
N THR I 239 -20.26 -29.19 80.50
CA THR I 239 -20.32 -30.48 79.84
C THR I 239 -18.97 -31.17 80.00
N GLU I 240 -18.94 -32.45 79.64
CA GLU I 240 -17.73 -33.24 79.57
C GLU I 240 -17.23 -33.39 78.14
N SER I 241 -18.14 -33.48 77.18
CA SER I 241 -17.84 -33.52 75.76
C SER I 241 -18.61 -32.40 75.07
N PHE I 242 -18.17 -32.04 73.87
CA PHE I 242 -18.76 -30.91 73.17
C PHE I 242 -18.65 -31.11 71.67
N VAL I 243 -19.76 -31.44 71.03
CA VAL I 243 -19.82 -31.66 69.60
C VAL I 243 -20.54 -30.47 68.98
N TRP I 244 -20.08 -30.05 67.81
CA TRP I 244 -20.89 -29.18 66.97
C TRP I 244 -20.67 -29.53 65.51
N ASN I 245 -21.78 -29.57 64.80
CA ASN I 245 -21.86 -29.95 63.40
C ASN I 245 -22.01 -28.70 62.56
N LEU I 246 -21.80 -28.85 61.27
CA LEU I 246 -21.87 -27.73 60.35
C LEU I 246 -21.98 -28.27 58.94
N THR I 247 -22.68 -27.53 58.09
CA THR I 247 -22.94 -27.93 56.72
C THR I 247 -22.01 -27.18 55.77
N HIS I 248 -21.71 -27.83 54.64
CA HIS I 248 -20.58 -27.46 53.78
C HIS I 248 -19.27 -27.59 54.52
N ALA I 249 -19.22 -28.51 55.48
CA ALA I 249 -18.02 -28.76 56.26
C ALA I 249 -18.18 -30.12 56.93
N GLU I 250 -17.30 -30.40 57.89
CA GLU I 250 -17.27 -31.66 58.60
C GLU I 250 -17.82 -31.48 60.01
N ILE I 251 -18.04 -32.60 60.67
CA ILE I 251 -18.42 -32.62 62.07
C ILE I 251 -17.20 -32.29 62.93
N MET I 252 -17.45 -31.69 64.10
CA MET I 252 -16.39 -31.37 65.04
C MET I 252 -16.76 -31.88 66.42
N LYS I 253 -15.81 -32.54 67.06
CA LYS I 253 -15.95 -32.96 68.45
C LYS I 253 -14.85 -32.32 69.28
N ILE I 254 -15.13 -32.22 70.58
CA ILE I 254 -14.11 -31.98 71.59
C ILE I 254 -14.46 -32.96 72.70
N GLU I 255 -13.80 -34.11 72.69
CA GLU I 255 -13.98 -35.15 73.68
C GLU I 255 -12.69 -35.33 74.47
N GLY I 256 -12.83 -35.88 75.67
CA GLY I 256 -11.69 -36.27 76.47
C GLY I 256 -11.19 -35.20 77.41
N ILE I 257 -11.66 -33.97 77.26
CA ILE I 257 -11.33 -32.88 78.17
C ILE I 257 -12.64 -32.33 78.73
N LYS I 258 -12.66 -32.09 80.03
CA LYS I 258 -13.84 -31.54 80.68
C LYS I 258 -13.77 -30.03 80.68
N LEU I 259 -14.92 -29.40 80.48
CA LEU I 259 -15.06 -27.97 80.33
C LEU I 259 -15.97 -27.43 81.42
N LYS I 260 -16.25 -26.13 81.35
CA LYS I 260 -17.27 -25.50 82.18
C LYS I 260 -18.04 -24.50 81.34
N ALA I 261 -19.19 -24.08 81.86
CA ALA I 261 -20.11 -23.24 81.11
C ALA I 261 -19.48 -21.90 80.76
N GLY I 262 -19.15 -21.10 81.77
CA GLY I 262 -18.62 -19.77 81.54
C GLY I 262 -17.27 -19.74 80.87
N ASP I 263 -16.58 -20.87 80.80
CA ASP I 263 -15.32 -20.92 80.07
C ASP I 263 -15.58 -20.72 78.59
N ARG I 264 -14.66 -20.02 77.93
CA ARG I 264 -14.77 -19.69 76.53
C ARG I 264 -13.72 -20.42 75.73
N ILE I 265 -14.09 -20.76 74.50
CA ILE I 265 -13.19 -21.40 73.55
C ILE I 265 -12.93 -20.41 72.44
N VAL I 266 -11.66 -20.19 72.13
CA VAL I 266 -11.29 -19.49 70.90
C VAL I 266 -10.91 -20.56 69.90
N TYR I 267 -11.74 -20.71 68.89
CA TYR I 267 -11.57 -21.72 67.88
C TYR I 267 -10.98 -21.02 66.66
N ASP I 268 -9.67 -20.99 66.60
CA ASP I 268 -8.98 -20.51 65.41
C ASP I 268 -8.89 -21.64 64.40
N SER I 269 -8.46 -21.28 63.20
CA SER I 269 -8.28 -22.25 62.14
C SER I 269 -7.34 -23.35 62.60
N PHE I 270 -7.78 -24.60 62.43
CA PHE I 270 -7.12 -25.82 62.89
C PHE I 270 -6.48 -25.66 64.26
N ARG I 271 -7.12 -24.93 65.16
CA ARG I 271 -6.47 -24.62 66.43
C ARG I 271 -7.52 -24.24 67.45
N VAL I 272 -7.26 -24.61 68.70
CA VAL I 272 -8.25 -24.51 69.77
C VAL I 272 -7.55 -23.98 71.00
N TYR I 273 -7.85 -22.74 71.37
CA TYR I 273 -7.53 -22.24 72.69
C TYR I 273 -8.66 -22.61 73.64
N LYS I 274 -8.34 -23.46 74.62
CA LYS I 274 -9.33 -23.85 75.61
C LYS I 274 -9.82 -22.66 76.40
N ASN I 275 -8.91 -21.79 76.80
CA ASN I 275 -9.27 -20.58 77.53
C ASN I 275 -8.39 -19.42 77.10
N GLY I 276 -8.10 -19.35 75.80
CA GLY I 276 -7.36 -18.24 75.23
C GLY I 276 -5.87 -18.51 75.10
N VAL I 277 -5.32 -19.35 75.97
CA VAL I 277 -3.94 -19.78 75.89
C VAL I 277 -3.89 -21.25 76.28
N GLU I 278 -2.69 -21.84 76.16
CA GLU I 278 -2.47 -23.25 76.49
C GLU I 278 -3.41 -24.12 75.67
N ILE I 279 -3.09 -24.16 74.37
CA ILE I 279 -4.00 -24.72 73.39
C ILE I 279 -4.18 -26.20 73.64
N SER I 280 -5.43 -26.62 73.73
CA SER I 280 -5.80 -28.02 73.89
C SER I 280 -6.48 -28.43 72.58
N THR I 281 -5.66 -28.86 71.63
CA THR I 281 -6.09 -29.10 70.26
C THR I 281 -5.88 -30.54 69.86
N GLU I 282 -5.90 -31.46 70.82
CA GLU I 282 -5.76 -32.86 70.50
C GLU I 282 -7.08 -33.49 70.05
N THR I 283 -8.20 -32.85 70.32
CA THR I 283 -9.51 -33.47 70.21
C THR I 283 -10.09 -33.23 68.82
N ASN I 284 -10.07 -34.26 67.98
CA ASN I 284 -10.77 -34.25 66.70
C ASN I 284 -10.28 -33.07 65.84
N ILE I 285 -9.07 -33.21 65.33
CA ILE I 285 -8.51 -32.13 64.55
C ILE I 285 -9.29 -32.06 63.24
N SER I 286 -10.23 -31.13 63.17
CA SER I 286 -11.09 -30.90 62.04
C SER I 286 -11.37 -29.42 61.97
N GLN I 287 -11.24 -28.84 60.81
CA GLN I 287 -11.40 -27.41 60.63
C GLN I 287 -12.68 -27.12 59.87
N PRO I 288 -13.40 -26.06 60.22
CA PRO I 288 -14.70 -25.80 59.61
C PRO I 288 -14.53 -25.03 58.31
N LYS I 289 -15.57 -25.09 57.49
CA LYS I 289 -15.48 -24.64 56.11
C LYS I 289 -16.76 -23.92 55.75
N PHE I 290 -16.64 -22.65 55.45
CA PHE I 290 -17.75 -21.84 54.96
C PHE I 290 -17.64 -21.72 53.46
N LYS I 291 -18.67 -22.15 52.75
CA LYS I 291 -18.62 -22.21 51.30
C LYS I 291 -19.20 -20.95 50.66
N TYR I 292 -20.49 -20.74 50.85
CA TYR I 292 -21.18 -19.53 50.38
C TYR I 292 -22.62 -19.55 50.83
N GLY I 293 -23.17 -18.38 51.11
CA GLY I 293 -24.57 -18.33 51.49
C GLY I 293 -24.80 -19.06 52.79
N ALA I 294 -25.91 -19.77 52.85
CA ALA I 294 -26.35 -20.40 54.09
C ALA I 294 -25.32 -21.44 54.54
N ASN I 295 -24.74 -21.20 55.71
CA ASN I 295 -23.88 -22.16 56.39
C ASN I 295 -24.49 -22.36 57.77
N LYS I 296 -25.39 -23.32 57.85
CA LYS I 296 -26.12 -23.61 59.08
C LYS I 296 -25.26 -24.43 60.02
N PHE I 297 -25.18 -23.99 61.27
CA PHE I 297 -24.48 -24.72 62.31
C PHE I 297 -25.49 -25.30 63.29
N GLU I 298 -25.05 -26.33 64.01
CA GLU I 298 -25.87 -26.98 65.03
C GLU I 298 -24.97 -27.37 66.18
N PHE I 299 -25.10 -26.65 67.29
CA PHE I 299 -24.44 -27.02 68.53
C PHE I 299 -25.27 -28.09 69.20
N ASN I 300 -25.01 -28.38 70.49
CA ASN I 300 -25.74 -29.41 71.21
C ASN I 300 -26.24 -29.02 72.59
N GLN I 301 -25.80 -27.89 73.17
CA GLN I 301 -26.27 -27.52 74.51
C GLN I 301 -26.49 -26.03 74.68
N THR I 302 -26.89 -25.32 73.63
CA THR I 302 -27.38 -23.94 73.76
C THR I 302 -26.30 -23.02 74.36
N VAL I 303 -25.25 -22.79 73.56
CA VAL I 303 -24.19 -21.88 73.98
C VAL I 303 -24.79 -20.51 74.27
N GLN I 304 -24.30 -19.89 75.34
CA GLN I 304 -24.82 -18.58 75.70
C GLN I 304 -24.28 -17.51 74.77
N LYS I 305 -23.14 -17.76 74.13
CA LYS I 305 -22.68 -16.83 73.11
C LYS I 305 -21.85 -17.57 72.07
N VAL I 306 -22.07 -17.19 70.83
CA VAL I 306 -21.17 -17.49 69.73
C VAL I 306 -20.96 -16.20 68.99
N GLN I 307 -19.72 -15.97 68.55
CA GLN I 307 -19.51 -14.92 67.58
C GLN I 307 -18.21 -15.23 66.88
N PHE I 308 -18.16 -14.92 65.60
CA PHE I 308 -16.99 -15.28 64.84
C PHE I 308 -16.77 -14.31 63.70
N ASP I 309 -15.54 -13.82 63.63
CA ASP I 309 -15.11 -12.97 62.54
C ASP I 309 -14.36 -13.82 61.54
N LEU I 310 -14.45 -13.39 60.30
CA LEU I 310 -13.80 -14.10 59.22
C LEU I 310 -13.58 -13.12 58.10
N LYS I 311 -12.94 -13.60 57.05
CA LYS I 311 -12.62 -12.81 55.88
C LYS I 311 -13.22 -13.49 54.66
N PHE I 312 -13.78 -12.67 53.78
CA PHE I 312 -14.44 -13.16 52.59
C PHE I 312 -13.45 -13.22 51.46
N TYR I 313 -13.48 -14.32 50.72
CA TYR I 313 -12.52 -14.60 49.68
C TYR I 313 -13.27 -14.91 48.41
N TYR I 314 -12.64 -14.58 47.28
CA TYR I 314 -13.35 -14.48 46.01
C TYR I 314 -12.51 -15.03 44.88
N LYS I 315 -13.21 -15.48 43.86
CA LYS I 315 -12.62 -16.13 42.72
C LYS I 315 -13.30 -15.65 41.45
N ASP J 2 24.56 8.40 28.87
CA ASP J 2 24.88 7.67 27.63
C ASP J 2 26.38 7.58 27.39
N ILE J 3 27.14 7.15 28.40
CA ILE J 3 28.56 6.86 28.19
C ILE J 3 28.94 5.49 28.74
N GLU J 4 28.21 5.00 29.76
CA GLU J 4 28.47 3.68 30.33
C GLU J 4 29.88 3.59 30.91
N LEU J 5 30.10 4.34 31.98
CA LEU J 5 31.39 4.32 32.65
C LEU J 5 31.64 2.97 33.30
N THR J 6 32.90 2.52 33.24
CA THR J 6 33.31 1.27 33.87
C THR J 6 34.58 1.50 34.68
N LYS J 7 34.51 1.26 35.98
CA LYS J 7 35.65 1.28 36.87
C LYS J 7 36.08 -0.16 37.10
N LYS J 8 37.22 -0.54 36.54
CA LYS J 8 37.76 -1.87 36.73
C LYS J 8 38.82 -1.86 37.80
N ASP J 9 39.19 -3.06 38.24
CA ASP J 9 40.18 -3.19 39.30
C ASP J 9 41.52 -2.74 38.74
N GLY J 10 41.81 -1.46 38.89
CA GLY J 10 43.03 -0.85 38.38
C GLY J 10 42.84 0.22 37.33
N THR J 11 41.63 0.58 36.91
CA THR J 11 41.51 1.63 35.90
C THR J 11 40.07 2.14 35.82
N VAL J 12 39.92 3.19 35.02
CA VAL J 12 38.63 3.81 34.74
C VAL J 12 38.52 3.98 33.23
N ILE J 13 37.34 3.70 32.70
CA ILE J 13 37.10 3.74 31.26
C ILE J 13 35.72 4.34 31.04
N LYS J 14 35.58 5.02 29.90
CA LYS J 14 34.28 5.48 29.44
C LYS J 14 34.26 5.38 27.93
N LEU J 15 33.14 4.91 27.39
CA LEU J 15 33.11 4.50 25.99
C LEU J 15 33.22 5.69 25.05
N SER J 16 32.42 6.73 25.27
CA SER J 16 32.40 7.85 24.34
C SER J 16 33.73 8.56 24.25
N GLU J 17 34.59 8.41 25.26
CA GLU J 17 35.97 8.82 25.11
C GLU J 17 36.65 8.03 24.00
N TYR J 18 36.25 6.77 23.82
CA TYR J 18 36.88 5.86 22.88
C TYR J 18 36.11 5.80 21.55
N GLY J 19 35.50 6.90 21.15
CA GLY J 19 34.76 6.95 19.91
C GLY J 19 33.51 6.11 19.89
N PHE J 20 33.04 5.67 21.05
CA PHE J 20 31.91 4.76 21.16
C PHE J 20 30.71 5.49 21.72
N ILE J 21 29.91 6.03 20.82
CA ILE J 21 28.58 6.47 21.18
C ILE J 21 27.76 5.27 21.62
N VAL J 22 26.69 5.56 22.36
CA VAL J 22 25.71 4.58 22.79
C VAL J 22 24.32 5.11 22.49
N ASN J 23 23.41 4.20 22.17
CA ASN J 23 22.03 4.60 21.90
C ASN J 23 21.29 4.88 23.20
N ASP J 24 21.45 4.01 24.19
CA ASP J 24 20.74 4.15 25.45
C ASP J 24 21.30 3.13 26.42
N ILE J 25 20.79 3.17 27.64
CA ILE J 25 21.02 2.14 28.64
C ILE J 25 19.68 1.80 29.26
N VAL J 26 19.38 0.52 29.34
CA VAL J 26 18.16 0.03 29.96
C VAL J 26 18.57 -0.97 31.03
N ILE J 27 18.06 -0.78 32.24
CA ILE J 27 18.43 -1.58 33.37
C ILE J 27 17.18 -2.29 33.85
N ASP J 28 17.17 -3.60 33.71
CA ASP J 28 16.10 -4.41 34.24
C ASP J 28 16.07 -4.29 35.75
N SER J 29 14.95 -4.70 36.32
CA SER J 29 14.86 -4.87 37.76
C SER J 29 15.55 -6.16 38.14
N MET J 30 15.36 -6.59 39.38
CA MET J 30 16.01 -7.78 39.89
C MET J 30 15.10 -8.98 39.75
N GLN J 31 15.63 -10.05 39.17
CA GLN J 31 14.87 -11.26 38.97
C GLN J 31 14.53 -11.86 40.33
N ILE J 32 13.26 -11.77 40.71
CA ILE J 32 12.81 -12.36 41.95
C ILE J 32 12.62 -13.85 41.74
N ASN J 33 13.52 -14.65 42.32
CA ASN J 33 13.31 -16.07 42.43
C ASN J 33 12.42 -16.33 43.63
N THR J 34 11.27 -16.93 43.38
CA THR J 34 10.36 -17.34 44.43
C THR J 34 10.67 -18.78 44.85
N LYS J 35 10.17 -19.13 46.01
CA LYS J 35 10.25 -20.48 46.55
C LYS J 35 8.89 -20.72 47.17
N TYR J 36 7.97 -21.22 46.37
CA TYR J 36 6.65 -21.59 46.84
C TYR J 36 6.59 -23.09 47.07
N GLN J 37 5.62 -23.49 47.87
CA GLN J 37 5.28 -24.88 48.06
C GLN J 37 3.76 -25.00 48.03
N ASP J 38 3.27 -25.87 47.16
CA ASP J 38 1.86 -26.11 47.01
C ASP J 38 1.42 -27.27 47.90
N LYS J 39 0.55 -26.96 48.85
CA LYS J 39 -0.16 -27.98 49.59
C LYS J 39 -1.04 -28.78 48.64
N GLU J 40 -1.27 -30.04 49.00
CA GLU J 40 -1.77 -31.02 48.03
C GLU J 40 -3.19 -30.69 47.57
N ASN J 41 -4.12 -30.44 48.50
CA ASN J 41 -5.51 -30.22 48.17
C ASN J 41 -6.06 -28.90 48.73
N MET J 42 -5.21 -27.89 48.82
CA MET J 42 -5.57 -26.60 49.41
C MET J 42 -5.38 -25.48 48.41
N ASN J 43 -6.45 -24.71 48.22
CA ASN J 43 -6.46 -23.65 47.24
C ASN J 43 -5.59 -22.48 47.70
N GLY J 44 -4.29 -22.69 47.66
CA GLY J 44 -3.32 -21.72 48.11
C GLY J 44 -2.02 -22.43 48.33
N ARG J 45 -0.92 -21.74 48.10
CA ARG J 45 0.41 -22.33 48.16
C ARG J 45 1.26 -21.52 49.11
N ILE J 46 2.02 -22.22 49.94
CA ILE J 46 2.79 -21.56 50.97
C ILE J 46 4.01 -20.90 50.35
N LEU J 47 4.35 -19.74 50.86
CA LEU J 47 5.59 -19.07 50.52
C LEU J 47 6.69 -19.60 51.43
N MET J 48 7.59 -20.40 50.88
CA MET J 48 8.79 -20.73 51.62
C MET J 48 9.73 -19.54 51.64
N GLY J 49 9.88 -18.87 50.50
CA GLY J 49 10.73 -17.70 50.44
C GLY J 49 10.55 -16.94 49.15
N SER J 50 11.19 -15.79 49.09
CA SER J 50 11.24 -14.98 47.89
C SER J 50 12.49 -14.12 47.98
N ASN J 51 13.19 -13.96 46.86
CA ASN J 51 14.56 -13.49 46.97
C ASN J 51 15.04 -12.87 45.66
N TYR J 52 15.69 -11.71 45.76
CA TYR J 52 16.27 -11.07 44.60
C TYR J 52 17.49 -11.87 44.14
N ILE J 53 17.75 -11.86 42.83
CA ILE J 53 18.85 -12.62 42.26
C ILE J 53 19.78 -11.77 41.41
N SER J 54 19.27 -11.20 40.32
CA SER J 54 20.14 -10.62 39.30
C SER J 54 19.48 -9.46 38.59
N ARG J 55 20.28 -8.45 38.28
CA ARG J 55 19.85 -7.19 37.66
C ARG J 55 20.55 -7.11 36.31
N ASP J 56 19.92 -7.69 35.30
CA ASP J 56 20.52 -7.77 33.97
C ASP J 56 20.43 -6.42 33.27
N ILE J 57 21.57 -5.85 32.94
CA ILE J 57 21.66 -4.61 32.19
C ILE J 57 21.77 -4.93 30.71
N VAL J 58 21.30 -4.02 29.88
CA VAL J 58 21.47 -4.09 28.44
C VAL J 58 21.88 -2.72 27.96
N VAL J 59 22.85 -2.68 27.04
CA VAL J 59 23.37 -1.45 26.49
C VAL J 59 23.71 -1.68 25.03
N PRO J 60 22.93 -1.21 24.09
CA PRO J 60 23.36 -1.23 22.69
C PRO J 60 24.20 -0.01 22.33
N CYS J 61 25.39 -0.25 21.81
CA CYS J 61 26.31 0.80 21.43
C CYS J 61 26.77 0.57 20.02
N PHE J 62 26.82 1.63 19.23
CA PHE J 62 27.34 1.57 17.88
C PHE J 62 28.55 2.49 17.77
N CYS J 63 29.17 2.44 16.61
CA CYS J 63 30.37 3.22 16.40
C CYS J 63 30.54 3.50 14.91
N LYS J 64 31.00 4.71 14.64
CA LYS J 64 31.37 5.17 13.32
C LYS J 64 32.86 5.41 13.32
N VAL J 65 33.48 5.19 12.16
CA VAL J 65 34.89 5.47 11.93
C VAL J 65 35.04 6.08 10.56
N LYS J 66 36.27 6.45 10.23
CA LYS J 66 36.53 7.14 8.98
C LYS J 66 36.70 6.21 7.80
N ASN J 67 37.01 4.93 8.04
CA ASN J 67 37.25 3.99 6.96
C ASN J 67 36.87 2.59 7.38
N ARG J 68 36.62 1.75 6.39
CA ARG J 68 36.01 0.44 6.62
C ARG J 68 36.94 -0.48 7.37
N SER J 69 38.24 -0.40 7.08
CA SER J 69 39.20 -1.26 7.76
C SER J 69 39.15 -1.06 9.25
N ASP J 70 39.15 0.20 9.66
CA ASP J 70 39.30 0.57 11.06
C ASP J 70 38.25 -0.06 11.94
N ILE J 71 37.09 -0.40 11.35
CA ILE J 71 36.02 -1.11 12.04
C ILE J 71 36.59 -2.23 12.89
N ALA J 72 37.41 -3.06 12.25
CA ALA J 72 38.00 -4.21 12.91
C ALA J 72 38.70 -3.80 14.18
N TYR J 73 39.64 -2.86 14.06
CA TYR J 73 40.38 -2.35 15.21
C TYR J 73 39.42 -1.91 16.28
N MET J 74 38.46 -1.06 15.89
CA MET J 74 37.53 -0.49 16.84
C MET J 74 36.79 -1.59 17.58
N ARG J 75 36.32 -2.59 16.83
CA ARG J 75 35.58 -3.69 17.43
C ARG J 75 36.45 -4.40 18.44
N ASP J 76 37.68 -4.71 18.06
CA ASP J 76 38.56 -5.42 18.97
C ASP J 76 38.76 -4.61 20.23
N MET J 77 38.91 -3.29 20.07
CA MET J 77 39.08 -2.43 21.23
C MET J 77 37.92 -2.60 22.16
N LEU J 78 36.71 -2.60 21.60
CA LEU J 78 35.50 -2.77 22.40
C LEU J 78 35.58 -4.03 23.23
N TYR J 79 35.91 -5.15 22.59
CA TYR J 79 35.98 -6.40 23.32
C TYR J 79 37.04 -6.30 24.39
N SER J 80 38.24 -5.87 23.99
CA SER J 80 39.34 -5.80 24.93
C SER J 80 39.05 -4.80 26.03
N LEU J 81 38.11 -3.90 25.80
CA LEU J 81 37.81 -2.85 26.75
C LEU J 81 36.66 -3.22 27.68
N THR J 82 35.79 -4.15 27.28
CA THR J 82 34.55 -4.37 28.02
C THR J 82 34.37 -5.81 28.50
N THR J 83 34.60 -6.78 27.63
CA THR J 83 34.24 -8.15 27.96
C THR J 83 35.22 -8.65 29.00
N ASP J 84 34.90 -8.42 30.27
CA ASP J 84 35.80 -8.72 31.38
C ASP J 84 35.04 -9.51 32.43
N ILE J 85 35.39 -10.78 32.58
CA ILE J 85 34.93 -11.57 33.72
C ILE J 85 35.30 -10.92 35.04
N GLU J 86 36.38 -10.17 35.06
CA GLU J 86 36.80 -9.33 36.17
C GLU J 86 35.59 -8.52 36.62
N PRO J 87 35.04 -8.75 37.81
CA PRO J 87 33.91 -7.94 38.26
C PRO J 87 34.24 -6.46 38.25
N MET J 88 33.53 -5.74 37.40
CA MET J 88 33.73 -4.31 37.24
C MET J 88 32.62 -3.55 37.96
N TYR J 89 32.82 -2.25 38.10
CA TYR J 89 31.83 -1.36 38.68
C TYR J 89 31.33 -0.45 37.58
N LEU J 90 30.10 -0.67 37.17
CA LEU J 90 29.47 0.14 36.15
C LEU J 90 28.84 1.36 36.79
N ARG J 91 28.96 2.49 36.12
CA ARG J 91 28.24 3.70 36.49
C ARG J 91 27.51 4.22 35.27
N GLU J 92 26.23 4.51 35.46
CA GLU J 92 25.39 5.01 34.38
C GLU J 92 25.56 6.52 34.25
N ILE J 93 25.35 7.00 33.03
CA ILE J 93 25.41 8.41 32.74
C ILE J 93 24.21 8.76 31.88
N ARG J 94 23.68 9.96 32.08
CA ARG J 94 22.61 10.50 31.29
C ARG J 94 23.01 11.90 30.86
N ARG J 95 22.18 12.47 30.00
CA ARG J 95 22.22 13.89 29.70
C ARG J 95 21.08 14.59 30.41
N LYS J 96 21.23 15.89 30.55
CA LYS J 96 20.21 16.73 31.17
C LYS J 96 19.26 17.33 30.15
N GLU J 97 19.51 17.12 28.86
CA GLU J 97 18.77 17.80 27.81
C GLU J 97 19.10 17.13 26.50
N GLU J 98 18.13 17.12 25.59
CA GLU J 98 18.37 16.71 24.21
C GLU J 98 18.94 17.93 23.49
N LEU J 99 20.26 17.99 23.39
CA LEU J 99 20.90 19.20 22.90
C LEU J 99 20.80 19.31 21.40
N ASN J 100 20.63 20.54 20.94
CA ASN J 100 20.60 20.88 19.54
C ASN J 100 21.77 21.78 19.23
N TYR J 101 22.01 21.97 17.93
CA TYR J 101 22.89 23.02 17.49
C TYR J 101 22.23 24.38 17.76
N ARG J 102 23.04 25.34 18.16
CA ARG J 102 22.53 26.66 18.50
C ARG J 102 22.59 27.57 17.29
N PHE J 103 21.93 28.71 17.41
CA PHE J 103 21.96 29.71 16.36
C PHE J 103 23.37 30.20 16.12
N THR J 104 23.67 30.50 14.87
CA THR J 104 24.97 31.02 14.48
C THR J 104 24.73 32.10 13.43
N GLN J 105 25.78 32.47 12.69
CA GLN J 105 25.71 33.53 11.70
C GLN J 105 26.43 33.08 10.44
N PRO J 106 25.76 33.03 9.27
CA PRO J 106 26.45 32.59 8.06
C PRO J 106 27.15 33.75 7.33
N THR J 107 28.15 34.30 7.98
CA THR J 107 28.89 35.45 7.48
C THR J 107 30.38 35.12 7.40
N SER J 108 30.70 33.94 6.90
CA SER J 108 32.08 33.46 6.80
C SER J 108 32.74 33.45 8.16
N ASP J 109 31.95 33.18 9.19
CA ASP J 109 32.38 33.26 10.57
C ASP J 109 31.35 32.53 11.40
N ASP J 110 31.73 32.23 12.64
CA ASP J 110 30.86 31.49 13.55
C ASP J 110 30.47 30.14 12.97
N TYR J 111 31.36 29.55 12.17
CA TYR J 111 31.16 28.23 11.62
C TYR J 111 31.00 27.19 12.71
N VAL J 112 30.62 25.99 12.30
CA VAL J 112 30.30 24.92 13.21
C VAL J 112 31.52 24.04 13.41
N LYS J 113 31.56 23.36 14.55
CA LYS J 113 32.64 22.46 14.90
C LYS J 113 32.25 21.03 14.55
N LEU J 114 33.26 20.17 14.51
CA LEU J 114 33.05 18.75 14.30
C LEU J 114 33.93 17.96 15.24
N ASP J 115 33.36 16.90 15.82
CA ASP J 115 34.08 16.08 16.76
C ASP J 115 35.20 15.31 16.04
N LYS J 116 36.00 14.60 16.84
CA LYS J 116 36.96 13.67 16.28
C LYS J 116 36.27 12.68 15.35
N ASN J 117 35.11 12.19 15.74
CA ASN J 117 34.21 11.52 14.83
C ASN J 117 33.43 12.57 14.05
N ASN J 118 33.09 12.24 12.82
CA ASN J 118 32.42 13.19 11.94
C ASN J 118 30.98 13.35 12.42
N PHE J 119 30.82 14.20 13.41
CA PHE J 119 29.50 14.57 13.92
C PHE J 119 29.50 16.05 14.28
N PRO J 120 28.33 16.66 14.39
CA PRO J 120 28.27 18.06 14.78
C PRO J 120 28.31 18.26 16.28
N ASP J 121 29.30 19.00 16.75
CA ASP J 121 29.44 19.27 18.18
C ASP J 121 28.36 20.25 18.61
N TYR J 122 27.27 19.72 19.17
CA TYR J 122 26.29 20.57 19.83
C TYR J 122 26.76 21.04 21.20
N GLU J 123 27.82 20.46 21.74
CA GLU J 123 28.30 20.80 23.09
C GLU J 123 29.23 21.99 22.98
N TYR J 124 28.63 23.19 22.93
CA TYR J 124 29.42 24.41 22.79
C TYR J 124 30.09 24.79 24.10
N SER J 125 29.33 24.83 25.18
CA SER J 125 29.82 25.29 26.46
C SER J 125 30.27 24.12 27.34
N ARG J 126 30.98 24.48 28.41
CA ARG J 126 31.44 23.49 29.38
C ARG J 126 30.27 22.72 29.99
N HIS J 127 29.15 23.40 30.18
CA HIS J 127 28.04 22.83 30.91
C HIS J 127 27.10 22.04 30.01
N ASP J 128 27.58 21.61 28.84
CA ASP J 128 26.79 20.83 27.90
C ASP J 128 26.95 19.34 28.09
N GLN J 129 28.16 18.87 28.38
CA GLN J 129 28.43 17.45 28.32
C GLN J 129 27.76 16.72 29.48
N GLN J 130 27.89 15.41 29.47
CA GLN J 130 27.03 14.56 30.29
C GLN J 130 27.53 14.50 31.73
N ILE J 131 26.78 13.78 32.56
CA ILE J 131 26.96 13.78 33.99
C ILE J 131 26.74 12.39 34.56
N TYR J 132 27.42 12.11 35.65
CA TYR J 132 27.08 10.92 36.43
C TYR J 132 25.72 11.17 37.03
N VAL J 133 24.69 10.58 36.41
CA VAL J 133 23.31 10.87 36.80
C VAL J 133 23.02 10.50 38.24
N ASN J 134 23.79 9.57 38.82
CA ASN J 134 23.51 9.14 40.18
C ASN J 134 24.78 8.67 40.84
N GLY J 135 24.81 8.80 42.16
CA GLY J 135 25.96 8.45 42.95
C GLY J 135 25.93 6.99 43.38
N LYS J 136 25.86 6.10 42.40
CA LYS J 136 25.87 4.67 42.68
C LYS J 136 26.54 3.96 41.52
N GLN J 137 26.79 2.67 41.73
CA GLN J 137 27.43 1.84 40.74
C GLN J 137 26.73 0.49 40.73
N TYR J 138 27.31 -0.46 40.01
CA TYR J 138 26.76 -1.80 39.91
C TYR J 138 27.90 -2.78 39.69
N LYS J 139 27.94 -3.86 40.44
CA LYS J 139 28.97 -4.86 40.25
C LYS J 139 28.55 -5.80 39.13
N VAL J 140 29.31 -5.79 38.03
CA VAL J 140 28.80 -6.18 36.73
C VAL J 140 29.82 -7.02 35.97
N ILE J 141 29.29 -7.92 35.14
CA ILE J 141 30.03 -8.80 34.25
C ILE J 141 29.29 -8.85 32.91
N PHE J 142 30.04 -9.17 31.85
CA PHE J 142 29.56 -9.15 30.48
C PHE J 142 29.03 -10.51 30.04
N ASN J 143 28.10 -10.50 29.08
CA ASN J 143 27.61 -11.68 28.39
C ASN J 143 27.59 -11.44 26.88
N GLY J 144 27.54 -12.53 26.11
CA GLY J 144 27.81 -12.56 24.67
C GLY J 144 27.22 -11.48 23.79
N VAL J 145 27.99 -11.04 22.78
CA VAL J 145 27.61 -9.99 21.86
C VAL J 145 27.85 -10.45 20.43
N ILE J 146 27.01 -9.98 19.53
CA ILE J 146 27.22 -10.05 18.09
C ILE J 146 27.31 -8.63 17.57
N ASN J 147 27.96 -8.48 16.42
CA ASN J 147 28.26 -7.17 15.84
C ASN J 147 27.75 -7.07 14.42
N PRO J 148 26.45 -6.78 14.24
CA PRO J 148 25.97 -6.50 12.88
C PRO J 148 26.53 -5.19 12.37
N LYS J 149 27.08 -5.22 11.17
CA LYS J 149 27.61 -4.05 10.51
C LYS J 149 26.55 -3.54 9.54
N GLN J 150 25.81 -2.52 9.96
CA GLN J 150 25.11 -1.72 8.98
C GLN J 150 26.12 -0.97 8.13
N LYS J 151 25.60 -0.34 7.11
CA LYS J 151 26.40 0.24 6.05
C LYS J 151 27.52 1.16 6.51
N GLY J 152 28.48 1.32 5.62
CA GLY J 152 29.47 2.35 5.77
C GLY J 152 30.42 1.98 6.86
N ASN J 153 30.65 2.93 7.75
CA ASN J 153 31.50 2.73 8.91
C ASN J 153 30.70 2.59 10.20
N LYS J 154 29.38 2.53 10.11
CA LYS J 154 28.53 2.36 11.27
C LYS J 154 28.36 0.89 11.57
N VAL J 155 28.64 0.48 12.79
CA VAL J 155 28.38 -0.89 13.22
C VAL J 155 27.78 -0.84 14.61
N SER J 156 26.81 -1.71 14.85
CA SER J 156 26.13 -1.79 16.13
C SER J 156 26.62 -2.98 16.93
N PHE J 157 26.41 -2.88 18.23
CA PHE J 157 26.72 -3.92 19.19
C PHE J 157 25.63 -3.89 20.24
N GLU J 158 25.42 -5.04 20.88
CA GLU J 158 24.38 -5.20 21.90
C GLU J 158 24.99 -5.83 23.14
N LEU J 159 25.54 -5.00 24.01
CA LEU J 159 26.10 -5.48 25.26
C LEU J 159 24.98 -5.95 26.19
N LYS J 160 25.22 -7.06 26.86
CA LYS J 160 24.28 -7.65 27.81
C LYS J 160 25.05 -7.88 29.09
N PHE J 161 25.00 -6.91 29.98
CA PHE J 161 25.68 -7.01 31.25
C PHE J 161 24.76 -7.65 32.29
N GLU J 162 25.36 -8.01 33.42
CA GLU J 162 24.66 -8.80 34.41
C GLU J 162 25.31 -8.57 35.76
N THR J 163 24.50 -8.57 36.80
CA THR J 163 25.03 -8.35 38.14
C THR J 163 25.89 -9.52 38.57
N THR J 164 26.86 -9.22 39.43
CA THR J 164 27.88 -10.17 39.83
C THR J 164 27.54 -10.89 41.13
N GLU J 165 27.49 -10.17 42.23
CA GLU J 165 27.35 -10.75 43.55
C GLU J 165 25.94 -10.57 44.10
N LEU J 166 25.49 -9.32 44.16
CA LEU J 166 24.25 -8.96 44.82
C LEU J 166 23.44 -8.07 43.89
N PRO J 167 22.17 -8.40 43.63
CA PRO J 167 21.38 -7.58 42.73
C PRO J 167 20.91 -6.29 43.38
N TYR J 168 21.83 -5.33 43.49
CA TYR J 168 21.51 -4.06 44.12
C TYR J 168 22.34 -2.93 43.54
N GLY J 169 21.83 -1.72 43.74
CA GLY J 169 22.49 -0.51 43.34
C GLY J 169 23.40 0.02 44.42
N GLU J 170 24.55 -0.61 44.55
CA GLU J 170 25.57 -0.18 45.49
C GLU J 170 25.86 1.30 45.35
N SER J 171 25.71 2.02 46.45
CA SER J 171 26.02 3.43 46.48
C SER J 171 27.51 3.61 46.66
N ILE J 172 28.09 4.44 45.84
CA ILE J 172 29.52 4.69 45.91
C ILE J 172 29.79 5.62 47.07
N GLY J 173 30.96 5.47 47.66
CA GLY J 173 31.31 6.28 48.81
C GLY J 173 30.62 5.75 50.06
N THR J 174 31.30 5.86 51.19
CA THR J 174 30.78 5.32 52.43
C THR J 174 29.74 6.27 52.98
N SER J 175 29.36 6.05 54.22
CA SER J 175 28.54 6.98 54.97
C SER J 175 29.36 7.97 55.76
N LEU J 176 30.67 7.78 55.87
CA LEU J 176 31.51 8.75 56.54
C LEU J 176 31.85 9.92 55.65
N GLU J 177 31.99 9.70 54.34
CA GLU J 177 32.09 10.83 53.43
C GLU J 177 30.84 11.68 53.49
N LEU J 178 29.71 11.08 53.83
CA LEU J 178 28.55 11.87 54.21
C LEU J 178 28.80 12.63 55.49
N GLU J 179 29.45 11.98 56.46
CA GLU J 179 29.75 12.63 57.72
C GLU J 179 30.71 13.80 57.50
N GLU J 180 31.92 13.51 57.05
CA GLU J 180 32.90 14.53 56.74
C GLU J 180 32.71 14.90 55.28
N ASN J 181 32.28 16.14 55.03
CA ASN J 181 31.99 16.60 53.68
C ASN J 181 33.29 16.95 52.95
N LYS J 182 34.12 15.93 52.78
CA LYS J 182 35.42 16.09 52.15
C LYS J 182 35.36 15.75 50.68
N LYS J 183 34.92 14.54 50.36
CA LYS J 183 34.81 14.13 48.97
C LYS J 183 33.54 14.72 48.37
N VAL J 184 33.67 15.18 47.14
CA VAL J 184 32.63 15.93 46.45
C VAL J 184 32.25 15.15 45.22
N GLY J 185 31.00 15.27 44.84
CA GLY J 185 30.39 14.30 43.96
C GLY J 185 29.71 13.23 44.79
N LEU J 186 29.45 12.10 44.14
CA LEU J 186 29.03 10.85 44.77
C LEU J 186 27.83 11.01 45.72
N TRP J 187 27.03 12.06 45.54
CA TRP J 187 25.85 12.25 46.37
C TRP J 187 24.78 12.89 45.49
N SER J 188 23.89 12.06 44.96
CA SER J 188 22.82 12.51 44.09
C SER J 188 21.53 12.66 44.86
N PHE J 189 20.62 13.43 44.28
CA PHE J 189 19.36 13.73 44.93
C PHE J 189 18.42 12.55 44.98
N ASP J 190 18.73 11.46 44.29
CA ASP J 190 17.96 10.23 44.47
C ASP J 190 17.92 9.83 45.93
N PHE J 191 18.97 10.15 46.65
CA PHE J 191 19.03 9.90 48.08
C PHE J 191 18.50 11.16 48.74
N ASN J 192 17.42 11.03 49.48
CA ASN J 192 16.82 12.18 50.14
C ASN J 192 17.64 12.50 51.38
N ILE J 193 18.62 13.39 51.20
CA ILE J 193 19.63 13.68 52.20
C ILE J 193 19.49 15.13 52.62
N ASP J 194 19.39 15.35 53.92
CA ASP J 194 19.32 16.71 54.43
C ASP J 194 20.67 17.41 54.28
N TRP J 195 20.63 18.72 54.09
CA TRP J 195 21.85 19.50 54.03
C TRP J 195 22.48 19.71 55.39
N HIS J 196 21.75 19.47 56.48
CA HIS J 196 22.24 19.84 57.81
C HIS J 196 23.34 18.86 58.21
N ALA J 197 24.50 19.04 57.60
CA ALA J 197 25.66 18.25 57.95
C ALA J 197 26.02 18.51 59.40
N GLY J 198 26.21 17.43 60.15
CA GLY J 198 26.28 17.49 61.58
C GLY J 198 24.95 17.36 62.27
N GLY J 199 23.85 17.58 61.55
CA GLY J 199 22.53 17.36 62.09
C GLY J 199 22.16 15.91 62.07
N ASP J 200 20.94 15.64 62.51
CA ASP J 200 20.43 14.28 62.48
C ASP J 200 20.32 13.80 61.05
N LYS J 201 20.24 12.48 60.90
CA LYS J 201 20.11 11.77 59.64
C LYS J 201 21.26 12.03 58.67
N ARG J 202 22.35 12.60 59.14
CA ARG J 202 23.62 12.59 58.45
C ARG J 202 24.70 11.96 59.28
N LYS J 203 24.52 11.87 60.59
CA LYS J 203 25.60 11.55 61.51
C LYS J 203 25.60 10.06 61.80
N TYR J 204 26.77 9.46 61.73
CA TYR J 204 27.01 8.09 62.12
C TYR J 204 28.23 8.04 63.02
N THR J 205 28.31 8.99 63.95
CA THR J 205 29.44 9.13 64.85
C THR J 205 28.91 9.77 66.14
N PHE J 206 28.55 8.91 67.09
CA PHE J 206 27.94 9.33 68.34
C PHE J 206 28.88 9.05 69.49
N GLU J 207 28.61 9.70 70.63
CA GLU J 207 29.50 9.68 71.77
C GLU J 207 28.66 9.63 73.05
N ASN J 208 29.03 8.74 73.96
CA ASN J 208 28.50 8.74 75.33
C ASN J 208 26.97 8.62 75.33
N LEU J 209 26.50 7.47 74.86
CA LEU J 209 25.07 7.23 74.72
C LEU J 209 24.74 5.78 74.96
N SER J 210 23.64 5.55 75.68
CA SER J 210 23.09 4.22 75.83
C SER J 210 22.27 3.82 74.62
N LYS J 211 21.65 4.79 73.96
CA LYS J 211 20.72 4.54 72.87
C LYS J 211 20.75 5.74 71.94
N GLY J 212 20.57 5.46 70.65
CA GLY J 212 20.67 6.50 69.65
C GLY J 212 19.91 6.12 68.41
N THR J 213 19.93 7.04 67.44
CA THR J 213 19.07 6.98 66.28
C THR J 213 19.91 7.02 65.02
N VAL J 214 19.46 6.27 64.01
CA VAL J 214 20.15 6.17 62.73
C VAL J 214 19.12 6.22 61.63
N TYR J 215 19.42 6.98 60.58
CA TYR J 215 18.61 7.04 59.38
C TYR J 215 19.38 6.39 58.25
N TYR J 216 18.98 5.17 57.91
CA TYR J 216 19.55 4.47 56.75
C TYR J 216 18.79 4.93 55.52
N HIS J 217 19.42 5.80 54.73
CA HIS J 217 18.79 6.38 53.56
C HIS J 217 18.53 5.37 52.45
N GLY J 218 19.07 4.17 52.55
CA GLY J 218 18.88 3.19 51.50
C GLY J 218 17.58 2.43 51.56
N SER J 219 16.84 2.47 50.45
CA SER J 219 15.58 1.76 50.37
C SER J 219 15.79 0.26 50.57
N ALA J 220 16.79 -0.30 49.91
CA ALA J 220 17.04 -1.71 50.10
C ALA J 220 17.66 -1.93 51.47
N PRO J 221 17.44 -3.10 52.07
CA PRO J 221 17.94 -3.33 53.42
C PRO J 221 19.34 -3.91 53.42
N ASN J 222 20.16 -3.37 54.31
CA ASN J 222 21.52 -3.87 54.48
C ASN J 222 21.54 -4.94 55.57
N ASP J 223 20.89 -6.06 55.24
CA ASP J 223 21.05 -7.28 56.00
C ASP J 223 22.13 -8.19 55.44
N GLN J 224 22.44 -8.10 54.15
CA GLN J 224 23.39 -9.03 53.59
C GLN J 224 24.79 -8.63 54.02
N PHE J 225 25.55 -9.64 54.42
CA PHE J 225 26.91 -9.43 54.88
C PHE J 225 27.85 -8.95 53.80
N ASN J 226 27.65 -9.39 52.55
CA ASN J 226 28.52 -8.96 51.46
C ASN J 226 28.60 -7.45 51.34
N MET J 227 27.56 -6.75 51.76
CA MET J 227 27.61 -5.31 51.82
C MET J 227 28.63 -4.86 52.87
N TYR J 228 29.16 -3.67 52.67
CA TYR J 228 30.26 -3.16 53.49
C TYR J 228 29.74 -2.46 54.74
N LYS J 229 28.87 -3.13 55.48
CA LYS J 229 28.44 -2.61 56.77
C LYS J 229 29.54 -2.89 57.77
N LYS J 230 30.06 -1.83 58.39
CA LYS J 230 31.22 -1.97 59.27
C LYS J 230 31.10 -0.97 60.40
N ILE J 231 31.10 -1.50 61.62
CA ILE J 231 30.91 -0.73 62.83
C ILE J 231 32.21 -0.75 63.62
N THR J 232 32.42 0.29 64.42
CA THR J 232 33.54 0.27 65.34
C THR J 232 33.17 1.13 66.54
N ILE J 233 33.38 0.58 67.73
CA ILE J 233 32.87 1.15 68.96
C ILE J 233 33.95 1.13 70.03
N ILE J 234 34.15 2.29 70.66
CA ILE J 234 34.92 2.37 71.90
C ILE J 234 33.92 2.22 73.03
N LEU J 235 34.10 1.15 73.80
CA LEU J 235 33.04 0.62 74.63
C LEU J 235 32.71 1.49 75.82
N GLY J 236 33.56 2.44 76.18
CA GLY J 236 33.21 3.37 77.25
C GLY J 236 33.31 2.89 78.67
N GLU J 237 32.77 1.72 78.96
CA GLU J 237 32.67 1.22 80.32
C GLU J 237 33.03 -0.26 80.36
N ASP J 238 33.86 -0.63 81.33
CA ASP J 238 34.23 -2.02 81.52
C ASP J 238 33.01 -2.88 81.76
N THR J 239 33.12 -4.15 81.41
CA THR J 239 32.05 -5.10 81.64
C THR J 239 32.58 -6.50 81.43
N GLU J 240 31.76 -7.48 81.80
CA GLU J 240 32.02 -8.89 81.55
C GLU J 240 31.21 -9.41 80.37
N SER J 241 29.99 -8.91 80.21
CA SER J 241 29.12 -9.21 79.08
C SER J 241 28.73 -7.91 78.42
N PHE J 242 28.26 -8.01 77.17
CA PHE J 242 27.96 -6.81 76.40
C PHE J 242 26.86 -7.12 75.39
N VAL J 243 25.66 -6.64 75.67
CA VAL J 243 24.51 -6.83 74.79
C VAL J 243 24.21 -5.50 74.12
N TRP J 244 23.82 -5.56 72.85
CA TRP J 244 23.18 -4.42 72.23
C TRP J 244 22.10 -4.90 71.27
N ASN J 245 20.96 -4.23 71.36
CA ASN J 245 19.77 -4.52 70.60
C ASN J 245 19.65 -3.54 69.44
N LEU J 246 18.77 -3.86 68.51
CA LEU J 246 18.59 -3.04 67.34
C LEU J 246 17.27 -3.43 66.68
N THR J 247 16.62 -2.46 66.05
CA THR J 247 15.33 -2.66 65.41
C THR J 247 15.50 -2.78 63.91
N HIS J 248 14.56 -3.51 63.30
CA HIS J 248 14.72 -4.05 61.95
C HIS J 248 15.91 -4.99 61.88
N ALA J 249 16.21 -5.66 62.99
CA ALA J 249 17.30 -6.62 63.06
C ALA J 249 17.09 -7.47 64.31
N GLU J 250 18.11 -8.21 64.69
CA GLU J 250 18.07 -9.12 65.82
C GLU J 250 18.86 -8.55 66.98
N ILE J 251 18.70 -9.20 68.13
CA ILE J 251 19.49 -8.88 69.31
C ILE J 251 20.91 -9.42 69.13
N MET J 252 21.87 -8.74 69.77
CA MET J 252 23.26 -9.17 69.74
C MET J 252 23.80 -9.22 71.15
N LYS J 253 24.48 -10.32 71.46
CA LYS J 253 25.20 -10.47 72.73
C LYS J 253 26.68 -10.70 72.44
N ILE J 254 27.49 -10.37 73.42
CA ILE J 254 28.87 -10.82 73.51
C ILE J 254 29.03 -11.25 74.96
N GLU J 255 28.87 -12.54 75.21
CA GLU J 255 29.01 -13.13 76.53
C GLU J 255 30.19 -14.09 76.53
N GLY J 256 30.72 -14.35 77.72
CA GLY J 256 31.73 -15.36 77.90
C GLY J 256 33.15 -14.86 77.77
N ILE J 257 33.34 -13.64 77.27
CA ILE J 257 34.65 -13.01 77.20
C ILE J 257 34.58 -11.71 77.96
N LYS J 258 35.61 -11.45 78.76
CA LYS J 258 35.68 -10.21 79.53
C LYS J 258 36.40 -9.14 78.72
N LEU J 259 35.91 -7.92 78.84
CA LEU J 259 36.36 -6.78 78.07
C LEU J 259 36.89 -5.71 79.01
N LYS J 260 37.27 -4.57 78.45
CA LYS J 260 37.59 -3.37 79.22
C LYS J 260 37.02 -2.16 78.51
N ALA J 261 36.96 -1.04 79.24
CA ALA J 261 36.31 0.15 78.74
C ALA J 261 36.99 0.69 77.50
N GLY J 262 38.25 1.10 77.64
CA GLY J 262 38.97 1.71 76.54
C GLY J 262 39.25 0.79 75.37
N ASP J 263 39.07 -0.51 75.55
CA ASP J 263 39.20 -1.43 74.44
C ASP J 263 38.09 -1.19 73.42
N ARG J 264 38.45 -1.33 72.15
CA ARG J 264 37.54 -1.09 71.04
C ARG J 264 37.20 -2.39 70.34
N ILE J 265 35.99 -2.44 69.83
CA ILE J 265 35.50 -3.56 69.05
C ILE J 265 35.30 -3.07 67.63
N VAL J 266 35.87 -3.79 66.66
CA VAL J 266 35.51 -3.60 65.26
C VAL J 266 34.53 -4.68 64.92
N TYR J 267 33.30 -4.28 64.70
CA TYR J 267 32.21 -5.19 64.42
C TYR J 267 31.96 -5.15 62.91
N ASP J 268 32.66 -6.01 62.20
CA ASP J 268 32.40 -6.18 60.79
C ASP J 268 31.23 -7.13 60.60
N SER J 269 30.77 -7.21 59.36
CA SER J 269 29.68 -8.11 59.02
C SER J 269 30.02 -9.53 59.44
N PHE J 270 29.10 -10.16 60.18
CA PHE J 270 29.24 -11.48 60.79
C PHE J 270 30.63 -11.72 61.35
N ARG J 271 31.25 -10.71 61.92
CA ARG J 271 32.63 -10.85 62.33
C ARG J 271 32.98 -9.80 63.38
N VAL J 272 33.83 -10.19 64.32
CA VAL J 272 34.10 -9.40 65.51
C VAL J 272 35.59 -9.42 65.75
N TYR J 273 36.25 -8.28 65.54
CA TYR J 273 37.60 -8.07 66.05
C TYR J 273 37.48 -7.52 67.45
N LYS J 274 37.98 -8.29 68.42
CA LYS J 274 37.96 -7.87 69.81
C LYS J 274 38.79 -6.62 70.01
N ASN J 275 39.97 -6.58 69.38
CA ASN J 275 40.83 -5.41 69.45
C ASN J 275 41.52 -5.17 68.12
N GLY J 276 40.79 -5.38 67.03
CA GLY J 276 41.28 -5.11 65.70
C GLY J 276 41.87 -6.31 65.01
N VAL J 277 42.40 -7.26 65.77
CA VAL J 277 42.91 -8.52 65.24
C VAL J 277 42.55 -9.61 66.24
N GLU J 278 42.85 -10.86 65.86
CA GLU J 278 42.58 -12.03 66.70
C GLU J 278 41.09 -12.07 67.04
N ILE J 279 40.33 -12.38 65.99
CA ILE J 279 38.89 -12.23 66.03
C ILE J 279 38.30 -13.18 67.05
N SER J 280 37.49 -12.65 67.95
CA SER J 280 36.78 -13.42 68.96
C SER J 280 35.31 -13.33 68.60
N THR J 281 34.88 -14.24 67.73
CA THR J 281 33.57 -14.19 67.11
C THR J 281 32.74 -15.42 67.45
N GLU J 282 33.01 -16.03 68.60
CA GLU J 282 32.22 -17.18 69.03
C GLU J 282 30.91 -16.77 69.68
N THR J 283 30.79 -15.51 70.11
CA THR J 283 29.71 -15.10 71.00
C THR J 283 28.52 -14.61 70.19
N ASN J 284 27.47 -15.42 70.12
CA ASN J 284 26.19 -15.01 69.55
C ASN J 284 26.37 -14.51 68.13
N ILE J 285 26.61 -15.46 67.24
CA ILE J 285 26.84 -15.08 65.85
C ILE J 285 25.51 -14.58 65.29
N SER J 286 25.38 -13.26 65.24
CA SER J 286 24.20 -12.56 64.75
C SER J 286 24.68 -11.29 64.09
N GLN J 287 24.17 -11.02 62.91
CA GLN J 287 24.60 -9.87 62.15
C GLN J 287 23.49 -8.82 62.10
N PRO J 288 23.82 -7.55 62.17
CA PRO J 288 22.79 -6.51 62.26
C PRO J 288 22.32 -6.12 60.87
N LYS J 289 21.15 -5.50 60.84
CA LYS J 289 20.42 -5.31 59.61
C LYS J 289 19.78 -3.94 59.62
N PHE J 290 20.21 -3.09 58.71
CA PHE J 290 19.63 -1.77 58.50
C PHE J 290 18.67 -1.83 57.33
N LYS J 291 17.41 -1.49 57.58
CA LYS J 291 16.39 -1.65 56.56
C LYS J 291 16.18 -0.36 55.76
N TYR J 292 15.71 0.68 56.43
CA TYR J 292 15.54 1.99 55.82
C TYR J 292 15.07 2.99 56.87
N GLY J 293 15.50 4.23 56.75
CA GLY J 293 15.04 5.23 57.69
C GLY J 293 15.51 4.92 59.08
N ALA J 294 14.63 5.16 60.05
CA ALA J 294 14.99 5.04 61.45
C ALA J 294 15.40 3.63 61.78
N ASN J 295 16.65 3.47 62.19
CA ASN J 295 17.18 2.22 62.72
C ASN J 295 17.74 2.55 64.11
N LYS J 296 16.87 2.45 65.10
CA LYS J 296 17.22 2.79 66.47
C LYS J 296 17.99 1.66 67.12
N PHE J 297 19.13 2.00 67.74
CA PHE J 297 19.92 1.04 68.49
C PHE J 297 19.80 1.35 69.97
N GLU J 298 20.09 0.33 70.78
CA GLU J 298 20.07 0.46 72.23
C GLU J 298 21.21 -0.38 72.79
N PHE J 299 22.25 0.29 73.27
CA PHE J 299 23.33 -0.36 73.99
C PHE J 299 22.88 -0.54 75.44
N ASN J 300 23.80 -0.87 76.34
CA ASN J 300 23.45 -1.10 77.74
C ASN J 300 24.33 -0.39 78.75
N GLN J 301 25.50 0.16 78.38
CA GLN J 301 26.35 0.83 79.36
C GLN J 301 27.03 2.09 78.82
N THR J 302 26.38 2.82 77.93
CA THR J 302 26.83 4.17 77.56
C THR J 302 28.24 4.15 76.97
N VAL J 303 28.35 3.56 75.78
CA VAL J 303 29.63 3.54 75.07
C VAL J 303 30.13 4.96 74.89
N GLN J 304 31.43 5.15 75.08
CA GLN J 304 32.00 6.47 74.92
C GLN J 304 32.11 6.85 73.46
N LYS J 305 32.15 5.87 72.56
CA LYS J 305 32.10 6.18 71.15
C LYS J 305 31.48 5.03 70.38
N VAL J 306 30.65 5.39 69.43
CA VAL J 306 30.22 4.50 68.37
C VAL J 306 30.40 5.27 67.08
N GLN J 307 30.85 4.59 66.04
CA GLN J 307 30.74 5.15 64.71
C GLN J 307 30.81 4.02 63.73
N PHE J 308 30.07 4.15 62.65
CA PHE J 308 30.00 3.05 61.71
C PHE J 308 29.74 3.55 60.31
N ASP J 309 30.58 3.07 59.40
CA ASP J 309 30.43 3.35 57.99
C ASP J 309 29.74 2.18 57.34
N LEU J 310 28.99 2.49 56.30
CA LEU J 310 28.27 1.46 55.59
C LEU J 310 28.03 1.98 54.18
N LYS J 311 27.42 1.13 53.37
CA LYS J 311 27.11 1.45 52.00
C LYS J 311 25.61 1.29 51.78
N PHE J 312 25.05 2.21 51.02
CA PHE J 312 23.63 2.25 50.78
C PHE J 312 23.33 1.46 49.51
N TYR J 313 22.30 0.65 49.57
CA TYR J 313 21.96 -0.26 48.50
C TYR J 313 20.50 -0.06 48.13
N TYR J 314 20.20 -0.29 46.86
CA TYR J 314 18.96 0.19 46.28
C TYR J 314 18.36 -0.84 45.35
N LYS J 315 17.04 -0.74 45.22
CA LYS J 315 16.26 -1.68 44.45
C LYS J 315 15.21 -0.94 43.65
N THR K 2 27.17 -18.41 61.57
CA THR K 2 26.03 -19.31 61.53
C THR K 2 26.40 -20.63 62.22
N ILE K 3 27.44 -21.28 61.72
CA ILE K 3 27.88 -22.59 62.20
C ILE K 3 29.26 -22.39 62.78
N THR K 4 29.38 -22.51 64.10
CA THR K 4 30.65 -22.25 64.78
C THR K 4 31.44 -23.56 64.81
N ILE K 5 32.57 -23.58 64.13
CA ILE K 5 33.44 -24.74 64.09
C ILE K 5 34.79 -24.34 64.67
N LYS K 6 35.39 -25.25 65.42
CA LYS K 6 36.62 -25.02 66.15
C LYS K 6 37.52 -26.23 65.98
N PRO K 7 38.83 -26.06 65.99
CA PRO K 7 39.70 -27.23 66.00
C PRO K 7 39.49 -28.01 67.28
N PRO K 8 40.09 -29.19 67.39
CA PRO K 8 40.03 -29.92 68.66
C PRO K 8 40.78 -29.25 69.80
N LYS K 9 41.47 -28.12 69.55
CA LYS K 9 42.18 -27.36 70.57
C LYS K 9 41.88 -25.88 70.39
N GLY K 10 40.88 -25.38 71.12
CA GLY K 10 40.80 -23.95 71.38
C GLY K 10 39.64 -23.16 70.77
N ASN K 11 39.96 -22.29 69.83
CA ASN K 11 39.09 -21.18 69.46
C ASN K 11 38.13 -21.55 68.34
N GLY K 12 37.06 -20.76 68.24
CA GLY K 12 36.01 -20.99 67.28
C GLY K 12 36.09 -20.06 66.08
N ALA K 13 35.31 -20.40 65.07
CA ALA K 13 35.21 -19.61 63.87
C ALA K 13 33.87 -19.93 63.20
N PRO K 14 33.03 -18.95 62.88
CA PRO K 14 31.75 -19.25 62.23
C PRO K 14 31.86 -19.30 60.72
N VAL K 15 30.94 -20.05 60.12
CA VAL K 15 30.78 -20.05 58.66
C VAL K 15 29.30 -20.14 58.34
N PRO K 16 28.87 -19.49 57.23
CA PRO K 16 27.52 -19.72 56.74
C PRO K 16 27.50 -20.85 55.72
N VAL K 17 26.59 -21.80 55.89
CA VAL K 17 26.49 -22.90 54.97
C VAL K 17 25.17 -23.63 55.19
N GLU K 18 24.59 -24.14 54.11
CA GLU K 18 23.37 -24.90 54.22
C GLU K 18 23.66 -26.26 54.84
N THR K 19 22.88 -26.62 55.86
CA THR K 19 23.06 -27.83 56.62
C THR K 19 21.92 -28.81 56.34
N THR K 20 22.21 -30.09 56.51
CA THR K 20 21.23 -31.16 56.40
C THR K 20 21.48 -32.08 57.60
N LEU K 21 20.63 -31.97 58.61
CA LEU K 21 20.72 -32.79 59.79
C LEU K 21 19.72 -33.93 59.70
N VAL K 22 20.03 -35.02 60.40
CA VAL K 22 19.16 -36.19 60.48
C VAL K 22 19.29 -36.75 61.89
N LYS K 23 18.15 -37.03 62.50
CA LYS K 23 18.08 -37.53 63.86
C LYS K 23 17.09 -38.67 63.93
N LYS K 24 17.52 -39.77 64.52
CA LYS K 24 16.67 -40.90 64.83
C LYS K 24 16.57 -41.02 66.34
N VAL K 25 15.74 -41.95 66.79
CA VAL K 25 15.48 -42.07 68.23
C VAL K 25 16.73 -42.56 68.93
N ASN K 26 17.15 -43.78 68.63
CA ASN K 26 18.30 -44.41 69.23
C ASN K 26 19.49 -44.43 68.30
N ALA K 27 19.25 -44.54 67.00
CA ALA K 27 20.36 -44.59 66.06
C ALA K 27 21.13 -43.27 66.06
N ASP K 28 22.38 -43.38 65.64
CA ASP K 28 23.25 -42.22 65.49
C ASP K 28 22.61 -41.15 64.63
N GLY K 29 22.64 -39.91 65.13
CA GLY K 29 22.36 -38.78 64.29
C GLY K 29 23.55 -38.44 63.42
N VAL K 30 23.28 -37.70 62.34
CA VAL K 30 24.32 -37.34 61.40
C VAL K 30 23.91 -36.06 60.71
N LEU K 31 24.89 -35.25 60.34
CA LEU K 31 24.63 -34.11 59.47
C LEU K 31 25.62 -34.07 58.32
N THR K 32 25.30 -33.19 57.40
CA THR K 32 26.03 -33.04 56.16
C THR K 32 25.94 -31.59 55.73
N PHE K 33 26.99 -31.09 55.10
CA PHE K 33 26.88 -29.76 54.52
C PHE K 33 27.99 -29.52 53.50
N ASP K 34 27.86 -28.40 52.79
CA ASP K 34 28.67 -28.08 51.62
C ASP K 34 29.15 -26.63 51.69
N ILE K 35 30.31 -26.43 52.33
CA ILE K 35 30.94 -25.12 52.28
C ILE K 35 31.52 -24.89 50.88
N LEU K 36 31.73 -23.63 50.54
CA LEU K 36 32.40 -23.26 49.30
C LEU K 36 33.41 -22.16 49.58
N GLU K 37 34.45 -22.12 48.74
CA GLU K 37 35.44 -21.08 48.85
C GLU K 37 34.79 -19.72 48.62
N ASN K 38 35.34 -18.71 49.27
CA ASN K 38 34.85 -17.35 49.15
C ASN K 38 35.95 -16.41 49.60
N LYS K 39 35.71 -15.11 49.43
CA LYS K 39 36.55 -14.14 50.08
C LYS K 39 36.52 -14.33 51.58
N TYR K 40 35.33 -14.61 52.10
CA TYR K 40 35.18 -15.11 53.45
C TYR K 40 35.49 -16.59 53.46
N THR K 41 35.57 -17.18 54.65
CA THR K 41 35.68 -18.62 54.82
C THR K 41 37.03 -19.18 54.37
N TYR K 42 37.89 -18.36 53.74
CA TYR K 42 39.12 -18.85 53.14
C TYR K 42 40.06 -19.39 54.20
N GLU K 43 40.25 -18.63 55.28
CA GLU K 43 41.14 -19.05 56.35
C GLU K 43 40.73 -20.38 56.95
N VAL K 44 39.44 -20.66 56.95
CA VAL K 44 38.93 -21.91 57.48
C VAL K 44 39.09 -23.03 56.45
N ILE K 45 38.45 -22.87 55.30
CA ILE K 45 38.26 -23.96 54.34
C ILE K 45 39.60 -24.53 53.90
N ASN K 46 40.60 -23.69 53.75
CA ASN K 46 41.94 -24.16 53.41
C ASN K 46 42.67 -24.73 54.61
N ALA K 47 42.05 -24.76 55.79
CA ALA K 47 42.72 -25.17 57.01
C ALA K 47 41.86 -26.06 57.89
N ILE K 48 40.88 -26.77 57.33
CA ILE K 48 40.14 -27.76 58.09
C ILE K 48 40.86 -29.10 57.99
N GLY K 49 41.11 -29.71 59.12
CA GLY K 49 41.46 -31.10 59.20
C GLY K 49 40.31 -31.81 59.86
N LYS K 50 40.16 -33.10 59.58
CA LYS K 50 39.06 -33.86 60.12
C LYS K 50 39.07 -33.86 61.65
N ARG K 51 37.97 -34.32 62.22
CA ARG K 51 37.65 -34.15 63.63
C ARG K 51 37.71 -32.69 64.04
N TRP K 52 37.34 -31.80 63.12
CA TRP K 52 36.99 -30.45 63.48
C TRP K 52 35.63 -30.49 64.16
N ILE K 53 35.47 -29.65 65.16
CA ILE K 53 34.35 -29.74 66.09
C ILE K 53 33.35 -28.66 65.71
N VAL K 54 32.19 -29.08 65.25
CA VAL K 54 31.13 -28.21 64.76
C VAL K 54 30.08 -28.06 65.85
N SER K 55 29.45 -26.90 65.89
CA SER K 55 28.47 -26.63 66.94
C SER K 55 27.72 -25.34 66.61
N HIS K 56 26.81 -24.99 67.52
CA HIS K 56 25.95 -23.82 67.39
C HIS K 56 25.08 -23.92 66.14
N VAL K 57 24.64 -25.14 65.84
CA VAL K 57 23.55 -25.35 64.90
C VAL K 57 22.27 -24.86 65.56
N GLU K 58 21.33 -24.42 64.74
CA GLU K 58 20.07 -23.84 65.21
C GLU K 58 20.29 -22.54 65.96
N GLY K 59 21.41 -21.86 65.69
CA GLY K 59 21.63 -20.52 66.20
C GLY K 59 22.32 -20.48 67.54
N GLU K 60 21.90 -19.53 68.37
CA GLU K 60 22.41 -19.40 69.73
C GLU K 60 21.62 -20.28 70.69
N ASN K 61 21.51 -21.55 70.32
CA ASN K 61 20.77 -22.58 71.05
C ASN K 61 21.05 -23.88 70.31
N ASP K 62 20.69 -24.98 70.94
CA ASP K 62 21.01 -26.31 70.43
C ASP K 62 22.52 -26.42 70.21
N LYS K 63 23.25 -26.26 71.31
CA LYS K 63 24.71 -26.33 71.26
C LYS K 63 25.18 -27.78 71.32
N LYS K 64 24.65 -28.56 70.38
CA LYS K 64 24.96 -29.98 70.28
C LYS K 64 26.17 -30.11 69.38
N GLU K 65 27.29 -30.41 69.99
CA GLU K 65 28.59 -30.35 69.36
C GLU K 65 28.84 -31.65 68.63
N TYR K 66 29.06 -31.57 67.32
CA TYR K 66 29.34 -32.74 66.48
C TYR K 66 30.78 -32.64 65.95
N VAL K 67 31.19 -33.69 65.26
CA VAL K 67 32.56 -33.85 64.77
C VAL K 67 32.52 -34.36 63.35
N ILE K 68 33.42 -33.86 62.54
CA ILE K 68 33.49 -34.25 61.14
C ILE K 68 34.43 -35.43 61.00
N THR K 69 34.09 -36.33 60.09
CA THR K 69 34.86 -37.55 59.87
C THR K 69 35.15 -37.76 58.38
N VAL K 70 34.25 -37.31 57.52
CA VAL K 70 34.41 -37.36 56.07
C VAL K 70 34.72 -35.95 55.59
N ILE K 71 35.58 -35.86 54.58
CA ILE K 71 35.93 -34.58 53.98
C ILE K 71 36.12 -34.78 52.49
N ASP K 72 35.21 -34.24 51.70
CA ASP K 72 35.34 -34.13 50.26
C ASP K 72 35.82 -32.72 49.93
N ARG K 73 36.57 -32.59 48.84
CA ARG K 73 37.02 -31.29 48.36
C ARG K 73 36.96 -31.32 46.84
N LYS K 74 36.03 -30.58 46.27
CA LYS K 74 35.85 -30.50 44.82
C LYS K 74 36.31 -29.14 44.33
N SER K 75 36.59 -29.06 43.03
CA SER K 75 37.00 -27.83 42.38
C SER K 75 35.90 -27.37 41.44
N GLU K 76 35.32 -26.20 41.73
CA GLU K 76 34.27 -25.60 40.93
C GLU K 76 34.74 -24.23 40.48
N GLY K 77 34.85 -24.05 39.17
CA GLY K 77 35.37 -22.81 38.61
C GLY K 77 36.73 -22.46 39.17
N ASP K 78 36.90 -21.18 39.51
CA ASP K 78 38.09 -20.70 40.21
C ASP K 78 37.93 -20.77 41.72
N ARG K 79 37.12 -21.70 42.21
CA ARG K 79 36.83 -21.85 43.62
C ARG K 79 36.73 -23.33 43.92
N GLN K 80 36.48 -23.67 45.18
CA GLN K 80 36.42 -25.06 45.59
C GLN K 80 35.36 -25.28 46.64
N LEU K 81 34.67 -26.41 46.52
CA LEU K 81 33.67 -26.86 47.46
C LEU K 81 34.27 -27.82 48.46
N VAL K 82 33.60 -27.92 49.61
CA VAL K 82 33.90 -28.88 50.65
C VAL K 82 32.55 -29.46 51.07
N GLU K 83 32.19 -30.59 50.50
CA GLU K 83 31.16 -31.42 51.12
C GLU K 83 31.76 -32.12 52.32
N CYS K 84 30.92 -32.38 53.32
CA CYS K 84 31.43 -33.02 54.52
C CYS K 84 30.28 -33.56 55.34
N THR K 85 30.63 -34.48 56.23
CA THR K 85 29.72 -35.24 57.06
C THR K 85 30.15 -35.06 58.51
N ALA K 86 29.24 -35.35 59.44
CA ALA K 86 29.61 -35.25 60.85
C ALA K 86 28.63 -36.02 61.72
N ARG K 87 29.11 -36.35 62.93
CA ARG K 87 28.43 -37.25 63.85
C ARG K 87 28.49 -36.67 65.26
N GLU K 88 27.59 -37.16 66.11
CA GLU K 88 27.50 -36.67 67.48
C GLU K 88 28.74 -37.01 68.29
N ILE K 89 29.06 -36.14 69.24
CA ILE K 89 30.08 -36.47 70.22
C ILE K 89 29.48 -37.44 71.23
N PRO K 90 28.18 -37.34 71.69
CA PRO K 90 27.69 -38.39 72.60
C PRO K 90 27.58 -39.78 71.98
N ILE K 91 27.91 -39.91 70.69
CA ILE K 91 28.04 -41.20 70.03
C ILE K 91 29.48 -41.45 69.58
N ASP K 92 30.14 -40.44 69.02
CA ASP K 92 31.50 -40.64 68.58
C ASP K 92 32.41 -40.89 69.78
N LYS K 93 32.24 -40.09 70.82
CA LYS K 93 32.98 -40.26 72.07
C LYS K 93 32.82 -41.67 72.64
N LEU K 94 31.73 -42.35 72.27
CA LEU K 94 31.58 -43.76 72.57
C LEU K 94 32.35 -44.63 71.59
N MET K 95 32.32 -44.26 70.31
CA MET K 95 33.13 -44.98 69.33
C MET K 95 34.62 -44.78 69.54
N ILE K 96 35.01 -43.81 70.37
CA ILE K 96 36.40 -43.65 70.75
C ILE K 96 36.90 -44.93 71.39
N ASP K 97 36.33 -45.27 72.53
CA ASP K 97 36.93 -46.20 73.45
C ASP K 97 36.32 -47.58 73.34
N ARG K 98 37.15 -48.57 73.61
CA ARG K 98 36.78 -49.97 73.62
C ARG K 98 36.85 -50.50 75.05
N ILE K 99 36.50 -51.77 75.19
CA ILE K 99 36.69 -52.49 76.42
C ILE K 99 37.32 -53.83 76.07
N TYR K 100 38.37 -54.17 76.80
CA TYR K 100 39.12 -55.40 76.57
C TYR K 100 38.79 -56.49 77.57
N VAL K 101 38.46 -56.11 78.81
CA VAL K 101 37.99 -57.10 79.76
C VAL K 101 36.68 -57.68 79.24
N ASN K 102 36.65 -59.00 79.07
CA ASN K 102 35.50 -59.64 78.47
C ASN K 102 34.39 -59.73 79.51
N VAL K 103 33.38 -58.86 79.38
CA VAL K 103 32.21 -58.97 80.21
C VAL K 103 31.55 -60.32 79.94
N THR K 104 31.16 -60.99 81.02
CA THR K 104 30.63 -62.34 80.91
C THR K 104 29.84 -62.64 82.17
N GLY K 105 28.75 -63.37 82.01
CA GLY K 105 27.94 -63.79 83.13
C GLY K 105 26.74 -62.90 83.34
N SER K 106 26.11 -63.09 84.49
CA SER K 106 24.98 -62.26 84.87
C SER K 106 25.43 -60.82 85.04
N PHE K 107 24.49 -59.90 84.83
CA PHE K 107 24.83 -58.49 84.86
C PHE K 107 23.58 -57.69 85.12
N THR K 108 23.54 -56.95 86.22
CA THR K 108 22.50 -55.98 86.41
C THR K 108 22.78 -54.74 85.57
N VAL K 109 21.71 -54.03 85.24
CA VAL K 109 21.78 -53.03 84.18
C VAL K 109 22.68 -51.87 84.59
N GLU K 110 22.58 -51.42 85.84
CA GLU K 110 23.36 -50.27 86.27
C GLU K 110 24.84 -50.59 86.25
N ARG K 111 25.20 -51.78 86.70
CA ARG K 111 26.58 -52.22 86.66
C ARG K 111 27.11 -52.21 85.24
N TYR K 112 26.32 -52.76 84.32
CA TYR K 112 26.77 -52.89 82.94
C TYR K 112 26.96 -51.53 82.29
N PHE K 113 25.95 -50.68 82.37
CA PHE K 113 26.03 -49.35 81.79
C PHE K 113 26.79 -48.37 82.67
N ASN K 114 27.44 -48.84 83.74
CA ASN K 114 28.43 -48.04 84.45
C ASN K 114 29.85 -48.46 84.12
N ILE K 115 30.09 -49.75 83.87
CA ILE K 115 31.43 -50.16 83.49
C ILE K 115 31.78 -49.64 82.11
N VAL K 116 30.77 -49.47 81.26
CA VAL K 116 31.02 -48.97 79.91
C VAL K 116 31.17 -47.45 79.88
N PHE K 117 30.65 -46.75 80.88
CA PHE K 117 30.87 -45.30 81.03
C PHE K 117 32.02 -45.06 82.01
N GLN K 118 33.16 -45.65 81.69
CA GLN K 118 34.37 -45.54 82.52
C GLN K 118 35.39 -44.72 81.75
N GLY K 119 35.59 -43.48 82.19
CA GLY K 119 36.50 -42.58 81.54
C GLY K 119 35.87 -41.70 80.48
N THR K 120 34.67 -42.02 80.03
CA THR K 120 34.00 -41.20 79.03
C THR K 120 33.46 -39.92 79.63
N GLY K 121 33.08 -39.95 80.90
CA GLY K 121 32.54 -38.81 81.58
C GLY K 121 31.05 -38.65 81.45
N MET K 122 30.44 -39.22 80.42
CA MET K 122 29.01 -39.12 80.26
C MET K 122 28.30 -39.93 81.35
N LEU K 123 27.00 -39.73 81.43
CA LEU K 123 26.17 -40.29 82.49
C LEU K 123 24.98 -41.00 81.90
N PHE K 124 24.57 -42.07 82.58
CA PHE K 124 23.40 -42.85 82.21
C PHE K 124 22.44 -42.92 83.39
N GLU K 125 21.15 -43.10 83.07
CA GLU K 125 20.21 -43.43 84.12
C GLU K 125 18.99 -44.11 83.50
N VAL K 126 18.47 -45.06 84.23
CA VAL K 126 17.24 -45.75 83.90
C VAL K 126 16.12 -45.12 84.69
N GLU K 127 14.93 -45.08 84.10
CA GLU K 127 13.77 -44.47 84.73
C GLU K 127 12.95 -45.50 85.49
N GLY K 128 12.43 -46.49 84.78
CA GLY K 128 11.66 -47.54 85.40
C GLY K 128 12.52 -48.68 85.85
N LYS K 129 11.96 -49.53 86.71
CA LYS K 129 12.63 -50.75 87.09
C LYS K 129 12.74 -51.67 85.88
N VAL K 130 13.92 -52.25 85.71
CA VAL K 130 14.20 -53.13 84.57
C VAL K 130 14.90 -54.37 85.11
N LYS K 131 14.59 -55.52 84.52
CA LYS K 131 15.18 -56.78 84.94
C LYS K 131 16.64 -56.83 84.53
N SER K 132 17.26 -57.98 84.81
CA SER K 132 18.65 -58.24 84.47
C SER K 132 18.77 -59.59 83.79
N SER K 133 19.80 -59.72 82.97
CA SER K 133 20.08 -60.94 82.25
C SER K 133 21.59 -61.17 82.28
N LYS K 134 22.05 -62.10 81.45
CA LYS K 134 23.44 -62.51 81.41
C LYS K 134 23.98 -62.38 79.99
N PHE K 135 25.17 -61.81 79.88
CA PHE K 135 25.83 -61.60 78.59
C PHE K 135 26.92 -62.66 78.43
N GLU K 136 26.89 -63.34 77.29
CA GLU K 136 27.69 -64.55 77.11
C GLU K 136 29.17 -64.23 76.92
N ASN K 137 29.50 -63.38 75.95
CA ASN K 137 30.88 -63.00 75.70
C ASN K 137 30.98 -61.49 75.55
N GLY K 138 31.92 -60.91 76.27
CA GLY K 138 32.19 -59.51 76.11
C GLY K 138 32.91 -59.23 74.81
N GLY K 139 32.77 -57.98 74.37
CA GLY K 139 33.44 -57.52 73.18
C GLY K 139 34.82 -56.97 73.49
N GLU K 140 35.77 -57.85 73.76
CA GLU K 140 37.12 -57.41 74.11
C GLU K 140 37.72 -56.53 73.04
N GLY K 141 37.40 -56.78 71.77
CA GLY K 141 37.96 -56.01 70.68
C GLY K 141 36.94 -55.08 70.08
N ASP K 142 35.99 -54.62 70.90
CA ASP K 142 34.82 -53.91 70.40
C ASP K 142 34.66 -52.55 71.08
N THR K 143 33.86 -51.71 70.42
CA THR K 143 33.56 -50.39 70.91
C THR K 143 32.74 -50.47 72.18
N ARG K 144 32.69 -49.35 72.89
CA ARG K 144 31.66 -49.17 73.89
C ARG K 144 30.29 -49.02 73.24
N LEU K 145 30.26 -48.58 71.99
CA LEU K 145 28.99 -48.28 71.34
C LEU K 145 28.20 -49.55 71.06
N GLU K 146 28.84 -50.56 70.49
CA GLU K 146 28.08 -51.73 70.10
C GLU K 146 27.72 -52.59 71.30
N MET K 147 28.52 -52.53 72.36
CA MET K 147 28.10 -53.13 73.60
C MET K 147 26.94 -52.37 74.21
N PHE K 148 26.91 -51.05 74.00
CA PHE K 148 25.74 -50.28 74.36
C PHE K 148 24.54 -50.74 73.55
N LYS K 149 24.77 -51.09 72.28
CA LYS K 149 23.70 -51.60 71.43
C LYS K 149 23.14 -52.89 71.99
N LYS K 150 24.03 -53.81 72.33
CA LYS K 150 23.62 -55.09 72.88
C LYS K 150 22.88 -54.91 74.19
N GLY K 151 23.39 -54.00 75.04
CA GLY K 151 22.73 -53.74 76.30
C GLY K 151 21.32 -53.20 76.11
N LEU K 152 21.16 -52.27 75.17
CA LEU K 152 19.83 -51.79 74.86
C LEU K 152 18.96 -52.90 74.33
N GLU K 153 19.54 -53.82 73.57
CA GLU K 153 18.77 -54.92 73.01
C GLU K 153 18.28 -55.87 74.09
N HIS K 154 19.04 -56.00 75.16
CA HIS K 154 18.65 -56.89 76.25
C HIS K 154 17.73 -56.22 77.26
N PHE K 155 18.13 -55.05 77.78
CA PHE K 155 17.45 -54.43 78.90
C PHE K 155 16.67 -53.17 78.52
N GLY K 156 17.36 -52.15 78.03
CA GLY K 156 16.75 -50.86 77.76
C GLY K 156 16.44 -50.72 76.29
N LEU K 157 15.20 -51.00 75.93
CA LEU K 157 14.89 -51.18 74.52
C LEU K 157 14.99 -49.89 73.72
N GLU K 158 15.02 -48.73 74.37
CA GLU K 158 15.24 -47.47 73.68
C GLU K 158 16.01 -46.54 74.60
N TYR K 159 16.44 -45.42 74.04
CA TYR K 159 17.07 -44.40 74.86
C TYR K 159 16.85 -43.02 74.26
N LYS K 160 17.40 -42.03 74.95
CA LYS K 160 17.39 -40.66 74.49
C LYS K 160 18.49 -39.92 75.23
N ILE K 161 19.32 -39.24 74.48
CA ILE K 161 20.40 -38.45 75.07
C ILE K 161 19.92 -37.02 75.26
N THR K 162 20.61 -36.29 76.12
CA THR K 162 20.36 -34.87 76.26
C THR K 162 21.61 -34.18 76.75
N TYR K 163 21.92 -33.04 76.14
CA TYR K 163 22.93 -32.13 76.68
C TYR K 163 22.30 -31.43 77.87
N ASP K 164 22.57 -31.95 79.06
CA ASP K 164 22.15 -31.27 80.26
C ASP K 164 22.81 -29.88 80.32
N LYS K 165 22.30 -29.06 81.23
CA LYS K 165 22.83 -27.71 81.43
C LYS K 165 24.33 -27.69 81.61
N LYS K 166 24.86 -28.74 82.22
CA LYS K 166 26.25 -28.76 82.65
C LYS K 166 27.17 -28.99 81.47
N LYS K 167 28.41 -28.58 81.64
CA LYS K 167 29.40 -28.67 80.58
C LYS K 167 30.04 -30.06 80.60
N ASP K 168 30.22 -30.62 79.40
CA ASP K 168 30.78 -31.96 79.23
C ASP K 168 29.94 -32.99 79.98
N ARG K 169 28.63 -32.94 79.73
CA ARG K 169 27.74 -33.95 80.29
C ARG K 169 26.63 -34.24 79.30
N TYR K 170 26.22 -35.50 79.26
CA TYR K 170 25.24 -35.97 78.30
C TYR K 170 24.46 -37.09 78.96
N LYS K 171 23.28 -36.75 79.48
CA LYS K 171 22.49 -37.73 80.19
C LYS K 171 21.81 -38.67 79.21
N PHE K 172 22.02 -39.96 79.41
CA PHE K 172 21.37 -41.01 78.63
C PHE K 172 20.19 -41.51 79.43
N VAL K 173 19.01 -40.97 79.14
CA VAL K 173 17.77 -41.49 79.70
C VAL K 173 17.49 -42.77 78.93
N LEU K 174 17.77 -43.91 79.55
CA LEU K 174 17.36 -45.19 78.96
C LEU K 174 15.94 -45.49 79.36
N THR K 175 15.16 -45.98 78.39
CA THR K 175 13.75 -46.21 78.63
C THR K 175 13.24 -47.16 77.57
N PRO K 176 12.25 -48.00 77.86
CA PRO K 176 11.55 -48.70 76.78
C PRO K 176 10.56 -47.76 76.12
N PHE K 177 10.63 -47.66 74.80
CA PHE K 177 9.66 -46.90 74.03
C PHE K 177 9.72 -45.41 74.39
N ALA K 178 10.88 -44.83 74.13
CA ALA K 178 11.14 -43.44 74.53
C ALA K 178 10.16 -42.49 73.86
N ASN K 179 9.53 -41.65 74.66
CA ASN K 179 8.52 -40.74 74.16
C ASN K 179 8.38 -39.54 75.08
N GLN K 180 7.98 -38.43 74.48
CA GLN K 180 7.47 -37.29 75.23
C GLN K 180 6.27 -36.73 74.46
N LYS K 181 5.31 -36.22 75.20
CA LYS K 181 4.17 -35.57 74.57
C LYS K 181 4.63 -34.33 73.82
N ALA K 182 3.92 -34.04 72.73
CA ALA K 182 4.18 -32.84 71.95
C ALA K 182 2.86 -32.13 71.70
N SER K 183 2.86 -30.81 71.93
CA SER K 183 1.61 -30.05 71.78
C SER K 183 1.18 -29.97 70.33
N TYR K 184 2.14 -29.92 69.41
CA TYR K 184 1.80 -29.75 68.01
C TYR K 184 1.14 -31.02 67.48
N PHE K 185 0.84 -30.98 66.19
CA PHE K 185 0.11 -32.05 65.54
C PHE K 185 0.28 -31.87 64.04
N ILE K 186 -0.48 -32.65 63.28
CA ILE K 186 -0.39 -32.70 61.83
C ILE K 186 -1.80 -32.89 61.29
N SER K 187 -1.97 -32.61 60.00
CA SER K 187 -3.04 -33.21 59.22
C SER K 187 -2.69 -33.03 57.75
N ASP K 188 -3.37 -33.81 56.90
CA ASP K 188 -3.19 -33.72 55.46
C ASP K 188 -3.36 -32.30 54.96
N GLU K 189 -4.29 -31.56 55.55
CA GLU K 189 -4.60 -30.24 55.05
C GLU K 189 -3.54 -29.22 55.47
N VAL K 190 -2.97 -29.36 56.67
CA VAL K 190 -2.31 -28.26 57.35
C VAL K 190 -0.80 -28.40 57.33
N ASN K 191 -0.28 -29.62 57.48
CA ASN K 191 1.16 -29.81 57.56
C ASN K 191 1.70 -31.03 56.83
N ALA K 192 0.85 -31.85 56.24
CA ALA K 192 1.27 -33.13 55.65
C ALA K 192 1.00 -33.10 54.16
N ASN K 193 2.03 -32.77 53.39
CA ASN K 193 1.89 -32.69 51.94
C ASN K 193 1.60 -34.07 51.36
N ALA K 194 2.54 -34.99 51.51
CA ALA K 194 2.49 -36.29 50.85
C ALA K 194 2.58 -37.37 51.91
N ILE K 195 1.47 -38.05 52.15
CA ILE K 195 1.40 -39.13 53.14
C ILE K 195 1.53 -40.43 52.38
N LYS K 196 2.69 -41.06 52.52
CA LYS K 196 2.90 -42.43 52.08
C LYS K 196 2.71 -43.30 53.30
N LEU K 197 1.56 -43.95 53.38
CA LEU K 197 1.34 -45.01 54.35
C LEU K 197 1.71 -46.33 53.71
N GLU K 198 2.66 -47.04 54.31
CA GLU K 198 3.10 -48.34 53.86
C GLU K 198 2.84 -49.33 54.97
N GLU K 199 2.16 -50.42 54.63
CA GLU K 199 1.88 -51.50 55.58
C GLU K 199 2.55 -52.75 55.07
N ASP K 200 3.74 -53.03 55.59
CA ASP K 200 4.51 -54.19 55.17
C ASP K 200 4.23 -55.34 56.11
N ALA K 201 3.87 -56.48 55.54
CA ALA K 201 3.68 -57.71 56.31
C ALA K 201 4.06 -58.87 55.40
N SER K 202 5.34 -59.25 55.45
CA SER K 202 5.84 -60.44 54.79
C SER K 202 6.51 -61.40 55.76
N ASP K 203 6.66 -61.03 57.03
CA ASP K 203 7.35 -61.82 58.03
C ASP K 203 6.53 -61.81 59.31
N PHE K 204 5.22 -61.92 59.18
CA PHE K 204 4.29 -61.58 60.24
C PHE K 204 3.66 -62.83 60.82
N ALA K 205 2.81 -62.60 61.84
CA ALA K 205 2.52 -63.64 62.80
C ALA K 205 1.16 -63.42 63.44
N THR K 206 0.51 -64.53 63.79
CA THR K 206 -0.69 -64.54 64.60
C THR K 206 -0.49 -65.29 65.89
N PHE K 207 -0.05 -66.55 65.81
CA PHE K 207 0.46 -67.28 66.95
C PHE K 207 1.92 -67.62 66.72
N ILE K 208 2.54 -68.15 67.75
CA ILE K 208 3.99 -68.28 67.79
C ILE K 208 4.36 -69.18 68.94
N ARG K 209 5.45 -69.94 68.79
CA ARG K 209 5.96 -70.84 69.81
C ARG K 209 7.22 -70.27 70.42
N GLY K 210 7.53 -70.72 71.64
CA GLY K 210 8.74 -70.27 72.31
C GLY K 210 9.37 -71.22 73.31
N TYR K 211 10.68 -71.41 73.19
CA TYR K 211 11.46 -72.31 74.05
C TYR K 211 12.69 -71.60 74.57
N GLY K 212 12.80 -71.46 75.89
CA GLY K 212 13.84 -70.62 76.46
C GLY K 212 14.47 -70.94 77.81
N ASN K 213 14.37 -72.15 78.33
CA ASN K 213 15.05 -72.51 79.59
C ASN K 213 15.84 -73.81 79.50
N TYR K 214 15.72 -74.56 78.42
CA TYR K 214 16.59 -75.71 78.21
C TYR K 214 18.05 -75.29 78.27
N SER K 215 18.88 -76.20 78.75
CA SER K 215 20.28 -75.87 78.98
C SER K 215 21.02 -75.69 77.66
N GLY K 216 22.25 -75.20 77.76
CA GLY K 216 23.02 -74.85 76.59
C GLY K 216 23.37 -76.03 75.69
N GLU K 217 23.27 -77.26 76.20
CA GLU K 217 23.79 -78.43 75.52
C GLU K 217 22.69 -79.34 74.97
N GLU K 218 21.45 -78.87 74.93
CA GLU K 218 20.30 -79.69 74.56
C GLU K 218 19.77 -79.34 73.18
N THR K 219 19.37 -78.09 73.01
CA THR K 219 19.04 -77.46 71.73
C THR K 219 17.70 -77.86 71.12
N PHE K 220 17.13 -79.01 71.48
CA PHE K 220 15.74 -79.20 71.08
C PHE K 220 14.89 -80.10 71.98
N GLU K 221 15.48 -80.88 72.87
CA GLU K 221 14.63 -81.70 73.73
C GLU K 221 13.88 -80.69 74.58
N HIS K 222 12.66 -80.39 74.15
CA HIS K 222 12.04 -79.10 74.46
C HIS K 222 11.53 -79.10 75.89
N ALA K 223 12.48 -79.12 76.81
CA ALA K 223 12.20 -78.66 78.15
C ALA K 223 12.31 -77.14 78.15
N GLY K 224 11.82 -76.55 79.21
CA GLY K 224 11.99 -75.13 79.35
C GLY K 224 10.84 -74.29 78.83
N LEU K 225 9.67 -74.54 79.39
CA LEU K 225 8.52 -73.67 79.21
C LEU K 225 8.05 -73.68 77.77
N VAL K 226 7.72 -74.86 77.26
CA VAL K 226 7.07 -74.95 75.97
C VAL K 226 5.75 -74.23 76.04
N MET K 227 5.52 -73.33 75.09
CA MET K 227 4.24 -72.66 75.01
C MET K 227 4.12 -72.01 73.67
N GLU K 228 2.88 -71.77 73.28
CA GLU K 228 2.57 -70.95 72.11
C GLU K 228 1.50 -69.94 72.49
N ALA K 229 1.75 -68.69 72.12
CA ALA K 229 0.84 -67.60 72.36
C ALA K 229 0.32 -67.07 71.04
N ARG K 230 -0.61 -66.14 71.12
CA ARG K 230 -1.17 -65.50 69.94
C ARG K 230 -1.79 -64.17 70.33
N SER K 231 -1.93 -63.31 69.34
CA SER K 231 -2.50 -61.99 69.55
C SER K 231 -4.01 -62.03 69.33
N ALA K 232 -4.64 -60.87 69.46
CA ALA K 232 -6.10 -60.79 69.38
C ALA K 232 -6.59 -60.88 67.94
N LEU K 233 -5.84 -60.32 67.00
CA LEU K 233 -6.21 -60.34 65.59
C LEU K 233 -6.10 -61.72 64.96
N ALA K 234 -5.51 -62.69 65.67
CA ALA K 234 -5.27 -64.00 65.11
C ALA K 234 -6.57 -64.64 64.63
N GLU K 235 -7.63 -64.50 65.43
CA GLU K 235 -8.81 -65.33 65.30
C GLU K 235 -9.52 -65.15 63.98
N ILE K 236 -9.24 -64.07 63.26
CA ILE K 236 -9.88 -63.79 61.97
C ILE K 236 -8.90 -64.11 60.85
N TYR K 237 -7.60 -63.88 61.08
CA TYR K 237 -6.61 -64.25 60.08
C TYR K 237 -6.31 -65.74 60.14
N GLY K 238 -6.05 -66.24 61.34
CA GLY K 238 -5.95 -67.66 61.58
C GLY K 238 -4.55 -68.16 61.87
N ASP K 239 -4.32 -69.41 61.49
CA ASP K 239 -3.08 -70.13 61.76
C ASP K 239 -1.98 -69.59 60.87
N ILE K 240 -1.09 -68.78 61.44
CA ILE K 240 0.25 -68.57 60.91
C ILE K 240 1.21 -68.56 62.09
N HIS K 241 2.50 -68.63 61.79
CA HIS K 241 3.44 -68.39 62.87
C HIS K 241 4.82 -68.10 62.33
N ALA K 242 5.55 -67.31 63.11
CA ALA K 242 6.86 -66.81 62.75
C ALA K 242 7.93 -67.80 63.19
N GLU K 243 9.18 -67.37 63.18
CA GLU K 243 10.26 -68.20 63.66
C GLU K 243 10.13 -68.31 65.17
N PRO K 244 10.01 -69.51 65.74
CA PRO K 244 9.75 -69.59 67.19
C PRO K 244 10.95 -69.13 67.99
N PHE K 245 10.65 -68.77 69.24
CA PHE K 245 11.68 -68.30 70.17
C PHE K 245 12.49 -69.50 70.61
N LYS K 246 13.34 -69.97 69.70
CA LYS K 246 14.14 -71.16 69.97
C LYS K 246 15.26 -70.86 70.95
N ASP K 247 16.01 -69.80 70.68
CA ASP K 247 17.15 -69.43 71.50
C ASP K 247 16.67 -68.82 72.81
N GLY K 248 17.07 -69.40 73.93
CA GLY K 248 16.72 -68.84 75.21
C GLY K 248 17.23 -69.65 76.39
N LYS K 249 17.77 -68.95 77.39
CA LYS K 249 18.19 -69.52 78.67
C LYS K 249 17.41 -68.89 79.81
N VAL K 250 16.20 -68.43 79.53
CA VAL K 250 15.42 -67.66 80.49
C VAL K 250 14.51 -68.60 81.26
N THR K 251 14.51 -68.47 82.58
CA THR K 251 13.79 -69.40 83.43
C THR K 251 12.29 -69.12 83.42
N ASP K 252 11.90 -67.95 83.90
CA ASP K 252 10.51 -67.70 84.23
C ASP K 252 9.63 -67.69 82.99
N GLN K 253 8.32 -67.68 83.24
CA GLN K 253 7.30 -67.65 82.20
C GLN K 253 6.77 -66.24 81.95
N GLU K 254 6.90 -65.35 82.94
CA GLU K 254 6.52 -63.96 82.75
C GLU K 254 7.26 -63.34 81.57
N THR K 255 8.55 -63.65 81.45
CA THR K 255 9.34 -63.20 80.30
C THR K 255 8.78 -63.81 79.02
N MET K 256 8.57 -65.12 79.02
CA MET K 256 8.30 -65.88 77.81
C MET K 256 7.02 -65.44 77.11
N ASP K 257 6.15 -64.68 77.77
CA ASP K 257 5.00 -64.11 77.10
C ASP K 257 5.29 -62.69 76.60
N LYS K 258 6.02 -61.89 77.38
CA LYS K 258 6.32 -60.53 76.97
C LYS K 258 7.17 -60.53 75.71
N GLU K 259 8.31 -61.23 75.75
CA GLU K 259 9.19 -61.29 74.58
C GLU K 259 8.47 -61.89 73.39
N LEU K 260 7.58 -62.85 73.63
CA LEU K 260 6.89 -63.53 72.55
C LEU K 260 5.90 -62.60 71.86
N GLN K 261 5.06 -61.92 72.64
CA GLN K 261 4.13 -60.97 72.04
C GLN K 261 4.88 -59.81 71.41
N SER K 262 6.08 -59.50 71.90
CA SER K 262 6.88 -58.47 71.25
C SER K 262 7.36 -58.96 69.89
N ARG K 263 7.76 -60.23 69.80
CA ARG K 263 8.10 -60.80 68.50
C ARG K 263 6.91 -60.75 67.57
N LEU K 264 5.70 -60.89 68.10
CA LEU K 264 4.51 -60.81 67.27
C LEU K 264 4.29 -59.40 66.75
N LYS K 265 4.04 -58.47 67.67
CA LYS K 265 3.53 -57.15 67.31
C LYS K 265 4.57 -56.29 66.61
N LYS K 266 5.83 -56.71 66.57
CA LYS K 266 6.84 -55.98 65.85
C LYS K 266 6.78 -56.20 64.35
N SER K 267 5.95 -57.13 63.89
CA SER K 267 6.06 -57.65 62.53
C SER K 267 4.99 -57.17 61.58
N LEU K 268 3.78 -56.90 62.06
CA LEU K 268 2.76 -56.29 61.22
C LEU K 268 3.11 -54.81 61.11
N LYS K 269 4.04 -54.52 60.19
CA LYS K 269 4.76 -53.26 60.19
C LYS K 269 4.02 -52.16 59.45
N GLN K 270 4.11 -50.94 59.98
CA GLN K 270 3.48 -49.76 59.37
C GLN K 270 4.51 -48.63 59.39
N SER K 271 4.97 -48.24 58.21
CA SER K 271 5.90 -47.12 58.04
C SER K 271 5.20 -46.00 57.31
N LEU K 272 5.14 -44.83 57.92
CA LEU K 272 4.49 -43.66 57.35
C LEU K 272 5.58 -42.64 57.06
N SER K 273 6.13 -42.71 55.86
CA SER K 273 7.21 -41.83 55.44
C SER K 273 6.64 -40.58 54.77
N LEU K 274 5.80 -39.88 55.53
CA LEU K 274 5.20 -38.67 55.02
C LEU K 274 6.27 -37.60 54.82
N ASP K 275 5.83 -36.45 54.32
CA ASP K 275 6.65 -35.26 54.21
C ASP K 275 6.03 -34.14 55.00
N PHE K 276 6.89 -33.31 55.57
CA PHE K 276 6.51 -32.20 56.42
C PHE K 276 7.02 -30.94 55.74
N LEU K 277 6.27 -29.87 55.91
CA LEU K 277 6.60 -28.58 55.33
C LEU K 277 6.36 -27.54 56.41
N VAL K 278 7.39 -26.78 56.72
CA VAL K 278 7.35 -25.92 57.89
C VAL K 278 6.63 -24.63 57.54
N LEU K 279 5.73 -24.22 58.42
CA LEU K 279 5.12 -22.90 58.36
C LEU K 279 5.78 -22.02 59.42
N ARG K 280 6.37 -20.92 58.98
CA ARG K 280 7.09 -20.02 59.88
C ARG K 280 6.21 -18.90 60.38
N GLU K 281 5.56 -18.19 59.46
CA GLU K 281 4.68 -17.09 59.86
C GLU K 281 3.51 -17.60 60.70
N SER K 282 3.08 -18.83 60.48
CA SER K 282 2.00 -19.46 61.21
C SER K 282 2.47 -20.82 61.68
N TYR K 283 1.88 -21.30 62.75
CA TYR K 283 2.19 -22.62 63.31
C TYR K 283 3.68 -22.83 63.57
N PRO K 284 4.35 -21.87 64.21
CA PRO K 284 5.80 -22.02 64.42
C PRO K 284 6.14 -23.05 65.47
N GLU K 285 5.21 -23.42 66.34
CA GLU K 285 5.51 -24.27 67.49
C GLU K 285 5.44 -25.73 67.14
N ALA K 286 6.13 -26.12 66.07
CA ALA K 286 6.11 -27.49 65.57
C ALA K 286 7.49 -27.92 65.13
N ASP K 287 8.50 -27.54 65.89
CA ASP K 287 9.84 -28.00 65.59
C ASP K 287 9.88 -29.50 65.82
N PRO K 288 9.93 -30.33 64.78
CA PRO K 288 9.81 -31.77 65.01
C PRO K 288 11.07 -32.31 65.65
N GLN K 289 10.89 -33.17 66.64
CA GLN K 289 11.99 -33.80 67.34
C GLN K 289 11.71 -35.29 67.44
N PRO K 290 12.73 -36.14 67.28
CA PRO K 290 12.45 -37.58 67.25
C PRO K 290 12.13 -38.10 68.63
N GLY K 291 11.35 -39.18 68.64
CA GLY K 291 10.96 -39.79 69.89
C GLY K 291 9.95 -38.97 70.65
N ASP K 292 9.01 -38.37 69.93
CA ASP K 292 7.90 -37.63 70.51
C ASP K 292 6.59 -38.23 70.04
N ILE K 293 5.55 -37.97 70.78
CA ILE K 293 4.20 -38.32 70.37
C ILE K 293 3.69 -37.25 69.42
N VAL K 294 2.80 -37.65 68.52
CA VAL K 294 2.17 -36.71 67.60
C VAL K 294 0.83 -37.29 67.19
N GLN K 295 -0.11 -36.41 66.93
CA GLN K 295 -1.46 -36.78 66.52
C GLN K 295 -1.65 -36.35 65.07
N ILE K 296 -1.50 -37.28 64.15
CA ILE K 296 -1.77 -37.03 62.75
C ILE K 296 -3.24 -37.33 62.49
N LYS K 297 -3.74 -36.81 61.37
CA LYS K 297 -5.10 -37.11 60.94
C LYS K 297 -5.17 -36.76 59.47
N SER K 298 -5.34 -37.76 58.63
CA SER K 298 -5.58 -37.56 57.21
C SER K 298 -7.03 -37.93 56.93
N THR K 299 -7.81 -36.93 56.55
CA THR K 299 -9.11 -37.20 55.98
C THR K 299 -8.95 -38.05 54.72
N LYS K 300 -10.07 -38.62 54.27
CA LYS K 300 -10.14 -39.47 53.06
C LYS K 300 -9.08 -40.56 53.04
N LEU K 301 -8.62 -40.99 54.21
CA LEU K 301 -7.62 -42.03 54.33
C LEU K 301 -8.05 -43.08 55.34
N GLY K 302 -8.86 -42.69 56.32
CA GLY K 302 -9.24 -43.58 57.39
C GLY K 302 -8.18 -43.53 58.47
N LEU K 303 -7.90 -42.34 58.96
CA LEU K 303 -6.77 -42.15 59.86
C LEU K 303 -7.00 -40.97 60.78
N ASN K 304 -7.03 -41.23 62.07
CA ASN K 304 -6.99 -40.19 63.09
C ASN K 304 -6.12 -40.55 64.28
N ASP K 305 -5.46 -41.70 64.27
CA ASP K 305 -4.73 -42.12 65.44
C ASP K 305 -3.48 -41.28 65.63
N LEU K 306 -2.84 -41.49 66.78
CA LEU K 306 -1.60 -40.84 67.14
C LEU K 306 -0.47 -41.86 67.11
N VAL K 307 0.71 -41.36 66.79
CA VAL K 307 1.88 -42.15 66.50
C VAL K 307 3.07 -41.46 67.14
N ARG K 308 4.26 -42.01 66.91
CA ARG K 308 5.50 -41.41 67.38
C ARG K 308 6.46 -41.23 66.23
N ILE K 309 7.26 -40.16 66.30
CA ILE K 309 8.32 -39.97 65.33
C ILE K 309 9.42 -40.96 65.61
N VAL K 310 10.01 -41.46 64.53
CA VAL K 310 11.18 -42.32 64.62
C VAL K 310 12.34 -41.80 63.79
N GLN K 311 12.08 -41.00 62.76
CA GLN K 311 13.14 -40.35 62.00
C GLN K 311 12.73 -38.94 61.65
N VAL K 312 13.70 -38.03 61.66
CA VAL K 312 13.49 -36.66 61.24
C VAL K 312 14.72 -36.19 60.49
N LYS K 313 14.50 -35.28 59.55
CA LYS K 313 15.49 -34.88 58.57
C LYS K 313 15.27 -33.38 58.32
N THR K 314 16.12 -32.57 58.91
CA THR K 314 16.05 -31.13 58.87
C THR K 314 17.04 -30.61 57.83
N ILE K 315 16.72 -29.45 57.27
CA ILE K 315 17.70 -28.66 56.54
C ILE K 315 17.59 -27.23 57.00
N ARG K 316 18.72 -26.51 56.91
CA ARG K 316 18.78 -25.15 57.42
C ARG K 316 19.79 -24.38 56.57
N GLY K 317 19.30 -23.46 55.75
CA GLY K 317 20.20 -22.75 54.87
C GLY K 317 21.12 -21.80 55.59
N ILE K 318 20.59 -20.65 56.04
CA ILE K 318 21.38 -19.61 56.68
C ILE K 318 20.49 -18.90 57.68
N ASN K 319 21.10 -18.41 58.75
CA ASN K 319 20.39 -17.90 59.92
C ASN K 319 19.61 -18.98 60.63
N ASN K 320 19.92 -20.25 60.32
CA ASN K 320 19.26 -21.39 60.93
C ASN K 320 17.75 -21.34 60.72
N VAL K 321 17.34 -20.84 59.56
CA VAL K 321 15.95 -20.90 59.14
C VAL K 321 15.74 -22.21 58.41
N ILE K 322 14.67 -22.89 58.72
CA ILE K 322 14.36 -24.17 58.09
C ILE K 322 13.73 -23.91 56.74
N VAL K 323 13.98 -24.82 55.81
CA VAL K 323 13.37 -24.81 54.50
C VAL K 323 12.31 -25.91 54.38
N LYS K 324 12.69 -27.15 54.64
CA LYS K 324 11.73 -28.25 54.68
C LYS K 324 12.17 -29.27 55.72
N GLN K 325 11.25 -30.16 56.04
CA GLN K 325 11.49 -31.28 56.92
C GLN K 325 11.03 -32.55 56.22
N ASP K 326 11.66 -33.65 56.54
CA ASP K 326 11.15 -34.96 56.22
C ASP K 326 11.13 -35.77 57.50
N VAL K 327 10.17 -36.70 57.61
CA VAL K 327 10.03 -37.50 58.81
C VAL K 327 9.51 -38.87 58.44
N THR K 328 9.74 -39.82 59.33
CA THR K 328 9.13 -41.12 59.25
C THR K 328 8.68 -41.54 60.64
N LEU K 329 7.58 -42.28 60.66
CA LEU K 329 6.82 -42.57 61.85
C LEU K 329 6.83 -44.07 62.11
N GLY K 330 6.57 -44.44 63.36
CA GLY K 330 6.50 -45.85 63.71
C GLY K 330 7.85 -46.52 63.49
N GLU K 331 7.89 -47.49 62.59
CA GLU K 331 9.14 -48.03 62.11
C GLU K 331 9.75 -47.08 61.10
N PHE K 332 11.08 -47.05 61.04
CA PHE K 332 11.72 -45.93 60.35
C PHE K 332 11.49 -45.98 58.85
N ASN K 333 11.48 -47.17 58.26
CA ASN K 333 11.13 -47.36 56.85
C ASN K 333 11.04 -48.86 56.60
N ARG K 334 10.53 -49.22 55.43
CA ARG K 334 10.90 -50.48 54.81
C ARG K 334 12.24 -50.34 54.12
N GLU K 335 12.41 -49.23 53.40
CA GLU K 335 13.63 -48.91 52.68
C GLU K 335 14.87 -49.07 53.55
N GLN K 336 14.96 -48.25 54.60
CA GLN K 336 16.18 -48.21 55.39
C GLN K 336 16.46 -49.54 56.06
N ARG K 337 15.42 -50.33 56.33
CA ARG K 337 15.65 -51.65 56.88
C ARG K 337 16.41 -52.51 55.88
N TYR K 338 15.99 -52.47 54.62
CA TYR K 338 16.71 -53.19 53.58
C TYR K 338 18.14 -52.70 53.49
N MET K 339 18.33 -51.38 53.49
CA MET K 339 19.65 -50.85 53.25
C MET K 339 20.59 -51.18 54.40
N LYS K 340 20.08 -51.14 55.63
CA LYS K 340 20.91 -51.54 56.76
C LYS K 340 21.23 -53.01 56.69
N LYS K 341 20.27 -53.83 56.24
CA LYS K 341 20.55 -55.25 56.06
C LYS K 341 21.70 -55.46 55.09
N VAL K 342 21.65 -54.76 53.96
CA VAL K 342 22.69 -54.90 52.95
C VAL K 342 24.04 -54.47 53.50
N ASN K 343 24.08 -53.29 54.12
CA ASN K 343 25.36 -52.78 54.59
C ASN K 343 25.93 -53.63 55.72
N THR K 344 25.06 -54.19 56.56
CA THR K 344 25.53 -55.11 57.59
C THR K 344 26.12 -56.36 56.97
N ALA K 345 25.50 -56.89 55.93
CA ALA K 345 26.08 -58.02 55.22
C ALA K 345 27.43 -57.65 54.65
N ALA K 346 27.52 -56.50 54.02
CA ALA K 346 28.71 -56.15 53.29
C ALA K 346 29.86 -55.75 54.20
N ASN K 347 29.58 -55.36 55.44
CA ASN K 347 30.63 -55.00 56.39
C ASN K 347 30.99 -56.13 57.33
N TYR K 348 30.02 -56.94 57.74
CA TYR K 348 30.34 -58.19 58.45
C TYR K 348 31.25 -59.05 57.58
N VAL K 349 30.87 -59.23 56.32
CA VAL K 349 31.81 -59.74 55.34
C VAL K 349 32.82 -58.64 55.04
N SER K 350 34.03 -59.04 54.72
CA SER K 350 35.22 -58.21 54.56
C SER K 350 35.80 -57.77 55.90
N GLY K 351 35.12 -58.02 57.02
CA GLY K 351 35.73 -57.95 58.33
C GLY K 351 36.28 -59.31 58.70
N LEU K 352 35.70 -60.36 58.11
CA LEU K 352 36.21 -61.70 58.29
C LEU K 352 37.51 -61.89 57.51
N ASN K 353 38.09 -63.06 57.69
CA ASN K 353 39.30 -63.47 56.97
C ASN K 353 39.20 -64.88 56.40
N ASP K 354 38.22 -65.68 56.83
CA ASP K 354 38.06 -67.04 56.33
C ASP K 354 37.46 -67.07 54.93
N VAL K 355 36.91 -65.95 54.45
CA VAL K 355 36.18 -65.96 53.20
C VAL K 355 37.12 -66.22 52.04
N ASN K 356 36.74 -67.15 51.17
CA ASN K 356 37.43 -67.42 49.92
C ASN K 356 36.37 -67.62 48.86
N LEU K 357 36.22 -66.65 47.97
CA LEU K 357 35.12 -66.65 47.02
C LEU K 357 35.16 -67.85 46.09
N SER K 358 36.36 -68.36 45.81
CA SER K 358 36.49 -69.56 44.98
C SER K 358 36.30 -70.78 45.87
N ASN K 359 35.15 -71.43 45.73
CA ASN K 359 34.78 -72.54 46.58
C ASN K 359 34.82 -72.14 48.05
N PRO K 360 33.88 -71.35 48.52
CA PRO K 360 33.76 -71.17 49.96
C PRO K 360 33.27 -72.44 50.62
N SER K 361 33.05 -72.39 51.93
CA SER K 361 32.59 -73.48 52.77
C SER K 361 33.71 -74.46 53.09
N LYS K 362 34.88 -74.35 52.48
CA LYS K 362 36.02 -75.11 52.99
C LYS K 362 36.33 -74.70 54.42
N ALA K 363 36.22 -73.40 54.71
CA ALA K 363 36.53 -72.90 56.03
C ALA K 363 35.49 -73.34 57.05
N ALA K 364 34.24 -73.46 56.61
CA ALA K 364 33.17 -73.93 57.49
C ALA K 364 33.10 -75.44 57.55
N GLU K 365 33.32 -76.11 56.42
CA GLU K 365 33.20 -77.57 56.41
C GLU K 365 34.39 -78.21 57.09
N ASN K 366 35.59 -77.65 56.92
CA ASN K 366 36.75 -78.09 57.69
C ASN K 366 36.43 -78.05 59.17
N LEU K 367 35.86 -76.94 59.61
CA LEU K 367 35.51 -76.77 61.02
C LEU K 367 34.49 -77.80 61.46
N LYS K 368 33.40 -77.93 60.71
CA LYS K 368 32.31 -78.83 61.10
C LYS K 368 32.76 -80.29 61.12
N SER K 369 33.56 -80.69 60.13
CA SER K 369 34.04 -82.06 60.10
C SER K 369 35.03 -82.32 61.22
N LYS K 370 35.87 -81.34 61.53
CA LYS K 370 36.71 -81.42 62.71
C LYS K 370 35.86 -81.62 63.96
N VAL K 371 34.73 -80.92 64.06
CA VAL K 371 33.87 -81.01 65.23
C VAL K 371 33.29 -82.41 65.36
N ALA K 372 32.76 -82.94 64.26
CA ALA K 372 32.20 -84.28 64.32
C ALA K 372 33.29 -85.32 64.57
N SER K 373 34.50 -85.08 64.08
CA SER K 373 35.59 -86.03 64.31
C SER K 373 36.00 -86.05 65.77
N ILE K 374 36.12 -84.88 66.40
CA ILE K 374 36.44 -84.86 67.82
C ILE K 374 35.28 -85.46 68.62
N ALA K 375 34.04 -85.31 68.15
CA ALA K 375 32.93 -85.96 68.83
C ALA K 375 33.04 -87.48 68.74
N LYS K 376 33.50 -87.98 67.59
CA LYS K 376 33.71 -89.41 67.45
C LYS K 376 34.81 -89.90 68.37
N SER K 377 35.91 -89.15 68.44
CA SER K 377 36.98 -89.49 69.36
C SER K 377 36.51 -89.45 70.81
N THR K 378 35.64 -88.50 71.12
CA THR K 378 35.08 -88.41 72.46
C THR K 378 34.18 -89.59 72.76
N LEU K 379 33.44 -90.06 71.76
CA LEU K 379 32.64 -91.28 71.93
C LEU K 379 33.54 -92.46 72.24
N ASP K 380 34.64 -92.58 71.51
CA ASP K 380 35.60 -93.63 71.78
C ASP K 380 36.14 -93.53 73.20
N LEU K 381 36.48 -92.31 73.63
CA LEU K 381 36.96 -92.11 74.99
C LEU K 381 35.91 -92.50 76.01
N MET K 382 34.65 -92.17 75.73
CA MET K 382 33.57 -92.48 76.66
C MET K 382 33.45 -93.99 76.84
N SER K 383 33.44 -94.71 75.72
CA SER K 383 33.37 -96.16 75.79
C SER K 383 34.57 -96.74 76.54
N ARG K 384 35.77 -96.24 76.21
CA ARG K 384 36.99 -96.77 76.79
C ARG K 384 37.11 -96.45 78.28
N THR K 385 36.52 -95.35 78.73
CA THR K 385 36.54 -95.01 80.15
C THR K 385 35.48 -95.77 80.91
N ASP K 386 34.28 -95.89 80.34
CA ASP K 386 33.24 -96.70 80.96
C ASP K 386 33.66 -98.16 81.06
N LEU K 387 34.54 -98.59 80.17
CA LEU K 387 35.16 -99.90 80.33
C LEU K 387 35.85 -100.01 81.69
N ILE K 388 36.64 -98.99 82.03
CA ILE K 388 37.37 -98.97 83.29
C ILE K 388 36.53 -98.23 84.32
N ASP L 1135 21.55 -37.38 44.00
CA ASP L 1135 21.19 -37.19 45.39
C ASP L 1135 19.72 -37.54 45.58
N ALA L 1136 18.88 -37.00 44.73
CA ALA L 1136 17.47 -37.34 44.75
C ALA L 1136 17.23 -38.79 44.34
N LEU L 1137 18.16 -39.39 43.62
CA LEU L 1137 17.88 -40.60 42.86
C LEU L 1137 18.06 -41.88 43.63
N THR L 1138 18.96 -41.91 44.62
CA THR L 1138 19.25 -43.17 45.30
C THR L 1138 17.99 -43.79 45.91
N SER L 1139 17.07 -42.94 46.35
CA SER L 1139 15.94 -43.42 47.13
C SER L 1139 14.97 -44.23 46.28
N ILE L 1140 14.73 -43.80 45.04
CA ILE L 1140 13.75 -44.51 44.21
C ILE L 1140 14.25 -45.92 43.91
N VAL L 1141 15.51 -46.06 43.55
CA VAL L 1141 16.04 -47.37 43.24
C VAL L 1141 16.05 -48.26 44.48
N ASN L 1142 16.50 -47.72 45.61
CA ASN L 1142 16.52 -48.54 46.80
C ASN L 1142 15.11 -48.92 47.24
N GLY L 1143 14.14 -48.06 47.00
CA GLY L 1143 12.76 -48.38 47.33
C GLY L 1143 12.22 -49.51 46.48
N ARG L 1144 12.46 -49.42 45.18
CA ARG L 1144 12.04 -50.54 44.32
C ARG L 1144 12.76 -51.82 44.70
N ASN L 1145 14.02 -51.69 45.15
CA ASN L 1145 14.76 -52.87 45.56
C ASN L 1145 14.08 -53.52 46.76
N ALA L 1146 13.74 -52.72 47.77
CA ALA L 1146 13.05 -53.28 48.93
C ALA L 1146 11.70 -53.87 48.55
N LYS L 1147 11.02 -53.29 47.56
CA LYS L 1147 9.81 -53.94 47.05
C LYS L 1147 10.15 -55.32 46.53
N ARG L 1148 11.21 -55.41 45.72
CA ARG L 1148 11.58 -56.69 45.13
C ARG L 1148 11.96 -57.73 46.18
N ASN L 1149 12.38 -57.28 47.37
CA ASN L 1149 12.68 -58.20 48.45
C ASN L 1149 11.46 -58.97 48.93
N SER L 1150 10.26 -58.53 48.57
CA SER L 1150 9.06 -59.31 48.80
C SER L 1150 8.89 -60.30 47.66
N GLU L 1151 8.82 -61.59 48.00
CA GLU L 1151 8.58 -62.67 47.06
C GLU L 1151 9.65 -62.70 45.96
N TYR L 1152 10.83 -63.07 46.42
CA TYR L 1152 11.96 -63.40 45.59
C TYR L 1152 12.47 -64.81 45.81
N TYR L 1153 11.94 -65.53 46.79
CA TYR L 1153 12.52 -66.76 47.28
C TYR L 1153 11.49 -67.86 47.35
N LEU L 1154 11.89 -69.05 46.91
CA LEU L 1154 11.13 -70.25 47.22
C LEU L 1154 11.43 -70.59 48.67
N VAL M 3 0.39 90.76 7.89
CA VAL M 3 1.37 90.13 8.77
C VAL M 3 0.67 89.51 9.97
N ASP M 4 -0.37 90.19 10.46
CA ASP M 4 -1.11 89.72 11.61
C ASP M 4 -1.82 88.41 11.28
N ASN M 5 -2.46 87.83 12.29
CA ASN M 5 -3.24 86.61 12.10
C ASN M 5 -4.70 86.94 11.79
N PHE M 6 -4.88 87.84 10.82
CA PHE M 6 -6.20 88.19 10.31
C PHE M 6 -6.27 88.28 8.80
N SER M 7 -5.13 88.42 8.11
CA SER M 7 -5.11 88.59 6.67
C SER M 7 -5.51 87.28 5.99
N LYS M 8 -5.47 87.30 4.66
CA LYS M 8 -5.69 86.08 3.90
C LYS M 8 -4.51 85.13 4.04
N ASP M 9 -3.34 85.55 3.57
CA ASP M 9 -2.08 84.82 3.72
C ASP M 9 -2.28 83.31 3.57
N ASP M 10 -2.88 82.92 2.45
CA ASP M 10 -3.07 81.53 2.10
C ASP M 10 -2.56 81.26 0.70
N ASN M 11 -1.36 81.74 0.41
CA ASN M 11 -0.75 81.65 -0.91
C ASN M 11 0.74 81.47 -0.76
N LEU M 12 1.30 80.52 -1.50
CA LEU M 12 2.74 80.26 -1.51
C LEU M 12 3.19 80.30 -2.97
N ILE M 13 3.85 81.38 -3.36
CA ILE M 13 4.31 81.58 -4.73
C ILE M 13 5.76 81.13 -4.82
N GLU M 14 6.02 80.22 -5.76
CA GLU M 14 7.36 79.65 -5.95
C GLU M 14 8.09 80.46 -6.99
N LEU M 15 8.75 81.53 -6.56
CA LEU M 15 9.56 82.37 -7.44
C LEU M 15 10.95 81.77 -7.51
N GLN M 16 11.23 81.06 -8.60
CA GLN M 16 12.48 80.33 -8.76
C GLN M 16 13.38 81.07 -9.75
N THR M 17 14.59 81.37 -9.33
CA THR M 17 15.58 82.05 -10.16
C THR M 17 16.20 81.05 -11.13
N THR M 18 15.40 80.65 -12.10
CA THR M 18 15.80 79.68 -13.11
C THR M 18 15.93 80.37 -14.46
N SER M 19 17.13 80.28 -15.06
CA SER M 19 17.35 80.89 -16.36
C SER M 19 16.69 80.11 -17.49
N GLN M 20 16.27 78.87 -17.23
CA GLN M 20 15.71 78.04 -18.28
C GLN M 20 14.46 78.66 -18.87
N TYR M 21 13.40 78.75 -18.09
CA TYR M 21 12.16 79.33 -18.59
C TYR M 21 11.18 79.50 -17.42
N ASN M 22 10.44 80.59 -17.46
CA ASN M 22 9.45 80.93 -16.45
C ASN M 22 8.43 81.86 -17.07
N PRO M 23 7.56 81.35 -17.95
CA PRO M 23 6.76 82.24 -18.81
C PRO M 23 5.86 83.18 -18.03
N VAL M 24 4.90 82.63 -17.29
CA VAL M 24 3.94 83.44 -16.55
C VAL M 24 3.20 82.53 -15.59
N ILE M 25 2.68 83.10 -14.51
CA ILE M 25 1.82 82.39 -13.56
C ILE M 25 0.45 83.04 -13.61
N ASP M 26 -0.55 82.28 -14.06
CA ASP M 26 -1.94 82.72 -13.98
C ASP M 26 -2.51 82.35 -12.62
N THR M 27 -1.91 82.96 -11.59
CA THR M 27 -2.20 82.61 -10.22
C THR M 27 -3.70 82.60 -9.95
N ASN M 28 -4.13 81.65 -9.12
CA ASN M 28 -5.52 81.50 -8.71
C ASN M 28 -5.65 82.14 -7.34
N ILE M 29 -6.04 83.41 -7.32
CA ILE M 29 -6.02 84.20 -6.10
C ILE M 29 -6.88 85.44 -6.31
N SER M 30 -7.54 85.89 -5.23
CA SER M 30 -8.46 87.01 -5.29
C SER M 30 -8.40 87.79 -3.98
N PHE M 31 -8.90 89.01 -4.03
CA PHE M 31 -8.95 89.87 -2.85
C PHE M 31 -10.26 90.62 -2.65
N TYR M 32 -11.13 90.68 -3.65
CA TYR M 32 -12.51 91.17 -3.56
C TYR M 32 -12.60 92.69 -3.42
N GLU M 33 -11.50 93.42 -3.59
CA GLU M 33 -11.55 94.86 -3.83
C GLU M 33 -11.96 95.67 -2.60
N SER M 34 -12.39 95.01 -1.53
CA SER M 34 -12.87 95.71 -0.36
C SER M 34 -12.06 95.42 0.89
N ASP M 35 -11.13 94.47 0.84
CA ASP M 35 -10.26 94.21 1.98
C ASP M 35 -9.53 95.49 2.35
N ARG M 36 -8.69 95.98 1.45
CA ARG M 36 -8.12 97.32 1.52
C ARG M 36 -7.33 97.56 2.80
N GLY M 37 -7.23 96.57 3.67
CA GLY M 37 -6.45 96.70 4.87
C GLY M 37 -5.49 95.55 5.10
N THR M 38 -5.78 94.41 4.47
CA THR M 38 -4.94 93.21 4.64
C THR M 38 -5.01 92.40 3.34
N GLY M 39 -4.06 92.65 2.46
CA GLY M 39 -3.79 91.75 1.36
C GLY M 39 -2.34 91.35 1.39
N VAL M 40 -2.08 90.08 1.70
CA VAL M 40 -0.73 89.61 1.96
C VAL M 40 -0.36 88.60 0.88
N LEU M 41 0.87 88.73 0.37
CA LEU M 41 1.43 87.82 -0.62
C LEU M 41 2.68 87.20 -0.03
N ASN M 42 2.68 85.87 0.12
CA ASN M 42 3.79 85.15 0.72
C ASN M 42 4.60 84.50 -0.39
N PHE M 43 5.59 85.24 -0.88
CA PHE M 43 6.51 84.71 -1.88
C PHE M 43 7.52 83.77 -1.25
N ALA M 44 7.86 82.73 -2.00
CA ALA M 44 9.04 81.93 -1.73
C ALA M 44 10.14 82.29 -2.71
N VAL M 45 11.32 81.75 -2.49
CA VAL M 45 12.45 81.98 -3.37
C VAL M 45 13.27 80.71 -3.46
N THR M 46 13.66 80.32 -4.68
CA THR M 46 14.45 79.13 -4.90
C THR M 46 15.39 79.36 -6.08
N LYS M 47 16.52 78.65 -6.07
CA LYS M 47 17.48 78.77 -7.15
C LYS M 47 17.22 77.73 -8.24
N ASN M 48 17.30 76.45 -7.89
CA ASN M 48 16.89 75.38 -8.79
C ASN M 48 15.79 74.54 -8.17
N ASN M 49 16.00 73.99 -6.97
CA ASN M 49 14.93 73.36 -6.21
C ASN M 49 15.04 73.62 -4.72
N ARG M 50 16.00 74.42 -4.27
CA ARG M 50 16.24 74.69 -2.87
C ARG M 50 16.01 76.17 -2.57
N PRO M 51 15.71 76.51 -1.32
CA PRO M 51 15.48 77.90 -0.97
C PRO M 51 16.77 78.71 -0.95
N LEU M 52 16.62 80.02 -1.06
CA LEU M 52 17.74 80.95 -1.03
C LEU M 52 17.95 81.49 0.37
N SER M 53 19.12 82.09 0.60
CA SER M 53 19.49 82.69 1.87
C SER M 53 19.84 84.15 1.59
N ILE M 54 18.85 85.03 1.74
CA ILE M 54 18.99 86.45 1.46
C ILE M 54 18.72 87.23 2.74
N SER M 55 19.62 88.15 3.05
CA SER M 55 19.54 88.98 4.25
C SER M 55 19.46 90.44 3.86
N SER M 56 19.37 91.31 4.87
CA SER M 56 19.29 92.75 4.62
C SER M 56 20.62 93.28 4.13
N GLU M 57 21.72 93.00 4.84
CA GLU M 57 23.04 93.35 4.36
C GLU M 57 23.26 92.83 2.94
N HIS M 58 22.72 91.66 2.64
CA HIS M 58 22.76 91.10 1.30
C HIS M 58 21.69 91.76 0.45
N VAL M 59 21.37 91.17 -0.69
CA VAL M 59 20.47 91.75 -1.67
C VAL M 59 19.26 92.41 -1.01
N LYS M 60 18.91 93.60 -1.48
CA LYS M 60 17.65 94.23 -1.12
C LYS M 60 16.56 93.78 -2.08
N THR M 61 15.32 93.88 -1.62
CA THR M 61 14.17 93.35 -2.35
C THR M 61 13.33 94.48 -2.91
N PHE M 62 12.56 94.14 -3.94
CA PHE M 62 11.63 95.07 -4.57
C PHE M 62 10.57 94.25 -5.30
N ILE M 63 9.38 94.81 -5.37
CA ILE M 63 8.26 94.21 -6.09
C ILE M 63 7.55 95.31 -6.84
N VAL M 64 7.22 95.04 -8.11
CA VAL M 64 6.52 95.99 -8.97
C VAL M 64 5.13 95.45 -9.23
N LEU M 65 4.13 96.29 -9.01
CA LEU M 65 2.74 95.98 -9.27
C LEU M 65 2.23 96.93 -10.34
N LYS M 66 1.38 96.42 -11.24
CA LYS M 66 0.92 97.19 -12.38
C LYS M 66 -0.41 96.64 -12.82
N THR M 67 -1.47 97.44 -12.72
CA THR M 67 -2.78 97.00 -13.14
C THR M 67 -2.76 96.63 -14.63
N ASP M 68 -3.83 95.98 -15.07
CA ASP M 68 -3.90 95.48 -16.44
C ASP M 68 -3.83 96.62 -17.44
N ASP M 69 -4.80 97.52 -17.40
CA ASP M 69 -4.87 98.65 -18.32
C ASP M 69 -4.21 99.84 -17.65
N TYR M 70 -2.88 99.91 -17.77
CA TYR M 70 -2.13 101.03 -17.22
C TYR M 70 -1.99 102.13 -18.27
N ASN M 71 -2.24 103.36 -17.84
CA ASN M 71 -2.10 104.52 -18.72
C ASN M 71 -1.83 105.73 -17.86
N VAL M 72 -1.05 106.67 -18.40
CA VAL M 72 -0.73 107.89 -17.68
C VAL M 72 -1.98 108.57 -17.16
N ASP M 73 -3.12 108.34 -17.82
CA ASP M 73 -4.39 108.90 -17.38
C ASP M 73 -5.19 107.93 -16.52
N ARG M 74 -5.01 106.63 -16.71
CA ARG M 74 -5.76 105.61 -15.98
C ARG M 74 -4.86 104.41 -15.75
N GLY M 75 -4.92 103.87 -14.53
CA GLY M 75 -4.22 102.65 -14.21
C GLY M 75 -3.54 102.77 -12.86
N ALA M 76 -2.45 102.01 -12.70
CA ALA M 76 -1.71 101.98 -11.45
C ALA M 76 -0.38 101.29 -11.67
N TYR M 77 0.64 101.74 -10.95
CA TYR M 77 1.97 101.17 -11.06
C TYR M 77 2.83 101.64 -9.90
N ILE M 78 3.43 100.70 -9.16
CA ILE M 78 4.30 101.06 -8.04
C ILE M 78 5.34 99.98 -7.80
N SER M 79 6.52 100.41 -7.38
CA SER M 79 7.62 99.52 -7.00
C SER M 79 7.98 99.77 -5.55
N ASP M 80 7.73 98.79 -4.69
CA ASP M 80 7.98 98.95 -3.26
C ASP M 80 8.78 97.77 -2.70
N GLU M 81 8.91 97.70 -1.38
CA GLU M 81 9.74 96.68 -0.74
C GLU M 81 8.91 95.42 -0.48
N LEU M 82 9.58 94.40 0.09
CA LEU M 82 8.97 93.10 0.31
C LEU M 82 8.77 92.73 1.77
N THR M 83 9.48 93.36 2.70
CA THR M 83 9.34 93.06 4.12
C THR M 83 9.69 91.59 4.39
N ILE M 84 10.98 91.28 4.17
CA ILE M 84 11.47 89.92 4.37
C ILE M 84 10.98 89.35 5.69
N VAL M 85 10.65 88.07 5.68
CA VAL M 85 10.19 87.37 6.88
C VAL M 85 11.32 86.48 7.40
N ASP M 86 11.75 85.52 6.59
CA ASP M 86 12.80 84.57 6.96
C ASP M 86 13.91 84.66 5.93
N ALA M 87 15.09 85.05 6.37
CA ALA M 87 16.26 85.16 5.51
C ALA M 87 16.91 83.80 5.24
N ILE M 88 16.31 82.70 5.66
CA ILE M 88 16.87 81.36 5.50
C ILE M 88 16.13 80.58 4.43
N ASN M 89 14.82 80.42 4.58
CA ASN M 89 14.01 79.68 3.62
C ASN M 89 13.47 80.57 2.51
N GLY M 90 13.83 81.85 2.48
CA GLY M 90 13.32 82.75 1.47
C GLY M 90 11.82 82.95 1.56
N ARG M 91 11.37 83.55 2.66
CA ARG M 91 9.96 83.83 2.89
C ARG M 91 9.75 85.33 2.88
N LEU M 92 8.96 85.82 1.93
CA LEU M 92 8.77 87.25 1.72
C LEU M 92 7.28 87.58 1.80
N GLN M 93 6.85 88.17 2.90
CA GLN M 93 5.46 88.57 3.06
C GLN M 93 5.33 90.04 2.69
N TYR M 94 4.55 90.32 1.65
CA TYR M 94 4.33 91.67 1.15
C TYR M 94 2.88 92.05 1.38
N VAL M 95 2.68 93.18 2.07
CA VAL M 95 1.35 93.68 2.36
C VAL M 95 0.93 94.61 1.24
N ILE M 96 -0.14 94.25 0.53
CA ILE M 96 -0.61 95.02 -0.61
C ILE M 96 -1.13 96.36 -0.09
N PRO M 97 -0.97 97.45 -0.84
CA PRO M 97 -1.40 98.76 -0.34
C PRO M 97 -2.91 98.87 -0.27
N ASN M 98 -3.35 99.92 0.42
CA ASN M 98 -4.77 100.25 0.54
C ASN M 98 -5.35 100.78 -0.75
N GLU M 99 -4.52 101.07 -1.76
CA GLU M 99 -4.97 101.76 -2.95
C GLU M 99 -5.43 100.79 -4.05
N PHE M 100 -4.53 99.88 -4.45
CA PHE M 100 -4.83 99.03 -5.61
C PHE M 100 -6.13 98.28 -5.42
N LEU M 101 -6.43 97.84 -4.21
CA LEU M 101 -7.66 97.11 -3.97
C LEU M 101 -8.89 97.96 -4.24
N LYS M 102 -8.73 99.26 -4.48
CA LYS M 102 -9.83 100.07 -4.98
C LYS M 102 -9.94 99.99 -6.50
N HIS M 103 -8.84 99.72 -7.18
CA HIS M 103 -8.83 99.61 -8.64
C HIS M 103 -9.15 98.17 -9.00
N SER M 104 -10.44 97.88 -9.15
CA SER M 104 -10.88 96.52 -9.43
C SER M 104 -10.25 96.01 -10.72
N GLY M 105 -10.39 94.70 -10.94
CA GLY M 105 -9.90 94.07 -12.14
C GLY M 105 -8.66 93.21 -11.89
N LYS M 106 -7.83 93.08 -12.91
CA LYS M 106 -6.61 92.29 -12.83
C LYS M 106 -5.42 93.19 -12.55
N VAL M 107 -4.36 92.58 -12.03
CA VAL M 107 -3.11 93.30 -11.77
C VAL M 107 -1.93 92.36 -11.94
N HIS M 108 -1.04 92.68 -12.86
CA HIS M 108 0.18 91.93 -13.04
C HIS M 108 1.23 92.40 -12.03
N ALA M 109 2.22 91.56 -11.81
CA ALA M 109 3.24 91.83 -10.81
C ALA M 109 4.56 91.21 -11.24
N GLN M 110 5.60 91.56 -10.50
CA GLN M 110 6.92 90.98 -10.72
C GLN M 110 7.79 91.30 -9.53
N ALA M 111 8.82 90.50 -9.34
CA ALA M 111 9.78 90.70 -8.27
C ALA M 111 11.04 91.36 -8.83
N PHE M 112 11.97 91.65 -7.94
CA PHE M 112 13.19 92.36 -8.31
C PHE M 112 14.16 92.30 -7.15
N PHE M 113 15.42 91.95 -7.41
CA PHE M 113 16.41 91.83 -6.35
C PHE M 113 17.63 92.65 -6.74
N THR M 114 18.07 93.53 -5.84
CA THR M 114 19.18 94.43 -6.08
C THR M 114 20.37 93.98 -5.24
N GLN M 115 21.54 93.91 -5.87
CA GLN M 115 22.76 93.54 -5.16
C GLN M 115 23.15 94.67 -4.22
N ASN M 116 23.16 94.39 -2.91
CA ASN M 116 23.54 95.39 -1.93
C ASN M 116 25.04 95.66 -2.05
N GLY M 117 25.37 96.79 -2.67
CA GLY M 117 26.75 97.17 -2.89
C GLY M 117 27.24 97.06 -4.31
N SER M 118 26.34 96.86 -5.28
CA SER M 118 26.72 96.76 -6.68
C SER M 118 25.47 96.88 -7.54
N ASP M 119 25.67 97.24 -8.80
CA ASP M 119 24.56 97.45 -9.71
C ASP M 119 23.89 96.16 -10.16
N ASN M 120 24.48 95.00 -9.85
CA ASN M 120 23.89 93.74 -10.26
C ASN M 120 22.51 93.57 -9.63
N VAL M 121 21.59 92.98 -10.39
CA VAL M 121 20.23 92.76 -9.95
C VAL M 121 19.74 91.42 -10.47
N VAL M 122 18.57 91.02 -9.99
CA VAL M 122 17.90 89.80 -10.44
C VAL M 122 16.40 90.06 -10.46
N VAL M 123 15.71 89.36 -11.34
CA VAL M 123 14.28 89.49 -11.51
C VAL M 123 13.68 88.10 -11.62
N GLU M 124 12.47 87.94 -11.09
CA GLU M 124 11.81 86.64 -11.00
C GLU M 124 10.63 86.57 -11.96
N ARG M 125 9.90 85.47 -11.87
CA ARG M 125 8.79 85.20 -12.77
C ARG M 125 7.61 86.12 -12.46
N GLN M 126 6.84 86.44 -13.50
CA GLN M 126 5.66 87.27 -13.35
C GLN M 126 4.55 86.48 -12.68
N PHE M 127 3.44 87.15 -12.42
CA PHE M 127 2.20 86.52 -11.97
C PHE M 127 1.09 87.54 -12.06
N SER M 128 -0.13 87.09 -11.78
CA SER M 128 -1.31 87.94 -11.97
C SER M 128 -2.33 87.54 -10.91
N PHE M 129 -2.46 88.35 -9.87
CA PHE M 129 -3.42 88.09 -8.79
C PHE M 129 -4.64 88.97 -9.02
N ASN M 130 -5.63 88.43 -9.71
CA ASN M 130 -6.88 89.12 -9.96
C ASN M 130 -7.49 89.59 -8.65
N ILE M 131 -8.32 90.64 -8.72
CA ILE M 131 -9.09 91.10 -7.57
C ILE M 131 -10.49 91.46 -8.07
N GLU M 132 -11.50 90.80 -7.50
CA GLU M 132 -12.86 90.88 -8.02
C GLU M 132 -13.60 92.04 -7.38
N ASN M 133 -14.81 92.29 -7.89
CA ASN M 133 -15.69 93.29 -7.32
C ASN M 133 -16.40 92.73 -6.11
N ASP M 134 -17.10 93.62 -5.40
CA ASP M 134 -17.79 93.22 -4.18
C ASP M 134 -18.99 94.15 -3.97
N LEU M 135 -20.04 93.59 -3.36
CA LEU M 135 -21.20 94.39 -3.01
C LEU M 135 -20.86 95.49 -2.02
N VAL M 136 -19.69 95.40 -1.39
CA VAL M 136 -19.29 96.41 -0.40
C VAL M 136 -18.83 97.68 -1.10
N SER M 137 -18.14 97.54 -2.23
CA SER M 137 -17.54 98.67 -2.93
C SER M 137 -18.43 99.23 -4.02
N GLY M 138 -19.75 99.09 -3.89
CA GLY M 138 -20.66 99.58 -4.91
C GLY M 138 -21.99 100.04 -4.35
N PHE M 139 -23.07 99.57 -4.98
CA PHE M 139 -24.40 99.45 -4.41
C PHE M 139 -25.11 100.77 -4.19
N ASP M 140 -24.44 101.90 -4.35
CA ASP M 140 -25.08 103.19 -4.11
C ASP M 140 -24.08 104.30 -4.40
N GLY M 141 -24.63 105.49 -4.60
CA GLY M 141 -23.83 106.68 -4.76
C GLY M 141 -24.46 107.89 -4.11
N ILE M 142 -25.40 107.66 -3.19
CA ILE M 142 -25.98 108.74 -2.40
C ILE M 142 -25.91 108.38 -0.92
N THR M 143 -26.47 107.22 -0.58
CA THR M 143 -26.68 106.87 0.81
C THR M 143 -25.43 107.02 1.65
N LYS M 144 -24.26 106.79 1.06
CA LYS M 144 -23.02 106.98 1.79
C LYS M 144 -22.85 108.44 2.21
N LEU M 145 -23.11 109.36 1.28
CA LEU M 145 -23.04 110.77 1.61
C LEU M 145 -24.12 111.16 2.60
N VAL M 146 -25.32 110.62 2.44
CA VAL M 146 -26.41 110.93 3.37
C VAL M 146 -26.03 110.50 4.78
N TYR M 147 -25.41 109.33 4.92
CA TYR M 147 -25.12 108.82 6.25
C TYR M 147 -23.92 109.51 6.88
N ILE M 148 -22.90 109.85 6.08
CA ILE M 148 -21.80 110.64 6.61
C ILE M 148 -22.30 112.00 7.06
N LYS M 149 -23.22 112.61 6.29
CA LYS M 149 -23.82 113.87 6.69
C LYS M 149 -24.61 113.71 7.98
N SER M 150 -25.36 112.62 8.10
CA SER M 150 -26.17 112.41 9.30
C SER M 150 -25.29 112.25 10.53
N ILE M 151 -24.21 111.47 10.42
CA ILE M 151 -23.33 111.30 11.56
C ILE M 151 -22.63 112.61 11.89
N GLN M 152 -22.30 113.42 10.87
CA GLN M 152 -21.70 114.72 11.13
C GLN M 152 -22.67 115.61 11.90
N ASP M 153 -23.93 115.65 11.48
CA ASP M 153 -24.93 116.42 12.21
C ASP M 153 -25.07 115.93 13.64
N THR M 154 -25.10 114.61 13.83
CA THR M 154 -25.29 114.06 15.16
C THR M 154 -24.12 114.40 16.06
N ILE M 155 -22.88 114.29 15.57
CA ILE M 155 -21.72 114.64 16.38
C ILE M 155 -21.74 116.13 16.70
N GLU M 156 -21.97 116.96 15.68
CA GLU M 156 -21.99 118.41 15.90
C GLU M 156 -23.05 118.79 16.92
N ALA M 157 -24.17 118.07 16.95
CA ALA M 157 -25.23 118.37 17.90
C ALA M 157 -24.87 117.88 19.30
N VAL M 158 -24.64 116.57 19.44
CA VAL M 158 -24.37 116.00 20.76
C VAL M 158 -23.15 116.62 21.39
N GLY M 159 -22.23 117.19 20.60
CA GLY M 159 -21.08 117.85 21.20
C GLY M 159 -21.47 119.05 22.04
N LYS M 160 -22.53 119.75 21.66
CA LYS M 160 -22.99 120.88 22.45
C LYS M 160 -23.44 120.43 23.84
N ASP M 161 -24.36 119.46 23.88
CA ASP M 161 -24.82 118.93 25.16
C ASP M 161 -23.68 118.31 25.95
N PHE M 162 -22.73 117.68 25.26
CA PHE M 162 -21.59 117.06 25.93
C PHE M 162 -20.74 118.10 26.63
N ASN M 163 -20.35 119.15 25.89
CA ASN M 163 -19.57 120.23 26.51
C ASN M 163 -20.35 120.89 27.63
N GLN M 164 -21.68 121.03 27.46
CA GLN M 164 -22.50 121.62 28.51
C GLN M 164 -22.41 120.81 29.78
N LEU M 165 -22.69 119.51 29.68
CA LEU M 165 -22.70 118.65 30.87
C LEU M 165 -21.31 118.39 31.41
N LYS M 166 -20.27 118.60 30.61
CA LYS M 166 -18.90 118.39 31.09
C LYS M 166 -18.39 119.62 31.84
N GLN M 167 -18.60 120.81 31.27
CA GLN M 167 -18.21 122.03 31.98
C GLN M 167 -19.02 122.20 33.25
N ASN M 168 -20.29 121.79 33.24
CA ASN M 168 -21.12 121.84 34.43
C ASN M 168 -20.79 120.74 35.43
N MET M 169 -19.92 119.82 35.07
CA MET M 169 -19.52 118.74 35.98
C MET M 169 -18.17 119.05 36.62
N ASN N 5 -38.27 74.49 19.53
CA ASN N 5 -38.32 75.76 18.82
C ASN N 5 -38.82 75.57 17.40
N PHE N 6 -39.40 76.63 16.84
CA PHE N 6 -39.87 76.65 15.46
C PHE N 6 -39.18 77.81 14.75
N SER N 7 -38.27 77.49 13.83
CA SER N 7 -37.54 78.48 13.07
C SER N 7 -36.63 77.74 12.10
N LYS N 8 -36.21 78.45 11.05
CA LYS N 8 -35.43 77.84 9.97
C LYS N 8 -33.93 77.98 10.26
N ASP N 9 -33.54 77.45 11.41
CA ASP N 9 -32.15 77.46 11.86
C ASP N 9 -31.40 76.20 11.46
N ASP N 10 -31.87 75.50 10.42
CA ASP N 10 -31.23 74.25 10.00
C ASP N 10 -30.12 74.47 8.99
N ASN N 11 -30.21 75.52 8.18
CA ASN N 11 -29.21 75.77 7.16
C ASN N 11 -27.87 76.13 7.80
N LEU N 12 -26.82 76.08 6.99
CA LEU N 12 -25.49 76.48 7.41
C LEU N 12 -24.57 76.62 6.19
N ILE N 13 -23.86 77.73 6.10
CA ILE N 13 -22.97 78.00 4.99
C ILE N 13 -21.59 78.34 5.53
N GLU N 14 -20.56 77.83 4.86
CA GLU N 14 -19.18 78.03 5.27
C GLU N 14 -18.55 79.13 4.43
N LEU N 15 -17.83 80.03 5.09
CA LEU N 15 -17.16 81.16 4.45
C LEU N 15 -15.66 80.95 4.58
N GLN N 16 -15.02 80.65 3.47
CA GLN N 16 -13.59 80.37 3.43
C GLN N 16 -12.83 81.69 3.34
N THR N 17 -12.15 82.06 4.41
CA THR N 17 -11.35 83.28 4.46
C THR N 17 -9.96 82.99 3.89
N THR N 18 -9.95 82.68 2.59
CA THR N 18 -8.72 82.35 1.90
C THR N 18 -8.70 83.03 0.54
N SER N 19 -7.50 83.33 0.06
CA SER N 19 -7.30 84.03 -1.20
C SER N 19 -6.93 83.01 -2.27
N GLN N 20 -7.95 82.29 -2.76
CA GLN N 20 -7.75 81.30 -3.81
C GLN N 20 -8.90 81.30 -4.80
N TYR N 21 -9.50 82.46 -5.04
CA TYR N 21 -10.63 82.59 -5.97
C TYR N 21 -11.78 81.68 -5.56
N ASN N 22 -12.29 81.94 -4.37
CA ASN N 22 -13.50 81.28 -3.91
C ASN N 22 -14.69 81.88 -4.65
N PRO N 23 -15.26 81.18 -5.62
CA PRO N 23 -16.27 81.80 -6.49
C PRO N 23 -17.63 81.87 -5.81
N VAL N 24 -18.54 82.60 -6.46
CA VAL N 24 -19.91 82.68 -5.96
C VAL N 24 -20.53 81.29 -6.00
N ILE N 25 -21.40 81.01 -5.04
CA ILE N 25 -22.01 79.70 -4.88
C ILE N 25 -23.49 79.88 -4.59
N ASP N 26 -24.32 79.06 -5.25
CA ASP N 26 -25.74 79.04 -4.98
C ASP N 26 -25.98 78.21 -3.73
N THR N 27 -26.05 78.89 -2.60
CA THR N 27 -26.20 78.21 -1.32
C THR N 27 -27.47 77.38 -1.23
N ASN N 28 -28.41 77.55 -2.17
CA ASN N 28 -29.67 76.82 -2.14
C ASN N 28 -30.41 77.07 -0.82
N ILE N 29 -30.68 78.34 -0.56
CA ILE N 29 -31.44 78.77 0.61
C ILE N 29 -32.59 79.62 0.12
N SER N 30 -33.81 79.08 0.22
CA SER N 30 -35.01 79.71 -0.33
C SER N 30 -36.01 79.94 0.80
N PHE N 31 -35.89 81.08 1.47
CA PHE N 31 -36.95 81.51 2.37
C PHE N 31 -38.16 81.96 1.56
N TYR N 32 -39.19 82.39 2.26
CA TYR N 32 -40.45 82.79 1.65
C TYR N 32 -40.77 84.23 2.01
N GLU N 33 -41.80 84.77 1.34
CA GLU N 33 -42.16 86.17 1.54
C GLU N 33 -42.77 86.39 2.93
N SER N 34 -43.82 85.63 3.25
CA SER N 34 -44.52 85.78 4.53
C SER N 34 -43.77 85.04 5.64
N ASP N 35 -42.52 85.47 5.84
CA ASP N 35 -41.66 84.92 6.88
C ASP N 35 -41.01 86.09 7.61
N ARG N 36 -41.30 86.23 8.89
CA ARG N 36 -40.88 87.38 9.67
C ARG N 36 -40.12 86.91 10.90
N GLY N 37 -38.87 87.34 11.02
CA GLY N 37 -38.06 87.05 12.19
C GLY N 37 -37.66 85.60 12.35
N THR N 38 -38.07 84.71 11.44
CA THR N 38 -37.72 83.30 11.52
C THR N 38 -36.83 82.85 10.37
N GLY N 39 -36.39 83.76 9.51
CA GLY N 39 -35.42 83.44 8.49
C GLY N 39 -34.02 83.75 8.96
N VAL N 40 -33.22 82.72 9.20
CA VAL N 40 -31.91 82.85 9.82
C VAL N 40 -30.86 82.24 8.92
N LEU N 41 -29.71 82.89 8.85
CA LEU N 41 -28.56 82.42 8.07
C LEU N 41 -27.43 82.10 9.04
N ASN N 42 -27.07 80.82 9.10
CA ASN N 42 -25.99 80.37 9.97
C ASN N 42 -24.68 80.38 9.19
N PHE N 43 -23.80 81.31 9.52
CA PHE N 43 -22.49 81.41 8.90
C PHE N 43 -21.45 80.72 9.78
N ALA N 44 -20.53 80.02 9.13
CA ALA N 44 -19.40 79.39 9.82
C ALA N 44 -18.15 79.77 9.05
N VAL N 45 -17.28 80.51 9.70
CA VAL N 45 -16.10 81.06 9.03
C VAL N 45 -14.93 80.09 9.22
N THR N 46 -14.07 80.03 8.21
CA THR N 46 -12.89 79.16 8.23
C THR N 46 -11.72 79.94 7.67
N LYS N 47 -10.58 79.86 8.38
CA LYS N 47 -9.41 80.63 7.96
C LYS N 47 -8.78 80.01 6.72
N ASN N 48 -8.19 78.83 6.86
CA ASN N 48 -7.61 78.11 5.73
C ASN N 48 -8.32 76.79 5.48
N ASN N 49 -8.48 75.95 6.51
CA ASN N 49 -9.28 74.73 6.42
C ASN N 49 -10.09 74.45 7.67
N ARG N 50 -9.72 75.03 8.80
CA ARG N 50 -10.37 74.87 10.09
C ARG N 50 -11.02 76.19 10.50
N PRO N 51 -11.86 76.18 11.53
CA PRO N 51 -12.67 77.37 11.80
C PRO N 51 -11.84 78.51 12.34
N LEU N 52 -12.18 79.72 11.91
CA LEU N 52 -11.55 80.94 12.38
C LEU N 52 -12.30 81.47 13.59
N SER N 53 -11.57 81.69 14.68
CA SER N 53 -12.18 82.28 15.86
C SER N 53 -12.52 83.75 15.61
N ILE N 54 -13.45 84.26 16.40
CA ILE N 54 -14.00 85.60 16.22
C ILE N 54 -14.41 86.14 17.58
N SER N 55 -14.77 87.41 17.62
CA SER N 55 -15.27 88.03 18.84
C SER N 55 -15.76 89.43 18.53
N SER N 56 -16.80 89.85 19.25
CA SER N 56 -17.31 91.20 19.11
C SER N 56 -16.41 92.22 19.79
N GLU N 57 -15.43 91.78 20.57
CA GLU N 57 -14.52 92.69 21.24
C GLU N 57 -13.42 93.17 20.30
N HIS N 58 -12.64 92.24 19.76
CA HIS N 58 -11.57 92.61 18.85
C HIS N 58 -12.11 93.14 17.54
N VAL N 59 -12.86 92.31 16.82
CA VAL N 59 -13.35 92.66 15.51
C VAL N 59 -14.85 92.96 15.60
N LYS N 60 -15.39 93.55 14.53
CA LYS N 60 -16.81 93.72 14.36
C LYS N 60 -17.18 93.31 12.95
N THR N 61 -18.18 92.45 12.83
CA THR N 61 -18.55 91.84 11.56
C THR N 61 -19.89 92.37 11.09
N PHE N 62 -20.02 92.48 9.77
CA PHE N 62 -21.26 92.91 9.15
C PHE N 62 -21.46 92.09 7.88
N ILE N 63 -22.67 92.17 7.33
CA ILE N 63 -22.97 91.55 6.05
C ILE N 63 -23.73 92.55 5.19
N VAL N 64 -23.40 92.55 3.91
CA VAL N 64 -24.11 93.30 2.90
C VAL N 64 -25.04 92.34 2.16
N LEU N 65 -26.16 92.87 1.70
CA LEU N 65 -27.21 92.08 1.08
C LEU N 65 -27.85 92.89 -0.02
N LYS N 66 -28.04 92.28 -1.20
CA LYS N 66 -28.55 93.01 -2.35
C LYS N 66 -29.35 92.08 -3.24
N THR N 67 -30.59 92.46 -3.52
CA THR N 67 -31.38 91.72 -4.49
C THR N 67 -30.75 91.83 -5.88
N ASP N 68 -31.28 91.05 -6.81
CA ASP N 68 -30.76 91.03 -8.18
C ASP N 68 -31.42 92.08 -9.07
N ASP N 69 -32.67 92.43 -8.79
CA ASP N 69 -33.39 93.43 -9.56
C ASP N 69 -33.12 94.84 -9.05
N TYR N 70 -32.01 95.06 -8.35
CA TYR N 70 -31.72 96.34 -7.74
C TYR N 70 -31.62 97.45 -8.80
N ASN N 71 -32.54 98.40 -8.74
CA ASN N 71 -32.52 99.59 -9.58
C ASN N 71 -32.69 100.81 -8.70
N VAL N 72 -32.56 102.00 -9.31
CA VAL N 72 -32.76 103.23 -8.57
C VAL N 72 -34.25 103.45 -8.30
N ASP N 73 -35.11 103.04 -9.23
CA ASP N 73 -36.55 103.17 -9.05
C ASP N 73 -37.16 101.98 -8.34
N ARG N 74 -36.44 100.87 -8.24
CA ARG N 74 -36.96 99.66 -7.61
C ARG N 74 -35.80 98.73 -7.33
N GLY N 75 -35.71 98.25 -6.09
CA GLY N 75 -34.64 97.34 -5.73
C GLY N 75 -34.67 97.03 -4.24
N ALA N 76 -33.52 96.61 -3.74
CA ALA N 76 -33.37 96.27 -2.33
C ALA N 76 -31.90 96.11 -2.01
N TYR N 77 -31.51 96.59 -0.84
CA TYR N 77 -30.12 96.49 -0.40
C TYR N 77 -30.02 96.92 1.06
N ILE N 78 -29.17 96.25 1.82
CA ILE N 78 -28.94 96.58 3.22
C ILE N 78 -27.53 96.15 3.60
N SER N 79 -27.10 96.57 4.78
CA SER N 79 -25.83 96.15 5.37
C SER N 79 -25.96 96.26 6.88
N ASP N 80 -25.90 95.12 7.57
CA ASP N 80 -26.18 95.10 9.00
C ASP N 80 -25.28 94.10 9.70
N GLU N 81 -25.24 94.21 11.02
CA GLU N 81 -24.31 93.42 11.82
C GLU N 81 -24.77 91.97 11.91
N LEU N 82 -24.02 91.18 12.67
CA LEU N 82 -24.26 89.76 12.86
C LEU N 82 -24.61 89.51 14.33
N THR N 83 -24.79 88.22 14.66
CA THR N 83 -25.06 87.79 16.03
C THR N 83 -24.14 86.60 16.32
N ILE N 84 -22.94 86.88 16.78
CA ILE N 84 -21.96 85.83 17.03
C ILE N 84 -22.48 84.89 18.10
N VAL N 85 -22.43 83.59 17.83
CA VAL N 85 -22.76 82.54 18.79
C VAL N 85 -21.74 81.43 18.61
N ASP N 86 -21.15 80.98 19.71
CA ASP N 86 -20.05 80.02 19.65
C ASP N 86 -18.90 80.57 18.81
N ALA N 87 -18.35 81.68 19.29
CA ALA N 87 -17.36 82.41 18.52
C ALA N 87 -16.09 81.59 18.31
N ILE N 88 -15.58 80.96 19.37
CA ILE N 88 -14.35 80.20 19.27
C ILE N 88 -14.40 79.23 18.10
N ASN N 89 -15.57 78.65 17.84
CA ASN N 89 -15.73 77.74 16.72
C ASN N 89 -15.94 78.47 15.40
N GLY N 90 -15.84 79.79 15.39
CA GLY N 90 -16.06 80.54 14.16
C GLY N 90 -17.46 80.44 13.62
N ARG N 91 -18.46 80.52 14.49
CA ARG N 91 -19.86 80.38 14.11
C ARG N 91 -20.62 81.64 14.49
N LEU N 92 -21.68 81.92 13.72
CA LEU N 92 -22.51 83.09 13.98
C LEU N 92 -23.77 82.94 13.15
N GLN N 93 -24.74 83.81 13.41
CA GLN N 93 -26.02 83.75 12.72
C GLN N 93 -26.53 85.15 12.47
N TYR N 94 -27.32 85.28 11.41
CA TYR N 94 -27.92 86.54 11.01
C TYR N 94 -29.42 86.34 10.90
N VAL N 95 -30.18 87.12 11.66
CA VAL N 95 -31.64 87.08 11.60
C VAL N 95 -32.07 87.95 10.43
N ILE N 96 -32.67 87.34 9.41
CA ILE N 96 -33.11 88.10 8.25
C ILE N 96 -34.06 89.20 8.69
N PRO N 97 -33.96 90.43 8.17
CA PRO N 97 -34.87 91.48 8.61
C PRO N 97 -36.29 91.26 8.15
N ASN N 98 -37.17 92.22 8.41
CA ASN N 98 -38.57 92.11 8.02
C ASN N 98 -38.91 92.88 6.75
N GLU N 99 -38.27 94.05 6.56
CA GLU N 99 -38.54 94.85 5.37
C GLU N 99 -37.94 94.25 4.11
N PHE N 100 -36.88 93.44 4.24
CA PHE N 100 -36.20 92.92 3.07
C PHE N 100 -36.99 91.81 2.40
N LEU N 101 -37.76 91.03 3.17
CA LEU N 101 -38.48 89.91 2.59
C LEU N 101 -39.41 90.36 1.48
N LYS N 102 -40.09 91.49 1.67
CA LYS N 102 -41.07 91.97 0.70
C LYS N 102 -40.53 91.96 -0.72
N HIS N 103 -39.21 92.02 -0.90
CA HIS N 103 -38.57 91.97 -2.20
C HIS N 103 -38.13 90.53 -2.47
N SER N 104 -38.72 89.91 -3.49
CA SER N 104 -38.49 88.51 -3.80
C SER N 104 -37.48 88.35 -4.92
N GLY N 105 -37.08 87.11 -5.15
CA GLY N 105 -36.21 86.74 -6.24
C GLY N 105 -34.85 86.26 -5.78
N LYS N 106 -33.89 86.35 -6.69
CA LYS N 106 -32.51 86.03 -6.36
C LYS N 106 -31.95 87.10 -5.43
N VAL N 107 -30.85 86.76 -4.77
CA VAL N 107 -30.17 87.67 -3.85
C VAL N 107 -28.70 87.32 -3.85
N HIS N 108 -27.87 88.35 -3.73
CA HIS N 108 -26.45 88.18 -3.46
C HIS N 108 -26.17 88.73 -2.07
N ALA N 109 -25.19 88.12 -1.41
CA ALA N 109 -24.83 88.48 -0.06
C ALA N 109 -23.33 88.64 0.04
N GLN N 110 -22.88 89.05 1.21
CA GLN N 110 -21.46 89.19 1.48
C GLN N 110 -21.29 89.43 2.96
N ALA N 111 -20.16 88.98 3.50
CA ALA N 111 -19.86 89.14 4.92
C ALA N 111 -18.46 89.70 5.04
N PHE N 112 -18.34 90.88 5.63
CA PHE N 112 -17.06 91.55 5.79
C PHE N 112 -16.84 91.91 7.25
N PHE N 113 -15.60 91.70 7.69
CA PHE N 113 -15.19 91.95 9.07
C PHE N 113 -14.27 93.16 9.10
N THR N 114 -14.27 93.87 10.23
CA THR N 114 -13.38 95.01 10.43
C THR N 114 -12.67 94.84 11.76
N GLN N 115 -11.35 94.84 11.73
CA GLN N 115 -10.54 94.70 12.93
C GLN N 115 -10.39 96.06 13.60
N ASN N 116 -10.84 96.17 14.84
CA ASN N 116 -10.82 97.43 15.56
C ASN N 116 -9.42 98.03 15.60
N GLY N 117 -9.34 99.35 15.79
CA GLY N 117 -8.06 100.01 15.95
C GLY N 117 -7.39 100.35 14.64
N SER N 118 -7.40 99.40 13.70
CA SER N 118 -6.75 99.57 12.41
C SER N 118 -7.72 99.79 11.26
N ASP N 119 -8.98 99.38 11.42
CA ASP N 119 -10.00 99.48 10.39
C ASP N 119 -9.64 98.69 9.13
N ASN N 120 -8.64 97.82 9.21
CA ASN N 120 -8.32 96.92 8.10
C ASN N 120 -9.35 95.80 8.08
N VAL N 121 -10.01 95.62 6.93
CA VAL N 121 -11.17 94.74 6.86
C VAL N 121 -10.88 93.51 6.01
N VAL N 122 -11.86 92.63 5.92
CA VAL N 122 -11.73 91.36 5.22
C VAL N 122 -13.07 91.00 4.62
N VAL N 123 -13.02 90.44 3.41
CA VAL N 123 -14.22 90.05 2.66
C VAL N 123 -14.06 88.60 2.22
N GLU N 124 -15.14 87.83 2.35
CA GLU N 124 -15.00 86.38 2.28
C GLU N 124 -15.42 85.73 0.97
N ARG N 125 -16.71 85.82 0.60
CA ARG N 125 -17.17 84.97 -0.49
C ARG N 125 -17.98 85.68 -1.57
N GLN N 126 -18.85 86.61 -1.20
CA GLN N 126 -19.85 87.14 -2.13
C GLN N 126 -20.74 86.02 -2.67
N PHE N 127 -21.40 85.33 -1.74
CA PHE N 127 -22.20 84.17 -2.09
C PHE N 127 -23.62 84.58 -2.50
N SER N 128 -24.37 83.59 -2.99
CA SER N 128 -25.71 83.82 -3.49
C SER N 128 -26.75 83.32 -2.49
N PHE N 129 -28.02 83.49 -2.85
CA PHE N 129 -29.11 83.29 -1.90
C PHE N 129 -30.42 83.46 -2.65
N ASN N 130 -31.49 82.83 -2.18
CA ASN N 130 -32.78 82.92 -2.85
C ASN N 130 -33.86 83.35 -1.87
N ILE N 131 -34.93 83.92 -2.42
CA ILE N 131 -36.12 84.24 -1.63
C ILE N 131 -37.32 84.12 -2.55
N GLU N 132 -38.35 83.42 -2.09
CA GLU N 132 -39.49 83.07 -2.90
C GLU N 132 -40.72 83.86 -2.46
N ASN N 133 -41.75 83.82 -3.31
CA ASN N 133 -43.02 84.48 -3.04
C ASN N 133 -44.07 83.47 -2.64
N ASP N 134 -44.97 83.88 -1.76
CA ASP N 134 -46.05 83.04 -1.26
C ASP N 134 -47.39 83.65 -1.67
N LEU N 135 -48.46 83.06 -1.15
CA LEU N 135 -49.81 83.54 -1.42
C LEU N 135 -50.26 84.62 -0.44
N VAL N 136 -49.58 84.76 0.69
CA VAL N 136 -49.87 85.82 1.66
C VAL N 136 -49.10 87.05 1.18
N SER N 137 -49.73 87.83 0.31
CA SER N 137 -49.08 88.98 -0.30
C SER N 137 -50.17 89.85 -0.94
N GLY N 138 -49.73 90.85 -1.71
CA GLY N 138 -50.63 91.83 -2.28
C GLY N 138 -50.12 93.23 -2.02
N PHE N 139 -49.55 93.42 -0.84
CA PHE N 139 -48.83 94.65 -0.52
C PHE N 139 -47.48 94.62 -1.21
N ASP N 140 -47.13 95.70 -1.90
CA ASP N 140 -45.93 95.77 -2.71
C ASP N 140 -44.97 96.78 -2.10
N GLY N 141 -43.81 96.30 -1.64
CA GLY N 141 -42.77 97.17 -1.15
C GLY N 141 -41.81 97.56 -2.25
N ILE N 142 -42.36 98.07 -3.36
CA ILE N 142 -41.54 98.42 -4.52
C ILE N 142 -40.48 99.43 -4.15
N THR N 143 -40.77 100.32 -3.19
CA THR N 143 -39.81 101.32 -2.77
C THR N 143 -38.50 100.67 -2.36
N LYS N 144 -37.44 100.97 -3.10
CA LYS N 144 -36.13 100.44 -2.76
C LYS N 144 -35.70 100.98 -1.40
N LEU N 145 -35.18 100.09 -0.56
CA LEU N 145 -34.70 100.45 0.77
C LEU N 145 -33.19 100.26 0.82
N VAL N 146 -32.49 101.30 1.29
CA VAL N 146 -31.05 101.23 1.47
C VAL N 146 -30.71 101.92 2.78
N TYR N 147 -30.46 101.14 3.83
CA TYR N 147 -30.10 101.69 5.12
C TYR N 147 -28.89 100.95 5.66
N ILE N 148 -27.87 101.71 6.07
CA ILE N 148 -26.66 101.14 6.65
C ILE N 148 -26.93 100.97 8.13
N LYS N 149 -27.53 99.82 8.48
CA LYS N 149 -27.87 99.55 9.87
C LYS N 149 -26.65 99.67 10.78
N SER N 150 -25.45 99.47 10.25
CA SER N 150 -24.25 99.56 11.07
C SER N 150 -24.10 100.96 11.65
N ILE N 151 -23.96 101.97 10.78
CA ILE N 151 -23.76 103.34 11.26
C ILE N 151 -25.02 103.87 11.91
N GLN N 152 -26.19 103.42 11.46
CA GLN N 152 -27.44 103.83 12.09
C GLN N 152 -27.47 103.39 13.55
N ASP N 153 -27.21 102.10 13.80
CA ASP N 153 -27.10 101.63 15.17
C ASP N 153 -25.97 102.31 15.90
N THR N 154 -24.90 102.66 15.20
CA THR N 154 -23.80 103.39 15.83
C THR N 154 -24.29 104.71 16.44
N ILE N 155 -24.97 105.52 15.62
CA ILE N 155 -25.43 106.82 16.11
C ILE N 155 -26.50 106.64 17.18
N GLU N 156 -27.39 105.65 17.01
CA GLU N 156 -28.41 105.42 18.02
C GLU N 156 -27.79 105.02 19.35
N ALA N 157 -26.78 104.16 19.31
CA ALA N 157 -26.12 103.74 20.54
C ALA N 157 -25.32 104.86 21.16
N VAL N 158 -24.75 105.75 20.34
CA VAL N 158 -24.07 106.91 20.90
C VAL N 158 -25.05 107.81 21.63
N GLY N 159 -26.21 108.06 21.02
CA GLY N 159 -27.24 108.84 21.70
C GLY N 159 -27.70 108.18 22.99
N LYS N 160 -27.92 106.87 22.95
CA LYS N 160 -28.35 106.16 24.15
C LYS N 160 -27.27 106.19 25.23
N ASP N 161 -26.01 106.13 24.83
CA ASP N 161 -24.92 106.19 25.80
C ASP N 161 -24.83 107.57 26.43
N PHE N 162 -25.04 108.62 25.62
CA PHE N 162 -25.09 109.97 26.19
C PHE N 162 -26.23 110.09 27.19
N ASN N 163 -27.42 109.57 26.84
CA ASN N 163 -28.55 109.64 27.75
C ASN N 163 -28.29 108.86 29.03
N GLN N 164 -27.67 107.68 28.91
CA GLN N 164 -27.35 106.88 30.09
C GLN N 164 -26.32 107.58 30.96
N LEU N 165 -25.33 108.23 30.33
CA LEU N 165 -24.38 109.03 31.09
C LEU N 165 -25.09 110.15 31.84
N LYS N 166 -26.08 110.76 31.20
CA LYS N 166 -26.85 111.81 31.87
C LYS N 166 -27.59 111.25 33.08
N GLN N 167 -28.26 110.10 32.90
CA GLN N 167 -28.98 109.51 34.02
C GLN N 167 -28.04 109.11 35.14
N ASN N 168 -26.84 108.62 34.80
CA ASN N 168 -25.88 108.22 35.82
C ASN N 168 -25.35 109.43 36.58
N MET N 169 -25.07 110.52 35.84
CA MET N 169 -24.64 111.75 36.50
C MET N 169 -25.75 112.30 37.40
N ALA N 170 -27.01 112.07 37.03
CA ALA N 170 -28.11 112.46 37.91
C ALA N 170 -28.15 111.58 39.15
N ASP N 171 -27.95 110.27 38.99
CA ASP N 171 -27.96 109.36 40.13
C ASP N 171 -26.78 109.61 41.07
N THR N 172 -25.68 110.16 40.57
CA THR N 172 -24.54 110.45 41.43
C THR N 172 -24.94 111.18 42.71
N GLN N 173 -26.01 111.96 42.66
CA GLN N 173 -26.47 112.68 43.85
C GLN N 173 -27.25 111.79 44.79
N THR N 174 -27.74 110.64 44.33
CA THR N 174 -28.50 109.72 45.15
C THR N 174 -27.63 108.68 45.85
N LEU N 175 -26.34 108.63 45.53
CA LEU N 175 -25.49 107.58 46.10
C LEU N 175 -25.31 107.76 47.61
N ILE N 176 -25.24 109.01 48.08
CA ILE N 176 -25.10 109.23 49.51
C ILE N 176 -26.34 108.75 50.25
N ALA N 177 -27.52 108.99 49.67
CA ALA N 177 -28.75 108.48 50.27
C ALA N 177 -28.75 106.95 50.28
N LYS N 178 -28.22 106.33 49.23
CA LYS N 178 -28.11 104.87 49.20
C LYS N 178 -27.20 104.38 50.32
N VAL N 179 -26.06 105.03 50.51
CA VAL N 179 -25.13 104.65 51.58
C VAL N 179 -25.83 104.76 52.93
N ASN N 180 -26.50 105.88 53.17
CA ASN N 180 -27.17 106.09 54.46
C ASN N 180 -28.26 105.05 54.69
N ASP N 181 -29.07 104.78 53.66
CA ASP N 181 -30.13 103.79 53.80
C ASP N 181 -29.56 102.40 54.08
N SER N 182 -28.48 102.03 53.37
CA SER N 182 -27.88 100.72 53.59
C SER N 182 -27.34 100.60 55.01
N ALA N 183 -26.67 101.65 55.49
CA ALA N 183 -26.15 101.61 56.86
C ALA N 183 -27.28 101.52 57.88
N THR N 184 -28.35 102.27 57.64
CA THR N 184 -29.49 102.21 58.57
C THR N 184 -30.11 100.82 58.59
N LYS N 185 -30.28 100.21 57.41
CA LYS N 185 -30.86 98.88 57.37
C LYS N 185 -29.93 97.85 58.02
N GLY N 186 -28.62 98.01 57.85
CA GLY N 186 -27.71 97.11 58.53
C GLY N 186 -27.79 97.23 60.04
N ILE N 187 -27.83 98.47 60.54
CA ILE N 187 -27.98 98.69 61.98
C ILE N 187 -29.29 98.09 62.47
N GLN N 188 -30.36 98.24 61.68
CA GLN N 188 -31.65 97.68 62.06
C GLN N 188 -31.59 96.15 62.13
N GLN N 189 -30.98 95.53 61.13
CA GLN N 189 -30.87 94.08 61.12
C GLN N 189 -30.05 93.59 62.30
N ILE N 190 -29.00 94.33 62.67
CA ILE N 190 -28.23 93.97 63.86
C ILE N 190 -29.10 94.06 65.11
N GLU N 191 -29.72 95.22 65.32
CA GLU N 191 -30.55 95.41 66.50
C GLU N 191 -31.70 94.41 66.56
N ILE N 192 -32.11 93.85 65.43
CA ILE N 192 -33.19 92.87 65.42
C ILE N 192 -32.71 91.54 65.97
N LYS N 193 -31.69 90.96 65.34
CA LYS N 193 -31.15 89.68 65.77
C LYS N 193 -29.94 89.87 66.67
N SER O 19 6.52 105.42 -8.70
CA SER O 19 5.40 104.99 -7.89
C SER O 19 4.21 105.92 -8.07
N GLN O 20 3.68 105.96 -9.28
CA GLN O 20 2.56 106.83 -9.61
C GLN O 20 1.24 106.10 -9.45
N TYR O 21 0.15 106.86 -9.51
CA TYR O 21 -1.19 106.31 -9.37
C TYR O 21 -2.11 106.97 -10.40
N ASN O 22 -3.18 106.25 -10.74
CA ASN O 22 -4.16 106.74 -11.71
C ASN O 22 -5.49 106.04 -11.44
N PRO O 23 -6.13 106.36 -10.31
CA PRO O 23 -7.42 105.72 -10.00
C PRO O 23 -8.41 105.95 -11.13
N VAL O 24 -9.04 104.87 -11.58
CA VAL O 24 -9.92 104.93 -12.75
C VAL O 24 -11.30 105.32 -12.23
N ILE O 25 -11.44 106.60 -11.93
CA ILE O 25 -12.75 107.25 -11.84
C ILE O 25 -12.65 108.60 -12.56
N ASP O 26 -11.42 109.06 -12.82
CA ASP O 26 -11.17 110.30 -13.53
C ASP O 26 -12.00 111.44 -12.96
N THR O 27 -12.28 111.40 -11.66
CA THR O 27 -13.09 112.39 -10.98
C THR O 27 -12.25 113.06 -9.89
N ASN O 28 -12.29 114.39 -9.87
CA ASN O 28 -11.55 115.17 -8.89
C ASN O 28 -12.31 116.44 -8.54
N ILE O 29 -12.07 116.93 -7.33
CA ILE O 29 -12.66 118.16 -6.83
C ILE O 29 -11.50 119.05 -6.41
N SER O 30 -11.22 120.07 -7.21
CA SER O 30 -10.11 120.97 -6.97
C SER O 30 -10.58 122.22 -6.22
N PHE O 31 -9.63 122.84 -5.52
CA PHE O 31 -9.89 124.02 -4.71
C PHE O 31 -9.16 125.20 -5.34
N TYR O 32 -9.91 126.24 -5.68
CA TYR O 32 -9.32 127.42 -6.32
C TYR O 32 -8.42 128.16 -5.34
N GLU O 33 -7.16 128.35 -5.72
CA GLU O 33 -6.28 129.22 -4.94
C GLU O 33 -6.70 130.68 -5.04
N SER O 34 -7.50 131.03 -6.05
CA SER O 34 -8.00 132.39 -6.21
C SER O 34 -9.29 132.60 -5.43
N ASP O 35 -9.24 132.23 -4.15
CA ASP O 35 -10.32 132.48 -3.20
C ASP O 35 -9.79 133.12 -1.93
N ARG O 36 -8.62 133.76 -2.01
CA ARG O 36 -7.96 134.34 -0.85
C ARG O 36 -8.79 135.43 -0.18
N GLY O 37 -9.86 135.90 -0.80
CA GLY O 37 -10.64 137.01 -0.29
C GLY O 37 -12.02 136.55 0.20
N THR O 38 -12.35 136.98 1.42
CA THR O 38 -13.68 136.81 2.00
C THR O 38 -14.07 135.35 2.16
N GLY O 39 -13.11 134.43 2.09
CA GLY O 39 -13.39 133.03 2.33
C GLY O 39 -14.53 132.49 1.48
N VAL O 40 -14.60 132.91 0.22
CA VAL O 40 -15.60 132.39 -0.72
C VAL O 40 -14.97 131.14 -1.34
N LEU O 41 -15.19 130.00 -0.69
CA LEU O 41 -14.59 128.75 -1.13
C LEU O 41 -15.19 128.37 -2.48
N ASN O 42 -14.41 128.50 -3.54
CA ASN O 42 -14.87 128.23 -4.90
C ASN O 42 -14.17 126.96 -5.40
N PHE O 43 -14.86 125.84 -5.31
CA PHE O 43 -14.33 124.57 -5.77
C PHE O 43 -14.74 124.33 -7.22
N ALA O 44 -14.03 123.42 -7.87
CA ALA O 44 -14.31 123.01 -9.23
C ALA O 44 -14.33 121.50 -9.31
N VAL O 45 -15.10 120.98 -10.26
CA VAL O 45 -15.25 119.54 -10.47
C VAL O 45 -14.62 119.21 -11.82
N THR O 46 -14.00 118.03 -11.91
CA THR O 46 -13.38 117.58 -13.14
C THR O 46 -13.61 116.08 -13.28
N LYS O 47 -14.42 115.70 -14.26
CA LYS O 47 -14.67 114.30 -14.57
C LYS O 47 -14.16 114.01 -15.97
N ASN O 48 -13.23 113.06 -16.07
CA ASN O 48 -12.58 112.74 -17.36
C ASN O 48 -11.97 114.00 -17.97
N ASN O 49 -11.21 114.72 -17.15
CA ASN O 49 -10.60 115.98 -17.56
C ASN O 49 -11.63 116.90 -18.18
N ARG O 50 -12.82 116.95 -17.56
CA ARG O 50 -13.93 117.72 -18.09
C ARG O 50 -14.76 118.27 -16.93
N PRO O 51 -15.13 119.55 -16.96
CA PRO O 51 -16.01 120.08 -15.91
C PRO O 51 -17.40 119.47 -16.03
N LEU O 52 -17.91 118.96 -14.92
CA LEU O 52 -19.17 118.23 -14.90
C LEU O 52 -20.34 119.19 -14.67
N SER O 53 -21.34 119.10 -15.52
CA SER O 53 -22.57 119.87 -15.34
C SER O 53 -23.42 119.20 -14.27
N ILE O 54 -23.70 119.94 -13.20
CA ILE O 54 -24.37 119.40 -12.03
C ILE O 54 -25.76 120.04 -11.90
N SER O 55 -26.51 119.55 -10.92
CA SER O 55 -27.80 120.12 -10.57
C SER O 55 -28.03 119.92 -9.08
N SER O 56 -29.24 120.29 -8.64
CA SER O 56 -29.61 120.06 -7.24
C SER O 56 -30.02 118.61 -7.01
N GLU O 57 -30.52 117.94 -8.03
CA GLU O 57 -31.04 116.59 -7.91
C GLU O 57 -30.04 115.55 -8.41
N HIS O 58 -29.28 115.88 -9.45
CA HIS O 58 -28.43 114.89 -10.10
C HIS O 58 -27.17 114.55 -9.31
N VAL O 59 -26.79 115.35 -8.32
CA VAL O 59 -25.59 115.12 -7.53
C VAL O 59 -25.87 115.57 -6.10
N LYS O 60 -24.87 115.43 -5.25
CA LYS O 60 -24.96 115.90 -3.87
C LYS O 60 -23.57 116.34 -3.40
N THR O 61 -23.58 117.18 -2.37
CA THR O 61 -22.36 117.81 -1.90
C THR O 61 -22.42 117.97 -0.39
N PHE O 62 -21.28 118.27 0.20
CA PHE O 62 -21.19 118.44 1.64
C PHE O 62 -19.81 118.98 1.98
N ILE O 63 -19.73 119.72 3.09
CA ILE O 63 -18.45 120.26 3.54
C ILE O 63 -18.47 120.32 5.06
N VAL O 64 -17.32 120.06 5.66
CA VAL O 64 -17.13 120.14 7.10
C VAL O 64 -15.85 120.92 7.37
N LEU O 65 -15.85 121.72 8.43
CA LEU O 65 -14.70 122.54 8.78
C LEU O 65 -14.52 122.52 10.28
N LYS O 66 -13.28 122.34 10.72
CA LYS O 66 -12.94 122.38 12.14
C LYS O 66 -11.68 123.24 12.31
N THR O 67 -11.71 124.12 13.31
CA THR O 67 -10.60 125.03 13.54
C THR O 67 -9.37 124.29 14.03
N ASP O 68 -8.30 125.03 14.35
CA ASP O 68 -7.10 124.42 14.90
C ASP O 68 -7.45 123.70 16.19
N ASP O 69 -6.46 123.01 16.74
CA ASP O 69 -6.73 122.05 17.81
C ASP O 69 -7.13 122.74 19.10
N TYR O 70 -8.28 123.40 19.09
CA TYR O 70 -8.93 123.82 20.32
C TYR O 70 -9.15 122.60 21.21
N ASN O 71 -8.97 122.77 22.52
CA ASN O 71 -9.13 121.62 23.39
C ASN O 71 -10.57 121.10 23.33
N VAL O 72 -11.53 121.85 23.90
CA VAL O 72 -12.94 121.60 23.64
C VAL O 72 -13.70 122.91 23.51
N ASP O 73 -13.08 124.02 23.93
CA ASP O 73 -13.85 125.22 24.26
C ASP O 73 -14.29 125.99 23.03
N ARG O 74 -13.37 126.32 22.13
CA ARG O 74 -13.67 127.13 20.95
C ARG O 74 -13.49 126.24 19.71
N GLY O 75 -14.55 125.50 19.38
CA GLY O 75 -14.52 124.63 18.23
C GLY O 75 -15.36 125.12 17.09
N ALA O 76 -14.71 125.63 16.04
CA ALA O 76 -15.41 126.05 14.82
C ALA O 76 -15.73 124.80 14.01
N TYR O 77 -16.60 123.97 14.59
CA TYR O 77 -17.01 122.70 13.99
C TYR O 77 -18.31 122.91 13.24
N ILE O 78 -18.21 123.17 11.94
CA ILE O 78 -19.36 123.47 11.11
C ILE O 78 -19.50 122.42 10.04
N SER O 79 -20.74 122.20 9.59
CA SER O 79 -21.04 121.22 8.55
C SER O 79 -22.21 121.75 7.75
N ASP O 80 -22.02 121.91 6.43
CA ASP O 80 -23.07 122.48 5.61
C ASP O 80 -22.90 122.02 4.17
N GLU O 81 -23.97 122.16 3.41
CA GLU O 81 -23.97 121.78 1.99
C GLU O 81 -23.25 122.86 1.19
N LEU O 82 -23.30 122.73 -0.14
CA LEU O 82 -22.63 123.65 -1.05
C LEU O 82 -23.63 124.61 -1.67
N THR O 83 -23.12 125.53 -2.47
CA THR O 83 -23.95 126.45 -3.25
C THR O 83 -23.50 126.38 -4.70
N ILE O 84 -24.43 126.03 -5.58
CA ILE O 84 -24.14 125.86 -7.00
C ILE O 84 -24.04 127.25 -7.62
N VAL O 85 -22.82 127.74 -7.80
CA VAL O 85 -22.62 129.05 -8.41
C VAL O 85 -22.74 128.95 -9.93
N ASP O 86 -22.14 127.92 -10.52
CA ASP O 86 -22.23 127.72 -11.97
C ASP O 86 -22.03 126.24 -12.25
N ALA O 87 -23.13 125.53 -12.51
CA ALA O 87 -23.06 124.10 -12.73
C ALA O 87 -22.54 123.77 -14.12
N ILE O 88 -23.17 124.35 -15.15
CA ILE O 88 -22.75 124.11 -16.52
C ILE O 88 -21.25 124.32 -16.70
N ASN O 89 -20.67 125.23 -15.91
CA ASN O 89 -19.23 125.43 -15.94
C ASN O 89 -18.52 124.51 -14.95
N GLY O 90 -19.22 124.06 -13.92
CA GLY O 90 -18.66 123.11 -12.97
C GLY O 90 -18.07 123.72 -11.73
N ARG O 91 -18.52 124.90 -11.32
CA ARG O 91 -18.01 125.56 -10.12
C ARG O 91 -19.04 125.48 -9.00
N LEU O 92 -18.54 125.37 -7.77
CA LEU O 92 -19.37 125.27 -6.58
C LEU O 92 -18.87 126.29 -5.57
N GLN O 93 -19.73 127.22 -5.19
CA GLN O 93 -19.37 128.26 -4.24
C GLN O 93 -19.87 127.91 -2.85
N TYR O 94 -19.11 128.33 -1.85
CA TYR O 94 -19.52 128.22 -0.45
C TYR O 94 -19.10 129.50 0.26
N VAL O 95 -20.09 130.27 0.71
CA VAL O 95 -19.82 131.51 1.42
C VAL O 95 -19.54 131.20 2.88
N ILE O 96 -18.41 131.67 3.38
CA ILE O 96 -18.00 131.36 4.75
C ILE O 96 -18.85 132.19 5.71
N PRO O 97 -19.47 131.59 6.72
CA PRO O 97 -20.21 132.39 7.70
C PRO O 97 -19.29 133.33 8.45
N ASN O 98 -19.77 134.56 8.65
CA ASN O 98 -18.98 135.54 9.39
C ASN O 98 -18.66 135.05 10.79
N GLU O 99 -19.61 134.39 11.43
CA GLU O 99 -19.38 133.88 12.79
C GLU O 99 -18.28 132.84 12.81
N PHE O 100 -18.04 132.16 11.69
CA PHE O 100 -17.03 131.11 11.65
C PHE O 100 -15.63 131.69 11.49
N LEU O 101 -15.45 132.62 10.54
CA LEU O 101 -14.12 133.14 10.24
C LEU O 101 -13.53 133.95 11.39
N LYS O 102 -14.29 134.20 12.46
CA LYS O 102 -13.72 134.87 13.62
C LYS O 102 -12.58 134.05 14.22
N HIS O 103 -12.61 132.74 14.06
CA HIS O 103 -11.56 131.87 14.58
C HIS O 103 -10.37 131.95 13.63
N SER O 104 -9.36 132.74 14.02
CA SER O 104 -8.18 132.90 13.19
C SER O 104 -7.28 131.67 13.17
N GLY O 105 -7.67 130.58 13.83
CA GLY O 105 -6.85 129.39 13.80
C GLY O 105 -6.98 128.66 12.49
N LYS O 106 -5.93 127.93 12.14
CA LYS O 106 -5.92 127.16 10.89
C LYS O 106 -7.11 126.21 10.85
N VAL O 107 -8.00 126.42 9.89
CA VAL O 107 -9.24 125.66 9.79
C VAL O 107 -9.02 124.51 8.80
N HIS O 108 -8.92 123.30 9.33
CA HIS O 108 -8.95 122.12 8.49
C HIS O 108 -10.33 121.93 7.89
N ALA O 109 -10.37 121.40 6.67
CA ALA O 109 -11.59 121.32 5.88
C ALA O 109 -11.64 119.97 5.17
N GLN O 110 -12.85 119.43 5.09
CA GLN O 110 -13.13 118.18 4.38
C GLN O 110 -14.33 118.40 3.51
N ALA O 111 -14.12 118.43 2.19
CA ALA O 111 -15.19 118.53 1.22
C ALA O 111 -15.55 117.14 0.72
N PHE O 112 -16.80 116.97 0.33
CA PHE O 112 -17.30 115.70 -0.21
C PHE O 112 -18.23 116.01 -1.36
N PHE O 113 -17.94 115.45 -2.53
CA PHE O 113 -18.80 115.56 -3.69
C PHE O 113 -19.21 114.15 -4.13
N THR O 114 -20.43 114.04 -4.66
CA THR O 114 -20.95 112.75 -5.07
C THR O 114 -21.82 112.93 -6.31
N GLN O 115 -21.54 112.14 -7.33
CA GLN O 115 -22.21 112.29 -8.63
C GLN O 115 -23.52 111.54 -8.71
N ASN O 116 -23.60 110.36 -8.11
CA ASN O 116 -24.78 109.50 -8.22
C ASN O 116 -25.06 109.18 -9.70
N GLY O 117 -24.03 108.74 -10.39
CA GLY O 117 -24.15 108.35 -11.78
C GLY O 117 -24.02 106.85 -11.95
N SER O 118 -24.65 106.10 -11.04
CA SER O 118 -24.59 104.65 -11.00
C SER O 118 -23.22 104.14 -10.61
N ASP O 119 -22.37 105.01 -10.08
CA ASP O 119 -21.05 104.64 -9.59
C ASP O 119 -20.92 105.10 -8.14
N ASN O 120 -20.35 104.24 -7.30
CA ASN O 120 -20.23 104.53 -5.89
C ASN O 120 -19.04 105.43 -5.61
N VAL O 121 -18.95 106.54 -6.32
CA VAL O 121 -17.86 107.49 -6.15
C VAL O 121 -18.31 108.58 -5.19
N VAL O 122 -17.56 108.75 -4.11
CA VAL O 122 -17.77 109.83 -3.16
C VAL O 122 -16.40 110.45 -2.93
N VAL O 123 -16.08 111.50 -3.67
CA VAL O 123 -14.75 112.08 -3.64
C VAL O 123 -14.63 113.00 -2.44
N GLU O 124 -13.61 112.76 -1.61
CA GLU O 124 -13.36 113.54 -0.43
C GLU O 124 -12.05 114.32 -0.61
N ARG O 125 -12.05 115.57 -0.19
CA ARG O 125 -10.90 116.47 -0.31
C ARG O 125 -10.55 117.00 1.06
N GLN O 126 -9.40 116.60 1.58
CA GLN O 126 -8.91 117.06 2.88
C GLN O 126 -7.85 118.13 2.67
N PHE O 127 -8.02 119.27 3.33
CA PHE O 127 -7.08 120.37 3.19
C PHE O 127 -7.21 121.28 4.41
N SER O 128 -6.62 122.46 4.32
CA SER O 128 -6.65 123.43 5.41
C SER O 128 -6.14 124.76 4.87
N PHE O 129 -6.05 125.74 5.77
CA PHE O 129 -5.52 127.06 5.44
C PHE O 129 -5.27 127.80 6.75
N ASN O 130 -4.96 129.09 6.66
CA ASN O 130 -4.61 129.89 7.82
C ASN O 130 -5.59 131.05 8.00
N ILE O 131 -6.89 130.74 7.94
CA ILE O 131 -7.94 131.75 8.01
C ILE O 131 -7.65 132.76 9.09
N GLU O 132 -7.86 134.04 8.78
CA GLU O 132 -7.68 135.13 9.72
C GLU O 132 -9.04 135.66 10.16
N ASN O 133 -9.05 136.38 11.28
CA ASN O 133 -10.29 136.90 11.83
C ASN O 133 -11.06 137.77 10.84
N ASP O 134 -10.40 138.28 9.81
CA ASP O 134 -11.07 139.12 8.82
C ASP O 134 -11.61 138.30 7.65
N LEU O 135 -10.80 137.40 7.10
CA LEU O 135 -11.24 136.52 6.02
C LEU O 135 -10.16 135.47 5.81
N VAL O 136 -10.36 134.63 4.79
CA VAL O 136 -9.45 133.52 4.54
C VAL O 136 -8.06 134.06 4.23
N SER O 137 -7.06 133.53 4.93
CA SER O 137 -5.68 133.94 4.77
C SER O 137 -4.79 132.70 4.69
N GLY O 138 -3.70 132.83 3.96
CA GLY O 138 -2.78 131.71 3.78
C GLY O 138 -3.49 130.46 3.33
N PHE O 139 -4.05 130.51 2.11
CA PHE O 139 -4.78 129.37 1.55
C PHE O 139 -3.80 128.30 1.08
N ASP O 140 -3.06 127.76 2.03
CA ASP O 140 -1.99 126.82 1.79
C ASP O 140 -2.29 125.51 2.51
N GLY O 141 -1.33 124.60 2.50
CA GLY O 141 -1.47 123.30 3.12
C GLY O 141 -1.49 122.21 2.06
N ILE O 142 -0.80 121.11 2.35
CA ILE O 142 -0.74 120.00 1.41
C ILE O 142 -2.13 119.37 1.36
N THR O 143 -2.85 119.60 0.27
CA THR O 143 -4.19 119.06 0.10
C THR O 143 -4.14 117.66 -0.49
N LYS O 144 -4.96 116.78 0.05
CA LYS O 144 -5.05 115.40 -0.44
C LYS O 144 -6.50 115.07 -0.78
N LEU O 145 -6.67 113.99 -1.52
CA LEU O 145 -7.98 113.54 -1.94
C LEU O 145 -8.06 112.03 -1.81
N VAL O 146 -9.25 111.55 -1.47
CA VAL O 146 -9.52 110.12 -1.34
C VAL O 146 -10.87 109.82 -1.98
N TYR O 147 -11.14 108.53 -2.16
CA TYR O 147 -12.36 108.05 -2.80
C TYR O 147 -12.99 107.01 -1.89
N ILE O 148 -14.19 107.32 -1.39
CA ILE O 148 -14.92 106.39 -0.52
C ILE O 148 -15.63 105.37 -1.42
N LYS O 149 -14.93 104.27 -1.71
CA LYS O 149 -15.41 103.25 -2.64
C LYS O 149 -15.66 101.94 -1.93
N SER O 150 -16.13 102.00 -0.68
CA SER O 150 -16.38 100.81 0.12
C SER O 150 -17.12 101.23 1.37
N ILE O 151 -18.08 100.41 1.80
CA ILE O 151 -18.81 100.76 3.02
C ILE O 151 -18.07 100.19 4.22
N GLN O 152 -16.94 100.81 4.55
CA GLN O 152 -16.41 100.83 5.91
C GLN O 152 -15.80 102.17 6.29
N ASP O 153 -15.35 102.96 5.33
CA ASP O 153 -14.70 104.24 5.61
C ASP O 153 -15.69 105.40 5.62
N THR O 154 -16.94 105.16 5.19
CA THR O 154 -18.00 106.11 5.52
C THR O 154 -18.06 106.30 7.03
N ILE O 155 -17.82 105.23 7.78
CA ILE O 155 -17.68 105.34 9.22
C ILE O 155 -16.34 105.97 9.59
N GLU O 156 -15.31 105.72 8.78
CA GLU O 156 -13.98 106.23 9.04
C GLU O 156 -13.73 107.62 8.46
N ALA O 157 -14.59 108.08 7.54
CA ALA O 157 -14.42 109.42 6.99
C ALA O 157 -14.42 110.46 8.09
N VAL O 158 -15.54 110.57 8.81
CA VAL O 158 -15.60 111.39 10.02
C VAL O 158 -15.32 110.58 11.27
N GLY O 159 -14.96 109.30 11.12
CA GLY O 159 -14.75 108.44 12.27
C GLY O 159 -13.70 108.95 13.24
N LYS O 160 -12.77 109.78 12.77
CA LYS O 160 -11.71 110.27 13.66
C LYS O 160 -12.31 111.08 14.80
N ASP O 161 -12.95 112.22 14.48
CA ASP O 161 -13.53 113.05 15.52
C ASP O 161 -14.73 112.37 16.19
N PHE O 162 -15.44 111.53 15.45
CA PHE O 162 -16.54 110.77 16.03
C PHE O 162 -16.03 109.90 17.18
N ASN O 163 -15.03 109.07 16.91
CA ASN O 163 -14.46 108.23 17.97
C ASN O 163 -13.78 109.07 19.03
N GLN O 164 -13.23 110.23 18.67
CA GLN O 164 -12.64 111.11 19.67
C GLN O 164 -13.68 111.54 20.69
N LEU O 165 -14.82 112.05 20.21
CA LEU O 165 -15.89 112.44 21.12
C LEU O 165 -16.44 111.23 21.87
N LYS O 166 -16.52 110.08 21.22
CA LYS O 166 -16.97 108.88 21.91
C LYS O 166 -16.05 108.53 23.08
N GLN O 167 -14.74 108.60 22.86
CA GLN O 167 -13.79 108.32 23.93
C GLN O 167 -13.83 109.39 25.01
N ASN O 168 -14.11 110.64 24.64
CA ASN O 168 -14.26 111.68 25.65
C ASN O 168 -15.47 111.39 26.53
N MET O 169 -16.59 111.01 25.90
CA MET O 169 -17.77 110.63 26.67
C MET O 169 -17.47 109.43 27.57
N ALA O 170 -16.71 108.47 27.06
CA ALA O 170 -16.35 107.30 27.87
C ALA O 170 -15.45 107.69 29.03
N ASP O 171 -14.55 108.66 28.83
CA ASP O 171 -13.70 109.13 29.92
C ASP O 171 -14.52 109.80 31.00
N THR O 172 -15.45 110.67 30.61
CA THR O 172 -16.35 111.27 31.59
C THR O 172 -17.16 110.18 32.30
N GLN O 173 -17.58 109.16 31.55
CA GLN O 173 -18.35 108.08 32.16
C GLN O 173 -17.53 107.31 33.18
N THR O 174 -16.27 107.04 32.88
CA THR O 174 -15.44 106.30 33.84
C THR O 174 -15.07 107.17 35.04
N LEU O 175 -14.93 108.48 34.85
CA LEU O 175 -14.76 109.36 36.01
C LEU O 175 -15.99 109.32 36.90
N ILE O 176 -17.18 109.39 36.31
CA ILE O 176 -18.40 109.28 37.09
C ILE O 176 -18.47 107.92 37.78
N ALA O 177 -18.04 106.87 37.10
CA ALA O 177 -18.08 105.53 37.68
C ALA O 177 -17.12 105.42 38.85
N LYS O 178 -15.97 106.09 38.77
CA LYS O 178 -15.05 106.09 39.90
C LYS O 178 -15.62 106.88 41.08
N VAL O 179 -16.25 108.03 40.78
CA VAL O 179 -16.89 108.79 41.85
C VAL O 179 -17.98 107.98 42.51
N ASN O 180 -18.67 107.13 41.76
CA ASN O 180 -19.72 106.29 42.32
C ASN O 180 -19.14 105.11 43.10
N ASP O 181 -18.04 104.54 42.60
CA ASP O 181 -17.39 103.44 43.31
C ASP O 181 -16.77 103.92 44.61
N SER O 182 -16.39 105.20 44.68
CA SER O 182 -15.88 105.74 45.93
C SER O 182 -16.86 105.52 47.08
N ALA O 183 -18.15 105.54 46.80
CA ALA O 183 -19.17 105.29 47.81
C ALA O 183 -19.71 103.87 47.78
N THR O 184 -19.63 103.18 46.64
CA THR O 184 -19.95 101.76 46.63
C THR O 184 -18.99 101.00 47.54
N LYS O 185 -17.72 101.44 47.60
CA LYS O 185 -16.78 100.84 48.53
C LYS O 185 -17.20 101.10 49.97
N GLY O 186 -17.74 102.29 50.24
CA GLY O 186 -18.27 102.55 51.57
C GLY O 186 -19.45 101.66 51.89
N ILE O 187 -20.30 101.39 50.89
CA ILE O 187 -21.40 100.45 51.08
C ILE O 187 -20.86 99.07 51.44
N GLN O 188 -19.81 98.64 50.73
CA GLN O 188 -19.20 97.34 51.03
C GLN O 188 -18.64 97.31 52.44
N GLN O 189 -17.93 98.37 52.84
CA GLN O 189 -17.40 98.44 54.19
C GLN O 189 -18.51 98.40 55.22
N ILE O 190 -19.61 99.09 54.95
CA ILE O 190 -20.74 99.11 55.88
C ILE O 190 -21.31 97.71 56.03
N GLU O 191 -21.64 97.07 54.91
CA GLU O 191 -22.25 95.74 54.99
C GLU O 191 -21.33 94.74 55.68
N ILE O 192 -20.03 94.82 55.40
CA ILE O 192 -19.11 93.84 55.98
C ILE O 192 -18.92 94.10 57.47
N LYS O 193 -18.79 95.37 57.87
CA LYS O 193 -18.65 95.67 59.29
C LYS O 193 -19.90 95.26 60.05
N GLN O 194 -21.07 95.41 59.44
CA GLN O 194 -22.31 95.00 60.12
C GLN O 194 -22.39 93.48 60.20
N ASN O 195 -22.06 92.78 59.12
CA ASN O 195 -22.06 91.32 59.16
C ASN O 195 -21.06 90.79 60.18
N GLU O 196 -19.97 91.52 60.42
CA GLU O 196 -19.01 91.11 61.43
C GLU O 196 -19.52 91.43 62.83
N ALA O 197 -20.20 92.56 63.00
CA ALA O 197 -20.71 92.93 64.31
C ALA O 197 -21.82 92.01 64.77
N ILE O 198 -22.71 91.60 63.86
CA ILE O 198 -23.81 90.74 64.26
C ILE O 198 -23.29 89.42 64.84
N GLN O 199 -22.12 88.99 64.42
CA GLN O 199 -21.53 87.76 64.92
C GLN O 199 -21.38 87.79 66.44
N VAL P 3 -62.99 64.90 9.81
CA VAL P 3 -62.58 64.43 11.13
C VAL P 3 -63.23 63.08 11.43
N ASP P 4 -64.48 62.93 10.98
CA ASP P 4 -65.22 61.70 11.22
C ASP P 4 -64.56 60.54 10.46
N ASN P 5 -65.09 59.35 10.68
CA ASN P 5 -64.65 58.17 9.95
C ASN P 5 -65.48 57.96 8.69
N PHE P 6 -65.64 59.03 7.92
CA PHE P 6 -66.34 58.97 6.64
C PHE P 6 -65.64 59.76 5.55
N SER P 7 -64.76 60.70 5.87
CA SER P 7 -64.11 61.53 4.88
C SER P 7 -63.09 60.71 4.09
N LYS P 8 -62.38 61.39 3.20
CA LYS P 8 -61.31 60.74 2.46
C LYS P 8 -60.12 60.45 3.39
N ASP P 9 -59.52 61.50 3.93
CA ASP P 9 -58.44 61.41 4.92
C ASP P 9 -57.47 60.28 4.60
N ASP P 10 -56.95 60.31 3.38
CA ASP P 10 -55.94 59.35 2.93
C ASP P 10 -54.77 60.08 2.29
N ASN P 11 -54.38 61.20 2.88
CA ASN P 11 -53.32 62.05 2.35
C ASN P 11 -52.46 62.52 3.51
N LEU P 12 -51.17 62.19 3.47
CA LEU P 12 -50.21 62.61 4.48
C LEU P 12 -49.20 63.52 3.80
N ILE P 13 -49.32 64.83 4.05
CA ILE P 13 -48.46 65.83 3.44
C ILE P 13 -47.33 66.16 4.41
N GLU P 14 -46.10 66.12 3.91
CA GLU P 14 -44.91 66.34 4.72
C GLU P 14 -44.47 67.78 4.53
N LEU P 15 -45.02 68.67 5.37
CA LEU P 15 -44.66 70.09 5.35
C LEU P 15 -43.47 70.27 6.28
N GLN P 16 -42.27 70.30 5.69
CA GLN P 16 -41.03 70.40 6.46
C GLN P 16 -40.53 71.84 6.42
N THR P 17 -40.22 72.38 7.60
CA THR P 17 -39.71 73.75 7.72
C THR P 17 -38.21 73.73 7.46
N THR P 18 -37.86 73.57 6.19
CA THR P 18 -36.47 73.50 5.75
C THR P 18 -36.14 74.74 4.93
N SER P 19 -35.13 75.48 5.37
CA SER P 19 -34.71 76.68 4.65
C SER P 19 -33.95 76.36 3.37
N GLN P 20 -33.52 75.12 3.18
CA GLN P 20 -32.72 74.76 2.02
C GLN P 20 -33.49 74.98 0.74
N TYR P 21 -34.54 74.21 0.52
CA TYR P 21 -35.36 74.37 -0.68
C TYR P 21 -36.59 73.49 -0.56
N ASN P 22 -37.72 74.01 -1.06
CA ASN P 22 -39.00 73.33 -1.05
C ASN P 22 -39.84 73.90 -2.18
N PRO P 23 -39.54 73.57 -3.43
CA PRO P 23 -40.11 74.32 -4.55
C PRO P 23 -41.64 74.29 -4.60
N VAL P 24 -42.20 73.10 -4.81
CA VAL P 24 -43.64 72.94 -4.91
C VAL P 24 -43.96 71.45 -4.88
N ILE P 25 -45.18 71.12 -4.46
CA ILE P 25 -45.68 69.74 -4.46
C ILE P 25 -46.85 69.69 -5.43
N ASP P 26 -46.68 68.91 -6.50
CA ASP P 26 -47.79 68.62 -7.42
C ASP P 26 -48.54 67.40 -6.89
N THR P 27 -49.17 67.61 -5.73
CA THR P 27 -49.80 66.52 -5.01
C THR P 27 -50.72 65.71 -5.91
N ASN P 28 -50.74 64.40 -5.68
CA ASN P 28 -51.60 63.45 -6.39
C ASN P 28 -52.82 63.23 -5.50
N ILE P 29 -53.87 64.02 -5.72
CA ILE P 29 -55.02 64.03 -4.84
C ILE P 29 -56.18 64.66 -5.57
N SER P 30 -57.40 64.23 -5.23
CA SER P 30 -58.61 64.72 -5.87
C SER P 30 -59.75 64.70 -4.88
N PHE P 31 -60.81 65.44 -5.22
CA PHE P 31 -62.00 65.50 -4.39
C PHE P 31 -63.31 65.40 -5.16
N TYR P 32 -63.31 65.56 -6.48
CA TYR P 32 -64.43 65.30 -7.38
C TYR P 32 -65.54 66.34 -7.28
N GLU P 33 -65.33 67.44 -6.56
CA GLU P 33 -66.16 68.64 -6.69
C GLU P 33 -67.57 68.49 -6.11
N SER P 34 -67.94 67.26 -5.72
CA SER P 34 -69.28 67.02 -5.21
C SER P 34 -69.29 66.55 -3.78
N ASP P 35 -68.14 66.28 -3.17
CA ASP P 35 -68.11 65.93 -1.76
C ASP P 35 -68.76 67.04 -0.92
N ARG P 36 -68.13 68.21 -0.91
CA ARG P 36 -68.74 69.44 -0.39
C ARG P 36 -69.12 69.31 1.08
N GLY P 37 -68.86 68.17 1.70
CA GLY P 37 -69.15 68.00 3.11
C GLY P 37 -67.99 67.42 3.89
N THR P 38 -67.07 66.76 3.18
CA THR P 38 -65.92 66.12 3.83
C THR P 38 -64.76 66.15 2.86
N GLY P 39 -63.93 67.18 2.97
CA GLY P 39 -62.62 67.17 2.36
C GLY P 39 -61.58 67.44 3.43
N VAL P 40 -60.78 66.44 3.76
CA VAL P 40 -59.86 66.50 4.89
C VAL P 40 -58.44 66.39 4.37
N LEU P 41 -57.57 67.27 4.87
CA LEU P 41 -56.15 67.28 4.55
C LEU P 41 -55.38 67.06 5.83
N ASN P 42 -54.60 65.98 5.88
CA ASN P 42 -53.84 65.62 7.07
C ASN P 42 -52.39 66.04 6.85
N PHE P 43 -52.07 67.27 7.25
CA PHE P 43 -50.71 67.78 7.17
C PHE P 43 -49.86 67.21 8.29
N ALA P 44 -48.62 66.85 7.94
CA ALA P 44 -47.57 66.60 8.91
C ALA P 44 -46.62 67.80 8.96
N VAL P 45 -45.80 67.83 10.00
CA VAL P 45 -44.85 68.92 10.18
C VAL P 45 -43.53 68.35 10.66
N THR P 46 -42.44 68.89 10.15
CA THR P 46 -41.10 68.46 10.54
C THR P 46 -40.15 69.63 10.41
N LYS P 47 -39.07 69.60 11.19
CA LYS P 47 -38.06 70.65 11.14
C LYS P 47 -36.96 70.29 10.14
N ASN P 48 -36.24 69.21 10.40
CA ASN P 48 -35.30 68.65 9.43
C ASN P 48 -35.68 67.23 9.04
N ASN P 49 -35.86 66.34 10.01
CA ASN P 49 -36.39 65.01 9.76
C ASN P 49 -37.29 64.50 10.87
N ARG P 50 -37.56 65.31 11.89
CA ARG P 50 -38.34 64.91 13.04
C ARG P 50 -39.58 65.79 13.16
N PRO P 51 -40.64 65.31 13.81
CA PRO P 51 -41.85 66.11 13.95
C PRO P 51 -41.66 67.25 14.95
N LEU P 52 -42.53 68.25 14.83
CA LEU P 52 -42.52 69.40 15.70
C LEU P 52 -43.47 69.19 16.88
N SER P 53 -43.35 70.06 17.88
CA SER P 53 -44.18 70.06 19.07
C SER P 53 -44.82 71.44 19.18
N ILE P 54 -46.00 71.59 18.57
CA ILE P 54 -46.70 72.87 18.51
C ILE P 54 -48.01 72.73 19.25
N SER P 55 -48.27 73.65 20.17
CA SER P 55 -49.47 73.66 21.00
C SER P 55 -50.27 74.92 20.74
N SER P 56 -51.44 75.00 21.36
CA SER P 56 -52.30 76.16 21.20
C SER P 56 -51.68 77.40 21.86
N GLU P 57 -51.27 77.27 23.12
CA GLU P 57 -50.54 78.36 23.77
C GLU P 57 -49.35 78.78 22.93
N HIS P 58 -48.69 77.82 22.30
CA HIS P 58 -47.62 78.10 21.36
C HIS P 58 -48.22 78.50 20.02
N VAL P 59 -47.41 78.46 18.96
CA VAL P 59 -47.79 78.99 17.66
C VAL P 59 -49.22 78.64 17.29
N LYS P 60 -49.95 79.62 16.78
CA LYS P 60 -51.24 79.37 16.14
C LYS P 60 -51.03 79.03 14.67
N THR P 61 -52.02 78.36 14.10
CA THR P 61 -51.93 77.83 12.75
C THR P 61 -52.83 78.62 11.81
N PHE P 62 -52.48 78.56 10.53
CA PHE P 62 -53.28 79.16 9.47
C PHE P 62 -52.95 78.47 8.17
N ILE P 63 -53.95 78.37 7.30
CA ILE P 63 -53.78 77.80 5.97
C ILE P 63 -54.50 78.70 4.98
N VAL P 64 -53.83 79.03 3.89
CA VAL P 64 -54.38 79.88 2.85
C VAL P 64 -54.65 79.02 1.63
N LEU P 65 -55.85 79.17 1.07
CA LEU P 65 -56.28 78.47 -0.13
C LEU P 65 -56.60 79.48 -1.21
N LYS P 66 -56.26 79.15 -2.45
CA LYS P 66 -56.41 80.08 -3.56
C LYS P 66 -56.56 79.28 -4.85
N THR P 67 -57.71 79.42 -5.51
CA THR P 67 -57.90 78.73 -6.78
C THR P 67 -56.84 79.16 -7.78
N ASP P 68 -56.78 78.43 -8.89
CA ASP P 68 -55.78 78.70 -9.91
C ASP P 68 -55.98 80.09 -10.50
N ASP P 69 -57.14 80.32 -11.11
CA ASP P 69 -57.45 81.60 -11.75
C ASP P 69 -58.23 82.44 -10.74
N TYR P 70 -57.50 83.15 -9.90
CA TYR P 70 -58.12 84.05 -8.92
C TYR P 70 -58.20 85.45 -9.47
N ASN P 71 -59.37 86.08 -9.33
CA ASN P 71 -59.57 87.44 -9.78
C ASN P 71 -60.67 88.06 -8.92
N VAL P 72 -60.59 89.39 -8.75
CA VAL P 72 -61.60 90.09 -7.98
C VAL P 72 -63.00 89.79 -8.50
N ASP P 73 -63.10 89.46 -9.79
CA ASP P 73 -64.39 89.12 -10.39
C ASP P 73 -64.65 87.63 -10.40
N ARG P 74 -63.60 86.81 -10.50
CA ARG P 74 -63.74 85.37 -10.56
C ARG P 74 -62.61 84.72 -9.78
N GLY P 75 -62.94 83.63 -9.08
CA GLY P 75 -61.94 82.86 -8.38
C GLY P 75 -62.29 82.56 -6.93
N ALA P 76 -61.28 82.39 -6.10
CA ALA P 76 -61.48 82.09 -4.69
C ALA P 76 -60.16 82.26 -3.95
N TYR P 77 -60.27 82.74 -2.71
CA TYR P 77 -59.10 82.95 -1.86
C TYR P 77 -59.54 83.16 -0.42
N ILE P 78 -58.99 82.35 0.50
CA ILE P 78 -59.32 82.47 1.92
C ILE P 78 -58.13 82.04 2.75
N SER P 79 -58.21 82.30 4.06
CA SER P 79 -57.21 81.91 5.03
C SER P 79 -57.92 81.58 6.33
N ASP P 80 -57.81 80.33 6.77
CA ASP P 80 -58.54 79.86 7.95
C ASP P 80 -57.59 79.04 8.82
N GLU P 81 -58.15 78.35 9.81
CA GLU P 81 -57.35 77.62 10.79
C GLU P 81 -57.12 76.18 10.33
N LEU P 82 -56.40 75.42 11.15
CA LEU P 82 -55.98 74.07 10.80
C LEU P 82 -56.62 72.97 11.64
N THR P 83 -57.14 73.30 12.83
CA THR P 83 -57.77 72.31 13.71
C THR P 83 -56.77 71.21 14.08
N ILE P 84 -55.76 71.64 14.84
CA ILE P 84 -54.70 70.74 15.28
C ILE P 84 -55.29 69.44 15.82
N VAL P 85 -54.63 68.33 15.52
CA VAL P 85 -55.04 67.02 16.00
C VAL P 85 -54.11 66.59 17.13
N ASP P 86 -52.83 66.44 16.82
CA ASP P 86 -51.82 66.02 17.78
C ASP P 86 -50.73 67.07 17.85
N ALA P 87 -50.58 67.69 19.02
CA ALA P 87 -49.55 68.70 19.24
C ALA P 87 -48.17 68.12 19.44
N ILE P 88 -48.01 66.80 19.32
CA ILE P 88 -46.73 66.14 19.56
C ILE P 88 -46.09 65.71 18.24
N ASN P 89 -46.81 64.96 17.41
CA ASN P 89 -46.31 64.50 16.13
C ASN P 89 -46.57 65.48 15.00
N GLY P 90 -47.14 66.65 15.29
CA GLY P 90 -47.46 67.61 14.26
C GLY P 90 -48.46 67.09 13.26
N ARG P 91 -49.65 66.74 13.75
CA ARG P 91 -50.73 66.22 12.92
C ARG P 91 -51.84 67.27 12.85
N LEU P 92 -52.08 67.80 11.65
CA LEU P 92 -53.02 68.90 11.45
C LEU P 92 -54.07 68.48 10.43
N GLN P 93 -55.28 68.19 10.88
CA GLN P 93 -56.36 67.82 9.99
C GLN P 93 -57.20 69.06 9.70
N TYR P 94 -57.20 69.48 8.44
CA TYR P 94 -57.96 70.64 8.01
C TYR P 94 -59.13 70.20 7.15
N VAL P 95 -60.33 70.65 7.51
CA VAL P 95 -61.54 70.34 6.75
C VAL P 95 -61.74 71.43 5.72
N ILE P 96 -61.78 71.05 4.45
CA ILE P 96 -61.94 72.00 3.36
C ILE P 96 -63.35 72.56 3.41
N PRO P 97 -63.57 73.82 3.06
CA PRO P 97 -64.92 74.39 3.17
C PRO P 97 -65.88 73.78 2.16
N ASN P 98 -67.17 74.07 2.39
CA ASN P 98 -68.23 73.61 1.51
C ASN P 98 -68.26 74.35 0.18
N GLU P 99 -67.47 75.41 0.03
CA GLU P 99 -67.57 76.28 -1.13
C GLU P 99 -66.61 75.89 -2.25
N PHE P 100 -65.31 75.85 -1.94
CA PHE P 100 -64.31 75.66 -3.00
C PHE P 100 -64.59 74.40 -3.80
N LEU P 101 -65.08 73.35 -3.14
CA LEU P 101 -65.42 72.13 -3.85
C LEU P 101 -66.49 72.35 -4.91
N LYS P 102 -67.15 73.50 -4.90
CA LYS P 102 -68.03 73.85 -6.01
C LYS P 102 -67.26 74.50 -7.16
N HIS P 103 -66.12 75.13 -6.86
CA HIS P 103 -65.29 75.76 -7.88
C HIS P 103 -64.35 74.71 -8.43
N SER P 104 -64.79 74.04 -9.50
CA SER P 104 -63.99 73.00 -10.10
C SER P 104 -62.62 73.53 -10.54
N GLY P 105 -61.72 72.60 -10.82
CA GLY P 105 -60.40 72.94 -11.32
C GLY P 105 -59.30 72.73 -10.32
N LYS P 106 -58.20 73.45 -10.49
CA LYS P 106 -57.06 73.36 -9.60
C LYS P 106 -57.14 74.41 -8.50
N VAL P 107 -56.45 74.13 -7.40
CA VAL P 107 -56.40 75.06 -6.28
C VAL P 107 -55.06 74.92 -5.58
N HIS P 108 -54.32 76.02 -5.51
CA HIS P 108 -53.07 76.06 -4.76
C HIS P 108 -53.35 76.37 -3.30
N ALA P 109 -52.38 76.04 -2.45
CA ALA P 109 -52.54 76.19 -1.03
C ALA P 109 -51.19 76.48 -0.39
N GLN P 110 -51.23 76.86 0.87
CA GLN P 110 -50.01 77.10 1.63
C GLN P 110 -50.35 77.14 3.10
N ALA P 111 -49.33 76.89 3.93
CA ALA P 111 -49.49 76.92 5.37
C ALA P 111 -48.94 78.24 5.90
N PHE P 112 -49.08 78.42 7.21
CA PHE P 112 -48.69 79.66 7.86
C PHE P 112 -48.71 79.43 9.37
N PHE P 113 -47.64 79.77 10.07
CA PHE P 113 -47.54 79.53 11.50
C PHE P 113 -47.19 80.85 12.19
N THR P 114 -48.09 81.31 13.04
CA THR P 114 -47.92 82.57 13.76
C THR P 114 -47.42 82.31 15.16
N GLN P 115 -46.52 83.17 15.64
CA GLN P 115 -46.00 83.05 16.99
C GLN P 115 -47.01 83.63 17.97
N ASN P 116 -47.45 82.82 18.93
CA ASN P 116 -48.41 83.26 19.93
C ASN P 116 -47.69 84.17 20.92
N GLY P 117 -47.82 85.48 20.71
CA GLY P 117 -47.17 86.47 21.55
C GLY P 117 -46.08 87.27 20.88
N SER P 118 -45.92 87.17 19.56
CA SER P 118 -44.91 87.93 18.84
C SER P 118 -45.23 87.87 17.36
N ASP P 119 -44.74 88.86 16.63
CA ASP P 119 -45.05 88.99 15.21
C ASP P 119 -44.30 87.97 14.36
N ASN P 120 -43.37 87.22 14.92
CA ASN P 120 -42.64 86.23 14.13
C ASN P 120 -43.59 85.16 13.62
N VAL P 121 -43.37 84.74 12.37
CA VAL P 121 -44.21 83.74 11.72
C VAL P 121 -43.32 82.78 10.94
N VAL P 122 -43.95 81.72 10.45
CA VAL P 122 -43.29 80.73 9.59
C VAL P 122 -44.29 80.28 8.54
N VAL P 123 -43.77 79.97 7.35
CA VAL P 123 -44.58 79.55 6.22
C VAL P 123 -43.94 78.32 5.62
N GLU P 124 -44.76 77.40 5.13
CA GLU P 124 -44.30 76.09 4.67
C GLU P 124 -44.43 75.99 3.16
N ARG P 125 -44.14 74.79 2.65
CA ARG P 125 -44.11 74.55 1.22
C ARG P 125 -45.52 74.57 0.63
N GLN P 126 -45.60 74.98 -0.62
CA GLN P 126 -46.86 75.01 -1.34
C GLN P 126 -47.30 73.59 -1.71
N PHE P 127 -48.48 73.50 -2.30
CA PHE P 127 -48.95 72.26 -2.90
C PHE P 127 -50.19 72.59 -3.71
N SER P 128 -50.66 71.59 -4.46
CA SER P 128 -51.77 71.80 -5.40
C SER P 128 -52.60 70.53 -5.42
N PHE P 129 -53.77 70.58 -4.78
CA PHE P 129 -54.68 69.44 -4.74
C PHE P 129 -55.82 69.71 -5.71
N ASN P 130 -55.65 69.26 -6.95
CA ASN P 130 -56.68 69.40 -7.95
C ASN P 130 -57.97 68.74 -7.49
N ILE P 131 -59.09 69.24 -8.02
CA ILE P 131 -60.40 68.64 -7.76
C ILE P 131 -61.14 68.58 -9.09
N GLU P 132 -61.60 67.39 -9.46
CA GLU P 132 -62.15 67.15 -10.78
C GLU P 132 -63.65 67.39 -10.80
N ASN P 133 -64.22 67.33 -12.01
CA ASN P 133 -65.65 67.43 -12.18
C ASN P 133 -66.32 66.10 -11.88
N ASP P 134 -67.64 66.12 -11.81
CA ASP P 134 -68.40 64.91 -11.50
C ASP P 134 -69.76 65.00 -12.17
N LEU P 135 -70.30 63.82 -12.51
CA LEU P 135 -71.64 63.75 -13.06
C LEU P 135 -72.69 64.22 -12.07
N VAL P 136 -72.32 64.39 -10.80
CA VAL P 136 -73.26 64.82 -9.78
C VAL P 136 -73.47 66.33 -9.85
N SER P 137 -72.41 67.08 -10.16
CA SER P 137 -72.45 68.54 -10.17
C SER P 137 -72.72 69.11 -11.55
N GLY P 138 -73.48 68.40 -12.39
CA GLY P 138 -73.74 68.86 -13.73
C GLY P 138 -75.06 68.35 -14.29
N PHE P 139 -74.99 67.86 -15.53
CA PHE P 139 -75.94 66.90 -16.11
C PHE P 139 -77.31 67.50 -16.41
N ASP P 140 -77.60 68.71 -15.95
CA ASP P 140 -78.92 69.30 -16.20
C ASP P 140 -78.96 70.71 -15.63
N GLY P 141 -79.93 71.46 -16.11
CA GLY P 141 -80.19 72.80 -15.59
C GLY P 141 -81.68 73.10 -15.55
N ILE P 142 -82.51 72.07 -15.59
CA ILE P 142 -83.96 72.24 -15.43
C ILE P 142 -84.46 71.27 -14.37
N THR P 143 -84.17 69.98 -14.58
CA THR P 143 -84.79 68.94 -13.77
C THR P 143 -84.63 69.18 -12.28
N LYS P 144 -83.53 69.81 -11.87
CA LYS P 144 -83.36 70.12 -10.46
C LYS P 144 -84.44 71.08 -9.99
N LEU P 145 -84.68 72.13 -10.77
CA LEU P 145 -85.74 73.08 -10.42
C LEU P 145 -87.11 72.42 -10.49
N VAL P 146 -87.33 71.57 -11.50
CA VAL P 146 -88.61 70.89 -11.61
C VAL P 146 -88.86 70.03 -10.38
N TYR P 147 -87.84 69.34 -9.89
CA TYR P 147 -88.03 68.42 -8.78
C TYR P 147 -88.16 69.16 -7.45
N ILE P 148 -87.41 70.25 -7.26
CA ILE P 148 -87.61 71.05 -6.07
C ILE P 148 -89.01 71.65 -6.06
N LYS P 149 -89.50 72.07 -7.23
CA LYS P 149 -90.86 72.57 -7.34
C LYS P 149 -91.87 71.48 -7.02
N SER P 150 -91.62 70.26 -7.49
CA SER P 150 -92.54 69.16 -7.24
C SER P 150 -92.61 68.82 -5.76
N ILE P 151 -91.44 68.77 -5.10
CA ILE P 151 -91.45 68.46 -3.67
C ILE P 151 -92.10 69.60 -2.90
N GLN P 152 -91.91 70.84 -3.34
CA GLN P 152 -92.58 71.96 -2.69
C GLN P 152 -94.10 71.84 -2.81
N ASP P 153 -94.58 71.51 -4.00
CA ASP P 153 -96.02 71.32 -4.17
C ASP P 153 -96.53 70.17 -3.30
N THR P 154 -95.78 69.07 -3.26
CA THR P 154 -96.23 67.92 -2.48
C THR P 154 -96.28 68.24 -0.99
N ILE P 155 -95.27 68.95 -0.47
CA ILE P 155 -95.28 69.31 0.94
C ILE P 155 -96.42 70.27 1.22
N GLU P 156 -96.57 71.31 0.38
CA GLU P 156 -97.64 72.27 0.58
C GLU P 156 -99.01 71.60 0.54
N ALA P 157 -99.16 70.56 -0.26
CA ALA P 157 -100.44 69.86 -0.35
C ALA P 157 -100.65 68.96 0.87
N VAL P 158 -99.75 68.00 1.08
CA VAL P 158 -99.91 67.04 2.16
C VAL P 158 -99.97 67.74 3.51
N GLY P 159 -99.43 68.94 3.64
CA GLY P 159 -99.54 69.65 4.90
C GLY P 159 -100.96 69.97 5.27
N LYS P 160 -101.81 70.24 4.27
CA LYS P 160 -103.22 70.52 4.55
C LYS P 160 -103.89 69.30 5.17
N ASP P 161 -103.79 68.15 4.50
CA ASP P 161 -104.38 66.91 5.03
C ASP P 161 -103.76 66.55 6.37
N PHE P 162 -102.45 66.82 6.54
CA PHE P 162 -101.80 66.50 7.80
C PHE P 162 -102.36 67.33 8.95
N ASN P 163 -102.46 68.64 8.76
CA ASN P 163 -103.06 69.49 9.78
C ASN P 163 -104.51 69.09 10.03
N GLN P 164 -105.23 68.71 8.98
CA GLN P 164 -106.60 68.28 9.14
C GLN P 164 -106.69 67.07 10.06
N LEU P 165 -105.93 66.02 9.75
CA LEU P 165 -106.00 64.79 10.52
C LEU P 165 -105.33 64.91 11.88
N LYS P 166 -104.50 65.93 12.08
CA LYS P 166 -103.86 66.13 13.38
C LYS P 166 -104.78 66.92 14.32
N GLN P 167 -105.38 68.00 13.82
CA GLN P 167 -106.33 68.74 14.65
C GLN P 167 -107.56 67.89 14.94
N ASN P 168 -107.97 67.04 14.01
CA ASN P 168 -109.09 66.12 14.22
C ASN P 168 -108.71 64.94 15.10
N MET P 169 -107.45 64.82 15.49
CA MET P 169 -107.01 63.72 16.35
C MET P 169 -106.73 64.23 17.76
N ASN Q 5 -79.79 30.25 -10.52
CA ASN Q 5 -80.30 31.54 -10.98
C ASN Q 5 -79.70 31.90 -12.34
N PHE Q 6 -80.43 32.71 -13.10
CA PHE Q 6 -79.98 33.20 -14.39
C PHE Q 6 -79.98 34.73 -14.34
N SER Q 7 -78.79 35.31 -14.35
CA SER Q 7 -78.63 36.75 -14.29
C SER Q 7 -77.13 37.06 -14.36
N LYS Q 8 -76.82 38.29 -14.73
CA LYS Q 8 -75.43 38.70 -14.94
C LYS Q 8 -74.85 39.31 -13.66
N ASP Q 9 -74.88 38.51 -12.60
CA ASP Q 9 -74.35 38.89 -11.30
C ASP Q 9 -72.90 38.47 -11.10
N ASP Q 10 -72.17 38.24 -12.19
CA ASP Q 10 -70.79 37.78 -12.08
C ASP Q 10 -69.80 38.92 -11.99
N ASN Q 11 -70.11 40.07 -12.58
CA ASN Q 11 -69.19 41.20 -12.57
C ASN Q 11 -69.04 41.74 -11.15
N LEU Q 12 -68.01 42.57 -10.97
CA LEU Q 12 -67.78 43.25 -9.70
C LEU Q 12 -66.74 44.32 -9.88
N ILE Q 13 -67.02 45.53 -9.39
CA ILE Q 13 -66.12 46.67 -9.51
C ILE Q 13 -65.88 47.26 -8.14
N GLU Q 14 -64.65 47.67 -7.88
CA GLU Q 14 -64.26 48.25 -6.60
C GLU Q 14 -64.23 49.76 -6.70
N LEU Q 15 -64.66 50.42 -5.63
CA LEU Q 15 -64.71 51.87 -5.54
C LEU Q 15 -63.83 52.29 -4.38
N GLN Q 16 -62.69 52.90 -4.69
CA GLN Q 16 -61.71 53.32 -3.70
C GLN Q 16 -62.10 54.68 -3.15
N THR Q 17 -62.56 54.70 -1.91
CA THR Q 17 -62.94 55.95 -1.23
C THR Q 17 -61.69 56.61 -0.66
N THR Q 18 -60.83 57.05 -1.57
CA THR Q 18 -59.56 57.67 -1.20
C THR Q 18 -59.29 58.86 -2.11
N SER Q 19 -58.59 59.85 -1.57
CA SER Q 19 -58.27 61.07 -2.29
C SER Q 19 -56.84 60.98 -2.81
N GLN Q 20 -56.68 60.22 -3.89
CA GLN Q 20 -55.36 60.05 -4.50
C GLN Q 20 -55.45 60.05 -6.03
N TYR Q 21 -56.39 60.81 -6.59
CA TYR Q 21 -56.58 60.88 -8.04
C TYR Q 21 -56.83 59.48 -8.62
N ASN Q 22 -57.91 58.87 -8.16
CA ASN Q 22 -58.36 57.61 -8.74
C ASN Q 22 -59.03 57.92 -10.08
N PRO Q 23 -58.37 57.65 -11.20
CA PRO Q 23 -58.89 58.11 -12.49
C PRO Q 23 -60.04 57.23 -12.98
N VAL Q 24 -60.67 57.69 -14.06
CA VAL Q 24 -61.73 56.91 -14.68
C VAL Q 24 -61.15 55.60 -15.19
N ILE Q 25 -61.97 54.56 -15.19
CA ILE Q 25 -61.55 53.22 -15.57
C ILE Q 25 -62.62 52.59 -16.43
N ASP Q 26 -62.19 51.91 -17.50
CA ASP Q 26 -63.10 51.16 -18.36
C ASP Q 26 -63.33 49.80 -17.72
N THR Q 27 -64.37 49.71 -16.90
CA THR Q 27 -64.66 48.48 -16.17
C THR Q 27 -64.86 47.27 -17.08
N ASN Q 28 -65.04 47.48 -18.38
CA ASN Q 28 -65.28 46.39 -19.31
C ASN Q 28 -66.53 45.62 -18.91
N ILE Q 29 -67.66 46.32 -18.88
CA ILE Q 29 -68.96 45.75 -18.58
C ILE Q 29 -69.89 46.14 -19.71
N SER Q 30 -70.30 45.15 -20.49
CA SER Q 30 -71.08 45.37 -21.71
C SER Q 30 -72.36 44.54 -21.64
N PHE Q 31 -73.40 45.12 -21.05
CA PHE Q 31 -74.73 44.55 -21.17
C PHE Q 31 -75.24 44.75 -22.59
N TYR Q 32 -76.48 44.33 -22.81
CA TYR Q 32 -77.10 44.41 -24.13
C TYR Q 32 -78.41 45.17 -24.04
N GLU Q 33 -78.95 45.50 -25.22
CA GLU Q 33 -80.17 46.29 -25.27
C GLU Q 33 -81.36 45.52 -24.74
N SER Q 34 -81.61 44.32 -25.28
CA SER Q 34 -82.75 43.50 -24.88
C SER Q 34 -82.43 42.74 -23.59
N ASP Q 35 -82.12 43.51 -22.55
CA ASP Q 35 -81.84 42.98 -21.22
C ASP Q 35 -82.65 43.78 -20.22
N ARG Q 36 -83.58 43.11 -19.53
CA ARG Q 36 -84.53 43.76 -18.65
C ARG Q 36 -84.48 43.10 -17.29
N GLY Q 37 -84.21 43.89 -16.26
CA GLY Q 37 -84.22 43.41 -14.90
C GLY Q 37 -83.15 42.41 -14.56
N THR Q 38 -82.30 42.02 -15.51
CA THR Q 38 -81.24 41.06 -15.27
C THR Q 38 -79.85 41.66 -15.42
N GLY Q 39 -79.74 42.96 -15.66
CA GLY Q 39 -78.46 43.61 -15.68
C GLY Q 39 -78.13 44.21 -14.33
N VAL Q 40 -77.09 43.69 -13.68
CA VAL Q 40 -76.77 44.05 -12.30
C VAL Q 40 -75.32 44.48 -12.23
N LEU Q 41 -75.06 45.50 -11.41
CA LEU Q 41 -73.72 46.02 -11.16
C LEU Q 41 -73.38 45.79 -9.71
N ASN Q 42 -72.37 44.98 -9.44
CA ASN Q 42 -71.92 44.68 -8.08
C ASN Q 42 -70.81 45.64 -7.71
N PHE Q 43 -71.09 46.54 -6.78
CA PHE Q 43 -70.11 47.48 -6.27
C PHE Q 43 -69.54 46.98 -4.95
N ALA Q 44 -68.24 47.18 -4.78
CA ALA Q 44 -67.57 46.88 -3.52
C ALA Q 44 -66.73 48.09 -3.13
N VAL Q 45 -67.06 48.70 -2.02
CA VAL Q 45 -66.43 49.94 -1.62
C VAL Q 45 -65.25 49.62 -0.70
N THR Q 46 -64.20 50.43 -0.81
CA THR Q 46 -63.00 50.26 0.00
C THR Q 46 -62.52 51.62 0.46
N LYS Q 47 -62.27 51.74 1.77
CA LYS Q 47 -61.89 53.03 2.33
C LYS Q 47 -60.50 53.44 1.86
N ASN Q 48 -59.48 52.73 2.33
CA ASN Q 48 -58.10 52.96 1.92
C ASN Q 48 -57.53 51.75 1.19
N ASN Q 49 -57.61 50.57 1.79
CA ASN Q 49 -57.24 49.32 1.13
C ASN Q 49 -58.18 48.18 1.45
N ARG Q 50 -58.92 48.25 2.54
CA ARG Q 50 -59.85 47.24 3.00
C ARG Q 50 -61.27 47.77 2.91
N PRO Q 51 -62.28 46.90 3.01
CA PRO Q 51 -63.64 47.32 2.66
C PRO Q 51 -64.23 48.28 3.67
N LEU Q 52 -64.96 49.25 3.14
CA LEU Q 52 -65.67 50.23 3.97
C LEU Q 52 -67.06 49.70 4.29
N SER Q 53 -67.35 49.52 5.57
CA SER Q 53 -68.67 49.10 5.95
C SER Q 53 -69.68 50.19 5.64
N ILE Q 54 -70.94 49.79 5.54
CA ILE Q 54 -72.02 50.66 5.06
C ILE Q 54 -73.30 50.26 5.77
N SER Q 55 -74.35 51.05 5.58
CA SER Q 55 -75.66 50.72 6.12
C SER Q 55 -76.68 51.72 5.62
N SER Q 56 -77.90 51.25 5.41
CA SER Q 56 -78.99 52.12 5.00
C SER Q 56 -79.53 52.96 6.15
N GLU Q 57 -79.12 52.67 7.38
CA GLU Q 57 -79.58 53.44 8.53
C GLU Q 57 -78.79 54.74 8.67
N HIS Q 58 -77.47 54.64 8.84
CA HIS Q 58 -76.65 55.83 8.99
C HIS Q 58 -76.60 56.63 7.70
N VAL Q 59 -76.08 56.03 6.64
CA VAL Q 59 -75.89 56.72 5.37
C VAL Q 59 -76.94 56.24 4.38
N LYS Q 60 -77.07 56.98 3.29
CA LYS Q 60 -77.88 56.57 2.15
C LYS Q 60 -77.08 56.80 0.89
N THR Q 61 -77.00 55.78 0.04
CA THR Q 61 -76.13 55.79 -1.13
C THR Q 61 -76.97 55.84 -2.39
N PHE Q 62 -76.46 56.54 -3.40
CA PHE Q 62 -77.10 56.62 -4.70
C PHE Q 62 -76.02 56.54 -5.77
N ILE Q 63 -76.45 56.34 -7.01
CA ILE Q 63 -75.55 56.34 -8.15
C ILE Q 63 -76.16 57.18 -9.26
N VAL Q 64 -75.31 57.95 -9.92
CA VAL Q 64 -75.66 58.71 -11.10
C VAL Q 64 -75.15 57.98 -12.32
N LEU Q 65 -75.88 58.10 -13.41
CA LEU Q 65 -75.57 57.38 -14.64
C LEU Q 65 -75.88 58.29 -15.82
N LYS Q 66 -74.99 58.32 -16.82
CA LYS Q 66 -75.15 59.24 -17.93
C LYS Q 66 -74.52 58.64 -19.18
N THR Q 67 -75.31 58.53 -20.25
CA THR Q 67 -74.76 58.10 -21.52
C THR Q 67 -73.76 59.14 -22.03
N ASP Q 68 -73.00 58.74 -23.06
CA ASP Q 68 -71.99 59.62 -23.61
C ASP Q 68 -72.56 60.58 -24.65
N ASP Q 69 -73.64 60.18 -25.33
CA ASP Q 69 -74.28 61.02 -26.33
C ASP Q 69 -75.32 61.95 -25.73
N TYR Q 70 -75.19 62.27 -24.45
CA TYR Q 70 -76.19 63.08 -23.76
C TYR Q 70 -76.29 64.47 -24.36
N ASN Q 71 -77.42 64.76 -24.99
CA ASN Q 71 -77.74 66.09 -25.50
C ASN Q 71 -79.09 66.52 -24.94
N VAL Q 72 -79.50 67.75 -25.27
CA VAL Q 72 -80.80 68.22 -24.84
C VAL Q 72 -81.90 67.61 -25.69
N ASP Q 73 -81.64 67.40 -26.98
CA ASP Q 73 -82.61 66.78 -27.86
C ASP Q 73 -82.56 65.27 -27.85
N ARG Q 74 -81.48 64.69 -27.31
CA ARG Q 74 -81.32 63.24 -27.30
C ARG Q 74 -80.22 62.89 -26.31
N GLY Q 75 -80.50 61.93 -25.43
CA GLY Q 75 -79.51 61.52 -24.46
C GLY Q 75 -80.11 60.57 -23.44
N ALA Q 76 -79.48 60.52 -22.28
CA ALA Q 76 -79.94 59.66 -21.19
C ALA Q 76 -79.18 60.02 -19.93
N TYR Q 77 -79.88 59.98 -18.80
CA TYR Q 77 -79.26 60.26 -17.51
C TYR Q 77 -80.26 59.91 -16.41
N ILE Q 78 -79.75 59.38 -15.30
CA ILE Q 78 -80.57 59.01 -14.15
C ILE Q 78 -79.73 59.12 -12.89
N SER Q 79 -80.41 59.06 -11.74
CA SER Q 79 -79.76 58.98 -10.44
C SER Q 79 -80.70 58.26 -9.50
N ASP Q 80 -80.28 57.08 -9.02
CA ASP Q 80 -81.17 56.23 -8.26
C ASP Q 80 -80.40 55.51 -7.16
N GLU Q 81 -81.14 54.96 -6.22
CA GLU Q 81 -80.57 54.36 -5.02
C GLU Q 81 -79.91 53.02 -5.34
N LEU Q 82 -79.37 52.39 -4.31
CA LEU Q 82 -78.66 51.12 -4.40
C LEU Q 82 -79.44 50.05 -3.64
N THR Q 83 -78.85 48.85 -3.60
CA THR Q 83 -79.42 47.72 -2.85
C THR Q 83 -78.28 47.09 -2.06
N ILE Q 84 -78.06 47.59 -0.85
CA ILE Q 84 -76.96 47.11 -0.02
C ILE Q 84 -77.19 45.63 0.32
N VAL Q 85 -76.15 44.82 0.11
CA VAL Q 85 -76.15 43.42 0.52
C VAL Q 85 -74.76 43.10 1.07
N ASP Q 86 -74.72 42.46 2.23
CA ASP Q 86 -73.47 42.22 2.93
C ASP Q 86 -72.76 43.56 3.20
N ALA Q 87 -73.46 44.40 3.94
CA ALA Q 87 -73.01 45.77 4.15
C ALA Q 87 -71.67 45.81 4.87
N ILE Q 88 -71.54 45.03 5.96
CA ILE Q 88 -70.32 45.05 6.76
C ILE Q 88 -69.09 44.86 5.86
N ASN Q 89 -69.22 44.04 4.82
CA ASN Q 89 -68.12 43.83 3.89
C ASN Q 89 -68.01 44.96 2.87
N GLY Q 90 -68.82 46.01 2.98
CA GLY Q 90 -68.77 47.09 2.02
C GLY Q 90 -69.18 46.67 0.62
N ARG Q 91 -70.20 45.84 0.50
CA ARG Q 91 -70.66 45.33 -0.78
C ARG Q 91 -72.10 45.73 -1.01
N LEU Q 92 -72.47 45.86 -2.28
CA LEU Q 92 -73.82 46.23 -2.64
C LEU Q 92 -74.00 45.97 -4.13
N GLN Q 93 -75.23 46.11 -4.60
CA GLN Q 93 -75.54 45.86 -6.00
C GLN Q 93 -76.61 46.81 -6.47
N TYR Q 94 -76.62 47.05 -7.78
CA TYR Q 94 -77.59 47.94 -8.42
C TYR Q 94 -78.22 47.21 -9.58
N VAL Q 95 -79.55 47.13 -9.58
CA VAL Q 95 -80.29 46.53 -10.68
C VAL Q 95 -80.46 47.58 -11.77
N ILE Q 96 -79.92 47.31 -12.95
CA ILE Q 96 -80.05 48.26 -14.05
C ILE Q 96 -81.53 48.49 -14.35
N PRO Q 97 -81.97 49.71 -14.61
CA PRO Q 97 -83.39 49.92 -14.92
C PRO Q 97 -83.77 49.35 -16.27
N ASN Q 98 -85.01 49.59 -16.69
CA ASN Q 98 -85.50 49.11 -17.97
C ASN Q 98 -85.51 50.18 -19.04
N GLU Q 99 -85.76 51.43 -18.68
CA GLU Q 99 -85.82 52.50 -19.67
C GLU Q 99 -84.44 52.94 -20.13
N PHE Q 100 -83.42 52.81 -19.27
CA PHE Q 100 -82.09 53.28 -19.63
C PHE Q 100 -81.46 52.42 -20.70
N LEU Q 101 -81.79 51.13 -20.74
CA LEU Q 101 -81.14 50.23 -21.70
C LEU Q 101 -81.36 50.69 -23.13
N LYS Q 102 -82.56 51.19 -23.43
CA LYS Q 102 -82.89 51.59 -24.79
C LYS Q 102 -81.85 52.51 -25.40
N HIS Q 103 -81.07 53.21 -24.58
CA HIS Q 103 -80.00 54.08 -25.05
C HIS Q 103 -78.69 53.31 -24.97
N SER Q 104 -78.05 53.13 -26.12
CA SER Q 104 -76.87 52.29 -26.25
C SER Q 104 -75.59 53.14 -26.27
N GLY Q 105 -74.46 52.46 -26.26
CA GLY Q 105 -73.16 53.07 -26.41
C GLY Q 105 -72.36 53.08 -25.12
N LYS Q 106 -71.44 54.03 -25.05
CA LYS Q 106 -70.66 54.22 -23.84
C LYS Q 106 -71.53 54.84 -22.76
N VAL Q 107 -71.08 54.70 -21.51
CA VAL Q 107 -71.77 55.25 -20.36
C VAL Q 107 -70.74 55.62 -19.31
N HIS Q 108 -71.00 56.71 -18.61
CA HIS Q 108 -70.25 57.07 -17.43
C HIS Q 108 -71.16 56.92 -16.22
N ALA Q 109 -70.57 56.52 -15.11
CA ALA Q 109 -71.31 56.26 -13.89
C ALA Q 109 -70.63 56.98 -12.73
N GLN Q 110 -71.29 56.91 -11.59
CA GLN Q 110 -70.75 57.49 -10.37
C GLN Q 110 -71.60 57.01 -9.21
N ALA Q 111 -70.97 56.90 -8.05
CA ALA Q 111 -71.65 56.46 -6.83
C ALA Q 111 -71.32 57.44 -5.72
N PHE Q 112 -72.33 58.08 -5.16
CA PHE Q 112 -72.14 59.06 -4.11
C PHE Q 112 -73.00 58.72 -2.92
N PHE Q 113 -72.43 58.89 -1.73
CA PHE Q 113 -73.08 58.59 -0.47
C PHE Q 113 -73.39 59.88 0.27
N THR Q 114 -74.46 59.87 1.06
CA THR Q 114 -74.83 61.00 1.90
C THR Q 114 -75.04 60.51 3.31
N GLN Q 115 -74.29 61.07 4.24
CA GLN Q 115 -74.38 60.70 5.65
C GLN Q 115 -75.51 61.47 6.31
N ASN Q 116 -76.48 60.75 6.86
CA ASN Q 116 -77.67 61.36 7.44
C ASN Q 116 -77.30 62.40 8.50
N GLY Q 117 -78.20 63.34 8.76
CA GLY Q 117 -78.00 64.32 9.80
C GLY Q 117 -77.14 65.49 9.37
N SER Q 118 -76.05 65.21 8.66
CA SER Q 118 -75.13 66.24 8.21
C SER Q 118 -75.24 66.55 6.72
N ASP Q 119 -75.74 65.62 5.92
CA ASP Q 119 -75.85 65.76 4.48
C ASP Q 119 -74.49 65.94 3.80
N ASN Q 120 -73.40 65.74 4.53
CA ASN Q 120 -72.07 65.74 3.94
C ASN Q 120 -71.89 64.46 3.14
N VAL Q 121 -71.48 64.59 1.87
CA VAL Q 121 -71.49 63.45 0.96
C VAL Q 121 -70.09 63.04 0.55
N VAL Q 122 -70.01 61.98 -0.24
CA VAL Q 122 -68.74 61.41 -0.68
C VAL Q 122 -68.92 60.89 -2.09
N VAL Q 123 -67.90 61.11 -2.93
CA VAL Q 123 -67.90 60.69 -4.33
C VAL Q 123 -66.63 59.91 -4.59
N GLU Q 124 -66.77 58.76 -5.26
CA GLU Q 124 -65.72 57.75 -5.25
C GLU Q 124 -64.86 57.71 -6.52
N ARG Q 125 -65.44 57.41 -7.68
CA ARG Q 125 -64.57 57.09 -8.82
C ARG Q 125 -64.92 57.80 -10.11
N GLN Q 126 -66.19 57.95 -10.44
CA GLN Q 126 -66.61 58.41 -11.76
C GLN Q 126 -66.11 57.43 -12.84
N PHE Q 127 -66.49 56.17 -12.70
CA PHE Q 127 -65.99 55.13 -13.58
C PHE Q 127 -66.83 55.05 -14.86
N SER Q 128 -66.37 54.22 -15.79
CA SER Q 128 -66.99 54.07 -17.09
C SER Q 128 -67.75 52.75 -17.17
N PHE Q 129 -68.37 52.51 -18.31
CA PHE Q 129 -69.32 51.42 -18.45
C PHE Q 129 -69.77 51.34 -19.90
N ASN Q 130 -70.18 50.18 -20.37
CA ASN Q 130 -70.59 50.01 -21.77
C ASN Q 130 -71.97 49.39 -21.83
N ILE Q 131 -72.65 49.61 -22.95
CA ILE Q 131 -73.92 48.97 -23.25
C ILE Q 131 -74.01 48.81 -24.76
N GLU Q 132 -74.36 47.61 -25.21
CA GLU Q 132 -74.34 47.27 -26.62
C GLU Q 132 -75.74 47.10 -27.16
N ASN Q 133 -75.84 47.05 -28.48
CA ASN Q 133 -77.09 46.88 -29.19
C ASN Q 133 -77.22 45.46 -29.71
N ASP Q 134 -78.44 44.95 -29.69
CA ASP Q 134 -78.74 43.60 -30.15
C ASP Q 134 -79.69 43.67 -31.33
N LEU Q 135 -80.17 42.51 -31.76
CA LEU Q 135 -81.08 42.43 -32.89
C LEU Q 135 -82.53 42.55 -32.49
N VAL Q 136 -82.85 42.40 -31.21
CA VAL Q 136 -84.20 42.60 -30.70
C VAL Q 136 -84.33 44.10 -30.42
N SER Q 137 -84.73 44.84 -31.44
CA SER Q 137 -84.82 46.30 -31.36
C SER Q 137 -85.66 46.78 -32.53
N GLY Q 138 -85.68 48.09 -32.75
CA GLY Q 138 -86.51 48.71 -33.76
C GLY Q 138 -87.26 49.89 -33.19
N PHE Q 139 -87.68 49.74 -31.93
CA PHE Q 139 -88.24 50.85 -31.18
C PHE Q 139 -87.11 51.75 -30.69
N ASP Q 140 -87.28 53.06 -30.88
CA ASP Q 140 -86.24 54.03 -30.59
C ASP Q 140 -86.68 54.91 -29.43
N GLY Q 141 -85.97 54.81 -28.31
CA GLY Q 141 -86.22 55.67 -27.17
C GLY Q 141 -85.37 56.92 -27.22
N ILE Q 142 -85.44 57.63 -28.35
CA ILE Q 142 -84.60 58.82 -28.54
C ILE Q 142 -84.89 59.85 -27.46
N THR Q 143 -86.12 59.90 -26.97
CA THR Q 143 -86.48 60.86 -25.93
C THR Q 143 -85.55 60.71 -24.73
N LYS Q 144 -84.78 61.76 -24.47
CA LYS Q 144 -83.90 61.74 -23.30
C LYS Q 144 -84.74 61.65 -22.03
N LEU Q 145 -84.33 60.78 -21.12
CA LEU Q 145 -85.01 60.60 -19.85
C LEU Q 145 -84.09 61.07 -18.73
N VAL Q 146 -84.60 61.96 -17.89
CA VAL Q 146 -83.88 62.47 -16.73
C VAL Q 146 -84.86 62.48 -15.57
N TYR Q 147 -84.72 61.54 -14.66
CA TYR Q 147 -85.58 61.47 -13.49
C TYR Q 147 -84.72 61.17 -12.26
N ILE Q 148 -84.86 61.98 -11.23
CA ILE Q 148 -84.14 61.80 -9.98
C ILE Q 148 -84.94 60.79 -9.16
N LYS Q 149 -84.67 59.51 -9.39
CA LYS Q 149 -85.40 58.46 -8.70
C LYS Q 149 -85.28 58.61 -7.18
N SER Q 150 -84.22 59.24 -6.69
CA SER Q 150 -84.05 59.41 -5.26
C SER Q 150 -85.19 60.25 -4.68
N ILE Q 151 -85.32 61.49 -5.14
CA ILE Q 151 -86.35 62.38 -4.60
C ILE Q 151 -87.74 61.92 -5.03
N GLN Q 152 -87.85 61.29 -6.20
CA GLN Q 152 -89.14 60.74 -6.62
C GLN Q 152 -89.62 59.68 -5.65
N ASP Q 153 -88.75 58.71 -5.34
CA ASP Q 153 -89.08 57.71 -4.34
C ASP Q 153 -89.30 58.36 -2.97
N THR Q 154 -88.58 59.45 -2.68
CA THR Q 154 -88.79 60.16 -1.42
C THR Q 154 -90.22 60.65 -1.31
N ILE Q 155 -90.72 61.35 -2.33
CA ILE Q 155 -92.07 61.89 -2.28
C ILE Q 155 -93.10 60.76 -2.29
N GLU Q 156 -92.84 59.71 -3.07
CA GLU Q 156 -93.77 58.58 -3.08
C GLU Q 156 -93.85 57.91 -1.72
N ALA Q 157 -92.71 57.77 -1.05
CA ALA Q 157 -92.68 57.16 0.28
C ALA Q 157 -93.35 58.07 1.31
N VAL Q 158 -93.21 59.38 1.16
CA VAL Q 158 -93.91 60.28 2.08
C VAL Q 158 -95.41 60.16 1.89
N GLY Q 159 -95.88 60.09 0.64
CA GLY Q 159 -97.30 59.89 0.41
C GLY Q 159 -97.79 58.57 0.97
N LYS Q 160 -97.04 57.50 0.76
CA LYS Q 160 -97.43 56.20 1.30
C LYS Q 160 -97.40 56.20 2.81
N ASP Q 161 -96.47 56.94 3.42
CA ASP Q 161 -96.42 57.02 4.88
C ASP Q 161 -97.64 57.75 5.41
N PHE Q 162 -98.04 58.83 4.74
CA PHE Q 162 -99.27 59.53 5.13
C PHE Q 162 -100.47 58.61 5.01
N ASN Q 163 -100.57 57.86 3.91
CA ASN Q 163 -101.70 56.96 3.72
C ASN Q 163 -101.71 55.87 4.78
N GLN Q 164 -100.55 55.30 5.09
CA GLN Q 164 -100.48 54.25 6.11
C GLN Q 164 -100.81 54.81 7.49
N LEU Q 165 -100.39 56.05 7.77
CA LEU Q 165 -100.77 56.69 9.02
C LEU Q 165 -102.28 56.86 9.09
N LYS Q 166 -102.91 57.21 7.97
CA LYS Q 166 -104.36 57.33 7.93
C LYS Q 166 -105.03 55.99 8.21
N GLN Q 167 -104.53 54.93 7.58
CA GLN Q 167 -105.10 53.60 7.80
C GLN Q 167 -104.93 53.17 9.25
N ASN Q 168 -103.78 53.48 9.85
CA ASN Q 168 -103.54 53.10 11.23
C ASN Q 168 -104.44 53.88 12.18
N MET Q 169 -104.62 55.18 11.91
CA MET Q 169 -105.54 55.98 12.71
C MET Q 169 -106.97 55.47 12.57
N ALA Q 170 -107.31 54.92 11.40
CA ALA Q 170 -108.63 54.31 11.24
C ALA Q 170 -108.73 53.02 12.03
N ASP Q 171 -107.67 52.20 12.02
CA ASP Q 171 -107.68 50.94 12.75
C ASP Q 171 -107.69 51.16 14.25
N THR Q 172 -107.20 52.30 14.74
CA THR Q 172 -107.20 52.57 16.17
C THR Q 172 -108.58 52.33 16.80
N GLN Q 173 -109.65 52.47 16.02
CA GLN Q 173 -110.99 52.23 16.54
C GLN Q 173 -111.34 50.75 16.61
N THR Q 174 -110.61 49.90 15.88
CA THR Q 174 -110.84 48.48 15.87
C THR Q 174 -110.06 47.73 16.94
N LEU Q 175 -109.14 48.41 17.64
CA LEU Q 175 -108.29 47.71 18.59
C LEU Q 175 -109.09 47.18 19.78
N ILE Q 176 -110.10 47.92 20.23
CA ILE Q 176 -110.92 47.44 21.34
C ILE Q 176 -111.67 46.18 20.93
N ALA Q 177 -112.17 46.14 19.69
CA ALA Q 177 -112.82 44.93 19.21
C ALA Q 177 -111.85 43.77 19.15
N LYS Q 178 -110.60 44.04 18.77
CA LYS Q 178 -109.59 42.99 18.76
C LYS Q 178 -109.34 42.46 20.17
N VAL Q 179 -109.23 43.36 21.15
CA VAL Q 179 -109.05 42.95 22.54
C VAL Q 179 -110.20 42.05 22.98
N ASN Q 180 -111.43 42.50 22.71
CA ASN Q 180 -112.59 41.73 23.14
C ASN Q 180 -112.64 40.37 22.47
N ASP Q 181 -112.36 40.32 21.16
CA ASP Q 181 -112.36 39.04 20.46
C ASP Q 181 -111.30 38.10 21.00
N SER Q 182 -110.10 38.63 21.26
CA SER Q 182 -109.04 37.78 21.79
C SER Q 182 -109.41 37.24 23.17
N ALA Q 183 -109.98 38.08 24.03
CA ALA Q 183 -110.39 37.61 25.34
C ALA Q 183 -111.48 36.54 25.24
N THR Q 184 -112.44 36.75 24.33
CA THR Q 184 -113.50 35.76 24.16
C THR Q 184 -112.95 34.44 23.65
N LYS Q 185 -112.01 34.49 22.70
CA LYS Q 185 -111.43 33.25 22.18
C LYS Q 185 -110.61 32.55 23.25
N GLY Q 186 -109.90 33.31 24.09
CA GLY Q 186 -109.17 32.69 25.18
C GLY Q 186 -110.09 32.01 26.17
N ILE Q 187 -111.19 32.69 26.54
CA ILE Q 187 -112.15 32.08 27.45
C ILE Q 187 -112.74 30.82 26.83
N GLN Q 188 -113.02 30.86 25.52
CA GLN Q 188 -113.56 29.69 24.84
C GLN Q 188 -112.57 28.54 24.86
N GLN Q 189 -111.30 28.82 24.57
CA GLN Q 189 -110.29 27.77 24.59
C GLN Q 189 -110.14 27.17 25.98
N ILE Q 190 -110.24 28.00 27.01
CA ILE Q 190 -110.20 27.48 28.38
C ILE Q 190 -111.38 26.56 28.63
N GLU Q 191 -112.59 27.05 28.37
CA GLU Q 191 -113.79 26.25 28.62
C GLU Q 191 -113.79 24.97 27.81
N ILE Q 192 -113.06 24.95 26.69
CA ILE Q 192 -113.00 23.75 25.86
C ILE Q 192 -112.15 22.69 26.52
N LYS Q 193 -110.89 23.01 26.79
CA LYS Q 193 -109.98 22.06 27.42
C LYS Q 193 -109.87 22.33 28.92
N SER R 19 -60.58 86.93 3.28
CA SER R 19 -61.40 85.74 3.11
C SER R 19 -62.58 86.03 2.18
N GLN R 20 -62.27 86.34 0.93
CA GLN R 20 -63.29 86.67 -0.06
C GLN R 20 -63.61 85.45 -0.92
N TYR R 21 -64.68 85.59 -1.71
CA TYR R 21 -65.15 84.52 -2.59
C TYR R 21 -65.55 85.10 -3.92
N ASN R 22 -65.49 84.27 -4.96
CA ASN R 22 -65.86 84.68 -6.30
C ASN R 22 -66.29 83.46 -7.10
N PRO R 23 -67.44 82.87 -6.80
CA PRO R 23 -67.89 81.70 -7.56
C PRO R 23 -67.97 82.01 -9.05
N VAL R 24 -67.35 81.16 -9.85
CA VAL R 24 -67.23 81.42 -11.30
C VAL R 24 -68.50 80.84 -11.93
N ILE R 25 -69.58 81.59 -11.79
CA ILE R 25 -70.76 81.44 -12.64
C ILE R 25 -71.23 82.82 -13.06
N ASP R 26 -70.76 83.85 -12.34
CA ASP R 26 -71.09 85.23 -12.65
C ASP R 26 -72.61 85.40 -12.83
N THR R 27 -73.36 84.71 -11.98
CA THR R 27 -74.82 84.74 -12.03
C THR R 27 -75.36 85.08 -10.64
N ASN R 28 -76.22 86.09 -10.59
CA ASN R 28 -76.82 86.51 -9.33
C ASN R 28 -78.25 86.98 -9.57
N ILE R 29 -79.06 86.90 -8.52
CA ILE R 29 -80.45 87.31 -8.54
C ILE R 29 -80.63 88.29 -7.37
N SER R 30 -80.69 89.57 -7.68
CA SER R 30 -80.80 90.60 -6.66
C SER R 30 -82.26 90.97 -6.43
N PHE R 31 -82.53 91.50 -5.24
CA PHE R 31 -83.87 91.88 -4.81
C PHE R 31 -83.92 93.39 -4.67
N TYR R 32 -84.84 94.03 -5.39
CA TYR R 32 -84.95 95.48 -5.36
C TYR R 32 -85.45 95.94 -4.00
N GLU R 33 -84.68 96.81 -3.34
CA GLU R 33 -85.16 97.46 -2.13
C GLU R 33 -86.29 98.43 -2.43
N SER R 34 -86.42 98.87 -3.68
CA SER R 34 -87.50 99.77 -4.08
C SER R 34 -88.76 98.99 -4.46
N ASP R 35 -89.17 98.09 -3.57
CA ASP R 35 -90.42 97.36 -3.69
C ASP R 35 -91.22 97.45 -2.40
N ARG R 36 -90.95 98.47 -1.58
CA ARG R 36 -91.58 98.62 -0.28
C ARG R 36 -93.09 98.78 -0.36
N GLY R 37 -93.65 98.96 -1.56
CA GLY R 37 -95.07 99.22 -1.72
C GLY R 37 -95.78 98.04 -2.37
N THR R 38 -96.89 97.63 -1.75
CA THR R 38 -97.81 96.64 -2.30
C THR R 38 -97.16 95.28 -2.54
N GLY R 39 -96.01 95.04 -1.93
CA GLY R 39 -95.39 93.72 -2.05
C GLY R 39 -95.21 93.25 -3.47
N VAL R 40 -94.85 94.15 -4.37
CA VAL R 40 -94.56 93.80 -5.76
C VAL R 40 -93.08 93.44 -5.80
N LEU R 41 -92.80 92.16 -5.54
CA LEU R 41 -91.42 91.70 -5.47
C LEU R 41 -90.79 91.80 -6.86
N ASN R 42 -89.89 92.75 -7.04
CA ASN R 42 -89.27 93.01 -8.34
C ASN R 42 -87.79 92.61 -8.23
N PHE R 43 -87.49 91.41 -8.69
CA PHE R 43 -86.12 90.92 -8.70
C PHE R 43 -85.42 91.28 -10.00
N ALA R 44 -84.10 91.24 -9.97
CA ALA R 44 -83.27 91.50 -11.14
C ALA R 44 -82.25 90.38 -11.28
N VAL R 45 -81.82 90.15 -12.51
CA VAL R 45 -80.85 89.11 -12.82
C VAL R 45 -79.58 89.76 -13.33
N THR R 46 -78.43 89.18 -12.98
CA THR R 46 -77.14 89.65 -13.46
C THR R 46 -76.33 88.44 -13.90
N LYS R 47 -75.91 88.44 -15.16
CA LYS R 47 -75.11 87.37 -15.75
C LYS R 47 -73.86 88.00 -16.35
N ASN R 48 -72.71 87.74 -15.73
CA ASN R 48 -71.46 88.38 -16.13
C ASN R 48 -71.58 89.90 -16.00
N ASN R 49 -72.10 90.33 -14.86
CA ASN R 49 -72.34 91.75 -14.61
C ASN R 49 -73.18 92.35 -15.73
N ARG R 50 -74.21 91.61 -16.15
CA ARG R 50 -75.04 92.00 -17.26
C ARG R 50 -76.46 91.50 -17.05
N PRO R 51 -77.48 92.32 -17.28
CA PRO R 51 -78.87 91.82 -17.17
C PRO R 51 -79.16 90.81 -18.27
N LEU R 52 -79.46 89.58 -17.87
CA LEU R 52 -79.64 88.50 -18.83
C LEU R 52 -81.05 88.53 -19.42
N SER R 53 -81.13 88.58 -20.75
CA SER R 53 -82.41 88.49 -21.43
C SER R 53 -82.97 87.08 -21.29
N ILE R 54 -84.21 87.00 -20.84
CA ILE R 54 -84.86 85.72 -20.54
C ILE R 54 -86.03 85.51 -21.48
N SER R 55 -86.50 84.27 -21.54
CA SER R 55 -87.71 83.90 -22.25
C SER R 55 -88.41 82.78 -21.49
N SER R 56 -89.70 82.61 -21.79
CA SER R 56 -90.48 81.58 -21.09
C SER R 56 -89.82 80.21 -21.22
N GLU R 57 -89.22 79.92 -22.37
CA GLU R 57 -88.59 78.63 -22.60
C GLU R 57 -87.11 78.63 -22.20
N HIS R 58 -86.44 79.77 -22.33
CA HIS R 58 -85.00 79.80 -22.08
C HIS R 58 -84.65 79.45 -20.65
N VAL R 59 -85.42 79.94 -19.68
CA VAL R 59 -85.09 79.83 -18.27
C VAL R 59 -86.31 79.32 -17.51
N LYS R 60 -86.17 79.21 -16.20
CA LYS R 60 -87.28 78.85 -15.32
C LYS R 60 -87.06 79.52 -13.98
N THR R 61 -88.16 79.66 -13.24
CA THR R 61 -88.15 80.44 -12.00
C THR R 61 -89.09 79.78 -11.01
N PHE R 62 -88.94 80.20 -9.75
CA PHE R 62 -89.76 79.66 -8.67
C PHE R 62 -89.54 80.50 -7.43
N ILE R 63 -90.56 80.57 -6.58
CA ILE R 63 -90.47 81.33 -5.33
C ILE R 63 -91.31 80.62 -4.29
N VAL R 64 -90.80 80.62 -3.06
CA VAL R 64 -91.48 80.04 -1.91
C VAL R 64 -91.45 81.05 -0.79
N LEU R 65 -92.55 81.15 -0.03
CA LEU R 65 -92.64 82.09 1.07
C LEU R 65 -93.32 81.39 2.25
N LYS R 66 -92.71 81.52 3.43
CA LYS R 66 -93.27 80.99 4.66
C LYS R 66 -93.22 82.07 5.73
N THR R 67 -94.34 82.26 6.42
CA THR R 67 -94.44 83.30 7.44
C THR R 67 -93.54 82.99 8.63
N ASP R 68 -93.57 83.85 9.64
CA ASP R 68 -92.80 83.62 10.85
C ASP R 68 -93.22 82.29 11.48
N ASP R 69 -92.51 81.91 12.54
CA ASP R 69 -92.60 80.54 13.04
C ASP R 69 -93.95 80.27 13.69
N TYR R 70 -95.01 80.29 12.88
CA TYR R 70 -96.29 79.75 13.30
C TYR R 70 -96.11 78.29 13.71
N ASN R 71 -96.80 77.87 14.76
CA ASN R 71 -96.62 76.48 15.20
C ASN R 71 -97.06 75.51 14.11
N VAL R 72 -98.37 75.41 13.86
CA VAL R 72 -98.87 74.73 12.66
C VAL R 72 -100.07 75.49 12.09
N ASP R 73 -100.65 76.39 12.87
CA ASP R 73 -102.02 76.81 12.62
C ASP R 73 -102.12 77.80 11.47
N ARG R 74 -101.36 78.88 11.50
CA ARG R 74 -101.44 79.94 10.49
C ARG R 74 -100.11 79.95 9.74
N GLY R 75 -100.02 79.10 8.71
CA GLY R 75 -98.83 79.02 7.90
C GLY R 75 -99.03 79.60 6.51
N ALA R 76 -98.49 80.80 6.28
CA ALA R 76 -98.52 81.42 4.95
C ALA R 76 -97.45 80.74 4.10
N TYR R 77 -97.70 79.47 3.80
CA TYR R 77 -96.77 78.64 3.04
C TYR R 77 -97.24 78.62 1.59
N ILE R 78 -96.64 79.49 0.77
CA ILE R 78 -97.04 79.64 -0.62
C ILE R 78 -95.85 79.31 -1.51
N SER R 79 -96.15 78.83 -2.72
CA SER R 79 -95.13 78.48 -3.68
C SER R 79 -95.68 78.76 -5.07
N ASP R 80 -95.00 79.60 -5.84
CA ASP R 80 -95.50 79.98 -7.15
C ASP R 80 -94.35 80.41 -8.04
N GLU R 81 -94.62 80.44 -9.34
CA GLU R 81 -93.63 80.84 -10.32
C GLU R 81 -93.51 82.36 -10.34
N LEU R 82 -92.75 82.89 -11.29
CA LEU R 82 -92.50 84.32 -11.41
C LEU R 82 -93.33 84.91 -12.55
N THR R 83 -93.26 86.23 -12.69
CA THR R 83 -93.87 86.94 -13.79
C THR R 83 -92.82 87.77 -14.48
N ILE R 84 -92.67 87.60 -15.79
CA ILE R 84 -91.65 88.28 -16.57
C ILE R 84 -92.17 89.69 -16.86
N VAL R 85 -91.68 90.67 -16.11
CA VAL R 85 -92.10 92.05 -16.33
C VAL R 85 -91.27 92.69 -17.44
N ASP R 86 -89.97 92.41 -17.46
CA ASP R 86 -89.09 92.94 -18.50
C ASP R 86 -87.89 92.01 -18.64
N ALA R 87 -87.84 91.26 -19.74
CA ALA R 87 -86.78 90.29 -19.92
C ALA R 87 -85.51 90.97 -20.45
N ILE R 88 -85.63 91.72 -21.54
CA ILE R 88 -84.48 92.41 -22.10
C ILE R 88 -83.77 93.24 -21.05
N ASN R 89 -84.52 93.79 -20.10
CA ASN R 89 -83.91 94.55 -19.02
C ASN R 89 -83.50 93.65 -17.86
N GLY R 90 -84.09 92.47 -17.75
CA GLY R 90 -83.70 91.51 -16.74
C GLY R 90 -84.47 91.58 -15.46
N ARG R 91 -85.70 92.08 -15.48
CA ARG R 91 -86.51 92.22 -14.28
C ARG R 91 -87.60 91.15 -14.26
N LEU R 92 -87.88 90.65 -13.05
CA LEU R 92 -88.90 89.64 -12.83
C LEU R 92 -89.82 90.13 -11.73
N GLN R 93 -91.10 90.31 -12.06
CA GLN R 93 -92.08 90.80 -11.10
C GLN R 93 -92.85 89.63 -10.51
N TYR R 94 -93.24 89.79 -9.25
CA TYR R 94 -94.12 88.85 -8.57
C TYR R 94 -95.10 89.64 -7.72
N VAL R 95 -96.38 89.56 -8.07
CA VAL R 95 -97.42 90.27 -7.34
C VAL R 95 -97.83 89.42 -6.14
N ILE R 96 -97.78 90.02 -4.96
CA ILE R 96 -98.08 89.28 -3.73
C ILE R 96 -99.59 89.08 -3.62
N PRO R 97 -100.08 87.87 -3.40
CA PRO R 97 -101.52 87.67 -3.21
C PRO R 97 -102.01 88.42 -1.98
N ASN R 98 -103.18 89.05 -2.12
CA ASN R 98 -103.76 89.79 -1.00
C ASN R 98 -104.02 88.86 0.18
N GLU R 99 -104.46 87.63 -0.08
CA GLU R 99 -104.72 86.69 1.00
C GLU R 99 -103.45 86.34 1.76
N PHE R 100 -102.29 86.48 1.12
CA PHE R 100 -101.04 86.13 1.77
C PHE R 100 -100.56 87.24 2.70
N LEU R 101 -100.54 88.48 2.21
CA LEU R 101 -99.99 89.59 2.98
C LEU R 101 -100.79 89.90 4.24
N LYS R 102 -101.93 89.23 4.45
CA LYS R 102 -102.67 89.42 5.69
C LYS R 102 -101.84 89.01 6.90
N HIS R 103 -100.91 88.08 6.71
CA HIS R 103 -100.03 87.62 7.78
C HIS R 103 -98.95 88.66 7.99
N SER R 104 -99.12 89.48 9.02
CA SER R 104 -98.16 90.56 9.30
C SER R 104 -96.84 90.05 9.86
N GLY R 105 -96.66 88.73 10.00
CA GLY R 105 -95.42 88.20 10.50
C GLY R 105 -94.32 88.22 9.46
N LYS R 106 -93.08 88.25 9.95
CA LYS R 106 -91.93 88.26 9.07
C LYS R 106 -91.96 87.05 8.15
N VAL R 107 -92.06 87.31 6.84
CA VAL R 107 -92.18 86.25 5.85
C VAL R 107 -90.80 85.97 5.27
N HIS R 108 -90.23 84.83 5.65
CA HIS R 108 -89.03 84.34 5.00
C HIS R 108 -89.35 83.89 3.58
N ALA R 109 -88.38 84.07 2.68
CA ALA R 109 -88.59 83.88 1.26
C ALA R 109 -87.37 83.21 0.65
N GLN R 110 -87.63 82.34 -0.32
CA GLN R 110 -86.61 81.63 -1.06
C GLN R 110 -86.95 81.72 -2.54
N ALA R 111 -86.12 82.45 -3.28
CA ALA R 111 -86.26 82.54 -4.72
C ALA R 111 -85.30 81.58 -5.40
N PHE R 112 -85.69 81.08 -6.57
CA PHE R 112 -84.87 80.16 -7.34
C PHE R 112 -84.97 80.55 -8.80
N PHE R 113 -83.82 80.79 -9.43
CA PHE R 113 -83.76 81.07 -10.85
C PHE R 113 -82.82 80.07 -11.52
N THR R 114 -83.15 79.71 -12.76
CA THR R 114 -82.36 78.70 -13.46
C THR R 114 -82.30 79.06 -14.93
N GLN R 115 -81.09 79.08 -15.47
CA GLN R 115 -80.86 79.56 -16.83
C GLN R 115 -81.07 78.48 -17.89
N ASN R 116 -80.71 77.23 -17.59
CA ASN R 116 -80.75 76.15 -18.57
C ASN R 116 -79.92 76.51 -19.80
N GLY R 117 -78.69 76.95 -19.54
CA GLY R 117 -77.76 77.30 -20.60
C GLY R 117 -76.63 76.31 -20.69
N SER R 118 -76.94 75.02 -20.58
CA SER R 118 -75.97 73.94 -20.56
C SER R 118 -75.07 74.02 -19.34
N ASP R 119 -75.49 74.75 -18.31
CA ASP R 119 -74.77 74.85 -17.05
C ASP R 119 -75.74 74.55 -15.93
N ASN R 120 -75.31 73.73 -14.97
CA ASN R 120 -76.19 73.29 -13.89
C ASN R 120 -76.26 74.31 -12.78
N VAL R 121 -76.55 75.56 -13.13
CA VAL R 121 -76.67 76.64 -12.15
C VAL R 121 -78.14 76.81 -11.80
N VAL R 122 -78.45 76.68 -10.51
CA VAL R 122 -79.77 76.97 -9.98
C VAL R 122 -79.54 77.92 -8.81
N VAL R 123 -79.62 79.22 -9.08
CA VAL R 123 -79.27 80.22 -8.09
C VAL R 123 -80.44 80.38 -7.13
N GLU R 124 -80.16 80.27 -5.83
CA GLU R 124 -81.16 80.40 -4.79
C GLU R 124 -80.84 81.62 -3.93
N ARG R 125 -81.89 82.34 -3.56
CA ARG R 125 -81.78 83.57 -2.77
C ARG R 125 -82.65 83.41 -1.53
N GLN R 126 -82.02 83.38 -0.36
CA GLN R 126 -82.70 83.30 0.92
C GLN R 126 -82.76 84.69 1.52
N PHE R 127 -83.96 85.15 1.88
CA PHE R 127 -84.09 86.48 2.48
C PHE R 127 -85.40 86.51 3.28
N SER R 128 -85.79 87.71 3.70
CA SER R 128 -86.99 87.89 4.51
C SER R 128 -87.30 89.38 4.56
N PHE R 129 -88.39 89.73 5.25
CA PHE R 129 -88.79 91.11 5.47
C PHE R 129 -89.84 91.12 6.57
N ASN R 130 -90.47 92.27 6.78
CA ASN R 130 -91.40 92.46 7.88
C ASN R 130 -92.79 92.83 7.36
N ILE R 131 -93.28 92.07 6.38
CA ILE R 131 -94.55 92.35 5.71
C ILE R 131 -95.62 92.71 6.74
N GLU R 132 -96.40 93.75 6.44
CA GLU R 132 -97.51 94.17 7.27
C GLU R 132 -98.83 93.74 6.63
N ASN R 133 -99.88 93.74 7.44
CA ASN R 133 -101.20 93.33 6.97
C ASN R 133 -101.66 94.15 5.77
N ASP R 134 -101.07 95.32 5.53
CA ASP R 134 -101.45 96.15 4.41
C ASP R 134 -100.60 95.88 3.17
N LEU R 135 -99.28 95.81 3.34
CA LEU R 135 -98.39 95.50 2.23
C LEU R 135 -96.99 95.27 2.82
N VAL R 136 -96.02 95.06 1.92
CA VAL R 136 -94.66 94.73 2.35
C VAL R 136 -94.08 95.89 3.15
N SER R 137 -93.56 95.57 4.33
CA SER R 137 -92.97 96.56 5.22
C SER R 137 -91.65 96.03 5.75
N GLY R 138 -90.75 96.94 6.08
CA GLY R 138 -89.43 96.57 6.57
C GLY R 138 -88.76 95.55 5.67
N PHE R 139 -88.43 95.96 4.45
CA PHE R 139 -87.80 95.08 3.48
C PHE R 139 -86.31 94.93 3.78
N ASP R 140 -86.03 94.42 4.98
CA ASP R 140 -84.69 94.27 5.50
C ASP R 140 -84.40 92.80 5.75
N GLY R 141 -83.26 92.53 6.37
CA GLY R 141 -82.82 91.18 6.66
C GLY R 141 -81.58 90.85 5.86
N ILE R 142 -80.64 90.16 6.49
CA ILE R 142 -79.40 89.79 5.84
C ILE R 142 -79.72 88.73 4.79
N THR R 143 -79.70 89.12 3.52
CA THR R 143 -80.02 88.23 2.42
C THR R 143 -78.77 87.49 1.98
N LYS R 144 -78.90 86.17 1.80
CA LYS R 144 -77.81 85.33 1.34
C LYS R 144 -78.21 84.63 0.04
N LEU R 145 -77.21 84.09 -0.64
CA LEU R 145 -77.43 83.39 -1.90
C LEU R 145 -76.56 82.15 -1.95
N VAL R 146 -77.07 81.13 -2.64
CA VAL R 146 -76.36 79.87 -2.81
C VAL R 146 -76.57 79.38 -4.24
N TYR R 147 -75.82 78.34 -4.60
CA TYR R 147 -75.85 77.77 -5.93
C TYR R 147 -76.00 76.26 -5.80
N ILE R 148 -77.09 75.73 -6.33
CA ILE R 148 -77.34 74.29 -6.31
C ILE R 148 -76.59 73.65 -7.47
N LYS R 149 -75.33 73.29 -7.23
CA LYS R 149 -74.44 72.77 -8.26
C LYS R 149 -74.08 71.31 -7.99
N SER R 150 -75.04 70.56 -7.48
CA SER R 150 -74.83 69.16 -7.14
C SER R 150 -76.17 68.54 -6.80
N ILE R 151 -76.37 67.28 -7.20
CA ILE R 151 -77.62 66.62 -6.86
C ILE R 151 -77.46 65.93 -5.52
N GLN R 152 -77.43 66.73 -4.46
CA GLN R 152 -77.87 66.31 -3.12
C GLN R 152 -78.62 67.39 -2.37
N ASP R 153 -78.41 68.67 -2.69
CA ASP R 153 -79.05 69.76 -1.98
C ASP R 153 -80.36 70.19 -2.65
N THR R 154 -80.66 69.69 -3.85
CA THR R 154 -82.02 69.76 -4.34
C THR R 154 -82.97 69.12 -3.34
N ILE R 155 -82.51 68.07 -2.66
CA ILE R 155 -83.26 67.49 -1.55
C ILE R 155 -83.12 68.35 -0.31
N GLU R 156 -81.96 69.01 -0.15
CA GLU R 156 -81.69 69.83 1.02
C GLU R 156 -82.15 71.28 0.85
N ALA R 157 -82.48 71.70 -0.36
CA ALA R 157 -82.97 73.06 -0.56
C ALA R 157 -84.22 73.31 0.28
N VAL R 158 -85.28 72.57 0.00
CA VAL R 158 -86.50 72.61 0.81
C VAL R 158 -86.46 71.45 1.80
N GLY R 159 -85.26 70.87 1.98
CA GLY R 159 -85.14 69.71 2.85
C GLY R 159 -85.43 70.02 4.30
N LYS R 160 -85.21 71.25 4.72
CA LYS R 160 -85.43 71.60 6.13
C LYS R 160 -86.88 71.41 6.51
N ASP R 161 -87.78 72.16 5.88
CA ASP R 161 -89.20 72.05 6.22
C ASP R 161 -89.77 70.71 5.79
N PHE R 162 -89.24 70.12 4.71
CA PHE R 162 -89.66 68.79 4.29
C PHE R 162 -89.43 67.78 5.40
N ASN R 163 -88.20 67.69 5.89
CA ASN R 163 -87.89 66.79 7.00
C ASN R 163 -88.63 67.19 8.27
N GLN R 164 -88.89 68.48 8.46
CA GLN R 164 -89.67 68.91 9.62
C GLN R 164 -91.06 68.27 9.59
N LEU R 165 -91.77 68.41 8.47
CA LEU R 165 -93.08 67.80 8.36
C LEU R 165 -93.00 66.28 8.42
N LYS R 166 -91.93 65.70 7.86
CA LYS R 166 -91.76 64.26 7.96
C LYS R 166 -91.66 63.82 9.42
N GLN R 167 -90.87 64.54 10.22
CA GLN R 167 -90.73 64.21 11.63
C GLN R 167 -92.01 64.48 12.40
N ASN R 168 -92.78 65.48 12.00
CA ASN R 168 -94.09 65.71 12.63
C ASN R 168 -95.02 64.54 12.37
N MET R 169 -95.07 64.09 11.11
CA MET R 169 -95.86 62.91 10.78
C MET R 169 -95.39 61.69 11.56
N ALA R 170 -94.08 61.54 11.71
CA ALA R 170 -93.55 60.41 12.48
C ALA R 170 -93.91 60.52 13.96
N ASP R 171 -93.95 61.74 14.50
CA ASP R 171 -94.36 61.91 15.89
C ASP R 171 -95.82 61.54 16.08
N THR R 172 -96.68 61.99 15.17
CA THR R 172 -98.08 61.56 15.23
C THR R 172 -98.20 60.05 15.09
N GLN R 173 -97.37 59.46 14.23
CA GLN R 173 -97.41 58.02 14.03
C GLN R 173 -97.01 57.28 15.30
N THR R 174 -95.97 57.77 15.99
CA THR R 174 -95.55 57.09 17.21
C THR R 174 -96.54 57.31 18.34
N LEU R 175 -97.23 58.45 18.37
CA LEU R 175 -98.31 58.63 19.34
C LEU R 175 -99.43 57.63 19.07
N ILE R 176 -99.81 57.46 17.81
CA ILE R 176 -100.82 56.47 17.47
C ILE R 176 -100.33 55.06 17.84
N ALA R 177 -99.05 54.79 17.63
CA ALA R 177 -98.52 53.47 17.95
C ALA R 177 -98.52 53.22 19.44
N LYS R 178 -98.30 54.27 20.24
CA LYS R 178 -98.37 54.11 21.70
C LYS R 178 -99.82 53.90 22.14
N VAL R 179 -100.75 54.65 21.54
CA VAL R 179 -102.17 54.44 21.86
C VAL R 179 -102.58 53.01 21.50
N ASN R 180 -101.99 52.45 20.45
CA ASN R 180 -102.30 51.08 20.05
C ASN R 180 -101.63 50.07 20.98
N ASP R 181 -100.39 50.34 21.38
CA ASP R 181 -99.71 49.45 22.31
C ASP R 181 -100.38 49.44 23.68
N SER R 182 -101.05 50.54 24.03
CA SER R 182 -101.78 50.57 25.30
C SER R 182 -102.77 49.41 25.38
N ALA R 183 -103.35 49.00 24.26
CA ALA R 183 -104.27 47.86 24.24
C ALA R 183 -103.61 46.58 23.75
N THR R 184 -102.52 46.67 23.00
CA THR R 184 -101.75 45.46 22.71
C THR R 184 -101.21 44.84 23.98
N LYS R 185 -100.84 45.68 24.95
CA LYS R 185 -100.41 45.17 26.25
C LYS R 185 -101.57 44.48 26.96
N GLY R 186 -102.78 45.00 26.80
CA GLY R 186 -103.94 44.32 27.35
C GLY R 186 -104.17 42.97 26.69
N ILE R 187 -103.94 42.90 25.37
CA ILE R 187 -104.02 41.62 24.68
C ILE R 187 -103.00 40.64 25.25
N GLN R 188 -101.79 41.12 25.50
CA GLN R 188 -100.75 40.28 26.08
C GLN R 188 -101.18 39.78 27.46
N GLN R 189 -101.67 40.68 28.30
CA GLN R 189 -102.13 40.29 29.63
C GLN R 189 -103.25 39.26 29.53
N ILE R 190 -104.17 39.46 28.58
CA ILE R 190 -105.27 38.52 28.41
C ILE R 190 -104.75 37.14 28.04
N GLU R 191 -103.92 37.07 27.00
CA GLU R 191 -103.44 35.76 26.55
C GLU R 191 -102.63 35.07 27.64
N ILE R 192 -101.84 35.83 28.40
CA ILE R 192 -101.00 35.20 29.42
C ILE R 192 -101.84 34.73 30.60
N LYS R 193 -102.81 35.55 31.03
CA LYS R 193 -103.68 35.12 32.12
C LYS R 193 -104.49 33.90 31.72
N GLN R 194 -104.91 33.81 30.46
CA GLN R 194 -105.66 32.64 30.02
C GLN R 194 -104.76 31.41 29.95
N ASN R 195 -103.55 31.56 29.41
CA ASN R 195 -102.60 30.45 29.38
C ASN R 195 -102.26 29.97 30.78
N GLU R 196 -102.27 30.87 31.76
CA GLU R 196 -102.00 30.46 33.13
C GLU R 196 -103.22 29.79 33.74
N ALA R 197 -104.42 30.26 33.42
CA ALA R 197 -105.64 29.68 33.99
C ALA R 197 -105.87 28.27 33.46
N ILE R 198 -105.61 28.04 32.18
CA ILE R 198 -105.85 26.72 31.61
C ILE R 198 -105.02 25.66 32.33
N GLN R 199 -103.88 26.05 32.89
CA GLN R 199 -103.02 25.12 33.61
C GLN R 199 -103.78 24.45 34.75
N VAL S 3 -81.98 17.12 -35.43
CA VAL S 3 -82.17 16.29 -34.25
C VAL S 3 -81.80 14.85 -34.57
N ASP S 4 -82.15 14.42 -35.77
CA ASP S 4 -81.86 13.06 -36.21
C ASP S 4 -80.35 12.84 -36.33
N ASN S 5 -79.97 11.61 -36.62
CA ASN S 5 -78.57 11.28 -36.87
C ASN S 5 -78.23 11.38 -38.36
N PHE S 6 -78.64 12.51 -38.95
CA PHE S 6 -78.32 12.81 -40.35
C PHE S 6 -77.87 14.24 -40.56
N SER S 7 -78.17 15.16 -39.66
CA SER S 7 -77.82 16.57 -39.84
C SER S 7 -76.32 16.77 -39.68
N LYS S 8 -75.90 18.03 -39.78
CA LYS S 8 -74.49 18.36 -39.53
C LYS S 8 -74.16 18.19 -38.06
N ASP S 9 -74.80 18.98 -37.20
CA ASP S 9 -74.67 18.88 -35.74
C ASP S 9 -73.23 18.59 -35.33
N ASP S 10 -72.31 19.44 -35.79
CA ASP S 10 -70.90 19.36 -35.44
C ASP S 10 -70.39 20.72 -35.01
N ASN S 11 -71.20 21.43 -34.22
CA ASN S 11 -70.87 22.77 -33.75
C ASN S 11 -71.33 22.93 -32.32
N LEU S 12 -70.42 23.35 -31.46
CA LEU S 12 -70.71 23.58 -30.04
C LEU S 12 -70.41 25.04 -29.73
N ILE S 13 -71.45 25.84 -29.53
CA ILE S 13 -71.32 27.26 -29.29
C ILE S 13 -71.41 27.51 -27.79
N GLU S 14 -70.47 28.31 -27.28
CA GLU S 14 -70.39 28.62 -25.86
C GLU S 14 -71.03 29.98 -25.63
N LEU S 15 -72.35 29.97 -25.42
CA LEU S 15 -73.09 31.19 -25.11
C LEU S 15 -73.03 31.40 -23.60
N GLN S 16 -72.06 32.21 -23.17
CA GLN S 16 -71.81 32.45 -21.75
C GLN S 16 -72.45 33.75 -21.33
N THR S 17 -73.27 33.70 -20.28
CA THR S 17 -73.95 34.89 -19.75
C THR S 17 -72.99 35.66 -18.86
N THR S 18 -72.02 36.30 -19.51
CA THR S 18 -70.99 37.08 -18.82
C THR S 18 -71.20 38.56 -19.12
N SER S 19 -71.35 39.35 -18.05
CA SER S 19 -71.53 40.78 -18.21
C SER S 19 -70.24 41.49 -18.58
N GLN S 20 -69.10 40.82 -18.46
CA GLN S 20 -67.82 41.47 -18.69
C GLN S 20 -67.71 41.94 -20.14
N TYR S 21 -67.66 41.02 -21.09
CA TYR S 21 -67.59 41.39 -22.48
C TYR S 21 -67.74 40.14 -23.34
N ASN S 22 -68.43 40.29 -24.46
CA ASN S 22 -68.68 39.22 -25.41
C ASN S 22 -68.91 39.86 -26.78
N PRO S 23 -67.87 40.35 -27.43
CA PRO S 23 -68.08 41.23 -28.59
C PRO S 23 -68.85 40.58 -29.72
N VAL S 24 -68.28 39.54 -30.32
CA VAL S 24 -68.91 38.86 -31.45
C VAL S 24 -68.18 37.56 -31.73
N ILE S 25 -68.86 36.59 -32.32
CA ILE S 25 -68.26 35.34 -32.76
C ILE S 25 -68.32 35.30 -34.28
N ASP S 26 -67.16 35.16 -34.91
CA ASP S 26 -67.09 34.93 -36.35
C ASP S 26 -66.99 33.42 -36.59
N THR S 27 -68.10 32.74 -36.24
CA THR S 27 -68.12 31.29 -36.24
C THR S 27 -67.64 30.72 -37.57
N ASN S 28 -66.89 29.64 -37.48
CA ASN S 28 -66.39 28.90 -38.64
C ASN S 28 -67.38 27.77 -38.89
N ILE S 29 -68.36 28.03 -39.76
CA ILE S 29 -69.47 27.10 -39.96
C ILE S 29 -70.16 27.47 -41.27
N SER S 30 -70.72 26.45 -41.93
CA SER S 30 -71.37 26.64 -43.21
C SER S 30 -72.50 25.63 -43.35
N PHE S 31 -73.41 25.91 -44.29
CA PHE S 31 -74.53 25.02 -44.55
C PHE S 31 -74.79 24.77 -46.03
N TYR S 32 -74.19 25.56 -46.94
CA TYR S 32 -74.15 25.31 -48.37
C TYR S 32 -75.48 25.56 -49.07
N GLU S 33 -76.48 26.12 -48.38
CA GLU S 33 -77.64 26.73 -49.04
C GLU S 33 -78.59 25.70 -49.64
N SER S 34 -78.20 24.43 -49.67
CA SER S 34 -79.02 23.40 -50.29
C SER S 34 -79.49 22.34 -49.31
N ASP S 35 -78.97 22.34 -48.07
CA ASP S 35 -79.46 21.39 -47.08
C ASP S 35 -80.96 21.52 -46.91
N ARG S 36 -81.40 22.67 -46.40
CA ARG S 36 -82.80 23.07 -46.41
C ARG S 36 -83.71 22.08 -45.69
N GLY S 37 -83.14 21.02 -45.12
CA GLY S 37 -83.93 20.07 -44.35
C GLY S 37 -83.31 19.77 -43.00
N THR S 38 -82.01 20.02 -42.86
CA THR S 38 -81.30 19.72 -41.62
C THR S 38 -80.15 20.72 -41.48
N GLY S 39 -80.43 21.81 -40.78
CA GLY S 39 -79.39 22.68 -40.28
C GLY S 39 -79.54 22.82 -38.78
N VAL S 40 -78.60 22.27 -38.02
CA VAL S 40 -78.73 22.16 -36.58
C VAL S 40 -77.63 22.97 -35.93
N LEU S 41 -78.01 23.74 -34.91
CA LEU S 41 -77.09 24.53 -34.11
C LEU S 41 -77.17 24.04 -32.67
N ASN S 42 -76.08 23.51 -32.16
CA ASN S 42 -76.02 22.97 -30.79
C ASN S 42 -75.40 24.03 -29.89
N PHE S 43 -76.24 24.85 -29.28
CA PHE S 43 -75.79 25.86 -28.35
C PHE S 43 -75.56 25.25 -26.96
N ALA S 44 -74.50 25.71 -26.31
CA ALA S 44 -74.29 25.51 -24.89
C ALA S 44 -74.61 26.80 -24.15
N VAL S 45 -74.70 26.70 -22.83
CA VAL S 45 -74.99 27.85 -21.99
C VAL S 45 -74.14 27.75 -20.74
N THR S 46 -73.58 28.88 -20.32
CA THR S 46 -72.75 28.94 -19.12
C THR S 46 -72.96 30.28 -18.44
N LYS S 47 -72.76 30.32 -17.13
CA LYS S 47 -72.88 31.55 -16.38
C LYS S 47 -71.54 32.27 -16.28
N ASN S 48 -70.56 31.64 -15.66
CA ASN S 48 -69.18 32.11 -15.67
C ASN S 48 -68.24 31.08 -16.27
N ASN S 49 -68.23 29.86 -15.76
CA ASN S 49 -67.53 28.75 -16.39
C ASN S 49 -68.27 27.43 -16.28
N ARG S 50 -69.48 27.43 -15.74
CA ARG S 50 -70.27 26.22 -15.53
C ARG S 50 -71.58 26.30 -16.27
N PRO S 51 -72.18 25.16 -16.60
CA PRO S 51 -73.45 25.19 -17.34
C PRO S 51 -74.61 25.61 -16.45
N LEU S 52 -75.68 26.05 -17.11
CA LEU S 52 -76.90 26.47 -16.45
C LEU S 52 -77.89 25.32 -16.35
N SER S 53 -78.89 25.50 -15.51
CA SER S 53 -79.97 24.53 -15.31
C SER S 53 -81.28 25.24 -15.63
N ILE S 54 -81.70 25.15 -16.88
CA ILE S 54 -82.89 25.84 -17.38
C ILE S 54 -83.91 24.81 -17.82
N SER S 55 -85.13 24.96 -17.36
CA SER S 55 -86.23 24.04 -17.65
C SER S 55 -87.36 24.79 -18.35
N SER S 56 -88.38 24.04 -18.75
CA SER S 56 -89.52 24.63 -19.42
C SER S 56 -90.33 25.51 -18.47
N GLU S 57 -90.69 24.96 -17.30
CA GLU S 57 -91.34 25.77 -16.27
C GLU S 57 -90.53 27.03 -15.98
N HIS S 58 -89.20 26.90 -16.00
CA HIS S 58 -88.30 28.03 -15.84
C HIS S 58 -88.20 28.78 -17.17
N VAL S 59 -87.20 29.64 -17.30
CA VAL S 59 -87.06 30.54 -18.46
C VAL S 59 -87.39 29.83 -19.76
N LYS S 60 -88.14 30.49 -20.62
CA LYS S 60 -88.33 30.06 -21.99
C LYS S 60 -87.23 30.63 -22.87
N THR S 61 -87.03 29.98 -24.02
CA THR S 61 -85.92 30.29 -24.90
C THR S 61 -86.42 30.96 -26.17
N PHE S 62 -85.51 31.68 -26.82
CA PHE S 62 -85.78 32.31 -28.11
C PHE S 62 -84.45 32.55 -28.80
N ILE S 63 -84.48 32.45 -30.13
CA ILE S 63 -83.32 32.76 -30.95
C ILE S 63 -83.80 33.61 -32.11
N VAL S 64 -83.05 34.67 -32.40
CA VAL S 64 -83.36 35.59 -33.49
C VAL S 64 -82.30 35.43 -34.56
N LEU S 65 -82.76 35.26 -35.80
CA LEU S 65 -81.92 35.14 -36.97
C LEU S 65 -82.19 36.31 -37.89
N LYS S 66 -81.14 36.83 -38.53
CA LYS S 66 -81.27 38.03 -39.36
C LYS S 66 -80.16 38.02 -40.39
N THR S 67 -80.51 37.94 -41.66
CA THR S 67 -79.50 37.94 -42.70
C THR S 67 -78.69 39.24 -42.65
N ASP S 68 -77.60 39.26 -43.42
CA ASP S 68 -76.70 40.41 -43.38
C ASP S 68 -77.39 41.67 -43.85
N ASP S 69 -77.86 41.68 -45.09
CA ASP S 69 -78.53 42.85 -45.68
C ASP S 69 -80.03 42.65 -45.51
N TYR S 70 -80.54 43.07 -44.36
CA TYR S 70 -81.97 43.00 -44.08
C TYR S 70 -82.64 44.30 -44.49
N ASN S 71 -83.77 44.18 -45.18
CA ASN S 71 -84.54 45.34 -45.60
C ASN S 71 -85.99 44.92 -45.76
N VAL S 72 -86.90 45.87 -45.51
CA VAL S 72 -88.32 45.59 -45.64
C VAL S 72 -88.63 45.01 -47.00
N ASP S 73 -87.80 45.30 -48.01
CA ASP S 73 -87.99 44.76 -49.35
C ASP S 73 -87.14 43.52 -49.61
N ARG S 74 -85.99 43.41 -48.95
CA ARG S 74 -85.08 42.30 -49.15
C ARG S 74 -84.43 41.91 -47.83
N GLY S 75 -84.24 40.62 -47.64
CA GLY S 75 -83.52 40.12 -46.49
C GLY S 75 -84.31 39.04 -45.79
N ALA S 76 -84.11 38.93 -44.48
CA ALA S 76 -84.79 37.93 -43.67
C ALA S 76 -84.59 38.26 -42.20
N TYR S 77 -85.58 37.90 -41.40
CA TYR S 77 -85.53 38.13 -39.96
C TYR S 77 -86.64 37.34 -39.27
N ILE S 78 -86.29 36.54 -38.27
CA ILE S 78 -87.28 35.78 -37.51
C ILE S 78 -86.79 35.57 -36.09
N SER S 79 -87.72 35.21 -35.21
CA SER S 79 -87.44 34.91 -33.81
C SER S 79 -88.28 33.70 -33.41
N ASP S 80 -87.61 32.57 -33.18
CA ASP S 80 -88.32 31.34 -32.88
C ASP S 80 -87.74 30.64 -31.64
N GLU S 81 -88.18 29.42 -31.37
CA GLU S 81 -87.78 28.70 -30.16
C GLU S 81 -86.47 27.95 -30.37
N LEU S 82 -86.02 27.27 -29.32
CA LEU S 82 -84.72 26.60 -29.32
C LEU S 82 -84.80 25.09 -29.26
N THR S 83 -85.91 24.51 -28.80
CA THR S 83 -86.05 23.06 -28.68
C THR S 83 -84.99 22.49 -27.74
N ILE S 84 -85.12 22.89 -26.47
CA ILE S 84 -84.17 22.46 -25.45
C ILE S 84 -83.95 20.95 -25.54
N VAL S 85 -82.70 20.54 -25.31
CA VAL S 85 -82.32 19.13 -25.30
C VAL S 85 -82.08 18.65 -23.87
N ASP S 86 -81.11 19.26 -23.18
CA ASP S 86 -80.77 18.88 -21.81
C ASP S 86 -80.92 20.11 -20.92
N ALA S 87 -81.86 20.06 -19.99
CA ALA S 87 -82.10 21.14 -19.06
C ALA S 87 -81.06 21.21 -17.94
N ILE S 88 -80.04 20.36 -17.97
CA ILE S 88 -79.03 20.30 -16.93
C ILE S 88 -77.72 20.93 -17.40
N ASN S 89 -77.19 20.47 -18.52
CA ASN S 89 -75.95 21.00 -19.07
C ASN S 89 -76.18 22.18 -20.01
N GLY S 90 -77.43 22.58 -20.22
CA GLY S 90 -77.73 23.67 -21.13
C GLY S 90 -77.40 23.33 -22.58
N ARG S 91 -78.02 22.27 -23.08
CA ARG S 91 -77.83 21.82 -24.46
C ARG S 91 -79.07 22.18 -25.26
N LEU S 92 -78.92 23.07 -26.24
CA LEU S 92 -80.04 23.60 -27.00
C LEU S 92 -79.79 23.34 -28.49
N GLN S 93 -80.51 22.37 -29.06
CA GLN S 93 -80.39 22.07 -30.48
C GLN S 93 -81.50 22.81 -31.22
N TYR S 94 -81.11 23.76 -32.06
CA TYR S 94 -82.04 24.56 -32.84
C TYR S 94 -81.97 24.12 -34.30
N VAL S 95 -83.12 23.79 -34.87
CA VAL S 95 -83.21 23.37 -36.27
C VAL S 95 -83.47 24.60 -37.11
N ILE S 96 -82.57 24.89 -38.04
CA ILE S 96 -82.69 26.06 -38.89
C ILE S 96 -83.87 25.85 -39.83
N PRO S 97 -84.60 26.89 -40.21
CA PRO S 97 -85.77 26.70 -41.08
C PRO S 97 -85.37 26.34 -42.50
N ASN S 98 -86.35 25.81 -43.23
CA ASN S 98 -86.18 25.46 -44.63
C ASN S 98 -85.98 26.68 -45.53
N GLU S 99 -86.22 27.88 -45.01
CA GLU S 99 -86.28 29.08 -45.84
C GLU S 99 -84.91 29.76 -45.95
N PHE S 100 -84.32 30.15 -44.82
CA PHE S 100 -83.11 30.96 -44.86
C PHE S 100 -82.03 30.31 -45.69
N LEU S 101 -81.93 28.99 -45.65
CA LEU S 101 -80.94 28.29 -46.45
C LEU S 101 -81.15 28.50 -47.95
N LYS S 102 -82.28 29.09 -48.34
CA LYS S 102 -82.43 29.56 -49.72
C LYS S 102 -81.81 30.94 -49.90
N HIS S 103 -81.75 31.74 -48.84
CA HIS S 103 -81.16 33.08 -48.90
C HIS S 103 -79.66 32.94 -48.65
N SER S 104 -78.90 32.77 -49.74
CA SER S 104 -77.47 32.58 -49.62
C SER S 104 -76.82 33.75 -48.91
N GLY S 105 -75.55 33.56 -48.56
CA GLY S 105 -74.76 34.60 -47.93
C GLY S 105 -74.58 34.40 -46.44
N LYS S 106 -74.37 35.50 -45.73
CA LYS S 106 -74.16 35.46 -44.29
C LYS S 106 -75.46 35.73 -43.55
N VAL S 107 -75.51 35.27 -42.30
CA VAL S 107 -76.67 35.50 -41.45
C VAL S 107 -76.21 35.65 -40.01
N HIS S 108 -76.46 36.82 -39.43
CA HIS S 108 -76.18 37.02 -38.02
C HIS S 108 -77.31 36.43 -37.18
N ALA S 109 -77.00 36.20 -35.91
CA ALA S 109 -77.96 35.57 -35.01
C ALA S 109 -77.71 36.05 -33.59
N GLN S 110 -78.63 35.68 -32.72
CA GLN S 110 -78.52 36.01 -31.31
C GLN S 110 -79.50 35.15 -30.53
N ALA S 111 -79.23 34.99 -29.25
CA ALA S 111 -80.10 34.25 -28.36
C ALA S 111 -80.92 35.22 -27.54
N PHE S 112 -81.82 34.67 -26.72
CA PHE S 112 -82.75 35.46 -25.94
C PHE S 112 -83.42 34.55 -24.92
N PHE S 113 -83.45 34.97 -23.66
CA PHE S 113 -84.02 34.15 -22.60
C PHE S 113 -85.06 34.95 -21.85
N THR S 114 -86.28 34.43 -21.79
CA THR S 114 -87.41 35.09 -21.15
C THR S 114 -87.67 34.43 -19.80
N GLN S 115 -87.94 35.24 -18.79
CA GLN S 115 -88.26 34.72 -17.47
C GLN S 115 -89.70 34.23 -17.46
N ASN S 116 -89.89 32.94 -17.17
CA ASN S 116 -91.22 32.36 -17.12
C ASN S 116 -91.92 32.89 -15.87
N GLY S 117 -92.84 33.84 -16.08
CA GLY S 117 -93.57 34.44 -14.99
C GLY S 117 -93.15 35.85 -14.62
N SER S 118 -92.33 36.51 -15.46
CA SER S 118 -91.91 37.87 -15.20
C SER S 118 -91.28 38.42 -16.47
N ASP S 119 -91.26 39.75 -16.56
CA ASP S 119 -90.76 40.42 -17.75
C ASP S 119 -89.24 40.39 -17.87
N ASN S 120 -88.54 39.95 -16.84
CA ASN S 120 -87.08 39.90 -16.91
C ASN S 120 -86.64 38.96 -18.02
N VAL S 121 -85.58 39.35 -18.72
CA VAL S 121 -85.04 38.57 -19.83
C VAL S 121 -83.52 38.61 -19.76
N VAL S 122 -82.90 37.77 -20.59
CA VAL S 122 -81.46 37.73 -20.75
C VAL S 122 -81.14 37.47 -22.21
N VAL S 123 -80.03 38.04 -22.67
CA VAL S 123 -79.60 37.92 -24.06
C VAL S 123 -78.13 37.57 -24.07
N GLU S 124 -77.73 36.77 -25.05
CA GLU S 124 -76.40 36.20 -25.11
C GLU S 124 -75.60 36.81 -26.27
N ARG S 125 -74.41 36.27 -26.48
CA ARG S 125 -73.48 36.81 -27.45
C ARG S 125 -73.95 36.50 -28.87
N GLN S 126 -73.61 37.40 -29.79
CA GLN S 126 -73.95 37.23 -31.19
C GLN S 126 -73.07 36.15 -31.83
N PHE S 127 -73.36 35.86 -33.09
CA PHE S 127 -72.52 34.99 -33.90
C PHE S 127 -73.01 35.12 -35.35
N SER S 128 -72.22 34.55 -36.27
CA SER S 128 -72.48 34.72 -37.69
C SER S 128 -72.09 33.42 -38.39
N PHE S 129 -73.10 32.59 -38.67
CA PHE S 129 -72.87 31.31 -39.34
C PHE S 129 -73.16 31.51 -40.83
N ASN S 130 -72.10 31.79 -41.58
CA ASN S 130 -72.22 31.93 -43.02
C ASN S 130 -72.87 30.68 -43.62
N ILE S 131 -73.47 30.84 -44.79
CA ILE S 131 -73.99 29.73 -45.57
C ILE S 131 -73.66 30.00 -47.03
N GLU S 132 -72.90 29.10 -47.64
CA GLU S 132 -72.31 29.35 -48.95
C GLU S 132 -73.27 28.95 -50.05
N ASN S 133 -72.86 29.20 -51.29
CA ASN S 133 -73.61 28.77 -52.45
C ASN S 133 -73.29 27.31 -52.78
N ASP S 134 -74.08 26.75 -53.70
CA ASP S 134 -73.92 25.35 -54.06
C ASP S 134 -74.37 25.14 -55.49
N LEU S 135 -73.68 24.23 -56.18
CA LEU S 135 -74.08 23.88 -57.54
C LEU S 135 -75.48 23.28 -57.59
N VAL S 136 -76.03 22.89 -56.45
CA VAL S 136 -77.37 22.33 -56.43
C VAL S 136 -78.42 23.42 -56.60
N SER S 137 -78.16 24.61 -56.05
CA SER S 137 -79.12 25.70 -56.03
C SER S 137 -78.89 26.71 -57.15
N GLY S 138 -78.40 26.27 -58.31
CA GLY S 138 -78.14 27.18 -59.41
C GLY S 138 -78.24 26.50 -60.77
N PHE S 139 -77.24 26.78 -61.61
CA PHE S 139 -76.83 25.93 -62.73
C PHE S 139 -77.81 25.92 -63.89
N ASP S 140 -78.99 26.51 -63.73
CA ASP S 140 -79.98 26.47 -64.80
C ASP S 140 -81.21 27.25 -64.37
N GLY S 141 -82.01 27.62 -65.36
CA GLY S 141 -83.30 28.25 -65.12
C GLY S 141 -84.35 27.82 -66.13
N ILE S 142 -84.12 26.70 -66.81
CA ILE S 142 -85.13 26.12 -67.68
C ILE S 142 -85.30 24.66 -67.36
N THR S 143 -84.19 23.91 -67.36
CA THR S 143 -84.24 22.46 -67.28
C THR S 143 -85.12 21.97 -66.14
N LYS S 144 -85.15 22.70 -65.02
CA LYS S 144 -86.01 22.31 -63.91
C LYS S 144 -87.47 22.36 -64.33
N LEU S 145 -87.87 23.41 -65.01
CA LEU S 145 -89.25 23.51 -65.48
C LEU S 145 -89.53 22.46 -66.54
N VAL S 146 -88.57 22.22 -67.44
CA VAL S 146 -88.77 21.20 -68.46
C VAL S 146 -89.00 19.84 -67.83
N TYR S 147 -88.23 19.52 -66.78
CA TYR S 147 -88.32 18.20 -66.18
C TYR S 147 -89.57 18.05 -65.32
N ILE S 148 -89.97 19.11 -64.61
CA ILE S 148 -91.23 19.04 -63.88
C ILE S 148 -92.39 18.88 -64.86
N LYS S 149 -92.33 19.58 -66.00
CA LYS S 149 -93.35 19.42 -67.03
C LYS S 149 -93.35 18.00 -67.57
N SER S 150 -92.17 17.42 -67.78
CA SER S 150 -92.09 16.08 -68.32
C SER S 150 -92.67 15.06 -67.34
N ILE S 151 -92.34 15.17 -66.06
CA ILE S 151 -92.88 14.24 -65.08
C ILE S 151 -94.39 14.44 -64.95
N GLN S 152 -94.87 15.68 -65.09
CA GLN S 152 -96.30 15.92 -65.05
C GLN S 152 -97.01 15.24 -66.21
N ASP S 153 -96.45 15.37 -67.41
CA ASP S 153 -97.03 14.70 -68.57
C ASP S 153 -97.01 13.19 -68.39
N THR S 154 -95.90 12.66 -67.86
CA THR S 154 -95.79 11.21 -67.70
C THR S 154 -96.80 10.69 -66.69
N ILE S 155 -96.97 11.39 -65.57
CA ILE S 155 -97.96 10.96 -64.58
C ILE S 155 -99.36 11.06 -65.16
N GLU S 156 -99.68 12.19 -65.79
CA GLU S 156 -101.00 12.37 -66.37
C GLU S 156 -101.30 11.29 -67.41
N ALA S 157 -100.28 10.83 -68.13
CA ALA S 157 -100.49 9.80 -69.14
C ALA S 157 -100.65 8.42 -68.49
N VAL S 158 -99.61 7.98 -67.74
CA VAL S 158 -99.63 6.66 -67.15
C VAL S 158 -100.82 6.47 -66.22
N GLY S 159 -101.37 7.55 -65.67
CA GLY S 159 -102.55 7.41 -64.84
C GLY S 159 -103.74 6.85 -65.60
N LYS S 160 -103.85 7.19 -66.88
CA LYS S 160 -104.94 6.67 -67.70
C LYS S 160 -104.83 5.15 -67.81
N ASP S 161 -103.67 4.66 -68.24
CA ASP S 161 -103.46 3.22 -68.35
C ASP S 161 -103.59 2.54 -67.00
N PHE S 162 -103.16 3.21 -65.93
CA PHE S 162 -103.25 2.64 -64.59
C PHE S 162 -104.70 2.45 -64.18
N ASN S 163 -105.52 3.49 -64.33
CA ASN S 163 -106.93 3.37 -64.03
C ASN S 163 -107.60 2.33 -64.91
N GLN S 164 -107.19 2.26 -66.18
CA GLN S 164 -107.74 1.26 -67.09
C GLN S 164 -107.48 -0.15 -66.57
N LEU S 165 -106.22 -0.46 -66.26
CA LEU S 165 -105.87 -1.80 -65.83
C LEU S 165 -106.32 -2.09 -64.41
N LYS S 166 -106.61 -1.07 -63.62
CA LYS S 166 -107.09 -1.29 -62.26
C LYS S 166 -108.59 -1.56 -62.24
N GLN S 167 -109.37 -0.72 -62.92
CA GLN S 167 -110.80 -0.96 -63.00
C GLN S 167 -111.10 -2.28 -63.71
N ASN S 168 -110.25 -2.66 -64.66
CA ASN S 168 -110.40 -3.94 -65.35
C ASN S 168 -109.85 -5.11 -64.55
N MET S 169 -109.37 -4.86 -63.33
CA MET S 169 -108.84 -5.92 -62.47
C MET S 169 -109.79 -6.19 -61.31
N ASN T 5 -58.06 -6.28 -63.18
CA ASN T 5 -58.92 -5.28 -63.79
C ASN T 5 -58.10 -4.11 -64.32
N PHE T 6 -58.64 -3.41 -65.31
CA PHE T 6 -58.01 -2.22 -65.87
C PHE T 6 -59.03 -1.08 -65.77
N SER T 7 -58.75 -0.12 -64.90
CA SER T 7 -59.62 1.03 -64.69
C SER T 7 -58.96 1.92 -63.65
N LYS T 8 -59.38 3.18 -63.63
CA LYS T 8 -58.75 4.18 -62.76
C LYS T 8 -59.51 4.28 -61.43
N ASP T 9 -59.56 3.14 -60.75
CA ASP T 9 -60.21 3.02 -59.46
C ASP T 9 -59.24 3.21 -58.29
N ASP T 10 -58.12 3.90 -58.53
CA ASP T 10 -57.12 4.09 -57.49
C ASP T 10 -57.37 5.34 -56.65
N ASN T 11 -58.02 6.34 -57.22
CA ASN T 11 -58.24 7.58 -56.50
C ASN T 11 -59.23 7.37 -55.36
N LEU T 12 -59.30 8.37 -54.48
CA LEU T 12 -60.27 8.36 -53.38
C LEU T 12 -60.32 9.74 -52.73
N ILE T 13 -61.52 10.28 -52.55
CA ILE T 13 -61.70 11.58 -51.92
C ILE T 13 -62.68 11.44 -50.77
N GLU T 14 -62.40 12.16 -49.68
CA GLU T 14 -63.22 12.10 -48.48
C GLU T 14 -64.14 13.31 -48.42
N LEU T 15 -65.40 13.07 -48.08
CA LEU T 15 -66.42 14.10 -47.97
C LEU T 15 -66.81 14.23 -46.51
N GLN T 16 -66.41 15.34 -45.89
CA GLN T 16 -66.66 15.56 -44.47
C GLN T 16 -68.04 16.17 -44.31
N THR T 17 -68.97 15.39 -43.76
CA THR T 17 -70.33 15.85 -43.50
C THR T 17 -70.35 16.61 -42.17
N THR T 18 -69.69 17.76 -42.17
CA THR T 18 -69.58 18.59 -40.99
C THR T 18 -69.74 20.05 -41.38
N SER T 19 -70.27 20.83 -40.46
CA SER T 19 -70.54 22.26 -40.69
C SER T 19 -69.42 23.08 -40.05
N GLN T 20 -68.27 23.11 -40.72
CA GLN T 20 -67.11 23.83 -40.22
C GLN T 20 -66.37 24.55 -41.34
N TYR T 21 -67.10 25.03 -42.35
CA TYR T 21 -66.51 25.73 -43.50
C TYR T 21 -65.44 24.86 -44.16
N ASN T 22 -65.86 23.69 -44.60
CA ASN T 22 -65.00 22.83 -45.38
C ASN T 22 -64.84 23.42 -46.78
N PRO T 23 -63.71 24.02 -47.11
CA PRO T 23 -63.61 24.78 -48.36
C PRO T 23 -63.42 23.87 -49.56
N VAL T 24 -63.52 24.48 -50.75
CA VAL T 24 -63.28 23.76 -51.98
C VAL T 24 -61.83 23.29 -52.01
N ILE T 25 -61.63 22.07 -52.51
CA ILE T 25 -60.32 21.44 -52.52
C ILE T 25 -60.03 20.92 -53.93
N ASP T 26 -58.80 21.14 -54.39
CA ASP T 26 -58.35 20.62 -55.67
C ASP T 26 -57.90 19.18 -55.46
N THR T 27 -58.83 18.25 -55.68
CA THR T 27 -58.57 16.84 -55.45
C THR T 27 -57.42 16.30 -56.28
N ASN T 28 -56.97 17.03 -57.30
CA ASN T 28 -55.91 16.57 -58.18
C ASN T 28 -56.29 15.25 -58.84
N ILE T 29 -57.42 15.27 -59.54
CA ILE T 29 -57.91 14.13 -60.31
C ILE T 29 -58.09 14.59 -61.74
N SER T 30 -57.26 14.07 -62.64
CA SER T 30 -57.24 14.51 -64.04
C SER T 30 -57.42 13.29 -64.93
N PHE T 31 -58.67 12.97 -65.25
CA PHE T 31 -58.94 12.00 -66.30
C PHE T 31 -58.60 12.62 -67.65
N TYR T 32 -58.87 11.88 -68.72
CA TYR T 32 -58.55 12.32 -70.07
C TYR T 32 -59.81 12.27 -70.92
N GLU T 33 -59.73 12.90 -72.10
CA GLU T 33 -60.87 12.99 -72.99
C GLU T 33 -61.28 11.62 -73.50
N SER T 34 -60.37 10.90 -74.13
CA SER T 34 -60.65 9.60 -74.72
C SER T 34 -60.67 8.52 -73.64
N ASP T 35 -61.62 8.68 -72.72
CA ASP T 35 -61.85 7.72 -71.65
C ASP T 35 -63.34 7.48 -71.52
N ARG T 36 -63.75 6.22 -71.60
CA ARG T 36 -65.15 5.86 -71.63
C ARG T 36 -65.41 4.72 -70.65
N GLY T 37 -66.31 4.95 -69.70
CA GLY T 37 -66.70 3.93 -68.75
C GLY T 37 -65.63 3.49 -67.80
N THR T 38 -64.42 4.04 -67.88
CA THR T 38 -63.32 3.64 -67.00
C THR T 38 -62.87 4.77 -66.07
N GLY T 39 -63.52 5.93 -66.14
CA GLY T 39 -63.23 7.00 -65.19
C GLY T 39 -64.15 6.93 -64.01
N VAL T 40 -63.59 6.67 -62.83
CA VAL T 40 -64.38 6.41 -61.62
C VAL T 40 -63.91 7.32 -60.50
N LEU T 41 -64.85 7.81 -59.71
CA LEU T 41 -64.58 8.65 -58.56
C LEU T 41 -65.01 7.90 -57.30
N ASN T 42 -64.04 7.60 -56.44
CA ASN T 42 -64.31 6.89 -55.20
C ASN T 42 -64.54 7.91 -54.09
N PHE T 43 -65.79 8.02 -53.63
CA PHE T 43 -66.15 8.89 -52.54
C PHE T 43 -66.20 8.09 -51.23
N ALA T 44 -65.68 8.69 -50.16
CA ALA T 44 -65.75 8.12 -48.83
C ALA T 44 -66.29 9.19 -47.90
N VAL T 45 -67.46 8.96 -47.36
CA VAL T 45 -68.15 9.96 -46.56
C VAL T 45 -67.79 9.77 -45.10
N THR T 46 -67.69 10.88 -44.37
CA THR T 46 -67.35 10.87 -42.96
C THR T 46 -68.25 11.86 -42.24
N LYS T 47 -68.82 11.43 -41.12
CA LYS T 47 -69.77 12.28 -40.40
C LYS T 47 -69.05 13.42 -39.69
N ASN T 48 -68.26 13.09 -38.67
CA ASN T 48 -67.47 14.07 -37.94
C ASN T 48 -65.98 13.80 -38.07
N ASN T 49 -65.54 12.58 -37.75
CA ASN T 49 -64.15 12.16 -37.98
C ASN T 49 -64.06 10.74 -38.51
N ARG T 50 -65.08 9.92 -38.33
CA ARG T 50 -65.13 8.53 -38.73
C ARG T 50 -66.21 8.35 -39.80
N PRO T 51 -66.25 7.21 -40.48
CA PRO T 51 -67.08 7.11 -41.68
C PRO T 51 -68.56 7.09 -41.34
N LEU T 52 -69.34 7.76 -42.19
CA LEU T 52 -70.79 7.78 -42.09
C LEU T 52 -71.36 6.62 -42.88
N SER T 53 -72.13 5.76 -42.22
CA SER T 53 -72.78 4.67 -42.93
C SER T 53 -73.89 5.21 -43.83
N ILE T 54 -74.25 4.41 -44.82
CA ILE T 54 -75.15 4.83 -45.88
C ILE T 54 -75.97 3.62 -46.33
N SER T 55 -76.98 3.87 -47.15
CA SER T 55 -77.78 2.79 -47.70
C SER T 55 -78.74 3.36 -48.74
N SER T 56 -78.99 2.57 -49.78
CA SER T 56 -79.95 2.96 -50.80
C SER T 56 -81.40 2.78 -50.35
N GLU T 57 -81.62 2.13 -49.21
CA GLU T 57 -82.97 1.93 -48.71
C GLU T 57 -83.46 3.18 -47.98
N HIS T 58 -82.72 3.61 -46.95
CA HIS T 58 -83.14 4.79 -46.20
C HIS T 58 -82.97 6.06 -47.02
N VAL T 59 -81.73 6.35 -47.45
CA VAL T 59 -81.44 7.58 -48.15
C VAL T 59 -81.18 7.25 -49.62
N LYS T 60 -81.10 8.30 -50.43
CA LYS T 60 -80.69 8.19 -51.82
C LYS T 60 -79.73 9.33 -52.12
N THR T 61 -78.58 9.00 -52.69
CA THR T 61 -77.50 9.95 -52.89
C THR T 61 -77.34 10.27 -54.37
N PHE T 62 -77.02 11.52 -54.67
CA PHE T 62 -76.75 11.96 -56.01
C PHE T 62 -75.55 12.89 -55.97
N ILE T 63 -75.00 13.18 -57.14
CA ILE T 63 -73.94 14.17 -57.27
C ILE T 63 -74.25 15.06 -58.47
N VAL T 64 -73.98 16.34 -58.27
CA VAL T 64 -74.03 17.35 -59.32
C VAL T 64 -72.61 17.59 -59.81
N LEU T 65 -72.50 17.93 -61.09
CA LEU T 65 -71.20 18.07 -61.74
C LEU T 65 -71.32 19.17 -62.78
N LYS T 66 -70.37 20.11 -62.78
CA LYS T 66 -70.47 21.28 -63.63
C LYS T 66 -69.07 21.71 -64.06
N THR T 67 -68.85 21.81 -65.37
CA THR T 67 -67.58 22.33 -65.85
C THR T 67 -67.44 23.81 -65.48
N ASP T 68 -66.25 24.34 -65.72
CA ASP T 68 -65.97 25.73 -65.35
C ASP T 68 -66.39 26.71 -66.44
N ASP T 69 -66.34 26.29 -67.70
CA ASP T 69 -66.72 27.14 -68.83
C ASP T 69 -68.21 27.09 -69.12
N TYR T 70 -69.03 26.74 -68.13
CA TYR T 70 -70.46 26.58 -68.35
C TYR T 70 -71.11 27.87 -68.83
N ASN T 71 -71.62 27.85 -70.06
CA ASN T 71 -72.38 28.96 -70.62
C ASN T 71 -73.68 28.43 -71.20
N VAL T 72 -74.59 29.36 -71.49
CA VAL T 72 -75.86 28.96 -72.09
C VAL T 72 -75.65 28.48 -73.52
N ASP T 73 -74.60 28.98 -74.19
CA ASP T 73 -74.29 28.55 -75.54
C ASP T 73 -73.23 27.45 -75.58
N ARG T 74 -72.53 27.21 -74.48
CA ARG T 74 -71.48 26.22 -74.45
C ARG T 74 -71.13 25.92 -73.00
N GLY T 75 -71.16 24.65 -72.63
CA GLY T 75 -70.83 24.27 -71.27
C GLY T 75 -71.10 22.80 -71.03
N ALA T 76 -71.36 22.47 -69.77
CA ALA T 76 -71.63 21.09 -69.38
C ALA T 76 -72.13 21.08 -67.95
N TYR T 77 -73.06 20.16 -67.66
CA TYR T 77 -73.59 20.02 -66.32
C TYR T 77 -74.48 18.78 -66.28
N ILE T 78 -74.43 18.06 -65.16
CA ILE T 78 -75.27 16.88 -64.94
C ILE T 78 -75.54 16.73 -63.45
N SER T 79 -76.48 15.85 -63.12
CA SER T 79 -76.76 15.49 -61.74
C SER T 79 -77.30 14.07 -61.75
N ASP T 80 -76.50 13.11 -61.31
CA ASP T 80 -76.86 11.71 -61.43
C ASP T 80 -76.48 10.95 -60.16
N GLU T 81 -76.97 9.71 -60.08
CA GLU T 81 -76.90 8.93 -58.85
C GLU T 81 -75.50 8.36 -58.66
N LEU T 82 -75.35 7.55 -57.61
CA LEU T 82 -74.09 6.95 -57.22
C LEU T 82 -74.22 5.42 -57.29
N THR T 83 -73.17 4.73 -56.88
CA THR T 83 -73.15 3.27 -56.80
C THR T 83 -72.53 2.89 -55.46
N ILE T 84 -73.36 2.79 -54.43
CA ILE T 84 -72.87 2.50 -53.09
C ILE T 84 -72.22 1.12 -53.08
N VAL T 85 -70.99 1.06 -52.56
CA VAL T 85 -70.28 -0.19 -52.33
C VAL T 85 -69.59 -0.09 -50.98
N ASP T 86 -69.76 -1.13 -50.16
CA ASP T 86 -69.28 -1.10 -48.77
C ASP T 86 -69.92 0.07 -48.03
N ALA T 87 -71.25 0.03 -47.95
CA ALA T 87 -72.01 1.16 -47.42
C ALA T 87 -71.66 1.41 -45.96
N ILE T 88 -71.67 0.36 -45.14
CA ILE T 88 -71.42 0.50 -43.71
C ILE T 88 -70.16 1.34 -43.46
N ASN T 89 -69.15 1.15 -44.30
CA ASN T 89 -67.92 1.93 -44.18
C ASN T 89 -68.04 3.33 -44.77
N GLY T 90 -69.22 3.70 -45.28
CA GLY T 90 -69.39 5.01 -45.87
C GLY T 90 -68.62 5.21 -47.15
N ARG T 91 -68.62 4.21 -48.02
CA ARG T 91 -67.87 4.24 -49.27
C ARG T 91 -68.81 4.05 -50.44
N LEU T 92 -68.46 4.66 -51.57
CA LEU T 92 -69.25 4.54 -52.78
C LEU T 92 -68.41 5.02 -53.94
N GLN T 93 -68.90 4.81 -55.16
CA GLN T 93 -68.16 5.17 -56.35
C GLN T 93 -69.13 5.69 -57.41
N TYR T 94 -68.60 6.54 -58.29
CA TYR T 94 -69.35 7.15 -59.37
C TYR T 94 -68.63 6.87 -60.68
N VAL T 95 -69.30 6.18 -61.60
CA VAL T 95 -68.74 5.91 -62.91
C VAL T 95 -68.97 7.14 -63.77
N ILE T 96 -67.88 7.79 -64.18
CA ILE T 96 -68.00 9.00 -64.99
C ILE T 96 -68.81 8.68 -66.25
N PRO T 97 -69.73 9.54 -66.68
CA PRO T 97 -70.49 9.24 -67.90
C PRO T 97 -69.62 9.34 -69.14
N ASN T 98 -70.23 9.20 -70.31
CA ASN T 98 -69.51 9.26 -71.59
C ASN T 98 -69.68 10.59 -72.30
N GLU T 99 -70.87 11.19 -72.22
CA GLU T 99 -71.11 12.47 -72.90
C GLU T 99 -70.41 13.63 -72.20
N PHE T 100 -69.98 13.45 -70.94
CA PHE T 100 -69.38 14.55 -70.20
C PHE T 100 -67.90 14.72 -70.50
N LEU T 101 -67.20 13.62 -70.79
CA LEU T 101 -65.76 13.72 -71.03
C LEU T 101 -65.45 14.70 -72.15
N LYS T 102 -66.26 14.69 -73.21
CA LYS T 102 -66.00 15.52 -74.38
C LYS T 102 -65.72 16.98 -74.01
N HIS T 103 -66.18 17.41 -72.84
CA HIS T 103 -65.92 18.77 -72.35
C HIS T 103 -64.73 18.73 -71.40
N SER T 104 -63.66 19.41 -71.77
CA SER T 104 -62.40 19.37 -71.05
C SER T 104 -62.27 20.58 -70.12
N GLY T 105 -61.23 20.54 -69.29
CA GLY T 105 -60.86 21.63 -68.43
C GLY T 105 -61.10 21.35 -66.97
N LYS T 106 -61.21 22.43 -66.21
CA LYS T 106 -61.56 22.33 -64.79
C LYS T 106 -63.00 21.87 -64.65
N VAL T 107 -63.32 21.36 -63.47
CA VAL T 107 -64.66 20.89 -63.15
C VAL T 107 -64.89 21.08 -61.67
N HIS T 108 -66.11 21.46 -61.30
CA HIS T 108 -66.56 21.45 -59.93
C HIS T 108 -67.60 20.36 -59.78
N ALA T 109 -67.66 19.79 -58.58
CA ALA T 109 -68.57 18.71 -58.30
C ALA T 109 -69.25 18.97 -56.96
N GLN T 110 -70.17 18.08 -56.62
CA GLN T 110 -70.89 18.17 -55.36
C GLN T 110 -71.64 16.86 -55.17
N ALA T 111 -71.78 16.45 -53.92
CA ALA T 111 -72.48 15.22 -53.58
C ALA T 111 -73.52 15.55 -52.52
N PHE T 112 -74.79 15.36 -52.86
CA PHE T 112 -75.88 15.67 -51.94
C PHE T 112 -76.76 14.43 -51.77
N PHE T 113 -77.19 14.23 -50.52
CA PHE T 113 -78.01 13.10 -50.14
C PHE T 113 -79.41 13.58 -49.80
N THR T 114 -80.41 12.71 -50.01
CA THR T 114 -81.78 13.01 -49.66
C THR T 114 -82.32 11.84 -48.85
N GLN T 115 -82.77 12.13 -47.63
CA GLN T 115 -83.32 11.12 -46.74
C GLN T 115 -84.79 10.90 -47.06
N ASN T 116 -85.15 9.66 -47.39
CA ASN T 116 -86.51 9.32 -47.79
C ASN T 116 -87.53 9.74 -46.75
N GLY T 117 -88.78 9.92 -47.17
CA GLY T 117 -89.85 10.22 -46.25
C GLY T 117 -89.95 11.68 -45.88
N SER T 118 -88.79 12.32 -45.64
CA SER T 118 -88.75 13.72 -45.24
C SER T 118 -88.23 14.64 -46.33
N ASP T 119 -87.47 14.12 -47.29
CA ASP T 119 -86.85 14.90 -48.35
C ASP T 119 -85.87 15.94 -47.83
N ASN T 120 -85.51 15.87 -46.55
CA ASN T 120 -84.47 16.72 -46.00
C ASN T 120 -83.11 16.23 -46.50
N VAL T 121 -82.32 17.13 -47.07
CA VAL T 121 -81.11 16.74 -47.78
C VAL T 121 -79.87 17.24 -47.07
N VAL T 122 -78.71 16.87 -47.61
CA VAL T 122 -77.41 17.19 -47.05
C VAL T 122 -76.44 17.44 -48.20
N VAL T 123 -75.56 18.42 -48.01
CA VAL T 123 -74.55 18.79 -49.01
C VAL T 123 -73.20 18.88 -48.32
N GLU T 124 -72.17 18.30 -48.95
CA GLU T 124 -70.94 17.98 -48.24
C GLU T 124 -69.79 18.96 -48.49
N ARG T 125 -69.31 19.06 -49.74
CA ARG T 125 -68.05 19.77 -49.93
C ARG T 125 -68.04 20.81 -51.04
N GLN T 126 -68.66 20.51 -52.18
CA GLN T 126 -68.49 21.32 -53.39
C GLN T 126 -67.01 21.32 -53.82
N PHE T 127 -66.48 20.11 -53.99
CA PHE T 127 -65.07 19.96 -54.31
C PHE T 127 -64.81 20.17 -55.80
N SER T 128 -63.53 20.15 -56.16
CA SER T 128 -63.08 20.40 -57.52
C SER T 128 -62.55 19.11 -58.14
N PHE T 129 -62.13 19.22 -59.40
CA PHE T 129 -61.86 18.05 -60.22
C PHE T 129 -61.33 18.54 -61.55
N ASN T 130 -60.54 17.72 -62.25
CA ASN T 130 -59.95 18.13 -63.52
C ASN T 130 -60.24 17.08 -64.59
N ILE T 131 -60.18 17.53 -65.84
CA ILE T 131 -60.29 16.63 -66.98
C ILE T 131 -59.43 17.22 -68.10
N GLU T 132 -58.63 16.37 -68.73
CA GLU T 132 -57.63 16.82 -69.70
C GLU T 132 -58.02 16.37 -71.10
N ASN T 133 -57.37 16.99 -72.09
CA ASN T 133 -57.58 16.67 -73.49
C ASN T 133 -56.44 15.82 -74.01
N ASP T 134 -56.77 14.89 -74.90
CA ASP T 134 -55.80 13.97 -75.48
C ASP T 134 -55.75 14.19 -76.99
N LEU T 135 -55.01 13.32 -77.68
CA LEU T 135 -54.87 13.41 -79.12
C LEU T 135 -55.96 12.67 -79.87
N VAL T 136 -56.69 11.78 -79.20
CA VAL T 136 -57.84 11.11 -79.80
C VAL T 136 -59.03 12.05 -79.60
N SER T 137 -59.20 12.97 -80.54
CA SER T 137 -60.24 14.00 -80.46
C SER T 137 -60.38 14.63 -81.84
N GLY T 138 -61.14 15.72 -81.91
CA GLY T 138 -61.45 16.38 -83.16
C GLY T 138 -62.94 16.61 -83.28
N PHE T 139 -63.72 15.64 -82.80
CA PHE T 139 -65.15 15.83 -82.67
C PHE T 139 -65.43 16.74 -81.48
N ASP T 140 -66.29 17.74 -81.69
CA ASP T 140 -66.53 18.78 -80.70
C ASP T 140 -67.97 18.65 -80.19
N GLY T 141 -68.09 18.35 -78.90
CA GLY T 141 -69.39 18.33 -78.24
C GLY T 141 -69.71 19.67 -77.62
N ILE T 142 -69.62 20.74 -78.42
CA ILE T 142 -69.83 22.09 -77.90
C ILE T 142 -71.21 22.24 -77.31
N THR T 143 -72.19 21.50 -77.85
CA THR T 143 -73.56 21.57 -77.35
C THR T 143 -73.60 21.31 -75.85
N LYS T 144 -73.98 22.31 -75.07
CA LYS T 144 -74.10 22.13 -73.64
C LYS T 144 -75.19 21.11 -73.33
N LEU T 145 -74.89 20.19 -72.42
CA LEU T 145 -75.83 19.17 -71.99
C LEU T 145 -76.22 19.41 -70.55
N VAL T 146 -77.51 19.34 -70.26
CA VAL T 146 -78.04 19.44 -68.91
C VAL T 146 -79.17 18.42 -68.83
N TYR T 147 -78.92 17.31 -68.13
CA TYR T 147 -79.93 16.29 -67.95
C TYR T 147 -79.92 15.84 -66.50
N ILE T 148 -81.10 15.84 -65.88
CA ILE T 148 -81.24 15.41 -64.48
C ILE T 148 -81.46 13.91 -64.53
N LYS T 149 -80.35 13.16 -64.57
CA LYS T 149 -80.44 11.72 -64.63
C LYS T 149 -81.28 11.14 -63.50
N SER T 150 -81.34 11.84 -62.37
CA SER T 150 -82.11 11.34 -61.24
C SER T 150 -83.59 11.20 -61.62
N ILE T 151 -84.24 12.31 -61.97
CA ILE T 151 -85.66 12.26 -62.30
C ILE T 151 -85.90 11.55 -63.62
N GLN T 152 -84.94 11.63 -64.55
CA GLN T 152 -85.06 10.90 -65.80
C GLN T 152 -85.15 9.39 -65.55
N ASP T 153 -84.20 8.86 -64.78
CA ASP T 153 -84.26 7.46 -64.38
C ASP T 153 -85.50 7.18 -63.54
N THR T 154 -85.95 8.17 -62.76
CA THR T 154 -87.17 7.98 -61.99
C THR T 154 -88.36 7.67 -62.91
N ILE T 155 -88.56 8.51 -63.93
CA ILE T 155 -89.68 8.30 -64.82
C ILE T 155 -89.50 7.02 -65.63
N GLU T 156 -88.27 6.73 -66.05
CA GLU T 156 -88.02 5.51 -66.81
C GLU T 156 -88.34 4.28 -65.97
N ALA T 157 -87.94 4.30 -64.69
CA ALA T 157 -88.22 3.18 -63.80
C ALA T 157 -89.70 3.07 -63.49
N VAL T 158 -90.40 4.20 -63.39
CA VAL T 158 -91.86 4.13 -63.19
C VAL T 158 -92.52 3.48 -64.39
N GLY T 159 -92.11 3.87 -65.61
CA GLY T 159 -92.64 3.22 -66.79
C GLY T 159 -92.34 1.73 -66.83
N LYS T 160 -91.10 1.36 -66.52
CA LYS T 160 -90.73 -0.04 -66.52
C LYS T 160 -91.49 -0.82 -65.47
N ASP T 161 -91.75 -0.20 -64.31
CA ASP T 161 -92.51 -0.88 -63.27
C ASP T 161 -93.95 -1.06 -63.67
N PHE T 162 -94.54 -0.08 -64.36
CA PHE T 162 -95.88 -0.25 -64.89
C PHE T 162 -95.92 -1.39 -65.89
N ASN T 163 -94.94 -1.44 -66.79
CA ASN T 163 -94.90 -2.52 -67.78
C ASN T 163 -94.73 -3.87 -67.11
N GLN T 164 -93.88 -3.95 -66.09
CA GLN T 164 -93.69 -5.21 -65.38
C GLN T 164 -94.95 -5.62 -64.62
N LEU T 165 -95.67 -4.65 -64.06
CA LEU T 165 -96.96 -4.95 -63.45
C LEU T 165 -97.92 -5.50 -64.48
N LYS T 166 -97.91 -4.94 -65.69
CA LYS T 166 -98.76 -5.46 -66.75
C LYS T 166 -98.40 -6.90 -67.09
N GLN T 167 -97.11 -7.18 -67.23
CA GLN T 167 -96.68 -8.55 -67.55
C GLN T 167 -97.05 -9.50 -66.43
N ASN T 168 -96.95 -9.06 -65.18
CA ASN T 168 -97.30 -9.93 -64.06
C ASN T 168 -98.80 -10.19 -64.02
N MET T 169 -99.60 -9.16 -64.27
CA MET T 169 -101.05 -9.35 -64.34
C MET T 169 -101.41 -10.28 -65.48
N ALA T 170 -100.63 -10.27 -66.57
CA ALA T 170 -100.86 -11.22 -67.65
C ALA T 170 -100.51 -12.63 -67.21
N ASP T 171 -99.34 -12.80 -66.58
CA ASP T 171 -98.92 -14.12 -66.10
C ASP T 171 -99.87 -14.68 -65.05
N THR T 172 -100.61 -13.82 -64.34
CA THR T 172 -101.54 -14.30 -63.33
C THR T 172 -102.45 -15.40 -63.88
N GLN T 173 -102.73 -15.37 -65.18
CA GLN T 173 -103.58 -16.39 -65.79
C GLN T 173 -102.82 -17.68 -66.07
N THR T 174 -101.50 -17.64 -66.07
CA THR T 174 -100.67 -18.81 -66.31
C THR T 174 -100.31 -19.57 -65.03
N LEU T 175 -100.61 -19.01 -63.86
CA LEU T 175 -100.19 -19.64 -62.61
C LEU T 175 -100.92 -20.96 -62.39
N ILE T 176 -102.19 -21.05 -62.78
CA ILE T 176 -102.91 -22.31 -62.61
C ILE T 176 -102.29 -23.40 -63.49
N ALA T 177 -101.89 -23.04 -64.72
CA ALA T 177 -101.22 -24.00 -65.58
C ALA T 177 -99.89 -24.43 -64.97
N LYS T 178 -99.18 -23.50 -64.33
CA LYS T 178 -97.94 -23.86 -63.65
C LYS T 178 -98.20 -24.84 -62.52
N VAL T 179 -99.24 -24.59 -61.72
CA VAL T 179 -99.59 -25.51 -60.64
C VAL T 179 -99.88 -26.90 -61.20
N ASN T 180 -100.70 -26.95 -62.25
CA ASN T 180 -101.07 -28.24 -62.83
C ASN T 180 -99.86 -28.97 -63.38
N ASP T 181 -98.98 -28.25 -64.09
CA ASP T 181 -97.79 -28.87 -64.64
C ASP T 181 -96.88 -29.40 -63.53
N SER T 182 -96.70 -28.60 -62.47
CA SER T 182 -95.85 -29.05 -61.38
C SER T 182 -96.41 -30.29 -60.70
N ALA T 183 -97.73 -30.32 -60.48
CA ALA T 183 -98.33 -31.50 -59.87
C ALA T 183 -98.18 -32.72 -60.76
N THR T 184 -98.37 -32.54 -62.08
CA THR T 184 -98.23 -33.65 -63.00
C THR T 184 -96.80 -34.17 -63.00
N LYS T 185 -95.82 -33.28 -63.01
CA LYS T 185 -94.42 -33.72 -63.00
C LYS T 185 -94.07 -34.41 -61.68
N GLY T 186 -94.62 -33.94 -60.57
CA GLY T 186 -94.40 -34.62 -59.31
C GLY T 186 -94.97 -36.03 -59.31
N ILE T 187 -96.21 -36.17 -59.78
CA ILE T 187 -96.83 -37.49 -59.86
C ILE T 187 -96.02 -38.40 -60.77
N GLN T 188 -95.51 -37.85 -61.88
CA GLN T 188 -94.71 -38.64 -62.80
C GLN T 188 -93.42 -39.10 -62.14
N GLN T 189 -92.73 -38.19 -61.45
CA GLN T 189 -91.49 -38.57 -60.77
C GLN T 189 -91.74 -39.63 -59.72
N ILE T 190 -92.88 -39.54 -59.02
CA ILE T 190 -93.22 -40.59 -58.05
C ILE T 190 -93.41 -41.91 -58.75
N GLU T 191 -94.30 -41.96 -59.74
CA GLU T 191 -94.57 -43.21 -60.44
C GLU T 191 -93.32 -43.77 -61.12
N ILE T 192 -92.31 -42.92 -61.36
CA ILE T 192 -91.08 -43.40 -61.98
C ILE T 192 -90.25 -44.17 -60.95
N LYS T 193 -89.87 -43.51 -59.86
CA LYS T 193 -89.07 -44.14 -58.82
C LYS T 193 -89.95 -44.65 -57.69
N SER U 19 -91.55 37.95 -37.33
CA SER U 19 -91.20 36.75 -38.08
C SER U 19 -91.51 36.93 -39.56
N GLN U 20 -90.96 37.99 -40.14
CA GLN U 20 -91.21 38.31 -41.54
C GLN U 20 -90.13 37.70 -42.43
N TYR U 21 -90.40 37.72 -43.73
CA TYR U 21 -89.48 37.16 -44.72
C TYR U 21 -89.39 38.11 -45.91
N ASN U 22 -88.27 38.03 -46.61
CA ASN U 22 -88.02 38.87 -47.79
C ASN U 22 -87.04 38.16 -48.70
N PRO U 23 -87.46 37.06 -49.33
CA PRO U 23 -86.56 36.34 -50.22
C PRO U 23 -86.03 37.26 -51.32
N VAL U 24 -84.71 37.25 -51.50
CA VAL U 24 -84.07 38.19 -52.42
C VAL U 24 -84.09 37.52 -53.79
N ILE U 25 -85.26 37.55 -54.42
CA ILE U 25 -85.40 37.36 -55.85
C ILE U 25 -86.35 38.42 -56.38
N ASP U 26 -87.10 39.05 -55.48
CA ASP U 26 -88.03 40.13 -55.83
C ASP U 26 -88.92 39.72 -57.00
N THR U 27 -89.22 38.43 -57.11
CA THR U 27 -90.03 37.89 -58.19
C THR U 27 -91.26 37.21 -57.62
N ASN U 28 -92.42 37.56 -58.15
CA ASN U 28 -93.68 36.99 -57.69
C ASN U 28 -94.64 36.85 -58.87
N ILE U 29 -95.58 35.92 -58.72
CA ILE U 29 -96.61 35.63 -59.71
C ILE U 29 -97.94 35.73 -58.98
N SER U 30 -98.68 36.80 -59.21
CA SER U 30 -99.95 37.03 -58.55
C SER U 30 -101.10 36.56 -59.42
N PHE U 31 -102.23 36.27 -58.77
CA PHE U 31 -103.43 35.76 -59.42
C PHE U 31 -104.53 36.80 -59.30
N TYR U 32 -105.05 37.25 -60.44
CA TYR U 32 -106.08 38.27 -60.44
C TYR U 32 -107.36 37.74 -59.82
N GLU U 33 -107.84 38.41 -58.77
CA GLU U 33 -109.15 38.09 -58.22
C GLU U 33 -110.26 38.49 -59.18
N SER U 34 -109.98 39.40 -60.12
CA SER U 34 -110.96 39.81 -61.13
C SER U 34 -110.95 38.87 -62.33
N ASP U 35 -111.04 37.57 -62.05
CA ASP U 35 -111.18 36.54 -63.06
C ASP U 35 -112.36 35.63 -62.75
N ARG U 36 -113.30 36.11 -61.94
CA ARG U 36 -114.42 35.32 -61.47
C ARG U 36 -115.31 34.80 -62.60
N GLY U 37 -115.13 35.29 -63.83
CA GLY U 37 -115.98 34.94 -64.94
C GLY U 37 -115.25 34.08 -65.96
N THR U 38 -115.88 32.97 -66.34
CA THR U 38 -115.44 32.10 -67.43
C THR U 38 -114.08 31.47 -67.17
N GLY U 39 -113.61 31.50 -65.93
CA GLY U 39 -112.35 30.84 -65.60
C GLY U 39 -111.20 31.25 -66.49
N VAL U 40 -111.12 32.53 -66.84
CA VAL U 40 -110.01 33.07 -67.62
C VAL U 40 -108.92 33.44 -66.61
N LEU U 41 -108.07 32.47 -66.29
CA LEU U 41 -107.04 32.70 -65.28
C LEU U 41 -106.05 33.73 -65.79
N ASN U 42 -106.09 34.93 -65.24
CA ASN U 42 -105.23 36.03 -65.68
C ASN U 42 -104.23 36.32 -64.57
N PHE U 43 -103.04 35.74 -64.71
CA PHE U 43 -101.96 35.96 -63.76
C PHE U 43 -101.13 37.17 -64.15
N ALA U 44 -100.38 37.68 -63.19
CA ALA U 44 -99.48 38.80 -63.41
C ALA U 44 -98.12 38.48 -62.82
N VAL U 45 -97.08 39.06 -63.42
CA VAL U 45 -95.71 38.85 -62.97
C VAL U 45 -95.19 40.16 -62.40
N THR U 46 -94.36 40.07 -61.36
CA THR U 46 -93.77 41.24 -60.73
C THR U 46 -92.35 40.92 -60.33
N LYS U 47 -91.38 41.52 -61.04
CA LYS U 47 -89.97 41.37 -60.72
C LYS U 47 -89.44 42.72 -60.29
N ASN U 48 -88.90 42.79 -59.08
CA ASN U 48 -88.36 44.03 -58.53
C ASN U 48 -89.45 45.10 -58.47
N ASN U 49 -90.62 44.71 -57.95
CA ASN U 49 -91.78 45.60 -57.89
C ASN U 49 -92.04 46.22 -59.27
N ARG U 50 -91.88 45.40 -60.31
CA ARG U 50 -91.99 45.87 -61.67
C ARG U 50 -92.55 44.75 -62.53
N PRO U 51 -93.53 45.02 -63.41
CA PRO U 51 -94.02 43.97 -64.30
C PRO U 51 -92.98 43.61 -65.33
N LEU U 52 -92.73 42.31 -65.49
CA LEU U 52 -91.67 41.85 -66.37
C LEU U 52 -92.18 41.66 -67.79
N SER U 53 -91.49 42.28 -68.75
CA SER U 53 -91.79 42.07 -70.16
C SER U 53 -91.23 40.72 -70.59
N ILE U 54 -92.11 39.83 -71.04
CA ILE U 54 -91.75 38.46 -71.35
C ILE U 54 -91.76 38.24 -72.86
N SER U 55 -91.14 37.14 -73.27
CA SER U 55 -91.18 36.69 -74.65
C SER U 55 -91.22 35.17 -74.67
N SER U 56 -91.68 34.62 -75.80
CA SER U 56 -91.79 33.16 -75.91
C SER U 56 -90.47 32.48 -75.59
N GLU U 57 -89.35 33.08 -75.97
CA GLU U 57 -88.04 32.51 -75.71
C GLU U 57 -87.45 32.96 -74.38
N HIS U 58 -87.78 34.17 -73.93
CA HIS U 58 -87.15 34.69 -72.72
C HIS U 58 -87.48 33.85 -71.50
N VAL U 59 -88.73 33.41 -71.36
CA VAL U 59 -89.20 32.76 -70.15
C VAL U 59 -89.92 31.48 -70.53
N LYS U 60 -90.46 30.80 -69.52
CA LYS U 60 -91.28 29.63 -69.73
C LYS U 60 -92.31 29.57 -68.61
N THR U 61 -93.40 28.83 -68.87
CA THR U 61 -94.55 28.83 -67.99
C THR U 61 -95.16 27.44 -67.98
N PHE U 62 -96.01 27.20 -66.99
CA PHE U 62 -96.65 25.90 -66.84
C PHE U 62 -97.73 26.01 -65.78
N ILE U 63 -98.78 25.20 -65.92
CA ILE U 63 -99.86 25.18 -64.95
C ILE U 63 -100.40 23.76 -64.87
N VAL U 64 -100.76 23.36 -63.65
CA VAL U 64 -101.37 22.07 -63.39
C VAL U 64 -102.59 22.29 -62.52
N LEU U 65 -103.65 21.53 -62.77
CA LEU U 65 -104.90 21.66 -62.03
C LEU U 65 -105.44 20.28 -61.71
N LYS U 66 -105.82 20.07 -60.46
CA LYS U 66 -106.45 18.82 -60.04
C LYS U 66 -107.69 19.16 -59.22
N THR U 67 -108.79 18.46 -59.51
CA THR U 67 -110.06 18.72 -58.86
C THR U 67 -110.01 18.34 -57.39
N ASP U 68 -111.15 18.47 -56.70
CA ASP U 68 -111.23 18.06 -55.31
C ASP U 68 -110.93 16.57 -55.19
N ASP U 69 -110.91 16.08 -53.95
CA ASP U 69 -110.35 14.77 -53.68
C ASP U 69 -111.25 13.67 -54.25
N TYR U 70 -111.31 13.59 -55.58
CA TYR U 70 -111.85 12.41 -56.24
C TYR U 70 -111.00 11.20 -55.88
N ASN U 71 -111.65 10.06 -55.66
CA ASN U 71 -110.87 8.89 -55.27
C ASN U 71 -109.90 8.49 -56.36
N VAL U 72 -110.39 7.97 -57.49
CA VAL U 72 -109.58 7.82 -58.70
C VAL U 72 -110.41 8.14 -59.93
N ASP U 73 -111.73 8.19 -59.78
CA ASP U 73 -112.62 8.04 -60.94
C ASP U 73 -112.70 9.32 -61.77
N ARG U 74 -113.01 10.45 -61.13
CA ARG U 74 -113.24 11.71 -61.83
C ARG U 74 -112.14 12.68 -61.41
N GLY U 75 -111.01 12.59 -62.10
CA GLY U 75 -109.87 13.46 -61.82
C GLY U 75 -109.63 14.49 -62.90
N ALA U 76 -109.97 15.75 -62.62
CA ALA U 76 -109.67 16.85 -63.54
C ALA U 76 -108.19 17.20 -63.41
N TYR U 77 -107.36 16.25 -63.82
CA TYR U 77 -105.90 16.37 -63.74
C TYR U 77 -105.39 16.85 -65.08
N ILE U 78 -105.22 18.17 -65.21
CA ILE U 78 -104.80 18.78 -66.46
C ILE U 78 -103.48 19.47 -66.25
N SER U 79 -102.70 19.57 -67.33
CA SER U 79 -101.40 20.22 -67.30
C SER U 79 -101.16 20.88 -68.65
N ASP U 80 -100.94 22.19 -68.65
CA ASP U 80 -100.78 22.90 -69.91
C ASP U 80 -99.97 24.17 -69.68
N GLU U 81 -99.45 24.72 -70.78
CA GLU U 81 -98.66 25.94 -70.73
C GLU U 81 -99.59 27.14 -70.59
N LEU U 82 -99.01 28.34 -70.69
CA LEU U 82 -99.75 29.58 -70.53
C LEU U 82 -100.00 30.22 -71.89
N THR U 83 -100.72 31.35 -71.88
CA THR U 83 -100.95 32.16 -73.06
C THR U 83 -100.55 33.59 -72.73
N ILE U 84 -99.65 34.15 -73.53
CA ILE U 84 -99.13 35.50 -73.32
C ILE U 84 -100.18 36.47 -73.84
N VAL U 85 -100.93 37.08 -72.92
CA VAL U 85 -101.96 38.04 -73.31
C VAL U 85 -101.36 39.43 -73.47
N ASP U 86 -100.47 39.81 -72.55
CA ASP U 86 -99.83 41.13 -72.63
C ASP U 86 -98.50 41.03 -71.91
N ALA U 87 -97.40 40.91 -72.67
CA ALA U 87 -96.09 40.75 -72.08
C ALA U 87 -95.58 42.06 -71.49
N ILE U 88 -95.54 43.11 -72.31
CA ILE U 88 -95.04 44.41 -71.84
C ILE U 88 -95.72 44.82 -70.55
N ASN U 89 -97.00 44.48 -70.39
CA ASN U 89 -97.69 44.79 -69.15
C ASN U 89 -97.49 43.71 -68.10
N GLY U 90 -97.12 42.51 -68.53
CA GLY U 90 -96.81 41.44 -67.61
C GLY U 90 -97.96 40.52 -67.25
N ARG U 91 -98.94 40.37 -68.13
CA ARG U 91 -100.10 39.53 -67.87
C ARG U 91 -100.00 38.23 -68.67
N LEU U 92 -100.48 37.15 -68.05
CA LEU U 92 -100.48 35.84 -68.66
C LEU U 92 -101.88 35.27 -68.55
N GLN U 93 -102.53 35.04 -69.69
CA GLN U 93 -103.88 34.51 -69.72
C GLN U 93 -103.85 33.00 -69.90
N TYR U 94 -104.83 32.34 -69.31
CA TYR U 94 -105.05 30.91 -69.51
C TYR U 94 -106.55 30.68 -69.58
N VAL U 95 -107.01 30.25 -70.75
CA VAL U 95 -108.43 29.97 -70.94
C VAL U 95 -108.72 28.57 -70.44
N ILE U 96 -109.70 28.45 -69.56
CA ILE U 96 -110.02 27.16 -68.94
C ILE U 96 -110.78 26.31 -69.95
N PRO U 97 -110.36 25.07 -70.21
CA PRO U 97 -111.13 24.21 -71.11
C PRO U 97 -112.54 23.96 -70.57
N ASN U 98 -113.51 23.99 -71.48
CA ASN U 98 -114.89 23.74 -71.09
C ASN U 98 -115.04 22.35 -70.48
N GLU U 99 -114.34 21.36 -71.04
CA GLU U 99 -114.44 20.01 -70.51
C GLU U 99 -113.91 19.93 -69.09
N PHE U 100 -113.03 20.84 -68.70
CA PHE U 100 -112.46 20.80 -67.36
C PHE U 100 -113.42 21.39 -66.33
N LEU U 101 -113.97 22.57 -66.61
CA LEU U 101 -114.78 23.27 -65.63
C LEU U 101 -116.09 22.54 -65.32
N LYS U 102 -116.38 21.44 -66.02
CA LYS U 102 -117.56 20.64 -65.68
C LYS U 102 -117.47 20.11 -64.25
N HIS U 103 -116.26 19.89 -63.76
CA HIS U 103 -116.04 19.39 -62.41
C HIS U 103 -116.23 20.55 -61.44
N SER U 104 -117.40 20.60 -60.80
CA SER U 104 -117.71 21.68 -59.86
C SER U 104 -116.94 21.57 -58.56
N GLY U 105 -116.07 20.56 -58.40
CA GLY U 105 -115.31 20.45 -57.18
C GLY U 105 -114.19 21.46 -57.12
N LYS U 106 -113.79 21.79 -55.88
CA LYS U 106 -112.72 22.76 -55.69
C LYS U 106 -111.45 22.30 -56.38
N VAL U 107 -111.00 23.08 -57.36
CA VAL U 107 -109.86 22.70 -58.19
C VAL U 107 -108.62 23.37 -57.62
N HIS U 108 -107.75 22.57 -57.01
CA HIS U 108 -106.43 23.04 -56.64
C HIS U 108 -105.58 23.25 -57.87
N ALA U 109 -104.71 24.26 -57.80
CA ALA U 109 -103.94 24.72 -58.94
C ALA U 109 -102.52 25.02 -58.52
N GLN U 110 -101.58 24.69 -59.42
CA GLN U 110 -100.16 24.94 -59.23
C GLN U 110 -99.65 25.62 -60.49
N ALA U 111 -99.31 26.89 -60.38
CA ALA U 111 -98.67 27.63 -61.47
C ALA U 111 -97.16 27.62 -61.28
N PHE U 112 -96.45 27.68 -62.40
CA PHE U 112 -94.99 27.72 -62.39
C PHE U 112 -94.53 28.68 -63.46
N PHE U 113 -93.73 29.66 -63.07
CA PHE U 113 -93.13 30.61 -64.00
C PHE U 113 -91.63 30.60 -63.83
N THR U 114 -90.92 30.80 -64.95
CA THR U 114 -89.46 30.72 -64.94
C THR U 114 -88.90 31.77 -65.88
N GLN U 115 -87.99 32.60 -65.38
CA GLN U 115 -87.46 33.73 -66.12
C GLN U 115 -86.31 33.34 -67.05
N ASN U 116 -85.47 32.39 -66.64
CA ASN U 116 -84.27 32.05 -67.39
C ASN U 116 -83.41 33.28 -67.64
N GLY U 117 -83.17 34.03 -66.57
CA GLY U 117 -82.34 35.22 -66.63
C GLY U 117 -81.02 35.01 -65.95
N SER U 118 -80.40 33.84 -66.18
CA SER U 118 -79.17 33.44 -65.52
C SER U 118 -79.35 33.26 -64.03
N ASP U 119 -80.60 33.10 -63.58
CA ASP U 119 -80.92 32.85 -62.19
C ASP U 119 -81.83 31.63 -62.11
N ASN U 120 -81.54 30.73 -61.18
CA ASN U 120 -82.30 29.49 -61.07
C ASN U 120 -83.59 29.71 -60.30
N VAL U 121 -84.38 30.68 -60.74
CA VAL U 121 -85.65 31.01 -60.10
C VAL U 121 -86.76 30.32 -60.85
N VAL U 122 -87.53 29.50 -60.15
CA VAL U 122 -88.72 28.85 -60.70
C VAL U 122 -89.82 29.08 -59.67
N VAL U 123 -90.61 30.13 -59.86
CA VAL U 123 -91.61 30.53 -58.88
C VAL U 123 -92.83 29.66 -59.06
N GLU U 124 -93.27 29.04 -57.97
CA GLU U 124 -94.45 28.19 -57.94
C GLU U 124 -95.52 28.83 -57.08
N ARG U 125 -96.76 28.78 -57.55
CA ARG U 125 -97.91 29.36 -56.87
C ARG U 125 -98.95 28.26 -56.64
N GLN U 126 -99.18 27.93 -55.37
CA GLN U 126 -100.16 26.93 -54.98
C GLN U 126 -101.42 27.66 -54.51
N PHE U 127 -102.56 27.31 -55.09
CA PHE U 127 -103.82 27.92 -54.69
C PHE U 127 -104.97 26.99 -55.06
N SER U 128 -106.19 27.51 -54.99
CA SER U 128 -107.39 26.73 -55.27
C SER U 128 -108.56 27.71 -55.41
N PHE U 129 -109.74 27.15 -55.64
CA PHE U 129 -110.98 27.93 -55.73
C PHE U 129 -112.14 26.94 -55.71
N ASN U 130 -113.35 27.45 -55.96
CA ASN U 130 -114.57 26.66 -55.87
C ASN U 130 -115.27 26.59 -57.21
N ILE U 131 -114.52 26.30 -58.27
CA ILE U 131 -115.04 26.29 -59.64
C ILE U 131 -116.39 25.60 -59.69
N GLU U 132 -117.33 26.21 -60.40
CA GLU U 132 -118.67 25.66 -60.61
C GLU U 132 -118.77 25.09 -62.03
N ASN U 133 -119.76 24.23 -62.22
CA ASN U 133 -119.96 23.61 -63.52
C ASN U 133 -120.14 24.63 -64.64
N ASP U 134 -120.51 25.86 -64.31
CA ASP U 134 -120.69 26.89 -65.33
C ASP U 134 -119.39 27.64 -65.62
N LEU U 135 -118.68 28.04 -64.58
CA LEU U 135 -117.41 28.74 -64.72
C LEU U 135 -116.80 28.89 -63.34
N VAL U 136 -115.66 29.60 -63.27
CA VAL U 136 -114.93 29.73 -62.02
C VAL U 136 -115.80 30.45 -61.00
N SER U 137 -115.91 29.85 -59.81
CA SER U 137 -116.71 30.40 -58.73
C SER U 137 -115.92 30.31 -57.43
N GLY U 138 -116.20 31.24 -56.53
CA GLY U 138 -115.50 31.29 -55.26
C GLY U 138 -113.99 31.24 -55.43
N PHE U 139 -113.44 32.28 -56.06
CA PHE U 139 -112.01 32.36 -56.32
C PHE U 139 -111.26 32.72 -55.04
N ASP U 140 -111.36 31.84 -54.06
CA ASP U 140 -110.83 32.05 -52.72
C ASP U 140 -109.79 30.96 -52.42
N GLY U 141 -109.34 30.94 -51.18
CA GLY U 141 -108.34 29.98 -50.73
C GLY U 141 -107.05 30.69 -50.41
N ILE U 142 -106.42 30.28 -49.30
CA ILE U 142 -105.15 30.87 -48.90
C ILE U 142 -104.09 30.45 -49.90
N THR U 143 -103.67 31.37 -50.76
CA THR U 143 -102.69 31.08 -51.79
C THR U 143 -101.29 31.27 -51.24
N LYS U 144 -100.41 30.31 -51.50
CA LYS U 144 -99.02 30.37 -51.08
C LYS U 144 -98.11 30.30 -52.30
N LEU U 145 -96.86 30.65 -52.09
CA LEU U 145 -95.87 30.64 -53.15
C LEU U 145 -94.55 30.10 -52.61
N VAL U 146 -93.80 29.44 -53.49
CA VAL U 146 -92.51 28.88 -53.15
C VAL U 146 -91.55 29.11 -54.31
N TYR U 147 -90.27 28.86 -54.05
CA TYR U 147 -89.21 29.10 -55.01
C TYR U 147 -88.37 27.83 -55.10
N ILE U 148 -88.32 27.22 -56.29
CA ILE U 148 -87.54 26.01 -56.51
C ILE U 148 -86.10 26.44 -56.80
N LYS U 149 -85.30 26.60 -55.74
CA LYS U 149 -83.94 27.09 -55.84
C LYS U 149 -82.95 26.01 -55.46
N SER U 150 -83.25 24.77 -55.83
CA SER U 150 -82.41 23.63 -55.51
C SER U 150 -82.93 22.43 -56.26
N ILE U 151 -82.03 21.59 -56.77
CA ILE U 151 -82.49 20.41 -57.48
C ILE U 151 -82.64 19.27 -56.49
N GLN U 152 -83.69 19.35 -55.67
CA GLN U 152 -84.32 18.18 -55.08
C GLN U 152 -85.84 18.31 -55.01
N ASP U 153 -86.39 19.52 -55.00
CA ASP U 153 -87.83 19.72 -54.94
C ASP U 153 -88.47 19.81 -56.32
N THR U 154 -87.67 19.91 -57.37
CA THR U 154 -88.19 19.63 -58.70
C THR U 154 -88.82 18.24 -58.73
N ILE U 155 -88.24 17.32 -57.96
CA ILE U 155 -88.85 16.01 -57.76
C ILE U 155 -90.00 16.10 -56.77
N GLU U 156 -89.89 16.99 -55.79
CA GLU U 156 -90.90 17.16 -54.76
C GLU U 156 -92.00 18.13 -55.16
N ALA U 157 -91.81 18.92 -56.21
CA ALA U 157 -92.86 19.83 -56.66
C ALA U 157 -94.13 19.07 -56.98
N VAL U 158 -94.09 18.17 -57.96
CA VAL U 158 -95.21 17.29 -58.27
C VAL U 158 -94.98 15.96 -57.58
N GLY U 159 -93.96 15.89 -56.72
CA GLY U 159 -93.63 14.66 -56.04
C GLY U 159 -94.76 14.08 -55.22
N LYS U 160 -95.68 14.93 -54.73
CA LYS U 160 -96.76 14.45 -53.90
C LYS U 160 -97.64 13.46 -54.68
N ASP U 161 -98.30 13.94 -55.74
CA ASP U 161 -99.16 13.07 -56.52
C ASP U 161 -98.36 12.00 -57.27
N PHE U 162 -97.12 12.32 -57.65
CA PHE U 162 -96.26 11.34 -58.29
C PHE U 162 -96.06 10.13 -57.39
N ASN U 163 -95.59 10.37 -56.16
CA ASN U 163 -95.40 9.27 -55.21
C ASN U 163 -96.73 8.64 -54.83
N GLN U 164 -97.82 9.40 -54.84
CA GLN U 164 -99.13 8.82 -54.56
C GLN U 164 -99.48 7.76 -55.60
N LEU U 165 -99.36 8.11 -56.88
CA LEU U 165 -99.63 7.13 -57.93
C LEU U 165 -98.62 5.99 -57.90
N LYS U 166 -97.37 6.27 -57.55
CA LYS U 166 -96.38 5.22 -57.43
C LYS U 166 -96.79 4.21 -56.37
N GLN U 167 -97.25 4.71 -55.22
CA GLN U 167 -97.69 3.83 -54.14
C GLN U 167 -98.97 3.09 -54.51
N ASN U 168 -99.84 3.72 -55.29
CA ASN U 168 -101.03 3.02 -55.76
C ASN U 168 -100.65 1.86 -56.68
N MET U 169 -99.72 2.10 -57.60
CA MET U 169 -99.22 1.05 -58.47
C MET U 169 -98.58 -0.06 -57.65
N ALA U 170 -97.82 0.31 -56.62
CA ALA U 170 -97.19 -0.70 -55.76
C ALA U 170 -98.23 -1.49 -54.97
N ASP U 171 -99.32 -0.86 -54.55
CA ASP U 171 -100.38 -1.58 -53.87
C ASP U 171 -101.04 -2.59 -54.80
N THR U 172 -101.35 -2.17 -56.03
CA THR U 172 -101.87 -3.12 -57.00
C THR U 172 -100.86 -4.25 -57.26
N GLN U 173 -99.58 -3.92 -57.29
CA GLN U 173 -98.56 -4.92 -57.52
C GLN U 173 -98.50 -5.94 -56.39
N THR U 174 -98.60 -5.47 -55.14
CA THR U 174 -98.57 -6.41 -54.02
C THR U 174 -99.85 -7.22 -53.93
N LEU U 175 -100.98 -6.66 -54.34
CA LEU U 175 -102.20 -7.46 -54.44
C LEU U 175 -102.04 -8.57 -55.46
N ILE U 176 -101.47 -8.24 -56.63
CA ILE U 176 -101.20 -9.26 -57.64
C ILE U 176 -100.22 -10.30 -57.08
N ALA U 177 -99.23 -9.84 -56.32
CA ALA U 177 -98.24 -10.77 -55.77
C ALA U 177 -98.87 -11.70 -54.75
N LYS U 178 -99.84 -11.20 -53.97
CA LYS U 178 -100.54 -12.07 -53.03
C LYS U 178 -101.42 -13.06 -53.76
N VAL U 179 -102.10 -12.61 -54.83
CA VAL U 179 -102.91 -13.53 -55.63
C VAL U 179 -102.03 -14.62 -56.24
N ASN U 180 -100.80 -14.27 -56.60
CA ASN U 180 -99.87 -15.26 -57.16
C ASN U 180 -99.30 -16.18 -56.08
N ASP U 181 -99.02 -15.63 -54.90
CA ASP U 181 -98.51 -16.45 -53.81
C ASP U 181 -99.57 -17.41 -53.30
N SER U 182 -100.85 -17.06 -53.46
CA SER U 182 -101.91 -17.98 -53.08
C SER U 182 -101.77 -19.32 -53.79
N ALA U 183 -101.26 -19.32 -55.03
CA ALA U 183 -101.02 -20.55 -55.77
C ALA U 183 -99.59 -21.03 -55.69
N THR U 184 -98.63 -20.13 -55.44
CA THR U 184 -97.27 -20.58 -55.14
C THR U 184 -97.25 -21.42 -53.88
N LYS U 185 -98.09 -21.08 -52.90
CA LYS U 185 -98.22 -21.92 -51.71
C LYS U 185 -98.79 -23.29 -52.07
N GLY U 186 -99.72 -23.33 -53.03
CA GLY U 186 -100.20 -24.60 -53.51
C GLY U 186 -99.11 -25.41 -54.18
N ILE U 187 -98.25 -24.75 -54.96
CA ILE U 187 -97.10 -25.43 -55.55
C ILE U 187 -96.20 -26.01 -54.47
N GLN U 188 -95.99 -25.23 -53.40
CA GLN U 188 -95.17 -25.72 -52.29
C GLN U 188 -95.81 -26.94 -51.64
N GLN U 189 -97.12 -26.88 -51.40
CA GLN U 189 -97.81 -28.02 -50.81
C GLN U 189 -97.73 -29.25 -51.71
N ILE U 190 -97.87 -29.06 -53.02
CA ILE U 190 -97.77 -30.17 -53.95
C ILE U 190 -96.38 -30.79 -53.88
N GLU U 191 -95.33 -29.97 -54.00
CA GLU U 191 -93.98 -30.53 -54.03
C GLU U 191 -93.66 -31.24 -52.72
N ILE U 192 -94.11 -30.69 -51.59
CA ILE U 192 -93.78 -31.30 -50.31
C ILE U 192 -94.56 -32.61 -50.13
N LYS U 193 -95.85 -32.62 -50.49
CA LYS U 193 -96.62 -33.84 -50.37
C LYS U 193 -96.06 -34.93 -51.28
N GLN U 194 -95.57 -34.55 -52.47
CA GLN U 194 -94.99 -35.55 -53.36
C GLN U 194 -93.66 -36.07 -52.83
N ASN U 195 -92.81 -35.17 -52.34
CA ASN U 195 -91.55 -35.61 -51.73
C ASN U 195 -91.78 -36.50 -50.52
N GLU U 196 -92.89 -36.30 -49.81
CA GLU U 196 -93.20 -37.16 -48.67
C GLU U 196 -93.76 -38.49 -49.14
N ALA U 197 -94.56 -38.50 -50.20
CA ALA U 197 -95.15 -39.74 -50.69
C ALA U 197 -94.08 -40.64 -51.30
N ILE U 198 -93.11 -40.07 -52.03
CA ILE U 198 -92.09 -40.90 -52.65
C ILE U 198 -91.31 -41.68 -51.61
N GLN U 199 -91.23 -41.17 -50.39
CA GLN U 199 -90.51 -41.85 -49.32
C GLN U 199 -91.07 -43.24 -49.07
N VAL V 3 -37.59 -4.90 -82.80
CA VAL V 3 -37.76 -6.16 -82.07
C VAL V 3 -36.44 -6.93 -82.07
N ASP V 4 -35.73 -6.87 -83.18
CA ASP V 4 -34.46 -7.58 -83.31
C ASP V 4 -33.43 -7.01 -82.34
N ASN V 5 -32.26 -7.65 -82.31
CA ASN V 5 -31.16 -7.17 -81.48
C ASN V 5 -30.26 -6.22 -82.26
N PHE V 6 -30.89 -5.25 -82.92
CA PHE V 6 -30.17 -4.20 -83.63
C PHE V 6 -30.75 -2.82 -83.39
N SER V 7 -31.99 -2.70 -82.94
CA SER V 7 -32.65 -1.42 -82.76
C SER V 7 -32.01 -0.67 -81.60
N LYS V 8 -32.56 0.51 -81.31
CA LYS V 8 -32.13 1.26 -80.12
C LYS V 8 -32.62 0.58 -78.85
N ASP V 9 -33.94 0.49 -78.68
CA ASP V 9 -34.57 -0.22 -77.57
C ASP V 9 -33.81 -0.04 -76.27
N ASP V 10 -33.58 1.23 -75.90
CA ASP V 10 -32.94 1.59 -74.64
C ASP V 10 -33.79 2.61 -73.92
N ASN V 11 -35.08 2.34 -73.82
CA ASN V 11 -36.04 3.26 -73.21
C ASN V 11 -37.11 2.46 -72.49
N LEU V 12 -37.41 2.84 -71.26
CA LEU V 12 -38.46 2.22 -70.46
C LEU V 12 -39.41 3.32 -70.01
N ILE V 13 -40.57 3.41 -70.66
CA ILE V 13 -41.56 4.44 -70.37
C ILE V 13 -42.57 3.86 -69.39
N GLU V 14 -42.74 4.54 -68.26
CA GLU V 14 -43.62 4.09 -67.19
C GLU V 14 -44.99 4.73 -67.40
N LEU V 15 -45.83 4.07 -68.17
CA LEU V 15 -47.20 4.51 -68.42
C LEU V 15 -48.08 3.95 -67.33
N GLN V 16 -48.42 4.77 -66.34
CA GLN V 16 -49.17 4.34 -65.17
C GLN V 16 -50.60 4.86 -65.27
N THR V 17 -51.57 3.94 -65.14
CA THR V 17 -52.99 4.28 -65.19
C THR V 17 -53.39 4.84 -63.84
N THR V 18 -52.97 6.08 -63.58
CA THR V 18 -53.26 6.77 -62.34
C THR V 18 -54.20 7.94 -62.61
N SER V 19 -55.36 7.93 -61.94
CA SER V 19 -56.33 9.01 -62.11
C SER V 19 -55.88 10.29 -61.43
N GLN V 20 -54.87 10.23 -60.55
CA GLN V 20 -54.47 11.40 -59.79
C GLN V 20 -53.96 12.50 -60.72
N TYR V 21 -52.84 12.27 -61.38
CA TYR V 21 -52.28 13.27 -62.28
C TYR V 21 -51.12 12.67 -63.05
N ASN V 22 -51.01 13.05 -64.32
CA ASN V 22 -49.97 12.59 -65.22
C ASN V 22 -49.80 13.64 -66.31
N PRO V 23 -49.20 14.78 -66.00
CA PRO V 23 -49.28 15.93 -66.92
C PRO V 23 -48.68 15.66 -68.28
N VAL V 24 -47.37 15.40 -68.33
CA VAL V 24 -46.67 15.19 -69.59
C VAL V 24 -45.29 14.63 -69.27
N ILE V 25 -44.72 13.90 -70.23
CA ILE V 25 -43.35 13.40 -70.13
C ILE V 25 -42.54 14.07 -71.22
N ASP V 26 -41.60 14.92 -70.83
CA ASP V 26 -40.63 15.49 -71.77
C ASP V 26 -39.47 14.51 -71.95
N THR V 27 -39.82 13.34 -72.49
CA THR V 27 -38.89 12.24 -72.60
C THR V 27 -37.57 12.67 -73.22
N ASN V 28 -36.48 12.10 -72.71
CA ASN V 28 -35.13 12.35 -73.21
C ASN V 28 -34.77 11.19 -74.13
N ILE V 29 -35.03 11.38 -75.43
CA ILE V 29 -34.91 10.30 -76.40
C ILE V 29 -34.84 10.91 -77.79
N SER V 30 -34.10 10.24 -78.68
CA SER V 30 -33.89 10.73 -80.03
C SER V 30 -33.76 9.56 -80.98
N PHE V 31 -33.92 9.85 -82.27
CA PHE V 31 -33.80 8.83 -83.30
C PHE V 31 -32.98 9.26 -84.52
N TYR V 32 -32.71 10.55 -84.70
CA TYR V 32 -31.78 11.08 -85.69
C TYR V 32 -32.31 11.05 -87.11
N GLU V 33 -33.60 10.73 -87.31
CA GLU V 33 -34.30 11.01 -88.56
C GLU V 33 -33.87 10.12 -89.71
N SER V 34 -32.82 9.33 -89.53
CA SER V 34 -32.30 8.50 -90.60
C SER V 34 -32.33 7.02 -90.30
N ASP V 35 -32.67 6.62 -89.08
CA ASP V 35 -32.82 5.21 -88.77
C ASP V 35 -33.84 4.59 -89.71
N ARG V 36 -35.09 5.04 -89.61
CA ARG V 36 -36.13 4.76 -90.60
C ARG V 36 -36.38 3.27 -90.80
N GLY V 37 -35.67 2.42 -90.06
CA GLY V 37 -35.89 0.99 -90.15
C GLY V 37 -36.07 0.34 -88.79
N THR V 38 -35.57 0.99 -87.74
CA THR V 38 -35.65 0.43 -86.39
C THR V 38 -35.73 1.60 -85.40
N GLY V 39 -36.96 1.98 -85.07
CA GLY V 39 -37.19 2.83 -83.92
C GLY V 39 -38.17 2.14 -83.00
N VAL V 40 -37.69 1.71 -81.84
CA VAL V 40 -38.46 0.87 -80.93
C VAL V 40 -38.75 1.64 -79.65
N LEU V 41 -39.98 1.56 -79.19
CA LEU V 41 -40.41 2.17 -77.94
C LEU V 41 -40.92 1.06 -77.03
N ASN V 42 -40.27 0.90 -75.88
CA ASN V 42 -40.61 -0.16 -74.93
C ASN V 42 -41.42 0.46 -73.79
N PHE V 43 -42.73 0.47 -73.95
CA PHE V 43 -43.63 0.95 -72.91
C PHE V 43 -43.78 -0.08 -71.82
N ALA V 44 -43.87 0.40 -70.58
CA ALA V 44 -44.36 -0.39 -69.46
C ALA V 44 -45.79 0.03 -69.15
N VAL V 45 -46.42 -0.71 -68.24
CA VAL V 45 -47.78 -0.41 -67.81
C VAL V 45 -47.90 -0.73 -66.34
N THR V 46 -48.54 0.17 -65.59
CA THR V 46 -48.74 -0.03 -64.16
C THR V 46 -50.06 0.62 -63.76
N LYS V 47 -50.65 0.11 -62.67
CA LYS V 47 -51.91 0.65 -62.18
C LYS V 47 -51.67 1.71 -61.12
N ASN V 48 -51.04 1.33 -60.01
CA ASN V 48 -50.58 2.28 -59.01
C ASN V 48 -49.07 2.21 -58.84
N ASN V 49 -48.53 1.04 -58.52
CA ASN V 49 -47.09 0.82 -58.57
C ASN V 49 -46.72 -0.56 -59.07
N ARG V 50 -47.69 -1.37 -59.48
CA ARG V 50 -47.47 -2.72 -59.94
C ARG V 50 -47.83 -2.85 -61.42
N PRO V 51 -47.26 -3.83 -62.12
CA PRO V 51 -47.57 -4.01 -63.54
C PRO V 51 -48.96 -4.58 -63.75
N LEU V 52 -49.45 -4.41 -64.97
CA LEU V 52 -50.75 -4.92 -65.38
C LEU V 52 -50.60 -6.27 -66.07
N SER V 53 -51.72 -6.96 -66.22
CA SER V 53 -51.79 -8.25 -66.89
C SER V 53 -52.82 -8.12 -68.02
N ILE V 54 -52.34 -7.77 -69.21
CA ILE V 54 -53.19 -7.52 -70.36
C ILE V 54 -52.84 -8.54 -71.45
N SER V 55 -53.86 -9.20 -71.98
CA SER V 55 -53.70 -10.22 -73.01
C SER V 55 -54.42 -9.79 -74.28
N SER V 56 -54.29 -10.62 -75.33
CA SER V 56 -54.94 -10.32 -76.60
C SER V 56 -56.45 -10.47 -76.47
N GLU V 57 -56.91 -11.61 -75.95
CA GLU V 57 -58.33 -11.78 -75.69
C GLU V 57 -58.85 -10.63 -74.83
N HIS V 58 -58.02 -10.15 -73.91
CA HIS V 58 -58.35 -8.99 -73.10
C HIS V 58 -58.12 -7.73 -73.91
N VAL V 59 -58.07 -6.57 -73.25
CA VAL V 59 -58.01 -5.27 -73.88
C VAL V 59 -57.04 -5.29 -75.06
N LYS V 60 -57.45 -4.68 -76.17
CA LYS V 60 -56.54 -4.43 -77.29
C LYS V 60 -55.84 -3.09 -77.08
N THR V 61 -54.72 -2.93 -77.77
CA THR V 61 -53.84 -1.80 -77.59
C THR V 61 -53.89 -0.88 -78.80
N PHE V 62 -53.50 0.37 -78.56
CA PHE V 62 -53.41 1.38 -79.62
C PHE V 62 -52.48 2.48 -79.14
N ILE V 63 -51.77 3.07 -80.09
CA ILE V 63 -50.88 4.20 -79.83
C ILE V 63 -51.09 5.23 -80.93
N VAL V 64 -51.20 6.49 -80.55
CA VAL V 64 -51.39 7.59 -81.49
C VAL V 64 -50.12 8.44 -81.47
N LEU V 65 -49.59 8.70 -82.65
CA LEU V 65 -48.44 9.57 -82.86
C LEU V 65 -48.87 10.76 -83.67
N LYS V 66 -48.32 11.93 -83.35
CA LYS V 66 -48.74 13.17 -83.97
C LYS V 66 -47.59 14.16 -83.91
N THR V 67 -47.07 14.57 -85.05
CA THR V 67 -45.98 15.52 -85.07
C THR V 67 -46.40 16.82 -84.40
N ASP V 68 -45.41 17.67 -84.14
CA ASP V 68 -45.67 18.92 -83.42
C ASP V 68 -46.61 19.82 -84.21
N ASP V 69 -46.20 20.22 -85.41
CA ASP V 69 -46.99 21.10 -86.27
C ASP V 69 -47.81 20.24 -87.22
N TYR V 70 -48.94 19.74 -86.73
CA TYR V 70 -49.83 18.94 -87.54
C TYR V 70 -50.84 19.84 -88.23
N ASN V 71 -51.02 19.63 -89.53
CA ASN V 71 -51.98 20.39 -90.32
C ASN V 71 -52.41 19.54 -91.50
N VAL V 72 -53.67 19.71 -91.91
CA VAL V 72 -54.19 18.96 -93.05
C VAL V 72 -53.27 19.09 -94.25
N ASP V 73 -52.53 20.19 -94.34
CA ASP V 73 -51.58 20.38 -95.43
C ASP V 73 -50.17 19.93 -95.06
N ARG V 74 -49.80 20.01 -93.79
CA ARG V 74 -48.46 19.62 -93.34
C ARG V 74 -48.56 18.96 -91.97
N GLY V 75 -47.80 17.89 -91.80
CA GLY V 75 -47.73 17.23 -90.51
C GLY V 75 -47.77 15.72 -90.59
N ALA V 76 -48.27 15.08 -89.53
CA ALA V 76 -48.34 13.64 -89.48
C ALA V 76 -49.20 13.23 -88.28
N TYR V 77 -49.95 12.14 -88.46
CA TYR V 77 -50.83 11.63 -87.41
C TYR V 77 -51.27 10.22 -87.75
N ILE V 78 -51.06 9.26 -86.85
CA ILE V 78 -51.49 7.89 -87.09
C ILE V 78 -51.76 7.19 -85.76
N SER V 79 -52.73 6.28 -85.79
CA SER V 79 -53.07 5.44 -84.65
C SER V 79 -52.92 3.99 -85.06
N ASP V 80 -51.95 3.30 -84.44
CA ASP V 80 -51.67 1.91 -84.80
C ASP V 80 -51.57 1.03 -83.55
N GLU V 81 -51.13 -0.22 -83.73
CA GLU V 81 -51.10 -1.18 -82.64
C GLU V 81 -49.78 -1.09 -81.88
N LEU V 82 -49.64 -1.91 -80.83
CA LEU V 82 -48.48 -1.87 -79.94
C LEU V 82 -47.59 -3.10 -80.01
N THR V 83 -48.08 -4.24 -80.50
CA THR V 83 -47.29 -5.45 -80.59
C THR V 83 -46.80 -5.89 -79.21
N ILE V 84 -47.79 -6.28 -78.38
CA ILE V 84 -47.52 -6.71 -77.02
C ILE V 84 -46.35 -7.68 -76.99
N VAL V 85 -45.52 -7.55 -75.96
CA VAL V 85 -44.37 -8.44 -75.77
C VAL V 85 -44.68 -9.43 -74.66
N ASP V 86 -44.92 -8.92 -73.46
CA ASP V 86 -45.21 -9.74 -72.29
C ASP V 86 -46.55 -9.31 -71.70
N ALA V 87 -47.51 -10.22 -71.69
CA ALA V 87 -48.83 -9.97 -71.15
C ALA V 87 -48.87 -10.03 -69.64
N ILE V 88 -47.73 -10.21 -68.97
CA ILE V 88 -47.66 -10.35 -67.52
C ILE V 88 -47.13 -9.09 -66.86
N ASN V 89 -45.93 -8.65 -67.26
CA ASN V 89 -45.32 -7.45 -66.70
C ASN V 89 -45.69 -6.19 -67.45
N GLY V 90 -46.58 -6.28 -68.44
CA GLY V 90 -46.95 -5.12 -69.23
C GLY V 90 -45.80 -4.54 -70.00
N ARG V 91 -45.29 -5.29 -70.97
CA ARG V 91 -44.17 -4.87 -71.81
C ARG V 91 -44.67 -4.74 -73.24
N LEU V 92 -44.61 -3.52 -73.79
CA LEU V 92 -45.17 -3.22 -75.10
C LEU V 92 -44.09 -2.62 -75.98
N GLN V 93 -43.57 -3.39 -76.93
CA GLN V 93 -42.57 -2.90 -77.85
C GLN V 93 -43.26 -2.47 -79.14
N TYR V 94 -43.17 -1.19 -79.45
CA TYR V 94 -43.79 -0.61 -80.63
C TYR V 94 -42.70 -0.17 -81.60
N VAL V 95 -42.78 -0.66 -82.83
CA VAL V 95 -41.80 -0.32 -83.87
C VAL V 95 -42.32 0.89 -84.62
N ILE V 96 -41.56 1.98 -84.57
CA ILE V 96 -41.97 3.23 -85.20
C ILE V 96 -41.95 3.05 -86.72
N PRO V 97 -42.85 3.67 -87.46
CA PRO V 97 -42.89 3.46 -88.91
C PRO V 97 -41.69 4.08 -89.62
N ASN V 98 -41.53 3.69 -90.88
CA ASN V 98 -40.49 4.22 -91.73
C ASN V 98 -40.74 5.67 -92.14
N GLU V 99 -41.93 6.20 -91.88
CA GLU V 99 -42.32 7.50 -92.41
C GLU V 99 -41.95 8.65 -91.46
N PHE V 100 -42.44 8.60 -90.22
CA PHE V 100 -42.29 9.74 -89.33
C PHE V 100 -40.83 10.14 -89.18
N LEU V 101 -39.93 9.15 -89.16
CA LEU V 101 -38.52 9.46 -89.03
C LEU V 101 -37.99 10.28 -90.19
N LYS V 102 -38.79 10.46 -91.25
CA LYS V 102 -38.45 11.43 -92.29
C LYS V 102 -38.93 12.83 -91.95
N HIS V 103 -39.98 12.95 -91.15
CA HIS V 103 -40.52 14.25 -90.74
C HIS V 103 -39.75 14.69 -89.50
N SER V 104 -38.64 15.38 -89.71
CA SER V 104 -37.78 15.78 -88.61
C SER V 104 -38.56 16.64 -87.61
N GLY V 105 -37.94 16.87 -86.46
CA GLY V 105 -38.51 17.71 -85.42
C GLY V 105 -39.04 16.93 -84.24
N LYS V 106 -40.05 17.47 -83.57
CA LYS V 106 -40.65 16.84 -82.42
C LYS V 106 -41.91 16.07 -82.82
N VAL V 107 -42.30 15.12 -81.97
CA VAL V 107 -43.51 14.35 -82.19
C VAL V 107 -44.10 13.96 -80.85
N HIS V 108 -45.33 14.38 -80.59
CA HIS V 108 -46.04 13.96 -79.40
C HIS V 108 -46.72 12.61 -79.64
N ALA V 109 -47.06 11.95 -78.54
CA ALA V 109 -47.62 10.61 -78.62
C ALA V 109 -48.57 10.40 -77.46
N GLN V 110 -49.29 9.29 -77.53
CA GLN V 110 -50.18 8.88 -76.45
C GLN V 110 -50.55 7.42 -76.67
N ALA V 111 -50.96 6.77 -75.58
CA ALA V 111 -51.41 5.40 -75.63
C ALA V 111 -52.93 5.36 -75.60
N PHE V 112 -53.48 4.16 -75.69
CA PHE V 112 -54.92 3.98 -75.78
C PHE V 112 -55.23 2.49 -75.60
N PHE V 113 -56.17 2.15 -74.74
CA PHE V 113 -56.52 0.77 -74.47
C PHE V 113 -58.01 0.58 -74.65
N THR V 114 -58.39 -0.39 -75.46
CA THR V 114 -59.79 -0.66 -75.77
C THR V 114 -60.22 -1.94 -75.09
N GLN V 115 -61.40 -1.92 -74.47
CA GLN V 115 -61.93 -3.11 -73.83
C GLN V 115 -62.38 -4.10 -74.88
N ASN V 116 -61.78 -5.28 -74.88
CA ASN V 116 -62.13 -6.33 -75.83
C ASN V 116 -63.51 -6.86 -75.48
N GLY V 117 -64.52 -6.43 -76.24
CA GLY V 117 -65.88 -6.85 -76.00
C GLY V 117 -66.78 -5.77 -75.41
N SER V 118 -66.33 -4.52 -75.36
CA SER V 118 -67.15 -3.43 -74.84
C SER V 118 -66.52 -2.12 -75.26
N ASP V 119 -67.32 -1.05 -75.19
CA ASP V 119 -66.86 0.27 -75.63
C ASP V 119 -65.93 0.93 -74.62
N ASN V 120 -65.78 0.38 -73.42
CA ASN V 120 -64.91 0.99 -72.42
C ASN V 120 -63.48 1.04 -72.94
N VAL V 121 -62.78 2.12 -72.61
CA VAL V 121 -61.40 2.32 -73.04
C VAL V 121 -60.61 2.97 -71.91
N VAL V 122 -59.30 3.05 -72.11
CA VAL V 122 -58.39 3.73 -71.19
C VAL V 122 -57.31 4.40 -72.00
N VAL V 123 -56.81 5.52 -71.48
CA VAL V 123 -55.77 6.30 -72.13
C VAL V 123 -54.72 6.64 -71.09
N GLU V 124 -53.47 6.74 -71.53
CA GLU V 124 -52.33 6.90 -70.64
C GLU V 124 -51.70 8.28 -70.81
N ARG V 125 -50.59 8.48 -70.12
CA ARG V 125 -49.91 9.77 -70.12
C ARG V 125 -49.24 10.02 -71.46
N GLN V 126 -49.14 11.30 -71.82
CA GLN V 126 -48.49 11.69 -73.06
C GLN V 126 -46.98 11.55 -72.92
N PHE V 127 -46.28 11.82 -74.01
CA PHE V 127 -44.83 11.94 -74.01
C PHE V 127 -44.43 12.56 -75.35
N SER V 128 -43.13 12.84 -75.49
CA SER V 128 -42.64 13.58 -76.65
C SER V 128 -41.23 13.10 -76.94
N PHE V 129 -41.09 12.21 -77.92
CA PHE V 129 -39.79 11.67 -78.30
C PHE V 129 -39.29 12.45 -79.51
N ASN V 130 -38.50 13.49 -79.24
CA ASN V 130 -37.90 14.29 -80.29
C ASN V 130 -37.10 13.41 -81.25
N ILE V 131 -36.92 13.88 -82.48
CA ILE V 131 -36.06 13.21 -83.45
C ILE V 131 -35.27 14.29 -84.17
N GLU V 132 -33.95 14.19 -84.14
CA GLU V 132 -33.09 15.25 -84.64
C GLU V 132 -32.74 15.04 -86.10
N ASN V 133 -32.08 16.04 -86.68
CA ASN V 133 -31.60 15.95 -88.05
C ASN V 133 -30.29 15.17 -88.09
N ASP V 134 -29.87 14.83 -89.30
CA ASP V 134 -28.66 14.04 -89.48
C ASP V 134 -28.03 14.39 -90.82
N LEU V 135 -26.70 14.31 -90.85
CA LEU V 135 -25.98 14.53 -92.11
C LEU V 135 -26.36 13.50 -93.16
N VAL V 136 -27.02 12.41 -92.77
CA VAL V 136 -27.40 11.39 -93.73
C VAL V 136 -28.61 11.83 -94.53
N SER V 137 -29.53 12.56 -93.90
CA SER V 137 -30.79 12.95 -94.53
C SER V 137 -30.75 14.35 -95.12
N GLY V 138 -29.59 14.79 -95.59
CA GLY V 138 -29.46 16.12 -96.14
C GLY V 138 -28.37 16.24 -97.19
N PHE V 139 -27.56 17.29 -97.04
CA PHE V 139 -26.21 17.39 -97.58
C PHE V 139 -26.14 17.54 -99.09
N ASP V 140 -27.25 17.39 -99.79
CA ASP V 140 -27.21 17.50 -101.25
C ASP V 140 -28.61 17.33 -101.80
N GLY V 141 -28.78 17.77 -103.05
CA GLY V 141 -30.02 17.58 -103.77
C GLY V 141 -29.78 17.34 -105.24
N ILE V 142 -28.57 16.90 -105.59
CA ILE V 142 -28.26 16.49 -106.96
C ILE V 142 -27.57 15.13 -106.93
N THR V 143 -26.49 15.04 -106.16
CA THR V 143 -25.61 13.87 -106.23
C THR V 143 -26.38 12.57 -106.05
N LYS V 144 -27.45 12.58 -105.27
CA LYS V 144 -28.26 11.38 -105.12
C LYS V 144 -28.87 10.97 -106.45
N LEU V 145 -29.44 11.93 -107.17
CA LEU V 145 -30.01 11.63 -108.48
C LEU V 145 -28.92 11.24 -109.47
N VAL V 146 -27.77 11.91 -109.41
CA VAL V 146 -26.67 11.56 -110.31
C VAL V 146 -26.24 10.13 -110.09
N TYR V 147 -26.16 9.70 -108.83
CA TYR V 147 -25.66 8.36 -108.55
C TYR V 147 -26.69 7.29 -108.85
N ILE V 148 -27.97 7.57 -108.58
CA ILE V 148 -29.01 6.60 -108.98
C ILE V 148 -29.03 6.48 -110.51
N LYS V 149 -28.86 7.59 -111.22
CA LYS V 149 -28.77 7.54 -112.67
C LYS V 149 -27.57 6.72 -113.13
N SER V 150 -26.42 6.92 -112.46
CA SER V 150 -25.22 6.20 -112.86
C SER V 150 -25.38 4.70 -112.64
N ILE V 151 -25.96 4.31 -111.49
CA ILE V 151 -26.14 2.88 -111.24
C ILE V 151 -27.17 2.31 -112.22
N GLN V 152 -28.17 3.10 -112.60
CA GLN V 152 -29.13 2.62 -113.59
C GLN V 152 -28.46 2.39 -114.93
N ASP V 153 -27.62 3.33 -115.35
CA ASP V 153 -26.88 3.14 -116.60
C ASP V 153 -25.99 1.92 -116.52
N THR V 154 -25.30 1.73 -115.39
CA THR V 154 -24.38 0.60 -115.25
C THR V 154 -25.13 -0.73 -115.31
N ILE V 155 -26.27 -0.82 -114.62
CA ILE V 155 -27.04 -2.06 -114.66
C ILE V 155 -27.57 -2.30 -116.07
N GLU V 156 -28.15 -1.27 -116.69
CA GLU V 156 -28.69 -1.43 -118.03
C GLU V 156 -27.61 -1.85 -119.01
N ALA V 157 -26.37 -1.40 -118.80
CA ALA V 157 -25.27 -1.78 -119.69
C ALA V 157 -24.80 -3.20 -119.42
N VAL V 158 -24.36 -3.46 -118.18
CA VAL V 158 -23.81 -4.76 -117.85
C VAL V 158 -24.83 -5.88 -118.07
N GLY V 159 -26.13 -5.56 -118.05
CA GLY V 159 -27.12 -6.59 -118.32
C GLY V 159 -27.01 -7.14 -119.73
N LYS V 160 -26.61 -6.31 -120.69
CA LYS V 160 -26.43 -6.78 -122.06
C LYS V 160 -25.34 -7.83 -122.12
N ASP V 161 -24.15 -7.48 -121.62
CA ASP V 161 -23.04 -8.44 -121.62
C ASP V 161 -23.38 -9.67 -120.79
N PHE V 162 -24.14 -9.49 -119.70
CA PHE V 162 -24.52 -10.61 -118.85
C PHE V 162 -25.40 -11.59 -119.61
N ASN V 163 -26.47 -11.08 -120.25
CA ASN V 163 -27.34 -11.94 -121.04
C ASN V 163 -26.56 -12.58 -122.17
N GLN V 164 -25.63 -11.84 -122.78
CA GLN V 164 -24.81 -12.40 -123.85
C GLN V 164 -24.03 -13.61 -123.37
N LEU V 165 -23.26 -13.43 -122.29
CA LEU V 165 -22.41 -14.51 -121.80
C LEU V 165 -23.22 -15.62 -121.13
N LYS V 166 -24.46 -15.35 -120.74
CA LYS V 166 -25.28 -16.39 -120.13
C LYS V 166 -25.95 -17.26 -121.19
N GLN V 167 -26.53 -16.63 -122.22
CA GLN V 167 -27.11 -17.40 -123.31
C GLN V 167 -26.04 -18.18 -124.06
N ASN V 168 -24.84 -17.61 -124.18
CA ASN V 168 -23.73 -18.31 -124.81
C ASN V 168 -23.11 -19.38 -123.92
N MET V 169 -23.55 -19.48 -122.67
CA MET V 169 -23.04 -20.49 -121.75
C MET V 169 -24.02 -21.66 -121.64
N ASN W 5 5.32 1.45 -85.77
CA ASN W 5 4.54 2.13 -86.79
C ASN W 5 4.48 3.63 -86.51
N PHE W 6 4.27 4.41 -87.57
CA PHE W 6 4.11 5.86 -87.46
C PHE W 6 2.78 6.22 -88.08
N SER W 7 1.83 6.62 -87.24
CA SER W 7 0.49 7.00 -87.67
C SER W 7 -0.29 7.44 -86.45
N LYS W 8 -1.34 8.21 -86.68
CA LYS W 8 -2.11 8.81 -85.60
C LYS W 8 -3.28 7.90 -85.21
N ASP W 9 -2.91 6.66 -84.83
CA ASP W 9 -3.87 5.66 -84.39
C ASP W 9 -4.05 5.64 -82.88
N ASP W 10 -3.75 6.75 -82.21
CA ASP W 10 -3.86 6.82 -80.76
C ASP W 10 -5.25 7.25 -80.29
N ASN W 11 -5.97 8.01 -81.11
CA ASN W 11 -7.28 8.49 -80.72
C ASN W 11 -8.28 7.33 -80.66
N LEU W 12 -9.43 7.61 -80.05
CA LEU W 12 -10.52 6.65 -79.98
C LEU W 12 -11.79 7.34 -79.49
N ILE W 13 -12.90 7.13 -80.19
CA ILE W 13 -14.17 7.73 -79.83
C ILE W 13 -15.22 6.64 -79.73
N GLU W 14 -16.10 6.76 -78.74
CA GLU W 14 -17.16 5.78 -78.51
C GLU W 14 -18.46 6.29 -79.08
N LEU W 15 -19.21 5.40 -79.70
CA LEU W 15 -20.49 5.70 -80.32
C LEU W 15 -21.57 4.90 -79.59
N GLN W 16 -22.40 5.62 -78.82
CA GLN W 16 -23.43 5.00 -78.01
C GLN W 16 -24.67 4.79 -78.87
N THR W 17 -24.95 3.52 -79.21
CA THR W 17 -26.13 3.16 -80.00
C THR W 17 -27.33 3.06 -79.08
N THR W 18 -27.70 4.20 -78.50
CA THR W 18 -28.81 4.27 -77.57
C THR W 18 -29.65 5.51 -77.88
N SER W 19 -30.94 5.40 -77.57
CA SER W 19 -31.90 6.47 -77.83
C SER W 19 -32.16 7.23 -76.54
N GLN W 20 -31.21 8.11 -76.19
CA GLN W 20 -31.34 8.93 -75.00
C GLN W 20 -30.80 10.33 -75.22
N TYR W 21 -30.92 10.85 -76.44
CA TYR W 21 -30.43 12.18 -76.79
C TYR W 21 -28.93 12.30 -76.51
N ASN W 22 -28.17 11.48 -77.20
CA ASN W 22 -26.72 11.58 -77.16
C ASN W 22 -26.31 12.79 -78.00
N PRO W 23 -25.94 13.91 -77.38
CA PRO W 23 -25.73 15.14 -78.15
C PRO W 23 -24.40 15.13 -78.89
N VAL W 24 -24.24 16.14 -79.74
CA VAL W 24 -22.97 16.31 -80.45
C VAL W 24 -21.87 16.57 -79.43
N ILE W 25 -20.66 16.12 -79.76
CA ILE W 25 -19.53 16.21 -78.85
C ILE W 25 -18.30 16.63 -79.64
N ASP W 26 -17.53 17.55 -79.07
CA ASP W 26 -16.26 17.98 -79.67
C ASP W 26 -15.21 16.95 -79.26
N THR W 27 -15.02 15.95 -80.12
CA THR W 27 -14.09 14.87 -79.82
C THR W 27 -12.66 15.34 -79.60
N ASN W 28 -12.34 16.59 -79.95
CA ASN W 28 -10.98 17.10 -79.83
C ASN W 28 -10.00 16.24 -80.62
N ILE W 29 -10.25 16.17 -81.93
CA ILE W 29 -9.38 15.46 -82.86
C ILE W 29 -9.00 16.43 -83.96
N SER W 30 -7.74 16.81 -84.01
CA SER W 30 -7.25 17.86 -84.91
C SER W 30 -6.10 17.30 -85.74
N PHE W 31 -6.41 16.69 -86.87
CA PHE W 31 -5.40 16.37 -87.84
C PHE W 31 -4.93 17.66 -88.52
N TYR W 32 -4.04 17.50 -89.50
CA TYR W 32 -3.45 18.63 -90.20
C TYR W 32 -3.69 18.48 -91.70
N GLU W 33 -3.40 19.57 -92.43
CA GLU W 33 -3.65 19.59 -93.86
C GLU W 33 -2.72 18.63 -94.59
N SER W 34 -1.41 18.80 -94.43
CA SER W 34 -0.42 17.98 -95.12
C SER W 34 -0.27 16.64 -94.41
N ASP W 35 -1.38 15.90 -94.37
CA ASP W 35 -1.41 14.56 -93.79
C ASP W 35 -2.17 13.67 -94.76
N ARG W 36 -1.53 12.58 -95.18
CA ARG W 36 -2.07 11.72 -96.22
C ARG W 36 -2.00 10.28 -95.77
N GLY W 37 -3.15 9.60 -95.71
CA GLY W 37 -3.20 8.21 -95.38
C GLY W 37 -2.84 7.85 -93.96
N THR W 38 -2.49 8.83 -93.12
CA THR W 38 -2.11 8.57 -91.74
C THR W 38 -3.08 9.18 -90.74
N GLY W 39 -4.16 9.81 -91.21
CA GLY W 39 -5.19 10.29 -90.33
C GLY W 39 -6.27 9.24 -90.16
N VAL W 40 -6.37 8.66 -88.98
CA VAL W 40 -7.25 7.52 -88.72
C VAL W 40 -8.16 7.84 -87.55
N LEU W 41 -9.42 7.43 -87.68
CA LEU W 41 -10.44 7.61 -86.65
C LEU W 41 -10.80 6.23 -86.12
N ASN W 42 -10.51 5.98 -84.85
CA ASN W 42 -10.83 4.70 -84.22
C ASN W 42 -12.20 4.82 -83.55
N PHE W 43 -13.19 4.15 -84.12
CA PHE W 43 -14.53 4.12 -83.57
C PHE W 43 -14.72 2.85 -82.74
N ALA W 44 -15.42 2.99 -81.62
CA ALA W 44 -15.78 1.86 -80.76
C ALA W 44 -17.26 1.99 -80.45
N VAL W 45 -18.04 1.05 -80.92
CA VAL W 45 -19.49 1.13 -80.82
C VAL W 45 -19.93 0.43 -79.53
N THR W 46 -21.01 0.94 -78.94
CA THR W 46 -21.57 0.38 -77.72
C THR W 46 -23.09 0.38 -77.82
N LYS W 47 -23.70 -0.74 -77.47
CA LYS W 47 -25.15 -0.87 -77.60
C LYS W 47 -25.86 -0.04 -76.54
N ASN W 48 -25.75 -0.45 -75.28
CA ASN W 48 -26.33 0.29 -74.17
C ASN W 48 -25.25 0.79 -73.20
N ASN W 49 -24.36 -0.09 -72.75
CA ASN W 49 -23.21 0.29 -71.95
C ASN W 49 -21.96 -0.48 -72.29
N ARG W 50 -22.08 -1.65 -72.89
CA ARG W 50 -20.99 -2.52 -73.28
C ARG W 50 -20.91 -2.60 -74.80
N PRO W 51 -19.83 -3.15 -75.35
CA PRO W 51 -19.59 -3.01 -76.79
C PRO W 51 -20.57 -3.83 -77.61
N LEU W 52 -21.00 -3.24 -78.73
CA LEU W 52 -21.88 -3.91 -79.68
C LEU W 52 -21.03 -4.63 -80.72
N SER W 53 -21.26 -5.94 -80.87
CA SER W 53 -20.54 -6.68 -81.88
C SER W 53 -21.01 -6.25 -83.27
N ILE W 54 -20.19 -6.57 -84.27
CA ILE W 54 -20.42 -6.13 -85.64
C ILE W 54 -19.83 -7.19 -86.57
N SER W 55 -20.13 -7.06 -87.86
CA SER W 55 -19.58 -7.94 -88.86
C SER W 55 -19.92 -7.41 -90.24
N SER W 56 -18.97 -7.56 -91.17
CA SER W 56 -19.23 -7.17 -92.55
C SER W 56 -20.16 -8.15 -93.27
N GLU W 57 -20.35 -9.34 -92.72
CA GLU W 57 -21.25 -10.31 -93.34
C GLU W 57 -22.71 -9.94 -93.12
N HIS W 58 -23.11 -9.75 -91.87
CA HIS W 58 -24.49 -9.42 -91.57
C HIS W 58 -24.80 -7.97 -91.95
N VAL W 59 -24.10 -7.02 -91.35
CA VAL W 59 -24.37 -5.62 -91.56
C VAL W 59 -23.28 -5.02 -92.42
N LYS W 60 -23.50 -3.78 -92.89
CA LYS W 60 -22.47 -3.00 -93.56
C LYS W 60 -22.55 -1.58 -93.03
N THR W 61 -21.41 -1.05 -92.63
CA THR W 61 -21.33 0.23 -91.95
C THR W 61 -20.69 1.28 -92.85
N PHE W 62 -21.14 2.52 -92.72
CA PHE W 62 -20.56 3.64 -93.44
C PHE W 62 -20.54 4.84 -92.51
N ILE W 63 -19.82 5.87 -92.91
CA ILE W 63 -19.78 7.14 -92.20
C ILE W 63 -19.94 8.27 -93.19
N VAL W 64 -20.69 9.27 -92.79
CA VAL W 64 -20.84 10.52 -93.51
C VAL W 64 -19.95 11.56 -92.86
N LEU W 65 -19.46 12.49 -93.67
CA LEU W 65 -18.50 13.48 -93.23
C LEU W 65 -18.78 14.78 -93.97
N LYS W 66 -18.82 15.90 -93.25
CA LYS W 66 -19.20 17.17 -93.84
C LYS W 66 -18.48 18.29 -93.12
N THR W 67 -17.73 19.10 -93.86
CA THR W 67 -17.14 20.29 -93.28
C THR W 67 -18.23 21.26 -92.85
N ASP W 68 -17.81 22.33 -92.16
CA ASP W 68 -18.75 23.31 -91.64
C ASP W 68 -19.03 24.43 -92.63
N ASP W 69 -18.07 24.74 -93.50
CA ASP W 69 -18.24 25.78 -94.51
C ASP W 69 -18.88 25.25 -95.79
N TYR W 70 -19.62 24.14 -95.69
CA TYR W 70 -20.20 23.51 -96.87
C TYR W 70 -21.15 24.43 -97.61
N ASN W 71 -20.79 24.81 -98.82
CA ASN W 71 -21.65 25.59 -99.71
C ASN W 71 -21.67 24.94 -101.08
N VAL W 72 -22.62 25.37 -101.91
CA VAL W 72 -22.70 24.84 -103.27
C VAL W 72 -21.51 25.28 -104.09
N ASP W 73 -21.01 26.50 -103.85
CA ASP W 73 -19.83 26.99 -104.56
C ASP W 73 -18.53 26.59 -103.89
N ARG W 74 -18.59 26.13 -102.64
CA ARG W 74 -17.38 25.78 -101.90
C ARG W 74 -17.79 24.98 -100.67
N GLY W 75 -17.15 23.83 -100.47
CA GLY W 75 -17.46 23.02 -99.32
C GLY W 75 -16.74 21.69 -99.38
N ALA W 76 -17.31 20.71 -98.69
CA ALA W 76 -16.74 19.37 -98.66
C ALA W 76 -17.74 18.42 -98.01
N TYR W 77 -17.80 17.20 -98.53
CA TYR W 77 -18.71 16.19 -97.99
C TYR W 77 -18.41 14.87 -98.66
N ILE W 78 -18.50 13.79 -97.89
CA ILE W 78 -18.30 12.43 -98.39
C ILE W 78 -19.11 11.46 -97.55
N SER W 79 -19.20 10.21 -98.02
CA SER W 79 -19.81 9.13 -97.28
C SER W 79 -19.17 7.83 -97.75
N ASP W 80 -18.43 7.18 -96.87
CA ASP W 80 -17.62 6.03 -97.27
C ASP W 80 -17.64 4.97 -96.18
N GLU W 81 -17.21 3.77 -96.55
CA GLU W 81 -17.29 2.62 -95.67
C GLU W 81 -16.24 2.70 -94.58
N LEU W 82 -16.19 1.65 -93.76
CA LEU W 82 -15.29 1.55 -92.62
C LEU W 82 -14.32 0.38 -92.84
N THR W 83 -13.48 0.14 -91.84
CA THR W 83 -12.54 -0.98 -91.85
C THR W 83 -12.64 -1.66 -90.48
N ILE W 84 -13.57 -2.62 -90.37
CA ILE W 84 -13.80 -3.28 -89.09
C ILE W 84 -12.56 -4.06 -88.68
N VAL W 85 -12.14 -3.87 -87.44
CA VAL W 85 -11.04 -4.63 -86.84
C VAL W 85 -11.44 -4.94 -85.40
N ASP W 86 -11.28 -6.20 -85.00
CA ASP W 86 -11.76 -6.66 -83.69
C ASP W 86 -13.27 -6.41 -83.58
N ALA W 87 -14.00 -7.06 -84.48
CA ALA W 87 -15.43 -6.79 -84.61
C ALA W 87 -16.19 -7.16 -83.35
N ILE W 88 -15.93 -8.35 -82.81
CA ILE W 88 -16.65 -8.83 -81.64
C ILE W 88 -16.63 -7.78 -80.53
N ASN W 89 -15.53 -7.06 -80.39
CA ASN W 89 -15.42 -6.00 -79.39
C ASN W 89 -16.07 -4.70 -79.84
N GLY W 90 -16.73 -4.69 -80.98
CA GLY W 90 -17.35 -3.47 -81.47
C GLY W 90 -16.37 -2.36 -81.78
N ARG W 91 -15.26 -2.70 -82.44
CA ARG W 91 -14.21 -1.75 -82.75
C ARG W 91 -13.99 -1.71 -84.26
N LEU W 92 -13.55 -0.56 -84.74
CA LEU W 92 -13.27 -0.39 -86.17
C LEU W 92 -12.52 0.91 -86.35
N GLN W 93 -12.03 1.14 -87.56
CA GLN W 93 -11.25 2.33 -87.85
C GLN W 93 -11.58 2.82 -89.26
N TYR W 94 -11.38 4.12 -89.45
CA TYR W 94 -11.62 4.79 -90.72
C TYR W 94 -10.37 5.55 -91.11
N VAL W 95 -9.80 5.23 -92.26
CA VAL W 95 -8.64 5.95 -92.78
C VAL W 95 -9.14 7.20 -93.46
N ILE W 96 -8.77 8.36 -92.92
CA ILE W 96 -9.21 9.61 -93.52
C ILE W 96 -8.75 9.66 -94.98
N PRO W 97 -9.58 10.12 -95.93
CA PRO W 97 -9.15 10.15 -97.32
C PRO W 97 -8.07 11.19 -97.56
N ASN W 98 -7.68 11.37 -98.82
CA ASN W 98 -6.65 12.33 -99.18
C ASN W 98 -7.22 13.64 -99.73
N GLU W 99 -8.31 13.58 -100.50
CA GLU W 99 -8.88 14.79 -101.06
C GLU W 99 -9.61 15.62 -100.02
N PHE W 100 -10.03 15.02 -98.91
CA PHE W 100 -10.80 15.75 -97.92
C PHE W 100 -9.94 16.69 -97.10
N LEU W 101 -8.68 16.31 -96.85
CA LEU W 101 -7.82 17.14 -96.01
C LEU W 101 -7.72 18.55 -96.53
N LYS W 102 -7.60 18.70 -97.86
CA LYS W 102 -7.42 20.02 -98.46
C LYS W 102 -8.43 21.04 -97.94
N HIS W 103 -9.58 20.60 -97.44
CA HIS W 103 -10.58 21.47 -96.86
C HIS W 103 -10.40 21.47 -95.34
N SER W 104 -10.03 22.63 -94.79
CA SER W 104 -9.69 22.77 -93.39
C SER W 104 -10.87 23.31 -92.59
N GLY W 105 -10.72 23.29 -91.28
CA GLY W 105 -11.68 23.87 -90.36
C GLY W 105 -12.39 22.83 -89.51
N LYS W 106 -13.55 23.22 -89.01
CA LYS W 106 -14.40 22.31 -88.28
C LYS W 106 -14.97 21.25 -89.22
N VAL W 107 -15.45 20.16 -88.62
CA VAL W 107 -16.05 19.07 -89.37
C VAL W 107 -17.09 18.40 -88.49
N HIS W 108 -18.18 17.98 -89.09
CA HIS W 108 -19.15 17.11 -88.47
C HIS W 108 -19.09 15.76 -89.15
N ALA W 109 -19.35 14.72 -88.37
CA ALA W 109 -19.27 13.36 -88.85
C ALA W 109 -20.53 12.62 -88.43
N GLN W 110 -20.62 11.37 -88.87
CA GLN W 110 -21.72 10.50 -88.51
C GLN W 110 -21.38 9.10 -88.98
N ALA W 111 -21.89 8.11 -88.25
CA ALA W 111 -21.67 6.72 -88.58
C ALA W 111 -23.01 6.00 -88.58
N PHE W 112 -23.39 5.45 -89.73
CA PHE W 112 -24.66 4.75 -89.86
C PHE W 112 -24.43 3.36 -90.41
N PHE W 113 -25.16 2.40 -89.84
CA PHE W 113 -25.07 1.00 -90.21
C PHE W 113 -26.34 0.59 -90.95
N THR W 114 -26.22 -0.39 -91.83
CA THR W 114 -27.35 -0.94 -92.56
C THR W 114 -27.33 -2.45 -92.42
N GLN W 115 -28.42 -3.01 -91.89
CA GLN W 115 -28.55 -4.44 -91.71
C GLN W 115 -29.03 -5.07 -93.02
N ASN W 116 -28.23 -5.98 -93.57
CA ASN W 116 -28.53 -6.61 -94.84
C ASN W 116 -29.90 -7.26 -94.84
N GLY W 117 -30.49 -7.44 -96.02
CA GLY W 117 -31.75 -8.14 -96.14
C GLY W 117 -32.96 -7.26 -95.89
N SER W 118 -32.88 -6.42 -94.86
CA SER W 118 -33.98 -5.55 -94.49
C SER W 118 -33.74 -4.09 -94.81
N ASP W 119 -32.48 -3.67 -94.96
CA ASP W 119 -32.09 -2.28 -95.22
C ASP W 119 -32.51 -1.35 -94.09
N ASN W 120 -32.94 -1.88 -92.95
CA ASN W 120 -33.21 -1.06 -91.78
C ASN W 120 -31.88 -0.61 -91.19
N VAL W 121 -31.72 0.70 -91.02
CA VAL W 121 -30.42 1.26 -90.67
C VAL W 121 -30.44 1.85 -89.27
N VAL W 122 -29.29 2.35 -88.85
CA VAL W 122 -29.09 2.87 -87.49
C VAL W 122 -28.09 4.01 -87.56
N VAL W 123 -28.35 5.05 -86.79
CA VAL W 123 -27.50 6.25 -86.74
C VAL W 123 -27.15 6.54 -85.28
N GLU W 124 -25.89 6.88 -85.04
CA GLU W 124 -25.38 6.84 -83.67
C GLU W 124 -25.25 8.19 -82.97
N ARG W 125 -24.40 9.09 -83.47
CA ARG W 125 -24.07 10.26 -82.65
C ARG W 125 -24.16 11.60 -83.35
N GLN W 126 -23.73 11.68 -84.61
CA GLN W 126 -23.53 12.97 -85.27
C GLN W 126 -22.51 13.82 -84.50
N PHE W 127 -21.32 13.27 -84.34
CA PHE W 127 -20.29 13.91 -83.54
C PHE W 127 -19.47 14.89 -84.37
N SER W 128 -18.61 15.63 -83.69
CA SER W 128 -17.80 16.68 -84.30
C SER W 128 -16.35 16.22 -84.44
N PHE W 129 -15.53 17.10 -85.01
CA PHE W 129 -14.19 16.73 -85.45
C PHE W 129 -13.50 17.97 -85.97
N ASN W 130 -12.18 18.03 -85.94
CA ASN W 130 -11.45 19.21 -86.38
C ASN W 130 -10.38 18.83 -87.38
N ILE W 131 -9.98 19.80 -88.19
CA ILE W 131 -8.86 19.64 -89.10
C ILE W 131 -8.19 21.00 -89.26
N GLU W 132 -6.87 21.03 -89.12
CA GLU W 132 -6.12 22.27 -89.09
C GLU W 132 -5.31 22.45 -90.36
N ASN W 133 -4.80 23.66 -90.54
CA ASN W 133 -3.98 24.01 -91.69
C ASN W 133 -2.52 24.12 -91.26
N ASP W 134 -1.64 23.75 -92.18
CA ASP W 134 -0.20 23.75 -91.94
C ASP W 134 0.46 24.71 -92.92
N LEU W 135 1.79 24.71 -92.93
CA LEU W 135 2.55 25.56 -93.84
C LEU W 135 2.82 24.90 -95.17
N VAL W 136 2.65 23.59 -95.28
CA VAL W 136 2.77 22.88 -96.55
C VAL W 136 1.41 22.98 -97.23
N SER W 137 1.21 24.05 -97.97
CA SER W 137 -0.07 24.33 -98.62
C SER W 137 0.16 25.41 -99.65
N GLY W 138 -0.93 25.94 -100.20
CA GLY W 138 -0.87 26.90 -101.29
C GLY W 138 -1.79 26.47 -102.42
N PHE W 139 -1.84 25.16 -102.66
CA PHE W 139 -2.84 24.61 -103.55
C PHE W 139 -4.20 24.62 -102.86
N ASP W 140 -5.20 25.12 -103.56
CA ASP W 140 -6.54 25.32 -102.99
C ASP W 140 -7.51 24.37 -103.66
N GLY W 141 -8.04 23.42 -102.90
CA GLY W 141 -9.08 22.53 -103.39
C GLY W 141 -10.45 23.11 -103.12
N ILE W 142 -10.68 24.35 -103.54
CA ILE W 142 -11.93 25.02 -103.26
C ILE W 142 -13.11 24.25 -103.84
N THR W 143 -12.89 23.55 -104.94
CA THR W 143 -13.96 22.76 -105.57
C THR W 143 -14.56 21.79 -104.56
N LYS W 144 -15.84 21.99 -104.25
CA LYS W 144 -16.53 21.10 -103.35
C LYS W 144 -16.60 19.69 -103.95
N LEU W 145 -16.29 18.70 -103.13
CA LEU W 145 -16.34 17.31 -103.55
C LEU W 145 -17.45 16.59 -102.81
N VAL W 146 -18.29 15.89 -103.55
CA VAL W 146 -19.37 15.08 -102.99
C VAL W 146 -19.39 13.78 -103.79
N TYR W 147 -18.85 12.71 -103.21
CA TYR W 147 -18.86 11.41 -103.85
C TYR W 147 -19.30 10.37 -102.84
N ILE W 148 -20.28 9.56 -103.24
CA ILE W 148 -20.81 8.49 -102.38
C ILE W 148 -19.92 7.28 -102.66
N LYS W 149 -18.81 7.20 -101.92
CA LYS W 149 -17.88 6.10 -102.10
C LYS W 149 -18.57 4.74 -101.94
N SER W 150 -19.66 4.68 -101.18
CA SER W 150 -20.35 3.42 -100.98
C SER W 150 -20.87 2.87 -102.31
N ILE W 151 -21.77 3.61 -102.95
CA ILE W 151 -22.35 3.13 -104.21
C ILE W 151 -21.33 3.12 -105.33
N GLN W 152 -20.36 4.03 -105.29
CA GLN W 152 -19.29 4.02 -106.28
C GLN W 152 -18.50 2.72 -106.22
N ASP W 153 -18.05 2.35 -105.02
CA ASP W 153 -17.39 1.07 -104.83
C ASP W 153 -18.32 -0.08 -105.17
N THR W 154 -19.62 0.09 -104.92
CA THR W 154 -20.58 -0.95 -105.28
C THR W 154 -20.54 -1.24 -106.77
N ILE W 155 -20.66 -0.19 -107.58
CA ILE W 155 -20.67 -0.39 -109.04
C ILE W 155 -19.31 -0.88 -109.52
N GLU W 156 -18.24 -0.36 -108.95
CA GLU W 156 -16.91 -0.81 -109.36
C GLU W 156 -16.71 -2.29 -109.05
N ALA W 157 -17.17 -2.72 -107.88
CA ALA W 157 -17.05 -4.13 -107.50
C ALA W 157 -17.95 -5.00 -108.35
N VAL W 158 -19.12 -4.51 -108.75
CA VAL W 158 -19.97 -5.29 -109.63
C VAL W 158 -19.29 -5.48 -110.99
N GLY W 159 -18.69 -4.41 -111.52
CA GLY W 159 -17.95 -4.54 -112.76
C GLY W 159 -16.78 -5.50 -112.63
N LYS W 160 -16.03 -5.41 -111.54
CA LYS W 160 -14.90 -6.31 -111.34
C LYS W 160 -15.37 -7.75 -111.19
N ASP W 161 -16.52 -7.96 -110.55
CA ASP W 161 -17.05 -9.31 -110.40
C ASP W 161 -17.49 -9.87 -111.73
N PHE W 162 -18.10 -9.04 -112.58
CA PHE W 162 -18.44 -9.48 -113.92
C PHE W 162 -17.18 -9.87 -114.70
N ASN W 163 -16.14 -9.04 -114.62
CA ASN W 163 -14.90 -9.35 -115.33
C ASN W 163 -14.26 -10.63 -114.80
N GLN W 164 -14.28 -10.82 -113.49
CA GLN W 164 -13.72 -12.04 -112.91
C GLN W 164 -14.54 -13.26 -113.31
N LEU W 165 -15.86 -13.12 -113.37
CA LEU W 165 -16.70 -14.21 -113.88
C LEU W 165 -16.33 -14.54 -115.32
N LYS W 166 -16.05 -13.51 -116.12
CA LYS W 166 -15.64 -13.74 -117.50
C LYS W 166 -14.32 -14.51 -117.55
N GLN W 167 -13.35 -14.08 -116.74
CA GLN W 167 -12.06 -14.78 -116.72
C GLN W 167 -12.21 -16.21 -116.24
N ASN W 168 -13.09 -16.45 -115.28
CA ASN W 168 -13.29 -17.80 -114.77
C ASN W 168 -13.97 -18.68 -115.81
N MET W 169 -14.96 -18.13 -116.51
CA MET W 169 -15.60 -18.87 -117.60
C MET W 169 -14.60 -19.17 -118.70
N ALA W 170 -13.63 -18.29 -118.91
CA ALA W 170 -12.57 -18.58 -119.87
C ALA W 170 -11.67 -19.70 -119.38
N ASP W 171 -11.30 -19.66 -118.10
CA ASP W 171 -10.46 -20.71 -117.52
C ASP W 171 -11.14 -22.05 -117.50
N THR W 172 -12.47 -22.09 -117.46
CA THR W 172 -13.19 -23.36 -117.47
C THR W 172 -12.70 -24.31 -118.55
N GLN W 173 -12.19 -23.77 -119.66
CA GLN W 173 -11.68 -24.62 -120.74
C GLN W 173 -10.29 -25.13 -120.46
N THR W 174 -9.57 -24.52 -119.51
CA THR W 174 -8.22 -24.94 -119.15
C THR W 174 -8.20 -25.99 -118.04
N LEU W 175 -9.33 -26.28 -117.42
CA LEU W 175 -9.34 -27.19 -116.28
C LEU W 175 -8.98 -28.61 -116.70
N ILE W 176 -9.41 -29.03 -117.89
CA ILE W 176 -9.06 -30.38 -118.35
C ILE W 176 -7.56 -30.49 -118.56
N ALA W 177 -6.94 -29.44 -119.11
CA ALA W 177 -5.48 -29.45 -119.25
C ALA W 177 -4.81 -29.50 -117.89
N LYS W 178 -5.37 -28.81 -116.90
CA LYS W 178 -4.82 -28.87 -115.55
C LYS W 178 -4.90 -30.29 -115.00
N VAL W 179 -6.04 -30.95 -115.18
CA VAL W 179 -6.20 -32.33 -114.72
C VAL W 179 -5.16 -33.22 -115.38
N ASN W 180 -5.02 -33.11 -116.69
CA ASN W 180 -4.08 -33.96 -117.42
C ASN W 180 -2.64 -33.71 -116.96
N ASP W 181 -2.27 -32.44 -116.81
CA ASP W 181 -0.91 -32.12 -116.36
C ASP W 181 -0.65 -32.66 -114.96
N SER W 182 -1.62 -32.50 -114.05
CA SER W 182 -1.45 -33.00 -112.70
C SER W 182 -1.28 -34.52 -112.69
N ALA W 183 -2.10 -35.23 -113.48
CA ALA W 183 -1.98 -36.68 -113.53
C ALA W 183 -0.63 -37.10 -114.11
N THR W 184 -0.18 -36.40 -115.15
CA THR W 184 1.12 -36.72 -115.74
C THR W 184 2.24 -36.49 -114.75
N LYS W 185 2.20 -35.39 -114.00
CA LYS W 185 3.24 -35.11 -113.02
C LYS W 185 3.21 -36.13 -111.89
N GLY W 186 2.00 -36.57 -111.49
CA GLY W 186 1.93 -37.60 -110.47
C GLY W 186 2.53 -38.92 -110.95
N ILE W 187 2.20 -39.31 -112.18
CA ILE W 187 2.78 -40.52 -112.74
C ILE W 187 4.30 -40.40 -112.83
N GLN W 188 4.79 -39.22 -113.20
CA GLN W 188 6.23 -39.00 -113.28
C GLN W 188 6.88 -39.13 -111.91
N GLN W 189 6.28 -38.52 -110.90
CA GLN W 189 6.83 -38.60 -109.55
C GLN W 189 6.84 -40.03 -109.06
N ILE W 190 5.81 -40.81 -109.39
CA ILE W 190 5.81 -42.22 -109.03
C ILE W 190 6.96 -42.95 -109.72
N GLU W 191 7.03 -42.83 -111.05
CA GLU W 191 8.07 -43.52 -111.79
C GLU W 191 9.47 -43.09 -111.36
N ILE W 192 9.61 -41.91 -110.77
CA ILE W 192 10.91 -41.44 -110.31
C ILE W 192 11.33 -42.19 -109.05
N LYS W 193 10.52 -42.08 -108.00
CA LYS W 193 10.82 -42.75 -106.74
C LYS W 193 10.10 -44.09 -106.63
N SER X 19 -55.46 7.64 -89.97
CA SER X 19 -54.06 7.34 -90.23
C SER X 19 -53.58 8.08 -91.48
N GLN X 20 -53.65 9.41 -91.44
CA GLN X 20 -53.27 10.23 -92.58
C GLN X 20 -51.80 10.65 -92.47
N TYR X 21 -51.28 11.20 -93.56
CA TYR X 21 -49.91 11.66 -93.62
C TYR X 21 -49.85 13.00 -94.33
N ASN X 22 -48.80 13.76 -94.03
CA ASN X 22 -48.59 15.09 -94.62
C ASN X 22 -47.10 15.40 -94.59
N PRO X 23 -46.31 14.69 -95.38
CA PRO X 23 -44.86 14.98 -95.41
C PRO X 23 -44.59 16.43 -95.73
N VAL X 24 -43.78 17.08 -94.90
CA VAL X 24 -43.57 18.52 -95.03
C VAL X 24 -42.41 18.70 -96.01
N ILE X 25 -42.73 18.55 -97.29
CA ILE X 25 -41.91 19.05 -98.38
C ILE X 25 -42.81 19.75 -99.39
N ASP X 26 -44.12 19.48 -99.29
CA ASP X 26 -45.11 20.07 -100.18
C ASP X 26 -44.67 19.96 -101.64
N THR X 27 -44.11 18.80 -101.99
CA THR X 27 -43.61 18.54 -103.33
C THR X 27 -44.19 17.23 -103.84
N ASN X 28 -44.71 17.25 -105.05
CA ASN X 28 -45.27 16.05 -105.66
C ASN X 28 -45.10 16.11 -107.17
N ILE X 29 -45.07 14.93 -107.78
CA ILE X 29 -44.94 14.78 -109.22
C ILE X 29 -46.12 13.91 -109.67
N SER X 30 -47.11 14.53 -110.29
CA SER X 30 -48.30 13.83 -110.72
C SER X 30 -48.18 13.41 -112.18
N PHE X 31 -48.95 12.38 -112.54
CA PHE X 31 -48.95 11.81 -113.88
C PHE X 31 -50.31 12.08 -114.51
N TYR X 32 -50.30 12.73 -115.67
CA TYR X 32 -51.54 13.09 -116.35
C TYR X 32 -52.22 11.82 -116.87
N GLU X 33 -53.47 11.61 -116.48
CA GLU X 33 -54.26 10.54 -117.07
C GLU X 33 -54.61 10.85 -118.52
N SER X 34 -54.52 12.11 -118.93
CA SER X 34 -54.78 12.51 -120.31
C SER X 34 -53.53 12.38 -121.17
N ASP X 35 -52.90 11.21 -121.09
CA ASP X 35 -51.76 10.86 -121.94
C ASP X 35 -51.99 9.50 -122.59
N ARG X 36 -53.24 9.07 -122.69
CA ARG X 36 -53.59 7.76 -123.21
C ARG X 36 -53.16 7.55 -124.65
N GLY X 37 -52.73 8.60 -125.35
CA GLY X 37 -52.40 8.51 -126.76
C GLY X 37 -50.90 8.67 -126.99
N THR X 38 -50.35 7.74 -127.78
CA THR X 38 -48.97 7.81 -128.26
C THR X 38 -47.95 7.79 -127.14
N GLY X 39 -48.35 7.40 -125.93
CA GLY X 39 -47.40 7.27 -124.84
C GLY X 39 -46.57 8.52 -124.60
N VAL X 40 -47.18 9.69 -124.75
CA VAL X 40 -46.50 10.96 -124.45
C VAL X 40 -46.69 11.22 -122.96
N LEU X 41 -45.75 10.69 -122.17
CA LEU X 41 -45.86 10.80 -120.72
C LEU X 41 -45.72 12.26 -120.31
N ASN X 42 -46.83 12.87 -119.90
CA ASN X 42 -46.86 14.29 -119.55
C ASN X 42 -47.07 14.39 -118.04
N PHE X 43 -45.97 14.56 -117.31
CA PHE X 43 -46.02 14.72 -115.88
C PHE X 43 -46.15 16.19 -115.50
N ALA X 44 -46.58 16.43 -114.27
CA ALA X 44 -46.71 17.77 -113.73
C ALA X 44 -46.06 17.82 -112.35
N VAL X 45 -45.60 19.01 -111.97
CA VAL X 45 -44.94 19.22 -110.69
C VAL X 45 -45.83 20.12 -109.84
N THR X 46 -45.84 19.88 -108.53
CA THR X 46 -46.58 20.70 -107.58
C THR X 46 -45.69 20.96 -106.38
N LYS X 47 -45.44 22.24 -106.10
CA LYS X 47 -44.59 22.66 -104.99
C LYS X 47 -45.39 23.65 -104.15
N ASN X 48 -45.80 23.22 -102.97
CA ASN X 48 -46.66 24.04 -102.10
C ASN X 48 -47.97 24.36 -102.83
N ASN X 49 -48.60 23.32 -103.37
CA ASN X 49 -49.82 23.47 -104.16
C ASN X 49 -49.62 24.50 -105.27
N ARG X 50 -48.45 24.46 -105.92
CA ARG X 50 -48.09 25.44 -106.92
C ARG X 50 -47.25 24.75 -108.00
N PRO X 51 -47.52 24.99 -109.28
CA PRO X 51 -46.63 24.45 -110.33
C PRO X 51 -45.29 25.15 -110.30
N LEU X 52 -44.24 24.41 -109.99
CA LEU X 52 -42.91 24.97 -109.82
C LEU X 52 -42.24 25.21 -111.16
N SER X 53 -41.83 26.44 -111.40
CA SER X 53 -41.06 26.76 -112.60
C SER X 53 -39.66 26.15 -112.50
N ILE X 54 -39.27 25.42 -113.55
CA ILE X 54 -38.01 24.70 -113.57
C ILE X 54 -37.12 25.26 -114.66
N SER X 55 -35.84 24.92 -114.57
CA SER X 55 -34.86 25.24 -115.60
C SER X 55 -33.89 24.07 -115.74
N SER X 56 -33.18 24.04 -116.88
CA SER X 56 -32.23 22.96 -117.11
C SER X 56 -31.21 22.85 -115.99
N GLU X 57 -30.80 23.98 -115.42
CA GLU X 57 -29.82 23.98 -114.34
C GLU X 57 -30.46 23.92 -112.97
N HIS X 58 -31.66 24.48 -112.81
CA HIS X 58 -32.28 24.55 -111.50
C HIS X 58 -32.55 23.17 -110.91
N VAL X 59 -33.04 22.24 -111.73
CA VAL X 59 -33.53 20.95 -111.27
C VAL X 59 -32.88 19.85 -112.09
N LYS X 60 -33.29 18.61 -111.81
CA LYS X 60 -32.88 17.47 -112.61
C LYS X 60 -33.99 16.43 -112.57
N THR X 61 -33.97 15.55 -113.58
CA THR X 61 -35.05 14.61 -113.80
C THR X 61 -34.48 13.28 -114.29
N PHE X 62 -35.30 12.25 -114.20
CA PHE X 62 -34.88 10.91 -114.63
C PHE X 62 -36.11 10.02 -114.66
N ILE X 63 -36.08 9.02 -115.54
CA ILE X 63 -37.17 8.06 -115.64
C ILE X 63 -36.60 6.72 -116.03
N VAL X 64 -37.17 5.66 -115.46
CA VAL X 64 -36.80 4.29 -115.76
C VAL X 64 -38.08 3.50 -116.03
N LEU X 65 -38.02 2.60 -117.00
CA LEU X 65 -39.18 1.80 -117.37
C LEU X 65 -38.74 0.37 -117.62
N LYS X 66 -39.48 -0.58 -117.05
CA LYS X 66 -39.24 -2.00 -117.27
C LYS X 66 -40.55 -2.68 -117.58
N THR X 67 -40.55 -3.54 -118.60
CA THR X 67 -41.76 -4.22 -119.04
C THR X 67 -42.23 -5.22 -118.00
N ASP X 68 -43.30 -5.95 -118.32
CA ASP X 68 -43.78 -6.99 -117.43
C ASP X 68 -42.68 -8.02 -117.19
N ASP X 69 -42.95 -8.97 -116.31
CA ASP X 69 -41.90 -9.83 -115.79
C ASP X 69 -41.36 -10.79 -116.84
N TYR X 70 -40.74 -10.25 -117.88
CA TYR X 70 -39.92 -11.06 -118.77
C TYR X 70 -38.86 -11.77 -117.96
N ASN X 71 -38.57 -13.02 -118.32
CA ASN X 71 -37.59 -13.77 -117.55
C ASN X 71 -36.22 -13.09 -117.64
N VAL X 72 -35.56 -13.14 -118.79
CA VAL X 72 -34.41 -12.30 -119.07
C VAL X 72 -34.43 -11.80 -120.51
N ASP X 73 -35.26 -12.42 -121.35
CA ASP X 73 -35.05 -12.36 -122.79
C ASP X 73 -35.51 -11.03 -123.39
N ARG X 74 -36.75 -10.63 -123.14
CA ARG X 74 -37.32 -9.42 -123.72
C ARG X 74 -37.55 -8.42 -122.58
N GLY X 75 -36.50 -7.67 -122.26
CA GLY X 75 -36.58 -6.68 -121.20
C GLY X 75 -36.57 -5.26 -121.72
N ALA X 76 -37.73 -4.60 -121.71
CA ALA X 76 -37.82 -3.20 -122.09
C ALA X 76 -37.32 -2.35 -120.92
N TYR X 77 -36.03 -2.50 -120.64
CA TYR X 77 -35.37 -1.83 -119.53
C TYR X 77 -34.69 -0.57 -120.07
N ILE X 78 -35.40 0.56 -119.98
CA ILE X 78 -34.92 1.82 -120.52
C ILE X 78 -34.76 2.81 -119.39
N SER X 79 -33.83 3.75 -119.57
CA SER X 79 -33.57 4.79 -118.59
C SER X 79 -33.15 6.04 -119.34
N ASP X 80 -33.89 7.13 -119.12
CA ASP X 80 -33.61 8.37 -119.85
C ASP X 80 -34.11 9.56 -119.06
N GLU X 81 -33.61 10.73 -119.44
CA GLU X 81 -34.00 11.97 -118.78
C GLU X 81 -35.36 12.41 -119.30
N LEU X 82 -35.79 13.61 -118.91
CA LEU X 82 -37.09 14.15 -119.27
C LEU X 82 -36.92 15.18 -120.39
N THR X 83 -38.06 15.69 -120.85
CA THR X 83 -38.10 16.79 -121.81
C THR X 83 -38.99 17.89 -121.24
N ILE X 84 -38.43 19.09 -121.12
CA ILE X 84 -39.13 20.23 -120.55
C ILE X 84 -40.07 20.79 -121.61
N VAL X 85 -41.33 20.39 -121.55
CA VAL X 85 -42.31 20.89 -122.51
C VAL X 85 -42.78 22.29 -122.12
N ASP X 86 -43.02 22.52 -120.82
CA ASP X 86 -43.44 23.82 -120.34
C ASP X 86 -43.05 23.93 -118.87
N ALA X 87 -41.96 24.64 -118.59
CA ALA X 87 -41.47 24.76 -117.22
C ALA X 87 -42.29 25.78 -116.44
N ILE X 88 -42.42 26.99 -116.99
CA ILE X 88 -43.17 28.05 -116.32
C ILE X 88 -44.55 27.55 -115.92
N ASN X 89 -45.13 26.62 -116.68
CA ASN X 89 -46.40 26.03 -116.28
C ASN X 89 -46.20 24.79 -115.41
N GLY X 90 -45.04 24.17 -115.49
CA GLY X 90 -44.73 23.04 -114.63
C GLY X 90 -44.99 21.68 -115.23
N ARG X 91 -44.93 21.54 -116.54
CA ARG X 91 -45.17 20.27 -117.21
C ARG X 91 -43.87 19.73 -117.79
N LEU X 92 -43.75 18.40 -117.76
CA LEU X 92 -42.57 17.71 -118.26
C LEU X 92 -43.02 16.60 -119.19
N GLN X 93 -42.62 16.68 -120.45
CA GLN X 93 -42.99 15.70 -121.45
C GLN X 93 -41.89 14.67 -121.62
N TYR X 94 -42.31 13.44 -121.95
CA TYR X 94 -41.38 12.38 -122.30
C TYR X 94 -42.00 11.59 -123.44
N VAL X 95 -41.37 11.64 -124.60
CA VAL X 95 -41.87 10.92 -125.77
C VAL X 95 -41.39 9.48 -125.70
N ILE X 96 -42.32 8.54 -125.80
CA ILE X 96 -41.98 7.13 -125.66
C ILE X 96 -41.30 6.65 -126.95
N PRO X 97 -40.14 6.01 -126.86
CA PRO X 97 -39.50 5.48 -128.08
C PRO X 97 -40.38 4.42 -128.73
N ASN X 98 -40.48 4.49 -130.05
CA ASN X 98 -41.27 3.51 -130.79
C ASN X 98 -40.76 2.09 -130.53
N GLU X 99 -39.44 1.93 -130.45
CA GLU X 99 -38.88 0.60 -130.20
C GLU X 99 -39.30 0.06 -128.85
N PHE X 100 -39.63 0.94 -127.90
CA PHE X 100 -39.99 0.50 -126.56
C PHE X 100 -41.45 0.04 -126.50
N LEU X 101 -42.36 0.83 -127.06
CA LEU X 101 -43.78 0.53 -126.94
C LEU X 101 -44.18 -0.74 -127.68
N LYS X 102 -43.26 -1.36 -128.43
CA LYS X 102 -43.57 -2.63 -129.06
C LYS X 102 -43.91 -3.70 -128.02
N HIS X 103 -43.34 -3.58 -126.82
CA HIS X 103 -43.60 -4.53 -125.75
C HIS X 103 -44.97 -4.21 -125.15
N SER X 104 -45.98 -4.98 -125.55
CA SER X 104 -47.33 -4.76 -125.06
C SER X 104 -47.52 -5.17 -123.61
N GLY X 105 -46.47 -5.62 -122.92
CA GLY X 105 -46.60 -5.99 -121.53
C GLY X 105 -46.69 -4.77 -120.64
N LYS X 106 -47.35 -4.94 -119.50
CA LYS X 106 -47.50 -3.85 -118.55
C LYS X 106 -46.13 -3.31 -118.15
N VAL X 107 -45.88 -2.05 -118.47
CA VAL X 107 -44.57 -1.44 -118.24
C VAL X 107 -44.62 -0.68 -116.92
N HIS X 108 -43.96 -1.22 -115.91
CA HIS X 108 -43.74 -0.50 -114.68
C HIS X 108 -42.77 0.65 -114.92
N ALA X 109 -42.98 1.75 -114.20
CA ALA X 109 -42.26 2.99 -114.41
C ALA X 109 -41.90 3.61 -113.08
N GLN X 110 -40.72 4.21 -113.04
CA GLN X 110 -40.21 4.92 -111.87
C GLN X 110 -39.67 6.26 -112.35
N ALA X 111 -40.37 7.34 -112.02
CA ALA X 111 -39.92 8.69 -112.29
C ALA X 111 -39.20 9.25 -111.08
N PHE X 112 -38.26 10.16 -111.32
CA PHE X 112 -37.51 10.80 -110.27
C PHE X 112 -37.32 12.26 -110.64
N PHE X 113 -37.76 13.16 -109.76
CA PHE X 113 -37.57 14.59 -109.93
C PHE X 113 -36.81 15.14 -108.74
N THR X 114 -35.98 16.16 -108.99
CA THR X 114 -35.15 16.69 -107.92
C THR X 114 -35.00 18.19 -108.13
N GLN X 115 -35.30 18.96 -107.09
CA GLN X 115 -35.35 20.41 -107.19
C GLN X 115 -33.99 21.07 -107.03
N ASN X 116 -33.13 20.54 -106.16
CA ASN X 116 -31.85 21.16 -105.85
C ASN X 116 -32.05 22.60 -105.37
N GLY X 117 -32.94 22.74 -104.39
CA GLY X 117 -33.21 24.04 -103.80
C GLY X 117 -32.70 24.11 -102.37
N SER X 118 -31.52 23.54 -102.13
CA SER X 118 -30.91 23.44 -100.81
C SER X 118 -31.66 22.47 -99.91
N ASP X 119 -32.55 21.65 -100.48
CA ASP X 119 -33.27 20.63 -99.74
C ASP X 119 -33.01 19.29 -100.41
N ASN X 120 -32.75 18.26 -99.61
CA ASN X 120 -32.40 16.95 -100.14
C ASN X 120 -33.64 16.17 -100.52
N VAL X 121 -34.51 16.78 -101.33
CA VAL X 121 -35.72 16.14 -101.79
C VAL X 121 -35.47 15.51 -103.15
N VAL X 122 -35.75 14.23 -103.27
CA VAL X 122 -35.69 13.51 -104.54
C VAL X 122 -36.98 12.71 -104.62
N VAL X 123 -38.00 13.28 -105.25
CA VAL X 123 -39.32 12.68 -105.27
C VAL X 123 -39.36 11.58 -106.32
N GLU X 124 -39.74 10.39 -105.89
CA GLU X 124 -39.84 9.22 -106.76
C GLU X 124 -41.30 8.82 -106.90
N ARG X 125 -41.69 8.48 -108.13
CA ARG X 125 -43.06 8.09 -108.45
C ARG X 125 -43.04 6.72 -109.09
N GLN X 126 -43.60 5.73 -108.40
CA GLN X 126 -43.70 4.37 -108.90
C GLN X 126 -45.11 4.12 -109.41
N PHE X 127 -45.22 3.64 -110.64
CA PHE X 127 -46.53 3.37 -111.23
C PHE X 127 -46.36 2.36 -112.36
N SER X 128 -47.40 2.20 -113.17
CA SER X 128 -47.38 1.26 -114.28
C SER X 128 -48.60 1.54 -115.15
N PHE X 129 -48.75 0.75 -116.19
CA PHE X 129 -49.90 0.84 -117.11
C PHE X 129 -49.91 -0.43 -117.96
N ASN X 130 -50.77 -0.44 -118.98
CA ASN X 130 -50.96 -1.62 -119.82
C ASN X 130 -50.61 -1.31 -121.27
N ILE X 131 -49.45 -0.68 -121.48
CA ILE X 131 -49.02 -0.25 -122.80
C ILE X 131 -49.28 -1.33 -123.84
N GLU X 132 -49.81 -0.92 -124.99
CA GLU X 132 -50.08 -1.81 -126.11
C GLU X 132 -49.04 -1.59 -127.20
N ASN X 133 -48.92 -2.57 -128.10
CA ASN X 133 -47.93 -2.50 -129.16
C ASN X 133 -48.08 -1.25 -130.02
N ASP X 134 -49.24 -0.60 -130.00
CA ASP X 134 -49.46 0.60 -130.80
C ASP X 134 -49.11 1.87 -130.02
N LEU X 135 -49.58 1.97 -128.77
CA LEU X 135 -49.26 3.11 -127.92
C LEU X 135 -49.75 2.79 -126.52
N VAL X 136 -49.61 3.77 -125.62
CA VAL X 136 -49.95 3.57 -124.22
C VAL X 136 -51.43 3.24 -124.09
N SER X 137 -51.72 2.15 -123.37
CA SER X 137 -53.09 1.70 -123.17
C SER X 137 -53.27 1.34 -121.70
N GLY X 138 -54.50 1.50 -121.22
CA GLY X 138 -54.81 1.22 -119.84
C GLY X 138 -53.86 1.93 -118.89
N PHE X 139 -53.90 3.26 -118.88
CA PHE X 139 -53.03 4.07 -118.03
C PHE X 139 -53.52 4.04 -116.58
N ASP X 140 -53.53 2.84 -116.02
CA ASP X 140 -54.07 2.56 -114.70
C ASP X 140 -52.97 2.02 -113.80
N GLY X 141 -53.36 1.58 -112.62
CA GLY X 141 -52.43 1.05 -111.63
C GLY X 141 -52.35 1.98 -110.44
N ILE X 142 -52.30 1.39 -109.25
CA ILE X 142 -52.19 2.18 -108.03
C ILE X 142 -50.81 2.81 -107.99
N THR X 143 -50.74 4.11 -108.23
CA THR X 143 -49.48 4.83 -108.27
C THR X 143 -49.12 5.30 -106.87
N LYS X 144 -47.86 5.13 -106.50
CA LYS X 144 -47.37 5.57 -105.20
C LYS X 144 -46.18 6.50 -105.39
N LEU X 145 -45.84 7.21 -104.33
CA LEU X 145 -44.73 8.15 -104.35
C LEU X 145 -43.95 8.04 -103.05
N VAL X 146 -42.65 8.26 -103.14
CA VAL X 146 -41.74 8.24 -102.00
C VAL X 146 -40.78 9.41 -102.12
N TYR X 147 -40.03 9.64 -101.05
CA TYR X 147 -39.09 10.74 -100.95
C TYR X 147 -37.76 10.19 -100.45
N ILE X 148 -36.73 10.28 -101.29
CA ILE X 148 -35.40 9.81 -100.92
C ILE X 148 -34.73 10.89 -100.10
N LYS X 149 -34.92 10.84 -98.78
CA LYS X 149 -34.45 11.86 -97.86
C LYS X 149 -33.40 11.29 -96.92
N SER X 150 -32.57 10.39 -97.44
CA SER X 150 -31.53 9.76 -96.65
C SER X 150 -30.64 8.97 -97.59
N ILE X 151 -29.34 8.99 -97.33
CA ILE X 151 -28.44 8.26 -98.22
C ILE X 151 -28.30 6.83 -97.70
N GLN X 152 -29.36 6.04 -97.87
CA GLN X 152 -29.26 4.59 -97.96
C GLN X 152 -30.22 4.01 -98.99
N ASP X 153 -31.32 4.68 -99.32
CA ASP X 153 -32.30 4.18 -100.27
C ASP X 153 -32.01 4.64 -101.69
N THR X 154 -31.07 5.58 -101.87
CA THR X 154 -30.51 5.78 -103.20
C THR X 154 -29.95 4.46 -103.73
N ILE X 155 -29.37 3.66 -102.84
CA ILE X 155 -28.97 2.31 -103.20
C ILE X 155 -30.19 1.41 -103.33
N GLU X 156 -31.22 1.65 -102.52
CA GLU X 156 -32.42 0.84 -102.52
C GLU X 156 -33.45 1.28 -103.54
N ALA X 157 -33.33 2.50 -104.09
CA ALA X 157 -34.27 2.95 -105.09
C ALA X 157 -34.30 1.99 -106.27
N VAL X 158 -33.16 1.84 -106.96
CA VAL X 158 -33.01 0.82 -107.98
C VAL X 158 -32.39 -0.46 -107.42
N GLY X 159 -32.16 -0.51 -106.11
CA GLY X 159 -31.50 -1.65 -105.51
C GLY X 159 -32.21 -2.97 -105.75
N LYS X 160 -33.52 -2.94 -106.04
CA LYS X 160 -34.24 -4.18 -106.27
C LYS X 160 -33.68 -4.92 -107.48
N ASP X 161 -33.79 -4.31 -108.67
CA ASP X 161 -33.28 -4.95 -109.88
C ASP X 161 -31.76 -5.05 -109.86
N PHE X 162 -31.10 -4.09 -109.22
CA PHE X 162 -29.65 -4.15 -109.10
C PHE X 162 -29.22 -5.43 -108.38
N ASN X 163 -29.76 -5.66 -107.18
CA ASN X 163 -29.45 -6.88 -106.45
C ASN X 163 -29.97 -8.11 -107.16
N GLN X 164 -31.06 -7.99 -107.91
CA GLN X 164 -31.55 -9.13 -108.69
C GLN X 164 -30.49 -9.57 -109.70
N LEU X 165 -29.98 -8.63 -110.49
CA LEU X 165 -28.93 -8.96 -111.46
C LEU X 165 -27.66 -9.42 -110.75
N LYS X 166 -27.35 -8.83 -109.60
CA LYS X 166 -26.19 -9.28 -108.85
C LYS X 166 -26.32 -10.74 -108.44
N GLN X 167 -27.50 -11.12 -107.96
CA GLN X 167 -27.72 -12.51 -107.57
C GLN X 167 -27.76 -13.43 -108.78
N ASN X 168 -28.23 -12.95 -109.93
CA ASN X 168 -28.17 -13.75 -111.14
C ASN X 168 -26.72 -14.01 -111.55
N MET X 169 -25.89 -12.97 -111.50
CA MET X 169 -24.48 -13.14 -111.78
C MET X 169 -23.84 -14.11 -110.78
N ALA X 170 -24.23 -14.02 -109.51
CA ALA X 170 -23.69 -14.94 -108.51
C ALA X 170 -24.15 -16.37 -108.76
N ASP X 171 -25.38 -16.56 -109.24
CA ASP X 171 -25.84 -17.90 -109.57
C ASP X 171 -25.06 -18.49 -110.73
N THR X 172 -24.84 -17.69 -111.78
CA THR X 172 -23.99 -18.16 -112.87
C THR X 172 -22.59 -18.47 -112.36
N GLN X 173 -22.08 -17.64 -111.45
CA GLN X 173 -20.74 -17.85 -110.91
C GLN X 173 -20.66 -19.16 -110.13
N THR X 174 -21.68 -19.47 -109.34
CA THR X 174 -21.65 -20.70 -108.56
C THR X 174 -21.86 -21.92 -109.46
N LEU X 175 -22.63 -21.78 -110.54
CA LEU X 175 -22.72 -22.87 -111.51
C LEU X 175 -21.36 -23.13 -112.14
N ILE X 176 -20.66 -22.07 -112.54
CA ILE X 176 -19.31 -22.23 -113.08
C ILE X 176 -18.39 -22.85 -112.05
N ALA X 177 -18.53 -22.44 -110.79
CA ALA X 177 -17.68 -22.99 -109.74
C ALA X 177 -17.95 -24.47 -109.52
N LYS X 178 -19.21 -24.89 -109.65
CA LYS X 178 -19.52 -26.31 -109.53
C LYS X 178 -18.96 -27.08 -110.72
N VAL X 179 -19.06 -26.52 -111.93
CA VAL X 179 -18.48 -27.17 -113.10
C VAL X 179 -16.97 -27.30 -112.95
N ASN X 180 -16.34 -26.34 -112.27
CA ASN X 180 -14.91 -26.40 -112.05
C ASN X 180 -14.55 -27.39 -110.94
N ASP X 181 -15.36 -27.43 -109.88
CA ASP X 181 -15.12 -28.39 -108.81
C ASP X 181 -15.33 -29.81 -109.29
N SER X 182 -16.17 -30.01 -110.30
CA SER X 182 -16.35 -31.34 -110.86
C SER X 182 -15.03 -31.95 -111.29
N ALA X 183 -14.09 -31.12 -111.76
CA ALA X 183 -12.76 -31.58 -112.16
C ALA X 183 -11.70 -31.36 -111.08
N THR X 184 -11.91 -30.39 -110.18
CA THR X 184 -11.03 -30.28 -109.03
C THR X 184 -11.11 -31.54 -108.18
N LYS X 185 -12.30 -32.14 -108.10
CA LYS X 185 -12.44 -33.41 -107.40
C LYS X 185 -11.66 -34.51 -108.10
N GLY X 186 -11.65 -34.48 -109.44
CA GLY X 186 -10.82 -35.42 -110.16
C GLY X 186 -9.34 -35.21 -109.90
N ILE X 187 -8.92 -33.95 -109.77
CA ILE X 187 -7.54 -33.65 -109.39
C ILE X 187 -7.23 -34.24 -108.02
N GLN X 188 -8.16 -34.09 -107.08
CA GLN X 188 -7.96 -34.66 -105.75
C GLN X 188 -7.85 -36.17 -105.81
N GLN X 189 -8.74 -36.82 -106.57
CA GLN X 189 -8.68 -38.26 -106.72
C GLN X 189 -7.36 -38.69 -107.34
N ILE X 190 -6.88 -37.94 -108.33
CA ILE X 190 -5.62 -38.27 -108.98
C ILE X 190 -4.47 -38.19 -107.98
N GLU X 191 -4.36 -37.06 -107.29
CA GLU X 191 -3.24 -36.89 -106.36
C GLU X 191 -3.28 -37.94 -105.27
N ILE X 192 -4.48 -38.27 -104.76
CA ILE X 192 -4.56 -39.22 -103.66
C ILE X 192 -4.24 -40.64 -104.14
N LYS X 193 -4.76 -41.02 -105.31
CA LYS X 193 -4.45 -42.35 -105.84
C LYS X 193 -2.96 -42.48 -106.12
N GLN X 194 -2.32 -41.41 -106.58
CA GLN X 194 -0.88 -41.48 -106.84
C GLN X 194 -0.10 -41.55 -105.53
N ASN X 195 -0.48 -40.75 -104.53
CA ASN X 195 0.18 -40.82 -103.24
C ASN X 195 0.01 -42.19 -102.59
N GLU X 196 -1.11 -42.87 -102.88
CA GLU X 196 -1.31 -44.22 -102.35
C GLU X 196 -0.49 -45.24 -103.14
N ALA X 197 -0.37 -45.04 -104.45
CA ALA X 197 0.37 -46.00 -105.28
C ALA X 197 1.86 -45.94 -104.99
N ILE X 198 2.41 -44.74 -104.76
CA ILE X 198 3.84 -44.62 -104.51
C ILE X 198 4.23 -45.41 -103.26
N GLN X 199 3.31 -45.57 -102.32
CA GLN X 199 3.59 -46.32 -101.10
C GLN X 199 4.03 -47.74 -101.41
N VAL Y 3 25.84 20.87 -84.70
CA VAL Y 3 26.22 19.49 -84.40
C VAL Y 3 27.45 19.48 -83.51
N ASP Y 4 28.36 20.40 -83.75
CA ASP Y 4 29.60 20.48 -82.98
C ASP Y 4 29.29 20.85 -81.53
N ASN Y 5 30.33 20.86 -80.72
CA ASN Y 5 30.20 21.29 -79.33
C ASN Y 5 30.49 22.78 -79.18
N PHE Y 6 29.85 23.57 -80.05
CA PHE Y 6 29.94 25.02 -79.99
C PHE Y 6 28.60 25.72 -80.19
N SER Y 7 27.61 25.07 -80.76
CA SER Y 7 26.33 25.71 -81.03
C SER Y 7 25.57 25.92 -79.73
N LYS Y 8 24.35 26.46 -79.86
CA LYS Y 8 23.49 26.61 -78.70
C LYS Y 8 23.02 25.26 -78.19
N ASP Y 9 22.27 24.53 -79.02
CA ASP Y 9 21.82 23.16 -78.74
C ASP Y 9 21.42 22.99 -77.27
N ASP Y 10 20.54 23.87 -76.81
CA ASP Y 10 19.98 23.80 -75.48
C ASP Y 10 18.46 23.89 -75.53
N ASN Y 11 17.87 23.19 -76.50
CA ASN Y 11 16.43 23.23 -76.73
C ASN Y 11 15.97 21.83 -77.10
N LEU Y 12 15.06 21.27 -76.31
CA LEU Y 12 14.48 19.96 -76.56
C LEU Y 12 13.00 20.13 -76.84
N ILE Y 13 12.61 19.92 -78.08
CA ILE Y 13 11.23 20.10 -78.52
C ILE Y 13 10.54 18.74 -78.54
N GLU Y 14 9.32 18.68 -78.03
CA GLU Y 14 8.55 17.45 -77.91
C GLU Y 14 7.50 17.45 -79.02
N LEU Y 15 7.89 16.95 -80.20
CA LEU Y 15 6.98 16.83 -81.33
C LEU Y 15 6.28 15.48 -81.22
N GLN Y 16 5.09 15.47 -80.65
CA GLN Y 16 4.34 14.25 -80.41
C GLN Y 16 3.28 14.07 -81.48
N THR Y 17 3.28 12.91 -82.13
CA THR Y 17 2.30 12.58 -83.17
C THR Y 17 1.00 12.16 -82.49
N THR Y 18 0.28 13.15 -81.98
CA THR Y 18 -0.98 12.94 -81.28
C THR Y 18 -2.11 13.56 -82.06
N SER Y 19 -3.10 12.75 -82.41
CA SER Y 19 -4.25 13.24 -83.16
C SER Y 19 -5.21 14.03 -82.29
N GLN Y 20 -5.06 13.98 -80.97
CA GLN Y 20 -6.01 14.65 -80.09
C GLN Y 20 -5.98 16.15 -80.30
N TYR Y 21 -4.86 16.80 -79.97
CA TYR Y 21 -4.74 18.23 -80.19
C TYR Y 21 -3.32 18.67 -79.90
N ASN Y 22 -2.84 19.62 -80.68
CA ASN Y 22 -1.50 20.18 -80.56
C ASN Y 22 -1.52 21.58 -81.16
N PRO Y 23 -2.10 22.54 -80.46
CA PRO Y 23 -2.42 23.83 -81.11
C PRO Y 23 -1.20 24.56 -81.66
N VAL Y 24 -0.29 24.97 -80.78
CA VAL Y 24 0.90 25.71 -81.19
C VAL Y 24 1.84 25.78 -79.99
N ILE Y 25 3.13 25.94 -80.26
CA ILE Y 25 4.14 26.14 -79.23
C ILE Y 25 4.74 27.52 -79.42
N ASP Y 26 4.55 28.39 -78.43
CA ASP Y 26 5.22 29.69 -78.40
C ASP Y 26 6.57 29.52 -77.70
N THR Y 27 7.45 28.77 -78.37
CA THR Y 27 8.71 28.37 -77.78
C THR Y 27 9.46 29.55 -77.20
N ASN Y 28 10.15 29.31 -76.09
CA ASN Y 28 10.99 30.30 -75.42
C ASN Y 28 12.42 30.04 -75.88
N ILE Y 29 12.83 30.74 -76.93
CA ILE Y 29 14.10 30.47 -77.59
C ILE Y 29 14.47 31.66 -78.45
N SER Y 30 15.78 31.88 -78.62
CA SER Y 30 16.28 33.00 -79.40
C SER Y 30 17.60 32.62 -80.04
N PHE Y 31 17.99 33.39 -81.05
CA PHE Y 31 19.26 33.17 -81.74
C PHE Y 31 20.06 34.44 -82.00
N TYR Y 32 19.47 35.63 -81.86
CA TYR Y 32 20.15 36.92 -81.87
C TYR Y 32 20.64 37.34 -83.26
N GLU Y 33 20.26 36.63 -84.32
CA GLU Y 33 20.34 37.15 -85.69
C GLU Y 33 21.77 37.24 -86.21
N SER Y 34 22.76 37.02 -85.35
CA SER Y 34 24.15 37.16 -85.75
C SER Y 34 24.94 35.86 -85.65
N ASP Y 35 24.35 34.81 -85.09
CA ASP Y 35 25.03 33.52 -85.05
C ASP Y 35 25.38 33.09 -86.45
N ARG Y 36 24.36 32.83 -87.28
CA ARG Y 36 24.51 32.66 -88.71
C ARG Y 36 25.45 31.53 -89.09
N GLY Y 37 26.01 30.83 -88.10
CA GLY Y 37 26.86 29.70 -88.37
C GLY Y 37 26.49 28.46 -87.58
N THR Y 38 25.78 28.66 -86.47
CA THR Y 38 25.37 27.56 -85.60
C THR Y 38 24.04 27.91 -84.95
N GLY Y 39 22.96 27.49 -85.59
CA GLY Y 39 21.66 27.45 -84.95
C GLY Y 39 21.12 26.04 -85.02
N VAL Y 40 21.04 25.37 -83.87
CA VAL Y 40 20.71 23.96 -83.81
C VAL Y 40 19.40 23.79 -83.07
N LEU Y 41 18.52 22.97 -83.62
CA LEU Y 41 17.25 22.63 -83.00
C LEU Y 41 17.22 21.13 -82.78
N ASN Y 42 17.07 20.71 -81.52
CA ASN Y 42 17.08 19.30 -81.15
C ASN Y 42 15.64 18.86 -80.92
N PHE Y 43 14.99 18.38 -81.98
CA PHE Y 43 13.64 17.85 -81.88
C PHE Y 43 13.66 16.46 -81.28
N ALA Y 44 12.67 16.18 -80.45
CA ALA Y 44 12.32 14.82 -80.07
C ALA Y 44 11.06 14.40 -80.83
N VAL Y 45 10.73 13.12 -80.72
CA VAL Y 45 9.55 12.57 -81.37
C VAL Y 45 8.92 11.54 -80.45
N THR Y 46 7.59 11.54 -80.40
CA THR Y 46 6.85 10.59 -79.58
C THR Y 46 5.51 10.31 -80.22
N LYS Y 47 4.96 9.14 -79.91
CA LYS Y 47 3.65 8.76 -80.45
C LYS Y 47 2.53 9.16 -79.49
N ASN Y 48 2.53 8.59 -78.29
CA ASN Y 48 1.65 9.02 -77.21
C ASN Y 48 2.44 9.53 -76.02
N ASN Y 49 3.34 8.72 -75.48
CA ASN Y 49 4.28 9.17 -74.46
C ASN Y 49 5.66 8.55 -74.59
N ARG Y 50 5.90 7.76 -75.64
CA ARG Y 50 7.16 7.05 -75.84
C ARG Y 50 7.82 7.52 -77.12
N PRO Y 51 9.14 7.39 -77.22
CA PRO Y 51 9.83 7.81 -78.44
C PRO Y 51 9.56 6.87 -79.61
N LEU Y 52 9.77 7.39 -80.81
CA LEU Y 52 9.58 6.64 -82.03
C LEU Y 52 10.89 6.01 -82.49
N SER Y 53 10.77 5.07 -83.43
CA SER Y 53 11.91 4.38 -84.03
C SER Y 53 11.85 4.61 -85.52
N ILE Y 54 12.50 5.67 -85.99
CA ILE Y 54 12.48 6.07 -87.39
C ILE Y 54 13.90 6.00 -87.94
N SER Y 55 14.06 5.32 -89.06
CA SER Y 55 15.35 5.10 -89.69
C SER Y 55 15.36 5.75 -91.07
N SER Y 56 16.53 5.70 -91.72
CA SER Y 56 16.67 6.30 -93.05
C SER Y 56 15.87 5.52 -94.09
N GLU Y 57 16.10 4.20 -94.18
CA GLU Y 57 15.29 3.38 -95.07
C GLU Y 57 13.81 3.53 -94.75
N HIS Y 58 13.49 3.77 -93.48
CA HIS Y 58 12.13 4.07 -93.07
C HIS Y 58 11.84 5.54 -93.39
N VAL Y 59 10.80 6.10 -92.80
CA VAL Y 59 10.33 7.45 -93.12
C VAL Y 59 11.49 8.41 -93.29
N LYS Y 60 11.43 9.23 -94.33
CA LYS Y 60 12.33 10.36 -94.48
C LYS Y 60 11.75 11.58 -93.77
N THR Y 61 12.64 12.50 -93.43
CA THR Y 61 12.27 13.65 -92.61
C THR Y 61 12.31 14.93 -93.44
N PHE Y 62 11.56 15.92 -92.97
CA PHE Y 62 11.53 17.23 -93.60
C PHE Y 62 11.08 18.25 -92.55
N ILE Y 63 11.59 19.46 -92.68
CA ILE Y 63 11.20 20.58 -91.83
C ILE Y 63 10.96 21.79 -92.72
N VAL Y 64 9.85 22.46 -92.50
CA VAL Y 64 9.50 23.68 -93.23
C VAL Y 64 9.65 24.86 -92.30
N LEU Y 65 10.30 25.90 -92.78
CA LEU Y 65 10.51 27.14 -92.04
C LEU Y 65 9.91 28.28 -92.85
N LYS Y 66 9.31 29.25 -92.15
CA LYS Y 66 8.60 30.33 -92.82
C LYS Y 66 8.57 31.53 -91.89
N THR Y 67 9.15 32.64 -92.30
CA THR Y 67 9.14 33.84 -91.48
C THR Y 67 7.70 34.28 -91.23
N ASP Y 68 7.56 35.23 -90.30
CA ASP Y 68 6.23 35.71 -89.93
C ASP Y 68 5.53 36.36 -91.13
N ASP Y 69 6.12 37.43 -91.64
CA ASP Y 69 5.55 38.18 -92.76
C ASP Y 69 6.20 37.65 -94.04
N TYR Y 70 5.61 36.61 -94.60
CA TYR Y 70 6.09 36.03 -95.84
C TYR Y 70 5.33 36.62 -97.03
N ASN Y 71 6.08 37.00 -98.07
CA ASN Y 71 5.49 37.53 -99.27
C ASN Y 71 6.43 37.26 -100.43
N VAL Y 72 5.85 37.07 -101.62
CA VAL Y 72 6.66 36.82 -102.81
C VAL Y 72 7.70 37.92 -102.98
N ASP Y 73 7.43 39.11 -102.44
CA ASP Y 73 8.37 40.22 -102.50
C ASP Y 73 9.24 40.30 -101.26
N ARG Y 74 8.73 39.89 -100.10
CA ARG Y 74 9.45 39.96 -98.84
C ARG Y 74 9.12 38.76 -97.99
N GLY Y 75 10.12 38.23 -97.31
CA GLY Y 75 9.94 37.16 -96.35
C GLY Y 75 10.93 36.05 -96.58
N ALA Y 76 10.54 34.84 -96.21
CA ALA Y 76 11.39 33.68 -96.34
C ALA Y 76 10.56 32.42 -96.13
N TYR Y 77 10.92 31.36 -96.85
CA TYR Y 77 10.22 30.09 -96.77
C TYR Y 77 11.05 29.01 -97.42
N ILE Y 78 11.32 27.91 -96.70
CA ILE Y 78 12.06 26.78 -97.25
C ILE Y 78 11.60 25.49 -96.59
N SER Y 79 12.03 24.38 -97.17
CA SER Y 79 11.76 23.04 -96.64
C SER Y 79 12.97 22.17 -96.91
N ASP Y 80 13.62 21.70 -95.85
CA ASP Y 80 14.87 20.94 -95.98
C ASP Y 80 14.80 19.74 -95.05
N GLU Y 81 15.95 19.08 -94.86
CA GLU Y 81 16.02 17.83 -94.11
C GLU Y 81 16.29 18.10 -92.63
N LEU Y 82 16.36 17.03 -91.85
CA LEU Y 82 16.50 17.12 -90.40
C LEU Y 82 17.84 16.62 -89.86
N THR Y 83 18.57 15.80 -90.61
CA THR Y 83 19.85 15.26 -90.15
C THR Y 83 19.67 14.45 -88.86
N ILE Y 84 18.95 13.34 -89.00
CA ILE Y 84 18.67 12.47 -87.87
C ILE Y 84 19.94 12.19 -87.09
N VAL Y 85 19.80 12.14 -85.77
CA VAL Y 85 20.92 11.83 -84.88
C VAL Y 85 20.78 10.40 -84.37
N ASP Y 86 19.69 10.12 -83.66
CA ASP Y 86 19.41 8.81 -83.10
C ASP Y 86 18.10 8.31 -83.66
N ALA Y 87 18.14 7.18 -84.37
CA ALA Y 87 16.96 6.57 -84.94
C ALA Y 87 16.17 5.74 -83.94
N ILE Y 88 16.58 5.74 -82.67
CA ILE Y 88 15.94 4.94 -81.63
C ILE Y 88 15.08 5.81 -80.71
N ASN Y 89 15.66 6.87 -80.16
CA ASN Y 89 14.94 7.78 -79.28
C ASN Y 89 14.30 8.94 -80.02
N GLY Y 90 14.41 8.98 -81.35
CA GLY Y 90 13.86 10.08 -82.11
C GLY Y 90 14.54 11.40 -81.78
N ARG Y 91 15.83 11.50 -82.08
CA ARG Y 91 16.61 12.70 -81.81
C ARG Y 91 17.01 13.31 -83.15
N LEU Y 92 16.46 14.49 -83.45
CA LEU Y 92 16.64 15.13 -84.75
C LEU Y 92 17.31 16.49 -84.54
N GLN Y 93 18.58 16.59 -84.86
CA GLN Y 93 19.30 17.85 -84.76
C GLN Y 93 19.31 18.51 -86.13
N TYR Y 94 18.65 19.66 -86.22
CA TYR Y 94 18.55 20.42 -87.47
C TYR Y 94 19.37 21.69 -87.34
N VAL Y 95 20.26 21.91 -88.31
CA VAL Y 95 21.09 23.11 -88.34
C VAL Y 95 20.36 24.16 -89.17
N ILE Y 96 20.04 25.29 -88.55
CA ILE Y 96 19.32 26.36 -89.22
C ILE Y 96 20.24 26.96 -90.29
N PRO Y 97 19.73 27.40 -91.43
CA PRO Y 97 20.60 27.93 -92.48
C PRO Y 97 21.23 29.25 -92.08
N ASN Y 98 22.23 29.64 -92.86
CA ASN Y 98 22.93 30.91 -92.67
C ASN Y 98 22.08 32.12 -93.04
N GLU Y 99 20.95 31.91 -93.73
CA GLU Y 99 20.19 33.02 -94.30
C GLU Y 99 19.17 33.59 -93.31
N PHE Y 100 18.26 32.73 -92.83
CA PHE Y 100 17.14 33.23 -92.03
C PHE Y 100 17.63 34.04 -90.84
N LEU Y 101 18.73 33.62 -90.22
CA LEU Y 101 19.28 34.37 -89.11
C LEU Y 101 19.66 35.80 -89.48
N LYS Y 102 19.68 36.12 -90.79
CA LYS Y 102 19.81 37.51 -91.20
C LYS Y 102 18.46 38.21 -91.23
N HIS Y 103 17.38 37.46 -91.44
CA HIS Y 103 16.02 38.02 -91.46
C HIS Y 103 15.52 38.07 -90.03
N SER Y 104 15.74 39.20 -89.37
CA SER Y 104 15.35 39.35 -87.98
C SER Y 104 13.85 39.13 -87.82
N GLY Y 105 13.43 39.03 -86.56
CA GLY Y 105 12.02 38.88 -86.23
C GLY Y 105 11.63 37.46 -85.86
N LYS Y 106 10.37 37.14 -86.07
CA LYS Y 106 9.82 35.82 -85.74
C LYS Y 106 9.84 34.92 -86.96
N VAL Y 107 9.83 33.61 -86.70
CA VAL Y 107 9.79 32.61 -87.75
C VAL Y 107 9.03 31.39 -87.26
N HIS Y 108 7.96 31.02 -87.95
CA HIS Y 108 7.23 29.82 -87.65
C HIS Y 108 7.87 28.63 -88.35
N ALA Y 109 7.57 27.45 -87.85
CA ALA Y 109 8.19 26.23 -88.36
C ALA Y 109 7.20 25.09 -88.23
N GLN Y 110 7.55 23.97 -88.87
CA GLN Y 110 6.74 22.76 -88.78
C GLN Y 110 7.58 21.59 -89.27
N ALA Y 111 7.20 20.40 -88.83
CA ALA Y 111 7.87 19.17 -89.22
C ALA Y 111 7.08 18.49 -90.32
N PHE Y 112 7.61 17.38 -90.81
CA PHE Y 112 7.00 16.66 -91.91
C PHE Y 112 7.70 15.31 -92.04
N PHE Y 113 6.93 14.22 -92.11
CA PHE Y 113 7.49 12.88 -92.19
C PHE Y 113 6.89 12.17 -93.38
N THR Y 114 7.73 11.76 -94.32
CA THR Y 114 7.31 11.10 -95.55
C THR Y 114 7.57 9.60 -95.43
N GLN Y 115 6.63 8.81 -95.92
CA GLN Y 115 6.80 7.36 -95.92
C GLN Y 115 7.72 6.95 -97.06
N ASN Y 116 8.83 6.31 -96.71
CA ASN Y 116 9.79 5.86 -97.72
C ASN Y 116 9.20 4.67 -98.46
N GLY Y 117 8.64 4.93 -99.64
CA GLY Y 117 8.00 3.90 -100.43
C GLY Y 117 6.51 4.03 -100.57
N SER Y 118 5.92 5.15 -100.15
CA SER Y 118 4.48 5.35 -100.27
C SER Y 118 4.20 6.83 -100.02
N ASP Y 119 3.07 7.29 -100.57
CA ASP Y 119 2.71 8.70 -100.47
C ASP Y 119 2.24 9.11 -99.08
N ASN Y 120 2.05 8.16 -98.17
CA ASN Y 120 1.60 8.51 -96.84
C ASN Y 120 2.65 9.37 -96.13
N VAL Y 121 2.18 10.37 -95.39
CA VAL Y 121 3.05 11.30 -94.69
C VAL Y 121 2.45 11.60 -93.32
N VAL Y 122 3.23 12.29 -92.49
CA VAL Y 122 2.80 12.74 -91.18
C VAL Y 122 3.40 14.11 -90.92
N VAL Y 123 2.66 14.92 -90.18
CA VAL Y 123 3.06 16.29 -89.86
C VAL Y 123 2.84 16.49 -88.36
N GLU Y 124 3.72 17.27 -87.76
CA GLU Y 124 3.76 17.47 -86.32
C GLU Y 124 3.32 18.88 -85.95
N ARG Y 125 3.42 19.18 -84.66
CA ARG Y 125 2.95 20.45 -84.13
C ARG Y 125 3.84 21.59 -84.57
N GLN Y 126 3.24 22.77 -84.70
CA GLN Y 126 3.97 23.97 -85.06
C GLN Y 126 4.81 24.46 -83.88
N PHE Y 127 5.61 25.49 -84.13
CA PHE Y 127 6.32 26.20 -83.08
C PHE Y 127 6.86 27.48 -83.69
N SER Y 128 7.37 28.35 -82.82
CA SER Y 128 7.80 29.68 -83.23
C SER Y 128 9.03 30.05 -82.41
N PHE Y 129 10.20 29.98 -83.01
CA PHE Y 129 11.46 30.31 -82.35
C PHE Y 129 11.87 31.71 -82.80
N ASN Y 130 11.45 32.70 -82.04
CA ASN Y 130 11.84 34.08 -82.33
C ASN Y 130 13.35 34.20 -82.40
N ILE Y 131 13.82 35.20 -83.14
CA ILE Y 131 15.23 35.55 -83.21
C ILE Y 131 15.33 37.06 -83.14
N GLU Y 132 16.15 37.56 -82.21
CA GLU Y 132 16.19 38.97 -81.90
C GLU Y 132 17.28 39.68 -82.70
N ASN Y 133 17.29 41.00 -82.59
CA ASN Y 133 18.33 41.81 -83.18
C ASN Y 133 19.58 41.80 -82.31
N ASP Y 134 20.66 42.32 -82.86
CA ASP Y 134 21.93 42.35 -82.14
C ASP Y 134 22.74 43.56 -82.59
N LEU Y 135 23.56 44.07 -81.67
CA LEU Y 135 24.46 45.16 -82.00
C LEU Y 135 25.49 44.75 -83.05
N VAL Y 136 25.59 43.46 -83.35
CA VAL Y 136 26.56 42.98 -84.33
C VAL Y 136 26.03 43.18 -85.74
N SER Y 137 24.71 43.02 -85.94
CA SER Y 137 24.10 43.08 -87.25
C SER Y 137 23.53 44.45 -87.58
N GLY Y 138 24.13 45.52 -87.05
CA GLY Y 138 23.62 46.86 -87.29
C GLY Y 138 24.68 47.92 -87.22
N PHE Y 139 24.37 48.99 -86.49
CA PHE Y 139 25.32 49.92 -85.89
C PHE Y 139 26.07 50.80 -86.89
N ASP Y 140 25.92 50.55 -88.19
CA ASP Y 140 26.65 51.36 -89.16
C ASP Y 140 26.28 50.89 -90.56
N GLY Y 141 26.56 51.76 -91.53
CA GLY Y 141 26.40 51.43 -92.93
C GLY Y 141 27.47 52.07 -93.79
N ILE Y 142 28.58 52.46 -93.17
CA ILE Y 142 29.72 52.98 -93.91
C ILE Y 142 30.98 52.25 -93.45
N THR Y 143 31.23 52.27 -92.14
CA THR Y 143 32.50 51.80 -91.61
C THR Y 143 32.85 50.40 -92.09
N LYS Y 144 31.84 49.55 -92.31
CA LYS Y 144 32.12 48.22 -92.84
C LYS Y 144 32.74 48.30 -94.22
N LEU Y 145 32.17 49.14 -95.09
CA LEU Y 145 32.73 49.31 -96.42
C LEU Y 145 34.10 49.98 -96.35
N VAL Y 146 34.27 50.95 -95.46
CA VAL Y 146 35.56 51.61 -95.32
C VAL Y 146 36.63 50.60 -94.93
N TYR Y 147 36.29 49.69 -94.01
CA TYR Y 147 37.28 48.76 -93.50
C TYR Y 147 37.57 47.65 -94.50
N ILE Y 148 36.56 47.18 -95.23
CA ILE Y 148 36.83 46.20 -96.29
C ILE Y 148 37.70 46.85 -97.38
N LYS Y 149 37.44 48.12 -97.69
CA LYS Y 149 38.29 48.83 -98.64
C LYS Y 149 39.72 48.95 -98.12
N SER Y 150 39.86 49.25 -96.83
CA SER Y 150 41.19 49.41 -96.26
C SER Y 150 41.96 48.09 -96.29
N ILE Y 151 41.31 46.99 -95.94
CA ILE Y 151 42.00 45.70 -95.97
C ILE Y 151 42.33 45.32 -97.41
N GLN Y 152 41.45 45.66 -98.36
CA GLN Y 152 41.75 45.39 -99.76
C GLN Y 152 42.98 46.17 -100.22
N ASP Y 153 43.06 47.45 -99.84
CA ASP Y 153 44.23 48.23 -100.21
C ASP Y 153 45.48 47.66 -99.56
N THR Y 154 45.39 47.25 -98.29
CA THR Y 154 46.57 46.73 -97.60
C THR Y 154 47.04 45.44 -98.24
N ILE Y 155 46.12 44.54 -98.59
CA ILE Y 155 46.52 43.30 -99.23
C ILE Y 155 47.12 43.58 -100.60
N GLU Y 156 46.45 44.41 -101.39
CA GLU Y 156 46.97 44.72 -102.73
C GLU Y 156 48.35 45.35 -102.65
N ALA Y 157 48.62 46.11 -101.59
CA ALA Y 157 49.94 46.73 -101.44
C ALA Y 157 50.98 45.72 -100.98
N VAL Y 158 50.76 45.10 -99.82
CA VAL Y 158 51.73 44.18 -99.26
C VAL Y 158 52.00 43.01 -100.19
N GLY Y 159 51.07 42.69 -101.11
CA GLY Y 159 51.33 41.63 -102.06
C GLY Y 159 52.50 41.94 -102.98
N LYS Y 160 52.66 43.21 -103.33
CA LYS Y 160 53.78 43.60 -104.18
C LYS Y 160 55.11 43.32 -103.48
N ASP Y 161 55.28 43.84 -102.26
CA ASP Y 161 56.49 43.59 -101.50
C ASP Y 161 56.68 42.10 -101.22
N PHE Y 162 55.58 41.38 -101.01
CA PHE Y 162 55.68 39.95 -100.73
C PHE Y 162 56.21 39.20 -101.94
N ASN Y 163 55.64 39.45 -103.12
CA ASN Y 163 56.14 38.82 -104.33
C ASN Y 163 57.58 39.23 -104.59
N GLN Y 164 57.92 40.48 -104.30
CA GLN Y 164 59.30 40.95 -104.48
C GLN Y 164 60.25 40.12 -103.63
N LEU Y 165 59.99 40.04 -102.33
CA LEU Y 165 60.89 39.35 -101.42
C LEU Y 165 60.82 37.83 -101.58
N LYS Y 166 59.77 37.31 -102.21
CA LYS Y 166 59.68 35.88 -102.42
C LYS Y 166 60.44 35.45 -103.68
N GLN Y 167 60.24 36.18 -104.78
CA GLN Y 167 61.00 35.90 -105.99
C GLN Y 167 62.49 36.14 -105.78
N ASN Y 168 62.83 37.15 -104.97
CA ASN Y 168 64.21 37.44 -104.63
C ASN Y 168 64.79 36.46 -103.62
N MET Y 169 63.98 35.54 -103.10
CA MET Y 169 64.44 34.54 -102.14
C MET Y 169 64.53 33.17 -102.79
N ASN Z 5 46.93 45.65 -55.78
CA ASN Z 5 46.57 46.32 -57.02
C ASN Z 5 45.40 47.27 -56.80
N PHE Z 6 45.34 48.31 -57.63
CA PHE Z 6 44.25 49.28 -57.61
C PHE Z 6 43.60 49.28 -58.98
N SER Z 7 42.37 48.78 -59.05
CA SER Z 7 41.62 48.69 -60.29
C SER Z 7 40.26 48.10 -59.98
N LYS Z 8 39.31 48.32 -60.88
CA LYS Z 8 37.93 47.91 -60.66
C LYS Z 8 37.68 46.52 -61.26
N ASP Z 9 38.47 45.56 -60.78
CA ASP Z 9 38.39 44.17 -61.21
C ASP Z 9 37.49 43.33 -60.32
N ASP Z 10 36.57 43.97 -59.60
CA ASP Z 10 35.70 43.25 -58.68
C ASP Z 10 34.42 42.76 -59.33
N ASN Z 11 33.94 43.43 -60.36
CA ASN Z 11 32.71 43.04 -61.01
C ASN Z 11 32.87 41.72 -61.73
N LEU Z 12 31.74 41.14 -62.13
CA LEU Z 12 31.73 39.91 -62.91
C LEU Z 12 30.32 39.66 -63.45
N ILE Z 13 30.22 39.38 -64.74
CA ILE Z 13 28.95 39.10 -65.39
C ILE Z 13 29.03 37.78 -66.11
N GLU Z 14 27.95 37.01 -66.06
CA GLU Z 14 27.89 35.69 -66.67
C GLU Z 14 27.13 35.78 -67.99
N LEU Z 15 27.65 35.09 -69.00
CA LEU Z 15 27.07 35.06 -70.34
C LEU Z 15 26.62 33.63 -70.61
N GLN Z 16 25.30 33.43 -70.64
CA GLN Z 16 24.71 32.11 -70.83
C GLN Z 16 24.62 31.83 -72.32
N THR Z 17 25.47 30.92 -72.81
CA THR Z 17 25.47 30.53 -74.22
C THR Z 17 24.39 29.46 -74.44
N THR Z 18 23.14 29.90 -74.29
CA THR Z 18 22.00 29.02 -74.44
C THR Z 18 20.89 29.75 -75.20
N SER Z 19 20.10 28.99 -75.94
CA SER Z 19 19.03 29.53 -76.77
C SER Z 19 17.71 29.37 -76.03
N GLN Z 20 17.49 30.23 -75.04
CA GLN Z 20 16.27 30.20 -74.24
C GLN Z 20 15.75 31.61 -73.95
N TYR Z 21 15.95 32.55 -74.86
CA TYR Z 21 15.50 33.93 -74.70
C TYR Z 21 16.09 34.53 -73.42
N ASN Z 22 17.40 34.56 -73.38
CA ASN Z 22 18.11 35.27 -72.32
C ASN Z 22 17.99 36.77 -72.56
N PRO Z 23 17.15 37.48 -71.80
CA PRO Z 23 16.87 38.87 -72.13
C PRO Z 23 18.00 39.80 -71.70
N VAL Z 24 17.88 41.06 -72.12
CA VAL Z 24 18.83 42.08 -71.71
C VAL Z 24 18.75 42.26 -70.21
N ILE Z 25 19.89 42.54 -69.58
CA ILE Z 25 19.99 42.66 -68.14
C ILE Z 25 20.80 43.90 -67.79
N ASP Z 26 20.34 44.65 -66.80
CA ASP Z 26 21.06 45.80 -66.29
C ASP Z 26 22.11 45.30 -65.31
N THR Z 27 23.32 45.06 -65.84
CA THR Z 27 24.40 44.49 -65.02
C THR Z 27 24.74 45.35 -63.82
N ASN Z 28 24.27 46.60 -63.76
CA ASN Z 28 24.58 47.49 -62.66
C ASN Z 28 26.10 47.68 -62.53
N ILE Z 29 26.70 48.17 -63.61
CA ILE Z 29 28.13 48.47 -63.66
C ILE Z 29 28.26 49.91 -64.12
N SER Z 30 28.74 50.78 -63.23
CA SER Z 30 28.80 52.21 -63.48
C SER Z 30 30.22 52.70 -63.26
N PHE Z 31 31.03 52.63 -64.30
CA PHE Z 31 32.32 53.30 -64.27
C PHE Z 31 32.10 54.81 -64.36
N TYR Z 32 33.20 55.56 -64.37
CA TYR Z 32 33.15 57.01 -64.38
C TYR Z 32 33.90 57.54 -65.61
N GLU Z 33 33.74 58.82 -65.86
CA GLU Z 33 34.35 59.44 -67.03
C GLU Z 33 35.87 59.46 -66.92
N SER Z 34 36.40 60.04 -65.84
CA SER Z 34 37.83 60.15 -65.65
C SER Z 34 38.41 58.84 -65.12
N ASP Z 35 38.22 57.79 -65.91
CA ASP Z 35 38.75 56.46 -65.61
C ASP Z 35 39.44 55.94 -66.85
N ARG Z 36 40.75 55.73 -66.75
CA ARG Z 36 41.57 55.37 -67.90
C ARG Z 36 42.37 54.12 -67.57
N GLY Z 37 42.21 53.08 -68.40
CA GLY Z 37 42.97 51.86 -68.24
C GLY Z 37 42.67 51.06 -67.00
N THR Z 38 41.79 51.54 -66.13
CA THR Z 38 41.44 50.83 -64.91
C THR Z 38 39.99 50.38 -64.88
N GLY Z 39 39.24 50.58 -65.95
CA GLY Z 39 37.89 50.05 -66.05
C GLY Z 39 37.88 48.72 -66.75
N VAL Z 40 37.54 47.66 -66.04
CA VAL Z 40 37.64 46.30 -66.54
C VAL Z 40 36.31 45.58 -66.38
N LEU Z 41 35.97 44.75 -67.36
CA LEU Z 41 34.76 43.95 -67.35
C LEU Z 41 35.15 42.49 -67.35
N ASN Z 42 34.79 41.77 -66.28
CA ASN Z 42 35.08 40.35 -66.17
C ASN Z 42 33.89 39.56 -66.68
N PHE Z 43 34.08 38.85 -67.78
CA PHE Z 43 33.06 37.99 -68.36
C PHE Z 43 33.34 36.54 -67.97
N ALA Z 44 32.28 35.81 -67.68
CA ALA Z 44 32.37 34.37 -67.41
C ALA Z 44 31.31 33.69 -68.25
N VAL Z 45 31.72 32.87 -69.19
CA VAL Z 45 30.82 32.25 -70.14
C VAL Z 45 30.38 30.89 -69.60
N THR Z 46 29.12 30.54 -69.86
CA THR Z 46 28.56 29.28 -69.42
C THR Z 46 27.75 28.68 -70.56
N LYS Z 47 28.01 27.40 -70.86
CA LYS Z 47 27.36 26.76 -71.99
C LYS Z 47 25.88 26.57 -71.73
N ASN Z 48 25.55 25.67 -70.80
CA ASN Z 48 24.16 25.43 -70.40
C ASN Z 48 23.93 25.80 -68.94
N ASN Z 49 24.75 25.27 -68.03
CA ASN Z 49 24.73 25.68 -66.63
C ASN Z 49 26.11 25.79 -66.02
N ARG Z 50 27.11 25.16 -66.60
CA ARG Z 50 28.49 25.15 -66.14
C ARG Z 50 29.36 25.88 -67.14
N PRO Z 51 30.61 26.20 -66.78
CA PRO Z 51 31.38 27.12 -67.60
C PRO Z 51 31.81 26.50 -68.92
N LEU Z 52 31.82 27.32 -69.96
CA LEU Z 52 32.25 26.91 -71.29
C LEU Z 52 33.73 27.20 -71.44
N SER Z 53 34.52 26.18 -71.73
CA SER Z 53 35.94 26.39 -71.96
C SER Z 53 36.14 27.20 -73.25
N ILE Z 54 37.32 27.81 -73.35
CA ILE Z 54 37.61 28.76 -74.41
C ILE Z 54 39.11 28.68 -74.70
N SER Z 55 39.53 29.32 -75.79
CA SER Z 55 40.93 29.39 -76.14
C SER Z 55 41.11 30.34 -77.32
N SER Z 56 42.23 31.04 -77.32
CA SER Z 56 42.57 31.92 -78.44
C SER Z 56 43.06 31.16 -79.66
N GLU Z 57 43.36 29.88 -79.51
CA GLU Z 57 43.82 29.07 -80.64
C GLU Z 57 42.64 28.62 -81.49
N HIS Z 58 41.71 27.88 -80.89
CA HIS Z 58 40.56 27.39 -81.64
C HIS Z 58 39.66 28.53 -82.08
N VAL Z 59 39.14 29.29 -81.14
CA VAL Z 59 38.18 30.34 -81.42
C VAL Z 59 38.86 31.70 -81.18
N LYS Z 60 38.17 32.75 -81.62
CA LYS Z 60 38.59 34.11 -81.32
C LYS Z 60 37.33 34.91 -80.94
N THR Z 61 37.40 35.60 -79.82
CA THR Z 61 36.25 36.27 -79.23
C THR Z 61 36.41 37.78 -79.33
N PHE Z 62 35.29 38.47 -79.54
CA PHE Z 62 35.26 39.92 -79.58
C PHE Z 62 34.02 40.39 -78.85
N ILE Z 63 33.98 41.69 -78.58
CA ILE Z 63 32.82 42.32 -77.97
C ILE Z 63 32.51 43.60 -78.71
N VAL Z 64 31.22 43.83 -78.93
CA VAL Z 64 30.70 45.07 -79.50
C VAL Z 64 30.13 45.91 -78.37
N LEU Z 65 30.24 47.22 -78.53
CA LEU Z 65 29.83 48.17 -77.51
C LEU Z 65 29.22 49.38 -78.19
N LYS Z 66 28.12 49.88 -77.65
CA LYS Z 66 27.39 50.98 -78.29
C LYS Z 66 26.67 51.79 -77.23
N THR Z 67 26.94 53.10 -77.20
CA THR Z 67 26.20 53.98 -76.33
C THR Z 67 24.72 54.03 -76.76
N ASP Z 68 23.90 54.60 -75.89
CA ASP Z 68 22.47 54.67 -76.17
C ASP Z 68 22.10 55.88 -77.02
N ASP Z 69 22.87 56.96 -76.91
CA ASP Z 69 22.64 58.17 -77.69
C ASP Z 69 23.30 58.12 -79.06
N TYR Z 70 23.59 56.92 -79.57
CA TYR Z 70 24.30 56.77 -80.83
C TYR Z 70 23.52 57.39 -81.98
N ASN Z 71 24.07 58.45 -82.57
CA ASN Z 71 23.53 59.07 -83.76
C ASN Z 71 24.65 59.19 -84.79
N VAL Z 72 24.30 59.69 -85.98
CA VAL Z 72 25.30 59.90 -87.02
C VAL Z 72 26.13 61.13 -86.71
N ASP Z 73 25.51 62.16 -86.15
CA ASP Z 73 26.23 63.38 -85.78
C ASP Z 73 26.88 63.30 -84.40
N ARG Z 74 26.49 62.33 -83.58
CA ARG Z 74 27.00 62.21 -82.23
C ARG Z 74 26.64 60.82 -81.70
N GLY Z 75 27.63 60.15 -81.13
CA GLY Z 75 27.39 58.82 -80.58
C GLY Z 75 28.69 58.16 -80.19
N ALA Z 76 28.66 56.83 -80.15
CA ALA Z 76 29.83 56.05 -79.79
C ALA Z 76 29.54 54.58 -80.10
N TYR Z 77 30.56 53.88 -80.58
CA TYR Z 77 30.44 52.45 -80.89
C TYR Z 77 31.82 51.92 -81.20
N ILE Z 78 32.08 50.68 -80.76
CA ILE Z 78 33.34 50.01 -81.00
C ILE Z 78 33.11 48.50 -81.03
N SER Z 79 34.13 47.78 -81.49
CA SER Z 79 34.14 46.32 -81.45
C SER Z 79 35.59 45.87 -81.37
N ASP Z 80 35.95 45.20 -80.29
CA ASP Z 80 37.35 44.90 -80.04
C ASP Z 80 37.48 43.55 -79.34
N GLU Z 81 38.70 43.04 -79.31
CA GLU Z 81 38.97 41.70 -78.82
C GLU Z 81 38.91 41.65 -77.30
N LEU Z 82 39.16 40.47 -76.75
CA LEU Z 82 39.11 40.20 -75.33
C LEU Z 82 40.51 39.84 -74.84
N THR Z 83 40.60 39.50 -73.55
CA THR Z 83 41.84 39.05 -72.93
C THR Z 83 41.51 37.82 -72.09
N ILE Z 84 41.57 36.65 -72.71
CA ILE Z 84 41.20 35.41 -72.03
C ILE Z 84 42.17 35.16 -70.89
N VAL Z 85 41.63 34.89 -69.71
CA VAL Z 85 42.41 34.50 -68.54
C VAL Z 85 41.64 33.39 -67.83
N ASP Z 86 42.34 32.32 -67.47
CA ASP Z 86 41.70 31.12 -66.94
C ASP Z 86 40.65 30.60 -67.92
N ALA Z 87 41.14 30.25 -69.11
CA ALA Z 87 40.25 29.90 -70.22
C ALA Z 87 39.42 28.66 -69.88
N ILE Z 88 40.07 27.61 -69.38
CA ILE Z 88 39.38 26.35 -69.09
C ILE Z 88 38.13 26.61 -68.26
N ASN Z 89 38.20 27.56 -67.34
CA ASN Z 89 37.04 27.91 -66.53
C ASN Z 89 36.05 28.82 -67.26
N GLY Z 90 36.29 29.11 -68.52
CA GLY Z 90 35.39 29.98 -69.28
C GLY Z 90 35.37 31.40 -68.76
N ARG Z 91 36.52 31.94 -68.39
CA ARG Z 91 36.63 33.27 -67.83
C ARG Z 91 37.51 34.13 -68.71
N LEU Z 92 37.26 35.44 -68.69
CA LEU Z 92 38.04 36.38 -69.48
C LEU Z 92 37.72 37.78 -68.99
N GLN Z 93 38.48 38.75 -69.48
CA GLN Z 93 38.30 40.13 -69.06
C GLN Z 93 38.58 41.06 -70.23
N TYR Z 94 37.94 42.23 -70.18
CA TYR Z 94 38.08 43.26 -71.20
C TYR Z 94 38.48 44.56 -70.52
N VAL Z 95 39.57 45.15 -70.99
CA VAL Z 95 40.01 46.45 -70.49
C VAL Z 95 39.27 47.53 -71.26
N ILE Z 96 38.50 48.33 -70.54
CA ILE Z 96 37.75 49.41 -71.20
C ILE Z 96 38.73 50.34 -71.91
N PRO Z 97 38.45 50.81 -73.12
CA PRO Z 97 39.38 51.71 -73.79
C PRO Z 97 39.41 53.08 -73.14
N ASN Z 98 40.14 54.02 -73.74
CA ASN Z 98 40.26 55.37 -73.21
C ASN Z 98 39.36 56.36 -73.93
N GLU Z 99 39.13 56.18 -75.23
CA GLU Z 99 38.33 57.12 -75.99
C GLU Z 99 36.84 56.93 -75.74
N PHE Z 100 36.41 55.70 -75.45
CA PHE Z 100 34.99 55.43 -75.28
C PHE Z 100 34.44 56.09 -74.02
N LEU Z 101 35.28 56.28 -73.00
CA LEU Z 101 34.80 56.80 -71.73
C LEU Z 101 34.21 58.20 -71.91
N LYS Z 102 34.83 59.03 -72.76
CA LYS Z 102 34.38 60.40 -72.93
C LYS Z 102 32.90 60.50 -73.21
N HIS Z 103 32.28 59.44 -73.70
CA HIS Z 103 30.85 59.40 -73.96
C HIS Z 103 30.15 58.72 -72.80
N SER Z 104 29.27 59.46 -72.13
CA SER Z 104 28.63 59.00 -70.90
C SER Z 104 27.22 58.51 -71.17
N GLY Z 105 26.61 57.95 -70.12
CA GLY Z 105 25.23 57.51 -70.14
C GLY Z 105 25.08 56.01 -70.11
N LYS Z 106 23.93 55.56 -70.61
CA LYS Z 106 23.69 54.13 -70.75
C LYS Z 106 24.54 53.57 -71.88
N VAL Z 107 24.71 52.25 -71.86
CA VAL Z 107 25.49 51.55 -72.87
C VAL Z 107 24.89 50.17 -73.03
N HIS Z 108 24.90 49.68 -74.27
CA HIS Z 108 24.59 48.29 -74.56
C HIS Z 108 25.86 47.61 -75.04
N ALA Z 109 25.99 46.35 -74.67
CA ALA Z 109 27.18 45.58 -74.99
C ALA Z 109 26.78 44.27 -75.62
N GLN Z 110 27.78 43.52 -76.08
CA GLN Z 110 27.55 42.21 -76.65
C GLN Z 110 28.91 41.54 -76.80
N ALA Z 111 28.90 40.21 -76.73
CA ALA Z 111 30.12 39.42 -76.87
C ALA Z 111 29.84 38.29 -77.84
N PHE Z 112 30.59 38.25 -78.93
CA PHE Z 112 30.41 37.25 -79.96
C PHE Z 112 31.72 36.55 -80.26
N PHE Z 113 31.64 35.24 -80.45
CA PHE Z 113 32.79 34.40 -80.71
C PHE Z 113 32.75 33.90 -82.15
N THR Z 114 33.93 33.67 -82.72
CA THR Z 114 34.05 33.12 -84.06
C THR Z 114 34.98 31.93 -84.01
N GLN Z 115 34.49 30.77 -84.43
CA GLN Z 115 35.27 29.54 -84.45
C GLN Z 115 36.11 29.49 -85.72
N ASN Z 116 37.42 29.40 -85.55
CA ASN Z 116 38.35 29.41 -86.69
C ASN Z 116 38.00 28.34 -87.71
N GLY Z 117 38.43 28.55 -88.95
CA GLY Z 117 38.25 27.55 -89.99
C GLY Z 117 36.87 27.59 -90.63
N SER Z 118 35.83 27.75 -89.80
CA SER Z 118 34.46 27.76 -90.27
C SER Z 118 33.83 29.15 -90.26
N ASP Z 119 34.33 30.06 -89.43
CA ASP Z 119 33.78 31.41 -89.28
C ASP Z 119 32.36 31.41 -88.77
N ASN Z 120 31.84 30.27 -88.32
CA ASN Z 120 30.54 30.20 -87.68
C ASN Z 120 30.64 30.81 -86.29
N VAL Z 121 29.76 31.75 -85.97
CA VAL Z 121 29.91 32.55 -84.76
C VAL Z 121 28.79 32.28 -83.77
N VAL Z 122 28.88 32.93 -82.61
CA VAL Z 122 27.95 32.74 -81.52
C VAL Z 122 27.77 34.07 -80.81
N VAL Z 123 26.54 34.37 -80.42
CA VAL Z 123 26.17 35.61 -79.75
C VAL Z 123 25.39 35.26 -78.49
N GLU Z 124 25.75 35.90 -77.37
CA GLU Z 124 25.36 35.41 -76.06
C GLU Z 124 24.19 36.14 -75.42
N ARG Z 125 24.35 37.44 -75.12
CA ARG Z 125 23.35 38.07 -74.25
C ARG Z 125 22.80 39.40 -74.75
N GLN Z 126 23.65 40.27 -75.31
CA GLN Z 126 23.26 41.65 -75.57
C GLN Z 126 22.85 42.36 -74.28
N PHE Z 127 23.79 42.39 -73.33
CA PHE Z 127 23.51 42.93 -72.01
C PHE Z 127 23.75 44.43 -71.97
N SER Z 128 23.34 45.04 -70.86
CA SER Z 128 23.40 46.48 -70.67
C SER Z 128 24.58 46.84 -69.78
N PHE Z 129 24.74 48.14 -69.55
CA PHE Z 129 25.94 48.67 -68.91
C PHE Z 129 25.77 50.17 -68.70
N ASN Z 130 26.45 50.74 -67.71
CA ASN Z 130 26.32 52.16 -67.41
C ASN Z 130 27.70 52.81 -67.38
N ILE Z 131 27.71 54.13 -67.61
CA ILE Z 131 28.92 54.93 -67.46
C ILE Z 131 28.47 56.32 -67.02
N GLU Z 132 29.11 56.84 -65.98
CA GLU Z 132 28.70 58.08 -65.35
C GLU Z 132 29.70 59.19 -65.64
N ASN Z 133 29.27 60.41 -65.33
CA ASN Z 133 30.10 61.59 -65.52
C ASN Z 133 30.62 62.08 -64.17
N ASP Z 134 31.84 62.60 -64.19
CA ASP Z 134 32.50 63.10 -63.00
C ASP Z 134 32.79 64.59 -63.18
N LEU Z 135 33.52 65.16 -62.22
CA LEU Z 135 33.86 66.56 -62.25
C LEU Z 135 35.15 66.85 -63.01
N VAL Z 136 35.96 65.82 -63.26
CA VAL Z 136 37.16 65.96 -64.09
C VAL Z 136 36.70 65.79 -65.53
N SER Z 137 36.27 66.88 -66.14
CA SER Z 137 35.71 66.85 -67.49
C SER Z 137 35.67 68.29 -68.00
N GLY Z 138 35.00 68.49 -69.14
CA GLY Z 138 34.96 69.78 -69.79
C GLY Z 138 35.30 69.64 -71.26
N PHE Z 139 36.24 68.75 -71.56
CA PHE Z 139 36.51 68.38 -72.94
C PHE Z 139 35.39 67.47 -73.45
N ASP Z 140 34.86 67.78 -74.63
CA ASP Z 140 33.71 67.08 -75.18
C ASP Z 140 34.17 66.27 -76.39
N GLY Z 141 34.08 64.94 -76.26
CA GLY Z 141 34.36 64.06 -77.38
C GLY Z 141 33.09 63.76 -78.17
N ILE Z 142 32.39 64.82 -78.57
CA ILE Z 142 31.11 64.65 -79.26
C ILE Z 142 31.30 63.86 -80.54
N THR Z 143 32.47 63.96 -81.17
CA THR Z 143 32.74 63.22 -82.40
C THR Z 143 32.52 61.73 -82.17
N LYS Z 144 31.53 61.17 -82.86
CA LYS Z 144 31.29 59.74 -82.76
C LYS Z 144 32.49 58.97 -83.30
N LEU Z 145 32.91 57.95 -82.55
CA LEU Z 145 34.03 57.11 -82.93
C LEU Z 145 33.50 55.72 -83.23
N VAL Z 146 33.85 55.20 -84.40
CA VAL Z 146 33.49 53.85 -84.81
C VAL Z 146 34.72 53.24 -85.47
N TYR Z 147 35.39 52.35 -84.76
CA TYR Z 147 36.56 51.67 -85.30
C TYR Z 147 36.48 50.20 -84.95
N ILE Z 148 36.63 49.36 -85.97
CA ILE Z 148 36.61 47.90 -85.79
C ILE Z 148 38.02 47.51 -85.38
N LYS Z 149 38.28 47.55 -84.07
CA LYS Z 149 39.62 47.22 -83.58
C LYS Z 149 40.04 45.83 -83.99
N SER Z 150 39.08 44.93 -84.25
CA SER Z 150 39.44 43.57 -84.65
C SER Z 150 40.20 43.59 -85.97
N ILE Z 151 39.58 44.10 -87.03
CA ILE Z 151 40.22 44.10 -88.34
C ILE Z 151 41.39 45.07 -88.37
N GLN Z 152 41.31 46.16 -87.60
CA GLN Z 152 42.43 47.10 -87.52
C GLN Z 152 43.66 46.41 -86.97
N ASP Z 153 43.51 45.72 -85.83
CA ASP Z 153 44.61 44.94 -85.28
C ASP Z 153 45.03 43.84 -86.25
N THR Z 154 44.07 43.29 -87.00
CA THR Z 154 44.42 42.27 -87.99
C THR Z 154 45.40 42.82 -89.01
N ILE Z 155 45.09 43.97 -89.61
CA ILE Z 155 45.97 44.53 -90.63
C ILE Z 155 47.29 44.97 -90.02
N GLU Z 156 47.25 45.53 -88.81
CA GLU Z 156 48.49 45.94 -88.16
C GLU Z 156 49.38 44.73 -87.89
N ALA Z 157 48.79 43.62 -87.46
CA ALA Z 157 49.55 42.40 -87.20
C ALA Z 157 50.08 41.80 -88.49
N VAL Z 158 49.34 41.90 -89.58
CA VAL Z 158 49.85 41.42 -90.86
C VAL Z 158 51.05 42.24 -91.28
N GLY Z 159 50.97 43.56 -91.14
CA GLY Z 159 52.11 44.40 -91.45
C GLY Z 159 53.32 44.08 -90.60
N LYS Z 160 53.10 43.92 -89.29
CA LYS Z 160 54.21 43.58 -88.40
C LYS Z 160 54.77 42.21 -88.72
N ASP Z 161 53.93 41.26 -89.15
CA ASP Z 161 54.41 39.94 -89.52
C ASP Z 161 55.28 40.03 -90.77
N PHE Z 162 54.87 40.83 -91.75
CA PHE Z 162 55.70 41.04 -92.92
C PHE Z 162 57.04 41.66 -92.55
N ASN Z 163 57.01 42.68 -91.68
CA ASN Z 163 58.26 43.32 -91.27
C ASN Z 163 59.17 42.35 -90.53
N GLN Z 164 58.60 41.54 -89.63
CA GLN Z 164 59.41 40.58 -88.89
C GLN Z 164 59.96 39.50 -89.82
N LEU Z 165 59.18 39.09 -90.82
CA LEU Z 165 59.68 38.16 -91.82
C LEU Z 165 60.86 38.77 -92.57
N LYS Z 166 60.77 40.06 -92.88
CA LYS Z 166 61.87 40.74 -93.56
C LYS Z 166 63.12 40.75 -92.67
N GLN Z 167 62.94 41.07 -91.38
CA GLN Z 167 64.08 41.09 -90.47
C GLN Z 167 64.69 39.71 -90.33
N ASN Z 168 63.86 38.67 -90.29
CA ASN Z 168 64.38 37.32 -90.16
C ASN Z 168 65.12 36.89 -91.42
N MET Z 169 64.58 37.24 -92.59
CA MET Z 169 65.28 36.96 -93.84
C MET Z 169 66.61 37.70 -93.90
N ALA Z 170 66.67 38.89 -93.29
CA ALA Z 170 67.95 39.60 -93.22
C ALA Z 170 68.91 38.90 -92.27
N ASP Z 171 68.41 38.43 -91.13
CA ASP Z 171 69.26 37.74 -90.17
C ASP Z 171 69.76 36.40 -90.70
N THR Z 172 69.04 35.78 -91.63
CA THR Z 172 69.48 34.51 -92.19
C THR Z 172 70.94 34.55 -92.64
N GLN Z 173 71.45 35.72 -93.02
CA GLN Z 173 72.83 35.83 -93.43
C GLN Z 173 73.79 35.90 -92.26
N THR Z 174 73.30 36.21 -91.06
CA THR Z 174 74.12 36.29 -89.87
C THR Z 174 74.23 34.97 -89.13
N LEU Z 175 73.47 33.95 -89.53
CA LEU Z 175 73.46 32.70 -88.78
C LEU Z 175 74.79 31.98 -88.88
N ILE Z 176 75.46 32.05 -90.02
CA ILE Z 176 76.77 31.40 -90.16
C ILE Z 176 77.78 32.07 -89.23
N ALA Z 177 77.73 33.40 -89.12
CA ALA Z 177 78.60 34.09 -88.18
C ALA Z 177 78.30 33.67 -86.75
N LYS Z 178 77.03 33.47 -86.43
CA LYS Z 178 76.67 33.00 -85.10
C LYS Z 178 77.25 31.61 -84.83
N VAL Z 179 77.14 30.71 -85.81
CA VAL Z 179 77.72 29.38 -85.67
C VAL Z 179 79.21 29.47 -85.41
N ASN Z 180 79.91 30.27 -86.23
CA ASN Z 180 81.35 30.38 -86.09
C ASN Z 180 81.73 30.97 -84.74
N ASP Z 181 81.02 32.01 -84.30
CA ASP Z 181 81.32 32.61 -83.00
C ASP Z 181 81.09 31.63 -81.87
N SER Z 182 79.99 30.88 -81.93
CA SER Z 182 79.70 29.91 -80.88
C SER Z 182 80.79 28.83 -80.84
N ALA Z 183 81.21 28.34 -82.01
CA ALA Z 183 82.26 27.32 -82.03
C ALA Z 183 83.57 27.88 -81.47
N THR Z 184 83.91 29.11 -81.84
CA THR Z 184 85.14 29.72 -81.32
C THR Z 184 85.08 29.89 -79.81
N LYS Z 185 83.93 30.33 -79.29
CA LYS Z 185 83.81 30.51 -77.84
C LYS Z 185 83.87 29.17 -77.12
N GLY Z 186 83.28 28.12 -77.72
CA GLY Z 186 83.39 26.80 -77.11
C GLY Z 186 84.83 26.31 -77.08
N ILE Z 187 85.56 26.48 -78.19
CA ILE Z 187 86.95 26.08 -78.22
C ILE Z 187 87.75 26.87 -77.18
N GLN Z 188 87.45 28.16 -77.04
CA GLN Z 188 88.15 28.98 -76.05
C GLN Z 188 87.86 28.49 -74.64
N GLN Z 189 86.60 28.20 -74.34
CA GLN Z 189 86.25 27.70 -73.01
C GLN Z 189 86.94 26.38 -72.72
N ILE Z 190 87.05 25.51 -73.73
CA ILE Z 190 87.78 24.26 -73.55
C ILE Z 190 89.24 24.53 -73.24
N GLU Z 191 89.90 25.32 -74.09
CA GLU Z 191 91.32 25.60 -73.89
C GLU Z 191 91.58 26.30 -72.56
N ILE Z 192 90.56 26.98 -72.02
CA ILE Z 192 90.73 27.67 -70.74
C ILE Z 192 90.77 26.67 -69.60
N LYS Z 193 89.72 25.87 -69.46
CA LYS Z 193 89.64 24.88 -68.40
C LYS Z 193 90.02 23.50 -68.92
N SER AA 19 11.61 26.27 -102.02
CA SER AA 19 12.76 26.73 -101.25
C SER AA 19 13.21 28.11 -101.73
N GLN AA 20 12.30 29.07 -101.69
CA GLN AA 20 12.58 30.41 -102.16
C GLN AA 20 13.04 31.31 -101.01
N TYR AA 21 13.54 32.48 -101.37
CA TYR AA 21 14.03 33.46 -100.41
C TYR AA 21 13.57 34.85 -100.81
N ASN AA 22 13.49 35.73 -99.81
CA ASN AA 22 13.06 37.11 -100.03
C ASN AA 22 13.64 37.98 -98.92
N PRO AA 23 14.95 38.18 -98.91
CA PRO AA 23 15.55 39.01 -97.86
C PRO AA 23 14.92 40.39 -97.84
N VAL AA 24 14.49 40.81 -96.66
CA VAL AA 24 13.73 42.07 -96.53
C VAL AA 24 14.76 43.17 -96.36
N ILE AA 25 15.37 43.56 -97.49
CA ILE AA 25 16.07 44.82 -97.61
C ILE AA 25 15.67 45.46 -98.95
N ASP AA 26 15.09 44.64 -99.83
CA ASP AA 26 14.62 45.10 -101.13
C ASP AA 26 15.69 45.93 -101.84
N THR AA 27 16.95 45.50 -101.68
CA THR AA 27 18.09 46.19 -102.27
C THR AA 27 18.90 45.19 -103.09
N ASN AA 28 19.20 45.56 -104.34
CA ASN AA 28 19.98 44.71 -105.21
C ASN AA 28 20.82 45.57 -106.15
N ILE AA 29 21.93 44.99 -106.60
CA ILE AA 29 22.86 45.63 -107.52
C ILE AA 29 23.01 44.68 -108.70
N SER AA 30 22.40 45.03 -109.82
CA SER AA 30 22.43 44.20 -111.01
C SER AA 30 23.53 44.65 -111.96
N PHE AA 31 23.96 43.71 -112.80
CA PHE AA 31 25.03 43.94 -113.76
C PHE AA 31 24.46 43.87 -115.16
N TYR AA 32 24.64 44.94 -115.93
CA TYR AA 32 24.09 45.01 -117.28
C TYR AA 32 24.82 44.02 -118.18
N GLU AA 33 24.07 43.11 -118.81
CA GLU AA 33 24.65 42.26 -119.84
C GLU AA 33 25.01 43.04 -121.09
N SER AA 34 24.43 44.24 -121.25
CA SER AA 34 24.74 45.10 -122.40
C SER AA 34 25.96 45.98 -122.09
N ASP AA 35 27.04 45.34 -121.64
CA ASP AA 35 28.32 45.98 -121.45
C ASP AA 35 29.43 45.19 -122.12
N ARG AA 36 29.07 44.36 -123.11
CA ARG AA 36 30.02 43.48 -123.78
C ARG AA 36 31.15 44.23 -124.47
N GLY AA 37 31.05 45.55 -124.61
CA GLY AA 37 32.02 46.34 -125.35
C GLY AA 37 32.86 47.21 -124.43
N THR AA 38 34.18 47.13 -124.62
CA THR AA 38 35.15 48.01 -123.98
C THR AA 38 35.14 47.90 -122.46
N GLY AA 39 34.55 46.84 -121.92
CA GLY AA 39 34.59 46.62 -120.48
C GLY AA 39 34.11 47.81 -119.67
N VAL AA 40 33.06 48.48 -120.15
CA VAL AA 40 32.45 49.59 -119.42
C VAL AA 40 31.40 48.96 -118.51
N LEU AA 41 31.83 48.57 -117.32
CA LEU AA 41 30.95 47.88 -116.38
C LEU AA 41 29.87 48.85 -115.93
N ASN AA 42 28.65 48.64 -116.39
CA ASN AA 42 27.52 49.52 -116.10
C ASN AA 42 26.55 48.76 -115.19
N PHE AA 43 26.66 49.01 -113.89
CA PHE AA 43 25.77 48.40 -112.92
C PHE AA 43 24.55 49.27 -112.69
N ALA AA 44 23.51 48.64 -112.15
CA ALA AA 44 22.27 49.33 -111.80
C ALA AA 44 21.89 48.98 -110.38
N VAL AA 45 21.16 49.88 -109.73
CA VAL AA 45 20.71 49.70 -108.36
C VAL AA 45 19.20 49.61 -108.34
N THR AA 46 18.67 48.77 -107.45
CA THR AA 46 17.23 48.63 -107.26
C THR AA 46 16.95 48.63 -105.77
N LYS AA 47 16.12 49.58 -105.33
CA LYS AA 47 15.72 49.71 -103.94
C LYS AA 47 14.20 49.71 -103.88
N ASN AA 48 13.63 48.64 -103.34
CA ASN AA 48 12.17 48.46 -103.33
C ASN AA 48 11.66 48.44 -104.77
N ASN AA 49 12.32 47.66 -105.61
CA ASN AA 49 11.98 47.58 -107.03
C ASN AA 49 11.96 48.98 -107.64
N ARG AA 50 12.96 49.79 -107.29
CA ARG AA 50 13.02 51.18 -107.71
C ARG AA 50 14.48 51.59 -107.87
N PRO AA 51 14.84 52.28 -108.95
CA PRO AA 51 16.22 52.78 -109.06
C PRO AA 51 16.48 53.87 -108.03
N LEU AA 52 17.43 53.62 -107.13
CA LEU AA 52 17.69 54.53 -106.03
C LEU AA 52 18.58 55.68 -106.48
N SER AA 53 18.10 56.91 -106.26
CA SER AA 53 18.91 58.08 -106.53
C SER AA 53 20.03 58.19 -105.51
N ILE AA 54 21.26 58.32 -106.02
CA ILE AA 54 22.46 58.30 -105.19
C ILE AA 54 23.13 59.65 -105.24
N SER AA 55 24.05 59.88 -104.30
CA SER AA 55 24.90 61.05 -104.28
C SER AA 55 26.26 60.65 -103.73
N SER AA 56 27.27 61.49 -104.01
CA SER AA 56 28.62 61.20 -103.54
C SER AA 56 28.65 60.98 -102.03
N GLU AA 57 27.87 61.74 -101.28
CA GLU AA 57 27.84 61.63 -99.84
C GLU AA 57 26.80 60.63 -99.34
N HIS AA 58 25.70 60.46 -100.07
CA HIS AA 58 24.62 59.60 -99.59
C HIS AA 58 25.07 58.16 -99.45
N VAL AA 59 25.83 57.65 -100.41
CA VAL AA 59 26.16 56.24 -100.50
C VAL AA 59 27.66 56.09 -100.68
N LYS AA 60 28.10 54.84 -100.82
CA LYS AA 60 29.48 54.54 -101.13
C LYS AA 60 29.54 53.26 -101.94
N THR AA 61 30.64 53.08 -102.66
CA THR AA 61 30.77 52.01 -103.63
C THR AA 61 32.21 51.50 -103.63
N PHE AA 62 32.40 50.33 -104.23
CA PHE AA 62 33.72 49.71 -104.28
C PHE AA 62 33.65 48.52 -105.21
N ILE AA 63 34.77 48.21 -105.85
CA ILE AA 63 34.85 47.05 -106.74
C ILE AA 63 36.25 46.47 -106.65
N VAL AA 64 36.33 45.15 -106.72
CA VAL AA 64 37.59 44.42 -106.72
C VAL AA 64 37.55 43.41 -107.85
N LEU AA 65 38.67 43.23 -108.54
CA LEU AA 65 38.75 42.30 -109.65
C LEU AA 65 40.06 41.53 -109.57
N LYS AA 66 39.97 40.22 -109.74
CA LYS AA 66 41.15 39.36 -109.77
C LYS AA 66 41.04 38.43 -110.97
N THR AA 67 42.13 38.30 -111.72
CA THR AA 67 42.15 37.47 -112.92
C THR AA 67 42.00 36.00 -112.56
N ASP AA 68 42.04 35.13 -113.57
CA ASP AA 68 41.99 33.70 -113.33
C ASP AA 68 43.14 33.28 -112.43
N ASP AA 69 43.14 32.01 -112.05
CA ASP AA 69 44.01 31.56 -110.96
C ASP AA 69 45.48 31.57 -111.36
N TYR AA 70 46.02 32.76 -111.61
CA TYR AA 70 47.47 32.93 -111.70
C TYR AA 70 48.10 32.45 -110.41
N ASN AA 71 49.27 31.80 -110.51
CA ASN AA 71 49.89 31.29 -109.31
C ASN AA 71 50.25 32.44 -108.36
N VAL AA 72 51.26 33.24 -108.72
CA VAL AA 72 51.50 34.52 -108.04
C VAL AA 72 51.91 35.59 -109.05
N ASP AA 73 52.29 35.16 -110.26
CA ASP AA 73 53.12 36.01 -111.11
C ASP AA 73 52.32 37.12 -111.79
N ARG AA 74 51.24 36.76 -112.49
CA ARG AA 74 50.44 37.73 -113.24
C ARG AA 74 49.08 37.83 -112.56
N GLY AA 75 49.00 38.69 -111.55
CA GLY AA 75 47.76 38.89 -110.83
C GLY AA 75 47.11 40.24 -111.13
N ALA AA 76 46.05 40.22 -111.93
CA ALA AA 76 45.27 41.43 -112.20
C ALA AA 76 44.38 41.71 -110.99
N TYR AA 77 45.04 42.03 -109.88
CA TYR AA 77 44.38 42.28 -108.60
C TYR AA 77 44.19 43.78 -108.46
N ILE AA 78 43.02 44.28 -108.86
CA ILE AA 78 42.74 45.71 -108.84
C ILE AA 78 41.58 45.96 -107.88
N SER AA 79 41.56 47.16 -107.32
CA SER AA 79 40.53 47.58 -106.39
C SER AA 79 40.32 49.07 -106.54
N ASP AA 80 39.09 49.49 -106.85
CA ASP AA 80 38.82 50.89 -107.09
C ASP AA 80 37.35 51.18 -106.85
N GLU AA 81 37.05 52.47 -106.70
CA GLU AA 81 35.68 52.92 -106.46
C GLU AA 81 34.91 52.92 -107.78
N LEU AA 82 33.70 53.46 -107.76
CA LEU AA 82 32.82 53.48 -108.91
C LEU AA 82 32.79 54.88 -109.52
N THR AA 83 32.06 55.02 -110.62
CA THR AA 83 31.82 56.30 -111.26
C THR AA 83 30.33 56.47 -111.46
N ILE AA 84 29.78 57.56 -110.93
CA ILE AA 84 28.35 57.83 -110.99
C ILE AA 84 28.04 58.36 -112.38
N VAL AA 85 27.50 57.50 -113.24
CA VAL AA 85 27.13 57.92 -114.59
C VAL AA 85 25.75 58.56 -114.60
N ASP AA 86 24.82 57.99 -113.83
CA ASP AA 86 23.46 58.55 -113.74
C ASP AA 86 22.86 58.11 -112.42
N ALA AA 87 22.73 59.05 -111.48
CA ALA AA 87 22.22 58.73 -110.16
C ALA AA 87 20.70 58.64 -110.16
N ILE AA 88 20.04 59.70 -110.65
CA ILE AA 88 18.58 59.71 -110.69
C ILE AA 88 18.05 58.47 -111.40
N ASN AA 89 18.78 57.97 -112.39
CA ASN AA 89 18.37 56.75 -113.07
C ASN AA 89 18.89 55.51 -112.35
N GLY AA 90 19.93 55.64 -111.54
CA GLY AA 90 20.43 54.54 -110.75
C GLY AA 90 21.52 53.73 -111.39
N ARG AA 91 22.28 54.31 -112.32
CA ARG AA 91 23.35 53.59 -113.01
C ARG AA 91 24.71 54.03 -112.48
N LEU AA 92 25.62 53.07 -112.42
CA LEU AA 92 26.98 53.30 -111.95
C LEU AA 92 27.94 52.73 -112.99
N GLN AA 93 28.76 53.60 -113.58
CA GLN AA 93 29.70 53.20 -114.60
C GLN AA 93 31.08 52.98 -113.98
N TYR AA 94 31.82 52.03 -114.56
CA TYR AA 94 33.20 51.79 -114.20
C TYR AA 94 33.97 51.48 -115.48
N VAL AA 95 34.90 52.36 -115.82
CA VAL AA 95 35.72 52.19 -117.02
C VAL AA 95 36.89 51.27 -116.68
N ILE AA 96 37.04 50.20 -117.46
CA ILE AA 96 38.09 49.22 -117.18
C ILE AA 96 39.44 49.79 -117.61
N PRO AA 97 40.45 49.77 -116.76
CA PRO AA 97 41.78 50.23 -117.19
C PRO AA 97 42.32 49.37 -118.32
N ASN AA 98 42.93 50.03 -119.31
CA ASN AA 98 43.51 49.30 -120.43
C ASN AA 98 44.58 48.33 -119.96
N GLU AA 99 45.38 48.74 -118.97
CA GLU AA 99 46.43 47.86 -118.46
C GLU AA 99 45.84 46.61 -117.83
N PHE AA 100 44.59 46.67 -117.36
CA PHE AA 100 43.99 45.51 -116.70
C PHE AA 100 43.47 44.50 -117.70
N LEU AA 101 42.72 44.97 -118.71
CA LEU AA 101 42.08 44.06 -119.65
C LEU AA 101 43.09 43.29 -120.51
N LYS AA 102 44.38 43.60 -120.41
CA LYS AA 102 45.37 42.81 -121.13
C LYS AA 102 45.34 41.35 -120.69
N HIS AA 103 44.94 41.09 -119.46
CA HIS AA 103 44.85 39.73 -118.93
C HIS AA 103 43.59 39.08 -119.49
N SER AA 104 43.76 38.26 -120.52
CA SER AA 104 42.63 37.60 -121.17
C SER AA 104 42.02 36.50 -120.32
N GLY AA 105 42.51 36.27 -119.10
CA GLY AA 105 41.94 35.25 -118.25
C GLY AA 105 40.63 35.70 -117.63
N LYS AA 106 39.79 34.72 -117.29
CA LYS AA 106 38.50 35.01 -116.69
C LYS AA 106 38.69 35.82 -115.40
N VAL AA 107 38.17 37.04 -115.40
CA VAL AA 107 38.37 37.96 -114.28
C VAL AA 107 37.16 37.86 -113.37
N HIS AA 108 37.36 37.25 -112.20
CA HIS AA 108 36.35 37.29 -111.16
C HIS AA 108 36.26 38.69 -110.57
N ALA AA 109 35.04 39.06 -110.17
CA ALA AA 109 34.74 40.41 -109.74
C ALA AA 109 33.83 40.39 -108.53
N GLN AA 110 34.07 41.34 -107.63
CA GLN AA 110 33.27 41.51 -106.42
C GLN AA 110 32.94 42.99 -106.30
N ALA AA 111 31.68 43.33 -106.51
CA ALA AA 111 31.19 44.70 -106.33
C ALA AA 111 30.57 44.84 -104.96
N PHE AA 112 30.64 46.06 -104.41
CA PHE AA 112 30.07 46.35 -103.10
C PHE AA 112 29.42 47.73 -103.17
N PHE AA 113 28.14 47.79 -102.80
CA PHE AA 113 27.41 49.04 -102.71
C PHE AA 113 26.85 49.19 -101.31
N THR AA 114 26.77 50.44 -100.84
CA THR AA 114 26.30 50.69 -99.48
C THR AA 114 25.52 51.99 -99.46
N GLN AA 115 24.32 51.95 -98.90
CA GLN AA 115 23.40 53.08 -98.94
C GLN AA 115 23.63 54.08 -97.82
N ASN AA 116 24.02 53.61 -96.64
CA ASN AA 116 24.15 54.47 -95.46
C ASN AA 116 22.85 55.21 -95.19
N GLY AA 117 21.76 54.44 -95.15
CA GLY AA 117 20.44 54.97 -94.88
C GLY AA 117 19.94 54.53 -93.52
N SER AA 118 20.82 54.55 -92.52
CA SER AA 118 20.52 54.07 -91.18
C SER AA 118 20.26 52.57 -91.15
N ASP AA 119 20.65 51.86 -92.21
CA ASP AA 119 20.53 50.41 -92.29
C ASP AA 119 21.88 49.83 -92.66
N ASN AA 120 22.27 48.77 -91.96
CA ASN AA 120 23.60 48.19 -92.15
C ASN AA 120 23.62 47.25 -93.36
N VAL AA 121 23.16 47.74 -94.51
CA VAL AA 121 23.13 46.95 -95.73
C VAL AA 121 24.37 47.29 -96.54
N VAL AA 122 25.18 46.27 -96.81
CA VAL AA 122 26.34 46.37 -97.69
C VAL AA 122 26.18 45.25 -98.71
N VAL AA 123 25.56 45.56 -99.85
CA VAL AA 123 25.23 44.54 -100.83
C VAL AA 123 26.49 44.21 -101.63
N GLU AA 124 26.80 42.93 -101.70
CA GLU AA 124 27.96 42.43 -102.42
C GLU AA 124 27.50 41.56 -103.58
N ARG AA 125 28.16 41.72 -104.72
CA ARG AA 125 27.83 41.00 -105.95
C ARG AA 125 29.09 40.29 -106.45
N GLN AA 126 29.07 38.96 -106.41
CA GLN AA 126 30.17 38.14 -106.89
C GLN AA 126 29.82 37.59 -108.27
N PHE AA 127 30.70 37.80 -109.24
CA PHE AA 127 30.47 37.32 -110.60
C PHE AA 127 31.81 37.19 -111.31
N SER AA 128 31.77 37.01 -112.62
CA SER AA 128 32.97 36.85 -113.42
C SER AA 128 32.58 36.96 -114.89
N PHE AA 129 33.56 36.83 -115.77
CA PHE AA 129 33.35 36.84 -117.21
C PHE AA 129 34.63 36.33 -117.87
N ASN AA 130 34.70 36.44 -119.19
CA ASN AA 130 35.80 35.89 -119.97
C ASN AA 130 36.56 36.98 -120.71
N ILE AA 131 36.89 38.06 -120.00
CA ILE AA 131 37.55 39.22 -120.59
C ILE AA 131 38.65 38.80 -121.55
N GLU AA 132 38.69 39.45 -122.70
CA GLU AA 132 39.72 39.23 -123.71
C GLU AA 132 40.72 40.36 -123.70
N ASN AA 133 41.89 40.10 -124.29
CA ASN AA 133 42.95 41.11 -124.32
C ASN AA 133 42.50 42.41 -124.97
N ASP AA 134 41.42 42.39 -125.75
CA ASP AA 134 40.92 43.59 -126.41
C ASP AA 134 39.87 44.32 -125.56
N LEU AA 135 38.90 43.58 -125.03
CA LEU AA 135 37.89 44.16 -124.15
C LEU AA 135 37.08 43.02 -123.54
N VAL AA 136 36.05 43.38 -122.78
CA VAL AA 136 35.27 42.39 -122.05
C VAL AA 136 34.60 41.44 -123.03
N SER AA 137 34.78 40.14 -122.80
CA SER AA 137 34.21 39.11 -123.65
C SER AA 137 33.59 38.03 -122.77
N GLY AA 138 32.58 37.36 -123.32
CA GLY AA 138 31.88 36.33 -122.59
C GLY AA 138 31.42 36.80 -121.22
N PHE AA 139 30.51 37.77 -121.21
CA PHE AA 139 30.01 38.34 -119.95
C PHE AA 139 29.00 37.40 -119.32
N ASP AA 140 29.48 36.19 -119.00
CA ASP AA 140 28.66 35.12 -118.46
C ASP AA 140 29.16 34.73 -117.07
N GLY AA 141 28.61 33.66 -116.54
CA GLY AA 141 28.96 33.18 -115.22
C GLY AA 141 27.79 33.34 -114.27
N ILE AA 142 27.57 32.33 -113.43
CA ILE AA 142 26.48 32.37 -112.47
C ILE AA 142 26.82 33.43 -111.42
N THR AA 143 26.13 34.56 -111.49
CA THR AA 143 26.37 35.67 -110.58
C THR AA 143 25.52 35.50 -109.33
N LYS AA 144 26.15 35.69 -108.16
CA LYS AA 144 25.46 35.60 -106.89
C LYS AA 144 25.59 36.91 -106.13
N LEU AA 145 24.76 37.07 -105.12
CA LEU AA 145 24.76 38.28 -104.31
C LEU AA 145 24.57 37.89 -102.84
N VAL AA 146 25.15 38.73 -101.97
CA VAL AA 146 25.06 38.53 -100.53
C VAL AA 146 24.91 39.89 -99.86
N TYR AA 147 24.63 39.85 -98.57
CA TYR AA 147 24.40 41.05 -97.76
C TYR AA 147 25.22 40.95 -96.49
N ILE AA 148 26.14 41.90 -96.31
CA ILE AA 148 26.98 41.94 -95.12
C ILE AA 148 26.19 42.62 -94.01
N LYS AA 149 25.43 41.83 -93.25
CA LYS AA 149 24.55 42.33 -92.21
C LYS AA 149 25.02 41.90 -90.83
N SER AA 150 26.33 41.83 -90.63
CA SER AA 150 26.90 41.40 -89.36
C SER AA 150 28.39 41.65 -89.41
N ILE AA 151 28.97 42.07 -88.29
CA ILE AA 151 30.39 42.33 -88.27
C ILE AA 151 31.11 41.04 -87.88
N GLN AA 152 31.15 40.10 -88.82
CA GLN AA 152 32.21 39.09 -88.90
C GLN AA 152 32.62 38.79 -90.33
N ASP AA 153 31.76 39.00 -91.31
CA ASP AA 153 32.06 38.70 -92.70
C ASP AA 153 32.67 39.87 -93.44
N THR AA 154 32.68 41.06 -92.83
CA THR AA 154 33.56 42.12 -93.32
C THR AA 154 35.00 41.63 -93.34
N ILE AA 155 35.36 40.79 -92.37
CA ILE AA 155 36.66 40.12 -92.39
C ILE AA 155 36.64 38.97 -93.38
N GLU AA 156 35.49 38.34 -93.57
CA GLU AA 156 35.36 37.19 -94.47
C GLU AA 156 35.05 37.57 -95.90
N ALA AA 157 34.61 38.81 -96.15
CA ALA AA 157 34.33 39.23 -97.52
C ALA AA 157 35.56 39.05 -98.40
N VAL AA 158 36.64 39.77 -98.08
CA VAL AA 158 37.92 39.61 -98.77
C VAL AA 158 38.77 38.63 -97.97
N GLY AA 159 38.18 38.01 -96.95
CA GLY AA 159 38.91 37.12 -96.08
C GLY AA 159 39.55 35.95 -96.80
N LYS AA 160 38.98 35.52 -97.93
CA LYS AA 160 39.53 34.37 -98.64
C LYS AA 160 40.95 34.66 -99.11
N ASP AA 161 41.11 35.66 -100.00
CA ASP AA 161 42.43 35.99 -100.50
C ASP AA 161 43.31 36.56 -99.42
N PHE AA 162 42.72 37.26 -98.44
CA PHE AA 162 43.50 37.77 -97.32
C PHE AA 162 44.19 36.65 -96.57
N ASN AA 163 43.41 35.64 -96.13
CA ASN AA 163 43.99 34.50 -95.44
C ASN AA 163 44.90 33.70 -96.36
N GLN AA 164 44.62 33.69 -97.66
CA GLN AA 164 45.51 33.00 -98.60
C GLN AA 164 46.90 33.63 -98.57
N LEU AA 165 46.96 34.96 -98.71
CA LEU AA 165 48.25 35.64 -98.65
C LEU AA 165 48.89 35.50 -97.27
N LYS AA 166 48.08 35.50 -96.21
CA LYS AA 166 48.63 35.30 -94.88
C LYS AA 166 49.30 33.93 -94.76
N GLN AA 167 48.65 32.90 -95.29
CA GLN AA 167 49.23 31.56 -95.25
C GLN AA 167 50.45 31.45 -96.15
N ASN AA 168 50.47 32.17 -97.26
CA ASN AA 168 51.66 32.19 -98.10
C ASN AA 168 52.83 32.83 -97.35
N MET AA 169 52.58 33.95 -96.69
CA MET AA 169 53.61 34.58 -95.86
C MET AA 169 54.08 33.62 -94.77
N ALA AA 170 53.15 32.90 -94.16
CA ALA AA 170 53.52 31.96 -93.11
C ALA AA 170 54.34 30.80 -93.67
N ASP AA 171 54.05 30.37 -94.89
CA ASP AA 171 54.84 29.31 -95.51
C ASP AA 171 56.26 29.78 -95.79
N THR AA 172 56.40 30.99 -96.33
CA THR AA 172 57.74 31.55 -96.50
C THR AA 172 58.45 31.68 -95.16
N GLN AA 173 57.71 32.07 -94.12
CA GLN AA 173 58.31 32.22 -92.80
C GLN AA 173 58.80 30.89 -92.27
N THR AA 174 58.03 29.82 -92.45
CA THR AA 174 58.45 28.52 -91.95
C THR AA 174 59.60 27.95 -92.77
N LEU AA 175 59.65 28.26 -94.08
CA LEU AA 175 60.82 27.88 -94.86
C LEU AA 175 62.07 28.59 -94.34
N ILE AA 176 61.96 29.88 -94.06
CA ILE AA 176 63.08 30.61 -93.49
C ILE AA 176 63.46 30.02 -92.13
N ALA AA 177 62.46 29.64 -91.33
CA ALA AA 177 62.73 29.08 -90.02
C ALA AA 177 63.43 27.74 -90.12
N LYS AA 178 63.10 26.94 -91.14
CA LYS AA 178 63.79 25.68 -91.35
C LYS AA 178 65.22 25.92 -91.81
N VAL AA 179 65.42 26.89 -92.71
CA VAL AA 179 66.78 27.22 -93.13
C VAL AA 179 67.61 27.69 -91.95
N ASN AA 180 66.97 28.36 -90.99
CA ASN AA 180 67.68 28.82 -89.80
C ASN AA 180 67.94 27.67 -88.82
N ASP AA 181 66.97 26.77 -88.67
CA ASP AA 181 67.17 25.62 -87.80
C ASP AA 181 68.24 24.69 -88.34
N SER AA 182 68.43 24.68 -89.66
CA SER AA 182 69.50 23.87 -90.24
C SER AA 182 70.84 24.19 -89.61
N ALA AA 183 71.07 25.45 -89.25
CA ALA AA 183 72.32 25.85 -88.58
C ALA AA 183 72.17 25.96 -87.08
N THR AA 184 70.96 26.16 -86.56
CA THR AA 184 70.76 26.05 -85.12
C THR AA 184 71.10 24.65 -84.64
N LYS AA 185 70.80 23.64 -85.45
CA LYS AA 185 71.19 22.28 -85.13
C LYS AA 185 72.70 22.13 -85.11
N GLY AA 186 73.40 22.82 -86.01
CA GLY AA 186 74.85 22.84 -85.97
C GLY AA 186 75.37 23.49 -84.71
N ILE AA 187 74.71 24.57 -84.27
CA ILE AA 187 75.07 25.20 -83.01
C ILE AA 187 74.91 24.20 -81.86
N GLN AA 188 73.80 23.45 -81.87
CA GLN AA 188 73.58 22.45 -80.84
C GLN AA 188 74.67 21.39 -80.85
N GLN AA 189 75.00 20.88 -82.04
CA GLN AA 189 76.06 19.89 -82.16
C GLN AA 189 77.38 20.45 -81.66
N ILE AA 190 77.67 21.71 -81.97
CA ILE AA 190 78.91 22.33 -81.53
C ILE AA 190 78.96 22.39 -80.01
N GLU AA 191 77.91 22.95 -79.39
CA GLU AA 191 77.93 23.11 -77.94
C GLU AA 191 78.01 21.76 -77.24
N ILE AA 192 77.33 20.74 -77.79
CA ILE AA 192 77.33 19.44 -77.11
C ILE AA 192 78.67 18.75 -77.28
N LYS AA 193 79.26 18.82 -78.48
CA LYS AA 193 80.58 18.22 -78.68
C LYS AA 193 81.62 18.89 -77.80
N GLN AA 194 81.51 20.21 -77.62
CA GLN AA 194 82.46 20.91 -76.76
C GLN AA 194 82.25 20.54 -75.29
N ASN AA 195 81.00 20.48 -74.84
CA ASN AA 195 80.72 20.07 -73.48
C ASN AA 195 81.19 18.65 -73.22
N GLU AA 196 81.18 17.80 -74.23
CA GLU AA 196 81.68 16.44 -74.07
C GLU AA 196 83.21 16.41 -74.08
N ALA AA 197 83.84 17.25 -74.89
CA ALA AA 197 85.29 17.26 -74.97
C ALA AA 197 85.91 17.80 -73.69
N ILE AA 198 85.30 18.83 -73.09
CA ILE AA 198 85.87 19.41 -71.88
C ILE AA 198 85.94 18.38 -70.76
N GLN AA 199 85.07 17.38 -70.81
CA GLN AA 199 85.06 16.33 -69.79
C GLN AA 199 86.42 15.62 -69.73
N VAL BA 3 44.86 68.57 -39.41
CA VAL BA 3 45.85 67.58 -38.98
C VAL BA 3 46.04 67.68 -37.47
N ASP BA 4 46.04 68.91 -36.96
CA ASP BA 4 46.25 69.15 -35.54
C ASP BA 4 45.09 68.57 -34.74
N ASN BA 5 45.22 68.64 -33.42
CA ASN BA 5 44.14 68.22 -32.52
C ASN BA 5 43.25 69.41 -32.17
N PHE BA 6 42.83 70.14 -33.20
CA PHE BA 6 41.90 71.26 -33.04
C PHE BA 6 40.81 71.29 -34.10
N SER BA 7 40.98 70.63 -35.24
CA SER BA 7 40.01 70.69 -36.31
C SER BA 7 38.76 69.89 -35.95
N LYS BA 8 37.82 69.82 -36.90
CA LYS BA 8 36.65 68.99 -36.70
C LYS BA 8 37.01 67.51 -36.74
N ASP BA 9 37.52 67.05 -37.89
CA ASP BA 9 38.01 65.68 -38.07
C ASP BA 9 37.15 64.66 -37.34
N ASP BA 10 35.86 64.69 -37.64
CA ASP BA 10 34.89 63.74 -37.10
C ASP BA 10 34.05 63.16 -38.22
N ASN BA 11 34.69 62.81 -39.34
CA ASN BA 11 34.01 62.30 -40.51
C ASN BA 11 34.86 61.22 -41.15
N LEU BA 12 34.26 60.05 -41.37
CA LEU BA 12 34.94 58.93 -42.02
C LEU BA 12 34.17 58.57 -43.28
N ILE BA 13 34.75 58.89 -44.43
CA ILE BA 13 34.11 58.66 -45.73
C ILE BA 13 34.65 57.36 -46.30
N GLU BA 14 33.73 56.51 -46.76
CA GLU BA 14 34.05 55.18 -47.28
C GLU BA 14 34.07 55.25 -48.79
N LEU BA 15 35.20 55.69 -49.35
CA LEU BA 15 35.39 55.75 -50.80
C LEU BA 15 35.85 54.39 -51.28
N GLN BA 16 34.92 53.60 -51.78
CA GLN BA 16 35.18 52.23 -52.20
C GLN BA 16 35.27 52.14 -53.71
N THR BA 17 36.34 51.55 -54.21
CA THR BA 17 36.56 51.38 -55.65
C THR BA 17 35.75 50.18 -56.14
N THR BA 18 34.43 50.37 -56.18
CA THR BA 18 33.51 49.34 -56.61
C THR BA 18 32.91 49.74 -57.96
N SER BA 19 33.11 48.88 -58.96
CA SER BA 19 32.56 49.14 -60.28
C SER BA 19 31.07 48.90 -60.34
N GLN BA 20 30.49 48.26 -59.32
CA GLN BA 20 29.07 47.92 -59.36
C GLN BA 20 28.21 49.17 -59.43
N TYR BA 21 28.23 49.98 -58.36
CA TYR BA 21 27.46 51.22 -58.37
C TYR BA 21 27.82 52.01 -57.12
N ASN BA 22 27.87 53.33 -57.29
CA ASN BA 22 28.18 54.27 -56.21
C ASN BA 22 27.57 55.61 -56.58
N PRO BA 23 26.25 55.74 -56.48
CA PRO BA 23 25.59 56.90 -57.09
C PRO BA 23 26.06 58.24 -56.56
N VAL BA 24 25.82 58.50 -55.28
CA VAL BA 24 26.20 59.76 -54.67
C VAL BA 24 26.07 59.66 -53.16
N ILE BA 25 26.84 60.48 -52.43
CA ILE BA 25 26.74 60.57 -50.99
C ILE BA 25 26.20 61.95 -50.64
N ASP BA 26 25.08 61.98 -49.93
CA ASP BA 26 24.55 63.23 -49.38
C ASP BA 26 25.03 63.37 -47.94
N THR BA 27 26.35 63.52 -47.82
CA THR BA 27 27.01 63.50 -46.53
C THR BA 27 26.36 64.46 -45.55
N ASN BA 28 26.29 64.04 -44.29
CA ASN BA 28 25.76 64.84 -43.20
C ASN BA 28 26.95 65.48 -42.50
N ILE BA 29 27.29 66.70 -42.93
CA ILE BA 29 28.52 67.35 -42.49
C ILE BA 29 28.41 68.83 -42.79
N SER BA 30 29.06 69.65 -41.95
CA SER BA 30 29.02 71.10 -42.10
C SER BA 30 30.33 71.69 -41.59
N PHE BA 31 30.58 72.93 -41.99
CA PHE BA 31 31.78 73.64 -41.58
C PHE BA 31 31.53 75.08 -41.13
N TYR BA 32 30.35 75.64 -41.41
CA TYR BA 32 29.87 76.91 -40.87
C TYR BA 32 30.56 78.13 -41.45
N GLU BA 33 31.38 77.96 -42.49
CA GLU BA 33 31.80 79.07 -43.35
C GLU BA 33 32.79 80.02 -42.68
N SER BA 34 33.04 79.84 -41.38
CA SER BA 34 33.92 80.73 -40.65
C SER BA 34 35.15 80.03 -40.09
N ASP BA 35 35.21 78.70 -40.17
CA ASP BA 35 36.39 77.98 -39.71
C ASP BA 35 37.61 78.52 -40.44
N ARG BA 36 37.66 78.30 -41.75
CA ARG BA 36 38.61 78.94 -42.65
C ARG BA 36 40.06 78.67 -42.28
N GLY BA 37 40.30 77.89 -41.23
CA GLY BA 37 41.65 77.53 -40.85
C GLY BA 37 41.82 76.05 -40.62
N THR BA 38 40.70 75.35 -40.37
CA THR BA 38 40.75 73.92 -40.10
C THR BA 38 39.43 73.30 -40.60
N GLY BA 39 39.47 72.83 -41.84
CA GLY BA 39 38.44 71.96 -42.35
C GLY BA 39 39.06 70.69 -42.85
N VAL BA 40 38.83 69.57 -42.16
CA VAL BA 40 39.53 68.32 -42.41
C VAL BA 40 38.53 67.27 -42.85
N LEU BA 41 38.89 66.55 -43.90
CA LEU BA 41 38.10 65.44 -44.42
C LEU BA 41 38.95 64.17 -44.34
N ASN BA 42 38.48 63.20 -43.56
CA ASN BA 42 39.22 61.96 -43.35
C ASN BA 42 38.60 60.88 -44.24
N PHE BA 43 39.13 60.76 -45.45
CA PHE BA 43 38.69 59.74 -46.38
C PHE BA 43 39.31 58.40 -46.03
N ALA BA 44 38.51 57.35 -46.18
CA ALA BA 44 39.00 55.99 -46.22
C ALA BA 44 39.00 55.50 -47.67
N VAL BA 45 39.62 54.33 -47.88
CA VAL BA 45 39.67 53.73 -49.20
C VAL BA 45 39.52 52.23 -49.06
N THR BA 46 38.75 51.63 -49.95
CA THR BA 46 38.54 50.19 -49.94
C THR BA 46 38.35 49.71 -51.38
N LYS BA 47 38.66 48.44 -51.61
CA LYS BA 47 38.50 47.86 -52.93
C LYS BA 47 37.12 47.21 -53.08
N ASN BA 48 36.84 46.20 -52.27
CA ASN BA 48 35.51 45.61 -52.16
C ASN BA 48 34.98 45.69 -50.74
N ASN BA 49 35.73 45.19 -49.77
CA ASN BA 49 35.40 45.36 -48.37
C ASN BA 49 36.62 45.57 -47.49
N ARG BA 50 37.82 45.66 -48.06
CA ARG BA 50 39.06 45.80 -47.33
C ARG BA 50 39.79 47.06 -47.76
N PRO BA 51 40.67 47.58 -46.91
CA PRO BA 51 41.40 48.80 -47.26
C PRO BA 51 42.50 48.54 -48.29
N LEU BA 52 42.90 49.62 -48.94
CA LEU BA 52 43.96 49.57 -49.95
C LEU BA 52 45.31 49.91 -49.31
N SER BA 53 46.37 49.61 -50.05
CA SER BA 53 47.75 49.87 -49.64
C SER BA 53 48.37 50.77 -50.72
N ILE BA 54 48.26 52.07 -50.53
CA ILE BA 54 48.72 53.06 -51.50
C ILE BA 54 49.82 53.89 -50.87
N SER BA 55 50.93 54.02 -51.58
CA SER BA 55 52.11 54.76 -51.11
C SER BA 55 52.41 55.90 -52.07
N SER BA 56 53.43 56.69 -51.70
CA SER BA 56 53.83 57.81 -52.55
C SER BA 56 54.45 57.33 -53.85
N GLU BA 57 55.44 56.43 -53.76
CA GLU BA 57 55.99 55.83 -54.96
C GLU BA 57 54.88 55.24 -55.82
N HIS BA 58 53.87 54.66 -55.18
CA HIS BA 58 52.69 54.15 -55.89
C HIS BA 58 51.77 55.32 -56.22
N VAL BA 59 50.52 55.01 -56.56
CA VAL BA 59 49.57 55.99 -57.05
C VAL BA 59 49.65 57.30 -56.27
N LYS BA 60 49.61 58.42 -56.99
CA LYS BA 60 49.44 59.73 -56.38
C LYS BA 60 47.95 60.04 -56.27
N THR BA 61 47.63 60.96 -55.37
CA THR BA 61 46.27 61.28 -55.02
C THR BA 61 45.87 62.66 -55.54
N PHE BA 62 44.56 62.85 -55.69
CA PHE BA 62 44.00 64.13 -56.07
C PHE BA 62 42.56 64.17 -55.63
N ILE BA 63 42.10 65.36 -55.27
CA ILE BA 63 40.70 65.60 -54.92
C ILE BA 63 40.26 66.87 -55.62
N VAL BA 64 39.07 66.83 -56.22
CA VAL BA 64 38.49 67.96 -56.92
C VAL BA 64 37.29 68.45 -56.11
N LEU BA 65 37.27 69.76 -55.85
CA LEU BA 65 36.18 70.42 -55.16
C LEU BA 65 35.53 71.40 -56.11
N LYS BA 66 34.20 71.54 -56.02
CA LYS BA 66 33.46 72.36 -56.97
C LYS BA 66 32.16 72.79 -56.30
N THR BA 67 31.99 74.09 -56.10
CA THR BA 67 30.76 74.59 -55.50
C THR BA 67 29.56 74.19 -56.36
N ASP BA 68 28.37 74.39 -55.79
CA ASP BA 68 27.15 73.98 -56.47
C ASP BA 68 26.95 74.78 -57.76
N ASP BA 69 26.88 76.11 -57.64
CA ASP BA 69 26.67 76.99 -58.78
C ASP BA 69 28.04 77.48 -59.24
N TYR BA 70 28.71 76.68 -60.07
CA TYR BA 70 30.00 77.05 -60.62
C TYR BA 70 29.80 77.74 -61.97
N ASN BA 71 30.49 78.86 -62.15
CA ASN BA 71 30.42 79.59 -63.41
C ASN BA 71 31.72 80.37 -63.56
N VAL BA 72 32.13 80.56 -64.82
CA VAL BA 72 33.36 81.30 -65.10
C VAL BA 72 33.33 82.66 -64.42
N ASP BA 73 32.14 83.19 -64.16
CA ASP BA 73 32.01 84.47 -63.47
C ASP BA 73 31.76 84.31 -61.98
N ARG BA 74 31.14 83.22 -61.56
CA ARG BA 74 30.83 82.98 -60.16
C ARG BA 74 30.99 81.50 -59.84
N GLY BA 75 31.52 81.22 -58.65
CA GLY BA 75 31.63 79.85 -58.19
C GLY BA 75 33.02 79.50 -57.67
N ALA BA 76 33.39 78.24 -57.80
CA ALA BA 76 34.69 77.78 -57.31
C ALA BA 76 34.95 76.37 -57.84
N TYR BA 77 36.22 76.08 -58.06
CA TYR BA 77 36.64 74.78 -58.55
C TYR BA 77 38.15 74.63 -58.42
N ILE BA 78 38.60 73.54 -57.81
CA ILE BA 78 40.04 73.29 -57.69
C ILE BA 78 40.29 71.79 -57.65
N SER BA 79 41.55 71.41 -57.87
CA SER BA 79 41.99 70.03 -57.84
C SER BA 79 43.36 69.99 -57.15
N ASP BA 80 43.39 69.49 -55.92
CA ASP BA 80 44.63 69.50 -55.14
C ASP BA 80 44.95 68.12 -54.57
N GLU BA 81 45.94 68.03 -53.70
CA GLU BA 81 46.41 66.76 -53.19
C GLU BA 81 45.61 66.34 -51.96
N LEU BA 82 45.95 65.17 -51.40
CA LEU BA 82 45.20 64.58 -50.30
C LEU BA 82 45.97 64.51 -48.99
N THR BA 83 47.29 64.58 -49.02
CA THR BA 83 48.10 64.50 -47.80
C THR BA 83 47.87 63.17 -47.08
N ILE BA 84 48.29 62.10 -47.75
CA ILE BA 84 48.11 60.75 -47.23
C ILE BA 84 48.57 60.69 -45.78
N VAL BA 85 47.82 59.94 -44.97
CA VAL BA 85 48.15 59.71 -43.57
C VAL BA 85 48.72 58.31 -43.34
N ASP BA 86 47.96 57.28 -43.66
CA ASP BA 86 48.38 55.89 -43.50
C ASP BA 86 48.29 55.19 -44.85
N ALA BA 87 49.45 54.78 -45.37
CA ALA BA 87 49.52 54.07 -46.63
C ALA BA 87 49.09 52.62 -46.51
N ILE BA 88 48.62 52.18 -45.35
CA ILE BA 88 48.24 50.79 -45.12
C ILE BA 88 46.72 50.64 -45.08
N ASN BA 89 46.06 51.39 -44.22
CA ASN BA 89 44.60 51.35 -44.09
C ASN BA 89 43.90 52.31 -45.04
N GLY BA 90 44.64 53.06 -45.85
CA GLY BA 90 44.03 54.03 -46.74
C GLY BA 90 43.35 55.15 -46.00
N ARG BA 91 44.13 55.92 -45.23
CA ARG BA 91 43.63 57.04 -44.46
C ARG BA 91 44.17 58.33 -45.08
N LEU BA 92 43.27 59.15 -45.61
CA LEU BA 92 43.64 60.36 -46.35
C LEU BA 92 42.98 61.56 -45.68
N GLN BA 93 43.77 62.37 -44.98
CA GLN BA 93 43.26 63.58 -44.34
C GLN BA 93 43.55 64.75 -45.27
N TYR BA 94 42.48 65.37 -45.78
CA TYR BA 94 42.57 66.51 -46.67
C TYR BA 94 42.15 67.77 -45.93
N VAL BA 95 43.01 68.78 -45.97
CA VAL BA 95 42.72 70.05 -45.31
C VAL BA 95 42.08 70.98 -46.33
N ILE BA 96 40.83 71.37 -46.07
CA ILE BA 96 40.09 72.22 -46.99
C ILE BA 96 40.76 73.59 -47.02
N PRO BA 97 40.76 74.29 -48.16
CA PRO BA 97 41.45 75.58 -48.23
C PRO BA 97 40.71 76.66 -47.45
N ASN BA 98 41.44 77.73 -47.17
CA ASN BA 98 40.87 78.89 -46.49
C ASN BA 98 39.83 79.61 -47.33
N GLU BA 99 39.78 79.34 -48.63
CA GLU BA 99 38.96 80.13 -49.54
C GLU BA 99 37.52 79.64 -49.59
N PHE BA 100 37.33 78.37 -49.94
CA PHE BA 100 35.98 77.87 -50.19
C PHE BA 100 35.06 78.12 -49.00
N LEU BA 101 35.60 78.00 -47.79
CA LEU BA 101 34.79 78.26 -46.61
C LEU BA 101 34.27 79.68 -46.55
N LYS BA 102 34.76 80.57 -47.42
CA LYS BA 102 34.13 81.87 -47.58
C LYS BA 102 32.95 81.81 -48.54
N HIS BA 103 32.94 80.85 -49.46
CA HIS BA 103 31.86 80.69 -50.42
C HIS BA 103 30.80 79.80 -49.78
N SER BA 104 29.84 80.44 -49.10
CA SER BA 104 28.80 79.69 -48.40
C SER BA 104 28.03 78.80 -49.37
N GLY BA 105 27.22 77.92 -48.79
CA GLY BA 105 26.37 77.04 -49.58
C GLY BA 105 26.90 75.62 -49.67
N LYS BA 106 26.46 74.90 -50.70
CA LYS BA 106 26.86 73.52 -50.90
C LYS BA 106 28.07 73.43 -51.81
N VAL BA 107 28.81 72.34 -51.69
CA VAL BA 107 29.99 72.11 -52.51
C VAL BA 107 30.14 70.62 -52.77
N HIS BA 108 30.07 70.23 -54.04
CA HIS BA 108 30.31 68.86 -54.43
C HIS BA 108 31.80 68.58 -54.50
N ALA BA 109 32.14 67.30 -54.47
CA ALA BA 109 33.54 66.90 -54.44
C ALA BA 109 33.68 65.55 -55.12
N GLN BA 110 34.94 65.16 -55.32
CA GLN BA 110 35.26 63.87 -55.89
C GLN BA 110 36.73 63.59 -55.66
N ALA BA 111 37.08 62.31 -55.68
CA ALA BA 111 38.47 61.89 -55.55
C ALA BA 111 39.02 61.51 -56.92
N PHE BA 112 40.30 61.18 -56.95
CA PHE BA 112 41.00 60.90 -58.19
C PHE BA 112 42.34 60.27 -57.86
N PHE BA 113 42.67 59.15 -58.49
CA PHE BA 113 43.92 58.45 -58.21
C PHE BA 113 44.69 58.26 -59.51
N THR BA 114 45.93 58.75 -59.53
CA THR BA 114 46.78 58.67 -60.69
C THR BA 114 47.81 57.57 -60.50
N GLN BA 115 48.06 56.81 -61.56
CA GLN BA 115 49.07 55.76 -61.50
C GLN BA 115 50.46 56.37 -61.64
N ASN BA 116 51.29 56.17 -60.62
CA ASN BA 116 52.65 56.70 -60.62
C ASN BA 116 53.46 55.92 -61.65
N GLY BA 117 53.70 56.53 -62.81
CA GLY BA 117 54.44 55.90 -63.88
C GLY BA 117 53.61 55.43 -65.05
N SER BA 118 52.33 55.81 -65.12
CA SER BA 118 51.48 55.42 -66.24
C SER BA 118 50.25 56.31 -66.23
N ASP BA 119 49.58 56.39 -67.39
CA ASP BA 119 48.42 57.25 -67.53
C ASP BA 119 47.17 56.68 -66.89
N ASN BA 120 47.20 55.43 -66.44
CA ASN BA 120 46.02 54.84 -65.83
C ASN BA 120 45.65 55.61 -64.57
N VAL BA 121 44.34 55.78 -64.35
CA VAL BA 121 43.83 56.52 -63.21
C VAL BA 121 42.62 55.79 -62.65
N VAL BA 122 42.17 56.25 -61.49
CA VAL BA 122 40.96 55.75 -60.85
C VAL BA 122 40.26 56.91 -60.17
N VAL BA 123 38.94 56.86 -60.15
CA VAL BA 123 38.11 57.91 -59.59
C VAL BA 123 37.07 57.26 -58.69
N GLU BA 124 36.69 57.96 -57.63
CA GLU BA 124 35.85 57.41 -56.57
C GLU BA 124 34.47 58.07 -56.58
N ARG BA 125 33.68 57.70 -55.58
CA ARG BA 125 32.31 58.18 -55.48
C ARG BA 125 32.27 59.64 -55.07
N GLN BA 126 31.23 60.34 -55.54
CA GLN BA 126 31.06 61.74 -55.20
C GLN BA 126 30.60 61.89 -53.75
N PHE BA 127 30.49 63.13 -53.31
CA PHE BA 127 29.86 63.46 -52.05
C PHE BA 127 29.61 64.96 -52.04
N SER BA 128 28.92 65.43 -51.00
CA SER BA 128 28.46 66.81 -50.94
C SER BA 128 28.46 67.24 -49.47
N PHE BA 129 29.50 67.97 -49.06
CA PHE BA 129 29.61 68.45 -47.69
C PHE BA 129 29.18 69.90 -47.66
N ASN BA 130 27.90 70.13 -47.31
CA ASN BA 130 27.39 71.47 -47.16
C ASN BA 130 28.25 72.26 -46.18
N ILE BA 131 28.22 73.58 -46.31
CA ILE BA 131 28.84 74.48 -45.35
C ILE BA 131 27.89 75.64 -45.14
N GLU BA 132 27.43 75.83 -43.91
CA GLU BA 132 26.34 76.74 -43.62
C GLU BA 132 26.87 78.15 -43.39
N ASN BA 133 25.94 79.08 -43.23
CA ASN BA 133 26.27 80.46 -42.88
C ASN BA 133 26.52 80.56 -41.38
N ASP BA 134 27.10 81.68 -40.97
CA ASP BA 134 27.45 81.90 -39.58
C ASP BA 134 27.36 83.38 -39.25
N LEU BA 135 26.95 83.67 -38.02
CA LEU BA 135 26.90 85.05 -37.56
C LEU BA 135 28.26 85.71 -37.56
N VAL BA 136 29.34 84.92 -37.68
CA VAL BA 136 30.68 85.47 -37.70
C VAL BA 136 30.97 86.13 -39.05
N SER BA 137 30.43 85.56 -40.13
CA SER BA 137 30.73 86.01 -41.49
C SER BA 137 29.66 86.94 -42.04
N GLY BA 138 29.02 87.74 -41.21
CA GLY BA 138 27.97 88.63 -41.66
C GLY BA 138 27.82 89.86 -40.81
N PHE BA 139 26.56 90.17 -40.46
CA PHE BA 139 26.18 90.98 -39.31
C PHE BA 139 26.54 92.46 -39.43
N ASP BA 140 27.28 92.85 -40.46
CA ASP BA 140 27.66 94.25 -40.58
C ASP BA 140 28.48 94.43 -41.84
N GLY BA 141 28.59 95.69 -42.27
CA GLY BA 141 29.43 96.05 -43.39
C GLY BA 141 30.09 97.40 -43.20
N ILE BA 142 30.14 97.88 -41.97
CA ILE BA 142 30.88 99.11 -41.65
C ILE BA 142 31.79 98.86 -40.47
N THR BA 143 31.22 98.34 -39.37
CA THR BA 143 31.95 98.28 -38.11
C THR BA 143 33.31 97.62 -38.26
N LYS BA 144 33.44 96.65 -39.16
CA LYS BA 144 34.74 96.03 -39.38
C LYS BA 144 35.75 97.04 -39.90
N LEU BA 145 35.33 97.86 -40.86
CA LEU BA 145 36.21 98.90 -41.38
C LEU BA 145 36.50 99.94 -40.31
N VAL BA 146 35.49 100.31 -39.53
CA VAL BA 146 35.70 101.30 -38.47
C VAL BA 146 36.74 100.79 -37.48
N TYR BA 147 36.66 99.51 -37.13
CA TYR BA 147 37.56 98.97 -36.11
C TYR BA 147 38.97 98.75 -36.65
N ILE BA 148 39.09 98.32 -37.91
CA ILE BA 148 40.43 98.22 -38.49
C ILE BA 148 41.05 99.61 -38.59
N LYS BA 149 40.26 100.62 -38.94
CA LYS BA 149 40.76 101.99 -38.96
C LYS BA 149 41.18 102.45 -37.57
N SER BA 150 40.39 102.09 -36.55
CA SER BA 150 40.72 102.50 -35.19
C SER BA 150 42.02 101.87 -34.72
N ILE BA 151 42.19 100.57 -34.98
CA ILE BA 151 43.43 99.91 -34.57
C ILE BA 151 44.60 100.47 -35.36
N GLN BA 152 44.39 100.83 -36.64
CA GLN BA 152 45.47 101.44 -37.40
C GLN BA 152 45.88 102.78 -36.82
N ASP BA 153 44.90 103.60 -36.45
CA ASP BA 153 45.22 104.88 -35.83
C ASP BA 153 45.94 104.67 -34.50
N THR BA 154 45.48 103.71 -33.70
CA THR BA 154 46.10 103.46 -32.41
C THR BA 154 47.55 103.00 -32.56
N ILE BA 155 47.81 102.10 -33.50
CA ILE BA 155 49.18 101.63 -33.71
C ILE BA 155 50.04 102.78 -34.23
N GLU BA 156 49.55 103.52 -35.22
CA GLU BA 156 50.32 104.63 -35.77
C GLU BA 156 50.64 105.67 -34.69
N ALA BA 157 49.73 105.84 -33.72
CA ALA BA 157 49.98 106.81 -32.66
C ALA BA 157 50.96 106.26 -31.63
N VAL BA 158 50.61 105.13 -31.01
CA VAL BA 158 51.45 104.57 -29.95
C VAL BA 158 52.85 104.26 -30.44
N GLY BA 159 53.03 104.05 -31.75
CA GLY BA 159 54.36 103.83 -32.27
C GLY BA 159 55.27 105.03 -32.06
N LYS BA 160 54.72 106.23 -32.13
CA LYS BA 160 55.51 107.43 -31.90
C LYS BA 160 56.05 107.45 -30.48
N ASP BA 161 55.17 107.30 -29.49
CA ASP BA 161 55.61 107.27 -28.10
C ASP BA 161 56.53 106.09 -27.84
N PHE BA 162 56.29 104.95 -28.51
CA PHE BA 162 57.14 103.79 -28.31
C PHE BA 162 58.56 104.06 -28.80
N ASN BA 163 58.70 104.58 -30.02
CA ASN BA 163 60.02 104.93 -30.53
C ASN BA 163 60.67 105.99 -29.65
N GLN BA 164 59.88 106.95 -29.16
CA GLN BA 164 60.42 107.99 -28.28
C GLN BA 164 61.03 107.37 -27.03
N LEU BA 165 60.27 106.53 -26.33
CA LEU BA 165 60.75 105.95 -25.09
C LEU BA 165 61.80 104.87 -25.31
N LYS BA 166 61.88 104.31 -26.52
CA LYS BA 166 62.89 103.30 -26.80
C LYS BA 166 64.23 103.95 -27.14
N GLN BA 167 64.23 104.92 -28.05
CA GLN BA 167 65.46 105.63 -28.37
C GLN BA 167 66.01 106.36 -27.15
N ASN BA 168 65.13 106.83 -26.27
CA ASN BA 168 65.54 107.48 -25.03
C ASN BA 168 65.94 106.48 -23.96
N MET BA 169 65.91 105.18 -24.24
CA MET BA 169 66.29 104.16 -23.28
C MET BA 169 67.62 103.53 -23.66
N ASN CA 5 25.21 82.23 -3.13
CA ASN CA 5 25.20 83.17 -4.24
C ASN CA 5 23.80 83.30 -4.83
N PHE CA 6 23.53 84.45 -5.45
CA PHE CA 6 22.27 84.70 -6.14
C PHE CA 6 22.61 85.10 -7.58
N SER CA 7 22.30 84.21 -8.51
CA SER CA 7 22.56 84.44 -9.93
C SER CA 7 22.03 83.24 -10.70
N LYS CA 8 21.82 83.44 -11.99
CA LYS CA 8 21.21 82.41 -12.84
C LYS CA 8 22.29 81.57 -13.51
N ASP CA 9 23.11 80.94 -12.65
CA ASP CA 9 24.18 80.06 -13.08
C ASP CA 9 23.75 78.60 -13.14
N ASP CA 10 22.46 78.33 -13.27
CA ASP CA 10 21.96 76.96 -13.28
C ASP CA 10 21.95 76.35 -14.67
N ASN CA 11 21.81 77.18 -15.71
CA ASN CA 11 21.74 76.66 -17.06
C ASN CA 11 23.08 76.08 -17.49
N LEU CA 12 23.05 75.34 -18.59
CA LEU CA 12 24.26 74.80 -19.20
C LEU CA 12 23.94 74.25 -20.58
N ILE CA 13 24.74 74.64 -21.57
CA ILE CA 13 24.54 74.22 -22.95
C ILE CA 13 25.83 73.61 -23.47
N GLU CA 14 25.71 72.52 -24.23
CA GLU CA 14 26.86 71.81 -24.77
C GLU CA 14 27.08 72.22 -26.22
N LEU CA 15 28.34 72.42 -26.57
CA LEU CA 15 28.75 72.82 -27.91
C LEU CA 15 29.58 71.68 -28.50
N GLN CA 16 29.00 70.98 -29.46
CA GLN CA 16 29.64 69.82 -30.08
C GLN CA 16 30.56 70.30 -31.20
N THR CA 17 31.87 70.21 -30.98
CA THR CA 17 32.87 70.60 -31.97
C THR CA 17 33.07 69.44 -32.95
N THR CA 18 32.02 69.17 -33.72
CA THR CA 18 32.04 68.09 -34.69
C THR CA 18 31.35 68.56 -35.97
N SER CA 19 31.79 67.99 -37.10
CA SER CA 19 31.28 68.36 -38.42
C SER CA 19 30.26 67.32 -38.85
N GLN CA 20 29.05 67.41 -38.28
CA GLN CA 20 27.99 66.46 -38.58
C GLN CA 20 26.65 67.16 -38.70
N TYR CA 21 26.63 68.40 -39.17
CA TYR CA 21 25.40 69.18 -39.32
C TYR CA 21 24.65 69.26 -37.99
N ASN CA 22 25.35 69.79 -37.00
CA ASN CA 22 24.73 70.07 -35.71
C ASN CA 22 23.82 71.29 -35.87
N PRO CA 23 22.50 71.09 -35.92
CA PRO CA 23 21.60 72.19 -36.30
C PRO CA 23 21.38 73.16 -35.14
N VAL CA 24 20.73 74.28 -35.48
CA VAL CA 24 20.38 75.26 -34.45
C VAL CA 24 19.41 74.63 -33.47
N ILE CA 25 19.55 75.00 -32.20
CA ILE CA 25 18.77 74.42 -31.12
C ILE CA 25 18.23 75.53 -30.23
N ASP CA 26 16.97 75.39 -29.85
CA ASP CA 26 16.33 76.32 -28.91
C ASP CA 26 16.72 75.90 -27.50
N THR CA 27 17.80 76.48 -27.00
CA THR CA 27 18.32 76.12 -25.69
C THR CA 27 17.31 76.35 -24.57
N ASN CA 28 16.22 77.09 -24.83
CA ASN CA 28 15.23 77.39 -23.80
C ASN CA 28 15.89 78.12 -22.63
N ILE CA 29 16.49 79.26 -22.93
CA ILE CA 29 17.10 80.13 -21.94
C ILE CA 29 16.49 81.52 -22.11
N SER CA 30 15.65 81.91 -21.15
CA SER CA 30 14.90 83.16 -21.23
C SER CA 30 15.25 84.01 -20.01
N PHE CA 31 16.28 84.84 -20.14
CA PHE CA 31 16.53 85.87 -19.15
C PHE CA 31 15.45 86.95 -19.27
N TYR CA 32 15.60 88.00 -18.49
CA TYR CA 32 14.63 89.09 -18.44
C TYR CA 32 15.33 90.42 -18.71
N GLU CA 33 14.52 91.44 -18.97
CA GLU CA 33 15.05 92.76 -19.31
C GLU CA 33 15.80 93.37 -18.14
N SER CA 34 15.13 93.51 -16.99
CA SER CA 34 15.73 94.13 -15.82
C SER CA 34 16.64 93.15 -15.10
N ASP CA 35 17.67 92.72 -15.81
CA ASP CA 35 18.70 91.84 -15.28
C ASP CA 35 20.05 92.39 -15.68
N ARG CA 36 20.92 92.60 -14.68
CA ARG CA 36 22.20 93.24 -14.90
C ARG CA 36 23.29 92.45 -14.19
N GLY CA 37 24.28 91.99 -14.95
CA GLY CA 37 25.42 91.29 -14.39
C GLY CA 37 25.11 89.94 -13.78
N THR CA 38 23.86 89.50 -13.79
CA THR CA 38 23.48 88.22 -13.21
C THR CA 38 22.97 87.23 -14.27
N GLY CA 39 23.00 87.60 -15.54
CA GLY CA 39 22.66 86.67 -16.60
C GLY CA 39 23.90 86.00 -17.14
N VAL CA 40 24.03 84.70 -16.93
CA VAL CA 40 25.23 83.96 -17.25
C VAL CA 40 24.88 82.77 -18.13
N LEU CA 41 25.75 82.50 -19.11
CA LEU CA 41 25.61 81.37 -20.01
C LEU CA 41 26.76 80.41 -19.78
N ASN CA 42 26.45 79.21 -19.31
CA ASN CA 42 27.47 78.19 -19.06
C ASN CA 42 27.63 77.33 -20.31
N PHE CA 43 28.76 77.47 -20.98
CA PHE CA 43 29.08 76.67 -22.14
C PHE CA 43 29.97 75.50 -21.73
N ALA CA 44 29.71 74.34 -22.31
CA ALA CA 44 30.54 73.15 -22.11
C ALA CA 44 30.86 72.59 -23.49
N VAL CA 45 32.12 72.62 -23.85
CA VAL CA 45 32.52 72.23 -25.19
C VAL CA 45 32.89 70.75 -25.19
N THR CA 46 32.58 70.08 -26.30
CA THR CA 46 32.87 68.66 -26.46
C THR CA 46 33.42 68.42 -27.85
N LYS CA 47 34.54 67.71 -27.93
CA LYS CA 47 35.20 67.51 -29.22
C LYS CA 47 34.39 66.60 -30.12
N ASN CA 48 34.32 65.31 -29.76
CA ASN CA 48 33.51 64.34 -30.49
C ASN CA 48 32.40 63.77 -29.63
N ASN CA 49 32.73 63.25 -28.45
CA ASN CA 49 31.74 62.82 -27.48
C ASN CA 49 32.11 63.16 -26.05
N ARG CA 50 33.36 63.52 -25.78
CA ARG CA 50 33.85 63.85 -24.45
C ARG CA 50 34.35 65.29 -24.46
N PRO CA 51 34.64 65.89 -23.31
CA PRO CA 51 34.88 67.33 -23.28
C PRO CA 51 36.21 67.71 -23.91
N LEU CA 52 36.20 68.81 -24.65
CA LEU CA 52 37.39 69.37 -25.25
C LEU CA 52 38.07 70.30 -24.26
N SER CA 53 39.31 70.01 -23.91
CA SER CA 53 40.06 70.90 -23.05
C SER CA 53 40.38 72.20 -23.78
N ILE CA 54 40.59 73.26 -23.00
CA ILE CA 54 40.77 74.61 -23.51
C ILE CA 54 41.78 75.32 -22.64
N SER CA 55 42.15 76.53 -23.04
CA SER CA 55 43.04 77.36 -22.24
C SER CA 55 43.16 78.73 -22.89
N SER CA 56 43.31 79.76 -22.04
CA SER CA 56 43.51 81.11 -22.54
C SER CA 56 44.91 81.34 -23.05
N GLU CA 57 45.83 80.39 -22.82
CA GLU CA 57 47.20 80.54 -23.30
C GLU CA 57 47.32 80.15 -24.77
N HIS CA 58 46.93 78.91 -25.09
CA HIS CA 58 47.03 78.45 -26.47
C HIS CA 58 45.99 79.15 -27.36
N VAL CA 59 44.72 78.94 -27.06
CA VAL CA 59 43.65 79.49 -27.87
C VAL CA 59 43.04 80.68 -27.15
N LYS CA 60 42.23 81.43 -27.88
CA LYS CA 60 41.41 82.49 -27.30
C LYS CA 60 40.03 82.37 -27.89
N THR CA 61 39.01 82.35 -27.04
CA THR CA 61 37.64 82.06 -27.43
C THR CA 61 36.79 83.30 -27.32
N PHE CA 62 35.87 83.47 -28.27
CA PHE CA 62 34.93 84.57 -28.27
C PHE CA 62 33.57 84.03 -28.65
N ILE CA 63 32.54 84.84 -28.44
CA ILE CA 63 31.19 84.52 -28.88
C ILE CA 63 30.60 85.74 -29.55
N VAL CA 64 29.89 85.48 -30.63
CA VAL CA 64 29.08 86.47 -31.32
C VAL CA 64 27.63 86.29 -30.88
N LEU CA 65 26.89 87.39 -30.87
CA LEU CA 65 25.53 87.40 -30.35
C LEU CA 65 24.73 88.41 -31.16
N LYS CA 66 23.55 88.02 -31.62
CA LYS CA 66 22.76 88.85 -32.52
C LYS CA 66 21.29 88.62 -32.27
N THR CA 67 20.55 89.69 -31.98
CA THR CA 67 19.11 89.58 -31.86
C THR CA 67 18.50 89.22 -33.21
N ASP CA 68 17.19 88.94 -33.19
CA ASP CA 68 16.48 88.53 -34.40
C ASP CA 68 15.96 89.71 -35.20
N ASP CA 69 15.61 90.81 -34.53
CA ASP CA 69 15.09 92.00 -35.19
C ASP CA 69 16.20 92.94 -35.65
N TYR CA 70 17.40 92.41 -35.88
CA TYR CA 70 18.55 93.23 -36.25
C TYR CA 70 18.31 93.99 -37.55
N ASN CA 71 18.26 95.32 -37.46
CA ASN CA 71 18.16 96.18 -38.62
C ASN CA 71 19.20 97.29 -38.51
N VAL CA 72 19.46 97.95 -39.64
CA VAL CA 72 20.42 99.04 -39.65
C VAL CA 72 19.90 100.22 -38.82
N ASP CA 73 18.58 100.36 -38.73
CA ASP CA 73 17.98 101.42 -37.93
C ASP CA 73 17.62 100.97 -36.52
N ARG CA 74 17.59 99.66 -36.28
CA ARG CA 74 17.20 99.12 -34.97
C ARG CA 74 17.63 97.67 -34.91
N GLY CA 75 18.34 97.32 -33.85
CA GLY CA 75 18.78 95.94 -33.69
C GLY CA 75 19.73 95.79 -32.52
N ALA CA 76 20.57 94.77 -32.59
CA ALA CA 76 21.53 94.50 -31.53
C ALA CA 76 22.50 93.44 -32.02
N TYR CA 77 23.77 93.58 -31.64
CA TYR CA 77 24.79 92.61 -32.01
C TYR CA 77 26.07 92.94 -31.25
N ILE CA 78 26.80 91.91 -30.83
CA ILE CA 78 28.08 92.06 -30.16
C ILE CA 78 28.94 90.83 -30.44
N SER CA 79 30.22 90.93 -30.06
CA SER CA 79 31.14 89.81 -30.13
C SER CA 79 32.19 90.03 -29.06
N ASP CA 80 32.17 89.22 -28.01
CA ASP CA 80 33.02 89.45 -26.85
C ASP CA 80 33.58 88.13 -26.34
N GLU CA 81 34.56 88.24 -25.45
CA GLU CA 81 35.32 87.09 -24.99
C GLU CA 81 34.51 86.28 -23.98
N LEU CA 82 35.15 85.24 -23.44
CA LEU CA 82 34.55 84.32 -22.50
C LEU CA 82 35.30 84.41 -21.17
N THR CA 83 34.90 83.56 -20.22
CA THR CA 83 35.55 83.46 -18.91
C THR CA 83 35.74 81.98 -18.62
N ILE CA 84 36.87 81.42 -19.07
CA ILE CA 84 37.13 80.00 -18.90
C ILE CA 84 37.19 79.66 -17.43
N VAL CA 85 36.47 78.62 -17.02
CA VAL CA 85 36.53 78.08 -15.68
C VAL CA 85 36.46 76.57 -15.79
N ASP CA 86 37.38 75.88 -15.12
CA ASP CA 86 37.54 74.43 -15.26
C ASP CA 86 37.80 74.08 -16.73
N ALA CA 87 38.93 74.61 -17.22
CA ALA CA 87 39.23 74.50 -18.64
C ALA CA 87 39.41 73.06 -19.07
N ILE CA 88 40.19 72.29 -18.30
CA ILE CA 88 40.48 70.90 -18.66
C ILE CA 88 39.20 70.15 -18.97
N ASN CA 89 38.13 70.43 -18.23
CA ASN CA 89 36.84 69.81 -18.47
C ASN CA 89 36.08 70.44 -19.63
N GLY CA 90 36.68 71.39 -20.33
CA GLY CA 90 36.01 72.04 -21.44
C GLY CA 90 34.80 72.85 -21.02
N ARG CA 91 34.90 73.59 -19.93
CA ARG CA 91 33.81 74.37 -19.39
C ARG CA 91 34.19 75.84 -19.31
N LEU CA 92 33.20 76.71 -19.46
CA LEU CA 92 33.43 78.14 -19.39
C LEU CA 92 32.08 78.83 -19.25
N GLN CA 93 32.11 80.14 -19.00
CA GLN CA 93 30.89 80.89 -18.79
C GLN CA 93 31.04 82.28 -19.39
N TYR CA 94 29.89 82.85 -19.76
CA TYR CA 94 29.82 84.18 -20.35
C TYR CA 94 28.85 85.01 -19.54
N VAL CA 95 29.33 86.12 -18.97
CA VAL CA 95 28.49 87.04 -18.23
C VAL CA 95 27.79 87.94 -19.23
N ILE CA 96 26.47 87.84 -19.30
CA ILE CA 96 25.71 88.65 -20.25
C ILE CA 96 26.00 90.13 -20.00
N PRO CA 97 26.21 90.95 -21.04
CA PRO CA 97 26.48 92.36 -20.80
C PRO CA 97 25.26 93.10 -20.28
N ASN CA 98 25.36 94.42 -20.13
CA ASN CA 98 24.26 95.23 -19.63
C ASN CA 98 23.53 95.97 -20.73
N GLU CA 99 24.24 96.47 -21.74
CA GLU CA 99 23.61 97.21 -22.82
C GLU CA 99 22.81 96.31 -23.74
N PHE CA 100 23.03 95.00 -23.69
CA PHE CA 100 22.34 94.10 -24.61
C PHE CA 100 20.95 93.72 -24.13
N LEU CA 101 20.75 93.62 -22.81
CA LEU CA 101 19.46 93.19 -22.29
C LEU CA 101 18.34 94.09 -22.78
N LYS CA 102 18.60 95.39 -22.87
CA LYS CA 102 17.56 96.34 -23.27
C LYS CA 102 16.83 95.93 -24.54
N HIS CA 103 17.46 95.09 -25.37
CA HIS CA 103 16.83 94.58 -26.58
C HIS CA 103 16.26 93.20 -26.29
N SER CA 104 14.93 93.08 -26.42
CA SER CA 104 14.22 91.87 -26.06
C SER CA 104 13.94 91.01 -27.29
N GLY CA 105 13.44 89.81 -27.04
CA GLY CA 105 12.99 88.91 -28.08
C GLY CA 105 13.88 87.69 -28.23
N LYS CA 106 13.79 87.09 -29.41
CA LYS CA 106 14.66 85.98 -29.75
C LYS CA 106 16.09 86.47 -29.93
N VAL CA 107 17.03 85.53 -29.86
CA VAL CA 107 18.44 85.83 -30.02
C VAL CA 107 19.12 84.61 -30.60
N HIS CA 108 20.08 84.84 -31.49
CA HIS CA 108 20.97 83.81 -31.96
C HIS CA 108 22.37 84.09 -31.42
N ALA CA 109 23.11 83.03 -31.18
CA ALA CA 109 24.45 83.15 -30.62
C ALA CA 109 25.40 82.27 -31.42
N GLN CA 110 26.66 82.36 -31.05
CA GLN CA 110 27.70 81.56 -31.69
C GLN CA 110 28.96 81.68 -30.86
N ALA CA 111 29.74 80.62 -30.80
CA ALA CA 111 30.98 80.60 -30.05
C ALA CA 111 32.08 80.11 -30.97
N PHE CA 112 33.06 80.97 -31.24
CA PHE CA 112 34.16 80.64 -32.12
C PHE CA 112 35.48 80.83 -31.40
N PHE CA 113 36.40 79.91 -31.65
CA PHE CA 113 37.71 79.90 -31.04
C PHE CA 113 38.77 80.24 -32.07
N THR CA 114 39.87 80.84 -31.64
CA THR CA 114 41.00 81.15 -32.51
C THR CA 114 42.26 80.61 -31.86
N GLN CA 115 42.94 79.72 -32.57
CA GLN CA 115 44.18 79.13 -32.08
C GLN CA 115 45.34 80.07 -32.37
N ASN CA 116 46.05 80.49 -31.31
CA ASN CA 116 47.15 81.44 -31.44
C ASN CA 116 48.19 80.97 -32.46
N GLY CA 117 48.96 81.91 -32.99
CA GLY CA 117 50.05 81.59 -33.88
C GLY CA 117 49.63 81.36 -35.31
N SER CA 118 48.53 80.64 -35.50
CA SER CA 118 48.03 80.32 -36.83
C SER CA 118 46.77 81.06 -37.22
N ASP CA 119 46.01 81.57 -36.24
CA ASP CA 119 44.75 82.27 -36.46
C ASP CA 119 43.70 81.38 -37.13
N ASN CA 120 43.94 80.08 -37.22
CA ASN CA 120 42.95 79.14 -37.70
C ASN CA 120 41.88 78.96 -36.64
N VAL CA 121 40.62 79.15 -37.03
CA VAL CA 121 39.54 79.25 -36.04
C VAL CA 121 38.58 78.08 -36.14
N VAL CA 122 37.61 78.06 -35.25
CA VAL CA 122 36.63 76.98 -35.15
C VAL CA 122 35.30 77.59 -34.76
N VAL CA 123 34.22 77.06 -35.34
CA VAL CA 123 32.86 77.51 -35.07
C VAL CA 123 31.99 76.30 -34.77
N GLU CA 124 31.18 76.39 -33.73
CA GLU CA 124 30.59 75.21 -33.11
C GLU CA 124 29.13 74.96 -33.49
N ARG CA 125 28.21 75.86 -33.11
CA ARG CA 125 26.80 75.46 -33.21
C ARG CA 125 25.90 76.48 -33.88
N GLN CA 126 26.07 77.78 -33.62
CA GLN CA 126 25.09 78.79 -33.99
C GLN CA 126 23.74 78.50 -33.35
N PHE CA 127 23.75 78.43 -32.01
CA PHE CA 127 22.56 78.06 -31.27
C PHE CA 127 21.68 79.27 -31.01
N SER CA 128 20.49 79.00 -30.46
CA SER CA 128 19.49 80.02 -30.20
C SER CA 128 19.42 80.34 -28.72
N PHE CA 129 18.55 81.28 -28.38
CA PHE CA 129 18.55 81.88 -27.05
C PHE CA 129 17.37 82.85 -26.97
N ASN CA 130 16.83 83.10 -25.79
CA ASN CA 130 15.69 83.99 -25.65
C ASN CA 130 15.99 85.05 -24.60
N ILE CA 131 15.26 86.16 -24.69
CA ILE CA 131 15.32 87.21 -23.69
C ILE CA 131 13.94 87.85 -23.63
N GLU CA 132 13.42 88.04 -22.42
CA GLU CA 132 12.05 88.47 -22.22
C GLU CA 132 12.01 89.88 -21.66
N ASN CA 133 10.83 90.48 -21.73
CA ASN CA 133 10.60 91.83 -21.21
C ASN CA 133 9.86 91.76 -19.88
N ASP CA 134 10.17 92.69 -19.00
CA ASP CA 134 9.58 92.78 -17.68
C ASP CA 134 8.84 94.10 -17.54
N LEU CA 135 8.38 94.38 -16.33
CA LEU CA 135 7.65 95.61 -16.05
C LEU CA 135 8.57 96.75 -15.65
N VAL CA 136 9.81 96.47 -15.28
CA VAL CA 136 10.81 97.50 -15.00
C VAL CA 136 11.42 97.88 -16.35
N SER CA 137 10.79 98.82 -17.02
CA SER CA 137 11.20 99.23 -18.36
C SER CA 137 10.52 100.56 -18.67
N GLY CA 138 10.62 100.98 -19.93
CA GLY CA 138 10.10 102.27 -20.36
C GLY CA 138 11.17 103.03 -21.12
N PHE CA 139 12.41 102.91 -20.67
CA PHE CA 139 13.55 103.40 -21.43
C PHE CA 139 13.81 102.48 -22.62
N ASP CA 140 13.96 103.06 -23.79
CA ASP CA 140 14.08 102.30 -25.04
C ASP CA 140 15.48 102.47 -25.59
N GLY CA 141 16.23 101.37 -25.66
CA GLY CA 141 17.53 101.36 -26.28
C GLY CA 141 17.44 100.98 -27.74
N ILE CA 142 16.58 101.69 -28.49
CA ILE CA 142 16.35 101.36 -29.89
C ILE CA 142 17.64 101.46 -30.68
N THR CA 143 18.54 102.34 -30.29
CA THR CA 143 19.81 102.50 -30.99
C THR CA 143 20.54 101.17 -31.07
N LYS CA 144 20.71 100.68 -32.29
CA LYS CA 144 21.45 99.44 -32.49
C LYS CA 144 22.90 99.62 -32.06
N LEU CA 145 23.42 98.65 -31.31
CA LEU CA 145 24.81 98.67 -30.86
C LEU CA 145 25.57 97.55 -31.54
N VAL CA 146 26.74 97.86 -32.06
CA VAL CA 146 27.64 96.89 -32.66
C VAL CA 146 29.05 97.28 -32.21
N TYR CA 147 29.60 96.55 -31.24
CA TYR CA 147 30.94 96.80 -30.78
C TYR CA 147 31.68 95.48 -30.66
N ILE CA 148 32.87 95.42 -31.26
CA ILE CA 148 33.72 94.24 -31.23
C ILE CA 148 34.55 94.34 -29.96
N LYS CA 149 33.97 93.85 -28.85
CA LYS CA 149 34.67 93.91 -27.58
C LYS CA 149 36.04 93.25 -27.64
N SER CA 150 36.22 92.29 -28.55
CA SER CA 150 37.51 91.62 -28.65
C SER CA 150 38.62 92.60 -29.01
N ILE CA 151 38.50 93.24 -30.18
CA ILE CA 151 39.54 94.15 -30.62
C ILE CA 151 39.55 95.42 -29.78
N GLN CA 152 38.39 95.83 -29.27
CA GLN CA 152 38.33 97.00 -28.40
C GLN CA 152 39.17 96.75 -27.14
N ASP CA 153 38.93 95.62 -26.47
CA ASP CA 153 39.75 95.25 -25.32
C ASP CA 153 41.21 95.05 -25.74
N THR CA 154 41.44 94.58 -26.96
CA THR CA 154 42.82 94.44 -27.44
C THR CA 154 43.55 95.77 -27.42
N ILE CA 155 42.95 96.79 -28.02
CA ILE CA 155 43.59 98.09 -28.08
C ILE CA 155 43.70 98.70 -26.69
N GLU CA 156 42.67 98.53 -25.86
CA GLU CA 156 42.72 99.06 -24.51
C GLU CA 156 43.85 98.42 -23.71
N ALA CA 157 44.01 97.10 -23.85
CA ALA CA 157 45.07 96.40 -23.15
C ALA CA 157 46.44 96.77 -23.69
N VAL CA 158 46.55 97.03 -24.99
CA VAL CA 158 47.83 97.50 -25.53
C VAL CA 158 48.19 98.85 -24.94
N GLY CA 159 47.22 99.76 -24.88
CA GLY CA 159 47.47 101.05 -24.26
C GLY CA 159 47.87 100.92 -22.79
N LYS CA 160 47.16 100.08 -22.06
CA LYS CA 160 47.47 99.89 -20.64
C LYS CA 160 48.85 99.25 -20.47
N ASP CA 161 49.23 98.35 -21.38
CA ASP CA 161 50.55 97.73 -21.28
C ASP CA 161 51.64 98.74 -21.60
N PHE CA 162 51.40 99.63 -22.55
CA PHE CA 162 52.36 100.70 -22.81
C PHE CA 162 52.50 101.60 -21.58
N ASN CA 163 51.38 101.96 -20.96
CA ASN CA 163 51.45 102.80 -19.77
C ASN CA 163 52.17 102.09 -18.63
N GLN CA 164 51.92 100.79 -18.46
CA GLN CA 164 52.60 100.04 -17.41
C GLN CA 164 54.09 99.93 -17.69
N LEU CA 165 54.46 99.76 -18.96
CA LEU CA 165 55.86 99.78 -19.33
C LEU CA 165 56.50 101.12 -18.98
N LYS CA 166 55.77 102.21 -19.21
CA LYS CA 166 56.27 103.53 -18.85
C LYS CA 166 56.49 103.64 -17.35
N GLN CA 167 55.50 103.20 -16.57
CA GLN CA 167 55.64 103.26 -15.11
C GLN CA 167 56.80 102.40 -14.62
N ASN CA 168 57.00 101.24 -15.25
CA ASN CA 168 58.09 100.35 -14.84
C ASN CA 168 59.44 100.97 -15.19
N MET CA 169 59.55 101.57 -16.38
CA MET CA 169 60.77 102.26 -16.76
C MET CA 169 61.05 103.42 -15.82
N ALA CA 170 59.99 104.07 -15.31
CA ALA CA 170 60.18 105.11 -14.31
C ALA CA 170 60.69 104.54 -13.00
N ASP CA 171 60.06 103.45 -12.53
CA ASP CA 171 60.49 102.81 -11.30
C ASP CA 171 61.91 102.27 -11.37
N THR CA 172 62.39 101.96 -12.59
CA THR CA 172 63.75 101.46 -12.73
C THR CA 172 64.77 102.32 -11.99
N GLN CA 173 64.49 103.62 -11.86
CA GLN CA 173 65.40 104.51 -11.14
C GLN CA 173 65.25 104.39 -9.63
N THR CA 174 64.16 103.80 -9.15
CA THR CA 174 63.93 103.62 -7.73
C THR CA 174 64.46 102.30 -7.19
N LEU CA 175 64.92 101.40 -8.07
CA LEU CA 175 65.34 100.08 -7.61
C LEU CA 175 66.60 100.16 -6.76
N ILE CA 176 67.52 101.08 -7.08
CA ILE CA 176 68.72 101.22 -6.27
C ILE CA 176 68.36 101.70 -4.86
N ALA CA 177 67.41 102.63 -4.77
CA ALA CA 177 66.95 103.08 -3.46
C ALA CA 177 66.31 101.93 -2.70
N LYS CA 178 65.57 101.06 -3.39
CA LYS CA 178 64.99 99.90 -2.74
C LYS CA 178 66.07 98.97 -2.21
N VAL CA 179 67.11 98.73 -3.00
CA VAL CA 179 68.22 97.88 -2.56
C VAL CA 179 68.86 98.48 -1.31
N ASN CA 180 69.12 99.79 -1.34
CA ASN CA 180 69.77 100.43 -0.20
C ASN CA 180 68.90 100.36 1.05
N ASP CA 181 67.59 100.63 0.90
CA ASP CA 181 66.70 100.58 2.04
C ASP CA 181 66.61 99.17 2.61
N SER CA 182 66.54 98.16 1.74
CA SER CA 182 66.46 96.79 2.22
C SER CA 182 67.73 96.40 2.97
N ALA CA 183 68.90 96.77 2.44
CA ALA CA 183 70.14 96.46 3.12
C ALA CA 183 70.21 97.17 4.47
N THR CA 184 69.78 98.43 4.52
CA THR CA 184 69.80 99.17 5.77
C THR CA 184 68.88 98.53 6.81
N LYS CA 185 67.69 98.11 6.38
CA LYS CA 185 66.75 97.48 7.31
C LYS CA 185 67.29 96.13 7.78
N GLY CA 186 67.96 95.39 6.90
CA GLY CA 186 68.56 94.14 7.34
C GLY CA 186 69.66 94.36 8.37
N ILE CA 187 70.52 95.34 8.12
CA ILE CA 187 71.57 95.67 9.07
C ILE CA 187 70.97 96.10 10.40
N GLN CA 188 69.88 96.88 10.35
CA GLN CA 188 69.23 97.32 11.57
C GLN CA 188 68.65 96.15 12.34
N GLN CA 189 67.98 95.24 11.64
CA GLN CA 189 67.42 94.06 12.30
C GLN CA 189 68.50 93.21 12.93
N ILE CA 190 69.66 93.10 12.27
CA ILE CA 190 70.77 92.36 12.85
C ILE CA 190 71.24 93.05 14.12
N GLU CA 191 71.58 94.34 14.03
CA GLU CA 191 72.07 95.07 15.20
C GLU CA 191 71.05 95.07 16.33
N ILE CA 192 69.77 94.90 16.03
CA ILE CA 192 68.76 94.87 17.08
C ILE CA 192 68.85 93.56 17.87
N LYS CA 193 68.68 92.44 17.18
CA LYS CA 193 68.73 91.14 17.82
C LYS CA 193 70.11 90.50 17.66
N SER DA 19 42.59 75.10 -61.33
CA SER DA 19 42.54 75.57 -59.95
C SER DA 19 42.12 77.04 -59.90
N GLN DA 20 41.00 77.35 -60.54
CA GLN DA 20 40.52 78.72 -60.62
C GLN DA 20 39.58 79.02 -59.45
N TYR DA 21 39.26 80.31 -59.31
CA TYR DA 21 38.40 80.78 -58.23
C TYR DA 21 37.43 81.82 -58.78
N ASN DA 22 36.29 81.94 -58.11
CA ASN DA 22 35.25 82.90 -58.51
C ASN DA 22 34.42 83.26 -57.29
N PRO DA 23 35.02 83.98 -56.33
CA PRO DA 23 34.26 84.37 -55.13
C PRO DA 23 33.01 85.14 -55.52
N VAL DA 24 31.88 84.71 -54.97
CA VAL DA 24 30.57 85.28 -55.37
C VAL DA 24 30.35 86.49 -54.48
N ILE DA 25 31.05 87.58 -54.82
CA ILE DA 25 30.69 88.93 -54.38
C ILE DA 25 30.78 89.85 -55.59
N ASP DA 26 31.46 89.39 -56.65
CA ASP DA 26 31.60 90.15 -57.88
C ASP DA 26 32.04 91.58 -57.63
N THR DA 27 32.82 91.78 -56.56
CA THR DA 27 33.29 93.09 -56.15
C THR DA 27 34.81 93.10 -56.14
N ASN DA 28 35.39 94.11 -56.78
CA ASN DA 28 36.83 94.25 -56.87
C ASN DA 28 37.21 95.72 -56.86
N ILE DA 29 38.44 95.97 -56.42
CA ILE DA 29 39.00 97.32 -56.36
C ILE DA 29 40.34 97.26 -57.10
N SER DA 30 40.36 97.82 -58.31
CA SER DA 30 41.55 97.80 -59.15
C SER DA 30 42.35 99.08 -58.99
N PHE DA 31 43.63 98.98 -59.32
CA PHE DA 31 44.58 100.09 -59.17
C PHE DA 31 45.05 100.49 -60.56
N TYR DA 32 44.83 101.76 -60.92
CA TYR DA 32 45.21 102.24 -62.24
C TYR DA 32 46.72 102.25 -62.39
N GLU DA 33 47.22 101.53 -63.40
CA GLU DA 33 48.63 101.62 -63.75
C GLU DA 33 48.98 102.98 -64.32
N SER DA 34 47.98 103.73 -64.82
CA SER DA 34 48.20 105.07 -65.35
C SER DA 34 48.14 106.12 -64.24
N ASP DA 35 48.90 105.87 -63.17
CA ASP DA 35 49.08 106.82 -62.08
C ASP DA 35 50.56 107.04 -61.80
N ARG DA 36 51.42 106.74 -62.77
CA ARG DA 36 52.86 106.80 -62.60
C ARG DA 36 53.36 108.19 -62.23
N GLY DA 37 52.53 109.22 -62.33
CA GLY DA 37 52.94 110.59 -62.10
C GLY DA 37 52.33 111.15 -60.82
N THR DA 38 53.19 111.74 -60.00
CA THR DA 38 52.80 112.51 -58.81
C THR DA 38 52.08 111.65 -57.78
N GLY DA 39 52.17 110.33 -57.89
CA GLY DA 39 51.57 109.46 -56.88
C GLY DA 39 50.12 109.76 -56.60
N VAL DA 40 49.35 110.07 -57.65
CA VAL DA 40 47.91 110.29 -57.52
C VAL DA 40 47.26 108.91 -57.66
N LEU DA 41 47.13 108.21 -56.53
CA LEU DA 41 46.59 106.86 -56.55
C LEU DA 41 45.13 106.90 -56.98
N ASN DA 42 44.84 106.46 -58.19
CA ASN DA 42 43.49 106.50 -58.75
C ASN DA 42 42.98 105.07 -58.86
N PHE DA 43 42.23 104.65 -57.85
CA PHE DA 43 41.63 103.33 -57.84
C PHE DA 43 40.26 103.34 -58.52
N ALA DA 44 39.80 102.16 -58.89
CA ALA DA 44 38.49 101.98 -59.50
C ALA DA 44 37.76 100.85 -58.81
N VAL DA 45 36.44 100.92 -58.80
CA VAL DA 45 35.59 99.92 -58.17
C VAL DA 45 34.81 99.20 -59.27
N THR DA 46 34.58 97.91 -59.09
CA THR DA 46 33.84 97.11 -60.05
C THR DA 46 32.98 96.11 -59.30
N LYS DA 47 31.67 96.33 -59.30
CA LYS DA 47 30.71 95.43 -58.69
C LYS DA 47 29.85 94.83 -59.79
N ASN DA 48 29.86 93.51 -59.91
CA ASN DA 48 29.09 92.81 -60.93
C ASN DA 48 29.51 93.27 -62.32
N ASN DA 49 30.83 93.32 -62.54
CA ASN DA 49 31.39 93.80 -63.79
C ASN DA 49 30.80 95.16 -64.15
N ARG DA 50 30.63 96.00 -63.12
CA ARG DA 50 29.97 97.29 -63.29
C ARG DA 50 30.59 98.28 -62.33
N PRO DA 51 30.92 99.50 -62.76
CA PRO DA 51 31.45 100.49 -61.81
C PRO DA 51 30.36 100.96 -60.86
N LEU DA 52 30.67 100.93 -59.57
CA LEU DA 52 29.68 101.23 -58.54
C LEU DA 52 29.63 102.74 -58.27
N SER DA 53 28.43 103.31 -58.35
CA SER DA 53 28.22 104.70 -57.97
C SER DA 53 28.19 104.79 -56.45
N ILE DA 54 29.13 105.57 -55.90
CA ILE DA 54 29.32 105.65 -54.46
C ILE DA 54 28.83 107.00 -53.94
N SER DA 55 28.66 107.07 -52.62
CA SER DA 55 28.36 108.31 -51.93
C SER DA 55 29.07 108.31 -50.58
N SER DA 56 29.24 109.50 -50.02
CA SER DA 56 29.93 109.62 -48.74
C SER DA 56 29.30 108.72 -47.68
N GLU DA 57 27.98 108.57 -47.71
CA GLU DA 57 27.28 107.75 -46.74
C GLU DA 57 27.12 106.31 -47.20
N HIS DA 58 27.02 106.09 -48.52
CA HIS DA 58 26.75 104.74 -49.00
C HIS DA 58 27.86 103.77 -48.64
N VAL DA 59 29.12 104.19 -48.76
CA VAL DA 59 30.26 103.30 -48.63
C VAL DA 59 31.26 103.92 -47.67
N LYS DA 60 32.39 103.24 -47.50
CA LYS DA 60 33.51 103.77 -46.73
C LYS DA 60 34.80 103.21 -47.31
N THR DA 61 35.89 103.92 -47.02
CA THR DA 61 37.16 103.64 -47.65
C THR DA 61 38.28 103.87 -46.65
N PHE DA 62 39.46 103.35 -46.98
CA PHE DA 62 40.61 103.47 -46.10
C PHE DA 62 41.85 103.00 -46.85
N ILE DA 63 43.00 103.57 -46.50
CA ILE DA 63 44.26 103.17 -47.11
C ILE DA 63 45.36 103.30 -46.07
N VAL DA 64 46.29 102.35 -46.10
CA VAL DA 64 47.46 102.35 -45.24
C VAL DA 64 48.69 102.12 -46.11
N LEU DA 65 49.77 102.82 -45.80
CA LEU DA 65 51.01 102.70 -46.56
C LEU DA 65 52.18 102.63 -45.60
N LYS DA 66 53.08 101.68 -45.83
CA LYS DA 66 54.30 101.55 -45.05
C LYS DA 66 55.47 101.38 -46.00
N THR DA 67 56.55 102.10 -45.74
CA THR DA 67 57.71 102.09 -46.61
C THR DA 67 58.42 100.75 -46.57
N ASP DA 68 59.54 100.64 -47.27
CA ASP DA 68 60.33 99.42 -47.25
C ASP DA 68 60.79 99.14 -45.82
N ASP DA 69 61.48 98.00 -45.65
CA ASP DA 69 61.73 97.49 -44.32
C ASP DA 69 62.71 98.37 -43.56
N TYR DA 70 62.27 99.58 -43.22
CA TYR DA 70 62.99 100.38 -42.22
C TYR DA 70 62.98 99.65 -40.89
N ASN DA 71 64.10 99.71 -40.17
CA ASN DA 71 64.14 98.99 -38.90
C ASN DA 71 63.10 99.52 -37.93
N VAL DA 72 63.30 100.74 -37.41
CA VAL DA 72 62.24 101.45 -36.70
C VAL DA 72 62.29 102.94 -37.04
N ASP DA 73 63.40 103.39 -37.63
CA ASP DA 73 63.73 104.82 -37.59
C ASP DA 73 62.90 105.63 -38.58
N ARG DA 74 62.90 105.23 -39.85
CA ARG DA 74 62.25 105.99 -40.92
C ARG DA 74 61.10 105.16 -41.44
N GLY DA 75 59.95 105.27 -40.78
CA GLY DA 75 58.76 104.53 -41.18
C GLY DA 75 57.69 105.42 -41.78
N ALA DA 76 57.51 105.34 -43.09
CA ALA DA 76 56.43 106.07 -43.76
C ALA DA 76 55.12 105.30 -43.53
N TYR DA 77 54.72 105.26 -42.27
CA TYR DA 77 53.52 104.54 -41.83
C TYR DA 77 52.37 105.54 -41.78
N ILE DA 78 51.60 105.61 -42.86
CA ILE DA 78 50.51 106.56 -42.97
C ILE DA 78 49.21 105.79 -43.12
N SER DA 79 48.12 106.43 -42.68
CA SER DA 79 46.79 105.83 -42.75
C SER DA 79 45.79 106.95 -42.96
N ASP DA 80 45.01 106.88 -44.04
CA ASP DA 80 44.08 107.96 -44.35
C ASP DA 80 42.96 107.43 -45.22
N GLU DA 81 41.87 108.19 -45.27
CA GLU DA 81 40.71 107.83 -46.06
C GLU DA 81 40.97 108.16 -47.53
N LEU DA 82 39.94 108.02 -48.36
CA LEU DA 82 40.05 108.24 -49.80
C LEU DA 82 39.44 109.59 -50.17
N THR DA 83 39.53 109.92 -51.45
CA THR DA 83 38.89 111.11 -52.01
C THR DA 83 38.06 110.68 -53.21
N ILE DA 84 36.76 111.01 -53.18
CA ILE DA 84 35.83 110.62 -54.24
C ILE DA 84 36.05 111.58 -55.40
N VAL DA 85 36.74 111.10 -56.44
CA VAL DA 85 36.99 111.93 -57.61
C VAL DA 85 35.83 111.84 -58.59
N ASP DA 86 35.30 110.64 -58.79
CA ASP DA 86 34.16 110.46 -59.70
C ASP DA 86 33.42 109.21 -59.25
N ALA DA 87 32.28 109.41 -58.56
CA ALA DA 87 31.53 108.29 -58.03
C ALA DA 87 30.75 107.57 -59.13
N ILE DA 88 29.94 108.31 -59.88
CA ILE DA 88 29.14 107.71 -60.95
C ILE DA 88 30.01 106.86 -61.86
N ASN DA 89 31.25 107.28 -62.09
CA ASN DA 89 32.16 106.48 -62.91
C ASN DA 89 32.89 105.43 -62.09
N GLY DA 90 32.95 105.61 -60.78
CA GLY DA 90 33.54 104.62 -59.90
C GLY DA 90 35.01 104.79 -59.61
N ARG DA 91 35.53 106.02 -59.66
CA ARG DA 91 36.94 106.28 -59.41
C ARG DA 91 37.13 106.91 -58.04
N LEU DA 92 38.23 106.54 -57.40
CA LEU DA 92 38.58 107.06 -56.08
C LEU DA 92 40.00 107.57 -56.14
N GLN DA 93 40.19 108.86 -55.94
CA GLN DA 93 41.51 109.48 -55.99
C GLN DA 93 42.08 109.59 -54.58
N TYR DA 94 43.39 109.48 -54.49
CA TYR DA 94 44.13 109.72 -53.26
C TYR DA 94 45.41 110.44 -53.61
N VAL DA 95 45.53 111.69 -53.16
CA VAL DA 95 46.72 112.48 -53.42
C VAL DA 95 47.77 112.12 -52.38
N ILE DA 96 48.96 111.76 -52.85
CA ILE DA 96 50.03 111.32 -51.95
C ILE DA 96 50.63 112.54 -51.27
N PRO DA 97 50.74 112.55 -49.94
CA PRO DA 97 51.39 113.68 -49.27
C PRO DA 97 52.85 113.82 -49.71
N ASN DA 98 53.27 115.07 -49.91
CA ASN DA 98 54.65 115.32 -50.30
C ASN DA 98 55.62 114.81 -49.26
N GLU DA 99 55.28 114.97 -47.98
CA GLU DA 99 56.17 114.51 -46.92
C GLU DA 99 56.33 113.00 -46.96
N PHE DA 100 55.36 112.28 -47.51
CA PHE DA 100 55.43 110.81 -47.55
C PHE DA 100 56.35 110.34 -48.68
N LEU DA 101 56.16 110.87 -49.89
CA LEU DA 101 56.89 110.37 -51.04
C LEU DA 101 58.38 110.66 -50.96
N LYS DA 102 58.84 111.39 -49.93
CA LYS DA 102 60.28 111.58 -49.75
C LYS DA 102 61.00 110.25 -49.55
N HIS DA 103 60.31 109.27 -48.99
CA HIS DA 103 60.88 107.95 -48.76
C HIS DA 103 60.90 107.19 -50.08
N SER DA 104 62.07 107.14 -50.72
CA SER DA 104 62.20 106.46 -52.01
C SER DA 104 62.13 104.95 -51.90
N GLY DA 105 61.94 104.40 -50.69
CA GLY DA 105 61.85 102.97 -50.56
C GLY DA 105 60.51 102.44 -51.05
N LYS DA 106 60.52 101.17 -51.45
CA LYS DA 106 59.31 100.54 -51.95
C LYS DA 106 58.22 100.59 -50.89
N VAL DA 107 57.13 101.28 -51.20
CA VAL DA 107 56.05 101.52 -50.24
C VAL DA 107 54.98 100.46 -50.49
N HIS DA 108 54.87 99.52 -49.56
CA HIS DA 108 53.75 98.60 -49.56
C HIS DA 108 52.48 99.33 -49.15
N ALA DA 109 51.36 98.90 -49.73
CA ALA DA 109 50.09 99.59 -49.57
C ALA DA 109 48.96 98.58 -49.39
N GLN DA 110 48.01 98.95 -48.55
CA GLN DA 110 46.82 98.14 -48.28
C GLN DA 110 45.61 99.07 -48.36
N ALA DA 111 44.82 98.90 -49.41
CA ALA DA 111 43.56 99.63 -49.57
C ALA DA 111 42.42 98.78 -49.05
N PHE DA 112 41.38 99.46 -48.57
CA PHE DA 112 40.19 98.79 -48.05
C PHE DA 112 38.96 99.58 -48.49
N PHE DA 113 38.04 98.90 -49.15
CA PHE DA 113 36.78 99.49 -49.58
C PHE DA 113 35.63 98.67 -49.00
N THR DA 114 34.54 99.35 -48.67
CA THR DA 114 33.40 98.70 -48.05
C THR DA 114 32.11 99.32 -48.56
N GLN DA 115 31.21 98.48 -49.05
CA GLN DA 115 29.99 98.95 -49.69
C GLN DA 115 28.87 99.25 -48.71
N ASN DA 116 28.77 98.49 -47.62
CA ASN DA 116 27.66 98.62 -46.68
C ASN DA 116 26.32 98.49 -47.40
N GLY DA 117 26.21 97.45 -48.21
CA GLY DA 117 24.99 97.17 -48.94
C GLY DA 117 24.28 95.96 -48.39
N SER DA 118 24.22 95.87 -47.06
CA SER DA 118 23.65 94.72 -46.36
C SER DA 118 24.46 93.46 -46.60
N ASP DA 119 25.70 93.60 -47.05
CA ASP DA 119 26.61 92.49 -47.25
C ASP DA 119 27.92 92.80 -46.53
N ASN DA 120 28.45 91.82 -45.80
CA ASN DA 120 29.65 92.02 -45.01
C ASN DA 120 30.90 91.92 -45.88
N VAL DA 121 30.94 92.68 -46.96
CA VAL DA 121 32.06 92.68 -47.88
C VAL DA 121 32.97 93.83 -47.53
N VAL DA 122 34.24 93.52 -47.25
CA VAL DA 122 35.28 94.52 -47.00
C VAL DA 122 36.45 94.09 -47.86
N VAL DA 123 36.55 94.64 -49.06
CA VAL DA 123 37.56 94.21 -50.02
C VAL DA 123 38.87 94.91 -49.69
N GLU DA 124 39.93 94.10 -49.54
CA GLU DA 124 41.26 94.60 -49.24
C GLU DA 124 42.18 94.31 -50.43
N ARG DA 125 43.01 95.28 -50.77
CA ARG DA 125 43.94 95.20 -51.88
C ARG DA 125 45.35 95.44 -51.36
N GLN DA 126 46.18 94.41 -51.40
CA GLN DA 126 47.57 94.50 -50.98
C GLN DA 126 48.46 94.61 -52.21
N PHE DA 127 49.33 95.61 -52.23
CA PHE DA 127 50.22 95.81 -53.36
C PHE DA 127 51.43 96.64 -52.89
N SER DA 128 52.21 97.11 -53.85
CA SER DA 128 53.42 97.89 -53.55
C SER DA 128 53.86 98.56 -54.84
N PHE DA 129 54.97 99.29 -54.75
CA PHE DA 129 55.59 99.95 -55.90
C PHE DA 129 56.97 100.42 -55.47
N ASN DA 130 57.63 101.19 -56.35
CA ASN DA 130 59.00 101.63 -56.12
C ASN DA 130 59.08 103.15 -56.03
N ILE DA 131 58.19 103.75 -55.26
CA ILE DA 131 58.08 105.20 -55.15
C ILE DA 131 59.46 105.84 -55.04
N GLU DA 132 59.68 106.90 -55.81
CA GLU DA 132 60.91 107.67 -55.78
C GLU DA 132 60.69 108.96 -55.00
N ASN DA 133 61.81 109.56 -54.57
CA ASN DA 133 61.75 110.80 -53.81
C ASN DA 133 61.00 111.90 -54.55
N ASP DA 134 60.88 111.81 -55.87
CA ASP DA 134 60.17 112.82 -56.64
C ASP DA 134 58.67 112.52 -56.74
N LEU DA 135 58.32 111.28 -57.05
CA LEU DA 135 56.93 110.87 -57.16
C LEU DA 135 56.91 109.36 -57.35
N VAL DA 136 55.70 108.82 -57.55
CA VAL DA 136 55.54 107.38 -57.67
C VAL DA 136 56.31 106.86 -58.87
N SER DA 137 57.14 105.84 -58.64
CA SER DA 137 57.96 105.24 -59.68
C SER DA 137 57.87 103.72 -59.57
N GLY DA 138 58.02 103.06 -60.71
CA GLY DA 138 57.93 101.62 -60.75
C GLY DA 138 56.66 101.09 -60.10
N PHE DA 139 55.51 101.44 -60.68
CA PHE DA 139 54.22 101.04 -60.14
C PHE DA 139 53.95 99.56 -60.46
N ASP DA 140 54.81 98.72 -59.92
CA ASP DA 140 54.80 97.28 -60.18
C ASP DA 140 54.57 96.53 -58.88
N GLY DA 141 54.69 95.21 -58.95
CA GLY DA 141 54.49 94.35 -57.80
C GLY DA 141 53.25 93.49 -58.01
N ILE DA 142 53.35 92.22 -57.64
CA ILE DA 142 52.22 91.31 -57.78
C ILE DA 142 51.17 91.72 -56.75
N THR DA 143 50.09 92.33 -57.23
CA THR DA 143 49.02 92.81 -56.37
C THR DA 143 48.02 91.70 -56.11
N LYS DA 144 47.63 91.54 -54.85
CA LYS DA 144 46.66 90.54 -54.46
C LYS DA 144 45.48 91.23 -53.77
N LEU DA 145 44.38 90.49 -53.65
CA LEU DA 145 43.18 91.00 -53.02
C LEU DA 145 42.57 89.91 -52.15
N VAL DA 146 41.92 90.34 -51.07
CA VAL DA 146 41.25 89.45 -50.13
C VAL DA 146 39.92 90.07 -49.73
N TYR DA 147 39.10 89.26 -49.07
CA TYR DA 147 37.77 89.65 -48.65
C TYR DA 147 37.61 89.32 -47.17
N ILE DA 148 37.39 90.35 -46.35
CA ILE DA 148 37.21 90.16 -44.93
C ILE DA 148 35.74 89.79 -44.68
N LYS DA 149 35.44 88.50 -44.74
CA LYS DA 149 34.08 87.98 -44.63
C LYS DA 149 33.92 87.16 -43.35
N SER DA 150 34.57 87.61 -42.29
CA SER DA 150 34.52 86.92 -41.00
C SER DA 150 35.17 87.80 -39.96
N ILE DA 151 34.62 87.83 -38.76
CA ILE DA 151 35.23 88.64 -37.72
C ILE DA 151 36.26 87.80 -36.98
N GLN DA 152 37.38 87.55 -37.64
CA GLN DA 152 38.66 87.27 -36.98
C GLN DA 152 39.84 87.89 -37.69
N ASP DA 153 39.75 88.17 -38.99
CA ASP DA 153 40.85 88.76 -39.74
C ASP DA 153 40.76 90.27 -39.79
N THR DA 154 39.67 90.86 -39.30
CA THR DA 154 39.71 92.28 -38.95
C THR DA 154 40.82 92.54 -37.95
N ILE DA 155 41.09 91.56 -37.08
CA ILE DA 155 42.23 91.63 -36.19
C ILE DA 155 43.50 91.24 -36.94
N GLU DA 156 43.38 90.36 -37.93
CA GLU DA 156 44.53 89.89 -38.70
C GLU DA 156 44.82 90.74 -39.93
N ALA DA 157 43.90 91.62 -40.32
CA ALA DA 157 44.17 92.50 -41.47
C ALA DA 157 45.42 93.33 -41.22
N VAL DA 158 45.38 94.18 -40.19
CA VAL DA 158 46.57 94.88 -39.74
C VAL DA 158 47.29 94.13 -38.62
N GLY DA 159 46.81 92.93 -38.26
CA GLY DA 159 47.38 92.19 -37.16
C GLY DA 159 48.87 91.92 -37.29
N LYS DA 160 49.39 91.92 -38.51
CA LYS DA 160 50.82 91.66 -38.70
C LYS DA 160 51.66 92.72 -37.99
N ASP DA 161 51.56 93.96 -38.43
CA ASP DA 161 52.34 95.03 -37.82
C ASP DA 161 51.88 95.32 -36.40
N PHE DA 162 50.59 95.12 -36.12
CA PHE DA 162 50.08 95.28 -34.76
C PHE DA 162 50.81 94.36 -33.79
N ASN DA 163 50.80 93.05 -34.09
CA ASN DA 163 51.50 92.10 -33.25
C ASN DA 163 53.01 92.32 -33.28
N GLN DA 164 53.54 92.83 -34.39
CA GLN DA 164 54.97 93.15 -34.44
C GLN DA 164 55.32 94.20 -33.38
N LEU DA 165 54.57 95.31 -33.38
CA LEU DA 165 54.81 96.34 -32.38
C LEU DA 165 54.53 95.84 -30.98
N LYS DA 166 53.51 94.98 -30.82
CA LYS DA 166 53.22 94.40 -29.51
C LYS DA 166 54.42 93.60 -29.00
N GLN DA 167 55.02 92.79 -29.88
CA GLN DA 167 56.18 92.00 -29.49
C GLN DA 167 57.40 92.88 -29.25
N ASN DA 168 57.52 93.98 -29.98
CA ASN DA 168 58.62 94.92 -29.71
C ASN DA 168 58.46 95.54 -28.33
N MET DA 169 57.24 95.95 -27.98
CA MET DA 169 56.97 96.48 -26.65
C MET DA 169 57.26 95.43 -25.58
N ALA DA 170 56.89 94.17 -25.86
CA ALA DA 170 57.16 93.11 -24.90
C ALA DA 170 58.66 92.84 -24.76
N ASP DA 171 59.42 92.97 -25.85
CA ASP DA 171 60.86 92.81 -25.76
C ASP DA 171 61.49 93.91 -24.91
N THR DA 172 61.06 95.16 -25.12
CA THR DA 172 61.53 96.24 -24.26
C THR DA 172 61.12 95.99 -22.81
N GLN DA 173 59.93 95.46 -22.61
CA GLN DA 173 59.46 95.18 -21.25
C GLN DA 173 60.31 94.13 -20.58
N THR DA 174 60.67 93.07 -21.31
CA THR DA 174 61.48 92.02 -20.71
C THR DA 174 62.92 92.48 -20.50
N LEU DA 175 63.42 93.37 -21.36
CA LEU DA 175 64.73 93.97 -21.08
C LEU DA 175 64.69 94.80 -19.79
N ILE DA 176 63.64 95.59 -19.62
CA ILE DA 176 63.48 96.34 -18.38
C ILE DA 176 63.36 95.40 -17.19
N ALA DA 177 62.65 94.28 -17.37
CA ALA DA 177 62.48 93.33 -16.28
C ALA DA 177 63.80 92.67 -15.92
N LYS DA 178 64.66 92.42 -16.91
CA LYS DA 178 65.97 91.87 -16.62
C LYS DA 178 66.85 92.89 -15.91
N VAL DA 179 66.79 94.15 -16.35
CA VAL DA 179 67.54 95.20 -15.66
C VAL DA 179 67.07 95.34 -14.21
N ASN DA 180 65.79 95.11 -13.96
CA ASN DA 180 65.25 95.17 -12.60
C ASN DA 180 65.63 93.93 -11.79
N ASP DA 181 65.61 92.76 -12.42
CA ASP DA 181 65.99 91.54 -11.73
C ASP DA 181 67.47 91.53 -11.39
N SER DA 182 68.29 92.25 -12.17
CA SER DA 182 69.70 92.35 -11.85
C SER DA 182 69.91 92.89 -10.44
N ALA DA 183 69.02 93.77 -9.97
CA ALA DA 183 69.09 94.30 -8.62
C ALA DA 183 68.17 93.59 -7.65
N THR DA 184 67.08 92.98 -8.13
CA THR DA 184 66.30 92.11 -7.26
C THR DA 184 67.14 90.94 -6.76
N LYS DA 185 68.06 90.46 -7.60
CA LYS DA 185 68.99 89.42 -7.16
C LYS DA 185 69.92 89.94 -6.09
N GLY DA 186 70.33 91.21 -6.20
CA GLY DA 186 71.10 91.81 -5.12
C GLY DA 186 70.32 91.92 -3.84
N ILE DA 187 69.03 92.23 -3.95
CA ILE DA 187 68.16 92.25 -2.78
C ILE DA 187 68.12 90.86 -2.15
N GLN DA 188 68.00 89.83 -2.98
CA GLN DA 188 67.97 88.46 -2.47
C GLN DA 188 69.27 88.12 -1.76
N GLN DA 189 70.41 88.45 -2.37
CA GLN DA 189 71.71 88.20 -1.75
C GLN DA 189 71.82 88.94 -0.43
N ILE DA 190 71.35 90.19 -0.39
CA ILE DA 190 71.42 90.97 0.84
C ILE DA 190 70.58 90.30 1.93
N GLU DA 191 69.33 89.98 1.64
CA GLU DA 191 68.48 89.41 2.68
C GLU DA 191 69.02 88.07 3.16
N ILE DA 192 69.58 87.26 2.26
CA ILE DA 192 70.07 85.95 2.67
C ILE DA 192 71.35 86.08 3.49
N LYS DA 193 72.26 86.98 3.08
CA LYS DA 193 73.47 87.18 3.86
C LYS DA 193 73.14 87.73 5.24
N GLN DA 194 72.10 88.57 5.34
CA GLN DA 194 71.73 89.12 6.63
C GLN DA 194 71.06 88.07 7.50
N ASN DA 195 70.19 87.24 6.92
CA ASN DA 195 69.59 86.14 7.67
C ASN DA 195 70.64 85.14 8.13
N GLU DA 196 71.74 85.00 7.38
CA GLU DA 196 72.81 84.10 7.79
C GLU DA 196 73.68 84.72 8.86
N ALA DA 197 73.92 86.03 8.79
CA ALA DA 197 74.79 86.68 9.77
C ALA DA 197 74.18 86.67 11.16
N ILE DA 198 72.87 86.91 11.26
CA ILE DA 198 72.21 86.96 12.55
C ILE DA 198 72.38 85.65 13.30
N GLN DA 199 72.52 84.54 12.58
CA GLN DA 199 72.70 83.23 13.19
C GLN DA 199 73.93 83.21 14.09
N MET EA 1 -65.80 111.97 -14.30
CA MET EA 1 -64.72 111.08 -14.85
C MET EA 1 -63.64 111.91 -15.51
N TYR EA 2 -62.63 111.24 -16.05
CA TYR EA 2 -61.52 111.92 -16.69
C TYR EA 2 -60.95 111.05 -17.80
N LYS EA 3 -60.43 111.72 -18.83
CA LYS EA 3 -59.72 111.07 -19.93
C LYS EA 3 -58.35 111.73 -19.99
N ILE EA 4 -57.36 111.09 -19.35
CA ILE EA 4 -56.03 111.66 -19.21
C ILE EA 4 -55.10 110.96 -20.18
N LYS EA 5 -54.16 111.72 -20.74
CA LYS EA 5 -53.12 111.15 -21.59
C LYS EA 5 -51.76 111.44 -20.98
N ASP EA 6 -51.04 110.39 -20.59
CA ASP EA 6 -49.69 110.52 -20.04
C ASP EA 6 -48.67 110.63 -21.16
N VAL EA 7 -47.71 111.54 -21.01
CA VAL EA 7 -46.66 111.77 -22.00
C VAL EA 7 -45.35 112.05 -21.29
N GLU EA 8 -44.25 111.79 -21.98
CA GLU EA 8 -42.91 112.03 -21.48
C GLU EA 8 -42.25 113.13 -22.30
N THR EA 9 -41.73 114.15 -21.62
CA THR EA 9 -41.08 115.28 -22.26
C THR EA 9 -39.61 115.28 -21.87
N ARG EA 10 -38.72 115.10 -22.84
CA ARG EA 10 -37.30 114.95 -22.61
C ARG EA 10 -36.54 116.12 -23.19
N ILE EA 11 -35.57 116.62 -22.43
CA ILE EA 11 -34.68 117.69 -22.89
C ILE EA 11 -33.47 117.00 -23.53
N LYS EA 12 -33.60 116.67 -24.81
CA LYS EA 12 -32.51 116.08 -25.57
C LYS EA 12 -31.94 117.15 -26.50
N ASN EA 13 -30.67 117.50 -26.29
CA ASN EA 13 -30.05 118.60 -27.01
C ASN EA 13 -30.11 118.43 -28.52
N ASP EA 14 -30.28 117.20 -29.01
CA ASP EA 14 -30.34 116.96 -30.45
C ASP EA 14 -31.74 117.22 -30.98
N GLY EA 15 -32.28 118.40 -30.68
CA GLY EA 15 -33.62 118.74 -31.11
C GLY EA 15 -34.66 117.92 -30.38
N VAL EA 16 -35.88 118.46 -30.25
CA VAL EA 16 -36.97 117.75 -29.59
C VAL EA 16 -38.26 118.12 -30.31
N ASP EA 17 -38.87 117.15 -30.98
CA ASP EA 17 -40.13 117.37 -31.69
C ASP EA 17 -40.92 116.06 -31.61
N LEU EA 18 -41.80 115.97 -30.61
CA LEU EA 18 -42.67 114.82 -30.46
C LEU EA 18 -43.83 114.96 -31.44
N GLY EA 19 -43.88 114.08 -32.43
CA GLY EA 19 -44.88 114.19 -33.49
C GLY EA 19 -46.29 113.89 -33.02
N ASP EA 20 -47.14 113.48 -33.96
CA ASP EA 20 -48.53 113.19 -33.65
C ASP EA 20 -48.63 112.17 -32.53
N ILE EA 21 -49.19 112.58 -31.40
CA ILE EA 21 -49.48 111.66 -30.31
C ILE EA 21 -50.78 110.95 -30.62
N GLY EA 22 -50.82 109.64 -30.32
CA GLY EA 22 -52.03 108.88 -30.58
C GLY EA 22 -53.27 109.52 -29.97
N CYS EA 23 -53.09 110.33 -28.94
CA CYS EA 23 -54.21 111.01 -28.30
C CYS EA 23 -55.00 111.82 -29.30
N ARG EA 24 -56.33 111.66 -29.26
CA ARG EA 24 -57.22 112.45 -30.10
C ARG EA 24 -58.52 112.68 -29.32
N PHE EA 25 -58.60 113.82 -28.65
CA PHE EA 25 -59.83 114.16 -27.94
C PHE EA 25 -60.91 114.56 -28.94
N TYR EA 26 -62.06 114.98 -28.43
CA TYR EA 26 -63.19 115.35 -29.26
C TYR EA 26 -63.82 116.63 -28.73
N THR EA 27 -64.48 117.34 -29.65
CA THR EA 27 -64.96 118.69 -29.36
C THR EA 27 -65.70 118.76 -28.03
N GLU EA 28 -66.77 117.97 -27.90
CA GLU EA 28 -67.63 118.06 -26.73
C GLU EA 28 -66.95 117.61 -25.45
N ASP EA 29 -65.72 117.10 -25.52
CA ASP EA 29 -64.95 116.76 -24.33
C ASP EA 29 -64.47 118.06 -23.72
N GLU EA 30 -65.38 118.73 -23.01
CA GLU EA 30 -65.12 120.08 -22.54
C GLU EA 30 -64.06 120.11 -21.45
N ASN EA 31 -64.33 119.44 -20.32
CA ASN EA 31 -63.44 119.46 -19.17
C ASN EA 31 -62.93 118.09 -18.76
N THR EA 32 -63.60 117.02 -19.17
CA THR EA 32 -63.13 115.68 -18.82
C THR EA 32 -61.73 115.43 -19.37
N ALA EA 33 -61.50 115.81 -20.62
CA ALA EA 33 -60.21 115.60 -21.25
C ALA EA 33 -59.11 116.28 -20.45
N SER EA 34 -57.90 115.71 -20.51
CA SER EA 34 -56.77 116.35 -19.85
C SER EA 34 -55.47 115.69 -20.28
N ILE EA 35 -54.43 116.51 -20.41
CA ILE EA 35 -53.10 116.04 -20.71
C ILE EA 35 -52.31 115.97 -19.41
N ARG EA 36 -51.46 114.96 -19.29
CA ARG EA 36 -50.57 114.79 -18.16
C ARG EA 36 -49.20 114.49 -18.72
N ILE EA 37 -48.18 115.18 -18.22
CA ILE EA 37 -46.85 115.09 -18.78
C ILE EA 37 -45.82 115.04 -17.66
N GLY EA 38 -44.74 114.32 -17.93
CA GLY EA 38 -43.63 114.24 -16.99
C GLY EA 38 -42.33 114.63 -17.66
N ILE EA 39 -41.61 115.56 -17.04
CA ILE EA 39 -40.35 116.05 -17.58
C ILE EA 39 -39.23 115.12 -17.11
N ASN EA 40 -38.31 114.83 -18.02
CA ASN EA 40 -37.16 113.97 -17.70
C ASN EA 40 -36.00 114.45 -18.55
N ASP EA 41 -34.99 115.06 -17.91
CA ASP EA 41 -33.94 115.75 -18.67
C ASP EA 41 -32.79 114.82 -19.03
N LYS EA 42 -32.07 114.33 -18.03
CA LYS EA 42 -30.98 113.39 -18.30
C LYS EA 42 -30.98 112.17 -17.37
N GLN EA 43 -31.33 112.34 -16.10
CA GLN EA 43 -31.21 111.28 -15.11
C GLN EA 43 -32.58 110.80 -14.63
N GLY EA 44 -33.62 111.17 -15.33
CA GLY EA 44 -34.97 111.00 -14.86
C GLY EA 44 -35.67 112.34 -14.67
N ARG EA 45 -36.66 112.33 -13.79
CA ARG EA 45 -37.50 113.49 -13.62
C ARG EA 45 -36.71 114.66 -13.04
N ILE EA 46 -37.32 115.84 -13.09
CA ILE EA 46 -36.74 117.08 -12.59
C ILE EA 46 -37.77 117.75 -11.69
N ASP EA 47 -37.37 118.09 -10.47
CA ASP EA 47 -38.24 118.78 -9.52
C ASP EA 47 -38.16 120.28 -9.81
N LEU EA 48 -39.23 120.82 -10.40
CA LEU EA 48 -39.21 122.21 -10.84
C LEU EA 48 -39.03 123.15 -9.67
N LYS EA 49 -39.97 123.14 -8.73
CA LYS EA 49 -39.92 124.07 -7.60
C LYS EA 49 -38.63 123.95 -6.80
N ALA EA 50 -37.91 122.84 -6.95
CA ALA EA 50 -36.67 122.66 -6.20
C ALA EA 50 -35.75 123.86 -6.38
N HIS EA 51 -35.54 124.28 -7.64
CA HIS EA 51 -34.70 125.45 -7.95
C HIS EA 51 -35.47 126.35 -8.90
N GLY EA 52 -36.35 127.18 -8.35
CA GLY EA 52 -36.94 128.31 -9.04
C GLY EA 52 -37.23 128.12 -10.52
N LEU EA 53 -38.01 127.11 -10.88
CA LEU EA 53 -38.39 126.87 -12.26
C LEU EA 53 -39.88 127.15 -12.44
N THR EA 54 -40.24 127.65 -13.63
CA THR EA 54 -41.63 127.98 -13.93
C THR EA 54 -41.98 127.43 -15.31
N PRO EA 55 -42.96 126.54 -15.43
CA PRO EA 55 -43.33 126.03 -16.76
C PRO EA 55 -44.25 127.00 -17.48
N ARG EA 56 -44.45 126.71 -18.77
CA ARG EA 56 -45.33 127.52 -19.61
C ARG EA 56 -45.78 126.66 -20.78
N LEU EA 57 -47.03 126.82 -21.18
CA LEU EA 57 -47.60 126.08 -22.31
C LEU EA 57 -48.17 127.09 -23.30
N HIS EA 58 -47.63 127.09 -24.51
CA HIS EA 58 -48.09 127.99 -25.57
C HIS EA 58 -48.45 127.14 -26.78
N LEU EA 59 -49.74 127.05 -27.07
CA LEU EA 59 -50.25 126.14 -28.09
C LEU EA 59 -50.88 126.91 -29.23
N PHE EA 60 -50.58 126.47 -30.45
CA PHE EA 60 -51.09 127.07 -31.67
C PHE EA 60 -52.12 126.14 -32.29
N MET EA 61 -53.30 126.70 -32.59
CA MET EA 61 -54.33 125.94 -33.27
C MET EA 61 -53.96 125.72 -34.73
N GLU EA 62 -54.60 124.72 -35.34
CA GLU EA 62 -54.46 124.53 -36.77
C GLU EA 62 -55.06 125.67 -37.56
N ASP EA 63 -55.92 126.48 -36.93
CA ASP EA 63 -56.59 127.57 -37.62
C ASP EA 63 -56.87 128.69 -36.63
N GLY EA 64 -56.32 129.88 -36.91
CA GLY EA 64 -56.68 131.07 -36.16
C GLY EA 64 -56.25 131.07 -34.72
N SER EA 65 -57.22 130.88 -33.82
CA SER EA 65 -57.03 131.09 -32.39
C SER EA 65 -55.66 130.59 -31.93
N ILE EA 66 -55.02 131.40 -31.09
CA ILE EA 66 -53.67 131.12 -30.59
C ILE EA 66 -53.60 131.62 -29.15
N PHE EA 67 -53.29 130.73 -28.22
CA PHE EA 67 -53.26 131.04 -26.80
C PHE EA 67 -51.84 130.94 -26.26
N LYS EA 68 -51.60 131.63 -25.15
CA LYS EA 68 -50.28 131.71 -24.55
C LYS EA 68 -50.38 131.54 -23.05
N ASN EA 69 -49.34 130.97 -22.47
CA ASN EA 69 -49.20 130.81 -21.02
C ASN EA 69 -50.49 130.26 -20.40
N GLU EA 70 -50.87 129.08 -20.88
CA GLU EA 70 -52.08 128.44 -20.40
C GLU EA 70 -51.92 128.02 -18.94
N PRO EA 71 -53.02 127.82 -18.23
CA PRO EA 71 -52.93 127.38 -16.83
C PRO EA 71 -52.56 125.90 -16.75
N LEU EA 72 -52.33 125.45 -15.54
CA LEU EA 72 -51.97 124.05 -15.28
C LEU EA 72 -51.85 123.86 -13.78
N ILE EA 73 -51.70 122.60 -13.38
CA ILE EA 73 -51.51 122.22 -11.99
C ILE EA 73 -50.20 121.48 -11.86
N ILE EA 74 -49.54 121.66 -10.72
CA ILE EA 74 -48.24 121.04 -10.44
C ILE EA 74 -48.38 120.22 -9.16
N ASP EA 75 -48.38 118.90 -9.31
CA ASP EA 75 -48.35 118.00 -8.16
C ASP EA 75 -46.93 117.92 -7.59
N ASP EA 76 -46.47 119.06 -7.10
CA ASP EA 76 -45.09 119.19 -6.64
C ASP EA 76 -44.75 118.15 -5.58
N VAL EA 77 -45.74 117.72 -4.80
CA VAL EA 77 -45.48 116.74 -3.75
C VAL EA 77 -44.79 115.51 -4.32
N VAL EA 78 -45.13 115.13 -5.54
CA VAL EA 78 -44.57 113.93 -6.16
C VAL EA 78 -43.30 114.30 -6.92
N LYS EA 79 -43.44 115.16 -7.93
CA LYS EA 79 -42.35 115.45 -8.85
C LYS EA 79 -42.84 116.53 -9.80
N GLY EA 80 -41.93 117.04 -10.62
CA GLY EA 80 -42.27 118.07 -11.59
C GLY EA 80 -43.09 117.56 -12.75
N PHE EA 81 -44.29 117.05 -12.45
CA PHE EA 81 -45.24 116.65 -13.47
C PHE EA 81 -46.27 117.75 -13.65
N ILE EA 82 -46.84 117.81 -14.85
CA ILE EA 82 -47.82 118.85 -15.19
C ILE EA 82 -49.11 118.17 -15.61
N THR EA 83 -50.23 118.78 -15.23
CA THR EA 83 -51.56 118.30 -15.61
C THR EA 83 -52.33 119.48 -16.18
N TYR EA 84 -52.50 119.49 -17.49
CA TYR EA 84 -53.17 120.57 -18.20
C TYR EA 84 -54.61 120.13 -18.50
N LYS EA 85 -55.56 120.81 -17.87
CA LYS EA 85 -56.97 120.58 -18.12
C LYS EA 85 -57.48 121.66 -19.06
N ILE EA 86 -58.00 121.26 -20.21
CA ILE EA 86 -58.49 122.20 -21.22
C ILE EA 86 -59.82 122.76 -20.75
N PRO EA 87 -59.95 124.08 -20.56
CA PRO EA 87 -61.14 124.65 -19.91
C PRO EA 87 -62.26 124.98 -20.89
N LYS EA 88 -62.81 123.97 -21.55
CA LYS EA 88 -63.98 124.11 -22.41
C LYS EA 88 -63.75 125.13 -23.53
N LYS EA 89 -62.49 125.50 -23.78
CA LYS EA 89 -62.17 126.54 -24.74
C LYS EA 89 -61.37 126.01 -25.92
N VAL EA 90 -60.29 125.27 -25.65
CA VAL EA 90 -59.43 124.79 -26.73
C VAL EA 90 -60.13 123.68 -27.49
N ILE EA 91 -60.72 122.71 -26.77
CA ILE EA 91 -61.34 121.57 -27.41
C ILE EA 91 -62.42 122.00 -28.39
N LYS EA 92 -63.12 123.09 -28.09
CA LYS EA 92 -64.17 123.57 -28.98
C LYS EA 92 -63.66 123.76 -30.39
N HIS EA 93 -62.38 124.09 -30.54
CA HIS EA 93 -61.77 124.23 -31.86
C HIS EA 93 -61.33 122.85 -32.35
N ALA EA 94 -61.93 122.39 -33.45
CA ALA EA 94 -61.60 121.09 -34.00
C ALA EA 94 -60.30 121.18 -34.78
N GLY EA 95 -59.97 120.12 -35.52
CA GLY EA 95 -58.71 120.06 -36.23
C GLY EA 95 -57.54 119.88 -35.29
N TYR EA 96 -56.39 119.48 -35.82
CA TYR EA 96 -55.24 119.28 -34.96
C TYR EA 96 -54.81 120.59 -34.31
N VAL EA 97 -54.03 120.47 -33.25
CA VAL EA 97 -53.52 121.62 -32.52
C VAL EA 97 -52.15 121.26 -31.98
N ARG EA 98 -51.15 122.09 -32.28
CA ARG EA 98 -49.79 121.81 -31.83
C ARG EA 98 -49.49 122.66 -30.60
N CYS EA 99 -48.47 122.24 -29.86
CA CYS EA 99 -48.12 122.88 -28.61
C CYS EA 99 -46.64 123.23 -28.59
N LYS EA 100 -46.26 124.02 -27.60
CA LYS EA 100 -44.88 124.38 -27.35
C LYS EA 100 -44.73 124.51 -25.83
N LEU EA 101 -43.99 123.58 -25.24
CA LEU EA 101 -43.84 123.51 -23.79
C LEU EA 101 -42.59 124.27 -23.40
N PHE EA 102 -42.76 125.54 -23.08
CA PHE EA 102 -41.66 126.37 -22.62
C PHE EA 102 -41.40 126.12 -21.14
N LEU EA 103 -40.17 126.42 -20.73
CA LEU EA 103 -39.79 126.29 -19.33
C LEU EA 103 -38.80 127.40 -19.03
N GLU EA 104 -39.17 128.33 -18.15
CA GLU EA 104 -38.35 129.50 -17.88
C GLU EA 104 -37.98 129.51 -16.40
N LYS EA 105 -36.68 129.57 -16.15
CA LYS EA 105 -36.12 130.06 -14.90
C LYS EA 105 -35.95 131.57 -15.03
N GLU EA 106 -35.63 132.23 -13.91
CA GLU EA 106 -35.45 133.67 -13.95
C GLU EA 106 -34.37 134.03 -14.96
N GLU EA 107 -34.77 134.65 -16.07
CA GLU EA 107 -33.91 135.14 -17.14
C GLU EA 107 -33.40 134.03 -18.05
N GLU EA 108 -33.92 132.81 -17.95
CA GLU EA 108 -33.41 131.67 -18.72
C GLU EA 108 -34.59 130.88 -19.28
N LYS EA 109 -34.88 131.05 -20.57
CA LYS EA 109 -35.96 130.34 -21.22
C LYS EA 109 -35.44 129.08 -21.91
N ILE EA 110 -36.31 128.10 -22.06
CA ILE EA 110 -36.01 126.87 -22.78
C ILE EA 110 -37.27 126.42 -23.51
N HIS EA 111 -37.08 125.83 -24.69
CA HIS EA 111 -38.14 125.16 -25.43
C HIS EA 111 -37.77 123.69 -25.53
N VAL EA 112 -38.65 122.82 -25.04
CA VAL EA 112 -38.29 121.42 -24.83
C VAL EA 112 -39.25 120.44 -25.48
N ALA EA 113 -40.28 120.90 -26.18
CA ALA EA 113 -41.19 119.96 -26.81
C ALA EA 113 -42.12 120.69 -27.76
N ASN EA 114 -42.57 119.96 -28.79
CA ASN EA 114 -43.57 120.45 -29.74
C ASN EA 114 -44.46 119.26 -30.10
N PHE EA 115 -45.55 119.10 -29.37
CA PHE EA 115 -46.47 117.99 -29.59
C PHE EA 115 -47.84 118.51 -30.03
N SER EA 116 -48.58 117.64 -30.72
CA SER EA 116 -49.89 117.99 -31.25
C SER EA 116 -50.82 116.80 -31.06
N PHE EA 117 -52.08 116.99 -31.45
CA PHE EA 117 -53.08 115.94 -31.36
C PHE EA 117 -54.32 116.39 -32.11
N ASN EA 118 -55.03 115.42 -32.67
CA ASN EA 118 -56.21 115.69 -33.49
C ASN EA 118 -57.46 115.82 -32.63
N ILE EA 119 -58.45 116.52 -33.17
CA ILE EA 119 -59.72 116.74 -32.49
C ILE EA 119 -60.84 116.70 -33.52
N VAL EA 120 -61.96 116.07 -33.16
CA VAL EA 120 -63.13 115.95 -34.02
C VAL EA 120 -64.38 115.96 -33.14
N ASP EA 121 -65.54 116.08 -33.77
CA ASP EA 121 -66.81 116.01 -33.05
C ASP EA 121 -67.00 114.62 -32.44
N MET FA 1 -33.31 124.02 -17.04
CA MET FA 1 -31.99 123.35 -17.06
C MET FA 1 -31.09 123.99 -18.11
N TYR FA 2 -30.14 123.23 -18.66
CA TYR FA 2 -29.18 123.76 -19.60
C TYR FA 2 -28.84 122.70 -20.65
N LYS FA 3 -28.85 123.12 -21.92
CA LYS FA 3 -28.46 122.25 -23.01
C LYS FA 3 -26.98 122.45 -23.31
N ILE FA 4 -26.24 121.35 -23.42
CA ILE FA 4 -24.80 121.38 -23.62
C ILE FA 4 -24.40 120.27 -24.57
N LYS FA 5 -23.31 120.52 -25.31
CA LYS FA 5 -22.73 119.54 -26.22
C LYS FA 5 -21.24 119.45 -25.93
N ASP FA 6 -20.77 118.23 -25.65
CA ASP FA 6 -19.37 118.01 -25.30
C ASP FA 6 -18.66 117.46 -26.53
N VAL FA 7 -17.98 118.35 -27.25
CA VAL FA 7 -17.28 118.02 -28.49
C VAL FA 7 -15.78 118.19 -28.28
N GLU FA 8 -15.01 117.48 -29.12
CA GLU FA 8 -13.55 117.55 -29.07
C GLU FA 8 -13.03 117.38 -30.49
N THR FA 9 -12.12 118.26 -30.89
CA THR FA 9 -11.48 118.23 -32.19
C THR FA 9 -9.96 118.16 -32.01
N ARG FA 10 -9.24 118.13 -33.12
CA ARG FA 10 -7.79 118.04 -33.09
C ARG FA 10 -7.22 118.77 -34.30
N ILE FA 11 -6.13 119.51 -34.08
CA ILE FA 11 -5.44 120.16 -35.17
C ILE FA 11 -4.80 119.10 -36.05
N LYS FA 12 -4.90 119.31 -37.37
CA LYS FA 12 -4.41 118.32 -38.33
C LYS FA 12 -3.90 119.03 -39.57
N ASN FA 13 -2.78 118.53 -40.11
CA ASN FA 13 -2.27 119.06 -41.36
C ASN FA 13 -3.28 118.92 -42.48
N ASP FA 14 -4.07 117.84 -42.48
CA ASP FA 14 -5.09 117.64 -43.49
C ASP FA 14 -6.22 118.65 -43.38
N GLY FA 15 -6.33 119.38 -42.28
CA GLY FA 15 -7.45 120.27 -42.07
C GLY FA 15 -8.67 119.50 -41.64
N VAL FA 16 -9.48 120.09 -40.76
CA VAL FA 16 -10.63 119.41 -40.19
C VAL FA 16 -11.89 120.14 -40.59
N ASP FA 17 -13.00 119.42 -40.55
CA ASP FA 17 -14.33 119.99 -40.78
C ASP FA 17 -15.36 119.01 -40.27
N LEU FA 18 -16.19 119.45 -39.32
CA LEU FA 18 -17.18 118.61 -38.69
C LEU FA 18 -18.54 118.88 -39.33
N GLY FA 19 -19.26 117.80 -39.65
CA GLY FA 19 -20.48 117.90 -40.41
C GLY FA 19 -21.74 118.13 -39.61
N ASP FA 20 -21.91 119.34 -39.09
CA ASP FA 20 -23.18 119.77 -38.49
C ASP FA 20 -23.56 118.84 -37.33
N ILE FA 21 -22.75 118.91 -36.27
CA ILE FA 21 -23.00 118.15 -35.05
C ILE FA 21 -24.47 118.25 -34.70
N GLY FA 22 -25.07 117.13 -34.31
CA GLY FA 22 -26.51 117.05 -34.12
C GLY FA 22 -27.00 117.77 -32.88
N CYS FA 23 -26.92 119.11 -32.90
CA CYS FA 23 -27.41 119.95 -31.81
C CYS FA 23 -28.28 121.03 -32.44
N ARG FA 24 -29.58 120.75 -32.55
CA ARG FA 24 -30.54 121.69 -33.13
C ARG FA 24 -31.17 122.50 -32.00
N PHE FA 25 -30.44 123.52 -31.55
CA PHE FA 25 -30.94 124.40 -30.51
C PHE FA 25 -32.20 125.11 -31.00
N TYR FA 26 -32.86 125.80 -30.06
CA TYR FA 26 -34.09 126.53 -30.34
C TYR FA 26 -33.90 127.99 -29.97
N THR FA 27 -34.45 128.87 -30.81
CA THR FA 27 -34.29 130.31 -30.61
C THR FA 27 -34.71 130.73 -29.21
N GLU FA 28 -35.69 130.03 -28.63
CA GLU FA 28 -36.23 130.41 -27.34
C GLU FA 28 -35.33 130.00 -26.18
N ASP FA 29 -34.27 129.23 -26.43
CA ASP FA 29 -33.33 128.82 -25.39
C ASP FA 29 -32.39 129.99 -25.10
N GLU FA 30 -32.99 131.07 -24.59
CA GLU FA 30 -32.31 132.36 -24.51
C GLU FA 30 -30.94 132.25 -23.84
N ASN FA 31 -30.91 131.79 -22.59
CA ASN FA 31 -29.68 131.81 -21.80
C ASN FA 31 -29.41 130.46 -21.15
N THR FA 32 -29.73 129.37 -21.84
CA THR FA 32 -29.51 128.03 -21.31
C THR FA 32 -28.58 127.20 -22.18
N ALA FA 33 -28.77 127.21 -23.49
CA ALA FA 33 -27.90 126.46 -24.37
C ALA FA 33 -26.46 126.92 -24.21
N SER FA 34 -25.54 126.10 -24.69
CA SER FA 34 -24.11 126.38 -24.60
C SER FA 34 -23.37 125.32 -25.41
N ILE FA 35 -22.04 125.46 -25.43
CA ILE FA 35 -21.16 124.49 -26.08
C ILE FA 35 -19.96 124.26 -25.18
N ARG FA 36 -19.47 123.03 -25.17
CA ARG FA 36 -18.30 122.65 -24.39
C ARG FA 36 -17.28 122.04 -25.35
N ILE FA 37 -16.24 122.79 -25.67
CA ILE FA 37 -15.22 122.34 -26.60
C ILE FA 37 -13.98 121.92 -25.85
N GLY FA 38 -13.38 120.82 -26.28
CA GLY FA 38 -12.10 120.37 -25.78
C GLY FA 38 -11.11 120.11 -26.90
N ILE FA 39 -10.04 120.87 -26.93
CA ILE FA 39 -9.07 120.77 -28.01
C ILE FA 39 -8.12 119.62 -27.74
N ASN FA 40 -7.67 118.97 -28.81
CA ASN FA 40 -6.75 117.86 -28.74
C ASN FA 40 -5.61 118.11 -29.72
N ASP FA 41 -4.46 117.50 -29.45
CA ASP FA 41 -3.29 117.63 -30.30
C ASP FA 41 -2.54 116.30 -30.27
N LYS FA 42 -1.30 116.32 -30.77
CA LYS FA 42 -0.55 115.09 -30.95
C LYS FA 42 -0.41 114.31 -29.65
N GLN FA 43 -0.27 115.00 -28.51
CA GLN FA 43 -0.05 114.32 -27.26
C GLN FA 43 -1.35 113.89 -26.56
N GLY FA 44 -2.47 114.52 -26.89
CA GLY FA 44 -3.75 114.11 -26.34
C GLY FA 44 -4.63 115.27 -25.89
N ARG FA 45 -4.01 116.35 -25.43
CA ARG FA 45 -4.76 117.50 -24.96
C ARG FA 45 -3.84 118.71 -24.93
N ILE FA 46 -4.46 119.89 -24.95
CA ILE FA 46 -3.73 121.15 -25.00
C ILE FA 46 -3.93 121.90 -23.70
N ASP FA 47 -2.92 122.69 -23.33
CA ASP FA 47 -2.97 123.54 -22.14
C ASP FA 47 -2.60 124.95 -22.56
N LEU FA 48 -3.56 125.87 -22.45
CA LEU FA 48 -3.35 127.23 -22.93
C LEU FA 48 -2.44 128.01 -21.97
N LYS FA 49 -2.76 127.98 -20.67
CA LYS FA 49 -1.97 128.74 -19.71
C LYS FA 49 -0.50 128.36 -19.76
N ALA FA 50 -0.19 127.10 -20.09
CA ALA FA 50 1.20 126.67 -20.20
C ALA FA 50 1.98 127.59 -21.14
N HIS FA 51 1.55 127.63 -22.40
CA HIS FA 51 2.04 128.60 -23.37
C HIS FA 51 0.88 129.55 -23.65
N GLY FA 52 0.79 130.61 -22.86
CA GLY FA 52 -0.37 131.47 -22.85
C GLY FA 52 -0.87 131.86 -24.22
N LEU FA 53 -2.07 131.38 -24.58
CA LEU FA 53 -2.73 131.75 -25.81
C LEU FA 53 -4.19 132.06 -25.52
N THR FA 54 -4.90 132.51 -26.54
CA THR FA 54 -6.31 132.80 -26.42
C THR FA 54 -7.04 132.20 -27.62
N PRO FA 55 -8.16 131.50 -27.40
CA PRO FA 55 -8.99 131.07 -28.52
C PRO FA 55 -10.10 132.07 -28.80
N ARG FA 56 -10.62 131.98 -30.02
CA ARG FA 56 -11.66 132.90 -30.47
C ARG FA 56 -12.46 132.22 -31.58
N LEU FA 57 -13.78 132.16 -31.40
CA LEU FA 57 -14.67 131.59 -32.40
C LEU FA 57 -15.40 132.70 -33.13
N HIS FA 58 -15.42 132.62 -34.46
CA HIS FA 58 -16.18 133.53 -35.30
C HIS FA 58 -17.22 132.72 -36.05
N LEU FA 59 -18.48 133.13 -35.96
CA LEU FA 59 -19.59 132.37 -36.52
C LEU FA 59 -20.43 133.25 -37.43
N PHE FA 60 -20.81 132.70 -38.57
CA PHE FA 60 -21.57 133.42 -39.58
C PHE FA 60 -23.02 133.00 -39.47
N MET FA 61 -23.85 133.90 -38.96
CA MET FA 61 -25.27 133.61 -38.79
C MET FA 61 -25.96 133.59 -40.15
N GLU FA 62 -27.28 133.41 -40.13
CA GLU FA 62 -28.06 133.16 -41.34
C GLU FA 62 -28.23 134.46 -42.12
N ASP FA 63 -27.23 134.79 -42.93
CA ASP FA 63 -27.39 135.75 -44.01
C ASP FA 63 -27.53 137.19 -43.54
N GLY FA 64 -27.63 137.41 -42.24
CA GLY FA 64 -27.90 138.75 -41.74
C GLY FA 64 -27.18 139.10 -40.45
N SER FA 65 -26.12 138.37 -40.12
CA SER FA 65 -25.41 138.64 -38.88
C SER FA 65 -24.10 137.84 -38.85
N ILE FA 66 -23.07 138.45 -38.28
CA ILE FA 66 -21.78 137.79 -38.08
C ILE FA 66 -21.19 138.29 -36.78
N PHE FA 67 -20.79 137.37 -35.91
CA PHE FA 67 -20.22 137.70 -34.61
C PHE FA 67 -18.76 137.28 -34.57
N LYS FA 68 -17.95 138.06 -33.86
CA LYS FA 68 -16.53 137.77 -33.70
C LYS FA 68 -16.11 138.14 -32.29
N ASN FA 69 -14.98 137.59 -31.87
CA ASN FA 69 -14.45 137.82 -30.52
C ASN FA 69 -15.50 137.49 -29.47
N GLU FA 70 -16.26 136.41 -29.70
CA GLU FA 70 -17.32 136.02 -28.81
C GLU FA 70 -16.77 135.82 -27.39
N PRO FA 71 -17.65 135.81 -26.39
CA PRO FA 71 -17.18 135.68 -24.99
C PRO FA 71 -16.19 134.54 -24.80
N LEU FA 72 -16.61 133.33 -25.14
CA LEU FA 72 -15.77 132.15 -25.09
C LEU FA 72 -15.02 132.09 -23.76
N ILE FA 73 -15.78 131.98 -22.67
CA ILE FA 73 -15.19 132.00 -21.34
C ILE FA 73 -14.28 130.80 -21.17
N ILE FA 74 -13.05 131.06 -20.69
CA ILE FA 74 -12.11 129.98 -20.46
C ILE FA 74 -12.59 129.11 -19.31
N ASP FA 75 -11.99 127.93 -19.21
CA ASP FA 75 -12.27 126.98 -18.15
C ASP FA 75 -11.11 126.96 -17.15
N ASP FA 76 -11.23 126.07 -16.17
CA ASP FA 76 -10.27 125.95 -15.08
C ASP FA 76 -9.16 124.99 -15.43
N VAL FA 77 -8.45 124.51 -14.41
CA VAL FA 77 -7.26 123.67 -14.54
C VAL FA 77 -7.47 122.49 -15.48
N VAL FA 78 -8.73 122.20 -15.85
CA VAL FA 78 -9.04 121.09 -16.74
C VAL FA 78 -8.16 121.09 -17.98
N LYS FA 79 -7.58 122.24 -18.31
CA LYS FA 79 -6.55 122.34 -19.35
C LYS FA 79 -7.07 121.87 -20.72
N GLY FA 80 -7.99 122.68 -21.26
CA GLY FA 80 -8.37 122.50 -22.65
C GLY FA 80 -9.83 122.77 -22.94
N PHE FA 81 -10.67 122.77 -21.92
CA PHE FA 81 -12.09 122.92 -22.16
C PHE FA 81 -12.50 124.39 -22.16
N ILE FA 82 -13.62 124.65 -22.84
CA ILE FA 82 -14.20 125.99 -22.91
C ILE FA 82 -15.71 125.83 -23.00
N THR FA 83 -16.42 126.45 -22.05
CA THR FA 83 -17.88 126.38 -21.98
C THR FA 83 -18.42 127.69 -22.55
N TYR FA 84 -18.55 127.72 -23.87
CA TYR FA 84 -19.01 128.92 -24.57
C TYR FA 84 -20.51 129.08 -24.31
N LYS FA 85 -20.84 129.70 -23.18
CA LYS FA 85 -22.23 130.00 -22.86
C LYS FA 85 -22.81 130.86 -23.97
N ILE FA 86 -23.76 130.31 -24.71
CA ILE FA 86 -24.31 131.03 -25.86
C ILE FA 86 -25.26 132.11 -25.35
N PRO FA 87 -25.10 133.36 -25.78
CA PRO FA 87 -25.96 134.43 -25.25
C PRO FA 87 -27.30 134.52 -25.97
N LYS FA 88 -28.09 135.54 -25.63
CA LYS FA 88 -29.42 135.68 -26.21
C LYS FA 88 -29.34 136.20 -27.64
N LYS FA 89 -28.69 137.35 -27.83
CA LYS FA 89 -28.69 138.02 -29.13
C LYS FA 89 -28.34 137.07 -30.27
N VAL FA 90 -27.51 136.06 -29.99
CA VAL FA 90 -27.07 135.17 -31.06
C VAL FA 90 -28.23 134.32 -31.57
N ILE FA 91 -28.85 133.55 -30.68
CA ILE FA 91 -29.88 132.58 -31.06
C ILE FA 91 -31.14 133.29 -31.53
N LYS FA 92 -31.18 134.62 -31.42
CA LYS FA 92 -32.31 135.35 -31.97
C LYS FA 92 -32.51 135.06 -33.45
N HIS FA 93 -31.46 134.64 -34.15
CA HIS FA 93 -31.56 134.20 -35.52
C HIS FA 93 -31.81 132.70 -35.55
N ALA FA 94 -31.99 132.15 -36.75
CA ALA FA 94 -32.19 130.72 -36.92
C ALA FA 94 -31.70 130.32 -38.30
N GLY FA 95 -31.69 129.00 -38.54
CA GLY FA 95 -31.26 128.46 -39.81
C GLY FA 95 -29.95 127.71 -39.70
N TYR FA 96 -29.17 127.71 -40.78
CA TYR FA 96 -27.90 126.98 -40.82
C TYR FA 96 -26.80 127.89 -40.30
N VAL FA 97 -26.35 127.62 -39.08
CA VAL FA 97 -25.27 128.38 -38.46
C VAL FA 97 -23.98 127.59 -38.60
N ARG FA 98 -22.88 128.31 -38.78
CA ARG FA 98 -21.57 127.69 -38.93
C ARG FA 98 -20.52 128.61 -38.32
N CYS FA 99 -19.68 128.05 -37.46
CA CYS FA 99 -18.63 128.79 -36.78
C CYS FA 99 -17.28 128.15 -37.04
N LYS FA 100 -16.24 128.90 -36.69
CA LYS FA 100 -14.86 128.47 -36.90
C LYS FA 100 -14.00 129.03 -35.79
N LEU FA 101 -13.14 128.19 -35.23
CA LEU FA 101 -12.36 128.52 -34.04
C LEU FA 101 -10.90 128.73 -34.42
N PHE FA 102 -10.26 129.69 -33.76
CA PHE FA 102 -8.85 129.99 -33.98
C PHE FA 102 -8.16 130.16 -32.63
N LEU FA 103 -6.84 129.96 -32.66
CA LEU FA 103 -5.98 130.16 -31.51
C LEU FA 103 -4.91 131.17 -31.87
N GLU FA 104 -4.67 132.14 -30.97
CA GLU FA 104 -3.73 133.21 -31.24
C GLU FA 104 -3.03 133.61 -29.95
N LYS FA 105 -1.72 133.86 -30.05
CA LYS FA 105 -1.00 134.58 -29.00
C LYS FA 105 -0.46 135.91 -29.51
N GLU FA 106 0.45 135.89 -30.48
CA GLU FA 106 0.82 137.06 -31.26
C GLU FA 106 1.63 136.62 -32.46
N GLU FA 107 1.10 136.83 -33.67
CA GLU FA 107 1.76 136.44 -34.91
C GLU FA 107 1.65 134.96 -35.20
N GLU FA 108 1.10 134.17 -34.28
CA GLU FA 108 0.84 132.75 -34.51
C GLU FA 108 -0.67 132.52 -34.36
N LYS FA 109 -1.38 132.68 -35.47
CA LYS FA 109 -2.82 132.41 -35.55
C LYS FA 109 -3.03 131.11 -36.29
N ILE FA 110 -3.78 130.20 -35.68
CA ILE FA 110 -4.03 128.88 -36.26
C ILE FA 110 -5.51 128.57 -36.17
N HIS FA 111 -6.13 128.26 -37.32
CA HIS FA 111 -7.53 127.87 -37.37
C HIS FA 111 -7.64 126.40 -37.02
N VAL FA 112 -8.26 126.10 -35.87
CA VAL FA 112 -8.29 124.73 -35.38
C VAL FA 112 -9.38 123.92 -36.07
N ALA FA 113 -10.59 124.46 -36.13
CA ALA FA 113 -11.72 123.71 -36.66
C ALA FA 113 -12.77 124.66 -37.22
N ASN FA 114 -13.63 124.10 -38.07
CA ASN FA 114 -14.74 124.83 -38.68
C ASN FA 114 -15.93 123.89 -38.71
N PHE FA 115 -16.76 123.93 -37.67
CA PHE FA 115 -17.94 123.09 -37.55
C PHE FA 115 -19.19 123.95 -37.63
N SER FA 116 -20.34 123.29 -37.57
CA SER FA 116 -21.61 123.96 -37.77
C SER FA 116 -22.69 123.27 -36.95
N PHE FA 117 -23.87 123.88 -36.96
CA PHE FA 117 -25.06 123.34 -36.30
C PHE FA 117 -26.25 124.15 -36.83
N ASN FA 118 -27.42 123.94 -36.22
CA ASN FA 118 -28.63 124.61 -36.65
C ASN FA 118 -29.43 125.06 -35.44
N ILE FA 119 -30.26 126.07 -35.64
CA ILE FA 119 -31.15 126.59 -34.62
C ILE FA 119 -32.56 126.63 -35.19
N VAL FA 120 -33.52 126.13 -34.42
CA VAL FA 120 -34.91 126.05 -34.85
C VAL FA 120 -35.65 127.26 -34.29
N ASP FA 121 -36.46 127.89 -35.14
CA ASP FA 121 -37.25 129.05 -34.74
C ASP FA 121 -38.60 128.56 -34.25
N SER FA 122 -38.79 128.59 -32.93
CA SER FA 122 -40.03 128.15 -32.30
C SER FA 122 -40.70 129.37 -31.67
N GLY FA 123 -41.64 129.97 -32.41
CA GLY FA 123 -42.34 131.14 -31.93
C GLY FA 123 -43.11 130.89 -30.64
N MET GA 1 -101.64 63.44 -52.11
CA MET GA 1 -100.19 63.50 -51.76
C MET GA 1 -99.77 64.91 -51.42
N TYR GA 2 -98.49 65.11 -51.11
CA TYR GA 2 -98.00 66.41 -50.73
C TYR GA 2 -96.54 66.55 -51.14
N LYS GA 3 -96.16 67.79 -51.41
CA LYS GA 3 -94.77 68.17 -51.71
C LYS GA 3 -94.42 69.28 -50.72
N ILE GA 4 -93.66 68.91 -49.69
CA ILE GA 4 -93.34 69.82 -48.60
C ILE GA 4 -91.86 70.11 -48.60
N LYS GA 5 -91.52 71.34 -48.22
CA LYS GA 5 -90.13 71.77 -48.06
C LYS GA 5 -89.96 72.31 -46.66
N ASP GA 6 -89.09 71.67 -45.87
CA ASP GA 6 -88.80 72.10 -44.52
C ASP GA 6 -87.70 73.16 -44.54
N VAL GA 7 -87.92 74.25 -43.81
CA VAL GA 7 -86.97 75.35 -43.74
C VAL GA 7 -86.82 75.78 -42.29
N GLU GA 8 -85.66 76.38 -41.99
CA GLU GA 8 -85.34 76.87 -40.65
C GLU GA 8 -85.29 78.39 -40.72
N THR GA 9 -86.06 79.05 -39.85
CA THR GA 9 -86.11 80.50 -39.78
C THR GA 9 -85.52 80.93 -38.44
N ARG GA 10 -84.42 81.67 -38.49
CA ARG GA 10 -83.66 82.03 -37.31
C ARG GA 10 -83.67 83.54 -37.11
N ILE GA 11 -83.88 83.96 -35.87
CA ILE GA 11 -83.83 85.39 -35.51
C ILE GA 11 -82.39 85.68 -35.11
N LYS GA 12 -81.57 86.02 -36.10
CA LYS GA 12 -80.19 86.41 -35.88
C LYS GA 12 -80.09 87.92 -36.07
N ASN GA 13 -79.68 88.62 -35.01
CA ASN GA 13 -79.71 90.08 -35.02
C ASN GA 13 -78.85 90.67 -36.14
N ASP GA 14 -77.88 89.91 -36.65
CA ASP GA 14 -77.01 90.43 -37.70
C ASP GA 14 -77.67 90.28 -39.06
N GLY GA 15 -78.91 90.78 -39.18
CA GLY GA 15 -79.64 90.67 -40.43
C GLY GA 15 -80.05 89.25 -40.70
N VAL GA 16 -81.15 89.06 -41.44
CA VAL GA 16 -81.64 87.73 -41.78
C VAL GA 16 -82.23 87.80 -43.18
N ASP GA 17 -81.57 87.13 -44.14
CA ASP GA 17 -82.03 87.12 -45.53
C ASP GA 17 -81.65 85.76 -46.11
N LEU GA 18 -82.60 84.82 -46.06
CA LEU GA 18 -82.38 83.50 -46.64
C LEU GA 18 -82.60 83.59 -48.15
N GLY GA 19 -81.53 83.41 -48.91
CA GLY GA 19 -81.59 83.58 -50.35
C GLY GA 19 -82.39 82.51 -51.05
N ASP GA 20 -82.08 82.28 -52.33
CA ASP GA 20 -82.79 81.30 -53.15
C ASP GA 20 -82.78 79.94 -52.47
N ILE GA 21 -83.95 79.46 -52.08
CA ILE GA 21 -84.11 78.10 -51.58
C ILE GA 21 -84.20 77.15 -52.76
N GLY GA 22 -83.52 76.01 -52.65
CA GLY GA 22 -83.56 75.03 -53.73
C GLY GA 22 -84.98 74.69 -54.16
N CYS GA 23 -85.95 74.87 -53.27
CA CYS GA 23 -87.34 74.57 -53.60
C CYS GA 23 -87.78 75.35 -54.83
N ARG GA 24 -88.43 74.64 -55.75
CA ARG GA 24 -89.01 75.27 -56.94
C ARG GA 24 -90.26 74.49 -57.30
N PHE GA 25 -91.41 74.99 -56.85
CA PHE GA 25 -92.68 74.37 -57.22
C PHE GA 25 -93.01 74.70 -58.68
N TYR GA 26 -94.18 74.26 -59.12
CA TYR GA 26 -94.60 74.47 -60.50
C TYR GA 26 -96.06 74.91 -60.53
N THR GA 27 -96.41 75.62 -61.60
CA THR GA 27 -97.71 76.29 -61.69
C THR GA 27 -98.85 75.36 -61.29
N GLU GA 28 -98.99 74.25 -62.00
CA GLU GA 28 -100.14 73.36 -61.80
C GLU GA 28 -100.13 72.67 -60.44
N ASP GA 29 -99.08 72.86 -59.64
CA ASP GA 29 -99.06 72.35 -58.27
C ASP GA 29 -99.97 73.24 -57.44
N GLU GA 30 -101.27 73.01 -57.57
CA GLU GA 30 -102.26 73.91 -57.00
C GLU GA 30 -102.28 73.84 -55.48
N ASN GA 31 -102.58 72.67 -54.92
CA ASN GA 31 -102.71 72.50 -53.48
C ASN GA 31 -101.75 71.48 -52.89
N THR GA 32 -101.22 70.57 -53.69
CA THR GA 32 -100.26 69.59 -53.19
C THR GA 32 -99.06 70.28 -52.57
N ALA GA 33 -98.51 71.28 -53.26
CA ALA GA 33 -97.37 72.02 -52.74
C ALA GA 33 -97.69 72.65 -51.39
N SER GA 34 -96.70 72.68 -50.51
CA SER GA 34 -96.87 73.34 -49.23
C SER GA 34 -95.54 73.57 -48.53
N ILE GA 35 -95.31 74.78 -48.05
CA ILE GA 35 -94.07 75.11 -47.35
C ILE GA 35 -94.23 74.73 -45.87
N ARG GA 36 -93.14 74.30 -45.25
CA ARG GA 36 -93.11 73.98 -43.84
C ARG GA 36 -91.88 74.65 -43.25
N ILE GA 37 -92.03 75.33 -42.12
CA ILE GA 37 -90.95 76.11 -41.54
C ILE GA 37 -90.96 75.96 -40.03
N GLY GA 38 -89.77 76.05 -39.45
CA GLY GA 38 -89.61 76.02 -38.01
C GLY GA 38 -88.79 77.19 -37.52
N ILE GA 39 -89.30 77.90 -36.52
CA ILE GA 39 -88.64 79.07 -35.96
C ILE GA 39 -87.66 78.61 -34.89
N ASN GA 40 -86.49 79.24 -34.87
CA ASN GA 40 -85.47 78.93 -33.86
C ASN GA 40 -84.71 80.22 -33.61
N ASP GA 41 -84.88 80.80 -32.42
CA ASP GA 41 -84.37 82.15 -32.18
C ASP GA 41 -82.93 82.13 -31.65
N LYS GA 42 -82.74 81.59 -30.45
CA LYS GA 42 -81.39 81.48 -29.90
C LYS GA 42 -81.09 80.11 -29.32
N GLN GA 43 -82.05 79.47 -28.66
CA GLN GA 43 -81.83 78.24 -27.91
C GLN GA 43 -82.54 77.05 -28.55
N GLY GA 44 -82.95 77.19 -29.80
CA GLY GA 44 -83.83 76.24 -30.42
C GLY GA 44 -85.17 76.85 -30.74
N ARG GA 45 -86.18 75.98 -30.83
CA ARG GA 45 -87.48 76.42 -31.28
C ARG GA 45 -88.12 77.35 -30.25
N ILE GA 46 -89.19 78.03 -30.68
CA ILE GA 46 -89.94 78.95 -29.85
C ILE GA 46 -91.41 78.58 -29.94
N ASP GA 47 -92.06 78.41 -28.79
CA ASP GA 47 -93.48 78.09 -28.73
C ASP GA 47 -94.27 79.39 -28.82
N LEU GA 48 -94.90 79.61 -29.97
CA LEU GA 48 -95.58 80.88 -30.22
C LEU GA 48 -96.71 81.10 -29.23
N LYS GA 49 -97.71 80.22 -29.25
CA LYS GA 49 -98.88 80.39 -28.39
C LYS GA 49 -98.51 80.46 -26.92
N ALA GA 50 -97.31 80.00 -26.54
CA ALA GA 50 -96.92 80.03 -25.14
C ALA GA 50 -97.10 81.42 -24.55
N HIS GA 51 -96.60 82.45 -25.24
CA HIS GA 51 -96.73 83.84 -24.80
C HIS GA 51 -97.24 84.68 -25.97
N GLY GA 52 -98.56 84.66 -26.17
CA GLY GA 52 -99.25 85.62 -27.02
C GLY GA 52 -98.52 86.07 -28.26
N LEU GA 53 -98.10 85.16 -29.12
CA LEU GA 53 -97.44 85.49 -30.36
C LEU GA 53 -98.33 85.18 -31.56
N THR GA 54 -98.22 85.99 -32.60
CA THR GA 54 -99.01 85.77 -33.80
C THR GA 54 -98.14 85.89 -35.06
N PRO GA 55 -98.05 84.85 -35.86
CA PRO GA 55 -97.23 84.93 -37.08
C PRO GA 55 -97.99 85.64 -38.21
N ARG GA 56 -97.24 85.96 -39.26
CA ARG GA 56 -97.81 86.61 -40.43
C ARG GA 56 -96.89 86.34 -41.61
N LEU GA 57 -97.47 86.13 -42.78
CA LEU GA 57 -96.70 85.88 -44.00
C LEU GA 57 -97.15 86.90 -45.05
N HIS GA 58 -96.22 87.73 -45.52
CA HIS GA 58 -96.50 88.73 -46.53
C HIS GA 58 -95.52 88.53 -47.67
N LEU GA 59 -96.02 88.07 -48.81
CA LEU GA 59 -95.16 87.65 -49.91
C LEU GA 59 -95.41 88.52 -51.13
N PHE GA 60 -94.32 88.91 -51.79
CA PHE GA 60 -94.37 89.74 -52.98
C PHE GA 60 -93.99 88.90 -54.19
N MET GA 61 -94.83 88.95 -55.22
CA MET GA 61 -94.54 88.27 -56.47
C MET GA 61 -93.42 88.98 -57.22
N GLU GA 62 -92.79 88.25 -58.13
CA GLU GA 62 -91.83 88.86 -59.04
C GLU GA 62 -92.50 89.85 -59.98
N ASP GA 63 -93.83 89.79 -60.10
CA ASP GA 63 -94.55 90.65 -61.04
C ASP GA 63 -95.96 90.89 -60.50
N GLY GA 64 -96.28 92.15 -60.23
CA GLY GA 64 -97.65 92.53 -59.92
C GLY GA 64 -98.18 92.02 -58.60
N SER GA 65 -99.05 91.01 -58.68
CA SER GA 65 -99.83 90.56 -57.54
C SER GA 65 -98.99 90.54 -56.26
N ILE GA 66 -99.60 91.00 -55.17
CA ILE GA 66 -98.95 91.12 -53.88
C ILE GA 66 -99.99 90.84 -52.80
N PHE GA 67 -99.74 89.82 -51.99
CA PHE GA 67 -100.67 89.38 -50.96
C PHE GA 67 -100.12 89.65 -49.57
N LYS GA 68 -101.03 89.74 -48.61
CA LYS GA 68 -100.68 90.09 -47.24
C LYS GA 68 -101.42 89.18 -46.27
N ASN GA 69 -100.76 88.90 -45.14
CA ASN GA 69 -101.35 88.13 -44.05
C ASN GA 69 -102.01 86.85 -44.56
N GLU GA 70 -101.20 86.04 -45.23
CA GLU GA 70 -101.70 84.79 -45.78
C GLU GA 70 -102.10 83.82 -44.66
N PRO GA 71 -102.95 82.85 -44.97
CA PRO GA 71 -103.34 81.87 -43.96
C PRO GA 71 -102.22 80.85 -43.73
N LEU GA 72 -102.43 80.02 -42.71
CA LEU GA 72 -101.46 78.99 -42.36
C LEU GA 72 -102.05 78.16 -41.22
N ILE GA 73 -101.34 77.09 -40.88
CA ILE GA 73 -101.73 76.20 -39.79
C ILE GA 73 -100.58 76.16 -38.79
N ILE GA 74 -100.94 76.02 -37.52
CA ILE GA 74 -99.98 75.99 -36.42
C ILE GA 74 -100.18 74.69 -35.66
N ASP GA 75 -99.23 73.77 -35.80
CA ASP GA 75 -99.23 72.53 -35.03
C ASP GA 75 -98.67 72.79 -33.63
N ASP GA 76 -99.40 73.64 -32.90
CA ASP GA 76 -98.94 74.08 -31.57
C ASP GA 76 -98.67 72.89 -30.65
N VAL GA 77 -99.34 71.76 -30.87
CA VAL GA 77 -99.16 70.60 -30.01
C VAL GA 77 -97.69 70.21 -29.97
N VAL GA 78 -96.97 70.41 -31.07
CA VAL GA 78 -95.57 70.05 -31.15
C VAL GA 78 -94.70 71.24 -30.75
N LYS GA 79 -94.81 72.32 -31.51
CA LYS GA 79 -93.92 73.46 -31.36
C LYS GA 79 -94.40 74.54 -32.33
N GLY GA 80 -93.80 75.72 -32.23
CA GLY GA 80 -94.17 76.83 -33.10
C GLY GA 80 -93.66 76.65 -34.51
N PHE GA 81 -94.14 75.61 -35.19
CA PHE GA 81 -93.87 75.39 -36.60
C PHE GA 81 -95.05 75.87 -37.42
N ILE GA 82 -94.79 76.25 -38.66
CA ILE GA 82 -95.80 76.79 -39.56
C ILE GA 82 -95.86 75.93 -40.81
N THR GA 83 -97.06 75.72 -41.32
CA THR GA 83 -97.30 74.98 -42.55
C THR GA 83 -98.19 75.83 -43.45
N TYR GA 84 -97.61 76.40 -44.49
CA TYR GA 84 -98.31 77.31 -45.40
C TYR GA 84 -98.67 76.55 -46.67
N LYS GA 85 -99.95 76.28 -46.86
CA LYS GA 85 -100.45 75.62 -48.06
C LYS GA 85 -100.95 76.68 -49.03
N ILE GA 86 -100.33 76.74 -50.20
CA ILE GA 86 -100.68 77.72 -51.23
C ILE GA 86 -102.03 77.34 -51.82
N PRO GA 87 -103.06 78.20 -51.73
CA PRO GA 87 -104.43 77.79 -52.09
C PRO GA 87 -104.76 78.04 -53.57
N LYS GA 88 -104.05 77.36 -54.46
CA LYS GA 88 -104.35 77.38 -55.89
C LYS GA 88 -104.30 78.79 -56.46
N LYS GA 89 -103.72 79.74 -55.73
CA LYS GA 89 -103.71 81.15 -56.12
C LYS GA 89 -102.32 81.67 -56.39
N VAL GA 90 -101.38 81.43 -55.47
CA VAL GA 90 -100.03 81.97 -55.63
C VAL GA 90 -99.28 81.20 -56.70
N ILE GA 91 -99.37 79.87 -56.67
CA ILE GA 91 -98.62 79.05 -57.61
C ILE GA 91 -98.98 79.38 -59.05
N LYS GA 92 -100.26 79.75 -59.29
CA LYS GA 92 -100.67 80.09 -60.65
C LYS GA 92 -99.77 81.15 -61.26
N HIS GA 93 -99.22 82.03 -60.43
CA HIS GA 93 -98.29 83.05 -60.90
C HIS GA 93 -96.89 82.44 -61.00
N ALA GA 94 -96.36 82.35 -62.21
CA ALA GA 94 -95.05 81.77 -62.42
C ALA GA 94 -93.98 82.79 -62.04
N GLY GA 95 -92.72 82.48 -62.35
CA GLY GA 95 -91.62 83.33 -61.95
C GLY GA 95 -91.35 83.24 -60.46
N TYR GA 96 -90.19 83.72 -60.03
CA TYR GA 96 -89.86 83.66 -58.61
C TYR GA 96 -90.82 84.51 -57.80
N VAL GA 97 -90.85 84.25 -56.50
CA VAL GA 97 -91.70 84.98 -55.56
C VAL GA 97 -90.96 85.04 -54.23
N ARG GA 98 -90.83 86.23 -53.68
CA ARG GA 98 -90.14 86.40 -52.40
C ARG GA 98 -91.17 86.56 -51.30
N CYS GA 99 -90.72 86.33 -50.06
CA CYS GA 99 -91.61 86.35 -48.92
C CYS GA 99 -91.03 87.22 -47.83
N LYS GA 100 -91.86 87.49 -46.82
CA LYS GA 100 -91.45 88.23 -45.64
C LYS GA 100 -92.25 87.65 -44.48
N LEU GA 101 -91.55 86.96 -43.58
CA LEU GA 101 -92.17 86.27 -42.46
C LEU GA 101 -92.19 87.21 -41.27
N PHE GA 102 -93.30 87.92 -41.11
CA PHE GA 102 -93.47 88.81 -39.97
C PHE GA 102 -93.94 88.01 -38.77
N LEU GA 103 -93.67 88.55 -37.58
CA LEU GA 103 -94.12 87.94 -36.34
C LEU GA 103 -94.45 89.06 -35.37
N GLU GA 104 -95.71 89.16 -34.98
CA GLU GA 104 -96.17 90.27 -34.13
C GLU GA 104 -96.74 89.72 -32.84
N LYS GA 105 -96.18 90.17 -31.72
CA LYS GA 105 -96.84 90.18 -30.44
C LYS GA 105 -97.67 91.45 -30.34
N GLU GA 106 -98.51 91.52 -29.31
CA GLU GA 106 -99.34 92.70 -29.14
C GLU GA 106 -98.46 93.95 -29.06
N GLU GA 107 -98.52 94.79 -30.10
CA GLU GA 107 -97.80 96.06 -30.20
C GLU GA 107 -96.32 95.89 -30.52
N GLU GA 108 -95.85 94.69 -30.86
CA GLU GA 108 -94.43 94.44 -31.09
C GLU GA 108 -94.27 93.60 -32.35
N LYS GA 109 -93.87 94.24 -33.45
CA LYS GA 109 -93.65 93.56 -34.71
C LYS GA 109 -92.18 93.19 -34.87
N ILE GA 110 -91.94 92.13 -35.66
CA ILE GA 110 -90.60 91.69 -36.00
C ILE GA 110 -90.61 91.15 -37.42
N HIS GA 111 -89.51 91.38 -38.13
CA HIS GA 111 -89.28 90.78 -39.44
C HIS GA 111 -88.05 89.88 -39.31
N VAL GA 112 -88.22 88.60 -39.65
CA VAL GA 112 -87.24 87.58 -39.30
C VAL GA 112 -86.77 86.76 -40.48
N ALA GA 113 -87.27 87.00 -41.69
CA ALA GA 113 -86.82 86.21 -42.82
C ALA GA 113 -87.32 86.83 -44.11
N ASN GA 114 -86.56 86.61 -45.19
CA ASN GA 114 -86.93 87.00 -46.55
C ASN GA 114 -86.45 85.89 -47.48
N PHE GA 115 -87.33 84.93 -47.76
CA PHE GA 115 -87.00 83.81 -48.61
C PHE GA 115 -87.85 83.83 -49.87
N SER GA 116 -87.31 83.23 -50.93
CA SER GA 116 -87.98 83.18 -52.22
C SER GA 116 -87.80 81.79 -52.82
N PHE GA 117 -88.45 81.58 -53.95
CA PHE GA 117 -88.38 80.31 -54.66
C PHE GA 117 -88.97 80.49 -56.05
N ASN GA 118 -88.41 79.75 -57.01
CA ASN GA 118 -88.80 79.88 -58.40
C ASN GA 118 -89.99 78.97 -58.72
N ILE GA 119 -90.73 79.34 -59.76
CA ILE GA 119 -91.91 78.61 -60.20
C ILE GA 119 -91.95 78.61 -61.72
N VAL GA 120 -92.35 77.48 -62.30
CA VAL GA 120 -92.47 77.31 -63.75
C VAL GA 120 -93.62 76.35 -64.02
N ASP GA 121 -94.00 76.23 -65.29
CA ASP GA 121 -95.03 75.29 -65.70
C ASP GA 121 -94.56 73.86 -65.46
N MET HA 1 -90.25 87.87 -30.16
CA MET HA 1 -89.06 87.94 -29.26
C MET HA 1 -88.45 89.34 -29.33
N TYR HA 2 -87.14 89.44 -29.06
CA TYR HA 2 -86.47 90.72 -29.00
C TYR HA 2 -85.06 90.58 -29.54
N LYS HA 3 -84.67 91.50 -30.43
CA LYS HA 3 -83.32 91.55 -30.95
C LYS HA 3 -82.49 92.50 -30.08
N ILE HA 4 -81.32 92.04 -29.66
CA ILE HA 4 -80.46 92.79 -28.76
C ILE HA 4 -79.01 92.60 -29.19
N LYS HA 5 -78.19 93.63 -28.92
CA LYS HA 5 -76.75 93.57 -29.13
C LYS HA 5 -76.06 94.00 -27.85
N ASP HA 6 -75.17 93.15 -27.36
CA ASP HA 6 -74.41 93.41 -26.14
C ASP HA 6 -73.04 93.91 -26.54
N VAL HA 7 -72.84 95.22 -26.51
CA VAL HA 7 -71.60 95.85 -26.90
C VAL HA 7 -70.96 96.51 -25.68
N GLU HA 8 -69.66 96.72 -25.76
CA GLU HA 8 -68.93 97.39 -24.69
C GLU HA 8 -67.78 98.19 -25.31
N THR HA 9 -67.65 99.44 -24.88
CA THR HA 9 -66.59 100.33 -25.33
C THR HA 9 -65.82 100.85 -24.12
N ARG HA 10 -64.83 101.70 -24.38
CA ARG HA 10 -63.99 102.24 -23.32
C ARG HA 10 -63.51 103.63 -23.72
N ILE HA 11 -63.52 104.55 -22.76
CA ILE HA 11 -62.98 105.88 -22.97
C ILE HA 11 -61.48 105.78 -23.19
N LYS HA 12 -60.97 106.54 -24.16
CA LYS HA 12 -59.55 106.49 -24.49
C LYS HA 12 -59.08 107.86 -24.95
N ASN HA 13 -57.85 108.21 -24.57
CA ASN HA 13 -57.26 109.45 -25.05
C ASN HA 13 -57.15 109.47 -26.56
N ASP HA 14 -56.89 108.32 -27.18
CA ASP HA 14 -56.80 108.23 -28.62
C ASP HA 14 -58.15 108.44 -29.31
N GLY HA 15 -59.24 108.42 -28.57
CA GLY HA 15 -60.55 108.49 -29.17
C GLY HA 15 -60.94 107.16 -29.78
N VAL HA 16 -62.23 106.84 -29.77
CA VAL HA 16 -62.71 105.55 -30.22
C VAL HA 16 -63.67 105.76 -31.37
N ASP HA 17 -63.82 104.71 -32.18
CA ASP HA 17 -64.80 104.70 -33.28
C ASP HA 17 -65.00 103.26 -33.69
N LEU HA 18 -66.23 102.78 -33.59
CA LEU HA 18 -66.56 101.39 -33.90
C LEU HA 18 -67.13 101.31 -35.31
N GLY HA 19 -66.67 100.33 -36.08
CA GLY HA 19 -66.99 100.26 -37.49
C GLY HA 19 -68.25 99.49 -37.83
N ASP HA 20 -69.42 100.09 -37.55
CA ASP HA 20 -70.70 99.57 -38.03
C ASP HA 20 -70.91 98.13 -37.54
N ILE HA 21 -71.07 98.02 -36.22
CA ILE HA 21 -71.36 96.74 -35.58
C ILE HA 21 -72.42 96.01 -36.39
N GLY HA 22 -72.23 94.71 -36.57
CA GLY HA 22 -73.05 93.94 -37.48
C GLY HA 22 -74.45 93.68 -36.95
N CYS HA 23 -75.28 94.72 -36.90
CA CYS HA 23 -76.68 94.62 -36.50
C CYS HA 23 -77.50 95.38 -37.55
N ARG HA 24 -78.01 94.66 -38.54
CA ARG HA 24 -78.85 95.24 -39.58
C ARG HA 24 -80.30 95.01 -39.18
N PHE HA 25 -80.78 95.86 -38.27
CA PHE HA 25 -82.16 95.80 -37.86
C PHE HA 25 -83.08 96.03 -39.06
N TYR HA 26 -84.37 95.81 -38.84
CA TYR HA 26 -85.38 95.97 -39.87
C TYR HA 26 -86.42 96.97 -39.42
N THR HA 27 -86.85 97.82 -40.36
CA THR HA 27 -87.80 98.88 -40.03
C THR HA 27 -89.04 98.32 -39.34
N GLU HA 28 -89.43 97.10 -39.68
CA GLU HA 28 -90.65 96.51 -39.14
C GLU HA 28 -90.48 96.01 -37.71
N ASP HA 29 -89.27 96.02 -37.17
CA ASP HA 29 -89.03 95.60 -35.78
C ASP HA 29 -89.44 96.74 -34.85
N GLU HA 30 -90.74 97.04 -34.87
CA GLU HA 30 -91.26 98.27 -34.28
C GLU HA 30 -90.78 98.46 -32.84
N ASN HA 31 -91.12 97.52 -31.96
CA ASN HA 31 -90.87 97.67 -30.53
C ASN HA 31 -90.20 96.44 -29.94
N THR HA 32 -89.30 95.82 -30.71
CA THR HA 32 -88.58 94.64 -30.25
C THR HA 32 -87.08 94.84 -30.22
N ALA HA 33 -86.50 95.41 -31.28
CA ALA HA 33 -85.06 95.64 -31.31
C ALA HA 33 -84.66 96.54 -30.14
N SER HA 34 -83.36 96.54 -29.85
CA SER HA 34 -82.81 97.35 -28.77
C SER HA 34 -81.31 97.28 -28.84
N ILE HA 35 -80.65 97.93 -27.89
CA ILE HA 35 -79.20 97.91 -27.75
C ILE HA 35 -78.87 97.82 -26.26
N ARG HA 36 -77.79 97.09 -25.96
CA ARG HA 36 -77.31 96.93 -24.59
C ARG HA 36 -75.86 97.38 -24.57
N ILE HA 37 -75.61 98.56 -24.00
CA ILE HA 37 -74.26 99.12 -23.95
C ILE HA 37 -73.69 98.96 -22.55
N GLY HA 38 -72.41 98.61 -22.48
CA GLY HA 38 -71.67 98.59 -21.24
C GLY HA 38 -70.39 99.36 -21.32
N ILE HA 39 -70.27 100.41 -20.53
CA ILE HA 39 -69.10 101.27 -20.59
C ILE HA 39 -67.98 100.66 -19.76
N ASN HA 40 -66.76 100.88 -20.22
CA ASN HA 40 -65.56 100.40 -19.55
C ASN HA 40 -64.59 101.57 -19.41
N ASP HA 41 -63.73 101.48 -18.39
CA ASP HA 41 -62.72 102.49 -18.15
C ASP HA 41 -61.46 101.82 -17.65
N LYS HA 42 -60.54 102.61 -17.10
CA LYS HA 42 -59.21 102.09 -16.77
C LYS HA 42 -59.29 100.89 -15.83
N GLN HA 43 -60.25 100.89 -14.91
CA GLN HA 43 -60.34 99.81 -13.93
C GLN HA 43 -61.13 98.60 -14.42
N GLY HA 44 -62.02 98.79 -15.38
CA GLY HA 44 -62.75 97.67 -15.95
C GLY HA 44 -64.21 97.95 -16.20
N ARG HA 45 -64.82 98.82 -15.40
CA ARG HA 45 -66.23 99.15 -15.56
C ARG HA 45 -66.51 100.44 -14.81
N ILE HA 46 -67.61 101.08 -15.19
CA ILE HA 46 -68.01 102.37 -14.63
C ILE HA 46 -69.29 102.20 -13.84
N ASP HA 47 -69.45 103.04 -12.82
CA ASP HA 47 -70.65 103.08 -11.99
C ASP HA 47 -71.15 104.51 -11.96
N LEU HA 48 -72.34 104.74 -12.53
CA LEU HA 48 -72.87 106.09 -12.62
C LEU HA 48 -73.37 106.59 -11.27
N LYS HA 49 -74.22 105.81 -10.61
CA LYS HA 49 -74.78 106.24 -9.33
C LYS HA 49 -73.70 106.63 -8.34
N ALA HA 50 -72.54 105.97 -8.40
CA ALA HA 50 -71.44 106.29 -7.50
C ALA HA 50 -71.13 107.79 -7.56
N HIS HA 51 -70.73 108.27 -8.74
CA HIS HA 51 -70.59 109.70 -9.01
C HIS HA 51 -71.70 110.04 -10.01
N GLY HA 52 -72.86 110.39 -9.48
CA GLY HA 52 -74.06 110.53 -10.28
C GLY HA 52 -73.87 111.30 -11.57
N LEU HA 53 -74.00 110.60 -12.70
CA LEU HA 53 -73.96 111.20 -14.02
C LEU HA 53 -75.10 110.65 -14.85
N THR HA 54 -75.27 111.21 -16.05
CA THR HA 54 -76.31 110.78 -16.97
C THR HA 54 -75.68 110.59 -18.34
N PRO HA 55 -75.96 109.48 -19.02
CA PRO HA 55 -75.55 109.34 -20.42
C PRO HA 55 -76.67 109.75 -21.37
N ARG HA 56 -76.25 110.08 -22.59
CA ARG HA 56 -77.18 110.53 -23.62
C ARG HA 56 -76.59 110.22 -24.98
N LEU HA 57 -77.35 109.52 -25.81
CA LEU HA 57 -76.95 109.19 -27.16
C LEU HA 57 -77.69 110.07 -28.15
N HIS HA 58 -76.96 110.66 -29.08
CA HIS HA 58 -77.51 111.44 -30.18
C HIS HA 58 -77.16 110.74 -31.48
N LEU HA 59 -78.17 110.47 -32.30
CA LEU HA 59 -77.97 109.70 -33.52
C LEU HA 59 -78.53 110.45 -34.72
N PHE HA 60 -77.79 110.43 -35.81
CA PHE HA 60 -78.14 111.14 -37.03
C PHE HA 60 -78.74 110.14 -38.01
N MET HA 61 -80.05 110.21 -38.22
CA MET HA 61 -80.72 109.30 -39.12
C MET HA 61 -80.37 109.65 -40.57
N GLU HA 62 -80.99 108.94 -41.49
CA GLU HA 62 -80.63 109.02 -42.91
C GLU HA 62 -81.16 110.30 -43.53
N ASP HA 63 -80.41 111.38 -43.35
CA ASP HA 63 -80.54 112.58 -44.18
C ASP HA 63 -81.81 113.37 -43.88
N GLY HA 64 -82.70 112.85 -43.03
CA GLY HA 64 -83.97 113.50 -42.82
C GLY HA 64 -84.48 113.43 -41.40
N SER HA 65 -83.59 113.18 -40.43
CA SER HA 65 -84.04 113.07 -39.05
C SER HA 65 -82.82 113.03 -38.14
N ILE HA 66 -82.95 113.64 -36.96
CA ILE HA 66 -81.92 113.60 -35.93
C ILE HA 66 -82.62 113.59 -34.58
N PHE HA 67 -82.22 112.66 -33.72
CA PHE HA 67 -82.80 112.52 -32.39
C PHE HA 67 -81.75 112.81 -31.33
N LYS HA 68 -82.19 113.41 -30.23
CA LYS HA 68 -81.31 113.74 -29.12
C LYS HA 68 -82.05 113.50 -27.81
N ASN HA 69 -81.28 113.32 -26.74
CA ASN HA 69 -81.84 113.03 -25.42
C ASN HA 69 -82.79 111.84 -25.49
N GLU HA 70 -82.36 110.80 -26.21
CA GLU HA 70 -83.17 109.61 -26.37
C GLU HA 70 -83.49 109.00 -25.01
N PRO HA 71 -84.49 108.11 -24.93
CA PRO HA 71 -84.88 107.54 -23.64
C PRO HA 71 -83.69 107.00 -22.86
N LEU HA 72 -82.96 106.06 -23.44
CA LEU HA 72 -81.75 105.51 -22.84
C LEU HA 72 -81.99 105.13 -21.38
N ILE HA 73 -82.92 104.19 -21.18
CA ILE HA 73 -83.30 103.79 -19.84
C ILE HA 73 -82.10 103.19 -19.12
N ILE HA 74 -81.86 103.67 -17.90
CA ILE HA 74 -80.77 103.15 -17.09
C ILE HA 74 -81.06 101.71 -16.66
N ASP HA 75 -80.00 101.04 -16.22
CA ASP HA 75 -80.05 99.67 -15.73
C ASP HA 75 -79.92 99.68 -14.22
N ASP HA 76 -79.94 98.49 -13.62
CA ASP HA 76 -79.90 98.31 -12.17
C ASP HA 76 -78.46 98.24 -11.66
N VAL HA 77 -78.30 97.66 -10.47
CA VAL HA 77 -77.02 97.59 -9.76
C VAL HA 77 -75.88 97.07 -10.63
N VAL HA 78 -76.20 96.50 -11.80
CA VAL HA 78 -75.20 95.96 -12.71
C VAL HA 78 -74.06 96.95 -12.95
N LYS HA 79 -74.31 98.24 -12.70
CA LYS HA 79 -73.26 99.27 -12.70
C LYS HA 79 -72.55 99.35 -14.04
N GLY HA 80 -73.28 99.84 -15.03
CA GLY HA 80 -72.66 100.22 -16.29
C GLY HA 80 -73.51 99.96 -17.52
N PHE HA 81 -74.53 99.11 -17.41
CA PHE HA 81 -75.27 98.73 -18.59
C PHE HA 81 -76.47 99.62 -18.81
N ILE HA 82 -76.86 99.72 -20.09
CA ILE HA 82 -78.02 100.51 -20.49
C ILE HA 82 -78.69 99.79 -21.65
N THR HA 83 -79.97 99.45 -21.47
CA THR HA 83 -80.76 98.73 -22.46
C THR HA 83 -81.61 99.77 -23.19
N TYR HA 84 -81.03 100.40 -24.21
CA TYR HA 84 -81.70 101.45 -24.96
C TYR HA 84 -82.75 100.81 -25.87
N LYS HA 85 -83.91 100.52 -25.28
CA LYS HA 85 -85.04 100.04 -26.06
C LYS HA 85 -85.33 100.99 -27.20
N ILE HA 86 -85.12 100.53 -28.42
CA ILE HA 86 -85.29 101.39 -29.58
C ILE HA 86 -86.79 101.55 -29.85
N PRO HA 87 -87.30 102.77 -29.97
CA PRO HA 87 -88.74 102.96 -30.17
C PRO HA 87 -89.16 102.80 -31.63
N LYS HA 88 -90.44 103.07 -31.90
CA LYS HA 88 -90.96 102.89 -33.26
C LYS HA 88 -90.50 104.02 -34.17
N LYS HA 89 -90.78 105.26 -33.78
CA LYS HA 89 -90.53 106.41 -34.65
C LYS HA 89 -89.12 106.40 -35.22
N VAL HA 90 -88.15 105.85 -34.49
CA VAL HA 90 -86.77 105.89 -34.95
C VAL HA 90 -86.59 104.99 -36.17
N ILE HA 91 -86.87 103.70 -36.01
CA ILE HA 91 -86.64 102.74 -37.08
C ILE HA 91 -87.55 102.95 -38.27
N LYS HA 92 -88.50 103.89 -38.20
CA LYS HA 92 -89.31 104.20 -39.37
C LYS HA 92 -88.45 104.61 -40.55
N HIS HA 93 -87.25 105.13 -40.28
CA HIS HA 93 -86.28 105.42 -41.32
C HIS HA 93 -85.42 104.20 -41.58
N ALA HA 94 -84.52 104.30 -42.56
CA ALA HA 94 -83.61 103.22 -42.88
C ALA HA 94 -82.36 103.80 -43.50
N GLY HA 95 -81.38 102.94 -43.75
CA GLY HA 95 -80.13 103.36 -44.35
C GLY HA 95 -78.96 103.28 -43.37
N TYR HA 96 -77.98 104.15 -43.56
CA TYR HA 96 -76.78 104.16 -42.72
C TYR HA 96 -77.04 105.07 -41.53
N VAL HA 97 -77.26 104.46 -40.37
CA VAL HA 97 -77.49 105.19 -39.13
C VAL HA 97 -76.20 105.21 -38.34
N ARG HA 98 -75.97 106.32 -37.63
CA ARG HA 98 -74.77 106.48 -36.83
C ARG HA 98 -75.10 107.33 -35.61
N CYS HA 99 -74.73 106.84 -34.43
CA CYS HA 99 -75.01 107.51 -33.18
C CYS HA 99 -73.70 107.75 -32.41
N LYS HA 100 -73.80 108.60 -31.40
CA LYS HA 100 -72.66 108.96 -30.57
C LYS HA 100 -73.15 109.20 -29.16
N LEU HA 101 -72.41 108.66 -28.19
CA LEU HA 101 -72.83 108.66 -26.78
C LEU HA 101 -71.97 109.62 -25.98
N PHE HA 102 -72.60 110.31 -25.02
CA PHE HA 102 -71.91 111.26 -24.17
C PHE HA 102 -72.34 111.03 -22.72
N LEU HA 103 -71.47 111.46 -21.80
CA LEU HA 103 -71.73 111.40 -20.37
C LEU HA 103 -71.61 112.81 -19.80
N GLU HA 104 -72.58 113.20 -18.98
CA GLU HA 104 -72.62 114.56 -18.45
C GLU HA 104 -73.18 114.52 -17.03
N LYS HA 105 -72.58 115.33 -16.15
CA LYS HA 105 -73.20 115.65 -14.87
C LYS HA 105 -73.52 117.14 -14.77
N GLU HA 106 -72.49 117.99 -14.80
CA GLU HA 106 -72.66 119.42 -15.00
C GLU HA 106 -71.31 120.03 -15.30
N GLU HA 107 -71.12 120.55 -16.52
CA GLU HA 107 -69.86 121.17 -16.94
C GLU HA 107 -68.80 120.14 -17.30
N GLU HA 108 -69.04 118.86 -17.04
CA GLU HA 108 -68.13 117.79 -17.45
C GLU HA 108 -68.86 116.90 -18.44
N LYS HA 109 -68.76 117.23 -19.71
CA LYS HA 109 -69.33 116.45 -20.81
C LYS HA 109 -68.21 115.74 -21.53
N ILE HA 110 -68.36 114.43 -21.70
CA ILE HA 110 -67.33 113.60 -22.33
C ILE HA 110 -67.99 112.69 -23.35
N HIS HA 111 -67.52 112.75 -24.59
CA HIS HA 111 -68.01 111.88 -25.66
C HIS HA 111 -67.30 110.54 -25.55
N VAL HA 112 -68.04 109.49 -25.21
CA VAL HA 112 -67.43 108.20 -24.96
C VAL HA 112 -67.13 107.47 -26.26
N ALA HA 113 -68.11 107.37 -27.15
CA ALA HA 113 -67.94 106.60 -28.37
C ALA HA 113 -68.84 107.14 -29.46
N ASN HA 114 -68.52 106.76 -30.70
CA ASN HA 114 -69.30 107.13 -31.88
C ASN HA 114 -69.32 105.90 -32.80
N PHE HA 115 -70.35 105.08 -32.66
CA PHE HA 115 -70.51 103.88 -33.46
C PHE HA 115 -71.72 104.03 -34.38
N SER HA 116 -71.95 103.00 -35.19
CA SER HA 116 -72.97 103.07 -36.22
C SER HA 116 -73.54 101.68 -36.46
N PHE HA 117 -74.59 101.64 -37.26
CA PHE HA 117 -75.25 100.40 -37.68
C PHE HA 117 -76.16 100.75 -38.86
N ASN HA 118 -76.98 99.80 -39.29
CA ASN HA 118 -77.85 99.99 -40.42
C ASN HA 118 -79.22 99.39 -40.13
N ILE HA 119 -80.23 99.90 -40.82
CA ILE HA 119 -81.60 99.40 -40.73
C ILE HA 119 -82.08 99.11 -42.13
N VAL HA 120 -82.69 97.94 -42.31
CA VAL HA 120 -83.20 97.50 -43.61
C VAL HA 120 -84.68 97.82 -43.69
N ASP HA 121 -85.10 98.40 -44.81
CA ASP HA 121 -86.50 98.75 -45.04
C ASP HA 121 -87.17 97.57 -45.71
N SER HA 122 -87.93 96.80 -44.93
CA SER HA 122 -88.65 95.63 -45.43
C SER HA 122 -90.15 95.96 -45.42
N GLY HA 123 -90.66 96.36 -46.57
CA GLY HA 123 -92.07 96.71 -46.70
C GLY HA 123 -92.99 95.57 -46.35
N MET IA 1 -69.85 29.89 -106.25
CA MET IA 1 -69.27 30.39 -104.97
C MET IA 1 -70.17 31.48 -104.38
N TYR IA 2 -69.76 32.02 -103.25
CA TYR IA 2 -70.54 33.04 -102.57
C TYR IA 2 -69.62 33.99 -101.82
N LYS IA 3 -70.06 35.24 -101.69
CA LYS IA 3 -69.39 36.26 -100.89
C LYS IA 3 -70.44 36.76 -99.90
N ILE IA 4 -70.34 36.27 -98.67
CA ILE IA 4 -71.33 36.55 -97.63
C ILE IA 4 -70.69 37.42 -96.55
N LYS IA 5 -71.50 38.30 -95.97
CA LYS IA 5 -71.09 39.15 -94.86
C LYS IA 5 -72.08 38.94 -93.73
N ASP IA 6 -71.59 38.46 -92.60
CA ASP IA 6 -72.42 38.26 -91.42
C ASP IA 6 -72.50 39.54 -90.62
N VAL IA 7 -73.71 39.90 -90.20
CA VAL IA 7 -73.96 41.11 -89.42
C VAL IA 7 -74.92 40.79 -88.29
N GLU IA 8 -74.82 41.58 -87.22
CA GLU IA 8 -75.67 41.45 -86.05
C GLU IA 8 -76.60 42.64 -85.97
N THR IA 9 -77.90 42.38 -85.90
CA THR IA 9 -78.92 43.42 -85.82
C THR IA 9 -79.57 43.35 -84.45
N ARG IA 10 -79.42 44.40 -83.65
CA ARG IA 10 -79.86 44.41 -82.26
C ARG IA 10 -80.95 45.46 -82.08
N ILE IA 11 -81.99 45.09 -81.33
CA ILE IA 11 -83.08 46.00 -80.99
C ILE IA 11 -82.69 46.65 -79.68
N LYS IA 12 -81.93 47.74 -79.76
CA LYS IA 12 -81.55 48.53 -78.60
C LYS IA 12 -82.38 49.80 -78.58
N ASN IA 13 -83.19 49.98 -77.54
CA ASN IA 13 -84.14 51.08 -77.48
C ASN IA 13 -83.47 52.44 -77.61
N ASP IA 14 -82.18 52.54 -77.31
CA ASP IA 14 -81.48 53.82 -77.38
C ASP IA 14 -81.04 54.09 -78.82
N GLY IA 15 -81.97 54.00 -79.76
CA GLY IA 15 -81.65 54.21 -81.16
C GLY IA 15 -80.81 53.09 -81.72
N VAL IA 16 -80.91 52.85 -83.02
CA VAL IA 16 -80.14 51.80 -83.69
C VAL IA 16 -79.78 52.29 -85.08
N ASP IA 17 -78.49 52.55 -85.30
CA ASP IA 17 -78.00 53.03 -86.60
C ASP IA 17 -76.60 52.45 -86.79
N LEU IA 18 -76.53 51.30 -87.48
CA LEU IA 18 -75.24 50.68 -87.79
C LEU IA 18 -74.64 51.39 -88.99
N GLY IA 19 -73.53 52.09 -88.77
CA GLY IA 19 -72.93 52.90 -89.81
C GLY IA 19 -72.29 52.08 -90.92
N ASP IA 20 -71.30 52.67 -91.59
CA ASP IA 20 -70.64 52.02 -92.71
C ASP IA 20 -70.10 50.66 -92.29
N ILE IA 21 -70.63 49.60 -92.89
CA ILE IA 21 -70.10 48.26 -92.70
C ILE IA 21 -68.90 48.09 -93.62
N GLY IA 22 -67.84 47.46 -93.11
CA GLY IA 22 -66.65 47.23 -93.92
C GLY IA 22 -66.96 46.59 -95.26
N CYS IA 23 -68.07 45.86 -95.34
CA CYS IA 23 -68.48 45.20 -96.58
C CYS IA 23 -68.57 46.22 -97.72
N ARG IA 24 -67.99 45.86 -98.85
CA ARG IA 24 -68.09 46.67 -100.06
C ARG IA 24 -68.08 45.73 -101.25
N PHE IA 25 -69.27 45.39 -101.74
CA PHE IA 25 -69.38 44.55 -102.93
C PHE IA 25 -69.00 45.38 -104.16
N TYR IA 26 -69.14 44.77 -105.33
CA TYR IA 26 -68.78 45.41 -106.58
C TYR IA 26 -69.84 45.14 -107.63
N THR IA 27 -69.95 46.06 -108.59
CA THR IA 27 -71.05 46.06 -109.54
C THR IA 27 -71.29 44.67 -110.13
N GLU IA 28 -70.27 44.11 -110.79
CA GLU IA 28 -70.43 42.85 -111.51
C GLU IA 28 -70.69 41.66 -110.60
N ASP IA 29 -70.66 41.85 -109.27
CA ASP IA 29 -71.03 40.79 -108.34
C ASP IA 29 -72.54 40.66 -108.37
N GLU IA 30 -73.03 39.99 -109.42
CA GLU IA 30 -74.47 39.96 -109.68
C GLU IA 30 -75.22 39.14 -108.64
N ASN IA 31 -74.91 37.85 -108.53
CA ASN IA 31 -75.61 36.94 -107.64
C ASN IA 31 -74.74 36.30 -106.59
N THR IA 32 -73.43 36.25 -106.79
CA THR IA 32 -72.54 35.67 -105.79
C THR IA 32 -72.66 36.41 -104.46
N ALA IA 33 -72.64 37.74 -104.51
CA ALA IA 33 -72.76 38.54 -103.30
C ALA IA 33 -74.06 38.21 -102.56
N SER IA 34 -74.00 38.29 -101.24
CA SER IA 34 -75.21 38.12 -100.44
C SER IA 34 -74.92 38.56 -99.02
N ILE IA 35 -75.91 39.19 -98.40
CA ILE IA 35 -75.81 39.63 -97.01
C ILE IA 35 -76.43 38.56 -96.12
N ARG IA 36 -75.87 38.40 -94.92
CA ARG IA 36 -76.39 37.48 -93.93
C ARG IA 36 -76.46 38.23 -92.60
N ILE IA 37 -77.59 38.12 -91.92
CA ILE IA 37 -77.82 38.89 -90.70
C ILE IA 37 -78.51 38.04 -89.66
N GLY IA 38 -78.19 38.31 -88.40
CA GLY IA 38 -78.84 37.65 -87.29
C GLY IA 38 -79.42 38.66 -86.32
N ILE IA 39 -80.69 38.47 -85.95
CA ILE IA 39 -81.38 39.38 -85.04
C ILE IA 39 -81.10 38.92 -83.62
N ASN IA 40 -80.88 39.89 -82.73
CA ASN IA 40 -80.64 39.61 -81.32
C ASN IA 40 -81.21 40.78 -80.53
N ASP IA 41 -82.29 40.55 -79.79
CA ASP IA 41 -83.03 41.67 -79.18
C ASP IA 41 -82.50 42.00 -77.80
N LYS IA 42 -82.66 41.09 -76.85
CA LYS IA 42 -82.12 41.31 -75.50
C LYS IA 42 -81.35 40.12 -74.94
N GLN IA 43 -81.80 38.90 -75.21
CA GLN IA 43 -81.25 37.70 -74.60
C GLN IA 43 -80.51 36.83 -75.59
N GLY IA 44 -80.22 37.37 -76.76
CA GLY IA 44 -79.75 36.59 -77.88
C GLY IA 44 -80.74 36.63 -79.04
N ARG IA 45 -80.67 35.59 -79.86
CA ARG IA 45 -81.44 35.57 -81.08
C ARG IA 45 -82.95 35.49 -80.78
N ILE IA 46 -83.74 35.74 -81.81
CA ILE IA 46 -85.19 35.71 -81.74
C ILE IA 46 -85.71 34.83 -82.86
N ASP IA 47 -86.56 33.87 -82.53
CA ASP IA 47 -87.17 32.97 -83.50
C ASP IA 47 -88.40 33.66 -84.07
N LEU IA 48 -88.31 34.14 -85.32
CA LEU IA 48 -89.38 34.94 -85.90
C LEU IA 48 -90.66 34.13 -86.00
N LYS IA 49 -90.63 33.04 -86.79
CA LYS IA 49 -91.83 32.25 -87.02
C LYS IA 49 -92.45 31.75 -85.73
N ALA IA 50 -91.69 31.72 -84.63
CA ALA IA 50 -92.22 31.23 -83.37
C ALA IA 50 -93.54 31.92 -83.03
N HIS IA 51 -93.56 33.25 -83.10
CA HIS IA 51 -94.77 34.03 -82.84
C HIS IA 51 -94.98 35.02 -83.99
N GLY IA 52 -95.58 34.53 -85.08
CA GLY IA 52 -96.13 35.37 -86.12
C GLY IA 52 -95.38 36.65 -86.43
N LEU IA 53 -94.10 36.55 -86.77
CA LEU IA 53 -93.30 37.70 -87.15
C LEU IA 53 -92.96 37.65 -88.64
N THR IA 54 -92.88 38.82 -89.26
CA THR IA 54 -92.58 38.91 -90.69
C THR IA 54 -91.53 39.98 -90.91
N PRO IA 55 -90.36 39.65 -91.45
CA PRO IA 55 -89.34 40.67 -91.70
C PRO IA 55 -89.61 41.42 -93.00
N ARG IA 56 -88.87 42.51 -93.18
CA ARG IA 56 -88.99 43.33 -94.38
C ARG IA 56 -87.69 44.10 -94.54
N LEU IA 57 -87.25 44.28 -95.79
CA LEU IA 57 -86.04 45.03 -96.09
C LEU IA 57 -86.40 46.12 -97.09
N HIS IA 58 -86.18 47.37 -96.72
CA HIS IA 58 -86.45 48.51 -97.59
C HIS IA 58 -85.19 49.33 -97.69
N LEU IA 59 -84.55 49.34 -98.87
CA LEU IA 59 -83.24 49.94 -99.02
C LEU IA 59 -83.30 51.09 -100.01
N PHE IA 60 -82.61 52.16 -99.68
CA PHE IA 60 -82.56 53.37 -100.49
C PHE IA 60 -81.17 53.48 -101.12
N MET IA 61 -81.14 53.68 -102.44
CA MET IA 61 -79.88 53.89 -103.12
C MET IA 61 -79.34 55.28 -102.83
N GLU IA 62 -78.03 55.45 -103.05
CA GLU IA 62 -77.44 56.78 -102.98
C GLU IA 62 -77.98 57.69 -104.07
N ASP IA 63 -78.58 57.14 -105.11
CA ASP IA 63 -79.07 57.93 -106.23
C ASP IA 63 -80.28 57.25 -106.84
N GLY IA 64 -81.41 57.94 -106.83
CA GLY IA 64 -82.58 57.50 -107.57
C GLY IA 64 -83.22 56.23 -107.06
N SER IA 65 -83.00 55.13 -107.79
CA SER IA 65 -83.72 53.88 -107.57
C SER IA 65 -83.93 53.59 -106.09
N ILE IA 66 -85.14 53.16 -105.76
CA ILE IA 66 -85.53 52.88 -104.38
C ILE IA 66 -86.45 51.68 -104.40
N PHE IA 67 -86.10 50.64 -103.66
CA PHE IA 67 -86.84 49.38 -103.64
C PHE IA 67 -87.44 49.14 -102.25
N LYS IA 68 -88.49 48.33 -102.22
CA LYS IA 68 -89.24 48.07 -101.01
C LYS IA 68 -89.56 46.59 -100.91
N ASN IA 69 -89.62 46.10 -99.67
CA ASN IA 69 -90.02 44.72 -99.37
C ASN IA 69 -89.27 43.73 -100.26
N GLU IA 70 -87.94 43.79 -100.18
CA GLU IA 70 -87.11 42.91 -100.97
C GLU IA 70 -87.28 41.47 -100.52
N PRO IA 71 -86.94 40.51 -101.39
CA PRO IA 71 -87.05 39.10 -101.02
C PRO IA 71 -85.91 38.71 -100.09
N LEU IA 72 -86.00 37.47 -99.58
CA LEU IA 72 -84.99 36.94 -98.67
C LEU IA 72 -85.35 35.49 -98.36
N ILE IA 73 -84.45 34.82 -97.66
CA ILE IA 73 -84.65 33.44 -97.22
C ILE IA 73 -84.52 33.41 -95.71
N ILE IA 74 -85.29 32.52 -95.09
CA ILE IA 74 -85.31 32.36 -93.64
C ILE IA 74 -84.97 30.91 -93.32
N ASP IA 75 -83.76 30.69 -92.78
CA ASP IA 75 -83.36 29.38 -92.30
C ASP IA 75 -83.97 29.13 -90.92
N ASP IA 76 -85.31 29.08 -90.90
CA ASP IA 76 -86.03 28.97 -89.65
C ASP IA 76 -85.61 27.76 -88.84
N VAL IA 77 -85.14 26.70 -89.51
CA VAL IA 77 -84.72 25.50 -88.80
C VAL IA 77 -83.69 25.83 -87.73
N VAL IA 78 -82.85 26.82 -87.98
CA VAL IA 78 -81.80 27.20 -87.04
C VAL IA 78 -82.31 28.28 -86.10
N LYS IA 79 -82.67 29.42 -86.66
CA LYS IA 79 -83.00 30.60 -85.88
C LYS IA 79 -83.47 31.68 -86.83
N GLY IA 80 -83.96 32.78 -86.28
CA GLY IA 80 -84.43 33.88 -87.10
C GLY IA 80 -83.31 34.67 -87.74
N PHE IA 81 -82.54 34.01 -88.60
CA PHE IA 81 -81.51 34.66 -89.39
C PHE IA 81 -82.04 34.90 -90.80
N ILE IA 82 -81.51 35.92 -91.45
CA ILE IA 82 -81.94 36.32 -92.77
C ILE IA 82 -80.75 36.28 -93.72
N THR IA 83 -81.00 35.86 -94.95
CA THR IA 83 -80.00 35.81 -96.01
C THR IA 83 -80.58 36.50 -97.23
N TYR IA 84 -80.08 37.70 -97.52
CA TYR IA 84 -80.58 38.53 -98.61
C TYR IA 84 -79.62 38.41 -99.79
N LYS IA 85 -80.07 37.76 -100.86
CA LYS IA 85 -79.29 37.64 -102.08
C LYS IA 85 -79.74 38.71 -103.06
N ILE IA 86 -78.82 39.59 -103.44
CA ILE IA 86 -79.11 40.68 -104.36
C ILE IA 86 -79.29 40.10 -105.77
N PRO IA 87 -80.47 40.28 -106.39
CA PRO IA 87 -80.76 39.58 -107.65
C PRO IA 87 -80.32 40.35 -108.90
N LYS IA 88 -79.02 40.58 -109.03
CA LYS IA 88 -78.45 41.18 -110.23
C LYS IA 88 -79.05 42.55 -110.54
N LYS IA 89 -79.73 43.15 -109.56
CA LYS IA 89 -80.44 44.40 -109.77
C LYS IA 89 -79.88 45.53 -108.93
N VAL IA 90 -79.68 45.31 -107.63
CA VAL IA 90 -79.20 46.37 -106.74
C VAL IA 90 -77.73 46.64 -107.00
N ILE IA 91 -76.93 45.58 -107.09
CA ILE IA 91 -75.49 45.75 -107.25
C ILE IA 91 -75.16 46.55 -108.49
N LYS IA 92 -75.96 46.41 -109.55
CA LYS IA 92 -75.71 47.15 -110.78
C LYS IA 92 -75.59 48.64 -110.52
N HIS IA 93 -76.29 49.14 -109.50
CA HIS IA 93 -76.19 50.54 -109.10
C HIS IA 93 -74.98 50.72 -108.19
N ALA IA 94 -74.02 51.51 -108.64
CA ALA IA 94 -72.80 51.75 -107.87
C ALA IA 94 -73.09 52.78 -106.77
N GLY IA 95 -72.04 53.25 -106.11
CA GLY IA 95 -72.20 54.17 -105.01
C GLY IA 95 -72.76 53.48 -103.79
N TYR IA 96 -72.65 54.11 -102.63
CA TYR IA 96 -73.17 53.50 -101.41
C TYR IA 96 -74.68 53.34 -101.50
N VAL IA 97 -75.20 52.48 -100.64
CA VAL IA 97 -76.64 52.21 -100.57
C VAL IA 97 -76.98 51.90 -99.13
N ARG IA 98 -77.98 52.59 -98.59
CA ARG IA 98 -78.37 52.38 -97.21
C ARG IA 98 -79.62 51.51 -97.16
N CYS IA 99 -79.87 50.92 -96.00
CA CYS IA 99 -80.97 50.00 -95.84
C CYS IA 99 -81.80 50.38 -94.62
N LYS IA 100 -82.95 49.71 -94.51
CA LYS IA 100 -83.84 49.88 -93.37
C LYS IA 100 -84.51 48.52 -93.15
N LEU IA 101 -84.15 47.86 -92.06
CA LEU IA 101 -84.61 46.51 -91.77
C LEU IA 101 -85.86 46.60 -90.90
N PHE IA 102 -87.01 46.61 -91.55
CA PHE IA 102 -88.27 46.64 -90.84
C PHE IA 102 -88.64 45.23 -90.37
N LEU IA 103 -89.46 45.17 -89.33
CA LEU IA 103 -89.95 43.90 -88.81
C LEU IA 103 -91.37 44.13 -88.33
N GLU IA 104 -92.34 43.49 -88.97
CA GLU IA 104 -93.74 43.71 -88.66
C GLU IA 104 -94.38 42.40 -88.19
N LYS IA 105 -94.95 42.45 -87.00
CA LYS IA 105 -96.00 41.53 -86.58
C LYS IA 105 -97.34 42.09 -87.06
N GLU IA 106 -98.38 41.28 -86.94
CA GLU IA 106 -99.70 41.73 -87.36
C GLU IA 106 -100.07 43.01 -86.61
N GLU IA 107 -100.11 44.13 -87.33
CA GLU IA 107 -100.49 45.46 -86.83
C GLU IA 107 -99.40 46.12 -85.99
N GLU IA 108 -98.18 45.58 -85.96
CA GLU IA 108 -97.11 46.11 -85.11
C GLU IA 108 -95.82 46.18 -85.91
N LYS IA 109 -95.44 47.37 -86.36
CA LYS IA 109 -94.22 47.56 -87.11
C LYS IA 109 -93.08 47.99 -86.19
N ILE IA 110 -91.85 47.68 -86.60
CA ILE IA 110 -90.65 48.10 -85.90
C ILE IA 110 -89.57 48.39 -86.94
N HIS IA 111 -88.73 49.38 -86.62
CA HIS IA 111 -87.53 49.67 -87.39
C HIS IA 111 -86.34 49.46 -86.47
N VAL IA 112 -85.43 48.56 -86.87
CA VAL IA 112 -84.40 48.04 -85.96
C VAL IA 112 -83.00 48.18 -86.50
N ALA IA 113 -82.80 48.78 -87.67
CA ALA IA 113 -81.44 48.94 -88.19
C ALA IA 113 -81.44 49.82 -89.41
N ASN IA 114 -80.31 50.50 -89.62
CA ASN IA 114 -80.06 51.31 -90.82
C ASN IA 114 -78.58 51.13 -91.17
N PHE IA 115 -78.30 50.17 -92.04
CA PHE IA 115 -76.94 49.86 -92.45
C PHE IA 115 -76.76 50.15 -93.93
N SER IA 116 -75.51 50.45 -94.30
CA SER IA 116 -75.18 50.76 -95.68
C SER IA 116 -73.87 50.08 -96.04
N PHE IA 117 -73.48 50.21 -97.31
CA PHE IA 117 -72.22 49.65 -97.79
C PHE IA 117 -71.93 50.23 -99.16
N ASN IA 118 -70.64 50.34 -99.47
CA ASN IA 118 -70.18 50.93 -100.72
C ASN IA 118 -70.13 49.89 -101.83
N ILE IA 119 -70.21 50.37 -103.07
CA ILE IA 119 -70.16 49.53 -104.25
C ILE IA 119 -69.39 50.27 -105.33
N VAL IA 120 -68.57 49.53 -106.08
CA VAL IA 120 -67.77 50.07 -107.18
C VAL IA 120 -67.63 48.99 -108.24
N ASP IA 121 -67.09 49.37 -109.40
CA ASP IA 121 -66.83 48.41 -110.46
C ASP IA 121 -65.77 47.41 -110.03
N MET JA 1 -91.02 42.49 -81.78
CA MET JA 1 -90.90 42.62 -80.30
C MET JA 1 -91.43 43.97 -79.84
N TYR JA 2 -90.92 44.47 -78.72
CA TYR JA 2 -91.42 45.71 -78.13
C TYR JA 2 -90.27 46.48 -77.50
N LYS JA 3 -90.20 47.76 -77.81
CA LYS JA 3 -89.22 48.65 -77.20
C LYS JA 3 -89.83 49.29 -75.95
N ILE JA 4 -89.09 49.24 -74.84
CA ILE JA 4 -89.57 49.74 -73.56
C ILE JA 4 -88.44 50.45 -72.84
N LYS JA 5 -88.80 51.46 -72.05
CA LYS JA 5 -87.86 52.17 -71.20
C LYS JA 5 -88.41 52.17 -69.77
N ASP JA 6 -87.62 51.68 -68.83
CA ASP JA 6 -88.03 51.57 -67.44
C ASP JA 6 -87.40 52.72 -66.67
N VAL JA 7 -88.18 53.77 -66.43
CA VAL JA 7 -87.70 54.98 -65.76
C VAL JA 7 -88.43 55.12 -64.44
N GLU JA 8 -87.81 55.89 -63.53
CA GLU JA 8 -88.41 56.18 -62.24
C GLU JA 8 -87.99 57.58 -61.81
N THR JA 9 -88.95 58.38 -61.36
CA THR JA 9 -88.72 59.72 -60.88
C THR JA 9 -89.27 59.86 -59.46
N ARG JA 10 -89.11 61.05 -58.88
CA ARG JA 10 -89.56 61.29 -57.53
C ARG JA 10 -90.00 62.75 -57.40
N ILE JA 11 -91.11 62.96 -56.70
CA ILE JA 11 -91.58 64.31 -56.41
C ILE JA 11 -90.59 64.99 -55.48
N LYS JA 12 -90.30 66.26 -55.76
CA LYS JA 12 -89.31 67.00 -55.00
C LYS JA 12 -89.71 68.46 -54.92
N ASN JA 13 -89.48 69.06 -53.75
CA ASN JA 13 -89.72 70.50 -53.60
C ASN JA 13 -88.87 71.30 -54.57
N ASP JA 14 -87.65 70.85 -54.85
CA ASP JA 14 -86.78 71.53 -55.80
C ASP JA 14 -87.30 71.47 -57.23
N GLY JA 15 -88.26 70.59 -57.51
CA GLY JA 15 -88.71 70.40 -58.87
C GLY JA 15 -87.74 69.54 -59.63
N VAL JA 16 -88.25 68.72 -60.56
CA VAL JA 16 -87.43 67.76 -61.27
C VAL JA 16 -87.46 68.07 -62.75
N ASP JA 17 -86.43 67.62 -63.45
CA ASP JA 17 -86.39 67.70 -64.91
C ASP JA 17 -85.35 66.71 -65.41
N LEU JA 18 -85.77 65.80 -66.28
CA LEU JA 18 -84.90 64.74 -66.80
C LEU JA 18 -84.44 65.12 -68.19
N GLY JA 19 -83.13 64.99 -68.43
CA GLY JA 19 -82.52 65.50 -69.64
C GLY JA 19 -82.53 64.53 -70.82
N ASP JA 20 -83.71 64.34 -71.43
CA ASP JA 20 -83.82 63.63 -72.69
C ASP JA 20 -83.26 62.21 -72.57
N ILE JA 21 -83.97 61.41 -71.78
CA ILE JA 21 -83.63 60.00 -71.60
C ILE JA 21 -83.29 59.39 -72.94
N GLY JA 22 -82.23 58.59 -72.99
CA GLY JA 22 -81.71 58.09 -74.25
C GLY JA 22 -82.58 57.02 -74.89
N CYS JA 23 -83.75 57.42 -75.37
CA CYS JA 23 -84.67 56.52 -76.07
C CYS JA 23 -85.11 57.21 -77.34
N ARG JA 24 -84.36 56.97 -78.42
CA ARG JA 24 -84.67 57.57 -79.73
C ARG JA 24 -85.51 56.59 -80.53
N PHE JA 25 -86.81 56.60 -80.22
CA PHE JA 25 -87.75 55.76 -80.95
C PHE JA 25 -87.76 56.14 -82.43
N TYR JA 26 -88.45 55.31 -83.21
CA TYR JA 26 -88.56 55.50 -84.65
C TYR JA 26 -90.03 55.58 -85.04
N THR JA 27 -90.33 56.50 -85.97
CA THR JA 27 -91.71 56.73 -86.38
C THR JA 27 -92.38 55.44 -86.82
N GLU JA 28 -91.62 54.50 -87.38
CA GLU JA 28 -92.18 53.28 -87.91
C GLU JA 28 -92.51 52.26 -86.83
N ASP JA 29 -92.14 52.51 -85.58
CA ASP JA 29 -92.47 51.62 -84.46
C ASP JA 29 -93.91 51.86 -84.06
N GLU JA 30 -94.81 51.53 -84.99
CA GLU JA 30 -96.21 51.95 -84.89
C GLU JA 30 -96.82 51.59 -83.54
N ASN JA 31 -96.85 50.30 -83.21
CA ASN JA 31 -97.57 49.82 -82.04
C ASN JA 31 -96.69 48.88 -81.21
N THR JA 32 -95.40 49.19 -81.11
CA THR JA 32 -94.47 48.38 -80.34
C THR JA 32 -93.79 49.16 -79.23
N ALA JA 33 -93.30 50.36 -79.51
CA ALA JA 33 -92.66 51.17 -78.49
C ALA JA 33 -93.64 51.44 -77.35
N SER JA 34 -93.09 51.86 -76.22
CA SER JA 34 -93.88 52.15 -75.03
C SER JA 34 -92.95 52.77 -73.99
N ILE JA 35 -93.54 53.10 -72.83
CA ILE JA 35 -92.80 53.63 -71.70
C ILE JA 35 -93.33 52.97 -70.43
N ARG JA 36 -92.43 52.73 -69.49
CA ARG JA 36 -92.77 52.15 -68.20
C ARG JA 36 -92.28 53.08 -67.12
N ILE JA 37 -93.19 53.82 -66.49
CA ILE JA 37 -92.84 54.79 -65.47
C ILE JA 37 -93.17 54.24 -64.09
N GLY JA 38 -92.27 54.49 -63.15
CA GLY JA 38 -92.51 54.18 -61.75
C GLY JA 38 -92.26 55.37 -60.85
N ILE JA 39 -93.31 55.82 -60.18
CA ILE JA 39 -93.20 57.00 -59.34
C ILE JA 39 -92.62 56.62 -57.99
N ASN JA 40 -91.84 57.54 -57.42
CA ASN JA 40 -91.22 57.37 -56.11
C ASN JA 40 -91.51 58.59 -55.27
N ASP JA 41 -91.52 58.39 -53.96
CA ASP JA 41 -91.76 59.49 -53.02
C ASP JA 41 -90.88 59.26 -51.79
N LYS JA 42 -91.18 59.99 -50.71
CA LYS JA 42 -90.29 60.01 -49.56
C LYS JA 42 -90.04 58.61 -49.01
N GLN JA 43 -91.05 57.74 -49.06
CA GLN JA 43 -90.91 56.42 -48.48
C GLN JA 43 -90.31 55.40 -49.44
N GLY JA 44 -90.40 55.62 -50.75
CA GLY JA 44 -89.78 54.73 -51.71
C GLY JA 44 -90.63 54.44 -52.92
N ARG JA 45 -91.95 54.43 -52.75
CA ARG JA 45 -92.86 54.15 -53.85
C ARG JA 45 -94.25 54.63 -53.49
N ILE JA 46 -95.06 54.83 -54.51
CA ILE JA 46 -96.41 55.37 -54.35
C ILE JA 46 -97.42 54.29 -54.73
N ASP JA 47 -98.60 54.37 -54.10
CA ASP JA 47 -99.71 53.48 -54.39
C ASP JA 47 -100.93 54.33 -54.67
N LEU JA 48 -101.43 54.27 -55.91
CA LEU JA 48 -102.55 55.12 -56.29
C LEU JA 48 -103.86 54.63 -55.70
N LYS JA 49 -104.16 53.34 -55.88
CA LYS JA 49 -105.41 52.80 -55.38
C LYS JA 49 -105.59 53.06 -53.89
N ALA JA 50 -104.49 53.10 -53.12
CA ALA JA 50 -104.58 53.37 -51.70
C ALA JA 50 -105.36 54.65 -51.44
N HIS JA 51 -104.84 55.77 -51.95
CA HIS JA 51 -105.56 57.05 -51.98
C HIS JA 51 -105.86 57.32 -53.45
N GLY JA 52 -107.02 56.83 -53.90
CA GLY JA 52 -107.35 56.81 -55.31
C GLY JA 52 -107.07 58.11 -56.04
N LEU JA 53 -106.10 58.06 -56.95
CA LEU JA 53 -105.78 59.19 -57.80
C LEU JA 53 -105.61 58.69 -59.23
N THR JA 54 -105.42 59.63 -60.15
CA THR JA 54 -105.21 59.30 -61.56
C THR JA 54 -104.03 60.11 -62.08
N PRO JA 55 -103.10 59.48 -62.79
CA PRO JA 55 -102.06 60.24 -63.47
C PRO JA 55 -102.45 60.54 -64.91
N ARG JA 56 -101.81 61.58 -65.45
CA ARG JA 56 -102.07 62.02 -66.81
C ARG JA 56 -100.84 62.72 -67.35
N LEU JA 57 -100.37 62.27 -68.51
CA LEU JA 57 -99.21 62.87 -69.18
C LEU JA 57 -99.69 63.70 -70.36
N HIS JA 58 -99.18 64.92 -70.45
CA HIS JA 58 -99.43 65.80 -71.59
C HIS JA 58 -98.10 66.07 -72.27
N LEU JA 59 -98.04 65.83 -73.58
CA LEU JA 59 -96.79 65.93 -74.31
C LEU JA 59 -96.97 66.84 -75.52
N PHE JA 60 -95.97 67.70 -75.73
CA PHE JA 60 -96.00 68.69 -76.81
C PHE JA 60 -95.15 68.15 -77.96
N MET JA 61 -95.82 67.76 -79.04
CA MET JA 61 -95.12 67.22 -80.19
C MET JA 61 -94.40 68.35 -80.94
N GLU JA 62 -93.79 68.00 -82.06
CA GLU JA 62 -92.89 68.90 -82.78
C GLU JA 62 -93.69 69.94 -83.54
N ASP JA 63 -94.08 71.00 -82.82
CA ASP JA 63 -94.49 72.26 -83.45
C ASP JA 63 -95.87 72.17 -84.11
N GLY JA 64 -96.46 70.98 -84.16
CA GLY JA 64 -97.69 70.82 -84.90
C GLY JA 64 -98.68 69.85 -84.29
N SER JA 65 -98.53 69.57 -82.99
CA SER JA 65 -99.44 68.63 -82.36
C SER JA 65 -99.21 68.65 -80.85
N ILE JA 66 -100.29 68.48 -80.09
CA ILE JA 66 -100.24 68.39 -78.64
C ILE JA 66 -101.33 67.41 -78.20
N PHE JA 67 -100.94 66.44 -77.38
CA PHE JA 67 -101.85 65.43 -76.87
C PHE JA 67 -102.02 65.58 -75.37
N LYS JA 68 -103.23 65.31 -74.89
CA LYS JA 68 -103.55 65.38 -73.47
C LYS JA 68 -104.50 64.25 -73.12
N ASN JA 69 -104.51 63.90 -71.83
CA ASN JA 69 -105.33 62.79 -71.35
C ASN JA 69 -105.02 61.51 -72.12
N GLU JA 70 -103.73 61.27 -72.35
CA GLU JA 70 -103.31 60.11 -73.10
C GLU JA 70 -103.80 58.83 -72.40
N PRO JA 71 -103.80 57.70 -73.11
CA PRO JA 71 -104.32 56.47 -72.51
C PRO JA 71 -103.74 56.18 -71.13
N LEU JA 72 -102.41 56.07 -71.06
CA LEU JA 72 -101.70 55.87 -69.80
C LEU JA 72 -102.35 54.77 -68.96
N ILE JA 73 -102.36 53.57 -69.54
CA ILE JA 73 -103.02 52.44 -68.89
C ILE JA 73 -102.36 52.15 -67.55
N ILE JA 74 -103.18 52.03 -66.51
CA ILE JA 74 -102.65 51.73 -65.18
C ILE JA 74 -102.08 50.31 -65.17
N ASP JA 75 -101.30 50.03 -64.14
CA ASP JA 75 -100.71 48.72 -63.93
C ASP JA 75 -101.45 47.99 -62.80
N ASP JA 76 -100.93 46.81 -62.46
CA ASP JA 76 -101.53 45.93 -61.45
C ASP JA 76 -100.98 46.25 -60.07
N VAL JA 77 -101.14 45.31 -59.15
CA VAL JA 77 -100.80 45.46 -57.74
C VAL JA 77 -99.38 45.99 -57.52
N VAL JA 78 -98.56 46.00 -58.58
CA VAL JA 78 -97.18 46.47 -58.48
C VAL JA 78 -97.09 47.83 -57.79
N LYS JA 79 -98.19 48.57 -57.75
CA LYS JA 79 -98.30 49.78 -56.93
C LYS JA 79 -97.25 50.84 -57.34
N GLY JA 80 -97.45 51.38 -58.54
CA GLY JA 80 -96.69 52.55 -58.93
C GLY JA 80 -96.33 52.61 -60.39
N PHE JA 81 -96.39 51.47 -61.08
CA PHE JA 81 -95.92 51.46 -62.47
C PHE JA 81 -97.06 51.75 -63.43
N ILE JA 82 -96.68 52.23 -64.61
CA ILE JA 82 -97.61 52.53 -65.68
C ILE JA 82 -96.92 52.26 -67.01
N THR JA 83 -97.50 51.38 -67.81
CA THR JA 83 -96.96 50.98 -69.10
C THR JA 83 -97.71 51.76 -70.17
N TYR JA 84 -97.26 52.98 -70.44
CA TYR JA 84 -97.91 53.86 -71.40
C TYR JA 84 -97.61 53.36 -72.81
N LYS JA 85 -98.41 52.39 -73.24
CA LYS JA 85 -98.30 51.89 -74.62
C LYS JA 85 -98.47 53.05 -75.59
N ILE JA 86 -97.40 53.39 -76.29
CA ILE JA 86 -97.45 54.54 -77.19
C ILE JA 86 -98.25 54.15 -78.45
N PRO JA 87 -99.25 54.93 -78.85
CA PRO JA 87 -100.05 54.54 -80.01
C PRO JA 87 -99.42 54.96 -81.32
N LYS JA 88 -100.13 54.76 -82.43
CA LYS JA 88 -99.59 55.07 -83.74
C LYS JA 88 -99.60 56.58 -84.00
N LYS JA 89 -100.78 57.20 -83.89
CA LYS JA 89 -100.93 58.60 -84.25
C LYS JA 89 -99.85 59.48 -83.63
N VAL JA 90 -99.35 59.13 -82.45
CA VAL JA 90 -98.37 59.97 -81.78
C VAL JA 90 -97.05 59.97 -82.55
N ILE JA 91 -96.44 58.79 -82.70
CA ILE JA 91 -95.13 58.69 -83.33
C ILE JA 91 -95.15 59.04 -84.81
N LYS JA 92 -96.31 59.31 -85.38
CA LYS JA 92 -96.35 59.77 -86.77
C LYS JA 92 -95.53 61.03 -86.95
N HIS JA 93 -95.35 61.81 -85.89
CA HIS JA 93 -94.46 62.96 -85.92
C HIS JA 93 -93.05 62.53 -85.53
N ALA JA 94 -92.12 63.48 -85.56
CA ALA JA 94 -90.75 63.21 -85.18
C ALA JA 94 -90.11 64.51 -84.68
N GLY JA 95 -88.89 64.39 -84.18
CA GLY JA 95 -88.16 65.54 -83.68
C GLY JA 95 -87.99 65.50 -82.18
N TYR JA 96 -87.92 66.67 -81.56
CA TYR JA 96 -87.72 66.79 -80.12
C TYR JA 96 -89.07 66.77 -79.43
N VAL JA 97 -89.41 65.66 -78.80
CA VAL JA 97 -90.65 65.50 -78.07
C VAL JA 97 -90.39 65.67 -76.59
N ARG JA 98 -91.34 66.27 -75.89
CA ARG JA 98 -91.22 66.51 -74.46
C ARG JA 98 -92.59 66.40 -73.82
N CYS JA 99 -92.67 65.60 -72.75
CA CYS JA 99 -93.92 65.37 -72.04
C CYS JA 99 -93.76 65.74 -70.58
N LYS JA 100 -94.90 65.82 -69.90
CA LYS JA 100 -94.94 66.21 -68.50
C LYS JA 100 -96.10 65.49 -67.84
N LEU JA 101 -95.86 64.91 -66.67
CA LEU JA 101 -96.81 64.04 -65.99
C LEU JA 101 -97.39 64.75 -64.77
N PHE JA 102 -98.68 64.54 -64.52
CA PHE JA 102 -99.37 65.12 -63.39
C PHE JA 102 -100.20 64.05 -62.70
N LEU JA 103 -100.50 64.30 -61.43
CA LEU JA 103 -101.36 63.43 -60.62
C LEU JA 103 -102.51 64.27 -60.08
N GLU JA 104 -103.73 63.75 -60.19
CA GLU JA 104 -104.91 64.48 -59.79
C GLU JA 104 -105.95 63.52 -59.20
N LYS JA 105 -106.60 63.95 -58.12
CA LYS JA 105 -107.82 63.30 -57.65
C LYS JA 105 -109.01 64.24 -57.74
N GLU JA 106 -108.99 65.33 -57.00
CA GLU JA 106 -109.91 66.45 -57.20
C GLU JA 106 -109.40 67.64 -56.40
N GLU JA 107 -109.02 68.72 -57.09
CA GLU JA 107 -108.50 69.93 -56.46
C GLU JA 107 -107.06 69.80 -55.98
N GLU JA 108 -106.48 68.59 -56.05
CA GLU JA 108 -105.07 68.38 -55.72
C GLU JA 108 -104.37 67.86 -56.98
N LYS JA 109 -103.88 68.80 -57.79
CA LYS JA 109 -103.12 68.50 -58.98
C LYS JA 109 -101.65 68.80 -58.71
N ILE JA 110 -100.79 67.83 -59.00
CA ILE JA 110 -99.36 67.96 -58.73
C ILE JA 110 -98.59 67.48 -59.95
N HIS JA 111 -97.72 68.35 -60.47
CA HIS JA 111 -96.86 68.00 -61.61
C HIS JA 111 -95.65 67.25 -61.09
N VAL JA 112 -95.56 65.96 -61.43
CA VAL JA 112 -94.50 65.12 -60.86
C VAL JA 112 -93.18 65.34 -61.58
N ALA JA 113 -93.19 65.28 -62.91
CA ALA JA 113 -91.96 65.37 -63.67
C ALA JA 113 -92.24 65.92 -65.06
N ASN JA 114 -91.16 66.36 -65.72
CA ASN JA 114 -91.22 66.90 -67.08
C ASN JA 114 -89.95 66.42 -67.79
N PHE JA 115 -90.04 65.29 -68.46
CA PHE JA 115 -88.93 64.71 -69.19
C PHE JA 115 -89.20 64.76 -70.69
N SER JA 116 -88.24 64.27 -71.47
CA SER JA 116 -88.31 64.39 -72.91
C SER JA 116 -87.60 63.21 -73.55
N PHE JA 117 -87.72 63.12 -74.86
CA PHE JA 117 -87.06 62.11 -75.68
C PHE JA 117 -87.17 62.57 -77.13
N ASN JA 118 -86.77 61.71 -78.06
CA ASN JA 118 -86.78 62.05 -79.47
C ASN JA 118 -87.29 60.86 -80.28
N ILE JA 119 -87.82 61.15 -81.46
CA ILE JA 119 -88.29 60.14 -82.40
C ILE JA 119 -87.62 60.40 -83.74
N VAL JA 120 -87.09 59.35 -84.35
CA VAL JA 120 -86.40 59.44 -85.63
C VAL JA 120 -87.37 59.06 -86.73
N ASP JA 121 -87.39 59.87 -87.79
CA ASP JA 121 -88.27 59.62 -88.93
C ASP JA 121 -87.51 58.76 -89.95
N SER JA 122 -87.86 57.49 -90.00
CA SER JA 122 -87.23 56.52 -90.91
C SER JA 122 -88.26 56.13 -91.96
N GLY JA 123 -88.21 56.80 -93.11
CA GLY JA 123 -89.13 56.52 -94.20
C GLY JA 123 -89.07 55.09 -94.68
N MET KA 1 -2.17 44.93 -122.67
CA MET KA 1 -2.85 44.91 -121.34
C MET KA 1 -4.35 45.04 -121.52
N TYR KA 2 -5.08 45.06 -120.40
CA TYR KA 2 -6.53 45.16 -120.44
C TYR KA 2 -7.03 45.88 -119.20
N LYS KA 3 -8.15 46.58 -119.37
CA LYS KA 3 -8.86 47.24 -118.28
C LYS KA 3 -10.28 46.70 -118.32
N ILE KA 4 -10.55 45.68 -117.51
CA ILE KA 4 -11.82 44.97 -117.52
C ILE KA 4 -12.64 45.41 -116.33
N LYS KA 5 -13.95 45.51 -116.52
CA LYS KA 5 -14.87 45.80 -115.42
C LYS KA 5 -15.86 44.66 -115.29
N ASP KA 6 -15.83 43.96 -114.15
CA ASP KA 6 -16.76 42.87 -113.87
C ASP KA 6 -18.07 43.42 -113.32
N VAL KA 7 -19.18 42.89 -113.80
CA VAL KA 7 -20.52 43.31 -113.38
C VAL KA 7 -21.43 42.10 -113.29
N GLU KA 8 -22.47 42.22 -112.47
CA GLU KA 8 -23.46 41.18 -112.27
C GLU KA 8 -24.80 41.65 -112.83
N THR KA 9 -25.41 40.84 -113.68
CA THR KA 9 -26.69 41.15 -114.30
C THR KA 9 -27.72 40.15 -113.82
N ARG KA 10 -28.74 40.63 -113.10
CA ARG KA 10 -29.72 39.78 -112.47
C ARG KA 10 -31.10 39.99 -113.09
N ILE KA 11 -31.80 38.89 -113.33
CA ILE KA 11 -33.17 38.94 -113.85
C ILE KA 11 -34.09 38.95 -112.62
N LYS KA 12 -34.34 40.14 -112.09
CA LYS KA 12 -35.25 40.33 -110.98
C LYS KA 12 -36.55 40.94 -111.51
N ASN KA 13 -37.64 40.19 -111.37
CA ASN KA 13 -38.91 40.59 -111.97
C ASN KA 13 -39.37 41.97 -111.51
N ASP KA 14 -38.88 42.45 -110.36
CA ASP KA 14 -39.28 43.76 -109.85
C ASP KA 14 -38.48 44.86 -110.52
N GLY KA 15 -38.44 44.86 -111.85
CA GLY KA 15 -37.68 45.85 -112.58
C GLY KA 15 -36.19 45.64 -112.41
N VAL KA 16 -35.40 46.08 -113.39
CA VAL KA 16 -33.95 45.94 -113.34
C VAL KA 16 -33.35 47.18 -114.00
N ASP KA 17 -32.68 48.03 -113.22
CA ASP KA 17 -32.04 49.23 -113.75
C ASP KA 17 -30.79 49.48 -112.91
N LEU KA 18 -29.65 48.97 -113.38
CA LEU KA 18 -28.38 49.19 -112.72
C LEU KA 18 -27.89 50.59 -113.08
N GLY KA 19 -27.83 51.48 -112.10
CA GLY KA 19 -27.49 52.86 -112.36
C GLY KA 19 -26.04 53.07 -112.74
N ASP KA 20 -25.53 54.28 -112.50
CA ASP KA 20 -24.16 54.61 -112.84
C ASP KA 20 -23.19 53.62 -112.21
N ILE KA 21 -22.49 52.86 -113.05
CA ILE KA 21 -21.42 52.00 -112.57
C ILE KA 21 -20.17 52.84 -112.37
N GLY KA 22 -19.44 52.56 -111.28
CA GLY KA 22 -18.23 53.30 -111.01
C GLY KA 22 -17.27 53.33 -112.19
N CYS KA 23 -17.38 52.34 -113.08
CA CYS KA 23 -16.53 52.28 -114.25
C CYS KA 23 -16.63 53.56 -115.07
N ARG KA 24 -15.48 54.10 -115.45
CA ARG KA 24 -15.43 55.28 -116.33
C ARG KA 24 -14.19 55.16 -117.19
N PHE KA 25 -14.37 54.63 -118.40
CA PHE KA 25 -13.25 54.54 -119.34
C PHE KA 25 -12.94 55.92 -119.89
N TYR KA 26 -12.00 55.99 -120.83
CA TYR KA 26 -11.58 57.25 -121.42
C TYR KA 26 -11.44 57.09 -122.92
N THR KA 27 -11.57 58.22 -123.62
CA THR KA 27 -11.68 58.21 -125.08
C THR KA 27 -10.59 57.35 -125.72
N GLU KA 28 -9.32 57.69 -125.45
CA GLU KA 28 -8.21 57.03 -126.13
C GLU KA 28 -8.07 55.56 -125.73
N ASP KA 29 -8.86 55.07 -124.78
CA ASP KA 29 -8.87 53.65 -124.44
C ASP KA 29 -9.60 52.92 -125.55
N GLU KA 30 -8.88 52.71 -126.66
CA GLU KA 30 -9.51 52.21 -127.87
C GLU KA 30 -9.96 50.76 -127.72
N ASN KA 31 -9.01 49.85 -127.47
CA ASN KA 31 -9.29 48.43 -127.40
C ASN KA 31 -8.94 47.80 -126.06
N THR KA 32 -8.08 48.44 -125.27
CA THR KA 32 -7.72 47.88 -123.97
C THR KA 32 -8.95 47.75 -123.08
N ALA KA 33 -9.80 48.77 -123.05
CA ALA KA 33 -11.00 48.75 -122.23
C ALA KA 33 -11.87 47.57 -122.59
N SER KA 34 -12.61 47.07 -121.60
CA SER KA 34 -13.56 45.99 -121.88
C SER KA 34 -14.48 45.78 -120.68
N ILE KA 35 -15.73 45.46 -121.00
CA ILE KA 35 -16.72 45.13 -119.99
C ILE KA 35 -16.82 43.61 -119.91
N ARG KA 36 -17.01 43.10 -118.70
CA ARG KA 36 -17.21 41.68 -118.44
C ARG KA 36 -18.40 41.57 -117.52
N ILE KA 37 -19.34 40.69 -117.86
CA ILE KA 37 -20.60 40.59 -117.13
C ILE KA 37 -20.97 39.14 -116.93
N GLY KA 38 -21.63 38.87 -115.81
CA GLY KA 38 -22.11 37.54 -115.51
C GLY KA 38 -23.60 37.57 -115.21
N ILE KA 39 -24.36 36.72 -115.91
CA ILE KA 39 -25.80 36.65 -115.74
C ILE KA 39 -26.11 35.72 -114.57
N ASN KA 40 -27.08 36.12 -113.75
CA ASN KA 40 -27.50 35.31 -112.61
C ASN KA 40 -28.99 35.55 -112.41
N ASP KA 41 -29.82 34.56 -112.70
CA ASP KA 41 -31.27 34.78 -112.75
C ASP KA 41 -31.93 34.56 -111.39
N LYS KA 42 -31.91 33.32 -110.90
CA LYS KA 42 -32.46 33.04 -109.59
C LYS KA 42 -31.57 32.18 -108.71
N GLN KA 43 -30.88 31.19 -109.28
CA GLN KA 43 -30.12 30.21 -108.53
C GLN KA 43 -28.62 30.37 -108.73
N GLY KA 44 -28.21 31.50 -109.27
CA GLY KA 44 -26.85 31.68 -109.73
C GLY KA 44 -26.80 31.87 -111.24
N ARG KA 45 -25.66 31.51 -111.80
CA ARG KA 45 -25.43 31.77 -113.21
C ARG KA 45 -26.35 30.92 -114.08
N ILE KA 46 -26.41 31.29 -115.35
CA ILE KA 46 -27.23 30.61 -116.35
C ILE KA 46 -26.36 30.29 -117.54
N ASP KA 47 -26.35 29.02 -117.96
CA ASP KA 47 -25.59 28.57 -119.12
C ASP KA 47 -26.42 28.84 -120.37
N LEU KA 48 -26.04 29.86 -121.13
CA LEU KA 48 -26.84 30.28 -122.28
C LEU KA 48 -26.96 29.17 -123.31
N LYS KA 49 -25.82 28.74 -123.87
CA LYS KA 49 -25.84 27.74 -124.92
C LYS KA 49 -26.52 26.45 -124.49
N ALA KA 50 -26.66 26.23 -123.19
CA ALA KA 50 -27.30 25.00 -122.71
C ALA KA 50 -28.65 24.79 -123.39
N HIS KA 51 -29.49 25.83 -123.41
CA HIS KA 51 -30.80 25.76 -124.06
C HIS KA 51 -30.96 26.99 -124.96
N GLY KA 52 -30.40 26.90 -126.17
CA GLY KA 52 -30.69 27.82 -127.26
C GLY KA 52 -30.95 29.27 -126.88
N LEU KA 53 -30.01 29.91 -126.19
CA LEU KA 53 -30.13 31.30 -125.83
C LEU KA 53 -29.12 32.13 -126.61
N THR KA 54 -29.51 33.36 -126.95
CA THR KA 54 -28.65 34.27 -127.71
C THR KA 54 -28.66 35.64 -127.06
N PRO KA 55 -27.52 36.16 -126.61
CA PRO KA 55 -27.51 37.50 -126.01
C PRO KA 55 -27.48 38.59 -127.07
N ARG KA 56 -27.68 39.82 -126.61
CA ARG KA 56 -27.66 40.98 -127.50
C ARG KA 56 -27.37 42.21 -126.65
N LEU KA 57 -26.59 43.13 -127.19
CA LEU KA 57 -26.24 44.37 -126.50
C LEU KA 57 -26.62 45.54 -127.40
N HIS KA 58 -27.52 46.38 -126.93
CA HIS KA 58 -27.96 47.56 -127.69
C HIS KA 58 -27.76 48.78 -126.80
N LEU KA 59 -26.79 49.62 -127.16
CA LEU KA 59 -26.37 50.73 -126.32
C LEU KA 59 -26.65 52.05 -127.00
N PHE KA 60 -27.16 52.99 -126.22
CA PHE KA 60 -27.49 54.33 -126.70
C PHE KA 60 -26.49 55.32 -126.13
N MET KA 61 -25.90 56.12 -127.02
CA MET KA 61 -25.00 57.17 -126.59
C MET KA 61 -25.76 58.31 -125.93
N GLU KA 62 -25.03 59.11 -125.15
CA GLU KA 62 -25.62 60.33 -124.61
C GLU KA 62 -25.95 61.33 -125.70
N ASP KA 63 -25.37 61.18 -126.89
CA ASP KA 63 -25.58 62.12 -127.98
C ASP KA 63 -25.47 61.39 -129.30
N GLY KA 64 -26.55 61.41 -130.09
CA GLY KA 64 -26.50 60.95 -131.45
C GLY KA 64 -26.29 59.46 -131.62
N SER KA 65 -25.07 59.08 -132.02
CA SER KA 65 -24.76 57.72 -132.44
C SER KA 65 -25.47 56.69 -131.57
N ILE KA 66 -26.02 55.66 -132.22
CA ILE KA 66 -26.78 54.62 -131.56
C ILE KA 66 -26.52 53.31 -132.29
N PHE KA 67 -26.00 52.31 -131.58
CA PHE KA 67 -25.62 51.04 -132.16
C PHE KA 67 -26.51 49.93 -131.62
N LYS KA 68 -26.57 48.84 -132.39
CA LYS KA 68 -27.45 47.72 -132.09
C LYS KA 68 -26.71 46.41 -132.31
N ASN KA 69 -27.08 45.41 -131.51
CA ASN KA 69 -26.55 44.05 -131.64
C ASN KA 69 -25.02 44.06 -131.78
N GLU KA 70 -24.38 44.62 -130.76
CA GLU KA 70 -22.93 44.71 -130.77
C GLU KA 70 -22.30 43.32 -130.64
N PRO KA 71 -21.06 43.17 -131.05
CA PRO KA 71 -20.39 41.87 -130.92
C PRO KA 71 -20.00 41.60 -129.47
N LEU KA 72 -19.51 40.39 -129.24
CA LEU KA 72 -19.09 39.97 -127.91
C LEU KA 72 -18.51 38.57 -128.02
N ILE KA 73 -17.92 38.11 -126.92
CA ILE KA 73 -17.36 36.77 -126.82
C ILE KA 73 -18.05 36.05 -125.66
N ILE KA 74 -18.21 34.74 -125.82
CA ILE KA 74 -18.87 33.90 -124.82
C ILE KA 74 -17.90 32.80 -124.42
N ASP KA 75 -17.37 32.89 -123.21
CA ASP KA 75 -16.55 31.83 -122.64
C ASP KA 75 -17.44 30.69 -122.14
N ASP KA 76 -18.13 30.07 -123.09
CA ASP KA 76 -19.12 29.05 -122.77
C ASP KA 76 -18.53 27.92 -121.94
N VAL KA 77 -17.23 27.65 -122.11
CA VAL KA 77 -16.60 26.57 -121.36
C VAL KA 77 -16.83 26.74 -119.87
N VAL KA 78 -16.86 27.98 -119.39
CA VAL KA 78 -17.02 28.26 -117.97
C VAL KA 78 -18.51 28.38 -117.64
N LYS KA 79 -19.17 29.36 -118.24
CA LYS KA 79 -20.53 29.72 -117.88
C LYS KA 79 -20.99 30.82 -118.83
N GLY KA 80 -22.26 31.16 -118.75
CA GLY KA 80 -22.83 32.20 -119.60
C GLY KA 80 -22.38 33.58 -119.20
N PHE KA 81 -21.08 33.84 -119.27
CA PHE KA 81 -20.52 35.17 -119.06
C PHE KA 81 -20.25 35.82 -120.41
N ILE KA 82 -20.28 37.14 -120.43
CA ILE KA 82 -20.10 37.91 -121.65
C ILE KA 82 -18.91 38.84 -121.46
N THR KA 83 -18.13 39.02 -122.51
CA THR KA 83 -16.99 39.94 -122.52
C THR KA 83 -17.11 40.82 -123.76
N TYR KA 84 -17.48 42.06 -123.55
CA TYR KA 84 -17.70 43.03 -124.62
C TYR KA 84 -16.46 43.92 -124.72
N LYS KA 85 -15.74 43.80 -125.83
CA LYS KA 85 -14.59 44.65 -126.12
C LYS KA 85 -15.03 45.74 -127.08
N ILE KA 86 -14.88 46.99 -126.67
CA ILE KA 86 -15.30 48.14 -127.48
C ILE KA 86 -14.29 48.32 -128.61
N PRO KA 87 -14.70 48.25 -129.88
CA PRO KA 87 -13.74 48.21 -130.99
C PRO KA 87 -13.36 49.59 -131.51
N LYS KA 88 -12.72 50.40 -130.67
CA LYS KA 88 -12.18 51.69 -131.06
C LYS KA 88 -13.25 52.61 -131.64
N LYS KA 89 -14.52 52.29 -131.43
CA LYS KA 89 -15.62 53.04 -132.03
C LYS KA 89 -16.49 53.72 -130.99
N VAL KA 90 -16.93 52.98 -129.97
CA VAL KA 90 -17.82 53.56 -128.97
C VAL KA 90 -17.06 54.52 -128.07
N ILE KA 91 -15.88 54.11 -127.60
CA ILE KA 91 -15.12 54.93 -126.67
C ILE KA 91 -14.82 56.30 -127.27
N LYS KA 92 -14.62 56.36 -128.59
CA LYS KA 92 -14.32 57.64 -129.22
C LYS KA 92 -15.37 58.68 -128.88
N HIS KA 93 -16.61 58.26 -128.65
CA HIS KA 93 -17.68 59.17 -128.25
C HIS KA 93 -17.61 59.38 -126.74
N ALA KA 94 -17.35 60.62 -126.32
CA ALA KA 94 -17.25 60.94 -124.91
C ALA KA 94 -18.65 61.06 -124.31
N GLY KA 95 -18.73 61.54 -123.08
CA GLY KA 95 -20.00 61.62 -122.38
C GLY KA 95 -20.49 60.25 -121.97
N TYR KA 96 -21.45 60.21 -121.05
CA TYR KA 96 -21.96 58.92 -120.60
C TYR KA 96 -22.63 58.18 -121.76
N VAL KA 97 -22.80 56.88 -121.58
CA VAL KA 97 -23.44 56.03 -122.58
C VAL KA 97 -24.18 54.93 -121.84
N ARG KA 98 -25.47 54.78 -122.13
CA ARG KA 98 -26.27 53.77 -121.45
C ARG KA 98 -26.41 52.55 -122.36
N CYS KA 99 -26.76 51.42 -121.75
CA CYS KA 99 -26.84 50.16 -122.46
C CYS KA 99 -28.19 49.50 -122.20
N LYS KA 100 -28.46 48.45 -122.99
CA LYS KA 100 -29.64 47.63 -122.82
C LYS KA 100 -29.23 46.21 -123.21
N LEU KA 101 -29.19 45.32 -122.21
CA LEU KA 101 -28.70 43.96 -122.41
C LEU KA 101 -29.90 43.07 -122.69
N PHE KA 102 -30.21 42.90 -123.97
CA PHE KA 102 -31.29 42.02 -124.38
C PHE KA 102 -30.81 40.58 -124.38
N LEU KA 103 -31.78 39.67 -124.26
CA LEU KA 103 -31.49 38.24 -124.30
C LEU KA 103 -32.66 37.56 -124.98
N GLU KA 104 -32.43 36.97 -126.15
CA GLU KA 104 -33.50 36.39 -126.94
C GLU KA 104 -33.24 34.90 -127.13
N LYS KA 105 -34.22 34.09 -126.73
CA LYS KA 105 -34.41 32.74 -127.22
C LYS KA 105 -35.27 32.82 -128.48
N GLU KA 106 -35.38 31.69 -129.19
CA GLU KA 106 -36.18 31.68 -130.40
C GLU KA 106 -37.60 32.12 -130.09
N GLU KA 107 -37.98 33.31 -130.56
CA GLU KA 107 -39.31 33.90 -130.42
C GLU KA 107 -39.59 34.46 -129.04
N GLU KA 108 -38.58 34.57 -128.16
CA GLU KA 108 -38.79 35.00 -126.78
C GLU KA 108 -37.70 36.01 -126.41
N LYS KA 109 -38.04 37.29 -126.39
CA LYS KA 109 -37.10 38.34 -126.04
C LYS KA 109 -37.24 38.69 -124.55
N ILE KA 110 -36.15 39.19 -123.98
CA ILE KA 110 -36.13 39.67 -122.61
C ILE KA 110 -35.19 40.87 -122.53
N HIS KA 111 -35.55 41.82 -121.68
CA HIS KA 111 -34.68 42.94 -121.33
C HIS KA 111 -34.37 42.83 -119.84
N VAL KA 112 -33.08 42.76 -119.51
CA VAL KA 112 -32.66 42.37 -118.16
C VAL KA 112 -31.70 43.35 -117.52
N ALA KA 113 -31.35 44.45 -118.18
CA ALA KA 113 -30.44 45.39 -117.54
C ALA KA 113 -30.39 46.68 -118.35
N ASN KA 114 -30.09 47.78 -117.66
CA ASN KA 114 -29.87 49.10 -118.27
C ASN KA 114 -28.77 49.78 -117.46
N PHE KA 115 -27.53 49.61 -117.91
CA PHE KA 115 -26.38 50.18 -117.23
C PHE KA 115 -25.68 51.20 -118.12
N SER KA 116 -24.96 52.12 -117.49
CA SER KA 116 -24.27 53.19 -118.19
C SER KA 116 -22.91 53.40 -117.53
N PHE KA 117 -22.13 54.32 -118.10
CA PHE KA 117 -20.82 54.65 -117.57
C PHE KA 117 -20.31 55.89 -118.29
N ASN KA 118 -19.51 56.68 -117.58
CA ASN KA 118 -19.00 57.94 -118.09
C ASN KA 118 -17.72 57.73 -118.88
N ILE KA 119 -17.44 58.67 -119.77
CA ILE KA 119 -16.25 58.64 -120.62
C ILE KA 119 -15.73 60.06 -120.78
N VAL KA 120 -14.40 60.21 -120.73
CA VAL KA 120 -13.74 61.50 -120.90
C VAL KA 120 -12.39 61.27 -121.58
N ASP KA 121 -11.75 62.35 -122.00
CA ASP KA 121 -10.42 62.26 -122.58
C ASP KA 121 -9.42 61.77 -121.55
N MET LA 1 -34.82 33.26 -120.26
CA MET LA 1 -35.60 32.67 -119.14
C MET LA 1 -37.01 33.23 -119.14
N TYR LA 2 -37.65 33.27 -117.97
CA TYR LA 2 -39.04 33.70 -117.86
C TYR LA 2 -39.24 34.47 -116.56
N LYS LA 3 -39.90 35.62 -116.66
CA LYS LA 3 -40.26 36.41 -115.49
C LYS LA 3 -41.66 36.01 -115.03
N ILE LA 4 -41.81 35.75 -113.74
CA ILE LA 4 -43.06 35.29 -113.17
C ILE LA 4 -43.28 35.95 -111.81
N LYS LA 5 -44.54 36.15 -111.46
CA LYS LA 5 -44.93 36.68 -110.16
C LYS LA 5 -45.98 35.76 -109.56
N ASP LA 6 -45.71 35.26 -108.36
CA ASP LA 6 -46.61 34.32 -107.68
C ASP LA 6 -47.42 35.09 -106.64
N VAL LA 7 -48.65 35.45 -107.01
CA VAL LA 7 -49.55 36.22 -106.18
C VAL LA 7 -50.74 35.38 -105.78
N GLU LA 8 -51.37 35.76 -104.68
CA GLU LA 8 -52.56 35.09 -104.18
C GLU LA 8 -53.47 36.11 -103.51
N THR LA 9 -54.75 36.09 -103.86
CA THR LA 9 -55.75 36.97 -103.30
C THR LA 9 -56.88 36.13 -102.69
N ARG LA 10 -57.87 36.81 -102.14
CA ARG LA 10 -58.99 36.13 -101.51
C ARG LA 10 -60.25 36.98 -101.66
N ILE LA 11 -61.36 36.32 -101.96
CA ILE LA 11 -62.64 37.00 -102.03
C ILE LA 11 -63.03 37.49 -100.65
N LYS LA 12 -63.55 38.71 -100.58
CA LYS LA 12 -63.88 39.33 -99.30
C LYS LA 12 -65.09 40.22 -99.46
N ASN LA 13 -65.98 40.21 -98.46
CA ASN LA 13 -67.12 41.11 -98.47
C ASN LA 13 -66.67 42.56 -98.49
N ASP LA 14 -65.56 42.88 -97.83
CA ASP LA 14 -65.03 44.23 -97.83
C ASP LA 14 -64.52 44.67 -99.19
N GLY LA 15 -64.34 43.75 -100.13
CA GLY LA 15 -63.74 44.08 -101.41
C GLY LA 15 -62.25 44.22 -101.29
N VAL LA 16 -61.52 43.80 -102.32
CA VAL LA 16 -60.07 43.78 -102.28
C VAL LA 16 -59.53 44.73 -103.34
N ASP LA 17 -58.29 45.16 -103.13
CA ASP LA 17 -57.57 45.98 -104.11
C ASP LA 17 -56.10 45.95 -103.74
N LEU LA 18 -55.26 45.48 -104.67
CA LEU LA 18 -53.84 45.34 -104.44
C LEU LA 18 -53.11 46.52 -105.06
N GLY LA 19 -52.17 47.09 -104.31
CA GLY LA 19 -51.53 48.32 -104.70
C GLY LA 19 -50.30 48.17 -105.57
N ASP LA 20 -50.50 47.81 -106.84
CA ASP LA 20 -49.43 47.85 -107.84
C ASP LA 20 -48.26 46.96 -107.41
N ILE LA 21 -48.53 45.65 -107.39
CA ILE LA 21 -47.53 44.65 -107.07
C ILE LA 21 -46.24 44.99 -107.81
N GLY LA 22 -45.11 44.88 -107.12
CA GLY LA 22 -43.84 45.34 -107.65
C GLY LA 22 -43.28 44.47 -108.76
N CYS LA 23 -43.95 44.49 -109.91
CA CYS LA 23 -43.50 43.76 -111.10
C CYS LA 23 -43.53 44.73 -112.27
N ARG LA 24 -42.39 45.40 -112.50
CA ARG LA 24 -42.27 46.38 -113.59
C ARG LA 24 -41.68 45.66 -114.80
N PHE LA 25 -42.54 44.96 -115.53
CA PHE LA 25 -42.12 44.28 -116.74
C PHE LA 25 -41.60 45.29 -117.76
N TYR LA 26 -41.02 44.76 -118.83
CA TYR LA 26 -40.47 45.57 -119.90
C TYR LA 26 -41.12 45.20 -121.22
N THR LA 27 -41.40 46.22 -122.04
CA THR LA 27 -42.09 46.00 -123.31
C THR LA 27 -41.39 44.95 -124.16
N GLU LA 28 -40.06 44.85 -124.03
CA GLU LA 28 -39.30 43.94 -124.87
C GLU LA 28 -39.38 42.49 -124.40
N ASP LA 29 -39.99 42.23 -123.25
CA ASP LA 29 -40.17 40.86 -122.74
C ASP LA 29 -41.34 40.21 -123.49
N GLU LA 30 -41.14 40.06 -124.80
CA GLU LA 30 -42.23 39.71 -125.71
C GLU LA 30 -43.03 38.51 -125.22
N ASN LA 31 -42.37 37.36 -125.07
CA ASN LA 31 -43.06 36.10 -124.79
C ASN LA 31 -42.42 35.37 -123.61
N THR LA 32 -41.94 36.10 -122.61
CA THR LA 32 -41.32 35.49 -121.44
C THR LA 32 -42.04 35.83 -120.15
N ALA LA 33 -42.40 37.10 -119.95
CA ALA LA 33 -43.12 37.48 -118.74
C ALA LA 33 -44.42 36.70 -118.63
N SER LA 34 -44.99 36.70 -117.43
CA SER LA 34 -46.22 35.99 -117.15
C SER LA 34 -46.68 36.35 -115.74
N ILE LA 35 -47.81 35.80 -115.34
CA ILE LA 35 -48.35 35.96 -114.00
C ILE LA 35 -48.86 34.62 -113.52
N ARG LA 36 -48.71 34.36 -112.23
CA ARG LA 36 -49.18 33.12 -111.61
C ARG LA 36 -50.10 33.51 -110.46
N ILE LA 37 -51.41 33.36 -110.65
CA ILE LA 37 -52.39 33.74 -109.65
C ILE LA 37 -52.91 32.49 -108.95
N GLY LA 38 -53.08 32.60 -107.64
CA GLY LA 38 -53.73 31.56 -106.86
C GLY LA 38 -54.84 32.13 -106.00
N ILE LA 39 -56.06 31.69 -106.26
CA ILE LA 39 -57.21 32.24 -105.55
C ILE LA 39 -57.36 31.52 -104.21
N ASN LA 40 -57.84 32.28 -103.22
CA ASN LA 40 -58.07 31.77 -101.89
C ASN LA 40 -59.48 32.15 -101.45
N ASP LA 41 -60.03 31.38 -100.52
CA ASP LA 41 -61.36 31.63 -99.99
C ASP LA 41 -61.37 31.23 -98.52
N LYS LA 42 -62.58 31.12 -97.95
CA LYS LA 42 -62.70 30.93 -96.52
C LYS LA 42 -61.97 29.67 -96.05
N GLN LA 43 -61.94 28.61 -96.86
CA GLN LA 43 -61.33 27.37 -96.44
C GLN LA 43 -59.82 27.31 -96.71
N GLY LA 44 -59.32 28.13 -97.64
CA GLY LA 44 -57.90 28.19 -97.89
C GLY LA 44 -57.53 28.21 -99.37
N ARG LA 45 -58.33 27.54 -100.20
CA ARG LA 45 -58.05 27.50 -101.62
C ARG LA 45 -59.32 27.09 -102.35
N ILE LA 46 -59.35 27.41 -103.64
CA ILE LA 46 -60.52 27.17 -104.48
C ILE LA 46 -60.18 26.10 -105.52
N ASP LA 47 -61.20 25.35 -105.91
CA ASP LA 47 -61.09 24.32 -106.95
C ASP LA 47 -62.17 24.57 -107.98
N LEU LA 48 -61.76 24.93 -109.20
CA LEU LA 48 -62.72 25.29 -110.22
C LEU LA 48 -63.43 24.05 -110.78
N LYS LA 49 -62.66 23.03 -111.16
CA LYS LA 49 -63.26 21.84 -111.74
C LYS LA 49 -64.30 21.22 -110.82
N ALA LA 50 -64.12 21.35 -109.51
CA ALA LA 50 -65.09 20.82 -108.56
C ALA LA 50 -66.49 21.34 -108.87
N HIS LA 51 -66.66 22.65 -108.80
CA HIS LA 51 -67.86 23.33 -109.27
C HIS LA 51 -67.45 24.13 -110.51
N GLY LA 52 -67.54 23.48 -111.67
CA GLY LA 52 -66.98 24.01 -112.89
C GLY LA 52 -67.28 25.47 -113.13
N LEU LA 53 -66.24 26.31 -113.08
CA LEU LA 53 -66.36 27.71 -113.40
C LEU LA 53 -65.19 28.11 -114.31
N THR LA 54 -65.22 29.36 -114.77
CA THR LA 54 -64.16 29.88 -115.61
C THR LA 54 -63.77 31.26 -115.08
N PRO LA 55 -62.47 31.55 -114.94
CA PRO LA 55 -62.04 32.91 -114.63
C PRO LA 55 -61.71 33.68 -115.90
N ARG LA 56 -61.71 35.00 -115.75
CA ARG LA 56 -61.46 35.89 -116.88
C ARG LA 56 -60.94 37.22 -116.34
N LEU LA 57 -59.78 37.65 -116.84
CA LEU LA 57 -59.19 38.92 -116.45
C LEU LA 57 -59.38 39.93 -117.58
N HIS LA 58 -59.85 41.12 -117.22
CA HIS LA 58 -59.96 42.24 -118.15
C HIS LA 58 -59.05 43.35 -117.66
N LEU LA 59 -58.18 43.84 -118.54
CA LEU LA 59 -57.17 44.82 -118.16
C LEU LA 59 -57.23 46.02 -119.08
N PHE LA 60 -57.12 47.20 -118.48
CA PHE LA 60 -57.22 48.46 -119.20
C PHE LA 60 -55.81 49.00 -119.41
N MET LA 61 -55.35 48.94 -120.66
CA MET LA 61 -54.01 49.40 -120.98
C MET LA 61 -53.97 50.93 -120.93
N GLU LA 62 -52.82 51.49 -121.29
CA GLU LA 62 -52.54 52.91 -121.11
C GLU LA 62 -53.29 53.72 -122.17
N ASP LA 63 -54.56 54.01 -121.90
CA ASP LA 63 -55.28 55.08 -122.58
C ASP LA 63 -55.62 54.76 -124.03
N GLY LA 64 -55.13 53.64 -124.55
CA GLY LA 64 -55.32 53.34 -125.96
C GLY LA 64 -55.54 51.88 -126.27
N SER LA 65 -55.95 51.09 -125.28
CA SER LA 65 -56.17 49.67 -125.52
C SER LA 65 -56.86 49.05 -124.30
N ILE LA 66 -57.73 48.09 -124.57
CA ILE LA 66 -58.41 47.33 -123.52
C ILE LA 66 -58.60 45.91 -124.03
N PHE LA 67 -58.18 44.93 -123.24
CA PHE LA 67 -58.28 43.53 -123.59
C PHE LA 67 -59.26 42.83 -122.66
N LYS LA 68 -59.99 41.85 -123.20
CA LYS LA 68 -60.94 41.07 -122.43
C LYS LA 68 -60.90 39.63 -122.91
N ASN LA 69 -61.41 38.74 -122.06
CA ASN LA 69 -61.41 37.30 -122.36
C ASN LA 69 -60.00 36.81 -122.70
N GLU LA 70 -59.01 37.33 -121.98
CA GLU LA 70 -57.63 36.99 -122.24
C GLU LA 70 -57.43 35.48 -122.15
N PRO LA 71 -56.33 34.96 -122.71
CA PRO LA 71 -56.11 33.51 -122.71
C PRO LA 71 -56.33 32.87 -121.35
N LEU LA 72 -55.58 33.33 -120.35
CA LEU LA 72 -55.72 32.88 -118.98
C LEU LA 72 -55.78 31.35 -118.92
N ILE LA 73 -54.70 30.71 -119.35
CA ILE LA 73 -54.66 29.26 -119.44
C ILE LA 73 -54.80 28.67 -118.05
N ILE LA 74 -55.71 27.71 -117.91
CA ILE LA 74 -55.92 27.04 -116.64
C ILE LA 74 -54.69 26.21 -116.28
N ASP LA 75 -54.62 25.81 -115.01
CA ASP LA 75 -53.56 24.97 -114.49
C ASP LA 75 -54.08 23.56 -114.25
N ASP LA 76 -53.20 22.71 -113.75
CA ASP LA 76 -53.50 21.30 -113.50
C ASP LA 76 -54.12 21.09 -112.14
N VAL LA 77 -54.09 19.85 -111.66
CA VAL LA 77 -54.74 19.42 -110.42
C VAL LA 77 -54.42 20.34 -109.23
N VAL LA 78 -53.42 21.21 -109.39
CA VAL LA 78 -53.02 22.13 -108.33
C VAL LA 78 -54.21 22.85 -107.71
N LYS LA 79 -55.32 22.92 -108.43
CA LYS LA 79 -56.60 23.39 -107.88
C LYS LA 79 -56.50 24.83 -107.36
N GLY LA 80 -56.33 25.75 -108.31
CA GLY LA 80 -56.47 27.15 -108.00
C GLY LA 80 -55.54 28.07 -108.75
N PHE LA 81 -54.46 27.53 -109.31
CA PHE LA 81 -53.47 28.38 -109.95
C PHE LA 81 -53.78 28.61 -111.41
N ILE LA 82 -53.27 29.71 -111.93
CA ILE LA 82 -53.41 30.08 -113.33
C ILE LA 82 -52.16 30.82 -113.76
N THR LA 83 -51.48 30.29 -114.78
CA THR LA 83 -50.24 30.88 -115.31
C THR LA 83 -50.62 31.67 -116.56
N TYR LA 84 -51.04 32.91 -116.36
CA TYR LA 84 -51.47 33.76 -117.46
C TYR LA 84 -50.24 34.21 -118.24
N LYS LA 85 -49.80 33.35 -119.15
CA LYS LA 85 -48.70 33.70 -120.04
C LYS LA 85 -49.05 34.98 -120.78
N ILE LA 86 -48.31 36.04 -120.51
CA ILE LA 86 -48.62 37.33 -121.12
C ILE LA 86 -48.14 37.32 -122.57
N PRO LA 87 -48.99 37.68 -123.54
CA PRO LA 87 -48.56 37.61 -124.94
C PRO LA 87 -47.80 38.85 -125.38
N LYS LA 88 -47.49 38.92 -126.68
CA LYS LA 88 -46.71 40.03 -127.19
C LYS LA 88 -47.55 41.30 -127.31
N LYS LA 89 -48.66 41.21 -128.05
CA LYS LA 89 -49.46 42.39 -128.36
C LYS LA 89 -49.76 43.22 -127.13
N VAL LA 90 -49.87 42.59 -125.96
CA VAL LA 90 -50.25 43.32 -124.76
C VAL LA 90 -49.13 44.27 -124.34
N ILE LA 91 -47.95 43.73 -124.09
CA ILE LA 91 -46.83 44.50 -123.54
C ILE LA 91 -46.31 45.50 -124.55
N LYS LA 92 -46.83 45.46 -125.78
CA LYS LA 92 -46.45 46.47 -126.76
C LYS LA 92 -46.74 47.88 -126.25
N HIS LA 93 -47.68 48.02 -125.32
CA HIS LA 93 -47.92 49.29 -124.66
C HIS LA 93 -47.06 49.38 -123.41
N ALA LA 94 -47.14 50.52 -122.72
CA ALA LA 94 -46.41 50.73 -121.48
C ALA LA 94 -47.17 51.74 -120.63
N GLY LA 95 -46.68 51.92 -119.40
CA GLY LA 95 -47.28 52.84 -118.47
C GLY LA 95 -47.96 52.15 -117.32
N TYR LA 96 -49.01 52.77 -116.77
CA TYR LA 96 -49.72 52.23 -115.62
C TYR LA 96 -50.82 51.29 -116.12
N VAL LA 97 -50.59 50.00 -115.97
CA VAL LA 97 -51.56 48.97 -116.37
C VAL LA 97 -52.31 48.50 -115.13
N ARG LA 98 -53.59 48.20 -115.31
CA ARG LA 98 -54.42 47.73 -114.22
C ARG LA 98 -55.44 46.74 -114.76
N CYS LA 99 -55.53 45.58 -114.12
CA CYS LA 99 -56.45 44.53 -114.53
C CYS LA 99 -57.36 44.14 -113.38
N LYS LA 100 -58.40 43.39 -113.72
CA LYS LA 100 -59.40 42.96 -112.75
C LYS LA 100 -59.91 41.59 -113.17
N LEU LA 101 -60.02 40.68 -112.20
CA LEU LA 101 -60.33 39.28 -112.45
C LEU LA 101 -61.75 38.98 -111.99
N PHE LA 102 -62.44 38.13 -112.74
CA PHE LA 102 -63.80 37.71 -112.42
C PHE LA 102 -63.91 36.20 -112.59
N LEU LA 103 -64.89 35.63 -111.90
CA LEU LA 103 -65.23 34.22 -111.99
C LEU LA 103 -66.69 34.09 -112.41
N GLU LA 104 -66.95 33.21 -113.38
CA GLU LA 104 -68.30 33.06 -113.91
C GLU LA 104 -68.55 31.61 -114.29
N LYS LA 105 -69.75 31.12 -113.98
CA LYS LA 105 -70.24 29.88 -114.57
C LYS LA 105 -71.46 30.13 -115.44
N GLU LA 106 -72.57 30.60 -114.85
CA GLU LA 106 -73.69 31.15 -115.60
C GLU LA 106 -74.61 31.87 -114.63
N GLU LA 107 -74.75 33.19 -114.76
CA GLU LA 107 -75.59 33.99 -113.88
C GLU LA 107 -74.95 34.26 -112.53
N GLU LA 108 -73.81 33.66 -112.24
CA GLU LA 108 -73.05 33.95 -111.02
C GLU LA 108 -71.68 34.48 -111.43
N LYS LA 109 -71.60 35.80 -111.60
CA LYS LA 109 -70.35 36.49 -111.91
C LYS LA 109 -69.89 37.22 -110.66
N ILE LA 110 -68.64 36.99 -110.27
CA ILE LA 110 -68.08 37.58 -109.05
C ILE LA 110 -66.71 38.15 -109.38
N HIS LA 111 -66.53 39.44 -109.08
CA HIS LA 111 -65.24 40.10 -109.27
C HIS LA 111 -64.35 39.80 -108.07
N VAL LA 112 -63.28 39.04 -108.29
CA VAL LA 112 -62.45 38.57 -107.19
C VAL LA 112 -61.48 39.65 -106.74
N ALA LA 113 -60.77 40.26 -107.68
CA ALA LA 113 -59.73 41.23 -107.32
C ALA LA 113 -59.52 42.21 -108.46
N ASN LA 114 -58.90 43.34 -108.11
CA ASN LA 114 -58.56 44.39 -109.07
C ASN LA 114 -57.20 44.93 -108.67
N PHE LA 115 -56.15 44.37 -109.26
CA PHE LA 115 -54.78 44.77 -108.99
C PHE LA 115 -54.18 45.42 -110.22
N SER LA 116 -52.93 45.86 -110.09
CA SER LA 116 -52.28 46.63 -111.14
C SER LA 116 -50.79 46.35 -111.12
N PHE LA 117 -50.11 46.89 -112.12
CA PHE LA 117 -48.65 46.82 -112.25
C PHE LA 117 -48.26 47.83 -113.32
N ASN LA 118 -46.98 47.81 -113.72
CA ASN LA 118 -46.46 48.75 -114.69
C ASN LA 118 -45.55 48.03 -115.67
N ILE LA 119 -45.41 48.60 -116.85
CA ILE LA 119 -44.52 48.10 -117.89
C ILE LA 119 -43.62 49.24 -118.34
N VAL LA 120 -42.33 48.96 -118.44
CA VAL LA 120 -41.33 49.96 -118.81
C VAL LA 120 -41.06 49.82 -120.30
N ASP LA 121 -41.01 50.96 -121.00
CA ASP LA 121 -40.74 50.98 -122.43
C ASP LA 121 -39.24 51.13 -122.62
N SER LA 122 -38.59 50.04 -123.01
CA SER LA 122 -37.15 50.01 -123.23
C SER LA 122 -36.90 49.78 -124.72
N GLY LA 123 -36.69 50.86 -125.47
CA GLY LA 123 -36.47 50.78 -126.89
C GLY LA 123 -35.23 49.96 -127.24
N MET MA 1 33.67 93.46 -84.87
CA MET MA 1 32.61 92.50 -84.43
C MET MA 1 31.78 92.05 -85.61
N TYR MA 2 30.78 91.21 -85.35
CA TYR MA 2 29.95 90.68 -86.41
C TYR MA 2 28.55 90.41 -85.88
N LYS MA 3 27.58 90.51 -86.79
CA LYS MA 3 26.18 90.17 -86.53
C LYS MA 3 25.79 89.16 -87.59
N ILE MA 4 25.74 87.89 -87.20
CA ILE MA 4 25.50 86.79 -88.13
C ILE MA 4 24.17 86.15 -87.81
N LYS MA 5 23.50 85.68 -88.86
CA LYS MA 5 22.25 84.94 -88.74
C LYS MA 5 22.42 83.62 -89.47
N ASP MA 6 22.30 82.51 -88.73
CA ASP MA 6 22.40 81.18 -89.29
C ASP MA 6 21.03 80.74 -89.81
N VAL MA 7 21.01 80.21 -91.03
CA VAL MA 7 19.78 79.75 -91.66
C VAL MA 7 20.03 78.40 -92.31
N GLU MA 8 18.95 77.63 -92.46
CA GLU MA 8 18.99 76.31 -93.07
C GLU MA 8 18.24 76.38 -94.39
N THR MA 9 18.91 75.96 -95.47
CA THR MA 9 18.33 75.96 -96.80
C THR MA 9 18.19 74.51 -97.25
N ARG MA 10 16.94 74.09 -97.47
CA ARG MA 10 16.63 72.69 -97.77
C ARG MA 10 16.05 72.56 -99.16
N ILE MA 11 16.51 71.55 -99.90
CA ILE MA 11 15.98 71.24 -101.23
C ILE MA 11 14.84 70.26 -101.03
N LYS MA 12 13.65 70.79 -100.79
CA LYS MA 12 12.44 69.99 -100.66
C LYS MA 12 11.61 70.15 -101.93
N ASN MA 13 11.39 69.04 -102.63
CA ASN MA 13 10.75 69.10 -103.94
C ASN MA 13 9.37 69.73 -103.89
N ASP MA 14 8.72 69.73 -102.73
CA ASP MA 14 7.37 70.31 -102.62
C ASP MA 14 7.45 71.82 -102.45
N GLY MA 15 8.17 72.48 -103.34
CA GLY MA 15 8.34 73.92 -103.26
C GLY MA 15 9.20 74.32 -102.09
N VAL MA 16 9.88 75.46 -102.19
CA VAL MA 16 10.74 75.95 -101.11
C VAL MA 16 10.64 77.47 -101.09
N ASP MA 17 10.03 78.01 -100.04
CA ASP MA 17 9.86 79.47 -99.89
C ASP MA 17 9.95 79.79 -98.40
N LEU MA 18 11.15 80.13 -97.94
CA LEU MA 18 11.33 80.52 -96.55
C LEU MA 18 10.87 81.97 -96.39
N GLY MA 19 9.80 82.17 -95.64
CA GLY MA 19 9.22 83.49 -95.50
C GLY MA 19 10.06 84.46 -94.69
N ASP MA 20 9.42 85.45 -94.10
CA ASP MA 20 10.11 86.47 -93.32
C ASP MA 20 10.97 85.83 -92.24
N ILE MA 21 12.28 85.99 -92.36
CA ILE MA 21 13.20 85.57 -91.31
C ILE MA 21 13.24 86.65 -90.23
N GLY MA 22 13.25 86.22 -88.97
CA GLY MA 22 13.30 87.17 -87.87
C GLY MA 22 14.42 88.19 -88.02
N CYS MA 23 15.47 87.82 -88.75
CA CYS MA 23 16.60 88.72 -88.96
C CYS MA 23 16.13 90.04 -89.56
N ARG MA 24 16.62 91.14 -88.98
CA ARG MA 24 16.34 92.47 -89.50
C ARG MA 24 17.56 93.34 -89.21
N PHE MA 25 18.44 93.46 -90.20
CA PHE MA 25 19.60 94.34 -90.06
C PHE MA 25 19.15 95.80 -90.16
N TYR MA 26 20.12 96.70 -90.13
CA TYR MA 26 19.83 98.13 -90.18
C TYR MA 26 20.80 98.81 -91.13
N THR MA 27 20.36 99.95 -91.66
CA THR MA 27 21.07 100.62 -92.76
C THR MA 27 22.56 100.75 -92.45
N GLU MA 28 22.89 101.42 -91.35
CA GLU MA 28 24.29 101.73 -91.05
C GLU MA 28 25.12 100.49 -90.72
N ASP MA 29 24.50 99.31 -90.66
CA ASP MA 29 25.24 98.06 -90.49
C ASP MA 29 25.90 97.74 -91.83
N GLU MA 30 27.01 98.43 -92.10
CA GLU MA 30 27.62 98.38 -93.42
C GLU MA 30 28.26 97.03 -93.69
N ASN MA 31 29.24 96.63 -92.88
CA ASN MA 31 29.98 95.40 -93.09
C ASN MA 31 29.89 94.42 -91.93
N THR MA 32 29.55 94.87 -90.73
CA THR MA 32 29.40 93.97 -89.60
C THR MA 32 28.37 92.90 -89.89
N ALA MA 33 27.22 93.30 -90.42
CA ALA MA 33 26.17 92.35 -90.75
C ALA MA 33 26.67 91.30 -91.73
N SER MA 34 26.20 90.07 -91.57
CA SER MA 34 26.54 89.02 -92.51
C SER MA 34 25.64 87.80 -92.35
N ILE MA 35 25.09 87.30 -93.45
CA ILE MA 35 24.23 86.13 -93.42
C ILE MA 35 25.09 84.87 -93.46
N ARG MA 36 24.64 83.82 -92.79
CA ARG MA 36 25.30 82.53 -92.80
C ARG MA 36 24.24 81.47 -93.05
N ILE MA 37 24.51 80.55 -93.97
CA ILE MA 37 23.51 79.58 -94.37
C ILE MA 37 24.17 78.22 -94.57
N GLY MA 38 23.40 77.17 -94.31
CA GLY MA 38 23.84 75.81 -94.53
C GLY MA 38 22.85 75.04 -95.38
N ILE MA 39 23.33 74.39 -96.43
CA ILE MA 39 22.49 73.62 -97.34
C ILE MA 39 22.32 72.22 -96.78
N ASN MA 40 21.10 71.69 -96.89
CA ASN MA 40 20.80 70.34 -96.44
C ASN MA 40 19.72 69.80 -97.36
N ASP MA 41 20.06 68.82 -98.19
CA ASP MA 41 19.16 68.39 -99.26
C ASP MA 41 18.22 67.28 -98.79
N LYS MA 42 18.77 66.11 -98.49
CA LYS MA 42 17.95 65.01 -97.98
C LYS MA 42 18.53 64.32 -96.75
N GLN MA 43 19.85 64.14 -96.70
CA GLN MA 43 20.50 63.36 -95.66
C GLN MA 43 21.30 64.23 -94.71
N GLY MA 44 21.13 65.54 -94.81
CA GLY MA 44 22.00 66.48 -94.15
C GLY MA 44 22.71 67.38 -95.15
N ARG MA 45 23.86 67.87 -94.74
CA ARG MA 45 24.56 68.85 -95.54
C ARG MA 45 25.06 68.23 -96.85
N ILE MA 46 25.45 69.11 -97.76
CA ILE MA 46 25.97 68.73 -99.07
C ILE MA 46 27.29 69.45 -99.29
N ASP MA 47 28.33 68.70 -99.64
CA ASP MA 47 29.64 69.28 -99.91
C ASP MA 47 29.67 69.74 -101.37
N LEU MA 48 29.63 71.06 -101.56
CA LEU MA 48 29.52 71.61 -102.91
C LEU MA 48 30.72 71.24 -103.75
N LYS MA 49 31.91 71.67 -103.35
CA LYS MA 49 33.11 71.43 -104.14
C LYS MA 49 33.36 69.95 -104.40
N ALA MA 50 32.74 69.07 -103.59
CA ALA MA 50 32.95 67.63 -103.77
C ALA MA 50 32.71 67.23 -105.22
N HIS MA 51 31.58 67.65 -105.80
CA HIS MA 51 31.24 67.35 -107.18
C HIS MA 51 30.82 68.64 -107.88
N GLY MA 52 31.82 69.41 -108.32
CA GLY MA 52 31.62 70.50 -109.27
C GLY MA 52 30.35 71.30 -109.12
N LEU MA 53 30.09 71.86 -107.95
CA LEU MA 53 28.91 72.68 -107.72
C LEU MA 53 29.31 74.14 -107.53
N THR MA 54 28.46 75.05 -107.99
CA THR MA 54 28.73 76.47 -107.83
C THR MA 54 27.48 77.21 -107.33
N PRO MA 55 27.56 77.87 -106.19
CA PRO MA 55 26.39 78.60 -105.68
C PRO MA 55 26.25 79.96 -106.35
N ARG MA 56 25.10 80.58 -106.13
CA ARG MA 56 24.82 81.90 -106.67
C ARG MA 56 23.73 82.54 -105.82
N LEU MA 57 23.84 83.84 -105.59
CA LEU MA 57 22.86 84.58 -104.82
C LEU MA 57 22.36 85.75 -105.66
N HIS MA 58 21.06 85.77 -105.95
CA HIS MA 58 20.45 86.83 -106.74
C HIS MA 58 19.30 87.41 -105.93
N LEU MA 59 19.47 88.64 -105.46
CA LEU MA 59 18.53 89.23 -104.51
C LEU MA 59 17.88 90.46 -105.12
N PHE MA 60 16.58 90.59 -104.90
CA PHE MA 60 15.78 91.68 -105.40
C PHE MA 60 15.38 92.59 -104.24
N MET MA 61 15.64 93.88 -104.39
CA MET MA 61 15.22 94.85 -103.39
C MET MA 61 13.71 95.04 -103.43
N GLU MA 62 13.17 95.56 -102.32
CA GLU MA 62 11.77 95.96 -102.31
C GLU MA 62 11.51 97.13 -103.26
N ASP MA 63 12.56 97.83 -103.68
CA ASP MA 63 12.39 99.01 -104.53
C ASP MA 63 13.63 99.16 -105.40
N GLY MA 64 13.44 99.08 -106.72
CA GLY MA 64 14.48 99.43 -107.66
C GLY MA 64 15.66 98.47 -107.69
N SER MA 65 16.78 98.90 -107.12
CA SER MA 65 18.05 98.21 -107.26
C SER MA 65 17.89 96.70 -107.20
N ILE MA 66 18.59 96.01 -108.09
CA ILE MA 66 18.51 94.56 -108.22
C ILE MA 66 19.90 94.05 -108.61
N PHE MA 67 20.46 93.18 -107.77
CA PHE MA 67 21.81 92.67 -107.97
C PHE MA 67 21.78 91.19 -108.30
N LYS MA 68 22.85 90.73 -108.94
CA LYS MA 68 22.94 89.35 -109.42
C LYS MA 68 24.32 88.79 -109.10
N ASN MA 69 24.35 87.48 -108.84
CA ASN MA 69 25.60 86.75 -108.62
C ASN MA 69 26.50 87.47 -107.62
N GLU MA 70 25.95 87.68 -106.43
CA GLU MA 70 26.69 88.37 -105.38
C GLU MA 70 27.87 87.52 -104.92
N PRO MA 71 28.87 88.14 -104.31
CA PRO MA 71 30.02 87.39 -103.80
C PRO MA 71 29.66 86.66 -102.51
N LEU MA 72 30.59 85.82 -102.07
CA LEU MA 72 30.40 85.04 -100.85
C LEU MA 72 31.69 84.27 -100.58
N ILE MA 73 31.73 83.63 -99.42
CA ILE MA 73 32.85 82.79 -99.01
C ILE MA 73 32.34 81.39 -98.75
N ILE MA 74 33.18 80.41 -99.04
CA ILE MA 74 32.84 78.99 -98.88
C ILE MA 74 33.88 78.37 -97.96
N ASP MA 75 33.46 78.05 -96.73
CA ASP MA 75 34.31 77.33 -95.79
C ASP MA 75 34.29 75.83 -96.12
N ASP MA 76 34.79 75.52 -97.33
CA ASP MA 76 34.74 74.15 -97.82
C ASP MA 76 35.40 73.17 -96.86
N VAL MA 77 36.37 73.64 -96.06
CA VAL MA 77 37.06 72.76 -95.13
C VAL MA 77 36.07 72.06 -94.23
N VAL MA 78 34.96 72.72 -93.89
CA VAL MA 78 33.96 72.16 -93.00
C VAL MA 78 32.89 71.45 -93.82
N LYS MA 79 32.20 72.21 -94.66
CA LYS MA 79 31.04 71.70 -95.38
C LYS MA 79 30.57 72.82 -96.31
N GLY MA 80 29.60 72.49 -97.16
CA GLY MA 80 29.07 73.46 -98.10
C GLY MA 80 28.18 74.50 -97.43
N PHE MA 81 28.78 75.29 -96.55
CA PHE MA 81 28.10 76.42 -95.94
C PHE MA 81 28.53 77.70 -96.64
N ILE MA 82 27.65 78.70 -96.61
CA ILE MA 82 27.90 79.97 -97.29
C ILE MA 82 27.84 81.09 -96.27
N THR MA 83 28.70 82.08 -96.44
CA THR MA 83 28.74 83.27 -95.60
C THR MA 83 28.74 84.49 -96.51
N TYR MA 84 27.61 85.18 -96.57
CA TYR MA 84 27.43 86.32 -97.46
C TYR MA 84 27.56 87.60 -96.63
N LYS MA 85 28.64 88.34 -96.86
CA LYS MA 85 28.87 89.61 -96.20
C LYS MA 85 28.43 90.73 -97.13
N ILE MA 86 27.45 91.51 -96.68
CA ILE MA 86 26.90 92.61 -97.48
C ILE MA 86 27.93 93.73 -97.52
N PRO MA 87 28.41 94.13 -98.71
CA PRO MA 87 29.55 95.05 -98.80
C PRO MA 87 29.14 96.52 -98.83
N LYS MA 88 28.52 96.99 -97.75
CA LYS MA 88 28.20 98.41 -97.57
C LYS MA 88 27.32 98.93 -98.70
N LYS MA 89 26.71 98.05 -99.48
CA LYS MA 89 25.93 98.43 -100.65
C LYS MA 89 24.47 98.06 -100.52
N VAL MA 90 24.17 96.82 -100.15
CA VAL MA 90 22.78 96.37 -100.07
C VAL MA 90 22.09 96.99 -98.86
N ILE MA 91 22.76 96.95 -97.70
CA ILE MA 91 22.16 97.44 -96.46
C ILE MA 91 21.75 98.90 -96.60
N LYS MA 92 22.51 99.69 -97.36
CA LYS MA 92 22.19 101.10 -97.53
C LYS MA 92 20.75 101.28 -98.00
N HIS MA 93 20.23 100.31 -98.76
CA HIS MA 93 18.84 100.34 -99.20
C HIS MA 93 17.95 99.80 -98.10
N ALA MA 94 17.09 100.65 -97.55
CA ALA MA 94 16.20 100.24 -96.47
C ALA MA 94 15.04 99.45 -97.06
N GLY MA 95 14.04 99.15 -96.22
CA GLY MA 95 12.93 98.33 -96.65
C GLY MA 95 13.33 96.88 -96.79
N TYR MA 96 12.34 95.98 -96.86
CA TYR MA 96 12.66 94.57 -96.98
C TYR MA 96 13.36 94.29 -98.29
N VAL MA 97 14.01 93.14 -98.35
CA VAL MA 97 14.73 92.69 -99.55
C VAL MA 97 14.63 91.17 -99.60
N ARG MA 98 14.20 90.65 -100.74
CA ARG MA 98 14.08 89.21 -100.90
C ARG MA 98 15.26 88.68 -101.68
N CYS MA 99 15.48 87.36 -101.57
CA CYS MA 99 16.63 86.74 -102.18
C CYS MA 99 16.20 85.52 -102.98
N LYS MA 100 17.14 85.00 -103.76
CA LYS MA 100 16.94 83.78 -104.53
C LYS MA 100 18.30 83.07 -104.57
N LEU MA 101 18.38 81.94 -103.88
CA LEU MA 101 19.63 81.20 -103.74
C LEU MA 101 19.69 80.17 -104.85
N PHE MA 102 20.32 80.54 -105.95
CA PHE MA 102 20.51 79.61 -107.06
C PHE MA 102 21.71 78.72 -106.79
N LEU MA 103 21.71 77.56 -107.43
CA LEU MA 103 22.83 76.63 -107.33
C LEU MA 103 22.98 75.93 -108.67
N GLU MA 104 24.10 76.15 -109.34
CA GLU MA 104 24.30 75.62 -110.68
C GLU MA 104 25.52 74.71 -110.70
N LYS MA 105 25.29 73.47 -111.12
CA LYS MA 105 26.32 72.61 -111.67
C LYS MA 105 26.47 72.92 -113.16
N GLU MA 106 27.51 72.37 -113.77
CA GLU MA 106 27.72 72.62 -115.19
C GLU MA 106 26.49 72.19 -115.98
N GLU MA 107 25.76 73.17 -116.53
CA GLU MA 107 24.58 72.97 -117.37
C GLU MA 107 23.33 72.59 -116.58
N GLU MA 108 23.36 72.66 -115.24
CA GLU MA 108 22.23 72.23 -114.41
C GLU MA 108 21.98 73.27 -113.32
N LYS MA 109 20.95 74.09 -113.50
CA LYS MA 109 20.59 75.10 -112.53
C LYS MA 109 19.50 74.59 -111.59
N ILE MA 110 19.48 75.16 -110.38
CA ILE MA 110 18.46 74.85 -109.39
C ILE MA 110 18.15 76.12 -108.61
N HIS MA 111 16.90 76.27 -108.23
CA HIS MA 111 16.46 77.32 -107.32
C HIS MA 111 15.91 76.64 -106.06
N VAL MA 112 16.49 76.98 -104.90
CA VAL MA 112 16.28 76.21 -103.69
C VAL MA 112 15.82 77.04 -102.51
N ALA MA 113 15.65 78.35 -102.67
CA ALA MA 113 15.19 79.14 -101.54
C ALA MA 113 14.82 80.54 -102.00
N ASN MA 114 13.88 81.15 -101.27
CA ASN MA 114 13.48 82.55 -101.47
C ASN MA 114 13.22 83.14 -100.09
N PHE MA 115 14.25 83.75 -99.51
CA PHE MA 115 14.16 84.34 -98.19
C PHE MA 115 14.34 85.85 -98.26
N SER MA 116 13.76 86.55 -97.28
CA SER MA 116 13.82 88.00 -97.22
C SER MA 116 14.07 88.42 -95.77
N PHE MA 117 14.25 89.72 -95.58
CA PHE MA 117 14.48 90.29 -94.27
C PHE MA 117 14.33 91.80 -94.35
N ASN MA 118 13.84 92.39 -93.27
CA ASN MA 118 13.56 93.82 -93.22
C ASN MA 118 14.79 94.60 -92.81
N ILE MA 119 14.83 95.87 -93.20
CA ILE MA 119 15.94 96.77 -92.90
C ILE MA 119 15.38 98.15 -92.59
N VAL MA 120 15.98 98.82 -91.61
CA VAL MA 120 15.59 100.16 -91.19
C VAL MA 120 16.84 100.89 -90.71
N ASP MA 121 16.70 102.19 -90.48
CA ASP MA 121 17.79 103.00 -89.94
C ASP MA 121 18.14 102.54 -88.53
N MET NA 1 22.13 69.37 -107.11
CA MET NA 1 21.49 68.04 -106.91
C MET NA 1 20.35 67.87 -107.91
N TYR NA 2 19.36 67.05 -107.55
CA TYR NA 2 18.26 66.72 -108.45
C TYR NA 2 16.98 66.58 -107.66
N LYS NA 3 15.92 67.22 -108.14
CA LYS NA 3 14.60 67.10 -107.55
C LYS NA 3 13.84 65.98 -108.26
N ILE NA 4 13.26 65.07 -107.48
CA ILE NA 4 12.58 63.90 -108.02
C ILE NA 4 11.33 63.63 -107.20
N LYS NA 5 10.32 63.05 -107.86
CA LYS NA 5 9.10 62.60 -107.20
C LYS NA 5 8.85 61.16 -107.60
N ASP NA 6 8.69 60.30 -106.60
CA ASP NA 6 8.45 58.86 -106.81
C ASP NA 6 6.95 58.64 -106.63
N VAL NA 7 6.24 58.55 -107.75
CA VAL NA 7 4.79 58.37 -107.74
C VAL NA 7 4.47 57.02 -108.36
N GLU NA 8 3.28 56.51 -108.02
CA GLU NA 8 2.81 55.24 -108.56
C GLU NA 8 1.29 55.31 -108.69
N THR NA 9 0.79 54.90 -109.86
CA THR NA 9 -0.63 54.85 -110.14
C THR NA 9 -1.02 53.44 -110.58
N ARG NA 10 -2.30 53.26 -110.89
CA ARG NA 10 -2.80 51.95 -111.29
C ARG NA 10 -3.96 52.13 -112.26
N ILE NA 11 -3.98 51.29 -113.29
CA ILE NA 11 -5.10 51.28 -114.23
C ILE NA 11 -6.35 50.80 -113.51
N LYS NA 12 -7.48 51.46 -113.78
CA LYS NA 12 -8.73 51.13 -113.11
C LYS NA 12 -9.90 51.37 -114.06
N ASN NA 13 -10.90 50.50 -113.98
CA ASN NA 13 -12.11 50.69 -114.75
C ASN NA 13 -12.79 52.00 -114.40
N ASP NA 14 -12.74 52.40 -113.14
CA ASP NA 14 -13.33 53.65 -112.70
C ASP NA 14 -12.61 54.87 -113.27
N GLY NA 15 -11.42 54.70 -113.83
CA GLY NA 15 -10.62 55.82 -114.27
C GLY NA 15 -9.96 56.50 -113.10
N VAL NA 16 -8.77 57.05 -113.32
CA VAL NA 16 -7.98 57.64 -112.24
C VAL NA 16 -7.75 59.11 -112.55
N ASP NA 17 -7.47 59.87 -111.50
CA ASP NA 17 -7.11 61.28 -111.63
C ASP NA 17 -6.46 61.71 -110.33
N LEU NA 18 -5.21 62.16 -110.40
CA LEU NA 18 -4.45 62.55 -109.21
C LEU NA 18 -4.50 64.05 -109.06
N GLY NA 19 -4.74 64.52 -107.83
CA GLY NA 19 -5.00 65.92 -107.59
C GLY NA 19 -3.78 66.76 -107.31
N ASP NA 20 -2.99 67.05 -108.36
CA ASP NA 20 -1.91 68.03 -108.29
C ASP NA 20 -0.91 67.65 -107.19
N ILE NA 21 -0.21 66.54 -107.44
CA ILE NA 21 0.84 66.06 -106.55
C ILE NA 21 1.71 67.24 -106.12
N GLY NA 22 2.06 67.28 -104.84
CA GLY NA 22 2.71 68.44 -104.27
C GLY NA 22 4.16 68.59 -104.69
N CYS NA 23 4.39 68.93 -105.97
CA CYS NA 23 5.71 69.20 -106.51
C CYS NA 23 5.63 70.51 -107.28
N ARG NA 24 5.98 71.61 -106.61
CA ARG NA 24 6.00 72.93 -107.23
C ARG NA 24 7.42 73.22 -107.68
N PHE NA 25 7.79 72.63 -108.82
CA PHE NA 25 9.09 72.87 -109.40
C PHE NA 25 9.27 74.36 -109.70
N TYR NA 26 10.49 74.73 -110.04
CA TYR NA 26 10.83 76.12 -110.35
C TYR NA 26 11.41 76.20 -111.76
N THR NA 27 11.01 77.25 -112.48
CA THR NA 27 11.44 77.40 -113.87
C THR NA 27 12.95 77.33 -114.00
N GLU NA 28 13.68 77.77 -112.98
CA GLU NA 28 15.13 77.81 -113.04
C GLU NA 28 15.78 76.45 -112.84
N ASP NA 29 15.00 75.42 -112.49
CA ASP NA 29 15.54 74.06 -112.34
C ASP NA 29 15.72 73.44 -113.72
N GLU NA 30 16.63 74.04 -114.49
CA GLU NA 30 16.73 73.77 -115.92
C GLU NA 30 16.81 72.28 -116.22
N ASN NA 31 17.85 71.62 -115.70
CA ASN NA 31 18.14 70.23 -116.05
C ASN NA 31 18.38 69.38 -114.81
N THR NA 32 17.63 69.65 -113.74
CA THR NA 32 17.75 68.88 -112.51
C THR NA 32 16.45 68.20 -112.11
N ALA NA 33 15.33 68.90 -112.16
CA ALA NA 33 14.06 68.29 -111.82
C ALA NA 33 13.79 67.08 -112.71
N SER NA 34 12.85 66.25 -112.28
CA SER NA 34 12.47 65.05 -113.01
C SER NA 34 11.25 64.44 -112.35
N ILE NA 35 10.81 63.32 -112.89
CA ILE NA 35 9.70 62.55 -112.34
C ILE NA 35 10.04 61.08 -112.45
N ARG NA 36 9.62 60.31 -111.46
CA ARG NA 36 9.82 58.86 -111.43
C ARG NA 36 8.46 58.20 -111.27
N ILE NA 37 7.95 57.62 -112.34
CA ILE NA 37 6.64 56.98 -112.33
C ILE NA 37 6.81 55.47 -112.28
N GLY NA 38 5.97 54.82 -111.47
CA GLY NA 38 5.88 53.38 -111.43
C GLY NA 38 4.46 52.90 -111.61
N ILE NA 39 4.20 52.18 -112.68
CA ILE NA 39 2.85 51.75 -112.98
C ILE NA 39 2.52 50.49 -112.18
N ASN NA 40 1.25 50.36 -111.81
CA ASN NA 40 0.75 49.22 -111.06
C ASN NA 40 -0.49 48.69 -111.77
N ASP NA 41 -0.76 47.40 -111.58
CA ASP NA 41 -1.93 46.77 -112.16
C ASP NA 41 -2.45 45.74 -111.16
N LYS NA 42 -3.34 44.85 -111.64
CA LYS NA 42 -4.05 43.96 -110.74
C LYS NA 42 -3.09 43.13 -109.89
N GLN NA 43 -1.96 42.72 -110.46
CA GLN NA 43 -1.03 41.85 -109.74
C GLN NA 43 -0.05 42.61 -108.86
N GLY NA 44 0.22 43.88 -109.16
CA GLY NA 44 1.10 44.67 -108.31
C GLY NA 44 2.05 45.56 -109.08
N ARG NA 45 2.46 45.14 -110.28
CA ARG NA 45 3.39 45.91 -111.08
C ARG NA 45 3.33 45.40 -112.51
N ILE NA 46 3.79 46.24 -113.42
CA ILE NA 46 3.75 45.95 -114.85
C ILE NA 46 5.18 45.81 -115.37
N ASP NA 47 5.32 44.99 -116.41
CA ASP NA 47 6.59 44.78 -117.09
C ASP NA 47 6.38 45.01 -118.58
N LEU NA 48 7.02 46.06 -119.12
CA LEU NA 48 6.81 46.41 -120.51
C LEU NA 48 7.51 45.44 -121.45
N LYS NA 49 8.80 45.20 -121.23
CA LYS NA 49 9.56 44.32 -122.11
C LYS NA 49 8.90 42.96 -122.25
N ALA NA 50 8.23 42.48 -121.19
CA ALA NA 50 7.55 41.20 -121.26
C ALA NA 50 6.61 41.15 -122.46
N HIS NA 51 5.61 42.04 -122.48
CA HIS NA 51 4.77 42.26 -123.65
C HIS NA 51 5.12 43.66 -124.16
N GLY NA 52 6.11 43.70 -125.05
CA GLY NA 52 6.70 44.96 -125.45
C GLY NA 52 5.71 46.05 -125.79
N LEU NA 53 5.69 47.10 -124.97
CA LEU NA 53 4.87 48.28 -125.20
C LEU NA 53 5.71 49.52 -124.97
N THR NA 54 5.15 50.67 -125.29
CA THR NA 54 5.81 51.95 -125.10
C THR NA 54 4.86 52.90 -124.38
N PRO NA 55 5.32 53.60 -123.35
CA PRO NA 55 4.51 54.66 -122.76
C PRO NA 55 4.85 56.02 -123.37
N ARG NA 56 3.89 56.94 -123.22
CA ARG NA 56 4.05 58.29 -123.76
C ARG NA 56 3.18 59.24 -122.96
N LEU NA 57 3.79 60.31 -122.44
CA LEU NA 57 3.08 61.32 -121.69
C LEU NA 57 2.91 62.56 -122.55
N HIS NA 58 1.69 63.09 -122.60
CA HIS NA 58 1.37 64.33 -123.27
C HIS NA 58 0.89 65.32 -122.23
N LEU NA 59 1.50 66.50 -122.19
CA LEU NA 59 1.22 67.49 -121.16
C LEU NA 59 0.88 68.83 -121.79
N PHE NA 60 -0.14 69.48 -121.24
CA PHE NA 60 -0.65 70.74 -121.75
C PHE NA 60 -0.10 71.86 -120.87
N MET NA 61 0.84 72.63 -121.40
CA MET NA 61 1.44 73.71 -120.65
C MET NA 61 0.44 74.86 -120.51
N GLU NA 62 0.90 75.96 -119.91
CA GLU NA 62 0.02 77.06 -119.53
C GLU NA 62 -0.36 77.88 -120.76
N ASP NA 63 -1.38 77.42 -121.47
CA ASP NA 63 -2.12 78.25 -122.41
C ASP NA 63 -1.33 78.57 -123.68
N GLY NA 64 -0.06 78.18 -123.74
CA GLY NA 64 0.76 78.57 -124.87
C GLY NA 64 1.76 77.53 -125.31
N SER NA 65 1.53 76.26 -124.96
CA SER NA 65 2.47 75.22 -125.34
C SER NA 65 1.86 73.87 -125.01
N ILE NA 66 2.15 72.88 -125.87
CA ILE NA 66 1.74 71.50 -125.66
C ILE NA 66 2.83 70.60 -126.22
N PHE NA 67 3.25 69.62 -125.42
CA PHE NA 67 4.30 68.69 -125.80
C PHE NA 67 3.73 67.28 -125.89
N LYS NA 68 4.25 66.51 -126.84
CA LYS NA 68 3.82 65.13 -127.04
C LYS NA 68 5.04 64.29 -127.39
N ASN NA 69 4.91 62.98 -127.17
CA ASN NA 69 6.00 62.04 -127.42
C ASN NA 69 7.27 62.49 -126.70
N GLU NA 70 7.10 62.92 -125.44
CA GLU NA 70 8.23 63.39 -124.66
C GLU NA 70 9.28 62.29 -124.54
N PRO NA 71 10.52 62.65 -124.15
CA PRO NA 71 11.59 61.65 -124.06
C PRO NA 71 11.17 60.41 -123.30
N LEU NA 72 10.77 60.59 -122.05
CA LEU NA 72 10.27 59.50 -121.21
C LEU NA 72 11.20 58.29 -121.28
N ILE NA 73 12.44 58.49 -120.84
CA ILE NA 73 13.45 57.45 -120.93
C ILE NA 73 13.03 56.26 -120.09
N ILE NA 74 13.08 55.07 -120.70
CA ILE NA 74 12.74 53.85 -119.99
C ILE NA 74 13.76 53.58 -118.90
N ASP NA 75 13.41 52.68 -117.98
CA ASP NA 75 14.26 52.25 -116.90
C ASP NA 75 14.76 50.83 -117.17
N ASP NA 76 15.52 50.30 -116.21
CA ASP NA 76 16.14 48.99 -116.32
C ASP NA 76 15.21 47.90 -115.82
N VAL NA 77 15.78 46.73 -115.52
CA VAL NA 77 15.06 45.53 -115.13
C VAL NA 77 14.02 45.78 -114.03
N VAL NA 78 14.09 46.94 -113.39
CA VAL NA 78 13.16 47.28 -112.31
C VAL NA 78 11.71 47.02 -112.71
N LYS NA 79 11.43 46.95 -114.01
CA LYS NA 79 10.14 46.49 -114.53
C LYS NA 79 8.99 47.37 -114.04
N GLY NA 80 8.99 48.60 -114.54
CA GLY NA 80 7.83 49.45 -114.39
C GLY NA 80 8.14 50.92 -114.18
N PHE NA 81 9.38 51.24 -113.86
CA PHE NA 81 9.71 52.62 -113.53
C PHE NA 81 10.16 53.38 -114.78
N ILE NA 82 9.98 54.69 -114.73
CA ILE NA 82 10.40 55.59 -115.79
C ILE NA 82 10.81 56.90 -115.16
N THR NA 83 12.06 57.31 -115.39
CA THR NA 83 12.63 58.53 -114.85
C THR NA 83 12.57 59.59 -115.94
N TYR NA 84 11.43 60.26 -116.04
CA TYR NA 84 11.21 61.28 -117.08
C TYR NA 84 12.00 62.52 -116.72
N LYS NA 85 13.29 62.49 -117.04
CA LYS NA 85 14.12 63.68 -116.85
C LYS NA 85 13.50 64.86 -117.58
N ILE NA 86 13.06 65.85 -116.82
CA ILE NA 86 12.36 66.99 -117.41
C ILE NA 86 13.40 67.89 -118.09
N PRO NA 87 13.21 68.27 -119.35
CA PRO NA 87 14.21 69.09 -120.03
C PRO NA 87 14.05 70.58 -119.74
N LYS NA 88 14.85 71.40 -120.41
CA LYS NA 88 14.82 72.84 -120.16
C LYS NA 88 13.60 73.48 -120.79
N LYS NA 89 13.43 73.29 -122.10
CA LYS NA 89 12.39 73.99 -122.84
C LYS NA 89 11.03 73.88 -122.16
N VAL NA 90 10.77 72.78 -121.46
CA VAL NA 90 9.46 72.57 -120.85
C VAL NA 90 9.24 73.57 -119.71
N ILE NA 91 10.11 73.51 -118.70
CA ILE NA 91 9.93 74.35 -117.51
C ILE NA 91 10.11 75.83 -117.80
N LYS NA 92 10.49 76.20 -119.02
CA LYS NA 92 10.55 77.63 -119.36
C LYS NA 92 9.21 78.30 -119.14
N HIS NA 93 8.12 77.54 -119.19
CA HIS NA 93 6.80 78.05 -118.85
C HIS NA 93 6.55 77.87 -117.36
N ALA NA 94 5.40 78.35 -116.90
CA ALA NA 94 5.02 78.20 -115.51
C ALA NA 94 3.51 78.22 -115.41
N GLY NA 95 3.00 77.98 -114.20
CA GLY NA 95 1.58 77.98 -113.96
C GLY NA 95 1.05 76.58 -113.65
N TYR NA 96 -0.21 76.34 -114.01
CA TYR NA 96 -0.85 75.06 -113.73
C TYR NA 96 -0.59 74.12 -114.90
N VAL NA 97 0.32 73.17 -114.70
CA VAL NA 97 0.66 72.18 -115.72
C VAL NA 97 -0.09 70.90 -115.41
N ARG NA 98 -0.49 70.19 -116.46
CA ARG NA 98 -1.22 68.94 -116.32
C ARG NA 98 -0.86 68.02 -117.47
N CYS NA 99 -0.49 66.79 -117.15
CA CYS NA 99 -0.08 65.80 -118.13
C CYS NA 99 -0.93 64.55 -118.01
N LYS NA 100 -0.83 63.70 -119.02
CA LYS NA 100 -1.60 62.46 -119.08
C LYS NA 100 -0.76 61.42 -119.80
N LEU NA 101 -0.74 60.21 -119.24
CA LEU NA 101 0.14 59.14 -119.71
C LEU NA 101 -0.67 58.07 -120.41
N PHE NA 102 -0.10 57.51 -121.48
CA PHE NA 102 -0.74 56.46 -122.25
C PHE NA 102 0.27 55.34 -122.52
N LEU NA 103 -0.27 54.15 -122.77
CA LEU NA 103 0.52 52.98 -123.13
C LEU NA 103 0.02 52.46 -124.47
N GLU NA 104 0.95 52.16 -125.38
CA GLU NA 104 0.58 51.74 -126.73
C GLU NA 104 1.60 50.72 -127.22
N LYS NA 105 1.10 49.68 -127.91
CA LYS NA 105 1.95 48.82 -128.71
C LYS NA 105 1.59 48.90 -130.19
N GLU NA 106 0.37 48.50 -130.55
CA GLU NA 106 -0.21 48.80 -131.85
C GLU NA 106 -1.69 48.48 -131.80
N GLU NA 107 -2.54 49.50 -131.93
CA GLU NA 107 -4.00 49.33 -131.91
C GLU NA 107 -4.54 49.15 -130.49
N GLU NA 108 -3.67 49.00 -129.50
CA GLU NA 108 -4.09 48.93 -128.10
C GLU NA 108 -3.48 50.12 -127.37
N LYS NA 109 -4.21 51.23 -127.35
CA LYS NA 109 -3.83 52.44 -126.63
C LYS NA 109 -4.70 52.57 -125.40
N ILE NA 110 -4.06 52.76 -124.25
CA ILE NA 110 -4.77 52.84 -122.97
C ILE NA 110 -4.22 54.02 -122.19
N HIS NA 111 -5.12 54.92 -121.79
CA HIS NA 111 -4.75 56.08 -120.97
C HIS NA 111 -4.69 55.63 -119.51
N VAL NA 112 -3.49 55.63 -118.94
CA VAL NA 112 -3.31 55.09 -117.60
C VAL NA 112 -3.74 56.10 -116.54
N ALA NA 113 -3.24 57.34 -116.64
CA ALA NA 113 -3.51 58.34 -115.62
C ALA NA 113 -3.44 59.73 -116.21
N ASN NA 114 -4.01 60.69 -115.48
CA ASN NA 114 -4.01 62.10 -115.86
C ASN NA 114 -3.80 62.90 -114.57
N PHE NA 115 -2.55 63.21 -114.26
CA PHE NA 115 -2.20 63.97 -113.07
C PHE NA 115 -1.65 65.33 -113.47
N SER NA 116 -1.32 66.13 -112.46
CA SER NA 116 -0.92 67.51 -112.70
C SER NA 116 0.07 67.94 -111.63
N PHE NA 117 0.62 69.13 -111.81
CA PHE NA 117 1.54 69.76 -110.87
C PHE NA 117 1.66 71.23 -111.28
N ASN NA 118 2.58 71.96 -110.65
CA ASN NA 118 2.75 73.37 -110.92
C ASN NA 118 4.24 73.70 -110.97
N ILE NA 119 4.56 74.78 -111.67
CA ILE NA 119 5.93 75.29 -111.78
C ILE NA 119 5.90 76.75 -111.40
N VAL NA 120 6.84 77.15 -110.54
CA VAL NA 120 6.95 78.53 -110.06
C VAL NA 120 7.96 79.27 -110.90
N ASP NA 121 7.61 80.47 -111.35
CA ASP NA 121 8.50 81.31 -112.15
C ASP NA 121 9.31 82.18 -111.21
N SER NA 122 10.56 81.80 -110.99
CA SER NA 122 11.47 82.53 -110.11
C SER NA 122 12.53 83.20 -110.99
N GLY NA 123 12.33 84.47 -111.30
CA GLY NA 123 13.26 85.21 -112.13
C GLY NA 123 14.65 85.28 -111.53
N MET OA 1 1.91 126.95 -30.68
CA MET OA 1 1.72 125.57 -31.18
C MET OA 1 2.18 125.46 -32.63
N TYR OA 2 2.05 124.28 -33.20
CA TYR OA 2 2.48 124.04 -34.57
C TYR OA 2 1.62 122.99 -35.22
N LYS OA 3 1.47 123.10 -36.54
CA LYS OA 3 0.78 122.12 -37.37
C LYS OA 3 1.80 121.70 -38.44
N ILE OA 4 2.41 120.55 -38.23
CA ILE OA 4 3.48 120.06 -39.10
C ILE OA 4 3.00 118.84 -39.86
N LYS OA 5 3.49 118.70 -41.09
CA LYS OA 5 3.21 117.55 -41.94
C LYS OA 5 4.54 116.97 -42.38
N ASP OA 6 4.80 115.72 -42.00
CA ASP OA 6 6.02 115.03 -42.40
C ASP OA 6 5.82 114.38 -43.76
N VAL OA 7 6.81 114.55 -44.63
CA VAL OA 7 6.76 114.00 -45.99
C VAL OA 7 8.12 113.40 -46.32
N GLU OA 8 8.11 112.42 -47.22
CA GLU OA 8 9.31 111.75 -47.69
C GLU OA 8 9.56 112.13 -49.14
N THR OA 9 10.75 112.63 -49.43
CA THR OA 9 11.14 113.04 -50.77
C THR OA 9 12.24 112.10 -51.25
N ARG OA 10 11.95 111.34 -52.31
CA ARG OA 10 12.84 110.30 -52.80
C ARG OA 10 13.33 110.64 -54.20
N ILE OA 11 14.62 110.43 -54.43
CA ILE OA 11 15.23 110.63 -55.74
C ILE OA 11 15.13 109.29 -56.46
N LYS OA 12 14.01 109.06 -57.12
CA LYS OA 12 13.80 107.87 -57.94
C LYS OA 12 13.91 108.26 -59.41
N ASN OA 13 14.89 107.68 -60.10
CA ASN OA 13 15.19 108.09 -61.47
C ASN OA 13 14.00 107.95 -62.40
N ASP OA 14 13.02 107.10 -62.05
CA ASP OA 14 11.87 106.89 -62.92
C ASP OA 14 10.83 107.98 -62.67
N GLY OA 15 11.26 109.24 -62.75
CA GLY OA 15 10.37 110.36 -62.50
C GLY OA 15 9.96 110.46 -61.05
N VAL OA 16 9.65 111.66 -60.59
CA VAL OA 16 9.23 111.89 -59.21
C VAL OA 16 8.18 112.99 -59.21
N ASP OA 17 6.95 112.62 -58.89
CA ASP OA 17 5.83 113.57 -58.84
C ASP OA 17 4.88 113.11 -57.73
N LEU OA 18 5.06 113.67 -56.53
CA LEU OA 18 4.19 113.35 -55.42
C LEU OA 18 2.92 114.18 -55.55
N GLY OA 19 1.80 113.50 -55.80
CA GLY OA 19 0.55 114.19 -56.06
C GLY OA 19 -0.03 114.88 -54.84
N ASP OA 20 -1.35 115.06 -54.84
CA ASP OA 20 -2.04 115.75 -53.75
C ASP OA 20 -1.70 115.10 -52.41
N ILE OA 21 -1.03 115.84 -51.54
CA ILE OA 21 -0.81 115.40 -50.18
C ILE OA 21 -2.05 115.69 -49.35
N GLY OA 22 -2.43 114.75 -48.49
CA GLY OA 22 -3.60 114.94 -47.65
C GLY OA 22 -3.58 116.26 -46.91
N CYS OA 23 -2.38 116.80 -46.67
CA CYS OA 23 -2.25 118.07 -45.96
C CYS OA 23 -3.07 119.17 -46.66
N ARG OA 24 -3.82 119.91 -45.86
CA ARG OA 24 -4.57 121.06 -46.37
C ARG OA 24 -4.62 122.10 -45.26
N PHE OA 25 -3.70 123.06 -45.32
CA PHE OA 25 -3.70 124.15 -44.35
C PHE OA 25 -4.85 125.10 -44.67
N TYR OA 26 -4.92 126.20 -43.92
CA TYR OA 26 -5.98 127.17 -44.09
C TYR OA 26 -5.41 128.58 -44.03
N THR OA 27 -6.11 129.51 -44.68
CA THR OA 27 -5.58 130.85 -44.90
C THR OA 27 -5.01 131.45 -43.62
N GLU OA 28 -5.83 131.57 -42.58
CA GLU OA 28 -5.42 132.25 -41.36
C GLU OA 28 -4.33 131.52 -40.60
N ASP OA 29 -3.93 130.33 -41.04
CA ASP OA 29 -2.79 129.63 -40.44
C ASP OA 29 -1.52 130.32 -40.90
N GLU OA 30 -1.24 131.46 -40.26
CA GLU OA 30 -0.17 132.34 -40.74
C GLU OA 30 1.21 131.71 -40.52
N ASN OA 31 1.56 131.44 -39.26
CA ASN OA 31 2.89 130.94 -38.92
C ASN OA 31 2.87 129.60 -38.24
N THR OA 32 1.76 129.19 -37.64
CA THR OA 32 1.69 127.88 -36.99
C THR OA 32 1.97 126.77 -37.99
N ALA OA 33 1.35 126.83 -39.17
CA ALA OA 33 1.56 125.83 -40.19
C ALA OA 33 3.03 125.73 -40.56
N SER OA 34 3.47 124.53 -40.90
CA SER OA 34 4.83 124.34 -41.39
C SER OA 34 4.96 122.95 -41.98
N ILE OA 35 5.71 122.85 -43.07
CA ILE OA 35 5.97 121.58 -43.73
C ILE OA 35 7.29 121.03 -43.20
N ARG OA 36 7.38 119.70 -43.11
CA ARG OA 36 8.59 119.02 -42.70
C ARG OA 36 8.84 117.89 -43.68
N ILE OA 37 10.06 117.77 -44.17
CA ILE OA 37 10.37 116.81 -45.22
C ILE OA 37 11.71 116.16 -44.95
N GLY OA 38 11.82 114.89 -45.35
CA GLY OA 38 13.07 114.17 -45.25
C GLY OA 38 13.47 113.58 -46.59
N ILE OA 39 14.71 113.81 -46.99
CA ILE OA 39 15.23 113.32 -48.27
C ILE OA 39 15.76 111.91 -48.07
N ASN OA 40 15.49 111.04 -49.04
CA ASN OA 40 15.98 109.66 -49.00
C ASN OA 40 16.22 109.25 -50.44
N ASP OA 41 17.48 109.06 -50.82
CA ASP OA 41 17.82 108.87 -52.24
C ASP OA 41 17.78 107.40 -52.63
N LYS OA 42 18.69 106.60 -52.08
CA LYS OA 42 18.68 105.17 -52.36
C LYS OA 42 18.81 104.30 -51.13
N GLN OA 43 19.61 104.70 -50.15
CA GLN OA 43 19.94 103.87 -48.99
C GLN OA 43 19.33 104.42 -47.71
N GLY OA 44 18.40 105.35 -47.83
CA GLY OA 44 17.94 106.13 -46.70
C GLY OA 44 18.27 107.59 -46.87
N ARG OA 45 18.36 108.27 -45.73
CA ARG OA 45 18.52 109.71 -45.74
C ARG OA 45 19.88 110.10 -46.32
N ILE OA 46 20.00 111.39 -46.63
CA ILE OA 46 21.23 111.97 -47.18
C ILE OA 46 21.59 113.18 -46.35
N ASP OA 47 22.84 113.23 -45.89
CA ASP OA 47 23.34 114.37 -45.11
C ASP OA 47 23.81 115.44 -46.08
N LEU OA 48 23.03 116.51 -46.21
CA LEU OA 48 23.33 117.53 -47.20
C LEU OA 48 24.68 118.18 -46.95
N LYS OA 49 24.83 118.84 -45.81
CA LYS OA 49 26.07 119.57 -45.51
C LYS OA 49 27.29 118.67 -45.58
N ALA OA 50 27.11 117.35 -45.50
CA ALA OA 50 28.25 116.44 -45.54
C ALA OA 50 29.14 116.73 -46.75
N HIS OA 51 28.54 116.85 -47.93
CA HIS OA 51 29.27 117.17 -49.16
C HIS OA 51 28.55 118.32 -49.87
N GLY OA 52 28.83 119.54 -49.44
CA GLY OA 52 28.50 120.74 -50.17
C GLY OA 52 27.20 120.72 -50.95
N LEU OA 53 26.09 120.46 -50.29
CA LEU OA 53 24.78 120.47 -50.94
C LEU OA 53 23.95 121.65 -50.43
N THR OA 54 23.13 122.21 -51.31
CA THR OA 54 22.30 123.35 -50.96
C THR OA 54 20.88 123.11 -51.46
N PRO OA 55 19.87 123.07 -50.60
CA PRO OA 55 18.50 122.87 -51.06
C PRO OA 55 17.88 124.16 -51.56
N ARG OA 56 16.73 124.02 -52.20
CA ARG OA 56 15.99 125.17 -52.72
C ARG OA 56 14.54 124.76 -52.88
N LEU OA 57 13.62 125.69 -52.59
CA LEU OA 57 12.20 125.44 -52.73
C LEU OA 57 11.61 126.53 -53.62
N HIS OA 58 11.02 126.13 -54.74
CA HIS OA 58 10.40 127.06 -55.67
C HIS OA 58 8.97 126.60 -55.90
N LEU OA 59 8.00 127.37 -55.40
CA LEU OA 59 6.61 126.94 -55.40
C LEU OA 59 5.77 127.89 -56.23
N PHE OA 60 4.85 127.31 -57.00
CA PHE OA 60 3.97 128.05 -57.89
C PHE OA 60 2.56 127.99 -57.32
N MET OA 61 1.93 129.17 -57.19
CA MET OA 61 0.55 129.23 -56.73
C MET OA 61 -0.39 128.76 -57.84
N GLU OA 62 -1.60 128.38 -57.43
CA GLU OA 62 -2.63 128.09 -58.41
C GLU OA 62 -3.04 129.33 -59.20
N ASP OA 63 -2.71 130.51 -58.71
CA ASP OA 63 -3.10 131.75 -59.37
C ASP OA 63 -2.06 132.82 -59.10
N GLY OA 64 -1.45 133.33 -60.16
CA GLY OA 64 -0.60 134.51 -60.04
C GLY OA 64 0.68 134.29 -59.27
N SER OA 65 0.71 134.83 -58.05
CA SER OA 65 1.94 134.92 -57.26
C SER OA 65 2.80 133.67 -57.40
N ILE OA 66 4.10 133.90 -57.55
CA ILE OA 66 5.08 132.84 -57.76
C ILE OA 66 6.35 133.24 -57.03
N PHE OA 67 6.82 132.39 -56.12
CA PHE OA 67 7.98 132.67 -55.29
C PHE OA 67 9.10 131.69 -55.60
N LYS OA 68 10.32 132.10 -55.30
CA LYS OA 68 11.52 131.34 -55.62
C LYS OA 68 12.48 131.36 -54.44
N ASN OA 69 13.22 130.27 -54.30
CA ASN OA 69 14.27 130.14 -53.28
C ASN OA 69 13.76 130.58 -51.91
N GLU OA 70 12.70 129.91 -51.47
CA GLU OA 70 12.10 130.23 -50.18
C GLU OA 70 13.05 129.87 -49.05
N PRO OA 71 12.88 130.47 -47.88
CA PRO OA 71 13.73 130.15 -46.73
C PRO OA 71 13.35 128.80 -46.14
N LEU OA 72 14.16 128.35 -45.18
CA LEU OA 72 13.94 127.08 -44.52
C LEU OA 72 15.00 126.92 -43.43
N ILE OA 73 14.84 125.88 -42.63
CA ILE OA 73 15.78 125.54 -41.56
C ILE OA 73 16.28 124.13 -41.81
N ILE OA 74 17.53 123.88 -41.45
CA ILE OA 74 18.18 122.60 -41.63
C ILE OA 74 18.67 122.12 -40.27
N ASP OA 75 18.01 121.10 -39.73
CA ASP OA 75 18.45 120.45 -38.50
C ASP OA 75 19.59 119.48 -38.81
N ASP OA 76 20.70 120.06 -39.29
CA ASP OA 76 21.82 119.25 -39.75
C ASP OA 76 22.33 118.31 -38.68
N VAL OA 77 22.17 118.68 -37.40
CA VAL OA 77 22.63 117.82 -36.32
C VAL OA 77 22.07 116.42 -36.45
N VAL OA 78 20.86 116.29 -36.95
CA VAL OA 78 20.20 114.99 -37.09
C VAL OA 78 20.50 114.40 -38.46
N LYS OA 79 20.07 115.09 -39.50
CA LYS OA 79 20.12 114.57 -40.87
C LYS OA 79 19.64 115.67 -41.80
N GLY OA 80 19.76 115.41 -43.10
CA GLY OA 80 19.34 116.39 -44.09
C GLY OA 80 17.83 116.48 -44.21
N PHE OA 81 17.17 116.89 -43.14
CA PHE OA 81 15.74 117.16 -43.14
C PHE OA 81 15.52 118.67 -43.26
N ILE OA 82 14.38 119.03 -43.83
CA ILE OA 82 14.04 120.43 -44.06
C ILE OA 82 12.73 120.74 -43.36
N THR OA 83 12.65 121.95 -42.81
CA THR OA 83 11.45 122.44 -42.14
C THR OA 83 11.13 123.81 -42.72
N TYR OA 84 10.09 123.88 -43.55
CA TYR OA 84 9.70 125.11 -44.24
C TYR OA 84 8.51 125.72 -43.50
N LYS OA 85 8.75 126.87 -42.87
CA LYS OA 85 7.70 127.61 -42.19
C LYS OA 85 7.21 128.72 -43.11
N ILE OA 86 5.93 128.67 -43.45
CA ILE OA 86 5.32 129.65 -44.34
C ILE OA 86 5.18 130.98 -43.59
N PRO OA 87 5.81 132.07 -44.06
CA PRO OA 87 5.87 133.31 -43.28
C PRO OA 87 4.69 134.25 -43.53
N LYS OA 88 3.48 133.79 -43.20
CA LYS OA 88 2.29 134.63 -43.25
C LYS OA 88 2.04 135.20 -44.65
N LYS OA 89 2.71 134.65 -45.66
CA LYS OA 89 2.65 135.19 -47.01
C LYS OA 89 2.02 134.21 -47.99
N VAL OA 90 2.46 132.95 -47.99
CA VAL OA 90 1.95 131.98 -48.95
C VAL OA 90 0.53 131.56 -48.57
N ILE OA 91 0.32 131.26 -47.29
CA ILE OA 91 -0.97 130.76 -46.84
C ILE OA 91 -2.08 131.75 -47.17
N LYS OA 92 -1.78 133.05 -47.12
CA LYS OA 92 -2.80 134.05 -47.41
C LYS OA 92 -3.45 133.81 -48.76
N HIS OA 93 -2.71 133.22 -49.70
CA HIS OA 93 -3.25 132.86 -51.00
C HIS OA 93 -3.95 131.51 -50.89
N ALA OA 94 -5.26 131.50 -51.13
CA ALA OA 94 -6.05 130.28 -51.04
C ALA OA 94 -5.85 129.45 -52.31
N GLY OA 95 -6.65 128.40 -52.47
CA GLY OA 95 -6.50 127.51 -53.60
C GLY OA 95 -5.27 126.65 -53.47
N TYR OA 96 -5.19 125.58 -54.24
CA TYR OA 96 -4.03 124.70 -54.16
C TYR OA 96 -2.77 125.45 -54.58
N VAL OA 97 -1.63 124.89 -54.20
CA VAL OA 97 -0.33 125.46 -54.53
C VAL OA 97 0.65 124.31 -54.70
N ARG OA 98 1.36 124.29 -55.83
CA ARG OA 98 2.30 123.23 -56.09
C ARG OA 98 3.71 123.71 -55.81
N CYS OA 99 4.63 122.77 -55.63
CA CYS OA 99 5.99 123.09 -55.27
C CYS OA 99 6.97 122.38 -56.19
N LYS OA 100 8.23 122.77 -56.07
CA LYS OA 100 9.32 122.15 -56.81
C LYS OA 100 10.54 122.22 -55.89
N LEU OA 101 10.97 121.06 -55.41
CA LEU OA 101 12.05 120.97 -54.44
C LEU OA 101 13.36 120.75 -55.21
N PHE OA 102 14.04 121.85 -55.51
CA PHE OA 102 15.32 121.77 -56.18
C PHE OA 102 16.43 121.48 -55.17
N LEU OA 103 17.52 120.91 -55.66
CA LEU OA 103 18.68 120.63 -54.83
C LEU OA 103 19.91 120.83 -55.69
N GLU OA 104 20.73 121.82 -55.35
CA GLU OA 104 21.88 122.17 -56.16
C GLU OA 104 23.16 122.00 -55.34
N LYS OA 105 24.06 121.19 -55.85
CA LYS OA 105 25.48 121.26 -55.53
C LYS OA 105 26.13 122.29 -56.45
N GLU OA 106 27.38 122.63 -56.15
CA GLU OA 106 28.07 123.60 -56.98
C GLU OA 106 28.10 123.13 -58.43
N GLU OA 107 27.35 123.83 -59.29
CA GLU OA 107 27.26 123.58 -60.74
C GLU OA 107 26.42 122.36 -61.09
N GLU OA 108 25.68 121.77 -60.14
CA GLU OA 108 24.91 120.55 -60.39
C GLU OA 108 23.53 120.69 -59.77
N LYS OA 109 22.52 120.96 -60.59
CA LYS OA 109 21.16 121.10 -60.13
C LYS OA 109 20.40 119.78 -60.27
N ILE OA 110 19.39 119.60 -59.42
CA ILE OA 110 18.51 118.44 -59.49
C ILE OA 110 17.10 118.89 -59.11
N HIS OA 111 16.11 118.27 -59.73
CA HIS OA 111 14.71 118.43 -59.36
C HIS OA 111 14.20 117.07 -58.91
N VAL OA 112 13.70 117.00 -57.67
CA VAL OA 112 13.46 115.72 -57.00
C VAL OA 112 12.06 115.58 -56.47
N ALA OA 113 11.18 116.56 -56.67
CA ALA OA 113 9.81 116.42 -56.17
C ALA OA 113 8.94 117.54 -56.69
N ASN OA 114 7.65 117.24 -56.82
CA ASN OA 114 6.62 118.22 -57.19
C ASN OA 114 5.37 117.87 -56.37
N PHE OA 115 5.23 118.51 -55.21
CA PHE OA 115 4.11 118.25 -54.32
C PHE OA 115 3.26 119.51 -54.19
N SER OA 116 1.98 119.30 -53.89
CA SER OA 116 1.04 120.39 -53.74
C SER OA 116 0.14 120.12 -52.54
N PHE OA 117 -0.72 121.08 -52.23
CA PHE OA 117 -1.68 120.94 -51.14
C PHE OA 117 -2.70 122.05 -51.25
N ASN OA 118 -3.91 121.76 -50.77
CA ASN OA 118 -5.03 122.69 -50.85
C ASN OA 118 -5.04 123.64 -49.66
N ILE OA 119 -5.67 124.79 -49.85
CA ILE OA 119 -5.79 125.80 -48.82
C ILE OA 119 -7.17 126.45 -48.95
N VAL OA 120 -7.79 126.74 -47.80
CA VAL OA 120 -9.10 127.38 -47.74
C VAL OA 120 -9.14 128.24 -46.48
N ASP OA 121 -10.20 129.05 -46.36
CA ASP OA 121 -10.40 129.86 -45.17
C ASP OA 121 -10.64 128.97 -43.95
N MET PA 1 22.90 114.77 -55.51
CA MET PA 1 23.31 113.40 -55.89
C MET PA 1 23.33 113.26 -57.42
N TYR PA 2 23.13 112.03 -57.91
CA TYR PA 2 23.21 111.77 -59.33
C TYR PA 2 22.18 110.72 -59.71
N LYS PA 3 21.43 110.98 -60.78
CA LYS PA 3 20.48 110.02 -61.33
C LYS PA 3 21.17 109.20 -62.40
N ILE PA 4 21.03 107.87 -62.32
CA ILE PA 4 21.70 106.96 -63.24
C ILE PA 4 20.75 105.82 -63.59
N LYS PA 5 20.89 105.30 -64.80
CA LYS PA 5 20.15 104.14 -65.26
C LYS PA 5 21.16 103.12 -65.78
N ASP PA 6 21.09 101.90 -65.24
CA ASP PA 6 22.01 100.83 -65.61
C ASP PA 6 21.28 99.89 -66.56
N VAL PA 7 21.55 100.05 -67.86
CA VAL PA 7 20.88 99.28 -68.90
C VAL PA 7 21.92 98.41 -69.61
N GLU PA 8 21.43 97.34 -70.25
CA GLU PA 8 22.28 96.46 -71.03
C GLU PA 8 21.48 95.92 -72.21
N THR PA 9 22.09 95.97 -73.39
CA THR PA 9 21.49 95.48 -74.61
C THR PA 9 22.42 94.45 -75.25
N ARG PA 10 21.99 93.89 -76.38
CA ARG PA 10 22.77 92.89 -77.07
C ARG PA 10 22.53 93.00 -78.58
N ILE PA 11 23.60 92.88 -79.35
CA ILE PA 11 23.50 92.87 -80.80
C ILE PA 11 22.75 91.61 -81.23
N LYS PA 12 21.85 91.76 -82.19
CA LYS PA 12 21.01 90.66 -82.64
C LYS PA 12 20.71 90.80 -84.12
N ASN PA 13 20.72 89.67 -84.82
CA ASN PA 13 20.33 89.68 -86.23
C ASN PA 13 18.91 90.19 -86.42
N ASP PA 14 18.03 89.89 -85.48
CA ASP PA 14 16.65 90.37 -85.54
C ASP PA 14 16.54 91.88 -85.38
N GLY PA 15 17.59 92.54 -84.90
CA GLY PA 15 17.52 93.95 -84.61
C GLY PA 15 16.81 94.18 -83.29
N VAL PA 16 17.23 95.21 -82.56
CA VAL PA 16 16.72 95.46 -81.22
C VAL PA 16 16.04 96.81 -81.19
N ASP PA 17 15.14 96.96 -80.23
CA ASP PA 17 14.50 98.26 -79.97
C ASP PA 17 13.90 98.21 -78.57
N LEU PA 18 14.31 99.15 -77.72
CA LEU PA 18 13.88 99.21 -76.33
C LEU PA 18 12.80 100.26 -76.19
N GLY PA 19 11.71 99.89 -75.51
CA GLY PA 19 10.52 100.72 -75.46
C GLY PA 19 10.51 101.75 -74.35
N ASP PA 20 11.30 102.81 -74.50
CA ASP PA 20 11.21 103.98 -73.63
C ASP PA 20 11.44 103.58 -72.17
N ILE PA 21 12.67 103.17 -71.90
CA ILE PA 21 13.09 102.81 -70.54
C ILE PA 21 12.57 103.86 -69.57
N GLY PA 22 12.05 103.41 -68.43
CA GLY PA 22 11.37 104.29 -67.51
C GLY PA 22 12.29 105.22 -66.75
N CYS PA 23 12.88 106.19 -67.46
CA CYS PA 23 13.75 107.20 -66.86
C CYS PA 23 13.30 108.55 -67.37
N ARG PA 24 12.39 109.18 -66.63
CA ARG PA 24 11.86 110.50 -67.00
C ARG PA 24 12.67 111.57 -66.28
N PHE PA 25 13.83 111.87 -66.85
CA PHE PA 25 14.68 112.91 -66.31
C PHE PA 25 13.95 114.26 -66.32
N TYR PA 26 14.57 115.24 -65.68
CA TYR PA 26 14.01 116.58 -65.58
C TYR PA 26 15.01 117.59 -66.14
N THR PA 27 14.49 118.57 -66.88
CA THR PA 27 15.34 119.56 -67.53
C THR PA 27 16.29 120.23 -66.53
N GLU PA 28 15.87 120.36 -65.28
CA GLU PA 28 16.66 121.06 -64.28
C GLU PA 28 17.80 120.21 -63.74
N ASP PA 29 17.87 118.93 -64.09
CA ASP PA 29 18.96 118.05 -63.66
C ASP PA 29 20.20 118.34 -64.52
N GLU PA 30 20.69 119.57 -64.39
CA GLU PA 30 21.68 120.11 -65.31
C GLU PA 30 22.85 119.16 -65.52
N ASN PA 31 23.58 118.85 -64.45
CA ASN PA 31 24.83 118.10 -64.55
C ASN PA 31 24.86 116.94 -63.56
N THR PA 32 23.72 116.29 -63.35
CA THR PA 32 23.63 115.17 -62.43
C THR PA 32 23.16 113.89 -63.11
N ALA PA 33 22.12 113.97 -63.93
CA ALA PA 33 21.65 112.78 -64.64
C ALA PA 33 22.76 112.19 -65.50
N SER PA 34 22.56 110.95 -65.91
CA SER PA 34 23.54 110.24 -66.73
C SER PA 34 22.92 108.92 -67.17
N ILE PA 35 23.69 108.16 -67.94
CA ILE PA 35 23.29 106.82 -68.38
C ILE PA 35 24.51 105.91 -68.27
N ARG PA 36 24.25 104.65 -67.91
CA ARG PA 36 25.28 103.64 -67.80
C ARG PA 36 24.89 102.47 -68.68
N ILE PA 37 25.55 102.33 -69.84
CA ILE PA 37 25.22 101.29 -70.79
C ILE PA 37 26.27 100.19 -70.71
N GLY PA 38 25.81 98.94 -70.80
CA GLY PA 38 26.68 97.80 -70.91
C GLY PA 38 26.30 96.92 -72.08
N ILE PA 39 27.20 96.78 -73.03
CA ILE PA 39 26.91 96.02 -74.23
C ILE PA 39 27.14 94.54 -73.96
N ASN PA 40 26.32 93.71 -74.61
CA ASN PA 40 26.40 92.27 -74.50
C ASN PA 40 26.43 91.67 -75.90
N ASP PA 41 27.03 90.49 -76.02
CA ASP PA 41 27.10 89.78 -77.29
C ASP PA 41 26.96 88.29 -77.02
N LYS PA 42 27.30 87.47 -78.02
CA LYS PA 42 27.02 86.05 -77.95
C LYS PA 42 27.65 85.41 -76.72
N GLN PA 43 28.84 85.87 -76.31
CA GLN PA 43 29.54 85.27 -75.20
C GLN PA 43 29.13 85.82 -73.85
N GLY PA 44 28.60 87.05 -73.80
CA GLY PA 44 28.11 87.60 -72.55
C GLY PA 44 28.47 89.06 -72.35
N ARG PA 45 29.60 89.49 -72.90
CA ARG PA 45 30.03 90.88 -72.76
C ARG PA 45 31.08 91.18 -73.82
N ILE PA 46 31.26 92.47 -74.07
CA ILE PA 46 32.16 92.94 -75.12
C ILE PA 46 33.31 93.70 -74.46
N ASP PA 47 34.47 93.65 -75.12
CA ASP PA 47 35.65 94.39 -74.70
C ASP PA 47 36.16 95.20 -75.87
N LEU PA 48 36.11 96.53 -75.74
CA LEU PA 48 36.48 97.40 -76.85
C LEU PA 48 37.99 97.43 -77.05
N LYS PA 49 38.73 97.69 -75.97
CA LYS PA 49 40.18 97.79 -76.08
C LYS PA 49 40.79 96.54 -76.71
N ALA PA 50 40.18 95.37 -76.49
CA ALA PA 50 40.68 94.14 -77.08
C ALA PA 50 40.84 94.29 -78.58
N HIS PA 51 39.73 94.54 -79.27
CA HIS PA 51 39.73 94.91 -80.69
C HIS PA 51 39.29 96.38 -80.73
N GLY PA 52 40.26 97.28 -80.64
CA GLY PA 52 39.99 98.69 -80.44
C GLY PA 52 38.91 99.25 -81.34
N LEU PA 53 37.79 99.64 -80.72
CA LEU PA 53 36.69 100.29 -81.42
C LEU PA 53 36.23 101.48 -80.59
N THR PA 54 35.30 102.24 -81.16
CA THR PA 54 34.73 103.40 -80.48
C THR PA 54 33.22 103.36 -80.64
N PRO PA 55 32.47 103.57 -79.55
CA PRO PA 55 31.02 103.74 -79.68
C PRO PA 55 30.65 105.21 -79.79
N ARG PA 56 29.46 105.44 -80.35
CA ARG PA 56 28.95 106.78 -80.55
C ARG PA 56 27.43 106.73 -80.58
N LEU PA 57 26.80 107.55 -79.74
CA LEU PA 57 25.35 107.65 -79.69
C LEU PA 57 24.90 108.94 -80.36
N HIS PA 58 23.92 108.83 -81.23
CA HIS PA 58 23.28 109.98 -81.87
C HIS PA 58 21.82 110.01 -81.45
N LEU PA 59 21.38 111.14 -80.92
CA LEU PA 59 20.04 111.25 -80.37
C LEU PA 59 19.31 112.43 -80.99
N PHE PA 60 18.04 112.20 -81.33
CA PHE PA 60 17.21 113.21 -81.99
C PHE PA 60 16.31 113.84 -80.93
N MET PA 61 16.61 115.10 -80.59
CA MET PA 61 15.83 115.81 -79.59
C MET PA 61 14.46 116.18 -80.16
N GLU PA 62 13.69 116.91 -79.36
CA GLU PA 62 12.29 117.18 -79.67
C GLU PA 62 12.19 118.24 -80.76
N ASP PA 63 12.29 117.80 -82.00
CA ASP PA 63 11.83 118.57 -83.15
C ASP PA 63 12.72 119.78 -83.46
N GLY PA 64 13.71 120.06 -82.61
CA GLY PA 64 14.49 121.26 -82.79
C GLY PA 64 15.95 121.13 -82.43
N SER PA 65 16.46 119.89 -82.40
CA SER PA 65 17.86 119.70 -82.05
C SER PA 65 18.25 118.25 -82.32
N ILE PA 66 19.49 118.05 -82.75
CA ILE PA 66 20.05 116.73 -82.96
C ILE PA 66 21.53 116.79 -82.60
N PHE PA 67 21.97 115.85 -81.77
CA PHE PA 67 23.36 115.78 -81.32
C PHE PA 67 24.01 114.51 -81.85
N LYS PA 68 25.29 114.61 -82.18
CA LYS PA 68 26.06 113.49 -82.68
C LYS PA 68 27.47 113.56 -82.11
N ASN PA 69 28.13 112.41 -82.09
CA ASN PA 69 29.48 112.31 -81.52
C ASN PA 69 29.50 112.83 -80.08
N GLU PA 70 28.47 112.46 -79.32
CA GLU PA 70 28.36 112.91 -77.95
C GLU PA 70 29.59 112.46 -77.15
N PRO PA 71 29.83 113.08 -75.99
CA PRO PA 71 31.02 112.74 -75.21
C PRO PA 71 31.21 111.24 -75.02
N LEU PA 72 30.22 110.58 -74.43
CA LEU PA 72 30.22 109.14 -74.25
C LEU PA 72 31.56 108.65 -73.70
N ILE PA 73 31.88 109.13 -72.49
CA ILE PA 73 33.16 108.81 -71.89
C ILE PA 73 33.27 107.32 -71.66
N ILE PA 74 34.40 106.74 -72.08
CA ILE PA 74 34.62 105.31 -71.89
C ILE PA 74 34.81 105.01 -70.41
N ASP PA 75 34.69 103.72 -70.08
CA ASP PA 75 34.89 103.25 -68.73
C ASP PA 75 36.25 102.54 -68.61
N ASP PA 76 36.50 101.99 -67.43
CA ASP PA 76 37.76 101.33 -67.10
C ASP PA 76 37.70 99.85 -67.48
N VAL PA 77 38.62 99.07 -66.90
CA VAL PA 77 38.81 97.66 -67.22
C VAL PA 77 37.50 96.86 -67.20
N VAL PA 78 36.43 97.43 -66.65
CA VAL PA 78 35.14 96.76 -66.54
C VAL PA 78 34.73 96.13 -67.88
N LYS PA 79 35.31 96.60 -68.98
CA LYS PA 79 35.17 95.95 -70.29
C LYS PA 79 33.70 95.87 -70.73
N GLY PA 80 33.15 97.04 -71.03
CA GLY PA 80 31.87 97.09 -71.70
C GLY PA 80 30.98 98.24 -71.29
N PHE PA 81 31.26 98.86 -70.14
CA PHE PA 81 30.37 99.88 -69.63
C PHE PA 81 30.79 101.26 -70.13
N ILE PA 82 29.80 102.16 -70.17
CA ILE PA 82 30.01 103.54 -70.57
C ILE PA 82 29.05 104.41 -69.76
N THR PA 83 29.60 105.37 -69.02
CA THR PA 83 28.83 106.28 -68.18
C THR PA 83 28.68 107.59 -68.94
N TYR PA 84 27.66 107.65 -69.80
CA TYR PA 84 27.43 108.83 -70.64
C TYR PA 84 26.87 109.94 -69.76
N LYS PA 85 27.77 110.65 -69.08
CA LYS PA 85 27.38 111.81 -68.29
C LYS PA 85 26.63 112.78 -69.18
N ILE PA 86 25.34 112.98 -68.93
CA ILE PA 86 24.53 113.83 -69.79
C ILE PA 86 24.85 115.29 -69.48
N PRO PA 87 25.16 116.12 -70.48
CA PRO PA 87 25.52 117.51 -70.19
C PRO PA 87 24.31 118.41 -70.03
N LYS PA 88 24.55 119.71 -69.90
CA LYS PA 88 23.46 120.66 -69.68
C LYS PA 88 22.70 120.93 -70.97
N LYS PA 89 23.43 121.37 -72.00
CA LYS PA 89 22.78 121.80 -73.25
C LYS PA 89 21.76 120.80 -73.74
N VAL PA 90 21.97 119.50 -73.49
CA VAL PA 90 21.06 118.49 -74.01
C VAL PA 90 19.70 118.59 -73.33
N ILE PA 91 19.68 118.42 -72.01
CA ILE PA 91 18.41 118.40 -71.27
C ILE PA 91 17.70 119.74 -71.27
N LYS PA 92 18.30 120.78 -71.84
CA LYS PA 92 17.59 122.05 -71.97
C LYS PA 92 16.29 121.88 -72.73
N HIS PA 93 16.21 120.87 -73.59
CA HIS PA 93 14.97 120.54 -74.28
C HIS PA 93 14.17 119.55 -73.43
N ALA PA 94 12.99 119.19 -73.91
CA ALA PA 94 12.15 118.23 -73.22
C ALA PA 94 11.26 117.53 -74.24
N GLY PA 95 10.51 116.54 -73.77
CA GLY PA 95 9.61 115.80 -74.63
C GLY PA 95 10.07 114.37 -74.86
N TYR PA 96 9.73 113.82 -76.01
CA TYR PA 96 10.08 112.44 -76.35
C TYR PA 96 11.44 112.43 -77.01
N VAL PA 97 12.45 111.98 -76.28
CA VAL PA 97 13.81 111.88 -76.78
C VAL PA 97 14.10 110.43 -77.16
N ARG PA 98 14.87 110.25 -78.21
CA ARG PA 98 15.22 108.92 -78.70
C ARG PA 98 16.62 108.95 -79.26
N CYS PA 99 17.47 108.02 -78.82
CA CYS PA 99 18.85 107.93 -79.25
C CYS PA 99 19.13 106.56 -79.84
N LYS PA 100 20.27 106.45 -80.51
CA LYS PA 100 20.67 105.23 -81.17
C LYS PA 100 22.19 105.14 -81.12
N LEU PA 101 22.70 103.97 -80.75
CA LEU PA 101 24.12 103.76 -80.50
C LEU PA 101 24.75 102.94 -81.62
N PHE PA 102 25.98 103.29 -81.98
CA PHE PA 102 26.71 102.59 -83.03
C PHE PA 102 28.13 102.32 -82.54
N LEU PA 103 28.76 101.33 -83.16
CA LEU PA 103 30.15 100.96 -82.89
C LEU PA 103 30.91 101.01 -84.20
N GLU PA 104 32.09 101.63 -84.19
CA GLU PA 104 32.88 101.82 -85.39
C GLU PA 104 34.36 101.73 -85.06
N LYS PA 105 35.12 101.06 -85.93
CA LYS PA 105 36.57 101.17 -85.92
C LYS PA 105 37.09 101.80 -87.21
N GLU PA 106 36.87 101.15 -88.35
CA GLU PA 106 37.04 101.77 -89.65
C GLU PA 106 36.41 100.86 -90.71
N GLU PA 107 35.35 101.33 -91.37
CA GLU PA 107 34.65 100.57 -92.39
C GLU PA 107 33.72 99.50 -91.81
N GLU PA 108 33.77 99.27 -90.49
CA GLU PA 108 32.85 98.35 -89.83
C GLU PA 108 32.03 99.15 -88.82
N LYS PA 109 30.90 99.68 -89.29
CA LYS PA 109 29.95 100.40 -88.47
C LYS PA 109 28.74 99.52 -88.23
N ILE PA 110 28.36 99.37 -86.96
CA ILE PA 110 27.25 98.49 -86.58
C ILE PA 110 26.37 99.23 -85.59
N HIS PA 111 25.08 99.32 -85.91
CA HIS PA 111 24.11 99.96 -85.02
C HIS PA 111 23.66 98.93 -83.99
N VAL PA 112 24.03 99.17 -82.72
CA VAL PA 112 23.77 98.17 -81.69
C VAL PA 112 22.32 98.24 -81.22
N ALA PA 113 21.85 99.43 -80.88
CA ALA PA 113 20.51 99.56 -80.32
C ALA PA 113 19.96 100.94 -80.61
N ASN PA 114 18.64 101.06 -80.46
CA ASN PA 114 17.91 102.32 -80.65
C ASN PA 114 16.82 102.38 -79.58
N PHE PA 115 17.14 103.00 -78.45
CA PHE PA 115 16.22 103.14 -77.34
C PHE PA 115 15.84 104.60 -77.17
N SER PA 116 14.97 104.86 -76.19
CA SER PA 116 14.42 106.19 -76.01
C SER PA 116 14.12 106.42 -74.53
N PHE PA 117 13.75 107.64 -74.22
CA PHE PA 117 13.34 108.06 -72.87
C PHE PA 117 12.67 109.41 -73.01
N ASN PA 118 12.36 110.04 -71.88
CA ASN PA 118 11.68 111.33 -71.88
C ASN PA 118 12.30 112.24 -70.84
N ILE PA 119 12.14 113.54 -71.05
CA ILE PA 119 12.61 114.57 -70.12
C ILE PA 119 11.43 115.48 -69.80
N VAL PA 120 11.23 115.76 -68.52
CA VAL PA 120 10.14 116.60 -68.06
C VAL PA 120 10.66 118.01 -67.85
N ASP PA 121 9.91 118.99 -68.35
CA ASP PA 121 10.28 120.40 -68.22
C ASP PA 121 9.67 120.94 -66.94
N SER PA 122 10.49 121.12 -65.92
CA SER PA 122 10.06 121.62 -64.61
C SER PA 122 10.65 123.01 -64.43
N GLY PA 123 9.87 124.04 -64.76
CA GLY PA 123 10.32 125.41 -64.63
C GLY PA 123 10.72 125.78 -63.22
N MET QA 4 -0.79 39.09 3.05
CA MET QA 4 -0.26 40.42 2.77
C MET QA 4 1.26 40.39 2.67
N LYS QA 5 1.82 39.27 2.24
CA LYS QA 5 3.26 39.08 2.17
C LYS QA 5 3.64 38.36 0.88
N ASN QA 6 4.43 39.02 0.05
CA ASN QA 6 4.92 38.42 -1.18
C ASN QA 6 6.09 37.51 -0.87
N SER QA 7 6.07 36.31 -1.45
CA SER QA 7 7.10 35.33 -1.13
C SER QA 7 8.47 35.79 -1.57
N ASN QA 8 8.55 36.50 -2.69
CA ASN QA 8 9.82 37.03 -3.17
C ASN QA 8 10.64 37.57 -2.01
N ASP QA 9 9.96 38.11 -1.01
CA ASP QA 9 10.64 38.70 0.12
C ASP QA 9 11.53 37.68 0.83
N ARG QA 10 11.00 36.49 1.08
CA ARG QA 10 11.79 35.50 1.79
C ARG QA 10 13.01 35.12 0.98
N ILE QA 11 14.08 34.78 1.67
CA ILE QA 11 15.37 34.52 1.07
C ILE QA 11 15.97 33.31 1.74
N ILE QA 12 16.72 32.54 0.97
CA ILE QA 12 17.33 31.31 1.44
C ILE QA 12 18.83 31.46 1.45
N LEU QA 13 19.47 31.02 2.53
CA LEU QA 13 20.90 31.04 2.67
C LEU QA 13 21.37 29.63 3.00
N PHE QA 14 22.49 29.24 2.41
CA PHE QA 14 23.05 27.93 2.63
C PHE QA 14 24.49 28.06 3.06
N ARG QA 15 25.01 26.97 3.62
CA ARG QA 15 26.43 26.90 3.95
C ARG QA 15 26.75 25.47 4.32
N LYS QA 16 28.00 25.09 4.06
CA LYS QA 16 28.49 23.79 4.47
C LYS QA 16 29.10 23.93 5.86
N ALA QA 17 28.74 23.01 6.75
CA ALA QA 17 28.97 23.20 8.16
C ALA QA 17 30.45 23.47 8.45
N GLY QA 18 31.30 22.51 8.15
CA GLY QA 18 32.70 22.64 8.50
C GLY QA 18 33.45 23.53 7.54
N GLU QA 19 32.80 24.61 7.13
CA GLU QA 19 33.40 25.59 6.24
C GLU QA 19 33.22 26.96 6.87
N LYS QA 20 34.32 27.67 7.05
CA LYS QA 20 34.32 28.96 7.69
C LYS QA 20 34.29 30.01 6.59
N VAL QA 21 33.11 30.20 6.01
CA VAL QA 21 32.89 31.21 4.98
C VAL QA 21 31.48 31.75 5.15
N ASP QA 22 31.15 32.74 4.34
CA ASP QA 22 29.84 33.34 4.43
C ASP QA 22 28.85 32.55 3.57
N ALA QA 23 27.58 32.74 3.87
CA ALA QA 23 26.55 31.92 3.28
C ALA QA 23 26.46 32.15 1.78
N THR QA 24 25.63 31.34 1.15
CA THR QA 24 25.45 31.34 -0.29
C THR QA 24 23.96 31.32 -0.59
N LYS QA 25 23.46 32.42 -1.13
CA LYS QA 25 22.06 32.46 -1.50
C LYS QA 25 21.74 31.40 -2.53
N MET QA 26 20.48 31.05 -2.63
CA MET QA 26 19.99 30.10 -3.61
C MET QA 26 19.15 30.86 -4.62
N LEU QA 27 19.67 31.01 -5.84
CA LEU QA 27 19.02 31.83 -6.83
C LEU QA 27 18.00 31.02 -7.63
N PHE QA 28 16.96 31.72 -8.08
CA PHE QA 28 16.04 31.20 -9.08
C PHE QA 28 15.28 29.99 -8.59
N LEU QA 29 14.84 30.03 -7.34
CA LEU QA 29 13.97 29.00 -6.83
C LEU QA 29 12.52 29.42 -7.06
N THR QA 30 11.77 28.59 -7.79
CA THR QA 30 10.40 28.93 -8.11
C THR QA 30 9.48 28.62 -6.95
N GLU QA 31 9.34 27.34 -6.64
CA GLU QA 31 8.49 26.92 -5.55
C GLU QA 31 9.31 26.80 -4.27
N TYR QA 32 8.64 26.44 -3.20
CA TYR QA 32 9.27 26.29 -1.90
C TYR QA 32 8.24 25.77 -0.92
N GLY QA 33 8.72 25.06 0.07
CA GLY QA 33 7.84 24.42 1.02
C GLY QA 33 8.61 24.01 2.24
N LEU QA 34 7.90 23.92 3.35
CA LEU QA 34 8.53 23.63 4.62
C LEU QA 34 7.52 22.90 5.50
N SER QA 35 7.63 21.59 5.55
CA SER QA 35 6.68 20.76 6.26
C SER QA 35 7.25 20.34 7.60
N HIS QA 36 6.46 20.50 8.65
CA HIS QA 36 6.82 20.05 9.99
C HIS QA 36 5.79 19.02 10.40
N GLU QA 37 6.03 17.77 10.03
CA GLU QA 37 5.18 16.71 10.47
C GLU QA 37 5.43 16.39 11.93
N ALA QA 38 4.57 15.56 12.49
CA ALA QA 38 4.72 15.10 13.85
C ALA QA 38 4.16 13.70 13.99
N ASP QA 39 4.76 12.93 14.87
CA ASP QA 39 4.30 11.60 15.22
C ASP QA 39 4.01 11.61 16.71
N THR QA 40 2.73 11.45 17.06
CA THR QA 40 2.26 11.58 18.43
C THR QA 40 2.54 10.29 19.18
N ASP QA 41 3.58 10.29 19.99
CA ASP QA 41 3.83 9.18 20.92
C ASP QA 41 2.80 9.34 22.03
N THR QA 42 1.62 8.79 21.78
CA THR QA 42 0.49 8.85 22.69
C THR QA 42 0.20 7.46 23.22
N GLU QA 43 -0.03 7.36 24.51
CA GLU QA 43 -0.43 6.11 25.16
C GLU QA 43 -1.74 6.35 25.87
N ASP QA 44 -2.76 5.59 25.48
CA ASP QA 44 -4.10 5.77 25.98
C ASP QA 44 -4.41 4.70 27.02
N THR QA 45 -4.86 5.15 28.18
CA THR QA 45 -5.30 4.22 29.19
C THR QA 45 -6.58 3.54 28.73
N MET QA 46 -7.00 2.57 29.51
CA MET QA 46 -8.30 1.97 29.29
C MET QA 46 -9.43 2.81 29.86
N ASP QA 47 -9.11 3.88 30.58
CA ASP QA 47 -10.11 4.77 31.15
C ASP QA 47 -9.66 6.20 31.01
N GLY QA 48 -9.15 6.55 29.84
CA GLY QA 48 -8.70 7.91 29.60
C GLY QA 48 -7.92 7.98 28.30
N SER QA 49 -7.07 8.99 28.22
CA SER QA 49 -6.16 9.12 27.09
C SER QA 49 -5.07 10.09 27.48
N TYR QA 50 -3.94 9.97 26.79
CA TYR QA 50 -2.78 10.78 27.09
C TYR QA 50 -1.90 10.88 25.87
N ASN QA 51 -1.23 12.02 25.76
CA ASN QA 51 -0.10 12.17 24.84
C ASN QA 51 1.14 12.34 25.69
N THR QA 52 2.21 11.66 25.30
CA THR QA 52 3.46 11.70 26.03
C THR QA 52 4.52 12.51 25.29
N GLY QA 53 4.73 12.21 24.02
CA GLY QA 53 5.78 12.90 23.30
C GLY QA 53 5.46 13.04 21.84
N GLY QA 54 6.44 13.54 21.11
CA GLY QA 54 6.29 13.69 19.69
C GLY QA 54 7.60 13.59 18.95
N SER QA 55 7.67 12.73 17.96
CA SER QA 55 8.84 12.63 17.11
C SER QA 55 8.55 13.39 15.82
N VAL QA 56 9.30 14.42 15.59
CA VAL QA 56 9.08 15.29 14.46
C VAL QA 56 9.84 14.77 13.25
N GLU QA 57 9.35 15.14 12.07
CA GLU QA 57 9.95 14.73 10.81
C GLU QA 57 10.04 15.93 9.87
N SER QA 58 10.50 17.06 10.40
CA SER QA 58 10.57 18.29 9.63
C SER QA 58 11.34 18.09 8.34
N THR QA 59 11.12 18.98 7.38
CA THR QA 59 11.85 18.96 6.12
C THR QA 59 11.43 20.17 5.31
N MET QA 60 12.21 20.44 4.27
CA MET QA 60 11.97 21.59 3.42
C MET QA 60 12.27 21.23 1.98
N SER QA 61 11.38 21.64 1.09
CA SER QA 61 11.46 21.31 -0.33
C SER QA 61 11.62 22.59 -1.12
N GLY QA 62 12.27 22.47 -2.28
CA GLY QA 62 12.48 23.62 -3.13
C GLY QA 62 12.75 23.20 -4.55
N THR QA 63 12.48 24.11 -5.47
CA THR QA 63 12.88 23.97 -6.85
C THR QA 63 13.87 25.08 -7.21
N ALA QA 64 14.33 25.02 -8.45
CA ALA QA 64 15.33 25.95 -8.94
C ALA QA 64 15.52 25.70 -10.43
N LYS QA 65 16.34 26.56 -11.06
CA LYS QA 65 16.33 26.65 -12.51
C LYS QA 65 17.69 26.58 -13.21
N MET QA 66 18.78 26.36 -12.48
CA MET QA 66 20.05 25.94 -13.11
C MET QA 66 20.54 26.94 -14.14
N PHE QA 67 20.92 28.12 -13.68
CA PHE QA 67 21.55 29.08 -14.56
C PHE QA 67 23.05 28.85 -14.65
N TYR QA 68 23.62 29.19 -15.80
CA TYR QA 68 25.02 28.89 -16.07
C TYR QA 68 25.93 29.43 -14.99
N GLY QA 69 25.59 30.59 -14.44
CA GLY QA 69 26.57 31.35 -13.67
C GLY QA 69 27.09 30.60 -12.46
N ASP QA 70 26.20 30.03 -11.67
CA ASP QA 70 26.56 29.44 -10.39
C ASP QA 70 26.61 27.93 -10.49
N ASP QA 71 27.59 27.36 -9.79
CA ASP QA 71 27.78 25.92 -9.71
C ASP QA 71 27.20 25.34 -8.44
N PHE QA 72 26.33 26.09 -7.76
CA PHE QA 72 25.85 25.67 -6.45
C PHE QA 72 25.09 24.36 -6.53
N ALA QA 73 24.18 24.24 -7.50
CA ALA QA 73 23.42 23.01 -7.65
C ALA QA 73 24.34 21.79 -7.64
N ASP QA 74 25.52 21.94 -8.20
CA ASP QA 74 26.49 20.85 -8.16
C ASP QA 74 26.87 20.54 -6.72
N GLU QA 75 26.99 21.57 -5.88
CA GLU QA 75 27.32 21.35 -4.48
C GLU QA 75 26.19 20.62 -3.78
N ILE QA 76 24.95 21.02 -4.07
CA ILE QA 76 23.82 20.33 -3.47
C ILE QA 76 23.86 18.85 -3.85
N GLU QA 77 24.11 18.58 -5.11
CA GLU QA 77 24.13 17.20 -5.57
C GLU QA 77 25.25 16.42 -4.88
N ASP QA 78 26.44 17.01 -4.81
CA ASP QA 78 27.53 16.36 -4.11
C ASP QA 78 27.15 16.07 -2.67
N ALA QA 79 26.39 16.97 -2.04
CA ALA QA 79 25.93 16.73 -0.68
C ALA QA 79 25.01 15.53 -0.63
N VAL QA 80 24.03 15.48 -1.53
CA VAL QA 80 23.10 14.36 -1.54
C VAL QA 80 23.85 13.04 -1.65
N VAL QA 81 24.75 12.95 -2.62
CA VAL QA 81 25.34 11.65 -2.93
C VAL QA 81 26.43 11.31 -1.92
N ASP QA 82 27.09 12.31 -1.38
CA ASP QA 82 28.17 12.13 -0.43
C ASP QA 82 27.74 12.29 1.02
N ARG QA 83 26.48 12.64 1.27
CA ARG QA 83 25.96 12.75 2.63
C ARG QA 83 26.74 13.79 3.43
N VAL QA 84 26.75 15.01 2.94
CA VAL QA 84 27.45 16.10 3.59
C VAL QA 84 26.47 16.89 4.43
N LEU QA 85 26.90 17.29 5.61
CA LEU QA 85 26.04 18.06 6.48
C LEU QA 85 25.99 19.51 6.03
N TYR QA 86 24.79 20.04 5.96
CA TYR QA 86 24.56 21.37 5.44
C TYR QA 86 23.67 22.14 6.40
N GLU QA 87 24.08 23.37 6.68
CA GLU QA 87 23.31 24.26 7.53
C GLU QA 87 22.71 25.34 6.65
N ALA QA 88 21.39 25.52 6.78
CA ALA QA 88 20.63 26.38 5.90
C ALA QA 88 19.67 27.19 6.74
N TRP QA 89 19.42 28.43 6.34
CA TRP QA 89 18.38 29.20 6.98
C TRP QA 89 17.69 30.14 6.02
N GLU QA 90 16.37 30.16 6.12
CA GLU QA 90 15.55 31.14 5.44
C GLU QA 90 15.54 32.38 6.31
N VAL QA 91 15.94 33.50 5.73
CA VAL QA 91 16.06 34.76 6.44
C VAL QA 91 15.11 35.71 5.73
N GLU QA 92 13.98 35.97 6.35
CA GLU QA 92 12.96 36.80 5.72
C GLU QA 92 13.44 38.24 5.63
N SER QA 93 13.39 38.78 4.44
CA SER QA 93 13.69 40.18 4.26
C SER QA 93 12.51 41.02 4.69
N ARG QA 94 12.76 42.32 4.87
CA ARG QA 94 11.71 43.27 5.18
C ARG QA 94 11.04 42.94 6.51
N ILE QA 95 11.78 42.32 7.42
CA ILE QA 95 11.35 42.12 8.80
C ILE QA 95 12.58 42.25 9.69
N PRO QA 96 13.05 43.44 9.93
CA PRO QA 96 14.32 43.60 10.63
C PRO QA 96 14.19 43.49 12.14
N GLY QA 97 15.32 43.66 12.82
CA GLY QA 97 15.32 43.57 14.26
C GLY QA 97 14.55 44.70 14.91
N LYS QA 98 14.20 44.49 16.17
CA LYS QA 98 13.41 45.43 16.93
C LYS QA 98 14.25 46.28 17.87
N ASN QA 99 15.00 45.64 18.76
CA ASN QA 99 15.75 46.32 19.81
C ASN QA 99 17.23 46.24 19.47
N GLY QA 100 17.83 47.40 19.20
CA GLY QA 100 19.25 47.42 18.90
C GLY QA 100 19.65 46.48 17.78
N ASP QA 101 18.74 46.30 16.82
CA ASP QA 101 19.01 45.40 15.70
C ASP QA 101 18.28 45.93 14.48
N SER QA 102 19.04 46.32 13.48
CA SER QA 102 18.49 46.91 12.27
C SER QA 102 18.92 46.19 11.01
N ALA QA 103 20.18 45.75 10.94
CA ALA QA 103 20.63 44.99 9.79
C ALA QA 103 20.26 43.53 9.87
N LYS QA 104 20.04 43.03 11.09
CA LYS QA 104 19.63 41.65 11.24
C LYS QA 104 18.20 41.48 10.74
N PHE QA 105 17.87 40.26 10.37
CA PHE QA 105 16.57 39.94 9.80
C PHE QA 105 16.05 38.64 10.39
N LYS QA 106 14.74 38.56 10.51
CA LYS QA 106 14.09 37.37 11.03
C LYS QA 106 14.54 36.14 10.25
N ALA QA 107 14.52 34.98 10.89
CA ALA QA 107 15.11 33.81 10.28
C ALA QA 107 14.57 32.52 10.89
N LYS QA 108 14.94 31.42 10.27
CA LYS QA 108 14.67 30.06 10.73
C LYS QA 108 15.88 29.22 10.32
N TYR QA 109 16.73 28.91 11.30
CA TYR QA 109 17.99 28.23 11.04
C TYR QA 109 17.88 26.75 11.35
N PHE QA 110 18.28 25.91 10.40
CA PHE QA 110 18.23 24.48 10.63
C PHE QA 110 19.30 23.77 9.83
N GLN QA 111 19.72 22.63 10.37
CA GLN QA 111 20.81 21.83 9.84
C GLN QA 111 20.29 20.45 9.45
N GLY QA 112 20.92 19.86 8.46
CA GLY QA 112 20.59 18.49 8.12
C GLY QA 112 21.40 17.98 6.95
N PHE QA 113 20.91 16.92 6.36
CA PHE QA 113 21.45 16.38 5.13
C PHE QA 113 20.40 16.41 4.04
N HIS QA 114 20.85 16.65 2.82
CA HIS QA 114 19.97 16.70 1.67
C HIS QA 114 19.55 15.28 1.30
N ASN QA 115 18.33 14.90 1.67
CA ASN QA 115 17.91 13.52 1.49
C ASN QA 115 17.39 13.28 0.08
N LYS QA 116 17.28 14.32 -0.73
CA LYS QA 116 16.88 14.10 -2.12
C LYS QA 116 17.17 15.28 -3.02
N PHE QA 117 17.41 14.97 -4.28
CA PHE QA 117 17.74 15.92 -5.32
C PHE QA 117 17.46 15.28 -6.66
N GLU QA 118 16.82 16.02 -7.55
CA GLU QA 118 16.30 15.45 -8.77
C GLU QA 118 16.02 16.55 -9.77
N LEU QA 119 16.67 16.52 -10.92
CA LEU QA 119 16.41 17.52 -11.93
C LEU QA 119 15.52 16.97 -13.03
N LYS QA 120 15.12 17.87 -13.91
CA LYS QA 120 14.28 17.52 -15.04
C LYS QA 120 14.43 18.61 -16.09
N ALA QA 121 14.21 18.22 -17.34
CA ALA QA 121 14.47 19.09 -18.47
C ALA QA 121 13.73 18.58 -19.68
N GLU QA 122 13.18 19.50 -20.46
CA GLU QA 122 12.47 19.18 -21.69
C GLU QA 122 13.03 19.97 -22.85
N ALA QA 123 12.55 19.65 -24.03
CA ALA QA 123 13.04 20.29 -25.24
C ALA QA 123 12.82 21.79 -25.17
N ASN QA 124 13.79 22.54 -25.70
CA ASN QA 124 13.75 23.99 -25.73
C ASN QA 124 13.17 24.54 -24.45
N GLY QA 125 13.55 23.94 -23.34
CA GLY QA 125 13.06 24.36 -22.04
C GLY QA 125 14.20 24.50 -21.06
N ILE QA 126 14.07 25.49 -20.18
CA ILE QA 126 14.99 25.62 -19.06
C ILE QA 126 14.98 24.33 -18.26
N ASP QA 127 16.13 24.01 -17.66
CA ASP QA 127 16.33 22.75 -16.97
C ASP QA 127 16.28 23.01 -15.48
N GLU QA 128 15.21 22.56 -14.84
CA GLU QA 128 14.96 22.86 -13.46
C GLU QA 128 15.28 21.66 -12.59
N TYR QA 129 15.21 21.86 -11.28
CA TYR QA 129 15.39 20.76 -10.37
C TYR QA 129 14.69 21.00 -9.06
N GLU QA 130 14.64 19.94 -8.27
CA GLU QA 130 13.86 19.87 -7.05
C GLU QA 130 14.69 19.13 -6.01
N TYR QA 131 14.83 19.73 -4.84
CA TYR QA 131 15.59 19.15 -3.75
C TYR QA 131 14.75 19.14 -2.49
N GLU QA 132 14.81 18.03 -1.77
CA GLU QA 132 14.18 17.88 -0.48
C GLU QA 132 15.27 17.69 0.56
N TYR QA 133 15.19 18.47 1.63
CA TYR QA 133 16.24 18.59 2.61
C TYR QA 133 15.68 18.27 3.98
N GLY QA 134 16.33 17.36 4.69
CA GLY QA 134 15.92 17.04 6.03
C GLY QA 134 16.26 18.14 7.01
N VAL QA 135 15.88 17.92 8.25
CA VAL QA 135 16.10 18.87 9.33
C VAL QA 135 16.44 18.07 10.58
N ASN QA 136 17.64 18.25 11.09
CA ASN QA 136 18.07 17.52 12.27
C ASN QA 136 17.40 18.09 13.50
N GLY QA 137 16.41 17.37 14.02
CA GLY QA 137 15.81 17.76 15.26
C GLY QA 137 14.95 19.00 15.10
N ARG QA 138 15.06 19.89 16.07
CA ARG QA 138 14.31 21.13 16.08
C ARG QA 138 15.14 22.23 15.46
N PHE QA 139 14.48 23.13 14.76
CA PHE QA 139 15.20 24.27 14.25
C PHE QA 139 15.21 25.38 15.28
N GLN QA 140 16.05 26.37 15.02
CA GLN QA 140 16.20 27.51 15.90
C GLN QA 140 15.90 28.78 15.13
N ARG QA 141 15.14 29.66 15.76
CA ARG QA 141 14.80 30.96 15.18
C ARG QA 141 15.63 32.02 15.89
N GLY QA 142 15.90 33.10 15.17
CA GLY QA 142 16.72 34.16 15.71
C GLY QA 142 17.13 35.12 14.63
N PHE QA 143 17.19 36.40 14.96
CA PHE QA 143 17.49 37.40 13.96
C PHE QA 143 18.91 37.22 13.44
N ALA QA 144 19.02 37.17 12.12
CA ALA QA 144 20.27 36.91 11.45
C ALA QA 144 20.62 38.08 10.55
N THR QA 145 21.91 38.31 10.38
CA THR QA 145 22.38 39.32 9.46
C THR QA 145 22.75 38.65 8.15
N LEU QA 146 22.71 39.41 7.09
CA LEU QA 146 23.07 38.87 5.80
C LEU QA 146 24.49 39.26 5.46
N PRO QA 147 25.13 38.49 4.59
CA PRO QA 147 26.45 38.87 4.10
C PRO QA 147 26.34 39.84 2.94
N GLU QA 148 27.38 40.68 2.82
CA GLU QA 148 27.38 41.72 1.81
C GLU QA 148 26.98 41.16 0.44
N ALA QA 149 27.52 40.01 0.08
CA ALA QA 149 27.23 39.43 -1.22
C ALA QA 149 25.74 39.31 -1.45
N VAL QA 150 25.03 38.73 -0.49
CA VAL QA 150 23.60 38.56 -0.65
C VAL QA 150 22.90 39.89 -0.73
N THR QA 151 23.40 40.88 0.01
CA THR QA 151 22.75 42.18 0.00
C THR QA 151 22.79 42.81 -1.37
N LYS QA 152 23.97 42.80 -2.01
CA LYS QA 152 24.07 43.41 -3.32
C LYS QA 152 23.25 42.64 -4.36
N LYS QA 153 23.18 41.32 -4.21
CA LYS QA 153 22.34 40.54 -5.11
C LYS QA 153 20.88 40.91 -4.95
N LEU QA 154 20.44 41.16 -3.71
CA LEU QA 154 19.04 41.43 -3.45
C LEU QA 154 18.52 42.57 -4.29
N LYS QA 155 19.36 43.59 -4.52
CA LYS QA 155 18.95 44.74 -5.31
C LYS QA 155 18.45 44.30 -6.69
N ALA QA 156 19.35 43.71 -7.48
CA ALA QA 156 18.97 43.04 -8.73
C ALA QA 156 18.22 43.99 -9.66
N THR QA 157 18.77 45.19 -9.85
CA THR QA 157 18.20 46.11 -10.83
C THR QA 157 18.47 45.60 -12.25
N GLY QA 158 17.60 45.97 -13.17
CA GLY QA 158 17.66 45.42 -14.52
C GLY QA 158 17.75 46.44 -15.63
N TYR QA 159 18.83 46.35 -16.41
CA TYR QA 159 19.02 47.12 -17.64
C TYR QA 159 18.62 48.59 -17.44
N ARG QA 160 19.41 49.26 -16.62
CA ARG QA 160 19.26 50.69 -16.46
C ARG QA 160 19.34 51.39 -17.80
N PHE QA 161 18.88 52.63 -17.82
CA PHE QA 161 18.81 53.44 -19.02
C PHE QA 161 20.15 53.58 -19.69
N HIS QA 162 20.27 53.05 -20.91
CA HIS QA 162 21.45 53.30 -21.75
C HIS QA 162 21.08 54.36 -22.77
N ASP QA 163 21.94 54.59 -23.75
CA ASP QA 163 21.72 55.65 -24.72
C ASP QA 163 21.86 55.08 -26.13
N THR QA 164 21.40 55.86 -27.11
CA THR QA 164 21.34 55.43 -28.49
C THR QA 164 22.54 55.94 -29.29
N THR QA 165 22.55 55.58 -30.57
CA THR QA 165 23.58 55.97 -31.54
C THR QA 165 24.99 55.93 -30.94
N LYS QA 166 25.39 54.74 -30.51
CA LYS QA 166 26.77 54.38 -30.17
C LYS QA 166 27.26 54.93 -28.85
N GLU QA 167 26.48 55.74 -28.15
CA GLU QA 167 26.92 56.20 -26.84
C GLU QA 167 27.23 55.02 -25.92
N ASP QA 168 26.41 53.98 -25.99
CA ASP QA 168 26.61 52.81 -25.14
C ASP QA 168 25.93 51.61 -25.77
N ALA QA 169 26.43 50.42 -25.44
CA ALA QA 169 25.85 49.18 -25.91
C ALA QA 169 24.38 49.07 -25.54
N MET RA 4 -3.33 66.48 -28.00
CA MET RA 4 -2.84 67.58 -28.81
C MET RA 4 -1.64 67.16 -29.66
N LYS RA 5 -1.07 66.00 -29.33
CA LYS RA 5 0.06 65.46 -30.07
C LYS RA 5 -0.45 64.70 -31.27
N ASN RA 6 -0.03 65.11 -32.46
CA ASN RA 6 -0.29 64.30 -33.63
C ASN RA 6 0.55 63.04 -33.56
N SER RA 7 -0.09 61.91 -33.82
CA SER RA 7 0.58 60.61 -33.66
C SER RA 7 1.93 60.60 -34.35
N ASN RA 8 2.01 61.12 -35.58
CA ASN RA 8 3.24 61.03 -36.34
C ASN RA 8 4.39 61.73 -35.64
N ASP RA 9 4.14 62.43 -34.55
CA ASP RA 9 5.22 62.98 -33.75
C ASP RA 9 5.98 61.89 -33.00
N ARG RA 10 5.31 60.78 -32.70
CA ARG RA 10 5.96 59.69 -31.98
C ARG RA 10 6.95 59.00 -32.89
N ILE RA 11 8.21 58.98 -32.48
CA ILE RA 11 9.28 58.36 -33.25
C ILE RA 11 9.74 57.12 -32.52
N ILE RA 12 10.11 56.10 -33.28
CA ILE RA 12 10.29 54.75 -32.75
C ILE RA 12 11.52 54.13 -33.37
N LEU RA 13 12.49 53.78 -32.54
CA LEU RA 13 13.76 53.25 -32.99
C LEU RA 13 14.01 51.87 -32.40
N PHE RA 14 14.84 51.11 -33.09
CA PHE RA 14 15.22 49.78 -32.66
C PHE RA 14 16.71 49.59 -32.93
N ARG RA 15 17.29 48.63 -32.22
CA ARG RA 15 18.63 48.15 -32.59
C ARG RA 15 18.97 46.94 -31.74
N LYS RA 16 19.87 46.12 -32.26
CA LYS RA 16 20.35 44.96 -31.54
C LYS RA 16 21.32 45.39 -30.46
N ALA RA 17 21.26 44.69 -29.33
CA ALA RA 17 22.14 45.02 -28.21
C ALA RA 17 23.59 44.85 -28.60
N GLY RA 18 23.91 43.79 -29.34
CA GLY RA 18 25.29 43.53 -29.70
C GLY RA 18 25.89 44.64 -30.53
N GLU RA 19 25.14 45.14 -31.50
CA GLU RA 19 25.63 46.16 -32.41
C GLU RA 19 25.49 47.51 -31.73
N LYS RA 20 26.54 47.90 -31.00
CA LYS RA 20 26.52 49.18 -30.30
C LYS RA 20 26.42 50.33 -31.29
N VAL RA 21 27.20 50.27 -32.36
CA VAL RA 21 27.26 51.38 -33.31
C VAL RA 21 25.95 51.51 -34.06
N ASP RA 22 25.32 50.39 -34.38
CA ASP RA 22 24.17 50.41 -35.27
C ASP RA 22 23.05 51.25 -34.68
N ALA RA 23 22.32 51.94 -35.56
CA ALA RA 23 21.16 52.72 -35.19
C ALA RA 23 20.23 52.82 -36.39
N THR RA 24 18.94 52.94 -36.12
CA THR RA 24 17.96 53.02 -37.20
C THR RA 24 16.62 53.46 -36.62
N LYS RA 25 15.63 53.58 -37.50
CA LYS RA 25 14.30 54.01 -37.12
C LYS RA 25 13.28 53.26 -37.95
N MET RA 26 12.09 53.11 -37.38
CA MET RA 26 10.98 52.51 -38.10
C MET RA 26 10.29 53.55 -38.95
N LEU RA 27 9.88 53.15 -40.14
CA LEU RA 27 9.35 54.08 -41.14
C LEU RA 27 7.97 53.66 -41.60
N PHE RA 28 7.18 54.68 -41.95
CA PHE RA 28 5.87 54.48 -42.55
C PHE RA 28 4.93 53.74 -41.61
N LEU RA 29 4.96 54.11 -40.34
CA LEU RA 29 3.97 53.59 -39.40
C LEU RA 29 2.59 54.06 -39.81
N THR RA 30 1.61 53.19 -39.66
CA THR RA 30 0.22 53.55 -39.80
C THR RA 30 -0.51 53.54 -38.47
N GLU RA 31 -0.37 52.47 -37.70
CA GLU RA 31 -0.94 52.38 -36.37
C GLU RA 31 0.07 51.73 -35.45
N TYR RA 32 0.32 52.40 -34.33
CA TYR RA 32 1.26 51.96 -33.31
C TYR RA 32 0.55 51.97 -31.97
N GLY RA 33 0.73 50.90 -31.21
CA GLY RA 33 0.03 50.79 -29.95
C GLY RA 33 0.84 50.06 -28.89
N LEU RA 34 1.04 50.74 -27.77
CA LEU RA 34 1.70 50.16 -26.61
C LEU RA 34 0.66 49.61 -25.66
N SER RA 35 1.10 48.71 -24.78
CA SER RA 35 0.18 48.08 -23.87
C SER RA 35 0.91 47.56 -22.64
N HIS RA 36 0.25 47.73 -21.49
CA HIS RA 36 0.70 47.18 -20.22
C HIS RA 36 -0.48 46.44 -19.60
N GLU RA 37 -0.28 45.16 -19.32
CA GLU RA 37 -1.37 44.27 -18.91
C GLU RA 37 -1.04 43.72 -17.53
N ALA RA 38 -1.79 44.17 -16.53
CA ALA RA 38 -1.55 43.76 -15.15
C ALA RA 38 -2.35 42.50 -14.87
N ASP RA 39 -1.66 41.47 -14.40
CA ASP RA 39 -2.31 40.21 -14.03
C ASP RA 39 -2.54 40.23 -12.53
N THR RA 40 -3.77 40.57 -12.14
CA THR RA 40 -4.17 40.60 -10.74
C THR RA 40 -5.47 39.83 -10.61
N ASP RA 41 -5.40 38.66 -10.00
CA ASP RA 41 -6.56 37.82 -9.75
C ASP RA 41 -6.61 37.52 -8.26
N THR RA 42 -7.49 38.22 -7.54
CA THR RA 42 -7.62 38.01 -6.11
C THR RA 42 -8.17 36.62 -5.85
N GLU RA 43 -7.55 35.92 -4.91
CA GLU RA 43 -8.09 34.67 -4.39
C GLU RA 43 -8.73 34.94 -3.05
N ASP RA 44 -9.93 34.39 -2.87
CA ASP RA 44 -10.80 34.82 -1.79
C ASP RA 44 -10.24 34.39 -0.44
N THR RA 45 -10.77 35.04 0.59
CA THR RA 45 -10.36 34.78 1.96
C THR RA 45 -11.56 34.93 2.87
N MET RA 46 -11.54 34.17 3.97
CA MET RA 46 -12.70 34.15 4.85
C MET RA 46 -12.89 35.49 5.54
N ASP RA 47 -11.80 36.08 6.02
CA ASP RA 47 -11.89 37.34 6.74
C ASP RA 47 -11.95 38.54 5.81
N GLY RA 48 -11.61 38.36 4.54
CA GLY RA 48 -11.69 39.45 3.59
C GLY RA 48 -11.28 39.04 2.20
N SER RA 49 -10.45 39.86 1.56
CA SER RA 49 -9.92 39.53 0.26
C SER RA 49 -8.61 40.27 0.07
N TYR RA 50 -7.72 39.65 -0.70
CA TYR RA 50 -6.41 40.20 -0.99
C TYR RA 50 -6.22 40.22 -2.49
N ASN RA 51 -5.67 41.32 -2.98
CA ASN RA 51 -5.46 41.52 -4.41
C ASN RA 51 -4.02 41.16 -4.73
N THR RA 52 -3.83 40.03 -5.40
CA THR RA 52 -2.49 39.57 -5.73
C THR RA 52 -1.81 40.56 -6.67
N GLY RA 53 -0.51 40.75 -6.46
CA GLY RA 53 0.28 41.56 -7.35
C GLY RA 53 1.07 40.70 -8.31
N GLY RA 54 0.60 40.60 -9.55
CA GLY RA 54 1.21 39.73 -10.53
C GLY RA 54 2.08 40.49 -11.52
N SER RA 55 2.82 39.73 -12.31
CA SER RA 55 3.67 40.32 -13.32
C SER RA 55 2.84 41.06 -14.34
N VAL RA 56 3.51 41.91 -15.12
CA VAL RA 56 2.88 42.72 -16.15
C VAL RA 56 3.65 42.50 -17.44
N GLU RA 57 2.99 41.87 -18.40
CA GLU RA 57 3.60 41.58 -19.70
C GLU RA 57 3.26 42.72 -20.64
N SER RA 58 4.10 43.74 -20.64
CA SER RA 58 3.92 44.86 -21.55
C SER RA 58 4.42 44.50 -22.93
N THR RA 59 3.75 45.01 -23.95
CA THR RA 59 4.12 44.72 -25.33
C THR RA 59 3.63 45.85 -26.21
N MET RA 60 4.23 45.95 -27.38
CA MET RA 60 3.84 46.98 -28.32
C MET RA 60 3.72 46.38 -29.72
N SER RA 61 2.66 46.78 -30.42
CA SER RA 61 2.38 46.31 -31.76
C SER RA 61 2.33 47.49 -32.71
N GLY RA 62 3.06 47.40 -33.79
CA GLY RA 62 3.05 48.45 -34.79
C GLY RA 62 2.95 47.87 -36.18
N THR RA 63 2.22 48.57 -37.04
CA THR RA 63 2.17 48.23 -38.45
C THR RA 63 2.85 49.33 -39.25
N ALA RA 64 3.53 48.95 -40.32
CA ALA RA 64 4.21 49.89 -41.18
C ALA RA 64 4.25 49.34 -42.59
N LYS RA 65 4.78 50.14 -43.50
CA LYS RA 65 4.89 49.75 -44.89
C LYS RA 65 6.31 49.29 -45.18
N MET RA 66 6.50 48.75 -46.38
CA MET RA 66 7.74 48.09 -46.75
C MET RA 66 8.12 48.53 -48.15
N PHE RA 67 9.26 49.22 -48.26
CA PHE RA 67 9.72 49.76 -49.53
C PHE RA 67 11.09 49.23 -49.90
N TYR RA 68 11.67 49.76 -50.97
CA TYR RA 68 12.85 49.17 -51.59
C TYR RA 68 14.16 49.62 -50.93
N GLY RA 69 14.24 50.87 -50.50
CA GLY RA 69 15.47 51.37 -49.91
C GLY RA 69 15.63 51.03 -48.45
N ASP RA 70 15.00 49.94 -48.01
CA ASP RA 70 15.10 49.52 -46.62
C ASP RA 70 14.94 48.01 -46.52
N ASP RA 71 15.68 47.41 -45.59
CA ASP RA 71 15.56 46.00 -45.27
C ASP RA 71 15.31 45.76 -43.79
N PHE RA 72 15.20 46.82 -43.00
CA PHE RA 72 15.02 46.70 -41.56
C PHE RA 72 13.92 45.69 -41.22
N ALA RA 73 12.76 45.84 -41.85
CA ALA RA 73 11.67 44.90 -41.59
C ALA RA 73 12.13 43.46 -41.80
N ASP RA 74 13.06 43.25 -42.72
CA ASP RA 74 13.61 41.92 -42.91
C ASP RA 74 14.45 41.52 -41.70
N GLU RA 75 15.17 42.47 -41.12
CA GLU RA 75 15.91 42.16 -39.90
C GLU RA 75 14.95 41.75 -38.79
N ILE RA 76 13.76 42.35 -38.77
CA ILE RA 76 12.78 42.02 -37.74
C ILE RA 76 12.23 40.63 -37.95
N GLU RA 77 11.83 40.32 -39.17
CA GLU RA 77 11.36 38.98 -39.46
C GLU RA 77 12.48 37.95 -39.32
N ASP RA 78 13.72 38.41 -39.28
CA ASP RA 78 14.83 37.52 -38.95
C ASP RA 78 14.91 37.29 -37.46
N ALA RA 79 14.75 38.36 -36.68
CA ALA RA 79 14.92 38.26 -35.24
C ALA RA 79 13.82 37.41 -34.62
N VAL RA 80 12.58 37.62 -35.05
CA VAL RA 80 11.49 36.85 -34.46
C VAL RA 80 11.78 35.36 -34.56
N VAL RA 81 12.49 34.95 -35.59
CA VAL RA 81 12.78 33.54 -35.80
C VAL RA 81 14.03 33.16 -35.02
N ASP RA 82 15.13 33.85 -35.32
CA ASP RA 82 16.37 33.62 -34.60
C ASP RA 82 16.27 33.99 -33.14
N ARG RA 83 15.22 34.70 -32.74
CA ARG RA 83 14.99 35.05 -31.35
C ARG RA 83 16.19 35.75 -30.75
N VAL RA 84 16.68 36.72 -31.47
CA VAL RA 84 17.75 37.56 -30.97
C VAL RA 84 17.14 38.66 -30.12
N LEU RA 85 17.96 39.23 -29.25
CA LEU RA 85 17.50 40.35 -28.44
C LEU RA 85 17.57 41.64 -29.24
N TYR RA 86 16.69 42.57 -28.88
CA TYR RA 86 16.68 43.90 -29.43
C TYR RA 86 16.37 44.87 -28.31
N GLU RA 87 16.52 46.16 -28.60
CA GLU RA 87 16.13 47.19 -27.66
C GLU RA 87 15.61 48.37 -28.45
N ALA RA 88 14.58 49.00 -27.92
CA ALA RA 88 13.82 50.00 -28.64
C ALA RA 88 13.62 51.25 -27.80
N TRP RA 89 13.29 52.30 -28.55
CA TRP RA 89 13.22 53.67 -28.06
C TRP RA 89 11.93 54.29 -28.58
N GLU RA 90 11.01 54.59 -27.68
CA GLU RA 90 9.78 55.31 -27.99
C GLU RA 90 10.02 56.74 -27.58
N VAL RA 91 10.49 57.55 -28.51
CA VAL RA 91 10.86 58.93 -28.23
C VAL RA 91 9.76 59.83 -28.76
N GLU RA 92 9.29 60.75 -27.92
CA GLU RA 92 8.37 61.78 -28.36
C GLU RA 92 9.18 63.01 -28.73
N SER RA 93 9.10 63.41 -29.99
CA SER RA 93 9.83 64.58 -30.43
C SER RA 93 9.15 65.83 -29.90
N ARG RA 94 9.79 66.97 -30.13
CA ARG RA 94 9.26 68.26 -29.71
C ARG RA 94 9.15 68.32 -28.19
N ILE RA 95 9.97 67.53 -27.50
CA ILE RA 95 10.01 67.53 -26.05
C ILE RA 95 11.45 67.34 -25.62
N PRO RA 96 12.21 68.41 -25.50
CA PRO RA 96 13.66 68.27 -25.25
C PRO RA 96 13.99 68.16 -23.77
N GLY RA 97 15.28 68.08 -23.48
CA GLY RA 97 15.75 68.03 -22.12
C GLY RA 97 15.42 69.29 -21.34
N LYS RA 98 15.97 69.40 -20.13
CA LYS RA 98 15.72 70.52 -19.25
C LYS RA 98 16.98 71.33 -18.95
N ASN RA 99 18.12 70.66 -18.83
CA ASN RA 99 19.37 71.34 -18.56
C ASN RA 99 20.49 70.51 -19.19
N GLY RA 100 20.89 70.88 -20.40
CA GLY RA 100 21.97 70.21 -21.08
C GLY RA 100 21.57 69.00 -21.87
N ASP RA 101 20.28 68.65 -21.87
CA ASP RA 101 19.78 67.50 -22.63
C ASP RA 101 18.80 67.94 -23.70
N SER RA 102 18.88 69.19 -24.15
CA SER RA 102 17.88 69.70 -25.09
C SER RA 102 17.95 68.95 -26.41
N ALA RA 103 19.16 68.63 -26.87
CA ALA RA 103 19.29 67.93 -28.14
C ALA RA 103 18.61 66.57 -28.09
N LYS RA 104 18.48 65.98 -26.91
CA LYS RA 104 17.83 64.69 -26.75
C LYS RA 104 16.43 64.89 -26.17
N PHE RA 105 15.45 64.27 -26.80
CA PHE RA 105 14.06 64.43 -26.43
C PHE RA 105 13.60 63.28 -25.55
N LYS RA 106 12.49 63.50 -24.84
CA LYS RA 106 12.00 62.49 -23.92
C LYS RA 106 11.72 61.19 -24.66
N ALA RA 107 11.97 60.08 -23.98
CA ALA RA 107 11.80 58.77 -24.59
C ALA RA 107 11.66 57.71 -23.51
N LYS RA 108 11.16 56.56 -23.94
CA LYS RA 108 11.08 55.37 -23.13
C LYS RA 108 11.95 54.30 -23.78
N TYR RA 109 12.80 53.68 -22.99
CA TYR RA 109 13.77 52.71 -23.46
C TYR RA 109 13.44 51.36 -22.86
N PHE RA 110 13.44 50.32 -23.69
CA PHE RA 110 13.17 48.99 -23.19
C PHE RA 110 13.76 47.94 -24.11
N GLN RA 111 14.26 46.87 -23.49
CA GLN RA 111 14.97 45.83 -24.20
C GLN RA 111 14.22 44.52 -24.09
N GLY RA 112 13.98 43.89 -25.23
CA GLY RA 112 13.30 42.61 -25.27
C GLY RA 112 13.40 42.04 -26.65
N PHE RA 113 12.60 41.01 -26.90
CA PHE RA 113 12.58 40.35 -28.19
C PHE RA 113 11.37 40.80 -29.00
N HIS RA 114 11.46 40.58 -30.31
CA HIS RA 114 10.31 40.71 -31.18
C HIS RA 114 9.52 39.42 -31.13
N ASN RA 115 8.29 39.50 -30.65
CA ASN RA 115 7.51 38.29 -30.46
C ASN RA 115 6.75 37.87 -31.70
N LYS RA 116 6.64 38.74 -32.70
CA LYS RA 116 5.89 38.33 -33.87
C LYS RA 116 6.12 39.28 -35.03
N PHE RA 117 6.09 38.71 -36.23
CA PHE RA 117 6.13 39.43 -37.49
C PHE RA 117 5.08 38.84 -38.40
N GLU RA 118 4.29 39.70 -39.04
CA GLU RA 118 3.26 39.25 -39.97
C GLU RA 118 3.11 40.32 -41.03
N LEU RA 119 3.53 40.04 -42.25
CA LEU RA 119 3.28 40.96 -43.35
C LEU RA 119 2.10 40.47 -44.18
N LYS RA 120 1.70 41.32 -45.10
CA LYS RA 120 0.44 41.13 -45.80
C LYS RA 120 0.49 41.89 -47.12
N ALA RA 121 -0.06 41.27 -48.15
CA ALA RA 121 -0.09 41.81 -49.48
C ALA RA 121 -1.53 41.95 -49.95
N GLU RA 122 -1.73 42.78 -50.96
CA GLU RA 122 -3.05 43.02 -51.52
C GLU RA 122 -2.89 43.52 -52.94
N ALA RA 123 -3.42 42.77 -53.90
CA ALA RA 123 -3.26 43.11 -55.31
C ALA RA 123 -3.46 44.60 -55.53
N ASN RA 124 -2.50 45.23 -56.19
CA ASN RA 124 -2.52 46.66 -56.45
C ASN RA 124 -2.53 47.44 -55.15
N GLY RA 125 -1.47 47.23 -54.37
CA GLY RA 125 -1.32 47.93 -53.12
C GLY RA 125 0.03 47.59 -52.52
N ILE RA 126 0.50 48.49 -51.65
CA ILE RA 126 1.79 48.29 -51.01
C ILE RA 126 1.65 47.31 -49.88
N ASP RA 127 2.63 46.43 -49.74
CA ASP RA 127 2.59 45.42 -48.70
C ASP RA 127 2.92 46.03 -47.35
N GLU RA 128 2.22 45.56 -46.32
CA GLU RA 128 2.33 46.11 -44.97
C GLU RA 128 2.79 45.02 -44.01
N TYR RA 129 3.74 45.35 -43.16
CA TYR RA 129 4.26 44.42 -42.17
C TYR RA 129 3.93 44.93 -40.78
N GLU RA 130 3.40 44.04 -39.94
CA GLU RA 130 3.12 44.32 -38.55
C GLU RA 130 4.06 43.51 -37.68
N TYR RA 131 4.37 44.07 -36.51
CA TYR RA 131 5.30 43.44 -35.59
C TYR RA 131 4.80 43.66 -34.17
N GLU RA 132 4.99 42.63 -33.35
CA GLU RA 132 4.73 42.69 -31.93
C GLU RA 132 6.02 42.43 -31.19
N TYR RA 133 6.32 43.31 -30.24
CA TYR RA 133 7.57 43.30 -29.50
C TYR RA 133 7.25 43.22 -28.01
N GLY RA 134 7.83 42.23 -27.34
CA GLY RA 134 7.70 42.11 -25.90
C GLY RA 134 8.83 42.85 -25.22
N VAL RA 135 8.48 43.64 -24.20
CA VAL RA 135 9.42 44.60 -23.63
C VAL RA 135 10.38 43.98 -22.64
N ASN RA 136 9.99 42.88 -22.00
CA ASN RA 136 10.86 42.18 -21.07
C ASN RA 136 11.28 43.09 -19.93
N GLY RA 137 10.29 43.50 -19.16
CA GLY RA 137 10.52 44.09 -17.86
C GLY RA 137 10.12 45.55 -17.79
N ARG RA 138 10.66 46.21 -16.78
CA ARG RA 138 10.38 47.62 -16.56
C ARG RA 138 10.93 48.45 -17.71
N PHE RA 139 10.18 49.48 -18.09
CA PHE RA 139 10.58 50.37 -19.17
C PHE RA 139 11.15 51.64 -18.54
N GLN RA 140 12.37 51.98 -18.93
CA GLN RA 140 13.02 53.12 -18.32
C GLN RA 140 12.69 54.38 -19.08
N ARG RA 141 12.89 55.51 -18.40
CA ARG RA 141 12.59 56.81 -18.95
C ARG RA 141 13.85 57.68 -18.94
N GLY RA 142 13.78 58.75 -19.71
CA GLY RA 142 14.87 59.69 -19.84
C GLY RA 142 14.79 60.39 -21.17
N PHE RA 143 15.93 60.78 -21.72
CA PHE RA 143 15.96 61.44 -23.01
C PHE RA 143 17.00 60.76 -23.90
N ALA RA 144 16.74 60.83 -25.20
CA ALA RA 144 17.54 60.18 -26.20
C ALA RA 144 17.67 61.08 -27.41
N THR RA 145 18.77 60.88 -28.14
CA THR RA 145 19.13 61.75 -29.25
C THR RA 145 18.81 61.05 -30.57
N LEU RA 146 18.28 61.80 -31.51
CA LEU RA 146 17.93 61.24 -32.79
C LEU RA 146 19.16 61.19 -33.70
N PRO RA 147 19.13 60.36 -34.74
CA PRO RA 147 20.19 60.42 -35.75
C PRO RA 147 19.82 61.30 -36.92
N GLU RA 148 20.84 61.92 -37.50
CA GLU RA 148 20.70 62.70 -38.72
C GLU RA 148 19.62 63.79 -38.59
N ALA RA 149 19.38 64.26 -37.38
CA ALA RA 149 18.47 65.37 -37.11
C ALA RA 149 17.04 65.08 -37.53
N VAL RA 150 16.71 63.82 -37.83
CA VAL RA 150 15.35 63.46 -38.18
C VAL RA 150 15.06 62.06 -37.63
N MET SA 4 -27.53 27.73 3.32
CA MET SA 4 -27.97 29.10 3.54
C MET SA 4 -27.06 29.80 4.55
N LYS SA 5 -25.82 29.37 4.63
CA LYS SA 5 -24.86 29.90 5.58
C LYS SA 5 -23.51 30.10 4.93
N ASN SA 6 -23.06 31.34 4.90
CA ASN SA 6 -21.75 31.67 4.37
C ASN SA 6 -20.69 31.33 5.40
N SER SA 7 -19.58 30.77 4.93
CA SER SA 7 -18.54 30.32 5.84
C SER SA 7 -17.91 31.49 6.58
N ASN SA 8 -17.74 32.61 5.89
CA ASN SA 8 -17.13 33.79 6.49
C ASN SA 8 -17.62 33.99 7.92
N ASP SA 9 -18.88 33.62 8.15
CA ASP SA 9 -19.48 33.81 9.47
C ASP SA 9 -18.69 33.07 10.54
N ARG SA 10 -18.35 31.80 10.29
CA ARG SA 10 -17.64 31.04 11.30
C ARG SA 10 -16.30 31.68 11.60
N ILE SA 11 -15.88 31.59 12.85
CA ILE SA 11 -14.67 32.22 13.33
C ILE SA 11 -13.91 31.21 14.16
N ILE SA 12 -12.59 31.34 14.15
CA ILE SA 12 -11.70 30.44 14.87
C ILE SA 12 -11.00 31.20 15.96
N LEU SA 13 -10.92 30.59 17.13
CA LEU SA 13 -10.21 31.15 18.25
C LEU SA 13 -9.21 30.13 18.76
N PHE SA 14 -8.03 30.61 19.13
CA PHE SA 14 -6.99 29.74 19.61
C PHE SA 14 -6.51 30.26 20.95
N ARG SA 15 -5.82 29.39 21.68
CA ARG SA 15 -5.20 29.78 22.91
C ARG SA 15 -4.25 28.68 23.34
N LYS SA 16 -3.16 29.08 23.96
CA LYS SA 16 -2.26 28.11 24.55
C LYS SA 16 -2.74 27.77 25.95
N ALA SA 17 -2.78 26.47 26.24
CA ALA SA 17 -3.50 25.99 27.42
C ALA SA 17 -3.01 26.69 28.68
N GLY SA 18 -1.74 26.51 29.02
CA GLY SA 18 -1.25 27.01 30.28
C GLY SA 18 -0.99 28.49 30.27
N GLU SA 19 -1.78 29.22 29.48
CA GLU SA 19 -1.67 30.65 29.37
C GLU SA 19 -2.99 31.27 29.75
N LYS SA 20 -2.97 32.15 30.74
CA LYS SA 20 -4.17 32.81 31.21
C LYS SA 20 -4.27 34.14 30.48
N VAL SA 21 -4.73 34.07 29.24
CA VAL SA 21 -4.97 35.24 28.41
C VAL SA 21 -6.16 34.94 27.51
N ASP SA 22 -6.65 35.97 26.86
CA ASP SA 22 -7.79 35.79 25.98
C ASP SA 22 -7.33 35.16 24.67
N ALA SA 23 -8.29 34.58 23.96
CA ALA SA 23 -7.96 33.83 22.77
C ALA SA 23 -7.39 34.72 21.69
N THR SA 24 -6.98 34.08 20.61
CA THR SA 24 -6.38 34.75 19.47
C THR SA 24 -7.06 34.25 18.23
N LYS SA 25 -7.72 35.15 17.50
CA LYS SA 25 -8.34 34.78 16.25
C LYS SA 25 -7.26 34.34 15.27
N MET SA 26 -7.68 33.59 14.27
CA MET SA 26 -6.81 33.17 13.19
C MET SA 26 -7.25 33.89 11.93
N LEU SA 27 -6.39 34.78 11.43
CA LEU SA 27 -6.77 35.62 10.31
C LEU SA 27 -6.39 34.96 8.98
N PHE SA 28 -7.17 35.30 7.96
CA PHE SA 28 -6.83 34.99 6.58
C PHE SA 28 -6.71 33.50 6.33
N LEU SA 29 -7.62 32.73 6.91
CA LEU SA 29 -7.71 31.32 6.57
C LEU SA 29 -8.65 31.15 5.39
N THR SA 30 -8.14 30.55 4.31
CA THR SA 30 -8.94 30.38 3.11
C THR SA 30 -9.85 29.18 3.25
N GLU SA 31 -9.24 28.00 3.33
CA GLU SA 31 -9.99 26.78 3.45
C GLU SA 31 -10.15 26.40 4.92
N TYR SA 32 -10.85 25.31 5.16
CA TYR SA 32 -11.09 24.84 6.51
C TYR SA 32 -11.83 23.53 6.42
N GLY SA 33 -11.61 22.69 7.41
CA GLY SA 33 -12.19 21.36 7.41
C GLY SA 33 -12.12 20.78 8.79
N LEU SA 34 -13.03 19.86 9.05
CA LEU SA 34 -13.16 19.28 10.38
C LEU SA 34 -13.70 17.88 10.22
N SER SA 35 -12.82 16.90 10.34
CA SER SA 35 -13.16 15.51 10.10
C SER SA 35 -13.26 14.77 11.42
N HIS SA 36 -14.36 14.04 11.58
CA HIS SA 36 -14.57 13.19 12.74
C HIS SA 36 -14.68 11.76 12.23
N GLU SA 37 -13.55 11.10 12.11
CA GLU SA 37 -13.55 9.70 11.75
C GLU SA 37 -13.97 8.85 12.94
N ALA SA 38 -14.21 7.58 12.65
CA ALA SA 38 -14.55 6.62 13.69
C ALA SA 38 -14.01 5.26 13.31
N ASP SA 39 -13.64 4.49 14.34
CA ASP SA 39 -13.19 3.12 14.19
C ASP SA 39 -14.12 2.25 15.01
N THR SA 40 -14.90 1.43 14.34
CA THR SA 40 -15.95 0.64 14.97
C THR SA 40 -15.35 -0.58 15.63
N ASP SA 41 -15.20 -0.52 16.95
CA ASP SA 41 -14.82 -1.71 17.72
C ASP SA 41 -16.06 -2.59 17.75
N THR SA 42 -16.22 -3.38 16.69
CA THR SA 42 -17.35 -4.27 16.51
C THR SA 42 -16.88 -5.70 16.61
N GLU SA 43 -17.64 -6.51 17.35
CA GLU SA 43 -17.41 -7.94 17.43
C GLU SA 43 -18.66 -8.67 16.98
N ASP SA 44 -18.49 -9.53 15.99
CA ASP SA 44 -19.61 -10.21 15.35
C ASP SA 44 -19.61 -11.67 15.78
N THR SA 45 -20.71 -12.08 16.38
CA THR SA 45 -20.90 -13.47 16.70
C THR SA 45 -20.92 -14.30 15.43
N MET SA 46 -20.96 -15.61 15.61
CA MET SA 46 -21.17 -16.51 14.49
C MET SA 46 -22.63 -16.65 14.13
N ASP SA 47 -23.53 -16.05 14.92
CA ASP SA 47 -24.96 -16.10 14.65
C ASP SA 47 -25.58 -14.74 14.93
N GLY SA 48 -24.91 -13.69 14.48
CA GLY SA 48 -25.42 -12.34 14.70
C GLY SA 48 -24.37 -11.32 14.36
N SER SA 49 -24.51 -10.15 14.95
CA SER SA 49 -23.51 -9.10 14.83
C SER SA 49 -23.75 -8.10 15.94
N TYR SA 50 -22.70 -7.35 16.25
CA TYR SA 50 -22.75 -6.40 17.34
C TYR SA 50 -21.70 -5.34 17.13
N ASN SA 51 -22.01 -4.13 17.59
CA ASN SA 51 -21.02 -3.08 17.77
C ASN SA 51 -20.89 -2.83 19.25
N THR SA 52 -19.65 -2.71 19.71
CA THR SA 52 -19.35 -2.51 21.12
C THR SA 52 -18.91 -1.08 21.41
N GLY SA 53 -17.95 -0.58 20.65
CA GLY SA 53 -17.44 0.75 20.94
C GLY SA 53 -16.94 1.43 19.69
N GLY SA 54 -16.34 2.59 19.91
CA GLY SA 54 -15.77 3.33 18.81
C GLY SA 54 -14.61 4.21 19.24
N SER SA 55 -13.48 4.05 18.55
CA SER SA 55 -12.33 4.92 18.78
C SER SA 55 -12.33 6.00 17.71
N VAL SA 56 -12.48 7.21 18.14
CA VAL SA 56 -12.57 8.34 17.24
C VAL SA 56 -11.18 8.87 16.93
N GLU SA 57 -11.06 9.53 15.79
CA GLU SA 57 -9.79 10.10 15.33
C GLU SA 57 -10.02 11.50 14.80
N SER SA 58 -10.81 12.29 15.53
CA SER SA 58 -11.19 13.62 15.08
C SER SA 58 -9.96 14.45 14.75
N THR SA 59 -10.16 15.53 14.00
CA THR SA 59 -9.09 16.45 13.66
C THR SA 59 -9.69 17.59 12.85
N MET SA 60 -8.88 18.62 12.66
CA MET SA 60 -9.31 19.80 11.94
C MET SA 60 -8.15 20.36 11.12
N SER SA 61 -8.44 20.72 9.89
CA SER SA 61 -7.45 21.23 8.97
C SER SA 61 -7.79 22.65 8.57
N GLY SA 62 -6.74 23.41 8.26
CA GLY SA 62 -6.94 24.80 7.88
C GLY SA 62 -5.79 25.31 7.06
N THR SA 63 -6.05 26.32 6.25
CA THR SA 63 -5.03 27.07 5.55
C THR SA 63 -5.01 28.51 6.05
N ALA SA 64 -4.06 29.27 5.52
CA ALA SA 64 -3.86 30.63 5.94
C ALA SA 64 -2.81 31.26 5.02
N LYS SA 65 -2.58 32.57 5.20
CA LYS SA 65 -1.89 33.34 4.19
C LYS SA 65 -0.73 34.21 4.68
N MET SA 66 -0.37 34.17 5.95
CA MET SA 66 0.91 34.71 6.41
C MET SA 66 1.07 36.19 6.08
N PHE SA 67 0.27 37.01 6.74
CA PHE SA 67 0.45 38.44 6.61
C PHE SA 67 1.47 38.96 7.62
N TYR SA 68 2.13 40.06 7.26
CA TYR SA 68 3.25 40.56 8.06
C TYR SA 68 2.83 40.81 9.49
N GLY SA 69 1.60 41.28 9.69
CA GLY SA 69 1.27 41.90 10.97
C GLY SA 69 1.41 40.95 12.15
N ASP SA 70 0.87 39.74 12.02
CA ASP SA 70 0.79 38.83 13.14
C ASP SA 70 1.87 37.76 13.05
N ASP SA 71 2.37 37.37 14.23
CA ASP SA 71 3.38 36.35 14.36
C ASP SA 71 2.78 35.02 14.81
N PHE SA 72 1.48 34.86 14.67
CA PHE SA 72 0.81 33.69 15.22
C PHE SA 72 1.28 32.40 14.56
N ALA SA 73 1.36 32.41 13.23
CA ALA SA 73 1.83 31.23 12.53
C ALA SA 73 3.12 30.72 13.12
N ASP SA 74 3.98 31.61 13.58
CA ASP SA 74 5.20 31.19 14.25
C ASP SA 74 4.87 30.40 15.51
N GLU SA 75 3.83 30.81 16.23
CA GLU SA 75 3.43 30.09 17.43
C GLU SA 75 2.94 28.70 17.07
N ILE SA 76 2.12 28.60 16.03
CA ILE SA 76 1.65 27.29 15.59
C ILE SA 76 2.82 26.40 15.29
N GLU SA 77 3.78 26.94 14.56
CA GLU SA 77 4.94 26.15 14.18
C GLU SA 77 5.71 25.70 15.41
N ASP SA 78 5.98 26.64 16.32
CA ASP SA 78 6.66 26.28 17.56
C ASP SA 78 5.93 25.16 18.26
N ALA SA 79 4.60 25.17 18.19
CA ALA SA 79 3.83 24.08 18.78
C ALA SA 79 4.14 22.77 18.10
N VAL SA 80 3.94 22.72 16.79
CA VAL SA 80 4.15 21.49 16.04
C VAL SA 80 5.49 20.88 16.38
N VAL SA 81 6.52 21.73 16.48
CA VAL SA 81 7.86 21.20 16.65
C VAL SA 81 8.14 20.90 18.11
N ASP SA 82 7.46 21.59 19.00
CA ASP SA 82 7.68 21.46 20.43
C ASP SA 82 6.57 20.70 21.14
N ARG SA 83 5.52 20.33 20.43
CA ARG SA 83 4.46 19.50 21.00
C ARG SA 83 3.78 20.21 22.15
N VAL SA 84 3.30 21.41 21.88
CA VAL SA 84 2.63 22.19 22.89
C VAL SA 84 1.13 21.97 22.77
N LEU SA 85 0.47 21.85 23.90
CA LEU SA 85 -0.95 21.63 23.92
C LEU SA 85 -1.68 22.95 23.73
N TYR SA 86 -2.60 22.97 22.78
CA TYR SA 86 -3.38 24.15 22.49
C TYR SA 86 -4.86 23.82 22.56
N GLU SA 87 -5.62 24.79 23.06
CA GLU SA 87 -7.07 24.70 23.08
C GLU SA 87 -7.61 25.70 22.09
N ALA SA 88 -8.48 25.21 21.22
CA ALA SA 88 -9.00 25.97 20.10
C ALA SA 88 -10.49 25.74 20.05
N TRP SA 89 -11.25 26.76 19.65
CA TRP SA 89 -12.65 26.56 19.37
C TRP SA 89 -13.13 27.46 18.26
N GLU SA 90 -13.89 26.86 17.35
CA GLU SA 90 -14.63 27.60 16.34
C GLU SA 90 -15.88 28.10 17.01
N VAL SA 91 -16.10 29.40 16.95
CA VAL SA 91 -17.26 30.04 17.55
C VAL SA 91 -18.01 30.70 16.41
N GLU SA 92 -19.12 30.09 16.03
CA GLU SA 92 -19.89 30.60 14.92
C GLU SA 92 -20.53 31.92 15.27
N SER SA 93 -20.29 32.91 14.43
CA SER SA 93 -20.94 34.19 14.58
C SER SA 93 -22.38 34.10 14.09
N ARG SA 94 -23.17 35.11 14.44
CA ARG SA 94 -24.53 35.23 13.95
C ARG SA 94 -25.38 34.03 14.38
N ILE SA 95 -25.04 33.44 15.51
CA ILE SA 95 -25.88 32.43 16.17
C ILE SA 95 -25.73 32.63 17.67
N PRO SA 96 -26.41 33.58 18.23
CA PRO SA 96 -26.18 33.92 19.64
C PRO SA 96 -26.95 33.04 20.60
N GLY SA 97 -26.80 33.32 21.88
CA GLY SA 97 -27.50 32.56 22.89
C GLY SA 97 -29.00 32.77 22.84
N LYS SA 98 -29.72 31.82 23.44
CA LYS SA 98 -31.17 31.82 23.44
C LYS SA 98 -31.76 32.35 24.73
N ASN SA 99 -31.38 31.77 25.86
CA ASN SA 99 -31.96 32.08 27.16
C ASN SA 99 -30.93 32.82 27.99
N GLY SA 100 -31.20 34.09 28.27
CA GLY SA 100 -30.28 34.86 29.09
C GLY SA 100 -28.87 34.86 28.54
N ASP SA 101 -28.74 34.81 27.22
CA ASP SA 101 -27.43 34.78 26.59
C ASP SA 101 -27.52 35.47 25.25
N SER SA 102 -26.85 36.58 25.11
CA SER SA 102 -26.90 37.39 23.90
C SER SA 102 -25.53 37.65 23.30
N ALA SA 103 -24.52 37.89 24.13
CA ALA SA 103 -23.17 38.09 23.62
C ALA SA 103 -22.46 36.78 23.35
N LYS SA 104 -22.87 35.70 24.02
CA LYS SA 104 -22.29 34.41 23.76
C LYS SA 104 -22.70 33.92 22.38
N PHE SA 105 -21.90 33.03 21.82
CA PHE SA 105 -22.12 32.51 20.49
C PHE SA 105 -21.86 31.02 20.48
N LYS SA 106 -22.59 30.34 19.61
CA LYS SA 106 -22.43 28.91 19.46
C LYS SA 106 -20.98 28.57 19.16
N ALA SA 107 -20.55 27.39 19.57
CA ALA SA 107 -19.13 27.06 19.49
C ALA SA 107 -18.92 25.55 19.51
N LYS SA 108 -17.68 25.17 19.27
CA LYS SA 108 -17.21 23.79 19.35
C LYS SA 108 -15.79 23.87 19.93
N TYR SA 109 -15.67 23.53 21.20
CA TYR SA 109 -14.40 23.69 21.91
C TYR SA 109 -13.66 22.37 21.93
N PHE SA 110 -12.38 22.42 21.60
CA PHE SA 110 -11.57 21.21 21.66
C PHE SA 110 -10.10 21.57 21.75
N GLN SA 111 -9.34 20.68 22.35
CA GLN SA 111 -7.93 20.88 22.56
C GLN SA 111 -7.16 19.67 22.05
N GLY SA 112 -5.88 19.92 21.79
CA GLY SA 112 -5.01 18.84 21.34
C GLY SA 112 -3.61 19.35 21.10
N PHE SA 113 -2.93 18.67 20.19
CA PHE SA 113 -1.64 19.10 19.70
C PHE SA 113 -1.68 19.21 18.18
N HIS SA 114 -0.90 20.14 17.66
CA HIS SA 114 -0.82 20.39 16.23
C HIS SA 114 0.08 19.33 15.62
N ASN SA 115 -0.54 18.35 14.97
CA ASN SA 115 0.22 17.21 14.49
C ASN SA 115 0.89 17.51 13.16
N LYS SA 116 0.52 18.61 12.51
CA LYS SA 116 1.16 18.96 11.26
C LYS SA 116 1.03 20.43 10.91
N PHE SA 117 2.05 20.93 10.23
CA PHE SA 117 2.14 22.30 9.77
C PHE SA 117 3.10 22.34 8.60
N GLU SA 118 2.71 23.09 7.56
CA GLU SA 118 3.45 23.05 6.31
C GLU SA 118 3.09 24.24 5.45
N LEU SA 119 4.07 25.06 5.12
CA LEU SA 119 3.79 26.20 4.26
C LEU SA 119 4.24 25.94 2.84
N LYS SA 120 3.91 26.88 1.97
CA LYS SA 120 4.26 26.82 0.57
C LYS SA 120 4.17 28.22 -0.01
N ALA SA 121 4.96 28.45 -1.06
CA ALA SA 121 5.14 29.78 -1.60
C ALA SA 121 5.71 29.67 -3.00
N GLU SA 122 5.18 30.48 -3.91
CA GLU SA 122 5.65 30.53 -5.28
C GLU SA 122 6.04 31.95 -5.64
N ALA SA 123 6.63 32.08 -6.83
CA ALA SA 123 7.12 33.37 -7.27
C ALA SA 123 5.97 34.37 -7.33
N ASN SA 124 6.29 35.62 -6.98
CA ASN SA 124 5.34 36.72 -6.96
C ASN SA 124 3.99 36.26 -6.47
N GLY SA 125 4.01 35.43 -5.45
CA GLY SA 125 2.78 34.91 -4.87
C GLY SA 125 2.80 35.04 -3.36
N ILE SA 126 1.62 35.28 -2.80
CA ILE SA 126 1.47 35.23 -1.36
C ILE SA 126 1.88 33.85 -0.85
N ASP SA 127 2.41 33.83 0.36
CA ASP SA 127 2.98 32.61 0.94
C ASP SA 127 2.00 32.05 1.95
N GLU SA 128 1.39 30.94 1.60
CA GLU SA 128 0.32 30.38 2.40
C GLU SA 128 0.83 29.17 3.17
N TYR SA 129 -0.04 28.65 4.03
CA TYR SA 129 0.31 27.43 4.75
C TYR SA 129 -0.92 26.69 5.17
N GLU SA 130 -0.67 25.46 5.63
CA GLU SA 130 -1.68 24.46 5.92
C GLU SA 130 -1.28 23.77 7.21
N TYR SA 131 -2.22 23.70 8.15
CA TYR SA 131 -1.99 23.06 9.44
C TYR SA 131 -3.10 22.07 9.71
N GLU SA 132 -2.71 20.92 10.23
CA GLU SA 132 -3.63 19.89 10.67
C GLU SA 132 -3.45 19.69 12.15
N TYR SA 133 -4.55 19.74 12.88
CA TYR SA 133 -4.56 19.80 14.32
C TYR SA 133 -5.40 18.66 14.86
N GLY SA 134 -4.81 17.87 15.75
CA GLY SA 134 -5.54 16.79 16.36
C GLY SA 134 -6.55 17.29 17.36
N VAL SA 135 -7.29 16.34 17.91
CA VAL SA 135 -8.34 16.62 18.88
C VAL SA 135 -8.27 15.54 19.95
N ASN SA 136 -7.99 15.95 21.17
CA ASN SA 136 -7.91 14.99 22.27
C ASN SA 136 -9.30 14.53 22.65
N GLY SA 137 -9.65 13.33 22.24
CA GLY SA 137 -10.91 12.76 22.67
C GLY SA 137 -12.08 13.44 22.01
N ARG SA 138 -13.16 13.58 22.76
CA ARG SA 138 -14.38 14.20 22.29
C ARG SA 138 -14.30 15.68 22.51
N PHE SA 139 -14.95 16.44 21.64
CA PHE SA 139 -15.01 17.87 21.85
C PHE SA 139 -16.24 18.23 22.66
N GLN SA 140 -16.25 19.47 23.12
CA GLN SA 140 -17.36 19.99 23.90
C GLN SA 140 -17.93 21.21 23.20
N ARG SA 141 -19.25 21.24 23.13
CA ARG SA 141 -19.98 22.35 22.55
C ARG SA 141 -20.59 23.18 23.66
N GLY SA 142 -20.70 24.47 23.41
CA GLY SA 142 -21.23 25.37 24.40
C GLY SA 142 -21.17 26.79 23.92
N PHE SA 143 -22.16 27.59 24.29
CA PHE SA 143 -22.16 28.98 23.86
C PHE SA 143 -21.00 29.71 24.51
N ALA SA 144 -20.19 30.34 23.67
CA ALA SA 144 -18.99 31.02 24.11
C ALA SA 144 -19.09 32.49 23.76
N THR SA 145 -18.45 33.31 24.58
CA THR SA 145 -18.35 34.74 24.32
C THR SA 145 -17.02 35.04 23.69
N LEU SA 146 -16.97 36.10 22.93
CA LEU SA 146 -15.72 36.46 22.29
C LEU SA 146 -15.01 37.52 23.11
N PRO SA 147 -13.70 37.63 22.95
CA PRO SA 147 -12.97 38.73 23.55
C PRO SA 147 -13.08 39.99 22.72
N GLU SA 148 -12.98 41.12 23.41
CA GLU SA 148 -13.16 42.41 22.74
C GLU SA 148 -12.31 42.50 21.49
N ALA SA 149 -11.06 42.06 21.58
CA ALA SA 149 -10.16 42.15 20.43
C ALA SA 149 -10.80 41.51 19.20
N VAL SA 150 -11.28 40.29 19.33
CA VAL SA 150 -11.89 39.61 18.20
C VAL SA 150 -13.09 40.37 17.70
N THR SA 151 -13.84 40.98 18.62
CA THR SA 151 -15.05 41.69 18.21
C THR SA 151 -14.70 42.85 17.31
N LYS SA 152 -13.73 43.66 17.71
CA LYS SA 152 -13.39 44.83 16.91
C LYS SA 152 -12.79 44.40 15.57
N LYS SA 153 -12.06 43.29 15.54
CA LYS SA 153 -11.54 42.79 14.28
C LYS SA 153 -12.66 42.36 13.37
N LEU SA 154 -13.71 41.75 13.93
CA LEU SA 154 -14.79 41.21 13.11
C LEU SA 154 -15.38 42.29 12.21
N LYS SA 155 -15.44 43.53 12.70
CA LYS SA 155 -16.01 44.62 11.90
C LYS SA 155 -15.27 44.75 10.58
N ALA SA 156 -13.99 45.07 10.63
CA ALA SA 156 -13.12 45.01 9.46
C ALA SA 156 -13.65 45.87 8.32
N THR SA 157 -14.03 47.10 8.64
CA THR SA 157 -14.43 48.04 7.60
C THR SA 157 -13.21 48.46 6.78
N GLY SA 158 -13.44 48.83 5.52
CA GLY SA 158 -12.34 49.11 4.62
C GLY SA 158 -12.36 50.46 3.94
N TYR SA 159 -11.31 51.25 4.18
CA TYR SA 159 -11.07 52.52 3.51
C TYR SA 159 -12.33 53.36 3.41
N ARG SA 160 -12.78 53.80 4.59
CA ARG SA 160 -13.88 54.73 4.65
C ARG SA 160 -13.60 55.96 3.80
N PHE SA 161 -14.65 56.70 3.50
CA PHE SA 161 -14.61 57.88 2.65
C PHE SA 161 -13.60 58.91 3.16
N HIS SA 162 -12.56 59.15 2.37
CA HIS SA 162 -11.63 60.25 2.63
C HIS SA 162 -11.98 61.39 1.69
N ASP SA 163 -11.12 62.41 1.60
CA ASP SA 163 -11.43 63.58 0.81
C ASP SA 163 -10.27 63.91 -0.13
N THR SA 164 -10.57 64.71 -1.15
CA THR SA 164 -9.61 65.08 -2.18
C THR SA 164 -8.93 66.40 -1.85
N THR SA 165 -7.88 66.69 -2.61
CA THR SA 165 -7.10 67.93 -2.54
C THR SA 165 -6.65 68.26 -1.11
N LYS SA 166 -5.97 67.31 -0.50
CA LYS SA 166 -5.12 67.48 0.68
C LYS SA 166 -5.84 67.50 2.01
N GLU SA 167 -7.17 67.43 2.05
CA GLU SA 167 -7.83 67.35 3.35
C GLU SA 167 -7.37 66.12 4.10
N ASP SA 168 -7.10 65.03 3.39
CA ASP SA 168 -6.70 63.79 4.02
C ASP SA 168 -5.95 62.93 3.02
N ALA SA 169 -5.09 62.05 3.54
CA ALA SA 169 -4.35 61.09 2.73
C ALA SA 169 -5.29 60.21 1.93
N MET TA 4 -30.55 62.66 -18.89
CA MET TA 4 -30.56 64.10 -19.05
C MET TA 4 -29.19 64.70 -18.79
N LYS TA 5 -28.29 63.90 -18.23
CA LYS TA 5 -26.94 64.35 -17.95
C LYS TA 5 -26.07 64.14 -19.18
N ASN TA 6 -25.52 65.23 -19.71
CA ASN TA 6 -24.52 65.09 -20.75
C ASN TA 6 -23.27 64.47 -20.15
N SER TA 7 -22.74 63.46 -20.83
CA SER TA 7 -21.63 62.68 -20.28
C SER TA 7 -20.51 63.60 -19.79
N ASN TA 8 -20.17 64.62 -20.57
CA ASN TA 8 -19.05 65.48 -20.22
C ASN TA 8 -19.22 66.15 -18.88
N ASP TA 9 -20.39 66.01 -18.26
CA ASP TA 9 -20.57 66.52 -16.90
C ASP TA 9 -19.85 65.64 -15.88
N ARG TA 10 -19.64 64.37 -16.21
CA ARG TA 10 -18.95 63.46 -15.29
C ARG TA 10 -17.48 63.80 -15.24
N ILE TA 11 -16.99 64.13 -14.06
CA ILE TA 11 -15.60 64.51 -13.85
C ILE TA 11 -14.92 63.39 -13.07
N ILE TA 12 -13.65 63.17 -13.36
CA ILE TA 12 -12.96 61.97 -12.94
C ILE TA 12 -11.55 62.33 -12.51
N LEU TA 13 -11.23 62.08 -11.25
CA LEU TA 13 -9.94 62.45 -10.68
C LEU TA 13 -9.23 61.21 -10.15
N PHE TA 14 -7.91 61.32 -10.07
CA PHE TA 14 -7.07 60.28 -9.53
C PHE TA 14 -6.00 60.91 -8.66
N ARG TA 15 -5.40 60.09 -7.80
CA ARG TA 15 -4.17 60.49 -7.14
C ARG TA 15 -3.63 59.31 -6.35
N LYS TA 16 -2.32 59.34 -6.13
CA LYS TA 16 -1.68 58.30 -5.33
C LYS TA 16 -1.98 58.51 -3.86
N ALA TA 17 -2.17 57.40 -3.16
CA ALA TA 17 -2.47 57.48 -1.73
C ALA TA 17 -1.36 58.19 -0.98
N GLY TA 18 -0.11 57.87 -1.29
CA GLY TA 18 1.00 58.45 -0.56
C GLY TA 18 1.03 59.96 -0.66
N GLU TA 19 0.83 60.49 -1.87
CA GLU TA 19 0.91 61.93 -2.11
C GLU TA 19 -0.40 62.56 -1.68
N LYS TA 20 -0.47 62.91 -0.39
CA LYS TA 20 -1.70 63.51 0.14
C LYS TA 20 -1.99 64.84 -0.55
N VAL TA 21 -0.96 65.65 -0.76
CA VAL TA 21 -1.17 66.99 -1.31
C VAL TA 21 -1.58 66.89 -2.77
N ASP TA 22 -1.02 65.93 -3.49
CA ASP TA 22 -1.19 65.89 -4.94
C ASP TA 22 -2.67 65.77 -5.29
N ALA TA 23 -3.05 66.40 -6.39
CA ALA TA 23 -4.40 66.32 -6.93
C ALA TA 23 -4.34 66.59 -8.43
N THR TA 24 -5.26 65.99 -9.16
CA THR TA 24 -5.30 66.15 -10.61
C THR TA 24 -6.61 65.63 -11.14
N LYS TA 25 -6.77 65.71 -12.46
CA LYS TA 25 -7.98 65.28 -13.13
C LYS TA 25 -7.61 64.67 -14.47
N MET TA 26 -8.47 63.78 -14.94
CA MET TA 26 -8.31 63.20 -16.26
C MET TA 26 -8.92 64.11 -17.31
N LEU TA 27 -8.26 64.23 -18.45
CA LEU TA 27 -8.64 65.20 -19.47
C LEU TA 27 -8.90 64.52 -20.81
N PHE TA 28 -9.81 65.12 -21.57
CA PHE TA 28 -10.07 64.71 -22.94
C PHE TA 28 -10.60 63.28 -23.00
N LEU TA 29 -11.47 62.93 -22.06
CA LEU TA 29 -12.16 61.66 -22.14
C LEU TA 29 -13.01 61.63 -23.41
N THR TA 30 -13.07 60.47 -24.04
CA THR TA 30 -13.99 60.23 -25.13
C THR TA 30 -15.10 59.26 -24.73
N GLU TA 31 -14.73 58.13 -24.15
CA GLU TA 31 -15.69 57.18 -23.62
C GLU TA 31 -15.19 56.65 -22.29
N TYR TA 32 -16.07 56.69 -21.29
CA TYR TA 32 -15.78 56.26 -19.94
C TYR TA 32 -16.87 55.30 -19.51
N GLY TA 33 -16.49 54.20 -18.88
CA GLY TA 33 -17.45 53.19 -18.52
C GLY TA 33 -17.11 52.48 -17.24
N LEU TA 34 -18.03 52.51 -16.29
CA LEU TA 34 -17.90 51.80 -15.04
C LEU TA 34 -18.60 50.45 -15.14
N SER TA 35 -18.23 49.54 -14.23
CA SER TA 35 -18.77 48.20 -14.30
C SER TA 35 -18.69 47.52 -12.96
N HIS TA 36 -19.76 46.81 -12.62
CA HIS TA 36 -19.83 45.96 -11.44
C HIS TA 36 -20.32 44.58 -11.89
N GLU TA 37 -19.53 43.56 -11.61
CA GLU TA 37 -19.76 42.23 -12.14
C GLU TA 37 -19.94 41.28 -10.97
N ALA TA 38 -21.16 40.79 -10.79
CA ALA TA 38 -21.48 39.90 -9.69
C ALA TA 38 -21.24 38.47 -10.12
N ASP TA 39 -20.42 37.74 -9.35
CA ASP TA 39 -20.15 36.34 -9.61
C ASP TA 39 -21.10 35.52 -8.74
N THR TA 40 -22.19 35.08 -9.33
CA THR TA 40 -23.18 34.25 -8.65
C THR TA 40 -23.46 33.05 -9.53
N ASP TA 41 -22.97 31.89 -9.12
CA ASP TA 41 -23.22 30.64 -9.81
C ASP TA 41 -23.85 29.68 -8.79
N THR TA 42 -25.13 29.42 -8.94
CA THR TA 42 -25.81 28.51 -8.03
C THR TA 42 -25.34 27.09 -8.28
N GLU TA 43 -25.08 26.37 -7.20
CA GLU TA 43 -24.80 24.95 -7.27
C GLU TA 43 -26.03 24.19 -6.80
N ASP TA 44 -26.38 23.17 -7.56
CA ASP TA 44 -27.70 22.56 -7.43
C ASP TA 44 -27.83 21.81 -6.12
N THR TA 45 -29.08 21.60 -5.74
CA THR TA 45 -29.41 20.91 -4.50
C THR TA 45 -30.63 20.03 -4.73
N MET TA 46 -30.70 18.94 -3.98
CA MET TA 46 -31.78 17.99 -4.16
C MET TA 46 -33.12 18.60 -3.77
N ASP TA 47 -33.16 19.26 -2.63
CA ASP TA 47 -34.41 19.83 -2.14
C ASP TA 47 -34.73 21.17 -2.77
N GLY TA 48 -33.76 21.81 -3.41
CA GLY TA 48 -34.01 23.06 -4.09
C GLY TA 48 -32.78 23.60 -4.79
N SER TA 49 -32.55 24.90 -4.64
CA SER TA 49 -31.36 25.52 -5.19
C SER TA 49 -31.01 26.73 -4.36
N TYR TA 50 -29.72 27.01 -4.26
CA TYR TA 50 -29.21 28.13 -3.50
C TYR TA 50 -28.34 28.97 -4.42
N ASN TA 51 -28.51 30.28 -4.31
CA ASN TA 51 -27.78 31.23 -5.13
C ASN TA 51 -26.58 31.74 -4.35
N THR TA 52 -25.39 31.29 -4.72
CA THR TA 52 -24.19 31.69 -4.01
C THR TA 52 -23.98 33.19 -4.12
N GLY TA 53 -23.50 33.79 -3.05
CA GLY TA 53 -23.13 35.20 -3.06
C GLY TA 53 -21.63 35.36 -3.20
N GLY TA 54 -21.17 35.68 -4.41
CA GLY TA 54 -19.75 35.77 -4.69
C GLY TA 54 -19.26 37.20 -4.70
N SER TA 55 -17.94 37.32 -4.76
CA SER TA 55 -17.33 38.64 -4.81
C SER TA 55 -17.73 39.35 -6.10
N VAL TA 56 -17.50 40.66 -6.10
CA VAL TA 56 -17.85 41.50 -7.24
C VAL TA 56 -16.61 42.31 -7.60
N GLU TA 57 -16.04 42.01 -8.75
CA GLU TA 57 -14.85 42.71 -9.23
C GLU TA 57 -15.30 43.88 -10.08
N SER TA 58 -15.47 45.03 -9.45
CA SER TA 58 -15.84 46.23 -10.16
C SER TA 58 -14.61 46.87 -10.78
N THR TA 59 -14.78 47.45 -11.96
CA THR TA 59 -13.68 48.07 -12.66
C THR TA 59 -14.22 49.15 -13.57
N MET TA 60 -13.35 50.07 -13.94
CA MET TA 60 -13.74 51.14 -14.84
C MET TA 60 -12.69 51.34 -15.91
N SER TA 61 -13.16 51.54 -17.14
CA SER TA 61 -12.30 51.72 -18.30
C SER TA 61 -12.61 53.06 -18.93
N GLY TA 62 -11.58 53.83 -19.18
CA GLY TA 62 -11.75 55.11 -19.84
C GLY TA 62 -10.69 55.30 -20.91
N THR TA 63 -11.10 55.95 -22.00
CA THR TA 63 -10.17 56.35 -23.04
C THR TA 63 -10.11 57.87 -23.07
N ALA TA 64 -8.91 58.41 -23.31
CA ALA TA 64 -8.71 59.83 -23.39
C ALA TA 64 -7.59 60.13 -24.37
N LYS TA 65 -7.34 61.41 -24.57
CA LYS TA 65 -6.29 61.85 -25.46
C LYS TA 65 -5.06 62.26 -24.67
N MET TA 66 -3.98 62.51 -25.40
CA MET TA 66 -2.67 62.73 -24.80
C MET TA 66 -2.01 63.91 -25.48
N PHE TA 67 -1.80 64.99 -24.71
CA PHE TA 67 -1.25 66.23 -25.25
C PHE TA 67 0.06 66.58 -24.57
N TYR TA 68 0.59 67.77 -24.87
CA TYR TA 68 1.94 68.13 -24.46
C TYR TA 68 2.01 68.70 -23.05
N GLY TA 69 1.02 69.48 -22.65
CA GLY TA 69 1.05 70.09 -21.34
C GLY TA 69 0.60 69.18 -20.22
N ASP TA 70 0.76 67.87 -20.40
CA ASP TA 70 0.37 66.92 -19.38
C ASP TA 70 1.21 65.65 -19.50
N ASP TA 71 1.49 65.05 -18.35
CA ASP TA 71 2.20 63.79 -18.27
C ASP TA 71 1.43 62.76 -17.44
N PHE TA 72 0.30 63.15 -16.87
CA PHE TA 72 -0.48 62.25 -16.02
C PHE TA 72 -0.61 60.86 -16.61
N ALA TA 73 -1.01 60.77 -17.88
CA ALA TA 73 -1.13 59.48 -18.54
C ALA TA 73 0.17 58.69 -18.41
N ASP TA 74 1.30 59.38 -18.40
CA ASP TA 74 2.56 58.69 -18.19
C ASP TA 74 2.64 58.15 -16.76
N GLU TA 75 2.11 58.90 -15.80
CA GLU TA 75 2.08 58.38 -14.44
C GLU TA 75 1.23 57.12 -14.37
N ILE TA 76 0.19 57.05 -15.19
CA ILE TA 76 -0.68 55.88 -15.19
C ILE TA 76 0.05 54.68 -15.79
N GLU TA 77 0.66 54.87 -16.95
CA GLU TA 77 1.43 53.80 -17.55
C GLU TA 77 2.63 53.44 -16.70
N ASP TA 78 2.99 54.30 -15.75
CA ASP TA 78 3.99 53.93 -14.75
C ASP TA 78 3.38 53.04 -13.69
N ALA TA 79 2.22 53.43 -13.18
CA ALA TA 79 1.62 52.70 -12.07
C ALA TA 79 1.25 51.29 -12.47
N VAL TA 80 0.67 51.12 -13.66
CA VAL TA 80 0.28 49.78 -14.08
C VAL TA 80 1.47 48.83 -13.99
N VAL TA 81 2.66 49.33 -14.24
CA VAL TA 81 3.86 48.50 -14.23
C VAL TA 81 4.37 48.36 -12.82
N ASP TA 82 4.70 49.49 -12.20
CA ASP TA 82 5.14 49.51 -10.82
C ASP TA 82 4.08 49.01 -9.86
N ARG TA 83 2.82 48.93 -10.30
CA ARG TA 83 1.74 48.40 -9.49
C ARG TA 83 1.64 49.16 -8.17
N VAL TA 84 1.64 50.45 -8.26
CA VAL TA 84 1.41 51.31 -7.12
C VAL TA 84 -0.08 51.46 -6.92
N LEU TA 85 -0.47 51.81 -5.70
CA LEU TA 85 -1.87 52.06 -5.44
C LEU TA 85 -2.25 53.46 -5.89
N TYR TA 86 -3.53 53.61 -6.20
CA TYR TA 86 -4.12 54.89 -6.53
C TYR TA 86 -5.50 54.94 -5.93
N GLU TA 87 -6.12 56.11 -6.00
CA GLU TA 87 -7.49 56.27 -5.55
C GLU TA 87 -8.14 57.33 -6.42
N ALA TA 88 -9.40 57.10 -6.76
CA ALA TA 88 -10.08 57.89 -7.75
C ALA TA 88 -11.44 58.33 -7.27
N TRP TA 89 -11.93 59.34 -7.98
CA TRP TA 89 -13.11 60.11 -7.63
C TRP TA 89 -13.94 60.27 -8.88
N GLU TA 90 -15.12 59.67 -8.90
CA GLU TA 90 -16.10 59.83 -9.97
C GLU TA 90 -17.12 60.81 -9.44
N VAL TA 91 -16.90 62.08 -9.73
CA VAL TA 91 -17.74 63.15 -9.21
C VAL TA 91 -18.66 63.63 -10.32
N GLU TA 92 -19.94 63.71 -10.03
CA GLU TA 92 -20.90 64.31 -10.93
C GLU TA 92 -21.05 65.78 -10.57
N SER TA 93 -20.69 66.67 -11.49
CA SER TA 93 -20.83 68.08 -11.22
C SER TA 93 -22.30 68.48 -11.29
N ARG TA 94 -22.57 69.72 -10.93
CA ARG TA 94 -23.93 70.25 -10.96
C ARG TA 94 -24.82 69.51 -9.98
N ILE TA 95 -24.22 68.93 -8.95
CA ILE TA 95 -24.95 68.22 -7.91
C ILE TA 95 -24.25 68.50 -6.59
N PRO TA 96 -24.59 69.57 -5.90
CA PRO TA 96 -23.86 69.96 -4.70
C PRO TA 96 -24.37 69.29 -3.45
N GLY TA 97 -23.75 69.64 -2.31
CA GLY TA 97 -24.18 69.12 -1.03
C GLY TA 97 -25.59 69.56 -0.68
N LYS TA 98 -25.98 69.29 0.57
CA LYS TA 98 -27.32 69.59 1.05
C LYS TA 98 -27.32 70.59 2.18
N ASN TA 99 -26.32 70.53 3.07
CA ASN TA 99 -26.24 71.45 4.20
C ASN TA 99 -24.75 71.61 4.53
N GLY TA 100 -24.14 72.66 3.99
CA GLY TA 100 -22.75 72.96 4.26
C GLY TA 100 -21.78 72.25 3.36
N ASP TA 101 -22.25 71.44 2.41
CA ASP TA 101 -21.38 70.73 1.48
C ASP TA 101 -21.66 71.16 0.04
N SER TA 102 -22.18 72.37 -0.16
CA SER TA 102 -22.56 72.79 -1.50
C SER TA 102 -21.34 72.91 -2.40
N ALA TA 103 -20.23 73.41 -1.87
CA ALA TA 103 -19.03 73.55 -2.68
C ALA TA 103 -18.55 72.21 -3.22
N LYS TA 104 -18.84 71.12 -2.51
CA LYS TA 104 -18.44 69.79 -2.93
C LYS TA 104 -19.65 69.07 -3.51
N PHE TA 105 -19.46 68.48 -4.68
CA PHE TA 105 -20.52 67.83 -5.41
C PHE TA 105 -20.48 66.32 -5.18
N LYS TA 106 -21.60 65.66 -5.48
CA LYS TA 106 -21.68 64.23 -5.24
C LYS TA 106 -20.61 63.48 -6.01
N ALA TA 107 -20.11 62.42 -5.40
CA ALA TA 107 -19.04 61.66 -6.02
C ALA TA 107 -18.99 60.27 -5.42
N LYS TA 108 -18.27 59.39 -6.10
CA LYS TA 108 -17.96 58.05 -5.65
C LYS TA 108 -16.45 57.95 -5.52
N TYR TA 109 -15.98 57.43 -4.39
CA TYR TA 109 -14.57 57.34 -4.07
C TYR TA 109 -14.19 55.88 -3.97
N PHE TA 110 -13.07 55.52 -4.57
CA PHE TA 110 -12.61 54.15 -4.47
C PHE TA 110 -11.12 54.06 -4.73
N GLN TA 111 -10.47 53.17 -4.00
CA GLN TA 111 -9.03 53.04 -4.02
C GLN TA 111 -8.64 51.66 -4.55
N GLY TA 112 -7.77 51.65 -5.54
CA GLY TA 112 -7.30 50.41 -6.13
C GLY TA 112 -6.14 50.70 -7.06
N PHE TA 113 -5.79 49.69 -7.83
CA PHE TA 113 -4.69 49.83 -8.78
C PHE TA 113 -5.22 50.06 -10.18
N HIS TA 114 -4.34 50.57 -11.03
CA HIS TA 114 -4.59 50.60 -12.46
C HIS TA 114 -4.21 49.27 -13.04
N ASN TA 115 -5.19 48.56 -13.59
CA ASN TA 115 -4.94 47.21 -14.08
C ASN TA 115 -4.44 47.18 -15.50
N LYS TA 116 -4.54 48.27 -16.24
CA LYS TA 116 -4.07 48.22 -17.61
C LYS TA 116 -3.96 49.60 -18.21
N PHE TA 117 -2.96 49.75 -19.09
CA PHE TA 117 -2.75 50.93 -19.91
C PHE TA 117 -2.47 50.47 -21.33
N GLU TA 118 -3.12 51.11 -22.29
CA GLU TA 118 -2.91 50.78 -23.70
C GLU TA 118 -3.15 52.04 -24.50
N LEU TA 119 -2.09 52.61 -25.06
CA LEU TA 119 -2.25 53.74 -25.96
C LEU TA 119 -2.17 53.27 -27.40
N LYS TA 120 -2.42 54.21 -28.30
CA LYS TA 120 -2.63 53.87 -29.70
C LYS TA 120 -2.40 55.12 -30.54
N ALA TA 121 -1.78 54.91 -31.68
CA ALA TA 121 -1.43 55.97 -32.61
C ALA TA 121 -2.07 55.69 -33.96
N GLU TA 122 -2.18 56.73 -34.77
CA GLU TA 122 -2.78 56.61 -36.10
C GLU TA 122 -2.28 57.77 -36.94
N ALA TA 123 -1.56 57.45 -38.02
CA ALA TA 123 -0.97 58.47 -38.87
C ALA TA 123 -1.94 59.62 -39.10
N ASN TA 124 -1.47 60.84 -38.85
CA ASN TA 124 -2.29 62.03 -38.99
C ASN TA 124 -3.49 61.97 -38.04
N GLY TA 125 -3.18 61.88 -36.76
CA GLY TA 125 -4.20 61.85 -35.75
C GLY TA 125 -3.55 61.87 -34.37
N ILE TA 126 -4.33 62.31 -33.41
CA ILE TA 126 -3.83 62.42 -32.04
C ILE TA 126 -3.87 61.05 -31.38
N ASP TA 127 -2.82 60.75 -30.63
CA ASP TA 127 -2.73 59.46 -29.97
C ASP TA 127 -3.66 59.40 -28.78
N GLU TA 128 -4.27 58.24 -28.58
CA GLU TA 128 -5.26 58.05 -27.53
C GLU TA 128 -4.81 56.95 -26.60
N TYR TA 129 -4.96 57.18 -25.30
CA TYR TA 129 -4.60 56.21 -24.28
C TYR TA 129 -5.83 55.76 -23.53
N GLU TA 130 -5.98 54.45 -23.38
CA GLU TA 130 -7.04 53.85 -22.60
C GLU TA 130 -6.46 53.22 -21.34
N TYR TA 131 -7.26 53.20 -20.29
CA TYR TA 131 -6.83 52.67 -19.01
C TYR TA 131 -7.98 51.93 -18.37
N GLU TA 132 -7.64 50.83 -17.71
CA GLU TA 132 -8.57 50.06 -16.90
C GLU TA 132 -8.07 50.06 -15.47
N TYR TA 133 -8.98 50.40 -14.55
CA TYR TA 133 -8.67 50.56 -13.14
C TYR TA 133 -9.58 49.62 -12.35
N GLY TA 134 -8.96 48.78 -11.51
CA GLY TA 134 -9.71 47.92 -10.61
C GLY TA 134 -9.92 48.63 -9.29
N VAL TA 135 -11.16 48.59 -8.81
CA VAL TA 135 -11.56 49.44 -7.68
C VAL TA 135 -11.15 48.89 -6.33
N ASN TA 136 -10.98 47.58 -6.22
CA ASN TA 136 -10.53 46.95 -4.98
C ASN TA 136 -11.48 47.28 -3.83
N GLY TA 137 -12.70 46.79 -3.98
CA GLY TA 137 -13.64 46.70 -2.88
C GLY TA 137 -14.84 47.60 -3.06
N ARG TA 138 -15.52 47.82 -1.94
CA ARG TA 138 -16.71 48.65 -1.94
C ARG TA 138 -16.36 50.09 -2.29
N PHE TA 139 -17.22 50.72 -3.07
CA PHE TA 139 -17.03 52.10 -3.49
C PHE TA 139 -17.87 52.98 -2.59
N GLN TA 140 -17.23 53.97 -1.98
CA GLN TA 140 -17.93 54.81 -1.02
C GLN TA 140 -18.56 56.00 -1.71
N ARG TA 141 -19.55 56.58 -1.05
CA ARG TA 141 -20.29 57.71 -1.59
C ARG TA 141 -20.15 58.90 -0.66
N GLY TA 142 -20.45 60.07 -1.20
CA GLY TA 142 -20.40 61.31 -0.46
C GLY TA 142 -20.21 62.47 -1.42
N PHE TA 143 -19.56 63.53 -0.98
CA PHE TA 143 -19.30 64.67 -1.83
C PHE TA 143 -17.83 65.04 -1.74
N ALA TA 144 -17.33 65.63 -2.81
CA ALA TA 144 -15.93 65.98 -2.95
C ALA TA 144 -15.82 67.32 -3.66
N THR TA 145 -14.73 68.01 -3.37
CA THR TA 145 -14.51 69.36 -3.85
C THR TA 145 -13.54 69.34 -5.02
N LEU TA 146 -13.82 70.16 -6.03
CA LEU TA 146 -12.96 70.21 -7.20
C LEU TA 146 -11.79 71.17 -6.96
N PRO TA 147 -10.73 71.03 -7.74
CA PRO TA 147 -9.64 72.02 -7.68
C PRO TA 147 -9.82 73.11 -8.72
N GLU TA 148 -9.36 74.30 -8.36
CA GLU TA 148 -9.31 75.43 -9.28
C GLU TA 148 -10.67 75.73 -9.90
N ALA TA 149 -11.76 75.37 -9.22
CA ALA TA 149 -13.11 75.68 -9.63
C ALA TA 149 -13.49 75.05 -10.96
N VAL TA 150 -12.68 74.11 -11.46
CA VAL TA 150 -12.99 73.42 -12.70
C VAL TA 150 -12.54 71.98 -12.60
N MET UA 4 -34.90 7.53 -16.22
CA MET UA 4 -36.16 8.24 -16.27
C MET UA 4 -36.65 8.61 -14.88
N LYS UA 5 -35.73 8.86 -13.96
CA LYS UA 5 -36.04 9.14 -12.57
C LYS UA 5 -35.12 10.23 -12.05
N ASN UA 6 -35.70 11.37 -11.69
CA ASN UA 6 -34.93 12.46 -11.11
C ASN UA 6 -34.66 12.17 -9.65
N SER UA 7 -33.43 12.43 -9.21
CA SER UA 7 -33.03 12.07 -7.86
C SER UA 7 -33.78 12.89 -6.82
N ASN UA 8 -34.07 14.16 -7.13
CA ASN UA 8 -34.83 15.01 -6.23
C ASN UA 8 -35.97 14.23 -5.59
N ASP UA 9 -36.52 13.28 -6.34
CA ASP UA 9 -37.66 12.52 -5.85
C ASP UA 9 -37.32 11.77 -4.58
N ARG UA 10 -36.19 11.08 -4.55
CA ARG UA 10 -35.82 10.32 -3.36
C ARG UA 10 -35.66 11.26 -2.17
N ILE UA 11 -36.01 10.75 -1.01
CA ILE UA 11 -36.04 11.53 0.22
C ILE UA 11 -35.40 10.69 1.30
N ILE UA 12 -34.72 11.36 2.22
CA ILE UA 12 -34.03 10.71 3.32
C ILE UA 12 -34.73 11.04 4.62
N LEU UA 13 -34.89 10.03 5.46
CA LEU UA 13 -35.47 10.20 6.77
C LEU UA 13 -34.53 9.60 7.79
N PHE UA 14 -34.37 10.29 8.92
CA PHE UA 14 -33.49 9.84 9.97
C PHE UA 14 -34.25 9.78 11.28
N ARG UA 15 -33.66 9.07 12.23
CA ARG UA 15 -34.20 9.03 13.59
C ARG UA 15 -33.19 8.38 14.48
N LYS UA 16 -33.19 8.78 15.74
CA LYS UA 16 -32.37 8.14 16.74
C LYS UA 16 -33.16 7.02 17.39
N ALA UA 17 -32.53 5.86 17.53
CA ALA UA 17 -33.27 4.63 17.78
C ALA UA 17 -34.14 4.74 19.02
N GLY UA 18 -33.51 4.90 20.18
CA GLY UA 18 -34.26 4.91 21.42
C GLY UA 18 -34.96 6.23 21.66
N GLU UA 19 -35.57 6.78 20.61
CA GLU UA 19 -36.33 8.00 20.69
C GLU UA 19 -37.67 7.75 20.02
N LYS UA 20 -38.74 7.99 20.75
CA LYS UA 20 -40.10 7.74 20.28
C LYS UA 20 -40.63 9.05 19.75
N VAL UA 21 -40.18 9.40 18.54
CA VAL UA 21 -40.63 10.59 17.83
C VAL UA 21 -40.67 10.27 16.34
N ASP UA 22 -41.14 11.24 15.57
CA ASP UA 22 -41.23 11.04 14.14
C ASP UA 22 -39.89 11.40 13.49
N ALA UA 23 -39.71 10.93 12.28
CA ALA UA 23 -38.43 11.06 11.62
C ALA UA 23 -38.11 12.51 11.32
N THR UA 24 -36.89 12.72 10.84
CA THR UA 24 -36.36 14.03 10.53
C THR UA 24 -35.73 13.99 9.16
N LYS UA 25 -36.33 14.69 8.22
CA LYS UA 25 -35.76 14.75 6.88
C LYS UA 25 -34.38 15.38 6.94
N MET UA 26 -33.59 15.10 5.91
CA MET UA 26 -32.27 15.68 5.77
C MET UA 26 -32.31 16.66 4.60
N LEU UA 27 -32.17 17.94 4.91
CA LEU UA 27 -32.34 18.97 3.90
C LEU UA 27 -31.01 19.29 3.23
N PHE UA 28 -31.10 19.70 1.97
CA PHE UA 28 -29.99 20.29 1.25
C PHE UA 28 -28.82 19.32 1.11
N LEU UA 29 -29.12 18.06 0.84
CA LEU UA 29 -28.08 17.13 0.48
C LEU UA 29 -27.87 17.19 -1.02
N THR UA 30 -26.63 17.47 -1.43
CA THR UA 30 -26.34 17.59 -2.85
C THR UA 30 -26.12 16.23 -3.48
N GLU UA 31 -25.07 15.56 -3.05
CA GLU UA 31 -24.76 14.24 -3.57
C GLU UA 31 -25.35 13.18 -2.66
N TYR UA 32 -25.11 11.92 -3.01
CA TYR UA 32 -25.64 10.80 -2.28
C TYR UA 32 -25.12 9.54 -2.91
N GLY UA 33 -25.06 8.47 -2.12
CA GLY UA 33 -24.47 7.24 -2.57
C GLY UA 33 -24.80 6.14 -1.59
N LEU UA 34 -24.81 4.92 -2.10
CA LEU UA 34 -25.21 3.78 -1.30
C LEU UA 34 -24.51 2.55 -1.86
N SER UA 35 -23.41 2.17 -1.23
CA SER UA 35 -22.58 1.07 -1.71
C SER UA 35 -22.85 -0.18 -0.90
N HIS UA 36 -23.10 -1.28 -1.61
CA HIS UA 36 -23.30 -2.59 -1.00
C HIS UA 36 -22.17 -3.48 -1.48
N GLU UA 37 -21.02 -3.39 -0.82
CA GLU UA 37 -19.93 -4.27 -1.14
C GLU UA 37 -20.23 -5.69 -0.68
N ALA UA 38 -19.34 -6.60 -1.04
CA ALA UA 38 -19.44 -7.97 -0.60
C ALA UA 38 -18.06 -8.59 -0.54
N ASP UA 39 -17.89 -9.51 0.39
CA ASP UA 39 -16.67 -10.29 0.54
C ASP UA 39 -17.06 -11.75 0.41
N THR UA 40 -16.59 -12.39 -0.66
CA THR UA 40 -16.99 -13.74 -1.00
C THR UA 40 -16.21 -14.74 -0.16
N ASP UA 41 -16.85 -15.29 0.87
CA ASP UA 41 -16.27 -16.39 1.62
C ASP UA 41 -16.40 -17.62 0.72
N THR UA 42 -15.42 -17.77 -0.17
CA THR UA 42 -15.38 -18.83 -1.15
C THR UA 42 -14.22 -19.77 -0.82
N GLU UA 43 -14.49 -21.06 -0.90
CA GLU UA 43 -13.48 -22.09 -0.72
C GLU UA 43 -13.45 -22.95 -1.96
N ASP UA 44 -12.28 -23.04 -2.58
CA ASP UA 44 -12.12 -23.72 -3.85
C ASP UA 44 -11.41 -25.05 -3.62
N THR UA 45 -12.06 -26.13 -4.04
CA THR UA 45 -11.42 -27.42 -4.01
C THR UA 45 -10.23 -27.43 -4.94
N MET UA 46 -9.49 -28.54 -4.89
CA MET UA 46 -8.43 -28.76 -5.85
C MET UA 46 -8.95 -29.33 -7.15
N ASP UA 47 -10.24 -29.63 -7.23
CA ASP UA 47 -10.85 -30.15 -8.45
C ASP UA 47 -12.21 -29.52 -8.65
N GLY UA 48 -12.29 -28.22 -8.44
CA GLY UA 48 -13.56 -27.52 -8.58
C GLY UA 48 -13.46 -26.13 -8.00
N SER UA 49 -14.62 -25.60 -7.63
CA SER UA 49 -14.69 -24.33 -6.94
C SER UA 49 -16.05 -24.21 -6.30
N TYR UA 50 -16.13 -23.32 -5.31
CA TYR UA 50 -17.36 -23.17 -4.55
C TYR UA 50 -17.36 -21.80 -3.89
N ASN UA 51 -18.55 -21.26 -3.73
CA ASN UA 51 -18.79 -20.12 -2.86
C ASN UA 51 -19.66 -20.59 -1.73
N THR UA 52 -19.30 -20.22 -0.51
CA THR UA 52 -20.02 -20.62 0.68
C THR UA 52 -20.87 -19.50 1.25
N GLY UA 53 -20.26 -18.34 1.47
CA GLY UA 53 -21.00 -17.26 2.09
C GLY UA 53 -20.52 -15.92 1.63
N GLY UA 54 -21.05 -14.88 2.27
CA GLY UA 54 -20.65 -13.54 1.95
C GLY UA 54 -20.81 -12.59 3.11
N SER UA 55 -19.74 -11.87 3.42
CA SER UA 55 -19.78 -10.84 4.43
C SER UA 55 -19.94 -9.49 3.75
N VAL UA 56 -21.03 -8.85 3.99
CA VAL UA 56 -21.36 -7.59 3.35
C VAL UA 56 -20.75 -6.44 4.14
N GLU UA 57 -20.52 -5.32 3.45
CA GLU UA 57 -19.97 -4.13 4.06
C GLU UA 57 -20.73 -2.91 3.59
N SER UA 58 -22.06 -3.00 3.63
CA SER UA 58 -22.92 -1.93 3.15
C SER UA 58 -22.57 -0.60 3.80
N THR UA 59 -22.97 0.49 3.15
CA THR UA 59 -22.81 1.81 3.73
C THR UA 59 -23.46 2.82 2.81
N MET UA 60 -23.65 4.03 3.31
CA MET UA 60 -24.26 5.10 2.54
C MET UA 60 -23.55 6.41 2.83
N SER UA 61 -23.35 7.19 1.78
CA SER UA 61 -22.63 8.43 1.86
C SER UA 61 -23.52 9.57 1.41
N GLY UA 62 -23.30 10.75 1.98
CA GLY UA 62 -24.08 11.90 1.61
C GLY UA 62 -23.34 13.18 1.90
N THR UA 63 -23.75 14.24 1.21
CA THR UA 63 -23.31 15.59 1.50
C THR UA 63 -24.50 16.44 1.93
N ALA UA 64 -24.18 17.67 2.32
CA ALA UA 64 -25.20 18.59 2.82
C ALA UA 64 -24.55 19.97 2.90
N LYS UA 65 -25.37 20.97 3.23
CA LYS UA 65 -24.97 22.35 3.05
C LYS UA 65 -25.13 23.25 4.27
N MET UA 66 -25.61 22.74 5.40
CA MET UA 66 -25.48 23.44 6.68
C MET UA 66 -26.17 24.80 6.65
N PHE UA 67 -27.48 24.78 6.55
CA PHE UA 67 -28.24 26.01 6.66
C PHE UA 67 -28.56 26.34 8.12
N TYR UA 68 -28.73 27.63 8.37
CA TYR UA 68 -28.88 28.11 9.75
C TYR UA 68 -30.03 27.42 10.46
N GLY UA 69 -31.11 27.14 9.73
CA GLY UA 69 -32.37 26.83 10.39
C GLY UA 69 -32.29 25.61 11.28
N ASP UA 70 -31.73 24.52 10.76
CA ASP UA 70 -31.75 23.24 11.43
C ASP UA 70 -30.42 22.94 12.10
N ASP UA 71 -30.50 22.28 13.25
CA ASP UA 71 -29.34 21.87 14.01
C ASP UA 71 -29.04 20.39 13.83
N PHE UA 72 -29.61 19.78 12.80
CA PHE UA 72 -29.51 18.34 12.67
C PHE UA 72 -28.06 17.89 12.50
N ALA UA 73 -27.33 18.58 11.62
CA ALA UA 73 -25.94 18.22 11.40
C ALA UA 73 -25.20 18.10 12.72
N ASP UA 74 -25.55 18.92 13.70
CA ASP UA 74 -24.95 18.81 15.01
C ASP UA 74 -25.28 17.46 15.63
N GLU UA 75 -26.50 16.97 15.41
CA GLU UA 75 -26.86 15.66 15.94
C GLU UA 75 -26.04 14.57 15.27
N ILE UA 76 -25.86 14.69 13.96
CA ILE UA 76 -25.03 13.72 13.26
C ILE UA 76 -23.64 13.69 13.85
N GLU UA 77 -23.08 14.87 14.09
CA GLU UA 77 -21.74 14.97 14.63
C GLU UA 77 -21.66 14.34 16.01
N ASP UA 78 -22.62 14.70 16.87
CA ASP UA 78 -22.69 14.09 18.18
C ASP UA 78 -22.73 12.58 18.08
N ALA UA 79 -23.43 12.06 17.07
CA ALA UA 79 -23.46 10.62 16.87
C ALA UA 79 -22.07 10.09 16.56
N VAL UA 80 -21.46 10.62 15.51
CA VAL UA 80 -20.15 10.14 15.09
C VAL UA 80 -19.20 10.10 16.27
N VAL UA 81 -19.21 11.14 17.10
CA VAL UA 81 -18.22 11.23 18.15
C VAL UA 81 -18.64 10.39 19.35
N ASP UA 82 -19.93 10.20 19.54
CA ASP UA 82 -20.47 9.50 20.68
C ASP UA 82 -20.96 8.10 20.34
N ARG UA 83 -20.93 7.71 19.08
CA ARG UA 83 -21.27 6.35 18.68
C ARG UA 83 -22.71 6.02 19.04
N VAL UA 84 -23.62 6.83 18.54
CA VAL UA 84 -25.04 6.65 18.80
C VAL UA 84 -25.65 5.89 17.64
N LEU UA 85 -26.54 4.95 17.96
CA LEU UA 85 -27.18 4.16 16.94
C LEU UA 85 -28.33 4.93 16.32
N TYR UA 86 -28.31 5.03 15.00
CA TYR UA 86 -29.32 5.74 14.26
C TYR UA 86 -29.97 4.82 13.25
N GLU UA 87 -31.27 5.01 13.07
CA GLU UA 87 -32.04 4.30 12.08
C GLU UA 87 -32.47 5.28 11.02
N ALA UA 88 -32.20 4.95 9.77
CA ALA UA 88 -32.38 5.85 8.65
C ALA UA 88 -33.01 5.08 7.51
N TRP UA 89 -33.90 5.73 6.77
CA TRP UA 89 -34.39 5.13 5.55
C TRP UA 89 -34.63 6.16 4.47
N GLU UA 90 -34.20 5.82 3.26
CA GLU UA 90 -34.56 6.54 2.06
C GLU UA 90 -35.93 6.04 1.65
N VAL UA 91 -36.86 6.97 1.51
CA VAL UA 91 -38.24 6.66 1.18
C VAL UA 91 -38.51 7.38 -0.13
N GLU UA 92 -38.53 6.62 -1.21
CA GLU UA 92 -38.68 7.22 -2.54
C GLU UA 92 -40.08 7.78 -2.70
N SER UA 93 -40.14 9.06 -3.05
CA SER UA 93 -41.41 9.67 -3.35
C SER UA 93 -41.88 9.25 -4.73
N ARG UA 94 -43.15 9.47 -5.00
CA ARG UA 94 -43.73 9.21 -6.31
C ARG UA 94 -43.64 7.73 -6.67
N ILE UA 95 -43.65 6.87 -5.66
CA ILE UA 95 -43.80 5.43 -5.86
C ILE UA 95 -44.64 4.90 -4.72
N PRO UA 96 -45.93 5.10 -4.74
CA PRO UA 96 -46.76 4.75 -3.60
C PRO UA 96 -47.10 3.27 -3.53
N GLY UA 97 -47.87 2.89 -2.51
CA GLY UA 97 -48.26 1.52 -2.36
C GLY UA 97 -49.19 1.06 -3.47
N LYS UA 98 -49.29 -0.27 -3.59
CA LYS UA 98 -50.09 -0.89 -4.63
C LYS UA 98 -51.44 -1.38 -4.12
N ASN UA 99 -51.45 -2.22 -3.09
CA ASN UA 99 -52.65 -2.88 -2.60
C ASN UA 99 -53.01 -2.27 -1.25
N GLY UA 100 -54.13 -1.56 -1.20
CA GLY UA 100 -54.57 -0.98 0.05
C GLY UA 100 -53.51 -0.10 0.69
N ASP UA 101 -52.72 0.58 -0.12
CA ASP UA 101 -51.65 1.43 0.38
C ASP UA 101 -51.45 2.57 -0.59
N SER UA 102 -51.74 3.78 -0.14
CA SER UA 102 -51.65 4.96 -0.99
C SER UA 102 -50.76 6.03 -0.41
N ALA UA 103 -50.78 6.24 0.90
CA ALA UA 103 -49.91 7.22 1.52
C ALA UA 103 -48.53 6.66 1.79
N LYS UA 104 -48.41 5.34 1.85
CA LYS UA 104 -47.11 4.74 2.05
C LYS UA 104 -46.29 4.84 0.77
N PHE UA 105 -44.98 4.82 0.93
CA PHE UA 105 -44.05 4.99 -0.17
C PHE UA 105 -42.93 3.96 -0.06
N LYS UA 106 -42.42 3.58 -1.22
CA LYS UA 106 -41.33 2.61 -1.27
C LYS UA 106 -40.16 3.11 -0.43
N ALA UA 107 -39.32 2.20 0.03
CA ALA UA 107 -38.31 2.58 1.00
C ALA UA 107 -37.18 1.55 1.08
N LYS UA 108 -36.17 1.92 1.85
CA LYS UA 108 -35.03 1.06 2.20
C LYS UA 108 -34.61 1.47 3.61
N TYR UA 109 -34.93 0.63 4.59
CA TYR UA 109 -34.71 0.95 5.99
C TYR UA 109 -33.47 0.25 6.50
N PHE UA 110 -32.57 1.01 7.12
CA PHE UA 110 -31.36 0.41 7.66
C PHE UA 110 -30.86 1.19 8.85
N GLN UA 111 -30.21 0.46 9.75
CA GLN UA 111 -29.72 0.97 11.02
C GLN UA 111 -28.21 0.84 11.07
N GLY UA 112 -27.59 1.73 11.83
CA GLY UA 112 -26.16 1.61 12.05
C GLY UA 112 -25.62 2.71 12.91
N PHE UA 113 -24.32 2.93 12.79
CA PHE UA 113 -23.65 4.06 13.40
C PHE UA 113 -22.96 4.86 12.33
N HIS UA 114 -22.86 6.17 12.56
CA HIS UA 114 -22.22 7.08 11.63
C HIS UA 114 -20.72 6.97 11.79
N ASN UA 115 -20.08 6.29 10.85
CA ASN UA 115 -18.67 5.98 11.02
C ASN UA 115 -17.79 7.14 10.57
N LYS UA 116 -18.38 8.14 9.91
CA LYS UA 116 -17.59 9.29 9.52
C LYS UA 116 -18.45 10.52 9.26
N PHE UA 117 -17.86 11.67 9.54
CA PHE UA 117 -18.47 12.97 9.33
C PHE UA 117 -17.37 14.00 9.21
N GLU UA 118 -17.52 14.91 8.26
CA GLU UA 118 -16.43 15.82 7.94
C GLU UA 118 -16.97 16.98 7.13
N LEU UA 119 -16.78 18.19 7.61
CA LEU UA 119 -17.25 19.34 6.85
C LEU UA 119 -16.09 20.04 6.17
N LYS UA 120 -16.44 21.08 5.42
CA LYS UA 120 -15.48 21.87 4.70
C LYS UA 120 -16.14 23.17 4.30
N ALA UA 121 -15.31 24.20 4.15
CA ALA UA 121 -15.81 25.54 3.91
C ALA UA 121 -14.69 26.40 3.35
N GLU UA 122 -15.05 27.26 2.42
CA GLU UA 122 -14.11 28.18 1.80
C GLU UA 122 -14.63 29.60 1.87
N ALA UA 123 -13.78 30.52 1.47
CA ALA UA 123 -14.13 31.93 1.56
C ALA UA 123 -15.39 32.23 0.75
N ASN UA 124 -16.22 33.12 1.27
CA ASN UA 124 -17.46 33.53 0.65
C ASN UA 124 -18.14 32.33 0.01
N GLY UA 125 -18.11 31.22 0.71
CA GLY UA 125 -18.70 30.00 0.21
C GLY UA 125 -19.58 29.36 1.27
N ILE UA 126 -20.69 28.78 0.82
CA ILE UA 126 -21.49 27.96 1.69
C ILE UA 126 -20.63 26.86 2.29
N ASP UA 127 -20.93 26.51 3.53
CA ASP UA 127 -20.14 25.54 4.28
C ASP UA 127 -20.86 24.21 4.22
N GLU UA 128 -20.26 23.26 3.53
CA GLU UA 128 -20.90 21.98 3.29
C GLU UA 128 -20.25 20.91 4.15
N TYR UA 129 -20.80 19.71 4.07
CA TYR UA 129 -20.19 18.60 4.77
C TYR UA 129 -20.59 17.29 4.12
N GLU UA 130 -19.92 16.24 4.58
CA GLU UA 130 -19.99 14.91 4.02
C GLU UA 130 -19.98 13.91 5.16
N TYR UA 131 -20.89 12.97 5.12
CA TYR UA 131 -21.03 11.95 6.15
C TYR UA 131 -21.14 10.58 5.52
N GLU UA 132 -20.47 9.62 6.13
CA GLU UA 132 -20.54 8.23 5.73
C GLU UA 132 -21.09 7.42 6.90
N TYR UA 133 -22.10 6.63 6.62
CA TYR UA 133 -22.91 5.95 7.62
C TYR UA 133 -22.89 4.47 7.34
N GLY UA 134 -22.53 3.69 8.35
CA GLY UA 134 -22.55 2.25 8.20
C GLY UA 134 -23.96 1.71 8.17
N VAL UA 135 -24.04 0.40 7.99
CA VAL UA 135 -25.30 -0.31 7.90
C VAL UA 135 -25.13 -1.63 8.63
N ASN UA 136 -25.88 -1.81 9.72
CA ASN UA 136 -25.77 -3.03 10.49
C ASN UA 136 -26.44 -4.17 9.75
N GLY UA 137 -25.64 -5.06 9.19
CA GLY UA 137 -26.18 -6.26 8.60
C GLY UA 137 -26.90 -5.96 7.30
N ARG UA 138 -28.04 -6.60 7.13
CA ARG UA 138 -28.85 -6.44 5.94
C ARG UA 138 -29.90 -5.38 6.20
N PHE UA 139 -30.21 -4.61 5.17
CA PHE UA 139 -31.30 -3.68 5.31
C PHE UA 139 -32.62 -4.35 5.00
N GLN UA 140 -33.69 -3.66 5.30
CA GLN UA 140 -35.03 -4.16 5.04
C GLN UA 140 -35.79 -3.15 4.21
N ARG UA 141 -36.51 -3.66 3.21
CA ARG UA 141 -37.34 -2.85 2.35
C ARG UA 141 -38.79 -3.03 2.75
N GLY UA 142 -39.59 -2.02 2.48
CA GLY UA 142 -40.98 -2.06 2.84
C GLY UA 142 -41.62 -0.70 2.72
N PHE UA 143 -42.87 -0.67 2.27
CA PHE UA 143 -43.53 0.59 2.07
C PHE UA 143 -43.70 1.34 3.39
N ALA UA 144 -43.23 2.57 3.41
CA ALA UA 144 -43.22 3.41 4.59
C ALA UA 144 -44.09 4.63 4.36
N THR UA 145 -44.68 5.13 5.44
CA THR UA 145 -45.43 6.36 5.38
C THR UA 145 -44.57 7.50 5.89
N LEU UA 146 -44.86 8.67 5.43
CA LEU UA 146 -44.09 9.82 5.86
C LEU UA 146 -44.83 10.54 6.98
N PRO UA 147 -44.10 11.30 7.79
CA PRO UA 147 -44.74 12.13 8.80
C PRO UA 147 -45.17 13.46 8.22
N GLU UA 148 -46.22 14.02 8.82
CA GLU UA 148 -46.80 15.25 8.31
C GLU UA 148 -45.73 16.30 8.04
N ALA UA 149 -44.78 16.44 8.95
CA ALA UA 149 -43.75 17.45 8.81
C ALA UA 149 -43.04 17.31 7.48
N VAL UA 150 -42.61 16.10 7.14
CA VAL UA 150 -41.89 15.90 5.90
C VAL UA 150 -42.79 16.19 4.72
N THR UA 151 -44.07 15.86 4.84
CA THR UA 151 -44.99 16.08 3.73
C THR UA 151 -45.09 17.56 3.41
N LYS UA 152 -45.29 18.39 4.43
CA LYS UA 152 -45.44 19.82 4.16
C LYS UA 152 -44.13 20.41 3.63
N LYS UA 153 -42.99 19.90 4.10
CA LYS UA 153 -41.72 20.37 3.57
C LYS UA 153 -41.57 20.01 2.10
N LEU UA 154 -42.05 18.82 1.73
CA LEU UA 154 -41.85 18.36 0.36
C LEU UA 154 -42.41 19.36 -0.65
N LYS UA 155 -43.52 20.02 -0.30
CA LYS UA 155 -44.12 20.99 -1.21
C LYS UA 155 -43.12 22.07 -1.61
N ALA UA 156 -42.65 22.84 -0.63
CA ALA UA 156 -41.52 23.74 -0.82
C ALA UA 156 -41.77 24.73 -1.96
N THR UA 157 -42.95 25.35 -1.95
CA THR UA 157 -43.23 26.39 -2.92
C THR UA 157 -42.42 27.64 -2.60
N GLY UA 158 -42.13 28.44 -3.63
CA GLY UA 158 -41.23 29.56 -3.46
C GLY UA 158 -41.77 30.92 -3.88
N TYR UA 159 -41.84 31.84 -2.93
CA TYR UA 159 -42.18 33.24 -3.15
C TYR UA 159 -43.39 33.38 -4.09
N ARG UA 160 -44.53 32.94 -3.57
CA ARG UA 160 -45.78 33.14 -4.27
C ARG UA 160 -45.97 34.61 -4.60
N PHE UA 161 -46.89 34.86 -5.53
CA PHE UA 161 -47.17 36.19 -6.03
C PHE UA 161 -47.56 37.15 -4.92
N HIS UA 162 -46.73 38.17 -4.71
CA HIS UA 162 -47.08 39.28 -3.82
C HIS UA 162 -47.53 40.44 -4.69
N ASP UA 163 -47.70 41.62 -4.09
CA ASP UA 163 -48.22 42.77 -4.81
C ASP UA 163 -47.32 43.97 -4.60
N THR UA 164 -47.52 44.99 -5.43
CA THR UA 164 -46.67 46.16 -5.43
C THR UA 164 -47.30 47.31 -4.64
N THR UA 165 -46.52 48.38 -4.52
CA THR UA 165 -46.90 49.62 -3.82
C THR UA 165 -47.61 49.36 -2.49
N LYS UA 166 -46.91 48.64 -1.61
CA LYS UA 166 -47.19 48.54 -0.18
C LYS UA 166 -48.29 47.58 0.21
N GLU UA 167 -48.97 46.93 -0.74
CA GLU UA 167 -49.96 45.93 -0.33
C GLU UA 167 -49.30 44.84 0.49
N ASP UA 168 -48.07 44.47 0.15
CA ASP UA 168 -47.37 43.40 0.83
C ASP UA 168 -45.87 43.54 0.64
N ALA UA 169 -45.12 42.99 1.58
CA ALA UA 169 -43.66 43.01 1.51
C ALA UA 169 -43.17 42.35 0.23
N MET VA 4 -47.76 43.55 -32.26
CA MET VA 4 -48.64 44.71 -32.30
C MET VA 4 -48.38 45.63 -31.12
N LYS VA 5 -47.71 45.12 -30.11
CA LYS VA 5 -47.39 45.90 -28.92
C LYS VA 5 -46.14 46.72 -29.18
N ASN VA 6 -46.26 48.03 -29.04
CA ASN VA 6 -45.07 48.86 -29.05
C ASN VA 6 -44.28 48.62 -27.78
N SER VA 7 -42.97 48.47 -27.93
CA SER VA 7 -42.13 48.11 -26.79
C SER VA 7 -42.37 49.03 -25.61
N ASN VA 8 -42.46 50.33 -25.84
CA ASN VA 8 -42.56 51.27 -24.73
C ASN VA 8 -43.82 51.06 -23.92
N ASP VA 9 -44.71 50.15 -24.35
CA ASP VA 9 -45.84 49.79 -23.51
C ASP VA 9 -45.41 48.93 -22.33
N ARG VA 10 -44.30 48.21 -22.47
CA ARG VA 10 -43.81 47.37 -21.39
C ARG VA 10 -43.25 48.24 -20.28
N ILE VA 11 -43.81 48.13 -19.09
CA ILE VA 11 -43.40 48.91 -17.94
C ILE VA 11 -42.72 47.97 -16.95
N ILE VA 12 -41.72 48.50 -16.25
CA ILE VA 12 -40.78 47.68 -15.51
C ILE VA 12 -40.47 48.35 -14.19
N LEU VA 13 -40.79 47.69 -13.10
CA LEU VA 13 -40.61 48.24 -11.77
C LEU VA 13 -39.69 47.35 -10.94
N PHE VA 14 -39.10 47.96 -9.93
CA PHE VA 14 -38.22 47.27 -8.99
C PHE VA 14 -38.50 47.78 -7.59
N ARG VA 15 -38.09 46.99 -6.61
CA ARG VA 15 -38.03 47.49 -5.25
C ARG VA 15 -37.38 46.45 -4.36
N LYS VA 16 -36.80 46.91 -3.26
CA LYS VA 16 -36.19 46.03 -2.29
C LYS VA 16 -37.26 45.32 -1.48
N ALA VA 17 -36.99 44.05 -1.17
CA ALA VA 17 -37.97 43.27 -0.41
C ALA VA 17 -38.21 43.90 0.96
N GLY VA 18 -37.16 44.36 1.61
CA GLY VA 18 -37.32 44.91 2.95
C GLY VA 18 -38.23 46.13 2.97
N GLU VA 19 -38.06 47.01 2.00
CA GLU VA 19 -38.82 48.27 1.96
C GLU VA 19 -40.18 47.97 1.35
N LYS VA 20 -41.12 47.58 2.21
CA LYS VA 20 -42.47 47.26 1.73
C LYS VA 20 -43.11 48.47 1.09
N VAL VA 21 -42.99 49.62 1.74
CA VAL VA 21 -43.68 50.82 1.27
C VAL VA 21 -43.08 51.29 -0.05
N ASP VA 22 -41.77 51.16 -0.19
CA ASP VA 22 -41.09 51.76 -1.33
C ASP VA 22 -41.64 51.20 -2.64
N ALA VA 23 -41.64 52.05 -3.67
CA ALA VA 23 -42.06 51.67 -5.01
C ALA VA 23 -41.45 52.65 -6.00
N THR VA 24 -41.15 52.16 -7.19
CA THR VA 24 -40.53 53.00 -8.21
C THR VA 24 -40.62 52.28 -9.56
N LYS VA 25 -40.08 52.95 -10.58
CA LYS VA 25 -40.10 52.43 -11.93
C LYS VA 25 -38.81 52.78 -12.63
N MET VA 26 -38.45 51.97 -13.61
CA MET VA 26 -37.29 52.24 -14.45
C MET VA 26 -37.68 53.19 -15.57
N LEU VA 27 -36.79 54.12 -15.89
CA LEU VA 27 -37.09 55.19 -16.82
C LEU VA 27 -36.09 55.22 -17.96
N PHE VA 28 -36.57 55.67 -19.12
CA PHE VA 28 -35.73 55.91 -20.28
C PHE VA 28 -35.06 54.63 -20.76
N LEU VA 29 -35.81 53.54 -20.76
CA LEU VA 29 -35.32 52.32 -21.37
C LEU VA 29 -35.10 52.54 -22.86
N THR VA 30 -34.04 51.94 -23.38
CA THR VA 30 -33.81 51.89 -24.82
C THR VA 30 -33.98 50.48 -25.37
N GLU VA 31 -33.33 49.51 -24.74
CA GLU VA 31 -33.49 48.11 -25.10
C GLU VA 31 -33.60 47.28 -23.83
N TYR VA 32 -34.65 46.46 -23.78
CA TYR VA 32 -34.93 45.59 -22.66
C TYR VA 32 -35.13 44.19 -23.20
N GLY VA 33 -34.52 43.21 -22.54
CA GLY VA 33 -34.58 41.85 -23.02
C GLY VA 33 -34.60 40.82 -21.91
N LEU VA 34 -35.62 39.99 -21.92
CA LEU VA 34 -35.73 38.89 -20.98
C LEU VA 34 -35.20 37.62 -21.61
N SER VA 35 -34.86 36.65 -20.77
CA SER VA 35 -34.26 35.42 -21.27
C SER VA 35 -34.48 34.28 -20.29
N HIS VA 36 -34.79 33.12 -20.86
CA HIS VA 36 -34.87 31.87 -20.12
C HIS VA 36 -34.00 30.86 -20.84
N GLU VA 37 -33.05 30.27 -20.13
CA GLU VA 37 -32.02 29.43 -20.72
C GLU VA 37 -32.11 28.06 -20.07
N ALA VA 38 -32.55 27.08 -20.85
CA ALA VA 38 -32.72 25.73 -20.35
C ALA VA 38 -31.42 24.96 -20.54
N ASP VA 39 -30.93 24.35 -19.46
CA ASP VA 39 -29.73 23.53 -19.51
C ASP VA 39 -30.15 22.08 -19.61
N THR VA 40 -30.15 21.55 -20.83
CA THR VA 40 -30.50 20.17 -21.08
C THR VA 40 -29.41 19.56 -21.96
N ASP VA 41 -28.62 18.68 -21.37
CA ASP VA 41 -27.55 17.97 -22.07
C ASP VA 41 -27.76 16.49 -21.86
N THR VA 42 -28.30 15.82 -22.88
CA THR VA 42 -28.53 14.39 -22.79
C THR VA 42 -27.20 13.65 -22.72
N GLU VA 43 -27.11 12.72 -21.78
CA GLU VA 43 -25.99 11.79 -21.72
C GLU VA 43 -26.44 10.46 -22.31
N ASP VA 44 -25.59 9.88 -23.14
CA ASP VA 44 -26.02 8.81 -24.02
C ASP VA 44 -26.29 7.54 -23.24
N THR VA 45 -27.04 6.64 -23.88
CA THR VA 45 -27.42 5.37 -23.29
C THR VA 45 -27.39 4.31 -24.36
N MET VA 46 -27.09 3.09 -23.94
CA MET VA 46 -26.96 1.99 -24.90
C MET VA 46 -28.29 1.68 -25.55
N ASP VA 47 -29.34 1.60 -24.75
CA ASP VA 47 -30.65 1.26 -25.28
C ASP VA 47 -31.37 2.44 -25.90
N GLY VA 48 -30.92 3.64 -25.63
CA GLY VA 48 -31.54 4.82 -26.21
C GLY VA 48 -30.86 6.10 -25.79
N SER VA 49 -31.67 7.11 -25.45
CA SER VA 49 -31.13 8.36 -24.95
C SER VA 49 -32.17 9.02 -24.08
N TYR VA 50 -31.70 9.73 -23.07
CA TYR VA 50 -32.55 10.43 -22.12
C TYR VA 50 -32.15 11.89 -22.10
N ASN VA 51 -33.14 12.76 -22.09
CA ASN VA 51 -32.92 14.20 -22.10
C ASN VA 51 -33.02 14.71 -20.68
N THR VA 52 -31.89 15.08 -20.11
CA THR VA 52 -31.86 15.55 -18.73
C THR VA 52 -32.66 16.83 -18.58
N GLY VA 53 -33.36 16.96 -17.47
CA GLY VA 53 -34.06 18.19 -17.16
C GLY VA 53 -33.28 19.02 -16.17
N GLY VA 54 -32.61 20.06 -16.66
CA GLY VA 54 -31.74 20.87 -15.84
C GLY VA 54 -32.39 22.18 -15.42
N SER VA 55 -31.72 22.86 -14.50
CA SER VA 55 -32.19 24.15 -14.04
C SER VA 55 -32.22 25.14 -15.20
N VAL VA 56 -32.93 26.23 -14.99
CA VAL VA 56 -33.09 27.29 -15.98
C VAL VA 56 -32.74 28.60 -15.31
N GLU VA 57 -31.64 29.20 -15.72
CA GLU VA 57 -31.17 30.46 -15.16
C GLU VA 57 -31.73 31.58 -16.02
N SER VA 58 -32.92 32.05 -15.66
CA SER VA 58 -33.54 33.16 -16.37
C SER VA 58 -32.95 34.47 -15.88
N THR VA 59 -32.81 35.42 -16.79
CA THR VA 59 -32.24 36.71 -16.46
C THR VA 59 -32.76 37.74 -17.44
N MET VA 60 -32.70 38.99 -17.02
CA MET VA 60 -33.14 40.08 -17.89
C MET VA 60 -32.12 41.20 -17.87
N SER VA 61 -31.87 41.76 -19.05
CA SER VA 61 -30.90 42.84 -19.24
C SER VA 61 -31.62 44.03 -19.84
N GLY VA 62 -31.42 45.18 -19.22
CA GLY VA 62 -32.01 46.41 -19.74
C GLY VA 62 -30.99 47.52 -19.72
N THR VA 63 -31.09 48.38 -20.72
CA THR VA 63 -30.31 49.61 -20.75
C THR VA 63 -31.25 50.79 -20.66
N ALA VA 64 -30.80 51.83 -19.97
CA ALA VA 64 -31.58 53.03 -19.81
C ALA VA 64 -30.66 54.22 -19.68
N LYS VA 65 -31.24 55.41 -19.61
CA LYS VA 65 -30.49 56.63 -19.47
C LYS VA 65 -30.48 57.08 -18.01
N MET VA 66 -29.67 58.08 -17.73
CA MET VA 66 -29.42 58.51 -16.37
C MET VA 66 -29.49 60.03 -16.31
N PHE VA 67 -30.45 60.55 -15.57
CA PHE VA 67 -30.68 62.00 -15.48
C PHE VA 67 -30.56 62.49 -14.05
N TYR VA 68 -30.88 63.76 -13.82
CA TYR VA 68 -30.60 64.42 -12.56
C TYR VA 68 -31.68 64.18 -11.50
N GLY VA 69 -32.93 64.15 -11.91
CA GLY VA 69 -34.01 63.99 -10.95
C GLY VA 69 -34.25 62.56 -10.54
N ASP VA 70 -33.21 61.72 -10.60
CA ASP VA 70 -33.34 60.33 -10.21
C ASP VA 70 -31.99 59.79 -9.76
N ASP VA 71 -32.04 58.92 -8.76
CA ASP VA 71 -30.87 58.22 -8.27
C ASP VA 71 -31.05 56.71 -8.27
N PHE VA 72 -32.20 56.22 -8.72
CA PHE VA 72 -32.50 54.80 -8.72
C PHE VA 72 -31.34 53.98 -9.28
N ALA VA 73 -30.86 54.35 -10.46
CA ALA VA 73 -29.74 53.63 -11.05
C ALA VA 73 -28.58 53.53 -10.06
N ASP VA 74 -28.43 54.54 -9.22
CA ASP VA 74 -27.40 54.48 -8.19
C ASP VA 74 -27.74 53.41 -7.16
N GLU VA 75 -29.02 53.26 -6.83
CA GLU VA 75 -29.41 52.18 -5.93
C GLU VA 75 -29.07 50.83 -6.54
N ILE VA 76 -29.17 50.74 -7.87
CA ILE VA 76 -28.89 49.48 -8.54
C ILE VA 76 -27.40 49.18 -8.49
N GLU VA 77 -26.58 50.16 -8.86
CA GLU VA 77 -25.14 49.97 -8.76
C GLU VA 77 -24.69 49.81 -7.32
N ASP VA 78 -25.55 50.14 -6.36
CA ASP VA 78 -25.28 49.83 -4.98
C ASP VA 78 -25.59 48.37 -4.68
N ALA VA 79 -26.73 47.89 -5.17
CA ALA VA 79 -27.17 46.54 -4.86
C ALA VA 79 -26.23 45.51 -5.46
N VAL VA 80 -25.83 45.71 -6.73
CA VAL VA 80 -24.95 44.73 -7.35
C VAL VA 80 -23.73 44.47 -6.50
N VAL VA 81 -23.28 45.49 -5.77
CA VAL VA 81 -22.09 45.37 -4.95
C VAL VA 81 -22.47 44.79 -3.60
N ASP VA 82 -23.36 45.48 -2.90
CA ASP VA 82 -23.84 44.99 -1.61
C ASP VA 82 -24.61 43.69 -1.73
N ARG VA 83 -24.98 43.30 -2.94
CA ARG VA 83 -25.67 42.03 -3.17
C ARG VA 83 -26.90 41.91 -2.28
N VAL VA 84 -27.70 42.93 -2.33
CA VAL VA 84 -28.98 42.92 -1.64
C VAL VA 84 -30.01 42.30 -2.56
N LEU VA 85 -31.10 41.82 -1.97
CA LEU VA 85 -32.18 41.27 -2.76
C LEU VA 85 -33.05 42.38 -3.30
N TYR VA 86 -33.67 42.11 -4.44
CA TYR VA 86 -34.66 42.98 -5.04
C TYR VA 86 -35.76 42.13 -5.62
N GLU VA 87 -36.84 42.78 -6.02
CA GLU VA 87 -37.92 42.09 -6.70
C GLU VA 87 -38.51 43.03 -7.73
N ALA VA 88 -38.85 42.49 -8.87
CA ALA VA 88 -39.21 43.27 -10.03
C ALA VA 88 -40.50 42.78 -10.66
N TRP VA 89 -41.07 43.70 -11.43
CA TRP VA 89 -42.40 43.59 -12.00
C TRP VA 89 -42.30 43.97 -13.48
N GLU VA 90 -42.58 43.02 -14.34
CA GLU VA 90 -42.65 43.25 -15.78
C GLU VA 90 -44.13 43.29 -16.12
N VAL VA 91 -44.70 44.49 -16.09
CA VAL VA 91 -46.12 44.69 -16.29
C VAL VA 91 -46.35 45.20 -17.70
N GLU VA 92 -47.26 44.55 -18.42
CA GLU VA 92 -47.69 45.05 -19.71
C GLU VA 92 -48.92 45.91 -19.50
N SER VA 93 -48.82 47.18 -19.83
CA SER VA 93 -49.96 48.07 -19.69
C SER VA 93 -50.99 47.76 -20.77
N ARG VA 94 -52.14 48.42 -20.66
CA ARG VA 94 -53.21 48.24 -21.62
C ARG VA 94 -53.72 46.81 -21.62
N ILE VA 95 -53.54 46.12 -20.50
CA ILE VA 95 -54.03 44.77 -20.34
C ILE VA 95 -54.52 44.62 -18.90
N PRO VA 96 -55.78 44.94 -18.64
CA PRO VA 96 -56.27 44.96 -17.26
C PRO VA 96 -56.77 43.62 -16.77
N GLY VA 97 -57.25 43.60 -15.53
CA GLY VA 97 -57.82 42.39 -14.97
C GLY VA 97 -59.07 41.95 -15.71
N LYS VA 98 -59.75 40.95 -15.15
CA LYS VA 98 -60.94 40.38 -15.76
C LYS VA 98 -62.18 40.59 -14.92
N ASN VA 99 -62.06 40.50 -13.60
CA ASN VA 99 -63.20 40.68 -12.71
C ASN VA 99 -62.66 41.29 -11.40
N GLY VA 100 -62.72 42.61 -11.31
CA GLY VA 100 -62.29 43.30 -10.12
C GLY VA 100 -60.82 43.64 -10.05
N ASP VA 101 -60.05 43.28 -11.09
CA ASP VA 101 -58.63 43.58 -11.14
C ASP VA 101 -58.30 44.50 -12.31
N SER VA 102 -59.28 45.28 -12.78
CA SER VA 102 -59.06 46.09 -13.97
C SER VA 102 -58.00 47.16 -13.70
N ALA VA 103 -58.01 47.74 -12.51
CA ALA VA 103 -57.02 48.77 -12.20
C ALA VA 103 -55.60 48.22 -12.29
N LYS VA 104 -55.42 46.92 -12.06
CA LYS VA 104 -54.11 46.29 -12.14
C LYS VA 104 -54.00 45.52 -13.44
N PHE VA 105 -52.90 45.73 -14.15
CA PHE VA 105 -52.67 45.13 -15.45
C PHE VA 105 -51.78 43.91 -15.32
N LYS VA 106 -51.81 43.07 -16.35
CA LYS VA 106 -51.05 41.83 -16.32
C LYS VA 106 -49.57 42.12 -16.11
N ALA VA 107 -48.92 41.23 -15.37
CA ALA VA 107 -47.51 41.42 -15.06
C ALA VA 107 -46.90 40.09 -14.66
N LYS VA 108 -45.57 40.07 -14.69
CA LYS VA 108 -44.77 38.98 -14.19
C LYS VA 108 -43.94 39.47 -13.03
N TYR VA 109 -43.94 38.73 -11.94
CA TYR VA 109 -43.28 39.11 -10.71
C TYR VA 109 -42.16 38.11 -10.43
N PHE VA 110 -40.99 38.62 -10.09
CA PHE VA 110 -39.89 37.73 -9.75
C PHE VA 110 -38.88 38.43 -8.86
N GLN VA 111 -38.33 37.68 -7.92
CA GLN VA 111 -37.44 38.21 -6.90
C GLN VA 111 -36.06 37.59 -7.07
N GLY VA 112 -35.04 38.44 -7.11
CA GLY VA 112 -33.67 37.99 -7.24
C GLY VA 112 -32.74 39.15 -7.02
N PHE VA 113 -31.48 38.94 -7.38
CA PHE VA 113 -30.47 39.96 -7.23
C PHE VA 113 -30.16 40.60 -8.59
N HIS VA 114 -29.60 41.80 -8.52
CA HIS VA 114 -29.02 42.43 -9.69
C HIS VA 114 -27.62 41.86 -9.89
N ASN VA 115 -27.41 41.18 -11.02
CA ASN VA 115 -26.15 40.51 -11.23
C ASN VA 115 -25.10 41.40 -11.87
N LYS VA 116 -25.49 42.55 -12.39
CA LYS VA 116 -24.47 43.40 -13.01
C LYS VA 116 -25.00 44.80 -13.27
N PHE VA 117 -24.09 45.75 -13.18
CA PHE VA 117 -24.32 47.14 -13.53
C PHE VA 117 -23.12 47.61 -14.34
N GLU VA 118 -23.38 48.30 -15.45
CA GLU VA 118 -22.33 48.83 -16.30
C GLU VA 118 -22.85 50.09 -16.96
N LEU VA 119 -22.36 51.24 -16.57
CA LEU VA 119 -22.71 52.47 -17.26
C LEU VA 119 -21.61 52.88 -18.21
N LYS VA 120 -21.89 53.90 -18.99
CA LYS VA 120 -21.05 54.24 -20.12
C LYS VA 120 -21.30 55.69 -20.49
N ALA VA 121 -20.21 56.37 -20.82
CA ALA VA 121 -20.23 57.77 -21.19
C ALA VA 121 -19.67 57.94 -22.59
N GLU VA 122 -19.99 59.08 -23.20
CA GLU VA 122 -19.54 59.37 -24.56
C GLU VA 122 -19.60 60.87 -24.74
N ALA VA 123 -18.44 61.48 -25.01
CA ALA VA 123 -18.34 62.93 -25.12
C ALA VA 123 -19.51 63.49 -25.91
N ASN VA 124 -20.17 64.49 -25.35
CA ASN VA 124 -21.32 65.12 -25.98
C ASN VA 124 -22.44 64.10 -26.18
N GLY VA 125 -22.89 63.54 -25.07
CA GLY VA 125 -23.97 62.58 -25.10
C GLY VA 125 -24.34 62.20 -23.68
N ILE VA 126 -25.56 61.72 -23.55
CA ILE VA 126 -26.08 61.35 -22.23
C ILE VA 126 -25.54 59.98 -21.86
N ASP VA 127 -25.15 59.83 -20.60
CA ASP VA 127 -24.60 58.57 -20.14
C ASP VA 127 -25.71 57.54 -20.00
N GLU VA 128 -25.39 56.29 -20.33
CA GLU VA 128 -26.35 55.20 -20.33
C GLU VA 128 -25.88 54.11 -19.40
N TYR VA 129 -26.78 53.58 -18.59
CA TYR VA 129 -26.48 52.51 -17.67
C TYR VA 129 -27.26 51.26 -18.05
N GLU VA 130 -26.58 50.13 -18.08
CA GLU VA 130 -27.17 48.85 -18.33
C GLU VA 130 -27.09 47.99 -17.08
N TYR VA 131 -28.06 47.12 -16.93
CA TYR VA 131 -28.15 46.26 -15.76
C TYR VA 131 -28.62 44.88 -16.18
N GLU VA 132 -28.08 43.87 -15.51
CA GLU VA 132 -28.50 42.50 -15.66
C GLU VA 132 -28.99 41.99 -14.31
N TYR VA 133 -30.18 41.41 -14.31
CA TYR VA 133 -30.86 40.97 -13.10
C TYR VA 133 -31.16 39.48 -13.24
N GLY VA 134 -30.72 38.71 -12.24
CA GLY VA 134 -31.04 37.29 -12.19
C GLY VA 134 -32.31 37.10 -11.39
N VAL VA 135 -33.21 36.27 -11.94
CA VAL VA 135 -34.57 36.20 -11.41
C VAL VA 135 -34.71 35.29 -10.21
N ASN VA 136 -33.80 34.33 -10.05
CA ASN VA 136 -33.81 33.44 -8.90
C ASN VA 136 -35.14 32.69 -8.78
N GLY VA 137 -35.40 31.89 -9.78
CA GLY VA 137 -36.42 30.87 -9.69
C GLY VA 137 -37.58 31.12 -10.66
N ARG VA 138 -38.68 30.44 -10.36
CA ARG VA 138 -39.88 30.56 -11.16
C ARG VA 138 -40.42 31.97 -11.09
N PHE VA 139 -40.92 32.46 -12.22
CA PHE VA 139 -41.50 33.79 -12.32
C PHE VA 139 -43.01 33.65 -12.24
N GLN VA 140 -43.62 34.37 -11.32
CA GLN VA 140 -45.04 34.24 -11.12
C GLN VA 140 -45.81 35.21 -12.00
N ARG VA 141 -47.07 34.90 -12.24
CA ARG VA 141 -47.93 35.70 -13.08
C ARG VA 141 -49.12 36.20 -12.27
N GLY VA 142 -49.77 37.23 -12.81
CA GLY VA 142 -50.92 37.83 -12.20
C GLY VA 142 -51.08 39.25 -12.68
N PHE VA 143 -51.66 40.11 -11.86
CA PHE VA 143 -51.82 41.51 -12.21
C PHE VA 143 -51.30 42.38 -11.07
N ALA VA 144 -50.86 43.57 -11.45
CA ALA VA 144 -50.25 44.50 -10.52
C ALA VA 144 -50.69 45.92 -10.87
N THR VA 145 -50.67 46.77 -9.87
CA THR VA 145 -51.18 48.12 -9.99
C THR VA 145 -50.02 49.09 -10.11
N LEU VA 146 -50.20 50.10 -10.96
CA LEU VA 146 -49.15 51.09 -11.16
C LEU VA 146 -49.25 52.18 -10.12
N PRO VA 147 -48.17 52.92 -9.89
CA PRO VA 147 -48.25 54.10 -9.03
C PRO VA 147 -48.50 55.37 -9.83
N GLU VA 148 -49.23 56.29 -9.21
CA GLU VA 148 -49.44 57.62 -9.76
C GLU VA 148 -50.07 57.57 -11.16
N ALA VA 149 -50.80 56.50 -11.46
CA ALA VA 149 -51.53 56.36 -12.71
C ALA VA 149 -50.63 56.38 -13.94
N VAL VA 150 -49.32 56.23 -13.74
CA VAL VA 150 -48.38 56.19 -14.85
C VAL VA 150 -47.25 55.24 -14.50
N MET WA 4 -15.56 -1.35 -35.97
CA MET WA 4 -16.69 -1.31 -36.88
C MET WA 4 -17.93 -1.91 -36.25
N LYS WA 5 -18.05 -1.78 -34.93
CA LYS WA 5 -19.16 -2.38 -34.19
C LYS WA 5 -19.64 -1.42 -33.12
N ASN WA 6 -20.90 -1.01 -33.21
CA ASN WA 6 -21.50 -0.15 -32.23
C ASN WA 6 -21.94 -0.96 -31.03
N SER WA 7 -21.60 -0.47 -29.84
CA SER WA 7 -21.87 -1.23 -28.62
C SER WA 7 -23.36 -1.45 -28.42
N ASN WA 8 -24.17 -0.47 -28.78
CA ASN WA 8 -25.62 -0.58 -28.65
C ASN WA 8 -26.08 -1.97 -29.07
N ASP WA 9 -25.39 -2.55 -30.04
CA ASP WA 9 -25.77 -3.85 -30.55
C ASP WA 9 -25.74 -4.90 -29.46
N ARG WA 10 -24.69 -4.92 -28.64
CA ARG WA 10 -24.60 -5.93 -27.61
C ARG WA 10 -25.73 -5.76 -26.61
N ILE WA 11 -26.18 -6.87 -26.06
CA ILE WA 11 -27.33 -6.91 -25.18
C ILE WA 11 -27.00 -7.81 -24.00
N ILE WA 12 -27.59 -7.50 -22.86
CA ILE WA 12 -27.35 -8.21 -21.63
C ILE WA 12 -28.64 -8.89 -21.18
N LEU WA 13 -28.53 -10.14 -20.78
CA LEU WA 13 -29.64 -10.90 -20.27
C LEU WA 13 -29.27 -11.45 -18.91
N PHE WA 14 -30.24 -11.42 -18.00
CA PHE WA 14 -30.01 -11.88 -16.64
C PHE WA 14 -31.07 -12.90 -16.29
N ARG WA 15 -30.79 -13.67 -15.24
CA ARG WA 15 -31.77 -14.59 -14.69
C ARG WA 15 -31.25 -15.11 -13.37
N LYS WA 16 -32.17 -15.43 -12.48
CA LYS WA 16 -31.83 -16.06 -11.23
C LYS WA 16 -31.86 -17.56 -11.40
N ALA WA 17 -30.82 -18.23 -10.90
CA ALA WA 17 -30.56 -19.60 -11.32
C ALA WA 17 -31.74 -20.51 -11.04
N GLY WA 18 -32.13 -20.66 -9.79
CA GLY WA 18 -33.18 -21.58 -9.45
C GLY WA 18 -34.55 -21.03 -9.73
N GLU WA 19 -34.68 -20.33 -10.86
CA GLU WA 19 -35.94 -19.77 -11.30
C GLU WA 19 -36.15 -20.21 -12.74
N LYS WA 20 -37.29 -20.85 -12.99
CA LYS WA 20 -37.62 -21.39 -14.29
C LYS WA 20 -38.49 -20.36 -15.01
N VAL WA 21 -37.84 -19.32 -15.50
CA VAL WA 21 -38.49 -18.28 -16.28
C VAL WA 21 -37.53 -17.80 -17.36
N ASP WA 22 -38.01 -16.91 -18.21
CA ASP WA 22 -37.16 -16.39 -19.26
C ASP WA 22 -36.36 -15.22 -18.74
N ALA WA 23 -35.30 -14.90 -19.46
CA ALA WA 23 -34.33 -13.94 -18.98
C ALA WA 23 -34.95 -12.55 -18.88
N THR WA 24 -34.15 -11.64 -18.35
CA THR WA 24 -34.57 -10.26 -18.14
C THR WA 24 -33.47 -9.36 -18.65
N LYS WA 25 -33.79 -8.57 -19.67
CA LYS WA 25 -32.82 -7.62 -20.18
C LYS WA 25 -32.49 -6.59 -19.12
N MET WA 26 -31.35 -5.95 -19.28
CA MET WA 26 -30.93 -4.87 -18.41
C MET WA 26 -30.98 -3.58 -19.21
N LEU WA 27 -31.90 -2.70 -18.85
CA LEU WA 27 -32.12 -1.51 -19.63
C LEU WA 27 -31.25 -0.36 -19.14
N PHE WA 28 -30.94 0.53 -20.06
CA PHE WA 28 -30.35 1.83 -19.75
C PHE WA 28 -29.01 1.69 -19.05
N LEU WA 29 -28.20 0.76 -19.52
CA LEU WA 29 -26.82 0.67 -19.07
C LEU WA 29 -25.95 1.55 -19.95
N THR WA 30 -25.25 2.49 -19.34
CA THR WA 30 -24.41 3.40 -20.11
C THR WA 30 -23.08 2.75 -20.44
N GLU WA 31 -22.29 2.49 -19.41
CA GLU WA 31 -20.99 1.88 -19.60
C GLU WA 31 -21.11 0.37 -19.45
N TYR WA 32 -19.98 -0.29 -19.64
CA TYR WA 32 -19.93 -1.74 -19.54
C TYR WA 32 -18.49 -2.17 -19.68
N GLY WA 33 -18.16 -3.29 -19.06
CA GLY WA 33 -16.79 -3.75 -19.04
C GLY WA 33 -16.77 -5.20 -18.64
N LEU WA 34 -15.72 -5.88 -19.07
CA LEU WA 34 -15.62 -7.31 -18.85
C LEU WA 34 -14.13 -7.66 -18.79
N SER WA 35 -13.62 -7.82 -17.58
CA SER WA 35 -12.21 -8.05 -17.36
C SER WA 35 -11.98 -9.52 -17.06
N HIS WA 36 -10.99 -10.10 -17.72
CA HIS WA 36 -10.56 -11.46 -17.48
C HIS WA 36 -9.10 -11.41 -17.05
N GLU WA 37 -8.90 -11.21 -15.76
CA GLU WA 37 -7.55 -11.25 -15.23
C GLU WA 37 -7.05 -12.68 -15.16
N ALA WA 38 -5.77 -12.82 -14.89
CA ALA WA 38 -5.16 -14.11 -14.72
C ALA WA 38 -4.02 -14.02 -13.72
N ASP WA 39 -3.82 -15.10 -12.98
CA ASP WA 39 -2.73 -15.24 -12.04
C ASP WA 39 -1.91 -16.45 -12.47
N THR WA 40 -0.69 -16.20 -12.91
CA THR WA 40 0.17 -17.22 -13.49
C THR WA 40 0.81 -18.04 -12.38
N ASP WA 41 0.29 -19.25 -12.15
CA ASP WA 41 0.94 -20.20 -11.27
C ASP WA 41 2.14 -20.73 -12.04
N THR WA 42 3.23 -19.98 -11.96
CA THR WA 42 4.47 -20.29 -12.66
C THR WA 42 5.53 -20.67 -11.66
N GLU WA 43 6.26 -21.74 -11.95
CA GLU WA 43 7.40 -22.17 -11.16
C GLU WA 43 8.62 -22.21 -12.05
N ASP WA 44 9.63 -21.43 -11.68
CA ASP WA 44 10.82 -21.27 -12.49
C ASP WA 44 11.97 -22.05 -11.88
N THR WA 45 12.57 -22.91 -12.68
CA THR WA 45 13.73 -23.64 -12.24
C THR WA 45 14.89 -22.68 -12.02
N MET WA 46 15.96 -23.23 -11.47
CA MET WA 46 17.20 -22.48 -11.39
C MET WA 46 17.97 -22.48 -12.70
N ASP WA 47 17.52 -23.25 -13.68
CA ASP WA 47 18.16 -23.32 -14.98
C ASP WA 47 17.11 -23.34 -16.07
N GLY WA 48 16.09 -22.50 -15.93
CA GLY WA 48 15.04 -22.45 -16.91
C GLY WA 48 13.87 -21.64 -16.39
N SER WA 49 12.71 -21.91 -16.95
CA SER WA 49 11.49 -21.30 -16.47
C SER WA 49 10.32 -22.10 -17.00
N TYR WA 50 9.19 -21.96 -16.33
CA TYR WA 50 8.00 -22.71 -16.68
C TYR WA 50 6.78 -21.98 -16.17
N ASN WA 51 5.73 -21.99 -16.97
CA ASN WA 51 4.40 -21.69 -16.49
C ASN WA 51 3.66 -23.00 -16.37
N THR WA 52 2.86 -23.12 -15.33
CA THR WA 52 2.20 -24.37 -15.00
C THR WA 52 0.69 -24.26 -15.04
N GLY WA 53 0.14 -23.27 -14.36
CA GLY WA 53 -1.31 -23.12 -14.35
C GLY WA 53 -1.70 -21.66 -14.29
N GLY WA 54 -3.01 -21.45 -14.19
CA GLY WA 54 -3.51 -20.10 -14.08
C GLY WA 54 -4.82 -20.03 -13.34
N SER WA 55 -4.88 -19.17 -12.33
CA SER WA 55 -6.11 -18.92 -11.61
C SER WA 55 -6.72 -17.63 -12.13
N VAL WA 56 -7.87 -17.72 -12.69
CA VAL WA 56 -8.52 -16.58 -13.32
C VAL WA 56 -9.38 -15.85 -12.30
N GLU WA 57 -9.61 -14.57 -12.55
CA GLU WA 57 -10.41 -13.73 -11.69
C GLU WA 57 -11.37 -12.90 -12.52
N SER WA 58 -12.04 -13.54 -13.47
CA SER WA 58 -12.93 -12.85 -14.37
C SER WA 58 -13.98 -12.05 -13.62
N THR WA 59 -14.58 -11.08 -14.30
CA THR WA 59 -15.64 -10.29 -13.72
C THR WA 59 -16.16 -9.34 -14.79
N MET WA 60 -17.29 -8.71 -14.49
CA MET WA 60 -17.95 -7.81 -15.42
C MET WA 60 -18.58 -6.66 -14.67
N SER WA 61 -18.38 -5.46 -15.19
CA SER WA 61 -18.86 -4.25 -14.56
C SER WA 61 -19.88 -3.57 -15.48
N GLY WA 62 -20.80 -2.86 -14.86
CA GLY WA 62 -21.81 -2.16 -15.63
C GLY WA 62 -22.40 -1.00 -14.85
N THR WA 63 -22.93 -0.04 -15.58
CA THR WA 63 -23.71 1.03 -15.00
C THR WA 63 -25.15 0.95 -15.53
N ALA WA 64 -25.98 1.84 -15.00
CA ALA WA 64 -27.39 1.87 -15.35
C ALA WA 64 -28.00 3.10 -14.72
N LYS WA 65 -29.29 3.33 -15.02
CA LYS WA 65 -29.89 4.63 -14.80
C LYS WA 65 -31.22 4.65 -14.06
N MET WA 66 -31.72 3.51 -13.60
CA MET WA 66 -32.80 3.48 -12.60
C MET WA 66 -34.05 4.22 -13.08
N PHE WA 67 -34.70 3.66 -14.09
CA PHE WA 67 -35.98 4.20 -14.52
C PHE WA 67 -37.12 3.60 -13.70
N TYR WA 68 -38.18 4.41 -13.54
CA TYR WA 68 -39.28 4.02 -12.67
C TYR WA 68 -39.84 2.65 -13.03
N GLY WA 69 -39.87 2.35 -14.33
CA GLY WA 69 -40.71 1.25 -14.78
C GLY WA 69 -40.33 -0.09 -14.17
N ASP WA 70 -39.04 -0.41 -14.18
CA ASP WA 70 -38.57 -1.73 -13.80
C ASP WA 70 -38.00 -1.70 -12.39
N ASP WA 71 -38.23 -2.79 -11.67
CA ASP WA 71 -37.72 -2.99 -10.32
C ASP WA 71 -36.50 -3.90 -10.30
N PHE WA 72 -35.87 -4.09 -11.46
CA PHE WA 72 -34.79 -5.06 -11.55
C PHE WA 72 -33.61 -4.68 -10.65
N ALA WA 73 -33.21 -3.41 -10.69
CA ALA WA 73 -32.11 -2.97 -9.86
C ALA WA 73 -32.31 -3.42 -8.41
N ASP WA 74 -33.56 -3.43 -7.95
CA ASP WA 74 -33.83 -3.93 -6.62
C ASP WA 74 -33.44 -5.40 -6.51
N GLU WA 75 -33.67 -6.17 -7.57
CA GLU WA 75 -33.29 -7.57 -7.53
C GLU WA 75 -31.78 -7.72 -7.48
N ILE WA 76 -31.07 -6.91 -8.25
CA ILE WA 76 -29.62 -6.95 -8.20
C ILE WA 76 -29.14 -6.67 -6.78
N GLU WA 77 -29.71 -5.65 -6.17
CA GLU WA 77 -29.30 -5.29 -4.82
C GLU WA 77 -29.58 -6.43 -3.84
N ASP WA 78 -30.78 -7.00 -3.92
CA ASP WA 78 -31.10 -8.13 -3.07
C ASP WA 78 -30.11 -9.25 -3.27
N ALA WA 79 -29.66 -9.47 -4.50
CA ALA WA 79 -28.65 -10.48 -4.75
C ALA WA 79 -27.35 -10.15 -4.05
N VAL WA 80 -26.89 -8.92 -4.19
CA VAL WA 80 -25.63 -8.52 -3.56
C VAL WA 80 -25.70 -8.78 -2.07
N VAL WA 81 -26.75 -8.31 -1.42
CA VAL WA 81 -26.78 -8.33 0.04
C VAL WA 81 -27.11 -9.73 0.54
N ASP WA 82 -27.86 -10.49 -0.23
CA ASP WA 82 -28.29 -11.82 0.16
C ASP WA 82 -27.46 -12.92 -0.48
N ARG WA 83 -26.49 -12.58 -1.34
CA ARG WA 83 -25.59 -13.56 -1.92
C ARG WA 83 -26.37 -14.59 -2.73
N VAL WA 84 -27.13 -14.12 -3.70
CA VAL WA 84 -27.93 -14.99 -4.54
C VAL WA 84 -27.16 -15.29 -5.80
N LEU WA 85 -27.22 -16.52 -6.26
CA LEU WA 85 -26.52 -16.90 -7.47
C LEU WA 85 -27.30 -16.43 -8.68
N TYR WA 86 -26.61 -15.84 -9.61
CA TYR WA 86 -27.21 -15.23 -10.79
C TYR WA 86 -26.46 -15.68 -12.03
N GLU WA 87 -27.23 -16.07 -13.04
CA GLU WA 87 -26.67 -16.47 -14.32
C GLU WA 87 -27.01 -15.39 -15.33
N ALA WA 88 -25.99 -14.91 -16.03
CA ALA WA 88 -26.10 -13.78 -16.91
C ALA WA 88 -25.35 -14.08 -18.19
N TRP WA 89 -25.86 -13.60 -19.31
CA TRP WA 89 -25.10 -13.68 -20.53
C TRP WA 89 -25.34 -12.49 -21.44
N GLU WA 90 -24.25 -11.99 -21.99
CA GLU WA 90 -24.28 -10.97 -23.03
C GLU WA 90 -24.49 -11.71 -24.34
N VAL WA 91 -25.56 -11.37 -25.04
CA VAL WA 91 -25.90 -12.00 -26.30
C VAL WA 91 -25.83 -10.90 -27.34
N GLU WA 92 -24.81 -10.96 -28.18
CA GLU WA 92 -24.60 -9.93 -29.16
C GLU WA 92 -25.64 -10.01 -30.26
N SER WA 93 -26.30 -8.90 -30.52
CA SER WA 93 -27.24 -8.83 -31.60
C SER WA 93 -26.51 -8.70 -32.92
N ARG WA 94 -27.23 -8.94 -34.01
CA ARG WA 94 -26.70 -8.76 -35.35
C ARG WA 94 -25.51 -9.68 -35.62
N ILE WA 95 -25.45 -10.79 -34.91
CA ILE WA 95 -24.50 -11.85 -35.21
C ILE WA 95 -25.21 -13.19 -35.04
N PRO WA 96 -26.03 -13.58 -35.97
CA PRO WA 96 -26.86 -14.76 -35.80
C PRO WA 96 -26.12 -16.06 -36.06
N GLY WA 97 -26.83 -17.17 -35.94
CA GLY WA 97 -26.23 -18.46 -36.17
C GLY WA 97 -25.84 -18.66 -37.63
N LYS WA 98 -24.97 -19.63 -37.85
CA LYS WA 98 -24.45 -19.93 -39.17
C LYS WA 98 -25.15 -21.13 -39.81
N ASN WA 99 -25.13 -22.27 -39.14
CA ASN WA 99 -25.62 -23.53 -39.67
C ASN WA 99 -26.93 -23.89 -38.96
N GLY WA 100 -28.02 -23.89 -39.71
CA GLY WA 100 -29.31 -24.24 -39.13
C GLY WA 100 -29.63 -23.44 -37.89
N ASP WA 101 -29.19 -22.19 -37.85
CA ASP WA 101 -29.43 -21.34 -36.70
C ASP WA 101 -29.55 -19.91 -37.18
N SER WA 102 -30.72 -19.33 -37.01
CA SER WA 102 -31.00 -17.99 -37.50
C SER WA 102 -31.52 -17.08 -36.40
N ALA WA 103 -32.37 -17.57 -35.52
CA ALA WA 103 -32.86 -16.77 -34.42
C ALA WA 103 -31.87 -16.73 -33.26
N LYS WA 104 -31.03 -17.73 -33.15
CA LYS WA 104 -30.02 -17.71 -32.11
C LYS WA 104 -28.99 -16.62 -32.41
N PHE WA 105 -28.28 -16.21 -31.37
CA PHE WA 105 -27.31 -15.15 -31.47
C PHE WA 105 -26.09 -15.48 -30.65
N LYS WA 106 -24.95 -14.97 -31.10
CA LYS WA 106 -23.69 -15.17 -30.41
C LYS WA 106 -23.81 -14.67 -28.97
N ALA WA 107 -23.08 -15.30 -28.06
CA ALA WA 107 -23.26 -15.02 -26.64
C ALA WA 107 -22.03 -15.40 -25.84
N LYS WA 108 -22.05 -14.98 -24.57
CA LYS WA 108 -21.05 -15.34 -23.57
C LYS WA 108 -21.82 -15.54 -22.27
N TYR WA 109 -21.96 -16.80 -21.87
CA TYR WA 109 -22.78 -17.16 -20.72
C TYR WA 109 -21.92 -17.42 -19.51
N PHE WA 110 -22.25 -16.79 -18.39
CA PHE WA 110 -21.48 -17.01 -17.18
C PHE WA 110 -22.34 -16.78 -15.95
N GLN WA 111 -21.95 -17.47 -14.88
CA GLN WA 111 -22.67 -17.48 -13.63
C GLN WA 111 -21.79 -16.94 -12.52
N GLY WA 112 -22.43 -16.37 -11.50
CA GLY WA 112 -21.67 -15.95 -10.34
C GLY WA 112 -22.55 -15.30 -9.30
N PHE WA 113 -21.92 -14.54 -8.42
CA PHE WA 113 -22.60 -13.70 -7.46
C PHE WA 113 -22.19 -12.26 -7.67
N HIS WA 114 -23.14 -11.36 -7.46
CA HIS WA 114 -22.91 -9.93 -7.58
C HIS WA 114 -22.09 -9.47 -6.39
N ASN WA 115 -20.79 -9.24 -6.61
CA ASN WA 115 -19.91 -8.95 -5.50
C ASN WA 115 -19.94 -7.47 -5.14
N LYS WA 116 -20.60 -6.64 -5.95
CA LYS WA 116 -20.71 -5.23 -5.60
C LYS WA 116 -21.81 -4.53 -6.35
N PHE WA 117 -22.37 -3.52 -5.70
CA PHE WA 117 -23.47 -2.71 -6.21
C PHE WA 117 -23.47 -1.39 -5.46
N GLU WA 118 -23.63 -0.30 -6.18
CA GLU WA 118 -23.43 1.02 -5.61
C GLU WA 118 -24.07 2.07 -6.48
N LEU WA 119 -25.04 2.80 -5.94
CA LEU WA 119 -25.67 3.84 -6.72
C LEU WA 119 -25.14 5.21 -6.32
N LYS WA 120 -25.52 6.20 -7.13
CA LYS WA 120 -25.13 7.57 -6.88
C LYS WA 120 -26.14 8.48 -7.57
N ALA WA 121 -26.27 9.69 -7.03
CA ALA WA 121 -27.31 10.61 -7.43
C ALA WA 121 -26.95 12.01 -7.00
N GLU WA 122 -27.21 12.97 -7.86
CA GLU WA 122 -26.97 14.37 -7.58
C GLU WA 122 -28.24 15.18 -7.82
N ALA WA 123 -28.15 16.46 -7.48
CA ALA WA 123 -29.31 17.33 -7.60
C ALA WA 123 -29.77 17.41 -9.04
N ASN WA 124 -31.09 17.48 -9.21
CA ASN WA 124 -31.73 17.56 -10.52
C ASN WA 124 -31.01 16.68 -11.53
N GLY WA 125 -30.63 15.51 -11.10
CA GLY WA 125 -29.93 14.57 -11.96
C GLY WA 125 -30.51 13.18 -11.84
N ILE WA 126 -30.50 12.47 -12.97
CA ILE WA 126 -30.86 11.07 -12.97
C ILE WA 126 -29.97 10.32 -11.99
N ASP WA 127 -30.51 9.25 -11.41
CA ASP WA 127 -29.86 8.51 -10.34
C ASP WA 127 -29.35 7.20 -10.90
N GLU WA 128 -28.04 7.11 -11.07
CA GLU WA 128 -27.44 5.98 -11.75
C GLU WA 128 -26.84 5.03 -10.73
N TYR WA 129 -26.37 3.90 -11.23
CA TYR WA 129 -25.67 2.97 -10.36
C TYR WA 129 -24.71 2.11 -11.14
N GLU WA 130 -23.87 1.42 -10.38
CA GLU WA 130 -22.74 0.67 -10.88
C GLU WA 130 -22.68 -0.65 -10.13
N TYR WA 131 -22.61 -1.74 -10.87
CA TYR WA 131 -22.56 -3.07 -10.29
C TYR WA 131 -21.39 -3.83 -10.88
N GLU WA 132 -20.67 -4.54 -10.01
CA GLU WA 132 -19.59 -5.41 -10.40
C GLU WA 132 -19.98 -6.83 -10.03
N TYR WA 133 -19.87 -7.73 -11.00
CA TYR WA 133 -20.40 -9.08 -10.92
C TYR WA 133 -19.26 -10.06 -11.15
N GLY WA 134 -19.10 -10.99 -10.24
CA GLY WA 134 -18.10 -12.01 -10.40
C GLY WA 134 -18.50 -13.04 -11.43
N VAL WA 135 -17.58 -13.97 -11.67
CA VAL WA 135 -17.77 -15.02 -12.65
C VAL WA 135 -17.22 -16.30 -12.07
N ASN WA 136 -18.07 -17.29 -11.90
CA ASN WA 136 -17.63 -18.56 -11.34
C ASN WA 136 -16.87 -19.34 -12.39
N GLY WA 137 -15.56 -19.39 -12.24
CA GLY WA 137 -14.76 -20.24 -13.10
C GLY WA 137 -14.69 -19.68 -14.51
N ARG WA 138 -14.81 -20.56 -15.47
CA ARG WA 138 -14.74 -20.20 -16.87
C ARG WA 138 -16.14 -20.00 -17.41
N PHE WA 139 -16.28 -19.06 -18.32
CA PHE WA 139 -17.57 -18.90 -18.95
C PHE WA 139 -17.69 -19.79 -20.16
N GLN WA 140 -18.90 -19.88 -20.68
CA GLN WA 140 -19.18 -20.71 -21.83
C GLN WA 140 -19.81 -19.86 -22.92
N ARG WA 141 -19.32 -20.05 -24.13
CA ARG WA 141 -19.84 -19.36 -25.30
C ARG WA 141 -20.70 -20.32 -26.10
N GLY WA 142 -21.69 -19.78 -26.78
CA GLY WA 142 -22.60 -20.60 -27.53
C GLY WA 142 -23.78 -19.78 -28.01
N PHE WA 143 -24.25 -20.08 -29.20
CA PHE WA 143 -25.35 -19.30 -29.76
C PHE WA 143 -26.60 -19.48 -28.94
N ALA WA 144 -27.19 -18.36 -28.55
CA ALA WA 144 -28.35 -18.34 -27.69
C ALA WA 144 -29.50 -17.66 -28.42
N THR WA 145 -30.71 -18.06 -28.09
CA THR WA 145 -31.89 -17.41 -28.61
C THR WA 145 -32.41 -16.43 -27.57
N LEU WA 146 -33.12 -15.45 -28.04
CA LEU WA 146 -33.67 -14.47 -27.13
C LEU WA 146 -35.12 -14.78 -26.83
N PRO WA 147 -35.63 -14.30 -25.72
CA PRO WA 147 -37.05 -14.42 -25.43
C PRO WA 147 -37.85 -13.31 -26.10
N GLU WA 148 -39.11 -13.62 -26.38
CA GLU WA 148 -39.94 -12.68 -27.12
C GLU WA 148 -39.92 -11.30 -26.49
N ALA WA 149 -39.94 -11.24 -25.16
CA ALA WA 149 -39.98 -9.96 -24.48
C ALA WA 149 -38.80 -9.09 -24.89
N VAL WA 150 -37.60 -9.67 -24.86
CA VAL WA 150 -36.43 -8.90 -25.22
C VAL WA 150 -36.48 -8.49 -26.67
N THR WA 151 -37.05 -9.35 -27.52
CA THR WA 151 -37.10 -9.03 -28.93
C THR WA 151 -37.94 -7.79 -29.18
N LYS WA 152 -39.14 -7.76 -28.60
CA LYS WA 152 -40.01 -6.60 -28.81
C LYS WA 152 -39.40 -5.34 -28.22
N LYS WA 153 -38.69 -5.47 -27.09
CA LYS WA 153 -38.02 -4.31 -26.52
C LYS WA 153 -36.94 -3.80 -27.46
N LEU WA 154 -36.24 -4.71 -28.12
CA LEU WA 154 -35.12 -4.31 -28.96
C LEU WA 154 -35.54 -3.29 -30.00
N LYS WA 155 -36.76 -3.43 -30.53
CA LYS WA 155 -37.24 -2.51 -31.55
C LYS WA 155 -37.19 -1.07 -31.05
N ALA WA 156 -37.96 -0.77 -29.99
CA ALA WA 156 -37.84 0.49 -29.28
C ALA WA 156 -38.02 1.69 -30.20
N THR WA 157 -39.06 1.64 -31.03
CA THR WA 157 -39.39 2.79 -31.85
C THR WA 157 -39.94 3.92 -30.99
N GLY WA 158 -39.76 5.16 -31.45
CA GLY WA 158 -40.08 6.31 -30.64
C GLY WA 158 -41.03 7.31 -31.27
N TYR WA 159 -42.17 7.52 -30.62
CA TYR WA 159 -43.15 8.56 -30.97
C TYR WA 159 -43.39 8.60 -32.48
N ARG WA 160 -44.01 7.52 -32.95
CA ARG WA 160 -44.47 7.49 -34.33
C ARG WA 160 -45.35 8.69 -34.63
N PHE WA 161 -45.55 8.93 -35.92
CA PHE WA 161 -46.31 10.06 -36.41
C PHE WA 161 -47.74 10.06 -35.88
N HIS WA 162 -48.06 11.06 -35.07
CA HIS WA 162 -49.44 11.31 -34.66
C HIS WA 162 -50.01 12.41 -35.55
N ASP WA 163 -51.19 12.92 -35.19
CA ASP WA 163 -51.85 13.93 -36.01
C ASP WA 163 -52.26 15.10 -35.15
N THR WA 164 -52.61 16.21 -35.81
CA THR WA 164 -52.91 17.45 -35.13
C THR WA 164 -54.42 17.65 -34.95
N THR WA 165 -54.77 18.79 -34.36
CA THR WA 165 -56.15 19.21 -34.09
C THR WA 165 -57.03 18.05 -33.63
N LYS WA 166 -56.65 17.45 -32.51
CA LYS WA 166 -57.47 16.53 -31.73
C LYS WA 166 -57.60 15.14 -32.32
N GLU WA 167 -57.05 14.87 -33.50
CA GLU WA 167 -57.11 13.52 -34.03
C GLU WA 167 -56.48 12.53 -33.06
N ASP WA 168 -55.38 12.92 -32.42
CA ASP WA 168 -54.68 12.05 -31.50
C ASP WA 168 -53.86 12.88 -30.53
N ALA WA 169 -53.60 12.32 -29.36
CA ALA WA 169 -52.77 12.98 -28.35
C ALA WA 169 -51.39 13.29 -28.90
N MET XA 4 -37.72 28.27 -54.71
CA MET XA 4 -38.92 28.80 -55.33
C MET XA 4 -40.02 29.02 -54.30
N LYS XA 5 -39.84 28.44 -53.11
CA LYS XA 5 -40.80 28.59 -52.03
C LYS XA 5 -40.51 29.87 -51.28
N ASN XA 6 -41.50 30.76 -51.23
CA ASN XA 6 -41.38 31.90 -50.35
C ASN XA 6 -41.48 31.43 -48.91
N SER XA 7 -40.56 31.92 -48.09
CA SER XA 7 -40.46 31.45 -46.70
C SER XA 7 -41.82 31.46 -46.02
N ASN XA 8 -42.58 32.55 -46.19
CA ASN XA 8 -43.83 32.68 -45.46
C ASN XA 8 -44.80 31.55 -45.79
N ASP XA 9 -44.49 30.71 -46.76
CA ASP XA 9 -45.31 29.52 -47.00
C ASP XA 9 -45.14 28.48 -45.91
N ARG XA 10 -43.99 28.48 -45.23
CA ARG XA 10 -43.74 27.53 -44.16
C ARG XA 10 -44.59 27.89 -42.95
N ILE XA 11 -45.44 26.96 -42.53
CA ILE XA 11 -46.33 27.16 -41.40
C ILE XA 11 -45.86 26.27 -40.27
N ILE XA 12 -46.01 26.76 -39.04
CA ILE XA 12 -45.34 26.17 -37.89
C ILE XA 12 -46.30 26.16 -36.72
N LEU XA 13 -46.60 24.98 -36.21
CA LEU XA 13 -47.57 24.81 -35.14
C LEU XA 13 -46.92 24.12 -33.95
N PHE XA 14 -47.52 24.34 -32.79
CA PHE XA 14 -47.09 23.75 -31.54
C PHE XA 14 -48.30 23.32 -30.74
N ARG XA 15 -48.08 22.41 -29.80
CA ARG XA 15 -49.08 22.14 -28.78
C ARG XA 15 -48.49 21.19 -27.74
N LYS XA 16 -49.06 21.25 -26.55
CA LYS XA 16 -48.65 20.36 -25.48
C LYS XA 16 -49.20 18.98 -25.72
N ALA XA 17 -48.40 17.97 -25.39
CA ALA XA 17 -48.83 16.59 -25.58
C ALA XA 17 -50.09 16.29 -24.79
N GLY XA 18 -50.15 16.78 -23.55
CA GLY XA 18 -51.29 16.47 -22.71
C GLY XA 18 -52.60 16.99 -23.28
N GLU XA 19 -52.58 18.20 -23.82
CA GLU XA 19 -53.80 18.83 -24.32
C GLU XA 19 -54.02 18.32 -25.74
N LYS XA 20 -54.72 17.19 -25.84
CA LYS XA 20 -55.01 16.61 -27.14
C LYS XA 20 -55.83 17.57 -27.99
N VAL XA 21 -56.85 18.18 -27.40
CA VAL XA 21 -57.76 19.02 -28.17
C VAL XA 21 -57.05 20.29 -28.62
N ASP XA 22 -56.16 20.82 -27.80
CA ASP XA 22 -55.60 22.13 -28.07
C ASP XA 22 -54.84 22.13 -29.39
N ALA XA 23 -54.89 23.26 -30.09
CA ALA XA 23 -54.16 23.47 -31.33
C ALA XA 23 -53.92 24.96 -31.52
N THR XA 24 -52.83 25.29 -32.18
CA THR XA 24 -52.49 26.69 -32.40
C THR XA 24 -51.38 26.78 -33.44
N LYS XA 25 -50.97 28.00 -33.73
CA LYS XA 25 -49.95 28.27 -34.73
C LYS XA 25 -49.11 29.45 -34.26
N MET XA 26 -47.86 29.47 -34.73
CA MET XA 26 -46.97 30.58 -34.45
C MET XA 26 -47.22 31.68 -35.47
N LEU XA 27 -47.17 32.92 -35.00
CA LEU XA 27 -47.54 34.07 -35.82
C LEU XA 27 -46.42 35.09 -35.90
N PHE XA 28 -46.36 35.78 -37.03
CA PHE XA 28 -45.45 36.90 -37.22
C PHE XA 28 -44.00 36.47 -37.14
N LEU XA 29 -43.70 35.31 -37.72
CA LEU XA 29 -42.31 34.90 -37.85
C LEU XA 29 -41.56 35.90 -38.72
N THR XA 30 -40.32 36.17 -38.35
CA THR XA 30 -39.41 36.93 -39.18
C THR XA 30 -38.30 36.06 -39.75
N GLU XA 31 -37.64 35.28 -38.90
CA GLU XA 31 -36.63 34.34 -39.33
C GLU XA 31 -36.79 33.04 -38.56
N TYR XA 32 -36.86 31.95 -39.30
CA TYR XA 32 -37.04 30.60 -38.77
C TYR XA 32 -35.94 29.72 -39.34
N GLY XA 33 -35.31 28.94 -38.48
CA GLY XA 33 -34.21 28.11 -38.93
C GLY XA 33 -34.13 26.78 -38.20
N LEU XA 34 -34.15 25.71 -38.97
CA LEU XA 34 -33.99 24.37 -38.45
C LEU XA 34 -32.53 23.96 -38.56
N SER XA 35 -32.15 22.95 -37.78
CA SER XA 35 -30.76 22.53 -37.77
C SER XA 35 -30.65 21.09 -37.30
N HIS XA 36 -29.75 20.37 -37.95
CA HIS XA 36 -29.37 19.02 -37.56
C HIS XA 36 -27.86 18.97 -37.49
N GLU XA 37 -27.33 18.59 -36.33
CA GLU XA 37 -25.91 18.68 -36.05
C GLU XA 37 -25.39 17.29 -35.73
N ALA XA 38 -24.60 16.74 -36.64
CA ALA XA 38 -24.08 15.39 -36.48
C ALA XA 38 -22.76 15.45 -35.73
N ASP XA 39 -22.67 14.70 -34.63
CA ASP XA 39 -21.45 14.62 -33.84
C ASP XA 39 -20.69 13.39 -34.27
N THR XA 40 -19.71 13.59 -35.14
CA THR XA 40 -18.84 12.51 -35.63
C THR XA 40 -17.40 12.96 -35.47
N ASP XA 41 -16.70 12.35 -34.53
CA ASP XA 41 -15.29 12.62 -34.28
C ASP XA 41 -14.54 11.30 -34.36
N THR XA 42 -13.87 11.07 -35.48
CA THR XA 42 -13.11 9.84 -35.65
C THR XA 42 -11.94 9.81 -34.68
N GLU XA 43 -11.77 8.67 -34.02
CA GLU XA 43 -10.58 8.43 -33.22
C GLU XA 43 -9.66 7.52 -34.01
N ASP XA 44 -8.38 7.87 -34.01
CA ASP XA 44 -7.45 7.30 -34.96
C ASP XA 44 -7.18 5.83 -34.66
N THR XA 45 -6.64 5.15 -35.66
CA THR XA 45 -6.33 3.74 -35.57
C THR XA 45 -5.07 3.46 -36.38
N MET XA 46 -4.33 2.45 -35.95
CA MET XA 46 -3.05 2.17 -36.57
C MET XA 46 -3.23 1.69 -37.99
N ASP XA 47 -4.18 0.78 -38.21
CA ASP XA 47 -4.39 0.21 -39.53
C ASP XA 47 -5.22 1.10 -40.42
N GLY XA 48 -5.91 2.09 -39.85
CA GLY XA 48 -6.70 3.00 -40.66
C GLY XA 48 -7.39 4.05 -39.82
N SER XA 49 -8.67 4.28 -40.10
CA SER XA 49 -9.45 5.20 -39.31
C SER XA 49 -10.92 4.80 -39.41
N TYR XA 50 -11.65 5.08 -38.34
CA TYR XA 50 -13.07 4.77 -38.27
C TYR XA 50 -13.82 6.03 -37.89
N ASN XA 51 -14.94 6.25 -38.55
CA ASN XA 51 -15.75 7.44 -38.33
C ASN XA 51 -16.88 7.08 -37.38
N THR XA 52 -16.80 7.58 -36.16
CA THR XA 52 -17.79 7.26 -35.15
C THR XA 52 -19.14 7.82 -35.56
N GLY XA 53 -20.20 7.07 -35.27
CA GLY XA 53 -21.55 7.53 -35.50
C GLY XA 53 -22.18 8.02 -34.22
N GLY XA 54 -22.22 9.34 -34.03
CA GLY XA 54 -22.71 9.93 -32.81
C GLY XA 54 -24.14 10.43 -32.94
N SER XA 55 -24.70 10.80 -31.80
CA SER XA 55 -26.05 11.34 -31.77
C SER XA 55 -26.11 12.65 -32.55
N VAL XA 56 -27.32 13.06 -32.86
CA VAL XA 56 -27.57 14.28 -33.61
C VAL XA 56 -28.59 15.09 -32.83
N GLU XA 57 -28.16 16.23 -32.32
CA GLU XA 57 -29.03 17.11 -31.53
C GLU XA 57 -29.62 18.13 -32.48
N SER XA 58 -30.76 17.80 -33.06
CA SER XA 58 -31.46 18.71 -33.95
C SER XA 58 -32.25 19.72 -33.12
N THR XA 59 -32.32 20.95 -33.62
CA THR XA 59 -33.02 22.01 -32.92
C THR XA 59 -33.47 23.04 -33.93
N MET XA 60 -34.46 23.82 -33.54
CA MET XA 60 -34.96 24.87 -34.40
C MET XA 60 -35.14 26.16 -33.60
N SER XA 61 -34.74 27.26 -34.22
CA SER XA 61 -34.82 28.58 -33.61
C SER XA 61 -35.67 29.48 -34.48
N GLY XA 62 -36.65 30.12 -33.88
CA GLY XA 62 -37.49 31.05 -34.61
C GLY XA 62 -37.68 32.32 -33.82
N THR XA 63 -37.75 33.44 -34.55
CA THR XA 63 -38.10 34.71 -33.95
C THR XA 63 -39.45 35.15 -34.51
N ALA XA 64 -40.24 35.80 -33.66
CA ALA XA 64 -41.55 36.30 -34.06
C ALA XA 64 -41.88 37.53 -33.23
N LYS XA 65 -43.01 38.12 -33.56
CA LYS XA 65 -43.47 39.31 -32.85
C LYS XA 65 -44.53 38.92 -31.83
N MET XA 66 -44.89 39.90 -31.01
CA MET XA 66 -45.74 39.66 -29.85
C MET XA 66 -46.80 40.76 -29.79
N PHE XA 67 -48.07 40.37 -29.94
CA PHE XA 67 -49.16 41.33 -29.99
C PHE XA 67 -50.18 41.04 -28.89
N TYR XA 68 -51.31 41.76 -28.91
CA TYR XA 68 -52.24 41.75 -27.80
C TYR XA 68 -53.23 40.60 -27.84
N GLY XA 69 -53.68 40.22 -29.03
CA GLY XA 69 -54.66 39.15 -29.14
C GLY XA 69 -54.07 37.77 -29.08
N ASP XA 70 -52.92 37.62 -28.41
CA ASP XA 70 -52.29 36.32 -28.30
C ASP XA 70 -51.45 36.26 -27.04
N ASP XA 71 -51.41 35.08 -26.43
CA ASP XA 71 -50.57 34.81 -25.28
C ASP XA 71 -49.68 33.61 -25.49
N PHE XA 72 -49.78 32.95 -26.64
CA PHE XA 72 -49.00 31.74 -26.92
C PHE XA 72 -47.54 31.90 -26.52
N ALA XA 73 -46.91 32.99 -26.95
CA ALA XA 73 -45.52 33.21 -26.60
C ALA XA 73 -45.33 33.16 -25.09
N ASP XA 74 -46.34 33.57 -24.34
CA ASP XA 74 -46.26 33.46 -22.89
C ASP XA 74 -46.30 32.00 -22.47
N GLU XA 75 -47.07 31.18 -23.17
CA GLU XA 75 -47.06 29.75 -22.87
C GLU XA 75 -45.67 29.17 -23.12
N ILE XA 76 -44.97 29.70 -24.13
CA ILE XA 76 -43.65 29.20 -24.45
C ILE XA 76 -42.65 29.59 -23.35
N GLU XA 77 -42.67 30.87 -22.97
CA GLU XA 77 -41.81 31.30 -21.89
C GLU XA 77 -42.20 30.65 -20.56
N ASP XA 78 -43.39 30.07 -20.50
CA ASP XA 78 -43.76 29.26 -19.35
C ASP XA 78 -43.14 27.88 -19.44
N ALA XA 79 -43.19 27.28 -20.62
CA ALA XA 79 -42.72 25.92 -20.78
C ALA XA 79 -41.21 25.82 -20.58
N VAL XA 80 -40.47 26.77 -21.16
CA VAL XA 80 -39.01 26.71 -21.02
C VAL XA 80 -38.63 26.62 -19.56
N VAL XA 81 -39.42 27.22 -18.68
CA VAL XA 81 -39.11 27.24 -17.26
C VAL XA 81 -39.65 25.98 -16.62
N ASP XA 82 -40.96 25.78 -16.73
CA ASP XA 82 -41.59 24.58 -16.20
C ASP XA 82 -41.10 23.32 -16.89
N ARG XA 83 -40.42 23.45 -18.02
CA ARG XA 83 -39.84 22.32 -18.73
C ARG XA 83 -40.89 21.26 -19.02
N VAL XA 84 -41.99 21.71 -19.53
CA VAL XA 84 -43.05 20.81 -19.99
C VAL XA 84 -42.71 20.36 -21.39
N LEU XA 85 -43.29 19.22 -21.79
CA LEU XA 85 -43.10 18.74 -23.13
C LEU XA 85 -44.03 19.46 -24.09
N TYR XA 86 -43.59 19.56 -25.34
CA TYR XA 86 -44.40 20.08 -26.42
C TYR XA 86 -44.14 19.23 -27.65
N GLU XA 87 -44.94 19.47 -28.68
CA GLU XA 87 -44.73 18.82 -29.96
C GLU XA 87 -45.13 19.78 -31.06
N ALA XA 88 -44.38 19.78 -32.14
CA ALA XA 88 -44.49 20.80 -33.16
C ALA XA 88 -44.55 20.17 -34.55
N TRP XA 89 -45.05 21.01 -35.45
CA TRP XA 89 -45.41 20.64 -36.81
C TRP XA 89 -44.84 21.69 -37.74
N GLU XA 90 -43.89 21.29 -38.58
CA GLU XA 90 -43.33 22.15 -39.62
C GLU XA 90 -44.00 21.71 -40.91
N VAL XA 91 -45.10 22.36 -41.25
CA VAL XA 91 -45.91 21.98 -42.39
C VAL XA 91 -45.63 22.97 -43.52
N GLU XA 92 -45.33 22.43 -44.70
CA GLU XA 92 -45.22 23.26 -45.88
C GLU XA 92 -46.56 23.27 -46.59
N SER XA 93 -47.15 24.45 -46.71
CA SER XA 93 -48.43 24.55 -47.38
C SER XA 93 -48.24 24.42 -48.88
N ARG XA 94 -49.37 24.36 -49.59
CA ARG XA 94 -49.34 24.24 -51.05
C ARG XA 94 -48.69 22.94 -51.48
N ILE XA 95 -48.72 21.94 -50.61
CA ILE XA 95 -48.19 20.62 -50.91
C ILE XA 95 -49.11 19.59 -50.27
N PRO XA 96 -50.16 19.18 -50.96
CA PRO XA 96 -51.16 18.31 -50.34
C PRO XA 96 -50.81 16.83 -50.42
N GLY XA 97 -51.70 15.99 -49.92
CA GLY XA 97 -51.53 14.56 -49.99
C GLY XA 97 -51.52 14.04 -51.42
N LYS XA 98 -51.53 12.72 -51.56
CA LYS XA 98 -51.50 12.07 -52.86
C LYS XA 98 -52.75 11.27 -53.15
N ASN XA 99 -53.33 10.64 -52.13
CA ASN XA 99 -54.54 9.85 -52.32
C ASN XA 99 -55.32 9.90 -51.00
N GLY XA 100 -56.27 10.81 -50.92
CA GLY XA 100 -57.12 10.92 -49.75
C GLY XA 100 -56.56 11.78 -48.64
N ASP XA 101 -55.36 12.34 -48.83
CA ASP XA 101 -54.76 13.21 -47.83
C ASP XA 101 -54.57 14.62 -48.38
N SER XA 102 -55.36 15.03 -49.36
CA SER XA 102 -55.15 16.32 -50.00
C SER XA 102 -55.39 17.46 -49.01
N ALA XA 103 -56.39 17.33 -48.15
CA ALA XA 103 -56.68 18.38 -47.20
C ALA XA 103 -55.50 18.62 -46.26
N LYS XA 104 -54.67 17.59 -46.04
CA LYS XA 104 -53.51 17.70 -45.17
C LYS XA 104 -52.26 17.81 -46.01
N PHE XA 105 -51.43 18.79 -45.71
CA PHE XA 105 -50.24 19.09 -46.48
C PHE XA 105 -49.01 18.47 -45.81
N LYS XA 106 -47.94 18.34 -46.59
CA LYS XA 106 -46.74 17.71 -46.08
C LYS XA 106 -46.22 18.46 -44.86
N ALA XA 107 -45.67 17.71 -43.91
CA ALA XA 107 -45.19 18.30 -42.69
C ALA XA 107 -44.19 17.37 -42.03
N LYS XA 108 -43.43 17.94 -41.09
CA LYS XA 108 -42.52 17.22 -40.23
C LYS XA 108 -42.99 17.39 -38.79
N TYR XA 109 -43.11 16.28 -38.09
CA TYR XA 109 -43.65 16.25 -36.74
C TYR XA 109 -42.54 15.83 -35.79
N PHE XA 110 -42.39 16.55 -34.68
CA PHE XA 110 -41.39 16.17 -33.71
C PHE XA 110 -41.75 16.71 -32.33
N GLN XA 111 -41.45 15.91 -31.31
CA GLN XA 111 -41.84 16.19 -29.95
C GLN XA 111 -40.60 16.41 -29.09
N GLY XA 112 -40.57 17.51 -28.37
CA GLY XA 112 -39.47 17.82 -27.48
C GLY XA 112 -39.84 19.00 -26.63
N PHE XA 113 -38.84 19.55 -25.96
CA PHE XA 113 -39.02 20.70 -25.10
C PHE XA 113 -38.56 21.97 -25.79
N HIS XA 114 -39.05 23.09 -25.28
CA HIS XA 114 -38.51 24.39 -25.65
C HIS XA 114 -37.28 24.66 -24.81
N ASN XA 115 -36.13 24.78 -25.46
CA ASN XA 115 -34.88 24.93 -24.73
C ASN XA 115 -34.58 26.36 -24.37
N LYS XA 116 -35.27 27.33 -24.97
CA LYS XA 116 -34.93 28.71 -24.65
C LYS XA 116 -35.99 29.67 -25.15
N PHE XA 117 -36.17 30.74 -24.39
CA PHE XA 117 -37.02 31.86 -24.75
C PHE XA 117 -36.25 33.13 -24.43
N GLU XA 118 -36.25 34.08 -25.36
CA GLU XA 118 -35.59 35.36 -25.15
C GLU XA 118 -36.35 36.41 -25.95
N LEU XA 119 -37.03 37.30 -25.26
CA LEU XA 119 -37.66 38.42 -25.93
C LEU XA 119 -36.81 39.67 -25.79
N LYS XA 120 -37.23 40.70 -26.50
CA LYS XA 120 -36.41 41.89 -26.67
C LYS XA 120 -37.30 43.05 -27.04
N ALA XA 121 -36.98 44.20 -26.46
CA ALA XA 121 -37.71 45.43 -26.66
C ALA XA 121 -36.80 46.50 -27.25
N GLU XA 122 -37.42 47.50 -27.86
CA GLU XA 122 -36.66 48.60 -28.45
C GLU XA 122 -37.57 49.82 -28.54
N ALA XA 123 -37.19 50.90 -27.86
CA ALA XA 123 -38.00 52.10 -27.81
C ALA XA 123 -38.58 52.42 -29.17
N ASN XA 124 -39.89 52.60 -29.21
CA ASN XA 124 -40.60 52.88 -30.45
C ASN XA 124 -40.44 51.73 -31.44
N GLY XA 125 -40.90 50.57 -31.00
CA GLY XA 125 -40.85 49.39 -31.84
C GLY XA 125 -41.54 48.24 -31.14
N ILE XA 126 -41.98 47.30 -31.94
CA ILE XA 126 -42.69 46.14 -31.42
C ILE XA 126 -41.70 45.15 -30.83
N ASP XA 127 -42.05 44.57 -29.70
CA ASP XA 127 -41.17 43.63 -29.04
C ASP XA 127 -41.18 42.29 -29.76
N GLU XA 128 -40.01 41.66 -29.83
CA GLU XA 128 -39.82 40.43 -30.57
C GLU XA 128 -39.34 39.33 -29.62
N TYR XA 129 -39.92 38.16 -29.74
CA TYR XA 129 -39.53 37.02 -28.92
C TYR XA 129 -38.96 35.93 -29.81
N GLU XA 130 -37.82 35.39 -29.40
CA GLU XA 130 -37.17 34.28 -30.06
C GLU XA 130 -37.23 33.06 -29.16
N TYR XA 131 -37.28 31.89 -29.80
CA TYR XA 131 -37.39 30.64 -29.08
C TYR XA 131 -36.53 29.60 -29.77
N GLU XA 132 -35.91 28.75 -28.96
CA GLU XA 132 -35.17 27.59 -29.42
C GLU XA 132 -35.81 26.35 -28.85
N TYR XA 133 -36.08 25.39 -29.73
CA TYR XA 133 -36.80 24.17 -29.40
C TYR XA 133 -35.94 22.97 -29.77
N GLY XA 134 -35.70 22.09 -28.81
CA GLY XA 134 -34.98 20.86 -29.07
C GLY XA 134 -35.96 19.76 -29.44
N VAL XA 135 -35.63 19.03 -30.51
CA VAL XA 135 -36.59 18.13 -31.12
C VAL XA 135 -36.71 16.80 -30.42
N ASN XA 136 -35.65 16.37 -29.72
CA ASN XA 136 -35.68 15.14 -28.96
C ASN XA 136 -35.99 13.94 -29.86
N GLY XA 137 -35.07 13.70 -30.78
CA GLY XA 137 -35.02 12.46 -31.50
C GLY XA 137 -35.32 12.62 -32.97
N ARG XA 138 -35.64 11.48 -33.58
CA ARG XA 138 -35.97 11.45 -35.00
C ARG XA 138 -37.22 12.25 -35.27
N PHE XA 139 -37.22 12.96 -36.40
CA PHE XA 139 -38.35 13.77 -36.82
C PHE XA 139 -39.13 12.99 -37.87
N GLN XA 140 -40.42 12.80 -37.61
CA GLN XA 140 -41.22 11.99 -38.51
C GLN XA 140 -41.82 12.84 -39.62
N ARG XA 141 -42.21 12.17 -40.69
CA ARG XA 141 -42.77 12.84 -41.86
C ARG XA 141 -44.15 12.29 -42.16
N GLY XA 142 -44.88 13.04 -42.97
CA GLY XA 142 -46.23 12.69 -43.35
C GLY XA 142 -46.99 13.95 -43.71
N PHE XA 143 -48.30 13.93 -43.51
CA PHE XA 143 -49.11 15.10 -43.80
C PHE XA 143 -49.99 15.43 -42.61
N ALA XA 144 -50.31 16.70 -42.48
CA ALA XA 144 -51.06 17.23 -41.35
C ALA XA 144 -52.03 18.27 -41.85
N THR XA 145 -53.12 18.42 -41.11
CA THR XA 145 -54.22 19.29 -41.50
C THR XA 145 -54.17 20.58 -40.71
N LEU XA 146 -54.45 21.69 -41.38
CA LEU XA 146 -54.41 22.98 -40.72
C LEU XA 146 -55.74 23.25 -40.01
N PRO XA 147 -55.75 24.16 -39.06
CA PRO XA 147 -57.01 24.60 -38.47
C PRO XA 147 -57.56 25.83 -39.15
N GLU XA 148 -58.89 25.92 -39.18
CA GLU XA 148 -59.59 27.10 -39.67
C GLU XA 148 -59.16 27.49 -41.09
N ALA XA 149 -58.70 26.51 -41.87
CA ALA XA 149 -58.36 26.71 -43.27
C ALA XA 149 -57.23 27.71 -43.48
N VAL XA 150 -56.53 28.09 -42.41
CA VAL XA 150 -55.40 29.01 -42.54
C VAL XA 150 -54.34 28.61 -41.52
N MET YA 4 11.21 9.96 -36.23
CA MET YA 4 11.04 10.00 -37.67
C MET YA 4 10.40 8.72 -38.18
N LYS YA 5 9.59 8.08 -37.33
CA LYS YA 5 8.96 6.81 -37.65
C LYS YA 5 7.53 6.80 -37.19
N ASN YA 6 6.61 6.61 -38.13
CA ASN YA 6 5.19 6.53 -37.81
C ASN YA 6 4.88 5.12 -37.32
N SER YA 7 4.08 5.04 -36.26
CA SER YA 7 3.79 3.76 -35.65
C SER YA 7 3.00 2.85 -36.58
N ASN YA 8 2.11 3.43 -37.37
CA ASN YA 8 1.32 2.67 -38.33
C ASN YA 8 2.19 1.62 -39.01
N ASP YA 9 3.46 1.96 -39.21
CA ASP YA 9 4.37 1.05 -39.90
C ASP YA 9 4.49 -0.27 -39.17
N ARG YA 10 4.68 -0.23 -37.86
CA ARG YA 10 4.84 -1.48 -37.11
C ARG YA 10 3.58 -2.31 -37.24
N ILE YA 11 3.77 -3.63 -37.24
CA ILE YA 11 2.69 -4.57 -37.45
C ILE YA 11 2.85 -5.69 -36.43
N ILE YA 12 1.73 -6.26 -36.04
CA ILE YA 12 1.69 -7.32 -35.05
C ILE YA 12 1.20 -8.60 -35.69
N LEU YA 13 1.85 -9.70 -35.36
CA LEU YA 13 1.47 -11.01 -35.84
C LEU YA 13 1.33 -11.93 -34.64
N PHE YA 14 0.31 -12.77 -34.68
CA PHE YA 14 0.04 -13.69 -33.61
C PHE YA 14 -0.06 -15.09 -34.17
N ARG YA 15 0.04 -16.06 -33.27
CA ARG YA 15 -0.16 -17.45 -33.65
C ARG YA 15 -0.24 -18.27 -32.39
N LYS YA 16 -1.04 -19.32 -32.45
CA LYS YA 16 -1.11 -20.28 -31.36
C LYS YA 16 -0.04 -21.34 -31.56
N ALA YA 17 0.71 -21.61 -30.51
CA ALA YA 17 1.96 -22.35 -30.64
C ALA YA 17 1.75 -23.68 -31.35
N GLY YA 18 0.94 -24.55 -30.77
CA GLY YA 18 0.81 -25.89 -31.31
C GLY YA 18 -0.09 -25.96 -32.52
N GLU YA 19 -0.10 -24.88 -33.31
CA GLU YA 19 -0.89 -24.81 -34.51
C GLU YA 19 0.04 -24.53 -35.67
N LYS YA 20 0.00 -25.40 -36.68
CA LYS YA 20 0.85 -25.30 -37.84
C LYS YA 20 0.07 -24.56 -38.92
N VAL YA 21 0.00 -23.23 -38.75
CA VAL YA 21 -0.62 -22.35 -39.72
C VAL YA 21 0.16 -21.04 -39.73
N ASP YA 22 -0.22 -20.15 -40.64
CA ASP YA 22 0.44 -18.88 -40.74
C ASP YA 22 -0.14 -17.91 -39.72
N ALA YA 23 0.63 -16.86 -39.44
CA ALA YA 23 0.27 -15.95 -38.39
C ALA YA 23 -1.03 -15.24 -38.72
N THR YA 24 -1.51 -14.49 -37.73
CA THR YA 24 -2.74 -13.72 -37.84
C THR YA 24 -2.44 -12.30 -37.39
N LYS YA 25 -2.59 -11.35 -38.30
CA LYS YA 25 -2.42 -9.95 -37.92
C LYS YA 25 -3.48 -9.56 -36.91
N MET YA 26 -3.18 -8.51 -36.17
CA MET YA 26 -4.13 -7.94 -35.22
C MET YA 26 -4.58 -6.59 -35.77
N LEU YA 27 -5.86 -6.50 -36.12
CA LEU YA 27 -6.36 -5.31 -36.76
C LEU YA 27 -6.89 -4.31 -35.75
N PHE YA 28 -6.80 -3.04 -36.12
CA PHE YA 28 -7.48 -1.96 -35.42
C PHE YA 28 -7.01 -1.83 -33.97
N LEU YA 29 -5.71 -1.95 -33.76
CA LEU YA 29 -5.16 -1.65 -32.46
C LEU YA 29 -4.78 -0.17 -32.41
N THR YA 30 -5.34 0.54 -31.44
CA THR YA 30 -5.09 1.96 -31.33
C THR YA 30 -3.76 2.22 -30.64
N GLU YA 31 -3.69 1.85 -29.37
CA GLU YA 31 -2.49 2.04 -28.59
C GLU YA 31 -1.64 0.77 -28.64
N TYR YA 32 -0.49 0.84 -27.99
CA TYR YA 32 0.44 -0.27 -27.96
C TYR YA 32 1.59 0.10 -27.04
N GLY YA 33 2.16 -0.92 -26.43
CA GLY YA 33 3.21 -0.69 -25.46
C GLY YA 33 3.96 -1.97 -25.22
N LEU YA 34 5.21 -1.82 -24.79
CA LEU YA 34 6.08 -2.97 -24.63
C LEU YA 34 7.08 -2.62 -23.54
N SER YA 35 6.84 -3.13 -22.34
CA SER YA 35 7.65 -2.80 -21.18
C SER YA 35 8.57 -3.95 -20.84
N HIS YA 36 9.83 -3.64 -20.67
CA HIS YA 36 10.85 -4.60 -20.24
C HIS YA 36 11.37 -4.14 -18.90
N GLU YA 37 10.70 -4.54 -17.84
CA GLU YA 37 11.18 -4.26 -16.51
C GLU YA 37 12.36 -5.15 -16.18
N ALA YA 38 13.01 -4.83 -15.06
CA ALA YA 38 14.10 -5.62 -14.57
C ALA YA 38 14.15 -5.56 -13.05
N ASP YA 39 14.58 -6.66 -12.45
CA ASP YA 39 14.77 -6.75 -11.02
C ASP YA 39 16.23 -7.10 -10.78
N THR YA 40 16.97 -6.17 -10.20
CA THR YA 40 18.41 -6.29 -10.04
C THR YA 40 18.72 -7.18 -8.85
N ASP YA 41 19.08 -8.43 -9.14
CA ASP YA 41 19.61 -9.32 -8.10
C ASP YA 41 21.01 -8.83 -7.80
N THR YA 42 21.08 -7.85 -6.90
CA THR YA 42 22.32 -7.20 -6.52
C THR YA 42 22.62 -7.53 -5.06
N GLU YA 43 23.87 -7.88 -4.80
CA GLU YA 43 24.36 -8.09 -3.45
C GLU YA 43 25.49 -7.13 -3.19
N ASP YA 44 25.36 -6.34 -2.14
CA ASP YA 44 26.31 -5.30 -1.81
C ASP YA 44 27.13 -5.73 -0.60
N THR YA 45 28.44 -5.78 -0.79
CA THR YA 45 29.33 -6.03 0.32
C THR YA 45 29.22 -4.90 1.33
N MET YA 46 29.94 -5.06 2.43
CA MET YA 46 30.06 -3.99 3.39
C MET YA 46 31.17 -3.02 3.04
N ASP YA 47 31.94 -3.31 1.99
CA ASP YA 47 33.00 -2.43 1.53
C ASP YA 47 33.00 -2.37 0.02
N GLY YA 48 31.82 -2.23 -0.58
CA GLY YA 48 31.72 -2.17 -2.02
C GLY YA 48 30.27 -2.32 -2.44
N SER YA 49 30.10 -2.75 -3.68
CA SER YA 49 28.79 -3.05 -4.21
C SER YA 49 28.95 -3.93 -5.44
N TYR YA 50 27.91 -4.66 -5.77
CA TYR YA 50 27.95 -5.59 -6.88
C TYR YA 50 26.55 -5.85 -7.38
N ASN YA 51 26.45 -6.10 -8.67
CA ASN YA 51 25.25 -6.67 -9.27
C ASN YA 51 25.61 -8.06 -9.77
N THR YA 52 24.73 -9.02 -9.51
CA THR YA 52 24.95 -10.41 -9.86
C THR YA 52 24.08 -10.85 -11.03
N GLY YA 53 22.80 -10.52 -10.98
CA GLY YA 53 21.91 -10.97 -12.03
C GLY YA 53 20.70 -10.07 -12.16
N GLY YA 54 19.78 -10.50 -13.01
CA GLY YA 54 18.57 -9.76 -13.20
C GLY YA 54 17.42 -10.62 -13.64
N SER YA 55 16.30 -10.51 -12.92
CA SER YA 55 15.09 -11.21 -13.29
C SER YA 55 14.17 -10.23 -14.03
N VAL YA 56 13.89 -10.52 -15.26
CA VAL YA 56 13.12 -9.65 -16.11
C VAL YA 56 11.65 -9.97 -15.99
N GLU YA 57 10.81 -8.97 -16.28
CA GLU YA 57 9.37 -9.12 -16.20
C GLU YA 57 8.73 -8.49 -17.43
N SER YA 58 9.30 -8.78 -18.60
CA SER YA 58 8.83 -8.19 -19.83
C SER YA 58 7.34 -8.42 -20.03
N THR YA 59 6.73 -7.63 -20.91
CA THR YA 59 5.32 -7.77 -21.24
C THR YA 59 4.98 -6.75 -22.30
N MET YA 60 3.80 -6.92 -22.88
CA MET YA 60 3.34 -6.05 -23.95
C MET YA 60 1.84 -5.82 -23.81
N SER YA 61 1.44 -4.57 -23.98
CA SER YA 61 0.06 -4.17 -23.85
C SER YA 61 -0.46 -3.64 -25.17
N GLY YA 62 -1.76 -3.81 -25.39
CA GLY YA 62 -2.37 -3.34 -26.61
C GLY YA 62 -3.84 -3.11 -26.44
N THR YA 63 -4.39 -2.23 -27.27
CA THR YA 63 -5.82 -2.05 -27.39
C THR YA 63 -6.29 -2.45 -28.78
N ALA YA 64 -7.59 -2.39 -28.97
CA ALA YA 64 -8.20 -2.81 -30.22
C ALA YA 64 -9.67 -2.44 -30.17
N LYS YA 65 -10.37 -2.67 -31.29
CA LYS YA 65 -11.68 -2.05 -31.49
C LYS YA 65 -12.80 -2.97 -31.93
N MET YA 66 -12.58 -4.29 -32.04
CA MET YA 66 -13.67 -5.25 -32.12
C MET YA 66 -14.58 -5.00 -33.31
N PHE YA 67 -14.05 -5.21 -34.51
CA PHE YA 67 -14.87 -5.14 -35.70
C PHE YA 67 -15.52 -6.48 -35.99
N TYR YA 68 -16.71 -6.42 -36.61
CA TYR YA 68 -17.52 -7.61 -36.80
C TYR YA 68 -16.74 -8.71 -37.52
N GLY YA 69 -15.88 -8.33 -38.46
CA GLY YA 69 -15.38 -9.30 -39.41
C GLY YA 69 -14.63 -10.44 -38.76
N ASP YA 70 -13.69 -10.13 -37.87
CA ASP YA 70 -12.79 -11.12 -37.31
C ASP YA 70 -13.23 -11.54 -35.93
N ASP YA 71 -13.01 -12.82 -35.64
CA ASP YA 71 -13.31 -13.41 -34.35
C ASP YA 71 -12.07 -13.58 -33.49
N PHE YA 72 -11.00 -12.88 -33.84
CA PHE YA 72 -9.73 -13.12 -33.17
C PHE YA 72 -9.79 -12.77 -31.69
N ALA YA 73 -10.37 -11.62 -31.38
CA ALA YA 73 -10.49 -11.22 -29.99
C ALA YA 73 -11.06 -12.35 -29.15
N ASP YA 74 -11.98 -13.11 -29.72
CA ASP YA 74 -12.52 -14.26 -29.01
C ASP YA 74 -11.43 -15.27 -28.71
N GLU YA 75 -10.50 -15.44 -29.64
CA GLU YA 75 -9.38 -16.36 -29.41
C GLU YA 75 -8.51 -15.86 -28.28
N ILE YA 76 -8.21 -14.56 -28.29
CA ILE YA 76 -7.42 -13.99 -27.21
C ILE YA 76 -8.08 -14.26 -25.88
N GLU YA 77 -9.38 -14.04 -25.83
CA GLU YA 77 -10.11 -14.23 -24.60
C GLU YA 77 -10.06 -15.68 -24.16
N ASP YA 78 -10.34 -16.60 -25.08
CA ASP YA 78 -10.25 -18.01 -24.78
C ASP YA 78 -8.88 -18.33 -24.21
N ALA YA 79 -7.85 -17.68 -24.71
CA ALA YA 79 -6.51 -17.89 -24.17
C ALA YA 79 -6.45 -17.45 -22.73
N VAL YA 80 -6.78 -16.19 -22.47
CA VAL YA 80 -6.68 -15.65 -21.13
C VAL YA 80 -7.38 -16.56 -20.15
N VAL YA 81 -8.53 -17.09 -20.52
CA VAL YA 81 -9.32 -17.85 -19.56
C VAL YA 81 -8.85 -19.29 -19.51
N ASP YA 82 -8.27 -19.78 -20.59
CA ASP YA 82 -7.83 -21.16 -20.71
C ASP YA 82 -6.33 -21.32 -20.60
N ARG YA 83 -5.58 -20.22 -20.51
CA ARG YA 83 -4.15 -20.29 -20.31
C ARG YA 83 -3.46 -20.99 -21.46
N VAL YA 84 -3.69 -20.52 -22.67
CA VAL YA 84 -3.10 -21.10 -23.85
C VAL YA 84 -1.84 -20.33 -24.20
N LEU YA 85 -0.83 -21.06 -24.63
CA LEU YA 85 0.43 -20.43 -24.97
C LEU YA 85 0.37 -19.90 -26.39
N TYR YA 86 0.70 -18.63 -26.54
CA TYR YA 86 0.70 -17.98 -27.83
C TYR YA 86 2.07 -17.40 -28.12
N GLU YA 87 2.47 -17.50 -29.37
CA GLU YA 87 3.68 -16.88 -29.85
C GLU YA 87 3.30 -15.72 -30.75
N ALA YA 88 3.90 -14.57 -30.49
CA ALA YA 88 3.55 -13.33 -31.13
C ALA YA 88 4.83 -12.62 -31.50
N TRP YA 89 4.82 -11.91 -32.61
CA TRP YA 89 5.93 -11.03 -32.92
C TRP YA 89 5.48 -9.80 -33.67
N GLU YA 90 6.00 -8.67 -33.23
CA GLU YA 90 5.89 -7.42 -33.96
C GLU YA 90 6.94 -7.44 -35.05
N VAL YA 91 6.51 -7.26 -36.28
CA VAL YA 91 7.39 -7.27 -37.42
C VAL YA 91 7.27 -5.90 -38.06
N GLU YA 92 8.30 -5.09 -37.88
CA GLU YA 92 8.26 -3.73 -38.38
C GLU YA 92 8.32 -3.72 -39.89
N SER YA 93 7.36 -3.05 -40.50
CA SER YA 93 7.39 -2.87 -41.93
C SER YA 93 8.40 -1.79 -42.30
N ARG YA 94 8.71 -1.72 -43.59
CA ARG YA 94 9.58 -0.68 -44.11
C ARG YA 94 10.97 -0.73 -43.48
N ILE YA 95 11.38 -1.91 -43.05
CA ILE YA 95 12.74 -2.16 -42.60
C ILE YA 95 13.12 -3.57 -43.04
N PRO YA 96 13.46 -3.76 -44.29
CA PRO YA 96 13.67 -5.10 -44.81
C PRO YA 96 15.06 -5.63 -44.53
N GLY YA 97 15.31 -6.85 -45.00
CA GLY YA 97 16.61 -7.45 -44.81
C GLY YA 97 17.70 -6.72 -45.57
N LYS YA 98 18.94 -6.97 -45.13
CA LYS YA 98 20.10 -6.32 -45.69
C LYS YA 98 20.85 -7.21 -46.68
N ASN YA 99 21.24 -8.40 -46.26
CA ASN YA 99 22.08 -9.29 -47.04
C ASN YA 99 21.24 -10.48 -47.49
N GLY YA 100 21.00 -10.58 -48.79
CA GLY YA 100 20.23 -11.69 -49.31
C GLY YA 100 18.89 -11.83 -48.65
N ASP YA 101 18.29 -10.71 -48.25
CA ASP YA 101 17.00 -10.73 -47.57
C ASP YA 101 16.25 -9.46 -47.94
N SER YA 102 15.15 -9.61 -48.64
CA SER YA 102 14.37 -8.48 -49.11
C SER YA 102 12.92 -8.55 -48.68
N ALA YA 103 12.32 -9.74 -48.70
CA ALA YA 103 10.95 -9.87 -48.24
C ALA YA 103 10.86 -10.00 -46.74
N LYS YA 104 11.93 -10.42 -46.09
CA LYS YA 104 11.93 -10.48 -44.64
C LYS YA 104 11.94 -9.08 -44.06
N PHE YA 105 11.48 -8.97 -42.83
CA PHE YA 105 11.38 -7.68 -42.16
C PHE YA 105 11.84 -7.82 -40.72
N LYS YA 106 12.38 -6.73 -40.20
CA LYS YA 106 12.82 -6.70 -38.82
C LYS YA 106 11.68 -7.09 -37.90
N ALA YA 107 12.02 -7.68 -36.76
CA ALA YA 107 10.98 -8.24 -35.90
C ALA YA 107 11.49 -8.39 -34.47
N LYS YA 108 10.55 -8.76 -33.60
CA LYS YA 108 10.81 -9.07 -32.20
C LYS YA 108 9.86 -10.21 -31.85
N TYR YA 109 10.40 -11.42 -31.76
CA TYR YA 109 9.59 -12.61 -31.56
C TYR YA 109 9.60 -13.01 -30.10
N PHE YA 110 8.42 -13.25 -29.55
CA PHE YA 110 8.34 -13.68 -28.17
C PHE YA 110 7.04 -14.42 -27.95
N GLN YA 111 7.06 -15.32 -26.98
CA GLN YA 111 5.92 -16.16 -26.67
C GLN YA 111 5.62 -16.08 -25.18
N GLY YA 112 4.37 -16.37 -24.86
CA GLY YA 112 3.97 -16.39 -23.47
C GLY YA 112 2.52 -16.77 -23.33
N PHE YA 113 1.91 -16.30 -22.26
CA PHE YA 113 0.49 -16.42 -22.04
C PHE YA 113 -0.12 -15.04 -21.85
N HIS YA 114 -1.37 -14.91 -22.24
CA HIS YA 114 -2.09 -13.65 -22.12
C HIS YA 114 -2.59 -13.52 -20.70
N ASN YA 115 -1.91 -12.70 -19.91
CA ASN YA 115 -2.21 -12.64 -18.49
C ASN YA 115 -3.39 -11.73 -18.21
N LYS YA 116 -3.83 -10.96 -19.20
CA LYS YA 116 -5.00 -10.12 -18.97
C LYS YA 116 -5.68 -9.71 -20.26
N PHE YA 117 -6.99 -9.53 -20.17
CA PHE YA 117 -7.85 -9.13 -21.26
C PHE YA 117 -9.10 -8.50 -20.68
N GLU YA 118 -9.53 -7.39 -21.26
CA GLU YA 118 -10.59 -6.60 -20.68
C GLU YA 118 -11.16 -5.64 -21.70
N LEU YA 119 -12.45 -5.73 -21.96
CA LEU YA 119 -13.05 -4.82 -22.90
C LEU YA 119 -13.86 -3.75 -22.19
N LYS YA 120 -14.36 -2.81 -22.97
CA LYS YA 120 -15.15 -1.71 -22.47
C LYS YA 120 -15.93 -1.12 -23.63
N ALA YA 121 -17.07 -0.53 -23.31
CA ALA YA 121 -18.02 -0.08 -24.31
C ALA YA 121 -18.97 0.92 -23.69
N GLU YA 122 -19.27 1.97 -24.43
CA GLU YA 122 -20.21 2.99 -24.00
C GLU YA 122 -21.28 3.19 -25.04
N ALA YA 123 -22.29 3.99 -24.67
CA ALA YA 123 -23.42 4.20 -25.55
C ALA YA 123 -22.96 4.78 -26.88
N ASN YA 124 -23.64 4.36 -27.94
CA ASN YA 124 -23.35 4.81 -29.30
C ASN YA 124 -21.85 4.95 -29.52
N GLY YA 125 -21.10 4.01 -28.98
CA GLY YA 125 -19.66 4.01 -29.11
C GLY YA 125 -19.15 2.66 -29.54
N ILE YA 126 -18.08 2.69 -30.34
CA ILE YA 126 -17.37 1.48 -30.67
C ILE YA 126 -16.90 0.80 -29.40
N ASP YA 127 -16.85 -0.52 -29.42
CA ASP YA 127 -16.55 -1.32 -28.24
C ASP YA 127 -15.12 -1.80 -28.34
N GLU YA 128 -14.25 -1.25 -27.51
CA GLU YA 128 -12.83 -1.51 -27.59
C GLU YA 128 -12.41 -2.46 -26.48
N TYR YA 129 -11.15 -2.85 -26.53
CA TYR YA 129 -10.61 -3.67 -25.47
C TYR YA 129 -9.11 -3.52 -25.37
N GLU YA 130 -8.59 -4.08 -24.29
CA GLU YA 130 -7.22 -3.94 -23.85
C GLU YA 130 -6.73 -5.27 -23.36
N TYR YA 131 -5.58 -5.70 -23.85
CA TYR YA 131 -4.99 -6.97 -23.48
C TYR YA 131 -3.55 -6.75 -23.08
N GLU YA 132 -3.14 -7.41 -22.01
CA GLU YA 132 -1.77 -7.42 -21.55
C GLU YA 132 -1.26 -8.85 -21.63
N TYR YA 133 -0.11 -9.01 -22.25
CA TYR YA 133 0.44 -10.30 -22.62
C TYR YA 133 1.83 -10.43 -22.04
N GLY YA 134 2.05 -11.50 -21.30
CA GLY YA 134 3.36 -11.75 -20.75
C GLY YA 134 4.35 -12.20 -21.80
N VAL YA 135 5.58 -12.37 -21.36
CA VAL YA 135 6.68 -12.77 -22.22
C VAL YA 135 7.51 -13.78 -21.46
N ASN YA 136 7.60 -14.99 -21.99
CA ASN YA 136 8.37 -16.04 -21.34
C ASN YA 136 9.85 -15.78 -21.56
N GLY YA 137 10.52 -15.33 -20.53
CA GLY YA 137 11.96 -15.20 -20.60
C GLY YA 137 12.36 -14.05 -21.50
N ARG YA 138 13.40 -14.29 -22.28
CA ARG YA 138 13.93 -13.29 -23.18
C ARG YA 138 13.31 -13.46 -24.55
N PHE YA 139 13.12 -12.34 -25.24
CA PHE YA 139 12.62 -12.43 -26.59
C PHE YA 139 13.78 -12.61 -27.56
N GLN YA 140 13.43 -12.96 -28.78
CA GLN YA 140 14.40 -13.15 -29.83
C GLN YA 140 14.07 -12.24 -30.99
N ARG YA 141 15.10 -11.62 -31.55
CA ARG YA 141 14.97 -10.75 -32.69
C ARG YA 141 15.54 -11.44 -33.91
N GLY YA 142 14.96 -11.15 -35.05
CA GLY YA 142 15.38 -11.78 -36.28
C GLY YA 142 14.49 -11.37 -37.42
N PHE YA 143 15.06 -11.22 -38.60
CA PHE YA 143 14.26 -10.82 -39.74
C PHE YA 143 13.26 -11.90 -40.09
N ALA YA 144 12.00 -11.51 -40.16
CA ALA YA 144 10.91 -12.43 -40.40
C ALA YA 144 10.20 -12.03 -41.67
N THR YA 145 9.66 -13.02 -42.36
CA THR YA 145 8.85 -12.78 -43.54
C THR YA 145 7.39 -12.78 -43.15
N LEU YA 146 6.59 -12.11 -43.93
CA LEU YA 146 5.17 -12.06 -43.63
C LEU YA 146 4.43 -13.08 -44.47
N PRO YA 147 3.25 -13.48 -44.04
CA PRO YA 147 2.39 -14.32 -44.87
C PRO YA 147 1.58 -13.49 -45.85
N GLU YA 148 1.29 -14.12 -46.98
CA GLU YA 148 0.59 -13.42 -48.06
C GLU YA 148 -0.63 -12.67 -47.54
N ALA YA 149 -1.41 -13.32 -46.67
CA ALA YA 149 -2.60 -12.69 -46.15
C ALA YA 149 -2.29 -11.33 -45.55
N VAL YA 150 -1.30 -11.27 -44.68
CA VAL YA 150 -0.94 -10.01 -44.04
C VAL YA 150 -0.50 -9.00 -45.08
N THR YA 151 0.22 -9.46 -46.10
CA THR YA 151 0.71 -8.54 -47.12
C THR YA 151 -0.45 -7.85 -47.82
N LYS YA 152 -1.42 -8.64 -48.28
CA LYS YA 152 -2.53 -8.03 -49.01
C LYS YA 152 -3.34 -7.10 -48.10
N LYS YA 153 -3.46 -7.45 -46.82
CA LYS YA 153 -4.15 -6.56 -45.90
C LYS YA 153 -3.40 -5.25 -45.75
N LEU YA 154 -2.07 -5.31 -45.75
CA LEU YA 154 -1.28 -4.11 -45.51
C LEU YA 154 -1.64 -3.01 -46.50
N LYS YA 155 -1.95 -3.39 -47.74
CA LYS YA 155 -2.28 -2.40 -48.76
C LYS YA 155 -3.44 -1.53 -48.30
N ALA YA 156 -4.61 -2.14 -48.10
CA ALA YA 156 -5.74 -1.48 -47.46
C ALA YA 156 -6.13 -0.20 -48.18
N THR YA 157 -6.25 -0.28 -49.51
CA THR YA 157 -6.74 0.86 -50.27
C THR YA 157 -8.23 1.06 -50.00
N GLY YA 158 -8.70 2.30 -50.14
CA GLY YA 158 -10.06 2.63 -49.76
C GLY YA 158 -10.90 3.28 -50.83
N TYR YA 159 -12.00 2.62 -51.19
CA TYR YA 159 -13.03 3.15 -52.09
C TYR YA 159 -12.40 3.83 -53.31
N ARG YA 160 -11.79 2.99 -54.14
CA ARG YA 160 -11.30 3.45 -55.42
C ARG YA 160 -12.41 4.12 -56.22
N PHE YA 161 -12.00 4.84 -57.24
CA PHE YA 161 -12.90 5.60 -58.09
C PHE YA 161 -13.96 4.73 -58.74
N HIS YA 162 -15.21 4.95 -58.37
CA HIS YA 162 -16.33 4.34 -59.07
C HIS YA 162 -16.91 5.35 -60.05
N ASP YA 163 -18.07 5.06 -60.63
CA ASP YA 163 -18.66 5.93 -61.64
C ASP YA 163 -20.11 6.24 -61.26
N THR YA 164 -20.67 7.25 -61.91
CA THR YA 164 -22.00 7.72 -61.60
C THR YA 164 -23.05 7.14 -62.55
N THR YA 165 -24.29 7.56 -62.34
CA THR YA 165 -25.46 7.15 -63.12
C THR YA 165 -25.43 5.67 -63.49
N LYS YA 166 -25.41 4.83 -62.46
CA LYS YA 166 -25.68 3.39 -62.55
C LYS YA 166 -24.53 2.57 -63.11
N GLU YA 167 -23.43 3.19 -63.55
CA GLU YA 167 -22.30 2.40 -64.00
C GLU YA 167 -21.83 1.45 -62.91
N ASP YA 168 -21.77 1.92 -61.68
CA ASP YA 168 -21.32 1.11 -60.56
C ASP YA 168 -21.94 1.60 -59.27
N ALA YA 169 -22.05 0.70 -58.30
CA ALA YA 169 -22.56 1.05 -56.98
C ALA YA 169 -21.73 2.16 -56.34
N MET ZA 4 -10.50 32.11 -63.84
CA MET ZA 4 -11.20 32.30 -65.10
C MET ZA 4 -12.46 31.47 -65.16
N LYS ZA 5 -12.62 30.54 -64.22
CA LYS ZA 5 -13.81 29.70 -64.15
C LYS ZA 5 -14.88 30.42 -63.37
N ASN ZA 6 -16.02 30.68 -64.00
CA ASN ZA 6 -17.17 31.15 -63.27
C ASN ZA 6 -17.68 30.04 -62.36
N SER ZA 7 -17.91 30.40 -61.10
CA SER ZA 7 -18.25 29.39 -60.09
C SER ZA 7 -19.37 28.48 -60.59
N ASN ZA 8 -20.41 29.05 -61.20
CA ASN ZA 8 -21.56 28.26 -61.61
C ASN ZA 8 -21.20 27.15 -62.56
N ASP ZA 9 -19.95 27.11 -63.04
CA ASP ZA 9 -19.50 25.99 -63.86
C ASP ZA 9 -19.30 24.73 -63.01
N ARG ZA 10 -19.03 24.90 -61.72
CA ARG ZA 10 -18.82 23.75 -60.84
C ARG ZA 10 -20.15 23.06 -60.58
N ILE ZA 11 -20.23 21.78 -60.94
CA ILE ZA 11 -21.44 21.00 -60.78
C ILE ZA 11 -21.19 19.96 -59.70
N ILE ZA 12 -22.23 19.66 -58.94
CA ILE ZA 12 -22.09 18.94 -57.69
C ILE ZA 12 -23.22 17.94 -57.57
N LEU ZA 13 -22.88 16.66 -57.49
CA LEU ZA 13 -23.86 15.59 -57.44
C LEU ZA 13 -23.68 14.77 -56.18
N PHE ZA 14 -24.77 14.11 -55.78
CA PHE ZA 14 -24.78 13.24 -54.63
C PHE ZA 14 -25.58 11.99 -54.98
N ARG ZA 15 -25.37 10.93 -54.20
CA ARG ZA 15 -26.28 9.81 -54.22
C ARG ZA 15 -25.88 8.82 -53.13
N LYS ZA 16 -26.87 8.05 -52.70
CA LYS ZA 16 -26.63 7.02 -51.69
C LYS ZA 16 -25.90 5.85 -52.32
N ALA ZA 17 -24.98 5.27 -51.55
CA ALA ZA 17 -24.22 4.13 -52.05
C ALA ZA 17 -25.14 2.98 -52.42
N GLY ZA 18 -26.12 2.70 -51.58
CA GLY ZA 18 -26.98 1.56 -51.83
C GLY ZA 18 -27.74 1.68 -53.14
N GLU ZA 19 -28.28 2.86 -53.43
CA GLU ZA 19 -29.08 3.08 -54.64
C GLU ZA 19 -28.12 3.28 -55.81
N LYS ZA 20 -27.74 2.18 -56.45
CA LYS ZA 20 -26.82 2.26 -57.57
C LYS ZA 20 -27.44 3.05 -58.71
N VAL ZA 21 -28.71 2.80 -59.00
CA VAL ZA 21 -29.35 3.41 -60.15
C VAL ZA 21 -29.54 4.90 -59.92
N ASP ZA 22 -29.84 5.27 -58.67
CA ASP ZA 22 -30.23 6.64 -58.40
C ASP ZA 22 -29.12 7.61 -58.78
N ALA ZA 23 -29.52 8.79 -59.24
CA ALA ZA 23 -28.60 9.87 -59.58
C ALA ZA 23 -29.34 11.19 -59.47
N THR ZA 24 -28.62 12.24 -59.13
CA THR ZA 24 -29.23 13.56 -58.97
C THR ZA 24 -28.13 14.60 -58.89
N LYS ZA 25 -28.57 15.86 -58.74
CA LYS ZA 25 -27.66 16.99 -58.68
C LYS ZA 25 -28.21 18.01 -57.70
N MET ZA 26 -27.30 18.79 -57.13
CA MET ZA 26 -27.68 19.88 -56.27
C MET ZA 26 -28.00 21.12 -57.09
N LEU ZA 27 -29.03 21.85 -56.69
CA LEU ZA 27 -29.55 22.96 -57.48
C LEU ZA 27 -29.56 24.25 -56.69
N PHE ZA 28 -29.39 25.35 -57.41
CA PHE ZA 28 -29.52 26.68 -56.84
C PHE ZA 28 -28.48 26.94 -55.76
N LEU ZA 29 -27.26 26.47 -55.99
CA LEU ZA 29 -26.17 26.82 -55.10
C LEU ZA 29 -25.96 28.32 -55.13
N THR ZA 30 -25.64 28.89 -53.97
CA THR ZA 30 -25.21 30.27 -53.88
C THR ZA 30 -23.74 30.38 -53.53
N GLU ZA 31 -23.30 29.67 -52.49
CA GLU ZA 31 -21.90 29.60 -52.14
C GLU ZA 31 -21.56 28.16 -51.75
N TYR ZA 32 -20.47 27.67 -52.35
CA TYR ZA 32 -19.99 26.32 -52.15
C TYR ZA 32 -18.52 26.40 -51.81
N GLY ZA 33 -18.10 25.64 -50.81
CA GLY ZA 33 -16.73 25.71 -50.35
C GLY ZA 33 -16.19 24.39 -49.86
N LEU ZA 34 -15.10 23.95 -50.46
CA LEU ZA 34 -14.41 22.75 -50.05
C LEU ZA 34 -13.27 23.11 -49.09
N SER ZA 35 -12.82 22.13 -48.33
CA SER ZA 35 -11.81 22.39 -47.32
C SER ZA 35 -11.05 21.13 -46.98
N HIS ZA 36 -9.74 21.29 -46.83
CA HIS ZA 36 -8.85 20.24 -46.34
C HIS ZA 36 -8.02 20.82 -45.21
N GLU ZA 37 -8.10 20.20 -44.05
CA GLU ZA 37 -7.53 20.74 -42.82
C GLU ZA 37 -6.51 19.75 -42.29
N ALA ZA 38 -5.24 20.12 -42.37
CA ALA ZA 38 -4.16 19.26 -41.93
C ALA ZA 38 -3.89 19.50 -40.45
N ASP ZA 39 -3.90 18.42 -39.67
CA ASP ZA 39 -3.59 18.50 -38.24
C ASP ZA 39 -2.14 18.11 -38.06
N THR ZA 40 -1.27 19.12 -37.95
CA THR ZA 40 0.15 18.91 -37.73
C THR ZA 40 0.58 19.79 -36.57
N ASP ZA 41 0.86 19.16 -35.44
CA ASP ZA 41 1.34 19.86 -34.24
C ASP ZA 41 2.65 19.22 -33.82
N THR ZA 42 3.75 19.89 -34.13
CA THR ZA 42 5.06 19.37 -33.76
C THR ZA 42 5.21 19.37 -32.25
N GLU ZA 43 5.70 18.26 -31.71
CA GLU ZA 43 6.10 18.18 -30.31
C GLU ZA 43 7.61 18.29 -30.24
N ASP ZA 44 8.08 19.10 -29.31
CA ASP ZA 44 9.46 19.54 -29.33
C ASP ZA 44 10.41 18.40 -28.99
N THR ZA 45 11.67 18.60 -29.37
CA THR ZA 45 12.71 17.63 -29.16
C THR ZA 45 14.00 18.36 -28.79
N MET ZA 46 14.83 17.68 -28.01
CA MET ZA 46 16.05 18.31 -27.53
C MET ZA 46 17.01 18.57 -28.68
N ASP ZA 47 17.20 17.58 -29.53
CA ASP ZA 47 18.15 17.71 -30.63
C ASP ZA 47 17.56 18.47 -31.81
N GLY ZA 48 16.25 18.63 -31.87
CA GLY ZA 48 15.64 19.36 -32.94
C GLY ZA 48 14.14 19.46 -32.80
N SER ZA 49 13.43 19.27 -33.91
CA SER ZA 49 11.98 19.24 -33.88
C SER ZA 49 11.48 18.38 -35.02
N TYR ZA 50 10.36 17.71 -34.78
CA TYR ZA 50 9.75 16.84 -35.76
C TYR ZA 50 8.31 17.29 -35.99
N ASN ZA 51 7.90 17.30 -37.24
CA ASN ZA 51 6.56 17.73 -37.62
C ASN ZA 51 5.69 16.50 -37.78
N THR ZA 52 4.77 16.31 -36.84
CA THR ZA 52 3.91 15.15 -36.88
C THR ZA 52 3.02 15.20 -38.11
N GLY ZA 53 2.78 14.03 -38.71
CA GLY ZA 53 1.85 13.91 -39.82
C GLY ZA 53 0.52 13.37 -39.35
N GLY ZA 54 -0.47 14.25 -39.20
CA GLY ZA 54 -1.76 13.88 -38.67
C GLY ZA 54 -2.80 13.70 -39.75
N SER ZA 55 -3.95 13.19 -39.34
CA SER ZA 55 -5.06 13.01 -40.26
C SER ZA 55 -5.54 14.35 -40.78
N VAL ZA 56 -6.30 14.30 -41.86
CA VAL ZA 56 -6.85 15.48 -42.51
C VAL ZA 56 -8.34 15.27 -42.67
N GLU ZA 57 -9.12 16.05 -41.92
CA GLU ZA 57 -10.58 15.97 -41.98
C GLU ZA 57 -11.06 16.96 -43.02
N SER ZA 58 -11.18 16.50 -44.26
CA SER ZA 58 -11.70 17.33 -45.32
C SER ZA 58 -13.21 17.35 -45.27
N THR ZA 59 -13.79 18.50 -45.61
CA THR ZA 59 -15.23 18.65 -45.59
C THR ZA 59 -15.63 19.74 -46.56
N MET ZA 60 -16.88 19.71 -46.97
CA MET ZA 60 -17.39 20.71 -47.88
C MET ZA 60 -18.75 21.22 -47.41
N SER ZA 61 -18.92 22.52 -47.51
CA SER ZA 61 -20.15 23.18 -47.09
C SER ZA 61 -20.74 23.93 -48.26
N GLY ZA 62 -22.01 23.70 -48.51
CA GLY ZA 62 -22.70 24.41 -49.57
C GLY ZA 62 -24.05 24.91 -49.10
N THR ZA 63 -24.44 26.07 -49.60
CA THR ZA 63 -25.78 26.59 -49.39
C THR ZA 63 -26.50 26.64 -50.71
N ALA ZA 64 -27.80 26.34 -50.67
CA ALA ZA 64 -28.63 26.35 -51.85
C ALA ZA 64 -30.05 26.74 -51.47
N LYS ZA 65 -30.89 26.84 -52.47
CA LYS ZA 65 -32.28 27.19 -52.26
C LYS ZA 65 -33.15 25.95 -52.33
N MET ZA 66 -34.42 26.13 -51.98
CA MET ZA 66 -35.34 25.01 -51.79
C MET ZA 66 -36.66 25.36 -52.45
N PHE ZA 67 -37.01 24.61 -53.50
CA PHE ZA 67 -38.22 24.87 -54.28
C PHE ZA 67 -39.16 23.68 -54.24
N TYR ZA 68 -40.24 23.75 -55.02
CA TYR ZA 68 -41.33 22.80 -54.92
C TYR ZA 68 -41.09 21.52 -55.70
N GLY ZA 69 -40.48 21.62 -56.88
CA GLY ZA 69 -40.27 20.44 -57.71
C GLY ZA 69 -39.07 19.63 -57.30
N ASP ZA 70 -38.69 19.68 -56.03
CA ASP ZA 70 -37.55 18.91 -55.55
C ASP ZA 70 -37.72 18.62 -54.06
N ASP ZA 71 -37.23 17.45 -53.66
CA ASP ZA 71 -37.21 17.03 -52.28
C ASP ZA 71 -35.81 16.60 -51.83
N PHE ZA 72 -34.84 16.60 -52.75
CA PHE ZA 72 -33.49 16.16 -52.43
C PHE ZA 72 -33.00 16.72 -51.10
N ALA ZA 73 -33.13 18.03 -50.91
CA ALA ZA 73 -32.71 18.63 -49.65
C ALA ZA 73 -33.34 17.92 -48.47
N ASP ZA 74 -34.57 17.43 -48.65
CA ASP ZA 74 -35.20 16.66 -47.59
C ASP ZA 74 -34.48 15.33 -47.39
N GLU ZA 75 -34.01 14.72 -48.48
CA GLU ZA 75 -33.22 13.51 -48.32
C GLU ZA 75 -31.96 13.80 -47.54
N ILE ZA 76 -31.39 14.99 -47.70
CA ILE ZA 76 -30.17 15.34 -46.99
C ILE ZA 76 -30.46 15.53 -45.50
N GLU ZA 77 -31.49 16.30 -45.18
CA GLU ZA 77 -31.87 16.47 -43.79
C GLU ZA 77 -32.35 15.16 -43.19
N ASP ZA 78 -32.65 14.17 -44.03
CA ASP ZA 78 -32.91 12.83 -43.52
C ASP ZA 78 -31.61 12.12 -43.20
N ALA ZA 79 -30.65 12.19 -44.11
CA ALA ZA 79 -29.41 11.44 -43.93
C ALA ZA 79 -28.64 11.94 -42.72
N VAL ZA 80 -28.56 13.25 -42.53
CA VAL ZA 80 -27.81 13.77 -41.39
C VAL ZA 80 -28.31 13.14 -40.10
N VAL ZA 81 -29.60 12.84 -40.03
CA VAL ZA 81 -30.19 12.28 -38.83
C VAL ZA 81 -29.99 10.79 -38.81
N ASP ZA 82 -30.52 10.11 -39.83
CA ASP ZA 82 -30.35 8.68 -39.97
C ASP ZA 82 -28.90 8.28 -40.15
N ARG ZA 83 -28.02 9.23 -40.47
CA ARG ZA 83 -26.59 8.97 -40.59
C ARG ZA 83 -26.34 7.86 -41.60
N VAL ZA 84 -26.95 7.97 -42.73
CA VAL ZA 84 -26.71 7.06 -43.84
C VAL ZA 84 -25.49 7.56 -44.60
N LEU ZA 85 -24.86 6.65 -45.33
CA LEU ZA 85 -23.73 7.04 -46.16
C LEU ZA 85 -24.22 7.65 -47.46
N TYR ZA 86 -23.37 8.51 -48.02
CA TYR ZA 86 -23.60 9.10 -49.32
C TYR ZA 86 -22.27 9.16 -50.04
N GLU ZA 87 -22.31 9.52 -51.31
CA GLU ZA 87 -21.11 9.75 -52.08
C GLU ZA 87 -21.39 10.85 -53.09
N ALA ZA 88 -20.41 11.70 -53.30
CA ALA ZA 88 -20.61 12.91 -54.05
C ALA ZA 88 -19.50 13.09 -55.08
N TRP ZA 89 -19.83 13.98 -56.02
CA TRP ZA 89 -19.09 14.21 -57.24
C TRP ZA 89 -18.97 15.71 -57.45
N GLU ZA 90 -17.75 16.22 -57.35
CA GLU ZA 90 -17.46 17.63 -57.64
C GLU ZA 90 -16.87 17.64 -59.04
N VAL ZA 91 -17.71 17.82 -60.03
CA VAL ZA 91 -17.30 17.75 -61.42
C VAL ZA 91 -17.21 19.18 -61.97
N GLU ZA 92 -16.10 19.48 -62.60
CA GLU ZA 92 -15.95 20.74 -63.31
C GLU ZA 92 -16.33 20.51 -64.76
N SER ZA 93 -17.37 21.20 -65.21
CA SER ZA 93 -17.79 21.06 -66.59
C SER ZA 93 -16.80 21.76 -67.51
N ARG ZA 94 -17.00 21.60 -68.81
CA ARG ZA 94 -16.15 22.24 -69.80
C ARG ZA 94 -14.72 21.74 -69.70
N ILE ZA 95 -14.55 20.54 -69.16
CA ILE ZA 95 -13.24 19.92 -69.03
C ILE ZA 95 -13.41 18.43 -69.30
N PRO ZA 96 -13.34 18.00 -70.54
CA PRO ZA 96 -13.66 16.60 -70.87
C PRO ZA 96 -12.47 15.68 -70.74
N GLY ZA 97 -12.66 14.41 -71.06
CA GLY ZA 97 -11.59 13.45 -71.04
C GLY ZA 97 -10.52 13.75 -72.06
N LYS ZA 98 -9.60 12.82 -72.23
CA LYS ZA 98 -8.46 12.98 -73.14
C LYS ZA 98 -8.48 11.99 -74.28
N ASN ZA 99 -8.89 10.76 -74.02
CA ASN ZA 99 -8.93 9.73 -75.07
C ASN ZA 99 -10.07 8.78 -74.71
N GLY ZA 100 -11.25 9.03 -75.29
CA GLY ZA 100 -12.39 8.18 -75.07
C GLY ZA 100 -13.21 8.51 -73.85
N ASP ZA 101 -12.84 9.57 -73.12
CA ASP ZA 101 -13.59 10.00 -71.94
C ASP ZA 101 -14.12 11.41 -72.12
N SER ZA 102 -14.29 11.86 -73.36
CA SER ZA 102 -14.70 13.25 -73.59
C SER ZA 102 -16.09 13.51 -73.02
N ALA ZA 103 -17.00 12.55 -73.17
CA ALA ZA 103 -18.35 12.74 -72.66
C ALA ZA 103 -18.35 12.98 -71.16
N LYS ZA 104 -17.37 12.45 -70.44
CA LYS ZA 104 -17.26 12.62 -69.00
C LYS ZA 104 -16.19 13.65 -68.70
N PHE ZA 105 -16.53 14.61 -67.84
CA PHE ZA 105 -15.66 15.72 -67.51
C PHE ZA 105 -14.94 15.45 -66.20
N LYS ZA 106 -13.85 16.18 -65.98
CA LYS ZA 106 -13.05 15.98 -64.78
C LYS ZA 106 -13.89 16.18 -63.54
N ALA ZA 107 -13.60 15.39 -62.52
CA ALA ZA 107 -14.36 15.45 -61.29
C ALA ZA 107 -13.54 14.85 -60.15
N LYS ZA 108 -14.01 15.12 -58.94
CA LYS ZA 108 -13.49 14.52 -57.72
C LYS ZA 108 -14.61 13.74 -57.08
N TYR ZA 109 -14.32 12.51 -56.67
CA TYR ZA 109 -15.30 11.61 -56.10
C TYR ZA 109 -14.91 11.32 -54.68
N PHE ZA 110 -15.90 11.34 -53.78
CA PHE ZA 110 -15.61 11.01 -52.40
C PHE ZA 110 -16.88 10.57 -51.69
N GLN ZA 111 -16.72 9.60 -50.80
CA GLN ZA 111 -17.84 8.98 -50.11
C GLN ZA 111 -17.74 9.25 -48.62
N GLY ZA 112 -18.82 9.75 -48.05
CA GLY ZA 112 -18.88 10.03 -46.63
C GLY ZA 112 -20.30 10.36 -46.24
N PHE ZA 113 -20.45 10.86 -45.03
CA PHE ZA 113 -21.76 11.23 -44.52
C PHE ZA 113 -21.98 12.73 -44.63
N HIS ZA 114 -23.25 13.11 -44.55
CA HIS ZA 114 -23.61 14.50 -44.37
C HIS ZA 114 -23.55 14.82 -42.90
N ASN ZA 115 -22.66 15.73 -42.53
CA ASN ZA 115 -22.45 16.01 -41.12
C ASN ZA 115 -23.38 17.07 -40.58
N LYS ZA 116 -24.09 17.81 -41.44
CA LYS ZA 116 -24.97 18.82 -40.91
C LYS ZA 116 -25.91 19.34 -41.98
N PHE ZA 117 -27.12 19.70 -41.53
CA PHE ZA 117 -28.13 20.36 -42.33
C PHE ZA 117 -28.71 21.49 -41.50
N GLU ZA 118 -28.83 22.67 -42.11
CA GLU ZA 118 -29.41 23.82 -41.43
C GLU ZA 118 -30.09 24.68 -42.47
N LEU ZA 119 -31.41 24.73 -42.45
CA LEU ZA 119 -32.13 25.63 -43.33
C LEU ZA 119 -32.55 26.87 -42.56
N LYS ZA 120 -33.11 27.81 -43.31
CA LYS ZA 120 -33.34 29.15 -42.78
C LYS ZA 120 -34.40 29.84 -43.62
N ALA ZA 121 -35.26 30.58 -42.94
CA ALA ZA 121 -36.36 31.28 -43.55
C ALA ZA 121 -36.25 32.77 -43.25
N GLU ZA 122 -36.94 33.57 -44.06
CA GLU ZA 122 -36.92 35.02 -43.90
C GLU ZA 122 -38.16 35.58 -44.55
N ALA ZA 123 -39.01 36.22 -43.75
CA ALA ZA 123 -40.28 36.75 -44.25
C ALA ZA 123 -40.09 37.41 -45.61
N ASN ZA 124 -40.92 37.01 -46.57
CA ASN ZA 124 -40.84 37.53 -47.93
C ASN ZA 124 -39.48 37.21 -48.54
N GLY ZA 125 -39.19 35.93 -48.62
CA GLY ZA 125 -37.96 35.47 -49.21
C GLY ZA 125 -37.96 33.96 -49.28
N ILE ZA 126 -37.15 33.44 -50.19
CA ILE ZA 126 -37.08 32.00 -50.39
C ILE ZA 126 -36.18 31.39 -49.32
N ASP ZA 127 -36.60 30.25 -48.81
CA ASP ZA 127 -35.84 29.58 -47.76
C ASP ZA 127 -34.60 28.92 -48.33
N GLU ZA 128 -33.52 28.99 -47.57
CA GLU ZA 128 -32.22 28.48 -48.01
C GLU ZA 128 -31.74 27.42 -47.06
N TYR ZA 129 -31.21 26.33 -47.60
CA TYR ZA 129 -30.69 25.24 -46.82
C TYR ZA 129 -29.20 25.10 -47.06
N GLU ZA 130 -28.44 24.99 -45.97
CA GLU ZA 130 -27.01 24.75 -46.02
C GLU ZA 130 -26.72 23.36 -45.50
N TYR ZA 131 -25.65 22.76 -46.03
CA TYR ZA 131 -25.27 21.42 -45.66
C TYR ZA 131 -23.76 21.33 -45.58
N GLU ZA 132 -23.29 20.56 -44.61
CA GLU ZA 132 -21.88 20.23 -44.46
C GLU ZA 132 -21.73 18.73 -44.58
N TYR ZA 133 -20.79 18.32 -45.43
CA TYR ZA 133 -20.56 16.93 -45.76
C TYR ZA 133 -19.10 16.59 -45.45
N GLY ZA 134 -18.91 15.55 -44.64
CA GLY ZA 134 -17.57 15.05 -44.36
C GLY ZA 134 -17.20 13.98 -45.37
N VAL ZA 135 -16.00 14.10 -45.91
CA VAL ZA 135 -15.62 13.29 -47.07
C VAL ZA 135 -15.18 11.88 -46.71
N ASN ZA 136 -14.69 11.67 -45.50
CA ASN ZA 136 -14.29 10.35 -45.04
C ASN ZA 136 -13.22 9.75 -45.95
N GLY ZA 137 -12.08 10.42 -45.94
CA GLY ZA 137 -10.86 9.85 -46.47
C GLY ZA 137 -10.35 10.56 -47.70
N ARG ZA 138 -9.46 9.87 -48.40
CA ARG ZA 138 -8.88 10.40 -49.61
C ARG ZA 138 -9.94 10.61 -50.69
N PHE ZA 139 -9.83 11.71 -51.41
CA PHE ZA 139 -10.75 12.03 -52.48
C PHE ZA 139 -10.11 11.63 -53.80
N GLN ZA 140 -10.83 10.83 -54.57
CA GLN ZA 140 -10.25 10.31 -55.79
C GLN ZA 140 -10.56 11.23 -56.96
N ARG ZA 141 -9.75 11.09 -58.01
CA ARG ZA 141 -9.87 11.92 -59.19
C ARG ZA 141 -10.15 11.06 -60.40
N GLY ZA 142 -10.63 11.71 -61.45
CA GLY ZA 142 -10.96 11.05 -62.70
C GLY ZA 142 -11.99 11.86 -63.45
N PHE ZA 143 -12.81 11.20 -64.25
CA PHE ZA 143 -13.86 11.87 -64.99
C PHE ZA 143 -15.17 11.15 -64.77
N ALA ZA 144 -16.25 11.91 -64.88
CA ALA ZA 144 -17.59 11.42 -64.62
C ALA ZA 144 -18.56 12.04 -65.62
N THR ZA 145 -19.63 11.33 -65.86
CA THR ZA 145 -20.60 11.69 -66.89
C THR ZA 145 -21.83 12.31 -66.24
N LEU ZA 146 -22.35 13.36 -66.86
CA LEU ZA 146 -23.53 14.03 -66.33
C LEU ZA 146 -24.79 13.32 -66.78
N PRO ZA 147 -25.90 13.53 -66.07
CA PRO ZA 147 -27.18 13.02 -66.54
C PRO ZA 147 -27.93 14.06 -67.37
N GLU ZA 148 -28.70 13.57 -68.33
CA GLU ZA 148 -29.60 14.40 -69.13
C GLU ZA 148 -28.87 15.56 -69.79
N ALA ZA 149 -27.57 15.42 -70.04
CA ALA ZA 149 -26.78 16.39 -70.75
C ALA ZA 149 -26.71 17.74 -70.04
N VAL ZA 150 -27.14 17.81 -68.78
CA VAL ZA 150 -27.07 19.04 -68.01
C VAL ZA 150 -26.75 18.71 -66.57
N MET AB 4 18.56 30.22 -16.73
CA MET AB 4 19.22 30.85 -17.86
C MET AB 4 19.99 29.85 -18.69
N LYS AB 5 19.49 28.62 -18.74
CA LYS AB 5 20.16 27.52 -19.43
C LYS AB 5 19.13 26.67 -20.16
N ASN AB 6 19.23 26.62 -21.48
CA ASN AB 6 18.36 25.80 -22.29
C ASN AB 6 18.83 24.35 -22.23
N SER AB 7 17.88 23.43 -22.08
CA SER AB 7 18.24 22.03 -21.90
C SER AB 7 18.90 21.47 -23.15
N ASN AB 8 18.46 21.90 -24.32
CA ASN AB 8 19.04 21.45 -25.58
C ASN AB 8 20.55 21.36 -25.46
N ASP AB 9 21.13 22.26 -24.68
CA ASP AB 9 22.57 22.31 -24.53
C ASP AB 9 23.13 21.00 -24.01
N ARG AB 10 22.53 20.45 -22.96
CA ARG AB 10 23.03 19.21 -22.40
C ARG AB 10 22.96 18.10 -23.44
N ILE AB 11 23.90 17.19 -23.35
CA ILE AB 11 24.05 16.11 -24.32
C ILE AB 11 24.33 14.84 -23.56
N ILE AB 12 23.87 13.73 -24.11
CA ILE AB 12 24.02 12.42 -23.51
C ILE AB 12 24.93 11.57 -24.36
N LEU AB 13 25.84 10.87 -23.71
CA LEU AB 13 26.75 9.96 -24.38
C LEU AB 13 26.64 8.61 -23.69
N PHE AB 14 26.66 7.56 -24.50
CA PHE AB 14 26.54 6.20 -24.00
C PHE AB 14 27.70 5.37 -24.52
N ARG AB 15 27.92 4.25 -23.85
CA ARG AB 15 28.89 3.28 -24.32
C ARG AB 15 28.71 2.01 -23.54
N LYS AB 16 29.01 0.90 -24.19
CA LYS AB 16 29.02 -0.39 -23.51
C LYS AB 16 30.40 -0.64 -22.95
N ALA AB 17 30.46 -1.09 -21.69
CA ALA AB 17 31.69 -1.02 -20.93
C ALA AB 17 32.83 -1.74 -21.63
N GLY AB 18 32.69 -3.04 -21.81
CA GLY AB 18 33.78 -3.82 -22.36
C GLY AB 18 33.88 -3.69 -23.86
N GLU AB 19 33.67 -2.48 -24.36
CA GLU AB 19 33.79 -2.17 -25.77
C GLU AB 19 34.72 -0.98 -25.91
N LYS AB 20 35.78 -1.16 -26.69
CA LYS AB 20 36.79 -0.13 -26.89
C LYS AB 20 36.42 0.61 -28.16
N VAL AB 21 35.44 1.50 -28.03
CA VAL AB 21 35.00 2.36 -29.12
C VAL AB 21 34.57 3.69 -28.53
N ASP AB 22 34.30 4.64 -29.39
CA ASP AB 22 33.88 5.95 -28.93
C ASP AB 22 32.39 5.92 -28.61
N ALA AB 23 31.96 6.92 -27.84
CA ALA AB 23 30.62 6.92 -27.31
C ALA AB 23 29.61 7.07 -28.43
N THR AB 24 28.34 7.01 -28.04
CA THR AB 24 27.22 7.08 -28.95
C THR AB 24 26.21 8.05 -28.36
N LYS AB 25 26.00 9.17 -29.03
CA LYS AB 25 25.00 10.11 -28.58
C LYS AB 25 23.63 9.47 -28.62
N MET AB 26 22.72 10.00 -27.83
CA MET AB 26 21.34 9.57 -27.82
C MET AB 26 20.50 10.65 -28.46
N LEU AB 27 19.93 10.34 -29.62
CA LEU AB 27 19.20 11.35 -30.36
C LEU AB 27 17.73 11.36 -29.99
N PHE AB 28 17.12 12.54 -30.13
CA PHE AB 28 15.68 12.68 -30.09
C PHE AB 28 15.10 12.30 -28.75
N LEU AB 29 15.80 12.66 -27.68
CA LEU AB 29 15.23 12.51 -26.35
C LEU AB 29 14.45 13.76 -25.99
N THR AB 30 13.17 13.59 -25.67
CA THR AB 30 12.33 14.73 -25.34
C THR AB 30 12.53 15.15 -23.90
N GLU AB 31 12.14 14.28 -22.99
CA GLU AB 31 12.28 14.57 -21.57
C GLU AB 31 13.58 13.99 -21.06
N TYR AB 32 13.80 14.19 -19.76
CA TYR AB 32 15.02 13.72 -19.13
C TYR AB 32 14.91 14.03 -17.64
N GLY AB 33 15.63 13.26 -16.85
CA GLY AB 33 15.54 13.39 -15.41
C GLY AB 33 16.67 12.62 -14.77
N LEU AB 34 17.02 13.05 -13.57
CA LEU AB 34 18.17 12.48 -12.88
C LEU AB 34 17.93 12.65 -11.38
N SER AB 35 17.47 11.58 -10.75
CA SER AB 35 17.10 11.61 -9.35
C SER AB 35 18.20 10.98 -8.51
N HIS AB 36 18.59 11.66 -7.45
CA HIS AB 36 19.57 11.17 -6.48
C HIS AB 36 18.87 11.09 -5.15
N GLU AB 37 18.15 9.99 -4.93
CA GLU AB 37 17.53 9.76 -3.65
C GLU AB 37 18.59 9.45 -2.60
N ALA AB 38 18.14 9.36 -1.36
CA ALA AB 38 19.00 8.98 -0.26
C ALA AB 38 18.18 8.31 0.82
N ASP AB 39 18.81 7.37 1.51
CA ASP AB 39 18.23 6.66 2.64
C ASP AB 39 19.15 6.90 3.83
N THR AB 40 18.65 7.66 4.81
CA THR AB 40 19.43 8.10 5.94
C THR AB 40 19.57 6.96 6.95
N ASP AB 41 20.74 6.31 6.96
CA ASP AB 41 21.07 5.37 8.02
C ASP AB 41 21.35 6.19 9.25
N THR AB 42 20.28 6.53 9.97
CA THR AB 42 20.34 7.37 11.15
C THR AB 42 19.95 6.53 12.37
N GLU AB 43 20.73 6.68 13.43
CA GLU AB 43 20.43 6.06 14.71
C GLU AB 43 20.29 7.15 15.76
N ASP AB 44 19.14 7.17 16.43
CA ASP AB 44 18.82 8.21 17.38
C ASP AB 44 18.94 7.66 18.79
N THR AB 45 19.78 8.30 19.60
CA THR AB 45 19.86 7.96 20.99
C THR AB 45 18.53 8.26 21.68
N MET AB 46 18.44 7.85 22.92
CA MET AB 46 17.32 8.23 23.75
C MET AB 46 17.48 9.62 24.34
N ASP AB 47 18.62 10.25 24.13
CA ASP AB 47 18.89 11.60 24.62
C ASP AB 47 19.63 12.40 23.57
N GLY AB 48 19.20 12.28 22.33
CA GLY AB 48 19.84 12.99 21.25
C GLY AB 48 19.38 12.47 19.92
N SER AB 49 20.20 12.69 18.90
CA SER AB 49 19.97 12.14 17.59
C SER AB 49 21.27 12.16 16.82
N TYR AB 50 21.33 11.34 15.78
CA TYR AB 50 22.56 11.19 15.02
C TYR AB 50 22.22 10.64 13.65
N ASN AB 51 23.02 11.03 12.67
CA ASN AB 51 23.04 10.37 11.37
C ASN AB 51 24.41 9.75 11.20
N THR AB 52 24.43 8.50 10.74
CA THR AB 52 25.64 7.73 10.60
C THR AB 52 26.06 7.58 9.14
N GLY AB 53 25.12 7.24 8.27
CA GLY AB 53 25.46 7.04 6.89
C GLY AB 53 24.29 7.26 5.98
N GLY AB 54 24.50 6.92 4.71
CA GLY AB 54 23.45 7.07 3.73
C GLY AB 54 23.59 6.13 2.56
N SER AB 55 22.52 5.41 2.26
CA SER AB 55 22.51 4.54 1.08
C SER AB 55 21.77 5.27 -0.02
N VAL AB 56 22.45 5.54 -1.09
CA VAL AB 56 21.91 6.31 -2.20
C VAL AB 56 21.23 5.36 -3.17
N GLU AB 57 20.27 5.90 -3.93
CA GLU AB 57 19.53 5.14 -4.92
C GLU AB 57 19.42 5.93 -6.21
N SER AB 58 20.56 6.47 -6.66
CA SER AB 58 20.58 7.32 -7.84
C SER AB 58 19.95 6.62 -9.04
N THR AB 59 19.56 7.39 -10.04
CA THR AB 59 19.05 6.85 -11.29
C THR AB 59 18.77 8.01 -12.24
N MET AB 60 18.58 7.67 -13.51
CA MET AB 60 18.32 8.66 -14.53
C MET AB 60 17.30 8.13 -15.51
N SER AB 61 16.35 8.98 -15.86
CA SER AB 61 15.24 8.61 -16.74
C SER AB 61 15.29 9.45 -18.00
N GLY AB 62 14.80 8.88 -19.08
CA GLY AB 62 14.78 9.58 -20.34
C GLY AB 62 13.72 9.03 -21.27
N THR AB 63 13.31 9.84 -22.22
CA THR AB 63 12.48 9.42 -23.32
C THR AB 63 13.22 9.60 -24.63
N ALA AB 64 12.58 9.14 -25.70
CA ALA AB 64 13.17 9.16 -27.03
C ALA AB 64 12.09 8.84 -28.03
N LYS AB 65 12.43 8.93 -29.31
CA LYS AB 65 11.42 8.94 -30.36
C LYS AB 65 11.62 7.95 -31.49
N MET AB 66 12.67 7.13 -31.46
CA MET AB 66 12.76 5.96 -32.33
C MET AB 66 12.69 6.33 -33.81
N PHE AB 67 13.72 7.03 -34.27
CA PHE AB 67 13.83 7.32 -35.69
C PHE AB 67 14.53 6.18 -36.42
N TYR AB 68 14.15 6.02 -37.69
CA TYR AB 68 14.60 4.86 -38.46
C TYR AB 68 16.11 4.73 -38.44
N GLY AB 69 16.82 5.85 -38.47
CA GLY AB 69 18.22 5.81 -38.81
C GLY AB 69 19.03 4.92 -37.89
N ASP AB 70 18.87 5.11 -36.59
CA ASP AB 70 19.72 4.45 -35.61
C ASP AB 70 19.01 3.26 -35.00
N ASP AB 71 19.82 2.25 -34.66
CA ASP AB 71 19.36 1.05 -34.00
C ASP AB 71 19.69 1.05 -32.52
N PHE AB 72 20.07 2.20 -31.98
CA PHE AB 72 20.58 2.24 -30.63
C PHE AB 72 19.55 1.76 -29.62
N ALA AB 73 18.31 2.22 -29.77
CA ALA AB 73 17.26 1.79 -28.85
C ALA AB 73 17.24 0.28 -28.75
N ASP AB 74 17.54 -0.41 -29.85
CA ASP AB 74 17.62 -1.86 -29.80
C ASP AB 74 18.72 -2.30 -28.85
N GLU AB 75 19.83 -1.58 -28.84
CA GLU AB 75 20.92 -1.92 -27.92
C GLU AB 75 20.48 -1.71 -26.48
N ILE AB 76 19.77 -0.63 -26.22
CA ILE AB 76 19.25 -0.39 -24.88
C ILE AB 76 18.36 -1.55 -24.45
N GLU AB 77 17.49 -1.98 -25.35
CA GLU AB 77 16.58 -3.06 -25.03
C GLU AB 77 17.34 -4.34 -24.75
N ASP AB 78 18.29 -4.67 -25.61
CA ASP AB 78 19.12 -5.84 -25.39
C ASP AB 78 19.79 -5.77 -24.03
N ALA AB 79 20.19 -4.57 -23.61
CA ALA AB 79 20.77 -4.41 -22.29
C ALA AB 79 19.76 -4.77 -21.21
N VAL AB 80 18.62 -4.09 -21.22
CA VAL AB 80 17.62 -4.31 -20.19
C VAL AB 80 17.32 -5.79 -20.04
N VAL AB 81 17.20 -6.49 -21.16
CA VAL AB 81 16.77 -7.89 -21.09
C VAL AB 81 17.94 -8.79 -20.76
N ASP AB 82 19.14 -8.38 -21.13
CA ASP AB 82 20.34 -9.19 -20.96
C ASP AB 82 21.21 -8.71 -19.82
N ARG AB 83 20.87 -7.60 -19.18
CA ARG AB 83 21.61 -7.13 -18.01
C ARG AB 83 23.05 -6.82 -18.36
N VAL AB 84 23.23 -5.93 -19.32
CA VAL AB 84 24.56 -5.54 -19.76
C VAL AB 84 24.94 -4.25 -19.06
N LEU AB 85 26.20 -4.17 -18.65
CA LEU AB 85 26.67 -2.99 -17.96
C LEU AB 85 27.01 -1.91 -18.97
N TYR AB 86 26.45 -0.73 -18.75
CA TYR AB 86 26.66 0.41 -19.63
C TYR AB 86 27.21 1.58 -18.83
N GLU AB 87 28.11 2.32 -19.47
CA GLU AB 87 28.65 3.53 -18.91
C GLU AB 87 28.16 4.69 -19.73
N ALA AB 88 27.58 5.68 -19.05
CA ALA AB 88 26.89 6.78 -19.68
C ALA AB 88 27.29 8.06 -18.99
N TRP AB 89 27.41 9.14 -19.75
CA TRP AB 89 27.60 10.43 -19.14
C TRP AB 89 26.94 11.54 -19.91
N GLU AB 90 26.28 12.43 -19.17
CA GLU AB 90 25.80 13.68 -19.70
C GLU AB 90 26.97 14.64 -19.70
N VAL AB 91 27.25 15.20 -20.86
CA VAL AB 91 28.36 16.11 -21.04
C VAL AB 91 27.75 17.42 -21.51
N GLU AB 92 27.70 18.39 -20.61
CA GLU AB 92 27.04 19.64 -20.92
C GLU AB 92 27.85 20.43 -21.93
N SER AB 93 27.21 20.80 -23.01
CA SER AB 93 27.84 21.66 -23.99
C SER AB 93 27.88 23.09 -23.48
N ARG AB 94 28.69 23.90 -24.13
CA ARG AB 94 28.77 25.32 -23.83
C ARG AB 94 29.22 25.57 -22.39
N ILE AB 95 30.01 24.65 -21.85
CA ILE AB 95 30.68 24.85 -20.57
C ILE AB 95 32.04 24.18 -20.68
N PRO AB 96 32.99 24.79 -21.35
CA PRO AB 96 34.27 24.12 -21.59
C PRO AB 96 35.21 24.17 -20.42
N GLY AB 97 36.40 23.60 -20.59
CA GLY AB 97 37.38 23.60 -19.54
C GLY AB 97 37.91 24.99 -19.25
N LYS AB 98 38.54 25.11 -18.08
CA LYS AB 98 39.05 26.38 -17.60
C LYS AB 98 40.55 26.51 -17.80
N ASN AB 99 41.33 25.58 -17.27
CA ASN AB 99 42.79 25.65 -17.26
C ASN AB 99 43.34 24.62 -18.23
N GLY AB 100 43.93 25.10 -19.32
CA GLY AB 100 44.51 24.19 -20.29
C GLY AB 100 43.52 23.16 -20.81
N ASP AB 101 42.26 23.56 -20.93
CA ASP AB 101 41.22 22.65 -21.40
C ASP AB 101 40.17 23.46 -22.13
N SER AB 102 40.04 23.22 -23.42
CA SER AB 102 39.12 23.97 -24.25
C SER AB 102 38.14 23.08 -25.00
N ALA AB 103 38.59 21.93 -25.48
CA ALA AB 103 37.68 21.00 -26.16
C ALA AB 103 36.93 20.13 -25.18
N LYS AB 104 37.44 19.98 -23.96
CA LYS AB 104 36.73 19.22 -22.96
C LYS AB 104 35.52 20.00 -22.46
N PHE AB 105 34.54 19.26 -21.97
CA PHE AB 105 33.30 19.86 -21.50
C PHE AB 105 32.89 19.24 -20.18
N LYS AB 106 32.20 20.04 -19.38
CA LYS AB 106 31.72 19.57 -18.09
C LYS AB 106 30.88 18.32 -18.27
N ALA AB 107 30.79 17.49 -17.23
CA ALA AB 107 30.18 16.19 -17.39
C ALA AB 107 29.77 15.60 -16.05
N LYS AB 108 29.07 14.47 -16.15
CA LYS AB 108 28.67 13.64 -15.02
C LYS AB 108 28.70 12.20 -15.53
N TYR AB 109 29.71 11.45 -15.11
CA TYR AB 109 29.94 10.10 -15.62
C TYR AB 109 29.44 9.07 -14.63
N PHE AB 110 28.63 8.13 -15.09
CA PHE AB 110 28.14 7.09 -14.20
C PHE AB 110 27.84 5.82 -14.98
N GLN AB 111 27.98 4.70 -14.26
CA GLN AB 111 27.85 3.37 -14.81
C GLN AB 111 26.71 2.64 -14.12
N GLY AB 112 26.09 1.72 -14.84
CA GLY AB 112 25.08 0.88 -14.22
C GLY AB 112 24.49 -0.10 -15.20
N PHE AB 113 23.30 -0.58 -14.85
CA PHE AB 113 22.50 -1.39 -15.72
C PHE AB 113 21.15 -0.71 -15.94
N HIS AB 114 20.60 -0.92 -17.12
CA HIS AB 114 19.32 -0.35 -17.49
C HIS AB 114 18.22 -1.17 -16.84
N ASN AB 115 17.62 -0.62 -15.78
CA ASN AB 115 16.69 -1.40 -15.00
C ASN AB 115 15.29 -1.36 -15.60
N LYS AB 116 15.06 -0.48 -16.57
CA LYS AB 116 13.76 -0.46 -17.23
C LYS AB 116 13.80 0.19 -18.59
N PHE AB 117 12.93 -0.29 -19.45
CA PHE AB 117 12.76 0.19 -20.82
C PHE AB 117 11.37 -0.16 -21.29
N GLU AB 118 10.71 0.78 -21.94
CA GLU AB 118 9.30 0.64 -22.25
C GLU AB 118 8.90 1.62 -23.33
N LEU AB 119 8.43 1.11 -24.46
CA LEU AB 119 8.00 2.02 -25.51
C LEU AB 119 6.48 2.14 -25.53
N LYS AB 120 6.02 3.02 -26.40
CA LYS AB 120 4.60 3.25 -26.59
C LYS AB 120 4.40 3.94 -27.92
N ALA AB 121 3.22 3.73 -28.49
CA ALA AB 121 2.93 4.18 -29.84
C ALA AB 121 1.44 4.19 -30.05
N GLU AB 122 0.97 5.23 -30.72
CA GLU AB 122 -0.44 5.39 -31.04
C GLU AB 122 -0.62 5.56 -32.54
N ALA AB 123 -1.87 5.60 -32.95
CA ALA AB 123 -2.18 5.70 -34.36
C ALA AB 123 -1.61 6.99 -34.94
N ASN AB 124 -1.15 6.90 -36.19
CA ASN AB 124 -0.58 8.03 -36.91
C ASN AB 124 0.26 8.89 -35.98
N GLY AB 125 1.00 8.24 -35.12
CA GLY AB 125 1.86 8.94 -34.18
C GLY AB 125 3.25 8.34 -34.18
N ILE AB 126 4.24 9.21 -33.97
CA ILE AB 126 5.58 8.75 -33.74
C ILE AB 126 5.62 7.82 -32.55
N ASP AB 127 6.51 6.85 -32.60
CA ASP AB 127 6.58 5.80 -31.59
C ASP AB 127 7.74 6.10 -30.65
N GLU AB 128 7.40 6.48 -29.43
CA GLU AB 128 8.39 6.93 -28.48
C GLU AB 128 8.67 5.85 -27.45
N TYR AB 129 9.63 6.13 -26.59
CA TYR AB 129 9.92 5.19 -25.52
C TYR AB 129 10.56 5.90 -24.36
N GLU AB 130 10.65 5.16 -23.26
CA GLU AB 130 11.07 5.66 -21.95
C GLU AB 130 11.96 4.61 -21.32
N TYR AB 131 13.11 5.04 -20.83
CA TYR AB 131 14.06 4.15 -20.20
C TYR AB 131 14.52 4.73 -18.89
N GLU AB 132 14.65 3.87 -17.89
CA GLU AB 132 15.16 4.22 -16.58
C GLU AB 132 16.41 3.41 -16.32
N TYR AB 133 17.48 4.11 -15.95
CA TYR AB 133 18.81 3.55 -15.88
C TYR AB 133 19.35 3.75 -14.48
N GLY AB 134 19.79 2.67 -13.86
CA GLY AB 134 20.39 2.75 -12.55
C GLY AB 134 21.75 3.39 -12.60
N VAL AB 135 22.34 3.54 -11.42
CA VAL AB 135 23.64 4.17 -11.25
C VAL AB 135 24.37 3.41 -10.17
N ASN AB 136 25.47 2.76 -10.52
CA ASN AB 136 26.23 1.98 -9.57
C ASN AB 136 26.99 2.92 -8.63
N GLY AB 137 26.49 3.05 -7.42
CA GLY AB 137 27.24 3.80 -6.42
C GLY AB 137 27.18 5.28 -6.69
N ARG AB 138 28.31 5.94 -6.49
CA ARG AB 138 28.43 7.37 -6.70
C ARG AB 138 28.92 7.63 -8.10
N PHE AB 139 28.44 8.70 -8.69
CA PHE AB 139 28.96 9.08 -9.98
C PHE AB 139 30.21 9.92 -9.82
N GLN AB 140 30.89 10.14 -10.93
CA GLN AB 140 32.08 10.96 -10.96
C GLN AB 140 31.92 12.06 -11.98
N ARG AB 141 32.35 13.26 -11.59
CA ARG AB 141 32.32 14.42 -12.45
C ARG AB 141 33.72 14.70 -12.94
N GLY AB 142 33.81 15.34 -14.09
CA GLY AB 142 35.09 15.62 -14.68
C GLY AB 142 34.95 16.07 -16.11
N PHE AB 143 35.78 17.01 -16.52
CA PHE AB 143 35.68 17.52 -17.87
C PHE AB 143 35.99 16.44 -18.89
N ALA AB 144 35.08 16.26 -19.82
CA ALA AB 144 35.16 15.20 -20.81
C ALA AB 144 35.22 15.82 -22.20
N THR AB 145 35.89 15.14 -23.11
CA THR AB 145 35.93 15.55 -24.50
C THR AB 145 34.93 14.73 -25.29
N LEU AB 146 34.47 15.30 -26.36
CA LEU AB 146 33.51 14.59 -27.19
C LEU AB 146 34.21 13.93 -28.36
N PRO AB 147 33.60 12.90 -28.91
CA PRO AB 147 34.14 12.31 -30.13
C PRO AB 147 33.67 13.06 -31.36
N GLU AB 148 34.51 13.00 -32.40
CA GLU AB 148 34.23 13.76 -33.61
C GLU AB 148 32.80 13.55 -34.08
N ALA AB 149 32.33 12.30 -34.05
CA ALA AB 149 30.99 12.00 -34.52
C ALA AB 149 29.96 12.88 -33.84
N VAL AB 150 30.02 12.95 -32.51
CA VAL AB 150 29.04 13.73 -31.78
C VAL AB 150 29.19 15.20 -32.12
N THR AB 151 30.42 15.66 -32.35
CA THR AB 151 30.62 17.06 -32.66
C THR AB 151 29.93 17.44 -33.94
N LYS AB 152 30.11 16.64 -34.99
CA LYS AB 152 29.50 16.98 -36.27
C LYS AB 152 27.98 16.89 -36.18
N LYS AB 153 27.46 15.94 -35.39
CA LYS AB 153 26.03 15.87 -35.19
C LYS AB 153 25.50 17.11 -34.50
N LEU AB 154 26.26 17.63 -33.54
CA LEU AB 154 25.78 18.76 -32.75
C LEU AB 154 25.41 19.93 -33.64
N LYS AB 155 26.12 20.13 -34.74
CA LYS AB 155 25.83 21.23 -35.64
C LYS AB 155 24.39 21.17 -36.13
N ALA AB 156 24.05 20.10 -36.85
CA ALA AB 156 22.66 19.79 -37.18
C ALA AB 156 21.98 20.95 -37.91
N THR AB 157 22.66 21.48 -38.92
CA THR AB 157 22.05 22.51 -39.76
C THR AB 157 20.97 21.89 -40.63
N GLY AB 158 19.98 22.69 -41.01
CA GLY AB 158 18.82 22.18 -41.71
C GLY AB 158 18.50 22.84 -43.03
N TYR AB 159 18.50 22.04 -44.10
CA TYR AB 159 18.06 22.44 -45.44
C TYR AB 159 18.61 23.81 -45.82
N ARG AB 160 19.94 23.83 -45.99
CA ARG AB 160 20.58 25.02 -46.50
C ARG AB 160 19.97 25.44 -47.82
N PHE AB 161 20.25 26.67 -48.21
CA PHE AB 161 19.69 27.29 -49.40
C PHE AB 161 20.00 26.50 -50.67
N HIS AB 162 18.96 25.93 -51.29
CA HIS AB 162 19.08 25.35 -52.61
C HIS AB 162 18.61 26.36 -53.64
N ASP AB 163 18.42 25.94 -54.88
CA ASP AB 163 18.06 26.86 -55.95
C ASP AB 163 16.88 26.29 -56.73
N THR AB 164 16.27 27.15 -57.55
CA THR AB 164 15.07 26.81 -58.28
C THR AB 164 15.38 26.40 -59.72
N THR AB 165 14.33 25.97 -60.42
CA THR AB 165 14.35 25.54 -61.81
C THR AB 165 15.57 24.65 -62.14
N LYS AB 166 15.67 23.53 -61.42
CA LYS AB 166 16.49 22.38 -61.75
C LYS AB 166 17.97 22.50 -61.39
N GLU AB 167 18.42 23.62 -60.84
CA GLU AB 167 19.82 23.66 -60.41
C GLU AB 167 20.10 22.61 -59.35
N ASP AB 168 19.13 22.39 -58.45
CA ASP AB 168 19.31 21.43 -57.37
C ASP AB 168 17.96 20.93 -56.90
N ALA AB 169 17.96 19.73 -56.32
CA ALA AB 169 16.74 19.15 -55.77
C ALA AB 169 16.14 20.04 -54.70
N MET BB 4 6.70 51.23 -50.48
CA MET BB 4 6.88 51.69 -51.85
C MET BB 4 6.72 50.54 -52.83
N LYS BB 5 6.80 49.32 -52.33
CA LYS BB 5 6.65 48.14 -53.17
C LYS BB 5 5.18 47.84 -53.36
N ASN BB 6 4.74 47.80 -54.61
CA ASN BB 6 3.42 47.30 -54.90
C ASN BB 6 3.38 45.79 -54.65
N SER BB 7 2.33 45.35 -53.98
CA SER BB 7 2.25 43.95 -53.57
C SER BB 7 2.49 43.02 -54.75
N ASN BB 8 1.89 43.30 -55.90
CA ASN BB 8 1.99 42.38 -57.02
C ASN BB 8 3.42 42.20 -57.50
N ASP BB 9 4.37 42.95 -56.94
CA ASP BB 9 5.77 42.71 -57.23
C ASP BB 9 6.26 41.43 -56.55
N ARG BB 10 5.63 41.04 -55.45
CA ARG BB 10 6.02 39.84 -54.74
C ARG BB 10 5.61 38.61 -55.54
N ILE BB 11 6.60 37.80 -55.93
CA ILE BB 11 6.36 36.60 -56.72
C ILE BB 11 6.60 35.40 -55.83
N ILE BB 12 5.82 34.34 -56.05
CA ILE BB 12 5.72 33.25 -55.11
C ILE BB 12 5.68 31.94 -55.89
N LEU BB 13 6.67 31.09 -55.66
CA LEU BB 13 6.80 29.83 -56.38
C LEU BB 13 6.77 28.67 -55.41
N PHE BB 14 6.40 27.51 -55.94
CA PHE BB 14 6.35 26.26 -55.19
C PHE BB 14 6.91 25.15 -56.06
N ARG BB 15 7.31 24.06 -55.42
CA ARG BB 15 7.57 22.83 -56.13
C ARG BB 15 7.86 21.71 -55.14
N LYS BB 16 7.59 20.49 -55.57
CA LYS BB 16 7.86 19.33 -54.75
C LYS BB 16 9.35 19.05 -54.70
N ALA BB 17 9.82 18.60 -53.55
CA ALA BB 17 11.25 18.34 -53.38
C ALA BB 17 11.72 17.24 -54.33
N GLY BB 18 10.92 16.19 -54.48
CA GLY BB 18 11.33 15.09 -55.33
C GLY BB 18 11.53 15.51 -56.77
N GLU BB 19 10.61 16.32 -57.30
CA GLU BB 19 10.65 16.73 -58.70
C GLU BB 19 11.65 17.88 -58.82
N LYS BB 20 12.92 17.52 -59.05
CA LYS BB 20 13.95 18.53 -59.18
C LYS BB 20 13.69 19.42 -60.38
N VAL BB 21 13.33 18.81 -61.52
CA VAL BB 21 13.17 19.57 -62.75
C VAL BB 21 11.97 20.50 -62.64
N ASP BB 22 10.91 20.05 -61.98
CA ASP BB 22 9.66 20.77 -62.00
C ASP BB 22 9.84 22.17 -61.43
N ALA BB 23 9.07 23.12 -61.97
CA ALA BB 23 9.05 24.49 -61.48
C ALA BB 23 7.74 25.13 -61.91
N THR BB 24 7.24 26.06 -61.10
CA THR BB 24 5.99 26.73 -61.39
C THR BB 24 5.86 27.95 -60.50
N LYS BB 25 4.73 28.64 -60.65
CA LYS BB 25 4.46 29.85 -59.91
C LYS BB 25 2.98 29.92 -59.57
N MET BB 26 2.67 30.60 -58.48
CA MET BB 26 1.30 30.84 -58.09
C MET BB 26 0.76 32.05 -58.84
N LEU BB 27 -0.50 31.96 -59.26
CA LEU BB 27 -1.09 32.94 -60.14
C LEU BB 27 -2.36 33.53 -59.54
N PHE BB 28 -2.61 34.80 -59.86
CA PHE BB 28 -3.85 35.47 -59.50
C PHE BB 28 -4.01 35.58 -57.99
N LEU BB 29 -2.92 35.88 -57.30
CA LEU BB 29 -3.01 36.18 -55.88
C LEU BB 29 -3.86 37.41 -55.68
N THR BB 30 -4.67 37.40 -54.62
CA THR BB 30 -5.39 38.58 -54.18
C THR BB 30 -4.83 39.12 -52.88
N GLU BB 31 -4.67 38.25 -51.88
CA GLU BB 31 -4.05 38.62 -50.62
C GLU BB 31 -3.12 37.51 -50.18
N TYR BB 32 -1.89 37.90 -49.85
CA TYR BB 32 -0.84 36.99 -49.43
C TYR BB 32 -0.26 37.52 -48.13
N GLY BB 33 -0.06 36.64 -47.16
CA GLY BB 33 0.40 37.07 -45.86
C GLY BB 33 1.30 36.05 -45.19
N LEU BB 34 2.49 36.49 -44.84
CA LEU BB 34 3.44 35.67 -44.11
C LEU BB 34 3.32 35.96 -42.62
N SER BB 35 3.81 35.03 -41.81
CA SER BB 35 3.67 35.18 -40.37
C SER BB 35 4.74 34.38 -39.64
N HIS BB 36 5.28 34.99 -38.60
CA HIS BB 36 6.19 34.34 -37.67
C HIS BB 36 5.67 34.57 -36.27
N GLU BB 37 5.43 33.48 -35.54
CA GLU BB 37 4.74 33.54 -34.25
C GLU BB 37 5.68 32.97 -33.19
N ALA BB 38 6.17 33.83 -32.32
CA ALA BB 38 7.09 33.42 -31.29
C ALA BB 38 6.32 33.00 -30.05
N ASP BB 39 6.61 31.80 -29.55
CA ASP BB 39 5.98 31.29 -28.35
C ASP BB 39 6.93 31.53 -27.19
N THR BB 40 6.69 32.61 -26.45
CA THR BB 40 7.49 32.96 -25.28
C THR BB 40 6.54 33.23 -24.12
N ASP BB 41 6.51 32.33 -23.16
CA ASP BB 41 5.68 32.47 -21.97
C ASP BB 41 6.60 32.33 -20.76
N THR BB 42 6.93 33.46 -20.14
CA THR BB 42 7.79 33.44 -18.97
C THR BB 42 7.07 32.76 -17.81
N GLU BB 43 7.77 31.86 -17.14
CA GLU BB 43 7.31 31.29 -15.90
C GLU BB 43 8.03 31.98 -14.75
N ASP BB 44 7.26 32.34 -13.73
CA ASP BB 44 7.75 33.28 -12.74
C ASP BB 44 8.83 32.67 -11.88
N THR BB 45 9.57 33.55 -11.21
CA THR BB 45 10.68 33.15 -10.36
C THR BB 45 10.74 34.10 -9.18
N MET BB 46 11.23 33.57 -8.06
CA MET BB 46 11.23 34.34 -6.82
C MET BB 46 12.18 35.52 -6.92
N ASP BB 47 13.39 35.28 -7.43
CA ASP BB 47 14.39 36.33 -7.49
C ASP BB 47 14.22 37.24 -8.70
N GLY BB 48 13.45 36.81 -9.68
CA GLY BB 48 13.21 37.63 -10.85
C GLY BB 48 12.23 37.00 -11.82
N SER BB 49 12.55 37.07 -13.10
CA SER BB 49 11.74 36.41 -14.11
C SER BB 49 12.62 36.11 -15.31
N TYR BB 50 12.32 35.01 -15.97
CA TYR BB 50 13.07 34.56 -17.13
C TYR BB 50 12.10 34.40 -18.29
N ASN BB 51 12.52 34.85 -19.47
CA ASN BB 51 11.70 34.79 -20.66
C ASN BB 51 12.11 33.57 -21.46
N THR BB 52 11.24 32.56 -21.48
CA THR BB 52 11.55 31.33 -22.19
C THR BB 52 11.68 31.59 -23.68
N GLY BB 53 12.62 30.90 -24.31
CA GLY BB 53 12.78 30.96 -25.76
C GLY BB 53 12.15 29.74 -26.41
N GLY BB 54 10.96 29.92 -26.97
CA GLY BB 54 10.21 28.83 -27.54
C GLY BB 54 10.32 28.77 -29.06
N SER BB 55 9.83 27.67 -29.60
CA SER BB 55 9.81 27.50 -31.05
C SER BB 55 8.95 28.57 -31.69
N VAL BB 56 9.12 28.73 -33.00
CA VAL BB 56 8.39 29.71 -33.78
C VAL BB 56 7.79 29.00 -34.97
N GLU BB 57 6.47 28.89 -34.99
CA GLU BB 57 5.76 28.22 -36.06
C GLU BB 57 5.38 29.27 -37.10
N SER BB 58 6.27 29.48 -38.04
CA SER BB 58 5.99 30.41 -39.13
C SER BB 58 5.13 29.75 -40.18
N THR BB 59 4.24 30.54 -40.78
CA THR BB 59 3.34 30.01 -41.79
C THR BB 59 2.91 31.15 -42.70
N MET BB 60 2.47 30.79 -43.89
CA MET BB 60 2.01 31.78 -44.84
C MET BB 60 0.69 31.35 -45.46
N SER BB 61 -0.21 32.31 -45.60
CA SER BB 61 -1.54 32.08 -46.14
C SER BB 61 -1.73 32.95 -47.36
N GLY BB 62 -2.16 32.35 -48.46
CA GLY BB 62 -2.43 33.10 -49.66
C GLY BB 62 -3.74 32.66 -50.28
N THR BB 63 -4.43 33.62 -50.86
CA THR BB 63 -5.62 33.33 -51.64
C THR BB 63 -5.36 33.71 -53.09
N ALA BB 64 -5.92 32.92 -54.00
CA ALA BB 64 -5.75 33.15 -55.42
C ALA BB 64 -6.98 32.65 -56.16
N LYS BB 65 -6.99 32.87 -57.47
CA LYS BB 65 -8.09 32.43 -58.30
C LYS BB 65 -7.72 31.15 -59.03
N MET BB 66 -8.72 30.55 -59.66
CA MET BB 66 -8.59 29.23 -60.24
C MET BB 66 -9.19 29.25 -61.64
N PHE BB 67 -8.35 29.02 -62.65
CA PHE BB 67 -8.78 29.09 -64.04
C PHE BB 67 -8.55 27.76 -64.75
N TYR BB 68 -8.76 27.74 -66.06
CA TYR BB 68 -8.79 26.50 -66.82
C TYR BB 68 -7.42 26.03 -67.26
N GLY BB 69 -6.54 26.95 -67.63
CA GLY BB 69 -5.22 26.57 -68.12
C GLY BB 69 -4.23 26.26 -67.01
N ASP BB 70 -4.72 25.84 -65.85
CA ASP BB 70 -3.84 25.52 -64.74
C ASP BB 70 -4.52 24.50 -63.84
N ASP BB 71 -3.70 23.60 -63.29
CA ASP BB 71 -4.14 22.62 -62.32
C ASP BB 71 -3.33 22.67 -61.03
N PHE BB 72 -2.35 23.57 -60.94
CA PHE BB 72 -1.49 23.66 -59.77
C PHE BB 72 -2.29 23.62 -58.47
N ALA BB 73 -3.30 24.48 -58.36
CA ALA BB 73 -4.13 24.50 -57.16
C ALA BB 73 -4.62 23.09 -56.84
N ASP BB 74 -4.87 22.28 -57.86
CA ASP BB 74 -5.26 20.91 -57.63
C ASP BB 74 -4.11 20.12 -57.02
N GLU BB 75 -2.88 20.38 -57.45
CA GLU BB 75 -1.74 19.73 -56.83
C GLU BB 75 -1.64 20.10 -55.36
N ILE BB 76 -2.03 21.33 -55.03
CA ILE BB 76 -1.97 21.77 -53.64
C ILE BB 76 -3.03 21.05 -52.81
N GLU BB 77 -4.27 21.02 -53.30
CA GLU BB 77 -5.31 20.30 -52.61
C GLU BB 77 -5.04 18.80 -52.61
N ASP BB 78 -4.10 18.35 -53.42
CA ASP BB 78 -3.65 16.97 -53.33
C ASP BB 78 -2.61 16.80 -52.24
N ALA BB 79 -1.70 17.76 -52.12
CA ALA BB 79 -0.62 17.64 -51.14
C ALA BB 79 -1.16 17.74 -49.73
N VAL BB 80 -2.09 18.67 -49.48
CA VAL BB 80 -2.59 18.80 -48.12
C VAL BB 80 -3.13 17.48 -47.61
N VAL BB 81 -3.67 16.66 -48.50
CA VAL BB 81 -4.25 15.39 -48.12
C VAL BB 81 -3.16 14.34 -48.06
N ASP BB 82 -2.46 14.14 -49.17
CA ASP BB 82 -1.37 13.19 -49.21
C ASP BB 82 -0.21 13.60 -48.31
N ARG BB 83 -0.20 14.83 -47.82
CA ARG BB 83 0.83 15.31 -46.91
C ARG BB 83 2.21 15.06 -47.49
N VAL BB 84 2.41 15.50 -48.69
CA VAL BB 84 3.71 15.46 -49.34
C VAL BB 84 4.46 16.72 -48.98
N LEU BB 85 5.78 16.66 -49.09
CA LEU BB 85 6.59 17.84 -48.85
C LEU BB 85 6.58 18.76 -50.05
N TYR BB 86 6.77 20.04 -49.80
CA TYR BB 86 6.92 21.04 -50.84
C TYR BB 86 7.97 22.02 -50.38
N GLU BB 87 8.40 22.88 -51.30
CA GLU BB 87 9.32 23.95 -50.94
C GLU BB 87 8.99 25.16 -51.79
N ALA BB 88 9.05 26.32 -51.17
CA ALA BB 88 8.54 27.54 -51.76
C ALA BB 88 9.58 28.66 -51.70
N TRP BB 89 9.33 29.62 -52.56
CA TRP BB 89 10.23 30.73 -52.87
C TRP BB 89 9.41 32.00 -52.85
N GLU BB 90 9.70 32.88 -51.90
CA GLU BB 90 9.10 34.21 -51.82
C GLU BB 90 10.15 35.17 -52.36
N VAL BB 91 10.07 35.42 -53.65
CA VAL BB 91 11.07 36.23 -54.33
C VAL BB 91 10.48 37.62 -54.58
N GLU BB 92 11.22 38.64 -54.20
CA GLU BB 92 10.85 40.00 -54.53
C GLU BB 92 11.54 40.38 -55.83
N SER BB 93 10.76 40.67 -56.86
CA SER BB 93 11.35 41.06 -58.12
C SER BB 93 11.89 42.48 -58.01
N ARG BB 94 12.57 42.92 -59.07
CA ARG BB 94 13.13 44.25 -59.12
C ARG BB 94 14.18 44.45 -58.03
N ILE BB 95 14.77 43.35 -57.58
CA ILE BB 95 15.84 43.38 -56.59
C ILE BB 95 16.87 42.32 -56.98
N PRO BB 96 17.84 42.65 -57.80
CA PRO BB 96 18.76 41.63 -58.32
C PRO BB 96 19.95 41.39 -57.41
N GLY BB 97 20.84 40.50 -57.85
CA GLY BB 97 22.06 40.22 -57.12
C GLY BB 97 22.98 41.42 -57.04
N LYS BB 98 24.18 41.20 -56.52
CA LYS BB 98 25.17 42.25 -56.34
C LYS BB 98 26.41 42.04 -57.20
N ASN BB 99 26.85 40.80 -57.36
CA ASN BB 99 28.04 40.50 -58.17
C ASN BB 99 27.85 39.12 -58.77
N GLY BB 100 27.33 39.10 -60.00
CA GLY BB 100 27.14 37.85 -60.72
C GLY BB 100 25.84 37.15 -60.47
N ASP BB 101 24.97 37.72 -59.63
CA ASP BB 101 23.67 37.15 -59.34
C ASP BB 101 22.54 38.08 -59.78
N SER BB 102 22.78 38.94 -60.77
CA SER BB 102 21.77 39.92 -61.14
C SER BB 102 20.56 39.26 -61.76
N ALA BB 103 20.76 38.19 -62.53
CA ALA BB 103 19.63 37.50 -63.13
C ALA BB 103 18.69 36.93 -62.08
N LYS BB 104 19.21 36.63 -60.90
CA LYS BB 104 18.41 36.09 -59.80
C LYS BB 104 18.15 37.19 -58.78
N PHE BB 105 16.90 37.34 -58.37
CA PHE BB 105 16.48 38.40 -57.47
C PHE BB 105 16.36 37.86 -56.05
N LYS BB 106 16.35 38.77 -55.10
CA LYS BB 106 16.30 38.37 -53.70
C LYS BB 106 15.06 37.54 -53.42
N ALA BB 107 15.21 36.58 -52.52
CA ALA BB 107 14.11 35.67 -52.22
C ALA BB 107 14.36 35.00 -50.88
N LYS BB 108 13.29 34.44 -50.34
CA LYS BB 108 13.32 33.61 -49.15
C LYS BB 108 12.88 32.21 -49.53
N TYR BB 109 13.64 31.22 -49.10
CA TYR BB 109 13.41 29.83 -49.45
C TYR BB 109 13.05 29.06 -48.19
N PHE BB 110 12.01 28.23 -48.27
CA PHE BB 110 11.65 27.43 -47.11
C PHE BB 110 10.87 26.20 -47.56
N GLN BB 111 11.15 25.09 -46.88
CA GLN BB 111 10.58 23.80 -47.24
C GLN BB 111 9.68 23.31 -46.12
N GLY BB 112 8.47 22.91 -46.48
CA GLY BB 112 7.51 22.40 -45.52
C GLY BB 112 6.31 21.86 -46.25
N PHE BB 113 5.28 21.55 -45.49
CA PHE BB 113 4.05 21.01 -46.04
C PHE BB 113 3.00 22.10 -46.19
N HIS BB 114 2.03 21.83 -47.06
CA HIS BB 114 0.83 22.65 -47.14
C HIS BB 114 -0.12 22.20 -46.04
N ASN BB 115 -0.43 23.11 -45.13
CA ASN BB 115 -1.23 22.73 -43.98
C ASN BB 115 -2.72 22.85 -44.22
N LYS BB 116 -3.14 23.54 -45.28
CA LYS BB 116 -4.57 23.66 -45.50
C LYS BB 116 -4.87 24.17 -46.90
N PHE BB 117 -6.00 23.71 -47.42
CA PHE BB 117 -6.57 24.16 -48.68
C PHE BB 117 -8.06 24.35 -48.47
N GLU BB 118 -8.58 25.49 -48.93
CA GLU BB 118 -10.00 25.78 -48.82
C GLU BB 118 -10.38 26.64 -50.00
N LEU BB 119 -11.14 26.10 -50.94
CA LEU BB 119 -11.67 26.90 -52.03
C LEU BB 119 -13.12 27.27 -51.75
N LYS BB 120 -13.64 28.12 -52.61
CA LYS BB 120 -14.91 28.77 -52.34
C LYS BB 120 -15.50 29.25 -53.66
N ALA BB 121 -16.81 29.08 -53.78
CA ALA BB 121 -17.57 29.45 -54.95
C ALA BB 121 -18.63 30.47 -54.59
N GLU BB 122 -19.11 31.18 -55.59
CA GLU BB 122 -20.13 32.20 -55.39
C GLU BB 122 -20.83 32.43 -56.71
N ALA BB 123 -22.13 32.18 -56.75
CA ALA BB 123 -22.90 32.27 -57.98
C ALA BB 123 -22.52 33.51 -58.77
N ASN BB 124 -22.21 33.33 -60.04
CA ASN BB 124 -21.80 34.42 -60.91
C ASN BB 124 -20.53 35.07 -60.39
N GLY BB 125 -19.48 34.25 -60.30
CA GLY BB 125 -18.19 34.74 -59.86
C GLY BB 125 -17.17 33.63 -59.97
N ILE BB 126 -15.92 34.04 -60.05
CA ILE BB 126 -14.84 33.07 -60.20
C ILE BB 126 -14.52 32.47 -58.84
N ASP BB 127 -14.27 31.16 -58.83
CA ASP BB 127 -13.97 30.47 -57.59
C ASP BB 127 -12.56 30.81 -57.13
N GLU BB 128 -12.40 30.94 -55.81
CA GLU BB 128 -11.14 31.34 -55.20
C GLU BB 128 -10.68 30.26 -54.25
N TYR BB 129 -9.39 29.93 -54.31
CA TYR BB 129 -8.80 28.94 -53.43
C TYR BB 129 -7.77 29.60 -52.54
N GLU BB 130 -7.83 29.30 -51.25
CA GLU BB 130 -6.88 29.76 -50.26
C GLU BB 130 -6.08 28.58 -49.74
N TYR BB 131 -4.84 28.85 -49.38
CA TYR BB 131 -3.94 27.83 -48.90
C TYR BB 131 -3.11 28.38 -47.76
N GLU BB 132 -2.83 27.51 -46.80
CA GLU BB 132 -1.93 27.78 -45.69
C GLU BB 132 -0.80 26.78 -45.72
N TYR BB 133 0.42 27.30 -45.66
CA TYR BB 133 1.64 26.53 -45.80
C TYR BB 133 2.49 26.73 -44.55
N GLY BB 134 2.86 25.62 -43.91
CA GLY BB 134 3.76 25.66 -42.78
C GLY BB 134 5.19 25.51 -43.26
N VAL BB 135 6.07 26.38 -42.76
CA VAL BB 135 7.40 26.52 -43.33
C VAL BB 135 8.39 25.47 -42.83
N ASN BB 136 8.14 24.90 -41.66
CA ASN BB 136 9.00 23.85 -41.12
C ASN BB 136 10.45 24.31 -41.00
N GLY BB 137 10.62 25.31 -40.15
CA GLY BB 137 11.93 25.67 -39.64
C GLY BB 137 12.38 27.04 -40.11
N ARG BB 138 13.68 27.24 -40.00
CA ARG BB 138 14.28 28.51 -40.39
C ARG BB 138 14.13 28.72 -41.89
N PHE BB 139 13.86 29.97 -42.26
CA PHE BB 139 13.72 30.35 -43.66
C PHE BB 139 15.03 30.95 -44.13
N GLN BB 140 15.55 30.42 -45.22
CA GLN BB 140 16.85 30.87 -45.70
C GLN BB 140 16.69 32.01 -46.68
N ARG BB 141 17.75 32.77 -46.84
CA ARG BB 141 17.77 33.93 -47.71
C ARG BB 141 18.81 33.76 -48.79
N GLY BB 142 18.67 34.56 -49.84
CA GLY BB 142 19.58 34.52 -50.96
C GLY BB 142 18.88 35.06 -52.19
N PHE BB 143 19.29 34.61 -53.36
CA PHE BB 143 18.66 35.03 -54.60
C PHE BB 143 18.31 33.81 -55.44
N ALA BB 144 17.26 33.98 -56.24
CA ALA BB 144 16.71 32.90 -57.04
C ALA BB 144 16.30 33.44 -58.40
N THR BB 145 16.30 32.56 -59.38
CA THR BB 145 16.06 32.92 -60.76
C THR BB 145 14.65 32.54 -61.15
N LEU BB 146 14.01 33.41 -61.94
CA LEU BB 146 12.66 33.15 -62.38
C LEU BB 146 12.66 32.29 -63.62
N PRO BB 147 11.55 31.62 -63.91
CA PRO BB 147 11.42 30.92 -65.19
C PRO BB 147 10.75 31.78 -66.24
N GLU BB 148 11.17 31.57 -67.49
CA GLU BB 148 10.54 32.19 -68.64
C GLU BB 148 10.52 33.72 -68.54
N ALA BB 149 11.47 34.29 -67.79
CA ALA BB 149 11.64 35.73 -67.68
C ALA BB 149 10.42 36.43 -67.08
N VAL BB 150 9.51 35.67 -66.49
CA VAL BB 150 8.35 36.25 -65.83
C VAL BB 150 7.99 35.40 -64.62
N ASN CB 3 3.56 30.52 39.57
CA ASN CB 3 3.50 31.88 39.04
C ASN CB 3 4.51 32.80 39.70
N LYS CB 4 4.92 32.46 40.92
CA LYS CB 4 5.94 33.19 41.65
C LYS CB 4 7.00 32.22 42.15
N LEU CB 5 8.10 32.77 42.64
CA LEU CB 5 9.23 31.96 43.03
C LEU CB 5 8.93 31.14 44.27
N ILE CB 6 9.85 30.22 44.55
CA ILE CB 6 9.79 29.39 45.73
C ILE CB 6 11.06 29.62 46.52
N THR CB 7 11.01 30.56 47.45
CA THR CB 7 12.11 30.86 48.35
C THR CB 7 12.08 29.99 49.61
N ASP CB 8 11.33 28.89 49.60
CA ASP CB 8 11.29 27.93 50.69
C ASP CB 8 11.75 26.60 50.10
N LEU CB 9 13.06 26.40 50.08
CA LEU CB 9 13.63 25.25 49.42
C LEU CB 9 13.60 24.03 50.33
N SER CB 10 13.46 22.86 49.70
CA SER CB 10 13.41 21.62 50.44
C SER CB 10 14.76 21.34 51.08
N ARG CB 11 14.70 20.74 52.27
CA ARG CB 11 15.87 20.54 53.11
C ARG CB 11 16.30 19.07 53.13
N VAL CB 12 16.11 18.36 52.03
CA VAL CB 12 16.46 16.95 51.92
C VAL CB 12 17.22 16.63 50.65
N PHE CB 13 17.34 17.60 49.74
CA PHE CB 13 18.09 17.44 48.50
C PHE CB 13 17.56 16.27 47.68
N ASP CB 14 16.36 16.47 47.16
CA ASP CB 14 15.73 15.48 46.30
C ASP CB 14 15.25 16.08 45.00
N TYR CB 15 14.54 15.28 44.22
CA TYR CB 15 14.00 15.73 42.94
C TYR CB 15 13.13 16.95 43.14
N ARG CB 16 12.43 17.01 44.26
CA ARG CB 16 11.66 18.20 44.58
C ARG CB 16 12.54 19.43 44.61
N TYR CB 17 13.67 19.35 45.31
CA TYR CB 17 14.56 20.49 45.42
C TYR CB 17 15.10 20.88 44.06
N VAL CB 18 15.53 19.89 43.27
CA VAL CB 18 16.14 20.20 41.99
C VAL CB 18 15.11 20.82 41.06
N ASP CB 19 13.89 20.30 41.07
CA ASP CB 19 12.85 20.87 40.23
C ASP CB 19 12.50 22.27 40.68
N GLU CB 20 12.54 22.52 41.98
CA GLU CB 20 12.27 23.86 42.48
C GLU CB 20 13.32 24.83 41.96
N ASN CB 21 14.59 24.46 42.06
CA ASN CB 21 15.66 25.31 41.57
C ASN CB 21 15.54 25.55 40.07
N GLU CB 22 15.22 24.50 39.33
CA GLU CB 22 15.11 24.63 37.88
C GLU CB 22 13.95 25.53 37.49
N TYR CB 23 12.78 25.29 38.07
CA TYR CB 23 11.62 26.14 37.86
C TYR CB 23 11.91 27.57 38.28
N ASN CB 24 12.69 27.74 39.34
CA ASN CB 24 13.04 29.08 39.81
C ASN CB 24 13.82 29.82 38.76
N PHE CB 25 14.85 29.19 38.20
CA PHE CB 25 15.64 29.88 37.18
C PHE CB 25 14.83 30.12 35.92
N LYS CB 26 14.01 29.14 35.54
CA LYS CB 26 13.16 29.32 34.37
C LYS CB 26 12.21 30.49 34.57
N LEU CB 27 11.65 30.60 35.76
CA LEU CB 27 10.73 31.69 36.06
C LEU CB 27 11.45 33.02 36.07
N ILE CB 28 12.68 33.05 36.59
CA ILE CB 28 13.43 34.31 36.61
C ILE CB 28 13.66 34.78 35.18
N SER CB 29 14.09 33.88 34.30
CA SER CB 29 14.31 34.26 32.92
C SER CB 29 13.03 34.74 32.26
N ASP CB 30 11.94 34.00 32.47
CA ASP CB 30 10.66 34.37 31.86
C ASP CB 30 10.19 35.72 32.37
N MET CB 31 10.25 35.94 33.68
CA MET CB 31 9.78 37.18 34.26
C MET CB 31 10.62 38.35 33.80
N LEU CB 32 11.92 38.15 33.68
CA LEU CB 32 12.78 39.23 33.26
C LEU CB 32 12.55 39.61 31.81
N THR CB 33 12.46 38.62 30.92
CA THR CB 33 12.22 38.95 29.53
C THR CB 33 10.84 39.56 29.36
N ASP CB 34 9.86 39.15 30.18
CA ASP CB 34 8.56 39.79 30.14
C ASP CB 34 8.65 41.25 30.57
N PHE CB 35 9.41 41.54 31.63
CA PHE CB 35 9.58 42.93 32.06
C PHE CB 35 10.25 43.75 30.99
N ASN CB 36 11.26 43.19 30.33
CA ASN CB 36 11.95 43.92 29.27
C ASN CB 36 11.01 44.23 28.12
N PHE CB 37 10.25 43.23 27.68
CA PHE CB 37 9.29 43.46 26.61
C PHE CB 37 8.22 44.46 27.04
N SER CB 38 7.83 44.43 28.32
CA SER CB 38 6.81 45.35 28.79
C SER CB 38 7.31 46.77 28.76
N LEU CB 39 8.54 46.98 29.21
CA LEU CB 39 9.12 48.31 29.15
C LEU CB 39 9.25 48.78 27.71
N GLU CB 40 9.63 47.88 26.80
CA GLU CB 40 9.77 48.28 25.41
C GLU CB 40 8.43 48.67 24.81
N TYR CB 41 7.39 47.90 25.14
CA TYR CB 41 6.05 48.23 24.69
C TYR CB 41 5.62 49.57 25.25
N HIS CB 42 5.89 49.82 26.52
CA HIS CB 42 5.62 51.10 27.15
C HIS CB 42 6.31 52.22 26.40
N ARG CB 43 7.57 52.03 26.07
CA ARG CB 43 8.39 53.09 25.51
C ARG CB 43 8.06 53.36 24.04
N ASN CB 44 7.56 52.37 23.32
CA ASN CB 44 7.36 52.50 21.88
C ASN CB 44 5.90 52.65 21.49
N LYS CB 45 5.04 51.72 21.92
CA LYS CB 45 3.72 51.57 21.36
C LYS CB 45 2.56 51.72 22.32
N GLU CB 46 2.81 51.79 23.63
CA GLU CB 46 1.71 51.82 24.58
C GLU CB 46 1.02 53.18 24.50
N VAL CB 47 -0.22 53.19 24.03
CA VAL CB 47 -0.98 54.42 23.98
C VAL CB 47 -1.39 54.83 25.38
N PHE CB 48 -1.24 56.12 25.67
CA PHE CB 48 -1.56 56.68 26.98
C PHE CB 48 -0.72 55.98 28.06
N ALA CB 49 0.57 55.85 27.77
CA ALA CB 49 1.49 55.28 28.74
C ALA CB 49 1.52 56.10 30.02
N HIS CB 50 1.57 57.42 29.89
CA HIS CB 50 1.64 58.33 31.01
C HIS CB 50 0.43 59.24 31.01
N ASN CB 51 -0.01 59.58 32.21
CA ASN CB 51 -0.99 60.63 32.39
C ASN CB 51 -0.31 61.98 32.17
N GLY CB 52 -1.10 62.96 31.76
CA GLY CB 52 -0.52 64.25 31.40
C GLY CB 52 -0.09 65.07 32.59
N GLU CB 53 -0.68 64.82 33.75
CA GLU CB 53 -0.25 65.52 34.96
C GLU CB 53 1.18 65.20 35.33
N GLN CB 54 1.70 64.06 34.87
CA GLN CB 54 3.02 63.61 35.30
C GLN CB 54 4.12 64.48 34.71
N ILE CB 55 4.18 64.54 33.38
CA ILE CB 55 5.37 65.02 32.70
C ILE CB 55 5.64 66.48 33.03
N LYS CB 56 6.90 66.79 33.28
CA LYS CB 56 7.31 68.10 33.73
C LYS CB 56 7.72 68.98 32.56
N TYR CB 57 7.30 70.24 32.62
CA TYR CB 57 7.69 71.26 31.66
C TYR CB 57 8.46 72.33 32.42
N GLU CB 58 9.76 72.36 32.21
CA GLU CB 58 10.65 73.26 32.94
C GLU CB 58 11.03 74.43 32.05
N HIS CB 59 10.51 75.59 32.37
CA HIS CB 59 10.94 76.85 31.79
C HIS CB 59 12.10 77.37 32.65
N LEU CB 60 12.46 78.64 32.48
CA LEU CB 60 13.40 79.24 33.41
C LEU CB 60 12.83 79.24 34.82
N ASN CB 61 13.59 78.67 35.76
CA ASN CB 61 13.32 78.74 37.21
C ASN CB 61 11.86 78.43 37.56
N VAL CB 62 11.20 77.63 36.72
CA VAL CB 62 9.77 77.39 36.82
C VAL CB 62 9.52 75.92 36.54
N THR CB 63 8.66 75.31 37.34
CA THR CB 63 8.33 73.90 37.23
C THR CB 63 6.83 73.77 37.18
N SER CB 64 6.36 72.92 36.27
CA SER CB 64 4.94 72.69 36.11
C SER CB 64 4.76 71.48 35.20
N SER CB 65 3.56 70.94 35.23
CA SER CB 65 3.24 69.77 34.43
C SER CB 65 3.03 70.20 32.98
N VAL CB 66 2.46 69.32 32.17
CA VAL CB 66 2.03 69.67 30.83
C VAL CB 66 0.52 69.83 30.76
N SER CB 67 -0.24 69.02 31.51
CA SER CB 67 -1.68 69.18 31.50
C SER CB 67 -2.09 70.54 32.05
N ASP CB 68 -1.48 70.94 33.17
CA ASP CB 68 -1.78 72.25 33.73
C ASP CB 68 -1.40 73.36 32.76
N PHE CB 69 -0.22 73.24 32.14
CA PHE CB 69 0.24 74.27 31.22
C PHE CB 69 -0.66 74.36 30.00
N LEU CB 70 -1.10 73.23 29.47
CA LEU CB 70 -1.97 73.23 28.31
C LEU CB 70 -3.33 73.82 28.65
N THR CB 71 -3.87 73.48 29.83
CA THR CB 71 -5.12 74.08 30.25
C THR CB 71 -4.97 75.58 30.41
N TYR CB 72 -3.79 76.02 30.85
CA TYR CB 72 -3.55 77.45 31.00
C TYR CB 72 -3.47 78.15 29.66
N LEU CB 73 -2.82 77.52 28.69
CA LEU CB 73 -2.80 78.06 27.33
C LEU CB 73 -4.21 78.17 26.76
N ASN CB 74 -5.01 77.12 26.95
CA ASN CB 74 -6.37 77.13 26.44
C ASN CB 74 -7.21 78.19 27.12
N GLY CB 75 -7.03 78.36 28.43
CA GLY CB 75 -7.74 79.41 29.14
C GLY CB 75 -7.33 80.80 28.67
N ARG CB 76 -6.05 80.99 28.38
CA ARG CB 76 -5.59 82.25 27.82
C ARG CB 76 -6.29 82.54 26.50
N PHE CB 77 -6.28 81.57 25.60
CA PHE CB 77 -6.94 81.74 24.32
C PHE CB 77 -8.41 82.08 24.51
N SER CB 78 -9.10 81.33 25.36
CA SER CB 78 -10.52 81.54 25.58
C SER CB 78 -10.79 82.92 26.13
N ASN CB 79 -9.98 83.37 27.09
CA ASN CB 79 -10.19 84.68 27.66
C ASN CB 79 -9.92 85.78 26.65
N MET CB 80 -8.83 85.67 25.90
CA MET CB 80 -8.51 86.69 24.91
C MET CB 80 -9.58 86.77 23.84
N VAL CB 81 -10.24 85.65 23.54
CA VAL CB 81 -11.25 85.66 22.49
C VAL CB 81 -12.59 86.14 23.04
N LEU CB 82 -13.19 85.36 23.93
CA LEU CB 82 -14.55 85.62 24.38
C LEU CB 82 -14.61 86.34 25.72
N GLY CB 83 -13.50 86.91 26.18
CA GLY CB 83 -13.50 87.66 27.42
C GLY CB 83 -13.76 89.13 27.16
N HIS CB 84 -14.80 89.66 27.81
CA HIS CB 84 -15.11 91.08 27.65
C HIS CB 84 -13.95 91.93 28.14
N ASN CB 85 -13.84 93.13 27.58
CA ASN CB 85 -12.72 94.00 27.84
C ASN CB 85 -13.18 95.45 27.85
N GLY CB 86 -12.24 96.35 28.07
CA GLY CB 86 -12.49 97.77 28.17
C GLY CB 86 -11.92 98.36 29.44
N ASP CB 87 -11.93 99.70 29.47
CA ASP CB 87 -11.44 100.55 30.56
C ASP CB 87 -10.21 99.96 31.26
N GLY CB 88 -9.21 99.65 30.44
CA GLY CB 88 -8.01 99.02 30.97
C GLY CB 88 -7.22 99.92 31.89
N ILE CB 89 -7.21 101.21 31.61
CA ILE CB 89 -6.47 102.14 32.45
C ILE CB 89 -7.10 102.20 33.83
N ASN CB 90 -8.42 102.29 33.88
CA ASN CB 90 -9.12 102.28 35.16
C ASN CB 90 -8.94 100.95 35.86
N GLU CB 91 -8.91 99.85 35.10
CA GLU CB 91 -8.68 98.53 35.69
C GLU CB 91 -7.33 98.49 36.39
N VAL CB 92 -6.29 99.01 35.74
CA VAL CB 92 -4.96 99.00 36.33
C VAL CB 92 -4.90 99.92 37.56
N LYS CB 93 -5.46 101.12 37.44
CA LYS CB 93 -5.40 102.06 38.56
C LYS CB 93 -6.20 101.56 39.74
N ASP CB 94 -7.20 100.71 39.51
CA ASP CB 94 -7.92 100.08 40.60
C ASP CB 94 -7.19 98.87 41.15
N ALA CB 95 -6.53 98.10 40.29
CA ALA CB 95 -5.71 96.99 40.73
C ALA CB 95 -4.54 97.44 41.59
N ARG CB 96 -4.13 98.69 41.47
CA ARG CB 96 -3.08 99.24 42.32
C ARG CB 96 -3.34 99.02 43.81
N VAL CB 97 -4.58 98.86 44.23
CA VAL CB 97 -4.90 98.67 45.65
C VAL CB 97 -4.63 97.24 46.04
N ASP CB 98 -4.25 97.04 47.31
CA ASP CB 98 -3.97 95.70 47.82
C ASP CB 98 -5.20 95.12 48.50
N ASN CB 99 -5.07 93.89 48.95
CA ASN CB 99 -6.20 93.11 49.45
C ASN CB 99 -6.45 93.31 50.94
N THR CB 100 -6.05 94.47 51.48
CA THR CB 100 -6.31 94.84 52.86
C THR CB 100 -6.93 96.22 53.02
N GLY CB 101 -6.84 97.09 52.01
CA GLY CB 101 -7.44 98.41 52.06
C GLY CB 101 -6.42 99.54 52.02
N TYR CB 102 -5.32 99.33 51.31
CA TYR CB 102 -4.27 100.33 51.17
C TYR CB 102 -3.97 100.50 49.69
N ASP CB 103 -4.14 101.72 49.19
CA ASP CB 103 -3.92 102.01 47.78
C ASP CB 103 -2.44 102.32 47.57
N HIS CB 104 -1.75 101.42 46.89
CA HIS CB 104 -0.35 101.64 46.58
C HIS CB 104 -0.22 102.74 45.54
N LYS CB 105 1.02 103.05 45.18
CA LYS CB 105 1.30 104.08 44.19
C LYS CB 105 1.33 103.54 42.78
N THR CB 106 1.75 102.29 42.62
CA THR CB 106 1.88 101.70 41.29
C THR CB 106 1.62 100.20 41.37
N LEU CB 107 1.21 99.66 40.23
CA LEU CB 107 0.85 98.24 40.17
C LEU CB 107 2.04 97.36 40.45
N GLN CB 108 3.21 97.71 39.88
CA GLN CB 108 4.38 96.88 40.09
C GLN CB 108 4.82 96.93 41.54
N ASP CB 109 4.73 98.10 42.18
CA ASP CB 109 5.11 98.19 43.58
C ASP CB 109 4.16 97.39 44.45
N ARG CB 110 2.87 97.41 44.10
CA ARG CB 110 1.90 96.62 44.83
C ARG CB 110 2.20 95.13 44.71
N LEU CB 111 2.42 94.67 43.48
CA LEU CB 111 2.72 93.27 43.25
C LEU CB 111 3.97 92.86 44.00
N TYR CB 112 4.99 93.73 43.98
CA TYR CB 112 6.23 93.44 44.68
C TYR CB 112 6.00 93.30 46.18
N HIS CB 113 5.23 94.23 46.75
CA HIS CB 113 4.97 94.17 48.18
C HIS CB 113 4.23 92.91 48.54
N ASP CB 114 3.22 92.55 47.75
CA ASP CB 114 2.44 91.36 48.04
C ASP CB 114 3.31 90.11 48.00
N TYR CB 115 4.11 89.97 46.93
CA TYR CB 115 4.94 88.78 46.80
C TYR CB 115 6.02 88.74 47.85
N SER CB 116 6.57 89.90 48.25
CA SER CB 116 7.57 89.91 49.30
C SER CB 116 6.96 89.52 50.63
N THR CB 117 5.74 89.97 50.90
CA THR CB 117 5.05 89.57 52.11
C THR CB 117 4.88 88.06 52.16
N LEU CB 118 4.42 87.48 51.06
CA LEU CB 118 4.21 86.04 51.02
C LEU CB 118 5.54 85.30 51.18
N ASP CB 119 6.59 85.77 50.51
CA ASP CB 119 7.88 85.11 50.62
C ASP CB 119 8.42 85.19 52.04
N ALA CB 120 8.24 86.33 52.70
CA ALA CB 120 8.73 86.46 54.06
C ALA CB 120 7.97 85.54 55.01
N PHE CB 121 6.64 85.49 54.85
CA PHE CB 121 5.86 84.59 55.69
C PHE CB 121 6.28 83.14 55.48
N THR CB 122 6.48 82.75 54.23
CA THR CB 122 6.87 81.37 53.94
C THR CB 122 8.25 81.06 54.49
N LYS CB 123 9.19 82.01 54.39
CA LYS CB 123 10.53 81.76 54.90
C LYS CB 123 10.53 81.70 56.41
N LYS CB 124 9.68 82.49 57.07
CA LYS CB 124 9.56 82.39 58.51
C LYS CB 124 9.01 81.04 58.92
N VAL CB 125 7.97 80.58 58.22
CA VAL CB 125 7.43 79.25 58.47
C VAL CB 125 8.50 78.20 58.25
N GLU CB 126 9.31 78.37 57.21
CA GLU CB 126 10.33 77.38 56.89
C GLU CB 126 11.42 77.35 57.94
N LYS CB 127 11.81 78.51 58.46
CA LYS CB 127 12.80 78.55 59.52
C LYS CB 127 12.25 77.88 60.78
N ALA CB 128 10.98 78.13 61.08
CA ALA CB 128 10.38 77.48 62.24
C ALA CB 128 10.36 75.97 62.04
N VAL CB 129 10.06 75.52 60.82
CA VAL CB 129 10.02 74.09 60.55
C VAL CB 129 11.39 73.47 60.69
N ASP CB 130 12.41 74.13 60.14
CA ASP CB 130 13.77 73.60 60.24
C ASP CB 130 14.23 73.55 61.68
N GLU CB 131 13.94 74.60 62.46
CA GLU CB 131 14.31 74.60 63.87
C GLU CB 131 13.60 73.49 64.62
N ASN CB 132 12.31 73.32 64.38
CA ASN CB 132 11.55 72.27 65.05
C ASN CB 132 12.11 70.89 64.70
N TYR CB 133 12.44 70.69 63.43
CA TYR CB 133 13.00 69.40 63.01
C TYR CB 133 14.36 69.15 63.64
N LYS CB 134 15.21 70.18 63.68
CA LYS CB 134 16.53 70.02 64.26
C LYS CB 134 16.44 69.74 65.75
N GLU CB 135 15.49 70.39 66.43
CA GLU CB 135 15.30 70.12 67.85
C GLU CB 135 14.82 68.69 68.06
N TYR CB 136 13.93 68.22 67.20
CA TYR CB 136 13.46 66.85 67.30
C TYR CB 136 14.59 65.87 67.10
N ARG CB 137 15.44 66.12 66.10
CA ARG CB 137 16.58 65.24 65.87
C ARG CB 137 17.53 65.25 67.06
N ALA CB 138 17.81 66.42 67.60
CA ALA CB 138 18.76 66.51 68.70
C ALA CB 138 18.20 65.91 69.98
N THR CB 139 16.88 65.82 70.10
CA THR CB 139 16.29 65.12 71.24
C THR CB 139 16.19 63.63 71.00
N GLU CB 140 16.00 63.21 69.75
CA GLU CB 140 15.79 61.80 69.44
C GLU CB 140 17.13 61.08 69.32
N TYR CB 141 17.91 61.43 68.31
CA TYR CB 141 19.21 60.84 68.09
C TYR CB 141 20.27 61.57 68.89
N ARG CB 142 20.03 61.75 70.19
CA ARG CB 142 20.97 62.51 71.00
C ARG CB 142 22.15 61.65 71.36
N PHE CB 143 23.34 62.18 71.12
CA PHE CB 143 24.58 61.51 71.49
C PHE CB 143 25.54 62.62 71.91
N GLU CB 144 25.60 62.84 73.22
CA GLU CB 144 26.41 63.90 73.81
C GLU CB 144 27.14 63.30 74.99
N PRO CB 145 28.26 62.61 74.75
CA PRO CB 145 29.06 62.09 75.86
C PRO CB 145 29.73 63.15 76.72
N LYS CB 146 29.55 64.44 76.43
CA LYS CB 146 29.86 65.46 77.42
C LYS CB 146 28.99 65.30 78.65
N GLU CB 147 27.79 64.77 78.46
CA GLU CB 147 26.73 64.65 79.45
C GLU CB 147 26.11 63.29 79.19
N GLN CB 148 24.84 63.11 79.53
CA GLN CB 148 24.18 61.83 79.30
C GLN CB 148 24.82 60.77 80.19
N GLU CB 149 24.56 60.88 81.49
CA GLU CB 149 24.97 59.94 82.52
C GLU CB 149 24.79 58.52 82.03
N PRO CB 150 25.69 57.61 82.37
CA PRO CB 150 25.70 56.29 81.75
C PRO CB 150 24.57 55.43 82.26
N GLU CB 151 24.42 54.28 81.61
CA GLU CB 151 23.43 53.28 81.96
C GLU CB 151 24.12 51.94 82.00
N PHE CB 152 23.88 51.17 83.04
CA PHE CB 152 24.38 49.80 83.10
C PHE CB 152 23.84 49.02 81.90
N ILE CB 153 24.62 48.04 81.46
CA ILE CB 153 24.25 47.21 80.33
C ILE CB 153 24.20 45.77 80.80
N THR CB 154 25.35 45.28 81.25
CA THR CB 154 25.47 43.88 81.61
C THR CB 154 26.71 43.70 82.46
N ASP CB 155 26.98 42.45 82.81
CA ASP CB 155 28.09 42.06 83.65
C ASP CB 155 28.73 40.84 83.04
N LEU CB 156 30.03 40.70 83.25
CA LEU CB 156 30.84 39.73 82.53
C LEU CB 156 31.33 38.64 83.48
N SER CB 157 31.33 37.42 82.99
CA SER CB 157 31.64 36.23 83.79
C SER CB 157 32.67 35.37 83.08
N PRO CB 158 33.86 35.90 82.83
CA PRO CB 158 34.92 35.08 82.25
C PRO CB 158 35.56 34.21 83.30
N TYR CB 159 36.21 33.15 82.84
CA TYR CB 159 36.93 32.23 83.72
C TYR CB 159 38.42 32.60 83.69
N THR CB 160 38.72 33.72 84.33
CA THR CB 160 40.10 34.16 84.48
C THR CB 160 40.15 35.19 85.60
N ASN CB 161 41.15 35.05 86.48
CA ASN CB 161 41.32 35.94 87.61
C ASN CB 161 42.35 37.01 87.28
N ALA CB 162 42.02 37.83 86.30
CA ALA CB 162 42.88 38.94 85.91
C ALA CB 162 42.01 40.08 85.40
N VAL CB 163 42.57 41.28 85.45
CA VAL CB 163 41.82 42.47 85.11
C VAL CB 163 41.60 42.53 83.60
N MET CB 164 40.35 42.64 83.19
CA MET CB 164 40.03 42.78 81.78
C MET CB 164 40.66 44.05 81.23
N GLN CB 165 41.02 43.98 79.95
CA GLN CB 165 41.82 45.03 79.33
C GLN CB 165 41.22 45.49 78.01
N SER CB 166 40.38 44.67 77.38
CA SER CB 166 39.58 45.22 76.29
C SER CB 166 38.29 44.45 76.13
N PHE CB 167 37.37 45.06 75.40
CA PHE CB 167 35.96 44.69 75.45
C PHE CB 167 35.29 45.13 74.16
N TRP CB 168 34.99 44.17 73.29
CA TRP CB 168 34.32 44.46 72.03
C TRP CB 168 33.04 43.65 71.94
N VAL CB 169 32.07 44.22 71.23
CA VAL CB 169 30.78 43.59 70.99
C VAL CB 169 30.63 43.41 69.50
N ASP CB 170 29.96 42.33 69.11
CA ASP CB 170 29.76 42.02 67.71
C ASP CB 170 28.33 42.34 67.33
N PRO CB 171 28.04 43.43 66.61
CA PRO CB 171 26.65 43.73 66.29
C PRO CB 171 25.99 42.71 65.39
N ARG CB 172 26.76 41.87 64.71
CA ARG CB 172 26.18 40.91 63.78
C ARG CB 172 25.70 39.64 64.48
N THR CB 173 26.22 39.36 65.67
CA THR CB 173 25.81 38.18 66.42
C THR CB 173 25.62 38.42 67.91
N LYS CB 174 25.89 39.62 68.41
CA LYS CB 174 25.61 39.97 69.80
C LYS CB 174 26.43 39.11 70.76
N ILE CB 175 27.71 38.97 70.44
CA ILE CB 175 28.66 38.20 71.22
C ILE CB 175 29.79 39.12 71.62
N ILE CB 176 30.32 38.90 72.82
CA ILE CB 176 31.37 39.75 73.38
C ILE CB 176 32.70 39.04 73.25
N TYR CB 177 33.73 39.81 72.97
CA TYR CB 177 35.11 39.38 72.97
C TYR CB 177 35.84 40.21 74.01
N MET CB 178 36.46 39.54 74.97
CA MET CB 178 36.95 40.18 76.19
C MET CB 178 38.37 39.72 76.42
N THR CB 179 39.31 40.65 76.31
CA THR CB 179 40.74 40.35 76.36
C THR CB 179 41.28 40.69 77.73
N GLN CB 180 41.85 39.68 78.41
CA GLN CB 180 42.59 39.82 79.64
C GLN CB 180 44.03 39.45 79.39
N ALA CB 181 44.92 40.02 80.20
CA ALA CB 181 46.35 39.76 80.14
C ALA CB 181 46.72 38.76 81.22
N ARG CB 182 47.24 37.60 80.83
CA ARG CB 182 47.49 36.57 81.82
C ARG CB 182 48.73 36.94 82.62
N PRO CB 183 49.03 36.19 83.68
CA PRO CB 183 50.23 36.51 84.48
C PRO CB 183 51.51 36.64 83.69
N GLY CB 184 51.70 35.81 82.66
CA GLY CB 184 52.82 35.97 81.77
C GLY CB 184 52.61 37.13 80.81
N ASN CB 185 53.51 37.23 79.85
CA ASN CB 185 53.33 38.17 78.75
C ASN CB 185 52.04 37.87 77.99
N HIS CB 186 51.78 36.59 77.74
CA HIS CB 186 50.66 36.14 76.93
C HIS CB 186 49.32 36.67 77.47
N TYR CB 187 48.31 36.58 76.60
CA TYR CB 187 46.99 37.07 76.95
C TYR CB 187 45.96 36.07 76.45
N MET CB 188 44.70 36.32 76.80
CA MET CB 188 43.62 35.45 76.39
C MET CB 188 42.38 36.27 76.15
N LEU CB 189 41.69 35.96 75.07
CA LEU CB 189 40.42 36.57 74.74
C LEU CB 189 39.33 35.53 74.86
N SER CB 190 38.32 35.83 75.66
CA SER CB 190 37.19 34.96 75.87
C SER CB 190 36.02 35.48 75.05
N ARG CB 191 35.42 34.59 74.28
CA ARG CB 191 34.22 34.88 73.53
C ARG CB 191 33.04 34.35 74.32
N LEU CB 192 32.03 35.19 74.50
CA LEU CB 192 30.94 34.83 75.42
C LEU CB 192 29.65 35.55 75.06
N LYS CB 193 28.62 35.21 75.83
CA LYS CB 193 27.24 35.51 75.51
C LYS CB 193 26.89 36.95 75.85
N PRO CB 194 25.77 37.45 75.34
CA PRO CB 194 25.40 38.85 75.65
C PRO CB 194 25.17 39.12 77.11
N ASN CB 195 24.56 38.17 77.83
CA ASN CB 195 24.35 38.37 79.25
C ASN CB 195 25.65 38.24 80.03
N GLY CB 196 26.55 37.38 79.58
CA GLY CB 196 27.80 37.13 80.25
C GLY CB 196 28.18 35.67 80.37
N GLN CB 197 27.32 34.77 79.91
CA GLN CB 197 27.63 33.35 79.99
C GLN CB 197 28.83 33.04 79.11
N PHE CB 198 29.91 32.58 79.73
CA PHE CB 198 31.11 32.16 79.01
C PHE CB 198 30.75 31.12 77.96
N ILE CB 199 31.47 31.17 76.83
CA ILE CB 199 31.29 30.22 75.74
C ILE CB 199 32.60 29.52 75.47
N ASP CB 200 33.64 30.27 75.09
CA ASP CB 200 34.93 29.66 74.81
C ASP CB 200 36.01 30.71 74.92
N ARG CB 201 37.26 30.28 74.72
CA ARG CB 201 38.41 31.14 74.92
C ARG CB 201 39.49 30.82 73.91
N LEU CB 202 40.42 31.76 73.77
CA LEU CB 202 41.60 31.59 72.94
C LEU CB 202 42.77 32.25 73.65
N LEU CB 203 43.82 31.47 73.84
CA LEU CB 203 45.03 31.91 74.55
C LEU CB 203 46.05 32.30 73.50
N VAL CB 204 46.29 33.60 73.35
CA VAL CB 204 47.33 34.13 72.49
C VAL CB 204 48.62 34.05 73.28
N LYS CB 205 49.45 33.08 72.92
CA LYS CB 205 50.73 32.89 73.58
C LYS CB 205 51.76 33.81 72.95
N ASN CB 206 52.56 34.44 73.80
CA ASN CB 206 53.51 35.45 73.37
C ASN CB 206 52.78 36.61 72.69
N GLY CB 207 51.69 37.03 73.32
CA GLY CB 207 51.08 38.31 73.02
C GLY CB 207 51.49 39.30 74.09
N GLY CB 208 51.17 40.56 73.86
CA GLY CB 208 51.49 41.62 74.79
C GLY CB 208 50.40 41.82 75.81
N HIS CB 209 50.36 43.04 76.36
CA HIS CB 209 49.25 43.39 77.23
C HIS CB 209 47.92 43.32 76.50
N GLY CB 210 47.95 43.52 75.18
CA GLY CB 210 46.75 43.42 74.36
C GLY CB 210 45.67 44.36 74.80
N THR CB 211 46.01 45.65 74.90
CA THR CB 211 45.08 46.59 75.52
C THR CB 211 43.89 46.88 74.63
N HIS CB 212 44.00 46.59 73.33
CA HIS CB 212 42.84 46.55 72.46
C HIS CB 212 43.19 45.92 71.13
N ASN CB 213 42.36 44.99 70.70
CA ASN CB 213 42.39 44.45 69.35
C ASN CB 213 41.35 45.15 68.49
N ALA CB 214 41.40 44.89 67.20
CA ALA CB 214 40.39 45.34 66.26
C ALA CB 214 39.67 44.12 65.68
N TYR CB 215 38.37 44.26 65.48
CA TYR CB 215 37.52 43.18 65.03
C TYR CB 215 36.79 43.63 63.79
N ARG CB 216 37.04 42.96 62.68
CA ARG CB 216 36.61 43.39 61.38
C ARG CB 216 35.80 42.31 60.70
N TYR CB 217 34.82 42.75 59.93
CA TYR CB 217 34.02 41.87 59.06
C TYR CB 217 34.33 42.29 57.63
N ILE CB 218 35.39 41.71 57.07
CA ILE CB 218 35.68 41.91 55.66
C ILE CB 218 34.51 41.42 54.82
N GLY CB 219 33.94 40.30 55.20
CA GLY CB 219 32.75 39.76 54.55
C GLY CB 219 31.81 39.19 55.58
N ASN CB 220 31.46 37.92 55.41
CA ASN CB 220 30.63 37.20 56.36
C ASN CB 220 31.43 36.49 57.43
N GLU CB 221 32.66 36.92 57.68
CA GLU CB 221 33.53 36.27 58.67
C GLU CB 221 34.37 37.31 59.39
N LEU CB 222 34.76 36.95 60.61
CA LEU CB 222 35.35 37.89 61.57
C LEU CB 222 36.84 37.67 61.65
N TRP CB 223 37.59 38.68 61.24
CA TRP CB 223 39.03 38.71 61.40
C TRP CB 223 39.39 39.60 62.57
N ILE CB 224 40.53 39.32 63.17
CA ILE CB 224 40.98 39.97 64.39
C ILE CB 224 42.38 40.48 64.13
N TYR CB 225 42.59 41.76 64.33
CA TYR CB 225 43.89 42.39 64.22
C TYR CB 225 44.40 42.63 65.63
N SER CB 226 45.64 42.24 65.89
CA SER CB 226 46.22 42.37 67.21
C SER CB 226 47.69 42.74 67.11
N ALA CB 227 48.26 42.96 68.28
CA ALA CB 227 49.64 43.41 68.44
C ALA CB 227 50.37 42.30 69.19
N VAL CB 228 50.92 41.36 68.44
CA VAL CB 228 51.52 40.16 68.97
C VAL CB 228 53.02 40.23 68.70
N LEU CB 229 53.80 39.97 69.73
CA LEU CB 229 55.25 40.01 69.67
C LEU CB 229 55.77 38.59 69.59
N ASP CB 230 56.69 38.35 68.65
CA ASP CB 230 57.19 37.01 68.43
C ASP CB 230 58.08 36.59 69.60
N ALA CB 231 58.69 35.42 69.49
CA ALA CB 231 59.56 34.93 70.54
C ALA CB 231 60.83 35.74 70.70
N ASN CB 232 61.15 36.62 69.73
CA ASN CB 232 62.34 37.46 69.79
C ASN CB 232 62.03 38.87 70.29
N GLU CB 233 60.88 39.05 70.95
CA GLU CB 233 60.45 40.35 71.48
C GLU CB 233 60.47 41.42 70.38
N ASN CB 234 59.80 41.10 69.28
CA ASN CB 234 59.61 42.02 68.16
C ASN CB 234 58.11 42.14 67.91
N ASN CB 235 57.54 43.27 68.33
CA ASN CB 235 56.11 43.50 68.17
C ASN CB 235 55.72 43.45 66.70
N LYS CB 236 54.51 42.97 66.44
CA LYS CB 236 54.03 42.78 65.08
C LYS CB 236 52.52 42.94 65.03
N PHE CB 237 52.05 43.59 63.98
CA PHE CB 237 50.64 43.80 63.76
C PHE CB 237 50.13 42.65 62.89
N VAL CB 238 49.29 41.80 63.47
CA VAL CB 238 49.01 40.49 62.92
C VAL CB 238 47.52 40.24 62.84
N ARG CB 239 47.13 39.58 61.77
CA ARG CB 239 45.75 39.29 61.42
C ARG CB 239 45.48 37.81 61.61
N PHE CB 240 44.34 37.47 62.19
CA PHE CB 240 44.01 36.07 62.38
C PHE CB 240 42.52 35.90 62.57
N GLN CB 241 42.11 34.68 62.87
CA GLN CB 241 40.72 34.31 63.04
C GLN CB 241 40.52 33.70 64.41
N TYR CB 242 39.27 33.67 64.85
CA TYR CB 242 38.96 33.12 66.15
C TYR CB 242 38.85 31.60 66.08
N ARG CB 243 39.29 30.96 67.16
CA ARG CB 243 39.03 29.55 67.36
C ARG CB 243 39.23 29.27 68.85
N THR CB 244 38.82 28.08 69.26
CA THR CB 244 38.85 27.70 70.66
C THR CB 244 40.16 26.99 70.96
N GLY CB 245 40.88 27.50 71.97
CA GLY CB 245 42.07 26.84 72.46
C GLY CB 245 43.26 27.75 72.63
N GLU CB 246 44.33 27.47 71.89
CA GLU CB 246 45.57 28.22 71.99
C GLU CB 246 46.07 28.58 70.60
N ILE CB 247 46.86 29.64 70.53
CA ILE CB 247 47.42 30.13 69.28
C ILE CB 247 48.70 30.87 69.60
N THR CB 248 49.74 30.60 68.80
CA THR CB 248 51.02 31.27 68.90
C THR CB 248 51.31 31.98 67.60
N TYR CB 249 52.24 32.91 67.67
CA TYR CB 249 52.66 33.59 66.45
C TYR CB 249 53.33 32.62 65.51
N GLY CB 250 53.01 32.74 64.23
CA GLY CB 250 53.47 31.78 63.25
C GLY CB 250 52.71 31.95 61.95
N ASN CB 251 52.78 30.90 61.12
CA ASN CB 251 52.10 30.94 59.84
C ASN CB 251 50.59 30.74 59.97
N GLU CB 252 50.11 30.35 61.14
CA GLU CB 252 48.68 30.26 61.38
C GLU CB 252 48.01 31.63 61.38
N MET CB 253 48.77 32.69 61.63
CA MET CB 253 48.25 34.05 61.72
C MET CB 253 49.12 34.94 60.88
N GLN CB 254 48.58 35.41 59.76
CA GLN CB 254 49.34 36.22 58.83
C GLN CB 254 49.30 37.69 59.24
N ASP CB 255 50.31 38.42 58.80
CA ASP CB 255 50.42 39.84 59.05
C ASP CB 255 49.95 40.62 57.83
N VAL CB 256 49.50 41.84 58.08
CA VAL CB 256 48.91 42.66 57.02
C VAL CB 256 49.98 43.44 56.27
N MET CB 257 50.92 44.04 56.99
CA MET CB 257 51.87 44.98 56.42
C MET CB 257 53.11 44.99 57.29
N PRO CB 258 54.02 44.03 57.12
CA PRO CB 258 55.16 43.95 58.06
C PRO CB 258 56.13 45.11 57.93
N ASN CB 259 56.38 45.57 56.70
CA ASN CB 259 57.36 46.62 56.49
C ASN CB 259 56.92 47.97 57.06
N ILE CB 260 55.66 48.11 57.47
CA ILE CB 260 55.14 49.36 57.98
C ILE CB 260 54.76 49.25 59.46
N PHE CB 261 54.25 48.10 59.89
CA PHE CB 261 53.70 47.91 61.22
C PHE CB 261 54.53 46.91 62.03
N ASN CB 262 55.85 47.02 61.97
CA ASN CB 262 56.73 46.25 62.84
C ASN CB 262 57.80 47.10 63.51
N ASP CB 263 57.80 48.42 63.29
CA ASP CB 263 58.80 49.26 63.91
C ASP CB 263 58.48 49.49 65.38
N ARG CB 264 57.24 49.81 65.70
CA ARG CB 264 56.80 50.19 67.03
C ARG CB 264 55.62 49.33 67.44
N TYR CB 265 55.29 49.40 68.73
CA TYR CB 265 54.12 48.71 69.25
C TYR CB 265 52.88 49.40 68.73
N THR CB 266 52.17 48.73 67.84
CA THR CB 266 50.96 49.27 67.22
C THR CB 266 49.78 48.34 67.46
N SER CB 267 48.65 48.93 67.83
CA SER CB 267 47.40 48.22 68.03
C SER CB 267 46.30 49.06 67.41
N ALA CB 268 45.34 48.41 66.77
CA ALA CB 268 44.35 49.08 65.96
C ALA CB 268 42.96 48.99 66.56
N ILE CB 269 42.08 49.86 66.07
CA ILE CB 269 40.64 49.68 66.20
C ILE CB 269 39.97 50.13 64.91
N TYR CB 270 38.89 49.44 64.57
CA TYR CB 270 38.20 49.59 63.29
C TYR CB 270 36.80 50.15 63.50
N ASN CB 271 36.37 50.98 62.56
CA ASN CB 271 35.04 51.58 62.57
C ASN CB 271 34.37 51.28 61.23
N PRO CB 272 33.28 50.50 61.20
CA PRO CB 272 32.70 50.14 59.91
C PRO CB 272 31.75 51.16 59.34
N ILE CB 273 31.36 52.18 60.10
CA ILE CB 273 30.44 53.19 59.58
C ILE CB 273 31.06 53.92 58.41
N GLU CB 274 32.29 54.39 58.60
CA GLU CB 274 33.09 54.98 57.54
C GLU CB 274 34.24 54.07 57.11
N ASN CB 275 34.38 52.89 57.71
CA ASN CB 275 35.28 51.86 57.23
C ASN CB 275 36.74 52.31 57.35
N LEU CB 276 37.08 52.79 58.54
CA LEU CB 276 38.42 53.29 58.84
C LEU CB 276 39.05 52.47 59.94
N MET CB 277 40.33 52.74 60.17
CA MET CB 277 41.13 51.98 61.13
C MET CB 277 42.16 52.91 61.70
N ILE CB 278 42.14 53.11 63.02
CA ILE CB 278 43.09 53.98 63.68
C ILE CB 278 44.05 53.12 64.48
N PHE CB 279 45.34 53.42 64.34
CA PHE CB 279 46.42 52.65 64.94
C PHE CB 279 47.08 53.53 65.98
N ARG CB 280 47.18 53.02 67.20
CA ARG CB 280 47.73 53.73 68.35
C ARG CB 280 49.17 53.24 68.50
N ARG CB 281 50.06 53.82 67.72
CA ARG CB 281 51.45 53.40 67.70
C ARG CB 281 52.23 54.12 68.79
N GLU CB 282 53.06 53.36 69.50
CA GLU CB 282 53.87 53.88 70.58
C GLU CB 282 55.06 54.65 70.04
N TYR CB 283 55.67 55.45 70.91
CA TYR CB 283 56.91 56.15 70.60
C TYR CB 283 58.06 55.53 71.37
N LYS CB 284 59.23 55.52 70.75
CA LYS CB 284 60.41 54.99 71.43
C LYS CB 284 60.95 56.01 72.42
N ALA CB 285 61.72 55.49 73.39
CA ALA CB 285 62.28 56.31 74.45
C ALA CB 285 63.18 57.41 73.93
N SER CB 286 63.71 57.28 72.71
CA SER CB 286 64.60 58.29 72.16
C SER CB 286 63.84 59.58 71.84
N GLU CB 287 62.81 59.48 71.01
CA GLU CB 287 61.98 60.61 70.64
C GLU CB 287 60.87 60.86 71.66
N ARG CB 288 60.87 60.10 72.75
CA ARG CB 288 59.84 60.22 73.78
C ARG CB 288 59.72 61.65 74.29
N GLN CB 289 60.79 62.17 74.89
CA GLN CB 289 60.74 63.51 75.46
C GLN CB 289 60.68 64.57 74.37
N LEU CB 290 61.19 64.27 73.17
CA LEU CB 290 61.13 65.25 72.08
C LEU CB 290 59.69 65.51 71.67
N LYS CB 291 58.88 64.46 71.58
CA LYS CB 291 57.49 64.61 71.19
C LYS CB 291 56.56 64.90 72.35
N ASN CB 292 56.98 64.60 73.59
CA ASN CB 292 56.14 64.83 74.77
C ASN CB 292 54.84 64.05 74.68
N SER CB 293 54.91 62.83 74.13
CA SER CB 293 53.71 62.02 73.97
C SER CB 293 54.13 60.56 73.82
N LEU CB 294 53.60 59.70 74.70
CA LEU CB 294 53.92 58.28 74.64
C LEU CB 294 53.36 57.60 73.39
N ASN CB 295 52.28 58.13 72.83
CA ASN CB 295 51.53 57.44 71.79
C ASN CB 295 51.07 58.43 70.74
N PHE CB 296 50.86 57.92 69.53
CA PHE CB 296 50.25 58.70 68.48
C PHE CB 296 49.29 57.82 67.70
N VAL CB 297 48.16 58.40 67.35
CA VAL CB 297 47.13 57.74 66.57
C VAL CB 297 47.27 58.17 65.12
N GLU CB 298 47.12 57.20 64.22
CA GLU CB 298 47.14 57.47 62.79
C GLU CB 298 46.02 56.69 62.12
N VAL CB 299 45.29 57.37 61.25
CA VAL CB 299 44.12 56.81 60.60
C VAL CB 299 44.52 56.25 59.24
N ARG CB 300 43.82 55.20 58.82
CA ARG CB 300 43.97 54.65 57.48
C ARG CB 300 42.66 54.01 57.07
N SER CB 301 42.35 54.09 55.78
CA SER CB 301 41.13 53.46 55.32
C SER CB 301 41.30 51.96 55.26
N ALA CB 302 40.18 51.25 55.36
CA ALA CB 302 40.21 49.80 55.37
C ALA CB 302 40.75 49.26 54.06
N ASP CB 303 40.39 49.88 52.95
CA ASP CB 303 40.88 49.40 51.66
C ASP CB 303 42.38 49.66 51.51
N ASP CB 304 42.82 50.84 51.96
CA ASP CB 304 44.23 51.19 51.90
C ASP CB 304 45.06 50.23 52.73
N ILE CB 305 44.58 49.87 53.92
CA ILE CB 305 45.34 48.96 54.77
C ILE CB 305 45.24 47.53 54.27
N ASP CB 306 44.15 47.18 53.58
CA ASP CB 306 44.05 45.85 53.00
C ASP CB 306 45.08 45.67 51.90
N LYS CB 307 45.13 46.63 50.97
CA LYS CB 307 46.11 46.58 49.90
C LYS CB 307 47.37 47.30 50.35
N GLY CB 308 48.32 47.48 49.44
CA GLY CB 308 49.64 47.98 49.78
C GLY CB 308 49.84 49.47 49.65
N ILE CB 309 49.12 50.25 50.45
CA ILE CB 309 49.30 51.71 50.45
C ILE CB 309 49.06 52.21 51.86
N ASP CB 310 49.88 53.20 52.27
CA ASP CB 310 49.81 53.72 53.63
C ASP CB 310 48.66 54.71 53.79
N LYS CB 311 48.76 55.85 53.11
CA LYS CB 311 47.74 56.88 53.09
C LYS CB 311 47.29 57.26 54.50
N VAL CB 312 48.23 57.80 55.26
CA VAL CB 312 47.91 58.35 56.57
C VAL CB 312 47.04 59.59 56.36
N LEU CB 313 45.76 59.47 56.68
CA LEU CB 313 44.83 60.55 56.46
C LEU CB 313 44.92 61.60 57.57
N TYR CB 314 45.08 61.14 58.80
CA TYR CB 314 45.07 62.02 59.96
C TYR CB 314 45.98 61.43 61.01
N GLN CB 315 46.79 62.29 61.60
CA GLN CB 315 47.81 61.89 62.57
C GLN CB 315 47.75 62.84 63.75
N MET CB 316 47.84 62.27 64.95
CA MET CB 316 47.75 63.06 66.17
C MET CB 316 48.57 62.38 67.24
N ASP CB 317 49.08 63.16 68.18
CA ASP CB 317 49.79 62.66 69.34
C ASP CB 317 48.93 62.80 70.58
N ILE CB 318 49.26 62.02 71.60
CA ILE CB 318 48.54 62.01 72.86
C ILE CB 318 49.45 62.64 73.92
N PRO CB 319 49.19 63.87 74.37
CA PRO CB 319 50.08 64.47 75.36
C PRO CB 319 50.12 63.70 76.67
N MET CB 320 51.15 64.03 77.45
CA MET CB 320 51.32 63.42 78.76
C MET CB 320 50.19 63.82 79.71
N GLU CB 321 49.55 64.95 79.46
CA GLU CB 321 48.38 65.34 80.23
C GLU CB 321 47.30 64.27 80.18
N TYR CB 322 47.22 63.53 79.06
CA TYR CB 322 46.26 62.46 78.89
C TYR CB 322 46.85 61.09 79.14
N THR CB 323 48.16 60.93 78.93
CA THR CB 323 48.83 59.64 79.10
C THR CB 323 49.83 59.69 80.26
N SER CB 324 49.45 60.34 81.36
CA SER CB 324 50.26 60.34 82.57
C SER CB 324 50.17 58.99 83.26
N ASP CB 325 50.94 58.84 84.34
CA ASP CB 325 50.94 57.60 85.09
C ASP CB 325 49.77 57.53 86.06
N THR CB 326 49.36 58.67 86.60
CA THR CB 326 48.16 58.70 87.43
C THR CB 326 46.91 58.51 86.62
N GLN CB 327 46.95 58.87 85.33
CA GLN CB 327 45.86 58.61 84.39
C GLN CB 327 46.50 57.99 83.14
N PRO CB 328 46.71 56.68 83.13
CA PRO CB 328 47.30 56.04 81.96
C PRO CB 328 46.24 55.65 80.93
N MET CB 329 46.72 55.13 79.81
CA MET CB 329 45.80 54.69 78.76
C MET CB 329 45.09 53.43 79.19
N GLN CB 330 43.79 53.39 78.93
CA GLN CB 330 43.00 52.18 79.13
C GLN CB 330 42.07 51.92 77.95
N GLY CB 331 41.75 52.95 77.16
CA GLY CB 331 40.79 52.77 76.10
C GLY CB 331 40.84 53.83 75.03
N ILE CB 332 40.52 53.41 73.81
CA ILE CB 332 40.48 54.27 72.64
C ILE CB 332 39.25 53.89 71.82
N THR CB 333 38.62 54.90 71.21
CA THR CB 333 37.47 54.62 70.34
C THR CB 333 37.30 55.75 69.33
N TYR CB 334 36.82 55.39 68.14
CA TYR CB 334 36.67 56.33 67.03
C TYR CB 334 35.22 56.39 66.59
N ASP CB 335 34.72 57.58 66.33
CA ASP CB 335 33.36 57.76 65.80
C ASP CB 335 33.22 59.18 65.28
N ALA CB 336 32.87 59.30 64.00
CA ALA CB 336 32.57 60.59 63.38
C ALA CB 336 33.73 61.57 63.51
N GLY CB 337 34.95 61.06 63.37
CA GLY CB 337 36.11 61.90 63.53
C GLY CB 337 36.35 62.41 64.93
N ILE CB 338 35.61 61.90 65.90
CA ILE CB 338 35.76 62.28 67.31
C ILE CB 338 36.45 61.12 68.00
N LEU CB 339 37.70 61.34 68.42
CA LEU CB 339 38.46 60.31 69.08
C LEU CB 339 38.23 60.38 70.58
N TYR CB 340 37.83 59.25 71.18
CA TYR CB 340 37.54 59.14 72.59
C TYR CB 340 38.68 58.39 73.26
N TRP CB 341 39.11 58.89 74.41
CA TRP CB 341 40.22 58.35 75.17
C TRP CB 341 39.75 58.15 76.60
N TYR CB 342 39.78 56.91 77.07
CA TYR CB 342 39.31 56.55 78.39
C TYR CB 342 40.51 56.18 79.23
N THR CB 343 40.69 56.90 80.34
CA THR CB 343 41.84 56.68 81.21
C THR CB 343 41.35 56.61 82.64
N GLY CB 344 42.04 55.83 83.45
CA GLY CB 344 41.66 55.68 84.84
C GLY CB 344 42.72 54.93 85.62
N ASP CB 345 42.97 55.37 86.85
CA ASP CB 345 43.95 54.71 87.69
C ASP CB 345 43.34 53.45 88.28
N SER CB 346 44.20 52.64 88.89
CA SER CB 346 43.75 51.43 89.56
C SER CB 346 43.22 51.68 90.96
N LYS CB 347 42.91 52.92 91.33
CA LYS CB 347 42.32 53.24 92.62
C LYS CB 347 41.33 54.38 92.45
N PRO CB 348 40.28 54.44 93.29
CA PRO CB 348 39.27 55.48 93.11
C PRO CB 348 39.68 56.86 93.58
N ALA CB 349 40.87 57.01 94.15
CA ALA CB 349 41.33 58.32 94.58
C ALA CB 349 41.63 59.22 93.39
N ASN CB 350 42.33 58.68 92.39
CA ASN CB 350 42.64 59.39 91.17
C ASN CB 350 41.50 59.19 90.19
N PRO CB 351 40.57 60.13 90.05
CA PRO CB 351 39.35 59.84 89.31
C PRO CB 351 39.62 59.64 87.83
N ASN CB 352 38.90 58.70 87.24
CA ASN CB 352 39.06 58.41 85.83
C ASN CB 352 38.59 59.60 84.99
N TYR CB 353 38.77 59.50 83.69
CA TYR CB 353 38.42 60.58 82.79
C TYR CB 353 38.21 60.02 81.39
N LEU CB 354 37.08 60.37 80.79
CA LEU CB 354 36.82 60.12 79.38
C LEU CB 354 36.90 61.45 78.67
N GLN CB 355 37.79 61.54 77.68
CA GLN CB 355 38.03 62.78 76.94
C GLN CB 355 37.84 62.50 75.47
N GLY CB 356 36.91 63.21 74.86
CA GLY CB 356 36.67 63.13 73.43
C GLY CB 356 37.19 64.39 72.76
N PHE CB 357 37.76 64.21 71.57
CA PHE CB 357 38.26 65.37 70.86
C PHE CB 357 38.46 65.07 69.39
N ASP CB 358 38.25 66.11 68.58
CA ASP CB 358 38.34 65.97 67.14
C ASP CB 358 39.75 65.61 66.72
N ILE CB 359 39.85 64.75 65.71
CA ILE CB 359 41.13 64.29 65.22
C ILE CB 359 41.65 65.20 64.12
N LYS CB 360 40.75 65.76 63.30
CA LYS CB 360 41.17 66.57 62.18
C LYS CB 360 41.91 67.82 62.62
N THR CB 361 41.47 68.42 63.73
CA THR CB 361 42.01 69.68 64.20
C THR CB 361 42.99 69.53 65.35
N LYS CB 362 43.05 68.36 65.98
CA LYS CB 362 43.98 68.09 67.09
C LYS CB 362 43.74 69.08 68.24
N GLU CB 363 42.54 68.96 68.81
CA GLU CB 363 42.08 69.88 69.84
C GLU CB 363 41.60 69.08 71.05
N LEU CB 364 40.89 69.73 71.95
CA LEU CB 364 40.21 69.06 73.07
C LEU CB 364 38.75 69.50 73.05
N LEU CB 365 37.86 68.60 72.64
CA LEU CB 365 36.45 68.93 72.62
C LEU CB 365 35.86 68.89 74.02
N PHE CB 366 36.15 67.84 74.78
CA PHE CB 366 35.59 67.75 76.12
C PHE CB 366 36.29 66.64 76.89
N LYS CB 367 36.14 66.71 78.21
CA LYS CB 367 36.57 65.66 79.11
C LYS CB 367 35.68 65.67 80.33
N ARG CB 368 35.35 64.47 80.82
CA ARG CB 368 34.44 64.33 81.94
C ARG CB 368 34.91 63.22 82.87
N ARG CB 369 34.55 63.40 84.13
CA ARG CB 369 34.65 62.37 85.14
C ARG CB 369 33.34 61.60 85.18
N ILE CB 370 33.45 60.29 85.37
CA ILE CB 370 32.28 59.42 85.43
C ILE CB 370 32.52 58.33 86.47
N ASP CB 371 31.55 58.17 87.37
CA ASP CB 371 31.61 57.16 88.42
C ASP CB 371 30.95 55.90 87.87
N ILE CB 372 31.75 55.06 87.25
CA ILE CB 372 31.27 53.82 86.66
C ILE CB 372 31.51 52.69 87.66
N GLY CB 373 30.47 51.89 87.85
CA GLY CB 373 30.50 50.80 88.80
C GLY CB 373 29.77 51.16 90.08
N GLY CB 374 30.45 50.99 91.21
CA GLY CB 374 29.81 51.24 92.50
C GLY CB 374 29.41 52.70 92.64
N VAL CB 375 28.21 52.90 93.16
CA VAL CB 375 27.66 54.24 93.27
C VAL CB 375 28.29 54.96 94.45
N ASN CB 376 28.26 56.30 94.37
CA ASN CB 376 28.75 57.17 95.43
C ASN CB 376 30.25 57.02 95.66
N ASN CB 377 30.99 56.54 94.66
CA ASN CB 377 32.41 56.22 94.79
C ASN CB 377 32.68 55.12 95.81
N ASN CB 378 31.65 54.35 96.19
CA ASN CB 378 31.79 53.27 97.17
C ASN CB 378 31.86 51.96 96.40
N PHE CB 379 33.06 51.64 95.93
CA PHE CB 379 33.28 50.44 95.14
C PHE CB 379 33.52 49.23 96.04
N LYS CB 380 33.62 48.07 95.40
CA LYS CB 380 33.87 46.84 96.14
C LYS CB 380 35.33 46.87 96.57
N GLY CB 381 35.55 47.25 97.82
CA GLY CB 381 36.89 47.57 98.27
C GLY CB 381 37.29 48.93 97.75
N ASP CB 382 38.50 49.02 97.18
CA ASP CB 382 38.95 50.24 96.52
C ASP CB 382 39.80 49.84 95.31
N PHE CB 383 39.16 49.64 94.17
CA PHE CB 383 39.89 49.31 92.95
C PHE CB 383 39.00 49.65 91.74
N GLN CB 384 39.13 50.87 91.24
CA GLN CB 384 38.42 51.29 90.03
C GLN CB 384 39.38 51.27 88.85
N GLU CB 385 39.85 50.08 88.51
CA GLU CB 385 40.76 49.96 87.37
C GLU CB 385 39.93 50.05 86.11
N ALA CB 386 40.20 51.09 85.33
CA ALA CB 386 39.44 51.37 84.15
C ALA CB 386 39.84 50.43 83.02
N GLU CB 387 39.09 50.52 81.92
CA GLU CB 387 39.26 49.64 80.80
C GLU CB 387 38.57 50.27 79.60
N GLY CB 388 39.03 49.90 78.41
CA GLY CB 388 38.50 50.48 77.21
C GLY CB 388 37.02 50.30 76.93
N LEU CB 389 36.69 50.64 75.69
CA LEU CB 389 35.35 51.04 75.33
C LEU CB 389 35.28 51.02 73.83
N ASP CB 390 34.07 50.86 73.31
CA ASP CB 390 33.88 50.78 71.88
C ASP CB 390 32.51 51.33 71.53
N MET CB 391 32.12 51.12 70.28
CA MET CB 391 30.95 51.74 69.69
C MET CB 391 30.16 50.66 68.97
N TYR CB 392 29.06 50.24 69.58
CA TYR CB 392 28.19 49.24 69.00
C TYR CB 392 27.26 49.93 68.02
N TYR CB 393 27.22 49.42 66.79
CA TYR CB 393 26.35 49.92 65.73
C TYR CB 393 25.37 48.82 65.36
N ASP CB 394 24.14 48.92 65.85
CA ASP CB 394 23.11 47.97 65.47
C ASP CB 394 22.81 48.10 63.99
N LEU CB 395 22.73 46.98 63.30
CA LEU CB 395 22.43 46.98 61.88
C LEU CB 395 20.97 47.19 61.56
N GLU CB 396 20.09 47.13 62.56
CA GLU CB 396 18.66 47.23 62.30
C GLU CB 396 18.22 48.68 62.24
N THR CB 397 18.62 49.48 63.23
CA THR CB 397 18.24 50.89 63.32
C THR CB 397 19.32 51.82 62.82
N GLY CB 398 20.58 51.47 63.02
CA GLY CB 398 21.68 52.32 62.64
C GLY CB 398 22.06 53.34 63.69
N ARG CB 399 21.76 53.04 64.96
CA ARG CB 399 21.99 53.96 66.06
C ARG CB 399 23.26 53.53 66.78
N LYS CB 400 24.29 54.38 66.72
CA LYS CB 400 25.52 54.08 67.42
C LYS CB 400 25.31 54.17 68.92
N ALA CB 401 26.17 53.50 69.65
CA ALA CB 401 26.07 53.48 71.10
C ALA CB 401 27.44 53.21 71.69
N LEU CB 402 27.96 54.17 72.44
CA LEU CB 402 29.22 53.97 73.12
C LEU CB 402 29.00 53.11 74.34
N LEU CB 403 29.93 52.21 74.60
CA LEU CB 403 29.89 51.41 75.81
C LEU CB 403 31.30 51.17 76.32
N ILE CB 404 31.42 51.21 77.64
CA ILE CB 404 32.66 51.25 78.38
C ILE CB 404 32.70 50.06 79.32
N GLY CB 405 33.90 49.54 79.56
CA GLY CB 405 34.11 48.50 80.55
C GLY CB 405 34.81 49.06 81.78
N VAL CB 406 34.54 48.45 82.93
CA VAL CB 406 35.15 48.86 84.17
C VAL CB 406 35.30 47.62 85.05
N THR CB 407 36.25 47.67 85.97
CA THR CB 407 36.42 46.65 87.00
C THR CB 407 36.42 47.34 88.35
N ILE CB 408 35.59 46.84 89.26
CA ILE CB 408 35.46 47.44 90.58
C ILE CB 408 35.79 46.43 91.66
N GLY CB 409 36.41 45.32 91.29
CA GLY CB 409 36.61 44.22 92.21
C GLY CB 409 37.86 44.38 93.05
N PRO CB 410 37.82 43.95 94.31
CA PRO CB 410 39.01 44.07 95.16
C PRO CB 410 39.91 42.85 95.10
N GLY CB 411 41.21 43.11 95.11
CA GLY CB 411 42.19 42.06 95.16
C GLY CB 411 42.05 41.13 93.98
N ASN CB 412 42.28 39.84 94.22
CA ASN CB 412 42.14 38.85 93.17
C ASN CB 412 40.72 38.81 92.65
N ASN CB 413 39.74 39.04 93.49
CA ASN CB 413 38.34 39.05 93.05
C ASN CB 413 38.10 40.28 92.18
N ARG CB 414 37.92 40.06 90.88
CA ARG CB 414 37.69 41.13 89.91
C ARG CB 414 36.24 41.10 89.44
N HIS CB 415 35.62 42.26 89.44
CA HIS CB 415 34.32 42.48 88.82
C HIS CB 415 34.52 43.01 87.42
N HIS CB 416 33.49 42.88 86.60
CA HIS CB 416 33.58 43.27 85.19
C HIS CB 416 32.23 43.84 84.78
N SER CB 417 32.07 45.15 84.94
CA SER CB 417 30.81 45.83 84.71
C SER CB 417 30.89 46.66 83.45
N ILE CB 418 29.75 46.83 82.80
CA ILE CB 418 29.65 47.51 81.51
C ILE CB 418 28.61 48.61 81.59
N TYR CB 419 28.97 49.79 81.11
CA TYR CB 419 28.06 50.92 81.07
C TYR CB 419 28.03 51.46 79.66
N SER CB 420 27.05 52.33 79.40
CA SER CB 420 26.81 52.80 78.04
C SER CB 420 26.28 54.22 78.04
N ILE CB 421 26.62 54.95 76.97
CA ILE CB 421 26.19 56.31 76.72
C ILE CB 421 25.39 56.31 75.42
N GLY CB 422 24.70 55.22 75.13
CA GLY CB 422 24.05 55.09 73.86
C GLY CB 422 22.82 55.96 73.72
N GLN CB 423 22.25 55.91 72.53
CA GLN CB 423 21.09 56.70 72.20
C GLN CB 423 19.82 55.96 72.63
N ARG CB 424 18.67 56.45 72.21
CA ARG CB 424 17.41 55.83 72.56
C ARG CB 424 17.20 54.60 71.70
N GLY CB 425 17.04 53.45 72.35
CA GLY CB 425 16.69 52.21 71.68
C GLY CB 425 17.81 51.20 71.55
N VAL CB 426 19.02 51.54 72.00
CA VAL CB 426 20.17 50.63 71.91
C VAL CB 426 20.41 49.91 73.23
N ASN CB 427 20.41 50.63 74.35
CA ASN CB 427 20.68 49.98 75.63
C ASN CB 427 19.57 49.02 75.99
N GLN CB 428 18.32 49.42 75.77
CA GLN CB 428 17.18 48.54 75.97
C GLN CB 428 17.37 47.27 75.17
N PHE CB 429 17.74 47.41 73.91
CA PHE CB 429 17.91 46.25 73.04
C PHE CB 429 19.06 45.37 73.52
N LEU CB 430 20.16 45.98 73.96
CA LEU CB 430 21.30 45.20 74.37
C LEU CB 430 21.00 44.39 75.61
N LYS CB 431 20.21 44.96 76.52
CA LYS CB 431 19.82 44.20 77.70
C LYS CB 431 18.80 43.13 77.35
N ASN CB 432 17.88 43.43 76.42
CA ASN CB 432 16.80 42.50 76.12
C ASN CB 432 17.17 41.46 75.08
N ILE CB 433 18.41 41.46 74.58
CA ILE CB 433 18.87 40.34 73.76
C ILE CB 433 18.58 39.02 74.46
N ALA CB 434 19.18 38.84 75.64
CA ALA CB 434 19.04 37.61 76.40
C ALA CB 434 19.15 37.95 77.86
N PRO CB 435 18.51 37.18 78.74
CA PRO CB 435 18.47 37.56 80.15
C PRO CB 435 19.73 37.13 80.89
N GLN CB 436 19.90 37.70 82.07
CA GLN CB 436 20.98 37.29 82.95
C GLN CB 436 20.75 35.87 83.44
N VAL CB 437 21.79 35.30 84.04
CA VAL CB 437 21.63 33.98 84.63
C VAL CB 437 20.85 34.09 85.93
N SER CB 438 20.22 32.99 86.30
CA SER CB 438 19.46 32.93 87.54
C SER CB 438 19.22 31.47 87.87
N MET CB 439 19.03 31.21 89.16
CA MET CB 439 18.83 29.84 89.61
C MET CB 439 17.57 29.25 89.01
N THR CB 440 16.54 30.05 88.83
CA THR CB 440 15.29 29.65 88.21
C THR CB 440 15.08 30.53 86.99
N ASP CB 441 14.31 30.01 86.03
CA ASP CB 441 14.28 30.63 84.71
C ASP CB 441 13.76 32.06 84.75
N SER CB 442 12.47 32.28 84.99
CA SER CB 442 11.99 33.59 85.38
C SER CB 442 10.82 33.56 86.36
N GLY CB 443 10.16 32.42 86.55
CA GLY CB 443 8.89 32.35 87.25
C GLY CB 443 8.92 31.44 88.45
N GLY CB 444 10.05 30.77 88.68
CA GLY CB 444 10.19 29.89 89.80
C GLY CB 444 9.99 28.44 89.41
N ARG CB 445 10.48 28.10 88.23
CA ARG CB 445 10.57 26.74 87.76
C ARG CB 445 12.04 26.37 87.61
N VAL CB 446 12.28 25.07 87.58
CA VAL CB 446 13.62 24.58 87.32
C VAL CB 446 14.02 24.95 85.91
N LYS CB 447 15.31 24.99 85.68
CA LYS CB 447 15.86 25.26 84.36
C LYS CB 447 16.09 23.96 83.61
N PRO CB 448 16.30 24.04 82.30
CA PRO CB 448 16.51 22.85 81.50
C PRO CB 448 17.99 22.52 81.32
N LEU CB 449 18.26 21.23 81.24
CA LEU CB 449 19.60 20.80 80.90
C LEU CB 449 19.96 21.29 79.50
N PRO CB 450 21.25 21.38 79.17
CA PRO CB 450 21.64 21.58 77.77
C PRO CB 450 21.63 20.31 76.96
N ILE CB 451 21.63 19.13 77.60
CA ILE CB 451 21.62 17.85 76.91
C ILE CB 451 20.73 16.89 77.70
N GLN CB 452 19.98 16.06 76.96
CA GLN CB 452 19.21 14.99 77.58
C GLN CB 452 20.05 13.74 77.72
N ASN CB 453 19.90 13.08 78.87
CA ASN CB 453 20.62 11.85 79.16
C ASN CB 453 22.12 12.09 79.07
N PRO CB 454 22.65 12.98 79.90
CA PRO CB 454 24.05 13.39 79.74
C PRO CB 454 25.01 12.30 80.12
N ALA CB 455 26.16 12.31 79.45
CA ALA CB 455 27.20 11.34 79.75
C ALA CB 455 28.02 11.77 80.95
N TYR CB 456 28.69 12.91 80.84
CA TYR CB 456 29.45 13.50 81.93
C TYR CB 456 28.64 14.64 82.54
N LEU CB 457 28.33 14.50 83.83
CA LEU CB 457 27.60 15.55 84.53
C LEU CB 457 28.37 16.86 84.57
N SER CB 458 29.68 16.82 84.33
CA SER CB 458 30.48 18.04 84.24
C SER CB 458 30.18 18.85 83.00
N ASP CB 459 29.44 18.30 82.03
CA ASP CB 459 29.11 19.06 80.84
C ASP CB 459 28.23 20.26 81.17
N ILE CB 460 27.44 20.19 82.24
CA ILE CB 460 26.52 21.25 82.60
C ILE CB 460 27.33 22.32 83.33
N THR CB 461 27.74 23.35 82.59
CA THR CB 461 28.46 24.48 83.16
C THR CB 461 27.54 25.57 83.65
N GLU CB 462 26.36 25.72 83.06
CA GLU CB 462 25.49 26.83 83.40
C GLU CB 462 24.93 26.66 84.81
N VAL CB 463 25.19 27.65 85.66
CA VAL CB 463 24.74 27.61 87.03
C VAL CB 463 23.22 27.60 87.07
N GLY CB 464 22.67 27.11 88.17
CA GLY CB 464 21.25 27.03 88.37
C GLY CB 464 20.77 25.63 88.68
N HIS CB 465 19.48 25.48 88.86
CA HIS CB 465 18.88 24.21 89.24
C HIS CB 465 18.37 23.46 88.01
N TYR CB 466 18.34 22.14 88.11
CA TYR CB 466 18.00 21.24 87.03
C TYR CB 466 17.36 20.02 87.66
N TYR CB 467 16.72 19.19 86.84
CA TYR CB 467 16.14 17.95 87.32
C TYR CB 467 16.42 16.86 86.31
N ILE CB 468 17.02 15.78 86.79
CA ILE CB 468 17.38 14.63 85.96
C ILE CB 468 16.27 13.61 86.14
N TYR CB 469 15.58 13.30 85.05
CA TYR CB 469 14.57 12.26 85.11
C TYR CB 469 15.24 10.91 85.38
N THR CB 470 14.43 9.98 85.89
CA THR CB 470 14.93 8.65 86.19
C THR CB 470 15.48 7.96 84.94
N GLN CB 471 14.91 8.24 83.77
CA GLN CB 471 15.41 7.65 82.54
C GLN CB 471 16.66 8.35 82.03
N ASP CB 472 16.82 9.64 82.36
CA ASP CB 472 18.01 10.37 81.95
C ASP CB 472 19.20 10.07 82.83
N THR CB 473 18.95 9.63 84.07
CA THR CB 473 20.05 9.28 84.96
C THR CB 473 20.80 8.03 84.53
N GLN CB 474 20.23 7.24 83.61
CA GLN CB 474 20.75 5.90 83.37
C GLN CB 474 22.14 5.93 82.76
N ASN CB 475 22.48 6.95 81.97
CA ASN CB 475 23.75 6.94 81.25
C ASN CB 475 24.89 7.41 82.15
N ALA CB 476 24.90 8.71 82.48
CA ALA CB 476 25.49 9.29 83.68
C ALA CB 476 26.82 8.63 84.10
N LEU CB 477 27.82 8.79 83.23
CA LEU CB 477 29.09 8.10 83.45
C LEU CB 477 29.74 8.46 84.78
N ASP CB 478 29.54 9.68 85.26
CA ASP CB 478 30.06 10.13 86.55
C ASP CB 478 28.86 10.45 87.42
N PHE CB 479 28.37 9.43 88.11
CA PHE CB 479 27.22 9.51 89.00
C PHE CB 479 27.66 8.99 90.37
N PRO CB 480 27.23 9.61 91.47
CA PRO CB 480 27.66 9.12 92.79
C PRO CB 480 27.25 7.68 93.05
N LEU CB 481 26.16 7.24 92.47
CA LEU CB 481 25.64 5.89 92.66
C LEU CB 481 25.93 5.05 91.42
N PRO CB 482 25.83 3.73 91.54
CA PRO CB 482 25.97 2.86 90.37
C PRO CB 482 24.67 2.75 89.61
N LYS CB 483 24.69 1.96 88.54
CA LYS CB 483 23.52 1.77 87.69
C LYS CB 483 22.37 1.08 88.42
N ALA CB 484 22.66 0.34 89.49
CA ALA CB 484 21.64 -0.46 90.14
C ALA CB 484 20.90 0.29 91.23
N PHE CB 485 21.50 1.32 91.81
CA PHE CB 485 20.89 2.03 92.92
C PHE CB 485 19.96 3.13 92.46
N ARG CB 486 20.18 3.70 91.29
CA ARG CB 486 19.38 4.81 90.81
C ARG CB 486 18.07 4.30 90.23
N ASP CB 487 16.96 4.82 90.75
CA ASP CB 487 15.64 4.48 90.25
C ASP CB 487 14.78 5.73 90.02
N ALA CB 488 15.09 6.83 90.71
CA ALA CB 488 14.27 8.03 90.73
C ALA CB 488 15.09 9.22 90.27
N GLY CB 489 14.40 10.35 90.13
CA GLY CB 489 15.02 11.54 89.63
C GLY CB 489 15.85 12.24 90.68
N TRP CB 490 16.58 13.27 90.23
CA TRP CB 490 17.55 13.95 91.06
C TRP CB 490 17.51 15.43 90.78
N PHE CB 491 17.22 16.21 91.81
CA PHE CB 491 17.36 17.65 91.75
C PHE CB 491 18.85 17.96 91.72
N PHE CB 492 19.35 18.41 90.57
CA PHE CB 492 20.77 18.62 90.34
C PHE CB 492 21.01 20.10 90.11
N ASP CB 493 21.82 20.72 90.96
CA ASP CB 493 22.05 22.15 90.87
C ASP CB 493 23.53 22.46 90.85
N VAL CB 494 23.88 23.39 89.96
CA VAL CB 494 25.25 23.85 89.76
C VAL CB 494 25.37 25.22 90.39
N LEU CB 495 26.45 25.40 91.14
CA LEU CB 495 26.72 26.63 91.85
C LEU CB 495 28.08 27.17 91.45
N PRO CB 496 28.28 28.49 91.54
CA PRO CB 496 29.54 29.05 91.07
C PRO CB 496 30.71 28.61 91.92
N GLY CB 497 31.84 28.38 91.24
CA GLY CB 497 33.07 28.01 91.90
C GLY CB 497 33.92 29.23 92.15
N HIS CB 498 35.08 29.29 91.51
CA HIS CB 498 35.97 30.44 91.59
C HIS CB 498 36.29 30.90 90.18
N TYR CB 499 37.19 31.88 90.08
CA TYR CB 499 37.38 32.61 88.85
C TYR CB 499 38.08 31.80 87.77
N ASN CB 500 38.69 30.67 88.11
CA ASN CB 500 39.13 29.72 87.10
C ASN CB 500 37.93 28.86 86.73
N GLY CB 501 38.16 27.76 86.02
CA GLY CB 501 37.06 27.00 85.45
C GLY CB 501 36.39 26.02 86.39
N ALA CB 502 36.10 26.44 87.62
CA ALA CB 502 35.54 25.56 88.63
C ALA CB 502 34.07 25.81 88.85
N LEU CB 503 33.37 24.77 89.30
CA LEU CB 503 31.96 24.88 89.60
C LEU CB 503 31.55 23.78 90.58
N ARG CB 504 30.73 24.14 91.55
CA ARG CB 504 30.20 23.16 92.49
C ARG CB 504 28.96 22.50 91.91
N GLN CB 505 28.74 21.25 92.32
CA GLN CB 505 27.55 20.50 91.94
C GLN CB 505 26.94 19.86 93.17
N VAL CB 506 25.63 19.80 93.19
CA VAL CB 506 24.88 19.12 94.24
C VAL CB 506 23.75 18.34 93.58
N LEU CB 507 23.48 17.14 94.10
CA LEU CB 507 22.44 16.26 93.58
C LEU CB 507 21.66 15.67 94.73
N THR CB 508 20.39 15.98 94.82
CA THR CB 508 19.51 15.46 95.87
C THR CB 508 18.44 14.60 95.24
N ARG CB 509 18.33 13.35 95.70
CA ARG CB 509 17.34 12.44 95.17
C ARG CB 509 15.93 12.96 95.40
N ASN CB 510 15.01 12.51 94.54
CA ASN CB 510 13.60 12.90 94.61
C ASN CB 510 12.79 11.67 95.00
N SER CB 511 12.38 11.62 96.26
CA SER CB 511 11.50 10.55 96.68
C SER CB 511 10.83 10.84 98.01
N THR CB 512 9.50 10.90 98.02
CA THR CB 512 8.76 11.18 99.23
C THR CB 512 8.76 9.99 100.17
N GLY CB 513 8.67 8.77 99.64
CA GLY CB 513 8.52 7.58 100.46
C GLY CB 513 9.84 6.98 100.90
N ARG CB 514 10.89 7.79 100.95
CA ARG CB 514 12.20 7.31 101.34
C ARG CB 514 13.12 8.52 101.46
N ASN CB 515 14.35 8.26 101.88
CA ASN CB 515 15.26 9.33 102.24
C ASN CB 515 15.77 10.06 101.00
N MET CB 516 15.80 11.38 101.09
CA MET CB 516 16.22 12.24 100.00
C MET CB 516 17.71 12.58 100.13
N LEU CB 517 18.51 11.53 100.01
CA LEU CB 517 19.96 11.67 100.13
C LEU CB 517 20.51 12.65 99.10
N LYS CB 518 21.57 13.36 99.50
CA LYS CB 518 22.24 14.32 98.63
C LYS CB 518 23.73 14.04 98.56
N PHE CB 519 24.28 14.30 97.38
CA PHE CB 519 25.70 14.26 97.12
C PHE CB 519 26.17 15.63 96.66
N GLU CB 520 27.48 15.82 96.73
CA GLU CB 520 28.08 17.12 96.48
C GLU CB 520 29.47 16.91 95.92
N ARG CB 521 29.90 17.82 95.05
CA ARG CB 521 31.25 17.72 94.52
C ARG CB 521 31.64 19.05 93.87
N VAL CB 522 32.84 19.05 93.30
CA VAL CB 522 33.39 20.14 92.52
C VAL CB 522 33.85 19.57 91.20
N ILE CB 523 33.75 20.38 90.14
CA ILE CB 523 34.18 19.98 88.82
C ILE CB 523 34.99 21.12 88.22
N ASP CB 524 35.90 20.75 87.33
CA ASP CB 524 36.68 21.69 86.53
C ASP CB 524 36.35 21.46 85.07
N ILE CB 525 35.78 22.48 84.44
CA ILE CB 525 35.27 22.33 83.08
C ILE CB 525 36.38 22.02 82.10
N PHE CB 526 37.56 22.61 82.30
CA PHE CB 526 38.65 22.43 81.35
C PHE CB 526 39.30 21.06 81.52
N ASN CB 527 39.89 20.81 82.68
CA ASN CB 527 40.53 19.53 82.98
C ASN CB 527 39.50 18.69 83.71
N LYS CB 528 38.76 17.89 82.96
CA LYS CB 528 37.73 17.04 83.55
C LYS CB 528 38.31 16.08 84.56
N LYS CB 529 39.59 15.71 84.40
CA LYS CB 529 40.23 14.81 85.35
C LYS CB 529 40.36 15.44 86.72
N ASN CB 530 40.44 16.76 86.80
CA ASN CB 530 40.62 17.44 88.07
C ASN CB 530 39.34 17.59 88.86
N ASN CB 531 38.26 16.93 88.47
CA ASN CB 531 37.02 17.04 89.21
C ASN CB 531 37.05 16.13 90.42
N GLY CB 532 36.56 16.65 91.54
CA GLY CB 532 36.58 15.91 92.77
C GLY CB 532 35.64 14.72 92.72
N ALA CB 533 35.59 14.02 93.85
CA ALA CB 533 34.75 12.85 93.97
C ALA CB 533 33.41 13.26 94.57
N TRP CB 534 32.58 12.29 94.89
CA TRP CB 534 31.20 12.51 95.29
C TRP CB 534 31.11 12.44 96.81
N ASN CB 535 31.13 13.61 97.44
CA ASN CB 535 30.85 13.66 98.86
C ASN CB 535 29.38 13.33 99.11
N PHE CB 536 29.07 13.04 100.36
CA PHE CB 536 27.74 12.60 100.75
C PHE CB 536 27.37 13.16 102.11
N CYS CB 537 26.15 13.70 102.22
CA CYS CB 537 25.56 14.09 103.49
C CYS CB 537 24.49 13.08 103.90
N PRO CB 538 24.29 12.84 105.21
CA PRO CB 538 23.34 11.79 105.64
C PRO CB 538 21.90 12.03 105.19
N GLN CB 539 21.30 13.12 105.65
CA GLN CB 539 19.97 13.57 105.25
C GLN CB 539 18.93 12.44 105.32
N ASN CB 540 18.69 11.97 106.54
CA ASN CB 540 17.72 10.93 106.80
C ASN CB 540 16.41 11.51 107.32
N ALA CB 541 15.35 10.70 107.22
CA ALA CB 541 14.03 11.05 107.70
C ALA CB 541 13.41 9.98 108.59
N GLY CB 542 14.15 8.92 108.91
CA GLY CB 542 13.59 7.75 109.53
C GLY CB 542 13.21 6.67 108.56
N TYR CB 543 13.20 6.97 107.26
CA TYR CB 543 12.94 5.97 106.26
C TYR CB 543 14.15 5.05 106.11
N TRP CB 544 13.98 4.01 105.31
CA TRP CB 544 14.93 2.93 105.16
C TRP CB 544 15.25 2.73 103.69
N GLU CB 545 16.44 2.20 103.45
CA GLU CB 545 16.91 1.85 102.10
C GLU CB 545 17.28 0.39 102.07
N HIS CB 546 16.93 -0.27 100.97
CA HIS CB 546 17.21 -1.68 100.78
C HIS CB 546 18.27 -1.85 99.70
N ILE CB 547 19.10 -2.86 99.87
CA ILE CB 547 20.10 -3.17 98.85
C ILE CB 547 19.38 -3.74 97.62
N PRO CB 548 19.68 -3.31 96.39
CA PRO CB 548 19.04 -3.94 95.24
C PRO CB 548 19.60 -5.33 94.96
N LYS CB 549 19.24 -5.90 93.81
CA LYS CB 549 19.64 -7.26 93.48
C LYS CB 549 21.15 -7.43 93.32
N SER CB 550 21.94 -6.36 93.36
CA SER CB 550 23.38 -6.51 93.48
C SER CB 550 23.75 -6.92 94.90
N ILE CB 551 23.41 -8.15 95.27
CA ILE CB 551 23.63 -8.68 96.60
C ILE CB 551 24.81 -9.64 96.55
N THR CB 552 25.72 -9.40 95.62
CA THR CB 552 26.89 -10.28 95.48
C THR CB 552 27.76 -10.21 96.73
N LYS CB 553 28.19 -9.00 97.08
CA LYS CB 553 29.09 -8.79 98.20
C LYS CB 553 28.73 -7.48 98.88
N LEU CB 554 29.07 -7.41 100.17
CA LEU CB 554 28.98 -6.17 100.91
C LEU CB 554 30.16 -5.24 100.66
N SER CB 555 31.13 -5.65 99.85
CA SER CB 555 32.32 -4.85 99.62
C SER CB 555 32.10 -3.74 98.60
N ASP CB 556 31.02 -3.81 97.81
CA ASP CB 556 30.73 -2.77 96.85
C ASP CB 556 30.13 -1.52 97.49
N LEU CB 557 29.79 -1.57 98.78
CA LEU CB 557 29.11 -0.47 99.46
C LEU CB 557 30.13 0.42 100.19
N LYS CB 558 31.04 0.98 99.40
CA LYS CB 558 32.11 1.80 99.92
C LYS CB 558 31.65 3.20 100.32
N ILE CB 559 30.44 3.61 99.94
CA ILE CB 559 29.99 4.96 100.20
C ILE CB 559 29.79 5.17 101.70
N VAL CB 560 30.00 6.40 102.15
CA VAL CB 560 30.15 6.72 103.56
C VAL CB 560 28.79 7.06 104.16
N GLY CB 561 28.54 6.55 105.36
CA GLY CB 561 27.45 7.00 106.19
C GLY CB 561 26.06 6.79 105.64
N LEU CB 562 25.75 5.57 105.21
CA LEU CB 562 24.44 5.21 104.69
C LEU CB 562 23.76 4.23 105.63
N ASP CB 563 22.48 4.01 105.37
CA ASP CB 563 21.64 3.08 106.12
C ASP CB 563 21.09 2.05 105.13
N PHE CB 564 21.40 0.78 105.37
CA PHE CB 564 20.92 -0.31 104.53
C PHE CB 564 20.37 -1.41 105.42
N TYR CB 565 19.06 -1.66 105.32
CA TYR CB 565 18.47 -2.80 106.01
C TYR CB 565 18.84 -4.09 105.31
N ILE CB 566 18.98 -5.15 106.10
CA ILE CB 566 19.16 -6.49 105.58
C ILE CB 566 18.29 -7.42 106.42
N THR CB 567 17.18 -7.88 105.85
CA THR CB 567 16.31 -8.86 106.49
C THR CB 567 17.03 -10.19 106.62
N THR CB 568 16.38 -11.19 107.23
CA THR CB 568 16.93 -12.53 107.27
C THR CB 568 17.08 -13.10 105.86
N GLU CB 569 16.02 -12.98 105.06
CA GLU CB 569 16.06 -13.47 103.69
C GLU CB 569 17.11 -12.73 102.89
N GLU CB 570 17.28 -11.44 103.15
CA GLU CB 570 18.30 -10.67 102.45
C GLU CB 570 19.69 -11.13 102.86
N SER CB 571 19.89 -11.36 104.16
CA SER CB 571 21.20 -11.71 104.67
C SER CB 571 21.63 -13.10 104.21
N ASN CB 572 20.67 -13.98 103.92
CA ASN CB 572 21.04 -15.30 103.41
C ASN CB 572 21.33 -15.31 101.91
N ARG CB 573 22.08 -14.33 101.41
CA ARG CB 573 22.66 -14.34 100.06
C ARG CB 573 24.12 -13.91 100.06
N PHE CB 574 24.48 -12.96 100.91
CA PHE CB 574 25.76 -12.29 100.80
C PHE CB 574 26.91 -13.23 101.16
N THR CB 575 28.09 -12.87 100.68
CA THR CB 575 29.31 -13.65 100.89
C THR CB 575 30.11 -13.16 102.08
N ASP CB 576 30.42 -11.86 102.11
CA ASP CB 576 31.16 -11.27 103.22
C ASP CB 576 30.41 -11.38 104.54
N PHE CB 577 29.10 -11.55 104.50
CA PHE CB 577 28.31 -11.67 105.72
C PHE CB 577 28.74 -12.94 106.46
N PRO CB 578 28.98 -12.90 107.77
CA PRO CB 578 29.45 -14.11 108.47
C PRO CB 578 28.43 -15.24 108.43
N LYS CB 579 28.92 -16.43 108.74
CA LYS CB 579 28.15 -17.66 108.60
C LYS CB 579 27.42 -18.07 109.86
N ASP CB 580 27.65 -17.37 110.98
CA ASP CB 580 27.00 -17.71 112.24
C ASP CB 580 25.69 -16.98 112.42
N PHE CB 581 25.58 -15.76 111.89
CA PHE CB 581 24.38 -14.94 112.01
C PHE CB 581 23.61 -14.83 110.70
N LYS CB 582 23.79 -15.79 109.80
CA LYS CB 582 23.12 -15.76 108.50
C LYS CB 582 21.68 -16.23 108.66
N GLY CB 583 20.76 -15.28 108.62
CA GLY CB 583 19.34 -15.58 108.63
C GLY CB 583 18.68 -15.56 109.97
N ILE CB 584 19.32 -14.98 110.99
CA ILE CB 584 18.79 -15.06 112.35
C ILE CB 584 17.90 -13.87 112.69
N ALA CB 585 18.17 -12.70 112.11
CA ALA CB 585 17.33 -11.52 112.32
C ALA CB 585 17.71 -10.48 111.28
N GLY CB 586 17.06 -9.32 111.38
CA GLY CB 586 17.37 -8.23 110.49
C GLY CB 586 18.61 -7.46 110.92
N TRP CB 587 19.23 -6.78 109.95
CA TRP CB 587 20.48 -6.10 110.19
C TRP CB 587 20.50 -4.73 109.51
N ILE CB 588 21.06 -3.75 110.21
CA ILE CB 588 21.26 -2.40 109.70
C ILE CB 588 22.74 -2.23 109.44
N LEU CB 589 23.07 -1.81 108.22
CA LEU CB 589 24.46 -1.60 107.82
C LEU CB 589 24.77 -0.12 107.80
N GLU CB 590 25.99 0.22 108.21
CA GLU CB 590 26.48 1.58 108.22
C GLU CB 590 27.94 1.56 107.80
N VAL CB 591 28.39 2.68 107.24
CA VAL CB 591 29.74 2.80 106.69
C VAL CB 591 30.45 3.96 107.35
N LYS CB 592 31.75 3.79 107.55
CA LYS CB 592 32.61 4.81 108.15
C LYS CB 592 33.88 4.93 107.33
N SER CB 593 34.40 6.16 107.26
CA SER CB 593 35.48 6.47 106.37
C SER CB 593 36.81 5.95 106.90
N ASN CB 594 37.78 5.88 106.00
CA ASN CB 594 39.12 5.38 106.29
C ASN CB 594 40.03 5.85 105.16
N THR CB 595 41.23 5.28 105.10
CA THR CB 595 42.11 5.54 103.98
C THR CB 595 41.44 5.07 102.69
N PRO CB 596 41.80 5.64 101.53
CA PRO CB 596 41.10 5.30 100.29
C PRO CB 596 41.24 3.84 99.93
N GLY CB 597 40.13 3.24 99.53
CA GLY CB 597 40.02 1.80 99.36
C GLY CB 597 39.55 1.19 100.64
N ASN CB 598 40.19 1.54 101.74
CA ASN CB 598 39.81 1.04 103.05
C ASN CB 598 38.58 1.76 103.54
N THR CB 599 37.74 1.02 104.26
CA THR CB 599 36.55 1.60 104.83
C THR CB 599 35.96 0.61 105.81
N THR CB 600 35.33 1.13 106.86
CA THR CB 600 34.77 0.31 107.91
C THR CB 600 33.27 0.13 107.65
N GLN CB 601 32.80 -1.08 107.89
CA GLN CB 601 31.39 -1.42 107.80
C GLN CB 601 30.94 -1.95 109.15
N VAL CB 602 29.97 -1.29 109.73
CA VAL CB 602 29.34 -1.70 110.98
C VAL CB 602 28.01 -2.31 110.63
N LEU CB 603 27.64 -3.37 111.35
CA LEU CB 603 26.37 -4.03 111.13
C LEU CB 603 25.74 -4.31 112.48
N ARG CB 604 24.51 -3.88 112.65
CA ARG CB 604 23.82 -3.93 113.93
C ARG CB 604 22.58 -4.78 113.81
N ARG CB 605 22.42 -5.73 114.73
CA ARG CB 605 21.23 -6.55 114.71
C ARG CB 605 20.00 -5.71 115.01
N ASN CB 606 18.84 -6.27 114.71
CA ASN CB 606 17.55 -5.66 115.00
C ASN CB 606 16.72 -6.69 115.73
N ASN CB 607 16.88 -6.75 117.05
CA ASN CB 607 16.09 -7.63 117.90
C ASN CB 607 15.66 -6.82 119.11
N PHE CB 608 14.36 -6.80 119.37
CA PHE CB 608 13.84 -6.03 120.50
C PHE CB 608 14.06 -6.81 121.80
N PRO CB 609 13.57 -8.05 121.92
CA PRO CB 609 13.66 -8.73 123.23
C PRO CB 609 15.06 -9.24 123.54
N SER CB 610 15.68 -9.88 122.56
CA SER CB 610 16.96 -10.52 122.79
C SER CB 610 18.07 -9.48 122.95
N ALA CB 611 19.26 -9.96 123.23
CA ALA CB 611 20.39 -9.07 123.37
C ALA CB 611 20.79 -8.48 122.02
N HIS CB 612 21.29 -7.26 122.07
CA HIS CB 612 21.75 -6.58 120.88
C HIS CB 612 23.16 -7.03 120.55
N GLN CB 613 23.48 -6.95 119.26
CA GLN CB 613 24.78 -7.35 118.74
C GLN CB 613 25.18 -6.35 117.67
N PHE CB 614 26.46 -6.05 117.60
CA PHE CB 614 26.95 -5.28 116.47
C PHE CB 614 28.37 -5.71 116.16
N LEU CB 615 28.62 -5.91 114.87
CA LEU CB 615 29.86 -6.48 114.39
C LEU CB 615 30.44 -5.56 113.34
N VAL CB 616 31.73 -5.29 113.46
CA VAL CB 616 32.41 -4.27 112.67
C VAL CB 616 33.53 -4.92 111.89
N ARG CB 617 33.76 -4.39 110.69
CA ARG CB 617 34.73 -4.91 109.76
C ARG CB 617 35.43 -3.72 109.14
N ASN CB 618 36.65 -3.93 108.67
CA ASN CB 618 37.35 -2.94 107.85
C ASN CB 618 37.91 -3.65 106.64
N PHE CB 619 37.49 -3.22 105.45
CA PHE CB 619 37.89 -3.87 104.20
C PHE CB 619 38.40 -2.84 103.22
N GLY CB 620 39.33 -3.29 102.38
CA GLY CB 620 39.82 -2.49 101.29
C GLY CB 620 41.26 -2.81 100.92
N THR CB 621 42.08 -1.77 100.81
CA THR CB 621 43.46 -1.94 100.37
C THR CB 621 44.25 -2.75 101.39
N GLY CB 622 44.05 -2.46 102.68
CA GLY CB 622 44.81 -3.14 103.71
C GLY CB 622 44.52 -4.63 103.79
N GLY CB 623 43.34 -5.04 103.35
CA GLY CB 623 43.00 -6.45 103.39
C GLY CB 623 41.49 -6.63 103.36
N VAL CB 624 41.09 -7.90 103.52
CA VAL CB 624 39.67 -8.25 103.46
C VAL CB 624 38.94 -7.76 104.69
N GLY CB 625 39.48 -8.09 105.86
CA GLY CB 625 38.88 -7.68 107.12
C GLY CB 625 38.16 -8.82 107.80
N LYS CB 626 38.27 -8.87 109.12
CA LYS CB 626 37.63 -9.88 109.94
C LYS CB 626 36.60 -9.19 110.84
N TRP CB 627 35.39 -9.72 110.85
CA TRP CB 627 34.31 -9.12 111.61
C TRP CB 627 34.52 -9.36 113.10
N SER CB 628 34.70 -8.28 113.85
CA SER CB 628 34.79 -8.33 115.30
C SER CB 628 33.43 -7.98 115.90
N LEU CB 629 32.93 -8.84 116.78
CA LEU CB 629 31.60 -8.71 117.35
C LEU CB 629 31.67 -8.03 118.71
N PHE CB 630 30.54 -7.41 119.08
CA PHE CB 630 30.31 -6.90 120.42
C PHE CB 630 28.87 -7.21 120.77
N GLU CB 631 28.66 -7.85 121.91
CA GLU CB 631 27.35 -8.28 122.36
C GLU CB 631 26.95 -7.49 123.60
N GLY CB 632 25.64 -7.30 123.77
CA GLY CB 632 25.12 -6.50 124.86
C GLY CB 632 24.52 -7.33 125.97
N LYS CB 633 24.33 -6.67 127.11
CA LYS CB 633 23.77 -7.27 128.31
C LYS CB 633 22.37 -6.74 128.49
N VAL CB 634 21.39 -7.63 128.41
CA VAL CB 634 20.00 -7.21 128.54
C VAL CB 634 19.79 -6.67 129.95
N VAL CB 635 19.40 -5.40 130.03
CA VAL CB 635 19.14 -4.73 131.29
C VAL CB 635 17.90 -3.88 131.13
N GLU CB 636 17.43 -3.33 132.25
CA GLU CB 636 16.19 -2.56 132.26
C GLU CB 636 16.29 -1.37 133.21
N ASP DB 2 21.07 38.03 25.45
CA ASP DB 2 22.36 37.37 25.56
C ASP DB 2 22.20 35.86 25.71
N ASN DB 3 23.27 35.19 26.17
CA ASN DB 3 23.19 33.78 26.50
C ASN DB 3 22.13 33.58 27.57
N LYS DB 4 21.36 32.50 27.43
CA LYS DB 4 20.28 32.21 28.36
C LYS DB 4 20.82 31.54 29.61
N LEU DB 5 19.95 31.41 30.60
CA LEU DB 5 20.29 30.75 31.83
C LEU DB 5 20.30 29.24 31.65
N ILE DB 6 21.02 28.56 32.54
CA ILE DB 6 21.06 27.11 32.55
C ILE DB 6 19.86 26.63 33.32
N THR DB 7 18.77 26.37 32.61
CA THR DB 7 17.55 25.88 33.25
C THR DB 7 17.77 24.51 33.87
N ASP DB 8 18.47 23.63 33.15
CA ASP DB 8 18.64 22.24 33.56
C ASP DB 8 19.97 22.06 34.26
N LEU DB 9 19.92 21.61 35.51
CA LEU DB 9 21.10 21.41 36.34
C LEU DB 9 21.47 19.93 36.42
N SER DB 10 22.65 19.67 36.96
CA SER DB 10 23.10 18.32 37.20
C SER DB 10 22.29 17.66 38.30
N ARG DB 11 22.22 16.33 38.27
CA ARG DB 11 21.48 15.55 39.23
C ARG DB 11 22.38 14.91 40.28
N VAL DB 12 23.50 15.55 40.57
CA VAL DB 12 24.45 15.06 41.56
C VAL DB 12 25.22 16.23 42.13
N PHE DB 13 25.37 16.29 43.44
CA PHE DB 13 26.02 17.43 44.06
C PHE DB 13 27.51 17.34 43.79
N ASP DB 14 28.02 18.29 43.03
CA ASP DB 14 29.43 18.35 42.72
C ASP DB 14 29.78 19.79 42.39
N TYR DB 15 31.09 20.02 42.22
CA TYR DB 15 31.60 21.30 41.75
C TYR DB 15 30.87 21.77 40.49
N ARG DB 16 30.44 20.84 39.64
CA ARG DB 16 29.71 21.23 38.44
C ARG DB 16 28.35 21.81 38.79
N TYR DB 17 27.63 21.18 39.71
CA TYR DB 17 26.33 21.72 40.14
C TYR DB 17 26.50 23.10 40.76
N VAL DB 18 27.50 23.24 41.62
CA VAL DB 18 27.74 24.53 42.26
C VAL DB 18 28.12 25.58 41.22
N ASP DB 19 28.97 25.23 40.27
CA ASP DB 19 29.37 26.18 39.24
C ASP DB 19 28.18 26.57 38.38
N GLU DB 20 27.26 25.63 38.14
CA GLU DB 20 26.07 25.95 37.36
C GLU DB 20 25.23 27.00 38.08
N ASN DB 21 24.95 26.76 39.36
CA ASN DB 21 24.18 27.75 40.11
C ASN DB 21 24.91 29.09 40.17
N GLU DB 22 26.24 29.04 40.29
CA GLU DB 22 27.02 30.27 40.35
C GLU DB 22 26.91 31.06 39.06
N TYR DB 23 27.09 30.39 37.93
CA TYR DB 23 27.03 31.05 36.64
C TYR DB 23 25.65 31.61 36.38
N ASN DB 24 24.62 30.85 36.76
CA ASN DB 24 23.26 31.34 36.60
C ASN DB 24 23.01 32.59 37.45
N PHE DB 25 23.54 32.62 38.67
CA PHE DB 25 23.35 33.79 39.51
C PHE DB 25 24.09 35.00 38.99
N LYS DB 26 25.30 34.80 38.47
CA LYS DB 26 26.04 35.93 37.90
C LYS DB 26 25.30 36.50 36.70
N LEU DB 27 24.80 35.63 35.84
CA LEU DB 27 24.04 36.09 34.68
C LEU DB 27 22.78 36.82 35.13
N ILE DB 28 22.16 36.37 36.22
CA ILE DB 28 20.97 37.05 36.72
C ILE DB 28 21.33 38.43 37.22
N SER DB 29 22.44 38.54 37.93
CA SER DB 29 22.86 39.85 38.44
C SER DB 29 23.12 40.82 37.31
N ASP DB 30 23.80 40.36 36.25
CA ASP DB 30 24.06 41.24 35.13
C ASP DB 30 22.77 41.62 34.42
N MET DB 31 21.84 40.68 34.26
CA MET DB 31 20.56 40.99 33.62
C MET DB 31 19.79 42.03 34.42
N LEU DB 32 19.70 41.84 35.73
CA LEU DB 32 18.95 42.78 36.56
C LEU DB 32 19.59 44.16 36.55
N THR DB 33 20.92 44.22 36.62
CA THR DB 33 21.59 45.50 36.59
C THR DB 33 21.35 46.20 35.25
N ASP DB 34 21.41 45.45 34.15
CA ASP DB 34 21.17 46.05 32.85
C ASP DB 34 19.75 46.57 32.74
N PHE DB 35 18.77 45.83 33.27
CA PHE DB 35 17.40 46.29 33.19
C PHE DB 35 17.19 47.54 34.03
N ASN DB 36 17.75 47.57 35.24
CA ASN DB 36 17.62 48.74 36.10
C ASN DB 36 18.27 49.95 35.44
N PHE DB 37 19.41 49.75 34.81
CA PHE DB 37 20.09 50.84 34.13
C PHE DB 37 19.25 51.36 32.97
N SER DB 38 18.68 50.44 32.19
CA SER DB 38 17.80 50.84 31.09
C SER DB 38 16.61 51.61 31.61
N LEU DB 39 16.07 51.20 32.75
CA LEU DB 39 14.89 51.86 33.30
C LEU DB 39 15.24 53.27 33.75
N GLU DB 40 16.35 53.43 34.46
CA GLU DB 40 16.76 54.75 34.89
C GLU DB 40 17.10 55.64 33.71
N TYR DB 41 17.65 55.05 32.65
CA TYR DB 41 17.99 55.82 31.46
C TYR DB 41 16.74 56.28 30.74
N HIS DB 42 15.72 55.43 30.69
CA HIS DB 42 14.43 55.82 30.11
C HIS DB 42 13.73 56.85 30.98
N ARG DB 43 13.93 56.78 32.30
CA ARG DB 43 13.19 57.63 33.21
C ARG DB 43 13.82 59.01 33.34
N ASN DB 44 15.14 59.13 33.16
CA ASN DB 44 15.85 60.37 33.40
C ASN DB 44 16.54 60.91 32.16
N LYS DB 45 17.37 60.12 31.49
CA LYS DB 45 18.29 60.63 30.49
C LYS DB 45 17.83 60.44 29.05
N GLU DB 46 17.01 59.43 28.78
CA GLU DB 46 16.68 59.10 27.41
C GLU DB 46 15.83 60.19 26.79
N VAL DB 47 16.28 60.72 25.67
CA VAL DB 47 15.57 61.76 24.94
C VAL DB 47 14.72 61.11 23.87
N PHE DB 48 13.60 61.76 23.55
CA PHE DB 48 12.65 61.27 22.56
C PHE DB 48 12.19 59.86 22.89
N ALA DB 49 11.92 59.64 24.18
CA ALA DB 49 11.43 58.36 24.67
C ALA DB 49 10.08 58.02 24.07
N HIS DB 50 9.05 58.79 24.44
CA HIS DB 50 7.72 58.65 23.90
C HIS DB 50 7.49 59.72 22.85
N ASN DB 51 6.61 59.42 21.89
CA ASN DB 51 6.33 60.30 20.77
C ASN DB 51 5.05 61.10 20.95
N GLY DB 52 4.76 61.52 22.17
CA GLY DB 52 3.60 62.36 22.42
C GLY DB 52 2.30 61.60 22.46
N GLU DB 53 1.96 60.92 21.37
CA GLU DB 53 0.69 60.19 21.28
C GLU DB 53 0.52 59.17 22.39
N GLN DB 54 1.60 58.74 23.04
CA GLN DB 54 1.54 57.79 24.14
C GLN DB 54 1.14 58.43 25.45
N ILE DB 55 0.67 59.67 25.44
CA ILE DB 55 0.37 60.42 26.66
C ILE DB 55 -1.11 60.77 26.67
N LYS DB 56 -1.68 60.72 27.87
CA LYS DB 56 -3.07 61.05 28.11
C LYS DB 56 -3.16 62.51 28.54
N TYR DB 57 -4.31 63.13 28.25
CA TYR DB 57 -4.58 64.48 28.72
C TYR DB 57 -6.09 64.60 28.87
N GLU DB 58 -6.55 64.67 30.11
CA GLU DB 58 -7.96 64.70 30.44
C GLU DB 58 -8.26 65.94 31.26
N HIS DB 59 -9.28 66.69 30.87
CA HIS DB 59 -9.68 67.88 31.59
C HIS DB 59 -11.12 68.21 31.23
N LEU DB 60 -11.96 68.39 32.25
CA LEU DB 60 -13.36 68.71 32.05
C LEU DB 60 -14.06 67.65 31.22
N ASN DB 61 -13.71 66.39 31.47
CA ASN DB 61 -14.24 65.26 30.72
C ASN DB 61 -13.95 65.40 29.22
N VAL DB 62 -12.71 65.81 28.93
CA VAL DB 62 -12.22 65.92 27.55
C VAL DB 62 -10.91 65.16 27.50
N THR DB 63 -10.98 63.87 27.15
CA THR DB 63 -9.78 63.05 27.02
C THR DB 63 -9.23 63.17 25.60
N SER DB 64 -7.92 63.22 25.50
CA SER DB 64 -7.25 63.36 24.21
C SER DB 64 -5.75 63.27 24.45
N SER DB 65 -5.00 63.12 23.37
CA SER DB 65 -3.56 63.00 23.44
C SER DB 65 -2.90 64.37 23.40
N VAL DB 66 -1.74 64.45 24.04
CA VAL DB 66 -1.05 65.73 24.14
C VAL DB 66 -0.56 66.18 22.76
N SER DB 67 -0.17 65.24 21.92
CA SER DB 67 0.34 65.61 20.61
C SER DB 67 -0.77 66.10 19.70
N ASP DB 68 -2.00 65.66 19.95
CA ASP DB 68 -3.14 66.20 19.21
C ASP DB 68 -3.58 67.53 19.78
N PHE DB 69 -3.52 67.67 21.11
CA PHE DB 69 -3.95 68.92 21.71
C PHE DB 69 -2.98 70.06 21.40
N LEU DB 70 -1.70 69.76 21.24
CA LEU DB 70 -0.76 70.80 20.83
C LEU DB 70 -1.09 71.30 19.44
N THR DB 71 -1.45 70.38 18.53
CA THR DB 71 -1.85 70.80 17.19
C THR DB 71 -3.13 71.62 17.25
N TYR DB 72 -4.07 71.22 18.11
CA TYR DB 72 -5.31 71.98 18.25
C TYR DB 72 -5.04 73.39 18.75
N LEU DB 73 -4.12 73.51 19.71
CA LEU DB 73 -3.80 74.83 20.24
C LEU DB 73 -3.10 75.69 19.21
N ASN DB 74 -2.14 75.10 18.50
CA ASN DB 74 -1.46 75.85 17.44
C ASN DB 74 -2.44 76.30 16.38
N GLY DB 75 -3.41 75.45 16.05
CA GLY DB 75 -4.44 75.84 15.11
C GLY DB 75 -5.26 77.00 15.61
N ARG DB 76 -5.77 76.89 16.84
CA ARG DB 76 -6.58 77.96 17.40
C ARG DB 76 -5.79 79.25 17.50
N PHE DB 77 -4.48 79.16 17.73
CA PHE DB 77 -3.67 80.35 17.86
C PHE DB 77 -3.42 80.99 16.51
N SER DB 78 -3.14 80.17 15.49
CA SER DB 78 -2.97 80.67 14.14
C SER DB 78 -4.27 81.10 13.51
N ASN DB 79 -5.41 80.80 14.12
CA ASN DB 79 -6.70 81.36 13.74
C ASN DB 79 -7.19 82.45 14.67
N MET DB 80 -6.48 82.75 15.75
CA MET DB 80 -6.93 83.77 16.67
C MET DB 80 -6.83 85.14 16.02
N VAL DB 81 -7.83 85.97 16.29
CA VAL DB 81 -7.92 87.33 15.76
C VAL DB 81 -7.93 88.29 16.93
N LEU DB 82 -7.20 89.38 16.78
CA LEU DB 82 -7.04 90.36 17.84
C LEU DB 82 -7.09 91.75 17.25
N GLY DB 83 -7.69 92.68 18.00
CA GLY DB 83 -7.84 94.05 17.58
C GLY DB 83 -7.13 95.01 18.50
N HIS DB 84 -6.68 96.12 17.92
CA HIS DB 84 -5.94 97.15 18.65
C HIS DB 84 -6.96 97.95 19.44
N ASN DB 85 -7.50 97.32 20.48
CA ASN DB 85 -8.56 97.92 21.26
C ASN DB 85 -8.08 99.19 21.95
N GLY DB 86 -6.82 99.19 22.35
CA GLY DB 86 -6.24 100.34 23.01
C GLY DB 86 -4.78 100.11 23.31
N ASP DB 87 -4.28 100.89 24.27
CA ASP DB 87 -2.87 100.87 24.60
C ASP DB 87 -2.59 99.93 25.77
N GLY DB 88 -3.12 98.70 25.66
CA GLY DB 88 -2.88 97.67 26.66
C GLY DB 88 -4.10 96.85 27.05
N ILE DB 89 -5.21 97.05 26.35
CA ILE DB 89 -6.44 96.36 26.71
C ILE DB 89 -6.27 94.86 26.54
N ASN DB 90 -5.75 94.43 25.39
CA ASN DB 90 -5.50 93.02 25.16
C ASN DB 90 -4.51 92.46 26.17
N GLU DB 91 -3.51 93.26 26.54
CA GLU DB 91 -2.51 92.83 27.50
C GLU DB 91 -3.13 92.52 28.84
N VAL DB 92 -3.98 93.42 29.34
CA VAL DB 92 -4.63 93.20 30.62
C VAL DB 92 -5.61 92.04 30.52
N LYS DB 93 -6.32 91.93 29.40
CA LYS DB 93 -7.25 90.82 29.23
C LYS DB 93 -6.50 89.49 29.26
N ASP DB 94 -5.28 89.47 28.73
CA ASP DB 94 -4.46 88.27 28.82
C ASP DB 94 -4.05 88.01 30.26
N ALA DB 95 -3.69 89.06 30.99
CA ALA DB 95 -3.28 88.87 32.38
C ALA DB 95 -4.43 88.48 33.30
N ARG DB 96 -5.68 88.62 32.85
CA ARG DB 96 -6.81 88.36 33.73
C ARG DB 96 -6.90 86.92 34.22
N VAL DB 97 -6.19 85.97 33.60
CA VAL DB 97 -6.23 84.57 34.04
C VAL DB 97 -5.17 84.33 35.12
N ASP DB 98 -5.33 83.20 35.86
CA ASP DB 98 -4.34 82.80 36.88
C ASP DB 98 -3.96 81.33 36.68
N ASN DB 99 -3.10 81.06 35.71
CA ASN DB 99 -2.32 79.82 35.65
C ASN DB 99 -3.11 78.53 35.51
N THR DB 100 -4.44 78.60 35.54
CA THR DB 100 -5.29 77.42 35.51
C THR DB 100 -6.55 77.68 34.69
N GLY DB 101 -6.50 78.64 33.78
CA GLY DB 101 -7.72 79.17 33.21
C GLY DB 101 -8.52 79.91 34.27
N TYR DB 102 -9.83 79.74 34.21
CA TYR DB 102 -10.77 80.48 35.06
C TYR DB 102 -10.54 81.97 34.91
N ASP DB 103 -10.86 82.45 33.72
CA ASP DB 103 -10.76 83.88 33.43
C ASP DB 103 -11.56 84.69 34.44
N HIS DB 104 -10.88 85.61 35.10
CA HIS DB 104 -11.52 86.52 36.01
C HIS DB 104 -12.05 87.73 35.26
N LYS DB 105 -13.07 88.35 35.85
CA LYS DB 105 -13.66 89.51 35.20
C LYS DB 105 -12.76 90.73 35.30
N THR DB 106 -11.88 90.78 36.30
CA THR DB 106 -11.02 91.92 36.50
C THR DB 106 -9.67 91.46 37.05
N LEU DB 107 -8.62 92.11 36.57
CA LEU DB 107 -7.27 91.83 37.05
C LEU DB 107 -7.18 91.95 38.57
N GLN DB 108 -7.90 92.91 39.15
CA GLN DB 108 -7.88 93.06 40.59
C GLN DB 108 -8.50 91.86 41.26
N ASP DB 109 -9.60 91.34 40.70
CA ASP DB 109 -10.21 90.14 41.25
C ASP DB 109 -9.25 88.97 41.15
N ARG DB 110 -8.50 88.90 40.06
CA ARG DB 110 -7.53 87.82 39.89
C ARG DB 110 -6.45 87.89 40.96
N LEU DB 111 -5.89 89.08 41.17
CA LEU DB 111 -4.85 89.24 42.18
C LEU DB 111 -5.38 88.91 43.57
N TYR DB 112 -6.60 89.36 43.87
CA TYR DB 112 -7.17 89.07 45.18
C TYR DB 112 -7.35 87.58 45.36
N HIS DB 113 -7.80 86.88 44.33
CA HIS DB 113 -8.01 85.44 44.43
C HIS DB 113 -6.70 84.71 44.61
N ASP DB 114 -5.67 85.13 43.87
CA ASP DB 114 -4.35 84.49 44.01
C ASP DB 114 -3.80 84.68 45.41
N TYR DB 115 -3.76 85.93 45.87
CA TYR DB 115 -3.26 86.21 47.21
C TYR DB 115 -4.05 85.47 48.27
N SER DB 116 -5.36 85.36 48.09
CA SER DB 116 -6.17 84.66 49.09
C SER DB 116 -5.86 83.19 49.10
N THR DB 117 -5.68 82.59 47.92
CA THR DB 117 -5.32 81.18 47.85
C THR DB 117 -3.98 80.93 48.53
N LEU DB 118 -3.01 81.80 48.27
CA LEU DB 118 -1.68 81.61 48.85
C LEU DB 118 -1.70 81.81 50.35
N ASP DB 119 -2.44 82.81 50.84
CA ASP DB 119 -2.55 83.02 52.27
C ASP DB 119 -3.19 81.82 52.94
N ALA DB 120 -4.32 81.36 52.42
CA ALA DB 120 -4.99 80.20 53.00
C ALA DB 120 -4.07 78.99 53.00
N PHE DB 121 -3.30 78.80 51.92
CA PHE DB 121 -2.42 77.65 51.83
C PHE DB 121 -1.31 77.73 52.87
N THR DB 122 -0.56 78.83 52.88
CA THR DB 122 0.55 78.94 53.81
C THR DB 122 0.08 78.99 55.27
N LYS DB 123 -1.10 79.55 55.52
CA LYS DB 123 -1.60 79.61 56.88
C LYS DB 123 -2.06 78.24 57.35
N LYS DB 124 -2.70 77.48 56.46
CA LYS DB 124 -3.02 76.09 56.77
C LYS DB 124 -1.76 75.29 57.02
N VAL DB 125 -0.70 75.58 56.25
CA VAL DB 125 0.58 74.92 56.44
C VAL DB 125 1.13 75.23 57.83
N GLU DB 126 1.09 76.50 58.22
CA GLU DB 126 1.61 76.87 59.53
C GLU DB 126 0.79 76.26 60.64
N LYS DB 127 -0.53 76.16 60.45
CA LYS DB 127 -1.37 75.52 61.45
C LYS DB 127 -1.02 74.05 61.58
N ALA DB 128 -0.80 73.37 60.46
CA ALA DB 128 -0.38 71.98 60.49
C ALA DB 128 0.96 71.84 61.21
N VAL DB 129 1.89 72.76 60.95
CA VAL DB 129 3.18 72.75 61.62
C VAL DB 129 3.00 72.87 63.12
N ASP DB 130 2.18 73.83 63.55
CA ASP DB 130 2.05 74.10 64.97
C ASP DB 130 1.40 72.93 65.69
N GLU DB 131 0.35 72.36 65.09
CA GLU DB 131 -0.31 71.23 65.74
C GLU DB 131 0.59 70.00 65.74
N ASN DB 132 1.40 69.81 64.69
CA ASN DB 132 2.33 68.69 64.69
C ASN DB 132 3.38 68.85 65.77
N TYR DB 133 3.91 70.05 65.93
CA TYR DB 133 4.90 70.30 66.97
C TYR DB 133 4.29 70.10 68.35
N LYS DB 134 3.06 70.56 68.55
CA LYS DB 134 2.39 70.36 69.82
C LYS DB 134 2.18 68.89 70.10
N GLU DB 135 1.76 68.13 69.08
CA GLU DB 135 1.57 66.69 69.24
C GLU DB 135 2.88 66.02 69.60
N TYR DB 136 3.98 66.43 68.96
CA TYR DB 136 5.26 65.80 69.22
C TYR DB 136 5.73 66.11 70.64
N ARG DB 137 5.56 67.36 71.07
CA ARG DB 137 5.96 67.70 72.44
C ARG DB 137 5.13 66.93 73.46
N ALA DB 138 3.83 66.77 73.20
CA ALA DB 138 3.00 66.01 74.11
C ALA DB 138 3.45 64.57 74.17
N THR DB 139 3.65 63.96 73.00
CA THR DB 139 4.03 62.55 72.95
C THR DB 139 5.39 62.30 73.57
N GLU DB 140 6.29 63.27 73.51
CA GLU DB 140 7.62 63.10 74.07
C GLU DB 140 7.61 63.35 75.58
N TYR DB 141 7.15 64.52 76.01
CA TYR DB 141 7.14 64.90 77.41
C TYR DB 141 5.85 64.48 78.10
N ARG DB 142 5.20 63.42 77.63
CA ARG DB 142 3.95 62.97 78.23
C ARG DB 142 4.15 62.62 79.69
N PHE DB 143 3.60 63.46 80.56
CA PHE DB 143 3.60 63.24 82.00
C PHE DB 143 2.17 63.46 82.45
N GLU DB 144 1.36 62.41 82.32
CA GLU DB 144 -0.07 62.46 82.62
C GLU DB 144 -0.39 61.38 83.65
N PRO DB 145 0.05 61.59 84.90
CA PRO DB 145 -0.20 60.57 85.93
C PRO DB 145 -1.67 60.33 86.22
N LYS DB 146 -2.57 61.18 85.74
CA LYS DB 146 -3.99 60.93 85.91
C LYS DB 146 -4.48 59.77 85.07
N GLU DB 147 -3.75 59.40 84.02
CA GLU DB 147 -4.12 58.30 83.15
C GLU DB 147 -3.00 57.32 82.91
N GLN DB 148 -1.74 57.73 83.01
CA GLN DB 148 -0.62 56.87 82.69
C GLN DB 148 -0.59 55.67 83.63
N GLU DB 149 0.11 54.64 83.20
CA GLU DB 149 0.17 53.37 83.91
C GLU DB 149 1.49 53.27 84.66
N PRO DB 150 1.51 52.95 85.96
CA PRO DB 150 2.81 52.85 86.63
C PRO DB 150 3.62 51.67 86.15
N GLU DB 151 4.79 51.48 86.75
CA GLU DB 151 5.68 50.39 86.37
C GLU DB 151 6.78 50.27 87.40
N PHE DB 152 7.47 49.15 87.35
CA PHE DB 152 8.49 48.86 88.35
C PHE DB 152 9.73 49.70 88.10
N ILE DB 153 10.42 50.06 89.19
CA ILE DB 153 11.68 50.77 89.13
C ILE DB 153 12.71 50.01 89.96
N THR DB 154 12.39 49.77 91.22
CA THR DB 154 13.31 49.08 92.12
C THR DB 154 12.55 48.70 93.38
N ASP DB 155 12.92 47.56 93.96
CA ASP DB 155 12.42 47.14 95.25
C ASP DB 155 13.48 47.42 96.30
N LEU DB 156 13.06 47.99 97.41
CA LEU DB 156 13.99 48.37 98.46
C LEU DB 156 14.31 47.18 99.35
N SER DB 157 15.40 47.31 100.10
CA SER DB 157 15.79 46.30 101.07
C SER DB 157 16.49 46.93 102.25
N PRO DB 158 15.73 47.53 103.17
CA PRO DB 158 16.29 47.96 104.45
C PRO DB 158 16.06 46.90 105.51
N TYR DB 159 17.08 46.69 106.34
CA TYR DB 159 17.04 45.66 107.37
C TYR DB 159 16.22 46.20 108.55
N THR DB 160 14.91 46.15 108.39
CA THR DB 160 13.99 46.47 109.46
C THR DB 160 12.63 45.85 109.17
N ASN DB 161 11.94 45.43 110.23
CA ASN DB 161 10.63 44.81 110.13
C ASN DB 161 9.59 45.83 110.59
N ALA DB 162 9.12 46.64 109.65
CA ALA DB 162 8.08 47.62 109.94
C ALA DB 162 7.52 48.13 108.62
N VAL DB 163 6.55 49.02 108.71
CA VAL DB 163 5.94 49.61 107.54
C VAL DB 163 6.80 50.77 107.08
N MET DB 164 7.20 50.76 105.81
CA MET DB 164 7.89 51.92 105.26
C MET DB 164 6.94 53.11 105.25
N GLN DB 165 7.40 54.23 105.78
CA GLN DB 165 6.56 55.42 105.85
C GLN DB 165 6.76 56.30 104.63
N SER DB 166 7.99 56.52 104.20
CA SER DB 166 8.20 57.19 102.93
C SER DB 166 9.62 56.98 102.45
N PHE DB 167 9.91 57.61 101.32
CA PHE DB 167 11.20 57.46 100.65
C PHE DB 167 11.51 58.73 99.89
N TRP DB 168 12.74 58.82 99.43
CA TRP DB 168 13.15 59.94 98.59
C TRP DB 168 14.45 59.57 97.89
N VAL DB 169 14.48 59.74 96.60
CA VAL DB 169 15.66 59.45 95.79
C VAL DB 169 16.50 60.71 95.70
N ASP DB 170 17.81 60.52 95.64
CA ASP DB 170 18.72 61.62 95.40
C ASP DB 170 19.07 61.65 93.92
N PRO DB 171 18.63 62.64 93.14
CA PRO DB 171 18.94 62.60 91.70
C PRO DB 171 20.41 62.75 91.38
N ARG DB 172 21.23 63.15 92.33
CA ARG DB 172 22.65 63.38 92.09
C ARG DB 172 23.50 62.20 92.49
N THR DB 173 23.12 61.53 93.58
CA THR DB 173 23.87 60.40 94.12
C THR DB 173 23.11 59.09 94.00
N LYS DB 174 21.82 59.13 93.72
CA LYS DB 174 21.01 57.96 93.38
C LYS DB 174 20.85 56.99 94.54
N ILE DB 175 21.09 57.45 95.76
CA ILE DB 175 20.73 56.71 96.95
C ILE DB 175 19.26 56.99 97.25
N ILE DB 176 18.57 55.97 97.75
CA ILE DB 176 17.21 56.08 98.25
C ILE DB 176 17.30 56.20 99.75
N TYR DB 177 16.84 57.34 100.28
CA TYR DB 177 16.71 57.54 101.71
C TYR DB 177 15.28 57.15 102.08
N MET DB 178 15.15 56.10 102.89
CA MET DB 178 13.87 55.54 103.25
C MET DB 178 13.64 55.78 104.74
N THR DB 179 12.56 56.48 105.04
CA THR DB 179 12.15 56.73 106.42
C THR DB 179 11.09 55.71 106.81
N GLN DB 180 11.32 55.07 107.96
CA GLN DB 180 10.57 53.91 108.40
C GLN DB 180 10.34 54.00 109.90
N ALA DB 181 9.08 53.90 110.31
CA ALA DB 181 8.72 53.99 111.71
C ALA DB 181 9.37 52.87 112.51
N ARG DB 182 9.27 52.98 113.84
CA ARG DB 182 9.68 51.91 114.72
C ARG DB 182 8.73 51.86 115.90
N PRO DB 183 8.62 50.70 116.59
CA PRO DB 183 7.70 50.62 117.73
C PRO DB 183 8.08 51.58 118.84
N GLY DB 184 7.22 52.58 119.07
CA GLY DB 184 7.49 53.64 120.03
C GLY DB 184 7.54 54.99 119.35
N ASN DB 185 8.12 55.97 120.02
CA ASN DB 185 8.24 57.33 119.48
C ASN DB 185 9.60 57.52 118.81
N HIS DB 186 9.87 56.69 117.81
CA HIS DB 186 11.16 56.72 117.14
C HIS DB 186 11.02 56.13 115.74
N TYR DB 187 11.89 56.57 114.86
CA TYR DB 187 11.92 56.04 113.51
C TYR DB 187 13.38 56.00 113.06
N MET DB 188 13.57 55.51 111.83
CA MET DB 188 14.89 55.27 111.29
C MET DB 188 14.92 55.70 109.84
N LEU DB 189 16.04 56.29 109.46
CA LEU DB 189 16.33 56.63 108.09
C LEU DB 189 17.40 55.66 107.59
N SER DB 190 17.27 55.25 106.34
CA SER DB 190 18.11 54.21 105.78
C SER DB 190 18.54 54.59 104.38
N ARG DB 191 19.84 54.61 104.15
CA ARG DB 191 20.41 54.88 102.84
C ARG DB 191 20.61 53.55 102.13
N LEU DB 192 19.92 53.40 101.00
CA LEU DB 192 19.93 52.18 100.21
C LEU DB 192 20.37 52.50 98.78
N LYS DB 193 20.90 51.47 98.14
CA LYS DB 193 21.38 51.56 96.78
C LYS DB 193 20.21 51.69 95.82
N PRO DB 194 20.48 51.98 94.54
CA PRO DB 194 19.38 52.03 93.56
C PRO DB 194 18.60 50.74 93.46
N ASN DB 195 19.30 49.60 93.42
CA ASN DB 195 18.63 48.31 93.41
C ASN DB 195 17.93 47.97 94.73
N GLY DB 196 18.11 48.80 95.76
CA GLY DB 196 17.49 48.60 97.05
C GLY DB 196 18.39 48.01 98.10
N GLN DB 197 19.63 47.68 97.76
CA GLN DB 197 20.55 47.11 98.73
C GLN DB 197 20.82 48.09 99.85
N PHE DB 198 21.13 47.54 101.02
CA PHE DB 198 21.37 48.35 102.19
C PHE DB 198 22.78 48.90 102.19
N ILE DB 199 22.91 50.15 102.65
CA ILE DB 199 24.20 50.81 102.75
C ILE DB 199 24.40 51.28 104.18
N ASP DB 200 23.48 52.11 104.67
CA ASP DB 200 23.68 52.78 105.95
C ASP DB 200 22.34 53.05 106.60
N ARG DB 201 22.37 53.37 107.89
CA ARG DB 201 21.16 53.74 108.61
C ARG DB 201 21.46 54.79 109.66
N LEU DB 202 20.38 55.27 110.28
CA LEU DB 202 20.43 56.35 111.26
C LEU DB 202 19.16 56.30 112.07
N LEU DB 203 19.27 55.99 113.35
CA LEU DB 203 18.12 55.92 114.25
C LEU DB 203 17.88 57.29 114.86
N VAL DB 204 16.75 57.90 114.54
CA VAL DB 204 16.39 59.16 115.18
C VAL DB 204 15.58 58.81 116.42
N LYS DB 205 16.14 59.15 117.58
CA LYS DB 205 15.61 58.69 118.86
C LYS DB 205 14.20 59.21 119.10
N ASN DB 206 13.91 60.40 118.59
CA ASN DB 206 12.72 61.16 118.96
C ASN DB 206 11.98 61.68 117.74
N GLY DB 207 12.16 61.04 116.60
CA GLY DB 207 11.70 61.63 115.35
C GLY DB 207 10.21 61.48 115.14
N GLY DB 208 9.63 60.38 115.63
CA GLY DB 208 8.22 60.13 115.47
C GLY DB 208 7.94 59.06 114.43
N HIS DB 209 7.10 59.43 113.47
CA HIS DB 209 6.71 58.51 112.41
C HIS DB 209 7.61 58.67 111.18
N GLY DB 210 8.00 59.90 110.89
CA GLY DB 210 8.91 60.16 109.79
C GLY DB 210 8.22 60.37 108.47
N THR DB 211 6.95 60.81 108.50
CA THR DB 211 5.97 60.73 107.39
C THR DB 211 6.62 61.19 106.08
N HIS DB 212 7.16 62.39 106.01
CA HIS DB 212 7.92 62.82 104.85
C HIS DB 212 8.85 63.95 105.22
N ASN DB 213 10.09 63.86 104.76
CA ASN DB 213 11.13 64.82 105.04
C ASN DB 213 11.58 65.48 103.75
N ALA DB 214 12.01 66.73 103.85
CA ALA DB 214 12.44 67.51 102.71
C ALA DB 214 13.95 67.43 102.62
N TYR DB 215 14.45 66.86 101.53
CA TYR DB 215 15.87 66.60 101.36
C TYR DB 215 16.45 67.70 100.49
N ARG DB 216 16.69 68.84 101.12
CA ARG DB 216 17.23 69.98 100.41
C ARG DB 216 18.67 69.71 100.04
N TYR DB 217 19.09 70.29 98.92
CA TYR DB 217 20.45 70.14 98.42
C TYR DB 217 21.04 71.53 98.25
N ILE DB 218 21.76 72.00 99.27
CA ILE DB 218 22.68 73.10 99.07
C ILE DB 218 23.80 72.63 98.17
N GLY DB 219 24.47 73.59 97.51
CA GLY DB 219 25.54 73.28 96.57
C GLY DB 219 26.60 72.37 97.15
N ASN DB 220 26.63 71.12 96.67
CA ASN DB 220 27.52 70.09 97.18
C ASN DB 220 27.32 69.87 98.68
N GLU DB 221 26.05 69.73 99.07
CA GLU DB 221 25.71 69.40 100.45
C GLU DB 221 24.25 69.01 100.50
N LEU DB 222 23.92 68.12 101.43
CA LEU DB 222 22.56 67.65 101.65
C LEU DB 222 22.11 68.08 103.05
N TRP DB 223 20.83 68.34 103.18
CA TRP DB 223 20.24 68.69 104.46
C TRP DB 223 18.83 68.14 104.56
N ILE DB 224 18.58 67.38 105.60
CA ILE DB 224 17.30 66.69 105.80
C ILE DB 224 16.49 67.55 106.76
N TYR DB 225 15.30 67.92 106.32
CA TYR DB 225 14.35 68.68 107.13
C TYR DB 225 13.26 67.72 107.56
N SER DB 226 13.08 67.57 108.88
CA SER DB 226 12.16 66.59 109.43
C SER DB 226 11.41 67.22 110.59
N ALA DB 227 10.53 66.42 111.20
CA ALA DB 227 9.67 66.84 112.31
C ALA DB 227 10.02 65.99 113.52
N VAL DB 228 11.00 66.44 114.30
CA VAL DB 228 11.40 65.74 115.51
C VAL DB 228 10.49 66.15 116.67
N LEU DB 229 10.43 65.29 117.68
CA LEU DB 229 9.60 65.48 118.86
C LEU DB 229 10.52 65.51 120.07
N ASP DB 230 10.89 66.70 120.52
CA ASP DB 230 11.89 66.85 121.57
C ASP DB 230 11.43 66.19 122.87
N ALA DB 231 12.31 66.24 123.88
CA ALA DB 231 12.05 65.57 125.16
C ALA DB 231 10.70 65.96 125.73
N ASN DB 232 10.30 67.21 125.54
CA ASN DB 232 8.94 67.62 125.79
C ASN DB 232 8.11 67.34 124.54
N GLU DB 233 6.86 66.93 124.75
CA GLU DB 233 6.04 66.45 123.65
C GLU DB 233 5.63 67.62 122.76
N ASN DB 234 6.58 68.11 121.97
CA ASN DB 234 6.36 69.22 121.05
C ASN DB 234 6.98 68.89 119.71
N ASN DB 235 6.23 69.13 118.64
CA ASN DB 235 6.68 68.80 117.29
C ASN DB 235 7.57 69.91 116.79
N LYS DB 236 8.88 69.68 116.84
CA LYS DB 236 9.86 70.63 116.36
C LYS DB 236 10.23 70.31 114.92
N PHE DB 237 10.14 71.30 114.04
CA PHE DB 237 10.57 71.17 112.66
C PHE DB 237 12.02 71.60 112.58
N VAL DB 238 12.90 70.65 112.24
CA VAL DB 238 14.33 70.79 112.46
C VAL DB 238 15.08 70.23 111.26
N ARG DB 239 16.20 70.86 110.95
CA ARG DB 239 17.09 70.44 109.86
C ARG DB 239 18.36 69.84 110.44
N PHE DB 240 18.97 68.94 109.67
CA PHE DB 240 20.19 68.28 110.14
C PHE DB 240 20.88 67.61 108.95
N GLN DB 241 21.96 66.90 109.25
CA GLN DB 241 22.83 66.28 108.28
C GLN DB 241 22.93 64.79 108.57
N TYR DB 242 23.18 63.99 107.53
CA TYR DB 242 23.25 62.55 107.69
C TYR DB 242 24.61 62.13 108.22
N ARG DB 243 24.59 61.21 109.19
CA ARG DB 243 25.78 60.53 109.66
C ARG DB 243 25.33 59.27 110.40
N THR DB 244 26.03 58.16 110.14
CA THR DB 244 25.65 56.87 110.69
C THR DB 244 25.59 56.90 112.21
N GLY DB 245 24.62 56.18 112.77
CA GLY DB 245 24.47 56.05 114.20
C GLY DB 245 23.09 56.40 114.70
N GLU DB 246 23.02 57.24 115.72
CA GLU DB 246 21.75 57.73 116.24
C GLU DB 246 21.83 59.23 116.47
N ILE DB 247 20.67 59.88 116.43
CA ILE DB 247 20.58 61.31 116.60
C ILE DB 247 19.36 61.67 117.44
N THR DB 248 19.49 62.75 118.21
CA THR DB 248 18.40 63.28 119.02
C THR DB 248 18.44 64.79 118.97
N TYR DB 249 17.39 65.41 119.49
CA TYR DB 249 17.38 66.87 119.61
C TYR DB 249 18.50 67.31 120.53
N GLY DB 250 19.23 68.32 120.10
CA GLY DB 250 20.34 68.84 120.88
C GLY DB 250 21.34 69.57 120.03
N ASN DB 251 22.61 69.17 120.16
CA ASN DB 251 23.68 69.85 119.44
C ASN DB 251 23.72 69.44 117.98
N GLU DB 252 23.60 68.14 117.71
CA GLU DB 252 23.63 67.66 116.32
C GLU DB 252 22.45 68.21 115.54
N MET DB 253 21.30 68.31 116.19
CA MET DB 253 20.10 68.84 115.54
C MET DB 253 20.17 70.36 115.50
N GLN DB 254 19.95 70.92 114.33
CA GLN DB 254 20.04 72.36 114.09
C GLN DB 254 18.64 72.87 113.76
N ASP DB 255 18.02 73.55 114.71
CA ASP DB 255 16.68 74.07 114.50
C ASP DB 255 16.67 75.10 113.38
N VAL DB 256 15.51 75.26 112.77
CA VAL DB 256 15.30 76.21 111.68
C VAL DB 256 14.01 76.97 111.96
N MET DB 257 14.12 78.31 112.02
CA MET DB 257 13.00 79.21 112.28
C MET DB 257 12.21 78.76 113.50
N PRO DB 258 12.76 78.85 114.69
CA PRO DB 258 12.10 78.34 115.90
C PRO DB 258 11.04 79.28 116.48
N ASN DB 259 10.19 79.80 115.60
CA ASN DB 259 9.13 80.73 115.97
C ASN DB 259 7.76 80.37 115.40
N ILE DB 260 7.72 79.87 114.16
CA ILE DB 260 6.45 79.64 113.46
C ILE DB 260 6.38 78.24 112.86
N PHE DB 261 7.23 77.33 113.36
CA PHE DB 261 7.24 75.96 112.85
C PHE DB 261 7.39 74.95 113.97
N ASN DB 262 7.09 75.35 115.21
CA ASN DB 262 7.26 74.48 116.37
C ASN DB 262 6.03 74.49 117.27
N ASP DB 263 4.95 75.14 116.86
CA ASP DB 263 3.66 75.00 117.53
C ASP DB 263 2.85 73.84 116.98
N ARG DB 264 2.65 73.78 115.67
CA ARG DB 264 1.87 72.73 115.04
C ARG DB 264 2.81 71.69 114.43
N TYR DB 265 2.36 70.44 114.41
CA TYR DB 265 3.13 69.38 113.79
C TYR DB 265 3.23 69.65 112.30
N THR DB 266 4.47 69.79 111.83
CA THR DB 266 4.79 70.34 110.51
C THR DB 266 5.79 69.44 109.83
N SER DB 267 5.34 68.73 108.80
CA SER DB 267 6.20 67.96 107.91
C SER DB 267 6.45 68.76 106.65
N ALA DB 268 7.47 68.36 105.89
CA ALA DB 268 8.04 69.21 104.85
C ALA DB 268 8.46 68.45 103.62
N ILE DB 269 8.32 69.11 102.48
CA ILE DB 269 8.81 68.66 101.17
C ILE DB 269 9.57 69.82 100.57
N TYR DB 270 10.55 69.51 99.72
CA TYR DB 270 11.32 70.50 98.99
C TYR DB 270 11.27 70.18 97.50
N ASN DB 271 11.04 71.21 96.70
CA ASN DB 271 11.01 71.10 95.24
C ASN DB 271 12.15 71.94 94.68
N PRO DB 272 13.17 71.35 94.06
CA PRO DB 272 14.35 72.15 93.68
C PRO DB 272 14.18 72.94 92.40
N ILE DB 273 13.33 72.44 91.49
CA ILE DB 273 13.17 73.08 90.20
C ILE DB 273 12.64 74.48 90.36
N GLU DB 274 11.71 74.68 91.30
CA GLU DB 274 11.19 75.99 91.65
C GLU DB 274 11.78 76.53 92.94
N ASN DB 275 12.59 75.74 93.65
CA ASN DB 275 13.22 76.17 94.89
C ASN DB 275 12.16 76.55 95.92
N LEU DB 276 11.21 75.64 96.12
CA LEU DB 276 10.08 75.83 97.00
C LEU DB 276 10.08 74.80 98.11
N MET DB 277 9.31 75.09 99.16
CA MET DB 277 9.13 74.18 100.28
C MET DB 277 7.65 74.11 100.60
N ILE DB 278 7.12 72.89 100.61
CA ILE DB 278 5.72 72.62 100.90
C ILE DB 278 5.64 72.07 102.31
N PHE DB 279 5.05 72.84 103.22
CA PHE DB 279 4.82 72.40 104.58
C PHE DB 279 3.40 71.86 104.69
N ARG DB 280 3.26 70.64 105.22
CA ARG DB 280 1.99 70.11 105.65
C ARG DB 280 1.92 70.25 107.16
N ARG DB 281 0.89 70.96 107.63
CA ARG DB 281 0.74 71.27 109.04
C ARG DB 281 -0.62 70.80 109.53
N GLU DB 282 -0.63 70.04 110.62
CA GLU DB 282 -1.92 69.55 111.10
C GLU DB 282 -2.69 70.66 111.82
N TYR DB 283 -4.00 70.49 111.89
CA TYR DB 283 -4.87 71.37 112.67
C TYR DB 283 -4.97 70.83 114.09
N LYS DB 284 -4.55 71.64 115.06
CA LYS DB 284 -4.79 71.29 116.44
C LYS DB 284 -6.30 71.20 116.68
N ALA DB 285 -6.68 70.46 117.72
CA ALA DB 285 -7.99 69.84 117.87
C ALA DB 285 -9.19 70.70 117.49
N SER DB 286 -9.33 71.87 118.09
CA SER DB 286 -10.55 72.66 117.91
C SER DB 286 -10.70 73.16 116.48
N GLU DB 287 -9.62 73.70 115.92
CA GLU DB 287 -9.64 74.20 114.56
C GLU DB 287 -9.97 73.07 113.59
N ARG DB 288 -9.32 71.93 113.78
CA ARG DB 288 -9.63 70.72 113.03
C ARG DB 288 -11.12 70.41 113.08
N GLN DB 289 -11.65 70.29 114.29
CA GLN DB 289 -13.01 69.80 114.48
C GLN DB 289 -14.02 70.72 113.83
N LEU DB 290 -13.83 72.04 114.00
CA LEU DB 290 -14.76 72.96 113.37
C LEU DB 290 -14.61 72.93 111.86
N LYS DB 291 -13.41 73.18 111.35
CA LYS DB 291 -13.24 73.41 109.92
C LYS DB 291 -13.30 72.14 109.09
N ASN DB 292 -13.38 70.96 109.71
CA ASN DB 292 -13.46 69.70 108.98
C ASN DB 292 -12.25 69.52 108.07
N SER DB 293 -11.08 69.81 108.63
CA SER DB 293 -9.82 69.72 107.90
C SER DB 293 -8.75 69.29 108.89
N LEU DB 294 -8.29 68.05 108.76
CA LEU DB 294 -7.32 67.52 109.70
C LEU DB 294 -5.97 68.20 109.58
N ASN DB 295 -5.69 68.79 108.43
CA ASN DB 295 -4.41 69.45 108.19
C ASN DB 295 -4.61 70.47 107.07
N PHE DB 296 -3.52 71.17 106.74
CA PHE DB 296 -3.48 72.02 105.56
C PHE DB 296 -2.08 71.98 105.00
N VAL DB 297 -1.93 72.68 103.87
CA VAL DB 297 -0.68 72.77 103.15
C VAL DB 297 -0.38 74.23 102.90
N GLU DB 298 0.90 74.57 102.95
CA GLU DB 298 1.35 75.93 102.70
C GLU DB 298 2.66 75.87 101.94
N VAL DB 299 2.67 76.52 100.78
CA VAL DB 299 3.84 76.59 99.93
C VAL DB 299 4.56 77.90 100.21
N ARG DB 300 5.82 77.79 100.60
CA ARG DB 300 6.71 78.89 100.90
C ARG DB 300 7.94 78.78 100.00
N SER DB 301 8.73 79.85 99.98
CA SER DB 301 9.96 79.85 99.19
C SER DB 301 11.11 79.26 99.99
N ALA DB 302 11.91 78.43 99.32
CA ALA DB 302 13.03 77.77 99.99
C ALA DB 302 14.04 78.79 100.50
N ASP DB 303 14.40 79.75 99.65
CA ASP DB 303 15.34 80.77 100.06
C ASP DB 303 14.77 81.65 101.16
N ASP DB 304 13.45 81.86 101.15
CA ASP DB 304 12.82 82.65 102.19
C ASP DB 304 12.90 81.94 103.53
N ILE DB 305 12.60 80.65 103.56
CA ILE DB 305 12.76 79.87 104.78
C ILE DB 305 14.21 79.84 105.20
N ASP DB 306 15.12 79.85 104.22
CA ASP DB 306 16.55 79.82 104.54
C ASP DB 306 16.95 81.09 105.28
N LYS DB 307 16.62 82.25 104.72
CA LYS DB 307 16.97 83.51 105.38
C LYS DB 307 16.11 83.77 106.61
N GLY DB 308 15.01 83.04 106.79
CA GLY DB 308 14.31 83.03 108.06
C GLY DB 308 13.29 84.14 108.23
N ILE DB 309 12.28 84.20 107.36
CA ILE DB 309 11.16 85.12 107.52
C ILE DB 309 9.88 84.41 107.10
N ASP DB 310 8.75 85.05 107.38
CA ASP DB 310 7.45 84.56 106.97
C ASP DB 310 7.14 85.10 105.58
N LYS DB 311 6.95 84.19 104.63
CA LYS DB 311 6.41 84.57 103.32
C LYS DB 311 5.61 83.36 102.82
N VAL DB 312 4.34 83.33 103.16
CA VAL DB 312 3.44 82.32 102.62
C VAL DB 312 3.10 82.71 101.19
N LEU DB 313 3.33 81.78 100.27
CA LEU DB 313 3.03 82.01 98.87
C LEU DB 313 1.73 81.37 98.44
N TYR DB 314 1.39 80.23 99.04
CA TYR DB 314 0.12 79.61 98.71
C TYR DB 314 -0.38 78.82 99.92
N GLN DB 315 -1.71 78.68 99.98
CA GLN DB 315 -2.38 77.94 101.04
C GLN DB 315 -3.30 76.91 100.42
N MET DB 316 -3.65 75.91 101.22
CA MET DB 316 -4.64 74.93 100.80
C MET DB 316 -5.20 74.23 102.03
N ASP DB 317 -6.44 74.52 102.37
CA ASP DB 317 -7.16 73.84 103.44
C ASP DB 317 -7.82 72.61 102.83
N ILE DB 318 -7.13 71.48 102.91
CA ILE DB 318 -7.59 70.23 102.32
C ILE DB 318 -8.86 69.77 103.05
N PRO DB 319 -9.79 69.06 102.38
CA PRO DB 319 -10.91 68.46 103.11
C PRO DB 319 -10.52 67.24 103.92
N MET DB 320 -11.53 66.57 104.47
CA MET DB 320 -11.38 65.39 105.29
C MET DB 320 -11.57 64.09 104.51
N GLU DB 321 -12.18 64.15 103.32
CA GLU DB 321 -12.38 62.95 102.53
C GLU DB 321 -11.06 62.32 102.13
N TYR DB 322 -10.04 63.13 101.91
CA TYR DB 322 -8.71 62.65 101.52
C TYR DB 322 -7.80 62.43 102.72
N THR DB 323 -8.35 62.38 103.93
CA THR DB 323 -7.57 62.03 105.11
C THR DB 323 -8.33 61.16 106.10
N SER DB 324 -9.54 60.71 105.78
CA SER DB 324 -10.30 59.88 106.71
C SER DB 324 -9.59 58.55 106.94
N ASP DB 325 -10.14 57.77 107.87
CA ASP DB 325 -9.54 56.48 108.21
C ASP DB 325 -9.54 55.53 107.02
N THR DB 326 -10.51 55.67 106.13
CA THR DB 326 -10.57 54.84 104.93
C THR DB 326 -9.56 55.28 103.88
N GLN DB 327 -9.12 56.54 103.91
CA GLN DB 327 -8.16 57.06 102.94
C GLN DB 327 -7.29 58.10 103.63
N PRO DB 328 -6.38 57.66 104.50
CA PRO DB 328 -5.49 58.59 105.17
C PRO DB 328 -4.29 58.95 104.30
N MET DB 329 -3.71 60.10 104.60
CA MET DB 329 -2.54 60.55 103.87
C MET DB 329 -1.36 59.63 104.16
N GLN DB 330 -0.63 59.30 103.10
CA GLN DB 330 0.63 58.59 103.22
C GLN DB 330 1.68 59.13 102.25
N GLY DB 331 1.52 60.37 101.77
CA GLY DB 331 2.48 60.96 100.86
C GLY DB 331 2.02 62.21 100.14
N ILE DB 332 2.94 63.17 99.97
CA ILE DB 332 2.63 64.37 99.21
C ILE DB 332 3.86 64.80 98.45
N THR DB 333 3.63 65.61 97.42
CA THR DB 333 4.72 66.24 96.68
C THR DB 333 4.16 67.35 95.82
N TYR DB 334 5.05 68.02 95.08
CA TYR DB 334 4.69 69.13 94.22
C TYR DB 334 5.52 69.06 92.95
N ASP DB 335 4.84 68.99 91.80
CA ASP DB 335 5.49 68.87 90.50
C ASP DB 335 5.66 70.21 89.81
N ALA DB 336 5.76 71.30 90.57
CA ALA DB 336 5.79 72.65 90.02
C ALA DB 336 4.53 72.93 89.20
N GLY DB 337 3.42 72.93 89.92
CA GLY DB 337 2.13 73.31 89.36
C GLY DB 337 0.95 72.60 89.97
N ILE DB 338 1.16 71.39 90.50
CA ILE DB 338 0.10 70.61 91.12
C ILE DB 338 0.65 69.98 92.38
N LEU DB 339 -0.16 69.96 93.43
CA LEU DB 339 0.16 69.28 94.67
C LEU DB 339 -0.38 67.87 94.58
N TYR DB 340 0.50 66.89 94.45
CA TYR DB 340 0.10 65.51 94.40
C TYR DB 340 -0.07 65.01 95.82
N TRP DB 341 -1.21 64.37 96.06
CA TRP DB 341 -1.61 63.92 97.37
C TRP DB 341 -1.99 62.47 97.24
N TYR DB 342 -1.65 61.72 98.27
CA TYR DB 342 -1.65 60.29 98.24
C TYR DB 342 -2.43 59.72 99.41
N THR DB 343 -3.31 58.74 99.13
CA THR DB 343 -4.21 58.22 100.15
C THR DB 343 -4.36 56.72 100.00
N GLY DB 344 -4.52 56.05 101.14
CA GLY DB 344 -4.69 54.60 101.18
C GLY DB 344 -4.67 54.07 102.59
N ASP DB 345 -5.58 53.14 102.90
CA ASP DB 345 -5.66 52.52 104.21
C ASP DB 345 -5.13 51.11 104.12
N SER DB 346 -4.69 50.56 105.25
CA SER DB 346 -4.06 49.24 105.26
C SER DB 346 -5.10 48.16 105.01
N LYS DB 347 -5.68 48.17 103.83
CA LYS DB 347 -6.76 47.28 103.46
C LYS DB 347 -6.87 47.35 101.94
N PRO DB 348 -6.78 46.23 101.22
CA PRO DB 348 -6.88 46.30 99.76
C PRO DB 348 -8.31 46.42 99.25
N ALA DB 349 -9.31 46.14 100.09
CA ALA DB 349 -10.70 46.35 99.69
C ALA DB 349 -10.92 47.80 99.28
N ASN DB 350 -10.50 48.73 100.11
CA ASN DB 350 -10.57 50.14 99.80
C ASN DB 350 -9.39 50.51 98.89
N PRO DB 351 -9.61 50.74 97.58
CA PRO DB 351 -8.45 51.04 96.73
C PRO DB 351 -7.81 52.34 97.09
N ASN DB 352 -6.51 52.39 96.90
CA ASN DB 352 -5.74 53.59 97.20
C ASN DB 352 -5.87 54.56 96.04
N TYR DB 353 -5.71 55.84 96.37
CA TYR DB 353 -6.00 56.92 95.44
C TYR DB 353 -4.85 57.92 95.45
N LEU DB 354 -4.61 58.55 94.31
CA LEU DB 354 -3.73 59.71 94.23
C LEU DB 354 -4.44 60.79 93.44
N GLN DB 355 -4.29 62.03 93.91
CA GLN DB 355 -5.05 63.15 93.40
C GLN DB 355 -4.12 64.35 93.29
N GLY DB 356 -4.56 65.34 92.53
CA GLY DB 356 -3.80 66.54 92.30
C GLY DB 356 -4.62 67.77 92.60
N PHE DB 357 -4.21 68.48 93.64
CA PHE DB 357 -4.86 69.71 94.05
C PHE DB 357 -4.03 70.86 93.47
N ASP DB 358 -4.63 71.60 92.56
CA ASP DB 358 -3.98 72.80 92.04
C ASP DB 358 -4.13 73.92 93.04
N ILE DB 359 -3.05 74.22 93.76
CA ILE DB 359 -3.07 75.21 94.83
C ILE DB 359 -3.60 76.56 94.35
N LYS DB 360 -3.45 76.86 93.07
CA LYS DB 360 -3.95 78.11 92.52
C LYS DB 360 -5.46 78.08 92.26
N THR DB 361 -6.09 76.91 92.31
CA THR DB 361 -7.53 76.78 92.11
C THR DB 361 -8.17 76.15 93.35
N LYS DB 362 -7.40 75.31 94.04
CA LYS DB 362 -7.84 74.67 95.28
C LYS DB 362 -9.03 73.75 95.00
N GLU DB 363 -8.81 72.78 94.13
CA GLU DB 363 -9.86 71.83 93.80
C GLU DB 363 -9.25 70.58 93.18
N LEU DB 364 -9.85 69.43 93.54
CA LEU DB 364 -9.48 68.15 92.96
C LEU DB 364 -9.76 68.14 91.47
N LEU DB 365 -8.92 67.43 90.71
CA LEU DB 365 -9.10 67.38 89.27
C LEU DB 365 -9.15 65.98 88.65
N PHE DB 366 -8.39 64.96 89.17
CA PHE DB 366 -8.50 63.63 88.54
C PHE DB 366 -8.84 62.47 89.48
N LYS DB 367 -8.18 62.34 90.63
CA LYS DB 367 -8.47 61.26 91.58
C LYS DB 367 -8.31 59.88 90.94
N ARG DB 368 -7.07 59.54 90.60
CA ARG DB 368 -6.78 58.25 90.00
C ARG DB 368 -6.66 57.16 91.07
N ARG DB 369 -7.07 55.96 90.69
CA ARG DB 369 -6.93 54.78 91.53
C ARG DB 369 -5.60 54.09 91.26
N ILE DB 370 -5.06 53.45 92.29
CA ILE DB 370 -3.83 52.67 92.20
C ILE DB 370 -4.15 51.23 92.54
N ASP DB 371 -3.52 50.31 91.80
CA ASP DB 371 -3.65 48.87 92.04
C ASP DB 371 -2.29 48.20 91.85
N ILE DB 372 -1.24 48.81 92.41
CA ILE DB 372 0.13 48.43 92.06
C ILE DB 372 0.74 47.47 93.07
N GLY DB 373 -0.06 46.87 93.95
CA GLY DB 373 0.49 45.86 94.85
C GLY DB 373 1.11 44.70 94.11
N GLY DB 374 0.67 44.43 92.88
CA GLY DB 374 1.15 43.31 92.12
C GLY DB 374 0.11 42.85 91.13
N VAL DB 375 -0.22 41.56 91.18
CA VAL DB 375 -1.19 41.00 90.26
C VAL DB 375 -2.58 41.59 90.54
N ASN DB 376 -3.47 41.45 89.56
CA ASN DB 376 -4.80 42.03 89.59
C ASN DB 376 -5.58 41.68 90.84
N ASN DB 377 -6.08 42.72 91.51
CA ASN DB 377 -7.09 42.63 92.58
C ASN DB 377 -6.73 41.60 93.65
N ASN DB 378 -5.44 41.31 93.80
CA ASN DB 378 -4.96 40.27 94.69
C ASN DB 378 -3.46 40.44 94.78
N PHE DB 379 -2.93 40.36 96.00
CA PHE DB 379 -1.54 40.67 96.25
C PHE DB 379 -0.96 39.58 97.13
N LYS DB 380 0.32 39.75 97.47
CA LYS DB 380 1.07 38.69 98.13
C LYS DB 380 0.48 38.39 99.48
N GLY DB 381 0.52 39.37 100.38
CA GLY DB 381 -0.04 39.19 101.69
C GLY DB 381 -1.56 39.25 101.68
N ASP DB 382 -2.14 38.70 102.74
CA ASP DB 382 -3.59 38.83 102.96
C ASP DB 382 -4.01 40.29 103.00
N PHE DB 383 -3.11 41.17 103.40
CA PHE DB 383 -3.35 42.59 103.33
C PHE DB 383 -2.08 43.21 102.81
N GLN DB 384 -2.18 44.50 102.60
CA GLN DB 384 -1.04 45.32 102.18
C GLN DB 384 -1.38 46.77 102.49
N GLU DB 385 -0.55 47.69 102.02
CA GLU DB 385 -0.89 49.07 101.94
C GLU DB 385 0.06 49.71 100.95
N ALA DB 386 -0.23 50.94 100.62
CA ALA DB 386 0.53 51.65 99.61
C ALA DB 386 0.95 53.01 100.17
N GLU DB 387 2.27 53.21 100.31
CA GLU DB 387 2.87 54.08 101.31
C GLU DB 387 4.01 54.84 100.68
N GLY DB 388 4.02 56.14 100.89
CA GLY DB 388 5.12 56.95 100.45
C GLY DB 388 4.87 57.60 99.09
N LEU DB 389 5.67 58.61 98.78
CA LEU DB 389 5.55 59.34 97.53
C LEU DB 389 6.78 60.21 97.33
N ASP DB 390 7.14 60.40 96.07
CA ASP DB 390 8.32 61.17 95.71
C ASP DB 390 8.21 61.64 94.27
N MET DB 391 8.77 62.81 94.01
CA MET DB 391 8.86 63.39 92.68
C MET DB 391 10.34 63.38 92.30
N TYR DB 392 10.69 62.52 91.36
CA TYR DB 392 12.05 62.46 90.86
C TYR DB 392 12.24 63.53 89.80
N TYR DB 393 13.41 64.17 89.83
CA TYR DB 393 13.77 65.20 88.88
C TYR DB 393 15.09 64.82 88.26
N ASP DB 394 15.04 64.34 87.01
CA ASP DB 394 16.25 63.93 86.31
C ASP DB 394 17.19 65.11 86.19
N LEU DB 395 18.30 65.04 86.91
CA LEU DB 395 19.23 66.15 86.93
C LEU DB 395 19.81 66.42 85.56
N GLU DB 396 20.07 65.36 84.79
CA GLU DB 396 20.82 65.50 83.55
C GLU DB 396 19.95 66.09 82.45
N THR DB 397 18.90 65.38 82.06
CA THR DB 397 18.06 65.78 80.95
C THR DB 397 16.94 66.71 81.36
N GLY DB 398 16.86 67.09 82.63
CA GLY DB 398 15.74 67.88 83.10
C GLY DB 398 14.43 67.15 83.17
N ARG DB 399 14.40 65.86 82.86
CA ARG DB 399 13.17 65.10 82.95
C ARG DB 399 12.77 64.93 84.41
N LYS DB 400 11.57 64.44 84.60
CA LYS DB 400 11.00 64.33 85.93
C LYS DB 400 10.05 63.15 85.95
N ALA DB 401 10.14 62.35 87.01
CA ALA DB 401 9.31 61.18 87.17
C ALA DB 401 8.66 61.17 88.54
N LEU DB 402 7.44 60.66 88.57
CA LEU DB 402 6.66 60.59 89.79
C LEU DB 402 6.74 59.17 90.33
N LEU DB 403 7.39 59.02 91.47
CA LEU DB 403 7.60 57.73 92.11
C LEU DB 403 6.58 57.53 93.22
N ILE DB 404 6.23 56.27 93.44
CA ILE DB 404 5.23 55.87 94.43
C ILE DB 404 5.74 54.63 95.13
N GLY DB 405 5.67 54.65 96.46
CA GLY DB 405 6.02 53.48 97.26
C GLY DB 405 4.79 52.65 97.55
N VAL DB 406 4.96 51.33 97.49
CA VAL DB 406 3.89 50.40 97.82
C VAL DB 406 4.47 49.25 98.64
N THR DB 407 3.83 48.94 99.78
CA THR DB 407 4.36 47.97 100.74
C THR DB 407 3.37 46.81 100.90
N ILE DB 408 3.79 45.63 100.49
CA ILE DB 408 2.94 44.46 100.40
C ILE DB 408 3.45 43.41 101.37
N GLY DB 409 2.72 42.30 101.46
CA GLY DB 409 3.07 41.23 102.34
C GLY DB 409 2.27 41.31 103.64
N PRO DB 410 2.29 40.25 104.41
CA PRO DB 410 1.50 40.21 105.64
C PRO DB 410 2.08 41.12 106.72
N GLY DB 411 1.55 41.03 107.93
CA GLY DB 411 1.93 41.91 109.02
C GLY DB 411 3.42 41.96 109.31
N ASN DB 412 3.98 40.85 109.79
CA ASN DB 412 5.40 40.81 110.10
C ASN DB 412 6.23 40.82 108.82
N ASN DB 413 5.97 39.86 107.93
CA ASN DB 413 6.73 39.76 106.70
C ASN DB 413 6.25 40.82 105.72
N ARG DB 414 7.13 41.76 105.38
CA ARG DB 414 6.79 42.89 104.53
C ARG DB 414 7.83 43.07 103.42
N HIS DB 415 7.36 43.69 102.35
CA HIS DB 415 8.14 43.83 101.11
C HIS DB 415 7.68 45.08 100.40
N HIS DB 416 8.54 46.09 100.29
CA HIS DB 416 8.12 47.40 99.83
C HIS DB 416 8.97 47.88 98.68
N SER DB 417 8.28 48.33 97.63
CA SER DB 417 8.88 48.62 96.34
C SER DB 417 8.50 50.03 95.89
N ILE DB 418 9.21 50.48 94.86
CA ILE DB 418 9.09 51.81 94.30
C ILE DB 418 8.72 51.67 92.84
N TYR DB 419 7.54 52.14 92.47
CA TYR DB 419 7.08 52.16 91.10
C TYR DB 419 7.11 53.59 90.59
N SER DB 420 6.95 53.78 89.28
CA SER DB 420 6.99 55.08 88.66
C SER DB 420 5.88 55.23 87.64
N ILE DB 421 5.31 56.43 87.58
CA ILE DB 421 4.31 56.80 86.59
C ILE DB 421 4.92 57.93 85.77
N GLY DB 422 6.24 57.91 85.63
CA GLY DB 422 6.96 59.08 85.17
C GLY DB 422 7.07 59.25 83.67
N GLN DB 423 8.21 59.77 83.24
CA GLN DB 423 8.41 60.31 81.90
C GLN DB 423 9.24 59.36 81.06
N ARG DB 424 9.39 59.72 79.79
CA ARG DB 424 10.13 58.91 78.85
C ARG DB 424 11.61 58.89 79.20
N GLY DB 425 12.16 57.69 79.31
CA GLY DB 425 13.57 57.49 79.59
C GLY DB 425 13.92 57.39 81.05
N VAL DB 426 13.14 58.03 81.91
CA VAL DB 426 13.51 58.14 83.31
C VAL DB 426 13.31 56.82 84.03
N ASN DB 427 12.18 56.16 83.82
CA ASN DB 427 11.95 54.88 84.47
C ASN DB 427 13.00 53.87 84.05
N GLN DB 428 13.35 53.87 82.77
CA GLN DB 428 14.41 53.00 82.27
C GLN DB 428 15.73 53.31 82.95
N PHE DB 429 16.08 54.59 83.01
CA PHE DB 429 17.34 55.00 83.61
C PHE DB 429 17.42 54.55 85.06
N LEU DB 430 16.38 54.82 85.83
CA LEU DB 430 16.37 54.44 87.23
C LEU DB 430 16.48 52.93 87.39
N LYS DB 431 15.78 52.19 86.54
CA LYS DB 431 15.84 50.74 86.61
C LYS DB 431 17.24 50.25 86.27
N ASN DB 432 18.01 51.01 85.49
CA ASN DB 432 19.29 50.57 84.97
C ASN DB 432 20.48 51.37 85.49
N ILE DB 433 20.33 52.08 86.61
CA ILE DB 433 21.51 52.69 87.23
C ILE DB 433 22.48 51.60 87.66
N ALA DB 434 21.95 50.55 88.27
CA ALA DB 434 22.75 49.46 88.80
C ALA DB 434 21.89 48.21 88.82
N PRO DB 435 22.50 47.03 88.86
CA PRO DB 435 21.73 45.80 88.66
C PRO DB 435 21.06 45.30 89.93
N GLN DB 436 20.05 44.46 89.72
CA GLN DB 436 19.37 43.82 90.84
C GLN DB 436 20.30 42.84 91.51
N VAL DB 437 20.20 42.77 92.84
CA VAL DB 437 21.14 41.99 93.64
C VAL DB 437 20.66 40.54 93.59
N SER DB 438 21.26 39.75 92.70
CA SER DB 438 20.96 38.35 92.55
C SER DB 438 22.02 37.52 93.27
N MET DB 439 21.77 36.21 93.34
CA MET DB 439 22.69 35.31 94.00
C MET DB 439 24.06 35.32 93.33
N THR DB 440 24.11 35.62 92.04
CA THR DB 440 25.36 35.80 91.33
C THR DB 440 25.21 36.93 90.34
N ASP DB 441 26.35 37.41 89.86
CA ASP DB 441 26.34 38.47 88.88
C ASP DB 441 25.72 37.98 87.57
N SER DB 442 25.32 38.92 86.73
CA SER DB 442 24.84 38.57 85.40
C SER DB 442 25.95 37.85 84.67
N GLY DB 443 25.75 36.55 84.44
CA GLY DB 443 26.81 35.68 83.96
C GLY DB 443 27.13 34.63 84.99
N GLY DB 444 27.49 33.43 84.55
CA GLY DB 444 27.76 32.37 85.49
C GLY DB 444 29.17 32.47 86.01
N ARG DB 445 29.30 33.07 87.18
CA ARG DB 445 30.56 33.24 87.87
C ARG DB 445 30.25 33.79 89.24
N VAL DB 446 31.16 33.52 90.18
CA VAL DB 446 30.99 33.98 91.54
C VAL DB 446 31.12 35.49 91.60
N LYS DB 447 30.34 36.11 92.47
CA LYS DB 447 30.51 37.52 92.72
C LYS DB 447 31.85 37.75 93.41
N PRO DB 448 32.32 38.99 93.42
CA PRO DB 448 33.54 39.31 94.16
C PRO DB 448 33.24 39.75 95.58
N LEU DB 449 34.30 39.79 96.38
CA LEU DB 449 34.15 40.23 97.76
C LEU DB 449 33.89 41.73 97.78
N PRO DB 450 33.09 42.21 98.73
CA PRO DB 450 32.88 43.65 98.83
C PRO DB 450 34.10 44.40 99.29
N ILE DB 451 35.03 43.71 99.94
CA ILE DB 451 36.16 44.32 100.62
C ILE DB 451 37.39 43.47 100.30
N GLN DB 452 38.56 44.04 100.53
CA GLN DB 452 39.83 43.32 100.50
C GLN DB 452 39.86 42.28 101.61
N ASN DB 453 41.01 41.61 101.79
CA ASN DB 453 41.17 40.50 102.72
C ASN DB 453 40.58 40.83 104.09
N PRO DB 454 39.40 40.28 104.46
CA PRO DB 454 38.75 40.73 105.68
C PRO DB 454 39.16 39.92 106.88
N ALA DB 455 39.56 40.61 107.95
CA ALA DB 455 39.79 39.93 109.22
C ALA DB 455 38.54 39.22 109.70
N TYR DB 456 37.41 39.91 109.65
CA TYR DB 456 36.13 39.41 110.12
C TYR DB 456 35.23 39.16 108.92
N LEU DB 457 34.96 37.89 108.63
CA LEU DB 457 34.06 37.56 107.54
C LEU DB 457 32.67 38.14 107.75
N SER DB 458 32.29 38.39 109.01
CA SER DB 458 31.02 39.04 109.31
C SER DB 458 30.90 40.43 108.72
N ASP DB 459 32.00 41.03 108.25
CA ASP DB 459 31.92 42.28 107.52
C ASP DB 459 31.09 42.15 106.25
N ILE DB 460 31.12 40.97 105.63
CA ILE DB 460 30.40 40.75 104.38
C ILE DB 460 28.91 40.62 104.69
N THR DB 461 28.11 41.55 104.17
CA THR DB 461 26.67 41.59 104.41
C THR DB 461 25.91 41.72 103.11
N GLU DB 462 26.40 41.05 102.06
CA GLU DB 462 25.76 41.05 100.76
C GLU DB 462 25.49 39.62 100.34
N VAL DB 463 24.22 39.31 100.06
CA VAL DB 463 23.88 37.97 99.63
C VAL DB 463 24.60 37.65 98.33
N GLY DB 464 24.71 36.36 98.06
CA GLY DB 464 25.36 35.85 96.87
C GLY DB 464 26.53 34.95 97.20
N HIS DB 465 27.07 34.35 96.15
CA HIS DB 465 28.21 33.47 96.27
C HIS DB 465 29.50 34.26 96.14
N TYR DB 466 30.51 33.86 96.90
CA TYR DB 466 31.80 34.53 96.95
C TYR DB 466 32.87 33.46 97.05
N TYR DB 467 34.13 33.87 96.95
CA TYR DB 467 35.24 32.94 97.01
C TYR DB 467 36.38 33.55 97.81
N ILE DB 468 37.03 32.71 98.60
CA ILE DB 468 38.08 33.11 99.52
C ILE DB 468 39.30 32.27 99.19
N TYR DB 469 40.35 32.93 98.72
CA TYR DB 469 41.60 32.26 98.42
C TYR DB 469 42.33 31.87 99.70
N THR DB 470 43.40 31.10 99.52
CA THR DB 470 44.16 30.55 100.63
C THR DB 470 44.73 31.66 101.50
N GLN DB 471 45.34 32.66 100.87
CA GLN DB 471 45.95 33.75 101.61
C GLN DB 471 44.93 34.49 102.44
N ASP DB 472 43.75 34.72 101.86
CA ASP DB 472 42.72 35.47 102.55
C ASP DB 472 42.18 34.70 103.74
N THR DB 473 41.91 33.41 103.56
CA THR DB 473 41.40 32.64 104.69
C THR DB 473 42.47 32.42 105.75
N GLN DB 474 43.75 32.46 105.39
CA GLN DB 474 44.80 32.40 106.39
C GLN DB 474 44.94 33.71 107.15
N ASN DB 475 44.68 34.83 106.49
CA ASN DB 475 44.74 36.12 107.16
C ASN DB 475 43.53 36.33 108.07
N ALA DB 476 42.38 35.80 107.70
CA ALA DB 476 41.18 35.99 108.51
C ALA DB 476 41.33 35.35 109.89
N LEU DB 477 40.44 35.77 110.80
CA LEU DB 477 40.40 35.27 112.17
C LEU DB 477 39.05 34.74 112.60
N ASP DB 478 37.96 35.30 112.09
CA ASP DB 478 36.63 34.83 112.44
C ASP DB 478 36.34 33.45 111.86
N PHE DB 479 37.18 32.97 110.96
CA PHE DB 479 36.90 31.75 110.23
C PHE DB 479 37.26 30.54 111.09
N PRO DB 480 36.48 29.45 111.02
CA PRO DB 480 36.83 28.25 111.79
C PRO DB 480 38.15 27.62 111.36
N LEU DB 481 38.43 26.46 111.94
CA LEU DB 481 39.51 25.59 111.50
C LEU DB 481 40.89 26.24 111.55
N PRO DB 482 41.62 26.13 112.65
CA PRO DB 482 42.81 26.96 112.89
C PRO DB 482 43.82 27.01 111.75
N LYS DB 483 44.74 27.97 111.93
CA LYS DB 483 45.65 28.42 110.89
C LYS DB 483 46.41 27.27 110.25
N ALA DB 484 46.77 26.27 111.05
CA ALA DB 484 47.48 25.12 110.49
C ALA DB 484 46.57 24.32 109.57
N PHE DB 485 45.29 24.20 109.91
CA PHE DB 485 44.36 23.49 109.03
C PHE DB 485 44.14 24.28 107.75
N ARG DB 486 44.22 25.60 107.81
CA ARG DB 486 43.89 26.45 106.67
C ARG DB 486 44.96 26.32 105.58
N ASP DB 487 44.63 25.64 104.48
CA ASP DB 487 45.53 25.52 103.34
C ASP DB 487 44.87 25.75 101.99
N ALA DB 488 43.57 25.48 101.90
CA ALA DB 488 42.87 25.44 100.62
C ALA DB 488 41.90 26.62 100.49
N GLY DB 489 41.36 26.76 99.29
CA GLY DB 489 40.37 27.79 99.03
C GLY DB 489 39.00 27.37 99.46
N TRP DB 490 38.13 28.36 99.64
CA TRP DB 490 36.82 28.15 100.22
C TRP DB 490 35.77 28.95 99.49
N PHE DB 491 34.71 28.27 99.04
CA PHE DB 491 33.55 28.96 98.51
C PHE DB 491 32.72 29.47 99.67
N PHE DB 492 32.45 30.78 99.69
CA PHE DB 492 31.80 31.46 100.80
C PHE DB 492 30.48 32.00 100.30
N ASP DB 493 29.41 31.28 100.58
CA ASP DB 493 28.08 31.72 100.18
C ASP DB 493 27.43 32.51 101.30
N VAL DB 494 26.57 33.43 100.92
CA VAL DB 494 25.85 34.29 101.85
C VAL DB 494 24.39 34.31 101.45
N LEU DB 495 23.54 33.86 102.34
CA LEU DB 495 22.12 33.75 102.11
C LEU DB 495 21.35 34.74 102.98
N PRO DB 496 20.16 35.14 102.57
CA PRO DB 496 19.40 36.11 103.38
C PRO DB 496 18.94 35.48 104.68
N GLY DB 497 18.99 36.28 105.73
CA GLY DB 497 18.57 35.86 107.05
C GLY DB 497 17.14 36.25 107.31
N HIS DB 498 16.94 37.21 108.20
CA HIS DB 498 15.64 37.74 108.52
C HIS DB 498 15.72 39.26 108.51
N TYR DB 499 14.60 39.89 108.81
CA TYR DB 499 14.41 41.31 108.62
C TYR DB 499 15.00 42.16 109.73
N ASN DB 500 15.14 41.60 110.94
CA ASN DB 500 15.66 42.35 112.07
C ASN DB 500 17.19 42.46 112.04
N GLY DB 501 17.81 42.26 110.88
CA GLY DB 501 19.23 42.45 110.71
C GLY DB 501 20.07 41.20 110.83
N ALA DB 502 19.76 40.18 110.03
CA ALA DB 502 20.49 38.92 110.08
C ALA DB 502 20.74 38.39 108.68
N LEU DB 503 21.78 37.55 108.58
CA LEU DB 503 22.11 36.86 107.35
C LEU DB 503 22.72 35.52 107.73
N ARG DB 504 22.93 34.68 106.71
CA ARG DB 504 23.65 33.43 106.87
C ARG DB 504 25.06 33.57 106.31
N GLN DB 505 25.84 32.53 106.53
CA GLN DB 505 27.18 32.45 105.96
C GLN DB 505 27.52 30.96 105.87
N VAL DB 506 27.43 30.41 104.68
CA VAL DB 506 27.81 29.04 104.40
C VAL DB 506 29.20 29.07 103.80
N LEU DB 507 29.96 28.00 104.01
CA LEU DB 507 31.37 28.02 103.68
C LEU DB 507 31.86 26.60 103.45
N THR DB 508 32.21 26.29 102.21
CA THR DB 508 32.60 24.95 101.80
C THR DB 508 34.03 24.98 101.28
N ARG DB 509 34.87 24.07 101.76
CA ARG DB 509 36.23 24.03 101.29
C ARG DB 509 36.30 23.62 99.82
N ASN DB 510 37.29 24.14 99.11
CA ASN DB 510 37.56 23.73 97.73
C ASN DB 510 38.50 22.53 97.75
N SER DB 511 37.95 21.42 98.24
CA SER DB 511 38.69 20.18 98.36
C SER DB 511 38.37 19.31 97.15
N THR DB 512 39.38 19.10 96.31
CA THR DB 512 39.23 18.26 95.14
C THR DB 512 39.43 16.79 95.48
N GLY DB 513 40.60 16.46 96.01
CA GLY DB 513 40.95 15.08 96.28
C GLY DB 513 40.50 14.61 97.64
N ARG DB 514 40.45 15.53 98.60
CA ARG DB 514 40.10 15.20 99.96
C ARG DB 514 38.58 15.25 100.14
N ASN DB 515 38.13 15.15 101.39
CA ASN DB 515 36.71 15.23 101.70
C ASN DB 515 36.34 16.70 101.88
N MET DB 516 35.47 17.19 101.01
CA MET DB 516 34.93 18.52 101.18
C MET DB 516 34.21 18.62 102.51
N LEU DB 517 34.11 19.84 103.01
CA LEU DB 517 33.51 20.07 104.31
C LEU DB 517 32.88 21.45 104.32
N LYS DB 518 31.72 21.51 104.96
CA LYS DB 518 30.84 22.66 104.96
C LYS DB 518 30.62 23.10 106.40
N PHE DB 519 30.78 24.39 106.63
CA PHE DB 519 30.31 25.06 107.83
C PHE DB 519 29.23 26.04 107.44
N GLU DB 520 28.45 26.44 108.43
CA GLU DB 520 27.41 27.42 108.19
C GLU DB 520 27.02 28.08 109.50
N ARG DB 521 26.74 29.38 109.44
CA ARG DB 521 26.35 30.10 110.63
C ARG DB 521 25.35 31.19 110.29
N VAL DB 522 24.81 31.80 111.34
CA VAL DB 522 23.95 32.96 111.24
C VAL DB 522 24.68 34.12 111.90
N ILE DB 523 24.68 35.26 111.23
CA ILE DB 523 25.32 36.47 111.72
C ILE DB 523 24.28 37.57 111.80
N ASP DB 524 24.54 38.50 112.70
CA ASP DB 524 23.77 39.74 112.81
C ASP DB 524 24.71 40.87 112.39
N ILE DB 525 24.29 41.62 111.37
CA ILE DB 525 25.19 42.55 110.70
C ILE DB 525 25.65 43.62 111.66
N PHE DB 526 24.73 44.13 112.48
CA PHE DB 526 25.01 45.30 113.30
C PHE DB 526 25.73 44.92 114.58
N ASN DB 527 25.10 44.08 115.40
CA ASN DB 527 25.68 43.63 116.67
C ASN DB 527 26.38 42.30 116.41
N LYS DB 528 27.65 42.39 116.03
CA LYS DB 528 28.44 41.22 115.69
C LYS DB 528 28.64 40.27 116.86
N LYS DB 529 28.40 40.73 118.10
CA LYS DB 529 28.56 39.88 119.26
C LYS DB 529 27.63 38.67 119.21
N ASN DB 530 26.48 38.80 118.56
CA ASN DB 530 25.51 37.72 118.46
C ASN DB 530 25.83 36.74 117.34
N ASN DB 531 27.02 36.83 116.72
CA ASN DB 531 27.37 35.93 115.63
C ASN DB 531 27.51 34.52 116.18
N GLY DB 532 26.51 33.70 115.90
CA GLY DB 532 26.52 32.32 116.35
C GLY DB 532 27.71 31.56 115.82
N ALA DB 533 27.92 30.38 116.41
CA ALA DB 533 29.06 29.56 116.07
C ALA DB 533 28.79 28.81 114.79
N TRP DB 534 29.87 28.28 114.20
CA TRP DB 534 29.83 27.66 112.89
C TRP DB 534 29.43 26.21 113.02
N ASN DB 535 28.17 25.91 112.71
CA ASN DB 535 27.70 24.55 112.71
C ASN DB 535 28.28 23.81 111.52
N PHE DB 536 28.84 22.63 111.76
CA PHE DB 536 29.49 21.84 110.74
C PHE DB 536 28.51 20.83 110.17
N CYS DB 537 28.42 20.77 108.85
CA CYS DB 537 27.57 19.79 108.18
C CYS DB 537 28.42 18.58 107.83
N PRO DB 538 28.16 17.39 108.40
CA PRO DB 538 28.94 16.22 107.96
C PRO DB 538 28.68 15.88 106.50
N GLN DB 539 29.71 16.10 105.69
CA GLN DB 539 29.71 15.60 104.32
C GLN DB 539 31.07 14.98 104.06
N ASN DB 540 31.05 13.79 103.48
CA ASN DB 540 32.24 13.00 103.31
C ASN DB 540 32.16 12.22 102.01
N ALA DB 541 33.32 11.85 101.49
CA ALA DB 541 33.44 11.10 100.24
C ALA DB 541 34.11 9.76 100.40
N GLY DB 542 35.04 9.63 101.34
CA GLY DB 542 35.76 8.39 101.57
C GLY DB 542 37.24 8.61 101.83
N TYR DB 543 37.72 9.83 101.69
CA TYR DB 543 39.12 10.13 101.88
C TYR DB 543 39.41 10.42 103.34
N TRP DB 544 40.69 10.44 103.67
CA TRP DB 544 41.09 10.75 105.03
C TRP DB 544 40.97 12.26 105.25
N GLU DB 545 41.44 12.69 106.40
CA GLU DB 545 41.64 14.11 106.68
C GLU DB 545 42.82 14.19 107.63
N HIS DB 546 43.99 14.48 107.07
CA HIS DB 546 45.19 14.64 107.89
C HIS DB 546 44.97 15.72 108.92
N ILE DB 547 45.73 15.60 110.02
CA ILE DB 547 45.88 16.68 110.99
C ILE DB 547 47.38 16.96 111.07
N PRO DB 548 47.84 18.20 110.91
CA PRO DB 548 49.28 18.42 110.86
C PRO DB 548 49.94 18.11 112.19
N LYS DB 549 51.26 17.92 112.13
CA LYS DB 549 52.02 17.61 113.32
C LYS DB 549 52.12 18.79 114.28
N SER DB 550 51.72 19.98 113.85
CA SER DB 550 51.74 21.14 114.73
C SER DB 550 50.91 20.92 115.98
N ILE DB 551 49.73 20.30 115.83
CA ILE DB 551 48.93 19.96 117.00
C ILE DB 551 49.59 18.79 117.72
N THR DB 552 49.61 18.87 119.04
CA THR DB 552 50.27 17.89 119.89
C THR DB 552 49.35 17.37 120.99
N LYS DB 553 48.05 17.59 120.86
CA LYS DB 553 47.08 17.08 121.82
C LYS DB 553 45.77 16.85 121.09
N LEU DB 554 45.06 15.81 121.49
CA LEU DB 554 43.76 15.52 120.91
C LEU DB 554 42.65 16.43 121.45
N SER DB 555 42.97 17.36 122.34
CA SER DB 555 41.98 18.29 122.85
C SER DB 555 41.73 19.46 121.92
N ASP DB 556 42.68 19.78 121.05
CA ASP DB 556 42.46 20.85 120.08
C ASP DB 556 41.35 20.51 119.09
N LEU DB 557 41.04 19.22 118.92
CA LEU DB 557 40.10 18.76 117.90
C LEU DB 557 38.70 18.73 118.50
N LYS DB 558 38.12 19.92 118.62
CA LYS DB 558 36.83 20.09 119.26
C LYS DB 558 35.66 20.09 118.28
N ILE DB 559 35.90 19.99 116.98
CA ILE DB 559 34.83 20.11 115.99
C ILE DB 559 34.14 18.76 115.86
N VAL DB 560 32.82 18.78 115.87
CA VAL DB 560 32.02 17.57 115.89
C VAL DB 560 31.86 17.03 114.48
N GLY DB 561 31.68 15.72 114.38
CA GLY DB 561 31.39 15.07 113.13
C GLY DB 561 32.58 14.78 112.24
N LEU DB 562 33.77 15.27 112.59
CA LEU DB 562 34.94 15.09 111.74
C LEU DB 562 35.61 13.76 112.01
N ASP DB 563 36.46 13.37 111.07
CA ASP DB 563 37.14 12.07 111.09
C ASP DB 563 38.57 12.30 110.64
N PHE DB 564 39.47 12.45 111.61
CA PHE DB 564 40.89 12.61 111.34
C PHE DB 564 41.57 11.26 111.42
N TYR DB 565 42.44 10.97 110.47
CA TYR DB 565 43.19 9.73 110.45
C TYR DB 565 44.50 9.91 111.20
N ILE DB 566 44.96 8.82 111.81
CA ILE DB 566 46.15 8.81 112.63
C ILE DB 566 46.97 7.59 112.25
N THR DB 567 48.28 7.78 112.14
CA THR DB 567 49.23 6.72 111.88
C THR DB 567 50.04 6.44 113.14
N THR DB 568 50.95 5.48 113.03
CA THR DB 568 51.78 5.09 114.17
C THR DB 568 52.62 6.27 114.64
N GLU DB 569 53.29 6.94 113.71
CA GLU DB 569 54.11 8.10 114.05
C GLU DB 569 53.27 9.18 114.71
N GLU DB 570 52.03 9.35 114.28
CA GLU DB 570 51.19 10.39 114.85
C GLU DB 570 50.76 10.02 116.26
N SER DB 571 50.41 8.75 116.48
CA SER DB 571 50.05 8.32 117.82
C SER DB 571 51.23 8.47 118.77
N ASN DB 572 52.44 8.19 118.28
CA ASN DB 572 53.62 8.37 119.11
C ASN DB 572 53.95 9.84 119.32
N ARG DB 573 53.53 10.69 118.38
CA ARG DB 573 53.80 12.12 118.50
C ARG DB 573 52.89 12.75 119.54
N PHE DB 574 51.60 12.50 119.44
CA PHE DB 574 50.64 13.07 120.38
C PHE DB 574 50.91 12.55 121.79
N THR DB 575 50.29 13.22 122.76
CA THR DB 575 50.50 12.96 124.18
C THR DB 575 49.30 12.32 124.85
N ASP DB 576 48.08 12.75 124.51
CA ASP DB 576 46.89 12.31 125.21
C ASP DB 576 46.53 10.84 124.92
N PHE DB 577 47.19 10.20 123.96
CA PHE DB 577 46.80 8.87 123.54
C PHE DB 577 46.91 7.87 124.69
N PRO DB 578 46.17 6.76 124.63
CA PRO DB 578 46.42 5.66 125.57
C PRO DB 578 47.83 5.11 125.39
N LYS DB 579 48.62 5.17 126.47
CA LYS DB 579 49.99 4.70 126.41
C LYS DB 579 50.09 3.22 126.06
N ASP DB 580 49.11 2.43 126.51
CA ASP DB 580 49.10 1.01 126.18
C ASP DB 580 48.95 0.80 124.68
N PHE DB 581 48.27 1.72 123.99
CA PHE DB 581 47.99 1.62 122.56
C PHE DB 581 48.61 2.75 121.78
N LYS DB 582 49.60 3.43 122.35
CA LYS DB 582 50.22 4.59 121.72
C LYS DB 582 51.35 4.10 120.80
N GLY DB 583 51.12 4.21 119.49
CA GLY DB 583 52.11 3.80 118.51
C GLY DB 583 51.91 2.38 118.03
N ILE DB 584 50.65 2.01 117.78
CA ILE DB 584 50.29 0.65 117.38
C ILE DB 584 49.36 0.75 116.18
N ALA DB 585 49.94 0.65 114.98
CA ALA DB 585 49.20 0.41 113.74
C ALA DB 585 48.42 1.62 113.23
N GLY DB 586 48.30 2.69 114.01
CA GLY DB 586 47.52 3.84 113.58
C GLY DB 586 46.05 3.53 113.40
N TRP DB 587 45.21 4.57 113.29
CA TRP DB 587 43.79 4.37 113.03
C TRP DB 587 43.14 5.74 112.81
N ILE DB 588 41.82 5.73 112.67
CA ILE DB 588 41.02 6.93 112.54
C ILE DB 588 40.30 7.18 113.86
N LEU DB 589 39.87 8.42 114.05
CA LEU DB 589 39.04 8.80 115.17
C LEU DB 589 37.76 9.47 114.67
N GLU DB 590 36.96 9.95 115.60
CA GLU DB 590 35.69 10.59 115.30
C GLU DB 590 35.22 11.31 116.55
N VAL DB 591 34.84 12.56 116.39
CA VAL DB 591 34.32 13.37 117.49
C VAL DB 591 32.80 13.25 117.50
N LYS DB 592 32.23 13.44 118.68
CA LYS DB 592 30.80 13.29 118.90
C LYS DB 592 30.25 14.48 119.67
N SER DB 593 28.93 14.54 119.77
CA SER DB 593 28.23 15.67 120.37
C SER DB 593 28.35 15.63 121.89
N ASN DB 594 28.23 16.79 122.49
CA ASN DB 594 28.19 16.92 123.95
C ASN DB 594 27.72 18.33 124.30
N THR DB 595 27.80 18.66 125.58
CA THR DB 595 27.47 19.97 126.08
C THR DB 595 28.56 20.96 125.72
N PRO DB 596 28.32 22.26 125.80
CA PRO DB 596 29.39 23.21 125.52
C PRO DB 596 30.44 23.17 126.62
N GLY DB 597 31.68 23.45 126.22
CA GLY DB 597 32.81 23.37 127.10
C GLY DB 597 33.46 22.02 127.18
N ASN DB 598 32.76 20.97 126.74
CA ASN DB 598 33.31 19.62 126.76
C ASN DB 598 32.82 18.85 125.55
N THR DB 599 33.42 17.67 125.37
CA THR DB 599 33.15 16.85 124.21
C THR DB 599 33.56 15.42 124.52
N THR DB 600 32.86 14.48 123.88
CA THR DB 600 33.19 13.06 123.95
C THR DB 600 33.76 12.64 122.60
N GLN DB 601 35.00 12.17 122.61
CA GLN DB 601 35.72 11.74 121.43
C GLN DB 601 35.79 10.23 121.41
N VAL DB 602 35.28 9.64 120.35
CA VAL DB 602 35.41 8.21 120.10
C VAL DB 602 36.59 8.02 119.17
N LEU DB 603 37.25 6.88 119.30
CA LEU DB 603 38.50 6.63 118.58
C LEU DB 603 38.57 5.14 118.30
N ARG DB 604 38.42 4.78 117.03
CA ARG DB 604 38.36 3.39 116.63
C ARG DB 604 39.75 2.91 116.22
N ARG DB 605 39.86 1.59 116.07
CA ARG DB 605 41.06 0.96 115.55
C ARG DB 605 40.72 0.32 114.20
N ASN DB 606 41.61 0.46 113.24
CA ASN DB 606 41.46 -0.21 111.95
C ASN DB 606 42.12 -1.58 112.02
N ASN DB 607 41.35 -2.62 111.67
CA ASN DB 607 41.79 -4.00 111.85
C ASN DB 607 41.37 -4.82 110.65
N PHE DB 608 42.30 -5.05 109.74
CA PHE DB 608 42.04 -6.01 108.68
C PHE DB 608 42.28 -7.43 109.19
N PRO DB 609 43.46 -7.78 109.74
CA PRO DB 609 43.65 -9.15 110.21
C PRO DB 609 43.11 -9.41 111.61
N SER DB 610 43.22 -8.42 112.48
CA SER DB 610 43.08 -8.62 113.91
C SER DB 610 41.66 -8.30 114.37
N ALA DB 611 41.48 -8.29 115.69
CA ALA DB 611 40.19 -7.97 116.31
C ALA DB 611 40.08 -6.47 116.52
N HIS DB 612 38.85 -6.01 116.66
CA HIS DB 612 38.54 -4.59 116.68
C HIS DB 612 38.44 -4.05 118.10
N GLN DB 613 38.70 -2.76 118.22
CA GLN DB 613 38.50 -2.05 119.47
C GLN DB 613 38.18 -0.59 119.16
N PHE DB 614 37.51 0.06 120.10
CA PHE DB 614 37.18 1.47 119.98
C PHE DB 614 37.05 2.06 121.37
N LEU DB 615 37.75 3.15 121.59
CA LEU DB 615 37.82 3.83 122.87
C LEU DB 615 36.98 5.09 122.82
N VAL DB 616 36.77 5.69 123.99
CA VAL DB 616 35.91 6.86 124.11
C VAL DB 616 36.35 7.64 125.34
N ARG DB 617 36.42 8.97 125.18
CA ARG DB 617 36.98 9.85 126.18
C ARG DB 617 36.19 11.16 126.22
N ASN DB 618 35.62 11.46 127.38
CA ASN DB 618 34.90 12.70 127.61
C ASN DB 618 35.82 13.68 128.32
N PHE DB 619 35.95 14.89 127.78
CA PHE DB 619 36.86 15.88 128.35
C PHE DB 619 36.38 17.30 128.09
N GLY DB 620 36.72 18.16 129.03
CA GLY DB 620 36.47 19.58 128.90
C GLY DB 620 36.36 20.22 130.27
N THR DB 621 35.89 21.47 130.25
CA THR DB 621 35.82 22.26 131.48
C THR DB 621 34.91 21.60 132.52
N GLY DB 622 33.81 21.02 132.08
CA GLY DB 622 32.92 20.32 132.99
C GLY DB 622 33.57 19.14 133.68
N GLY DB 623 34.62 18.58 133.09
CA GLY DB 623 35.32 17.45 133.67
C GLY DB 623 36.18 16.76 132.64
N VAL DB 624 37.24 16.10 133.07
CA VAL DB 624 38.14 15.36 132.19
C VAL DB 624 38.17 13.91 132.63
N GLY DB 625 38.21 13.00 131.66
CA GLY DB 625 38.23 11.58 131.95
C GLY DB 625 39.25 10.87 131.07
N LYS DB 626 39.53 9.64 131.44
CA LYS DB 626 40.41 8.78 130.66
C LYS DB 626 39.56 7.99 129.67
N TRP DB 627 40.21 7.16 128.87
CA TRP DB 627 39.50 6.38 127.86
C TRP DB 627 38.80 5.19 128.49
N SER DB 628 38.01 4.51 127.68
CA SER DB 628 37.25 3.33 128.10
C SER DB 628 37.16 2.40 126.89
N LEU DB 629 38.08 1.44 126.81
CA LEU DB 629 38.15 0.57 125.66
C LEU DB 629 36.92 -0.32 125.56
N PHE DB 630 36.63 -0.76 124.33
CA PHE DB 630 35.56 -1.71 124.06
C PHE DB 630 36.16 -2.80 123.17
N GLU DB 631 36.44 -3.96 123.76
CA GLU DB 631 37.11 -5.03 123.05
C GLU DB 631 36.11 -5.84 122.24
N GLY DB 632 36.58 -6.36 121.11
CA GLY DB 632 35.75 -7.11 120.18
C GLY DB 632 36.09 -8.57 120.17
N LYS DB 633 35.09 -9.40 119.86
CA LYS DB 633 35.24 -10.84 119.75
C LYS DB 633 35.13 -11.21 118.28
N VAL DB 634 36.20 -11.76 117.72
CA VAL DB 634 36.20 -12.12 116.31
C VAL DB 634 35.20 -13.24 116.08
N VAL DB 635 34.65 -13.27 114.86
CA VAL DB 635 33.66 -14.25 114.48
C VAL DB 635 33.60 -14.29 112.97
N GLU DB 636 33.16 -15.42 112.42
CA GLU DB 636 33.10 -15.61 110.98
C GLU DB 636 31.87 -16.44 110.60
N ASN EB 3 21.72 42.29 42.97
CA ASN EB 3 22.88 42.82 43.67
C ASN EB 3 23.02 42.26 45.08
N LYS EB 4 24.23 42.37 45.65
CA LYS EB 4 24.55 41.79 46.96
C LYS EB 4 24.45 40.28 46.97
N LEU EB 5 24.46 39.64 45.81
CA LEU EB 5 24.33 38.19 45.74
C LEU EB 5 25.66 37.54 46.08
N ILE EB 6 25.57 36.30 46.56
CA ILE EB 6 26.77 35.55 46.95
C ILE EB 6 27.17 34.73 45.73
N THR EB 7 28.22 35.19 45.06
CA THR EB 7 28.83 34.53 43.92
C THR EB 7 29.96 33.58 44.32
N ASP EB 8 30.17 33.37 45.61
CA ASP EB 8 31.13 32.39 46.12
C ASP EB 8 30.34 31.49 47.07
N LEU EB 9 29.69 30.49 46.49
CA LEU EB 9 28.89 29.58 47.28
C LEU EB 9 29.77 28.56 47.97
N SER EB 10 29.25 28.00 49.06
CA SER EB 10 29.95 26.94 49.75
C SER EB 10 30.08 25.73 48.83
N ARG EB 11 31.31 25.26 48.66
CA ARG EB 11 31.61 24.09 47.85
C ARG EB 11 31.39 22.78 48.62
N VAL EB 12 30.67 22.81 49.74
CA VAL EB 12 30.58 21.71 50.66
C VAL EB 12 29.11 21.41 50.93
N PHE EB 13 28.82 20.11 51.02
CA PHE EB 13 27.46 19.60 51.15
C PHE EB 13 26.95 19.84 52.57
N ASP EB 14 26.54 21.09 52.80
CA ASP EB 14 26.11 21.54 54.11
C ASP EB 14 24.98 22.56 53.95
N TYR EB 15 24.25 22.80 55.03
CA TYR EB 15 23.07 23.63 54.98
C TYR EB 15 23.39 25.09 54.67
N ARG EB 16 24.64 25.50 54.82
CA ARG EB 16 25.02 26.87 54.45
C ARG EB 16 24.76 27.12 52.98
N TYR EB 17 24.97 26.09 52.15
CA TYR EB 17 24.71 26.21 50.72
C TYR EB 17 23.26 26.57 50.46
N VAL EB 18 22.34 25.79 51.02
CA VAL EB 18 20.93 26.07 50.74
C VAL EB 18 20.50 27.35 51.43
N ASP EB 19 21.13 27.72 52.55
CA ASP EB 19 20.76 28.97 53.20
C ASP EB 19 21.10 30.16 52.31
N GLU EB 20 22.31 30.17 51.76
CA GLU EB 20 22.68 31.28 50.91
C GLU EB 20 21.94 31.24 49.59
N ASN EB 21 21.60 30.05 49.09
CA ASN EB 21 20.77 29.96 47.90
C ASN EB 21 19.39 30.57 48.15
N GLU EB 22 18.77 30.23 49.28
CA GLU EB 22 17.47 30.79 49.60
C GLU EB 22 17.56 32.29 49.81
N TYR EB 23 18.66 32.76 50.37
CA TYR EB 23 18.84 34.18 50.58
C TYR EB 23 18.96 34.90 49.25
N ASN EB 24 19.76 34.34 48.34
CA ASN EB 24 19.87 34.87 46.99
C ASN EB 24 18.52 34.94 46.31
N PHE EB 25 17.71 33.88 46.44
CA PHE EB 25 16.41 33.88 45.79
C PHE EB 25 15.47 34.89 46.43
N LYS EB 26 15.57 35.09 47.75
CA LYS EB 26 14.76 36.12 48.39
C LYS EB 26 15.13 37.49 47.86
N LEU EB 27 16.44 37.74 47.69
CA LEU EB 27 16.87 39.01 47.08
C LEU EB 27 16.31 39.16 45.68
N ILE EB 28 16.39 38.11 44.88
CA ILE EB 28 15.90 38.17 43.50
C ILE EB 28 14.40 38.46 43.49
N SER EB 29 13.65 37.80 44.36
CA SER EB 29 12.21 38.01 44.40
C SER EB 29 11.89 39.45 44.79
N ASP EB 30 12.53 39.95 45.83
CA ASP EB 30 12.31 41.32 46.25
C ASP EB 30 12.69 42.30 45.16
N MET EB 31 13.77 42.00 44.44
CA MET EB 31 14.25 42.91 43.40
C MET EB 31 13.28 42.97 42.24
N LEU EB 32 12.84 41.81 41.76
CA LEU EB 32 11.86 41.80 40.68
C LEU EB 32 10.57 42.46 41.08
N THR EB 33 10.14 42.24 42.33
CA THR EB 33 8.90 42.85 42.78
C THR EB 33 9.01 44.36 42.83
N ASP EB 34 10.14 44.88 43.35
CA ASP EB 34 10.25 46.32 43.41
C ASP EB 34 10.48 46.92 42.03
N PHE EB 35 11.06 46.16 41.09
CA PHE EB 35 11.14 46.64 39.71
C PHE EB 35 9.75 46.78 39.11
N ASN EB 36 8.92 45.76 39.28
CA ASN EB 36 7.55 45.84 38.77
C ASN EB 36 6.79 46.98 39.42
N PHE EB 37 6.98 47.17 40.72
CA PHE EB 37 6.29 48.25 41.42
C PHE EB 37 6.78 49.62 40.95
N SER EB 38 8.09 49.77 40.78
CA SER EB 38 8.65 51.02 40.28
C SER EB 38 8.16 51.31 38.87
N LEU EB 39 8.06 50.26 38.05
CA LEU EB 39 7.57 50.44 36.69
C LEU EB 39 6.13 50.91 36.70
N GLU EB 40 5.29 50.25 37.49
CA GLU EB 40 3.89 50.65 37.58
C GLU EB 40 3.77 52.08 38.11
N TYR EB 41 4.59 52.43 39.10
CA TYR EB 41 4.62 53.78 39.64
C TYR EB 41 4.97 54.78 38.56
N HIS EB 42 6.03 54.50 37.80
CA HIS EB 42 6.44 55.38 36.72
C HIS EB 42 5.38 55.47 35.65
N ARG EB 43 4.64 54.39 35.44
CA ARG EB 43 3.67 54.36 34.37
C ARG EB 43 2.47 55.24 34.71
N ASN EB 44 1.82 54.99 35.84
CA ASN EB 44 0.50 55.56 36.08
C ASN EB 44 0.31 56.08 37.51
N LYS EB 45 1.39 56.32 38.25
CA LYS EB 45 1.30 56.95 39.57
C LYS EB 45 2.36 58.01 39.83
N GLU EB 46 3.49 57.99 39.14
CA GLU EB 46 4.60 58.86 39.49
C GLU EB 46 4.33 60.28 39.01
N VAL EB 47 4.94 61.24 39.69
CA VAL EB 47 4.83 62.65 39.35
C VAL EB 47 6.19 63.13 38.86
N PHE EB 48 6.18 63.87 37.76
CA PHE EB 48 7.39 64.30 37.07
C PHE EB 48 8.26 63.09 36.72
N ALA EB 49 7.64 62.10 36.09
CA ALA EB 49 8.35 60.90 35.68
C ALA EB 49 9.42 61.24 34.66
N HIS EB 50 9.00 61.68 33.48
CA HIS EB 50 9.91 62.19 32.47
C HIS EB 50 10.00 63.70 32.62
N ASN EB 51 10.80 64.31 31.74
CA ASN EB 51 10.84 65.75 31.57
C ASN EB 51 10.19 66.10 30.25
N GLY EB 52 9.86 67.38 30.09
CA GLY EB 52 9.20 67.82 28.88
C GLY EB 52 10.09 67.83 27.66
N GLU EB 53 11.39 67.59 27.83
CA GLU EB 53 12.30 67.50 26.71
C GLU EB 53 12.46 66.08 26.19
N GLN EB 54 12.06 65.09 26.97
CA GLN EB 54 12.16 63.70 26.54
C GLN EB 54 11.04 63.29 25.61
N ILE EB 55 9.92 63.98 25.64
CA ILE EB 55 8.85 63.70 24.69
C ILE EB 55 9.25 64.23 23.32
N LYS EB 56 8.62 63.67 22.29
CA LYS EB 56 8.89 64.02 20.90
C LYS EB 56 7.56 64.36 20.26
N TYR EB 57 7.24 65.64 20.16
CA TYR EB 57 6.06 66.08 19.44
C TYR EB 57 6.36 66.02 17.96
N GLU EB 58 5.71 65.08 17.28
CA GLU EB 58 5.90 64.86 15.85
C GLU EB 58 4.67 65.32 15.10
N HIS EB 59 4.91 66.13 14.08
CA HIS EB 59 3.87 66.65 13.20
C HIS EB 59 4.58 67.05 11.92
N LEU EB 60 3.82 67.37 10.89
CA LEU EB 60 4.42 67.81 9.64
C LEU EB 60 5.25 69.05 9.88
N ASN EB 61 6.47 69.06 9.36
CA ASN EB 61 7.36 70.21 9.36
C ASN EB 61 7.91 70.56 10.74
N VAL EB 62 7.54 69.83 11.79
CA VAL EB 62 7.99 70.13 13.15
C VAL EB 62 8.13 68.81 13.90
N THR EB 63 9.31 68.60 14.48
CA THR EB 63 9.66 67.33 15.11
C THR EB 63 10.42 67.57 16.41
N SER EB 64 9.96 68.52 17.22
CA SER EB 64 10.66 68.91 18.43
C SER EB 64 9.94 68.37 19.65
N SER EB 65 10.51 68.66 20.81
CA SER EB 65 9.97 68.22 22.08
C SER EB 65 8.80 69.10 22.50
N VAL EB 66 7.94 68.54 23.35
CA VAL EB 66 6.76 69.28 23.79
C VAL EB 66 7.17 70.51 24.56
N SER EB 67 8.26 70.44 25.32
CA SER EB 67 8.71 71.60 26.07
C SER EB 67 9.04 72.75 25.13
N ASP EB 68 9.83 72.47 24.10
CA ASP EB 68 10.16 73.48 23.10
C ASP EB 68 8.92 73.99 22.40
N PHE EB 69 8.00 73.09 22.05
CA PHE EB 69 6.83 73.53 21.30
C PHE EB 69 5.90 74.38 22.16
N LEU EB 70 5.76 74.03 23.44
CA LEU EB 70 4.96 74.84 24.34
C LEU EB 70 5.58 76.21 24.52
N THR EB 71 6.91 76.27 24.65
CA THR EB 71 7.55 77.55 24.78
C THR EB 71 7.36 78.38 23.52
N TYR EB 72 7.41 77.75 22.35
CA TYR EB 72 7.20 78.47 21.10
C TYR EB 72 5.77 78.98 20.99
N LEU EB 73 4.81 78.17 21.42
CA LEU EB 73 3.43 78.60 21.42
C LEU EB 73 3.23 79.81 22.33
N ASN EB 74 3.80 79.74 23.54
CA ASN EB 74 3.70 80.87 24.46
C ASN EB 74 4.38 82.10 23.88
N GLY EB 75 5.53 81.91 23.24
CA GLY EB 75 6.24 83.03 22.67
C GLY EB 75 5.45 83.71 21.57
N ARG EB 76 4.88 82.93 20.66
CA ARG EB 76 4.14 83.55 19.57
C ARG EB 76 2.82 84.13 20.06
N PHE EB 77 2.21 83.54 21.09
CA PHE EB 77 1.04 84.14 21.69
C PHE EB 77 1.36 85.53 22.24
N SER EB 78 2.44 85.62 23.01
CA SER EB 78 2.82 86.91 23.57
C SER EB 78 3.20 87.90 22.48
N ASN EB 79 3.85 87.41 21.43
CA ASN EB 79 4.22 88.28 20.32
C ASN EB 79 2.99 88.84 19.63
N MET EB 80 2.01 87.99 19.37
CA MET EB 80 0.78 88.45 18.75
C MET EB 80 0.07 89.47 19.62
N VAL EB 81 0.00 89.19 20.92
CA VAL EB 81 -0.64 90.11 21.85
C VAL EB 81 0.06 91.47 21.83
N LEU EB 82 1.39 91.46 21.87
CA LEU EB 82 2.12 92.73 21.87
C LEU EB 82 1.92 93.48 20.56
N GLY EB 83 2.03 92.78 19.44
CA GLY EB 83 1.88 93.45 18.16
C GLY EB 83 0.49 94.01 17.94
N HIS EB 84 -0.52 93.38 18.53
CA HIS EB 84 -1.88 93.88 18.42
C HIS EB 84 -2.21 94.92 19.48
N ASN EB 85 -1.45 94.95 20.58
CA ASN EB 85 -1.59 96.02 21.56
C ASN EB 85 -0.97 97.31 21.06
N GLY EB 86 0.17 97.22 20.40
CA GLY EB 86 0.82 98.38 19.82
C GLY EB 86 1.72 99.11 20.81
N ASP EB 87 1.11 99.87 21.71
CA ASP EB 87 1.82 100.60 22.75
C ASP EB 87 1.17 100.30 24.09
N GLY EB 88 1.98 100.35 25.16
CA GLY EB 88 1.55 99.93 26.47
C GLY EB 88 1.71 101.02 27.51
N ILE EB 89 1.10 100.78 28.66
CA ILE EB 89 1.17 101.70 29.77
C ILE EB 89 2.49 101.52 30.48
N ASN EB 90 3.02 102.64 31.01
CA ASN EB 90 4.29 102.60 31.72
C ASN EB 90 4.22 101.70 32.94
N GLU EB 91 3.08 101.69 33.62
CA GLU EB 91 2.82 100.76 34.72
C GLU EB 91 3.15 99.33 34.33
N VAL EB 92 2.51 98.82 33.27
CA VAL EB 92 2.76 97.43 32.89
C VAL EB 92 4.16 97.26 32.32
N LYS EB 93 4.69 98.29 31.65
CA LYS EB 93 6.04 98.18 31.11
C LYS EB 93 7.07 98.04 32.22
N ASP EB 94 6.78 98.60 33.39
CA ASP EB 94 7.63 98.43 34.56
C ASP EB 94 7.30 97.15 35.32
N ALA EB 95 6.05 96.69 35.24
CA ALA EB 95 5.63 95.51 35.98
C ALA EB 95 6.03 94.22 35.30
N ARG EB 96 6.30 94.25 33.99
CA ARG EB 96 6.64 93.03 33.28
C ARG EB 96 7.92 92.38 33.79
N VAL EB 97 8.75 93.11 34.54
CA VAL EB 97 9.92 92.54 35.17
C VAL EB 97 9.52 91.84 36.46
N ASP EB 98 10.22 90.76 36.78
CA ASP EB 98 9.90 89.94 37.93
C ASP EB 98 10.72 90.36 39.14
N ASN EB 99 10.37 89.79 40.29
CA ASN EB 99 11.07 90.14 41.53
C ASN EB 99 12.52 89.65 41.50
N THR EB 100 12.82 88.65 40.68
CA THR EB 100 14.18 88.14 40.54
C THR EB 100 14.97 88.87 39.47
N GLY EB 101 14.45 89.99 38.95
CA GLY EB 101 15.20 90.77 37.99
C GLY EB 101 15.31 90.14 36.61
N TYR EB 102 14.19 90.03 35.91
CA TYR EB 102 14.18 89.47 34.56
C TYR EB 102 13.01 90.05 33.80
N ASP EB 103 13.30 90.79 32.73
CA ASP EB 103 12.25 91.34 31.90
C ASP EB 103 11.56 90.23 31.12
N HIS EB 104 10.25 90.30 31.06
CA HIS EB 104 9.43 89.33 30.36
C HIS EB 104 8.83 89.97 29.11
N LYS EB 105 8.07 89.16 28.38
CA LYS EB 105 7.36 89.66 27.21
C LYS EB 105 6.08 90.35 27.61
N THR EB 106 5.33 89.75 28.54
CA THR EB 106 4.08 90.31 29.01
C THR EB 106 3.92 90.13 30.51
N LEU EB 107 3.09 91.01 31.08
CA LEU EB 107 2.71 90.90 32.48
C LEU EB 107 2.12 89.54 32.80
N GLN EB 108 1.43 88.92 31.85
CA GLN EB 108 0.88 87.60 32.09
C GLN EB 108 1.99 86.60 32.35
N ASP EB 109 3.02 86.61 31.50
CA ASP EB 109 4.15 85.72 31.70
C ASP EB 109 4.82 86.00 33.03
N ARG EB 110 4.94 87.28 33.39
CA ARG EB 110 5.61 87.61 34.64
C ARG EB 110 4.81 87.12 35.85
N LEU EB 111 3.51 87.39 35.85
CA LEU EB 111 2.66 86.93 36.94
C LEU EB 111 2.68 85.41 37.01
N TYR EB 112 2.70 84.73 35.87
CA TYR EB 112 2.76 83.27 35.88
C TYR EB 112 4.02 82.80 36.55
N HIS EB 113 5.17 83.35 36.14
CA HIS EB 113 6.43 82.87 36.67
C HIS EB 113 6.52 83.12 38.16
N ASP EB 114 6.06 84.28 38.61
CA ASP EB 114 6.16 84.58 40.03
C ASP EB 114 5.19 83.72 40.85
N TYR EB 115 3.96 83.53 40.37
CA TYR EB 115 3.04 82.66 41.08
C TYR EB 115 3.57 81.24 41.15
N SER EB 116 4.14 80.76 40.05
CA SER EB 116 4.61 79.38 40.05
C SER EB 116 5.79 79.22 40.97
N THR EB 117 6.68 80.21 41.02
CA THR EB 117 7.77 80.18 41.97
C THR EB 117 7.27 80.13 43.40
N LEU EB 118 6.32 81.00 43.73
CA LEU EB 118 5.79 81.02 45.09
C LEU EB 118 5.05 79.73 45.42
N ASP EB 119 4.31 79.18 44.46
CA ASP EB 119 3.58 77.95 44.70
C ASP EB 119 4.55 76.81 44.91
N ALA EB 120 5.61 76.74 44.10
CA ALA EB 120 6.61 75.71 44.27
C ALA EB 120 7.29 75.85 45.62
N PHE EB 121 7.52 77.08 46.07
CA PHE EB 121 8.18 77.28 47.35
C PHE EB 121 7.29 76.83 48.50
N THR EB 122 6.04 77.26 48.50
CA THR EB 122 5.11 76.84 49.54
C THR EB 122 4.86 75.34 49.49
N LYS EB 123 4.91 74.76 48.29
CA LYS EB 123 4.66 73.33 48.14
C LYS EB 123 5.86 72.53 48.62
N LYS EB 124 7.06 73.01 48.35
CA LYS EB 124 8.26 72.39 48.89
C LYS EB 124 8.25 72.47 50.41
N VAL EB 125 7.79 73.60 50.95
CA VAL EB 125 7.74 73.76 52.39
C VAL EB 125 6.78 72.74 53.01
N GLU EB 126 5.56 72.65 52.48
CA GLU EB 126 4.62 71.71 53.07
C GLU EB 126 5.04 70.27 52.82
N LYS EB 127 5.73 70.01 51.72
CA LYS EB 127 6.27 68.68 51.48
C LYS EB 127 7.30 68.32 52.54
N ALA EB 128 8.22 69.24 52.83
CA ALA EB 128 9.20 69.00 53.88
C ALA EB 128 8.51 68.80 55.22
N VAL EB 129 7.46 69.57 55.47
CA VAL EB 129 6.71 69.44 56.73
C VAL EB 129 6.13 68.04 56.85
N ASP EB 130 5.42 67.61 55.81
CA ASP EB 130 4.80 66.29 55.83
C ASP EB 130 5.86 65.19 55.92
N GLU EB 131 7.00 65.41 55.27
CA GLU EB 131 8.07 64.42 55.30
C GLU EB 131 8.62 64.27 56.72
N ASN EB 132 8.90 65.40 57.37
CA ASN EB 132 9.40 65.36 58.74
C ASN EB 132 8.38 64.74 59.67
N TYR EB 133 7.10 65.02 59.45
CA TYR EB 133 6.08 64.45 60.32
C TYR EB 133 5.99 62.94 60.13
N LYS EB 134 6.03 62.47 58.88
CA LYS EB 134 5.97 61.03 58.64
C LYS EB 134 7.20 60.35 59.22
N GLU EB 135 8.36 60.98 59.09
CA GLU EB 135 9.57 60.41 59.66
C GLU EB 135 9.48 60.32 61.17
N TYR EB 136 8.92 61.34 61.81
CA TYR EB 136 8.77 61.28 63.26
C TYR EB 136 7.76 60.21 63.66
N ARG EB 137 6.66 60.10 62.92
CA ARG EB 137 5.68 59.07 63.25
C ARG EB 137 6.29 57.69 63.10
N ALA EB 138 7.12 57.51 62.07
CA ALA EB 138 7.84 56.26 61.91
C ALA EB 138 8.74 55.99 63.12
N THR EB 139 9.65 56.91 63.41
CA THR EB 139 10.62 56.68 64.47
C THR EB 139 9.96 56.52 65.83
N GLU EB 140 8.76 57.06 66.02
CA GLU EB 140 8.03 56.83 67.24
C GLU EB 140 7.41 55.44 67.24
N TYR EB 141 6.56 55.16 66.26
CA TYR EB 141 5.76 53.94 66.30
C TYR EB 141 6.61 52.75 65.91
N ARG EB 142 7.07 52.71 64.67
CA ARG EB 142 8.06 51.76 64.18
C ARG EB 142 7.66 50.32 64.49
N PHE EB 143 6.62 49.88 63.78
CA PHE EB 143 6.07 48.56 63.94
C PHE EB 143 6.23 47.77 62.66
N GLU EB 144 7.46 47.73 62.15
CA GLU EB 144 7.81 46.93 60.99
C GLU EB 144 8.58 45.69 61.45
N PRO EB 145 7.94 44.53 61.56
CA PRO EB 145 8.70 43.33 61.93
C PRO EB 145 9.74 42.92 60.90
N LYS EB 146 9.51 43.23 59.62
CA LYS EB 146 10.40 42.80 58.56
C LYS EB 146 11.81 43.37 58.70
N GLU EB 147 11.99 44.42 59.51
CA GLU EB 147 13.30 44.97 59.84
C GLU EB 147 13.66 44.82 61.30
N GLN EB 148 12.69 44.95 62.19
CA GLN EB 148 12.98 44.98 63.61
C GLN EB 148 13.54 43.65 64.06
N GLU EB 149 14.16 43.66 65.23
CA GLU EB 149 14.70 42.50 65.88
C GLU EB 149 13.93 42.24 67.17
N PRO EB 150 13.53 40.99 67.46
CA PRO EB 150 12.78 40.75 68.69
C PRO EB 150 13.62 41.02 69.92
N GLU EB 151 12.92 41.23 71.02
CA GLU EB 151 13.54 41.57 72.29
C GLU EB 151 12.95 40.68 73.37
N PHE EB 152 13.81 40.24 74.27
CA PHE EB 152 13.36 39.37 75.34
C PHE EB 152 12.43 40.11 76.27
N ILE EB 153 11.49 39.37 76.85
CA ILE EB 153 10.63 39.88 77.90
C ILE EB 153 10.75 38.97 79.10
N THR EB 154 10.37 37.70 78.93
CA THR EB 154 10.26 36.82 80.07
C THR EB 154 10.30 35.37 79.62
N ASP EB 155 10.32 34.51 80.62
CA ASP EB 155 10.19 33.08 80.47
C ASP EB 155 8.99 32.65 81.30
N LEU EB 156 8.32 31.62 80.85
CA LEU EB 156 7.11 31.14 81.48
C LEU EB 156 7.42 29.89 82.27
N SER EB 157 6.78 29.77 83.43
CA SER EB 157 7.03 28.69 84.38
C SER EB 157 5.75 27.88 84.60
N PRO EB 158 5.30 27.15 83.58
CA PRO EB 158 4.17 26.24 83.79
C PRO EB 158 4.62 24.96 84.45
N TYR EB 159 3.84 24.50 85.41
CA TYR EB 159 4.12 23.25 86.11
C TYR EB 159 3.45 22.11 85.34
N THR EB 160 3.98 21.88 84.14
CA THR EB 160 3.69 20.70 83.34
C THR EB 160 4.67 20.66 82.19
N ASN EB 161 5.21 19.46 81.94
CA ASN EB 161 6.28 19.29 80.96
C ASN EB 161 5.67 18.99 79.61
N ALA EB 162 5.60 20.00 78.76
CA ALA EB 162 5.16 19.84 77.37
C ALA EB 162 5.46 21.15 76.67
N VAL EB 163 5.11 21.21 75.41
CA VAL EB 163 5.43 22.33 74.55
C VAL EB 163 4.40 23.44 74.77
N MET EB 164 4.84 24.68 74.65
CA MET EB 164 3.96 25.84 74.76
C MET EB 164 3.24 26.03 73.43
N GLN EB 165 2.17 25.27 73.23
CA GLN EB 165 1.49 25.27 71.94
C GLN EB 165 0.98 26.66 71.56
N SER EB 166 0.70 27.51 72.55
CA SER EB 166 0.42 28.91 72.26
C SER EB 166 0.32 29.67 73.56
N PHE EB 167 0.16 30.98 73.44
CA PHE EB 167 0.06 31.85 74.60
C PHE EB 167 -0.67 33.12 74.23
N TRP EB 168 -1.16 33.81 75.27
CA TRP EB 168 -1.85 35.07 75.08
C TRP EB 168 -1.86 35.80 76.41
N VAL EB 169 -1.42 37.05 76.39
CA VAL EB 169 -1.43 37.90 77.56
C VAL EB 169 -2.61 38.85 77.43
N ASP EB 170 -3.15 39.27 78.57
CA ASP EB 170 -4.30 40.17 78.62
C ASP EB 170 -3.89 41.59 79.04
N PRO EB 171 -4.34 42.65 78.34
CA PRO EB 171 -3.92 44.01 78.73
C PRO EB 171 -4.49 44.51 80.06
N ARG EB 172 -5.79 44.31 80.28
CA ARG EB 172 -6.44 44.96 81.42
C ARG EB 172 -6.22 44.23 82.72
N THR EB 173 -5.42 43.15 82.71
CA THR EB 173 -5.19 42.34 83.88
C THR EB 173 -3.73 41.97 84.08
N LYS EB 174 -2.90 41.95 83.03
CA LYS EB 174 -1.50 41.57 83.10
C LYS EB 174 -1.37 40.14 83.61
N ILE EB 175 -1.89 39.22 82.79
CA ILE EB 175 -1.93 37.80 83.10
C ILE EB 175 -1.79 37.03 81.79
N ILE EB 176 -1.07 35.93 81.85
CA ILE EB 176 -0.73 35.15 80.66
C ILE EB 176 -1.45 33.82 80.74
N TYR EB 177 -2.22 33.50 79.71
CA TYR EB 177 -2.82 32.19 79.54
C TYR EB 177 -2.04 31.48 78.45
N MET EB 178 -1.40 30.36 78.81
CA MET EB 178 -0.61 29.59 77.86
C MET EB 178 -1.22 28.20 77.72
N THR EB 179 -1.39 27.78 76.47
CA THR EB 179 -1.99 26.50 76.13
C THR EB 179 -0.90 25.51 75.74
N GLN EB 180 -0.95 24.32 76.34
CA GLN EB 180 -0.13 23.18 75.97
C GLN EB 180 -1.03 21.98 75.77
N ALA EB 181 -0.56 21.02 74.97
CA ALA EB 181 -1.33 19.83 74.64
C ALA EB 181 -0.76 18.64 75.39
N ARG EB 182 -1.56 18.01 76.24
CA ARG EB 182 -1.08 16.92 77.07
C ARG EB 182 -1.18 15.61 76.31
N PRO EB 183 -0.62 14.53 76.84
CA PRO EB 183 -0.80 13.22 76.21
C PRO EB 183 -2.27 12.87 76.07
N GLY EB 184 -2.67 12.60 74.84
CA GLY EB 184 -4.06 12.44 74.49
C GLY EB 184 -4.62 13.72 73.91
N ASN EB 185 -5.91 13.68 73.61
CA ASN EB 185 -6.58 14.85 73.07
C ASN EB 185 -6.77 15.94 74.10
N HIS EB 186 -6.48 15.69 75.37
CA HIS EB 186 -6.72 16.72 76.39
C HIS EB 186 -5.56 17.70 76.43
N TYR EB 187 -5.82 18.85 77.02
CA TYR EB 187 -4.87 19.95 76.95
C TYR EB 187 -5.00 20.86 78.15
N MET EB 188 -3.85 21.39 78.57
CA MET EB 188 -3.76 22.26 79.72
C MET EB 188 -3.70 23.71 79.26
N LEU EB 189 -4.27 24.60 80.05
CA LEU EB 189 -4.03 26.02 79.91
C LEU EB 189 -3.72 26.60 81.28
N SER EB 190 -2.55 27.19 81.39
CA SER EB 190 -2.01 27.68 82.66
C SER EB 190 -2.10 29.19 82.68
N ARG EB 191 -2.64 29.73 83.77
CA ARG EB 191 -2.74 31.15 83.99
C ARG EB 191 -1.61 31.54 84.92
N LEU EB 192 -0.79 32.48 84.47
CA LEU EB 192 0.45 32.87 85.11
C LEU EB 192 0.56 34.38 85.20
N LYS EB 193 1.50 34.81 86.03
CA LYS EB 193 1.85 36.21 86.15
C LYS EB 193 2.72 36.62 84.97
N PRO EB 194 3.03 37.91 84.84
CA PRO EB 194 3.88 38.31 83.71
C PRO EB 194 5.30 37.79 83.82
N ASN EB 195 5.84 37.72 85.03
CA ASN EB 195 7.22 37.25 85.19
C ASN EB 195 7.33 35.75 84.88
N GLY EB 196 6.28 34.99 85.14
CA GLY EB 196 6.28 33.55 84.91
C GLY EB 196 5.63 32.76 86.01
N GLN EB 197 5.55 33.34 87.21
CA GLN EB 197 5.01 32.66 88.39
C GLN EB 197 3.65 32.04 88.09
N PHE EB 198 3.42 30.89 88.71
CA PHE EB 198 2.24 30.08 88.47
C PHE EB 198 1.10 30.55 89.37
N ILE EB 199 -0.01 30.97 88.77
CA ILE EB 199 -1.22 31.28 89.53
C ILE EB 199 -2.07 30.02 89.60
N ASP EB 200 -2.54 29.51 88.47
CA ASP EB 200 -3.32 28.27 88.50
C ASP EB 200 -3.39 27.69 87.09
N ARG EB 201 -4.19 26.66 86.92
CA ARG EB 201 -4.32 26.01 85.63
C ARG EB 201 -5.69 25.37 85.48
N LEU EB 202 -6.00 25.01 84.24
CA LEU EB 202 -7.20 24.29 83.91
C LEU EB 202 -6.85 23.22 82.88
N LEU EB 203 -7.50 22.07 82.99
CA LEU EB 203 -7.30 20.96 82.09
C LEU EB 203 -8.60 20.71 81.35
N VAL EB 204 -8.58 20.95 80.04
CA VAL EB 204 -9.70 20.67 79.17
C VAL EB 204 -9.56 19.22 78.72
N LYS EB 205 -10.53 18.40 79.11
CA LYS EB 205 -10.52 17.00 78.74
C LYS EB 205 -11.10 16.84 77.33
N ASN EB 206 -10.45 15.99 76.53
CA ASN EB 206 -10.81 15.80 75.13
C ASN EB 206 -10.80 17.11 74.35
N GLY EB 207 -10.00 18.08 74.80
CA GLY EB 207 -9.99 19.39 74.20
C GLY EB 207 -9.10 19.56 72.99
N GLY EB 208 -8.62 18.45 72.44
CA GLY EB 208 -7.80 18.58 71.27
C GLY EB 208 -6.44 19.16 71.62
N HIS EB 209 -5.72 19.56 70.58
CA HIS EB 209 -4.38 20.08 70.78
C HIS EB 209 -4.41 21.47 71.39
N GLY EB 210 -5.45 22.24 71.12
CA GLY EB 210 -5.55 23.58 71.64
C GLY EB 210 -4.43 24.45 71.11
N THR EB 211 -4.33 24.53 69.79
CA THR EB 211 -3.21 25.23 69.18
C THR EB 211 -3.30 26.73 69.40
N HIS EB 212 -4.51 27.27 69.52
CA HIS EB 212 -4.67 28.67 69.88
C HIS EB 212 -6.11 28.90 70.26
N ASN EB 213 -6.32 29.80 71.21
CA ASN EB 213 -7.63 30.12 71.74
C ASN EB 213 -7.79 31.63 71.74
N ALA EB 214 -9.03 32.08 71.56
CA ALA EB 214 -9.32 33.51 71.50
C ALA EB 214 -9.84 33.97 72.84
N TYR EB 215 -9.39 35.12 73.28
CA TYR EB 215 -9.73 35.66 74.60
C TYR EB 215 -10.41 37.01 74.38
N ARG EB 216 -11.70 37.05 74.63
CA ARG EB 216 -12.51 38.23 74.45
C ARG EB 216 -12.94 38.78 75.80
N TYR EB 217 -13.04 40.10 75.86
CA TYR EB 217 -13.53 40.81 77.04
C TYR EB 217 -14.84 41.48 76.67
N ILE EB 218 -15.92 41.11 77.35
CA ILE EB 218 -17.22 41.72 77.14
C ILE EB 218 -17.65 42.39 78.43
N GLY EB 219 -17.28 43.65 78.60
CA GLY EB 219 -17.60 44.39 79.79
C GLY EB 219 -17.12 43.73 81.07
N ASN EB 220 -15.81 43.55 81.17
CA ASN EB 220 -15.19 42.91 82.33
C ASN EB 220 -15.72 41.49 82.52
N GLU EB 221 -15.88 40.76 81.42
CA GLU EB 221 -16.28 39.37 81.44
C GLU EB 221 -15.42 38.64 80.41
N LEU EB 222 -14.57 37.74 80.89
CA LEU EB 222 -13.58 37.09 80.04
C LEU EB 222 -14.16 35.82 79.45
N TRP EB 223 -14.38 35.82 78.15
CA TRP EB 223 -14.82 34.64 77.42
C TRP EB 223 -13.64 34.07 76.66
N ILE EB 224 -13.52 32.75 76.68
CA ILE EB 224 -12.49 32.02 75.98
C ILE EB 224 -13.19 31.20 74.91
N TYR EB 225 -12.89 31.52 73.65
CA TYR EB 225 -13.33 30.73 72.53
C TYR EB 225 -12.26 29.70 72.23
N SER EB 226 -12.66 28.45 72.10
CA SER EB 226 -11.72 27.34 72.01
C SER EB 226 -12.26 26.29 71.06
N ALA EB 227 -11.38 25.34 70.72
CA ALA EB 227 -11.73 24.20 69.90
C ALA EB 227 -11.60 22.95 70.75
N VAL EB 228 -12.72 22.25 70.95
CA VAL EB 228 -12.74 21.01 71.71
C VAL EB 228 -13.73 20.07 71.06
N LEU EB 229 -13.47 18.78 71.18
CA LEU EB 229 -14.37 17.75 70.73
C LEU EB 229 -14.84 16.92 71.92
N ASP EB 230 -16.04 16.38 71.82
CA ASP EB 230 -16.63 15.57 72.87
C ASP EB 230 -16.90 14.18 72.34
N ALA EB 231 -16.59 13.17 73.17
CA ALA EB 231 -16.94 11.78 72.90
C ALA EB 231 -16.39 11.29 71.55
N ASN EB 232 -15.36 11.95 71.05
CA ASN EB 232 -14.75 11.60 69.77
C ASN EB 232 -15.78 11.69 68.63
N GLU EB 233 -16.71 12.63 68.74
CA GLU EB 233 -17.66 12.87 67.66
C GLU EB 233 -17.08 13.79 66.60
N ASN EB 234 -16.76 15.03 66.96
CA ASN EB 234 -16.34 16.01 65.97
C ASN EB 234 -15.89 17.28 66.68
N ASN EB 235 -15.35 18.20 65.89
CA ASN EB 235 -14.80 19.44 66.43
C ASN EB 235 -15.89 20.46 66.72
N LYS EB 236 -15.93 20.92 67.96
CA LYS EB 236 -16.86 21.96 68.41
C LYS EB 236 -16.08 23.22 68.73
N PHE EB 237 -16.59 24.35 68.28
CA PHE EB 237 -16.06 25.66 68.60
C PHE EB 237 -16.93 26.26 69.69
N VAL EB 238 -16.33 26.52 70.86
CA VAL EB 238 -17.09 26.63 72.10
C VAL EB 238 -16.59 27.81 72.93
N ARG EB 239 -17.51 28.47 73.61
CA ARG EB 239 -17.21 29.52 74.58
C ARG EB 239 -17.17 28.95 75.98
N PHE EB 240 -16.35 29.55 76.83
CA PHE EB 240 -16.43 29.26 78.26
C PHE EB 240 -15.72 30.35 79.05
N GLN EB 241 -15.70 30.17 80.37
CA GLN EB 241 -15.05 31.06 81.31
C GLN EB 241 -13.92 30.32 82.00
N TYR EB 242 -12.91 31.07 82.43
CA TYR EB 242 -11.79 30.45 83.12
C TYR EB 242 -12.22 29.95 84.50
N ARG EB 243 -11.76 28.75 84.84
CA ARG EB 243 -12.01 28.17 86.15
C ARG EB 243 -10.93 27.14 86.42
N THR EB 244 -10.27 27.26 87.57
CA THR EB 244 -9.18 26.36 87.89
C THR EB 244 -9.67 24.93 88.03
N GLY EB 245 -8.84 23.98 87.60
CA GLY EB 245 -9.10 22.57 87.78
C GLY EB 245 -9.31 21.83 86.49
N GLU EB 246 -10.54 21.38 86.24
CA GLU EB 246 -10.86 20.57 85.07
C GLU EB 246 -12.14 21.07 84.42
N ILE EB 247 -12.27 20.78 83.13
CA ILE EB 247 -13.49 21.08 82.40
C ILE EB 247 -13.59 20.12 81.22
N THR EB 248 -14.80 20.04 80.66
CA THR EB 248 -15.06 19.21 79.50
C THR EB 248 -16.40 19.64 78.91
N TYR EB 249 -16.58 19.36 77.62
CA TYR EB 249 -17.75 19.87 76.91
C TYR EB 249 -19.02 19.29 77.51
N GLY EB 250 -19.97 20.17 77.79
CA GLY EB 250 -21.23 19.77 78.35
C GLY EB 250 -22.05 20.94 78.84
N ASN EB 251 -22.54 20.85 80.07
CA ASN EB 251 -23.37 21.91 80.62
C ASN EB 251 -22.54 23.15 80.94
N GLU EB 252 -21.25 22.98 81.26
CA GLU EB 252 -20.40 24.10 81.64
C GLU EB 252 -19.86 24.87 80.45
N MET EB 253 -20.11 24.42 79.22
CA MET EB 253 -19.56 25.04 78.03
C MET EB 253 -20.63 25.10 76.96
N GLN EB 254 -20.77 26.25 76.32
CA GLN EB 254 -21.83 26.52 75.36
C GLN EB 254 -21.24 26.78 73.99
N ASP EB 255 -21.71 26.03 72.99
CA ASP EB 255 -21.26 26.22 71.63
C ASP EB 255 -21.71 27.57 71.11
N VAL EB 256 -21.25 27.89 69.90
CA VAL EB 256 -21.63 29.12 69.21
C VAL EB 256 -21.93 28.76 67.76
N MET EB 257 -23.20 28.95 67.34
CA MET EB 257 -23.75 28.62 66.03
C MET EB 257 -23.16 27.31 65.53
N PRO EB 258 -23.53 26.17 66.10
CA PRO EB 258 -22.84 24.94 65.74
C PRO EB 258 -23.13 24.50 64.32
N ASN EB 259 -24.37 24.66 63.89
CA ASN EB 259 -24.85 24.11 62.62
C ASN EB 259 -24.09 24.62 61.41
N ILE EB 260 -23.36 25.72 61.52
CA ILE EB 260 -22.81 26.41 60.37
C ILE EB 260 -21.32 26.15 60.17
N PHE EB 261 -20.53 25.95 61.24
CA PHE EB 261 -19.12 25.61 61.08
C PHE EB 261 -18.65 24.54 62.07
N ASN EB 262 -19.51 23.58 62.42
CA ASN EB 262 -19.05 22.34 63.05
C ASN EB 262 -19.06 21.18 62.07
N ASP EB 263 -18.62 21.45 60.83
CA ASP EB 263 -18.37 20.42 59.84
C ASP EB 263 -16.89 20.18 59.61
N ARG EB 264 -16.02 21.04 60.14
CA ARG EB 264 -14.59 20.89 59.96
C ARG EB 264 -13.88 21.55 61.14
N TYR EB 265 -12.62 21.15 61.34
CA TYR EB 265 -11.84 21.67 62.45
C TYR EB 265 -11.72 23.17 62.37
N THR EB 266 -11.87 23.83 63.51
CA THR EB 266 -11.96 25.28 63.55
C THR EB 266 -11.38 25.79 64.85
N SER EB 267 -10.72 26.95 64.76
CA SER EB 267 -10.18 27.64 65.91
C SER EB 267 -10.29 29.13 65.64
N ALA EB 268 -9.99 29.93 66.65
CA ALA EB 268 -10.24 31.36 66.53
C ALA EB 268 -9.22 32.17 67.32
N ILE EB 269 -9.13 33.44 66.93
CA ILE EB 269 -8.45 34.47 67.69
C ILE EB 269 -9.33 35.71 67.68
N TYR EB 270 -9.01 36.64 68.57
CA TYR EB 270 -9.80 37.85 68.77
C TYR EB 270 -8.89 39.07 68.69
N ASN EB 271 -9.32 40.06 67.90
CA ASN EB 271 -8.67 41.36 67.84
C ASN EB 271 -9.63 42.38 68.42
N PRO EB 272 -9.37 42.95 69.61
CA PRO EB 272 -10.37 43.84 70.21
C PRO EB 272 -10.42 45.22 69.62
N ILE EB 273 -9.36 45.68 68.95
CA ILE EB 273 -9.35 47.02 68.41
C ILE EB 273 -10.40 47.17 67.32
N GLU EB 274 -10.41 46.22 66.39
CA GLU EB 274 -11.44 46.16 65.36
C GLU EB 274 -12.64 45.33 65.77
N ASN EB 275 -12.59 44.65 66.92
CA ASN EB 275 -13.68 43.81 67.39
C ASN EB 275 -13.98 42.71 66.39
N LEU EB 276 -12.93 41.99 66.02
CA LEU EB 276 -13.02 40.93 65.03
C LEU EB 276 -12.62 39.59 65.62
N MET EB 277 -13.19 38.54 65.04
CA MET EB 277 -12.95 37.16 65.46
C MET EB 277 -12.47 36.41 64.23
N ILE EB 278 -11.17 36.24 64.11
CA ILE EB 278 -10.56 35.59 62.95
C ILE EB 278 -10.63 34.10 63.18
N PHE EB 279 -11.32 33.41 62.29
CA PHE EB 279 -11.53 31.98 62.40
C PHE EB 279 -10.58 31.27 61.44
N ARG EB 280 -9.67 30.50 61.99
CA ARG EB 280 -8.95 29.53 61.21
C ARG EB 280 -9.83 28.30 61.06
N ARG EB 281 -9.86 27.74 59.85
CA ARG EB 281 -10.74 26.63 59.54
C ARG EB 281 -9.99 25.70 58.61
N GLU EB 282 -9.81 24.47 59.05
CA GLU EB 282 -9.05 23.48 58.31
C GLU EB 282 -9.89 22.89 57.19
N TYR EB 283 -9.22 22.20 56.27
CA TYR EB 283 -9.84 21.49 55.16
C TYR EB 283 -9.81 19.99 55.40
N LYS EB 284 -10.73 19.30 54.76
CA LYS EB 284 -10.68 17.85 54.71
C LYS EB 284 -9.69 17.41 53.64
N ALA EB 285 -9.32 16.12 53.70
CA ALA EB 285 -8.34 15.60 52.76
C ALA EB 285 -8.85 15.67 51.33
N SER EB 286 -10.12 15.38 51.11
CA SER EB 286 -10.65 15.34 49.77
C SER EB 286 -10.68 16.73 49.14
N GLU EB 287 -11.16 17.72 49.90
CA GLU EB 287 -11.13 19.10 49.41
C GLU EB 287 -9.69 19.56 49.21
N ARG EB 288 -8.79 19.13 50.10
CA ARG EB 288 -7.38 19.51 50.01
C ARG EB 288 -6.76 19.00 48.73
N GLN EB 289 -7.17 17.82 48.26
CA GLN EB 289 -6.63 17.26 47.02
C GLN EB 289 -6.72 18.25 45.86
N LEU EB 290 -7.78 19.06 45.82
CA LEU EB 290 -7.95 20.06 44.79
C LEU EB 290 -7.48 21.45 45.22
N LYS EB 291 -7.59 21.77 46.51
CA LYS EB 291 -7.23 23.10 46.95
C LYS EB 291 -5.73 23.31 47.03
N ASN EB 292 -4.96 22.24 47.22
CA ASN EB 292 -3.53 22.34 47.44
C ASN EB 292 -3.23 23.21 48.66
N SER EB 293 -3.93 22.92 49.76
CA SER EB 293 -3.82 23.75 50.95
C SER EB 293 -4.51 23.06 52.11
N LEU EB 294 -4.11 23.43 53.32
CA LEU EB 294 -4.60 22.80 54.54
C LEU EB 294 -5.64 23.62 55.27
N ASN EB 295 -5.56 24.94 55.22
CA ASN EB 295 -6.45 25.74 56.04
C ASN EB 295 -6.70 27.09 55.41
N PHE EB 296 -7.75 27.74 55.90
CA PHE EB 296 -8.17 29.02 55.38
C PHE EB 296 -8.72 29.83 56.55
N VAL EB 297 -8.50 31.13 56.47
CA VAL EB 297 -8.81 32.06 57.54
C VAL EB 297 -9.92 32.97 57.08
N GLU EB 298 -10.92 33.13 57.93
CA GLU EB 298 -12.06 34.00 57.70
C GLU EB 298 -12.01 35.15 58.68
N VAL EB 299 -12.30 36.34 58.21
CA VAL EB 299 -12.62 37.45 59.09
C VAL EB 299 -14.10 37.44 59.34
N ARG EB 300 -14.50 37.89 60.52
CA ARG EB 300 -15.90 38.11 60.85
C ARG EB 300 -15.94 38.95 62.11
N SER EB 301 -17.11 39.50 62.38
CA SER EB 301 -17.28 40.45 63.49
C SER EB 301 -17.91 39.77 64.68
N ALA EB 302 -17.43 40.14 65.86
CA ALA EB 302 -17.85 39.48 67.08
C ALA EB 302 -19.31 39.79 67.40
N ASP EB 303 -19.78 40.99 67.06
CA ASP EB 303 -21.19 41.30 67.28
C ASP EB 303 -22.07 40.44 66.38
N ASP EB 304 -21.62 40.19 65.15
CA ASP EB 304 -22.34 39.29 64.27
C ASP EB 304 -22.37 37.89 64.86
N ILE EB 305 -21.24 37.43 65.38
CA ILE EB 305 -21.19 36.10 66.00
C ILE EB 305 -22.14 36.03 67.19
N ASP EB 306 -22.20 37.11 67.96
CA ASP EB 306 -23.08 37.15 69.13
C ASP EB 306 -24.54 37.02 68.71
N LYS EB 307 -25.00 37.95 67.88
CA LYS EB 307 -26.41 37.96 67.50
C LYS EB 307 -26.74 36.98 66.38
N GLY EB 308 -25.81 36.08 66.02
CA GLY EB 308 -26.12 34.91 65.24
C GLY EB 308 -25.86 35.06 63.75
N ILE EB 309 -25.91 36.29 63.23
CA ILE EB 309 -25.75 36.50 61.80
C ILE EB 309 -24.33 36.10 61.38
N ASP EB 310 -24.23 35.43 60.25
CA ASP EB 310 -22.97 34.95 59.71
C ASP EB 310 -22.48 35.89 58.62
N LYS EB 311 -21.17 36.14 58.61
CA LYS EB 311 -20.54 36.91 57.57
C LYS EB 311 -19.14 36.35 57.35
N VAL EB 312 -18.77 36.19 56.09
CA VAL EB 312 -17.56 35.47 55.70
C VAL EB 312 -16.65 36.44 54.95
N LEU EB 313 -16.70 37.71 55.31
CA LEU EB 313 -15.88 38.71 54.65
C LEU EB 313 -14.40 38.38 54.85
N TYR EB 314 -13.62 38.59 53.80
CA TYR EB 314 -12.16 38.41 53.85
C TYR EB 314 -11.81 36.98 54.27
N GLN EB 315 -12.12 36.08 53.35
CA GLN EB 315 -11.73 34.69 53.43
C GLN EB 315 -10.49 34.49 52.58
N MET EB 316 -9.58 33.62 53.04
CA MET EB 316 -8.32 33.44 52.35
C MET EB 316 -7.72 32.09 52.69
N ASP EB 317 -7.39 31.33 51.65
CA ASP EB 317 -6.68 30.07 51.81
C ASP EB 317 -5.23 30.34 52.15
N ILE EB 318 -4.52 29.30 52.59
CA ILE EB 318 -3.09 29.35 52.85
C ILE EB 318 -2.42 28.31 51.97
N PRO EB 319 -1.40 28.65 51.18
CA PRO EB 319 -0.71 27.61 50.42
C PRO EB 319 -0.02 26.62 51.33
N MET EB 320 0.33 25.47 50.77
CA MET EB 320 0.86 24.37 51.57
C MET EB 320 2.21 24.74 52.17
N GLU EB 321 3.06 25.43 51.40
CA GLU EB 321 4.43 25.69 51.81
C GLU EB 321 4.52 26.46 53.13
N TYR EB 322 3.47 27.19 53.50
CA TYR EB 322 3.44 27.93 54.75
C TYR EB 322 2.78 27.15 55.88
N THR EB 323 2.35 25.91 55.63
CA THR EB 323 1.72 25.09 56.66
C THR EB 323 2.12 23.62 56.56
N SER EB 324 3.22 23.31 55.88
CA SER EB 324 3.60 21.93 55.60
C SER EB 324 4.14 21.26 56.85
N ASP EB 325 4.68 20.04 56.68
CA ASP EB 325 5.22 19.30 57.81
C ASP EB 325 6.51 19.92 58.31
N THR EB 326 7.35 20.40 57.39
CA THR EB 326 8.56 21.12 57.75
C THR EB 326 8.30 22.58 58.08
N GLN EB 327 7.09 23.08 57.83
CA GLN EB 327 6.71 24.44 58.19
C GLN EB 327 5.26 24.41 58.66
N PRO EB 328 5.00 23.78 59.79
CA PRO EB 328 3.63 23.71 60.30
C PRO EB 328 3.14 25.07 60.77
N MET EB 329 1.86 25.17 61.15
CA MET EB 329 1.30 26.48 61.41
C MET EB 329 1.98 27.16 62.59
N GLN EB 330 1.72 26.68 63.80
CA GLN EB 330 2.35 27.09 65.05
C GLN EB 330 2.02 28.49 65.54
N GLY EB 331 1.42 29.36 64.71
CA GLY EB 331 0.84 30.55 65.27
C GLY EB 331 0.28 31.56 64.28
N ILE EB 332 -0.76 32.27 64.69
CA ILE EB 332 -1.42 33.27 63.85
C ILE EB 332 -1.81 34.46 64.71
N THR EB 333 -1.88 35.62 64.06
CA THR EB 333 -2.48 36.80 64.69
C THR EB 333 -2.77 37.86 63.64
N TYR EB 334 -3.94 38.47 63.74
CA TYR EB 334 -4.36 39.52 62.81
C TYR EB 334 -4.14 40.87 63.45
N ASP EB 335 -3.76 41.85 62.62
CA ASP EB 335 -3.59 43.22 63.10
C ASP EB 335 -3.54 44.16 61.91
N ALA EB 336 -4.47 45.10 61.85
CA ALA EB 336 -4.41 46.20 60.90
C ALA EB 336 -4.43 45.70 59.45
N GLY EB 337 -5.38 44.82 59.15
CA GLY EB 337 -5.46 44.25 57.84
C GLY EB 337 -4.27 43.42 57.43
N ILE EB 338 -3.48 42.96 58.40
CA ILE EB 338 -2.29 42.17 58.17
C ILE EB 338 -2.37 40.94 59.05
N LEU EB 339 -2.20 39.77 58.43
CA LEU EB 339 -2.19 38.50 59.12
C LEU EB 339 -0.76 38.02 59.24
N TYR EB 340 -0.29 37.86 60.47
CA TYR EB 340 1.03 37.35 60.75
C TYR EB 340 0.91 35.87 61.03
N TRP EB 341 1.72 35.06 60.35
CA TRP EB 341 1.67 33.61 60.37
C TRP EB 341 3.07 33.12 60.71
N TYR EB 342 3.24 32.59 61.92
CA TYR EB 342 4.54 32.26 62.47
C TYR EB 342 4.66 30.75 62.57
N THR EB 343 5.66 30.20 61.87
CA THR EB 343 5.82 28.77 61.69
C THR EB 343 7.24 28.36 62.06
N GLY EB 344 7.40 27.09 62.39
CA GLY EB 344 8.70 26.57 62.77
C GLY EB 344 8.75 25.05 62.81
N ASP EB 345 9.94 24.50 62.59
CA ASP EB 345 10.11 23.09 62.34
C ASP EB 345 10.49 22.27 63.57
N SER EB 346 10.63 22.90 64.72
CA SER EB 346 11.11 22.22 65.93
C SER EB 346 12.46 21.57 65.68
N LYS EB 347 13.28 22.22 64.88
CA LYS EB 347 14.51 21.68 64.41
C LYS EB 347 15.43 22.87 64.16
N PRO EB 348 16.67 22.85 64.64
CA PRO EB 348 17.58 23.94 64.34
C PRO EB 348 18.18 23.75 62.96
N ALA EB 349 18.48 24.88 62.33
CA ALA EB 349 18.95 25.01 60.95
C ALA EB 349 17.81 24.82 59.95
N ASN EB 350 16.62 24.39 60.37
CA ASN EB 350 15.42 24.53 59.57
C ASN EB 350 14.83 25.87 59.98
N PRO EB 351 15.07 26.94 59.23
CA PRO EB 351 14.77 28.27 59.74
C PRO EB 351 13.29 28.48 59.99
N ASN EB 352 12.95 28.62 61.25
CA ASN EB 352 11.61 28.98 61.65
C ASN EB 352 11.45 30.48 61.57
N TYR EB 353 10.31 30.94 61.09
CA TYR EB 353 10.11 32.37 60.92
C TYR EB 353 8.64 32.64 60.68
N LEU EB 354 8.33 33.91 60.45
CA LEU EB 354 6.98 34.34 60.16
C LEU EB 354 6.89 34.86 58.74
N GLN EB 355 5.67 34.85 58.25
CA GLN EB 355 5.35 35.07 56.84
C GLN EB 355 4.21 36.06 56.72
N GLY EB 356 4.33 37.17 57.45
CA GLY EB 356 3.27 38.15 57.53
C GLY EB 356 2.81 38.73 56.22
N PHE EB 357 1.53 38.50 55.90
CA PHE EB 357 0.97 38.92 54.63
C PHE EB 357 -0.35 39.63 54.85
N ASP EB 358 -1.02 39.95 53.75
CA ASP EB 358 -2.24 40.75 53.76
C ASP EB 358 -3.43 39.84 53.49
N ILE EB 359 -4.54 40.17 54.14
CA ILE EB 359 -5.77 39.41 53.99
C ILE EB 359 -6.70 40.06 52.97
N LYS EB 360 -6.60 41.37 52.80
CA LYS EB 360 -7.51 42.08 51.90
C LYS EB 360 -7.34 41.60 50.46
N THR EB 361 -6.11 41.66 49.96
CA THR EB 361 -5.83 41.45 48.54
C THR EB 361 -5.15 40.13 48.25
N LYS EB 362 -4.96 39.27 49.24
CA LYS EB 362 -4.43 37.93 49.06
C LYS EB 362 -3.06 37.96 48.36
N GLU EB 363 -2.08 38.50 49.07
CA GLU EB 363 -0.71 38.61 48.57
C GLU EB 363 0.22 38.16 49.66
N LEU EB 364 1.51 38.46 49.49
CA LEU EB 364 2.54 38.22 50.49
C LEU EB 364 3.26 39.53 50.74
N LEU EB 365 3.19 40.02 51.97
CA LEU EB 365 3.73 41.33 52.30
C LEU EB 365 5.21 41.24 52.65
N PHE EB 366 5.57 40.28 53.48
CA PHE EB 366 6.96 40.16 53.87
C PHE EB 366 7.20 38.80 54.49
N LYS EB 367 8.47 38.47 54.61
CA LYS EB 367 8.88 37.14 55.06
C LYS EB 367 10.34 37.27 55.53
N ARG EB 368 10.53 37.23 56.84
CA ARG EB 368 11.82 37.43 57.46
C ARG EB 368 12.32 36.12 58.05
N ARG EB 369 13.40 36.21 58.81
CA ARG EB 369 13.97 35.09 59.53
C ARG EB 369 14.01 35.41 61.01
N ILE EB 370 13.99 34.34 61.82
CA ILE EB 370 13.85 34.44 63.26
C ILE EB 370 14.81 33.45 63.89
N ASP EB 371 15.62 33.94 64.83
CA ASP EB 371 16.61 33.13 65.53
C ASP EB 371 16.65 33.53 67.00
N ILE EB 372 15.47 33.70 67.61
CA ILE EB 372 15.38 34.20 68.97
C ILE EB 372 15.71 33.17 70.04
N GLY EB 373 16.05 31.94 69.66
CA GLY EB 373 16.40 30.94 70.64
C GLY EB 373 17.57 31.32 71.53
N GLY EB 374 18.40 32.24 71.09
CA GLY EB 374 19.57 32.63 71.83
C GLY EB 374 20.68 33.10 70.92
N VAL EB 375 21.85 32.55 71.07
CA VAL EB 375 22.99 32.91 70.25
C VAL EB 375 22.89 32.19 68.92
N ASN EB 376 23.51 32.79 67.89
CA ASN EB 376 23.34 32.35 66.51
C ASN EB 376 23.69 30.88 66.32
N ASN EB 377 22.69 30.08 66.03
CA ASN EB 377 22.87 28.68 65.67
C ASN EB 377 23.54 27.90 66.80
N ASN EB 378 23.30 28.33 68.05
CA ASN EB 378 23.74 27.57 69.23
C ASN EB 378 22.70 27.82 70.31
N PHE EB 379 21.71 26.94 70.37
CA PHE EB 379 20.63 27.02 71.33
C PHE EB 379 20.72 25.88 72.33
N LYS EB 380 20.27 26.16 73.55
CA LYS EB 380 20.24 25.14 74.59
C LYS EB 380 19.44 23.94 74.12
N GLY EB 381 19.83 22.77 74.60
CA GLY EB 381 19.23 21.56 74.11
C GLY EB 381 19.68 21.30 72.69
N ASP EB 382 18.74 20.91 71.84
CA ASP EB 382 19.03 20.57 70.47
C ASP EB 382 17.98 21.06 69.49
N PHE EB 383 16.96 21.77 69.94
CA PHE EB 383 15.93 22.22 69.02
C PHE EB 383 15.18 23.39 69.60
N GLN EB 384 14.81 24.30 68.71
CA GLN EB 384 13.92 25.42 68.99
C GLN EB 384 12.69 25.25 68.16
N GLU EB 385 11.55 25.61 68.73
CA GLU EB 385 10.26 25.49 68.08
C GLU EB 385 9.50 26.79 68.24
N ALA EB 386 8.95 27.26 67.14
CA ALA EB 386 8.10 28.44 67.16
C ALA EB 386 6.74 28.09 67.72
N GLU EB 387 6.08 29.08 68.31
CA GLU EB 387 4.82 28.87 68.98
C GLU EB 387 3.93 30.07 68.73
N GLY EB 388 2.74 30.03 69.32
CA GLY EB 388 1.70 30.95 68.95
C GLY EB 388 2.09 32.40 69.13
N LEU EB 389 1.38 33.26 68.42
CA LEU EB 389 1.62 34.69 68.45
C LEU EB 389 0.65 35.38 69.39
N ASP EB 390 0.97 36.63 69.70
CA ASP EB 390 0.03 37.50 70.39
C ASP EB 390 0.32 38.93 69.97
N MET EB 391 -0.75 39.69 69.82
CA MET EB 391 -0.68 41.11 69.54
C MET EB 391 -1.10 41.81 70.83
N TYR EB 392 -0.13 42.32 71.56
CA TYR EB 392 -0.41 42.98 72.81
C TYR EB 392 -0.77 44.43 72.56
N TYR EB 393 -2.03 44.76 72.77
CA TYR EB 393 -2.49 46.13 72.73
C TYR EB 393 -2.40 46.71 74.14
N ASP EB 394 -2.96 47.90 74.32
CA ASP EB 394 -3.04 48.53 75.62
C ASP EB 394 -4.28 49.39 75.65
N LEU EB 395 -5.02 49.35 76.76
CA LEU EB 395 -6.16 50.23 76.90
C LEU EB 395 -5.74 51.69 76.84
N GLU EB 396 -4.55 52.00 77.33
CA GLU EB 396 -3.96 53.32 77.25
C GLU EB 396 -2.74 53.27 76.36
N THR EB 397 -2.49 54.35 75.62
CA THR EB 397 -1.31 54.44 74.78
C THR EB 397 -1.30 53.31 73.76
N GLY EB 398 -2.22 53.39 72.81
CA GLY EB 398 -2.56 52.25 72.00
C GLY EB 398 -1.43 51.84 71.10
N ARG EB 399 -0.38 51.32 71.74
CA ARG EB 399 0.86 50.93 71.10
C ARG EB 399 0.87 49.42 71.02
N LYS EB 400 0.67 48.90 69.82
CA LYS EB 400 0.58 47.47 69.62
C LYS EB 400 1.98 46.87 69.50
N ALA EB 401 2.17 45.75 70.15
CA ALA EB 401 3.40 44.97 70.02
C ALA EB 401 3.05 43.54 69.71
N LEU EB 402 4.00 42.87 69.09
CA LEU EB 402 3.83 41.50 68.61
C LEU EB 402 4.68 40.60 69.47
N LEU EB 403 4.03 39.75 70.26
CA LEU EB 403 4.73 38.79 71.11
C LEU EB 403 4.80 37.45 70.40
N ILE EB 404 5.92 36.77 70.59
CA ILE EB 404 6.20 35.52 69.94
C ILE EB 404 6.73 34.53 70.96
N GLY EB 405 6.18 33.33 70.93
CA GLY EB 405 6.59 32.27 71.83
C GLY EB 405 7.60 31.36 71.17
N VAL EB 406 8.62 31.00 71.93
CA VAL EB 406 9.61 30.04 71.49
C VAL EB 406 9.79 28.99 72.56
N THR EB 407 10.09 27.77 72.16
CA THR EB 407 10.21 26.63 73.04
C THR EB 407 11.54 25.95 72.74
N ILE EB 408 12.39 25.85 73.76
CA ILE EB 408 13.79 25.47 73.59
C ILE EB 408 14.08 24.34 74.56
N GLY EB 409 15.12 23.56 74.24
CA GLY EB 409 15.71 22.64 75.18
C GLY EB 409 15.58 21.20 74.73
N PRO EB 410 16.16 20.28 75.48
CA PRO EB 410 16.12 18.87 75.07
C PRO EB 410 14.76 18.21 75.23
N GLY EB 411 14.72 16.90 75.01
CA GLY EB 411 13.48 16.14 74.90
C GLY EB 411 12.48 16.25 76.03
N ASN EB 412 12.90 15.91 77.26
CA ASN EB 412 12.01 15.90 78.42
C ASN EB 412 12.29 17.08 79.35
N ASN EB 413 12.64 18.22 78.79
CA ASN EB 413 12.80 19.43 79.58
C ASN EB 413 12.72 20.62 78.64
N ARG EB 414 11.80 21.53 78.92
CA ARG EB 414 11.43 22.59 78.00
C ARG EB 414 11.64 23.95 78.65
N HIS EB 415 11.85 24.95 77.81
CA HIS EB 415 12.01 26.33 78.23
C HIS EB 415 11.18 27.19 77.30
N HIS EB 416 10.15 27.82 77.84
CA HIS EB 416 9.24 28.64 77.07
C HIS EB 416 9.58 30.10 77.32
N SER EB 417 9.95 30.80 76.24
CA SER EB 417 10.33 32.20 76.31
C SER EB 417 9.43 33.04 75.41
N ILE EB 418 9.28 34.31 75.77
CA ILE EB 418 8.42 35.24 75.05
C ILE EB 418 9.30 36.40 74.61
N TYR EB 419 9.49 36.53 73.30
CA TYR EB 419 10.14 37.69 72.73
C TYR EB 419 9.07 38.62 72.19
N SER EB 420 9.49 39.84 71.83
CA SER EB 420 8.53 40.81 71.33
C SER EB 420 9.18 41.77 70.36
N ILE EB 421 8.39 42.21 69.40
CA ILE EB 421 8.70 43.34 68.56
C ILE EB 421 7.75 44.44 68.97
N GLY EB 422 8.31 45.55 69.47
CA GLY EB 422 7.55 46.55 70.18
C GLY EB 422 7.34 47.82 69.39
N GLN EB 423 6.76 48.80 70.07
CA GLN EB 423 6.33 50.05 69.49
C GLN EB 423 6.72 51.20 70.42
N ARG EB 424 8.00 51.22 70.80
CA ARG EB 424 8.56 52.30 71.62
C ARG EB 424 7.89 52.37 73.00
N GLY EB 425 8.17 51.34 73.79
CA GLY EB 425 7.85 51.31 75.20
C GLY EB 425 6.97 50.17 75.61
N VAL EB 426 6.34 49.48 74.67
CA VAL EB 426 5.40 48.42 74.99
C VAL EB 426 6.10 47.31 75.74
N ASN EB 427 7.20 46.81 75.16
CA ASN EB 427 7.94 45.72 75.78
C ASN EB 427 8.52 46.14 77.13
N GLN EB 428 9.00 47.38 77.21
CA GLN EB 428 9.53 47.89 78.45
C GLN EB 428 8.49 47.82 79.55
N PHE EB 429 7.30 48.38 79.29
CA PHE EB 429 6.24 48.34 80.29
C PHE EB 429 5.82 46.92 80.59
N LEU EB 430 5.82 46.04 79.58
CA LEU EB 430 5.38 44.68 79.78
C LEU EB 430 6.28 43.96 80.77
N LYS EB 431 7.59 44.14 80.63
CA LYS EB 431 8.50 43.48 81.55
C LYS EB 431 8.56 44.19 82.89
N ASN EB 432 8.29 45.49 82.92
CA ASN EB 432 8.36 46.25 84.15
C ASN EB 432 7.05 46.25 84.94
N ILE EB 433 6.01 45.56 84.45
CA ILE EB 433 4.82 45.32 85.27
C ILE EB 433 5.23 44.79 86.64
N ALA EB 434 5.94 43.67 86.65
CA ALA EB 434 6.39 43.02 87.86
C ALA EB 434 7.79 42.45 87.62
N PRO EB 435 8.59 42.31 88.66
CA PRO EB 435 9.98 41.95 88.47
C PRO EB 435 10.17 40.45 88.24
N GLN EB 436 11.36 40.11 87.78
CA GLN EB 436 11.76 38.71 87.70
C GLN EB 436 11.86 38.13 89.09
N VAL EB 437 11.50 36.85 89.21
CA VAL EB 437 11.65 36.18 90.50
C VAL EB 437 13.12 35.92 90.75
N SER EB 438 13.54 36.14 91.98
CA SER EB 438 14.88 35.81 92.42
C SER EB 438 14.74 35.02 93.71
N MET EB 439 15.81 34.31 94.06
CA MET EB 439 15.78 33.52 95.28
C MET EB 439 15.59 34.40 96.50
N THR EB 440 16.01 35.65 96.42
CA THR EB 440 15.93 36.61 97.50
C THR EB 440 15.29 37.88 96.99
N ASP EB 441 15.28 38.90 97.85
CA ASP EB 441 14.77 40.19 97.47
C ASP EB 441 15.67 40.81 96.42
N SER EB 442 15.17 41.89 95.80
CA SER EB 442 15.95 42.58 94.79
C SER EB 442 17.17 43.28 95.38
N GLY EB 443 17.20 43.51 96.68
CA GLY EB 443 18.30 44.19 97.33
C GLY EB 443 19.17 43.29 98.19
N GLY EB 444 18.57 42.27 98.79
CA GLY EB 444 19.31 41.36 99.64
C GLY EB 444 18.53 40.78 100.80
N ARG EB 445 17.38 41.37 101.14
CA ARG EB 445 16.54 40.82 102.18
C ARG EB 445 15.98 39.47 101.75
N VAL EB 446 15.35 38.83 102.67
CA VAL EB 446 14.50 37.68 102.42
C VAL EB 446 13.13 38.18 102.04
N LYS EB 447 12.46 37.48 101.13
CA LYS EB 447 11.15 37.88 100.66
C LYS EB 447 10.04 37.26 101.51
N PRO EB 448 8.85 37.86 101.53
CA PRO EB 448 7.88 37.50 102.55
C PRO EB 448 6.92 36.39 102.15
N LEU EB 449 6.12 35.95 103.11
CA LEU EB 449 5.18 34.85 102.94
C LEU EB 449 3.95 35.32 102.16
N PRO EB 450 3.43 34.52 101.22
CA PRO EB 450 2.15 34.87 100.61
C PRO EB 450 0.95 34.67 101.52
N ILE EB 451 1.11 34.06 102.69
CA ILE EB 451 0.00 33.81 103.61
C ILE EB 451 0.47 34.13 105.02
N GLN EB 452 -0.42 34.74 105.79
CA GLN EB 452 -0.21 34.94 107.22
C GLN EB 452 -0.84 33.79 107.99
N ASN EB 453 -0.14 33.32 109.02
CA ASN EB 453 -0.58 32.21 109.84
C ASN EB 453 -0.82 30.99 108.94
N PRO EB 454 0.21 30.49 108.28
CA PRO EB 454 0.01 29.38 107.33
C PRO EB 454 -0.34 28.10 108.06
N ALA EB 455 -1.54 27.59 107.79
CA ALA EB 455 -1.97 26.35 108.41
C ALA EB 455 -1.10 25.18 107.99
N TYR EB 456 -0.61 25.19 106.75
CA TYR EB 456 0.28 24.17 106.24
C TYR EB 456 1.42 24.84 105.50
N LEU EB 457 2.66 24.49 105.88
CA LEU EB 457 3.83 25.02 105.19
C LEU EB 457 3.77 24.73 103.70
N SER EB 458 3.28 23.55 103.33
CA SER EB 458 3.15 23.15 101.94
C SER EB 458 2.21 24.04 101.14
N ASP EB 459 1.39 24.86 101.80
CA ASP EB 459 0.57 25.80 101.06
C ASP EB 459 1.41 26.88 100.40
N ILE EB 460 2.65 27.08 100.85
CA ILE EB 460 3.49 28.14 100.31
C ILE EB 460 4.17 27.63 99.05
N THR EB 461 3.47 27.76 97.93
CA THR EB 461 3.90 27.20 96.64
C THR EB 461 4.56 28.29 95.80
N GLU EB 462 5.66 28.81 96.33
CA GLU EB 462 6.42 29.86 95.65
C GLU EB 462 7.90 29.50 95.73
N VAL EB 463 8.78 30.44 95.39
CA VAL EB 463 10.21 30.17 95.28
C VAL EB 463 11.00 31.25 95.99
N GLY EB 464 12.16 30.86 96.50
CA GLY EB 464 13.11 31.76 97.11
C GLY EB 464 13.16 31.59 98.61
N HIS EB 465 13.97 32.44 99.23
CA HIS EB 465 14.13 32.41 100.67
C HIS EB 465 12.96 33.09 101.36
N TYR EB 466 12.64 32.60 102.55
CA TYR EB 466 11.57 33.14 103.37
C TYR EB 466 12.00 33.00 104.82
N TYR EB 467 11.31 33.72 105.70
CA TYR EB 467 11.49 33.59 107.14
C TYR EB 467 10.13 33.45 107.79
N ILE EB 468 10.05 32.55 108.76
CA ILE EB 468 8.84 32.29 109.51
C ILE EB 468 9.10 32.60 110.96
N TYR EB 469 8.19 33.32 111.59
CA TYR EB 469 8.35 33.74 112.97
C TYR EB 469 7.80 32.68 113.93
N THR EB 470 8.10 32.87 115.20
CA THR EB 470 7.75 31.88 116.22
C THR EB 470 6.25 31.66 116.30
N GLN EB 471 5.47 32.74 116.19
CA GLN EB 471 4.02 32.63 116.35
C GLN EB 471 3.42 31.79 115.23
N ASP EB 472 3.80 32.10 114.00
CA ASP EB 472 3.33 31.31 112.86
C ASP EB 472 3.83 29.88 112.94
N THR EB 473 5.04 29.68 113.49
CA THR EB 473 5.55 28.33 113.66
C THR EB 473 4.68 27.53 114.63
N GLN EB 474 4.36 28.12 115.78
CA GLN EB 474 3.49 27.46 116.75
C GLN EB 474 2.13 27.17 116.13
N ASN EB 475 1.58 28.13 115.39
CA ASN EB 475 0.24 27.97 114.84
C ASN EB 475 0.20 26.99 113.68
N ALA EB 476 1.32 26.73 113.02
CA ALA EB 476 1.32 25.89 111.83
C ALA EB 476 1.15 24.42 112.21
N LEU EB 477 0.98 23.58 111.19
CA LEU EB 477 0.78 22.14 111.35
C LEU EB 477 1.93 21.33 110.75
N ASP EB 478 2.17 21.46 109.45
CA ASP EB 478 3.17 20.64 108.78
C ASP EB 478 4.56 21.08 109.22
N PHE EB 479 5.17 20.29 110.08
CA PHE EB 479 6.43 20.68 110.70
C PHE EB 479 7.09 19.42 111.27
N PRO EB 480 8.41 19.28 111.21
CA PRO EB 480 9.01 18.03 111.73
C PRO EB 480 8.79 17.83 113.21
N LEU EB 481 9.17 18.80 114.01
CA LEU EB 481 9.11 18.67 115.45
C LEU EB 481 7.69 18.94 115.94
N PRO EB 482 7.32 18.46 117.12
CA PRO EB 482 6.00 18.75 117.66
C PRO EB 482 5.96 20.12 118.35
N LYS EB 483 4.80 20.43 118.91
CA LYS EB 483 4.57 21.74 119.51
C LYS EB 483 5.48 21.97 120.71
N ALA EB 484 5.73 20.91 121.48
CA ALA EB 484 6.57 21.06 122.67
C ALA EB 484 8.01 21.38 122.33
N PHE EB 485 8.44 21.07 121.11
CA PHE EB 485 9.80 21.31 120.67
C PHE EB 485 9.95 22.61 119.89
N ARG EB 486 9.03 22.87 118.97
CA ARG EB 486 9.16 24.05 118.11
C ARG EB 486 8.84 25.30 118.90
N ASP EB 487 9.88 26.09 119.19
CA ASP EB 487 9.73 27.35 119.91
C ASP EB 487 10.45 28.50 119.22
N ALA EB 488 11.57 28.20 118.58
CA ALA EB 488 12.49 29.23 118.14
C ALA EB 488 12.14 29.71 116.74
N GLY EB 489 12.94 30.64 116.24
CA GLY EB 489 12.74 31.17 114.91
C GLY EB 489 13.40 30.30 113.86
N TRP EB 490 12.79 30.28 112.68
CA TRP EB 490 13.29 29.49 111.57
C TRP EB 490 13.20 30.33 110.31
N PHE EB 491 13.99 29.95 109.31
CA PHE EB 491 13.79 30.43 107.96
C PHE EB 491 13.77 29.25 107.01
N PHE EB 492 12.83 29.30 106.07
CA PHE EB 492 12.70 28.25 105.06
C PHE EB 492 12.80 28.87 103.68
N ASP EB 493 13.65 28.27 102.87
CA ASP EB 493 13.74 28.60 101.45
C ASP EB 493 13.11 27.50 100.62
N VAL EB 494 12.57 27.91 99.48
CA VAL EB 494 11.89 27.02 98.57
C VAL EB 494 12.60 27.08 97.23
N LEU EB 495 12.93 25.91 96.71
CA LEU EB 495 13.64 25.76 95.45
C LEU EB 495 12.80 24.92 94.50
N PRO EB 496 12.98 25.10 93.20
CA PRO EB 496 12.20 24.33 92.25
C PRO EB 496 12.73 22.93 92.10
N GLY EB 497 11.83 22.01 91.76
CA GLY EB 497 12.16 20.63 91.55
C GLY EB 497 12.04 20.22 90.10
N HIS EB 498 10.99 19.48 89.79
CA HIS EB 498 10.71 19.06 88.43
C HIS EB 498 9.55 19.86 87.88
N TYR EB 499 9.12 19.49 86.68
CA TYR EB 499 8.15 20.27 85.95
C TYR EB 499 6.72 19.89 86.28
N ASN EB 500 6.47 18.64 86.66
CA ASN EB 500 5.11 18.21 86.96
C ASN EB 500 4.59 18.72 88.30
N GLY EB 501 5.37 19.50 89.02
CA GLY EB 501 4.96 20.10 90.27
C GLY EB 501 5.70 19.52 91.45
N ALA EB 502 6.72 20.24 91.91
CA ALA EB 502 7.52 19.76 93.03
C ALA EB 502 8.42 20.89 93.50
N LEU EB 503 8.56 21.00 94.82
CA LEU EB 503 9.35 22.07 95.42
C LEU EB 503 10.13 21.51 96.61
N ARG EB 504 11.40 21.85 96.67
CA ARG EB 504 12.25 21.54 97.80
C ARG EB 504 12.12 22.64 98.84
N GLN EB 505 11.57 22.31 100.00
CA GLN EB 505 11.51 23.21 101.13
C GLN EB 505 12.64 22.85 102.09
N VAL EB 506 13.58 23.77 102.26
CA VAL EB 506 14.71 23.61 103.16
C VAL EB 506 14.48 24.57 104.31
N LEU EB 507 14.38 24.03 105.52
CA LEU EB 507 13.94 24.77 106.70
C LEU EB 507 15.02 24.66 107.77
N THR EB 508 15.58 25.80 108.15
CA THR EB 508 16.73 25.86 109.06
C THR EB 508 16.41 26.79 110.23
N ARG EB 509 16.74 26.32 111.44
CA ARG EB 509 16.52 27.12 112.63
C ARG EB 509 17.56 28.21 112.73
N ASN EB 510 17.21 29.28 113.44
CA ASN EB 510 18.09 30.41 113.71
C ASN EB 510 18.69 30.20 115.09
N SER EB 511 19.73 29.37 115.14
CA SER EB 511 20.36 28.97 116.39
C SER EB 511 21.69 29.72 116.50
N THR EB 512 21.63 30.91 117.09
CA THR EB 512 22.83 31.68 117.37
C THR EB 512 23.58 31.20 118.60
N GLY EB 513 22.94 30.38 119.43
CA GLY EB 513 23.60 29.81 120.60
C GLY EB 513 23.21 28.37 120.82
N ARG EB 514 22.81 27.69 119.76
CA ARG EB 514 22.44 26.28 119.82
C ARG EB 514 22.82 25.65 118.49
N ASN EB 515 22.53 24.37 118.35
CA ASN EB 515 22.88 23.64 117.14
C ASN EB 515 21.79 23.88 116.10
N MET EB 516 22.21 24.28 114.91
CA MET EB 516 21.28 24.68 113.86
C MET EB 516 20.63 23.47 113.23
N LEU EB 517 19.36 23.28 113.51
CA LEU EB 517 18.60 22.16 112.96
C LEU EB 517 18.19 22.49 111.54
N LYS EB 518 18.59 21.63 110.61
CA LYS EB 518 18.18 21.69 109.22
C LYS EB 518 17.19 20.59 108.93
N PHE EB 519 16.28 20.86 108.01
CA PHE EB 519 15.37 19.85 107.48
C PHE EB 519 15.13 20.12 106.02
N GLU EB 520 14.70 19.09 105.30
CA GLU EB 520 14.41 19.19 103.88
C GLU EB 520 13.19 18.35 103.55
N ARG EB 521 12.36 18.85 102.63
CA ARG EB 521 11.14 18.19 102.23
C ARG EB 521 10.90 18.45 100.76
N VAL EB 522 10.17 17.53 100.12
CA VAL EB 522 9.70 17.69 98.76
C VAL EB 522 8.18 17.72 98.78
N ILE EB 523 7.61 18.85 98.39
CA ILE EB 523 6.17 19.06 98.41
C ILE EB 523 5.66 19.12 96.99
N ASP EB 524 4.46 18.56 96.79
CA ASP EB 524 3.75 18.63 95.52
C ASP EB 524 2.67 19.67 95.66
N ILE EB 525 2.75 20.71 94.83
CA ILE EB 525 1.81 21.83 94.92
C ILE EB 525 0.38 21.38 94.70
N PHE EB 526 0.18 20.36 93.87
CA PHE EB 526 -1.15 19.88 93.50
C PHE EB 526 -1.67 18.79 94.43
N ASN EB 527 -0.88 18.37 95.42
CA ASN EB 527 -1.32 17.32 96.35
C ASN EB 527 -0.69 17.64 97.71
N LYS EB 528 -1.46 18.30 98.57
CA LYS EB 528 -0.99 18.61 99.91
C LYS EB 528 -0.71 17.37 100.72
N LYS EB 529 -1.29 16.22 100.35
CA LYS EB 529 -1.10 14.97 101.07
C LYS EB 529 0.01 14.11 100.47
N ASN EB 530 0.43 14.37 99.24
CA ASN EB 530 1.53 13.64 98.62
C ASN EB 530 2.89 14.13 99.08
N ASN EB 531 2.95 15.15 99.92
CA ASN EB 531 4.22 15.75 100.30
C ASN EB 531 5.05 14.80 101.14
N GLY EB 532 6.32 14.67 100.80
CA GLY EB 532 7.21 13.81 101.52
C GLY EB 532 7.48 14.30 102.93
N ALA EB 533 8.33 13.54 103.61
CA ALA EB 533 8.65 13.81 105.00
C ALA EB 533 9.93 14.64 105.11
N TRP EB 534 10.19 15.12 106.33
CA TRP EB 534 11.24 16.10 106.57
C TRP EB 534 12.55 15.38 106.86
N ASN EB 535 13.38 15.23 105.83
CA ASN EB 535 14.71 14.68 106.01
C ASN EB 535 15.56 15.63 106.83
N PHE EB 536 15.90 15.23 108.05
CA PHE EB 536 16.80 16.00 108.88
C PHE EB 536 18.23 15.82 108.41
N CYS EB 537 18.99 16.91 108.46
CA CYS EB 537 20.42 16.91 108.29
C CYS EB 537 21.09 17.45 109.55
N PRO EB 538 22.22 16.88 110.01
CA PRO EB 538 22.82 17.37 111.25
C PRO EB 538 23.80 18.49 111.01
N GLN EB 539 23.73 19.52 111.84
CA GLN EB 539 24.67 20.63 111.83
C GLN EB 539 24.95 20.96 113.28
N ASN EB 540 26.03 20.39 113.82
CA ASN EB 540 26.38 20.52 115.22
C ASN EB 540 27.62 21.40 115.37
N ALA EB 541 27.69 22.07 116.52
CA ALA EB 541 28.79 22.93 116.87
C ALA EB 541 29.30 22.74 118.28
N GLY EB 542 28.59 21.99 119.12
CA GLY EB 542 29.01 21.75 120.49
C GLY EB 542 27.98 22.18 121.52
N TYR EB 543 26.71 22.17 121.15
CA TYR EB 543 25.61 22.55 122.02
C TYR EB 543 24.74 21.34 122.31
N TRP EB 544 23.78 21.52 123.22
CA TRP EB 544 22.90 20.46 123.68
C TRP EB 544 21.46 20.94 123.60
N GLU EB 545 20.66 20.26 122.79
CA GLU EB 545 19.24 20.56 122.70
C GLU EB 545 18.54 19.95 123.91
N HIS EB 546 17.89 20.80 124.71
CA HIS EB 546 17.19 20.34 125.89
C HIS EB 546 15.93 19.59 125.48
N ILE EB 547 15.52 18.64 126.31
CA ILE EB 547 14.24 17.96 126.12
C ILE EB 547 13.18 18.82 126.81
N PRO EB 548 11.99 19.01 126.24
CA PRO EB 548 10.96 19.77 126.96
C PRO EB 548 10.52 19.09 128.23
N LYS EB 549 9.78 19.83 129.03
CA LYS EB 549 9.15 19.31 130.24
C LYS EB 549 7.75 18.77 130.00
N SER EB 550 7.24 18.85 128.77
CA SER EB 550 5.94 18.33 128.40
C SER EB 550 6.03 16.97 127.73
N ILE EB 551 7.12 16.24 127.94
CA ILE EB 551 7.34 14.92 127.37
C ILE EB 551 7.89 14.03 128.47
N THR EB 552 7.20 12.92 128.75
CA THR EB 552 7.59 11.97 129.77
C THR EB 552 7.77 10.59 129.17
N LYS EB 553 8.45 10.54 128.03
CA LYS EB 553 8.70 9.29 127.34
C LYS EB 553 9.81 9.49 126.32
N LEU EB 554 10.62 8.45 126.12
CA LEU EB 554 11.69 8.47 125.15
C LEU EB 554 11.24 7.98 123.77
N SER EB 555 9.98 7.58 123.60
CA SER EB 555 9.54 7.01 122.34
C SER EB 555 9.21 8.08 121.31
N ASP EB 556 8.79 9.27 121.76
CA ASP EB 556 8.41 10.32 120.83
C ASP EB 556 9.61 10.95 120.14
N LEU EB 557 10.82 10.79 120.70
CA LEU EB 557 12.03 11.34 120.10
C LEU EB 557 12.46 10.46 118.94
N LYS EB 558 11.68 10.53 117.85
CA LYS EB 558 11.91 9.75 116.66
C LYS EB 558 12.67 10.52 115.58
N ILE EB 559 13.26 11.66 115.92
CA ILE EB 559 13.89 12.53 114.93
C ILE EB 559 15.27 11.96 114.63
N VAL EB 560 15.43 11.40 113.44
CA VAL EB 560 16.63 10.65 113.10
C VAL EB 560 17.84 11.58 113.06
N GLY EB 561 19.01 11.01 113.37
CA GLY EB 561 20.26 11.73 113.35
C GLY EB 561 20.44 12.77 114.43
N LEU EB 562 19.44 12.98 115.27
CA LEU EB 562 19.44 14.06 116.24
C LEU EB 562 19.91 13.56 117.60
N ASP EB 563 20.56 14.46 118.33
CA ASP EB 563 21.12 14.19 119.65
C ASP EB 563 20.46 15.09 120.68
N PHE EB 564 20.22 14.52 121.86
CA PHE EB 564 19.79 15.28 123.03
C PHE EB 564 20.63 14.86 124.22
N TYR EB 565 20.57 15.67 125.26
CA TYR EB 565 21.31 15.48 126.49
C TYR EB 565 20.33 15.47 127.66
N ILE EB 566 20.58 14.60 128.64
CA ILE EB 566 19.79 14.50 129.85
C ILE EB 566 20.74 14.65 131.02
N THR EB 567 20.38 15.52 131.96
CA THR EB 567 21.13 15.67 133.20
C THR EB 567 20.63 14.68 134.24
N THR EB 568 21.35 14.62 135.36
CA THR EB 568 20.99 13.71 136.44
C THR EB 568 19.63 14.03 137.00
N GLU EB 569 19.33 15.31 137.16
CA GLU EB 569 18.10 15.72 137.84
C GLU EB 569 16.87 15.51 136.97
N GLU EB 570 17.02 15.58 135.65
CA GLU EB 570 15.92 15.39 134.72
C GLU EB 570 15.90 14.01 134.09
N SER EB 571 16.86 13.16 134.43
CA SER EB 571 16.87 11.79 133.96
C SER EB 571 15.98 10.86 134.77
N ASN EB 572 15.12 11.41 135.63
CA ASN EB 572 14.23 10.62 136.47
C ASN EB 572 12.76 10.81 136.14
N ARG EB 573 12.40 11.84 135.38
CA ARG EB 573 11.00 12.08 135.03
C ARG EB 573 10.52 11.19 133.90
N PHE EB 574 11.40 10.41 133.29
CA PHE EB 574 11.02 9.54 132.18
C PHE EB 574 10.52 8.20 132.70
N THR EB 575 10.02 7.40 131.77
CA THR EB 575 9.50 6.06 132.05
C THR EB 575 10.34 4.96 131.41
N ASP EB 576 10.56 5.05 130.10
CA ASP EB 576 11.33 4.04 129.39
C ASP EB 576 12.83 4.15 129.68
N PHE EB 577 13.26 5.14 130.44
CA PHE EB 577 14.65 5.21 130.83
C PHE EB 577 15.01 3.97 131.66
N PRO EB 578 16.25 3.47 131.57
CA PRO EB 578 16.62 2.33 132.42
C PRO EB 578 16.51 2.69 133.90
N LYS EB 579 15.79 1.84 134.64
CA LYS EB 579 15.53 2.14 136.04
C LYS EB 579 16.80 2.09 136.87
N ASP EB 580 17.68 1.14 136.58
CA ASP EB 580 18.91 1.01 137.36
C ASP EB 580 19.83 2.21 137.15
N PHE EB 581 19.92 2.71 135.91
CA PHE EB 581 20.73 3.87 135.58
C PHE EB 581 19.94 5.17 135.65
N LYS EB 582 18.83 5.19 136.37
CA LYS EB 582 17.95 6.37 136.41
C LYS EB 582 18.53 7.38 137.40
N GLY EB 583 19.10 8.46 136.88
CA GLY EB 583 19.60 9.53 137.71
C GLY EB 583 20.93 9.23 138.36
N ILE EB 584 21.94 8.95 137.54
CA ILE EB 584 23.29 8.65 138.06
C ILE EB 584 24.35 9.50 137.38
N ALA EB 585 24.08 9.97 136.17
CA ALA EB 585 25.04 10.77 135.43
C ALA EB 585 24.34 11.38 134.22
N GLY EB 586 25.10 12.08 133.39
CA GLY EB 586 24.55 12.67 132.19
C GLY EB 586 24.51 11.68 131.05
N TRP EB 587 23.45 11.76 130.26
CA TRP EB 587 23.15 10.75 129.24
C TRP EB 587 22.84 11.43 127.92
N ILE EB 588 23.67 11.17 126.91
CA ILE EB 588 23.46 11.64 125.56
C ILE EB 588 22.67 10.59 124.81
N LEU EB 589 21.46 10.92 124.39
CA LEU EB 589 20.69 10.06 123.51
C LEU EB 589 20.90 10.53 122.09
N GLU EB 590 21.10 9.59 121.18
CA GLU EB 590 21.13 9.87 119.76
C GLU EB 590 20.23 8.89 119.04
N VAL EB 591 19.50 9.39 118.04
CA VAL EB 591 18.51 8.62 117.31
C VAL EB 591 19.09 8.20 115.97
N LYS EB 592 18.65 7.03 115.49
CA LYS EB 592 19.04 6.51 114.19
C LYS EB 592 17.88 5.73 113.59
N SER EB 593 18.00 5.40 112.31
CA SER EB 593 16.88 4.91 111.53
C SER EB 593 16.77 3.38 111.62
N ASN EB 594 15.64 2.88 111.14
CA ASN EB 594 15.32 1.47 111.15
C ASN EB 594 14.22 1.22 110.12
N THR EB 595 13.55 0.08 110.23
CA THR EB 595 12.37 -0.27 109.44
C THR EB 595 11.35 0.86 109.48
N PRO EB 596 10.45 0.98 108.50
CA PRO EB 596 9.55 2.15 108.49
C PRO EB 596 8.60 2.13 109.68
N GLY EB 597 8.79 3.09 110.57
CA GLY EB 597 8.07 3.13 111.82
C GLY EB 597 8.85 2.66 113.02
N ASN EB 598 10.15 2.43 112.88
CA ASN EB 598 11.01 2.00 113.98
C ASN EB 598 12.24 2.89 114.04
N THR EB 599 12.73 3.13 115.25
CA THR EB 599 13.89 3.96 115.47
C THR EB 599 14.77 3.33 116.53
N THR EB 600 16.06 3.64 116.45
CA THR EB 600 17.07 3.11 117.34
C THR EB 600 17.62 4.25 118.19
N GLN EB 601 17.50 4.12 119.50
CA GLN EB 601 17.99 5.12 120.44
C GLN EB 601 19.22 4.57 121.13
N VAL EB 602 20.21 5.44 121.32
CA VAL EB 602 21.49 5.08 121.90
C VAL EB 602 21.80 6.07 123.00
N LEU EB 603 21.79 5.59 124.25
CA LEU EB 603 22.00 6.40 125.45
C LEU EB 603 23.41 6.14 125.95
N ARG EB 604 24.31 7.07 125.71
CA ARG EB 604 25.70 6.96 126.14
C ARG EB 604 25.93 7.84 127.37
N ARG EB 605 26.57 7.28 128.38
CA ARG EB 605 26.87 8.05 129.58
C ARG EB 605 28.09 8.92 129.33
N ASN EB 606 28.06 10.12 129.90
CA ASN EB 606 29.18 11.07 129.79
C ASN EB 606 30.08 11.04 131.02
N ASN EB 607 30.11 9.94 131.75
CA ASN EB 607 30.87 9.90 132.99
C ASN EB 607 32.36 9.96 132.67
N PHE EB 608 33.04 10.93 133.25
CA PHE EB 608 34.44 11.19 132.97
C PHE EB 608 35.36 10.22 133.71
N PRO EB 609 35.32 10.13 135.05
CA PRO EB 609 36.35 9.33 135.74
C PRO EB 609 36.22 7.84 135.53
N SER EB 610 35.00 7.32 135.64
CA SER EB 610 34.77 5.88 135.62
C SER EB 610 34.73 5.39 134.17
N ALA EB 611 34.30 4.15 133.98
CA ALA EB 611 34.22 3.58 132.65
C ALA EB 611 33.08 4.20 131.87
N HIS EB 612 33.01 3.87 130.59
CA HIS EB 612 31.98 4.36 129.70
C HIS EB 612 30.95 3.27 129.43
N GLN EB 613 29.68 3.64 129.59
CA GLN EB 613 28.56 2.77 129.29
C GLN EB 613 27.75 3.37 128.15
N PHE EB 614 27.14 2.50 127.36
CA PHE EB 614 26.08 2.96 126.49
C PHE EB 614 25.05 1.87 126.29
N LEU EB 615 23.80 2.27 126.34
CA LEU EB 615 22.65 1.41 126.17
C LEU EB 615 22.03 1.65 124.80
N VAL EB 616 21.35 0.63 124.30
CA VAL EB 616 20.79 0.65 122.96
C VAL EB 616 19.40 0.05 123.02
N ARG EB 617 18.51 0.57 122.19
CA ARG EB 617 17.22 -0.07 122.00
C ARG EB 617 16.61 0.36 120.68
N ASN EB 618 16.02 -0.59 119.97
CA ASN EB 618 15.29 -0.35 118.75
C ASN EB 618 13.81 -0.62 119.01
N PHE EB 619 12.98 0.40 118.83
CA PHE EB 619 11.56 0.31 119.14
C PHE EB 619 10.72 0.82 117.99
N GLY EB 620 9.43 0.50 118.05
CA GLY EB 620 8.48 0.89 117.03
C GLY EB 620 7.51 -0.23 116.72
N THR EB 621 7.42 -0.58 115.44
CA THR EB 621 6.57 -1.69 115.02
C THR EB 621 6.99 -2.98 115.69
N GLY EB 622 6.02 -3.82 115.97
CA GLY EB 622 6.27 -5.11 116.62
C GLY EB 622 6.34 -4.94 118.13
N GLY EB 623 7.44 -5.40 118.72
CA GLY EB 623 7.65 -5.30 120.15
C GLY EB 623 8.22 -3.96 120.56
N VAL EB 624 8.85 -3.95 121.73
CA VAL EB 624 9.50 -2.78 122.29
C VAL EB 624 10.94 -3.14 122.59
N GLY EB 625 11.86 -2.30 122.13
CA GLY EB 625 13.27 -2.56 122.29
C GLY EB 625 13.69 -2.66 123.73
N LYS EB 626 14.51 -3.67 124.03
CA LYS EB 626 15.03 -3.88 125.37
C LYS EB 626 16.40 -3.25 125.50
N TRP EB 627 16.62 -2.59 126.63
CA TRP EB 627 17.85 -1.82 126.84
C TRP EB 627 19.03 -2.76 126.92
N SER EB 628 19.77 -2.87 125.83
CA SER EB 628 20.99 -3.65 125.77
C SER EB 628 22.15 -2.75 126.18
N LEU EB 629 22.94 -3.19 127.16
CA LEU EB 629 24.03 -2.40 127.70
C LEU EB 629 25.36 -2.87 127.12
N PHE EB 630 26.27 -1.92 126.95
CA PHE EB 630 27.64 -2.19 126.55
C PHE EB 630 28.55 -1.36 127.45
N GLU EB 631 29.45 -2.04 128.14
CA GLU EB 631 30.37 -1.44 129.10
C GLU EB 631 31.78 -1.46 128.50
N GLY EB 632 32.59 -0.48 128.89
CA GLY EB 632 33.98 -0.43 128.47
C GLY EB 632 34.94 -0.70 129.59
N LYS EB 633 36.18 -1.02 129.23
CA LYS EB 633 37.25 -1.28 130.18
C LYS EB 633 38.09 -0.03 130.33
N VAL EB 634 38.26 0.44 131.57
CA VAL EB 634 39.08 1.61 131.81
C VAL EB 634 40.53 1.23 131.51
N VAL EB 635 41.18 2.05 130.70
CA VAL EB 635 42.55 1.80 130.27
C VAL EB 635 43.29 3.13 130.26
N GLU EB 636 44.58 3.06 130.56
CA GLU EB 636 45.43 4.23 130.58
C GLU EB 636 45.96 4.55 129.19
N ASN FB 3 -38.64 5.22 31.40
CA ASN FB 3 -39.34 6.45 31.08
C ASN FB 3 -39.68 7.26 32.33
N LYS FB 4 -39.90 6.55 33.43
CA LYS FB 4 -40.21 7.16 34.72
C LYS FB 4 -39.25 6.62 35.77
N LEU FB 5 -39.27 7.27 36.93
CA LEU FB 5 -38.32 6.96 37.98
C LEU FB 5 -38.59 5.60 38.59
N ILE FB 6 -37.63 5.15 39.40
CA ILE FB 6 -37.73 3.91 40.15
C ILE FB 6 -37.59 4.26 41.61
N THR FB 7 -38.74 4.49 42.27
CA THR FB 7 -38.80 4.74 43.69
C THR FB 7 -38.90 3.46 44.51
N ASP FB 8 -38.61 2.31 43.92
CA ASP FB 8 -38.57 1.02 44.59
C ASP FB 8 -37.14 0.52 44.46
N LEU FB 9 -36.28 0.94 45.39
CA LEU FB 9 -34.87 0.64 45.28
C LEU FB 9 -34.56 -0.74 45.84
N SER FB 10 -33.52 -1.34 45.28
CA SER FB 10 -33.13 -2.68 45.69
C SER FB 10 -32.54 -2.64 47.10
N ARG FB 11 -32.84 -3.69 47.85
CA ARG FB 11 -32.51 -3.78 49.26
C ARG FB 11 -31.33 -4.71 49.52
N VAL FB 12 -30.39 -4.77 48.58
CA VAL FB 12 -29.21 -5.64 48.70
C VAL FB 12 -27.93 -4.92 48.34
N PHE FB 13 -28.02 -3.68 47.84
CA PHE FB 13 -26.85 -2.88 47.50
C PHE FB 13 -25.96 -3.60 46.49
N ASP FB 14 -26.47 -3.70 45.27
CA ASP FB 14 -25.71 -4.28 44.19
C ASP FB 14 -25.65 -3.39 42.96
N TYR FB 15 -25.14 -3.95 41.87
CA TYR FB 15 -25.08 -3.23 40.61
C TYR FB 15 -26.45 -2.76 40.18
N ARG FB 16 -27.48 -3.56 40.48
CA ARG FB 16 -28.84 -3.15 40.17
C ARG FB 16 -29.18 -1.86 40.89
N TYR FB 17 -28.86 -1.78 42.18
CA TYR FB 17 -29.17 -0.58 42.96
C TYR FB 17 -28.41 0.62 42.40
N VAL FB 18 -27.13 0.43 42.13
CA VAL FB 18 -26.32 1.56 41.68
C VAL FB 18 -26.81 2.04 40.32
N ASP FB 19 -27.18 1.11 39.44
CA ASP FB 19 -27.67 1.50 38.13
C ASP FB 19 -29.02 2.20 38.26
N GLU FB 20 -29.85 1.76 39.20
CA GLU FB 20 -31.12 2.44 39.42
C GLU FB 20 -30.90 3.87 39.84
N ASN FB 21 -30.00 4.07 40.81
CA ASN FB 21 -29.70 5.43 41.28
C ASN FB 21 -29.14 6.29 40.16
N GLU FB 22 -28.23 5.73 39.38
CA GLU FB 22 -27.60 6.50 38.31
C GLU FB 22 -28.62 6.87 37.24
N TYR FB 23 -29.40 5.89 36.78
CA TYR FB 23 -30.48 6.15 35.83
C TYR FB 23 -31.48 7.14 36.39
N ASN FB 24 -31.72 7.10 37.69
CA ASN FB 24 -32.66 8.01 38.32
C ASN FB 24 -32.17 9.45 38.21
N PHE FB 25 -30.91 9.68 38.53
CA PHE FB 25 -30.40 11.05 38.43
C PHE FB 25 -30.34 11.49 36.97
N LYS FB 26 -29.95 10.59 36.09
CA LYS FB 26 -29.91 10.93 34.67
C LYS FB 26 -31.29 11.31 34.17
N LEU FB 27 -32.31 10.55 34.57
CA LEU FB 27 -33.67 10.84 34.17
C LEU FB 27 -34.14 12.15 34.77
N ILE FB 28 -33.77 12.44 36.00
CA ILE FB 28 -34.19 13.69 36.62
C ILE FB 28 -33.64 14.86 35.82
N SER FB 29 -32.35 14.80 35.49
CA SER FB 29 -31.75 15.87 34.71
C SER FB 29 -32.43 16.01 33.36
N ASP FB 30 -32.67 14.88 32.69
CA ASP FB 30 -33.28 14.91 31.37
C ASP FB 30 -34.69 15.48 31.43
N MET FB 31 -35.48 15.00 32.38
CA MET FB 31 -36.86 15.45 32.49
C MET FB 31 -36.93 16.94 32.83
N LEU FB 32 -36.03 17.40 33.68
CA LEU FB 32 -36.03 18.81 34.06
C LEU FB 32 -35.66 19.69 32.88
N THR FB 33 -34.60 19.34 32.16
CA THR FB 33 -34.23 20.18 31.04
C THR FB 33 -35.28 20.13 29.95
N ASP FB 34 -35.97 19.00 29.81
CA ASP FB 34 -37.10 18.93 28.88
C ASP FB 34 -38.21 19.86 29.31
N PHE FB 35 -38.54 19.89 30.60
CA PHE FB 35 -39.58 20.79 31.09
C PHE FB 35 -39.18 22.25 30.86
N ASN FB 36 -37.91 22.57 31.10
CA ASN FB 36 -37.47 23.95 30.90
C ASN FB 36 -37.57 24.34 29.43
N PHE FB 37 -37.10 23.47 28.54
CA PHE FB 37 -37.21 23.76 27.12
C PHE FB 37 -38.66 23.85 26.69
N SER FB 38 -39.53 23.03 27.29
CA SER FB 38 -40.94 23.06 26.92
C SER FB 38 -41.58 24.37 27.34
N LEU FB 39 -41.26 24.84 28.54
CA LEU FB 39 -41.77 26.12 28.98
C LEU FB 39 -41.26 27.24 28.09
N GLU FB 40 -39.99 27.17 27.71
CA GLU FB 40 -39.44 28.22 26.86
C GLU FB 40 -40.10 28.23 25.50
N TYR FB 41 -40.34 27.05 24.94
CA TYR FB 41 -41.06 26.95 23.68
C TYR FB 41 -42.47 27.51 23.81
N HIS FB 42 -43.14 27.17 24.91
CA HIS FB 42 -44.46 27.70 25.20
C HIS FB 42 -44.43 29.22 25.23
N ARG FB 43 -43.45 29.77 25.90
CA ARG FB 43 -43.41 31.21 26.15
C ARG FB 43 -43.04 31.99 24.90
N ASN FB 44 -42.24 31.40 24.01
CA ASN FB 44 -41.69 32.13 22.87
C ASN FB 44 -42.41 31.80 21.56
N LYS FB 45 -42.48 30.52 21.21
CA LYS FB 45 -42.81 30.11 19.85
C LYS FB 45 -44.04 29.25 19.70
N GLU FB 46 -44.61 28.73 20.78
CA GLU FB 46 -45.73 27.82 20.64
C GLU FB 46 -46.96 28.60 20.17
N VAL FB 47 -47.40 28.30 18.95
CA VAL FB 47 -48.60 28.93 18.43
C VAL FB 47 -49.82 28.38 19.14
N PHE FB 48 -50.74 29.27 19.48
CA PHE FB 48 -51.96 28.91 20.19
C PHE FB 48 -51.61 28.22 21.51
N ALA FB 49 -50.65 28.82 22.22
CA ALA FB 49 -50.27 28.33 23.54
C ALA FB 49 -51.45 28.33 24.49
N HIS FB 50 -52.22 29.41 24.48
CA HIS FB 50 -53.36 29.57 25.35
C HIS FB 50 -54.63 29.73 24.53
N ASN FB 51 -55.72 29.24 25.08
CA ASN FB 51 -57.04 29.50 24.55
C ASN FB 51 -57.45 30.91 24.93
N GLY FB 52 -58.30 31.51 24.10
CA GLY FB 52 -58.64 32.90 24.31
C GLY FB 52 -59.55 33.13 25.49
N GLU FB 53 -60.33 32.11 25.87
CA GLU FB 53 -61.17 32.24 27.05
C GLU FB 53 -60.35 32.44 28.32
N GLN FB 54 -59.09 32.02 28.33
CA GLN FB 54 -58.30 32.03 29.55
C GLN FB 54 -57.96 33.44 29.97
N ILE FB 55 -57.26 34.18 29.10
CA ILE FB 55 -56.57 35.38 29.51
C ILE FB 55 -57.56 36.43 29.99
N LYS FB 56 -57.20 37.11 31.07
CA LYS FB 56 -58.08 38.04 31.74
C LYS FB 56 -57.83 39.46 31.28
N TYR FB 57 -58.91 40.19 31.04
CA TYR FB 57 -58.88 41.61 30.72
C TYR FB 57 -59.55 42.35 31.86
N GLU FB 58 -58.75 43.07 32.64
CA GLU FB 58 -59.21 43.77 33.83
C GLU FB 58 -59.29 45.25 33.53
N HIS FB 59 -60.51 45.75 33.44
CA HIS FB 59 -60.79 47.17 33.40
C HIS FB 59 -60.94 47.64 34.84
N LEU FB 60 -61.48 48.83 35.04
CA LEU FB 60 -61.84 49.24 36.39
C LEU FB 60 -62.88 48.30 36.97
N ASN FB 61 -62.57 47.72 38.13
CA ASN FB 61 -63.51 46.95 38.95
C ASN FB 61 -64.29 45.90 38.16
N VAL FB 62 -63.71 45.44 37.06
CA VAL FB 62 -64.40 44.59 36.10
C VAL FB 62 -63.43 43.51 35.64
N THR FB 63 -63.92 42.29 35.57
CA THR FB 63 -63.12 41.14 35.16
C THR FB 63 -63.84 40.42 34.05
N SER FB 64 -63.08 40.03 33.03
CA SER FB 64 -63.62 39.30 31.90
C SER FB 64 -62.46 38.77 31.10
N SER FB 65 -62.78 37.82 30.22
CA SER FB 65 -61.77 37.20 29.38
C SER FB 65 -61.43 38.17 28.26
N VAL FB 66 -60.70 37.67 27.26
CA VAL FB 66 -60.46 38.41 26.02
C VAL FB 66 -61.38 37.93 24.91
N SER FB 67 -61.64 36.63 24.85
CA SER FB 67 -62.53 36.10 23.82
C SER FB 67 -63.92 36.68 23.96
N ASP FB 68 -64.44 36.71 25.19
CA ASP FB 68 -65.76 37.28 25.44
C ASP FB 68 -65.77 38.75 25.08
N PHE FB 69 -64.74 39.48 25.48
CA PHE FB 69 -64.68 40.91 25.21
C PHE FB 69 -64.60 41.19 23.72
N LEU FB 70 -63.81 40.41 23.00
CA LEU FB 70 -63.69 40.60 21.56
C LEU FB 70 -64.99 40.29 20.85
N THR FB 71 -65.68 39.23 21.28
CA THR FB 71 -66.97 38.92 20.69
C THR FB 71 -67.96 40.05 20.97
N TYR FB 72 -67.84 40.67 22.13
CA TYR FB 72 -68.73 41.78 22.49
C TYR FB 72 -68.43 43.01 21.65
N LEU FB 73 -67.16 43.28 21.41
CA LEU FB 73 -66.78 44.37 20.51
C LEU FB 73 -67.32 44.12 19.11
N ASN FB 74 -67.20 42.89 18.62
CA ASN FB 74 -67.67 42.57 17.29
C ASN FB 74 -69.17 42.68 17.21
N GLY FB 75 -69.87 42.25 18.25
CA GLY FB 75 -71.31 42.39 18.28
C GLY FB 75 -71.74 43.84 18.31
N ARG FB 76 -71.01 44.68 19.04
CA ARG FB 76 -71.29 46.11 19.02
C ARG FB 76 -71.18 46.67 17.63
N PHE FB 77 -70.06 46.37 16.96
CA PHE FB 77 -69.86 46.85 15.61
C PHE FB 77 -70.99 46.39 14.70
N SER FB 78 -71.33 45.10 14.78
CA SER FB 78 -72.34 44.56 13.91
C SER FB 78 -73.69 45.21 14.16
N ASN FB 79 -74.03 45.45 15.43
CA ASN FB 79 -75.30 46.07 15.73
C ASN FB 79 -75.34 47.51 15.26
N MET FB 80 -74.27 48.26 15.52
CA MET FB 80 -74.24 49.66 15.10
C MET FB 80 -74.32 49.78 13.59
N VAL FB 81 -73.79 48.79 12.86
CA VAL FB 81 -73.81 48.88 11.41
C VAL FB 81 -75.14 48.39 10.86
N LEU FB 82 -75.43 47.11 11.02
CA LEU FB 82 -76.58 46.49 10.36
C LEU FB 82 -77.79 46.35 11.28
N GLY FB 83 -77.79 47.03 12.42
CA GLY FB 83 -78.93 47.00 13.32
C GLY FB 83 -79.90 48.12 13.02
N HIS FB 84 -81.16 47.77 12.76
CA HIS FB 84 -82.17 48.79 12.48
C HIS FB 84 -82.34 49.69 13.69
N ASN FB 85 -82.74 50.93 13.43
CA ASN FB 85 -82.85 51.95 14.46
C ASN FB 85 -84.06 52.81 14.19
N GLY FB 86 -84.27 53.78 15.07
CA GLY FB 86 -85.40 54.69 15.01
C GLY FB 86 -86.13 54.77 16.34
N ASP FB 87 -87.04 55.74 16.40
CA ASP FB 87 -87.89 56.07 17.57
C ASP FB 87 -87.18 55.82 18.90
N GLY FB 88 -86.00 56.42 19.03
CA GLY FB 88 -85.20 56.20 20.22
C GLY FB 88 -85.84 56.76 21.48
N ILE FB 89 -86.52 57.89 21.35
CA ILE FB 89 -87.15 58.49 22.53
C ILE FB 89 -88.26 57.59 23.04
N ASN FB 90 -89.07 57.06 22.12
CA ASN FB 90 -90.12 56.13 22.50
C ASN FB 90 -89.51 54.85 23.07
N GLU FB 91 -88.39 54.41 22.50
CA GLU FB 91 -87.72 53.22 23.02
C GLU FB 91 -87.31 53.41 24.48
N VAL FB 92 -86.74 54.57 24.79
CA VAL FB 92 -86.32 54.85 26.16
C VAL FB 92 -87.52 54.97 27.08
N LYS FB 93 -88.56 55.68 26.66
CA LYS FB 93 -89.70 55.87 27.52
C LYS FB 93 -90.46 54.56 27.74
N ASP FB 94 -90.30 53.60 26.83
CA ASP FB 94 -90.86 52.28 27.05
C ASP FB 94 -89.94 51.40 27.89
N ALA FB 95 -88.63 51.57 27.75
CA ALA FB 95 -87.68 50.86 28.58
C ALA FB 95 -87.77 51.27 30.04
N ARG FB 96 -88.33 52.45 30.31
CA ARG FB 96 -88.55 52.88 31.69
C ARG FB 96 -89.32 51.87 32.52
N VAL FB 97 -90.11 51.00 31.91
CA VAL FB 97 -90.91 50.03 32.66
C VAL FB 97 -90.04 48.85 33.06
N ASP FB 98 -90.36 48.25 34.19
CA ASP FB 98 -89.62 47.11 34.71
C ASP FB 98 -90.29 45.82 34.27
N ASN FB 99 -89.65 44.70 34.63
CA ASN FB 99 -90.02 43.38 34.13
C ASN FB 99 -91.07 42.70 34.99
N THR FB 100 -91.88 43.48 35.70
CA THR FB 100 -93.00 42.98 36.49
C THR FB 100 -94.31 43.68 36.22
N GLY FB 101 -94.30 44.87 35.61
CA GLY FB 101 -95.51 45.59 35.27
C GLY FB 101 -95.67 46.90 36.01
N TYR FB 102 -94.56 47.57 36.30
CA TYR FB 102 -94.55 48.85 37.01
C TYR FB 102 -93.71 49.83 36.20
N ASP FB 103 -94.34 50.94 35.81
CA ASP FB 103 -93.68 51.94 34.98
C ASP FB 103 -92.95 52.93 35.90
N HIS FB 104 -91.63 52.85 35.92
CA HIS FB 104 -90.84 53.78 36.72
C HIS FB 104 -90.96 55.18 36.13
N LYS FB 105 -90.30 56.13 36.80
CA LYS FB 105 -90.30 57.51 36.36
C LYS FB 105 -89.20 57.83 35.38
N THR FB 106 -88.04 57.19 35.53
CA THR FB 106 -86.89 57.43 34.68
C THR FB 106 -86.13 56.14 34.45
N LEU FB 107 -85.40 56.10 33.34
CA LEU FB 107 -84.66 54.90 32.97
C LEU FB 107 -83.56 54.61 33.98
N GLN FB 108 -82.84 55.64 34.42
CA GLN FB 108 -81.76 55.42 35.37
C GLN FB 108 -82.31 54.91 36.70
N ASP FB 109 -83.44 55.45 37.12
CA ASP FB 109 -84.04 54.99 38.38
C ASP FB 109 -84.49 53.55 38.26
N ARG FB 110 -85.04 53.19 37.09
CA ARG FB 110 -85.44 51.82 36.86
C ARG FB 110 -84.24 50.88 36.94
N LEU FB 111 -83.18 51.22 36.21
CA LEU FB 111 -81.98 50.39 36.20
C LEU FB 111 -81.42 50.26 37.62
N TYR FB 112 -81.42 51.37 38.37
CA TYR FB 112 -80.92 51.34 39.72
C TYR FB 112 -81.75 50.41 40.59
N HIS FB 113 -83.07 50.50 40.50
CA HIS FB 113 -83.93 49.65 41.30
C HIS FB 113 -83.70 48.19 40.96
N ASP FB 114 -83.59 47.88 39.67
CA ASP FB 114 -83.40 46.50 39.26
C ASP FB 114 -82.08 45.95 39.80
N TYR FB 115 -81.00 46.71 39.62
CA TYR FB 115 -79.71 46.23 40.08
C TYR FB 115 -79.63 46.16 41.60
N SER FB 116 -80.31 47.07 42.30
CA SER FB 116 -80.31 47.00 43.75
C SER FB 116 -81.10 45.79 44.23
N THR FB 117 -82.20 45.47 43.57
CA THR FB 117 -82.95 44.27 43.89
C THR FB 117 -82.09 43.04 43.73
N LEU FB 118 -81.38 42.94 42.60
CA LEU FB 118 -80.54 41.78 42.36
C LEU FB 118 -79.41 41.70 43.39
N ASP FB 119 -78.79 42.84 43.70
CA ASP FB 119 -77.70 42.84 44.67
C ASP FB 119 -78.21 42.44 46.05
N ALA FB 120 -79.40 42.90 46.43
CA ALA FB 120 -79.93 42.53 47.73
C ALA FB 120 -80.25 41.05 47.80
N PHE FB 121 -80.85 40.51 46.73
CA PHE FB 121 -81.12 39.08 46.71
C PHE FB 121 -79.85 38.27 46.80
N THR FB 122 -78.82 38.69 46.07
CA THR FB 122 -77.57 37.96 46.08
C THR FB 122 -76.89 38.04 47.44
N LYS FB 123 -76.94 39.21 48.08
CA LYS FB 123 -76.30 39.34 49.38
C LYS FB 123 -77.05 38.57 50.44
N LYS FB 124 -78.37 38.48 50.33
CA LYS FB 124 -79.14 37.65 51.24
C LYS FB 124 -78.77 36.18 51.07
N VAL FB 125 -78.68 35.73 49.82
CA VAL FB 125 -78.23 34.36 49.54
C VAL FB 125 -76.85 34.14 50.12
N GLU FB 126 -75.98 35.13 49.99
CA GLU FB 126 -74.60 34.98 50.46
C GLU FB 126 -74.53 34.90 51.96
N LYS FB 127 -75.34 35.70 52.66
CA LYS FB 127 -75.38 35.62 54.11
C LYS FB 127 -75.89 34.26 54.55
N ALA FB 128 -76.91 33.75 53.86
CA ALA FB 128 -77.42 32.43 54.19
C ALA FB 128 -76.34 31.37 53.97
N VAL FB 129 -75.57 31.52 52.90
CA VAL FB 129 -74.52 30.55 52.61
C VAL FB 129 -73.44 30.60 53.68
N ASP FB 130 -73.02 31.81 54.06
CA ASP FB 130 -71.99 31.94 55.09
C ASP FB 130 -72.46 31.38 56.41
N GLU FB 131 -73.71 31.67 56.78
CA GLU FB 131 -74.25 31.14 58.03
C GLU FB 131 -74.31 29.62 57.99
N ASN FB 132 -74.78 29.05 56.89
CA ASN FB 132 -74.86 27.61 56.76
C ASN FB 132 -73.48 26.98 56.86
N TYR FB 133 -72.49 27.60 56.21
CA TYR FB 133 -71.13 27.06 56.26
C TYR FB 133 -70.55 27.14 57.66
N LYS FB 134 -70.78 28.27 58.34
CA LYS FB 134 -70.25 28.43 59.68
C LYS FB 134 -70.90 27.44 60.64
N GLU FB 135 -72.20 27.19 60.47
CA GLU FB 135 -72.87 26.20 61.30
C GLU FB 135 -72.31 24.82 61.04
N TYR FB 136 -72.04 24.50 59.78
CA TYR FB 136 -71.47 23.21 59.45
C TYR FB 136 -70.09 23.06 60.06
N ARG FB 137 -69.27 24.10 60.00
CA ARG FB 137 -67.95 24.04 60.62
C ARG FB 137 -68.06 23.87 62.12
N ALA FB 138 -68.95 24.62 62.76
CA ALA FB 138 -69.07 24.54 64.21
C ALA FB 138 -69.65 23.21 64.66
N THR FB 139 -70.37 22.52 63.79
CA THR FB 139 -70.84 21.18 64.12
C THR FB 139 -69.79 20.11 63.82
N GLU FB 140 -68.97 20.33 62.79
CA GLU FB 140 -67.99 19.32 62.39
C GLU FB 140 -66.73 19.42 63.23
N TYR FB 141 -66.02 20.53 63.11
CA TYR FB 141 -64.80 20.75 63.88
C TYR FB 141 -65.11 21.37 65.22
N ARG FB 142 -66.04 20.77 65.96
CA ARG FB 142 -66.45 21.35 67.23
C ARG FB 142 -65.42 21.02 68.28
N PHE FB 143 -64.97 22.05 68.99
CA PHE FB 143 -64.05 21.89 70.11
C PHE FB 143 -64.48 22.94 71.13
N GLU FB 144 -65.30 22.51 72.08
CA GLU FB 144 -65.85 23.36 73.13
C GLU FB 144 -65.67 22.64 74.46
N PRO FB 145 -64.48 22.74 75.06
CA PRO FB 145 -64.28 22.14 76.39
C PRO FB 145 -65.06 22.79 77.51
N LYS FB 146 -65.86 23.83 77.24
CA LYS FB 146 -66.88 24.24 78.20
C LYS FB 146 -67.89 23.12 78.43
N GLU FB 147 -68.10 22.31 77.41
CA GLU FB 147 -69.11 21.29 77.33
C GLU FB 147 -68.43 20.11 76.65
N GLN FB 148 -69.18 19.26 75.95
CA GLN FB 148 -68.59 18.11 75.27
C GLN FB 148 -68.02 17.15 76.29
N GLU FB 149 -68.92 16.48 77.02
CA GLU FB 149 -68.61 15.44 77.99
C GLU FB 149 -67.52 14.52 77.46
N PRO FB 150 -66.62 14.06 78.31
CA PRO FB 150 -65.42 13.37 77.81
C PRO FB 150 -65.74 11.98 77.31
N GLU FB 151 -64.73 11.38 76.70
CA GLU FB 151 -64.80 10.02 76.20
C GLU FB 151 -63.56 9.29 76.65
N PHE FB 152 -63.74 8.07 77.15
CA PHE FB 152 -62.60 7.23 77.48
C PHE FB 152 -61.75 7.03 76.24
N ILE FB 153 -60.45 6.84 76.46
CA ILE FB 153 -59.51 6.62 75.36
C ILE FB 153 -58.84 5.27 75.60
N THR FB 154 -58.14 5.15 76.71
CA THR FB 154 -57.36 3.97 76.98
C THR FB 154 -57.01 3.94 78.46
N ASP FB 155 -56.23 2.95 78.83
CA ASP FB 155 -55.82 2.72 80.21
C ASP FB 155 -54.34 2.35 80.19
N LEU FB 156 -53.66 2.69 81.26
CA LEU FB 156 -52.20 2.65 81.30
C LEU FB 156 -51.73 1.58 82.27
N SER FB 157 -50.67 0.90 81.89
CA SER FB 157 -50.15 -0.25 82.63
C SER FB 157 -48.65 -0.11 82.83
N PRO FB 158 -48.22 0.93 83.53
CA PRO FB 158 -46.80 1.05 83.86
C PRO FB 158 -46.43 0.16 85.01
N TYR FB 159 -45.14 -0.15 85.09
CA TYR FB 159 -44.60 -0.97 86.18
C TYR FB 159 -44.00 -0.04 87.23
N THR FB 160 -44.91 0.62 87.94
CA THR FB 160 -44.53 1.47 89.06
C THR FB 160 -45.75 1.71 89.94
N ASN FB 161 -45.57 1.60 91.24
CA ASN FB 161 -46.65 1.78 92.20
C ASN FB 161 -46.62 3.20 92.76
N ALA FB 162 -46.86 4.15 91.86
CA ALA FB 162 -46.91 5.56 92.24
C ALA FB 162 -47.87 6.29 91.33
N VAL FB 163 -48.37 7.42 91.83
CA VAL FB 163 -49.37 8.17 91.09
C VAL FB 163 -48.71 8.86 89.90
N MET FB 164 -49.26 8.62 88.72
CA MET FB 164 -48.79 9.27 87.51
C MET FB 164 -48.96 10.78 87.63
N GLN FB 165 -48.05 11.51 87.00
CA GLN FB 165 -47.97 12.96 87.18
C GLN FB 165 -47.93 13.70 85.86
N SER FB 166 -47.54 13.04 84.77
CA SER FB 166 -47.73 13.66 83.47
C SER FB 166 -47.84 12.61 82.38
N PHE FB 167 -48.38 13.03 81.25
CA PHE FB 167 -48.94 12.11 80.26
C PHE FB 167 -48.92 12.79 78.90
N TRP FB 168 -48.00 12.38 78.04
CA TRP FB 168 -47.90 12.91 76.68
C TRP FB 168 -48.02 11.80 75.67
N VAL FB 169 -48.61 12.13 74.53
CA VAL FB 169 -48.77 11.23 73.40
C VAL FB 169 -47.95 11.78 72.24
N ASP FB 170 -47.39 10.88 71.46
CA ASP FB 170 -46.55 11.25 70.33
C ASP FB 170 -47.35 11.07 69.04
N PRO FB 171 -47.80 12.15 68.38
CA PRO FB 171 -48.59 11.96 67.17
C PRO FB 171 -47.85 11.30 66.03
N ARG FB 172 -46.52 11.29 66.06
CA ARG FB 172 -45.73 10.76 64.95
C ARG FB 172 -45.53 9.27 65.04
N THR FB 173 -45.69 8.68 66.23
CA THR FB 173 -45.53 7.24 66.40
C THR FB 173 -46.56 6.61 67.33
N LYS FB 174 -47.46 7.40 67.92
CA LYS FB 174 -48.56 6.86 68.71
C LYS FB 174 -48.06 6.10 69.92
N ILE FB 175 -47.09 6.70 70.62
CA ILE FB 175 -46.47 6.14 71.80
C ILE FB 175 -46.67 7.13 72.94
N ILE FB 176 -46.88 6.61 74.14
CA ILE FB 176 -47.15 7.43 75.32
C ILE FB 176 -45.87 7.52 76.14
N TYR FB 177 -45.66 8.70 76.72
CA TYR FB 177 -44.62 8.95 77.69
C TYR FB 177 -45.31 9.38 78.98
N MET FB 178 -45.03 8.68 80.07
CA MET FB 178 -45.81 8.76 81.29
C MET FB 178 -44.86 8.93 82.45
N THR FB 179 -44.88 10.10 83.08
CA THR FB 179 -43.95 10.45 84.14
C THR FB 179 -44.60 10.26 85.50
N GLN FB 180 -43.99 9.41 86.32
CA GLN FB 180 -44.32 9.23 87.72
C GLN FB 180 -43.15 9.70 88.57
N ALA FB 181 -43.46 10.11 89.79
CA ALA FB 181 -42.46 10.56 90.76
C ALA FB 181 -42.19 9.43 91.73
N ARG FB 182 -40.94 8.95 91.77
CA ARG FB 182 -40.65 7.80 92.58
C ARG FB 182 -40.62 8.23 94.05
N PRO FB 183 -40.53 7.27 94.98
CA PRO FB 183 -40.50 7.62 96.41
C PRO FB 183 -39.47 8.67 96.78
N GLY FB 184 -38.29 8.63 96.18
CA GLY FB 184 -37.32 9.68 96.38
C GLY FB 184 -37.69 10.94 95.61
N ASN FB 185 -36.73 11.86 95.58
CA ASN FB 185 -36.89 13.04 94.71
C ASN FB 185 -37.00 12.62 93.25
N HIS FB 186 -36.18 11.66 92.83
CA HIS FB 186 -36.08 11.25 91.44
C HIS FB 186 -37.43 10.82 90.87
N TYR FB 187 -37.46 10.74 89.54
CA TYR FB 187 -38.69 10.37 88.86
C TYR FB 187 -38.36 9.42 87.73
N MET FB 188 -39.39 8.89 87.09
CA MET FB 188 -39.21 7.96 85.99
C MET FB 188 -40.29 8.17 84.97
N LEU FB 189 -39.89 8.18 83.71
CA LEU FB 189 -40.81 8.26 82.59
C LEU FB 189 -40.79 6.93 81.85
N SER FB 190 -41.97 6.34 81.71
CA SER FB 190 -42.15 5.10 81.01
C SER FB 190 -42.69 5.37 79.63
N ARG FB 191 -42.03 4.83 78.63
CA ARG FB 191 -42.47 4.89 77.24
C ARG FB 191 -43.18 3.59 76.93
N LEU FB 192 -44.38 3.70 76.35
CA LEU FB 192 -45.23 2.53 76.20
C LEU FB 192 -46.22 2.67 75.06
N LYS FB 193 -46.95 1.59 74.83
CA LYS FB 193 -47.72 1.38 73.62
C LYS FB 193 -49.03 2.17 73.69
N PRO FB 194 -49.73 2.31 72.55
CA PRO FB 194 -50.98 3.06 72.56
C PRO FB 194 -52.06 2.44 73.42
N ASN FB 195 -52.13 1.11 73.46
CA ASN FB 195 -53.14 0.46 74.30
C ASN FB 195 -52.77 0.52 75.77
N GLY FB 196 -51.49 0.51 76.08
CA GLY FB 196 -51.01 0.51 77.45
C GLY FB 196 -49.91 -0.49 77.72
N GLN FB 197 -49.53 -1.30 76.74
CA GLN FB 197 -48.48 -2.28 76.95
C GLN FB 197 -47.15 -1.56 77.18
N PHE FB 198 -46.57 -1.77 78.35
CA PHE FB 198 -45.27 -1.22 78.68
C PHE FB 198 -44.23 -1.62 77.65
N ILE FB 199 -43.28 -0.71 77.39
CA ILE FB 199 -42.20 -0.96 76.45
C ILE FB 199 -40.87 -0.80 77.17
N ASP FB 200 -40.59 0.40 77.69
CA ASP FB 200 -39.35 0.62 78.40
C ASP FB 200 -39.50 1.83 79.30
N ARG FB 201 -38.43 2.12 80.05
CA ARG FB 201 -38.47 3.19 81.05
C ARG FB 201 -37.14 3.91 81.10
N LEU FB 202 -37.18 5.09 81.71
CA LEU FB 202 -35.98 5.87 81.97
C LEU FB 202 -36.14 6.52 83.32
N LEU FB 203 -35.16 6.29 84.19
CA LEU FB 203 -35.15 6.79 85.55
C LEU FB 203 -34.30 8.05 85.57
N VAL FB 204 -34.95 9.20 85.67
CA VAL FB 204 -34.26 10.46 85.83
C VAL FB 204 -33.91 10.57 87.30
N LYS FB 205 -32.65 10.31 87.61
CA LYS FB 205 -32.17 10.39 88.97
C LYS FB 205 -31.92 11.84 89.32
N ASN FB 206 -32.39 12.22 90.50
CA ASN FB 206 -32.31 13.59 90.98
C ASN FB 206 -33.07 14.53 90.04
N GLY FB 207 -34.28 14.13 89.68
CA GLY FB 207 -35.24 15.03 89.09
C GLY FB 207 -36.22 15.43 90.18
N GLY FB 208 -37.10 16.35 89.83
CA GLY FB 208 -38.10 16.83 90.76
C GLY FB 208 -39.35 15.98 90.73
N HIS FB 209 -40.46 16.58 91.14
CA HIS FB 209 -41.75 15.94 90.96
C HIS FB 209 -42.04 15.68 89.49
N GLY FB 210 -41.47 16.50 88.61
CA GLY FB 210 -41.63 16.33 87.18
C GLY FB 210 -43.08 16.36 86.75
N THR FB 211 -43.77 17.44 87.12
CA THR FB 211 -45.21 17.46 86.94
C THR FB 211 -45.59 17.59 85.47
N HIS FB 212 -44.65 18.06 84.63
CA HIS FB 212 -44.81 17.96 83.18
C HIS FB 212 -43.51 18.29 82.49
N ASN FB 213 -43.12 17.45 81.55
CA ASN FB 213 -42.04 17.73 80.62
C ASN FB 213 -42.63 18.23 79.30
N ALA FB 214 -41.74 18.70 78.43
CA ALA FB 214 -42.10 19.04 77.07
C ALA FB 214 -41.41 18.10 76.10
N TYR FB 215 -42.12 17.73 75.04
CA TYR FB 215 -41.65 16.75 74.08
C TYR FB 215 -41.68 17.40 72.71
N ARG FB 216 -40.51 17.59 72.11
CA ARG FB 216 -40.34 18.37 70.91
C ARG FB 216 -39.73 17.53 69.81
N TYR FB 217 -40.14 17.81 68.58
CA TYR FB 217 -39.56 17.23 67.38
C TYR FB 217 -38.92 18.37 66.61
N ILE FB 218 -37.66 18.66 66.94
CA ILE FB 218 -36.90 19.64 66.17
C ILE FB 218 -36.80 19.19 64.72
N GLY FB 219 -36.57 17.90 64.52
CA GLY FB 219 -36.52 17.31 63.21
C GLY FB 219 -37.22 15.97 63.22
N ASN FB 220 -36.48 14.93 62.82
CA ASN FB 220 -36.96 13.57 62.84
C ASN FB 220 -36.67 12.84 64.15
N GLU FB 221 -36.36 13.57 65.22
CA GLU FB 221 -35.97 12.98 66.49
C GLU FB 221 -36.58 13.76 67.63
N LEU FB 222 -36.77 13.06 68.75
CA LEU FB 222 -37.55 13.55 69.88
C LEU FB 222 -36.62 13.99 70.99
N TRP FB 223 -36.65 15.28 71.29
CA TRP FB 223 -35.96 15.85 72.43
C TRP FB 223 -36.97 16.10 73.54
N ILE FB 224 -36.47 16.04 74.77
CA ILE FB 224 -37.30 16.14 75.97
C ILE FB 224 -36.71 17.27 76.81
N TYR FB 225 -37.54 18.24 77.13
CA TYR FB 225 -37.19 19.32 78.03
C TYR FB 225 -37.81 19.02 79.39
N SER FB 226 -37.02 19.14 80.44
CA SER FB 226 -37.49 18.83 81.78
C SER FB 226 -36.87 19.79 82.78
N ALA FB 227 -37.30 19.62 84.02
CA ALA FB 227 -36.94 20.47 85.13
C ALA FB 227 -36.20 19.60 86.14
N VAL FB 228 -34.89 19.48 85.94
CA VAL FB 228 -34.06 18.58 86.72
C VAL FB 228 -33.16 19.43 87.59
N LEU FB 229 -33.06 19.05 88.85
CA LEU FB 229 -32.25 19.74 89.85
C LEU FB 229 -30.98 18.96 90.12
N ASP FB 230 -29.84 19.64 90.10
CA ASP FB 230 -28.56 18.98 90.25
C ASP FB 230 -28.41 18.53 91.71
N ALA FB 231 -27.27 17.90 92.01
CA ALA FB 231 -26.98 17.39 93.35
C ALA FB 231 -26.88 18.48 94.41
N ASN FB 232 -26.82 19.76 94.02
CA ASN FB 232 -26.80 20.86 94.96
C ASN FB 232 -28.16 21.51 95.13
N GLU FB 233 -29.24 20.81 94.75
CA GLU FB 233 -30.61 21.32 94.85
C GLU FB 233 -30.75 22.69 94.16
N ASN FB 234 -30.31 22.73 92.91
CA ASN FB 234 -30.45 23.91 92.05
C ASN FB 234 -31.23 23.49 90.81
N ASN FB 235 -32.44 24.03 90.68
CA ASN FB 235 -33.31 23.65 89.57
C ASN FB 235 -32.69 24.09 88.25
N LYS FB 236 -32.93 23.29 87.21
CA LYS FB 236 -32.34 23.55 85.91
C LYS FB 236 -33.25 23.03 84.81
N PHE FB 237 -33.41 23.86 83.77
CA PHE FB 237 -34.20 23.50 82.61
C PHE FB 237 -33.27 22.85 81.60
N VAL FB 238 -33.48 21.55 81.37
CA VAL FB 238 -32.47 20.73 80.73
C VAL FB 238 -33.08 19.92 79.59
N ARG FB 239 -32.30 19.79 78.53
CA ARG FB 239 -32.68 19.16 77.29
C ARG FB 239 -31.96 17.82 77.17
N PHE FB 240 -32.68 16.79 76.75
CA PHE FB 240 -32.03 15.49 76.57
C PHE FB 240 -32.86 14.64 75.61
N GLN FB 241 -32.44 13.38 75.48
CA GLN FB 241 -33.05 12.43 74.58
C GLN FB 241 -33.48 11.21 75.36
N TYR FB 242 -34.37 10.43 74.77
CA TYR FB 242 -34.86 9.24 75.43
C TYR FB 242 -33.90 8.08 75.23
N ARG FB 243 -33.80 7.24 76.26
CA ARG FB 243 -33.13 5.96 76.17
C ARG FB 243 -33.61 5.11 77.32
N THR FB 244 -33.28 3.82 77.25
CA THR FB 244 -33.75 2.86 78.24
C THR FB 244 -32.73 2.76 79.37
N GLY FB 245 -33.20 2.91 80.60
CA GLY FB 245 -32.37 2.70 81.78
C GLY FB 245 -32.40 3.84 82.78
N GLU FB 246 -31.24 4.45 83.01
CA GLU FB 246 -31.10 5.50 84.01
C GLU FB 246 -30.33 6.67 83.41
N ILE FB 247 -30.57 7.85 83.98
CA ILE FB 247 -29.93 9.07 83.53
C ILE FB 247 -29.85 10.03 84.70
N THR FB 248 -28.70 10.65 84.87
CA THR FB 248 -28.48 11.66 85.90
C THR FB 248 -28.09 12.96 85.24
N TYR FB 249 -28.23 14.05 85.99
CA TYR FB 249 -27.82 15.34 85.49
C TYR FB 249 -26.32 15.36 85.27
N GLY FB 250 -25.91 15.97 84.16
CA GLY FB 250 -24.52 15.92 83.76
C GLY FB 250 -24.36 16.37 82.33
N ASN FB 251 -23.22 16.00 81.75
CA ASN FB 251 -22.94 16.36 80.37
C ASN FB 251 -23.70 15.50 79.37
N GLU FB 252 -24.34 14.42 79.83
CA GLU FB 252 -25.18 13.62 78.95
C GLU FB 252 -26.44 14.36 78.54
N MET FB 253 -26.86 15.35 79.32
CA MET FB 253 -28.07 16.12 79.07
C MET FB 253 -27.73 17.59 79.15
N GLN FB 254 -27.76 18.25 78.00
CA GLN FB 254 -27.38 19.66 77.92
C GLN FB 254 -28.58 20.55 78.24
N ASP FB 255 -28.27 21.76 78.67
CA ASP FB 255 -29.28 22.75 79.00
C ASP FB 255 -29.41 23.75 77.87
N VAL FB 256 -30.59 24.32 77.74
CA VAL FB 256 -30.89 25.21 76.62
C VAL FB 256 -30.42 26.63 76.91
N MET FB 257 -30.66 27.13 78.11
CA MET FB 257 -30.44 28.53 78.44
C MET FB 257 -30.23 28.64 79.94
N PRO FB 258 -29.01 28.41 80.43
CA PRO FB 258 -28.82 28.38 81.90
C PRO FB 258 -28.98 29.74 82.54
N ASN FB 259 -28.50 30.80 81.90
CA ASN FB 259 -28.54 32.12 82.51
C ASN FB 259 -29.95 32.67 82.65
N ILE FB 260 -30.95 32.05 82.03
CA ILE FB 260 -32.32 32.52 82.07
C ILE FB 260 -33.23 31.55 82.82
N PHE FB 261 -32.98 30.25 82.71
CA PHE FB 261 -33.85 29.22 83.24
C PHE FB 261 -33.18 28.43 84.36
N ASN FB 262 -32.48 29.11 85.26
CA ASN FB 262 -31.94 28.49 86.46
C ASN FB 262 -32.26 29.26 87.73
N ASP FB 263 -33.01 30.35 87.64
CA ASP FB 263 -33.34 31.12 88.83
C ASP FB 263 -34.43 30.43 89.64
N ARG FB 264 -35.51 29.99 88.97
CA ARG FB 264 -36.67 29.41 89.61
C ARG FB 264 -36.96 28.05 89.01
N TYR FB 265 -37.81 27.29 89.69
CA TYR FB 265 -38.28 26.01 89.18
C TYR FB 265 -39.15 26.27 87.96
N THR FB 266 -38.65 25.90 86.79
CA THR FB 266 -39.36 26.08 85.53
C THR FB 266 -39.53 24.76 84.83
N SER FB 267 -40.71 24.57 84.24
CA SER FB 267 -41.06 23.39 83.47
C SER FB 267 -41.91 23.84 82.30
N ALA FB 268 -41.70 23.22 81.14
CA ALA FB 268 -42.24 23.72 79.90
C ALA FB 268 -43.23 22.75 79.28
N ILE FB 269 -44.03 23.28 78.37
CA ILE FB 269 -44.78 22.47 77.42
C ILE FB 269 -44.76 23.15 76.05
N TYR FB 270 -44.77 22.34 75.00
CA TYR FB 270 -44.57 22.78 73.63
C TYR FB 270 -45.82 22.51 72.80
N ASN FB 271 -46.10 23.42 71.88
CA ASN FB 271 -47.23 23.31 70.97
C ASN FB 271 -46.71 23.45 69.54
N PRO FB 272 -46.79 22.41 68.70
CA PRO FB 272 -46.19 22.52 67.37
C PRO FB 272 -47.06 23.18 66.32
N ILE FB 273 -48.35 23.42 66.61
CA ILE FB 273 -49.23 24.03 65.62
C ILE FB 273 -48.73 25.43 65.30
N GLU FB 274 -48.44 26.21 66.33
CA GLU FB 274 -47.82 27.53 66.20
C GLU FB 274 -46.38 27.55 66.70
N ASN FB 275 -45.85 26.41 67.15
CA ASN FB 275 -44.43 26.26 67.43
C ASN FB 275 -44.00 27.15 68.59
N LEU FB 276 -44.75 27.08 69.69
CA LEU FB 276 -44.50 27.87 70.88
C LEU FB 276 -44.19 26.96 72.05
N MET FB 277 -43.78 27.60 73.15
CA MET FB 277 -43.34 26.90 74.34
C MET FB 277 -43.69 27.77 75.53
N ILE FB 278 -44.54 27.27 76.41
CA ILE FB 278 -44.94 28.01 77.61
C ILE FB 278 -44.26 27.38 78.81
N PHE FB 279 -43.66 28.22 79.64
CA PHE FB 279 -42.89 27.82 80.81
C PHE FB 279 -43.66 28.25 82.04
N ARG FB 280 -43.94 27.30 82.93
CA ARG FB 280 -44.70 27.51 84.15
C ARG FB 280 -43.67 27.69 85.27
N ARG FB 281 -43.11 28.88 85.36
CA ARG FB 281 -42.08 29.16 86.35
C ARG FB 281 -42.70 29.50 87.70
N GLU FB 282 -42.15 28.90 88.73
CA GLU FB 282 -42.57 29.16 90.10
C GLU FB 282 -42.06 30.51 90.55
N TYR FB 283 -42.68 31.03 91.61
CA TYR FB 283 -42.20 32.22 92.29
C TYR FB 283 -41.45 31.80 93.53
N LYS FB 284 -40.75 32.74 94.15
CA LYS FB 284 -40.06 32.48 95.39
C LYS FB 284 -40.85 32.99 96.58
N ALA FB 285 -40.58 32.36 97.74
CA ALA FB 285 -41.25 32.63 99.00
C ALA FB 285 -41.29 34.12 99.36
N SER FB 286 -40.33 34.91 98.87
CA SER FB 286 -40.33 36.34 99.15
C SER FB 286 -41.51 37.04 98.47
N GLU FB 287 -41.70 36.79 97.18
CA GLU FB 287 -42.69 37.51 96.38
C GLU FB 287 -43.99 36.74 96.21
N ARG FB 288 -44.13 35.57 96.86
CA ARG FB 288 -45.40 34.84 96.82
C ARG FB 288 -46.57 35.74 97.19
N GLN FB 289 -46.56 36.28 98.40
CA GLN FB 289 -47.69 37.06 98.88
C GLN FB 289 -47.83 38.39 98.15
N LEU FB 290 -46.72 38.92 97.63
CA LEU FB 290 -46.79 40.15 96.87
C LEU FB 290 -47.52 39.96 95.55
N LYS FB 291 -47.26 38.85 94.86
CA LYS FB 291 -47.93 38.57 93.59
C LYS FB 291 -49.25 37.84 93.75
N ASN FB 292 -49.51 37.23 94.91
CA ASN FB 292 -50.72 36.45 95.14
C ASN FB 292 -50.85 35.33 94.13
N SER FB 293 -49.73 34.72 93.75
CA SER FB 293 -49.73 33.65 92.77
C SER FB 293 -48.44 32.87 92.88
N LEU FB 294 -48.56 31.55 93.08
CA LEU FB 294 -47.39 30.70 93.22
C LEU FB 294 -46.66 30.46 91.91
N ASN FB 295 -47.34 30.61 90.78
CA ASN FB 295 -46.80 30.27 89.47
C ASN FB 295 -47.16 31.33 88.45
N PHE FB 296 -46.29 31.45 87.44
CA PHE FB 296 -46.61 32.29 86.30
C PHE FB 296 -46.14 31.60 85.03
N VAL FB 297 -46.95 31.72 84.00
CA VAL FB 297 -46.68 31.17 82.69
C VAL FB 297 -46.12 32.26 81.81
N GLU FB 298 -45.09 31.92 81.03
CA GLU FB 298 -44.51 32.83 80.06
C GLU FB 298 -44.27 32.09 78.75
N VAL FB 299 -44.67 32.71 77.66
CA VAL FB 299 -44.60 32.10 76.34
C VAL FB 299 -43.31 32.53 75.65
N ARG FB 300 -42.77 31.64 74.82
CA ARG FB 300 -41.63 31.94 73.97
C ARG FB 300 -41.73 31.11 72.71
N SER FB 301 -41.28 31.66 71.60
CA SER FB 301 -41.28 30.90 70.37
C SER FB 301 -40.16 29.86 70.39
N ALA FB 302 -40.37 28.78 69.64
CA ALA FB 302 -39.40 27.69 69.62
C ALA FB 302 -38.07 28.16 69.05
N ASP FB 303 -38.10 29.03 68.04
CA ASP FB 303 -36.85 29.52 67.48
C ASP FB 303 -36.14 30.43 68.46
N ASP FB 304 -36.89 31.29 69.14
CA ASP FB 304 -36.30 32.20 70.11
C ASP FB 304 -35.65 31.43 71.26
N ILE FB 305 -36.28 30.34 71.70
CA ILE FB 305 -35.72 29.57 72.80
C ILE FB 305 -34.59 28.68 72.30
N ASP FB 306 -34.60 28.30 71.03
CA ASP FB 306 -33.48 27.53 70.49
C ASP FB 306 -32.23 28.39 70.44
N LYS FB 307 -32.34 29.59 69.89
CA LYS FB 307 -31.22 30.51 69.85
C LYS FB 307 -31.24 31.38 71.11
N GLY FB 308 -30.35 32.36 71.17
CA GLY FB 308 -30.15 33.13 72.38
C GLY FB 308 -30.94 34.41 72.49
N ILE FB 309 -32.26 34.31 72.58
CA ILE FB 309 -33.11 35.49 72.76
C ILE FB 309 -34.31 35.08 73.59
N ASP FB 310 -34.72 35.97 74.50
CA ASP FB 310 -35.81 35.66 75.43
C ASP FB 310 -37.17 35.84 74.76
N LYS FB 311 -37.50 37.08 74.41
CA LYS FB 311 -38.74 37.42 73.71
C LYS FB 311 -39.97 36.81 74.39
N VAL FB 312 -40.19 37.27 75.62
CA VAL FB 312 -41.42 36.88 76.31
C VAL FB 312 -42.59 37.56 75.60
N LEU FB 313 -43.37 36.75 74.88
CA LEU FB 313 -44.49 37.27 74.11
C LEU FB 313 -45.68 37.57 75.00
N TYR FB 314 -45.93 36.69 75.97
CA TYR FB 314 -47.12 36.77 76.80
C TYR FB 314 -46.80 36.20 78.16
N GLN FB 315 -47.20 36.92 79.20
CA GLN FB 315 -46.91 36.58 80.58
C GLN FB 315 -48.18 36.68 81.40
N MET FB 316 -48.39 35.72 82.28
CA MET FB 316 -49.59 35.66 83.09
C MET FB 316 -49.26 34.96 84.39
N ASP FB 317 -49.98 35.33 85.44
CA ASP FB 317 -49.86 34.69 86.75
C ASP FB 317 -51.08 33.82 87.01
N ILE FB 318 -50.93 32.87 87.93
CA ILE FB 318 -51.98 31.94 88.28
C ILE FB 318 -52.45 32.27 89.69
N PRO FB 319 -53.64 32.86 89.87
CA PRO FB 319 -54.07 33.22 91.22
C PRO FB 319 -54.22 32.00 92.14
N MET FB 320 -54.30 32.31 93.42
CA MET FB 320 -54.49 31.28 94.43
C MET FB 320 -55.86 30.62 94.31
N GLU FB 321 -56.83 31.32 93.72
CA GLU FB 321 -58.13 30.72 93.43
C GLU FB 321 -57.99 29.46 92.58
N TYR FB 322 -56.96 29.42 91.73
CA TYR FB 322 -56.69 28.27 90.88
C TYR FB 322 -55.60 27.37 91.42
N THR FB 323 -54.64 27.93 92.16
CA THR FB 323 -53.52 27.18 92.72
C THR FB 323 -53.65 27.06 94.25
N SER FB 324 -54.86 26.86 94.75
CA SER FB 324 -55.07 26.60 96.17
C SER FB 324 -54.58 25.21 96.53
N ASP FB 325 -54.62 24.90 97.82
CA ASP FB 325 -54.20 23.58 98.28
C ASP FB 325 -55.28 22.54 98.08
N THR FB 326 -56.54 22.93 98.27
CA THR FB 326 -57.64 22.03 97.98
C THR FB 326 -57.74 21.72 96.50
N GLN FB 327 -57.33 22.67 95.66
CA GLN FB 327 -57.27 22.48 94.21
C GLN FB 327 -55.87 22.91 93.78
N PRO FB 328 -54.89 22.03 93.87
CA PRO FB 328 -53.54 22.37 93.44
C PRO FB 328 -53.33 22.12 91.96
N MET FB 329 -52.14 22.47 91.49
CA MET FB 329 -51.81 22.27 90.09
C MET FB 329 -51.60 20.80 89.81
N GLN FB 330 -52.16 20.33 88.70
CA GLN FB 330 -51.91 18.99 88.21
C GLN FB 330 -51.63 18.98 86.71
N GLY FB 331 -52.06 20.01 85.98
CA GLY FB 331 -51.86 20.01 84.55
C GLY FB 331 -51.99 21.35 83.88
N ILE FB 332 -51.26 21.51 82.79
CA ILE FB 332 -51.23 22.72 81.98
C ILE FB 332 -51.24 22.31 80.51
N THR FB 333 -51.91 23.09 79.68
CA THR FB 333 -51.92 22.83 78.24
C THR FB 333 -52.21 24.09 77.46
N TYR FB 334 -51.62 24.20 76.28
CA TYR FB 334 -51.73 25.39 75.44
C TYR FB 334 -52.33 25.02 74.09
N ASP FB 335 -53.26 25.84 73.61
CA ASP FB 335 -53.83 25.65 72.28
C ASP FB 335 -54.58 26.91 71.87
N ALA FB 336 -54.18 27.49 70.75
CA ALA FB 336 -54.86 28.65 70.17
C ALA FB 336 -54.92 29.82 71.14
N GLY FB 337 -53.86 30.02 71.88
CA GLY FB 337 -53.84 31.09 72.87
C GLY FB 337 -54.77 30.88 74.04
N ILE FB 338 -55.34 29.69 74.18
CA ILE FB 338 -56.25 29.37 75.28
C ILE FB 338 -55.51 28.43 76.21
N LEU FB 339 -55.13 28.94 77.38
CA LEU FB 339 -54.40 28.15 78.35
C LEU FB 339 -55.38 27.38 79.21
N TYR FB 340 -55.17 26.07 79.30
CA TYR FB 340 -56.01 25.16 80.07
C TYR FB 340 -55.25 24.74 81.31
N TRP FB 341 -55.94 24.74 82.45
CA TRP FB 341 -55.38 24.43 83.75
C TRP FB 341 -56.27 23.37 84.39
N TYR FB 342 -55.69 22.22 84.69
CA TYR FB 342 -56.41 21.09 85.27
C TYR FB 342 -55.94 20.92 86.68
N THR FB 343 -56.87 20.96 87.63
CA THR FB 343 -56.57 20.86 89.04
C THR FB 343 -57.55 19.90 89.68
N GLY FB 344 -57.12 19.24 90.74
CA GLY FB 344 -57.96 18.28 91.42
C GLY FB 344 -57.32 17.76 92.68
N ASP FB 345 -58.12 17.61 93.72
CA ASP FB 345 -57.57 17.11 94.97
C ASP FB 345 -57.35 15.61 94.86
N SER FB 346 -56.68 15.06 95.85
CA SER FB 346 -56.45 13.63 95.93
C SER FB 346 -57.65 12.89 96.52
N LYS FB 347 -58.82 13.51 96.64
CA LYS FB 347 -60.02 12.87 97.10
C LYS FB 347 -61.22 13.38 96.32
N PRO FB 348 -62.26 12.58 96.15
CA PRO FB 348 -63.41 13.02 95.35
C PRO FB 348 -64.30 14.02 96.04
N ALA FB 349 -64.05 14.35 97.31
CA ALA FB 349 -64.87 15.31 98.01
C ALA FB 349 -64.66 16.71 97.45
N ASN FB 350 -63.41 17.07 97.21
CA ASN FB 350 -63.05 18.35 96.63
C ASN FB 350 -63.03 18.20 95.12
N PRO FB 351 -64.09 18.58 94.40
CA PRO FB 351 -64.19 18.20 92.99
C PRO FB 351 -63.14 18.90 92.16
N ASN FB 352 -62.60 18.17 91.19
CA ASN FB 352 -61.61 18.72 90.31
C ASN FB 352 -62.22 19.83 89.46
N TYR FB 353 -61.37 20.48 88.67
CA TYR FB 353 -61.80 21.59 87.83
C TYR FB 353 -60.82 21.76 86.69
N LEU FB 354 -61.36 21.83 85.48
CA LEU FB 354 -60.61 22.23 84.29
C LEU FB 354 -61.06 23.62 83.92
N GLN FB 355 -60.12 24.56 83.88
CA GLN FB 355 -60.42 25.95 83.59
C GLN FB 355 -59.57 26.38 82.42
N GLY FB 356 -60.23 26.86 81.37
CA GLY FB 356 -59.56 27.39 80.20
C GLY FB 356 -59.75 28.89 80.15
N PHE FB 357 -58.70 29.59 79.72
CA PHE FB 357 -58.80 31.03 79.65
C PHE FB 357 -57.72 31.61 78.75
N ASP FB 358 -58.07 32.70 78.09
CA ASP FB 358 -57.18 33.34 77.13
C ASP FB 358 -55.95 33.86 77.85
N ILE FB 359 -54.81 33.76 77.17
CA ILE FB 359 -53.54 34.21 77.74
C ILE FB 359 -53.28 35.66 77.38
N LYS FB 360 -53.72 36.10 76.20
CA LYS FB 360 -53.42 37.45 75.74
C LYS FB 360 -54.06 38.49 76.65
N THR FB 361 -55.27 38.21 77.13
CA THR FB 361 -56.05 39.16 77.89
C THR FB 361 -56.02 38.91 79.40
N LYS FB 362 -55.54 37.74 79.83
CA LYS FB 362 -55.45 37.40 81.25
C LYS FB 362 -56.83 37.49 81.93
N GLU FB 363 -57.70 36.57 81.52
CA GLU FB 363 -59.09 36.57 81.93
C GLU FB 363 -59.47 35.16 82.37
N LEU FB 364 -60.77 34.90 82.50
CA LEU FB 364 -61.30 33.56 82.75
C LEU FB 364 -62.37 33.29 81.70
N LEU FB 365 -62.06 32.44 80.73
CA LEU FB 365 -63.04 32.08 79.72
C LEU FB 365 -64.08 31.13 80.30
N PHE FB 366 -63.62 30.06 80.96
CA PHE FB 366 -64.56 29.09 81.51
C PHE FB 366 -63.87 28.19 82.50
N LYS FB 367 -64.68 27.52 83.29
CA LYS FB 367 -64.21 26.46 84.17
C LYS FB 367 -65.35 25.49 84.40
N ARG FB 368 -65.01 24.20 84.46
CA ARG FB 368 -66.00 23.16 84.60
C ARG FB 368 -65.51 22.06 85.52
N ARG FB 369 -66.46 21.41 86.15
CA ARG FB 369 -66.25 20.18 86.88
C ARG FB 369 -66.45 19.02 85.92
N ILE FB 370 -65.65 17.97 86.08
CA ILE FB 370 -65.76 16.79 85.24
C ILE FB 370 -65.45 15.56 86.07
N ASP FB 371 -66.35 14.58 86.02
CA ASP FB 371 -66.22 13.32 86.75
C ASP FB 371 -65.49 12.35 85.83
N ILE FB 372 -64.18 12.36 85.93
CA ILE FB 372 -63.32 11.51 85.12
C ILE FB 372 -62.98 10.25 85.92
N GLY FB 373 -63.13 9.11 85.27
CA GLY FB 373 -62.88 7.83 85.91
C GLY FB 373 -64.19 7.14 86.29
N GLY FB 374 -64.29 6.75 87.56
CA GLY FB 374 -65.48 6.03 88.00
C GLY FB 374 -66.72 6.89 87.87
N VAL FB 375 -67.79 6.27 87.38
CA VAL FB 375 -69.02 7.01 87.13
C VAL FB 375 -69.77 7.24 88.43
N ASN FB 376 -70.62 8.27 88.42
CA ASN FB 376 -71.48 8.62 89.55
C ASN FB 376 -70.68 9.03 90.77
N ASN FB 377 -69.45 9.48 90.60
CA ASN FB 377 -68.53 9.79 91.68
C ASN FB 377 -68.17 8.55 92.53
N ASN FB 378 -68.45 7.35 92.03
CA ASN FB 378 -68.18 6.11 92.76
C ASN FB 378 -66.88 5.54 92.22
N PHE FB 379 -65.77 6.05 92.75
CA PHE FB 379 -64.46 5.64 92.31
C PHE FB 379 -64.00 4.40 93.05
N LYS FB 380 -62.87 3.85 92.62
CA LYS FB 380 -62.30 2.67 93.25
C LYS FB 380 -61.75 3.10 94.60
N GLY FB 381 -62.52 2.87 95.64
CA GLY FB 381 -62.24 3.49 96.93
C GLY FB 381 -62.62 4.94 96.89
N ASP FB 382 -61.73 5.81 97.38
CA ASP FB 382 -61.93 7.25 97.30
C ASP FB 382 -60.57 7.89 97.06
N PHE FB 383 -60.19 8.01 95.79
CA PHE FB 383 -58.92 8.66 95.45
C PHE FB 383 -59.00 9.15 94.01
N GLN FB 384 -59.51 10.38 93.82
CA GLN FB 384 -59.55 10.99 92.49
C GLN FB 384 -58.41 11.98 92.35
N GLU FB 385 -57.19 11.43 92.41
CA GLU FB 385 -56.01 12.28 92.26
C GLU FB 385 -55.85 12.61 90.80
N ALA FB 386 -55.97 13.90 90.48
CA ALA FB 386 -55.96 14.34 89.11
C ALA FB 386 -54.54 14.39 88.57
N GLU FB 387 -54.43 14.66 87.28
CA GLU FB 387 -53.16 14.65 86.59
C GLU FB 387 -53.33 15.40 85.28
N GLY FB 388 -52.23 15.93 84.78
CA GLY FB 388 -52.27 16.73 83.59
C GLY FB 388 -52.78 16.10 82.32
N LEU FB 389 -52.54 16.83 81.25
CA LEU FB 389 -53.34 16.74 80.05
C LEU FB 389 -52.57 17.43 78.94
N ASP FB 390 -52.87 17.03 77.71
CA ASP FB 390 -52.16 17.58 76.57
C ASP FB 390 -53.08 17.57 75.36
N MET FB 391 -52.50 17.85 74.20
CA MET FB 391 -53.24 18.12 72.98
C MET FB 391 -52.60 17.31 71.86
N TYR FB 392 -53.25 16.23 71.48
CA TYR FB 392 -52.78 15.37 70.40
C TYR FB 392 -53.21 15.97 69.08
N TYR FB 393 -52.26 16.19 68.19
CA TYR FB 393 -52.50 16.72 66.85
C TYR FB 393 -52.14 15.65 65.83
N ASP FB 394 -53.14 14.95 65.32
CA ASP FB 394 -52.90 13.97 64.28
C ASP FB 394 -52.38 14.67 63.02
N LEU FB 395 -51.32 14.13 62.45
CA LEU FB 395 -50.72 14.71 61.26
C LEU FB 395 -51.51 14.41 59.99
N GLU FB 396 -52.47 13.48 60.04
CA GLU FB 396 -53.18 13.09 58.83
C GLU FB 396 -54.34 14.03 58.54
N THR FB 397 -55.17 14.31 59.56
CA THR FB 397 -56.34 15.16 59.40
C THR FB 397 -56.10 16.58 59.87
N GLY FB 398 -55.28 16.76 60.90
CA GLY FB 398 -55.05 18.07 61.46
C GLY FB 398 -56.05 18.47 62.52
N ARG FB 399 -56.68 17.50 63.17
CA ARG FB 399 -57.72 17.74 64.15
C ARG FB 399 -57.13 17.60 65.54
N LYS FB 400 -57.05 18.72 66.26
CA LYS FB 400 -56.55 18.68 67.62
C LYS FB 400 -57.51 17.91 68.51
N ALA FB 401 -56.98 17.42 69.62
CA ALA FB 401 -57.79 16.65 70.55
C ALA FB 401 -57.17 16.76 71.93
N LEU FB 402 -57.92 17.32 72.87
CA LEU FB 402 -57.45 17.38 74.24
C LEU FB 402 -57.65 16.04 74.90
N LEU FB 403 -56.68 15.64 75.71
CA LEU FB 403 -56.81 14.41 76.47
C LEU FB 403 -56.14 14.58 77.83
N ILE FB 404 -56.83 14.04 78.83
CA ILE FB 404 -56.55 14.24 80.24
C ILE FB 404 -56.25 12.90 80.87
N GLY FB 405 -55.37 12.91 81.88
CA GLY FB 405 -55.08 11.72 82.67
C GLY FB 405 -55.71 11.84 84.04
N VAL FB 406 -56.03 10.68 84.63
CA VAL FB 406 -56.62 10.63 85.96
C VAL FB 406 -56.21 9.32 86.61
N THR FB 407 -56.23 9.31 87.93
CA THR FB 407 -56.02 8.11 88.73
C THR FB 407 -57.16 7.97 89.70
N ILE FB 408 -57.77 6.78 89.72
CA ILE FB 408 -58.91 6.52 90.58
C ILE FB 408 -58.62 5.37 91.52
N GLY FB 409 -57.37 4.95 91.60
CA GLY FB 409 -57.03 3.76 92.34
C GLY FB 409 -56.90 4.02 93.83
N PRO FB 410 -57.30 3.07 94.67
CA PRO FB 410 -57.17 3.28 96.12
C PRO FB 410 -55.86 2.77 96.67
N GLY FB 411 -55.31 3.53 97.62
CA GLY FB 411 -54.11 3.13 98.29
C GLY FB 411 -52.97 2.93 97.32
N ASN FB 412 -52.11 1.98 97.64
CA ASN FB 412 -51.00 1.65 96.76
C ASN FB 412 -51.48 1.25 95.38
N ASN FB 413 -52.61 0.59 95.29
CA ASN FB 413 -53.17 0.24 93.98
C ASN FB 413 -53.62 1.51 93.28
N ARG FB 414 -52.94 1.86 92.20
CA ARG FB 414 -53.24 3.05 91.41
C ARG FB 414 -53.77 2.65 90.05
N HIS FB 415 -54.86 3.28 89.65
CA HIS FB 415 -55.41 3.18 88.30
C HIS FB 415 -54.89 4.35 87.49
N HIS FB 416 -54.94 4.19 86.17
CA HIS FB 416 -54.40 5.21 85.27
C HIS FB 416 -55.30 5.27 84.04
N SER FB 417 -56.31 6.13 84.09
CA SER FB 417 -57.32 6.21 83.05
C SER FB 417 -57.15 7.51 82.28
N ILE FB 418 -57.55 7.48 81.00
CA ILE FB 418 -57.37 8.59 80.09
C ILE FB 418 -58.69 8.92 79.43
N TYR FB 419 -59.04 10.20 79.43
CA TYR FB 419 -60.25 10.68 78.81
C TYR FB 419 -59.89 11.77 77.82
N SER FB 420 -60.86 12.15 76.98
CA SER FB 420 -60.59 13.06 75.88
C SER FB 420 -61.81 13.90 75.57
N ILE FB 421 -61.53 15.12 75.11
CA ILE FB 421 -62.53 16.08 74.66
C ILE FB 421 -62.28 16.41 73.20
N GLY FB 422 -61.78 15.45 72.45
CA GLY FB 422 -61.38 15.71 71.09
C GLY FB 422 -62.55 15.88 70.15
N GLN FB 423 -62.21 16.19 68.91
CA GLN FB 423 -63.19 16.44 67.86
C GLN FB 423 -63.60 15.11 67.23
N ARG FB 424 -64.36 15.19 66.14
CA ARG FB 424 -64.83 14.01 65.46
C ARG FB 424 -63.69 13.40 64.65
N GLY FB 425 -63.35 12.15 64.95
CA GLY FB 425 -62.39 11.39 64.19
C GLY FB 425 -61.04 11.20 64.85
N VAL FB 426 -60.85 11.71 66.06
CA VAL FB 426 -59.58 11.56 66.77
C VAL FB 426 -59.67 10.47 67.84
N ASN FB 427 -60.72 10.47 68.65
CA ASN FB 427 -60.85 9.46 69.70
C ASN FB 427 -61.01 8.07 69.10
N GLN FB 428 -61.84 7.97 68.06
CA GLN FB 428 -61.99 6.71 67.34
C GLN FB 428 -60.64 6.22 66.86
N PHE FB 429 -59.86 7.12 66.25
CA PHE FB 429 -58.56 6.74 65.73
C PHE FB 429 -57.61 6.32 66.85
N LEU FB 430 -57.65 7.03 67.97
CA LEU FB 430 -56.72 6.74 69.05
C LEU FB 430 -57.01 5.39 69.66
N LYS FB 431 -58.28 5.03 69.74
CA LYS FB 431 -58.62 3.71 70.25
C LYS FB 431 -58.30 2.63 69.22
N ASN FB 432 -58.52 2.92 67.94
CA ASN FB 432 -58.35 1.91 66.90
C ASN FB 432 -56.92 1.79 66.40
N ILE FB 433 -55.97 2.56 66.95
CA ILE FB 433 -54.57 2.31 66.65
C ILE FB 433 -54.23 0.85 66.86
N ALA FB 434 -54.40 0.39 68.11
CA ALA FB 434 -54.08 -0.98 68.47
C ALA FB 434 -55.01 -1.39 69.60
N PRO FB 435 -55.33 -2.68 69.71
CA PRO FB 435 -56.33 -3.11 70.68
C PRO FB 435 -55.75 -3.27 72.07
N GLN FB 436 -56.65 -3.32 73.05
CA GLN FB 436 -56.24 -3.60 74.41
C GLN FB 436 -55.70 -5.01 74.53
N VAL FB 437 -55.08 -5.29 75.67
CA VAL FB 437 -54.60 -6.65 75.91
C VAL FB 437 -55.79 -7.54 76.24
N SER FB 438 -55.60 -8.83 76.01
CA SER FB 438 -56.62 -9.81 76.32
C SER FB 438 -55.98 -11.19 76.32
N MET FB 439 -56.60 -12.10 77.06
CA MET FB 439 -56.06 -13.44 77.18
C MET FB 439 -56.03 -14.14 75.83
N THR FB 440 -57.02 -13.89 75.00
CA THR FB 440 -57.11 -14.41 73.65
C THR FB 440 -57.16 -13.24 72.68
N ASP FB 441 -56.76 -13.50 71.43
CA ASP FB 441 -56.49 -12.40 70.52
C ASP FB 441 -57.73 -11.55 70.25
N SER FB 442 -58.71 -12.06 69.49
CA SER FB 442 -60.04 -11.47 69.49
C SER FB 442 -61.16 -12.47 69.33
N GLY FB 443 -60.89 -13.71 68.93
CA GLY FB 443 -61.91 -14.65 68.52
C GLY FB 443 -61.92 -15.93 69.31
N GLY FB 444 -60.98 -16.06 70.25
CA GLY FB 444 -60.92 -17.24 71.10
C GLY FB 444 -59.87 -18.21 70.61
N ARG FB 445 -58.77 -17.66 70.13
CA ARG FB 445 -57.58 -18.42 69.81
C ARG FB 445 -56.47 -18.00 70.75
N VAL FB 446 -55.46 -18.87 70.84
CA VAL FB 446 -54.27 -18.54 71.59
C VAL FB 446 -53.56 -17.38 70.92
N LYS FB 447 -52.74 -16.70 71.68
CA LYS FB 447 -51.93 -15.61 71.19
C LYS FB 447 -50.56 -16.12 70.77
N PRO FB 448 -49.81 -15.31 70.03
CA PRO FB 448 -48.49 -15.73 69.56
C PRO FB 448 -47.37 -15.26 70.48
N LEU FB 449 -46.34 -16.07 70.57
CA LEU FB 449 -45.15 -15.66 71.26
C LEU FB 449 -44.54 -14.46 70.56
N PRO FB 450 -43.72 -13.68 71.26
CA PRO FB 450 -42.91 -12.67 70.57
C PRO FB 450 -41.66 -13.23 69.95
N ILE FB 451 -41.23 -14.43 70.34
CA ILE FB 451 -40.03 -15.06 69.79
C ILE FB 451 -40.29 -16.56 69.67
N GLN FB 452 -39.78 -17.15 68.59
CA GLN FB 452 -39.83 -18.59 68.41
C GLN FB 452 -38.62 -19.25 69.05
N ASN FB 453 -38.88 -20.38 69.72
CA ASN FB 453 -37.83 -21.15 70.38
C ASN FB 453 -37.14 -20.26 71.40
N PRO FB 454 -37.86 -19.79 72.40
CA PRO FB 454 -37.29 -18.80 73.31
C PRO FB 454 -36.24 -19.40 74.22
N ALA FB 455 -35.25 -18.57 74.57
CA ALA FB 455 -34.19 -19.00 75.46
C ALA FB 455 -34.64 -18.91 76.91
N TYR FB 456 -34.97 -17.71 77.37
CA TYR FB 456 -35.51 -17.49 78.69
C TYR FB 456 -37.01 -17.28 78.58
N LEU FB 457 -37.78 -18.14 79.26
CA LEU FB 457 -39.23 -18.01 79.26
C LEU FB 457 -39.69 -16.71 79.91
N SER FB 458 -38.81 -16.03 80.66
CA SER FB 458 -39.12 -14.73 81.22
C SER FB 458 -39.17 -13.63 80.18
N ASP FB 459 -38.73 -13.90 78.95
CA ASP FB 459 -38.79 -12.88 77.91
C ASP FB 459 -40.22 -12.51 77.56
N ILE FB 460 -41.16 -13.42 77.78
CA ILE FB 460 -42.56 -13.21 77.43
C ILE FB 460 -43.20 -12.40 78.54
N THR FB 461 -43.26 -11.08 78.37
CA THR FB 461 -43.90 -10.19 79.33
C THR FB 461 -45.38 -10.00 79.07
N GLU FB 462 -45.81 -10.07 77.82
CA GLU FB 462 -47.20 -9.77 77.50
C GLU FB 462 -48.12 -10.84 78.05
N VAL FB 463 -49.06 -10.42 78.88
CA VAL FB 463 -49.99 -11.34 79.50
C VAL FB 463 -50.83 -12.01 78.42
N GLY FB 464 -51.40 -13.16 78.78
CA GLY FB 464 -52.24 -13.93 77.89
C GLY FB 464 -51.74 -15.34 77.71
N HIS FB 465 -52.45 -16.11 76.90
CA HIS FB 465 -52.14 -17.51 76.68
C HIS FB 465 -51.28 -17.68 75.44
N TYR FB 466 -50.49 -18.75 75.43
CA TYR FB 466 -49.53 -19.04 74.38
C TYR FB 466 -49.40 -20.56 74.31
N TYR FB 467 -48.75 -21.03 73.25
CA TYR FB 467 -48.51 -22.47 73.10
C TYR FB 467 -47.11 -22.68 72.55
N ILE FB 468 -46.31 -23.44 73.28
CA ILE FB 468 -44.94 -23.75 72.90
C ILE FB 468 -44.98 -25.09 72.19
N TYR FB 469 -44.59 -25.10 70.92
CA TYR FB 469 -44.52 -26.35 70.21
C TYR FB 469 -43.43 -27.24 70.80
N THR FB 470 -43.54 -28.53 70.51
CA THR FB 470 -42.58 -29.49 71.00
C THR FB 470 -41.17 -29.18 70.51
N GLN FB 471 -41.04 -28.62 69.31
CA GLN FB 471 -39.74 -28.24 68.80
C GLN FB 471 -39.26 -26.92 69.38
N ASP FB 472 -40.18 -26.04 69.78
CA ASP FB 472 -39.80 -24.76 70.35
C ASP FB 472 -39.40 -24.89 71.82
N THR FB 473 -39.90 -25.93 72.50
CA THR FB 473 -39.53 -26.13 73.90
C THR FB 473 -38.08 -26.55 74.06
N GLN FB 474 -37.43 -27.00 73.00
CA GLN FB 474 -36.14 -27.68 73.14
C GLN FB 474 -35.07 -26.76 73.71
N ASN FB 475 -35.15 -25.45 73.46
CA ASN FB 475 -34.07 -24.57 73.86
C ASN FB 475 -34.21 -24.16 75.33
N ALA FB 476 -35.20 -23.31 75.63
CA ALA FB 476 -35.87 -23.18 76.92
C ALA FB 476 -34.93 -23.32 78.12
N LEU FB 477 -34.01 -22.36 78.25
CA LEU FB 477 -32.97 -22.45 79.27
C LEU FB 477 -33.54 -22.55 80.68
N ASP FB 478 -34.72 -21.97 80.92
CA ASP FB 478 -35.39 -22.04 82.21
C ASP FB 478 -36.74 -22.72 81.97
N PHE FB 479 -36.72 -24.04 82.06
CA PHE FB 479 -37.86 -24.91 81.86
C PHE FB 479 -37.99 -25.80 83.08
N PRO FB 480 -39.21 -26.06 83.58
CA PRO FB 480 -39.33 -26.90 84.78
C PRO FB 480 -38.75 -28.29 84.61
N LEU FB 481 -38.78 -28.82 83.41
CA LEU FB 481 -38.28 -30.15 83.10
C LEU FB 481 -36.92 -30.06 82.42
N PRO FB 482 -36.17 -31.15 82.38
CA PRO FB 482 -34.91 -31.17 81.64
C PRO FB 482 -35.15 -31.42 80.16
N LYS FB 483 -34.05 -31.50 79.40
CA LYS FB 483 -34.13 -31.71 77.97
C LYS FB 483 -34.70 -33.07 77.61
N ALA FB 484 -34.62 -34.05 78.52
CA ALA FB 484 -34.99 -35.41 78.21
C ALA FB 484 -36.46 -35.71 78.45
N PHE FB 485 -37.11 -34.95 79.32
CA PHE FB 485 -38.49 -35.23 79.69
C PHE FB 485 -39.49 -34.58 78.75
N ARG FB 486 -39.10 -33.50 78.09
CA ARG FB 486 -40.02 -32.76 77.24
C ARG FB 486 -40.10 -33.39 75.87
N ASP FB 487 -41.32 -33.75 75.47
CA ASP FB 487 -41.59 -34.33 74.17
C ASP FB 487 -42.76 -33.62 73.49
N ALA FB 488 -43.68 -33.06 74.26
CA ALA FB 488 -44.93 -32.50 73.75
C ALA FB 488 -45.03 -31.02 74.08
N GLY FB 489 -46.06 -30.39 73.54
CA GLY FB 489 -46.25 -28.97 73.68
C GLY FB 489 -46.77 -28.57 75.04
N TRP FB 490 -46.79 -27.26 75.28
CA TRP FB 490 -47.09 -26.73 76.60
C TRP FB 490 -47.93 -25.47 76.47
N PHE FB 491 -49.17 -25.54 76.94
CA PHE FB 491 -50.00 -24.36 77.07
C PHE FB 491 -49.38 -23.46 78.12
N PHE FB 492 -48.84 -22.32 77.70
CA PHE FB 492 -48.06 -21.44 78.56
C PHE FB 492 -48.74 -20.09 78.63
N ASP FB 493 -49.20 -19.72 79.80
CA ASP FB 493 -49.93 -18.48 79.99
C ASP FB 493 -49.31 -17.60 81.05
N VAL FB 494 -49.24 -16.31 80.72
CA VAL FB 494 -48.68 -15.29 81.58
C VAL FB 494 -49.83 -14.50 82.18
N LEU FB 495 -49.77 -14.30 83.48
CA LEU FB 495 -50.81 -13.60 84.22
C LEU FB 495 -50.22 -12.41 84.95
N PRO FB 496 -51.02 -11.38 85.23
CA PRO FB 496 -50.44 -10.17 85.82
C PRO FB 496 -49.95 -10.41 87.24
N GLY FB 497 -48.87 -9.73 87.58
CA GLY FB 497 -48.29 -9.80 88.90
C GLY FB 497 -48.74 -8.62 89.73
N HIS FB 498 -47.79 -7.79 90.15
CA HIS FB 498 -48.08 -6.58 90.89
C HIS FB 498 -47.46 -5.39 90.15
N TYR FB 499 -47.60 -4.22 90.76
CA TYR FB 499 -47.30 -2.98 90.07
C TYR FB 499 -45.83 -2.78 89.78
N ASN FB 500 -44.95 -3.56 90.39
CA ASN FB 500 -43.56 -3.58 89.97
C ASN FB 500 -43.45 -4.55 88.80
N GLY FB 501 -42.23 -4.93 88.43
CA GLY FB 501 -42.04 -5.70 87.21
C GLY FB 501 -42.25 -7.19 87.34
N ALA FB 502 -43.33 -7.60 88.01
CA ALA FB 502 -43.60 -9.00 88.28
C ALA FB 502 -44.68 -9.56 87.38
N LEU FB 503 -44.61 -10.86 87.14
CA LEU FB 503 -45.62 -11.55 86.35
C LEU FB 503 -45.63 -13.03 86.69
N ARG FB 504 -46.82 -13.60 86.79
CA ARG FB 504 -46.95 -15.03 87.01
C ARG FB 504 -46.89 -15.77 85.69
N GLN FB 505 -46.41 -17.01 85.74
CA GLN FB 505 -46.40 -17.91 84.60
C GLN FB 505 -46.97 -19.25 85.01
N VAL FB 506 -47.67 -19.89 84.09
CA VAL FB 506 -48.18 -21.23 84.26
C VAL FB 506 -47.97 -21.99 82.97
N LEU FB 507 -47.57 -23.27 83.09
CA LEU FB 507 -47.28 -24.11 81.94
C LEU FB 507 -47.92 -25.47 82.15
N THR FB 508 -48.90 -25.82 81.32
CA THR FB 508 -49.58 -27.11 81.39
C THR FB 508 -49.28 -27.91 80.14
N ARG FB 509 -48.74 -29.11 80.31
CA ARG FB 509 -48.39 -29.98 79.20
C ARG FB 509 -49.64 -30.33 78.39
N ASN FB 510 -49.42 -30.64 77.12
CA ASN FB 510 -50.48 -30.98 76.17
C ASN FB 510 -50.33 -32.45 75.78
N SER FB 511 -51.17 -33.30 76.36
CA SER FB 511 -51.16 -34.70 75.94
C SER FB 511 -52.41 -35.43 76.41
N THR FB 512 -53.17 -35.94 75.45
CA THR FB 512 -54.40 -36.66 75.78
C THR FB 512 -54.12 -38.03 76.37
N GLY FB 513 -53.09 -38.72 75.89
CA GLY FB 513 -52.81 -40.08 76.30
C GLY FB 513 -51.92 -40.19 77.53
N ARG FB 514 -51.93 -39.16 78.36
CA ARG FB 514 -51.10 -39.15 79.56
C ARG FB 514 -51.47 -37.90 80.36
N ASN FB 515 -50.83 -37.76 81.52
CA ASN FB 515 -51.23 -36.74 82.47
C ASN FB 515 -50.79 -35.35 82.01
N MET FB 516 -51.67 -34.37 82.19
CA MET FB 516 -51.43 -33.00 81.77
C MET FB 516 -50.89 -32.18 82.95
N LEU FB 517 -49.69 -32.54 83.37
CA LEU FB 517 -49.04 -31.89 84.49
C LEU FB 517 -48.84 -30.41 84.22
N LYS FB 518 -48.94 -29.61 85.29
CA LYS FB 518 -48.75 -28.17 85.21
C LYS FB 518 -47.75 -27.67 86.23
N PHE FB 519 -46.97 -26.69 85.80
CA PHE FB 519 -46.01 -25.97 86.62
C PHE FB 519 -46.41 -24.51 86.69
N GLU FB 520 -45.84 -23.81 87.67
CA GLU FB 520 -46.26 -22.46 88.00
C GLU FB 520 -45.08 -21.73 88.62
N ARG FB 521 -44.99 -20.44 88.35
CA ARG FB 521 -43.92 -19.65 88.93
C ARG FB 521 -44.21 -18.16 88.82
N VAL FB 522 -43.26 -17.38 89.29
CA VAL FB 522 -43.27 -15.92 89.20
C VAL FB 522 -41.94 -15.50 88.60
N ILE FB 523 -41.97 -14.42 87.82
CA ILE FB 523 -40.78 -13.87 87.19
C ILE FB 523 -40.77 -12.37 87.40
N ASP FB 524 -39.56 -11.83 87.42
CA ASP FB 524 -39.32 -10.40 87.46
C ASP FB 524 -38.58 -10.00 86.20
N ILE FB 525 -39.22 -9.16 85.38
CA ILE FB 525 -38.70 -8.84 84.06
C ILE FB 525 -37.37 -8.10 84.17
N PHE FB 526 -37.21 -7.25 85.18
CA PHE FB 526 -36.01 -6.45 85.28
C PHE FB 526 -34.84 -7.27 85.80
N ASN FB 527 -34.96 -7.78 87.03
CA ASN FB 527 -33.92 -8.62 87.62
C ASN FB 527 -34.33 -10.07 87.37
N LYS FB 528 -33.81 -10.63 86.28
CA LYS FB 528 -34.14 -12.01 85.93
C LYS FB 528 -33.71 -12.99 87.01
N LYS FB 529 -32.70 -12.63 87.80
CA LYS FB 529 -32.26 -13.50 88.89
C LYS FB 529 -33.29 -13.65 89.97
N ASN FB 530 -34.16 -12.67 90.15
CA ASN FB 530 -35.18 -12.69 91.19
C ASN FB 530 -36.39 -13.53 90.82
N ASN FB 531 -36.33 -14.32 89.77
CA ASN FB 531 -37.49 -15.12 89.37
C ASN FB 531 -37.53 -16.41 90.17
N GLY FB 532 -38.72 -16.76 90.63
CA GLY FB 532 -38.89 -17.93 91.45
C GLY FB 532 -38.59 -19.20 90.70
N ALA FB 533 -38.72 -20.30 91.42
CA ALA FB 533 -38.49 -21.63 90.86
C ALA FB 533 -39.81 -22.18 90.34
N TRP FB 534 -39.80 -23.44 89.92
CA TRP FB 534 -40.91 -24.04 89.21
C TRP FB 534 -41.71 -24.90 90.18
N ASN FB 535 -42.77 -24.32 90.73
CA ASN FB 535 -43.71 -25.10 91.50
C ASN FB 535 -44.43 -26.10 90.61
N PHE FB 536 -45.09 -27.07 91.23
CA PHE FB 536 -45.73 -28.17 90.53
C PHE FB 536 -47.02 -28.55 91.24
N CYS FB 537 -48.09 -28.73 90.47
CA CYS FB 537 -49.34 -29.31 90.94
C CYS FB 537 -49.50 -30.73 90.40
N PRO FB 538 -50.13 -31.64 91.16
CA PRO FB 538 -50.21 -33.04 90.73
C PRO FB 538 -50.92 -33.27 89.40
N GLN FB 539 -52.20 -32.93 89.35
CA GLN FB 539 -53.03 -32.97 88.15
C GLN FB 539 -52.88 -34.30 87.39
N ASN FB 540 -53.34 -35.36 88.03
CA ASN FB 540 -53.31 -36.70 87.47
C ASN FB 540 -54.67 -37.08 86.91
N ALA FB 541 -54.67 -38.12 86.07
CA ALA FB 541 -55.88 -38.66 85.46
C ALA FB 541 -55.97 -40.18 85.58
N GLY FB 542 -55.05 -40.81 86.30
CA GLY FB 542 -54.92 -42.25 86.28
C GLY FB 542 -53.91 -42.75 85.27
N TYR FB 543 -53.44 -41.88 84.38
CA TYR FB 543 -52.40 -42.27 83.45
C TYR FB 543 -51.06 -42.36 84.17
N TRP FB 544 -50.06 -42.82 83.44
CA TRP FB 544 -48.75 -43.16 83.98
C TRP FB 544 -47.67 -42.45 83.17
N GLU FB 545 -46.54 -42.22 83.83
CA GLU FB 545 -45.37 -41.62 83.21
C GLU FB 545 -44.19 -42.56 83.39
N HIS FB 546 -43.38 -42.67 82.33
CA HIS FB 546 -42.21 -43.52 82.34
C HIS FB 546 -40.95 -42.65 82.33
N ILE FB 547 -39.92 -43.13 83.01
CA ILE FB 547 -38.64 -42.43 82.99
C ILE FB 547 -38.02 -42.58 81.60
N PRO FB 548 -37.50 -41.50 80.99
CA PRO FB 548 -36.83 -41.69 79.70
C PRO FB 548 -35.48 -42.36 79.84
N LYS FB 549 -34.70 -42.38 78.77
CA LYS FB 549 -33.41 -43.06 78.77
C LYS FB 549 -32.40 -42.47 79.75
N SER FB 550 -32.70 -41.34 80.39
CA SER FB 550 -31.90 -40.89 81.52
C SER FB 550 -32.20 -41.76 82.73
N ILE FB 551 -31.73 -43.01 82.68
CA ILE FB 551 -31.97 -43.99 83.73
C ILE FB 551 -30.66 -44.16 84.50
N THR FB 552 -29.87 -43.11 84.54
CA THR FB 552 -28.56 -43.19 85.19
C THR FB 552 -28.74 -43.37 86.69
N LYS FB 553 -29.47 -42.47 87.32
CA LYS FB 553 -29.70 -42.47 88.75
C LYS FB 553 -31.10 -41.98 89.04
N LEU FB 554 -31.63 -42.40 90.18
CA LEU FB 554 -32.88 -41.87 90.69
C LEU FB 554 -32.69 -40.52 91.38
N SER FB 555 -31.45 -40.04 91.53
CA SER FB 555 -31.22 -38.80 92.25
C SER FB 555 -31.51 -37.56 91.42
N ASP FB 556 -31.69 -37.70 90.10
CA ASP FB 556 -32.03 -36.57 89.26
C ASP FB 556 -33.50 -36.19 89.33
N LEU FB 557 -34.33 -37.00 89.98
CA LEU FB 557 -35.77 -36.80 90.02
C LEU FB 557 -36.18 -36.05 91.28
N LYS FB 558 -35.62 -34.85 91.42
CA LYS FB 558 -35.85 -34.02 92.59
C LYS FB 558 -37.22 -33.35 92.60
N ILE FB 559 -37.95 -33.38 91.49
CA ILE FB 559 -39.21 -32.67 91.42
C ILE FB 559 -40.24 -33.34 92.32
N VAL FB 560 -41.18 -32.55 92.82
CA VAL FB 560 -42.06 -32.94 93.91
C VAL FB 560 -43.35 -33.55 93.37
N GLY FB 561 -43.82 -34.61 94.01
CA GLY FB 561 -45.14 -35.16 93.81
C GLY FB 561 -45.44 -35.65 92.41
N LEU FB 562 -44.57 -36.48 91.86
CA LEU FB 562 -44.76 -37.09 90.56
C LEU FB 562 -44.97 -38.59 90.69
N ASP FB 563 -45.42 -39.19 89.59
CA ASP FB 563 -45.64 -40.62 89.47
C ASP FB 563 -44.77 -41.14 88.34
N PHE FB 564 -43.89 -42.09 88.67
CA PHE FB 564 -43.00 -42.70 87.69
C PHE FB 564 -43.04 -44.22 87.84
N TYR FB 565 -43.56 -44.91 86.84
CA TYR FB 565 -43.50 -46.37 86.86
C TYR FB 565 -42.09 -46.85 86.55
N ILE FB 566 -41.74 -47.98 87.15
CA ILE FB 566 -40.50 -48.68 86.86
C ILE FB 566 -40.81 -50.16 86.79
N THR FB 567 -40.82 -50.70 85.57
CA THR FB 567 -40.99 -52.14 85.35
C THR FB 567 -39.80 -52.90 85.90
N THR FB 568 -39.83 -54.23 85.82
CA THR FB 568 -38.67 -55.04 86.18
C THR FB 568 -37.49 -54.69 85.28
N GLU FB 569 -37.72 -54.66 83.97
CA GLU FB 569 -36.66 -54.34 83.03
C GLU FB 569 -36.14 -52.93 83.25
N GLU FB 570 -37.04 -52.00 83.59
CA GLU FB 570 -36.61 -50.64 83.88
C GLU FB 570 -35.77 -50.61 85.15
N SER FB 571 -36.19 -51.32 86.19
CA SER FB 571 -35.51 -51.27 87.47
C SER FB 571 -34.14 -51.92 87.38
N ASN FB 572 -33.93 -52.86 86.46
CA ASN FB 572 -32.59 -53.44 86.31
C ASN FB 572 -31.65 -52.58 85.47
N ARG FB 573 -31.61 -51.27 85.71
CA ARG FB 573 -30.58 -50.38 85.19
C ARG FB 573 -30.06 -49.42 86.26
N PHE FB 574 -30.92 -48.96 87.15
CA PHE FB 574 -30.60 -47.85 88.02
C PHE FB 574 -29.54 -48.25 89.05
N THR FB 575 -28.89 -47.23 89.61
CA THR FB 575 -27.83 -47.41 90.59
C THR FB 575 -28.32 -47.27 92.02
N ASP FB 576 -29.02 -46.17 92.31
CA ASP FB 576 -29.58 -45.96 93.64
C ASP FB 576 -30.61 -47.01 94.01
N PHE FB 577 -31.20 -47.68 93.04
CA PHE FB 577 -32.19 -48.71 93.31
C PHE FB 577 -31.51 -49.85 94.06
N PRO FB 578 -32.08 -50.35 95.17
CA PRO FB 578 -31.41 -51.41 95.93
C PRO FB 578 -31.21 -52.69 95.12
N LYS FB 579 -30.33 -53.53 95.64
CA LYS FB 579 -29.87 -54.71 94.92
C LYS FB 579 -30.67 -55.97 95.28
N ASP FB 580 -31.57 -55.89 96.25
CA ASP FB 580 -32.37 -57.05 96.64
C ASP FB 580 -33.67 -57.15 95.85
N PHE FB 581 -34.25 -56.02 95.45
CA PHE FB 581 -35.50 -55.98 94.72
C PHE FB 581 -35.30 -55.59 93.26
N LYS FB 582 -34.12 -55.81 92.71
CA LYS FB 582 -33.82 -55.42 91.34
C LYS FB 582 -34.38 -56.48 90.39
N GLY FB 583 -35.48 -56.14 89.73
CA GLY FB 583 -36.07 -56.98 88.71
C GLY FB 583 -37.15 -57.91 89.18
N ILE FB 584 -37.71 -57.69 90.36
CA ILE FB 584 -38.66 -58.64 90.93
C ILE FB 584 -40.10 -58.29 90.58
N ALA FB 585 -40.42 -57.01 90.43
CA ALA FB 585 -41.76 -56.58 90.03
C ALA FB 585 -41.69 -55.12 89.63
N GLY FB 586 -42.85 -54.56 89.29
CA GLY FB 586 -42.92 -53.17 88.94
C GLY FB 586 -42.97 -52.27 90.16
N TRP FB 587 -42.57 -51.01 89.97
CA TRP FB 587 -42.44 -50.06 91.06
C TRP FB 587 -42.96 -48.70 90.65
N ILE FB 588 -43.67 -48.05 91.58
CA ILE FB 588 -44.18 -46.70 91.43
C ILE FB 588 -43.33 -45.80 92.31
N LEU FB 589 -42.80 -44.74 91.73
CA LEU FB 589 -41.96 -43.78 92.44
C LEU FB 589 -42.74 -42.51 92.72
N GLU FB 590 -42.51 -41.95 93.89
CA GLU FB 590 -43.13 -40.72 94.33
C GLU FB 590 -42.10 -39.90 95.07
N VAL FB 591 -42.28 -38.58 95.07
CA VAL FB 591 -41.33 -37.65 95.66
C VAL FB 591 -42.05 -36.77 96.67
N LYS FB 592 -41.34 -36.42 97.73
CA LYS FB 592 -41.84 -35.58 98.80
C LYS FB 592 -40.80 -34.54 99.16
N SER FB 593 -41.29 -33.35 99.50
CA SER FB 593 -40.42 -32.21 99.68
C SER FB 593 -39.63 -32.30 100.97
N ASN FB 594 -38.58 -31.48 101.05
CA ASN FB 594 -37.69 -31.42 102.20
C ASN FB 594 -36.90 -30.11 102.09
N THR FB 595 -35.85 -30.00 102.88
CA THR FB 595 -34.94 -28.87 102.74
C THR FB 595 -34.33 -28.88 101.33
N PRO FB 596 -33.88 -27.73 100.83
CA PRO FB 596 -33.40 -27.67 99.45
C PRO FB 596 -32.18 -28.55 99.23
N GLY FB 597 -32.19 -29.27 98.14
CA GLY FB 597 -31.21 -30.32 97.88
C GLY FB 597 -31.73 -31.63 98.40
N ASN FB 598 -32.20 -31.62 99.64
CA ASN FB 598 -32.77 -32.81 100.24
C ASN FB 598 -34.17 -33.05 99.72
N THR FB 599 -34.52 -34.33 99.60
CA THR FB 599 -35.85 -34.68 99.14
C THR FB 599 -36.03 -36.17 99.37
N THR FB 600 -37.27 -36.55 99.70
CA THR FB 600 -37.61 -37.93 99.98
C THR FB 600 -38.16 -38.58 98.73
N GLN FB 601 -37.78 -39.82 98.51
CA GLN FB 601 -38.28 -40.64 97.42
C GLN FB 601 -38.89 -41.90 98.00
N VAL FB 602 -40.16 -42.09 97.76
CA VAL FB 602 -40.88 -43.29 98.15
C VAL FB 602 -41.02 -44.17 96.93
N LEU FB 603 -40.92 -45.48 97.12
CA LEU FB 603 -41.06 -46.42 96.02
C LEU FB 603 -41.92 -47.57 96.50
N ARG FB 604 -42.97 -47.87 95.76
CA ARG FB 604 -44.00 -48.82 96.15
C ARG FB 604 -44.04 -49.94 95.13
N ARG FB 605 -44.01 -51.18 95.61
CA ARG FB 605 -44.11 -52.31 94.72
C ARG FB 605 -45.50 -52.34 94.08
N ASN FB 606 -45.60 -53.13 93.01
CA ASN FB 606 -46.87 -53.35 92.31
C ASN FB 606 -47.04 -54.86 92.17
N ASN FB 607 -47.59 -55.49 93.21
CA ASN FB 607 -47.89 -56.91 93.19
C ASN FB 607 -49.29 -57.08 93.77
N PHE FB 608 -50.15 -57.75 93.02
CA PHE FB 608 -51.52 -57.95 93.46
C PHE FB 608 -51.58 -59.08 94.49
N PRO FB 609 -51.11 -60.31 94.18
CA PRO FB 609 -51.30 -61.41 95.12
C PRO FB 609 -50.36 -61.36 96.31
N SER FB 610 -49.08 -61.09 96.05
CA SER FB 610 -48.08 -61.13 97.10
C SER FB 610 -48.25 -59.96 98.05
N ALA FB 611 -47.41 -59.94 99.08
CA ALA FB 611 -47.47 -58.84 100.03
C ALA FB 611 -46.91 -57.56 99.40
N HIS FB 612 -47.47 -56.45 99.84
CA HIS FB 612 -47.02 -55.15 99.37
C HIS FB 612 -45.78 -54.71 100.13
N GLN FB 613 -44.99 -53.89 99.47
CA GLN FB 613 -43.75 -53.37 100.03
C GLN FB 613 -43.63 -51.92 99.61
N PHE FB 614 -43.09 -51.10 100.51
CA PHE FB 614 -42.72 -49.76 100.10
C PHE FB 614 -41.51 -49.31 100.88
N LEU FB 615 -40.57 -48.73 100.17
CA LEU FB 615 -39.27 -48.38 100.69
C LEU FB 615 -39.00 -46.93 100.41
N VAL FB 616 -38.54 -46.21 101.43
CA VAL FB 616 -38.41 -44.77 101.40
C VAL FB 616 -36.96 -44.39 101.63
N ARG FB 617 -36.57 -43.30 100.99
CA ARG FB 617 -35.20 -42.80 100.99
C ARG FB 617 -35.27 -41.30 101.13
N ASN FB 618 -34.20 -40.71 101.66
CA ASN FB 618 -34.02 -39.27 101.64
C ASN FB 618 -32.62 -38.96 101.17
N PHE FB 619 -32.50 -38.22 100.07
CA PHE FB 619 -31.21 -37.92 99.47
C PHE FB 619 -31.08 -36.44 99.20
N GLY FB 620 -29.85 -35.97 99.27
CA GLY FB 620 -29.51 -34.61 98.89
C GLY FB 620 -28.33 -34.04 99.64
N THR FB 621 -28.51 -32.85 100.21
CA THR FB 621 -27.41 -32.18 100.90
C THR FB 621 -26.97 -32.95 102.13
N GLY FB 622 -27.93 -33.47 102.89
CA GLY FB 622 -27.59 -34.18 104.11
C GLY FB 622 -26.82 -35.46 103.88
N GLY FB 623 -26.99 -36.07 102.72
CA GLY FB 623 -26.28 -37.29 102.41
C GLY FB 623 -26.98 -38.07 101.32
N VAL FB 624 -26.47 -39.29 101.10
CA VAL FB 624 -26.98 -40.13 100.01
C VAL FB 624 -28.34 -40.70 100.39
N GLY FB 625 -28.44 -41.27 101.57
CA GLY FB 625 -29.69 -41.84 102.05
C GLY FB 625 -29.71 -43.34 101.94
N LYS FB 626 -30.31 -43.98 102.94
CA LYS FB 626 -30.44 -45.42 103.00
C LYS FB 626 -31.91 -45.79 102.92
N TRP FB 627 -32.23 -46.70 102.02
CA TRP FB 627 -33.62 -47.09 101.79
C TRP FB 627 -34.12 -47.94 102.95
N SER FB 628 -35.13 -47.43 103.66
CA SER FB 628 -35.79 -48.14 104.75
C SER FB 628 -37.09 -48.73 104.23
N LEU FB 629 -37.29 -50.02 104.45
CA LEU FB 629 -38.41 -50.78 103.90
C LEU FB 629 -39.53 -50.93 104.92
N PHE FB 630 -40.74 -51.11 104.40
CA PHE FB 630 -41.90 -51.49 105.19
C PHE FB 630 -42.67 -52.52 104.38
N GLU FB 631 -42.96 -53.66 105.00
CA GLU FB 631 -43.65 -54.77 104.33
C GLU FB 631 -45.02 -54.96 104.95
N GLY FB 632 -45.95 -55.47 104.13
CA GLY FB 632 -47.32 -55.62 104.55
C GLY FB 632 -47.70 -57.04 104.85
N LYS FB 633 -48.81 -57.18 105.56
CA LYS FB 633 -49.35 -58.47 105.97
C LYS FB 633 -50.57 -58.75 105.11
N VAL FB 634 -50.48 -59.80 104.30
CA VAL FB 634 -51.58 -60.15 103.41
C VAL FB 634 -52.78 -60.52 104.27
N VAL FB 635 -53.87 -59.77 104.11
CA VAL FB 635 -55.11 -60.00 104.83
C VAL FB 635 -56.26 -59.83 103.86
N GLU FB 636 -57.46 -60.15 104.33
CA GLU FB 636 -58.65 -60.11 103.49
C GLU FB 636 -59.87 -59.64 104.28
N ASP GB 2 -26.56 25.35 34.57
CA ASP GB 2 -25.48 25.32 35.56
C ASP GB 2 -24.69 24.02 35.47
N ASN GB 3 -23.90 23.74 36.51
CA ASN GB 3 -23.20 22.46 36.59
C ASN GB 3 -24.21 21.33 36.55
N LYS GB 4 -23.86 20.25 35.86
CA LYS GB 4 -24.75 19.12 35.73
C LYS GB 4 -24.67 18.23 36.96
N LEU GB 5 -25.58 17.28 37.02
CA LEU GB 5 -25.59 16.31 38.09
C LEU GB 5 -24.47 15.30 37.91
N ILE GB 6 -24.12 14.64 39.00
CA ILE GB 6 -23.15 13.56 38.96
C ILE GB 6 -23.91 12.29 38.62
N THR GB 7 -24.01 12.00 37.33
CA THR GB 7 -24.69 10.79 36.89
C THR GB 7 -24.00 9.54 37.42
N ASP GB 8 -22.67 9.58 37.48
CA ASP GB 8 -21.87 8.40 37.79
C ASP GB 8 -21.37 8.47 39.22
N LEU GB 9 -21.76 7.49 40.03
CA LEU GB 9 -21.40 7.42 41.43
C LEU GB 9 -20.27 6.43 41.66
N SER GB 10 -19.72 6.47 42.86
CA SER GB 10 -18.72 5.51 43.28
C SER GB 10 -19.35 4.13 43.42
N ARG GB 11 -18.50 3.11 43.30
CA ARG GB 11 -18.93 1.72 43.39
C ARG GB 11 -18.60 1.12 44.74
N VAL GB 12 -18.46 1.95 45.77
CA VAL GB 12 -18.20 1.48 47.12
C VAL GB 12 -18.86 2.43 48.10
N PHE GB 13 -19.52 1.88 49.11
CA PHE GB 13 -20.21 2.73 50.07
C PHE GB 13 -19.20 3.43 50.95
N ASP GB 14 -19.17 4.74 50.88
CA ASP GB 14 -18.27 5.52 51.70
C ASP GB 14 -18.79 6.94 51.79
N TYR GB 15 -18.05 7.76 52.53
CA TYR GB 15 -18.36 9.17 52.65
C TYR GB 15 -18.42 9.84 51.28
N ARG GB 16 -17.61 9.36 50.34
CA ARG GB 16 -17.63 9.92 49.00
C ARG GB 16 -18.95 9.63 48.30
N TYR GB 17 -19.42 8.38 48.39
CA TYR GB 17 -20.70 8.03 47.77
C TYR GB 17 -21.83 8.83 48.39
N VAL GB 18 -21.82 8.96 49.71
CA VAL GB 18 -22.87 9.70 50.38
C VAL GB 18 -22.82 11.17 49.99
N ASP GB 19 -21.63 11.75 49.93
CA ASP GB 19 -21.50 13.14 49.55
C ASP GB 19 -21.94 13.35 48.12
N GLU GB 20 -21.71 12.36 47.25
CA GLU GB 20 -22.16 12.47 45.87
C GLU GB 20 -23.67 12.55 45.80
N ASN GB 21 -24.35 11.61 46.46
CA ASN GB 21 -25.80 11.64 46.47
C ASN GB 21 -26.31 12.94 47.10
N GLU GB 22 -25.62 13.44 48.12
CA GLU GB 22 -26.03 14.66 48.79
C GLU GB 22 -25.94 15.86 47.85
N TYR GB 23 -24.80 16.00 47.19
CA TYR GB 23 -24.59 17.11 46.28
C TYR GB 23 -25.59 17.06 45.14
N ASN GB 24 -25.84 15.87 44.62
CA ASN GB 24 -26.83 15.72 43.56
C ASN GB 24 -28.22 16.14 44.03
N PHE GB 25 -28.59 15.78 45.25
CA PHE GB 25 -29.90 16.15 45.74
C PHE GB 25 -30.03 17.64 45.95
N LYS GB 26 -28.97 18.27 46.46
CA LYS GB 26 -29.01 19.72 46.65
C LYS GB 26 -29.17 20.42 45.32
N LEU GB 27 -28.42 19.98 44.32
CA LEU GB 27 -28.53 20.57 43.00
C LEU GB 27 -29.93 20.36 42.44
N ILE GB 28 -30.54 19.21 42.72
CA ILE GB 28 -31.90 18.97 42.23
C ILE GB 28 -32.87 19.91 42.90
N SER GB 29 -32.69 20.15 44.20
CA SER GB 29 -33.58 21.04 44.92
C SER GB 29 -33.49 22.45 44.37
N ASP GB 30 -32.27 22.92 44.12
CA ASP GB 30 -32.10 24.26 43.58
C ASP GB 30 -32.69 24.35 42.17
N MET GB 31 -32.50 23.32 41.34
CA MET GB 31 -33.04 23.35 40.00
C MET GB 31 -34.56 23.40 40.02
N LEU GB 32 -35.18 22.55 40.85
CA LEU GB 32 -36.63 22.53 40.92
C LEU GB 32 -37.18 23.85 41.44
N THR GB 33 -36.53 24.41 42.45
CA THR GB 33 -36.99 25.69 42.98
C THR GB 33 -36.89 26.77 41.91
N ASP GB 34 -35.80 26.80 41.16
CA ASP GB 34 -35.65 27.78 40.10
C ASP GB 34 -36.71 27.61 39.04
N PHE GB 35 -37.02 26.36 38.67
CA PHE GB 35 -38.04 26.14 37.65
C PHE GB 35 -39.40 26.58 38.13
N ASN GB 36 -39.74 26.26 39.37
CA ASN GB 36 -41.03 26.66 39.92
C ASN GB 36 -41.13 28.18 39.99
N PHE GB 37 -40.04 28.83 40.36
CA PHE GB 37 -40.03 30.28 40.44
C PHE GB 37 -40.22 30.88 39.05
N SER GB 38 -39.53 30.33 38.05
CA SER GB 38 -39.69 30.82 36.69
C SER GB 38 -41.11 30.62 36.21
N LEU GB 39 -41.72 29.50 36.58
CA LEU GB 39 -43.08 29.25 36.16
C LEU GB 39 -44.05 30.24 36.78
N GLU GB 40 -43.91 30.49 38.08
CA GLU GB 40 -44.78 31.45 38.74
C GLU GB 40 -44.55 32.85 38.19
N TYR GB 41 -43.31 33.16 37.83
CA TYR GB 41 -43.02 34.48 37.29
C TYR GB 41 -43.63 34.64 35.91
N HIS GB 42 -43.59 33.60 35.09
CA HIS GB 42 -44.26 33.62 33.79
C HIS GB 42 -45.76 33.66 33.94
N ARG GB 43 -46.30 33.05 34.99
CA ARG GB 43 -47.73 32.92 35.14
C ARG GB 43 -48.36 34.16 35.74
N ASN GB 44 -47.62 34.90 36.57
CA ASN GB 44 -48.17 36.04 37.31
C ASN GB 44 -47.49 37.35 36.98
N LYS GB 45 -46.17 37.43 37.06
CA LYS GB 45 -45.48 38.71 37.05
C LYS GB 45 -44.84 39.07 35.72
N GLU GB 46 -44.50 38.09 34.89
CA GLU GB 46 -43.76 38.38 33.67
C GLU GB 46 -44.64 39.14 32.69
N VAL GB 47 -44.14 40.26 32.23
CA VAL GB 47 -44.83 41.09 31.27
C VAL GB 47 -44.33 40.76 29.88
N PHE GB 48 -45.23 40.92 28.90
CA PHE GB 48 -44.91 40.64 27.50
C PHE GB 48 -44.41 39.21 27.34
N ALA GB 49 -45.06 38.30 28.04
CA ALA GB 49 -44.74 36.88 27.99
C ALA GB 49 -44.95 36.35 26.58
N HIS GB 50 -46.20 36.33 26.14
CA HIS GB 50 -46.56 35.93 24.79
C HIS GB 50 -46.84 37.17 23.95
N ASN GB 51 -46.64 37.03 22.64
CA ASN GB 51 -46.77 38.14 21.70
C ASN GB 51 -48.09 38.10 20.95
N GLY GB 52 -49.16 37.66 21.59
CA GLY GB 52 -50.47 37.68 20.96
C GLY GB 52 -50.70 36.52 20.02
N GLU GB 53 -49.85 36.39 19.00
CA GLU GB 53 -50.01 35.34 18.01
C GLU GB 53 -50.01 33.94 18.61
N GLN GB 54 -49.49 33.77 19.82
CA GLN GB 54 -49.47 32.49 20.50
C GLN GB 54 -50.80 32.16 21.17
N ILE GB 55 -51.87 32.87 20.85
CA ILE GB 55 -53.16 32.71 21.50
C ILE GB 55 -54.20 32.32 20.47
N LYS GB 56 -55.11 31.44 20.88
CA LYS GB 56 -56.22 30.99 20.07
C LYS GB 56 -57.44 31.86 20.36
N TYR GB 57 -58.29 31.99 19.35
CA TYR GB 57 -59.57 32.67 19.53
C TYR GB 57 -60.56 32.03 18.57
N GLU GB 58 -61.51 31.28 19.12
CA GLU GB 58 -62.48 30.53 18.35
C GLU GB 58 -63.87 30.95 18.77
N HIS GB 59 -64.73 31.25 17.79
CA HIS GB 59 -66.10 31.62 18.07
C HIS GB 59 -66.93 31.42 16.81
N LEU GB 60 -68.03 30.70 16.94
CA LEU GB 60 -68.93 30.43 15.82
C LEU GB 60 -68.18 29.72 14.69
N ASN GB 61 -67.28 28.81 15.06
CA ASN GB 61 -66.42 28.12 14.10
C ASN GB 61 -65.61 29.12 13.28
N VAL GB 62 -65.03 30.10 13.97
CA VAL GB 62 -64.12 31.07 13.38
C VAL GB 62 -62.88 31.08 14.25
N THR GB 63 -61.90 30.24 13.90
CA THR GB 63 -60.64 30.19 14.63
C THR GB 63 -59.68 31.20 14.03
N SER GB 64 -58.92 31.86 14.90
CA SER GB 64 -57.97 32.88 14.49
C SER GB 64 -57.21 33.33 15.72
N SER GB 65 -56.14 34.08 15.48
CA SER GB 65 -55.30 34.58 16.55
C SER GB 65 -55.83 35.91 17.06
N VAL GB 66 -55.62 36.15 18.34
CA VAL GB 66 -56.11 37.36 18.96
C VAL GB 66 -55.41 38.58 18.37
N SER GB 67 -54.13 38.46 18.04
CA SER GB 67 -53.41 39.60 17.51
C SER GB 67 -53.89 39.96 16.11
N ASP GB 68 -54.38 38.98 15.36
CA ASP GB 68 -54.97 39.27 14.06
C ASP GB 68 -56.38 39.81 14.21
N PHE GB 69 -57.13 39.28 15.18
CA PHE GB 69 -58.50 39.74 15.34
C PHE GB 69 -58.55 41.16 15.86
N LEU GB 70 -57.57 41.57 16.66
CA LEU GB 70 -57.52 42.96 17.09
C LEU GB 70 -57.29 43.89 15.91
N THR GB 71 -56.40 43.50 15.00
CA THR GB 71 -56.20 44.30 13.80
C THR GB 71 -57.46 44.34 12.96
N TYR GB 72 -58.17 43.22 12.88
CA TYR GB 72 -59.41 43.17 12.11
C TYR GB 72 -60.45 44.11 12.71
N LEU GB 73 -60.54 44.13 14.05
CA LEU GB 73 -61.51 45.00 14.69
C LEU GB 73 -61.13 46.46 14.53
N ASN GB 74 -59.85 46.78 14.67
CA ASN GB 74 -59.40 48.15 14.48
C ASN GB 74 -59.66 48.60 13.05
N GLY GB 75 -59.49 47.70 12.09
CA GLY GB 75 -59.82 48.02 10.72
C GLY GB 75 -61.30 48.30 10.55
N ARG GB 76 -62.14 47.41 11.06
CA ARG GB 76 -63.58 47.61 10.93
C ARG GB 76 -64.02 48.87 11.64
N PHE GB 77 -63.32 49.27 12.69
CA PHE GB 77 -63.68 50.48 13.42
C PHE GB 77 -63.26 51.73 12.66
N SER GB 78 -62.06 51.70 12.08
CA SER GB 78 -61.60 52.82 11.26
C SER GB 78 -62.30 52.88 9.92
N ASN GB 79 -63.09 51.86 9.56
CA ASN GB 79 -63.94 51.90 8.38
C ASN GB 79 -65.42 52.03 8.70
N MET GB 80 -65.80 51.99 9.98
CA MET GB 80 -67.19 52.12 10.32
C MET GB 80 -67.69 53.52 10.02
N VAL GB 81 -68.93 53.61 9.57
CA VAL GB 81 -69.56 54.86 9.19
C VAL GB 81 -70.83 55.03 10.02
N LEU GB 82 -71.06 56.25 10.48
CA LEU GB 82 -72.16 56.55 11.38
C LEU GB 82 -72.80 57.87 11.01
N GLY GB 83 -74.11 57.94 11.15
CA GLY GB 83 -74.86 59.13 10.81
C GLY GB 83 -75.59 59.70 12.01
N HIS GB 84 -75.78 61.01 11.98
CA HIS GB 84 -76.42 61.73 13.07
C HIS GB 84 -77.92 61.52 12.93
N ASN GB 85 -78.34 60.30 13.22
CA ASN GB 85 -79.73 59.92 13.05
C ASN GB 85 -80.64 60.74 13.93
N GLY GB 86 -80.17 61.09 15.11
CA GLY GB 86 -80.94 61.88 16.02
C GLY GB 86 -80.14 62.20 17.26
N ASP GB 87 -80.87 62.53 18.32
CA ASP GB 87 -80.26 62.95 19.58
C ASP GB 87 -80.13 61.77 20.54
N GLY GB 88 -79.52 60.69 20.05
CA GLY GB 88 -79.27 59.52 20.87
C GLY GB 88 -79.61 58.19 20.22
N ILE GB 89 -79.96 58.20 18.94
CA ILE GB 89 -80.39 56.97 18.27
C ILE GB 89 -79.23 55.99 18.21
N ASN GB 90 -78.07 56.46 17.77
CA ASN GB 90 -76.88 55.62 17.71
C ASN GB 90 -76.50 55.13 19.10
N GLU GB 91 -76.69 55.98 20.11
CA GLU GB 91 -76.36 55.62 21.47
C GLU GB 91 -77.20 54.44 21.95
N VAL GB 92 -78.51 54.53 21.75
CA VAL GB 92 -79.40 53.44 22.15
C VAL GB 92 -79.12 52.19 21.33
N LYS GB 93 -78.83 52.36 20.04
CA LYS GB 93 -78.53 51.21 19.20
C LYS GB 93 -77.28 50.51 19.69
N ASP GB 94 -76.31 51.27 20.21
CA ASP GB 94 -75.13 50.66 20.79
C ASP GB 94 -75.48 49.94 22.08
N ALA GB 95 -76.35 50.53 22.88
CA ALA GB 95 -76.74 49.89 24.13
C ALA GB 95 -77.57 48.63 23.93
N ARG GB 96 -78.12 48.41 22.74
CA ARG GB 96 -79.03 47.28 22.53
C ARG GB 96 -78.40 45.91 22.73
N VAL GB 97 -77.07 45.80 22.78
CA VAL GB 97 -76.41 44.50 22.97
C VAL GB 97 -76.26 44.21 24.46
N ASP GB 98 -75.99 42.92 24.81
CA ASP GB 98 -75.71 42.53 26.22
C ASP GB 98 -74.43 41.68 26.29
N ASN GB 99 -73.28 42.34 26.23
CA ASN GB 99 -72.01 41.80 26.72
C ASN GB 99 -71.49 40.55 25.99
N THR GB 100 -72.27 40.03 25.04
CA THR GB 100 -71.96 38.79 24.35
C THR GB 100 -72.45 38.85 22.91
N GLY GB 101 -72.54 40.05 22.37
CA GLY GB 101 -73.27 40.22 21.13
C GLY GB 101 -74.74 39.92 21.32
N TYR GB 102 -75.32 39.24 20.32
CA TYR GB 102 -76.74 38.99 20.25
C TYR GB 102 -77.53 40.29 20.37
N ASP GB 103 -77.39 41.09 19.34
CA ASP GB 103 -78.10 42.36 19.27
C ASP GB 103 -79.59 42.15 19.43
N HIS GB 104 -80.16 42.81 20.43
CA HIS GB 104 -81.58 42.75 20.66
C HIS GB 104 -82.28 43.81 19.82
N LYS GB 105 -83.55 43.56 19.52
CA LYS GB 105 -84.30 44.49 18.71
C LYS GB 105 -84.67 45.75 19.47
N THR GB 106 -84.77 45.68 20.80
CA THR GB 106 -85.13 46.82 21.61
C THR GB 106 -84.38 46.77 22.92
N LEU GB 107 -83.95 47.95 23.38
CA LEU GB 107 -83.28 48.07 24.67
C LEU GB 107 -84.11 47.47 25.79
N GLN GB 108 -85.43 47.63 25.72
CA GLN GB 108 -86.29 47.03 26.75
C GLN GB 108 -86.18 45.51 26.71
N ASP GB 109 -86.15 44.93 25.52
CA ASP GB 109 -86.00 43.48 25.42
C ASP GB 109 -84.66 43.04 25.98
N ARG GB 110 -83.63 43.86 25.76
CA ARG GB 110 -82.30 43.52 26.29
C ARG GB 110 -82.31 43.53 27.81
N LEU GB 111 -82.89 44.58 28.39
CA LEU GB 111 -82.95 44.65 29.85
C LEU GB 111 -83.77 43.50 30.42
N TYR GB 112 -84.89 43.16 29.79
CA TYR GB 112 -85.69 42.04 30.27
C TYR GB 112 -84.91 40.74 30.21
N HIS GB 113 -84.18 40.53 29.11
CA HIS GB 113 -83.41 39.30 28.99
C HIS GB 113 -82.29 39.22 30.01
N ASP GB 114 -81.62 40.34 30.25
CA ASP GB 114 -80.55 40.37 31.26
C ASP GB 114 -81.10 40.07 32.64
N TYR GB 115 -82.14 40.80 33.05
CA TYR GB 115 -82.75 40.57 34.34
C TYR GB 115 -83.24 39.14 34.48
N SER GB 116 -83.82 38.59 33.43
CA SER GB 116 -84.33 37.23 33.51
C SER GB 116 -83.20 36.22 33.68
N THR GB 117 -82.09 36.42 32.94
CA THR GB 117 -80.95 35.55 33.08
C THR GB 117 -80.40 35.61 34.50
N LEU GB 118 -80.31 36.81 35.06
CA LEU GB 118 -79.75 36.97 36.40
C LEU GB 118 -80.67 36.36 37.44
N ASP GB 119 -81.98 36.54 37.30
CA ASP GB 119 -82.93 35.96 38.23
C ASP GB 119 -82.85 34.45 38.19
N ALA GB 120 -82.91 33.87 36.99
CA ALA GB 120 -82.83 32.43 36.86
C ALA GB 120 -81.54 31.89 37.46
N PHE GB 121 -80.43 32.61 37.25
CA PHE GB 121 -79.15 32.17 37.79
C PHE GB 121 -79.15 32.20 39.32
N THR GB 122 -79.42 33.36 39.91
CA THR GB 122 -79.37 33.47 41.37
C THR GB 122 -80.43 32.60 42.05
N LYS GB 123 -81.57 32.39 41.41
CA LYS GB 123 -82.60 31.55 41.99
C LYS GB 123 -82.21 30.09 41.93
N LYS GB 124 -81.58 29.68 40.82
CA LYS GB 124 -81.01 28.35 40.73
C LYS GB 124 -79.93 28.16 41.79
N VAL GB 125 -79.12 29.20 42.02
CA VAL GB 125 -78.09 29.15 43.05
C VAL GB 125 -78.73 28.93 44.41
N GLU GB 126 -79.78 29.67 44.71
CA GLU GB 126 -80.45 29.53 46.01
C GLU GB 126 -81.07 28.15 46.15
N LYS GB 127 -81.63 27.61 45.07
CA LYS GB 127 -82.19 26.26 45.12
C LYS GB 127 -81.10 25.25 45.42
N ALA GB 128 -79.94 25.39 44.77
CA ALA GB 128 -78.82 24.50 45.05
C ALA GB 128 -78.39 24.62 46.50
N VAL GB 129 -78.34 25.85 47.02
CA VAL GB 129 -77.96 26.06 48.41
C VAL GB 129 -78.92 25.33 49.34
N ASP GB 130 -80.22 25.50 49.09
CA ASP GB 130 -81.21 24.94 50.00
C ASP GB 130 -81.19 23.42 49.97
N GLU GB 131 -81.09 22.83 48.77
CA GLU GB 131 -81.06 21.38 48.70
C GLU GB 131 -79.76 20.82 49.28
N ASN GB 132 -78.65 21.54 49.14
CA ASN GB 132 -77.41 21.09 49.74
C ASN GB 132 -77.49 21.13 51.26
N TYR GB 133 -78.06 22.20 51.80
CA TYR GB 133 -78.24 22.30 53.25
C TYR GB 133 -79.15 21.20 53.76
N LYS GB 134 -80.23 20.92 53.04
CA LYS GB 134 -81.14 19.85 53.44
C LYS GB 134 -80.42 18.50 53.41
N GLU GB 135 -79.63 18.26 52.37
CA GLU GB 135 -78.87 17.02 52.28
C GLU GB 135 -77.90 16.90 53.44
N TYR GB 136 -77.22 17.99 53.79
CA TYR GB 136 -76.26 17.94 54.88
C TYR GB 136 -76.95 17.67 56.21
N ARG GB 137 -78.09 18.32 56.45
CA ARG GB 137 -78.82 18.09 57.69
C ARG GB 137 -79.30 16.64 57.78
N ALA GB 138 -79.78 16.10 56.67
CA ALA GB 138 -80.21 14.70 56.68
C ALA GB 138 -79.03 13.78 56.98
N THR GB 139 -77.92 13.98 56.28
CA THR GB 139 -76.76 13.12 56.44
C THR GB 139 -76.19 13.20 57.86
N GLU GB 140 -76.29 14.37 58.49
CA GLU GB 140 -75.74 14.53 59.82
C GLU GB 140 -76.69 13.97 60.89
N TYR GB 141 -77.94 14.45 60.89
CA TYR GB 141 -78.93 14.04 61.87
C TYR GB 141 -79.72 12.82 61.41
N ARG GB 142 -79.12 11.95 60.60
CA ARG GB 142 -79.84 10.79 60.08
C ARG GB 142 -80.27 9.88 61.21
N PHE GB 143 -81.56 9.87 61.48
CA PHE GB 143 -82.19 8.99 62.46
C PHE GB 143 -83.35 8.34 61.74
N GLU GB 144 -83.06 7.25 61.04
CA GLU GB 144 -84.03 6.53 60.21
C GLU GB 144 -84.05 5.08 60.66
N PRO GB 145 -84.59 4.80 61.84
CA PRO GB 145 -84.62 3.41 62.33
C PRO GB 145 -85.43 2.46 61.48
N LYS GB 146 -86.20 2.95 60.50
CA LYS GB 146 -86.90 2.05 59.60
C LYS GB 146 -85.97 1.39 58.61
N GLU GB 147 -84.77 1.95 58.41
CA GLU GB 147 -83.79 1.38 57.48
C GLU GB 147 -82.41 1.24 58.09
N GLN GB 148 -82.06 2.03 59.09
CA GLN GB 148 -80.71 2.01 59.63
C GLN GB 148 -80.41 0.65 60.26
N GLU GB 149 -79.12 0.38 60.40
CA GLU GB 149 -78.63 -0.90 60.88
C GLU GB 149 -78.24 -0.77 62.35
N PRO GB 150 -78.70 -1.65 63.26
CA PRO GB 150 -78.27 -1.50 64.64
C PRO GB 150 -76.80 -1.81 64.84
N GLU GB 151 -76.34 -1.73 66.08
CA GLU GB 151 -74.94 -2.00 66.40
C GLU GB 151 -74.81 -2.11 67.91
N PHE GB 152 -73.67 -2.65 68.33
CA PHE GB 152 -73.43 -2.92 69.74
C PHE GB 152 -73.19 -1.62 70.49
N ILE GB 153 -73.61 -1.59 71.75
CA ILE GB 153 -73.37 -0.48 72.66
C ILE GB 153 -72.74 -1.01 73.93
N THR GB 154 -73.42 -1.96 74.57
CA THR GB 154 -72.94 -2.52 75.83
C THR GB 154 -73.75 -3.76 76.14
N ASP GB 155 -73.09 -4.73 76.78
CA ASP GB 155 -73.75 -5.92 77.27
C ASP GB 155 -73.90 -5.80 78.78
N LEU GB 156 -75.10 -6.07 79.26
CA LEU GB 156 -75.41 -5.89 80.67
C LEU GB 156 -74.95 -7.10 81.47
N SER GB 157 -74.80 -6.89 82.78
CA SER GB 157 -74.43 -7.96 83.69
C SER GB 157 -75.08 -7.75 85.05
N PRO GB 158 -76.38 -8.07 85.16
CA PRO GB 158 -77.02 -8.14 86.47
C PRO GB 158 -77.01 -9.57 87.00
N TYR GB 159 -76.74 -9.69 88.30
CA TYR GB 159 -76.64 -11.01 88.93
C TYR GB 159 -78.05 -11.52 89.18
N THR GB 160 -78.66 -12.06 88.13
CA THR GB 160 -79.93 -12.74 88.23
C THR GB 160 -80.11 -13.66 87.04
N ASN GB 161 -80.74 -14.80 87.27
CA ASN GB 161 -81.02 -15.79 86.23
C ASN GB 161 -82.48 -15.69 85.85
N ALA GB 162 -82.78 -14.82 84.90
CA ALA GB 162 -84.13 -14.68 84.39
C ALA GB 162 -84.09 -13.90 83.08
N VAL GB 163 -85.24 -13.69 82.49
CA VAL GB 163 -85.36 -12.90 81.27
C VAL GB 163 -85.41 -11.44 81.67
N MET GB 164 -84.52 -10.64 81.10
CA MET GB 164 -84.64 -9.20 81.26
C MET GB 164 -85.93 -8.74 80.61
N GLN GB 165 -86.69 -7.90 81.32
CA GLN GB 165 -87.95 -7.41 80.80
C GLN GB 165 -87.78 -6.07 80.13
N SER GB 166 -87.02 -5.16 80.72
CA SER GB 166 -86.67 -3.94 80.01
C SER GB 166 -85.52 -3.24 80.69
N PHE GB 167 -85.17 -2.08 80.14
CA PHE GB 167 -84.03 -1.31 80.59
C PHE GB 167 -84.29 0.16 80.34
N TRP GB 168 -83.42 1.00 80.90
CA TRP GB 168 -83.49 2.42 80.66
C TRP GB 168 -82.17 3.05 81.09
N VAL GB 169 -81.58 3.81 80.21
CA VAL GB 169 -80.33 4.50 80.48
C VAL GB 169 -80.64 5.85 81.08
N ASP GB 170 -79.76 6.32 81.97
CA ASP GB 170 -79.87 7.67 82.51
C ASP GB 170 -78.92 8.58 81.75
N PRO GB 171 -79.39 9.53 80.94
CA PRO GB 171 -78.46 10.34 80.16
C PRO GB 171 -77.57 11.24 80.99
N ARG GB 172 -77.90 11.44 82.26
CA ARG GB 172 -77.13 12.34 83.12
C ARG GB 172 -76.11 11.61 83.95
N THR GB 173 -76.45 10.40 84.40
CA THR GB 173 -75.60 9.60 85.27
C THR GB 173 -75.09 8.35 84.59
N LYS GB 174 -75.67 7.95 83.46
CA LYS GB 174 -75.17 6.89 82.59
C LYS GB 174 -75.23 5.51 83.25
N ILE GB 175 -76.02 5.36 84.29
CA ILE GB 175 -76.37 4.06 84.81
C ILE GB 175 -77.52 3.49 83.99
N ILE GB 176 -77.48 2.17 83.79
CA ILE GB 176 -78.56 1.43 83.16
C ILE GB 176 -79.38 0.82 84.29
N TYR GB 177 -80.64 1.22 84.37
CA TYR GB 177 -81.60 0.61 85.28
C TYR GB 177 -82.31 -0.49 84.50
N MET GB 178 -82.15 -1.72 84.94
CA MET GB 178 -82.66 -2.89 84.24
C MET GB 178 -83.72 -3.52 85.12
N THR GB 179 -84.93 -3.61 84.57
CA THR GB 179 -86.04 -4.28 85.25
C THR GB 179 -86.16 -5.71 84.73
N GLN GB 180 -86.21 -6.65 85.66
CA GLN GB 180 -86.11 -8.07 85.38
C GLN GB 180 -87.07 -8.83 86.27
N ALA GB 181 -87.92 -9.63 85.65
CA ALA GB 181 -88.92 -10.41 86.38
C ALA GB 181 -88.25 -11.38 87.33
N ARG GB 182 -89.06 -11.99 88.20
CA ARG GB 182 -88.59 -13.07 89.05
C ARG GB 182 -89.70 -14.10 89.18
N PRO GB 183 -89.36 -15.35 89.52
CA PRO GB 183 -90.41 -16.37 89.67
C PRO GB 183 -91.40 -16.02 90.76
N GLY GB 184 -92.63 -15.75 90.36
CA GLY GB 184 -93.67 -15.28 91.26
C GLY GB 184 -94.16 -13.91 90.88
N ASN GB 185 -94.84 -13.24 91.80
CA ASN GB 185 -95.40 -11.92 91.56
C ASN GB 185 -94.45 -10.83 92.06
N HIS GB 186 -93.22 -10.87 91.54
CA HIS GB 186 -92.19 -9.96 92.00
C HIS GB 186 -91.15 -9.78 90.90
N TYR GB 187 -90.49 -8.64 90.93
CA TYR GB 187 -89.41 -8.37 90.00
C TYR GB 187 -88.34 -7.56 90.72
N MET GB 188 -87.29 -7.25 89.99
CA MET GB 188 -86.12 -6.60 90.55
C MET GB 188 -85.61 -5.55 89.58
N LEU GB 189 -85.22 -4.43 90.15
CA LEU GB 189 -84.55 -3.37 89.43
C LEU GB 189 -83.07 -3.39 89.79
N SER GB 190 -82.23 -3.16 88.80
CA SER GB 190 -80.79 -3.31 88.98
C SER GB 190 -80.07 -2.15 88.32
N ARG GB 191 -79.24 -1.46 89.10
CA ARG GB 191 -78.42 -0.36 88.62
C ARG GB 191 -77.08 -0.92 88.19
N LEU GB 192 -76.76 -0.75 86.91
CA LEU GB 192 -75.56 -1.29 86.31
C LEU GB 192 -74.77 -0.17 85.65
N LYS GB 193 -73.46 -0.41 85.52
CA LYS GB 193 -72.55 0.54 84.94
C LYS GB 193 -72.77 0.60 83.43
N PRO GB 194 -72.15 1.57 82.76
CA PRO GB 194 -72.28 1.63 81.29
C PRO GB 194 -71.81 0.37 80.60
N ASN GB 195 -70.67 -0.18 81.01
CA ASN GB 195 -70.20 -1.45 80.46
C ASN GB 195 -71.07 -2.63 80.87
N GLY GB 196 -72.03 -2.44 81.77
CA GLY GB 196 -72.92 -3.49 82.21
C GLY GB 196 -72.58 -4.08 83.55
N GLN GB 197 -71.50 -3.63 84.19
CA GLN GB 197 -71.14 -4.15 85.49
C GLN GB 197 -72.22 -3.84 86.51
N PHE GB 198 -72.27 -4.66 87.55
CA PHE GB 198 -73.30 -4.55 88.57
C PHE GB 198 -72.89 -3.54 89.62
N ILE GB 199 -73.87 -2.76 90.07
CA ILE GB 199 -73.65 -1.74 91.09
C ILE GB 199 -74.60 -2.00 92.25
N ASP GB 200 -75.90 -2.01 91.97
CA ASP GB 200 -76.89 -2.05 93.03
C ASP GB 200 -78.15 -2.75 92.52
N ARG GB 201 -79.02 -3.12 93.46
CA ARG GB 201 -80.29 -3.72 93.10
C ARG GB 201 -81.37 -3.32 94.10
N LEU GB 202 -82.60 -3.74 93.79
CA LEU GB 202 -83.78 -3.39 94.56
C LEU GB 202 -84.86 -4.40 94.20
N LEU GB 203 -85.28 -5.19 95.16
CA LEU GB 203 -86.33 -6.18 94.95
C LEU GB 203 -87.69 -5.54 95.26
N VAL GB 204 -88.53 -5.39 94.25
CA VAL GB 204 -89.88 -4.92 94.49
C VAL GB 204 -90.74 -6.15 94.77
N LYS GB 205 -91.26 -6.23 95.99
CA LYS GB 205 -91.91 -7.43 96.47
C LYS GB 205 -93.15 -7.76 95.67
N ASN GB 206 -93.82 -6.74 95.14
CA ASN GB 206 -95.15 -6.87 94.58
C ASN GB 206 -95.27 -6.20 93.22
N GLY GB 207 -94.14 -6.00 92.54
CA GLY GB 207 -94.13 -5.14 91.37
C GLY GB 207 -94.75 -5.79 90.15
N GLY GB 208 -94.65 -7.10 90.05
CA GLY GB 208 -95.17 -7.83 88.90
C GLY GB 208 -94.08 -8.24 87.94
N HIS GB 209 -94.28 -7.86 86.67
CA HIS GB 209 -93.33 -8.22 85.62
C HIS GB 209 -92.31 -7.10 85.42
N GLY GB 210 -92.73 -5.85 85.54
CA GLY GB 210 -91.83 -4.73 85.44
C GLY GB 210 -91.64 -4.23 84.02
N THR GB 211 -92.64 -4.45 83.16
CA THR GB 211 -92.55 -4.38 81.68
C THR GB 211 -91.81 -3.12 81.26
N HIS GB 212 -92.25 -1.94 81.63
CA HIS GB 212 -91.49 -0.72 81.39
C HIS GB 212 -91.93 0.35 82.37
N ASN GB 213 -90.94 1.06 82.92
CA ASN GB 213 -91.15 2.09 83.91
C ASN GB 213 -90.65 3.42 83.39
N ALA GB 214 -91.29 4.49 83.83
CA ALA GB 214 -90.96 5.84 83.37
C ALA GB 214 -90.03 6.46 84.39
N TYR GB 215 -88.81 6.77 83.97
CA TYR GB 215 -87.78 7.28 84.86
C TYR GB 215 -87.74 8.79 84.70
N ARG GB 216 -88.65 9.45 85.38
CA ARG GB 216 -88.73 10.90 85.32
C ARG GB 216 -87.58 11.50 86.09
N TYR GB 217 -87.15 12.68 85.65
CA TYR GB 217 -86.05 13.40 86.27
C TYR GB 217 -86.54 14.79 86.63
N ILE GB 218 -87.00 14.95 87.88
CA ILE GB 218 -87.12 16.28 88.44
C ILE GB 218 -85.71 16.85 88.61
N GLY GB 219 -85.62 18.18 88.67
CA GLY GB 219 -84.34 18.86 88.77
C GLY GB 219 -83.47 18.35 89.90
N ASN GB 220 -82.39 17.65 89.53
CA ASN GB 220 -81.49 17.00 90.48
C ASN GB 220 -82.24 16.01 91.37
N GLU GB 221 -83.05 15.15 90.74
CA GLU GB 221 -83.74 14.09 91.43
C GLU GB 221 -84.33 13.14 90.39
N LEU GB 222 -84.40 11.86 90.77
CA LEU GB 222 -84.96 10.82 89.94
C LEU GB 222 -86.22 10.26 90.59
N TRP GB 223 -87.18 9.86 89.76
CA TRP GB 223 -88.40 9.24 90.25
C TRP GB 223 -88.85 8.18 89.28
N ILE GB 224 -89.04 6.97 89.79
CA ILE GB 224 -89.39 5.80 88.99
C ILE GB 224 -90.89 5.61 89.09
N TYR GB 225 -91.56 5.59 87.95
CA TYR GB 225 -92.99 5.36 87.86
C TYR GB 225 -93.19 3.94 87.36
N SER GB 226 -93.88 3.11 88.14
CA SER GB 226 -94.00 1.69 87.88
C SER GB 226 -95.45 1.28 88.12
N ALA GB 227 -95.73 0.01 87.85
CA ALA GB 227 -97.06 -0.59 88.02
C ALA GB 227 -96.95 -1.68 89.07
N VAL GB 228 -97.10 -1.30 90.34
CA VAL GB 228 -97.06 -2.24 91.44
C VAL GB 228 -98.43 -2.89 91.61
N LEU GB 229 -98.43 -4.07 92.25
CA LEU GB 229 -99.63 -4.86 92.48
C LEU GB 229 -99.79 -5.05 93.99
N ASP GB 230 -100.59 -4.21 94.62
CA ASP GB 230 -100.69 -4.19 96.08
C ASP GB 230 -101.20 -5.53 96.61
N ALA GB 231 -101.29 -5.61 97.95
CA ALA GB 231 -101.65 -6.86 98.61
C ALA GB 231 -102.94 -7.44 98.06
N ASN GB 232 -103.88 -6.58 97.69
CA ASN GB 232 -105.04 -6.98 96.91
C ASN GB 232 -104.67 -6.94 95.43
N GLU GB 233 -105.23 -7.89 94.67
CA GLU GB 233 -104.81 -8.06 93.29
C GLU GB 233 -105.31 -6.91 92.43
N ASN GB 234 -104.67 -5.74 92.58
CA ASN GB 234 -105.03 -4.53 91.86
C ASN GB 234 -103.77 -3.86 91.36
N ASN GB 235 -103.78 -3.45 90.09
CA ASN GB 235 -102.62 -2.84 89.46
C ASN GB 235 -102.60 -1.37 89.80
N LYS GB 236 -101.77 -0.99 90.76
CA LYS GB 236 -101.59 0.40 91.16
C LYS GB 236 -100.42 0.99 90.38
N PHE GB 237 -100.65 2.14 89.76
CA PHE GB 237 -99.59 2.89 89.09
C PHE GB 237 -99.03 3.89 90.10
N VAL GB 238 -97.76 3.72 90.46
CA VAL GB 238 -97.19 4.35 91.64
C VAL GB 238 -95.78 4.83 91.32
N ARG GB 239 -95.37 5.93 91.97
CA ARG GB 239 -94.05 6.50 91.82
C ARG GB 239 -93.26 6.34 93.09
N PHE GB 240 -91.94 6.27 92.97
CA PHE GB 240 -91.08 6.08 94.12
C PHE GB 240 -89.65 6.47 93.76
N GLN GB 241 -88.75 6.26 94.71
CA GLN GB 241 -87.35 6.66 94.64
C GLN GB 241 -86.48 5.42 94.84
N TYR GB 242 -85.29 5.44 94.27
CA TYR GB 242 -84.39 4.29 94.36
C TYR GB 242 -83.66 4.29 95.69
N ARG GB 243 -83.59 3.11 96.31
CA ARG GB 243 -82.74 2.86 97.46
C ARG GB 243 -82.56 1.36 97.60
N THR GB 244 -81.31 0.96 97.87
CA THR GB 244 -80.97 -0.45 97.91
C THR GB 244 -81.82 -1.21 98.94
N GLY GB 245 -82.17 -2.44 98.60
CA GLY GB 245 -82.91 -3.32 99.48
C GLY GB 245 -84.15 -3.90 98.84
N GLU GB 246 -85.28 -3.78 99.53
CA GLU GB 246 -86.56 -4.23 99.02
C GLU GB 246 -87.62 -3.18 99.29
N ILE GB 247 -88.67 -3.18 98.47
CA ILE GB 247 -89.75 -2.21 98.60
C ILE GB 247 -91.08 -2.87 98.31
N THR GB 248 -92.12 -2.37 98.99
CA THR GB 248 -93.49 -2.85 98.83
C THR GB 248 -94.43 -1.67 98.96
N TYR GB 249 -95.67 -1.87 98.52
CA TYR GB 249 -96.69 -0.84 98.66
C TYR GB 249 -96.87 -0.49 100.13
N GLY GB 250 -96.89 0.81 100.42
CA GLY GB 250 -97.02 1.29 101.76
C GLY GB 250 -96.50 2.69 101.93
N ASN GB 251 -95.61 2.88 102.90
CA ASN GB 251 -95.08 4.21 103.20
C ASN GB 251 -94.02 4.63 102.18
N GLU GB 252 -93.10 3.73 101.85
CA GLU GB 252 -92.05 4.07 100.90
C GLU GB 252 -92.61 4.37 99.53
N MET GB 253 -93.66 3.65 99.14
CA MET GB 253 -94.29 3.84 97.85
C MET GB 253 -95.24 5.03 97.93
N GLN GB 254 -95.15 5.95 96.98
CA GLN GB 254 -95.93 7.18 96.95
C GLN GB 254 -96.86 7.12 95.75
N ASP GB 255 -98.15 6.92 96.00
CA ASP GB 255 -99.12 6.85 94.92
C ASP GB 255 -99.20 8.18 94.18
N VAL GB 256 -99.59 8.09 92.91
CA VAL GB 256 -99.76 9.26 92.05
C VAL GB 256 -101.11 9.13 91.36
N MET GB 257 -101.97 10.15 91.55
CA MET GB 257 -103.30 10.23 90.97
C MET GB 257 -104.08 8.94 91.23
N PRO GB 258 -104.46 8.67 92.46
CA PRO GB 258 -105.11 7.39 92.80
C PRO GB 258 -106.61 7.36 92.48
N ASN GB 259 -106.96 7.82 91.27
CA ASN GB 259 -108.35 7.87 90.83
C ASN GB 259 -108.55 7.30 89.44
N ILE GB 260 -107.62 7.52 88.51
CA ILE GB 260 -107.80 7.16 87.11
C ILE GB 260 -106.61 6.36 86.58
N PHE GB 261 -105.82 5.79 87.48
CA PHE GB 261 -104.65 5.00 87.09
C PHE GB 261 -104.50 3.74 87.92
N ASN GB 262 -105.57 3.32 88.60
CA ASN GB 262 -105.51 2.16 89.48
C ASN GB 262 -106.65 1.19 89.22
N ASP GB 263 -107.45 1.42 88.18
CA ASP GB 263 -108.42 0.43 87.72
C ASP GB 263 -107.83 -0.53 86.72
N ARG GB 264 -107.20 -0.03 85.65
CA ARG GB 264 -106.62 -0.85 84.61
C ARG GB 264 -105.11 -0.93 84.81
N TYR GB 265 -104.53 -2.05 84.42
CA TYR GB 265 -103.09 -2.22 84.50
C TYR GB 265 -102.42 -1.23 83.53
N THR GB 266 -101.57 -0.38 84.11
CA THR GB 266 -101.08 0.83 83.46
C THR GB 266 -99.58 0.93 83.64
N SER GB 267 -98.84 0.70 82.56
CA SER GB 267 -97.40 0.93 82.52
C SER GB 267 -97.13 2.28 81.89
N ALA GB 268 -95.91 2.77 82.07
CA ALA GB 268 -95.60 4.18 81.80
C ALA GB 268 -94.22 4.36 81.20
N ILE GB 269 -94.13 5.38 80.34
CA ILE GB 269 -92.90 5.89 79.76
C ILE GB 269 -92.91 7.40 79.93
N TYR GB 270 -91.72 8.00 80.02
CA TYR GB 270 -91.56 9.45 80.11
C TYR GB 270 -90.60 9.92 79.03
N ASN GB 271 -90.98 10.99 78.34
CA ASN GB 271 -90.16 11.62 77.31
C ASN GB 271 -89.80 13.01 77.77
N PRO GB 272 -88.52 13.33 78.05
CA PRO GB 272 -88.21 14.61 78.67
C PRO GB 272 -88.14 15.77 77.69
N ILE GB 273 -87.81 15.47 76.43
CA ILE GB 273 -87.64 16.54 75.44
C ILE GB 273 -88.95 17.29 75.24
N GLU GB 274 -90.07 16.57 75.23
CA GLU GB 274 -91.40 17.16 75.16
C GLU GB 274 -92.10 17.19 76.50
N ASN GB 275 -91.51 16.61 77.54
CA ASN GB 275 -92.09 16.58 78.88
C ASN GB 275 -93.46 15.89 78.85
N LEU GB 276 -93.48 14.71 78.25
CA LEU GB 276 -94.70 13.93 78.06
C LEU GB 276 -94.59 12.61 78.80
N MET GB 277 -95.74 11.97 78.99
CA MET GB 277 -95.83 10.66 79.60
C MET GB 277 -96.76 9.80 78.75
N ILE GB 278 -96.25 8.65 78.31
CA ILE GB 278 -96.99 7.71 77.50
C ILE GB 278 -97.40 6.55 78.40
N PHE GB 279 -98.70 6.41 78.65
CA PHE GB 279 -99.23 5.29 79.41
C PHE GB 279 -99.73 4.23 78.44
N ARG GB 280 -99.34 2.99 78.70
CA ARG GB 280 -99.92 1.82 78.05
C ARG GB 280 -100.86 1.18 79.05
N ARG GB 281 -102.13 1.03 78.66
CA ARG GB 281 -103.15 0.50 79.55
C ARG GB 281 -103.83 -0.67 78.88
N GLU GB 282 -103.93 -1.79 79.59
CA GLU GB 282 -104.56 -2.95 78.98
C GLU GB 282 -106.08 -2.79 79.00
N TYR GB 283 -106.73 -3.50 78.09
CA TYR GB 283 -108.19 -3.59 78.06
C TYR GB 283 -108.63 -4.74 78.95
N LYS GB 284 -109.44 -4.43 79.96
CA LYS GB 284 -110.07 -5.49 80.72
C LYS GB 284 -110.96 -6.31 79.81
N ALA GB 285 -111.22 -7.55 80.23
CA ALA GB 285 -111.63 -8.66 79.36
C ALA GB 285 -112.64 -8.34 78.28
N SER GB 286 -113.80 -7.80 78.65
CA SER GB 286 -114.90 -7.64 77.70
C SER GB 286 -114.54 -6.63 76.62
N GLU GB 287 -114.02 -5.47 77.02
CA GLU GB 287 -113.65 -4.44 76.07
C GLU GB 287 -112.59 -4.95 75.12
N ARG GB 288 -111.58 -5.64 75.67
CA ARG GB 288 -110.56 -6.31 74.86
C ARG GB 288 -111.21 -7.22 73.82
N GLN GB 289 -112.06 -8.14 74.28
CA GLN GB 289 -112.58 -9.18 73.42
C GLN GB 289 -113.40 -8.61 72.28
N LEU GB 290 -114.23 -7.61 72.58
CA LEU GB 290 -115.02 -6.99 71.52
C LEU GB 290 -114.12 -6.22 70.57
N LYS GB 291 -113.35 -5.26 71.09
CA LYS GB 291 -112.66 -4.32 70.24
C LYS GB 291 -111.43 -4.89 69.55
N ASN GB 292 -111.04 -6.12 69.88
CA ASN GB 292 -109.88 -6.75 69.24
C ASN GB 292 -108.63 -5.92 69.45
N SER GB 293 -108.46 -5.47 70.69
CA SER GB 293 -107.32 -4.65 71.07
C SER GB 293 -106.97 -4.99 72.51
N LEU GB 294 -105.84 -5.67 72.71
CA LEU GB 294 -105.46 -6.12 74.04
C LEU GB 294 -105.10 -4.95 74.94
N ASN GB 295 -104.70 -3.82 74.36
CA ASN GB 295 -104.29 -2.67 75.15
C ASN GB 295 -104.50 -1.43 74.30
N PHE GB 296 -104.17 -0.28 74.86
CA PHE GB 296 -104.10 0.94 74.11
C PHE GB 296 -103.01 1.82 74.71
N VAL GB 297 -102.79 2.95 74.07
CA VAL GB 297 -101.77 3.91 74.46
C VAL GB 297 -102.42 5.27 74.56
N GLU GB 298 -101.89 6.07 75.48
CA GLU GB 298 -102.43 7.40 75.67
C GLU GB 298 -101.33 8.32 76.15
N VAL GB 299 -101.16 9.41 75.41
CA VAL GB 299 -100.12 10.38 75.67
C VAL GB 299 -100.73 11.53 76.44
N ARG GB 300 -100.19 11.79 77.63
CA ARG GB 300 -100.60 12.86 78.51
C ARG GB 300 -99.38 13.73 78.81
N SER GB 301 -99.63 14.89 79.39
CA SER GB 301 -98.55 15.82 79.72
C SER GB 301 -97.96 15.49 81.08
N ALA GB 302 -96.63 15.54 81.16
CA ALA GB 302 -95.94 15.21 82.40
C ALA GB 302 -96.31 16.17 83.51
N ASP GB 303 -96.29 17.47 83.23
CA ASP GB 303 -96.67 18.45 84.23
C ASP GB 303 -98.13 18.32 84.61
N ASP GB 304 -98.98 17.92 83.67
CA ASP GB 304 -100.39 17.73 83.96
C ASP GB 304 -100.58 16.58 84.93
N ILE GB 305 -99.91 15.45 84.68
CA ILE GB 305 -99.95 14.34 85.62
C ILE GB 305 -99.35 14.75 86.96
N ASP GB 306 -98.36 15.64 86.93
CA ASP GB 306 -97.73 16.07 88.16
C ASP GB 306 -98.70 16.84 89.03
N LYS GB 307 -99.37 17.84 88.44
CA LYS GB 307 -100.35 18.60 89.20
C LYS GB 307 -101.64 17.83 89.43
N GLY GB 308 -101.85 16.71 88.75
CA GLY GB 308 -102.89 15.79 89.14
C GLY GB 308 -104.27 16.07 88.58
N ILE GB 309 -104.39 16.11 87.24
CA ILE GB 309 -105.69 16.24 86.59
C ILE GB 309 -105.70 15.36 85.35
N ASP GB 310 -106.89 15.23 84.77
CA ASP GB 310 -107.07 14.48 83.53
C ASP GB 310 -106.86 15.44 82.36
N LYS GB 311 -105.87 15.15 81.52
CA LYS GB 311 -105.72 15.83 80.24
C LYS GB 311 -105.10 14.81 79.29
N VAL GB 312 -105.97 14.09 78.58
CA VAL GB 312 -105.52 13.22 77.51
C VAL GB 312 -105.22 14.08 76.29
N LEU GB 313 -104.01 13.94 75.77
CA LEU GB 313 -103.58 14.67 74.59
C LEU GB 313 -103.65 13.82 73.34
N TYR GB 314 -103.40 12.52 73.46
CA TYR GB 314 -103.53 11.64 72.31
C TYR GB 314 -103.91 10.24 72.75
N GLN GB 315 -104.58 9.53 71.85
CA GLN GB 315 -105.03 8.17 72.05
C GLN GB 315 -104.54 7.30 70.92
N MET GB 316 -104.49 5.99 71.18
CA MET GB 316 -104.17 5.03 70.13
C MET GB 316 -104.67 3.66 70.56
N ASP GB 317 -105.71 3.17 69.91
CA ASP GB 317 -106.22 1.82 70.12
C ASP GB 317 -105.47 0.90 69.18
N ILE GB 318 -104.43 0.28 69.68
CA ILE GB 318 -103.55 -0.58 68.88
C ILE GB 318 -104.32 -1.82 68.45
N PRO GB 319 -104.04 -2.40 67.27
CA PRO GB 319 -104.64 -3.70 66.94
C PRO GB 319 -104.05 -4.85 67.74
N MET GB 320 -104.45 -6.06 67.37
CA MET GB 320 -104.02 -7.29 68.00
C MET GB 320 -102.87 -7.96 67.28
N GLU GB 321 -102.61 -7.58 66.02
CA GLU GB 321 -101.53 -8.20 65.26
C GLU GB 321 -100.18 -7.91 65.91
N TYR GB 322 -100.03 -6.76 66.52
CA TYR GB 322 -98.80 -6.36 67.17
C TYR GB 322 -98.76 -6.74 68.64
N THR GB 323 -99.67 -7.61 69.09
CA THR GB 323 -99.65 -8.10 70.45
C THR GB 323 -100.03 -9.57 70.57
N SER GB 324 -100.23 -10.28 69.46
CA SER GB 324 -100.61 -11.69 69.53
C SER GB 324 -99.47 -12.51 70.14
N ASP GB 325 -99.75 -13.80 70.36
CA ASP GB 325 -98.75 -14.68 70.95
C ASP GB 325 -97.52 -14.81 70.07
N THR GB 326 -97.67 -14.66 68.77
CA THR GB 326 -96.54 -14.73 67.86
C THR GB 326 -95.73 -13.44 67.85
N GLN GB 327 -96.34 -12.31 68.24
CA GLN GB 327 -95.65 -11.02 68.29
C GLN GB 327 -96.23 -10.21 69.44
N PRO GB 328 -95.92 -10.61 70.67
CA PRO GB 328 -96.37 -9.84 71.83
C PRO GB 328 -95.50 -8.63 72.08
N MET GB 329 -96.09 -7.63 72.72
CA MET GB 329 -95.36 -6.43 73.08
C MET GB 329 -94.26 -6.76 74.08
N GLN GB 330 -93.08 -6.18 73.86
CA GLN GB 330 -91.99 -6.25 74.82
C GLN GB 330 -91.25 -4.92 74.95
N GLY GB 331 -91.87 -3.81 74.54
CA GLY GB 331 -91.23 -2.52 74.67
C GLY GB 331 -91.91 -1.42 73.88
N ILE GB 332 -91.94 -0.20 74.44
CA ILE GB 332 -92.49 0.95 73.75
C ILE GB 332 -91.71 2.19 74.12
N THR GB 333 -91.81 3.21 73.28
CA THR GB 333 -91.23 4.51 73.59
C THR GB 333 -91.80 5.54 72.62
N TYR GB 334 -91.35 6.78 72.78
CA TYR GB 334 -91.82 7.91 71.98
C TYR GB 334 -90.65 8.83 71.69
N ASP GB 335 -90.38 9.07 70.41
CA ASP GB 335 -89.28 9.91 69.97
C ASP GB 335 -89.71 11.33 69.65
N ALA GB 336 -90.76 11.82 70.30
CA ALA GB 336 -91.34 13.14 70.00
C ALA GB 336 -91.79 13.20 68.54
N GLY GB 337 -92.78 12.36 68.23
CA GLY GB 337 -93.42 12.37 66.94
C GLY GB 337 -93.92 11.02 66.49
N ILE GB 338 -93.30 9.94 66.96
CA ILE GB 338 -93.70 8.58 66.60
C ILE GB 338 -93.64 7.72 67.84
N LEU GB 339 -94.62 6.83 67.97
CA LEU GB 339 -94.65 5.84 69.05
C LEU GB 339 -93.99 4.58 68.52
N TYR GB 340 -92.82 4.26 69.04
CA TYR GB 340 -92.10 3.06 68.66
C TYR GB 340 -92.61 1.90 69.51
N TRP GB 341 -92.89 0.79 68.85
CA TRP GB 341 -93.46 -0.39 69.47
C TRP GB 341 -92.61 -1.59 69.06
N TYR GB 342 -92.35 -2.47 70.02
CA TYR GB 342 -91.48 -3.61 69.84
C TYR GB 342 -92.26 -4.89 70.06
N THR GB 343 -92.07 -5.86 69.17
CA THR GB 343 -92.79 -7.11 69.22
C THR GB 343 -91.82 -8.25 68.93
N GLY GB 344 -92.11 -9.40 69.51
CA GLY GB 344 -91.27 -10.55 69.37
C GLY GB 344 -91.66 -11.63 70.36
N ASP GB 345 -91.66 -12.88 69.91
CA ASP GB 345 -91.95 -14.01 70.75
C ASP GB 345 -90.65 -14.73 71.06
N SER GB 346 -90.67 -15.56 72.10
CA SER GB 346 -89.46 -16.29 72.49
C SER GB 346 -89.21 -17.43 71.52
N LYS GB 347 -88.93 -17.09 70.27
CA LYS GB 347 -88.74 -18.05 69.22
C LYS GB 347 -88.03 -17.31 68.08
N PRO GB 348 -86.88 -17.77 67.61
CA PRO GB 348 -86.21 -17.05 66.52
C PRO GB 348 -86.78 -17.34 65.15
N ALA GB 349 -87.59 -18.39 65.01
CA ALA GB 349 -88.27 -18.64 63.74
C ALA GB 349 -89.13 -17.45 63.35
N ASN GB 350 -89.94 -16.96 64.28
CA ASN GB 350 -90.74 -15.76 64.07
C ASN GB 350 -89.86 -14.54 64.30
N PRO GB 351 -89.44 -13.80 63.27
CA PRO GB 351 -88.54 -12.68 63.52
C PRO GB 351 -89.24 -11.58 64.29
N ASN GB 352 -88.45 -10.90 65.12
CA ASN GB 352 -88.97 -9.81 65.91
C ASN GB 352 -89.10 -8.57 65.05
N TYR GB 353 -90.03 -7.69 65.43
CA TYR GB 353 -90.39 -6.54 64.62
C TYR GB 353 -90.44 -5.30 65.50
N LEU GB 354 -90.10 -4.17 64.91
CA LEU GB 354 -90.33 -2.87 65.53
C LEU GB 354 -91.02 -1.97 64.54
N GLN GB 355 -91.98 -1.21 65.02
CA GLN GB 355 -92.85 -0.42 64.17
C GLN GB 355 -93.08 0.93 64.81
N GLY GB 356 -93.56 1.86 64.00
CA GLY GB 356 -93.81 3.21 64.42
C GLY GB 356 -95.22 3.64 64.09
N PHE GB 357 -96.00 3.85 65.14
CA PHE GB 357 -97.38 4.32 65.01
C PHE GB 357 -97.36 5.81 65.26
N ASP GB 358 -97.73 6.58 64.24
CA ASP GB 358 -97.85 8.02 64.39
C ASP GB 358 -99.19 8.31 65.04
N ILE GB 359 -99.17 8.63 66.34
CA ILE GB 359 -100.39 8.85 67.12
C ILE GB 359 -101.30 9.90 66.47
N LYS GB 360 -100.73 10.82 65.70
CA LYS GB 360 -101.53 11.81 65.01
C LYS GB 360 -102.20 11.28 63.75
N THR GB 361 -101.83 10.08 63.29
CA THR GB 361 -102.43 9.46 62.11
C THR GB 361 -103.01 8.10 62.47
N LYS GB 362 -102.41 7.45 63.48
CA LYS GB 362 -102.87 6.17 63.98
C LYS GB 362 -102.79 5.10 62.90
N GLU GB 363 -101.58 4.89 62.40
CA GLU GB 363 -101.36 3.88 61.38
C GLU GB 363 -99.89 3.50 61.33
N LEU GB 364 -99.66 2.21 61.10
CA LEU GB 364 -98.32 1.68 60.91
C LEU GB 364 -97.68 2.29 59.67
N LEU GB 365 -96.36 2.49 59.70
CA LEU GB 365 -95.67 3.08 58.57
C LEU GB 365 -94.46 2.30 58.05
N PHE GB 366 -93.65 1.60 58.91
CA PHE GB 366 -92.51 0.85 58.34
C PHE GB 366 -92.42 -0.63 58.70
N LYS GB 367 -92.59 -1.01 59.97
CA LYS GB 367 -92.53 -2.42 60.37
C LYS GB 367 -91.21 -3.08 59.97
N ARG GB 368 -90.13 -2.63 60.62
CA ARG GB 368 -88.81 -3.19 60.35
C ARG GB 368 -88.60 -4.48 61.12
N ARG GB 369 -87.84 -5.38 60.52
CA ARG GB 369 -87.45 -6.63 61.15
C ARG GB 369 -86.12 -6.45 61.88
N ILE GB 370 -85.95 -7.22 62.96
CA ILE GB 370 -84.73 -7.23 63.75
C ILE GB 370 -84.13 -8.63 63.68
N ASP GB 371 -82.80 -8.69 63.59
CA ASP GB 371 -82.07 -9.94 63.60
C ASP GB 371 -80.79 -9.79 64.42
N ILE GB 372 -80.89 -9.15 65.58
CA ILE GB 372 -79.72 -8.68 66.30
C ILE GB 372 -79.26 -9.64 67.38
N GLY GB 373 -79.77 -10.87 67.40
CA GLY GB 373 -79.27 -11.83 68.37
C GLY GB 373 -77.78 -12.08 68.25
N GLY GB 374 -77.20 -11.85 67.08
CA GLY GB 374 -75.80 -12.10 66.83
C GLY GB 374 -75.55 -12.41 65.38
N VAL GB 375 -74.91 -13.55 65.13
CA VAL GB 375 -74.61 -13.94 63.77
C VAL GB 375 -75.90 -14.22 63.00
N ASN GB 376 -75.79 -14.21 61.67
CA ASN GB 376 -76.91 -14.36 60.76
C ASN GB 376 -77.76 -15.58 61.06
N ASN GB 377 -79.08 -15.34 61.19
CA ASN GB 377 -80.13 -16.38 61.22
C ASN GB 377 -79.79 -17.56 62.12
N ASN GB 378 -79.00 -17.30 63.17
CA ASN GB 378 -78.53 -18.32 64.08
C ASN GB 378 -77.89 -17.58 65.24
N PHE GB 379 -78.17 -18.01 66.46
CA PHE GB 379 -77.74 -17.30 67.65
C PHE GB 379 -77.17 -18.30 68.63
N LYS GB 380 -76.79 -17.80 69.80
CA LYS GB 380 -76.02 -18.61 70.73
C LYS GB 380 -76.87 -19.75 71.26
N GLY GB 381 -77.95 -19.40 71.94
CA GLY GB 381 -78.83 -20.42 72.45
C GLY GB 381 -79.68 -21.02 71.35
N ASP GB 382 -80.22 -22.21 71.65
CA ASP GB 382 -81.21 -22.82 70.77
C ASP GB 382 -82.41 -21.90 70.56
N PHE GB 383 -82.68 -21.01 71.51
CA PHE GB 383 -83.71 -19.99 71.36
C PHE GB 383 -83.20 -18.69 71.93
N GLN GB 384 -84.00 -17.65 71.79
CA GLN GB 384 -83.69 -16.32 72.31
C GLN GB 384 -84.96 -15.47 72.26
N GLU GB 385 -84.80 -14.16 72.48
CA GLU GB 385 -85.88 -13.22 72.25
C GLU GB 385 -85.29 -11.82 72.27
N ALA GB 386 -86.02 -10.89 71.69
CA ALA GB 386 -85.74 -9.48 71.81
C ALA GB 386 -86.68 -8.88 72.86
N GLU GB 387 -86.11 -8.17 73.83
CA GLU GB 387 -86.83 -7.76 75.03
C GLU GB 387 -86.34 -6.38 75.44
N GLY GB 388 -87.27 -5.48 75.65
CA GLY GB 388 -86.95 -4.15 76.14
C GLY GB 388 -86.79 -3.13 75.02
N LEU GB 389 -86.85 -1.87 75.41
CA LEU GB 389 -86.74 -0.76 74.47
C LEU GB 389 -86.52 0.52 75.24
N ASP GB 390 -85.77 1.45 74.63
CA ASP GB 390 -85.44 2.70 75.26
C ASP GB 390 -85.05 3.72 74.20
N MET GB 391 -85.36 4.97 74.47
CA MET GB 391 -84.98 6.09 73.64
C MET GB 391 -83.98 6.92 74.44
N TYR GB 392 -82.73 6.88 74.00
CA TYR GB 392 -81.70 7.68 74.62
C TYR GB 392 -81.75 9.10 74.09
N TYR GB 393 -81.50 10.06 74.96
CA TYR GB 393 -81.49 11.48 74.60
C TYR GB 393 -80.18 12.06 75.10
N ASP GB 394 -79.25 12.29 74.19
CA ASP GB 394 -77.95 12.85 74.55
C ASP GB 394 -78.16 14.21 75.18
N LEU GB 395 -77.90 14.28 76.48
CA LEU GB 395 -78.12 15.52 77.21
C LEU GB 395 -77.24 16.64 76.68
N GLU GB 396 -76.01 16.32 76.29
CA GLU GB 396 -75.05 17.35 75.96
C GLU GB 396 -75.33 17.97 74.60
N THR GB 397 -75.23 17.17 73.54
CA THR GB 397 -75.37 17.65 72.18
C THR GB 397 -76.81 17.67 71.70
N GLY GB 398 -77.77 17.30 72.55
CA GLY GB 398 -79.15 17.18 72.12
C GLY GB 398 -79.42 16.02 71.19
N ARG GB 399 -78.43 15.19 70.91
CA ARG GB 399 -78.64 14.03 70.06
C ARG GB 399 -79.52 13.02 70.77
N LYS GB 400 -79.97 12.02 70.02
CA LYS GB 400 -80.91 11.05 70.52
C LYS GB 400 -80.68 9.74 69.80
N ALA GB 401 -80.64 8.66 70.57
CA ALA GB 401 -80.40 7.33 70.03
C ALA GB 401 -81.47 6.38 70.52
N LEU GB 402 -81.84 5.46 69.65
CA LEU GB 402 -82.87 4.47 69.93
C LEU GB 402 -82.19 3.17 70.31
N LEU GB 403 -82.30 2.79 71.56
CA LEU GB 403 -81.70 1.58 72.09
C LEU GB 403 -82.71 0.44 72.12
N ILE GB 404 -82.19 -0.77 71.99
CA ILE GB 404 -82.99 -1.98 71.95
C ILE GB 404 -82.28 -3.04 72.76
N GLY GB 405 -83.03 -3.73 73.61
CA GLY GB 405 -82.50 -4.85 74.37
C GLY GB 405 -82.80 -6.16 73.68
N VAL GB 406 -81.81 -7.05 73.68
CA VAL GB 406 -81.96 -8.38 73.10
C VAL GB 406 -81.31 -9.37 74.03
N THR GB 407 -82.06 -10.43 74.38
CA THR GB 407 -81.63 -11.42 75.34
C THR GB 407 -81.52 -12.77 74.65
N ILE GB 408 -80.31 -13.34 74.67
CA ILE GB 408 -79.98 -14.55 73.94
C ILE GB 408 -79.51 -15.60 74.93
N GLY GB 409 -79.23 -16.79 74.42
CA GLY GB 409 -78.80 -17.90 75.23
C GLY GB 409 -79.96 -18.81 75.56
N PRO GB 410 -79.66 -19.99 76.07
CA PRO GB 410 -80.72 -20.96 76.36
C PRO GB 410 -81.54 -20.56 77.57
N GLY GB 411 -82.41 -21.45 78.04
CA GLY GB 411 -83.34 -21.15 79.10
C GLY GB 411 -82.70 -20.62 80.38
N ASN GB 412 -81.93 -21.46 81.06
CA ASN GB 412 -81.28 -21.01 82.29
C ASN GB 412 -80.16 -20.03 82.00
N ASN GB 413 -79.21 -20.43 81.16
CA ASN GB 413 -78.08 -19.59 80.83
C ASN GB 413 -78.54 -18.51 79.86
N ARG GB 414 -78.47 -17.25 80.28
CA ARG GB 414 -78.93 -16.13 79.49
C ARG GB 414 -77.90 -15.02 79.47
N HIS GB 415 -78.00 -14.19 78.43
CA HIS GB 415 -77.02 -13.14 78.15
C HIS GB 415 -77.74 -12.05 77.36
N HIS GB 416 -77.87 -10.87 77.94
CA HIS GB 416 -78.70 -9.83 77.38
C HIS GB 416 -77.93 -8.53 77.21
N SER GB 417 -78.05 -7.97 76.01
CA SER GB 417 -77.24 -6.85 75.57
C SER GB 417 -78.13 -5.74 75.03
N ILE GB 418 -77.51 -4.59 74.83
CA ILE GB 418 -78.16 -3.35 74.42
C ILE GB 418 -77.50 -2.89 73.13
N TYR GB 419 -78.28 -2.86 72.06
CA TYR GB 419 -77.82 -2.35 70.77
C TYR GB 419 -78.49 -1.00 70.51
N SER GB 420 -78.01 -0.31 69.49
CA SER GB 420 -78.49 1.03 69.14
C SER GB 420 -78.66 1.15 67.64
N ILE GB 421 -79.73 1.84 67.25
CA ILE GB 421 -80.01 2.17 65.87
C ILE GB 421 -79.98 3.69 65.77
N GLY GB 422 -79.17 4.33 66.60
CA GLY GB 422 -79.28 5.74 66.86
C GLY GB 422 -78.55 6.65 65.91
N GLN GB 423 -78.04 7.75 66.46
CA GLN GB 423 -77.59 8.90 65.68
C GLN GB 423 -76.07 8.96 65.65
N ARG GB 424 -75.57 9.93 64.88
CA ARG GB 424 -74.13 10.09 64.73
C ARG GB 424 -73.50 10.55 66.04
N GLY GB 425 -72.48 9.81 66.47
CA GLY GB 425 -71.72 10.13 67.66
C GLY GB 425 -72.24 9.48 68.92
N VAL GB 426 -73.53 9.21 69.00
CA VAL GB 426 -74.14 8.76 70.24
C VAL GB 426 -73.75 7.32 70.54
N ASN GB 427 -73.83 6.44 69.55
CA ASN GB 427 -73.46 5.04 69.78
C ASN GB 427 -72.01 4.94 70.20
N GLN GB 428 -71.15 5.73 69.55
CA GLN GB 428 -69.74 5.78 69.92
C GLN GB 428 -69.57 6.24 71.36
N PHE GB 429 -70.25 7.33 71.71
CA PHE GB 429 -70.14 7.88 73.06
C PHE GB 429 -70.57 6.86 74.11
N LEU GB 430 -71.73 6.23 73.90
CA LEU GB 430 -72.20 5.24 74.85
C LEU GB 430 -71.25 4.08 74.97
N LYS GB 431 -70.69 3.64 73.84
CA LYS GB 431 -69.75 2.55 73.85
C LYS GB 431 -68.48 2.93 74.63
N ASN GB 432 -68.16 4.22 74.65
CA ASN GB 432 -66.89 4.70 75.19
C ASN GB 432 -67.02 5.55 76.44
N ILE GB 433 -68.16 5.48 77.15
CA ILE GB 433 -68.23 6.14 78.45
C ILE GB 433 -67.22 5.52 79.39
N ALA GB 434 -67.15 4.19 79.39
CA ALA GB 434 -66.27 3.46 80.30
C ALA GB 434 -65.93 2.14 79.63
N PRO GB 435 -64.84 1.49 80.05
CA PRO GB 435 -64.35 0.32 79.31
C PRO GB 435 -65.06 -0.96 79.69
N GLN GB 436 -64.97 -1.92 78.78
CA GLN GB 436 -65.52 -3.25 79.03
C GLN GB 436 -64.72 -3.93 80.13
N VAL GB 437 -65.43 -4.68 80.98
CA VAL GB 437 -64.82 -5.27 82.17
C VAL GB 437 -64.10 -6.54 81.73
N SER GB 438 -62.80 -6.44 81.53
CA SER GB 438 -61.96 -7.56 81.13
C SER GB 438 -61.22 -8.09 82.36
N MET GB 439 -60.52 -9.21 82.15
CA MET GB 439 -59.77 -9.83 83.25
C MET GB 439 -58.68 -8.91 83.76
N THR GB 440 -58.20 -8.00 82.92
CA THR GB 440 -57.26 -6.97 83.34
C THR GB 440 -57.57 -5.69 82.59
N ASP GB 441 -56.98 -4.60 83.07
CA ASP GB 441 -57.15 -3.32 82.43
C ASP GB 441 -56.48 -3.33 81.07
N SER GB 442 -56.88 -2.37 80.21
CA SER GB 442 -56.21 -2.20 78.93
C SER GB 442 -54.74 -1.91 79.19
N GLY GB 443 -53.88 -2.85 78.82
CA GLY GB 443 -52.49 -2.81 79.18
C GLY GB 443 -52.16 -3.95 80.11
N GLY GB 444 -50.95 -4.48 80.03
CA GLY GB 444 -50.60 -5.62 80.83
C GLY GB 444 -50.18 -5.20 82.22
N ARG GB 445 -51.13 -5.28 83.13
CA ARG GB 445 -50.91 -4.95 84.54
C ARG GB 445 -52.16 -5.35 85.29
N VAL GB 446 -51.97 -5.65 86.56
CA VAL GB 446 -53.07 -6.06 87.41
C VAL GB 446 -54.02 -4.87 87.60
N LYS GB 447 -55.31 -5.18 87.68
CA LYS GB 447 -56.26 -4.15 88.04
C LYS GB 447 -56.03 -3.73 89.48
N PRO GB 448 -56.60 -2.61 89.88
CA PRO GB 448 -56.51 -2.19 91.28
C PRO GB 448 -57.72 -2.67 92.07
N LEU GB 449 -57.58 -2.56 93.39
CA LEU GB 449 -58.67 -2.98 94.25
C LEU GB 449 -59.81 -1.98 94.16
N PRO GB 450 -61.06 -2.43 94.26
CA PRO GB 450 -62.17 -1.48 94.24
C PRO GB 450 -62.22 -0.63 95.48
N ILE GB 451 -61.61 -1.07 96.57
CA ILE GB 451 -61.73 -0.46 97.88
C ILE GB 451 -60.34 -0.43 98.49
N GLN GB 452 -60.19 0.41 99.53
CA GLN GB 452 -59.00 0.42 100.38
C GLN GB 452 -58.89 -0.90 101.13
N ASN GB 453 -57.92 -1.00 102.05
CA ASN GB 453 -57.60 -2.23 102.77
C ASN GB 453 -58.87 -2.90 103.31
N PRO GB 454 -59.33 -4.01 102.70
CA PRO GB 454 -60.63 -4.55 103.10
C PRO GB 454 -60.51 -5.58 104.21
N ALA GB 455 -61.31 -5.42 105.26
CA ALA GB 455 -61.39 -6.45 106.29
C ALA GB 455 -61.86 -7.76 105.68
N TYR GB 456 -62.90 -7.71 104.87
CA TYR GB 456 -63.52 -8.88 104.27
C TYR GB 456 -63.22 -8.85 102.77
N LEU GB 457 -62.39 -9.80 102.33
CA LEU GB 457 -62.09 -9.90 100.91
C LEU GB 457 -63.34 -10.16 100.08
N SER GB 458 -64.38 -10.76 100.68
CA SER GB 458 -65.65 -10.97 100.02
C SER GB 458 -66.30 -9.66 99.58
N ASP GB 459 -65.85 -8.52 100.07
CA ASP GB 459 -66.34 -7.24 99.58
C ASP GB 459 -66.05 -7.08 98.10
N ILE GB 460 -64.93 -7.65 97.62
CA ILE GB 460 -64.56 -7.49 96.22
C ILE GB 460 -65.45 -8.38 95.37
N THR GB 461 -66.20 -7.77 94.46
CA THR GB 461 -67.15 -8.47 93.60
C THR GB 461 -66.97 -8.05 92.15
N GLU GB 462 -65.72 -7.87 91.74
CA GLU GB 462 -65.38 -7.49 90.37
C GLU GB 462 -64.38 -8.49 89.82
N VAL GB 463 -64.73 -9.12 88.71
CA VAL GB 463 -63.81 -10.07 88.09
C VAL GB 463 -62.53 -9.36 87.70
N GLY GB 464 -61.48 -10.16 87.50
CA GLY GB 464 -60.17 -9.69 87.13
C GLY GB 464 -59.14 -10.01 88.18
N HIS GB 465 -57.89 -9.71 87.82
CA HIS GB 465 -56.76 -9.94 88.70
C HIS GB 465 -56.51 -8.72 89.57
N TYR GB 466 -56.06 -8.96 90.80
CA TYR GB 466 -55.83 -7.93 91.78
C TYR GB 466 -54.60 -8.33 92.57
N TYR GB 467 -54.13 -7.43 93.42
CA TYR GB 467 -52.94 -7.69 94.23
C TYR GB 467 -53.14 -7.14 95.63
N ILE GB 468 -52.62 -7.87 96.61
CA ILE GB 468 -52.78 -7.58 98.02
C ILE GB 468 -51.39 -7.52 98.61
N TYR GB 469 -51.01 -6.34 99.07
CA TYR GB 469 -49.73 -6.16 99.72
C TYR GB 469 -49.74 -6.78 101.12
N THR GB 470 -48.56 -6.80 101.72
CA THR GB 470 -48.37 -7.44 103.03
C THR GB 470 -49.24 -6.78 104.09
N GLN GB 471 -49.23 -5.46 104.13
CA GLN GB 471 -50.00 -4.74 105.14
C GLN GB 471 -51.48 -5.03 105.00
N ASP GB 472 -51.97 -5.08 103.76
CA ASP GB 472 -53.38 -5.30 103.53
C ASP GB 472 -53.79 -6.70 103.94
N THR GB 473 -53.00 -7.70 103.57
CA THR GB 473 -53.37 -9.06 103.95
C THR GB 473 -53.20 -9.29 105.44
N GLN GB 474 -52.34 -8.53 106.11
CA GLN GB 474 -52.25 -8.62 107.56
C GLN GB 474 -53.43 -7.95 108.24
N ASN GB 475 -53.95 -6.88 107.65
CA ASN GB 475 -55.11 -6.21 108.23
C ASN GB 475 -56.39 -7.01 108.00
N ALA GB 476 -56.48 -7.74 106.89
CA ALA GB 476 -57.68 -8.51 106.59
C ALA GB 476 -57.91 -9.59 107.65
N LEU GB 477 -59.15 -10.11 107.67
CA LEU GB 477 -59.57 -11.17 108.58
C LEU GB 477 -60.19 -12.36 107.88
N ASP GB 478 -60.89 -12.15 106.76
CA ASP GB 478 -61.48 -13.28 106.04
C ASP GB 478 -60.45 -14.16 105.37
N PHE GB 479 -59.21 -13.70 105.32
CA PHE GB 479 -58.18 -14.38 104.56
C PHE GB 479 -57.65 -15.58 105.36
N PRO GB 480 -57.33 -16.71 104.71
CA PRO GB 480 -56.75 -17.84 105.44
C PRO GB 480 -55.39 -17.54 106.06
N LEU GB 481 -54.79 -18.59 106.62
CA LEU GB 481 -53.39 -18.57 107.04
C LEU GB 481 -53.07 -17.51 108.09
N PRO GB 482 -53.16 -17.83 109.38
CA PRO GB 482 -53.18 -16.81 110.44
C PRO GB 482 -52.07 -15.75 110.36
N LYS GB 483 -52.29 -14.74 111.20
CA LYS GB 483 -51.54 -13.49 111.15
C LYS GB 483 -50.04 -13.71 111.21
N ALA GB 484 -49.60 -14.71 111.97
CA ALA GB 484 -48.18 -15.01 112.01
C ALA GB 484 -47.68 -15.56 110.69
N PHE GB 485 -48.48 -16.36 110.01
CA PHE GB 485 -48.10 -16.86 108.70
C PHE GB 485 -48.05 -15.74 107.67
N ARG GB 486 -48.89 -14.71 107.86
CA ARG GB 486 -49.01 -13.65 106.85
C ARG GB 486 -47.77 -12.76 106.87
N ASP GB 487 -46.94 -12.86 105.84
CA ASP GB 487 -45.77 -12.00 105.69
C ASP GB 487 -45.58 -11.43 104.28
N ALA GB 488 -46.07 -12.13 103.27
CA ALA GB 488 -45.77 -11.83 101.88
C ALA GB 488 -47.00 -11.30 101.15
N GLY GB 489 -46.78 -10.84 99.92
CA GLY GB 489 -47.84 -10.35 99.09
C GLY GB 489 -48.54 -11.49 98.36
N TRP GB 490 -49.77 -11.20 97.94
CA TRP GB 490 -50.64 -12.22 97.39
C TRP GB 490 -51.36 -11.71 96.15
N PHE GB 491 -51.24 -12.44 95.05
CA PHE GB 491 -52.04 -12.17 93.88
C PHE GB 491 -53.44 -12.71 94.12
N PHE GB 492 -54.45 -11.84 93.99
CA PHE GB 492 -55.83 -12.15 94.32
C PHE GB 492 -56.65 -12.06 93.04
N ASP GB 493 -56.92 -13.20 92.43
CA ASP GB 493 -57.72 -13.25 91.23
C ASP GB 493 -59.18 -13.48 91.59
N VAL GB 494 -60.07 -12.96 90.75
CA VAL GB 494 -61.50 -13.09 90.93
C VAL GB 494 -62.09 -13.51 89.60
N LEU GB 495 -62.73 -14.66 89.58
CA LEU GB 495 -63.30 -15.25 88.40
C LEU GB 495 -64.82 -15.27 88.50
N PRO GB 496 -65.52 -15.28 87.36
CA PRO GB 496 -66.98 -15.27 87.43
C PRO GB 496 -67.53 -16.58 87.95
N GLY GB 497 -68.57 -16.47 88.77
CA GLY GB 497 -69.23 -17.62 89.34
C GLY GB 497 -70.40 -18.04 88.50
N HIS GB 498 -71.60 -17.83 89.02
CA HIS GB 498 -72.82 -18.15 88.32
C HIS GB 498 -73.78 -16.97 88.47
N TYR GB 499 -74.96 -17.12 87.91
CA TYR GB 499 -75.90 -16.03 87.72
C TYR GB 499 -76.70 -15.70 88.97
N ASN GB 500 -76.90 -16.66 89.87
CA ASN GB 500 -77.69 -16.43 91.07
C ASN GB 500 -76.90 -15.70 92.15
N GLY GB 501 -75.83 -15.00 91.78
CA GLY GB 501 -75.09 -14.15 92.69
C GLY GB 501 -73.87 -14.82 93.31
N ALA GB 502 -72.95 -15.31 92.48
CA ALA GB 502 -71.76 -15.98 92.98
C ALA GB 502 -70.54 -15.57 92.17
N LEU GB 503 -69.38 -15.72 92.80
CA LEU GB 503 -68.09 -15.50 92.16
C LEU GB 503 -67.08 -16.43 92.79
N ARG GB 504 -65.90 -16.48 92.20
CA ARG GB 504 -64.77 -17.19 92.78
C ARG GB 504 -63.79 -16.20 93.39
N GLN GB 505 -62.79 -16.76 94.07
CA GLN GB 505 -61.71 -15.96 94.63
C GLN GB 505 -60.50 -16.88 94.74
N VAL GB 506 -59.56 -16.75 93.82
CA VAL GB 506 -58.32 -17.49 93.83
C VAL GB 506 -57.25 -16.57 94.41
N LEU GB 507 -56.25 -17.15 95.06
CA LEU GB 507 -55.33 -16.37 95.86
C LEU GB 507 -54.00 -17.12 95.99
N THR GB 508 -52.96 -16.61 95.33
CA THR GB 508 -51.65 -17.24 95.28
C THR GB 508 -50.63 -16.35 95.94
N ARG GB 509 -49.84 -16.90 96.85
CA ARG GB 509 -48.82 -16.09 97.51
C ARG GB 509 -47.75 -15.67 96.51
N ASN GB 510 -47.15 -14.51 96.77
CA ASN GB 510 -46.01 -14.04 95.97
C ASN GB 510 -44.73 -14.57 96.61
N SER GB 511 -44.55 -15.87 96.46
CA SER GB 511 -43.42 -16.58 97.03
C SER GB 511 -42.37 -16.78 95.94
N THR GB 512 -41.26 -16.07 96.07
CA THR GB 512 -40.17 -16.19 95.10
C THR GB 512 -39.27 -17.37 95.43
N GLY GB 513 -38.69 -17.37 96.63
CA GLY GB 513 -37.74 -18.39 97.01
C GLY GB 513 -38.38 -19.60 97.62
N ARG GB 514 -39.49 -19.41 98.31
CA ARG GB 514 -40.19 -20.48 98.99
C ARG GB 514 -41.14 -21.17 98.01
N ASN GB 515 -42.02 -22.01 98.54
CA ASN GB 515 -43.00 -22.71 97.72
C ASN GB 515 -44.26 -21.86 97.65
N MET GB 516 -44.64 -21.47 96.43
CA MET GB 516 -45.90 -20.78 96.22
C MET GB 516 -47.05 -21.67 96.66
N LEU GB 517 -48.16 -21.04 97.00
CA LEU GB 517 -49.32 -21.77 97.48
C LEU GB 517 -50.57 -21.01 97.10
N LYS GB 518 -51.57 -21.78 96.68
CA LYS GB 518 -52.80 -21.28 96.10
C LYS GB 518 -53.97 -21.75 96.96
N PHE GB 519 -54.82 -20.81 97.32
CA PHE GB 519 -56.14 -21.11 97.84
C PHE GB 519 -57.18 -20.64 96.85
N GLU GB 520 -58.38 -21.19 96.98
CA GLU GB 520 -59.47 -20.75 96.11
C GLU GB 520 -60.79 -21.07 96.79
N ARG GB 521 -61.76 -20.18 96.59
CA ARG GB 521 -63.08 -20.39 97.17
C ARG GB 521 -64.16 -19.83 96.27
N VAL GB 522 -65.39 -20.09 96.66
CA VAL GB 522 -66.58 -19.55 96.03
C VAL GB 522 -67.28 -18.67 97.04
N ILE GB 523 -67.65 -17.48 96.63
CA ILE GB 523 -68.35 -16.52 97.48
C ILE GB 523 -69.68 -16.19 96.84
N ASP GB 524 -70.63 -15.81 97.70
CA ASP GB 524 -71.91 -15.27 97.28
C ASP GB 524 -71.92 -13.81 97.71
N ILE GB 525 -72.10 -12.91 96.72
CA ILE GB 525 -71.87 -11.50 96.94
C ILE GB 525 -72.83 -10.96 97.99
N PHE GB 526 -74.09 -11.37 97.93
CA PHE GB 526 -75.13 -10.77 98.74
C PHE GB 526 -75.16 -11.39 100.13
N ASN GB 527 -75.38 -12.69 100.22
CA ASN GB 527 -75.44 -13.40 101.50
C ASN GB 527 -74.06 -13.98 101.77
N LYS GB 528 -73.23 -13.19 102.42
CA LYS GB 528 -71.84 -13.56 102.70
C LYS GB 528 -71.74 -14.78 103.61
N LYS GB 529 -72.80 -15.14 104.31
CA LYS GB 529 -72.77 -16.29 105.20
C LYS GB 529 -72.46 -17.58 104.45
N ASN GB 530 -72.83 -17.65 103.17
CA ASN GB 530 -72.60 -18.83 102.35
C ASN GB 530 -71.20 -18.88 101.77
N ASN GB 531 -70.29 -18.01 102.20
CA ASN GB 531 -68.94 -17.98 101.66
C ASN GB 531 -68.22 -19.26 102.06
N GLY GB 532 -68.10 -20.18 101.11
CA GLY GB 532 -67.44 -21.44 101.37
C GLY GB 532 -66.00 -21.26 101.82
N ALA GB 533 -65.46 -22.34 102.37
CA ALA GB 533 -64.12 -22.31 102.90
C ALA GB 533 -63.09 -22.34 101.77
N TRP GB 534 -61.86 -22.01 102.11
CA TRP GB 534 -60.79 -21.87 101.14
C TRP GB 534 -60.14 -23.22 100.88
N ASN GB 535 -60.45 -23.81 99.75
CA ASN GB 535 -59.80 -25.05 99.35
C ASN GB 535 -58.38 -24.76 98.90
N PHE GB 536 -57.44 -25.53 99.42
CA PHE GB 536 -56.02 -25.35 99.15
C PHE GB 536 -55.61 -26.26 98.00
N CYS GB 537 -54.94 -25.68 97.00
CA CYS GB 537 -54.42 -26.47 95.89
C CYS GB 537 -52.98 -26.84 96.19
N PRO GB 538 -52.63 -28.12 96.36
CA PRO GB 538 -51.22 -28.44 96.57
C PRO GB 538 -50.36 -28.10 95.37
N GLN GB 539 -49.52 -27.08 95.55
CA GLN GB 539 -48.47 -26.79 94.59
C GLN GB 539 -47.18 -26.55 95.34
N ASN GB 540 -46.11 -27.19 94.89
CA ASN GB 540 -44.84 -27.19 95.60
C ASN GB 540 -43.71 -27.18 94.59
N ALA GB 541 -42.56 -26.69 95.04
CA ALA GB 541 -41.36 -26.59 94.22
C ALA GB 541 -40.20 -27.42 94.75
N GLY GB 542 -40.10 -27.58 96.07
CA GLY GB 542 -39.00 -28.30 96.69
C GLY GB 542 -38.48 -27.62 97.94
N TYR GB 543 -38.93 -26.40 98.21
CA TYR GB 543 -38.46 -25.66 99.36
C TYR GB 543 -39.27 -26.03 100.59
N TRP GB 544 -38.74 -25.63 101.75
CA TRP GB 544 -39.44 -25.88 102.99
C TRP GB 544 -40.59 -24.90 103.13
N GLU GB 545 -41.22 -24.92 104.29
CA GLU GB 545 -42.19 -23.91 104.68
C GLU GB 545 -42.11 -23.81 106.20
N HIS GB 546 -41.35 -22.83 106.68
CA HIS GB 546 -41.23 -22.60 108.11
C HIS GB 546 -42.60 -22.37 108.73
N ILE GB 547 -42.68 -22.68 110.02
CA ILE GB 547 -43.81 -22.27 110.84
C ILE GB 547 -43.21 -21.46 112.00
N PRO GB 548 -43.69 -20.25 112.26
CA PRO GB 548 -43.02 -19.42 113.28
C PRO GB 548 -43.18 -20.03 114.66
N LYS GB 549 -42.28 -19.61 115.55
CA LYS GB 549 -42.29 -20.10 116.92
C LYS GB 549 -43.50 -19.64 117.71
N SER GB 550 -44.27 -18.68 117.19
CA SER GB 550 -45.47 -18.22 117.86
C SER GB 550 -46.43 -19.38 118.11
N ILE GB 551 -46.59 -20.26 117.14
CA ILE GB 551 -47.42 -21.45 117.34
C ILE GB 551 -46.67 -22.39 118.27
N THR GB 552 -47.41 -22.99 119.22
CA THR GB 552 -46.85 -23.86 120.23
C THR GB 552 -47.59 -25.19 120.32
N LYS GB 553 -48.37 -25.53 119.29
CA LYS GB 553 -49.07 -26.81 119.24
C LYS GB 553 -49.25 -27.18 117.77
N LEU GB 554 -49.18 -28.48 117.51
CA LEU GB 554 -49.41 -28.99 116.16
C LEU GB 554 -50.88 -29.04 115.80
N SER GB 555 -51.78 -28.61 116.68
CA SER GB 555 -53.20 -28.60 116.37
C SER GB 555 -53.62 -27.36 115.60
N ASP GB 556 -52.85 -26.27 115.69
CA ASP GB 556 -53.16 -25.09 114.89
C ASP GB 556 -53.02 -25.34 113.40
N LEU GB 557 -52.26 -26.36 113.00
CA LEU GB 557 -51.95 -26.62 111.60
C LEU GB 557 -53.01 -27.56 111.03
N LYS GB 558 -54.16 -26.96 110.72
CA LYS GB 558 -55.32 -27.69 110.24
C LYS GB 558 -55.46 -27.72 108.73
N ILE GB 559 -54.56 -27.06 108.00
CA ILE GB 559 -54.71 -26.92 106.55
C ILE GB 559 -54.14 -28.18 105.88
N VAL GB 560 -54.90 -28.74 104.96
CA VAL GB 560 -54.55 -30.01 104.34
C VAL GB 560 -53.53 -29.78 103.23
N GLY GB 561 -52.73 -30.81 102.97
CA GLY GB 561 -51.81 -30.82 101.87
C GLY GB 561 -50.50 -30.09 102.10
N LEU GB 562 -50.36 -29.36 103.20
CA LEU GB 562 -49.18 -28.56 103.45
C LEU GB 562 -48.09 -29.40 104.09
N ASP GB 563 -46.86 -28.88 104.01
CA ASP GB 563 -45.66 -29.59 104.46
C ASP GB 563 -44.78 -28.58 105.19
N PHE GB 564 -44.90 -28.53 106.50
CA PHE GB 564 -44.08 -27.67 107.34
C PHE GB 564 -42.87 -28.45 107.84
N TYR GB 565 -41.71 -27.82 107.79
CA TYR GB 565 -40.49 -28.43 108.27
C TYR GB 565 -40.27 -28.09 109.73
N ILE GB 566 -39.66 -29.02 110.45
CA ILE GB 566 -39.43 -28.90 111.88
C ILE GB 566 -37.99 -29.30 112.14
N THR GB 567 -37.30 -28.53 112.97
CA THR GB 567 -35.95 -28.80 113.40
C THR GB 567 -35.98 -29.30 114.84
N THR GB 568 -34.79 -29.59 115.37
CA THR GB 568 -34.66 -30.08 116.74
C THR GB 568 -35.23 -29.07 117.72
N GLU GB 569 -34.80 -27.81 117.60
CA GLU GB 569 -35.28 -26.76 118.48
C GLU GB 569 -36.80 -26.62 118.40
N GLU GB 570 -37.37 -26.79 117.21
CA GLU GB 570 -38.81 -26.65 117.06
C GLU GB 570 -39.54 -27.81 117.70
N SER GB 571 -39.01 -29.03 117.55
CA SER GB 571 -39.62 -30.17 118.21
C SER GB 571 -39.57 -30.02 119.72
N ASN GB 572 -38.47 -29.48 120.24
CA ASN GB 572 -38.38 -29.24 121.68
C ASN GB 572 -39.29 -28.10 122.11
N ARG GB 573 -39.56 -27.16 121.21
CA ARG GB 573 -40.42 -26.03 121.54
C ARG GB 573 -41.87 -26.47 121.65
N PHE GB 574 -42.35 -27.18 120.65
CA PHE GB 574 -43.74 -27.63 120.64
C PHE GB 574 -44.01 -28.59 121.80
N THR GB 575 -45.29 -28.83 122.04
CA THR GB 575 -45.75 -29.64 123.16
C THR GB 575 -46.35 -30.97 122.75
N ASP GB 576 -47.12 -30.99 121.67
CA ASP GB 576 -47.85 -32.18 121.25
C ASP GB 576 -46.95 -33.30 120.74
N PHE GB 577 -45.66 -33.02 120.52
CA PHE GB 577 -44.79 -34.00 119.89
C PHE GB 577 -44.68 -35.28 120.72
N PRO GB 578 -44.31 -36.40 120.11
CA PRO GB 578 -43.95 -37.58 120.89
C PRO GB 578 -42.73 -37.31 121.75
N LYS GB 579 -42.90 -37.47 123.07
CA LYS GB 579 -41.80 -37.19 123.99
C LYS GB 579 -40.61 -38.10 123.75
N ASP GB 580 -40.86 -39.33 123.32
CA ASP GB 580 -39.77 -40.24 123.01
C ASP GB 580 -38.92 -39.73 121.85
N PHE GB 581 -39.54 -38.99 120.93
CA PHE GB 581 -38.88 -38.49 119.73
C PHE GB 581 -38.87 -36.97 119.68
N LYS GB 582 -39.05 -36.31 120.82
CA LYS GB 582 -39.13 -34.86 120.87
C LYS GB 582 -37.72 -34.29 121.03
N GLY GB 583 -37.22 -33.67 119.97
CA GLY GB 583 -35.91 -33.08 119.97
C GLY GB 583 -34.83 -34.00 119.44
N ILE GB 584 -35.15 -34.71 118.35
CA ILE GB 584 -34.26 -35.70 117.76
C ILE GB 584 -34.20 -35.42 116.26
N ALA GB 585 -33.20 -34.64 115.84
CA ALA GB 585 -32.80 -34.51 114.45
C ALA GB 585 -33.76 -33.72 113.56
N GLY GB 586 -34.94 -33.37 114.05
CA GLY GB 586 -35.89 -32.58 113.26
C GLY GB 586 -36.40 -33.31 112.04
N TRP GB 587 -37.49 -32.85 111.45
CA TRP GB 587 -38.04 -33.48 110.25
C TRP GB 587 -39.18 -32.64 109.69
N ILE GB 588 -39.79 -33.13 108.64
CA ILE GB 588 -40.94 -32.51 107.98
C ILE GB 588 -42.19 -33.29 108.35
N LEU GB 589 -43.34 -32.61 108.29
CA LEU GB 589 -44.63 -33.24 108.49
C LEU GB 589 -45.49 -33.03 107.24
N GLU GB 590 -46.73 -33.50 107.35
CA GLU GB 590 -47.69 -33.42 106.25
C GLU GB 590 -49.07 -33.71 106.81
N VAL GB 591 -50.00 -32.82 106.53
CA VAL GB 591 -51.38 -32.96 106.95
C VAL GB 591 -52.14 -33.73 105.87
N LYS GB 592 -53.20 -34.40 106.27
CA LYS GB 592 -54.00 -35.24 105.38
C LYS GB 592 -55.48 -34.94 105.58
N SER GB 593 -56.29 -35.50 104.69
CA SER GB 593 -57.71 -35.22 104.67
C SER GB 593 -58.43 -35.99 105.78
N ASN GB 594 -59.58 -35.46 106.18
CA ASN GB 594 -60.44 -36.12 107.16
C ASN GB 594 -61.80 -35.42 107.13
N THR GB 595 -62.65 -35.77 108.10
CA THR GB 595 -63.95 -35.16 108.27
C THR GB 595 -63.80 -33.77 108.85
N PRO GB 596 -64.83 -32.93 108.77
CA PRO GB 596 -64.72 -31.60 109.38
C PRO GB 596 -64.68 -31.72 110.90
N GLY GB 597 -63.97 -30.77 111.52
CA GLY GB 597 -63.77 -30.78 112.94
C GLY GB 597 -62.56 -31.56 113.40
N ASN GB 598 -62.03 -32.45 112.56
CA ASN GB 598 -60.87 -33.25 112.92
C ASN GB 598 -60.01 -33.46 111.70
N THR GB 599 -58.82 -34.02 111.95
CA THR GB 599 -57.81 -34.18 110.91
C THR GB 599 -56.80 -35.22 111.36
N THR GB 600 -56.26 -35.94 110.38
CA THR GB 600 -55.17 -36.89 110.61
C THR GB 600 -53.89 -36.28 110.06
N GLN GB 601 -52.90 -36.14 110.92
CA GLN GB 601 -51.61 -35.55 110.61
C GLN GB 601 -50.56 -36.65 110.57
N VAL GB 602 -49.92 -36.80 109.43
CA VAL GB 602 -48.79 -37.71 109.28
C VAL GB 602 -47.54 -36.88 109.45
N LEU GB 603 -46.50 -37.50 110.00
CA LEU GB 603 -45.28 -36.79 110.37
C LEU GB 603 -44.12 -37.74 110.16
N ARG GB 604 -43.31 -37.48 109.15
CA ARG GB 604 -42.21 -38.34 108.77
C ARG GB 604 -40.93 -37.91 109.46
N ARG GB 605 -39.91 -38.76 109.35
CA ARG GB 605 -38.56 -38.46 109.81
C ARG GB 605 -37.62 -38.45 108.62
N ASN GB 606 -36.71 -37.49 108.59
CA ASN GB 606 -35.68 -37.43 107.56
C ASN GB 606 -34.46 -38.22 108.01
N ASN GB 607 -34.04 -39.19 107.20
CA ASN GB 607 -33.01 -40.14 107.58
C ASN GB 607 -32.05 -40.36 106.42
N PHE GB 608 -30.92 -39.67 106.45
CA PHE GB 608 -29.87 -39.98 105.50
C PHE GB 608 -29.08 -41.22 105.95
N PRO GB 609 -28.49 -41.25 107.15
CA PRO GB 609 -27.75 -42.45 107.55
C PRO GB 609 -28.62 -43.56 108.12
N SER GB 610 -29.65 -43.19 108.87
CA SER GB 610 -30.35 -44.10 109.76
C SER GB 610 -31.57 -44.71 109.08
N ALA GB 611 -32.38 -45.41 109.87
CA ALA GB 611 -33.61 -46.01 109.40
C ALA GB 611 -34.77 -45.03 109.54
N HIS GB 612 -35.84 -45.30 108.81
CA HIS GB 612 -36.94 -44.36 108.65
C HIS GB 612 -38.11 -44.68 109.57
N GLN GB 613 -38.89 -43.65 109.86
CA GLN GB 613 -40.12 -43.79 110.62
C GLN GB 613 -41.06 -42.65 110.26
N PHE GB 614 -42.35 -42.92 110.43
CA PHE GB 614 -43.39 -41.94 110.15
C PHE GB 614 -44.57 -42.24 111.04
N LEU GB 615 -45.00 -41.22 111.78
CA LEU GB 615 -46.06 -41.32 112.75
C LEU GB 615 -47.32 -40.71 112.17
N VAL GB 616 -48.44 -40.94 112.85
CA VAL GB 616 -49.74 -40.49 112.38
C VAL GB 616 -50.65 -40.30 113.57
N ARG GB 617 -51.39 -39.19 113.56
CA ARG GB 617 -52.18 -38.77 114.71
C ARG GB 617 -53.48 -38.16 114.23
N ASN GB 618 -54.60 -38.74 114.64
CA ASN GB 618 -55.93 -38.23 114.34
C ASN GB 618 -56.44 -37.44 115.54
N PHE GB 619 -56.87 -36.21 115.30
CA PHE GB 619 -57.32 -35.36 116.40
C PHE GB 619 -58.37 -34.36 115.94
N GLY GB 620 -59.23 -34.00 116.87
CA GLY GB 620 -60.22 -32.97 116.67
C GLY GB 620 -61.43 -33.21 117.57
N THR GB 621 -62.50 -32.47 117.27
CA THR GB 621 -63.69 -32.50 118.11
C THR GB 621 -64.30 -33.90 118.15
N GLY GB 622 -64.28 -34.61 117.03
CA GLY GB 622 -64.79 -35.96 117.00
C GLY GB 622 -64.02 -36.92 117.88
N GLY GB 623 -62.78 -36.60 118.22
CA GLY GB 623 -61.96 -37.44 119.06
C GLY GB 623 -60.50 -37.07 118.94
N VAL GB 624 -59.71 -37.34 119.97
CA VAL GB 624 -58.28 -37.07 119.97
C VAL GB 624 -57.55 -38.37 120.24
N GLY GB 625 -56.41 -38.55 119.55
CA GLY GB 625 -55.63 -39.77 119.69
C GLY GB 625 -54.16 -39.44 119.77
N LYS GB 626 -53.38 -40.44 120.17
CA LYS GB 626 -51.93 -40.32 120.23
C LYS GB 626 -51.37 -40.80 118.91
N TRP GB 627 -50.05 -40.73 118.77
CA TRP GB 627 -49.41 -41.12 117.53
C TRP GB 627 -49.34 -42.65 117.42
N SER GB 628 -48.90 -43.11 116.25
CA SER GB 628 -48.76 -44.53 115.96
C SER GB 628 -47.58 -44.69 115.02
N LEU GB 629 -46.41 -44.96 115.58
CA LEU GB 629 -45.20 -45.04 114.79
C LEU GB 629 -45.25 -46.19 113.80
N PHE GB 630 -44.48 -46.06 112.73
CA PHE GB 630 -44.30 -47.10 111.72
C PHE GB 630 -42.80 -47.25 111.49
N GLU GB 631 -42.21 -48.29 112.05
CA GLU GB 631 -40.77 -48.47 111.98
C GLU GB 631 -40.37 -49.11 110.66
N GLY GB 632 -39.18 -48.74 110.19
CA GLY GB 632 -38.67 -49.20 108.91
C GLY GB 632 -37.50 -50.15 109.08
N LYS GB 633 -37.34 -51.03 108.09
CA LYS GB 633 -36.27 -52.01 108.06
C LYS GB 633 -35.31 -51.61 106.95
N VAL GB 634 -34.07 -51.30 107.31
CA VAL GB 634 -33.09 -50.88 106.32
C VAL GB 634 -32.80 -52.04 105.38
N VAL GB 635 -32.44 -51.70 104.13
CA VAL GB 635 -32.15 -52.69 103.11
C VAL GB 635 -31.37 -51.99 102.02
N GLU GB 636 -30.59 -52.77 101.27
CA GLU GB 636 -29.74 -52.23 100.22
C GLU GB 636 -29.68 -53.19 99.04
N ASN HB 3 -38.14 20.22 47.38
CA ASN HB 3 -38.29 20.79 48.72
C ASN HB 3 -38.54 19.70 49.76
N LYS HB 4 -38.25 20.01 51.02
CA LYS HB 4 -38.37 19.07 52.13
C LYS HB 4 -37.43 17.87 51.99
N LEU HB 5 -36.40 17.97 51.16
CA LEU HB 5 -35.50 16.86 50.96
C LEU HB 5 -34.52 16.77 52.11
N ILE HB 6 -34.01 15.55 52.34
CA ILE HB 6 -33.08 15.30 53.43
C ILE HB 6 -31.68 15.46 52.84
N THR HB 7 -31.05 16.59 53.17
CA THR HB 7 -29.69 16.91 52.77
C THR HB 7 -28.66 16.47 53.81
N ASP HB 8 -29.08 15.74 54.85
CA ASP HB 8 -28.17 15.17 55.84
C ASP HB 8 -28.51 13.70 55.90
N LEU HB 9 -27.93 12.92 54.99
CA LEU HB 9 -28.20 11.50 54.94
C LEU HB 9 -27.41 10.77 56.01
N SER HB 10 -27.91 9.61 56.39
CA SER HB 10 -27.20 8.76 57.32
C SER HB 10 -25.86 8.35 56.73
N ARG HB 11 -24.79 8.61 57.48
CA ARG HB 11 -23.44 8.27 57.08
C ARG HB 11 -23.09 6.82 57.37
N VAL HB 12 -24.09 5.97 57.60
CA VAL HB 12 -23.88 4.62 58.11
C VAL HB 12 -24.62 3.64 57.23
N PHE HB 13 -24.01 2.48 57.05
CA PHE HB 13 -24.48 1.44 56.13
C PHE HB 13 -25.67 0.72 56.74
N ASP HB 14 -26.82 1.37 56.67
CA ASP HB 14 -28.04 0.90 57.30
C ASP HB 14 -29.23 1.27 56.43
N TYR HB 15 -30.35 0.58 56.67
CA TYR HB 15 -31.53 0.73 55.82
C TYR HB 15 -32.16 2.11 55.92
N ARG HB 16 -31.82 2.89 56.95
CA ARG HB 16 -32.31 4.25 57.02
C ARG HB 16 -31.86 5.06 55.82
N TYR HB 17 -30.64 4.78 55.35
CA TYR HB 17 -30.11 5.47 54.18
C TYR HB 17 -31.00 5.25 52.97
N VAL HB 18 -31.29 3.99 52.65
CA VAL HB 18 -32.11 3.74 51.48
C VAL HB 18 -33.52 4.20 51.70
N ASP HB 19 -34.01 4.18 52.94
CA ASP HB 19 -35.37 4.65 53.20
C ASP HB 19 -35.48 6.13 52.87
N GLU HB 20 -34.54 6.93 53.36
CA GLU HB 20 -34.61 8.36 53.08
C GLU HB 20 -34.30 8.65 51.62
N ASN HB 21 -33.45 7.85 50.98
CA ASN HB 21 -33.23 8.01 49.55
C ASN HB 21 -34.51 7.75 48.76
N GLU HB 22 -35.22 6.67 49.08
CA GLU HB 22 -36.47 6.37 48.40
C GLU HB 22 -37.50 7.44 48.67
N TYR HB 23 -37.49 8.00 49.87
CA TYR HB 23 -38.44 9.05 50.21
C TYR HB 23 -38.14 10.31 49.41
N ASN HB 24 -36.88 10.67 49.32
CA ASN HB 24 -36.46 11.79 48.49
C ASN HB 24 -36.89 11.58 47.04
N PHE HB 25 -36.70 10.38 46.52
CA PHE HB 25 -37.08 10.14 45.12
C PHE HB 25 -38.59 10.18 44.94
N LYS HB 26 -39.35 9.72 45.94
CA LYS HB 26 -40.80 9.84 45.85
C LYS HB 26 -41.22 11.29 45.81
N LEU HB 27 -40.58 12.13 46.64
CA LEU HB 27 -40.85 13.56 46.59
C LEU HB 27 -40.53 14.13 45.23
N ILE HB 28 -39.37 13.77 44.69
CA ILE HB 28 -38.96 14.29 43.38
C ILE HB 28 -39.96 13.88 42.31
N SER HB 29 -40.39 12.63 42.33
CA SER HB 29 -41.34 12.15 41.33
C SER HB 29 -42.65 12.91 41.43
N ASP HB 30 -43.18 13.05 42.65
CA ASP HB 30 -44.42 13.78 42.84
C ASP HB 30 -44.26 15.24 42.40
N MET HB 31 -43.11 15.83 42.68
CA MET HB 31 -42.89 17.23 42.34
C MET HB 31 -42.86 17.43 40.84
N LEU HB 32 -42.11 16.59 40.13
CA LEU HB 32 -42.05 16.69 38.68
C LEU HB 32 -43.42 16.43 38.07
N THR HB 33 -44.17 15.48 38.63
CA THR HB 33 -45.47 15.16 38.08
C THR HB 33 -46.43 16.33 38.25
N ASP HB 34 -46.43 16.96 39.43
CA ASP HB 34 -47.34 18.07 39.62
C ASP HB 34 -46.87 19.29 38.86
N PHE HB 35 -45.57 19.43 38.60
CA PHE HB 35 -45.10 20.51 37.72
C PHE HB 35 -45.63 20.32 36.31
N ASN HB 36 -45.51 19.10 35.78
CA ASN HB 36 -46.04 18.83 34.45
C ASN HB 36 -47.54 19.05 34.40
N PHE HB 37 -48.25 18.62 35.44
CA PHE HB 37 -49.69 18.80 35.48
C PHE HB 37 -50.07 20.27 35.56
N SER HB 38 -49.37 21.04 36.40
CA SER HB 38 -49.62 22.47 36.51
C SER HB 38 -49.34 23.16 35.20
N LEU HB 39 -48.29 22.75 34.51
CA LEU HB 39 -47.97 23.36 33.22
C LEU HB 39 -49.06 23.09 32.21
N GLU HB 40 -49.50 21.83 32.13
CA GLU HB 40 -50.59 21.50 31.21
C GLU HB 40 -51.85 22.27 31.55
N TYR HB 41 -52.14 22.40 32.84
CA TYR HB 41 -53.29 23.16 33.31
C TYR HB 41 -53.18 24.61 32.85
N HIS HB 42 -52.03 25.22 33.07
CA HIS HB 42 -51.79 26.60 32.65
C HIS HB 42 -51.88 26.73 31.15
N ARG HB 43 -51.51 25.69 30.42
CA ARG HB 43 -51.46 25.77 28.97
C ARG HB 43 -52.86 25.76 28.38
N ASN HB 44 -53.64 24.72 28.70
CA ASN HB 44 -54.87 24.49 27.95
C ASN HB 44 -56.06 24.11 28.82
N LYS HB 45 -56.01 24.38 30.13
CA LYS HB 45 -57.15 24.16 31.01
C LYS HB 45 -57.39 25.29 32.00
N GLU HB 46 -56.39 26.10 32.33
CA GLU HB 46 -56.54 27.06 33.40
C GLU HB 46 -57.35 28.25 32.94
N VAL HB 47 -58.03 28.89 33.88
CA VAL HB 47 -58.82 30.08 33.63
C VAL HB 47 -58.12 31.26 34.28
N PHE HB 48 -58.03 32.36 33.54
CA PHE HB 48 -57.28 33.54 33.97
C PHE HB 48 -55.84 33.17 34.30
N ALA HB 49 -55.21 32.47 33.35
CA ALA HB 49 -53.82 32.07 33.54
C ALA HB 49 -52.91 33.29 33.62
N HIS HB 50 -52.83 34.03 32.53
CA HIS HB 50 -52.13 35.31 32.48
C HIS HB 50 -53.13 36.43 32.73
N ASN HB 51 -52.62 37.66 32.70
CA ASN HB 51 -53.43 38.86 32.69
C ASN HB 51 -53.33 39.52 31.31
N GLY HB 52 -54.31 40.36 31.02
CA GLY HB 52 -54.33 41.03 29.74
C GLY HB 52 -53.20 42.02 29.54
N GLU HB 53 -52.46 42.34 30.59
CA GLU HB 53 -51.29 43.21 30.47
C GLU HB 53 -50.02 42.43 30.18
N GLN HB 54 -50.03 41.12 30.34
CA GLN HB 54 -48.85 40.31 30.08
C GLN HB 54 -48.68 39.98 28.61
N ILE HB 55 -49.75 40.05 27.83
CA ILE HB 55 -49.62 39.83 26.39
C ILE HB 55 -49.02 41.07 25.75
N LYS HB 56 -48.46 40.88 24.56
CA LYS HB 56 -47.82 41.95 23.79
C LYS HB 56 -48.45 41.95 22.41
N TYR HB 57 -49.41 42.83 22.20
CA TYR HB 57 -50.00 43.01 20.87
C TYR HB 57 -49.03 43.84 20.05
N GLU HB 58 -48.40 43.21 19.07
CA GLU HB 58 -47.40 43.85 18.22
C GLU HB 58 -47.96 44.02 16.82
N HIS HB 59 -47.80 45.21 16.29
CA HIS HB 59 -48.26 45.58 14.95
C HIS HB 59 -47.46 46.82 14.58
N LEU HB 60 -47.56 47.23 13.33
CA LEU HB 60 -46.87 48.44 12.91
C LEU HB 60 -47.35 49.62 13.73
N ASN HB 61 -46.41 50.41 14.23
CA ASN HB 61 -46.67 51.66 14.92
C ASN HB 61 -47.32 51.47 16.29
N VAL HB 62 -47.57 50.24 16.74
CA VAL HB 62 -48.24 49.99 18.01
C VAL HB 62 -47.70 48.68 18.58
N THR HB 63 -47.22 48.75 19.82
CA THR HB 63 -46.53 47.63 20.46
C THR HB 63 -46.94 47.49 21.91
N SER HB 64 -48.23 47.64 22.20
CA SER HB 64 -48.74 47.63 23.56
C SER HB 64 -49.41 46.30 23.85
N SER HB 65 -49.93 46.21 25.08
CA SER HB 65 -50.60 45.01 25.54
C SER HB 65 -52.02 44.96 25.03
N VAL HB 66 -52.58 43.74 25.00
CA VAL HB 66 -53.92 43.56 24.48
C VAL HB 66 -54.93 44.30 25.36
N SER HB 67 -54.68 44.34 26.67
CA SER HB 67 -55.60 45.03 27.56
C SER HB 67 -55.67 46.51 27.21
N ASP HB 68 -54.50 47.14 27.04
CA ASP HB 68 -54.47 48.55 26.65
C ASP HB 68 -55.10 48.76 25.29
N PHE HB 69 -54.84 47.86 24.34
CA PHE HB 69 -55.38 48.06 23.01
C PHE HB 69 -56.89 47.88 22.98
N LEU HB 70 -57.40 46.94 23.76
CA LEU HB 70 -58.85 46.76 23.86
C LEU HB 70 -59.50 47.98 24.49
N THR HB 71 -58.87 48.52 25.52
CA THR HB 71 -59.41 49.73 26.14
C THR HB 71 -59.40 50.89 25.15
N TYR HB 72 -58.34 51.00 24.35
CA TYR HB 72 -58.28 52.06 23.37
C TYR HB 72 -59.33 51.90 22.29
N LEU HB 73 -59.57 50.65 21.87
CA LEU HB 73 -60.61 50.40 20.88
C LEU HB 73 -61.97 50.78 21.42
N ASN HB 74 -62.26 50.38 22.66
CA ASN HB 74 -63.53 50.74 23.27
C ASN HB 74 -63.66 52.24 23.41
N GLY HB 75 -62.57 52.91 23.80
CA GLY HB 75 -62.61 54.36 23.94
C GLY HB 75 -62.91 55.05 22.63
N ARG HB 76 -62.24 54.63 21.56
CA ARG HB 76 -62.44 55.28 20.27
C ARG HB 76 -63.82 54.96 19.71
N PHE HB 77 -64.34 53.76 19.99
CA PHE HB 77 -65.69 53.42 19.58
C PHE HB 77 -66.70 54.34 20.26
N SER HB 78 -66.57 54.49 21.57
CA SER HB 78 -67.49 55.35 22.31
C SER HB 78 -67.36 56.79 21.87
N ASN HB 79 -66.13 57.23 21.57
CA ASN HB 79 -65.94 58.60 21.10
C ASN HB 79 -66.60 58.83 19.76
N MET HB 80 -66.45 57.88 18.84
CA MET HB 80 -67.11 58.01 17.54
C MET HB 80 -68.61 58.04 17.70
N VAL HB 81 -69.15 57.17 18.54
CA VAL HB 81 -70.59 57.13 18.76
C VAL HB 81 -71.07 58.46 19.32
N LEU HB 82 -70.36 59.01 20.30
CA LEU HB 82 -70.77 60.29 20.88
C LEU HB 82 -70.71 61.41 19.87
N GLY HB 83 -69.60 61.50 19.13
CA GLY HB 83 -69.45 62.55 18.15
C GLY HB 83 -70.47 62.49 17.04
N HIS HB 84 -70.92 61.28 16.70
CA HIS HB 84 -71.93 61.13 15.67
C HIS HB 84 -73.35 61.26 16.23
N ASN HB 85 -73.53 61.07 17.53
CA ASN HB 85 -74.82 61.34 18.16
C ASN HB 85 -75.06 62.83 18.33
N GLY HB 86 -74.02 63.57 18.66
CA GLY HB 86 -74.12 65.01 18.78
C GLY HB 86 -74.61 65.47 20.14
N ASP HB 87 -75.91 65.33 20.36
CA ASP HB 87 -76.54 65.67 21.64
C ASP HB 87 -77.39 64.50 22.08
N GLY HB 88 -77.57 64.38 23.40
CA GLY HB 88 -78.20 63.22 23.99
C GLY HB 88 -79.36 63.61 24.90
N ILE HB 89 -80.14 62.60 25.23
CA ILE HB 89 -81.29 62.77 26.09
C ILE HB 89 -80.82 62.86 27.54
N ASN HB 90 -81.51 63.68 28.33
CA ASN HB 90 -81.16 63.85 29.73
C ASN HB 90 -81.26 62.54 30.49
N GLU HB 91 -82.25 61.71 30.14
CA GLU HB 91 -82.36 60.36 30.68
C GLU HB 91 -81.05 59.60 30.58
N VAL HB 92 -80.50 59.46 29.37
CA VAL HB 92 -79.27 58.70 29.21
C VAL HB 92 -78.09 59.45 29.82
N LYS HB 93 -78.12 60.79 29.78
CA LYS HB 93 -77.02 61.55 30.37
C LYS HB 93 -76.95 61.35 31.88
N ASP HB 94 -78.09 61.07 32.50
CA ASP HB 94 -78.12 60.72 33.92
C ASP HB 94 -77.87 59.24 34.14
N ALA HB 95 -78.23 58.39 33.18
CA ALA HB 95 -78.06 56.95 33.33
C ALA HB 95 -76.64 56.49 33.08
N ARG HB 96 -75.83 57.28 32.38
CA ARG HB 96 -74.47 56.85 32.07
C ARG HB 96 -73.62 56.66 33.32
N VAL HB 97 -74.05 57.19 34.46
CA VAL HB 97 -73.36 56.95 35.73
C VAL HB 97 -73.79 55.61 36.27
N ASP HB 98 -72.87 54.94 36.97
CA ASP HB 98 -73.13 53.61 37.51
C ASP HB 98 -73.59 53.71 38.96
N ASN HB 99 -74.02 52.56 39.49
CA ASN HB 99 -74.49 52.52 40.86
C ASN HB 99 -73.36 52.80 41.85
N THR HB 100 -72.12 52.55 41.47
CA THR HB 100 -70.97 52.83 42.31
C THR HB 100 -70.46 54.25 42.16
N GLY HB 101 -71.19 55.13 41.49
CA GLY HB 101 -70.78 56.51 41.40
C GLY HB 101 -69.60 56.76 40.48
N TYR HB 102 -69.79 56.55 39.18
CA TYR HB 102 -68.71 56.77 38.22
C TYR HB 102 -69.33 57.08 36.87
N ASP HB 103 -69.09 58.28 36.36
CA ASP HB 103 -69.60 58.65 35.05
C ASP HB 103 -68.84 57.91 33.96
N HIS HB 104 -69.57 57.39 32.99
CA HIS HB 104 -69.01 56.66 31.86
C HIS HB 104 -69.11 57.51 30.61
N LYS HB 105 -68.62 56.94 29.51
CA LYS HB 105 -68.73 57.61 28.22
C LYS HB 105 -70.09 57.37 27.59
N THR HB 106 -70.59 56.14 27.66
CA THR HB 106 -71.90 55.80 27.13
C THR HB 106 -72.63 54.85 28.05
N LEU HB 107 -73.95 54.87 27.90
CA LEU HB 107 -74.83 53.94 28.60
C LEU HB 107 -74.44 52.50 28.33
N GLN HB 108 -73.91 52.20 27.14
CA GLN HB 108 -73.48 50.84 26.86
C GLN HB 108 -72.35 50.43 27.79
N ASP HB 109 -71.35 51.29 27.93
CA ASP HB 109 -70.24 50.99 28.85
C ASP HB 109 -70.75 50.85 30.26
N ARG HB 110 -71.71 51.69 30.66
CA ARG HB 110 -72.21 51.62 32.02
C ARG HB 110 -72.96 50.33 32.28
N LEU HB 111 -73.87 49.98 31.37
CA LEU HB 111 -74.60 48.72 31.48
C LEU HB 111 -73.64 47.54 31.49
N TYR HB 112 -72.59 47.59 30.67
CA TYR HB 112 -71.61 46.51 30.66
C TYR HB 112 -70.96 46.35 32.01
N HIS HB 113 -70.47 47.47 32.57
CA HIS HB 113 -69.74 47.39 33.82
C HIS HB 113 -70.65 46.88 34.93
N ASP HB 114 -71.88 47.35 34.97
CA ASP HB 114 -72.77 46.92 36.04
C ASP HB 114 -73.16 45.46 35.88
N TYR HB 115 -73.46 45.01 34.66
CA TYR HB 115 -73.78 43.61 34.44
C TYR HB 115 -72.60 42.74 34.81
N SER HB 116 -71.39 43.13 34.42
CA SER HB 116 -70.23 42.30 34.70
C SER HB 116 -69.97 42.24 36.20
N THR HB 117 -70.16 43.35 36.91
CA THR HB 117 -70.03 43.33 38.35
C THR HB 117 -71.03 42.37 38.98
N LEU HB 118 -72.29 42.46 38.56
CA LEU HB 118 -73.31 41.58 39.13
C LEU HB 118 -73.04 40.13 38.79
N ASP HB 119 -72.59 39.87 37.56
CA ASP HB 119 -72.31 38.50 37.16
C ASP HB 119 -71.14 37.94 37.93
N ALA HB 120 -70.09 38.74 38.12
CA ALA HB 120 -68.96 38.31 38.91
C ALA HB 120 -69.36 38.05 40.35
N PHE HB 121 -70.28 38.86 40.87
CA PHE HB 121 -70.71 38.67 42.25
C PHE HB 121 -71.50 37.38 42.40
N THR HB 122 -72.48 37.17 41.52
CA THR HB 122 -73.25 35.93 41.56
C THR HB 122 -72.37 34.72 41.28
N LYS HB 123 -71.35 34.88 40.45
CA LYS HB 123 -70.47 33.78 40.11
C LYS HB 123 -69.55 33.45 41.27
N LYS HB 124 -69.05 34.46 41.95
CA LYS HB 124 -68.27 34.24 43.16
C LYS HB 124 -69.13 33.56 44.21
N VAL HB 125 -70.40 33.94 44.30
CA VAL HB 125 -71.29 33.33 45.27
C VAL HB 125 -71.47 31.84 44.98
N GLU HB 126 -71.79 31.50 43.73
CA GLU HB 126 -72.01 30.09 43.43
C GLU HB 126 -70.71 29.31 43.50
N LYS HB 127 -69.58 29.95 43.21
CA LYS HB 127 -68.30 29.29 43.37
C LYS HB 127 -68.04 28.95 44.83
N ALA HB 128 -68.30 29.89 45.73
CA ALA HB 128 -68.16 29.62 47.15
C ALA HB 128 -69.11 28.52 47.60
N VAL HB 129 -70.32 28.52 47.05
CA VAL HB 129 -71.30 27.49 47.38
C VAL HB 129 -70.77 26.12 46.98
N ASP HB 130 -70.34 25.99 45.73
CA ASP HB 130 -69.82 24.72 45.25
C ASP HB 130 -68.59 24.31 46.03
N GLU HB 131 -67.74 25.26 46.39
CA GLU HB 131 -66.54 24.96 47.15
C GLU HB 131 -66.89 24.39 48.51
N ASN HB 132 -67.81 25.05 49.21
CA ASN HB 132 -68.23 24.56 50.52
C ASN HB 132 -68.87 23.18 50.40
N TYR HB 133 -69.66 22.96 49.36
CA TYR HB 133 -70.30 21.66 49.19
C TYR HB 133 -69.27 20.57 48.93
N LYS HB 134 -68.29 20.85 48.08
CA LYS HB 134 -67.25 19.87 47.81
C LYS HB 134 -66.43 19.59 49.06
N GLU HB 135 -66.14 20.63 49.84
CA GLU HB 135 -65.40 20.46 51.07
C GLU HB 135 -66.19 19.59 52.06
N TYR HB 136 -67.50 19.81 52.15
CA TYR HB 136 -68.31 18.99 53.03
C TYR HB 136 -68.35 17.55 52.55
N ARG HB 137 -68.51 17.34 51.24
CA ARG HB 137 -68.53 15.98 50.72
C ARG HB 137 -67.22 15.28 50.99
N ALA HB 138 -66.11 16.01 50.86
CA ALA HB 138 -64.81 15.46 51.20
C ALA HB 138 -64.75 15.05 52.66
N THR HB 139 -65.01 16.00 53.57
CA THR HB 139 -64.89 15.72 54.99
C THR HB 139 -65.85 14.64 55.45
N GLU HB 140 -66.96 14.45 54.74
CA GLU HB 140 -67.86 13.34 55.07
C GLU HB 140 -67.29 12.03 54.57
N TYR HB 141 -67.07 11.93 53.26
CA TYR HB 141 -66.73 10.64 52.65
C TYR HB 141 -65.27 10.30 52.94
N ARG HB 142 -64.35 11.08 52.40
CA ARG HB 142 -62.93 11.03 52.75
C ARG HB 142 -62.36 9.61 52.60
N PHE HB 143 -62.28 9.20 51.33
CA PHE HB 143 -61.80 7.88 50.99
C PHE HB 143 -60.51 7.99 50.17
N GLU HB 144 -59.55 8.72 50.70
CA GLU HB 144 -58.22 8.84 50.11
C GLU HB 144 -57.23 8.01 50.90
N PRO HB 145 -56.90 6.78 50.48
CA PRO HB 145 -55.88 6.02 51.22
C PRO HB 145 -54.51 6.67 51.23
N LYS HB 146 -54.17 7.42 50.20
CA LYS HB 146 -52.84 8.02 50.09
C LYS HB 146 -52.53 8.97 51.24
N GLU HB 147 -53.53 9.43 51.97
CA GLU HB 147 -53.35 10.26 53.16
C GLU HB 147 -53.80 9.57 54.43
N GLN HB 148 -54.89 8.82 54.37
CA GLN HB 148 -55.50 8.29 55.58
C GLN HB 148 -54.56 7.29 56.24
N GLU HB 149 -54.86 6.98 57.49
CA GLU HB 149 -54.12 6.04 58.29
C GLU HB 149 -55.03 4.87 58.66
N PRO HB 150 -54.58 3.63 58.51
CA PRO HB 150 -55.47 2.50 58.82
C PRO HB 150 -55.84 2.45 60.29
N GLU HB 151 -56.97 1.80 60.54
CA GLU HB 151 -57.54 1.68 61.87
C GLU HB 151 -57.85 0.23 62.14
N PHE HB 152 -57.57 -0.19 63.37
CA PHE HB 152 -57.79 -1.56 63.75
C PHE HB 152 -59.28 -1.87 63.73
N ILE HB 153 -59.60 -3.13 63.44
CA ILE HB 153 -60.95 -3.65 63.56
C ILE HB 153 -60.91 -4.88 64.45
N THR HB 154 -60.20 -5.90 64.02
CA THR HB 154 -60.26 -7.17 64.71
C THR HB 154 -59.06 -8.02 64.37
N ASP HB 155 -59.00 -9.15 65.05
CA ASP HB 155 -58.09 -10.22 64.76
C ASP HB 155 -58.93 -11.44 64.43
N LEU HB 156 -58.38 -12.31 63.59
CA LEU HB 156 -59.07 -13.50 63.15
C LEU HB 156 -58.50 -14.71 63.86
N SER HB 157 -59.38 -15.64 64.21
CA SER HB 157 -59.03 -16.82 65.00
C SER HB 157 -59.31 -18.09 64.20
N PRO HB 158 -58.56 -18.34 63.14
CA PRO HB 158 -58.69 -19.62 62.43
C PRO HB 158 -57.94 -20.71 63.16
N TYR HB 159 -58.58 -21.88 63.24
CA TYR HB 159 -57.97 -23.03 63.87
C TYR HB 159 -57.19 -23.81 62.81
N THR HB 160 -56.12 -23.18 62.36
CA THR HB 160 -55.10 -23.80 61.53
C THR HB 160 -53.92 -22.85 61.44
N ASN HB 161 -52.71 -23.40 61.61
CA ASN HB 161 -51.51 -22.59 61.68
C ASN HB 161 -50.94 -22.41 60.28
N ALA HB 162 -51.20 -21.26 59.69
CA ALA HB 162 -50.62 -20.88 58.41
C ALA HB 162 -50.95 -19.42 58.20
N VAL HB 163 -50.49 -18.90 57.09
CA VAL HB 163 -50.61 -17.49 56.77
C VAL HB 163 -52.01 -17.21 56.23
N MET HB 164 -52.52 -16.01 56.51
CA MET HB 164 -53.82 -15.58 56.00
C MET HB 164 -53.62 -15.08 54.58
N GLN HB 165 -53.62 -16.02 53.63
CA GLN HB 165 -53.31 -15.68 52.25
C GLN HB 165 -54.28 -14.65 51.69
N SER HB 166 -55.51 -14.62 52.18
CA SER HB 166 -56.44 -13.53 51.85
C SER HB 166 -57.68 -13.65 52.70
N PHE HB 167 -58.57 -12.69 52.56
CA PHE HB 167 -59.80 -12.66 53.32
C PHE HB 167 -60.84 -11.83 52.60
N TRP HB 168 -62.09 -12.00 53.02
CA TRP HB 168 -63.20 -11.26 52.45
C TRP HB 168 -64.37 -11.36 53.41
N VAL HB 169 -64.93 -10.22 53.75
CA VAL HB 169 -66.10 -10.14 54.62
C VAL HB 169 -67.30 -9.86 53.73
N ASP HB 170 -68.47 -10.36 54.14
CA ASP HB 170 -69.71 -10.21 53.38
C ASP HB 170 -70.64 -9.16 54.02
N PRO HB 171 -71.19 -8.20 53.26
CA PRO HB 171 -72.05 -7.19 53.89
C PRO HB 171 -73.37 -7.71 54.44
N ARG HB 172 -74.09 -8.52 53.66
CA ARG HB 172 -75.46 -8.87 54.00
C ARG HB 172 -75.54 -9.97 55.04
N THR HB 173 -74.40 -10.43 55.56
CA THR HB 173 -74.35 -11.53 56.50
C THR HB 173 -73.42 -11.27 57.67
N LYS HB 174 -72.41 -10.41 57.53
CA LYS HB 174 -71.43 -10.13 58.57
C LYS HB 174 -70.67 -11.41 58.94
N ILE HB 175 -69.94 -11.91 57.96
CA ILE HB 175 -69.20 -13.16 58.07
C ILE HB 175 -67.93 -13.04 57.25
N ILE HB 176 -66.85 -13.61 57.75
CA ILE HB 176 -65.53 -13.47 57.15
C ILE HB 176 -65.10 -14.83 56.62
N TYR HB 177 -64.78 -14.88 55.34
CA TYR HB 177 -64.15 -16.05 54.74
C TYR HB 177 -62.69 -15.73 54.51
N MET HB 178 -61.80 -16.46 55.16
CA MET HB 178 -60.36 -16.25 55.05
C MET HB 178 -59.72 -17.47 54.44
N THR HB 179 -58.88 -17.26 53.43
CA THR HB 179 -58.21 -18.32 52.71
C THR HB 179 -56.75 -18.40 53.15
N GLN HB 180 -56.32 -19.60 53.51
CA GLN HB 180 -54.94 -19.95 53.80
C GLN HB 180 -54.54 -21.14 52.95
N ALA HB 181 -53.24 -21.27 52.67
CA ALA HB 181 -52.71 -22.34 51.85
C ALA HB 181 -52.02 -23.36 52.74
N ARG HB 182 -52.48 -24.60 52.73
CA ARG HB 182 -51.95 -25.63 53.59
C ARG HB 182 -50.74 -26.28 52.93
N PRO HB 183 -50.01 -27.13 53.66
CA PRO HB 183 -48.93 -27.89 53.02
C PRO HB 183 -49.43 -28.72 51.86
N GLY HB 184 -48.84 -28.49 50.70
CA GLY HB 184 -49.31 -29.03 49.45
C GLY HB 184 -50.16 -28.01 48.71
N ASN HB 185 -50.68 -28.45 47.58
CA ASN HB 185 -51.54 -27.58 46.79
C ASN HB 185 -52.90 -27.34 47.43
N HIS HB 186 -53.24 -28.05 48.50
CA HIS HB 186 -54.56 -27.88 49.08
C HIS HB 186 -54.59 -26.64 49.98
N TYR HB 187 -55.81 -26.18 50.25
CA TYR HB 187 -55.96 -24.90 50.92
C TYR HB 187 -57.25 -24.85 51.71
N MET HB 188 -57.19 -24.15 52.83
CA MET HB 188 -58.30 -24.02 53.74
C MET HB 188 -58.97 -22.68 53.52
N LEU HB 189 -60.29 -22.65 53.70
CA LEU HB 189 -61.01 -21.40 53.85
C LEU HB 189 -61.92 -21.51 55.05
N SER HB 190 -61.71 -20.62 56.01
CA SER HB 190 -62.40 -20.65 57.29
C SER HB 190 -63.45 -19.55 57.31
N ARG HB 191 -64.66 -19.92 57.71
CA ARG HB 191 -65.77 -18.99 57.85
C ARG HB 191 -65.89 -18.67 59.34
N LEU HB 192 -65.83 -17.38 59.65
CA LEU HB 192 -65.74 -16.86 61.00
C LEU HB 192 -66.71 -15.72 61.21
N LYS HB 193 -66.91 -15.40 62.49
CA LYS HB 193 -67.69 -14.24 62.88
C LYS HB 193 -66.86 -12.98 62.70
N PRO HB 194 -67.46 -11.80 62.86
CA PRO HB 194 -66.66 -10.58 62.72
C PRO HB 194 -65.60 -10.43 63.79
N ASN HB 195 -65.90 -10.81 65.03
CA ASN HB 195 -64.92 -10.67 66.10
C ASN HB 195 -63.73 -11.59 65.90
N GLY HB 196 -63.95 -12.76 65.33
CA GLY HB 196 -62.90 -13.73 65.09
C GLY HB 196 -63.31 -15.16 65.33
N GLN HB 197 -64.37 -15.35 66.13
CA GLN HB 197 -64.83 -16.67 66.53
C GLN HB 197 -65.01 -17.59 65.32
N PHE HB 198 -64.70 -18.85 65.54
CA PHE HB 198 -64.70 -19.85 64.49
C PHE HB 198 -66.09 -20.45 64.32
N ILE HB 199 -66.66 -20.33 63.12
CA ILE HB 199 -67.92 -20.99 62.81
C ILE HB 199 -67.60 -22.35 62.20
N ASP HB 200 -66.95 -22.36 61.05
CA ASP HB 200 -66.58 -23.64 60.44
C ASP HB 200 -65.51 -23.41 59.39
N ARG HB 201 -65.17 -24.46 58.65
CA ARG HB 201 -64.15 -24.36 57.63
C ARG HB 201 -64.41 -25.35 56.52
N LEU HB 202 -63.69 -25.15 55.42
CA LEU HB 202 -63.70 -26.06 54.30
C LEU HB 202 -62.28 -26.20 53.78
N LEU HB 203 -61.94 -27.40 53.34
CA LEU HB 203 -60.63 -27.71 52.80
C LEU HB 203 -60.80 -28.09 51.34
N VAL HB 204 -60.24 -27.27 50.46
CA VAL HB 204 -60.22 -27.54 49.04
C VAL HB 204 -58.97 -28.36 48.74
N LYS HB 205 -59.18 -29.58 48.30
CA LYS HB 205 -58.07 -30.45 47.97
C LYS HB 205 -57.56 -30.12 46.57
N ASN HB 206 -56.23 -30.10 46.43
CA ASN HB 206 -55.57 -29.70 45.19
C ASN HB 206 -56.03 -28.32 44.72
N GLY HB 207 -56.45 -27.46 45.65
CA GLY HB 207 -56.99 -26.17 45.31
C GLY HB 207 -55.96 -25.07 45.12
N GLY HB 208 -54.70 -25.43 45.03
CA GLY HB 208 -53.72 -24.40 44.81
C GLY HB 208 -53.52 -23.55 46.04
N HIS HB 209 -52.85 -22.42 45.84
CA HIS HB 209 -52.53 -21.54 46.96
C HIS HB 209 -53.76 -20.82 47.45
N GLY HB 210 -54.71 -20.54 46.56
CA GLY HB 210 -55.91 -19.83 46.95
C GLY HB 210 -55.59 -18.44 47.40
N THR HB 211 -54.90 -17.68 46.56
CA THR HB 211 -54.42 -16.36 46.96
C THR HB 211 -55.56 -15.38 47.10
N HIS HB 212 -56.64 -15.56 46.35
CA HIS HB 212 -57.83 -14.76 46.55
C HIS HB 212 -58.98 -15.40 45.79
N ASN HB 213 -60.18 -15.27 46.34
CA ASN HB 213 -61.38 -15.84 45.78
C ASN HB 213 -62.45 -14.77 45.73
N ALA HB 214 -63.33 -14.86 44.74
CA ALA HB 214 -64.38 -13.89 44.55
C ALA HB 214 -65.66 -14.43 45.14
N TYR HB 215 -66.42 -13.56 45.80
CA TYR HB 215 -67.64 -13.94 46.49
C TYR HB 215 -68.78 -13.12 45.93
N ARG HB 216 -69.65 -13.77 45.16
CA ARG HB 216 -70.77 -13.14 44.50
C ARG HB 216 -72.06 -13.56 45.18
N TYR HB 217 -73.02 -12.65 45.21
CA TYR HB 217 -74.36 -12.90 45.71
C TYR HB 217 -75.32 -12.78 44.54
N ILE HB 218 -76.03 -13.87 44.25
CA ILE HB 218 -77.03 -13.86 43.18
C ILE HB 218 -78.38 -14.18 43.80
N GLY HB 219 -79.09 -13.15 44.23
CA GLY HB 219 -80.39 -13.33 44.85
C GLY HB 219 -80.35 -14.23 46.05
N ASN HB 220 -79.55 -13.85 47.05
CA ASN HB 220 -79.39 -14.64 48.27
C ASN HB 220 -78.86 -16.03 47.97
N GLU HB 221 -77.89 -16.09 47.06
CA GLU HB 221 -77.20 -17.33 46.74
C GLU HB 221 -75.73 -17.01 46.60
N LEU HB 222 -74.93 -17.54 47.51
CA LEU HB 222 -73.51 -17.19 47.60
C LEU HB 222 -72.71 -18.12 46.71
N TRP HB 223 -72.14 -17.57 45.65
CA TRP HB 223 -71.24 -18.29 44.77
C TRP HB 223 -69.82 -17.84 45.07
N ILE HB 224 -68.91 -18.80 45.08
CA ILE HB 224 -67.49 -18.55 45.32
C ILE HB 224 -66.79 -18.95 44.03
N TYR HB 225 -66.18 -17.97 43.38
CA TYR HB 225 -65.30 -18.22 42.25
C TYR HB 225 -63.89 -18.37 42.80
N SER HB 226 -63.22 -19.43 42.36
CA SER HB 226 -61.92 -19.78 42.90
C SER HB 226 -61.06 -20.37 41.81
N ALA HB 227 -59.80 -20.58 42.17
CA ALA HB 227 -58.80 -21.19 41.30
C ALA HB 227 -58.35 -22.50 41.92
N VAL HB 228 -58.61 -23.60 41.23
CA VAL HB 228 -58.22 -24.93 41.68
C VAL HB 228 -57.81 -25.73 40.48
N LEU HB 229 -56.86 -26.64 40.67
CA LEU HB 229 -56.47 -27.59 39.66
C LEU HB 229 -56.82 -28.99 40.13
N ASP HB 230 -57.06 -29.87 39.16
CA ASP HB 230 -57.42 -31.25 39.44
C ASP HB 230 -56.37 -32.17 38.82
N ALA HB 231 -55.99 -33.20 39.58
CA ALA HB 231 -55.13 -34.28 39.09
C ALA HB 231 -53.81 -33.76 38.53
N ASN HB 232 -53.40 -32.56 38.93
CA ASN HB 232 -52.17 -31.95 38.45
C ASN HB 232 -52.20 -31.76 36.93
N GLU HB 233 -53.39 -31.48 36.39
CA GLU HB 233 -53.50 -31.19 34.96
C GLU HB 233 -53.23 -29.71 34.67
N ASN HB 234 -54.06 -28.82 35.21
CA ASN HB 234 -53.96 -27.41 34.88
C ASN HB 234 -54.91 -26.61 35.74
N ASN HB 235 -54.79 -25.28 35.64
CA ASN HB 235 -55.56 -24.38 36.47
C ASN HB 235 -56.98 -24.22 35.93
N LYS HB 236 -57.96 -24.50 36.79
CA LYS HB 236 -59.37 -24.34 36.49
C LYS HB 236 -59.95 -23.22 37.33
N PHE HB 237 -60.67 -22.33 36.69
CA PHE HB 237 -61.43 -21.28 37.35
C PHE HB 237 -62.87 -21.75 37.51
N VAL HB 238 -63.32 -21.86 38.75
CA VAL HB 238 -64.47 -22.70 39.07
C VAL HB 238 -65.39 -22.01 40.07
N ARG HB 239 -66.69 -22.24 39.92
CA ARG HB 239 -67.71 -21.79 40.84
C ARG HB 239 -68.04 -22.91 41.82
N PHE HB 240 -68.44 -22.51 43.03
CA PHE HB 240 -69.06 -23.46 43.94
C PHE HB 240 -69.79 -22.72 45.06
N GLN HB 241 -70.36 -23.51 45.98
CA GLN HB 241 -71.07 -23.01 47.15
C GLN HB 241 -70.31 -23.43 48.40
N TYR HB 242 -70.48 -22.65 49.47
CA TYR HB 242 -69.81 -22.98 50.71
C TYR HB 242 -70.45 -24.21 51.34
N ARG HB 243 -69.60 -25.10 51.85
CA ARG HB 243 -70.06 -26.29 52.56
C ARG HB 243 -68.93 -26.75 53.47
N THR HB 244 -69.25 -26.93 54.75
CA THR HB 244 -68.22 -27.29 55.72
C THR HB 244 -67.64 -28.65 55.40
N GLY HB 245 -66.34 -28.80 55.66
CA GLY HB 245 -65.64 -30.07 55.54
C GLY HB 245 -64.60 -30.09 54.46
N GLU HB 246 -64.85 -30.83 53.38
CA GLU HB 246 -63.89 -31.00 52.31
C GLU HB 246 -64.59 -30.84 50.96
N ILE HB 247 -63.78 -30.50 49.96
CA ILE HB 247 -64.26 -30.44 48.58
C ILE HB 247 -63.08 -30.63 47.65
N THR HB 248 -63.40 -30.93 46.40
CA THR HB 248 -62.39 -31.11 45.35
C THR HB 248 -63.10 -31.05 44.01
N TYR HB 249 -62.35 -30.72 42.97
CA TYR HB 249 -62.95 -30.50 41.66
C TYR HB 249 -63.59 -31.78 41.14
N GLY HB 250 -64.82 -31.65 40.67
CA GLY HB 250 -65.55 -32.79 40.14
C GLY HB 250 -67.01 -32.49 39.94
N ASN HB 251 -67.87 -33.36 40.46
CA ASN HB 251 -69.31 -33.18 40.29
C ASN HB 251 -69.82 -32.05 41.17
N GLU HB 252 -69.17 -31.79 42.30
CA GLU HB 252 -69.63 -30.77 43.24
C GLU HB 252 -69.23 -29.36 42.82
N MET HB 253 -68.43 -29.20 41.77
CA MET HB 253 -67.92 -27.90 41.36
C MET HB 253 -68.00 -27.80 39.86
N GLN HB 254 -68.46 -26.65 39.36
CA GLN HB 254 -68.71 -26.44 37.95
C GLN HB 254 -67.83 -25.32 37.42
N ASP HB 255 -67.07 -25.61 36.36
CA ASP HB 255 -66.24 -24.60 35.75
C ASP HB 255 -67.10 -23.51 35.12
N VAL HB 256 -66.44 -22.47 34.62
CA VAL HB 256 -67.09 -21.38 33.92
C VAL HB 256 -66.26 -21.07 32.68
N MET HB 257 -66.86 -21.26 31.49
CA MET HB 257 -66.26 -21.11 30.17
C MET HB 257 -64.82 -21.59 30.19
N PRO HB 258 -64.58 -22.89 30.27
CA PRO HB 258 -63.20 -23.34 30.47
C PRO HB 258 -62.32 -23.10 29.26
N ASN HB 259 -62.87 -23.30 28.07
CA ASN HB 259 -62.11 -23.31 26.82
C ASN HB 259 -61.41 -21.98 26.54
N ILE HB 260 -61.78 -20.90 27.20
CA ILE HB 260 -61.32 -19.56 26.82
C ILE HB 260 -60.23 -19.02 27.75
N PHE HB 261 -60.25 -19.36 29.04
CA PHE HB 261 -59.15 -18.93 29.94
C PHE HB 261 -58.71 -20.03 30.91
N ASN HB 262 -58.73 -21.29 30.50
CA ASN HB 262 -57.99 -22.34 31.20
C ASN HB 262 -56.73 -22.74 30.46
N ASP HB 263 -56.03 -21.75 29.91
CA ASP HB 263 -54.69 -21.94 29.36
C ASP HB 263 -53.61 -21.36 30.25
N ARG HB 264 -53.97 -20.59 31.27
CA ARG HB 264 -52.99 -20.01 32.18
C ARG HB 264 -53.65 -19.77 33.52
N TYR HB 265 -52.81 -19.64 34.55
CA TYR HB 265 -53.30 -19.46 35.91
C TYR HB 265 -54.19 -18.23 35.99
N THR HB 266 -55.30 -18.35 36.72
CA THR HB 266 -56.30 -17.32 36.75
C THR HB 266 -57.00 -17.32 38.10
N SER HB 267 -57.32 -16.13 38.57
CA SER HB 267 -58.08 -15.95 39.79
C SER HB 267 -58.98 -14.74 39.58
N ALA HB 268 -59.87 -14.49 40.53
CA ALA HB 268 -60.88 -13.46 40.34
C ALA HB 268 -61.27 -12.81 41.65
N ILE HB 269 -61.83 -11.61 41.51
CA ILE HB 269 -62.55 -10.94 42.57
C ILE HB 269 -63.83 -10.36 41.98
N TYR HB 270 -64.73 -9.94 42.86
CA TYR HB 270 -66.04 -9.45 42.49
C TYR HB 270 -66.30 -8.11 43.14
N ASN HB 271 -66.77 -7.16 42.34
CA ASN HB 271 -67.23 -5.86 42.82
C ASN HB 271 -68.73 -5.78 42.57
N PRO HB 272 -69.58 -5.83 43.61
CA PRO HB 272 -71.03 -5.89 43.35
C PRO HB 272 -71.65 -4.56 42.95
N ILE HB 273 -71.02 -3.44 43.30
CA ILE HB 273 -71.61 -2.14 42.98
C ILE HB 273 -71.69 -1.96 41.48
N GLU HB 274 -70.59 -2.18 40.78
CA GLU HB 274 -70.58 -2.17 39.32
C GLU HB 274 -70.91 -3.52 38.71
N ASN HB 275 -71.03 -4.58 39.51
CA ASN HB 275 -71.33 -5.92 39.02
C ASN HB 275 -70.25 -6.37 38.04
N LEU HB 276 -69.01 -6.31 38.52
CA LEU HB 276 -67.84 -6.67 37.73
C LEU HB 276 -67.07 -7.81 38.37
N MET HB 277 -66.40 -8.57 37.52
CA MET HB 277 -65.59 -9.72 37.92
C MET HB 277 -64.20 -9.48 37.39
N ILE HB 278 -63.33 -8.97 38.24
CA ILE HB 278 -61.97 -8.64 37.85
C ILE HB 278 -61.15 -9.90 37.88
N PHE HB 279 -60.62 -10.28 36.73
CA PHE HB 279 -59.85 -11.50 36.57
C PHE HB 279 -58.37 -11.15 36.56
N ARG HB 280 -57.65 -11.62 37.55
CA ARG HB 280 -56.21 -11.65 37.48
C ARG HB 280 -55.81 -12.89 36.69
N ARG HB 281 -54.83 -12.73 35.81
CA ARG HB 281 -54.43 -13.80 34.91
C ARG HB 281 -52.92 -13.73 34.76
N GLU HB 282 -52.24 -14.79 35.14
CA GLU HB 282 -50.79 -14.86 35.12
C GLU HB 282 -50.28 -15.09 33.71
N TYR HB 283 -48.97 -14.90 33.53
CA TYR HB 283 -48.28 -15.14 32.29
C TYR HB 283 -47.39 -16.38 32.40
N LYS HB 284 -47.13 -16.99 31.27
CA LYS HB 284 -46.12 -18.03 31.19
C LYS HB 284 -44.73 -17.42 31.12
N ALA HB 285 -43.72 -18.27 31.33
CA ALA HB 285 -42.34 -17.77 31.34
C ALA HB 285 -41.94 -17.24 29.97
N SER HB 286 -42.35 -17.92 28.91
CA SER HB 286 -41.95 -17.50 27.56
C SER HB 286 -42.53 -16.14 27.22
N GLU HB 287 -43.83 -15.95 27.48
CA GLU HB 287 -44.43 -14.64 27.24
C GLU HB 287 -43.83 -13.59 28.15
N ARG HB 288 -43.51 -13.98 29.39
CA ARG HB 288 -42.94 -13.04 30.35
C ARG HB 288 -41.60 -12.52 29.88
N GLN HB 289 -40.82 -13.37 29.19
CA GLN HB 289 -39.51 -12.96 28.70
C GLN HB 289 -39.60 -11.68 27.87
N LEU HB 290 -40.66 -11.52 27.10
CA LEU HB 290 -40.89 -10.32 26.30
C LEU HB 290 -41.74 -9.28 27.00
N LYS HB 291 -42.67 -9.70 27.86
CA LYS HB 291 -43.59 -8.75 28.47
C LYS HB 291 -42.95 -7.99 29.62
N ASN HB 292 -41.93 -8.56 30.27
CA ASN HB 292 -41.34 -7.96 31.46
C ASN HB 292 -42.39 -7.79 32.55
N SER HB 293 -43.13 -8.85 32.83
CA SER HB 293 -44.23 -8.77 33.77
C SER HB 293 -44.77 -10.16 34.04
N LEU HB 294 -45.44 -10.30 35.19
CA LEU HB 294 -45.93 -11.59 35.66
C LEU HB 294 -47.41 -11.78 35.47
N ASN HB 295 -48.21 -10.72 35.56
CA ASN HB 295 -49.65 -10.91 35.52
C ASN HB 295 -50.33 -9.67 34.95
N PHE HB 296 -51.58 -9.87 34.57
CA PHE HB 296 -52.39 -8.84 33.97
C PHE HB 296 -53.82 -9.03 34.42
N VAL HB 297 -54.51 -7.91 34.56
CA VAL HB 297 -55.85 -7.89 35.13
C VAL HB 297 -56.83 -7.44 34.05
N GLU HB 298 -57.92 -8.17 33.93
CA GLU HB 298 -58.99 -7.89 33.00
C GLU HB 298 -60.23 -7.49 33.79
N VAL HB 299 -60.91 -6.47 33.31
CA VAL HB 299 -62.27 -6.21 33.76
C VAL HB 299 -63.22 -6.96 32.86
N ARG HB 300 -64.34 -7.38 33.41
CA ARG HB 300 -65.44 -7.95 32.65
C ARG HB 300 -66.67 -7.95 33.53
N SER HB 301 -67.82 -8.16 32.90
CA SER HB 301 -69.10 -8.08 33.60
C SER HB 301 -69.61 -9.47 33.94
N ALA HB 302 -70.21 -9.57 35.12
CA ALA HB 302 -70.65 -10.86 35.62
C ALA HB 302 -71.82 -11.41 34.81
N ASP HB 303 -72.67 -10.53 34.28
CA ASP HB 303 -73.75 -11.00 33.44
C ASP HB 303 -73.21 -11.59 32.14
N ASP HB 304 -72.17 -10.96 31.59
CA ASP HB 304 -71.49 -11.54 30.42
C ASP HB 304 -70.92 -12.90 30.75
N ILE HB 305 -70.27 -13.02 31.91
CA ILE HB 305 -69.71 -14.30 32.31
C ILE HB 305 -70.82 -15.35 32.45
N ASP HB 306 -71.96 -14.95 33.01
CA ASP HB 306 -73.06 -15.88 33.20
C ASP HB 306 -73.56 -16.40 31.86
N LYS HB 307 -73.97 -15.49 30.99
CA LYS HB 307 -74.55 -15.90 29.71
C LYS HB 307 -73.50 -16.22 28.66
N GLY HB 308 -72.23 -16.33 29.04
CA GLY HB 308 -71.22 -16.95 28.23
C GLY HB 308 -70.39 -16.00 27.39
N ILE HB 309 -70.95 -14.84 27.04
CA ILE HB 309 -70.25 -13.91 26.16
C ILE HB 309 -69.01 -13.40 26.87
N ASP HB 310 -67.92 -13.31 26.12
CA ASP HB 310 -66.63 -12.86 26.64
C ASP HB 310 -66.41 -11.40 26.28
N LYS HB 311 -65.85 -10.66 27.23
CA LYS HB 311 -65.45 -9.28 26.98
C LYS HB 311 -64.21 -9.00 27.81
N VAL HB 312 -63.23 -8.34 27.18
CA VAL HB 312 -61.90 -8.16 27.75
C VAL HB 312 -61.64 -6.67 27.91
N LEU HB 313 -62.69 -5.91 28.19
CA LEU HB 313 -62.56 -4.47 28.36
C LEU HB 313 -61.63 -4.18 29.53
N TYR HB 314 -60.79 -3.16 29.39
CA TYR HB 314 -59.91 -2.69 30.46
C TYR HB 314 -59.00 -3.84 30.93
N GLN HB 315 -58.09 -4.19 30.03
CA GLN HB 315 -57.02 -5.12 30.31
C GLN HB 315 -55.75 -4.33 30.58
N MET HB 316 -54.95 -4.81 31.53
CA MET HB 316 -53.77 -4.07 31.95
C MET HB 316 -52.73 -5.00 32.54
N ASP HB 317 -51.50 -4.90 32.02
CA ASP HB 317 -50.38 -5.62 32.59
C ASP HB 317 -49.95 -4.97 33.89
N ILE HB 318 -49.12 -5.68 34.65
CA ILE HB 318 -48.50 -5.17 35.86
C ILE HB 318 -46.99 -5.22 35.67
N PRO HB 319 -46.25 -4.13 35.88
CA PRO HB 319 -44.79 -4.24 35.80
C PRO HB 319 -44.24 -5.15 36.88
N MET HB 320 -42.99 -5.57 36.70
CA MET HB 320 -42.41 -6.56 37.59
C MET HB 320 -42.22 -6.00 38.98
N GLU HB 321 -41.79 -4.74 39.09
CA GLU HB 321 -41.43 -4.16 40.38
C GLU HB 321 -42.57 -4.19 41.39
N TYR HB 322 -43.82 -4.28 40.93
CA TYR HB 322 -44.96 -4.34 41.81
C TYR HB 322 -45.41 -5.77 42.09
N THR HB 323 -44.71 -6.78 41.55
CA THR HB 323 -45.05 -8.18 41.77
C THR HB 323 -43.83 -9.07 41.92
N SER HB 324 -42.66 -8.50 42.22
CA SER HB 324 -41.41 -9.24 42.23
C SER HB 324 -41.34 -10.14 43.46
N ASP HB 325 -40.17 -10.75 43.67
CA ASP HB 325 -39.97 -11.63 44.81
C ASP HB 325 -39.94 -10.84 46.12
N THR HB 326 -39.31 -9.68 46.10
CA THR HB 326 -39.30 -8.79 47.25
C THR HB 326 -40.57 -7.96 47.35
N GLN HB 327 -41.44 -7.98 46.34
CA GLN HB 327 -42.73 -7.30 46.37
C GLN HB 327 -43.74 -8.17 45.66
N PRO HB 328 -44.07 -9.32 46.23
CA PRO HB 328 -45.04 -10.21 45.59
C PRO HB 328 -46.44 -9.63 45.62
N MET HB 329 -47.40 -10.29 44.99
CA MET HB 329 -48.71 -9.68 44.82
C MET HB 329 -49.39 -9.45 46.16
N GLN HB 330 -49.85 -10.52 46.79
CA GLN HB 330 -50.43 -10.55 48.13
C GLN HB 330 -51.78 -9.87 48.30
N GLY HB 331 -52.24 -9.07 47.34
CA GLY HB 331 -53.63 -8.70 47.35
C GLY HB 331 -54.07 -7.68 46.32
N ILE HB 332 -55.33 -7.78 45.90
CA ILE HB 332 -55.90 -6.90 44.89
C ILE HB 332 -57.34 -6.57 45.25
N THR HB 333 -57.80 -5.40 44.79
CA THR HB 333 -59.22 -5.09 44.86
C THR HB 333 -59.53 -3.88 43.97
N TYR HB 334 -60.63 -3.96 43.24
CA TYR HB 334 -61.05 -2.90 42.33
C TYR HB 334 -62.15 -2.09 43.00
N ASP HB 335 -62.14 -0.79 42.74
CA ASP HB 335 -63.19 0.09 43.24
C ASP HB 335 -63.15 1.41 42.49
N ALA HB 336 -64.24 1.75 41.82
CA ALA HB 336 -64.43 3.08 41.23
C ALA HB 336 -63.35 3.40 40.19
N GLY HB 337 -63.14 2.47 39.28
CA GLY HB 337 -62.12 2.64 38.27
C GLY HB 337 -60.72 2.74 38.82
N ILE HB 338 -60.49 2.25 40.04
CA ILE HB 338 -59.20 2.28 40.69
C ILE HB 338 -58.90 0.87 41.19
N LEU HB 339 -57.73 0.37 40.85
CA LEU HB 339 -57.25 -0.93 41.28
C LEU HB 339 -56.22 -0.74 42.37
N TYR HB 340 -56.50 -1.26 43.55
CA TYR HB 340 -55.58 -1.21 44.67
C TYR HB 340 -54.83 -2.54 44.72
N TRP HB 341 -53.51 -2.45 44.77
CA TRP HB 341 -52.61 -3.59 44.70
C TRP HB 341 -51.69 -3.54 45.90
N TYR HB 342 -51.89 -4.45 46.84
CA TYR HB 342 -51.25 -4.43 48.15
C TYR HB 342 -50.24 -5.55 48.22
N THR HB 343 -48.97 -5.20 48.42
CA THR HB 343 -47.85 -6.11 48.36
C THR HB 343 -47.02 -6.00 49.62
N GLY HB 344 -46.30 -7.07 49.92
CA GLY HB 344 -45.43 -7.10 51.09
C GLY HB 344 -44.44 -8.23 51.08
N ASP HB 345 -43.31 -8.04 51.76
CA ASP HB 345 -42.16 -8.92 51.64
C ASP HB 345 -42.06 -9.97 52.73
N SER HB 346 -43.00 -10.00 53.66
CA SER HB 346 -42.92 -10.90 54.82
C SER HB 346 -41.63 -10.69 55.59
N LYS HB 347 -41.19 -9.42 55.65
CA LYS HB 347 -39.93 -9.08 56.18
C LYS HB 347 -40.06 -7.67 56.73
N PRO HB 348 -39.60 -7.38 57.95
CA PRO HB 348 -39.65 -6.01 58.43
C PRO HB 348 -38.48 -5.22 57.90
N ALA HB 349 -38.70 -3.93 57.72
CA ALA HB 349 -37.82 -2.96 57.10
C ALA HB 349 -37.79 -3.09 55.59
N ASN HB 350 -38.39 -4.13 55.01
CA ASN HB 350 -38.72 -4.15 53.59
C ASN HB 350 -40.13 -3.59 53.51
N PRO HB 351 -40.30 -2.30 53.22
CA PRO HB 351 -41.61 -1.68 53.41
C PRO HB 351 -42.67 -2.26 52.53
N ASN HB 352 -43.63 -2.93 53.16
CA ASN HB 352 -44.80 -3.45 52.49
C ASN HB 352 -45.83 -2.33 52.38
N TYR HB 353 -46.48 -2.25 51.24
CA TYR HB 353 -47.44 -1.18 51.05
C TYR HB 353 -48.31 -1.48 49.84
N LEU HB 354 -49.19 -0.55 49.53
CA LEU HB 354 -50.06 -0.66 48.38
C LEU HB 354 -49.71 0.39 47.35
N GLN HB 355 -50.11 0.11 46.13
CA GLN HB 355 -49.67 0.83 44.94
C GLN HB 355 -50.88 1.14 44.08
N GLY HB 356 -51.92 1.68 44.71
CA GLY HB 356 -53.18 1.92 44.07
C GLY HB 356 -53.12 2.81 42.84
N PHE HB 357 -53.52 2.25 41.70
CA PHE HB 357 -53.43 2.96 40.43
C PHE HB 357 -54.75 2.81 39.67
N ASP HB 358 -54.76 3.32 38.45
CA ASP HB 358 -55.94 3.39 37.61
C ASP HB 358 -55.87 2.33 36.53
N ILE HB 359 -57.03 1.77 36.20
CA ILE HB 359 -57.13 0.74 35.18
C ILE HB 359 -57.53 1.33 33.84
N LYS HB 360 -58.24 2.45 33.84
CA LYS HB 360 -58.72 3.03 32.60
C LYS HB 360 -57.57 3.46 31.70
N THR HB 361 -56.66 4.27 32.23
CA THR HB 361 -55.65 4.93 31.43
C THR HB 361 -54.25 4.38 31.65
N LYS HB 362 -54.10 3.32 32.47
CA LYS HB 362 -52.83 2.63 32.66
C LYS HB 362 -51.74 3.60 33.14
N GLU HB 363 -51.93 4.07 34.36
CA GLU HB 363 -51.00 4.99 34.98
C GLU HB 363 -50.75 4.52 36.41
N LEU HB 364 -50.16 5.39 37.22
CA LEU HB 364 -49.94 5.16 38.64
C LEU HB 364 -50.54 6.33 39.39
N LEU HB 365 -51.55 6.05 40.22
CA LEU HB 365 -52.27 7.12 40.90
C LEU HB 365 -51.57 7.52 42.19
N PHE HB 366 -51.20 6.53 43.00
CA PHE HB 366 -50.58 6.84 44.28
C PHE HB 366 -49.89 5.60 44.81
N LYS HB 367 -49.02 5.84 45.78
CA LYS HB 367 -48.17 4.80 46.32
C LYS HB 367 -47.70 5.27 47.69
N ARG HB 368 -48.25 4.67 48.73
CA ARG HB 368 -48.00 5.08 50.10
C ARG HB 368 -47.18 4.01 50.81
N ARG HB 369 -47.05 4.17 52.12
CA ARG HB 369 -46.39 3.21 52.98
C ARG HB 369 -47.35 2.73 54.05
N ILE HB 370 -47.08 1.54 54.56
CA ILE HB 370 -47.98 0.84 55.47
C ILE HB 370 -47.14 0.21 56.57
N ASP HB 371 -47.51 0.47 57.82
CA ASP HB 371 -46.80 -0.04 58.98
C ASP HB 371 -47.81 -0.46 60.05
N ILE HB 372 -48.87 -1.14 59.63
CA ILE HB 372 -49.98 -1.48 60.53
C ILE HB 372 -49.68 -2.65 61.45
N GLY HB 373 -48.49 -3.24 61.38
CA GLY HB 373 -48.16 -4.34 62.28
C GLY HB 373 -48.23 -3.99 63.74
N GLY HB 374 -48.11 -2.71 64.09
CA GLY HB 374 -48.10 -2.28 65.46
C GLY HB 374 -47.34 -0.99 65.63
N VAL HB 375 -46.41 -0.98 66.56
CA VAL HB 375 -45.60 0.20 66.82
C VAL HB 375 -44.49 0.28 65.79
N ASN HB 376 -44.01 1.50 65.55
CA ASN HB 376 -43.08 1.77 64.44
C ASN HB 376 -41.83 0.91 64.50
N ASN HB 377 -41.69 0.02 63.53
CA ASN HB 377 -40.49 -0.80 63.38
C ASN HB 377 -40.25 -1.67 64.61
N ASN HB 378 -41.31 -2.05 65.31
CA ASN HB 378 -41.20 -3.01 66.41
C ASN HB 378 -42.50 -3.81 66.41
N PHE HB 379 -42.49 -4.94 65.72
CA PHE HB 379 -43.64 -5.81 65.60
C PHE HB 379 -43.38 -7.13 66.31
N LYS HB 380 -44.44 -7.71 66.84
CA LYS HB 380 -44.34 -9.00 67.50
C LYS HB 380 -43.75 -10.02 66.55
N GLY HB 381 -43.02 -10.97 67.12
CA GLY HB 381 -42.28 -11.89 66.31
C GLY HB 381 -41.13 -11.19 65.63
N ASP HB 382 -40.97 -11.47 64.35
CA ASP HB 382 -39.87 -10.93 63.57
C ASP HB 382 -40.26 -10.55 62.16
N PHE HB 383 -41.53 -10.65 61.78
CA PHE HB 383 -41.91 -10.35 60.42
C PHE HB 383 -43.39 -10.05 60.34
N GLN HB 384 -43.72 -9.07 59.52
CA GLN HB 384 -45.07 -8.75 59.13
C GLN HB 384 -45.21 -8.99 57.64
N GLU HB 385 -46.35 -9.52 57.24
CA GLU HB 385 -46.63 -9.85 55.85
C GLU HB 385 -47.98 -9.26 55.48
N ALA HB 386 -48.02 -8.60 54.33
CA ALA HB 386 -49.26 -8.09 53.80
C ALA HB 386 -50.07 -9.21 53.20
N GLU HB 387 -51.39 -9.02 53.17
CA GLU HB 387 -52.29 -10.06 52.72
C GLU HB 387 -53.44 -9.42 51.96
N GLY HB 388 -54.37 -10.26 51.54
CA GLY HB 388 -55.37 -9.83 50.58
C GLY HB 388 -56.17 -8.64 51.05
N LEU HB 389 -56.74 -7.93 50.09
CA LEU HB 389 -57.54 -6.77 50.34
C LEU HB 389 -59.02 -7.13 50.32
N ASP HB 390 -59.84 -6.20 50.81
CA ASP HB 390 -61.28 -6.28 50.66
C ASP HB 390 -61.83 -4.88 50.62
N MET HB 391 -62.85 -4.71 49.81
CA MET HB 391 -63.61 -3.47 49.71
C MET HB 391 -64.96 -3.77 50.35
N TYR HB 392 -65.15 -3.30 51.58
CA TYR HB 392 -66.39 -3.54 52.27
C TYR HB 392 -67.40 -2.47 51.90
N TYR HB 393 -68.40 -2.87 51.15
CA TYR HB 393 -69.53 -2.01 50.86
C TYR HB 393 -70.59 -2.21 51.93
N ASP HB 394 -71.77 -1.65 51.71
CA ASP HB 394 -72.90 -1.85 52.58
C ASP HB 394 -74.17 -1.74 51.75
N LEU HB 395 -75.12 -2.64 52.00
CA LEU HB 395 -76.41 -2.53 51.31
C LEU HB 395 -77.09 -1.22 51.63
N GLU HB 396 -76.89 -0.71 52.84
CA GLU HB 396 -77.39 0.59 53.27
C GLU HB 396 -76.21 1.50 53.53
N THR HB 397 -76.40 2.80 53.24
CA THR HB 397 -75.37 3.80 53.51
C THR HB 397 -74.09 3.45 52.76
N GLY HB 398 -74.16 3.60 51.45
CA GLY HB 398 -73.16 2.99 50.58
C GLY HB 398 -71.80 3.61 50.75
N ARG HB 399 -71.23 3.33 51.93
CA ARG HB 399 -69.96 3.87 52.35
C ARG HB 399 -68.93 2.77 52.24
N LYS HB 400 -68.04 2.90 51.26
CA LYS HB 400 -67.05 1.88 50.98
C LYS HB 400 -65.84 2.08 51.87
N ALA HB 401 -65.35 0.99 52.42
CA ALA HB 401 -64.11 0.98 53.17
C ALA HB 401 -63.19 -0.09 52.62
N LEU HB 402 -61.90 0.10 52.85
CA LEU HB 402 -60.85 -0.75 52.34
C LEU HB 402 -60.25 -1.50 53.52
N LEU HB 403 -60.48 -2.80 53.57
CA LEU HB 403 -59.93 -3.64 54.62
C LEU HB 403 -58.65 -4.29 54.12
N ILE HB 404 -57.67 -4.36 55.01
CA ILE HB 404 -56.35 -4.86 54.69
C ILE HB 404 -55.95 -5.89 55.73
N GLY HB 405 -55.49 -7.04 55.27
CA GLY HB 405 -55.05 -8.12 56.14
C GLY HB 405 -53.55 -8.06 56.35
N VAL HB 406 -53.15 -8.26 57.59
CA VAL HB 406 -51.74 -8.35 57.96
C VAL HB 406 -51.53 -9.59 58.80
N THR HB 407 -50.35 -10.18 58.66
CA THR HB 407 -50.01 -11.43 59.32
C THR HB 407 -48.69 -11.23 60.03
N ILE HB 408 -48.69 -11.43 61.34
CA ILE HB 408 -47.58 -11.05 62.20
C ILE HB 408 -47.19 -12.25 63.04
N GLY HB 409 -45.96 -12.22 63.55
CA GLY HB 409 -45.54 -13.14 64.57
C GLY HB 409 -44.41 -14.04 64.12
N PRO HB 410 -43.86 -14.84 65.02
CA PRO HB 410 -42.78 -15.74 64.64
C PRO HB 410 -43.19 -16.90 63.74
N GLY HB 411 -42.24 -17.80 63.51
CA GLY HB 411 -42.36 -18.84 62.51
C GLY HB 411 -43.56 -19.77 62.59
N ASN HB 412 -43.74 -20.47 63.71
CA ASN HB 412 -44.82 -21.44 63.87
C ASN HB 412 -45.92 -20.90 64.75
N ASN HB 413 -46.19 -19.61 64.63
CA ASN HB 413 -47.30 -18.99 65.35
C ASN HB 413 -47.61 -17.66 64.70
N ARG HB 414 -48.87 -17.48 64.32
CA ARG HB 414 -49.29 -16.39 63.46
C ARG HB 414 -50.44 -15.62 64.10
N HIS HB 415 -50.52 -14.34 63.75
CA HIS HB 415 -51.56 -13.44 64.21
C HIS HB 415 -52.08 -12.69 63.01
N HIS HB 416 -53.33 -12.94 62.66
CA HIS HB 416 -53.96 -12.32 61.51
C HIS HB 416 -54.85 -11.18 61.98
N SER HB 417 -54.55 -9.97 61.54
CA SER HB 417 -55.28 -8.78 61.92
C SER HB 417 -55.84 -8.09 60.69
N ILE HB 418 -56.94 -7.36 60.89
CA ILE HB 418 -57.65 -6.68 59.82
C ILE HB 418 -57.71 -5.21 60.18
N TYR HB 419 -56.99 -4.38 59.44
CA TYR HB 419 -57.08 -2.94 59.55
C TYR HB 419 -58.00 -2.42 58.45
N SER HB 420 -58.37 -1.14 58.56
CA SER HB 420 -59.26 -0.56 57.57
C SER HB 420 -59.01 0.91 57.40
N ILE HB 421 -59.24 1.37 56.18
CA ILE HB 421 -59.36 2.78 55.85
C ILE HB 421 -60.83 3.01 55.50
N GLY HB 422 -61.50 3.84 56.29
CA GLY HB 422 -62.94 3.92 56.28
C GLY HB 422 -63.48 5.19 55.65
N GLN HB 423 -64.79 5.33 55.76
CA GLN HB 423 -65.54 6.39 55.10
C GLN HB 423 -66.56 6.97 56.08
N ARG HB 424 -66.09 7.33 57.27
CA ARG HB 424 -66.91 7.99 58.29
C ARG HB 424 -68.06 7.08 58.76
N GLY HB 425 -67.65 6.02 59.46
CA GLY HB 425 -68.57 5.16 60.19
C GLY HB 425 -68.50 3.70 59.82
N VAL HB 426 -67.89 3.37 58.68
CA VAL HB 426 -67.89 2.00 58.20
C VAL HB 426 -67.17 1.10 59.18
N ASN HB 427 -65.93 1.47 59.53
CA ASN HB 427 -65.13 0.66 60.45
C ASN HB 427 -65.77 0.57 61.82
N GLN HB 428 -66.38 1.67 62.26
CA GLN HB 428 -67.08 1.67 63.54
C GLN HB 428 -68.18 0.63 63.55
N PHE HB 429 -69.05 0.67 62.54
CA PHE HB 429 -70.12 -0.32 62.46
C PHE HB 429 -69.57 -1.73 62.31
N LEU HB 430 -68.47 -1.88 61.57
CA LEU HB 430 -67.91 -3.20 61.35
C LEU HB 430 -67.48 -3.83 62.66
N LYS HB 431 -66.78 -3.07 63.49
CA LYS HB 431 -66.35 -3.62 64.76
C LYS HB 431 -67.47 -3.72 65.78
N ASN HB 432 -68.49 -2.87 65.65
CA ASN HB 432 -69.61 -2.87 66.59
C ASN HB 432 -70.72 -3.82 66.21
N ILE HB 433 -70.60 -4.55 65.09
CA ILE HB 433 -71.53 -5.65 64.81
C ILE HB 433 -71.67 -6.54 66.03
N ALA HB 434 -70.56 -7.11 66.47
CA ALA HB 434 -70.52 -8.01 67.60
C ALA HB 434 -69.27 -7.70 68.43
N PRO HB 435 -69.29 -7.96 69.72
CA PRO HB 435 -68.19 -7.55 70.57
C PRO HB 435 -67.01 -8.48 70.48
N GLN HB 436 -65.87 -8.01 70.99
CA GLN HB 436 -64.71 -8.86 71.15
C GLN HB 436 -65.00 -9.95 72.16
N VAL HB 437 -64.44 -11.13 71.93
CA VAL HB 437 -64.59 -12.19 72.90
C VAL HB 437 -63.74 -11.88 74.12
N SER HB 438 -64.29 -12.13 75.29
CA SER HB 438 -63.57 -12.04 76.54
C SER HB 438 -63.81 -13.32 77.31
N MET HB 439 -62.96 -13.58 78.27
CA MET HB 439 -63.10 -14.79 79.08
C MET HB 439 -64.43 -14.78 79.82
N THR HB 440 -64.99 -13.61 80.08
CA THR HB 440 -66.22 -13.44 80.81
C THR HB 440 -67.15 -12.50 80.05
N ASP HB 441 -68.30 -12.24 80.64
CA ASP HB 441 -69.23 -11.24 80.13
C ASP HB 441 -68.56 -9.88 80.11
N SER HB 442 -69.15 -8.96 79.34
CA SER HB 442 -68.61 -7.61 79.25
C SER HB 442 -68.70 -6.86 80.57
N GLY HB 443 -69.54 -7.31 81.50
CA GLY HB 443 -69.72 -6.64 82.77
C GLY HB 443 -69.09 -7.37 83.94
N GLY HB 444 -69.07 -8.69 83.89
CA GLY HB 444 -68.53 -9.48 84.99
C GLY HB 444 -69.19 -10.82 85.20
N ARG HB 445 -70.37 -11.03 84.63
CA ARG HB 445 -71.02 -12.33 84.73
C ARG HB 445 -70.24 -13.36 83.93
N VAL HB 446 -70.61 -14.58 84.13
CA VAL HB 446 -70.21 -15.70 83.29
C VAL HB 446 -71.10 -15.71 82.05
N LYS HB 447 -70.51 -16.06 80.93
CA LYS HB 447 -71.26 -16.10 79.67
C LYS HB 447 -71.90 -17.46 79.47
N PRO HB 448 -72.95 -17.54 78.65
CA PRO HB 448 -73.77 -18.75 78.65
C PRO HB 448 -73.37 -19.81 77.64
N LEU HB 449 -74.05 -20.94 77.71
CA LEU HB 449 -73.76 -22.10 76.87
C LEU HB 449 -74.35 -21.89 75.47
N PRO HB 450 -73.61 -22.24 74.40
CA PRO HB 450 -74.24 -22.23 73.07
C PRO HB 450 -75.23 -23.36 72.83
N ILE HB 451 -75.35 -24.33 73.73
CA ILE HB 451 -76.27 -25.44 73.57
C ILE HB 451 -76.96 -25.69 74.90
N GLN HB 452 -78.25 -26.01 74.83
CA GLN HB 452 -79.03 -26.46 75.98
C GLN HB 452 -79.02 -27.98 76.00
N ASN HB 453 -78.86 -28.54 77.21
CA ASN HB 453 -78.80 -29.99 77.41
C ASN HB 453 -77.67 -30.56 76.56
N PRO HB 454 -76.42 -30.17 76.81
CA PRO HB 454 -75.31 -30.62 75.97
C PRO HB 454 -75.05 -32.10 76.17
N ALA HB 455 -75.24 -32.88 75.09
CA ALA HB 455 -75.00 -34.30 75.17
C ALA HB 455 -73.53 -34.61 75.44
N TYR HB 456 -72.63 -33.77 74.93
CA TYR HB 456 -71.20 -33.92 75.16
C TYR HB 456 -70.62 -32.55 75.50
N LEU HB 457 -69.91 -32.47 76.62
CA LEU HB 457 -69.25 -31.24 77.01
C LEU HB 457 -68.32 -30.74 75.93
N SER HB 458 -67.63 -31.65 75.27
CA SER HB 458 -66.70 -31.32 74.20
C SER HB 458 -67.39 -30.65 73.01
N ASP HB 459 -68.71 -30.73 72.90
CA ASP HB 459 -69.39 -29.99 71.83
C ASP HB 459 -69.30 -28.49 72.04
N ILE HB 460 -68.99 -28.03 73.26
CA ILE HB 460 -68.93 -26.61 73.54
C ILE HB 460 -67.56 -26.09 73.13
N THR HB 461 -67.44 -25.74 71.85
CA THR HB 461 -66.17 -25.34 71.25
C THR HB 461 -66.11 -23.81 71.17
N GLU HB 462 -66.11 -23.20 72.35
CA GLU HB 462 -66.02 -21.75 72.47
C GLU HB 462 -65.02 -21.42 73.57
N VAL HB 463 -64.96 -20.17 74.01
CA VAL HB 463 -63.94 -19.72 74.95
C VAL HB 463 -64.59 -18.90 76.05
N GLY HB 464 -63.97 -18.94 77.22
CA GLY HB 464 -64.36 -18.14 78.37
C GLY HB 464 -64.99 -19.00 79.45
N HIS HB 465 -65.44 -18.31 80.49
CA HIS HB 465 -66.08 -18.98 81.60
C HIS HB 465 -67.53 -19.31 81.28
N TYR HB 466 -68.00 -20.42 81.84
CA TYR HB 466 -69.36 -20.87 81.67
C TYR HB 466 -69.78 -21.54 82.98
N TYR HB 467 -71.09 -21.67 83.16
CA TYR HB 467 -71.66 -22.40 84.28
C TYR HB 467 -72.66 -23.41 83.74
N ILE HB 468 -72.64 -24.61 84.33
CA ILE HB 468 -73.52 -25.70 83.96
C ILE HB 468 -74.35 -26.06 85.19
N TYR HB 469 -75.66 -26.23 84.98
CA TYR HB 469 -76.56 -26.53 86.06
C TYR HB 469 -76.67 -28.04 86.27
N THR HB 470 -77.31 -28.39 87.40
CA THR HB 470 -77.37 -29.80 87.81
C THR HB 470 -78.11 -30.65 86.78
N GLN HB 471 -79.17 -30.11 86.19
CA GLN HB 471 -79.97 -30.90 85.26
C GLN HB 471 -79.18 -31.24 84.01
N ASP HB 472 -78.51 -30.24 83.43
CA ASP HB 472 -77.66 -30.49 82.28
C ASP HB 472 -76.50 -31.39 82.64
N THR HB 473 -75.99 -31.29 83.87
CA THR HB 473 -74.93 -32.17 84.31
C THR HB 473 -75.38 -33.63 84.32
N GLN HB 474 -76.54 -33.89 84.93
CA GLN HB 474 -77.09 -35.24 84.94
C GLN HB 474 -77.31 -35.74 83.52
N ASN HB 475 -77.87 -34.89 82.65
CA ASN HB 475 -78.20 -35.32 81.30
C ASN HB 475 -76.97 -35.50 80.42
N ALA HB 476 -75.85 -34.89 80.77
CA ALA HB 476 -74.68 -34.94 79.91
C ALA HB 476 -74.00 -36.30 79.99
N LEU HB 477 -73.02 -36.50 79.12
CA LEU HB 477 -72.31 -37.77 78.99
C LEU HB 477 -70.83 -37.64 79.32
N ASP HB 478 -70.09 -36.77 78.62
CA ASP HB 478 -68.66 -36.64 78.85
C ASP HB 478 -68.44 -35.92 80.17
N PHE HB 479 -68.04 -36.66 81.18
CA PHE HB 479 -67.91 -36.13 82.53
C PHE HB 479 -67.01 -37.07 83.33
N PRO HB 480 -66.15 -36.56 84.22
CA PRO HB 480 -65.29 -37.49 84.96
C PRO HB 480 -66.05 -38.47 85.83
N LEU HB 481 -66.91 -37.97 86.70
CA LEU HB 481 -67.61 -38.82 87.64
C LEU HB 481 -68.81 -39.47 86.97
N PRO HB 482 -69.32 -40.57 87.52
CA PRO HB 482 -70.52 -41.18 86.97
C PRO HB 482 -71.79 -40.49 87.47
N LYS HB 483 -72.93 -41.04 87.04
CA LYS HB 483 -74.22 -40.43 87.36
C LYS HB 483 -74.49 -40.47 88.86
N ALA HB 484 -74.08 -41.54 89.53
CA ALA HB 484 -74.33 -41.67 90.96
C ALA HB 484 -73.58 -40.62 91.76
N PHE HB 485 -72.49 -40.08 91.23
CA PHE HB 485 -71.68 -39.09 91.91
C PHE HB 485 -72.04 -37.67 91.53
N ARG HB 486 -72.22 -37.41 90.24
CA ARG HB 486 -72.49 -36.05 89.78
C ARG HB 486 -73.90 -35.65 90.18
N ASP HB 487 -74.00 -34.75 91.15
CA ASP HB 487 -75.29 -34.23 91.60
C ASP HB 487 -75.29 -32.71 91.74
N ALA HB 488 -74.13 -32.12 92.03
CA ALA HB 488 -74.06 -30.74 92.45
C ALA HB 488 -73.82 -29.83 91.25
N GLY HB 489 -73.73 -28.53 91.52
CA GLY HB 489 -73.49 -27.55 90.50
C GLY HB 489 -72.01 -27.40 90.20
N TRP HB 490 -71.72 -27.08 88.94
CA TRP HB 490 -70.36 -26.92 88.48
C TRP HB 490 -70.29 -25.71 87.57
N PHE HB 491 -69.08 -25.17 87.42
CA PHE HB 491 -68.79 -24.24 86.35
C PHE HB 491 -67.54 -24.68 85.62
N PHE HB 492 -67.57 -24.56 84.30
CA PHE HB 492 -66.44 -24.90 83.46
C PHE HB 492 -66.06 -23.70 82.62
N ASP HB 493 -64.77 -23.38 82.62
CA ASP HB 493 -64.21 -22.40 81.72
C ASP HB 493 -63.42 -23.11 80.63
N VAL HB 494 -63.38 -22.45 79.47
CA VAL HB 494 -62.70 -22.98 78.29
C VAL HB 494 -61.66 -21.96 77.88
N LEU HB 495 -60.45 -22.43 77.70
CA LEU HB 495 -59.30 -21.62 77.34
C LEU HB 495 -58.70 -22.15 76.05
N PRO HB 496 -58.04 -21.30 75.28
CA PRO HB 496 -57.47 -21.75 74.02
C PRO HB 496 -56.17 -22.49 74.24
N GLY HB 497 -55.88 -23.39 73.29
CA GLY HB 497 -54.66 -24.17 73.34
C GLY HB 497 -53.73 -23.85 72.21
N HIS HB 498 -53.66 -24.71 71.20
CA HIS HB 498 -52.82 -24.50 70.03
C HIS HB 498 -53.71 -24.14 68.86
N TYR HB 499 -53.08 -24.03 67.69
CA TYR HB 499 -53.74 -23.50 66.52
C TYR HB 499 -54.45 -24.57 65.70
N ASN HB 500 -53.95 -25.80 65.71
CA ASN HB 500 -54.59 -26.86 64.94
C ASN HB 500 -55.90 -27.35 65.53
N GLY HB 501 -56.35 -26.77 66.64
CA GLY HB 501 -57.63 -27.11 67.23
C GLY HB 501 -57.46 -27.79 68.56
N ALA HB 502 -57.61 -27.03 69.65
CA ALA HB 502 -57.44 -27.60 70.97
C ALA HB 502 -57.93 -26.60 72.00
N LEU HB 503 -58.63 -27.10 73.01
CA LEU HB 503 -59.20 -26.27 74.05
C LEU HB 503 -59.03 -26.94 75.40
N ARG HB 504 -58.58 -26.16 76.38
CA ARG HB 504 -58.52 -26.60 77.76
C ARG HB 504 -59.86 -26.34 78.42
N GLN HB 505 -60.55 -27.40 78.81
CA GLN HB 505 -61.75 -27.30 79.63
C GLN HB 505 -61.38 -27.56 81.07
N VAL HB 506 -61.53 -26.55 81.91
CA VAL HB 506 -61.29 -26.65 83.34
C VAL HB 506 -62.65 -26.59 84.00
N LEU HB 507 -62.99 -27.63 84.76
CA LEU HB 507 -64.34 -27.82 85.30
C LEU HB 507 -64.24 -27.97 86.80
N THR HB 508 -64.89 -27.08 87.54
CA THR HB 508 -64.78 -26.98 88.99
C THR HB 508 -66.16 -27.00 89.62
N ARG HB 509 -66.30 -27.78 90.68
CA ARG HB 509 -67.56 -27.87 91.40
C ARG HB 509 -67.77 -26.63 92.27
N ASN HB 510 -69.04 -26.33 92.55
CA ASN HB 510 -69.42 -25.22 93.42
C ASN HB 510 -69.67 -25.80 94.80
N SER HB 511 -68.58 -26.02 95.53
CA SER HB 511 -68.63 -26.66 96.83
C SER HB 511 -68.45 -25.57 97.89
N THR HB 512 -69.57 -25.01 98.33
CA THR HB 512 -69.56 -24.02 99.40
C THR HB 512 -69.48 -24.67 100.78
N GLY HB 513 -69.72 -25.98 100.88
CA GLY HB 513 -69.59 -26.69 102.13
C GLY HB 513 -68.98 -28.06 101.96
N ARG HB 514 -68.21 -28.23 100.87
CA ARG HB 514 -67.53 -29.48 100.59
C ARG HB 514 -66.20 -29.15 99.93
N ASN HB 515 -65.42 -30.18 99.62
CA ASN HB 515 -64.14 -29.98 98.98
C ASN HB 515 -64.36 -29.75 97.50
N MET HB 516 -63.77 -28.68 96.97
CA MET HB 516 -64.01 -28.28 95.60
C MET HB 516 -63.24 -29.18 94.64
N LEU HB 517 -63.98 -29.96 93.86
CA LEU HB 517 -63.38 -30.87 92.90
C LEU HB 517 -63.08 -30.12 91.62
N LYS HB 518 -61.82 -30.17 91.21
CA LYS HB 518 -61.35 -29.60 89.96
C LYS HB 518 -60.98 -30.71 88.99
N PHE HB 519 -61.20 -30.46 87.71
CA PHE HB 519 -60.76 -31.35 86.65
C PHE HB 519 -60.31 -30.51 85.47
N GLU HB 520 -59.48 -31.11 84.62
CA GLU HB 520 -58.97 -30.46 83.44
C GLU HB 520 -58.93 -31.45 82.30
N ARG HB 521 -59.21 -30.96 81.09
CA ARG HB 521 -59.26 -31.80 79.90
C ARG HB 521 -58.79 -30.99 78.71
N VAL HB 522 -58.24 -31.68 77.72
CA VAL HB 522 -57.86 -31.10 76.45
C VAL HB 522 -58.70 -31.75 75.38
N ILE HB 523 -59.52 -30.94 74.72
CA ILE HB 523 -60.43 -31.44 73.71
C ILE HB 523 -59.97 -30.93 72.36
N ASP HB 524 -60.24 -31.73 71.32
CA ASP HB 524 -60.03 -31.34 69.93
C ASP HB 524 -61.39 -31.08 69.31
N ILE HB 525 -61.59 -29.85 68.84
CA ILE HB 525 -62.88 -29.44 68.29
C ILE HB 525 -63.28 -30.30 67.09
N PHE HB 526 -62.29 -30.76 66.33
CA PHE HB 526 -62.53 -31.51 65.11
C PHE HB 526 -62.61 -33.01 65.33
N ASN HB 527 -62.38 -33.49 66.56
CA ASN HB 527 -62.43 -34.92 66.85
C ASN HB 527 -62.99 -35.09 68.25
N LYS HB 528 -64.30 -35.32 68.33
CA LYS HB 528 -64.94 -35.55 69.61
C LYS HB 528 -64.42 -36.78 70.32
N LYS HB 529 -63.79 -37.71 69.60
CA LYS HB 529 -63.25 -38.93 70.16
C LYS HB 529 -61.77 -38.82 70.51
N ASN HB 530 -61.07 -37.82 69.98
CA ASN HB 530 -59.67 -37.61 70.30
C ASN HB 530 -59.47 -36.86 71.61
N ASN HB 531 -60.54 -36.48 72.28
CA ASN HB 531 -60.43 -35.66 73.49
C ASN HB 531 -59.80 -36.43 74.62
N GLY HB 532 -58.82 -35.82 75.28
CA GLY HB 532 -58.15 -36.43 76.39
C GLY HB 532 -59.07 -36.64 77.57
N ALA HB 533 -58.49 -37.18 78.64
CA ALA HB 533 -59.23 -37.54 79.83
C ALA HB 533 -59.11 -36.44 80.87
N TRP HB 534 -59.95 -36.54 81.90
CA TRP HB 534 -60.11 -35.48 82.88
C TRP HB 534 -59.06 -35.63 83.97
N ASN HB 535 -57.99 -34.85 83.87
CA ASN HB 535 -56.99 -34.80 84.94
C ASN HB 535 -57.59 -34.12 86.16
N PHE HB 536 -57.80 -34.88 87.22
CA PHE HB 536 -58.25 -34.31 88.47
C PHE HB 536 -57.10 -33.61 89.17
N CYS HB 537 -57.44 -32.49 89.82
CA CYS HB 537 -56.56 -31.78 90.73
C CYS HB 537 -57.20 -31.71 92.10
N PRO HB 538 -56.45 -31.89 93.20
CA PRO HB 538 -57.08 -31.86 94.52
C PRO HB 538 -57.13 -30.47 95.11
N GLN HB 539 -58.28 -30.12 95.68
CA GLN HB 539 -58.46 -28.86 96.39
C GLN HB 539 -59.28 -29.20 97.62
N ASN HB 540 -58.59 -29.47 98.72
CA ASN HB 540 -59.24 -29.91 99.96
C ASN HB 540 -59.22 -28.78 100.98
N ALA HB 541 -60.21 -28.81 101.87
CA ALA HB 541 -60.35 -27.85 102.93
C ALA HB 541 -60.68 -28.46 104.28
N GLY HB 542 -61.03 -29.75 104.33
CA GLY HB 542 -61.35 -30.43 105.57
C GLY HB 542 -62.73 -31.04 105.57
N TYR HB 543 -63.23 -31.40 104.39
CA TYR HB 543 -64.54 -32.02 104.23
C TYR HB 543 -64.37 -33.46 103.76
N TRP HB 544 -65.49 -34.17 103.71
CA TRP HB 544 -65.52 -35.58 103.34
C TRP HB 544 -66.59 -35.79 102.29
N GLU HB 545 -66.18 -36.27 101.13
CA GLU HB 545 -67.12 -36.62 100.07
C GLU HB 545 -67.74 -37.96 100.40
N HIS HB 546 -69.06 -37.99 100.48
CA HIS HB 546 -69.78 -39.21 100.78
C HIS HB 546 -69.76 -40.12 99.56
N ILE HB 547 -69.80 -41.42 99.79
CA ILE HB 547 -69.95 -42.39 98.71
C ILE HB 547 -71.44 -42.53 98.46
N PRO HB 548 -71.91 -42.66 97.22
CA PRO HB 548 -73.33 -42.86 97.00
C PRO HB 548 -73.79 -44.21 97.56
N LYS HB 549 -75.11 -44.37 97.60
CA LYS HB 549 -75.74 -45.62 97.99
C LYS HB 549 -76.01 -46.52 96.80
N SER HB 550 -75.72 -46.08 95.58
CA SER HB 550 -75.91 -46.86 94.37
C SER HB 550 -74.61 -47.54 93.93
N ILE HB 551 -73.65 -47.69 94.84
CA ILE HB 551 -72.37 -48.31 94.54
C ILE HB 551 -72.05 -49.28 95.66
N THR HB 552 -71.82 -50.54 95.32
CA THR HB 552 -71.52 -51.59 96.27
C THR HB 552 -70.21 -52.26 95.92
N LYS HB 553 -69.20 -51.45 95.61
CA LYS HB 553 -67.89 -51.95 95.23
C LYS HB 553 -66.89 -50.81 95.34
N LEU HB 554 -65.67 -51.16 95.72
CA LEU HB 554 -64.58 -50.20 95.80
C LEU HB 554 -63.80 -50.10 94.51
N SER HB 555 -64.15 -50.87 93.48
CA SER HB 555 -63.36 -50.87 92.25
C SER HB 555 -63.69 -49.69 91.36
N ASP HB 556 -64.92 -49.19 91.43
CA ASP HB 556 -65.32 -48.10 90.55
C ASP HB 556 -64.72 -46.76 90.96
N LEU HB 557 -64.24 -46.63 92.19
CA LEU HB 557 -63.62 -45.39 92.66
C LEU HB 557 -62.21 -45.30 92.11
N LYS HB 558 -62.13 -45.04 90.81
CA LYS HB 558 -60.85 -44.95 90.09
C LYS HB 558 -60.38 -43.52 89.92
N ILE HB 559 -60.96 -42.56 90.65
CA ILE HB 559 -60.65 -41.16 90.45
C ILE HB 559 -59.36 -40.85 91.21
N VAL HB 560 -58.28 -40.63 90.46
CA VAL HB 560 -56.96 -40.50 91.06
C VAL HB 560 -56.89 -39.27 91.96
N GLY HB 561 -56.04 -39.36 92.98
CA GLY HB 561 -55.80 -38.27 93.90
C GLY HB 561 -56.96 -37.93 94.81
N LEU HB 562 -58.08 -38.63 94.70
CA LEU HB 562 -59.30 -38.29 95.41
C LEU HB 562 -59.45 -39.13 96.67
N ASP HB 563 -60.08 -38.51 97.67
CA ASP HB 563 -60.29 -39.11 98.98
C ASP HB 563 -61.78 -39.24 99.26
N PHE HB 564 -62.15 -40.33 99.93
CA PHE HB 564 -63.49 -40.52 100.45
C PHE HB 564 -63.38 -41.07 101.86
N TYR HB 565 -64.49 -40.97 102.59
CA TYR HB 565 -64.60 -41.42 103.96
C TYR HB 565 -65.75 -42.41 104.06
N ILE HB 566 -65.56 -43.43 104.89
CA ILE HB 566 -66.57 -44.45 105.16
C ILE HB 566 -66.76 -44.50 106.66
N THR HB 567 -68.01 -44.47 107.09
CA THR HB 567 -68.35 -44.64 108.49
C THR HB 567 -68.52 -46.12 108.81
N THR HB 568 -68.67 -46.41 110.11
CA THR HB 568 -68.82 -47.78 110.56
C THR HB 568 -70.07 -48.41 109.99
N GLU HB 569 -71.16 -47.65 109.93
CA GLU HB 569 -72.45 -48.20 109.53
C GLU HB 569 -72.53 -48.48 108.04
N GLU HB 570 -71.83 -47.69 107.23
CA GLU HB 570 -71.81 -47.84 105.78
C GLU HB 570 -70.58 -48.59 105.28
N SER HB 571 -69.68 -48.98 106.17
CA SER HB 571 -68.53 -49.79 105.80
C SER HB 571 -68.84 -51.28 105.70
N ASN HB 572 -70.12 -51.66 105.67
CA ASN HB 572 -70.53 -53.05 105.59
C ASN HB 572 -71.28 -53.37 104.31
N ARG HB 573 -71.74 -52.37 103.56
CA ARG HB 573 -72.48 -52.61 102.33
C ARG HB 573 -71.58 -52.93 101.14
N PHE HB 574 -70.26 -52.86 101.31
CA PHE HB 574 -69.34 -53.14 100.23
C PHE HB 574 -69.00 -54.63 100.19
N THR HB 575 -68.26 -55.01 99.14
CA THR HB 575 -67.83 -56.38 98.91
C THR HB 575 -66.33 -56.54 99.03
N ASP HB 576 -65.57 -55.73 98.27
CA ASP HB 576 -64.12 -55.80 98.29
C ASP HB 576 -63.53 -55.21 99.57
N PHE HB 577 -64.35 -54.66 100.46
CA PHE HB 577 -63.84 -54.21 101.74
C PHE HB 577 -63.25 -55.39 102.51
N PRO HB 578 -62.22 -55.18 103.33
CA PRO HB 578 -61.71 -56.29 104.13
C PRO HB 578 -62.77 -56.79 105.11
N LYS HB 579 -63.01 -58.11 105.07
CA LYS HB 579 -64.07 -58.69 105.87
C LYS HB 579 -63.78 -58.60 107.35
N ASP HB 580 -62.51 -58.80 107.73
CA ASP HB 580 -62.16 -58.74 109.15
C ASP HB 580 -62.31 -57.34 109.71
N PHE HB 581 -61.96 -56.32 108.93
CA PHE HB 581 -62.09 -54.93 109.32
C PHE HB 581 -63.41 -54.31 108.86
N LYS HB 582 -64.41 -55.13 108.56
CA LYS HB 582 -65.67 -54.64 108.03
C LYS HB 582 -66.53 -54.12 109.18
N GLY HB 583 -66.66 -52.79 109.27
CA GLY HB 583 -67.52 -52.18 110.25
C GLY HB 583 -66.94 -52.16 111.65
N ILE HB 584 -65.77 -51.54 111.81
CA ILE HB 584 -65.12 -51.44 113.11
C ILE HB 584 -64.72 -50.00 113.44
N ALA HB 585 -64.54 -49.17 112.43
CA ALA HB 585 -64.15 -47.77 112.64
C ALA HB 585 -64.32 -47.03 111.31
N GLY HB 586 -63.91 -45.77 111.31
CA GLY HB 586 -63.98 -44.96 110.11
C GLY HB 586 -62.75 -45.17 109.24
N TRP HB 587 -62.98 -45.17 107.93
CA TRP HB 587 -61.95 -45.56 106.97
C TRP HB 587 -61.88 -44.52 105.86
N ILE HB 588 -60.72 -43.89 105.74
CA ILE HB 588 -60.44 -42.94 104.67
C ILE HB 588 -59.78 -43.72 103.53
N LEU HB 589 -60.45 -43.77 102.39
CA LEU HB 589 -59.85 -44.31 101.19
C LEU HB 589 -59.28 -43.17 100.37
N GLU HB 590 -58.10 -43.36 99.84
CA GLU HB 590 -57.51 -42.44 98.88
C GLU HB 590 -56.99 -43.22 97.68
N VAL HB 591 -57.18 -42.65 96.50
CA VAL HB 591 -56.85 -43.30 95.25
C VAL HB 591 -55.57 -42.70 94.69
N LYS HB 592 -54.78 -43.53 94.01
CA LYS HB 592 -53.54 -43.12 93.36
C LYS HB 592 -53.37 -43.92 92.08
N SER HB 593 -52.42 -43.48 91.26
CA SER HB 593 -52.31 -43.95 89.90
C SER HB 593 -51.41 -45.19 89.80
N ASN HB 594 -51.46 -45.83 88.64
CA ASN HB 594 -50.72 -47.04 88.36
C ASN HB 594 -50.62 -47.20 86.85
N THR HB 595 -50.30 -48.40 86.39
CA THR HB 595 -50.31 -48.80 84.98
C THR HB 595 -51.63 -48.40 84.32
N PRO HB 596 -51.68 -48.21 82.99
CA PRO HB 596 -52.91 -47.70 82.40
C PRO HB 596 -54.05 -48.70 82.54
N GLY HB 597 -55.04 -48.34 83.35
CA GLY HB 597 -56.12 -49.23 83.70
C GLY HB 597 -56.01 -49.86 85.07
N ASN HB 598 -55.08 -49.39 85.90
CA ASN HB 598 -54.91 -49.89 87.25
C ASN HB 598 -54.85 -48.71 88.22
N THR HB 599 -55.38 -48.93 89.42
CA THR HB 599 -55.42 -47.91 90.45
C THR HB 599 -55.07 -48.52 91.79
N THR HB 600 -54.53 -47.69 92.67
CA THR HB 600 -54.08 -48.08 94.00
C THR HB 600 -54.97 -47.41 95.02
N GLN HB 601 -55.63 -48.21 95.84
CA GLN HB 601 -56.51 -47.72 96.89
C GLN HB 601 -55.84 -47.94 98.23
N VAL HB 602 -55.96 -46.96 99.11
CA VAL HB 602 -55.32 -46.96 100.41
C VAL HB 602 -56.38 -46.61 101.46
N LEU HB 603 -56.71 -47.59 102.29
CA LEU HB 603 -57.75 -47.48 103.30
C LEU HB 603 -57.08 -47.33 104.66
N ARG HB 604 -57.06 -46.11 105.17
CA ARG HB 604 -56.47 -45.81 106.47
C ARG HB 604 -57.56 -45.65 107.52
N ARG HB 605 -57.37 -46.31 108.67
CA ARG HB 605 -58.32 -46.17 109.75
C ARG HB 605 -58.10 -44.86 110.48
N ASN HB 606 -59.19 -44.24 110.92
CA ASN HB 606 -59.14 -43.00 111.68
C ASN HB 606 -59.28 -43.24 113.18
N ASN HB 607 -58.92 -44.42 113.66
CA ASN HB 607 -59.12 -44.73 115.07
C ASN HB 607 -58.18 -43.89 115.91
N PHE HB 608 -58.74 -43.15 116.85
CA PHE HB 608 -58.01 -42.21 117.67
C PHE HB 608 -57.25 -42.90 118.80
N PRO HB 609 -57.91 -43.66 119.71
CA PRO HB 609 -57.19 -44.15 120.88
C PRO HB 609 -56.18 -45.24 120.57
N SER HB 610 -56.58 -46.22 119.76
CA SER HB 610 -55.75 -47.39 119.51
C SER HB 610 -54.70 -47.06 118.46
N ALA HB 611 -54.02 -48.09 117.96
CA ALA HB 611 -52.99 -47.89 116.96
C ALA HB 611 -53.61 -47.53 115.62
N HIS HB 612 -52.76 -47.19 114.66
CA HIS HB 612 -53.19 -46.82 113.33
C HIS HB 612 -52.89 -47.95 112.35
N GLN HB 613 -53.91 -48.30 111.57
CA GLN HB 613 -53.79 -49.28 110.52
C GLN HB 613 -54.05 -48.62 109.18
N PHE HB 614 -53.39 -49.14 108.15
CA PHE HB 614 -53.82 -48.83 106.80
C PHE HB 614 -53.57 -50.01 105.88
N LEU HB 615 -54.55 -50.26 105.04
CA LEU HB 615 -54.52 -51.32 104.06
C LEU HB 615 -54.30 -50.72 102.68
N VAL HB 616 -53.75 -51.55 101.79
CA VAL HB 616 -53.36 -51.12 100.46
C VAL HB 616 -53.75 -52.20 99.47
N ARG HB 617 -54.15 -51.78 98.27
CA ARG HB 617 -54.34 -52.72 97.19
C ARG HB 617 -54.27 -52.01 95.86
N ASN HB 618 -53.61 -52.65 94.90
CA ASN HB 618 -53.52 -52.17 93.53
C ASN HB 618 -54.29 -53.14 92.64
N PHE HB 619 -55.32 -52.64 91.97
CA PHE HB 619 -56.21 -53.48 91.18
C PHE HB 619 -56.40 -52.88 89.80
N GLY HB 620 -56.94 -53.71 88.90
CA GLY HB 620 -57.17 -53.33 87.52
C GLY HB 620 -56.81 -54.43 86.56
N THR HB 621 -55.95 -54.11 85.59
CA THR HB 621 -55.49 -55.09 84.63
C THR HB 621 -54.76 -56.23 85.35
N GLY HB 622 -54.88 -57.42 84.80
CA GLY HB 622 -54.24 -58.60 85.37
C GLY HB 622 -55.09 -59.20 86.48
N GLY HB 623 -54.50 -59.34 87.66
CA GLY HB 623 -55.19 -59.89 88.82
C GLY HB 623 -55.96 -58.82 89.57
N VAL HB 624 -56.26 -59.14 90.82
CA VAL HB 624 -56.97 -58.25 91.73
C VAL HB 624 -56.09 -58.04 92.96
N GLY HB 625 -55.90 -56.79 93.34
CA GLY HB 625 -55.04 -56.46 94.46
C GLY HB 625 -55.50 -57.07 95.76
N LYS HB 626 -54.55 -57.62 96.50
CA LYS HB 626 -54.82 -58.21 97.80
C LYS HB 626 -54.56 -57.20 98.90
N TRP HB 627 -55.44 -57.17 99.88
CA TRP HB 627 -55.40 -56.16 100.92
C TRP HB 627 -54.17 -56.41 101.80
N SER HB 628 -53.12 -55.64 101.54
CA SER HB 628 -51.91 -55.66 102.35
C SER HB 628 -52.08 -54.70 103.52
N LEU HB 629 -51.90 -55.17 104.74
CA LEU HB 629 -52.09 -54.36 105.93
C LEU HB 629 -50.76 -53.86 106.47
N PHE HB 630 -50.79 -52.67 107.05
CA PHE HB 630 -49.64 -52.10 107.75
C PHE HB 630 -50.15 -51.52 109.06
N GLU HB 631 -49.57 -51.98 110.15
CA GLU HB 631 -49.96 -51.60 111.50
C GLU HB 631 -48.86 -50.72 112.09
N GLY HB 632 -49.26 -49.81 112.99
CA GLY HB 632 -48.31 -48.99 113.70
C GLY HB 632 -48.19 -49.32 115.17
N LYS HB 633 -47.11 -48.85 115.79
CA LYS HB 633 -46.86 -49.06 117.21
C LYS HB 633 -47.30 -47.82 117.96
N VAL HB 634 -48.14 -48.02 118.97
CA VAL HB 634 -48.59 -46.89 119.78
C VAL HB 634 -47.39 -46.40 120.58
N VAL HB 635 -47.14 -45.09 120.53
CA VAL HB 635 -46.01 -44.48 121.20
C VAL HB 635 -46.46 -43.15 121.79
N GLU HB 636 -45.87 -42.80 122.92
CA GLU HB 636 -46.18 -41.56 123.61
C GLU HB 636 -45.37 -40.41 123.02
N ASN IB 3 -41.01 -28.12 -5.62
CA ASN IB 3 -42.03 -27.35 -6.31
C ASN IB 3 -43.40 -27.52 -5.68
N LYS IB 4 -43.63 -28.68 -5.05
CA LYS IB 4 -44.87 -28.98 -4.35
C LYS IB 4 -44.54 -29.50 -2.96
N LEU IB 5 -45.59 -29.60 -2.14
CA LEU IB 5 -45.42 -29.94 -0.74
C LEU IB 5 -44.99 -31.38 -0.58
N ILE IB 6 -44.59 -31.70 0.65
CA ILE IB 6 -44.22 -33.05 1.05
C ILE IB 6 -45.15 -33.44 2.18
N THR IB 7 -46.26 -34.08 1.84
CA THR IB 7 -47.20 -34.62 2.79
C THR IB 7 -46.85 -36.04 3.23
N ASP IB 8 -45.63 -36.50 2.95
CA ASP IB 8 -45.12 -37.79 3.39
C ASP IB 8 -43.94 -37.49 4.31
N LEU IB 9 -44.23 -37.27 5.59
CA LEU IB 9 -43.23 -36.82 6.51
C LEU IB 9 -42.44 -38.00 7.08
N SER IB 10 -41.17 -37.74 7.37
CA SER IB 10 -40.30 -38.78 7.90
C SER IB 10 -40.74 -39.18 9.30
N ARG IB 11 -40.62 -40.47 9.57
CA ARG IB 11 -41.11 -41.08 10.80
C ARG IB 11 -39.99 -41.40 11.78
N VAL IB 12 -38.92 -40.60 11.76
CA VAL IB 12 -37.76 -40.83 12.62
C VAL IB 12 -37.28 -39.57 13.30
N PHE IB 13 -37.91 -38.43 13.00
CA PHE IB 13 -37.61 -37.15 13.65
C PHE IB 13 -36.13 -36.81 13.55
N ASP IB 14 -35.70 -36.49 12.35
CA ASP IB 14 -34.33 -36.03 12.15
C ASP IB 14 -34.29 -34.77 11.30
N TYR IB 15 -33.07 -34.40 10.89
CA TYR IB 15 -32.87 -33.20 10.10
C TYR IB 15 -33.71 -33.23 8.83
N ARG IB 16 -33.91 -34.43 8.27
CA ARG IB 16 -34.78 -34.55 7.11
C ARG IB 16 -36.18 -34.08 7.44
N TYR IB 17 -36.72 -34.53 8.57
CA TYR IB 17 -38.08 -34.13 8.95
C TYR IB 17 -38.16 -32.63 9.17
N VAL IB 18 -37.20 -32.09 9.90
CA VAL IB 18 -37.24 -30.66 10.21
C VAL IB 18 -37.13 -29.84 8.93
N ASP IB 19 -36.26 -30.26 8.00
CA ASP IB 19 -36.11 -29.54 6.75
C ASP IB 19 -37.35 -29.65 5.91
N GLU IB 20 -38.01 -30.81 5.94
CA GLU IB 20 -39.27 -30.95 5.20
C GLU IB 20 -40.31 -29.99 5.74
N ASN IB 21 -40.46 -29.92 7.06
CA ASN IB 21 -41.42 -29.00 7.65
C ASN IB 21 -41.09 -27.55 7.33
N GLU IB 22 -39.82 -27.18 7.41
CA GLU IB 22 -39.42 -25.81 7.15
C GLU IB 22 -39.65 -25.44 5.69
N TYR IB 23 -39.21 -26.31 4.77
CA TYR IB 23 -39.47 -26.10 3.34
C TYR IB 23 -40.96 -26.06 3.05
N ASN IB 24 -41.73 -26.84 3.80
CA ASN IB 24 -43.18 -26.87 3.60
C ASN IB 24 -43.79 -25.51 3.93
N PHE IB 25 -43.41 -24.94 5.07
CA PHE IB 25 -43.96 -23.64 5.43
C PHE IB 25 -43.46 -22.55 4.49
N LYS IB 26 -42.20 -22.62 4.11
CA LYS IB 26 -41.65 -21.65 3.17
C LYS IB 26 -42.41 -21.71 1.84
N LEU IB 27 -42.68 -22.93 1.37
CA LEU IB 27 -43.40 -23.11 0.13
C LEU IB 27 -44.83 -22.62 0.25
N ILE IB 28 -45.47 -22.84 1.40
CA ILE IB 28 -46.84 -22.37 1.57
C ILE IB 28 -46.88 -20.86 1.47
N SER IB 29 -45.96 -20.19 2.16
CA SER IB 29 -45.91 -18.74 2.11
C SER IB 29 -45.66 -18.26 0.68
N ASP IB 30 -44.71 -18.88 0.00
CA ASP IB 30 -44.37 -18.48 -1.36
C ASP IB 30 -45.55 -18.68 -2.29
N MET IB 31 -46.19 -19.84 -2.22
CA MET IB 31 -47.31 -20.15 -3.11
C MET IB 31 -48.48 -19.24 -2.85
N LEU IB 32 -48.71 -18.90 -1.58
CA LEU IB 32 -49.84 -18.04 -1.27
C LEU IB 32 -49.60 -16.62 -1.76
N THR IB 33 -48.41 -16.08 -1.52
CA THR IB 33 -48.16 -14.73 -2.01
C THR IB 33 -48.14 -14.70 -3.52
N ASP IB 34 -47.71 -15.79 -4.16
CA ASP IB 34 -47.78 -15.86 -5.61
C ASP IB 34 -49.23 -15.84 -6.09
N PHE IB 35 -50.11 -16.59 -5.42
CA PHE IB 35 -51.51 -16.59 -5.80
C PHE IB 35 -52.13 -15.21 -5.61
N ASN IB 36 -51.76 -14.53 -4.52
CA ASN IB 36 -52.30 -13.20 -4.27
C ASN IB 36 -51.84 -12.24 -5.37
N PHE IB 37 -50.56 -12.25 -5.68
CA PHE IB 37 -50.05 -11.39 -6.75
C PHE IB 37 -50.69 -11.74 -8.08
N SER IB 38 -50.96 -13.03 -8.31
CA SER IB 38 -51.55 -13.43 -9.57
C SER IB 38 -52.97 -12.92 -9.70
N LEU IB 39 -53.75 -13.03 -8.62
CA LEU IB 39 -55.09 -12.49 -8.64
C LEU IB 39 -55.07 -10.99 -8.83
N GLU IB 40 -54.12 -10.30 -8.19
CA GLU IB 40 -54.07 -8.86 -8.34
C GLU IB 40 -53.72 -8.46 -9.77
N TYR IB 41 -52.78 -9.18 -10.37
CA TYR IB 41 -52.46 -8.95 -11.77
C TYR IB 41 -53.68 -9.20 -12.65
N HIS IB 42 -54.41 -10.28 -12.37
CA HIS IB 42 -55.65 -10.58 -13.09
C HIS IB 42 -56.63 -9.43 -12.99
N ARG IB 43 -56.79 -8.89 -11.78
CA ARG IB 43 -57.83 -7.91 -11.54
C ARG IB 43 -57.47 -6.53 -12.05
N ASN IB 44 -56.18 -6.24 -12.18
CA ASN IB 44 -55.74 -4.89 -12.54
C ASN IB 44 -55.22 -4.79 -13.97
N LYS IB 45 -54.25 -5.62 -14.33
CA LYS IB 45 -53.45 -5.40 -15.54
C LYS IB 45 -53.49 -6.53 -16.56
N GLU IB 46 -54.09 -7.67 -16.26
CA GLU IB 46 -54.04 -8.78 -17.19
C GLU IB 46 -54.96 -8.50 -18.37
N VAL IB 47 -54.37 -8.30 -19.54
CA VAL IB 47 -55.14 -8.09 -20.75
C VAL IB 47 -55.81 -9.39 -21.15
N PHE IB 48 -57.07 -9.29 -21.55
CA PHE IB 48 -57.88 -10.44 -21.94
C PHE IB 48 -57.93 -11.46 -20.82
N ALA IB 49 -58.18 -10.96 -19.60
CA ALA IB 49 -58.33 -11.83 -18.44
C ALA IB 49 -59.48 -12.79 -18.62
N HIS IB 50 -60.59 -12.31 -19.15
CA HIS IB 50 -61.80 -13.10 -19.35
C HIS IB 50 -62.18 -13.13 -20.82
N ASN IB 51 -62.79 -14.22 -21.21
CA ASN IB 51 -63.40 -14.34 -22.51
C ASN IB 51 -64.76 -13.66 -22.48
N GLY IB 52 -65.15 -13.09 -23.62
CA GLY IB 52 -66.36 -12.31 -23.66
C GLY IB 52 -67.62 -13.12 -23.50
N GLU IB 53 -67.57 -14.42 -23.83
CA GLU IB 53 -68.72 -15.29 -23.61
C GLU IB 53 -69.06 -15.41 -22.14
N GLN IB 54 -68.10 -15.17 -21.26
CA GLN IB 54 -68.32 -15.42 -19.84
C GLN IB 54 -69.28 -14.41 -19.24
N ILE IB 55 -68.93 -13.13 -19.31
CA ILE IB 55 -69.55 -12.12 -18.48
C ILE IB 55 -71.02 -11.98 -18.81
N LYS IB 56 -71.83 -11.85 -17.76
CA LYS IB 56 -73.27 -11.85 -17.88
C LYS IB 56 -73.81 -10.43 -17.96
N TYR IB 57 -74.77 -10.23 -18.86
CA TYR IB 57 -75.50 -8.98 -18.99
C TYR IB 57 -76.95 -9.26 -18.65
N GLU IB 58 -77.39 -8.78 -17.50
CA GLU IB 58 -78.72 -9.05 -16.99
C GLU IB 58 -79.58 -7.81 -17.18
N HIS IB 59 -80.51 -7.89 -18.12
CA HIS IB 59 -81.57 -6.92 -18.27
C HIS IB 59 -82.72 -7.33 -17.35
N LEU IB 60 -83.89 -6.76 -17.54
CA LEU IB 60 -85.07 -7.27 -16.84
C LEU IB 60 -85.31 -8.72 -17.23
N ASN IB 61 -85.38 -9.59 -16.23
CA ASN IB 61 -85.84 -10.99 -16.36
C ASN IB 61 -85.17 -11.72 -17.52
N VAL IB 62 -83.97 -11.29 -17.89
CA VAL IB 62 -83.28 -11.76 -19.09
C VAL IB 62 -81.82 -11.94 -18.75
N THR IB 63 -81.24 -13.02 -19.22
CA THR IB 63 -79.85 -13.36 -18.98
C THR IB 63 -79.18 -13.66 -20.30
N SER IB 64 -77.98 -13.12 -20.47
CA SER IB 64 -77.22 -13.34 -21.68
C SER IB 64 -75.79 -12.87 -21.44
N SER IB 65 -74.90 -13.29 -22.31
CA SER IB 65 -73.50 -12.91 -22.21
C SER IB 65 -73.34 -11.48 -22.70
N VAL IB 66 -72.11 -11.05 -22.90
CA VAL IB 66 -71.82 -9.79 -23.55
C VAL IB 66 -71.42 -9.99 -25.01
N SER IB 67 -70.69 -11.06 -25.30
CA SER IB 67 -70.30 -11.32 -26.68
C SER IB 67 -71.52 -11.57 -27.55
N ASP IB 68 -72.46 -12.37 -27.05
CA ASP IB 68 -73.68 -12.62 -27.80
C ASP IB 68 -74.47 -11.34 -28.00
N PHE IB 69 -74.58 -10.54 -26.94
CA PHE IB 69 -75.33 -9.31 -27.01
C PHE IB 69 -74.70 -8.32 -27.99
N LEU IB 70 -73.38 -8.21 -27.97
CA LEU IB 70 -72.69 -7.31 -28.87
C LEU IB 70 -72.81 -7.76 -30.31
N THR IB 71 -72.72 -9.06 -30.56
CA THR IB 71 -72.93 -9.57 -31.90
C THR IB 71 -74.34 -9.27 -32.36
N TYR IB 72 -75.30 -9.33 -31.44
CA TYR IB 72 -76.69 -9.04 -31.78
C TYR IB 72 -76.89 -7.58 -32.10
N LEU IB 73 -76.25 -6.70 -31.33
CA LEU IB 73 -76.28 -5.27 -31.64
C LEU IB 73 -75.69 -5.00 -33.02
N ASN IB 74 -74.54 -5.62 -33.31
CA ASN IB 74 -73.90 -5.40 -34.60
C ASN IB 74 -74.76 -5.94 -35.73
N GLY IB 75 -75.41 -7.08 -35.52
CA GLY IB 75 -76.30 -7.62 -36.52
C GLY IB 75 -77.50 -6.73 -36.76
N ARG IB 76 -78.03 -6.14 -35.69
CA ARG IB 76 -79.11 -5.17 -35.84
C ARG IB 76 -78.68 -4.00 -36.70
N PHE IB 77 -77.53 -3.43 -36.38
CA PHE IB 77 -77.02 -2.31 -37.16
C PHE IB 77 -76.86 -2.70 -38.62
N SER IB 78 -76.24 -3.85 -38.87
CA SER IB 78 -75.99 -4.29 -40.23
C SER IB 78 -77.29 -4.49 -40.98
N ASN IB 79 -78.29 -5.09 -40.32
CA ASN IB 79 -79.56 -5.33 -40.99
C ASN IB 79 -80.27 -4.02 -41.28
N MET IB 80 -80.32 -3.11 -40.31
CA MET IB 80 -81.00 -1.84 -40.53
C MET IB 80 -80.33 -1.03 -41.63
N VAL IB 81 -79.02 -1.19 -41.80
CA VAL IB 81 -78.32 -0.41 -42.80
C VAL IB 81 -78.44 -1.07 -44.17
N LEU IB 82 -77.85 -2.26 -44.34
CA LEU IB 82 -77.74 -2.87 -45.64
C LEU IB 82 -78.79 -3.96 -45.88
N GLY IB 83 -79.82 -4.03 -45.04
CA GLY IB 83 -80.89 -4.98 -45.26
C GLY IB 83 -81.99 -4.40 -46.11
N HIS IB 84 -82.33 -5.08 -47.20
CA HIS IB 84 -83.40 -4.61 -48.07
C HIS IB 84 -84.72 -4.59 -47.30
N ASN IB 85 -85.62 -3.72 -47.74
CA ASN IB 85 -86.87 -3.51 -47.05
C ASN IB 85 -87.97 -3.23 -48.06
N GLY IB 86 -89.17 -3.02 -47.54
CA GLY IB 86 -90.35 -2.77 -48.35
C GLY IB 86 -91.49 -3.68 -47.96
N ASP IB 87 -92.67 -3.36 -48.52
CA ASP IB 87 -93.95 -4.04 -48.31
C ASP IB 87 -94.10 -4.59 -46.89
N GLY IB 88 -93.92 -3.69 -45.92
CA GLY IB 88 -93.95 -4.11 -44.53
C GLY IB 88 -95.32 -4.58 -44.08
N ILE IB 89 -96.37 -3.96 -44.62
CA ILE IB 89 -97.73 -4.35 -44.25
C ILE IB 89 -97.99 -5.76 -44.72
N ASN IB 90 -97.62 -6.05 -45.96
CA ASN IB 90 -97.79 -7.41 -46.49
C ASN IB 90 -96.92 -8.39 -45.72
N GLU IB 91 -95.72 -7.96 -45.32
CA GLU IB 91 -94.84 -8.83 -44.54
C GLU IB 91 -95.51 -9.22 -43.23
N VAL IB 92 -96.12 -8.25 -42.56
CA VAL IB 92 -96.77 -8.53 -41.28
C VAL IB 92 -97.99 -9.42 -41.49
N LYS IB 93 -98.80 -9.10 -42.50
CA LYS IB 93 -100.01 -9.89 -42.72
C LYS IB 93 -99.69 -11.30 -43.16
N ASP IB 94 -98.51 -11.53 -43.73
CA ASP IB 94 -98.07 -12.88 -44.05
C ASP IB 94 -97.45 -13.57 -42.84
N ALA IB 95 -96.73 -12.82 -42.00
CA ALA IB 95 -96.20 -13.37 -40.77
C ALA IB 95 -97.28 -13.81 -39.81
N ARG IB 96 -98.50 -13.27 -39.96
CA ARG IB 96 -99.61 -13.71 -39.14
C ARG IB 96 -99.83 -15.23 -39.16
N VAL IB 97 -99.39 -15.92 -40.20
CA VAL IB 97 -99.58 -17.36 -40.29
C VAL IB 97 -98.55 -18.07 -39.43
N ASP IB 98 -98.92 -19.24 -38.91
CA ASP IB 98 -98.03 -20.03 -38.08
C ASP IB 98 -97.32 -21.08 -38.91
N ASN IB 99 -96.43 -21.82 -38.25
CA ASN IB 99 -95.51 -22.73 -38.92
C ASN IB 99 -96.09 -24.12 -39.09
N THR IB 100 -97.42 -24.23 -39.15
CA THR IB 100 -98.11 -25.48 -39.42
C THR IB 100 -99.15 -25.39 -40.53
N GLY IB 101 -99.60 -24.19 -40.89
CA GLY IB 101 -100.56 -24.00 -41.96
C GLY IB 101 -101.88 -23.44 -41.50
N TYR IB 102 -101.85 -22.59 -40.48
CA TYR IB 102 -103.05 -21.97 -39.93
C TYR IB 102 -102.82 -20.47 -39.84
N ASP IB 103 -103.68 -19.71 -40.51
CA ASP IB 103 -103.56 -18.26 -40.54
C ASP IB 103 -104.27 -17.67 -39.35
N HIS IB 104 -103.51 -17.12 -38.41
CA HIS IB 104 -104.09 -16.48 -37.24
C HIS IB 104 -104.79 -15.19 -37.66
N LYS IB 105 -105.37 -14.51 -36.67
CA LYS IB 105 -106.06 -13.25 -36.90
C LYS IB 105 -105.12 -12.05 -36.78
N THR IB 106 -104.13 -12.13 -35.90
CA THR IB 106 -103.22 -11.02 -35.67
C THR IB 106 -101.85 -11.56 -35.31
N LEU IB 107 -100.84 -10.72 -35.57
CA LEU IB 107 -99.47 -11.12 -35.34
C LEU IB 107 -99.20 -11.37 -33.86
N GLN IB 108 -99.74 -10.50 -33.01
CA GLN IB 108 -99.50 -10.67 -31.58
C GLN IB 108 -100.17 -11.93 -31.07
N ASP IB 109 -101.37 -12.23 -31.55
CA ASP IB 109 -102.05 -13.45 -31.13
C ASP IB 109 -101.29 -14.68 -31.61
N ARG IB 110 -100.72 -14.61 -32.80
CA ARG IB 110 -99.92 -15.71 -33.31
C ARG IB 110 -98.69 -15.93 -32.45
N LEU IB 111 -97.95 -14.86 -32.18
CA LEU IB 111 -96.75 -14.97 -31.35
C LEU IB 111 -97.11 -15.51 -29.97
N TYR IB 112 -98.22 -15.06 -29.41
CA TYR IB 112 -98.66 -15.53 -28.11
C TYR IB 112 -98.93 -17.03 -28.15
N HIS IB 113 -99.68 -17.48 -29.16
CA HIS IB 113 -100.00 -18.90 -29.25
C HIS IB 113 -98.74 -19.73 -29.38
N ASP IB 114 -97.81 -19.29 -30.22
CA ASP IB 114 -96.59 -20.05 -30.43
C ASP IB 114 -95.78 -20.16 -29.14
N TYR IB 115 -95.60 -19.03 -28.45
CA TYR IB 115 -94.80 -19.06 -27.23
C TYR IB 115 -95.51 -19.83 -26.13
N SER IB 116 -96.83 -19.78 -26.08
CA SER IB 116 -97.54 -20.55 -25.07
C SER IB 116 -97.44 -22.04 -25.36
N THR IB 117 -97.49 -22.44 -26.63
CA THR IB 117 -97.29 -23.83 -26.98
C THR IB 117 -95.93 -24.31 -26.52
N LEU IB 118 -94.89 -23.52 -26.81
CA LEU IB 118 -93.54 -23.92 -26.41
C LEU IB 118 -93.42 -23.99 -24.90
N ASP IB 119 -93.98 -23.02 -24.18
CA ASP IB 119 -93.90 -23.04 -22.73
C ASP IB 119 -94.63 -24.24 -22.15
N ALA IB 120 -95.78 -24.59 -22.72
CA ALA IB 120 -96.52 -25.74 -22.21
C ALA IB 120 -95.76 -27.03 -22.46
N PHE IB 121 -95.18 -27.17 -23.65
CA PHE IB 121 -94.39 -28.37 -23.94
C PHE IB 121 -93.21 -28.47 -22.99
N THR IB 122 -92.52 -27.35 -22.74
CA THR IB 122 -91.36 -27.38 -21.86
C THR IB 122 -91.78 -27.69 -20.44
N LYS IB 123 -92.89 -27.13 -19.98
CA LYS IB 123 -93.31 -27.41 -18.61
C LYS IB 123 -93.77 -28.85 -18.45
N LYS IB 124 -94.38 -29.41 -19.48
CA LYS IB 124 -94.73 -30.83 -19.42
C LYS IB 124 -93.49 -31.69 -19.35
N VAL IB 125 -92.49 -31.38 -20.18
CA VAL IB 125 -91.22 -32.09 -20.12
C VAL IB 125 -90.60 -31.94 -18.74
N GLU IB 126 -90.70 -30.75 -18.16
CA GLU IB 126 -90.08 -30.50 -16.86
C GLU IB 126 -90.78 -31.28 -15.76
N LYS IB 127 -92.10 -31.35 -15.83
CA LYS IB 127 -92.84 -32.14 -14.84
C LYS IB 127 -92.49 -33.61 -14.95
N ALA IB 128 -92.37 -34.10 -16.19
CA ALA IB 128 -91.96 -35.48 -16.39
C ALA IB 128 -90.57 -35.72 -15.81
N VAL IB 129 -89.67 -34.76 -16.00
CA VAL IB 129 -88.32 -34.89 -15.50
C VAL IB 129 -88.31 -34.92 -13.99
N ASP IB 130 -89.06 -34.00 -13.37
CA ASP IB 130 -89.12 -33.95 -11.92
C ASP IB 130 -89.71 -35.23 -11.35
N GLU IB 131 -90.77 -35.73 -11.97
CA GLU IB 131 -91.38 -36.98 -11.52
C GLU IB 131 -90.40 -38.14 -11.64
N ASN IB 132 -89.71 -38.22 -12.78
CA ASN IB 132 -88.75 -39.30 -12.98
C ASN IB 132 -87.62 -39.22 -11.96
N TYR IB 133 -87.14 -38.01 -11.68
CA TYR IB 133 -86.08 -37.85 -10.69
C TYR IB 133 -86.55 -38.22 -9.31
N LYS IB 134 -87.76 -37.81 -8.94
CA LYS IB 134 -88.28 -38.11 -7.62
C LYS IB 134 -88.49 -39.62 -7.46
N GLU IB 135 -88.95 -40.27 -8.51
CA GLU IB 135 -89.12 -41.73 -8.46
C GLU IB 135 -87.78 -42.40 -8.30
N TYR IB 136 -86.77 -41.91 -9.01
CA TYR IB 136 -85.43 -42.48 -8.89
C TYR IB 136 -84.91 -42.31 -7.46
N ARG IB 137 -85.11 -41.13 -6.89
CA ARG IB 137 -84.66 -40.91 -5.52
C ARG IB 137 -85.39 -41.82 -4.55
N ALA IB 138 -86.70 -41.96 -4.71
CA ALA IB 138 -87.47 -42.76 -3.78
C ALA IB 138 -87.16 -44.23 -3.92
N THR IB 139 -86.67 -44.66 -5.09
CA THR IB 139 -86.23 -46.03 -5.24
C THR IB 139 -84.81 -46.24 -4.75
N GLU IB 140 -83.96 -45.21 -4.88
CA GLU IB 140 -82.56 -45.35 -4.51
C GLU IB 140 -82.35 -45.15 -3.02
N TYR IB 141 -82.62 -43.94 -2.53
CA TYR IB 141 -82.49 -43.64 -1.13
C TYR IB 141 -83.77 -43.98 -0.39
N ARG IB 142 -84.27 -45.19 -0.58
CA ARG IB 142 -85.54 -45.56 0.04
C ARG IB 142 -85.30 -45.87 1.50
N PHE IB 143 -86.10 -45.25 2.35
CA PHE IB 143 -86.08 -45.51 3.78
C PHE IB 143 -87.53 -45.43 4.25
N GLU IB 144 -88.19 -46.57 4.30
CA GLU IB 144 -89.59 -46.68 4.67
C GLU IB 144 -89.72 -47.79 5.70
N PRO IB 145 -89.42 -47.52 6.97
CA PRO IB 145 -89.62 -48.54 8.00
C PRO IB 145 -91.07 -48.92 8.26
N LYS IB 146 -92.04 -48.35 7.55
CA LYS IB 146 -93.37 -48.96 7.52
C LYS IB 146 -93.32 -50.33 6.88
N GLU IB 147 -92.38 -50.55 5.99
CA GLU IB 147 -92.22 -51.73 5.17
C GLU IB 147 -90.73 -51.99 5.13
N GLN IB 148 -90.23 -52.62 4.07
CA GLN IB 148 -88.80 -52.89 3.96
C GLN IB 148 -88.38 -53.87 5.04
N GLU IB 149 -88.82 -55.13 4.88
CA GLU IB 149 -88.50 -56.25 5.73
C GLU IB 149 -87.01 -56.23 6.10
N PRO IB 150 -86.66 -56.61 7.31
CA PRO IB 150 -85.29 -56.37 7.78
C PRO IB 150 -84.29 -57.32 7.14
N GLU IB 151 -83.03 -57.03 7.42
CA GLU IB 151 -81.92 -57.85 6.96
C GLU IB 151 -81.00 -58.10 8.14
N PHE IB 152 -80.56 -59.33 8.29
CA PHE IB 152 -79.57 -59.64 9.30
C PHE IB 152 -78.32 -58.82 9.04
N ILE IB 153 -77.59 -58.51 10.11
CA ILE IB 153 -76.36 -57.75 10.01
C ILE IB 153 -75.24 -58.58 10.61
N THR IB 154 -75.37 -58.90 11.88
CA THR IB 154 -74.32 -59.59 12.59
C THR IB 154 -74.88 -60.17 13.87
N ASP IB 155 -74.00 -60.79 14.64
CA ASP IB 155 -74.33 -61.49 15.87
C ASP IB 155 -73.28 -61.11 16.89
N LEU IB 156 -73.69 -61.06 18.15
CA LEU IB 156 -72.88 -60.49 19.21
C LEU IB 156 -72.43 -61.59 20.17
N SER IB 157 -71.21 -61.43 20.67
CA SER IB 157 -70.55 -62.44 21.51
C SER IB 157 -69.94 -61.77 22.72
N PRO IB 158 -70.75 -61.16 23.57
CA PRO IB 158 -70.23 -60.60 24.81
C PRO IB 158 -70.02 -61.69 25.84
N TYR IB 159 -69.15 -61.41 26.80
CA TYR IB 159 -68.89 -62.34 27.89
C TYR IB 159 -69.72 -61.91 29.10
N THR IB 160 -71.02 -62.14 28.98
CA THR IB 160 -71.96 -61.89 30.06
C THR IB 160 -73.24 -62.66 29.80
N ASN IB 161 -73.75 -63.31 30.84
CA ASN IB 161 -74.96 -64.11 30.74
C ASN IB 161 -76.16 -63.30 31.22
N ALA IB 162 -76.45 -62.23 30.49
CA ALA IB 162 -77.60 -61.40 30.80
C ALA IB 162 -78.14 -60.83 29.50
N VAL IB 163 -79.43 -60.47 29.54
CA VAL IB 163 -80.06 -59.94 28.35
C VAL IB 163 -79.52 -58.56 28.05
N MET IB 164 -79.10 -58.36 26.80
CA MET IB 164 -78.61 -57.06 26.37
C MET IB 164 -79.74 -56.07 26.39
N GLN IB 165 -79.40 -54.80 26.58
CA GLN IB 165 -80.40 -53.75 26.81
C GLN IB 165 -80.14 -52.52 25.97
N SER IB 166 -78.93 -52.34 25.44
CA SER IB 166 -78.75 -51.31 24.44
C SER IB 166 -77.57 -51.63 23.55
N PHE IB 167 -77.54 -50.96 22.40
CA PHE IB 167 -76.73 -51.42 21.27
C PHE IB 167 -76.46 -50.22 20.37
N TRP IB 168 -75.22 -49.73 20.40
CA TRP IB 168 -74.81 -48.61 19.56
C TRP IB 168 -73.61 -49.01 18.72
N VAL IB 169 -73.53 -48.39 17.55
CA VAL IB 169 -72.45 -48.60 16.60
C VAL IB 169 -71.75 -47.28 16.40
N ASP IB 170 -70.43 -47.35 16.19
CA ASP IB 170 -69.62 -46.15 16.03
C ASP IB 170 -69.25 -46.00 14.56
N PRO IB 171 -69.87 -45.08 13.81
CA PRO IB 171 -69.54 -44.98 12.39
C PRO IB 171 -68.11 -44.58 12.11
N ARG IB 172 -67.41 -44.00 13.08
CA ARG IB 172 -66.06 -43.51 12.87
C ARG IB 172 -65.01 -44.60 13.01
N THR IB 173 -65.34 -45.70 13.69
CA THR IB 173 -64.41 -46.81 13.88
C THR IB 173 -65.04 -48.18 13.74
N LYS IB 174 -66.36 -48.26 13.53
CA LYS IB 174 -67.03 -49.54 13.26
C LYS IB 174 -66.89 -50.50 14.43
N ILE IB 175 -67.12 -49.97 15.63
CA ILE IB 175 -67.05 -50.72 16.87
C ILE IB 175 -68.40 -50.61 17.56
N ILE IB 176 -68.80 -51.68 18.23
CA ILE IB 176 -70.09 -51.76 18.89
C ILE IB 176 -69.89 -51.55 20.38
N TYR IB 177 -70.86 -50.86 20.99
CA TYR IB 177 -70.95 -50.70 22.42
C TYR IB 177 -72.29 -51.30 22.84
N MET IB 178 -72.24 -52.24 23.77
CA MET IB 178 -73.36 -53.12 24.07
C MET IB 178 -73.55 -53.16 25.56
N THR IB 179 -74.68 -52.62 26.02
CA THR IB 179 -74.95 -52.46 27.44
C THR IB 179 -75.90 -53.54 27.93
N GLN IB 180 -75.43 -54.32 28.89
CA GLN IB 180 -76.24 -55.29 29.62
C GLN IB 180 -76.35 -54.85 31.07
N ALA IB 181 -77.42 -55.28 31.73
CA ALA IB 181 -77.66 -54.98 33.13
C ALA IB 181 -77.28 -56.20 33.96
N ARG IB 182 -76.31 -56.03 34.87
CA ARG IB 182 -75.82 -57.18 35.59
C ARG IB 182 -76.85 -57.57 36.65
N PRO IB 183 -76.67 -58.72 37.31
CA PRO IB 183 -77.62 -59.14 38.35
C PRO IB 183 -77.93 -58.09 39.39
N GLY IB 184 -76.94 -57.30 39.80
CA GLY IB 184 -77.19 -56.19 40.69
C GLY IB 184 -77.83 -55.03 39.97
N ASN IB 185 -77.87 -53.90 40.66
CA ASN IB 185 -78.27 -52.65 40.01
C ASN IB 185 -77.30 -52.29 38.90
N HIS IB 186 -76.01 -52.46 39.15
CA HIS IB 186 -74.96 -52.05 38.23
C HIS IB 186 -75.12 -52.67 36.85
N TYR IB 187 -74.39 -52.11 35.89
CA TYR IB 187 -74.47 -52.57 34.52
C TYR IB 187 -73.08 -52.60 33.92
N MET IB 188 -72.97 -53.12 32.71
CA MET IB 188 -71.69 -53.21 32.04
C MET IB 188 -71.90 -53.01 30.55
N LEU IB 189 -71.02 -52.21 29.97
CA LEU IB 189 -70.98 -52.01 28.53
C LEU IB 189 -69.71 -52.63 27.98
N SER IB 190 -69.89 -53.52 27.00
CA SER IB 190 -68.80 -54.19 26.33
C SER IB 190 -68.57 -53.51 24.99
N ARG IB 191 -67.32 -53.16 24.74
CA ARG IB 191 -66.88 -52.60 23.48
C ARG IB 191 -66.26 -53.74 22.68
N LEU IB 192 -66.70 -53.89 21.44
CA LEU IB 192 -66.30 -55.06 20.67
C LEU IB 192 -66.35 -54.81 19.17
N LYS IB 193 -65.92 -55.85 18.44
CA LYS IB 193 -65.59 -55.74 17.04
C LYS IB 193 -66.84 -55.77 16.18
N PRO IB 194 -66.72 -55.39 14.90
CA PRO IB 194 -67.91 -55.38 14.03
C PRO IB 194 -68.53 -56.74 13.83
N ASN IB 195 -67.71 -57.79 13.76
CA ASN IB 195 -68.27 -59.13 13.60
C ASN IB 195 -68.89 -59.64 14.88
N GLY IB 196 -68.33 -59.26 16.02
CA GLY IB 196 -68.78 -59.74 17.31
C GLY IB 196 -67.67 -60.14 18.25
N GLN IB 197 -66.43 -60.14 17.79
CA GLN IB 197 -65.32 -60.51 18.66
C GLN IB 197 -65.19 -59.50 19.79
N PHE IB 198 -65.38 -59.97 21.02
CA PHE IB 198 -65.20 -59.14 22.20
C PHE IB 198 -63.82 -58.49 22.20
N ILE IB 199 -63.75 -57.28 22.74
CA ILE IB 199 -62.50 -56.54 22.86
C ILE IB 199 -62.26 -56.19 24.32
N ASP IB 200 -63.17 -55.44 24.94
CA ASP IB 200 -63.00 -55.08 26.33
C ASP IB 200 -64.34 -54.66 26.90
N ARG IB 201 -64.34 -54.35 28.20
CA ARG IB 201 -65.57 -54.05 28.92
C ARG IB 201 -65.34 -52.95 29.94
N LEU IB 202 -66.45 -52.38 30.38
CA LEU IB 202 -66.46 -51.40 31.46
C LEU IB 202 -67.67 -51.64 32.32
N LEU IB 203 -67.44 -51.84 33.61
CA LEU IB 203 -68.48 -52.11 34.58
C LEU IB 203 -68.84 -50.81 35.26
N VAL IB 204 -70.01 -50.28 34.93
CA VAL IB 204 -70.53 -49.10 35.60
C VAL IB 204 -71.17 -49.59 36.88
N LYS IB 205 -70.47 -49.39 37.98
CA LYS IB 205 -70.96 -49.79 39.27
C LYS IB 205 -71.95 -48.76 39.78
N ASN IB 206 -73.07 -49.25 40.26
CA ASN IB 206 -74.18 -48.42 40.71
C ASN IB 206 -74.70 -47.56 39.55
N GLY IB 207 -74.91 -48.21 38.42
CA GLY IB 207 -75.73 -47.66 37.36
C GLY IB 207 -77.09 -48.31 37.43
N GLY IB 208 -78.00 -47.83 36.61
CA GLY IB 208 -79.35 -48.36 36.56
C GLY IB 208 -79.46 -49.52 35.61
N HIS IB 209 -80.68 -49.73 35.12
CA HIS IB 209 -80.89 -50.70 34.06
C HIS IB 209 -80.10 -50.30 32.82
N GLY IB 210 -79.87 -49.01 32.62
CA GLY IB 210 -79.08 -48.53 31.50
C GLY IB 210 -79.67 -48.92 30.18
N THR IB 211 -80.94 -48.60 29.98
CA THR IB 211 -81.65 -49.10 28.81
C THR IB 211 -81.15 -48.43 27.53
N HIS IB 212 -80.52 -47.26 27.65
CA HIS IB 212 -79.78 -46.70 26.54
C HIS IB 212 -78.93 -45.54 27.01
N ASN IB 213 -77.67 -45.54 26.60
CA ASN IB 213 -76.79 -44.40 26.73
C ASN IB 213 -76.74 -43.64 25.41
N ALA IB 214 -76.11 -42.48 25.44
CA ALA IB 214 -75.83 -41.70 24.24
C ALA IB 214 -74.33 -41.63 24.03
N TYR IB 215 -73.91 -41.69 22.77
CA TYR IB 215 -72.51 -41.74 22.39
C TYR IB 215 -72.25 -40.58 21.44
N ARG IB 216 -71.41 -39.66 21.88
CA ARG IB 216 -71.21 -38.39 21.20
C ARG IB 216 -69.74 -38.23 20.83
N TYR IB 217 -69.52 -37.59 19.70
CA TYR IB 217 -68.19 -37.18 19.25
C TYR IB 217 -68.17 -35.65 19.23
N ILE IB 218 -67.84 -35.06 20.38
CA ILE IB 218 -67.65 -33.62 20.43
C ILE IB 218 -66.54 -33.21 19.48
N GLY IB 219 -65.48 -33.99 19.44
CA GLY IB 219 -64.37 -33.78 18.53
C GLY IB 219 -63.88 -35.10 17.99
N ASN IB 220 -62.59 -35.36 18.16
CA ASN IB 220 -61.98 -36.62 17.77
C ASN IB 220 -62.04 -37.68 18.86
N GLU IB 221 -62.91 -37.51 19.85
CA GLU IB 221 -62.98 -38.43 20.99
C GLU IB 221 -64.42 -38.65 21.38
N LEU IB 222 -64.65 -39.81 22.00
CA LEU IB 222 -65.99 -40.33 22.24
C LEU IB 222 -66.35 -40.16 23.70
N TRP IB 223 -67.37 -39.35 23.95
CA TRP IB 223 -67.96 -39.18 25.27
C TRP IB 223 -69.25 -39.97 25.34
N ILE IB 224 -69.60 -40.39 26.55
CA ILE IB 224 -70.74 -41.26 26.79
C ILE IB 224 -71.58 -40.59 27.85
N TYR IB 225 -72.84 -40.35 27.52
CA TYR IB 225 -73.83 -39.82 28.45
C TYR IB 225 -74.69 -40.98 28.93
N SER IB 226 -74.87 -41.06 30.25
CA SER IB 226 -75.61 -42.16 30.84
C SER IB 226 -76.43 -41.67 32.01
N ALA IB 227 -77.22 -42.59 32.56
CA ALA IB 227 -78.16 -42.35 33.63
C ALA IB 227 -77.71 -43.18 34.82
N VAL IB 228 -76.82 -42.60 35.62
CA VAL IB 228 -76.17 -43.30 36.72
C VAL IB 228 -76.68 -42.70 38.01
N LEU IB 229 -77.06 -43.57 38.94
CA LEU IB 229 -77.57 -43.19 40.24
C LEU IB 229 -76.50 -43.36 41.30
N ASP IB 230 -76.32 -42.34 42.13
CA ASP IB 230 -75.26 -42.36 43.13
C ASP IB 230 -75.64 -43.37 44.23
N ALA IB 231 -74.76 -43.52 45.22
CA ALA IB 231 -74.97 -44.43 46.35
C ALA IB 231 -76.18 -44.09 47.19
N ASN IB 232 -76.77 -42.90 47.04
CA ASN IB 232 -77.96 -42.51 47.76
C ASN IB 232 -79.23 -42.69 46.92
N GLU IB 233 -79.15 -43.48 45.84
CA GLU IB 233 -80.30 -43.77 44.98
C GLU IB 233 -80.91 -42.48 44.43
N ASN IB 234 -80.05 -41.60 43.92
CA ASN IB 234 -80.45 -40.36 43.27
C ASN IB 234 -79.96 -40.40 41.83
N ASN IB 235 -80.90 -40.45 40.89
CA ASN IB 235 -80.53 -40.55 39.48
C ASN IB 235 -79.80 -39.31 39.02
N LYS IB 236 -78.87 -39.50 38.09
CA LYS IB 236 -78.04 -38.41 37.61
C LYS IB 236 -77.63 -38.65 36.17
N PHE IB 237 -77.71 -37.58 35.38
CA PHE IB 237 -77.30 -37.61 33.97
C PHE IB 237 -75.84 -37.22 33.92
N VAL IB 238 -74.99 -38.17 33.54
CA VAL IB 238 -73.56 -38.05 33.79
C VAL IB 238 -72.78 -38.36 32.52
N ARG IB 239 -71.71 -37.61 32.33
CA ARG IB 239 -70.85 -37.64 31.17
C ARG IB 239 -69.52 -38.29 31.53
N PHE IB 240 -69.02 -39.17 30.67
CA PHE IB 240 -67.73 -39.79 30.95
C PHE IB 240 -67.12 -40.32 29.68
N GLN IB 241 -66.00 -41.02 29.83
CA GLN IB 241 -65.23 -41.57 28.73
C GLN IB 241 -65.09 -43.06 28.90
N TYR IB 242 -64.77 -43.74 27.81
CA TYR IB 242 -64.60 -45.18 27.87
C TYR IB 242 -63.22 -45.54 28.36
N ARG IB 243 -63.15 -46.65 29.08
CA ARG IB 243 -61.89 -47.27 29.45
C ARG IB 243 -62.20 -48.71 29.85
N THR IB 244 -61.15 -49.48 30.03
CA THR IB 244 -61.28 -50.90 30.33
C THR IB 244 -61.24 -51.11 31.84
N GLY IB 245 -62.28 -51.75 32.37
CA GLY IB 245 -62.30 -52.14 33.77
C GLY IB 245 -63.58 -51.80 34.49
N GLU IB 246 -63.48 -50.96 35.51
CA GLU IB 246 -64.60 -50.59 36.36
C GLU IB 246 -64.64 -49.09 36.56
N ILE IB 247 -65.82 -48.58 36.87
CA ILE IB 247 -66.04 -47.15 37.05
C ILE IB 247 -67.24 -46.96 37.96
N THR IB 248 -67.09 -46.10 38.95
CA THR IB 248 -68.16 -45.74 39.87
C THR IB 248 -68.45 -44.26 39.74
N TYR IB 249 -69.64 -43.87 40.18
CA TYR IB 249 -69.99 -42.46 40.18
C TYR IB 249 -69.06 -41.69 41.11
N GLY IB 250 -68.65 -40.52 40.66
CA GLY IB 250 -67.64 -39.78 41.38
C GLY IB 250 -67.10 -38.65 40.52
N ASN IB 251 -65.92 -38.16 40.91
CA ASN IB 251 -65.28 -37.08 40.16
C ASN IB 251 -64.62 -37.57 38.88
N GLU IB 252 -64.52 -38.89 38.70
CA GLU IB 252 -64.00 -39.42 37.44
C GLU IB 252 -64.97 -39.21 36.29
N MET IB 253 -66.25 -39.00 36.58
CA MET IB 253 -67.28 -38.84 35.56
C MET IB 253 -68.11 -37.62 35.92
N GLN IB 254 -67.93 -36.55 35.15
CA GLN IB 254 -68.60 -35.28 35.43
C GLN IB 254 -70.01 -35.29 34.83
N ASP IB 255 -70.85 -34.46 35.41
CA ASP IB 255 -72.22 -34.29 34.96
C ASP IB 255 -72.34 -33.03 34.12
N VAL IB 256 -73.30 -33.05 33.22
CA VAL IB 256 -73.47 -31.96 32.26
C VAL IB 256 -74.28 -30.82 32.87
N MET IB 257 -75.38 -31.14 33.55
CA MET IB 257 -76.34 -30.15 34.00
C MET IB 257 -77.09 -30.71 35.20
N PRO IB 258 -76.52 -30.61 36.41
CA PRO IB 258 -77.16 -31.27 37.55
C PRO IB 258 -78.48 -30.63 37.94
N ASN IB 259 -78.57 -29.31 37.89
CA ASN IB 259 -79.77 -28.63 38.35
C ASN IB 259 -80.98 -28.89 37.46
N ILE IB 260 -80.80 -29.48 36.29
CA ILE IB 260 -81.88 -29.74 35.35
C ILE IB 260 -82.14 -31.22 35.18
N PHE IB 261 -81.09 -32.04 35.21
CA PHE IB 261 -81.18 -33.47 34.91
C PHE IB 261 -80.89 -34.33 36.13
N ASN IB 262 -81.41 -33.96 37.30
CA ASN IB 262 -81.34 -34.80 38.48
C ASN IB 262 -82.68 -34.97 39.18
N ASP IB 263 -83.76 -34.41 38.63
CA ASP IB 263 -85.06 -34.56 39.25
C ASP IB 263 -85.62 -35.96 39.00
N ARG IB 264 -85.57 -36.42 37.77
CA ARG IB 264 -86.18 -37.67 37.34
C ARG IB 264 -85.14 -38.53 36.65
N TYR IB 265 -85.47 -39.80 36.47
CA TYR IB 265 -84.64 -40.72 35.73
C TYR IB 265 -84.65 -40.30 34.27
N THR IB 266 -83.52 -39.81 33.79
CA THR IB 266 -83.37 -39.35 32.41
C THR IB 266 -82.23 -40.09 31.72
N SER IB 267 -82.45 -40.46 30.48
CA SER IB 267 -81.45 -41.10 29.63
C SER IB 267 -81.60 -40.53 28.24
N ALA IB 268 -80.47 -40.32 27.58
CA ALA IB 268 -80.43 -39.57 26.34
C ALA IB 268 -80.04 -40.44 25.15
N ILE IB 269 -80.34 -39.93 23.97
CA ILE IB 269 -79.72 -40.41 22.74
C ILE IB 269 -79.45 -39.22 21.84
N TYR IB 270 -78.36 -39.32 21.07
CA TYR IB 270 -77.82 -38.22 20.29
C TYR IB 270 -77.89 -38.55 18.80
N ASN IB 271 -78.15 -37.52 17.99
CA ASN IB 271 -78.21 -37.65 16.54
C ASN IB 271 -77.27 -36.62 15.94
N PRO IB 272 -76.20 -37.02 15.25
CA PRO IB 272 -75.24 -36.03 14.75
C PRO IB 272 -75.60 -35.39 13.43
N ILE IB 273 -76.60 -35.93 12.72
CA ILE IB 273 -76.98 -35.35 11.43
C ILE IB 273 -77.46 -33.92 11.61
N GLU IB 274 -78.36 -33.72 12.56
CA GLU IB 274 -78.83 -32.39 12.97
C GLU IB 274 -78.30 -32.00 14.35
N ASN IB 275 -77.51 -32.85 15.00
CA ASN IB 275 -76.78 -32.48 16.20
C ASN IB 275 -77.74 -32.19 17.37
N LEU IB 276 -78.67 -33.10 17.58
CA LEU IB 276 -79.67 -32.98 18.63
C LEU IB 276 -79.52 -34.11 19.64
N MET IB 277 -80.29 -34.00 20.71
CA MET IB 277 -80.23 -34.93 21.83
C MET IB 277 -81.60 -35.00 22.44
N ILE IB 278 -82.21 -36.19 22.42
CA ILE IB 278 -83.53 -36.39 23.00
C ILE IB 278 -83.39 -37.17 24.29
N PHE IB 279 -84.04 -36.67 25.34
CA PHE IB 279 -83.97 -37.22 26.67
C PHE IB 279 -85.31 -37.84 27.01
N ARG IB 280 -85.30 -39.10 27.40
CA ARG IB 280 -86.50 -39.87 27.73
C ARG IB 280 -86.65 -39.85 29.25
N ARG IB 281 -87.20 -38.78 29.76
CA ARG IB 281 -87.32 -38.58 31.19
C ARG IB 281 -88.58 -39.24 31.72
N GLU IB 282 -88.44 -39.93 32.85
CA GLU IB 282 -89.55 -40.64 33.46
C GLU IB 282 -90.46 -39.68 34.20
N TYR IB 283 -91.66 -40.15 34.51
CA TYR IB 283 -92.62 -39.42 35.31
C TYR IB 283 -92.74 -40.06 36.68
N LYS IB 284 -92.92 -39.24 37.71
CA LYS IB 284 -93.10 -39.77 39.04
C LYS IB 284 -94.50 -40.33 39.22
N ALA IB 285 -94.64 -41.23 40.19
CA ALA IB 285 -95.91 -41.88 40.47
C ALA IB 285 -97.03 -40.90 40.81
N SER IB 286 -96.68 -39.68 41.24
CA SER IB 286 -97.71 -38.70 41.59
C SER IB 286 -98.46 -38.21 40.36
N GLU IB 287 -97.73 -37.66 39.39
CA GLU IB 287 -98.31 -37.19 38.13
C GLU IB 287 -98.47 -38.30 37.11
N ARG IB 288 -98.16 -39.54 37.51
CA ARG IB 288 -98.22 -40.68 36.61
C ARG IB 288 -99.60 -40.81 35.97
N GLN IB 289 -100.63 -41.02 36.79
CA GLN IB 289 -101.98 -41.19 36.25
C GLN IB 289 -102.53 -39.90 35.66
N LEU IB 290 -102.04 -38.75 36.15
CA LEU IB 290 -102.51 -37.48 35.61
C LEU IB 290 -102.09 -37.31 34.16
N LYS IB 291 -100.86 -37.70 33.84
CA LYS IB 291 -100.37 -37.59 32.47
C LYS IB 291 -100.69 -38.80 31.61
N ASN IB 292 -100.99 -39.95 32.23
CA ASN IB 292 -101.30 -41.17 31.48
C ASN IB 292 -100.13 -41.58 30.59
N SER IB 293 -98.91 -41.38 31.09
CA SER IB 293 -97.72 -41.71 30.31
C SER IB 293 -96.54 -41.85 31.26
N LEU IB 294 -95.88 -43.02 31.21
CA LEU IB 294 -94.74 -43.28 32.07
C LEU IB 294 -93.55 -42.40 31.74
N ASN IB 295 -93.43 -41.94 30.49
CA ASN IB 295 -92.23 -41.30 30.01
C ASN IB 295 -92.59 -40.15 29.08
N PHE IB 296 -91.67 -39.19 29.00
CA PHE IB 296 -91.79 -38.12 28.03
C PHE IB 296 -90.43 -37.81 27.45
N VAL IB 297 -90.42 -37.55 26.16
CA VAL IB 297 -89.23 -37.23 25.41
C VAL IB 297 -89.16 -35.72 25.23
N GLU IB 298 -87.97 -35.16 25.44
CA GLU IB 298 -87.72 -33.75 25.22
C GLU IB 298 -86.43 -33.57 24.45
N VAL IB 299 -86.47 -32.73 23.44
CA VAL IB 299 -85.34 -32.51 22.55
C VAL IB 299 -84.54 -31.30 23.01
N ARG IB 300 -83.24 -31.34 22.77
CA ARG IB 300 -82.37 -30.20 23.02
C ARG IB 300 -81.21 -30.25 22.05
N SER IB 301 -80.75 -29.08 21.62
CA SER IB 301 -79.61 -29.06 20.73
C SER IB 301 -78.32 -29.36 21.50
N ALA IB 302 -77.34 -29.88 20.77
CA ALA IB 302 -76.09 -30.28 21.39
C ALA IB 302 -75.37 -29.08 21.99
N ASP IB 303 -75.41 -27.94 21.31
CA ASP IB 303 -74.73 -26.75 21.83
C ASP IB 303 -75.44 -26.23 23.07
N ASP IB 304 -76.78 -26.25 23.04
CA ASP IB 304 -77.56 -25.79 24.19
C ASP IB 304 -77.31 -26.66 25.40
N ILE IB 305 -77.20 -27.98 25.20
CA ILE IB 305 -76.97 -28.87 26.33
C ILE IB 305 -75.51 -28.82 26.76
N ASP IB 306 -74.60 -28.45 25.86
CA ASP IB 306 -73.21 -28.29 26.25
C ASP IB 306 -73.05 -27.10 27.16
N LYS IB 307 -73.61 -25.96 26.76
CA LYS IB 307 -73.56 -24.76 27.58
C LYS IB 307 -74.80 -24.72 28.48
N GLY IB 308 -74.99 -23.62 29.18
CA GLY IB 308 -76.02 -23.55 30.21
C GLY IB 308 -77.35 -22.97 29.76
N ILE IB 309 -78.05 -23.66 28.86
CA ILE IB 309 -79.38 -23.23 28.42
C ILE IB 309 -80.20 -24.48 28.14
N ASP IB 310 -81.48 -24.42 28.52
CA ASP IB 310 -82.35 -25.58 28.38
C ASP IB 310 -82.88 -25.71 26.95
N LYS IB 311 -83.68 -24.75 26.52
CA LYS IB 311 -84.22 -24.67 25.16
C LYS IB 311 -84.85 -25.99 24.72
N VAL IB 312 -85.92 -26.36 25.43
CA VAL IB 312 -86.70 -27.51 25.02
C VAL IB 312 -87.41 -27.16 23.72
N LEU IB 313 -86.95 -27.75 22.62
CA LEU IB 313 -87.50 -27.46 21.31
C LEU IB 313 -88.81 -28.19 21.08
N TYR IB 314 -88.88 -29.43 21.53
CA TYR IB 314 -90.01 -30.29 21.24
C TYR IB 314 -90.18 -31.27 22.39
N GLN IB 315 -91.42 -31.38 22.87
CA GLN IB 315 -91.75 -32.20 24.02
C GLN IB 315 -92.95 -33.08 23.66
N MET IB 316 -92.90 -34.33 24.09
CA MET IB 316 -93.96 -35.28 23.79
C MET IB 316 -94.00 -36.31 24.91
N ASP IB 317 -95.18 -36.88 25.13
CA ASP IB 317 -95.36 -37.96 26.10
C ASP IB 317 -95.60 -39.27 25.36
N ILE IB 318 -95.37 -40.36 26.08
CA ILE IB 318 -95.52 -41.71 25.52
C ILE IB 318 -96.74 -42.34 26.19
N PRO IB 319 -97.86 -42.48 25.50
CA PRO IB 319 -99.05 -43.07 26.14
C PRO IB 319 -98.81 -44.50 26.61
N MET IB 320 -99.72 -44.93 27.47
CA MET IB 320 -99.69 -46.29 27.99
C MET IB 320 -99.94 -47.31 26.88
N GLU IB 321 -100.61 -46.90 25.81
CA GLU IB 321 -100.79 -47.77 24.66
C GLU IB 321 -99.45 -48.25 24.11
N TYR IB 322 -98.42 -47.42 24.24
CA TYR IB 322 -97.07 -47.74 23.78
C TYR IB 322 -96.17 -48.23 24.90
N THR IB 323 -96.42 -47.76 26.12
CA THR IB 323 -95.61 -48.13 27.29
C THR IB 323 -96.41 -48.99 28.28
N SER IB 324 -97.18 -49.93 27.76
CA SER IB 324 -97.86 -50.91 28.60
C SER IB 324 -96.85 -51.94 29.12
N ASP IB 325 -97.35 -52.84 29.96
CA ASP IB 325 -96.49 -53.87 30.52
C ASP IB 325 -96.29 -55.02 29.55
N THR IB 326 -97.35 -55.38 28.81
CA THR IB 326 -97.20 -56.41 27.79
C THR IB 326 -96.30 -55.94 26.66
N GLN IB 327 -96.26 -54.64 26.40
CA GLN IB 327 -95.36 -54.03 25.43
C GLN IB 327 -94.65 -52.90 26.17
N PRO IB 328 -93.57 -53.19 26.89
CA PRO IB 328 -92.82 -52.15 27.58
C PRO IB 328 -91.75 -51.54 26.69
N MET IB 329 -91.13 -50.49 27.21
CA MET IB 329 -90.08 -49.82 26.48
C MET IB 329 -88.85 -50.70 26.37
N GLN IB 330 -88.27 -50.74 25.18
CA GLN IB 330 -86.99 -51.41 24.96
C GLN IB 330 -86.05 -50.56 24.12
N GLY IB 331 -86.58 -49.61 23.34
CA GLY IB 331 -85.73 -48.86 22.44
C GLY IB 331 -86.32 -47.57 21.98
N ILE IB 332 -85.45 -46.59 21.75
CA ILE IB 332 -85.80 -45.25 21.28
C ILE IB 332 -84.76 -44.84 20.24
N THR IB 333 -85.21 -44.12 19.21
CA THR IB 333 -84.28 -43.61 18.21
C THR IB 333 -84.87 -42.39 17.51
N TYR IB 334 -84.00 -41.46 17.11
CA TYR IB 334 -84.40 -40.20 16.50
C TYR IB 334 -83.78 -40.08 15.13
N ASP IB 335 -84.57 -39.63 14.16
CA ASP IB 335 -84.07 -39.37 12.81
C ASP IB 335 -85.07 -38.52 12.06
N ALA IB 336 -84.65 -37.35 11.59
CA ALA IB 336 -85.45 -36.50 10.73
C ALA IB 336 -86.77 -36.12 11.40
N GLY IB 337 -86.72 -35.86 12.71
CA GLY IB 337 -87.92 -35.54 13.44
C GLY IB 337 -88.91 -36.67 13.56
N ILE IB 338 -88.52 -37.89 13.21
CA ILE IB 338 -89.35 -39.07 13.32
C ILE IB 338 -88.82 -39.89 14.48
N LEU IB 339 -89.59 -39.95 15.56
CA LEU IB 339 -89.20 -40.72 16.73
C LEU IB 339 -89.67 -42.16 16.59
N TYR IB 340 -88.74 -43.10 16.75
CA TYR IB 340 -89.01 -44.52 16.65
C TYR IB 340 -88.98 -45.11 18.04
N TRP IB 341 -89.97 -45.94 18.36
CA TRP IB 341 -90.14 -46.58 19.65
C TRP IB 341 -90.27 -48.08 19.41
N TYR IB 342 -89.36 -48.85 19.98
CA TYR IB 342 -89.31 -50.29 19.81
C TYR IB 342 -89.68 -50.92 21.14
N THR IB 343 -90.71 -51.76 21.13
CA THR IB 343 -91.19 -52.42 22.32
C THR IB 343 -91.42 -53.89 22.00
N GLY IB 344 -91.31 -54.73 23.02
CA GLY IB 344 -91.51 -56.15 22.83
C GLY IB 344 -91.47 -56.88 24.15
N ASP IB 345 -92.38 -57.83 24.31
CA ASP IB 345 -92.40 -58.60 25.54
C ASP IB 345 -91.24 -59.57 25.56
N SER IB 346 -91.04 -60.19 26.70
CA SER IB 346 -90.03 -61.22 26.84
C SER IB 346 -90.50 -62.59 26.37
N LYS IB 347 -91.60 -62.66 25.62
CA LYS IB 347 -92.08 -63.91 25.05
C LYS IB 347 -92.66 -63.65 23.67
N PRO IB 348 -92.61 -64.64 22.77
CA PRO IB 348 -93.12 -64.41 21.41
C PRO IB 348 -94.63 -64.38 21.30
N ALA IB 349 -95.34 -64.66 22.38
CA ALA IB 349 -96.80 -64.62 22.34
C ALA IB 349 -97.30 -63.21 22.16
N ASN IB 350 -96.72 -62.27 22.91
CA ASN IB 350 -97.05 -60.86 22.80
C ASN IB 350 -96.14 -60.24 21.75
N PRO IB 351 -96.62 -60.04 20.52
CA PRO IB 351 -95.69 -59.66 19.44
C PRO IB 351 -95.14 -58.28 19.66
N ASN IB 352 -93.86 -58.13 19.34
CA ASN IB 352 -93.21 -56.84 19.47
C ASN IB 352 -93.83 -55.83 18.51
N TYR IB 353 -93.38 -54.58 18.61
CA TYR IB 353 -93.90 -53.53 17.77
C TYR IB 353 -92.89 -52.40 17.68
N LEU IB 354 -92.61 -51.98 16.46
CA LEU IB 354 -91.83 -50.78 16.20
C LEU IB 354 -92.78 -49.73 15.66
N GLN IB 355 -92.85 -48.60 16.34
CA GLN IB 355 -93.78 -47.53 15.98
C GLN IB 355 -92.99 -46.25 15.80
N GLY IB 356 -93.10 -45.68 14.61
CA GLY IB 356 -92.47 -44.41 14.30
C GLY IB 356 -93.53 -43.33 14.20
N PHE IB 357 -93.19 -42.13 14.67
CA PHE IB 357 -94.15 -41.05 14.59
C PHE IB 357 -93.47 -39.71 14.77
N ASP IB 358 -94.04 -38.70 14.11
CA ASP IB 358 -93.47 -37.37 14.12
C ASP IB 358 -93.52 -36.79 15.52
N ILE IB 359 -92.44 -36.09 15.88
CA ILE IB 359 -92.35 -35.47 17.19
C ILE IB 359 -92.97 -34.09 17.20
N LYS IB 360 -92.88 -33.36 16.08
CA LYS IB 360 -93.35 -31.99 16.05
C LYS IB 360 -94.85 -31.92 16.25
N THR IB 361 -95.59 -32.88 15.71
CA THR IB 361 -97.04 -32.88 15.73
C THR IB 361 -97.63 -33.79 16.79
N LYS IB 362 -96.84 -34.69 17.38
CA LYS IB 362 -97.31 -35.61 18.42
C LYS IB 362 -98.48 -36.46 17.91
N GLU IB 363 -98.13 -37.32 16.95
CA GLU IB 363 -99.11 -38.13 16.24
C GLU IB 363 -98.63 -39.57 16.21
N LEU IB 364 -99.24 -40.39 15.34
CA LEU IB 364 -98.78 -41.75 15.10
C LEU IB 364 -98.64 -41.92 13.59
N LEU IB 365 -97.41 -41.93 13.10
CA LEU IB 365 -97.19 -42.13 11.67
C LEU IB 365 -97.42 -43.58 11.29
N PHE IB 366 -96.83 -44.51 12.03
CA PHE IB 366 -96.99 -45.91 11.70
C PHE IB 366 -96.54 -46.78 12.84
N LYS IB 367 -96.97 -48.04 12.78
CA LYS IB 367 -96.50 -49.07 13.69
C LYS IB 367 -96.58 -50.41 12.98
N ARG IB 368 -95.57 -51.25 13.20
CA ARG IB 368 -95.49 -52.54 12.55
C ARG IB 368 -95.01 -53.60 13.50
N ARG IB 369 -95.43 -54.83 13.22
CA ARG IB 369 -94.89 -56.02 13.82
C ARG IB 369 -93.75 -56.52 12.96
N ILE IB 370 -92.73 -57.07 13.61
CA ILE IB 370 -91.57 -57.60 12.90
C ILE IB 370 -91.04 -58.81 13.64
N ASP IB 371 -90.89 -59.91 12.91
CA ASP IB 371 -90.38 -61.17 13.46
C ASP IB 371 -88.87 -61.15 13.29
N ILE IB 372 -88.20 -60.63 14.31
CA ILE IB 372 -86.75 -60.51 14.31
C ILE IB 372 -86.16 -61.69 15.05
N GLY IB 373 -85.12 -62.27 14.46
CA GLY IB 373 -84.48 -63.45 15.01
C GLY IB 373 -84.97 -64.72 14.31
N GLY IB 374 -85.45 -65.68 15.10
CA GLY IB 374 -85.87 -66.95 14.54
C GLY IB 374 -87.04 -66.77 13.58
N VAL IB 375 -86.96 -67.46 12.46
CA VAL IB 375 -87.98 -67.31 11.43
C VAL IB 375 -89.23 -68.09 11.81
N ASN IB 376 -90.36 -67.67 11.23
CA ASN IB 376 -91.64 -68.32 11.41
C ASN IB 376 -92.13 -68.27 12.85
N ASN IB 377 -91.65 -67.31 13.63
CA ASN IB 377 -91.91 -67.22 15.06
C ASN IB 377 -91.37 -68.42 15.84
N ASN IB 378 -90.47 -69.20 15.25
CA ASN IB 378 -89.90 -70.39 15.89
C ASN IB 378 -88.53 -70.00 16.43
N PHE IB 379 -88.52 -69.40 17.60
CA PHE IB 379 -87.30 -68.92 18.22
C PHE IB 379 -86.64 -70.03 19.03
N LYS IB 380 -85.42 -69.75 19.49
CA LYS IB 380 -84.68 -70.71 20.29
C LYS IB 380 -85.38 -70.80 21.64
N GLY IB 381 -86.17 -71.84 21.82
CA GLY IB 381 -87.09 -71.89 22.94
C GLY IB 381 -88.24 -70.94 22.70
N ASP IB 382 -88.56 -70.15 23.71
CA ASP IB 382 -89.59 -69.10 23.58
C ASP IB 382 -89.14 -67.91 24.41
N PHE IB 383 -88.35 -67.03 23.81
CA PHE IB 383 -87.92 -65.82 24.51
C PHE IB 383 -87.53 -64.78 23.46
N GLN IB 384 -88.49 -63.97 23.03
CA GLN IB 384 -88.22 -62.88 22.10
C GLN IB 384 -88.16 -61.56 22.87
N GLU IB 385 -87.18 -61.47 23.75
CA GLU IB 385 -87.02 -60.26 24.55
C GLU IB 385 -86.36 -59.21 23.67
N ALA IB 386 -87.09 -58.14 23.42
CA ALA IB 386 -86.65 -57.12 22.50
C ALA IB 386 -85.60 -56.22 23.14
N GLU IB 387 -85.01 -55.38 22.31
CA GLU IB 387 -83.95 -54.49 22.72
C GLU IB 387 -83.88 -53.34 21.74
N GLY IB 388 -83.36 -52.22 22.21
CA GLY IB 388 -83.30 -51.04 21.39
C GLY IB 388 -82.52 -51.11 20.11
N LEU IB 389 -82.29 -49.91 19.57
CA LEU IB 389 -82.03 -49.74 18.16
C LEU IB 389 -81.47 -48.34 17.99
N ASP IB 390 -80.76 -48.14 16.89
CA ASP IB 390 -80.16 -46.85 16.62
C ASP IB 390 -80.03 -46.66 15.12
N MET IB 391 -79.29 -45.62 14.75
CA MET IB 391 -79.22 -45.14 13.38
C MET IB 391 -77.76 -44.92 13.04
N TYR IB 392 -77.20 -45.83 12.26
CA TYR IB 392 -75.82 -45.74 11.82
C TYR IB 392 -75.76 -44.84 10.60
N TYR IB 393 -74.90 -43.83 10.67
CA TYR IB 393 -74.68 -42.88 9.59
C TYR IB 393 -73.25 -43.02 9.11
N ASP IB 394 -73.07 -43.70 7.99
CA ASP IB 394 -71.75 -43.83 7.41
C ASP IB 394 -71.26 -42.47 6.93
N LEU IB 395 -70.02 -42.13 7.27
CA LEU IB 395 -69.45 -40.86 6.88
C LEU IB 395 -69.02 -40.81 5.42
N GLU IB 396 -68.97 -41.95 4.74
CA GLU IB 396 -68.49 -41.97 3.36
C GLU IB 396 -69.58 -41.62 2.38
N THR IB 397 -70.74 -42.25 2.50
CA THR IB 397 -71.86 -42.05 1.60
C THR IB 397 -72.91 -41.10 2.15
N GLY IB 398 -73.13 -41.11 3.46
CA GLY IB 398 -74.14 -40.29 4.07
C GLY IB 398 -75.51 -40.94 4.11
N ARG IB 399 -75.55 -42.26 4.06
CA ARG IB 399 -76.80 -43.02 4.00
C ARG IB 399 -77.11 -43.55 5.39
N LYS IB 400 -78.17 -43.04 5.99
CA LYS IB 400 -78.57 -43.52 7.30
C LYS IB 400 -79.06 -44.95 7.19
N ALA IB 401 -79.04 -45.64 8.32
CA ALA IB 401 -79.46 -47.03 8.35
C ALA IB 401 -79.90 -47.36 9.76
N LEU IB 402 -81.17 -47.71 9.90
CA LEU IB 402 -81.67 -48.14 11.20
C LEU IB 402 -81.25 -49.58 11.45
N LEU IB 403 -80.90 -49.86 12.69
CA LEU IB 403 -80.56 -51.22 13.08
C LEU IB 403 -81.01 -51.47 14.51
N ILE IB 404 -81.52 -52.68 14.71
CA ILE IB 404 -82.24 -53.10 15.90
C ILE IB 404 -81.53 -54.31 16.48
N GLY IB 405 -81.57 -54.42 17.81
CA GLY IB 405 -81.06 -55.59 18.50
C GLY IB 405 -82.19 -56.43 19.04
N VAL IB 406 -81.95 -57.73 19.16
CA VAL IB 406 -82.94 -58.64 19.67
C VAL IB 406 -82.22 -59.79 20.35
N THR IB 407 -82.92 -60.44 21.28
CA THR IB 407 -82.44 -61.65 21.93
C THR IB 407 -83.47 -62.75 21.76
N ILE IB 408 -83.01 -63.91 21.28
CA ILE IB 408 -83.92 -65.02 21.05
C ILE IB 408 -83.51 -66.24 21.87
N GLY IB 409 -82.58 -66.06 22.80
CA GLY IB 409 -82.02 -67.18 23.51
C GLY IB 409 -82.91 -67.66 24.65
N PRO IB 410 -82.95 -68.97 24.91
CA PRO IB 410 -83.77 -69.47 26.01
C PRO IB 410 -83.00 -69.57 27.32
N GLY IB 411 -83.69 -69.24 28.39
CA GLY IB 411 -83.13 -69.36 29.72
C GLY IB 411 -81.88 -68.53 29.86
N ASN IB 412 -80.93 -69.05 30.63
CA ASN IB 412 -79.66 -68.36 30.79
C ASN IB 412 -78.94 -68.19 29.46
N ASN IB 413 -79.07 -69.13 28.56
CA ASN IB 413 -78.46 -69.01 27.24
C ASN IB 413 -79.15 -67.90 26.45
N ARG IB 414 -78.47 -66.78 26.27
CA ARG IB 414 -79.00 -65.63 25.54
C ARG IB 414 -78.29 -65.49 24.20
N HIS IB 415 -79.08 -65.32 23.14
CA HIS IB 415 -78.61 -64.98 21.82
C HIS IB 415 -78.69 -63.47 21.65
N HIS IB 416 -77.89 -62.95 20.72
CA HIS IB 416 -77.81 -61.51 20.52
C HIS IB 416 -77.71 -61.27 19.02
N SER IB 417 -78.86 -61.07 18.37
CA SER IB 417 -78.94 -60.91 16.93
C SER IB 417 -79.30 -59.47 16.58
N ILE IB 418 -78.85 -59.05 15.40
CA ILE IB 418 -78.97 -57.67 14.94
C ILE IB 418 -79.58 -57.68 13.55
N TYR IB 419 -80.59 -56.85 13.35
CA TYR IB 419 -81.24 -56.68 12.06
C TYR IB 419 -81.23 -55.21 11.69
N SER IB 420 -81.56 -54.93 10.43
CA SER IB 420 -81.43 -53.57 9.90
C SER IB 420 -82.48 -53.31 8.84
N ILE IB 421 -82.88 -52.04 8.78
CA ILE IB 421 -83.82 -51.53 7.79
C ILE IB 421 -83.13 -50.46 6.97
N GLY IB 422 -81.83 -50.61 6.75
CA GLY IB 422 -81.07 -49.58 6.10
C GLY IB 422 -81.35 -49.48 4.63
N GLN IB 423 -80.70 -48.49 4.02
CA GLN IB 423 -80.86 -48.21 2.60
C GLN IB 423 -79.90 -49.08 1.80
N ARG IB 424 -79.79 -48.80 0.51
CA ARG IB 424 -78.92 -49.56 -0.36
C ARG IB 424 -77.48 -49.12 -0.12
N GLY IB 425 -76.63 -50.08 0.26
CA GLY IB 425 -75.21 -49.85 0.39
C GLY IB 425 -74.69 -49.76 1.81
N VAL IB 426 -75.56 -49.85 2.80
CA VAL IB 426 -75.13 -49.78 4.21
C VAL IB 426 -75.04 -51.16 4.84
N ASN IB 427 -76.04 -52.02 4.64
CA ASN IB 427 -75.99 -53.35 5.25
C ASN IB 427 -74.86 -54.17 4.66
N GLN IB 428 -74.70 -54.10 3.34
CA GLN IB 428 -73.59 -54.76 2.68
C GLN IB 428 -72.28 -54.32 3.29
N PHE IB 429 -72.12 -53.02 3.45
CA PHE IB 429 -70.87 -52.48 4.01
C PHE IB 429 -70.68 -52.94 5.44
N LEU IB 430 -71.74 -52.96 6.23
CA LEU IB 430 -71.60 -53.31 7.63
C LEU IB 430 -71.19 -54.77 7.79
N LYS IB 431 -71.73 -55.63 6.94
CA LYS IB 431 -71.31 -57.03 6.99
C LYS IB 431 -69.90 -57.20 6.45
N ASN IB 432 -69.53 -56.44 5.42
CA ASN IB 432 -68.24 -56.62 4.77
C ASN IB 432 -67.11 -55.86 5.45
N ILE IB 433 -67.38 -55.14 6.54
CA ILE IB 433 -66.28 -54.57 7.33
C ILE IB 433 -65.26 -55.63 7.66
N ALA IB 434 -65.70 -56.66 8.38
CA ALA IB 434 -64.82 -57.73 8.81
C ALA IB 434 -65.64 -59.01 8.92
N PRO IB 435 -65.03 -60.16 8.72
CA PRO IB 435 -65.80 -61.40 8.65
C PRO IB 435 -66.12 -61.96 10.03
N GLN IB 436 -67.07 -62.88 10.04
CA GLN IB 436 -67.39 -63.59 11.27
C GLN IB 436 -66.23 -64.49 11.67
N VAL IB 437 -66.29 -64.97 12.92
CA VAL IB 437 -65.28 -65.91 13.36
C VAL IB 437 -65.54 -67.26 12.71
N SER IB 438 -64.47 -68.05 12.61
CA SER IB 438 -64.57 -69.38 12.04
C SER IB 438 -63.32 -70.14 12.42
N MET IB 439 -63.45 -71.46 12.46
CA MET IB 439 -62.33 -72.30 12.87
C MET IB 439 -61.16 -72.15 11.91
N THR IB 440 -61.44 -71.97 10.63
CA THR IB 440 -60.44 -71.77 9.60
C THR IB 440 -60.73 -70.43 8.94
N ASP IB 441 -59.68 -69.83 8.36
CA ASP IB 441 -59.76 -68.43 7.98
C ASP IB 441 -60.85 -68.19 6.92
N SER IB 442 -60.65 -68.62 5.67
CA SER IB 442 -61.76 -68.74 4.73
C SER IB 442 -61.65 -69.90 3.76
N GLY IB 443 -60.47 -70.51 3.63
CA GLY IB 443 -60.20 -71.45 2.57
C GLY IB 443 -59.80 -72.83 3.07
N GLY IB 444 -59.70 -72.99 4.39
CA GLY IB 444 -59.36 -74.26 4.97
C GLY IB 444 -57.90 -74.31 5.35
N ARG IB 445 -57.40 -73.19 5.86
CA ARG IB 445 -56.08 -73.10 6.45
C ARG IB 445 -56.22 -72.77 7.92
N VAL IB 446 -55.14 -73.03 8.64
CA VAL IB 446 -55.08 -72.63 10.04
C VAL IB 446 -55.08 -71.12 10.14
N LYS IB 447 -55.51 -70.63 11.28
CA LYS IB 447 -55.51 -69.21 11.57
C LYS IB 447 -54.22 -68.80 12.23
N PRO IB 448 -53.93 -67.50 12.28
CA PRO IB 448 -52.69 -67.01 12.89
C PRO IB 448 -52.87 -66.64 14.35
N LEU IB 449 -51.80 -66.85 15.12
CA LEU IB 449 -51.78 -66.37 16.48
C LEU IB 449 -51.86 -64.84 16.49
N PRO IB 450 -52.32 -64.25 17.59
CA PRO IB 450 -52.17 -62.80 17.74
C PRO IB 450 -50.79 -62.39 18.18
N ILE IB 451 -49.99 -63.30 18.71
CA ILE IB 451 -48.63 -63.01 19.16
C ILE IB 451 -47.72 -64.18 18.80
N GLN IB 452 -46.50 -63.88 18.40
CA GLN IB 452 -45.50 -64.90 18.16
C GLN IB 452 -44.73 -65.21 19.44
N ASN IB 453 -44.49 -66.49 19.67
CA ASN IB 453 -43.77 -66.94 20.86
C ASN IB 453 -44.51 -66.48 22.10
N PRO IB 454 -45.73 -66.94 22.30
CA PRO IB 454 -46.54 -66.41 23.39
C PRO IB 454 -46.05 -66.87 24.74
N ALA IB 455 -46.21 -65.99 25.72
CA ALA IB 455 -45.81 -66.32 27.09
C ALA IB 455 -46.89 -67.14 27.78
N TYR IB 456 -48.07 -66.58 27.93
CA TYR IB 456 -49.22 -67.27 28.48
C TYR IB 456 -50.13 -67.72 27.34
N LEU IB 457 -50.35 -69.03 27.23
CA LEU IB 457 -51.26 -69.54 26.21
C LEU IB 457 -52.69 -69.08 26.41
N SER IB 458 -53.01 -68.51 27.57
CA SER IB 458 -54.32 -67.93 27.78
C SER IB 458 -54.51 -66.60 27.08
N ASP IB 459 -53.46 -66.04 26.49
CA ASP IB 459 -53.61 -64.78 25.77
C ASP IB 459 -54.44 -64.95 24.52
N ILE IB 460 -54.50 -66.16 23.96
CA ILE IB 460 -55.23 -66.43 22.72
C ILE IB 460 -56.68 -66.65 23.08
N THR IB 461 -57.48 -65.59 22.94
CA THR IB 461 -58.91 -65.65 23.19
C THR IB 461 -59.72 -65.99 21.96
N GLU IB 462 -59.28 -65.58 20.78
CA GLU IB 462 -60.07 -65.78 19.58
C GLU IB 462 -60.16 -67.26 19.26
N VAL IB 463 -61.39 -67.77 19.18
CA VAL IB 463 -61.61 -69.18 18.92
C VAL IB 463 -61.07 -69.55 17.55
N GLY IB 464 -60.81 -70.83 17.36
CA GLY IB 464 -60.30 -71.36 16.10
C GLY IB 464 -59.02 -72.13 16.28
N HIS IB 465 -58.48 -72.62 15.16
CA HIS IB 465 -57.29 -73.44 15.17
C HIS IB 465 -56.05 -72.59 14.91
N TYR IB 466 -54.91 -73.06 15.42
CA TYR IB 466 -53.65 -72.35 15.36
C TYR IB 466 -52.56 -73.40 15.33
N TYR IB 467 -51.34 -72.98 15.01
CA TYR IB 467 -50.20 -73.88 15.02
C TYR IB 467 -49.01 -73.17 15.64
N ILE IB 468 -48.44 -73.78 16.66
CA ILE IB 468 -47.29 -73.24 17.37
C ILE IB 468 -46.06 -73.91 16.79
N TYR IB 469 -45.18 -73.12 16.18
CA TYR IB 469 -43.94 -73.67 15.69
C TYR IB 469 -43.08 -74.16 16.85
N THR IB 470 -42.15 -75.05 16.53
CA THR IB 470 -41.25 -75.59 17.54
C THR IB 470 -40.44 -74.50 18.22
N GLN IB 471 -40.09 -73.44 17.49
CA GLN IB 471 -39.35 -72.35 18.09
C GLN IB 471 -40.25 -71.43 18.90
N ASP IB 472 -41.52 -71.34 18.54
CA ASP IB 472 -42.45 -70.50 19.28
C ASP IB 472 -42.91 -71.17 20.57
N THR IB 473 -42.87 -72.50 20.63
CA THR IB 473 -43.25 -73.20 21.85
C THR IB 473 -42.27 -73.00 22.98
N GLN IB 474 -41.06 -72.51 22.69
CA GLN IB 474 -39.98 -72.54 23.68
C GLN IB 474 -40.31 -71.68 24.90
N ASN IB 475 -41.08 -70.61 24.73
CA ASN IB 475 -41.28 -69.69 25.85
C ASN IB 475 -42.40 -70.18 26.76
N ALA IB 476 -43.64 -70.09 26.30
CA ALA IB 476 -44.79 -70.89 26.71
C ALA IB 476 -44.83 -71.18 28.22
N LEU IB 477 -44.99 -70.11 29.01
CA LEU IB 477 -44.89 -70.22 30.47
C LEU IB 477 -45.89 -71.22 31.04
N ASP IB 478 -47.03 -71.42 30.39
CA ASP IB 478 -48.02 -72.40 30.81
C ASP IB 478 -48.20 -73.39 29.66
N PHE IB 479 -47.36 -74.42 29.67
CA PHE IB 479 -47.31 -75.47 28.67
C PHE IB 479 -47.46 -76.80 29.40
N PRO IB 480 -48.21 -77.76 28.85
CA PRO IB 480 -48.35 -79.04 29.56
C PRO IB 480 -47.03 -79.75 29.80
N LEU IB 481 -46.08 -79.59 28.91
CA LEU IB 481 -44.78 -80.22 29.01
C LEU IB 481 -43.74 -79.22 29.51
N PRO IB 482 -42.59 -79.70 29.97
CA PRO IB 482 -41.50 -78.80 30.35
C PRO IB 482 -40.69 -78.39 29.13
N LYS IB 483 -39.67 -77.59 29.38
CA LYS IB 483 -38.81 -77.08 28.31
C LYS IB 483 -38.05 -78.18 27.60
N ALA IB 484 -37.83 -79.32 28.26
CA ALA IB 484 -36.97 -80.36 27.71
C ALA IB 484 -37.72 -81.34 26.82
N PHE IB 485 -39.03 -81.48 27.00
CA PHE IB 485 -39.80 -82.47 26.25
C PHE IB 485 -40.27 -81.94 24.91
N ARG IB 486 -40.47 -80.64 24.80
CA ARG IB 486 -41.00 -80.05 23.56
C ARG IB 486 -39.90 -79.91 22.52
N ASP IB 487 -40.12 -80.51 21.35
CA ASP IB 487 -39.20 -80.40 20.23
C ASP IB 487 -39.90 -80.03 18.93
N ALA IB 488 -41.20 -80.31 18.83
CA ALA IB 488 -41.96 -80.17 17.61
C ALA IB 488 -43.15 -79.24 17.82
N GLY IB 489 -43.86 -78.96 16.73
CA GLY IB 489 -44.97 -78.05 16.77
C GLY IB 489 -46.21 -78.67 17.36
N TRP IB 490 -47.22 -77.81 17.56
CA TRP IB 490 -48.43 -78.20 18.26
C TRP IB 490 -49.64 -77.56 17.61
N PHE IB 491 -50.54 -78.38 17.10
CA PHE IB 491 -51.83 -77.89 16.65
C PHE IB 491 -52.62 -77.47 17.87
N PHE IB 492 -52.83 -76.17 18.03
CA PHE IB 492 -53.43 -75.60 19.23
C PHE IB 492 -54.73 -74.92 18.85
N ASP IB 493 -55.84 -75.40 19.39
CA ASP IB 493 -57.15 -74.90 19.01
C ASP IB 493 -57.95 -74.47 20.23
N VAL IB 494 -58.54 -73.29 20.12
CA VAL IB 494 -59.37 -72.69 21.15
C VAL IB 494 -60.82 -72.89 20.76
N LEU IB 495 -61.62 -73.37 21.72
CA LEU IB 495 -63.02 -73.65 21.52
C LEU IB 495 -63.85 -72.84 22.49
N PRO IB 496 -65.10 -72.52 22.14
CA PRO IB 496 -65.90 -71.65 23.01
C PRO IB 496 -66.22 -72.32 24.34
N GLY IB 497 -66.25 -71.52 25.39
CA GLY IB 497 -66.59 -71.97 26.72
C GLY IB 497 -68.05 -71.68 27.03
N HIS IB 498 -68.27 -70.86 28.05
CA HIS IB 498 -69.61 -70.43 28.41
C HIS IB 498 -69.66 -68.91 28.40
N TYR IB 499 -70.80 -68.36 28.80
CA TYR IB 499 -71.10 -66.96 28.58
C TYR IB 499 -70.27 -66.02 29.45
N ASN IB 500 -69.62 -66.52 30.49
CA ASN IB 500 -68.62 -65.74 31.19
C ASN IB 500 -67.31 -65.89 30.42
N GLY IB 501 -66.20 -65.49 31.02
CA GLY IB 501 -64.97 -65.38 30.26
C GLY IB 501 -64.17 -66.66 30.08
N ALA IB 502 -64.84 -67.76 29.82
CA ALA IB 502 -64.20 -69.07 29.72
C ALA IB 502 -63.94 -69.46 28.28
N LEU IB 503 -62.94 -70.31 28.09
CA LEU IB 503 -62.63 -70.86 26.78
C LEU IB 503 -61.84 -72.15 26.95
N ARG IB 504 -62.20 -73.16 26.16
CA ARG IB 504 -61.44 -74.40 26.16
C ARG IB 504 -60.23 -74.28 25.26
N GLN IB 505 -59.20 -75.06 25.57
CA GLN IB 505 -58.01 -75.16 24.75
C GLN IB 505 -57.65 -76.63 24.57
N VAL IB 506 -57.12 -76.94 23.39
CA VAL IB 506 -56.61 -78.28 23.09
C VAL IB 506 -55.29 -78.10 22.34
N LEU IB 507 -54.33 -78.97 22.62
CA LEU IB 507 -53.01 -78.92 21.99
C LEU IB 507 -52.60 -80.34 21.63
N THR IB 508 -52.45 -80.61 20.34
CA THR IB 508 -52.03 -81.91 19.85
C THR IB 508 -50.69 -81.78 19.15
N ARG IB 509 -49.72 -82.57 19.60
CA ARG IB 509 -48.38 -82.52 19.03
C ARG IB 509 -48.41 -82.88 17.54
N ASN IB 510 -47.41 -82.41 16.81
CA ASN IB 510 -47.28 -82.65 15.38
C ASN IB 510 -46.04 -83.50 15.16
N SER IB 511 -46.25 -84.79 14.91
CA SER IB 511 -45.13 -85.65 14.57
C SER IB 511 -45.59 -86.96 13.97
N THR IB 512 -45.16 -87.23 12.73
CA THR IB 512 -45.54 -88.45 12.05
C THR IB 512 -44.81 -89.66 12.60
N GLY IB 513 -43.53 -89.50 12.96
CA GLY IB 513 -42.72 -90.61 13.39
C GLY IB 513 -42.80 -90.91 14.87
N ARG IB 514 -43.91 -90.55 15.50
CA ARG IB 514 -44.09 -90.78 16.92
C ARG IB 514 -45.52 -90.39 17.29
N ASN IB 515 -45.87 -90.58 18.55
CA ASN IB 515 -47.25 -90.44 18.98
C ASN IB 515 -47.66 -88.97 19.02
N MET IB 516 -48.87 -88.70 18.56
CA MET IB 516 -49.42 -87.35 18.49
C MET IB 516 -50.28 -87.07 19.72
N LEU IB 517 -49.62 -87.07 20.88
CA LEU IB 517 -50.29 -86.85 22.14
C LEU IB 517 -51.00 -85.51 22.17
N LYS IB 518 -52.12 -85.47 22.90
CA LYS IB 518 -52.92 -84.26 23.03
C LYS IB 518 -53.21 -83.95 24.49
N PHE IB 519 -53.22 -82.66 24.79
CA PHE IB 519 -53.61 -82.11 26.07
C PHE IB 519 -54.82 -81.22 25.89
N GLU IB 520 -55.51 -80.97 27.00
CA GLU IB 520 -56.78 -80.26 26.99
C GLU IB 520 -56.92 -79.50 28.30
N ARG IB 521 -57.58 -78.34 28.24
CA ARG IB 521 -57.79 -77.57 29.45
C ARG IB 521 -58.87 -76.52 29.24
N VAL IB 522 -59.11 -75.74 30.29
CA VAL IB 522 -60.00 -74.60 30.30
C VAL IB 522 -59.23 -73.42 30.84
N ILE IB 523 -59.54 -72.23 30.32
CA ILE IB 523 -58.92 -71.00 30.76
C ILE IB 523 -60.02 -69.97 30.99
N ASP IB 524 -59.71 -69.01 31.85
CA ASP IB 524 -60.57 -67.87 32.12
C ASP IB 524 -59.77 -66.61 31.82
N ILE IB 525 -60.21 -65.85 30.83
CA ILE IB 525 -59.44 -64.74 30.29
C ILE IB 525 -59.23 -63.66 31.35
N PHE IB 526 -60.23 -63.44 32.21
CA PHE IB 526 -60.14 -62.37 33.18
C PHE IB 526 -59.23 -62.75 34.34
N ASN IB 527 -59.61 -63.78 35.09
CA ASN IB 527 -58.82 -64.26 36.21
C ASN IB 527 -57.96 -65.41 35.69
N LYS IB 528 -56.73 -65.07 35.28
CA LYS IB 528 -55.83 -66.08 34.75
C LYS IB 528 -55.52 -67.16 35.77
N LYS IB 529 -55.64 -66.85 37.06
CA LYS IB 529 -55.38 -67.84 38.10
C LYS IB 529 -56.42 -68.94 38.11
N ASN IB 530 -57.63 -68.67 37.63
CA ASN IB 530 -58.71 -69.64 37.62
C ASN IB 530 -58.63 -70.61 36.46
N ASN IB 531 -57.51 -70.69 35.76
CA ASN IB 531 -57.42 -71.55 34.60
C ASN IB 531 -56.98 -72.95 35.03
N GLY IB 532 -57.66 -73.95 34.49
CA GLY IB 532 -57.44 -75.32 34.89
C GLY IB 532 -56.04 -75.79 34.54
N ALA IB 533 -55.80 -77.05 34.86
CA ALA IB 533 -54.51 -77.68 34.60
C ALA IB 533 -54.62 -78.46 33.29
N TRP IB 534 -53.54 -79.15 32.94
CA TRP IB 534 -53.40 -79.75 31.62
C TRP IB 534 -53.80 -81.22 31.69
N ASN IB 535 -55.05 -81.49 31.33
CA ASN IB 535 -55.48 -82.87 31.16
C ASN IB 535 -54.75 -83.48 29.97
N PHE IB 536 -54.79 -84.81 29.89
CA PHE IB 536 -54.05 -85.56 28.88
C PHE IB 536 -54.87 -86.76 28.44
N CYS IB 537 -54.93 -86.97 27.13
CA CYS IB 537 -55.49 -88.18 26.54
C CYS IB 537 -54.36 -89.07 26.00
N PRO IB 538 -54.52 -90.41 26.03
CA PRO IB 538 -53.41 -91.28 25.61
C PRO IB 538 -52.97 -91.10 24.16
N GLN IB 539 -53.87 -91.38 23.22
CA GLN IB 539 -53.66 -91.16 21.79
C GLN IB 539 -52.33 -91.74 21.30
N ASN IB 540 -52.25 -93.07 21.39
CA ASN IB 540 -51.06 -93.80 20.96
C ASN IB 540 -51.26 -94.40 19.57
N ALA IB 541 -50.14 -94.76 18.94
CA ALA IB 541 -50.13 -95.38 17.62
C ALA IB 541 -49.26 -96.63 17.57
N GLY IB 542 -48.70 -97.06 18.69
CA GLY IB 542 -47.67 -98.07 18.72
C GLY IB 542 -46.27 -97.52 18.73
N TYR IB 543 -46.10 -96.23 18.49
CA TYR IB 543 -44.81 -95.62 18.57
C TYR IB 543 -44.38 -95.46 20.03
N TRP IB 544 -43.15 -95.03 20.21
CA TRP IB 544 -42.49 -94.99 21.52
C TRP IB 544 -41.95 -93.59 21.76
N GLU IB 545 -41.84 -93.26 23.04
CA GLU IB 545 -41.26 -91.99 23.48
C GLU IB 545 -40.10 -92.27 24.41
N HIS IB 546 -39.04 -91.49 24.26
CA HIS IB 546 -37.84 -91.63 25.07
C HIS IB 546 -37.71 -90.44 26.00
N ILE IB 547 -37.18 -90.70 27.19
CA ILE IB 547 -36.91 -89.61 28.12
C ILE IB 547 -35.76 -88.77 27.60
N PRO IB 548 -35.84 -87.44 27.59
CA PRO IB 548 -34.68 -86.65 27.16
C PRO IB 548 -33.58 -86.64 28.19
N LYS IB 549 -32.57 -85.80 28.00
CA LYS IB 549 -31.41 -85.75 28.88
C LYS IB 549 -31.76 -85.34 30.31
N SER IB 550 -32.99 -84.94 30.60
CA SER IB 550 -33.44 -84.81 31.98
C SER IB 550 -33.67 -86.20 32.56
N ILE IB 551 -32.58 -86.92 32.82
CA ILE IB 551 -32.62 -88.28 33.33
C ILE IB 551 -32.19 -88.23 34.79
N THR IB 552 -32.47 -87.10 35.46
CA THR IB 552 -32.04 -86.95 36.84
C THR IB 552 -32.80 -87.91 37.74
N LYS IB 553 -34.13 -87.82 37.70
CA LYS IB 553 -35.00 -88.63 38.53
C LYS IB 553 -36.25 -89.00 37.75
N LEU IB 554 -36.85 -90.11 38.14
CA LEU IB 554 -38.15 -90.49 37.61
C LEU IB 554 -39.29 -89.75 38.30
N SER IB 555 -39.01 -88.90 39.28
CA SER IB 555 -40.06 -88.23 40.02
C SER IB 555 -40.60 -87.01 39.28
N ASP IB 556 -39.92 -86.53 38.24
CA ASP IB 556 -40.42 -85.40 37.48
C ASP IB 556 -41.52 -85.79 36.49
N LEU IB 557 -41.77 -87.08 36.30
CA LEU IB 557 -42.72 -87.56 35.30
C LEU IB 557 -44.08 -87.79 35.92
N LYS IB 558 -44.63 -86.71 36.46
CA LYS IB 558 -45.91 -86.76 37.15
C LYS IB 558 -47.09 -86.85 36.21
N ILE IB 559 -46.90 -86.64 34.91
CA ILE IB 559 -48.02 -86.61 33.98
C ILE IB 559 -48.61 -88.01 33.86
N VAL IB 560 -49.91 -88.06 33.56
CA VAL IB 560 -50.70 -89.28 33.68
C VAL IB 560 -50.72 -90.03 32.37
N GLY IB 561 -50.61 -91.35 32.44
CA GLY IB 561 -50.87 -92.24 31.33
C GLY IB 561 -50.00 -92.06 30.11
N LEU IB 562 -48.68 -92.06 30.31
CA LEU IB 562 -47.72 -91.95 29.22
C LEU IB 562 -46.93 -93.24 29.08
N ASP IB 563 -46.20 -93.32 27.97
CA ASP IB 563 -45.34 -94.46 27.65
C ASP IB 563 -43.93 -93.92 27.48
N PHE IB 564 -43.00 -94.42 28.29
CA PHE IB 564 -41.60 -94.02 28.22
C PHE IB 564 -40.73 -95.26 28.23
N TYR IB 565 -39.99 -95.48 27.14
CA TYR IB 565 -39.02 -96.57 27.12
C TYR IB 565 -37.78 -96.19 27.91
N ILE IB 566 -37.16 -97.19 28.53
CA ILE IB 566 -35.88 -97.05 29.20
C ILE IB 566 -35.05 -98.27 28.86
N THR IB 567 -34.07 -98.08 27.98
CA THR IB 567 -33.11 -99.14 27.64
C THR IB 567 -32.24 -99.47 28.85
N THR IB 568 -31.35 -100.44 28.71
CA THR IB 568 -30.37 -100.72 29.75
C THR IB 568 -29.48 -99.51 29.99
N GLU IB 569 -28.94 -98.95 28.91
CA GLU IB 569 -28.07 -97.79 29.02
C GLU IB 569 -28.83 -96.60 29.62
N GLU IB 570 -30.11 -96.48 29.28
CA GLU IB 570 -30.92 -95.41 29.85
C GLU IB 570 -31.14 -95.63 31.33
N SER IB 571 -31.45 -96.87 31.71
CA SER IB 571 -31.76 -97.18 33.09
C SER IB 571 -30.55 -97.01 33.99
N ASN IB 572 -29.35 -97.17 33.44
CA ASN IB 572 -28.15 -96.96 34.27
C ASN IB 572 -27.75 -95.50 34.40
N ARG IB 573 -28.71 -94.60 34.65
CA ARG IB 573 -28.47 -93.23 35.07
C ARG IB 573 -29.36 -92.80 36.22
N PHE IB 574 -30.61 -93.27 36.24
CA PHE IB 574 -31.61 -92.72 37.13
C PHE IB 574 -31.31 -93.08 38.58
N THR IB 575 -31.88 -92.29 39.48
CA THR IB 575 -31.69 -92.45 40.92
C THR IB 575 -32.81 -93.25 41.55
N ASP IB 576 -34.07 -92.87 41.31
CA ASP IB 576 -35.20 -93.60 41.84
C ASP IB 576 -35.27 -95.03 41.32
N PHE IB 577 -34.64 -95.30 40.19
CA PHE IB 577 -34.67 -96.64 39.63
C PHE IB 577 -33.95 -97.59 40.59
N PRO IB 578 -34.51 -98.76 40.93
CA PRO IB 578 -33.85 -99.64 41.88
C PRO IB 578 -32.49 -100.13 41.40
N LYS IB 579 -31.71 -100.63 42.36
CA LYS IB 579 -30.32 -100.98 42.12
C LYS IB 579 -30.13 -102.44 41.73
N ASP IB 580 -31.17 -103.26 41.78
CA ASP IB 580 -31.06 -104.66 41.43
C ASP IB 580 -31.26 -104.90 39.94
N PHE IB 581 -32.13 -104.12 39.29
CA PHE IB 581 -32.46 -104.27 37.88
C PHE IB 581 -31.85 -103.17 37.03
N LYS IB 582 -30.76 -102.56 37.49
CA LYS IB 582 -30.13 -101.46 36.77
C LYS IB 582 -29.26 -102.02 35.66
N GLY IB 583 -29.75 -101.91 34.42
CA GLY IB 583 -28.99 -102.30 33.25
C GLY IB 583 -29.22 -103.70 32.76
N ILE IB 584 -30.28 -104.36 33.21
CA ILE IB 584 -30.49 -105.77 32.88
C ILE IB 584 -31.33 -105.94 31.61
N ALA IB 585 -32.27 -105.04 31.35
CA ALA IB 585 -33.06 -105.10 30.14
C ALA IB 585 -33.76 -103.76 29.96
N GLY IB 586 -34.57 -103.67 28.91
CA GLY IB 586 -35.35 -102.48 28.68
C GLY IB 586 -36.60 -102.42 29.53
N TRP IB 587 -37.11 -101.21 29.73
CA TRP IB 587 -38.24 -100.99 30.62
C TRP IB 587 -39.21 -99.99 30.03
N ILE IB 588 -40.50 -100.25 30.22
CA ILE IB 588 -41.59 -99.38 29.81
C ILE IB 588 -42.17 -98.77 31.07
N LEU IB 589 -42.24 -97.44 31.10
CA LEU IB 589 -42.79 -96.72 32.24
C LEU IB 589 -44.19 -96.24 31.92
N GLU IB 590 -45.05 -96.27 32.93
CA GLU IB 590 -46.42 -95.81 32.83
C GLU IB 590 -46.78 -95.12 34.13
N VAL IB 591 -47.74 -94.19 34.05
CA VAL IB 591 -48.13 -93.37 35.19
C VAL IB 591 -49.63 -93.52 35.41
N LYS IB 592 -50.03 -93.48 36.67
CA LYS IB 592 -51.41 -93.60 37.10
C LYS IB 592 -51.70 -92.53 38.13
N SER IB 593 -52.94 -92.02 38.11
CA SER IB 593 -53.30 -90.87 38.89
C SER IB 593 -53.50 -91.23 40.36
N ASN IB 594 -53.48 -90.20 41.19
CA ASN IB 594 -53.62 -90.32 42.64
C ASN IB 594 -53.97 -88.95 43.18
N THR IB 595 -53.88 -88.79 44.50
CA THR IB 595 -54.06 -87.49 45.11
C THR IB 595 -52.98 -86.54 44.57
N PRO IB 596 -53.22 -85.23 44.59
CA PRO IB 596 -52.27 -84.29 43.98
C PRO IB 596 -50.92 -84.33 44.67
N GLY IB 597 -49.89 -84.34 43.86
CA GLY IB 597 -48.53 -84.59 44.32
C GLY IB 597 -48.25 -86.06 44.24
N ASN IB 598 -49.15 -86.87 44.79
CA ASN IB 598 -49.01 -88.31 44.74
C ASN IB 598 -49.35 -88.84 43.37
N THR IB 599 -48.64 -89.88 42.97
CA THR IB 599 -48.90 -90.50 41.69
C THR IB 599 -48.15 -91.82 41.64
N THR IB 600 -48.76 -92.79 40.96
CA THR IB 600 -48.19 -94.12 40.85
C THR IB 600 -47.41 -94.24 39.55
N GLN IB 601 -46.27 -94.92 39.63
CA GLN IB 601 -45.44 -95.21 38.48
C GLN IB 601 -45.25 -96.71 38.39
N VAL IB 602 -45.69 -97.29 37.29
CA VAL IB 602 -45.50 -98.69 37.00
C VAL IB 602 -44.36 -98.80 36.01
N LEU IB 603 -43.54 -99.85 36.14
CA LEU IB 603 -42.44 -100.08 35.24
C LEU IB 603 -42.42 -101.55 34.90
N ARG IB 604 -42.41 -101.86 33.61
CA ARG IB 604 -42.55 -103.22 33.12
C ARG IB 604 -41.31 -103.59 32.32
N ARG IB 605 -40.75 -104.75 32.63
CA ARG IB 605 -39.60 -105.21 31.88
C ARG IB 605 -40.00 -105.51 30.44
N ASN IB 606 -38.98 -105.62 29.59
CA ASN IB 606 -39.16 -105.98 28.19
C ASN IB 606 -38.19 -107.13 27.91
N ASN IB 607 -38.65 -108.35 28.19
CA ASN IB 607 -37.88 -109.56 27.90
C ASN IB 607 -38.83 -110.58 27.31
N PHE IB 608 -38.47 -111.09 26.14
CA PHE IB 608 -39.32 -112.06 25.47
C PHE IB 608 -39.15 -113.44 26.09
N PRO IB 609 -37.92 -114.00 26.15
CA PRO IB 609 -37.80 -115.38 26.63
C PRO IB 609 -37.94 -115.51 28.14
N SER IB 610 -37.28 -114.63 28.88
CA SER IB 610 -37.25 -114.75 30.32
C SER IB 610 -38.62 -114.36 30.91
N ALA IB 611 -38.73 -114.54 32.22
CA ALA IB 611 -39.97 -114.21 32.89
C ALA IB 611 -40.19 -112.71 32.91
N HIS IB 612 -41.45 -112.33 32.84
CA HIS IB 612 -41.81 -110.92 32.89
C HIS IB 612 -41.82 -110.42 34.32
N GLN IB 613 -41.56 -109.13 34.46
CA GLN IB 613 -41.50 -108.48 35.75
C GLN IB 613 -42.16 -107.12 35.62
N PHE IB 614 -42.84 -106.70 36.68
CA PHE IB 614 -43.31 -105.33 36.73
C PHE IB 614 -43.34 -104.86 38.16
N LEU IB 615 -42.83 -103.65 38.36
CA LEU IB 615 -42.63 -103.08 39.68
C LEU IB 615 -43.30 -101.73 39.74
N VAL IB 616 -44.04 -101.51 40.81
CA VAL IB 616 -44.90 -100.34 40.95
C VAL IB 616 -44.48 -99.53 42.16
N ARG IB 617 -44.64 -98.23 42.07
CA ARG IB 617 -44.22 -97.27 43.07
C ARG IB 617 -45.32 -96.23 43.20
N ASN IB 618 -45.38 -95.59 44.35
CA ASN IB 618 -46.22 -94.40 44.53
C ASN IB 618 -45.40 -93.34 45.23
N PHE IB 619 -45.23 -92.19 44.57
CA PHE IB 619 -44.41 -91.12 45.10
C PHE IB 619 -45.17 -89.80 45.07
N GLY IB 620 -44.83 -88.94 46.01
CA GLY IB 620 -45.34 -87.59 46.04
C GLY IB 620 -45.44 -87.01 47.44
N THR IB 621 -46.62 -86.48 47.77
CA THR IB 621 -46.80 -85.82 49.06
C THR IB 621 -46.71 -86.83 50.20
N GLY IB 622 -47.30 -88.01 50.03
CA GLY IB 622 -47.29 -88.99 51.09
C GLY IB 622 -45.91 -89.53 51.43
N GLY IB 623 -44.99 -89.49 50.47
CA GLY IB 623 -43.65 -89.97 50.71
C GLY IB 623 -42.96 -90.31 49.42
N VAL IB 624 -41.77 -90.91 49.57
CA VAL IB 624 -40.94 -91.22 48.41
C VAL IB 624 -41.51 -92.42 47.67
N GLY IB 625 -41.82 -93.48 48.39
CA GLY IB 625 -42.39 -94.68 47.79
C GLY IB 625 -41.36 -95.78 47.64
N LYS IB 626 -41.79 -97.01 47.87
CA LYS IB 626 -40.95 -98.20 47.75
C LYS IB 626 -41.47 -99.08 46.63
N TRP IB 627 -40.58 -99.45 45.73
CA TRP IB 627 -40.97 -100.22 44.57
C TRP IB 627 -41.30 -101.65 44.97
N SER IB 628 -42.56 -102.04 44.74
CA SER IB 628 -43.04 -103.39 45.00
C SER IB 628 -43.08 -104.14 43.67
N LEU IB 629 -42.43 -105.31 43.62
CA LEU IB 629 -42.26 -106.10 42.41
C LEU IB 629 -43.32 -107.18 42.31
N PHE IB 630 -43.58 -107.61 41.08
CA PHE IB 630 -44.38 -108.77 40.78
C PHE IB 630 -43.72 -109.50 39.62
N GLU IB 631 -43.46 -110.78 39.80
CA GLU IB 631 -42.77 -111.60 38.81
C GLU IB 631 -43.72 -112.65 38.25
N GLY IB 632 -43.52 -113.00 36.98
CA GLY IB 632 -44.40 -113.90 36.29
C GLY IB 632 -43.82 -115.29 36.16
N LYS IB 633 -44.70 -116.23 35.82
CA LYS IB 633 -44.37 -117.63 35.68
C LYS IB 633 -44.38 -117.96 34.19
N VAL IB 634 -43.22 -118.33 33.66
CA VAL IB 634 -43.12 -118.63 32.24
C VAL IB 634 -43.98 -119.85 31.94
N VAL IB 635 -44.99 -119.67 31.10
CA VAL IB 635 -45.90 -120.73 30.70
C VAL IB 635 -46.13 -120.62 29.20
N GLU IB 636 -46.83 -121.60 28.66
CA GLU IB 636 -47.06 -121.68 27.22
C GLU IB 636 -48.45 -122.23 26.92
N ASP JB 2 -49.13 -9.24 6.14
CA ASP JB 2 -49.07 -9.31 7.58
C ASP JB 2 -47.73 -9.89 8.05
N ASN JB 3 -47.66 -10.27 9.32
CA ASN JB 3 -46.50 -10.99 9.82
C ASN JB 3 -46.31 -12.27 9.03
N LYS JB 4 -45.05 -12.59 8.76
CA LYS JB 4 -44.73 -13.77 7.97
C LYS JB 4 -44.74 -15.02 8.85
N LEU JB 5 -44.66 -16.16 8.18
CA LEU JB 5 -44.60 -17.42 8.88
C LEU JB 5 -43.22 -17.64 9.49
N ILE JB 6 -43.17 -18.52 10.47
CA ILE JB 6 -41.91 -18.90 11.09
C ILE JB 6 -41.31 -20.01 10.25
N THR JB 7 -40.47 -19.63 9.29
CA THR JB 7 -39.81 -20.62 8.45
C THR JB 7 -38.90 -21.52 9.26
N ASP JB 8 -38.14 -20.92 10.18
CA ASP JB 8 -37.11 -21.64 10.92
C ASP JB 8 -37.65 -22.07 12.29
N LEU JB 9 -37.70 -23.37 12.51
CA LEU JB 9 -38.21 -23.96 13.75
C LEU JB 9 -37.07 -24.33 14.68
N SER JB 10 -37.44 -24.72 15.90
CA SER JB 10 -36.48 -25.22 16.88
C SER JB 10 -36.00 -26.61 16.48
N ARG JB 11 -34.80 -26.95 16.97
CA ARG JB 11 -34.17 -28.23 16.68
C ARG JB 11 -34.29 -29.20 17.85
N VAL JB 12 -35.34 -29.05 18.65
CA VAL JB 12 -35.58 -29.94 19.78
C VAL JB 12 -37.08 -30.00 20.06
N PHE JB 13 -37.60 -31.19 20.28
CA PHE JB 13 -39.04 -31.33 20.48
C PHE JB 13 -39.40 -30.78 21.84
N ASP JB 14 -40.21 -29.74 21.85
CA ASP JB 14 -40.60 -29.08 23.09
C ASP JB 14 -41.88 -28.30 22.83
N TYR JB 15 -42.48 -27.81 23.91
CA TYR JB 15 -43.63 -26.92 23.82
C TYR JB 15 -43.36 -25.75 22.87
N ARG JB 16 -42.11 -25.30 22.80
CA ARG JB 16 -41.78 -24.22 21.87
C ARG JB 16 -41.95 -24.66 20.42
N TYR JB 17 -41.43 -25.84 20.08
CA TYR JB 17 -41.57 -26.35 18.72
C TYR JB 17 -43.05 -26.54 18.36
N VAL JB 18 -43.80 -27.09 19.30
CA VAL JB 18 -45.22 -27.33 19.06
C VAL JB 18 -45.95 -26.00 18.89
N ASP JB 19 -45.65 -25.01 19.73
CA ASP JB 19 -46.29 -23.72 19.61
C ASP JB 19 -45.91 -23.05 18.31
N GLU JB 20 -44.69 -23.27 17.82
CA GLU JB 20 -44.28 -22.70 16.55
C GLU JB 20 -45.14 -23.26 15.42
N ASN JB 21 -45.23 -24.59 15.35
CA ASN JB 21 -46.07 -25.19 14.32
C ASN JB 21 -47.52 -24.73 14.46
N GLU JB 22 -47.99 -24.57 15.69
CA GLU JB 22 -49.36 -24.14 15.92
C GLU JB 22 -49.60 -22.73 15.39
N TYR JB 23 -48.73 -21.81 15.76
CA TYR JB 23 -48.84 -20.43 15.32
C TYR JB 23 -48.77 -20.34 13.80
N ASN JB 24 -47.87 -21.10 13.20
CA ASN JB 24 -47.76 -21.10 11.76
C ASN JB 24 -49.04 -21.61 11.10
N PHE JB 25 -49.64 -22.64 11.66
CA PHE JB 25 -50.87 -23.17 11.07
C PHE JB 25 -52.02 -22.20 11.23
N LYS JB 26 -52.11 -21.51 12.36
CA LYS JB 26 -53.16 -20.53 12.52
C LYS JB 26 -53.02 -19.40 11.51
N LEU JB 27 -51.79 -18.92 11.35
CA LEU JB 27 -51.55 -17.88 10.37
C LEU JB 27 -51.89 -18.36 8.96
N ILE JB 28 -51.63 -19.64 8.68
CA ILE JB 28 -51.95 -20.17 7.35
C ILE JB 28 -53.47 -20.21 7.16
N SER JB 29 -54.19 -20.61 8.20
CA SER JB 29 -55.65 -20.65 8.10
C SER JB 29 -56.21 -19.27 7.84
N ASP JB 30 -55.71 -18.27 8.55
CA ASP JB 30 -56.19 -16.91 8.34
C ASP JB 30 -55.85 -16.41 6.95
N MET JB 31 -54.63 -16.70 6.46
CA MET JB 31 -54.25 -16.28 5.13
C MET JB 31 -55.14 -16.92 4.07
N LEU JB 32 -55.37 -18.22 4.19
CA LEU JB 32 -56.21 -18.90 3.19
C LEU JB 32 -57.63 -18.38 3.23
N THR JB 33 -58.18 -18.17 4.42
CA THR JB 33 -59.53 -17.64 4.52
C THR JB 33 -59.62 -16.26 3.90
N ASP JB 34 -58.62 -15.41 4.15
CA ASP JB 34 -58.63 -14.08 3.57
C ASP JB 34 -58.54 -14.13 2.06
N PHE JB 35 -57.72 -15.04 1.52
CA PHE JB 35 -57.61 -15.14 0.07
C PHE JB 35 -58.91 -15.64 -0.54
N ASN JB 36 -59.54 -16.63 0.07
CA ASN JB 36 -60.79 -17.14 -0.46
C ASN JB 36 -61.87 -16.08 -0.40
N PHE JB 37 -61.89 -15.28 0.66
CA PHE JB 37 -62.85 -14.21 0.77
C PHE JB 37 -62.61 -13.16 -0.31
N SER JB 38 -61.35 -12.80 -0.55
CA SER JB 38 -61.04 -11.85 -1.60
C SER JB 38 -61.45 -12.38 -2.96
N LEU JB 39 -61.29 -13.68 -3.17
CA LEU JB 39 -61.65 -14.25 -4.46
C LEU JB 39 -63.15 -14.23 -4.66
N GLU JB 40 -63.92 -14.62 -3.64
CA GLU JB 40 -65.36 -14.58 -3.77
C GLU JB 40 -65.86 -13.15 -3.90
N TYR JB 41 -65.18 -12.20 -3.28
CA TYR JB 41 -65.58 -10.80 -3.38
C TYR JB 41 -65.31 -10.25 -4.78
N HIS JB 42 -64.18 -10.64 -5.38
CA HIS JB 42 -63.89 -10.26 -6.76
C HIS JB 42 -64.82 -10.96 -7.73
N ARG JB 43 -65.26 -12.17 -7.40
CA ARG JB 43 -66.06 -12.96 -8.32
C ARG JB 43 -67.52 -12.58 -8.30
N ASN JB 44 -68.02 -12.12 -7.15
CA ASN JB 44 -69.45 -11.87 -6.97
C ASN JB 44 -69.78 -10.41 -6.68
N LYS JB 45 -69.14 -9.81 -5.68
CA LYS JB 45 -69.60 -8.54 -5.13
C LYS JB 45 -68.79 -7.32 -5.58
N GLU JB 46 -67.54 -7.51 -5.99
CA GLU JB 46 -66.68 -6.36 -6.26
C GLU JB 46 -67.12 -5.66 -7.53
N VAL JB 47 -67.33 -4.37 -7.43
CA VAL JB 47 -67.75 -3.53 -8.55
C VAL JB 47 -66.52 -2.87 -9.16
N PHE JB 48 -66.59 -2.65 -10.47
CA PHE JB 48 -65.50 -2.04 -11.23
C PHE JB 48 -64.21 -2.85 -11.03
N ALA JB 49 -64.36 -4.17 -11.07
CA ALA JB 49 -63.24 -5.09 -10.96
C ALA JB 49 -62.26 -4.91 -12.11
N HIS JB 50 -62.71 -5.24 -13.31
CA HIS JB 50 -61.93 -5.05 -14.52
C HIS JB 50 -62.43 -3.82 -15.27
N ASN JB 51 -61.54 -3.19 -16.03
CA ASN JB 51 -61.84 -1.95 -16.74
C ASN JB 51 -62.13 -2.19 -18.22
N GLY JB 52 -62.81 -3.29 -18.54
CA GLY JB 52 -63.21 -3.52 -19.91
C GLY JB 52 -62.10 -4.04 -20.79
N GLU JB 53 -61.03 -3.26 -20.92
CA GLU JB 53 -59.91 -3.65 -21.77
C GLU JB 53 -59.30 -5.00 -21.41
N GLN JB 54 -59.54 -5.50 -20.20
CA GLN JB 54 -59.06 -6.80 -19.77
C GLN JB 54 -59.93 -7.95 -20.27
N ILE JB 55 -60.81 -7.71 -21.24
CA ILE JB 55 -61.75 -8.71 -21.71
C ILE JB 55 -61.55 -8.94 -23.20
N LYS JB 56 -61.69 -10.19 -23.59
CA LYS JB 56 -61.56 -10.63 -24.97
C LYS JB 56 -62.95 -10.67 -25.61
N TYR JB 57 -62.98 -10.43 -26.91
CA TYR JB 57 -64.22 -10.56 -27.68
C TYR JB 57 -63.83 -10.99 -29.07
N GLU JB 58 -64.15 -12.25 -29.41
CA GLU JB 58 -63.77 -12.85 -30.68
C GLU JB 58 -65.02 -13.36 -31.38
N HIS JB 59 -65.18 -12.99 -32.65
CA HIS JB 59 -66.32 -13.45 -33.43
C HIS JB 59 -65.98 -13.32 -34.90
N LEU JB 60 -66.17 -14.42 -35.64
CA LEU JB 60 -65.89 -14.46 -37.07
C LEU JB 60 -64.44 -14.10 -37.36
N ASN JB 61 -63.54 -14.59 -36.50
CA ASN JB 61 -62.11 -14.25 -36.59
C ASN JB 61 -61.91 -12.74 -36.54
N VAL JB 62 -62.56 -12.11 -35.57
CA VAL JB 62 -62.37 -10.68 -35.29
C VAL JB 62 -62.16 -10.56 -33.79
N THR JB 63 -60.90 -10.58 -33.36
CA THR JB 63 -60.56 -10.43 -31.95
C THR JB 63 -60.38 -8.95 -31.63
N SER JB 64 -60.87 -8.56 -30.46
CA SER JB 64 -60.81 -7.17 -30.02
C SER JB 64 -61.34 -7.11 -28.60
N SER JB 65 -61.10 -5.98 -27.95
CA SER JB 65 -61.53 -5.78 -26.58
C SER JB 65 -62.95 -5.26 -26.55
N VAL JB 66 -63.65 -5.58 -25.47
CA VAL JB 66 -65.05 -5.19 -25.36
C VAL JB 66 -65.17 -3.69 -25.22
N SER JB 67 -64.23 -3.05 -24.52
CA SER JB 67 -64.31 -1.61 -24.34
C SER JB 67 -64.05 -0.88 -25.65
N ASP JB 68 -63.28 -1.46 -26.55
CA ASP JB 68 -63.10 -0.88 -27.87
C ASP JB 68 -64.30 -1.16 -28.76
N PHE JB 69 -64.88 -2.35 -28.63
CA PHE JB 69 -66.02 -2.67 -29.48
C PHE JB 69 -67.25 -1.88 -29.09
N LEU JB 70 -67.39 -1.53 -27.82
CA LEU JB 70 -68.52 -0.68 -27.44
C LEU JB 70 -68.37 0.71 -28.04
N THR JB 71 -67.15 1.24 -28.06
CA THR JB 71 -66.92 2.51 -28.72
C THR JB 71 -67.20 2.42 -30.20
N TYR JB 72 -66.82 1.30 -30.82
CA TYR JB 72 -67.07 1.12 -32.24
C TYR JB 72 -68.56 1.07 -32.53
N LEU JB 73 -69.32 0.39 -31.67
CA LEU JB 73 -70.77 0.31 -31.87
C LEU JB 73 -71.42 1.65 -31.66
N ASN JB 74 -71.00 2.39 -30.62
CA ASN JB 74 -71.55 3.71 -30.39
C ASN JB 74 -71.25 4.63 -31.55
N GLY JB 75 -70.04 4.52 -32.11
CA GLY JB 75 -69.71 5.29 -33.29
C GLY JB 75 -70.61 4.96 -34.47
N ARG JB 76 -70.74 3.67 -34.77
CA ARG JB 76 -71.58 3.26 -35.89
C ARG JB 76 -73.02 3.68 -35.68
N PHE JB 77 -73.47 3.71 -34.43
CA PHE JB 77 -74.86 4.07 -34.16
C PHE JB 77 -75.06 5.58 -34.30
N SER JB 78 -74.10 6.36 -33.83
CA SER JB 78 -74.16 7.80 -33.99
C SER JB 78 -73.86 8.25 -35.41
N ASN JB 79 -73.39 7.35 -36.27
CA ASN JB 79 -73.30 7.61 -37.70
C ASN JB 79 -74.37 6.90 -38.51
N MET JB 80 -75.23 6.13 -37.88
CA MET JB 80 -76.27 5.45 -38.63
C MET JB 80 -77.30 6.43 -39.13
N VAL JB 81 -77.77 6.20 -40.35
CA VAL JB 81 -78.74 7.06 -41.03
C VAL JB 81 -79.96 6.22 -41.33
N LEU JB 82 -81.14 6.82 -41.16
CA LEU JB 82 -82.39 6.11 -41.30
C LEU JB 82 -83.42 7.02 -41.95
N GLY JB 83 -84.27 6.43 -42.78
CA GLY JB 83 -85.27 7.16 -43.51
C GLY JB 83 -86.67 6.69 -43.18
N HIS JB 84 -87.61 7.63 -43.27
CA HIS JB 84 -89.02 7.37 -42.93
C HIS JB 84 -89.62 6.64 -44.12
N ASN JB 85 -89.21 5.38 -44.28
CA ASN JB 85 -89.63 4.59 -45.43
C ASN JB 85 -91.13 4.38 -45.43
N GLY JB 86 -91.71 4.25 -44.26
CA GLY JB 86 -93.13 4.06 -44.13
C GLY JB 86 -93.56 4.05 -42.69
N ASP JB 87 -94.73 3.47 -42.46
CA ASP JB 87 -95.32 3.43 -41.13
C ASP JB 87 -94.98 2.12 -40.42
N GLY JB 88 -93.68 1.81 -40.38
CA GLY JB 88 -93.20 0.62 -39.68
C GLY JB 88 -92.18 -0.21 -40.43
N ILE JB 89 -91.71 0.28 -41.57
CA ILE JB 89 -90.79 -0.49 -42.39
C ILE JB 89 -89.48 -0.71 -41.64
N ASN JB 90 -88.92 0.38 -41.09
CA ASN JB 90 -87.69 0.26 -40.31
C ASN JB 90 -87.90 -0.63 -39.11
N GLU JB 91 -89.06 -0.56 -38.49
CA GLU JB 91 -89.36 -1.36 -37.31
C GLU JB 91 -89.32 -2.85 -37.64
N VAL JB 92 -89.98 -3.25 -38.73
CA VAL JB 92 -89.98 -4.65 -39.14
C VAL JB 92 -88.57 -5.06 -39.56
N LYS JB 93 -87.85 -4.19 -40.25
CA LYS JB 93 -86.50 -4.53 -40.67
C LYS JB 93 -85.61 -4.76 -39.45
N ASP JB 94 -85.85 -4.02 -38.37
CA ASP JB 94 -85.12 -4.26 -37.13
C ASP JB 94 -85.52 -5.59 -36.52
N ALA JB 95 -86.81 -5.92 -36.57
CA ALA JB 95 -87.25 -7.19 -36.01
C ALA JB 95 -86.79 -8.39 -36.81
N ARG JB 96 -86.33 -8.20 -38.04
CA ARG JB 96 -85.98 -9.34 -38.90
C ARG JB 96 -84.85 -10.21 -38.37
N VAL JB 97 -84.06 -9.74 -37.40
CA VAL JB 97 -82.95 -10.54 -36.86
C VAL JB 97 -83.46 -11.42 -35.72
N ASP JB 98 -82.64 -12.44 -35.33
CA ASP JB 98 -82.97 -13.32 -34.18
C ASP JB 98 -81.76 -13.45 -33.25
N ASN JB 99 -81.54 -12.44 -32.42
CA ASN JB 99 -80.74 -12.53 -31.19
C ASN JB 99 -79.26 -12.88 -31.39
N THR JB 100 -78.84 -13.13 -32.63
CA THR JB 100 -77.51 -13.61 -32.94
C THR JB 100 -77.04 -13.05 -34.28
N GLY JB 101 -77.61 -11.93 -34.71
CA GLY JB 101 -77.45 -11.51 -36.08
C GLY JB 101 -78.15 -12.46 -37.02
N TYR JB 102 -77.50 -12.72 -38.15
CA TYR JB 102 -78.08 -13.51 -39.24
C TYR JB 102 -79.44 -12.95 -39.65
N ASP JB 103 -79.35 -11.76 -40.25
CA ASP JB 103 -80.54 -11.08 -40.73
C ASP JB 103 -81.31 -11.96 -41.70
N HIS JB 104 -82.56 -12.22 -41.35
CA HIS JB 104 -83.43 -12.98 -42.22
C HIS JB 104 -84.06 -12.06 -43.25
N LYS JB 105 -84.43 -12.63 -44.39
CA LYS JB 105 -85.00 -11.82 -45.46
C LYS JB 105 -86.41 -11.39 -45.16
N THR JB 106 -87.12 -12.14 -44.31
CA THR JB 106 -88.50 -11.83 -43.96
C THR JB 106 -88.72 -12.18 -42.50
N LEU JB 107 -89.51 -11.34 -41.84
CA LEU JB 107 -89.91 -11.61 -40.46
C LEU JB 107 -90.53 -13.00 -40.32
N GLN JB 108 -91.37 -13.39 -41.27
CA GLN JB 108 -91.98 -14.71 -41.21
C GLN JB 108 -90.92 -15.81 -41.22
N ASP JB 109 -89.89 -15.65 -42.06
CA ASP JB 109 -88.82 -16.63 -42.08
C ASP JB 109 -88.10 -16.66 -40.74
N ARG JB 110 -87.91 -15.49 -40.12
CA ARG JB 110 -87.26 -15.44 -38.82
C ARG JB 110 -88.06 -16.19 -37.77
N LEU JB 111 -89.37 -15.95 -37.74
CA LEU JB 111 -90.20 -16.61 -36.73
C LEU JB 111 -90.25 -18.11 -36.96
N TYR JB 112 -90.30 -18.54 -38.23
CA TYR JB 112 -90.26 -19.97 -38.51
C TYR JB 112 -88.94 -20.58 -38.04
N HIS JB 113 -87.84 -19.90 -38.28
CA HIS JB 113 -86.53 -20.43 -37.89
C HIS JB 113 -86.42 -20.52 -36.37
N ASP JB 114 -86.90 -19.51 -35.66
CA ASP JB 114 -86.86 -19.53 -34.20
C ASP JB 114 -87.69 -20.68 -33.65
N TYR JB 115 -88.94 -20.77 -34.10
CA TYR JB 115 -89.81 -21.85 -33.64
C TYR JB 115 -89.22 -23.21 -33.96
N SER JB 116 -88.60 -23.35 -35.13
CA SER JB 116 -88.02 -24.64 -35.50
C SER JB 116 -86.85 -24.99 -34.61
N THR JB 117 -85.99 -24.00 -34.31
CA THR JB 117 -84.87 -24.25 -33.42
C THR JB 117 -85.35 -24.65 -32.04
N LEU JB 118 -86.37 -23.97 -31.53
CA LEU JB 118 -86.87 -24.28 -30.20
C LEU JB 118 -87.53 -25.65 -30.16
N ASP JB 119 -88.30 -25.99 -31.19
CA ASP JB 119 -88.91 -27.31 -31.25
C ASP JB 119 -87.87 -28.39 -31.29
N ALA JB 120 -86.88 -28.27 -32.17
CA ALA JB 120 -85.82 -29.27 -32.27
C ALA JB 120 -85.10 -29.40 -30.94
N PHE JB 121 -84.84 -28.28 -30.28
CA PHE JB 121 -84.12 -28.32 -29.01
C PHE JB 121 -84.93 -29.05 -27.94
N THR JB 122 -86.16 -28.62 -27.72
CA THR JB 122 -86.96 -29.23 -26.65
C THR JB 122 -87.32 -30.68 -26.97
N LYS JB 123 -87.48 -31.01 -28.26
CA LYS JB 123 -87.80 -32.38 -28.62
C LYS JB 123 -86.60 -33.29 -28.45
N LYS JB 124 -85.41 -32.78 -28.79
CA LYS JB 124 -84.18 -33.51 -28.51
C LYS JB 124 -84.00 -33.69 -27.01
N VAL JB 125 -84.37 -32.67 -26.23
CA VAL JB 125 -84.31 -32.78 -24.78
C VAL JB 125 -85.24 -33.88 -24.28
N GLU JB 126 -86.45 -33.92 -24.81
CA GLU JB 126 -87.41 -34.93 -24.38
C GLU JB 126 -86.94 -36.32 -24.78
N LYS JB 127 -86.36 -36.45 -25.97
CA LYS JB 127 -85.81 -37.73 -26.38
C LYS JB 127 -84.70 -38.18 -25.45
N ALA JB 128 -83.82 -37.25 -25.08
CA ALA JB 128 -82.76 -37.57 -24.13
C ALA JB 128 -83.34 -38.01 -22.79
N VAL JB 129 -84.39 -37.32 -22.35
CA VAL JB 129 -85.05 -37.68 -21.09
C VAL JB 129 -85.59 -39.10 -21.17
N ASP JB 130 -86.28 -39.41 -22.26
CA ASP JB 130 -86.94 -40.70 -22.36
C ASP JB 130 -85.92 -41.83 -22.43
N GLU JB 131 -84.86 -41.65 -23.22
CA GLU JB 131 -83.86 -42.70 -23.31
C GLU JB 131 -83.10 -42.84 -22.00
N ASN JB 132 -82.86 -41.74 -21.29
CA ASN JB 132 -82.20 -41.84 -19.99
C ASN JB 132 -83.07 -42.59 -19.00
N TYR JB 133 -84.37 -42.30 -18.98
CA TYR JB 133 -85.29 -43.00 -18.10
C TYR JB 133 -85.34 -44.48 -18.44
N LYS JB 134 -85.39 -44.80 -19.73
CA LYS JB 134 -85.40 -46.19 -20.14
C LYS JB 134 -84.12 -46.90 -19.72
N GLU JB 135 -82.98 -46.24 -19.88
CA GLU JB 135 -81.71 -46.82 -19.46
C GLU JB 135 -81.70 -47.06 -17.97
N TYR JB 136 -82.21 -46.12 -17.19
CA TYR JB 136 -82.22 -46.27 -15.74
C TYR JB 136 -83.12 -47.41 -15.33
N ARG JB 137 -84.29 -47.53 -15.95
CA ARG JB 137 -85.19 -48.62 -15.62
C ARG JB 137 -84.57 -49.96 -15.96
N ALA JB 138 -83.89 -50.05 -17.10
CA ALA JB 138 -83.22 -51.29 -17.47
C ALA JB 138 -82.14 -51.63 -16.45
N THR JB 139 -81.30 -50.65 -16.12
CA THR JB 139 -80.18 -50.90 -15.21
C THR JB 139 -80.66 -51.28 -13.82
N GLU JB 140 -81.82 -50.76 -13.41
CA GLU JB 140 -82.33 -51.05 -12.08
C GLU JB 140 -83.04 -52.41 -12.05
N TYR JB 141 -84.02 -52.59 -12.93
CA TYR JB 141 -84.80 -53.82 -12.99
C TYR JB 141 -84.20 -54.84 -13.93
N ARG JB 142 -82.88 -54.85 -14.09
CA ARG JB 142 -82.23 -55.77 -15.01
C ARG JB 142 -82.48 -57.20 -14.58
N PHE JB 143 -83.33 -57.89 -15.31
CA PHE JB 143 -83.62 -59.31 -15.11
C PHE JB 143 -83.45 -59.96 -16.47
N GLU JB 144 -82.20 -60.30 -16.81
CA GLU JB 144 -81.84 -60.87 -18.10
C GLU JB 144 -81.13 -62.20 -17.86
N PRO JB 145 -81.87 -63.23 -17.45
CA PRO JB 145 -81.23 -64.52 -17.20
C PRO JB 145 -80.61 -65.18 -18.41
N LYS JB 146 -80.81 -64.64 -19.61
CA LYS JB 146 -80.14 -65.19 -20.79
C LYS JB 146 -78.67 -64.80 -20.84
N GLU JB 147 -78.28 -63.76 -20.10
CA GLU JB 147 -76.89 -63.32 -20.06
C GLU JB 147 -76.34 -63.13 -18.65
N GLN JB 148 -77.20 -62.87 -17.67
CA GLN JB 148 -76.73 -62.58 -16.32
C GLN JB 148 -76.01 -63.79 -15.73
N GLU JB 149 -75.21 -63.52 -14.72
CA GLU JB 149 -74.36 -64.53 -14.09
C GLU JB 149 -74.99 -64.98 -12.79
N PRO JB 150 -75.14 -66.27 -12.52
CA PRO JB 150 -75.73 -66.67 -11.23
C PRO JB 150 -74.83 -66.36 -10.05
N GLU JB 151 -75.28 -66.71 -8.85
CA GLU JB 151 -74.52 -66.44 -7.65
C GLU JB 151 -75.15 -67.21 -6.50
N PHE JB 152 -74.39 -67.36 -5.43
CA PHE JB 152 -74.83 -68.14 -4.29
C PHE JB 152 -75.95 -67.42 -3.53
N ILE JB 153 -76.84 -68.20 -2.95
CA ILE JB 153 -77.91 -67.70 -2.10
C ILE JB 153 -77.87 -68.46 -0.77
N THR JB 154 -77.95 -69.78 -0.86
CA THR JB 154 -78.00 -70.62 0.33
C THR JB 154 -77.80 -72.07 -0.10
N ASP JB 155 -77.14 -72.85 0.74
CA ASP JB 155 -77.05 -74.30 0.56
C ASP JB 155 -78.02 -74.97 1.51
N LEU JB 156 -78.74 -75.95 0.99
CA LEU JB 156 -79.75 -76.64 1.76
C LEU JB 156 -79.13 -77.75 2.59
N SER JB 157 -79.85 -78.17 3.63
CA SER JB 157 -79.41 -79.28 4.47
C SER JB 157 -80.62 -80.06 4.96
N PRO JB 158 -81.16 -80.93 4.10
CA PRO JB 158 -82.14 -81.93 4.55
C PRO JB 158 -81.48 -83.25 4.87
N TYR JB 159 -81.94 -83.88 5.95
CA TYR JB 159 -81.35 -85.13 6.41
C TYR JB 159 -81.91 -86.26 5.55
N THR JB 160 -81.34 -86.39 4.35
CA THR JB 160 -81.66 -87.50 3.47
C THR JB 160 -80.52 -87.67 2.46
N ASN JB 161 -80.27 -88.92 2.11
CA ASN JB 161 -79.23 -89.28 1.14
C ASN JB 161 -79.90 -89.65 -0.17
N ALA JB 162 -80.14 -88.64 -1.01
CA ALA JB 162 -80.71 -88.87 -2.32
C ALA JB 162 -80.51 -87.62 -3.16
N VAL JB 163 -81.00 -87.65 -4.39
CA VAL JB 163 -80.90 -86.51 -5.29
C VAL JB 163 -82.08 -85.59 -5.00
N MET JB 164 -81.79 -84.31 -4.77
CA MET JB 164 -82.86 -83.34 -4.64
C MET JB 164 -83.56 -83.20 -5.99
N GLN JB 165 -84.88 -83.32 -5.97
CA GLN JB 165 -85.64 -83.24 -7.21
C GLN JB 165 -86.09 -81.82 -7.51
N SER JB 166 -86.56 -81.10 -6.49
CA SER JB 166 -86.81 -79.68 -6.69
C SER JB 166 -86.96 -78.98 -5.35
N PHE JB 167 -87.25 -77.69 -5.44
CA PHE JB 167 -87.36 -76.84 -4.27
C PHE JB 167 -88.32 -75.71 -4.57
N TRP JB 168 -88.68 -74.99 -3.52
CA TRP JB 168 -89.53 -73.81 -3.66
C TRP JB 168 -89.45 -72.99 -2.39
N VAL JB 169 -89.16 -71.73 -2.55
CA VAL JB 169 -89.07 -70.80 -1.43
C VAL JB 169 -90.43 -70.20 -1.18
N ASP JB 170 -90.72 -69.91 0.09
CA ASP JB 170 -91.94 -69.21 0.45
C ASP JB 170 -91.61 -67.73 0.64
N PRO JB 171 -92.09 -66.82 -0.21
CA PRO JB 171 -91.69 -65.42 -0.05
C PRO JB 171 -92.22 -64.77 1.20
N ARG JB 172 -93.18 -65.38 1.87
CA ARG JB 172 -93.79 -64.80 3.06
C ARG JB 172 -93.19 -65.33 4.34
N THR JB 173 -92.86 -66.62 4.36
CA THR JB 173 -92.30 -67.29 5.52
C THR JB 173 -90.85 -67.67 5.35
N LYS JB 174 -90.33 -67.66 4.13
CA LYS JB 174 -88.92 -67.84 3.84
C LYS JB 174 -88.40 -69.22 4.19
N ILE JB 175 -89.28 -70.19 4.33
CA ILE JB 175 -88.90 -71.58 4.40
C ILE JB 175 -88.73 -72.10 2.98
N ILE JB 176 -87.74 -72.98 2.82
CA ILE JB 176 -87.52 -73.70 1.57
C ILE JB 176 -88.17 -75.07 1.72
N TYR JB 177 -89.15 -75.34 0.89
CA TYR JB 177 -89.76 -76.66 0.81
C TYR JB 177 -89.03 -77.41 -0.30
N MET JB 178 -88.33 -78.47 0.07
CA MET JB 178 -87.50 -79.24 -0.84
C MET JB 178 -88.13 -80.60 -1.03
N THR JB 179 -88.44 -80.93 -2.27
CA THR JB 179 -88.96 -82.23 -2.63
C THR JB 179 -87.84 -83.12 -3.13
N GLN JB 180 -87.74 -84.32 -2.55
CA GLN JB 180 -86.61 -85.20 -2.73
C GLN JB 180 -87.09 -86.63 -2.84
N ALA JB 181 -86.71 -87.30 -3.92
CA ALA JB 181 -87.12 -88.67 -4.17
C ALA JB 181 -86.64 -89.59 -3.05
N ARG JB 182 -87.13 -90.82 -3.07
CA ARG JB 182 -86.63 -91.86 -2.19
C ARG JB 182 -86.64 -93.18 -2.94
N PRO JB 183 -85.81 -94.16 -2.52
CA PRO JB 183 -85.80 -95.45 -3.22
C PRO JB 183 -87.14 -96.15 -3.17
N GLY JB 184 -87.77 -96.28 -4.33
CA GLY JB 184 -89.10 -96.83 -4.43
C GLY JB 184 -90.08 -95.82 -4.99
N ASN JB 185 -91.37 -96.07 -4.79
CA ASN JB 185 -92.41 -95.17 -5.28
C ASN JB 185 -92.86 -94.20 -4.19
N HIS JB 186 -91.91 -93.42 -3.69
CA HIS JB 186 -92.17 -92.51 -2.58
C HIS JB 186 -91.14 -91.41 -2.60
N TYR JB 187 -91.55 -90.26 -2.06
CA TYR JB 187 -90.63 -89.14 -1.91
C TYR JB 187 -90.96 -88.42 -0.61
N MET JB 188 -90.20 -87.37 -0.35
CA MET JB 188 -90.28 -86.66 0.92
C MET JB 188 -90.15 -85.18 0.65
N LEU JB 189 -91.01 -84.42 1.33
CA LEU JB 189 -90.92 -82.98 1.38
C LEU JB 189 -90.25 -82.58 2.68
N SER JB 190 -89.48 -81.50 2.63
CA SER JB 190 -88.68 -81.09 3.78
C SER JB 190 -88.71 -79.58 3.89
N ARG JB 191 -89.12 -79.08 5.05
CA ARG JB 191 -89.12 -77.67 5.36
C ARG JB 191 -87.79 -77.32 6.00
N LEU JB 192 -87.04 -76.44 5.35
CA LEU JB 192 -85.72 -76.03 5.79
C LEU JB 192 -85.67 -74.52 5.93
N LYS JB 193 -84.74 -74.07 6.76
CA LYS JB 193 -84.55 -72.68 7.05
C LYS JB 193 -83.92 -71.98 5.84
N PRO JB 194 -83.87 -70.64 5.87
CA PRO JB 194 -83.21 -69.93 4.77
C PRO JB 194 -81.76 -70.33 4.56
N ASN JB 195 -81.01 -70.47 5.64
CA ASN JB 195 -79.63 -70.97 5.56
C ASN JB 195 -79.56 -72.44 5.18
N GLY JB 196 -80.69 -73.14 5.09
CA GLY JB 196 -80.74 -74.53 4.72
C GLY JB 196 -80.88 -75.49 5.88
N GLN JB 197 -80.87 -75.00 7.11
CA GLN JB 197 -81.01 -75.87 8.26
C GLN JB 197 -82.34 -76.60 8.22
N PHE JB 198 -82.35 -77.79 8.82
CA PHE JB 198 -83.53 -78.63 8.81
C PHE JB 198 -84.51 -78.17 9.87
N ILE JB 199 -85.80 -78.25 9.54
CA ILE JB 199 -86.88 -77.89 10.45
C ILE JB 199 -87.83 -79.07 10.56
N ASP JB 200 -88.39 -79.50 9.43
CA ASP JB 200 -89.47 -80.48 9.45
C ASP JB 200 -89.42 -81.29 8.16
N ARG JB 201 -90.14 -82.41 8.16
CA ARG JB 201 -90.26 -83.23 6.96
C ARG JB 201 -91.63 -83.88 6.91
N LEU JB 202 -91.88 -84.55 5.80
CA LEU JB 202 -93.16 -85.17 5.50
C LEU JB 202 -92.92 -86.22 4.43
N LEU JB 203 -93.16 -87.48 4.76
CA LEU JB 203 -92.98 -88.58 3.82
C LEU JB 203 -94.29 -88.84 3.09
N VAL JB 204 -94.31 -88.61 1.79
CA VAL JB 204 -95.48 -88.96 1.00
C VAL JB 204 -95.29 -90.41 0.55
N LYS JB 205 -96.18 -91.28 1.03
CA LYS JB 205 -96.03 -92.72 0.83
C LYS JB 205 -96.08 -93.09 -0.63
N ASN JB 206 -96.83 -92.34 -1.43
CA ASN JB 206 -97.19 -92.72 -2.78
C ASN JB 206 -96.97 -91.59 -3.77
N GLY JB 207 -96.12 -90.63 -3.42
CA GLY JB 207 -96.05 -89.40 -4.19
C GLY JB 207 -95.33 -89.56 -5.51
N GLY JB 208 -94.34 -90.44 -5.56
CA GLY JB 208 -93.57 -90.65 -6.76
C GLY JB 208 -92.19 -90.01 -6.68
N HIS JB 209 -91.89 -89.21 -7.70
CA HIS JB 209 -90.59 -88.54 -7.76
C HIS JB 209 -90.66 -87.16 -7.12
N GLY JB 210 -91.78 -86.48 -7.28
CA GLY JB 210 -91.98 -85.18 -6.65
C GLY JB 210 -91.44 -84.03 -7.46
N THR JB 211 -91.38 -84.20 -8.79
CA THR JB 211 -90.61 -83.38 -9.75
C THR JB 211 -90.81 -81.90 -9.44
N HIS JB 212 -92.03 -81.37 -9.44
CA HIS JB 212 -92.28 -80.01 -9.00
C HIS JB 212 -93.73 -79.88 -8.58
N ASN JB 213 -93.94 -79.22 -7.46
CA ASN JB 213 -95.26 -79.00 -6.88
C ASN JB 213 -95.57 -77.52 -6.85
N ALA JB 214 -96.84 -77.20 -6.98
CA ALA JB 214 -97.30 -75.82 -7.00
C ALA JB 214 -97.73 -75.43 -5.59
N TYR JB 215 -97.03 -74.47 -5.00
CA TYR JB 215 -97.26 -74.07 -3.63
C TYR JB 215 -98.15 -72.83 -3.63
N ARG JB 216 -99.44 -73.06 -3.78
CA ARG JB 216 -100.40 -71.97 -3.81
C ARG JB 216 -100.55 -71.39 -2.41
N TYR JB 217 -100.86 -70.10 -2.38
CA TYR JB 217 -101.05 -69.38 -1.12
C TYR JB 217 -102.43 -68.73 -1.16
N ILE JB 218 -103.42 -69.42 -0.60
CA ILE JB 218 -104.66 -68.75 -0.23
C ILE JB 218 -104.34 -67.78 0.91
N GLY JB 219 -105.20 -66.78 1.07
CA GLY JB 219 -105.00 -65.76 2.09
C GLY JB 219 -104.77 -66.32 3.48
N ASN JB 220 -103.54 -66.19 3.95
CA ASN JB 220 -103.11 -66.77 5.22
C ASN JB 220 -103.34 -68.28 5.25
N GLU JB 221 -102.89 -68.95 4.20
CA GLU JB 221 -102.93 -70.40 4.14
C GLU JB 221 -102.09 -70.87 2.96
N LEU JB 222 -101.49 -72.04 3.12
CA LEU JB 222 -100.68 -72.67 2.09
C LEU JB 222 -101.33 -73.95 1.62
N TRP JB 223 -101.15 -74.28 0.34
CA TRP JB 223 -101.68 -75.50 -0.21
C TRP JB 223 -100.72 -76.03 -1.27
N ILE JB 224 -100.33 -77.29 -1.10
CA ILE JB 224 -99.34 -77.93 -1.96
C ILE JB 224 -100.10 -78.77 -2.97
N TYR JB 225 -99.87 -78.50 -4.26
CA TYR JB 225 -100.45 -79.25 -5.35
C TYR JB 225 -99.37 -80.15 -5.93
N SER JB 226 -99.60 -81.46 -5.91
CA SER JB 226 -98.60 -82.44 -6.30
C SER JB 226 -99.27 -83.51 -7.15
N ALA JB 227 -98.47 -84.48 -7.56
CA ALA JB 227 -98.90 -85.58 -8.42
C ALA JB 227 -98.67 -86.88 -7.67
N VAL JB 228 -99.67 -87.28 -6.87
CA VAL JB 228 -99.58 -88.52 -6.13
C VAL JB 228 -100.01 -89.69 -7.01
N LEU JB 229 -99.54 -90.88 -6.65
CA LEU JB 229 -99.81 -92.11 -7.37
C LEU JB 229 -100.56 -93.06 -6.45
N ASP JB 230 -101.88 -93.08 -6.55
CA ASP JB 230 -102.71 -93.82 -5.61
C ASP JB 230 -102.40 -95.31 -5.66
N ALA JB 231 -103.10 -96.06 -4.79
CA ALA JB 231 -102.84 -97.50 -4.64
C ALA JB 231 -102.89 -98.22 -5.97
N ASN JB 232 -103.78 -97.80 -6.86
CA ASN JB 232 -103.72 -98.19 -8.25
C ASN JB 232 -102.78 -97.27 -9.01
N GLU JB 233 -102.04 -97.84 -9.94
CA GLU JB 233 -100.97 -97.10 -10.60
C GLU JB 233 -101.57 -96.04 -11.53
N ASN JB 234 -102.06 -94.96 -10.93
CA ASN JB 234 -102.66 -93.86 -11.66
C ASN JB 234 -102.15 -92.55 -11.06
N ASN JB 235 -101.76 -91.63 -11.93
CA ASN JB 235 -101.17 -90.36 -11.50
C ASN JB 235 -102.29 -89.40 -11.18
N LYS JB 236 -102.58 -89.24 -9.89
CA LYS JB 236 -103.60 -88.33 -9.42
C LYS JB 236 -102.97 -86.99 -9.09
N PHE JB 237 -103.52 -85.91 -9.66
CA PHE JB 237 -103.09 -84.55 -9.33
C PHE JB 237 -103.96 -84.06 -8.19
N VAL JB 238 -103.34 -83.81 -7.05
CA VAL JB 238 -104.07 -83.66 -5.78
C VAL JB 238 -103.44 -82.54 -4.98
N ARG JB 239 -104.27 -81.84 -4.20
CA ARG JB 239 -103.85 -80.77 -3.33
C ARG JB 239 -103.97 -81.21 -1.88
N PHE JB 240 -103.16 -80.60 -1.02
CA PHE JB 240 -103.17 -80.95 0.40
C PHE JB 240 -102.45 -79.87 1.18
N GLN JB 241 -102.30 -80.12 2.48
CA GLN JB 241 -101.74 -79.20 3.45
C GLN JB 241 -100.56 -79.87 4.15
N TYR JB 242 -99.62 -79.05 4.61
CA TYR JB 242 -98.44 -79.58 5.28
C TYR JB 242 -98.72 -79.92 6.73
N ARG JB 243 -98.23 -81.08 7.15
CA ARG JB 243 -98.21 -81.45 8.56
C ARG JB 243 -97.19 -82.57 8.72
N THR JB 244 -96.39 -82.48 9.79
CA THR JB 244 -95.31 -83.41 10.01
C THR JB 244 -95.81 -84.85 10.08
N GLY JB 245 -95.01 -85.77 9.53
CA GLY JB 245 -95.31 -87.19 9.55
C GLY JB 245 -95.28 -87.84 8.19
N GLU JB 246 -96.33 -88.59 7.87
CA GLU JB 246 -96.46 -89.21 6.56
C GLU JB 246 -97.88 -89.03 6.05
N ILE JB 247 -98.02 -89.05 4.73
CA ILE JB 247 -99.32 -88.84 4.09
C ILE JB 247 -99.48 -89.78 2.90
N THR JB 248 -100.73 -90.17 2.65
CA THR JB 248 -101.07 -91.05 1.54
C THR JB 248 -102.42 -90.64 1.00
N TYR JB 249 -102.75 -91.12 -0.19
CA TYR JB 249 -104.05 -90.86 -0.78
C TYR JB 249 -105.15 -91.39 0.13
N GLY JB 250 -106.15 -90.54 0.37
CA GLY JB 250 -107.25 -90.89 1.24
C GLY JB 250 -107.96 -89.67 1.79
N ASN JB 251 -108.11 -89.63 3.11
CA ASN JB 251 -108.84 -88.55 3.75
C ASN JB 251 -108.01 -87.28 3.82
N GLU JB 252 -106.75 -87.39 4.21
CA GLU JB 252 -105.89 -86.22 4.33
C GLU JB 252 -105.69 -85.56 2.98
N MET JB 253 -105.58 -86.37 1.93
CA MET JB 253 -105.39 -85.87 0.58
C MET JB 253 -106.72 -85.43 0.01
N GLN JB 254 -106.77 -84.22 -0.54
CA GLN JB 254 -107.99 -83.61 -1.06
C GLN JB 254 -107.83 -83.46 -2.56
N ASP JB 255 -108.55 -84.29 -3.33
CA ASP JB 255 -108.46 -84.23 -4.78
C ASP JB 255 -108.99 -82.90 -5.30
N VAL JB 256 -108.48 -82.51 -6.46
CA VAL JB 256 -108.87 -81.28 -7.13
C VAL JB 256 -109.17 -81.60 -8.58
N MET JB 257 -110.40 -81.29 -9.02
CA MET JB 257 -110.88 -81.52 -10.38
C MET JB 257 -110.59 -82.95 -10.81
N PRO JB 258 -111.28 -83.94 -10.23
CA PRO JB 258 -110.99 -85.34 -10.53
C PRO JB 258 -111.62 -85.85 -11.83
N ASN JB 259 -111.49 -85.07 -12.89
CA ASN JB 259 -112.04 -85.39 -14.20
C ASN JB 259 -111.05 -85.24 -15.33
N ILE JB 260 -110.19 -84.23 -15.29
CA ILE JB 260 -109.32 -83.89 -16.42
C ILE JB 260 -107.87 -83.72 -15.97
N PHE JB 261 -107.53 -84.24 -14.79
CA PHE JB 261 -106.17 -84.14 -14.27
C PHE JB 261 -105.71 -85.44 -13.64
N ASN JB 262 -106.37 -86.55 -13.93
CA ASN JB 262 -106.04 -87.83 -13.34
C ASN JB 262 -105.92 -88.93 -14.37
N ASP JB 263 -105.94 -88.59 -15.67
CA ASP JB 263 -105.58 -89.53 -16.73
C ASP JB 263 -104.10 -89.52 -17.05
N ARG JB 264 -103.53 -88.35 -17.33
CA ARG JB 264 -102.13 -88.20 -17.68
C ARG JB 264 -101.36 -87.71 -16.46
N TYR JB 265 -100.11 -88.12 -16.36
CA TYR JB 265 -99.27 -87.66 -15.27
C TYR JB 265 -99.05 -86.16 -15.41
N THR JB 266 -99.44 -85.43 -14.38
CA THR JB 266 -99.62 -83.99 -14.43
C THR JB 266 -98.96 -83.36 -13.21
N SER JB 267 -97.85 -82.66 -13.45
CA SER JB 267 -97.18 -81.85 -12.44
C SER JB 267 -97.59 -80.40 -12.62
N ALA JB 268 -97.33 -79.58 -11.60
CA ALA JB 268 -97.94 -78.27 -11.50
C ALA JB 268 -97.00 -77.22 -10.92
N ILE JB 269 -97.16 -76.01 -11.42
CA ILE JB 269 -96.50 -74.81 -10.92
C ILE JB 269 -97.58 -73.75 -10.74
N TYR JB 270 -97.38 -72.84 -9.79
CA TYR JB 270 -98.28 -71.73 -9.54
C TYR JB 270 -97.50 -70.42 -9.58
N ASN JB 271 -98.04 -69.43 -10.29
CA ASN JB 271 -97.48 -68.10 -10.39
C ASN JB 271 -98.43 -67.12 -9.73
N PRO JB 272 -98.06 -66.45 -8.62
CA PRO JB 272 -99.06 -65.65 -7.90
C PRO JB 272 -99.26 -64.27 -8.48
N ILE JB 273 -98.24 -63.74 -9.15
CA ILE JB 273 -98.32 -62.37 -9.66
C ILE JB 273 -99.41 -62.26 -10.71
N GLU JB 274 -99.56 -63.28 -11.55
CA GLU JB 274 -100.63 -63.37 -12.52
C GLU JB 274 -101.74 -64.32 -12.10
N ASN JB 275 -101.58 -65.02 -10.98
CA ASN JB 275 -102.58 -65.95 -10.48
C ASN JB 275 -102.87 -67.05 -11.50
N LEU JB 276 -101.79 -67.67 -11.97
CA LEU JB 276 -101.85 -68.68 -13.01
C LEU JB 276 -101.32 -70.01 -12.49
N MET JB 277 -101.65 -71.07 -13.22
CA MET JB 277 -101.16 -72.41 -12.93
C MET JB 277 -100.66 -73.03 -14.22
N ILE JB 278 -99.41 -73.47 -14.19
CA ILE JB 278 -98.78 -74.12 -15.34
C ILE JB 278 -98.73 -75.61 -15.06
N PHE JB 279 -99.50 -76.38 -15.83
CA PHE JB 279 -99.46 -77.84 -15.74
C PHE JB 279 -98.51 -78.36 -16.80
N ARG JB 280 -97.61 -79.24 -16.38
CA ARG JB 280 -96.81 -80.06 -17.29
C ARG JB 280 -97.43 -81.44 -17.30
N ARG JB 281 -97.82 -81.91 -18.48
CA ARG JB 281 -98.51 -83.19 -18.63
C ARG JB 281 -97.76 -84.05 -19.62
N GLU JB 282 -97.45 -85.28 -19.25
CA GLU JB 282 -96.72 -86.14 -20.18
C GLU JB 282 -97.66 -86.67 -21.25
N TYR JB 283 -97.07 -87.07 -22.38
CA TYR JB 283 -97.80 -87.73 -23.46
C TYR JB 283 -97.76 -89.23 -23.20
N LYS JB 284 -98.94 -89.84 -23.08
CA LYS JB 284 -99.00 -91.29 -23.05
C LYS JB 284 -98.47 -91.84 -24.36
N ALA JB 285 -98.02 -93.11 -24.32
CA ALA JB 285 -97.07 -93.69 -25.25
C ALA JB 285 -97.26 -93.36 -26.73
N SER JB 286 -98.45 -93.62 -27.27
CA SER JB 286 -98.64 -93.50 -28.72
C SER JB 286 -98.55 -92.05 -29.17
N GLU JB 287 -99.22 -91.16 -28.45
CA GLU JB 287 -99.19 -89.75 -28.80
C GLU JB 287 -97.77 -89.21 -28.72
N ARG JB 288 -97.06 -89.56 -27.64
CA ARG JB 288 -95.65 -89.24 -27.51
C ARG JB 288 -94.87 -89.69 -28.73
N GLN JB 289 -94.97 -90.98 -29.07
CA GLN JB 289 -94.12 -91.57 -30.09
C GLN JB 289 -94.35 -90.92 -31.44
N LEU JB 290 -95.62 -90.68 -31.79
CA LEU JB 290 -95.89 -90.03 -33.06
C LEU JB 290 -95.41 -88.58 -33.04
N LYS JB 291 -95.91 -87.78 -32.09
CA LYS JB 291 -95.69 -86.35 -32.16
C LYS JB 291 -94.29 -85.92 -31.77
N ASN JB 292 -93.43 -86.83 -31.31
CA ASN JB 292 -92.05 -86.51 -30.95
C ASN JB 292 -92.03 -85.44 -29.86
N SER JB 293 -92.87 -85.63 -28.85
CA SER JB 293 -92.98 -84.70 -27.73
C SER JB 293 -93.32 -85.52 -26.50
N LEU JB 294 -92.37 -85.63 -25.58
CA LEU JB 294 -92.56 -86.48 -24.41
C LEU JB 294 -93.60 -85.89 -23.46
N ASN JB 295 -93.82 -84.59 -23.53
CA ASN JB 295 -94.77 -83.92 -22.64
C ASN JB 295 -95.22 -82.63 -23.31
N PHE JB 296 -96.09 -81.90 -22.61
CA PHE JB 296 -96.47 -80.56 -23.03
C PHE JB 296 -96.77 -79.75 -21.79
N VAL JB 297 -97.08 -78.49 -22.05
CA VAL JB 297 -97.36 -77.51 -21.02
C VAL JB 297 -98.67 -76.82 -21.35
N GLU JB 298 -99.45 -76.53 -20.32
CA GLU JB 298 -100.71 -75.84 -20.48
C GLU JB 298 -100.89 -74.86 -19.33
N VAL JB 299 -101.07 -73.59 -19.69
CA VAL JB 299 -101.28 -72.53 -18.72
C VAL JB 299 -102.77 -72.29 -18.58
N ARG JB 300 -103.26 -72.42 -17.35
CA ARG JB 300 -104.63 -72.21 -16.97
C ARG JB 300 -104.68 -71.14 -15.88
N SER JB 301 -105.88 -70.66 -15.58
CA SER JB 301 -106.06 -69.68 -14.53
C SER JB 301 -106.22 -70.36 -13.18
N ALA JB 302 -105.54 -69.80 -12.17
CA ALA JB 302 -105.59 -70.37 -10.83
C ALA JB 302 -107.00 -70.36 -10.28
N ASP JB 303 -107.69 -69.22 -10.40
CA ASP JB 303 -109.07 -69.13 -9.92
C ASP JB 303 -109.99 -70.04 -10.71
N ASP JB 304 -109.69 -70.25 -11.98
CA ASP JB 304 -110.50 -71.14 -12.80
C ASP JB 304 -110.36 -72.58 -12.31
N ILE JB 305 -109.12 -73.02 -12.08
CA ILE JB 305 -108.91 -74.35 -11.52
C ILE JB 305 -109.53 -74.45 -10.14
N ASP JB 306 -109.55 -73.35 -9.40
CA ASP JB 306 -110.14 -73.34 -8.06
C ASP JB 306 -111.63 -73.62 -8.14
N LYS JB 307 -112.35 -72.85 -8.96
CA LYS JB 307 -113.78 -73.05 -9.09
C LYS JB 307 -114.11 -74.31 -9.87
N GLY JB 308 -113.13 -74.92 -10.56
CA GLY JB 308 -113.30 -76.26 -11.08
C GLY JB 308 -113.96 -76.34 -12.45
N ILE JB 309 -113.36 -75.72 -13.46
CA ILE JB 309 -113.81 -75.86 -14.83
C ILE JB 309 -112.59 -75.91 -15.75
N ASP JB 310 -112.85 -76.22 -17.01
CA ASP JB 310 -111.83 -76.25 -18.04
C ASP JB 310 -111.73 -74.86 -18.66
N LYS JB 311 -110.56 -74.25 -18.55
CA LYS JB 311 -110.26 -73.03 -19.31
C LYS JB 311 -108.77 -73.04 -19.58
N VAL JB 312 -108.39 -73.64 -20.70
CA VAL JB 312 -107.02 -73.60 -21.17
C VAL JB 312 -106.76 -72.22 -21.76
N LEU JB 313 -105.74 -71.54 -21.25
CA LEU JB 313 -105.37 -70.23 -21.74
C LEU JB 313 -104.20 -70.28 -22.70
N TYR JB 314 -103.29 -71.22 -22.50
CA TYR JB 314 -102.18 -71.36 -23.43
C TYR JB 314 -101.71 -72.80 -23.47
N GLN JB 315 -101.11 -73.18 -24.60
CA GLN JB 315 -100.58 -74.50 -24.83
C GLN JB 315 -99.15 -74.39 -25.31
N MET JB 316 -98.41 -75.49 -25.16
CA MET JB 316 -97.07 -75.56 -25.70
C MET JB 316 -96.67 -77.02 -25.82
N ASP JB 317 -96.58 -77.53 -27.05
CA ASP JB 317 -96.11 -78.86 -27.33
C ASP JB 317 -94.59 -78.76 -27.50
N ILE JB 318 -93.88 -79.00 -26.41
CA ILE JB 318 -92.42 -78.88 -26.38
C ILE JB 318 -91.81 -79.95 -27.29
N PRO JB 319 -90.65 -79.71 -27.92
CA PRO JB 319 -89.96 -80.80 -28.63
C PRO JB 319 -89.31 -81.80 -27.71
N MET JB 320 -88.54 -82.71 -28.31
CA MET JB 320 -87.83 -83.77 -27.62
C MET JB 320 -86.37 -83.42 -27.34
N GLU JB 321 -85.82 -82.41 -28.02
CA GLU JB 321 -84.44 -82.02 -27.80
C GLU JB 321 -84.22 -81.55 -26.37
N TYR JB 322 -85.21 -80.90 -25.78
CA TYR JB 322 -85.13 -80.40 -24.42
C TYR JB 322 -85.63 -81.39 -23.39
N THR JB 323 -85.79 -82.67 -23.77
CA THR JB 323 -86.16 -83.71 -22.83
C THR JB 323 -85.46 -85.03 -23.09
N SER JB 324 -84.54 -85.11 -24.04
CA SER JB 324 -83.86 -86.36 -24.32
C SER JB 324 -83.01 -86.79 -23.13
N ASP JB 325 -82.46 -88.01 -23.22
CA ASP JB 325 -81.66 -88.55 -22.13
C ASP JB 325 -80.43 -87.69 -21.85
N THR JB 326 -79.93 -86.99 -22.87
CA THR JB 326 -78.79 -86.11 -22.68
C THR JB 326 -79.19 -84.78 -22.04
N GLN JB 327 -80.44 -84.37 -22.16
CA GLN JB 327 -80.92 -83.12 -21.57
C GLN JB 327 -82.37 -83.32 -21.14
N PRO JB 328 -82.60 -84.09 -20.09
CA PRO JB 328 -83.96 -84.27 -19.58
C PRO JB 328 -84.39 -83.12 -18.71
N MET JB 329 -85.71 -82.94 -18.63
CA MET JB 329 -86.26 -81.88 -17.81
C MET JB 329 -85.96 -82.15 -16.34
N GLN JB 330 -85.59 -81.08 -15.63
CA GLN JB 330 -85.46 -81.15 -14.18
C GLN JB 330 -85.98 -79.88 -13.51
N GLY JB 331 -86.85 -79.13 -14.18
CA GLY JB 331 -87.42 -77.93 -13.59
C GLY JB 331 -88.11 -77.00 -14.57
N ILE JB 332 -89.20 -76.38 -14.16
CA ILE JB 332 -89.90 -75.40 -14.98
C ILE JB 332 -90.47 -74.31 -14.09
N THR JB 333 -90.75 -73.17 -14.71
CA THR JB 333 -91.45 -72.08 -14.03
C THR JB 333 -91.93 -71.08 -15.07
N TYR JB 334 -92.60 -70.03 -14.58
CA TYR JB 334 -93.17 -68.99 -15.44
C TYR JB 334 -92.97 -67.65 -14.76
N ASP JB 335 -92.29 -66.73 -15.45
CA ASP JB 335 -92.00 -65.40 -14.93
C ASP JB 335 -93.00 -64.35 -15.39
N ALA JB 336 -94.24 -64.76 -15.66
CA ALA JB 336 -95.25 -63.86 -16.23
C ALA JB 336 -94.79 -63.28 -17.56
N GLY JB 337 -94.62 -64.19 -18.51
CA GLY JB 337 -94.31 -63.83 -19.88
C GLY JB 337 -93.46 -64.84 -20.63
N ILE JB 338 -92.66 -65.63 -19.91
CA ILE JB 338 -91.80 -66.65 -20.49
C ILE JB 338 -91.86 -67.89 -19.63
N LEU JB 339 -91.89 -69.05 -20.26
CA LEU JB 339 -91.81 -70.32 -19.57
C LEU JB 339 -90.36 -70.75 -19.53
N TYR JB 340 -89.78 -70.73 -18.34
CA TYR JB 340 -88.40 -71.15 -18.16
C TYR JB 340 -88.38 -72.65 -17.97
N TRP JB 341 -87.45 -73.29 -18.67
CA TRP JB 341 -87.31 -74.74 -18.70
C TRP JB 341 -85.85 -75.07 -18.44
N TYR JB 342 -85.63 -76.07 -17.60
CA TYR JB 342 -84.31 -76.47 -17.15
C TYR JB 342 -84.02 -77.88 -17.62
N THR JB 343 -82.82 -78.10 -18.14
CA THR JB 343 -82.42 -79.39 -18.68
C THR JB 343 -81.01 -79.69 -18.24
N GLY JB 344 -80.73 -80.97 -18.08
CA GLY JB 344 -79.43 -81.41 -17.62
C GLY JB 344 -79.45 -82.87 -17.27
N ASP JB 345 -78.41 -83.60 -17.65
CA ASP JB 345 -78.25 -84.99 -17.32
C ASP JB 345 -77.23 -85.12 -16.19
N SER JB 346 -77.25 -86.28 -15.53
CA SER JB 346 -76.31 -86.52 -14.45
C SER JB 346 -74.92 -86.80 -15.00
N LYS JB 347 -74.35 -85.81 -15.66
CA LYS JB 347 -73.06 -85.94 -16.31
C LYS JB 347 -72.56 -84.53 -16.57
N PRO JB 348 -71.39 -84.13 -16.07
CA PRO JB 348 -70.93 -82.75 -16.32
C PRO JB 348 -70.35 -82.55 -17.70
N ALA JB 349 -70.03 -83.63 -18.42
CA ALA JB 349 -69.58 -83.48 -19.81
C ALA JB 349 -70.63 -82.77 -20.65
N ASN JB 350 -71.88 -83.20 -20.54
CA ASN JB 350 -72.99 -82.54 -21.20
C ASN JB 350 -73.42 -81.35 -20.36
N PRO JB 351 -73.12 -80.10 -20.75
CA PRO JB 351 -73.49 -78.98 -19.89
C PRO JB 351 -74.99 -78.83 -19.79
N ASN JB 352 -75.44 -78.38 -18.63
CA ASN JB 352 -76.85 -78.16 -18.38
C ASN JB 352 -77.28 -76.85 -19.01
N TYR JB 353 -78.55 -76.78 -19.38
CA TYR JB 353 -79.08 -75.66 -20.15
C TYR JB 353 -80.37 -75.17 -19.50
N LEU JB 354 -80.61 -73.87 -19.62
CA LEU JB 354 -81.91 -73.30 -19.30
C LEU JB 354 -82.35 -72.42 -20.44
N GLN JB 355 -83.63 -72.53 -20.78
CA GLN JB 355 -84.19 -71.89 -21.96
C GLN JB 355 -85.53 -71.27 -21.60
N GLY JB 356 -85.98 -70.38 -22.47
CA GLY JB 356 -87.23 -69.68 -22.29
C GLY JB 356 -88.11 -69.79 -23.50
N PHE JB 357 -89.21 -70.51 -23.34
CA PHE JB 357 -90.19 -70.68 -24.41
C PHE JB 357 -91.29 -69.66 -24.15
N ASP JB 358 -91.46 -68.74 -25.09
CA ASP JB 358 -92.54 -67.78 -25.00
C ASP JB 358 -93.80 -68.44 -25.51
N ILE JB 359 -94.70 -68.82 -24.58
CA ILE JB 359 -95.91 -69.56 -24.92
C ILE JB 359 -96.75 -68.85 -25.98
N LYS JB 360 -96.63 -67.53 -26.08
CA LYS JB 360 -97.36 -66.77 -27.09
C LYS JB 360 -96.72 -66.84 -28.47
N THR JB 361 -95.49 -67.36 -28.57
CA THR JB 361 -94.78 -67.51 -29.83
C THR JB 361 -94.41 -68.98 -30.04
N LYS JB 362 -94.19 -69.70 -28.95
CA LYS JB 362 -93.89 -71.13 -28.99
C LYS JB 362 -92.57 -71.39 -29.72
N GLU JB 363 -91.51 -70.76 -29.23
CA GLU JB 363 -90.21 -70.92 -29.84
C GLU JB 363 -89.12 -70.54 -28.85
N LEU JB 364 -88.03 -71.31 -28.89
CA LEU JB 364 -86.86 -71.03 -28.08
C LEU JB 364 -86.28 -69.68 -28.47
N LEU JB 365 -85.68 -68.99 -27.49
CA LEU JB 365 -85.09 -67.70 -27.75
C LEU JB 365 -83.64 -67.51 -27.28
N PHE JB 366 -83.20 -68.09 -26.12
CA PHE JB 366 -81.79 -67.89 -25.73
C PHE JB 366 -80.96 -69.16 -25.49
N LYS JB 367 -81.45 -70.14 -24.73
CA LYS JB 367 -80.71 -71.37 -24.47
C LYS JB 367 -79.35 -71.09 -23.82
N ARG JB 368 -79.39 -70.63 -22.58
CA ARG JB 368 -78.17 -70.34 -21.84
C ARG JB 368 -77.60 -71.61 -21.22
N ARG JB 369 -76.28 -71.67 -21.13
CA ARG JB 369 -75.58 -72.75 -20.46
C ARG JB 369 -75.35 -72.40 -18.99
N ILE JB 370 -75.35 -73.43 -18.15
CA ILE JB 370 -75.08 -73.31 -16.73
C ILE JB 370 -73.82 -74.08 -16.40
N ASP JB 371 -73.00 -73.51 -15.53
CA ASP JB 371 -71.77 -74.14 -15.05
C ASP JB 371 -71.59 -73.87 -13.57
N ILE JB 372 -72.67 -74.01 -12.79
CA ILE JB 372 -72.71 -73.50 -11.43
C ILE JB 372 -72.42 -74.59 -10.40
N GLY JB 373 -71.89 -75.74 -10.81
CA GLY JB 373 -71.50 -76.73 -9.82
C GLY JB 373 -70.47 -76.24 -8.85
N GLY JB 374 -69.69 -75.24 -9.24
CA GLY JB 374 -68.62 -74.72 -8.41
C GLY JB 374 -67.52 -74.12 -9.25
N VAL JB 375 -66.29 -74.59 -9.03
CA VAL JB 375 -65.16 -74.08 -9.77
C VAL JB 375 -65.29 -74.45 -11.25
N ASN JB 376 -64.55 -73.72 -12.09
CA ASN JB 376 -64.59 -73.87 -13.53
C ASN JB 376 -64.42 -75.31 -13.99
N ASN JB 377 -65.39 -75.77 -14.80
CA ASN JB 377 -65.29 -76.99 -15.61
C ASN JB 377 -64.78 -78.19 -14.81
N ASN JB 378 -65.05 -78.19 -13.51
CA ASN JB 378 -64.61 -79.21 -12.58
C ASN JB 378 -65.34 -78.96 -11.29
N PHE JB 379 -65.85 -80.00 -10.67
CA PHE JB 379 -66.70 -79.88 -9.49
C PHE JB 379 -66.24 -80.87 -8.45
N LYS JB 380 -66.94 -80.86 -7.32
CA LYS JB 380 -66.50 -81.62 -6.15
C LYS JB 380 -66.49 -83.09 -6.45
N GLY JB 381 -67.67 -83.66 -6.71
CA GLY JB 381 -67.75 -85.05 -7.04
C GLY JB 381 -67.27 -85.33 -8.45
N ASP JB 382 -66.95 -86.60 -8.69
CA ASP JB 382 -66.63 -87.03 -10.05
C ASP JB 382 -67.79 -86.75 -11.01
N PHE JB 383 -69.02 -86.68 -10.50
CA PHE JB 383 -70.17 -86.29 -11.29
C PHE JB 383 -71.03 -85.35 -10.46
N GLN JB 384 -72.08 -84.85 -11.09
CA GLN JB 384 -73.05 -83.96 -10.44
C GLN JB 384 -74.27 -83.85 -11.34
N GLU JB 385 -75.15 -82.90 -11.02
CA GLU JB 385 -76.26 -82.54 -11.89
C GLU JB 385 -76.85 -81.24 -11.40
N ALA JB 386 -77.57 -80.58 -12.29
CA ALA JB 386 -78.42 -79.45 -11.93
C ALA JB 386 -79.86 -79.93 -11.82
N GLU JB 387 -80.50 -79.63 -10.70
CA GLU JB 387 -81.79 -80.20 -10.36
C GLU JB 387 -82.64 -79.13 -9.69
N GLY JB 388 -83.85 -78.94 -10.20
CA GLY JB 388 -84.80 -78.05 -9.58
C GLY JB 388 -84.79 -76.65 -10.20
N LEU JB 389 -85.84 -75.91 -9.92
CA LEU JB 389 -86.00 -74.56 -10.45
C LEU JB 389 -87.13 -73.87 -9.71
N ASP JB 390 -87.01 -72.56 -9.56
CA ASP JB 390 -87.98 -71.77 -8.81
C ASP JB 390 -87.86 -70.32 -9.24
N MET JB 391 -89.00 -69.63 -9.18
CA MET JB 391 -89.09 -68.21 -9.44
C MET JB 391 -89.48 -67.54 -8.14
N TYR JB 392 -88.55 -66.82 -7.54
CA TYR JB 392 -88.81 -66.08 -6.33
C TYR JB 392 -89.48 -64.76 -6.67
N TYR JB 393 -90.45 -64.37 -5.86
CA TYR JB 393 -91.18 -63.13 -6.04
C TYR JB 393 -91.12 -62.36 -4.73
N ASP JB 394 -90.28 -61.33 -4.70
CA ASP JB 394 -90.11 -60.55 -3.49
C ASP JB 394 -91.44 -59.91 -3.12
N LEU JB 395 -92.01 -60.39 -2.02
CA LEU JB 395 -93.33 -59.91 -1.61
C LEU JB 395 -93.32 -58.42 -1.30
N GLU JB 396 -92.23 -57.95 -0.70
CA GLU JB 396 -92.21 -56.58 -0.20
C GLU JB 396 -92.06 -55.57 -1.33
N THR JB 397 -90.93 -55.62 -2.04
CA THR JB 397 -90.61 -54.64 -3.06
C THR JB 397 -91.16 -55.01 -4.43
N GLY JB 398 -91.88 -56.12 -4.54
CA GLY JB 398 -92.33 -56.59 -5.83
C GLY JB 398 -91.24 -57.12 -6.73
N ARG JB 399 -90.00 -57.17 -6.27
CA ARG JB 399 -88.92 -57.72 -7.06
C ARG JB 399 -89.12 -59.21 -7.23
N LYS JB 400 -88.30 -59.79 -8.11
CA LYS JB 400 -88.44 -61.18 -8.48
C LYS JB 400 -87.08 -61.72 -8.86
N ALA JB 401 -86.76 -62.90 -8.36
CA ALA JB 401 -85.49 -63.55 -8.63
C ALA JB 401 -85.72 -64.96 -9.11
N LEU JB 402 -84.87 -65.39 -10.03
CA LEU JB 402 -84.93 -66.72 -10.60
C LEU JB 402 -83.91 -67.60 -9.91
N LEU JB 403 -84.38 -68.56 -9.13
CA LEU JB 403 -83.53 -69.46 -8.37
C LEU JB 403 -83.36 -70.77 -9.13
N ILE JB 404 -82.21 -71.39 -8.92
CA ILE JB 404 -81.83 -72.63 -9.59
C ILE JB 404 -81.17 -73.53 -8.57
N GLY JB 405 -81.58 -74.79 -8.56
CA GLY JB 405 -80.96 -75.78 -7.69
C GLY JB 405 -79.91 -76.58 -8.43
N VAL JB 406 -78.79 -76.83 -7.76
CA VAL JB 406 -77.69 -77.60 -8.31
C VAL JB 406 -77.18 -78.54 -7.24
N THR JB 407 -77.07 -79.83 -7.57
CA THR JB 407 -76.69 -80.87 -6.63
C THR JB 407 -75.39 -81.49 -7.10
N ILE JB 408 -74.37 -81.42 -6.24
CA ILE JB 408 -73.02 -81.84 -6.58
C ILE JB 408 -72.58 -82.91 -5.59
N GLY JB 409 -71.38 -83.44 -5.80
CA GLY JB 409 -70.85 -84.50 -4.99
C GLY JB 409 -71.08 -85.86 -5.63
N PRO JB 410 -70.41 -86.88 -5.13
CA PRO JB 410 -70.52 -88.21 -5.73
C PRO JB 410 -71.88 -88.85 -5.46
N GLY JB 411 -72.01 -90.13 -5.80
CA GLY JB 411 -73.27 -90.82 -5.69
C GLY JB 411 -73.92 -90.77 -4.33
N ASN JB 412 -73.32 -91.41 -3.33
CA ASN JB 412 -73.89 -91.41 -2.00
C ASN JB 412 -73.78 -90.03 -1.37
N ASN JB 413 -72.56 -89.51 -1.27
CA ASN JB 413 -72.34 -88.22 -0.63
C ASN JB 413 -72.77 -87.12 -1.60
N ARG JB 414 -73.78 -86.35 -1.20
CA ARG JB 414 -74.35 -85.31 -2.06
C ARG JB 414 -74.47 -84.01 -1.27
N HIS JB 415 -74.54 -82.92 -2.03
CA HIS JB 415 -74.52 -81.57 -1.47
C HIS JB 415 -75.18 -80.64 -2.47
N HIS JB 416 -76.32 -80.08 -2.09
CA HIS JB 416 -77.17 -79.38 -3.04
C HIS JB 416 -77.48 -77.98 -2.56
N SER JB 417 -77.37 -77.03 -3.49
CA SER JB 417 -77.40 -75.61 -3.19
C SER JB 417 -78.36 -74.91 -4.12
N ILE JB 418 -78.68 -73.67 -3.75
CA ILE JB 418 -79.62 -72.81 -4.45
C ILE JB 418 -78.88 -71.55 -4.85
N TYR JB 419 -78.74 -71.33 -6.15
CA TYR JB 419 -78.15 -70.12 -6.70
C TYR JB 419 -79.25 -69.26 -7.29
N SER JB 420 -78.91 -68.02 -7.64
CA SER JB 420 -79.87 -67.06 -8.16
C SER JB 420 -79.26 -66.30 -9.33
N ILE JB 421 -80.10 -66.05 -10.35
CA ILE JB 421 -79.74 -65.23 -11.49
C ILE JB 421 -80.67 -64.03 -11.47
N GLY JB 422 -81.07 -63.60 -10.28
CA GLY JB 422 -82.18 -62.71 -10.12
C GLY JB 422 -81.88 -61.24 -10.20
N GLN JB 423 -82.60 -60.46 -9.41
CA GLN JB 423 -82.70 -59.01 -9.56
C GLN JB 423 -81.88 -58.29 -8.49
N ARG JB 424 -81.83 -56.97 -8.62
CA ARG JB 424 -81.08 -56.14 -7.69
C ARG JB 424 -81.71 -56.17 -6.31
N GLY JB 425 -80.90 -56.50 -5.30
CA GLY JB 425 -81.32 -56.51 -3.92
C GLY JB 425 -81.84 -57.84 -3.44
N VAL JB 426 -82.40 -58.65 -4.34
CA VAL JB 426 -83.09 -59.87 -3.92
C VAL JB 426 -82.10 -60.94 -3.50
N ASN JB 427 -81.05 -61.15 -4.29
CA ASN JB 427 -80.06 -62.16 -3.92
C ASN JB 427 -79.42 -61.82 -2.59
N GLN JB 428 -79.13 -60.53 -2.38
CA GLN JB 428 -78.59 -60.07 -1.12
C GLN JB 428 -79.55 -60.36 0.03
N PHE JB 429 -80.82 -60.01 -0.17
CA PHE JB 429 -81.82 -60.20 0.87
C PHE JB 429 -81.94 -61.67 1.25
N LEU JB 430 -82.05 -62.54 0.25
CA LEU JB 430 -82.17 -63.96 0.51
C LEU JB 430 -80.95 -64.49 1.23
N LYS JB 431 -79.76 -64.03 0.82
CA LYS JB 431 -78.54 -64.49 1.47
C LYS JB 431 -78.49 -64.01 2.92
N ASN JB 432 -79.18 -62.91 3.23
CA ASN JB 432 -79.08 -62.27 4.53
C ASN JB 432 -80.37 -62.29 5.34
N ILE JB 433 -81.31 -63.18 5.02
CA ILE JB 433 -82.46 -63.37 5.89
C ILE JB 433 -81.98 -63.85 7.26
N ALA JB 434 -81.08 -64.82 7.26
CA ALA JB 434 -80.59 -65.45 8.47
C ALA JB 434 -79.19 -65.96 8.19
N PRO JB 435 -78.39 -66.19 9.23
CA PRO JB 435 -76.97 -66.50 9.02
C PRO JB 435 -76.72 -67.97 8.72
N GLN JB 436 -75.56 -68.20 8.10
CA GLN JB 436 -75.14 -69.56 7.82
C GLN JB 436 -74.83 -70.29 9.12
N VAL JB 437 -75.18 -71.56 9.17
CA VAL JB 437 -75.07 -72.34 10.40
C VAL JB 437 -73.62 -72.78 10.54
N SER JB 438 -72.87 -72.05 11.36
CA SER JB 438 -71.48 -72.34 11.65
C SER JB 438 -71.35 -73.02 13.00
N MET JB 439 -70.14 -73.47 13.30
CA MET JB 439 -69.90 -74.15 14.57
C MET JB 439 -70.17 -73.23 15.75
N THR JB 440 -70.06 -71.92 15.57
CA THR JB 440 -70.42 -70.96 16.58
C THR JB 440 -71.02 -69.74 15.90
N ASP JB 441 -71.70 -68.92 16.70
CA ASP JB 441 -72.30 -67.70 16.18
C ASP JB 441 -71.22 -66.74 15.71
N SER JB 442 -71.62 -65.77 14.89
CA SER JB 442 -70.70 -64.72 14.49
C SER JB 442 -70.22 -64.01 15.74
N GLY JB 443 -68.95 -64.17 16.07
CA GLY JB 443 -68.40 -63.74 17.33
C GLY JB 443 -67.93 -64.93 18.14
N GLY JB 444 -66.85 -64.78 18.88
CA GLY JB 444 -66.33 -65.89 19.64
C GLY JB 444 -67.10 -66.04 20.93
N ARG JB 445 -68.05 -66.97 20.91
CA ARG JB 445 -68.88 -67.30 22.05
C ARG JB 445 -69.71 -68.51 21.67
N VAL JB 446 -70.10 -69.27 22.68
CA VAL JB 446 -70.88 -70.47 22.45
C VAL JB 446 -72.27 -70.09 21.97
N LYS JB 447 -72.82 -70.91 21.07
CA LYS JB 447 -74.20 -70.72 20.69
C LYS JB 447 -75.09 -71.03 21.87
N PRO JB 448 -76.35 -70.63 21.81
CA PRO JB 448 -77.30 -70.96 22.85
C PRO JB 448 -78.07 -72.24 22.53
N LEU JB 449 -78.75 -72.75 23.55
CA LEU JB 449 -79.53 -73.94 23.36
C LEU JB 449 -80.76 -73.63 22.50
N PRO JB 450 -81.20 -74.55 21.66
CA PRO JB 450 -82.41 -74.30 20.89
C PRO JB 450 -83.66 -74.28 21.75
N ILE JB 451 -83.59 -74.89 22.94
CA ILE JB 451 -84.75 -75.14 23.78
C ILE JB 451 -84.33 -74.81 25.21
N GLN JB 452 -85.32 -74.63 26.08
CA GLN JB 452 -85.13 -74.53 27.52
C GLN JB 452 -84.60 -75.84 28.06
N ASN JB 453 -84.49 -75.96 29.40
CA ASN JB 453 -83.89 -77.10 30.07
C ASN JB 453 -84.42 -78.42 29.51
N PRO JB 454 -83.63 -79.15 28.70
CA PRO JB 454 -84.20 -80.32 28.01
C PRO JB 454 -84.03 -81.60 28.82
N ALA JB 455 -85.13 -82.33 28.99
CA ALA JB 455 -85.04 -83.64 29.60
C ALA JB 455 -84.13 -84.56 28.79
N TYR JB 456 -84.31 -84.56 27.47
CA TYR JB 456 -83.57 -85.41 26.56
C TYR JB 456 -82.65 -84.52 25.74
N LEU JB 457 -81.34 -84.66 25.98
CA LEU JB 457 -80.37 -83.91 25.20
C LEU JB 457 -80.46 -84.24 23.71
N SER JB 458 -80.95 -85.43 23.38
CA SER JB 458 -81.16 -85.80 21.98
C SER JB 458 -82.14 -84.89 21.26
N ASP JB 459 -82.91 -84.07 21.99
CA ASP JB 459 -83.75 -83.07 21.34
C ASP JB 459 -82.91 -82.09 20.53
N ILE JB 460 -81.70 -81.81 20.97
CA ILE JB 460 -80.84 -80.84 20.28
C ILE JB 460 -80.30 -81.49 19.02
N THR JB 461 -80.62 -80.90 17.86
CA THR JB 461 -80.23 -81.42 16.57
C THR JB 461 -79.65 -80.32 15.70
N GLU JB 462 -78.89 -79.41 16.33
CA GLU JB 462 -78.24 -78.32 15.63
C GLU JB 462 -76.75 -78.37 15.94
N VAL JB 463 -75.94 -78.46 14.88
CA VAL JB 463 -74.50 -78.49 15.07
C VAL JB 463 -74.05 -77.20 15.73
N GLY JB 464 -72.87 -77.25 16.31
CA GLY JB 464 -72.27 -76.13 17.01
C GLY JB 464 -72.02 -76.45 18.47
N HIS JB 465 -71.35 -75.51 19.12
CA HIS JB 465 -71.03 -75.63 20.54
C HIS JB 465 -72.15 -75.02 21.37
N TYR JB 466 -72.39 -75.64 22.53
CA TYR JB 466 -73.45 -75.24 23.43
C TYR JB 466 -72.92 -75.39 24.85
N TYR JB 467 -73.70 -74.93 25.81
CA TYR JB 467 -73.31 -75.01 27.21
C TYR JB 467 -74.50 -75.36 28.08
N ILE JB 468 -74.25 -76.20 29.08
CA ILE JB 468 -75.27 -76.74 29.95
C ILE JB 468 -74.87 -76.38 31.37
N TYR JB 469 -75.67 -75.57 32.03
CA TYR JB 469 -75.41 -75.19 33.40
C TYR JB 469 -75.76 -76.35 34.34
N THR JB 470 -75.41 -76.15 35.61
CA THR JB 470 -75.57 -77.18 36.62
C THR JB 470 -77.02 -77.59 36.78
N GLN JB 471 -77.91 -76.60 36.87
CA GLN JB 471 -79.33 -76.88 37.06
C GLN JB 471 -79.87 -77.67 35.88
N ASP JB 472 -79.47 -77.30 34.67
CA ASP JB 472 -79.97 -77.96 33.48
C ASP JB 472 -79.50 -79.41 33.41
N THR JB 473 -78.22 -79.64 33.68
CA THR JB 473 -77.73 -81.02 33.62
C THR JB 473 -78.27 -81.86 34.77
N GLN JB 474 -78.65 -81.23 35.89
CA GLN JB 474 -79.30 -81.98 36.96
C GLN JB 474 -80.75 -82.31 36.61
N ASN JB 475 -81.42 -81.44 35.87
CA ASN JB 475 -82.79 -81.72 35.47
C ASN JB 475 -82.86 -82.76 34.36
N ALA JB 476 -81.84 -82.80 33.50
CA ALA JB 476 -81.84 -83.76 32.39
C ALA JB 476 -81.82 -85.19 32.91
N LEU JB 477 -82.16 -86.13 32.01
CA LEU JB 477 -82.16 -87.56 32.30
C LEU JB 477 -81.36 -88.39 31.32
N ASP JB 478 -81.28 -87.97 30.05
CA ASP JB 478 -80.52 -88.72 29.06
C ASP JB 478 -79.01 -88.61 29.30
N PHE JB 479 -78.61 -87.72 30.19
CA PHE JB 479 -77.20 -87.42 30.37
C PHE JB 479 -76.53 -88.48 31.25
N PRO JB 480 -75.29 -88.86 30.97
CA PRO JB 480 -74.61 -89.83 31.84
C PRO JB 480 -74.38 -89.32 33.25
N LEU JB 481 -73.66 -90.13 34.03
CA LEU JB 481 -73.14 -89.73 35.33
C LEU JB 481 -74.22 -89.29 36.33
N PRO JB 482 -74.74 -90.22 37.14
CA PRO JB 482 -75.97 -89.97 37.90
C PRO JB 482 -76.01 -88.67 38.69
N LYS JB 483 -77.23 -88.40 39.16
CA LYS JB 483 -77.61 -87.11 39.72
C LYS JB 483 -76.66 -86.65 40.82
N ALA JB 484 -76.18 -87.59 41.62
CA ALA JB 484 -75.25 -87.23 42.67
C ALA JB 484 -73.91 -86.77 42.12
N PHE JB 485 -73.47 -87.38 41.01
CA PHE JB 485 -72.24 -86.94 40.38
C PHE JB 485 -72.41 -85.57 39.74
N ARG JB 486 -73.63 -85.26 39.29
CA ARG JB 486 -73.87 -84.02 38.54
C ARG JB 486 -73.79 -82.81 39.47
N ASP JB 487 -72.71 -82.03 39.35
CA ASP JB 487 -72.55 -80.81 40.13
C ASP JB 487 -72.08 -79.62 39.31
N ALA JB 488 -71.35 -79.85 38.22
CA ALA JB 488 -70.66 -78.81 37.49
C ALA JB 488 -71.30 -78.58 36.13
N GLY JB 489 -70.82 -77.53 35.46
CA GLY JB 489 -71.27 -77.22 34.13
C GLY JB 489 -70.56 -78.02 33.08
N TRP JB 490 -71.20 -78.13 31.91
CA TRP JB 490 -70.74 -79.01 30.85
C TRP JB 490 -70.82 -78.32 29.51
N PHE JB 491 -69.70 -78.27 28.79
CA PHE JB 491 -69.71 -77.83 27.41
C PHE JB 491 -70.25 -78.97 26.56
N PHE JB 492 -71.27 -78.67 25.77
CA PHE JB 492 -72.01 -79.67 25.00
C PHE JB 492 -71.86 -79.33 23.52
N ASP JB 493 -70.94 -80.00 22.85
CA ASP JB 493 -70.72 -79.80 21.43
C ASP JB 493 -71.56 -80.77 20.62
N VAL JB 494 -71.94 -80.34 19.43
CA VAL JB 494 -72.75 -81.14 18.52
C VAL JB 494 -72.10 -81.06 17.15
N LEU JB 495 -71.67 -82.20 16.65
CA LEU JB 495 -70.99 -82.32 15.38
C LEU JB 495 -71.87 -83.02 14.36
N PRO JB 496 -71.65 -82.78 13.07
CA PRO JB 496 -72.48 -83.43 12.06
C PRO JB 496 -72.22 -84.93 12.00
N GLY JB 497 -73.29 -85.68 11.80
CA GLY JB 497 -73.21 -87.13 11.69
C GLY JB 497 -73.16 -87.53 10.25
N HIS JB 498 -74.25 -88.15 9.77
CA HIS JB 498 -74.34 -88.58 8.39
C HIS JB 498 -75.70 -88.19 7.83
N TYR JB 499 -75.90 -88.55 6.57
CA TYR JB 499 -77.02 -88.04 5.79
C TYR JB 499 -78.34 -88.74 6.09
N ASN JB 500 -78.31 -89.98 6.60
CA ASN JB 500 -79.52 -90.72 6.88
C ASN JB 500 -80.13 -90.36 8.23
N GLY JB 501 -79.80 -89.20 8.78
CA GLY JB 501 -80.43 -88.69 9.98
C GLY JB 501 -79.67 -88.96 11.27
N ALA JB 502 -78.41 -88.54 11.32
CA ALA JB 502 -77.57 -88.77 12.49
C ALA JB 502 -76.74 -87.53 12.80
N LEU JB 503 -76.33 -87.45 14.07
CA LEU JB 503 -75.44 -86.41 14.54
C LEU JB 503 -74.60 -86.99 15.67
N ARG JB 504 -73.61 -86.22 16.11
CA ARG JB 504 -72.83 -86.56 17.29
C ARG JB 504 -73.25 -85.69 18.46
N GLN JB 505 -72.71 -86.01 19.61
CA GLN JB 505 -72.91 -85.23 20.82
C GLN JB 505 -71.71 -85.46 21.72
N VAL JB 506 -70.81 -84.50 21.77
CA VAL JB 506 -69.64 -84.53 22.64
C VAL JB 506 -69.96 -83.67 23.85
N LEU JB 507 -69.37 -84.00 24.98
CA LEU JB 507 -69.78 -83.40 26.24
C LEU JB 507 -68.64 -83.47 27.24
N THR JB 508 -68.09 -82.31 27.58
CA THR JB 508 -66.91 -82.20 28.44
C THR JB 508 -67.28 -81.39 29.68
N ARG JB 509 -66.98 -81.93 30.85
CA ARG JB 509 -67.28 -81.20 32.08
C ARG JB 509 -66.45 -79.93 32.17
N ASN JB 510 -67.01 -78.91 32.82
CA ASN JB 510 -66.29 -77.66 33.11
C ASN JB 510 -65.55 -77.82 34.43
N SER JB 511 -64.54 -78.69 34.40
CA SER JB 511 -63.74 -79.01 35.56
C SER JB 511 -62.47 -78.19 35.55
N THR JB 512 -62.38 -77.23 36.46
CA THR JB 512 -61.20 -76.37 36.57
C THR JB 512 -60.11 -77.04 37.39
N GLY JB 513 -60.41 -77.36 38.65
CA GLY JB 513 -59.42 -77.92 39.54
C GLY JB 513 -59.32 -79.41 39.47
N ARG JB 514 -60.42 -80.08 39.17
CA ARG JB 514 -60.46 -81.53 39.09
C ARG JB 514 -60.04 -81.98 37.69
N ASN JB 515 -60.24 -83.26 37.40
CA ASN JB 515 -59.89 -83.83 36.10
C ASN JB 515 -61.08 -83.69 35.18
N MET JB 516 -60.91 -82.95 34.09
CA MET JB 516 -61.94 -82.86 33.07
C MET JB 516 -62.22 -84.24 32.51
N LEU JB 517 -63.42 -84.41 31.98
CA LEU JB 517 -63.84 -85.69 31.45
C LEU JB 517 -64.82 -85.47 30.32
N LYS JB 518 -64.64 -86.28 29.28
CA LYS JB 518 -65.34 -86.15 28.02
C LYS JB 518 -66.12 -87.43 27.77
N PHE JB 519 -67.39 -87.27 27.45
CA PHE JB 519 -68.20 -88.32 26.85
C PHE JB 519 -68.55 -87.93 25.43
N GLU JB 520 -68.93 -88.91 24.64
CA GLU JB 520 -69.35 -88.62 23.28
C GLU JB 520 -70.21 -89.76 22.77
N ARG JB 521 -71.22 -89.42 21.97
CA ARG JB 521 -72.11 -90.42 21.42
C ARG JB 521 -72.59 -90.01 20.05
N VAL JB 522 -73.30 -90.94 19.42
CA VAL JB 522 -73.98 -90.72 18.15
C VAL JB 522 -75.47 -90.87 18.40
N ILE JB 523 -76.25 -89.93 17.88
CA ILE JB 523 -77.69 -89.92 18.03
C ILE JB 523 -78.31 -89.92 16.64
N ASP JB 524 -79.52 -90.47 16.58
CA ASP JB 524 -80.36 -90.40 15.39
C ASP JB 524 -81.54 -89.51 15.74
N ILE JB 525 -81.72 -88.45 14.96
CA ILE JB 525 -82.63 -87.37 15.34
C ILE JB 525 -84.06 -87.89 15.41
N PHE JB 526 -84.44 -88.72 14.45
CA PHE JB 526 -85.84 -89.12 14.30
C PHE JB 526 -86.18 -90.28 15.22
N ASN JB 527 -85.47 -91.40 15.07
CA ASN JB 527 -85.70 -92.59 15.88
C ASN JB 527 -84.70 -92.56 17.03
N LYS JB 528 -85.10 -91.92 18.12
CA LYS JB 528 -84.24 -91.75 19.29
C LYS JB 528 -83.87 -93.07 19.95
N LYS JB 529 -84.60 -94.15 19.65
CA LYS JB 529 -84.29 -95.44 20.24
C LYS JB 529 -82.88 -95.91 19.88
N ASN JB 530 -82.37 -95.50 18.73
CA ASN JB 530 -81.05 -95.88 18.27
C ASN JB 530 -79.94 -95.03 18.86
N ASN JB 531 -80.24 -94.19 19.85
CA ASN JB 531 -79.23 -93.33 20.45
C ASN JB 531 -78.22 -94.19 21.19
N GLY JB 532 -77.05 -94.36 20.59
CA GLY JB 532 -76.00 -95.16 21.18
C GLY JB 532 -75.58 -94.63 22.55
N ALA JB 533 -74.83 -95.48 23.25
CA ALA JB 533 -74.41 -95.14 24.59
C ALA JB 533 -73.24 -94.17 24.54
N TRP JB 534 -72.97 -93.55 25.69
CA TRP JB 534 -71.97 -92.49 25.79
C TRP JB 534 -70.60 -93.09 26.03
N ASN JB 535 -69.78 -93.12 24.98
CA ASN JB 535 -68.42 -93.59 25.10
C ASN JB 535 -67.59 -92.54 25.81
N PHE JB 536 -66.84 -92.99 26.82
CA PHE JB 536 -66.04 -92.11 27.65
C PHE JB 536 -64.61 -92.05 27.11
N CYS JB 537 -64.10 -90.84 26.91
CA CYS JB 537 -62.72 -90.67 26.47
C CYS JB 537 -61.85 -90.47 27.69
N PRO JB 538 -60.90 -91.37 27.99
CA PRO JB 538 -60.02 -91.12 29.15
C PRO JB 538 -59.15 -89.90 28.93
N GLN JB 539 -59.43 -88.85 29.69
CA GLN JB 539 -58.55 -87.71 29.79
C GLN JB 539 -58.39 -87.36 31.26
N ASN JB 540 -57.15 -87.15 31.67
CA ASN JB 540 -56.83 -86.96 33.08
C ASN JB 540 -55.68 -85.97 33.20
N ALA JB 541 -55.61 -85.31 34.36
CA ALA JB 541 -54.60 -84.33 34.66
C ALA JB 541 -53.70 -84.71 35.82
N GLY JB 542 -54.23 -85.43 36.81
CA GLY JB 542 -53.48 -85.81 37.99
C GLY JB 542 -54.29 -85.69 39.27
N TYR JB 543 -55.48 -85.11 39.19
CA TYR JB 543 -56.31 -84.91 40.36
C TYR JB 543 -57.14 -86.15 40.64
N TRP JB 544 -57.74 -86.18 41.82
CA TRP JB 544 -58.62 -87.28 42.18
C TRP JB 544 -59.96 -87.09 41.48
N GLU JB 545 -60.90 -87.96 41.83
CA GLU JB 545 -62.30 -87.81 41.46
C GLU JB 545 -63.11 -88.43 42.56
N HIS JB 546 -63.59 -87.61 43.49
CA HIS JB 546 -64.41 -88.08 44.58
C HIS JB 546 -65.64 -88.81 44.05
N ILE JB 547 -66.13 -89.74 44.86
CA ILE JB 547 -67.46 -90.31 44.67
C ILE JB 547 -68.25 -89.99 45.94
N PRO JB 548 -69.44 -89.40 45.84
CA PRO JB 548 -70.14 -88.99 47.06
C PRO JB 548 -70.54 -90.19 47.90
N LYS JB 549 -70.82 -89.91 49.18
CA LYS JB 549 -71.20 -90.96 50.10
C LYS JB 549 -72.58 -91.53 49.80
N SER JB 550 -73.36 -90.89 48.91
CA SER JB 550 -74.67 -91.40 48.56
C SER JB 550 -74.58 -92.82 47.98
N ILE JB 551 -73.59 -93.08 47.15
CA ILE JB 551 -73.38 -94.42 46.64
C ILE JB 551 -72.84 -95.28 47.77
N THR JB 552 -73.37 -96.51 47.88
CA THR JB 552 -73.03 -97.44 48.95
C THR JB 552 -72.60 -98.79 48.41
N LYS JB 553 -72.25 -98.87 47.14
CA LYS JB 553 -71.78 -100.11 46.54
C LYS JB 553 -70.87 -99.76 45.39
N LEU JB 554 -69.85 -100.59 45.18
CA LEU JB 554 -68.94 -100.41 44.06
C LEU JB 554 -69.52 -100.91 42.74
N SER JB 555 -70.76 -101.40 42.73
CA SER JB 555 -71.39 -101.85 41.51
C SER JB 555 -72.02 -100.72 40.72
N ASP JB 556 -72.36 -99.61 41.38
CA ASP JB 556 -72.87 -98.45 40.67
C ASP JB 556 -71.86 -97.84 39.71
N LEU JB 557 -70.57 -98.10 39.92
CA LEU JB 557 -69.50 -97.46 39.17
C LEU JB 557 -69.17 -98.33 37.95
N LYS JB 558 -70.05 -98.24 36.96
CA LYS JB 558 -69.94 -99.06 35.75
C LYS JB 558 -69.22 -98.38 34.60
N ILE JB 559 -68.78 -97.13 34.76
CA ILE JB 559 -68.19 -96.40 33.66
C ILE JB 559 -66.71 -96.77 33.56
N VAL JB 560 -66.26 -97.06 32.35
CA VAL JB 560 -64.92 -97.56 32.11
C VAL JB 560 -63.93 -96.41 32.07
N GLY JB 561 -62.68 -96.71 32.42
CA GLY JB 561 -61.60 -95.77 32.32
C GLY JB 561 -61.48 -94.77 33.45
N LEU JB 562 -62.45 -94.70 34.36
CA LEU JB 562 -62.43 -93.71 35.42
C LEU JB 562 -61.58 -94.19 36.59
N ASP JB 563 -61.25 -93.23 37.46
CA ASP JB 563 -60.38 -93.46 38.60
C ASP JB 563 -60.94 -92.69 39.78
N PHE JB 564 -61.73 -93.35 40.59
CA PHE JB 564 -62.28 -92.77 41.80
C PHE JB 564 -61.37 -93.08 42.99
N TYR JB 565 -61.09 -92.07 43.80
CA TYR JB 565 -60.27 -92.24 44.98
C TYR JB 565 -61.14 -92.62 46.17
N ILE JB 566 -60.57 -93.40 47.07
CA ILE JB 566 -61.26 -93.92 48.24
C ILE JB 566 -60.35 -93.72 49.44
N THR JB 567 -60.94 -93.29 50.54
CA THR JB 567 -60.26 -93.13 51.81
C THR JB 567 -60.70 -94.23 52.76
N THR JB 568 -60.13 -94.20 53.97
CA THR JB 568 -60.47 -95.19 54.98
C THR JB 568 -61.95 -95.15 55.31
N GLU JB 569 -62.46 -93.95 55.59
CA GLU JB 569 -63.88 -93.79 55.89
C GLU JB 569 -64.74 -94.30 54.76
N GLU JB 570 -64.31 -94.09 53.52
CA GLU JB 570 -65.11 -94.53 52.38
C GLU JB 570 -65.10 -96.05 52.25
N SER JB 571 -63.94 -96.67 52.48
CA SER JB 571 -63.88 -98.13 52.43
C SER JB 571 -64.75 -98.73 53.53
N ASN JB 572 -64.76 -98.10 54.70
CA ASN JB 572 -65.62 -98.59 55.79
C ASN JB 572 -67.09 -98.31 55.49
N ARG JB 573 -67.37 -97.28 54.70
CA ARG JB 573 -68.76 -96.95 54.37
C ARG JB 573 -69.33 -97.95 53.38
N PHE JB 574 -68.59 -98.22 52.31
CA PHE JB 574 -69.07 -99.14 51.29
C PHE JB 574 -69.19 -100.55 51.85
N THR JB 575 -69.85 -101.41 51.10
CA THR JB 575 -70.17 -102.78 51.50
C THR JB 575 -69.42 -103.84 50.73
N ASP JB 576 -69.25 -103.65 49.42
CA ASP JB 576 -68.66 -104.66 48.56
C ASP JB 576 -67.16 -104.86 48.81
N PHE JB 577 -66.52 -104.00 49.58
CA PHE JB 577 -65.08 -104.04 49.73
C PHE JB 577 -64.62 -105.37 50.32
N PRO JB 578 -63.36 -105.76 50.11
CA PRO JB 578 -62.81 -106.89 50.86
C PRO JB 578 -62.77 -106.58 52.35
N LYS JB 579 -63.45 -107.42 53.14
CA LYS JB 579 -63.52 -107.19 54.57
C LYS JB 579 -62.15 -107.24 55.22
N ASP JB 580 -61.25 -108.08 54.70
CA ASP JB 580 -59.90 -108.14 55.23
C ASP JB 580 -59.17 -106.82 55.05
N PHE JB 581 -59.50 -106.07 54.00
CA PHE JB 581 -58.84 -104.82 53.67
C PHE JB 581 -59.81 -103.64 53.71
N LYS JB 582 -60.92 -103.77 54.41
CA LYS JB 582 -61.94 -102.74 54.45
C LYS JB 582 -61.63 -101.78 55.59
N GLY JB 583 -61.22 -100.56 55.25
CA GLY JB 583 -60.89 -99.55 56.23
C GLY JB 583 -59.42 -99.52 56.57
N ILE JB 584 -58.57 -99.64 55.56
CA ILE JB 584 -57.11 -99.73 55.73
C ILE JB 584 -56.47 -98.76 54.75
N ALA JB 585 -56.20 -97.54 55.21
CA ALA JB 585 -55.33 -96.59 54.52
C ALA JB 585 -55.91 -95.95 53.27
N GLY JB 586 -57.06 -96.43 52.78
CA GLY JB 586 -57.66 -95.87 51.58
C GLY JB 586 -56.82 -96.07 50.34
N TRP JB 587 -57.40 -95.86 49.15
CA TRP JB 587 -56.64 -95.98 47.90
C TRP JB 587 -57.54 -95.55 46.74
N ILE JB 588 -57.01 -95.70 45.53
CA ILE JB 588 -57.72 -95.40 44.29
C ILE JB 588 -58.10 -96.71 43.63
N LEU JB 589 -59.12 -96.65 42.79
CA LEU JB 589 -59.53 -97.78 41.95
C LEU JB 589 -59.49 -97.38 40.48
N GLU JB 590 -59.92 -98.31 39.64
CA GLU JB 590 -59.92 -98.13 38.19
C GLU JB 590 -60.79 -99.21 37.57
N VAL JB 591 -61.71 -98.81 36.73
CA VAL JB 591 -62.59 -99.73 36.03
C VAL JB 591 -61.96 -100.09 34.70
N LYS JB 592 -62.29 -101.27 34.19
CA LYS JB 592 -61.72 -101.82 32.98
C LYS JB 592 -62.83 -102.33 32.07
N SER JB 593 -62.44 -102.68 30.84
CA SER JB 593 -63.38 -103.09 29.81
C SER JB 593 -63.88 -104.50 30.06
N ASN JB 594 -65.06 -104.79 29.53
CA ASN JB 594 -65.64 -106.13 29.56
C ASN JB 594 -66.82 -106.18 28.61
N THR JB 595 -67.56 -107.28 28.64
CA THR JB 595 -68.76 -107.46 27.86
C THR JB 595 -69.89 -106.62 28.44
N PRO JB 596 -70.97 -106.39 27.70
CA PRO JB 596 -72.09 -105.65 28.27
C PRO JB 596 -72.78 -106.46 29.35
N GLY JB 597 -73.36 -105.75 30.31
CA GLY JB 597 -73.98 -106.35 31.45
C GLY JB 597 -73.04 -106.65 32.59
N ASN JB 598 -71.74 -106.67 32.35
CA ASN JB 598 -70.76 -106.95 33.38
C ASN JB 598 -69.51 -106.13 33.15
N THR JB 599 -68.63 -106.15 34.14
CA THR JB 599 -67.42 -105.35 34.12
C THR JB 599 -66.42 -105.93 35.11
N THR JB 600 -65.15 -105.73 34.80
CA THR JB 600 -64.05 -106.12 35.68
C THR JB 600 -63.44 -104.84 36.25
N GLN JB 601 -63.46 -104.72 37.58
CA GLN JB 601 -62.96 -103.58 38.31
C GLN JB 601 -61.66 -103.95 38.98
N VAL JB 602 -60.60 -103.22 38.65
CA VAL JB 602 -59.32 -103.35 39.32
C VAL JB 602 -59.25 -102.27 40.39
N LEU JB 603 -58.56 -102.56 41.48
CA LEU JB 603 -58.55 -101.68 42.64
C LEU JB 603 -57.18 -101.80 43.28
N ARG JB 604 -56.39 -100.75 43.18
CA ARG JB 604 -55.02 -100.75 43.66
C ARG JB 604 -54.95 -100.21 45.07
N ARG JB 605 -53.79 -100.38 45.69
CA ARG JB 605 -53.50 -99.80 46.99
C ARG JB 605 -52.37 -98.80 46.83
N ASN JB 606 -52.48 -97.66 47.50
CA ASN JB 606 -51.42 -96.67 47.53
C ASN JB 606 -50.47 -96.96 48.69
N ASN JB 607 -49.18 -97.08 48.38
CA ASN JB 607 -48.19 -97.56 49.34
C ASN JB 607 -46.93 -96.73 49.21
N PHE JB 608 -46.77 -95.74 50.08
CA PHE JB 608 -45.50 -95.04 50.16
C PHE JB 608 -44.49 -95.85 50.97
N PRO JB 609 -44.77 -96.22 52.23
CA PRO JB 609 -43.79 -97.00 52.99
C PRO JB 609 -43.83 -98.49 52.71
N SER JB 610 -45.03 -99.02 52.51
CA SER JB 610 -45.28 -100.45 52.58
C SER JB 610 -45.21 -101.11 51.20
N ALA JB 611 -45.63 -102.36 51.14
CA ALA JB 611 -45.65 -103.13 49.90
C ALA JB 611 -47.00 -102.98 49.22
N HIS JB 612 -47.02 -103.29 47.94
CA HIS JB 612 -48.15 -102.98 47.08
C HIS JB 612 -49.06 -104.18 46.87
N GLN JB 613 -50.32 -103.88 46.56
CA GLN JB 613 -51.30 -104.88 46.21
C GLN JB 613 -52.36 -104.26 45.32
N PHE JB 614 -52.99 -105.10 44.51
CA PHE JB 614 -54.04 -104.66 43.61
C PHE JB 614 -54.97 -105.83 43.37
N LEU JB 615 -56.24 -105.61 43.61
CA LEU JB 615 -57.28 -106.61 43.53
C LEU JB 615 -58.06 -106.42 42.24
N VAL JB 616 -58.89 -107.40 41.92
CA VAL JB 616 -59.64 -107.38 40.67
C VAL JB 616 -60.89 -108.22 40.85
N ARG JB 617 -62.02 -107.69 40.39
CA ARG JB 617 -63.33 -108.29 40.62
C ARG JB 617 -64.19 -108.14 39.39
N ASN JB 618 -64.63 -109.26 38.85
CA ASN JB 618 -65.54 -109.30 37.70
C ASN JB 618 -66.96 -109.51 38.20
N PHE JB 619 -67.89 -108.64 37.78
CA PHE JB 619 -69.26 -108.72 38.26
C PHE JB 619 -70.24 -108.20 37.23
N GLY JB 620 -71.44 -108.76 37.28
CA GLY JB 620 -72.54 -108.32 36.47
C GLY JB 620 -73.51 -109.45 36.22
N THR JB 621 -74.43 -109.22 35.28
CA THR JB 621 -75.50 -110.16 35.02
C THR JB 621 -74.95 -111.51 34.55
N GLY JB 622 -73.89 -111.48 33.73
CA GLY JB 622 -73.28 -112.72 33.29
C GLY JB 622 -72.69 -113.55 34.42
N GLY JB 623 -72.37 -112.91 35.55
CA GLY JB 623 -71.81 -113.62 36.69
C GLY JB 623 -71.20 -112.65 37.67
N VAL JB 624 -71.13 -113.03 38.94
CA VAL JB 624 -70.51 -112.21 39.98
C VAL JB 624 -69.41 -113.01 40.64
N GLY JB 625 -68.31 -112.34 40.96
CA GLY JB 625 -67.17 -112.99 41.56
C GLY JB 625 -66.61 -112.14 42.69
N LYS JB 626 -65.75 -112.76 43.48
CA LYS JB 626 -65.06 -112.08 44.56
C LYS JB 626 -63.73 -111.54 44.03
N TRP JB 627 -63.00 -110.85 44.87
CA TRP JB 627 -61.74 -110.26 44.46
C TRP JB 627 -60.65 -111.33 44.37
N SER JB 628 -59.51 -110.93 43.82
CA SER JB 628 -58.34 -111.80 43.67
C SER JB 628 -57.10 -110.93 43.85
N LEU JB 629 -56.57 -110.92 45.07
CA LEU JB 629 -55.45 -110.07 45.40
C LEU JB 629 -54.20 -110.47 44.61
N PHE JB 630 -53.32 -109.50 44.42
CA PHE JB 630 -52.02 -109.71 43.80
C PHE JB 630 -50.98 -109.06 44.71
N GLU JB 631 -50.26 -109.87 45.48
CA GLU JB 631 -49.33 -109.35 46.46
C GLU JB 631 -47.99 -109.01 45.80
N GLY JB 632 -47.34 -107.99 46.36
CA GLY JB 632 -46.08 -107.49 45.82
C GLY JB 632 -44.92 -107.80 46.73
N LYS JB 633 -43.74 -107.94 46.12
CA LYS JB 633 -42.49 -108.18 46.83
C LYS JB 633 -41.65 -106.91 46.74
N VAL JB 634 -41.36 -106.31 47.89
CA VAL JB 634 -40.59 -105.08 47.92
C VAL JB 634 -39.18 -105.36 47.41
N VAL JB 635 -38.55 -104.34 46.85
CA VAL JB 635 -37.21 -104.47 46.31
C VAL JB 635 -36.66 -103.06 46.12
N GLU JB 636 -35.33 -102.95 46.13
CA GLU JB 636 -34.66 -101.66 46.02
C GLU JB 636 -33.38 -101.79 45.21
N ASN KB 3 -58.87 -24.44 6.57
CA ASN KB 3 -60.03 -24.73 7.41
C ASN KB 3 -60.02 -26.18 7.87
N LYS KB 4 -60.72 -26.45 8.97
CA LYS KB 4 -60.76 -27.77 9.61
C LYS KB 4 -59.39 -28.21 10.12
N LEU KB 5 -58.47 -27.28 10.29
CA LEU KB 5 -57.14 -27.64 10.74
C LEU KB 5 -57.14 -27.86 12.25
N ILE KB 6 -56.20 -28.68 12.70
CA ILE KB 6 -56.08 -29.00 14.11
C ILE KB 6 -55.11 -27.98 14.72
N THR KB 7 -55.67 -27.03 15.43
CA THR KB 7 -54.92 -26.00 16.15
C THR KB 7 -54.61 -26.41 17.60
N ASP KB 8 -54.94 -27.64 17.98
CA ASP KB 8 -54.59 -28.18 19.30
C ASP KB 8 -53.82 -29.47 19.05
N LEU KB 9 -52.53 -29.33 18.81
CA LEU KB 9 -51.71 -30.49 18.51
C LEU KB 9 -51.36 -31.23 19.79
N SER KB 10 -51.08 -32.52 19.63
CA SER KB 10 -50.61 -33.32 20.73
C SER KB 10 -49.30 -32.77 21.26
N ARG KB 11 -49.27 -32.50 22.56
CA ARG KB 11 -48.09 -31.97 23.23
C ARG KB 11 -47.10 -33.06 23.61
N VAL KB 12 -47.22 -34.24 23.03
CA VAL KB 12 -46.49 -35.42 23.47
C VAL KB 12 -45.79 -36.06 22.28
N PHE KB 13 -44.58 -36.56 22.54
CA PHE KB 13 -43.70 -37.11 21.52
C PHE KB 13 -44.22 -38.47 21.07
N ASP KB 14 -45.25 -38.42 20.24
CA ASP KB 14 -45.95 -39.61 19.79
C ASP KB 14 -46.39 -39.43 18.35
N TYR KB 15 -46.66 -40.54 17.68
CA TYR KB 15 -46.96 -40.52 16.25
C TYR KB 15 -48.24 -39.79 15.92
N ARG KB 16 -49.11 -39.58 16.90
CA ARG KB 16 -50.31 -38.79 16.66
C ARG KB 16 -49.96 -37.38 16.20
N TYR KB 17 -48.87 -36.84 16.74
CA TYR KB 17 -48.42 -35.52 16.34
C TYR KB 17 -48.13 -35.47 14.85
N VAL KB 18 -47.30 -36.38 14.37
CA VAL KB 18 -46.95 -36.34 12.96
C VAL KB 18 -48.15 -36.72 12.11
N ASP KB 19 -49.05 -37.55 12.62
CA ASP KB 19 -50.23 -37.90 11.84
C ASP KB 19 -51.09 -36.67 11.60
N GLU KB 20 -51.36 -35.90 12.65
CA GLU KB 20 -52.18 -34.71 12.46
C GLU KB 20 -51.44 -33.64 11.68
N ASN KB 21 -50.12 -33.57 11.81
CA ASN KB 21 -49.35 -32.64 10.99
C ASN KB 21 -49.47 -33.00 9.51
N GLU KB 22 -49.34 -34.28 9.18
CA GLU KB 22 -49.46 -34.72 7.80
C GLU KB 22 -50.87 -34.47 7.29
N TYR KB 23 -51.86 -34.64 8.17
CA TYR KB 23 -53.25 -34.41 7.77
C TYR KB 23 -53.49 -32.94 7.46
N ASN KB 24 -53.00 -32.08 8.35
CA ASN KB 24 -53.04 -30.65 8.11
C ASN KB 24 -52.39 -30.28 6.79
N PHE KB 25 -51.22 -30.85 6.50
CA PHE KB 25 -50.55 -30.51 5.26
C PHE KB 25 -51.31 -31.04 4.05
N LYS KB 26 -51.95 -32.20 4.18
CA LYS KB 26 -52.78 -32.69 3.08
C LYS KB 26 -53.93 -31.74 2.82
N LEU KB 27 -54.55 -31.24 3.88
CA LEU KB 27 -55.62 -30.25 3.71
C LEU KB 27 -55.09 -29.01 3.03
N ILE KB 28 -53.94 -28.52 3.46
CA ILE KB 28 -53.36 -27.32 2.88
C ILE KB 28 -53.08 -27.52 1.39
N SER KB 29 -52.53 -28.68 1.04
CA SER KB 29 -52.22 -28.97 -0.35
C SER KB 29 -53.48 -29.00 -1.18
N ASP KB 30 -54.50 -29.72 -0.70
CA ASP KB 30 -55.76 -29.79 -1.43
C ASP KB 30 -56.40 -28.42 -1.57
N MET KB 31 -56.27 -27.60 -0.53
CA MET KB 31 -56.90 -26.28 -0.55
C MET KB 31 -56.23 -25.37 -1.55
N LEU KB 32 -54.90 -25.32 -1.53
CA LEU KB 32 -54.19 -24.52 -2.50
C LEU KB 32 -54.44 -25.01 -3.92
N THR KB 33 -54.52 -26.33 -4.11
CA THR KB 33 -54.75 -26.85 -5.44
C THR KB 33 -56.13 -26.46 -5.94
N ASP KB 34 -57.14 -26.58 -5.10
CA ASP KB 34 -58.48 -26.22 -5.58
C ASP KB 34 -58.61 -24.71 -5.72
N PHE KB 35 -57.85 -23.92 -4.96
CA PHE KB 35 -57.83 -22.48 -5.20
C PHE KB 35 -57.27 -22.16 -6.58
N ASN KB 36 -56.13 -22.77 -6.91
CA ASN KB 36 -55.55 -22.57 -8.23
C ASN KB 36 -56.50 -23.02 -9.32
N PHE KB 37 -57.17 -24.14 -9.12
CA PHE KB 37 -58.10 -24.65 -10.11
C PHE KB 37 -59.30 -23.73 -10.25
N SER KB 38 -59.84 -23.25 -9.14
CA SER KB 38 -60.96 -22.34 -9.18
C SER KB 38 -60.58 -21.03 -9.86
N LEU KB 39 -59.38 -20.55 -9.60
CA LEU KB 39 -58.91 -19.33 -10.24
C LEU KB 39 -58.81 -19.52 -11.74
N GLU KB 40 -58.20 -20.62 -12.18
CA GLU KB 40 -58.10 -20.90 -13.61
C GLU KB 40 -59.48 -21.03 -14.24
N TYR KB 41 -60.39 -21.69 -13.54
CA TYR KB 41 -61.76 -21.84 -14.02
C TYR KB 41 -62.42 -20.48 -14.20
N HIS KB 42 -62.27 -19.62 -13.20
CA HIS KB 42 -62.84 -18.28 -13.26
C HIS KB 42 -62.19 -17.47 -14.36
N ARG KB 43 -60.92 -17.72 -14.63
CA ARG KB 43 -60.19 -16.92 -15.59
C ARG KB 43 -60.63 -17.23 -17.01
N ASN KB 44 -60.56 -18.52 -17.40
CA ASN KB 44 -60.68 -18.86 -18.82
C ASN KB 44 -61.53 -20.09 -19.09
N LYS KB 45 -62.36 -20.51 -18.13
CA LYS KB 45 -63.30 -21.61 -18.37
C LYS KB 45 -64.69 -21.37 -17.80
N GLU KB 46 -64.86 -20.48 -16.83
CA GLU KB 46 -66.14 -20.34 -16.15
C GLU KB 46 -67.11 -19.57 -17.00
N VAL KB 47 -68.40 -19.82 -16.78
CA VAL KB 47 -69.48 -19.13 -17.47
C VAL KB 47 -70.20 -18.25 -16.46
N PHE KB 48 -70.48 -17.02 -16.87
CA PHE KB 48 -71.06 -16.01 -15.99
C PHE KB 48 -70.20 -15.83 -14.73
N ALA KB 49 -68.91 -15.60 -14.97
CA ALA KB 49 -67.98 -15.39 -13.87
C ALA KB 49 -68.33 -14.13 -13.10
N HIS KB 50 -68.19 -12.99 -13.76
CA HIS KB 50 -68.63 -11.72 -13.22
C HIS KB 50 -70.03 -11.41 -13.72
N ASN KB 51 -70.57 -10.28 -13.29
CA ASN KB 51 -71.78 -9.71 -13.85
C ASN KB 51 -71.40 -8.51 -14.70
N GLY KB 52 -72.33 -8.12 -15.56
CA GLY KB 52 -72.09 -6.99 -16.44
C GLY KB 52 -72.03 -5.65 -15.75
N GLU KB 53 -72.35 -5.60 -14.46
CA GLU KB 53 -72.22 -4.38 -13.69
C GLU KB 53 -70.87 -4.24 -13.02
N GLN KB 54 -70.10 -5.31 -12.91
CA GLN KB 54 -68.80 -5.25 -12.29
C GLN KB 54 -67.73 -4.73 -13.23
N ILE KB 55 -67.95 -4.79 -14.53
CA ILE KB 55 -67.00 -4.20 -15.47
C ILE KB 55 -67.15 -2.69 -15.44
N LYS KB 56 -66.09 -2.01 -15.88
CA LYS KB 56 -66.02 -0.55 -15.90
C LYS KB 56 -65.64 -0.13 -17.30
N TYR KB 57 -66.62 0.25 -18.11
CA TYR KB 57 -66.35 0.79 -19.43
C TYR KB 57 -65.90 2.23 -19.28
N GLU KB 58 -64.63 2.48 -19.52
CA GLU KB 58 -64.03 3.80 -19.38
C GLU KB 58 -63.77 4.37 -20.76
N HIS KB 59 -64.25 5.59 -20.97
CA HIS KB 59 -64.04 6.35 -22.19
C HIS KB 59 -64.23 7.80 -21.82
N LEU KB 60 -63.88 8.70 -22.74
CA LEU KB 60 -64.07 10.12 -22.46
C LEU KB 60 -65.53 10.40 -22.20
N ASN KB 61 -65.80 11.15 -21.13
CA ASN KB 61 -67.13 11.65 -20.79
C ASN KB 61 -68.08 10.55 -20.32
N VAL KB 62 -67.65 9.30 -20.25
CA VAL KB 62 -68.51 8.18 -19.85
C VAL KB 62 -67.66 7.16 -19.12
N THR KB 63 -68.09 6.80 -17.91
CA THR KB 63 -67.31 5.94 -17.01
C THR KB 63 -68.20 4.95 -16.30
N SER KB 64 -69.15 4.35 -17.03
CA SER KB 64 -70.13 3.46 -16.44
C SER KB 64 -69.81 2.01 -16.78
N SER KB 65 -70.66 1.12 -16.30
CA SER KB 65 -70.48 -0.30 -16.50
C SER KB 65 -70.98 -0.71 -17.88
N VAL KB 66 -70.46 -1.83 -18.37
CA VAL KB 66 -70.80 -2.28 -19.71
C VAL KB 66 -72.29 -2.61 -19.78
N SER KB 67 -72.87 -3.13 -18.70
CA SER KB 67 -74.29 -3.45 -18.71
C SER KB 67 -75.11 -2.19 -18.94
N ASP KB 68 -74.80 -1.12 -18.19
CA ASP KB 68 -75.51 0.13 -18.37
C ASP KB 68 -75.28 0.71 -19.76
N PHE KB 69 -74.05 0.62 -20.26
CA PHE KB 69 -73.78 1.21 -21.57
C PHE KB 69 -74.47 0.43 -22.67
N LEU KB 70 -74.54 -0.88 -22.54
CA LEU KB 70 -75.26 -1.69 -23.52
C LEU KB 70 -76.74 -1.36 -23.49
N THR KB 71 -77.30 -1.20 -22.30
CA THR KB 71 -78.71 -0.83 -22.21
C THR KB 71 -78.95 0.53 -22.83
N TYR KB 72 -78.02 1.47 -22.63
CA TYR KB 72 -78.17 2.79 -23.22
C TYR KB 72 -78.06 2.74 -24.74
N LEU KB 73 -77.16 1.91 -25.25
CA LEU KB 73 -77.04 1.75 -26.70
C LEU KB 73 -78.33 1.18 -27.27
N ASN KB 74 -78.87 0.15 -26.63
CA ASN KB 74 -80.12 -0.44 -27.10
C ASN KB 74 -81.25 0.58 -27.03
N GLY KB 75 -81.28 1.37 -25.96
CA GLY KB 75 -82.32 2.36 -25.81
C GLY KB 75 -82.27 3.41 -26.91
N ARG KB 76 -81.08 3.92 -27.19
CA ARG KB 76 -81.00 4.97 -28.21
C ARG KB 76 -81.20 4.39 -29.60
N PHE KB 77 -80.81 3.14 -29.82
CA PHE KB 77 -81.12 2.49 -31.09
C PHE KB 77 -82.61 2.41 -31.32
N SER KB 78 -83.34 1.94 -30.30
CA SER KB 78 -84.78 1.83 -30.42
C SER KB 78 -85.42 3.20 -30.56
N ASN KB 79 -84.88 4.20 -29.87
CA ASN KB 79 -85.42 5.54 -29.98
C ASN KB 79 -85.24 6.09 -31.38
N MET KB 80 -84.06 5.91 -31.96
CA MET KB 80 -83.83 6.36 -33.33
C MET KB 80 -84.75 5.66 -34.29
N VAL KB 81 -84.92 4.34 -34.13
CA VAL KB 81 -85.80 3.60 -35.01
C VAL KB 81 -87.22 4.10 -34.91
N LEU KB 82 -87.70 4.36 -33.70
CA LEU KB 82 -89.07 4.85 -33.53
C LEU KB 82 -89.23 6.23 -34.13
N GLY KB 83 -88.29 7.14 -33.85
CA GLY KB 83 -88.40 8.48 -34.37
C GLY KB 83 -88.32 8.55 -35.87
N HIS KB 84 -87.60 7.61 -36.48
CA HIS KB 84 -87.52 7.56 -37.94
C HIS KB 84 -88.65 6.77 -38.57
N ASN KB 85 -89.32 5.91 -37.79
CA ASN KB 85 -90.52 5.26 -38.27
C ASN KB 85 -91.72 6.19 -38.27
N GLY KB 86 -91.81 7.05 -37.26
CA GLY KB 86 -92.87 8.03 -37.17
C GLY KB 86 -94.14 7.49 -36.57
N ASP KB 87 -94.89 6.72 -37.36
CA ASP KB 87 -96.10 6.07 -36.91
C ASP KB 87 -96.04 4.59 -37.27
N GLY KB 88 -96.75 3.78 -36.48
CA GLY KB 88 -96.67 2.34 -36.59
C GLY KB 88 -98.03 1.70 -36.80
N ILE KB 89 -97.99 0.43 -37.14
CA ILE KB 89 -99.20 -0.35 -37.36
C ILE KB 89 -99.76 -0.80 -36.02
N ASN KB 90 -101.08 -0.88 -35.93
CA ASN KB 90 -101.73 -1.29 -34.69
C ASN KB 90 -101.32 -2.71 -34.29
N GLU KB 91 -101.13 -3.58 -35.28
CA GLU KB 91 -100.59 -4.91 -35.04
C GLU KB 91 -99.33 -4.86 -34.19
N VAL KB 92 -98.30 -4.14 -34.65
CA VAL KB 92 -97.05 -4.09 -33.91
C VAL KB 92 -97.23 -3.31 -32.61
N LYS KB 93 -98.10 -2.31 -32.61
CA LYS KB 93 -98.33 -1.54 -31.39
C LYS KB 93 -98.92 -2.41 -30.30
N ASP KB 94 -99.69 -3.42 -30.68
CA ASP KB 94 -100.22 -4.39 -29.73
C ASP KB 94 -99.22 -5.51 -29.44
N ALA KB 95 -98.37 -5.83 -30.41
CA ALA KB 95 -97.42 -6.92 -30.26
C ALA KB 95 -96.20 -6.55 -29.43
N ARG KB 96 -95.90 -5.25 -29.31
CA ARG KB 96 -94.71 -4.84 -28.57
C ARG KB 96 -94.77 -5.24 -27.09
N VAL KB 97 -95.95 -5.57 -26.58
CA VAL KB 97 -96.08 -6.07 -25.22
C VAL KB 97 -95.73 -7.54 -25.19
N ASP KB 98 -95.14 -8.00 -24.08
CA ASP KB 98 -94.69 -9.37 -23.95
C ASP KB 98 -95.75 -10.21 -23.26
N ASN KB 99 -95.51 -11.53 -23.25
CA ASN KB 99 -96.46 -12.44 -22.64
C ASN KB 99 -96.56 -12.24 -21.13
N THR KB 100 -95.50 -11.70 -20.52
CA THR KB 100 -95.51 -11.41 -19.09
C THR KB 100 -96.05 -10.02 -18.79
N GLY KB 101 -96.72 -9.38 -19.73
CA GLY KB 101 -97.33 -8.10 -19.47
C GLY KB 101 -96.35 -6.97 -19.22
N TYR KB 102 -95.63 -6.56 -20.26
CA TYR KB 102 -94.70 -5.45 -20.14
C TYR KB 102 -94.52 -4.81 -21.51
N ASP KB 103 -94.92 -3.56 -21.63
CA ASP KB 103 -94.75 -2.84 -22.88
C ASP KB 103 -93.29 -2.55 -23.13
N HIS KB 104 -92.85 -2.77 -24.36
CA HIS KB 104 -91.48 -2.53 -24.79
C HIS KB 104 -91.43 -1.31 -25.69
N LYS KB 105 -90.22 -0.99 -26.13
CA LYS KB 105 -90.03 0.10 -27.07
C LYS KB 105 -90.31 -0.37 -28.49
N THR KB 106 -89.81 -1.55 -28.86
CA THR KB 106 -90.01 -2.10 -30.19
C THR KB 106 -90.29 -3.59 -30.11
N LEU KB 107 -90.93 -4.05 -31.19
CA LEU KB 107 -91.17 -5.49 -31.37
C LEU KB 107 -89.88 -6.27 -31.33
N GLN KB 108 -88.77 -5.69 -31.80
CA GLN KB 108 -87.50 -6.39 -31.75
C GLN KB 108 -87.11 -6.67 -30.30
N ASP KB 109 -87.20 -5.65 -29.45
CA ASP KB 109 -86.89 -5.84 -28.04
C ASP KB 109 -87.80 -6.88 -27.42
N ARG KB 110 -89.08 -6.85 -27.79
CA ARG KB 110 -90.03 -7.79 -27.20
C ARG KB 110 -89.72 -9.22 -27.63
N LEU KB 111 -89.50 -9.43 -28.92
CA LEU KB 111 -89.15 -10.74 -29.42
C LEU KB 111 -87.85 -11.24 -28.79
N TYR KB 112 -86.89 -10.34 -28.59
CA TYR KB 112 -85.64 -10.72 -27.95
C TYR KB 112 -85.89 -11.23 -26.55
N HIS KB 113 -86.64 -10.45 -25.77
CA HIS KB 113 -86.85 -10.81 -24.37
C HIS KB 113 -87.58 -12.13 -24.27
N ASP KB 114 -88.58 -12.33 -25.12
CA ASP KB 114 -89.34 -13.57 -25.03
C ASP KB 114 -88.52 -14.77 -25.48
N TYR KB 115 -87.76 -14.64 -26.57
CA TYR KB 115 -86.92 -15.73 -26.99
C TYR KB 115 -85.87 -16.05 -25.94
N SER KB 116 -85.27 -15.04 -25.34
CA SER KB 116 -84.24 -15.30 -24.34
C SER KB 116 -84.83 -15.97 -23.12
N THR KB 117 -86.03 -15.57 -22.72
CA THR KB 117 -86.69 -16.24 -21.61
C THR KB 117 -86.95 -17.70 -21.93
N LEU KB 118 -87.49 -17.98 -23.11
CA LEU KB 118 -87.76 -19.36 -23.47
C LEU KB 118 -86.48 -20.17 -23.61
N ASP KB 119 -85.43 -19.57 -24.14
CA ASP KB 119 -84.18 -20.28 -24.29
C ASP KB 119 -83.58 -20.59 -22.94
N ALA KB 120 -83.61 -19.62 -22.02
CA ALA KB 120 -83.12 -19.85 -20.67
C ALA KB 120 -83.93 -20.93 -19.98
N PHE KB 121 -85.23 -20.98 -20.22
CA PHE KB 121 -86.07 -21.99 -19.59
C PHE KB 121 -85.74 -23.37 -20.13
N THR KB 122 -85.68 -23.52 -21.45
CA THR KB 122 -85.32 -24.80 -22.03
C THR KB 122 -83.90 -25.21 -21.65
N LYS KB 123 -83.01 -24.24 -21.50
CA LYS KB 123 -81.64 -24.54 -21.14
C LYS KB 123 -81.53 -24.96 -19.69
N LYS KB 124 -82.29 -24.32 -18.81
CA LYS KB 124 -82.35 -24.76 -17.43
C LYS KB 124 -82.93 -26.16 -17.34
N VAL KB 125 -83.91 -26.46 -18.17
CA VAL KB 125 -84.53 -27.78 -18.17
C VAL KB 125 -83.50 -28.84 -18.56
N GLU KB 126 -82.80 -28.61 -19.68
CA GLU KB 126 -81.84 -29.62 -20.12
C GLU KB 126 -80.66 -29.69 -19.17
N LYS KB 127 -80.31 -28.57 -18.53
CA LYS KB 127 -79.26 -28.61 -17.52
C LYS KB 127 -79.66 -29.48 -16.35
N ALA KB 128 -80.89 -29.31 -15.85
CA ALA KB 128 -81.37 -30.15 -14.77
C ALA KB 128 -81.41 -31.62 -15.20
N VAL KB 129 -81.80 -31.87 -16.44
CA VAL KB 129 -81.84 -33.24 -16.96
C VAL KB 129 -80.44 -33.85 -16.92
N ASP KB 130 -79.48 -33.14 -17.48
CA ASP KB 130 -78.11 -33.64 -17.53
C ASP KB 130 -77.54 -33.80 -16.12
N GLU KB 131 -77.90 -32.89 -15.22
CA GLU KB 131 -77.43 -32.98 -13.85
C GLU KB 131 -77.97 -34.23 -13.17
N ASN KB 132 -79.27 -34.48 -13.31
CA ASN KB 132 -79.86 -35.67 -12.71
C ASN KB 132 -79.26 -36.93 -13.32
N TYR KB 133 -78.99 -36.92 -14.62
CA TYR KB 133 -78.40 -38.10 -15.25
C TYR KB 133 -76.99 -38.35 -14.73
N LYS KB 134 -76.19 -37.30 -14.62
CA LYS KB 134 -74.83 -37.46 -14.10
C LYS KB 134 -74.86 -37.93 -12.66
N GLU KB 135 -75.78 -37.40 -11.87
CA GLU KB 135 -75.91 -37.83 -10.48
C GLU KB 135 -76.29 -39.30 -10.40
N TYR KB 136 -77.20 -39.74 -11.25
CA TYR KB 136 -77.57 -41.14 -11.27
C TYR KB 136 -76.41 -42.02 -11.70
N ARG KB 137 -75.67 -41.59 -12.73
CA ARG KB 137 -74.52 -42.39 -13.16
C ARG KB 137 -73.49 -42.48 -12.06
N ALA KB 138 -73.29 -41.39 -11.32
CA ALA KB 138 -72.40 -41.41 -10.18
C ALA KB 138 -72.87 -42.42 -9.15
N THR KB 139 -74.10 -42.26 -8.66
CA THR KB 139 -74.59 -43.12 -7.59
C THR KB 139 -74.66 -44.58 -8.01
N GLU KB 140 -74.77 -44.85 -9.30
CA GLU KB 140 -74.72 -46.23 -9.78
C GLU KB 140 -73.28 -46.74 -9.78
N TYR KB 141 -72.41 -46.07 -10.52
CA TYR KB 141 -71.08 -46.60 -10.76
C TYR KB 141 -70.20 -46.39 -9.53
N ARG KB 142 -69.92 -45.12 -9.21
CA ARG KB 142 -69.28 -44.74 -7.95
C ARG KB 142 -67.98 -45.49 -7.72
N PHE KB 143 -67.00 -45.15 -8.55
CA PHE KB 143 -65.69 -45.79 -8.52
C PHE KB 143 -64.64 -44.75 -8.16
N GLU KB 144 -64.88 -44.03 -7.06
CA GLU KB 144 -63.92 -43.07 -6.52
C GLU KB 144 -63.26 -43.67 -5.28
N PRO KB 145 -62.04 -44.23 -5.39
CA PRO KB 145 -61.38 -44.73 -4.18
C PRO KB 145 -61.05 -43.66 -3.17
N LYS KB 146 -60.82 -42.42 -3.61
CA LYS KB 146 -60.42 -41.35 -2.70
C LYS KB 146 -61.47 -41.05 -1.64
N GLU KB 147 -62.72 -41.50 -1.84
CA GLU KB 147 -63.77 -41.37 -0.85
C GLU KB 147 -64.25 -42.71 -0.31
N GLN KB 148 -64.32 -43.74 -1.16
CA GLN KB 148 -64.92 -44.99 -0.77
C GLN KB 148 -64.10 -45.66 0.32
N GLU KB 149 -64.71 -46.64 0.96
CA GLU KB 149 -64.11 -47.44 2.00
C GLU KB 149 -64.03 -48.89 1.55
N PRO KB 150 -62.89 -49.56 1.70
CA PRO KB 150 -62.81 -50.94 1.21
C PRO KB 150 -63.73 -51.87 1.97
N GLU KB 151 -64.06 -52.98 1.32
CA GLU KB 151 -65.00 -53.97 1.84
C GLU KB 151 -64.36 -55.33 1.75
N PHE KB 152 -64.57 -56.13 2.78
CA PHE KB 152 -63.99 -57.46 2.82
C PHE KB 152 -64.61 -58.33 1.74
N ILE KB 153 -63.83 -59.27 1.24
CA ILE KB 153 -64.31 -60.31 0.35
C ILE KB 153 -63.95 -61.66 0.94
N THR KB 154 -62.66 -61.91 1.09
CA THR KB 154 -62.23 -63.24 1.44
C THR KB 154 -60.83 -63.20 2.02
N ASP KB 155 -60.40 -64.38 2.45
CA ASP KB 155 -59.05 -64.65 2.91
C ASP KB 155 -58.51 -65.79 2.08
N LEU KB 156 -57.22 -65.77 1.82
CA LEU KB 156 -56.58 -66.75 0.97
C LEU KB 156 -55.87 -67.77 1.83
N SER KB 157 -55.93 -69.02 1.38
CA SER KB 157 -55.38 -70.17 2.12
C SER KB 157 -54.29 -70.84 1.31
N PRO KB 158 -53.15 -70.18 1.11
CA PRO KB 158 -52.02 -70.85 0.47
C PRO KB 158 -51.28 -71.73 1.47
N TYR KB 159 -50.92 -72.93 1.00
CA TYR KB 159 -50.16 -73.86 1.82
C TYR KB 159 -48.68 -73.58 1.61
N THR KB 160 -48.28 -72.41 2.11
CA THR KB 160 -46.88 -72.03 2.23
C THR KB 160 -46.82 -70.76 3.06
N ASN KB 161 -45.87 -70.73 4.00
CA ASN KB 161 -45.76 -69.63 4.96
C ASN KB 161 -44.83 -68.58 4.39
N ALA KB 162 -45.42 -67.52 3.84
CA ALA KB 162 -44.67 -66.36 3.38
C ALA KB 162 -45.69 -65.27 3.07
N VAL KB 163 -45.20 -64.16 2.63
CA VAL KB 163 -46.03 -62.98 2.39
C VAL KB 163 -46.69 -63.10 1.02
N MET KB 164 -47.90 -62.56 0.92
CA MET KB 164 -48.63 -62.54 -0.36
C MET KB 164 -48.09 -61.37 -1.18
N GLN KB 165 -46.99 -61.62 -1.87
CA GLN KB 165 -46.32 -60.54 -2.59
C GLN KB 165 -47.22 -59.91 -3.64
N SER KB 166 -48.16 -60.67 -4.17
CA SER KB 166 -49.21 -60.08 -5.01
C SER KB 166 -50.27 -61.12 -5.30
N PHE KB 167 -51.32 -60.69 -6.00
CA PHE KB 167 -52.40 -61.58 -6.35
C PHE KB 167 -53.14 -61.04 -7.56
N TRP KB 168 -53.92 -61.91 -8.16
CA TRP KB 168 -54.72 -61.54 -9.33
C TRP KB 168 -55.78 -62.60 -9.53
N VAL KB 169 -57.01 -62.15 -9.66
CA VAL KB 169 -58.15 -63.03 -9.91
C VAL KB 169 -58.51 -62.91 -11.38
N ASP KB 170 -59.09 -63.96 -11.93
CA ASP KB 170 -59.48 -64.02 -13.33
C ASP KB 170 -61.01 -63.93 -13.51
N PRO KB 171 -61.55 -63.08 -14.39
CA PRO KB 171 -63.02 -63.00 -14.51
C PRO KB 171 -63.68 -64.22 -15.11
N ARG KB 172 -63.13 -64.75 -16.20
CA ARG KB 172 -63.83 -65.77 -16.97
C ARG KB 172 -63.72 -67.16 -16.35
N THR KB 173 -63.05 -67.26 -15.20
CA THR KB 173 -62.80 -68.54 -14.56
C THR KB 173 -63.04 -68.52 -13.06
N LYS KB 174 -62.99 -67.36 -12.41
CA LYS KB 174 -63.17 -67.24 -10.97
C LYS KB 174 -62.12 -68.06 -10.22
N ILE KB 175 -60.88 -67.65 -10.40
CA ILE KB 175 -59.72 -68.33 -9.84
C ILE KB 175 -58.66 -67.29 -9.50
N ILE KB 176 -57.97 -67.50 -8.40
CA ILE KB 176 -57.01 -66.53 -7.88
C ILE KB 176 -55.63 -67.13 -8.00
N TYR KB 177 -54.73 -66.40 -8.65
CA TYR KB 177 -53.32 -66.72 -8.68
C TYR KB 177 -52.61 -65.73 -7.76
N MET KB 178 -52.00 -66.22 -6.70
CA MET KB 178 -51.28 -65.39 -5.74
C MET KB 178 -49.82 -65.75 -5.77
N THR KB 179 -48.96 -64.72 -5.83
CA THR KB 179 -47.53 -64.89 -5.91
C THR KB 179 -46.90 -64.54 -4.57
N GLN KB 180 -46.08 -65.45 -4.06
CA GLN KB 180 -45.25 -65.24 -2.89
C GLN KB 180 -43.80 -65.56 -3.24
N ALA KB 181 -42.88 -64.96 -2.52
CA ALA KB 181 -41.45 -65.14 -2.75
C ALA KB 181 -40.87 -66.04 -1.68
N ARG KB 182 -40.30 -67.18 -2.09
CA ARG KB 182 -39.80 -68.15 -1.15
C ARG KB 182 -38.37 -67.81 -0.77
N PRO KB 183 -37.80 -68.49 0.21
CA PRO KB 183 -36.38 -68.29 0.52
C PRO KB 183 -35.50 -68.55 -0.68
N GLY KB 184 -34.73 -67.54 -1.06
CA GLY KB 184 -33.98 -67.54 -2.29
C GLY KB 184 -34.71 -66.77 -3.36
N ASN KB 185 -34.11 -66.76 -4.55
CA ASN KB 185 -34.72 -66.09 -5.68
C ASN KB 185 -35.96 -66.81 -6.20
N HIS KB 186 -36.24 -68.02 -5.73
CA HIS KB 186 -37.39 -68.74 -6.26
C HIS KB 186 -38.68 -68.27 -5.60
N TYR KB 187 -39.79 -68.56 -6.26
CA TYR KB 187 -41.06 -68.00 -5.83
C TYR KB 187 -42.20 -68.92 -6.20
N MET KB 188 -43.21 -68.94 -5.35
CA MET KB 188 -44.38 -69.76 -5.51
C MET KB 188 -45.50 -68.91 -6.08
N LEU KB 189 -46.34 -69.55 -6.89
CA LEU KB 189 -47.62 -68.98 -7.27
C LEU KB 189 -48.68 -70.05 -7.08
N SER KB 190 -49.66 -69.75 -6.25
CA SER KB 190 -50.69 -70.70 -5.87
C SER KB 190 -51.99 -70.33 -6.54
N ARG KB 191 -52.63 -71.31 -7.16
CA ARG KB 191 -53.92 -71.16 -7.80
C ARG KB 191 -54.96 -71.71 -6.84
N LEU KB 192 -55.95 -70.86 -6.53
CA LEU KB 192 -56.94 -71.10 -5.50
C LEU KB 192 -58.33 -70.75 -5.99
N LYS KB 193 -59.31 -71.20 -5.22
CA LYS KB 193 -60.70 -70.87 -5.45
C LYS KB 193 -60.97 -69.46 -4.93
N PRO KB 194 -62.16 -68.91 -5.20
CA PRO KB 194 -62.44 -67.57 -4.68
C PRO KB 194 -62.52 -67.52 -3.17
N ASN KB 195 -63.08 -68.56 -2.55
CA ASN KB 195 -63.19 -68.54 -1.08
C ASN KB 195 -61.83 -68.64 -0.42
N GLY KB 196 -60.90 -69.37 -1.02
CA GLY KB 196 -59.56 -69.53 -0.49
C GLY KB 196 -58.99 -70.91 -0.68
N GLN KB 197 -59.86 -71.90 -0.90
CA GLN KB 197 -59.45 -73.30 -1.00
C GLN KB 197 -58.32 -73.48 -1.99
N PHE KB 198 -57.43 -74.41 -1.67
CA PHE KB 198 -56.23 -74.64 -2.44
C PHE KB 198 -56.53 -75.60 -3.59
N ILE KB 199 -56.28 -75.16 -4.82
CA ILE KB 199 -56.38 -76.03 -5.98
C ILE KB 199 -55.00 -76.62 -6.23
N ASP KB 200 -54.04 -75.78 -6.56
CA ASP KB 200 -52.68 -76.30 -6.79
C ASP KB 200 -51.71 -75.15 -6.73
N ARG KB 201 -50.46 -75.42 -7.07
CA ARG KB 201 -49.42 -74.39 -7.03
C ARG KB 201 -48.33 -74.73 -8.02
N LEU KB 202 -47.48 -73.74 -8.26
CA LEU KB 202 -46.31 -73.89 -9.09
C LEU KB 202 -45.18 -73.13 -8.42
N LEU KB 203 -43.97 -73.67 -8.55
CA LEU KB 203 -42.77 -73.07 -8.00
C LEU KB 203 -41.85 -72.71 -9.16
N VAL KB 204 -41.64 -71.42 -9.35
CA VAL KB 204 -40.69 -70.91 -10.32
C VAL KB 204 -39.34 -70.86 -9.66
N LYS KB 205 -38.40 -71.65 -10.18
CA LYS KB 205 -37.05 -71.67 -9.64
C LYS KB 205 -36.26 -70.51 -10.21
N ASN KB 206 -35.52 -69.84 -9.34
CA ASN KB 206 -34.74 -68.67 -9.72
C ASN KB 206 -35.61 -67.57 -10.30
N GLY KB 207 -36.88 -67.54 -9.92
CA GLY KB 207 -37.83 -66.62 -10.50
C GLY KB 207 -37.90 -65.25 -9.85
N GLY KB 208 -36.91 -64.93 -9.03
CA GLY KB 208 -36.92 -63.64 -8.42
C GLY KB 208 -38.04 -63.52 -7.39
N HIS KB 209 -38.31 -62.28 -7.00
CA HIS KB 209 -39.31 -62.05 -5.96
C HIS KB 209 -40.71 -62.26 -6.50
N GLY KB 210 -40.93 -62.01 -7.78
CA GLY KB 210 -42.24 -62.19 -8.36
C GLY KB 210 -43.23 -61.23 -7.76
N THR KB 211 -42.90 -59.94 -7.81
CA THR KB 211 -43.71 -58.94 -7.13
C THR KB 211 -45.06 -58.77 -7.79
N HIS KB 212 -45.14 -58.97 -9.10
CA HIS KB 212 -46.42 -58.98 -9.77
C HIS KB 212 -46.25 -59.56 -11.15
N ASN KB 213 -47.26 -60.30 -11.60
CA ASN KB 213 -47.26 -60.97 -12.89
C ASN KB 213 -48.53 -60.59 -13.63
N ALA KB 214 -48.44 -60.54 -14.96
CA ALA KB 214 -49.55 -60.16 -15.79
C ALA KB 214 -50.22 -61.41 -16.34
N TYR KB 215 -51.53 -61.40 -16.38
CA TYR KB 215 -52.32 -62.55 -16.80
C TYR KB 215 -53.17 -62.14 -17.98
N ARG KB 216 -52.84 -62.64 -19.15
CA ARG KB 216 -53.52 -62.32 -20.38
C ARG KB 216 -54.30 -63.53 -20.87
N TYR KB 217 -55.43 -63.26 -21.50
CA TYR KB 217 -56.26 -64.27 -22.12
C TYR KB 217 -56.26 -64.02 -23.62
N ILE KB 218 -55.80 -65.00 -24.38
CA ILE KB 218 -55.77 -64.91 -25.84
C ILE KB 218 -56.63 -66.04 -26.39
N GLY KB 219 -57.92 -65.77 -26.56
CA GLY KB 219 -58.84 -66.77 -27.06
C GLY KB 219 -58.86 -68.03 -26.23
N ASN KB 220 -59.18 -67.88 -24.95
CA ASN KB 220 -59.22 -69.01 -24.01
C ASN KB 220 -57.86 -69.69 -23.91
N GLU KB 221 -56.80 -68.89 -23.87
CA GLU KB 221 -55.45 -69.37 -23.67
C GLU KB 221 -54.79 -68.42 -22.69
N LEU KB 222 -54.51 -68.91 -21.49
CA LEU KB 222 -54.01 -68.08 -20.39
C LEU KB 222 -52.50 -68.01 -20.48
N TRP KB 223 -51.98 -66.84 -20.80
CA TRP KB 223 -50.56 -66.56 -20.78
C TRP KB 223 -50.23 -65.77 -19.52
N ILE KB 224 -49.10 -66.10 -18.91
CA ILE KB 224 -48.61 -65.42 -17.73
C ILE KB 224 -47.30 -64.78 -18.14
N TYR KB 225 -47.26 -63.45 -18.10
CA TYR KB 225 -46.04 -62.70 -18.27
C TYR KB 225 -45.44 -62.47 -16.90
N SER KB 226 -44.15 -62.75 -16.76
CA SER KB 226 -43.49 -62.71 -15.47
C SER KB 226 -42.06 -62.27 -15.63
N ALA KB 227 -41.41 -62.07 -14.49
CA ALA KB 227 -40.01 -61.67 -14.40
C ALA KB 227 -39.24 -62.77 -13.70
N VAL KB 228 -38.30 -63.37 -14.41
CA VAL KB 228 -37.45 -64.43 -13.86
C VAL KB 228 -36.07 -64.28 -14.44
N LEU KB 229 -35.06 -64.66 -13.67
CA LEU KB 229 -33.69 -64.70 -14.14
C LEU KB 229 -33.19 -66.14 -14.09
N ASP KB 230 -32.28 -66.45 -15.01
CA ASP KB 230 -31.71 -67.79 -15.12
C ASP KB 230 -30.22 -67.72 -14.85
N ALA KB 231 -29.73 -68.71 -14.10
CA ALA KB 231 -28.29 -68.91 -13.89
C ALA KB 231 -27.61 -67.66 -13.31
N ASN KB 232 -28.38 -66.79 -12.67
CA ASN KB 232 -27.86 -65.55 -12.10
C ASN KB 232 -27.20 -64.68 -13.16
N GLU KB 233 -27.75 -64.70 -14.38
CA GLU KB 233 -27.25 -63.82 -15.43
C GLU KB 233 -27.92 -62.45 -15.38
N ASN KB 234 -29.24 -62.40 -15.57
CA ASN KB 234 -29.93 -61.12 -15.66
C ASN KB 234 -31.43 -61.35 -15.71
N ASN KB 235 -32.17 -60.26 -15.64
CA ASN KB 235 -33.63 -60.32 -15.57
C ASN KB 235 -34.22 -60.55 -16.95
N LYS KB 236 -35.02 -61.60 -17.07
CA LYS KB 236 -35.74 -61.94 -18.29
C LYS KB 236 -37.23 -61.74 -18.06
N PHE KB 237 -37.88 -61.10 -19.01
CA PHE KB 237 -39.32 -60.95 -19.04
C PHE KB 237 -39.89 -62.01 -19.98
N VAL KB 238 -40.72 -62.88 -19.46
CA VAL KB 238 -40.98 -64.17 -20.09
C VAL KB 238 -42.45 -64.54 -20.01
N ARG KB 239 -42.94 -65.19 -21.06
CA ARG KB 239 -44.28 -65.75 -21.12
C ARG KB 239 -44.25 -67.22 -20.74
N PHE KB 240 -45.35 -67.70 -20.17
CA PHE KB 240 -45.53 -69.14 -20.03
C PHE KB 240 -47.00 -69.44 -19.74
N GLN KB 241 -47.29 -70.72 -19.53
CA GLN KB 241 -48.60 -71.22 -19.20
C GLN KB 241 -48.58 -71.83 -17.81
N TYR KB 242 -49.72 -71.83 -17.15
CA TYR KB 242 -49.81 -72.42 -15.83
C TYR KB 242 -49.67 -73.93 -15.90
N ARG KB 243 -48.90 -74.49 -14.97
CA ARG KB 243 -48.74 -75.93 -14.86
C ARG KB 243 -48.31 -76.24 -13.43
N THR KB 244 -49.04 -77.12 -12.77
CA THR KB 244 -48.74 -77.42 -11.37
C THR KB 244 -47.37 -78.06 -11.25
N GLY KB 245 -46.69 -77.75 -10.14
CA GLY KB 245 -45.42 -78.37 -9.81
C GLY KB 245 -44.27 -77.40 -9.80
N GLU KB 246 -43.36 -77.54 -10.77
CA GLU KB 246 -42.16 -76.72 -10.83
C GLU KB 246 -41.91 -76.25 -12.25
N ILE KB 247 -41.19 -75.14 -12.38
CA ILE KB 247 -40.78 -74.63 -13.66
C ILE KB 247 -39.52 -73.80 -13.47
N THR KB 248 -38.84 -73.54 -14.58
CA THR KB 248 -37.65 -72.70 -14.60
C THR KB 248 -37.37 -72.32 -16.04
N TYR KB 249 -36.61 -71.23 -16.20
CA TYR KB 249 -36.40 -70.68 -17.54
C TYR KB 249 -35.63 -71.66 -18.41
N GLY KB 250 -36.16 -71.89 -19.61
CA GLY KB 250 -35.53 -72.79 -20.55
C GLY KB 250 -36.42 -73.09 -21.72
N ASN KB 251 -36.57 -74.39 -22.02
CA ASN KB 251 -37.39 -74.78 -23.16
C ASN KB 251 -38.87 -74.58 -22.88
N GLU KB 252 -39.29 -74.66 -21.62
CA GLU KB 252 -40.69 -74.55 -21.25
C GLU KB 252 -41.18 -73.10 -21.20
N MET KB 253 -40.30 -72.12 -21.34
CA MET KB 253 -40.65 -70.72 -21.21
C MET KB 253 -39.98 -69.93 -22.30
N GLN KB 254 -40.73 -69.02 -22.92
CA GLN KB 254 -40.26 -68.27 -24.08
C GLN KB 254 -40.25 -66.78 -23.76
N ASP KB 255 -39.09 -66.16 -23.97
CA ASP KB 255 -38.97 -64.72 -23.74
C ASP KB 255 -39.83 -63.96 -24.75
N VAL KB 256 -39.85 -62.64 -24.57
CA VAL KB 256 -40.57 -61.75 -25.48
C VAL KB 256 -39.67 -60.54 -25.73
N MET KB 257 -39.24 -60.37 -26.99
CA MET KB 257 -38.32 -59.33 -27.47
C MET KB 257 -37.24 -59.08 -26.44
N PRO KB 258 -36.30 -60.01 -26.26
CA PRO KB 258 -35.35 -59.85 -25.16
C PRO KB 258 -34.40 -58.69 -25.36
N ASN KB 259 -33.94 -58.52 -26.61
CA ASN KB 259 -32.88 -57.57 -26.93
C ASN KB 259 -33.21 -56.12 -26.57
N ILE KB 260 -34.48 -55.79 -26.33
CA ILE KB 260 -34.89 -54.40 -26.20
C ILE KB 260 -35.14 -53.98 -24.75
N PHE KB 261 -35.58 -54.89 -23.87
CA PHE KB 261 -35.75 -54.53 -22.45
C PHE KB 261 -35.30 -55.64 -21.50
N ASN KB 262 -34.26 -56.41 -21.87
CA ASN KB 262 -33.55 -57.23 -20.88
C ASN KB 262 -32.20 -56.62 -20.51
N ASP KB 263 -32.19 -55.30 -20.35
CA ASP KB 263 -31.04 -54.59 -19.79
C ASP KB 263 -31.29 -54.13 -18.36
N ARG KB 264 -32.51 -54.22 -17.86
CA ARG KB 264 -32.84 -53.79 -16.52
C ARG KB 264 -34.06 -54.57 -16.04
N TYR KB 265 -34.22 -54.60 -14.72
CA TYR KB 265 -35.31 -55.36 -14.12
C TYR KB 265 -36.65 -54.85 -14.63
N THR KB 266 -37.54 -55.77 -14.94
CA THR KB 266 -38.79 -55.44 -15.60
C THR KB 266 -39.88 -56.41 -15.14
N SER KB 267 -41.08 -55.87 -15.00
CA SER KB 267 -42.26 -56.65 -14.69
C SER KB 267 -43.43 -56.02 -15.42
N ALA KB 268 -44.57 -56.68 -15.39
CA ALA KB 268 -45.69 -56.25 -16.21
C ALA KB 268 -47.02 -56.57 -15.55
N ILE KB 269 -48.04 -55.85 -16.01
CA ILE KB 269 -49.43 -56.15 -15.74
C ILE KB 269 -50.20 -55.99 -17.04
N TYR KB 270 -51.42 -56.51 -17.05
CA TYR KB 270 -52.26 -56.51 -18.24
C TYR KB 270 -53.62 -55.92 -17.91
N ASN KB 271 -54.08 -55.01 -18.76
CA ASN KB 271 -55.43 -54.47 -18.69
C ASN KB 271 -56.16 -54.93 -19.94
N PRO KB 272 -57.15 -55.84 -19.84
CA PRO KB 272 -57.76 -56.38 -21.06
C PRO KB 272 -58.75 -55.44 -21.71
N ILE KB 273 -59.32 -54.50 -20.97
CA ILE KB 273 -60.32 -53.60 -21.54
C ILE KB 273 -59.71 -52.76 -22.64
N GLU KB 274 -58.58 -52.12 -22.34
CA GLU KB 274 -57.82 -51.40 -23.35
C GLU KB 274 -56.80 -52.26 -24.08
N ASN KB 275 -56.60 -53.51 -23.65
CA ASN KB 275 -55.64 -54.41 -24.26
C ASN KB 275 -54.23 -53.83 -24.20
N LEU KB 276 -53.86 -53.46 -22.98
CA LEU KB 276 -52.57 -52.82 -22.72
C LEU KB 276 -51.74 -53.67 -21.77
N MET KB 277 -50.43 -53.53 -21.91
CA MET KB 277 -49.45 -54.25 -21.10
C MET KB 277 -48.55 -53.20 -20.47
N ILE KB 278 -48.84 -52.85 -19.23
CA ILE KB 278 -48.12 -51.82 -18.51
C ILE KB 278 -46.86 -52.44 -17.95
N PHE KB 279 -45.71 -51.95 -18.39
CA PHE KB 279 -44.41 -52.47 -18.00
C PHE KB 279 -43.82 -51.56 -16.94
N ARG KB 280 -43.66 -52.09 -15.75
CA ARG KB 280 -42.81 -51.47 -14.75
C ARG KB 280 -41.37 -51.83 -15.08
N ARG KB 281 -40.47 -50.86 -14.99
CA ARG KB 281 -39.09 -51.06 -15.38
C ARG KB 281 -38.23 -50.27 -14.39
N GLU KB 282 -37.37 -50.98 -13.68
CA GLU KB 282 -36.52 -50.40 -12.66
C GLU KB 282 -35.36 -49.65 -13.30
N TYR KB 283 -34.67 -48.87 -12.48
CA TYR KB 283 -33.47 -48.15 -12.86
C TYR KB 283 -32.24 -48.76 -12.21
N LYS KB 284 -31.09 -48.52 -12.82
CA LYS KB 284 -29.81 -48.85 -12.21
C LYS KB 284 -29.43 -47.75 -11.22
N ALA KB 285 -28.43 -48.06 -10.39
CA ALA KB 285 -27.99 -47.11 -9.38
C ALA KB 285 -27.40 -45.87 -10.01
N SER KB 286 -26.64 -46.03 -11.09
CA SER KB 286 -25.99 -44.89 -11.72
C SER KB 286 -27.02 -43.93 -12.30
N GLU KB 287 -27.99 -44.45 -13.06
CA GLU KB 287 -29.05 -43.61 -13.58
C GLU KB 287 -29.87 -43.00 -12.46
N ARG KB 288 -30.09 -43.77 -11.40
CA ARG KB 288 -30.89 -43.31 -10.27
C ARG KB 288 -30.24 -42.10 -9.60
N GLN KB 289 -28.90 -42.07 -9.56
CA GLN KB 289 -28.19 -40.94 -8.94
C GLN KB 289 -28.65 -39.61 -9.51
N LEU KB 290 -28.91 -39.55 -10.81
CA LEU KB 290 -29.42 -38.34 -11.46
C LEU KB 290 -30.93 -38.27 -11.53
N LYS KB 291 -31.60 -39.42 -11.64
CA LYS KB 291 -33.05 -39.39 -11.86
C LYS KB 291 -33.82 -39.12 -10.57
N ASN KB 292 -33.23 -39.42 -9.41
CA ASN KB 292 -33.95 -39.30 -8.14
C ASN KB 292 -35.22 -40.15 -8.15
N SER KB 293 -35.07 -41.42 -8.48
CA SER KB 293 -36.21 -42.31 -8.64
C SER KB 293 -35.74 -43.73 -8.88
N LEU KB 294 -36.61 -44.69 -8.58
CA LEU KB 294 -36.28 -46.10 -8.67
C LEU KB 294 -36.86 -46.79 -9.88
N ASN KB 295 -38.04 -46.38 -10.34
CA ASN KB 295 -38.69 -47.12 -11.40
C ASN KB 295 -39.56 -46.20 -12.23
N PHE KB 296 -39.92 -46.71 -13.40
CA PHE KB 296 -40.73 -45.97 -14.35
C PHE KB 296 -41.61 -46.95 -15.08
N VAL KB 297 -42.80 -46.49 -15.40
CA VAL KB 297 -43.86 -47.32 -15.97
C VAL KB 297 -44.11 -46.87 -17.40
N GLU KB 298 -44.19 -47.83 -18.30
CA GLU KB 298 -44.47 -47.62 -19.70
C GLU KB 298 -45.82 -48.23 -20.04
N VAL KB 299 -46.60 -47.51 -20.82
CA VAL KB 299 -47.75 -48.13 -21.48
C VAL KB 299 -47.29 -48.67 -22.82
N ARG KB 300 -47.95 -49.73 -23.26
CA ARG KB 300 -47.73 -50.28 -24.59
C ARG KB 300 -48.85 -51.25 -24.86
N SER KB 301 -49.02 -51.59 -26.14
CA SER KB 301 -50.13 -52.40 -26.58
C SER KB 301 -49.70 -53.85 -26.76
N ALA KB 302 -50.60 -54.76 -26.38
CA ALA KB 302 -50.27 -56.17 -26.39
C ALA KB 302 -50.12 -56.68 -27.81
N ASP KB 303 -50.90 -56.14 -28.76
CA ASP KB 303 -50.72 -56.56 -30.14
C ASP KB 303 -49.37 -56.13 -30.68
N ASP KB 304 -48.92 -54.94 -30.28
CA ASP KB 304 -47.58 -54.49 -30.64
C ASP KB 304 -46.53 -55.42 -30.07
N ILE KB 305 -46.70 -55.82 -28.80
CA ILE KB 305 -45.77 -56.74 -28.18
C ILE KB 305 -45.76 -58.07 -28.91
N ASP KB 306 -46.94 -58.54 -29.32
CA ASP KB 306 -47.04 -59.81 -30.03
C ASP KB 306 -46.28 -59.76 -31.34
N LYS KB 307 -46.64 -58.82 -32.21
CA LYS KB 307 -46.03 -58.76 -33.53
C LYS KB 307 -44.69 -58.03 -33.53
N GLY KB 308 -44.12 -57.75 -32.35
CA GLY KB 308 -42.73 -57.38 -32.23
C GLY KB 308 -42.47 -55.89 -32.16
N ILE KB 309 -43.36 -55.08 -32.74
CA ILE KB 309 -43.11 -53.65 -32.81
C ILE KB 309 -43.14 -53.07 -31.40
N ASP KB 310 -42.21 -52.15 -31.14
CA ASP KB 310 -42.07 -51.52 -29.84
C ASP KB 310 -42.70 -50.13 -29.86
N LYS KB 311 -43.39 -49.80 -28.77
CA LYS KB 311 -43.94 -48.46 -28.60
C LYS KB 311 -43.88 -48.12 -27.13
N VAL KB 312 -43.44 -46.90 -26.83
CA VAL KB 312 -43.13 -46.47 -25.48
C VAL KB 312 -44.04 -45.32 -25.09
N LEU KB 313 -45.26 -45.33 -25.62
CA LEU KB 313 -46.21 -44.28 -25.33
C LEU KB 313 -46.52 -44.24 -23.84
N TYR KB 314 -46.64 -43.03 -23.30
CA TYR KB 314 -47.02 -42.83 -21.91
C TYR KB 314 -46.03 -43.53 -20.97
N GLN KB 315 -44.83 -42.97 -20.96
CA GLN KB 315 -43.77 -43.34 -20.03
C GLN KB 315 -43.76 -42.34 -18.90
N MET KB 316 -43.47 -42.83 -17.69
CA MET KB 316 -43.55 -41.98 -16.52
C MET KB 316 -42.67 -42.52 -15.40
N ASP KB 317 -41.79 -41.67 -14.88
CA ASP KB 317 -40.99 -42.00 -13.72
C ASP KB 317 -41.86 -41.97 -12.47
N ILE KB 318 -41.33 -42.50 -11.37
CA ILE KB 318 -41.97 -42.44 -10.07
C ILE KB 318 -41.01 -41.74 -9.11
N PRO KB 319 -41.42 -40.70 -8.40
CA PRO KB 319 -40.51 -40.11 -7.40
C PRO KB 319 -40.18 -41.11 -6.30
N MET KB 320 -39.12 -40.79 -5.55
CA MET KB 320 -38.63 -41.73 -4.56
C MET KB 320 -39.63 -41.92 -3.42
N GLU KB 321 -40.27 -40.83 -2.99
CA GLU KB 321 -41.12 -40.87 -1.81
C GLU KB 321 -42.25 -41.87 -1.93
N TYR KB 322 -42.64 -42.25 -3.14
CA TYR KB 322 -43.69 -43.24 -3.37
C TYR KB 322 -43.15 -44.65 -3.54
N THR KB 323 -41.82 -44.84 -3.46
CA THR KB 323 -41.21 -46.16 -3.62
C THR KB 323 -40.03 -46.37 -2.68
N SER KB 324 -39.93 -45.59 -1.61
CA SER KB 324 -38.77 -45.62 -0.74
C SER KB 324 -38.79 -46.87 0.14
N ASP KB 325 -37.87 -46.91 1.10
CA ASP KB 325 -37.77 -48.06 1.99
C ASP KB 325 -38.95 -48.09 2.96
N THR KB 326 -39.36 -46.93 3.46
CA THR KB 326 -40.54 -46.83 4.30
C THR KB 326 -41.83 -46.79 3.49
N GLN KB 327 -41.75 -46.68 2.17
CA GLN KB 327 -42.92 -46.72 1.30
C GLN KB 327 -42.54 -47.48 0.03
N PRO KB 328 -42.27 -48.76 0.14
CA PRO KB 328 -41.88 -49.54 -1.04
C PRO KB 328 -43.04 -49.73 -1.99
N MET KB 329 -42.80 -50.32 -3.16
CA MET KB 329 -43.83 -50.34 -4.19
C MET KB 329 -45.06 -51.12 -3.74
N GLN KB 330 -44.94 -52.45 -3.68
CA GLN KB 330 -45.94 -53.38 -3.16
C GLN KB 330 -47.20 -53.53 -3.99
N GLY KB 331 -47.48 -52.64 -4.95
CA GLY KB 331 -48.50 -52.97 -5.92
C GLY KB 331 -48.86 -51.90 -6.91
N ILE KB 332 -49.26 -52.30 -8.12
CA ILE KB 332 -49.62 -51.38 -9.18
C ILE KB 332 -50.80 -51.95 -9.96
N THR KB 333 -51.59 -51.04 -10.55
CA THR KB 333 -52.60 -51.44 -11.51
C THR KB 333 -53.09 -50.24 -12.29
N TYR KB 334 -53.25 -50.40 -13.60
CA TYR KB 334 -53.70 -49.34 -14.48
C TYR KB 334 -55.19 -49.52 -14.75
N ASP KB 335 -55.90 -48.39 -14.86
CA ASP KB 335 -57.31 -48.43 -15.23
C ASP KB 335 -57.75 -47.04 -15.66
N ALA KB 336 -58.23 -46.93 -16.89
CA ALA KB 336 -58.90 -45.73 -17.37
C ALA KB 336 -57.98 -44.50 -17.30
N GLY KB 337 -56.77 -44.67 -17.84
CA GLY KB 337 -55.80 -43.59 -17.79
C GLY KB 337 -55.39 -43.19 -16.40
N ILE KB 338 -55.60 -44.06 -15.41
CA ILE KB 338 -55.25 -43.80 -14.03
C ILE KB 338 -54.43 -44.98 -13.53
N LEU KB 339 -53.26 -44.68 -12.97
CA LEU KB 339 -52.36 -45.69 -12.41
C LEU KB 339 -52.49 -45.62 -10.90
N TYR KB 340 -52.92 -46.74 -10.30
CA TYR KB 340 -53.05 -46.86 -8.86
C TYR KB 340 -51.80 -47.55 -8.35
N TRP KB 341 -51.15 -46.94 -7.36
CA TRP KB 341 -49.87 -47.37 -6.81
C TRP KB 341 -50.04 -47.53 -5.31
N TYR KB 342 -50.04 -48.78 -4.84
CA TYR KB 342 -50.39 -49.12 -3.47
C TYR KB 342 -49.14 -49.58 -2.74
N THR KB 343 -48.78 -48.87 -1.67
CA THR KB 343 -47.53 -49.03 -0.96
C THR KB 343 -47.80 -49.21 0.52
N GLY KB 344 -46.85 -49.83 1.21
CA GLY KB 344 -46.97 -50.07 2.63
C GLY KB 344 -45.69 -50.49 3.29
N ASP KB 345 -45.55 -50.18 4.57
CA ASP KB 345 -44.28 -50.29 5.28
C ASP KB 345 -44.12 -51.59 6.06
N SER KB 346 -45.11 -52.47 6.03
CA SER KB 346 -45.09 -53.70 6.84
C SER KB 346 -44.93 -53.36 8.32
N LYS KB 347 -45.54 -52.24 8.72
CA LYS KB 347 -45.36 -51.71 10.02
C LYS KB 347 -46.64 -50.96 10.36
N PRO KB 348 -47.21 -51.16 11.55
CA PRO KB 348 -48.39 -50.38 11.91
C PRO KB 348 -47.97 -49.02 12.42
N ALA KB 349 -48.84 -48.05 12.20
CA ALA KB 349 -48.66 -46.63 12.46
C ALA KB 349 -47.76 -45.97 11.42
N ASN KB 350 -47.10 -46.73 10.55
CA ASN KB 350 -46.53 -46.19 9.33
C ASN KB 350 -47.62 -46.33 8.28
N PRO KB 351 -48.41 -45.29 8.01
CA PRO KB 351 -49.63 -45.48 7.24
C PRO KB 351 -49.37 -45.96 5.83
N ASN KB 352 -49.79 -47.19 5.56
CA ASN KB 352 -49.75 -47.74 4.23
C ASN KB 352 -50.98 -47.30 3.48
N TYR KB 353 -50.82 -46.97 2.21
CA TYR KB 353 -51.95 -46.47 1.46
C TYR KB 353 -51.59 -46.48 -0.02
N LEU KB 354 -52.52 -46.00 -0.83
CA LEU KB 354 -52.32 -45.89 -2.27
C LEU KB 354 -52.28 -44.43 -2.68
N GLN KB 355 -51.67 -44.21 -3.83
CA GLN KB 355 -51.29 -42.90 -4.32
C GLN KB 355 -51.70 -42.75 -5.76
N GLY KB 356 -52.95 -43.10 -6.04
CA GLY KB 356 -53.48 -43.15 -7.40
C GLY KB 356 -53.38 -41.85 -8.17
N PHE KB 357 -52.61 -41.88 -9.26
CA PHE KB 357 -52.37 -40.70 -10.07
C PHE KB 357 -52.60 -40.99 -11.54
N ASP KB 358 -52.27 -40.02 -12.37
CA ASP KB 358 -52.55 -40.07 -13.80
C ASP KB 358 -51.25 -40.31 -14.56
N ILE KB 359 -51.36 -41.04 -15.65
CA ILE KB 359 -50.20 -41.36 -16.48
C ILE KB 359 -50.10 -40.44 -17.69
N LYS KB 360 -51.23 -39.89 -18.14
CA LYS KB 360 -51.24 -39.04 -19.32
C LYS KB 360 -50.40 -37.78 -19.08
N THR KB 361 -50.73 -37.03 -18.04
CA THR KB 361 -50.19 -35.69 -17.83
C THR KB 361 -49.17 -35.62 -16.69
N LYS KB 362 -48.82 -36.75 -16.08
CA LYS KB 362 -47.77 -36.81 -15.06
C LYS KB 362 -48.06 -35.87 -13.90
N GLU KB 363 -49.12 -36.18 -13.16
CA GLU KB 363 -49.53 -35.40 -12.01
C GLU KB 363 -49.83 -36.36 -10.87
N LEU KB 364 -50.50 -35.85 -9.84
CA LEU KB 364 -50.97 -36.64 -8.71
C LEU KB 364 -52.46 -36.38 -8.55
N LEU KB 365 -53.26 -37.43 -8.72
CA LEU KB 365 -54.71 -37.26 -8.73
C LEU KB 365 -55.28 -37.31 -7.32
N PHE KB 366 -54.83 -38.28 -6.52
CA PHE KB 366 -55.34 -38.40 -5.17
C PHE KB 366 -54.44 -39.29 -4.36
N LYS KB 367 -54.64 -39.22 -3.04
CA LYS KB 367 -53.77 -39.91 -2.11
C LYS KB 367 -54.55 -40.03 -0.79
N ARG KB 368 -55.01 -41.23 -0.48
CA ARG KB 368 -55.85 -41.48 0.66
C ARG KB 368 -55.07 -42.30 1.69
N ARG KB 369 -55.79 -42.76 2.71
CA ARG KB 369 -55.24 -43.63 3.74
C ARG KB 369 -56.02 -44.94 3.76
N ILE KB 370 -55.35 -45.97 4.25
CA ILE KB 370 -55.86 -47.34 4.20
C ILE KB 370 -55.55 -48.01 5.53
N ASP KB 371 -56.59 -48.57 6.15
CA ASP KB 371 -56.47 -49.24 7.45
C ASP KB 371 -57.33 -50.49 7.45
N ILE KB 372 -57.24 -51.27 6.37
CA ILE KB 372 -58.11 -52.44 6.20
C ILE KB 372 -57.67 -53.65 7.01
N GLY KB 373 -56.59 -53.54 7.79
CA GLY KB 373 -56.15 -54.68 8.59
C GLY KB 373 -57.19 -55.17 9.57
N GLY KB 374 -58.14 -54.33 9.94
CA GLY KB 374 -59.13 -54.69 10.92
C GLY KB 374 -59.67 -53.45 11.63
N VAL KB 375 -59.64 -53.50 12.95
CA VAL KB 375 -60.10 -52.38 13.75
C VAL KB 375 -59.00 -51.34 13.84
N ASN KB 376 -59.40 -50.09 14.06
CA ASN KB 376 -58.49 -48.95 13.99
C ASN KB 376 -57.29 -49.10 14.90
N ASN KB 377 -56.11 -49.23 14.29
CA ASN KB 377 -54.85 -49.25 15.02
C ASN KB 377 -54.79 -50.41 16.01
N ASN KB 378 -55.49 -51.50 15.71
CA ASN KB 378 -55.36 -52.73 16.51
C ASN KB 378 -55.56 -53.89 15.54
N PHE KB 379 -54.46 -54.39 15.01
CA PHE KB 379 -54.44 -55.49 14.06
C PHE KB 379 -53.81 -56.72 14.69
N LYS KB 380 -54.28 -57.88 14.26
CA LYS KB 380 -53.74 -59.14 14.73
C LYS KB 380 -52.25 -59.20 14.44
N GLY KB 381 -51.52 -59.86 15.32
CA GLY KB 381 -50.09 -59.88 15.22
C GLY KB 381 -49.53 -58.53 15.62
N ASP KB 382 -48.59 -58.02 14.84
CA ASP KB 382 -47.95 -56.76 15.12
C ASP KB 382 -47.72 -55.90 13.89
N PHE KB 383 -48.15 -56.34 12.71
CA PHE KB 383 -47.85 -55.59 11.51
C PHE KB 383 -48.81 -55.98 10.41
N GLN KB 384 -49.17 -54.98 9.62
CA GLN KB 384 -49.92 -55.13 8.40
C GLN KB 384 -49.05 -54.65 7.25
N GLU KB 385 -49.15 -55.34 6.12
CA GLU KB 385 -48.37 -55.00 4.94
C GLU KB 385 -49.30 -54.97 3.74
N ALA KB 386 -49.12 -53.92 2.94
CA ALA KB 386 -49.85 -53.79 1.70
C ALA KB 386 -49.25 -54.71 0.65
N GLU KB 387 -50.08 -55.13 -0.29
CA GLU KB 387 -49.67 -56.09 -1.30
C GLU KB 387 -50.32 -55.71 -2.62
N GLY KB 388 -50.07 -56.53 -3.63
CA GLY KB 388 -50.38 -56.16 -4.99
C GLY KB 388 -51.85 -55.85 -5.19
N LEU KB 389 -52.11 -55.09 -6.25
CA LEU KB 389 -53.45 -54.68 -6.61
C LEU KB 389 -54.02 -55.58 -7.69
N ASP KB 390 -55.33 -55.45 -7.89
CA ASP KB 390 -55.99 -56.07 -9.02
C ASP KB 390 -57.19 -55.23 -9.38
N MET KB 391 -57.45 -55.14 -10.67
CA MET KB 391 -58.62 -54.48 -11.22
C MET KB 391 -59.51 -55.57 -11.77
N TYR KB 392 -60.53 -55.94 -11.02
CA TYR KB 392 -61.42 -56.99 -11.43
C TYR KB 392 -62.48 -56.43 -12.35
N TYR KB 393 -62.39 -56.79 -13.62
CA TYR KB 393 -63.42 -56.48 -14.58
C TYR KB 393 -64.42 -57.62 -14.62
N ASP KB 394 -65.31 -57.59 -15.59
CA ASP KB 394 -66.26 -58.67 -15.81
C ASP KB 394 -66.57 -58.73 -17.29
N LEU KB 395 -66.67 -59.94 -17.83
CA LEU KB 395 -67.08 -60.08 -19.22
C LEU KB 395 -68.48 -59.55 -19.44
N GLU KB 396 -69.33 -59.64 -18.42
CA GLU KB 396 -70.67 -59.09 -18.43
C GLU KB 396 -70.77 -58.02 -17.36
N THR KB 397 -71.57 -56.99 -17.63
CA THR KB 397 -71.79 -55.92 -16.66
C THR KB 397 -70.46 -55.26 -16.29
N GLY KB 398 -69.91 -54.54 -17.25
CA GLY KB 398 -68.51 -54.14 -17.17
C GLY KB 398 -68.26 -53.17 -16.05
N ARG KB 399 -68.37 -53.71 -14.84
CA ARG KB 399 -68.26 -52.95 -13.60
C ARG KB 399 -66.91 -53.29 -12.99
N LYS KB 400 -66.00 -52.34 -13.04
CA LYS KB 400 -64.65 -52.54 -12.57
C LYS KB 400 -64.58 -52.31 -11.08
N ALA KB 401 -63.87 -53.18 -10.38
CA ALA KB 401 -63.59 -52.98 -8.98
C ALA KB 401 -62.09 -53.14 -8.75
N LEU KB 402 -61.64 -52.56 -7.65
CA LEU KB 402 -60.23 -52.52 -7.28
C LEU KB 402 -60.04 -53.40 -6.06
N LEU KB 403 -59.36 -54.53 -6.25
CA LEU KB 403 -59.05 -55.44 -5.17
C LEU KB 403 -57.67 -55.10 -4.62
N ILE KB 404 -57.53 -55.24 -3.31
CA ILE KB 404 -56.30 -54.89 -2.61
C ILE KB 404 -55.97 -56.02 -1.65
N GLY KB 405 -54.71 -56.44 -1.68
CA GLY KB 405 -54.23 -57.49 -0.81
C GLY KB 405 -53.55 -56.91 0.42
N VAL KB 406 -53.85 -57.50 1.56
CA VAL KB 406 -53.21 -57.13 2.81
C VAL KB 406 -52.72 -58.40 3.50
N THR KB 407 -51.61 -58.27 4.21
CA THR KB 407 -50.96 -59.39 4.87
C THR KB 407 -50.74 -59.02 6.32
N ILE KB 408 -51.32 -59.80 7.23
CA ILE KB 408 -51.40 -59.46 8.64
C ILE KB 408 -50.83 -60.61 9.44
N GLY KB 409 -50.43 -60.31 10.67
CA GLY KB 409 -50.13 -61.32 11.65
C GLY KB 409 -48.68 -61.30 12.11
N PRO KB 410 -48.34 -62.14 13.07
CA PRO KB 410 -46.96 -62.15 13.57
C PRO KB 410 -45.95 -62.75 12.60
N GLY KB 411 -44.72 -62.91 13.07
CA GLY KB 411 -43.57 -63.26 12.25
C GLY KB 411 -43.69 -64.51 11.41
N ASN KB 412 -43.94 -65.67 12.03
CA ASN KB 412 -43.99 -66.94 11.33
C ASN KB 412 -45.42 -67.45 11.17
N ASN KB 413 -46.37 -66.54 10.97
CA ASN KB 413 -47.73 -66.92 10.67
C ASN KB 413 -48.43 -65.73 10.03
N ARG KB 414 -49.03 -65.95 8.87
CA ARG KB 414 -49.51 -64.88 8.02
C ARG KB 414 -50.98 -65.08 7.71
N HIS KB 415 -51.67 -63.97 7.45
CA HIS KB 415 -53.07 -63.96 7.08
C HIS KB 415 -53.22 -63.03 5.90
N HIS KB 416 -53.56 -63.59 4.76
CA HIS KB 416 -53.71 -62.83 3.52
C HIS KB 416 -55.20 -62.59 3.27
N SER KB 417 -55.59 -61.33 3.23
CA SER KB 417 -56.97 -60.94 3.04
C SER KB 417 -57.08 -60.05 1.81
N ILE KB 418 -58.27 -60.07 1.19
CA ILE KB 418 -58.55 -59.32 -0.02
C ILE KB 418 -59.72 -58.41 0.26
N TYR KB 419 -59.47 -57.11 0.27
CA TYR KB 419 -60.54 -56.13 0.34
C TYR KB 419 -60.79 -55.57 -1.06
N SER KB 420 -61.88 -54.82 -1.20
CA SER KB 420 -62.23 -54.29 -2.50
C SER KB 420 -62.98 -52.99 -2.37
N ILE KB 421 -62.76 -52.14 -3.37
CA ILE KB 421 -63.58 -50.96 -3.62
C ILE KB 421 -64.35 -51.26 -4.89
N GLY KB 422 -65.68 -51.30 -4.78
CA GLY KB 422 -66.51 -51.86 -5.82
C GLY KB 422 -67.28 -50.82 -6.60
N GLN KB 423 -68.17 -51.33 -7.46
CA GLN KB 423 -68.92 -50.53 -8.40
C GLN KB 423 -70.37 -51.01 -8.44
N ARG KB 424 -70.96 -51.11 -7.25
CA ARG KB 424 -72.38 -51.47 -7.10
C ARG KB 424 -72.65 -52.89 -7.63
N GLY KB 425 -72.10 -53.85 -6.89
CA GLY KB 425 -72.44 -55.25 -7.07
C GLY KB 425 -71.26 -56.15 -7.36
N VAL KB 426 -70.12 -55.59 -7.74
CA VAL KB 426 -68.97 -56.40 -8.13
C VAL KB 426 -68.49 -57.23 -6.96
N ASN KB 427 -68.27 -56.58 -5.81
CA ASN KB 427 -67.78 -57.30 -4.64
C ASN KB 427 -68.79 -58.31 -4.15
N GLN KB 428 -70.08 -57.97 -4.22
CA GLN KB 428 -71.13 -58.90 -3.83
C GLN KB 428 -71.04 -60.17 -4.66
N PHE KB 429 -71.02 -60.02 -5.98
CA PHE KB 429 -70.93 -61.19 -6.84
C PHE KB 429 -69.63 -61.94 -6.63
N LEU KB 430 -68.53 -61.22 -6.36
CA LEU KB 430 -67.25 -61.88 -6.18
C LEU KB 430 -67.28 -62.80 -4.98
N LYS KB 431 -67.84 -62.34 -3.87
CA LYS KB 431 -67.90 -63.20 -2.70
C LYS KB 431 -68.98 -64.26 -2.82
N ASN KB 432 -70.04 -63.98 -3.59
CA ASN KB 432 -71.13 -64.93 -3.73
C ASN KB 432 -70.92 -65.94 -4.85
N ILE KB 433 -69.80 -65.88 -5.57
CA ILE KB 433 -69.43 -66.97 -6.48
C ILE KB 433 -69.56 -68.31 -5.77
N ALA KB 434 -68.82 -68.47 -4.69
CA ALA KB 434 -68.79 -69.69 -3.91
C ALA KB 434 -68.75 -69.33 -2.44
N PRO KB 435 -69.27 -70.18 -1.56
CA PRO KB 435 -69.38 -69.80 -0.16
C PRO KB 435 -68.06 -69.96 0.59
N GLN KB 436 -68.03 -69.37 1.77
CA GLN KB 436 -66.92 -69.57 2.67
C GLN KB 436 -66.90 -71.02 3.14
N VAL KB 437 -65.69 -71.56 3.32
CA VAL KB 437 -65.58 -72.91 3.83
C VAL KB 437 -65.96 -72.92 5.30
N SER KB 438 -66.70 -73.94 5.69
CA SER KB 438 -67.05 -74.18 7.07
C SER KB 438 -66.72 -75.63 7.38
N MET KB 439 -66.59 -75.92 8.67
CA MET KB 439 -66.31 -77.29 9.07
C MET KB 439 -67.43 -78.23 8.64
N THR KB 440 -68.64 -77.70 8.48
CA THR KB 440 -69.81 -78.46 8.10
C THR KB 440 -70.54 -77.75 6.97
N ASP KB 441 -71.63 -78.36 6.54
CA ASP KB 441 -72.53 -77.76 5.58
C ASP KB 441 -73.05 -76.43 6.12
N SER KB 442 -73.57 -75.60 5.20
CA SER KB 442 -74.13 -74.31 5.59
C SER KB 442 -75.36 -74.45 6.46
N GLY KB 443 -76.01 -75.61 6.48
CA GLY KB 443 -77.22 -75.81 7.25
C GLY KB 443 -77.02 -76.67 8.48
N GLY KB 444 -76.10 -77.63 8.41
CA GLY KB 444 -75.86 -78.53 9.52
C GLY KB 444 -75.46 -79.94 9.12
N ARG KB 445 -75.66 -80.31 7.87
CA ARG KB 445 -75.22 -81.62 7.41
C ARG KB 445 -73.70 -81.69 7.38
N VAL KB 446 -73.22 -82.87 7.22
CA VAL KB 446 -71.83 -83.12 6.88
C VAL KB 446 -71.66 -82.89 5.38
N LYS KB 447 -70.51 -82.38 5.00
CA LYS KB 447 -70.24 -82.11 3.59
C LYS KB 447 -69.59 -83.32 2.93
N PRO KB 448 -69.71 -83.45 1.62
CA PRO KB 448 -69.37 -84.71 0.96
C PRO KB 448 -67.93 -84.82 0.50
N LEU KB 449 -67.59 -85.99 0.00
CA LEU KB 449 -66.24 -86.31 -0.43
C LEU KB 449 -65.96 -85.70 -1.81
N PRO KB 450 -64.76 -85.15 -2.04
CA PRO KB 450 -64.41 -84.76 -3.41
C PRO KB 450 -64.10 -85.92 -4.33
N ILE KB 451 -64.00 -87.16 -3.83
CA ILE KB 451 -63.70 -88.32 -4.66
C ILE KB 451 -64.61 -89.46 -4.24
N GLN KB 452 -65.08 -90.21 -5.23
CA GLN KB 452 -65.80 -91.45 -5.00
C GLN KB 452 -64.81 -92.61 -5.04
N ASN KB 453 -64.99 -93.56 -4.12
CA ASN KB 453 -64.13 -94.73 -4.00
C ASN KB 453 -62.68 -94.26 -3.82
N PRO KB 454 -62.38 -93.56 -2.73
CA PRO KB 454 -61.03 -93.00 -2.55
C PRO KB 454 -60.02 -94.11 -2.29
N ALA KB 455 -59.06 -94.24 -3.20
CA ALA KB 455 -58.03 -95.25 -3.05
C ALA KB 455 -57.18 -95.00 -1.82
N TYR KB 456 -56.94 -93.74 -1.48
CA TYR KB 456 -56.20 -93.35 -0.30
C TYR KB 456 -56.95 -92.23 0.40
N LEU KB 457 -57.20 -92.41 1.70
CA LEU KB 457 -57.86 -91.38 2.48
C LEU KB 457 -57.11 -90.07 2.43
N SER KB 458 -55.79 -90.14 2.43
CA SER KB 458 -54.94 -88.95 2.35
C SER KB 458 -55.12 -88.17 1.06
N ASP KB 459 -55.76 -88.75 0.04
CA ASP KB 459 -56.06 -87.96 -1.14
C ASP KB 459 -57.07 -86.86 -0.86
N ILE KB 460 -57.84 -86.97 0.23
CA ILE KB 460 -58.89 -86.02 0.52
C ILE KB 460 -58.27 -84.83 1.24
N THR KB 461 -57.76 -83.88 0.45
CA THR KB 461 -57.02 -82.74 0.96
C THR KB 461 -57.94 -81.51 1.02
N GLU KB 462 -58.95 -81.63 1.87
CA GLU KB 462 -59.92 -80.56 2.08
C GLU KB 462 -60.14 -80.41 3.57
N VAL KB 463 -61.17 -79.67 3.99
CA VAL KB 463 -61.39 -79.35 5.38
C VAL KB 463 -62.85 -79.56 5.74
N GLY KB 464 -63.10 -79.88 7.00
CA GLY KB 464 -64.42 -80.02 7.56
C GLY KB 464 -64.78 -81.47 7.80
N HIS KB 465 -66.02 -81.66 8.23
CA HIS KB 465 -66.51 -82.99 8.52
C HIS KB 465 -66.93 -83.70 7.23
N TYR KB 466 -66.76 -85.01 7.23
CA TYR KB 466 -67.12 -85.87 6.12
C TYR KB 466 -67.61 -87.18 6.70
N TYR KB 467 -68.31 -87.95 5.86
CA TYR KB 467 -68.75 -89.29 6.20
C TYR KB 467 -68.34 -90.23 5.09
N ILE KB 468 -67.89 -91.41 5.45
CA ILE KB 468 -67.47 -92.44 4.52
C ILE KB 468 -68.32 -93.67 4.76
N TYR KB 469 -68.82 -94.26 3.68
CA TYR KB 469 -69.69 -95.42 3.77
C TYR KB 469 -68.87 -96.70 3.77
N THR KB 470 -69.56 -97.81 4.08
CA THR KB 470 -68.89 -99.09 4.24
C THR KB 470 -68.20 -99.54 2.97
N GLN KB 471 -68.83 -99.31 1.82
CA GLN KB 471 -68.27 -99.80 0.57
C GLN KB 471 -66.95 -99.08 0.25
N ASP KB 472 -66.95 -97.76 0.37
CA ASP KB 472 -65.72 -97.01 0.16
C ASP KB 472 -64.68 -97.37 1.21
N THR KB 473 -65.12 -97.69 2.43
CA THR KB 473 -64.17 -98.11 3.46
C THR KB 473 -63.48 -99.40 3.07
N GLN KB 474 -64.26 -100.40 2.65
CA GLN KB 474 -63.68 -101.66 2.20
C GLN KB 474 -62.74 -101.44 1.02
N ASN KB 475 -63.16 -100.62 0.06
CA ASN KB 475 -62.35 -100.43 -1.14
C ASN KB 475 -61.10 -99.60 -0.89
N ALA KB 476 -61.06 -98.82 0.19
CA ALA KB 476 -59.95 -97.93 0.42
C ALA KB 476 -58.74 -98.70 0.93
N LEU KB 477 -57.61 -98.00 1.00
CA LEU KB 477 -56.33 -98.58 1.38
C LEU KB 477 -55.78 -98.02 2.68
N ASP KB 478 -55.57 -96.71 2.75
CA ASP KB 478 -54.99 -96.09 3.94
C ASP KB 478 -56.02 -96.10 5.06
N PHE KB 479 -55.83 -97.00 6.01
CA PHE KB 479 -56.80 -97.20 7.06
C PHE KB 479 -56.12 -97.91 8.22
N PRO KB 480 -56.47 -97.60 9.48
CA PRO KB 480 -55.77 -98.28 10.60
C PRO KB 480 -56.00 -99.78 10.61
N LEU KB 481 -57.25 -100.20 10.59
CA LEU KB 481 -57.57 -101.60 10.71
C LEU KB 481 -57.45 -102.29 9.35
N PRO KB 482 -57.33 -103.60 9.32
CA PRO KB 482 -57.28 -104.32 8.05
C PRO KB 482 -58.70 -104.59 7.52
N LYS KB 483 -58.74 -105.28 6.38
CA LYS KB 483 -60.00 -105.55 5.70
C LYS KB 483 -60.92 -106.42 6.55
N ALA KB 484 -60.35 -107.39 7.26
CA ALA KB 484 -61.15 -108.28 8.08
C ALA KB 484 -61.85 -107.56 9.22
N PHE KB 485 -61.31 -106.42 9.65
CA PHE KB 485 -61.87 -105.66 10.75
C PHE KB 485 -62.78 -104.55 10.30
N ARG KB 486 -62.38 -103.81 9.27
CA ARG KB 486 -63.17 -102.66 8.82
C ARG KB 486 -64.42 -103.16 8.10
N ASP KB 487 -65.57 -103.01 8.75
CA ASP KB 487 -66.85 -103.38 8.17
C ASP KB 487 -67.89 -102.28 8.32
N ALA KB 488 -67.81 -101.52 9.40
CA ALA KB 488 -68.89 -100.64 9.81
C ALA KB 488 -68.73 -99.26 9.18
N GLY KB 489 -69.67 -98.39 9.50
CA GLY KB 489 -69.65 -97.03 8.99
C GLY KB 489 -68.78 -96.13 9.85
N TRP KB 490 -68.18 -95.15 9.20
CA TRP KB 490 -67.29 -94.21 9.87
C TRP KB 490 -67.57 -92.82 9.35
N PHE KB 491 -67.18 -91.82 10.13
CA PHE KB 491 -67.07 -90.46 9.63
C PHE KB 491 -65.72 -89.89 10.01
N PHE KB 492 -65.12 -89.17 9.07
CA PHE KB 492 -63.84 -88.52 9.28
C PHE KB 492 -63.97 -87.04 9.02
N ASP KB 493 -63.44 -86.25 9.94
CA ASP KB 493 -63.31 -84.81 9.76
C ASP KB 493 -61.85 -84.46 9.56
N VAL KB 494 -61.65 -83.39 8.81
CA VAL KB 494 -60.33 -82.91 8.47
C VAL KB 494 -60.19 -81.50 8.96
N LEU KB 495 -59.12 -81.24 9.68
CA LEU KB 495 -58.82 -79.96 10.29
C LEU KB 495 -57.48 -79.46 9.79
N PRO KB 496 -57.26 -78.16 9.78
CA PRO KB 496 -55.99 -77.64 9.29
C PRO KB 496 -54.91 -77.75 10.34
N GLY KB 497 -53.68 -77.86 9.85
CA GLY KB 497 -52.51 -77.95 10.70
C GLY KB 497 -51.64 -76.73 10.62
N HIS KB 498 -50.53 -76.85 9.91
CA HIS KB 498 -49.61 -75.75 9.72
C HIS KB 498 -49.70 -75.26 8.28
N TYR KB 499 -48.83 -74.33 7.93
CA TYR KB 499 -48.92 -73.63 6.67
C TYR KB 499 -48.19 -74.36 5.55
N ASN KB 500 -47.13 -75.09 5.86
CA ASN KB 500 -46.37 -75.79 4.82
C ASN KB 500 -47.08 -77.01 4.27
N GLY KB 501 -48.29 -77.31 4.74
CA GLY KB 501 -49.08 -78.40 4.22
C GLY KB 501 -49.23 -79.52 5.21
N ALA KB 502 -50.37 -79.55 5.90
CA ALA KB 502 -50.60 -80.56 6.91
C ALA KB 502 -52.05 -80.51 7.33
N LEU KB 503 -52.64 -81.68 7.53
CA LEU KB 503 -54.05 -81.81 7.89
C LEU KB 503 -54.23 -82.91 8.91
N ARG KB 504 -55.01 -82.62 9.94
CA ARG KB 504 -55.40 -83.61 10.93
C ARG KB 504 -56.66 -84.31 10.46
N GLN KB 505 -56.56 -85.60 10.18
CA GLN KB 505 -57.71 -86.44 9.86
C GLN KB 505 -58.10 -87.20 11.12
N VAL KB 506 -59.27 -86.91 11.64
CA VAL KB 506 -59.83 -87.58 12.80
C VAL KB 506 -60.95 -88.46 12.30
N LEU KB 507 -60.85 -89.76 12.52
CA LEU KB 507 -61.74 -90.75 11.93
C LEU KB 507 -62.37 -91.56 13.04
N THR KB 508 -63.70 -91.53 13.12
CA THR KB 508 -64.45 -92.12 14.21
C THR KB 508 -65.54 -93.03 13.67
N ARG KB 509 -65.66 -94.20 14.27
CA ARG KB 509 -66.68 -95.16 13.86
C ARG KB 509 -68.05 -94.74 14.37
N ASN KB 510 -69.09 -95.20 13.66
CA ASN KB 510 -70.47 -94.96 14.04
C ASN KB 510 -70.96 -96.18 14.79
N SER KB 511 -70.61 -96.22 16.08
CA SER KB 511 -70.90 -97.38 16.93
C SER KB 511 -72.06 -97.01 17.85
N THR KB 512 -73.27 -97.28 17.36
CA THR KB 512 -74.47 -97.07 18.17
C THR KB 512 -74.71 -98.20 19.16
N GLY KB 513 -74.05 -99.34 19.00
CA GLY KB 513 -74.16 -100.45 19.93
C GLY KB 513 -72.84 -101.14 20.16
N ARG KB 514 -71.75 -100.40 19.96
CA ARG KB 514 -70.41 -100.91 20.19
C ARG KB 514 -69.56 -99.75 20.70
N ASN KB 515 -68.28 -100.02 20.93
CA ASN KB 515 -67.38 -99.00 21.43
C ASN KB 515 -66.87 -98.19 20.27
N MET KB 516 -66.96 -96.87 20.38
CA MET KB 516 -66.65 -95.97 19.30
C MET KB 516 -65.14 -95.84 19.12
N LEU KB 517 -64.63 -96.42 18.05
CA LEU KB 517 -63.21 -96.39 17.75
C LEU KB 517 -62.86 -95.05 17.12
N LYS KB 518 -61.92 -94.35 17.74
CA LYS KB 518 -61.38 -93.11 17.24
C LYS KB 518 -59.95 -93.32 16.77
N PHE KB 519 -59.56 -92.59 15.74
CA PHE KB 519 -58.19 -92.54 15.29
C PHE KB 519 -57.87 -91.13 14.82
N GLU KB 520 -56.59 -90.81 14.81
CA GLU KB 520 -56.11 -89.52 14.37
C GLU KB 520 -54.84 -89.69 13.56
N ARG KB 521 -54.69 -88.86 12.53
CA ARG KB 521 -53.54 -88.91 11.65
C ARG KB 521 -53.20 -87.51 11.19
N VAL KB 522 -51.94 -87.32 10.85
CA VAL KB 522 -51.44 -86.08 10.25
C VAL KB 522 -50.94 -86.40 8.85
N ILE KB 523 -51.61 -85.86 7.85
CA ILE KB 523 -51.29 -86.11 6.46
C ILE KB 523 -50.70 -84.87 5.85
N ASP KB 524 -49.71 -85.08 4.97
CA ASP KB 524 -49.10 -84.01 4.19
C ASP KB 524 -49.65 -84.07 2.79
N ILE KB 525 -50.30 -82.99 2.36
CA ILE KB 525 -50.99 -82.96 1.07
C ILE KB 525 -50.00 -83.18 -0.07
N PHE KB 526 -48.77 -82.72 0.08
CA PHE KB 526 -47.77 -82.81 -0.97
C PHE KB 526 -46.95 -84.08 -0.93
N ASN KB 527 -47.17 -84.96 0.05
CA ASN KB 527 -46.41 -86.20 0.15
C ASN KB 527 -47.35 -87.26 0.71
N LYS KB 528 -47.95 -88.04 -0.19
CA LYS KB 528 -48.83 -89.13 0.23
C LYS KB 528 -48.10 -90.18 1.05
N LYS KB 529 -46.77 -90.25 0.96
CA LYS KB 529 -45.99 -91.22 1.70
C LYS KB 529 -45.43 -90.66 3.01
N ASN KB 530 -45.40 -89.35 3.17
CA ASN KB 530 -44.95 -88.74 4.42
C ASN KB 530 -46.02 -88.74 5.50
N ASN KB 531 -47.21 -89.23 5.21
CA ASN KB 531 -48.32 -89.16 6.16
C ASN KB 531 -48.05 -90.04 7.37
N GLY KB 532 -48.25 -89.48 8.56
CA GLY KB 532 -48.07 -90.22 9.78
C GLY KB 532 -49.06 -91.35 9.94
N ALA KB 533 -48.95 -92.02 11.07
CA ALA KB 533 -49.74 -93.20 11.36
C ALA KB 533 -50.95 -92.83 12.22
N TRP KB 534 -51.88 -93.78 12.32
CA TRP KB 534 -53.17 -93.53 12.95
C TRP KB 534 -53.06 -93.73 14.45
N ASN KB 535 -52.92 -92.63 15.17
CA ASN KB 535 -52.97 -92.68 16.63
C ASN KB 535 -54.38 -93.02 17.08
N PHE KB 536 -54.56 -94.20 17.66
CA PHE KB 536 -55.83 -94.57 18.23
C PHE KB 536 -56.03 -93.89 19.57
N CYS KB 537 -57.27 -93.50 19.83
CA CYS KB 537 -57.73 -93.03 21.11
C CYS KB 537 -58.84 -93.94 21.62
N PRO KB 538 -58.88 -94.29 22.92
CA PRO KB 538 -59.94 -95.19 23.38
C PRO KB 538 -61.18 -94.46 23.81
N GLN KB 539 -62.33 -94.98 23.40
CA GLN KB 539 -63.63 -94.46 23.83
C GLN KB 539 -64.50 -95.69 24.08
N ASN KB 540 -64.55 -96.13 25.33
CA ASN KB 540 -65.26 -97.32 25.72
C ASN KB 540 -66.52 -96.96 26.49
N ALA KB 541 -67.51 -97.84 26.38
CA ALA KB 541 -68.78 -97.70 27.07
C ALA KB 541 -69.26 -98.98 27.74
N GLY KB 542 -68.62 -100.13 27.47
CA GLY KB 542 -69.00 -101.40 28.07
C GLY KB 542 -69.36 -102.46 27.04
N TYR KB 543 -68.78 -102.37 25.85
CA TYR KB 543 -69.01 -103.32 24.78
C TYR KB 543 -67.72 -104.10 24.50
N TRP KB 544 -67.86 -105.11 23.64
CA TRP KB 544 -66.75 -106.01 23.31
C TRP KB 544 -66.64 -106.11 21.80
N GLU KB 545 -65.49 -105.70 21.26
CA GLU KB 545 -65.23 -105.84 19.84
C GLU KB 545 -64.85 -107.28 19.55
N HIS KB 546 -65.62 -107.92 18.69
CA HIS KB 546 -65.36 -109.31 18.33
C HIS KB 546 -64.13 -109.38 17.44
N ILE KB 547 -63.42 -110.51 17.51
CA ILE KB 547 -62.31 -110.77 16.60
C ILE KB 547 -62.91 -111.40 15.35
N PRO KB 548 -62.45 -111.07 14.14
CA PRO KB 548 -62.99 -111.75 12.96
C PRO KB 548 -62.64 -113.23 12.96
N LYS KB 549 -63.28 -113.94 12.04
CA LYS KB 549 -63.01 -115.35 11.80
C LYS KB 549 -61.95 -115.57 10.73
N SER KB 550 -61.45 -114.51 10.10
CA SER KB 550 -60.40 -114.59 9.10
C SER KB 550 -59.02 -114.33 9.67
N ILE KB 551 -58.86 -114.48 10.99
CA ILE KB 551 -57.60 -114.25 11.67
C ILE KB 551 -57.38 -115.40 12.65
N THR KB 552 -56.26 -116.09 12.49
CA THR KB 552 -55.91 -117.23 13.34
C THR KB 552 -54.56 -116.98 14.00
N LYS KB 553 -54.38 -115.79 14.53
CA LYS KB 553 -53.15 -115.42 15.20
C LYS KB 553 -53.39 -114.18 16.04
N LEU KB 554 -52.70 -114.11 17.18
CA LEU KB 554 -52.77 -112.96 18.05
C LEU KB 554 -51.73 -111.90 17.72
N SER KB 555 -50.88 -112.14 16.72
CA SER KB 555 -49.80 -111.19 16.43
C SER KB 555 -50.29 -110.00 15.63
N ASP KB 556 -51.32 -110.18 14.81
CA ASP KB 556 -51.79 -109.09 13.96
C ASP KB 556 -52.53 -108.02 14.75
N LEU KB 557 -53.01 -108.34 15.96
CA LEU KB 557 -53.73 -107.37 16.78
C LEU KB 557 -52.72 -106.42 17.43
N LYS KB 558 -52.17 -105.54 16.60
CA LYS KB 558 -51.16 -104.58 17.01
C LYS KB 558 -51.75 -103.19 17.28
N ILE KB 559 -53.07 -103.08 17.40
CA ILE KB 559 -53.72 -101.78 17.56
C ILE KB 559 -53.60 -101.38 19.02
N VAL KB 560 -52.77 -100.37 19.29
CA VAL KB 560 -52.45 -100.01 20.65
C VAL KB 560 -53.68 -99.49 21.39
N GLY KB 561 -53.70 -99.70 22.70
CA GLY KB 561 -54.77 -99.22 23.56
C GLY KB 561 -56.09 -99.91 23.39
N LEU KB 562 -56.20 -100.86 22.46
CA LEU KB 562 -57.47 -101.46 22.11
C LEU KB 562 -57.65 -102.78 22.84
N ASP KB 563 -58.92 -103.09 23.14
CA ASP KB 563 -59.33 -104.27 23.86
C ASP KB 563 -60.21 -105.15 22.99
N PHE KB 564 -60.02 -106.46 23.11
CA PHE KB 564 -60.91 -107.44 22.50
C PHE KB 564 -61.23 -108.50 23.54
N TYR KB 565 -62.28 -109.26 23.25
CA TYR KB 565 -62.77 -110.33 24.11
C TYR KB 565 -62.80 -111.62 23.32
N ILE KB 566 -62.45 -112.72 23.98
CA ILE KB 566 -62.49 -114.05 23.40
C ILE KB 566 -63.34 -114.92 24.30
N THR KB 567 -64.29 -115.64 23.70
CA THR KB 567 -65.08 -116.60 24.44
C THR KB 567 -64.39 -117.96 24.48
N THR KB 568 -64.98 -118.88 25.25
CA THR KB 568 -64.40 -120.21 25.40
C THR KB 568 -64.38 -120.94 24.07
N GLU KB 569 -65.45 -120.80 23.29
CA GLU KB 569 -65.59 -121.59 22.07
C GLU KB 569 -64.66 -121.09 20.96
N GLU KB 570 -64.36 -119.80 20.93
CA GLU KB 570 -63.49 -119.21 19.93
C GLU KB 570 -62.07 -118.99 20.42
N SER KB 571 -61.78 -119.34 21.67
CA SER KB 571 -60.42 -119.27 22.19
C SER KB 571 -59.57 -120.47 21.83
N ASN KB 572 -60.03 -121.31 20.88
CA ASN KB 572 -59.30 -122.49 20.46
C ASN KB 572 -58.82 -122.42 19.02
N ARG KB 573 -59.33 -121.50 18.22
CA ARG KB 573 -58.93 -121.39 16.82
C ARG KB 573 -57.61 -120.66 16.63
N PHE KB 574 -57.04 -120.11 17.69
CA PHE KB 574 -55.78 -119.40 17.60
C PHE KB 574 -54.60 -120.35 17.74
N THR KB 575 -53.40 -119.80 17.52
CA THR KB 575 -52.15 -120.55 17.62
C THR KB 575 -51.29 -120.07 18.78
N ASP KB 576 -51.01 -118.77 18.84
CA ASP KB 576 -50.17 -118.21 19.89
C ASP KB 576 -50.89 -118.14 21.23
N PHE KB 577 -52.17 -118.51 21.29
CA PHE KB 577 -52.86 -118.57 22.57
C PHE KB 577 -52.17 -119.60 23.46
N PRO KB 578 -52.17 -119.40 24.78
CA PRO KB 578 -51.60 -120.43 25.67
C PRO KB 578 -52.34 -121.73 25.55
N LYS KB 579 -51.59 -122.81 25.29
CA LYS KB 579 -52.21 -124.11 25.05
C LYS KB 579 -52.88 -124.64 26.30
N ASP KB 580 -52.26 -124.44 27.46
CA ASP KB 580 -52.84 -124.94 28.71
C ASP KB 580 -54.14 -124.23 29.04
N PHE KB 581 -54.20 -122.92 28.79
CA PHE KB 581 -55.39 -122.12 29.04
C PHE KB 581 -56.27 -121.99 27.80
N LYS KB 582 -56.11 -122.89 26.83
CA LYS KB 582 -56.85 -122.80 25.58
C LYS KB 582 -58.26 -123.34 25.78
N GLY KB 583 -59.24 -122.44 25.83
CA GLY KB 583 -60.63 -122.83 25.93
C GLY KB 583 -61.05 -123.25 27.32
N ILE KB 584 -60.89 -122.35 28.29
CA ILE KB 584 -61.27 -122.63 29.67
C ILE KB 584 -62.18 -121.54 30.23
N ALA KB 585 -62.10 -120.33 29.69
CA ALA KB 585 -62.90 -119.22 30.18
C ALA KB 585 -62.79 -118.08 29.18
N GLY KB 586 -63.40 -116.94 29.52
CA GLY KB 586 -63.34 -115.77 28.67
C GLY KB 586 -62.08 -114.97 28.94
N TRP KB 587 -61.50 -114.43 27.87
CA TRP KB 587 -60.19 -113.80 27.92
C TRP KB 587 -60.24 -112.44 27.26
N ILE KB 588 -59.96 -111.40 28.02
CA ILE KB 588 -59.86 -110.04 27.53
C ILE KB 588 -58.42 -109.78 27.17
N LEU KB 589 -58.14 -109.55 25.90
CA LEU KB 589 -56.82 -109.11 25.47
C LEU KB 589 -56.84 -107.60 25.35
N GLU KB 590 -55.78 -106.97 25.83
CA GLU KB 590 -55.56 -105.55 25.63
C GLU KB 590 -54.15 -105.34 25.12
N VAL KB 591 -54.01 -104.40 24.18
CA VAL KB 591 -52.74 -104.13 23.52
C VAL KB 591 -52.14 -102.86 24.09
N LYS KB 592 -50.80 -102.83 24.14
CA LYS KB 592 -50.06 -101.66 24.59
C LYS KB 592 -48.77 -101.56 23.79
N SER KB 593 -48.11 -100.41 23.93
CA SER KB 593 -47.01 -100.05 23.05
C SER KB 593 -45.68 -100.56 23.56
N ASN KB 594 -44.68 -100.48 22.69
CA ASN KB 594 -43.34 -100.95 22.97
C ASN KB 594 -42.39 -100.27 21.98
N THR KB 595 -41.18 -100.82 21.85
CA THR KB 595 -40.20 -100.41 20.83
C THR KB 595 -40.84 -100.36 19.45
N PRO KB 596 -40.30 -99.58 18.50
CA PRO KB 596 -41.00 -99.44 17.22
C PRO KB 596 -41.04 -100.76 16.46
N GLY KB 597 -42.24 -101.31 16.32
CA GLY KB 597 -42.44 -102.62 15.75
C GLY KB 597 -42.69 -103.72 16.75
N ASN KB 598 -42.90 -103.38 18.03
CA ASN KB 598 -43.20 -104.34 19.07
C ASN KB 598 -44.44 -103.91 19.83
N THR KB 599 -45.21 -104.89 20.29
CA THR KB 599 -46.44 -104.63 21.03
C THR KB 599 -46.54 -105.61 22.18
N THR KB 600 -47.23 -105.18 23.23
CA THR KB 600 -47.41 -105.96 24.44
C THR KB 600 -48.88 -106.32 24.56
N GLN KB 601 -49.18 -107.62 24.57
CA GLN KB 601 -50.52 -108.13 24.71
C GLN KB 601 -50.70 -108.66 26.11
N VAL KB 602 -51.88 -108.40 26.69
CA VAL KB 602 -52.20 -108.78 28.05
C VAL KB 602 -53.55 -109.48 28.03
N LEU KB 603 -53.54 -110.78 28.33
CA LEU KB 603 -54.72 -111.64 28.29
C LEU KB 603 -55.16 -111.90 29.72
N ARG KB 604 -56.22 -111.23 30.15
CA ARG KB 604 -56.76 -111.39 31.50
C ARG KB 604 -58.01 -112.26 31.45
N ARG KB 605 -58.08 -113.24 32.35
CA ARG KB 605 -59.25 -114.09 32.42
C ARG KB 605 -60.37 -113.36 33.15
N ASN KB 606 -61.60 -113.59 32.70
CA ASN KB 606 -62.78 -113.00 33.32
C ASN KB 606 -63.49 -113.96 34.26
N ASN KB 607 -62.77 -114.92 34.81
CA ASN KB 607 -63.41 -115.95 35.62
C ASN KB 607 -63.88 -115.33 36.93
N PHE KB 608 -65.17 -115.47 37.20
CA PHE KB 608 -65.81 -114.84 38.35
C PHE KB 608 -65.53 -115.60 39.64
N PRO KB 609 -65.87 -116.91 39.76
CA PRO KB 609 -65.77 -117.55 41.08
C PRO KB 609 -64.34 -117.79 41.54
N SER KB 610 -63.50 -118.29 40.64
CA SER KB 610 -62.15 -118.70 41.01
C SER KB 610 -61.24 -117.48 41.05
N ALA KB 611 -59.94 -117.71 41.13
CA ALA KB 611 -58.98 -116.63 41.19
C ALA KB 611 -58.86 -115.98 39.82
N HIS KB 612 -58.12 -114.86 39.79
CA HIS KB 612 -57.90 -114.12 38.56
C HIS KB 612 -56.49 -114.37 38.04
N GLN KB 613 -56.41 -114.68 36.76
CA GLN KB 613 -55.16 -114.87 36.06
C GLN KB 613 -55.02 -113.81 34.98
N PHE KB 614 -53.77 -113.43 34.70
CA PHE KB 614 -53.51 -112.70 33.48
C PHE KB 614 -52.12 -113.03 32.97
N LEU KB 615 -52.04 -113.24 31.67
CA LEU KB 615 -50.82 -113.54 30.96
C LEU KB 615 -50.37 -112.33 30.18
N VAL KB 616 -49.07 -112.28 29.91
CA VAL KB 616 -48.44 -111.13 29.28
C VAL KB 616 -47.45 -111.63 28.25
N ARG KB 617 -47.32 -110.89 27.16
CA ARG KB 617 -46.23 -111.15 26.23
C ARG KB 617 -45.97 -109.93 25.39
N ASN KB 618 -44.69 -109.63 25.20
CA ASN KB 618 -44.23 -108.56 24.33
C ASN KB 618 -43.55 -109.18 23.12
N PHE KB 619 -44.09 -108.91 21.93
CA PHE KB 619 -43.61 -109.54 20.71
C PHE KB 619 -43.39 -108.50 19.63
N GLY KB 620 -42.66 -108.91 18.61
CA GLY KB 620 -42.33 -108.04 17.49
C GLY KB 620 -40.90 -108.24 17.02
N THR KB 621 -40.14 -107.16 16.99
CA THR KB 621 -38.74 -107.24 16.61
C THR KB 621 -37.97 -108.12 17.58
N GLY KB 622 -36.97 -108.81 17.06
CA GLY KB 622 -36.16 -109.72 17.87
C GLY KB 622 -36.82 -111.08 17.99
N GLY KB 623 -37.03 -111.53 19.23
CA GLY KB 623 -37.66 -112.80 19.50
C GLY KB 623 -39.16 -112.70 19.52
N VAL KB 624 -39.78 -113.67 20.19
CA VAL KB 624 -41.22 -113.75 20.35
C VAL KB 624 -41.53 -113.82 21.83
N GLY KB 625 -42.42 -112.94 22.28
CA GLY KB 625 -42.76 -112.87 23.69
C GLY KB 625 -43.31 -114.16 24.24
N LYS KB 626 -42.79 -114.56 25.39
CA LYS KB 626 -43.23 -115.78 26.06
C LYS KB 626 -44.32 -115.42 27.07
N TRP KB 627 -45.33 -116.27 27.13
CA TRP KB 627 -46.51 -116.01 27.95
C TRP KB 627 -46.13 -116.10 29.42
N SER KB 628 -45.91 -114.95 30.04
CA SER KB 628 -45.64 -114.86 31.47
C SER KB 628 -46.96 -114.72 32.20
N LEU KB 629 -47.21 -115.61 33.15
CA LEU KB 629 -48.48 -115.68 33.87
C LEU KB 629 -48.36 -115.00 35.22
N PHE KB 630 -49.48 -114.42 35.67
CA PHE KB 630 -49.58 -113.83 36.99
C PHE KB 630 -50.92 -114.25 37.56
N GLU KB 631 -50.88 -114.90 38.72
CA GLU KB 631 -52.05 -115.44 39.40
C GLU KB 631 -52.34 -114.59 40.64
N GLY KB 632 -53.61 -114.51 41.01
CA GLY KB 632 -54.00 -113.82 42.22
C GLY KB 632 -54.49 -114.76 43.31
N LYS KB 633 -54.53 -114.25 44.53
CA LYS KB 633 -54.99 -114.99 45.69
C LYS KB 633 -56.44 -114.63 45.96
N VAL KB 634 -57.30 -115.62 46.05
CA VAL KB 634 -58.70 -115.36 46.35
C VAL KB 634 -58.79 -114.88 47.80
N VAL KB 635 -59.47 -113.76 47.99
CA VAL KB 635 -59.60 -113.13 49.30
C VAL KB 635 -61.02 -112.62 49.44
N GLU KB 636 -61.51 -112.65 50.67
CA GLU KB 636 -62.86 -112.19 50.97
C GLU KB 636 -62.86 -110.68 51.20
N ASN LB 3 -1.16 -36.16 -34.60
CA ASN LB 3 -1.87 -35.67 -35.76
C ASN LB 3 -2.86 -36.70 -36.30
N LYS LB 4 -2.55 -37.98 -36.09
CA LYS LB 4 -3.41 -39.07 -36.50
C LYS LB 4 -3.62 -40.01 -35.33
N LEU LB 5 -4.55 -40.94 -35.50
CA LEU LB 5 -4.97 -41.81 -34.42
C LEU LB 5 -3.87 -42.80 -34.07
N ILE LB 6 -4.09 -43.47 -32.95
CA ILE LB 6 -3.21 -44.53 -32.48
C ILE LB 6 -4.05 -45.79 -32.36
N THR LB 7 -4.06 -46.58 -33.43
CA THR LB 7 -4.73 -47.87 -33.48
C THR LB 7 -3.85 -49.01 -32.97
N ASP LB 8 -2.75 -48.69 -32.31
CA ASP LB 8 -1.86 -49.68 -31.69
C ASP LB 8 -1.88 -49.39 -30.20
N LEU LB 9 -2.86 -49.96 -29.50
CA LEU LB 9 -3.08 -49.65 -28.11
C LEU LB 9 -2.15 -50.45 -27.22
N SER LB 10 -1.75 -49.85 -26.12
CA SER LB 10 -0.86 -50.51 -25.17
C SER LB 10 -1.56 -51.69 -24.53
N ARG LB 11 -0.79 -52.77 -24.36
CA ARG LB 11 -1.30 -54.04 -23.87
C ARG LB 11 -1.00 -54.24 -22.38
N VAL LB 12 -0.92 -53.16 -21.60
CA VAL LB 12 -0.61 -53.22 -20.19
C VAL LB 12 -1.53 -52.39 -19.32
N PHE LB 13 -2.51 -51.72 -19.93
CA PHE LB 13 -3.54 -50.95 -19.23
C PHE LB 13 -2.93 -50.00 -18.20
N ASP LB 14 -2.22 -49.00 -18.74
CA ASP LB 14 -1.60 -48.00 -17.89
C ASP LB 14 -1.97 -46.59 -18.33
N TYR LB 15 -1.33 -45.61 -17.71
CA TYR LB 15 -1.57 -44.22 -18.05
C TYR LB 15 -1.36 -43.99 -19.54
N ARG LB 16 -0.40 -44.69 -20.12
CA ARG LB 16 -0.20 -44.62 -21.55
C ARG LB 16 -1.45 -45.02 -22.30
N TYR LB 17 -2.06 -46.13 -21.92
CA TYR LB 17 -3.25 -46.60 -22.61
C TYR LB 17 -4.40 -45.62 -22.45
N VAL LB 18 -4.60 -45.13 -21.23
CA VAL LB 18 -5.73 -44.23 -20.99
C VAL LB 18 -5.53 -42.93 -21.74
N ASP LB 19 -4.30 -42.42 -21.77
CA ASP LB 19 -4.04 -41.19 -22.50
C ASP LB 19 -4.21 -41.41 -24.00
N GLU LB 20 -3.84 -42.59 -24.49
CA GLU LB 20 -4.05 -42.88 -25.90
C GLU LB 20 -5.52 -42.86 -26.24
N ASN LB 21 -6.34 -43.52 -25.42
CA ASN LB 21 -7.78 -43.54 -25.66
C ASN LB 21 -8.38 -42.14 -25.58
N GLU LB 22 -7.93 -41.35 -24.61
CA GLU LB 22 -8.47 -40.01 -24.45
C GLU LB 22 -8.09 -39.12 -25.62
N TYR LB 23 -6.80 -39.11 -25.98
CA TYR LB 23 -6.33 -38.38 -27.15
C TYR LB 23 -7.03 -38.86 -28.41
N ASN LB 24 -7.33 -40.15 -28.50
CA ASN LB 24 -8.02 -40.69 -29.65
C ASN LB 24 -9.40 -40.09 -29.80
N PHE LB 25 -10.17 -40.07 -28.72
CA PHE LB 25 -11.51 -39.49 -28.79
C PHE LB 25 -11.44 -37.99 -29.06
N LYS LB 26 -10.49 -37.31 -28.42
CA LYS LB 26 -10.34 -35.88 -28.65
C LYS LB 26 -10.02 -35.60 -30.10
N LEU LB 27 -9.14 -36.39 -30.68
CA LEU LB 27 -8.77 -36.22 -32.07
C LEU LB 27 -9.94 -36.53 -32.99
N ILE LB 28 -10.74 -37.54 -32.65
CA ILE LB 28 -11.90 -37.86 -33.49
C ILE LB 28 -12.85 -36.68 -33.52
N SER LB 29 -13.13 -36.10 -32.35
CA SER LB 29 -14.02 -34.96 -32.30
C SER LB 29 -13.45 -33.79 -33.09
N ASP LB 30 -12.16 -33.51 -32.90
CA ASP LB 30 -11.53 -32.40 -33.58
C ASP LB 30 -11.55 -32.59 -35.09
N MET LB 31 -11.18 -33.78 -35.55
CA MET LB 31 -11.12 -34.06 -36.97
C MET LB 31 -12.50 -33.99 -37.60
N LEU LB 32 -13.51 -34.47 -36.88
CA LEU LB 32 -14.85 -34.46 -37.43
C LEU LB 32 -15.39 -33.04 -37.54
N THR LB 33 -15.22 -32.23 -36.49
CA THR LB 33 -15.73 -30.87 -36.59
C THR LB 33 -14.94 -30.08 -37.62
N ASP LB 34 -13.65 -30.40 -37.81
CA ASP LB 34 -12.89 -29.77 -38.89
C ASP LB 34 -13.45 -30.15 -40.25
N PHE LB 35 -13.79 -31.43 -40.44
CA PHE LB 35 -14.36 -31.86 -41.72
C PHE LB 35 -15.70 -31.18 -41.96
N ASN LB 36 -16.52 -31.05 -40.92
CA ASN LB 36 -17.81 -30.40 -41.08
C ASN LB 36 -17.63 -28.94 -41.47
N PHE LB 37 -16.75 -28.23 -40.77
CA PHE LB 37 -16.49 -26.84 -41.12
C PHE LB 37 -15.91 -26.72 -42.51
N SER LB 38 -15.08 -27.68 -42.92
CA SER LB 38 -14.47 -27.63 -44.24
C SER LB 38 -15.52 -27.80 -45.32
N LEU LB 39 -16.44 -28.74 -45.12
CA LEU LB 39 -17.53 -28.91 -46.08
C LEU LB 39 -18.40 -27.66 -46.14
N GLU LB 40 -18.67 -27.05 -44.98
CA GLU LB 40 -19.50 -25.86 -44.98
C GLU LB 40 -18.82 -24.72 -45.71
N TYR LB 41 -17.51 -24.56 -45.51
CA TYR LB 41 -16.76 -23.55 -46.22
C TYR LB 41 -16.77 -23.82 -47.71
N HIS LB 42 -16.61 -25.08 -48.10
CA HIS LB 42 -16.71 -25.49 -49.50
C HIS LB 42 -18.05 -25.10 -50.07
N ARG LB 43 -19.12 -25.36 -49.34
CA ARG LB 43 -20.46 -25.20 -49.86
C ARG LB 43 -20.89 -23.74 -49.91
N ASN LB 44 -20.33 -22.90 -49.05
CA ASN LB 44 -20.79 -21.51 -48.93
C ASN LB 44 -19.82 -20.51 -49.54
N LYS LB 45 -18.55 -20.55 -49.15
CA LYS LB 45 -17.62 -19.45 -49.40
C LYS LB 45 -16.39 -19.81 -50.20
N GLU LB 46 -16.10 -21.08 -50.43
CA GLU LB 46 -14.86 -21.43 -51.09
C GLU LB 46 -14.94 -21.04 -52.55
N VAL LB 47 -14.15 -20.06 -52.95
CA VAL LB 47 -14.09 -19.65 -54.33
C VAL LB 47 -13.41 -20.72 -55.17
N PHE LB 48 -13.98 -21.00 -56.32
CA PHE LB 48 -13.46 -22.02 -57.24
C PHE LB 48 -13.42 -23.37 -56.54
N ALA LB 49 -14.50 -23.68 -55.84
CA ALA LB 49 -14.63 -24.98 -55.19
C ALA LB 49 -14.51 -26.10 -56.18
N HIS LB 50 -15.19 -25.98 -57.32
CA HIS LB 50 -15.20 -26.99 -58.35
C HIS LB 50 -14.64 -26.43 -59.65
N ASN LB 51 -13.97 -27.31 -60.38
CA ASN LB 51 -13.58 -27.01 -61.74
C ASN LB 51 -14.82 -27.07 -62.64
N GLY LB 52 -14.77 -26.33 -63.73
CA GLY LB 52 -15.95 -26.22 -64.58
C GLY LB 52 -16.19 -27.46 -65.41
N GLU LB 53 -15.16 -28.25 -65.67
CA GLU LB 53 -15.35 -29.50 -66.40
C GLU LB 53 -16.24 -30.47 -65.63
N GLN LB 54 -16.32 -30.33 -64.31
CA GLN LB 54 -17.01 -31.31 -63.50
C GLN LB 54 -18.51 -31.26 -63.72
N ILE LB 55 -19.11 -30.09 -63.46
CA ILE LB 55 -20.55 -29.99 -63.27
C ILE LB 55 -21.28 -30.37 -64.55
N LYS LB 56 -22.34 -31.15 -64.39
CA LYS LB 56 -23.08 -31.70 -65.51
C LYS LB 56 -24.25 -30.81 -65.87
N TYR LB 57 -24.45 -30.64 -67.18
CA TYR LB 57 -25.60 -29.93 -67.73
C TYR LB 57 -26.39 -30.92 -68.56
N GLU LB 58 -27.54 -31.32 -68.04
CA GLU LB 58 -28.37 -32.34 -68.66
C GLU LB 58 -29.54 -31.68 -69.36
N HIS LB 59 -29.52 -31.70 -70.68
CA HIS LB 59 -30.65 -31.34 -71.50
C HIS LB 59 -31.48 -32.61 -71.70
N LEU LB 60 -32.41 -32.59 -72.66
CA LEU LB 60 -33.07 -33.82 -73.04
C LEU LB 60 -32.06 -34.84 -73.57
N ASN LB 61 -32.06 -36.03 -72.96
CA ASN LB 61 -31.31 -37.19 -73.44
C ASN LB 61 -29.87 -36.88 -73.81
N VAL LB 62 -29.29 -35.87 -73.17
CA VAL LB 62 -27.99 -35.33 -73.53
C VAL LB 62 -27.25 -34.99 -72.25
N THR LB 63 -25.97 -35.33 -72.22
CA THR LB 63 -25.12 -35.12 -71.07
C THR LB 63 -23.86 -34.42 -71.52
N SER LB 64 -23.46 -33.42 -70.74
CA SER LB 64 -22.27 -32.65 -71.05
C SER LB 64 -21.95 -31.79 -69.85
N SER LB 65 -20.72 -31.30 -69.82
CA SER LB 65 -20.26 -30.47 -68.73
C SER LB 65 -20.84 -29.07 -68.90
N VAL LB 66 -20.31 -28.12 -68.13
CA VAL LB 66 -20.64 -26.71 -68.33
C VAL LB 66 -19.52 -25.97 -69.05
N SER LB 67 -18.26 -26.32 -68.77
CA SER LB 67 -17.16 -25.67 -69.47
C SER LB 67 -17.22 -25.95 -70.96
N ASP LB 68 -17.46 -27.20 -71.32
CA ASP LB 68 -17.58 -27.55 -72.73
C ASP LB 68 -18.75 -26.82 -73.38
N PHE LB 69 -19.90 -26.80 -72.68
CA PHE LB 69 -21.08 -26.15 -73.22
C PHE LB 69 -20.86 -24.66 -73.40
N LEU LB 70 -20.22 -24.02 -72.42
CA LEU LB 70 -19.96 -22.59 -72.53
C LEU LB 70 -18.99 -22.28 -73.65
N THR LB 71 -17.95 -23.10 -73.81
CA THR LB 71 -17.04 -22.90 -74.92
C THR LB 71 -17.77 -23.06 -76.25
N TYR LB 72 -18.73 -23.98 -76.28
CA TYR LB 72 -19.51 -24.19 -77.50
C TYR LB 72 -20.41 -23.01 -77.80
N LEU LB 73 -21.03 -22.44 -76.78
CA LEU LB 73 -21.82 -21.23 -76.96
C LEU LB 73 -20.95 -20.08 -77.47
N ASN LB 74 -19.77 -19.93 -76.89
CA ASN LB 74 -18.88 -18.86 -77.31
C ASN LB 74 -18.40 -19.06 -78.74
N GLY LB 75 -18.11 -20.31 -79.10
CA GLY LB 75 -17.73 -20.59 -80.47
C GLY LB 75 -18.85 -20.33 -81.45
N ARG LB 76 -20.09 -20.64 -81.06
CA ARG LB 76 -21.24 -20.31 -81.89
C ARG LB 76 -21.31 -18.82 -82.13
N PHE LB 77 -21.23 -18.05 -81.06
CA PHE LB 77 -21.28 -16.59 -81.19
C PHE LB 77 -20.18 -16.11 -82.11
N SER LB 78 -18.95 -16.58 -81.89
CA SER LB 78 -17.83 -16.14 -82.68
C SER LB 78 -18.01 -16.47 -84.14
N ASN LB 79 -18.49 -17.68 -84.43
CA ASN LB 79 -18.68 -18.07 -85.82
C ASN LB 79 -19.78 -17.24 -86.47
N MET LB 80 -20.90 -17.06 -85.78
CA MET LB 80 -21.99 -16.29 -86.35
C MET LB 80 -21.57 -14.85 -86.61
N VAL LB 81 -20.67 -14.32 -85.81
CA VAL LB 81 -20.27 -12.93 -85.97
C VAL LB 81 -19.19 -12.81 -87.04
N LEU LB 82 -18.01 -13.37 -86.78
CA LEU LB 82 -16.85 -13.16 -87.64
C LEU LB 82 -16.61 -14.32 -88.60
N GLY LB 83 -17.56 -15.22 -88.75
CA GLY LB 83 -17.42 -16.30 -89.70
C GLY LB 83 -17.96 -15.92 -91.06
N HIS LB 84 -17.12 -16.01 -92.08
CA HIS LB 84 -17.55 -15.69 -93.44
C HIS LB 84 -18.67 -16.62 -93.85
N ASN LB 85 -19.51 -16.14 -94.77
CA ASN LB 85 -20.70 -16.86 -95.17
C ASN LB 85 -20.95 -16.63 -96.66
N GLY LB 86 -22.03 -17.23 -97.14
CA GLY LB 86 -22.42 -17.15 -98.54
C GLY LB 86 -22.67 -18.53 -99.12
N ASP LB 87 -23.23 -18.51 -100.34
CA ASP LB 87 -23.59 -19.70 -101.15
C ASP LB 87 -24.05 -20.87 -100.30
N GLY LB 88 -25.05 -20.59 -99.45
CA GLY LB 88 -25.52 -21.61 -98.53
C GLY LB 88 -26.20 -22.77 -99.22
N ILE LB 89 -26.90 -22.49 -100.32
CA ILE LB 89 -27.58 -23.56 -101.05
C ILE LB 89 -26.57 -24.51 -101.64
N ASN LB 90 -25.52 -23.96 -102.25
CA ASN LB 90 -24.45 -24.79 -102.78
C ASN LB 90 -23.73 -25.54 -101.68
N GLU LB 91 -23.56 -24.89 -100.51
CA GLU LB 91 -22.94 -25.56 -99.38
C GLU LB 91 -23.73 -26.79 -98.96
N VAL LB 92 -25.06 -26.65 -98.90
CA VAL LB 92 -25.90 -27.77 -98.50
C VAL LB 92 -25.87 -28.87 -99.55
N LYS LB 93 -26.00 -28.49 -100.83
CA LYS LB 93 -26.03 -29.49 -101.88
C LYS LB 93 -24.70 -30.20 -102.02
N ASP LB 94 -23.60 -29.58 -101.57
CA ASP LB 94 -22.31 -30.24 -101.54
C ASP LB 94 -22.15 -31.09 -100.28
N ALA LB 95 -22.69 -30.64 -99.15
CA ALA LB 95 -22.69 -31.42 -97.93
C ALA LB 95 -23.48 -32.71 -98.06
N ARG LB 96 -24.43 -32.74 -99.01
CA ARG LB 96 -25.19 -33.97 -99.27
C ARG LB 96 -24.31 -35.20 -99.50
N VAL LB 97 -23.07 -35.02 -99.93
CA VAL LB 97 -22.19 -36.16 -100.19
C VAL LB 97 -21.62 -36.68 -98.88
N ASP LB 98 -21.34 -37.97 -98.84
CA ASP LB 98 -20.78 -38.60 -97.65
C ASP LB 98 -19.26 -38.67 -97.77
N ASN LB 99 -18.62 -39.16 -96.72
CA ASN LB 99 -17.18 -39.13 -96.57
C ASN LB 99 -16.49 -40.34 -97.18
N THR LB 100 -17.12 -40.97 -98.17
CA THR LB 100 -16.53 -42.08 -98.91
C THR LB 100 -16.59 -41.91 -100.42
N GLY LB 101 -17.44 -41.03 -100.94
CA GLY LB 101 -17.54 -40.77 -102.37
C GLY LB 101 -18.87 -41.16 -102.97
N TYR LB 102 -19.93 -41.03 -102.20
CA TYR LB 102 -21.29 -41.34 -102.64
C TYR LB 102 -22.18 -40.15 -102.36
N ASP LB 103 -22.78 -39.60 -103.41
CA ASP LB 103 -23.64 -38.42 -103.28
C ASP LB 103 -25.05 -38.88 -102.94
N HIS LB 104 -25.47 -38.61 -101.70
CA HIS LB 104 -26.82 -38.95 -101.29
C HIS LB 104 -27.82 -38.04 -102.01
N LYS LB 105 -29.09 -38.27 -101.73
CA LYS LB 105 -30.16 -37.49 -102.33
C LYS LB 105 -30.49 -36.25 -101.52
N THR LB 106 -30.35 -36.32 -100.20
CA THR LB 106 -30.70 -35.20 -99.34
C THR LB 106 -29.79 -35.19 -98.14
N LEU LB 107 -29.66 -34.00 -97.55
CA LEU LB 107 -28.75 -33.82 -96.42
C LEU LB 107 -29.23 -34.62 -95.22
N GLN LB 108 -30.53 -34.62 -94.95
CA GLN LB 108 -31.03 -35.35 -93.80
C GLN LB 108 -30.84 -36.84 -93.99
N ASP LB 109 -31.04 -37.34 -95.21
CA ASP LB 109 -30.85 -38.76 -95.46
C ASP LB 109 -29.39 -39.14 -95.30
N ARG LB 110 -28.50 -38.26 -95.75
CA ARG LB 110 -27.06 -38.50 -95.57
C ARG LB 110 -26.70 -38.56 -94.09
N LEU LB 111 -27.14 -37.57 -93.32
CA LEU LB 111 -26.86 -37.54 -91.90
C LEU LB 111 -27.40 -38.78 -91.21
N TYR LB 112 -28.62 -39.19 -91.59
CA TYR LB 112 -29.22 -40.38 -91.00
C TYR LB 112 -28.39 -41.61 -91.30
N HIS LB 113 -27.96 -41.77 -92.56
CA HIS LB 113 -27.17 -42.93 -92.91
C HIS LB 113 -25.87 -42.96 -92.15
N ASP LB 114 -25.20 -41.81 -92.04
CA ASP LB 114 -23.93 -41.75 -91.35
C ASP LB 114 -24.09 -42.13 -89.87
N TYR LB 115 -25.09 -41.54 -89.21
CA TYR LB 115 -25.28 -41.82 -87.79
C TYR LB 115 -25.74 -43.24 -87.57
N SER LB 116 -26.54 -43.80 -88.48
CA SER LB 116 -26.94 -45.20 -88.33
C SER LB 116 -25.76 -46.13 -88.51
N THR LB 117 -24.87 -45.81 -89.46
CA THR LB 117 -23.66 -46.61 -89.62
C THR LB 117 -22.83 -46.62 -88.35
N LEU LB 118 -22.63 -45.44 -87.77
CA LEU LB 118 -21.85 -45.34 -86.54
C LEU LB 118 -22.51 -46.10 -85.40
N ASP LB 119 -23.83 -45.95 -85.27
CA ASP LB 119 -24.54 -46.64 -84.20
C ASP LB 119 -24.47 -48.15 -84.37
N ALA LB 120 -24.57 -48.64 -85.60
CA ALA LB 120 -24.49 -50.07 -85.83
C ALA LB 120 -23.10 -50.60 -85.52
N PHE LB 121 -22.07 -49.87 -85.94
CA PHE LB 121 -20.71 -50.29 -85.63
C PHE LB 121 -20.49 -50.33 -84.12
N THR LB 122 -20.97 -49.31 -83.41
CA THR LB 122 -20.77 -49.27 -81.97
C THR LB 122 -21.54 -50.38 -81.28
N LYS LB 123 -22.75 -50.67 -81.74
CA LYS LB 123 -23.54 -51.73 -81.11
C LYS LB 123 -22.92 -53.09 -81.38
N LYS LB 124 -22.35 -53.28 -82.56
CA LYS LB 124 -21.65 -54.53 -82.83
C LYS LB 124 -20.43 -54.67 -81.92
N VAL LB 125 -19.66 -53.61 -81.77
CA VAL LB 125 -18.53 -53.62 -80.85
C VAL LB 125 -19.01 -53.93 -79.44
N GLU LB 126 -20.14 -53.36 -79.05
CA GLU LB 126 -20.66 -53.54 -77.70
C GLU LB 126 -21.10 -54.97 -77.47
N LYS LB 127 -21.74 -55.57 -78.48
CA LYS LB 127 -22.15 -56.97 -78.36
C LYS LB 127 -20.92 -57.86 -78.24
N ALA LB 128 -19.89 -57.57 -79.03
CA ALA LB 128 -18.66 -58.35 -78.93
C ALA LB 128 -18.06 -58.20 -77.55
N VAL LB 129 -18.09 -56.99 -77.00
CA VAL LB 129 -17.53 -56.76 -75.66
C VAL LB 129 -18.30 -57.52 -74.61
N ASP LB 130 -19.63 -57.46 -74.69
CA ASP LB 130 -20.46 -58.17 -73.71
C ASP LB 130 -20.25 -59.66 -73.80
N GLU LB 131 -20.17 -60.21 -75.02
CA GLU LB 131 -19.93 -61.63 -75.19
C GLU LB 131 -18.57 -62.02 -74.63
N ASN LB 132 -17.54 -61.24 -74.93
CA ASN LB 132 -16.20 -61.52 -74.43
C ASN LB 132 -16.19 -61.50 -72.91
N TYR LB 133 -16.85 -60.51 -72.31
CA TYR LB 133 -16.88 -60.41 -70.85
C TYR LB 133 -17.63 -61.59 -70.25
N LYS LB 134 -18.75 -61.97 -70.84
CA LYS LB 134 -19.53 -63.08 -70.31
C LYS LB 134 -18.75 -64.38 -70.42
N GLU LB 135 -18.02 -64.56 -71.51
CA GLU LB 135 -17.19 -65.75 -71.66
C GLU LB 135 -16.09 -65.76 -70.61
N TYR LB 136 -15.50 -64.60 -70.36
CA TYR LB 136 -14.46 -64.52 -69.34
C TYR LB 136 -15.02 -64.87 -67.97
N ARG LB 137 -16.20 -64.34 -67.65
CA ARG LB 137 -16.82 -64.66 -66.37
C ARG LB 137 -17.14 -66.15 -66.26
N ALA LB 138 -17.67 -66.73 -67.32
CA ALA LB 138 -18.06 -68.14 -67.27
C ALA LB 138 -16.84 -69.05 -67.22
N THR LB 139 -15.69 -68.57 -67.69
CA THR LB 139 -14.46 -69.35 -67.54
C THR LB 139 -13.81 -69.13 -66.18
N GLU LB 140 -13.95 -67.93 -65.62
CA GLU LB 140 -13.29 -67.61 -64.36
C GLU LB 140 -14.09 -68.11 -63.18
N TYR LB 141 -15.27 -67.54 -62.97
CA TYR LB 141 -16.15 -67.94 -61.88
C TYR LB 141 -17.01 -69.11 -62.30
N ARG LB 142 -16.40 -70.16 -62.85
CA ARG LB 142 -17.17 -71.28 -63.35
C ARG LB 142 -17.60 -72.14 -62.18
N PHE LB 143 -18.89 -72.45 -62.14
CA PHE LB 143 -19.45 -73.35 -61.15
C PHE LB 143 -20.54 -74.13 -61.86
N GLU LB 144 -20.19 -75.31 -62.32
CA GLU LB 144 -21.08 -76.18 -63.08
C GLU LB 144 -20.96 -77.59 -62.51
N PRO LB 145 -21.64 -77.88 -61.41
CA PRO LB 145 -21.63 -79.24 -60.88
C PRO LB 145 -22.31 -80.28 -61.76
N LYS LB 146 -22.84 -79.91 -62.92
CA LYS LB 146 -23.17 -80.91 -63.93
C LYS LB 146 -21.92 -81.63 -64.40
N GLU LB 147 -20.79 -80.93 -64.34
CA GLU LB 147 -19.50 -81.36 -64.86
C GLU LB 147 -18.49 -80.89 -63.83
N GLN LB 148 -17.25 -80.63 -64.23
CA GLN LB 148 -16.24 -80.17 -63.29
C GLN LB 148 -15.93 -81.27 -62.28
N GLU LB 149 -15.28 -82.32 -62.77
CA GLU LB 149 -14.79 -83.45 -61.99
C GLU LB 149 -14.20 -82.97 -60.68
N PRO LB 150 -14.39 -83.71 -59.59
CA PRO LB 150 -14.06 -83.18 -58.28
C PRO LB 150 -12.56 -83.15 -58.04
N GLU LB 151 -12.19 -82.53 -56.93
CA GLU LB 151 -10.81 -82.43 -56.49
C GLU LB 151 -10.76 -82.80 -55.03
N PHE LB 152 -9.81 -83.66 -54.66
CA PHE LB 152 -9.58 -83.96 -53.26
C PHE LB 152 -9.27 -82.67 -52.51
N ILE LB 153 -9.64 -82.65 -51.23
CA ILE LB 153 -9.41 -81.48 -50.39
C ILE LB 153 -8.56 -81.91 -49.22
N THR LB 154 -9.08 -82.85 -48.43
CA THR LB 154 -8.42 -83.25 -47.21
C THR LB 154 -9.01 -84.58 -46.75
N ASP LB 155 -8.54 -85.04 -45.61
CA ASP LB 155 -8.94 -86.31 -45.02
C ASP LB 155 -9.15 -86.08 -43.54
N LEU LB 156 -10.06 -86.85 -42.96
CA LEU LB 156 -10.56 -86.58 -41.62
C LEU LB 156 -10.11 -87.68 -40.68
N SER LB 157 -9.75 -87.27 -39.46
CA SER LB 157 -9.16 -88.17 -38.46
C SER LB 157 -9.88 -88.00 -37.12
N PRO LB 158 -11.17 -88.29 -37.08
CA PRO LB 158 -11.89 -88.26 -35.82
C PRO LB 158 -11.60 -89.52 -35.02
N TYR LB 159 -11.84 -89.42 -33.71
CA TYR LB 159 -11.67 -90.55 -32.81
C TYR LB 159 -13.04 -91.17 -32.54
N THR LB 160 -13.54 -91.86 -33.57
CA THR LB 160 -14.79 -92.60 -33.48
C THR LB 160 -14.86 -93.59 -34.61
N ASN LB 161 -15.25 -94.82 -34.29
CA ASN LB 161 -15.36 -95.90 -35.28
C ASN LB 161 -16.80 -96.03 -35.75
N ALA LB 162 -17.26 -94.99 -36.42
CA ALA LB 162 -18.59 -94.98 -37.00
C ALA LB 162 -18.60 -94.12 -38.24
N VAL LB 163 -19.56 -94.38 -39.12
CA VAL LB 163 -19.62 -93.71 -40.39
C VAL LB 163 -20.06 -92.26 -40.18
N MET LB 164 -19.26 -91.33 -40.69
CA MET LB 164 -19.61 -89.92 -40.63
C MET LB 164 -20.89 -89.68 -41.38
N GLN LB 165 -21.65 -88.69 -40.92
CA GLN LB 165 -23.00 -88.47 -41.41
C GLN LB 165 -23.24 -87.01 -41.77
N SER LB 166 -22.43 -86.09 -41.23
CA SER LB 166 -22.46 -84.75 -41.79
C SER LB 166 -21.14 -84.04 -41.56
N PHE LB 167 -20.95 -82.96 -42.31
CA PHE LB 167 -19.63 -82.39 -42.53
C PHE LB 167 -19.79 -80.93 -42.90
N TRP LB 168 -19.47 -80.04 -41.97
CA TRP LB 168 -19.53 -78.60 -42.22
C TRP LB 168 -18.18 -77.97 -41.97
N VAL LB 169 -17.91 -76.90 -42.71
CA VAL LB 169 -16.69 -76.13 -42.60
C VAL LB 169 -17.07 -74.73 -42.17
N ASP LB 170 -16.20 -74.10 -41.37
CA ASP LB 170 -16.45 -72.78 -40.85
C ASP LB 170 -15.58 -71.79 -41.60
N PRO LB 171 -16.12 -70.99 -42.53
CA PRO LB 171 -15.24 -70.07 -43.27
C PRO LB 171 -14.59 -69.00 -42.42
N ARG LB 172 -15.10 -68.76 -41.22
CA ARG LB 172 -14.57 -67.70 -40.38
C ARG LB 172 -13.35 -68.14 -39.59
N THR LB 173 -13.17 -69.44 -39.38
CA THR LB 173 -12.02 -69.96 -38.65
C THR LB 173 -11.40 -71.21 -39.27
N LYS LB 174 -11.96 -71.74 -40.35
CA LYS LB 174 -11.37 -72.85 -41.07
C LYS LB 174 -11.28 -74.11 -40.20
N ILE LB 175 -12.37 -74.39 -39.51
CA ILE LB 175 -12.49 -75.53 -38.62
C ILE LB 175 -13.66 -76.36 -39.10
N ILE LB 176 -13.53 -77.68 -38.97
CA ILE LB 176 -14.53 -78.62 -39.45
C ILE LB 176 -15.33 -79.11 -38.27
N TYR LB 177 -16.63 -79.30 -38.50
CA TYR LB 177 -17.55 -79.93 -37.56
C TYR LB 177 -18.10 -81.17 -38.25
N MET LB 178 -17.93 -82.32 -37.62
CA MET LB 178 -18.13 -83.61 -38.27
C MET LB 178 -19.00 -84.46 -37.35
N THR LB 179 -20.21 -84.75 -37.80
CA THR LB 179 -21.20 -85.44 -36.99
C THR LB 179 -21.27 -86.90 -37.38
N GLN LB 180 -21.02 -87.77 -36.40
CA GLN LB 180 -21.20 -89.21 -36.51
C GLN LB 180 -22.30 -89.65 -35.57
N ALA LB 181 -22.95 -90.75 -35.92
CA ALA LB 181 -24.01 -91.34 -35.11
C ALA LB 181 -23.44 -92.49 -34.31
N ARG LB 182 -23.50 -92.41 -32.98
CA ARG LB 182 -22.86 -93.42 -32.18
C ARG LB 182 -23.72 -94.68 -32.20
N PRO LB 183 -23.22 -95.79 -31.64
CA PRO LB 183 -24.02 -97.04 -31.64
C PRO LB 183 -25.41 -96.88 -31.09
N GLY LB 184 -25.60 -96.07 -30.05
CA GLY LB 184 -26.92 -95.78 -29.56
C GLY LB 184 -27.63 -94.78 -30.47
N ASN LB 185 -28.79 -94.32 -29.99
CA ASN LB 185 -29.48 -93.23 -30.67
C ASN LB 185 -28.60 -91.99 -30.74
N HIS LB 186 -27.92 -91.69 -29.64
CA HIS LB 186 -27.12 -90.48 -29.50
C HIS LB 186 -26.08 -90.33 -30.61
N TYR LB 187 -25.55 -89.12 -30.72
CA TYR LB 187 -24.57 -88.83 -31.75
C TYR LB 187 -23.48 -87.95 -31.15
N MET LB 188 -22.45 -87.69 -31.94
CA MET LB 188 -21.35 -86.87 -31.48
C MET LB 188 -20.81 -86.08 -32.66
N LEU LB 189 -20.52 -84.82 -32.40
CA LEU LB 189 -19.90 -83.94 -33.38
C LEU LB 189 -18.51 -83.58 -32.88
N SER LB 190 -17.53 -83.85 -33.73
CA SER LB 190 -16.14 -83.55 -33.43
C SER LB 190 -15.75 -82.30 -34.18
N ARG LB 191 -15.16 -81.37 -33.45
CA ARG LB 191 -14.61 -80.14 -34.00
C ARG LB 191 -13.11 -80.34 -34.15
N LEU LB 192 -12.60 -80.03 -35.34
CA LEU LB 192 -11.22 -80.38 -35.65
C LEU LB 192 -10.62 -79.47 -36.71
N LYS LB 193 -9.34 -79.70 -36.96
CA LYS LB 193 -8.49 -78.78 -37.68
C LYS LB 193 -8.72 -78.89 -39.18
N PRO LB 194 -8.23 -77.94 -39.97
CA PRO LB 194 -8.43 -78.01 -41.42
C PRO LB 194 -7.79 -79.21 -42.07
N ASN LB 195 -6.61 -79.62 -41.61
CA ASN LB 195 -5.97 -80.81 -42.18
C ASN LB 195 -6.66 -82.08 -41.74
N GLY LB 196 -7.17 -82.10 -40.52
CA GLY LB 196 -7.81 -83.29 -39.96
C GLY LB 196 -7.41 -83.58 -38.53
N GLN LB 197 -6.51 -82.81 -37.95
CA GLN LB 197 -6.10 -83.05 -36.58
C GLN LB 197 -7.28 -82.80 -35.64
N PHE LB 198 -7.71 -83.84 -34.96
CA PHE LB 198 -8.77 -83.74 -33.96
C PHE LB 198 -8.43 -82.68 -32.93
N ILE LB 199 -9.47 -81.96 -32.47
CA ILE LB 199 -9.31 -80.93 -31.45
C ILE LB 199 -10.18 -81.30 -30.25
N ASP LB 200 -11.49 -81.40 -30.44
CA ASP LB 200 -12.36 -81.74 -29.33
C ASP LB 200 -13.67 -82.29 -29.87
N ARG LB 201 -14.56 -82.69 -28.96
CA ARG LB 201 -15.79 -83.35 -29.33
C ARG LB 201 -16.92 -82.93 -28.40
N LEU LB 202 -18.14 -83.20 -28.86
CA LEU LB 202 -19.34 -82.99 -28.07
C LEU LB 202 -20.30 -84.13 -28.35
N LEU LB 203 -20.73 -84.78 -27.29
CA LEU LB 203 -21.63 -85.92 -27.37
C LEU LB 203 -23.03 -85.44 -27.09
N VAL LB 204 -23.85 -85.38 -28.14
CA VAL LB 204 -25.25 -85.05 -28.01
C VAL LB 204 -25.98 -86.34 -27.61
N LYS LB 205 -26.35 -86.42 -26.34
CA LYS LB 205 -27.04 -87.57 -25.83
C LYS LB 205 -28.53 -87.45 -26.11
N ASN LB 206 -29.12 -88.55 -26.56
CA ASN LB 206 -30.51 -88.57 -26.99
C ASN LB 206 -30.69 -87.61 -28.17
N GLY LB 207 -29.76 -87.67 -29.10
CA GLY LB 207 -29.95 -87.10 -30.42
C GLY LB 207 -30.31 -88.21 -31.39
N GLY LB 208 -30.70 -87.82 -32.59
CA GLY LB 208 -31.07 -88.78 -33.61
C GLY LB 208 -29.87 -89.22 -34.43
N HIS LB 209 -30.17 -89.65 -35.66
CA HIS LB 209 -29.09 -89.93 -36.60
C HIS LB 209 -28.26 -88.68 -36.88
N GLY LB 210 -28.88 -87.51 -36.78
CA GLY LB 210 -28.19 -86.25 -36.97
C GLY LB 210 -27.57 -86.14 -38.34
N THR LB 211 -28.37 -86.35 -39.38
CA THR LB 211 -27.81 -86.47 -40.70
C THR LB 211 -27.32 -85.13 -41.24
N HIS LB 212 -27.78 -84.02 -40.65
CA HIS LB 212 -27.16 -82.72 -40.88
C HIS LB 212 -27.68 -81.70 -39.88
N ASN LB 213 -26.77 -80.97 -39.28
CA ASN LB 213 -27.09 -79.79 -38.49
C ASN LB 213 -26.88 -78.55 -39.32
N ALA LB 214 -27.33 -77.42 -38.80
CA ALA LB 214 -27.07 -76.11 -39.39
C ALA LB 214 -26.17 -75.31 -38.45
N TYR LB 215 -25.25 -74.55 -39.03
CA TYR LB 215 -24.25 -73.80 -38.29
C TYR LB 215 -24.36 -72.35 -38.71
N ARG LB 216 -24.69 -71.49 -37.77
CA ARG LB 216 -25.04 -70.11 -38.04
C ARG LB 216 -24.16 -69.17 -37.24
N TYR LB 217 -23.85 -68.03 -37.84
CA TYR LB 217 -23.17 -66.93 -37.18
C TYR LB 217 -24.15 -65.77 -37.11
N ILE LB 218 -24.98 -65.76 -36.06
CA ILE LB 218 -25.85 -64.61 -35.82
C ILE LB 218 -25.01 -63.36 -35.67
N GLY LB 219 -23.89 -63.46 -34.97
CA GLY LB 219 -22.96 -62.38 -34.80
C GLY LB 219 -21.54 -62.90 -34.88
N ASN LB 220 -20.76 -62.63 -33.85
CA ASN LB 220 -19.40 -63.11 -33.73
C ASN LB 220 -19.31 -64.47 -33.05
N GLU LB 221 -20.41 -65.22 -32.98
CA GLU LB 221 -20.45 -66.49 -32.28
C GLU LB 221 -21.30 -67.48 -33.04
N LEU LB 222 -20.99 -68.77 -32.82
CA LEU LB 222 -21.50 -69.85 -33.64
C LEU LB 222 -22.58 -70.60 -32.88
N TRP LB 223 -23.80 -70.55 -33.41
CA TRP LB 223 -24.91 -71.32 -32.91
C TRP LB 223 -25.13 -72.52 -33.83
N ILE LB 224 -25.69 -73.57 -33.26
CA ILE LB 224 -25.87 -74.85 -33.94
C ILE LB 224 -27.34 -75.22 -33.78
N TYR LB 225 -27.99 -75.46 -34.90
CA TYR LB 225 -29.37 -75.92 -34.93
C TYR LB 225 -29.34 -77.41 -35.26
N SER LB 226 -30.07 -78.20 -34.48
CA SER LB 226 -30.08 -79.63 -34.66
C SER LB 226 -31.47 -80.18 -34.41
N ALA LB 227 -31.59 -81.49 -34.64
CA ALA LB 227 -32.82 -82.24 -34.54
C ALA LB 227 -32.63 -83.25 -33.43
N VAL LB 228 -32.95 -82.84 -32.21
CA VAL LB 228 -32.70 -83.62 -31.01
C VAL LB 228 -34.04 -84.05 -30.44
N LEU LB 229 -34.16 -85.33 -30.14
CA LEU LB 229 -35.37 -85.91 -29.60
C LEU LB 229 -35.19 -86.10 -28.10
N ASP LB 230 -36.19 -85.68 -27.33
CA ASP LB 230 -36.08 -85.74 -25.88
C ASP LB 230 -36.16 -87.19 -25.42
N ALA LB 231 -36.18 -87.38 -24.10
CA ALA LB 231 -36.26 -88.73 -23.56
C ALA LB 231 -37.58 -89.41 -23.82
N ASN LB 232 -38.60 -88.68 -24.28
CA ASN LB 232 -39.91 -89.22 -24.58
C ASN LB 232 -40.10 -89.51 -26.07
N GLU LB 233 -38.99 -89.58 -26.82
CA GLU LB 233 -39.02 -89.83 -28.27
C GLU LB 233 -39.94 -88.83 -28.98
N ASN LB 234 -39.68 -87.54 -28.71
CA ASN LB 234 -40.37 -86.44 -29.37
C ASN LB 234 -39.31 -85.55 -30.00
N ASN LB 235 -39.18 -85.64 -31.32
CA ASN LB 235 -38.19 -84.85 -32.04
C ASN LB 235 -38.43 -83.37 -31.84
N LYS LB 236 -37.34 -82.61 -31.82
CA LYS LB 236 -37.39 -81.19 -31.54
C LYS LB 236 -36.26 -80.47 -32.25
N PHE LB 237 -36.58 -79.30 -32.80
CA PHE LB 237 -35.61 -78.46 -33.48
C PHE LB 237 -35.04 -77.50 -32.46
N VAL LB 238 -33.76 -77.67 -32.15
CA VAL LB 238 -33.16 -77.08 -30.95
C VAL LB 238 -31.87 -76.35 -31.29
N ARG LB 239 -31.69 -75.23 -30.62
CA ARG LB 239 -30.58 -74.31 -30.83
C ARG LB 239 -29.63 -74.41 -29.65
N PHE LB 240 -28.33 -74.43 -29.92
CA PHE LB 240 -27.37 -74.49 -28.84
C PHE LB 240 -26.01 -73.99 -29.31
N GLN LB 241 -25.03 -74.12 -28.44
CA GLN LB 241 -23.67 -73.65 -28.67
C GLN LB 241 -22.70 -74.81 -28.51
N TYR LB 242 -21.52 -74.64 -29.07
CA TYR LB 242 -20.52 -75.69 -28.97
C TYR LB 242 -19.79 -75.61 -27.64
N ARG LB 243 -19.44 -76.78 -27.13
CA ARG LB 243 -18.52 -76.90 -26.00
C ARG LB 243 -17.98 -78.32 -26.00
N THR LB 244 -16.95 -78.54 -25.19
CA THR LB 244 -16.27 -79.82 -25.14
C THR LB 244 -16.90 -80.69 -24.08
N GLY LB 245 -17.30 -81.91 -24.46
CA GLY LB 245 -17.78 -82.89 -23.51
C GLY LB 245 -19.09 -83.53 -23.92
N GLU LB 246 -20.12 -83.36 -23.08
CA GLU LB 246 -21.41 -83.98 -23.30
C GLU LB 246 -22.51 -82.95 -23.12
N ILE LB 247 -23.65 -83.22 -23.75
CA ILE LB 247 -24.81 -82.33 -23.70
C ILE LB 247 -26.05 -83.17 -23.93
N THR LB 248 -27.06 -82.93 -23.11
CA THR LB 248 -28.36 -83.57 -23.23
C THR LB 248 -29.42 -82.52 -23.47
N TYR LB 249 -30.56 -82.96 -23.97
CA TYR LB 249 -31.68 -82.04 -24.16
C TYR LB 249 -32.14 -81.52 -22.81
N GLY LB 250 -32.45 -80.23 -22.76
CA GLY LB 250 -32.77 -79.59 -21.52
C GLY LB 250 -32.74 -78.07 -21.67
N ASN LB 251 -32.64 -77.40 -20.53
CA ASN LB 251 -32.61 -75.95 -20.55
C ASN LB 251 -31.25 -75.39 -20.98
N GLU LB 252 -30.23 -76.24 -21.09
CA GLU LB 252 -28.95 -75.80 -21.61
C GLU LB 252 -29.02 -75.48 -23.09
N MET LB 253 -29.99 -76.02 -23.80
CA MET LB 253 -30.14 -75.83 -25.24
C MET LB 253 -31.58 -75.45 -25.52
N GLN LB 254 -31.77 -74.19 -25.91
CA GLN LB 254 -33.11 -73.67 -26.15
C GLN LB 254 -33.57 -73.98 -27.56
N ASP LB 255 -34.88 -74.02 -27.72
CA ASP LB 255 -35.50 -74.26 -29.01
C ASP LB 255 -35.95 -72.94 -29.61
N VAL LB 256 -36.02 -72.92 -30.94
CA VAL LB 256 -36.32 -71.69 -31.66
C VAL LB 256 -37.82 -71.48 -31.78
N MET LB 257 -38.56 -72.52 -32.11
CA MET LB 257 -39.97 -72.41 -32.45
C MET LB 257 -40.65 -73.74 -32.17
N PRO LB 258 -41.04 -74.02 -30.92
CA PRO LB 258 -41.55 -75.36 -30.62
C PRO LB 258 -42.89 -75.64 -31.25
N ASN LB 259 -43.78 -74.65 -31.30
CA ASN LB 259 -45.12 -74.88 -31.82
C ASN LB 259 -45.15 -75.14 -33.32
N ILE LB 260 -44.03 -74.95 -34.02
CA ILE LB 260 -43.97 -75.15 -35.46
C ILE LB 260 -43.05 -76.30 -35.83
N PHE LB 261 -41.96 -76.48 -35.09
CA PHE LB 261 -40.91 -77.44 -35.42
C PHE LB 261 -40.82 -78.56 -34.39
N ASN LB 262 -41.96 -79.10 -33.96
CA ASN LB 262 -41.99 -80.29 -33.11
C ASN LB 262 -42.97 -81.34 -33.61
N ASP LB 263 -43.63 -81.11 -34.73
CA ASP LB 263 -44.57 -82.10 -35.24
C ASP LB 263 -43.85 -83.27 -35.90
N ARG LB 264 -42.87 -82.98 -36.74
CA ARG LB 264 -42.18 -83.97 -37.55
C ARG LB 264 -40.67 -83.84 -37.32
N TYR LB 265 -39.94 -84.84 -37.78
CA TYR LB 265 -38.48 -84.81 -37.72
C TYR LB 265 -37.99 -83.77 -38.72
N THR LB 266 -37.48 -82.66 -38.20
CA THR LB 266 -36.98 -81.57 -39.00
C THR LB 266 -35.52 -81.30 -38.68
N SER LB 267 -34.73 -81.08 -39.72
CA SER LB 267 -33.33 -80.72 -39.62
C SER LB 267 -33.04 -79.68 -40.67
N ALA LB 268 -32.21 -78.70 -40.33
CA ALA LB 268 -32.03 -77.52 -41.14
C ALA LB 268 -30.63 -77.42 -41.72
N ILE LB 269 -30.51 -76.58 -42.74
CA ILE LB 269 -29.22 -76.06 -43.16
C ILE LB 269 -29.36 -74.59 -43.55
N TYR LB 270 -28.31 -73.83 -43.29
CA TYR LB 270 -28.33 -72.38 -43.40
C TYR LB 270 -27.37 -71.93 -44.48
N ASN LB 271 -27.76 -70.87 -45.20
CA ASN LB 271 -26.95 -70.27 -46.26
C ASN LB 271 -26.79 -68.79 -45.95
N PRO LB 272 -25.58 -68.30 -45.66
CA PRO LB 272 -25.44 -66.88 -45.28
C PRO LB 272 -25.36 -65.92 -46.44
N ILE LB 273 -25.21 -66.42 -47.68
CA ILE LB 273 -25.10 -65.51 -48.82
C ILE LB 273 -26.39 -64.72 -48.97
N GLU LB 274 -27.52 -65.43 -48.96
CA GLU LB 274 -28.84 -64.81 -48.95
C GLU LB 274 -29.53 -64.96 -47.60
N ASN LB 275 -28.88 -65.59 -46.62
CA ASN LB 275 -29.34 -65.59 -45.24
C ASN LB 275 -30.67 -66.34 -45.10
N LEU LB 276 -30.70 -67.54 -45.67
CA LEU LB 276 -31.87 -68.39 -45.66
C LEU LB 276 -31.59 -69.68 -44.91
N MET LB 277 -32.65 -70.46 -44.71
CA MET LB 277 -32.58 -71.68 -43.93
C MET LB 277 -33.62 -72.64 -44.48
N ILE LB 278 -33.17 -73.78 -44.96
CA ILE LB 278 -34.08 -74.79 -45.52
C ILE LB 278 -34.16 -75.96 -44.55
N PHE LB 279 -35.38 -76.38 -44.27
CA PHE LB 279 -35.69 -77.42 -43.30
C PHE LB 279 -36.20 -78.62 -44.06
N ARG LB 280 -35.58 -79.77 -43.83
CA ARG LB 280 -35.91 -81.03 -44.50
C ARG LB 280 -36.79 -81.82 -43.55
N ARG LB 281 -38.07 -81.50 -43.54
CA ARG LB 281 -39.01 -82.12 -42.63
C ARG LB 281 -39.54 -83.42 -43.21
N GLU LB 282 -39.59 -84.44 -42.36
CA GLU LB 282 -40.05 -85.76 -42.76
C GLU LB 282 -41.57 -85.77 -42.85
N TYR LB 283 -42.08 -86.81 -43.53
CA TYR LB 283 -43.51 -87.05 -43.61
C TYR LB 283 -43.85 -88.27 -42.77
N LYS LB 284 -45.05 -88.25 -42.18
CA LYS LB 284 -45.50 -89.38 -41.39
C LYS LB 284 -46.01 -90.49 -42.30
N ALA LB 285 -46.03 -91.71 -41.75
CA ALA LB 285 -46.44 -92.89 -42.48
C ALA LB 285 -47.87 -92.80 -43.02
N SER LB 286 -48.70 -91.93 -42.44
CA SER LB 286 -50.08 -91.81 -42.88
C SER LB 286 -50.17 -91.15 -44.25
N GLU LB 287 -49.66 -89.91 -44.37
CA GLU LB 287 -49.63 -89.20 -45.63
C GLU LB 287 -48.45 -89.61 -46.51
N ARG LB 288 -47.70 -90.61 -46.06
CA ARG LB 288 -46.53 -91.11 -46.78
C ARG LB 288 -46.85 -91.46 -48.22
N GLN LB 289 -47.70 -92.47 -48.42
CA GLN LB 289 -48.02 -92.92 -49.76
C GLN LB 289 -48.85 -91.89 -50.51
N LEU LB 290 -49.60 -91.06 -49.78
CA LEU LB 290 -50.40 -90.03 -50.44
C LEU LB 290 -49.51 -89.01 -51.13
N LYS LB 291 -48.44 -88.59 -50.49
CA LYS LB 291 -47.52 -87.63 -51.08
C LYS LB 291 -46.44 -88.26 -51.94
N ASN LB 292 -46.16 -89.55 -51.77
CA ASN LB 292 -45.13 -90.24 -52.55
C ASN LB 292 -43.77 -89.60 -52.34
N SER LB 293 -43.47 -89.18 -51.12
CA SER LB 293 -42.21 -88.52 -50.82
C SER LB 293 -41.95 -88.61 -49.32
N LEU LB 294 -40.80 -89.19 -48.95
CA LEU LB 294 -40.45 -89.30 -47.55
C LEU LB 294 -40.17 -87.96 -46.88
N ASN LB 295 -39.77 -86.95 -47.66
CA ASN LB 295 -39.27 -85.71 -47.12
C ASN LB 295 -39.75 -84.53 -47.95
N PHE LB 296 -39.83 -83.38 -47.31
CA PHE LB 296 -40.09 -82.15 -48.02
C PHE LB 296 -39.24 -81.03 -47.43
N VAL LB 297 -38.73 -80.20 -48.31
CA VAL LB 297 -37.90 -79.07 -47.94
C VAL LB 297 -38.76 -77.82 -47.96
N GLU LB 298 -38.56 -76.97 -46.95
CA GLU LB 298 -39.25 -75.69 -46.86
C GLU LB 298 -38.25 -74.62 -46.48
N VAL LB 299 -38.29 -73.51 -47.17
CA VAL LB 299 -37.35 -72.42 -46.98
C VAL LB 299 -37.95 -71.39 -46.02
N ARG LB 300 -37.08 -70.74 -45.26
CA ARG LB 300 -37.48 -69.62 -44.41
C ARG LB 300 -36.30 -68.68 -44.27
N SER LB 301 -36.59 -67.40 -44.17
CA SER LB 301 -35.51 -66.44 -43.98
C SER LB 301 -35.00 -66.50 -42.54
N ALA LB 302 -33.75 -66.10 -42.38
CA ALA LB 302 -33.12 -66.16 -41.06
C ALA LB 302 -33.83 -65.25 -40.08
N ASP LB 303 -34.24 -64.07 -40.54
CA ASP LB 303 -34.93 -63.14 -39.63
C ASP LB 303 -36.30 -63.67 -39.26
N ASP LB 304 -37.01 -64.24 -40.24
CA ASP LB 304 -38.33 -64.81 -39.98
C ASP LB 304 -38.26 -65.95 -38.98
N ILE LB 305 -37.24 -66.80 -39.11
CA ILE LB 305 -37.12 -67.93 -38.19
C ILE LB 305 -36.59 -67.47 -36.84
N ASP LB 306 -35.83 -66.37 -36.80
CA ASP LB 306 -35.39 -65.84 -35.52
C ASP LB 306 -36.57 -65.32 -34.72
N LYS LB 307 -37.39 -64.48 -35.35
CA LYS LB 307 -38.58 -63.96 -34.70
C LYS LB 307 -39.74 -64.91 -34.95
N GLY LB 308 -40.94 -64.52 -34.55
CA GLY LB 308 -42.09 -65.39 -34.56
C GLY LB 308 -42.97 -65.33 -35.79
N ILE LB 309 -42.43 -65.70 -36.95
CA ILE LB 309 -43.22 -65.74 -38.18
C ILE LB 309 -42.72 -66.89 -39.03
N ASP LB 310 -43.64 -67.58 -39.69
CA ASP LB 310 -43.30 -68.77 -40.47
C ASP LB 310 -42.75 -68.38 -41.84
N LYS LB 311 -43.60 -67.78 -42.67
CA LYS LB 311 -43.23 -67.29 -44.00
C LYS LB 311 -42.50 -68.34 -44.82
N VAL LB 312 -43.21 -69.43 -45.10
CA VAL LB 312 -42.67 -70.43 -46.01
C VAL LB 312 -42.60 -69.83 -47.41
N LEU LB 313 -41.39 -69.54 -47.86
CA LEU LB 313 -41.20 -68.90 -49.15
C LEU LB 313 -41.33 -69.91 -50.29
N TYR LB 314 -40.79 -71.10 -50.08
CA TYR LB 314 -40.71 -72.11 -51.13
C TYR LB 314 -40.77 -73.48 -50.47
N GLN LB 315 -41.57 -74.35 -51.06
CA GLN LB 315 -41.84 -75.68 -50.53
C GLN LB 315 -41.76 -76.69 -51.65
N MET LB 316 -41.11 -77.82 -51.37
CA MET LB 316 -40.91 -78.85 -52.38
C MET LB 316 -40.85 -80.19 -51.69
N ASP LB 317 -41.26 -81.23 -52.40
CA ASP LB 317 -41.17 -82.60 -51.92
C ASP LB 317 -40.06 -83.33 -52.66
N ILE LB 318 -39.57 -84.41 -52.05
CA ILE LB 318 -38.49 -85.21 -52.59
C ILE LB 318 -39.09 -86.55 -53.04
N PRO LB 319 -39.26 -86.80 -54.33
CA PRO LB 319 -39.86 -88.08 -54.74
C PRO LB 319 -39.04 -89.29 -54.32
N MET LB 320 -39.70 -90.44 -54.39
CA MET LB 320 -39.05 -91.69 -54.06
C MET LB 320 -37.97 -92.04 -55.06
N GLU LB 321 -38.05 -91.50 -56.29
CA GLU LB 321 -36.99 -91.66 -57.26
C GLU LB 321 -35.66 -91.16 -56.72
N TYR LB 322 -35.70 -90.14 -55.87
CA TYR LB 322 -34.51 -89.57 -55.25
C TYR LB 322 -34.26 -90.10 -53.85
N THR LB 323 -35.32 -90.49 -53.13
CA THR LB 323 -35.20 -91.00 -51.76
C THR LB 323 -35.64 -92.46 -51.67
N SER LB 324 -35.19 -93.28 -52.61
CA SER LB 324 -35.38 -94.72 -52.54
C SER LB 324 -34.44 -95.33 -51.52
N ASP LB 325 -34.56 -96.64 -51.32
CA ASP LB 325 -33.72 -97.34 -50.37
C ASP LB 325 -32.36 -97.67 -50.98
N THR LB 326 -32.33 -97.98 -52.27
CA THR LB 326 -31.05 -98.20 -52.94
C THR LB 326 -30.25 -96.90 -53.06
N GLN LB 327 -30.94 -95.77 -53.11
CA GLN LB 327 -30.33 -94.45 -53.10
C GLN LB 327 -31.05 -93.64 -52.03
N PRO LB 328 -30.64 -93.74 -50.77
CA PRO LB 328 -31.29 -92.97 -49.71
C PRO LB 328 -30.65 -91.60 -49.54
N MET LB 329 -31.25 -90.82 -48.66
CA MET LB 329 -30.72 -89.48 -48.39
C MET LB 329 -29.42 -89.58 -47.63
N GLN LB 330 -28.46 -88.77 -48.05
CA GLN LB 330 -27.21 -88.62 -47.31
C GLN LB 330 -26.80 -87.16 -47.18
N GLY LB 331 -27.30 -86.28 -48.05
CA GLY LB 331 -26.87 -84.90 -48.03
C GLY LB 331 -27.80 -83.94 -48.73
N ILE LB 332 -27.83 -82.72 -48.21
CA ILE LB 332 -28.63 -81.63 -48.73
C ILE LB 332 -27.79 -80.37 -48.70
N THR LB 333 -27.95 -79.50 -49.71
CA THR LB 333 -27.24 -78.23 -49.72
C THR LB 333 -28.00 -77.21 -50.57
N TYR LB 334 -27.91 -75.95 -50.18
CA TYR LB 334 -28.63 -74.87 -50.84
C TYR LB 334 -27.66 -73.81 -51.35
N ASP LB 335 -27.89 -73.34 -52.57
CA ASP LB 335 -27.08 -72.26 -53.14
C ASP LB 335 -27.79 -71.69 -54.35
N ALA LB 336 -28.06 -70.38 -54.32
CA ALA LB 336 -28.63 -69.67 -55.46
C ALA LB 336 -29.96 -70.27 -55.91
N GLY LB 337 -30.76 -70.70 -54.95
CA GLY LB 337 -32.02 -71.35 -55.28
C GLY LB 337 -31.90 -72.69 -55.96
N ILE LB 338 -30.69 -73.26 -56.00
CA ILE LB 338 -30.45 -74.57 -56.59
C ILE LB 338 -30.22 -75.51 -55.43
N LEU LB 339 -31.15 -76.43 -55.23
CA LEU LB 339 -31.05 -77.40 -54.14
C LEU LB 339 -30.32 -78.64 -54.63
N TYR LB 340 -29.27 -79.02 -53.90
CA TYR LB 340 -28.43 -80.16 -54.22
C TYR LB 340 -28.76 -81.28 -53.26
N TRP LB 341 -28.89 -82.49 -53.79
CA TRP LB 341 -29.25 -83.68 -53.03
C TRP LB 341 -28.23 -84.76 -53.36
N TYR LB 342 -27.52 -85.22 -52.34
CA TYR LB 342 -26.46 -86.21 -52.49
C TYR LB 342 -26.95 -87.51 -51.87
N THR LB 343 -26.97 -88.57 -52.68
CA THR LB 343 -27.43 -89.86 -52.23
C THR LB 343 -26.45 -90.93 -52.68
N GLY LB 344 -26.36 -91.99 -51.91
CA GLY LB 344 -25.46 -93.08 -52.23
C GLY LB 344 -25.67 -94.26 -51.32
N ASP LB 345 -25.61 -95.47 -51.90
CA ASP LB 345 -25.78 -96.66 -51.10
C ASP LB 345 -24.50 -96.92 -50.32
N SER LB 346 -24.59 -97.87 -49.40
CA SER LB 346 -23.44 -98.29 -48.63
C SER LB 346 -22.56 -99.30 -49.37
N LYS LB 347 -22.74 -99.47 -50.68
CA LYS LB 347 -21.90 -100.34 -51.47
C LYS LB 347 -21.67 -99.72 -52.84
N PRO LB 348 -20.53 -100.01 -53.48
CA PRO LB 348 -20.23 -99.37 -54.77
C PRO LB 348 -21.03 -99.93 -55.94
N ALA LB 349 -21.81 -100.99 -55.73
CA ALA LB 349 -22.60 -101.55 -56.82
C ALA LB 349 -23.70 -100.60 -57.23
N ASN LB 350 -24.41 -100.03 -56.26
CA ASN LB 350 -25.45 -99.05 -56.51
C ASN LB 350 -24.81 -97.67 -56.56
N PRO LB 351 -24.54 -97.12 -57.74
CA PRO LB 351 -23.71 -95.91 -57.79
C PRO LB 351 -24.42 -94.72 -57.18
N ASN LB 352 -23.64 -93.90 -56.49
CA ASN LB 352 -24.20 -92.71 -55.87
C ASN LB 352 -24.66 -91.72 -56.94
N TYR LB 353 -25.27 -90.64 -56.50
CA TYR LB 353 -25.83 -89.65 -57.40
C TYR LB 353 -25.96 -88.32 -56.68
N LEU LB 354 -25.44 -87.27 -57.30
CA LEU LB 354 -25.66 -85.90 -56.86
C LEU LB 354 -26.59 -85.26 -57.87
N GLN LB 355 -27.73 -84.77 -57.39
CA GLN LB 355 -28.76 -84.18 -58.24
C GLN LB 355 -29.05 -82.79 -57.74
N GLY LB 356 -28.86 -81.81 -58.60
CA GLY LB 356 -29.18 -80.43 -58.31
C GLY LB 356 -30.42 -80.02 -59.09
N PHE LB 357 -31.27 -79.22 -58.45
CA PHE LB 357 -32.46 -78.77 -59.14
C PHE LB 357 -33.06 -77.55 -58.47
N ASP LB 358 -33.66 -76.70 -59.30
CA ASP LB 358 -34.22 -75.45 -58.83
C ASP LB 358 -35.36 -75.72 -57.87
N ILE LB 359 -35.47 -74.86 -56.85
CA ILE LB 359 -36.49 -75.01 -55.83
C ILE LB 359 -37.74 -74.22 -56.19
N LYS LB 360 -37.57 -73.08 -56.87
CA LYS LB 360 -38.71 -72.23 -57.19
C LYS LB 360 -39.68 -72.94 -58.13
N THR LB 361 -39.16 -73.71 -59.06
CA THR LB 361 -39.96 -74.34 -60.11
C THR LB 361 -40.25 -75.81 -59.85
N LYS LB 362 -39.55 -76.45 -58.91
CA LYS LB 362 -39.76 -77.85 -58.57
C LYS LB 362 -39.58 -78.75 -59.79
N GLU LB 363 -38.32 -78.79 -60.25
CA GLU LB 363 -37.96 -79.48 -61.48
C GLU LB 363 -36.73 -80.34 -61.22
N LEU LB 364 -36.07 -80.80 -62.28
CA LEU LB 364 -34.81 -81.52 -62.19
C LEU LB 364 -33.83 -80.84 -63.14
N LEU LB 365 -32.87 -80.10 -62.59
CA LEU LB 365 -31.89 -79.44 -63.42
C LEU LB 365 -30.84 -80.43 -63.92
N PHE LB 366 -30.31 -81.27 -63.04
CA PHE LB 366 -29.31 -82.23 -63.45
C PHE LB 366 -29.08 -83.26 -62.36
N LYS LB 367 -28.48 -84.38 -62.78
CA LYS LB 367 -28.03 -85.41 -61.86
C LYS LB 367 -26.83 -86.11 -62.47
N ARG LB 368 -25.84 -86.41 -61.64
CA ARG LB 368 -24.61 -87.03 -62.11
C ARG LB 368 -24.13 -88.09 -61.15
N ARG LB 369 -23.42 -89.06 -61.72
CA ARG LB 369 -22.66 -90.03 -60.97
C ARG LB 369 -21.25 -89.50 -60.80
N ILE LB 370 -20.67 -89.76 -59.63
CA ILE LB 370 -19.32 -89.32 -59.31
C ILE LB 370 -18.63 -90.39 -58.48
N ASP LB 371 -17.43 -90.77 -58.91
CA ASP LB 371 -16.62 -91.76 -58.21
C ASP LB 371 -15.75 -91.02 -57.22
N ILE LB 372 -16.26 -90.83 -56.02
CA ILE LB 372 -15.54 -90.14 -54.96
C ILE LB 372 -14.85 -91.15 -54.09
N GLY LB 373 -13.58 -90.88 -53.81
CA GLY LB 373 -12.75 -91.77 -53.02
C GLY LB 373 -11.83 -92.60 -53.91
N GLY LB 374 -11.87 -93.91 -53.74
CA GLY LB 374 -10.98 -94.78 -54.49
C GLY LB 374 -11.24 -94.70 -55.97
N VAL LB 375 -10.16 -94.60 -56.73
CA VAL LB 375 -10.28 -94.41 -58.17
C VAL LB 375 -10.66 -95.73 -58.84
N ASN LB 376 -11.24 -95.62 -60.02
CA ASN LB 376 -11.62 -96.76 -60.85
C ASN LB 376 -12.67 -97.64 -60.20
N ASN LB 377 -13.44 -97.09 -59.26
CA ASN LB 377 -14.39 -97.83 -58.45
C ASN LB 377 -13.73 -98.89 -57.57
N ASN LB 378 -12.41 -98.81 -57.38
CA ASN LB 378 -11.66 -99.77 -56.58
C ASN LB 378 -11.43 -99.15 -55.20
N PHE LB 379 -12.43 -99.27 -54.36
CA PHE LB 379 -12.39 -98.68 -53.03
C PHE LB 379 -11.71 -99.62 -52.05
N LYS LB 380 -11.49 -99.13 -50.84
CA LYS LB 380 -10.88 -99.92 -49.79
C LYS LB 380 -11.90 -100.95 -49.36
N GLY LB 381 -11.75 -102.17 -49.86
CA GLY LB 381 -12.82 -103.16 -49.73
C GLY LB 381 -13.93 -102.82 -50.68
N ASP LB 382 -15.17 -102.85 -50.17
CA ASP LB 382 -16.33 -102.43 -50.95
C ASP LB 382 -17.31 -101.75 -49.99
N PHE LB 383 -17.14 -100.45 -49.79
CA PHE LB 383 -18.05 -99.70 -48.94
C PHE LB 383 -17.98 -98.21 -49.33
N GLN LB 384 -18.80 -97.80 -50.28
CA GLN LB 384 -18.88 -96.39 -50.67
C GLN LB 384 -20.11 -95.75 -50.04
N GLU LB 385 -20.11 -95.69 -48.71
CA GLU LB 385 -21.21 -95.08 -48.00
C GLU LB 385 -21.09 -93.58 -48.12
N ALA LB 386 -22.08 -92.99 -48.76
CA ALA LB 386 -22.05 -91.58 -49.07
C ALA LB 386 -22.42 -90.76 -47.84
N GLU LB 387 -22.23 -89.45 -47.96
CA GLU LB 387 -22.42 -88.53 -46.86
C GLU LB 387 -22.61 -87.14 -47.43
N GLY LB 388 -23.27 -86.29 -46.67
CA GLY LB 388 -23.56 -84.96 -47.13
C GLY LB 388 -22.41 -84.05 -47.47
N LEU LB 389 -22.78 -82.79 -47.63
CA LEU LB 389 -22.01 -81.86 -48.43
C LEU LB 389 -22.53 -80.47 -48.11
N ASP LB 390 -21.68 -79.48 -48.32
CA ASP LB 390 -22.04 -78.12 -48.01
C ASP LB 390 -21.31 -77.18 -48.95
N MET LB 391 -21.38 -75.89 -48.64
CA MET LB 391 -20.95 -74.82 -49.53
C MET LB 391 -20.11 -73.85 -48.71
N TYR LB 392 -18.80 -73.93 -48.89
CA TYR LB 392 -17.88 -73.05 -48.21
C TYR LB 392 -17.81 -71.73 -48.97
N TYR LB 393 -18.02 -70.63 -48.26
CA TYR LB 393 -17.96 -69.28 -48.82
C TYR LB 393 -16.82 -68.54 -48.13
N ASP LB 394 -15.70 -68.43 -48.81
CA ASP LB 394 -14.58 -67.66 -48.27
C ASP LB 394 -14.97 -66.19 -48.19
N LEU LB 395 -14.67 -65.57 -47.05
CA LEU LB 395 -15.00 -64.17 -46.85
C LEU LB 395 -14.03 -63.23 -47.56
N GLU LB 396 -12.90 -63.74 -48.06
CA GLU LB 396 -11.90 -62.87 -48.65
C GLU LB 396 -12.20 -62.58 -50.10
N THR LB 397 -12.49 -63.62 -50.88
CA THR LB 397 -12.78 -63.49 -52.30
C THR LB 397 -14.26 -63.52 -52.62
N GLY LB 398 -15.05 -64.25 -51.85
CA GLY LB 398 -16.46 -64.37 -52.11
C GLY LB 398 -16.81 -65.46 -53.10
N ARG LB 399 -15.94 -66.47 -53.23
CA ARG LB 399 -16.11 -67.54 -54.19
C ARG LB 399 -16.67 -68.76 -53.47
N LYS LB 400 -17.90 -69.14 -53.83
CA LYS LB 400 -18.48 -70.32 -53.23
C LYS LB 400 -17.76 -71.56 -53.72
N ALA LB 401 -17.89 -72.63 -52.95
CA ALA LB 401 -17.24 -73.88 -53.29
C ALA LB 401 -18.00 -75.02 -52.64
N LEU LB 402 -18.55 -75.89 -53.47
CA LEU LB 402 -19.22 -77.07 -52.94
C LEU LB 402 -18.18 -78.09 -52.53
N LEU LB 403 -18.44 -78.77 -51.41
CA LEU LB 403 -17.58 -79.85 -50.98
C LEU LB 403 -18.41 -80.94 -50.33
N ILE LB 404 -18.01 -82.17 -50.62
CA ILE LB 404 -18.75 -83.39 -50.32
C ILE LB 404 -17.89 -84.28 -49.45
N GLY LB 405 -18.53 -85.05 -48.57
CA GLY LB 405 -17.86 -86.05 -47.78
C GLY LB 405 -18.20 -87.44 -48.25
N VAL LB 406 -17.26 -88.37 -48.09
CA VAL LB 406 -17.46 -89.75 -48.48
C VAL LB 406 -16.68 -90.63 -47.51
N THR LB 407 -17.12 -91.87 -47.39
CA THR LB 407 -16.40 -92.90 -46.63
C THR LB 407 -16.19 -94.09 -47.54
N ILE LB 408 -14.94 -94.55 -47.63
CA ILE LB 408 -14.59 -95.67 -48.50
C ILE LB 408 -13.98 -96.80 -47.69
N GLY LB 409 -14.12 -96.75 -46.37
CA GLY LB 409 -13.44 -97.70 -45.52
C GLY LB 409 -14.20 -99.00 -45.36
N PRO LB 410 -13.49 -100.13 -45.27
CA PRO LB 410 -14.18 -101.40 -45.11
C PRO LB 410 -14.38 -101.79 -43.66
N GLY LB 411 -15.54 -102.37 -43.38
CA GLY LB 411 -15.84 -102.87 -42.07
C GLY LB 411 -15.78 -101.77 -41.03
N ASN LB 412 -15.31 -102.13 -39.84
CA ASN LB 412 -15.16 -101.15 -38.77
C ASN LB 412 -14.20 -100.05 -39.17
N ASN LB 413 -13.17 -100.37 -39.94
CA ASN LB 413 -12.23 -99.36 -40.40
C ASN LB 413 -12.92 -98.44 -41.40
N ARG LB 414 -13.17 -97.20 -40.99
CA ARG LB 414 -13.83 -96.21 -41.83
C ARG LB 414 -12.85 -95.14 -42.26
N HIS LB 415 -12.86 -94.83 -43.55
CA HIS LB 415 -12.14 -93.70 -44.12
C HIS LB 415 -13.09 -92.52 -44.19
N HIS LB 416 -12.51 -91.33 -44.30
CA HIS LB 416 -13.31 -90.09 -44.30
C HIS LB 416 -12.63 -89.11 -45.25
N SER LB 417 -13.03 -89.15 -46.52
CA SER LB 417 -12.39 -88.37 -47.57
C SER LB 417 -13.33 -87.26 -48.01
N ILE LB 418 -12.73 -86.15 -48.46
CA ILE LB 418 -13.45 -84.94 -48.83
C ILE LB 418 -13.06 -84.52 -50.23
N TYR LB 419 -14.07 -84.24 -51.05
CA TYR LB 419 -13.85 -83.77 -52.39
C TYR LB 419 -14.61 -82.47 -52.59
N SER LB 420 -14.31 -81.78 -53.69
CA SER LB 420 -14.84 -80.44 -53.91
C SER LB 420 -15.05 -80.17 -55.39
N ILE LB 421 -16.05 -79.34 -55.65
CA ILE LB 421 -16.41 -78.89 -57.00
C ILE LB 421 -16.27 -77.37 -57.03
N GLY LB 422 -15.34 -76.84 -56.25
CA GLY LB 422 -15.26 -75.41 -56.11
C GLY LB 422 -14.70 -74.72 -57.35
N GLN LB 423 -14.68 -73.40 -57.27
CA GLN LB 423 -14.21 -72.56 -58.34
C GLN LB 423 -12.70 -72.42 -58.26
N ARG LB 424 -12.15 -71.51 -59.06
CA ARG LB 424 -10.72 -71.28 -59.06
C ARG LB 424 -10.34 -70.45 -57.85
N GLY LB 425 -9.44 -70.99 -57.03
CA GLY LB 425 -8.87 -70.27 -55.91
C GLY LB 425 -9.38 -70.68 -54.55
N VAL LB 426 -10.34 -71.60 -54.48
CA VAL LB 426 -10.89 -72.05 -53.21
C VAL LB 426 -10.26 -73.37 -52.75
N ASN LB 427 -10.15 -74.35 -53.65
CA ASN LB 427 -9.58 -75.63 -53.23
C ASN LB 427 -8.11 -75.49 -52.88
N GLN LB 428 -7.38 -74.72 -53.68
CA GLN LB 428 -5.99 -74.42 -53.38
C GLN LB 428 -5.87 -73.81 -51.99
N PHE LB 429 -6.74 -72.84 -51.69
CA PHE LB 429 -6.71 -72.18 -50.40
C PHE LB 429 -7.04 -73.14 -49.27
N LEU LB 430 -8.03 -74.01 -49.49
CA LEU LB 430 -8.45 -74.91 -48.44
C LEU LB 430 -7.36 -75.90 -48.11
N LYS LB 431 -6.62 -76.35 -49.12
CA LYS LB 431 -5.51 -77.25 -48.85
C LYS LB 431 -4.34 -76.52 -48.22
N ASN LB 432 -4.11 -75.27 -48.63
CA ASN LB 432 -2.95 -74.53 -48.15
C ASN LB 432 -3.18 -73.79 -46.85
N ILE LB 433 -4.37 -73.90 -46.25
CA ILE LB 433 -4.57 -73.39 -44.89
C ILE LB 433 -3.48 -73.92 -43.97
N ALA LB 434 -3.42 -75.23 -43.83
CA ALA LB 434 -2.46 -75.90 -42.95
C ALA LB 434 -2.13 -77.25 -43.53
N PRO LB 435 -0.93 -77.77 -43.28
CA PRO LB 435 -0.53 -79.01 -43.93
C PRO LB 435 -1.06 -80.24 -43.21
N GLN LB 436 -1.00 -81.35 -43.92
CA GLN LB 436 -1.34 -82.63 -43.31
C GLN LB 436 -0.34 -82.99 -42.23
N VAL LB 437 -0.68 -84.02 -41.46
CA VAL LB 437 0.26 -84.52 -40.47
C VAL LB 437 1.35 -85.31 -41.17
N SER LB 438 2.50 -85.41 -40.51
CA SER LB 438 3.60 -86.19 -41.03
C SER LB 438 4.58 -86.42 -39.90
N MET LB 439 5.35 -87.49 -40.02
CA MET LB 439 6.29 -87.85 -38.97
C MET LB 439 7.34 -86.77 -38.79
N THR LB 440 7.74 -86.12 -39.88
CA THR LB 440 8.69 -85.02 -39.87
C THR LB 440 8.00 -83.81 -40.48
N ASP LB 441 8.48 -82.63 -40.09
CA ASP LB 441 7.70 -81.41 -40.36
C ASP LB 441 7.51 -81.18 -41.86
N SER LB 442 8.55 -80.82 -42.61
CA SER LB 442 8.51 -80.93 -44.07
C SER LB 442 9.84 -81.28 -44.70
N GLY LB 443 10.95 -81.17 -43.97
CA GLY LB 443 12.28 -81.24 -44.55
C GLY LB 443 13.14 -82.36 -43.98
N GLY LB 444 12.61 -83.08 -43.00
CA GLY LB 444 13.33 -84.17 -42.40
C GLY LB 444 13.97 -83.77 -41.10
N ARG LB 445 13.27 -82.93 -40.35
CA ARG LB 445 13.61 -82.59 -39.00
C ARG LB 445 12.54 -83.12 -38.07
N VAL LB 446 12.91 -83.23 -36.80
CA VAL LB 446 11.95 -83.60 -35.78
C VAL LB 446 10.90 -82.51 -35.65
N LYS LB 447 9.76 -82.88 -35.13
CA LYS LB 447 8.68 -81.94 -34.87
C LYS LB 447 8.79 -81.40 -33.46
N PRO LB 448 8.08 -80.32 -33.15
CA PRO LB 448 8.13 -79.73 -31.83
C PRO LB 448 7.02 -80.23 -30.93
N LEU LB 449 7.32 -80.30 -29.64
CA LEU LB 449 6.30 -80.60 -28.67
C LEU LB 449 5.26 -79.50 -28.66
N PRO LB 450 4.05 -79.78 -28.16
CA PRO LB 450 3.10 -78.70 -27.90
C PRO LB 450 3.36 -78.00 -26.57
N ILE LB 451 4.13 -78.61 -25.67
CA ILE LB 451 4.44 -78.01 -24.38
C ILE LB 451 5.88 -78.34 -24.03
N GLN LB 452 6.57 -77.39 -23.42
CA GLN LB 452 7.90 -77.60 -22.91
C GLN LB 452 7.85 -78.16 -21.49
N ASN LB 453 8.74 -79.11 -21.21
CA ASN LB 453 8.83 -79.74 -19.90
C ASN LB 453 7.48 -80.36 -19.55
N PRO LB 454 7.00 -81.28 -20.36
CA PRO LB 454 5.65 -81.80 -20.16
C PRO LB 454 5.55 -82.66 -18.93
N ALA LB 455 4.40 -82.55 -18.26
CA ALA LB 455 4.16 -83.33 -17.06
C ALA LB 455 3.71 -84.74 -17.40
N TYR LB 456 2.55 -84.85 -18.05
CA TYR LB 456 2.04 -86.13 -18.52
C TYR LB 456 2.41 -86.29 -19.99
N LEU LB 457 3.20 -87.32 -20.29
CA LEU LB 457 3.59 -87.58 -21.67
C LEU LB 457 2.40 -87.93 -22.55
N SER LB 458 1.24 -88.26 -21.95
CA SER LB 458 0.03 -88.49 -22.71
C SER LB 458 -0.57 -87.22 -23.27
N ASP LB 459 -0.08 -86.05 -22.86
CA ASP LB 459 -0.61 -84.81 -23.40
C ASP LB 459 -0.30 -84.68 -24.89
N ILE LB 460 0.76 -85.32 -25.37
CA ILE LB 460 1.18 -85.22 -26.76
C ILE LB 460 0.34 -86.19 -27.58
N THR LB 461 -0.74 -85.69 -28.16
CA THR LB 461 -1.62 -86.48 -29.02
C THR LB 461 -1.17 -86.48 -30.47
N GLU LB 462 -0.52 -85.42 -30.93
CA GLU LB 462 -0.20 -85.32 -32.35
C GLU LB 462 0.89 -86.33 -32.71
N VAL LB 463 0.58 -87.17 -33.69
CA VAL LB 463 1.51 -88.21 -34.12
C VAL LB 463 2.75 -87.56 -34.70
N GLY LB 464 3.84 -88.32 -34.70
CA GLY LB 464 5.11 -87.88 -35.24
C GLY LB 464 6.22 -87.98 -34.23
N HIS LB 465 7.42 -87.57 -34.64
CA HIS LB 465 8.60 -87.67 -33.83
C HIS LB 465 8.87 -86.38 -33.08
N TYR LB 466 9.52 -86.48 -31.93
CA TYR LB 466 9.78 -85.38 -31.02
C TYR LB 466 11.08 -85.69 -30.31
N TYR LB 467 11.64 -84.69 -29.64
CA TYR LB 467 12.85 -84.88 -28.85
C TYR LB 467 12.73 -84.13 -27.55
N ILE LB 468 12.91 -84.85 -26.44
CA ILE LB 468 12.82 -84.29 -25.11
C ILE LB 468 14.24 -83.97 -24.66
N TYR LB 469 14.52 -82.69 -24.45
CA TYR LB 469 15.82 -82.32 -23.92
C TYR LB 469 15.97 -82.87 -22.50
N THR LB 470 17.22 -83.03 -22.09
CA THR LB 470 17.53 -83.56 -20.77
C THR LB 470 16.92 -82.72 -19.66
N GLN LB 471 16.80 -81.42 -19.87
CA GLN LB 471 16.17 -80.56 -18.88
C GLN LB 471 14.66 -80.65 -18.92
N ASP LB 472 14.09 -80.99 -20.08
CA ASP LB 472 12.65 -81.14 -20.18
C ASP LB 472 12.17 -82.49 -19.66
N THR LB 473 13.04 -83.50 -19.67
CA THR LB 473 12.66 -84.80 -19.15
C THR LB 473 12.45 -84.78 -17.64
N GLN LB 474 13.00 -83.77 -16.95
CA GLN LB 474 13.06 -83.80 -15.49
C GLN LB 474 11.67 -83.88 -14.87
N ASN LB 475 10.66 -83.35 -15.53
CA ASN LB 475 9.34 -83.27 -14.90
C ASN LB 475 8.57 -84.58 -15.07
N ALA LB 476 8.10 -84.84 -16.29
CA ALA LB 476 7.77 -86.16 -16.82
C ALA LB 476 7.12 -87.09 -15.79
N LEU LB 477 5.93 -86.70 -15.33
CA LEU LB 477 5.27 -87.42 -14.24
C LEU LB 477 5.06 -88.90 -14.56
N ASP LB 478 4.90 -89.23 -15.83
CA ASP LB 478 4.79 -90.63 -16.27
C ASP LB 478 5.95 -90.88 -17.23
N PHE LB 479 7.08 -91.28 -16.65
CA PHE LB 479 8.31 -91.56 -17.36
C PHE LB 479 8.71 -92.99 -17.02
N PRO LB 480 9.21 -93.77 -17.99
CA PRO LB 480 9.60 -95.16 -17.65
C PRO LB 480 10.67 -95.25 -16.59
N LEU LB 481 11.53 -94.26 -16.52
CA LEU LB 481 12.62 -94.22 -15.55
C LEU LB 481 12.28 -93.26 -14.41
N PRO LB 482 12.98 -93.35 -13.29
CA PRO LB 482 12.79 -92.39 -12.22
C PRO LB 482 13.61 -91.13 -12.46
N LYS LB 483 13.54 -90.22 -11.48
CA LYS LB 483 14.24 -88.94 -11.59
C LYS LB 483 15.75 -89.10 -11.57
N ALA LB 484 16.27 -90.20 -11.04
CA ALA LB 484 17.70 -90.36 -10.85
C ALA LB 484 18.40 -90.99 -12.05
N PHE LB 485 17.66 -91.73 -12.87
CA PHE LB 485 18.27 -92.45 -13.99
C PHE LB 485 18.37 -91.59 -15.24
N ARG LB 486 17.49 -90.60 -15.37
CA ARG LB 486 17.45 -89.79 -16.58
C ARG LB 486 18.49 -88.69 -16.52
N ASP LB 487 19.36 -88.66 -17.52
CA ASP LB 487 20.39 -87.64 -17.64
C ASP LB 487 20.42 -87.05 -19.04
N ALA LB 488 19.99 -87.80 -20.05
CA ALA LB 488 20.11 -87.42 -21.45
C ALA LB 488 18.74 -87.36 -22.10
N GLY LB 489 18.75 -86.88 -23.35
CA GLY LB 489 17.51 -86.67 -24.08
C GLY LB 489 16.93 -87.96 -24.61
N TRP LB 490 15.71 -87.84 -25.13
CA TRP LB 490 14.92 -89.00 -25.52
C TRP LB 490 14.19 -88.70 -26.82
N PHE LB 491 14.50 -89.46 -27.86
CA PHE LB 491 13.72 -89.42 -29.09
C PHE LB 491 12.36 -90.04 -28.78
N PHE LB 492 11.32 -89.23 -28.74
CA PHE LB 492 9.99 -89.65 -28.32
C PHE LB 492 9.04 -89.52 -29.50
N ASP LB 493 8.46 -90.62 -29.93
CA ASP LB 493 7.61 -90.62 -31.11
C ASP LB 493 6.26 -91.24 -30.81
N VAL LB 494 5.22 -90.56 -31.28
CA VAL LB 494 3.84 -90.97 -31.13
C VAL LB 494 3.36 -91.56 -32.44
N LEU LB 495 2.72 -92.72 -32.37
CA LEU LB 495 2.23 -93.43 -33.52
C LEU LB 495 0.74 -93.67 -33.40
N PRO LB 496 0.03 -93.80 -34.51
CA PRO LB 496 -1.42 -93.92 -34.42
C PRO LB 496 -1.86 -95.21 -33.76
N GLY LB 497 -2.93 -95.12 -32.99
CA GLY LB 497 -3.52 -96.26 -32.32
C GLY LB 497 -4.64 -96.83 -33.14
N HIS LB 498 -5.85 -96.79 -32.60
CA HIS LB 498 -7.05 -97.22 -33.30
C HIS LB 498 -8.07 -96.07 -33.28
N TYR LB 499 -9.25 -96.36 -33.79
CA TYR LB 499 -10.23 -95.33 -34.08
C TYR LB 499 -10.85 -94.70 -32.85
N ASN LB 500 -10.71 -95.31 -31.68
CA ASN LB 500 -11.03 -94.63 -30.44
C ASN LB 500 -9.82 -93.79 -30.05
N GLY LB 501 -9.78 -93.29 -28.82
CA GLY LB 501 -8.78 -92.31 -28.46
C GLY LB 501 -7.45 -92.88 -28.03
N ALA LB 502 -6.91 -93.82 -28.79
CA ALA LB 502 -5.68 -94.52 -28.45
C ALA LB 502 -4.52 -94.03 -29.28
N LEU LB 503 -3.32 -94.15 -28.72
CA LEU LB 503 -2.10 -93.80 -29.44
C LEU LB 503 -0.91 -94.52 -28.82
N ARG LB 504 -0.03 -95.02 -29.68
CA ARG LB 504 1.19 -95.64 -29.20
C ARG LB 504 2.26 -94.59 -28.96
N GLN LB 505 3.15 -94.88 -28.02
CA GLN LB 505 4.31 -94.04 -27.73
C GLN LB 505 5.56 -94.89 -27.66
N VAL LB 506 6.66 -94.33 -28.13
CA VAL LB 506 7.97 -94.96 -28.03
C VAL LB 506 8.96 -93.89 -27.62
N LEU LB 507 9.92 -94.27 -26.77
CA LEU LB 507 10.94 -93.35 -26.28
C LEU LB 507 12.28 -94.06 -26.30
N THR LB 508 13.21 -93.57 -27.11
CA THR LB 508 14.55 -94.13 -27.21
C THR LB 508 15.56 -93.11 -26.72
N ARG LB 509 16.36 -93.50 -25.73
CA ARG LB 509 17.36 -92.60 -25.17
C ARG LB 509 18.37 -92.19 -26.23
N ASN LB 510 19.00 -91.03 -26.02
CA ASN LB 510 19.98 -90.45 -26.92
C ASN LB 510 21.33 -90.47 -26.23
N SER LB 511 22.19 -91.41 -26.60
CA SER LB 511 23.54 -91.40 -26.07
C SER LB 511 24.46 -92.29 -26.88
N THR LB 512 25.51 -91.70 -27.45
CA THR LB 512 26.46 -92.45 -28.24
C THR LB 512 27.37 -93.32 -27.39
N GLY LB 513 27.76 -92.84 -26.23
CA GLY LB 513 28.72 -93.54 -25.40
C GLY LB 513 28.09 -94.53 -24.44
N ARG LB 514 26.91 -95.04 -24.78
CA ARG LB 514 26.22 -95.98 -23.92
C ARG LB 514 24.99 -96.47 -24.67
N ASN LB 515 24.26 -97.38 -24.05
CA ASN LB 515 23.18 -98.08 -24.74
C ASN LB 515 21.97 -97.19 -24.93
N MET LB 516 21.38 -97.27 -26.12
CA MET LB 516 20.22 -96.46 -26.48
C MET LB 516 18.93 -97.24 -26.24
N LEU LB 517 18.69 -97.51 -24.95
CA LEU LB 517 17.51 -98.24 -24.53
C LEU LB 517 16.23 -97.55 -24.98
N LYS LB 518 15.23 -98.35 -25.31
CA LYS LB 518 13.92 -97.84 -25.72
C LYS LB 518 12.80 -98.46 -24.90
N PHE LB 519 11.81 -97.63 -24.63
CA PHE LB 519 10.57 -98.02 -23.97
C PHE LB 519 9.41 -97.78 -24.92
N GLU LB 520 8.29 -98.44 -24.62
CA GLU LB 520 7.15 -98.45 -25.49
C GLU LB 520 5.88 -98.57 -24.65
N ARG LB 521 4.80 -97.95 -25.10
CA ARG LB 521 3.54 -98.07 -24.38
C ARG LB 521 2.39 -97.62 -25.27
N VAL LB 522 1.20 -97.65 -24.67
CA VAL LB 522 -0.02 -97.16 -25.27
C VAL LB 522 -0.67 -96.20 -24.28
N ILE LB 523 -1.34 -95.19 -24.82
CA ILE LB 523 -2.03 -94.20 -24.02
C ILE LB 523 -3.42 -94.00 -24.59
N ASP LB 524 -4.34 -93.61 -23.71
CA ASP LB 524 -5.69 -93.23 -24.09
C ASP LB 524 -5.90 -91.78 -23.69
N ILE LB 525 -6.13 -90.92 -24.67
CA ILE LB 525 -6.17 -89.48 -24.44
C ILE LB 525 -7.33 -89.10 -23.53
N PHE LB 526 -8.45 -89.80 -23.64
CA PHE LB 526 -9.62 -89.43 -22.84
C PHE LB 526 -9.48 -89.90 -21.40
N ASN LB 527 -9.40 -91.21 -21.20
CA ASN LB 527 -9.24 -91.79 -19.88
C ASN LB 527 -7.74 -92.02 -19.67
N LYS LB 528 -7.09 -91.04 -19.08
CA LYS LB 528 -5.65 -91.13 -18.85
C LYS LB 528 -5.29 -92.32 -17.97
N LYS LB 529 -6.22 -92.77 -17.12
CA LYS LB 529 -5.97 -93.91 -16.28
C LYS LB 529 -5.83 -95.19 -17.07
N ASN LB 530 -6.44 -95.27 -18.24
CA ASN LB 530 -6.40 -96.47 -19.06
C ASN LB 530 -5.12 -96.61 -19.85
N ASN LB 531 -4.10 -95.80 -19.60
CA ASN LB 531 -2.86 -95.90 -20.35
C ASN LB 531 -2.01 -97.02 -19.78
N GLY LB 532 -1.41 -97.78 -20.69
CA GLY LB 532 -0.62 -98.92 -20.29
C GLY LB 532 0.65 -98.49 -19.58
N ALA LB 533 1.43 -99.49 -19.22
CA ALA LB 533 2.68 -99.27 -18.52
C ALA LB 533 3.80 -99.19 -19.54
N TRP LB 534 5.04 -99.14 -19.06
CA TRP LB 534 6.20 -98.88 -19.88
C TRP LB 534 6.89 -100.20 -20.19
N ASN LB 535 6.61 -100.74 -21.36
CA ASN LB 535 7.37 -101.89 -21.83
C ASN LB 535 8.79 -101.47 -22.15
N PHE LB 536 9.67 -102.46 -22.29
CA PHE LB 536 11.09 -102.22 -22.50
C PHE LB 536 11.66 -103.26 -23.45
N CYS LB 537 12.44 -102.81 -24.42
CA CYS LB 537 13.24 -103.67 -25.28
C CYS LB 537 14.71 -103.59 -24.89
N PRO LB 538 15.49 -104.69 -25.03
CA PRO LB 538 16.88 -104.66 -24.56
C PRO LB 538 17.76 -103.62 -25.23
N GLN LB 539 17.94 -103.75 -26.54
CA GLN LB 539 18.67 -102.79 -27.38
C GLN LB 539 20.03 -102.41 -26.78
N ASN LB 540 20.92 -103.41 -26.73
CA ASN LB 540 22.26 -103.25 -26.22
C ASN LB 540 23.26 -103.11 -27.36
N ALA LB 541 24.44 -102.59 -27.02
CA ALA LB 541 25.54 -102.41 -27.95
C ALA LB 541 26.86 -102.95 -27.43
N GLY LB 542 26.87 -103.59 -26.25
CA GLY LB 542 28.08 -103.92 -25.56
C GLY LB 542 28.50 -102.91 -24.52
N TYR LB 543 27.87 -101.74 -24.52
CA TYR LB 543 28.13 -100.75 -23.50
C TYR LB 543 27.50 -101.17 -22.19
N TRP LB 544 27.78 -100.40 -21.15
CA TRP LB 544 27.44 -100.72 -19.77
C TRP LB 544 26.70 -99.56 -19.14
N GLU LB 545 25.87 -99.89 -18.15
CA GLU LB 545 25.13 -98.90 -17.38
C GLU LB 545 25.46 -99.07 -15.91
N HIS LB 546 25.62 -97.95 -15.22
CA HIS LB 546 25.94 -97.94 -13.80
C HIS LB 546 24.74 -97.45 -13.01
N ILE LB 547 24.59 -97.99 -11.82
CA ILE LB 547 23.53 -97.52 -10.93
C ILE LB 547 23.89 -96.13 -10.42
N PRO LB 548 22.97 -95.15 -10.43
CA PRO LB 548 23.32 -93.85 -9.86
C PRO LB 548 23.37 -93.88 -8.34
N LYS LB 549 23.47 -92.70 -7.72
CA LYS LB 549 23.63 -92.61 -6.28
C LYS LB 549 22.43 -93.15 -5.50
N SER LB 550 21.33 -93.51 -6.16
CA SER LB 550 20.27 -94.26 -5.48
C SER LB 550 20.71 -95.71 -5.29
N ILE LB 551 21.67 -95.91 -4.38
CA ILE LB 551 22.25 -97.22 -4.11
C ILE LB 551 21.69 -97.72 -2.79
N THR LB 552 20.49 -97.28 -2.43
CA THR LB 552 19.89 -97.70 -1.17
C THR LB 552 19.65 -99.20 -1.17
N LYS LB 553 18.89 -99.68 -2.17
CA LYS LB 553 18.52 -101.08 -2.25
C LYS LB 553 18.49 -101.50 -3.71
N LEU LB 554 18.67 -102.80 -3.93
CA LEU LB 554 18.48 -103.40 -5.24
C LEU LB 554 17.01 -103.66 -5.56
N SER LB 555 16.11 -103.37 -4.64
CA SER LB 555 14.69 -103.67 -4.85
C SER LB 555 13.99 -102.63 -5.70
N ASP LB 556 14.57 -101.45 -5.89
CA ASP LB 556 13.98 -100.43 -6.74
C ASP LB 556 14.15 -100.72 -8.22
N LEU LB 557 14.95 -101.72 -8.59
CA LEU LB 557 15.27 -102.00 -9.98
C LEU LB 557 14.34 -103.08 -10.54
N LYS LB 558 13.06 -102.76 -10.52
CA LYS LB 558 12.03 -103.69 -10.96
C LYS LB 558 11.92 -103.80 -12.47
N ILE LB 559 12.57 -102.91 -13.22
CA ILE LB 559 12.42 -102.92 -14.67
C ILE LB 559 13.08 -104.16 -15.25
N VAL LB 560 12.54 -104.62 -16.39
CA VAL LB 560 12.84 -105.94 -16.93
C VAL LB 560 14.01 -105.86 -17.89
N GLY LB 561 14.90 -106.85 -17.81
CA GLY LB 561 15.91 -107.09 -18.82
C GLY LB 561 16.91 -105.98 -19.03
N LEU LB 562 17.53 -105.50 -17.96
CA LEU LB 562 18.55 -104.47 -18.02
C LEU LB 562 19.90 -105.03 -17.60
N ASP LB 563 20.93 -104.24 -17.86
CA ASP LB 563 22.31 -104.55 -17.52
C ASP LB 563 22.82 -103.47 -16.59
N PHE LB 564 23.25 -103.85 -15.39
CA PHE LB 564 23.78 -102.92 -14.41
C PHE LB 564 25.07 -103.49 -13.83
N TYR LB 565 26.20 -102.83 -14.09
CA TYR LB 565 27.44 -103.23 -13.46
C TYR LB 565 27.46 -102.78 -12.00
N ILE LB 566 28.11 -103.58 -11.17
CA ILE LB 566 28.37 -103.23 -9.78
C ILE LB 566 29.81 -103.62 -9.47
N THR LB 567 30.69 -102.63 -9.37
CA THR LB 567 32.07 -102.84 -8.96
C THR LB 567 32.13 -103.31 -7.52
N THR LB 568 33.33 -103.60 -7.02
CA THR LB 568 33.51 -103.90 -5.61
C THR LB 568 33.08 -102.73 -4.74
N GLU LB 569 33.58 -101.54 -5.07
CA GLU LB 569 33.23 -100.34 -4.32
C GLU LB 569 31.74 -100.08 -4.40
N GLU LB 570 31.13 -100.35 -5.55
CA GLU LB 570 29.70 -100.16 -5.69
C GLU LB 570 28.94 -101.16 -4.83
N SER LB 571 29.37 -102.41 -4.84
CA SER LB 571 28.67 -103.46 -4.11
C SER LB 571 28.77 -103.27 -2.61
N ASN LB 572 29.82 -102.61 -2.14
CA ASN LB 572 29.92 -102.34 -0.70
C ASN LB 572 29.10 -101.13 -0.25
N ARG LB 573 27.87 -100.99 -0.72
CA ARG LB 573 26.89 -100.06 -0.19
C ARG LB 573 25.52 -100.68 -0.01
N PHE LB 574 25.13 -101.58 -0.91
CA PHE LB 574 23.76 -102.03 -0.99
C PHE LB 574 23.39 -102.89 0.22
N THR LB 575 22.09 -102.98 0.46
CA THR LB 575 21.54 -103.73 1.58
C THR LB 575 21.11 -105.14 1.19
N ASP LB 576 20.31 -105.27 0.14
CA ASP LB 576 19.89 -106.58 -0.34
C ASP LB 576 21.06 -107.43 -0.82
N PHE LB 577 22.17 -106.80 -1.17
CA PHE LB 577 23.33 -107.55 -1.63
C PHE LB 577 23.84 -108.42 -0.49
N PRO LB 578 24.12 -109.72 -0.72
CA PRO LB 578 24.55 -110.58 0.40
C PRO LB 578 25.87 -110.12 1.02
N LYS LB 579 26.12 -110.65 2.21
CA LYS LB 579 27.23 -110.20 3.04
C LYS LB 579 28.49 -111.03 2.84
N ASP LB 580 28.43 -112.11 2.07
CA ASP LB 580 29.60 -112.95 1.84
C ASP LB 580 30.41 -112.52 0.63
N PHE LB 581 29.75 -111.96 -0.38
CA PHE LB 581 30.41 -111.51 -1.61
C PHE LB 581 30.47 -110.00 -1.71
N LYS LB 582 30.42 -109.30 -0.59
CA LYS LB 582 30.43 -107.84 -0.59
C LYS LB 582 31.85 -107.34 -0.77
N GLY LB 583 32.17 -106.87 -1.96
CA GLY LB 583 33.45 -106.26 -2.25
C GLY LB 583 34.49 -107.17 -2.83
N ILE LB 584 34.11 -108.35 -3.30
CA ILE LB 584 35.10 -109.34 -3.73
C ILE LB 584 35.42 -109.22 -5.22
N ALA LB 585 34.46 -108.79 -6.04
CA ALA LB 585 34.70 -108.58 -7.46
C ALA LB 585 33.52 -107.78 -8.01
N GLY LB 586 33.56 -107.56 -9.33
CA GLY LB 586 32.48 -106.86 -9.99
C GLY LB 586 31.32 -107.78 -10.29
N TRP LB 587 30.14 -107.18 -10.46
CA TRP LB 587 28.91 -107.93 -10.63
C TRP LB 587 28.03 -107.29 -11.70
N ILE LB 588 27.42 -108.15 -12.51
CA ILE LB 588 26.46 -107.75 -13.54
C ILE LB 588 25.09 -108.16 -13.06
N LEU LB 589 24.16 -107.21 -13.03
CA LEU LB 589 22.80 -107.46 -12.59
C LEU LB 589 21.87 -107.55 -13.80
N GLU LB 590 20.89 -108.43 -13.72
CA GLU LB 590 19.90 -108.63 -14.75
C GLU LB 590 18.56 -108.90 -14.07
N VAL LB 591 17.48 -108.57 -14.78
CA VAL LB 591 16.13 -108.67 -14.24
C VAL LB 591 15.29 -109.56 -15.16
N LYS LB 592 14.39 -110.31 -14.55
CA LYS LB 592 13.49 -111.21 -15.25
C LYS LB 592 12.08 -111.04 -14.69
N SER LB 593 11.10 -111.17 -15.58
CA SER LB 593 9.72 -110.84 -15.24
C SER LB 593 9.10 -111.93 -14.37
N ASN LB 594 8.00 -111.55 -13.74
CA ASN LB 594 7.24 -112.42 -12.84
C ASN LB 594 5.86 -111.80 -12.66
N THR LB 595 5.12 -112.29 -11.67
CA THR LB 595 3.85 -111.66 -11.31
C THR LB 595 4.11 -110.22 -10.88
N PRO LB 596 3.11 -109.34 -10.99
CA PRO LB 596 3.35 -107.92 -10.68
C PRO LB 596 3.75 -107.70 -9.24
N GLY LB 597 4.74 -106.86 -9.05
CA GLY LB 597 5.41 -106.69 -7.78
C GLY LB 597 6.57 -107.65 -7.68
N ASN LB 598 6.31 -108.91 -7.99
CA ASN LB 598 7.35 -109.92 -7.97
C ASN LB 598 8.23 -109.79 -9.21
N THR LB 599 9.51 -110.09 -9.02
CA THR LB 599 10.44 -110.04 -10.12
C THR LB 599 11.74 -110.69 -9.68
N THR LB 600 12.40 -111.36 -10.62
CA THR LB 600 13.64 -112.06 -10.35
C THR LB 600 14.82 -111.17 -10.71
N GLN LB 601 15.84 -111.21 -9.85
CA GLN LB 601 17.09 -110.51 -10.08
C GLN LB 601 18.22 -111.53 -10.07
N VAL LB 602 18.93 -111.61 -11.17
CA VAL LB 602 20.10 -112.46 -11.30
C VAL LB 602 21.32 -111.57 -11.19
N LEU LB 603 22.38 -112.08 -10.56
CA LEU LB 603 23.60 -111.32 -10.41
C LEU LB 603 24.76 -112.27 -10.69
N ARG LB 604 25.63 -111.86 -11.60
CA ARG LB 604 26.70 -112.70 -12.10
C ARG LB 604 28.03 -112.07 -11.79
N ARG LB 605 28.94 -112.83 -11.21
CA ARG LB 605 30.27 -112.32 -10.93
C ARG LB 605 31.00 -112.02 -12.22
N ASN LB 606 32.07 -111.24 -12.09
CA ASN LB 606 32.94 -110.91 -13.21
C ASN LB 606 34.37 -111.23 -12.77
N ASN LB 607 34.78 -112.48 -12.94
CA ASN LB 607 36.13 -112.92 -12.65
C ASN LB 607 36.59 -113.79 -13.80
N PHE LB 608 37.73 -113.45 -14.39
CA PHE LB 608 38.25 -114.21 -15.52
C PHE LB 608 38.92 -115.50 -15.02
N PRO LB 609 39.92 -115.42 -14.12
CA PRO LB 609 40.65 -116.65 -13.76
C PRO LB 609 39.87 -117.56 -12.83
N SER LB 610 39.27 -116.98 -11.80
CA SER LB 610 38.60 -117.76 -10.77
C SER LB 610 37.31 -118.37 -11.32
N ALA LB 611 36.66 -119.17 -10.49
CA ALA LB 611 35.41 -119.77 -10.88
C ALA LB 611 34.31 -118.73 -10.96
N HIS LB 612 33.38 -118.95 -11.88
CA HIS LB 612 32.24 -118.07 -12.05
C HIS LB 612 31.17 -118.41 -11.02
N GLN LB 613 30.38 -117.40 -10.68
CA GLN LB 613 29.32 -117.52 -9.71
C GLN LB 613 28.14 -116.71 -10.22
N PHE LB 614 26.94 -117.22 -9.98
CA PHE LB 614 25.77 -116.40 -10.21
C PHE LB 614 24.69 -116.76 -9.22
N LEU LB 615 24.08 -115.74 -8.67
CA LEU LB 615 23.14 -115.87 -7.57
C LEU LB 615 21.86 -115.15 -7.95
N VAL LB 616 20.74 -115.84 -7.73
CA VAL LB 616 19.44 -115.39 -8.20
C VAL LB 616 18.51 -115.20 -7.01
N ARG LB 617 17.62 -114.23 -7.14
CA ARG LB 617 16.71 -113.82 -6.09
C ARG LB 617 15.38 -113.56 -6.74
N ASN LB 618 14.31 -113.68 -5.97
CA ASN LB 618 12.99 -113.23 -6.40
C ASN LB 618 12.38 -112.42 -5.28
N PHE LB 619 12.06 -111.15 -5.57
CA PHE LB 619 11.54 -110.23 -4.57
C PHE LB 619 10.28 -109.56 -5.08
N GLY LB 620 9.41 -109.22 -4.13
CA GLY LB 620 8.23 -108.44 -4.42
C GLY LB 620 7.06 -108.74 -3.50
N THR LB 621 5.91 -109.01 -4.09
CA THR LB 621 4.70 -109.24 -3.30
C THR LB 621 4.82 -110.52 -2.47
N GLY LB 622 5.35 -111.58 -3.08
CA GLY LB 622 5.43 -112.85 -2.38
C GLY LB 622 6.36 -112.83 -1.18
N GLY LB 623 7.34 -111.93 -1.20
CA GLY LB 623 8.25 -111.84 -0.07
C GLY LB 623 9.54 -111.15 -0.49
N VAL LB 624 10.50 -111.16 0.44
CA VAL LB 624 11.75 -110.47 0.22
C VAL LB 624 12.61 -111.25 -0.77
N GLY LB 625 12.76 -112.54 -0.53
CA GLY LB 625 13.55 -113.40 -1.39
C GLY LB 625 14.92 -113.71 -0.80
N LYS LB 626 15.36 -114.94 -1.01
CA LYS LB 626 16.65 -115.42 -0.53
C LYS LB 626 17.52 -115.76 -1.74
N TRP LB 627 18.74 -115.23 -1.75
CA TRP LB 627 19.64 -115.42 -2.87
C TRP LB 627 20.15 -116.85 -2.90
N SER LB 628 19.83 -117.57 -3.97
CA SER LB 628 20.33 -118.91 -4.20
C SER LB 628 21.50 -118.84 -5.18
N LEU LB 629 22.63 -119.42 -4.79
CA LEU LB 629 23.87 -119.35 -5.55
C LEU LB 629 24.04 -120.57 -6.43
N PHE LB 630 24.82 -120.39 -7.49
CA PHE LB 630 25.31 -121.47 -8.33
C PHE LB 630 26.74 -121.15 -8.69
N GLU LB 631 27.64 -122.10 -8.44
CA GLU LB 631 29.07 -121.93 -8.67
C GLU LB 631 29.51 -122.85 -9.80
N GLY LB 632 30.55 -122.41 -10.52
CA GLY LB 632 31.03 -123.13 -11.68
C GLY LB 632 32.33 -123.89 -11.41
N LYS LB 633 32.62 -124.80 -12.32
CA LYS LB 633 33.80 -125.65 -12.25
C LYS LB 633 34.78 -125.17 -13.31
N VAL LB 634 35.93 -124.69 -12.89
CA VAL LB 634 36.91 -124.18 -13.83
C VAL LB 634 37.39 -125.33 -14.70
N VAL LB 635 37.17 -125.21 -16.00
CA VAL LB 635 37.57 -126.20 -16.98
C VAL LB 635 38.14 -125.48 -18.19
N GLU LB 636 38.70 -126.25 -19.11
CA GLU LB 636 39.37 -125.70 -20.28
C GLU LB 636 39.13 -126.56 -21.51
N ASP MB 2 -24.08 -31.15 -31.41
CA ASP MB 2 -24.78 -31.87 -30.34
C ASP MB 2 -23.91 -31.97 -29.09
N ASN MB 3 -24.29 -32.87 -28.19
CA ASN MB 3 -23.45 -33.16 -27.03
C ASN MB 3 -22.08 -33.66 -27.51
N LYS MB 4 -21.05 -33.23 -26.81
CA LYS MB 4 -19.69 -33.59 -27.18
C LYS MB 4 -19.35 -34.97 -26.63
N LEU MB 5 -18.22 -35.48 -27.09
CA LEU MB 5 -17.72 -36.76 -26.62
C LEU MB 5 -17.13 -36.62 -25.22
N ILE MB 6 -17.03 -37.76 -24.53
CA ILE MB 6 -16.43 -37.79 -23.21
C ILE MB 6 -14.93 -37.97 -23.40
N THR MB 7 -14.21 -36.84 -23.45
CA THR MB 7 -12.77 -36.90 -23.62
C THR MB 7 -12.10 -37.58 -22.43
N ASP MB 8 -12.56 -37.26 -21.22
CA ASP MB 8 -11.92 -37.74 -20.00
C ASP MB 8 -12.65 -38.96 -19.47
N LEU MB 9 -11.94 -40.08 -19.37
CA LEU MB 9 -12.49 -41.34 -18.92
C LEU MB 9 -12.10 -41.61 -17.47
N SER MB 10 -12.72 -42.65 -16.91
CA SER MB 10 -12.38 -43.10 -15.57
C SER MB 10 -11.00 -43.74 -15.54
N ARG MB 11 -10.37 -43.71 -14.37
CA ARG MB 11 -9.04 -44.27 -14.16
C ARG MB 11 -9.09 -45.63 -13.48
N VAL MB 12 -10.18 -46.37 -13.69
CA VAL MB 12 -10.33 -47.69 -13.12
C VAL MB 12 -11.26 -48.50 -14.00
N PHE MB 13 -10.89 -49.74 -14.29
CA PHE MB 13 -11.68 -50.55 -15.20
C PHE MB 13 -12.96 -50.97 -14.50
N ASP MB 14 -14.09 -50.53 -15.02
CA ASP MB 14 -15.37 -50.87 -14.44
C ASP MB 14 -16.45 -50.75 -15.50
N TYR MB 15 -17.67 -51.10 -15.09
CA TYR MB 15 -18.84 -50.89 -15.94
C TYR MB 15 -18.96 -49.44 -16.36
N ARG MB 16 -18.52 -48.51 -15.52
CA ARG MB 16 -18.58 -47.11 -15.88
C ARG MB 16 -17.61 -46.80 -17.01
N TYR MB 17 -16.38 -47.30 -16.93
CA TYR MB 17 -15.42 -47.07 -18.00
C TYR MB 17 -15.91 -47.66 -19.31
N VAL MB 18 -16.45 -48.87 -19.23
CA VAL MB 18 -16.97 -49.53 -20.43
C VAL MB 18 -18.12 -48.74 -20.99
N ASP MB 19 -19.03 -48.27 -20.15
CA ASP MB 19 -20.17 -47.50 -20.62
C ASP MB 19 -19.72 -46.19 -21.24
N GLU MB 20 -18.66 -45.60 -20.70
CA GLU MB 20 -18.14 -44.36 -21.27
C GLU MB 20 -17.64 -44.60 -22.69
N ASN MB 21 -16.81 -45.63 -22.86
CA ASN MB 21 -16.32 -45.94 -24.20
C ASN MB 21 -17.48 -46.28 -25.13
N GLU MB 22 -18.49 -46.96 -24.61
CA GLU MB 22 -19.64 -47.35 -25.42
C GLU MB 22 -20.39 -46.12 -25.91
N TYR MB 23 -20.69 -45.23 -24.99
CA TYR MB 23 -21.42 -44.02 -25.32
C TYR MB 23 -20.65 -43.18 -26.31
N ASN MB 24 -19.33 -43.09 -26.11
CA ASN MB 24 -18.51 -42.32 -27.04
C ASN MB 24 -18.56 -42.94 -28.43
N PHE MB 25 -18.50 -44.26 -28.51
CA PHE MB 25 -18.53 -44.90 -29.82
C PHE MB 25 -19.86 -44.72 -30.50
N LYS MB 26 -20.95 -44.78 -29.74
CA LYS MB 26 -22.26 -44.58 -30.34
C LYS MB 26 -22.41 -43.17 -30.87
N LEU MB 27 -21.98 -42.20 -30.08
CA LEU MB 27 -22.02 -40.81 -30.53
C LEU MB 27 -21.17 -40.63 -31.77
N ILE MB 28 -20.05 -41.35 -31.84
CA ILE MB 28 -19.18 -41.25 -33.01
C ILE MB 28 -19.88 -41.82 -34.23
N SER MB 29 -20.55 -42.96 -34.05
CA SER MB 29 -21.26 -43.57 -35.17
C SER MB 29 -22.33 -42.64 -35.70
N ASP MB 30 -23.08 -42.00 -34.80
CA ASP MB 30 -24.12 -41.08 -35.24
C ASP MB 30 -23.52 -39.87 -35.94
N MET MB 31 -22.42 -39.34 -35.41
CA MET MB 31 -21.77 -38.20 -36.06
C MET MB 31 -21.30 -38.53 -37.46
N LEU MB 32 -20.63 -39.68 -37.62
CA LEU MB 32 -20.12 -40.07 -38.92
C LEU MB 32 -21.26 -40.30 -39.90
N THR MB 33 -22.33 -40.94 -39.45
CA THR MB 33 -23.46 -41.18 -40.34
C THR MB 33 -24.09 -39.86 -40.77
N ASP MB 34 -24.24 -38.93 -39.83
CA ASP MB 34 -24.82 -37.64 -40.18
C ASP MB 34 -23.95 -36.89 -41.17
N PHE MB 35 -22.62 -36.97 -41.01
CA PHE MB 35 -21.74 -36.26 -41.94
C PHE MB 35 -21.80 -36.90 -43.32
N ASN MB 36 -21.80 -38.23 -43.39
CA ASN MB 36 -21.89 -38.89 -44.69
C ASN MB 36 -23.20 -38.57 -45.37
N PHE MB 37 -24.28 -38.52 -44.60
CA PHE MB 37 -25.57 -38.18 -45.17
C PHE MB 37 -25.57 -36.75 -45.70
N SER MB 38 -25.01 -35.82 -44.93
CA SER MB 38 -24.90 -34.44 -45.40
C SER MB 38 -24.08 -34.36 -46.67
N LEU MB 39 -23.02 -35.16 -46.76
CA LEU MB 39 -22.15 -35.11 -47.93
C LEU MB 39 -22.88 -35.63 -49.15
N GLU MB 40 -23.57 -36.76 -49.02
CA GLU MB 40 -24.33 -37.29 -50.14
C GLU MB 40 -25.46 -36.36 -50.55
N TYR MB 41 -26.05 -35.66 -49.57
CA TYR MB 41 -27.13 -34.73 -49.87
C TYR MB 41 -26.60 -33.51 -50.61
N HIS MB 42 -25.41 -33.04 -50.24
CA HIS MB 42 -24.78 -31.94 -50.96
C HIS MB 42 -24.33 -32.38 -52.35
N ARG MB 43 -23.95 -33.65 -52.48
CA ARG MB 43 -23.38 -34.13 -53.73
C ARG MB 43 -24.45 -34.48 -54.75
N ASN MB 44 -25.62 -34.91 -54.31
CA ASN MB 44 -26.67 -35.40 -55.21
C ASN MB 44 -27.94 -34.58 -55.15
N LYS MB 45 -28.52 -34.38 -53.97
CA LYS MB 45 -29.89 -33.87 -53.87
C LYS MB 45 -29.99 -32.38 -53.55
N GLU MB 46 -28.98 -31.80 -52.92
CA GLU MB 46 -29.10 -30.43 -52.44
C GLU MB 46 -29.13 -29.46 -53.61
N VAL MB 47 -30.17 -28.66 -53.67
CA VAL MB 47 -30.34 -27.66 -54.72
C VAL MB 47 -29.77 -26.33 -54.22
N PHE MB 48 -29.28 -25.54 -55.17
CA PHE MB 48 -28.69 -24.24 -54.88
C PHE MB 48 -27.56 -24.37 -53.87
N ALA MB 49 -26.74 -25.41 -54.05
CA ALA MB 49 -25.60 -25.67 -53.21
C ALA MB 49 -24.58 -24.54 -53.29
N HIS MB 50 -23.94 -24.40 -54.45
CA HIS MB 50 -23.02 -23.32 -54.73
C HIS MB 50 -23.74 -22.27 -55.56
N ASN MB 51 -23.28 -21.03 -55.45
CA ASN MB 51 -23.92 -19.88 -56.09
C ASN MB 51 -23.21 -19.44 -57.36
N GLY MB 52 -22.59 -20.38 -58.06
CA GLY MB 52 -21.93 -20.07 -59.30
C GLY MB 52 -20.54 -19.55 -59.13
N GLU MB 53 -20.38 -18.44 -58.41
CA GLU MB 53 -19.06 -17.83 -58.26
C GLU MB 53 -18.02 -18.75 -57.64
N GLN MB 54 -18.45 -19.83 -56.99
CA GLN MB 54 -17.55 -20.81 -56.40
C GLN MB 54 -17.00 -21.80 -57.41
N ILE MB 55 -17.18 -21.55 -58.71
CA ILE MB 55 -16.81 -22.47 -59.76
C ILE MB 55 -15.76 -21.83 -60.65
N LYS MB 56 -14.80 -22.63 -61.10
CA LYS MB 56 -13.74 -22.21 -61.98
C LYS MB 56 -14.15 -22.52 -63.42
N TYR MB 57 -13.62 -21.72 -64.35
CA TYR MB 57 -13.81 -21.97 -65.77
C TYR MB 57 -12.58 -21.43 -66.48
N GLU MB 58 -11.77 -22.34 -66.99
CA GLU MB 58 -10.52 -22.00 -67.65
C GLU MB 58 -10.54 -22.58 -69.06
N HIS MB 59 -10.17 -21.76 -70.03
CA HIS MB 59 -10.10 -22.21 -71.41
C HIS MB 59 -9.22 -21.25 -72.19
N LEU MB 60 -8.23 -21.80 -72.89
CA LEU MB 60 -7.31 -21.00 -73.69
C LEU MB 60 -6.59 -19.97 -72.82
N ASN MB 61 -6.24 -20.38 -71.61
CA ASN MB 61 -5.62 -19.49 -70.63
C ASN MB 61 -6.51 -18.28 -70.37
N VAL MB 62 -7.79 -18.55 -70.19
CA VAL MB 62 -8.77 -17.54 -69.79
C VAL MB 62 -9.52 -18.10 -68.59
N THR MB 63 -9.01 -17.81 -67.39
CA THR MB 63 -9.65 -18.23 -66.16
C THR MB 63 -10.69 -17.20 -65.74
N SER MB 64 -11.81 -17.69 -65.24
CA SER MB 64 -12.91 -16.83 -64.81
C SER MB 64 -13.98 -17.71 -64.20
N SER MB 65 -14.94 -17.06 -63.54
CA SER MB 65 -16.03 -17.77 -62.89
C SER MB 65 -17.16 -17.99 -63.86
N VAL MB 66 -17.91 -19.07 -63.62
CA VAL MB 66 -18.98 -19.43 -64.52
C VAL MB 66 -20.12 -18.41 -64.44
N SER MB 67 -20.35 -17.87 -63.25
CA SER MB 67 -21.43 -16.90 -63.11
C SER MB 67 -21.10 -15.58 -63.78
N ASP MB 68 -19.82 -15.28 -63.94
CA ASP MB 68 -19.42 -14.10 -64.70
C ASP MB 68 -19.43 -14.39 -66.19
N PHE MB 69 -19.03 -15.59 -66.58
CA PHE MB 69 -19.01 -15.92 -67.99
C PHE MB 69 -20.41 -16.03 -68.56
N LEU MB 70 -21.37 -16.46 -67.76
CA LEU MB 70 -22.75 -16.48 -68.23
C LEU MB 70 -23.25 -15.07 -68.51
N THR MB 71 -22.91 -14.13 -67.63
CA THR MB 71 -23.29 -12.74 -67.87
C THR MB 71 -22.60 -12.21 -69.12
N TYR MB 72 -21.33 -12.58 -69.31
CA TYR MB 72 -20.61 -12.14 -70.50
C TYR MB 72 -21.25 -12.66 -71.76
N LEU MB 73 -21.68 -13.92 -71.74
CA LEU MB 73 -22.31 -14.51 -72.92
C LEU MB 73 -23.67 -13.89 -73.17
N ASN MB 74 -24.46 -13.67 -72.12
CA ASN MB 74 -25.74 -13.03 -72.29
C ASN MB 74 -25.57 -11.62 -72.85
N GLY MB 75 -24.53 -10.91 -72.39
CA GLY MB 75 -24.25 -9.61 -72.94
C GLY MB 75 -23.90 -9.66 -74.40
N ARG MB 76 -22.96 -10.54 -74.77
CA ARG MB 76 -22.57 -10.65 -76.16
C ARG MB 76 -23.75 -11.07 -77.03
N PHE MB 77 -24.67 -11.85 -76.50
CA PHE MB 77 -25.81 -12.30 -77.28
C PHE MB 77 -26.81 -11.17 -77.45
N SER MB 78 -27.07 -10.42 -76.40
CA SER MB 78 -27.96 -9.26 -76.48
C SER MB 78 -27.34 -8.11 -77.24
N ASN MB 79 -26.04 -8.17 -77.54
CA ASN MB 79 -25.41 -7.24 -78.46
C ASN MB 79 -25.12 -7.83 -79.83
N MET MB 80 -25.42 -9.10 -80.05
CA MET MB 80 -25.16 -9.71 -81.33
C MET MB 80 -26.10 -9.13 -82.38
N VAL MB 81 -25.56 -8.93 -83.58
CA VAL MB 81 -26.30 -8.36 -84.71
C VAL MB 81 -26.25 -9.35 -85.85
N LEU MB 82 -27.38 -9.52 -86.52
CA LEU MB 82 -27.53 -10.51 -87.57
C LEU MB 82 -28.34 -9.92 -88.72
N GLY MB 83 -27.96 -10.30 -89.93
CA GLY MB 83 -28.63 -9.82 -91.13
C GLY MB 83 -29.28 -10.94 -91.91
N HIS MB 84 -30.35 -10.58 -92.60
CA HIS MB 84 -31.12 -11.54 -93.39
C HIS MB 84 -30.36 -11.79 -94.68
N ASN MB 85 -29.24 -12.49 -94.54
CA ASN MB 85 -28.34 -12.70 -95.66
C ASN MB 85 -29.03 -13.52 -96.75
N GLY MB 86 -29.87 -14.45 -96.36
CA GLY MB 86 -30.59 -15.26 -97.30
C GLY MB 86 -31.55 -16.17 -96.60
N ASP MB 87 -31.94 -17.22 -97.31
CA ASP MB 87 -32.94 -18.16 -96.80
C ASP MB 87 -32.27 -19.35 -96.11
N GLY MB 88 -31.38 -19.06 -95.17
CA GLY MB 88 -30.71 -20.08 -94.39
C GLY MB 88 -29.22 -19.91 -94.22
N ILE MB 89 -28.69 -18.78 -94.68
CA ILE MB 89 -27.25 -18.57 -94.63
C ILE MB 89 -26.77 -18.53 -93.17
N ASN MB 90 -27.45 -17.74 -92.34
CA ASN MB 90 -27.11 -17.67 -90.93
C ASN MB 90 -27.27 -19.03 -90.26
N GLU MB 91 -28.30 -19.78 -90.67
CA GLU MB 91 -28.55 -21.09 -90.10
C GLU MB 91 -27.38 -22.04 -90.36
N VAL MB 92 -26.92 -22.09 -91.61
CA VAL MB 92 -25.80 -22.96 -91.94
C VAL MB 92 -24.52 -22.47 -91.26
N LYS MB 93 -24.34 -21.15 -91.20
CA LYS MB 93 -23.17 -20.62 -90.52
C LYS MB 93 -23.17 -21.01 -89.05
N ASP MB 94 -24.35 -21.07 -88.44
CA ASP MB 94 -24.44 -21.55 -87.06
C ASP MB 94 -24.08 -23.01 -86.99
N ALA MB 95 -24.55 -23.81 -87.95
CA ALA MB 95 -24.26 -25.23 -87.93
C ALA MB 95 -22.81 -25.56 -88.22
N ARG MB 96 -22.03 -24.60 -88.73
CA ARG MB 96 -20.66 -24.90 -89.14
C ARG MB 96 -19.76 -25.33 -87.98
N VAL MB 97 -20.15 -25.12 -86.72
CA VAL MB 97 -19.33 -25.54 -85.58
C VAL MB 97 -19.65 -26.98 -85.19
N ASP MB 98 -18.74 -27.60 -84.41
CA ASP MB 98 -18.98 -28.96 -83.88
C ASP MB 98 -18.70 -29.00 -82.38
N ASN MB 99 -19.66 -28.51 -81.59
CA ASN MB 99 -19.76 -28.84 -80.17
C ASN MB 99 -18.60 -28.39 -79.29
N THR MB 100 -17.54 -27.82 -79.87
CA THR MB 100 -16.35 -27.44 -79.14
C THR MB 100 -15.77 -26.15 -79.70
N GLY MB 101 -16.60 -25.33 -80.33
CA GLY MB 101 -16.07 -24.27 -81.16
C GLY MB 101 -15.35 -24.85 -82.37
N TYR MB 102 -14.23 -24.21 -82.71
CA TYR MB 102 -13.47 -24.53 -83.92
C TYR MB 102 -14.37 -24.47 -85.15
N ASP MB 103 -14.78 -23.24 -85.45
CA ASP MB 103 -15.64 -23.00 -86.58
C ASP MB 103 -15.00 -23.48 -87.87
N HIS MB 104 -15.64 -24.41 -88.52
CA HIS MB 104 -15.17 -24.92 -89.80
C HIS MB 104 -15.57 -23.97 -90.92
N LYS MB 105 -14.80 -24.02 -92.00
CA LYS MB 105 -15.10 -23.15 -93.13
C LYS MB 105 -16.32 -23.60 -93.91
N THR MB 106 -16.67 -24.88 -93.83
CA THR MB 106 -17.80 -25.42 -94.56
C THR MB 106 -18.46 -26.52 -93.73
N LEU MB 107 -19.78 -26.55 -93.81
CA LEU MB 107 -20.56 -27.59 -93.14
C LEU MB 107 -20.10 -28.98 -93.56
N GLN MB 108 -19.74 -29.15 -94.82
CA GLN MB 108 -19.24 -30.44 -95.28
C GLN MB 108 -17.95 -30.81 -94.57
N ASP MB 109 -17.06 -29.84 -94.40
CA ASP MB 109 -15.81 -30.10 -93.70
C ASP MB 109 -16.09 -30.46 -92.25
N ARG MB 110 -17.08 -29.81 -91.65
CA ARG MB 110 -17.45 -30.11 -90.28
C ARG MB 110 -17.95 -31.54 -90.15
N LEU MB 111 -18.85 -31.94 -91.04
CA LEU MB 111 -19.37 -33.31 -90.99
C LEU MB 111 -18.26 -34.32 -91.22
N TYR MB 112 -17.36 -34.05 -92.15
CA TYR MB 112 -16.26 -34.98 -92.40
C TYR MB 112 -15.38 -35.10 -91.17
N HIS MB 113 -15.09 -33.98 -90.51
CA HIS MB 113 -14.24 -34.02 -89.32
C HIS MB 113 -14.91 -34.79 -88.19
N ASP MB 114 -16.22 -34.57 -88.00
CA ASP MB 114 -16.94 -35.29 -86.96
C ASP MB 114 -16.94 -36.79 -87.21
N TYR MB 115 -17.34 -37.18 -88.42
CA TYR MB 115 -17.36 -38.60 -88.77
C TYR MB 115 -15.98 -39.22 -88.63
N SER MB 116 -14.93 -38.50 -89.03
CA SER MB 116 -13.59 -39.05 -88.93
C SER MB 116 -13.18 -39.23 -87.49
N THR MB 117 -13.51 -38.27 -86.63
CA THR MB 117 -13.19 -38.40 -85.22
C THR MB 117 -13.91 -39.61 -84.61
N LEU MB 118 -15.18 -39.77 -84.95
CA LEU MB 118 -15.95 -40.88 -84.39
C LEU MB 118 -15.44 -42.22 -84.90
N ASP MB 119 -15.09 -42.29 -86.18
CA ASP MB 119 -14.54 -43.53 -86.73
C ASP MB 119 -13.24 -43.88 -86.05
N ALA MB 120 -12.32 -42.92 -85.97
CA ALA MB 120 -11.04 -43.19 -85.31
C ALA MB 120 -11.25 -43.62 -83.88
N PHE MB 121 -12.20 -43.00 -83.18
CA PHE MB 121 -12.44 -43.34 -81.78
C PHE MB 121 -12.96 -44.76 -81.64
N THR MB 122 -14.05 -45.08 -82.35
CA THR MB 122 -14.64 -46.41 -82.22
C THR MB 122 -13.73 -47.49 -82.76
N LYS MB 123 -12.92 -47.18 -83.77
CA LYS MB 123 -12.01 -48.17 -84.33
C LYS MB 123 -10.85 -48.43 -83.38
N LYS MB 124 -10.34 -47.37 -82.75
CA LYS MB 124 -9.35 -47.54 -81.70
C LYS MB 124 -9.92 -48.33 -80.55
N VAL MB 125 -11.20 -48.11 -80.24
CA VAL MB 125 -11.87 -48.86 -79.18
C VAL MB 125 -11.91 -50.35 -79.55
N GLU MB 126 -12.30 -50.65 -80.79
CA GLU MB 126 -12.37 -52.04 -81.21
C GLU MB 126 -11.00 -52.69 -81.22
N LYS MB 127 -9.98 -51.94 -81.59
CA LYS MB 127 -8.61 -52.47 -81.57
C LYS MB 127 -8.20 -52.80 -80.15
N ALA MB 128 -8.51 -51.90 -79.20
CA ALA MB 128 -8.21 -52.15 -77.81
C ALA MB 128 -8.96 -53.39 -77.31
N VAL MB 129 -10.21 -53.54 -77.73
CA VAL MB 129 -11.01 -54.71 -77.35
C VAL MB 129 -10.34 -55.99 -77.86
N ASP MB 130 -9.94 -55.98 -79.13
CA ASP MB 130 -9.40 -57.18 -79.73
C ASP MB 130 -8.07 -57.56 -79.10
N GLU MB 131 -7.19 -56.59 -78.86
CA GLU MB 131 -5.92 -56.91 -78.25
C GLU MB 131 -6.09 -57.33 -76.80
N ASN MB 132 -7.06 -56.74 -76.09
CA ASN MB 132 -7.32 -57.19 -74.72
C ASN MB 132 -7.81 -58.62 -74.69
N TYR MB 133 -8.73 -58.96 -75.60
CA TYR MB 133 -9.23 -60.33 -75.68
C TYR MB 133 -8.11 -61.30 -76.02
N LYS MB 134 -7.24 -60.91 -76.95
CA LYS MB 134 -6.12 -61.76 -77.31
C LYS MB 134 -5.18 -61.97 -76.12
N GLU MB 135 -4.90 -60.88 -75.39
CA GLU MB 135 -4.06 -60.98 -74.21
C GLU MB 135 -4.67 -61.90 -73.18
N TYR MB 136 -5.98 -61.78 -72.97
CA TYR MB 136 -6.65 -62.62 -71.97
C TYR MB 136 -6.60 -64.08 -72.38
N ARG MB 137 -6.85 -64.37 -73.66
CA ARG MB 137 -6.80 -65.74 -74.13
C ARG MB 137 -5.41 -66.32 -73.98
N ALA MB 138 -4.37 -65.53 -74.28
CA ALA MB 138 -3.02 -66.01 -74.11
C ALA MB 138 -2.71 -66.29 -72.66
N THR MB 139 -3.06 -65.35 -71.78
CA THR MB 139 -2.76 -65.50 -70.37
C THR MB 139 -3.51 -66.67 -69.76
N GLU MB 140 -4.69 -66.98 -70.27
CA GLU MB 140 -5.48 -68.09 -69.73
C GLU MB 140 -5.00 -69.42 -70.27
N TYR MB 141 -4.96 -69.56 -71.59
CA TYR MB 141 -4.56 -70.79 -72.26
C TYR MB 141 -3.07 -70.85 -72.53
N ARG MB 142 -2.25 -70.20 -71.70
CA ARG MB 142 -0.82 -70.18 -71.90
C ARG MB 142 -0.26 -71.58 -71.84
N PHE MB 143 0.12 -72.11 -72.99
CA PHE MB 143 0.80 -73.40 -73.12
C PHE MB 143 2.02 -73.15 -73.97
N GLU MB 144 3.10 -72.71 -73.32
CA GLU MB 144 4.35 -72.34 -73.99
C GLU MB 144 5.48 -73.15 -73.38
N PRO MB 145 5.53 -74.46 -73.66
CA PRO MB 145 6.59 -75.29 -73.09
C PRO MB 145 7.99 -74.92 -73.53
N LYS MB 146 8.16 -74.01 -74.48
CA LYS MB 146 9.49 -73.54 -74.83
C LYS MB 146 10.08 -72.60 -73.80
N GLU MB 147 9.22 -72.01 -72.95
CA GLU MB 147 9.66 -71.09 -71.91
C GLU MB 147 9.11 -71.41 -70.55
N GLN MB 148 7.95 -72.06 -70.46
CA GLN MB 148 7.31 -72.31 -69.18
C GLN MB 148 8.18 -73.21 -68.31
N GLU MB 149 7.91 -73.15 -67.01
CA GLU MB 149 8.71 -73.86 -66.01
C GLU MB 149 7.98 -75.12 -65.58
N PRO MB 150 8.61 -76.30 -65.57
CA PRO MB 150 7.87 -77.48 -65.12
C PRO MB 150 7.54 -77.44 -63.65
N GLU MB 151 6.90 -78.49 -63.15
CA GLU MB 151 6.52 -78.56 -61.75
C GLU MB 151 6.07 -79.98 -61.44
N PHE MB 152 5.99 -80.28 -60.17
CA PHE MB 152 5.67 -81.64 -59.72
C PHE MB 152 4.21 -81.94 -59.95
N ILE MB 153 3.92 -83.21 -60.24
CA ILE MB 153 2.57 -83.71 -60.37
C ILE MB 153 2.40 -84.92 -59.47
N THR MB 154 3.25 -85.93 -59.66
CA THR MB 154 3.17 -87.15 -58.89
C THR MB 154 4.43 -87.95 -59.11
N ASP MB 155 4.87 -88.65 -58.07
CA ASP MB 155 5.96 -89.61 -58.18
C ASP MB 155 5.38 -91.00 -58.26
N LEU MB 156 5.92 -91.81 -59.16
CA LEU MB 156 5.40 -93.15 -59.38
C LEU MB 156 6.02 -94.13 -58.40
N SER MB 157 5.37 -95.26 -58.24
CA SER MB 157 5.88 -96.34 -57.39
C SER MB 157 5.49 -97.70 -57.95
N PRO MB 158 6.20 -98.16 -58.98
CA PRO MB 158 6.06 -99.55 -59.41
C PRO MB 158 7.12 -100.43 -58.79
N TYR MB 159 6.71 -101.63 -58.39
CA TYR MB 159 7.60 -102.56 -57.71
C TYR MB 159 8.49 -103.22 -58.75
N THR MB 160 9.51 -102.49 -59.18
CA THR MB 160 10.52 -103.04 -60.07
C THR MB 160 11.78 -102.19 -59.97
N ASN MB 161 12.93 -102.85 -60.09
CA ASN MB 161 14.23 -102.21 -60.03
C ASN MB 161 14.79 -102.12 -61.44
N ALA MB 162 14.44 -101.06 -62.15
CA ALA MB 162 14.97 -100.82 -63.48
C ALA MB 162 14.69 -99.37 -63.86
N VAL MB 163 15.09 -99.00 -65.06
CA VAL MB 163 14.86 -97.66 -65.57
C VAL MB 163 13.47 -97.62 -66.17
N MET MB 164 12.67 -96.66 -65.74
CA MET MB 164 11.38 -96.44 -66.39
C MET MB 164 11.62 -95.99 -67.81
N GLN MB 165 10.94 -96.63 -68.76
CA GLN MB 165 11.14 -96.29 -70.17
C GLN MB 165 10.11 -95.27 -70.62
N SER MB 166 8.85 -95.43 -70.23
CA SER MB 166 7.89 -94.36 -70.48
C SER MB 166 6.65 -94.56 -69.63
N PHE MB 167 5.68 -93.67 -69.83
CA PHE MB 167 4.45 -93.66 -69.06
C PHE MB 167 3.35 -93.07 -69.92
N TRP MB 168 2.13 -93.18 -69.41
CA TRP MB 168 0.98 -92.58 -70.07
C TRP MB 168 -0.18 -92.54 -69.10
N VAL MB 169 -0.76 -91.38 -68.93
CA VAL MB 169 -1.90 -91.19 -68.04
C VAL MB 169 -3.17 -91.46 -68.83
N ASP MB 170 -4.18 -91.98 -68.13
CA ASP MB 170 -5.50 -92.15 -68.72
C ASP MB 170 -6.37 -90.99 -68.29
N PRO MB 171 -6.77 -90.08 -69.18
CA PRO MB 171 -7.56 -88.93 -68.73
C PRO MB 171 -8.94 -89.28 -68.21
N ARG MB 172 -9.40 -90.50 -68.43
CA ARG MB 172 -10.74 -90.90 -68.03
C ARG MB 172 -10.74 -91.68 -66.74
N THR MB 173 -9.73 -92.50 -66.52
CA THR MB 173 -9.60 -93.34 -65.35
C THR MB 173 -8.45 -92.94 -64.44
N LYS MB 174 -7.54 -92.10 -64.92
CA LYS MB 174 -6.49 -91.47 -64.12
C LYS MB 174 -5.49 -92.47 -63.57
N ILE MB 175 -5.41 -93.65 -64.15
CA ILE MB 175 -4.32 -94.57 -63.90
C ILE MB 175 -3.15 -94.18 -64.79
N ILE MB 176 -1.95 -94.35 -64.24
CA ILE MB 176 -0.71 -94.19 -64.98
C ILE MB 176 -0.25 -95.57 -65.39
N TYR MB 177 -0.17 -95.80 -66.69
CA TYR MB 177 0.40 -97.02 -67.24
C TYR MB 177 1.86 -96.73 -67.52
N MET MB 178 2.75 -97.43 -66.81
CA MET MB 178 4.18 -97.21 -66.88
C MET MB 178 4.82 -98.41 -67.51
N THR MB 179 5.51 -98.20 -68.63
CA THR MB 179 6.27 -99.23 -69.30
C THR MB 179 7.73 -99.16 -68.88
N GLN MB 180 8.27 -100.30 -68.47
CA GLN MB 180 9.57 -100.38 -67.82
C GLN MB 180 10.28 -101.62 -68.31
N ALA MB 181 11.50 -101.44 -68.83
CA ALA MB 181 12.29 -102.53 -69.35
C ALA MB 181 12.59 -103.56 -68.28
N ARG MB 182 13.12 -104.69 -68.70
CA ARG MB 182 13.60 -105.69 -67.76
C ARG MB 182 14.85 -106.34 -68.35
N PRO MB 183 15.70 -106.94 -67.50
CA PRO MB 183 16.93 -107.55 -68.04
C PRO MB 183 16.64 -108.70 -68.98
N GLY MB 184 16.96 -108.49 -70.26
CA GLY MB 184 16.64 -109.42 -71.31
C GLY MB 184 15.72 -108.80 -72.34
N ASN MB 185 15.10 -109.65 -73.16
CA ASN MB 185 14.20 -109.19 -74.22
C ASN MB 185 12.76 -109.17 -73.73
N HIS MB 186 12.52 -108.41 -72.66
CA HIS MB 186 11.21 -108.39 -72.03
C HIS MB 186 11.06 -107.10 -71.26
N TYR MB 187 9.81 -106.67 -71.11
CA TYR MB 187 9.51 -105.51 -70.30
C TYR MB 187 8.18 -105.74 -69.60
N MET MB 188 7.77 -104.75 -68.83
CA MET MB 188 6.59 -104.86 -68.00
C MET MB 188 5.82 -103.56 -68.04
N LEU MB 189 4.52 -103.70 -68.08
CA LEU MB 189 3.59 -102.58 -67.95
C LEU MB 189 2.99 -102.64 -66.56
N SER MB 190 2.75 -101.46 -65.98
CA SER MB 190 2.32 -101.37 -64.60
C SER MB 190 1.26 -100.30 -64.48
N ARG MB 191 0.11 -100.67 -63.93
CA ARG MB 191 -0.99 -99.76 -63.66
C ARG MB 191 -0.83 -99.23 -62.25
N LEU MB 192 -0.64 -97.91 -62.13
CA LEU MB 192 -0.41 -97.25 -60.87
C LEU MB 192 -1.46 -96.16 -60.66
N LYS MB 193 -1.66 -95.84 -59.39
CA LYS MB 193 -2.63 -94.84 -59.00
C LYS MB 193 -2.11 -93.45 -59.36
N PRO MB 194 -2.96 -92.42 -59.23
CA PRO MB 194 -2.48 -91.05 -59.48
C PRO MB 194 -1.32 -90.64 -58.61
N ASN MB 195 -1.38 -90.96 -57.32
CA ASN MB 195 -0.26 -90.68 -56.42
C ASN MB 195 0.94 -91.56 -56.68
N GLY MB 196 0.84 -92.54 -57.58
CA GLY MB 196 1.92 -93.43 -57.92
C GLY MB 196 1.86 -94.79 -57.27
N GLN MB 197 0.88 -95.03 -56.41
CA GLN MB 197 0.77 -96.32 -55.75
C GLN MB 197 0.55 -97.43 -56.76
N PHE MB 198 1.01 -98.62 -56.42
CA PHE MB 198 0.92 -99.77 -57.31
C PHE MB 198 -0.48 -100.37 -57.25
N ILE MB 199 -0.96 -100.82 -58.41
CA ILE MB 199 -2.26 -101.46 -58.54
C ILE MB 199 -2.07 -102.81 -59.18
N ASP MB 200 -1.51 -102.82 -60.39
CA ASP MB 200 -1.47 -104.04 -61.19
C ASP MB 200 -0.24 -104.01 -62.09
N ARG MB 201 0.09 -105.17 -62.66
CA ARG MB 201 1.18 -105.25 -63.62
C ARG MB 201 0.88 -106.30 -64.66
N LEU MB 202 1.78 -106.38 -65.64
CA LEU MB 202 1.63 -107.25 -66.80
C LEU MB 202 3.01 -107.41 -67.42
N LEU MB 203 3.54 -108.62 -67.40
CA LEU MB 203 4.84 -108.90 -67.98
C LEU MB 203 4.66 -109.31 -69.43
N VAL MB 204 5.19 -108.50 -70.35
CA VAL MB 204 5.20 -108.88 -71.75
C VAL MB 204 6.48 -109.67 -72.00
N LYS MB 205 6.31 -110.95 -72.35
CA LYS MB 205 7.44 -111.87 -72.43
C LYS MB 205 8.43 -111.45 -73.50
N ASN MB 206 7.94 -110.83 -74.56
CA ASN MB 206 8.70 -110.61 -75.78
C ASN MB 206 8.59 -109.17 -76.26
N GLY MB 207 8.27 -108.25 -75.37
CA GLY MB 207 7.93 -106.91 -75.79
C GLY MB 207 9.13 -106.08 -76.20
N GLY MB 208 10.25 -106.28 -75.52
CA GLY MB 208 11.46 -105.53 -75.81
C GLY MB 208 11.75 -104.49 -74.74
N HIS MB 209 11.88 -103.25 -75.21
CA HIS MB 209 12.18 -102.14 -74.31
C HIS MB 209 10.90 -101.44 -73.86
N GLY MB 210 9.92 -101.33 -74.74
CA GLY MB 210 8.65 -100.74 -74.41
C GLY MB 210 8.62 -99.23 -74.54
N THR MB 211 9.46 -98.70 -75.43
CA THR MB 211 9.86 -97.26 -75.49
C THR MB 211 8.63 -96.37 -75.35
N HIS MB 212 7.63 -96.50 -76.21
CA HIS MB 212 6.38 -95.76 -76.04
C HIS MB 212 5.27 -96.48 -76.79
N ASN MB 213 4.12 -96.58 -76.14
CA ASN MB 213 2.98 -97.31 -76.64
C ASN MB 213 1.80 -96.36 -76.77
N ALA MB 214 0.94 -96.63 -77.74
CA ALA MB 214 -0.21 -95.78 -78.02
C ALA MB 214 -1.43 -96.39 -77.36
N TYR MB 215 -1.99 -95.65 -76.41
CA TYR MB 215 -3.10 -96.14 -75.61
C TYR MB 215 -4.39 -95.57 -76.18
N ARG MB 216 -4.86 -96.22 -77.23
CA ARG MB 216 -6.08 -95.80 -77.88
C ARG MB 216 -7.27 -96.10 -77.00
N TYR MB 217 -8.30 -95.26 -77.11
CA TYR MB 217 -9.52 -95.41 -76.35
C TYR MB 217 -10.69 -95.48 -77.33
N ILE MB 218 -11.07 -96.71 -77.69
CA ILE MB 218 -12.39 -96.91 -78.28
C ILE MB 218 -13.44 -96.62 -77.22
N GLY MB 219 -14.66 -96.30 -77.67
CA GLY MB 219 -15.73 -95.94 -76.76
C GLY MB 219 -15.96 -96.96 -75.67
N ASN MB 220 -15.61 -96.58 -74.44
CA ASN MB 220 -15.67 -97.46 -73.28
C ASN MB 220 -14.83 -98.71 -73.50
N GLU MB 221 -13.60 -98.51 -73.94
CA GLU MB 221 -12.64 -99.60 -74.07
C GLU MB 221 -11.27 -99.01 -74.31
N LEU MB 222 -10.25 -99.70 -73.82
CA LEU MB 222 -8.85 -99.32 -73.99
C LEU MB 222 -8.14 -100.36 -74.84
N TRP MB 223 -7.17 -99.90 -75.62
CA TRP MB 223 -6.37 -100.79 -76.45
C TRP MB 223 -4.94 -100.26 -76.52
N ILE MB 224 -4.00 -101.12 -76.16
CA ILE MB 224 -2.58 -100.76 -76.09
C ILE MB 224 -1.93 -101.22 -77.38
N TYR MB 225 -1.29 -100.29 -78.07
CA TYR MB 225 -0.54 -100.56 -79.28
C TYR MB 225 0.93 -100.50 -78.94
N SER MB 226 1.65 -101.60 -79.19
CA SER MB 226 3.03 -101.77 -78.76
C SER MB 226 3.82 -102.40 -79.89
N ALA MB 227 5.12 -102.54 -79.66
CA ALA MB 227 6.06 -103.14 -80.61
C ALA MB 227 6.63 -104.40 -79.97
N VAL MB 228 5.94 -105.53 -80.16
CA VAL MB 228 6.40 -106.80 -79.64
C VAL MB 228 7.41 -107.43 -80.60
N LEU MB 229 8.22 -108.33 -80.08
CA LEU MB 229 9.26 -109.02 -80.82
C LEU MB 229 8.98 -110.52 -80.77
N ASP MB 230 8.32 -111.04 -81.79
CA ASP MB 230 7.85 -112.42 -81.76
C ASP MB 230 9.02 -113.40 -81.64
N ALA MB 231 8.68 -114.70 -81.57
CA ALA MB 231 9.69 -115.74 -81.34
C ALA MB 231 10.82 -115.65 -82.34
N ASN MB 232 10.52 -115.27 -83.58
CA ASN MB 232 11.53 -114.87 -84.53
C ASN MB 232 11.84 -113.40 -84.33
N GLU MB 233 13.10 -113.04 -84.49
CA GLU MB 233 13.56 -111.70 -84.14
C GLU MB 233 13.03 -110.70 -85.15
N ASN MB 234 11.74 -110.40 -85.05
CA ASN MB 234 11.06 -109.45 -85.93
C ASN MB 234 10.19 -108.53 -85.10
N ASN MB 235 10.27 -107.24 -85.37
CA ASN MB 235 9.53 -106.23 -84.60
C ASN MB 235 8.12 -106.14 -85.15
N LYS MB 236 7.19 -106.78 -84.44
CA LYS MB 236 5.78 -106.76 -84.81
C LYS MB 236 5.08 -105.65 -84.06
N PHE MB 237 4.37 -104.80 -84.80
CA PHE MB 237 3.53 -103.76 -84.22
C PHE MB 237 2.14 -104.33 -84.00
N VAL MB 238 1.73 -104.44 -82.75
CA VAL MB 238 0.60 -105.27 -82.37
C VAL MB 238 -0.23 -104.55 -81.32
N ARG MB 239 -1.54 -104.74 -81.38
CA ARG MB 239 -2.48 -104.18 -80.42
C ARG MB 239 -3.03 -105.28 -79.52
N PHE MB 240 -3.42 -104.90 -78.31
CA PHE MB 240 -3.92 -105.86 -77.35
C PHE MB 240 -4.64 -105.12 -76.23
N GLN MB 241 -5.07 -105.89 -75.23
CA GLN MB 241 -5.88 -105.42 -74.11
C GLN MB 241 -5.17 -105.76 -72.81
N TYR MB 242 -5.41 -104.96 -71.78
CA TYR MB 242 -4.78 -105.16 -70.49
C TYR MB 242 -5.48 -106.26 -69.71
N ARG MB 243 -4.68 -107.13 -69.10
CA ARG MB 243 -5.16 -108.10 -68.13
C ARG MB 243 -3.96 -108.59 -67.33
N THR MB 244 -4.13 -108.70 -66.02
CA THR MB 244 -3.04 -109.05 -65.13
C THR MB 244 -2.43 -110.38 -65.50
N GLY MB 245 -1.10 -110.47 -65.38
CA GLY MB 245 -0.36 -111.68 -65.62
C GLY MB 245 0.80 -111.49 -66.57
N GLU MB 246 0.88 -112.36 -67.58
CA GLU MB 246 1.89 -112.25 -68.61
C GLU MB 246 1.26 -112.45 -69.97
N ILE MB 247 1.88 -111.88 -71.00
CA ILE MB 247 1.38 -111.96 -72.36
C ILE MB 247 2.54 -112.16 -73.33
N THR MB 248 2.25 -112.85 -74.42
CA THR MB 248 3.21 -113.11 -75.48
C THR MB 248 2.48 -113.07 -76.82
N TYR MB 249 3.25 -113.05 -77.89
CA TYR MB 249 2.66 -113.11 -79.22
C TYR MB 249 1.91 -114.43 -79.39
N GLY MB 250 0.70 -114.33 -79.92
CA GLY MB 250 -0.12 -115.51 -80.13
C GLY MB 250 -1.59 -115.18 -80.21
N ASN MB 251 -2.38 -115.86 -79.39
CA ASN MB 251 -3.82 -115.68 -79.42
C ASN MB 251 -4.25 -114.40 -78.71
N GLU MB 252 -3.68 -114.13 -77.53
CA GLU MB 252 -4.03 -112.93 -76.80
C GLU MB 252 -3.61 -111.68 -77.58
N MET MB 253 -2.48 -111.75 -78.26
CA MET MB 253 -2.01 -110.62 -79.05
C MET MB 253 -2.75 -110.58 -80.38
N GLN MB 254 -3.27 -109.42 -80.72
CA GLN MB 254 -4.07 -109.20 -81.92
C GLN MB 254 -3.30 -108.28 -82.84
N ASP MB 255 -2.74 -108.83 -83.91
CA ASP MB 255 -1.97 -108.04 -84.84
C ASP MB 255 -2.85 -107.00 -85.52
N VAL MB 256 -2.22 -105.93 -85.97
CA VAL MB 256 -2.90 -104.83 -86.67
C VAL MB 256 -2.09 -104.51 -87.92
N MET MB 257 -2.74 -104.57 -89.09
CA MET MB 257 -2.15 -104.28 -90.38
C MET MB 257 -0.83 -105.03 -90.55
N PRO MB 258 -0.86 -106.35 -90.68
CA PRO MB 258 0.38 -107.15 -90.75
C PRO MB 258 1.04 -107.17 -92.12
N ASN MB 259 1.15 -105.99 -92.73
CA ASN MB 259 1.74 -105.83 -94.05
C ASN MB 259 2.78 -104.72 -94.13
N ILE MB 260 2.56 -103.60 -93.43
CA ILE MB 260 3.41 -102.42 -93.57
C ILE MB 260 3.86 -101.88 -92.21
N PHE MB 261 3.77 -102.73 -91.18
CA PHE MB 261 4.18 -102.32 -89.83
C PHE MB 261 4.94 -103.42 -89.12
N ASN MB 262 5.48 -104.39 -89.86
CA ASN MB 262 6.18 -105.52 -89.26
C ASN MB 262 7.52 -105.77 -89.95
N ASP MB 263 7.94 -104.91 -90.86
CA ASP MB 263 9.30 -104.94 -91.38
C ASP MB 263 10.26 -104.12 -90.54
N ARG MB 264 9.95 -102.86 -90.27
CA ARG MB 264 10.80 -101.97 -89.49
C ARG MB 264 10.26 -101.87 -88.07
N TYR MB 265 11.17 -101.69 -87.13
CA TYR MB 265 10.78 -101.50 -85.74
C TYR MB 265 10.00 -100.21 -85.62
N THR MB 266 8.75 -100.34 -85.16
CA THR MB 266 7.74 -99.30 -85.26
C THR MB 266 7.05 -99.14 -83.92
N SER MB 267 7.35 -98.03 -83.24
CA SER MB 267 6.67 -97.62 -82.02
C SER MB 267 5.58 -96.60 -82.37
N ALA MB 268 4.66 -96.40 -81.43
CA ALA MB 268 3.41 -95.71 -81.73
C ALA MB 268 2.95 -94.80 -80.61
N ILE MB 269 2.30 -93.71 -81.02
CA ILE MB 269 1.61 -92.76 -80.14
C ILE MB 269 0.24 -92.52 -80.73
N TYR MB 270 -0.73 -92.19 -79.89
CA TYR MB 270 -2.08 -91.84 -80.31
C TYR MB 270 -2.48 -90.50 -79.72
N ASN MB 271 -3.06 -89.65 -80.56
CA ASN MB 271 -3.56 -88.34 -80.15
C ASN MB 271 -5.07 -88.33 -80.33
N PRO MB 272 -5.89 -88.20 -79.26
CA PRO MB 272 -7.33 -88.38 -79.43
C PRO MB 272 -8.04 -87.13 -79.92
N ILE MB 273 -7.48 -85.95 -79.63
CA ILE MB 273 -8.15 -84.70 -79.99
C ILE MB 273 -8.28 -84.60 -81.51
N GLU MB 274 -7.25 -85.01 -82.24
CA GLU MB 274 -7.27 -85.06 -83.69
C GLU MB 274 -7.48 -86.47 -84.22
N ASN MB 275 -7.52 -87.48 -83.36
CA ASN MB 275 -7.72 -88.87 -83.77
C ASN MB 275 -6.63 -89.31 -84.73
N LEU MB 276 -5.38 -89.08 -84.33
CA LEU MB 276 -4.21 -89.37 -85.14
C LEU MB 276 -3.33 -90.40 -84.45
N MET MB 277 -2.42 -90.97 -85.24
CA MET MB 277 -1.45 -91.94 -84.75
C MET MB 277 -0.08 -91.58 -85.32
N ILE MB 278 0.87 -91.37 -84.42
CA ILE MB 278 2.24 -91.02 -84.78
C ILE MB 278 3.09 -92.27 -84.65
N PHE MB 279 3.58 -92.79 -85.77
CA PHE MB 279 4.51 -93.92 -85.76
C PHE MB 279 5.93 -93.39 -85.83
N ARG MB 280 6.78 -93.87 -84.94
CA ARG MB 280 8.22 -93.70 -85.04
C ARG MB 280 8.80 -95.01 -85.55
N ARG MB 281 9.50 -94.95 -86.68
CA ARG MB 281 10.03 -96.14 -87.34
C ARG MB 281 11.52 -95.99 -87.54
N GLU MB 282 12.30 -96.97 -87.10
CA GLU MB 282 13.74 -96.84 -87.27
C GLU MB 282 14.14 -97.12 -88.71
N TYR MB 283 15.31 -96.61 -89.09
CA TYR MB 283 15.92 -96.89 -90.38
C TYR MB 283 16.79 -98.14 -90.24
N LYS MB 284 16.47 -99.16 -91.01
CA LYS MB 284 17.36 -100.31 -91.10
C LYS MB 284 18.71 -99.85 -91.66
N ALA MB 285 19.75 -100.63 -91.37
CA ALA MB 285 21.14 -100.21 -91.35
C ALA MB 285 21.58 -99.30 -92.50
N SER MB 286 21.40 -99.75 -93.74
CA SER MB 286 21.98 -99.03 -94.88
C SER MB 286 21.31 -97.67 -95.08
N GLU MB 287 19.98 -97.64 -95.02
CA GLU MB 287 19.26 -96.39 -95.18
C GLU MB 287 19.65 -95.41 -94.09
N ARG MB 288 19.69 -95.89 -92.84
CA ARG MB 288 20.19 -95.12 -91.72
C ARG MB 288 21.56 -94.51 -92.03
N GLN MB 289 22.51 -95.36 -92.40
CA GLN MB 289 23.90 -94.94 -92.52
C GLN MB 289 24.06 -93.89 -93.60
N LEU MB 290 23.38 -94.08 -94.73
CA LEU MB 290 23.47 -93.09 -95.79
C LEU MB 290 22.78 -91.79 -95.37
N LYS MB 291 21.51 -91.87 -95.02
CA LYS MB 291 20.70 -90.66 -94.85
C LYS MB 291 21.00 -89.92 -93.56
N ASN MB 292 21.83 -90.47 -92.66
CA ASN MB 292 22.17 -89.81 -91.41
C ASN MB 292 20.92 -89.54 -90.59
N SER MB 293 20.07 -90.55 -90.51
CA SER MB 293 18.80 -90.47 -89.78
C SER MB 293 18.52 -91.84 -89.20
N LEU MB 294 18.64 -91.95 -87.87
CA LEU MB 294 18.47 -93.25 -87.23
C LEU MB 294 17.03 -93.71 -87.29
N ASN MB 295 16.09 -92.80 -87.46
CA ASN MB 295 14.67 -93.13 -87.51
C ASN MB 295 13.94 -92.01 -88.25
N PHE MB 296 12.63 -92.19 -88.37
CA PHE MB 296 11.76 -91.13 -88.86
C PHE MB 296 10.42 -91.24 -88.16
N VAL MB 297 9.56 -90.28 -88.49
CA VAL MB 297 8.23 -90.18 -87.92
C VAL MB 297 7.23 -90.06 -89.06
N GLU MB 298 6.07 -90.68 -88.88
CA GLU MB 298 5.01 -90.62 -89.87
C GLU MB 298 3.68 -90.51 -89.15
N VAL MB 299 2.94 -89.45 -89.46
CA VAL MB 299 1.63 -89.21 -88.88
C VAL MB 299 0.58 -89.74 -89.83
N ARG MB 300 -0.23 -90.67 -89.32
CA ARG MB 300 -1.33 -91.31 -90.03
C ARG MB 300 -2.61 -91.06 -89.26
N SER MB 301 -3.74 -91.37 -89.89
CA SER MB 301 -5.03 -91.21 -89.25
C SER MB 301 -5.41 -92.47 -88.47
N ALA MB 302 -5.96 -92.25 -87.28
CA ALA MB 302 -6.32 -93.37 -86.42
C ALA MB 302 -7.39 -94.23 -87.05
N ASP MB 303 -8.44 -93.61 -87.58
CA ASP MB 303 -9.50 -94.37 -88.23
C ASP MB 303 -8.99 -95.07 -89.49
N ASP MB 304 -8.03 -94.47 -90.17
CA ASP MB 304 -7.45 -95.08 -91.35
C ASP MB 304 -6.68 -96.35 -90.97
N ILE MB 305 -5.86 -96.27 -89.93
CA ILE MB 305 -5.15 -97.46 -89.45
C ILE MB 305 -6.16 -98.48 -88.94
N ASP MB 306 -7.28 -98.02 -88.39
CA ASP MB 306 -8.29 -98.95 -87.89
C ASP MB 306 -8.90 -99.75 -89.02
N LYS MB 307 -9.36 -99.08 -90.07
CA LYS MB 307 -9.94 -99.78 -91.20
C LYS MB 307 -8.88 -100.49 -92.05
N GLY MB 308 -7.60 -100.18 -91.84
CA GLY MB 308 -6.54 -101.00 -92.39
C GLY MB 308 -6.13 -100.68 -93.81
N ILE MB 309 -5.69 -99.45 -94.06
CA ILE MB 309 -5.12 -99.06 -95.35
C ILE MB 309 -3.95 -98.13 -95.12
N ASP MB 310 -3.22 -97.86 -96.19
CA ASP MB 310 -2.10 -96.93 -96.17
C ASP MB 310 -2.63 -95.53 -96.47
N LYS MB 311 -2.45 -94.62 -95.52
CA LYS MB 311 -2.67 -93.19 -95.78
C LYS MB 311 -1.70 -92.42 -94.90
N VAL MB 312 -0.52 -92.16 -95.44
CA VAL MB 312 0.45 -91.31 -94.77
C VAL MB 312 0.00 -89.86 -94.94
N LEU MB 313 -0.15 -89.16 -93.82
CA LEU MB 313 -0.54 -87.76 -93.85
C LEU MB 313 0.64 -86.83 -93.68
N TYR MB 314 1.65 -87.24 -92.91
CA TYR MB 314 2.83 -86.40 -92.78
C TYR MB 314 4.05 -87.27 -92.53
N GLN MB 315 5.21 -86.76 -92.93
CA GLN MB 315 6.49 -87.42 -92.77
C GLN MB 315 7.45 -86.48 -92.06
N MET MB 316 8.49 -87.06 -91.47
CA MET MB 316 9.56 -86.27 -90.88
C MET MB 316 10.79 -87.15 -90.74
N ASP MB 317 11.81 -86.88 -91.56
CA ASP MB 317 13.10 -87.55 -91.47
C ASP MB 317 13.93 -86.74 -90.49
N ILE MB 318 13.92 -87.15 -89.22
CA ILE MB 318 14.63 -86.45 -88.15
C ILE MB 318 16.13 -86.54 -88.39
N PRO MB 319 16.94 -85.54 -87.99
CA PRO MB 319 18.39 -85.72 -88.04
C PRO MB 319 18.94 -86.66 -86.97
N MET MB 320 20.26 -86.71 -86.89
CA MET MB 320 20.99 -87.55 -85.94
C MET MB 320 21.41 -86.80 -84.69
N GLU MB 321 21.41 -85.46 -84.72
CA GLU MB 321 21.79 -84.68 -83.55
C GLU MB 321 20.87 -84.94 -82.38
N TYR MB 322 19.59 -85.18 -82.65
CA TYR MB 322 18.59 -85.43 -81.63
C TYR MB 322 18.41 -86.90 -81.35
N THR MB 323 19.34 -87.76 -81.78
CA THR MB 323 19.33 -89.17 -81.43
C THR MB 323 20.72 -89.74 -81.17
N SER MB 324 21.77 -88.92 -81.15
CA SER MB 324 23.11 -89.44 -80.91
C SER MB 324 23.21 -89.99 -79.50
N ASP MB 325 24.36 -90.60 -79.20
CA ASP MB 325 24.59 -91.21 -77.89
C ASP MB 325 24.55 -90.17 -76.79
N THR MB 326 24.92 -88.93 -77.10
CA THR MB 326 24.88 -87.85 -76.11
C THR MB 326 23.46 -87.35 -75.87
N GLN MB 327 22.56 -87.53 -76.84
CA GLN MB 327 21.17 -87.08 -76.72
C GLN MB 327 20.28 -88.07 -77.47
N PRO MB 328 20.08 -89.26 -76.91
CA PRO MB 328 19.19 -90.24 -77.55
C PRO MB 328 17.74 -89.99 -77.21
N MET MB 329 16.87 -90.48 -78.08
CA MET MB 329 15.45 -90.34 -77.87
C MET MB 329 15.02 -91.13 -76.65
N GLN MB 330 14.16 -90.52 -75.83
CA GLN MB 330 13.50 -91.20 -74.74
C GLN MB 330 12.04 -90.76 -74.61
N GLY MB 331 11.44 -90.25 -75.69
CA GLY MB 331 10.05 -89.84 -75.64
C GLY MB 331 9.59 -88.96 -76.79
N ILE MB 332 8.36 -89.18 -77.26
CA ILE MB 332 7.76 -88.34 -78.28
C ILE MB 332 6.28 -88.18 -77.99
N THR MB 333 5.70 -87.14 -78.58
CA THR MB 333 4.25 -86.96 -78.55
C THR MB 333 3.87 -85.90 -79.58
N TYR MB 334 2.57 -85.64 -79.68
CA TYR MB 334 2.03 -84.68 -80.63
C TYR MB 334 0.89 -83.92 -79.97
N ASP MB 335 1.02 -82.59 -79.93
CA ASP MB 335 0.03 -81.72 -79.30
C ASP MB 335 -0.95 -81.11 -80.29
N ALA MB 336 -1.23 -81.80 -81.39
CA ALA MB 336 -2.07 -81.29 -82.48
C ALA MB 336 -1.47 -79.99 -83.03
N GLY MB 337 -0.28 -80.14 -83.61
CA GLY MB 337 0.37 -79.05 -84.31
C GLY MB 337 1.88 -79.10 -84.26
N ILE MB 338 2.44 -79.70 -83.22
CA ILE MB 338 3.89 -79.81 -83.05
C ILE MB 338 4.21 -81.20 -82.55
N LEU MB 339 5.29 -81.78 -83.08
CA LEU MB 339 5.80 -83.06 -82.62
C LEU MB 339 6.84 -82.79 -81.56
N TYR MB 340 6.53 -83.09 -80.31
CA TYR MB 340 7.46 -82.91 -79.22
C TYR MB 340 8.37 -84.12 -79.17
N TRP MB 341 9.66 -83.86 -79.12
CA TRP MB 341 10.70 -84.88 -79.10
C TRP MB 341 11.57 -84.62 -77.88
N TYR MB 342 12.03 -85.71 -77.28
CA TYR MB 342 12.65 -85.71 -75.97
C TYR MB 342 14.00 -86.42 -76.05
N THR MB 343 15.04 -85.81 -75.49
CA THR MB 343 16.39 -86.34 -75.61
C THR MB 343 17.11 -86.18 -74.28
N GLY MB 344 17.99 -87.13 -73.98
CA GLY MB 344 18.77 -87.13 -72.76
C GLY MB 344 19.56 -88.40 -72.57
N ASP MB 345 20.82 -88.29 -72.17
CA ASP MB 345 21.68 -89.44 -71.95
C ASP MB 345 21.83 -89.65 -70.45
N SER MB 346 22.20 -90.86 -70.05
CA SER MB 346 22.28 -91.19 -68.63
C SER MB 346 23.50 -90.52 -68.01
N LYS MB 347 23.50 -89.21 -67.98
CA LYS MB 347 24.62 -88.42 -67.52
C LYS MB 347 24.08 -87.01 -67.29
N PRO MB 348 24.22 -86.43 -66.08
CA PRO MB 348 23.69 -85.08 -65.88
C PRO MB 348 24.59 -83.99 -66.43
N ALA MB 349 25.84 -84.30 -66.75
CA ALA MB 349 26.73 -83.33 -67.39
C ALA MB 349 26.12 -82.82 -68.69
N ASN MB 350 25.68 -83.73 -69.55
CA ASN MB 350 24.98 -83.37 -70.78
C ASN MB 350 23.52 -83.07 -70.46
N PRO MB 351 23.08 -81.81 -70.45
CA PRO MB 351 21.69 -81.54 -70.07
C PRO MB 351 20.72 -82.13 -71.07
N ASN MB 352 19.56 -82.52 -70.56
CA ASN MB 352 18.53 -83.11 -71.39
C ASN MB 352 17.74 -81.99 -72.08
N TYR MB 353 17.16 -82.33 -73.23
CA TYR MB 353 16.54 -81.35 -74.11
C TYR MB 353 15.18 -81.85 -74.56
N LEU MB 354 14.26 -80.92 -74.77
CA LEU MB 354 13.01 -81.20 -75.45
C LEU MB 354 12.79 -80.16 -76.52
N GLN MB 355 12.34 -80.61 -77.68
CA GLN MB 355 12.23 -79.78 -78.86
C GLN MB 355 10.91 -80.07 -79.55
N GLY MB 356 10.54 -79.17 -80.45
CA GLY MB 356 9.30 -79.27 -81.18
C GLY MB 356 9.51 -79.14 -82.67
N PHE MB 357 9.30 -80.24 -83.38
CA PHE MB 357 9.43 -80.28 -84.83
C PHE MB 357 8.04 -80.10 -85.40
N ASP MB 358 7.82 -79.00 -86.10
CA ASP MB 358 6.57 -78.78 -86.79
C ASP MB 358 6.58 -79.58 -88.08
N ILE MB 359 5.85 -80.71 -88.08
CA ILE MB 359 5.84 -81.63 -89.21
C ILE MB 359 5.48 -80.94 -90.52
N LYS MB 360 4.73 -79.84 -90.45
CA LYS MB 360 4.37 -79.10 -91.65
C LYS MB 360 5.50 -78.21 -92.17
N THR MB 361 6.54 -77.98 -91.37
CA THR MB 361 7.68 -77.16 -91.77
C THR MB 361 8.96 -78.00 -91.73
N LYS MB 362 8.99 -78.98 -90.83
CA LYS MB 362 10.12 -79.91 -90.69
C LYS MB 362 11.38 -79.15 -90.28
N GLU MB 363 11.29 -78.49 -89.13
CA GLU MB 363 12.44 -77.76 -88.62
C GLU MB 363 12.27 -77.50 -87.13
N LEU MB 364 13.39 -77.57 -86.42
CA LEU MB 364 13.45 -77.27 -84.99
C LEU MB 364 13.11 -75.80 -84.77
N LEU MB 365 12.45 -75.51 -83.64
CA LEU MB 365 12.05 -74.14 -83.34
C LEU MB 365 12.48 -73.61 -81.97
N PHE MB 366 12.51 -74.44 -80.87
CA PHE MB 366 12.94 -73.86 -79.59
C PHE MB 366 14.08 -74.58 -78.87
N LYS MB 367 14.05 -75.91 -78.74
CA LYS MB 367 15.13 -76.66 -78.09
C LYS MB 367 15.34 -76.20 -76.65
N ARG MB 368 14.36 -76.47 -75.80
CA ARG MB 368 14.46 -76.11 -74.40
C ARG MB 368 15.27 -77.13 -73.61
N ARG MB 369 15.99 -76.63 -72.61
CA ARG MB 369 16.74 -77.47 -71.69
C ARG MB 369 15.87 -77.84 -70.49
N ILE MB 370 16.11 -79.02 -69.95
CA ILE MB 370 15.43 -79.51 -68.76
C ILE MB 370 16.46 -79.70 -67.65
N ASP MB 371 16.08 -79.34 -66.43
CA ASP MB 371 16.91 -79.53 -65.25
C ASP MB 371 16.04 -79.99 -64.07
N ILE MB 372 15.14 -80.94 -64.32
CA ILE MB 372 14.08 -81.26 -63.38
C ILE MB 372 14.41 -82.47 -62.51
N GLY MB 373 15.66 -82.91 -62.48
CA GLY MB 373 16.01 -83.97 -61.56
C GLY MB 373 15.75 -83.62 -60.12
N GLY MB 374 15.75 -82.34 -59.78
CA GLY MB 374 15.55 -81.89 -58.43
C GLY MB 374 16.22 -80.55 -58.21
N VAL MB 375 17.07 -80.49 -57.19
CA VAL MB 375 17.75 -79.24 -56.87
C VAL MB 375 18.72 -78.86 -57.99
N ASN MB 376 19.12 -77.60 -57.99
CA ASN MB 376 19.95 -77.01 -59.04
C ASN MB 376 21.23 -77.80 -59.30
N ASN MB 377 21.42 -78.15 -60.58
CA ASN MB 377 22.69 -78.66 -61.12
C ASN MB 377 23.28 -79.80 -60.29
N ASN MB 378 22.42 -80.52 -59.57
CA ASN MB 378 22.84 -81.56 -58.65
C ASN MB 378 21.59 -82.30 -58.23
N PHE MB 379 21.67 -83.63 -58.23
CA PHE MB 379 20.51 -84.47 -58.00
C PHE MB 379 20.86 -85.55 -57.00
N LYS MB 380 19.89 -86.41 -56.72
CA LYS MB 380 20.01 -87.36 -55.63
C LYS MB 380 21.15 -88.31 -55.90
N GLY MB 381 21.04 -89.11 -56.96
CA GLY MB 381 22.08 -90.04 -57.30
C GLY MB 381 23.27 -89.35 -57.92
N ASP MB 382 24.40 -90.06 -57.87
CA ASP MB 382 25.60 -89.61 -58.58
C ASP MB 382 25.31 -89.40 -60.06
N PHE MB 383 24.37 -90.16 -60.63
CA PHE MB 383 23.89 -89.95 -61.97
C PHE MB 383 22.37 -90.03 -61.95
N GLN MB 384 21.77 -89.76 -63.09
CA GLN MB 384 20.33 -89.88 -63.29
C GLN MB 384 20.07 -89.97 -64.79
N GLU MB 385 18.81 -89.82 -65.17
CA GLU MB 385 18.42 -89.58 -66.55
C GLU MB 385 17.00 -89.05 -66.54
N ALA MB 386 16.57 -88.60 -67.70
CA ALA MB 386 15.25 -88.05 -67.88
C ALA MB 386 14.58 -88.85 -68.98
N GLU MB 387 13.47 -89.51 -68.64
CA GLU MB 387 12.95 -90.62 -69.42
C GLU MB 387 11.44 -90.51 -69.52
N GLY MB 388 10.91 -90.67 -70.73
CA GLY MB 388 9.49 -90.73 -70.94
C GLY MB 388 8.89 -89.38 -71.31
N LEU MB 389 7.67 -89.43 -71.83
CA LEU MB 389 6.96 -88.24 -72.23
C LEU MB 389 5.51 -88.59 -72.48
N ASP MB 390 4.63 -87.63 -72.26
CA ASP MB 390 3.21 -87.82 -72.41
C ASP MB 390 2.53 -86.48 -72.55
N MET MB 391 1.47 -86.46 -73.33
CA MET MB 391 0.61 -85.29 -73.49
C MET MB 391 -0.72 -85.61 -72.84
N TYR MB 392 -1.00 -84.96 -71.72
CA TYR MB 392 -2.26 -85.11 -71.04
C TYR MB 392 -3.32 -84.24 -71.69
N TYR MB 393 -4.52 -84.77 -71.83
CA TYR MB 393 -5.64 -84.05 -72.42
C TYR MB 393 -6.78 -84.08 -71.43
N ASP MB 394 -7.01 -82.95 -70.76
CA ASP MB 394 -8.07 -82.87 -69.76
C ASP MB 394 -9.40 -83.14 -70.43
N LEU MB 395 -9.98 -84.29 -70.10
CA LEU MB 395 -11.23 -84.70 -70.74
C LEU MB 395 -12.35 -83.72 -70.45
N GLU MB 396 -12.38 -83.17 -69.24
CA GLU MB 396 -13.52 -82.38 -68.81
C GLU MB 396 -13.51 -80.99 -69.44
N THR MB 397 -12.49 -80.20 -69.12
CA THR MB 397 -12.42 -78.81 -69.56
C THR MB 397 -11.75 -78.66 -70.92
N GLY MB 398 -11.36 -79.75 -71.57
CA GLY MB 398 -10.62 -79.66 -72.80
C GLY MB 398 -9.21 -79.17 -72.67
N ARG MB 399 -8.75 -78.90 -71.46
CA ARG MB 399 -7.39 -78.46 -71.26
C ARG MB 399 -6.41 -79.58 -71.59
N LYS MB 400 -5.14 -79.23 -71.65
CA LYS MB 400 -4.12 -80.16 -72.08
C LYS MB 400 -2.82 -79.80 -71.39
N ALA MB 401 -2.14 -80.80 -70.85
CA ALA MB 401 -0.89 -80.62 -70.14
C ALA MB 401 0.16 -81.55 -70.70
N LEU MB 402 1.39 -81.05 -70.73
CA LEU MB 402 2.54 -81.79 -71.24
C LEU MB 402 3.31 -82.37 -70.05
N LEU MB 403 3.27 -83.68 -69.90
CA LEU MB 403 3.94 -84.37 -68.82
C LEU MB 403 5.28 -84.91 -69.27
N ILE MB 404 6.22 -84.96 -68.34
CA ILE MB 404 7.58 -85.42 -68.60
C ILE MB 404 8.00 -86.30 -67.45
N GLY MB 405 8.56 -87.46 -67.76
CA GLY MB 405 9.11 -88.36 -66.76
C GLY MB 405 10.60 -88.11 -66.55
N VAL MB 406 11.03 -88.20 -65.30
CA VAL MB 406 12.43 -88.02 -64.95
C VAL MB 406 12.78 -89.05 -63.88
N THR MB 407 13.87 -89.80 -64.10
CA THR MB 407 14.23 -90.92 -63.24
C THR MB 407 15.61 -90.63 -62.64
N ILE MB 408 15.64 -90.50 -61.32
CA ILE MB 408 16.82 -90.07 -60.59
C ILE MB 408 17.25 -91.19 -59.65
N GLY MB 409 18.36 -90.97 -58.96
CA GLY MB 409 18.92 -91.94 -58.06
C GLY MB 409 20.01 -92.75 -58.72
N PRO MB 410 20.78 -93.49 -57.93
CA PRO MB 410 21.89 -94.24 -58.48
C PRO MB 410 21.44 -95.44 -59.28
N GLY MB 411 22.38 -96.30 -59.69
CA GLY MB 411 22.10 -97.41 -60.57
C GLY MB 411 20.99 -98.33 -60.09
N ASN MB 412 21.22 -99.05 -58.99
CA ASN MB 412 20.20 -99.95 -58.47
C ASN MB 412 19.03 -99.16 -57.87
N ASN MB 413 19.32 -98.29 -56.93
CA ASN MB 413 18.28 -97.52 -56.26
C ASN MB 413 17.82 -96.40 -57.20
N ARG MB 414 16.56 -96.46 -57.62
CA ARG MB 414 16.00 -95.52 -58.57
C ARG MB 414 14.66 -94.99 -58.09
N HIS MB 415 14.33 -93.80 -58.59
CA HIS MB 415 13.17 -93.04 -58.16
C HIS MB 415 12.71 -92.16 -59.30
N HIS MB 416 11.53 -92.42 -59.83
CA HIS MB 416 11.10 -91.80 -61.08
C HIS MB 416 9.76 -91.11 -60.93
N SER MB 417 9.72 -89.86 -61.36
CA SER MB 417 8.61 -88.95 -61.11
C SER MB 417 8.11 -88.36 -62.41
N ILE MB 418 6.94 -87.73 -62.31
CA ILE MB 418 6.21 -87.16 -63.43
C ILE MB 418 6.00 -85.68 -63.12
N TYR MB 419 6.61 -84.82 -63.93
CA TYR MB 419 6.45 -83.38 -63.83
C TYR MB 419 5.58 -82.90 -65.00
N SER MB 420 5.15 -81.65 -64.93
CA SER MB 420 4.28 -81.07 -65.95
C SER MB 420 4.70 -79.66 -66.28
N ILE MB 421 4.61 -79.33 -67.57
CA ILE MB 421 4.86 -78.00 -68.09
C ILE MB 421 3.56 -77.50 -68.70
N GLY MB 422 2.44 -77.94 -68.13
CA GLY MB 422 1.16 -77.81 -68.80
C GLY MB 422 0.42 -76.52 -68.57
N GLN MB 423 -0.90 -76.64 -68.50
CA GLN MB 423 -1.82 -75.51 -68.61
C GLN MB 423 -2.40 -75.15 -67.25
N ARG MB 424 -3.17 -74.07 -67.24
CA ARG MB 424 -3.78 -73.57 -66.01
C ARG MB 424 -4.83 -74.56 -65.51
N GLY MB 425 -4.70 -74.94 -64.24
CA GLY MB 425 -5.64 -75.81 -63.59
C GLY MB 425 -5.31 -77.28 -63.68
N VAL MB 426 -4.62 -77.70 -64.73
CA VAL MB 426 -4.42 -79.11 -65.00
C VAL MB 426 -3.40 -79.71 -64.04
N ASN MB 427 -2.28 -79.02 -63.85
CA ASN MB 427 -1.26 -79.53 -62.94
C ASN MB 427 -1.83 -79.66 -61.53
N GLN MB 428 -2.61 -78.66 -61.11
CA GLN MB 428 -3.28 -78.71 -59.82
C GLN MB 428 -4.21 -79.90 -59.73
N PHE MB 429 -5.04 -80.08 -60.76
CA PHE MB 429 -6.01 -81.17 -60.76
C PHE MB 429 -5.31 -82.52 -60.66
N LEU MB 430 -4.28 -82.73 -61.47
CA LEU MB 430 -3.55 -84.00 -61.43
C LEU MB 430 -2.92 -84.22 -60.07
N LYS MB 431 -2.35 -83.16 -59.49
CA LYS MB 431 -1.73 -83.29 -58.18
C LYS MB 431 -2.77 -83.63 -57.12
N ASN MB 432 -4.04 -83.24 -57.35
CA ASN MB 432 -5.08 -83.36 -56.34
C ASN MB 432 -6.20 -84.34 -56.71
N ILE MB 433 -5.96 -85.25 -57.65
CA ILE MB 433 -6.94 -86.32 -57.87
C ILE MB 433 -7.08 -87.15 -56.61
N ALA MB 434 -5.95 -87.51 -56.01
CA ALA MB 434 -5.91 -88.36 -54.83
C ALA MB 434 -4.66 -88.04 -54.06
N PRO MB 435 -4.60 -88.37 -52.77
CA PRO MB 435 -3.52 -87.88 -51.92
C PRO MB 435 -2.26 -88.73 -52.01
N GLN MB 436 -1.16 -88.12 -51.60
CA GLN MB 436 0.11 -88.83 -51.55
C GLN MB 436 0.08 -89.87 -50.46
N VAL MB 437 0.69 -91.02 -50.72
CA VAL MB 437 0.60 -92.16 -49.82
C VAL MB 437 1.60 -91.94 -48.69
N SER MB 438 1.12 -91.42 -47.57
CA SER MB 438 1.93 -91.19 -46.40
C SER MB 438 1.73 -92.33 -45.41
N MET MB 439 2.53 -92.31 -44.35
CA MET MB 439 2.45 -93.35 -43.32
C MET MB 439 1.08 -93.36 -42.65
N THR MB 440 0.42 -92.21 -42.61
CA THR MB 440 -0.95 -92.12 -42.13
C THR MB 440 -1.72 -91.13 -42.99
N ASP MB 441 -3.04 -91.20 -42.89
CA ASP MB 441 -3.89 -90.31 -43.63
C ASP MB 441 -3.68 -88.87 -43.15
N SER MB 442 -4.12 -87.91 -43.97
CA SER MB 442 -4.08 -86.52 -43.55
C SER MB 442 -4.94 -86.38 -42.31
N GLY MB 443 -4.29 -86.14 -41.17
CA GLY MB 443 -4.93 -86.20 -39.88
C GLY MB 443 -4.31 -87.28 -39.03
N GLY MB 444 -4.25 -87.07 -37.72
CA GLY MB 444 -3.63 -88.05 -36.86
C GLY MB 444 -4.62 -89.15 -36.52
N ARG MB 445 -4.52 -90.24 -37.26
CA ARG MB 445 -5.36 -91.42 -37.07
C ARG MB 445 -4.82 -92.49 -37.98
N VAL MB 446 -5.08 -93.74 -37.60
CA VAL MB 446 -4.62 -94.87 -38.37
C VAL MB 446 -5.38 -94.94 -39.69
N LYS MB 447 -4.68 -95.36 -40.74
CA LYS MB 447 -5.34 -95.62 -42.00
C LYS MB 447 -6.27 -96.82 -41.83
N PRO MB 448 -7.20 -97.02 -42.76
CA PRO MB 448 -8.03 -98.21 -42.73
C PRO MB 448 -7.43 -99.34 -43.55
N LEU MB 449 -7.99 -100.52 -43.35
CA LEU MB 449 -7.55 -101.67 -44.11
C LEU MB 449 -7.98 -101.55 -45.55
N PRO MB 450 -7.18 -102.02 -46.50
CA PRO MB 450 -7.62 -101.97 -47.90
C PRO MB 450 -8.76 -102.91 -48.19
N ILE MB 451 -8.95 -103.93 -47.36
CA ILE MB 451 -9.86 -105.03 -47.61
C ILE MB 451 -10.60 -105.31 -46.30
N GLN MB 452 -11.72 -106.02 -46.41
CA GLN MB 452 -12.44 -106.56 -45.26
C GLN MB 452 -11.57 -107.60 -44.57
N ASN MB 453 -12.13 -108.30 -43.55
CA ASN MB 453 -11.40 -109.23 -42.70
C ASN MB 453 -10.54 -110.18 -43.53
N PRO MB 454 -9.20 -109.99 -43.57
CA PRO MB 454 -8.40 -110.79 -44.50
C PRO MB 454 -7.90 -112.08 -43.87
N ALA MB 455 -8.12 -113.19 -44.57
CA ALA MB 455 -7.52 -114.45 -44.15
C ALA MB 455 -6.01 -114.34 -44.10
N TYR MB 456 -5.42 -113.77 -45.15
CA TYR MB 456 -3.98 -113.65 -45.29
C TYR MB 456 -3.61 -112.18 -45.15
N LEU MB 457 -2.93 -111.84 -44.06
CA LEU MB 457 -2.48 -110.46 -43.87
C LEU MB 457 -1.54 -110.02 -44.99
N SER MB 458 -0.86 -110.98 -45.64
CA SER MB 458 0.00 -110.66 -46.77
C SER MB 458 -0.76 -110.03 -47.93
N ASP MB 459 -2.10 -110.09 -47.93
CA ASP MB 459 -2.86 -109.37 -48.93
C ASP MB 459 -2.62 -107.87 -48.85
N ILE MB 460 -2.36 -107.35 -47.65
CA ILE MB 460 -2.17 -105.91 -47.47
C ILE MB 460 -0.79 -105.55 -48.00
N THR MB 461 -0.76 -104.70 -49.02
CA THR MB 461 0.47 -104.27 -49.67
C THR MB 461 0.53 -102.77 -49.80
N GLU MB 462 0.04 -102.07 -48.78
CA GLU MB 462 0.04 -100.61 -48.75
C GLU MB 462 0.73 -100.16 -47.48
N VAL MB 463 1.78 -99.36 -47.63
CA VAL MB 463 2.50 -98.84 -46.48
C VAL MB 463 1.56 -98.01 -45.62
N GLY MB 464 1.93 -97.85 -44.37
CA GLY MB 464 1.17 -97.08 -43.40
C GLY MB 464 0.76 -97.93 -42.21
N HIS MB 465 0.18 -97.25 -41.24
CA HIS MB 465 -0.32 -97.88 -40.02
C HIS MB 465 -1.76 -98.32 -40.21
N TYR MB 466 -2.10 -99.46 -39.62
CA TYR MB 466 -3.42 -100.05 -39.74
C TYR MB 466 -3.76 -100.65 -38.38
N TYR MB 467 -5.01 -101.10 -38.25
CA TYR MB 467 -5.47 -101.69 -37.00
C TYR MB 467 -6.35 -102.89 -37.27
N ILE MB 468 -6.20 -103.91 -36.43
CA ILE MB 468 -6.86 -105.19 -36.59
C ILE MB 468 -7.60 -105.45 -35.29
N TYR MB 469 -8.93 -105.49 -35.37
CA TYR MB 469 -9.75 -105.78 -34.22
C TYR MB 469 -9.67 -107.27 -33.87
N THR MB 470 -10.27 -107.60 -32.73
CA THR MB 470 -10.21 -108.95 -32.18
C THR MB 470 -10.83 -109.96 -33.14
N GLN MB 471 -12.00 -109.63 -33.66
CA GLN MB 471 -12.70 -110.54 -34.56
C GLN MB 471 -11.87 -110.81 -35.80
N ASP MB 472 -11.25 -109.75 -36.34
CA ASP MB 472 -10.48 -109.89 -37.57
C ASP MB 472 -9.24 -110.73 -37.34
N THR MB 473 -8.52 -110.50 -36.25
CA THR MB 473 -7.33 -111.30 -36.00
C THR MB 473 -7.68 -112.73 -35.63
N GLN MB 474 -8.88 -112.97 -35.10
CA GLN MB 474 -9.30 -114.34 -34.84
C GLN MB 474 -9.70 -115.05 -36.14
N ASN MB 475 -10.25 -114.31 -37.10
CA ASN MB 475 -10.60 -114.92 -38.37
C ASN MB 475 -9.38 -115.18 -39.22
N ALA MB 476 -8.34 -114.35 -39.11
CA ALA MB 476 -7.15 -114.54 -39.92
C ALA MB 476 -6.45 -115.85 -39.60
N LEU MB 477 -5.57 -116.27 -40.52
CA LEU MB 477 -4.79 -117.49 -40.39
C LEU MB 477 -3.29 -117.29 -40.53
N ASP MB 478 -2.86 -116.33 -41.34
CA ASP MB 478 -1.44 -116.07 -41.51
C ASP MB 478 -0.82 -115.45 -40.26
N PHE MB 479 -1.63 -115.04 -39.30
CA PHE MB 479 -1.15 -114.29 -38.16
C PHE MB 479 -0.56 -115.25 -37.11
N PRO MB 480 0.52 -114.86 -36.43
CA PRO MB 480 1.06 -115.75 -35.38
C PRO MB 480 0.11 -115.95 -34.21
N LEU MB 481 0.63 -116.63 -33.19
CA LEU MB 481 -0.03 -116.74 -31.89
C LEU MB 481 -1.41 -117.37 -31.96
N PRO MB 482 -1.52 -118.70 -31.81
CA PRO MB 482 -2.76 -119.42 -32.16
C PRO MB 482 -4.04 -118.84 -31.57
N LYS MB 483 -5.14 -119.39 -32.11
CA LYS MB 483 -6.48 -118.85 -31.94
C LYS MB 483 -6.84 -118.65 -30.48
N ALA MB 484 -6.37 -119.54 -29.60
CA ALA MB 484 -6.66 -119.38 -28.19
C ALA MB 484 -5.93 -118.19 -27.60
N PHE MB 485 -4.71 -117.93 -28.08
CA PHE MB 485 -3.99 -116.75 -27.61
C PHE MB 485 -4.65 -115.47 -28.12
N ARG MB 486 -5.28 -115.53 -29.29
CA ARG MB 486 -5.83 -114.33 -29.93
C ARG MB 486 -7.06 -113.85 -29.17
N ASP MB 487 -6.90 -112.73 -28.44
CA ASP MB 487 -8.03 -112.13 -27.72
C ASP MB 487 -8.12 -110.61 -27.91
N ALA MB 488 -6.99 -109.95 -28.14
CA ALA MB 488 -6.90 -108.50 -28.11
C ALA MB 488 -6.69 -107.92 -29.50
N GLY MB 489 -6.78 -106.60 -29.58
CA GLY MB 489 -6.54 -105.90 -30.83
C GLY MB 489 -5.07 -105.70 -31.08
N TRP MB 490 -4.75 -105.45 -32.35
CA TRP MB 490 -3.36 -105.39 -32.80
C TRP MB 490 -3.16 -104.24 -33.76
N PHE MB 491 -2.19 -103.38 -33.46
CA PHE MB 491 -1.76 -102.37 -34.40
C PHE MB 491 -0.86 -103.04 -35.44
N PHE MB 492 -1.22 -102.89 -36.71
CA PHE MB 492 -0.56 -103.58 -37.82
C PHE MB 492 0.07 -102.54 -38.72
N ASP MB 493 1.36 -102.32 -38.55
CA ASP MB 493 2.09 -101.37 -39.36
C ASP MB 493 2.70 -102.06 -40.56
N VAL MB 494 2.84 -101.31 -41.65
CA VAL MB 494 3.40 -101.80 -42.89
C VAL MB 494 4.41 -100.79 -43.37
N LEU MB 495 5.64 -101.23 -43.50
CA LEU MB 495 6.76 -100.39 -43.91
C LEU MB 495 7.27 -100.81 -45.28
N PRO MB 496 7.89 -99.89 -46.02
CA PRO MB 496 8.39 -100.26 -47.35
C PRO MB 496 9.55 -101.23 -47.27
N GLY MB 497 9.56 -102.18 -48.19
CA GLY MB 497 10.60 -103.17 -48.27
C GLY MB 497 11.67 -102.75 -49.25
N HIS MB 498 11.75 -103.45 -50.37
CA HIS MB 498 12.70 -103.14 -51.42
C HIS MB 498 11.96 -103.14 -52.75
N TYR MB 499 12.70 -102.88 -53.81
CA TYR MB 499 12.13 -102.60 -55.12
C TYR MB 499 11.73 -103.84 -55.88
N ASN MB 500 12.32 -104.99 -55.59
CA ASN MB 500 12.00 -106.22 -56.30
C ASN MB 500 10.72 -106.87 -55.79
N GLY MB 501 9.85 -106.11 -55.11
CA GLY MB 501 8.55 -106.57 -54.71
C GLY MB 501 8.49 -107.09 -53.29
N ALA MB 502 8.88 -106.26 -52.31
CA ALA MB 502 8.86 -106.66 -50.92
C ALA MB 502 8.34 -105.53 -50.04
N LEU MB 503 7.85 -105.93 -48.87
CA LEU MB 503 7.40 -105.00 -47.84
C LEU MB 503 7.65 -105.64 -46.48
N ARG MB 504 7.48 -104.86 -45.44
CA ARG MB 504 7.50 -105.37 -44.08
C ARG MB 504 6.10 -105.47 -43.53
N GLN MB 505 6.00 -106.04 -42.34
CA GLN MB 505 4.73 -106.12 -41.61
C GLN MB 505 5.09 -106.21 -40.14
N VAL MB 506 4.96 -105.13 -39.42
CA VAL MB 506 5.15 -105.08 -37.98
C VAL MB 506 3.78 -105.17 -37.35
N LEU MB 507 3.71 -105.71 -36.13
CA LEU MB 507 2.44 -106.05 -35.53
C LEU MB 507 2.58 -106.10 -34.03
N THR MB 508 1.96 -105.15 -33.34
CA THR MB 508 2.08 -104.98 -31.90
C THR MB 508 0.71 -105.16 -31.26
N ARG MB 509 0.63 -105.99 -30.23
CA ARG MB 509 -0.65 -106.17 -29.57
C ARG MB 509 -1.08 -104.90 -28.85
N ASN MB 510 -2.39 -104.70 -28.76
CA ASN MB 510 -2.96 -103.59 -27.98
C ASN MB 510 -3.17 -104.06 -26.55
N SER MB 511 -2.05 -104.29 -25.88
CA SER MB 511 -2.05 -104.75 -24.51
C SER MB 511 -1.88 -103.55 -23.59
N THR MB 512 -2.93 -103.26 -22.83
CA THR MB 512 -2.89 -102.16 -21.87
C THR MB 512 -2.27 -102.59 -20.56
N GLY MB 513 -2.86 -103.59 -19.92
CA GLY MB 513 -2.42 -104.02 -18.61
C GLY MB 513 -1.33 -105.06 -18.66
N ARG MB 514 -1.32 -105.87 -19.71
CA ARG MB 514 -0.35 -106.94 -19.85
C ARG MB 514 0.91 -106.42 -20.51
N ASN MB 515 1.80 -107.33 -20.90
CA ASN MB 515 3.03 -106.97 -21.58
C ASN MB 515 2.76 -106.94 -23.07
N MET MB 516 2.92 -105.76 -23.67
CA MET MB 516 2.82 -105.65 -25.11
C MET MB 516 3.87 -106.52 -25.78
N LEU MB 517 3.59 -106.89 -27.02
CA LEU MB 517 4.49 -107.77 -27.74
C LEU MB 517 4.39 -107.47 -29.22
N LYS MB 518 5.56 -107.51 -29.86
CA LYS MB 518 5.75 -107.08 -31.23
C LYS MB 518 6.29 -108.26 -32.03
N PHE MB 519 5.65 -108.53 -33.15
CA PHE MB 519 6.21 -109.38 -34.19
C PHE MB 519 6.49 -108.53 -35.42
N GLU MB 520 7.34 -109.05 -36.29
CA GLU MB 520 7.63 -108.35 -37.52
C GLU MB 520 8.16 -109.34 -38.54
N ARG MB 521 7.81 -109.12 -39.80
CA ARG MB 521 8.26 -110.00 -40.86
C ARG MB 521 8.45 -109.21 -42.15
N VAL MB 522 9.01 -109.91 -43.14
CA VAL MB 522 9.15 -109.41 -44.49
C VAL MB 522 8.31 -110.29 -45.40
N ILE MB 523 7.53 -109.65 -46.27
CA ILE MB 523 6.67 -110.34 -47.20
C ILE MB 523 7.06 -109.94 -48.62
N ASP MB 524 6.79 -110.83 -49.55
CA ASP MB 524 6.90 -110.56 -50.98
C ASP MB 524 5.49 -110.57 -51.54
N ILE MB 525 5.10 -109.45 -52.14
CA ILE MB 525 3.70 -109.22 -52.49
C ILE MB 525 3.22 -110.26 -53.48
N PHE MB 526 4.05 -110.56 -54.47
CA PHE MB 526 3.63 -111.39 -55.60
C PHE MB 526 3.71 -112.87 -55.24
N ASN MB 527 4.91 -113.35 -54.92
CA ASN MB 527 5.13 -114.76 -54.57
C ASN MB 527 5.05 -114.86 -53.05
N LYS MB 528 3.84 -115.09 -52.56
CA LYS MB 528 3.60 -115.17 -51.13
C LYS MB 528 4.32 -116.33 -50.46
N LYS MB 529 4.77 -117.31 -51.23
CA LYS MB 529 5.49 -118.45 -50.66
C LYS MB 529 6.75 -118.02 -49.92
N ASN MB 530 7.36 -116.93 -50.34
CA ASN MB 530 8.58 -116.43 -49.72
C ASN MB 530 8.33 -115.60 -48.47
N ASN MB 531 7.10 -115.58 -47.96
CA ASN MB 531 6.77 -114.79 -46.78
C ASN MB 531 7.50 -115.35 -45.59
N GLY MB 532 8.57 -114.68 -45.17
CA GLY MB 532 9.34 -115.12 -44.04
C GLY MB 532 8.51 -115.21 -42.77
N ALA MB 533 9.11 -115.85 -41.77
CA ALA MB 533 8.43 -116.09 -40.52
C ALA MB 533 8.46 -114.84 -39.66
N TRP MB 534 7.61 -114.82 -38.65
CA TRP MB 534 7.40 -113.63 -37.82
C TRP MB 534 8.42 -113.60 -36.70
N ASN MB 535 9.45 -112.78 -36.85
CA ASN MB 535 10.43 -112.61 -35.82
C ASN MB 535 9.83 -111.81 -34.67
N PHE MB 536 10.01 -112.31 -33.45
CA PHE MB 536 9.43 -111.71 -32.26
C PHE MB 536 10.46 -110.79 -31.61
N CYS MB 537 10.06 -109.55 -31.32
CA CYS MB 537 10.93 -108.62 -30.63
C CYS MB 537 10.64 -108.70 -29.14
N PRO MB 538 11.58 -109.13 -28.29
CA PRO MB 538 11.28 -109.12 -26.85
C PRO MB 538 11.08 -107.72 -26.32
N GLN MB 539 9.84 -107.42 -25.96
CA GLN MB 539 9.53 -106.22 -25.21
C GLN MB 539 8.61 -106.61 -24.06
N ASN MB 540 8.94 -106.12 -22.88
CA ASN MB 540 8.26 -106.52 -21.65
C ASN MB 540 8.18 -105.33 -20.71
N ALA MB 541 7.18 -105.37 -19.84
CA ALA MB 541 6.94 -104.33 -18.85
C ALA MB 541 7.07 -104.81 -17.42
N GLY MB 542 6.73 -106.07 -17.15
CA GLY MB 542 6.77 -106.61 -15.81
C GLY MB 542 5.60 -107.51 -15.48
N TYR MB 543 4.60 -107.55 -16.36
CA TYR MB 543 3.41 -108.34 -16.12
C TYR MB 543 3.63 -109.77 -16.59
N TRP MB 544 2.71 -110.64 -16.19
CA TRP MB 544 2.77 -112.02 -16.61
C TRP MB 544 2.28 -112.13 -18.05
N GLU MB 545 2.15 -113.36 -18.51
CA GLU MB 545 1.47 -113.66 -19.76
C GLU MB 545 0.85 -115.04 -19.60
N HIS MB 546 -0.44 -115.06 -19.27
CA HIS MB 546 -1.15 -116.31 -19.12
C HIS MB 546 -1.06 -117.13 -20.40
N ILE MB 547 -1.18 -118.45 -20.24
CA ILE MB 547 -1.41 -119.35 -21.35
C ILE MB 547 -2.71 -120.08 -21.03
N PRO MB 548 -3.69 -120.11 -21.92
CA PRO MB 548 -4.98 -120.70 -21.55
C PRO MB 548 -4.86 -122.19 -21.32
N LYS MB 549 -5.86 -122.72 -20.62
CA LYS MB 549 -5.88 -124.14 -20.31
C LYS MB 549 -6.12 -125.01 -21.54
N SER MB 550 -6.48 -124.42 -22.67
CA SER MB 550 -6.68 -125.19 -23.89
C SER MB 550 -5.41 -125.94 -24.29
N ILE MB 551 -4.25 -125.30 -24.15
CA ILE MB 551 -2.99 -125.98 -24.41
C ILE MB 551 -2.73 -126.96 -23.27
N THR MB 552 -2.27 -128.16 -23.62
CA THR MB 552 -2.05 -129.24 -22.67
C THR MB 552 -0.64 -129.83 -22.81
N LYS MB 553 0.26 -129.13 -23.46
CA LYS MB 553 1.64 -129.56 -23.60
C LYS MB 553 2.52 -128.32 -23.74
N LEU MB 554 3.72 -128.40 -23.18
CA LEU MB 554 4.67 -127.31 -23.31
C LEU MB 554 5.36 -127.28 -24.65
N SER MB 555 5.04 -128.20 -25.56
CA SER MB 555 5.63 -128.19 -26.89
C SER MB 555 4.95 -127.21 -27.84
N ASP MB 556 3.69 -126.85 -27.57
CA ASP MB 556 3.03 -125.85 -28.40
C ASP MB 556 3.69 -124.48 -28.30
N LEU MB 557 4.44 -124.23 -27.23
CA LEU MB 557 5.01 -122.91 -26.96
C LEU MB 557 6.39 -122.83 -27.61
N LYS MB 558 6.38 -122.65 -28.93
CA LYS MB 558 7.59 -122.64 -29.72
C LYS MB 558 8.16 -121.24 -29.96
N ILE MB 559 7.50 -120.19 -29.49
CA ILE MB 559 7.93 -118.83 -29.81
C ILE MB 559 9.04 -118.45 -28.83
N VAL MB 560 10.09 -117.85 -29.37
CA VAL MB 560 11.29 -117.55 -28.60
C VAL MB 560 11.11 -116.23 -27.86
N GLY MB 561 11.79 -116.10 -26.72
CA GLY MB 561 11.83 -114.88 -25.98
C GLY MB 561 10.66 -114.63 -25.05
N LEU MB 562 9.61 -115.43 -25.12
CA LEU MB 562 8.41 -115.21 -24.32
C LEU MB 562 8.58 -115.77 -22.93
N ASP MB 563 7.70 -115.33 -22.03
CA ASP MB 563 7.73 -115.69 -20.62
C ASP MB 563 6.30 -115.92 -20.17
N PHE MB 564 5.87 -117.17 -20.21
CA PHE MB 564 4.54 -117.56 -19.74
C PHE MB 564 4.64 -117.98 -18.29
N TYR MB 565 3.69 -117.52 -17.48
CA TYR MB 565 3.63 -117.87 -16.07
C TYR MB 565 2.78 -119.11 -15.88
N ILE MB 566 3.12 -119.90 -14.87
CA ILE MB 566 2.47 -121.17 -14.58
C ILE MB 566 2.22 -121.22 -13.09
N THR MB 567 1.03 -121.68 -12.72
CA THR MB 567 0.63 -121.88 -11.34
C THR MB 567 0.61 -123.38 -11.04
N THR MB 568 0.27 -123.71 -9.80
CA THR MB 568 0.20 -125.11 -9.39
C THR MB 568 -0.81 -125.88 -10.22
N GLU MB 569 -2.01 -125.32 -10.35
CA GLU MB 569 -3.06 -125.96 -11.13
C GLU MB 569 -2.61 -126.16 -12.57
N GLU MB 570 -1.86 -125.21 -13.12
CA GLU MB 570 -1.42 -125.32 -14.51
C GLU MB 570 -0.36 -126.39 -14.65
N SER MB 571 0.57 -126.47 -13.70
CA SER MB 571 1.59 -127.52 -13.74
C SER MB 571 0.94 -128.89 -13.63
N ASN MB 572 -0.10 -129.00 -12.79
CA ASN MB 572 -0.81 -130.27 -12.68
C ASN MB 572 -1.66 -130.56 -13.91
N ARG MB 573 -2.06 -129.51 -14.63
CA ARG MB 573 -2.86 -129.70 -15.84
C ARG MB 573 -2.02 -130.22 -16.98
N PHE MB 574 -0.89 -129.57 -17.23
CA PHE MB 574 -0.01 -129.97 -18.31
C PHE MB 574 0.56 -131.36 -18.06
N THR MB 575 1.13 -131.93 -19.11
CA THR MB 575 1.63 -133.30 -19.11
C THR MB 575 3.15 -133.40 -19.15
N ASP MB 576 3.79 -132.54 -19.93
CA ASP MB 576 5.24 -132.64 -20.15
C ASP MB 576 6.06 -132.26 -18.91
N PHE MB 577 5.43 -131.71 -17.87
CA PHE MB 577 6.18 -131.19 -16.74
C PHE MB 577 6.99 -132.30 -16.06
N PRO MB 578 8.05 -131.95 -15.33
CA PRO MB 578 8.70 -132.94 -14.45
C PRO MB 578 7.75 -133.41 -13.37
N LYS MB 579 7.51 -134.73 -13.35
CA LYS MB 579 6.58 -135.30 -12.40
C LYS MB 579 7.02 -135.07 -10.96
N ASP MB 580 8.34 -135.05 -10.73
CA ASP MB 580 8.85 -134.79 -9.40
C ASP MB 580 8.48 -133.39 -8.92
N PHE MB 581 8.36 -132.44 -9.86
CA PHE MB 581 8.08 -131.04 -9.56
C PHE MB 581 6.75 -130.59 -10.17
N LYS MB 582 5.87 -131.51 -10.52
CA LYS MB 582 4.61 -131.19 -11.16
C LYS MB 582 3.57 -130.89 -10.10
N GLY MB 583 3.19 -129.62 -9.99
CA GLY MB 583 2.20 -129.18 -9.04
C GLY MB 583 2.81 -128.71 -7.73
N ILE MB 584 3.89 -127.94 -7.83
CA ILE MB 584 4.63 -127.46 -6.67
C ILE MB 584 4.87 -125.97 -6.86
N ALA MB 585 3.98 -125.15 -6.28
CA ALA MB 585 4.19 -123.72 -6.09
C ALA MB 585 4.10 -122.87 -7.36
N GLY MB 586 4.03 -123.50 -8.54
CA GLY MB 586 3.97 -122.74 -9.78
C GLY MB 586 5.21 -121.92 -10.05
N TRP MB 587 5.38 -121.44 -11.28
CA TRP MB 587 6.53 -120.59 -11.61
C TRP MB 587 6.37 -120.07 -13.04
N ILE MB 588 7.38 -119.34 -13.51
CA ILE MB 588 7.45 -118.82 -14.85
C ILE MB 588 8.44 -119.66 -15.65
N LEU MB 589 8.30 -119.62 -16.96
CA LEU MB 589 9.25 -120.24 -17.89
C LEU MB 589 9.78 -119.20 -18.86
N GLU MB 590 10.58 -119.68 -19.81
CA GLU MB 590 11.21 -118.82 -20.80
C GLU MB 590 11.76 -119.71 -21.90
N VAL MB 591 11.44 -119.38 -23.13
CA VAL MB 591 11.92 -120.11 -24.29
C VAL MB 591 13.21 -119.46 -24.78
N LYS MB 592 14.05 -120.25 -25.44
CA LYS MB 592 15.36 -119.80 -25.90
C LYS MB 592 15.57 -120.21 -27.36
N SER MB 593 16.65 -119.71 -27.94
CA SER MB 593 16.96 -119.92 -29.34
C SER MB 593 17.46 -121.34 -29.59
N ASN MB 594 17.27 -121.81 -30.81
CA ASN MB 594 17.81 -123.08 -31.26
C ASN MB 594 17.68 -123.15 -32.78
N THR MB 595 17.98 -124.32 -33.33
CA THR MB 595 17.86 -124.60 -34.75
C THR MB 595 16.39 -124.73 -35.11
N PRO MB 596 16.04 -124.65 -36.40
CA PRO MB 596 14.64 -124.87 -36.77
C PRO MB 596 14.24 -126.31 -36.56
N GLY MB 597 12.96 -126.49 -36.24
CA GLY MB 597 12.41 -127.79 -35.94
C GLY MB 597 12.53 -128.18 -34.48
N ASN MB 598 13.39 -127.51 -33.72
CA ASN MB 598 13.55 -127.81 -32.31
C ASN MB 598 13.84 -126.54 -31.54
N THR MB 599 13.79 -126.66 -30.21
CA THR MB 599 13.94 -125.52 -29.33
C THR MB 599 14.35 -126.02 -27.96
N THR MB 600 15.07 -125.16 -27.24
CA THR MB 600 15.47 -125.40 -25.86
C THR MB 600 14.67 -124.46 -24.97
N GLN MB 601 13.89 -125.04 -24.07
CA GLN MB 601 13.04 -124.31 -23.15
C GLN MB 601 13.64 -124.36 -21.76
N VAL MB 602 13.93 -123.19 -21.21
CA VAL MB 602 14.37 -123.07 -19.83
C VAL MB 602 13.12 -122.76 -19.00
N LEU MB 603 13.14 -123.22 -17.75
CA LEU MB 603 11.96 -123.11 -16.89
C LEU MB 603 12.44 -122.93 -15.47
N ARG MB 604 12.25 -121.75 -14.92
CA ARG MB 604 12.74 -121.39 -13.61
C ARG MB 604 11.68 -121.65 -12.55
N ARG MB 605 12.11 -121.58 -11.29
CA ARG MB 605 11.21 -121.66 -10.15
C ARG MB 605 11.26 -120.33 -9.41
N ASN MB 606 10.11 -119.86 -8.97
CA ASN MB 606 10.02 -118.66 -8.15
C ASN MB 606 10.14 -119.05 -6.67
N ASN MB 607 11.08 -118.44 -5.96
CA ASN MB 607 11.43 -118.84 -4.61
C ASN MB 607 11.66 -117.60 -3.75
N PHE MB 608 10.64 -117.20 -3.00
CA PHE MB 608 10.86 -116.16 -2.00
C PHE MB 608 11.51 -116.76 -0.75
N PRO MB 609 10.92 -117.79 -0.10
CA PRO MB 609 11.57 -118.32 1.10
C PRO MB 609 12.66 -119.34 0.82
N SER MB 610 12.47 -120.17 -0.21
CA SER MB 610 13.23 -121.39 -0.40
C SER MB 610 14.41 -121.16 -1.33
N ALA MB 611 15.06 -122.25 -1.72
CA ALA MB 611 16.19 -122.23 -2.64
C ALA MB 611 15.70 -122.34 -4.07
N HIS MB 612 16.55 -121.90 -4.99
CA HIS MB 612 16.17 -121.74 -6.39
C HIS MB 612 16.54 -122.95 -7.21
N GLN MB 613 15.83 -123.13 -8.32
CA GLN MB 613 16.15 -124.14 -9.31
C GLN MB 613 15.62 -123.70 -10.66
N PHE MB 614 16.27 -124.20 -11.71
CA PHE MB 614 15.86 -123.91 -13.07
C PHE MB 614 16.24 -125.08 -13.96
N LEU MB 615 15.28 -125.57 -14.70
CA LEU MB 615 15.41 -126.73 -15.57
C LEU MB 615 15.52 -126.28 -17.01
N VAL MB 616 15.88 -127.22 -17.88
CA VAL MB 616 16.09 -126.92 -19.29
C VAL MB 616 15.86 -128.18 -20.09
N ARG MB 617 15.16 -128.04 -21.21
CA ARG MB 617 14.71 -129.17 -22.01
C ARG MB 617 14.78 -128.82 -23.49
N ASN MB 618 15.56 -129.60 -24.23
CA ASN MB 618 15.66 -129.45 -25.68
C ASN MB 618 14.77 -130.48 -26.36
N PHE MB 619 13.92 -130.01 -27.27
CA PHE MB 619 12.97 -130.90 -27.93
C PHE MB 619 12.62 -130.42 -29.32
N GLY MB 620 12.32 -131.39 -30.17
CA GLY MB 620 11.85 -131.12 -31.51
C GLY MB 620 12.19 -132.29 -32.42
N THR MB 621 12.01 -132.04 -33.73
CA THR MB 621 12.19 -133.08 -34.72
C THR MB 621 13.61 -133.62 -34.71
N GLY MB 622 14.59 -132.75 -34.52
CA GLY MB 622 15.97 -133.19 -34.44
C GLY MB 622 16.24 -134.13 -33.28
N GLY MB 623 15.41 -134.08 -32.24
CA GLY MB 623 15.58 -134.94 -31.08
C GLY MB 623 14.78 -134.42 -29.91
N VAL MB 624 14.40 -135.29 -29.00
CA VAL MB 624 13.66 -134.93 -27.80
C VAL MB 624 14.44 -135.37 -26.58
N GLY MB 625 14.44 -134.55 -25.54
CA GLY MB 625 15.16 -134.85 -24.33
C GLY MB 625 14.32 -134.53 -23.11
N LYS MB 626 14.78 -135.02 -21.97
CA LYS MB 626 14.15 -134.74 -20.69
C LYS MB 626 14.80 -133.49 -20.10
N TRP MB 627 14.34 -133.08 -18.93
CA TRP MB 627 14.86 -131.89 -18.29
C TRP MB 627 16.20 -132.17 -17.63
N SER MB 628 16.84 -131.10 -17.15
CA SER MB 628 18.13 -131.18 -16.47
C SER MB 628 18.14 -130.08 -15.42
N LEU MB 629 17.79 -130.45 -14.19
CA LEU MB 629 17.67 -129.47 -13.12
C LEU MB 629 19.03 -128.86 -12.79
N PHE MB 630 18.98 -127.65 -12.23
CA PHE MB 630 20.17 -126.94 -11.73
C PHE MB 630 19.82 -126.45 -10.33
N GLU MB 631 20.34 -127.13 -9.32
CA GLU MB 631 20.00 -126.82 -7.95
C GLU MB 631 20.86 -125.67 -7.44
N GLY MB 632 20.27 -124.88 -6.53
CA GLY MB 632 20.91 -123.70 -5.98
C GLY MB 632 21.28 -123.88 -4.53
N LYS MB 633 22.33 -123.17 -4.11
CA LYS MB 633 22.82 -123.16 -2.75
C LYS MB 633 22.50 -121.82 -2.13
N VAL MB 634 21.66 -121.81 -1.10
CA VAL MB 634 21.27 -120.56 -0.47
C VAL MB 634 22.49 -119.92 0.19
N VAL MB 635 22.47 -118.60 0.27
CA VAL MB 635 23.57 -117.84 0.85
C VAL MB 635 23.04 -116.46 1.19
N GLU MB 636 23.68 -115.81 2.15
CA GLU MB 636 23.26 -114.49 2.61
C GLU MB 636 24.47 -113.63 2.95
N ASN NB 3 -19.67 -47.04 -38.80
CA ASN NB 3 -20.58 -48.17 -38.98
C ASN NB 3 -19.89 -49.51 -38.72
N LYS NB 4 -20.69 -50.55 -38.48
CA LYS NB 4 -20.20 -51.89 -38.13
C LYS NB 4 -19.44 -51.89 -36.81
N LEU NB 5 -19.62 -50.87 -35.98
CA LEU NB 5 -18.90 -50.80 -34.72
C LEU NB 5 -19.54 -51.69 -33.68
N ILE NB 6 -18.74 -52.13 -32.73
CA ILE NB 6 -19.22 -53.01 -31.68
C ILE NB 6 -19.67 -52.13 -30.52
N THR NB 7 -20.98 -51.99 -30.40
CA THR NB 7 -21.62 -51.25 -29.32
C THR NB 7 -21.92 -52.14 -28.11
N ASP NB 8 -21.49 -53.39 -28.13
CA ASP NB 8 -21.61 -54.29 -26.98
C ASP NB 8 -20.21 -54.81 -26.68
N LEU NB 9 -19.45 -54.04 -25.91
CA LEU NB 9 -18.11 -54.44 -25.59
C LEU NB 9 -18.11 -55.47 -24.47
N SER NB 10 -17.04 -56.25 -24.44
CA SER NB 10 -16.87 -57.20 -23.36
C SER NB 10 -16.80 -56.48 -22.03
N ARG NB 11 -17.62 -56.93 -21.09
CA ARG NB 11 -17.69 -56.36 -19.75
C ARG NB 11 -16.64 -56.95 -18.82
N VAL NB 12 -15.58 -57.55 -19.36
CA VAL NB 12 -14.64 -58.35 -18.60
C VAL NB 12 -13.23 -57.93 -18.96
N PHE NB 13 -12.38 -57.91 -17.94
CA PHE NB 13 -11.00 -57.43 -18.05
C PHE NB 13 -10.16 -58.46 -18.80
N ASP NB 14 -10.35 -58.49 -20.11
CA ASP NB 14 -9.73 -59.48 -20.97
C ASP NB 14 -9.31 -58.80 -22.28
N TYR NB 15 -8.38 -59.44 -22.98
CA TYR NB 15 -7.79 -58.86 -24.18
C TYR NB 15 -8.81 -58.70 -25.30
N ARG NB 16 -9.94 -59.40 -25.23
CA ARG NB 16 -10.98 -59.19 -26.23
C ARG NB 16 -11.47 -57.76 -26.23
N TYR NB 17 -11.52 -57.14 -25.05
CA TYR NB 17 -11.93 -55.75 -24.95
C TYR NB 17 -11.02 -54.85 -25.76
N VAL NB 18 -9.72 -54.95 -25.55
CA VAL NB 18 -8.82 -54.07 -26.28
C VAL NB 18 -8.78 -54.45 -27.74
N ASP NB 19 -9.01 -55.72 -28.07
CA ASP NB 19 -9.02 -56.11 -29.48
C ASP NB 19 -10.15 -55.44 -30.21
N GLU NB 20 -11.35 -55.50 -29.64
CA GLU NB 20 -12.49 -54.86 -30.30
C GLU NB 20 -12.37 -53.36 -30.26
N ASN NB 21 -11.75 -52.80 -29.22
CA ASN NB 21 -11.51 -51.36 -29.20
C ASN NB 21 -10.57 -50.94 -30.34
N GLU NB 22 -9.48 -51.69 -30.52
CA GLU NB 22 -8.55 -51.38 -31.59
C GLU NB 22 -9.22 -51.56 -32.95
N TYR NB 23 -10.10 -52.55 -33.05
CA TYR NB 23 -10.80 -52.76 -34.31
C TYR NB 23 -11.74 -51.63 -34.62
N ASN NB 24 -12.47 -51.18 -33.61
CA ASN NB 24 -13.33 -50.01 -33.74
C ASN NB 24 -12.52 -48.80 -34.19
N PHE NB 25 -11.36 -48.59 -33.58
CA PHE NB 25 -10.55 -47.43 -33.95
C PHE NB 25 -10.00 -47.57 -35.36
N LYS NB 26 -9.66 -48.78 -35.78
CA LYS NB 26 -9.22 -48.97 -37.16
C LYS NB 26 -10.33 -48.63 -38.13
N LEU NB 27 -11.55 -49.04 -37.81
CA LEU NB 27 -12.70 -48.66 -38.65
C LEU NB 27 -12.85 -47.16 -38.70
N ILE NB 28 -12.76 -46.50 -37.55
CA ILE NB 28 -12.92 -45.05 -37.50
C ILE NB 28 -11.85 -44.36 -38.34
N SER NB 29 -10.61 -44.82 -38.22
CA SER NB 29 -9.53 -44.21 -38.98
C SER NB 29 -9.75 -44.38 -40.48
N ASP NB 30 -10.09 -45.59 -40.90
CA ASP NB 30 -10.36 -45.83 -42.31
C ASP NB 30 -11.53 -45.00 -42.80
N MET NB 31 -12.54 -44.83 -41.96
CA MET NB 31 -13.73 -44.10 -42.37
C MET NB 31 -13.44 -42.62 -42.55
N LEU NB 32 -12.75 -42.02 -41.57
CA LEU NB 32 -12.38 -40.62 -41.70
C LEU NB 32 -11.46 -40.40 -42.89
N THR NB 33 -10.54 -41.33 -43.13
CA THR NB 33 -9.63 -41.18 -44.25
C THR NB 33 -10.37 -41.22 -45.57
N ASP NB 34 -11.31 -42.16 -45.71
CA ASP NB 34 -12.03 -42.24 -46.98
C ASP NB 34 -13.01 -41.08 -47.12
N PHE NB 35 -13.50 -40.53 -46.01
CA PHE NB 35 -14.31 -39.31 -46.11
C PHE NB 35 -13.49 -38.16 -46.63
N ASN NB 36 -12.30 -37.96 -46.09
CA ASN NB 36 -11.42 -36.90 -46.57
C ASN NB 36 -11.07 -37.10 -48.04
N PHE NB 37 -10.80 -38.35 -48.42
CA PHE NB 37 -10.45 -38.64 -49.80
C PHE NB 37 -11.63 -38.40 -50.72
N SER NB 38 -12.83 -38.83 -50.32
CA SER NB 38 -14.02 -38.60 -51.11
C SER NB 38 -14.31 -37.12 -51.24
N LEU NB 39 -14.09 -36.36 -50.18
CA LEU NB 39 -14.30 -34.92 -50.24
C LEU NB 39 -13.34 -34.27 -51.21
N GLU NB 40 -12.06 -34.63 -51.12
CA GLU NB 40 -11.08 -34.08 -52.05
C GLU NB 40 -11.42 -34.46 -53.49
N TYR NB 41 -11.84 -35.71 -53.70
CA TYR NB 41 -12.25 -36.16 -55.01
C TYR NB 41 -13.40 -35.33 -55.54
N HIS NB 42 -14.42 -35.13 -54.72
CA HIS NB 42 -15.57 -34.32 -55.09
C HIS NB 42 -15.16 -32.88 -55.36
N ARG NB 43 -14.17 -32.40 -54.63
CA ARG NB 43 -13.78 -31.00 -54.75
C ARG NB 43 -13.08 -30.75 -56.08
N ASN NB 44 -12.00 -31.49 -56.35
CA ASN NB 44 -11.10 -31.10 -57.44
C ASN NB 44 -10.63 -32.27 -58.30
N LYS NB 45 -11.31 -33.41 -58.24
CA LYS NB 45 -11.01 -34.53 -59.13
C LYS NB 45 -12.23 -35.22 -59.72
N GLU NB 46 -13.40 -35.11 -59.11
CA GLU NB 46 -14.54 -35.89 -59.53
C GLU NB 46 -15.14 -35.31 -60.80
N VAL NB 47 -15.80 -36.16 -61.58
CA VAL NB 47 -16.48 -35.77 -62.81
C VAL NB 47 -17.97 -35.92 -62.61
N PHE NB 48 -18.72 -34.91 -63.03
CA PHE NB 48 -20.16 -34.82 -62.79
C PHE NB 48 -20.46 -34.93 -61.30
N ALA NB 49 -19.76 -34.12 -60.52
CA ALA NB 49 -19.97 -34.09 -59.08
C ALA NB 49 -21.38 -33.65 -58.74
N HIS NB 50 -21.69 -32.40 -59.04
CA HIS NB 50 -23.03 -31.87 -58.93
C HIS NB 50 -23.74 -32.00 -60.28
N ASN NB 51 -24.98 -31.57 -60.32
CA ASN NB 51 -25.72 -31.39 -61.56
C ASN NB 51 -25.87 -29.90 -61.84
N GLY NB 52 -26.24 -29.59 -63.08
CA GLY NB 52 -26.37 -28.20 -63.46
C GLY NB 52 -27.57 -27.50 -62.87
N GLU NB 53 -28.44 -28.24 -62.18
CA GLU NB 53 -29.57 -27.64 -61.49
C GLU NB 53 -29.27 -27.29 -60.05
N GLN NB 54 -28.20 -27.83 -59.49
CA GLN NB 54 -27.83 -27.53 -58.11
C GLN NB 54 -27.10 -26.21 -57.97
N ILE NB 55 -26.49 -25.72 -59.04
CA ILE NB 55 -25.87 -24.40 -58.99
C ILE NB 55 -26.97 -23.34 -59.01
N LYS NB 56 -26.62 -22.16 -58.53
CA LYS NB 56 -27.54 -21.02 -58.44
C LYS NB 56 -26.86 -19.84 -59.12
N TYR NB 57 -27.22 -19.59 -60.36
CA TYR NB 57 -26.73 -18.41 -61.07
C TYR NB 57 -27.51 -17.21 -60.57
N GLU NB 58 -26.84 -16.33 -59.84
CA GLU NB 58 -27.45 -15.14 -59.26
C GLU NB 58 -26.95 -13.91 -60.01
N HIS NB 59 -27.89 -13.08 -60.41
CA HIS NB 59 -27.62 -11.82 -61.08
C HIS NB 59 -28.88 -10.98 -60.88
N LEU NB 60 -28.80 -9.72 -61.24
CA LEU NB 60 -29.96 -8.85 -61.12
C LEU NB 60 -31.09 -9.40 -61.97
N ASN NB 61 -32.28 -9.47 -61.37
CA ASN NB 61 -33.51 -9.84 -62.06
C ASN NB 61 -33.57 -11.30 -62.45
N VAL NB 62 -32.55 -12.11 -62.17
CA VAL NB 62 -32.51 -13.51 -62.56
C VAL NB 62 -31.76 -14.29 -61.49
N THR NB 63 -32.39 -15.34 -60.97
CA THR NB 63 -31.88 -16.09 -59.84
C THR NB 63 -32.09 -17.58 -60.03
N SER NB 64 -31.82 -18.08 -61.24
CA SER NB 64 -32.09 -19.46 -61.58
C SER NB 64 -30.79 -20.25 -61.64
N SER NB 65 -30.94 -21.54 -61.95
CA SER NB 65 -29.81 -22.45 -62.03
C SER NB 65 -29.09 -22.27 -63.36
N VAL NB 66 -27.82 -22.66 -63.37
CA VAL NB 66 -27.02 -22.51 -64.58
C VAL NB 66 -27.59 -23.35 -65.70
N SER NB 67 -28.14 -24.52 -65.38
CA SER NB 67 -28.72 -25.37 -66.41
C SER NB 67 -29.87 -24.65 -67.12
N ASP NB 68 -30.77 -24.08 -66.33
CA ASP NB 68 -31.89 -23.33 -66.89
C ASP NB 68 -31.40 -22.13 -67.68
N PHE NB 69 -30.40 -21.43 -67.16
CA PHE NB 69 -29.95 -20.23 -67.83
C PHE NB 69 -29.24 -20.56 -69.13
N LEU NB 70 -28.47 -21.64 -69.16
CA LEU NB 70 -27.83 -22.07 -70.38
C LEU NB 70 -28.87 -22.47 -71.42
N THR NB 71 -29.92 -23.17 -70.98
CA THR NB 71 -30.96 -23.54 -71.91
C THR NB 71 -31.66 -22.31 -72.45
N TYR NB 72 -31.88 -21.31 -71.61
CA TYR NB 72 -32.52 -20.08 -72.06
C TYR NB 72 -31.63 -19.34 -73.05
N LEU NB 73 -30.32 -19.32 -72.80
CA LEU NB 73 -29.40 -18.68 -73.72
C LEU NB 73 -29.42 -19.38 -75.07
N ASN NB 74 -29.38 -20.71 -75.06
CA ASN NB 74 -29.44 -21.46 -76.31
C ASN NB 74 -30.75 -21.22 -77.03
N GLY NB 75 -31.85 -21.16 -76.27
CA GLY NB 75 -33.14 -20.93 -76.87
C GLY NB 75 -33.23 -19.58 -77.55
N ARG NB 76 -32.78 -18.53 -76.88
CA ARG NB 76 -32.88 -17.21 -77.47
C ARG NB 76 -31.88 -17.05 -78.62
N PHE NB 77 -30.73 -17.72 -78.54
CA PHE NB 77 -29.81 -17.72 -79.68
C PHE NB 77 -30.47 -18.31 -80.91
N SER NB 78 -31.09 -19.48 -80.74
CA SER NB 78 -31.75 -20.13 -81.87
C SER NB 78 -32.92 -19.29 -82.37
N ASN NB 79 -33.64 -18.65 -81.45
CA ASN NB 79 -34.75 -17.80 -81.85
C ASN NB 79 -34.28 -16.62 -82.67
N MET NB 80 -33.20 -15.96 -82.24
CA MET NB 80 -32.65 -14.85 -83.00
C MET NB 80 -32.19 -15.29 -84.37
N VAL NB 81 -31.52 -16.45 -84.43
CA VAL NB 81 -31.05 -16.96 -85.71
C VAL NB 81 -32.22 -17.22 -86.65
N LEU NB 82 -33.28 -17.85 -86.14
CA LEU NB 82 -34.43 -18.14 -86.98
C LEU NB 82 -35.10 -16.86 -87.45
N GLY NB 83 -35.32 -15.92 -86.54
CA GLY NB 83 -35.98 -14.69 -86.91
C GLY NB 83 -35.20 -13.86 -87.91
N HIS NB 84 -33.87 -13.95 -87.86
CA HIS NB 84 -33.05 -13.23 -88.82
C HIS NB 84 -32.85 -14.00 -90.12
N ASN NB 85 -33.03 -15.33 -90.09
CA ASN NB 85 -33.01 -16.11 -91.31
C ASN NB 85 -34.29 -15.93 -92.12
N GLY NB 86 -35.43 -15.83 -91.44
CA GLY NB 86 -36.69 -15.59 -92.10
C GLY NB 86 -37.35 -16.84 -92.63
N ASP NB 87 -36.85 -17.37 -93.74
CA ASP NB 87 -37.35 -18.60 -94.34
C ASP NB 87 -36.17 -19.51 -94.63
N GLY NB 88 -36.43 -20.82 -94.58
CA GLY NB 88 -35.39 -21.82 -94.65
C GLY NB 88 -35.60 -22.79 -95.81
N ILE NB 89 -34.56 -23.56 -96.07
CA ILE NB 89 -34.59 -24.55 -97.12
C ILE NB 89 -35.30 -25.79 -96.61
N ASN NB 90 -36.01 -26.47 -97.51
CA ASN NB 90 -36.74 -27.68 -97.14
C ASN NB 90 -35.81 -28.76 -96.63
N GLU NB 91 -34.61 -28.86 -97.21
CA GLU NB 91 -33.57 -29.75 -96.71
C GLU NB 91 -33.35 -29.59 -95.21
N VAL NB 92 -33.03 -28.37 -94.78
CA VAL NB 92 -32.76 -28.16 -93.36
C VAL NB 92 -34.04 -28.28 -92.54
N LYS NB 93 -35.18 -27.90 -93.10
CA LYS NB 93 -36.43 -28.02 -92.37
C LYS NB 93 -36.77 -29.47 -92.09
N ASP NB 94 -36.34 -30.38 -92.97
CA ASP NB 94 -36.48 -31.81 -92.73
C ASP NB 94 -35.36 -32.36 -91.88
N ALA NB 95 -34.17 -31.76 -91.94
CA ALA NB 95 -33.02 -32.26 -91.20
C ALA NB 95 -33.04 -31.85 -89.74
N ARG NB 96 -33.79 -30.81 -89.38
CA ARG NB 96 -33.80 -30.35 -87.99
C ARG NB 96 -34.34 -31.41 -87.03
N VAL NB 97 -35.03 -32.42 -87.53
CA VAL NB 97 -35.49 -33.53 -86.70
C VAL NB 97 -34.34 -34.51 -86.50
N ASP NB 98 -34.31 -35.15 -85.33
CA ASP NB 98 -33.23 -36.05 -84.98
C ASP NB 98 -33.62 -37.50 -85.29
N ASN NB 99 -32.65 -38.38 -85.17
CA ASN NB 99 -32.88 -39.79 -85.47
C ASN NB 99 -33.85 -40.42 -84.48
N THR NB 100 -33.96 -39.85 -83.28
CA THR NB 100 -34.89 -40.34 -82.27
C THR NB 100 -36.27 -39.71 -82.38
N GLY NB 101 -36.55 -38.98 -83.46
CA GLY NB 101 -37.87 -38.44 -83.67
C GLY NB 101 -38.21 -37.27 -82.77
N TYR NB 102 -37.53 -36.14 -82.95
CA TYR NB 102 -37.80 -34.95 -82.16
C TYR NB 102 -37.42 -33.73 -82.96
N ASP NB 103 -38.40 -32.88 -83.27
CA ASP NB 103 -38.11 -31.65 -83.99
C ASP NB 103 -37.39 -30.67 -83.10
N HIS NB 104 -36.36 -30.04 -83.65
CA HIS NB 104 -35.53 -29.08 -82.94
C HIS NB 104 -35.83 -27.68 -83.47
N LYS NB 105 -35.13 -26.71 -82.90
CA LYS NB 105 -35.23 -25.33 -83.37
C LYS NB 105 -34.33 -25.10 -84.57
N THR NB 106 -33.11 -25.62 -84.53
CA THR NB 106 -32.17 -25.46 -85.63
C THR NB 106 -31.38 -26.74 -85.85
N LEU NB 107 -30.88 -26.86 -87.07
CA LEU NB 107 -29.98 -27.95 -87.43
C LEU NB 107 -28.78 -28.00 -86.52
N GLN NB 108 -28.30 -26.86 -86.02
CA GLN NB 108 -27.18 -26.87 -85.10
C GLN NB 108 -27.54 -27.62 -83.83
N ASP NB 109 -28.70 -27.32 -83.26
CA ASP NB 109 -29.13 -28.03 -82.06
C ASP NB 109 -29.29 -29.50 -82.35
N ARG NB 110 -29.81 -29.84 -83.52
CA ARG NB 110 -30.02 -31.25 -83.83
C ARG NB 110 -28.69 -31.99 -83.96
N LEU NB 111 -27.76 -31.41 -84.72
CA LEU NB 111 -26.44 -32.02 -84.87
C LEU NB 111 -25.76 -32.14 -83.53
N TYR NB 112 -25.91 -31.14 -82.66
CA TYR NB 112 -25.31 -31.21 -81.32
C TYR NB 112 -25.86 -32.40 -80.57
N HIS NB 113 -27.18 -32.51 -80.51
CA HIS NB 113 -27.79 -33.57 -79.71
C HIS NB 113 -27.39 -34.92 -80.23
N ASP NB 114 -27.36 -35.10 -81.54
CA ASP NB 114 -27.03 -36.40 -82.08
C ASP NB 114 -25.55 -36.73 -81.87
N TYR NB 115 -24.65 -35.77 -82.07
CA TYR NB 115 -23.24 -36.01 -81.80
C TYR NB 115 -23.02 -36.35 -80.34
N SER NB 116 -23.69 -35.63 -79.44
CA SER NB 116 -23.46 -35.87 -78.03
C SER NB 116 -23.99 -37.23 -77.63
N THR NB 117 -25.12 -37.64 -78.19
CA THR NB 117 -25.63 -38.98 -77.94
C THR NB 117 -24.63 -40.03 -78.40
N LEU NB 118 -24.13 -39.88 -79.62
CA LEU NB 118 -23.18 -40.86 -80.14
C LEU NB 118 -21.89 -40.86 -79.35
N ASP NB 119 -21.42 -39.69 -78.93
CA ASP NB 119 -20.19 -39.62 -78.17
C ASP NB 119 -20.38 -40.26 -76.82
N ALA NB 120 -21.51 -40.00 -76.16
CA ALA NB 120 -21.79 -40.64 -74.88
C ALA NB 120 -21.89 -42.15 -75.04
N PHE NB 121 -22.45 -42.61 -76.15
CA PHE NB 121 -22.58 -44.05 -76.36
C PHE NB 121 -21.22 -44.69 -76.55
N THR NB 122 -20.40 -44.13 -77.42
CA THR NB 122 -19.04 -44.65 -77.63
C THR NB 122 -18.21 -44.53 -76.36
N LYS NB 123 -18.44 -43.50 -75.57
CA LYS NB 123 -17.67 -43.29 -74.35
C LYS NB 123 -18.09 -44.27 -73.28
N LYS NB 124 -19.39 -44.55 -73.18
CA LYS NB 124 -19.87 -45.59 -72.28
C LYS NB 124 -19.31 -46.94 -72.69
N VAL NB 125 -19.23 -47.19 -73.99
CA VAL NB 125 -18.70 -48.46 -74.48
C VAL NB 125 -17.24 -48.62 -74.07
N GLU NB 126 -16.41 -47.60 -74.34
CA GLU NB 126 -15.01 -47.73 -74.00
C GLU NB 126 -14.80 -47.74 -72.50
N LYS NB 127 -15.67 -47.06 -71.75
CA LYS NB 127 -15.60 -47.13 -70.30
C LYS NB 127 -15.87 -48.54 -69.81
N ALA NB 128 -16.91 -49.17 -70.35
CA ALA NB 128 -17.19 -50.55 -69.98
C ALA NB 128 -16.03 -51.47 -70.36
N VAL NB 129 -15.43 -51.22 -71.53
CA VAL NB 129 -14.28 -52.02 -71.96
C VAL NB 129 -13.15 -51.90 -70.97
N ASP NB 130 -12.78 -50.66 -70.62
CA ASP NB 130 -11.70 -50.42 -69.69
C ASP NB 130 -12.02 -51.00 -68.33
N GLU NB 131 -13.28 -50.91 -67.91
CA GLU NB 131 -13.68 -51.45 -66.63
C GLU NB 131 -13.51 -52.97 -66.59
N ASN NB 132 -13.98 -53.64 -67.63
CA ASN NB 132 -13.84 -55.09 -67.69
C ASN NB 132 -12.38 -55.49 -67.74
N TYR NB 133 -11.57 -54.73 -68.45
CA TYR NB 133 -10.15 -55.06 -68.53
C TYR NB 133 -9.48 -54.88 -67.17
N LYS NB 134 -9.80 -53.81 -66.47
CA LYS NB 134 -9.20 -53.60 -65.15
C LYS NB 134 -9.66 -54.67 -64.18
N GLU NB 135 -10.93 -55.07 -64.27
CA GLU NB 135 -11.44 -56.12 -63.41
C GLU NB 135 -10.73 -57.44 -63.69
N TYR NB 136 -10.49 -57.74 -64.97
CA TYR NB 136 -9.77 -58.97 -65.29
C TYR NB 136 -8.34 -58.91 -64.82
N ARG NB 137 -7.67 -57.77 -64.98
CA ARG NB 137 -6.30 -57.64 -64.50
C ARG NB 137 -6.25 -57.82 -63.00
N ALA NB 138 -7.24 -57.28 -62.29
CA ALA NB 138 -7.33 -57.47 -60.85
C ALA NB 138 -7.47 -58.94 -60.52
N THR NB 139 -8.50 -59.60 -61.06
CA THR NB 139 -8.76 -60.98 -60.72
C THR NB 139 -7.63 -61.91 -61.11
N GLU NB 140 -6.83 -61.53 -62.11
CA GLU NB 140 -5.66 -62.32 -62.45
C GLU NB 140 -4.55 -62.08 -61.45
N TYR NB 141 -4.12 -60.83 -61.31
CA TYR NB 141 -2.91 -60.53 -60.54
C TYR NB 141 -3.22 -60.59 -59.05
N ARG NB 142 -4.06 -59.69 -58.57
CA ARG NB 142 -4.63 -59.72 -57.23
C ARG NB 142 -3.54 -59.85 -56.15
N PHE NB 143 -2.79 -58.77 -56.02
CA PHE NB 143 -1.69 -58.70 -55.07
C PHE NB 143 -1.98 -57.63 -54.03
N GLU NB 144 -3.15 -57.72 -53.40
CA GLU NB 144 -3.52 -56.86 -52.29
C GLU NB 144 -3.41 -57.64 -50.99
N PRO NB 145 -2.33 -57.50 -50.22
CA PRO NB 145 -2.27 -58.20 -48.93
C PRO NB 145 -3.31 -57.74 -47.94
N LYS NB 146 -3.75 -56.49 -48.02
CA LYS NB 146 -4.71 -55.95 -47.06
C LYS NB 146 -6.04 -56.69 -47.06
N GLU NB 147 -6.33 -57.47 -48.10
CA GLU NB 147 -7.51 -58.31 -48.16
C GLU NB 147 -7.18 -59.80 -48.19
N GLN NB 148 -6.11 -60.17 -48.88
CA GLN NB 148 -5.82 -61.57 -49.10
C GLN NB 148 -5.51 -62.26 -47.78
N GLU NB 149 -5.54 -63.58 -47.82
CA GLU NB 149 -5.22 -64.44 -46.70
C GLU NB 149 -3.99 -65.27 -47.04
N PRO NB 150 -3.01 -65.38 -46.15
CA PRO NB 150 -1.83 -66.16 -46.50
C PRO NB 150 -2.14 -67.63 -46.68
N GLU NB 151 -1.24 -68.29 -47.40
CA GLU NB 151 -1.38 -69.69 -47.75
C GLU NB 151 -0.10 -70.41 -47.42
N PHE NB 152 -0.23 -71.62 -46.90
CA PHE NB 152 0.93 -72.39 -46.52
C PHE NB 152 1.73 -72.77 -47.75
N ILE NB 153 3.04 -72.89 -47.55
CA ILE NB 153 3.93 -73.43 -48.56
C ILE NB 153 4.71 -74.60 -47.96
N THR NB 154 5.49 -74.30 -46.93
CA THR NB 154 6.41 -75.31 -46.43
C THR NB 154 6.83 -74.97 -45.02
N ASP NB 155 7.56 -75.91 -44.44
CA ASP NB 155 8.29 -75.75 -43.20
C ASP NB 155 9.76 -75.91 -43.52
N LEU NB 156 10.60 -75.27 -42.73
CA LEU NB 156 12.03 -75.31 -42.91
C LEU NB 156 12.64 -76.20 -41.83
N SER NB 157 13.66 -76.95 -42.23
CA SER NB 157 14.31 -77.94 -41.36
C SER NB 157 15.78 -77.59 -41.18
N PRO NB 158 16.08 -76.50 -40.49
CA PRO NB 158 17.47 -76.20 -40.16
C PRO NB 158 17.93 -77.02 -38.97
N TYR NB 159 19.15 -77.56 -39.08
CA TYR NB 159 19.74 -78.34 -38.00
C TYR NB 159 20.49 -77.38 -37.07
N THR NB 160 19.70 -76.56 -36.40
CA THR NB 160 20.16 -75.73 -35.29
C THR NB 160 18.93 -75.15 -34.61
N ASN NB 161 18.92 -75.19 -33.27
CA ASN NB 161 17.76 -74.80 -32.49
C ASN NB 161 17.87 -73.31 -32.17
N ALA NB 162 17.15 -72.51 -32.92
CA ALA NB 162 17.03 -71.08 -32.65
C ALA NB 162 15.93 -70.55 -33.56
N VAL NB 163 15.71 -69.27 -33.47
CA VAL NB 163 14.62 -68.61 -34.17
C VAL NB 163 15.04 -68.32 -35.60
N MET NB 164 14.08 -68.37 -36.52
CA MET NB 164 14.33 -68.04 -37.92
C MET NB 164 14.30 -66.54 -38.07
N GLN NB 165 15.43 -65.90 -37.77
CA GLN NB 165 15.48 -64.44 -37.74
C GLN NB 165 15.12 -63.84 -39.10
N SER NB 166 15.36 -64.57 -40.18
CA SER NB 166 14.86 -64.15 -41.49
C SER NB 166 15.09 -65.25 -42.49
N PHE NB 167 14.60 -65.05 -43.70
CA PHE NB 167 14.74 -66.01 -44.77
C PHE NB 167 14.63 -65.32 -46.11
N TRP NB 168 15.11 -66.02 -47.14
CA TRP NB 168 15.04 -65.51 -48.50
C TRP NB 168 15.22 -66.68 -49.46
N VAL NB 169 14.31 -66.83 -50.38
CA VAL NB 169 14.38 -67.85 -51.40
C VAL NB 169 14.85 -67.19 -52.68
N ASP NB 170 15.56 -67.96 -53.52
CA ASP NB 170 16.12 -67.46 -54.77
C ASP NB 170 15.33 -67.97 -55.98
N PRO NB 171 14.96 -67.11 -56.96
CA PRO NB 171 14.17 -67.61 -58.09
C PRO NB 171 14.91 -68.53 -59.05
N ARG NB 172 16.12 -68.18 -59.44
CA ARG NB 172 16.80 -68.88 -60.51
C ARG NB 172 17.46 -70.18 -60.06
N THR NB 173 17.28 -70.54 -58.79
CA THR NB 173 17.91 -71.72 -58.22
C THR NB 173 16.98 -72.56 -57.36
N LYS NB 174 15.91 -71.98 -56.81
CA LYS NB 174 14.98 -72.69 -55.93
C LYS NB 174 15.71 -73.24 -54.71
N ILE NB 175 16.21 -72.29 -53.91
CA ILE NB 175 17.00 -72.59 -52.72
C ILE NB 175 16.72 -71.50 -51.70
N ILE NB 176 16.66 -71.90 -50.43
CA ILE NB 176 16.27 -71.00 -49.35
C ILE NB 176 17.46 -70.79 -48.46
N TYR NB 177 17.84 -69.53 -48.24
CA TYR NB 177 18.83 -69.15 -47.26
C TYR NB 177 18.10 -68.54 -46.08
N MET NB 178 18.21 -69.16 -44.92
CA MET NB 178 17.55 -68.70 -43.71
C MET NB 178 18.60 -68.32 -42.68
N THR NB 179 18.44 -67.14 -42.08
CA THR NB 179 19.36 -66.61 -41.10
C THR NB 179 18.77 -66.76 -39.71
N GLN NB 180 19.58 -67.32 -38.80
CA GLN NB 180 19.28 -67.38 -37.38
C GLN NB 180 20.46 -66.82 -36.60
N ALA NB 181 20.21 -66.33 -35.40
CA ALA NB 181 21.23 -65.72 -34.56
C ALA NB 181 21.59 -66.68 -33.44
N ARG NB 182 22.84 -67.10 -33.37
CA ARG NB 182 23.27 -68.09 -32.40
C ARG NB 182 23.62 -67.40 -31.09
N PRO NB 183 23.85 -68.16 -30.03
CA PRO NB 183 24.34 -67.55 -28.79
C PRO NB 183 25.63 -66.77 -29.00
N GLY NB 184 25.59 -65.50 -28.68
CA GLY NB 184 26.65 -64.57 -28.98
C GLY NB 184 26.31 -63.77 -30.23
N ASN NB 185 27.26 -62.92 -30.62
CA ASN NB 185 27.07 -62.12 -31.81
C ASN NB 185 27.15 -62.93 -33.10
N HIS NB 186 27.53 -64.21 -33.03
CA HIS NB 186 27.65 -64.99 -34.25
C HIS NB 186 26.28 -65.50 -34.69
N TYR NB 187 26.22 -65.89 -35.96
CA TYR NB 187 24.92 -66.22 -36.55
C TYR NB 187 25.09 -67.22 -37.67
N MET NB 188 24.09 -68.08 -37.80
CA MET NB 188 24.07 -69.13 -38.79
C MET NB 188 23.19 -68.72 -39.96
N LEU NB 189 23.58 -69.16 -41.14
CA LEU NB 189 22.69 -69.10 -42.30
C LEU NB 189 22.72 -70.45 -42.99
N SER NB 190 21.55 -71.06 -43.10
CA SER NB 190 21.39 -72.41 -43.60
C SER NB 190 20.80 -72.36 -44.98
N ARG NB 191 21.42 -73.07 -45.91
CA ARG NB 191 20.95 -73.19 -47.28
C ARG NB 191 20.24 -74.52 -47.39
N LEU NB 192 18.97 -74.46 -47.82
CA LEU NB 192 18.05 -75.57 -47.82
C LEU NB 192 17.32 -75.66 -49.15
N LYS NB 193 16.69 -76.81 -49.36
CA LYS NB 193 15.83 -77.04 -50.50
C LYS NB 193 14.49 -76.37 -50.27
N PRO NB 194 13.62 -76.34 -51.27
CA PRO NB 194 12.31 -75.70 -51.06
C PRO NB 194 11.43 -76.44 -50.07
N ASN NB 195 11.50 -77.77 -50.05
CA ASN NB 195 10.67 -78.53 -49.12
C ASN NB 195 11.12 -78.35 -47.68
N GLY NB 196 12.41 -78.13 -47.47
CA GLY NB 196 12.96 -77.96 -46.13
C GLY NB 196 14.27 -78.68 -45.91
N GLN NB 197 14.54 -79.71 -46.72
CA GLN NB 197 15.73 -80.53 -46.59
C GLN NB 197 16.98 -79.68 -46.49
N PHE NB 198 17.92 -80.17 -45.68
CA PHE NB 198 19.15 -79.44 -45.37
C PHE NB 198 20.21 -79.73 -46.42
N ILE NB 199 20.69 -78.69 -47.10
CA ILE NB 199 21.82 -78.81 -48.00
C ILE NB 199 23.10 -78.54 -47.23
N ASP NB 200 23.25 -77.34 -46.71
CA ASP NB 200 24.45 -77.06 -45.91
C ASP NB 200 24.21 -75.77 -45.11
N ARG NB 201 25.26 -75.29 -44.46
CA ARG NB 201 25.15 -74.08 -43.65
C ARG NB 201 26.48 -73.38 -43.57
N LEU NB 202 26.42 -72.13 -43.11
CA LEU NB 202 27.59 -71.32 -42.85
C LEU NB 202 27.36 -70.59 -41.53
N LEU NB 203 28.44 -70.42 -40.79
CA LEU NB 203 28.43 -69.72 -39.51
C LEU NB 203 29.30 -68.49 -39.64
N VAL NB 204 28.67 -67.33 -39.56
CA VAL NB 204 29.37 -66.05 -39.54
C VAL NB 204 29.74 -65.76 -38.09
N LYS NB 205 31.04 -65.70 -37.83
CA LYS NB 205 31.51 -65.40 -36.50
C LYS NB 205 31.49 -63.91 -36.26
N ASN NB 206 31.00 -63.51 -35.08
CA ASN NB 206 30.87 -62.10 -34.73
C ASN NB 206 29.97 -61.35 -35.70
N GLY NB 207 29.06 -62.06 -36.36
CA GLY NB 207 28.24 -61.48 -37.41
C GLY NB 207 26.98 -60.80 -36.94
N GLY NB 208 26.86 -60.55 -35.65
CA GLY NB 208 25.69 -59.87 -35.19
C GLY NB 208 24.47 -60.78 -35.27
N HIS NB 209 23.30 -60.15 -35.13
CA HIS NB 209 22.06 -60.91 -35.12
C HIS NB 209 21.73 -61.42 -36.51
N GLY NB 210 22.12 -60.68 -37.54
CA GLY NB 210 21.81 -61.08 -38.90
C GLY NB 210 20.32 -61.08 -39.13
N THR NB 211 19.68 -59.94 -38.87
CA THR NB 211 18.23 -59.88 -38.93
C THR NB 211 17.72 -60.00 -40.35
N HIS NB 212 18.49 -59.54 -41.33
CA HIS NB 212 18.14 -59.76 -42.72
C HIS NB 212 19.36 -59.45 -43.58
N ASN NB 213 19.49 -60.19 -44.67
CA ASN NB 213 20.61 -60.07 -45.58
C ASN NB 213 20.07 -59.96 -46.99
N ALA NB 214 20.80 -59.24 -47.84
CA ALA NB 214 20.38 -59.01 -49.21
C ALA NB 214 21.12 -59.98 -50.12
N TYR NB 215 20.41 -60.55 -51.08
CA TYR NB 215 20.95 -61.54 -51.98
C TYR NB 215 20.81 -61.03 -53.40
N ARG NB 216 21.93 -60.68 -54.01
CA ARG NB 216 21.99 -60.13 -55.33
C ARG NB 216 22.62 -61.13 -56.28
N TYR NB 217 22.15 -61.10 -57.52
CA TYR NB 217 22.68 -61.93 -58.59
C TYR NB 217 23.29 -60.99 -59.62
N ILE NB 218 24.59 -61.14 -59.87
CA ILE NB 218 25.30 -60.35 -60.87
C ILE NB 218 25.84 -61.31 -61.91
N GLY NB 219 25.04 -61.59 -62.93
CA GLY NB 219 25.44 -62.49 -63.99
C GLY NB 219 25.83 -63.86 -63.48
N ASN NB 220 24.90 -64.54 -62.84
CA ASN NB 220 25.13 -65.87 -62.27
C ASN NB 220 26.27 -65.84 -61.25
N GLU NB 221 26.30 -64.80 -60.42
CA GLU NB 221 27.24 -64.67 -59.32
C GLU NB 221 26.46 -64.16 -58.13
N LEU NB 222 26.37 -64.98 -57.09
CA LEU NB 222 25.53 -64.68 -55.93
C LEU NB 222 26.34 -63.92 -54.90
N TRP NB 223 26.01 -62.66 -54.70
CA TRP NB 223 26.59 -61.85 -53.65
C TRP NB 223 25.60 -61.70 -52.52
N ILE NB 224 26.11 -61.79 -51.29
CA ILE NB 224 25.32 -61.64 -50.08
C ILE NB 224 25.85 -60.40 -49.40
N TYR NB 225 24.99 -59.40 -49.29
CA TYR NB 225 25.26 -58.21 -48.50
C TYR NB 225 24.73 -58.46 -47.10
N SER NB 226 25.56 -58.18 -46.10
CA SER NB 226 25.27 -58.56 -44.74
C SER NB 226 25.80 -57.50 -43.79
N ALA NB 227 25.39 -57.62 -42.53
CA ALA NB 227 25.84 -56.76 -41.46
C ALA NB 227 26.62 -57.61 -40.47
N VAL NB 228 27.91 -57.32 -40.32
CA VAL NB 228 28.77 -58.02 -39.38
C VAL NB 228 29.74 -57.03 -38.78
N LEU NB 229 30.14 -57.28 -37.55
CA LEU NB 229 31.16 -56.48 -36.88
C LEU NB 229 32.35 -57.37 -36.55
N ASP NB 230 33.53 -56.76 -36.54
CA ASP NB 230 34.77 -57.46 -36.28
C ASP NB 230 35.44 -56.85 -35.05
N ALA NB 231 36.01 -57.73 -34.22
CA ALA NB 231 36.81 -57.32 -33.06
C ALA NB 231 36.04 -56.39 -32.13
N ASN NB 232 34.71 -56.46 -32.16
CA ASN NB 232 33.85 -55.62 -31.34
C ASN NB 232 34.13 -54.13 -31.57
N GLU NB 233 34.50 -53.79 -32.80
CA GLU NB 233 34.77 -52.39 -33.14
C GLU NB 233 33.49 -51.65 -33.51
N ASN NB 234 32.84 -52.10 -34.58
CA ASN NB 234 31.66 -51.39 -35.09
C ASN NB 234 31.03 -52.20 -36.20
N ASN NB 235 29.86 -51.73 -36.65
CA ASN NB 235 29.08 -52.43 -37.65
C ASN NB 235 29.64 -52.17 -39.04
N LYS NB 236 29.94 -53.25 -39.74
CA LYS NB 236 30.40 -53.21 -41.13
C LYS NB 236 29.32 -53.82 -42.02
N PHE NB 237 29.06 -53.16 -43.13
CA PHE NB 237 28.18 -53.64 -44.18
C PHE NB 237 29.04 -54.21 -45.29
N VAL NB 238 28.90 -55.51 -45.55
CA VAL NB 238 29.94 -56.28 -46.22
C VAL NB 238 29.34 -57.22 -47.25
N ARG NB 239 30.06 -57.40 -48.36
CA ARG NB 239 29.73 -58.37 -49.38
C ARG NB 239 30.50 -59.66 -49.17
N PHE NB 240 29.88 -60.78 -49.57
CA PHE NB 240 30.63 -62.02 -49.65
C PHE NB 240 29.88 -63.01 -50.53
N GLN NB 241 30.46 -64.21 -50.64
CA GLN NB 241 29.89 -65.33 -51.39
C GLN NB 241 29.58 -66.46 -50.43
N TYR NB 242 28.60 -67.28 -50.81
CA TYR NB 242 28.25 -68.41 -49.97
C TYR NB 242 29.35 -69.46 -49.98
N ARG NB 243 29.64 -70.01 -48.81
CA ARG NB 243 30.61 -71.08 -48.68
C ARG NB 243 30.30 -71.84 -47.39
N THR NB 244 30.15 -73.15 -47.49
CA THR NB 244 29.79 -73.94 -46.33
C THR NB 244 30.88 -73.88 -45.27
N GLY NB 245 30.46 -73.91 -44.01
CA GLY NB 245 31.38 -73.99 -42.89
C GLY NB 245 31.38 -72.75 -42.02
N GLU NB 246 32.47 -72.00 -42.03
CA GLU NB 246 32.63 -70.83 -41.19
C GLU NB 246 33.21 -69.68 -41.99
N ILE NB 247 32.93 -68.47 -41.51
CA ILE NB 247 33.51 -67.26 -42.08
C ILE NB 247 33.55 -66.19 -41.01
N THR NB 248 34.34 -65.14 -41.28
CA THR NB 248 34.45 -64.00 -40.40
C THR NB 248 35.09 -62.87 -41.19
N TYR NB 249 34.89 -61.64 -40.71
CA TYR NB 249 35.34 -60.48 -41.46
C TYR NB 249 36.86 -60.46 -41.56
N GLY NB 250 37.34 -60.27 -42.78
CA GLY NB 250 38.77 -60.22 -43.03
C GLY NB 250 39.09 -60.27 -44.50
N ASN NB 251 40.02 -61.15 -44.87
CA ASN NB 251 40.42 -61.25 -46.27
C ASN NB 251 39.33 -61.87 -47.13
N GLU NB 252 38.49 -62.73 -46.54
CA GLU NB 252 37.45 -63.42 -47.30
C GLU NB 252 36.22 -62.57 -47.54
N MET NB 253 36.15 -61.37 -46.96
CA MET NB 253 34.96 -60.53 -47.05
C MET NB 253 35.40 -59.10 -47.28
N GLN NB 254 34.73 -58.43 -48.22
CA GLN NB 254 35.11 -57.09 -48.65
C GLN NB 254 33.97 -56.11 -48.36
N ASP NB 255 34.30 -55.03 -47.66
CA ASP NB 255 33.31 -54.01 -47.36
C ASP NB 255 32.88 -53.31 -48.62
N VAL NB 256 31.90 -52.42 -48.48
CA VAL NB 256 31.39 -51.60 -49.57
C VAL NB 256 31.22 -50.18 -49.05
N MET NB 257 32.00 -49.24 -49.62
CA MET NB 257 32.07 -47.82 -49.25
C MET NB 257 31.98 -47.68 -47.74
N PRO NB 258 33.00 -48.07 -47.00
CA PRO NB 258 32.85 -48.08 -45.53
C PRO NB 258 32.72 -46.70 -44.94
N ASN NB 259 33.50 -45.75 -45.47
CA ASN NB 259 33.64 -44.42 -44.89
C ASN NB 259 32.32 -43.65 -44.79
N ILE NB 260 31.29 -44.06 -45.51
CA ILE NB 260 30.09 -43.25 -45.66
C ILE NB 260 28.92 -43.75 -44.81
N PHE NB 261 28.80 -45.06 -44.57
CA PHE NB 261 27.74 -45.56 -43.67
C PHE NB 261 28.22 -46.68 -42.75
N ASN NB 262 29.47 -46.64 -42.30
CA ASN NB 262 29.90 -47.43 -41.14
C ASN NB 262 30.05 -46.58 -39.89
N ASP NB 263 29.11 -45.65 -39.71
CA ASP NB 263 28.98 -44.90 -38.46
C ASP NB 263 27.79 -45.35 -37.63
N ARG NB 264 26.92 -46.19 -38.17
CA ARG NB 264 25.75 -46.67 -37.44
C ARG NB 264 25.36 -48.02 -38.02
N TYR NB 265 24.59 -48.77 -37.22
CA TYR NB 265 24.16 -50.10 -37.62
C TYR NB 265 23.37 -50.04 -38.91
N THR NB 266 23.63 -50.98 -39.80
CA THR NB 266 23.09 -50.93 -41.14
C THR NB 266 22.89 -52.35 -41.65
N SER NB 267 21.81 -52.52 -42.41
CA SER NB 267 21.51 -53.78 -43.08
C SER NB 267 20.83 -53.45 -44.39
N ALA NB 268 20.62 -54.47 -45.22
CA ALA NB 268 20.15 -54.22 -46.57
C ALA NB 268 19.26 -55.35 -47.07
N ILE NB 269 18.48 -55.01 -48.09
CA ILE NB 269 17.77 -55.97 -48.91
C ILE NB 269 17.92 -55.54 -50.36
N TYR NB 270 17.60 -56.46 -51.27
CA TYR NB 270 17.77 -56.25 -52.70
C TYR NB 270 16.46 -56.55 -53.42
N ASN NB 271 16.07 -55.64 -54.30
CA ASN NB 271 14.93 -55.83 -55.19
C ASN NB 271 15.48 -55.90 -56.61
N PRO NB 272 15.47 -57.06 -57.28
CA PRO NB 272 16.13 -57.14 -58.60
C PRO NB 272 15.33 -56.53 -59.73
N ILE NB 273 14.01 -56.41 -59.58
CA ILE NB 273 13.19 -55.89 -60.67
C ILE NB 273 13.55 -54.45 -60.96
N GLU NB 274 13.61 -53.63 -59.92
CA GLU NB 274 14.08 -52.25 -60.03
C GLU NB 274 15.58 -52.10 -59.84
N ASN NB 275 16.28 -53.17 -59.46
CA ASN NB 275 17.72 -53.14 -59.23
C ASN NB 275 18.07 -52.13 -58.14
N LEU NB 276 17.39 -52.28 -57.01
CA LEU NB 276 17.54 -51.39 -55.88
C LEU NB 276 18.04 -52.13 -54.66
N MET NB 277 18.75 -51.40 -53.80
CA MET NB 277 19.33 -51.91 -52.57
C MET NB 277 18.80 -51.03 -51.44
N ILE NB 278 17.77 -51.51 -50.77
CA ILE NB 278 17.13 -50.77 -49.70
C ILE NB 278 17.94 -50.97 -48.44
N PHE NB 279 18.47 -49.89 -47.90
CA PHE NB 279 19.32 -49.93 -46.72
C PHE NB 279 18.49 -49.51 -45.51
N ARG NB 280 18.32 -50.42 -44.59
CA ARG NB 280 17.85 -50.07 -43.27
C ARG NB 280 19.04 -49.57 -42.47
N ARG NB 281 18.86 -48.50 -41.72
CA ARG NB 281 19.95 -47.86 -41.00
C ARG NB 281 19.39 -47.38 -39.67
N GLU NB 282 19.97 -47.88 -38.59
CA GLU NB 282 19.50 -47.58 -37.25
C GLU NB 282 20.01 -46.21 -36.80
N TYR NB 283 19.42 -45.72 -35.72
CA TYR NB 283 19.79 -44.46 -35.10
C TYR NB 283 20.53 -44.73 -33.79
N LYS NB 284 21.33 -43.76 -33.40
CA LYS NB 284 21.92 -43.77 -32.06
C LYS NB 284 20.91 -43.25 -31.06
N ALA NB 285 21.22 -43.46 -29.77
CA ALA NB 285 20.31 -43.05 -28.72
C ALA NB 285 20.14 -41.55 -28.69
N SER NB 286 21.24 -40.81 -28.88
CA SER NB 286 21.17 -39.35 -28.81
C SER NB 286 20.29 -38.79 -29.92
N GLU NB 287 20.50 -39.24 -31.15
CA GLU NB 287 19.65 -38.80 -32.26
C GLU NB 287 18.21 -39.25 -32.05
N ARG NB 288 18.04 -40.45 -31.49
CA ARG NB 288 16.71 -40.98 -31.24
C ARG NB 288 15.93 -40.13 -30.26
N GLN NB 289 16.62 -39.54 -29.28
CA GLN NB 289 15.96 -38.67 -28.31
C GLN NB 289 15.15 -37.58 -28.97
N LEU NB 290 15.65 -37.04 -30.09
CA LEU NB 290 14.94 -36.00 -30.84
C LEU NB 290 14.11 -36.55 -31.98
N LYS NB 291 14.50 -37.68 -32.56
CA LYS NB 291 13.79 -38.20 -33.72
C LYS NB 291 12.51 -38.94 -33.34
N ASN NB 292 12.44 -39.49 -32.13
CA ASN NB 292 11.32 -40.34 -31.72
C ASN NB 292 11.19 -41.53 -32.65
N SER NB 293 12.30 -42.21 -32.90
CA SER NB 293 12.30 -43.31 -33.85
C SER NB 293 13.62 -44.06 -33.77
N LEU NB 294 13.59 -45.31 -34.20
CA LEU NB 294 14.74 -46.20 -34.10
C LEU NB 294 15.51 -46.38 -35.39
N ASN NB 295 14.83 -46.32 -36.53
CA ASN NB 295 15.52 -46.65 -37.78
C ASN NB 295 14.87 -45.94 -38.94
N PHE NB 296 15.61 -45.90 -40.03
CA PHE NB 296 15.19 -45.22 -41.23
C PHE NB 296 15.72 -45.99 -42.43
N VAL NB 297 14.93 -45.99 -43.49
CA VAL NB 297 15.19 -46.79 -44.68
C VAL NB 297 15.50 -45.85 -45.82
N GLU NB 298 16.57 -46.16 -46.55
CA GLU NB 298 17.01 -45.42 -47.71
C GLU NB 298 16.85 -46.30 -48.94
N VAL NB 299 16.36 -45.71 -50.01
CA VAL NB 299 16.47 -46.34 -51.32
C VAL NB 299 17.78 -45.90 -51.95
N ARG NB 300 18.35 -46.77 -52.76
CA ARG NB 300 19.52 -46.43 -53.57
C ARG NB 300 19.66 -47.53 -54.61
N SER NB 301 20.46 -47.25 -55.63
CA SER NB 301 20.60 -48.13 -56.77
C SER NB 301 21.89 -48.94 -56.67
N ALA NB 302 21.79 -50.21 -57.07
CA ALA NB 302 22.91 -51.12 -56.91
C ALA NB 302 24.06 -50.75 -57.83
N ASP NB 303 23.77 -50.20 -59.00
CA ASP NB 303 24.86 -49.76 -59.88
C ASP NB 303 25.60 -48.60 -59.26
N ASP NB 304 24.87 -47.69 -58.59
CA ASP NB 304 25.51 -46.61 -57.87
C ASP NB 304 26.40 -47.15 -56.76
N ILE NB 305 25.88 -48.13 -56.02
CA ILE NB 305 26.67 -48.74 -54.95
C ILE NB 305 27.93 -49.38 -55.53
N ASP NB 306 27.81 -50.03 -56.67
CA ASP NB 306 28.95 -50.69 -57.29
C ASP NB 306 30.02 -49.67 -57.66
N LYS NB 307 29.66 -48.69 -58.48
CA LYS NB 307 30.65 -47.73 -58.95
C LYS NB 307 30.90 -46.60 -57.96
N GLY NB 308 30.43 -46.73 -56.71
CA GLY NB 308 30.88 -45.91 -55.62
C GLY NB 308 30.03 -44.70 -55.33
N ILE NB 309 29.32 -44.18 -56.33
CA ILE NB 309 28.55 -42.97 -56.14
C ILE NB 309 27.42 -43.23 -55.16
N ASP NB 310 27.19 -42.27 -54.27
CA ASP NB 310 26.18 -42.37 -53.24
C ASP NB 310 24.93 -41.58 -53.64
N LYS NB 311 23.77 -42.15 -53.36
CA LYS NB 311 22.51 -41.47 -53.58
C LYS NB 311 21.54 -41.90 -52.49
N VAL NB 312 20.83 -40.94 -51.92
CA VAL NB 312 20.02 -41.15 -50.73
C VAL NB 312 18.57 -40.85 -51.07
N LEU NB 313 18.18 -41.11 -52.32
CA LEU NB 313 16.81 -40.87 -52.74
C LEU NB 313 15.85 -41.71 -51.92
N TYR NB 314 14.71 -41.12 -51.58
CA TYR NB 314 13.65 -41.82 -50.87
C TYR NB 314 14.16 -42.39 -49.54
N GLN NB 315 14.45 -41.46 -48.65
CA GLN NB 315 14.78 -41.74 -47.26
C GLN NB 315 13.54 -41.54 -46.42
N MET NB 316 13.39 -42.37 -45.39
CA MET NB 316 12.17 -42.33 -44.58
C MET NB 316 12.42 -42.92 -43.22
N ASP NB 317 12.08 -42.16 -42.18
CA ASP NB 317 12.13 -42.65 -40.82
C ASP NB 317 10.96 -43.60 -40.58
N ILE NB 318 11.04 -44.32 -39.45
CA ILE NB 318 9.95 -45.19 -39.00
C ILE NB 318 9.53 -44.73 -37.62
N PRO NB 319 8.25 -44.47 -37.36
CA PRO NB 319 7.85 -44.12 -36.00
C PRO NB 319 8.10 -45.27 -35.04
N MET NB 320 8.09 -44.96 -33.75
CA MET NB 320 8.47 -45.94 -32.74
C MET NB 320 7.45 -47.07 -32.68
N GLU NB 321 6.16 -46.73 -32.79
CA GLU NB 321 5.10 -47.71 -32.58
C GLU NB 321 5.19 -48.90 -33.53
N TYR NB 322 5.86 -48.75 -34.66
CA TYR NB 322 6.04 -49.84 -35.62
C TYR NB 322 7.35 -50.58 -35.42
N THR NB 323 8.16 -50.19 -34.42
CA THR NB 323 9.44 -50.86 -34.15
C THR NB 323 9.73 -50.98 -32.66
N SER NB 324 8.72 -50.87 -31.81
CA SER NB 324 8.92 -50.82 -30.37
C SER NB 324 9.26 -52.20 -29.83
N ASP NB 325 9.31 -52.32 -28.50
CA ASP NB 325 9.63 -53.58 -27.87
C ASP NB 325 8.50 -54.59 -28.05
N THR NB 326 7.25 -54.14 -27.93
CA THR NB 326 6.10 -54.98 -28.19
C THR NB 326 5.78 -55.11 -29.68
N GLN NB 327 6.45 -54.34 -30.53
CA GLN NB 327 6.29 -54.46 -31.99
C GLN NB 327 7.66 -54.24 -32.62
N PRO NB 328 8.59 -55.16 -32.40
CA PRO NB 328 9.93 -55.00 -32.98
C PRO NB 328 9.90 -55.16 -34.49
N MET NB 329 11.03 -54.93 -35.15
CA MET NB 329 11.01 -54.89 -36.61
C MET NB 329 10.61 -56.22 -37.20
N GLN NB 330 11.51 -57.21 -37.14
CA GLN NB 330 11.30 -58.60 -37.53
C GLN NB 330 11.14 -58.85 -39.03
N GLY NB 331 10.92 -57.82 -39.84
CA GLY NB 331 11.06 -58.04 -41.27
C GLY NB 331 10.69 -56.88 -42.17
N ILE NB 332 11.37 -56.76 -43.30
CA ILE NB 332 11.13 -55.70 -44.27
C ILE NB 332 11.26 -56.24 -45.67
N THR NB 333 10.54 -55.60 -46.60
CA THR NB 333 10.75 -55.87 -48.02
C THR NB 333 10.10 -54.78 -48.86
N TYR NB 334 10.80 -54.34 -49.89
CA TYR NB 334 10.32 -53.29 -50.78
C TYR NB 334 9.78 -53.92 -52.05
N ASP NB 335 8.72 -53.33 -52.59
CA ASP NB 335 8.16 -53.79 -53.85
C ASP NB 335 7.24 -52.72 -54.41
N ALA NB 336 7.54 -52.23 -55.61
CA ALA NB 336 6.64 -51.37 -56.37
C ALA NB 336 6.32 -50.08 -55.61
N GLY NB 337 7.37 -49.43 -55.13
CA GLY NB 337 7.18 -48.22 -54.35
C GLY NB 337 6.42 -48.41 -53.06
N ILE NB 338 6.37 -49.65 -52.56
CA ILE NB 338 5.66 -49.98 -51.33
C ILE NB 338 6.62 -50.76 -50.45
N LEU NB 339 6.76 -50.32 -49.21
CA LEU NB 339 7.59 -50.98 -48.22
C LEU NB 339 6.69 -51.73 -47.26
N TYR NB 340 6.87 -53.05 -47.21
CA TYR NB 340 6.14 -53.90 -46.29
C TYR NB 340 7.01 -54.13 -45.06
N TRP NB 341 6.44 -53.90 -43.89
CA TRP NB 341 7.14 -53.94 -42.61
C TRP NB 341 6.35 -54.88 -41.71
N TYR NB 342 6.92 -56.05 -41.43
CA TYR NB 342 6.23 -57.14 -40.75
C TYR NB 342 6.84 -57.31 -39.37
N THR NB 343 6.02 -57.14 -38.34
CA THR NB 343 6.44 -57.09 -36.96
C THR NB 343 5.63 -58.06 -36.13
N GLY NB 344 6.19 -58.46 -34.99
CA GLY NB 344 5.52 -59.39 -34.11
C GLY NB 344 6.16 -59.48 -32.73
N ASP NB 345 5.36 -59.83 -31.74
CA ASP NB 345 5.75 -59.71 -30.34
C ASP NB 345 6.29 -61.00 -29.75
N SER NB 346 6.35 -62.09 -30.51
CA SER NB 346 6.72 -63.40 -29.98
C SER NB 346 5.82 -63.80 -28.84
N LYS NB 347 4.56 -63.41 -28.93
CA LYS NB 347 3.63 -63.56 -27.86
C LYS NB 347 2.25 -63.71 -28.50
N PRO NB 348 1.46 -64.71 -28.11
CA PRO NB 348 0.13 -64.81 -28.67
C PRO NB 348 -0.82 -63.85 -27.97
N ALA NB 349 -1.80 -63.39 -28.73
CA ALA NB 349 -2.77 -62.36 -28.36
C ALA NB 349 -2.16 -60.96 -28.41
N ASN NB 350 -0.86 -60.82 -28.58
CA ASN NB 350 -0.25 -59.57 -28.99
C ASN NB 350 -0.21 -59.63 -30.51
N PRO NB 351 -1.19 -59.05 -31.21
CA PRO NB 351 -1.33 -59.34 -32.64
C PRO NB 351 -0.13 -58.89 -33.44
N ASN NB 352 0.59 -59.86 -33.97
CA ASN NB 352 1.68 -59.61 -34.89
C ASN NB 352 1.09 -59.43 -36.28
N TYR NB 353 1.63 -58.48 -37.03
CA TYR NB 353 1.08 -58.22 -38.35
C TYR NB 353 2.05 -57.34 -39.11
N LEU NB 354 1.66 -56.97 -40.32
CA LEU NB 354 2.45 -56.10 -41.17
C LEU NB 354 1.73 -54.77 -41.36
N GLN NB 355 2.53 -53.78 -41.72
CA GLN NB 355 2.14 -52.39 -41.73
C GLN NB 355 2.58 -51.74 -43.03
N GLY NB 356 2.27 -52.41 -44.13
CA GLY NB 356 2.71 -52.00 -45.44
C GLY NB 356 2.32 -50.59 -45.84
N PHE NB 357 3.33 -49.75 -46.07
CA PHE NB 357 3.11 -48.35 -46.39
C PHE NB 357 3.95 -47.94 -47.59
N ASP NB 358 3.92 -46.65 -47.90
CA ASP NB 358 4.56 -46.10 -49.08
C ASP NB 358 5.81 -45.35 -48.68
N ILE NB 359 6.82 -45.43 -49.54
CA ILE NB 359 8.09 -44.77 -49.30
C ILE NB 359 8.16 -43.43 -50.02
N LYS NB 360 7.42 -43.28 -51.12
CA LYS NB 360 7.49 -42.06 -51.91
C LYS NB 360 7.01 -40.86 -51.10
N THR NB 361 5.80 -40.95 -50.57
CA THR NB 361 5.12 -39.81 -49.97
C THR NB 361 5.04 -39.88 -48.44
N LYS NB 362 5.65 -40.89 -47.83
CA LYS NB 362 5.75 -40.99 -46.37
C LYS NB 362 4.36 -40.96 -45.72
N GLU NB 363 3.61 -42.02 -45.98
CA GLU NB 363 2.26 -42.17 -45.44
C GLU NB 363 2.13 -43.59 -44.91
N LEU NB 364 0.89 -43.99 -44.65
CA LEU NB 364 0.54 -45.35 -44.24
C LEU NB 364 -0.52 -45.87 -45.20
N LEU NB 365 -0.20 -46.92 -45.93
CA LEU NB 365 -1.11 -47.42 -46.96
C LEU NB 365 -2.12 -48.39 -46.39
N PHE NB 366 -1.66 -49.32 -45.57
CA PHE NB 366 -2.57 -50.30 -45.00
C PHE NB 366 -1.92 -50.99 -43.83
N LYS NB 367 -2.76 -51.69 -43.06
CA LYS NB 367 -2.32 -52.29 -41.82
C LYS NB 367 -3.37 -53.36 -41.48
N ARG NB 368 -2.99 -54.62 -41.64
CA ARG NB 368 -3.88 -55.75 -41.44
C ARG NB 368 -3.47 -56.53 -40.21
N ARG NB 369 -4.10 -57.68 -40.04
CA ARG NB 369 -3.77 -58.62 -38.97
C ARG NB 369 -3.35 -59.95 -39.57
N ILE NB 370 -2.58 -60.69 -38.80
CA ILE NB 370 -1.94 -61.92 -39.26
C ILE NB 370 -2.03 -62.95 -38.14
N ASP NB 371 -2.53 -64.12 -38.47
CA ASP NB 371 -2.72 -65.22 -37.52
C ASP NB 371 -2.37 -66.54 -38.20
N ILE NB 372 -1.25 -66.55 -38.92
CA ILE NB 372 -0.87 -67.73 -39.71
C ILE NB 372 -0.26 -68.84 -38.89
N GLY NB 373 -0.15 -68.69 -37.57
CA GLY NB 373 0.41 -69.74 -36.75
C GLY NB 373 -0.36 -71.05 -36.82
N GLY NB 374 -1.62 -71.00 -37.23
CA GLY NB 374 -2.44 -72.18 -37.30
C GLY NB 374 -3.90 -71.84 -37.11
N VAL NB 375 -4.55 -72.52 -36.19
CA VAL NB 375 -5.95 -72.26 -35.89
C VAL NB 375 -6.06 -71.05 -34.99
N ASN NB 376 -7.22 -70.37 -35.06
CA ASN NB 376 -7.42 -69.09 -34.42
C ASN NB 376 -7.14 -69.13 -32.92
N ASN NB 377 -6.09 -68.41 -32.51
CA ASN NB 377 -5.78 -68.24 -31.10
C ASN NB 377 -5.51 -69.57 -30.41
N ASN NB 378 -5.02 -70.55 -31.16
CA ASN NB 378 -4.58 -71.82 -30.58
C ASN NB 378 -3.42 -72.31 -31.45
N PHE NB 379 -2.21 -71.97 -31.04
CA PHE NB 379 -1.00 -72.33 -31.74
C PHE NB 379 -0.18 -73.29 -30.90
N LYS NB 380 0.53 -74.18 -31.59
CA LYS NB 380 1.42 -75.12 -30.92
C LYS NB 380 2.42 -74.39 -30.06
N GLY NB 381 2.82 -75.03 -28.98
CA GLY NB 381 3.64 -74.35 -28.01
C GLY NB 381 2.84 -73.29 -27.30
N ASP NB 382 3.44 -72.12 -27.14
CA ASP NB 382 2.82 -71.03 -26.42
C ASP NB 382 3.06 -69.67 -27.04
N PHE NB 383 3.74 -69.61 -28.19
CA PHE NB 383 4.04 -68.31 -28.77
C PHE NB 383 4.34 -68.48 -30.25
N GLN NB 384 3.90 -67.49 -31.01
CA GLN NB 384 4.23 -67.32 -32.42
C GLN NB 384 4.98 -66.02 -32.57
N GLU NB 385 5.96 -66.02 -33.45
CA GLU NB 385 6.79 -64.86 -33.70
C GLU NB 385 6.90 -64.64 -35.20
N ALA NB 386 6.71 -63.39 -35.60
CA ALA NB 386 6.88 -63.00 -36.98
C ALA NB 386 8.35 -62.91 -37.32
N GLU NB 387 8.67 -63.12 -38.59
CA GLU NB 387 10.05 -63.15 -39.02
C GLU NB 387 10.14 -62.50 -40.40
N GLY NB 388 11.34 -62.52 -40.95
CA GLY NB 388 11.64 -61.69 -42.11
C GLY NB 388 10.73 -62.00 -43.29
N LEU NB 389 10.63 -61.02 -44.17
CA LEU NB 389 9.82 -61.12 -45.36
C LEU NB 389 10.67 -61.51 -46.55
N ASP NB 390 9.98 -61.92 -47.62
CA ASP NB 390 10.61 -62.10 -48.91
C ASP NB 390 9.59 -61.82 -49.98
N MET NB 391 10.05 -61.21 -51.05
CA MET NB 391 9.26 -60.95 -52.25
C MET NB 391 9.80 -61.90 -53.30
N TYR NB 392 9.05 -62.95 -53.57
CA TYR NB 392 9.48 -63.95 -54.54
C TYR NB 392 9.03 -63.53 -55.92
N TYR NB 393 9.98 -63.11 -56.74
CA TYR NB 393 9.74 -62.84 -58.13
C TYR NB 393 9.95 -64.12 -58.93
N ASP NB 394 9.95 -63.99 -60.25
CA ASP NB 394 10.22 -65.12 -61.13
C ASP NB 394 10.85 -64.56 -62.39
N LEU NB 395 11.90 -65.24 -62.88
CA LEU NB 395 12.49 -64.82 -64.15
C LEU NB 395 11.48 -64.91 -65.28
N GLU NB 396 10.56 -65.88 -65.20
CA GLU NB 396 9.47 -66.03 -66.13
C GLU NB 396 8.16 -65.79 -65.43
N THR NB 397 7.19 -65.20 -66.14
CA THR NB 397 5.86 -64.96 -65.59
C THR NB 397 5.97 -64.09 -64.33
N GLY NB 398 6.31 -62.82 -64.56
CA GLY NB 398 6.77 -61.98 -63.48
C GLY NB 398 5.67 -61.70 -62.47
N ARG NB 399 5.32 -62.76 -61.75
CA ARG NB 399 4.24 -62.75 -60.77
C ARG NB 399 4.88 -62.72 -59.39
N LYS NB 400 4.79 -61.58 -58.73
CA LYS NB 400 5.43 -61.39 -57.45
C LYS NB 400 4.53 -61.92 -56.35
N ALA NB 401 5.13 -62.62 -55.40
CA ALA NB 401 4.43 -63.07 -54.22
C ALA NB 401 5.23 -62.67 -53.00
N LEU NB 402 4.52 -62.56 -51.89
CA LEU NB 402 5.08 -62.09 -50.63
C LEU NB 402 5.11 -63.27 -49.68
N LEU NB 403 6.32 -63.73 -49.36
CA LEU NB 403 6.53 -64.81 -48.42
C LEU NB 403 6.78 -64.24 -47.04
N ILE NB 404 6.25 -64.91 -46.04
CA ILE NB 404 6.32 -64.47 -44.66
C ILE NB 404 6.73 -65.64 -43.79
N GLY NB 405 7.72 -65.41 -42.93
CA GLY NB 405 8.22 -66.41 -42.02
C GLY NB 405 7.55 -66.29 -40.66
N VAL NB 406 7.18 -67.43 -40.10
CA VAL NB 406 6.64 -67.50 -38.76
C VAL NB 406 7.38 -68.58 -38.00
N THR NB 407 7.53 -68.37 -36.70
CA THR NB 407 8.27 -69.25 -35.82
C THR NB 407 7.38 -69.59 -34.63
N ILE NB 408 7.13 -70.88 -34.43
CA ILE NB 408 6.11 -71.36 -33.51
C ILE NB 408 6.74 -72.39 -32.60
N GLY NB 409 6.12 -72.59 -31.44
CA GLY NB 409 6.43 -73.71 -30.58
C GLY NB 409 7.00 -73.29 -29.24
N PRO NB 410 7.22 -74.25 -28.35
CA PRO NB 410 7.73 -73.90 -27.02
C PRO NB 410 9.17 -73.47 -27.00
N GLY NB 411 9.71 -73.27 -25.80
CA GLY NB 411 10.99 -72.64 -25.58
C GLY NB 411 12.18 -73.22 -26.31
N ASN NB 412 12.50 -74.50 -26.08
CA ASN NB 412 13.66 -75.16 -26.67
C ASN NB 412 13.27 -76.07 -27.83
N ASN NB 413 12.26 -75.69 -28.58
CA ASN NB 413 11.90 -76.42 -29.79
C ASN NB 413 11.08 -75.50 -30.68
N ARG NB 414 11.50 -75.36 -31.93
CA ARG NB 414 10.97 -74.34 -32.82
C ARG NB 414 10.46 -74.99 -34.10
N HIS NB 415 9.52 -74.29 -34.73
CA HIS NB 415 8.95 -74.70 -36.00
C HIS NB 415 8.88 -73.48 -36.88
N HIS NB 416 9.64 -73.49 -37.96
CA HIS NB 416 9.71 -72.38 -38.88
C HIS NB 416 8.89 -72.70 -40.11
N SER NB 417 7.86 -71.89 -40.36
CA SER NB 417 6.95 -72.09 -41.48
C SER NB 417 6.96 -70.86 -42.37
N ILE NB 418 6.66 -71.08 -43.66
CA ILE NB 418 6.66 -70.03 -44.66
C ILE NB 418 5.26 -70.01 -45.27
N TYR NB 419 4.54 -68.92 -45.03
CA TYR NB 419 3.28 -68.67 -45.69
C TYR NB 419 3.51 -67.69 -46.82
N SER NB 420 2.50 -67.52 -47.67
CA SER NB 420 2.64 -66.61 -48.79
C SER NB 420 1.30 -66.02 -49.19
N ILE NB 421 1.39 -64.80 -49.67
CA ILE NB 421 0.30 -64.13 -50.37
C ILE NB 421 0.73 -64.04 -51.83
N GLY NB 422 -0.03 -64.69 -52.71
CA GLY NB 422 0.41 -64.96 -54.05
C GLY NB 422 -0.29 -64.14 -55.11
N GLN NB 423 0.00 -64.48 -56.35
CA GLN NB 423 -0.43 -63.73 -57.52
C GLN NB 423 -0.89 -64.71 -58.60
N ARG NB 424 -1.77 -65.63 -58.22
CA ARG NB 424 -2.38 -66.58 -59.15
C ARG NB 424 -1.33 -67.51 -59.78
N GLY NB 425 -0.79 -68.37 -58.93
CA GLY NB 425 0.05 -69.49 -59.36
C GLY NB 425 1.42 -69.51 -58.74
N VAL NB 426 1.87 -68.40 -58.15
CA VAL NB 426 3.23 -68.32 -57.64
C VAL NB 426 3.43 -69.34 -56.53
N ASN NB 427 2.56 -69.31 -55.52
CA ASN NB 427 2.68 -70.21 -54.39
C ASN NB 427 2.54 -71.66 -54.82
N GLN NB 428 1.64 -71.91 -55.78
CA GLN NB 428 1.46 -73.26 -56.30
C GLN NB 428 2.76 -73.79 -56.88
N PHE NB 429 3.38 -73.01 -57.77
CA PHE NB 429 4.64 -73.43 -58.36
C PHE NB 429 5.73 -73.54 -57.31
N LEU NB 430 5.72 -72.66 -56.31
CA LEU NB 430 6.75 -72.69 -55.28
C LEU NB 430 6.72 -73.99 -54.52
N LYS NB 431 5.54 -74.43 -54.13
CA LYS NB 431 5.45 -75.68 -53.40
C LYS NB 431 5.60 -76.90 -54.30
N ASN NB 432 5.25 -76.77 -55.58
CA ASN NB 432 5.35 -77.88 -56.52
C ASN NB 432 6.71 -78.00 -57.19
N ILE NB 433 7.66 -77.13 -56.86
CA ILE NB 433 9.04 -77.35 -57.30
C ILE NB 433 9.47 -78.77 -56.96
N ALA NB 434 9.43 -79.11 -55.68
CA ALA NB 434 9.83 -80.42 -55.19
C ALA NB 434 8.86 -80.83 -54.11
N PRO NB 435 8.67 -82.13 -53.89
CA PRO NB 435 7.62 -82.59 -52.98
C PRO NB 435 8.05 -82.51 -51.53
N GLN NB 436 7.06 -82.63 -50.66
CA GLN NB 436 7.32 -82.76 -49.23
C GLN NB 436 8.04 -84.07 -48.97
N VAL NB 437 8.94 -84.06 -47.99
CA VAL NB 437 9.62 -85.30 -47.62
C VAL NB 437 8.64 -86.17 -46.86
N SER NB 438 8.69 -87.46 -47.17
CA SER NB 438 7.92 -88.47 -46.46
C SER NB 438 8.88 -89.59 -46.09
N MET NB 439 8.48 -90.37 -45.09
CA MET NB 439 9.33 -91.47 -44.67
C MET NB 439 9.55 -92.47 -45.79
N THR NB 440 8.61 -92.56 -46.72
CA THR NB 440 8.66 -93.48 -47.84
C THR NB 440 8.44 -92.68 -49.12
N ASP NB 441 8.30 -93.40 -50.22
CA ASP NB 441 8.02 -92.76 -51.49
C ASP NB 441 6.60 -92.21 -51.49
N SER NB 442 6.29 -91.44 -52.53
CA SER NB 442 4.95 -90.86 -52.64
C SER NB 442 3.89 -91.92 -52.92
N GLY NB 443 4.28 -93.11 -53.39
CA GLY NB 443 3.34 -94.16 -53.71
C GLY NB 443 3.36 -95.32 -52.75
N GLY NB 444 4.53 -95.63 -52.19
CA GLY NB 444 4.67 -96.74 -51.29
C GLY NB 444 6.02 -97.45 -51.33
N ARG NB 445 6.80 -97.23 -52.38
CA ARG NB 445 8.13 -97.81 -52.43
C ARG NB 445 9.03 -97.20 -51.36
N VAL NB 446 10.18 -97.76 -51.23
CA VAL NB 446 11.27 -97.18 -50.47
C VAL NB 446 12.01 -96.21 -51.37
N LYS NB 447 12.51 -95.13 -50.80
CA LYS NB 447 13.20 -94.11 -51.56
C LYS NB 447 14.70 -94.41 -51.62
N PRO NB 448 15.40 -93.87 -52.62
CA PRO NB 448 16.76 -94.36 -52.89
C PRO NB 448 17.87 -93.62 -52.19
N LEU NB 449 19.08 -94.13 -52.32
CA LEU NB 449 20.25 -93.59 -51.66
C LEU NB 449 20.73 -92.33 -52.39
N PRO NB 450 21.14 -91.27 -51.67
CA PRO NB 450 21.79 -90.14 -52.35
C PRO NB 450 23.21 -90.43 -52.82
N ILE NB 451 23.80 -91.57 -52.47
CA ILE NB 451 25.15 -91.92 -52.88
C ILE NB 451 25.18 -93.37 -53.30
N GLN NB 452 25.94 -93.66 -54.36
CA GLN NB 452 26.23 -95.02 -54.77
C GLN NB 452 27.55 -95.46 -54.14
N ASN NB 453 27.59 -96.70 -53.68
CA ASN NB 453 28.76 -97.27 -53.03
C ASN NB 453 29.15 -96.40 -51.84
N PRO NB 454 28.29 -96.27 -50.83
CA PRO NB 454 28.56 -95.36 -49.72
C PRO NB 454 29.70 -95.89 -48.86
N ALA NB 455 30.80 -95.13 -48.82
CA ALA NB 455 31.94 -95.52 -48.01
C ALA NB 455 31.60 -95.57 -46.53
N TYR NB 456 30.71 -94.68 -46.08
CA TYR NB 456 30.25 -94.64 -44.71
C TYR NB 456 28.74 -94.47 -44.70
N LEU NB 457 28.05 -95.35 -43.99
CA LEU NB 457 26.60 -95.25 -43.87
C LEU NB 457 26.19 -93.90 -43.30
N SER NB 458 26.97 -93.38 -42.36
CA SER NB 458 26.71 -92.08 -41.74
C SER NB 458 26.76 -90.93 -42.73
N ASP NB 459 27.32 -91.13 -43.93
CA ASP NB 459 27.28 -90.09 -44.93
C ASP NB 459 25.86 -89.85 -45.42
N ILE NB 460 24.93 -90.79 -45.21
CA ILE NB 460 23.58 -90.66 -45.72
C ILE NB 460 22.77 -89.84 -44.73
N THR NB 461 22.84 -88.52 -44.87
CA THR NB 461 22.25 -87.59 -43.93
C THR NB 461 20.91 -87.09 -44.47
N GLU NB 462 19.99 -88.02 -44.63
CA GLU NB 462 18.65 -87.73 -45.12
C GLU NB 462 17.64 -88.47 -44.25
N VAL NB 463 16.38 -88.55 -44.65
CA VAL NB 463 15.31 -89.09 -43.83
C VAL NB 463 14.46 -90.05 -44.65
N GLY NB 464 13.89 -91.02 -43.96
CA GLY NB 464 12.96 -91.97 -44.53
C GLY NB 464 13.58 -93.35 -44.68
N HIS NB 465 12.79 -94.23 -45.27
CA HIS NB 465 13.23 -95.59 -45.50
C HIS NB 465 14.14 -95.67 -46.71
N TYR NB 466 15.07 -96.62 -46.67
CA TYR NB 466 16.01 -96.86 -47.75
C TYR NB 466 16.30 -98.35 -47.77
N TYR NB 467 16.88 -98.80 -48.87
CA TYR NB 467 17.34 -100.18 -49.00
C TYR NB 467 18.76 -100.16 -49.54
N ILE NB 468 19.59 -101.02 -48.98
CA ILE NB 468 20.99 -101.16 -49.37
C ILE NB 468 21.20 -102.58 -49.87
N TYR NB 469 21.86 -102.71 -51.01
CA TYR NB 469 22.08 -104.01 -51.63
C TYR NB 469 23.37 -104.64 -51.10
N THR NB 470 23.54 -105.92 -51.43
CA THR NB 470 24.66 -106.69 -50.90
C THR NB 470 26.01 -106.10 -51.30
N GLN NB 471 26.10 -105.63 -52.54
CA GLN NB 471 27.39 -105.14 -53.04
C GLN NB 471 27.81 -103.88 -52.28
N ASP NB 472 26.89 -102.94 -52.14
CA ASP NB 472 27.18 -101.74 -51.37
C ASP NB 472 27.44 -102.08 -49.90
N THR NB 473 26.78 -103.10 -49.38
CA THR NB 473 27.02 -103.52 -48.01
C THR NB 473 28.45 -104.02 -47.85
N GLN NB 474 28.89 -104.90 -48.75
CA GLN NB 474 30.27 -105.39 -48.71
C GLN NB 474 31.26 -104.24 -48.84
N ASN NB 475 30.99 -103.31 -49.75
CA ASN NB 475 31.92 -102.22 -50.00
C ASN NB 475 31.94 -101.18 -48.88
N ALA NB 476 30.90 -101.12 -48.07
CA ALA NB 476 30.81 -100.07 -47.05
C ALA NB 476 31.74 -100.38 -45.88
N LEU NB 477 31.85 -99.41 -44.98
CA LEU NB 477 32.74 -99.49 -43.84
C LEU NB 477 32.00 -99.46 -42.51
N ASP NB 478 31.21 -98.42 -42.25
CA ASP NB 478 30.50 -98.30 -40.98
C ASP NB 478 29.35 -99.29 -40.94
N PHE NB 479 29.53 -100.37 -40.20
CA PHE NB 479 28.58 -101.46 -40.18
C PHE NB 479 28.83 -102.29 -38.93
N PRO NB 480 27.79 -102.82 -38.26
CA PRO NB 480 28.05 -103.59 -37.03
C PRO NB 480 28.89 -104.83 -37.26
N LEU NB 481 28.46 -105.69 -38.16
CA LEU NB 481 29.13 -106.95 -38.37
C LEU NB 481 30.34 -106.75 -39.27
N PRO NB 482 31.31 -107.66 -39.25
CA PRO NB 482 32.46 -107.55 -40.13
C PRO NB 482 32.15 -108.11 -41.52
N LYS NB 483 33.18 -108.09 -42.37
CA LYS NB 483 33.01 -108.48 -43.77
C LYS NB 483 32.65 -109.96 -43.88
N ALA NB 484 33.20 -110.79 -43.01
CA ALA NB 484 32.92 -112.23 -43.07
C ALA NB 484 31.48 -112.55 -42.72
N PHE NB 485 30.79 -111.66 -42.02
CA PHE NB 485 29.42 -111.87 -41.61
C PHE NB 485 28.42 -111.20 -42.54
N ARG NB 486 28.69 -109.96 -42.93
CA ARG NB 486 27.74 -109.21 -43.75
C ARG NB 486 27.75 -109.75 -45.17
N ASP NB 487 26.67 -110.46 -45.54
CA ASP NB 487 26.52 -111.00 -46.88
C ASP NB 487 25.16 -110.68 -47.48
N ALA NB 488 24.13 -110.62 -46.64
CA ALA NB 488 22.76 -110.60 -47.10
C ALA NB 488 22.29 -109.17 -47.36
N GLY NB 489 21.04 -109.06 -47.78
CA GLY NB 489 20.45 -107.77 -48.04
C GLY NB 489 19.88 -107.15 -46.78
N TRP NB 490 19.92 -105.82 -46.74
CA TRP NB 490 19.45 -105.06 -45.60
C TRP NB 490 18.66 -103.87 -46.11
N PHE NB 491 17.80 -103.34 -45.24
CA PHE NB 491 17.22 -102.03 -45.45
C PHE NB 491 17.39 -101.20 -44.20
N PHE NB 492 17.77 -99.93 -44.39
CA PHE NB 492 17.95 -99.00 -43.30
C PHE NB 492 17.05 -97.80 -43.51
N ASP NB 493 16.32 -97.45 -42.46
CA ASP NB 493 15.54 -96.23 -42.41
C ASP NB 493 16.22 -95.23 -41.50
N VAL NB 494 16.02 -93.96 -41.83
CA VAL NB 494 16.62 -92.86 -41.09
C VAL NB 494 15.50 -91.99 -40.59
N LEU NB 495 15.54 -91.68 -39.30
CA LEU NB 495 14.54 -90.88 -38.62
C LEU NB 495 15.22 -89.68 -37.97
N PRO NB 496 14.50 -88.59 -37.77
CA PRO NB 496 15.11 -87.41 -37.18
C PRO NB 496 15.23 -87.54 -35.68
N GLY NB 497 16.24 -86.85 -35.14
CA GLY NB 497 16.49 -86.85 -33.72
C GLY NB 497 16.22 -85.50 -33.10
N HIS NB 498 17.28 -84.77 -32.78
CA HIS NB 498 17.18 -83.44 -32.20
C HIS NB 498 17.55 -82.42 -33.25
N TYR NB 499 17.60 -81.17 -32.82
CA TYR NB 499 17.75 -80.06 -33.74
C TYR NB 499 19.21 -79.73 -34.02
N ASN NB 500 20.11 -79.98 -33.08
CA ASN NB 500 21.51 -79.66 -33.29
C ASN NB 500 22.22 -80.61 -34.24
N GLY NB 501 21.53 -81.60 -34.80
CA GLY NB 501 22.08 -82.52 -35.76
C GLY NB 501 22.19 -83.92 -35.21
N ALA NB 502 21.23 -84.77 -35.57
CA ALA NB 502 21.23 -86.13 -35.08
C ALA NB 502 20.18 -86.93 -35.84
N LEU NB 503 20.52 -88.16 -36.18
CA LEU NB 503 19.65 -89.04 -36.95
C LEU NB 503 19.72 -90.44 -36.41
N ARG NB 504 18.56 -91.06 -36.24
CA ARG NB 504 18.47 -92.48 -35.88
C ARG NB 504 18.49 -93.31 -37.15
N GLN NB 505 19.53 -94.11 -37.32
CA GLN NB 505 19.62 -95.08 -38.39
C GLN NB 505 19.24 -96.44 -37.84
N VAL NB 506 18.13 -96.98 -38.32
CA VAL NB 506 17.63 -98.30 -37.95
C VAL NB 506 17.85 -99.21 -39.14
N LEU NB 507 18.65 -100.24 -38.96
CA LEU NB 507 19.12 -101.09 -40.05
C LEU NB 507 18.71 -102.53 -39.77
N THR NB 508 17.91 -103.10 -40.65
CA THR NB 508 17.31 -104.42 -40.47
C THR NB 508 17.61 -105.31 -41.67
N ARG NB 509 18.02 -106.54 -41.39
CA ARG NB 509 18.31 -107.49 -42.44
C ARG NB 509 17.02 -108.02 -43.05
N ASN NB 510 17.11 -108.47 -44.30
CA ASN NB 510 15.99 -109.07 -45.03
C ASN NB 510 16.13 -110.58 -44.91
N SER NB 511 15.67 -111.10 -43.77
CA SER NB 511 15.82 -112.52 -43.44
C SER NB 511 14.46 -113.18 -43.61
N THR NB 512 14.22 -113.66 -44.82
CA THR NB 512 13.01 -114.42 -45.11
C THR NB 512 13.11 -115.88 -44.66
N GLY NB 513 14.30 -116.37 -44.35
CA GLY NB 513 14.49 -117.71 -43.85
C GLY NB 513 15.53 -117.79 -42.76
N ARG NB 514 15.74 -116.66 -42.07
CA ARG NB 514 16.69 -116.59 -40.97
C ARG NB 514 16.14 -115.59 -39.97
N ASN NB 515 16.89 -115.36 -38.89
CA ASN NB 515 16.46 -114.45 -37.85
C ASN NB 515 16.82 -113.03 -38.25
N MET NB 516 15.85 -112.13 -38.19
CA MET NB 516 16.01 -110.78 -38.68
C MET NB 516 16.83 -109.95 -37.70
N LEU NB 517 18.05 -109.64 -38.10
CA LEU NB 517 18.95 -108.85 -37.27
C LEU NB 517 18.59 -107.38 -37.41
N LYS NB 518 18.28 -106.76 -36.29
CA LYS NB 518 18.04 -105.33 -36.20
C LYS NB 518 19.22 -104.65 -35.53
N PHE NB 519 19.48 -103.40 -35.92
CA PHE NB 519 20.46 -102.57 -35.26
C PHE NB 519 19.95 -101.13 -35.28
N GLU NB 520 20.48 -100.33 -34.37
CA GLU NB 520 20.12 -98.92 -34.26
C GLU NB 520 21.35 -98.11 -33.91
N ARG NB 521 21.43 -96.91 -34.47
CA ARG NB 521 22.57 -96.03 -34.28
C ARG NB 521 22.08 -94.59 -34.28
N VAL NB 522 22.83 -93.73 -33.61
CA VAL NB 522 22.61 -92.29 -33.62
C VAL NB 522 23.84 -91.63 -34.25
N ILE NB 523 23.63 -91.01 -35.40
CA ILE NB 523 24.72 -90.39 -36.15
C ILE NB 523 24.56 -88.87 -36.10
N ASP NB 524 25.68 -88.18 -35.99
CA ASP NB 524 25.74 -86.73 -36.06
C ASP NB 524 26.20 -86.34 -37.45
N ILE NB 525 25.35 -85.58 -38.15
CA ILE NB 525 25.63 -85.23 -39.54
C ILE NB 525 26.92 -84.41 -39.65
N PHE NB 526 27.21 -83.61 -38.64
CA PHE NB 526 28.36 -82.71 -38.66
C PHE NB 526 29.63 -83.33 -38.09
N ASN NB 527 29.57 -84.57 -37.61
CA ASN NB 527 30.74 -85.24 -37.06
C ASN NB 527 30.63 -86.72 -37.38
N LYS NB 528 31.29 -87.13 -38.46
CA LYS NB 528 31.28 -88.54 -38.85
C LYS NB 528 31.92 -89.43 -37.80
N LYS NB 529 32.75 -88.87 -36.92
CA LYS NB 529 33.43 -89.63 -35.88
C LYS NB 529 32.69 -89.62 -34.55
N ASN NB 530 31.76 -88.69 -34.35
CA ASN NB 530 30.96 -88.64 -33.14
C ASN NB 530 29.82 -89.65 -33.15
N ASN NB 531 29.64 -90.40 -34.23
CA ASN NB 531 28.50 -91.29 -34.37
C ASN NB 531 28.57 -92.43 -33.37
N GLY NB 532 27.46 -92.69 -32.68
CA GLY NB 532 27.41 -93.76 -31.72
C GLY NB 532 27.52 -95.12 -32.36
N ALA NB 533 27.44 -96.14 -31.51
CA ALA NB 533 27.61 -97.51 -31.91
C ALA NB 533 26.25 -98.17 -32.18
N TRP NB 534 26.30 -99.35 -32.79
CA TRP NB 534 25.12 -100.01 -33.31
C TRP NB 534 24.49 -100.87 -32.23
N ASN NB 535 23.49 -100.33 -31.55
CA ASN NB 535 22.73 -101.09 -30.57
C ASN NB 535 21.93 -102.18 -31.27
N PHE NB 536 22.31 -103.44 -31.05
CA PHE NB 536 21.56 -104.55 -31.57
C PHE NB 536 20.30 -104.77 -30.74
N CYS NB 537 19.22 -105.13 -31.43
CA CYS NB 537 17.99 -105.61 -30.85
C CYS NB 537 17.72 -107.03 -31.35
N PRO NB 538 17.23 -107.95 -30.49
CA PRO NB 538 17.01 -109.32 -30.98
C PRO NB 538 15.63 -109.52 -31.54
N GLN NB 539 15.55 -110.18 -32.68
CA GLN NB 539 14.28 -110.56 -33.30
C GLN NB 539 14.47 -111.99 -33.82
N ASN NB 540 14.07 -112.95 -33.00
CA ASN NB 540 14.26 -114.36 -33.28
C ASN NB 540 12.94 -115.02 -33.61
N ALA NB 541 13.03 -116.06 -34.44
CA ALA NB 541 11.89 -116.85 -34.87
C ALA NB 541 12.11 -118.35 -34.80
N GLY NB 542 13.35 -118.81 -34.59
CA GLY NB 542 13.66 -120.22 -34.51
C GLY NB 542 14.68 -120.68 -35.52
N TYR NB 543 15.57 -119.78 -35.93
CA TYR NB 543 16.63 -120.07 -36.88
C TYR NB 543 18.00 -119.96 -36.19
N TRP NB 544 19.03 -120.35 -36.93
CA TRP NB 544 20.40 -120.40 -36.42
C TRP NB 544 21.32 -119.67 -37.39
N GLU NB 545 21.95 -118.62 -36.91
CA GLU NB 545 22.94 -117.90 -37.71
C GLU NB 545 24.23 -118.69 -37.70
N HIS NB 546 24.69 -119.09 -38.89
CA HIS NB 546 25.91 -119.85 -39.01
C HIS NB 546 27.10 -118.94 -38.74
N ILE NB 547 28.18 -119.53 -38.24
CA ILE NB 547 29.44 -118.80 -38.09
C ILE NB 547 30.18 -118.92 -39.42
N PRO NB 548 30.84 -117.88 -39.91
CA PRO NB 548 31.60 -118.04 -41.16
C PRO NB 548 32.76 -119.01 -40.98
N LYS NB 549 33.35 -119.37 -42.12
CA LYS NB 549 34.55 -120.19 -42.15
C LYS NB 549 35.83 -119.37 -42.16
N SER NB 550 35.72 -118.04 -42.16
CA SER NB 550 36.88 -117.15 -42.12
C SER NB 550 37.15 -116.62 -40.72
N ILE NB 551 36.66 -117.32 -39.69
CA ILE NB 551 36.85 -116.94 -38.30
C ILE NB 551 37.22 -118.20 -37.52
N THR NB 552 38.38 -118.16 -36.87
CA THR NB 552 38.88 -119.28 -36.08
C THR NB 552 39.11 -118.85 -34.65
N LYS NB 553 38.15 -118.12 -34.08
CA LYS NB 553 38.24 -117.65 -32.71
C LYS NB 553 36.86 -117.24 -32.25
N LEU NB 554 36.59 -117.44 -30.96
CA LEU NB 554 35.34 -117.04 -30.35
C LEU NB 554 35.38 -115.62 -29.78
N SER NB 555 36.52 -114.93 -29.87
CA SER NB 555 36.63 -113.62 -29.26
C SER NB 555 36.02 -112.53 -30.12
N ASP NB 556 36.01 -112.71 -31.45
CA ASP NB 556 35.49 -111.68 -32.33
C ASP NB 556 33.97 -111.58 -32.28
N LEU NB 557 33.29 -112.61 -31.79
CA LEU NB 557 31.82 -112.60 -31.69
C LEU NB 557 31.43 -111.77 -30.48
N LYS NB 558 31.60 -110.46 -30.60
CA LYS NB 558 31.29 -109.51 -29.55
C LYS NB 558 29.93 -108.86 -29.72
N ILE NB 559 29.08 -109.40 -30.58
CA ILE NB 559 27.79 -108.78 -30.90
C ILE NB 559 26.82 -109.13 -29.78
N VAL NB 560 26.47 -108.14 -28.97
CA VAL NB 560 25.70 -108.40 -27.76
C VAL NB 560 24.29 -108.88 -28.11
N GLY NB 561 23.73 -109.68 -27.21
CA GLY NB 561 22.39 -110.21 -27.37
C GLY NB 561 22.21 -111.23 -28.46
N LEU NB 562 23.25 -111.53 -29.23
CA LEU NB 562 23.14 -112.37 -30.40
C LEU NB 562 23.52 -113.81 -30.07
N ASP NB 563 22.87 -114.73 -30.78
CA ASP NB 563 23.05 -116.16 -30.62
C ASP NB 563 23.58 -116.77 -31.90
N PHE NB 564 24.48 -117.74 -31.75
CA PHE NB 564 24.95 -118.57 -32.84
C PHE NB 564 24.93 -120.02 -32.40
N TYR NB 565 25.01 -120.90 -33.39
CA TYR NB 565 24.98 -122.34 -33.19
C TYR NB 565 26.23 -122.94 -33.82
N ILE NB 566 26.79 -123.96 -33.17
CA ILE NB 566 27.94 -124.69 -33.65
C ILE NB 566 27.56 -126.16 -33.68
N THR NB 567 27.83 -126.82 -34.79
CA THR NB 567 27.64 -128.26 -34.90
C THR NB 567 28.89 -129.00 -34.43
N THR NB 568 28.76 -130.32 -34.34
CA THR NB 568 29.87 -131.15 -33.89
C THR NB 568 31.06 -131.04 -34.84
N GLU NB 569 30.79 -131.01 -36.14
CA GLU NB 569 31.86 -131.06 -37.13
C GLU NB 569 32.62 -129.75 -37.22
N GLU NB 570 31.95 -128.63 -36.95
CA GLU NB 570 32.56 -127.31 -37.01
C GLU NB 570 32.94 -126.77 -35.64
N SER NB 571 32.68 -127.52 -34.57
CA SER NB 571 33.10 -127.15 -33.24
C SER NB 571 34.54 -127.52 -32.93
N ASN NB 572 35.33 -127.87 -33.94
CA ASN NB 572 36.72 -128.25 -33.77
C ASN NB 572 37.70 -127.29 -34.43
N ARG NB 573 37.23 -126.43 -35.33
CA ARG NB 573 38.12 -125.50 -36.01
C ARG NB 573 38.47 -124.28 -35.16
N PHE NB 574 37.87 -124.14 -33.98
CA PHE NB 574 38.13 -123.01 -33.11
C PHE NB 574 39.33 -123.29 -32.21
N THR NB 575 39.75 -122.25 -31.48
CA THR NB 575 40.86 -122.31 -30.55
C THR NB 575 40.42 -122.14 -29.10
N ASP NB 576 39.71 -121.06 -28.81
CA ASP NB 576 39.25 -120.79 -27.45
C ASP NB 576 38.10 -121.71 -27.03
N PHE NB 577 37.60 -122.55 -27.92
CA PHE NB 577 36.60 -123.53 -27.54
C PHE NB 577 37.18 -124.46 -26.46
N PRO NB 578 36.37 -124.95 -25.53
CA PRO NB 578 36.90 -125.91 -24.54
C PRO NB 578 37.40 -127.18 -25.22
N LYS NB 579 38.64 -127.54 -24.90
CA LYS NB 579 39.28 -128.67 -25.57
C LYS NB 579 38.60 -129.99 -25.22
N ASP NB 580 38.20 -130.13 -23.96
CA ASP NB 580 37.56 -131.38 -23.54
C ASP NB 580 36.20 -131.57 -24.21
N PHE NB 581 35.44 -130.49 -24.35
CA PHE NB 581 34.13 -130.52 -25.01
C PHE NB 581 34.22 -130.19 -26.48
N LYS NB 582 35.38 -130.35 -27.10
CA LYS NB 582 35.57 -129.97 -28.49
C LYS NB 582 35.05 -131.08 -29.40
N GLY NB 583 33.91 -130.84 -30.03
CA GLY NB 583 33.35 -131.77 -30.98
C GLY NB 583 32.66 -132.96 -30.33
N ILE NB 584 31.65 -132.69 -29.51
CA ILE NB 584 30.90 -133.75 -28.83
C ILE NB 584 29.40 -133.60 -29.03
N ALA NB 585 28.94 -132.38 -29.29
CA ALA NB 585 27.51 -132.12 -29.48
C ALA NB 585 27.35 -130.71 -30.03
N GLY NB 586 26.10 -130.29 -30.18
CA GLY NB 586 25.81 -128.96 -30.67
C GLY NB 586 25.85 -127.95 -29.54
N TRP NB 587 26.37 -126.76 -29.85
CA TRP NB 587 26.66 -125.74 -28.85
C TRP NB 587 26.08 -124.41 -29.28
N ILE NB 588 25.16 -123.88 -28.49
CA ILE NB 588 24.58 -122.55 -28.71
C ILE NB 588 25.40 -121.56 -27.91
N LEU NB 589 26.07 -120.64 -28.59
CA LEU NB 589 26.74 -119.53 -27.92
C LEU NB 589 25.81 -118.34 -27.96
N GLU NB 590 25.72 -117.64 -26.84
CA GLU NB 590 25.02 -116.37 -26.77
C GLU NB 590 25.90 -115.35 -26.08
N VAL NB 591 25.87 -114.12 -26.59
CA VAL NB 591 26.72 -113.05 -26.12
C VAL NB 591 25.92 -112.11 -25.23
N LYS NB 592 26.61 -111.52 -24.26
CA LYS NB 592 26.02 -110.55 -23.35
C LYS NB 592 27.08 -109.52 -22.97
N SER NB 593 26.62 -108.43 -22.36
CA SER NB 593 27.46 -107.25 -22.18
C SER NB 593 28.25 -107.32 -20.88
N ASN NB 594 29.21 -106.40 -20.77
CA ASN NB 594 30.10 -106.32 -19.63
C ASN NB 594 30.70 -104.91 -19.61
N THR NB 595 31.79 -104.73 -18.86
CA THR NB 595 32.59 -103.51 -18.84
C THR NB 595 32.93 -103.07 -20.25
N PRO NB 596 33.23 -101.79 -20.50
CA PRO NB 596 33.42 -101.34 -21.89
C PRO NB 596 34.65 -101.98 -22.51
N GLY NB 597 34.41 -102.84 -23.49
CA GLY NB 597 35.46 -103.65 -24.09
C GLY NB 597 35.52 -105.08 -23.61
N ASN NB 598 34.50 -105.53 -22.88
CA ASN NB 598 34.43 -106.90 -22.39
C ASN NB 598 33.06 -107.47 -22.72
N THR NB 599 33.03 -108.77 -23.01
CA THR NB 599 31.81 -109.48 -23.36
C THR NB 599 31.80 -110.83 -22.67
N THR NB 600 30.59 -111.32 -22.43
CA THR NB 600 30.35 -112.58 -21.76
C THR NB 600 29.73 -113.55 -22.75
N GLN NB 601 30.39 -114.67 -22.98
CA GLN NB 601 29.93 -115.70 -23.88
C GLN NB 601 29.44 -116.89 -23.06
N VAL NB 602 28.33 -117.48 -23.50
CA VAL NB 602 27.68 -118.58 -22.81
C VAL NB 602 27.42 -119.67 -23.82
N LEU NB 603 28.12 -120.80 -23.66
CA LEU NB 603 28.05 -121.94 -24.56
C LEU NB 603 27.23 -123.03 -23.89
N ARG NB 604 25.99 -123.19 -24.32
CA ARG NB 604 25.09 -124.20 -23.78
C ARG NB 604 24.99 -125.37 -24.75
N ARG NB 605 25.11 -126.59 -24.23
CA ARG NB 605 24.99 -127.77 -25.06
C ARG NB 605 23.52 -128.06 -25.32
N ASN NB 606 23.23 -128.54 -26.53
CA ASN NB 606 21.88 -128.91 -26.91
C ASN NB 606 21.63 -130.41 -26.81
N ASN NB 607 22.38 -131.11 -25.96
CA ASN NB 607 22.26 -132.55 -25.90
C ASN NB 607 20.91 -132.93 -25.30
N PHE NB 608 20.15 -133.72 -26.04
CA PHE NB 608 18.79 -134.09 -25.68
C PHE NB 608 18.78 -135.19 -24.60
N PRO NB 609 19.36 -136.37 -24.83
CA PRO NB 609 19.15 -137.47 -23.87
C PRO NB 609 19.84 -137.26 -22.53
N SER NB 610 21.10 -136.83 -22.57
CA SER NB 610 21.91 -136.74 -21.37
C SER NB 610 21.60 -135.44 -20.63
N ALA NB 611 22.43 -135.11 -19.64
CA ALA NB 611 22.22 -133.90 -18.87
C ALA NB 611 22.58 -132.67 -19.70
N HIS NB 612 22.28 -131.50 -19.15
CA HIS NB 612 22.56 -130.23 -19.80
C HIS NB 612 23.76 -129.57 -19.17
N GLN NB 613 24.68 -129.14 -20.01
CA GLN NB 613 25.85 -128.39 -19.61
C GLN NB 613 25.81 -127.00 -20.22
N PHE NB 614 26.38 -126.04 -19.50
CA PHE NB 614 26.69 -124.77 -20.13
C PHE NB 614 27.93 -124.17 -19.51
N LEU NB 615 28.78 -123.65 -20.37
CA LEU NB 615 30.02 -123.01 -19.99
C LEU NB 615 29.88 -121.50 -20.16
N VAL NB 616 30.69 -120.78 -19.40
CA VAL NB 616 30.62 -119.33 -19.34
C VAL NB 616 32.03 -118.78 -19.36
N ARG NB 617 32.19 -117.62 -19.99
CA ARG NB 617 33.45 -116.90 -19.87
C ARG NB 617 33.23 -115.44 -20.20
N ASN NB 618 33.86 -114.57 -19.43
CA ASN NB 618 33.87 -113.13 -19.65
C ASN NB 618 35.28 -112.72 -20.05
N PHE NB 619 35.44 -112.16 -21.24
CA PHE NB 619 36.74 -111.82 -21.78
C PHE NB 619 36.74 -110.40 -22.32
N GLY NB 620 37.94 -109.90 -22.55
CA GLY NB 620 38.15 -108.54 -23.05
C GLY NB 620 39.30 -107.85 -22.37
N THR NB 621 39.03 -106.69 -21.79
CA THR NB 621 40.06 -105.95 -21.05
C THR NB 621 40.54 -106.78 -19.87
N GLY NB 622 41.81 -106.63 -19.55
CA GLY NB 622 42.43 -107.35 -18.45
C GLY NB 622 42.89 -108.73 -18.88
N GLY NB 623 42.43 -109.75 -18.18
CA GLY NB 623 42.77 -111.13 -18.48
C GLY NB 623 41.88 -111.71 -19.55
N VAL NB 624 41.83 -113.04 -19.58
CA VAL NB 624 41.00 -113.80 -20.50
C VAL NB 624 40.11 -114.72 -19.69
N GLY NB 625 38.81 -114.69 -19.99
CA GLY NB 625 37.85 -115.47 -19.24
C GLY NB 625 38.11 -116.96 -19.30
N LYS NB 626 38.03 -117.61 -18.14
CA LYS NB 626 38.22 -119.04 -18.04
C LYS NB 626 36.88 -119.75 -18.11
N TRP NB 627 36.85 -120.84 -18.85
CA TRP NB 627 35.60 -121.56 -19.12
C TRP NB 627 35.09 -122.18 -17.83
N SER NB 628 34.13 -121.53 -17.21
CA SER NB 628 33.45 -122.04 -16.03
C SER NB 628 32.28 -122.91 -16.47
N LEU NB 629 32.23 -124.14 -15.98
CA LEU NB 629 31.19 -125.09 -16.38
C LEU NB 629 30.11 -125.18 -15.32
N PHE NB 630 28.87 -125.41 -15.79
CA PHE NB 630 27.74 -125.66 -14.92
C PHE NB 630 26.98 -126.85 -15.51
N GLU NB 631 26.83 -127.88 -14.70
CA GLU NB 631 26.19 -129.13 -15.09
C GLU NB 631 24.83 -129.23 -14.40
N GLY NB 632 23.89 -129.91 -15.05
CA GLY NB 632 22.59 -130.15 -14.46
C GLY NB 632 22.36 -131.59 -14.09
N LYS NB 633 21.36 -131.83 -13.24
CA LYS NB 633 20.98 -133.15 -12.80
C LYS NB 633 19.81 -133.64 -13.63
N VAL NB 634 19.95 -134.80 -14.25
CA VAL NB 634 18.85 -135.35 -15.03
C VAL NB 634 17.74 -135.74 -14.07
N VAL NB 635 16.53 -135.28 -14.37
CA VAL NB 635 15.36 -135.51 -13.53
C VAL NB 635 14.17 -135.80 -14.43
N GLU NB 636 13.28 -136.65 -13.93
CA GLU NB 636 12.08 -137.02 -14.66
C GLU NB 636 10.98 -136.00 -14.42
N ASN OB 3 41.06 -10.81 -26.50
CA ASN OB 3 40.95 -10.18 -27.82
C ASN OB 3 41.37 -11.12 -28.94
N LYS OB 4 42.28 -12.04 -28.63
CA LYS OB 4 42.75 -13.04 -29.58
C LYS OB 4 42.62 -14.42 -28.95
N LEU OB 5 42.83 -15.43 -29.80
CA LEU OB 5 42.60 -16.80 -29.38
C LEU OB 5 43.65 -17.26 -28.40
N ILE OB 6 43.39 -18.42 -27.81
CA ILE OB 6 44.31 -19.07 -26.90
C ILE OB 6 44.61 -20.45 -27.47
N THR OB 7 45.68 -20.52 -28.26
CA THR OB 7 46.17 -21.76 -28.82
C THR OB 7 47.14 -22.49 -27.90
N ASP OB 8 47.20 -22.09 -26.63
CA ASP OB 8 48.00 -22.77 -25.61
C ASP OB 8 47.01 -23.29 -24.58
N LEU OB 9 46.47 -24.47 -24.84
CA LEU OB 9 45.42 -25.02 -24.00
C LEU OB 9 45.99 -25.66 -22.74
N SER OB 10 45.21 -25.62 -21.68
CA SER OB 10 45.65 -26.19 -20.41
C SER OB 10 45.72 -27.71 -20.52
N ARG OB 11 46.74 -28.27 -19.88
CA ARG OB 11 47.04 -29.69 -19.96
C ARG OB 11 46.56 -30.45 -18.72
N VAL OB 12 45.48 -29.98 -18.09
CA VAL OB 12 44.95 -30.59 -16.88
C VAL OB 12 43.44 -30.78 -16.90
N PHE OB 13 42.79 -30.39 -17.99
CA PHE OB 13 41.35 -30.61 -18.21
C PHE OB 13 40.54 -30.12 -17.00
N ASP OB 14 40.54 -28.80 -16.84
CA ASP OB 14 39.79 -28.19 -15.75
C ASP OB 14 38.88 -27.09 -16.26
N TYR OB 15 38.28 -26.37 -15.33
CA TYR OB 15 37.43 -25.24 -15.67
C TYR OB 15 38.17 -24.25 -16.54
N ARG OB 16 39.47 -24.10 -16.29
CA ARG OB 16 40.28 -23.23 -17.13
C ARG OB 16 40.25 -23.70 -18.57
N TYR OB 17 40.46 -24.99 -18.80
CA TYR OB 17 40.48 -25.52 -20.16
C TYR OB 17 39.12 -25.33 -20.82
N VAL OB 18 38.05 -25.65 -20.11
CA VAL OB 18 36.72 -25.58 -20.70
C VAL OB 18 36.38 -24.14 -21.02
N ASP OB 19 36.75 -23.20 -20.14
CA ASP OB 19 36.47 -21.81 -20.40
C ASP OB 19 37.29 -21.30 -21.57
N GLU OB 20 38.53 -21.79 -21.70
CA GLU OB 20 39.34 -21.40 -22.85
C GLU OB 20 38.68 -21.85 -24.14
N ASN OB 21 38.25 -23.10 -24.19
CA ASN OB 21 37.59 -23.62 -25.39
C ASN OB 21 36.31 -22.85 -25.69
N GLU OB 22 35.52 -22.57 -24.67
CA GLU OB 22 34.26 -21.86 -24.88
C GLU OB 22 34.50 -20.45 -25.38
N TYR OB 23 35.39 -19.71 -24.71
CA TYR OB 23 35.78 -18.38 -25.15
C TYR OB 23 36.36 -18.41 -26.55
N ASN OB 24 37.08 -19.48 -26.88
CA ASN OB 24 37.68 -19.60 -28.20
C ASN OB 24 36.61 -19.67 -29.27
N PHE OB 25 35.60 -20.52 -29.07
CA PHE OB 25 34.54 -20.61 -30.07
C PHE OB 25 33.73 -19.32 -30.13
N LYS OB 26 33.47 -18.72 -28.97
CA LYS OB 26 32.74 -17.47 -28.95
C LYS OB 26 33.50 -16.39 -29.72
N LEU OB 27 34.81 -16.33 -29.52
CA LEU OB 27 35.62 -15.36 -30.22
C LEU OB 27 35.66 -15.64 -31.71
N ILE OB 28 35.70 -16.91 -32.09
CA ILE OB 28 35.73 -17.24 -33.52
C ILE OB 28 34.45 -16.74 -34.17
N SER OB 29 33.31 -17.02 -33.55
CA SER OB 29 32.04 -16.57 -34.10
C SER OB 29 32.01 -15.05 -34.20
N ASP OB 30 32.44 -14.37 -33.13
CA ASP OB 30 32.41 -12.91 -33.11
C ASP OB 30 33.32 -12.33 -34.17
N MET OB 31 34.55 -12.84 -34.27
CA MET OB 31 35.50 -12.32 -35.23
C MET OB 31 35.02 -12.55 -36.65
N LEU OB 32 34.42 -13.71 -36.91
CA LEU OB 32 33.93 -14.01 -38.25
C LEU OB 32 32.78 -13.09 -38.64
N THR OB 33 31.81 -12.93 -37.75
CA THR OB 33 30.69 -12.07 -38.12
C THR OB 33 31.15 -10.62 -38.25
N ASP OB 34 32.16 -10.22 -37.46
CA ASP OB 34 32.74 -8.90 -37.64
C ASP OB 34 33.38 -8.76 -39.01
N PHE OB 35 34.14 -9.77 -39.44
CA PHE OB 35 34.76 -9.71 -40.76
C PHE OB 35 33.71 -9.66 -41.86
N ASN OB 36 32.63 -10.42 -41.70
CA ASN OB 36 31.58 -10.40 -42.71
C ASN OB 36 30.92 -9.03 -42.79
N PHE OB 37 30.58 -8.46 -41.64
CA PHE OB 37 29.99 -7.14 -41.62
C PHE OB 37 30.96 -6.11 -42.18
N SER OB 38 32.25 -6.28 -41.92
CA SER OB 38 33.24 -5.33 -42.41
C SER OB 38 33.33 -5.38 -43.92
N LEU OB 39 33.33 -6.59 -44.47
CA LEU OB 39 33.34 -6.73 -45.93
C LEU OB 39 32.08 -6.13 -46.53
N GLU OB 40 30.94 -6.35 -45.89
CA GLU OB 40 29.70 -5.82 -46.43
C GLU OB 40 29.72 -4.29 -46.41
N TYR OB 41 30.22 -3.72 -45.33
CA TYR OB 41 30.36 -2.27 -45.24
C TYR OB 41 31.31 -1.76 -46.31
N HIS OB 42 32.43 -2.45 -46.51
CA HIS OB 42 33.37 -2.11 -47.57
C HIS OB 42 32.69 -2.11 -48.92
N ARG OB 43 31.90 -3.14 -49.19
CA ARG OB 43 31.32 -3.33 -50.50
C ARG OB 43 30.19 -2.34 -50.77
N ASN OB 44 29.45 -1.95 -49.73
CA ASN OB 44 28.25 -1.14 -49.92
C ASN OB 44 28.47 0.34 -49.63
N LYS OB 45 28.97 0.67 -48.44
CA LYS OB 45 28.88 2.03 -47.92
C LYS OB 45 30.20 2.69 -47.60
N GLU OB 46 31.32 1.96 -47.60
CA GLU OB 46 32.58 2.55 -47.19
C GLU OB 46 33.04 3.54 -48.24
N VAL OB 47 33.04 4.82 -47.89
CA VAL OB 47 33.53 5.84 -48.79
C VAL OB 47 35.04 5.73 -48.93
N PHE OB 48 35.53 5.85 -50.16
CA PHE OB 48 36.95 5.74 -50.46
C PHE OB 48 37.48 4.39 -50.00
N ALA OB 49 36.71 3.34 -50.30
CA ALA OB 49 37.13 1.98 -49.99
C ALA OB 49 38.45 1.65 -50.67
N HIS OB 50 38.60 2.05 -51.92
CA HIS OB 50 39.80 1.77 -52.70
C HIS OB 50 40.43 3.07 -53.16
N ASN OB 51 41.74 3.03 -53.28
CA ASN OB 51 42.48 4.11 -53.91
C ASN OB 51 42.36 3.99 -55.41
N GLY OB 52 42.42 5.14 -56.08
CA GLY OB 52 42.16 5.14 -57.52
C GLY OB 52 43.25 4.49 -58.32
N GLU OB 53 44.48 4.47 -57.79
CA GLU OB 53 45.56 3.79 -58.48
C GLU OB 53 45.31 2.29 -58.62
N GLN OB 54 44.47 1.72 -57.75
CA GLN OB 54 44.30 0.28 -57.72
C GLN OB 54 43.57 -0.22 -58.95
N ILE OB 55 42.35 0.27 -59.16
CA ILE OB 55 41.41 -0.38 -60.06
C ILE OB 55 41.94 -0.34 -61.48
N LYS OB 56 41.75 -1.46 -62.19
CA LYS OB 56 42.32 -1.64 -63.51
C LYS OB 56 41.30 -1.29 -64.59
N TYR OB 57 41.76 -0.57 -65.60
CA TYR OB 57 40.98 -0.26 -66.80
C TYR OB 57 41.63 -0.97 -67.97
N GLU OB 58 40.95 -1.99 -68.47
CA GLU OB 58 41.47 -2.84 -69.54
C GLU OB 58 40.77 -2.50 -70.84
N HIS OB 59 41.50 -1.86 -71.74
CA HIS OB 59 41.08 -1.68 -73.11
C HIS OB 59 41.55 -2.89 -73.90
N LEU OB 60 41.52 -2.81 -75.23
CA LEU OB 60 42.15 -3.84 -76.02
C LEU OB 60 43.63 -3.92 -75.71
N ASN OB 61 44.10 -5.11 -75.32
CA ASN OB 61 45.52 -5.45 -75.19
C ASN OB 61 46.30 -4.44 -74.36
N VAL OB 62 45.61 -3.71 -73.49
CA VAL OB 62 46.18 -2.56 -72.78
C VAL OB 62 45.70 -2.62 -71.35
N THR OB 63 46.61 -2.36 -70.43
CA THR OB 63 46.32 -2.37 -69.00
C THR OB 63 46.78 -1.08 -68.39
N SER OB 64 45.95 -0.52 -67.52
CA SER OB 64 46.28 0.71 -66.83
C SER OB 64 45.28 0.90 -65.70
N SER OB 65 45.62 1.80 -64.80
CA SER OB 65 44.76 2.09 -63.67
C SER OB 65 43.61 2.97 -64.16
N VAL OB 66 42.85 3.52 -63.22
CA VAL OB 66 41.86 4.54 -63.53
C VAL OB 66 42.37 5.93 -63.20
N SER OB 67 43.15 6.07 -62.12
CA SER OB 67 43.69 7.38 -61.79
C SER OB 67 44.61 7.88 -62.87
N ASP OB 68 45.50 7.02 -63.36
CA ASP OB 68 46.40 7.40 -64.44
C ASP OB 68 45.62 7.76 -65.69
N PHE OB 69 44.62 6.95 -66.02
CA PHE OB 69 43.82 7.20 -67.21
C PHE OB 69 43.06 8.52 -67.11
N LEU OB 70 42.50 8.80 -65.94
CA LEU OB 70 41.75 10.03 -65.76
C LEU OB 70 42.67 11.25 -65.83
N THR OB 71 43.86 11.14 -65.24
CA THR OB 71 44.81 12.23 -65.35
C THR OB 71 45.21 12.45 -66.80
N TYR OB 72 45.30 11.36 -67.56
CA TYR OB 72 45.66 11.47 -68.97
C TYR OB 72 44.55 12.12 -69.78
N LEU OB 73 43.30 11.78 -69.47
CA LEU OB 73 42.17 12.45 -70.11
C LEU OB 73 42.16 13.94 -69.79
N ASN OB 74 42.42 14.28 -68.53
CA ASN OB 74 42.42 15.68 -68.13
C ASN OB 74 43.57 16.42 -68.80
N GLY OB 75 44.73 15.79 -68.91
CA GLY OB 75 45.84 16.40 -69.60
C GLY OB 75 45.56 16.61 -71.08
N ARG OB 76 44.87 15.66 -71.71
CA ARG OB 76 44.46 15.83 -73.09
C ARG OB 76 43.57 17.04 -73.25
N PHE OB 77 42.55 17.13 -72.40
CA PHE OB 77 41.65 18.27 -72.45
C PHE OB 77 42.42 19.58 -72.29
N SER OB 78 43.28 19.63 -71.28
CA SER OB 78 44.01 20.84 -70.99
C SER OB 78 44.90 21.23 -72.16
N ASN OB 79 45.57 20.25 -72.77
CA ASN OB 79 46.44 20.56 -73.89
C ASN OB 79 45.64 21.04 -75.09
N MET OB 80 44.55 20.36 -75.41
CA MET OB 80 43.74 20.75 -76.56
C MET OB 80 43.17 22.14 -76.36
N VAL OB 81 42.89 22.52 -75.12
CA VAL OB 81 42.30 23.84 -74.88
C VAL OB 81 43.36 24.92 -74.84
N LEU OB 82 44.24 24.87 -73.84
CA LEU OB 82 45.20 25.96 -73.61
C LEU OB 82 46.59 25.66 -74.15
N GLY OB 83 46.73 24.65 -74.98
CA GLY OB 83 48.02 24.37 -75.60
C GLY OB 83 48.18 25.09 -76.91
N HIS OB 84 49.25 25.88 -77.04
CA HIS OB 84 49.50 26.60 -78.28
C HIS OB 84 49.69 25.61 -79.42
N ASN OB 85 49.39 26.06 -80.63
CA ASN OB 85 49.42 25.22 -81.80
C ASN OB 85 49.93 26.02 -82.99
N GLY OB 86 50.00 25.34 -84.14
CA GLY OB 86 50.48 25.93 -85.37
C GLY OB 86 51.55 25.06 -86.01
N ASP OB 87 51.86 25.43 -87.26
CA ASP OB 87 52.85 24.77 -88.13
C ASP OB 87 52.92 23.26 -87.93
N GLY OB 88 51.75 22.63 -88.04
CA GLY OB 88 51.67 21.20 -87.78
C GLY OB 88 52.43 20.37 -88.80
N ILE OB 89 52.42 20.82 -90.06
CA ILE OB 89 53.12 20.07 -91.10
C ILE OB 89 54.62 20.08 -90.83
N ASN OB 90 55.15 21.25 -90.47
CA ASN OB 90 56.56 21.34 -90.12
C ASN OB 90 56.86 20.54 -88.87
N GLU OB 91 55.93 20.53 -87.91
CA GLU OB 91 56.11 19.74 -86.70
C GLU OB 91 56.25 18.26 -87.04
N VAL OB 92 55.41 17.76 -87.93
CA VAL OB 92 55.46 16.35 -88.30
C VAL OB 92 56.75 16.06 -89.08
N LYS OB 93 57.10 16.93 -90.02
CA LYS OB 93 58.29 16.68 -90.84
C LYS OB 93 59.56 16.78 -90.01
N ASP OB 94 59.51 17.49 -88.88
CA ASP OB 94 60.64 17.50 -87.96
C ASP OB 94 60.61 16.33 -87.00
N ALA OB 95 59.42 15.88 -86.61
CA ALA OB 95 59.29 14.67 -85.79
C ALA OB 95 59.75 13.43 -86.50
N ARG OB 96 59.78 13.46 -87.84
CA ARG OB 96 60.30 12.34 -88.61
C ARG OB 96 61.70 11.90 -88.19
N VAL OB 97 62.49 12.79 -87.57
CA VAL OB 97 63.85 12.45 -87.18
C VAL OB 97 63.82 11.66 -85.87
N ASP OB 98 64.80 10.77 -85.71
CA ASP OB 98 64.90 9.95 -84.52
C ASP OB 98 65.84 10.62 -83.52
N ASN OB 99 65.97 9.99 -82.35
CA ASN OB 99 66.65 10.56 -81.21
C ASN OB 99 68.15 10.23 -81.20
N THR OB 100 68.73 9.98 -82.37
CA THR OB 100 70.16 9.75 -82.52
C THR OB 100 70.81 10.60 -83.60
N GLY OB 101 70.04 11.17 -84.53
CA GLY OB 101 70.57 12.03 -85.58
C GLY OB 101 70.40 11.46 -86.97
N TYR OB 102 69.31 10.74 -87.19
CA TYR OB 102 69.01 10.13 -88.49
C TYR OB 102 67.58 10.51 -88.87
N ASP OB 103 67.44 11.17 -90.01
CA ASP OB 103 66.14 11.63 -90.48
C ASP OB 103 65.49 10.52 -91.28
N HIS OB 104 64.44 9.92 -90.71
CA HIS OB 104 63.71 8.88 -91.41
C HIS OB 104 62.96 9.48 -92.58
N LYS OB 105 62.25 8.63 -93.31
CA LYS OB 105 61.48 9.06 -94.46
C LYS OB 105 60.06 9.45 -94.08
N THR OB 106 59.46 8.76 -93.11
CA THR OB 106 58.10 9.04 -92.70
C THR OB 106 57.97 8.86 -91.20
N LEU OB 107 56.96 9.54 -90.64
CA LEU OB 107 56.76 9.50 -89.19
C LEU OB 107 56.39 8.11 -88.72
N GLN OB 108 55.52 7.42 -89.46
CA GLN OB 108 55.12 6.08 -89.05
C GLN OB 108 56.30 5.13 -89.11
N ASP OB 109 57.15 5.25 -90.13
CA ASP OB 109 58.30 4.39 -90.21
C ASP OB 109 59.28 4.67 -89.07
N ARG OB 110 59.42 5.95 -88.70
CA ARG OB 110 60.26 6.29 -87.57
C ARG OB 110 59.73 5.68 -86.29
N LEU OB 111 58.44 5.86 -86.02
CA LEU OB 111 57.84 5.30 -84.82
C LEU OB 111 57.99 3.79 -84.80
N TYR OB 112 57.80 3.15 -85.95
CA TYR OB 112 57.94 1.71 -86.03
C TYR OB 112 59.35 1.28 -85.70
N HIS OB 113 60.35 1.94 -86.29
CA HIS OB 113 61.73 1.58 -86.02
C HIS OB 113 62.06 1.75 -84.55
N ASP OB 114 61.61 2.84 -83.96
CA ASP OB 114 61.89 3.10 -82.56
C ASP OB 114 61.28 2.01 -81.67
N TYR OB 115 60.01 1.71 -81.88
CA TYR OB 115 59.35 0.71 -81.05
C TYR OB 115 59.91 -0.68 -81.29
N SER OB 116 60.33 -0.98 -82.52
CA SER OB 116 60.94 -2.28 -82.76
C SER OB 116 62.29 -2.39 -82.10
N THR OB 117 63.06 -1.31 -82.09
CA THR OB 117 64.33 -1.29 -81.38
C THR OB 117 64.12 -1.58 -79.90
N LEU OB 118 63.15 -0.89 -79.30
CA LEU OB 118 62.88 -1.08 -77.89
C LEU OB 118 62.41 -2.49 -77.60
N ASP OB 119 61.53 -3.02 -78.44
CA ASP OB 119 61.03 -4.38 -78.25
C ASP OB 119 62.14 -5.40 -78.38
N ALA OB 120 63.05 -5.20 -79.33
CA ALA OB 120 64.16 -6.14 -79.50
C ALA OB 120 65.09 -6.09 -78.31
N PHE OB 121 65.41 -4.89 -77.83
CA PHE OB 121 66.27 -4.78 -76.65
C PHE OB 121 65.62 -5.45 -75.45
N THR OB 122 64.32 -5.23 -75.26
CA THR OB 122 63.64 -5.83 -74.12
C THR OB 122 63.58 -7.34 -74.24
N LYS OB 123 63.36 -7.86 -75.44
CA LYS OB 123 63.29 -9.30 -75.61
C LYS OB 123 64.66 -9.94 -75.43
N LYS OB 124 65.72 -9.25 -75.84
CA LYS OB 124 67.06 -9.75 -75.58
C LYS OB 124 67.35 -9.80 -74.09
N VAL OB 125 66.98 -8.73 -73.37
CA VAL OB 125 67.12 -8.72 -71.93
C VAL OB 125 66.32 -9.85 -71.31
N GLU OB 126 65.13 -10.11 -71.83
CA GLU OB 126 64.27 -11.13 -71.26
C GLU OB 126 64.83 -12.52 -71.50
N LYS OB 127 65.40 -12.76 -72.68
CA LYS OB 127 66.03 -14.04 -72.94
C LYS OB 127 67.23 -14.23 -72.03
N ALA OB 128 68.01 -13.19 -71.81
CA ALA OB 128 69.13 -13.29 -70.89
C ALA OB 128 68.65 -13.61 -69.49
N VAL OB 129 67.55 -12.97 -69.08
CA VAL OB 129 67.01 -13.21 -67.74
C VAL OB 129 66.54 -14.65 -67.60
N ASP OB 130 65.81 -15.14 -68.60
CA ASP OB 130 65.31 -16.50 -68.54
C ASP OB 130 66.45 -17.51 -68.52
N GLU OB 131 67.48 -17.28 -69.34
CA GLU OB 131 68.64 -18.16 -69.35
C GLU OB 131 69.34 -18.16 -68.01
N ASN OB 132 69.55 -16.97 -67.44
CA ASN OB 132 70.21 -16.87 -66.15
C ASN OB 132 69.40 -17.57 -65.07
N TYR OB 133 68.09 -17.41 -65.09
CA TYR OB 133 67.24 -18.07 -64.10
C TYR OB 133 67.28 -19.58 -64.26
N LYS OB 134 67.22 -20.06 -65.49
CA LYS OB 134 67.25 -21.50 -65.72
C LYS OB 134 68.58 -22.08 -65.31
N GLU OB 135 69.67 -21.36 -65.55
CA GLU OB 135 70.97 -21.84 -65.11
C GLU OB 135 71.04 -21.90 -63.60
N TYR OB 136 70.47 -20.88 -62.94
CA TYR OB 136 70.46 -20.88 -61.48
C TYR OB 136 69.65 -22.05 -60.94
N ARG OB 137 68.51 -22.32 -61.54
CA ARG OB 137 67.71 -23.46 -61.11
C ARG OB 137 68.44 -24.77 -61.33
N ALA OB 138 69.08 -24.92 -62.48
CA ALA OB 138 69.77 -26.17 -62.78
C ALA OB 138 70.99 -26.36 -61.90
N THR OB 139 71.55 -25.27 -61.38
CA THR OB 139 72.66 -25.40 -60.44
C THR OB 139 72.16 -25.62 -59.01
N GLU OB 140 71.01 -25.06 -58.66
CA GLU OB 140 70.50 -25.16 -57.29
C GLU OB 140 69.78 -26.47 -57.07
N TYR OB 141 68.66 -26.66 -57.76
CA TYR OB 141 67.88 -27.87 -57.66
C TYR OB 141 68.39 -28.93 -58.63
N ARG OB 142 69.68 -29.19 -58.61
CA ARG OB 142 70.25 -30.11 -59.57
C ARG OB 142 69.98 -31.53 -59.11
N PHE OB 143 69.44 -32.34 -60.00
CA PHE OB 143 69.20 -33.75 -59.76
C PHE OB 143 69.48 -34.46 -61.08
N GLU OB 144 70.70 -34.96 -61.22
CA GLU OB 144 71.17 -35.62 -62.43
C GLU OB 144 71.85 -36.91 -62.00
N PRO OB 145 71.09 -37.98 -61.75
CA PRO OB 145 71.71 -39.26 -61.41
C PRO OB 145 72.47 -39.91 -62.55
N LYS OB 146 72.55 -39.30 -63.73
CA LYS OB 146 73.57 -39.69 -64.70
C LYS OB 146 74.97 -39.47 -64.14
N GLU OB 147 75.10 -38.48 -63.27
CA GLU OB 147 76.35 -37.99 -62.72
C GLU OB 147 76.05 -37.70 -61.27
N GLN OB 148 76.77 -36.76 -60.65
CA GLN OB 148 76.54 -36.44 -59.25
C GLN OB 148 76.90 -37.63 -58.38
N GLU OB 149 78.20 -37.90 -58.29
CA GLU OB 149 78.80 -38.93 -57.46
C GLU OB 149 78.13 -38.97 -56.09
N PRO OB 150 77.94 -40.14 -55.51
CA PRO OB 150 77.09 -40.25 -54.34
C PRO OB 150 77.76 -39.70 -53.10
N GLU OB 151 76.97 -39.62 -52.04
CA GLU OB 151 77.43 -39.17 -50.73
C GLU OB 151 76.94 -40.16 -49.70
N PHE OB 152 77.82 -40.56 -48.78
CA PHE OB 152 77.40 -41.38 -47.66
C PHE OB 152 76.33 -40.65 -46.87
N ILE OB 153 75.45 -41.42 -46.25
CA ILE OB 153 74.37 -40.87 -45.44
C ILE OB 153 74.53 -41.41 -44.03
N THR OB 154 74.43 -42.72 -43.91
CA THR OB 154 74.43 -43.36 -42.60
C THR OB 154 74.72 -44.83 -42.77
N ASP OB 155 74.66 -45.54 -41.65
CA ASP OB 155 74.99 -46.94 -41.56
C ASP OB 155 73.96 -47.59 -40.66
N LEU OB 156 73.65 -48.84 -40.96
CA LEU OB 156 72.52 -49.53 -40.35
C LEU OB 156 72.99 -50.64 -39.43
N SER OB 157 72.27 -50.80 -38.33
CA SER OB 157 72.65 -51.72 -37.26
C SER OB 157 71.45 -52.56 -36.86
N PRO OB 158 70.92 -53.36 -37.78
CA PRO OB 158 69.84 -54.27 -37.42
C PRO OB 158 70.38 -55.49 -36.71
N TYR OB 159 69.51 -56.13 -35.95
CA TYR OB 159 69.86 -57.36 -35.24
C TYR OB 159 69.38 -58.55 -36.07
N THR OB 160 70.09 -58.77 -37.17
CA THR OB 160 69.85 -59.92 -38.03
C THR OB 160 71.06 -60.15 -38.89
N ASN OB 161 71.47 -61.41 -39.01
CA ASN OB 161 72.63 -61.79 -39.80
C ASN OB 161 72.19 -62.26 -41.18
N ALA OB 162 71.62 -61.34 -41.93
CA ALA OB 162 71.19 -61.62 -43.29
C ALA OB 162 71.30 -60.36 -44.13
N VAL OB 163 71.46 -60.56 -45.43
CA VAL OB 163 71.61 -59.45 -46.34
C VAL OB 163 70.32 -58.68 -46.42
N MET OB 164 70.40 -57.36 -46.29
CA MET OB 164 69.21 -56.54 -46.36
C MET OB 164 68.73 -56.49 -47.80
N GLN OB 165 67.43 -56.28 -47.96
CA GLN OB 165 66.79 -56.42 -49.27
C GLN OB 165 65.90 -55.24 -49.60
N SER OB 166 65.47 -54.47 -48.61
CA SER OB 166 64.82 -53.21 -48.95
C SER OB 166 64.97 -52.21 -47.82
N PHE OB 167 64.79 -50.94 -48.17
CA PHE OB 167 65.26 -49.83 -47.35
C PHE OB 167 64.42 -48.61 -47.66
N TRP OB 168 63.54 -48.23 -46.73
CA TRP OB 168 62.71 -47.06 -46.87
C TRP OB 168 62.90 -46.11 -45.70
N VAL OB 169 62.75 -44.83 -45.98
CA VAL OB 169 62.85 -43.77 -44.99
C VAL OB 169 61.50 -43.09 -44.90
N ASP OB 170 61.15 -42.66 -43.70
CA ASP OB 170 59.86 -42.00 -43.47
C ASP OB 170 60.09 -40.50 -43.34
N PRO OB 171 59.72 -39.68 -44.33
CA PRO OB 171 59.99 -38.25 -44.20
C PRO OB 171 59.22 -37.57 -43.08
N ARG OB 172 58.17 -38.19 -42.57
CA ARG OB 172 57.34 -37.57 -41.56
C ARG OB 172 57.87 -37.77 -40.15
N THR OB 173 58.72 -38.78 -39.94
CA THR OB 173 59.30 -39.04 -38.64
C THR OB 173 60.78 -39.43 -38.68
N LYS OB 174 61.38 -39.54 -39.86
CA LYS OB 174 62.81 -39.77 -39.98
C LYS OB 174 63.22 -41.10 -39.37
N ILE OB 175 62.43 -42.13 -39.68
CA ILE OB 175 62.65 -43.48 -39.19
C ILE OB 175 62.80 -44.39 -40.40
N ILE OB 176 63.66 -45.39 -40.27
CA ILE OB 176 63.97 -46.31 -41.37
C ILE OB 176 63.22 -47.60 -41.14
N TYR OB 177 62.76 -48.18 -42.24
CA TYR OB 177 62.18 -49.52 -42.28
C TYR OB 177 63.04 -50.35 -43.21
N MET OB 178 63.52 -51.47 -42.72
CA MET OB 178 64.61 -52.22 -43.35
C MET OB 178 64.23 -53.68 -43.38
N THR OB 179 63.99 -54.20 -44.58
CA THR OB 179 63.50 -55.56 -44.76
C THR OB 179 64.64 -56.48 -45.14
N GLN OB 180 64.83 -57.52 -44.33
CA GLN OB 180 65.73 -58.63 -44.61
C GLN OB 180 64.91 -59.89 -44.74
N ALA OB 181 65.43 -60.84 -45.50
CA ALA OB 181 64.80 -62.14 -45.72
C ALA OB 181 65.45 -63.16 -44.82
N ARG OB 182 64.67 -63.77 -43.92
CA ARG OB 182 65.26 -64.66 -42.95
C ARG OB 182 65.63 -65.96 -43.65
N PRO OB 183 66.34 -66.86 -42.96
CA PRO OB 183 66.70 -68.14 -43.58
C PRO OB 183 65.55 -68.91 -44.19
N GLY OB 184 64.38 -68.88 -43.56
CA GLY OB 184 63.21 -69.46 -44.16
C GLY OB 184 62.65 -68.58 -45.26
N ASN OB 185 61.46 -68.95 -45.73
CA ASN OB 185 60.72 -68.09 -46.64
C ASN OB 185 60.43 -66.74 -46.00
N HIS OB 186 60.03 -66.76 -44.73
CA HIS OB 186 59.60 -65.57 -44.02
C HIS OB 186 60.67 -64.47 -44.03
N TYR OB 187 60.22 -63.27 -43.69
CA TYR OB 187 61.12 -62.12 -43.68
C TYR OB 187 60.83 -61.28 -42.45
N MET OB 188 61.65 -60.26 -42.23
CA MET OB 188 61.48 -59.39 -41.10
C MET OB 188 61.87 -57.98 -41.49
N LEU OB 189 61.06 -57.02 -41.06
CA LEU OB 189 61.34 -55.61 -41.24
C LEU OB 189 61.62 -55.00 -39.89
N SER OB 190 62.78 -54.35 -39.78
CA SER OB 190 63.20 -53.67 -38.58
C SER OB 190 62.96 -52.19 -38.75
N ARG OB 191 62.28 -51.60 -37.77
CA ARG OB 191 62.07 -50.16 -37.70
C ARG OB 191 63.10 -49.60 -36.75
N LEU OB 192 63.79 -48.54 -37.18
CA LEU OB 192 64.92 -48.06 -36.41
C LEU OB 192 65.22 -46.59 -36.68
N LYS OB 193 66.22 -46.10 -35.95
CA LYS OB 193 66.48 -44.68 -35.80
C LYS OB 193 67.22 -44.14 -37.02
N PRO OB 194 67.27 -42.81 -37.17
CA PRO OB 194 67.96 -42.25 -38.34
C PRO OB 194 69.44 -42.55 -38.39
N ASN OB 195 70.11 -42.61 -37.23
CA ASN OB 195 71.53 -42.93 -37.23
C ASN OB 195 71.77 -44.41 -37.46
N GLY OB 196 70.84 -45.26 -37.03
CA GLY OB 196 71.00 -46.69 -37.13
C GLY OB 196 70.66 -47.45 -35.87
N GLN OB 197 70.35 -46.76 -34.78
CA GLN OB 197 70.02 -47.44 -33.54
C GLN OB 197 68.72 -48.20 -33.71
N PHE OB 198 68.79 -49.53 -33.58
CA PHE OB 198 67.62 -50.38 -33.64
C PHE OB 198 66.56 -49.92 -32.65
N ILE OB 199 65.29 -50.08 -33.03
CA ILE OB 199 64.17 -49.73 -32.18
C ILE OB 199 63.30 -50.96 -31.97
N ASP OB 200 62.76 -51.52 -33.06
CA ASP OB 200 61.92 -52.70 -32.92
C ASP OB 200 61.84 -53.42 -34.27
N ARG OB 201 61.15 -54.54 -34.28
CA ARG OB 201 61.09 -55.39 -35.46
C ARG OB 201 59.71 -56.02 -35.60
N LEU OB 202 59.46 -56.52 -36.80
CA LEU OB 202 58.25 -57.26 -37.10
C LEU OB 202 58.61 -58.39 -38.04
N LEU OB 203 58.26 -59.61 -37.64
CA LEU OB 203 58.55 -60.82 -38.39
C LEU OB 203 57.31 -61.19 -39.19
N VAL OB 204 57.38 -60.99 -40.49
CA VAL OB 204 56.32 -61.40 -41.41
C VAL OB 204 56.57 -62.88 -41.70
N LYS OB 205 55.75 -63.72 -41.09
CA LYS OB 205 55.84 -65.15 -41.28
C LYS OB 205 55.08 -65.57 -42.53
N ASN OB 206 55.71 -66.43 -43.31
CA ASN OB 206 55.20 -66.82 -44.61
C ASN OB 206 55.07 -65.60 -45.52
N GLY OB 207 56.13 -64.80 -45.52
CA GLY OB 207 56.33 -63.79 -46.54
C GLY OB 207 57.38 -64.29 -47.51
N GLY OB 208 57.55 -63.55 -48.59
CA GLY OB 208 58.50 -63.92 -49.62
C GLY OB 208 59.88 -63.35 -49.35
N HIS OB 209 60.65 -63.21 -50.41
CA HIS OB 209 61.92 -62.50 -50.30
C HIS OB 209 61.70 -61.06 -49.87
N GLY OB 210 60.54 -60.50 -50.19
CA GLY OB 210 60.18 -59.15 -49.77
C GLY OB 210 61.16 -58.12 -50.27
N THR OB 211 61.40 -58.12 -51.58
CA THR OB 211 62.48 -57.31 -52.12
C THR OB 211 62.15 -55.83 -52.05
N HIS OB 212 60.87 -55.48 -51.95
CA HIS OB 212 60.48 -54.13 -51.60
C HIS OB 212 59.01 -54.08 -51.24
N ASN OB 213 58.71 -53.41 -50.14
CA ASN OB 213 57.35 -53.05 -49.77
C ASN OB 213 57.09 -51.60 -50.15
N ALA OB 214 55.83 -51.19 -50.04
CA ALA OB 214 55.43 -49.81 -50.19
C ALA OB 214 54.91 -49.28 -48.88
N TYR OB 215 55.24 -48.02 -48.59
CA TYR OB 215 54.92 -47.39 -47.32
C TYR OB 215 54.13 -46.13 -47.62
N ARG OB 216 52.88 -46.12 -47.19
CA ARG OB 216 51.92 -45.10 -47.56
C ARG OB 216 51.37 -44.41 -46.34
N TYR OB 217 51.11 -43.12 -46.48
CA TYR OB 217 50.43 -42.32 -45.48
C TYR OB 217 49.10 -41.88 -46.08
N ILE OB 218 48.08 -42.73 -45.94
CA ILE OB 218 46.74 -42.35 -46.34
C ILE OB 218 46.29 -41.10 -45.59
N GLY OB 219 46.60 -41.06 -44.30
CA GLY OB 219 46.33 -39.92 -43.46
C GLY OB 219 47.48 -39.67 -42.53
N ASN OB 220 47.19 -39.65 -41.23
CA ASN OB 220 48.20 -39.49 -40.20
C ASN OB 220 48.79 -40.82 -39.73
N GLU OB 221 48.62 -41.89 -40.50
CA GLU OB 221 49.07 -43.21 -40.08
C GLU OB 221 49.66 -43.96 -41.27
N LEU OB 222 50.55 -44.90 -40.96
CA LEU OB 222 51.41 -45.54 -41.95
C LEU OB 222 50.89 -46.93 -42.23
N TRP OB 223 50.46 -47.16 -43.46
CA TRP OB 223 50.09 -48.47 -43.94
C TRP OB 223 51.22 -49.01 -44.80
N ILE OB 224 51.33 -50.33 -44.84
CA ILE OB 224 52.41 -51.03 -45.50
C ILE OB 224 51.78 -52.02 -46.46
N TYR OB 225 52.14 -51.91 -47.72
CA TYR OB 225 51.72 -52.85 -48.75
C TYR OB 225 52.88 -53.80 -49.01
N SER OB 226 52.59 -55.09 -49.04
CA SER OB 226 53.63 -56.09 -49.23
C SER OB 226 53.09 -57.24 -50.07
N ALA OB 227 54.00 -58.15 -50.37
CA ALA OB 227 53.76 -59.30 -51.23
C ALA OB 227 53.94 -60.55 -50.38
N VAL OB 228 52.86 -60.96 -49.73
CA VAL OB 228 52.88 -62.04 -48.75
C VAL OB 228 52.13 -63.22 -49.36
N LEU OB 229 52.72 -64.39 -49.25
CA LEU OB 229 52.17 -65.62 -49.77
C LEU OB 229 51.60 -66.44 -48.62
N ASP OB 230 50.38 -66.91 -48.79
CA ASP OB 230 49.71 -67.62 -47.70
C ASP OB 230 50.37 -68.98 -47.50
N ALA OB 231 49.80 -69.79 -46.62
CA ALA OB 231 50.35 -71.12 -46.36
C ALA OB 231 50.22 -72.06 -47.53
N ASN OB 232 49.42 -71.72 -48.54
CA ASN OB 232 49.24 -72.54 -49.73
C ASN OB 232 50.11 -72.08 -50.90
N GLU OB 233 51.15 -71.29 -50.62
CA GLU OB 233 52.07 -70.77 -51.64
C GLU OB 233 51.30 -70.06 -52.77
N ASN OB 234 50.42 -69.14 -52.35
CA ASN OB 234 49.67 -68.29 -53.27
C ASN OB 234 50.00 -66.84 -52.95
N ASN OB 235 50.69 -66.16 -53.87
CA ASN OB 235 51.12 -64.81 -53.62
C ASN OB 235 49.93 -63.88 -53.50
N LYS OB 236 50.07 -62.87 -52.64
CA LYS OB 236 48.97 -61.96 -52.36
C LYS OB 236 49.51 -60.57 -52.02
N PHE OB 237 48.88 -59.57 -52.60
CA PHE OB 237 49.22 -58.18 -52.34
C PHE OB 237 48.37 -57.71 -51.16
N VAL OB 238 49.02 -57.44 -50.04
CA VAL OB 238 48.33 -57.33 -48.76
C VAL OB 238 48.73 -56.07 -48.04
N ARG OB 239 47.75 -55.47 -47.38
CA ARG OB 239 47.86 -54.19 -46.69
C ARG OB 239 47.83 -54.44 -45.19
N PHE OB 240 48.70 -53.77 -44.45
CA PHE OB 240 48.68 -53.93 -43.00
C PHE OB 240 49.35 -52.73 -42.35
N GLN OB 241 49.53 -52.83 -41.03
CA GLN OB 241 50.10 -51.78 -40.22
C GLN OB 241 51.30 -52.32 -39.47
N TYR OB 242 52.13 -51.42 -38.99
CA TYR OB 242 53.31 -51.82 -38.25
C TYR OB 242 52.97 -52.10 -36.80
N ARG OB 243 53.67 -53.08 -36.24
CA ARG OB 243 53.66 -53.33 -34.81
C ARG OB 243 54.87 -54.18 -34.48
N THR OB 244 55.14 -54.30 -33.19
CA THR OB 244 56.33 -55.00 -32.72
C THR OB 244 55.99 -56.46 -32.48
N GLY OB 245 56.78 -57.35 -33.08
CA GLY OB 245 56.67 -58.78 -32.82
C GLY OB 245 56.57 -59.62 -34.06
N GLU OB 246 55.46 -60.34 -34.22
CA GLU OB 246 55.26 -61.26 -35.32
C GLU OB 246 53.90 -61.05 -35.94
N ILE OB 247 53.78 -61.42 -37.21
CA ILE OB 247 52.54 -61.27 -37.96
C ILE OB 247 52.51 -62.33 -39.04
N THR OB 248 51.37 -62.98 -39.19
CA THR OB 248 51.15 -63.97 -40.23
C THR OB 248 49.99 -63.51 -41.10
N TYR OB 249 49.91 -64.10 -42.29
CA TYR OB 249 48.80 -63.80 -43.17
C TYR OB 249 47.51 -64.26 -42.55
N GLY OB 250 46.47 -63.44 -42.69
CA GLY OB 250 45.22 -63.70 -42.02
C GLY OB 250 44.33 -62.48 -42.05
N ASN OB 251 43.35 -62.47 -41.15
CA ASN OB 251 42.43 -61.34 -41.07
C ASN OB 251 43.04 -60.14 -40.39
N GLU OB 252 44.21 -60.29 -39.76
CA GLU OB 252 44.91 -59.15 -39.18
C GLU OB 252 45.43 -58.21 -40.25
N MET OB 253 45.63 -58.70 -41.47
CA MET OB 253 46.19 -57.91 -42.57
C MET OB 253 45.28 -58.10 -43.77
N GLN OB 254 44.56 -57.05 -44.14
CA GLN OB 254 43.60 -57.10 -45.22
C GLN OB 254 44.30 -56.83 -46.55
N ASP OB 255 43.68 -57.32 -47.61
CA ASP OB 255 44.17 -57.15 -48.97
C ASP OB 255 43.39 -56.04 -49.66
N VAL OB 256 44.05 -55.39 -50.60
CA VAL OB 256 43.46 -54.23 -51.27
C VAL OB 256 42.56 -54.67 -52.42
N MET OB 257 43.00 -55.62 -53.22
CA MET OB 257 42.33 -55.97 -54.46
C MET OB 257 42.69 -57.42 -54.81
N PRO OB 258 42.00 -58.41 -54.24
CA PRO OB 258 42.42 -59.79 -54.45
C PRO OB 258 42.21 -60.26 -55.88
N ASN OB 259 41.10 -59.88 -56.50
CA ASN OB 259 40.78 -60.38 -57.83
C ASN OB 259 41.73 -59.87 -58.91
N ILE OB 260 42.57 -58.88 -58.60
CA ILE OB 260 43.48 -58.29 -59.56
C ILE OB 260 44.94 -58.58 -59.21
N PHE OB 261 45.27 -58.63 -57.93
CA PHE OB 261 46.65 -58.74 -57.46
C PHE OB 261 46.89 -60.07 -56.73
N ASN OB 262 46.37 -61.17 -57.27
CA ASN OB 262 46.67 -62.50 -56.77
C ASN OB 262 47.08 -63.47 -57.85
N ASP OB 263 47.16 -63.03 -59.11
CA ASP OB 263 47.56 -63.92 -60.18
C ASP OB 263 49.06 -64.19 -60.16
N ARG OB 264 49.86 -63.13 -60.05
CA ARG OB 264 51.30 -63.19 -60.13
C ARG OB 264 51.91 -62.56 -58.88
N TYR OB 265 53.19 -62.82 -58.67
CA TYR OB 265 53.94 -62.17 -57.60
C TYR OB 265 54.06 -60.70 -57.90
N THR OB 266 53.36 -59.88 -57.13
CA THR OB 266 53.36 -58.43 -57.30
C THR OB 266 53.83 -57.75 -56.02
N SER OB 267 54.63 -56.71 -56.18
CA SER OB 267 55.13 -55.90 -55.08
C SER OB 267 55.18 -54.46 -55.56
N ALA OB 268 54.83 -53.54 -54.68
CA ALA OB 268 54.56 -52.17 -55.05
C ALA OB 268 55.55 -51.20 -54.44
N ILE OB 269 55.61 -50.01 -55.02
CA ILE OB 269 56.21 -48.85 -54.38
C ILE OB 269 55.36 -47.62 -54.68
N TYR OB 270 55.32 -46.69 -53.73
CA TYR OB 270 54.43 -45.55 -53.75
C TYR OB 270 55.23 -44.26 -53.81
N ASN OB 271 54.70 -43.28 -54.53
CA ASN OB 271 55.31 -41.96 -54.66
C ASN OB 271 54.27 -40.92 -54.27
N PRO OB 272 54.46 -40.15 -53.19
CA PRO OB 272 53.41 -39.22 -52.77
C PRO OB 272 53.43 -37.88 -53.47
N ILE OB 273 54.47 -37.58 -54.24
CA ILE OB 273 54.53 -36.28 -54.91
C ILE OB 273 53.38 -36.17 -55.91
N GLU OB 274 53.21 -37.20 -56.72
CA GLU OB 274 52.07 -37.32 -57.63
C GLU OB 274 51.09 -38.40 -57.20
N ASN OB 275 51.34 -39.07 -56.08
CA ASN OB 275 50.37 -39.96 -55.46
C ASN OB 275 50.07 -41.17 -56.35
N LEU OB 276 51.13 -41.81 -56.80
CA LEU OB 276 51.04 -42.97 -57.67
C LEU OB 276 51.65 -44.19 -57.01
N MET OB 277 51.46 -45.33 -57.66
CA MET OB 277 51.89 -46.61 -57.12
C MET OB 277 52.24 -47.50 -58.30
N ILE OB 278 53.49 -47.93 -58.37
CA ILE OB 278 53.95 -48.81 -59.44
C ILE OB 278 54.15 -50.21 -58.88
N PHE OB 279 53.61 -51.19 -59.59
CA PHE OB 279 53.62 -52.58 -59.19
C PHE OB 279 54.52 -53.34 -60.14
N ARG OB 280 55.52 -54.03 -59.58
CA ARG OB 280 56.51 -54.80 -60.34
C ARG OB 280 56.05 -56.24 -60.35
N ARG OB 281 55.10 -56.54 -61.21
CA ARG OB 281 54.52 -57.88 -61.28
C ARG OB 281 55.38 -58.80 -62.13
N GLU OB 282 55.61 -59.99 -61.59
CA GLU OB 282 56.37 -61.02 -62.28
C GLU OB 282 55.54 -61.62 -63.40
N TYR OB 283 56.22 -62.28 -64.33
CA TYR OB 283 55.57 -63.06 -65.37
C TYR OB 283 55.63 -64.52 -64.96
N LYS OB 284 54.88 -65.36 -65.68
CA LYS OB 284 54.92 -66.79 -65.43
C LYS OB 284 55.79 -67.49 -66.47
N ALA OB 285 56.30 -68.67 -66.05
CA ALA OB 285 57.21 -69.50 -66.83
C ALA OB 285 56.72 -69.75 -68.25
N SER OB 286 55.41 -69.72 -68.48
CA SER OB 286 54.88 -69.94 -69.82
C SER OB 286 55.26 -68.79 -70.76
N GLU OB 287 55.02 -67.54 -70.33
CA GLU OB 287 55.20 -66.37 -71.18
C GLU OB 287 56.53 -65.66 -70.94
N ARG OB 288 57.41 -66.22 -70.10
CA ARG OB 288 58.75 -65.63 -69.93
C ARG OB 288 59.44 -65.42 -71.26
N GLN OB 289 59.64 -66.49 -72.01
CA GLN OB 289 60.41 -66.39 -73.25
C GLN OB 289 59.63 -65.64 -74.33
N LEU OB 290 58.30 -65.65 -74.25
CA LEU OB 290 57.51 -64.91 -75.22
C LEU OB 290 57.68 -63.42 -75.05
N LYS OB 291 57.70 -62.94 -73.80
CA LYS OB 291 57.87 -61.52 -73.53
C LYS OB 291 59.32 -61.09 -73.43
N ASN OB 292 60.25 -62.03 -73.25
CA ASN OB 292 61.67 -61.72 -73.08
C ASN OB 292 61.89 -60.78 -71.89
N SER OB 293 61.11 -60.96 -70.84
CA SER OB 293 61.21 -60.10 -69.67
C SER OB 293 60.54 -60.79 -68.48
N LEU OB 294 61.31 -60.97 -67.40
CA LEU OB 294 60.79 -61.63 -66.22
C LEU OB 294 59.80 -60.78 -65.44
N ASN OB 295 59.84 -59.46 -65.59
CA ASN OB 295 59.05 -58.56 -64.79
C ASN OB 295 58.47 -57.45 -65.65
N PHE OB 296 57.33 -56.91 -65.21
CA PHE OB 296 56.76 -55.73 -65.83
C PHE OB 296 56.20 -54.82 -64.76
N VAL OB 297 56.40 -53.54 -64.96
CA VAL OB 297 55.92 -52.51 -64.06
C VAL OB 297 54.63 -51.94 -64.64
N GLU OB 298 53.66 -51.70 -63.76
CA GLU OB 298 52.41 -51.07 -64.13
C GLU OB 298 52.04 -50.03 -63.09
N VAL OB 299 51.66 -48.86 -63.56
CA VAL OB 299 51.35 -47.72 -62.70
C VAL OB 299 49.86 -47.66 -62.43
N ARG OB 300 49.50 -47.18 -61.24
CA ARG OB 300 48.13 -46.91 -60.89
C ARG OB 300 48.09 -45.76 -59.91
N SER OB 301 47.03 -44.95 -59.99
CA SER OB 301 46.90 -43.88 -59.03
C SER OB 301 46.46 -44.42 -57.68
N ALA OB 302 46.82 -43.68 -56.63
CA ALA OB 302 46.52 -44.11 -55.28
C ALA OB 302 45.01 -44.19 -55.06
N ASP OB 303 44.26 -43.25 -55.62
CA ASP OB 303 42.81 -43.28 -55.44
C ASP OB 303 42.20 -44.45 -56.20
N ASP OB 304 42.70 -44.71 -57.40
CA ASP OB 304 42.21 -45.82 -58.21
C ASP OB 304 42.46 -47.15 -57.52
N ILE OB 305 43.63 -47.30 -56.90
CA ILE OB 305 43.95 -48.55 -56.22
C ILE OB 305 43.23 -48.63 -54.88
N ASP OB 306 42.91 -47.50 -54.27
CA ASP OB 306 42.16 -47.53 -53.02
C ASP OB 306 40.73 -48.03 -53.29
N LYS OB 307 40.08 -47.45 -54.28
CA LYS OB 307 38.75 -47.89 -54.66
C LYS OB 307 38.88 -48.99 -55.72
N GLY OB 308 37.75 -49.41 -56.27
CA GLY OB 308 37.70 -50.57 -57.15
C GLY OB 308 37.82 -50.29 -58.62
N ILE OB 309 38.96 -49.77 -59.07
CA ILE OB 309 39.20 -49.53 -60.50
C ILE OB 309 40.67 -49.76 -60.77
N ASP OB 310 40.95 -50.36 -61.93
CA ASP OB 310 42.33 -50.72 -62.28
C ASP OB 310 43.09 -49.52 -62.82
N LYS OB 311 42.67 -49.02 -63.99
CA LYS OB 311 43.25 -47.83 -64.63
C LYS OB 311 44.77 -47.91 -64.70
N VAL OB 312 45.24 -48.89 -65.46
CA VAL OB 312 46.66 -48.98 -65.75
C VAL OB 312 47.04 -47.80 -66.65
N LEU OB 313 47.74 -46.84 -66.08
CA LEU OB 313 48.11 -45.65 -66.81
C LEU OB 313 49.30 -45.90 -67.73
N TYR OB 314 50.26 -46.68 -67.26
CA TYR OB 314 51.51 -46.88 -67.96
C TYR OB 314 52.03 -48.27 -67.63
N GLN OB 315 52.44 -48.99 -68.65
CA GLN OB 315 52.89 -50.37 -68.54
C GLN OB 315 54.18 -50.53 -69.30
N MET OB 316 55.13 -51.26 -68.71
CA MET OB 316 56.44 -51.45 -69.32
C MET OB 316 56.98 -52.78 -68.84
N ASP OB 317 57.81 -53.39 -69.66
CA ASP OB 317 58.51 -54.63 -69.33
C ASP OB 317 59.98 -54.34 -69.08
N ILE OB 318 60.64 -55.26 -68.37
CA ILE OB 318 62.04 -55.13 -68.01
C ILE OB 318 62.82 -56.18 -68.81
N PRO OB 319 63.57 -55.80 -69.84
CA PRO OB 319 64.29 -56.81 -70.62
C PRO OB 319 65.31 -57.59 -69.79
N MET OB 320 65.73 -58.71 -70.39
CA MET OB 320 66.75 -59.55 -69.76
C MET OB 320 68.09 -58.84 -69.68
N GLU OB 321 68.32 -57.85 -70.55
CA GLU OB 321 69.53 -57.04 -70.45
C GLU OB 321 69.64 -56.37 -69.09
N TYR OB 322 68.50 -56.08 -68.45
CA TYR OB 322 68.47 -55.46 -67.13
C TYR OB 322 68.19 -56.46 -66.03
N THR OB 323 67.46 -57.53 -66.32
CA THR OB 323 67.11 -58.55 -65.34
C THR OB 323 67.85 -59.87 -65.62
N SER OB 324 69.11 -59.80 -66.02
CA SER OB 324 69.93 -60.98 -66.18
C SER OB 324 70.31 -61.54 -64.81
N ASP OB 325 70.98 -62.70 -64.84
CA ASP OB 325 71.40 -63.33 -63.59
C ASP OB 325 72.69 -62.72 -63.07
N THR OB 326 73.57 -62.26 -63.95
CA THR OB 326 74.76 -61.56 -63.51
C THR OB 326 74.42 -60.18 -62.97
N GLN OB 327 73.32 -59.59 -63.44
CA GLN OB 327 72.80 -58.33 -62.91
C GLN OB 327 71.31 -58.55 -62.66
N PRO OB 328 70.94 -59.09 -61.50
CA PRO OB 328 69.53 -59.31 -61.19
C PRO OB 328 68.90 -58.08 -60.56
N MET OB 329 67.61 -58.18 -60.29
CA MET OB 329 66.89 -57.07 -59.68
C MET OB 329 67.26 -56.95 -58.23
N GLN OB 330 67.48 -55.72 -57.79
CA GLN OB 330 67.69 -55.42 -56.38
C GLN OB 330 66.89 -54.20 -55.93
N GLY OB 331 66.51 -53.32 -56.86
CA GLY OB 331 65.83 -52.10 -56.47
C GLY OB 331 65.07 -51.44 -57.59
N ILE OB 332 63.98 -50.79 -57.21
CA ILE OB 332 63.09 -50.06 -58.10
C ILE OB 332 62.70 -48.76 -57.42
N THR OB 333 62.58 -47.69 -58.20
CA THR OB 333 62.14 -46.40 -57.65
C THR OB 333 61.51 -45.54 -58.73
N TYR OB 334 60.53 -44.75 -58.34
CA TYR OB 334 59.76 -43.92 -59.27
C TYR OB 334 59.88 -42.45 -58.86
N ASP OB 335 60.09 -41.59 -59.86
CA ASP OB 335 60.11 -40.15 -59.62
C ASP OB 335 59.98 -39.42 -60.95
N ALA OB 336 58.97 -38.58 -61.08
CA ALA OB 336 58.78 -37.72 -62.24
C ALA OB 336 58.70 -38.53 -63.52
N GLY OB 337 58.03 -39.68 -63.46
CA GLY OB 337 57.93 -40.54 -64.62
C GLY OB 337 59.23 -41.17 -65.05
N ILE OB 338 60.27 -41.08 -64.23
CA ILE OB 338 61.57 -41.65 -64.53
C ILE OB 338 61.74 -42.85 -63.61
N LEU OB 339 61.67 -44.05 -64.18
CA LEU OB 339 61.82 -45.26 -63.41
C LEU OB 339 63.29 -45.61 -63.28
N TYR OB 340 63.74 -45.83 -62.05
CA TYR OB 340 65.12 -46.17 -61.73
C TYR OB 340 65.17 -47.63 -61.34
N TRP OB 341 66.17 -48.34 -61.88
CA TRP OB 341 66.37 -49.76 -61.66
C TRP OB 341 67.80 -49.95 -61.18
N TYR OB 342 67.95 -50.50 -59.98
CA TYR OB 342 69.25 -50.72 -59.37
C TYR OB 342 69.50 -52.21 -59.33
N THR OB 343 70.59 -52.64 -59.96
CA THR OB 343 70.94 -54.04 -60.05
C THR OB 343 72.40 -54.20 -59.71
N GLY OB 344 72.73 -55.34 -59.11
CA GLY OB 344 74.10 -55.61 -58.72
C GLY OB 344 74.28 -57.05 -58.31
N ASP OB 345 75.39 -57.64 -58.70
CA ASP OB 345 75.66 -59.01 -58.34
C ASP OB 345 76.16 -59.07 -56.89
N SER OB 346 76.23 -60.28 -56.36
CA SER OB 346 76.74 -60.50 -55.03
C SER OB 346 78.27 -60.54 -54.98
N LYS OB 347 78.96 -60.08 -56.01
CA LYS OB 347 80.41 -59.99 -56.00
C LYS OB 347 80.85 -58.75 -56.76
N PRO OB 348 81.99 -58.15 -56.40
CA PRO OB 348 82.40 -56.91 -57.05
C PRO OB 348 82.97 -57.09 -58.45
N ALA OB 349 83.09 -58.32 -58.93
CA ALA OB 349 83.61 -58.54 -60.27
C ALA OB 349 82.60 -58.10 -61.33
N ASN OB 350 81.33 -58.42 -61.11
CA ASN OB 350 80.25 -58.03 -62.00
C ASN OB 350 79.70 -56.69 -61.53
N PRO OB 351 80.11 -55.57 -62.13
CA PRO OB 351 79.81 -54.28 -61.50
C PRO OB 351 78.33 -53.97 -61.54
N ASN OB 352 77.84 -53.36 -60.46
CA ASN OB 352 76.44 -53.00 -60.39
C ASN OB 352 76.12 -51.93 -61.41
N TYR OB 353 74.84 -51.60 -61.52
CA TYR OB 353 74.38 -50.62 -62.49
C TYR OB 353 73.07 -50.02 -62.01
N LEU OB 354 73.00 -48.70 -62.01
CA LEU OB 354 71.77 -47.97 -61.81
C LEU OB 354 71.37 -47.39 -63.15
N GLN OB 355 70.18 -47.74 -63.62
CA GLN OB 355 69.69 -47.32 -64.92
C GLN OB 355 68.35 -46.63 -64.73
N GLY OB 356 68.28 -45.39 -65.16
CA GLY OB 356 67.05 -44.62 -65.12
C GLY OB 356 66.50 -44.47 -66.53
N PHE OB 357 65.19 -44.51 -66.65
CA PHE OB 357 64.60 -44.37 -67.98
C PHE OB 357 63.12 -44.03 -67.87
N ASP OB 358 62.66 -43.25 -68.85
CA ASP OB 358 61.28 -42.79 -68.86
C ASP OB 358 60.34 -43.97 -69.02
N ILE OB 359 59.21 -43.89 -68.33
CA ILE OB 359 58.20 -44.94 -68.36
C ILE OB 359 57.21 -44.70 -69.49
N LYS OB 360 56.91 -43.44 -69.79
CA LYS OB 360 55.88 -43.14 -70.78
C LYS OB 360 56.29 -43.63 -72.17
N THR OB 361 57.57 -43.54 -72.49
CA THR OB 361 58.08 -43.86 -73.81
C THR OB 361 58.75 -45.22 -73.90
N LYS OB 362 59.06 -45.85 -72.76
CA LYS OB 362 59.69 -47.16 -72.72
C LYS OB 362 61.03 -47.15 -73.47
N GLU OB 363 61.95 -46.37 -72.93
CA GLU OB 363 63.24 -46.13 -73.54
C GLU OB 363 64.34 -46.40 -72.52
N LEU OB 364 65.57 -45.97 -72.83
CA LEU OB 364 66.67 -45.99 -71.88
C LEU OB 364 67.26 -44.59 -71.82
N LEU OB 365 67.01 -43.89 -70.73
CA LEU OB 365 67.58 -42.55 -70.57
C LEU OB 365 69.06 -42.63 -70.24
N PHE OB 366 69.42 -43.45 -69.26
CA PHE OB 366 70.82 -43.55 -68.89
C PHE OB 366 71.05 -44.77 -68.02
N LYS OB 367 72.32 -45.13 -67.89
CA LYS OB 367 72.76 -46.16 -66.97
C LYS OB 367 74.19 -45.88 -66.57
N ARG OB 368 74.51 -46.11 -65.31
CA ARG OB 368 75.83 -45.83 -64.79
C ARG OB 368 76.26 -46.90 -63.82
N ARG OB 369 77.58 -47.07 -63.75
CA ARG OB 369 78.24 -47.84 -62.72
C ARG OB 369 78.55 -46.92 -61.56
N ILE OB 370 78.42 -47.45 -60.34
CA ILE OB 370 78.70 -46.67 -59.15
C ILE OB 370 79.32 -47.58 -58.10
N ASP OB 371 80.46 -47.16 -57.56
CA ASP OB 371 81.19 -47.91 -56.54
C ASP OB 371 80.69 -47.44 -55.19
N ILE OB 372 79.66 -48.11 -54.70
CA ILE OB 372 79.04 -47.77 -53.42
C ILE OB 372 79.64 -48.67 -52.35
N GLY OB 373 80.00 -48.06 -51.24
CA GLY OB 373 80.62 -48.77 -50.13
C GLY OB 373 82.12 -48.56 -50.11
N GLY OB 374 82.87 -49.66 -50.07
CA GLY OB 374 84.31 -49.56 -49.98
C GLY OB 374 84.89 -48.86 -51.20
N VAL OB 375 85.86 -48.00 -50.96
CA VAL OB 375 86.41 -47.18 -52.03
C VAL OB 375 87.43 -48.01 -52.82
N ASN OB 376 87.64 -47.59 -54.07
CA ASN OB 376 88.61 -48.20 -54.97
C ASN OB 376 88.28 -49.63 -55.30
N ASN OB 377 87.01 -50.02 -55.21
CA ASN OB 377 86.56 -51.40 -55.35
C ASN OB 377 87.15 -52.34 -54.30
N ASN OB 378 87.70 -51.81 -53.21
CA ASN OB 378 88.30 -52.60 -52.16
C ASN OB 378 87.29 -52.70 -51.02
N PHE OB 379 86.39 -53.66 -51.16
CA PHE OB 379 85.34 -53.88 -50.18
C PHE OB 379 85.81 -54.79 -49.06
N LYS OB 380 84.97 -54.92 -48.04
CA LYS OB 380 85.29 -55.77 -46.90
C LYS OB 380 85.17 -57.22 -47.38
N GLY OB 381 86.31 -57.81 -47.70
CA GLY OB 381 86.31 -59.08 -48.39
C GLY OB 381 86.01 -58.89 -49.85
N ASP OB 382 85.01 -59.62 -50.36
CA ASP OB 382 84.51 -59.41 -51.72
C ASP OB 382 83.04 -59.78 -51.72
N PHE OB 383 82.17 -58.79 -51.42
CA PHE OB 383 80.73 -59.03 -51.45
C PHE OB 383 80.03 -57.68 -51.59
N GLN OB 384 79.81 -57.27 -52.84
CA GLN OB 384 79.05 -56.04 -53.12
C GLN OB 384 77.62 -56.40 -53.51
N GLU OB 385 76.91 -57.01 -52.58
CA GLU OB 385 75.53 -57.40 -52.84
C GLU OB 385 74.68 -56.15 -52.73
N ALA OB 386 74.09 -55.76 -53.85
CA ALA OB 386 73.34 -54.53 -53.93
C ALA OB 386 71.98 -54.69 -53.28
N GLU OB 387 71.33 -53.55 -53.07
CA GLU OB 387 70.03 -53.49 -52.43
C GLU OB 387 69.32 -52.27 -52.97
N GLY OB 388 68.00 -52.30 -52.90
CA GLY OB 388 67.21 -51.22 -53.43
C GLY OB 388 67.41 -49.85 -52.84
N LEU OB 389 66.47 -48.98 -53.18
CA LEU OB 389 66.70 -47.56 -53.15
C LEU OB 389 65.34 -46.89 -53.22
N ASP OB 390 65.27 -45.67 -52.72
CA ASP OB 390 64.01 -44.95 -52.68
C ASP OB 390 64.29 -43.46 -52.77
N MET OB 391 63.25 -42.67 -52.54
CA MET OB 391 63.25 -41.24 -52.81
C MET OB 391 62.65 -40.55 -51.59
N TYR OB 392 63.51 -39.94 -50.79
CA TYR OB 392 63.09 -39.21 -49.61
C TYR OB 392 62.67 -37.81 -50.02
N TYR OB 393 61.46 -37.42 -49.65
CA TYR OB 393 60.91 -36.10 -49.92
C TYR OB 393 60.69 -35.39 -48.60
N ASP OB 394 61.60 -34.49 -48.26
CA ASP OB 394 61.44 -33.69 -47.06
C ASP OB 394 60.23 -32.78 -47.21
N LEU OB 395 59.38 -32.75 -46.19
CA LEU OB 395 58.19 -31.92 -46.22
C LEU OB 395 58.47 -30.45 -45.97
N GLU OB 396 59.66 -30.10 -45.52
CA GLU OB 396 59.96 -28.72 -45.18
C GLU OB 396 60.36 -27.92 -46.41
N THR OB 397 61.29 -28.45 -47.20
CA THR OB 397 61.80 -27.77 -48.38
C THR OB 397 61.16 -28.25 -49.66
N GLY OB 398 60.81 -29.53 -49.74
CA GLY OB 398 60.25 -30.10 -50.95
C GLY OB 398 61.29 -30.61 -51.92
N ARG OB 399 62.49 -30.92 -51.43
CA ARG OB 399 63.61 -31.33 -52.27
C ARG OB 399 63.72 -32.85 -52.22
N LYS OB 400 63.45 -33.50 -53.34
CA LYS OB 400 63.59 -34.94 -53.41
C LYS OB 400 65.05 -35.33 -53.29
N ALA OB 401 65.28 -36.57 -52.89
CA ALA OB 401 66.63 -37.07 -52.72
C ALA OB 401 66.62 -38.58 -52.87
N LEU OB 402 67.34 -39.07 -53.87
CA LEU OB 402 67.46 -40.51 -54.05
C LEU OB 402 68.48 -41.04 -53.07
N LEU OB 403 68.19 -42.21 -52.51
CA LEU OB 403 69.13 -42.87 -51.63
C LEU OB 403 69.06 -44.37 -51.81
N ILE OB 404 70.23 -44.99 -51.79
CA ILE OB 404 70.47 -46.37 -52.17
C ILE OB 404 71.07 -47.10 -50.98
N GLY OB 405 70.75 -48.39 -50.86
CA GLY OB 405 71.34 -49.25 -49.86
C GLY OB 405 72.33 -50.21 -50.49
N VAL OB 406 73.33 -50.61 -49.71
CA VAL OB 406 74.34 -51.54 -50.20
C VAL OB 406 74.87 -52.33 -49.02
N THR OB 407 75.35 -53.53 -49.30
CA THR OB 407 76.04 -54.38 -48.34
C THR OB 407 77.42 -54.68 -48.87
N ILE OB 408 78.43 -54.49 -48.02
CA ILE OB 408 79.81 -54.76 -48.43
C ILE OB 408 80.45 -55.76 -47.48
N GLY OB 409 79.65 -56.41 -46.64
CA GLY OB 409 80.20 -57.26 -45.62
C GLY OB 409 80.56 -58.64 -46.13
N PRO OB 410 81.63 -59.25 -45.61
CA PRO OB 410 82.00 -60.60 -46.06
C PRO OB 410 81.37 -61.69 -45.22
N GLY OB 411 80.94 -62.75 -45.90
CA GLY OB 411 80.42 -63.91 -45.25
C GLY OB 411 79.21 -63.56 -44.41
N ASN OB 412 79.07 -64.24 -43.26
CA ASN OB 412 77.98 -63.95 -42.36
C ASN OB 412 78.01 -62.51 -41.89
N ASN OB 413 79.19 -61.94 -41.71
CA ASN OB 413 79.30 -60.53 -41.34
C ASN OB 413 78.83 -59.66 -42.49
N ARG OB 414 77.67 -59.02 -42.32
CA ARG OB 414 77.11 -58.13 -43.31
C ARG OB 414 77.18 -56.69 -42.82
N HIS OB 415 77.66 -55.81 -43.68
CA HIS OB 415 77.64 -54.37 -43.49
C HIS OB 415 76.39 -53.82 -44.17
N HIS OB 416 75.93 -52.66 -43.72
CA HIS OB 416 74.76 -52.05 -44.32
C HIS OB 416 75.03 -50.55 -44.41
N SER OB 417 75.42 -50.10 -45.60
CA SER OB 417 75.78 -48.72 -45.86
C SER OB 417 74.76 -48.08 -46.80
N ILE OB 418 74.60 -46.77 -46.67
CA ILE OB 418 73.60 -46.00 -47.40
C ILE OB 418 74.28 -44.83 -48.08
N TYR OB 419 73.97 -44.62 -49.35
CA TYR OB 419 74.48 -43.51 -50.13
C TYR OB 419 73.32 -42.75 -50.75
N SER OB 420 73.61 -41.57 -51.28
CA SER OB 420 72.56 -40.68 -51.75
C SER OB 420 73.04 -39.84 -52.92
N ILE OB 421 72.11 -39.52 -53.79
CA ILE OB 421 72.31 -38.65 -54.95
C ILE OB 421 71.39 -37.45 -54.83
N GLY OB 422 71.12 -37.03 -53.60
CA GLY OB 422 70.16 -35.98 -53.38
C GLY OB 422 70.67 -34.61 -53.79
N GLN OB 423 69.77 -33.65 -53.66
CA GLN OB 423 70.04 -32.27 -54.03
C GLN OB 423 70.72 -31.55 -52.88
N ARG OB 424 70.87 -30.24 -53.00
CA ARG OB 424 71.52 -29.45 -51.97
C ARG OB 424 70.55 -29.25 -50.81
N GLY OB 425 70.95 -29.71 -49.63
CA GLY OB 425 70.21 -29.46 -48.41
C GLY OB 425 69.46 -30.66 -47.85
N VAL OB 426 69.54 -31.82 -48.51
CA VAL OB 426 68.86 -33.03 -48.03
C VAL OB 426 69.84 -33.96 -47.33
N ASN OB 427 71.01 -34.23 -47.92
CA ASN OB 427 71.95 -35.14 -47.29
C ASN OB 427 72.47 -34.56 -45.98
N GLN OB 428 72.78 -33.26 -45.97
CA GLN OB 428 73.18 -32.58 -44.76
C GLN OB 428 72.13 -32.77 -43.68
N PHE OB 429 70.87 -32.55 -44.04
CA PHE OB 429 69.78 -32.69 -43.08
C PHE OB 429 69.64 -34.11 -42.59
N LEU OB 430 69.79 -35.09 -43.49
CA LEU OB 430 69.58 -36.48 -43.11
C LEU OB 430 70.67 -36.93 -42.15
N LYS OB 431 71.89 -36.45 -42.33
CA LYS OB 431 72.94 -36.79 -41.39
C LYS OB 431 72.77 -36.02 -40.08
N ASN OB 432 72.31 -34.78 -40.15
CA ASN OB 432 72.22 -33.94 -38.96
C ASN OB 432 70.93 -34.14 -38.17
N ILE OB 433 70.03 -35.02 -38.60
CA ILE OB 433 68.88 -35.39 -37.77
C ILE OB 433 69.35 -35.77 -36.37
N ALA OB 434 70.15 -36.83 -36.29
CA ALA OB 434 70.66 -37.34 -35.03
C ALA OB 434 72.03 -37.94 -35.27
N PRO OB 435 72.89 -37.94 -34.26
CA PRO OB 435 74.27 -38.36 -34.48
C PRO OB 435 74.42 -39.87 -34.41
N GLN OB 436 75.55 -40.34 -34.93
CA GLN OB 436 75.88 -41.75 -34.82
C GLN OB 436 76.12 -42.12 -33.37
N VAL OB 437 76.17 -43.43 -33.12
CA VAL OB 437 76.49 -43.90 -31.78
C VAL OB 437 77.98 -43.69 -31.51
N SER OB 438 78.31 -43.59 -30.23
CA SER OB 438 79.69 -43.44 -29.82
C SER OB 438 79.78 -43.76 -28.34
N MET OB 439 80.96 -44.18 -27.92
CA MET OB 439 81.16 -44.55 -26.53
C MET OB 439 80.93 -43.38 -25.61
N THR OB 440 81.30 -42.18 -26.04
CA THR OB 440 81.10 -40.95 -25.31
C THR OB 440 80.25 -40.03 -26.16
N ASP OB 441 79.54 -39.10 -25.50
CA ASP OB 441 78.48 -38.38 -26.19
C ASP OB 441 79.00 -37.56 -27.36
N SER OB 442 79.72 -36.47 -27.13
CA SER OB 442 80.54 -35.85 -28.17
C SER OB 442 81.83 -35.23 -27.67
N GLY OB 443 81.99 -35.02 -26.38
CA GLY OB 443 83.07 -34.22 -25.84
C GLY OB 443 83.96 -34.98 -24.87
N GLY OB 444 83.63 -36.23 -24.59
CA GLY OB 444 84.43 -37.05 -23.70
C GLY OB 444 83.83 -37.11 -22.32
N ARG OB 445 82.51 -37.15 -22.27
CA ARG OB 445 81.77 -37.41 -21.06
C ARG OB 445 81.03 -38.73 -21.21
N VAL OB 446 80.66 -39.28 -20.07
CA VAL OB 446 79.84 -40.48 -20.06
C VAL OB 446 78.48 -40.16 -20.67
N LYS OB 447 77.82 -41.19 -21.14
CA LYS OB 447 76.49 -41.07 -21.69
C LYS OB 447 75.44 -41.33 -20.61
N PRO OB 448 74.19 -40.96 -20.87
CA PRO OB 448 73.13 -41.14 -19.87
C PRO OB 448 72.39 -42.44 -20.08
N LEU OB 449 71.93 -43.00 -18.96
CA LEU OB 449 71.06 -44.15 -19.02
C LEU OB 449 69.76 -43.76 -19.73
N PRO OB 450 69.02 -44.74 -20.26
CA PRO OB 450 67.66 -44.46 -20.70
C PRO OB 450 66.65 -44.47 -19.57
N ILE OB 451 67.00 -45.02 -18.41
CA ILE OB 451 66.11 -45.09 -17.26
C ILE OB 451 66.93 -44.89 -16.00
N GLN OB 452 66.36 -44.17 -15.04
CA GLN OB 452 66.97 -44.01 -13.73
C GLN OB 452 66.56 -45.15 -12.81
N ASN OB 453 67.51 -45.63 -12.02
CA ASN OB 453 67.28 -46.71 -11.07
C ASN OB 453 66.76 -47.92 -11.82
N PRO OB 454 67.51 -48.43 -12.77
CA PRO OB 454 67.00 -49.49 -13.62
C PRO OB 454 66.85 -50.80 -12.86
N ALA OB 455 65.84 -51.57 -13.26
CA ALA OB 455 65.58 -52.84 -12.62
C ALA OB 455 66.41 -53.95 -13.23
N TYR OB 456 66.21 -54.20 -14.52
CA TYR OB 456 67.01 -55.15 -15.28
C TYR OB 456 68.09 -54.38 -16.03
N LEU OB 457 69.34 -54.67 -15.71
CA LEU OB 457 70.45 -54.02 -16.40
C LEU OB 457 70.49 -54.36 -17.88
N SER OB 458 69.77 -55.40 -18.31
CA SER OB 458 69.66 -55.73 -19.72
C SER OB 458 68.80 -54.74 -20.49
N ASP OB 459 68.09 -53.85 -19.80
CA ASP OB 459 67.28 -52.87 -20.50
C ASP OB 459 68.13 -51.91 -21.32
N ILE OB 460 69.38 -51.68 -20.90
CA ILE OB 460 70.26 -50.75 -21.58
C ILE OB 460 70.85 -51.46 -22.79
N THR OB 461 70.25 -51.24 -23.95
CA THR OB 461 70.74 -51.80 -25.20
C THR OB 461 71.75 -50.91 -25.88
N GLU OB 462 71.65 -49.59 -25.71
CA GLU OB 462 72.51 -48.68 -26.45
C GLU OB 462 73.94 -48.80 -25.97
N VAL OB 463 74.84 -49.09 -26.91
CA VAL OB 463 76.24 -49.25 -26.58
C VAL OB 463 76.81 -47.94 -26.08
N GLY OB 464 77.90 -48.04 -25.33
CA GLY OB 464 78.58 -46.89 -24.78
C GLY OB 464 78.73 -46.98 -23.28
N HIS OB 465 79.33 -45.96 -22.69
CA HIS OB 465 79.63 -45.93 -21.27
C HIS OB 465 78.53 -45.21 -20.51
N TYR OB 466 78.36 -45.58 -19.25
CA TYR OB 466 77.31 -45.09 -18.39
C TYR OB 466 77.85 -45.11 -16.97
N TYR OB 467 77.14 -44.47 -16.06
CA TYR OB 467 77.51 -44.47 -14.65
C TYR OB 467 76.27 -44.60 -13.80
N ILE OB 468 76.25 -45.63 -12.95
CA ILE OB 468 75.14 -45.91 -12.07
C ILE OB 468 75.49 -45.29 -10.72
N TYR OB 469 74.68 -44.32 -10.29
CA TYR OB 469 74.90 -43.75 -8.99
C TYR OB 469 74.66 -44.79 -7.90
N THR OB 470 75.20 -44.52 -6.72
CA THR OB 470 75.04 -45.43 -5.60
C THR OB 470 73.57 -45.61 -5.24
N GLN OB 471 72.75 -44.57 -5.43
CA GLN OB 471 71.33 -44.69 -5.14
C GLN OB 471 70.58 -45.39 -6.26
N ASP OB 472 71.08 -45.31 -7.49
CA ASP OB 472 70.43 -45.97 -8.61
C ASP OB 472 70.76 -47.45 -8.66
N THR OB 473 71.90 -47.85 -8.10
CA THR OB 473 72.26 -49.26 -8.06
C THR OB 473 71.36 -50.07 -7.15
N GLN OB 474 70.65 -49.42 -6.23
CA GLN OB 474 69.95 -50.13 -5.18
C GLN OB 474 68.92 -51.11 -5.73
N ASN OB 475 68.35 -50.81 -6.90
CA ASN OB 475 67.25 -51.64 -7.40
C ASN OB 475 67.76 -52.87 -8.13
N ALA OB 476 68.29 -52.67 -9.34
CA ALA OB 476 69.25 -53.55 -10.01
C ALA OB 476 68.97 -55.04 -9.79
N LEU OB 477 67.82 -55.49 -10.29
CA LEU OB 477 67.37 -56.86 -10.03
C LEU OB 477 68.38 -57.90 -10.48
N ASP OB 478 69.20 -57.59 -11.48
CA ASP OB 478 70.27 -58.47 -11.94
C ASP OB 478 71.57 -57.69 -11.79
N PHE OB 479 72.16 -57.80 -10.61
CA PHE OB 479 73.39 -57.13 -10.23
C PHE OB 479 74.37 -58.19 -9.76
N PRO OB 480 75.66 -58.10 -10.11
CA PRO OB 480 76.59 -59.15 -9.66
C PRO OB 480 76.67 -59.28 -8.16
N LEU OB 481 76.48 -58.20 -7.43
CA LEU OB 481 76.54 -58.19 -5.98
C LEU OB 481 75.14 -58.17 -5.38
N PRO OB 482 75.00 -58.49 -4.11
CA PRO OB 482 73.70 -58.39 -3.45
C PRO OB 482 73.44 -56.97 -2.98
N LYS OB 483 72.29 -56.77 -2.33
CA LYS OB 483 71.90 -55.46 -1.86
C LYS OB 483 72.82 -54.93 -0.77
N ALA OB 484 73.54 -55.80 -0.07
CA ALA OB 484 74.32 -55.39 1.08
C ALA OB 484 75.74 -54.96 0.72
N PHE OB 485 76.26 -55.44 -0.41
CA PHE OB 485 77.64 -55.17 -0.77
C PHE OB 485 77.81 -53.87 -1.54
N ARG OB 486 76.76 -53.43 -2.22
CA ARG OB 486 76.84 -52.23 -3.05
C ARG OB 486 76.67 -50.97 -2.21
N ASP OB 487 77.66 -50.09 -2.26
CA ASP OB 487 77.62 -48.81 -1.56
C ASP OB 487 77.98 -47.65 -2.49
N ALA OB 488 78.73 -47.91 -3.55
CA ALA OB 488 79.30 -46.88 -4.41
C ALA OB 488 78.84 -47.10 -5.86
N GLY OB 489 79.20 -46.14 -6.69
CA GLY OB 489 78.77 -46.16 -8.07
C GLY OB 489 79.55 -47.13 -8.92
N TRP OB 490 79.09 -47.31 -10.15
CA TRP OB 490 79.61 -48.33 -11.04
C TRP OB 490 79.68 -47.80 -12.45
N PHE OB 491 80.89 -47.70 -12.99
CA PHE OB 491 81.08 -47.41 -14.39
C PHE OB 491 80.59 -48.61 -15.18
N PHE OB 492 79.48 -48.45 -15.90
CA PHE OB 492 78.81 -49.54 -16.57
C PHE OB 492 78.79 -49.25 -18.05
N ASP OB 493 79.45 -50.10 -18.83
CA ASP OB 493 79.54 -49.89 -20.26
C ASP OB 493 79.07 -51.10 -21.03
N VAL OB 494 78.32 -50.82 -22.09
CA VAL OB 494 77.75 -51.81 -22.98
C VAL OB 494 78.57 -51.81 -24.26
N LEU OB 495 78.93 -52.99 -24.71
CA LEU OB 495 79.75 -53.18 -25.90
C LEU OB 495 79.02 -54.06 -26.89
N PRO OB 496 79.31 -53.92 -28.19
CA PRO OB 496 78.55 -54.68 -29.18
C PRO OB 496 78.81 -56.17 -29.09
N GLY OB 497 77.77 -56.94 -29.36
CA GLY OB 497 77.86 -58.38 -29.38
C GLY OB 497 78.00 -58.90 -30.78
N HIS OB 498 77.03 -59.68 -31.24
CA HIS OB 498 77.00 -60.19 -32.59
C HIS OB 498 75.69 -59.77 -33.25
N TYR OB 499 75.50 -60.24 -34.47
CA TYR OB 499 74.44 -59.71 -35.33
C TYR OB 499 73.06 -60.10 -34.88
N ASN OB 500 72.92 -61.07 -33.99
CA ASN OB 500 71.64 -61.31 -33.33
C ASN OB 500 71.54 -60.34 -32.15
N GLY OB 501 70.60 -60.56 -31.25
CA GLY OB 501 70.31 -59.58 -30.23
C GLY OB 501 71.19 -59.62 -29.01
N ALA OB 502 72.50 -59.76 -29.19
CA ALA OB 502 73.44 -59.91 -28.10
C ALA OB 502 74.21 -58.63 -27.83
N LEU OB 503 74.66 -58.49 -26.59
CA LEU OB 503 75.46 -57.34 -26.20
C LEU OB 503 76.26 -57.68 -24.95
N ARG OB 504 77.51 -57.26 -24.92
CA ARG OB 504 78.34 -57.43 -23.74
C ARG OB 504 78.11 -56.29 -22.77
N GLN OB 505 78.29 -56.58 -21.48
CA GLN OB 505 78.24 -55.59 -20.42
C GLN OB 505 79.46 -55.74 -19.53
N VAL OB 506 79.95 -54.61 -19.03
CA VAL OB 506 81.03 -54.59 -18.06
C VAL OB 506 80.70 -53.54 -17.02
N LEU OB 507 80.97 -53.86 -15.75
CA LEU OB 507 80.67 -52.98 -14.63
C LEU OB 507 81.87 -52.92 -13.71
N THR OB 508 82.49 -51.75 -13.59
CA THR OB 508 83.64 -51.54 -12.72
C THR OB 508 83.27 -50.58 -11.59
N ARG OB 509 83.43 -51.02 -10.35
CA ARG OB 509 83.10 -50.19 -9.20
C ARG OB 509 83.94 -48.92 -9.20
N ASN OB 510 83.42 -47.88 -8.55
CA ASN OB 510 84.06 -46.58 -8.44
C ASN OB 510 84.43 -46.34 -7.00
N SER OB 511 85.71 -46.50 -6.68
CA SER OB 511 86.16 -46.17 -5.34
C SER OB 511 87.68 -46.04 -5.27
N THR OB 512 88.15 -44.85 -4.90
CA THR OB 512 89.59 -44.62 -4.80
C THR OB 512 90.20 -45.31 -3.59
N GLY OB 513 89.48 -45.36 -2.47
CA GLY OB 513 90.02 -45.88 -1.24
C GLY OB 513 89.84 -47.37 -1.07
N ARG OB 514 89.72 -48.10 -2.17
CA ARG OB 514 89.52 -49.54 -2.12
C ARG OB 514 89.58 -50.06 -3.54
N ASN OB 515 89.43 -51.38 -3.68
CA ASN OB 515 89.67 -52.02 -4.97
C ASN OB 515 88.52 -51.78 -5.93
N MET OB 516 88.87 -51.53 -7.19
CA MET OB 516 87.90 -51.22 -8.24
C MET OB 516 87.55 -52.49 -9.03
N LEU OB 517 86.91 -53.42 -8.32
CA LEU OB 517 86.53 -54.69 -8.90
C LEU OB 517 85.60 -54.50 -10.09
N LYS OB 518 85.75 -55.39 -11.07
CA LYS OB 518 84.94 -55.36 -12.29
C LYS OB 518 84.30 -56.71 -12.55
N PHE OB 519 83.06 -56.65 -13.04
CA PHE OB 519 82.29 -57.78 -13.49
C PHE OB 519 81.99 -57.64 -14.97
N GLU OB 520 81.62 -58.75 -15.58
CA GLU OB 520 81.48 -58.82 -17.03
C GLU OB 520 80.44 -59.89 -17.36
N ARG OB 521 79.68 -59.64 -18.43
CA ARG OB 521 78.69 -60.62 -18.84
C ARG OB 521 78.23 -60.35 -20.27
N VAL OB 522 77.29 -61.19 -20.71
CA VAL OB 522 76.62 -61.07 -21.99
C VAL OB 522 75.12 -61.11 -21.72
N ILE OB 523 74.37 -60.36 -22.53
CA ILE OB 523 72.92 -60.31 -22.42
C ILE OB 523 72.32 -60.47 -23.80
N ASP OB 524 71.10 -61.00 -23.83
CA ASP OB 524 70.30 -61.10 -25.04
C ASP OB 524 69.03 -60.30 -24.81
N ILE OB 525 68.86 -59.27 -25.64
CA ILE OB 525 67.78 -58.30 -25.44
C ILE OB 525 66.42 -58.97 -25.60
N PHE OB 526 66.31 -59.92 -26.53
CA PHE OB 526 65.02 -60.53 -26.80
C PHE OB 526 64.65 -61.54 -25.72
N ASN OB 527 65.44 -62.60 -25.58
CA ASN OB 527 65.21 -63.61 -24.55
C ASN OB 527 66.09 -63.24 -23.36
N LYS OB 528 65.49 -62.52 -22.41
CA LYS OB 528 66.24 -62.09 -21.24
C LYS OB 528 66.74 -63.28 -20.43
N LYS OB 529 66.08 -64.42 -20.54
CA LYS OB 529 66.52 -65.61 -19.81
C LYS OB 529 67.86 -66.13 -20.32
N ASN OB 530 68.19 -65.87 -21.57
CA ASN OB 530 69.42 -66.36 -22.17
C ASN OB 530 70.63 -65.51 -21.81
N ASN OB 531 70.53 -64.60 -20.85
CA ASN OB 531 71.65 -63.76 -20.50
C ASN OB 531 72.57 -64.49 -19.53
N GLY OB 532 73.87 -64.38 -19.77
CA GLY OB 532 74.85 -65.08 -18.98
C GLY OB 532 74.87 -64.57 -17.56
N ALA OB 533 75.76 -65.18 -16.78
CA ALA OB 533 75.94 -64.81 -15.39
C ALA OB 533 77.05 -63.78 -15.28
N TRP OB 534 77.43 -63.44 -14.07
CA TRP OB 534 78.33 -62.32 -13.80
C TRP OB 534 79.73 -62.86 -13.55
N ASN OB 535 80.53 -62.87 -14.60
CA ASN OB 535 81.94 -63.17 -14.45
C ASN OB 535 82.62 -62.07 -13.63
N PHE OB 536 83.83 -62.37 -13.16
CA PHE OB 536 84.56 -61.48 -12.27
C PHE OB 536 86.04 -61.55 -12.58
N CYS OB 537 86.69 -60.38 -12.66
CA CYS OB 537 88.14 -60.27 -12.73
C CYS OB 537 88.70 -59.76 -11.41
N PRO OB 538 89.92 -60.17 -11.01
CA PRO OB 538 90.43 -59.79 -9.67
C PRO OB 538 90.58 -58.29 -9.46
N GLN OB 539 91.45 -57.67 -10.26
CA GLN OB 539 91.66 -56.22 -10.27
C GLN OB 539 91.84 -55.64 -8.86
N ASN OB 540 92.94 -56.05 -8.23
CA ASN OB 540 93.29 -55.59 -6.89
C ASN OB 540 94.35 -54.49 -6.96
N ALA OB 541 94.49 -53.77 -5.83
CA ALA OB 541 95.46 -52.71 -5.68
C ALA OB 541 96.26 -52.82 -4.40
N GLY OB 542 96.07 -53.88 -3.61
CA GLY OB 542 96.59 -53.95 -2.26
C GLY OB 542 95.61 -53.50 -1.21
N TYR OB 543 94.50 -52.89 -1.62
CA TYR OB 543 93.47 -52.53 -0.68
C TYR OB 543 92.71 -53.78 -0.23
N TRP OB 544 91.81 -53.58 0.73
CA TRP OB 544 91.12 -54.65 1.42
C TRP OB 544 89.62 -54.39 1.38
N GLU OB 545 88.87 -55.47 1.47
CA GLU OB 545 87.41 -55.42 1.52
C GLU OB 545 86.94 -56.13 2.78
N HIS OB 546 85.93 -55.55 3.42
CA HIS OB 546 85.36 -56.10 4.64
C HIS OB 546 83.96 -56.62 4.35
N ILE OB 547 83.61 -57.70 5.03
CA ILE OB 547 82.26 -58.24 4.90
C ILE OB 547 81.28 -57.28 5.57
N PRO OB 548 80.14 -56.93 4.95
CA PRO OB 548 79.18 -56.07 5.66
C PRO OB 548 78.44 -56.83 6.76
N LYS OB 549 77.41 -56.21 7.31
CA LYS OB 549 76.67 -56.81 8.43
C LYS OB 549 75.96 -58.12 8.07
N SER OB 550 75.95 -58.52 6.80
CA SER OB 550 75.53 -59.88 6.47
C SER OB 550 76.61 -60.87 6.86
N ILE OB 551 76.79 -61.05 8.16
CA ILE OB 551 77.83 -61.92 8.72
C ILE OB 551 77.14 -63.18 9.24
N THR OB 552 76.01 -63.54 8.62
CA THR OB 552 75.29 -64.73 9.05
C THR OB 552 76.12 -65.98 8.80
N LYS OB 553 76.54 -66.18 7.55
CA LYS OB 553 77.28 -67.36 7.14
C LYS OB 553 78.31 -66.97 6.10
N LEU OB 554 79.36 -67.77 6.02
CA LEU OB 554 80.33 -67.66 4.94
C LEU OB 554 79.85 -68.32 3.67
N SER OB 555 78.70 -69.01 3.69
CA SER OB 555 78.24 -69.73 2.52
C SER OB 555 77.61 -68.83 1.47
N ASP OB 556 77.30 -67.57 1.81
CA ASP OB 556 76.74 -66.65 0.85
C ASP OB 556 77.80 -66.05 -0.07
N LEU OB 557 79.08 -66.28 0.19
CA LEU OB 557 80.17 -65.66 -0.57
C LEU OB 557 80.64 -66.60 -1.67
N LYS OB 558 79.72 -66.93 -2.55
CA LYS OB 558 79.99 -67.86 -3.64
C LYS OB 558 80.80 -67.24 -4.77
N ILE OB 559 80.97 -65.93 -4.79
CA ILE OB 559 81.64 -65.28 -5.90
C ILE OB 559 83.12 -65.65 -5.89
N VAL OB 560 83.72 -65.65 -7.07
CA VAL OB 560 85.03 -66.26 -7.30
C VAL OB 560 86.13 -65.22 -7.13
N GLY OB 561 87.22 -65.62 -6.50
CA GLY OB 561 88.46 -64.87 -6.49
C GLY OB 561 88.39 -63.49 -5.86
N LEU OB 562 87.83 -63.40 -4.65
CA LEU OB 562 87.75 -62.16 -3.90
C LEU OB 562 88.64 -62.22 -2.68
N ASP OB 563 88.84 -61.05 -2.08
CA ASP OB 563 89.60 -60.89 -0.84
C ASP OB 563 88.68 -60.29 0.20
N PHE OB 564 88.54 -60.97 1.33
CA PHE OB 564 87.72 -60.51 2.44
C PHE OB 564 88.49 -60.67 3.74
N TYR OB 565 88.81 -59.56 4.38
CA TYR OB 565 89.42 -59.63 5.71
C TYR OB 565 88.39 -60.01 6.75
N ILE OB 566 88.84 -60.73 7.77
CA ILE OB 566 88.03 -61.04 8.93
C ILE OB 566 88.91 -60.88 10.15
N THR OB 567 88.70 -59.79 10.91
CA THR OB 567 89.37 -59.56 12.17
C THR OB 567 88.96 -60.61 13.20
N THR OB 568 89.55 -60.54 14.39
CA THR OB 568 89.10 -61.40 15.49
C THR OB 568 87.65 -61.11 15.83
N GLU OB 569 87.32 -59.84 16.00
CA GLU OB 569 85.95 -59.46 16.33
C GLU OB 569 85.00 -59.86 15.21
N GLU OB 570 85.44 -59.74 13.97
CA GLU OB 570 84.60 -60.16 12.85
C GLU OB 570 84.40 -61.66 12.87
N SER OB 571 85.46 -62.42 13.12
CA SER OB 571 85.38 -63.86 13.06
C SER OB 571 84.53 -64.42 14.18
N ASN OB 572 84.42 -63.70 15.30
CA ASN OB 572 83.54 -64.17 16.38
C ASN OB 572 82.08 -63.83 16.16
N ARG OB 573 81.55 -64.02 14.95
CA ARG OB 573 80.12 -64.00 14.67
C ARG OB 573 79.70 -65.15 13.78
N PHE OB 574 80.53 -65.56 12.83
CA PHE OB 574 80.11 -66.45 11.78
C PHE OB 574 79.84 -67.85 12.33
N THR OB 575 79.07 -68.61 11.55
CA THR OB 575 78.67 -69.97 11.91
C THR OB 575 79.56 -71.02 11.28
N ASP OB 576 79.75 -70.95 9.96
CA ASP OB 576 80.63 -71.88 9.27
C ASP OB 576 82.07 -71.79 9.72
N PHE OB 577 82.46 -70.67 10.31
CA PHE OB 577 83.83 -70.51 10.77
C PHE OB 577 84.09 -71.51 11.90
N PRO OB 578 85.20 -72.27 11.87
CA PRO OB 578 85.42 -73.27 12.93
C PRO OB 578 85.51 -72.67 14.33
N LYS OB 579 85.37 -73.54 15.31
CA LYS OB 579 85.25 -73.14 16.70
C LYS OB 579 86.59 -73.13 17.44
N ASP OB 580 87.66 -73.59 16.81
CA ASP OB 580 88.97 -73.62 17.44
C ASP OB 580 89.76 -72.34 17.21
N PHE OB 581 89.57 -71.70 16.06
CA PHE OB 581 90.28 -70.48 15.70
C PHE OB 581 89.38 -69.25 15.73
N LYS OB 582 88.31 -69.30 16.51
CA LYS OB 582 87.37 -68.19 16.59
C LYS OB 582 87.91 -67.11 17.52
N GLY OB 583 88.40 -66.03 16.93
CA GLY OB 583 88.84 -64.88 17.68
C GLY OB 583 90.32 -64.83 17.99
N ILE OB 584 91.13 -65.65 17.32
CA ILE OB 584 92.54 -65.75 17.68
C ILE OB 584 93.42 -64.78 16.88
N ALA OB 585 93.03 -64.49 15.65
CA ALA OB 585 93.78 -63.52 14.83
C ALA OB 585 92.92 -63.15 13.64
N GLY OB 586 93.48 -62.32 12.76
CA GLY OB 586 92.78 -61.94 11.56
C GLY OB 586 92.89 -62.98 10.47
N TRP OB 587 91.93 -62.96 9.55
CA TRP OB 587 91.83 -63.97 8.50
C TRP OB 587 91.49 -63.34 7.17
N ILE OB 588 92.14 -63.85 6.12
CA ILE OB 588 91.89 -63.45 4.74
C ILE OB 588 91.15 -64.58 4.07
N LEU OB 589 90.02 -64.28 3.45
CA LEU OB 589 89.20 -65.26 2.76
C LEU OB 589 89.38 -65.13 1.27
N GLU OB 590 89.37 -66.27 0.59
CA GLU OB 590 89.51 -66.35 -0.85
C GLU OB 590 88.60 -67.45 -1.35
N VAL OB 591 88.16 -67.34 -2.59
CA VAL OB 591 87.21 -68.26 -3.19
C VAL OB 591 87.80 -68.82 -4.47
N LYS OB 592 87.47 -70.09 -4.74
CA LYS OB 592 87.93 -70.80 -5.93
C LYS OB 592 86.76 -71.55 -6.54
N SER OB 593 86.77 -71.63 -7.86
CA SER OB 593 85.62 -72.15 -8.59
C SER OB 593 85.52 -73.65 -8.48
N ASN OB 594 84.34 -74.16 -8.81
CA ASN OB 594 84.03 -75.58 -8.78
C ASN OB 594 82.78 -75.80 -9.61
N THR OB 595 82.18 -76.98 -9.48
CA THR OB 595 80.90 -77.22 -10.11
C THR OB 595 79.86 -76.25 -9.55
N PRO OB 596 78.79 -75.95 -10.30
CA PRO OB 596 77.85 -74.93 -9.86
C PRO OB 596 77.17 -75.31 -8.55
N GLY OB 597 77.07 -74.34 -7.68
CA GLY OB 597 76.65 -74.56 -6.30
C GLY OB 597 77.87 -74.83 -5.45
N ASN OB 598 78.71 -75.74 -5.90
CA ASN OB 598 79.93 -76.06 -5.20
C ASN OB 598 80.97 -74.98 -5.42
N THR OB 599 81.76 -74.74 -4.39
CA THR OB 599 82.83 -73.76 -4.48
C THR OB 599 83.72 -73.91 -3.27
N THR OB 600 85.01 -73.66 -3.49
CA THR OB 600 86.00 -73.80 -2.44
C THR OB 600 86.26 -72.44 -1.79
N GLN OB 601 86.41 -72.45 -0.48
CA GLN OB 601 86.76 -71.27 0.29
C GLN OB 601 88.04 -71.57 1.06
N VAL OB 602 89.05 -70.77 0.79
CA VAL OB 602 90.32 -70.83 1.50
C VAL OB 602 90.33 -69.70 2.51
N LEU OB 603 90.91 -69.96 3.67
CA LEU OB 603 91.03 -68.93 4.69
C LEU OB 603 92.42 -69.02 5.28
N ARG OB 604 93.11 -67.88 5.30
CA ARG OB 604 94.51 -67.80 5.68
C ARG OB 604 94.66 -66.91 6.89
N ARG OB 605 95.36 -67.38 7.90
CA ARG OB 605 95.59 -66.56 9.07
C ARG OB 605 96.48 -65.38 8.70
N ASN OB 606 96.51 -64.40 9.59
CA ASN OB 606 97.36 -63.21 9.46
C ASN OB 606 98.11 -63.05 10.77
N ASN OB 607 99.24 -63.75 10.90
CA ASN OB 607 100.11 -63.64 12.05
C ASN OB 607 101.54 -63.54 11.54
N PHE OB 608 102.24 -62.50 11.97
CA PHE OB 608 103.61 -62.29 11.51
C PHE OB 608 104.55 -63.21 12.28
N PRO OB 609 104.59 -63.17 13.63
CA PRO OB 609 105.61 -63.96 14.34
C PRO OB 609 105.28 -65.45 14.39
N SER OB 610 104.04 -65.77 14.71
CA SER OB 610 103.66 -67.16 14.91
C SER OB 610 103.63 -67.90 13.58
N ALA OB 611 103.36 -69.19 13.66
CA ALA OB 611 103.27 -69.99 12.46
C ALA OB 611 102.02 -69.64 11.67
N HIS OB 612 102.14 -69.77 10.35
CA HIS OB 612 101.02 -69.51 9.46
C HIS OB 612 100.12 -70.73 9.39
N GLN OB 613 98.85 -70.48 9.10
CA GLN OB 613 97.84 -71.50 9.00
C GLN OB 613 96.93 -71.15 7.84
N PHE OB 614 96.48 -72.17 7.12
CA PHE OB 614 95.44 -71.94 6.15
C PHE OB 614 94.56 -73.16 6.05
N LEU OB 615 93.26 -72.93 6.05
CA LEU OB 615 92.25 -73.97 6.13
C LEU OB 615 91.28 -73.79 4.99
N VAL OB 616 90.99 -74.90 4.32
CA VAL OB 616 90.23 -74.89 3.07
C VAL OB 616 88.98 -75.73 3.24
N ARG OB 617 87.93 -75.31 2.56
CA ARG OB 617 86.62 -75.90 2.64
C ARG OB 617 86.06 -75.96 1.23
N ASN OB 618 85.15 -76.90 1.01
CA ASN OB 618 84.35 -76.92 -0.22
C ASN OB 618 82.90 -77.12 0.16
N PHE OB 619 82.05 -76.15 -0.22
CA PHE OB 619 80.65 -76.19 0.15
C PHE OB 619 79.78 -75.95 -1.07
N GLY OB 620 78.60 -76.55 -1.03
CA GLY OB 620 77.58 -76.33 -2.04
C GLY OB 620 76.66 -77.52 -2.24
N THR OB 621 76.50 -77.91 -3.50
CA THR OB 621 75.58 -78.99 -3.83
C THR OB 621 76.05 -80.31 -3.23
N GLY OB 622 77.35 -80.58 -3.31
CA GLY OB 622 77.87 -81.84 -2.82
C GLY OB 622 77.73 -82.01 -1.32
N GLY OB 623 77.67 -80.91 -0.59
CA GLY OB 623 77.52 -81.00 0.85
C GLY OB 623 78.00 -79.73 1.52
N VAL OB 624 78.05 -79.77 2.85
CA VAL OB 624 78.41 -78.61 3.64
C VAL OB 624 79.91 -78.35 3.54
N GLY OB 625 80.70 -79.39 3.75
CA GLY OB 625 82.15 -79.27 3.68
C GLY OB 625 82.80 -79.21 5.05
N LYS OB 626 83.94 -79.85 5.17
CA LYS OB 626 84.73 -79.88 6.39
C LYS OB 626 86.04 -79.17 6.17
N TRP OB 627 86.38 -78.25 7.06
CA TRP OB 627 87.58 -77.45 6.90
C TRP OB 627 88.81 -78.28 7.20
N SER OB 628 89.66 -78.46 6.19
CA SER OB 628 90.94 -79.14 6.34
C SER OB 628 92.03 -78.10 6.50
N LEU OB 629 92.85 -78.26 7.54
CA LEU OB 629 93.87 -77.30 7.91
C LEU OB 629 95.24 -77.70 7.38
N PHE OB 630 96.09 -76.71 7.20
CA PHE OB 630 97.50 -76.91 6.91
C PHE OB 630 98.27 -75.86 7.71
N GLU OB 631 99.25 -76.31 8.47
CA GLU OB 631 100.04 -75.46 9.34
C GLU OB 631 101.48 -75.39 8.85
N GLY OB 632 102.13 -74.27 9.12
CA GLY OB 632 103.47 -74.02 8.64
C GLY OB 632 104.53 -74.16 9.71
N LYS OB 633 105.76 -74.31 9.24
CA LYS OB 633 106.94 -74.47 10.09
C LYS OB 633 107.71 -73.17 10.06
N VAL OB 634 107.79 -72.50 11.22
CA VAL OB 634 108.49 -71.23 11.29
C VAL OB 634 109.95 -71.47 10.97
N VAL OB 635 110.43 -70.83 9.92
CA VAL OB 635 111.82 -70.93 9.49
C VAL OB 635 112.30 -69.54 9.09
N GLU OB 636 113.59 -69.44 8.81
CA GLU OB 636 114.21 -68.15 8.50
C GLU OB 636 115.29 -68.31 7.44
N ASP PB 2 23.52 -18.44 -40.51
CA ASP PB 2 23.09 -19.83 -40.32
C ASP PB 2 22.96 -20.15 -38.83
N ASN PB 3 22.84 -21.42 -38.50
CA ASN PB 3 22.91 -21.85 -37.11
C ASN PB 3 24.23 -21.41 -36.49
N LYS PB 4 24.18 -21.01 -35.23
CA LYS PB 4 25.35 -20.52 -34.54
C LYS PB 4 26.15 -21.67 -33.97
N LEU PB 5 27.33 -21.33 -33.48
CA LEU PB 5 28.19 -22.31 -32.83
C LEU PB 5 27.67 -22.65 -31.45
N ILE PB 6 28.13 -23.79 -30.95
CA ILE PB 6 27.80 -24.22 -29.59
C ILE PB 6 28.84 -23.61 -28.67
N THR PB 7 28.53 -22.42 -28.15
CA THR PB 7 29.44 -21.76 -27.23
C THR PB 7 29.61 -22.58 -25.96
N ASP PB 8 28.52 -23.14 -25.43
CA ASP PB 8 28.52 -23.83 -24.16
C ASP PB 8 28.64 -25.33 -24.36
N LEU PB 9 29.72 -25.90 -23.86
CA LEU PB 9 30.00 -27.33 -23.98
C LEU PB 9 29.59 -28.07 -22.71
N SER PB 10 29.67 -29.40 -22.80
CA SER PB 10 29.45 -30.25 -21.65
C SER PB 10 30.62 -30.13 -20.67
N ARG PB 11 30.36 -30.46 -19.41
CA ARG PB 11 31.35 -30.38 -18.34
C ARG PB 11 31.88 -31.75 -17.97
N VAL PB 12 31.80 -32.71 -18.88
CA VAL PB 12 32.33 -34.05 -18.66
C VAL PB 12 32.82 -34.60 -19.99
N PHE PB 13 33.98 -35.24 -19.98
CA PHE PB 13 34.54 -35.77 -21.22
C PHE PB 13 33.74 -36.97 -21.64
N ASP PB 14 33.12 -36.89 -22.80
CA ASP PB 14 32.33 -38.00 -23.31
C ASP PB 14 32.19 -37.85 -24.82
N TYR PB 15 31.51 -38.83 -25.41
CA TYR PB 15 31.19 -38.76 -26.82
C TYR PB 15 30.40 -37.50 -27.13
N ARG PB 16 29.60 -37.03 -26.19
CA ARG PB 16 28.85 -35.80 -26.41
C ARG PB 16 29.77 -34.59 -26.50
N TYR PB 17 30.74 -34.49 -25.59
CA TYR PB 17 31.68 -33.38 -25.63
C TYR PB 17 32.48 -33.41 -26.92
N VAL PB 18 32.93 -34.58 -27.33
CA VAL PB 18 33.71 -34.70 -28.55
C VAL PB 18 32.86 -34.34 -29.75
N ASP PB 19 31.61 -34.80 -29.78
CA ASP PB 19 30.74 -34.47 -30.90
C ASP PB 19 30.45 -32.99 -30.94
N GLU PB 20 30.38 -32.34 -29.78
CA GLU PB 20 30.16 -30.90 -29.75
C GLU PB 20 31.32 -30.16 -30.39
N ASN PB 21 32.54 -30.49 -29.96
CA ASN PB 21 33.70 -29.84 -30.57
C ASN PB 21 33.77 -30.15 -32.05
N GLU PB 22 33.39 -31.37 -32.45
CA GLU PB 22 33.44 -31.74 -33.86
C GLU PB 22 32.48 -30.91 -34.68
N TYR PB 23 31.23 -30.82 -34.22
CA TYR PB 23 30.21 -30.07 -34.94
C TYR PB 23 30.60 -28.61 -35.03
N ASN PB 24 31.13 -28.05 -33.94
CA ASN PB 24 31.58 -26.67 -33.97
C ASN PB 24 32.69 -26.46 -34.99
N PHE PB 25 33.63 -27.41 -35.08
CA PHE PB 25 34.72 -27.26 -36.04
C PHE PB 25 34.22 -27.37 -37.47
N LYS PB 26 33.29 -28.27 -37.73
CA LYS PB 26 32.75 -28.38 -39.09
C LYS PB 26 32.05 -27.10 -39.48
N LEU PB 27 31.25 -26.55 -38.57
CA LEU PB 27 30.57 -25.29 -38.85
C LEU PB 27 31.58 -24.17 -39.09
N ILE PB 28 32.70 -24.18 -38.36
CA ILE PB 28 33.71 -23.15 -38.57
C ILE PB 28 34.34 -23.30 -39.94
N SER PB 29 34.59 -24.54 -40.36
CA SER PB 29 35.19 -24.75 -41.67
C SER PB 29 34.26 -24.27 -42.77
N ASP PB 30 32.98 -24.59 -42.66
CA ASP PB 30 32.03 -24.13 -43.68
C ASP PB 30 31.93 -22.61 -43.69
N MET PB 31 31.91 -21.97 -42.51
CA MET PB 31 31.80 -20.52 -42.46
C MET PB 31 33.02 -19.87 -43.08
N LEU PB 32 34.22 -20.36 -42.75
CA LEU PB 32 35.43 -19.78 -43.30
C LEU PB 32 35.49 -19.97 -44.81
N THR PB 33 35.11 -21.15 -45.30
CA THR PB 33 35.12 -21.38 -46.73
C THR PB 33 34.15 -20.45 -47.43
N ASP PB 34 32.97 -20.26 -46.84
CA ASP PB 34 31.99 -19.36 -47.45
C ASP PB 34 32.50 -17.93 -47.47
N PHE PB 35 33.17 -17.50 -46.40
CA PHE PB 35 33.69 -16.13 -46.37
C PHE PB 35 34.79 -15.96 -47.41
N ASN PB 36 35.69 -16.93 -47.51
CA ASN PB 36 36.76 -16.83 -48.50
C ASN PB 36 36.19 -16.82 -49.91
N PHE PB 37 35.17 -17.63 -50.16
CA PHE PB 37 34.55 -17.65 -51.47
C PHE PB 37 33.89 -16.32 -51.78
N SER PB 38 33.20 -15.75 -50.80
CA SER PB 38 32.58 -14.44 -51.00
C SER PB 38 33.63 -13.39 -51.27
N LEU PB 39 34.78 -13.47 -50.59
CA LEU PB 39 35.82 -12.48 -50.79
C LEU PB 39 36.40 -12.59 -52.19
N GLU PB 40 36.70 -13.81 -52.63
CA GLU PB 40 37.23 -13.97 -53.98
C GLU PB 40 36.21 -13.56 -55.03
N TYR PB 41 34.93 -13.79 -54.75
CA TYR PB 41 33.88 -13.38 -55.67
C TYR PB 41 33.79 -11.86 -55.77
N HIS PB 42 33.91 -11.18 -54.63
CA HIS PB 42 33.93 -9.72 -54.63
C HIS PB 42 35.18 -9.18 -55.30
N ARG PB 43 36.29 -9.89 -55.18
CA ARG PB 43 37.56 -9.40 -55.65
C ARG PB 43 37.74 -9.61 -57.15
N ASN PB 44 37.15 -10.67 -57.69
CA ASN PB 44 37.37 -11.06 -59.08
C ASN PB 44 36.11 -11.03 -59.92
N LYS PB 45 35.04 -11.71 -59.50
CA LYS PB 45 33.92 -11.98 -60.37
C LYS PB 45 32.73 -11.05 -60.16
N GLU PB 46 32.55 -10.50 -58.96
CA GLU PB 46 31.35 -9.74 -58.66
C GLU PB 46 31.34 -8.45 -59.47
N VAL PB 47 30.27 -8.23 -60.21
CA VAL PB 47 30.10 -7.04 -61.01
C VAL PB 47 29.30 -6.02 -60.21
N PHE PB 48 29.55 -4.75 -60.49
CA PHE PB 48 28.87 -3.64 -59.82
C PHE PB 48 29.06 -3.74 -58.32
N ALA PB 49 30.28 -4.10 -57.91
CA ALA PB 49 30.64 -4.22 -56.51
C ALA PB 49 30.49 -2.90 -55.79
N HIS PB 50 31.32 -1.93 -56.15
CA HIS PB 50 31.26 -0.59 -55.62
C HIS PB 50 30.61 0.33 -56.64
N ASN PB 51 30.00 1.41 -56.16
CA ASN PB 51 29.25 2.33 -57.00
C ASN PB 51 30.04 3.60 -57.30
N GLY PB 52 31.35 3.48 -57.50
CA GLY PB 52 32.15 4.62 -57.88
C GLY PB 52 32.49 5.53 -56.73
N GLU PB 53 31.47 6.07 -56.06
CA GLU PB 53 31.67 7.00 -54.97
C GLU PB 53 32.52 6.42 -53.84
N GLN PB 54 32.65 5.10 -53.76
CA GLN PB 54 33.47 4.45 -52.75
C GLN PB 54 34.95 4.43 -53.11
N ILE PB 55 35.37 5.22 -54.10
CA ILE PB 55 36.74 5.20 -54.59
C ILE PB 55 37.36 6.58 -54.42
N LYS PB 56 38.64 6.58 -54.07
CA LYS PB 56 39.43 7.79 -53.93
C LYS PB 56 40.14 8.09 -55.24
N TYR PB 57 40.38 9.38 -55.47
CA TYR PB 57 41.17 9.81 -56.62
C TYR PB 57 41.89 11.09 -56.23
N GLU PB 58 43.20 11.00 -56.05
CA GLU PB 58 44.02 12.10 -55.59
C GLU PB 58 45.12 12.37 -56.60
N HIS PB 59 45.30 13.62 -56.97
CA HIS PB 59 46.35 14.01 -57.90
C HIS PB 59 46.61 15.49 -57.76
N LEU PB 60 47.88 15.85 -57.57
CA LEU PB 60 48.29 17.24 -57.43
C LEU PB 60 47.56 17.91 -56.27
N ASN PB 61 47.38 17.16 -55.19
CA ASN PB 61 46.62 17.61 -54.02
C ASN PB 61 45.21 18.02 -54.42
N VAL PB 62 44.56 17.16 -55.20
CA VAL PB 62 43.16 17.32 -55.59
C VAL PB 62 42.49 15.98 -55.31
N THR PB 63 41.92 15.83 -54.11
CA THR PB 63 41.22 14.63 -53.73
C THR PB 63 39.75 14.75 -54.13
N SER PB 64 39.20 13.65 -54.62
CA SER PB 64 37.82 13.63 -55.09
C SER PB 64 37.48 12.19 -55.47
N SER PB 65 36.20 11.96 -55.68
CA SER PB 65 35.71 10.64 -56.03
C SER PB 65 35.74 10.46 -57.53
N VAL PB 66 35.95 9.21 -57.95
CA VAL PB 66 36.05 8.90 -59.36
C VAL PB 66 34.72 9.15 -60.06
N SER PB 67 33.61 8.89 -59.38
CA SER PB 67 32.31 9.08 -60.01
C SER PB 67 31.99 10.55 -60.20
N ASP PB 68 32.55 11.41 -59.35
CA ASP PB 68 32.39 12.84 -59.56
C ASP PB 68 33.35 13.35 -60.62
N PHE PB 69 34.56 12.80 -60.65
CA PHE PB 69 35.53 13.27 -61.63
C PHE PB 69 35.15 12.87 -63.04
N LEU PB 70 34.48 11.73 -63.19
CA LEU PB 70 33.99 11.36 -64.51
C LEU PB 70 32.93 12.35 -65.00
N THR PB 71 32.04 12.75 -64.10
CA THR PB 71 31.05 13.76 -64.47
C THR PB 71 31.73 15.08 -64.82
N TYR PB 72 32.77 15.43 -64.07
CA TYR PB 72 33.49 16.67 -64.35
C TYR PB 72 34.15 16.62 -65.71
N LEU PB 73 34.72 15.47 -66.06
CA LEU PB 73 35.37 15.35 -67.36
C LEU PB 73 34.35 15.36 -68.48
N ASN PB 74 33.23 14.66 -68.30
CA ASN PB 74 32.19 14.68 -69.32
C ASN PB 74 31.66 16.09 -69.51
N GLY PB 75 31.54 16.84 -68.42
CA GLY PB 75 31.12 18.22 -68.54
C GLY PB 75 32.12 19.05 -69.31
N ARG PB 76 33.39 18.99 -68.91
CA ARG PB 76 34.41 19.75 -69.60
C ARG PB 76 34.51 19.39 -71.07
N PHE PB 77 34.25 18.13 -71.41
CA PHE PB 77 34.35 17.71 -72.79
C PHE PB 77 33.13 18.19 -73.58
N SER PB 78 31.95 18.10 -72.98
CA SER PB 78 30.76 18.62 -73.64
C SER PB 78 30.74 20.14 -73.67
N ASN PB 79 31.64 20.80 -72.97
CA ASN PB 79 31.84 22.23 -73.09
C ASN PB 79 33.10 22.60 -73.85
N MET PB 80 33.90 21.63 -74.26
CA MET PB 80 35.10 21.95 -74.99
C MET PB 80 34.76 22.48 -76.38
N VAL PB 81 35.55 23.44 -76.83
CA VAL PB 81 35.35 24.10 -78.12
C VAL PB 81 36.62 23.91 -78.93
N LEU PB 82 36.44 23.63 -80.21
CA LEU PB 82 37.55 23.32 -81.10
C LEU PB 82 37.32 23.96 -82.45
N GLY PB 83 38.41 24.41 -83.06
CA GLY PB 83 38.36 25.08 -84.34
C GLY PB 83 39.17 24.36 -85.39
N HIS PB 84 38.72 24.50 -86.63
CA HIS PB 84 39.35 23.83 -87.77
C HIS PB 84 40.60 24.62 -88.14
N ASN PB 85 41.60 24.50 -87.27
CA ASN PB 85 42.82 25.29 -87.42
C ASN PB 85 43.53 24.92 -88.71
N GLY PB 86 43.44 23.67 -89.10
CA GLY PB 86 44.07 23.21 -90.32
C GLY PB 86 43.77 21.76 -90.56
N ASP PB 87 44.63 21.14 -91.37
CA ASP PB 87 44.44 19.76 -91.78
C ASP PB 87 45.24 18.81 -90.88
N GLY PB 88 45.04 18.95 -89.57
CA GLY PB 88 45.66 18.07 -88.59
C GLY PB 88 46.27 18.75 -87.39
N ILE PB 89 46.06 20.06 -87.27
CA ILE PB 89 46.69 20.81 -86.19
C ILE PB 89 46.16 20.33 -84.84
N ASN PB 90 44.84 20.21 -84.72
CA ASN PB 90 44.24 19.71 -83.49
C ASN PB 90 44.69 18.30 -83.20
N GLU PB 91 44.86 17.50 -84.25
CA GLU PB 91 45.27 16.12 -84.09
C GLU PB 91 46.66 16.02 -83.48
N VAL PB 92 47.61 16.79 -84.01
CA VAL PB 92 48.96 16.80 -83.47
C VAL PB 92 48.95 17.39 -82.07
N LYS PB 93 48.17 18.43 -81.83
CA LYS PB 93 48.10 19.01 -80.50
C LYS PB 93 47.58 18.01 -79.49
N ASP PB 94 46.69 17.12 -79.92
CA ASP PB 94 46.22 16.07 -79.04
C ASP PB 94 47.32 15.05 -78.80
N ALA PB 95 48.08 14.73 -79.85
CA ALA PB 95 49.16 13.76 -79.68
C ALA PB 95 50.33 14.29 -78.86
N ARG PB 96 50.38 15.59 -78.61
CA ARG PB 96 51.54 16.15 -77.92
C ARG PB 96 51.72 15.65 -76.49
N VAL PB 97 50.70 15.00 -75.90
CA VAL PB 97 50.83 14.49 -74.53
C VAL PB 97 51.39 13.06 -74.56
N ASP PB 98 51.88 12.61 -73.38
CA ASP PB 98 52.38 11.24 -73.23
C ASP PB 98 51.79 10.58 -71.99
N ASN PB 99 50.53 10.13 -72.11
CA ASN PB 99 49.94 9.14 -71.22
C ASN PB 99 49.81 9.55 -69.75
N THR PB 100 50.33 10.73 -69.37
CA THR PB 100 50.34 11.16 -67.97
C THR PB 100 50.11 12.66 -67.89
N GLY PB 101 49.46 13.24 -68.88
CA GLY PB 101 49.49 14.67 -69.03
C GLY PB 101 50.89 15.14 -69.36
N TYR PB 102 51.27 16.27 -68.78
CA TYR PB 102 52.51 16.96 -69.10
C TYR PB 102 52.60 17.22 -70.60
N ASP PB 103 51.72 18.11 -71.03
CA ASP PB 103 51.70 18.52 -72.44
C ASP PB 103 53.07 19.05 -72.85
N HIS PB 104 53.62 18.41 -73.87
CA HIS PB 104 54.88 18.85 -74.42
C HIS PB 104 54.66 19.94 -75.46
N LYS PB 105 55.68 20.75 -75.66
CA LYS PB 105 55.56 21.85 -76.62
C LYS PB 105 55.60 21.37 -78.05
N THR PB 106 56.22 20.21 -78.31
CA THR PB 106 56.32 19.68 -79.66
C THR PB 106 56.25 18.16 -79.60
N LEU PB 107 55.56 17.60 -80.59
CA LEU PB 107 55.46 16.15 -80.73
C LEU PB 107 56.83 15.49 -80.76
N GLN PB 108 57.80 16.14 -81.39
CA GLN PB 108 59.16 15.60 -81.40
C GLN PB 108 59.73 15.53 -80.00
N ASP PB 109 59.50 16.58 -79.21
CA ASP PB 109 59.98 16.56 -77.83
C ASP PB 109 59.31 15.45 -77.04
N ARG PB 110 58.04 15.22 -77.32
CA ARG PB 110 57.32 14.15 -76.63
C ARG PB 110 57.90 12.80 -76.97
N LEU PB 111 58.15 12.55 -78.26
CA LEU PB 111 58.72 11.28 -78.67
C LEU PB 111 60.12 11.10 -78.08
N TYR PB 112 60.92 12.15 -78.07
CA TYR PB 112 62.26 12.04 -77.49
C TYR PB 112 62.18 11.72 -76.01
N HIS PB 113 61.26 12.36 -75.29
CA HIS PB 113 61.14 12.12 -73.87
C HIS PB 113 60.67 10.70 -73.60
N ASP PB 114 59.72 10.20 -74.38
CA ASP PB 114 59.25 8.83 -74.21
C ASP PB 114 60.37 7.83 -74.46
N TYR PB 115 61.04 7.95 -75.60
CA TYR PB 115 62.14 7.06 -75.92
C TYR PB 115 63.24 7.11 -74.87
N SER PB 116 63.52 8.31 -74.34
CA SER PB 116 64.56 8.42 -73.33
C SER PB 116 64.15 7.76 -72.04
N THR PB 117 62.89 7.92 -71.64
CA THR PB 117 62.40 7.25 -70.44
C THR PB 117 62.48 5.74 -70.59
N LEU PB 118 62.07 5.22 -71.75
CA LEU PB 118 62.09 3.79 -71.96
C LEU PB 118 63.50 3.25 -72.02
N ASP PB 119 64.41 3.99 -72.66
CA ASP PB 119 65.81 3.58 -72.69
C ASP PB 119 66.39 3.52 -71.30
N ALA PB 120 66.24 4.60 -70.53
CA ALA PB 120 66.77 4.62 -69.18
C ALA PB 120 66.19 3.49 -68.36
N PHE PB 121 64.90 3.21 -68.53
CA PHE PB 121 64.27 2.16 -67.76
C PHE PB 121 64.85 0.79 -68.11
N THR PB 122 64.80 0.41 -69.39
CA THR PB 122 65.26 -0.91 -69.77
C THR PB 122 66.77 -1.07 -69.55
N LYS PB 123 67.53 0.01 -69.67
CA LYS PB 123 68.97 -0.08 -69.45
C LYS PB 123 69.28 -0.24 -67.97
N LYS PB 124 68.52 0.45 -67.12
CA LYS PB 124 68.61 0.25 -65.69
C LYS PB 124 68.25 -1.19 -65.33
N VAL PB 125 67.23 -1.72 -66.00
CA VAL PB 125 66.82 -3.11 -65.78
C VAL PB 125 67.95 -4.06 -66.13
N GLU PB 126 68.58 -3.84 -67.27
CA GLU PB 126 69.69 -4.70 -67.68
C GLU PB 126 70.86 -4.59 -66.71
N LYS PB 127 71.13 -3.38 -66.22
CA LYS PB 127 72.20 -3.20 -65.23
C LYS PB 127 71.89 -3.99 -63.97
N ALA PB 128 70.64 -3.92 -63.51
CA ALA PB 128 70.24 -4.69 -62.34
C ALA PB 128 70.40 -6.18 -62.59
N VAL PB 129 70.01 -6.64 -63.78
CA VAL PB 129 70.16 -8.04 -64.13
C VAL PB 129 71.61 -8.46 -64.06
N ASP PB 130 72.49 -7.66 -64.65
CA ASP PB 130 73.89 -8.05 -64.73
C ASP PB 130 74.54 -8.06 -63.35
N GLU PB 131 74.26 -7.06 -62.53
CA GLU PB 131 74.85 -7.05 -61.20
C GLU PB 131 74.28 -8.16 -60.33
N ASN PB 132 73.00 -8.50 -60.52
CA ASN PB 132 72.42 -9.61 -59.76
C ASN PB 132 73.07 -10.93 -60.16
N TYR PB 133 73.26 -11.13 -61.46
CA TYR PB 133 73.92 -12.35 -61.93
C TYR PB 133 75.35 -12.43 -61.40
N LYS PB 134 76.07 -11.31 -61.42
CA LYS PB 134 77.43 -11.29 -60.90
C LYS PB 134 77.44 -11.62 -59.41
N GLU PB 135 76.50 -11.05 -58.66
CA GLU PB 135 76.39 -11.34 -57.24
C GLU PB 135 76.13 -12.81 -57.00
N TYR PB 136 75.23 -13.39 -57.79
CA TYR PB 136 74.90 -14.80 -57.63
C TYR PB 136 76.09 -15.68 -57.93
N ARG PB 137 76.82 -15.38 -59.01
CA ARG PB 137 77.98 -16.17 -59.35
C ARG PB 137 79.04 -16.08 -58.26
N ALA PB 138 79.25 -14.88 -57.72
CA ALA PB 138 80.22 -14.74 -56.64
C ALA PB 138 79.80 -15.55 -55.43
N THR PB 139 78.54 -15.42 -55.02
CA THR PB 139 78.05 -16.10 -53.83
C THR PB 139 78.10 -17.62 -53.99
N GLU PB 140 77.91 -18.11 -55.21
CA GLU PB 140 77.91 -19.55 -55.44
C GLU PB 140 79.34 -20.08 -55.53
N TYR PB 141 80.13 -19.53 -56.45
CA TYR PB 141 81.50 -19.97 -56.68
C TYR PB 141 82.50 -19.24 -55.80
N ARG PB 142 82.10 -18.80 -54.61
CA ARG PB 142 82.98 -18.04 -53.74
C ARG PB 142 84.17 -18.89 -53.34
N PHE PB 143 85.33 -18.55 -53.90
CA PHE PB 143 86.60 -19.18 -53.56
C PHE PB 143 87.55 -18.04 -53.27
N GLU PB 144 87.52 -17.56 -52.01
CA GLU PB 144 88.31 -16.41 -51.57
C GLU PB 144 89.14 -16.84 -50.37
N PRO PB 145 90.17 -17.67 -50.59
CA PRO PB 145 90.99 -18.14 -49.47
C PRO PB 145 91.73 -17.03 -48.74
N LYS PB 146 91.78 -15.81 -49.28
CA LYS PB 146 92.39 -14.72 -48.55
C LYS PB 146 91.54 -14.27 -47.37
N GLU PB 147 90.25 -14.59 -47.36
CA GLU PB 147 89.36 -14.22 -46.28
C GLU PB 147 88.54 -15.36 -45.75
N GLN PB 148 88.28 -16.40 -46.54
CA GLN PB 148 87.41 -17.48 -46.12
C GLN PB 148 88.01 -18.21 -44.92
N GLU PB 149 87.15 -18.92 -44.21
CA GLU PB 149 87.51 -19.61 -42.98
C GLU PB 149 87.71 -21.08 -43.26
N PRO PB 150 88.81 -21.71 -42.86
CA PRO PB 150 88.94 -23.15 -43.13
C PRO PB 150 87.97 -23.98 -42.32
N GLU PB 151 88.05 -25.30 -42.48
CA GLU PB 151 87.16 -26.21 -41.77
C GLU PB 151 87.69 -27.63 -41.94
N PHE PB 152 87.17 -28.52 -41.11
CA PHE PB 152 87.65 -29.89 -41.09
C PHE PB 152 87.16 -30.64 -42.32
N ILE PB 153 87.99 -31.58 -42.78
CA ILE PB 153 87.64 -32.48 -43.87
C ILE PB 153 87.86 -33.91 -43.42
N THR PB 154 89.08 -34.21 -42.99
CA THR PB 154 89.44 -35.55 -42.58
C THR PB 154 90.76 -35.51 -41.84
N ASP PB 155 90.90 -36.40 -40.86
CA ASP PB 155 92.16 -36.59 -40.16
C ASP PB 155 92.81 -37.86 -40.66
N LEU PB 156 94.09 -37.77 -41.00
CA LEU PB 156 94.80 -38.89 -41.57
C LEU PB 156 95.28 -39.84 -40.49
N SER PB 157 95.58 -41.07 -40.91
CA SER PB 157 96.11 -42.09 -40.00
C SER PB 157 97.08 -43.00 -40.74
N PRO PB 158 98.30 -42.54 -40.98
CA PRO PB 158 99.36 -43.43 -41.45
C PRO PB 158 100.19 -43.94 -40.29
N TYR PB 159 100.54 -45.22 -40.35
CA TYR PB 159 101.28 -45.87 -39.28
C TYR PB 159 102.75 -45.48 -39.41
N THR PB 160 103.06 -44.28 -38.93
CA THR PB 160 104.44 -43.82 -38.84
C THR PB 160 104.52 -42.70 -37.83
N ASN PB 161 105.63 -42.65 -37.10
CA ASN PB 161 105.88 -41.63 -36.09
C ASN PB 161 106.88 -40.64 -36.67
N ALA PB 162 106.36 -39.63 -37.36
CA ALA PB 162 107.20 -38.57 -37.90
C ALA PB 162 106.30 -37.40 -38.29
N VAL PB 163 106.91 -36.35 -38.81
CA VAL PB 163 106.18 -35.19 -39.29
C VAL PB 163 105.73 -35.47 -40.70
N MET PB 164 104.44 -35.35 -40.96
CA MET PB 164 103.95 -35.40 -42.32
C MET PB 164 104.55 -34.23 -43.10
N GLN PB 165 105.06 -34.52 -44.29
CA GLN PB 165 105.66 -33.48 -45.10
C GLN PB 165 104.67 -32.90 -46.09
N SER PB 166 103.87 -33.76 -46.74
CA SER PB 166 102.78 -33.24 -47.55
C SER PB 166 101.79 -34.33 -47.87
N PHE PB 167 100.78 -33.97 -48.66
CA PHE PB 167 99.69 -34.86 -49.00
C PHE PB 167 99.16 -34.48 -50.36
N TRP PB 168 98.30 -35.35 -50.90
CA TRP PB 168 97.63 -35.07 -52.15
C TRP PB 168 96.46 -36.02 -52.30
N VAL PB 169 95.30 -35.48 -52.56
CA VAL PB 169 94.09 -36.26 -52.76
C VAL PB 169 93.98 -36.62 -54.23
N ASP PB 170 93.41 -37.79 -54.48
CA ASP PB 170 93.10 -38.19 -55.85
C ASP PB 170 91.63 -37.91 -56.12
N PRO PB 171 91.27 -36.96 -56.99
CA PRO PB 171 89.86 -36.65 -57.18
C PRO PB 171 89.06 -37.77 -57.81
N ARG PB 172 89.73 -38.75 -58.41
CA ARG PB 172 89.05 -39.84 -59.10
C ARG PB 172 88.86 -41.05 -58.22
N THR PB 173 89.85 -41.35 -57.38
CA THR PB 173 89.86 -42.52 -56.52
C THR PB 173 89.74 -42.16 -55.05
N LYS PB 174 89.94 -40.91 -54.68
CA LYS PB 174 89.69 -40.38 -53.35
C LYS PB 174 90.60 -40.97 -52.29
N ILE PB 175 91.72 -41.54 -52.70
CA ILE PB 175 92.78 -41.90 -51.77
C ILE PB 175 93.63 -40.66 -51.52
N ILE PB 176 94.11 -40.55 -50.29
CA ILE PB 176 95.07 -39.53 -49.90
C ILE PB 176 96.44 -40.18 -49.92
N TYR PB 177 97.31 -39.69 -50.79
CA TYR PB 177 98.71 -40.09 -50.81
C TYR PB 177 99.46 -39.10 -49.94
N MET PB 178 100.05 -39.60 -48.85
CA MET PB 178 100.71 -38.78 -47.86
C MET PB 178 102.20 -39.10 -47.89
N THR PB 179 103.00 -38.08 -48.16
CA THR PB 179 104.45 -38.21 -48.14
C THR PB 179 104.98 -37.73 -46.79
N GLN PB 180 105.80 -38.58 -46.18
CA GLN PB 180 106.23 -38.40 -44.80
C GLN PB 180 107.70 -38.79 -44.69
N ALA PB 181 108.51 -37.87 -44.17
CA ALA PB 181 109.93 -38.10 -44.02
C ALA PB 181 110.20 -39.29 -43.09
N ARG PB 182 111.45 -39.71 -43.05
CA ARG PB 182 111.88 -40.71 -42.09
C ARG PB 182 113.29 -40.36 -41.62
N PRO PB 183 113.71 -40.87 -40.46
CA PRO PB 183 115.05 -40.55 -39.98
C PRO PB 183 116.14 -41.07 -40.90
N GLY PB 184 116.84 -40.15 -41.56
CA GLY PB 184 117.83 -40.47 -42.56
C GLY PB 184 117.46 -39.89 -43.90
N ASN PB 185 118.10 -40.39 -44.95
CA ASN PB 185 117.85 -39.92 -46.32
C ASN PB 185 116.80 -40.78 -47.01
N HIS PB 186 115.62 -40.84 -46.41
CA HIS PB 186 114.56 -41.68 -46.92
C HIS PB 186 113.21 -41.15 -46.43
N TYR PB 187 112.18 -41.44 -47.20
CA TYR PB 187 110.83 -41.08 -46.81
C TYR PB 187 109.90 -42.18 -47.29
N MET PB 188 108.62 -41.98 -46.99
CA MET PB 188 107.60 -42.99 -47.24
C MET PB 188 106.36 -42.32 -47.77
N LEU PB 189 105.76 -42.96 -48.75
CA LEU PB 189 104.46 -42.59 -49.28
C LEU PB 189 103.43 -43.58 -48.75
N SER PB 190 102.24 -43.07 -48.44
CA SER PB 190 101.22 -43.87 -47.79
C SER PB 190 99.88 -43.57 -48.41
N ARG PB 191 99.20 -44.61 -48.87
CA ARG PB 191 97.86 -44.52 -49.43
C ARG PB 191 96.86 -44.75 -48.32
N LEU PB 192 96.03 -43.74 -48.07
CA LEU PB 192 95.06 -43.74 -46.99
C LEU PB 192 93.67 -43.48 -47.53
N LYS PB 193 92.68 -43.96 -46.79
CA LYS PB 193 91.30 -43.81 -47.16
C LYS PB 193 90.85 -42.37 -46.96
N PRO PB 194 89.66 -42.01 -47.44
CA PRO PB 194 89.16 -40.64 -47.23
C PRO PB 194 89.08 -40.25 -45.76
N ASN PB 195 88.57 -41.14 -44.92
CA ASN PB 195 88.54 -40.90 -43.49
C ASN PB 195 89.93 -40.90 -42.85
N GLY PB 196 90.96 -41.28 -43.60
CA GLY PB 196 92.32 -41.31 -43.10
C GLY PB 196 92.84 -42.68 -42.73
N GLN PB 197 92.00 -43.71 -42.85
CA GLN PB 197 92.45 -45.05 -42.53
C GLN PB 197 93.58 -45.49 -43.45
N PHE PB 198 94.40 -46.41 -42.95
CA PHE PB 198 95.58 -46.86 -43.68
C PHE PB 198 95.19 -47.95 -44.66
N ILE PB 199 95.81 -47.91 -45.83
CA ILE PB 199 95.58 -48.89 -46.88
C ILE PB 199 96.91 -49.51 -47.27
N ASP PB 200 97.86 -48.68 -47.71
CA ASP PB 200 99.09 -49.20 -48.28
C ASP PB 200 100.22 -48.20 -48.03
N ARG PB 201 101.46 -48.65 -48.24
CA ARG PB 201 102.60 -47.78 -48.11
C ARG PB 201 103.69 -48.19 -49.11
N LEU PB 202 104.74 -47.38 -49.14
CA LEU PB 202 105.83 -47.53 -50.08
C LEU PB 202 107.02 -46.75 -49.54
N LEU PB 203 108.09 -47.45 -49.20
CA LEU PB 203 109.29 -46.81 -48.67
C LEU PB 203 110.22 -46.48 -49.83
N VAL PB 204 110.44 -45.20 -50.07
CA VAL PB 204 111.43 -44.80 -51.06
C VAL PB 204 112.77 -44.71 -50.34
N LYS PB 205 113.70 -45.58 -50.76
CA LYS PB 205 114.96 -45.74 -50.04
C LYS PB 205 115.78 -44.48 -50.04
N ASN PB 206 115.66 -43.68 -51.10
CA ASN PB 206 116.58 -42.59 -51.38
C ASN PB 206 115.84 -41.30 -51.73
N GLY PB 207 114.58 -41.19 -51.33
CA GLY PB 207 113.74 -40.13 -51.83
C GLY PB 207 114.05 -38.78 -51.22
N GLY PB 208 114.52 -38.77 -49.98
CA GLY PB 208 114.82 -37.53 -49.28
C GLY PB 208 113.73 -37.16 -48.28
N HIS PB 209 113.24 -35.93 -48.45
CA HIS PB 209 112.22 -35.41 -47.53
C HIS PB 209 110.82 -35.65 -48.10
N GLY PB 210 110.67 -35.55 -49.42
CA GLY PB 210 109.41 -35.83 -50.05
C GLY PB 210 108.47 -34.64 -50.11
N THR PB 211 109.05 -33.43 -50.10
CA THR PB 211 108.37 -32.15 -49.80
C THR PB 211 107.05 -32.06 -50.55
N HIS PB 212 107.02 -32.16 -51.87
CA HIS PB 212 105.78 -32.26 -52.60
C HIS PB 212 106.03 -32.91 -53.94
N ASN PB 213 105.15 -33.86 -54.30
CA ASN PB 213 105.24 -34.61 -55.53
C ASN PB 213 104.04 -34.32 -56.40
N ALA PB 214 104.24 -34.39 -57.71
CA ALA PB 214 103.20 -34.09 -58.67
C ALA PB 214 102.57 -35.40 -59.11
N TYR PB 215 101.28 -35.55 -58.83
CA TYR PB 215 100.56 -36.80 -59.07
C TYR PB 215 99.79 -36.64 -60.38
N ARG PB 216 100.51 -36.82 -61.47
CA ARG PB 216 99.90 -36.70 -62.79
C ARG PB 216 99.01 -37.88 -63.05
N TYR PB 217 97.98 -37.65 -63.85
CA TYR PB 217 97.00 -38.67 -64.20
C TYR PB 217 96.92 -38.74 -65.72
N ILE PB 218 97.69 -39.64 -66.31
CA ILE PB 218 97.43 -40.08 -67.67
C ILE PB 218 96.09 -40.82 -67.67
N GLY PB 219 95.45 -40.89 -68.84
CA GLY PB 219 94.16 -41.54 -68.97
C GLY PB 219 94.13 -42.94 -68.41
N ASN PB 220 93.42 -43.10 -67.29
CA ASN PB 220 93.36 -44.37 -66.57
C ASN PB 220 94.75 -44.86 -66.17
N GLU PB 221 95.52 -43.96 -65.58
CA GLU PB 221 96.83 -44.30 -65.04
C GLU PB 221 97.32 -43.15 -64.19
N LEU PB 222 98.09 -43.48 -63.16
CA LEU PB 222 98.68 -42.51 -62.26
C LEU PB 222 100.20 -42.55 -62.39
N TRP PB 223 100.83 -41.38 -62.22
CA TRP PB 223 102.28 -41.30 -62.26
C TRP PB 223 102.75 -40.25 -61.27
N ILE PB 224 103.63 -40.66 -60.37
CA ILE PB 224 104.12 -39.82 -59.28
C ILE PB 224 105.46 -39.25 -59.72
N TYR PB 225 105.56 -37.93 -59.71
CA TYR PB 225 106.78 -37.22 -60.04
C TYR PB 225 107.38 -36.70 -58.73
N SER PB 226 108.59 -37.13 -58.41
CA SER PB 226 109.23 -36.82 -57.15
C SER PB 226 110.69 -36.45 -57.39
N ALA PB 227 111.38 -36.13 -56.31
CA ALA PB 227 112.79 -35.72 -56.33
C ALA PB 227 113.60 -36.74 -55.53
N VAL PB 228 114.03 -37.80 -56.21
CA VAL PB 228 114.84 -38.82 -55.58
C VAL PB 228 116.30 -38.39 -55.57
N LEU PB 229 117.07 -38.98 -54.66
CA LEU PB 229 118.48 -38.68 -54.46
C LEU PB 229 119.28 -39.95 -54.69
N ASP PB 230 119.80 -40.14 -55.89
CA ASP PB 230 120.44 -41.40 -56.26
C ASP PB 230 121.65 -41.69 -55.38
N ALA PB 231 122.28 -42.85 -55.63
CA ALA PB 231 123.39 -43.32 -54.80
C ALA PB 231 124.47 -42.25 -54.66
N ASN PB 232 124.70 -41.49 -55.72
CA ASN PB 232 125.51 -40.29 -55.63
C ASN PB 232 124.62 -39.13 -55.20
N GLU PB 233 125.20 -38.22 -54.41
CA GLU PB 233 124.41 -37.18 -53.79
C GLU PB 233 123.96 -36.15 -54.83
N ASN PB 234 122.99 -36.54 -55.65
CA ASN PB 234 122.46 -35.70 -56.72
C ASN PB 234 120.94 -35.81 -56.73
N ASN PB 235 120.28 -34.65 -56.81
CA ASN PB 235 118.82 -34.58 -56.77
C ASN PB 235 118.28 -34.86 -58.17
N LYS PB 236 117.82 -36.08 -58.39
CA LYS PB 236 117.22 -36.48 -59.65
C LYS PB 236 115.71 -36.29 -59.56
N PHE PB 237 115.15 -35.60 -60.54
CA PHE PB 237 113.70 -35.46 -60.67
C PHE PB 237 113.19 -36.58 -61.56
N VAL PB 238 112.38 -37.47 -60.98
CA VAL PB 238 112.09 -38.77 -61.59
C VAL PB 238 110.62 -39.09 -61.40
N ARG PB 239 110.05 -39.82 -62.36
CA ARG PB 239 108.67 -40.26 -62.32
C ARG PB 239 108.60 -41.76 -62.16
N PHE PB 240 107.51 -42.23 -61.56
CA PHE PB 240 107.35 -43.66 -61.31
C PHE PB 240 105.88 -43.95 -61.03
N GLN PB 241 105.62 -45.21 -60.70
CA GLN PB 241 104.29 -45.76 -60.48
C GLN PB 241 104.22 -46.35 -59.08
N TYR PB 242 103.02 -46.37 -58.51
CA TYR PB 242 102.84 -46.89 -57.16
C TYR PB 242 102.77 -48.41 -57.17
N ARG PB 243 103.48 -49.02 -56.22
CA ARG PB 243 103.35 -50.44 -55.92
C ARG PB 243 103.92 -50.68 -54.53
N THR PB 244 103.20 -51.48 -53.75
CA THR PB 244 103.57 -51.71 -52.35
C THR PB 244 104.98 -52.27 -52.23
N GLY PB 245 105.68 -51.84 -51.19
CA GLY PB 245 107.01 -52.32 -50.88
C GLY PB 245 108.03 -51.21 -50.70
N GLU PB 246 109.16 -51.33 -51.40
CA GLU PB 246 110.18 -50.31 -51.38
C GLU PB 246 110.68 -50.06 -52.79
N ILE PB 247 111.20 -48.85 -53.02
CA ILE PB 247 111.69 -48.47 -54.34
C ILE PB 247 112.96 -47.63 -54.20
N THR PB 248 113.82 -47.76 -55.21
CA THR PB 248 115.08 -47.03 -55.26
C THR PB 248 115.39 -46.71 -56.72
N TYR PB 249 116.31 -45.76 -56.92
CA TYR PB 249 116.74 -45.41 -58.27
C TYR PB 249 117.29 -46.65 -58.98
N GLY PB 250 116.83 -46.86 -60.21
CA GLY PB 250 117.25 -47.99 -60.98
C GLY PB 250 116.25 -48.34 -62.08
N ASN PB 251 115.85 -49.60 -62.12
CA ASN PB 251 114.94 -50.06 -63.16
C ASN PB 251 113.51 -49.60 -62.90
N GLU PB 252 113.03 -49.74 -61.66
CA GLU PB 252 111.66 -49.35 -61.35
C GLU PB 252 111.45 -47.86 -61.55
N MET PB 253 112.46 -47.06 -61.22
CA MET PB 253 112.39 -45.62 -61.36
C MET PB 253 112.68 -45.25 -62.81
N GLN PB 254 111.81 -44.42 -63.39
CA GLN PB 254 111.88 -44.00 -64.78
C GLN PB 254 112.20 -42.52 -64.82
N ASP PB 255 113.42 -42.17 -65.20
CA ASP PB 255 113.82 -40.77 -65.28
C ASP PB 255 113.01 -40.05 -66.35
N VAL PB 256 112.87 -38.74 -66.14
CA VAL PB 256 112.16 -37.86 -67.07
C VAL PB 256 113.03 -36.65 -67.33
N MET PB 257 113.34 -36.41 -68.62
CA MET PB 257 114.16 -35.30 -69.08
C MET PB 257 115.45 -35.22 -68.28
N PRO PB 258 116.37 -36.16 -68.45
CA PRO PB 258 117.60 -36.20 -67.64
C PRO PB 258 118.69 -35.25 -68.12
N ASN PB 259 118.30 -34.01 -68.41
CA ASN PB 259 119.22 -32.98 -68.90
C ASN PB 259 119.12 -31.66 -68.16
N ILE PB 260 117.90 -31.24 -67.79
CA ILE PB 260 117.66 -29.92 -67.23
C ILE PB 260 116.85 -29.99 -65.94
N PHE PB 261 116.80 -31.16 -65.31
CA PHE PB 261 116.05 -31.34 -64.07
C PHE PB 261 116.82 -32.19 -63.06
N ASN PB 262 118.14 -32.35 -63.25
CA ASN PB 262 118.95 -33.19 -62.39
C ASN PB 262 120.19 -32.47 -61.91
N ASP PB 263 120.34 -31.18 -62.19
CA ASP PB 263 121.39 -30.37 -61.58
C ASP PB 263 120.94 -29.75 -60.26
N ARG PB 264 119.80 -29.07 -60.24
CA ARG PB 264 119.28 -28.41 -59.05
C ARG PB 264 118.18 -29.26 -58.45
N TYR PB 265 118.06 -29.20 -57.13
CA TYR PB 265 116.99 -29.91 -56.44
C TYR PB 265 115.66 -29.32 -56.85
N THR PB 266 114.81 -30.18 -57.42
CA THR PB 266 113.64 -29.79 -58.17
C THR PB 266 112.44 -30.62 -57.71
N SER PB 267 111.53 -29.99 -56.99
CA SER PB 267 110.26 -30.58 -56.62
C SER PB 267 109.19 -30.11 -57.59
N ALA PB 268 108.05 -30.80 -57.60
CA ALA PB 268 107.08 -30.65 -58.67
C ALA PB 268 105.64 -30.72 -58.18
N ILE PB 269 104.79 -29.95 -58.86
CA ILE PB 269 103.35 -29.97 -58.71
C ILE PB 269 102.75 -30.09 -60.10
N TYR PB 270 101.56 -30.69 -60.20
CA TYR PB 270 100.83 -30.80 -61.45
C TYR PB 270 99.42 -30.26 -61.27
N ASN PB 271 98.99 -29.44 -62.23
CA ASN PB 271 97.65 -28.86 -62.24
C ASN PB 271 96.91 -29.40 -63.45
N PRO PB 272 95.85 -30.20 -63.30
CA PRO PB 272 95.26 -30.88 -64.47
C PRO PB 272 94.31 -30.00 -65.26
N ILE PB 273 93.69 -29.02 -64.59
CA ILE PB 273 92.71 -28.19 -65.25
C ILE PB 273 93.34 -27.40 -66.40
N GLU PB 274 94.56 -26.92 -66.18
CA GLU PB 274 95.34 -26.25 -67.22
C GLU PB 274 96.42 -27.13 -67.81
N ASN PB 275 96.61 -28.34 -67.29
CA ASN PB 275 97.61 -29.27 -67.78
C ASN PB 275 99.00 -28.67 -67.69
N LEU PB 276 99.31 -28.16 -66.50
CA LEU PB 276 100.57 -27.46 -66.23
C LEU PB 276 101.36 -28.20 -65.17
N MET PB 277 102.65 -27.87 -65.09
CA MET PB 277 103.54 -28.41 -64.09
C MET PB 277 104.35 -27.26 -63.49
N ILE PB 278 104.30 -27.14 -62.17
CA ILE PB 278 105.01 -26.10 -61.44
C ILE PB 278 106.21 -26.76 -60.78
N PHE PB 279 107.40 -26.40 -61.24
CA PHE PB 279 108.64 -26.86 -60.62
C PHE PB 279 109.11 -25.81 -59.63
N ARG PB 280 109.42 -26.26 -58.42
CA ARG PB 280 110.14 -25.46 -57.43
C ARG PB 280 111.58 -25.95 -57.44
N ARG PB 281 112.52 -25.04 -57.71
CA ARG PB 281 113.93 -25.38 -57.84
C ARG PB 281 114.74 -24.51 -56.90
N GLU PB 282 115.58 -25.15 -56.09
CA GLU PB 282 116.37 -24.34 -55.16
C GLU PB 282 117.55 -23.68 -55.88
N TYR PB 283 118.04 -22.60 -55.30
CA TYR PB 283 119.24 -21.92 -55.78
C TYR PB 283 120.45 -22.55 -55.12
N LYS PB 284 121.36 -23.09 -55.93
CA LYS PB 284 122.63 -23.52 -55.39
C LYS PB 284 123.36 -22.32 -54.80
N ALA PB 285 124.28 -22.62 -53.88
CA ALA PB 285 124.77 -21.69 -52.86
C ALA PB 285 125.03 -20.26 -53.30
N SER PB 286 125.87 -20.07 -54.32
CA SER PB 286 126.31 -18.72 -54.68
C SER PB 286 125.16 -17.89 -55.21
N GLU PB 287 124.38 -18.45 -56.13
CA GLU PB 287 123.25 -17.74 -56.71
C GLU PB 287 122.25 -17.37 -55.62
N ARG PB 288 121.96 -18.33 -54.74
CA ARG PB 288 121.12 -18.07 -53.57
C ARG PB 288 121.65 -16.88 -52.78
N GLN PB 289 122.92 -16.93 -52.38
CA GLN PB 289 123.47 -15.96 -51.46
C GLN PB 289 123.43 -14.56 -52.05
N LEU PB 290 123.77 -14.44 -53.33
CA LEU PB 290 123.73 -13.11 -53.95
C LEU PB 290 122.29 -12.65 -54.09
N LYS PB 291 121.45 -13.44 -54.77
CA LYS PB 291 120.14 -12.95 -55.16
C LYS PB 291 119.13 -12.89 -54.02
N ASN PB 292 119.49 -13.39 -52.83
CA ASN PB 292 118.59 -13.35 -51.68
C ASN PB 292 117.29 -14.08 -51.98
N SER PB 293 117.43 -15.25 -52.60
CA SER PB 293 116.28 -16.08 -52.97
C SER PB 293 116.72 -17.53 -52.84
N LEU PB 294 116.18 -18.22 -51.85
CA LEU PB 294 116.59 -19.60 -51.60
C LEU PB 294 116.12 -20.53 -52.69
N ASN PB 295 115.09 -20.16 -53.43
CA ASN PB 295 114.55 -21.02 -54.48
C ASN PB 295 113.83 -20.13 -55.48
N PHE PB 296 113.29 -20.76 -56.52
CA PHE PB 296 112.39 -20.09 -57.43
C PHE PB 296 111.36 -21.10 -57.91
N VAL PB 297 110.44 -20.59 -58.72
CA VAL PB 297 109.36 -21.37 -59.29
C VAL PB 297 109.33 -21.15 -60.79
N GLU PB 298 109.01 -22.20 -61.51
CA GLU PB 298 108.90 -22.12 -62.96
C GLU PB 298 107.72 -22.96 -63.41
N VAL PB 299 106.81 -22.33 -64.12
CA VAL PB 299 105.62 -22.99 -64.66
C VAL PB 299 105.91 -23.39 -66.10
N ARG PB 300 105.78 -24.68 -66.37
CA ARG PB 300 105.97 -25.29 -67.67
C ARG PB 300 104.70 -26.03 -68.04
N SER PB 301 104.61 -26.42 -69.31
CA SER PB 301 103.46 -27.18 -69.79
C SER PB 301 103.67 -28.66 -69.56
N ALA PB 302 102.60 -29.32 -69.10
CA ALA PB 302 102.68 -30.74 -68.79
C ALA PB 302 102.98 -31.55 -70.03
N ASP PB 303 102.28 -31.28 -71.13
CA ASP PB 303 102.53 -31.99 -72.38
C ASP PB 303 103.92 -31.68 -72.92
N ASP PB 304 104.41 -30.47 -72.67
CA ASP PB 304 105.75 -30.12 -73.13
C ASP PB 304 106.80 -30.92 -72.38
N ILE PB 305 106.66 -31.02 -71.05
CA ILE PB 305 107.56 -31.86 -70.27
C ILE PB 305 107.41 -33.32 -70.68
N ASP PB 306 106.20 -33.71 -71.10
CA ASP PB 306 105.98 -35.09 -71.51
C ASP PB 306 106.76 -35.41 -72.76
N LYS PB 307 106.62 -34.58 -73.80
CA LYS PB 307 107.36 -34.80 -75.03
C LYS PB 307 108.85 -34.47 -74.90
N GLY PB 308 109.24 -33.80 -73.82
CA GLY PB 308 110.65 -33.70 -73.48
C GLY PB 308 111.42 -32.58 -74.15
N ILE PB 309 110.99 -31.33 -73.95
CA ILE PB 309 111.72 -30.16 -74.41
C ILE PB 309 111.64 -29.06 -73.37
N ASP PB 310 112.43 -28.02 -73.58
CA ASP PB 310 112.42 -26.85 -72.72
C ASP PB 310 111.37 -25.88 -73.25
N LYS PB 311 110.37 -25.57 -72.41
CA LYS PB 311 109.45 -24.47 -72.70
C LYS PB 311 109.03 -23.91 -71.35
N VAL PB 312 109.79 -22.94 -70.85
CA VAL PB 312 109.39 -22.21 -69.66
C VAL PB 312 108.29 -21.22 -70.05
N LEU PB 313 107.18 -21.28 -69.33
CA LEU PB 313 106.06 -20.39 -69.57
C LEU PB 313 106.02 -19.26 -68.58
N TYR PB 314 106.44 -19.51 -67.35
CA TYR PB 314 106.47 -18.44 -66.36
C TYR PB 314 107.58 -18.70 -65.35
N GLN PB 315 108.08 -17.61 -64.77
CA GLN PB 315 109.13 -17.64 -63.77
C GLN PB 315 108.68 -16.86 -62.55
N MET PB 316 109.33 -17.16 -61.43
CA MET PB 316 109.09 -16.38 -60.21
C MET PB 316 110.26 -16.59 -59.27
N ASP PB 317 111.07 -15.55 -59.09
CA ASP PB 317 112.17 -15.55 -58.13
C ASP PB 317 111.60 -15.06 -56.81
N ILE PB 318 111.22 -16.01 -55.96
CA ILE PB 318 110.58 -15.69 -54.68
C ILE PB 318 111.59 -14.99 -53.77
N PRO PB 319 111.16 -14.08 -52.88
CA PRO PB 319 112.10 -13.55 -51.88
C PRO PB 319 112.45 -14.57 -50.80
N MET PB 320 113.17 -14.08 -49.79
CA MET PB 320 113.61 -14.88 -48.66
C MET PB 320 112.70 -14.75 -47.45
N GLU PB 321 111.84 -13.73 -47.41
CA GLU PB 321 110.95 -13.55 -46.28
C GLU PB 321 109.98 -14.71 -46.14
N TYR PB 322 109.58 -15.29 -47.26
CA TYR PB 322 108.66 -16.42 -47.28
C TYR PB 322 109.36 -17.77 -47.24
N THR PB 323 110.66 -17.78 -46.92
CA THR PB 323 111.40 -19.02 -46.76
C THR PB 323 112.39 -19.00 -45.61
N SER PB 324 112.44 -17.93 -44.81
CA SER PB 324 113.39 -17.87 -43.71
C SER PB 324 113.07 -18.93 -42.67
N ASP PB 325 113.94 -19.03 -41.67
CA ASP PB 325 113.76 -20.04 -40.62
C ASP PB 325 112.48 -19.82 -39.84
N THR PB 326 112.03 -18.57 -39.74
CA THR PB 326 110.78 -18.27 -39.05
C THR PB 326 109.55 -18.57 -39.91
N GLN PB 327 109.71 -18.62 -41.23
CA GLN PB 327 108.60 -18.93 -42.14
C GLN PB 327 109.17 -19.69 -43.34
N PRO PB 328 109.57 -20.93 -43.13
CA PRO PB 328 110.06 -21.75 -44.24
C PRO PB 328 108.91 -22.35 -45.05
N MET PB 329 109.20 -22.62 -46.30
CA MET PB 329 108.21 -23.24 -47.17
C MET PB 329 107.85 -24.62 -46.67
N GLN PB 330 106.56 -24.93 -46.68
CA GLN PB 330 106.08 -26.28 -46.40
C GLN PB 330 104.94 -26.68 -47.34
N GLY PB 331 104.80 -26.04 -48.49
CA GLY PB 331 103.75 -26.39 -49.42
C GLY PB 331 103.50 -25.35 -50.49
N ILE PB 332 103.21 -25.81 -51.71
CA ILE PB 332 102.88 -24.91 -52.82
C ILE PB 332 101.84 -25.58 -53.71
N THR PB 333 101.14 -24.74 -54.47
CA THR PB 333 100.21 -25.24 -55.48
C THR PB 333 99.85 -24.09 -56.42
N TYR PB 334 98.99 -24.40 -57.39
CA TYR PB 334 98.56 -23.45 -58.40
C TYR PB 334 97.10 -23.69 -58.70
N ASP PB 335 96.27 -22.65 -58.54
CA ASP PB 335 94.83 -22.73 -58.76
C ASP PB 335 94.43 -22.22 -60.14
N ALA PB 336 95.32 -22.32 -61.13
CA ALA PB 336 95.08 -21.77 -62.46
C ALA PB 336 94.84 -20.25 -62.38
N GLY PB 337 95.89 -19.57 -61.94
CA GLY PB 337 95.90 -18.12 -61.91
C GLY PB 337 96.73 -17.52 -60.81
N ILE PB 338 96.89 -18.24 -59.70
CA ILE PB 338 97.68 -17.79 -58.56
C ILE PB 338 98.51 -18.94 -58.04
N LEU PB 339 99.74 -18.66 -57.65
CA LEU PB 339 100.62 -19.63 -57.01
C LEU PB 339 100.44 -19.47 -55.51
N TYR PB 340 99.85 -20.48 -54.88
CA TYR PB 340 99.65 -20.47 -53.45
C TYR PB 340 100.90 -21.04 -52.80
N TRP PB 341 101.38 -20.35 -51.76
CA TRP PB 341 102.59 -20.68 -51.05
C TRP PB 341 102.28 -20.72 -49.58
N TYR PB 342 102.85 -21.71 -48.89
CA TYR PB 342 102.58 -21.97 -47.49
C TYR PB 342 103.86 -21.86 -46.70
N THR PB 343 103.80 -21.17 -45.56
CA THR PB 343 104.97 -20.93 -44.73
C THR PB 343 104.59 -21.12 -43.27
N GLY PB 344 105.58 -21.53 -42.49
CA GLY PB 344 105.39 -21.76 -41.07
C GLY PB 344 106.54 -22.54 -40.49
N ASP PB 345 106.99 -22.14 -39.31
CA ASP PB 345 108.08 -22.79 -38.61
C ASP PB 345 107.52 -23.49 -37.40
N SER PB 346 108.17 -24.59 -37.01
CA SER PB 346 107.58 -25.48 -36.01
C SER PB 346 107.56 -24.81 -34.65
N LYS PB 347 106.68 -23.82 -34.53
CA LYS PB 347 106.54 -23.00 -33.36
C LYS PB 347 105.19 -22.29 -33.51
N PRO PB 348 104.28 -22.40 -32.54
CA PRO PB 348 102.99 -21.71 -32.69
C PRO PB 348 103.05 -20.24 -32.36
N ALA PB 349 104.11 -19.78 -31.69
CA ALA PB 349 104.28 -18.35 -31.46
C ALA PB 349 104.30 -17.58 -32.77
N ASN PB 350 105.09 -18.05 -33.73
CA ASN PB 350 105.12 -17.48 -35.06
C ASN PB 350 103.95 -18.04 -35.86
N PRO PB 351 102.89 -17.27 -36.14
CA PRO PB 351 101.76 -17.86 -36.85
C PRO PB 351 102.13 -18.21 -38.28
N ASN PB 352 101.54 -19.29 -38.75
CA ASN PB 352 101.79 -19.74 -40.11
C ASN PB 352 101.00 -18.88 -41.08
N TYR PB 353 101.51 -18.78 -42.31
CA TYR PB 353 100.97 -17.87 -43.31
C TYR PB 353 100.80 -18.59 -44.63
N LEU PB 354 99.80 -18.18 -45.38
CA LEU PB 354 99.64 -18.60 -46.77
C LEU PB 354 99.41 -17.38 -47.62
N GLN PB 355 100.05 -17.37 -48.78
CA GLN PB 355 100.06 -16.20 -49.64
C GLN PB 355 99.89 -16.63 -51.08
N GLY PB 356 99.56 -15.67 -51.92
CA GLY PB 356 99.31 -15.91 -53.32
C GLY PB 356 100.14 -14.98 -54.19
N PHE PB 357 101.09 -15.56 -54.91
CA PHE PB 357 101.94 -14.83 -55.82
C PHE PB 357 101.36 -15.03 -57.21
N ASP PB 358 100.91 -13.94 -57.82
CA ASP PB 358 100.45 -14.00 -59.19
C ASP PB 358 101.64 -13.96 -60.11
N ILE PB 359 101.99 -15.12 -60.67
CA ILE PB 359 103.17 -15.26 -61.52
C ILE PB 359 103.19 -14.25 -62.66
N LYS PB 360 102.04 -13.80 -63.10
CA LYS PB 360 101.96 -12.80 -64.15
C LYS PB 360 102.25 -11.38 -63.65
N THR PB 361 102.29 -11.16 -62.33
CA THR PB 361 102.60 -9.86 -61.76
C THR PB 361 103.82 -9.97 -60.84
N LYS PB 362 104.01 -11.15 -60.24
CA LYS PB 362 105.16 -11.43 -59.39
C LYS PB 362 105.15 -10.52 -58.17
N GLU PB 363 104.07 -10.63 -57.39
CA GLU PB 363 103.95 -9.82 -56.18
C GLU PB 363 102.91 -10.44 -55.26
N LEU PB 364 103.19 -10.36 -53.95
CA LEU PB 364 102.26 -10.80 -52.93
C LEU PB 364 101.01 -9.95 -52.95
N LEU PB 365 99.87 -10.58 -52.62
CA LEU PB 365 98.59 -9.86 -52.64
C LEU PB 365 97.78 -9.94 -51.35
N PHE PB 366 97.76 -11.10 -50.60
CA PHE PB 366 96.96 -11.11 -49.37
C PHE PB 366 97.69 -11.51 -48.09
N LYS PB 367 98.49 -12.58 -48.10
CA LYS PB 367 99.22 -13.01 -46.90
C LYS PB 367 98.29 -13.25 -45.71
N ARG PB 368 97.48 -14.28 -45.83
CA ARG PB 368 96.56 -14.64 -44.75
C ARG PB 368 97.27 -15.47 -43.69
N ARG PB 369 96.81 -15.29 -42.45
CA ARG PB 369 97.29 -16.07 -41.32
C ARG PB 369 96.43 -17.32 -41.14
N ILE PB 370 97.04 -18.37 -40.61
CA ILE PB 370 96.37 -19.61 -40.29
C ILE PB 370 96.48 -19.86 -38.80
N ASP PB 371 95.40 -20.37 -38.21
CA ASP PB 371 95.36 -20.73 -36.80
C ASP PB 371 94.59 -22.04 -36.62
N ILE PB 372 94.83 -23.01 -37.49
CA ILE PB 372 93.95 -24.17 -37.62
C ILE PB 372 94.43 -25.37 -36.81
N GLY PB 373 95.39 -25.18 -35.91
CA GLY PB 373 95.80 -26.29 -35.08
C GLY PB 373 94.67 -26.86 -34.25
N GLY PB 374 93.64 -26.08 -33.97
CA GLY PB 374 92.53 -26.50 -33.15
C GLY PB 374 91.88 -25.33 -32.45
N VAL PB 375 91.78 -25.41 -31.13
CA VAL PB 375 91.17 -24.33 -30.36
C VAL PB 375 92.04 -23.07 -30.46
N ASN PB 376 91.42 -21.94 -30.13
CA ASN PB 376 92.04 -20.62 -30.24
C ASN PB 376 93.38 -20.54 -29.53
N ASN PB 377 94.37 -20.00 -30.25
CA ASN PB 377 95.71 -19.61 -29.75
C ASN PB 377 96.29 -20.61 -28.74
N ASN PB 378 95.97 -21.89 -28.92
CA ASN PB 378 96.40 -22.96 -28.04
C ASN PB 378 96.01 -24.26 -28.71
N PHE PB 379 96.91 -25.22 -28.70
CA PHE PB 379 96.72 -26.46 -29.43
C PHE PB 379 97.08 -27.63 -28.52
N LYS PB 380 96.99 -28.84 -29.07
CA LYS PB 380 97.10 -30.04 -28.25
C LYS PB 380 98.50 -30.16 -27.70
N GLY PB 381 99.46 -30.30 -28.58
CA GLY PB 381 100.84 -30.37 -28.14
C GLY PB 381 101.36 -29.03 -27.68
N ASP PB 382 102.42 -29.09 -26.88
CA ASP PB 382 103.14 -27.88 -26.52
C ASP PB 382 103.63 -27.13 -27.76
N PHE PB 383 103.83 -27.83 -28.87
CA PHE PB 383 104.15 -27.21 -30.15
C PHE PB 383 103.37 -27.92 -31.25
N GLN PB 384 103.50 -27.41 -32.47
CA GLN PB 384 102.87 -27.98 -33.64
C GLN PB 384 103.48 -27.34 -34.88
N GLU PB 385 102.87 -27.58 -36.03
CA GLU PB 385 103.22 -26.88 -37.25
C GLU PB 385 102.16 -27.17 -38.30
N ALA PB 386 102.00 -26.23 -39.22
CA ALA PB 386 101.25 -26.47 -40.43
C ALA PB 386 102.18 -26.97 -41.52
N GLU PB 387 101.79 -28.08 -42.16
CA GLU PB 387 102.65 -28.80 -43.08
C GLU PB 387 101.81 -29.34 -44.22
N GLY PB 388 102.26 -29.10 -45.45
CA GLY PB 388 101.61 -29.63 -46.62
C GLY PB 388 100.59 -28.69 -47.23
N LEU PB 389 100.22 -28.98 -48.46
CA LEU PB 389 99.28 -28.16 -49.21
C LEU PB 389 98.83 -28.92 -50.43
N ASP PB 390 97.58 -28.68 -50.84
CA ASP PB 390 96.99 -29.36 -51.98
C ASP PB 390 95.83 -28.56 -52.50
N MET PB 391 95.61 -28.63 -53.81
CA MET PB 391 94.48 -28.02 -54.48
C MET PB 391 93.62 -29.15 -55.00
N TYR PB 392 92.45 -29.31 -54.39
CA TYR PB 392 91.50 -30.32 -54.85
C TYR PB 392 90.72 -29.77 -56.02
N TYR PB 393 90.42 -30.65 -56.98
CA TYR PB 393 89.65 -30.30 -58.16
C TYR PB 393 88.53 -31.31 -58.28
N ASP PB 394 87.31 -30.89 -57.94
CA ASP PB 394 86.16 -31.78 -58.00
C ASP PB 394 85.97 -32.22 -59.43
N LEU PB 395 86.22 -33.51 -59.69
CA LEU PB 395 86.14 -34.03 -61.04
C LEU PB 395 84.73 -33.92 -61.59
N GLU PB 396 83.73 -34.11 -60.74
CA GLU PB 396 82.35 -34.22 -61.21
C GLU PB 396 81.78 -32.87 -61.58
N THR PB 397 81.65 -31.98 -60.59
CA THR PB 397 81.02 -30.69 -60.79
C THR PB 397 81.99 -29.62 -61.26
N GLY PB 398 83.25 -29.96 -61.48
CA GLY PB 398 84.25 -28.96 -61.82
C GLY PB 398 84.63 -28.05 -60.69
N ARG PB 399 84.09 -28.25 -59.50
CA ARG PB 399 84.45 -27.42 -58.36
C ARG PB 399 85.89 -27.71 -57.95
N LYS PB 400 86.40 -26.86 -57.07
CA LYS PB 400 87.78 -26.92 -56.67
C LYS PB 400 87.89 -26.41 -55.25
N ALA PB 401 88.65 -27.13 -54.43
CA ALA PB 401 88.84 -26.79 -53.04
C ALA PB 401 90.31 -26.78 -52.70
N LEU PB 402 90.69 -25.86 -51.83
CA LEU PB 402 92.06 -25.68 -51.41
C LEU PB 402 92.24 -26.34 -50.05
N LEU PB 403 92.99 -27.44 -50.03
CA LEU PB 403 93.24 -28.20 -48.83
C LEU PB 403 94.57 -27.82 -48.21
N ILE PB 404 94.64 -27.96 -46.89
CA ILE PB 404 95.81 -27.59 -46.11
C ILE PB 404 96.02 -28.66 -45.06
N GLY PB 405 97.26 -29.11 -44.91
CA GLY PB 405 97.62 -30.06 -43.88
C GLY PB 405 98.19 -29.36 -42.67
N VAL PB 406 97.78 -29.81 -41.49
CA VAL PB 406 98.26 -29.27 -40.24
C VAL PB 406 98.54 -30.42 -39.29
N THR PB 407 99.74 -30.43 -38.72
CA THR PB 407 100.22 -31.52 -37.86
C THR PB 407 100.45 -30.95 -36.47
N ILE PB 408 99.74 -31.52 -35.49
CA ILE PB 408 99.74 -31.04 -34.12
C ILE PB 408 100.21 -32.16 -33.21
N GLY PB 409 100.33 -31.84 -31.93
CA GLY PB 409 100.78 -32.78 -30.94
C GLY PB 409 102.26 -32.60 -30.65
N PRO PB 410 102.73 -33.22 -29.60
CA PRO PB 410 104.13 -33.05 -29.20
C PRO PB 410 105.08 -33.77 -30.14
N GLY PB 411 106.36 -33.82 -29.77
CA GLY PB 411 107.39 -34.36 -30.64
C GLY PB 411 107.13 -35.76 -31.15
N ASN PB 412 107.15 -36.75 -30.25
CA ASN PB 412 106.90 -38.12 -30.66
C ASN PB 412 105.43 -38.32 -31.04
N ASN PB 413 104.53 -38.00 -30.13
CA ASN PB 413 103.11 -38.18 -30.37
C ASN PB 413 102.62 -37.09 -31.30
N ARG PB 414 102.16 -37.46 -32.49
CA ARG PB 414 101.73 -36.51 -33.50
C ARG PB 414 100.40 -36.93 -34.10
N HIS PB 415 99.72 -35.93 -34.65
CA HIS PB 415 98.36 -36.09 -35.16
C HIS PB 415 98.14 -35.04 -36.23
N HIS PB 416 97.94 -35.47 -37.47
CA HIS PB 416 97.93 -34.57 -38.61
C HIS PB 416 96.67 -34.73 -39.43
N SER PB 417 96.05 -33.59 -39.72
CA SER PB 417 94.72 -33.52 -40.31
C SER PB 417 94.75 -32.62 -41.53
N ILE PB 418 93.65 -32.69 -42.29
CA ILE PB 418 93.49 -32.00 -43.55
C ILE PB 418 92.25 -31.12 -43.42
N TYR PB 419 92.43 -29.82 -43.53
CA TYR PB 419 91.34 -28.85 -43.52
C TYR PB 419 91.18 -28.29 -44.93
N SER PB 420 90.07 -27.58 -45.14
CA SER PB 420 89.76 -27.02 -46.44
C SER PB 420 89.25 -25.59 -46.30
N ILE PB 421 89.66 -24.74 -47.25
CA ILE PB 421 89.19 -23.38 -47.35
C ILE PB 421 88.46 -23.26 -48.68
N GLY PB 422 87.84 -24.36 -49.12
CA GLY PB 422 87.41 -24.49 -50.48
C GLY PB 422 86.04 -23.95 -50.80
N GLN PB 423 85.36 -24.63 -51.71
CA GLN PB 423 84.18 -24.12 -52.40
C GLN PB 423 82.91 -24.75 -51.86
N ARG PB 424 81.78 -24.26 -52.35
CA ARG PB 424 80.49 -24.76 -51.91
C ARG PB 424 80.29 -26.21 -52.35
N GLY PB 425 79.94 -27.07 -51.40
CA GLY PB 425 79.65 -28.46 -51.65
C GLY PB 425 80.85 -29.38 -51.54
N VAL PB 426 82.05 -28.87 -51.81
CA VAL PB 426 83.22 -29.73 -51.92
C VAL PB 426 83.67 -30.21 -50.55
N ASN PB 427 83.74 -29.30 -49.58
CA ASN PB 427 84.15 -29.72 -48.24
C ASN PB 427 83.19 -30.74 -47.67
N GLN PB 428 81.89 -30.52 -47.90
CA GLN PB 428 80.88 -31.48 -47.47
C GLN PB 428 81.08 -32.83 -48.14
N PHE PB 429 81.29 -32.82 -49.46
CA PHE PB 429 81.47 -34.05 -50.20
C PHE PB 429 82.67 -34.82 -49.68
N LEU PB 430 83.80 -34.14 -49.52
CA LEU PB 430 85.01 -34.80 -49.04
C LEU PB 430 84.80 -35.37 -47.64
N LYS PB 431 84.11 -34.61 -46.80
CA LYS PB 431 83.85 -35.08 -45.45
C LYS PB 431 82.96 -36.32 -45.47
N ASN PB 432 82.12 -36.45 -46.50
CA ASN PB 432 81.09 -37.49 -46.55
C ASN PB 432 81.30 -38.53 -47.64
N ILE PB 433 82.52 -38.66 -48.17
CA ILE PB 433 82.80 -39.77 -49.08
C ILE PB 433 82.62 -41.09 -48.33
N ALA PB 434 83.14 -41.16 -47.12
CA ALA PB 434 83.12 -42.37 -46.32
C ALA PB 434 83.17 -41.96 -44.86
N PRO PB 435 82.74 -42.83 -43.95
CA PRO PB 435 82.58 -42.42 -42.55
C PRO PB 435 83.88 -42.48 -41.76
N GLN PB 436 83.88 -41.72 -40.67
CA GLN PB 436 85.01 -41.74 -39.75
C GLN PB 436 85.09 -43.09 -39.06
N VAL PB 437 86.31 -43.57 -38.85
CA VAL PB 437 86.54 -44.92 -38.35
C VAL PB 437 86.37 -44.87 -36.84
N SER PB 438 85.20 -45.27 -36.38
CA SER PB 438 84.86 -45.31 -34.97
C SER PB 438 84.97 -46.75 -34.46
N MET PB 439 84.84 -46.91 -33.15
CA MET PB 439 84.93 -48.23 -32.54
C MET PB 439 83.83 -49.15 -33.05
N THR PB 440 82.71 -48.60 -33.49
CA THR PB 440 81.67 -49.36 -34.13
C THR PB 440 81.06 -48.53 -35.24
N ASP PB 441 80.28 -49.19 -36.10
CA ASP PB 441 79.61 -48.51 -37.17
C ASP PB 441 78.53 -47.58 -36.62
N SER PB 442 78.09 -46.63 -37.44
CA SER PB 442 76.98 -45.77 -37.05
C SER PB 442 75.78 -46.65 -36.81
N GLY PB 443 75.36 -46.73 -35.55
CA GLY PB 443 74.34 -47.67 -35.12
C GLY PB 443 74.95 -48.67 -34.16
N GLY PB 444 74.17 -49.14 -33.20
CA GLY PB 444 74.72 -50.04 -32.21
C GLY PB 444 74.72 -51.46 -32.73
N ARG PB 445 75.88 -51.87 -33.23
CA ARG PB 445 76.09 -53.20 -33.75
C ARG PB 445 77.58 -53.34 -34.05
N VAL PB 446 78.05 -54.58 -33.99
CA VAL PB 446 79.44 -54.85 -34.24
C VAL PB 446 79.77 -54.57 -35.70
N LYS PB 447 80.97 -54.07 -35.95
CA LYS PB 447 81.44 -53.94 -37.31
C LYS PB 447 81.63 -55.33 -37.90
N PRO PB 448 81.73 -55.41 -39.22
CA PRO PB 448 82.02 -56.69 -39.87
C PRO PB 448 83.51 -56.88 -40.07
N LEU PB 449 83.87 -58.11 -40.40
CA LEU PB 449 85.26 -58.41 -40.65
C LEU PB 449 85.70 -57.78 -41.96
N PRO PB 450 86.96 -57.35 -42.06
CA PRO PB 450 87.43 -56.81 -43.35
C PRO PB 450 87.56 -57.87 -44.40
N ILE PB 451 87.69 -59.14 -44.00
CA ILE PB 451 88.03 -60.24 -44.88
C ILE PB 451 87.12 -61.40 -44.50
N GLN PB 452 87.03 -62.38 -45.42
CA GLN PB 452 86.41 -63.67 -45.16
C GLN PB 452 87.20 -64.42 -44.10
N ASN PB 453 86.82 -65.68 -43.83
CA ASN PB 453 87.38 -66.50 -42.76
C ASN PB 453 88.91 -66.43 -42.77
N PRO PB 454 89.54 -65.71 -41.82
CA PRO PB 454 90.99 -65.51 -41.93
C PRO PB 454 91.77 -66.57 -41.20
N ALA PB 455 92.76 -67.16 -41.88
CA ALA PB 455 93.68 -68.06 -41.21
C ALA PB 455 94.42 -67.35 -40.09
N TYR PB 456 94.90 -66.15 -40.37
CA TYR PB 456 95.69 -65.36 -39.43
C TYR PB 456 94.86 -64.16 -39.01
N LEU PB 457 94.43 -64.15 -37.75
CA LEU PB 457 93.68 -63.02 -37.23
C LEU PB 457 94.50 -61.73 -37.29
N SER PB 458 95.82 -61.83 -37.29
CA SER PB 458 96.68 -60.67 -37.45
C SER PB 458 96.47 -59.95 -38.77
N ASP PB 459 95.79 -60.58 -39.74
CA ASP PB 459 95.43 -59.88 -40.96
C ASP PB 459 94.54 -58.68 -40.68
N ILE PB 460 93.71 -58.76 -39.65
CA ILE PB 460 92.78 -57.68 -39.33
C ILE PB 460 93.58 -56.54 -38.69
N THR PB 461 93.56 -55.37 -39.32
CA THR PB 461 94.29 -54.20 -38.87
C THR PB 461 93.41 -52.98 -38.87
N GLU PB 462 92.15 -53.16 -38.45
CA GLU PB 462 91.18 -52.07 -38.37
C GLU PB 462 90.61 -52.05 -36.96
N VAL PB 463 90.74 -50.92 -36.29
CA VAL PB 463 90.18 -50.80 -34.96
C VAL PB 463 88.68 -50.99 -35.00
N GLY PB 464 88.11 -51.30 -33.84
CA GLY PB 464 86.69 -51.53 -33.67
C GLY PB 464 86.40 -52.95 -33.21
N HIS PB 465 85.12 -53.16 -32.92
CA HIS PB 465 84.65 -54.46 -32.46
C HIS PB 465 84.24 -55.31 -33.65
N TYR PB 466 84.47 -56.63 -33.53
CA TYR PB 466 84.20 -57.59 -34.57
C TYR PB 466 83.70 -58.85 -33.91
N TYR PB 467 83.25 -59.79 -34.72
CA TYR PB 467 82.72 -61.05 -34.21
C TYR PB 467 83.17 -62.21 -35.09
N ILE PB 468 83.46 -63.33 -34.43
CA ILE PB 468 84.02 -64.51 -35.08
C ILE PB 468 83.10 -65.67 -34.73
N TYR PB 469 82.44 -66.22 -35.73
CA TYR PB 469 81.57 -67.36 -35.52
C TYR PB 469 82.41 -68.62 -35.29
N THR PB 470 81.69 -69.70 -34.95
CA THR PB 470 82.34 -70.95 -34.58
C THR PB 470 83.16 -71.51 -35.73
N GLN PB 471 82.58 -71.52 -36.93
CA GLN PB 471 83.27 -72.06 -38.10
C GLN PB 471 84.54 -71.29 -38.37
N ASP PB 472 84.47 -69.96 -38.25
CA ASP PB 472 85.62 -69.14 -38.56
C ASP PB 472 86.74 -69.35 -37.55
N THR PB 473 86.40 -69.39 -36.26
CA THR PB 473 87.45 -69.61 -35.27
C THR PB 473 88.00 -71.02 -35.33
N GLN PB 474 87.22 -71.99 -35.82
CA GLN PB 474 87.74 -73.33 -36.02
C GLN PB 474 88.67 -73.40 -37.23
N ASN PB 475 88.38 -72.61 -38.26
CA ASN PB 475 89.24 -72.59 -39.43
C ASN PB 475 90.54 -71.84 -39.16
N ALA PB 476 90.51 -70.83 -38.30
CA ALA PB 476 91.70 -70.05 -38.02
C ALA PB 476 92.78 -70.91 -37.37
N LEU PB 477 94.01 -70.40 -37.39
CA LEU PB 477 95.17 -71.05 -36.79
C LEU PB 477 95.94 -70.18 -35.82
N ASP PB 478 95.98 -68.86 -36.02
CA ASP PB 478 96.68 -67.98 -35.11
C ASP PB 478 95.98 -67.86 -33.77
N PHE PB 479 94.75 -68.36 -33.67
CA PHE PB 479 93.93 -68.15 -32.49
C PHE PB 479 94.35 -69.13 -31.39
N PRO PB 480 94.34 -68.72 -30.12
CA PRO PB 480 94.67 -69.66 -29.04
C PRO PB 480 93.68 -70.80 -28.92
N LEU PB 481 93.87 -71.60 -27.86
CA LEU PB 481 92.90 -72.60 -27.44
C LEU PB 481 92.58 -73.65 -28.50
N PRO PB 482 93.30 -74.77 -28.53
CA PRO PB 482 93.27 -75.68 -29.69
C PRO PB 482 91.88 -76.08 -30.17
N LYS PB 483 91.92 -76.73 -31.35
CA LYS PB 483 90.75 -76.98 -32.16
C LYS PB 483 89.65 -77.70 -31.39
N ALA PB 484 90.03 -78.60 -30.49
CA ALA PB 484 89.03 -79.30 -29.69
C ALA PB 484 88.35 -78.34 -28.72
N PHE PB 485 89.10 -77.39 -28.16
CA PHE PB 485 88.50 -76.40 -27.28
C PHE PB 485 87.57 -75.47 -28.04
N ARG PB 486 87.86 -75.23 -29.31
CA ARG PB 486 87.10 -74.25 -30.09
C ARG PB 486 85.71 -74.80 -30.42
N ASP PB 487 84.67 -74.24 -29.78
CA ASP PB 487 83.29 -74.62 -30.06
C ASP PB 487 82.35 -73.43 -30.19
N ALA PB 488 82.65 -72.31 -29.53
CA ALA PB 488 81.73 -71.20 -29.39
C ALA PB 488 82.22 -69.99 -30.18
N GLY PB 489 81.35 -68.98 -30.25
CA GLY PB 489 81.67 -67.74 -30.90
C GLY PB 489 82.46 -66.81 -30.01
N TRP PB 490 83.15 -65.88 -30.64
CA TRP PB 490 84.11 -65.02 -29.95
C TRP PB 490 83.97 -63.59 -30.42
N PHE PB 491 83.78 -62.68 -29.48
CA PHE PB 491 83.85 -61.25 -29.77
C PHE PB 491 85.31 -60.87 -29.88
N PHE PB 492 85.68 -60.27 -31.01
CA PHE PB 492 87.06 -59.95 -31.35
C PHE PB 492 87.20 -58.45 -31.46
N ASP PB 493 87.69 -57.82 -30.42
CA ASP PB 493 87.90 -56.38 -30.42
C ASP PB 493 89.31 -56.06 -30.87
N VAL PB 494 89.46 -54.91 -31.49
CA VAL PB 494 90.75 -54.43 -31.97
C VAL PB 494 90.90 -52.99 -31.53
N LEU PB 495 91.93 -52.72 -30.75
CA LEU PB 495 92.20 -51.43 -30.19
C LEU PB 495 93.47 -50.83 -30.78
N PRO PB 496 93.60 -49.52 -30.79
CA PRO PB 496 94.79 -48.91 -31.38
C PRO PB 496 96.03 -49.19 -30.54
N GLY PB 497 97.13 -49.45 -31.22
CA GLY PB 497 98.40 -49.71 -30.57
C GLY PB 497 99.21 -48.45 -30.47
N HIS PB 498 100.28 -48.38 -31.24
CA HIS PB 498 101.15 -47.21 -31.26
C HIS PB 498 101.45 -46.88 -32.73
N TYR PB 499 102.25 -45.84 -32.92
CA TYR PB 499 102.45 -45.25 -34.23
C TYR PB 499 103.44 -45.99 -35.10
N ASN PB 500 104.36 -46.74 -34.51
CA ASN PB 500 105.37 -47.46 -35.29
C ASN PB 500 104.82 -48.75 -35.88
N GLY PB 501 103.49 -48.88 -35.99
CA GLY PB 501 102.87 -50.00 -36.67
C GLY PB 501 102.42 -51.11 -35.75
N ALA PB 502 101.59 -50.79 -34.76
CA ALA PB 502 101.12 -51.79 -33.81
C ALA PB 502 99.64 -51.59 -33.51
N LEU PB 503 99.01 -52.67 -33.08
CA LEU PB 503 97.62 -52.67 -32.64
C LEU PB 503 97.47 -53.72 -31.56
N ARG PB 504 96.30 -53.71 -30.92
CA ARG PB 504 95.93 -54.74 -29.97
C ARG PB 504 94.94 -55.70 -30.61
N GLN PB 505 94.64 -56.76 -29.87
CA GLN PB 505 93.63 -57.73 -30.28
C GLN PB 505 93.11 -58.39 -29.02
N VAL PB 506 91.93 -57.98 -28.58
CA VAL PB 506 91.26 -58.57 -27.43
C VAL PB 506 90.22 -59.54 -27.97
N LEU PB 507 89.92 -60.57 -27.20
CA LEU PB 507 89.14 -61.69 -27.71
C LEU PB 507 88.45 -62.40 -26.55
N THR PB 508 87.13 -62.26 -26.47
CA THR PB 508 86.34 -62.81 -25.38
C THR PB 508 85.36 -63.83 -25.92
N ARG PB 509 85.33 -65.02 -25.33
CA ARG PB 509 84.39 -66.04 -25.79
C ARG PB 509 82.96 -65.60 -25.54
N ASN PB 510 82.05 -66.07 -26.40
CA ASN PB 510 80.62 -65.86 -26.21
C ASN PB 510 80.06 -67.00 -25.37
N SER PB 511 80.44 -66.98 -24.10
CA SER PB 511 80.07 -68.00 -23.15
C SER PB 511 78.89 -67.50 -22.32
N THR PB 512 77.72 -68.09 -22.56
CA THR PB 512 76.52 -67.72 -21.82
C THR PB 512 76.45 -68.45 -20.49
N GLY PB 513 76.44 -69.77 -20.53
CA GLY PB 513 76.27 -70.57 -19.33
C GLY PB 513 77.58 -70.86 -18.63
N ARG PB 514 78.65 -70.99 -19.38
CA ARG PB 514 79.95 -71.31 -18.83
C ARG PB 514 80.65 -70.03 -18.39
N ASN PB 515 81.94 -70.13 -18.08
CA ASN PB 515 82.72 -68.98 -17.66
C ASN PB 515 83.33 -68.33 -18.89
N MET PB 516 82.98 -67.06 -19.12
CA MET PB 516 83.62 -66.30 -20.18
C MET PB 516 85.11 -66.20 -19.92
N LEU PB 517 85.87 -66.00 -21.00
CA LEU PB 517 87.31 -65.94 -20.90
C LEU PB 517 87.84 -65.02 -21.99
N LYS PB 518 88.82 -64.22 -21.60
CA LYS PB 518 89.38 -63.14 -22.39
C LYS PB 518 90.85 -63.41 -22.61
N PHE PB 519 91.27 -63.32 -23.86
CA PHE PB 519 92.67 -63.21 -24.21
C PHE PB 519 92.91 -61.84 -24.82
N GLU PB 520 94.18 -61.44 -24.83
CA GLU PB 520 94.52 -60.18 -25.45
C GLU PB 520 95.99 -60.20 -25.82
N ARG PB 521 96.31 -59.58 -26.96
CA ARG PB 521 97.69 -59.52 -27.41
C ARG PB 521 97.96 -58.21 -28.13
N VAL PB 522 99.23 -58.02 -28.45
CA VAL PB 522 99.70 -56.91 -29.26
C VAL PB 522 100.28 -57.49 -30.53
N ILE PB 523 99.89 -56.92 -31.67
CA ILE PB 523 100.35 -57.35 -32.97
C ILE PB 523 101.04 -56.18 -33.65
N ASP PB 524 101.96 -56.51 -34.54
CA ASP PB 524 102.58 -55.55 -35.44
C ASP PB 524 102.11 -55.89 -36.84
N ILE PB 525 101.49 -54.91 -37.49
CA ILE PB 525 100.76 -55.16 -38.73
C ILE PB 525 101.69 -55.67 -39.81
N PHE PB 526 102.87 -55.06 -39.92
CA PHE PB 526 103.76 -55.33 -41.04
C PHE PB 526 104.60 -56.58 -40.79
N ASN PB 527 105.39 -56.58 -39.73
CA ASN PB 527 106.24 -57.72 -39.39
C ASN PB 527 105.49 -58.58 -38.39
N LYS PB 528 104.70 -59.52 -38.93
CA LYS PB 528 103.87 -60.39 -38.12
C LYS PB 528 104.66 -61.29 -37.20
N LYS PB 529 105.97 -61.45 -37.44
CA LYS PB 529 106.80 -62.29 -36.59
C LYS PB 529 106.83 -61.78 -35.16
N ASN PB 530 106.68 -60.49 -34.96
CA ASN PB 530 106.69 -59.89 -33.62
C ASN PB 530 105.36 -59.98 -32.91
N ASN PB 531 104.40 -60.73 -33.44
CA ASN PB 531 103.09 -60.85 -32.81
C ASN PB 531 103.24 -61.57 -31.48
N GLY PB 532 103.18 -60.80 -30.40
CA GLY PB 532 103.32 -61.37 -29.07
C GLY PB 532 102.25 -62.40 -28.78
N ALA PB 533 102.50 -63.16 -27.72
CA ALA PB 533 101.60 -64.23 -27.34
C ALA PB 533 100.36 -63.67 -26.67
N TRP PB 534 99.34 -64.52 -26.56
CA TRP PB 534 98.03 -64.11 -26.07
C TRP PB 534 98.01 -64.22 -24.55
N ASN PB 535 98.08 -63.07 -23.88
CA ASN PB 535 97.96 -63.04 -22.44
C ASN PB 535 96.51 -63.26 -22.05
N PHE PB 536 96.29 -64.16 -21.10
CA PHE PB 536 94.96 -64.54 -20.65
C PHE PB 536 94.58 -63.72 -19.43
N CYS PB 537 93.41 -63.10 -19.46
CA CYS PB 537 92.91 -62.35 -18.33
C CYS PB 537 92.02 -63.27 -17.50
N PRO PB 538 92.37 -63.61 -16.25
CA PRO PB 538 91.46 -64.45 -15.47
C PRO PB 538 90.14 -63.74 -15.19
N GLN PB 539 89.08 -64.24 -15.80
CA GLN PB 539 87.73 -63.85 -15.45
C GLN PB 539 86.89 -65.09 -15.33
N ASN PB 540 86.13 -65.19 -14.24
CA ASN PB 540 85.37 -66.38 -13.91
C ASN PB 540 84.07 -65.98 -13.25
N ALA PB 541 83.09 -66.88 -13.35
CA ALA PB 541 81.76 -66.68 -12.78
C ALA PB 541 81.41 -67.69 -11.71
N GLY PB 542 81.90 -68.91 -11.82
CA GLY PB 542 81.57 -69.98 -10.88
C GLY PB 542 81.33 -71.31 -11.55
N TYR PB 543 81.27 -71.33 -12.87
CA TYR PB 543 81.00 -72.55 -13.60
C TYR PB 543 82.30 -73.31 -13.84
N TRP PB 544 82.15 -74.57 -14.24
CA TRP PB 544 83.31 -75.38 -14.56
C TRP PB 544 83.86 -74.95 -15.91
N GLU PB 545 84.83 -75.72 -16.39
CA GLU PB 545 85.32 -75.62 -17.76
C GLU PB 545 85.78 -77.01 -18.15
N HIS PB 546 84.92 -77.74 -18.84
CA HIS PB 546 85.27 -79.06 -19.32
C HIS PB 546 86.51 -79.01 -20.19
N ILE PB 547 87.22 -80.13 -20.23
CA ILE PB 547 88.27 -80.35 -21.21
C ILE PB 547 87.88 -81.63 -21.96
N PRO PB 548 87.83 -81.64 -23.28
CA PRO PB 548 87.31 -82.82 -23.98
C PRO PB 548 88.25 -84.01 -23.80
N LYS PB 549 87.68 -85.19 -24.04
CA LYS PB 549 88.44 -86.42 -23.90
C LYS PB 549 89.52 -86.57 -24.95
N SER PB 550 89.50 -85.74 -26.00
CA SER PB 550 90.53 -85.80 -27.02
C SER PB 550 91.92 -85.63 -26.42
N ILE PB 551 92.07 -84.71 -25.47
CA ILE PB 551 93.34 -84.57 -24.78
C ILE PB 551 93.52 -85.74 -23.83
N THR PB 552 94.75 -86.27 -23.79
CA THR PB 552 95.08 -87.46 -23.02
C THR PB 552 96.30 -87.24 -22.14
N LYS PB 553 96.68 -85.98 -21.90
CA LYS PB 553 97.80 -85.65 -21.04
C LYS PB 553 97.56 -84.27 -20.46
N LEU PB 554 97.95 -84.10 -19.20
CA LEU PB 554 97.85 -82.79 -18.56
C LEU PB 554 98.91 -81.81 -19.02
N SER PB 555 99.82 -82.22 -19.90
CA SER PB 555 100.84 -81.32 -20.41
C SER PB 555 100.32 -80.40 -21.50
N ASP PB 556 99.24 -80.79 -22.18
CA ASP PB 556 98.64 -79.92 -23.19
C ASP PB 556 98.06 -78.64 -22.59
N LEU PB 557 97.77 -78.64 -21.29
CA LEU PB 557 97.07 -77.53 -20.65
C LEU PB 557 98.11 -76.55 -20.10
N LYS PB 558 98.68 -75.76 -21.02
CA LYS PB 558 99.76 -74.84 -20.70
C LYS PB 558 99.28 -73.42 -20.42
N ILE PB 559 97.98 -73.16 -20.49
CA ILE PB 559 97.48 -71.80 -20.35
C ILE PB 559 97.31 -71.50 -18.87
N VAL PB 560 97.83 -70.35 -18.45
CA VAL PB 560 97.87 -69.99 -17.03
C VAL PB 560 96.52 -69.42 -16.62
N GLY PB 561 96.21 -69.56 -15.33
CA GLY PB 561 95.03 -68.96 -14.75
C GLY PB 561 93.75 -69.72 -14.96
N LEU PB 562 93.74 -70.79 -15.74
CA LEU PB 562 92.52 -71.51 -16.07
C LEU PB 562 92.23 -72.57 -15.02
N ASP PB 563 90.99 -73.03 -15.02
CA ASP PB 563 90.47 -73.98 -14.04
C ASP PB 563 89.62 -75.00 -14.77
N PHE PB 564 90.21 -76.15 -15.07
CA PHE PB 564 89.51 -77.25 -15.71
C PHE PB 564 89.07 -78.25 -14.66
N TYR PB 565 87.82 -78.68 -14.76
CA TYR PB 565 87.29 -79.67 -13.84
C TYR PB 565 87.53 -81.07 -14.36
N ILE PB 566 87.70 -82.01 -13.44
CA ILE PB 566 88.03 -83.39 -13.76
C ILE PB 566 87.14 -84.28 -12.91
N THR PB 567 86.62 -85.33 -13.52
CA THR PB 567 85.83 -86.34 -12.87
C THR PB 567 86.64 -87.62 -12.77
N THR PB 568 86.02 -88.63 -12.16
CA THR PB 568 86.68 -89.91 -11.97
C THR PB 568 87.06 -90.54 -13.31
N GLU PB 569 86.11 -90.56 -14.24
CA GLU PB 569 86.37 -91.10 -15.57
C GLU PB 569 87.50 -90.34 -16.25
N GLU PB 570 87.57 -89.03 -16.04
CA GLU PB 570 88.61 -88.25 -16.68
C GLU PB 570 89.97 -88.55 -16.07
N SER PB 571 90.03 -88.69 -14.75
CA SER PB 571 91.29 -89.05 -14.10
C SER PB 571 91.76 -90.41 -14.58
N ASN PB 572 90.84 -91.36 -14.74
CA ASN PB 572 91.20 -92.67 -15.25
C ASN PB 572 91.59 -92.62 -16.72
N ARG PB 573 91.04 -91.66 -17.46
CA ARG PB 573 91.36 -91.54 -18.88
C ARG PB 573 92.77 -91.00 -19.08
N PHE PB 574 93.08 -89.91 -18.40
CA PHE PB 574 94.38 -89.29 -18.56
C PHE PB 574 95.48 -90.22 -18.02
N THR PB 575 96.72 -89.89 -18.36
CA THR PB 575 97.89 -90.71 -18.06
C THR PB 575 98.79 -90.10 -17.01
N ASP PB 576 99.01 -88.79 -17.06
CA ASP PB 576 99.97 -88.13 -16.18
C ASP PB 576 99.53 -88.11 -14.72
N PHE PB 577 98.28 -88.48 -14.42
CA PHE PB 577 97.77 -88.32 -13.08
C PHE PB 577 98.56 -89.15 -12.07
N PRO PB 578 98.55 -88.78 -10.79
CA PRO PB 578 99.08 -89.68 -9.76
C PRO PB 578 98.29 -90.98 -9.73
N LYS PB 579 99.00 -92.09 -9.94
CA LYS PB 579 98.36 -93.40 -9.98
C LYS PB 579 97.71 -93.73 -8.65
N ASP PB 580 98.30 -93.28 -7.55
CA ASP PB 580 97.69 -93.51 -6.23
C ASP PB 580 96.34 -92.83 -6.11
N PHE PB 581 96.16 -91.71 -6.80
CA PHE PB 581 94.93 -90.91 -6.74
C PHE PB 581 94.23 -90.83 -8.09
N LYS PB 582 94.54 -91.76 -9.00
CA LYS PB 582 93.99 -91.72 -10.34
C LYS PB 582 92.65 -92.47 -10.34
N GLY PB 583 91.56 -91.72 -10.50
CA GLY PB 583 90.23 -92.28 -10.53
C GLY PB 583 89.58 -92.32 -9.16
N ILE PB 584 89.72 -91.22 -8.41
CA ILE PB 584 89.21 -91.12 -7.04
C ILE PB 584 88.46 -89.80 -6.93
N ALA PB 585 87.15 -89.85 -7.14
CA ALA PB 585 86.23 -88.77 -6.79
C ALA PB 585 86.30 -87.55 -7.70
N GLY PB 586 87.28 -87.47 -8.59
CA GLY PB 586 87.42 -86.30 -9.47
C GLY PB 586 87.70 -85.02 -8.71
N TRP PB 587 88.11 -83.97 -9.41
CA TRP PB 587 88.35 -82.68 -8.78
C TRP PB 587 88.66 -81.65 -9.87
N ILE PB 588 89.02 -80.45 -9.45
CA ILE PB 588 89.44 -79.36 -10.32
C ILE PB 588 90.94 -79.19 -10.20
N LEU PB 589 91.53 -78.55 -11.21
CA LEU PB 589 92.93 -78.17 -11.20
C LEU PB 589 93.06 -76.67 -11.45
N GLU PB 590 94.31 -76.21 -11.56
CA GLU PB 590 94.62 -74.81 -11.81
C GLU PB 590 96.06 -74.74 -12.26
N VAL PB 591 96.33 -73.86 -13.22
CA VAL PB 591 97.67 -73.68 -13.78
C VAL PB 591 98.24 -72.37 -13.26
N LYS PB 592 99.52 -72.40 -12.90
CA LYS PB 592 100.21 -71.27 -12.31
C LYS PB 592 101.28 -70.75 -13.26
N SER PB 593 101.87 -69.61 -12.88
CA SER PB 593 102.90 -68.96 -13.65
C SER PB 593 104.22 -69.71 -13.51
N ASN PB 594 105.09 -69.52 -14.51
CA ASN PB 594 106.44 -70.05 -14.49
C ASN PB 594 107.23 -69.40 -15.62
N THR PB 595 108.43 -69.89 -15.86
CA THR PB 595 109.28 -69.43 -16.94
C THR PB 595 108.75 -70.00 -18.26
N PRO PB 596 109.17 -69.45 -19.40
CA PRO PB 596 108.75 -70.02 -20.66
C PRO PB 596 109.35 -71.40 -20.87
N GLY PB 597 108.62 -72.23 -21.59
CA GLY PB 597 109.02 -73.60 -21.82
C GLY PB 597 108.59 -74.57 -20.75
N ASN PB 598 108.19 -74.06 -19.57
CA ASN PB 598 107.75 -74.93 -18.49
C ASN PB 598 106.67 -74.22 -17.69
N THR PB 599 106.04 -75.00 -16.81
CA THR PB 599 104.91 -74.52 -16.04
C THR PB 599 104.77 -75.39 -14.80
N THR PB 600 104.25 -74.79 -13.74
CA THR PB 600 103.90 -75.50 -12.51
C THR PB 600 102.38 -75.54 -12.42
N GLN PB 601 101.85 -76.75 -12.37
CA GLN PB 601 100.41 -77.00 -12.33
C GLN PB 601 100.05 -77.48 -10.94
N VAL PB 602 99.15 -76.77 -10.28
CA VAL PB 602 98.58 -77.19 -9.01
C VAL PB 602 97.29 -77.91 -9.31
N LEU PB 603 96.91 -78.82 -8.42
CA LEU PB 603 95.76 -79.69 -8.65
C LEU PB 603 95.16 -80.03 -7.30
N ARG PB 604 93.99 -79.48 -7.03
CA ARG PB 604 93.34 -79.64 -5.74
C ARG PB 604 92.37 -80.81 -5.78
N ARG PB 605 91.92 -81.22 -4.60
CA ARG PB 605 90.88 -82.22 -4.45
C ARG PB 605 89.66 -81.56 -3.85
N ASN PB 606 88.48 -81.91 -4.36
CA ASN PB 606 87.22 -81.44 -3.79
C ASN PB 606 86.76 -82.41 -2.72
N ASN PB 607 86.50 -81.89 -1.51
CA ASN PB 607 86.24 -82.71 -0.34
C ASN PB 607 85.12 -82.10 0.47
N PHE PB 608 83.90 -82.61 0.29
CA PHE PB 608 82.82 -82.22 1.19
C PHE PB 608 82.91 -83.01 2.49
N PRO PB 609 82.91 -84.36 2.49
CA PRO PB 609 82.99 -85.08 3.77
C PRO PB 609 84.40 -85.23 4.31
N SER PB 610 85.37 -85.43 3.42
CA SER PB 610 86.68 -85.93 3.77
C SER PB 610 87.67 -84.79 3.98
N ALA PB 611 88.94 -85.14 4.13
CA ALA PB 611 90.02 -84.18 4.31
C ALA PB 611 90.56 -83.76 2.95
N HIS PB 612 91.24 -82.62 2.94
CA HIS PB 612 91.66 -81.98 1.71
C HIS PB 612 93.10 -82.32 1.36
N GLN PB 613 93.40 -82.23 0.07
CA GLN PB 613 94.75 -82.36 -0.43
C GLN PB 613 94.89 -81.57 -1.72
N PHE PB 614 96.12 -81.21 -2.04
CA PHE PB 614 96.42 -80.50 -3.26
C PHE PB 614 97.86 -80.78 -3.64
N LEU PB 615 98.05 -81.19 -4.89
CA LEU PB 615 99.33 -81.59 -5.43
C LEU PB 615 99.85 -80.49 -6.35
N VAL PB 616 101.11 -80.62 -6.75
CA VAL PB 616 101.76 -79.61 -7.56
C VAL PB 616 102.88 -80.27 -8.35
N ARG PB 617 102.97 -79.93 -9.63
CA ARG PB 617 103.89 -80.58 -10.54
C ARG PB 617 104.48 -79.56 -11.50
N ASN PB 618 105.79 -79.42 -11.47
CA ASN PB 618 106.52 -78.55 -12.39
C ASN PB 618 107.04 -79.38 -13.55
N PHE PB 619 106.78 -78.92 -14.78
CA PHE PB 619 107.16 -79.69 -15.95
C PHE PB 619 107.37 -78.79 -17.16
N GLY PB 620 108.28 -79.23 -18.01
CA GLY PB 620 108.54 -78.57 -19.26
C GLY PB 620 109.96 -78.85 -19.72
N THR PB 621 110.38 -78.09 -20.73
CA THR PB 621 111.68 -78.31 -21.35
C THR PB 621 112.81 -78.11 -20.34
N GLY PB 622 112.66 -77.12 -19.45
CA GLY PB 622 113.67 -76.90 -18.44
C GLY PB 622 113.83 -78.05 -17.46
N GLY PB 623 112.81 -78.89 -17.35
CA GLY PB 623 112.86 -80.03 -16.45
C GLY PB 623 111.47 -80.58 -16.20
N VAL PB 624 111.37 -81.86 -15.87
CA VAL PB 624 110.09 -82.49 -15.56
C VAL PB 624 110.18 -83.13 -14.18
N GLY PB 625 109.12 -82.99 -13.40
CA GLY PB 625 109.07 -83.54 -12.07
C GLY PB 625 107.75 -84.21 -11.81
N LYS PB 626 107.71 -84.96 -10.72
CA LYS PB 626 106.50 -85.64 -10.29
C LYS PB 626 105.72 -84.70 -9.37
N TRP PB 627 104.61 -85.17 -8.85
CA TRP PB 627 103.78 -84.36 -7.98
C TRP PB 627 104.36 -84.32 -6.57
N SER PB 628 103.76 -83.47 -5.74
CA SER PB 628 104.15 -83.31 -4.34
C SER PB 628 102.89 -82.99 -3.55
N LEU PB 629 102.31 -84.02 -2.95
CA LEU PB 629 101.05 -83.86 -2.24
C LEU PB 629 101.22 -82.98 -1.01
N PHE PB 630 100.12 -82.35 -0.61
CA PHE PB 630 100.05 -81.55 0.62
C PHE PB 630 98.81 -82.02 1.37
N GLU PB 631 99.01 -82.81 2.42
CA GLU PB 631 97.89 -83.39 3.15
C GLU PB 631 97.34 -82.40 4.17
N GLY PB 632 96.03 -82.50 4.40
CA GLY PB 632 95.32 -81.60 5.29
C GLY PB 632 94.87 -82.30 6.56
N LYS PB 633 94.77 -81.52 7.63
CA LYS PB 633 94.31 -81.99 8.93
C LYS PB 633 92.93 -81.41 9.19
N VAL PB 634 91.94 -82.28 9.31
CA VAL PB 634 90.57 -81.81 9.54
C VAL PB 634 90.48 -81.13 10.89
N VAL PB 635 89.57 -80.16 10.99
CA VAL PB 635 89.37 -79.40 12.21
C VAL PB 635 88.00 -78.76 12.13
N GLU PB 636 87.43 -78.45 13.29
CA GLU PB 636 86.10 -77.87 13.37
C GLU PB 636 86.02 -76.87 14.51
N ASN QB 3 40.18 -24.96 -43.22
CA ASN QB 3 40.56 -26.08 -44.09
C ASN QB 3 41.66 -26.92 -43.44
N LYS QB 4 41.77 -28.17 -43.87
CA LYS QB 4 42.73 -29.13 -43.32
C LYS QB 4 42.47 -29.45 -41.85
N LEU QB 5 41.26 -29.16 -41.36
CA LEU QB 5 40.95 -29.42 -39.97
C LEU QB 5 40.66 -30.89 -39.76
N ILE QB 6 40.89 -31.36 -38.54
CA ILE QB 6 40.65 -32.75 -38.19
C ILE QB 6 39.22 -32.84 -37.66
N THR QB 7 38.34 -33.38 -38.49
CA THR QB 7 36.95 -33.62 -38.15
C THR QB 7 36.72 -35.02 -37.59
N ASP QB 8 37.77 -35.79 -37.36
CA ASP QB 8 37.68 -37.09 -36.70
C ASP QB 8 38.62 -37.05 -35.52
N LEU QB 9 38.14 -36.52 -34.40
CA LEU QB 9 38.96 -36.38 -33.22
C LEU QB 9 39.06 -37.70 -32.48
N SER QB 10 40.14 -37.84 -31.72
CA SER QB 10 40.30 -39.01 -30.89
C SER QB 10 39.17 -39.08 -29.87
N ARG QB 11 38.48 -40.21 -29.85
CA ARG QB 11 37.39 -40.47 -28.92
C ARG QB 11 37.87 -40.92 -27.55
N VAL QB 12 39.14 -40.70 -27.22
CA VAL QB 12 39.77 -41.28 -26.06
C VAL QB 12 40.46 -40.19 -25.26
N PHE QB 13 40.39 -40.31 -23.94
CA PHE QB 13 40.88 -39.29 -23.01
C PHE QB 13 42.41 -39.35 -22.97
N ASP QB 14 43.01 -38.77 -24.00
CA ASP QB 14 44.45 -38.83 -24.18
C ASP QB 14 44.93 -37.51 -24.78
N TYR QB 15 46.22 -37.25 -24.65
CA TYR QB 15 46.79 -35.97 -25.05
C TYR QB 15 46.72 -35.73 -26.55
N ARG QB 16 46.51 -36.78 -27.34
CA ARG QB 16 46.33 -36.60 -28.76
C ARG QB 16 45.13 -35.70 -29.05
N TYR QB 17 44.09 -35.82 -28.24
CA TYR QB 17 42.91 -34.99 -28.40
C TYR QB 17 43.25 -33.52 -28.28
N VAL QB 18 43.92 -33.14 -27.20
CA VAL QB 18 44.23 -31.73 -27.02
C VAL QB 18 45.26 -31.29 -28.04
N ASP QB 19 46.15 -32.19 -28.49
CA ASP QB 19 47.13 -31.80 -29.49
C ASP QB 19 46.44 -31.42 -30.79
N GLU QB 20 45.52 -32.25 -31.24
CA GLU QB 20 44.83 -31.94 -32.49
C GLU QB 20 43.88 -30.76 -32.31
N ASN QB 21 43.31 -30.58 -31.12
CA ASN QB 21 42.50 -29.39 -30.87
C ASN QB 21 43.34 -28.12 -30.96
N GLU QB 22 44.52 -28.13 -30.34
CA GLU QB 22 45.40 -26.97 -30.41
C GLU QB 22 45.86 -26.72 -31.83
N TYR QB 23 46.07 -27.78 -32.59
CA TYR QB 23 46.50 -27.64 -33.97
C TYR QB 23 45.39 -27.02 -34.82
N ASN QB 24 44.17 -27.50 -34.61
CA ASN QB 24 43.02 -26.92 -35.26
C ASN QB 24 42.89 -25.44 -34.94
N PHE QB 25 43.06 -25.07 -33.67
CA PHE QB 25 42.93 -23.66 -33.30
C PHE QB 25 44.07 -22.83 -33.88
N LYS QB 26 45.27 -23.39 -33.99
CA LYS QB 26 46.36 -22.68 -34.64
C LYS QB 26 46.03 -22.41 -36.11
N LEU QB 27 45.47 -23.41 -36.78
CA LEU QB 27 45.03 -23.21 -38.16
C LEU QB 27 43.99 -22.12 -38.25
N ILE QB 28 43.01 -22.16 -37.35
CA ILE QB 28 41.93 -21.17 -37.38
C ILE QB 28 42.51 -19.77 -37.15
N SER QB 29 43.42 -19.63 -36.21
CA SER QB 29 44.01 -18.33 -35.93
C SER QB 29 44.77 -17.82 -37.15
N ASP QB 30 45.61 -18.67 -37.74
CA ASP QB 30 46.36 -18.27 -38.92
C ASP QB 30 45.43 -17.90 -40.06
N MET QB 31 44.34 -18.64 -40.20
CA MET QB 31 43.41 -18.40 -41.30
C MET QB 31 42.71 -17.08 -41.14
N LEU QB 32 42.20 -16.80 -39.94
CA LEU QB 32 41.55 -15.51 -39.70
C LEU QB 32 42.54 -14.37 -39.86
N THR QB 33 43.77 -14.57 -39.42
CA THR QB 33 44.76 -13.50 -39.53
C THR QB 33 45.07 -13.20 -40.98
N ASP QB 34 45.25 -14.24 -41.79
CA ASP QB 34 45.57 -13.98 -43.19
C ASP QB 34 44.35 -13.47 -43.94
N PHE QB 35 43.14 -13.82 -43.49
CA PHE QB 35 41.95 -13.20 -44.09
C PHE QB 35 41.92 -11.72 -43.82
N ASN QB 36 42.15 -11.32 -42.58
CA ASN QB 36 42.18 -9.91 -42.24
C ASN QB 36 43.28 -9.19 -43.02
N PHE QB 37 44.44 -9.82 -43.13
CA PHE QB 37 45.55 -9.22 -43.86
C PHE QB 37 45.21 -9.08 -45.34
N SER QB 38 44.63 -10.12 -45.93
CA SER QB 38 44.24 -10.08 -47.33
C SER QB 38 43.19 -9.01 -47.57
N LEU QB 39 42.26 -8.86 -46.64
CA LEU QB 39 41.24 -7.84 -46.77
C LEU QB 39 41.85 -6.46 -46.74
N GLU QB 40 42.73 -6.21 -45.77
CA GLU QB 40 43.40 -4.91 -45.69
C GLU QB 40 44.21 -4.65 -46.95
N TYR QB 41 44.89 -5.67 -47.46
CA TYR QB 41 45.65 -5.55 -48.69
C TYR QB 41 44.75 -5.15 -49.85
N HIS QB 42 43.62 -5.85 -49.99
CA HIS QB 42 42.67 -5.54 -51.04
C HIS QB 42 42.11 -4.14 -50.87
N ARG QB 43 41.97 -3.70 -49.62
CA ARG QB 43 41.34 -2.41 -49.37
C ARG QB 43 42.25 -1.27 -49.77
N ASN QB 44 43.45 -1.22 -49.21
CA ASN QB 44 44.25 -0.01 -49.31
C ASN QB 44 45.73 -0.27 -49.62
N LYS QB 45 46.08 -1.45 -50.12
CA LYS QB 45 47.43 -1.74 -50.57
C LYS QB 45 47.52 -2.50 -51.87
N GLU QB 46 46.47 -3.21 -52.29
CA GLU QB 46 46.58 -4.09 -53.44
C GLU QB 46 46.52 -3.27 -54.72
N VAL QB 47 47.15 -3.80 -55.76
CA VAL QB 47 47.16 -3.19 -57.09
C VAL QB 47 46.33 -4.06 -58.01
N PHE QB 48 45.48 -3.41 -58.80
CA PHE QB 48 44.52 -4.09 -59.66
C PHE QB 48 43.65 -5.03 -58.84
N ALA QB 49 43.09 -4.49 -57.76
CA ALA QB 49 42.21 -5.28 -56.91
C ALA QB 49 40.97 -5.72 -57.67
N HIS QB 50 40.15 -4.78 -58.06
CA HIS QB 50 39.01 -5.02 -58.92
C HIS QB 50 39.41 -4.75 -60.37
N ASN QB 51 38.45 -4.94 -61.27
CA ASN QB 51 38.57 -4.53 -62.65
C ASN QB 51 37.68 -3.31 -62.90
N GLY QB 52 37.97 -2.60 -63.98
CA GLY QB 52 37.19 -1.43 -64.31
C GLY QB 52 35.77 -1.71 -64.72
N GLU QB 53 35.42 -2.97 -64.92
CA GLU QB 53 34.05 -3.35 -65.22
C GLU QB 53 33.25 -3.67 -63.97
N GLN QB 54 33.91 -3.88 -62.83
CA GLN QB 54 33.20 -4.19 -61.60
C GLN QB 54 32.65 -2.96 -60.92
N ILE QB 55 33.16 -1.78 -61.23
CA ILE QB 55 32.61 -0.55 -60.67
C ILE QB 55 31.32 -0.21 -61.42
N LYS QB 56 30.50 0.61 -60.76
CA LYS QB 56 29.20 1.03 -61.30
C LYS QB 56 29.17 2.56 -61.23
N TYR QB 57 29.50 3.20 -62.35
CA TYR QB 57 29.35 4.65 -62.45
C TYR QB 57 27.89 4.97 -62.64
N GLU QB 58 27.27 5.54 -61.61
CA GLU QB 58 25.85 5.87 -61.61
C GLU QB 58 25.67 7.37 -61.67
N HIS QB 59 24.83 7.81 -62.59
CA HIS QB 59 24.51 9.22 -62.79
C HIS QB 59 23.18 9.22 -63.52
N LEU QB 60 22.58 10.40 -63.65
CA LEU QB 60 21.32 10.50 -64.36
C LEU QB 60 21.51 10.01 -65.80
N ASN QB 61 20.59 9.17 -66.24
CA ASN QB 61 20.51 8.70 -67.62
C ASN QB 61 21.65 7.75 -68.01
N VAL QB 62 22.57 7.44 -67.11
CA VAL QB 62 23.72 6.60 -67.41
C VAL QB 62 24.08 5.81 -66.16
N THR QB 63 24.16 4.49 -66.29
CA THR QB 63 24.35 3.58 -65.17
C THR QB 63 25.31 2.47 -65.53
N SER QB 64 26.39 2.79 -66.23
CA SER QB 64 27.33 1.80 -66.72
C SER QB 64 28.58 1.79 -65.86
N SER QB 65 29.51 0.92 -66.24
CA SER QB 65 30.77 0.77 -65.53
C SER QB 65 31.74 1.87 -65.92
N VAL QB 66 32.71 2.10 -65.02
CA VAL QB 66 33.67 3.16 -65.27
C VAL QB 66 34.50 2.84 -66.50
N SER QB 67 34.78 1.56 -66.74
CA SER QB 67 35.56 1.19 -67.90
C SER QB 67 34.84 1.57 -69.18
N ASP QB 68 33.55 1.22 -69.26
CA ASP QB 68 32.76 1.58 -70.42
C ASP QB 68 32.64 3.09 -70.57
N PHE QB 69 32.45 3.79 -69.46
CA PHE QB 69 32.28 5.23 -69.54
C PHE QB 69 33.56 5.92 -69.96
N LEU QB 70 34.70 5.43 -69.49
CA LEU QB 70 35.98 5.99 -69.91
C LEU QB 70 36.20 5.74 -71.39
N THR QB 71 35.86 4.55 -71.87
CA THR QB 71 36.02 4.26 -73.28
C THR QB 71 35.11 5.17 -74.11
N TYR QB 72 33.90 5.41 -73.63
CA TYR QB 72 32.98 6.29 -74.34
C TYR QB 72 33.50 7.73 -74.36
N LEU QB 73 34.07 8.18 -73.24
CA LEU QB 73 34.65 9.52 -73.20
C LEU QB 73 35.79 9.65 -74.20
N ASN QB 74 36.68 8.65 -74.21
CA ASN QB 74 37.79 8.68 -75.16
C ASN QB 74 37.28 8.66 -76.59
N GLY QB 75 36.26 7.86 -76.84
CA GLY QB 75 35.70 7.77 -78.19
C GLY QB 75 35.14 9.09 -78.65
N ARG QB 76 34.35 9.75 -77.79
CA ARG QB 76 33.74 11.00 -78.23
C ARG QB 76 34.77 12.12 -78.30
N PHE QB 77 35.80 12.07 -77.46
CA PHE QB 77 36.90 13.02 -77.59
C PHE QB 77 37.56 12.89 -78.94
N SER QB 78 37.90 11.66 -79.32
CA SER QB 78 38.56 11.44 -80.60
C SER QB 78 37.64 11.81 -81.76
N ASN QB 79 36.34 11.54 -81.61
CA ASN QB 79 35.40 11.90 -82.65
C ASN QB 79 35.31 13.41 -82.82
N MET QB 80 35.25 14.15 -81.71
CA MET QB 80 35.22 15.60 -81.79
C MET QB 80 36.48 16.13 -82.45
N VAL QB 81 37.63 15.58 -82.06
CA VAL QB 81 38.90 16.02 -82.64
C VAL QB 81 38.91 15.78 -84.14
N LEU QB 82 38.46 14.60 -84.56
CA LEU QB 82 38.46 14.29 -86.00
C LEU QB 82 37.51 15.21 -86.75
N GLY QB 83 36.29 15.38 -86.24
CA GLY QB 83 35.32 16.21 -86.92
C GLY QB 83 35.74 17.66 -87.01
N HIS QB 84 36.52 18.13 -86.03
CA HIS QB 84 37.01 19.50 -86.05
C HIS QB 84 38.31 19.63 -86.83
N ASN QB 85 39.05 18.54 -87.03
CA ASN QB 85 40.21 18.55 -87.90
C ASN QB 85 39.81 18.54 -89.37
N GLY QB 86 38.75 17.81 -89.70
CA GLY QB 86 38.25 17.77 -91.06
C GLY QB 86 38.97 16.80 -91.96
N ASP QB 87 40.18 17.17 -92.40
CA ASP QB 87 41.02 16.33 -93.23
C ASP QB 87 42.41 16.27 -92.62
N GLY QB 88 43.11 15.17 -92.84
CA GLY QB 88 44.36 14.89 -92.18
C GLY QB 88 45.49 14.61 -93.17
N ILE QB 89 46.69 14.64 -92.63
CA ILE QB 89 47.88 14.37 -93.43
C ILE QB 89 48.02 12.88 -93.64
N ASN QB 90 48.52 12.50 -94.82
CA ASN QB 90 48.70 11.09 -95.14
C ASN QB 90 49.66 10.42 -94.17
N GLU QB 91 50.69 11.15 -93.72
CA GLU QB 91 51.59 10.69 -92.68
C GLU QB 91 50.83 10.16 -91.46
N VAL QB 92 49.97 11.00 -90.88
CA VAL QB 92 49.25 10.58 -89.68
C VAL QB 92 48.21 9.53 -90.02
N LYS QB 93 47.62 9.61 -91.22
CA LYS QB 93 46.63 8.62 -91.61
C LYS QB 93 47.24 7.23 -91.73
N ASP QB 94 48.52 7.17 -92.06
CA ASP QB 94 49.25 5.91 -92.07
C ASP QB 94 49.80 5.56 -90.69
N ALA QB 95 50.09 6.56 -89.87
CA ALA QB 95 50.65 6.30 -88.55
C ALA QB 95 49.62 5.89 -87.52
N ARG QB 96 48.33 6.18 -87.76
CA ARG QB 96 47.31 5.84 -86.78
C ARG QB 96 47.20 4.34 -86.56
N VAL QB 97 47.75 3.51 -87.44
CA VAL QB 97 47.78 2.07 -87.24
C VAL QB 97 48.94 1.73 -86.32
N ASP QB 98 48.76 0.69 -85.52
CA ASP QB 98 49.77 0.28 -84.55
C ASP QB 98 50.66 -0.81 -85.12
N ASN QB 99 51.72 -1.12 -84.37
CA ASN QB 99 52.65 -2.14 -84.82
C ASN QB 99 52.00 -3.52 -84.86
N THR QB 100 50.97 -3.74 -84.07
CA THR QB 100 50.25 -5.00 -84.05
C THR QB 100 49.14 -5.07 -85.08
N GLY QB 101 49.08 -4.11 -86.01
CA GLY QB 101 48.09 -4.17 -87.07
C GLY QB 101 46.68 -3.88 -86.63
N TYR QB 102 46.42 -2.63 -86.24
CA TYR QB 102 45.08 -2.23 -85.82
C TYR QB 102 44.93 -0.74 -86.04
N ASP QB 103 44.00 -0.37 -86.91
CA ASP QB 103 43.74 1.04 -87.15
C ASP QB 103 43.03 1.65 -85.95
N HIS QB 104 43.48 2.85 -85.57
CA HIS QB 104 42.91 3.59 -84.46
C HIS QB 104 42.12 4.78 -84.98
N LYS QB 105 41.56 5.53 -84.05
CA LYS QB 105 40.85 6.75 -84.40
C LYS QB 105 41.82 7.91 -84.58
N THR QB 106 42.79 8.03 -83.69
CA THR QB 106 43.79 9.08 -83.77
C THR QB 106 45.17 8.56 -83.41
N LEU QB 107 46.16 9.29 -83.90
CA LEU QB 107 47.55 9.03 -83.57
C LEU QB 107 47.78 9.05 -82.06
N GLN QB 108 47.02 9.87 -81.33
CA GLN QB 108 47.17 9.90 -79.88
C GLN QB 108 46.80 8.55 -79.29
N ASP QB 109 45.66 8.01 -79.71
CA ASP QB 109 45.25 6.69 -79.22
C ASP QB 109 46.28 5.64 -79.59
N ARG QB 110 46.83 5.74 -80.79
CA ARG QB 110 47.80 4.73 -81.23
C ARG QB 110 49.08 4.81 -80.41
N LEU QB 111 49.61 6.02 -80.25
CA LEU QB 111 50.80 6.21 -79.43
C LEU QB 111 50.56 5.74 -78.01
N TYR QB 112 49.37 6.00 -77.48
CA TYR QB 112 49.05 5.57 -76.12
C TYR QB 112 49.12 4.06 -76.03
N HIS QB 113 48.44 3.37 -76.95
CA HIS QB 113 48.37 1.92 -76.86
C HIS QB 113 49.76 1.31 -77.00
N ASP QB 114 50.57 1.84 -77.91
CA ASP QB 114 51.89 1.27 -78.10
C ASP QB 114 52.79 1.55 -76.91
N TYR QB 115 52.77 2.76 -76.36
CA TYR QB 115 53.57 3.05 -75.18
C TYR QB 115 53.14 2.19 -74.02
N SER QB 116 51.83 1.99 -73.84
CA SER QB 116 51.37 1.22 -72.71
C SER QB 116 51.77 -0.24 -72.86
N THR QB 117 51.70 -0.76 -74.08
CA THR QB 117 52.16 -2.12 -74.33
C THR QB 117 53.64 -2.26 -74.00
N LEU QB 118 54.46 -1.33 -74.48
CA LEU QB 118 55.89 -1.40 -74.21
C LEU QB 118 56.19 -1.25 -72.72
N ASP QB 119 55.47 -0.36 -72.05
CA ASP QB 119 55.70 -0.15 -70.63
C ASP QB 119 55.30 -1.39 -69.85
N ALA QB 120 54.17 -2.00 -70.20
CA ALA QB 120 53.76 -3.22 -69.54
C ALA QB 120 54.76 -4.33 -69.79
N PHE QB 121 55.34 -4.38 -70.98
CA PHE QB 121 56.32 -5.42 -71.28
C PHE QB 121 57.59 -5.23 -70.46
N THR QB 122 58.13 -4.01 -70.46
CA THR QB 122 59.31 -3.73 -69.66
C THR QB 122 59.04 -3.90 -68.18
N LYS QB 123 57.82 -3.62 -67.74
CA LYS QB 123 57.47 -3.73 -66.33
C LYS QB 123 57.32 -5.18 -65.94
N LYS QB 124 56.71 -5.99 -66.79
CA LYS QB 124 56.66 -7.43 -66.56
C LYS QB 124 58.07 -8.01 -66.51
N VAL QB 125 58.96 -7.51 -67.37
CA VAL QB 125 60.33 -8.00 -67.38
C VAL QB 125 61.02 -7.69 -66.05
N GLU QB 126 60.93 -6.44 -65.60
CA GLU QB 126 61.63 -6.13 -64.34
C GLU QB 126 60.94 -6.79 -63.16
N LYS QB 127 59.63 -7.02 -63.24
CA LYS QB 127 58.95 -7.76 -62.20
C LYS QB 127 59.47 -9.18 -62.10
N ALA QB 128 59.60 -9.85 -63.25
CA ALA QB 128 60.17 -11.19 -63.25
C ALA QB 128 61.61 -11.18 -62.74
N VAL QB 129 62.37 -10.15 -63.08
CA VAL QB 129 63.74 -10.03 -62.60
C VAL QB 129 63.77 -9.95 -61.08
N ASP QB 130 63.00 -9.03 -60.53
CA ASP QB 130 62.95 -8.86 -59.08
C ASP QB 130 62.44 -10.12 -58.41
N GLU QB 131 61.48 -10.80 -59.03
CA GLU QB 131 60.93 -12.02 -58.46
C GLU QB 131 62.00 -13.10 -58.38
N ASN QB 132 62.72 -13.31 -59.47
CA ASN QB 132 63.78 -14.30 -59.47
C ASN QB 132 64.87 -13.95 -58.47
N TYR QB 133 65.18 -12.67 -58.34
CA TYR QB 133 66.21 -12.28 -57.38
C TYR QB 133 65.76 -12.52 -55.95
N LYS QB 134 64.51 -12.18 -55.63
CA LYS QB 134 64.00 -12.43 -54.29
C LYS QB 134 63.95 -13.92 -54.00
N GLU QB 135 63.57 -14.72 -54.99
CA GLU QB 135 63.53 -16.16 -54.82
C GLU QB 135 64.93 -16.71 -54.56
N TYR QB 136 65.93 -16.19 -55.28
CA TYR QB 136 67.29 -16.65 -55.06
C TYR QB 136 67.78 -16.23 -53.67
N ARG QB 137 67.49 -15.00 -53.26
CA ARG QB 137 67.92 -14.56 -51.94
C ARG QB 137 67.27 -15.41 -50.87
N ALA QB 138 66.01 -15.77 -51.07
CA ALA QB 138 65.33 -16.66 -50.14
C ALA QB 138 66.04 -18.01 -50.07
N THR QB 139 66.18 -18.68 -51.22
CA THR QB 139 66.75 -20.01 -51.24
C THR QB 139 68.18 -20.04 -50.74
N GLU QB 140 68.89 -18.91 -50.85
CA GLU QB 140 70.22 -18.84 -50.27
C GLU QB 140 70.15 -18.67 -48.76
N TYR QB 141 69.51 -17.61 -48.30
CA TYR QB 141 69.59 -17.24 -46.89
C TYR QB 141 68.67 -18.15 -46.07
N ARG QB 142 67.37 -18.05 -46.30
CA ARG QB 142 66.38 -18.99 -45.77
C ARG QB 142 66.50 -19.13 -44.25
N PHE QB 143 66.12 -18.05 -43.58
CA PHE QB 143 66.21 -17.98 -42.13
C PHE QB 143 64.82 -17.82 -41.54
N GLU QB 144 63.92 -18.72 -41.92
CA GLU QB 144 62.55 -18.76 -41.42
C GLU QB 144 62.42 -19.94 -40.46
N PRO QB 145 62.53 -19.75 -39.15
CA PRO QB 145 62.33 -20.88 -38.23
C PRO QB 145 60.95 -21.48 -38.29
N LYS QB 146 59.93 -20.69 -38.59
CA LYS QB 146 58.55 -21.17 -38.60
C LYS QB 146 58.31 -22.30 -39.58
N GLU QB 147 59.21 -22.51 -40.55
CA GLU QB 147 59.14 -23.62 -41.48
C GLU QB 147 60.31 -24.57 -41.36
N GLN QB 148 61.50 -24.05 -41.07
CA GLN QB 148 62.69 -24.89 -41.06
C GLN QB 148 62.62 -25.92 -39.96
N GLU QB 149 63.50 -26.92 -40.06
CA GLU QB 149 63.62 -27.99 -39.12
C GLU QB 149 65.02 -27.97 -38.50
N PRO QB 150 65.16 -28.07 -37.17
CA PRO QB 150 66.49 -27.97 -36.58
C PRO QB 150 67.39 -29.12 -36.98
N GLU QB 151 68.70 -28.85 -36.92
CA GLU QB 151 69.72 -29.79 -37.32
C GLU QB 151 70.73 -29.93 -36.20
N PHE QB 152 71.17 -31.16 -35.98
CA PHE QB 152 72.12 -31.43 -34.93
C PHE QB 152 73.44 -30.76 -35.22
N ILE QB 153 74.14 -30.38 -34.15
CA ILE QB 153 75.51 -29.90 -34.24
C ILE QB 153 76.37 -30.75 -33.32
N THR QB 154 76.07 -30.71 -32.03
CA THR QB 154 76.96 -31.33 -31.07
C THR QB 154 76.23 -31.60 -29.77
N ASP QB 155 76.95 -32.28 -28.89
CA ASP QB 155 76.57 -32.45 -27.50
C ASP QB 155 77.66 -31.83 -26.66
N LEU QB 156 77.27 -31.32 -25.51
CA LEU QB 156 78.19 -30.65 -24.61
C LEU QB 156 78.53 -31.58 -23.46
N SER QB 157 79.79 -31.51 -23.04
CA SER QB 157 80.34 -32.41 -22.01
C SER QB 157 80.83 -31.59 -20.82
N PRO QB 158 79.92 -30.99 -20.07
CA PRO QB 158 80.32 -30.33 -18.82
C PRO QB 158 80.48 -31.34 -17.71
N TYR QB 159 81.55 -31.17 -16.94
CA TYR QB 159 81.81 -32.03 -15.79
C TYR QB 159 81.12 -31.46 -14.57
N THR QB 160 79.79 -31.50 -14.63
CA THR QB 160 78.94 -31.23 -13.49
C THR QB 160 77.52 -31.64 -13.86
N ASN QB 161 76.86 -32.35 -12.94
CA ASN QB 161 75.54 -32.93 -13.21
C ASN QB 161 74.47 -31.93 -12.84
N ALA QB 162 73.95 -31.25 -13.85
CA ALA QB 162 72.81 -30.35 -13.68
C ALA QB 162 72.35 -29.96 -15.07
N VAL QB 163 71.31 -29.16 -15.12
CA VAL QB 163 70.65 -28.79 -16.36
C VAL QB 163 71.44 -27.68 -17.03
N MET QB 164 71.44 -27.67 -18.36
CA MET QB 164 72.10 -26.63 -19.15
C MET QB 164 71.18 -25.43 -19.20
N GLN QB 165 71.23 -24.60 -18.17
CA GLN QB 165 70.28 -23.50 -18.05
C GLN QB 165 70.39 -22.53 -19.22
N SER QB 166 71.57 -22.43 -19.84
CA SER QB 166 71.70 -21.70 -21.09
C SER QB 166 73.08 -21.92 -21.65
N PHE QB 167 73.32 -21.35 -22.83
CA PHE QB 167 74.59 -21.50 -23.49
C PHE QB 167 74.79 -20.37 -24.49
N TRP QB 168 76.04 -20.21 -24.91
CA TRP QB 168 76.38 -19.18 -25.89
C TRP QB 168 77.74 -19.52 -26.47
N VAL QB 169 77.82 -19.56 -27.79
CA VAL QB 169 79.05 -19.82 -28.50
C VAL QB 169 79.56 -18.49 -29.04
N ASP QB 170 80.88 -18.35 -29.11
CA ASP QB 170 81.52 -17.11 -29.55
C ASP QB 170 82.06 -17.23 -30.98
N PRO QB 171 81.78 -16.28 -31.90
CA PRO QB 171 82.27 -16.43 -33.27
C PRO QB 171 83.78 -16.35 -33.44
N ARG QB 172 84.42 -15.36 -32.82
CA ARG QB 172 85.81 -15.07 -33.12
C ARG QB 172 86.78 -15.98 -32.38
N THR QB 173 86.26 -16.96 -31.63
CA THR QB 173 87.08 -17.85 -30.85
C THR QB 173 86.66 -19.32 -30.96
N LYS QB 174 85.41 -19.61 -31.32
CA LYS QB 174 84.91 -20.98 -31.41
C LYS QB 174 85.01 -21.69 -30.06
N ILE QB 175 84.24 -21.15 -29.12
CA ILE QB 175 84.25 -21.61 -27.73
C ILE QB 175 82.85 -21.44 -27.17
N ILE QB 176 82.42 -22.39 -26.36
CA ILE QB 176 81.06 -22.42 -25.84
C ILE QB 176 81.12 -22.17 -24.34
N TYR QB 177 80.38 -21.17 -23.87
CA TYR QB 177 80.17 -20.93 -22.47
C TYR QB 177 78.75 -21.38 -22.14
N MET QB 178 78.61 -22.37 -21.27
CA MET QB 178 77.31 -22.89 -20.89
C MET QB 178 77.10 -22.67 -19.40
N THR QB 179 75.94 -22.14 -19.04
CA THR QB 179 75.59 -21.81 -17.67
C THR QB 179 74.62 -22.85 -17.13
N GLN QB 180 74.95 -23.39 -15.96
CA GLN QB 180 74.09 -24.26 -15.18
C GLN QB 180 73.97 -23.72 -13.77
N ALA QB 181 72.88 -24.06 -13.09
CA ALA QB 181 72.61 -23.59 -11.74
C ALA QB 181 72.84 -24.72 -10.76
N ARG QB 182 73.77 -24.52 -9.82
CA ARG QB 182 74.13 -25.57 -8.88
C ARG QB 182 73.20 -25.53 -7.69
N PRO QB 183 73.26 -26.53 -6.80
CA PRO QB 183 72.48 -26.46 -5.56
C PRO QB 183 72.80 -25.20 -4.76
N GLY QB 184 71.77 -24.43 -4.48
CA GLY QB 184 71.90 -23.11 -3.91
C GLY QB 184 71.85 -22.05 -4.98
N ASN QB 185 72.02 -20.81 -4.55
CA ASN QB 185 72.02 -19.70 -5.50
C ASN QB 185 73.26 -19.67 -6.38
N HIS QB 186 74.27 -20.49 -6.11
CA HIS QB 186 75.49 -20.42 -6.90
C HIS QB 186 75.32 -21.18 -8.22
N TYR QB 187 76.19 -20.88 -9.17
CA TYR QB 187 76.00 -21.38 -10.52
C TYR QB 187 77.33 -21.51 -11.24
N MET QB 188 77.41 -22.52 -12.08
CA MET QB 188 78.61 -22.83 -12.83
C MET QB 188 78.46 -22.32 -14.24
N LEU QB 189 79.58 -21.89 -14.82
CA LEU QB 189 79.66 -21.66 -16.25
C LEU QB 189 80.92 -22.34 -16.77
N SER QB 190 80.72 -23.27 -17.69
CA SER QB 190 81.79 -24.10 -18.21
C SER QB 190 82.15 -23.63 -19.60
N ARG QB 191 83.45 -23.46 -19.84
CA ARG QB 191 83.98 -23.08 -21.13
C ARG QB 191 84.53 -24.33 -21.79
N LEU QB 192 84.01 -24.62 -22.98
CA LEU QB 192 84.23 -25.87 -23.70
C LEU QB 192 84.61 -25.59 -25.15
N LYS QB 193 85.11 -26.62 -25.80
CA LYS QB 193 85.38 -26.60 -27.22
C LYS QB 193 84.07 -26.77 -27.98
N PRO QB 194 84.10 -26.63 -29.31
CA PRO QB 194 82.85 -26.83 -30.07
C PRO QB 194 82.34 -28.26 -30.01
N ASN QB 195 83.24 -29.24 -30.07
CA ASN QB 195 82.80 -30.63 -30.05
C ASN QB 195 82.16 -31.00 -28.71
N GLY QB 196 82.64 -30.41 -27.62
CA GLY QB 196 82.13 -30.70 -26.30
C GLY QB 196 83.21 -30.77 -25.23
N GLN QB 197 84.45 -31.03 -25.65
CA GLN QB 197 85.56 -31.20 -24.73
C GLN QB 197 85.65 -30.07 -23.72
N PHE QB 198 86.04 -30.43 -22.51
CA PHE QB 198 86.08 -29.51 -21.39
C PHE QB 198 87.40 -28.76 -21.36
N ILE QB 199 87.34 -27.43 -21.42
CA ILE QB 199 88.54 -26.61 -21.25
C ILE QB 199 88.65 -26.24 -19.78
N ASP QB 200 87.68 -25.50 -19.26
CA ASP QB 200 87.72 -25.16 -17.84
C ASP QB 200 86.34 -24.68 -17.41
N ARG QB 201 86.25 -24.20 -16.17
CA ARG QB 201 84.98 -23.74 -15.64
C ARG QB 201 85.20 -22.65 -14.61
N LEU QB 202 84.10 -21.98 -14.27
CA LEU QB 202 84.08 -20.98 -13.22
C LEU QB 202 82.80 -21.17 -12.44
N LEU QB 203 82.88 -20.95 -11.13
CA LEU QB 203 81.75 -21.05 -10.22
C LEU QB 203 81.49 -19.68 -9.63
N VAL QB 204 80.33 -19.12 -9.95
CA VAL QB 204 79.89 -17.86 -9.40
C VAL QB 204 79.13 -18.17 -8.12
N LYS QB 205 79.67 -17.72 -7.00
CA LYS QB 205 79.02 -17.94 -5.72
C LYS QB 205 77.93 -16.90 -5.51
N ASN QB 206 76.79 -17.37 -4.98
CA ASN QB 206 75.59 -16.54 -4.81
C ASN QB 206 75.17 -15.88 -6.12
N GLY QB 207 75.49 -16.51 -7.26
CA GLY QB 207 75.23 -15.93 -8.55
C GLY QB 207 73.84 -16.18 -9.10
N GLY QB 208 72.94 -16.68 -8.28
CA GLY QB 208 71.61 -16.88 -8.76
C GLY QB 208 71.54 -18.06 -9.72
N HIS QB 209 70.42 -18.15 -10.42
CA HIS QB 209 70.20 -19.28 -11.32
C HIS QB 209 71.06 -19.14 -12.57
N GLY QB 210 71.35 -17.92 -12.99
CA GLY QB 210 72.16 -17.72 -14.17
C GLY QB 210 71.46 -18.23 -15.40
N THR QB 211 70.23 -17.76 -15.63
CA THR QB 211 69.42 -18.30 -16.70
C THR QB 211 69.95 -17.90 -18.06
N HIS QB 212 70.60 -16.74 -18.16
CA HIS QB 212 71.31 -16.37 -19.37
C HIS QB 212 72.21 -15.19 -19.08
N ASN QB 213 73.33 -15.15 -19.78
CA ASN QB 213 74.34 -14.13 -19.61
C ASN QB 213 74.70 -13.59 -20.97
N ALA QB 214 75.08 -12.31 -21.02
CA ALA QB 214 75.44 -11.65 -22.26
C ALA QB 214 76.95 -11.63 -22.39
N TYR QB 215 77.43 -11.85 -23.59
CA TYR QB 215 78.85 -11.94 -23.87
C TYR QB 215 79.19 -10.91 -24.94
N ARG QB 216 79.88 -9.84 -24.52
CA ARG QB 216 80.24 -8.74 -25.38
C ARG QB 216 81.73 -8.79 -25.66
N TYR QB 217 82.11 -8.36 -26.85
CA TYR QB 217 83.51 -8.23 -27.26
C TYR QB 217 83.77 -6.75 -27.49
N ILE QB 218 84.71 -6.19 -26.73
CA ILE QB 218 85.10 -4.80 -26.89
C ILE QB 218 86.58 -4.76 -27.26
N GLY QB 219 86.86 -4.79 -28.55
CA GLY QB 219 88.22 -4.77 -29.03
C GLY QB 219 89.07 -5.90 -28.47
N ASN QB 220 88.64 -7.14 -28.71
CA ASN QB 220 89.33 -8.32 -28.21
C ASN QB 220 89.41 -8.32 -26.69
N GLU QB 221 88.30 -7.96 -26.06
CA GLU QB 221 88.17 -8.01 -24.60
C GLU QB 221 86.79 -8.53 -24.29
N LEU QB 222 86.73 -9.73 -23.71
CA LEU QB 222 85.46 -10.42 -23.50
C LEU QB 222 84.89 -10.00 -22.15
N TRP QB 223 83.78 -9.27 -22.19
CA TRP QB 223 83.03 -8.92 -21.01
C TRP QB 223 81.80 -9.79 -20.92
N ILE QB 224 81.50 -10.25 -19.72
CA ILE QB 224 80.35 -11.08 -19.44
C ILE QB 224 79.45 -10.25 -18.54
N TYR QB 225 78.26 -9.92 -19.04
CA TYR QB 225 77.22 -9.30 -18.23
C TYR QB 225 76.36 -10.42 -17.66
N SER QB 226 76.12 -10.35 -16.36
CA SER QB 226 75.45 -11.43 -15.66
C SER QB 226 74.57 -10.84 -14.56
N ALA QB 227 73.78 -11.73 -13.96
CA ALA QB 227 72.92 -11.41 -12.85
C ALA QB 227 73.39 -12.19 -11.63
N VAL QB 228 73.82 -11.48 -10.59
CA VAL QB 228 74.25 -12.10 -9.35
C VAL QB 228 73.81 -11.22 -8.21
N LEU QB 229 73.53 -11.84 -7.08
CA LEU QB 229 73.24 -11.14 -5.84
C LEU QB 229 74.33 -11.43 -4.83
N ASP QB 230 74.53 -10.48 -3.92
CA ASP QB 230 75.54 -10.61 -2.87
C ASP QB 230 74.87 -10.55 -1.52
N ALA QB 231 75.32 -11.42 -0.62
CA ALA QB 231 74.91 -11.40 0.79
C ALA QB 231 73.39 -11.46 0.96
N ASN QB 232 72.69 -11.97 -0.04
CA ASN QB 232 71.24 -12.07 -0.01
C ASN QB 232 70.59 -10.69 0.14
N GLU QB 233 71.21 -9.67 -0.45
CA GLU QB 233 70.63 -8.34 -0.44
C GLU QB 233 69.64 -8.15 -1.59
N ASN QB 234 70.12 -8.24 -2.83
CA ASN QB 234 69.27 -7.96 -3.99
C ASN QB 234 70.03 -8.28 -5.26
N ASN QB 235 69.31 -8.21 -6.38
CA ASN QB 235 69.86 -8.59 -7.67
C ASN QB 235 70.72 -7.48 -8.24
N LYS QB 236 71.96 -7.82 -8.57
CA LYS QB 236 72.92 -6.91 -9.19
C LYS QB 236 73.21 -7.39 -10.60
N PHE QB 237 73.15 -6.47 -11.54
CA PHE QB 237 73.55 -6.70 -12.92
C PHE QB 237 74.98 -6.21 -13.09
N VAL QB 238 75.88 -7.14 -13.43
CA VAL QB 238 77.31 -6.94 -13.19
C VAL QB 238 78.12 -7.40 -14.39
N ARG QB 239 79.21 -6.68 -14.65
CA ARG QB 239 80.20 -7.06 -15.65
C ARG QB 239 81.35 -7.81 -15.00
N PHE QB 240 81.96 -8.70 -15.76
CA PHE QB 240 83.24 -9.28 -15.34
C PHE QB 240 83.93 -9.92 -16.53
N GLN QB 241 85.09 -10.52 -16.25
CA GLN QB 241 85.90 -11.23 -17.23
C GLN QB 241 85.96 -12.71 -16.84
N TYR QB 242 86.16 -13.56 -17.83
CA TYR QB 242 86.26 -14.98 -17.56
C TYR QB 242 87.56 -15.30 -16.84
N ARG QB 243 87.47 -16.15 -15.83
CA ARG QB 243 88.64 -16.61 -15.09
C ARG QB 243 88.29 -17.94 -14.45
N THR QB 244 89.11 -18.96 -14.69
CA THR QB 244 88.82 -20.28 -14.18
C THR QB 244 88.84 -20.30 -12.65
N GLY QB 245 87.96 -21.12 -12.08
CA GLY QB 245 87.92 -21.34 -10.65
C GLY QB 245 86.66 -20.84 -9.99
N GLU QB 246 86.77 -19.78 -9.19
CA GLU QB 246 85.66 -19.25 -8.43
C GLU QB 246 85.63 -17.74 -8.54
N ILE QB 247 84.43 -17.18 -8.32
CA ILE QB 247 84.26 -15.73 -8.27
C ILE QB 247 83.03 -15.43 -7.43
N THR QB 248 82.93 -14.18 -7.01
CA THR QB 248 81.79 -13.69 -6.25
C THR QB 248 81.82 -12.17 -6.27
N TYR QB 249 80.66 -11.56 -6.04
CA TYR QB 249 80.54 -10.12 -6.19
C TYR QB 249 81.41 -9.40 -5.17
N GLY QB 250 82.19 -8.43 -5.66
CA GLY QB 250 83.07 -7.67 -4.81
C GLY QB 250 84.04 -6.83 -5.61
N ASN QB 251 85.33 -6.93 -5.27
CA ASN QB 251 86.34 -6.14 -5.96
C ASN QB 251 86.58 -6.66 -7.36
N GLU QB 252 86.39 -7.96 -7.59
CA GLU QB 252 86.67 -8.57 -8.89
C GLU QB 252 85.56 -8.34 -9.90
N MET QB 253 84.44 -7.75 -9.50
CA MET QB 253 83.29 -7.58 -10.38
C MET QB 253 82.71 -6.19 -10.16
N GLN QB 254 82.39 -5.51 -11.26
CA GLN QB 254 81.94 -4.12 -11.24
C GLN QB 254 80.54 -4.02 -11.80
N ASP QB 255 79.64 -3.42 -11.02
CA ASP QB 255 78.28 -3.21 -11.46
C ASP QB 255 78.26 -2.24 -12.63
N VAL QB 256 77.06 -2.07 -13.20
CA VAL QB 256 76.83 -1.11 -14.28
C VAL QB 256 75.55 -0.37 -13.95
N MET QB 257 75.66 0.96 -13.75
CA MET QB 257 74.60 1.89 -13.37
C MET QB 257 73.64 1.22 -12.39
N PRO QB 258 74.07 1.00 -11.15
CA PRO QB 258 73.23 0.20 -10.25
C PRO QB 258 71.94 0.90 -9.87
N ASN QB 259 72.01 2.20 -9.64
CA ASN QB 259 70.92 2.98 -9.08
C ASN QB 259 69.65 2.96 -9.92
N ILE QB 260 69.73 2.56 -11.19
CA ILE QB 260 68.62 2.72 -12.11
C ILE QB 260 67.86 1.42 -12.38
N PHE QB 261 68.52 0.26 -12.36
CA PHE QB 261 67.80 -1.01 -12.51
C PHE QB 261 68.32 -2.11 -11.58
N ASN QB 262 68.72 -1.76 -10.35
CA ASN QB 262 68.86 -2.75 -9.29
C ASN QB 262 67.72 -2.66 -8.28
N ASP QB 263 66.51 -2.46 -8.79
CA ASP QB 263 65.29 -2.56 -7.99
C ASP QB 263 64.50 -3.82 -8.29
N ARG QB 264 64.86 -4.57 -9.32
CA ARG QB 264 64.16 -5.79 -9.69
C ARG QB 264 65.12 -6.70 -10.43
N TYR QB 265 64.79 -7.99 -10.45
CA TYR QB 265 65.65 -8.99 -11.09
C TYR QB 265 65.84 -8.65 -12.56
N THR QB 266 67.06 -8.79 -13.03
CA THR QB 266 67.44 -8.35 -14.35
C THR QB 266 68.52 -9.25 -14.91
N SER QB 267 68.43 -9.52 -16.21
CA SER QB 267 69.43 -10.26 -16.94
C SER QB 267 69.53 -9.65 -18.33
N ALA QB 268 70.53 -10.09 -19.09
CA ALA QB 268 70.81 -9.44 -20.36
C ALA QB 268 71.33 -10.43 -21.40
N ILE QB 269 71.20 -10.01 -22.65
CA ILE QB 269 71.88 -10.63 -23.77
C ILE QB 269 72.43 -9.51 -24.65
N TYR QB 270 73.30 -9.89 -25.57
CA TYR QB 270 74.01 -8.95 -26.43
C TYR QB 270 73.87 -9.39 -27.88
N ASN QB 271 73.51 -8.45 -28.74
CA ASN QB 271 73.49 -8.64 -30.18
C ASN QB 271 74.57 -7.74 -30.78
N PRO QB 272 75.69 -8.30 -31.29
CA PRO QB 272 76.78 -7.43 -31.74
C PRO QB 272 76.54 -6.76 -33.07
N ILE QB 273 75.67 -7.31 -33.92
CA ILE QB 273 75.44 -6.74 -35.24
C ILE QB 273 74.85 -5.34 -35.10
N GLU QB 274 73.78 -5.20 -34.32
CA GLU QB 274 73.21 -3.90 -34.02
C GLU QB 274 73.84 -3.24 -32.81
N ASN QB 275 74.71 -3.93 -32.08
CA ASN QB 275 75.35 -3.39 -30.88
C ASN QB 275 74.30 -3.02 -29.84
N LEU QB 276 73.46 -4.00 -29.52
CA LEU QB 276 72.36 -3.82 -28.58
C LEU QB 276 72.50 -4.78 -27.40
N MET QB 277 71.97 -4.34 -26.27
CA MET QB 277 71.99 -5.08 -25.02
C MET QB 277 70.54 -5.22 -24.57
N ILE QB 278 69.94 -6.35 -24.89
CA ILE QB 278 68.55 -6.60 -24.57
C ILE QB 278 68.47 -7.02 -23.12
N PHE QB 279 67.77 -6.23 -22.32
CA PHE QB 279 67.63 -6.46 -20.89
C PHE QB 279 66.28 -7.08 -20.63
N ARG QB 280 66.28 -8.32 -20.16
CA ARG QB 280 65.11 -8.90 -19.54
C ARG QB 280 65.04 -8.40 -18.11
N ARG QB 281 63.83 -8.02 -17.68
CA ARG QB 281 63.63 -7.43 -16.37
C ARG QB 281 62.32 -7.96 -15.83
N GLU QB 282 62.40 -8.63 -14.68
CA GLU QB 282 61.25 -9.26 -14.07
C GLU QB 282 60.38 -8.23 -13.35
N TYR QB 283 59.17 -8.66 -12.97
CA TYR QB 283 58.24 -7.86 -12.22
C TYR QB 283 58.11 -8.39 -10.80
N LYS QB 284 57.73 -7.50 -9.89
CA LYS QB 284 57.36 -7.91 -8.55
C LYS QB 284 55.93 -8.46 -8.55
N ALA QB 285 55.59 -9.13 -7.45
CA ALA QB 285 54.26 -9.75 -7.35
C ALA QB 285 53.17 -8.70 -7.39
N SER QB 286 53.38 -7.57 -6.71
CA SER QB 286 52.34 -6.56 -6.62
C SER QB 286 52.07 -5.93 -7.99
N GLU QB 287 53.12 -5.56 -8.71
CA GLU QB 287 52.95 -5.04 -10.06
C GLU QB 287 52.34 -6.10 -10.97
N ARG QB 288 52.74 -7.35 -10.78
CA ARG QB 288 52.24 -8.44 -11.61
C ARG QB 288 50.74 -8.62 -11.45
N GLN QB 289 50.23 -8.37 -10.23
CA GLN QB 289 48.79 -8.51 -9.98
C GLN QB 289 47.97 -7.71 -11.00
N LEU QB 290 48.46 -6.53 -11.40
CA LEU QB 290 47.79 -5.71 -12.40
C LEU QB 290 48.29 -5.94 -13.80
N LYS QB 291 49.58 -6.24 -13.97
CA LYS QB 291 50.14 -6.35 -15.30
C LYS QB 291 49.73 -7.65 -15.98
N ASN QB 292 49.40 -8.69 -15.22
CA ASN QB 292 49.13 -10.02 -15.79
C ASN QB 292 50.32 -10.51 -16.59
N SER QB 293 51.50 -10.46 -15.98
CA SER QB 293 52.72 -10.82 -16.69
C SER QB 293 53.87 -10.86 -15.71
N LEU QB 294 54.92 -11.59 -16.10
CA LEU QB 294 56.07 -11.82 -15.24
C LEU QB 294 57.28 -11.00 -15.60
N ASN QB 295 57.49 -10.71 -16.87
CA ASN QB 295 58.72 -10.05 -17.26
C ASN QB 295 58.50 -9.20 -18.50
N PHE QB 296 59.45 -8.30 -18.71
CA PHE QB 296 59.41 -7.37 -19.82
C PHE QB 296 60.82 -7.16 -20.31
N VAL QB 297 60.94 -6.94 -21.60
CA VAL QB 297 62.23 -6.85 -22.28
C VAL QB 297 62.41 -5.44 -22.81
N GLU QB 298 63.56 -4.85 -22.53
CA GLU QB 298 63.95 -3.55 -23.01
C GLU QB 298 65.07 -3.69 -24.02
N VAL QB 299 64.98 -2.95 -25.09
CA VAL QB 299 66.13 -2.74 -25.96
C VAL QB 299 66.88 -1.52 -25.46
N ARG QB 300 68.19 -1.54 -25.65
CA ARG QB 300 69.03 -0.38 -25.39
C ARG QB 300 70.37 -0.63 -26.06
N SER QB 301 71.14 0.44 -26.21
CA SER QB 301 72.42 0.37 -26.93
C SER QB 301 73.59 0.28 -25.94
N ALA QB 302 74.57 -0.51 -26.34
CA ALA QB 302 75.69 -0.80 -25.44
C ALA QB 302 76.56 0.44 -25.24
N ASP QB 303 76.64 1.32 -26.25
CA ASP QB 303 77.40 2.55 -26.05
C ASP QB 303 76.71 3.46 -25.04
N ASP QB 304 75.39 3.50 -25.07
CA ASP QB 304 74.65 4.22 -24.03
C ASP QB 304 74.93 3.63 -22.66
N ILE QB 305 74.91 2.31 -22.57
CA ILE QB 305 75.18 1.65 -21.29
C ILE QB 305 76.58 1.98 -20.81
N ASP QB 306 77.55 2.02 -21.73
CA ASP QB 306 78.91 2.33 -21.37
C ASP QB 306 79.02 3.73 -20.80
N LYS QB 307 78.62 4.73 -21.59
CA LYS QB 307 78.79 6.11 -21.16
C LYS QB 307 77.68 6.59 -20.24
N GLY QB 308 76.84 5.68 -19.73
CA GLY QB 308 75.98 5.95 -18.60
C GLY QB 308 74.57 6.36 -18.96
N ILE QB 309 74.37 6.95 -20.13
CA ILE QB 309 73.04 7.44 -20.50
C ILE QB 309 72.09 6.26 -20.63
N ASP QB 310 70.88 6.46 -20.13
CA ASP QB 310 69.84 5.43 -20.14
C ASP QB 310 68.88 5.67 -21.29
N LYS QB 311 68.46 4.58 -21.93
CA LYS QB 311 67.44 4.66 -22.95
C LYS QB 311 66.62 3.38 -22.92
N VAL QB 312 65.30 3.53 -23.02
CA VAL QB 312 64.34 2.46 -22.77
C VAL QB 312 63.54 2.27 -24.05
N LEU QB 313 64.18 2.47 -25.20
CA LEU QB 313 63.51 2.28 -26.48
C LEU QB 313 63.09 0.83 -26.64
N TYR QB 314 61.89 0.62 -27.18
CA TYR QB 314 61.39 -0.72 -27.47
C TYR QB 314 61.36 -1.58 -26.21
N GLN QB 315 60.43 -1.19 -25.34
CA GLN QB 315 60.07 -1.94 -24.15
C GLN QB 315 58.80 -2.73 -24.42
N MET QB 316 58.74 -3.94 -23.89
CA MET QB 316 57.62 -4.83 -24.20
C MET QB 316 57.42 -5.85 -23.09
N ASP QB 317 56.19 -5.93 -22.59
CA ASP QB 317 55.82 -6.95 -21.64
C ASP QB 317 55.69 -8.29 -22.34
N ILE QB 318 55.63 -9.36 -21.54
CA ILE QB 318 55.37 -10.71 -22.02
C ILE QB 318 54.11 -11.21 -21.35
N PRO QB 319 53.09 -11.70 -22.08
CA PRO QB 319 51.94 -12.27 -21.39
C PRO QB 319 52.32 -13.51 -20.60
N MET QB 320 51.43 -13.92 -19.69
CA MET QB 320 51.74 -14.99 -18.78
C MET QB 320 51.89 -16.32 -19.51
N GLU QB 321 51.02 -16.57 -20.50
CA GLU QB 321 50.97 -17.86 -21.16
C GLU QB 321 52.30 -18.26 -21.79
N TYR QB 322 53.16 -17.30 -22.10
CA TYR QB 322 54.47 -17.57 -22.67
C TYR QB 322 55.56 -17.67 -21.62
N THR QB 323 55.23 -17.52 -20.33
CA THR QB 323 56.22 -17.60 -19.27
C THR QB 323 55.68 -18.30 -18.02
N SER QB 324 54.61 -19.06 -18.15
CA SER QB 324 53.94 -19.65 -17.00
C SER QB 324 54.74 -20.81 -16.43
N ASP QB 325 54.14 -21.53 -15.48
CA ASP QB 325 54.82 -22.67 -14.86
C ASP QB 325 54.94 -23.83 -15.83
N THR QB 326 53.90 -24.07 -16.63
CA THR QB 326 53.96 -25.07 -17.69
C THR QB 326 54.65 -24.57 -18.95
N GLN QB 327 54.97 -23.28 -19.02
CA GLN QB 327 55.72 -22.73 -20.15
C GLN QB 327 56.66 -21.66 -19.61
N PRO QB 328 57.65 -22.06 -18.83
CA PRO QB 328 58.58 -21.07 -18.26
C PRO QB 328 59.47 -20.48 -19.34
N MET QB 329 60.30 -19.49 -18.99
CA MET QB 329 61.02 -18.76 -20.01
C MET QB 329 61.98 -19.65 -20.76
N GLN QB 330 63.09 -20.03 -20.13
CA GLN QB 330 64.09 -20.98 -20.62
C GLN QB 330 64.94 -20.49 -21.79
N GLY QB 331 64.58 -19.41 -22.46
CA GLY QB 331 65.54 -18.78 -23.35
C GLY QB 331 65.04 -17.65 -24.20
N ILE QB 332 65.93 -16.70 -24.50
CA ILE QB 332 65.62 -15.53 -25.30
C ILE QB 332 66.77 -15.22 -26.24
N THR QB 333 66.44 -14.58 -27.36
CA THR QB 333 67.47 -13.99 -28.21
C THR QB 333 66.84 -13.03 -29.21
N TYR QB 334 67.48 -11.89 -29.40
CA TYR QB 334 67.00 -10.86 -30.32
C TYR QB 334 67.79 -10.94 -31.62
N ASP QB 335 67.10 -10.68 -32.73
CA ASP QB 335 67.76 -10.65 -34.03
C ASP QB 335 66.85 -9.97 -35.03
N ALA QB 336 67.33 -8.87 -35.61
CA ALA QB 336 66.66 -8.23 -36.74
C ALA QB 336 65.25 -7.77 -36.39
N GLY QB 337 65.14 -7.06 -35.27
CA GLY QB 337 63.85 -6.61 -34.81
C GLY QB 337 62.89 -7.72 -34.47
N ILE QB 338 63.39 -8.92 -34.21
CA ILE QB 338 62.59 -10.08 -33.87
C ILE QB 338 63.16 -10.69 -32.61
N LEU QB 339 62.30 -10.93 -31.63
CA LEU QB 339 62.66 -11.55 -30.37
C LEU QB 339 62.16 -12.98 -30.38
N TYR QB 340 63.07 -13.93 -30.28
CA TYR QB 340 62.75 -15.34 -30.22
C TYR QB 340 62.75 -15.75 -28.76
N TRP QB 341 61.65 -16.37 -28.33
CA TRP QB 341 61.40 -16.74 -26.95
C TRP QB 341 61.11 -18.23 -26.90
N TYR QB 342 62.05 -19.00 -26.36
CA TYR QB 342 62.02 -20.46 -26.42
C TYR QB 342 61.75 -20.99 -25.03
N THR QB 343 60.64 -21.73 -24.90
CA THR QB 343 60.11 -22.19 -23.63
C THR QB 343 59.88 -23.70 -23.69
N GLY QB 344 59.91 -24.32 -22.51
CA GLY QB 344 59.68 -25.75 -22.42
C GLY QB 344 59.38 -26.21 -21.01
N ASP QB 345 58.66 -27.32 -20.89
CA ASP QB 345 58.05 -27.73 -19.62
C ASP QB 345 58.83 -28.79 -18.88
N SER QB 346 59.98 -29.22 -19.39
CA SER QB 346 60.75 -30.30 -18.76
C SER QB 346 59.92 -31.57 -18.65
N LYS QB 347 59.05 -31.78 -19.63
CA LYS QB 347 58.07 -32.83 -19.59
C LYS QB 347 57.76 -33.20 -21.03
N PRO QB 348 57.73 -34.48 -21.38
CA PRO QB 348 57.36 -34.84 -22.74
C PRO QB 348 55.85 -34.86 -22.88
N ALA QB 349 55.40 -34.57 -24.09
CA ALA QB 349 54.01 -34.39 -24.50
C ALA QB 349 53.45 -33.05 -24.03
N ASN QB 350 54.16 -32.29 -23.19
CA ASN QB 350 53.89 -30.89 -23.00
C ASN QB 350 54.74 -30.16 -24.03
N PRO QB 351 54.19 -29.80 -25.19
CA PRO QB 351 55.05 -29.39 -26.29
C PRO QB 351 55.84 -28.13 -26.00
N ASN QB 352 57.15 -28.29 -25.91
CA ASN QB 352 58.06 -27.18 -25.75
C ASN QB 352 58.35 -26.60 -27.12
N TYR QB 353 58.40 -25.28 -27.20
CA TYR QB 353 58.63 -24.66 -28.49
C TYR QB 353 58.99 -23.20 -28.28
N LEU QB 354 59.18 -22.50 -29.39
CA LEU QB 354 59.48 -21.08 -29.37
C LEU QB 354 58.32 -20.29 -29.96
N GLN QB 355 58.30 -19.02 -29.59
CA GLN QB 355 57.17 -18.14 -29.82
C GLN QB 355 57.67 -16.83 -30.38
N GLY QB 356 58.52 -16.93 -31.40
CA GLY QB 356 59.19 -15.78 -31.96
C GLY QB 356 58.27 -14.69 -32.46
N PHE QB 357 58.39 -13.50 -31.88
CA PHE QB 357 57.53 -12.38 -32.21
C PHE QB 357 58.35 -11.12 -32.42
N ASP QB 358 57.65 -10.01 -32.61
CA ASP QB 358 58.25 -8.73 -32.94
C ASP QB 358 58.25 -7.82 -31.73
N ILE QB 359 59.32 -7.04 -31.60
CA ILE QB 359 59.45 -6.11 -30.49
C ILE QB 359 58.99 -4.71 -30.88
N LYS QB 360 59.07 -4.37 -32.18
CA LYS QB 360 58.72 -3.03 -32.61
C LYS QB 360 57.26 -2.72 -32.33
N THR QB 361 56.36 -3.57 -32.83
CA THR QB 361 54.93 -3.29 -32.86
C THR QB 361 54.14 -4.14 -31.86
N LYS QB 362 54.81 -4.94 -31.04
CA LYS QB 362 54.16 -5.69 -29.96
C LYS QB 362 53.04 -6.60 -30.50
N GLU QB 363 53.45 -7.59 -31.29
CA GLU QB 363 52.53 -8.54 -31.88
C GLU QB 363 53.10 -9.93 -31.66
N LEU QB 364 52.54 -10.90 -32.40
CA LEU QB 364 53.02 -12.27 -32.41
C LEU QB 364 53.27 -12.66 -33.86
N LEU QB 365 54.53 -12.95 -34.19
CA LEU QB 365 54.90 -13.21 -35.56
C LEU QB 365 54.67 -14.67 -35.93
N PHE QB 366 55.13 -15.58 -35.08
CA PHE QB 366 54.97 -16.99 -35.39
C PHE QB 366 55.17 -17.81 -34.14
N LYS QB 367 54.76 -19.06 -34.23
CA LYS QB 367 54.74 -19.94 -33.07
C LYS QB 367 54.68 -21.36 -33.63
N ARG QB 368 55.79 -22.08 -33.53
CA ARG QB 368 55.93 -23.40 -34.09
C ARG QB 368 56.02 -24.43 -32.98
N ARG QB 369 56.36 -25.66 -33.35
CA ARG QB 369 56.58 -26.75 -32.43
C ARG QB 369 57.99 -27.29 -32.60
N ILE QB 370 58.50 -27.90 -31.54
CA ILE QB 370 59.89 -28.33 -31.47
C ILE QB 370 59.92 -29.70 -30.81
N ASP QB 371 60.58 -30.65 -31.47
CA ASP QB 371 60.69 -32.02 -30.98
C ASP QB 371 62.10 -32.54 -31.23
N ILE QB 372 63.09 -31.71 -30.94
CA ILE QB 372 64.49 -32.02 -31.26
C ILE QB 372 65.14 -33.01 -30.29
N GLY QB 373 64.41 -33.50 -29.29
CA GLY QB 373 64.99 -34.46 -28.38
C GLY QB 373 65.45 -35.74 -29.03
N GLY QB 374 64.90 -36.07 -30.20
CA GLY QB 374 65.23 -37.30 -30.87
C GLY QB 374 64.12 -37.75 -31.78
N VAL QB 375 63.73 -39.00 -31.66
CA VAL QB 375 62.66 -39.55 -32.47
C VAL QB 375 61.33 -39.14 -31.87
N ASN QB 376 60.29 -39.12 -32.71
CA ASN QB 376 59.01 -38.54 -32.36
C ASN QB 376 58.40 -39.17 -31.12
N ASN QB 377 58.29 -38.38 -30.06
CA ASN QB 377 57.64 -38.78 -28.82
C ASN QB 377 58.29 -40.02 -28.21
N ASN QB 378 59.59 -40.19 -28.44
CA ASN QB 378 60.36 -41.24 -27.77
C ASN QB 378 61.77 -40.68 -27.56
N PHE QB 379 61.99 -40.09 -26.40
CA PHE QB 379 63.27 -39.50 -26.04
C PHE QB 379 63.90 -40.29 -24.90
N LYS QB 380 65.24 -40.30 -24.91
CA LYS QB 380 65.99 -40.98 -23.86
C LYS QB 380 65.60 -40.41 -22.50
N GLY QB 381 65.66 -41.28 -21.50
CA GLY QB 381 65.17 -40.89 -20.21
C GLY QB 381 63.67 -40.77 -20.24
N ASP QB 382 63.15 -39.71 -19.65
CA ASP QB 382 61.72 -39.50 -19.54
C ASP QB 382 61.32 -38.05 -19.75
N PHE QB 383 62.24 -37.15 -20.07
CA PHE QB 383 61.88 -35.75 -20.17
C PHE QB 383 62.92 -35.02 -21.00
N GLN QB 384 62.42 -34.12 -21.84
CA GLN QB 384 63.22 -33.15 -22.56
C GLN QB 384 62.86 -31.76 -22.06
N GLU QB 385 63.86 -30.91 -21.93
CA GLU QB 385 63.70 -29.55 -21.45
C GLU QB 385 64.38 -28.61 -22.42
N ALA QB 386 63.68 -27.55 -22.77
CA ALA QB 386 64.24 -26.51 -23.60
C ALA QB 386 65.16 -25.64 -22.77
N GLU QB 387 66.13 -25.01 -23.45
CA GLU QB 387 67.14 -24.23 -22.77
C GLU QB 387 67.49 -23.03 -23.63
N GLY QB 388 68.46 -22.26 -23.15
CA GLY QB 388 68.70 -20.94 -23.70
C GLY QB 388 69.00 -20.97 -25.19
N LEU QB 389 68.78 -19.83 -25.82
CA LEU QB 389 69.00 -19.67 -27.25
C LEU QB 389 70.35 -19.01 -27.50
N ASP QB 390 70.78 -19.07 -28.75
CA ASP QB 390 71.92 -18.29 -29.20
C ASP QB 390 71.73 -17.97 -30.67
N MET QB 391 72.14 -16.78 -31.04
CA MET QB 391 72.17 -16.34 -32.43
C MET QB 391 73.64 -16.31 -32.83
N TYR QB 392 74.07 -17.32 -33.58
CA TYR QB 392 75.45 -17.40 -33.99
C TYR QB 392 75.64 -16.60 -35.26
N TYR QB 393 76.34 -15.49 -35.14
CA TYR QB 393 76.76 -14.70 -36.28
C TYR QB 393 78.12 -15.20 -36.74
N ASP QB 394 78.74 -14.46 -37.65
CA ASP QB 394 80.09 -14.74 -38.09
C ASP QB 394 80.74 -13.43 -38.49
N LEU QB 395 82.01 -13.25 -38.12
CA LEU QB 395 82.73 -12.06 -38.56
C LEU QB 395 82.83 -12.01 -40.07
N GLU QB 396 82.91 -13.18 -40.71
CA GLU QB 396 82.90 -13.30 -42.16
C GLU QB 396 81.64 -14.04 -42.59
N THR QB 397 81.11 -13.66 -43.75
CA THR QB 397 79.94 -14.33 -44.30
C THR QB 397 78.77 -14.24 -43.33
N GLY QB 398 78.25 -13.02 -43.19
CA GLY QB 398 77.39 -12.70 -42.07
C GLY QB 398 76.07 -13.44 -42.15
N ARG QB 399 76.19 -14.75 -41.93
CA ARG QB 399 75.09 -15.69 -42.02
C ARG QB 399 74.69 -16.07 -40.60
N LYS QB 400 73.55 -15.59 -40.17
CA LYS QB 400 73.09 -15.80 -38.82
C LYS QB 400 72.35 -17.12 -38.73
N ALA QB 401 72.66 -17.87 -37.67
CA ALA QB 401 71.94 -19.08 -37.36
C ALA QB 401 71.46 -19.02 -35.92
N LEU QB 402 70.44 -19.81 -35.64
CA LEU QB 402 69.78 -19.83 -34.34
C LEU QB 402 70.08 -21.17 -33.70
N LEU QB 403 70.86 -21.16 -32.63
CA LEU QB 403 71.19 -22.36 -31.90
C LEU QB 403 70.26 -22.50 -30.71
N ILE QB 404 69.85 -23.73 -30.45
CA ILE QB 404 68.87 -24.05 -29.42
C ILE QB 404 69.42 -25.19 -28.58
N GLY QB 405 69.37 -25.01 -27.27
CA GLY QB 405 69.84 -26.02 -26.33
C GLY QB 405 68.68 -26.88 -25.84
N VAL QB 406 68.93 -28.18 -25.79
CA VAL QB 406 67.97 -29.13 -25.24
C VAL QB 406 68.68 -30.00 -24.22
N THR QB 407 67.94 -30.43 -23.22
CA THR QB 407 68.46 -31.21 -22.11
C THR QB 407 67.58 -32.42 -21.93
N ILE QB 408 68.19 -33.61 -22.03
CA ILE QB 408 67.46 -34.87 -22.14
C ILE QB 408 68.01 -35.82 -21.09
N GLY QB 409 67.21 -36.82 -20.75
CA GLY QB 409 67.67 -37.95 -19.99
C GLY QB 409 67.00 -38.06 -18.63
N PRO QB 410 67.28 -39.11 -17.89
CA PRO QB 410 66.62 -39.29 -16.59
C PRO QB 410 67.12 -38.34 -15.52
N GLY QB 411 66.64 -38.56 -14.29
CA GLY QB 411 66.81 -37.65 -13.18
C GLY QB 411 68.23 -37.21 -12.85
N ASN QB 412 69.12 -38.15 -12.54
CA ASN QB 412 70.49 -37.85 -12.13
C ASN QB 412 71.49 -38.12 -13.25
N ASN QB 413 71.08 -37.90 -14.49
CA ASN QB 413 72.00 -38.01 -15.62
C ASN QB 413 71.41 -37.23 -16.78
N ARG QB 414 72.20 -36.33 -17.34
CA ARG QB 414 71.73 -35.35 -18.30
C ARG QB 414 72.54 -35.41 -19.57
N HIS QB 415 71.89 -35.03 -20.67
CA HIS QB 415 72.51 -34.94 -21.98
C HIS QB 415 72.13 -33.61 -22.59
N HIS QB 416 73.12 -32.76 -22.77
CA HIS QB 416 72.91 -31.43 -23.32
C HIS QB 416 73.31 -31.43 -24.79
N SER QB 417 72.35 -31.12 -25.65
CA SER QB 417 72.56 -31.11 -27.10
C SER QB 417 72.24 -29.73 -27.65
N ILE QB 418 72.88 -29.40 -28.77
CA ILE QB 418 72.73 -28.11 -29.42
C ILE QB 418 72.26 -28.37 -30.85
N TYR QB 419 71.02 -28.01 -31.13
CA TYR QB 419 70.51 -28.03 -32.49
C TYR QB 419 70.59 -26.63 -33.07
N SER QB 420 70.34 -26.52 -34.37
CA SER QB 420 70.44 -25.23 -35.03
C SER QB 420 69.51 -25.14 -36.22
N ILE QB 421 69.03 -23.94 -36.45
CA ILE QB 421 68.38 -23.56 -37.69
C ILE QB 421 69.32 -22.59 -38.38
N GLY QB 422 69.80 -22.98 -39.56
CA GLY QB 422 70.93 -22.33 -40.20
C GLY QB 422 70.55 -21.49 -41.39
N GLN QB 423 71.58 -21.00 -42.06
CA GLN QB 423 71.47 -20.06 -43.15
C GLN QB 423 72.40 -20.46 -44.28
N ARG QB 424 72.32 -21.72 -44.68
CA ARG QB 424 73.10 -22.26 -45.81
C ARG QB 424 74.60 -22.19 -45.54
N GLY QB 425 75.01 -23.02 -44.59
CA GLY QB 425 76.42 -23.30 -44.33
C GLY QB 425 76.88 -23.01 -42.92
N VAL QB 426 76.09 -22.28 -42.15
CA VAL QB 426 76.51 -21.89 -40.81
C VAL QB 426 76.70 -23.11 -39.93
N ASN QB 427 75.68 -23.97 -39.88
CA ASN QB 427 75.74 -25.16 -39.05
C ASN QB 427 76.84 -26.11 -39.52
N GLN QB 428 77.01 -26.21 -40.84
CA GLN QB 428 78.07 -27.04 -41.39
C GLN QB 428 79.42 -26.59 -40.88
N PHE QB 429 79.72 -25.31 -41.02
CA PHE QB 429 80.99 -24.78 -40.53
C PHE QB 429 81.11 -24.94 -39.03
N LEU QB 430 80.01 -24.76 -38.30
CA LEU QB 430 80.06 -24.85 -36.84
C LEU QB 430 80.49 -26.23 -36.40
N LYS QB 431 79.91 -27.26 -37.01
CA LYS QB 431 80.29 -28.61 -36.60
C LYS QB 431 81.64 -29.02 -37.19
N ASN QB 432 82.04 -28.43 -38.32
CA ASN QB 432 83.30 -28.77 -38.95
C ASN QB 432 84.48 -27.97 -38.44
N ILE QB 433 84.28 -27.04 -37.50
CA ILE QB 433 85.40 -26.40 -36.81
C ILE QB 433 86.40 -27.45 -36.34
N ALA QB 434 85.92 -28.37 -35.50
CA ALA QB 434 86.73 -29.41 -34.92
C ALA QB 434 85.90 -30.69 -34.89
N PRO QB 435 86.55 -31.85 -34.94
CA PRO QB 435 85.79 -33.10 -35.08
C PRO QB 435 85.22 -33.57 -33.75
N GLN QB 436 84.30 -34.51 -33.86
CA GLN QB 436 83.79 -35.19 -32.69
C GLN QB 436 84.91 -36.00 -32.04
N VAL QB 437 84.88 -36.07 -30.72
CA VAL QB 437 85.86 -36.90 -30.03
C VAL QB 437 85.50 -38.36 -30.24
N SER QB 438 86.51 -39.17 -30.50
CA SER QB 438 86.36 -40.61 -30.58
C SER QB 438 87.44 -41.22 -29.70
N MET QB 439 87.23 -42.47 -29.34
CA MET QB 439 88.20 -43.15 -28.49
C MET QB 439 89.56 -43.24 -29.17
N THR QB 440 89.58 -43.20 -30.50
CA THR QB 440 90.79 -43.29 -31.28
C THR QB 440 90.82 -42.17 -32.31
N ASP QB 441 91.87 -42.18 -33.13
CA ASP QB 441 91.97 -41.28 -34.26
C ASP QB 441 90.81 -41.52 -35.22
N SER QB 442 90.59 -40.55 -36.11
CA SER QB 442 89.53 -40.67 -37.08
C SER QB 442 89.77 -41.79 -38.09
N GLY QB 443 91.02 -42.27 -38.21
CA GLY QB 443 91.35 -43.31 -39.15
C GLY QB 443 91.63 -44.66 -38.52
N GLY QB 444 92.18 -44.66 -37.31
CA GLY QB 444 92.52 -45.90 -36.64
C GLY QB 444 93.73 -45.83 -35.74
N ARG QB 445 94.57 -44.80 -35.88
CA ARG QB 445 95.70 -44.63 -34.99
C ARG QB 445 95.23 -44.29 -33.59
N VAL QB 446 96.14 -44.33 -32.69
CA VAL QB 446 95.99 -43.79 -31.35
C VAL QB 446 96.22 -42.29 -31.41
N LYS QB 447 95.47 -41.55 -30.62
CA LYS QB 447 95.60 -40.10 -30.61
C LYS QB 447 96.64 -39.66 -29.59
N PRO QB 448 97.22 -38.47 -29.75
CA PRO QB 448 98.42 -38.14 -28.99
C PRO QB 448 98.18 -37.44 -27.67
N LEU QB 449 99.25 -37.22 -26.93
CA LEU QB 449 99.20 -36.62 -25.60
C LEU QB 449 99.03 -35.10 -25.71
N PRO QB 450 98.19 -34.49 -24.88
CA PRO QB 450 98.17 -33.01 -24.84
C PRO QB 450 99.38 -32.39 -24.16
N ILE QB 451 100.26 -33.18 -23.54
CA ILE QB 451 101.44 -32.65 -22.87
C ILE QB 451 102.62 -33.54 -23.21
N GLN QB 452 103.77 -32.91 -23.40
CA GLN QB 452 105.04 -33.61 -23.54
C GLN QB 452 105.73 -33.67 -22.18
N ASN QB 453 106.31 -34.83 -21.88
CA ASN QB 453 106.98 -35.07 -20.61
C ASN QB 453 105.99 -34.82 -19.47
N PRO QB 454 104.91 -35.59 -19.40
CA PRO QB 454 103.88 -35.34 -18.37
C PRO QB 454 104.41 -35.66 -17.00
N ALA QB 455 104.48 -34.64 -16.14
CA ALA QB 455 104.96 -34.85 -14.78
C ALA QB 455 104.02 -35.76 -14.00
N TYR QB 456 102.72 -35.69 -14.28
CA TYR QB 456 101.73 -36.53 -13.65
C TYR QB 456 100.79 -37.05 -14.72
N LEU QB 457 100.62 -38.38 -14.77
CA LEU QB 457 99.69 -38.99 -15.72
C LEU QB 457 98.30 -38.41 -15.56
N SER QB 458 97.88 -38.15 -14.32
CA SER QB 458 96.57 -37.59 -14.03
C SER QB 458 96.36 -36.21 -14.62
N ASP QB 459 97.42 -35.52 -15.06
CA ASP QB 459 97.21 -34.25 -15.74
C ASP QB 459 96.57 -34.44 -17.11
N ILE QB 460 96.58 -35.66 -17.64
CA ILE QB 460 96.02 -35.90 -18.97
C ILE QB 460 94.52 -36.12 -18.81
N THR QB 461 93.77 -35.02 -18.79
CA THR QB 461 92.34 -35.05 -18.53
C THR QB 461 91.57 -34.97 -19.84
N GLU QB 462 91.75 -36.00 -20.65
CA GLU QB 462 91.09 -36.12 -21.94
C GLU QB 462 90.56 -37.54 -22.09
N VAL QB 463 90.13 -37.94 -23.28
CA VAL QB 463 89.46 -39.21 -23.50
C VAL QB 463 90.05 -39.90 -24.72
N GLY QB 464 90.02 -41.23 -24.70
CA GLY QB 464 90.42 -42.06 -25.81
C GLY QB 464 91.74 -42.76 -25.52
N HIS QB 465 92.20 -43.49 -26.53
CA HIS QB 465 93.45 -44.21 -26.43
C HIS QB 465 94.63 -43.28 -26.62
N TYR QB 466 95.72 -43.60 -25.95
CA TYR QB 466 96.97 -42.85 -26.03
C TYR QB 466 98.11 -43.85 -25.88
N TYR QB 467 99.29 -43.43 -26.31
CA TYR QB 467 100.51 -44.20 -26.14
C TYR QB 467 101.55 -43.31 -25.49
N ILE QB 468 102.30 -43.89 -24.55
CA ILE QB 468 103.36 -43.19 -23.83
C ILE QB 468 104.66 -43.92 -24.10
N TYR QB 469 105.70 -43.17 -24.41
CA TYR QB 469 107.00 -43.74 -24.73
C TYR QB 469 107.84 -43.93 -23.45
N THR QB 470 108.94 -44.65 -23.62
CA THR QB 470 109.77 -45.02 -22.49
C THR QB 470 110.34 -43.80 -21.79
N GLN QB 471 110.74 -42.79 -22.55
CA GLN QB 471 111.38 -41.62 -21.96
C GLN QB 471 110.39 -40.86 -21.07
N ASP QB 472 109.20 -40.60 -21.59
CA ASP QB 472 108.17 -39.95 -20.78
C ASP QB 472 107.78 -40.82 -19.60
N THR QB 473 107.81 -42.14 -19.77
CA THR QB 473 107.50 -43.04 -18.66
C THR QB 473 108.52 -42.88 -17.54
N GLN QB 474 109.81 -42.89 -17.89
CA GLN QB 474 110.85 -42.69 -16.89
C GLN QB 474 110.72 -41.34 -16.21
N ASN QB 475 110.43 -40.29 -17.00
CA ASN QB 475 110.36 -38.95 -16.44
C ASN QB 475 109.11 -38.71 -15.62
N ALA QB 476 108.06 -39.52 -15.79
CA ALA QB 476 106.81 -39.28 -15.10
C ALA QB 476 106.91 -39.69 -13.64
N LEU QB 477 105.86 -39.35 -12.88
CA LEU QB 477 105.80 -39.58 -11.44
C LEU QB 477 104.68 -40.53 -11.06
N ASP QB 478 103.43 -40.21 -11.40
CA ASP QB 478 102.30 -41.05 -11.02
C ASP QB 478 102.31 -42.31 -11.86
N PHE QB 479 102.73 -43.41 -11.26
CA PHE QB 479 102.91 -44.66 -11.98
C PHE QB 479 102.91 -45.80 -10.97
N PRO QB 480 102.35 -46.97 -11.28
CA PRO QB 480 102.35 -48.05 -10.28
C PRO QB 480 103.73 -48.51 -9.89
N LEU QB 481 104.55 -48.90 -10.85
CA LEU QB 481 105.85 -49.45 -10.57
C LEU QB 481 106.85 -48.32 -10.31
N PRO QB 482 107.96 -48.62 -9.65
CA PRO QB 482 108.99 -47.60 -9.44
C PRO QB 482 109.90 -47.48 -10.67
N LYS QB 483 110.90 -46.60 -10.52
CA LYS QB 483 111.80 -46.29 -11.63
C LYS QB 483 112.61 -47.51 -12.04
N ALA QB 484 113.02 -48.33 -11.06
CA ALA QB 484 113.82 -49.50 -11.36
C ALA QB 484 113.07 -50.52 -12.19
N PHE QB 485 111.74 -50.51 -12.13
CA PHE QB 485 110.91 -51.46 -12.85
C PHE QB 485 110.41 -50.92 -14.18
N ARG QB 486 109.95 -49.68 -14.20
CA ARG QB 486 109.38 -49.11 -15.42
C ARG QB 486 110.50 -48.83 -16.41
N ASP QB 487 110.56 -49.64 -17.48
CA ASP QB 487 111.53 -49.45 -18.54
C ASP QB 487 110.89 -49.51 -19.93
N ALA QB 488 109.83 -50.31 -20.07
CA ALA QB 488 109.31 -50.67 -21.38
C ALA QB 488 108.25 -49.69 -21.83
N GLY QB 489 107.71 -49.94 -23.02
CA GLY QB 489 106.69 -49.10 -23.58
C GLY QB 489 105.31 -49.48 -23.08
N TRP QB 490 104.45 -48.48 -22.99
CA TRP QB 490 103.09 -48.67 -22.50
C TRP QB 490 102.14 -47.85 -23.35
N PHE QB 491 100.87 -48.23 -23.33
CA PHE QB 491 99.81 -47.38 -23.83
C PHE QB 491 98.71 -47.30 -22.79
N PHE QB 492 98.17 -46.10 -22.62
CA PHE QB 492 97.08 -45.85 -21.69
C PHE QB 492 95.92 -45.23 -22.43
N ASP QB 493 94.75 -45.80 -22.20
CA ASP QB 493 93.50 -45.21 -22.66
C ASP QB 493 92.75 -44.61 -21.50
N VAL QB 494 91.97 -43.58 -21.81
CA VAL QB 494 91.20 -42.85 -20.82
C VAL QB 494 89.74 -42.91 -21.24
N LEU QB 495 88.90 -43.31 -20.31
CA LEU QB 495 87.48 -43.46 -20.52
C LEU QB 495 86.73 -42.59 -19.52
N PRO QB 496 85.52 -42.16 -19.86
CA PRO QB 496 84.77 -41.30 -18.97
C PRO QB 496 84.14 -42.09 -17.83
N GLY QB 497 83.93 -41.40 -16.72
CA GLY QB 497 83.33 -42.00 -15.55
C GLY QB 497 81.97 -41.41 -15.23
N HIS QB 498 81.92 -40.55 -14.22
CA HIS QB 498 80.70 -39.88 -13.82
C HIS QB 498 80.79 -38.41 -14.23
N TYR QB 499 79.79 -37.66 -13.83
CA TYR QB 499 79.62 -36.30 -14.31
C TYR QB 499 80.35 -35.29 -13.46
N ASN QB 500 80.51 -35.54 -12.16
CA ASN QB 500 81.19 -34.58 -11.28
C ASN QB 500 82.69 -34.54 -11.49
N GLY QB 501 83.24 -35.30 -12.42
CA GLY QB 501 84.64 -35.28 -12.76
C GLY QB 501 85.33 -36.57 -12.37
N ALA QB 502 85.51 -37.46 -13.33
CA ALA QB 502 86.15 -38.73 -13.06
C ALA QB 502 86.50 -39.41 -14.37
N LEU QB 503 87.67 -40.02 -14.40
CA LEU QB 503 88.18 -40.68 -15.60
C LEU QB 503 88.86 -41.98 -15.22
N ARG QB 504 88.54 -43.05 -15.96
CA ARG QB 504 89.23 -44.32 -15.84
C ARG QB 504 90.45 -44.30 -16.74
N GLN QB 505 91.63 -44.39 -16.15
CA GLN QB 505 92.88 -44.56 -16.87
C GLN QB 505 93.25 -46.03 -16.82
N VAL QB 506 93.26 -46.68 -17.99
CA VAL QB 506 93.66 -48.07 -18.13
C VAL QB 506 94.99 -48.07 -18.86
N LEU QB 507 96.01 -48.61 -18.20
CA LEU QB 507 97.39 -48.51 -18.67
C LEU QB 507 97.96 -49.91 -18.82
N THR QB 508 98.39 -50.26 -20.03
CA THR QB 508 98.82 -51.60 -20.38
C THR QB 508 100.18 -51.55 -21.05
N ARG QB 509 101.06 -52.47 -20.63
CA ARG QB 509 102.39 -52.54 -21.20
C ARG QB 509 102.35 -53.19 -22.58
N ASN QB 510 103.35 -52.89 -23.40
CA ASN QB 510 103.51 -53.46 -24.73
C ASN QB 510 104.50 -54.61 -24.61
N SER QB 511 104.00 -55.74 -24.14
CA SER QB 511 104.83 -56.91 -23.88
C SER QB 511 104.61 -57.91 -25.01
N THR QB 512 105.43 -57.78 -26.04
CA THR QB 512 105.40 -58.73 -27.15
C THR QB 512 106.15 -60.01 -26.84
N GLY QB 513 106.97 -60.03 -25.79
CA GLY QB 513 107.68 -61.22 -25.39
C GLY QB 513 107.72 -61.36 -23.87
N ARG QB 514 106.77 -60.74 -23.20
CA ARG QB 514 106.66 -60.81 -21.74
C ARG QB 514 105.18 -60.79 -21.40
N ASN QB 515 104.89 -60.85 -20.11
CA ASN QB 515 103.51 -60.86 -19.65
C ASN QB 515 103.01 -59.43 -19.60
N MET QB 516 101.86 -59.20 -20.21
CA MET QB 516 101.32 -57.86 -20.37
C MET QB 516 100.72 -57.37 -19.06
N LEU QB 517 101.38 -56.39 -18.47
CA LEU QB 517 100.93 -55.81 -17.22
C LEU QB 517 99.85 -54.79 -17.49
N LYS QB 518 98.69 -54.99 -16.85
CA LYS QB 518 97.58 -54.06 -16.91
C LYS QB 518 97.41 -53.39 -15.57
N PHE QB 519 96.96 -52.13 -15.61
CA PHE QB 519 96.60 -51.40 -14.41
C PHE QB 519 95.41 -50.51 -14.73
N GLU QB 520 94.67 -50.15 -13.69
CA GLU QB 520 93.50 -49.29 -13.81
C GLU QB 520 93.46 -48.32 -12.65
N ARG QB 521 93.00 -47.10 -12.94
CA ARG QB 521 92.95 -46.04 -11.95
C ARG QB 521 91.74 -45.16 -12.23
N VAL QB 522 91.23 -44.54 -11.19
CA VAL QB 522 90.16 -43.55 -11.28
C VAL QB 522 90.72 -42.22 -10.80
N ILE QB 523 90.81 -41.26 -11.70
CA ILE QB 523 91.36 -39.95 -11.41
C ILE QB 523 90.23 -38.94 -11.39
N ASP QB 524 90.40 -37.91 -10.55
CA ASP QB 524 89.50 -36.77 -10.50
C ASP QB 524 90.22 -35.58 -11.09
N ILE QB 525 89.68 -35.04 -12.19
CA ILE QB 525 90.34 -33.97 -12.92
C ILE QB 525 90.58 -32.75 -12.04
N PHE QB 526 89.68 -32.50 -11.09
CA PHE QB 526 89.76 -31.32 -10.25
C PHE QB 526 90.58 -31.52 -8.98
N ASN QB 527 91.09 -32.73 -8.74
CA ASN QB 527 91.87 -33.00 -7.53
C ASN QB 527 92.94 -34.02 -7.90
N LYS QB 528 94.13 -33.52 -8.22
CA LYS QB 528 95.26 -34.39 -8.55
C LYS QB 528 95.66 -35.28 -7.38
N LYS QB 529 95.26 -34.96 -6.15
CA LYS QB 529 95.59 -35.74 -4.97
C LYS QB 529 94.47 -36.70 -4.56
N ASN QB 530 93.26 -36.51 -5.08
CA ASN QB 530 92.15 -37.42 -4.80
C ASN QB 530 92.17 -38.67 -5.68
N ASN QB 531 93.14 -38.78 -6.59
CA ASN QB 531 93.15 -39.86 -7.55
C ASN QB 531 93.42 -41.20 -6.86
N GLY QB 532 92.59 -42.19 -7.15
CA GLY QB 532 92.77 -43.52 -6.60
C GLY QB 532 94.05 -44.17 -7.04
N ALA QB 533 94.23 -45.39 -6.55
CA ALA QB 533 95.46 -46.15 -6.76
C ALA QB 533 95.29 -47.11 -7.92
N TRP QB 534 96.42 -47.63 -8.39
CA TRP QB 534 96.45 -48.42 -9.61
C TRP QB 534 96.10 -49.86 -9.32
N ASN QB 535 94.85 -50.23 -9.57
CA ASN QB 535 94.44 -51.63 -9.46
C ASN QB 535 95.08 -52.43 -10.57
N PHE QB 536 96.01 -53.32 -10.21
CA PHE QB 536 96.60 -54.22 -11.17
C PHE QB 536 95.63 -55.35 -11.52
N CYS QB 537 95.66 -55.75 -12.78
CA CYS QB 537 94.98 -56.93 -13.27
C CYS QB 537 96.02 -57.87 -13.89
N PRO QB 538 95.90 -59.19 -13.67
CA PRO QB 538 96.91 -60.09 -14.23
C PRO QB 538 96.57 -60.56 -15.63
N GLN QB 539 97.55 -60.55 -16.51
CA GLN QB 539 97.42 -61.08 -17.86
C GLN QB 539 98.71 -61.82 -18.15
N ASN QB 540 98.70 -63.13 -17.90
CA ASN QB 540 99.87 -63.97 -18.04
C ASN QB 540 99.75 -64.84 -19.28
N ALA QB 541 100.91 -65.20 -19.82
CA ALA QB 541 101.02 -66.07 -20.97
C ALA QB 541 102.08 -67.15 -20.83
N GLY QB 542 102.94 -67.06 -19.81
CA GLY QB 542 103.99 -68.05 -19.59
C GLY QB 542 105.38 -67.46 -19.57
N TYR QB 543 105.50 -66.19 -19.18
CA TYR QB 543 106.77 -65.49 -19.09
C TYR QB 543 107.09 -65.19 -17.64
N TRP QB 544 108.29 -64.66 -17.43
CA TRP QB 544 108.81 -64.35 -16.10
C TRP QB 544 109.35 -62.94 -16.09
N GLU QB 545 108.77 -62.09 -15.25
CA GLU QB 545 109.28 -60.74 -15.08
C GLU QB 545 110.51 -60.79 -14.18
N HIS QB 546 111.61 -60.28 -14.70
CA HIS QB 546 112.86 -60.26 -13.93
C HIS QB 546 112.78 -59.19 -12.85
N ILE QB 547 113.47 -59.42 -11.75
CA ILE QB 547 113.60 -58.41 -10.71
C ILE QB 547 114.78 -57.52 -11.11
N PRO QB 548 114.72 -56.20 -10.91
CA PRO QB 548 115.89 -55.39 -11.23
C PRO QB 548 117.06 -55.71 -10.32
N LYS QB 549 118.22 -55.18 -10.70
CA LYS QB 549 119.43 -55.28 -9.91
C LYS QB 549 119.59 -54.11 -8.94
N SER QB 550 118.69 -53.13 -8.96
CA SER QB 550 118.72 -51.99 -8.07
C SER QB 550 117.81 -52.18 -6.86
N ILE QB 551 117.45 -53.42 -6.56
CA ILE QB 551 116.57 -53.74 -5.43
C ILE QB 551 117.19 -54.92 -4.68
N THR QB 552 117.42 -54.74 -3.40
CA THR QB 552 118.02 -55.76 -2.54
C THR QB 552 117.12 -56.04 -1.36
N LYS QB 553 115.83 -56.19 -1.63
CA LYS QB 553 114.86 -56.45 -0.59
C LYS QB 553 113.57 -56.96 -1.24
N LEU QB 554 112.89 -57.86 -0.55
CA LEU QB 554 111.62 -58.39 -1.00
C LEU QB 554 110.43 -57.56 -0.51
N SER QB 555 110.67 -56.51 0.27
CA SER QB 555 109.55 -55.76 0.85
C SER QB 555 108.96 -54.78 -0.13
N ASP QB 556 109.74 -54.29 -1.08
CA ASP QB 556 109.24 -53.29 -2.02
C ASP QB 556 108.32 -53.89 -3.08
N LEU QB 557 108.36 -55.22 -3.26
CA LEU QB 557 107.49 -55.88 -4.24
C LEU QB 557 106.09 -56.01 -3.66
N LYS QB 558 105.40 -54.87 -3.58
CA LYS QB 558 104.07 -54.79 -3.00
C LYS QB 558 102.98 -54.83 -4.07
N ILE QB 559 103.30 -55.17 -5.31
CA ILE QB 559 102.34 -55.10 -6.41
C ILE QB 559 101.47 -56.34 -6.34
N VAL QB 560 100.21 -56.16 -5.95
CA VAL QB 560 99.32 -57.28 -5.69
C VAL QB 560 99.06 -58.07 -6.96
N GLY QB 561 98.80 -59.37 -6.78
CA GLY QB 561 98.48 -60.26 -7.87
C GLY QB 561 99.61 -60.55 -8.83
N LEU QB 562 100.80 -59.99 -8.60
CA LEU QB 562 101.91 -60.07 -9.54
C LEU QB 562 102.89 -61.15 -9.11
N ASP QB 563 103.52 -61.75 -10.12
CA ASP QB 563 104.46 -62.84 -9.95
C ASP QB 563 105.82 -62.44 -10.48
N PHE QB 564 106.86 -62.89 -9.80
CA PHE QB 564 108.23 -62.79 -10.26
C PHE QB 564 108.94 -64.11 -10.04
N TYR QB 565 110.08 -64.25 -10.71
CA TYR QB 565 110.89 -65.45 -10.65
C TYR QB 565 112.30 -65.06 -10.23
N ILE QB 566 112.92 -65.92 -9.42
CA ILE QB 566 114.29 -65.73 -8.96
C ILE QB 566 115.06 -66.99 -9.31
N THR QB 567 116.22 -66.82 -9.93
CA THR QB 567 117.11 -67.94 -10.20
C THR QB 567 118.04 -68.18 -9.02
N THR QB 568 118.79 -69.28 -9.10
CA THR QB 568 119.69 -69.66 -8.03
C THR QB 568 120.76 -68.60 -7.82
N GLU QB 569 121.28 -68.04 -8.92
CA GLU QB 569 122.41 -67.13 -8.83
C GLU QB 569 122.01 -65.77 -8.30
N GLU QB 570 120.77 -65.34 -8.55
CA GLU QB 570 120.28 -64.05 -8.09
C GLU QB 570 119.42 -64.17 -6.84
N SER QB 571 119.21 -65.38 -6.33
CA SER QB 571 118.50 -65.57 -5.08
C SER QB 571 119.37 -65.39 -3.84
N ASN QB 572 120.56 -64.79 -3.99
CA ASN QB 572 121.48 -64.57 -2.90
C ASN QB 572 121.74 -63.11 -2.62
N ARG QB 573 121.37 -62.21 -3.53
CA ARG QB 573 121.60 -60.78 -3.33
C ARG QB 573 120.56 -60.12 -2.43
N PHE QB 574 119.52 -60.86 -2.02
CA PHE QB 574 118.48 -60.31 -1.17
C PHE QB 574 118.85 -60.46 0.30
N THR QB 575 118.02 -59.86 1.15
CA THR QB 575 118.19 -59.89 2.60
C THR QB 575 117.09 -60.66 3.30
N ASP QB 576 115.84 -60.31 3.04
CA ASP QB 576 114.70 -60.98 3.66
C ASP QB 576 114.45 -62.36 3.07
N PHE QB 577 115.22 -62.78 2.07
CA PHE QB 577 115.11 -64.13 1.57
C PHE QB 577 115.46 -65.12 2.69
N PRO QB 578 114.85 -66.30 2.73
CA PRO QB 578 115.24 -67.29 3.74
C PRO QB 578 116.70 -67.70 3.57
N LYS QB 579 117.46 -67.58 4.66
CA LYS QB 579 118.89 -67.83 4.60
C LYS QB 579 119.18 -69.30 4.32
N ASP QB 580 118.41 -70.21 4.90
CA ASP QB 580 118.63 -71.63 4.68
C ASP QB 580 118.36 -72.02 3.23
N PHE QB 581 117.32 -71.46 2.64
CA PHE QB 581 116.95 -71.72 1.25
C PHE QB 581 117.56 -70.71 0.29
N LYS QB 582 118.62 -70.01 0.70
CA LYS QB 582 119.21 -68.96 -0.12
C LYS QB 582 120.11 -69.59 -1.17
N GLY QB 583 119.67 -69.59 -2.42
CA GLY QB 583 120.47 -70.08 -3.52
C GLY QB 583 120.53 -71.57 -3.62
N ILE QB 584 119.38 -72.22 -3.76
CA ILE QB 584 119.31 -73.68 -3.87
C ILE QB 584 118.48 -74.10 -5.08
N ALA QB 585 117.57 -73.26 -5.54
CA ALA QB 585 116.72 -73.58 -6.68
C ALA QB 585 116.00 -72.32 -7.12
N GLY QB 586 115.12 -72.46 -8.11
CA GLY QB 586 114.35 -71.33 -8.59
C GLY QB 586 113.12 -71.11 -7.74
N TRP QB 587 112.80 -69.84 -7.53
CA TRP QB 587 111.77 -69.44 -6.58
C TRP QB 587 110.80 -68.46 -7.23
N ILE QB 588 109.54 -68.84 -7.32
CA ILE QB 588 108.48 -67.99 -7.81
C ILE QB 588 107.85 -67.28 -6.63
N LEU QB 589 107.98 -65.95 -6.59
CA LEU QB 589 107.27 -65.15 -5.60
C LEU QB 589 105.99 -64.64 -6.24
N GLU QB 590 104.91 -64.69 -5.48
CA GLU QB 590 103.66 -64.08 -5.88
C GLU QB 590 103.12 -63.26 -4.71
N VAL QB 591 102.55 -62.10 -5.04
CA VAL QB 591 102.08 -61.15 -4.05
C VAL QB 591 100.57 -61.20 -3.97
N LYS QB 592 100.04 -60.96 -2.78
CA LYS QB 592 98.61 -60.92 -2.52
C LYS QB 592 98.33 -59.87 -1.46
N SER QB 593 97.04 -59.55 -1.31
CA SER QB 593 96.64 -58.38 -0.53
C SER QB 593 96.43 -58.73 0.94
N ASN QB 594 96.31 -57.68 1.74
CA ASN QB 594 96.15 -57.80 3.18
C ASN QB 594 95.55 -56.48 3.69
N THR QB 595 95.63 -56.25 5.00
CA THR QB 595 95.27 -54.99 5.65
C THR QB 595 95.90 -53.81 4.92
N PRO QB 596 95.34 -52.60 5.03
CA PRO QB 596 95.89 -51.50 4.22
C PRO QB 596 97.30 -51.15 4.64
N GLY QB 597 98.25 -51.41 3.75
CA GLY QB 597 99.66 -51.27 4.05
C GLY QB 597 100.38 -52.57 4.35
N ASN QB 598 99.74 -53.72 4.12
CA ASN QB 598 100.35 -55.02 4.34
C ASN QB 598 100.16 -55.89 3.11
N THR QB 599 101.15 -56.72 2.83
CA THR QB 599 101.12 -57.60 1.67
C THR QB 599 101.63 -58.98 2.07
N THR QB 600 101.16 -59.98 1.34
CA THR QB 600 101.49 -61.37 1.58
C THR QB 600 102.31 -61.88 0.40
N GLN QB 601 103.52 -62.34 0.68
CA GLN QB 601 104.42 -62.88 -0.33
C GLN QB 601 104.49 -64.38 -0.16
N VAL QB 602 104.50 -65.09 -1.29
CA VAL QB 602 104.48 -66.54 -1.31
C VAL QB 602 105.59 -67.00 -2.26
N LEU QB 603 106.62 -67.63 -1.70
CA LEU QB 603 107.81 -68.08 -2.42
C LEU QB 603 107.72 -69.58 -2.60
N ARG QB 604 107.37 -70.02 -3.80
CA ARG QB 604 107.26 -71.43 -4.12
C ARG QB 604 108.48 -71.89 -4.91
N ARG QB 605 109.06 -73.02 -4.51
CA ARG QB 605 110.20 -73.57 -5.23
C ARG QB 605 109.71 -74.28 -6.48
N ASN QB 606 110.48 -74.17 -7.56
CA ASN QB 606 110.19 -74.84 -8.82
C ASN QB 606 110.96 -76.13 -8.99
N ASN QB 607 111.38 -76.75 -7.89
CA ASN QB 607 112.23 -77.93 -7.99
C ASN QB 607 111.43 -79.09 -8.55
N PHE QB 608 111.91 -79.66 -9.64
CA PHE QB 608 111.21 -80.70 -10.36
C PHE QB 608 111.35 -82.06 -9.67
N PRO QB 609 112.57 -82.60 -9.47
CA PRO QB 609 112.67 -83.99 -9.02
C PRO QB 609 112.24 -84.19 -7.58
N SER QB 610 112.68 -83.30 -6.68
CA SER QB 610 112.42 -83.47 -5.26
C SER QB 610 111.02 -82.98 -4.92
N ALA QB 611 110.73 -82.87 -3.63
CA ALA QB 611 109.42 -82.43 -3.20
C ALA QB 611 109.26 -80.94 -3.47
N HIS QB 612 108.04 -80.46 -3.24
CA HIS QB 612 107.71 -79.06 -3.45
C HIS QB 612 107.59 -78.35 -2.11
N GLN QB 613 108.27 -77.20 -2.01
CA GLN QB 613 108.21 -76.34 -0.87
C GLN QB 613 107.60 -75.00 -1.25
N PHE QB 614 106.91 -74.38 -0.30
CA PHE QB 614 106.58 -72.99 -0.46
C PHE QB 614 106.54 -72.30 0.89
N LEU QB 615 107.13 -71.12 0.93
CA LEU QB 615 107.19 -70.29 2.11
C LEU QB 615 106.21 -69.12 1.96
N VAL QB 616 105.80 -68.60 3.10
CA VAL QB 616 104.77 -67.56 3.16
C VAL QB 616 105.19 -66.52 4.19
N ARG QB 617 104.85 -65.27 3.93
CA ARG QB 617 105.00 -64.24 4.93
C ARG QB 617 104.11 -63.06 4.62
N ASN QB 618 103.49 -62.51 5.65
CA ASN QB 618 102.68 -61.32 5.55
C ASN QB 618 103.38 -60.20 6.32
N PHE QB 619 103.74 -59.13 5.62
CA PHE QB 619 104.52 -58.05 6.19
C PHE QB 619 103.87 -56.71 5.89
N GLY QB 620 104.33 -55.69 6.62
CA GLY QB 620 103.81 -54.34 6.49
C GLY QB 620 103.63 -53.68 7.83
N THR QB 621 102.42 -53.17 8.08
CA THR QB 621 102.11 -52.55 9.35
C THR QB 621 102.31 -53.54 10.50
N GLY QB 622 102.73 -53.01 11.63
CA GLY QB 622 102.96 -53.85 12.82
C GLY QB 622 104.35 -54.48 12.78
N GLY QB 623 104.38 -55.80 12.87
CA GLY QB 623 105.61 -56.54 12.84
C GLY QB 623 106.05 -56.86 11.43
N VAL QB 624 106.93 -57.85 11.32
CA VAL QB 624 107.47 -58.33 10.05
C VAL QB 624 107.14 -59.81 9.94
N GLY QB 625 106.58 -60.21 8.80
CA GLY QB 625 106.17 -61.58 8.61
C GLY QB 625 107.32 -62.56 8.69
N LYS QB 626 107.08 -63.66 9.38
CA LYS QB 626 108.08 -64.71 9.53
C LYS QB 626 107.83 -65.79 8.49
N TRP QB 627 108.92 -66.27 7.90
CA TRP QB 627 108.84 -67.21 6.79
C TRP QB 627 108.30 -68.53 7.29
N SER QB 628 107.01 -68.76 7.06
CA SER QB 628 106.35 -70.01 7.38
C SER QB 628 106.52 -70.96 6.20
N LEU QB 629 107.05 -72.15 6.43
CA LEU QB 629 107.31 -73.10 5.36
C LEU QB 629 106.22 -74.17 5.32
N PHE QB 630 105.94 -74.65 4.11
CA PHE QB 630 105.03 -75.76 3.89
C PHE QB 630 105.69 -76.69 2.89
N GLU QB 631 105.86 -77.95 3.28
CA GLU QB 631 106.52 -78.97 2.49
C GLU QB 631 105.46 -79.96 2.00
N GLY QB 632 105.72 -80.56 0.83
CA GLY QB 632 104.86 -81.59 0.30
C GLY QB 632 105.48 -82.96 0.32
N LYS QB 633 104.65 -83.98 0.19
CA LYS QB 633 105.10 -85.37 0.16
C LYS QB 633 105.20 -85.82 -1.28
N VAL QB 634 106.36 -86.35 -1.65
CA VAL QB 634 106.53 -86.86 -3.00
C VAL QB 634 105.66 -88.10 -3.16
N VAL QB 635 104.86 -88.12 -4.21
CA VAL QB 635 103.92 -89.21 -4.46
C VAL QB 635 103.92 -89.50 -5.96
N GLU QB 636 103.73 -90.77 -6.29
CA GLU QB 636 103.70 -91.21 -7.67
C GLU QB 636 102.30 -91.03 -8.26
N ASN RB 3 43.43 22.53 10.50
CA ASN RB 3 43.64 23.62 9.55
C ASN RB 3 45.08 23.65 9.04
N LYS RB 4 46.01 23.18 9.87
CA LYS RB 4 47.42 23.10 9.51
C LYS RB 4 47.93 21.69 9.79
N LEU RB 5 49.14 21.42 9.30
CA LEU RB 5 49.69 20.09 9.37
C LEU RB 5 50.06 19.71 10.80
N ILE RB 6 50.34 18.42 10.96
CA ILE RB 6 50.79 17.86 12.22
C ILE RB 6 52.16 17.25 11.96
N THR RB 7 53.21 18.04 12.18
CA THR RB 7 54.58 17.59 12.09
C THR RB 7 55.09 17.00 13.40
N ASP RB 8 54.21 16.70 14.34
CA ASP RB 8 54.54 16.04 15.61
C ASP RB 8 53.81 14.71 15.59
N LEU RB 9 54.45 13.70 15.01
CA LEU RB 9 53.79 12.43 14.79
C LEU RB 9 53.90 11.54 16.03
N SER RB 10 52.88 10.72 16.22
CA SER RB 10 52.83 9.83 17.37
C SER RB 10 53.91 8.77 17.26
N ARG RB 11 54.50 8.44 18.40
CA ARG RB 11 55.64 7.55 18.49
C ARG RB 11 55.26 6.17 19.02
N VAL RB 12 54.05 5.72 18.71
CA VAL RB 12 53.55 4.43 19.17
C VAL RB 12 52.88 3.63 18.05
N PHE RB 13 52.74 4.22 16.87
CA PHE RB 13 52.19 3.55 15.70
C PHE RB 13 50.81 2.97 15.98
N ASP RB 14 49.84 3.88 16.12
CA ASP RB 14 48.46 3.46 16.28
C ASP RB 14 47.53 4.22 15.36
N TYR RB 15 46.24 4.06 15.59
CA TYR RB 15 45.22 4.71 14.78
C TYR RB 15 45.42 6.22 14.76
N ARG RB 16 45.89 6.78 15.87
CA ARG RB 16 46.19 8.21 15.89
C ARG RB 16 47.25 8.55 14.86
N TYR RB 17 48.33 7.76 14.80
CA TYR RB 17 49.38 8.03 13.85
C TYR RB 17 48.88 7.92 12.42
N VAL RB 18 48.13 6.85 12.14
CA VAL RB 18 47.65 6.63 10.78
C VAL RB 18 46.70 7.74 10.37
N ASP RB 19 45.83 8.17 11.29
CA ASP RB 19 44.90 9.25 10.99
C ASP RB 19 45.64 10.56 10.78
N GLU RB 20 46.69 10.80 11.55
CA GLU RB 20 47.48 12.00 11.36
C GLU RB 20 48.09 12.01 9.96
N ASN RB 21 48.70 10.89 9.56
CA ASN RB 21 49.30 10.82 8.23
C ASN RB 21 48.26 10.99 7.13
N GLU RB 22 47.10 10.37 7.29
CA GLU RB 22 46.07 10.45 6.27
C GLU RB 22 45.53 11.87 6.17
N TYR RB 23 45.19 12.48 7.30
CA TYR RB 23 44.75 13.87 7.33
C TYR RB 23 45.83 14.79 6.78
N ASN RB 24 47.09 14.46 7.01
CA ASN RB 24 48.19 15.27 6.53
C ASN RB 24 48.22 15.28 5.01
N PHE RB 25 48.10 14.12 4.39
CA PHE RB 25 48.11 14.08 2.93
C PHE RB 25 46.85 14.72 2.36
N LYS RB 26 45.70 14.49 3.00
CA LYS RB 26 44.48 15.12 2.55
C LYS RB 26 44.60 16.64 2.60
N LEU RB 27 45.18 17.15 3.68
CA LEU RB 27 45.37 18.58 3.83
C LEU RB 27 46.34 19.11 2.81
N ILE RB 28 47.41 18.37 2.52
CA ILE RB 28 48.38 18.84 1.53
C ILE RB 28 47.70 18.98 0.17
N SER RB 29 46.92 17.97 -0.21
CA SER RB 29 46.21 18.04 -1.49
C SER RB 29 45.25 19.21 -1.51
N ASP RB 30 44.49 19.38 -0.43
CA ASP RB 30 43.51 20.46 -0.36
C ASP RB 30 44.19 21.82 -0.44
N MET RB 31 45.25 22.01 0.35
CA MET RB 31 45.94 23.29 0.39
C MET RB 31 46.58 23.60 -0.95
N LEU RB 32 47.12 22.58 -1.62
CA LEU RB 32 47.77 22.82 -2.90
C LEU RB 32 46.75 23.19 -3.96
N THR RB 33 45.64 22.46 -4.04
CA THR RB 33 44.65 22.82 -5.05
C THR RB 33 44.03 24.17 -4.74
N ASP RB 34 43.92 24.52 -3.45
CA ASP RB 34 43.45 25.85 -3.10
C ASP RB 34 44.43 26.92 -3.58
N PHE RB 35 45.73 26.69 -3.40
CA PHE RB 35 46.72 27.66 -3.85
C PHE RB 35 46.68 27.79 -5.37
N ASN RB 36 46.51 26.67 -6.08
CA ASN RB 36 46.44 26.73 -7.53
C ASN RB 36 45.23 27.53 -7.99
N PHE RB 37 44.07 27.24 -7.40
CA PHE RB 37 42.87 27.99 -7.74
C PHE RB 37 43.02 29.46 -7.38
N SER RB 38 43.71 29.75 -6.29
CA SER RB 38 43.89 31.14 -5.87
C SER RB 38 44.75 31.89 -6.86
N LEU RB 39 45.84 31.27 -7.30
CA LEU RB 39 46.68 31.90 -8.30
C LEU RB 39 45.92 32.10 -9.61
N GLU RB 40 45.10 31.12 -9.98
CA GLU RB 40 44.37 31.27 -11.22
C GLU RB 40 43.35 32.40 -11.13
N TYR RB 41 42.67 32.51 -9.99
CA TYR RB 41 41.78 33.63 -9.76
C TYR RB 41 42.53 34.95 -9.82
N HIS RB 42 43.70 35.00 -9.20
CA HIS RB 42 44.56 36.18 -9.25
C HIS RB 42 44.88 36.55 -10.69
N ARG RB 43 45.24 35.56 -11.49
CA ARG RB 43 45.75 35.83 -12.82
C ARG RB 43 44.64 36.16 -13.81
N ASN RB 44 43.41 35.70 -13.55
CA ASN RB 44 42.33 35.88 -14.51
C ASN RB 44 41.31 36.92 -14.09
N LYS RB 45 40.75 36.81 -12.87
CA LYS RB 45 39.55 37.53 -12.50
C LYS RB 45 39.68 38.44 -11.29
N GLU RB 46 40.79 38.40 -10.56
CA GLU RB 46 40.88 39.19 -9.33
C GLU RB 46 41.03 40.66 -9.69
N VAL RB 47 40.01 41.44 -9.39
CA VAL RB 47 40.08 42.88 -9.61
C VAL RB 47 41.03 43.51 -8.61
N PHE RB 48 41.86 44.42 -9.11
CA PHE RB 48 42.86 45.10 -8.31
C PHE RB 48 43.80 44.08 -7.65
N ALA RB 49 44.25 43.13 -8.47
CA ALA RB 49 45.20 42.13 -8.00
C ALA RB 49 46.49 42.77 -7.55
N HIS RB 50 46.97 43.76 -8.30
CA HIS RB 50 48.22 44.45 -8.01
C HIS RB 50 47.96 45.93 -7.81
N ASN RB 51 48.79 46.54 -6.98
CA ASN RB 51 48.83 47.97 -6.84
C ASN RB 51 49.63 48.56 -7.99
N GLY RB 52 49.27 49.77 -8.39
CA GLY RB 52 49.89 50.35 -9.56
C GLY RB 52 51.33 50.75 -9.35
N GLU RB 53 51.73 51.00 -8.10
CA GLU RB 53 53.13 51.30 -7.82
C GLU RB 53 54.04 50.12 -8.16
N GLN RB 54 53.50 48.91 -8.20
CA GLN RB 54 54.34 47.72 -8.36
C GLN RB 54 54.90 47.64 -9.77
N ILE RB 55 54.00 47.59 -10.76
CA ILE RB 55 54.37 47.14 -12.10
C ILE RB 55 55.38 48.09 -12.71
N LYS RB 56 56.38 47.52 -13.38
CA LYS RB 56 57.49 48.27 -13.91
C LYS RB 56 57.27 48.60 -15.37
N TYR RB 57 57.60 49.85 -15.73
CA TYR RB 57 57.58 50.32 -17.12
C TYR RB 57 59.01 50.66 -17.50
N GLU RB 58 59.61 49.82 -18.34
CA GLU RB 58 61.00 49.95 -18.74
C GLU RB 58 61.07 50.54 -20.13
N HIS RB 59 61.49 51.78 -20.21
CA HIS RB 59 61.87 52.42 -21.46
C HIS RB 59 63.33 52.10 -21.72
N LEU RB 60 63.95 52.80 -22.66
CA LEU RB 60 65.40 52.69 -22.80
C LEU RB 60 66.09 53.12 -21.52
N ASN RB 61 66.92 52.23 -20.98
CA ASN RB 61 67.86 52.53 -19.88
C ASN RB 61 67.19 53.24 -18.70
N VAL RB 62 65.89 53.05 -18.54
CA VAL RB 62 65.08 53.80 -17.60
C VAL RB 62 64.11 52.84 -16.95
N THR RB 63 63.93 52.99 -15.65
CA THR RB 63 63.06 52.14 -14.87
C THR RB 63 62.13 53.01 -14.05
N SER RB 64 60.86 52.64 -14.02
CA SER RB 64 59.87 53.38 -13.27
C SER RB 64 58.61 52.55 -13.20
N SER RB 65 57.72 52.91 -12.28
CA SER RB 65 56.47 52.22 -12.10
C SER RB 65 55.52 52.63 -13.21
N VAL RB 66 54.25 52.26 -13.08
CA VAL RB 66 53.20 52.76 -13.96
C VAL RB 66 52.41 53.87 -13.30
N SER RB 67 52.18 53.78 -11.99
CA SER RB 67 51.45 54.84 -11.31
C SER RB 67 52.20 56.16 -11.37
N ASP RB 68 53.51 56.10 -11.13
CA ASP RB 68 54.32 57.31 -11.21
C ASP RB 68 54.31 57.86 -12.62
N PHE RB 69 54.45 56.99 -13.61
CA PHE RB 69 54.49 57.42 -15.00
C PHE RB 69 53.17 58.04 -15.42
N LEU RB 70 52.06 57.44 -15.00
CA LEU RB 70 50.75 57.96 -15.36
C LEU RB 70 50.49 59.30 -14.69
N THR RB 71 50.89 59.44 -13.43
CA THR RB 71 50.77 60.72 -12.76
C THR RB 71 51.60 61.77 -13.47
N TYR RB 72 52.75 61.37 -14.01
CA TYR RB 72 53.62 62.30 -14.72
C TYR RB 72 53.00 62.72 -16.05
N LEU RB 73 52.39 61.77 -16.75
CA LEU RB 73 51.66 62.10 -17.98
C LEU RB 73 50.52 63.07 -17.68
N ASN RB 74 49.77 62.81 -16.62
CA ASN RB 74 48.66 63.68 -16.27
C ASN RB 74 49.15 65.06 -15.87
N GLY RB 75 50.26 65.13 -15.15
CA GLY RB 75 50.83 66.41 -14.80
C GLY RB 75 51.31 67.18 -16.02
N ARG RB 76 51.89 66.48 -16.99
CA ARG RB 76 52.27 67.11 -18.25
C ARG RB 76 51.08 67.73 -18.93
N PHE RB 77 50.01 66.94 -19.06
CA PHE RB 77 48.80 67.44 -19.70
C PHE RB 77 48.29 68.67 -18.96
N SER RB 78 48.19 68.59 -17.64
CA SER RB 78 47.66 69.68 -16.85
C SER RB 78 48.51 70.93 -17.01
N ASN RB 79 49.84 70.78 -17.02
CA ASN RB 79 50.70 71.94 -17.16
C ASN RB 79 50.58 72.55 -18.54
N MET RB 80 50.59 71.71 -19.58
CA MET RB 80 50.50 72.24 -20.94
C MET RB 80 49.17 72.94 -21.16
N VAL RB 81 48.12 72.51 -20.48
CA VAL RB 81 46.82 73.13 -20.68
C VAL RB 81 46.67 74.39 -19.83
N LEU RB 82 46.66 74.24 -18.51
CA LEU RB 82 46.35 75.34 -17.62
C LEU RB 82 47.58 75.99 -17.01
N GLY RB 83 48.77 75.68 -17.52
CA GLY RB 83 49.97 76.33 -17.05
C GLY RB 83 50.26 77.61 -17.82
N HIS RB 84 50.39 78.71 -17.09
CA HIS RB 84 50.73 79.98 -17.74
C HIS RB 84 52.08 79.87 -18.43
N ASN RB 85 52.26 80.70 -19.46
CA ASN RB 85 53.46 80.64 -20.28
C ASN RB 85 53.82 82.04 -20.73
N GLY RB 86 54.90 82.12 -21.50
CA GLY RB 86 55.44 83.37 -22.01
C GLY RB 86 56.91 83.50 -21.72
N ASP RB 87 57.49 84.53 -22.35
CA ASP RB 87 58.92 84.90 -22.28
C ASP RB 87 59.84 83.69 -22.16
N GLY RB 88 59.67 82.75 -23.10
CA GLY RB 88 60.42 81.52 -23.05
C GLY RB 88 61.91 81.72 -23.26
N ILE RB 89 62.27 82.67 -24.10
CA ILE RB 89 63.69 82.92 -24.36
C ILE RB 89 64.36 83.44 -23.09
N ASN RB 90 63.69 84.37 -22.41
CA ASN RB 90 64.21 84.89 -21.15
C ASN RB 90 64.26 83.79 -20.10
N GLU RB 91 63.25 82.91 -20.11
CA GLU RB 91 63.23 81.80 -19.17
C GLU RB 91 64.45 80.91 -19.36
N VAL RB 92 64.78 80.60 -20.61
CA VAL RB 92 65.93 79.75 -20.91
C VAL RB 92 67.23 80.45 -20.53
N LYS RB 93 67.36 81.73 -20.90
CA LYS RB 93 68.60 82.45 -20.62
C LYS RB 93 68.79 82.65 -19.12
N ASP RB 94 67.71 82.62 -18.34
CA ASP RB 94 67.84 82.67 -16.90
C ASP RB 94 68.11 81.30 -16.30
N ALA RB 95 67.51 80.25 -16.87
CA ALA RB 95 67.80 78.89 -16.46
C ALA RB 95 69.24 78.50 -16.68
N ARG RB 96 69.92 79.18 -17.61
CA ARG RB 96 71.35 78.94 -17.83
C ARG RB 96 72.19 79.01 -16.55
N VAL RB 97 71.74 79.73 -15.52
CA VAL RB 97 72.51 79.88 -14.29
C VAL RB 97 72.36 78.63 -13.43
N ASP RB 98 73.38 78.31 -12.65
CA ASP RB 98 73.34 77.15 -11.77
C ASP RB 98 72.89 77.54 -10.37
N ASN RB 99 72.72 76.53 -9.53
CA ASN RB 99 72.14 76.69 -8.21
C ASN RB 99 73.17 77.06 -7.16
N THR RB 100 74.25 77.74 -7.56
CA THR RB 100 75.25 78.24 -6.65
C THR RB 100 75.61 79.70 -6.90
N GLY RB 101 75.31 80.25 -8.07
CA GLY RB 101 75.58 81.64 -8.38
C GLY RB 101 76.59 81.81 -9.49
N TYR RB 102 76.58 80.90 -10.46
CA TYR RB 102 77.48 80.94 -11.60
C TYR RB 102 76.66 80.81 -12.87
N ASP RB 103 76.77 81.80 -13.75
CA ASP RB 103 75.99 81.83 -14.98
C ASP RB 103 76.77 81.10 -16.06
N HIS RB 104 76.29 79.92 -16.44
CA HIS RB 104 76.93 79.15 -17.50
C HIS RB 104 76.73 79.86 -18.83
N LYS RB 105 77.32 79.29 -19.88
CA LYS RB 105 77.21 79.83 -21.22
C LYS RB 105 75.98 79.34 -21.95
N THR RB 106 75.56 78.11 -21.69
CA THR RB 106 74.43 77.52 -22.38
C THR RB 106 73.69 76.59 -21.43
N LEU RB 107 72.40 76.39 -21.73
CA LEU RB 107 71.56 75.56 -20.89
C LEU RB 107 72.02 74.13 -20.89
N GLN RB 108 72.38 73.60 -22.06
CA GLN RB 108 72.82 72.21 -22.12
C GLN RB 108 74.13 72.03 -21.37
N ASP RB 109 75.04 73.00 -21.47
CA ASP RB 109 76.29 72.88 -20.75
C ASP RB 109 76.07 72.92 -19.26
N ARG RB 110 75.14 73.76 -18.81
CA ARG RB 110 74.79 73.83 -17.40
C ARG RB 110 74.23 72.50 -16.92
N LEU RB 111 73.25 71.97 -17.65
CA LEU RB 111 72.64 70.70 -17.27
C LEU RB 111 73.70 69.61 -17.22
N TYR RB 112 74.60 69.60 -18.19
CA TYR RB 112 75.66 68.62 -18.21
C TYR RB 112 76.55 68.73 -16.98
N HIS RB 113 76.96 69.96 -16.65
CA HIS RB 113 77.81 70.16 -15.49
C HIS RB 113 77.13 69.69 -14.22
N ASP RB 114 75.85 70.03 -14.07
CA ASP RB 114 75.13 69.66 -12.87
C ASP RB 114 75.02 68.15 -12.74
N TYR RB 115 74.63 67.48 -13.82
CA TYR RB 115 74.49 66.03 -13.77
C TYR RB 115 75.83 65.34 -13.59
N SER RB 116 76.89 65.88 -14.17
CA SER RB 116 78.20 65.28 -13.97
C SER RB 116 78.66 65.45 -12.54
N THR RB 117 78.38 66.60 -11.93
CA THR RB 117 78.70 66.79 -10.52
C THR RB 117 77.99 65.77 -9.66
N LEU RB 118 76.70 65.59 -9.90
CA LEU RB 118 75.93 64.63 -9.11
C LEU RB 118 76.45 63.22 -9.31
N ASP RB 119 76.74 62.84 -10.55
CA ASP RB 119 77.24 61.50 -10.83
C ASP RB 119 78.60 61.28 -10.16
N ALA RB 120 79.46 62.29 -10.17
CA ALA RB 120 80.76 62.14 -9.54
C ALA RB 120 80.63 61.98 -8.04
N PHE RB 121 79.76 62.79 -7.42
CA PHE RB 121 79.54 62.66 -5.99
C PHE RB 121 79.00 61.29 -5.65
N THR RB 122 78.04 60.80 -6.43
CA THR RB 122 77.45 59.50 -6.16
C THR RB 122 78.48 58.38 -6.35
N LYS RB 123 79.31 58.47 -7.38
CA LYS RB 123 80.30 57.44 -7.60
C LYS RB 123 81.37 57.45 -6.52
N LYS RB 124 81.72 58.63 -6.02
CA LYS RB 124 82.66 58.70 -4.90
C LYS RB 124 82.06 58.06 -3.67
N VAL RB 125 80.80 58.36 -3.38
CA VAL RB 125 80.11 57.73 -2.26
C VAL RB 125 80.09 56.22 -2.45
N GLU RB 126 79.86 55.77 -3.69
CA GLU RB 126 79.76 54.35 -3.95
C GLU RB 126 81.10 53.65 -3.77
N LYS RB 127 82.18 54.30 -4.19
CA LYS RB 127 83.50 53.72 -3.99
C LYS RB 127 83.81 53.63 -2.52
N ALA RB 128 83.45 54.67 -1.76
CA ALA RB 128 83.67 54.62 -0.33
C ALA RB 128 82.87 53.49 0.30
N VAL RB 129 81.64 53.29 -0.18
CA VAL RB 129 80.80 52.22 0.36
C VAL RB 129 81.40 50.87 0.05
N ASP RB 130 81.85 50.67 -1.18
CA ASP RB 130 82.43 49.39 -1.57
C ASP RB 130 83.70 49.11 -0.78
N GLU RB 131 84.53 50.13 -0.60
CA GLU RB 131 85.75 49.96 0.18
C GLU RB 131 85.43 49.61 1.62
N ASN RB 132 84.48 50.33 2.22
CA ASN RB 132 84.08 50.04 3.60
C ASN RB 132 83.54 48.63 3.73
N TYR RB 133 82.72 48.19 2.78
CA TYR RB 133 82.18 46.85 2.83
C TYR RB 133 83.27 45.81 2.68
N LYS RB 134 84.20 46.02 1.77
CA LYS RB 134 85.27 45.07 1.56
C LYS RB 134 86.18 44.98 2.77
N GLU RB 135 86.42 46.11 3.42
CA GLU RB 135 87.22 46.10 4.64
C GLU RB 135 86.50 45.34 5.73
N TYR RB 136 85.19 45.54 5.84
CA TYR RB 136 84.42 44.82 6.84
C TYR RB 136 84.47 43.33 6.59
N ARG RB 137 84.33 42.92 5.32
CA ARG RB 137 84.40 41.50 5.00
C ARG RB 137 85.78 40.94 5.31
N ALA RB 138 86.83 41.67 4.97
CA ALA RB 138 88.17 41.15 5.19
C ALA RB 138 88.52 41.11 6.67
N THR RB 139 87.87 41.92 7.49
CA THR RB 139 88.05 41.83 8.93
C THR RB 139 87.18 40.76 9.56
N GLU RB 140 86.01 40.51 9.00
CA GLU RB 140 85.07 39.56 9.58
C GLU RB 140 85.40 38.14 9.16
N TYR RB 141 85.25 37.86 7.87
CA TYR RB 141 85.56 36.54 7.33
C TYR RB 141 87.03 36.44 6.98
N ARG RB 142 87.91 36.79 7.90
CA ARG RB 142 89.33 36.79 7.60
C ARG RB 142 89.86 35.37 7.67
N PHE RB 143 90.57 34.99 6.61
CA PHE RB 143 91.22 33.69 6.54
C PHE RB 143 92.53 33.93 5.80
N GLU RB 144 93.59 34.14 6.58
CA GLU RB 144 94.92 34.43 6.04
C GLU RB 144 95.91 33.55 6.78
N PRO RB 145 96.04 32.29 6.37
CA PRO RB 145 97.05 31.41 6.98
C PRO RB 145 98.48 31.80 6.70
N LYS RB 146 98.75 32.88 5.97
CA LYS RB 146 100.06 33.50 6.00
C LYS RB 146 100.40 33.99 7.39
N GLU RB 147 99.37 34.37 8.14
CA GLU RB 147 99.45 35.02 9.44
C GLU RB 147 98.34 34.39 10.25
N GLN RB 148 97.81 35.10 11.25
CA GLN RB 148 96.73 34.55 12.06
C GLN RB 148 97.25 33.38 12.87
N GLU RB 149 98.11 33.69 13.85
CA GLU RB 149 98.68 32.74 14.80
C GLU RB 149 97.61 31.77 15.27
N PRO RB 150 97.97 30.51 15.48
CA PRO RB 150 96.95 29.48 15.70
C PRO RB 150 96.32 29.59 17.08
N GLU RB 151 95.28 28.78 17.25
CA GLU RB 151 94.56 28.68 18.51
C GLU RB 151 94.38 27.21 18.83
N PHE RB 152 94.64 26.85 20.08
CA PHE RB 152 94.36 25.49 20.51
C PHE RB 152 92.89 25.18 20.32
N ILE RB 153 92.59 23.91 20.09
CA ILE RB 153 91.20 23.48 19.90
C ILE RB 153 90.91 22.43 20.96
N THR RB 154 91.65 21.33 20.92
CA THR RB 154 91.38 20.21 21.80
C THR RB 154 92.59 19.30 21.83
N ASP RB 155 92.45 18.21 22.55
CA ASP RB 155 93.50 17.24 22.75
C ASP RB 155 92.88 15.86 22.60
N LEU RB 156 93.69 14.91 22.15
CA LEU RB 156 93.19 13.62 21.72
C LEU RB 156 93.67 12.52 22.65
N SER RB 157 92.80 11.55 22.89
CA SER RB 157 93.05 10.49 23.86
C SER RB 157 92.72 9.14 23.24
N PRO RB 158 93.44 8.76 22.19
CA PRO RB 158 93.25 7.43 21.62
C PRO RB 158 94.00 6.39 22.43
N TYR RB 159 93.53 5.16 22.32
CA TYR RB 159 94.15 4.05 23.02
C TYR RB 159 95.10 3.34 22.06
N THR RB 160 96.21 4.02 21.79
CA THR RB 160 97.28 3.47 20.95
C THR RB 160 98.56 4.24 21.22
N ASN RB 161 99.66 3.52 21.37
CA ASN RB 161 100.96 4.12 21.64
C ASN RB 161 101.74 4.24 20.33
N ALA RB 162 101.21 5.06 19.43
CA ALA RB 162 101.88 5.33 18.18
C ALA RB 162 101.54 6.74 17.73
N VAL RB 163 102.40 7.28 16.88
CA VAL RB 163 102.23 8.65 16.44
C VAL RB 163 101.05 8.75 15.47
N MET RB 164 100.14 9.65 15.78
CA MET RB 164 99.01 9.92 14.90
C MET RB 164 99.50 10.43 13.56
N GLN RB 165 98.76 10.08 12.50
CA GLN RB 165 99.21 10.33 11.14
C GLN RB 165 98.13 11.01 10.31
N SER RB 166 96.87 10.94 10.72
CA SER RB 166 95.87 11.78 10.08
C SER RB 166 94.71 12.05 11.02
N PHE RB 167 93.96 13.09 10.69
CA PHE RB 167 93.07 13.73 11.65
C PHE RB 167 91.96 14.44 10.90
N TRP RB 168 90.75 13.89 10.92
CA TRP RB 168 89.61 14.48 10.26
C TRP RB 168 88.49 14.70 11.26
N VAL RB 169 87.69 15.72 10.99
CA VAL RB 169 86.54 16.09 11.81
C VAL RB 169 85.31 15.99 10.93
N ASP RB 170 84.20 15.59 11.55
CA ASP RB 170 82.95 15.40 10.83
C ASP RB 170 82.01 16.56 11.15
N PRO RB 171 81.80 17.52 10.25
CA PRO RB 171 80.93 18.66 10.59
C PRO RB 171 79.50 18.27 10.86
N ARG RB 172 79.06 17.11 10.40
CA ARG RB 172 77.66 16.71 10.54
C ARG RB 172 77.35 16.09 11.90
N THR RB 173 78.37 15.59 12.60
CA THR RB 173 78.19 14.99 13.91
C THR RB 173 79.26 15.36 14.92
N LYS RB 174 80.27 16.13 14.53
CA LYS RB 174 81.27 16.64 15.47
C LYS RB 174 82.05 15.50 16.13
N ILE RB 175 82.46 14.55 15.31
CA ILE RB 175 83.21 13.38 15.73
C ILE RB 175 84.52 13.38 14.96
N ILE RB 176 85.59 12.92 15.62
CA ILE RB 176 86.92 12.90 15.05
C ILE RB 176 87.23 11.48 14.60
N TYR RB 177 87.96 11.39 13.49
CA TYR RB 177 88.53 10.15 12.99
C TYR RB 177 90.03 10.35 12.93
N MET RB 178 90.78 9.50 13.61
CA MET RB 178 92.18 9.71 13.89
C MET RB 178 92.93 8.44 13.51
N THR RB 179 93.77 8.53 12.49
CA THR RB 179 94.46 7.38 11.92
C THR RB 179 95.90 7.35 12.42
N GLN RB 180 96.25 6.25 13.09
CA GLN RB 180 97.61 5.92 13.48
C GLN RB 180 98.07 4.68 12.73
N ALA RB 181 99.37 4.57 12.55
CA ALA RB 181 99.99 3.43 11.88
C ALA RB 181 100.54 2.49 12.94
N ARG RB 182 100.04 1.25 12.98
CA ARG RB 182 100.44 0.36 14.04
C ARG RB 182 101.85 -0.15 13.75
N PRO RB 183 102.47 -0.85 14.71
CA PRO RB 183 103.84 -1.35 14.48
C PRO RB 183 104.03 -2.14 13.20
N GLY RB 184 103.04 -2.92 12.80
CA GLY RB 184 103.09 -3.58 11.51
C GLY RB 184 102.80 -2.62 10.38
N ASN RB 185 102.60 -3.20 9.19
CA ASN RB 185 102.11 -2.41 8.06
C ASN RB 185 100.73 -1.83 8.36
N HIS RB 186 99.87 -2.63 8.97
CA HIS RB 186 98.48 -2.27 9.21
C HIS RB 186 98.35 -0.97 10.00
N TYR RB 187 97.13 -0.42 9.97
CA TYR RB 187 96.87 0.84 10.66
C TYR RB 187 95.52 0.75 11.35
N MET RB 188 95.20 1.77 12.13
CA MET RB 188 93.95 1.80 12.86
C MET RB 188 93.45 3.23 12.92
N LEU RB 189 92.15 3.38 12.67
CA LEU RB 189 91.48 4.65 12.81
C LEU RB 189 90.52 4.57 13.98
N SER RB 190 90.69 5.50 14.91
CA SER RB 190 89.85 5.59 16.09
C SER RB 190 88.84 6.71 15.87
N ARG RB 191 87.57 6.39 16.10
CA ARG RB 191 86.49 7.34 16.06
C ARG RB 191 86.19 7.76 17.49
N LEU RB 192 86.13 9.06 17.73
CA LEU RB 192 86.03 9.54 19.09
C LEU RB 192 85.37 10.91 19.18
N LYS RB 193 85.19 11.34 20.43
CA LYS RB 193 84.33 12.45 20.77
C LYS RB 193 85.02 13.78 20.49
N PRO RB 194 84.26 14.88 20.48
CA PRO RB 194 84.88 16.18 20.19
C PRO RB 194 85.91 16.61 21.22
N ASN RB 195 85.69 16.28 22.49
CA ASN RB 195 86.67 16.64 23.50
C ASN RB 195 87.90 15.75 23.44
N GLY RB 196 87.71 14.49 23.07
CA GLY RB 196 88.80 13.53 23.04
C GLY RB 196 88.44 12.18 23.62
N GLN RB 197 87.26 12.03 24.21
CA GLN RB 197 86.87 10.76 24.78
C GLN RB 197 86.74 9.72 23.68
N PHE RB 198 87.59 8.69 23.76
CA PHE RB 198 87.53 7.57 22.83
C PHE RB 198 86.14 6.97 22.79
N ILE RB 199 85.76 6.50 21.60
CA ILE RB 199 84.46 5.84 21.40
C ILE RB 199 84.68 4.44 20.87
N ASP RB 200 85.31 4.31 19.70
CA ASP RB 200 85.57 3.00 19.14
C ASP RB 200 86.68 3.08 18.12
N ARG RB 201 87.04 1.94 17.55
CA ARG RB 201 88.18 1.84 16.65
C ARG RB 201 87.90 0.85 15.54
N LEU RB 202 88.71 0.97 14.49
CA LEU RB 202 88.70 0.03 13.38
C LEU RB 202 90.13 -0.20 12.94
N LEU RB 203 90.53 -1.46 12.94
CA LEU RB 203 91.86 -1.88 12.57
C LEU RB 203 91.83 -2.30 11.10
N VAL RB 204 92.40 -1.46 10.25
CA VAL RB 204 92.57 -1.80 8.84
C VAL RB 204 93.81 -2.67 8.75
N LYS RB 205 93.59 -3.97 8.62
CA LYS RB 205 94.68 -4.92 8.48
C LYS RB 205 95.18 -4.91 7.06
N ASN RB 206 96.50 -4.86 6.93
CA ASN RB 206 97.17 -4.73 5.65
C ASN RB 206 96.77 -3.44 4.95
N GLY RB 207 96.79 -2.35 5.70
CA GLY RB 207 96.81 -1.02 5.14
C GLY RB 207 98.23 -0.49 5.18
N GLY RB 208 98.43 0.67 4.59
CA GLY RB 208 99.74 1.29 4.54
C GLY RB 208 99.98 2.16 5.75
N HIS RB 209 100.88 3.14 5.58
CA HIS RB 209 101.06 4.15 6.60
C HIS RB 209 99.77 4.93 6.83
N GLY RB 210 98.93 5.02 5.81
CA GLY RB 210 97.65 5.69 5.92
C GLY RB 210 97.79 7.13 6.33
N THR RB 211 98.58 7.89 5.58
CA THR RB 211 98.92 9.24 6.01
C THR RB 211 97.74 10.18 5.88
N HIS RB 212 96.75 9.83 5.06
CA HIS RB 212 95.46 10.50 5.07
C HIS RB 212 94.44 9.72 4.26
N ASN RB 213 93.27 9.52 4.85
CA ASN RB 213 92.10 9.04 4.14
C ASN RB 213 91.22 10.22 3.76
N ALA RB 214 90.21 9.95 2.95
CA ALA RB 214 89.17 10.92 2.63
C ALA RB 214 87.85 10.44 3.20
N TYR RB 215 87.06 11.39 3.68
CA TYR RB 215 85.79 11.09 4.36
C TYR RB 215 84.70 11.86 3.64
N ARG RB 216 83.79 11.12 3.02
CA ARG RB 216 82.79 11.67 2.13
C ARG RB 216 81.39 11.35 2.63
N TYR RB 217 80.49 12.28 2.39
CA TYR RB 217 79.07 12.11 2.64
C TYR RB 217 78.36 12.16 1.30
N ILE RB 218 78.26 11.00 0.65
CA ILE RB 218 77.50 10.90 -0.59
C ILE RB 218 76.04 11.27 -0.33
N GLY RB 219 75.52 10.81 0.80
CA GLY RB 219 74.18 11.14 1.24
C GLY RB 219 74.16 11.37 2.72
N ASN RB 220 73.30 10.63 3.42
CA ASN RB 220 73.21 10.67 4.87
C ASN RB 220 74.15 9.68 5.55
N GLU RB 221 75.18 9.20 4.85
CA GLU RB 221 76.07 8.19 5.39
C GLU RB 221 77.50 8.47 4.96
N LEU RB 222 78.44 8.00 5.77
CA LEU RB 222 79.84 8.37 5.67
C LEU RB 222 80.63 7.23 5.05
N TRP RB 223 81.18 7.48 3.88
CA TRP RB 223 82.09 6.57 3.22
C TRP RB 223 83.52 7.06 3.41
N ILE RB 224 84.45 6.12 3.39
CA ILE RB 224 85.86 6.38 3.68
C ILE RB 224 86.65 5.82 2.51
N TYR RB 225 87.44 6.69 1.88
CA TYR RB 225 88.35 6.31 0.83
C TYR RB 225 89.74 6.22 1.41
N SER RB 226 90.44 5.13 1.12
CA SER RB 226 91.75 4.90 1.70
C SER RB 226 92.65 4.22 0.68
N ALA RB 227 93.91 4.05 1.08
CA ALA RB 227 94.97 3.51 0.25
C ALA RB 227 95.45 2.22 0.92
N VAL RB 228 94.79 1.13 0.57
CA VAL RB 228 94.98 -0.16 1.22
C VAL RB 228 95.65 -1.09 0.22
N LEU RB 229 96.69 -1.77 0.66
CA LEU RB 229 97.45 -2.68 -0.17
C LEU RB 229 97.09 -4.11 0.20
N ASP RB 230 96.79 -4.91 -0.82
CA ASP RB 230 96.34 -6.28 -0.60
C ASP RB 230 97.50 -7.14 -0.10
N ALA RB 231 97.24 -8.43 0.11
CA ALA RB 231 98.23 -9.38 0.59
C ALA RB 231 99.39 -9.57 -0.37
N ASN RB 232 99.29 -9.11 -1.62
CA ASN RB 232 100.37 -9.21 -2.60
C ASN RB 232 101.13 -7.91 -2.75
N GLU RB 233 101.03 -7.00 -1.78
CA GLU RB 233 101.74 -5.72 -1.78
C GLU RB 233 101.45 -4.92 -3.05
N ASN RB 234 100.17 -4.83 -3.39
CA ASN RB 234 99.69 -4.03 -4.52
C ASN RB 234 98.75 -2.97 -3.97
N ASN RB 235 99.15 -1.70 -4.08
CA ASN RB 235 98.37 -0.61 -3.53
C ASN RB 235 97.04 -0.49 -4.26
N LYS RB 236 96.01 -0.08 -3.53
CA LYS RB 236 94.67 0.01 -4.08
C LYS RB 236 93.88 1.11 -3.40
N PHE RB 237 93.17 1.88 -4.20
CA PHE RB 237 92.31 2.96 -3.71
C PHE RB 237 90.94 2.37 -3.48
N VAL RB 238 90.52 2.30 -2.22
CA VAL RB 238 89.41 1.45 -1.82
C VAL RB 238 88.43 2.23 -0.96
N ARG RB 239 87.16 1.94 -1.19
CA ARG RB 239 86.03 2.61 -0.57
C ARG RB 239 85.38 1.67 0.44
N PHE RB 240 85.05 2.20 1.62
CA PHE RB 240 84.38 1.36 2.61
C PHE RB 240 83.62 2.22 3.61
N GLN RB 241 83.08 1.57 4.62
CA GLN RB 241 82.28 2.20 5.65
C GLN RB 241 82.90 1.94 7.00
N TYR RB 242 82.51 2.74 7.97
CA TYR RB 242 83.03 2.58 9.32
C TYR RB 242 82.25 1.52 10.09
N ARG RB 243 82.98 0.79 10.92
CA ARG RB 243 82.38 -0.10 11.89
C ARG RB 243 83.42 -0.38 12.97
N THR RB 244 82.99 -1.01 14.04
CA THR RB 244 83.85 -1.25 15.19
C THR RB 244 84.49 -2.61 15.07
N GLY RB 245 85.83 -2.65 15.13
CA GLY RB 245 86.56 -3.91 15.15
C GLY RB 245 87.72 -3.97 14.19
N GLU RB 246 87.67 -4.92 13.26
CA GLU RB 246 88.74 -5.16 12.31
C GLU RB 246 88.18 -5.28 10.90
N ILE RB 247 89.04 -5.02 9.93
CA ILE RB 247 88.65 -5.05 8.52
C ILE RB 247 89.89 -5.34 7.69
N THR RB 248 89.77 -6.27 6.76
CA THR RB 248 90.82 -6.61 5.82
C THR RB 248 90.35 -6.33 4.41
N TYR RB 249 91.31 -6.17 3.51
CA TYR RB 249 90.96 -5.97 2.11
C TYR RB 249 90.25 -7.19 1.58
N GLY RB 250 89.21 -6.95 0.77
CA GLY RB 250 88.34 -8.02 0.35
C GLY RB 250 87.08 -7.47 -0.27
N ASN RB 251 86.05 -8.32 -0.33
CA ASN RB 251 84.77 -7.92 -0.88
C ASN RB 251 83.96 -7.08 0.08
N GLU RB 252 84.38 -6.97 1.35
CA GLU RB 252 83.72 -6.10 2.31
C GLU RB 252 83.96 -4.63 2.00
N MET RB 253 85.01 -4.32 1.25
CA MET RB 253 85.38 -2.95 0.92
C MET RB 253 85.64 -2.87 -0.57
N GLN RB 254 84.74 -2.23 -1.29
CA GLN RB 254 84.82 -2.14 -2.73
C GLN RB 254 85.72 -0.99 -3.15
N ASP RB 255 86.26 -1.11 -4.35
CA ASP RB 255 87.11 -0.10 -4.94
C ASP RB 255 86.32 0.74 -5.93
N VAL RB 256 86.76 1.98 -6.08
CA VAL RB 256 86.04 2.93 -6.92
C VAL RB 256 86.42 2.78 -8.38
N MET RB 257 87.71 2.66 -8.67
CA MET RB 257 88.23 2.71 -10.03
C MET RB 257 89.54 1.94 -10.08
N PRO RB 258 89.51 0.61 -10.21
CA PRO RB 258 90.76 -0.15 -10.12
C PRO RB 258 91.70 0.10 -11.29
N ASN RB 259 91.16 0.23 -12.50
CA ASN RB 259 92.01 0.37 -13.68
C ASN RB 259 92.75 1.70 -13.73
N ILE RB 260 92.41 2.65 -12.85
CA ILE RB 260 93.04 3.97 -12.84
C ILE RB 260 93.84 4.19 -11.57
N PHE RB 261 93.38 3.68 -10.44
CA PHE RB 261 93.97 3.96 -9.13
C PHE RB 261 94.58 2.71 -8.50
N ASN RB 262 95.29 1.91 -9.31
CA ASN RB 262 96.06 0.78 -8.78
C ASN RB 262 97.50 0.76 -9.30
N ASP RB 263 97.91 1.74 -10.10
CA ASP RB 263 99.27 1.75 -10.60
C ASP RB 263 100.25 2.19 -9.52
N ARG RB 264 99.94 3.28 -8.83
CA ARG RB 264 100.81 3.90 -7.85
C ARG RB 264 100.09 4.03 -6.51
N TYR RB 265 100.86 4.29 -5.47
CA TYR RB 265 100.30 4.58 -4.16
C TYR RB 265 99.55 5.90 -4.23
N THR RB 266 98.23 5.83 -4.14
CA THR RB 266 97.38 7.00 -4.19
C THR RB 266 96.52 7.08 -2.94
N SER RB 267 96.36 8.30 -2.43
CA SER RB 267 95.52 8.59 -1.28
C SER RB 267 94.85 9.93 -1.52
N ALA RB 268 93.59 10.03 -1.13
CA ALA RB 268 92.74 11.14 -1.51
C ALA RB 268 92.36 12.00 -0.32
N ILE RB 269 91.93 13.22 -0.64
CA ILE RB 269 91.16 14.03 0.30
C ILE RB 269 90.05 14.75 -0.46
N TYR RB 270 88.93 14.95 0.22
CA TYR RB 270 87.70 15.44 -0.39
C TYR RB 270 87.33 16.79 0.20
N ASN RB 271 86.76 17.65 -0.64
CA ASN RB 271 86.30 18.98 -0.23
C ASN RB 271 84.85 19.12 -0.66
N PRO RB 272 83.89 19.25 0.27
CA PRO RB 272 82.49 19.30 -0.14
C PRO RB 272 81.99 20.66 -0.56
N ILE RB 273 82.75 21.73 -0.31
CA ILE RB 273 82.29 23.07 -0.69
C ILE RB 273 82.12 23.15 -2.20
N GLU RB 274 83.14 22.70 -2.94
CA GLU RB 274 83.07 22.57 -4.39
C GLU RB 274 83.01 21.12 -4.85
N ASN RB 275 83.00 20.17 -3.92
CA ASN RB 275 82.72 18.77 -4.22
C ASN RB 275 83.80 18.16 -5.11
N LEU RB 276 85.04 18.36 -4.70
CA LEU RB 276 86.20 17.87 -5.43
C LEU RB 276 86.98 16.87 -4.58
N MET RB 277 87.97 16.26 -5.22
CA MET RB 277 88.77 15.21 -4.59
C MET RB 277 90.15 15.26 -5.20
N ILE RB 278 91.16 15.53 -4.37
CA ILE RB 278 92.54 15.59 -4.84
C ILE RB 278 93.27 14.35 -4.36
N PHE RB 279 93.99 13.73 -5.28
CA PHE RB 279 94.69 12.47 -5.05
C PHE RB 279 96.18 12.75 -5.10
N ARG RB 280 96.89 12.36 -4.05
CA ARG RB 280 98.32 12.58 -3.90
C ARG RB 280 99.02 11.29 -4.29
N ARG RB 281 99.19 11.11 -5.60
CA ARG RB 281 99.75 9.88 -6.12
C ARG RB 281 101.27 9.95 -6.14
N GLU RB 282 101.90 8.87 -5.71
CA GLU RB 282 103.35 8.78 -5.64
C GLU RB 282 103.94 8.56 -7.02
N TYR RB 283 105.24 8.81 -7.12
CA TYR RB 283 106.00 8.52 -8.33
C TYR RB 283 106.90 7.33 -8.09
N LYS RB 284 107.11 6.52 -9.13
CA LYS RB 284 108.00 5.39 -9.00
C LYS RB 284 109.45 5.84 -9.10
N ALA RB 285 110.34 5.00 -8.56
CA ALA RB 285 111.76 5.30 -8.53
C ALA RB 285 112.35 5.51 -9.92
N SER RB 286 111.71 5.02 -10.97
CA SER RB 286 112.24 5.18 -12.32
C SER RB 286 112.14 6.62 -12.78
N GLU RB 287 110.92 7.19 -12.78
CA GLU RB 287 110.70 8.58 -13.15
C GLU RB 287 110.93 9.53 -11.98
N ARG RB 288 111.38 9.01 -10.85
CA ARG RB 288 111.59 9.82 -9.66
C ARG RB 288 112.52 11.00 -9.93
N GLN RB 289 113.76 10.72 -10.33
CA GLN RB 289 114.71 11.80 -10.58
C GLN RB 289 114.35 12.60 -11.82
N LEU RB 290 113.64 11.98 -12.76
CA LEU RB 290 113.25 12.70 -13.97
C LEU RB 290 112.27 13.82 -13.64
N LYS RB 291 111.32 13.54 -12.75
CA LYS RB 291 110.34 14.55 -12.36
C LYS RB 291 110.81 15.43 -11.21
N ASN RB 292 111.80 14.99 -10.43
CA ASN RB 292 112.30 15.77 -9.30
C ASN RB 292 111.20 16.03 -8.27
N SER RB 293 110.32 15.05 -8.09
CA SER RB 293 109.20 15.20 -7.17
C SER RB 293 108.68 13.83 -6.78
N LEU RB 294 108.65 13.55 -5.48
CA LEU RB 294 108.17 12.27 -4.98
C LEU RB 294 106.69 12.06 -5.24
N ASN RB 295 105.92 13.14 -5.34
CA ASN RB 295 104.47 13.05 -5.34
C ASN RB 295 103.88 14.06 -6.30
N PHE RB 296 102.68 13.76 -6.79
CA PHE RB 296 101.93 14.71 -7.58
C PHE RB 296 100.47 14.64 -7.20
N VAL RB 297 99.84 15.79 -7.16
CA VAL RB 297 98.45 15.94 -6.82
C VAL RB 297 97.66 16.11 -8.10
N GLU RB 298 96.53 15.41 -8.18
CA GLU RB 298 95.62 15.54 -9.31
C GLU RB 298 94.19 15.65 -8.79
N VAL RB 299 93.46 16.59 -9.35
CA VAL RB 299 92.11 16.89 -8.91
C VAL RB 299 91.10 16.16 -9.79
N ARG RB 300 89.97 15.79 -9.19
CA ARG RB 300 88.86 15.21 -9.92
C ARG RB 300 87.57 15.57 -9.22
N SER RB 301 86.51 15.77 -9.99
CA SER RB 301 85.23 16.06 -9.38
C SER RB 301 84.64 14.80 -8.77
N ALA RB 302 83.79 15.01 -7.77
CA ALA RB 302 83.19 13.88 -7.06
C ALA RB 302 82.31 13.05 -7.98
N ASP RB 303 81.57 13.71 -8.88
CA ASP RB 303 80.70 12.97 -9.79
C ASP RB 303 81.53 12.19 -10.81
N ASP RB 304 82.60 12.82 -11.31
CA ASP RB 304 83.48 12.16 -12.26
C ASP RB 304 84.13 10.93 -11.64
N ILE RB 305 84.57 11.03 -10.38
CA ILE RB 305 85.20 9.88 -9.74
C ILE RB 305 84.17 8.85 -9.32
N ASP RB 306 82.92 9.27 -9.10
CA ASP RB 306 81.89 8.30 -8.78
C ASP RB 306 81.58 7.45 -9.99
N LYS RB 307 81.36 8.08 -11.14
CA LYS RB 307 81.11 7.36 -12.37
C LYS RB 307 82.44 7.10 -13.09
N GLY RB 308 82.38 6.59 -14.30
CA GLY RB 308 83.56 6.13 -15.00
C GLY RB 308 84.21 7.13 -15.93
N ILE RB 309 84.74 8.23 -15.39
CA ILE RB 309 85.45 9.21 -16.18
C ILE RB 309 86.56 9.80 -15.32
N ASP RB 310 87.71 10.04 -15.95
CA ASP RB 310 88.88 10.53 -15.22
C ASP RB 310 88.80 12.03 -14.99
N LYS RB 311 88.86 12.80 -16.08
CA LYS RB 311 88.72 14.26 -16.07
C LYS RB 311 89.66 14.90 -15.03
N VAL RB 312 90.94 14.73 -15.26
CA VAL RB 312 91.94 15.42 -14.45
C VAL RB 312 91.84 16.90 -14.75
N LEU RB 313 91.33 17.67 -13.79
CA LEU RB 313 91.12 19.09 -13.99
C LEU RB 313 92.42 19.86 -13.79
N TYR RB 314 93.19 19.48 -12.79
CA TYR RB 314 94.39 20.21 -12.41
C TYR RB 314 95.41 19.23 -11.86
N GLN RB 315 96.64 19.34 -12.34
CA GLN RB 315 97.72 18.45 -11.99
C GLN RB 315 98.93 19.27 -11.59
N MET RB 316 99.62 18.83 -10.55
CA MET RB 316 100.78 19.54 -10.04
C MET RB 316 101.70 18.53 -9.38
N ASP RB 317 103.00 18.84 -9.38
CA ASP RB 317 104.00 18.03 -8.69
C ASP RB 317 104.48 18.75 -7.45
N ILE RB 318 105.06 17.99 -6.53
CA ILE RB 318 105.56 18.52 -5.27
C ILE RB 318 107.09 18.44 -5.32
N PRO RB 319 107.79 19.56 -5.47
CA PRO RB 319 109.25 19.49 -5.55
C PRO RB 319 109.88 18.93 -4.28
N MET RB 320 111.14 18.55 -4.43
CA MET RB 320 111.92 18.04 -3.32
C MET RB 320 112.15 19.12 -2.26
N GLU RB 321 112.10 20.38 -2.66
CA GLU RB 321 112.18 21.47 -1.69
C GLU RB 321 111.09 21.35 -0.63
N TYR RB 322 109.94 20.80 -1.00
CA TYR RB 322 108.82 20.61 -0.09
C TYR RB 322 108.75 19.19 0.46
N THR RB 323 109.21 18.22 -0.32
CA THR RB 323 109.18 16.81 0.06
C THR RB 323 110.59 16.26 0.31
N SER RB 324 111.43 17.04 0.97
CA SER RB 324 112.74 16.57 1.40
C SER RB 324 112.58 15.62 2.59
N ASP RB 325 113.71 15.07 3.02
CA ASP RB 325 113.69 14.15 4.15
C ASP RB 325 113.67 14.91 5.47
N THR RB 326 114.39 16.03 5.54
CA THR RB 326 114.33 16.86 6.74
C THR RB 326 112.96 17.48 6.91
N GLN RB 327 112.25 17.73 5.82
CA GLN RB 327 110.88 18.20 5.83
C GLN RB 327 110.08 17.27 4.93
N PRO RB 328 109.64 16.13 5.46
CA PRO RB 328 108.84 15.20 4.66
C PRO RB 328 107.35 15.54 4.72
N MET RB 329 106.58 14.82 3.93
CA MET RB 329 105.14 15.04 3.89
C MET RB 329 104.51 14.57 5.18
N GLN RB 330 103.59 15.38 5.70
CA GLN RB 330 102.78 14.99 6.84
C GLN RB 330 101.32 15.36 6.63
N GLY RB 331 101.03 16.31 5.75
CA GLY RB 331 99.66 16.79 5.61
C GLY RB 331 99.38 17.48 4.30
N ILE RB 332 98.15 17.31 3.82
CA ILE RB 332 97.66 17.91 2.60
C ILE RB 332 96.24 18.40 2.86
N THR RB 333 95.88 19.53 2.28
CA THR RB 333 94.50 20.03 2.39
C THR RB 333 94.17 20.96 1.23
N TYR RB 334 92.91 20.93 0.81
CA TYR RB 334 92.42 21.68 -0.34
C TYR RB 334 91.33 22.65 0.10
N ASP RB 335 91.39 23.87 -0.42
CA ASP RB 335 90.36 24.87 -0.15
C ASP RB 335 90.50 26.01 -1.14
N ALA RB 336 89.45 26.27 -1.91
CA ALA RB 336 89.39 27.42 -2.82
C ALA RB 336 90.54 27.41 -3.81
N GLY RB 337 90.89 26.23 -4.30
CA GLY RB 337 92.01 26.11 -5.21
C GLY RB 337 93.35 26.41 -4.61
N ILE RB 338 93.43 26.51 -3.29
CA ILE RB 338 94.68 26.76 -2.57
C ILE RB 338 95.06 25.48 -1.88
N LEU RB 339 96.13 24.86 -2.36
CA LEU RB 339 96.61 23.62 -1.78
C LEU RB 339 97.57 23.92 -0.65
N TYR RB 340 97.32 23.33 0.52
CA TYR RB 340 98.13 23.51 1.71
C TYR RB 340 98.90 22.23 1.96
N TRP RB 341 100.19 22.37 2.23
CA TRP RB 341 101.12 21.27 2.47
C TRP RB 341 101.79 21.52 3.81
N TYR RB 342 101.62 20.57 4.73
CA TYR RB 342 102.15 20.67 6.08
C TYR RB 342 103.24 19.63 6.22
N THR RB 343 104.45 20.08 6.56
CA THR RB 343 105.59 19.21 6.71
C THR RB 343 106.31 19.55 8.01
N GLY RB 344 106.97 18.56 8.58
CA GLY RB 344 107.69 18.78 9.81
C GLY RB 344 108.50 17.56 10.19
N ASP RB 345 109.72 17.78 10.66
CA ASP RB 345 110.56 16.68 11.06
C ASP RB 345 110.07 16.13 12.39
N SER RB 346 110.62 15.00 12.78
CA SER RB 346 110.32 14.39 14.06
C SER RB 346 111.13 14.99 15.20
N LYS RB 347 111.75 16.15 15.01
CA LYS RB 347 112.48 16.84 16.06
C LYS RB 347 112.29 18.33 15.90
N PRO RB 348 112.36 19.10 17.00
CA PRO RB 348 112.13 20.54 16.89
C PRO RB 348 113.30 21.32 16.31
N ALA RB 349 114.42 20.67 16.04
CA ALA RB 349 115.56 21.36 15.46
C ALA RB 349 115.26 21.78 14.03
N ASN RB 350 114.69 20.87 13.25
CA ASN RB 350 114.27 21.16 11.88
C ASN RB 350 112.86 21.72 11.91
N PRO RB 351 112.67 23.04 11.82
CA PRO RB 351 111.34 23.59 12.06
C PRO RB 351 110.35 23.18 10.99
N ASN RB 352 109.13 22.91 11.42
CA ASN RB 352 108.08 22.53 10.50
C ASN RB 352 107.76 23.70 9.57
N TYR RB 353 106.88 23.45 8.61
CA TYR RB 353 106.50 24.46 7.64
C TYR RB 353 105.15 24.12 7.06
N LEU RB 354 104.25 25.10 7.05
CA LEU RB 354 102.99 25.02 6.32
C LEU RB 354 103.10 25.96 5.13
N GLN RB 355 102.91 25.41 3.94
CA GLN RB 355 103.05 26.15 2.70
C GLN RB 355 101.77 26.01 1.90
N GLY RB 356 101.14 27.13 1.60
CA GLY RB 356 99.95 27.17 0.79
C GLY RB 356 100.28 27.75 -0.57
N PHE RB 357 99.66 27.21 -1.61
CA PHE RB 357 99.93 27.71 -2.94
C PHE RB 357 98.84 27.29 -3.91
N ASP RB 358 98.62 28.16 -4.90
CA ASP RB 358 97.56 27.93 -5.87
C ASP RB 358 97.88 26.71 -6.72
N ILE RB 359 96.85 25.93 -7.00
CA ILE RB 359 97.00 24.73 -7.80
C ILE RB 359 96.89 25.03 -9.29
N LYS RB 360 96.06 26.01 -9.66
CA LYS RB 360 95.82 26.28 -11.06
C LYS RB 360 97.08 26.77 -11.76
N THR RB 361 97.91 27.55 -11.06
CA THR RB 361 99.08 28.18 -11.62
C THR RB 361 100.38 27.48 -11.26
N LYS RB 362 100.36 26.57 -10.28
CA LYS RB 362 101.54 25.83 -9.86
C LYS RB 362 102.66 26.77 -9.43
N GLU RB 363 102.37 27.50 -8.35
CA GLU RB 363 103.24 28.54 -7.83
C GLU RB 363 103.50 28.30 -6.36
N LEU RB 364 104.03 29.31 -5.67
CA LEU RB 364 104.17 29.30 -4.22
C LEU RB 364 103.55 30.58 -3.69
N LEU RB 365 102.36 30.48 -3.09
CA LEU RB 365 101.72 31.66 -2.53
C LEU RB 365 102.41 32.07 -1.23
N PHE RB 366 102.62 31.13 -0.32
CA PHE RB 366 103.27 31.47 0.94
C PHE RB 366 103.73 30.21 1.65
N LYS RB 367 104.60 30.42 2.63
CA LYS RB 367 105.03 29.38 3.54
C LYS RB 367 105.42 30.02 4.85
N ARG RB 368 105.09 29.35 5.94
CA ARG RB 368 105.35 29.87 7.27
C ARG RB 368 105.79 28.77 8.21
N ARG RB 369 106.58 29.18 9.19
CA ARG RB 369 106.90 28.36 10.35
C ARG RB 369 105.87 28.62 11.42
N ILE RB 370 105.52 27.57 12.15
CA ILE RB 370 104.55 27.69 13.23
C ILE RB 370 104.94 26.75 14.36
N ASP RB 371 105.01 27.30 15.57
CA ASP RB 371 105.36 26.55 16.77
C ASP RB 371 104.07 26.02 17.37
N ILE RB 372 103.71 24.83 16.96
CA ILE RB 372 102.47 24.18 17.41
C ILE RB 372 102.82 23.23 18.53
N GLY RB 373 102.01 23.28 19.58
CA GLY RB 373 102.24 22.48 20.77
C GLY RB 373 102.92 23.28 21.86
N GLY RB 374 104.04 22.76 22.38
CA GLY RB 374 104.73 23.41 23.47
C GLY RB 374 105.22 24.80 23.07
N VAL RB 375 105.03 25.75 23.97
CA VAL RB 375 105.38 27.13 23.67
C VAL RB 375 106.89 27.32 23.79
N ASN RB 376 107.39 28.36 23.11
CA ASN RB 376 108.79 28.75 23.16
C ASN RB 376 109.71 27.67 22.61
N ASN RB 377 109.20 26.78 21.76
CA ASN RB 377 109.93 25.62 21.27
C ASN RB 377 110.34 24.66 22.38
N ASN RB 378 109.72 24.76 23.56
CA ASN RB 378 110.03 23.89 24.70
C ASN RB 378 108.95 22.82 24.77
N PHE RB 379 109.15 21.78 23.98
CA PHE RB 379 108.19 20.69 23.88
C PHE RB 379 108.45 19.65 24.96
N LYS RB 380 107.53 18.70 25.08
CA LYS RB 380 107.66 17.63 26.05
C LYS RB 380 108.78 16.73 25.57
N GLY RB 381 109.95 16.90 26.15
CA GLY RB 381 111.16 16.29 25.59
C GLY RB 381 111.57 17.05 24.35
N ASP RB 382 111.88 16.31 23.29
CA ASP RB 382 112.19 16.92 21.99
C ASP RB 382 111.63 16.00 20.91
N PHE RB 383 110.36 16.22 20.56
CA PHE RB 383 109.74 15.42 19.49
C PHE RB 383 108.55 16.21 18.93
N GLN RB 384 108.81 17.05 17.93
CA GLN RB 384 107.75 17.79 17.26
C GLN RB 384 107.41 17.11 15.94
N GLU RB 385 106.91 15.89 16.06
CA GLU RB 385 106.54 15.14 14.86
C GLU RB 385 105.21 15.66 14.35
N ALA RB 386 105.24 16.25 13.17
CA ALA RB 386 104.09 16.91 12.62
C ALA RB 386 103.10 15.90 12.05
N GLU RB 387 101.95 16.40 11.66
CA GLU RB 387 100.86 15.58 11.18
C GLU RB 387 99.89 16.45 10.41
N GLY RB 388 99.14 15.83 9.52
CA GLY RB 388 98.23 16.55 8.68
C GLY RB 388 97.13 17.34 9.34
N LEU RB 389 96.21 17.75 8.50
CA LEU RB 389 95.38 18.90 8.76
C LEU RB 389 94.23 18.85 7.76
N ASP RB 390 93.15 19.52 8.10
CA ASP RB 390 91.99 19.53 7.23
C ASP RB 390 91.21 20.81 7.45
N MET RB 391 90.01 20.85 6.88
CA MET RB 391 89.20 22.07 6.77
C MET RB 391 87.80 21.73 7.23
N TYR RB 392 87.45 22.14 8.43
CA TYR RB 392 86.14 21.93 9.00
C TYR RB 392 85.21 23.01 8.48
N TYR RB 393 84.11 22.60 7.86
CA TYR RB 393 83.09 23.50 7.34
C TYR RB 393 81.80 23.30 8.12
N ASP RB 394 81.53 24.19 9.06
CA ASP RB 394 80.30 24.11 9.81
C ASP RB 394 79.11 24.37 8.88
N LEU RB 395 78.09 23.52 9.00
CA LEU RB 395 76.91 23.65 8.15
C LEU RB 395 75.97 24.77 8.59
N GLU RB 396 76.17 25.33 9.78
CA GLU RB 396 75.26 26.34 10.31
C GLU RB 396 75.60 27.72 9.78
N THR RB 397 76.88 28.09 9.84
CA THR RB 397 77.34 29.42 9.44
C THR RB 397 77.98 29.43 8.06
N GLY RB 398 78.65 28.35 7.69
CA GLY RB 398 79.35 28.29 6.42
C GLY RB 398 80.77 28.82 6.48
N ARG RB 399 81.37 28.84 7.66
CA ARG RB 399 82.68 29.43 7.88
C ARG RB 399 83.71 28.31 7.93
N LYS RB 400 84.57 28.24 6.92
CA LYS RB 400 85.62 27.25 6.91
C LYS RB 400 86.61 27.52 8.03
N ALA RB 401 87.32 26.48 8.43
CA ALA RB 401 88.30 26.60 9.49
C ALA RB 401 89.37 25.53 9.29
N LEU RB 402 90.59 25.96 9.08
CA LEU RB 402 91.70 25.03 8.99
C LEU RB 402 92.09 24.57 10.38
N LEU RB 403 92.40 23.30 10.50
CA LEU RB 403 92.88 22.76 11.76
C LEU RB 403 93.90 21.68 11.52
N ILE RB 404 94.93 21.70 12.35
CA ILE RB 404 96.16 20.94 12.19
C ILE RB 404 96.35 20.06 13.41
N GLY RB 405 96.95 18.88 13.19
CA GLY RB 405 97.33 17.99 14.26
C GLY RB 405 98.83 18.02 14.47
N VAL RB 406 99.25 17.78 15.71
CA VAL RB 406 100.66 17.74 16.05
C VAL RB 406 100.84 16.77 17.20
N THR RB 407 102.06 16.26 17.34
CA THR RB 407 102.45 15.43 18.46
C THR RB 407 103.72 16.00 19.06
N ILE RB 408 103.70 16.20 20.38
CA ILE RB 408 104.84 16.78 21.08
C ILE RB 408 105.35 15.84 22.15
N GLY RB 409 104.88 14.59 22.14
CA GLY RB 409 105.19 13.68 23.21
C GLY RB 409 106.55 13.03 23.04
N PRO RB 410 107.27 12.77 24.15
CA PRO RB 410 108.58 12.15 24.03
C PRO RB 410 108.51 10.64 24.14
N GLY RB 411 109.35 9.98 23.34
CA GLY RB 411 109.46 8.54 23.38
C GLY RB 411 108.13 7.88 23.09
N ASN RB 412 107.90 6.76 23.76
CA ASN RB 412 106.63 6.06 23.60
C ASN RB 412 105.46 6.93 24.01
N ASN RB 413 105.64 7.79 25.00
CA ASN RB 413 104.58 8.69 25.41
C ASN RB 413 104.34 9.73 24.32
N ARG RB 414 103.20 9.63 23.64
CA ARG RB 414 102.85 10.54 22.56
C ARG RB 414 101.72 11.46 22.99
N HIS RB 415 101.87 12.74 22.72
CA HIS RB 415 100.81 13.73 22.88
C HIS RB 415 100.15 13.94 21.53
N HIS RB 416 98.93 14.46 21.57
CA HIS RB 416 98.13 14.62 20.36
C HIS RB 416 97.34 15.92 20.49
N SER RB 417 97.93 17.02 20.04
CA SER RB 417 97.38 18.34 20.21
C SER RB 417 96.88 18.87 18.87
N ILE RB 418 95.86 19.73 18.93
CA ILE RB 418 95.18 20.24 17.75
C ILE RB 418 95.13 21.75 17.81
N TYR RB 419 95.50 22.39 16.72
CA TYR RB 419 95.46 23.83 16.61
C TYR RB 419 94.66 24.21 15.38
N SER RB 420 94.31 25.49 15.28
CA SER RB 420 93.41 25.94 14.23
C SER RB 420 93.72 27.37 13.82
N ILE RB 421 93.45 27.64 12.54
CA ILE RB 421 93.61 28.96 11.93
C ILE RB 421 92.25 29.42 11.43
N GLY RB 422 91.19 29.02 12.12
CA GLY RB 422 89.86 29.28 11.63
C GLY RB 422 89.46 30.73 11.76
N GLN RB 423 88.27 31.01 11.24
CA GLN RB 423 87.72 32.35 11.23
C GLN RB 423 87.02 32.62 12.56
N ARG RB 424 86.30 33.74 12.63
CA ARG RB 424 85.59 34.11 13.84
C ARG RB 424 84.33 33.27 13.95
N GLY RB 425 84.22 32.51 15.03
CA GLY RB 425 83.03 31.76 15.36
C GLY RB 425 83.11 30.27 15.15
N VAL RB 426 84.26 29.75 14.72
CA VAL RB 426 84.43 28.31 14.52
C VAL RB 426 85.21 27.68 15.66
N ASN RB 427 86.33 28.27 16.07
CA ASN RB 427 87.12 27.68 17.15
C ASN RB 427 86.34 27.69 18.46
N GLN RB 428 85.67 28.81 18.75
CA GLN RB 428 84.81 28.90 19.91
C GLN RB 428 83.78 27.77 19.90
N PHE RB 429 83.13 27.58 18.76
CA PHE RB 429 82.11 26.55 18.64
C PHE RB 429 82.71 25.15 18.81
N LEU RB 430 83.89 24.93 18.24
CA LEU RB 430 84.48 23.61 18.31
C LEU RB 430 84.86 23.24 19.73
N LYS RB 431 85.34 24.22 20.50
CA LYS RB 431 85.64 23.96 21.89
C LYS RB 431 84.36 23.81 22.70
N ASN RB 432 83.33 24.59 22.40
CA ASN RB 432 82.12 24.58 23.20
C ASN RB 432 81.13 23.50 22.81
N ILE RB 433 81.44 22.66 21.82
CA ILE RB 433 80.61 21.50 21.55
C ILE RB 433 80.38 20.71 22.84
N ALA RB 434 81.47 20.23 23.43
CA ALA RB 434 81.41 19.42 24.63
C ALA RB 434 82.68 19.67 25.43
N PRO RB 435 82.63 19.54 26.75
CA PRO RB 435 83.78 19.91 27.57
C PRO RB 435 84.81 18.81 27.65
N GLN RB 436 85.99 19.19 28.10
CA GLN RB 436 87.04 18.22 28.34
C GLN RB 436 86.67 17.32 29.51
N VAL RB 437 87.41 16.23 29.66
CA VAL RB 437 87.18 15.36 30.79
C VAL RB 437 87.73 16.01 32.04
N SER RB 438 87.19 15.59 33.18
CA SER RB 438 87.63 16.12 34.46
C SER RB 438 87.12 15.18 35.55
N MET RB 439 87.82 15.19 36.67
CA MET RB 439 87.45 14.31 37.77
C MET RB 439 86.06 14.65 38.30
N THR RB 440 85.71 15.93 38.29
CA THR RB 440 84.41 16.40 38.72
C THR RB 440 83.79 17.15 37.55
N ASP RB 441 82.46 17.23 37.55
CA ASP RB 441 81.75 17.66 36.34
C ASP RB 441 82.11 19.09 35.94
N SER RB 442 81.68 20.10 36.68
CA SER RB 442 82.26 21.44 36.56
C SER RB 442 82.31 22.22 37.85
N GLY RB 443 81.59 21.80 38.89
CA GLY RB 443 81.38 22.61 40.08
C GLY RB 443 81.84 21.94 41.36
N GLY RB 444 82.35 20.71 41.24
CA GLY RB 444 82.86 20.00 42.39
C GLY RB 444 81.85 19.02 42.92
N ARG RB 445 81.14 18.38 42.00
CA ARG RB 445 80.26 17.27 42.30
C ARG RB 445 80.80 16.02 41.62
N VAL RB 446 80.34 14.88 42.11
CA VAL RB 446 80.65 13.62 41.49
C VAL RB 446 80.02 13.58 40.10
N LYS RB 447 80.58 12.75 39.26
CA LYS RB 447 80.06 12.53 37.92
C LYS RB 447 79.10 11.36 37.92
N PRO RB 448 78.30 11.22 36.85
CA PRO RB 448 77.33 10.15 36.78
C PRO RB 448 77.86 8.93 36.05
N LEU RB 449 77.40 7.76 36.48
CA LEU RB 449 77.69 6.54 35.76
C LEU RB 449 77.08 6.62 34.36
N PRO RB 450 77.62 5.85 33.40
CA PRO RB 450 76.92 5.69 32.14
C PRO RB 450 75.78 4.69 32.20
N ILE RB 451 75.74 3.83 33.23
CA ILE RB 451 74.69 2.85 33.39
C ILE RB 451 74.35 2.72 34.87
N GLN RB 452 73.07 2.55 35.16
CA GLN RB 452 72.62 2.28 36.52
C GLN RB 452 72.65 0.79 36.79
N ASN RB 453 73.10 0.44 37.99
CA ASN RB 453 73.17 -0.95 38.42
C ASN RB 453 74.04 -1.73 37.44
N PRO RB 454 75.31 -1.38 37.34
CA PRO RB 454 76.16 -1.98 36.31
C PRO RB 454 76.49 -3.42 36.62
N ALA RB 455 76.61 -4.21 35.56
CA ALA RB 455 76.97 -5.61 35.70
C ALA RB 455 78.47 -5.77 35.88
N TYR RB 456 79.24 -5.36 34.88
CA TYR RB 456 80.69 -5.35 34.95
C TYR RB 456 81.17 -3.94 35.23
N LEU RB 457 81.89 -3.78 36.34
CA LEU RB 457 82.45 -2.47 36.69
C LEU RB 457 83.48 -2.00 35.67
N SER RB 458 83.94 -2.89 34.78
CA SER RB 458 84.83 -2.48 33.70
C SER RB 458 84.12 -1.73 32.59
N ASP RB 459 82.78 -1.67 32.63
CA ASP RB 459 82.07 -0.91 31.61
C ASP RB 459 82.34 0.58 31.71
N ILE RB 460 82.70 1.07 32.89
CA ILE RB 460 82.93 2.48 33.12
C ILE RB 460 84.35 2.81 32.67
N THR RB 461 84.46 3.31 31.44
CA THR RB 461 85.73 3.72 30.87
C THR RB 461 86.06 5.18 31.14
N GLU RB 462 85.06 6.05 31.19
CA GLU RB 462 85.32 7.47 31.34
C GLU RB 462 85.93 7.76 32.70
N VAL RB 463 87.11 8.36 32.69
CA VAL RB 463 87.83 8.66 33.92
C VAL RB 463 87.01 9.63 34.76
N GLY RB 464 87.31 9.66 36.06
CA GLY RB 464 86.64 10.55 36.99
C GLY RB 464 86.01 9.80 38.14
N HIS RB 465 85.37 10.55 39.04
CA HIS RB 465 84.77 9.99 40.23
C HIS RB 465 83.29 9.70 40.02
N TYR RB 466 82.78 8.72 40.75
CA TYR RB 466 81.42 8.22 40.63
C TYR RB 466 81.00 7.74 42.01
N TYR RB 467 79.71 7.49 42.17
CA TYR RB 467 79.18 6.95 43.41
C TYR RB 467 78.14 5.89 43.09
N ILE RB 468 78.35 4.69 43.63
CA ILE RB 468 77.46 3.57 43.44
C ILE RB 468 76.54 3.52 44.65
N TYR RB 469 75.24 3.69 44.41
CA TYR RB 469 74.29 3.57 45.50
C TYR RB 469 74.27 2.14 46.02
N THR RB 470 73.79 2.00 47.25
CA THR RB 470 73.69 0.69 47.86
C THR RB 470 72.82 -0.26 47.06
N GLN RB 471 71.79 0.26 46.41
CA GLN RB 471 70.92 -0.57 45.58
C GLN RB 471 71.55 -0.87 44.23
N ASP RB 472 72.42 0.00 43.73
CA ASP RB 472 73.08 -0.23 42.46
C ASP RB 472 74.25 -1.18 42.60
N THR RB 473 74.83 -1.29 43.79
CA THR RB 473 75.93 -2.23 44.00
C THR RB 473 75.49 -3.68 43.94
N GLN RB 474 74.18 -3.94 44.05
CA GLN RB 474 73.72 -5.30 44.26
C GLN RB 474 74.07 -6.23 43.10
N ASN RB 475 74.14 -5.70 41.88
CA ASN RB 475 74.33 -6.58 40.73
C ASN RB 475 75.79 -6.92 40.53
N ALA RB 476 76.58 -5.95 40.07
CA ALA RB 476 78.03 -5.84 40.27
C ALA RB 476 78.77 -7.18 40.18
N LEU RB 477 78.73 -7.78 38.98
CA LEU RB 477 79.27 -9.13 38.80
C LEU RB 477 80.74 -9.23 39.18
N ASP RB 478 81.50 -8.14 39.08
CA ASP RB 478 82.91 -8.10 39.48
C ASP RB 478 83.03 -7.02 40.55
N PHE RB 479 82.81 -7.43 41.80
CA PHE RB 479 82.85 -6.59 42.97
C PHE RB 479 83.84 -7.21 43.95
N PRO RB 480 84.66 -6.41 44.64
CA PRO RB 480 85.62 -7.03 45.57
C PRO RB 480 84.97 -7.84 46.66
N LEU RB 481 83.78 -7.46 47.09
CA LEU RB 481 83.05 -8.13 48.14
C LEU RB 481 81.97 -9.01 47.54
N PRO RB 482 81.44 -9.96 48.31
CA PRO RB 482 80.31 -10.76 47.84
C PRO RB 482 78.99 -10.01 48.05
N LYS RB 483 77.90 -10.69 47.68
CA LYS RB 483 76.57 -10.09 47.80
C LYS RB 483 76.17 -9.82 49.23
N ALA RB 484 76.76 -10.53 50.19
CA ALA RB 484 76.32 -10.45 51.58
C ALA RB 484 77.00 -9.34 52.36
N PHE RB 485 78.19 -8.92 51.94
CA PHE RB 485 78.96 -7.94 52.69
C PHE RB 485 78.59 -6.50 52.33
N ARG RB 486 78.13 -6.28 51.10
CA ARG RB 486 77.82 -4.94 50.65
C ARG RB 486 76.47 -4.48 51.18
N ASP RB 487 76.45 -3.35 51.87
CA ASP RB 487 75.22 -2.75 52.38
C ASP RB 487 75.13 -1.27 52.06
N ALA RB 488 76.27 -0.61 51.83
CA ALA RB 488 76.35 0.82 51.68
C ALA RB 488 76.98 1.19 50.34
N GLY RB 489 77.01 2.49 50.07
CA GLY RB 489 77.51 2.97 48.81
C GLY RB 489 79.02 2.98 48.74
N TRP RB 490 79.52 3.25 47.54
CA TRP RB 490 80.95 3.14 47.26
C TRP RB 490 81.39 4.27 46.35
N PHE RB 491 82.27 5.12 46.86
CA PHE RB 491 82.92 6.12 46.02
C PHE RB 491 83.84 5.38 45.07
N PHE RB 492 83.50 5.37 43.79
CA PHE RB 492 84.19 4.58 42.78
C PHE RB 492 84.77 5.53 41.74
N ASP RB 493 86.08 5.55 41.62
CA ASP RB 493 86.75 6.46 40.72
C ASP RB 493 87.70 5.73 39.78
N VAL RB 494 87.63 6.11 38.52
CA VAL RB 494 88.44 5.56 37.45
C VAL RB 494 89.55 6.54 37.14
N LEU RB 495 90.77 6.04 37.07
CA LEU RB 495 91.94 6.84 36.82
C LEU RB 495 92.65 6.36 35.57
N PRO RB 496 93.39 7.23 34.87
CA PRO RB 496 93.96 6.83 33.60
C PRO RB 496 95.05 5.78 33.78
N GLY RB 497 95.12 4.87 32.80
CA GLY RB 497 96.12 3.83 32.78
C GLY RB 497 97.28 4.19 31.90
N HIS RB 498 97.49 3.40 30.85
CA HIS RB 498 98.53 3.67 29.86
C HIS RB 498 97.88 3.75 28.48
N TYR RB 499 98.72 3.91 27.47
CA TYR RB 499 98.25 4.28 26.14
C TYR RB 499 97.50 3.16 25.44
N ASN RB 500 97.61 1.93 25.92
CA ASN RB 500 96.72 0.87 25.45
C ASN RB 500 95.42 0.98 26.26
N GLY RB 501 94.58 -0.05 26.20
CA GLY RB 501 93.25 0.09 26.75
C GLY RB 501 93.10 -0.14 28.24
N ALA RB 502 94.04 0.37 29.03
CA ALA RB 502 94.06 0.14 30.46
C ALA RB 502 93.46 1.31 31.22
N LEU RB 503 92.97 1.00 32.42
CA LEU RB 503 92.44 2.02 33.31
C LEU RB 503 92.44 1.50 34.74
N ARG RB 504 92.88 2.32 35.67
CA ARG RB 504 92.82 1.96 37.08
C ARG RB 504 91.44 2.23 37.63
N GLN RB 505 91.07 1.48 38.66
CA GLN RB 505 89.85 1.69 39.41
C GLN RB 505 90.15 1.66 40.90
N VAL RB 506 89.42 2.47 41.66
CA VAL RB 506 89.49 2.47 43.11
C VAL RB 506 88.07 2.60 43.64
N LEU RB 507 87.76 1.86 44.71
CA LEU RB 507 86.43 1.86 45.32
C LEU RB 507 86.58 1.95 46.82
N THR RB 508 86.09 3.04 47.41
CA THR RB 508 86.12 3.25 48.85
C THR RB 508 84.71 3.28 49.40
N ARG RB 509 84.45 2.41 50.38
CA ARG RB 509 83.13 2.34 50.97
C ARG RB 509 82.74 3.67 51.62
N ASN RB 510 81.44 3.90 51.74
CA ASN RB 510 80.88 5.11 52.33
C ASN RB 510 80.17 4.74 53.61
N SER RB 511 80.82 5.02 54.74
CA SER RB 511 80.15 4.80 56.02
C SER RB 511 80.87 5.51 57.15
N THR RB 512 80.16 6.43 57.82
CA THR RB 512 80.74 7.17 58.92
C THR RB 512 80.91 6.32 60.17
N GLY RB 513 79.95 5.44 60.44
CA GLY RB 513 79.95 4.67 61.66
C GLY RB 513 80.72 3.36 61.58
N ARG RB 514 81.71 3.31 60.69
CA ARG RB 514 82.51 2.10 60.51
C ARG RB 514 83.62 2.43 59.52
N ASN RB 515 84.48 1.44 59.28
CA ASN RB 515 85.70 1.67 58.52
C ASN RB 515 85.40 1.84 57.04
N MET RB 516 86.09 2.81 56.44
CA MET RB 516 85.90 3.14 55.02
C MET RB 516 86.96 2.44 54.17
N LEU RB 517 86.86 1.11 54.17
CA LEU RB 517 87.79 0.28 53.44
C LEU RB 517 87.78 0.60 51.94
N LYS RB 518 88.95 0.47 51.32
CA LYS RB 518 89.11 0.73 49.90
C LYS RB 518 89.78 -0.43 49.19
N PHE RB 519 89.32 -0.67 47.98
CA PHE RB 519 89.88 -1.64 47.05
C PHE RB 519 90.40 -0.91 45.82
N GLU RB 520 91.26 -1.60 45.08
CA GLU RB 520 91.98 -1.01 43.97
C GLU RB 520 92.27 -2.09 42.94
N ARG RB 521 92.27 -1.71 41.66
CA ARG RB 521 92.56 -2.68 40.62
C ARG RB 521 92.89 -1.98 39.30
N VAL RB 522 93.14 -2.80 38.29
CA VAL RB 522 93.36 -2.38 36.92
C VAL RB 522 92.42 -3.18 36.04
N ILE RB 523 91.94 -2.54 34.97
CA ILE RB 523 91.06 -3.17 34.01
C ILE RB 523 91.57 -2.87 32.61
N ASP RB 524 91.23 -3.76 31.69
CA ASP RB 524 91.52 -3.59 30.27
C ASP RB 524 90.20 -3.65 29.52
N ILE RB 525 89.84 -2.54 28.90
CA ILE RB 525 88.50 -2.38 28.31
C ILE RB 525 88.27 -3.38 27.19
N PHE RB 526 89.31 -3.70 26.42
CA PHE RB 526 89.14 -4.59 25.28
C PHE RB 526 89.03 -6.04 25.72
N ASN RB 527 90.08 -6.57 26.33
CA ASN RB 527 90.09 -7.95 26.83
C ASN RB 527 89.71 -7.89 28.30
N LYS RB 528 88.41 -8.06 28.57
CA LYS RB 528 87.92 -8.01 29.94
C LYS RB 528 88.55 -9.08 30.81
N LYS RB 529 89.01 -10.18 30.20
CA LYS RB 529 89.64 -11.25 30.96
C LYS RB 529 90.98 -10.83 31.54
N ASN RB 530 91.64 -9.85 30.92
CA ASN RB 530 92.94 -9.39 31.38
C ASN RB 530 92.86 -8.41 32.54
N ASN RB 531 91.72 -8.28 33.19
CA ASN RB 531 91.58 -7.31 34.27
C ASN RB 531 92.02 -7.92 35.58
N GLY RB 532 92.80 -7.15 36.33
CA GLY RB 532 93.37 -7.64 37.56
C GLY RB 532 92.32 -7.95 38.60
N ALA RB 533 92.81 -8.42 39.74
CA ALA RB 533 91.97 -8.76 40.86
C ALA RB 533 91.88 -7.57 41.80
N TRP RB 534 91.18 -7.75 42.91
CA TRP RB 534 90.82 -6.64 43.80
C TRP RB 534 91.82 -6.57 44.94
N ASN RB 535 92.81 -5.70 44.79
CA ASN RB 535 93.70 -5.40 45.89
C ASN RB 535 92.92 -4.66 46.99
N PHE RB 536 93.51 -4.61 48.18
CA PHE RB 536 92.88 -4.07 49.36
C PHE RB 536 93.89 -3.33 50.21
N CYS RB 537 93.52 -2.13 50.67
CA CYS RB 537 94.28 -1.39 51.66
C CYS RB 537 93.56 -1.42 53.01
N PRO RB 538 94.28 -1.42 54.15
CA PRO RB 538 93.62 -1.55 55.45
C PRO RB 538 92.62 -0.45 55.77
N GLN RB 539 93.10 0.78 55.87
CA GLN RB 539 92.28 1.98 56.07
C GLN RB 539 91.28 1.80 57.21
N ASN RB 540 91.82 1.65 58.42
CA ASN RB 540 91.02 1.50 59.63
C ASN RB 540 90.92 2.82 60.38
N ALA RB 541 89.93 2.88 61.28
CA ALA RB 541 89.68 4.04 62.13
C ALA RB 541 89.52 3.66 63.59
N GLY RB 542 89.70 2.40 63.96
CA GLY RB 542 89.34 1.90 65.26
C GLY RB 542 87.96 1.29 65.31
N TYR RB 543 87.17 1.46 64.26
CA TYR RB 543 85.87 0.82 64.20
C TYR RB 543 86.04 -0.67 63.91
N TRP RB 544 84.91 -1.38 63.95
CA TRP RB 544 84.87 -2.83 63.89
C TRP RB 544 83.90 -3.25 62.79
N GLU RB 545 84.15 -4.43 62.26
CA GLU RB 545 83.30 -5.05 61.26
C GLU RB 545 82.83 -6.40 61.76
N HIS RB 546 81.57 -6.72 61.51
CA HIS RB 546 80.97 -7.98 61.91
C HIS RB 546 80.71 -8.84 60.69
N ILE RB 547 80.85 -10.15 60.87
CA ILE RB 547 80.53 -11.07 59.78
C ILE RB 547 79.02 -11.10 59.60
N PRO RB 548 78.49 -11.01 58.37
CA PRO RB 548 77.03 -11.13 58.22
C PRO RB 548 76.55 -12.56 58.41
N LYS RB 549 75.28 -12.81 58.09
CA LYS RB 549 74.68 -14.12 58.31
C LYS RB 549 75.33 -15.23 57.49
N SER RB 550 76.26 -14.94 56.59
CA SER RB 550 77.08 -15.98 55.99
C SER RB 550 78.12 -16.46 57.00
N ILE RB 551 77.65 -17.17 58.03
CA ILE RB 551 78.49 -17.64 59.12
C ILE RB 551 78.69 -19.14 58.94
N THR RB 552 78.64 -19.61 57.69
CA THR RB 552 78.79 -21.03 57.43
C THR RB 552 80.19 -21.50 57.79
N LYS RB 553 81.19 -20.85 57.20
CA LYS RB 553 82.59 -21.22 57.40
C LYS RB 553 83.45 -19.99 57.41
N LEU RB 554 84.58 -20.08 58.09
CA LEU RB 554 85.60 -19.06 58.03
C LEU RB 554 86.45 -19.13 56.78
N SER RB 555 86.24 -20.13 55.93
CA SER RB 555 87.07 -20.29 54.75
C SER RB 555 86.69 -19.37 53.61
N ASP RB 556 85.52 -18.74 53.67
CA ASP RB 556 85.12 -17.79 52.64
C ASP RB 556 85.80 -16.44 52.78
N LEU RB 557 86.50 -16.19 53.88
CA LEU RB 557 87.09 -14.88 54.16
C LEU RB 557 88.54 -14.83 53.69
N LYS RB 558 88.71 -15.05 52.40
CA LYS RB 558 90.03 -15.10 51.80
C LYS RB 558 90.66 -13.74 51.62
N ILE RB 559 89.91 -12.65 51.78
CA ILE RB 559 90.44 -11.32 51.53
C ILE RB 559 91.49 -10.97 52.58
N VAL RB 560 92.44 -10.14 52.18
CA VAL RB 560 93.67 -9.93 52.94
C VAL RB 560 93.51 -8.77 53.90
N GLY RB 561 94.03 -8.94 55.11
CA GLY RB 561 94.20 -7.84 56.05
C GLY RB 561 92.95 -7.13 56.49
N LEU RB 562 91.96 -7.88 56.95
CA LEU RB 562 90.71 -7.33 57.46
C LEU RB 562 90.59 -7.58 58.96
N ASP RB 563 89.61 -6.90 59.55
CA ASP RB 563 89.29 -7.04 60.96
C ASP RB 563 87.85 -7.50 61.07
N PHE RB 564 87.63 -8.64 61.73
CA PHE RB 564 86.30 -9.19 61.92
C PHE RB 564 86.14 -9.63 63.36
N TYR RB 565 85.24 -8.99 64.10
CA TYR RB 565 84.94 -9.43 65.44
C TYR RB 565 84.06 -10.67 65.41
N ILE RB 566 84.26 -11.53 66.40
CA ILE RB 566 83.42 -12.69 66.62
C ILE RB 566 83.15 -12.79 68.11
N THR RB 567 81.94 -12.43 68.53
CA THR RB 567 81.50 -12.59 69.91
C THR RB 567 81.42 -14.07 70.28
N THR RB 568 81.08 -14.35 71.54
CA THR RB 568 80.81 -15.73 71.93
C THR RB 568 79.65 -16.32 71.14
N GLU RB 569 78.54 -15.58 71.09
CA GLU RB 569 77.38 -16.03 70.35
C GLU RB 569 77.70 -16.19 68.87
N GLU RB 570 78.53 -15.31 68.34
CA GLU RB 570 78.93 -15.44 66.94
C GLU RB 570 79.79 -16.67 66.73
N SER RB 571 80.73 -16.91 67.63
CA SER RB 571 81.66 -18.02 67.48
C SER RB 571 80.96 -19.36 67.61
N ASN RB 572 79.84 -19.41 68.34
CA ASN RB 572 79.11 -20.67 68.44
C ASN RB 572 78.19 -20.93 67.24
N ARG RB 573 78.66 -20.70 66.02
CA ARG RB 573 78.01 -21.15 64.79
C ARG RB 573 78.99 -21.77 63.82
N PHE RB 574 80.22 -21.25 63.75
CA PHE RB 574 81.12 -21.59 62.68
C PHE RB 574 81.61 -23.03 62.79
N THR RB 575 82.07 -23.56 61.67
CA THR RB 575 82.55 -24.93 61.57
C THR RB 575 84.05 -25.03 61.71
N ASP RB 576 84.79 -24.25 60.93
CA ASP RB 576 86.25 -24.24 61.03
C ASP RB 576 86.74 -23.77 62.40
N PHE RB 577 85.91 -23.04 63.14
CA PHE RB 577 86.31 -22.57 64.46
C PHE RB 577 86.52 -23.77 65.37
N PRO RB 578 87.63 -23.85 66.12
CA PRO RB 578 87.86 -25.03 66.96
C PRO RB 578 86.79 -25.22 68.03
N LYS RB 579 86.76 -26.43 68.58
CA LYS RB 579 85.70 -26.84 69.48
C LYS RB 579 86.03 -26.61 70.95
N ASP RB 580 87.26 -26.22 71.27
CA ASP RB 580 87.65 -25.99 72.65
C ASP RB 580 87.37 -24.58 73.11
N PHE RB 581 87.47 -23.59 72.20
CA PHE RB 581 87.25 -22.19 72.52
C PHE RB 581 85.94 -21.67 71.96
N LYS RB 582 84.97 -22.54 71.74
CA LYS RB 582 83.69 -22.15 71.16
C LYS RB 582 82.80 -21.55 72.24
N GLY RB 583 82.67 -20.23 72.22
CA GLY RB 583 81.76 -19.53 73.10
C GLY RB 583 82.40 -19.02 74.38
N ILE RB 584 83.71 -18.96 74.46
CA ILE RB 584 84.37 -18.62 75.71
C ILE RB 584 84.64 -17.12 75.83
N ALA RB 585 84.89 -16.44 74.72
CA ALA RB 585 85.08 -15.00 74.73
C ALA RB 585 84.97 -14.50 73.29
N GLY RB 586 85.20 -13.19 73.12
CA GLY RB 586 85.20 -12.61 71.80
C GLY RB 586 86.51 -12.80 71.09
N TRP RB 587 86.46 -12.73 69.76
CA TRP RB 587 87.62 -13.02 68.92
C TRP RB 587 87.72 -12.03 67.78
N ILE RB 588 88.96 -11.64 67.49
CA ILE RB 588 89.29 -10.77 66.36
C ILE RB 588 89.98 -11.61 65.31
N LEU RB 589 89.47 -11.59 64.09
CA LEU RB 589 90.03 -12.34 62.98
C LEU RB 589 90.83 -11.42 62.08
N GLU RB 590 91.92 -11.95 61.55
CA GLU RB 590 92.79 -11.24 60.64
C GLU RB 590 93.27 -12.22 59.58
N VAL RB 591 93.60 -11.70 58.40
CA VAL RB 591 94.00 -12.51 57.27
C VAL RB 591 95.37 -12.05 56.77
N LYS RB 592 96.16 -13.02 56.31
CA LYS RB 592 97.49 -12.78 55.78
C LYS RB 592 97.67 -13.56 54.49
N SER RB 593 98.41 -12.97 53.56
CA SER RB 593 98.50 -13.48 52.21
C SER RB 593 99.39 -14.72 52.14
N ASN RB 594 99.23 -15.45 51.04
CA ASN RB 594 99.96 -16.69 50.79
C ASN RB 594 99.84 -16.99 49.31
N THR RB 595 100.21 -18.20 48.92
CA THR RB 595 100.00 -18.64 47.54
C THR RB 595 98.51 -18.62 47.22
N PRO RB 596 98.14 -18.49 45.95
CA PRO RB 596 96.71 -18.34 45.62
C PRO RB 596 95.90 -19.55 46.02
N GLY RB 597 94.76 -19.28 46.62
CA GLY RB 597 93.96 -20.30 47.28
C GLY RB 597 94.35 -20.40 48.72
N ASN RB 598 95.65 -20.50 48.96
CA ASN RB 598 96.17 -20.57 50.32
C ASN RB 598 96.16 -19.19 50.96
N THR RB 599 95.88 -19.18 52.25
CA THR RB 599 95.88 -17.93 52.99
C THR RB 599 95.84 -18.26 54.46
N THR RB 600 96.49 -17.40 55.26
CA THR RB 600 96.58 -17.59 56.69
C THR RB 600 95.50 -16.78 57.38
N GLN RB 601 94.90 -17.37 58.40
CA GLN RB 601 93.91 -16.72 59.24
C GLN RB 601 94.40 -16.76 60.68
N VAL RB 602 94.58 -15.61 61.26
CA VAL RB 602 94.93 -15.46 62.66
C VAL RB 602 93.68 -15.07 63.42
N LEU RB 603 93.55 -15.59 64.64
CA LEU RB 603 92.41 -15.27 65.47
C LEU RB 603 92.91 -15.01 66.88
N ARG RB 604 92.54 -13.88 67.43
CA ARG RB 604 93.07 -13.40 68.71
C ARG RB 604 91.93 -13.25 69.69
N ARG RB 605 92.10 -13.81 70.88
CA ARG RB 605 91.08 -13.65 71.90
C ARG RB 605 90.97 -12.20 72.32
N ASN RB 606 89.88 -11.89 73.01
CA ASN RB 606 89.64 -10.57 73.57
C ASN RB 606 89.27 -10.77 75.03
N ASN RB 607 90.29 -10.87 75.88
CA ASN RB 607 90.09 -10.97 77.33
C ASN RB 607 91.07 -10.04 78.01
N PHE RB 608 90.56 -9.16 78.85
CA PHE RB 608 91.42 -8.21 79.54
C PHE RB 608 92.13 -8.87 80.71
N PRO RB 609 91.41 -9.50 81.68
CA PRO RB 609 92.11 -10.01 82.85
C PRO RB 609 92.87 -11.30 82.58
N SER RB 610 92.23 -12.24 81.89
CA SER RB 610 92.82 -13.54 81.70
C SER RB 610 93.98 -13.47 80.71
N ALA RB 611 94.64 -14.61 80.53
CA ALA RB 611 95.76 -14.65 79.59
C ALA RB 611 95.25 -14.54 78.16
N HIS RB 612 96.08 -13.91 77.33
CA HIS RB 612 95.76 -13.76 75.92
C HIS RB 612 96.11 -15.03 75.17
N GLN RB 613 95.39 -15.25 74.07
CA GLN RB 613 95.57 -16.40 73.22
C GLN RB 613 95.44 -15.95 71.79
N PHE RB 614 96.24 -16.56 70.92
CA PHE RB 614 96.03 -16.35 69.50
C PHE RB 614 96.40 -17.62 68.75
N LEU RB 615 95.52 -17.99 67.83
CA LEU RB 615 95.61 -19.25 67.11
C LEU RB 615 95.57 -18.97 65.63
N VAL RB 616 96.50 -19.59 64.90
CA VAL RB 616 96.72 -19.30 63.50
C VAL RB 616 96.49 -20.55 62.69
N ARG RB 617 96.00 -20.36 61.47
CA ARG RB 617 95.63 -21.42 60.56
C ARG RB 617 96.10 -21.02 59.18
N ASN RB 618 96.32 -22.01 58.32
CA ASN RB 618 96.54 -21.76 56.90
C ASN RB 618 95.68 -22.73 56.11
N PHE RB 619 94.78 -22.18 55.29
CA PHE RB 619 93.84 -22.99 54.54
C PHE RB 619 93.86 -22.59 53.08
N GLY RB 620 93.57 -23.56 52.23
CA GLY RB 620 93.40 -23.34 50.81
C GLY RB 620 93.77 -24.52 49.96
N THR RB 621 94.60 -24.27 48.94
CA THR RB 621 94.96 -25.33 48.01
C THR RB 621 95.77 -26.42 48.69
N GLY RB 622 96.71 -26.03 49.56
CA GLY RB 622 97.56 -27.01 50.20
C GLY RB 622 96.81 -27.93 51.15
N GLY RB 623 95.68 -27.48 51.68
CA GLY RB 623 94.91 -28.32 52.57
C GLY RB 623 93.99 -27.48 53.43
N VAL RB 624 93.37 -28.16 54.39
CA VAL RB 624 92.38 -27.51 55.26
C VAL RB 624 93.09 -26.61 56.26
N GLY RB 625 94.09 -27.14 56.94
CA GLY RB 625 94.84 -26.39 57.93
C GLY RB 625 94.43 -26.74 59.34
N LYS RB 626 95.42 -26.78 60.23
CA LYS RB 626 95.22 -27.09 61.63
C LYS RB 626 95.59 -25.88 62.47
N TRP RB 627 94.69 -25.48 63.34
CA TRP RB 627 94.90 -24.28 64.13
C TRP RB 627 95.96 -24.53 65.20
N SER RB 628 97.06 -23.78 65.11
CA SER RB 628 98.14 -23.83 66.08
C SER RB 628 98.00 -22.64 67.02
N LEU RB 629 97.96 -22.92 68.33
CA LEU RB 629 97.72 -21.93 69.37
C LEU RB 629 99.02 -21.40 69.94
N PHE RB 630 98.94 -20.19 70.49
CA PHE RB 630 99.99 -19.60 71.30
C PHE RB 630 99.32 -18.87 72.45
N GLU RB 631 99.76 -19.17 73.67
CA GLU RB 631 99.18 -18.62 74.88
C GLU RB 631 100.18 -17.72 75.57
N GLY RB 632 99.67 -16.70 76.26
CA GLY RB 632 100.51 -15.71 76.88
C GLY RB 632 100.62 -15.87 78.38
N LYS RB 633 101.63 -15.23 78.94
CA LYS RB 633 101.93 -15.27 80.36
C LYS RB 633 101.51 -13.94 80.97
N VAL RB 634 100.53 -13.98 81.85
CA VAL RB 634 100.03 -12.76 82.46
C VAL RB 634 101.15 -12.14 83.30
N VAL RB 635 101.56 -10.93 82.93
CA VAL RB 635 102.62 -10.20 83.61
C VAL RB 635 102.17 -8.74 83.74
N GLU RB 636 102.96 -7.97 84.48
CA GLU RB 636 102.61 -6.58 84.77
C GLU RB 636 103.86 -5.70 84.79
N ASP SB 2 46.16 16.10 -12.11
CA ASP SB 2 46.70 14.78 -12.35
C ASP SB 2 46.06 13.75 -11.41
N ASN SB 3 46.66 12.57 -11.33
CA ASN SB 3 46.25 11.59 -10.34
C ASN SB 3 46.34 12.18 -8.93
N LYS SB 4 45.37 11.87 -8.11
CA LYS SB 4 45.34 12.40 -6.75
C LYS SB 4 46.23 11.58 -5.84
N LEU SB 5 46.41 12.10 -4.63
CA LEU SB 5 47.20 11.42 -3.63
C LEU SB 5 46.42 10.26 -3.04
N ILE SB 6 47.15 9.34 -2.44
CA ILE SB 6 46.55 8.21 -1.75
C ILE SB 6 46.23 8.66 -0.34
N THR SB 7 45.02 9.17 -0.14
CA THR SB 7 44.60 9.62 1.18
C THR SB 7 44.57 8.45 2.17
N ASP SB 8 44.07 7.30 1.73
CA ASP SB 8 43.85 6.16 2.60
C ASP SB 8 45.00 5.17 2.48
N LEU SB 9 45.71 4.95 3.58
CA LEU SB 9 46.86 4.06 3.64
C LEU SB 9 46.46 2.70 4.20
N SER SB 10 47.40 1.76 4.12
CA SER SB 10 47.23 0.45 4.72
C SER SB 10 47.29 0.55 6.24
N ARG SB 11 46.66 -0.42 6.89
CA ARG SB 11 46.60 -0.48 8.34
C ARG SB 11 47.58 -1.49 8.92
N VAL SB 12 48.68 -1.73 8.21
CA VAL SB 12 49.71 -2.66 8.67
C VAL SB 12 51.05 -2.25 8.09
N PHE SB 13 52.08 -2.24 8.92
CA PHE SB 13 53.38 -1.79 8.45
C PHE SB 13 53.96 -2.86 7.52
N ASP SB 14 54.16 -2.47 6.26
CA ASP SB 14 54.66 -3.39 5.25
C ASP SB 14 55.26 -2.55 4.12
N TYR SB 15 55.93 -3.25 3.21
CA TYR SB 15 56.42 -2.64 1.98
C TYR SB 15 55.32 -1.88 1.26
N ARG SB 16 54.08 -2.35 1.36
CA ARG SB 16 52.98 -1.64 0.71
C ARG SB 16 52.74 -0.29 1.36
N TYR SB 17 52.72 -0.23 2.69
CA TYR SB 17 52.55 1.04 3.40
C TYR SB 17 53.68 1.99 3.07
N VAL SB 18 54.90 1.48 3.06
CA VAL SB 18 56.05 2.33 2.78
C VAL SB 18 55.99 2.84 1.34
N ASP SB 19 55.62 1.97 0.40
CA ASP SB 19 55.51 2.39 -0.98
C ASP SB 19 54.41 3.42 -1.16
N GLU SB 20 53.34 3.30 -0.38
CA GLU SB 20 52.26 4.27 -0.46
C GLU SB 20 52.76 5.65 -0.04
N ASN SB 21 53.41 5.72 1.13
CA ASN SB 21 53.95 7.01 1.56
C ASN SB 21 54.97 7.54 0.56
N GLU SB 22 55.75 6.64 -0.04
CA GLU SB 22 56.77 7.06 -1.00
C GLU SB 22 56.12 7.68 -2.23
N TYR SB 23 55.14 6.98 -2.80
CA TYR SB 23 54.46 7.46 -3.99
C TYR SB 23 53.77 8.79 -3.71
N ASN SB 24 53.15 8.90 -2.55
CA ASN SB 24 52.49 10.15 -2.18
C ASN SB 24 53.49 11.29 -2.08
N PHE SB 25 54.67 11.04 -1.52
CA PHE SB 25 55.66 12.09 -1.40
C PHE SB 25 56.23 12.49 -2.75
N LYS SB 26 56.43 11.54 -3.64
CA LYS SB 26 56.91 11.88 -4.98
C LYS SB 26 55.90 12.75 -5.71
N LEU SB 27 54.63 12.36 -5.63
CA LEU SB 27 53.58 13.16 -6.24
C LEU SB 27 53.53 14.56 -5.64
N ILE SB 28 53.79 14.67 -4.33
CA ILE SB 28 53.77 15.99 -3.69
C ILE SB 28 54.93 16.83 -4.20
N SER SB 29 56.10 16.21 -4.35
CA SER SB 29 57.25 16.95 -4.86
C SER SB 29 56.99 17.46 -6.27
N ASP SB 30 56.41 16.62 -7.11
CA ASP SB 30 56.11 17.06 -8.47
C ASP SB 30 55.08 18.17 -8.48
N MET SB 31 54.05 18.06 -7.64
CA MET SB 31 53.02 19.10 -7.58
C MET SB 31 53.62 20.42 -7.12
N LEU SB 32 54.43 20.40 -6.07
CA LEU SB 32 55.02 21.63 -5.57
C LEU SB 32 55.96 22.25 -6.59
N THR SB 33 56.75 21.42 -7.27
CA THR SB 33 57.66 21.95 -8.28
C THR SB 33 56.88 22.58 -9.42
N ASP SB 34 55.80 21.93 -9.85
CA ASP SB 34 54.98 22.49 -10.92
C ASP SB 34 54.35 23.81 -10.50
N PHE SB 35 53.88 23.90 -9.26
CA PHE SB 35 53.27 25.14 -8.81
C PHE SB 35 54.30 26.27 -8.73
N ASN SB 36 55.49 25.96 -8.21
CA ASN SB 36 56.52 26.99 -8.12
C ASN SB 36 56.95 27.45 -9.51
N PHE SB 37 57.02 26.51 -10.45
CA PHE SB 37 57.37 26.87 -11.81
C PHE SB 37 56.30 27.76 -12.43
N SER SB 38 55.02 27.42 -12.21
CA SER SB 38 53.93 28.25 -12.72
C SER SB 38 53.98 29.63 -12.11
N LEU SB 39 54.35 29.72 -10.83
CA LEU SB 39 54.38 31.02 -10.17
C LEU SB 39 55.50 31.87 -10.73
N GLU SB 40 56.69 31.29 -10.89
CA GLU SB 40 57.79 32.05 -11.47
C GLU SB 40 57.51 32.43 -12.91
N TYR SB 41 56.78 31.59 -13.64
CA TYR SB 41 56.44 31.89 -15.02
C TYR SB 41 55.44 33.04 -15.11
N HIS SB 42 54.47 33.07 -14.19
CA HIS SB 42 53.53 34.18 -14.11
C HIS SB 42 54.21 35.45 -13.64
N ARG SB 43 55.23 35.31 -12.80
CA ARG SB 43 55.87 36.48 -12.19
C ARG SB 43 56.89 37.11 -13.11
N ASN SB 44 57.54 36.33 -13.97
CA ASN SB 44 58.65 36.80 -14.78
C ASN SB 44 58.38 36.72 -16.28
N LYS SB 45 57.98 35.55 -16.79
CA LYS SB 45 58.00 35.30 -18.23
C LYS SB 45 56.63 35.38 -18.90
N GLU SB 46 55.56 35.18 -18.16
CA GLU SB 46 54.24 35.06 -18.79
C GLU SB 46 53.80 36.42 -19.32
N VAL SB 47 53.42 36.45 -20.59
CA VAL SB 47 52.96 37.67 -21.24
C VAL SB 47 51.44 37.69 -21.23
N PHE SB 48 50.89 38.89 -21.17
CA PHE SB 48 49.44 39.11 -21.12
C PHE SB 48 48.83 38.34 -19.94
N ALA SB 49 49.53 38.40 -18.81
CA ALA SB 49 49.08 37.77 -17.58
C ALA SB 49 47.76 38.37 -17.10
N HIS SB 50 47.80 39.63 -16.70
CA HIS SB 50 46.62 40.39 -16.32
C HIS SB 50 46.21 41.31 -17.46
N ASN SB 51 44.93 41.64 -17.54
CA ASN SB 51 44.36 42.42 -18.63
C ASN SB 51 44.14 43.86 -18.25
N GLY SB 52 44.98 44.40 -17.39
CA GLY SB 52 44.90 45.79 -17.03
C GLY SB 52 43.88 46.07 -15.95
N GLU SB 53 42.62 45.72 -16.20
CA GLU SB 53 41.56 46.01 -15.23
C GLU SB 53 41.80 45.39 -13.87
N GLN SB 54 42.69 44.40 -13.77
CA GLN SB 54 43.04 43.77 -12.51
C GLN SB 54 44.05 44.57 -11.71
N ILE SB 55 44.29 45.84 -12.06
CA ILE SB 55 45.31 46.65 -11.43
C ILE SB 55 44.68 47.89 -10.81
N LYS SB 56 45.19 48.28 -9.66
CA LYS SB 56 44.75 49.44 -8.92
C LYS SB 56 45.64 50.62 -9.27
N TYR SB 57 45.05 51.82 -9.21
CA TYR SB 57 45.82 53.05 -9.41
C TYR SB 57 45.17 54.13 -8.56
N GLU SB 58 45.85 54.53 -7.49
CA GLU SB 58 45.33 55.48 -6.52
C GLU SB 58 46.28 56.64 -6.39
N HIS SB 59 45.75 57.86 -6.51
CA HIS SB 59 46.57 59.05 -6.39
C HIS SB 59 45.67 60.22 -6.04
N LEU SB 60 46.03 60.95 -4.98
CA LEU SB 60 45.27 62.11 -4.52
C LEU SB 60 43.83 61.72 -4.20
N ASN SB 61 43.65 60.55 -3.61
CA ASN SB 61 42.33 59.99 -3.32
C ASN SB 61 41.50 59.89 -4.60
N VAL SB 62 42.11 59.33 -5.65
CA VAL SB 62 41.44 59.04 -6.90
C VAL SB 62 41.79 57.60 -7.27
N THR SB 63 40.95 56.66 -6.86
CA THR SB 63 41.16 55.25 -7.17
C THR SB 63 40.48 54.92 -8.48
N SER SB 64 41.14 54.10 -9.29
CA SER SB 64 40.65 53.71 -10.60
C SER SB 64 41.61 52.68 -11.17
N SER SB 65 41.16 52.03 -12.24
CA SER SB 65 41.96 51.00 -12.89
C SER SB 65 42.88 51.62 -13.91
N VAL SB 66 44.01 50.95 -14.14
CA VAL SB 66 45.01 51.48 -15.05
C VAL SB 66 44.49 51.44 -16.48
N SER SB 67 43.72 50.43 -16.83
CA SER SB 67 43.21 50.34 -18.18
C SER SB 67 42.18 51.42 -18.47
N ASP SB 68 41.45 51.86 -17.45
CA ASP SB 68 40.54 52.97 -17.62
C ASP SB 68 41.29 54.29 -17.65
N PHE SB 69 42.33 54.42 -16.82
CA PHE SB 69 43.06 55.66 -16.78
C PHE SB 69 43.85 55.90 -18.06
N LEU SB 70 44.30 54.82 -18.71
CA LEU SB 70 44.98 55.00 -19.99
C LEU SB 70 44.01 55.51 -21.03
N THR SB 71 42.79 55.00 -21.04
CA THR SB 71 41.78 55.52 -21.95
C THR SB 71 41.47 56.97 -21.65
N TYR SB 72 41.42 57.33 -20.37
CA TYR SB 72 41.15 58.71 -19.99
C TYR SB 72 42.27 59.63 -20.46
N LEU SB 73 43.52 59.18 -20.34
CA LEU SB 73 44.64 60.00 -20.77
C LEU SB 73 44.65 60.14 -22.28
N ASN SB 74 44.39 59.05 -23.00
CA ASN SB 74 44.35 59.12 -24.45
C ASN SB 74 43.23 60.04 -24.90
N GLY SB 75 42.10 60.01 -24.22
CA GLY SB 75 41.03 60.94 -24.52
C GLY SB 75 41.45 62.37 -24.30
N ARG SB 76 42.01 62.67 -23.14
CA ARG SB 76 42.44 64.04 -22.84
C ARG SB 76 43.50 64.50 -23.82
N PHE SB 77 44.33 63.58 -24.30
CA PHE SB 77 45.39 63.97 -25.23
C PHE SB 77 44.82 64.22 -26.61
N SER SB 78 43.88 63.40 -27.05
CA SER SB 78 43.23 63.60 -28.33
C SER SB 78 42.25 64.76 -28.31
N ASN SB 79 41.94 65.31 -27.13
CA ASN SB 79 41.17 66.53 -27.01
C ASN SB 79 42.01 67.74 -26.63
N MET SB 80 43.28 67.55 -26.33
CA MET SB 80 44.12 68.68 -25.96
C MET SB 80 44.35 69.58 -27.16
N VAL SB 81 44.38 70.88 -26.89
CA VAL SB 81 44.54 71.92 -27.90
C VAL SB 81 45.78 72.72 -27.57
N LEU SB 82 46.52 73.09 -28.60
CA LEU SB 82 47.80 73.75 -28.43
C LEU SB 82 47.97 74.82 -29.50
N GLY SB 83 48.60 75.93 -29.11
CA GLY SB 83 48.80 77.05 -30.01
C GLY SB 83 50.26 77.36 -30.21
N HIS SB 84 50.58 77.88 -31.38
CA HIS SB 84 51.94 78.21 -31.77
C HIS SB 84 52.31 79.52 -31.08
N ASN SB 85 52.47 79.44 -29.77
CA ASN SB 85 52.71 80.63 -28.96
C ASN SB 85 54.02 81.29 -29.36
N GLY SB 86 55.00 80.49 -29.72
CA GLY SB 86 56.28 81.02 -30.14
C GLY SB 86 57.19 79.91 -30.59
N ASP SB 87 58.48 80.22 -30.59
CA ASP SB 87 59.49 79.27 -31.08
C ASP SB 87 60.07 78.46 -29.93
N GLY SB 88 59.19 77.84 -29.15
CA GLY SB 88 59.59 76.96 -28.06
C GLY SB 88 58.85 77.15 -26.76
N ILE SB 89 57.80 77.98 -26.75
CA ILE SB 89 57.08 78.29 -25.52
C ILE SB 89 56.42 77.03 -24.99
N ASN SB 90 55.70 76.31 -25.87
CA ASN SB 90 55.06 75.07 -25.46
C ASN SB 90 56.09 74.06 -24.99
N GLU SB 91 57.24 74.02 -25.65
CA GLU SB 91 58.30 73.09 -25.30
C GLU SB 91 58.79 73.33 -23.88
N VAL SB 92 59.07 74.58 -23.54
CA VAL SB 92 59.54 74.91 -22.20
C VAL SB 92 58.43 74.65 -21.19
N LYS SB 93 57.19 74.98 -21.55
CA LYS SB 93 56.09 74.73 -20.63
C LYS SB 93 55.95 73.25 -20.34
N ASP SB 94 56.23 72.40 -21.33
CA ASP SB 94 56.22 70.97 -21.10
C ASP SB 94 57.37 70.56 -20.20
N ALA SB 95 58.54 71.17 -20.39
CA ALA SB 95 59.68 70.83 -19.55
C ALA SB 95 59.53 71.32 -18.12
N ARG SB 96 58.60 72.22 -17.84
CA ARG SB 96 58.49 72.80 -16.50
C ARG SB 96 58.17 71.80 -15.39
N VAL SB 97 57.70 70.59 -15.73
CA VAL SB 97 57.37 69.58 -14.70
C VAL SB 97 58.61 68.78 -14.36
N ASP SB 98 58.56 68.04 -13.21
CA ASP SB 98 59.65 67.14 -12.80
C ASP SB 98 59.11 65.76 -12.41
N ASN SB 99 58.79 64.95 -13.42
CA ASN SB 99 58.66 63.49 -13.29
C ASN SB 99 57.55 63.00 -12.36
N THR SB 100 56.84 63.92 -11.70
CA THR SB 100 55.85 63.59 -10.69
C THR SB 100 54.72 64.59 -10.71
N GLY SB 101 54.51 65.26 -11.84
CA GLY SB 101 53.65 66.42 -11.84
C GLY SB 101 54.28 67.57 -11.06
N TYR SB 102 53.44 68.30 -10.35
CA TYR SB 102 53.83 69.50 -9.62
C TYR SB 102 54.51 70.49 -10.56
N ASP SB 103 53.69 71.02 -11.47
CA ASP SB 103 54.18 71.98 -12.43
C ASP SB 103 54.80 73.18 -11.75
N HIS SB 104 56.06 73.41 -12.05
CA HIS SB 104 56.76 74.57 -11.52
C HIS SB 104 56.45 75.80 -12.37
N LYS SB 105 56.58 76.97 -11.75
CA LYS SB 105 56.29 78.20 -12.46
C LYS SB 105 57.37 78.54 -13.46
N THR SB 106 58.59 78.06 -13.26
CA THR SB 106 59.70 78.36 -14.14
C THR SB 106 60.62 77.15 -14.22
N LEU SB 107 61.15 76.92 -15.43
CA LEU SB 107 62.13 75.86 -15.65
C LEU SB 107 63.30 75.98 -14.70
N GLN SB 108 63.74 77.21 -14.41
CA GLN SB 108 64.84 77.39 -13.48
C GLN SB 108 64.45 76.90 -12.09
N ASP SB 109 63.24 77.20 -11.66
CA ASP SB 109 62.77 76.71 -10.37
C ASP SB 109 62.73 75.19 -10.36
N ARG SB 110 62.33 74.59 -11.48
CA ARG SB 110 62.27 73.13 -11.56
C ARG SB 110 63.66 72.53 -11.42
N LEU SB 111 64.62 73.08 -12.15
CA LEU SB 111 65.98 72.55 -12.08
C LEU SB 111 66.56 72.72 -10.68
N TYR SB 112 66.31 73.87 -10.05
CA TYR SB 112 66.81 74.07 -8.69
C TYR SB 112 66.20 73.06 -7.74
N HIS SB 113 64.90 72.81 -7.88
CA HIS SB 113 64.25 71.85 -6.99
C HIS SB 113 64.78 70.45 -7.19
N ASP SB 114 64.99 70.06 -8.45
CA ASP SB 114 65.53 68.72 -8.73
C ASP SB 114 66.93 68.56 -8.13
N TYR SB 115 67.82 69.50 -8.45
CA TYR SB 115 69.18 69.44 -7.91
C TYR SB 115 69.17 69.43 -6.40
N SER SB 116 68.30 70.21 -5.79
CA SER SB 116 68.27 70.27 -4.33
C SER SB 116 67.81 68.95 -3.75
N THR SB 117 66.80 68.33 -4.37
CA THR SB 117 66.35 67.02 -3.92
C THR SB 117 67.45 66.00 -4.02
N LEU SB 118 68.18 66.02 -5.15
CA LEU SB 118 69.23 65.03 -5.34
C LEU SB 118 70.40 65.25 -4.39
N ASP SB 119 70.76 66.51 -4.16
CA ASP SB 119 71.83 66.80 -3.21
C ASP SB 119 71.44 66.34 -1.82
N ALA SB 120 70.24 66.70 -1.37
CA ALA SB 120 69.81 66.29 -0.05
C ALA SB 120 69.80 64.78 0.07
N PHE SB 121 69.34 64.09 -0.99
CA PHE SB 121 69.27 62.64 -0.95
C PHE SB 121 70.65 62.02 -0.84
N THR SB 122 71.55 62.39 -1.75
CA THR SB 122 72.88 61.78 -1.74
C THR SB 122 73.68 62.18 -0.51
N LYS SB 123 73.46 63.38 0.01
CA LYS SB 123 74.19 63.83 1.19
C LYS SB 123 73.67 63.11 2.43
N LYS SB 124 72.36 62.90 2.51
CA LYS SB 124 71.81 62.08 3.58
C LYS SB 124 72.33 60.66 3.48
N VAL SB 125 72.48 60.14 2.26
CA VAL SB 125 73.03 58.82 2.05
C VAL SB 125 74.46 58.76 2.58
N GLU SB 126 75.26 59.78 2.25
CA GLU SB 126 76.65 59.79 2.69
C GLU SB 126 76.73 59.89 4.21
N LYS SB 127 75.85 60.69 4.81
CA LYS SB 127 75.81 60.79 6.26
C LYS SB 127 75.49 59.45 6.89
N ALA SB 128 74.50 58.74 6.32
CA ALA SB 128 74.16 57.41 6.82
C ALA SB 128 75.34 56.47 6.69
N VAL SB 129 76.06 56.55 5.56
CA VAL SB 129 77.24 55.71 5.36
C VAL SB 129 78.28 55.98 6.44
N ASP SB 130 78.54 57.26 6.68
CA ASP SB 130 79.61 57.62 7.61
C ASP SB 130 79.26 57.20 9.03
N GLU SB 131 78.02 57.43 9.46
CA GLU SB 131 77.65 57.04 10.80
C GLU SB 131 77.60 55.53 10.94
N ASN SB 132 77.20 54.80 9.89
CA ASN SB 132 77.21 53.35 9.95
C ASN SB 132 78.63 52.83 10.07
N TYR SB 133 79.56 53.40 9.30
CA TYR SB 133 80.96 52.99 9.39
C TYR SB 133 81.52 53.29 10.76
N LYS SB 134 81.20 54.45 11.31
CA LYS SB 134 81.67 54.80 12.65
C LYS SB 134 81.12 53.83 13.68
N GLU SB 135 79.84 53.49 13.57
CA GLU SB 135 79.24 52.52 14.48
C GLU SB 135 79.91 51.18 14.38
N TYR SB 136 80.20 50.74 13.16
CA TYR SB 136 80.85 49.44 12.99
C TYR SB 136 82.25 49.44 13.57
N ARG SB 137 82.99 50.51 13.35
CA ARG SB 137 84.33 50.59 13.91
C ARG SB 137 84.30 50.59 15.43
N ALA SB 138 83.34 51.31 16.02
CA ALA SB 138 83.21 51.30 17.47
C ALA SB 138 82.88 49.90 17.98
N THR SB 139 81.90 49.25 17.35
CA THR SB 139 81.46 47.94 17.80
C THR SB 139 82.56 46.90 17.65
N GLU SB 140 83.42 47.05 16.65
CA GLU SB 140 84.48 46.08 16.42
C GLU SB 140 85.66 46.34 17.34
N TYR SB 141 86.20 47.55 17.33
CA TYR SB 141 87.36 47.92 18.13
C TYR SB 141 86.97 48.48 19.49
N ARG SB 142 85.83 48.04 20.04
CA ARG SB 142 85.37 48.55 21.32
C ARG SB 142 86.37 48.23 22.41
N PHE SB 143 87.08 49.25 22.86
CA PHE SB 143 88.01 49.15 23.98
C PHE SB 143 87.64 50.29 24.92
N GLU SB 144 86.66 50.03 25.78
CA GLU SB 144 86.11 51.01 26.71
C GLU SB 144 86.22 50.45 28.13
N PRO SB 145 87.44 50.39 28.67
CA PRO SB 145 87.60 49.85 30.03
C PRO SB 145 86.92 50.64 31.13
N LYS SB 146 86.34 51.81 30.81
CA LYS SB 146 85.59 52.55 31.82
C LYS SB 146 84.21 51.95 32.05
N GLU SB 147 83.72 51.12 31.13
CA GLU SB 147 82.43 50.48 31.27
C GLU SB 147 82.44 48.99 30.98
N GLN SB 148 83.41 48.50 30.22
CA GLN SB 148 83.43 47.10 29.85
C GLN SB 148 83.62 46.21 31.08
N GLU SB 149 83.25 44.95 30.93
CA GLU SB 149 83.25 43.99 32.02
C GLU SB 149 84.47 43.10 31.90
N PRO SB 150 85.28 42.90 32.95
CA PRO SB 150 86.42 42.00 32.79
C PRO SB 150 86.02 40.54 32.61
N GLU SB 151 87.00 39.67 32.47
CA GLU SB 151 86.74 38.25 32.27
C GLU SB 151 88.03 37.48 32.45
N PHE SB 152 87.90 36.19 32.65
CA PHE SB 152 89.05 35.34 32.93
C PHE SB 152 89.91 35.17 31.69
N ILE SB 153 91.22 35.03 31.92
CA ILE SB 153 92.19 34.75 30.87
C ILE SB 153 93.01 33.54 31.27
N THR SB 154 93.62 33.60 32.45
CA THR SB 154 94.49 32.54 32.93
C THR SB 154 94.81 32.81 34.39
N ASP SB 155 94.94 31.73 35.17
CA ASP SB 155 95.44 31.82 36.53
C ASP SB 155 96.89 31.39 36.55
N LEU SB 156 97.71 32.15 37.26
CA LEU SB 156 99.14 31.89 37.32
C LEU SB 156 99.44 30.83 38.37
N SER SB 157 100.61 30.22 38.24
CA SER SB 157 101.08 29.24 39.21
C SER SB 157 102.60 29.32 39.35
N PRO SB 158 103.08 30.32 40.09
CA PRO SB 158 104.49 30.33 40.50
C PRO SB 158 104.68 29.71 41.88
N TYR SB 159 105.74 28.95 42.02
CA TYR SB 159 106.01 28.23 43.26
C TYR SB 159 106.62 29.23 44.25
N THR SB 160 105.77 30.03 44.85
CA THR SB 160 106.17 30.94 45.92
C THR SB 160 104.94 31.32 46.73
N ASN SB 161 105.15 31.50 48.03
CA ASN SB 161 104.10 31.89 48.96
C ASN SB 161 104.30 33.35 49.32
N ALA SB 162 103.72 34.23 48.52
CA ALA SB 162 103.76 35.66 48.79
C ALA SB 162 102.71 36.34 47.94
N VAL SB 163 102.64 37.66 48.03
CA VAL SB 163 101.71 38.45 47.25
C VAL SB 163 102.37 38.75 45.91
N MET SB 164 101.66 38.44 44.83
CA MET SB 164 102.15 38.83 43.51
C MET SB 164 102.12 40.35 43.41
N GLN SB 165 103.25 40.92 42.99
CA GLN SB 165 103.34 42.37 42.91
C GLN SB 165 102.94 42.86 41.52
N SER SB 166 103.40 42.19 40.47
CA SER SB 166 102.89 42.52 39.15
C SER SB 166 103.23 41.41 38.17
N PHE SB 167 102.85 41.64 36.91
CA PHE SB 167 103.02 40.67 35.86
C PHE SB 167 103.19 41.39 34.54
N TRP SB 168 103.57 40.63 33.53
CA TRP SB 168 103.67 41.17 32.18
C TRP SB 168 103.74 40.02 31.19
N VAL SB 169 102.88 40.06 30.20
CA VAL SB 169 102.82 39.04 29.17
C VAL SB 169 103.76 39.44 28.04
N ASP SB 170 104.35 38.43 27.39
CA ASP SB 170 105.17 38.68 26.22
C ASP SB 170 104.32 38.40 24.98
N PRO SB 171 103.97 39.40 24.16
CA PRO SB 171 103.09 39.11 23.03
C PRO SB 171 103.71 38.24 21.96
N ARG SB 172 105.03 38.06 22.00
CA ARG SB 172 105.72 37.29 20.98
C ARG SB 172 105.96 35.86 21.41
N THR SB 173 106.26 35.66 22.68
CA THR SB 173 106.57 34.35 23.23
C THR SB 173 105.51 33.85 24.19
N LYS SB 174 104.60 34.71 24.66
CA LYS SB 174 103.42 34.34 25.42
C LYS SB 174 103.76 33.75 26.78
N ILE SB 175 104.96 34.00 27.27
CA ILE SB 175 105.30 33.73 28.67
C ILE SB 175 104.84 34.91 29.51
N ILE SB 176 104.39 34.60 30.72
CA ILE SB 176 104.04 35.59 31.71
C ILE SB 176 105.23 35.71 32.66
N TYR SB 177 105.82 36.89 32.70
CA TYR SB 177 106.87 37.22 33.66
C TYR SB 177 106.18 37.86 34.85
N MET SB 178 106.23 37.18 36.00
CA MET SB 178 105.53 37.60 37.20
C MET SB 178 106.58 38.02 38.22
N THR SB 179 106.49 39.25 38.67
CA THR SB 179 107.35 39.78 39.72
C THR SB 179 106.63 39.70 41.05
N GLN SB 180 107.32 39.11 42.03
CA GLN SB 180 106.72 38.74 43.31
C GLN SB 180 107.72 39.02 44.42
N ALA SB 181 107.30 39.81 45.40
CA ALA SB 181 108.13 40.17 46.53
C ALA SB 181 108.59 38.94 47.29
N ARG SB 182 109.52 39.14 48.21
CA ARG SB 182 109.92 38.10 49.13
C ARG SB 182 110.22 38.74 50.48
N PRO SB 183 110.15 37.97 51.59
CA PRO SB 183 110.44 38.55 52.90
C PRO SB 183 111.86 39.08 52.99
N GLY SB 184 111.98 40.40 53.11
CA GLY SB 184 113.27 41.07 53.11
C GLY SB 184 113.38 42.02 51.94
N ASN SB 185 114.60 42.42 51.62
CA ASN SB 185 114.87 43.35 50.53
C ASN SB 185 115.23 42.59 49.25
N HIS SB 186 114.30 41.75 48.82
CA HIS SB 186 114.54 40.90 47.67
C HIS SB 186 113.20 40.47 47.07
N TYR SB 187 113.22 40.21 45.77
CA TYR SB 187 112.04 39.69 45.10
C TYR SB 187 112.50 38.69 44.05
N MET SB 188 111.52 38.14 43.35
CA MET SB 188 111.76 37.07 42.39
C MET SB 188 110.90 37.30 41.17
N LEU SB 189 111.52 37.07 40.02
CA LEU SB 189 110.81 37.03 38.75
C LEU SB 189 110.61 35.59 38.37
N SER SB 190 109.48 35.32 37.70
CA SER SB 190 109.11 33.95 37.39
C SER SB 190 108.50 33.89 36.00
N ARG SB 191 109.06 33.05 35.15
CA ARG SB 191 108.55 32.80 33.82
C ARG SB 191 107.57 31.65 33.88
N LEU SB 192 106.32 31.93 33.52
CA LEU SB 192 105.25 30.96 33.57
C LEU SB 192 104.59 30.84 32.21
N LYS SB 193 103.95 29.69 32.00
CA LYS SB 193 103.29 29.39 30.75
C LYS SB 193 102.00 30.19 30.63
N PRO SB 194 101.38 30.19 29.45
CA PRO SB 194 100.10 30.90 29.31
C PRO SB 194 99.03 30.43 30.26
N ASN SB 195 98.90 29.13 30.46
CA ASN SB 195 97.99 28.59 31.45
C ASN SB 195 98.43 28.86 32.88
N GLY SB 196 99.62 29.42 33.09
CA GLY SB 196 100.13 29.72 34.40
C GLY SB 196 101.13 28.74 34.95
N GLN SB 197 101.39 27.64 34.24
CA GLN SB 197 102.33 26.65 34.72
C GLN SB 197 103.72 27.26 34.86
N PHE SB 198 104.48 26.70 35.79
CA PHE SB 198 105.81 27.21 36.10
C PHE SB 198 106.81 26.71 35.06
N ILE SB 199 107.77 27.57 34.73
CA ILE SB 199 108.82 27.24 33.78
C ILE SB 199 110.16 27.54 34.43
N ASP SB 200 110.35 28.79 34.87
CA ASP SB 200 111.66 29.23 35.33
C ASP SB 200 111.49 30.34 36.33
N ARG SB 201 112.57 30.64 37.06
CA ARG SB 201 112.56 31.74 38.01
C ARG SB 201 113.94 32.38 38.07
N LEU SB 202 114.00 33.47 38.82
CA LEU SB 202 115.20 34.28 38.95
C LEU SB 202 115.07 35.11 40.20
N LEU SB 203 115.95 34.89 41.17
CA LEU SB 203 115.91 35.63 42.42
C LEU SB 203 116.80 36.85 42.31
N VAL SB 204 116.21 38.03 42.37
CA VAL SB 204 117.01 39.25 42.42
C VAL SB 204 117.33 39.52 43.89
N LYS SB 205 118.62 39.48 44.22
CA LYS SB 205 119.06 39.53 45.60
C LYS SB 205 118.69 40.86 46.25
N ASN SB 206 118.66 41.93 45.46
CA ASN SB 206 118.59 43.29 45.95
C ASN SB 206 117.53 44.11 45.24
N GLY SB 207 116.56 43.44 44.63
CA GLY SB 207 115.64 44.13 43.73
C GLY SB 207 114.64 44.99 44.45
N GLY SB 208 114.20 44.56 45.63
CA GLY SB 208 113.21 45.28 46.39
C GLY SB 208 111.84 44.62 46.33
N HIS SB 209 110.86 45.43 45.93
CA HIS SB 209 109.49 44.93 45.83
C HIS SB 209 109.19 44.44 44.43
N GLY SB 210 109.75 45.10 43.42
CA GLY SB 210 109.57 44.67 42.05
C GLY SB 210 108.29 45.17 41.42
N THR SB 211 107.81 46.33 41.87
CA THR SB 211 106.44 46.84 41.65
C THR SB 211 106.06 46.69 40.18
N HIS SB 212 106.80 47.26 39.24
CA HIS SB 212 106.58 47.02 37.83
C HIS SB 212 107.85 47.29 37.05
N ASN SB 213 108.16 46.38 36.13
CA ASN SB 213 109.36 46.46 35.30
C ASN SB 213 108.95 46.60 33.85
N ALA SB 214 109.79 47.30 33.09
CA ALA SB 214 109.53 47.55 31.68
C ALA SB 214 110.26 46.50 30.86
N TYR SB 215 109.50 45.68 30.15
CA TYR SB 215 110.05 44.56 29.40
C TYR SB 215 110.20 44.99 27.94
N ARG SB 216 111.29 45.70 27.69
CA ARG SB 216 111.57 46.18 26.35
C ARG SB 216 111.98 45.01 25.47
N TYR SB 217 111.67 45.14 24.18
CA TYR SB 217 111.99 44.12 23.19
C TYR SB 217 112.79 44.78 22.08
N ILE SB 218 114.12 44.71 22.19
CA ILE SB 218 114.96 44.94 21.02
C ILE SB 218 114.73 43.80 20.03
N GLY SB 219 115.03 44.07 18.76
CA GLY SB 219 114.81 43.10 17.71
C GLY SB 219 115.42 41.74 17.99
N ASN SB 220 114.56 40.76 18.26
CA ASN SB 220 114.97 39.42 18.66
C ASN SB 220 115.84 39.46 19.92
N GLU SB 221 115.36 40.20 20.92
CA GLU SB 221 116.01 40.24 22.22
C GLU SB 221 115.07 40.89 23.21
N LEU SB 222 115.17 40.46 24.46
CA LEU SB 222 114.39 41.01 25.57
C LEU SB 222 115.32 41.68 26.56
N TRP SB 223 114.82 42.73 27.20
CA TRP SB 223 115.57 43.44 28.23
C TRP SB 223 114.62 43.93 29.30
N ILE SB 224 114.92 43.59 30.55
CA ILE SB 224 114.08 43.89 31.68
C ILE SB 224 114.68 45.12 32.36
N TYR SB 225 113.88 46.16 32.50
CA TYR SB 225 114.26 47.38 33.18
C TYR SB 225 113.55 47.40 34.52
N SER SB 226 114.32 47.45 35.60
CA SER SB 226 113.80 47.34 36.95
C SER SB 226 114.49 48.36 37.84
N ALA SB 227 114.12 48.36 39.11
CA ALA SB 227 114.62 49.28 40.12
C ALA SB 227 115.31 48.48 41.21
N VAL SB 228 116.58 48.20 41.00
CA VAL SB 228 117.37 47.45 41.98
C VAL SB 228 117.89 48.41 43.06
N LEU SB 229 118.18 47.84 44.23
CA LEU SB 229 118.66 48.58 45.38
C LEU SB 229 120.05 48.07 45.74
N ASP SB 230 121.09 48.75 45.27
CA ASP SB 230 122.45 48.24 45.39
C ASP SB 230 122.85 48.12 46.87
N ALA SB 231 124.07 47.63 47.08
CA ALA SB 231 124.57 47.35 48.43
C ALA SB 231 124.41 48.54 49.35
N ASN SB 232 124.59 49.75 48.81
CA ASN SB 232 124.19 50.95 49.50
C ASN SB 232 122.72 51.23 49.21
N GLU SB 233 122.02 51.73 50.21
CA GLU SB 233 120.57 51.87 50.11
C GLU SB 233 120.22 52.98 49.13
N ASN SB 234 120.37 52.69 47.84
CA ASN SB 234 120.08 53.65 46.77
C ASN SB 234 119.32 52.92 45.68
N ASN SB 235 118.25 53.54 45.19
CA ASN SB 235 117.38 52.94 44.20
C ASN SB 235 117.98 53.17 42.82
N LYS SB 236 118.65 52.14 42.29
CA LYS SB 236 119.25 52.20 40.97
C LYS SB 236 118.27 51.66 39.94
N PHE SB 237 118.02 52.44 38.89
CA PHE SB 237 117.19 51.99 37.77
C PHE SB 237 118.12 51.37 36.74
N VAL SB 238 117.96 50.07 36.51
CA VAL SB 238 118.96 49.27 35.82
C VAL SB 238 118.27 48.30 34.87
N ARG SB 239 118.94 47.99 33.76
CA ARG SB 239 118.46 47.05 32.78
C ARG SB 239 119.31 45.79 32.80
N PHE SB 240 118.72 44.68 32.39
CA PHE SB 240 119.43 43.41 32.39
C PHE SB 240 118.67 42.41 31.53
N GLN SB 241 119.18 41.18 31.53
CA GLN SB 241 118.69 40.08 30.71
C GLN SB 241 118.30 38.91 31.61
N TYR SB 242 117.36 38.11 31.16
CA TYR SB 242 116.89 36.97 31.94
C TYR SB 242 117.85 35.79 31.81
N ARG SB 243 118.12 35.16 32.95
CA ARG SB 243 118.81 33.89 32.99
C ARG SB 243 118.55 33.26 34.35
N THR SB 244 118.28 31.94 34.34
CA THR SB 244 117.90 31.24 35.55
C THR SB 244 118.97 31.37 36.63
N GLY SB 245 118.53 31.48 37.88
CA GLY SB 245 119.40 31.55 39.03
C GLY SB 245 119.13 32.74 39.92
N GLU SB 246 120.20 33.48 40.27
CA GLU SB 246 120.08 34.69 41.05
C GLU SB 246 120.93 35.78 40.44
N ILE SB 247 120.55 37.04 40.70
CA ILE SB 247 121.25 38.19 40.14
C ILE SB 247 121.34 39.30 41.18
N THR SB 248 122.43 40.07 41.11
CA THR SB 248 122.67 41.19 42.00
C THR SB 248 123.37 42.28 41.22
N TYR SB 249 123.38 43.49 41.80
CA TYR SB 249 124.09 44.60 41.18
C TYR SB 249 125.56 44.26 41.03
N GLY SB 250 126.09 44.51 39.82
CA GLY SB 250 127.47 44.21 39.52
C GLY SB 250 127.71 44.06 38.04
N ASN SB 251 128.33 42.95 37.66
CA ASN SB 251 128.69 42.73 36.27
C ASN SB 251 127.48 42.33 35.43
N GLU SB 252 126.66 41.41 35.94
CA GLU SB 252 125.49 40.95 35.19
C GLU SB 252 124.51 42.10 34.97
N MET SB 253 124.38 42.97 35.97
CA MET SB 253 123.48 44.10 35.89
C MET SB 253 124.14 45.22 35.11
N GLN SB 254 123.42 45.76 34.13
CA GLN SB 254 123.94 46.78 33.22
C GLN SB 254 123.16 48.06 33.47
N ASP SB 255 123.81 49.05 34.10
CA ASP SB 255 123.15 50.30 34.40
C ASP SB 255 122.79 51.04 33.12
N VAL SB 256 121.75 51.86 33.22
CA VAL SB 256 121.26 52.67 32.11
C VAL SB 256 121.08 54.10 32.60
N MET SB 257 121.76 55.04 31.94
CA MET SB 257 121.73 56.46 32.26
C MET SB 257 121.97 56.69 33.75
N PRO SB 258 123.18 56.45 34.24
CA PRO SB 258 123.46 56.55 35.67
C PRO SB 258 123.69 57.98 36.16
N ASN SB 259 122.83 58.90 35.75
CA ASN SB 259 122.91 60.31 36.11
C ASN SB 259 121.60 60.89 36.60
N ILE SB 260 120.47 60.49 36.02
CA ILE SB 260 119.18 61.12 36.30
C ILE SB 260 118.11 60.08 36.61
N PHE SB 261 118.52 58.86 36.96
CA PHE SB 261 117.58 57.79 37.28
C PHE SB 261 118.03 56.99 38.48
N ASN SB 262 118.95 57.51 39.29
CA ASN SB 262 119.48 56.80 40.43
C ASN SB 262 119.46 57.65 41.70
N ASP SB 263 118.83 58.82 41.66
CA ASP SB 263 118.55 59.59 42.87
C ASP SB 263 117.22 59.22 43.51
N ARG SB 264 116.13 59.25 42.74
CA ARG SB 264 114.80 58.94 43.22
C ARG SB 264 114.44 57.53 42.82
N TYR SB 265 113.65 56.86 43.65
CA TYR SB 265 113.17 55.53 43.34
C TYR SB 265 112.28 55.61 42.11
N THR SB 266 112.68 54.87 41.07
CA THR SB 266 112.17 55.03 39.72
C THR SB 266 111.81 53.66 39.15
N SER SB 267 110.53 53.40 39.01
CA SER SB 267 110.02 52.21 38.33
C SER SB 267 109.62 52.60 36.91
N ALA SB 268 109.46 51.59 36.06
CA ALA SB 268 109.40 51.82 34.62
C ALA SB 268 108.42 50.89 33.92
N ILE SB 269 107.79 51.44 32.88
CA ILE SB 269 106.92 50.74 31.95
C ILE SB 269 107.40 51.08 30.54
N TYR SB 270 107.19 50.15 29.61
CA TYR SB 270 107.52 50.37 28.20
C TYR SB 270 106.29 50.10 27.35
N ASN SB 271 106.03 50.98 26.39
CA ASN SB 271 104.94 50.85 25.44
C ASN SB 271 105.53 50.72 24.06
N PRO SB 272 105.37 49.58 23.35
CA PRO SB 272 106.10 49.40 22.09
C PRO SB 272 105.42 50.05 20.89
N ILE SB 273 104.09 50.20 20.96
CA ILE SB 273 103.36 50.74 19.83
C ILE SB 273 103.79 52.16 19.53
N GLU SB 274 104.03 52.95 20.57
CA GLU SB 274 104.56 54.30 20.45
C GLU SB 274 106.04 54.39 20.78
N ASN SB 275 106.66 53.30 21.22
CA ASN SB 275 108.07 53.26 21.55
C ASN SB 275 108.40 54.28 22.64
N LEU SB 276 107.62 54.21 23.72
CA LEU SB 276 107.71 55.14 24.84
C LEU SB 276 108.07 54.40 26.11
N MET SB 277 108.52 55.18 27.10
CA MET SB 277 108.83 54.66 28.43
C MET SB 277 108.22 55.58 29.46
N ILE SB 278 107.43 55.00 30.35
CA ILE SB 278 106.76 55.72 31.41
C ILE SB 278 107.49 55.42 32.71
N PHE SB 279 108.15 56.42 33.27
CA PHE SB 279 108.79 56.29 34.57
C PHE SB 279 107.85 56.82 35.64
N ARG SB 280 107.67 56.01 36.68
CA ARG SB 280 107.04 56.45 37.92
C ARG SB 280 108.15 56.70 38.93
N ARG SB 281 108.22 57.91 39.44
CA ARG SB 281 109.28 58.32 40.35
C ARG SB 281 108.67 58.86 41.63
N GLU SB 282 109.12 58.35 42.77
CA GLU SB 282 108.55 58.83 44.02
C GLU SB 282 109.12 60.20 44.37
N TYR SB 283 108.39 60.94 45.20
CA TYR SB 283 108.85 62.21 45.75
C TYR SB 283 109.59 61.92 47.05
N LYS SB 284 110.86 62.32 47.11
CA LYS SB 284 111.57 62.28 48.38
C LYS SB 284 110.87 63.21 49.38
N ALA SB 285 111.09 62.94 50.67
CA ALA SB 285 110.22 63.34 51.76
C ALA SB 285 109.65 64.75 51.71
N SER SB 286 110.51 65.76 51.60
CA SER SB 286 110.06 67.14 51.74
C SER SB 286 109.16 67.54 50.58
N GLU SB 287 109.59 67.22 49.36
CA GLU SB 287 108.80 67.56 48.17
C GLU SB 287 107.44 66.87 48.23
N ARG SB 288 107.45 65.59 48.58
CA ARG SB 288 106.22 64.85 48.82
C ARG SB 288 105.31 65.59 49.78
N GLN SB 289 105.83 65.89 50.98
CA GLN SB 289 105.02 66.41 52.06
C GLN SB 289 104.39 67.74 51.68
N LEU SB 290 105.17 68.61 51.05
CA LEU SB 290 104.61 69.89 50.63
C LEU SB 290 103.59 69.71 49.52
N LYS SB 291 103.99 69.09 48.42
CA LYS SB 291 103.16 69.09 47.23
C LYS SB 291 101.98 68.13 47.29
N ASN SB 292 101.88 67.32 48.35
CA ASN SB 292 100.76 66.39 48.51
C ASN SB 292 100.68 65.43 47.32
N SER SB 293 101.84 64.90 46.95
CA SER SB 293 101.95 63.97 45.82
C SER SB 293 103.07 62.99 46.15
N LEU SB 294 102.70 61.75 46.44
CA LEU SB 294 103.70 60.77 46.86
C LEU SB 294 104.64 60.39 45.73
N ASN SB 295 104.22 60.58 44.49
CA ASN SB 295 105.03 60.23 43.34
C ASN SB 295 104.57 61.07 42.15
N PHE SB 296 105.22 60.84 41.01
CA PHE SB 296 104.77 61.43 39.75
C PHE SB 296 105.12 60.47 38.63
N VAL SB 297 104.71 60.87 37.43
CA VAL SB 297 104.91 60.10 36.23
C VAL SB 297 105.53 61.00 35.18
N GLU SB 298 106.42 60.42 34.39
CA GLU SB 298 107.08 61.15 33.32
C GLU SB 298 107.22 60.22 32.13
N VAL SB 299 106.68 60.66 31.00
CA VAL SB 299 106.74 59.91 29.76
C VAL SB 299 107.90 60.45 28.93
N ARG SB 300 108.82 59.55 28.59
CA ARG SB 300 109.99 59.82 27.77
C ARG SB 300 109.97 58.90 26.58
N SER SB 301 110.84 59.18 25.61
CA SER SB 301 110.96 58.34 24.43
C SER SB 301 111.92 57.19 24.69
N ALA SB 302 111.52 56.00 24.22
CA ALA SB 302 112.33 54.81 24.43
C ALA SB 302 113.68 54.94 23.74
N ASP SB 303 113.68 55.38 22.49
CA ASP SB 303 114.94 55.57 21.77
C ASP SB 303 115.78 56.66 22.40
N ASP SB 304 115.14 57.67 22.98
CA ASP SB 304 115.87 58.74 23.64
C ASP SB 304 116.59 58.20 24.88
N ILE SB 305 115.88 57.43 25.70
CA ILE SB 305 116.51 56.80 26.85
C ILE SB 305 117.59 55.84 26.39
N ASP SB 306 117.40 55.21 25.24
CA ASP SB 306 118.40 54.27 24.72
C ASP SB 306 119.70 55.00 24.41
N LYS SB 307 119.62 56.07 23.61
CA LYS SB 307 120.81 56.82 23.27
C LYS SB 307 121.33 57.64 24.45
N GLY SB 308 120.55 57.79 25.50
CA GLY SB 308 121.08 58.31 26.76
C GLY SB 308 121.11 59.82 26.88
N ILE SB 309 119.96 60.48 26.78
CA ILE SB 309 119.85 61.91 27.02
C ILE SB 309 118.54 62.18 27.74
N ASP SB 310 118.40 63.41 28.20
CA ASP SB 310 117.19 63.89 28.85
C ASP SB 310 116.25 64.43 27.77
N LYS SB 311 115.07 63.83 27.65
CA LYS SB 311 114.00 64.40 26.85
C LYS SB 311 112.68 63.98 27.50
N VAL SB 312 112.22 64.81 28.42
CA VAL SB 312 110.90 64.61 29.01
C VAL SB 312 109.86 65.07 28.01
N LEU SB 313 108.93 64.17 27.69
CA LEU SB 313 107.85 64.48 26.76
C LEU SB 313 106.57 64.82 27.48
N TYR SB 314 106.32 64.21 28.63
CA TYR SB 314 105.12 64.55 29.39
C TYR SB 314 105.38 64.34 30.86
N GLN SB 315 104.62 65.09 31.67
CA GLN SB 315 104.69 65.03 33.12
C GLN SB 315 103.29 64.82 33.69
N MET SB 316 103.25 64.32 34.92
CA MET SB 316 101.98 64.21 35.62
C MET SB 316 102.27 64.10 37.11
N ASP SB 317 101.95 65.16 37.86
CA ASP SB 317 102.05 65.15 39.31
C ASP SB 317 100.72 64.64 39.84
N ILE SB 318 100.67 63.33 40.10
CA ILE SB 318 99.45 62.67 40.55
C ILE SB 318 99.09 63.18 41.94
N PRO SB 319 97.79 63.23 42.31
CA PRO SB 319 97.45 63.54 43.71
C PRO SB 319 97.73 62.39 44.67
N MET SB 320 97.27 62.57 45.90
CA MET SB 320 97.43 61.60 46.98
C MET SB 320 96.21 60.71 47.17
N GLU SB 321 95.05 61.11 46.63
CA GLU SB 321 93.85 60.30 46.76
C GLU SB 321 94.01 58.95 46.12
N TYR SB 322 94.76 58.87 45.02
CA TYR SB 322 94.99 57.63 44.30
C TYR SB 322 96.24 56.91 44.77
N THR SB 323 96.79 57.28 45.93
CA THR SB 323 97.91 56.58 46.52
C THR SB 323 97.84 56.47 48.04
N SER SB 324 96.75 56.90 48.67
CA SER SB 324 96.65 56.82 50.12
C SER SB 324 96.63 55.37 50.57
N ASP SB 325 96.69 55.18 51.89
CA ASP SB 325 96.70 53.83 52.46
C ASP SB 325 95.44 53.06 52.09
N THR SB 326 94.32 53.76 51.90
CA THR SB 326 93.08 53.11 51.51
C THR SB 326 93.06 52.73 50.03
N GLN SB 327 93.84 53.42 49.19
CA GLN SB 327 93.92 53.13 47.76
C GLN SB 327 95.34 53.39 47.29
N PRO SB 328 96.28 52.52 47.65
CA PRO SB 328 97.64 52.67 47.18
C PRO SB 328 97.82 52.11 45.77
N MET SB 329 98.83 52.64 45.09
CA MET SB 329 99.13 52.17 43.75
C MET SB 329 99.59 50.72 43.79
N GLN SB 330 99.09 49.94 42.83
CA GLN SB 330 99.56 48.57 42.62
C GLN SB 330 99.69 48.25 41.13
N GLY SB 331 99.79 49.26 40.27
CA GLY SB 331 99.96 49.01 38.85
C GLY SB 331 99.71 50.21 37.97
N ILE SB 332 100.48 50.34 36.88
CA ILE SB 332 100.29 51.42 35.92
C ILE SB 332 100.60 50.91 34.53
N THR SB 333 100.08 51.62 33.53
CA THR SB 333 100.43 51.35 32.14
C THR SB 333 99.98 52.52 31.28
N TYR SB 334 100.23 52.41 29.98
CA TYR SB 334 99.90 53.44 29.01
C TYR SB 334 99.41 52.77 27.74
N ASP SB 335 98.19 53.13 27.32
CA ASP SB 335 97.56 52.55 26.13
C ASP SB 335 97.72 53.44 24.91
N ALA SB 336 98.79 54.24 24.84
CA ALA SB 336 99.00 55.21 23.78
C ALA SB 336 97.83 56.22 23.73
N GLY SB 337 97.74 56.98 24.82
CA GLY SB 337 96.79 58.07 24.91
C GLY SB 337 96.28 58.33 26.31
N ILE SB 338 96.26 57.31 27.17
CA ILE SB 338 95.79 57.44 28.54
C ILE SB 338 96.73 56.65 29.44
N LEU SB 339 97.01 57.20 30.62
CA LEU SB 339 97.79 56.52 31.64
C LEU SB 339 96.82 55.82 32.57
N TYR SB 340 96.81 54.50 32.51
CA TYR SB 340 95.96 53.71 33.38
C TYR SB 340 96.68 53.50 34.70
N TRP SB 341 95.95 53.68 35.79
CA TRP SB 341 96.46 53.61 37.14
C TRP SB 341 95.52 52.73 37.95
N TYR SB 342 96.12 51.85 38.75
CA TYR SB 342 95.41 50.85 39.53
C TYR SB 342 95.61 51.12 41.00
N THR SB 343 94.54 51.03 41.78
CA THR SB 343 94.58 51.31 43.19
C THR SB 343 93.74 50.27 43.92
N GLY SB 344 94.15 49.98 45.15
CA GLY SB 344 93.48 48.97 45.95
C GLY SB 344 94.28 48.66 47.19
N ASP SB 345 93.60 48.51 48.32
CA ASP SB 345 94.24 48.12 49.57
C ASP SB 345 93.89 46.67 49.84
N SER SB 346 94.70 46.04 50.70
CA SER SB 346 94.46 44.63 51.03
C SER SB 346 93.25 44.50 51.95
N LYS SB 347 92.09 44.84 51.42
CA LYS SB 347 90.86 44.85 52.18
C LYS SB 347 89.73 44.90 51.16
N PRO SB 348 88.79 43.95 51.16
CA PRO SB 348 87.72 44.00 50.17
C PRO SB 348 86.62 44.98 50.51
N ALA SB 349 86.56 45.47 51.75
CA ALA SB 349 85.60 46.51 52.11
C ALA SB 349 85.80 47.74 51.24
N ASN SB 350 87.03 48.20 51.12
CA ASN SB 350 87.38 49.31 50.24
C ASN SB 350 87.53 48.78 48.82
N PRO SB 351 86.58 49.03 47.90
CA PRO SB 351 86.72 48.46 46.57
C PRO SB 351 87.91 49.02 45.83
N ASN SB 352 88.51 48.18 45.00
CA ASN SB 352 89.64 48.59 44.20
C ASN SB 352 89.16 49.38 42.99
N TYR SB 353 90.02 50.28 42.51
CA TYR SB 353 89.66 51.23 41.47
C TYR SB 353 90.74 51.23 40.39
N LEU SB 354 90.31 51.47 39.15
CA LEU SB 354 91.24 51.78 38.07
C LEU SB 354 90.76 53.04 37.37
N GLN SB 355 91.70 53.91 37.05
CA GLN SB 355 91.41 55.21 36.51
C GLN SB 355 92.35 55.51 35.37
N GLY SB 356 91.98 56.51 34.58
CA GLY SB 356 92.76 56.92 33.44
C GLY SB 356 93.04 58.40 33.45
N PHE SB 357 94.31 58.73 33.63
CA PHE SB 357 94.77 60.12 33.63
C PHE SB 357 95.30 60.41 32.25
N ASP SB 358 94.66 61.34 31.55
CA ASP SB 358 95.15 61.78 30.26
C ASP SB 358 96.27 62.78 30.48
N ILE SB 359 97.51 62.32 30.26
CA ILE SB 359 98.70 63.15 30.52
C ILE SB 359 98.63 64.49 29.80
N LYS SB 360 97.92 64.56 28.68
CA LYS SB 360 97.78 65.81 27.94
C LYS SB 360 96.76 66.75 28.56
N THR SB 361 95.95 66.28 29.52
CA THR SB 361 94.97 67.09 30.20
C THR SB 361 95.22 67.09 31.70
N LYS SB 362 95.80 65.99 32.20
CA LYS SB 362 96.18 65.86 33.61
C LYS SB 362 94.94 65.92 34.51
N GLU SB 363 94.00 65.02 34.24
CA GLU SB 363 92.78 64.98 35.03
C GLU SB 363 92.11 63.62 34.90
N LEU SB 364 91.57 63.16 36.02
CA LEU SB 364 90.81 61.92 36.05
C LEU SB 364 89.59 62.03 35.14
N LEU SB 365 89.18 60.91 34.55
CA LEU SB 365 88.02 60.92 33.67
C LEU SB 365 86.96 59.86 33.96
N PHE SB 366 87.31 58.61 34.42
CA PHE SB 366 86.22 57.64 34.70
C PHE SB 366 86.21 57.01 36.08
N LYS SB 367 87.33 56.53 36.61
CA LYS SB 367 87.38 55.93 37.95
C LYS SB 367 86.42 54.75 38.09
N ARG SB 368 86.74 53.67 37.36
CA ARG SB 368 85.92 52.46 37.43
C ARG SB 368 86.27 51.63 38.65
N ARG SB 369 85.25 50.97 39.20
CA ARG SB 369 85.42 50.03 40.29
C ARG SB 369 85.65 48.63 39.75
N ILE SB 370 86.43 47.84 40.49
CA ILE SB 370 86.71 46.45 40.15
C ILE SB 370 86.16 45.58 41.28
N ASP SB 371 85.58 44.44 40.89
CA ASP SB 371 85.05 43.46 41.82
C ASP SB 371 85.37 42.06 41.33
N ILE SB 372 86.60 41.85 40.88
CA ILE SB 372 86.94 40.64 40.11
C ILE SB 372 87.59 39.56 40.98
N GLY SB 373 87.52 39.68 42.30
CA GLY SB 373 88.03 38.61 43.13
C GLY SB 373 87.34 37.28 42.87
N GLY SB 374 86.12 37.30 42.36
CA GLY SB 374 85.35 36.10 42.13
C GLY SB 374 83.87 36.38 42.21
N VAL SB 375 83.17 35.62 43.05
CA VAL SB 375 81.73 35.80 43.20
C VAL SB 375 81.43 37.17 43.80
N ASN SB 376 80.18 37.59 43.62
CA ASN SB 376 79.72 38.91 44.05
C ASN SB 376 80.03 39.21 45.50
N ASN SB 377 80.70 40.35 45.72
CA ASN SB 377 80.85 40.99 47.04
C ASN SB 377 81.27 40.02 48.13
N ASN SB 378 82.01 38.99 47.74
CA ASN SB 378 82.48 37.93 48.62
C ASN SB 378 83.46 37.11 47.83
N PHE SB 379 84.59 36.76 48.43
CA PHE SB 379 85.67 36.09 47.73
C PHE SB 379 86.16 34.93 48.57
N LYS SB 380 87.15 34.22 48.05
CA LYS SB 380 87.58 32.97 48.63
C LYS SB 380 88.12 33.19 50.03
N GLY SB 381 89.22 33.92 50.13
CA GLY SB 381 89.78 34.22 51.43
C GLY SB 381 88.96 35.26 52.16
N ASP SB 382 89.17 35.30 53.48
CA ASP SB 382 88.58 36.37 54.29
C ASP SB 382 89.00 37.75 53.79
N PHE SB 383 90.17 37.85 53.14
CA PHE SB 383 90.62 39.08 52.52
C PHE SB 383 91.22 38.74 51.17
N GLN SB 384 91.60 39.78 50.44
CA GLN SB 384 92.24 39.65 49.13
C GLN SB 384 92.83 41.00 48.75
N GLU SB 385 93.24 41.13 47.49
CA GLU SB 385 93.65 42.41 46.94
C GLU SB 385 93.75 42.26 45.44
N ALA SB 386 93.66 43.40 44.75
CA ALA SB 386 93.99 43.48 43.34
C ALA SB 386 95.41 44.01 43.19
N GLU SB 387 96.23 43.29 42.42
CA GLU SB 387 97.67 43.55 42.35
C GLU SB 387 98.13 43.35 40.92
N GLY SB 388 98.83 44.35 40.39
CA GLY SB 388 99.44 44.25 39.08
C GLY SB 388 98.56 44.83 37.99
N LEU SB 389 99.20 45.08 36.85
CA LEU SB 389 98.51 45.65 35.69
C LEU SB 389 99.41 45.51 34.48
N ASP SB 390 98.79 45.34 33.31
CA ASP SB 390 99.52 45.13 32.08
C ASP SB 390 98.61 45.50 30.91
N MET SB 391 99.24 45.97 29.84
CA MET SB 391 98.57 46.27 28.58
C MET SB 391 99.11 45.30 27.55
N TYR SB 392 98.27 44.37 27.14
CA TYR SB 392 98.63 43.42 26.11
C TYR SB 392 98.43 44.06 24.75
N TYR SB 393 99.37 43.78 23.84
CA TYR SB 393 99.34 44.31 22.49
C TYR SB 393 99.45 43.13 21.53
N ASP SB 394 98.33 42.75 20.93
CA ASP SB 394 98.31 41.62 20.03
C ASP SB 394 99.24 41.89 18.86
N LEU SB 395 100.35 41.15 18.81
CA LEU SB 395 101.36 41.37 17.79
C LEU SB 395 100.79 41.14 16.41
N GLU SB 396 99.95 40.12 16.26
CA GLU SB 396 99.52 39.70 14.94
C GLU SB 396 98.51 40.67 14.35
N THR SB 397 97.35 40.79 14.97
CA THR SB 397 96.26 41.60 14.44
C THR SB 397 96.34 43.06 14.87
N GLY SB 398 97.37 43.45 15.62
CA GLY SB 398 97.45 44.79 16.14
C GLY SB 398 96.46 45.09 17.25
N ARG SB 399 95.66 44.12 17.66
CA ARG SB 399 94.72 44.33 18.74
C ARG SB 399 95.47 44.54 20.05
N LYS SB 400 94.73 44.95 21.06
CA LYS SB 400 95.31 45.31 22.34
C LYS SB 400 94.30 45.05 23.44
N ALA SB 401 94.76 44.41 24.51
CA ALA SB 401 93.92 44.07 25.64
C ALA SB 401 94.56 44.57 26.92
N LEU SB 402 93.70 45.01 27.83
CA LEU SB 402 94.11 45.53 29.12
C LEU SB 402 93.95 44.42 30.16
N LEU SB 403 95.06 43.91 30.65
CA LEU SB 403 95.07 42.83 31.63
C LEU SB 403 95.22 43.39 33.03
N ILE SB 404 94.64 42.69 33.98
CA ILE SB 404 94.62 43.08 35.38
C ILE SB 404 94.89 41.85 36.22
N GLY SB 405 95.79 41.98 37.20
CA GLY SB 405 96.08 40.92 38.14
C GLY SB 405 95.28 41.09 39.43
N VAL SB 406 94.75 39.98 39.92
CA VAL SB 406 94.00 39.97 41.16
C VAL SB 406 94.42 38.75 41.97
N THR SB 407 94.78 38.97 43.23
CA THR SB 407 95.29 37.93 44.11
C THR SB 407 94.33 37.76 45.28
N ILE SB 408 93.81 36.55 45.43
CA ILE SB 408 92.78 36.23 46.40
C ILE SB 408 93.29 35.13 47.32
N GLY SB 409 92.46 34.78 48.30
CA GLY SB 409 92.82 33.79 49.28
C GLY SB 409 93.36 34.43 50.54
N PRO SB 410 93.47 33.64 51.60
CA PRO SB 410 93.92 34.19 52.88
C PRO SB 410 95.40 34.53 52.87
N GLY SB 411 95.94 34.87 54.04
CA GLY SB 411 97.31 35.33 54.16
C GLY SB 411 98.34 34.41 53.56
N ASN SB 412 98.53 33.23 54.15
CA ASN SB 412 99.51 32.29 53.64
C ASN SB 412 99.05 31.69 52.31
N ASN SB 413 97.87 31.09 52.30
CA ASN SB 413 97.34 30.45 51.11
C ASN SB 413 96.85 31.53 50.16
N ARG SB 414 97.48 31.63 48.99
CA ARG SB 414 97.15 32.66 48.01
C ARG SB 414 96.99 32.07 46.63
N HIS SB 415 96.25 32.80 45.80
CA HIS SB 415 95.85 32.33 44.47
C HIS SB 415 95.59 33.54 43.61
N HIS SB 416 96.40 33.74 42.58
CA HIS SB 416 96.39 34.98 41.81
C HIS SB 416 96.21 34.71 40.34
N SER SB 417 95.34 35.52 39.72
CA SER SB 417 94.87 35.31 38.37
C SER SB 417 94.96 36.59 37.57
N ILE SB 418 94.82 36.43 36.26
CA ILE SB 418 94.92 37.50 35.28
C ILE SB 418 93.60 37.56 34.53
N TYR SB 419 92.89 38.67 34.68
CA TYR SB 419 91.66 38.92 33.95
C TYR SB 419 91.93 39.97 32.88
N SER SB 420 90.96 40.16 31.99
CA SER SB 420 91.12 41.07 30.86
C SER SB 420 89.84 41.88 30.66
N ILE SB 421 90.01 43.16 30.34
CA ILE SB 421 88.93 44.06 29.99
C ILE SB 421 89.14 44.48 28.55
N GLY SB 422 89.73 43.60 27.75
CA GLY SB 422 90.30 43.98 26.48
C GLY SB 422 89.35 43.95 25.30
N GLN SB 423 89.90 43.58 24.14
CA GLN SB 423 89.27 43.80 22.85
C GLN SB 423 88.71 42.49 22.29
N ARG SB 424 88.05 42.62 21.14
CA ARG SB 424 87.43 41.48 20.50
C ARG SB 424 88.49 40.52 19.97
N GLY SB 425 88.38 39.26 20.38
CA GLY SB 425 89.26 38.21 19.92
C GLY SB 425 90.46 37.96 20.81
N VAL SB 426 90.92 38.99 21.52
CA VAL SB 426 92.18 38.88 22.24
C VAL SB 426 92.02 38.05 23.50
N ASN SB 427 90.95 38.27 24.26
CA ASN SB 427 90.75 37.49 25.47
C ASN SB 427 90.58 36.02 25.13
N GLN SB 428 89.86 35.73 24.05
CA GLN SB 428 89.72 34.37 23.57
C GLN SB 428 91.06 33.77 23.19
N PHE SB 429 91.86 34.53 22.43
CA PHE SB 429 93.16 34.03 22.00
C PHE SB 429 94.05 33.71 23.18
N LEU SB 430 94.14 34.63 24.14
CA LEU SB 430 94.97 34.41 25.31
C LEU SB 430 94.50 33.21 26.10
N LYS SB 431 93.18 33.06 26.24
CA LYS SB 431 92.65 31.93 26.97
C LYS SB 431 92.95 30.62 26.25
N ASN SB 432 93.15 30.67 24.93
CA ASN SB 432 93.28 29.47 24.11
C ASN SB 432 94.65 29.34 23.45
N ILE SB 433 95.67 30.02 23.95
CA ILE SB 433 97.03 29.74 23.48
C ILE SB 433 97.39 28.29 23.80
N ALA SB 434 97.09 27.86 25.01
CA ALA SB 434 97.45 26.55 25.50
C ALA SB 434 96.43 26.15 26.57
N PRO SB 435 96.29 24.86 26.86
CA PRO SB 435 95.20 24.42 27.72
C PRO SB 435 95.53 24.54 29.20
N GLN SB 436 94.47 24.57 30.00
CA GLN SB 436 94.61 24.59 31.44
C GLN SB 436 95.20 23.28 31.92
N VAL SB 437 96.06 23.36 32.94
CA VAL SB 437 96.80 22.19 33.41
C VAL SB 437 95.87 21.41 34.32
N SER SB 438 95.28 20.36 33.78
CA SER SB 438 94.39 19.48 34.52
C SER SB 438 95.11 18.19 34.88
N MET SB 439 94.45 17.36 35.69
CA MET SB 439 95.04 16.11 36.11
C MET SB 439 95.32 15.19 34.93
N THR SB 440 94.57 15.35 33.85
CA THR SB 440 94.83 14.63 32.61
C THR SB 440 94.51 15.54 31.43
N ASP SB 441 94.99 15.13 30.26
CA ASP SB 441 94.74 15.89 29.06
C ASP SB 441 93.25 15.85 28.72
N SER SB 442 92.82 16.79 27.87
CA SER SB 442 91.45 16.77 27.37
C SER SB 442 91.23 15.46 26.64
N GLY SB 443 90.41 14.60 27.23
CA GLY SB 443 90.27 13.24 26.76
C GLY SB 443 90.74 12.28 27.83
N GLY SB 444 90.08 11.14 27.96
CA GLY SB 444 90.46 10.19 28.98
C GLY SB 444 91.65 9.38 28.54
N ARG SB 445 92.82 9.80 29.01
CA ARG SB 445 94.08 9.14 28.73
C ARG SB 445 95.13 9.81 29.59
N VAL SB 446 96.18 9.06 29.89
CA VAL SB 446 97.26 9.59 30.71
C VAL SB 446 98.01 10.65 29.93
N LYS SB 447 98.48 11.66 30.64
CA LYS SB 447 99.36 12.63 30.04
C LYS SB 447 100.69 11.97 29.70
N PRO SB 448 101.50 12.60 28.85
CA PRO SB 448 102.82 12.07 28.57
C PRO SB 448 103.87 12.66 29.49
N LEU SB 449 105.04 12.04 29.46
CA LEU SB 449 106.13 12.52 30.28
C LEU SB 449 106.66 13.83 29.69
N PRO SB 450 107.10 14.76 30.55
CA PRO SB 450 107.67 16.00 30.01
C PRO SB 450 109.00 15.78 29.33
N ILE SB 451 109.68 14.69 29.64
CA ILE SB 451 111.04 14.45 29.23
C ILE SB 451 111.12 12.99 28.78
N GLN SB 452 112.18 12.66 28.05
CA GLN SB 452 112.54 11.29 27.70
C GLN SB 452 112.92 10.53 28.97
N ASN SB 453 113.38 9.28 28.82
CA ASN SB 453 113.66 8.38 29.93
C ASN SB 453 114.45 9.08 31.03
N PRO SB 454 113.83 9.43 32.18
CA PRO SB 454 114.54 10.26 33.14
C PRO SB 454 115.29 9.44 34.17
N ALA SB 455 116.57 9.76 34.36
CA ALA SB 455 117.33 9.14 35.45
C ALA SB 455 116.68 9.44 36.79
N TYR SB 456 116.32 10.69 37.01
CA TYR SB 456 115.74 11.16 38.26
C TYR SB 456 114.28 11.50 38.02
N LEU SB 457 113.39 10.71 38.59
CA LEU SB 457 111.97 10.99 38.47
C LEU SB 457 111.60 12.35 39.05
N SER SB 458 112.40 12.85 40.00
CA SER SB 458 112.19 14.18 40.55
C SER SB 458 112.31 15.28 39.52
N ASP SB 459 112.83 14.99 38.32
CA ASP SB 459 112.80 15.97 37.25
C ASP SB 459 111.39 16.35 36.87
N ILE SB 460 110.44 15.42 36.99
CA ILE SB 460 109.06 15.67 36.60
C ILE SB 460 108.42 16.55 37.68
N THR SB 461 107.99 17.74 37.27
CA THR SB 461 107.39 18.72 38.17
C THR SB 461 106.10 19.26 37.60
N GLU SB 462 105.32 18.39 36.96
CA GLU SB 462 104.03 18.76 36.38
C GLU SB 462 102.98 17.83 36.93
N VAL SB 463 101.96 18.40 37.56
CA VAL SB 463 100.88 17.59 38.10
C VAL SB 463 100.20 16.85 36.97
N GLY SB 464 99.51 15.78 37.36
CA GLY SB 464 98.79 14.93 36.43
C GLY SB 464 99.29 13.49 36.50
N HIS SB 465 98.58 12.64 35.77
CA HIS SB 465 98.92 11.23 35.68
C HIS SB 465 99.87 10.98 34.53
N TYR SB 466 100.79 10.05 34.73
CA TYR SB 466 101.83 9.73 33.77
C TYR SB 466 102.02 8.22 33.81
N TYR SB 467 102.83 7.71 32.88
CA TYR SB 467 103.08 6.27 32.79
C TYR SB 467 104.54 6.02 32.46
N ILE SB 468 105.10 4.99 33.09
CA ILE SB 468 106.50 4.65 32.99
C ILE SB 468 106.56 3.21 32.51
N TYR SB 469 107.11 3.01 31.33
CA TYR SB 469 107.25 1.67 30.79
C TYR SB 469 108.41 0.95 31.48
N THR SB 470 108.54 -0.34 31.16
CA THR SB 470 109.52 -1.20 31.81
C THR SB 470 110.93 -0.70 31.58
N GLN SB 471 111.25 -0.37 30.32
CA GLN SB 471 112.59 0.09 29.99
C GLN SB 471 112.92 1.36 30.74
N ASP SB 472 111.96 2.27 30.83
CA ASP SB 472 112.20 3.54 31.49
C ASP SB 472 112.43 3.36 32.97
N THR SB 473 111.61 2.55 33.63
CA THR SB 473 111.81 2.35 35.07
C THR SB 473 113.06 1.54 35.36
N GLN SB 474 113.52 0.73 34.40
CA GLN SB 474 114.79 0.04 34.59
C GLN SB 474 115.97 0.98 34.40
N ASN SB 475 115.84 1.97 33.52
CA ASN SB 475 116.92 2.94 33.33
C ASN SB 475 116.99 3.93 34.48
N ALA SB 476 115.86 4.25 35.10
CA ALA SB 476 115.86 5.22 36.20
C ALA SB 476 116.67 4.70 37.38
N LEU SB 477 117.01 5.62 38.28
CA LEU SB 477 117.77 5.32 39.48
C LEU SB 477 117.16 5.85 40.77
N ASP SB 478 116.42 6.96 40.71
CA ASP SB 478 115.74 7.48 41.89
C ASP SB 478 114.58 6.60 42.32
N PHE SB 479 114.21 5.63 41.51
CA PHE SB 479 113.00 4.87 41.73
C PHE SB 479 113.25 3.75 42.74
N PRO SB 480 112.31 3.44 43.62
CA PRO SB 480 112.52 2.33 44.55
C PRO SB 480 112.65 0.98 43.87
N LEU SB 481 112.72 -0.06 44.71
CA LEU SB 481 112.62 -1.45 44.26
C LEU SB 481 113.69 -1.85 43.25
N PRO SB 482 114.84 -2.36 43.70
CA PRO SB 482 116.02 -2.48 42.83
C PRO SB 482 115.79 -3.16 41.48
N LYS SB 483 116.84 -3.05 40.67
CA LYS SB 483 116.78 -3.33 39.24
C LYS SB 483 116.26 -4.72 38.95
N ALA SB 484 116.57 -5.68 39.82
CA ALA SB 484 116.07 -7.03 39.61
C ALA SB 484 114.57 -7.10 39.85
N PHE SB 485 114.06 -6.33 40.80
CA PHE SB 485 112.62 -6.29 41.03
C PHE SB 485 111.90 -5.61 39.88
N ARG SB 486 112.57 -4.67 39.22
CA ARG SB 486 111.91 -3.85 38.19
C ARG SB 486 111.68 -4.69 36.94
N ASP SB 487 110.42 -5.04 36.67
CA ASP SB 487 110.05 -5.78 35.47
C ASP SB 487 108.82 -5.23 34.76
N ALA SB 488 107.92 -4.58 35.50
CA ALA SB 488 106.61 -4.21 34.98
C ALA SB 488 106.49 -2.70 34.84
N GLY SB 489 105.38 -2.28 34.23
CA GLY SB 489 105.10 -0.88 34.04
C GLY SB 489 104.48 -0.27 35.29
N TRP SB 490 104.60 1.06 35.39
CA TRP SB 490 104.20 1.77 36.59
C TRP SB 490 103.44 3.03 36.23
N PHE SB 491 102.23 3.17 36.77
CA PHE SB 491 101.51 4.42 36.68
C PHE SB 491 102.11 5.40 37.67
N PHE SB 492 102.51 6.57 37.19
CA PHE SB 492 103.24 7.57 37.96
C PHE SB 492 102.40 8.83 38.02
N ASP SB 493 101.69 9.00 39.13
CA ASP SB 493 100.87 10.18 39.34
C ASP SB 493 101.68 11.25 40.06
N VAL SB 494 101.32 12.50 39.79
CA VAL SB 494 101.98 13.66 40.40
C VAL SB 494 100.89 14.59 40.88
N LEU SB 495 100.85 14.82 42.18
CA LEU SB 495 99.85 15.64 42.81
C LEU SB 495 100.48 16.93 43.34
N PRO SB 496 99.69 17.99 43.48
CA PRO SB 496 100.27 19.26 43.95
C PRO SB 496 100.67 19.17 45.41
N GLY SB 497 101.81 19.79 45.72
CA GLY SB 497 102.33 19.82 47.07
C GLY SB 497 101.90 21.09 47.76
N HIS SB 498 102.85 21.98 48.00
CA HIS SB 498 102.60 23.25 48.65
C HIS SB 498 103.31 24.34 47.87
N TYR SB 499 103.18 25.56 48.37
CA TYR SB 499 103.58 26.75 47.64
C TYR SB 499 105.06 27.05 47.71
N ASN SB 500 105.75 26.60 48.74
CA ASN SB 500 107.18 26.87 48.89
C ASN SB 500 108.03 25.93 48.03
N GLY SB 501 107.46 25.33 46.99
CA GLY SB 501 108.20 24.54 46.02
C GLY SB 501 108.20 23.06 46.29
N ALA SB 502 107.02 22.44 46.38
CA ALA SB 502 106.91 21.01 46.66
C ALA SB 502 105.82 20.39 45.80
N LEU SB 503 105.94 19.07 45.65
CA LEU SB 503 104.94 18.26 44.94
C LEU SB 503 104.97 16.87 45.54
N ARG SB 504 103.99 16.06 45.16
CA ARG SB 504 103.97 14.65 45.50
C ARG SB 504 104.38 13.81 44.30
N GLN SB 505 104.54 12.52 44.55
CA GLN SB 505 104.81 11.56 43.49
C GLN SB 505 104.29 10.22 43.97
N VAL SB 506 103.16 9.80 43.44
CA VAL SB 506 102.57 8.50 43.73
C VAL SB 506 102.92 7.57 42.58
N LEU SB 507 103.02 6.28 42.86
CA LEU SB 507 103.59 5.35 41.89
C LEU SB 507 103.08 3.95 42.17
N THR SB 508 102.23 3.45 41.29
CA THR SB 508 101.58 2.15 41.45
C THR SB 508 101.99 1.22 40.32
N ARG SB 509 102.44 0.03 40.67
CA ARG SB 509 102.84 -0.92 39.62
C ARG SB 509 101.64 -1.33 38.78
N ASN SB 510 101.89 -1.65 37.52
CA ASN SB 510 100.87 -2.19 36.62
C ASN SB 510 100.86 -3.70 36.76
N SER SB 511 100.40 -4.15 37.92
CA SER SB 511 100.36 -5.55 38.29
C SER SB 511 98.96 -6.08 38.03
N THR SB 512 98.82 -6.91 37.01
CA THR SB 512 97.54 -7.51 36.67
C THR SB 512 97.28 -8.75 37.52
N GLY SB 513 98.14 -9.75 37.41
CA GLY SB 513 97.93 -11.01 38.10
C GLY SB 513 98.48 -11.02 39.51
N ARG SB 514 99.56 -10.29 39.73
CA ARG SB 514 100.20 -10.23 41.03
C ARG SB 514 99.52 -9.17 41.90
N ASN SB 515 100.14 -8.86 43.04
CA ASN SB 515 99.60 -7.86 43.95
C ASN SB 515 100.15 -6.50 43.57
N MET SB 516 99.26 -5.59 43.22
CA MET SB 516 99.65 -4.21 42.97
C MET SB 516 100.28 -3.62 44.22
N LEU SB 517 101.12 -2.62 44.01
CA LEU SB 517 101.82 -2.00 45.11
C LEU SB 517 102.08 -0.54 44.79
N LYS SB 518 101.89 0.29 45.80
CA LYS SB 518 101.91 1.74 45.69
C LYS SB 518 103.00 2.28 46.59
N PHE SB 519 103.84 3.13 46.02
CA PHE SB 519 104.73 3.99 46.78
C PHE SB 519 104.28 5.43 46.59
N GLU SB 520 104.73 6.28 47.50
CA GLU SB 520 104.41 7.69 47.38
C GLU SB 520 105.41 8.50 48.18
N ARG SB 521 105.76 9.67 47.66
CA ARG SB 521 106.71 10.54 48.33
C ARG SB 521 106.39 11.99 48.07
N VAL SB 522 107.13 12.85 48.76
CA VAL SB 522 107.09 14.29 48.59
C VAL SB 522 108.45 14.72 48.09
N ILE SB 523 108.46 15.55 47.04
CA ILE SB 523 109.69 16.06 46.45
C ILE SB 523 109.65 17.58 46.51
N ASP SB 524 110.84 18.16 46.56
CA ASP SB 524 111.03 19.59 46.42
C ASP SB 524 111.72 19.84 45.09
N ILE SB 525 111.09 20.63 44.24
CA ILE SB 525 111.50 20.74 42.84
C ILE SB 525 112.91 21.29 42.74
N PHE SB 526 113.22 22.30 43.55
CA PHE SB 526 114.46 23.05 43.40
C PHE SB 526 115.61 22.35 44.11
N ASN SB 527 115.48 22.14 45.42
CA ASN SB 527 116.51 21.48 46.21
C ASN SB 527 116.13 20.01 46.32
N LYS SB 528 116.60 19.23 45.35
CA LYS SB 528 116.28 17.81 45.27
C LYS SB 528 116.83 17.01 46.46
N LYS SB 529 117.78 17.57 47.21
CA LYS SB 529 118.33 16.88 48.36
C LYS SB 529 117.25 16.57 49.40
N ASN SB 530 116.21 17.38 49.48
CA ASN SB 530 115.13 17.19 50.44
C ASN SB 530 114.09 16.20 49.97
N ASN SB 531 114.35 15.45 48.89
CA ASN SB 531 113.38 14.49 48.38
C ASN SB 531 113.23 13.36 49.38
N GLY SB 532 112.13 13.37 50.12
CA GLY SB 532 111.86 12.35 51.11
C GLY SB 532 111.82 10.96 50.51
N ALA SB 533 111.87 9.97 51.40
CA ALA SB 533 111.89 8.59 50.97
C ALA SB 533 110.49 8.13 50.56
N TRP SB 534 110.44 7.01 49.87
CA TRP SB 534 109.22 6.50 49.28
C TRP SB 534 108.46 5.67 50.30
N ASN SB 535 107.41 6.25 50.88
CA ASN SB 535 106.57 5.52 51.80
C ASN SB 535 105.70 4.54 51.03
N PHE SB 536 105.69 3.29 51.50
CA PHE SB 536 104.98 2.22 50.84
C PHE SB 536 103.59 2.07 51.46
N CYS SB 537 102.56 2.05 50.62
CA CYS SB 537 101.20 1.83 51.09
C CYS SB 537 100.88 0.36 50.98
N PRO SB 538 100.65 -0.36 52.08
CA PRO SB 538 100.27 -1.77 51.93
C PRO SB 538 98.95 -1.94 51.23
N GLN SB 539 99.00 -2.48 50.01
CA GLN SB 539 97.81 -2.93 49.31
C GLN SB 539 98.11 -4.30 48.73
N ASN SB 540 97.19 -5.23 48.97
CA ASN SB 540 97.39 -6.63 48.62
C ASN SB 540 96.06 -7.21 48.14
N ALA SB 541 96.16 -8.25 47.33
CA ALA SB 541 95.02 -8.95 46.78
C ALA SB 541 94.91 -10.40 47.23
N GLY SB 542 96.04 -11.07 47.45
CA GLY SB 542 96.06 -12.47 47.82
C GLY SB 542 97.15 -13.25 47.12
N TYR SB 543 97.83 -12.63 46.15
CA TYR SB 543 98.86 -13.30 45.39
C TYR SB 543 100.20 -13.20 46.11
N TRP SB 544 101.14 -14.01 45.66
CA TRP SB 544 102.49 -13.97 46.21
C TRP SB 544 103.22 -12.75 45.68
N GLU SB 545 104.49 -12.64 46.03
CA GLU SB 545 105.40 -11.68 45.43
C GLU SB 545 106.77 -12.32 45.44
N HIS SB 546 107.14 -12.92 44.31
CA HIS SB 546 108.43 -13.55 44.18
C HIS SB 546 109.55 -12.56 44.46
N ILE SB 547 110.67 -13.08 44.92
CA ILE SB 547 111.93 -12.34 44.96
C ILE SB 547 112.92 -13.12 44.10
N PRO SB 548 113.58 -12.49 43.13
CA PRO SB 548 114.43 -13.26 42.22
C PRO SB 548 115.61 -13.88 42.95
N LYS SB 549 116.21 -14.87 42.31
CA LYS SB 549 117.35 -15.56 42.91
C LYS SB 549 118.60 -14.70 42.94
N SER SB 550 118.59 -13.54 42.27
CA SER SB 550 119.75 -12.66 42.31
C SER SB 550 120.08 -12.21 43.72
N ILE SB 551 119.06 -11.91 44.52
CA ILE SB 551 119.30 -11.59 45.93
C ILE SB 551 119.69 -12.87 46.66
N THR SB 552 120.70 -12.76 47.52
CA THR SB 552 121.26 -13.89 48.25
C THR SB 552 121.30 -13.64 49.75
N LYS SB 553 120.57 -12.66 50.24
CA LYS SB 553 120.50 -12.36 51.66
C LYS SB 553 119.16 -11.72 51.95
N LEU SB 554 118.62 -12.01 53.13
CA LEU SB 554 117.38 -11.40 53.56
C LEU SB 554 117.55 -9.97 54.07
N SER SB 555 118.78 -9.44 54.04
CA SER SB 555 119.01 -8.06 54.47
C SER SB 555 118.73 -7.05 53.37
N ASP SB 556 118.74 -7.47 52.11
CA ASP SB 556 118.37 -6.57 51.02
C ASP SB 556 116.91 -6.15 51.08
N LEU SB 557 116.07 -6.91 51.77
CA LEU SB 557 114.62 -6.70 51.78
C LEU SB 557 114.27 -5.78 52.95
N LYS SB 558 114.54 -4.50 52.75
CA LYS SB 558 114.36 -3.49 53.77
C LYS SB 558 113.02 -2.77 53.70
N ILE SB 559 112.19 -3.06 52.71
CA ILE SB 559 110.95 -2.32 52.53
C ILE SB 559 109.89 -2.90 53.46
N VAL SB 560 109.18 -2.02 54.16
CA VAL SB 560 108.24 -2.42 55.19
C VAL SB 560 106.91 -2.80 54.54
N GLY SB 561 106.17 -3.67 55.21
CA GLY SB 561 104.83 -4.04 54.81
C GLY SB 561 104.73 -5.09 53.73
N LEU SB 562 105.83 -5.45 53.08
CA LEU SB 562 105.79 -6.40 51.98
C LEU SB 562 105.76 -7.84 52.47
N ASP SB 563 105.41 -8.73 51.56
CA ASP SB 563 105.23 -10.14 51.85
C ASP SB 563 105.81 -10.92 50.69
N PHE SB 564 107.07 -11.32 50.80
CA PHE SB 564 107.72 -12.14 49.81
C PHE SB 564 107.57 -13.61 50.17
N TYR SB 565 107.23 -14.44 49.20
CA TYR SB 565 107.10 -15.87 49.42
C TYR SB 565 108.43 -16.55 49.16
N ILE SB 566 108.66 -17.64 49.89
CA ILE SB 566 109.91 -18.40 49.83
C ILE SB 566 109.54 -19.87 49.74
N THR SB 567 110.26 -20.58 48.88
CA THR SB 567 110.13 -22.02 48.72
C THR SB 567 111.35 -22.70 49.32
N THR SB 568 111.34 -24.03 49.26
CA THR SB 568 112.45 -24.80 49.80
C THR SB 568 113.75 -24.45 49.11
N GLU SB 569 113.74 -24.44 47.79
CA GLU SB 569 114.93 -24.08 47.02
C GLU SB 569 115.42 -22.68 47.38
N GLU SB 570 114.50 -21.76 47.63
CA GLU SB 570 114.90 -20.39 47.95
C GLU SB 570 115.52 -20.32 49.32
N SER SB 571 114.95 -21.03 50.30
CA SER SB 571 115.52 -21.05 51.64
C SER SB 571 116.90 -21.68 51.62
N ASN SB 572 117.08 -22.72 50.80
CA ASN SB 572 118.41 -23.32 50.67
C ASN SB 572 119.37 -22.40 49.92
N ARG SB 573 118.83 -21.54 49.06
CA ARG SB 573 119.68 -20.63 48.29
C ARG SB 573 120.22 -19.51 49.18
N PHE SB 574 119.32 -18.90 49.95
CA PHE SB 574 119.72 -17.79 50.80
C PHE SB 574 120.66 -18.28 51.90
N THR SB 575 121.29 -17.33 52.57
CA THR SB 575 122.31 -17.58 53.58
C THR SB 575 121.86 -17.26 54.99
N ASP SB 576 121.14 -16.15 55.18
CA ASP SB 576 120.78 -15.67 56.50
C ASP SB 576 119.76 -16.56 57.21
N PHE SB 577 119.16 -17.52 56.50
CA PHE SB 577 118.06 -18.29 57.07
C PHE SB 577 118.52 -19.06 58.31
N PRO SB 578 117.59 -19.44 59.19
CA PRO SB 578 117.94 -20.39 60.26
C PRO SB 578 118.35 -21.74 59.67
N LYS SB 579 119.57 -22.15 59.98
CA LYS SB 579 120.09 -23.41 59.43
C LYS SB 579 119.25 -24.59 59.87
N ASP SB 580 118.70 -24.55 61.09
CA ASP SB 580 117.85 -25.62 61.56
C ASP SB 580 116.60 -25.76 60.70
N PHE SB 581 116.12 -24.65 60.13
CA PHE SB 581 114.89 -24.60 59.33
C PHE SB 581 115.17 -24.19 57.89
N LYS SB 582 116.41 -24.32 57.43
CA LYS SB 582 116.79 -23.90 56.09
C LYS SB 582 116.59 -25.07 55.13
N GLY SB 583 115.59 -24.93 54.24
CA GLY SB 583 115.26 -25.96 53.29
C GLY SB 583 114.16 -26.89 53.77
N ILE SB 584 113.13 -26.33 54.39
CA ILE SB 584 112.04 -27.10 54.99
C ILE SB 584 110.72 -26.46 54.58
N ALA SB 585 110.13 -26.97 53.50
CA ALA SB 585 108.73 -26.72 53.15
C ALA SB 585 108.43 -25.32 52.61
N GLY SB 586 109.38 -24.40 52.68
CA GLY SB 586 109.15 -23.04 52.21
C GLY SB 586 108.08 -22.31 53.01
N TRP SB 587 107.99 -20.99 52.85
CA TRP SB 587 106.95 -20.21 53.53
C TRP SB 587 107.03 -18.76 53.05
N ILE SB 588 106.21 -17.91 53.65
CA ILE SB 588 106.18 -16.48 53.38
C ILE SB 588 106.81 -15.75 54.56
N LEU SB 589 107.29 -14.53 54.29
CA LEU SB 589 107.80 -13.65 55.33
C LEU SB 589 107.02 -12.34 55.31
N GLU SB 590 107.45 -11.42 56.17
CA GLU SB 590 106.81 -10.12 56.32
C GLU SB 590 107.75 -9.21 57.08
N VAL SB 591 107.98 -8.03 56.54
CA VAL SB 591 108.82 -7.03 57.17
C VAL SB 591 107.96 -6.13 58.03
N LYS SB 592 108.56 -5.54 59.06
CA LYS SB 592 107.87 -4.73 60.04
C LYS SB 592 108.64 -3.43 60.28
N SER SB 593 108.01 -2.51 61.00
CA SER SB 593 108.55 -1.19 61.22
C SER SB 593 109.68 -1.22 62.24
N ASN SB 594 110.55 -0.22 62.16
CA ASN SB 594 111.63 -0.03 63.13
C ASN SB 594 112.22 1.35 62.91
N THR SB 595 113.32 1.62 63.62
CA THR SB 595 114.08 2.85 63.49
C THR SB 595 114.83 2.84 62.17
N PRO SB 596 115.32 3.99 61.71
CA PRO SB 596 116.12 4.00 60.48
C PRO SB 596 117.45 3.31 60.70
N GLY SB 597 117.97 2.74 59.63
CA GLY SB 597 119.19 1.98 59.68
C GLY SB 597 119.01 0.53 60.06
N ASN SB 598 117.87 0.16 60.64
CA ASN SB 598 117.61 -1.21 61.05
C ASN SB 598 116.14 -1.53 60.85
N THR SB 599 115.83 -2.81 61.01
CA THR SB 599 114.49 -3.31 60.75
C THR SB 599 114.32 -4.65 61.44
N THR SB 600 113.08 -4.93 61.82
CA THR SB 600 112.71 -6.23 62.39
C THR SB 600 111.87 -6.97 61.37
N GLN SB 601 112.35 -8.14 60.97
CA GLN SB 601 111.72 -8.99 59.98
C GLN SB 601 111.10 -10.19 60.66
N VAL SB 602 109.79 -10.34 60.51
CA VAL SB 602 109.08 -11.52 60.98
C VAL SB 602 108.97 -12.46 59.80
N LEU SB 603 108.94 -13.75 60.09
CA LEU SB 603 108.99 -14.78 59.05
C LEU SB 603 108.19 -15.98 59.55
N ARG SB 604 107.04 -16.20 58.93
CA ARG SB 604 106.12 -17.24 59.36
C ARG SB 604 106.37 -18.52 58.58
N ARG SB 605 105.76 -19.61 59.06
CA ARG SB 605 105.76 -20.89 58.37
C ARG SB 605 104.34 -21.22 57.95
N ASN SB 606 104.20 -21.73 56.73
CA ASN SB 606 102.90 -22.20 56.26
C ASN SB 606 102.72 -23.67 56.63
N ASN SB 607 101.61 -23.97 57.30
CA ASN SB 607 101.39 -25.28 57.89
C ASN SB 607 99.95 -25.71 57.67
N PHE SB 608 99.72 -26.52 56.66
CA PHE SB 608 98.40 -27.14 56.51
C PHE SB 608 98.27 -28.34 57.46
N PRO SB 609 99.16 -29.35 57.40
CA PRO SB 609 99.01 -30.49 58.31
C PRO SB 609 99.60 -30.26 59.70
N SER SB 610 100.73 -29.55 59.75
CA SER SB 610 101.59 -29.55 60.92
C SER SB 610 101.29 -28.36 61.84
N ALA SB 611 102.16 -28.16 62.81
CA ALA SB 611 102.03 -27.06 63.76
C ALA SB 611 102.80 -25.84 63.24
N HIS SB 612 102.45 -24.69 63.80
CA HIS SB 612 102.90 -23.41 63.27
C HIS SB 612 104.08 -22.84 64.04
N GLN SB 613 104.84 -22.02 63.34
CA GLN SB 613 105.95 -21.28 63.94
C GLN SB 613 106.18 -20.00 63.17
N PHE SB 614 106.74 -19.02 63.86
CA PHE SB 614 107.06 -17.73 63.24
C PHE SB 614 108.23 -17.13 63.99
N LEU SB 615 109.26 -16.78 63.25
CA LEU SB 615 110.51 -16.27 63.76
C LEU SB 615 110.55 -14.76 63.56
N VAL SB 616 111.53 -14.12 64.19
CA VAL SB 616 111.64 -12.67 64.15
C VAL SB 616 113.10 -12.31 64.38
N ARG SB 617 113.59 -11.38 63.57
CA ARG SB 617 115.01 -11.02 63.54
C ARG SB 617 115.16 -9.53 63.35
N ASN SB 618 115.81 -8.88 64.30
CA ASN SB 618 116.11 -7.45 64.22
C ASN SB 618 117.55 -7.27 63.76
N PHE SB 619 117.75 -6.46 62.72
CA PHE SB 619 119.07 -6.28 62.15
C PHE SB 619 119.23 -4.91 61.53
N GLY SB 620 120.47 -4.44 61.56
CA GLY SB 620 120.85 -3.20 60.91
C GLY SB 620 122.04 -2.59 61.61
N THR SB 621 122.31 -1.33 61.24
CA THR SB 621 123.49 -0.64 61.74
C THR SB 621 123.47 -0.50 63.25
N GLY SB 622 122.28 -0.24 63.81
CA GLY SB 622 122.17 -0.15 65.25
C GLY SB 622 122.50 -1.44 65.98
N GLY SB 623 122.39 -2.58 65.29
CA GLY SB 623 122.70 -3.86 65.89
C GLY SB 623 122.16 -4.99 65.04
N VAL SB 624 122.76 -6.17 65.14
CA VAL SB 624 122.31 -7.35 64.41
C VAL SB 624 122.03 -8.45 65.41
N GLY SB 625 120.96 -9.21 65.17
CA GLY SB 625 120.56 -10.29 66.05
C GLY SB 625 120.17 -11.52 65.27
N LYS SB 626 120.07 -12.63 65.98
CA LYS SB 626 119.62 -13.88 65.41
C LYS SB 626 118.11 -13.97 65.56
N TRP SB 627 117.53 -15.04 65.04
CA TRP SB 627 116.09 -15.21 65.10
C TRP SB 627 115.65 -15.64 66.49
N SER SB 628 114.33 -15.66 66.69
CA SER SB 628 113.73 -16.05 67.96
C SER SB 628 112.41 -16.75 67.62
N LEU SB 629 112.44 -18.07 67.56
CA LEU SB 629 111.28 -18.85 67.15
C LEU SB 629 110.15 -18.71 68.16
N PHE SB 630 108.93 -18.90 67.69
CA PHE SB 630 107.73 -18.94 68.51
C PHE SB 630 106.96 -20.20 68.14
N GLU SB 631 107.05 -21.23 68.98
CA GLU SB 631 106.44 -22.51 68.66
C GLU SB 631 104.96 -22.51 69.01
N GLY SB 632 104.19 -23.26 68.24
CA GLY SB 632 102.75 -23.32 68.39
C GLY SB 632 102.28 -24.67 68.92
N LYS SB 633 101.16 -24.64 69.63
CA LYS SB 633 100.53 -25.83 70.18
C LYS SB 633 99.26 -26.09 69.40
N VAL SB 634 99.20 -27.24 68.72
CA VAL SB 634 98.03 -27.57 67.93
C VAL SB 634 96.83 -27.74 68.84
N VAL SB 635 95.64 -27.48 68.29
CA VAL SB 635 94.40 -27.59 69.04
C VAL SB 635 93.27 -27.65 68.03
N GLU SB 636 92.16 -28.26 68.43
CA GLU SB 636 91.01 -28.43 67.55
C GLU SB 636 89.71 -28.27 68.33
N ASN TB 3 60.93 19.64 -2.40
CA ASN TB 3 62.32 19.41 -2.77
C ASN TB 3 63.15 18.95 -1.55
N LYS TB 4 64.25 18.27 -1.83
CA LYS TB 4 65.11 17.69 -0.79
C LYS TB 4 64.42 16.61 0.01
N LEU TB 5 63.31 16.07 -0.49
CA LEU TB 5 62.58 15.05 0.25
C LEU TB 5 63.27 13.71 0.13
N ILE TB 6 63.05 12.87 1.12
CA ILE TB 6 63.65 11.54 1.14
C ILE TB 6 62.65 10.60 0.48
N THR TB 7 62.94 10.22 -0.76
CA THR TB 7 62.16 9.27 -1.53
C THR TB 7 62.67 7.84 -1.37
N ASP TB 8 63.62 7.60 -0.48
CA ASP TB 8 64.09 6.26 -0.15
C ASP TB 8 63.95 6.11 1.35
N LEU TB 9 62.75 5.73 1.79
CA LEU TB 9 62.48 5.62 3.21
C LEU TB 9 63.01 4.29 3.73
N SER TB 10 63.31 4.28 5.03
CA SER TB 10 63.72 3.06 5.68
C SER TB 10 62.61 2.02 5.58
N ARG TB 11 62.98 0.85 5.05
CA ARG TB 11 62.05 -0.27 4.90
C ARG TB 11 61.90 -1.08 6.17
N VAL TB 12 62.29 -0.54 7.32
CA VAL TB 12 62.40 -1.28 8.57
C VAL TB 12 61.65 -0.54 9.65
N PHE TB 13 61.01 -1.31 10.52
CA PHE TB 13 60.13 -0.81 11.58
C PHE TB 13 60.97 -0.21 12.70
N ASP TB 14 61.47 0.99 12.43
CA ASP TB 14 62.38 1.67 13.34
C ASP TB 14 62.08 3.17 13.31
N TYR TB 15 62.56 3.86 14.35
CA TYR TB 15 62.23 5.27 14.52
C TYR TB 15 62.81 6.16 13.43
N ARG TB 16 63.80 5.67 12.69
CA ARG TB 16 64.33 6.43 11.57
C ARG TB 16 63.24 6.72 10.56
N TYR TB 17 62.32 5.78 10.38
CA TYR TB 17 61.21 5.97 9.45
C TYR TB 17 60.37 7.17 9.86
N VAL TB 18 59.93 7.22 11.10
CA VAL TB 18 59.08 8.33 11.50
C VAL TB 18 59.89 9.61 11.56
N ASP TB 19 61.19 9.53 11.85
CA ASP TB 19 62.00 10.75 11.87
C ASP TB 19 62.05 11.38 10.50
N GLU TB 20 62.33 10.57 9.47
CA GLU TB 20 62.40 11.13 8.13
C GLU TB 20 61.02 11.53 7.62
N ASN TB 21 59.96 10.82 8.04
CA ASN TB 21 58.62 11.25 7.69
C ASN TB 21 58.30 12.62 8.29
N GLU TB 22 58.64 12.82 9.56
CA GLU TB 22 58.40 14.10 10.21
C GLU TB 22 59.23 15.19 9.55
N TYR TB 23 60.43 14.85 9.12
CA TYR TB 23 61.29 15.83 8.48
C TYR TB 23 60.73 16.24 7.13
N ASN TB 24 60.29 15.25 6.35
CA ASN TB 24 59.60 15.52 5.10
C ASN TB 24 58.39 16.42 5.31
N PHE TB 25 57.59 16.15 6.34
CA PHE TB 25 56.41 16.97 6.58
C PHE TB 25 56.79 18.38 7.02
N LYS TB 26 57.87 18.51 7.78
CA LYS TB 26 58.34 19.86 8.14
C LYS TB 26 58.75 20.63 6.89
N LEU TB 27 59.44 19.96 5.97
CA LEU TB 27 59.78 20.61 4.71
C LEU TB 27 58.55 21.02 3.95
N ILE TB 28 57.56 20.13 3.86
CA ILE TB 28 56.33 20.44 3.13
C ILE TB 28 55.63 21.63 3.76
N SER TB 29 55.56 21.67 5.08
CA SER TB 29 54.89 22.78 5.76
C SER TB 29 55.61 24.08 5.48
N ASP TB 30 56.93 24.09 5.64
CA ASP TB 30 57.70 25.29 5.37
C ASP TB 30 57.55 25.73 3.92
N MET TB 31 57.49 24.78 3.00
CA MET TB 31 57.41 25.11 1.59
C MET TB 31 56.07 25.72 1.25
N LEU TB 32 54.99 25.12 1.72
CA LEU TB 32 53.67 25.69 1.49
C LEU TB 32 53.54 27.06 2.14
N THR TB 33 54.13 27.23 3.33
CA THR TB 33 54.03 28.51 4.00
C THR TB 33 54.77 29.58 3.23
N ASP TB 34 55.97 29.28 2.74
CA ASP TB 34 56.70 30.30 2.01
C ASP TB 34 56.09 30.53 0.64
N PHE TB 35 55.41 29.54 0.06
CA PHE TB 35 54.67 29.79 -1.17
C PHE TB 35 53.54 30.77 -0.93
N ASN TB 36 52.76 30.54 0.13
CA ASN TB 36 51.68 31.47 0.46
C ASN TB 36 52.22 32.86 0.73
N PHE TB 37 53.35 32.95 1.44
CA PHE TB 37 53.94 34.24 1.75
C PHE TB 37 54.45 34.92 0.49
N SER TB 38 55.10 34.17 -0.39
CA SER TB 38 55.59 34.73 -1.65
C SER TB 38 54.44 35.22 -2.50
N LEU TB 39 53.36 34.46 -2.53
CA LEU TB 39 52.20 34.86 -3.30
C LEU TB 39 51.61 36.16 -2.77
N GLU TB 40 51.43 36.24 -1.45
CA GLU TB 40 50.92 37.46 -0.85
C GLU TB 40 51.85 38.64 -1.13
N TYR TB 41 53.15 38.40 -1.04
CA TYR TB 41 54.13 39.44 -1.34
C TYR TB 41 54.00 39.93 -2.77
N HIS TB 42 53.88 38.99 -3.70
CA HIS TB 42 53.72 39.34 -5.10
C HIS TB 42 52.41 40.05 -5.34
N ARG TB 43 51.39 39.72 -4.56
CA ARG TB 43 50.07 40.28 -4.80
C ARG TB 43 50.01 41.73 -4.37
N ASN TB 44 50.38 42.01 -3.12
CA ASN TB 44 50.08 43.32 -2.55
C ASN TB 44 51.21 43.92 -1.71
N LYS TB 45 52.43 43.43 -1.86
CA LYS TB 45 53.59 44.02 -1.19
C LYS TB 45 54.83 44.14 -2.07
N GLU TB 46 54.95 43.37 -3.14
CA GLU TB 46 56.18 43.32 -3.90
C GLU TB 46 56.30 44.55 -4.80
N VAL TB 47 57.53 44.91 -5.11
CA VAL TB 47 57.83 46.02 -6.01
C VAL TB 47 58.41 45.46 -7.29
N PHE TB 48 57.94 45.98 -8.41
CA PHE TB 48 58.29 45.48 -9.74
C PHE TB 48 58.00 43.98 -9.84
N ALA TB 49 56.78 43.62 -9.48
CA ALA TB 49 56.36 42.23 -9.56
C ALA TB 49 56.38 41.73 -10.99
N HIS TB 50 55.50 42.28 -11.81
CA HIS TB 50 55.50 42.03 -13.24
C HIS TB 50 56.30 43.11 -13.94
N ASN TB 51 56.40 42.99 -15.26
CA ASN TB 51 56.91 44.04 -16.12
C ASN TB 51 55.75 44.67 -16.87
N GLY TB 52 55.99 45.87 -17.40
CA GLY TB 52 54.95 46.58 -18.11
C GLY TB 52 54.57 45.96 -19.44
N GLU TB 53 55.30 44.94 -19.89
CA GLU TB 53 54.96 44.23 -21.11
C GLU TB 53 54.06 43.05 -20.85
N GLN TB 54 53.96 42.58 -19.61
CA GLN TB 54 53.12 41.44 -19.30
C GLN TB 54 51.65 41.82 -19.15
N ILE TB 55 51.36 43.08 -18.90
CA ILE TB 55 49.97 43.52 -18.85
C ILE TB 55 49.42 43.60 -20.27
N LYS TB 56 48.11 43.54 -20.38
CA LYS TB 56 47.40 43.56 -21.66
C LYS TB 56 46.34 44.66 -21.58
N TYR TB 57 46.65 45.81 -22.13
CA TYR TB 57 45.68 46.90 -22.21
C TYR TB 57 44.73 46.61 -23.37
N GLU TB 58 43.51 46.24 -23.04
CA GLU TB 58 42.48 45.89 -24.02
C GLU TB 58 41.49 47.03 -24.13
N HIS TB 59 41.27 47.47 -25.37
CA HIS TB 59 40.29 48.49 -25.68
C HIS TB 59 39.93 48.28 -27.14
N LEU TB 60 38.90 48.97 -27.61
CA LEU TB 60 38.53 48.84 -29.01
C LEU TB 60 39.69 49.26 -29.89
N ASN TB 61 39.98 48.44 -30.89
CA ASN TB 61 40.97 48.74 -31.92
C ASN TB 61 42.41 48.71 -31.42
N VAL TB 62 42.64 48.43 -30.14
CA VAL TB 62 43.99 48.43 -29.57
C VAL TB 62 44.04 47.37 -28.49
N THR TB 63 45.01 46.46 -28.59
CA THR TB 63 45.11 45.30 -27.71
C THR TB 63 46.55 45.03 -27.33
N SER TB 64 47.30 46.09 -27.00
CA SER TB 64 48.72 45.98 -26.71
C SER TB 64 48.97 46.10 -25.23
N SER TB 65 50.24 46.02 -24.86
CA SER TB 65 50.66 46.08 -23.48
C SER TB 65 50.70 47.53 -23.01
N VAL TB 66 50.58 47.71 -21.69
CA VAL TB 66 50.55 49.05 -21.13
C VAL TB 66 51.86 49.76 -21.40
N SER TB 67 52.97 49.04 -21.38
CA SER TB 67 54.26 49.67 -21.65
C SER TB 67 54.29 50.27 -23.05
N ASP TB 68 53.85 49.50 -24.04
CA ASP TB 68 53.79 50.00 -25.40
C ASP TB 68 52.82 51.17 -25.52
N PHE TB 69 51.67 51.07 -24.86
CA PHE TB 69 50.68 52.12 -25.00
C PHE TB 69 51.14 53.40 -24.33
N LEU TB 70 51.84 53.29 -23.20
CA LEU TB 70 52.39 54.46 -22.55
C LEU TB 70 53.45 55.10 -23.42
N THR TB 71 54.30 54.29 -24.04
CA THR TB 71 55.30 54.84 -24.93
C THR TB 71 54.65 55.54 -26.12
N TYR TB 72 53.56 54.97 -26.63
CA TYR TB 72 52.86 55.59 -27.75
C TYR TB 72 52.21 56.91 -27.33
N LEU TB 73 51.65 56.94 -26.13
CA LEU TB 73 51.07 58.18 -25.62
C LEU TB 73 52.14 59.25 -25.48
N ASN TB 74 53.28 58.90 -24.91
CA ASN TB 74 54.37 59.85 -24.77
C ASN TB 74 54.87 60.32 -26.13
N GLY TB 75 54.95 59.40 -27.09
CA GLY TB 75 55.41 59.75 -28.41
C GLY TB 75 54.48 60.74 -29.09
N ARG TB 76 53.18 60.47 -29.03
CA ARG TB 76 52.25 61.38 -29.71
C ARG TB 76 52.13 62.70 -28.97
N PHE TB 77 52.29 62.69 -27.65
CA PHE TB 77 52.32 63.95 -26.92
C PHE TB 77 53.49 64.81 -27.38
N SER TB 78 54.68 64.21 -27.45
CA SER TB 78 55.85 64.96 -27.88
C SER TB 78 55.70 65.40 -29.33
N ASN TB 79 55.08 64.57 -30.16
CA ASN TB 79 54.88 64.95 -31.55
C ASN TB 79 53.95 66.13 -31.67
N MET TB 80 52.85 66.13 -30.91
CA MET TB 80 51.92 67.26 -30.93
C MET TB 80 52.61 68.51 -30.45
N VAL TB 81 53.39 68.41 -29.38
CA VAL TB 81 54.10 69.57 -28.86
C VAL TB 81 55.07 70.13 -29.89
N LEU TB 82 55.81 69.26 -30.56
CA LEU TB 82 56.76 69.73 -31.57
C LEU TB 82 56.03 70.37 -32.74
N GLY TB 83 55.00 69.73 -33.25
CA GLY TB 83 54.28 70.27 -34.38
C GLY TB 83 53.61 71.59 -34.07
N HIS TB 84 53.20 71.80 -32.82
CA HIS TB 84 52.59 73.06 -32.44
C HIS TB 84 53.62 74.10 -32.03
N ASN TB 85 54.84 73.70 -31.69
CA ASN TB 85 55.91 74.65 -31.47
C ASN TB 85 56.47 75.18 -32.77
N GLY TB 86 56.54 74.34 -33.79
CA GLY TB 86 57.00 74.76 -35.10
C GLY TB 86 58.50 74.78 -35.25
N ASP TB 87 59.14 75.79 -34.68
CA ASP TB 87 60.59 75.91 -34.67
C ASP TB 87 61.05 76.16 -33.24
N GLY TB 88 62.30 75.75 -32.96
CA GLY TB 88 62.82 75.76 -31.61
C GLY TB 88 64.13 76.53 -31.53
N ILE TB 89 64.53 76.79 -30.30
CA ILE TB 89 65.75 77.51 -30.02
C ILE TB 89 66.92 76.54 -30.12
N ASN TB 90 68.06 77.06 -30.59
CA ASN TB 90 69.24 76.22 -30.74
C ASN TB 90 69.71 75.65 -29.40
N GLU TB 91 69.57 76.43 -28.33
CA GLU TB 91 69.81 75.94 -26.98
C GLU TB 91 69.10 74.62 -26.71
N VAL TB 92 67.78 74.60 -26.86
CA VAL TB 92 67.03 73.38 -26.58
C VAL TB 92 67.34 72.32 -27.63
N LYS TB 93 67.60 72.72 -28.86
CA LYS TB 93 67.90 71.75 -29.90
C LYS TB 93 69.20 71.01 -29.60
N ASP TB 94 70.13 71.67 -28.91
CA ASP TB 94 71.34 71.04 -28.44
C ASP TB 94 71.15 70.32 -27.13
N ALA TB 95 70.23 70.79 -26.29
CA ALA TB 95 70.02 70.20 -24.98
C ALA TB 95 69.19 68.93 -25.03
N ARG TB 96 68.41 68.73 -26.08
CA ARG TB 96 67.56 67.54 -26.15
C ARG TB 96 68.35 66.24 -26.13
N VAL TB 97 69.64 66.29 -26.43
CA VAL TB 97 70.49 65.11 -26.33
C VAL TB 97 70.86 64.90 -24.87
N ASP TB 98 71.04 63.64 -24.48
CA ASP TB 98 71.34 63.30 -23.11
C ASP TB 98 72.84 63.14 -22.91
N ASN TB 99 73.23 62.98 -21.65
CA ASN TB 99 74.64 62.84 -21.33
C ASN TB 99 75.21 61.54 -21.89
N THR TB 100 74.37 60.54 -22.09
CA THR TB 100 74.79 59.27 -22.65
C THR TB 100 74.76 59.27 -24.18
N GLY TB 101 74.58 60.42 -24.81
CA GLY TB 101 74.65 60.49 -26.25
C GLY TB 101 73.46 59.87 -26.95
N TYR TB 102 72.29 60.48 -26.79
CA TYR TB 102 71.08 59.98 -27.45
C TYR TB 102 70.12 61.14 -27.64
N ASP TB 103 69.86 61.49 -28.89
CA ASP TB 103 68.92 62.55 -29.19
C ASP TB 103 67.51 62.11 -28.83
N HIS TB 104 66.76 63.03 -28.21
CA HIS TB 104 65.39 62.79 -27.80
C HIS TB 104 64.45 63.60 -28.67
N LYS TB 105 63.16 63.46 -28.40
CA LYS TB 105 62.16 64.25 -29.10
C LYS TB 105 62.03 65.63 -28.48
N THR TB 106 62.01 65.71 -27.15
CA THR TB 106 61.92 66.97 -26.45
C THR TB 106 62.82 66.99 -25.23
N LEU TB 107 63.13 68.22 -24.83
CA LEU TB 107 63.89 68.45 -23.61
C LEU TB 107 63.21 67.83 -22.40
N GLN TB 108 61.89 67.77 -22.40
CA GLN TB 108 61.19 67.13 -21.29
C GLN TB 108 61.56 65.66 -21.20
N ASP TB 109 61.52 64.96 -22.34
CA ASP TB 109 61.89 63.56 -22.34
C ASP TB 109 63.33 63.39 -21.91
N ARG TB 110 64.21 64.29 -22.36
CA ARG TB 110 65.62 64.16 -22.01
C ARG TB 110 65.84 64.36 -20.52
N LEU TB 111 65.26 65.42 -19.96
CA LEU TB 111 65.36 65.67 -18.54
C LEU TB 111 64.79 64.52 -17.73
N TYR TB 112 63.68 63.94 -18.19
CA TYR TB 112 63.09 62.81 -17.51
C TYR TB 112 64.07 61.66 -17.47
N HIS TB 113 64.63 61.30 -18.62
CA HIS TB 113 65.50 60.14 -18.68
C HIS TB 113 66.72 60.35 -17.81
N ASP TB 114 67.29 61.55 -17.84
CA ASP TB 114 68.49 61.79 -17.04
C ASP TB 114 68.18 61.78 -15.55
N TYR TB 115 67.09 62.42 -15.14
CA TYR TB 115 66.72 62.40 -13.73
C TYR TB 115 66.44 60.98 -13.27
N SER TB 116 65.74 60.20 -14.08
CA SER TB 116 65.41 58.85 -13.66
C SER TB 116 66.65 58.00 -13.56
N THR TB 117 67.60 58.19 -14.47
CA THR TB 117 68.86 57.47 -14.38
C THR TB 117 69.59 57.82 -13.09
N LEU TB 118 69.69 59.12 -12.79
CA LEU TB 118 70.38 59.53 -11.58
C LEU TB 118 69.67 59.05 -10.33
N ASP TB 119 68.34 59.08 -10.34
CA ASP TB 119 67.59 58.63 -9.18
C ASP TB 119 67.76 57.15 -8.99
N ALA TB 120 67.72 56.37 -10.07
CA ALA TB 120 67.94 54.94 -9.96
C ALA TB 120 69.34 54.66 -9.46
N PHE TB 121 70.32 55.45 -9.88
CA PHE TB 121 71.69 55.22 -9.43
C PHE TB 121 71.82 55.52 -7.94
N THR TB 122 71.32 56.66 -7.50
CA THR TB 122 71.38 57.00 -6.08
C THR TB 122 70.57 56.02 -5.25
N LYS TB 123 69.46 55.51 -5.81
CA LYS TB 123 68.61 54.57 -5.09
C LYS TB 123 69.29 53.21 -4.98
N LYS TB 124 69.95 52.78 -6.04
CA LYS TB 124 70.74 51.56 -5.98
C LYS TB 124 71.86 51.70 -4.97
N VAL TB 125 72.47 52.87 -4.90
CA VAL TB 125 73.56 53.10 -3.95
C VAL TB 125 73.03 52.97 -2.52
N GLU TB 126 71.94 53.67 -2.20
CA GLU TB 126 71.45 53.60 -0.83
C GLU TB 126 70.88 52.23 -0.52
N LYS TB 127 70.35 51.53 -1.51
CA LYS TB 127 69.91 50.17 -1.30
C LYS TB 127 71.08 49.27 -0.94
N ALA TB 128 72.18 49.39 -1.66
CA ALA TB 128 73.38 48.62 -1.34
C ALA TB 128 73.88 48.97 0.06
N VAL TB 129 73.81 50.25 0.41
CA VAL TB 129 74.25 50.68 1.74
C VAL TB 129 73.41 50.02 2.82
N ASP TB 130 72.08 50.10 2.67
CA ASP TB 130 71.19 49.50 3.66
C ASP TB 130 71.38 48.00 3.70
N GLU TB 131 71.61 47.37 2.55
CA GLU TB 131 71.82 45.94 2.50
C GLU TB 131 73.07 45.55 3.27
N ASN TB 132 74.17 46.24 3.03
CA ASN TB 132 75.40 45.95 3.75
C ASN TB 132 75.25 46.20 5.24
N TYR TB 133 74.50 47.23 5.61
CA TYR TB 133 74.32 47.50 7.03
C TYR TB 133 73.49 46.40 7.69
N LYS TB 134 72.41 45.97 7.02
CA LYS TB 134 71.60 44.90 7.59
C LYS TB 134 72.39 43.61 7.68
N GLU TB 135 73.21 43.33 6.68
CA GLU TB 135 74.04 42.13 6.72
C GLU TB 135 75.03 42.19 7.86
N TYR TB 136 75.63 43.36 8.10
CA TYR TB 136 76.55 43.49 9.22
C TYR TB 136 75.82 43.34 10.55
N ARG TB 137 74.64 43.94 10.67
CA ARG TB 137 73.89 43.80 11.92
C ARG TB 137 73.53 42.35 12.16
N ALA TB 138 73.18 41.62 11.10
CA ALA TB 138 72.92 40.20 11.22
C ALA TB 138 74.16 39.47 11.72
N THR TB 139 75.27 39.58 10.99
CA THR TB 139 76.47 38.83 11.34
C THR TB 139 77.02 39.20 12.69
N GLU TB 140 76.71 40.39 13.19
CA GLU TB 140 77.09 40.74 14.55
C GLU TB 140 76.15 40.10 15.56
N TYR TB 141 74.86 40.41 15.47
CA TYR TB 141 73.92 40.01 16.51
C TYR TB 141 73.59 38.53 16.38
N ARG TB 142 72.94 38.15 15.29
CA ARG TB 142 72.74 36.75 14.91
C ARG TB 142 72.10 35.94 16.06
N PHE TB 143 70.83 36.27 16.31
CA PHE TB 143 70.07 35.64 17.37
C PHE TB 143 68.90 34.88 16.78
N GLU TB 144 69.19 34.02 15.81
CA GLU TB 144 68.21 33.14 15.21
C GLU TB 144 68.42 31.72 15.73
N PRO TB 145 67.64 31.26 16.71
CA PRO TB 145 67.80 29.87 17.17
C PRO TB 145 67.46 28.85 16.12
N LYS TB 146 66.55 29.17 15.20
CA LYS TB 146 66.11 28.20 14.20
C LYS TB 146 67.24 27.71 13.30
N GLU TB 147 68.35 28.43 13.25
CA GLU TB 147 69.55 28.01 12.51
C GLU TB 147 70.73 27.71 13.42
N GLN TB 148 70.91 28.47 14.49
CA GLN TB 148 72.10 28.36 15.30
C GLN TB 148 72.16 27.00 15.97
N GLU TB 149 73.35 26.68 16.47
CA GLU TB 149 73.63 25.45 17.18
C GLU TB 149 74.05 25.77 18.61
N PRO TB 150 73.48 25.12 19.62
CA PRO TB 150 73.83 25.49 20.99
C PRO TB 150 75.29 25.19 21.32
N GLU TB 151 75.79 25.93 22.30
CA GLU TB 151 77.17 25.86 22.72
C GLU TB 151 77.23 25.62 24.21
N PHE TB 152 78.13 24.74 24.61
CA PHE TB 152 78.28 24.42 26.01
C PHE TB 152 78.76 25.64 26.78
N ILE TB 153 78.35 25.72 28.05
CA ILE TB 153 78.87 26.70 28.98
C ILE TB 153 79.41 25.98 30.19
N THR TB 154 78.54 25.27 30.90
CA THR TB 154 78.91 24.72 32.18
C THR TB 154 77.99 23.58 32.56
N ASP TB 155 78.34 22.98 33.68
CA ASP TB 155 77.54 21.97 34.34
C ASP TB 155 77.29 22.46 35.76
N LEU TB 156 76.14 22.11 36.30
CA LEU TB 156 75.72 22.57 37.61
C LEU TB 156 75.94 21.45 38.61
N SER TB 157 76.38 21.84 39.81
CA SER TB 157 76.73 20.90 40.89
C SER TB 157 75.83 21.13 42.09
N PRO TB 158 74.54 20.83 41.98
CA PRO TB 158 73.68 20.88 43.15
C PRO TB 158 73.85 19.63 44.01
N TYR TB 159 73.92 19.86 45.32
CA TYR TB 159 74.02 18.76 46.27
C TYR TB 159 72.62 18.30 46.64
N THR TB 160 71.97 17.71 45.65
CA THR TB 160 70.72 16.98 45.82
C THR TB 160 70.43 16.24 44.53
N ASN TB 161 70.02 14.98 44.66
CA ASN TB 161 69.81 14.11 43.51
C ASN TB 161 68.37 14.23 43.05
N ALA TB 162 68.16 15.01 42.00
CA ALA TB 162 66.87 15.11 41.34
C ALA TB 162 67.08 15.89 40.05
N VAL TB 163 66.02 16.08 39.33
CA VAL TB 163 66.07 16.69 38.02
C VAL TB 163 66.13 18.20 38.17
N MET TB 164 66.82 18.86 37.23
CA MET TB 164 66.91 20.31 37.21
C MET TB 164 65.65 20.85 36.57
N GLN TB 165 64.58 20.97 37.37
CA GLN TB 165 63.28 21.35 36.81
C GLN TB 165 63.33 22.71 36.13
N SER TB 166 64.23 23.59 36.55
CA SER TB 166 64.48 24.81 35.80
C SER TB 166 65.68 25.52 36.39
N PHE TB 167 66.07 26.62 35.75
CA PHE TB 167 67.21 27.39 36.19
C PHE TB 167 67.08 28.82 35.70
N TRP TB 168 67.89 29.68 36.30
CA TRP TB 168 67.91 31.09 35.91
C TRP TB 168 69.16 31.72 36.49
N VAL TB 169 69.90 32.39 35.65
CA VAL TB 169 71.11 33.10 36.05
C VAL TB 169 70.78 34.58 36.12
N ASP TB 170 71.51 35.31 36.97
CA ASP TB 170 71.30 36.74 37.17
C ASP TB 170 72.44 37.56 36.54
N PRO TB 171 72.15 38.62 35.76
CA PRO TB 171 73.26 39.37 35.15
C PRO TB 171 74.10 40.18 36.11
N ARG TB 172 73.47 40.90 37.03
CA ARG TB 172 74.18 41.87 37.84
C ARG TB 172 74.94 41.22 38.99
N THR TB 173 74.90 39.90 39.10
CA THR TB 173 75.52 39.19 40.20
C THR TB 173 76.29 37.95 39.75
N LYS TB 174 75.98 37.37 38.59
CA LYS TB 174 76.63 36.16 38.10
C LYS TB 174 76.45 35.01 39.08
N ILE TB 175 75.18 34.62 39.23
CA ILE TB 175 74.77 33.59 40.18
C ILE TB 175 73.59 32.85 39.58
N ILE TB 176 73.54 31.55 39.80
CA ILE TB 176 72.55 30.69 39.18
C ILE TB 176 71.64 30.15 40.28
N TYR TB 177 70.35 30.36 40.11
CA TYR TB 177 69.33 29.75 40.95
C TYR TB 177 68.69 28.64 40.13
N MET TB 178 68.82 27.41 40.59
CA MET TB 178 68.23 26.25 39.90
C MET TB 178 67.19 25.61 40.81
N THR TB 179 66.03 25.33 40.24
CA THR TB 179 64.91 24.75 40.96
C THR TB 179 64.77 23.28 40.60
N GLN TB 180 64.70 22.44 41.63
CA GLN TB 180 64.40 21.03 41.51
C GLN TB 180 63.24 20.70 42.43
N ALA TB 181 62.50 19.64 42.10
CA ALA TB 181 61.33 19.22 42.86
C ALA TB 181 61.67 17.98 43.67
N ARG TB 182 61.56 18.07 44.99
CA ARG TB 182 61.96 16.98 45.86
C ARG TB 182 60.80 16.02 46.02
N PRO TB 183 61.03 14.85 46.64
CA PRO TB 183 59.91 13.96 46.93
C PRO TB 183 58.86 14.64 47.79
N GLY TB 184 57.65 14.67 47.25
CA GLY TB 184 56.55 15.44 47.81
C GLY TB 184 56.37 16.75 47.08
N ASN TB 185 55.43 17.54 47.55
CA ASN TB 185 55.19 18.85 46.97
C ASN TB 185 56.30 19.85 47.25
N HIS TB 186 57.25 19.51 48.12
CA HIS TB 186 58.30 20.48 48.44
C HIS TB 186 59.37 20.46 47.36
N TYR TB 187 60.16 21.54 47.34
CA TYR TB 187 61.10 21.72 46.25
C TYR TB 187 62.29 22.55 46.70
N MET TB 188 63.44 22.21 46.15
CA MET TB 188 64.69 22.87 46.47
C MET TB 188 65.00 23.90 45.40
N LEU TB 189 65.65 24.98 45.82
CA LEU TB 189 66.28 25.90 44.90
C LEU TB 189 67.69 26.18 45.40
N SER TB 190 68.66 25.88 44.57
CA SER TB 190 70.07 25.96 44.93
C SER TB 190 70.69 27.15 44.23
N ARG TB 191 71.41 27.95 45.01
CA ARG TB 191 72.13 29.11 44.50
C ARG TB 191 73.60 28.71 44.37
N LEU TB 192 74.14 28.88 43.17
CA LEU TB 192 75.44 28.39 42.78
C LEU TB 192 76.22 29.47 42.04
N LYS TB 193 77.50 29.20 41.90
CA LYS TB 193 78.40 30.03 41.11
C LYS TB 193 78.19 29.73 39.63
N PRO TB 194 78.79 30.51 38.74
CA PRO TB 194 78.64 30.21 37.31
C PRO TB 194 79.27 28.89 36.91
N ASN TB 195 80.42 28.55 37.48
CA ASN TB 195 81.07 27.31 37.11
C ASN TB 195 80.27 26.10 37.57
N GLY TB 196 79.61 26.21 38.72
CA GLY TB 196 78.80 25.13 39.26
C GLY TB 196 78.88 24.99 40.76
N GLN TB 197 79.94 25.55 41.36
CA GLN TB 197 80.18 25.42 42.79
C GLN TB 197 78.96 25.81 43.61
N PHE TB 198 78.79 25.10 44.71
CA PHE TB 198 77.62 25.25 45.57
C PHE TB 198 77.86 26.38 46.55
N ILE TB 199 76.98 27.39 46.53
CA ILE TB 199 77.00 28.45 47.53
C ILE TB 199 76.05 28.05 48.64
N ASP TB 200 74.77 27.94 48.34
CA ASP TB 200 73.82 27.53 49.38
C ASP TB 200 72.53 27.07 48.71
N ARG TB 201 71.51 26.81 49.53
CA ARG TB 201 70.23 26.35 49.01
C ARG TB 201 69.12 26.74 49.95
N LEU TB 202 67.90 26.60 49.44
CA LEU TB 202 66.69 26.82 50.21
C LEU TB 202 65.71 25.73 49.82
N LEU TB 203 64.92 25.31 50.80
CA LEU TB 203 63.89 24.30 50.61
C LEU TB 203 62.54 24.95 50.89
N VAL TB 204 61.73 25.04 49.86
CA VAL TB 204 60.36 25.51 49.98
C VAL TB 204 59.50 24.31 50.33
N LYS TB 205 58.89 24.34 51.50
CA LYS TB 205 58.02 23.27 51.92
C LYS TB 205 56.65 23.45 51.31
N ASN TB 206 56.09 22.36 50.81
CA ASN TB 206 54.79 22.38 50.15
C ASN TB 206 54.77 23.30 48.94
N GLY TB 207 55.93 23.54 48.34
CA GLY TB 207 56.06 24.51 47.27
C GLY TB 207 55.77 23.98 45.89
N GLY TB 208 55.15 22.82 45.80
CA GLY TB 208 54.82 22.30 44.51
C GLY TB 208 56.06 21.88 43.76
N HIS TB 209 55.89 21.69 42.45
CA HIS TB 209 56.99 21.22 41.63
C HIS TB 209 58.02 22.32 41.40
N GLY TB 210 57.57 23.57 41.37
CA GLY TB 210 58.49 24.66 41.14
C GLY TB 210 59.09 24.59 39.76
N THR TB 211 58.23 24.51 38.75
CA THR TB 211 58.71 24.28 37.39
C THR TB 211 59.47 25.48 36.86
N HIS TB 212 59.12 26.69 37.30
CA HIS TB 212 59.90 27.86 36.96
C HIS TB 212 59.48 29.01 37.86
N ASN TB 213 60.45 29.84 38.21
CA ASN TB 213 60.25 30.97 39.10
C ASN TB 213 60.81 32.21 38.43
N ALA TB 214 60.20 33.36 38.70
CA ALA TB 214 60.61 34.62 38.11
C ALA TB 214 61.48 35.37 39.10
N TYR TB 215 62.54 35.99 38.59
CA TYR TB 215 63.52 36.68 39.41
C TYR TB 215 63.58 38.13 38.96
N ARG TB 216 63.06 39.01 39.80
CA ARG TB 216 62.99 40.44 39.51
C ARG TB 216 63.97 41.18 40.39
N TYR TB 217 64.52 42.26 39.85
CA TYR TB 217 65.42 43.15 40.57
C TYR TB 217 64.73 44.50 40.67
N ILE TB 218 64.47 44.95 41.89
CA ILE TB 218 63.86 46.25 42.14
C ILE TB 218 64.84 47.09 42.94
N GLY TB 219 65.69 47.82 42.24
CA GLY TB 219 66.68 48.66 42.88
C GLY TB 219 67.57 47.90 43.81
N ASN TB 220 68.28 46.90 43.28
CA ASN TB 220 69.17 46.05 44.08
C ASN TB 220 68.41 45.33 45.18
N GLU TB 221 67.21 44.86 44.86
CA GLU TB 221 66.42 44.05 45.77
C GLU TB 221 65.85 42.90 44.95
N LEU TB 222 66.29 41.68 45.26
CA LEU TB 222 65.94 40.50 44.47
C LEU TB 222 64.66 39.91 45.02
N TRP TB 223 63.59 40.01 44.24
CA TRP TB 223 62.33 39.37 44.55
C TRP TB 223 62.20 38.13 43.69
N ILE TB 224 61.67 37.06 44.28
CA ILE TB 224 61.43 35.81 43.61
C ILE TB 224 59.92 35.61 43.64
N TYR TB 225 59.32 35.58 42.46
CA TYR TB 225 57.93 35.20 42.29
C TYR TB 225 57.89 33.71 42.03
N SER TB 226 57.03 33.01 42.76
CA SER TB 226 56.96 31.56 42.66
C SER TB 226 55.54 31.08 42.87
N ALA TB 227 55.38 29.78 42.69
CA ALA TB 227 54.11 29.09 42.85
C ALA TB 227 54.25 28.09 43.99
N VAL TB 228 53.47 28.29 45.05
CA VAL TB 228 53.48 27.40 46.20
C VAL TB 228 52.07 27.32 46.73
N LEU TB 229 51.73 26.16 47.27
CA LEU TB 229 50.46 25.96 47.96
C LEU TB 229 50.72 25.67 49.42
N ASP TB 230 49.78 26.06 50.27
CA ASP TB 230 49.89 25.87 51.70
C ASP TB 230 48.72 25.04 52.19
N ALA TB 231 49.03 24.11 53.11
CA ALA TB 231 48.01 23.30 53.78
C ALA TB 231 47.16 22.50 52.80
N ASN TB 232 47.66 22.29 51.58
CA ASN TB 232 46.94 21.57 50.56
C ASN TB 232 45.60 22.23 50.23
N GLU TB 233 45.57 23.56 50.32
CA GLU TB 233 44.36 24.30 49.96
C GLU TB 233 44.32 24.58 48.45
N ASN TB 234 45.28 25.33 47.95
CA ASN TB 234 45.25 25.75 46.55
C ASN TB 234 46.55 26.47 46.19
N ASN TB 235 46.68 26.76 44.91
CA ASN TB 235 47.92 27.33 44.39
C ASN TB 235 47.96 28.84 44.65
N LYS TB 236 49.04 29.27 45.31
CA LYS TB 236 49.29 30.68 45.61
C LYS TB 236 50.50 31.14 44.80
N PHE TB 237 50.36 32.30 44.19
CA PHE TB 237 51.45 32.97 43.49
C PHE TB 237 52.01 34.03 44.43
N VAL TB 238 53.28 33.91 44.79
CA VAL TB 238 53.81 34.55 45.98
C VAL TB 238 55.18 35.14 45.71
N ARG TB 239 55.46 36.28 46.35
CA ARG TB 239 56.77 36.91 46.35
C ARG TB 239 57.54 36.53 47.59
N PHE TB 240 58.86 36.48 47.46
CA PHE TB 240 59.71 36.40 48.64
C PHE TB 240 61.14 36.80 48.27
N GLN TB 241 62.02 36.69 49.27
CA GLN TB 241 63.44 36.98 49.13
C GLN TB 241 64.23 35.70 49.39
N TYR TB 242 65.41 35.62 48.81
CA TYR TB 242 66.24 34.45 49.00
C TYR TB 242 66.79 34.41 50.42
N ARG TB 243 66.77 33.22 51.01
CA ARG TB 243 67.33 33.01 52.35
C ARG TB 243 67.67 31.54 52.48
N THR TB 244 68.90 31.24 52.85
CA THR TB 244 69.34 29.86 52.94
C THR TB 244 68.56 29.12 54.01
N GLY TB 245 68.32 27.83 53.75
CA GLY TB 245 67.69 26.95 54.73
C GLY TB 245 66.33 26.46 54.30
N GLU TB 246 65.29 26.91 54.98
CA GLU TB 246 63.93 26.45 54.73
C GLU TB 246 62.98 27.63 54.74
N ILE TB 247 61.86 27.45 54.04
CA ILE TB 247 60.79 28.44 54.02
C ILE TB 247 59.48 27.74 53.70
N THR TB 248 58.38 28.43 53.99
CA THR TB 248 57.05 27.94 53.69
C THR TB 248 56.10 29.12 53.74
N TYR TB 249 54.94 28.97 53.11
CA TYR TB 249 54.02 30.08 52.99
C TYR TB 249 53.48 30.50 54.36
N GLY TB 250 53.52 31.79 54.62
CA GLY TB 250 53.06 32.32 55.87
C GLY TB 250 53.46 33.76 56.07
N ASN TB 251 54.03 34.06 57.24
CA ASN TB 251 54.42 35.44 57.53
C ASN TB 251 55.64 35.85 56.71
N GLU TB 252 56.50 34.90 56.35
CA GLU TB 252 57.72 35.21 55.63
C GLU TB 252 57.51 35.41 54.14
N MET TB 253 56.29 35.18 53.64
CA MET TB 253 56.02 35.25 52.21
C MET TB 253 54.69 35.95 52.00
N GLN TB 254 54.65 36.86 51.03
CA GLN TB 254 53.49 37.71 50.79
C GLN TB 254 52.94 37.46 49.40
N ASP TB 255 51.65 37.14 49.33
CA ASP TB 255 51.00 36.93 48.04
C ASP TB 255 50.97 38.22 47.25
N VAL TB 256 50.48 38.12 46.02
CA VAL TB 256 50.30 39.26 45.14
C VAL TB 256 48.95 39.12 44.46
N MET TB 257 48.04 40.07 44.74
CA MET TB 257 46.65 40.11 44.27
C MET TB 257 46.06 38.71 44.24
N PRO TB 258 45.79 38.11 45.40
CA PRO TB 258 45.38 36.70 45.38
C PRO TB 258 44.01 36.49 44.76
N ASN TB 259 43.08 37.40 45.04
CA ASN TB 259 41.68 37.25 44.68
C ASN TB 259 41.44 37.10 43.19
N ILE TB 260 42.42 37.46 42.34
CA ILE TB 260 42.18 37.57 40.90
C ILE TB 260 42.76 36.39 40.12
N PHE TB 261 43.87 35.78 40.56
CA PHE TB 261 44.39 34.58 39.88
C PHE TB 261 44.89 33.51 40.85
N ASN TB 262 44.24 33.35 42.01
CA ASN TB 262 44.41 32.14 42.81
C ASN TB 262 43.20 31.22 42.69
N ASP TB 263 42.67 31.10 41.48
CA ASP TB 263 41.65 30.11 41.16
C ASP TB 263 42.19 28.95 40.34
N ARG TB 264 43.42 29.04 39.85
CA ARG TB 264 44.01 28.00 39.04
C ARG TB 264 45.52 28.09 39.15
N TYR TB 265 46.20 26.98 38.84
CA TYR TB 265 47.64 26.91 38.96
C TYR TB 265 48.29 27.97 38.10
N THR TB 266 49.31 28.62 38.65
CA THR TB 266 49.92 29.77 38.02
C THR TB 266 51.40 29.82 38.35
N SER TB 267 52.19 30.25 37.37
CA SER TB 267 53.61 30.47 37.55
C SER TB 267 54.00 31.66 36.68
N ALA TB 268 55.23 32.12 36.83
CA ALA TB 268 55.63 33.36 36.19
C ALA TB 268 57.09 33.35 35.81
N ILE TB 269 57.41 34.23 34.87
CA ILE TB 269 58.78 34.61 34.53
C ILE TB 269 58.82 36.13 34.38
N TYR TB 270 60.03 36.66 34.37
CA TYR TB 270 60.25 38.11 34.31
C TYR TB 270 61.22 38.42 33.19
N ASN TB 271 60.84 39.40 32.37
CA ASN TB 271 61.71 39.96 31.35
C ASN TB 271 62.03 41.40 31.75
N PRO TB 272 63.27 41.72 32.17
CA PRO TB 272 63.53 43.07 32.68
C PRO TB 272 63.65 44.12 31.60
N ILE TB 273 63.98 43.73 30.37
CA ILE TB 273 64.18 44.71 29.31
C ILE TB 273 62.87 45.45 29.03
N GLU TB 274 61.79 44.70 28.83
CA GLU TB 274 60.47 45.27 28.69
C GLU TB 274 59.75 45.47 30.02
N ASN TB 275 60.32 44.96 31.12
CA ASN TB 275 59.70 45.07 32.43
C ASN TB 275 58.33 44.38 32.44
N LEU TB 276 58.33 43.13 31.99
CA LEU TB 276 57.12 42.34 31.87
C LEU TB 276 57.19 41.11 32.74
N MET TB 277 56.02 40.63 33.15
CA MET TB 277 55.87 39.46 33.99
C MET TB 277 54.92 38.53 33.27
N ILE TB 278 55.49 37.55 32.57
CA ILE TB 278 54.71 36.61 31.78
C ILE TB 278 54.19 35.54 32.71
N PHE TB 279 52.88 35.44 32.81
CA PHE TB 279 52.21 34.50 33.69
C PHE TB 279 51.74 33.31 32.87
N ARG TB 280 52.30 32.15 33.15
CA ARG TB 280 51.71 30.91 32.71
C ARG TB 280 50.59 30.55 33.66
N ARG TB 281 49.47 30.10 33.12
CA ARG TB 281 48.28 29.83 33.92
C ARG TB 281 47.63 28.59 33.33
N GLU TB 282 47.53 27.55 34.15
CA GLU TB 282 46.98 26.27 33.73
C GLU TB 282 45.46 26.35 33.66
N TYR TB 283 44.87 25.32 33.05
CA TYR TB 283 43.43 25.16 32.94
C TYR TB 283 42.98 24.00 33.83
N LYS TB 284 41.70 24.04 34.20
CA LYS TB 284 41.07 22.90 34.85
C LYS TB 284 40.67 21.87 33.80
N ALA TB 285 40.37 20.66 34.27
CA ALA TB 285 40.01 19.58 33.36
C ALA TB 285 38.74 19.90 32.61
N SER TB 286 37.76 20.50 33.28
CA SER TB 286 36.47 20.73 32.65
C SER TB 286 36.58 21.79 31.55
N GLU TB 287 37.29 22.89 31.83
CA GLU TB 287 37.55 23.88 30.78
C GLU TB 287 38.38 23.28 29.67
N ARG TB 288 39.33 22.41 30.02
CA ARG TB 288 40.21 21.79 29.04
C ARG TB 288 39.42 20.93 28.06
N GLN TB 289 38.34 20.29 28.54
CA GLN TB 289 37.53 19.46 27.67
C GLN TB 289 37.08 20.20 26.41
N LEU TB 290 36.78 21.50 26.54
CA LEU TB 290 36.41 22.32 25.39
C LEU TB 290 37.60 23.06 24.78
N LYS TB 291 38.55 23.50 25.58
CA LYS TB 291 39.64 24.31 25.06
C LYS TB 291 40.62 23.49 24.24
N ASN TB 292 40.72 22.18 24.49
CA ASN TB 292 41.70 21.33 23.83
C ASN TB 292 43.12 21.84 24.11
N SER TB 293 43.41 22.12 25.37
CA SER TB 293 44.68 22.73 25.74
C SER TB 293 44.83 22.71 27.25
N LEU TB 294 46.08 22.80 27.68
CA LEU TB 294 46.42 22.70 29.09
C LEU TB 294 46.72 24.02 29.76
N ASN TB 295 47.31 24.97 29.03
CA ASN TB 295 47.76 26.20 29.67
C ASN TB 295 47.72 27.35 28.69
N PHE TB 296 47.79 28.55 29.26
CA PHE TB 296 47.74 29.77 28.50
C PHE TB 296 48.62 30.78 29.19
N VAL TB 297 49.25 31.63 28.39
CA VAL TB 297 50.25 32.58 28.84
C VAL TB 297 49.69 33.98 28.66
N GLU TB 298 49.83 34.79 29.69
CA GLU TB 298 49.42 36.18 29.71
C GLU TB 298 50.64 37.06 29.81
N VAL TB 299 50.68 38.12 29.02
CA VAL TB 299 51.61 39.20 29.25
C VAL TB 299 50.96 40.18 30.20
N ARG TB 300 51.80 40.84 31.01
CA ARG TB 300 51.36 41.93 31.86
C ARG TB 300 52.61 42.64 32.36
N SER TB 301 52.42 43.85 32.85
CA SER TB 301 53.53 44.70 33.26
C SER TB 301 53.72 44.67 34.76
N ALA TB 302 54.99 44.68 35.17
CA ALA TB 302 55.31 44.52 36.57
C ALA TB 302 54.88 45.73 37.39
N ASP TB 303 54.87 46.91 36.80
CA ASP TB 303 54.39 48.07 37.52
C ASP TB 303 52.89 47.97 37.78
N ASP TB 304 52.14 47.44 36.81
CA ASP TB 304 50.74 47.17 37.04
C ASP TB 304 50.55 46.17 38.16
N ILE TB 305 51.35 45.11 38.15
CA ILE TB 305 51.25 44.10 39.20
C ILE TB 305 51.55 44.72 40.56
N ASP TB 306 52.55 45.60 40.61
CA ASP TB 306 52.91 46.25 41.86
C ASP TB 306 51.76 47.08 42.39
N LYS TB 307 51.31 48.05 41.60
CA LYS TB 307 50.28 48.97 42.08
C LYS TB 307 48.87 48.39 41.95
N GLY TB 308 48.74 47.10 41.66
CA GLY TB 308 47.50 46.38 41.84
C GLY TB 308 46.65 46.24 40.59
N ILE TB 309 46.77 47.17 39.65
CA ILE TB 309 45.91 47.16 38.48
C ILE TB 309 46.22 45.93 37.64
N ASP TB 310 45.18 45.30 37.11
CA ASP TB 310 45.28 44.10 36.32
C ASP TB 310 45.17 44.42 34.84
N LYS TB 311 46.01 43.75 34.04
CA LYS TB 311 45.93 43.87 32.59
C LYS TB 311 46.30 42.54 31.98
N VAL TB 312 45.51 42.13 30.97
CA VAL TB 312 45.58 40.78 30.41
C VAL TB 312 45.93 40.91 28.94
N LEU TB 313 46.76 41.90 28.61
CA LEU TB 313 47.17 42.09 27.23
C LEU TB 313 47.97 40.90 26.76
N TYR TB 314 47.74 40.49 25.52
CA TYR TB 314 48.50 39.40 24.88
C TYR TB 314 48.38 38.12 25.70
N GLN TB 315 47.16 37.59 25.66
CA GLN TB 315 46.83 36.28 26.20
C GLN TB 315 46.82 35.28 25.06
N MET TB 316 47.27 34.06 25.34
CA MET TB 316 47.41 33.06 24.29
C MET TB 316 47.37 31.66 24.88
N ASP TB 317 46.49 30.82 24.34
CA ASP TB 317 46.44 29.42 24.69
C ASP TB 317 47.62 28.69 24.05
N ILE TB 318 47.85 27.46 24.50
CA ILE TB 318 48.85 26.58 23.91
C ILE TB 318 48.13 25.31 23.46
N PRO TB 319 48.27 24.87 22.21
CA PRO TB 319 47.66 23.60 21.82
C PRO TB 319 48.27 22.44 22.59
N MET TB 320 47.56 21.32 22.56
CA MET TB 320 47.96 20.18 23.38
C MET TB 320 49.28 19.59 22.92
N GLU TB 321 49.50 19.52 21.60
CA GLU TB 321 50.66 18.85 21.05
C GLU TB 321 51.97 19.43 21.53
N TYR TB 322 51.97 20.68 21.98
CA TYR TB 322 53.17 21.32 22.50
C TYR TB 322 53.30 21.20 24.01
N THR TB 323 52.34 20.53 24.69
CA THR TB 323 52.37 20.37 26.13
C THR TB 323 51.89 18.99 26.58
N SER TB 324 51.87 18.02 25.69
CA SER TB 324 51.28 16.72 25.98
C SER TB 324 52.19 15.91 26.90
N ASP TB 325 51.84 14.63 27.08
CA ASP TB 325 52.63 13.76 27.95
C ASP TB 325 53.96 13.42 27.31
N THR TB 326 53.97 13.18 26.01
CA THR TB 326 55.21 12.96 25.28
C THR TB 326 55.92 14.26 24.92
N GLN TB 327 55.29 15.41 25.14
CA GLN TB 327 55.91 16.71 24.91
C GLN TB 327 55.45 17.65 26.01
N PRO TB 328 55.85 17.41 27.25
CA PRO TB 328 55.43 18.26 28.34
C PRO TB 328 56.08 19.63 28.27
N MET TB 329 55.70 20.56 29.16
CA MET TB 329 56.14 21.93 29.00
C MET TB 329 57.64 22.05 29.12
N GLN TB 330 58.15 21.92 30.34
CA GLN TB 330 59.57 21.87 30.67
C GLN TB 330 60.35 23.18 30.49
N GLY TB 331 59.80 24.18 29.81
CA GLY TB 331 60.40 25.49 29.92
C GLY TB 331 59.82 26.57 29.02
N ILE TB 332 59.86 27.81 29.49
CA ILE TB 332 59.32 28.95 28.76
C ILE TB 332 60.23 30.15 28.97
N THR TB 333 60.24 31.04 27.99
CA THR TB 333 60.86 32.35 28.16
C THR TB 333 60.42 33.30 27.06
N TYR TB 334 60.12 34.53 27.43
CA TYR TB 334 59.67 35.56 26.50
C TYR TB 334 60.83 36.45 26.15
N ASP TB 335 60.86 36.91 24.90
CA ASP TB 335 61.88 37.86 24.47
C ASP TB 335 61.46 38.48 23.16
N ALA TB 336 61.32 39.80 23.14
CA ALA TB 336 61.14 40.55 21.90
C ALA TB 336 59.89 40.13 21.15
N GLY TB 337 58.78 40.07 21.88
CA GLY TB 337 57.53 39.63 21.28
C GLY TB 337 57.54 38.20 20.79
N ILE TB 338 58.48 37.39 21.27
CA ILE TB 338 58.62 35.99 20.88
C ILE TB 338 58.65 35.17 22.15
N LEU TB 339 57.83 34.14 22.19
CA LEU TB 339 57.77 33.20 23.30
C LEU TB 339 58.44 31.90 22.87
N TYR TB 340 59.50 31.53 23.57
CA TYR TB 340 60.22 30.30 23.31
C TYR TB 340 59.72 29.26 24.30
N TRP TB 341 59.31 28.11 23.78
CA TRP TB 341 58.68 27.04 24.55
C TRP TB 341 59.47 25.77 24.30
N TYR TB 342 60.20 25.31 25.32
CA TYR TB 342 61.16 24.23 25.19
C TYR TB 342 60.65 23.02 25.94
N THR TB 343 60.45 21.92 25.21
CA THR TB 343 59.80 20.72 25.69
C THR TB 343 60.68 19.50 25.41
N GLY TB 344 60.45 18.45 26.20
CA GLY TB 344 61.20 17.23 26.05
C GLY TB 344 60.61 16.05 26.79
N ASP TB 345 60.87 14.85 26.29
CA ASP TB 345 60.15 13.65 26.73
C ASP TB 345 60.90 12.85 27.78
N SER TB 346 62.09 13.29 28.20
CA SER TB 346 62.92 12.52 29.11
C SER TB 346 63.21 11.14 28.55
N LYS TB 347 63.36 11.07 27.23
CA LYS TB 347 63.49 9.83 26.54
C LYS TB 347 64.32 10.12 25.30
N PRO TB 348 65.33 9.31 24.98
CA PRO TB 348 66.07 9.54 23.75
C PRO TB 348 65.33 8.93 22.58
N ALA TB 349 65.52 9.55 21.42
CA ALA TB 349 64.84 9.28 20.16
C ALA TB 349 63.41 9.81 20.14
N ASN TB 350 62.87 10.29 21.27
CA ASN TB 350 61.70 11.14 21.26
C ASN TB 350 62.23 12.56 21.20
N PRO TB 351 62.32 13.18 20.03
CA PRO TB 351 63.10 14.41 19.90
C PRO TB 351 62.55 15.54 20.73
N ASN TB 352 63.34 15.94 21.73
CA ASN TB 352 63.03 17.10 22.53
C ASN TB 352 63.54 18.33 21.82
N TYR TB 353 62.75 19.40 21.86
CA TYR TB 353 63.15 20.60 21.15
C TYR TB 353 62.29 21.76 21.61
N LEU TB 354 62.50 22.91 20.99
CA LEU TB 354 61.73 24.10 21.28
C LEU TB 354 60.90 24.49 20.08
N GLN TB 355 59.87 25.26 20.37
CA GLN TB 355 58.79 25.57 19.44
C GLN TB 355 58.50 27.04 19.47
N GLY TB 356 59.56 27.85 19.37
CA GLY TB 356 59.46 29.28 19.51
C GLY TB 356 58.52 29.96 18.55
N PHE TB 357 57.51 30.62 19.11
CA PHE TB 357 56.47 31.26 18.30
C PHE TB 357 56.21 32.68 18.81
N ASP TB 358 55.19 33.31 18.23
CA ASP TB 358 54.86 34.69 18.49
C ASP TB 358 53.63 34.78 19.38
N ILE TB 359 53.63 35.77 20.24
CA ILE TB 359 52.51 35.99 21.16
C ILE TB 359 51.56 37.05 20.62
N LYS TB 360 52.05 37.97 19.80
CA LYS TB 360 51.21 39.06 19.30
C LYS TB 360 50.08 38.52 18.46
N THR TB 361 50.41 37.73 17.43
CA THR TB 361 49.46 37.34 16.40
C THR TB 361 49.05 35.87 16.49
N LYS TB 362 49.51 35.14 17.50
CA LYS TB 362 49.08 33.77 17.76
C LYS TB 362 49.35 32.88 16.54
N GLU TB 363 50.63 32.68 16.25
CA GLU TB 363 51.05 31.85 15.13
C GLU TB 363 52.16 30.93 15.62
N LEU TB 364 52.87 30.33 14.68
CA LEU TB 364 54.04 29.50 14.95
C LEU TB 364 55.19 30.03 14.09
N LEU TB 365 56.23 30.52 14.76
CA LEU TB 365 57.33 31.16 14.05
C LEU TB 365 58.34 30.14 13.56
N PHE TB 366 58.73 29.21 14.44
CA PHE TB 366 59.73 28.23 14.05
C PHE TB 366 59.73 27.08 15.03
N LYS TB 367 60.37 26.00 14.62
CA LYS TB 367 60.33 24.75 15.36
C LYS TB 367 61.52 23.93 14.87
N ARG TB 368 62.54 23.82 15.70
CA ARG TB 368 63.78 23.16 15.35
C ARG TB 368 63.92 21.88 16.16
N ARG TB 369 65.10 21.27 16.07
CA ARG TB 369 65.44 20.09 16.83
C ARG TB 369 66.65 20.38 17.70
N ILE TB 370 66.77 19.62 18.78
CA ILE TB 370 67.78 19.85 19.81
C ILE TB 370 68.34 18.51 20.24
N ASP TB 371 69.66 18.39 20.21
CA ASP TB 371 70.37 17.17 20.55
C ASP TB 371 71.62 17.50 21.35
N ILE TB 372 71.48 18.41 22.32
CA ILE TB 372 72.63 18.92 23.07
C ILE TB 372 73.13 17.98 24.15
N GLY TB 373 72.51 16.81 24.31
CA GLY TB 373 72.97 15.87 25.32
C GLY TB 373 74.41 15.42 25.14
N GLY TB 374 74.94 15.53 23.93
CA GLY TB 374 76.29 15.09 23.65
C GLY TB 374 76.43 14.72 22.20
N VAL TB 375 76.96 13.54 21.95
CA VAL TB 375 77.15 13.06 20.59
C VAL TB 375 75.83 12.51 20.07
N ASN TB 376 75.67 12.51 18.74
CA ASN TB 376 74.41 12.21 18.10
C ASN TB 376 73.86 10.85 18.50
N ASN TB 377 72.73 10.87 19.20
CA ASN TB 377 72.00 9.65 19.56
C ASN TB 377 72.85 8.71 20.40
N ASN TB 378 73.79 9.26 21.17
CA ASN TB 378 74.54 8.46 22.14
C ASN TB 378 74.84 9.39 23.32
N PHE TB 379 73.96 9.36 24.32
CA PHE TB 379 74.08 10.18 25.50
C PHE TB 379 74.34 9.30 26.72
N LYS TB 380 75.08 9.86 27.67
CA LYS TB 380 75.37 9.16 28.91
C LYS TB 380 74.09 8.76 29.60
N GLY TB 381 74.13 7.63 30.28
CA GLY TB 381 72.94 7.08 30.87
C GLY TB 381 72.05 6.52 29.80
N ASP TB 382 70.77 6.82 29.87
CA ASP TB 382 69.80 6.31 28.92
C ASP TB 382 68.76 7.34 28.52
N PHE TB 383 68.84 8.57 29.01
CA PHE TB 383 67.80 9.54 28.72
C PHE TB 383 68.31 10.94 28.93
N GLN TB 384 67.88 11.83 28.05
CA GLN TB 384 68.08 13.26 28.17
C GLN TB 384 66.71 13.90 28.33
N GLU TB 385 66.65 14.94 29.15
CA GLU TB 385 65.42 15.65 29.43
C GLU TB 385 65.67 17.14 29.29
N ALA TB 386 64.77 17.80 28.60
CA ALA TB 386 64.82 19.24 28.47
C ALA TB 386 64.34 19.89 29.75
N GLU TB 387 64.83 21.10 30.01
CA GLU TB 387 64.52 21.79 31.23
C GLU TB 387 64.37 23.27 30.94
N GLY TB 388 64.14 24.05 32.00
CA GLY TB 388 63.70 25.41 31.83
C GLY TB 388 64.66 26.25 31.02
N LEU TB 389 64.14 27.34 30.48
CA LEU TB 389 64.90 28.27 29.67
C LEU TB 389 65.34 29.46 30.49
N ASP TB 390 66.26 30.23 29.93
CA ASP TB 390 66.63 31.52 30.47
C ASP TB 390 67.08 32.40 29.32
N MET TB 391 66.74 33.67 29.42
CA MET TB 391 67.17 34.70 28.50
C MET TB 391 68.17 35.55 29.25
N TYR TB 392 69.45 35.31 29.01
CA TYR TB 392 70.48 36.06 29.71
C TYR TB 392 70.71 37.38 28.99
N TYR TB 393 70.32 38.46 29.63
CA TYR TB 393 70.64 39.79 29.17
C TYR TB 393 71.95 40.23 29.81
N ASP TB 394 72.28 41.50 29.64
CA ASP TB 394 73.44 42.09 30.31
C ASP TB 394 73.13 43.55 30.55
N LEU TB 395 73.54 44.05 31.72
CA LEU TB 395 73.39 45.48 31.99
C LEU TB 395 74.20 46.30 31.01
N GLU TB 396 75.32 45.77 30.54
CA GLU TB 396 76.16 46.38 29.53
C GLU TB 396 76.19 45.50 28.30
N THR TB 397 76.26 46.12 27.12
CA THR TB 397 76.35 45.39 25.87
C THR TB 397 75.13 44.47 25.71
N GLY TB 398 73.99 45.11 25.49
CA GLY TB 398 72.72 44.44 25.65
C GLY TB 398 72.52 43.34 24.65
N ARG TB 399 73.32 42.29 24.81
CA ARG TB 399 73.37 41.15 23.92
C ARG TB 399 72.67 40.00 24.61
N LYS TB 400 71.49 39.66 24.12
CA LYS TB 400 70.67 38.64 24.73
C LYS TB 400 71.09 37.28 24.21
N ALA TB 401 71.18 36.31 25.11
CA ALA TB 401 71.40 34.94 24.75
C ALA TB 401 70.36 34.07 25.42
N LEU TB 402 70.16 32.90 24.84
CA LEU TB 402 69.14 31.94 25.27
C LEU TB 402 69.86 30.75 25.87
N LEU TB 403 69.72 30.57 27.17
CA LEU TB 403 70.28 29.44 27.87
C LEU TB 403 69.25 28.34 27.99
N ILE TB 404 69.71 27.10 27.88
CA ILE TB 404 68.85 25.94 27.90
C ILE TB 404 69.44 24.91 28.83
N GLY TB 405 68.61 24.36 29.70
CA GLY TB 405 69.02 23.34 30.63
C GLY TB 405 68.69 21.96 30.11
N VAL TB 406 69.65 21.05 30.27
CA VAL TB 406 69.45 19.66 29.92
C VAL TB 406 69.89 18.80 31.09
N THR TB 407 69.22 17.67 31.25
CA THR TB 407 69.43 16.76 32.35
C THR TB 407 69.65 15.37 31.78
N ILE TB 408 70.82 14.80 32.07
CA ILE TB 408 71.30 13.58 31.42
C ILE TB 408 71.65 12.58 32.51
N GLY TB 409 71.67 11.30 32.12
CA GLY TB 409 72.26 10.26 32.93
C GLY TB 409 71.25 9.22 33.38
N PRO TB 410 71.71 8.19 34.06
CA PRO TB 410 70.80 7.12 34.49
C PRO TB 410 69.89 7.52 35.62
N GLY TB 411 69.13 6.54 36.14
CA GLY TB 411 68.04 6.77 37.07
C GLY TB 411 68.35 7.54 38.34
N ASN TB 412 69.32 7.07 39.14
CA ASN TB 412 69.66 7.68 40.41
C ASN TB 412 70.97 8.44 40.34
N ASN TB 413 71.24 9.08 39.21
CA ASN TB 413 72.42 9.94 39.09
C ASN TB 413 72.19 10.85 37.89
N ARG TB 414 72.34 12.14 38.10
CA ARG TB 414 71.93 13.15 37.13
C ARG TB 414 73.08 14.08 36.82
N HIS TB 415 73.04 14.64 35.62
CA HIS TB 415 74.03 15.60 35.16
C HIS TB 415 73.27 16.75 34.51
N HIS TB 416 73.36 17.91 35.13
CA HIS TB 416 72.67 19.09 34.67
C HIS TB 416 73.65 19.98 33.93
N SER TB 417 73.40 20.22 32.65
CA SER TB 417 74.27 21.03 31.80
C SER TB 417 73.49 22.20 31.23
N ILE TB 418 74.21 23.27 30.94
CA ILE TB 418 73.63 24.49 30.41
C ILE TB 418 74.29 24.78 29.08
N TYR TB 419 73.51 24.73 28.01
CA TYR TB 419 73.95 25.16 26.70
C TYR TB 419 73.37 26.53 26.41
N SER TB 420 73.86 27.16 25.36
CA SER TB 420 73.40 28.50 25.02
C SER TB 420 73.47 28.76 23.54
N ILE TB 421 72.54 29.57 23.08
CA ILE TB 421 72.58 30.19 21.77
C ILE TB 421 72.83 31.67 22.01
N GLY TB 422 73.96 32.16 21.52
CA GLY TB 422 74.49 33.44 21.92
C GLY TB 422 74.35 34.52 20.86
N GLN TB 423 74.95 35.65 21.15
CA GLN TB 423 74.84 36.86 20.36
C GLN TB 423 76.21 37.51 20.23
N ARG TB 424 77.20 36.71 19.83
CA ARG TB 424 78.56 37.20 19.57
C ARG TB 424 79.20 37.76 20.84
N GLY TB 425 79.48 36.85 21.77
CA GLY TB 425 80.30 37.13 22.94
C GLY TB 425 79.63 36.83 24.26
N VAL TB 426 78.31 36.67 24.28
CA VAL TB 426 77.59 36.49 25.53
C VAL TB 426 78.03 35.20 26.21
N ASN TB 427 78.01 34.10 25.47
CA ASN TB 427 78.38 32.80 26.04
C ASN TB 427 79.84 32.79 26.45
N GLN TB 428 80.70 33.43 25.66
CA GLN TB 428 82.11 33.52 26.00
C GLN TB 428 82.29 34.19 27.34
N PHE TB 429 81.70 35.37 27.51
CA PHE TB 429 81.80 36.08 28.77
C PHE TB 429 81.18 35.28 29.91
N LEU TB 430 80.08 34.58 29.64
CA LEU TB 430 79.40 33.84 30.68
C LEU TB 430 80.31 32.76 31.24
N LYS TB 431 80.98 32.01 30.36
CA LYS TB 431 81.85 30.97 30.85
C LYS TB 431 83.15 31.52 31.40
N ASN TB 432 83.59 32.69 30.92
CA ASN TB 432 84.84 33.28 31.37
C ASN TB 432 84.68 34.16 32.60
N ILE TB 433 83.47 34.31 33.15
CA ILE TB 433 83.31 34.94 34.46
C ILE TB 433 84.28 34.33 35.45
N ALA TB 434 84.18 33.03 35.65
CA ALA TB 434 85.00 32.29 36.58
C ALA TB 434 85.38 30.96 35.95
N PRO TB 435 86.52 30.38 36.31
CA PRO TB 435 86.99 29.18 35.63
C PRO TB 435 86.29 27.93 36.13
N GLN TB 436 86.45 26.87 35.35
CA GLN TB 436 85.99 25.55 35.76
C GLN TB 436 86.79 25.10 36.97
N VAL TB 437 86.14 24.39 37.87
CA VAL TB 437 86.84 23.84 39.02
C VAL TB 437 87.72 22.70 38.56
N SER TB 438 88.92 22.64 39.10
CA SER TB 438 89.84 21.55 38.88
C SER TB 438 90.34 21.09 40.23
N MET TB 439 90.88 19.87 40.26
CA MET TB 439 91.41 19.36 41.51
C MET TB 439 92.56 20.22 42.00
N THR TB 440 93.24 20.92 41.10
CA THR TB 440 94.37 21.75 41.42
C THR TB 440 94.21 23.11 40.75
N ASP TB 441 95.21 23.96 40.96
CA ASP TB 441 95.29 25.23 40.28
C ASP TB 441 95.33 25.02 38.77
N SER TB 442 95.02 26.08 38.03
CA SER TB 442 95.04 26.02 36.57
C SER TB 442 96.44 25.79 36.01
N GLY TB 443 97.49 26.03 36.81
CA GLY TB 443 98.86 25.88 36.34
C GLY TB 443 99.56 24.67 36.93
N GLY TB 444 99.21 24.30 38.16
CA GLY TB 444 99.84 23.17 38.81
C GLY TB 444 99.98 23.30 40.31
N ARG TB 445 99.83 24.51 40.85
CA ARG TB 445 99.89 24.69 42.29
C ARG TB 445 98.67 24.05 42.93
N VAL TB 446 98.74 23.95 44.21
CA VAL TB 446 97.60 23.63 45.05
C VAL TB 446 96.78 24.90 45.26
N LYS TB 447 95.47 24.75 45.34
CA LYS TB 447 94.59 25.89 45.50
C LYS TB 447 94.34 26.17 46.97
N PRO TB 448 93.96 27.40 47.33
CA PRO TB 448 94.01 27.80 48.73
C PRO TB 448 92.72 27.58 49.51
N LEU TB 449 92.79 27.82 50.80
CA LEU TB 449 91.67 27.60 51.71
C LEU TB 449 90.64 28.72 51.57
N PRO TB 450 89.34 28.42 51.58
CA PRO TB 450 88.35 29.49 51.66
C PRO TB 450 88.25 30.15 53.03
N ILE TB 451 88.91 29.63 54.06
CA ILE TB 451 88.86 30.21 55.40
C ILE TB 451 90.26 30.20 55.99
N GLN TB 452 90.60 31.28 56.69
CA GLN TB 452 91.83 31.37 57.46
C GLN TB 452 91.53 30.95 58.90
N ASN TB 453 92.46 30.19 59.49
CA ASN TB 453 92.32 29.68 60.84
C ASN TB 453 91.03 28.86 60.94
N PRO TB 454 90.91 27.77 60.18
CA PRO TB 454 89.65 27.03 60.16
C PRO TB 454 89.40 26.33 61.48
N ALA TB 455 88.32 26.72 62.15
CA ALA TB 455 87.99 26.11 63.43
C ALA TB 455 87.65 24.62 63.27
N TYR TB 456 87.06 24.26 62.14
CA TYR TB 456 86.73 22.87 61.84
C TYR TB 456 87.13 22.60 60.39
N LEU TB 457 87.93 21.56 60.18
CA LEU TB 457 88.31 21.16 58.83
C LEU TB 457 87.10 20.90 57.96
N SER TB 458 86.05 20.31 58.54
CA SER TB 458 84.82 20.03 57.81
C SER TB 458 84.11 21.27 57.32
N ASP TB 459 84.46 22.46 57.81
CA ASP TB 459 83.88 23.67 57.24
C ASP TB 459 84.36 23.92 55.82
N ILE TB 460 85.44 23.27 55.40
CA ILE TB 460 85.99 23.50 54.06
C ILE TB 460 85.23 22.62 53.09
N THR TB 461 84.10 23.12 52.61
CA THR TB 461 83.18 22.36 51.77
C THR TB 461 83.40 22.74 50.30
N GLU TB 462 84.59 22.43 49.82
CA GLU TB 462 84.98 22.70 48.44
C GLU TB 462 85.67 21.46 47.89
N VAL TB 463 86.34 21.56 46.74
CA VAL TB 463 86.92 20.41 46.06
C VAL TB 463 88.32 20.75 45.60
N GLY TB 464 89.15 19.72 45.52
CA GLY TB 464 90.50 19.80 45.01
C GLY TB 464 91.53 19.72 46.11
N HIS TB 465 92.78 19.86 45.71
CA HIS TB 465 93.88 19.79 46.65
C HIS TB 465 94.04 21.12 47.40
N TYR TB 466 94.51 21.01 48.63
CA TYR TB 466 94.75 22.15 49.50
C TYR TB 466 95.96 21.84 50.36
N TYR TB 467 96.50 22.86 50.99
CA TYR TB 467 97.58 22.70 51.95
C TYR TB 467 97.25 23.51 53.19
N ILE TB 468 97.51 22.94 54.35
CA ILE TB 468 97.25 23.56 55.64
C ILE TB 468 98.58 23.67 56.38
N TYR TB 469 98.86 24.86 56.91
CA TYR TB 469 100.12 25.12 57.58
C TYR TB 469 100.04 24.72 59.05
N THR TB 470 101.20 24.74 59.69
CA THR TB 470 101.32 24.28 61.07
C THR TB 470 100.45 25.10 62.02
N GLN TB 471 100.40 26.41 61.81
CA GLN TB 471 99.67 27.27 62.74
C GLN TB 471 98.18 26.98 62.68
N ASP TB 472 97.63 26.90 61.47
CA ASP TB 472 96.23 26.54 61.31
C ASP TB 472 95.96 25.13 61.83
N THR TB 473 96.93 24.22 61.68
CA THR TB 473 96.77 22.87 62.18
C THR TB 473 96.64 22.87 63.71
N GLN TB 474 97.54 23.59 64.38
CA GLN TB 474 97.45 23.71 65.83
C GLN TB 474 96.13 24.33 66.25
N ASN TB 475 95.72 25.41 65.57
CA ASN TB 475 94.52 26.12 65.96
C ASN TB 475 93.24 25.36 65.66
N ALA TB 476 93.28 24.38 64.75
CA ALA TB 476 92.06 23.70 64.34
C ALA TB 476 91.61 22.71 65.41
N LEU TB 477 90.42 22.15 65.21
CA LEU TB 477 89.81 21.20 66.13
C LEU TB 477 89.63 19.82 65.52
N ASP TB 478 88.89 19.70 64.43
CA ASP TB 478 88.60 18.40 63.84
C ASP TB 478 89.86 17.85 63.19
N PHE TB 479 90.50 16.91 63.86
CA PHE TB 479 91.79 16.40 63.45
C PHE TB 479 92.02 15.05 64.11
N PRO TB 480 92.65 14.07 63.44
CA PRO TB 480 92.81 12.76 64.10
C PRO TB 480 93.67 12.82 65.34
N LEU TB 481 94.87 13.35 65.22
CA LEU TB 481 95.81 13.36 66.33
C LEU TB 481 95.50 14.51 67.28
N PRO TB 482 95.95 14.44 68.52
CA PRO TB 482 95.74 15.55 69.45
C PRO TB 482 96.81 16.63 69.27
N LYS TB 483 96.70 17.67 70.10
CA LYS TB 483 97.56 18.83 70.00
C LYS TB 483 99.02 18.46 70.25
N ALA TB 484 99.27 17.55 71.18
CA ALA TB 484 100.63 17.14 71.50
C ALA TB 484 101.31 16.45 70.34
N PHE TB 485 100.54 15.86 69.42
CA PHE TB 485 101.08 15.13 68.30
C PHE TB 485 101.16 15.96 67.04
N ARG TB 486 100.12 16.74 66.75
CA ARG TB 486 100.07 17.51 65.51
C ARG TB 486 101.01 18.70 65.61
N ASP TB 487 102.12 18.64 64.88
CA ASP TB 487 103.09 19.72 64.84
C ASP TB 487 103.53 20.08 63.43
N ALA TB 488 103.51 19.09 62.53
CA ALA TB 488 104.15 19.23 61.24
C ALA TB 488 103.16 19.76 60.21
N GLY TB 489 103.65 19.91 58.98
CA GLY TB 489 102.83 20.38 57.89
C GLY TB 489 102.07 19.25 57.24
N TRP TB 490 100.87 19.58 56.74
CA TRP TB 490 100.00 18.62 56.10
C TRP TB 490 99.42 19.24 54.86
N PHE TB 491 98.96 18.39 53.94
CA PHE TB 491 98.09 18.83 52.88
C PHE TB 491 96.88 17.91 52.81
N PHE TB 492 95.71 18.51 52.60
CA PHE TB 492 94.46 17.78 52.50
C PHE TB 492 93.81 18.11 51.17
N ASP TB 493 93.40 17.06 50.46
CA ASP TB 493 92.60 17.19 49.26
C ASP TB 493 91.18 16.71 49.53
N VAL TB 494 90.25 17.38 48.87
CA VAL TB 494 88.83 17.11 49.02
C VAL TB 494 88.29 16.63 47.69
N LEU TB 495 87.61 15.52 47.71
CA LEU TB 495 87.03 14.88 46.54
C LEU TB 495 85.54 14.73 46.73
N PRO TB 496 84.77 14.68 45.65
CA PRO TB 496 83.33 14.57 45.77
C PRO TB 496 82.90 13.14 46.06
N GLY TB 497 81.77 13.03 46.73
CA GLY TB 497 81.20 11.74 47.08
C GLY TB 497 79.92 11.47 46.34
N HIS TB 498 78.80 11.60 47.05
CA HIS TB 498 77.48 11.39 46.48
C HIS TB 498 76.79 12.74 46.31
N TYR TB 499 75.53 12.68 45.90
CA TYR TB 499 74.81 13.87 45.52
C TYR TB 499 74.11 14.53 46.69
N ASN TB 500 73.69 13.76 47.70
CA ASN TB 500 72.98 14.34 48.84
C ASN TB 500 73.88 15.12 49.78
N GLY TB 501 75.18 15.23 49.48
CA GLY TB 501 76.10 16.02 50.26
C GLY TB 501 77.11 15.16 50.98
N ALA TB 502 78.31 15.05 50.42
CA ALA TB 502 79.34 14.23 51.01
C ALA TB 502 80.66 14.49 50.30
N LEU TB 503 81.73 14.53 51.09
CA LEU TB 503 83.05 14.84 50.58
C LEU TB 503 84.08 13.98 51.27
N ARG TB 504 84.99 13.41 50.48
CA ARG TB 504 86.13 12.68 51.00
C ARG TB 504 87.27 13.65 51.24
N GLN TB 505 87.67 13.82 52.50
CA GLN TB 505 88.84 14.58 52.87
C GLN TB 505 89.98 13.60 53.12
N VAL TB 506 91.01 13.67 52.29
CA VAL TB 506 92.20 12.86 52.42
C VAL TB 506 93.32 13.79 52.86
N LEU TB 507 93.89 13.50 54.03
CA LEU TB 507 94.81 14.41 54.70
C LEU TB 507 96.11 13.68 54.95
N THR TB 508 97.20 14.18 54.36
CA THR TB 508 98.49 13.53 54.36
C THR TB 508 99.56 14.47 54.87
N ARG TB 509 100.42 13.96 55.76
CA ARG TB 509 101.49 14.75 56.32
C ARG TB 509 102.61 14.92 55.30
N ASN TB 510 103.38 15.99 55.47
CA ASN TB 510 104.54 16.28 54.63
C ASN TB 510 105.78 15.79 55.37
N SER TB 511 106.01 14.49 55.27
CA SER TB 511 107.09 13.84 56.00
C SER TB 511 108.21 13.54 55.01
N THR TB 512 109.14 14.49 54.90
CA THR TB 512 110.33 14.31 54.08
C THR TB 512 111.41 13.53 54.78
N GLY TB 513 111.31 13.33 56.10
CA GLY TB 513 112.26 12.53 56.84
C GLY TB 513 111.58 11.70 57.91
N ARG TB 514 110.29 11.41 57.73
CA ARG TB 514 109.53 10.60 58.65
C ARG TB 514 108.52 9.80 57.83
N ASN TB 515 107.70 9.03 58.52
CA ASN TB 515 106.71 8.20 57.84
C ASN TB 515 105.48 9.04 57.57
N MET TB 516 105.02 9.00 56.32
CA MET TB 516 103.93 9.87 55.88
C MET TB 516 102.59 9.35 56.39
N LEU TB 517 102.03 10.06 57.34
CA LEU TB 517 100.75 9.69 57.92
C LEU TB 517 99.63 10.13 57.00
N LYS TB 518 98.82 9.19 56.57
CA LYS TB 518 97.62 9.43 55.78
C LYS TB 518 96.39 9.23 56.64
N PHE TB 519 95.35 9.99 56.35
CA PHE TB 519 94.05 9.78 56.95
C PHE TB 519 92.98 10.09 55.91
N GLU TB 520 91.79 9.55 56.13
CA GLU TB 520 90.66 9.76 55.24
C GLU TB 520 89.39 9.92 56.07
N ARG TB 521 88.50 10.77 55.60
CA ARG TB 521 87.26 11.07 56.30
C ARG TB 521 86.18 11.35 55.28
N VAL TB 522 84.94 11.10 55.67
CA VAL TB 522 83.76 11.46 54.89
C VAL TB 522 82.95 12.48 55.68
N ILE TB 523 82.87 13.69 55.15
CA ILE TB 523 82.19 14.79 55.81
C ILE TB 523 80.90 15.10 55.05
N ASP TB 524 79.87 15.43 55.81
CA ASP TB 524 78.59 15.89 55.26
C ASP TB 524 78.53 17.40 55.41
N ILE TB 525 78.42 18.10 54.29
CA ILE TB 525 78.46 19.56 54.29
C ILE TB 525 77.32 20.14 55.12
N PHE TB 526 76.18 19.46 55.15
CA PHE TB 526 75.00 19.98 55.84
C PHE TB 526 74.92 19.54 57.29
N ASN TB 527 75.87 18.74 57.77
CA ASN TB 527 75.84 18.28 59.16
C ASN TB 527 77.29 18.16 59.63
N LYS TB 528 77.77 19.21 60.29
CA LYS TB 528 79.13 19.20 60.82
C LYS TB 528 79.33 18.12 61.89
N LYS TB 529 78.24 17.60 62.47
CA LYS TB 529 78.32 16.56 63.48
C LYS TB 529 78.12 15.16 62.92
N ASN TB 530 77.59 15.03 61.70
CA ASN TB 530 77.44 13.73 61.08
C ASN TB 530 78.73 13.23 60.42
N ASN TB 531 79.80 14.01 60.47
CA ASN TB 531 81.02 13.66 59.76
C ASN TB 531 81.68 12.43 60.38
N GLY TB 532 82.04 11.46 59.54
CA GLY TB 532 82.70 10.27 60.01
C GLY TB 532 84.06 10.54 60.60
N ALA TB 533 84.70 9.46 61.00
CA ALA TB 533 85.99 9.52 61.69
C ALA TB 533 87.12 9.30 60.71
N TRP TB 534 88.33 9.60 61.17
CA TRP TB 534 89.51 9.62 60.31
C TRP TB 534 90.10 8.23 60.20
N ASN TB 535 89.78 7.54 59.11
CA ASN TB 535 90.41 6.26 58.83
C ASN TB 535 91.87 6.47 58.49
N PHE TB 536 92.76 5.99 59.35
CA PHE TB 536 94.18 6.03 59.07
C PHE TB 536 94.55 4.93 58.09
N CYS TB 537 95.47 5.26 57.19
CA CYS TB 537 96.14 4.33 56.30
C CYS TB 537 97.64 4.36 56.58
N PRO TB 538 98.33 3.21 56.58
CA PRO TB 538 99.76 3.24 56.89
C PRO TB 538 100.62 3.43 55.66
N GLN TB 539 101.62 4.29 55.77
CA GLN TB 539 102.61 4.51 54.71
C GLN TB 539 103.94 4.64 55.41
N ASN TB 540 104.66 3.53 55.51
CA ASN TB 540 105.93 3.46 56.23
C ASN TB 540 107.08 3.34 55.25
N ALA TB 541 108.22 3.87 55.68
CA ALA TB 541 109.45 3.82 54.92
C ALA TB 541 110.66 3.39 55.73
N GLY TB 542 110.57 3.32 57.06
CA GLY TB 542 111.66 2.92 57.91
C GLY TB 542 112.02 3.97 58.95
N TYR TB 543 111.05 4.78 59.36
CA TYR TB 543 111.25 5.81 60.36
C TYR TB 543 110.45 5.48 61.61
N TRP TB 544 110.67 6.28 62.66
CA TRP TB 544 110.05 6.07 63.97
C TRP TB 544 109.42 7.36 64.42
N GLU TB 545 108.11 7.35 64.61
CA GLU TB 545 107.40 8.50 65.15
C GLU TB 545 107.63 8.54 66.66
N HIS TB 546 108.20 9.65 67.12
CA HIS TB 546 108.47 9.81 68.54
C HIS TB 546 107.16 10.05 69.28
N ILE TB 547 107.11 9.66 70.54
CA ILE TB 547 105.99 9.97 71.41
C ILE TB 547 106.26 11.34 72.01
N PRO TB 548 105.28 12.22 72.17
CA PRO TB 548 105.56 13.50 72.82
C PRO TB 548 105.93 13.32 74.28
N LYS TB 549 106.41 14.41 74.87
CA LYS TB 549 106.71 14.46 76.29
C LYS TB 549 105.54 14.94 77.14
N SER TB 550 104.42 15.31 76.51
CA SER TB 550 103.23 15.75 77.21
C SER TB 550 102.22 14.62 77.38
N ILE TB 551 102.66 13.37 77.29
CA ILE TB 551 101.80 12.21 77.42
C ILE TB 551 102.51 11.21 78.32
N THR TB 552 101.86 10.82 79.41
CA THR TB 552 102.40 9.89 80.38
C THR TB 552 101.47 8.70 80.54
N LYS TB 553 101.00 8.17 79.42
CA LYS TB 553 100.09 7.04 79.43
C LYS TB 553 100.07 6.42 78.04
N LEU TB 554 99.92 5.10 77.99
CA LEU TB 554 99.80 4.38 76.74
C LEU TB 554 98.36 4.25 76.26
N SER TB 555 97.38 4.75 77.03
CA SER TB 555 95.99 4.56 76.66
C SER TB 555 95.54 5.52 75.58
N ASP TB 556 96.14 6.71 75.52
CA ASP TB 556 95.71 7.71 74.55
C ASP TB 556 96.15 7.36 73.13
N LEU TB 557 97.13 6.49 72.97
CA LEU TB 557 97.61 6.08 71.64
C LEU TB 557 96.61 5.09 71.04
N LYS TB 558 95.45 5.61 70.65
CA LYS TB 558 94.38 4.82 70.08
C LYS TB 558 94.35 4.86 68.56
N ILE TB 559 95.41 5.35 67.92
CA ILE TB 559 95.42 5.54 66.47
C ILE TB 559 95.72 4.19 65.83
N VAL TB 560 94.70 3.61 65.20
CA VAL TB 560 94.81 2.24 64.70
C VAL TB 560 95.86 2.15 63.60
N GLY TB 561 96.47 0.98 63.48
CA GLY TB 561 97.46 0.69 62.47
C GLY TB 561 98.77 1.41 62.62
N LEU TB 562 98.92 2.28 63.61
CA LEU TB 562 100.07 3.13 63.75
C LEU TB 562 101.09 2.51 64.69
N ASP TB 563 102.35 2.81 64.41
CA ASP TB 563 103.50 2.32 65.16
C ASP TB 563 104.26 3.48 65.79
N PHE TB 564 104.73 3.26 67.01
CA PHE TB 564 105.65 4.15 67.68
C PHE TB 564 106.78 3.35 68.27
N TYR TB 565 107.86 4.05 68.61
CA TYR TB 565 109.06 3.47 69.19
C TYR TB 565 109.35 4.16 70.51
N ILE TB 566 109.83 3.39 71.48
CA ILE TB 566 110.21 3.89 72.79
C ILE TB 566 111.64 3.44 73.04
N THR TB 567 112.49 4.37 73.45
CA THR TB 567 113.85 4.04 73.83
C THR TB 567 113.91 3.68 75.32
N THR TB 568 115.08 3.21 75.74
CA THR TB 568 115.27 2.79 77.11
C THR TB 568 115.07 3.95 78.08
N GLU TB 569 115.56 5.13 77.72
CA GLU TB 569 115.54 6.27 78.63
C GLU TB 569 114.15 6.86 78.78
N GLU TB 570 113.32 6.77 77.75
CA GLU TB 570 111.96 7.31 77.77
C GLU TB 570 110.92 6.24 78.02
N SER TB 571 111.32 4.98 78.18
CA SER TB 571 110.39 3.91 78.53
C SER TB 571 110.11 3.83 80.02
N ASN TB 572 110.47 4.86 80.80
CA ASN TB 572 110.24 4.88 82.23
C ASN TB 572 109.26 5.96 82.67
N ARG TB 573 108.96 6.93 81.81
CA ARG TB 573 108.05 8.01 82.18
C ARG TB 573 106.58 7.61 82.07
N PHE TB 574 106.29 6.42 81.57
CA PHE TB 574 104.91 5.96 81.44
C PHE TB 574 104.45 5.29 82.72
N THR TB 575 103.15 4.96 82.75
CA THR TB 575 102.50 4.30 83.88
C THR TB 575 102.05 2.89 83.53
N ASP TB 576 101.26 2.75 82.47
CA ASP TB 576 100.74 1.46 82.06
C ASP TB 576 101.81 0.57 81.43
N PHE TB 577 103.03 1.07 81.25
CA PHE TB 577 104.11 0.23 80.76
C PHE TB 577 104.36 -0.91 81.75
N PRO TB 578 104.77 -2.09 81.28
CA PRO TB 578 105.11 -3.16 82.23
C PRO TB 578 106.25 -2.75 83.15
N LYS TB 579 106.02 -2.88 84.46
CA LYS TB 579 107.00 -2.42 85.44
C LYS TB 579 108.27 -3.26 85.38
N ASP TB 580 108.14 -4.57 85.18
CA ASP TB 580 109.31 -5.43 85.13
C ASP TB 580 110.17 -5.14 83.91
N PHE TB 581 109.54 -4.87 82.76
CA PHE TB 581 110.24 -4.53 81.54
C PHE TB 581 110.41 -3.03 81.35
N LYS TB 582 110.31 -2.26 82.43
CA LYS TB 582 110.38 -0.80 82.34
C LYS TB 582 111.84 -0.37 82.24
N GLY TB 583 112.26 0.04 81.04
CA GLY TB 583 113.59 0.56 80.84
C GLY TB 583 114.66 -0.51 80.73
N ILE TB 584 114.51 -1.43 79.78
CA ILE TB 584 115.48 -2.50 79.58
C ILE TB 584 115.94 -2.57 78.13
N ALA TB 585 115.12 -2.09 77.19
CA ALA TB 585 115.47 -2.14 75.78
C ALA TB 585 114.48 -1.26 75.02
N GLY TB 586 114.61 -1.27 73.70
CA GLY TB 586 113.71 -0.51 72.85
C GLY TB 586 112.44 -1.29 72.57
N TRP TB 587 111.32 -0.57 72.54
CA TRP TB 587 109.99 -1.18 72.47
C TRP TB 587 109.17 -0.52 71.37
N ILE TB 588 108.80 -1.32 70.38
CA ILE TB 588 107.92 -0.87 69.31
C ILE TB 588 106.49 -1.20 69.72
N LEU TB 589 105.67 -0.16 69.89
CA LEU TB 589 104.24 -0.36 70.10
C LEU TB 589 103.54 -0.21 68.77
N GLU TB 590 102.59 -1.09 68.51
CA GLU TB 590 101.70 -0.97 67.37
C GLU TB 590 100.27 -1.14 67.84
N VAL TB 591 99.38 -0.34 67.26
CA VAL TB 591 97.98 -0.30 67.66
C VAL TB 591 97.15 -1.05 66.63
N LYS TB 592 96.07 -1.69 67.10
CA LYS TB 592 95.13 -2.39 66.25
C LYS TB 592 93.73 -2.24 66.83
N SER TB 593 92.74 -2.63 66.03
CA SER TB 593 91.35 -2.31 66.33
C SER TB 593 90.70 -3.38 67.20
N ASN TB 594 89.53 -3.05 67.71
CA ASN TB 594 88.76 -3.91 68.58
C ASN TB 594 87.31 -3.42 68.56
N THR TB 595 86.53 -3.85 69.55
CA THR TB 595 85.17 -3.38 69.79
C THR TB 595 85.12 -1.85 69.79
N PRO TB 596 83.97 -1.22 69.52
CA PRO TB 596 83.97 0.24 69.40
C PRO TB 596 84.29 0.90 70.71
N GLY TB 597 85.46 1.54 70.78
CA GLY TB 597 85.97 2.11 72.00
C GLY TB 597 87.05 1.29 72.67
N ASN TB 598 87.57 0.26 72.01
CA ASN TB 598 88.64 -0.57 72.53
C ASN TB 598 89.74 -0.69 71.48
N THR TB 599 90.97 -0.77 71.96
CA THR TB 599 92.14 -0.89 71.10
C THR TB 599 93.11 -1.90 71.69
N THR TB 600 93.88 -2.52 70.80
CA THR TB 600 94.85 -3.54 71.15
C THR TB 600 96.24 -3.00 70.89
N GLN TB 601 97.06 -2.92 71.94
CA GLN TB 601 98.43 -2.46 71.83
C GLN TB 601 99.36 -3.65 71.94
N VAL TB 602 100.41 -3.63 71.12
CA VAL TB 602 101.36 -4.72 71.03
C VAL TB 602 102.76 -4.12 71.15
N LEU TB 603 103.44 -4.42 72.25
CA LEU TB 603 104.76 -3.90 72.58
C LEU TB 603 105.79 -4.98 72.32
N ARG TB 604 106.51 -4.88 71.22
CA ARG TB 604 107.54 -5.85 70.86
C ARG TB 604 108.92 -5.27 71.16
N ARG TB 605 109.76 -6.07 71.81
CA ARG TB 605 111.11 -5.63 72.11
C ARG TB 605 111.98 -5.79 70.86
N ASN TB 606 112.90 -4.83 70.68
CA ASN TB 606 113.83 -4.85 69.56
C ASN TB 606 115.19 -5.40 69.95
N ASN TB 607 115.26 -6.23 70.98
CA ASN TB 607 116.54 -6.70 71.47
C ASN TB 607 117.16 -7.65 70.44
N PHE TB 608 118.37 -7.32 70.01
CA PHE TB 608 119.05 -8.05 68.95
C PHE TB 608 119.67 -9.36 69.46
N PRO TB 609 120.57 -9.33 70.47
CA PRO TB 609 121.28 -10.58 70.80
C PRO TB 609 120.41 -11.63 71.46
N SER TB 610 119.60 -11.22 72.43
CA SER TB 610 118.83 -12.16 73.24
C SER TB 610 117.57 -12.56 72.50
N ALA TB 611 116.66 -13.23 73.19
CA ALA TB 611 115.42 -13.68 72.58
C ALA TB 611 114.51 -12.49 72.34
N HIS TB 612 113.40 -12.76 71.65
CA HIS TB 612 112.41 -11.74 71.33
C HIS TB 612 111.18 -11.91 72.21
N GLN TB 613 110.76 -10.81 72.80
CA GLN TB 613 109.57 -10.74 73.61
C GLN TB 613 108.57 -9.81 72.95
N PHE TB 614 107.28 -10.11 73.15
CA PHE TB 614 106.27 -9.11 72.86
C PHE TB 614 105.10 -9.27 73.81
N LEU TB 615 104.63 -8.14 74.29
CA LEU TB 615 103.51 -8.06 75.20
C LEU TB 615 102.29 -7.52 74.46
N VAL TB 616 101.11 -7.87 74.97
CA VAL TB 616 99.85 -7.55 74.33
C VAL TB 616 98.87 -7.10 75.40
N ARG TB 617 98.01 -6.15 75.02
CA ARG TB 617 96.89 -5.80 75.88
C ARG TB 617 95.80 -5.14 75.07
N ASN TB 618 94.56 -5.53 75.35
CA ASN TB 618 93.39 -4.92 74.75
C ASN TB 618 92.64 -4.16 75.84
N PHE TB 619 92.50 -2.85 75.65
CA PHE TB 619 91.91 -1.99 76.66
C PHE TB 619 90.86 -1.10 76.04
N GLY TB 620 90.05 -0.50 76.92
CA GLY TB 620 88.97 0.37 76.51
C GLY TB 620 87.72 0.15 77.35
N THR TB 621 86.60 -0.13 76.69
CA THR TB 621 85.37 -0.42 77.38
C THR TB 621 85.52 -1.65 78.26
N GLY TB 622 84.82 -1.65 79.37
CA GLY TB 622 84.87 -2.75 80.33
C GLY TB 622 86.06 -2.61 81.26
N GLY TB 623 86.90 -3.63 81.32
CA GLY TB 623 88.08 -3.63 82.15
C GLY TB 623 89.26 -2.97 81.47
N VAL TB 624 90.45 -3.33 81.96
CA VAL TB 624 91.71 -2.82 81.43
C VAL TB 624 92.56 -4.02 81.05
N GLY TB 625 93.08 -4.01 79.83
CA GLY TB 625 93.87 -5.11 79.33
C GLY TB 625 95.09 -5.40 80.16
N LYS TB 626 95.31 -6.68 80.46
CA LYS TB 626 96.46 -7.10 81.22
C LYS TB 626 97.58 -7.51 80.28
N TRP TB 627 98.80 -7.13 80.63
CA TRP TB 627 99.95 -7.33 79.77
C TRP TB 627 100.26 -8.81 79.67
N SER TB 628 99.82 -9.42 78.58
CA SER TB 628 100.11 -10.81 78.28
C SER TB 628 101.44 -10.88 77.53
N LEU TB 629 102.38 -11.69 78.01
CA LEU TB 629 103.70 -11.77 77.42
C LEU TB 629 103.82 -13.01 76.56
N PHE TB 630 104.63 -12.90 75.49
CA PHE TB 630 104.97 -14.02 74.63
C PHE TB 630 106.45 -13.96 74.37
N GLU TB 631 107.17 -15.03 74.71
CA GLU TB 631 108.61 -15.12 74.59
C GLU TB 631 108.94 -16.09 73.46
N GLY TB 632 110.09 -15.85 72.82
CA GLY TB 632 110.57 -16.75 71.79
C GLY TB 632 111.80 -17.52 72.19
N LYS TB 633 112.07 -18.59 71.45
CA LYS TB 633 113.23 -19.45 71.69
C LYS TB 633 114.34 -19.04 70.73
N VAL TB 634 115.51 -18.74 71.28
CA VAL TB 634 116.64 -18.39 70.43
C VAL TB 634 117.05 -19.63 69.65
N VAL TB 635 117.18 -19.48 68.34
CA VAL TB 635 117.52 -20.58 67.45
C VAL TB 635 118.49 -20.06 66.40
N GLU TB 636 119.39 -20.94 65.97
CA GLU TB 636 120.38 -20.60 64.97
C GLU TB 636 119.79 -20.76 63.57
FE FE UB . 8.08 56.22 30.25
FE FE VB . -48.12 31.10 29.34
FE FE WB . -62.04 -11.61 -12.67
FE FE XB . -19.76 -29.24 -53.81
FE FE YB . 36.41 -4.09 -52.92
FE FE ZB . 50.35 38.62 -10.89
#